data_9HAR
#
_entry.id   9HAR
#
_cell.length_a   1.00
_cell.length_b   1.00
_cell.length_c   1.00
_cell.angle_alpha   90.00
_cell.angle_beta   90.00
_cell.angle_gamma   90.00
#
_symmetry.space_group_name_H-M   'P 1'
#
_entity_poly.entity_id   1
_entity_poly.type   'polypeptide(L)'
_entity_poly.pdbx_seq_one_letter_code
;AIANSSIAIDSTASVTGGTARTVKELVRNNSELNAYIDEGLSFQARKEVAFSVKVPKVSVSAPGGFTQARSTVILKSPKT
LANGNRTVNTVSIQLSVDPETTAAEVTTMLNAAAQLLFDSDYSDFWKAQALA
;
_entity_poly.pdbx_strand_id   AA,AB,AC,AD,AE,AF,AG,AH,AI,AJ,AK,AL,AM,AN,AO,AP,AQ,AR,AS,AT,AU,AV,AW,AX,AY,AZ,BA,BB,BC,BD,BE,BF,BG,BH,BI,BJ,BK,BL,BM,BN,BO,BP,BQ,BR,BS,BT,BU,BV,BW,BX,BY,BZ,CA,CB,CC,CD,CE,CF,CG,CH,CI,CJ,CK,CL,CM,CN,CO,CP,CQ,CR,CS,CT,CU,CV,CW,CX,CY,CZ,DA,DB,DC,DD,DE,DF,DG,DH,DI,DJ,DK,DL,DM,DN,DO,DP,DQ,DR,DS,DT,DU,DV,DW,DX,DY,DZ,EA,EB,EC,ED,EE,EF,EG,EH,EI,EJ,EK,EL,EM,EN,EO,EP,EQ,ER,ES,ET,EU,EV,EW,EX,EY,EZ,FA,FB,FC,FD,FE,FF,FG,FH,FI,FJ,FK,FL,FM,FN,FO,FP,FQ,FR,FS,FT,FU,FV,FW,FX,FY,FZ,GA,GB,GC,GD,GE,GF,GG,GH,GI,GJ,GK,GL,GM,GN,GO,GP,GQ,GR,GS,GT,GU,GV,GW,GX
#
# COMPACT_ATOMS: atom_id res chain seq x y z
N ALA A 1 -30.33 77.49 100.27
CA ALA A 1 -30.30 77.57 101.73
C ALA A 1 -29.16 76.72 102.27
N ILE A 2 -28.54 75.94 101.38
CA ILE A 2 -27.30 75.25 101.70
C ILE A 2 -26.16 76.23 101.47
N ALA A 3 -25.83 77.01 102.50
CA ALA A 3 -24.81 78.04 102.38
C ALA A 3 -24.31 78.37 103.77
N ASN A 4 -24.85 79.41 104.38
CA ASN A 4 -24.62 79.65 105.79
C ASN A 4 -25.80 79.13 106.61
N SER A 5 -26.00 77.81 106.57
CA SER A 5 -27.07 77.17 107.33
C SER A 5 -26.66 77.01 108.79
N SER A 6 -27.37 76.16 109.53
CA SER A 6 -27.00 75.89 110.91
C SER A 6 -27.45 74.50 111.28
N ILE A 7 -26.59 73.76 111.97
CA ILE A 7 -26.88 72.41 112.41
C ILE A 7 -26.27 72.20 113.80
N ALA A 8 -27.06 71.65 114.72
CA ALA A 8 -26.57 71.35 116.06
C ALA A 8 -25.83 70.01 116.03
N ILE A 9 -24.61 70.00 116.52
CA ILE A 9 -23.79 68.80 116.55
C ILE A 9 -23.72 68.28 117.98
N ASP A 10 -23.88 66.97 118.13
CA ASP A 10 -23.95 66.31 119.45
C ASP A 10 -25.13 66.85 120.26
N SER A 11 -26.33 66.68 119.71
CA SER A 11 -27.56 67.16 120.32
C SER A 11 -28.62 66.07 120.26
N THR A 12 -29.60 66.18 121.16
CA THR A 12 -30.71 65.24 121.20
C THR A 12 -31.87 65.73 120.35
N ALA A 13 -32.43 64.83 119.55
CA ALA A 13 -33.55 65.13 118.68
C ALA A 13 -34.83 64.55 119.28
N SER A 14 -35.94 65.26 119.07
CA SER A 14 -37.21 64.88 119.65
C SER A 14 -38.32 65.09 118.62
N VAL A 15 -39.47 64.51 118.91
CA VAL A 15 -40.62 64.55 118.02
C VAL A 15 -41.87 64.84 118.85
N THR A 16 -42.69 65.79 118.40
CA THR A 16 -43.94 66.12 119.04
C THR A 16 -45.08 66.03 118.05
N GLY A 17 -46.26 65.66 118.56
CA GLY A 17 -47.45 65.61 117.72
C GLY A 17 -47.45 64.39 116.80
N GLY A 18 -48.19 64.51 115.70
CA GLY A 18 -48.33 63.42 114.77
C GLY A 18 -49.21 62.30 115.32
N THR A 19 -49.18 61.17 114.61
CA THR A 19 -49.98 60.00 114.98
C THR A 19 -49.03 58.81 115.09
N ALA A 20 -48.88 58.31 116.32
CA ALA A 20 -48.00 57.16 116.56
C ALA A 20 -48.50 55.92 115.85
N ARG A 21 -47.77 55.47 114.85
CA ARG A 21 -48.09 54.26 114.12
C ARG A 21 -47.28 53.10 114.69
N THR A 22 -47.28 51.95 114.01
CA THR A 22 -46.54 50.79 114.47
C THR A 22 -45.91 50.09 113.27
N VAL A 23 -44.66 49.69 113.42
CA VAL A 23 -43.93 49.03 112.33
C VAL A 23 -44.12 47.53 112.51
N LYS A 24 -45.01 46.97 111.69
CA LYS A 24 -45.28 45.54 111.76
C LYS A 24 -44.32 44.78 110.86
N GLU A 25 -43.64 43.79 111.42
CA GLU A 25 -42.63 43.04 110.69
C GLU A 25 -43.28 41.97 109.82
N LEU A 26 -42.80 41.85 108.58
CA LEU A 26 -43.46 41.00 107.60
C LEU A 26 -42.59 39.79 107.34
N VAL A 27 -41.35 39.97 106.87
CA VAL A 27 -40.48 38.85 106.51
C VAL A 27 -39.06 39.22 106.91
N ARG A 28 -38.30 38.22 107.35
CA ARG A 28 -36.96 38.42 107.90
C ARG A 28 -36.05 37.36 107.27
N ASN A 29 -35.29 37.74 106.25
CA ASN A 29 -34.46 36.77 105.56
C ASN A 29 -33.30 37.48 104.87
N ASN A 30 -32.24 36.72 104.61
CA ASN A 30 -31.13 37.13 103.75
C ASN A 30 -30.55 38.48 104.20
N SER A 31 -30.35 38.62 105.51
CA SER A 31 -29.84 39.86 106.11
C SER A 31 -30.77 41.03 105.87
N GLU A 32 -32.05 40.75 105.63
CA GLU A 32 -33.04 41.77 105.33
C GLU A 32 -34.28 41.54 106.20
N LEU A 33 -34.91 42.64 106.60
CA LEU A 33 -36.14 42.64 107.38
C LEU A 33 -37.12 43.57 106.66
N ASN A 34 -38.13 42.96 106.05
CA ASN A 34 -39.21 43.72 105.43
C ASN A 34 -40.31 43.96 106.45
N ALA A 35 -40.80 45.19 106.52
CA ALA A 35 -41.86 45.54 107.45
C ALA A 35 -42.73 46.59 106.79
N TYR A 36 -43.83 46.94 107.45
CA TYR A 36 -44.73 47.95 106.94
C TYR A 36 -45.24 48.80 108.09
N ILE A 37 -45.39 50.09 107.83
CA ILE A 37 -45.99 50.99 108.81
C ILE A 37 -47.50 50.84 108.73
N ASP A 38 -48.14 50.67 109.88
CA ASP A 38 -49.56 50.36 109.96
C ASP A 38 -50.31 51.66 110.19
N GLU A 39 -50.97 52.16 109.16
CA GLU A 39 -51.82 53.34 109.25
C GLU A 39 -53.27 53.04 108.91
N GLY A 40 -53.65 51.77 108.84
CA GLY A 40 -54.99 51.40 108.44
C GLY A 40 -55.27 51.77 107.00
N LEU A 41 -54.34 51.46 106.12
CA LEU A 41 -54.46 51.73 104.69
C LEU A 41 -54.62 50.42 103.94
N SER A 42 -54.83 50.52 102.63
CA SER A 42 -54.95 49.36 101.77
C SER A 42 -53.55 48.79 101.50
N PHE A 43 -53.51 47.56 100.99
CA PHE A 43 -52.23 46.93 100.69
C PHE A 43 -51.47 47.66 99.58
N GLN A 44 -52.18 48.19 98.59
CA GLN A 44 -51.53 48.90 97.49
C GLN A 44 -50.99 50.27 97.88
N ALA A 45 -51.42 50.83 99.01
CA ALA A 45 -50.81 52.05 99.53
C ALA A 45 -50.46 51.81 100.99
N ARG A 46 -49.31 51.18 101.22
CA ARG A 46 -48.77 50.93 102.55
C ARG A 46 -47.60 51.88 102.78
N LYS A 47 -46.79 51.71 103.82
CA LYS A 47 -45.56 52.47 104.00
C LYS A 47 -44.42 51.50 104.26
N GLU A 48 -44.28 50.50 103.39
CA GLU A 48 -43.27 49.46 103.57
C GLU A 48 -41.89 50.04 103.78
N VAL A 49 -41.16 49.47 104.73
CA VAL A 49 -39.78 49.87 105.03
C VAL A 49 -38.93 48.61 105.16
N ALA A 50 -37.77 48.62 104.52
CA ALA A 50 -36.85 47.50 104.51
C ALA A 50 -35.55 47.88 105.23
N PHE A 51 -35.15 47.04 106.18
CA PHE A 51 -33.91 47.21 106.93
C PHE A 51 -32.93 46.14 106.46
N SER A 52 -31.73 46.55 106.09
CA SER A 52 -30.73 45.62 105.59
C SER A 52 -29.42 45.86 106.32
N VAL A 53 -28.65 44.79 106.49
CA VAL A 53 -27.37 44.84 107.19
C VAL A 53 -26.32 44.12 106.36
N LYS A 54 -25.14 44.75 106.28
CA LYS A 54 -23.98 44.23 105.54
C LYS A 54 -22.80 44.24 106.50
N VAL A 55 -22.48 43.06 107.03
CA VAL A 55 -21.47 42.90 108.08
C VAL A 55 -20.07 42.99 107.49
N PRO A 56 -19.08 43.45 108.25
CA PRO A 56 -17.72 43.55 107.72
C PRO A 56 -17.06 42.18 107.57
N LYS A 57 -16.19 42.07 106.58
CA LYS A 57 -15.39 40.88 106.35
C LYS A 57 -13.91 41.26 106.28
N VAL A 58 -13.05 40.28 106.57
CA VAL A 58 -11.61 40.52 106.60
C VAL A 58 -11.13 40.85 105.19
N SER A 59 -10.19 41.80 105.11
CA SER A 59 -9.61 42.22 103.84
C SER A 59 -8.12 42.45 104.02
N VAL A 60 -7.44 42.76 102.91
CA VAL A 60 -6.04 43.16 102.96
C VAL A 60 -5.87 44.65 102.67
N SER A 61 -6.67 45.22 101.80
CA SER A 61 -6.83 46.64 101.62
C SER A 61 -7.76 47.14 102.73
N ALA A 62 -8.38 48.33 102.54
CA ALA A 62 -9.32 48.84 103.51
C ALA A 62 -8.62 49.15 104.83
N PRO A 63 -8.00 50.32 104.94
CA PRO A 63 -6.88 50.50 105.87
C PRO A 63 -7.27 50.35 107.34
N GLY A 64 -7.19 49.11 107.81
CA GLY A 64 -7.74 48.69 109.09
C GLY A 64 -8.19 47.24 109.03
N GLY A 65 -8.16 46.68 107.83
CA GLY A 65 -8.28 45.24 107.66
C GLY A 65 -9.65 44.75 107.27
N PHE A 66 -10.68 45.49 107.60
CA PHE A 66 -12.05 45.07 107.32
C PHE A 66 -12.76 46.08 106.43
N THR A 67 -13.69 45.56 105.64
CA THR A 67 -14.63 46.40 104.93
C THR A 67 -15.57 47.07 105.94
N GLN A 68 -16.29 48.07 105.46
CA GLN A 68 -17.15 48.83 106.36
C GLN A 68 -18.45 48.08 106.65
N ALA A 69 -18.97 48.30 107.85
CA ALA A 69 -20.28 47.79 108.24
C ALA A 69 -21.34 48.74 107.70
N ARG A 70 -22.25 48.22 106.89
CA ARG A 70 -23.30 49.02 106.27
C ARG A 70 -24.66 48.67 106.85
N SER A 71 -25.47 49.70 107.07
CA SER A 71 -26.85 49.53 107.54
C SER A 71 -27.73 50.41 106.65
N THR A 72 -28.67 49.79 105.95
CA THR A 72 -29.49 50.50 104.99
C THR A 72 -30.97 50.43 105.37
N VAL A 73 -31.64 51.56 105.28
CA VAL A 73 -33.08 51.61 105.48
C VAL A 73 -33.72 52.24 104.25
N ILE A 74 -34.67 51.54 103.64
CA ILE A 74 -35.43 52.09 102.53
C ILE A 74 -36.89 52.19 102.92
N LEU A 75 -37.44 53.39 102.88
CA LEU A 75 -38.86 53.64 103.15
C LEU A 75 -39.54 53.87 101.82
N LYS A 76 -40.59 53.09 101.54
CA LYS A 76 -41.32 53.22 100.30
C LYS A 76 -42.68 53.84 100.55
N SER A 77 -43.03 54.83 99.73
CA SER A 77 -44.27 55.57 99.87
C SER A 77 -45.04 55.55 98.56
N PRO A 78 -46.00 54.64 98.40
CA PRO A 78 -46.80 54.62 97.17
C PRO A 78 -47.62 55.87 96.94
N LYS A 79 -47.50 56.44 95.75
CA LYS A 79 -48.30 57.58 95.32
C LYS A 79 -49.13 57.17 94.11
N THR A 80 -50.36 57.68 94.06
CA THR A 80 -51.26 57.47 92.92
C THR A 80 -51.34 58.78 92.15
N LEU A 81 -51.09 58.70 90.84
CA LEU A 81 -50.95 59.88 90.02
C LEU A 81 -52.30 60.32 89.46
N ALA A 82 -52.30 61.43 88.73
CA ALA A 82 -53.54 61.96 88.18
C ALA A 82 -54.16 60.98 87.19
N ASN A 83 -53.34 60.42 86.29
CA ASN A 83 -53.85 59.46 85.32
C ASN A 83 -54.33 58.19 86.01
N GLY A 84 -53.62 57.77 87.06
CA GLY A 84 -54.05 56.61 87.81
C GLY A 84 -53.01 55.54 87.96
N ASN A 85 -51.87 55.70 87.29
CA ASN A 85 -50.76 54.78 87.49
C ASN A 85 -50.18 54.94 88.89
N ARG A 86 -49.68 53.84 89.43
CA ARG A 86 -49.11 53.83 90.76
C ARG A 86 -47.59 53.89 90.68
N THR A 87 -47.00 54.85 91.38
CA THR A 87 -45.55 54.94 91.50
C THR A 87 -45.19 54.76 92.97
N VAL A 88 -43.95 54.41 93.23
CA VAL A 88 -43.44 54.30 94.60
C VAL A 88 -42.33 55.33 94.76
N ASN A 89 -42.46 56.16 95.79
CA ASN A 89 -41.46 57.18 96.13
C ASN A 89 -40.70 56.67 97.35
N THR A 90 -39.38 56.66 97.25
CA THR A 90 -38.54 56.02 98.26
C THR A 90 -37.59 57.02 98.92
N VAL A 91 -37.18 56.68 100.15
CA VAL A 91 -36.09 57.34 100.83
C VAL A 91 -35.09 56.29 101.29
N SER A 92 -33.85 56.39 100.83
CA SER A 92 -32.82 55.46 101.27
C SER A 92 -31.89 56.12 102.26
N ILE A 93 -31.53 55.38 103.31
CA ILE A 93 -30.60 55.86 104.34
C ILE A 93 -29.59 54.73 104.53
N GLN A 94 -28.36 54.96 104.08
CA GLN A 94 -27.30 53.98 104.18
C GLN A 94 -26.16 54.57 105.02
N LEU A 95 -25.81 53.88 106.09
CA LEU A 95 -24.72 54.29 106.98
C LEU A 95 -23.61 53.26 106.86
N SER A 96 -22.42 53.70 106.48
CA SER A 96 -21.24 52.85 106.36
C SER A 96 -20.20 53.34 107.36
N VAL A 97 -19.90 52.52 108.36
CA VAL A 97 -18.89 52.89 109.35
C VAL A 97 -17.81 51.81 109.42
N ASP A 98 -16.58 52.25 109.60
CA ASP A 98 -15.50 51.33 109.89
C ASP A 98 -15.78 50.66 111.23
N PRO A 99 -15.45 49.36 111.36
CA PRO A 99 -15.75 48.66 112.61
C PRO A 99 -15.06 49.23 113.84
N GLU A 100 -13.99 50.01 113.68
CA GLU A 100 -13.36 50.64 114.82
C GLU A 100 -14.18 51.79 115.39
N THR A 101 -15.21 52.24 114.68
CA THR A 101 -15.96 53.42 115.08
C THR A 101 -16.73 53.18 116.36
N THR A 102 -16.61 54.12 117.30
CA THR A 102 -17.28 54.02 118.58
C THR A 102 -18.76 54.38 118.44
N ALA A 103 -19.53 54.08 119.48
CA ALA A 103 -20.96 54.34 119.44
C ALA A 103 -21.27 55.83 119.50
N ALA A 104 -20.42 56.62 120.16
CA ALA A 104 -20.62 58.06 120.21
C ALA A 104 -20.43 58.69 118.83
N GLU A 105 -19.42 58.25 118.08
CA GLU A 105 -19.21 58.77 116.73
C GLU A 105 -20.37 58.40 115.81
N VAL A 106 -20.96 57.23 115.99
CA VAL A 106 -22.12 56.85 115.20
C VAL A 106 -23.33 57.67 115.60
N THR A 107 -23.50 57.92 116.90
CA THR A 107 -24.60 58.76 117.37
C THR A 107 -24.51 60.16 116.80
N THR A 108 -23.31 60.74 116.79
CA THR A 108 -23.13 62.09 116.24
C THR A 108 -23.51 62.12 114.76
N MET A 109 -23.06 61.13 113.99
CA MET A 109 -23.38 61.07 112.58
C MET A 109 -24.88 60.93 112.37
N LEU A 110 -25.52 60.04 113.14
CA LEU A 110 -26.96 59.83 113.00
C LEU A 110 -27.72 61.11 113.31
N ASN A 111 -27.34 61.82 114.37
CA ASN A 111 -28.06 63.02 114.75
C ASN A 111 -27.85 64.14 113.73
N ALA A 112 -26.64 64.30 113.22
CA ALA A 112 -26.41 65.32 112.19
C ALA A 112 -27.17 65.00 110.91
N ALA A 113 -27.17 63.73 110.50
CA ALA A 113 -27.89 63.34 109.30
C ALA A 113 -29.40 63.51 109.48
N ALA A 114 -29.90 63.36 110.71
CA ALA A 114 -31.32 63.56 110.95
C ALA A 114 -31.72 65.00 110.66
N GLN A 115 -30.99 65.97 111.20
CA GLN A 115 -31.27 67.37 110.91
C GLN A 115 -30.96 67.72 109.46
N LEU A 116 -30.09 66.98 108.79
CA LEU A 116 -29.84 67.24 107.37
C LEU A 116 -31.11 67.07 106.54
N LEU A 117 -32.08 66.30 107.01
CA LEU A 117 -33.30 66.05 106.23
C LEU A 117 -34.57 66.48 106.97
N PHE A 118 -34.45 67.27 108.04
CA PHE A 118 -35.64 67.91 108.59
C PHE A 118 -35.46 69.38 108.94
N ASP A 119 -34.24 69.94 108.88
CA ASP A 119 -34.06 71.36 109.14
C ASP A 119 -34.73 72.19 108.06
N SER A 120 -35.17 73.39 108.43
CA SER A 120 -36.07 74.15 107.58
C SER A 120 -35.36 74.68 106.33
N ASP A 121 -34.05 74.87 106.39
CA ASP A 121 -33.32 75.38 105.24
C ASP A 121 -33.34 74.39 104.09
N TYR A 122 -32.91 73.15 104.38
CA TYR A 122 -32.78 72.12 103.37
C TYR A 122 -34.14 71.75 102.79
N SER A 123 -35.21 72.35 103.33
CA SER A 123 -36.52 72.18 102.73
C SER A 123 -36.51 72.59 101.27
N ASP A 124 -35.74 73.61 100.91
CA ASP A 124 -35.65 73.96 99.49
C ASP A 124 -34.88 72.94 98.68
N PHE A 125 -33.91 72.25 99.29
CA PHE A 125 -33.13 71.26 98.56
C PHE A 125 -33.91 69.97 98.31
N TRP A 126 -34.68 69.51 99.29
CA TRP A 126 -35.41 68.26 99.15
C TRP A 126 -36.65 68.39 98.27
N LYS A 127 -37.39 69.49 98.39
CA LYS A 127 -38.62 69.70 97.66
C LYS A 127 -38.39 70.41 96.32
N ALA A 128 -37.82 71.61 96.37
CA ALA A 128 -37.57 72.38 95.15
C ALA A 128 -36.36 71.90 94.38
N GLN A 129 -35.55 71.02 94.96
CA GLN A 129 -34.33 70.51 94.31
C GLN A 129 -33.37 71.66 94.00
N ALA A 130 -33.29 72.60 94.94
CA ALA A 130 -32.55 73.85 94.78
C ALA A 130 -31.26 73.79 95.58
N LEU A 131 -30.13 73.79 94.88
CA LEU A 131 -28.83 73.69 95.53
C LEU A 131 -28.48 74.94 96.32
N ALA A 132 -28.92 76.11 95.86
CA ALA A 132 -28.68 77.33 96.61
C ALA A 132 -29.90 78.24 96.59
N ALA B 1 -36.87 46.68 119.07
CA ALA B 1 -36.17 47.27 117.94
C ALA B 1 -37.06 47.30 116.70
N ILE B 2 -36.53 46.84 115.58
CA ILE B 2 -37.35 46.72 114.37
C ILE B 2 -38.24 45.49 114.52
N ALA B 3 -39.49 45.72 114.92
CA ALA B 3 -40.42 44.63 115.22
C ALA B 3 -41.78 45.19 115.64
N ASN B 4 -41.79 46.03 116.66
CA ASN B 4 -43.02 46.65 117.17
C ASN B 4 -42.81 48.12 117.45
N SER B 5 -41.80 48.73 116.83
CA SER B 5 -41.47 50.12 117.11
C SER B 5 -42.56 51.04 116.57
N SER B 6 -42.70 52.19 117.24
CA SER B 6 -43.72 53.18 116.90
C SER B 6 -43.03 54.39 116.25
N ILE B 7 -43.62 54.88 115.18
CA ILE B 7 -43.12 56.06 114.48
C ILE B 7 -44.26 57.06 114.35
N ALA B 8 -44.02 58.30 114.76
CA ALA B 8 -45.06 59.33 114.75
C ALA B 8 -45.14 59.97 113.36
N ILE B 9 -46.09 59.51 112.56
CA ILE B 9 -46.28 60.01 111.21
C ILE B 9 -46.84 61.42 111.25
N ASP B 10 -46.29 62.29 110.40
CA ASP B 10 -46.73 63.68 110.27
C ASP B 10 -46.62 64.44 111.60
N SER B 11 -45.49 64.26 112.26
CA SER B 11 -45.17 64.98 113.49
C SER B 11 -44.14 66.07 113.18
N THR B 12 -43.72 66.77 114.23
CA THR B 12 -42.72 67.82 114.11
C THR B 12 -41.47 67.39 114.87
N ALA B 13 -40.34 67.38 114.19
CA ALA B 13 -39.06 66.98 114.77
C ALA B 13 -38.23 68.21 115.08
N SER B 14 -37.65 68.26 116.28
CA SER B 14 -36.85 69.38 116.73
C SER B 14 -35.56 68.88 117.36
N VAL B 15 -34.73 69.82 117.77
CA VAL B 15 -33.40 69.54 118.33
C VAL B 15 -33.19 70.46 119.53
N THR B 16 -32.61 69.90 120.60
CA THR B 16 -32.24 70.68 121.77
C THR B 16 -30.80 70.36 122.15
N GLY B 17 -30.13 71.33 122.79
CA GLY B 17 -28.74 71.13 123.17
C GLY B 17 -27.81 71.20 121.98
N GLY B 18 -26.57 70.78 122.21
CA GLY B 18 -25.57 70.71 121.17
C GLY B 18 -24.93 72.06 120.85
N THR B 19 -24.00 72.00 119.91
CA THR B 19 -23.32 73.18 119.38
C THR B 19 -23.79 73.47 117.96
N ALA B 20 -24.09 74.72 117.69
CA ALA B 20 -24.62 75.16 116.39
C ALA B 20 -23.44 75.48 115.49
N ARG B 21 -23.24 74.65 114.46
CA ARG B 21 -22.23 74.91 113.47
C ARG B 21 -22.86 75.47 112.20
N THR B 22 -22.04 76.13 111.39
CA THR B 22 -22.56 76.97 110.31
C THR B 22 -22.75 76.20 109.01
N VAL B 23 -21.83 75.27 108.70
CA VAL B 23 -21.76 74.61 107.39
C VAL B 23 -21.35 75.64 106.36
N LYS B 24 -20.25 75.39 105.65
CA LYS B 24 -19.69 76.34 104.70
C LYS B 24 -19.47 75.63 103.38
N GLU B 25 -19.91 76.24 102.29
CA GLU B 25 -19.76 75.64 100.98
C GLU B 25 -18.29 75.68 100.53
N LEU B 26 -17.81 74.56 100.00
CA LEU B 26 -16.46 74.50 99.46
C LEU B 26 -16.42 74.72 97.95
N VAL B 27 -17.06 73.82 97.21
CA VAL B 27 -16.97 73.78 95.76
C VAL B 27 -18.36 73.49 95.20
N ARG B 28 -18.62 74.02 94.01
CA ARG B 28 -19.92 73.89 93.37
C ARG B 28 -19.71 73.31 91.98
N ASN B 29 -20.80 73.17 91.23
CA ASN B 29 -20.78 72.76 89.83
C ASN B 29 -20.44 71.28 89.67
N ASN B 30 -21.25 70.57 88.90
CA ASN B 30 -22.52 71.07 88.40
C ASN B 30 -23.63 70.15 88.84
N SER B 31 -24.71 70.74 89.37
CA SER B 31 -25.76 69.99 90.04
C SER B 31 -25.18 69.17 91.19
N GLU B 32 -24.20 69.76 91.87
CA GLU B 32 -23.50 69.11 92.96
C GLU B 32 -22.85 70.16 93.86
N LEU B 33 -23.34 70.28 95.10
CA LEU B 33 -22.72 71.17 96.06
C LEU B 33 -21.81 70.37 97.01
N ASN B 34 -20.73 71.01 97.42
CA ASN B 34 -19.83 70.46 98.43
C ASN B 34 -19.66 71.49 99.54
N ALA B 35 -19.94 71.08 100.77
CA ALA B 35 -19.84 71.98 101.91
C ALA B 35 -19.05 71.26 103.00
N TYR B 36 -18.89 71.92 104.14
CA TYR B 36 -18.25 71.30 105.29
C TYR B 36 -18.80 71.95 106.55
N ILE B 37 -18.94 71.15 107.60
CA ILE B 37 -19.43 71.66 108.88
C ILE B 37 -18.22 72.19 109.66
N ASP B 38 -18.22 73.50 109.92
CA ASP B 38 -17.08 74.15 110.56
C ASP B 38 -17.22 74.05 112.07
N GLU B 39 -16.38 73.22 112.70
CA GLU B 39 -16.35 73.07 114.14
C GLU B 39 -14.96 73.40 114.70
N GLY B 40 -14.21 74.21 113.97
CA GLY B 40 -12.83 74.52 114.36
C GLY B 40 -11.94 73.30 114.36
N LEU B 41 -12.07 72.44 113.36
CA LEU B 41 -11.25 71.24 113.24
C LEU B 41 -10.26 71.40 112.09
N SER B 42 -9.31 70.48 112.01
CA SER B 42 -8.29 70.53 110.98
C SER B 42 -8.87 70.15 109.61
N PHE B 43 -8.04 70.29 108.58
CA PHE B 43 -8.50 70.03 107.22
C PHE B 43 -8.81 68.57 106.99
N GLN B 44 -8.11 67.65 107.66
CA GLN B 44 -8.37 66.24 107.48
C GLN B 44 -9.42 65.70 108.43
N ALA B 45 -9.86 66.50 109.40
CA ALA B 45 -10.80 66.03 110.43
C ALA B 45 -12.15 66.74 110.33
N ARG B 46 -12.41 67.44 109.23
CA ARG B 46 -13.66 68.17 109.08
C ARG B 46 -14.73 67.28 108.45
N LYS B 47 -15.99 67.63 108.70
CA LYS B 47 -17.12 66.78 108.38
C LYS B 47 -17.37 66.64 106.88
N GLU B 48 -17.52 67.76 106.15
CA GLU B 48 -17.66 67.74 104.69
C GLU B 48 -18.89 67.01 104.15
N VAL B 49 -20.08 67.58 104.35
CA VAL B 49 -21.31 67.06 103.74
C VAL B 49 -21.39 67.53 102.29
N ALA B 50 -21.81 66.63 101.40
CA ALA B 50 -22.00 66.93 99.98
C ALA B 50 -23.46 66.79 99.58
N PHE B 51 -23.87 67.61 98.61
CA PHE B 51 -25.26 67.66 98.14
C PHE B 51 -25.29 67.43 96.64
N SER B 52 -26.05 66.42 96.22
CA SER B 52 -26.19 66.09 94.81
C SER B 52 -27.65 66.23 94.40
N VAL B 53 -27.88 66.31 93.10
CA VAL B 53 -29.23 66.51 92.57
C VAL B 53 -29.33 65.91 91.16
N LYS B 54 -30.41 65.18 90.90
CA LYS B 54 -30.74 64.68 89.57
C LYS B 54 -32.13 65.18 89.23
N VAL B 55 -32.21 66.09 88.26
CA VAL B 55 -33.49 66.73 87.95
C VAL B 55 -34.39 65.74 87.24
N PRO B 56 -35.72 65.92 87.27
CA PRO B 56 -36.60 64.99 86.55
C PRO B 56 -36.39 65.07 85.05
N LYS B 57 -36.19 63.92 84.44
CA LYS B 57 -35.90 63.82 83.01
C LYS B 57 -37.14 63.34 82.28
N VAL B 58 -37.40 63.91 81.11
CA VAL B 58 -38.61 63.60 80.36
C VAL B 58 -38.45 62.24 79.69
N SER B 59 -38.95 61.20 80.34
CA SER B 59 -38.98 59.87 79.74
C SER B 59 -40.30 59.64 79.02
N VAL B 60 -40.58 58.40 78.64
CA VAL B 60 -41.83 58.07 77.96
C VAL B 60 -42.56 56.97 78.72
N SER B 61 -41.85 55.87 78.98
CA SER B 61 -42.47 54.68 79.58
C SER B 61 -42.27 54.70 81.10
N ALA B 62 -42.83 55.74 81.72
CA ALA B 62 -42.76 55.88 83.16
C ALA B 62 -44.09 56.40 83.70
N PRO B 63 -44.42 56.12 84.95
CA PRO B 63 -45.59 56.75 85.55
C PRO B 63 -45.46 58.26 85.54
N GLY B 64 -46.55 58.94 85.21
CA GLY B 64 -46.55 60.40 85.16
C GLY B 64 -45.97 60.94 83.88
N GLY B 65 -44.96 60.25 83.34
CA GLY B 65 -44.33 60.65 82.10
C GLY B 65 -42.84 60.86 82.22
N PHE B 66 -42.38 61.45 83.32
CA PHE B 66 -40.96 61.75 83.49
C PHE B 66 -40.32 60.72 84.40
N THR B 67 -38.99 60.78 84.50
CA THR B 67 -38.27 60.04 85.52
C THR B 67 -38.39 60.77 86.84
N GLN B 68 -37.79 60.18 87.88
CA GLN B 68 -37.97 60.70 89.24
C GLN B 68 -36.95 61.79 89.55
N ALA B 69 -37.32 62.63 90.52
CA ALA B 69 -36.45 63.71 91.00
C ALA B 69 -35.58 63.17 92.12
N ARG B 70 -34.36 62.78 91.77
CA ARG B 70 -33.42 62.28 92.77
C ARG B 70 -32.72 63.43 93.49
N SER B 71 -32.48 63.24 94.78
CA SER B 71 -31.83 64.27 95.60
C SER B 71 -31.01 63.53 96.66
N THR B 72 -29.69 63.66 96.58
CA THR B 72 -28.80 62.91 97.44
C THR B 72 -28.00 63.84 98.35
N VAL B 73 -27.77 63.37 99.58
CA VAL B 73 -26.90 64.04 100.55
C VAL B 73 -25.97 62.96 101.09
N ILE B 74 -24.67 63.25 101.16
CA ILE B 74 -23.71 62.35 101.79
C ILE B 74 -22.95 63.12 102.84
N LEU B 75 -23.14 62.76 104.10
CA LEU B 75 -22.36 63.31 105.20
C LEU B 75 -21.14 62.42 105.39
N LYS B 76 -19.96 63.02 105.34
CA LYS B 76 -18.72 62.29 105.57
C LYS B 76 -18.22 62.58 106.98
N SER B 77 -17.38 61.70 107.48
CA SER B 77 -16.89 61.78 108.87
C SER B 77 -15.52 61.14 108.94
N PRO B 78 -14.46 61.94 109.09
CA PRO B 78 -13.12 61.37 109.18
C PRO B 78 -12.95 60.55 110.45
N LYS B 79 -12.08 59.55 110.38
CA LYS B 79 -11.70 58.80 111.57
C LYS B 79 -10.31 58.21 111.37
N THR B 80 -9.47 58.35 112.38
CA THR B 80 -8.14 57.76 112.38
C THR B 80 -8.18 56.45 113.14
N LEU B 81 -7.44 55.46 112.64
CA LEU B 81 -7.55 54.09 113.12
C LEU B 81 -6.47 53.79 114.17
N ALA B 82 -6.51 52.58 114.70
CA ALA B 82 -5.56 52.14 115.72
C ALA B 82 -4.18 51.85 115.14
N ASN B 83 -4.06 51.76 113.83
CA ASN B 83 -2.77 51.61 113.17
C ASN B 83 -2.26 52.91 112.56
N GLY B 84 -2.96 54.02 112.80
CA GLY B 84 -2.57 55.31 112.26
C GLY B 84 -3.14 55.64 110.91
N ASN B 85 -3.80 54.68 110.25
CA ASN B 85 -4.39 54.93 108.94
C ASN B 85 -5.66 55.76 109.06
N ARG B 86 -6.06 56.36 107.95
CA ARG B 86 -7.15 57.33 107.88
C ARG B 86 -8.28 56.73 107.06
N THR B 87 -9.51 56.84 107.54
CA THR B 87 -10.68 56.35 106.81
C THR B 87 -11.85 57.32 107.00
N VAL B 88 -12.92 57.06 106.25
CA VAL B 88 -14.10 57.92 106.25
C VAL B 88 -15.33 57.06 106.50
N ASN B 89 -16.18 57.51 107.42
CA ASN B 89 -17.52 56.94 107.60
C ASN B 89 -18.51 57.84 106.87
N THR B 90 -19.57 57.25 106.33
CA THR B 90 -20.51 58.01 105.53
C THR B 90 -21.95 57.73 105.97
N VAL B 91 -22.79 58.74 105.81
CA VAL B 91 -24.24 58.58 105.85
C VAL B 91 -24.80 59.09 104.54
N SER B 92 -25.47 58.23 103.78
CA SER B 92 -26.02 58.62 102.49
C SER B 92 -27.54 58.59 102.54
N ILE B 93 -28.16 59.72 102.21
CA ILE B 93 -29.61 59.86 102.21
C ILE B 93 -30.03 60.24 100.79
N GLN B 94 -30.80 59.38 100.14
CA GLN B 94 -31.32 59.65 98.82
C GLN B 94 -32.84 59.73 98.87
N LEU B 95 -33.38 60.82 98.33
CA LEU B 95 -34.82 61.02 98.24
C LEU B 95 -35.20 60.89 96.76
N SER B 96 -36.10 59.97 96.47
CA SER B 96 -36.57 59.73 95.11
C SER B 96 -38.08 59.88 95.10
N VAL B 97 -38.56 60.98 94.53
CA VAL B 97 -39.98 61.22 94.39
C VAL B 97 -40.30 61.46 92.92
N ASP B 98 -41.54 61.19 92.55
CA ASP B 98 -42.06 61.58 91.25
C ASP B 98 -42.34 63.08 91.27
N PRO B 99 -42.16 63.77 90.14
CA PRO B 99 -42.34 65.24 90.15
C PRO B 99 -43.75 65.67 90.49
N GLU B 100 -44.74 64.79 90.35
CA GLU B 100 -46.12 65.08 90.70
C GLU B 100 -46.34 65.14 92.21
N THR B 101 -45.37 64.70 92.99
CA THR B 101 -45.49 64.70 94.45
C THR B 101 -45.57 66.12 94.99
N THR B 102 -46.41 66.31 96.00
CA THR B 102 -46.57 67.59 96.66
C THR B 102 -45.54 67.76 97.76
N ALA B 103 -45.46 68.99 98.29
CA ALA B 103 -44.49 69.29 99.32
C ALA B 103 -44.82 68.59 100.63
N ALA B 104 -46.12 68.45 100.94
CA ALA B 104 -46.51 67.84 102.21
C ALA B 104 -46.19 66.36 102.26
N GLU B 105 -46.34 65.65 101.15
CA GLU B 105 -45.93 64.24 101.09
C GLU B 105 -44.43 64.10 101.31
N VAL B 106 -43.64 64.98 100.71
CA VAL B 106 -42.20 64.94 100.89
C VAL B 106 -41.84 65.25 102.34
N THR B 107 -42.56 66.17 102.96
CA THR B 107 -42.37 66.50 104.36
C THR B 107 -42.65 65.29 105.24
N THR B 108 -43.73 64.57 104.95
CA THR B 108 -44.06 63.36 105.70
C THR B 108 -42.96 62.32 105.55
N MET B 109 -42.48 62.13 104.32
CA MET B 109 -41.42 61.16 104.07
C MET B 109 -40.14 61.53 104.82
N LEU B 110 -39.77 62.80 104.78
CA LEU B 110 -38.54 63.23 105.44
C LEU B 110 -38.67 63.08 106.96
N ASN B 111 -39.85 63.36 107.50
CA ASN B 111 -40.06 63.18 108.94
C ASN B 111 -39.94 61.71 109.32
N ALA B 112 -40.54 60.83 108.53
CA ALA B 112 -40.45 59.40 108.83
C ALA B 112 -39.02 58.89 108.72
N ALA B 113 -38.31 59.31 107.68
CA ALA B 113 -36.93 58.87 107.48
C ALA B 113 -36.01 59.42 108.57
N ALA B 114 -36.21 60.67 108.98
CA ALA B 114 -35.42 61.22 110.07
C ALA B 114 -35.72 60.50 111.38
N GLN B 115 -36.99 60.16 111.62
CA GLN B 115 -37.36 59.38 112.79
C GLN B 115 -36.64 58.03 112.78
N LEU B 116 -36.50 57.42 111.61
CA LEU B 116 -35.73 56.17 111.50
C LEU B 116 -34.24 56.50 111.37
N LEU B 117 -33.79 57.46 112.18
CA LEU B 117 -32.37 57.77 112.29
C LEU B 117 -31.96 58.00 113.73
N PHE B 118 -32.88 58.58 114.52
CA PHE B 118 -32.56 58.98 115.88
C PHE B 118 -33.51 58.39 116.91
N ASP B 119 -34.56 57.69 116.51
CA ASP B 119 -35.45 57.05 117.46
C ASP B 119 -34.70 55.98 118.24
N SER B 120 -34.94 55.95 119.55
CA SER B 120 -34.18 55.06 120.43
C SER B 120 -34.43 53.59 120.09
N ASP B 121 -35.55 53.29 119.44
CA ASP B 121 -35.88 51.93 119.06
C ASP B 121 -34.88 51.38 118.05
N TYR B 122 -34.47 52.21 117.09
CA TYR B 122 -33.48 51.80 116.11
C TYR B 122 -32.09 52.29 116.49
N SER B 123 -31.56 51.82 117.62
CA SER B 123 -30.20 52.15 118.00
C SER B 123 -29.31 50.93 117.80
N ASP B 124 -29.79 49.77 118.26
CA ASP B 124 -29.03 48.54 118.06
C ASP B 124 -28.89 48.19 116.59
N PHE B 125 -29.78 48.69 115.74
CA PHE B 125 -29.67 48.45 114.31
C PHE B 125 -28.52 49.21 113.67
N TRP B 126 -28.27 50.45 114.11
CA TRP B 126 -27.22 51.26 113.49
C TRP B 126 -25.85 50.97 114.10
N LYS B 127 -25.77 50.91 115.43
CA LYS B 127 -24.47 50.76 116.08
C LYS B 127 -24.12 49.29 116.25
N ALA B 128 -25.02 48.50 116.83
CA ALA B 128 -24.76 47.08 117.01
C ALA B 128 -24.99 46.28 115.74
N GLN B 129 -25.56 46.90 114.71
CA GLN B 129 -25.92 46.23 113.45
C GLN B 129 -26.83 45.02 113.72
N ALA B 130 -27.73 45.18 114.68
CA ALA B 130 -28.61 44.12 115.14
C ALA B 130 -29.97 44.24 114.47
N LEU B 131 -30.25 43.36 113.51
CA LEU B 131 -31.52 43.40 112.79
C LEU B 131 -32.69 43.08 113.70
N ALA B 132 -32.43 42.48 114.85
CA ALA B 132 -33.48 42.19 115.82
C ALA B 132 -32.96 42.19 117.25
N ALA C 1 -74.42 14.63 107.97
CA ALA C 1 -73.39 14.50 106.96
C ALA C 1 -73.22 15.79 106.17
N ILE C 2 -72.58 15.69 105.01
CA ILE C 2 -72.30 16.87 104.19
C ILE C 2 -73.59 17.53 103.73
N ALA C 3 -74.53 16.74 103.22
CA ALA C 3 -75.80 17.29 102.76
C ALA C 3 -76.61 17.82 103.93
N ASN C 4 -77.11 19.05 103.77
CA ASN C 4 -77.92 19.73 104.79
C ASN C 4 -77.14 19.92 106.10
N SER C 5 -75.83 20.06 105.99
CA SER C 5 -75.00 20.43 107.13
C SER C 5 -75.08 21.93 107.35
N SER C 6 -75.07 22.35 108.61
CA SER C 6 -75.19 23.76 108.94
C SER C 6 -73.85 24.32 109.40
N ILE C 7 -73.51 25.50 108.88
CA ILE C 7 -72.31 26.22 109.27
C ILE C 7 -72.72 27.61 109.74
N ALA C 8 -72.22 28.01 110.90
CA ALA C 8 -72.56 29.32 111.47
C ALA C 8 -71.57 30.36 110.94
N ILE C 9 -72.04 31.22 110.04
CA ILE C 9 -71.18 32.20 109.39
C ILE C 9 -70.95 33.38 110.33
N ASP C 10 -69.73 33.92 110.30
CA ASP C 10 -69.34 35.08 111.10
C ASP C 10 -69.51 34.78 112.60
N SER C 11 -68.73 33.81 113.05
CA SER C 11 -68.88 33.26 114.39
C SER C 11 -67.53 33.26 115.10
N THR C 12 -67.59 33.35 116.42
CA THR C 12 -66.38 33.19 117.22
C THR C 12 -66.14 31.71 117.48
N ALA C 13 -64.92 31.26 117.23
CA ALA C 13 -64.52 29.88 117.42
C ALA C 13 -63.67 29.81 118.68
N SER C 14 -64.22 29.18 119.72
CA SER C 14 -63.48 28.97 120.95
C SER C 14 -62.81 27.59 120.92
N VAL C 15 -62.12 27.27 122.00
CA VAL C 15 -61.50 25.95 122.15
C VAL C 15 -61.25 25.69 123.63
N THR C 16 -61.68 24.52 124.12
CA THR C 16 -61.50 24.17 125.52
C THR C 16 -61.19 22.68 125.61
N GLY C 17 -59.91 22.33 125.54
CA GLY C 17 -59.50 20.97 125.80
C GLY C 17 -58.33 20.82 126.75
N GLY C 18 -57.56 21.89 126.92
CA GLY C 18 -56.35 21.80 127.71
C GLY C 18 -55.16 21.38 126.87
N THR C 19 -54.09 20.94 127.53
CA THR C 19 -52.86 20.51 126.87
C THR C 19 -52.28 21.63 126.01
N ALA C 20 -51.94 22.74 126.67
CA ALA C 20 -51.44 23.92 125.98
C ALA C 20 -50.00 23.74 125.54
N ARG C 21 -49.80 23.25 124.34
CA ARG C 21 -48.48 23.06 123.77
C ARG C 21 -47.92 24.39 123.27
N THR C 22 -46.70 24.34 122.75
CA THR C 22 -46.00 25.54 122.30
C THR C 22 -45.38 25.28 120.94
N VAL C 23 -45.61 26.20 120.01
CA VAL C 23 -44.99 26.15 118.68
C VAL C 23 -43.63 26.81 118.78
N LYS C 24 -42.57 26.05 118.50
CA LYS C 24 -41.20 26.57 118.47
C LYS C 24 -40.66 26.48 117.06
N GLU C 25 -40.12 27.57 116.55
CA GLU C 25 -39.62 27.55 115.19
C GLU C 25 -38.28 26.82 115.11
N LEU C 26 -38.03 26.22 113.95
CA LEU C 26 -36.80 25.47 113.73
C LEU C 26 -35.90 26.20 112.74
N VAL C 27 -36.36 26.44 111.52
CA VAL C 27 -35.57 27.10 110.49
C VAL C 27 -36.46 28.12 109.79
N ARG C 28 -35.90 28.77 108.79
CA ARG C 28 -36.66 29.77 108.04
C ARG C 28 -36.64 29.57 106.53
N ASN C 29 -35.54 29.08 105.97
CA ASN C 29 -35.23 29.06 104.54
C ASN C 29 -35.96 30.15 103.74
N ASN C 30 -36.39 29.83 102.52
CA ASN C 30 -36.82 30.84 101.55
C ASN C 30 -38.29 31.18 101.78
N SER C 31 -38.54 32.33 102.40
CA SER C 31 -39.89 32.87 102.58
C SER C 31 -40.81 31.82 103.21
N GLU C 32 -40.27 31.09 104.17
CA GLU C 32 -40.97 29.99 104.81
C GLU C 32 -40.68 30.07 106.31
N LEU C 33 -41.34 29.21 107.07
CA LEU C 33 -41.07 29.14 108.50
C LEU C 33 -41.42 27.75 109.02
N ASN C 34 -40.41 26.92 109.23
CA ASN C 34 -40.64 25.56 109.70
C ASN C 34 -40.56 25.53 111.22
N ALA C 35 -41.64 25.15 111.86
CA ALA C 35 -41.72 25.06 113.31
C ALA C 35 -42.07 23.63 113.72
N TYR C 36 -42.28 23.44 115.03
CA TYR C 36 -42.70 22.15 115.55
C TYR C 36 -43.42 22.37 116.87
N ILE C 37 -44.30 21.44 117.21
CA ILE C 37 -45.08 21.53 118.44
C ILE C 37 -44.36 20.76 119.53
N ASP C 38 -44.11 21.42 120.67
CA ASP C 38 -43.30 20.85 121.74
C ASP C 38 -44.21 20.06 122.67
N GLU C 39 -44.31 18.75 122.39
CA GLU C 39 -45.07 17.84 123.23
C GLU C 39 -44.20 16.80 123.92
N GLY C 40 -42.89 16.93 123.86
CA GLY C 40 -41.98 16.03 124.52
C GLY C 40 -41.75 14.69 123.84
N LEU C 41 -42.16 14.54 122.58
CA LEU C 41 -41.95 13.30 121.87
C LEU C 41 -40.51 13.20 121.38
N SER C 42 -40.23 12.17 120.59
CA SER C 42 -38.91 11.96 120.05
C SER C 42 -38.59 13.02 119.00
N PHE C 43 -37.34 13.01 118.54
CA PHE C 43 -36.89 14.01 117.58
C PHE C 43 -37.56 13.81 116.22
N GLN C 44 -37.57 12.58 115.73
CA GLN C 44 -38.22 12.27 114.45
C GLN C 44 -39.61 11.69 114.65
N ALA C 45 -40.29 12.10 115.74
CA ALA C 45 -41.68 11.73 115.94
C ALA C 45 -42.52 12.92 116.37
N ARG C 46 -41.97 14.13 116.35
CA ARG C 46 -42.69 15.33 116.75
C ARG C 46 -43.54 15.85 115.60
N LYS C 47 -44.50 16.72 115.91
CA LYS C 47 -45.35 17.32 114.89
C LYS C 47 -44.72 18.64 114.46
N GLU C 48 -44.30 18.72 113.20
CA GLU C 48 -43.73 19.95 112.64
C GLU C 48 -44.78 20.59 111.73
N VAL C 49 -45.04 21.88 111.95
CA VAL C 49 -45.93 22.62 111.07
C VAL C 49 -45.15 23.72 110.37
N ALA C 50 -45.25 23.75 109.04
CA ALA C 50 -44.55 24.71 108.20
C ALA C 50 -45.50 25.77 107.69
N PHE C 51 -45.02 27.02 107.72
CA PHE C 51 -45.74 28.19 107.24
C PHE C 51 -45.03 28.78 106.03
N SER C 52 -45.79 29.26 105.06
CA SER C 52 -45.18 29.85 103.87
C SER C 52 -46.08 30.95 103.32
N VAL C 53 -45.45 31.97 102.73
CA VAL C 53 -46.16 33.11 102.17
C VAL C 53 -45.82 33.27 100.70
N LYS C 54 -46.79 33.77 99.94
CA LYS C 54 -46.73 33.94 98.50
C LYS C 54 -47.33 35.31 98.16
N VAL C 55 -46.74 36.36 98.71
CA VAL C 55 -47.15 37.76 98.53
C VAL C 55 -47.42 38.08 97.07
N PRO C 56 -48.31 39.04 96.79
CA PRO C 56 -48.69 39.34 95.40
C PRO C 56 -47.54 39.96 94.61
N LYS C 57 -47.61 39.77 93.29
CA LYS C 57 -46.61 40.29 92.36
C LYS C 57 -47.34 41.03 91.25
N VAL C 58 -46.91 42.27 90.98
CA VAL C 58 -47.61 43.13 90.03
C VAL C 58 -47.58 42.51 88.64
N SER C 59 -48.75 42.15 88.13
CA SER C 59 -48.87 41.50 86.84
C SER C 59 -49.57 42.42 85.85
N VAL C 60 -49.74 41.96 84.62
CA VAL C 60 -50.56 42.62 83.61
C VAL C 60 -51.91 41.93 83.46
N SER C 61 -51.93 40.62 83.65
CA SER C 61 -53.11 39.78 83.76
C SER C 61 -53.68 39.96 85.17
N ALA C 62 -54.45 38.97 85.65
CA ALA C 62 -55.04 39.03 86.99
C ALA C 62 -56.07 40.14 87.08
N PRO C 63 -57.29 39.88 86.62
CA PRO C 63 -58.29 40.95 86.46
C PRO C 63 -58.68 41.56 87.79
N GLY C 64 -57.92 42.58 88.17
CA GLY C 64 -57.85 43.12 89.51
C GLY C 64 -56.46 43.68 89.73
N GLY C 65 -55.54 43.35 88.83
CA GLY C 65 -54.27 44.02 88.76
C GLY C 65 -53.04 43.14 88.98
N PHE C 66 -53.08 42.27 89.97
CA PHE C 66 -51.96 41.41 90.29
C PHE C 66 -52.42 40.16 91.04
N THR C 67 -51.53 39.16 91.06
CA THR C 67 -51.85 37.84 91.57
C THR C 67 -52.28 37.89 93.04
N GLN C 68 -52.93 36.82 93.47
CA GLN C 68 -53.43 36.75 94.83
C GLN C 68 -52.28 36.49 95.81
N ALA C 69 -52.59 36.66 97.09
CA ALA C 69 -51.63 36.51 98.16
C ALA C 69 -51.87 35.17 98.85
N ARG C 70 -50.92 34.25 98.75
CA ARG C 70 -51.15 32.93 99.30
C ARG C 70 -50.49 32.75 100.67
N SER C 71 -51.15 31.98 101.53
CA SER C 71 -50.61 31.63 102.84
C SER C 71 -50.84 30.13 103.04
N THR C 72 -49.77 29.37 103.15
CA THR C 72 -49.87 27.92 103.28
C THR C 72 -49.40 27.46 104.65
N VAL C 73 -50.13 26.50 105.21
CA VAL C 73 -49.76 25.85 106.47
C VAL C 73 -49.87 24.35 106.28
N ILE C 74 -48.78 23.64 106.56
CA ILE C 74 -48.78 22.17 106.49
C ILE C 74 -48.44 21.62 107.87
N LEU C 75 -49.31 20.78 108.41
CA LEU C 75 -49.11 20.15 109.71
C LEU C 75 -48.73 18.70 109.46
N LYS C 76 -47.49 18.35 109.82
CA LYS C 76 -47.00 16.99 109.60
C LYS C 76 -47.03 16.22 110.91
N SER C 77 -47.86 15.19 110.97
CA SER C 77 -47.97 14.33 112.14
C SER C 77 -47.41 12.96 111.80
N PRO C 78 -46.27 12.56 112.34
CA PRO C 78 -45.69 11.26 111.98
C PRO C 78 -46.41 10.13 112.68
N LYS C 79 -46.36 8.95 112.07
CA LYS C 79 -47.06 7.77 112.56
C LYS C 79 -46.24 6.52 112.27
N THR C 80 -46.09 5.67 113.28
CA THR C 80 -45.41 4.38 113.13
C THR C 80 -46.46 3.32 112.81
N LEU C 81 -46.34 2.70 111.64
CA LEU C 81 -47.30 1.69 111.22
C LEU C 81 -46.99 0.33 111.86
N ALA C 82 -48.01 -0.51 111.94
CA ALA C 82 -47.86 -1.82 112.59
C ALA C 82 -46.82 -2.67 111.88
N ASN C 83 -46.69 -2.51 110.55
CA ASN C 83 -45.66 -3.24 109.83
C ASN C 83 -44.26 -2.84 110.28
N GLY C 84 -44.13 -1.71 110.96
CA GLY C 84 -42.86 -1.32 111.53
C GLY C 84 -42.33 -0.03 110.96
N ASN C 85 -42.65 0.24 109.69
CA ASN C 85 -42.15 1.42 109.01
C ASN C 85 -42.85 2.67 109.54
N ARG C 86 -42.48 3.82 108.97
CA ARG C 86 -42.94 5.13 109.40
C ARG C 86 -43.50 5.90 108.22
N THR C 87 -44.55 6.67 108.49
CA THR C 87 -45.18 7.48 107.47
C THR C 87 -45.55 8.81 108.12
N VAL C 88 -45.96 9.79 107.32
CA VAL C 88 -46.38 11.08 107.84
C VAL C 88 -47.79 11.36 107.33
N ASN C 89 -48.67 11.77 108.24
CA ASN C 89 -50.04 12.17 107.93
C ASN C 89 -50.06 13.70 107.94
N THR C 90 -50.42 14.29 106.82
CA THR C 90 -50.28 15.73 106.66
C THR C 90 -51.65 16.41 106.54
N VAL C 91 -51.71 17.66 106.98
CA VAL C 91 -52.90 18.49 106.84
C VAL C 91 -52.49 19.84 106.27
N SER C 92 -52.63 20.02 104.96
CA SER C 92 -52.25 21.28 104.35
C SER C 92 -53.45 22.21 104.24
N ILE C 93 -53.18 23.51 104.36
CA ILE C 93 -54.20 24.55 104.27
C ILE C 93 -53.63 25.71 103.47
N GLN C 94 -54.40 26.22 102.51
CA GLN C 94 -53.97 27.34 101.68
C GLN C 94 -55.06 28.40 101.60
N LEU C 95 -54.63 29.65 101.42
CA LEU C 95 -55.51 30.82 101.49
C LEU C 95 -55.24 31.76 100.31
N SER C 96 -55.29 31.22 99.10
CA SER C 96 -55.12 32.02 97.89
C SER C 96 -56.27 33.01 97.77
N VAL C 97 -56.04 34.23 98.25
CA VAL C 97 -57.05 35.29 98.21
C VAL C 97 -56.44 36.53 97.55
N ASP C 98 -57.30 37.25 96.83
CA ASP C 98 -56.86 38.40 96.08
C ASP C 98 -56.46 39.53 97.03
N PRO C 99 -55.37 40.25 96.74
CA PRO C 99 -54.82 41.21 97.71
C PRO C 99 -55.75 42.36 98.07
N GLU C 100 -56.75 42.67 97.25
CA GLU C 100 -57.71 43.72 97.58
C GLU C 100 -58.66 43.31 98.69
N THR C 101 -58.61 42.05 99.14
CA THR C 101 -59.54 41.54 100.13
C THR C 101 -59.37 42.25 101.47
N THR C 102 -60.49 42.58 102.09
CA THR C 102 -60.46 43.16 103.42
C THR C 102 -60.25 42.05 104.46
N ALA C 103 -59.83 42.47 105.66
CA ALA C 103 -59.56 41.53 106.73
C ALA C 103 -60.82 40.92 107.32
N ALA C 104 -61.96 41.62 107.23
CA ALA C 104 -63.21 41.08 107.75
C ALA C 104 -63.65 39.86 106.95
N GLU C 105 -63.59 39.94 105.62
CA GLU C 105 -63.97 38.80 104.81
C GLU C 105 -62.96 37.66 104.94
N VAL C 106 -61.68 37.98 105.14
CA VAL C 106 -60.70 36.94 105.41
C VAL C 106 -61.01 36.23 106.71
N THR C 107 -61.38 36.98 107.75
CA THR C 107 -61.77 36.37 109.01
C THR C 107 -63.02 35.50 108.85
N THR C 108 -63.99 35.98 108.08
CA THR C 108 -65.19 35.21 107.80
C THR C 108 -64.83 33.88 107.12
N MET C 109 -63.96 33.96 106.12
CA MET C 109 -63.54 32.77 105.38
C MET C 109 -62.79 31.80 106.29
N LEU C 110 -61.91 32.32 107.15
CA LEU C 110 -61.16 31.47 108.04
C LEU C 110 -62.07 30.77 109.05
N ASN C 111 -63.08 31.50 109.55
CA ASN C 111 -64.02 30.87 110.47
C ASN C 111 -64.87 29.82 109.77
N ALA C 112 -65.31 30.10 108.54
CA ALA C 112 -66.11 29.14 107.79
C ALA C 112 -65.31 27.87 107.49
N ALA C 113 -64.07 28.04 107.02
CA ALA C 113 -63.19 26.90 106.75
C ALA C 113 -62.83 26.13 108.00
N ALA C 114 -62.52 26.82 109.10
CA ALA C 114 -62.18 26.15 110.34
C ALA C 114 -63.40 25.58 111.04
N GLN C 115 -64.60 26.00 110.66
CA GLN C 115 -65.80 25.35 111.17
C GLN C 115 -65.99 23.97 110.58
N LEU C 116 -65.49 23.74 109.38
CA LEU C 116 -65.20 22.40 108.92
C LEU C 116 -64.00 21.88 109.74
N LEU C 117 -63.73 20.58 109.62
CA LEU C 117 -62.63 19.91 110.33
C LEU C 117 -62.92 19.72 111.82
N PHE C 118 -63.97 20.32 112.37
CA PHE C 118 -64.32 19.96 113.74
C PHE C 118 -65.83 19.86 113.92
N ASP C 119 -66.59 20.20 112.89
CA ASP C 119 -68.02 20.01 112.96
C ASP C 119 -68.35 18.51 112.90
N SER C 120 -69.40 18.13 113.61
CA SER C 120 -69.80 16.74 113.66
C SER C 120 -70.30 16.21 112.33
N ASP C 121 -70.86 17.08 111.48
CA ASP C 121 -71.40 16.63 110.21
C ASP C 121 -70.33 16.07 109.30
N TYR C 122 -69.11 16.60 109.38
CA TYR C 122 -68.03 16.22 108.48
C TYR C 122 -67.09 15.20 109.09
N SER C 123 -67.40 14.66 110.27
CA SER C 123 -66.57 13.64 110.89
C SER C 123 -66.37 12.44 109.97
N ASP C 124 -67.46 11.94 109.39
CA ASP C 124 -67.37 10.77 108.52
C ASP C 124 -66.64 11.10 107.23
N PHE C 125 -66.80 12.31 106.72
CA PHE C 125 -66.07 12.72 105.52
C PHE C 125 -64.56 12.73 105.76
N TRP C 126 -64.14 13.32 106.89
CA TRP C 126 -62.71 13.38 107.19
C TRP C 126 -62.14 12.02 107.58
N LYS C 127 -62.93 11.16 108.20
CA LYS C 127 -62.41 9.90 108.74
C LYS C 127 -62.60 8.74 107.78
N ALA C 128 -63.82 8.43 107.38
CA ALA C 128 -64.10 7.31 106.49
C ALA C 128 -64.25 7.71 105.03
N GLN C 129 -64.06 8.99 104.71
CA GLN C 129 -64.20 9.51 103.34
C GLN C 129 -65.62 9.32 102.82
N ALA C 130 -66.60 9.46 103.72
CA ALA C 130 -68.01 9.33 103.37
C ALA C 130 -68.48 10.62 102.71
N LEU C 131 -68.28 10.70 101.40
CA LEU C 131 -68.75 11.85 100.62
C LEU C 131 -70.26 11.95 100.71
N ALA C 132 -70.96 10.94 100.22
CA ALA C 132 -72.40 10.87 100.36
C ALA C 132 -72.74 10.19 101.68
N ALA D 1 92.10 -43.58 80.94
CA ALA D 1 93.48 -43.49 81.39
C ALA D 1 94.16 -42.28 80.76
N ILE D 2 93.39 -41.52 79.98
CA ILE D 2 93.83 -40.22 79.50
C ILE D 2 93.55 -39.20 80.59
N ALA D 3 94.50 -39.03 81.49
CA ALA D 3 94.32 -38.12 82.62
C ALA D 3 95.70 -37.73 83.14
N ASN D 4 96.19 -38.42 84.16
CA ASN D 4 97.59 -38.28 84.54
C ASN D 4 98.39 -39.43 83.96
N SER D 5 98.48 -39.47 82.62
CA SER D 5 99.25 -40.49 81.92
C SER D 5 100.72 -40.13 81.93
N SER D 6 101.52 -40.77 81.07
CA SER D 6 102.93 -40.42 80.96
C SER D 6 103.42 -40.74 79.56
N ILE D 7 104.17 -39.80 78.98
CA ILE D 7 104.74 -39.97 77.65
C ILE D 7 106.16 -39.41 77.65
N ALA D 8 107.09 -40.16 77.06
CA ALA D 8 108.47 -39.71 76.94
C ALA D 8 108.60 -38.84 75.69
N ILE D 9 109.12 -37.64 75.87
CA ILE D 9 109.26 -36.69 74.77
C ILE D 9 110.73 -36.62 74.36
N ASP D 10 110.97 -36.64 73.05
CA ASP D 10 112.32 -36.70 72.48
C ASP D 10 113.04 -37.96 72.92
N SER D 11 112.47 -39.10 72.58
CA SER D 11 112.97 -40.41 72.96
C SER D 11 113.03 -41.33 71.75
N THR D 12 113.86 -42.36 71.84
CA THR D 12 113.98 -43.35 70.79
C THR D 12 113.07 -44.54 71.07
N ALA D 13 112.36 -44.99 70.03
CA ALA D 13 111.44 -46.10 70.13
C ALA D 13 112.01 -47.32 69.43
N SER D 14 111.74 -48.50 70.00
CA SER D 14 112.28 -49.74 69.50
C SER D 14 111.20 -50.80 69.48
N VAL D 15 111.48 -51.90 68.79
CA VAL D 15 110.55 -53.00 68.63
C VAL D 15 111.29 -54.31 68.88
N THR D 16 110.71 -55.19 69.68
CA THR D 16 111.27 -56.50 69.96
C THR D 16 110.26 -57.58 69.64
N GLY D 17 110.76 -58.73 69.20
CA GLY D 17 109.90 -59.85 68.90
C GLY D 17 109.13 -59.67 67.60
N GLY D 18 107.97 -60.32 67.52
CA GLY D 18 107.16 -60.27 66.33
C GLY D 18 107.77 -61.07 65.19
N THR D 19 107.20 -60.87 64.00
CA THR D 19 107.64 -61.57 62.80
C THR D 19 107.87 -60.53 61.70
N ALA D 20 109.14 -60.31 61.35
CA ALA D 20 109.50 -59.34 60.33
C ALA D 20 108.87 -59.68 58.99
N ARG D 21 107.94 -58.86 58.54
CA ARG D 21 107.31 -59.00 57.24
C ARG D 21 108.02 -58.09 56.23
N THR D 22 107.44 -57.93 55.05
CA THR D 22 108.02 -57.08 54.01
C THR D 22 106.91 -56.33 53.31
N VAL D 23 107.13 -55.04 53.04
CA VAL D 23 106.13 -54.20 52.39
C VAL D 23 106.45 -54.25 50.90
N LYS D 24 105.64 -55.01 50.16
CA LYS D 24 105.82 -55.10 48.72
C LYS D 24 105.00 -54.01 48.02
N GLU D 25 105.66 -53.26 47.14
CA GLU D 25 105.04 -52.13 46.48
C GLU D 25 104.23 -52.60 45.27
N LEU D 26 103.03 -52.04 45.13
CA LEU D 26 102.09 -52.52 44.13
C LEU D 26 101.97 -51.48 43.02
N VAL D 27 101.55 -50.26 43.33
CA VAL D 27 101.29 -49.23 42.32
C VAL D 27 101.76 -47.89 42.86
N ARG D 28 102.46 -47.13 42.02
CA ARG D 28 103.02 -45.83 42.38
C ARG D 28 102.55 -44.82 41.35
N ASN D 29 101.56 -44.01 41.71
CA ASN D 29 101.05 -43.00 40.79
C ASN D 29 100.16 -42.03 41.55
N ASN D 30 99.95 -40.86 40.95
CA ASN D 30 99.05 -39.82 41.47
C ASN D 30 99.40 -39.44 42.89
N SER D 31 100.70 -39.27 43.17
CA SER D 31 101.20 -38.89 44.49
C SER D 31 100.88 -39.95 45.53
N GLU D 32 100.60 -41.17 45.07
CA GLU D 32 100.16 -42.26 45.94
C GLU D 32 100.99 -43.50 45.65
N LEU D 33 101.28 -44.26 46.71
CA LEU D 33 102.01 -45.52 46.63
C LEU D 33 101.18 -46.56 47.37
N ASN D 34 100.56 -47.45 46.61
CA ASN D 34 99.86 -48.59 47.19
C ASN D 34 100.84 -49.75 47.37
N ALA D 35 100.78 -50.38 48.53
CA ALA D 35 101.65 -51.52 48.82
C ALA D 35 100.88 -52.48 49.71
N TYR D 36 101.48 -53.63 49.98
CA TYR D 36 100.84 -54.62 50.83
C TYR D 36 101.89 -55.28 51.70
N ILE D 37 101.50 -55.64 52.91
CA ILE D 37 102.37 -56.38 53.82
C ILE D 37 102.25 -57.85 53.49
N ASP D 38 103.38 -58.52 53.33
CA ASP D 38 103.42 -59.91 52.87
C ASP D 38 103.52 -60.80 54.10
N GLU D 39 102.41 -61.44 54.45
CA GLU D 39 102.37 -62.42 55.54
C GLU D 39 102.02 -63.82 55.05
N GLY D 40 102.03 -64.05 53.75
CA GLY D 40 101.63 -65.32 53.19
C GLY D 40 100.16 -65.58 53.39
N LEU D 41 99.34 -64.57 53.13
CA LEU D 41 97.90 -64.66 53.27
C LEU D 41 97.26 -64.62 51.88
N SER D 42 95.93 -64.76 51.85
CA SER D 42 95.19 -64.69 50.61
C SER D 42 95.03 -63.24 50.17
N PHE D 43 94.62 -63.04 48.93
CA PHE D 43 94.41 -61.69 48.43
C PHE D 43 93.28 -60.96 49.15
N GLN D 44 92.22 -61.68 49.52
CA GLN D 44 91.11 -61.11 50.26
C GLN D 44 91.45 -60.73 51.69
N ALA D 45 92.52 -61.27 52.26
CA ALA D 45 92.96 -60.84 53.56
C ALA D 45 94.45 -60.50 53.46
N ARG D 46 94.75 -59.30 52.99
CA ARG D 46 96.10 -58.78 52.91
C ARG D 46 96.28 -57.72 54.01
N LYS D 47 97.35 -56.95 54.02
CA LYS D 47 97.49 -55.82 54.94
C LYS D 47 97.86 -54.58 54.14
N GLU D 48 97.07 -54.28 53.10
CA GLU D 48 97.37 -53.17 52.21
C GLU D 48 97.60 -51.88 52.98
N VAL D 49 98.65 -51.15 52.59
CA VAL D 49 98.98 -49.86 53.18
C VAL D 49 99.23 -48.88 52.04
N ALA D 50 98.63 -47.69 52.15
CA ALA D 50 98.73 -46.65 51.14
C ALA D 50 99.45 -45.44 51.71
N PHE D 51 100.47 -44.98 50.98
CA PHE D 51 101.26 -43.81 51.35
C PHE D 51 100.93 -42.69 50.37
N SER D 52 100.50 -41.55 50.90
CA SER D 52 100.14 -40.42 50.07
C SER D 52 100.88 -39.17 50.54
N VAL D 53 101.21 -38.31 49.58
CA VAL D 53 101.94 -37.09 49.85
C VAL D 53 101.24 -35.92 49.17
N LYS D 54 101.10 -34.82 49.92
CA LYS D 54 100.46 -33.59 49.44
C LYS D 54 101.46 -32.46 49.70
N VAL D 55 102.11 -32.02 48.63
CA VAL D 55 103.20 -31.05 48.69
C VAL D 55 102.65 -29.64 48.89
N PRO D 56 103.39 -28.74 49.54
CA PRO D 56 102.90 -27.38 49.75
C PRO D 56 102.84 -26.58 48.46
N LYS D 57 101.88 -25.66 48.40
CA LYS D 57 101.73 -24.74 47.29
C LYS D 57 101.73 -23.30 47.82
N VAL D 58 102.09 -22.36 46.94
CA VAL D 58 102.18 -20.96 47.33
C VAL D 58 100.79 -20.43 47.65
N SER D 59 100.70 -19.56 48.67
CA SER D 59 99.44 -18.98 49.09
C SER D 59 99.67 -17.53 49.51
N VAL D 60 98.58 -16.84 49.81
CA VAL D 60 98.64 -15.52 50.39
C VAL D 60 98.23 -15.51 51.86
N SER D 61 97.28 -16.33 52.24
CA SER D 61 96.95 -16.68 53.60
C SER D 61 97.97 -17.72 54.08
N ALA D 62 97.63 -18.47 55.14
CA ALA D 62 98.54 -19.49 55.63
C ALA D 62 99.83 -18.85 56.13
N PRO D 63 99.85 -18.34 57.37
CA PRO D 63 100.79 -17.29 57.74
C PRO D 63 102.24 -17.72 57.67
N GLY D 64 102.82 -17.54 56.48
CA GLY D 64 104.09 -18.11 56.12
C GLY D 64 104.13 -18.38 54.62
N GLY D 65 102.99 -18.26 53.97
CA GLY D 65 102.96 -18.19 52.52
C GLY D 65 102.59 -19.49 51.84
N PHE D 66 102.73 -20.61 52.53
CA PHE D 66 102.45 -21.91 51.94
C PHE D 66 101.47 -22.71 52.78
N THR D 67 100.69 -23.52 52.09
CA THR D 67 99.90 -24.53 52.75
C THR D 67 100.81 -25.59 53.35
N GLN D 68 100.27 -26.36 54.28
CA GLN D 68 101.10 -27.33 54.99
C GLN D 68 101.38 -28.54 54.12
N ALA D 69 102.53 -29.16 54.35
CA ALA D 69 102.91 -30.40 53.69
C ALA D 69 102.28 -31.55 54.46
N ARG D 70 101.51 -32.38 53.76
CA ARG D 70 100.79 -33.48 54.38
C ARG D 70 101.34 -34.82 53.92
N SER D 71 101.50 -35.74 54.88
CA SER D 71 101.92 -37.11 54.59
C SER D 71 100.91 -38.03 55.27
N THR D 72 100.25 -38.87 54.49
CA THR D 72 99.20 -39.72 55.01
C THR D 72 99.53 -41.20 54.78
N VAL D 73 99.32 -42.01 55.82
CA VAL D 73 99.46 -43.45 55.70
C VAL D 73 98.17 -44.11 56.16
N ILE D 74 97.58 -44.92 55.30
CA ILE D 74 96.40 -45.70 55.68
C ILE D 74 96.74 -47.18 55.62
N LEU D 75 96.58 -47.85 56.76
CA LEU D 75 96.79 -49.29 56.87
C LEU D 75 95.42 -49.96 56.91
N LYS D 76 95.20 -50.91 56.02
CA LYS D 76 93.92 -51.60 55.95
C LYS D 76 94.05 -53.03 56.43
N SER D 77 93.10 -53.46 57.26
CA SER D 77 93.11 -54.79 57.86
C SER D 77 91.79 -55.48 57.59
N PRO D 78 91.72 -56.32 56.56
CA PRO D 78 90.49 -57.08 56.32
C PRO D 78 90.13 -58.03 57.46
N LYS D 79 88.92 -57.90 57.96
CA LYS D 79 88.37 -58.79 58.96
C LYS D 79 87.16 -59.52 58.38
N THR D 80 87.01 -60.78 58.75
CA THR D 80 85.87 -61.59 58.36
C THR D 80 84.96 -61.78 59.56
N LEU D 81 83.69 -61.43 59.39
CA LEU D 81 82.75 -61.39 60.49
C LEU D 81 82.13 -62.77 60.73
N ALA D 82 81.30 -62.85 61.78
CA ALA D 82 80.67 -64.12 62.13
C ALA D 82 79.74 -64.59 61.02
N ASN D 83 78.92 -63.70 60.49
CA ASN D 83 78.01 -64.06 59.40
C ASN D 83 78.81 -64.44 58.15
N GLY D 84 79.90 -63.75 57.88
CA GLY D 84 80.74 -64.10 56.75
C GLY D 84 81.03 -62.94 55.82
N ASN D 85 80.42 -61.79 56.09
CA ASN D 85 80.73 -60.60 55.32
C ASN D 85 82.11 -60.09 55.66
N ARG D 86 82.75 -59.45 54.68
CA ARG D 86 84.09 -58.93 54.83
C ARG D 86 84.04 -57.43 55.09
N THR D 87 84.72 -56.99 56.15
CA THR D 87 84.89 -55.58 56.44
C THR D 87 86.37 -55.26 56.45
N VAL D 88 86.71 -53.98 56.38
CA VAL D 88 88.09 -53.53 56.44
C VAL D 88 88.24 -52.61 57.63
N ASN D 89 89.22 -52.90 58.49
CA ASN D 89 89.57 -52.05 59.63
C ASN D 89 90.79 -51.23 59.22
N THR D 90 90.69 -49.92 59.36
CA THR D 90 91.73 -49.02 58.90
C THR D 90 92.32 -48.19 60.03
N VAL D 91 93.60 -47.85 59.87
CA VAL D 91 94.26 -46.85 60.70
C VAL D 91 94.85 -45.78 59.80
N SER D 92 94.42 -44.54 59.97
CA SER D 92 94.98 -43.43 59.22
C SER D 92 95.95 -42.64 60.07
N ILE D 93 97.06 -42.23 59.47
CA ILE D 93 98.07 -41.42 60.14
C ILE D 93 98.37 -40.25 59.20
N GLN D 94 97.92 -39.06 59.57
CA GLN D 94 98.12 -37.87 58.76
C GLN D 94 99.00 -36.89 59.53
N LEU D 95 100.11 -36.50 58.91
CA LEU D 95 101.04 -35.55 59.49
C LEU D 95 101.04 -34.30 58.60
N SER D 96 100.67 -33.17 59.17
CA SER D 96 100.67 -31.89 58.46
C SER D 96 101.65 -30.95 59.15
N VAL D 97 102.70 -30.55 58.44
CA VAL D 97 103.68 -29.63 59.00
C VAL D 97 103.85 -28.44 58.08
N ASP D 98 104.06 -27.27 58.70
CA ASP D 98 104.49 -26.12 57.93
C ASP D 98 105.87 -26.38 57.34
N PRO D 99 106.12 -25.93 56.12
CA PRO D 99 107.41 -26.25 55.48
C PRO D 99 108.62 -25.69 56.22
N GLU D 100 108.45 -24.70 57.10
CA GLU D 100 109.58 -24.21 57.87
C GLU D 100 110.01 -25.16 58.97
N THR D 101 109.24 -26.21 59.23
CA THR D 101 109.49 -27.09 60.37
C THR D 101 110.77 -27.89 60.17
N THR D 102 111.61 -27.91 61.20
CA THR D 102 112.86 -28.63 61.15
C THR D 102 112.62 -30.14 61.24
N ALA D 103 113.68 -30.91 60.99
CA ALA D 103 113.55 -32.36 61.04
C ALA D 103 113.48 -32.87 62.47
N ALA D 104 114.12 -32.17 63.42
CA ALA D 104 114.02 -32.55 64.83
C ALA D 104 112.61 -32.33 65.35
N GLU D 105 111.96 -31.24 64.94
CA GLU D 105 110.58 -31.00 65.36
C GLU D 105 109.63 -32.04 64.80
N VAL D 106 109.89 -32.52 63.59
CA VAL D 106 109.08 -33.60 63.02
C VAL D 106 109.36 -34.91 63.74
N THR D 107 110.63 -35.16 64.08
CA THR D 107 110.98 -36.38 64.80
C THR D 107 110.30 -36.43 66.16
N THR D 108 110.27 -35.31 66.87
CA THR D 108 109.61 -35.26 68.17
C THR D 108 108.12 -35.56 68.03
N MET D 109 107.48 -34.96 67.03
CA MET D 109 106.06 -35.19 66.78
C MET D 109 105.81 -36.66 66.48
N LEU D 110 106.63 -37.26 65.61
CA LEU D 110 106.45 -38.65 65.23
C LEU D 110 106.61 -39.57 66.43
N ASN D 111 107.62 -39.30 67.26
CA ASN D 111 107.87 -40.17 68.41
C ASN D 111 106.76 -40.05 69.44
N ALA D 112 106.27 -38.83 69.71
CA ALA D 112 105.16 -38.68 70.63
C ALA D 112 103.90 -39.35 70.11
N ALA D 113 103.61 -39.20 68.82
CA ALA D 113 102.44 -39.84 68.23
C ALA D 113 102.56 -41.36 68.26
N ALA D 114 103.78 -41.89 68.18
CA ALA D 114 103.96 -43.33 68.24
C ALA D 114 103.52 -43.88 69.60
N GLN D 115 104.00 -43.29 70.68
CA GLN D 115 103.55 -43.69 72.00
C GLN D 115 102.08 -43.35 72.25
N LEU D 116 101.52 -42.40 71.50
CA LEU D 116 100.11 -42.10 71.65
C LEU D 116 99.22 -43.28 71.27
N LEU D 117 99.73 -44.21 70.46
CA LEU D 117 98.94 -45.36 70.05
C LEU D 117 99.60 -46.70 70.40
N PHE D 118 100.59 -46.70 71.28
CA PHE D 118 101.05 -47.98 71.83
C PHE D 118 101.29 -47.97 73.33
N ASP D 119 101.25 -46.83 74.01
CA ASP D 119 101.40 -46.83 75.47
C ASP D 119 100.22 -47.52 76.13
N SER D 120 100.48 -48.15 77.28
CA SER D 120 99.52 -49.09 77.85
C SER D 120 98.26 -48.40 78.36
N ASP D 121 98.34 -47.11 78.69
CA ASP D 121 97.18 -46.39 79.20
C ASP D 121 96.12 -46.23 78.12
N TYR D 122 96.53 -45.67 76.98
CA TYR D 122 95.62 -45.38 75.88
C TYR D 122 95.04 -46.67 75.30
N SER D 123 95.50 -47.81 75.80
CA SER D 123 94.87 -49.08 75.44
C SER D 123 93.39 -49.06 75.73
N ASP D 124 92.96 -48.40 76.81
CA ASP D 124 91.53 -48.31 77.07
C ASP D 124 90.82 -47.38 76.10
N PHE D 125 91.52 -46.38 75.57
CA PHE D 125 90.91 -45.46 74.62
C PHE D 125 90.75 -46.06 73.23
N TRP D 126 91.70 -46.87 72.79
CA TRP D 126 91.65 -47.42 71.44
C TRP D 126 90.71 -48.63 71.34
N LYS D 127 90.75 -49.52 72.34
CA LYS D 127 89.94 -50.73 72.31
C LYS D 127 88.57 -50.51 72.94
N ALA D 128 88.54 -50.07 74.20
CA ALA D 128 87.27 -49.87 74.90
C ALA D 128 86.58 -48.58 74.53
N GLN D 129 87.25 -47.69 73.79
CA GLN D 129 86.70 -46.39 73.40
C GLN D 129 86.34 -45.57 74.64
N ALA D 130 87.23 -45.63 75.64
CA ALA D 130 87.00 -45.05 76.96
C ALA D 130 87.84 -43.79 77.12
N LEU D 131 87.15 -42.65 77.20
CA LEU D 131 87.84 -41.36 77.33
C LEU D 131 88.51 -41.21 78.69
N ALA D 132 87.95 -41.80 79.73
CA ALA D 132 88.60 -41.77 81.03
C ALA D 132 88.52 -43.13 81.73
N ALA E 1 113.27 -47.27 51.48
CA ALA E 1 112.11 -46.58 52.06
C ALA E 1 110.86 -47.42 51.88
N ILE E 2 109.79 -46.78 51.40
CA ILE E 2 108.57 -47.51 51.10
C ILE E 2 108.78 -48.25 49.77
N ALA E 3 109.12 -49.53 49.87
CA ALA E 3 109.48 -50.33 48.70
C ALA E 3 109.81 -51.75 49.12
N ASN E 4 110.75 -51.90 50.05
CA ASN E 4 111.17 -53.20 50.55
C ASN E 4 111.32 -53.18 52.06
N SER E 5 110.66 -52.24 52.72
CA SER E 5 110.80 -52.07 54.16
C SER E 5 110.17 -53.25 54.91
N SER E 6 110.70 -53.51 56.10
CA SER E 6 110.25 -54.62 56.94
C SER E 6 109.56 -54.06 58.18
N ILE E 7 108.39 -54.61 58.50
CA ILE E 7 107.63 -54.25 59.69
C ILE E 7 107.38 -55.51 60.50
N ALA E 8 107.68 -55.46 61.79
CA ALA E 8 107.57 -56.63 62.66
C ALA E 8 106.14 -56.74 63.19
N ILE E 9 105.34 -57.57 62.54
CA ILE E 9 103.94 -57.74 62.94
C ILE E 9 103.86 -58.46 64.27
N ASP E 10 102.96 -57.98 65.13
CA ASP E 10 102.70 -58.57 66.45
C ASP E 10 103.96 -58.61 67.30
N SER E 11 104.66 -57.48 67.35
CA SER E 11 105.84 -57.32 68.18
C SER E 11 105.49 -56.44 69.38
N THR E 12 106.50 -56.17 70.21
CA THR E 12 106.36 -55.30 71.37
C THR E 12 107.19 -54.05 71.15
N ALA E 13 106.56 -52.88 71.21
CA ALA E 13 107.20 -51.60 71.01
C ALA E 13 107.42 -50.92 72.36
N SER E 14 108.63 -50.42 72.59
CA SER E 14 109.00 -49.76 73.83
C SER E 14 109.72 -48.46 73.52
N VAL E 15 110.06 -47.73 74.59
CA VAL E 15 110.68 -46.41 74.49
C VAL E 15 111.80 -46.33 75.53
N THR E 16 112.94 -45.77 75.13
CA THR E 16 114.04 -45.52 76.05
C THR E 16 114.49 -44.08 75.90
N GLY E 17 115.07 -43.54 76.98
CA GLY E 17 115.51 -42.15 76.96
C GLY E 17 114.34 -41.18 77.05
N GLY E 18 114.64 -39.92 76.76
CA GLY E 18 113.63 -38.89 76.73
C GLY E 18 113.26 -38.37 78.11
N THR E 19 112.33 -37.43 78.11
CA THR E 19 111.77 -36.86 79.33
C THR E 19 110.31 -37.27 79.44
N ALA E 20 109.93 -37.71 80.64
CA ALA E 20 108.59 -38.22 80.91
C ALA E 20 107.69 -37.05 81.29
N ARG E 21 106.79 -36.68 80.38
CA ARG E 21 105.80 -35.66 80.69
C ARG E 21 104.48 -36.31 81.05
N THR E 22 103.61 -35.52 81.69
CA THR E 22 102.46 -36.12 82.40
C THR E 22 101.19 -36.15 81.55
N VAL E 23 100.97 -35.11 80.74
CA VAL E 23 99.72 -34.91 79.99
C VAL E 23 98.62 -34.57 80.99
N LYS E 24 97.99 -33.41 80.80
CA LYS E 24 97.00 -32.90 81.75
C LYS E 24 95.72 -32.58 80.99
N GLU E 25 94.58 -32.98 81.53
CA GLU E 25 93.30 -32.73 80.88
C GLU E 25 92.96 -31.24 80.96
N LEU E 26 92.53 -30.68 79.83
CA LEU E 26 92.04 -29.30 79.80
C LEU E 26 90.53 -29.24 79.91
N VAL E 27 89.83 -29.79 78.92
CA VAL E 27 88.39 -29.62 78.75
C VAL E 27 87.80 -30.92 78.25
N ARG E 28 86.61 -31.23 78.75
CA ARG E 28 85.92 -32.46 78.40
C ARG E 28 84.59 -32.10 77.75
N ASN E 29 83.81 -33.12 77.40
CA ASN E 29 82.46 -33.00 76.86
C ASN E 29 82.47 -32.48 75.43
N ASN E 30 81.76 -33.18 74.54
CA ASN E 30 81.13 -34.45 74.86
C ASN E 30 81.62 -35.50 73.87
N SER E 31 82.04 -36.65 74.39
CA SER E 31 82.73 -37.67 73.60
C SER E 31 83.96 -37.06 72.92
N GLU E 32 84.60 -36.15 73.65
CA GLU E 32 85.74 -35.40 73.14
C GLU E 32 86.59 -34.91 74.31
N LEU E 33 87.78 -35.49 74.48
CA LEU E 33 88.70 -35.04 75.51
C LEU E 33 89.74 -34.10 74.93
N ASN E 34 90.18 -33.14 75.74
CA ASN E 34 91.24 -32.23 75.36
C ASN E 34 92.26 -32.20 76.50
N ALA E 35 93.53 -32.41 76.16
CA ALA E 35 94.58 -32.47 77.15
C ALA E 35 95.76 -31.66 76.63
N TYR E 36 96.86 -31.68 77.37
CA TYR E 36 98.08 -31.03 76.92
C TYR E 36 99.26 -31.68 77.62
N ILE E 37 100.35 -31.85 76.88
CA ILE E 37 101.57 -32.45 77.41
C ILE E 37 102.33 -31.36 78.15
N ASP E 38 102.42 -31.48 79.48
CA ASP E 38 103.03 -30.46 80.32
C ASP E 38 104.54 -30.67 80.34
N GLU E 39 105.29 -29.76 79.70
CA GLU E 39 106.74 -29.80 79.70
C GLU E 39 107.31 -28.47 80.16
N GLY E 40 106.57 -27.73 80.98
CA GLY E 40 107.03 -26.45 81.47
C GLY E 40 107.20 -25.39 80.40
N LEU E 41 106.26 -25.34 79.45
CA LEU E 41 106.29 -24.34 78.40
C LEU E 41 105.16 -23.35 78.60
N SER E 42 105.15 -22.31 77.77
CA SER E 42 104.15 -21.27 77.89
C SER E 42 102.81 -21.73 77.32
N PHE E 43 101.79 -20.89 77.47
CA PHE E 43 100.45 -21.24 77.04
C PHE E 43 100.34 -21.36 75.53
N GLN E 44 101.10 -20.56 74.78
CA GLN E 44 101.04 -20.61 73.32
C GLN E 44 101.96 -21.67 72.73
N ALA E 45 102.85 -22.26 73.53
CA ALA E 45 103.86 -23.17 73.02
C ALA E 45 103.67 -24.59 73.57
N ARG E 46 102.51 -24.89 74.14
CA ARG E 46 102.27 -26.21 74.72
C ARG E 46 101.72 -27.16 73.66
N LYS E 47 101.94 -28.45 73.90
CA LYS E 47 101.63 -29.51 72.94
C LYS E 47 100.14 -29.63 72.62
N GLU E 48 99.30 -29.90 73.63
CA GLU E 48 97.84 -29.98 73.46
C GLU E 48 97.34 -31.09 72.55
N VAL E 49 97.42 -32.34 72.99
CA VAL E 49 96.82 -33.48 72.29
C VAL E 49 95.33 -33.55 72.63
N ALA E 50 94.50 -33.81 71.62
CA ALA E 50 93.06 -33.95 71.77
C ALA E 50 92.60 -35.36 71.39
N PHE E 51 91.55 -35.83 72.06
CA PHE E 51 91.03 -37.18 71.90
C PHE E 51 89.55 -37.12 71.54
N SER E 52 89.19 -37.76 70.43
CA SER E 52 87.81 -37.81 69.97
C SER E 52 87.35 -39.25 69.92
N VAL E 53 86.02 -39.43 69.85
CA VAL E 53 85.43 -40.77 69.87
C VAL E 53 84.09 -40.75 69.15
N LYS E 54 83.86 -41.73 68.27
CA LYS E 54 82.57 -41.96 67.63
C LYS E 54 82.15 -43.38 67.95
N VAL E 55 81.09 -43.53 68.75
CA VAL E 55 80.68 -44.86 69.21
C VAL E 55 80.03 -45.61 68.06
N PRO E 56 80.01 -46.94 68.08
CA PRO E 56 79.35 -47.68 66.99
C PRO E 56 77.85 -47.41 66.99
N LYS E 57 77.34 -47.03 65.82
CA LYS E 57 75.94 -46.68 65.66
C LYS E 57 75.21 -47.83 64.97
N VAL E 58 74.00 -48.11 65.42
CA VAL E 58 73.23 -49.23 64.89
C VAL E 58 72.67 -48.87 63.52
N SER E 59 73.37 -49.28 62.46
CA SER E 59 72.89 -49.10 61.11
C SER E 59 72.18 -50.37 60.64
N VAL E 60 71.88 -50.47 59.34
CA VAL E 60 71.21 -51.64 58.80
C VAL E 60 72.04 -52.24 57.68
N SER E 61 72.42 -51.41 56.71
CA SER E 61 73.11 -51.89 55.51
C SER E 61 74.62 -51.79 55.69
N ALA E 62 75.11 -52.50 56.72
CA ALA E 62 76.52 -52.51 57.01
C ALA E 62 76.97 -53.91 57.38
N PRO E 63 78.24 -54.25 57.15
CA PRO E 63 78.76 -55.52 57.66
C PRO E 63 78.64 -55.59 59.17
N GLY E 64 78.15 -56.73 59.66
CA GLY E 64 77.99 -56.91 61.09
C GLY E 64 76.68 -56.33 61.60
N GLY E 65 76.27 -55.22 61.02
CA GLY E 65 75.03 -54.57 61.40
C GLY E 65 75.19 -53.13 61.82
N PHE E 66 76.25 -52.84 62.57
CA PHE E 66 76.46 -51.49 63.08
C PHE E 66 77.48 -50.75 62.22
N THR E 67 77.61 -49.45 62.46
CA THR E 67 78.71 -48.68 61.90
C THR E 67 79.98 -48.96 62.70
N GLN E 68 81.07 -48.32 62.28
CA GLN E 68 82.37 -48.61 62.87
C GLN E 68 82.63 -47.76 64.10
N ALA E 69 83.48 -48.29 64.98
CA ALA E 69 83.90 -47.60 66.19
C ALA E 69 85.10 -46.73 65.84
N ARG E 70 84.85 -45.44 65.65
CA ARG E 70 85.91 -44.50 65.31
C ARG E 70 86.54 -43.91 66.56
N SER E 71 87.87 -43.77 66.54
CA SER E 71 88.61 -43.24 67.68
C SER E 71 89.74 -42.38 67.11
N THR E 72 89.66 -41.08 67.32
CA THR E 72 90.60 -40.13 66.74
C THR E 72 91.44 -39.46 67.81
N VAL E 73 92.70 -39.22 67.47
CA VAL E 73 93.65 -38.47 68.30
C VAL E 73 94.31 -37.45 67.39
N ILE E 74 94.44 -36.21 67.87
CA ILE E 74 95.17 -35.18 67.14
C ILE E 74 96.17 -34.54 68.10
N LEU E 75 97.45 -34.72 67.80
CA LEU E 75 98.52 -34.04 68.53
C LEU E 75 98.82 -32.75 67.80
N LYS E 76 98.61 -31.62 68.46
CA LYS E 76 99.01 -30.33 67.93
C LYS E 76 100.40 -29.97 68.42
N SER E 77 101.05 -29.06 67.72
CA SER E 77 102.41 -28.63 68.05
C SER E 77 102.60 -27.22 67.52
N PRO E 78 102.63 -26.23 68.39
CA PRO E 78 102.82 -24.84 67.94
C PRO E 78 104.20 -24.63 67.35
N LYS E 79 104.29 -23.69 66.42
CA LYS E 79 105.56 -23.30 65.85
C LYS E 79 105.49 -21.86 65.38
N THR E 80 106.51 -21.07 65.74
CA THR E 80 106.61 -19.70 65.28
C THR E 80 107.51 -19.63 64.07
N LEU E 81 107.17 -18.76 63.12
CA LEU E 81 107.81 -18.76 61.83
C LEU E 81 108.88 -17.67 61.74
N ALA E 82 109.52 -17.59 60.57
CA ALA E 82 110.58 -16.63 60.33
C ALA E 82 110.07 -15.20 60.16
N ASN E 83 108.76 -15.02 60.05
CA ASN E 83 108.16 -13.69 60.02
C ASN E 83 107.44 -13.34 61.31
N GLY E 84 107.54 -14.18 62.34
CA GLY E 84 106.92 -13.93 63.63
C GLY E 84 105.52 -14.46 63.78
N ASN E 85 104.92 -15.00 62.72
CA ASN E 85 103.57 -15.54 62.82
C ASN E 85 103.59 -16.92 63.49
N ARG E 86 102.43 -17.34 63.98
CA ARG E 86 102.29 -18.60 64.70
C ARG E 86 101.43 -19.54 63.86
N THR E 87 101.85 -20.79 63.75
CA THR E 87 101.09 -21.84 63.10
C THR E 87 101.14 -23.10 63.95
N VAL E 88 100.40 -24.13 63.52
CA VAL E 88 100.33 -25.39 64.25
C VAL E 88 100.62 -26.53 63.28
N ASN E 89 101.50 -27.44 63.69
CA ASN E 89 101.69 -28.71 63.01
C ASN E 89 100.83 -29.75 63.72
N THR E 90 100.30 -30.71 62.97
CA THR E 90 99.40 -31.69 63.55
C THR E 90 99.79 -33.09 63.14
N VAL E 91 99.52 -34.04 64.03
CA VAL E 91 99.53 -35.47 63.70
C VAL E 91 98.15 -36.01 64.05
N SER E 92 97.46 -36.54 63.04
CA SER E 92 96.11 -37.07 63.26
C SER E 92 96.12 -38.58 63.04
N ILE E 93 95.63 -39.31 64.03
CA ILE E 93 95.55 -40.76 64.01
C ILE E 93 94.09 -41.15 64.21
N GLN E 94 93.49 -41.79 63.21
CA GLN E 94 92.14 -42.30 63.31
C GLN E 94 92.15 -43.82 63.24
N LEU E 95 91.58 -44.46 64.24
CA LEU E 95 91.39 -45.90 64.28
C LEU E 95 89.91 -46.17 64.05
N SER E 96 89.59 -46.95 63.03
CA SER E 96 88.21 -47.25 62.69
C SER E 96 88.08 -48.76 62.50
N VAL E 97 87.59 -49.43 63.52
CA VAL E 97 87.39 -50.87 63.47
C VAL E 97 85.90 -51.18 63.59
N ASP E 98 85.52 -52.36 63.17
CA ASP E 98 84.17 -52.87 63.39
C ASP E 98 84.04 -53.30 64.84
N PRO E 99 82.83 -53.20 65.41
CA PRO E 99 82.67 -53.55 66.83
C PRO E 99 82.99 -55.00 67.15
N GLU E 100 82.93 -55.89 66.16
CA GLU E 100 83.24 -57.31 66.33
C GLU E 100 84.73 -57.57 66.46
N THR E 101 85.56 -56.57 66.27
CA THR E 101 87.00 -56.73 66.35
C THR E 101 87.44 -57.01 67.78
N THR E 102 88.37 -57.94 67.94
CA THR E 102 88.90 -58.29 69.25
C THR E 102 90.03 -57.34 69.64
N ALA E 103 90.43 -57.43 70.91
CA ALA E 103 91.47 -56.54 71.42
C ALA E 103 92.82 -56.85 70.80
N ALA E 104 93.11 -58.12 70.53
CA ALA E 104 94.41 -58.49 69.98
C ALA E 104 94.56 -58.01 68.54
N GLU E 105 93.48 -58.05 67.75
CA GLU E 105 93.53 -57.49 66.41
C GLU E 105 93.81 -55.99 66.43
N VAL E 106 93.17 -55.28 67.35
CA VAL E 106 93.42 -53.84 67.47
C VAL E 106 94.85 -53.58 67.93
N THR E 107 95.36 -54.44 68.81
CA THR E 107 96.75 -54.34 69.25
C THR E 107 97.70 -54.50 68.08
N THR E 108 97.43 -55.48 67.22
CA THR E 108 98.27 -55.69 66.04
C THR E 108 98.22 -54.48 65.12
N MET E 109 97.02 -53.96 64.86
CA MET E 109 96.89 -52.80 64.00
C MET E 109 97.63 -51.59 64.56
N LEU E 110 97.50 -51.37 65.87
CA LEU E 110 98.16 -50.23 66.50
C LEU E 110 99.68 -50.40 66.45
N ASN E 111 100.17 -51.62 66.65
CA ASN E 111 101.61 -51.84 66.59
C ASN E 111 102.14 -51.59 65.18
N ALA E 112 101.44 -52.07 64.16
CA ALA E 112 101.86 -51.83 62.79
C ALA E 112 101.85 -50.33 62.46
N ALA E 113 100.79 -49.64 62.86
CA ALA E 113 100.70 -48.20 62.60
C ALA E 113 101.77 -47.42 63.34
N ALA E 114 102.06 -47.80 64.58
CA ALA E 114 103.13 -47.15 65.32
C ALA E 114 104.48 -47.40 64.66
N GLN E 115 104.72 -48.62 64.19
CA GLN E 115 105.95 -48.93 63.47
C GLN E 115 106.08 -48.04 62.24
N LEU E 116 104.97 -47.79 61.54
CA LEU E 116 105.02 -46.88 60.39
C LEU E 116 104.89 -45.44 60.89
N LEU E 117 105.62 -45.14 61.97
CA LEU E 117 105.73 -43.76 62.44
C LEU E 117 107.16 -43.44 62.86
N PHE E 118 107.87 -44.44 63.39
CA PHE E 118 109.20 -44.24 63.93
C PHE E 118 110.26 -45.14 63.31
N ASP E 119 109.89 -46.08 62.46
CA ASP E 119 110.86 -46.93 61.81
C ASP E 119 111.76 -46.10 60.90
N SER E 120 113.07 -46.40 60.94
CA SER E 120 114.04 -45.60 60.21
C SER E 120 113.81 -45.65 58.70
N ASP E 121 113.14 -46.69 58.24
CA ASP E 121 112.86 -46.84 56.81
C ASP E 121 111.95 -45.73 56.30
N TYR E 122 110.93 -45.37 57.09
CA TYR E 122 110.05 -44.29 56.70
C TYR E 122 110.45 -42.99 57.37
N SER E 123 111.64 -42.50 57.07
CA SER E 123 112.06 -41.20 57.59
C SER E 123 111.98 -40.16 56.49
N ASP E 124 112.46 -40.53 55.30
CA ASP E 124 112.38 -39.62 54.16
C ASP E 124 110.94 -39.34 53.77
N PHE E 125 110.03 -40.26 54.06
CA PHE E 125 108.63 -40.04 53.71
C PHE E 125 107.97 -38.97 54.58
N TRP E 126 108.30 -38.89 55.86
CA TRP E 126 107.67 -37.93 56.75
C TRP E 126 108.36 -36.56 56.66
N LYS E 127 109.68 -36.54 56.73
CA LYS E 127 110.41 -35.28 56.76
C LYS E 127 110.69 -34.78 55.35
N ALA E 128 111.32 -35.60 54.52
CA ALA E 128 111.64 -35.18 53.16
C ALA E 128 110.46 -35.28 52.22
N GLN E 129 109.35 -35.89 52.66
CA GLN E 129 108.18 -36.15 51.82
C GLN E 129 108.56 -36.94 50.57
N ALA E 130 109.49 -37.88 50.74
CA ALA E 130 110.01 -38.69 49.64
C ALA E 130 109.24 -39.99 49.56
N LEU E 131 108.38 -40.11 48.55
CA LEU E 131 107.55 -41.29 48.38
C LEU E 131 108.38 -42.53 48.09
N ALA E 132 109.60 -42.35 47.58
CA ALA E 132 110.53 -43.44 47.38
C ALA E 132 111.96 -42.95 47.22
N ALA F 1 103.86 -80.29 14.55
CA ALA F 1 102.85 -79.25 14.39
C ALA F 1 101.91 -79.20 15.59
N ILE F 2 100.79 -78.49 15.44
CA ILE F 2 99.87 -78.31 16.56
C ILE F 2 99.28 -79.65 17.00
N ALA F 3 98.85 -80.47 16.05
CA ALA F 3 98.29 -81.77 16.37
C ALA F 3 99.37 -82.68 16.95
N ASN F 4 99.06 -83.29 18.09
CA ASN F 4 99.96 -84.23 18.77
C ASN F 4 101.26 -83.54 19.20
N SER F 5 101.18 -82.24 19.45
CA SER F 5 102.31 -81.50 20.00
C SER F 5 102.41 -81.79 21.49
N SER F 6 103.63 -81.87 22.00
CA SER F 6 103.85 -82.18 23.41
C SER F 6 104.29 -80.93 24.16
N ILE F 7 103.69 -80.72 25.34
CA ILE F 7 104.03 -79.62 26.23
C ILE F 7 104.34 -80.20 27.60
N ALA F 8 105.46 -79.78 28.18
CA ALA F 8 105.89 -80.31 29.47
C ALA F 8 105.32 -79.42 30.58
N ILE F 9 104.34 -79.93 31.30
CA ILE F 9 103.65 -79.17 32.34
C ILE F 9 104.51 -79.14 33.60
N ASP F 10 104.51 -77.99 34.28
CA ASP F 10 105.28 -77.77 35.51
C ASP F 10 106.78 -77.99 35.27
N SER F 11 107.31 -77.13 34.42
CA SER F 11 108.69 -77.26 33.96
C SER F 11 109.44 -75.96 34.18
N THR F 12 110.74 -76.09 34.44
CA THR F 12 111.60 -74.92 34.49
C THR F 12 111.99 -74.50 33.08
N ALA F 13 111.85 -73.21 32.79
CA ALA F 13 112.19 -72.65 31.49
C ALA F 13 113.51 -71.90 31.64
N SER F 14 114.54 -72.39 30.96
CA SER F 14 115.82 -71.69 30.94
C SER F 14 115.92 -70.84 29.68
N VAL F 15 117.04 -70.14 29.53
CA VAL F 15 117.33 -69.38 28.32
C VAL F 15 118.84 -69.15 28.22
N THR F 16 119.42 -69.49 27.08
CA THR F 16 120.86 -69.35 26.86
C THR F 16 121.11 -68.89 25.43
N GLY F 17 121.12 -67.58 25.21
CA GLY F 17 121.55 -67.06 23.93
C GLY F 17 122.48 -65.87 24.02
N GLY F 18 122.60 -65.29 25.21
CA GLY F 18 123.40 -64.10 25.39
C GLY F 18 122.64 -62.83 25.02
N THR F 19 123.38 -61.75 24.78
CA THR F 19 122.81 -60.46 24.41
C THR F 19 121.84 -59.96 25.48
N ALA F 20 122.38 -59.81 26.69
CA ALA F 20 121.57 -59.41 27.83
C ALA F 20 121.26 -57.92 27.81
N ARG F 21 120.10 -57.57 27.28
CA ARG F 21 119.67 -56.18 27.23
C ARG F 21 119.06 -55.76 28.57
N THR F 22 118.51 -54.55 28.59
CA THR F 22 117.97 -53.96 29.81
C THR F 22 116.65 -53.27 29.47
N VAL F 23 115.63 -53.56 30.28
CA VAL F 23 114.34 -52.89 30.17
C VAL F 23 114.40 -51.62 31.01
N LYS F 24 114.29 -50.46 30.36
CA LYS F 24 114.27 -49.18 31.04
C LYS F 24 112.88 -48.57 30.92
N GLU F 25 112.31 -48.14 32.03
CA GLU F 25 110.96 -47.59 31.99
C GLU F 25 110.98 -46.18 31.41
N LEU F 26 109.87 -45.82 30.75
CA LEU F 26 109.75 -44.50 30.14
C LEU F 26 108.73 -43.65 30.88
N VAL F 27 107.48 -44.09 31.00
CA VAL F 27 106.42 -43.33 31.64
C VAL F 27 105.58 -44.28 32.46
N ARG F 28 104.55 -43.75 33.10
CA ARG F 28 103.69 -44.56 33.96
C ARG F 28 102.21 -44.44 33.66
N ASN F 29 101.76 -43.28 33.15
CA ASN F 29 100.35 -42.89 33.08
C ASN F 29 99.42 -43.64 34.03
N ASN F 30 98.24 -44.01 33.56
CA ASN F 30 97.18 -44.53 34.44
C ASN F 30 97.33 -46.03 34.58
N SER F 31 97.87 -46.47 35.72
CA SER F 31 97.96 -47.89 36.08
C SER F 31 98.65 -48.69 34.98
N GLU F 32 99.69 -48.10 34.41
CA GLU F 32 100.41 -48.68 33.29
C GLU F 32 101.90 -48.52 33.57
N LEU F 33 102.72 -49.12 32.71
CA LEU F 33 104.16 -48.92 32.79
C LEU F 33 104.78 -49.13 31.41
N ASN F 34 105.06 -48.03 30.72
CA ASN F 34 105.64 -48.12 29.39
C ASN F 34 107.16 -48.09 29.51
N ALA F 35 107.80 -49.15 29.04
CA ALA F 35 109.25 -49.28 29.07
C ALA F 35 109.76 -49.51 27.66
N TYR F 36 111.07 -49.75 27.55
CA TYR F 36 111.69 -50.04 26.26
C TYR F 36 112.96 -50.83 26.50
N ILE F 37 113.35 -51.62 25.50
CA ILE F 37 114.55 -52.44 25.59
C ILE F 37 115.72 -51.67 25.00
N ASP F 38 116.81 -51.57 25.77
CA ASP F 38 117.95 -50.75 25.38
C ASP F 38 118.92 -51.59 24.55
N GLU F 39 118.80 -51.46 23.23
CA GLU F 39 119.66 -52.16 22.30
C GLU F 39 120.51 -51.22 21.44
N GLY F 40 120.48 -49.93 21.69
CA GLY F 40 121.22 -48.97 20.92
C GLY F 40 120.61 -48.55 19.61
N LEU F 41 119.38 -48.97 19.33
CA LEU F 41 118.70 -48.58 18.10
C LEU F 41 118.29 -47.12 18.15
N SER F 42 117.63 -46.65 17.09
CA SER F 42 117.20 -45.27 17.05
C SER F 42 116.06 -45.04 18.04
N PHE F 43 115.66 -43.77 18.15
CA PHE F 43 114.61 -43.41 19.10
C PHE F 43 113.27 -43.98 18.69
N GLN F 44 112.92 -43.88 17.42
CA GLN F 44 111.66 -44.42 16.91
C GLN F 44 111.86 -45.76 16.21
N ALA F 45 112.94 -46.47 16.55
CA ALA F 45 113.13 -47.83 16.07
C ALA F 45 113.39 -48.81 17.21
N ARG F 46 113.25 -48.38 18.47
CA ARG F 46 113.47 -49.25 19.61
C ARG F 46 112.24 -50.09 19.91
N LYS F 47 112.39 -51.16 20.67
CA LYS F 47 111.25 -52.00 21.04
C LYS F 47 110.77 -51.58 22.40
N GLU F 48 109.52 -51.11 22.47
CA GLU F 48 108.90 -50.67 23.72
C GLU F 48 107.92 -51.76 24.16
N VAL F 49 108.06 -52.19 25.42
CA VAL F 49 107.10 -53.12 25.99
C VAL F 49 106.31 -52.42 27.08
N ALA F 50 104.99 -52.50 26.99
CA ALA F 50 104.09 -51.85 27.93
C ALA F 50 103.42 -52.87 28.85
N PHE F 51 103.44 -52.57 30.14
CA PHE F 51 102.85 -53.40 31.17
C PHE F 51 101.61 -52.72 31.73
N SER F 52 100.61 -53.50 32.12
CA SER F 52 99.40 -52.91 32.69
C SER F 52 98.71 -53.91 33.60
N VAL F 53 98.09 -53.40 34.67
CA VAL F 53 97.36 -54.22 35.61
C VAL F 53 95.93 -53.72 35.74
N LYS F 54 95.02 -54.66 35.99
CA LYS F 54 93.59 -54.44 36.13
C LYS F 54 93.10 -55.29 37.30
N VAL F 55 93.61 -54.95 38.49
CA VAL F 55 93.26 -55.53 39.79
C VAL F 55 91.76 -55.73 39.96
N PRO F 56 91.33 -56.70 40.77
CA PRO F 56 89.90 -57.00 40.88
C PRO F 56 89.11 -55.89 41.56
N LYS F 57 87.82 -55.87 41.25
CA LYS F 57 86.88 -54.90 41.83
C LYS F 57 85.70 -55.67 42.38
N VAL F 58 85.36 -55.41 43.64
CA VAL F 58 84.33 -56.18 44.34
C VAL F 58 82.98 -56.00 43.65
N SER F 59 82.46 -57.08 43.08
CA SER F 59 81.20 -57.06 42.36
C SER F 59 80.15 -57.89 43.10
N VAL F 60 78.94 -57.93 42.55
CA VAL F 60 77.87 -58.79 43.05
C VAL F 60 77.72 -60.05 42.20
N SER F 61 77.98 -59.91 40.90
CA SER F 61 78.10 -61.00 39.93
C SER F 61 79.47 -61.63 40.10
N ALA F 62 79.98 -62.31 39.06
CA ALA F 62 81.29 -62.95 39.11
C ALA F 62 81.29 -64.11 40.10
N PRO F 63 80.81 -65.28 39.67
CA PRO F 63 80.55 -66.38 40.61
C PRO F 63 81.82 -66.90 41.26
N GLY F 64 82.14 -66.28 42.39
CA GLY F 64 83.45 -66.34 43.02
C GLY F 64 83.69 -65.05 43.77
N GLY F 65 82.82 -64.08 43.53
CA GLY F 65 82.77 -62.87 44.34
C GLY F 65 83.02 -61.58 43.59
N PHE F 66 84.03 -61.56 42.72
CA PHE F 66 84.41 -60.36 41.99
C PHE F 66 85.35 -60.68 40.84
N THR F 67 85.51 -59.71 39.96
CA THR F 67 86.17 -59.88 38.67
C THR F 67 87.61 -60.35 38.84
N GLN F 68 88.16 -60.88 37.76
CA GLN F 68 89.52 -61.38 37.76
C GLN F 68 90.51 -60.21 37.68
N ALA F 69 91.74 -60.51 38.07
CA ALA F 69 92.84 -59.55 38.00
C ALA F 69 93.62 -59.79 36.71
N ARG F 70 93.50 -58.87 35.76
CA ARG F 70 94.16 -59.12 34.48
C ARG F 70 95.47 -58.35 34.38
N SER F 71 96.47 -59.00 33.76
CA SER F 71 97.80 -58.40 33.59
C SER F 71 98.15 -58.49 32.11
N THR F 72 98.42 -57.34 31.50
CA THR F 72 98.73 -57.28 30.08
C THR F 72 100.16 -56.83 29.82
N VAL F 73 100.79 -57.45 28.83
CA VAL F 73 102.10 -57.07 28.33
C VAL F 73 102.04 -56.98 26.81
N ILE F 74 102.38 -55.84 26.26
CA ILE F 74 102.43 -55.66 24.81
C ILE F 74 103.85 -55.30 24.40
N LEU F 75 104.45 -56.11 23.54
CA LEU F 75 105.80 -55.88 23.04
C LEU F 75 105.67 -55.33 21.62
N LYS F 76 106.10 -54.09 21.44
CA LYS F 76 106.00 -53.43 20.14
C LYS F 76 107.38 -53.37 19.49
N SER F 77 107.55 -54.09 18.39
CA SER F 77 108.81 -54.09 17.63
C SER F 77 108.59 -53.36 16.32
N PRO F 78 109.22 -52.21 16.10
CA PRO F 78 108.99 -51.49 14.84
C PRO F 78 109.77 -52.13 13.69
N LYS F 79 109.31 -51.87 12.48
CA LYS F 79 109.89 -52.45 11.28
C LYS F 79 109.67 -51.52 10.10
N THR F 80 110.74 -51.28 9.34
CA THR F 80 110.68 -50.48 8.11
C THR F 80 110.47 -51.43 6.94
N LEU F 81 109.39 -51.21 6.20
CA LEU F 81 109.06 -52.08 5.07
C LEU F 81 109.85 -51.71 3.83
N ALA F 82 109.79 -52.59 2.83
CA ALA F 82 110.51 -52.34 1.58
C ALA F 82 109.96 -51.12 0.85
N ASN F 83 108.64 -50.92 0.89
CA ASN F 83 108.05 -49.75 0.27
C ASN F 83 108.55 -48.46 0.90
N GLY F 84 109.09 -48.53 2.11
CA GLY F 84 109.70 -47.38 2.72
C GLY F 84 109.02 -46.93 3.99
N ASN F 85 107.73 -47.21 4.12
CA ASN F 85 106.97 -46.80 5.29
C ASN F 85 107.36 -47.65 6.49
N ARG F 86 106.78 -47.31 7.65
CA ARG F 86 107.08 -47.95 8.93
C ARG F 86 105.81 -48.57 9.48
N THR F 87 105.98 -49.68 10.19
CA THR F 87 104.87 -50.38 10.82
C THR F 87 105.39 -50.95 12.14
N VAL F 88 104.48 -51.44 12.97
CA VAL F 88 104.86 -52.05 14.24
C VAL F 88 104.28 -53.46 14.29
N ASN F 89 105.12 -54.42 14.66
CA ASN F 89 104.71 -55.81 14.88
C ASN F 89 104.61 -56.01 16.39
N THR F 90 103.44 -56.45 16.84
CA THR F 90 103.15 -56.46 18.26
C THR F 90 102.91 -57.88 18.77
N VAL F 91 103.23 -58.10 20.04
CA VAL F 91 102.93 -59.35 20.73
C VAL F 91 102.26 -59.04 22.07
N SER F 92 100.95 -59.15 22.12
CA SER F 92 100.24 -58.88 23.37
C SER F 92 100.00 -60.19 24.13
N ILE F 93 100.04 -60.08 25.46
CA ILE F 93 99.83 -61.22 26.35
C ILE F 93 98.96 -60.78 27.52
N GLN F 94 97.92 -61.54 27.82
CA GLN F 94 97.02 -61.22 28.92
C GLN F 94 96.86 -62.42 29.84
N LEU F 95 96.62 -62.13 31.13
CA LEU F 95 96.59 -63.15 32.18
C LEU F 95 95.34 -62.97 33.05
N SER F 96 94.17 -62.96 32.41
CA SER F 96 92.91 -62.84 33.14
C SER F 96 92.70 -64.09 33.98
N VAL F 97 93.08 -64.01 35.25
CA VAL F 97 92.93 -65.12 36.19
C VAL F 97 92.15 -64.64 37.41
N ASP F 98 91.36 -65.55 37.96
CA ASP F 98 90.50 -65.22 39.08
C ASP F 98 91.37 -64.97 40.32
N PRO F 99 91.05 -63.95 41.12
CA PRO F 99 91.95 -63.53 42.22
C PRO F 99 92.14 -64.57 43.31
N GLU F 100 91.28 -65.58 43.41
CA GLU F 100 91.48 -66.65 44.38
C GLU F 100 92.60 -67.61 43.98
N THR F 101 93.17 -67.42 42.79
CA THR F 101 94.17 -68.35 42.27
C THR F 101 95.47 -68.27 43.05
N THR F 102 96.02 -69.43 43.37
CA THR F 102 97.31 -69.49 44.03
C THR F 102 98.43 -69.22 43.04
N ALA F 103 99.61 -68.90 43.57
CA ALA F 103 100.75 -68.58 42.74
C ALA F 103 101.33 -69.79 42.02
N ALA F 104 101.13 -70.99 42.56
CA ALA F 104 101.66 -72.18 41.91
C ALA F 104 100.94 -72.47 40.60
N GLU F 105 99.61 -72.37 40.59
CA GLU F 105 98.87 -72.58 39.36
C GLU F 105 99.14 -71.47 38.36
N VAL F 106 99.34 -70.25 38.84
CA VAL F 106 99.72 -69.15 37.95
C VAL F 106 101.06 -69.44 37.29
N THR F 107 102.02 -69.93 38.08
CA THR F 107 103.32 -70.30 37.53
C THR F 107 103.17 -71.43 36.50
N THR F 108 102.34 -72.43 36.81
CA THR F 108 102.08 -73.51 35.87
C THR F 108 101.53 -72.97 34.55
N MET F 109 100.55 -72.07 34.64
CA MET F 109 99.94 -71.49 33.45
C MET F 109 100.95 -70.67 32.66
N LEU F 110 101.78 -69.89 33.35
CA LEU F 110 102.76 -69.07 32.67
C LEU F 110 103.79 -69.93 31.97
N ASN F 111 104.21 -71.03 32.60
CA ASN F 111 105.12 -71.96 31.95
C ASN F 111 104.48 -72.62 30.74
N ALA F 112 103.22 -73.04 30.86
CA ALA F 112 102.55 -73.69 29.75
C ALA F 112 102.39 -72.73 28.57
N ALA F 113 101.96 -71.50 28.84
CA ALA F 113 101.83 -70.48 27.80
C ALA F 113 103.16 -70.10 27.18
N ALA F 114 104.20 -69.92 28.00
CA ALA F 114 105.51 -69.59 27.47
C ALA F 114 106.21 -70.80 26.88
N GLN F 115 105.70 -72.01 27.14
CA GLN F 115 106.19 -73.19 26.42
C GLN F 115 105.79 -73.17 24.97
N LEU F 116 104.64 -72.57 24.66
CA LEU F 116 104.35 -72.11 23.32
C LEU F 116 105.26 -70.91 23.01
N LEU F 117 105.26 -70.47 21.76
CA LEU F 117 106.07 -69.33 21.29
C LEU F 117 107.55 -69.66 21.18
N PHE F 118 108.00 -70.80 21.69
CA PHE F 118 109.38 -71.18 21.41
C PHE F 118 109.51 -72.67 21.13
N ASP F 119 108.41 -73.40 21.26
CA ASP F 119 108.42 -74.80 20.92
C ASP F 119 108.46 -74.97 19.40
N SER F 120 109.16 -76.01 18.95
CA SER F 120 109.33 -76.24 17.53
C SER F 120 108.03 -76.60 16.82
N ASP F 121 107.08 -77.22 17.52
CA ASP F 121 105.84 -77.64 16.89
C ASP F 121 105.03 -76.45 16.39
N TYR F 122 105.09 -75.33 17.11
CA TYR F 122 104.27 -74.16 16.81
C TYR F 122 104.99 -73.14 15.95
N SER F 123 106.22 -73.44 15.51
CA SER F 123 106.96 -72.53 14.63
C SER F 123 106.16 -72.16 13.40
N ASP F 124 105.60 -73.17 12.71
CA ASP F 124 104.84 -72.91 11.50
C ASP F 124 103.54 -72.16 11.80
N PHE F 125 102.94 -72.43 12.95
CA PHE F 125 101.72 -71.71 13.32
C PHE F 125 102.01 -70.22 13.52
N TRP F 126 103.09 -69.90 14.24
CA TRP F 126 103.41 -68.51 14.50
C TRP F 126 103.95 -67.81 13.26
N LYS F 127 104.61 -68.52 12.35
CA LYS F 127 105.27 -67.88 11.22
C LYS F 127 104.39 -67.87 9.98
N ALA F 128 103.95 -69.04 9.50
CA ALA F 128 103.16 -69.12 8.28
C ALA F 128 101.66 -69.28 8.52
N GLN F 129 101.21 -69.23 9.78
CA GLN F 129 99.80 -69.39 10.14
C GLN F 129 99.28 -70.78 9.76
N ALA F 130 100.16 -71.78 9.84
CA ALA F 130 99.80 -73.16 9.53
C ALA F 130 99.03 -73.75 10.70
N LEU F 131 97.72 -73.52 10.71
CA LEU F 131 96.84 -74.09 11.72
C LEU F 131 96.88 -75.60 11.65
N ALA F 132 96.46 -76.16 10.52
CA ALA F 132 96.56 -77.59 10.29
C ALA F 132 97.90 -77.89 9.62
N ALA G 1 87.77 92.90 -25.48
CA ALA G 1 88.06 94.32 -25.30
C ALA G 1 87.29 94.85 -24.11
N ILE G 2 86.43 94.01 -23.53
CA ILE G 2 85.81 94.28 -22.25
C ILE G 2 86.80 93.84 -21.18
N ALA G 3 87.70 94.73 -20.78
CA ALA G 3 88.73 94.40 -19.82
C ALA G 3 89.26 95.68 -19.21
N ASN G 4 90.37 96.19 -19.74
CA ASN G 4 90.80 97.54 -19.39
C ASN G 4 90.35 98.51 -20.48
N SER G 5 89.04 98.65 -20.64
CA SER G 5 88.45 99.57 -21.61
C SER G 5 88.49 101.00 -21.08
N SER G 6 87.71 101.89 -21.69
CA SER G 6 87.60 103.24 -21.15
C SER G 6 86.23 103.79 -21.53
N ILE G 7 85.61 104.50 -20.59
CA ILE G 7 84.30 105.11 -20.81
C ILE G 7 84.27 106.44 -20.08
N ALA G 8 83.83 107.49 -20.76
CA ALA G 8 83.71 108.80 -20.14
C ALA G 8 82.41 108.88 -19.36
N ILE G 9 82.49 109.32 -18.12
CA ILE G 9 81.32 109.40 -17.25
C ILE G 9 80.93 110.86 -17.06
N ASP G 10 79.64 111.14 -17.22
CA ASP G 10 79.10 112.51 -17.20
C ASP G 10 79.73 113.34 -18.30
N SER G 11 79.54 112.90 -19.54
CA SER G 11 80.07 113.56 -20.73
C SER G 11 78.94 113.78 -21.73
N THR G 12 79.17 114.73 -22.63
CA THR G 12 78.21 115.02 -23.69
C THR G 12 78.50 114.14 -24.90
N ALA G 13 77.45 113.58 -25.48
CA ALA G 13 77.55 112.75 -26.66
C ALA G 13 76.98 113.48 -27.86
N SER G 14 77.67 113.35 -29.00
CA SER G 14 77.32 114.08 -30.20
C SER G 14 77.35 113.14 -31.40
N VAL G 15 76.74 113.59 -32.48
CA VAL G 15 76.62 112.81 -33.71
C VAL G 15 76.98 113.71 -34.89
N THR G 16 77.84 113.22 -35.77
CA THR G 16 78.23 113.92 -36.98
C THR G 16 77.97 113.05 -38.20
N GLY G 17 77.64 113.69 -39.31
CA GLY G 17 77.45 112.97 -40.56
C GLY G 17 76.13 112.21 -40.59
N GLY G 18 76.09 111.19 -41.44
CA GLY G 18 74.88 110.41 -41.62
C GLY G 18 73.82 111.17 -42.39
N THR G 19 72.62 110.60 -42.41
CA THR G 19 71.48 111.18 -43.13
C THR G 19 70.33 111.31 -42.14
N ALA G 20 70.00 112.55 -41.79
CA ALA G 20 68.92 112.83 -40.84
C ALA G 20 67.58 112.30 -41.34
N ARG G 21 67.04 111.30 -40.67
CA ARG G 21 65.73 110.76 -40.98
C ARG G 21 64.69 111.40 -40.07
N THR G 22 63.47 110.85 -40.06
CA THR G 22 62.40 111.39 -39.23
C THR G 22 61.60 110.23 -38.67
N VAL G 23 61.24 110.32 -37.39
CA VAL G 23 60.48 109.27 -36.71
C VAL G 23 59.01 109.64 -36.84
N LYS G 24 58.32 108.99 -37.76
CA LYS G 24 56.90 109.25 -37.97
C LYS G 24 56.07 108.34 -37.06
N GLU G 25 55.16 108.94 -36.32
CA GLU G 25 54.35 108.21 -35.34
C GLU G 25 53.16 107.53 -36.02
N LEU G 26 52.92 106.28 -35.63
CA LEU G 26 51.92 105.47 -36.31
C LEU G 26 50.72 105.28 -35.39
N VAL G 27 50.91 104.70 -34.21
CA VAL G 27 49.82 104.42 -33.29
C VAL G 27 50.30 104.67 -31.88
N ARG G 28 49.43 105.22 -31.05
CA ARG G 28 49.77 105.62 -29.69
C ARG G 28 48.65 105.09 -28.78
N ASN G 29 48.88 103.93 -28.17
CA ASN G 29 47.86 103.31 -27.35
C ASN G 29 48.50 102.44 -26.28
N ASN G 30 47.74 102.21 -25.21
CA ASN G 30 48.07 101.19 -24.21
C ASN G 30 49.48 101.37 -23.65
N SER G 31 49.83 102.61 -23.34
CA SER G 31 51.16 102.95 -22.83
C SER G 31 52.26 102.63 -23.83
N GLU G 32 51.90 102.53 -25.11
CA GLU G 32 52.83 102.22 -26.18
C GLU G 32 52.69 103.25 -27.29
N LEU G 33 53.80 103.51 -27.99
CA LEU G 33 53.85 104.41 -29.13
C LEU G 33 54.65 103.67 -30.21
N ASN G 34 53.92 103.16 -31.21
CA ASN G 34 54.56 102.59 -32.38
C ASN G 34 54.87 103.69 -33.38
N ALA G 35 56.09 103.67 -33.92
CA ALA G 35 56.49 104.65 -34.91
C ALA G 35 57.45 103.97 -35.88
N TYR G 36 57.86 104.70 -36.91
CA TYR G 36 58.78 104.14 -37.89
C TYR G 36 59.72 105.23 -38.36
N ILE G 37 60.97 104.84 -38.61
CA ILE G 37 61.95 105.75 -39.19
C ILE G 37 61.70 105.80 -40.69
N ASP G 38 61.64 107.00 -41.24
CA ASP G 38 61.30 107.21 -42.64
C ASP G 38 62.60 107.38 -43.41
N GLU G 39 62.97 106.34 -44.17
CA GLU G 39 64.14 106.38 -45.03
C GLU G 39 63.78 106.23 -46.50
N GLY G 40 62.50 106.35 -46.85
CA GLY G 40 62.05 106.13 -48.21
C GLY G 40 62.22 104.67 -48.62
N LEU G 41 61.85 103.76 -47.73
CA LEU G 41 61.94 102.33 -47.97
C LEU G 41 60.54 101.74 -48.11
N SER G 42 60.48 100.46 -48.43
CA SER G 42 59.21 99.76 -48.56
C SER G 42 58.68 99.40 -47.18
N PHE G 43 57.39 99.04 -47.13
CA PHE G 43 56.75 98.69 -45.86
C PHE G 43 57.37 97.46 -45.22
N GLN G 44 57.79 96.48 -46.01
CA GLN G 44 58.38 95.26 -45.49
C GLN G 44 59.80 95.46 -44.98
N ALA G 45 60.47 96.53 -45.36
CA ALA G 45 61.75 96.87 -44.79
C ALA G 45 61.68 98.32 -44.31
N ARG G 46 61.12 98.51 -43.12
CA ARG G 46 61.06 99.80 -42.47
C ARG G 46 62.06 99.82 -41.29
N LYS G 47 62.05 100.80 -40.42
CA LYS G 47 62.86 100.78 -39.21
C LYS G 47 61.96 101.05 -38.01
N GLU G 48 60.87 100.28 -37.91
CA GLU G 48 59.89 100.49 -36.84
C GLU G 48 60.55 100.50 -35.46
N VAL G 49 60.11 101.44 -34.63
CA VAL G 49 60.59 101.57 -33.26
C VAL G 49 59.39 101.78 -32.34
N ALA G 50 59.38 101.05 -31.22
CA ALA G 50 58.29 101.10 -30.26
C ALA G 50 58.78 101.65 -28.93
N PHE G 51 58.06 102.64 -28.41
CA PHE G 51 58.36 103.28 -27.13
C PHE G 51 57.29 102.87 -26.14
N SER G 52 57.68 102.28 -25.03
CA SER G 52 56.75 101.82 -24.02
C SER G 52 57.13 102.39 -22.67
N VAL G 53 56.11 102.66 -21.86
CA VAL G 53 56.30 103.24 -20.53
C VAL G 53 55.50 102.44 -19.52
N LYS G 54 56.15 102.15 -18.38
CA LYS G 54 55.57 101.40 -17.27
C LYS G 54 55.74 102.28 -16.01
N VAL G 55 54.65 102.91 -15.60
CA VAL G 55 54.66 103.89 -14.51
C VAL G 55 54.73 103.17 -13.17
N PRO G 56 55.33 103.78 -12.14
CA PRO G 56 55.43 103.11 -10.84
C PRO G 56 54.07 103.03 -10.14
N LYS G 57 53.94 102.00 -9.31
CA LYS G 57 52.75 101.81 -8.49
C LYS G 57 53.15 101.57 -7.05
N VAL G 58 52.24 101.86 -6.12
CA VAL G 58 52.52 101.73 -4.70
C VAL G 58 52.72 100.27 -4.35
N SER G 59 53.67 100.01 -3.44
CA SER G 59 53.97 98.65 -3.01
C SER G 59 54.24 98.67 -1.50
N VAL G 60 54.47 97.48 -0.95
CA VAL G 60 54.93 97.36 0.43
C VAL G 60 56.38 96.92 0.52
N SER G 61 56.83 96.07 -0.40
CA SER G 61 58.22 95.77 -0.67
C SER G 61 58.78 96.91 -1.52
N ALA G 62 59.89 96.65 -2.23
CA ALA G 62 60.49 97.67 -3.08
C ALA G 62 60.97 98.84 -2.23
N PRO G 63 62.15 98.74 -1.63
CA PRO G 63 62.49 99.52 -0.44
C PRO G 63 62.50 101.02 -0.70
N GLY G 64 61.33 101.62 -0.55
CA GLY G 64 61.06 102.97 -0.99
C GLY G 64 59.60 103.13 -1.37
N GLY G 65 58.89 102.01 -1.41
CA GLY G 65 57.44 102.04 -1.46
C GLY G 65 56.84 101.81 -2.83
N PHE G 66 57.59 102.14 -3.88
CA PHE G 66 57.07 102.04 -5.23
C PHE G 66 57.93 101.11 -6.08
N THR G 67 57.29 100.47 -7.05
CA THR G 67 58.01 99.76 -8.09
C THR G 67 58.77 100.76 -8.96
N GLN G 68 59.67 100.24 -9.78
CA GLN G 68 60.51 101.12 -10.58
C GLN G 68 59.75 101.60 -11.82
N ALA G 69 60.09 102.80 -12.26
CA ALA G 69 59.58 103.35 -13.52
C ALA G 69 60.42 102.78 -14.66
N ARG G 70 59.76 102.16 -15.63
CA ARG G 70 60.44 101.52 -16.73
C ARG G 70 60.13 102.22 -18.05
N SER G 71 61.16 102.40 -18.87
CA SER G 71 61.03 103.01 -20.20
C SER G 71 61.77 102.09 -21.17
N THR G 72 61.04 101.56 -22.14
CA THR G 72 61.61 100.60 -23.07
C THR G 72 61.50 101.09 -24.51
N VAL G 73 62.62 101.00 -25.23
CA VAL G 73 62.64 101.31 -26.65
C VAL G 73 63.10 100.09 -27.42
N ILE G 74 62.28 99.61 -28.35
CA ILE G 74 62.67 98.50 -29.21
C ILE G 74 62.76 99.00 -30.65
N LEU G 75 63.93 98.84 -31.25
CA LEU G 75 64.16 99.22 -32.64
C LEU G 75 64.21 97.94 -33.47
N LYS G 76 63.29 97.84 -34.43
CA LYS G 76 63.24 96.65 -35.29
C LYS G 76 63.87 96.95 -36.64
N SER G 77 64.69 96.02 -37.12
CA SER G 77 65.41 96.18 -38.39
C SER G 77 65.19 94.94 -39.26
N PRO G 78 64.25 94.98 -40.19
CA PRO G 78 64.06 93.85 -41.11
C PRO G 78 65.27 93.58 -41.99
N LYS G 79 65.72 92.34 -42.01
CA LYS G 79 66.79 91.89 -42.88
C LYS G 79 66.27 90.77 -43.77
N THR G 80 66.74 90.74 -45.02
CA THR G 80 66.38 89.72 -45.98
C THR G 80 67.56 88.78 -46.17
N LEU G 81 67.31 87.49 -46.05
CA LEU G 81 68.36 86.49 -46.03
C LEU G 81 68.70 86.04 -47.45
N ALA G 82 69.71 85.17 -47.56
CA ALA G 82 70.12 84.67 -48.86
C ALA G 82 69.02 83.86 -49.52
N ASN G 83 68.34 83.01 -48.73
CA ASN G 83 67.24 82.23 -49.26
C ASN G 83 66.08 83.14 -49.68
N GLY G 84 65.82 84.18 -48.90
CA GLY G 84 64.77 85.11 -49.24
C GLY G 84 63.76 85.30 -48.14
N ASN G 85 63.89 84.53 -47.07
CA ASN G 85 63.03 84.71 -45.91
C ASN G 85 63.37 86.02 -45.20
N ARG G 86 62.37 86.59 -44.55
CA ARG G 86 62.53 87.86 -43.85
C ARG G 86 62.64 87.64 -42.35
N THR G 87 63.71 88.16 -41.75
CA THR G 87 63.86 88.14 -40.32
C THR G 87 63.87 89.58 -39.82
N VAL G 88 63.66 89.77 -38.53
CA VAL G 88 63.73 91.09 -37.91
C VAL G 88 64.82 91.05 -36.85
N ASN G 89 65.76 92.00 -36.95
CA ASN G 89 66.83 92.15 -35.96
C ASN G 89 66.47 93.33 -35.06
N THR G 90 66.43 93.09 -33.76
CA THR G 90 65.95 94.08 -32.81
C THR G 90 67.04 94.54 -31.85
N VAL G 91 66.89 95.75 -31.36
CA VAL G 91 67.67 96.27 -30.24
C VAL G 91 66.71 96.77 -29.18
N SER G 92 66.79 96.20 -27.98
CA SER G 92 65.94 96.65 -26.88
C SER G 92 66.76 97.46 -25.89
N ILE G 93 66.19 98.57 -25.43
CA ILE G 93 66.82 99.45 -24.44
C ILE G 93 65.78 99.66 -23.35
N GLN G 94 66.02 99.09 -22.16
CA GLN G 94 65.11 99.20 -21.04
C GLN G 94 65.81 99.91 -19.89
N LEU G 95 65.21 101.00 -19.42
CA LEU G 95 65.71 101.76 -18.28
C LEU G 95 64.71 101.62 -17.14
N SER G 96 65.17 101.10 -16.00
CA SER G 96 64.36 100.97 -14.80
C SER G 96 65.00 101.82 -13.71
N VAL G 97 64.28 102.84 -13.25
CA VAL G 97 64.79 103.71 -12.19
C VAL G 97 63.79 103.79 -11.05
N ASP G 98 64.33 103.83 -9.84
CA ASP G 98 63.51 104.16 -8.68
C ASP G 98 62.98 105.58 -8.84
N PRO G 99 61.72 105.83 -8.47
CA PRO G 99 61.15 107.17 -8.70
C PRO G 99 61.86 108.27 -7.93
N GLU G 100 62.64 107.95 -6.90
CA GLU G 100 63.42 108.97 -6.20
C GLU G 100 64.62 109.45 -7.00
N THR G 101 64.93 108.80 -8.11
CA THR G 101 66.16 109.10 -8.86
C THR G 101 66.07 110.47 -9.52
N THR G 102 67.12 111.26 -9.36
CA THR G 102 67.19 112.60 -9.92
C THR G 102 67.38 112.54 -11.43
N ALA G 103 67.25 113.70 -12.08
CA ALA G 103 67.42 113.75 -13.52
C ALA G 103 68.88 113.64 -13.92
N ALA G 104 69.80 114.17 -13.12
CA ALA G 104 71.22 114.03 -13.41
C ALA G 104 71.68 112.59 -13.27
N GLU G 105 71.15 111.86 -12.29
CA GLU G 105 71.49 110.46 -12.14
C GLU G 105 71.01 109.63 -13.33
N VAL G 106 69.84 109.95 -13.87
CA VAL G 106 69.36 109.27 -15.06
C VAL G 106 70.18 109.66 -16.28
N THR G 107 70.58 110.93 -16.37
CA THR G 107 71.41 111.38 -17.48
C THR G 107 72.75 110.66 -17.49
N THR G 108 73.35 110.46 -16.32
CA THR G 108 74.62 109.75 -16.24
C THR G 108 74.47 108.32 -16.77
N MET G 109 73.41 107.62 -16.34
CA MET G 109 73.16 106.27 -16.84
C MET G 109 72.97 106.26 -18.34
N LEU G 110 72.18 107.21 -18.86
CA LEU G 110 71.90 107.24 -20.29
C LEU G 110 73.18 107.46 -21.09
N ASN G 111 74.01 108.40 -20.64
CA ASN G 111 75.24 108.69 -21.37
C ASN G 111 76.22 107.52 -21.31
N ALA G 112 76.37 106.89 -20.14
CA ALA G 112 77.26 105.74 -20.04
C ALA G 112 76.76 104.58 -20.90
N ALA G 113 75.46 104.32 -20.89
CA ALA G 113 74.91 103.25 -21.71
C ALA G 113 75.03 103.55 -23.20
N ALA G 114 75.01 104.83 -23.57
CA ALA G 114 75.19 105.18 -24.98
C ALA G 114 76.57 104.78 -25.47
N GLN G 115 77.61 105.10 -24.71
CA GLN G 115 78.96 104.67 -25.06
C GLN G 115 79.14 103.17 -24.91
N LEU G 116 78.32 102.51 -24.09
CA LEU G 116 78.43 101.06 -23.96
C LEU G 116 78.13 100.35 -25.28
N LEU G 117 77.38 100.99 -26.19
CA LEU G 117 77.05 100.36 -27.46
C LEU G 117 77.52 101.17 -28.68
N PHE G 118 78.43 102.12 -28.49
CA PHE G 118 79.11 102.70 -29.65
C PHE G 118 80.62 102.85 -29.49
N ASP G 119 81.19 102.63 -28.31
CA ASP G 119 82.64 102.70 -28.16
C ASP G 119 83.32 101.57 -28.93
N SER G 120 84.53 101.85 -29.41
CA SER G 120 85.15 100.97 -30.40
C SER G 120 85.54 99.62 -29.82
N ASP G 121 85.80 99.56 -28.51
CA ASP G 121 86.18 98.29 -27.89
C ASP G 121 85.05 97.28 -27.94
N TYR G 122 83.88 97.68 -27.45
CA TYR G 122 82.73 96.78 -27.35
C TYR G 122 82.24 96.37 -28.73
N SER G 123 82.86 96.93 -29.78
CA SER G 123 82.58 96.46 -31.13
C SER G 123 82.83 94.97 -31.25
N ASP G 124 83.84 94.45 -30.55
CA ASP G 124 84.04 93.00 -30.59
C ASP G 124 82.95 92.24 -29.86
N PHE G 125 82.35 92.82 -28.83
CA PHE G 125 81.29 92.16 -28.09
C PHE G 125 79.97 92.14 -28.84
N TRP G 126 79.61 93.23 -29.50
CA TRP G 126 78.33 93.31 -30.20
C TRP G 126 78.32 92.52 -31.51
N LYS G 127 79.40 92.60 -32.27
CA LYS G 127 79.47 91.95 -33.58
C LYS G 127 80.03 90.52 -33.48
N ALA G 128 81.24 90.38 -32.94
CA ALA G 128 81.85 89.06 -32.84
C ALA G 128 81.34 88.24 -31.67
N GLN G 129 80.56 88.83 -30.77
CA GLN G 129 80.03 88.14 -29.61
C GLN G 129 81.17 87.64 -28.72
N ALA G 130 82.20 88.46 -28.59
CA ALA G 130 83.45 88.11 -27.92
C ALA G 130 83.51 88.79 -26.56
N LEU G 131 83.54 87.97 -25.50
CA LEU G 131 83.54 88.50 -24.14
C LEU G 131 84.90 89.09 -23.76
N ALA G 132 85.98 88.60 -24.37
CA ALA G 132 87.29 89.17 -24.11
C ALA G 132 88.12 89.23 -25.39
N ALA H 1 59.13 115.54 -29.00
CA ALA H 1 59.69 114.31 -28.47
C ALA H 1 59.53 113.17 -29.46
N ILE H 2 58.95 112.06 -29.02
CA ILE H 2 58.66 110.97 -29.93
C ILE H 2 57.43 111.33 -30.75
N ALA H 3 57.65 111.82 -31.97
CA ALA H 3 56.56 112.33 -32.80
C ALA H 3 57.11 112.81 -34.14
N ASN H 4 58.08 113.71 -34.10
CA ASN H 4 58.69 114.26 -35.31
C ASN H 4 60.21 114.34 -35.17
N SER H 5 60.77 113.54 -34.26
CA SER H 5 62.19 113.61 -33.98
C SER H 5 63.01 113.09 -35.15
N SER H 6 64.23 113.60 -35.27
CA SER H 6 65.16 113.23 -36.34
C SER H 6 66.29 112.42 -35.73
N ILE H 7 66.67 111.34 -36.43
CA ILE H 7 67.79 110.49 -36.03
C ILE H 7 68.71 110.32 -37.24
N ALA H 8 70.00 110.56 -37.04
CA ALA H 8 70.97 110.52 -38.13
C ALA H 8 71.43 109.09 -38.37
N ILE H 9 70.85 108.44 -39.37
CA ILE H 9 71.18 107.05 -39.68
C ILE H 9 72.57 107.00 -40.31
N ASP H 10 73.35 106.01 -39.89
CA ASP H 10 74.70 105.77 -40.42
C ASP H 10 75.60 106.99 -40.22
N SER H 11 75.59 107.52 -39.00
CA SER H 11 76.44 108.63 -38.62
C SER H 11 77.53 108.13 -37.67
N THR H 12 78.36 109.07 -37.21
CA THR H 12 79.43 108.77 -36.27
C THR H 12 79.13 109.44 -34.94
N ALA H 13 79.09 108.67 -33.87
CA ALA H 13 78.80 109.17 -32.53
C ALA H 13 80.09 109.27 -31.73
N SER H 14 80.29 110.41 -31.09
CA SER H 14 81.48 110.65 -30.28
C SER H 14 81.06 111.19 -28.92
N VAL H 15 82.05 111.48 -28.09
CA VAL H 15 81.85 111.94 -26.72
C VAL H 15 82.93 112.96 -26.38
N THR H 16 82.53 114.04 -25.70
CA THR H 16 83.46 115.07 -25.26
C THR H 16 83.23 115.35 -23.79
N GLY H 17 84.27 115.81 -23.11
CA GLY H 17 84.17 116.09 -21.69
C GLY H 17 84.15 114.81 -20.88
N GLY H 18 83.79 114.96 -19.61
CA GLY H 18 83.65 113.82 -18.72
C GLY H 18 84.97 113.35 -18.14
N THR H 19 84.86 112.30 -17.32
CA THR H 19 86.01 111.62 -16.74
C THR H 19 86.12 110.22 -17.33
N ALA H 20 87.34 109.86 -17.73
CA ALA H 20 87.61 108.60 -18.40
C ALA H 20 87.88 107.53 -17.34
N ARG H 21 86.88 106.69 -17.09
CA ARG H 21 87.05 105.57 -16.17
C ARG H 21 87.43 104.32 -16.93
N THR H 22 87.99 103.35 -16.21
CA THR H 22 88.69 102.23 -16.86
C THR H 22 87.77 101.04 -17.12
N VAL H 23 86.87 100.73 -16.19
CA VAL H 23 86.07 99.51 -16.21
C VAL H 23 87.00 98.34 -15.95
N LYS H 24 86.71 97.54 -14.91
CA LYS H 24 87.59 96.46 -14.49
C LYS H 24 86.77 95.19 -14.32
N GLU H 25 87.33 94.08 -14.76
CA GLU H 25 86.63 92.79 -14.68
C GLU H 25 86.53 92.32 -13.24
N LEU H 26 85.33 91.88 -12.84
CA LEU H 26 85.16 91.25 -11.54
C LEU H 26 85.21 89.72 -11.63
N VAL H 27 84.25 89.14 -12.34
CA VAL H 27 84.02 87.70 -12.34
C VAL H 27 83.58 87.28 -13.74
N ARG H 28 84.06 86.13 -14.17
CA ARG H 28 83.80 85.63 -15.50
C ARG H 28 83.07 84.29 -15.38
N ASN H 29 82.72 83.70 -16.52
CA ASN H 29 82.16 82.35 -16.63
C ASN H 29 80.70 82.30 -16.19
N ASN H 30 79.86 81.67 -16.99
CA ASN H 30 80.24 81.19 -18.31
C ASN H 30 79.37 81.85 -19.36
N SER H 31 80.00 82.39 -20.39
CA SER H 31 79.32 83.18 -21.41
C SER H 31 78.63 84.39 -20.78
N GLU H 32 79.27 84.93 -19.74
CA GLU H 32 78.81 86.14 -19.09
C GLU H 32 79.94 86.82 -18.33
N LEU H 33 80.35 88.00 -18.77
CA LEU H 33 81.36 88.76 -18.05
C LEU H 33 80.70 89.69 -17.04
N ASN H 34 81.43 89.99 -15.97
CA ASN H 34 80.98 90.95 -14.96
C ASN H 34 82.12 91.91 -14.67
N ALA H 35 81.85 93.20 -14.82
CA ALA H 35 82.87 94.23 -14.65
C ALA H 35 82.31 95.31 -13.74
N TYR H 36 83.09 96.37 -13.54
CA TYR H 36 82.62 97.52 -12.79
C TYR H 36 83.41 98.73 -13.24
N ILE H 37 82.75 99.89 -13.28
CA ILE H 37 83.39 101.13 -13.67
C ILE H 37 84.06 101.72 -12.43
N ASP H 38 85.39 101.86 -12.48
CA ASP H 38 86.16 102.31 -11.33
C ASP H 38 86.24 103.83 -11.33
N GLU H 39 85.46 104.46 -10.44
CA GLU H 39 85.51 105.91 -10.26
C GLU H 39 85.99 106.26 -8.86
N GLY H 40 86.67 105.34 -8.20
CA GLY H 40 87.09 105.56 -6.82
C GLY H 40 85.94 105.66 -5.85
N LEU H 41 84.93 104.83 -6.01
CA LEU H 41 83.78 104.81 -5.12
C LEU H 41 83.84 103.55 -4.25
N SER H 42 82.93 103.48 -3.28
CA SER H 42 82.92 102.36 -2.36
C SER H 42 82.34 101.11 -3.02
N PHE H 43 82.37 100.00 -2.29
CA PHE H 43 81.94 98.72 -2.84
C PHE H 43 80.43 98.70 -3.09
N GLN H 44 79.64 99.38 -2.26
CA GLN H 44 78.19 99.37 -2.44
C GLN H 44 77.71 100.46 -3.39
N ALA H 45 78.60 101.35 -3.84
CA ALA H 45 78.21 102.49 -4.66
C ALA H 45 78.89 102.48 -6.02
N ARG H 46 79.41 101.33 -6.46
CA ARG H 46 80.10 101.25 -7.73
C ARG H 46 79.13 100.85 -8.84
N LYS H 47 79.49 101.22 -10.07
CA LYS H 47 78.64 101.08 -11.24
C LYS H 47 78.29 99.62 -11.54
N GLU H 48 79.30 98.78 -11.81
CA GLU H 48 79.09 97.34 -11.99
C GLU H 48 78.24 97.01 -13.21
N VAL H 49 78.82 97.13 -14.40
CA VAL H 49 78.18 96.73 -15.65
C VAL H 49 78.46 95.24 -15.91
N ALA H 50 77.44 94.52 -16.36
CA ALA H 50 77.54 93.10 -16.69
C ALA H 50 77.30 92.85 -18.18
N PHE H 51 77.99 91.85 -18.71
CA PHE H 51 77.94 91.50 -20.13
C PHE H 51 77.52 90.05 -20.29
N SER H 52 76.43 89.81 -21.01
CA SER H 52 75.93 88.47 -21.26
C SER H 52 75.99 88.18 -22.74
N VAL H 53 75.94 86.89 -23.09
CA VAL H 53 76.04 86.46 -24.49
C VAL H 53 75.27 85.16 -24.69
N LYS H 54 74.55 85.07 -25.79
CA LYS H 54 73.82 83.86 -26.20
C LYS H 54 74.25 83.54 -27.62
N VAL H 55 74.98 82.45 -27.79
CA VAL H 55 75.55 82.13 -29.11
C VAL H 55 74.44 81.67 -30.03
N PRO H 56 74.58 81.83 -31.35
CA PRO H 56 73.54 81.33 -32.27
C PRO H 56 73.44 79.82 -32.22
N LYS H 57 72.24 79.34 -31.95
CA LYS H 57 71.98 77.91 -31.86
C LYS H 57 71.27 77.43 -33.12
N VAL H 58 71.79 76.36 -33.72
CA VAL H 58 71.27 75.88 -34.99
C VAL H 58 69.91 75.22 -34.76
N SER H 59 68.84 75.92 -35.12
CA SER H 59 67.49 75.38 -35.07
C SER H 59 67.14 74.78 -36.42
N VAL H 60 65.85 74.49 -36.63
CA VAL H 60 65.39 73.96 -37.91
C VAL H 60 64.34 74.90 -38.51
N SER H 61 63.34 75.26 -37.72
CA SER H 61 62.22 76.07 -38.20
C SER H 61 62.46 77.54 -37.86
N ALA H 62 63.51 78.10 -38.46
CA ALA H 62 63.83 79.51 -38.28
C ALA H 62 64.34 80.09 -39.57
N PRO H 63 64.19 81.39 -39.78
CA PRO H 63 64.84 82.02 -40.94
C PRO H 63 66.35 81.83 -40.89
N GLY H 64 66.92 81.45 -42.03
CA GLY H 64 68.35 81.23 -42.11
C GLY H 64 68.77 79.87 -41.62
N GLY H 65 68.06 79.36 -40.61
CA GLY H 65 68.33 78.05 -40.07
C GLY H 65 68.63 78.05 -38.58
N PHE H 66 69.41 79.02 -38.12
CA PHE H 66 69.81 79.05 -36.71
C PHE H 66 68.93 80.02 -35.93
N THR H 67 69.03 79.95 -34.61
CA THR H 67 68.45 80.98 -33.77
C THR H 67 69.35 82.21 -33.77
N GLN H 68 68.88 83.28 -33.14
CA GLN H 68 69.54 84.57 -33.24
C GLN H 68 70.71 84.67 -32.27
N ALA H 69 71.66 85.53 -32.62
CA ALA H 69 72.82 85.82 -31.77
C ALA H 69 72.41 86.91 -30.80
N ARG H 70 72.10 86.51 -29.57
CA ARG H 70 71.69 87.46 -28.54
C ARG H 70 72.91 87.98 -27.80
N SER H 71 72.89 89.27 -27.46
CA SER H 71 74.02 89.90 -26.76
C SER H 71 73.45 90.96 -25.84
N THR H 72 73.63 90.78 -24.53
CA THR H 72 73.01 91.64 -23.53
C THR H 72 74.06 92.34 -22.69
N VAL H 73 73.78 93.60 -22.36
CA VAL H 73 74.57 94.40 -21.43
C VAL H 73 73.60 94.97 -20.42
N ILE H 74 73.95 94.93 -19.14
CA ILE H 74 73.16 95.58 -18.09
C ILE H 74 74.09 96.46 -17.28
N LEU H 75 73.85 97.76 -17.33
CA LEU H 75 74.56 98.72 -16.49
C LEU H 75 73.73 98.89 -15.21
N LYS H 76 74.36 98.65 -14.06
CA LYS H 76 73.72 98.88 -12.78
C LYS H 76 74.20 100.19 -12.19
N SER H 77 73.42 100.74 -11.27
CA SER H 77 73.73 102.02 -10.65
C SER H 77 73.11 102.04 -9.26
N PRO H 78 73.93 101.98 -8.21
CA PRO H 78 73.39 102.02 -6.86
C PRO H 78 72.78 103.37 -6.54
N LYS H 79 71.81 103.37 -5.63
CA LYS H 79 71.23 104.61 -5.14
C LYS H 79 70.62 104.35 -3.77
N THR H 80 70.92 105.25 -2.82
CA THR H 80 70.33 105.18 -1.50
C THR H 80 69.18 106.16 -1.40
N LEU H 81 68.14 105.78 -0.66
CA LEU H 81 66.88 106.51 -0.67
C LEU H 81 66.75 107.41 0.55
N ALA H 82 65.59 108.08 0.65
CA ALA H 82 65.30 109.00 1.74
C ALA H 82 64.97 108.28 3.05
N ASN H 83 64.73 106.97 3.00
CA ASN H 83 64.54 106.18 4.20
C ASN H 83 65.82 105.44 4.61
N GLY H 84 66.92 105.63 3.87
CA GLY H 84 68.16 104.94 4.12
C GLY H 84 68.30 103.61 3.41
N ASN H 85 67.25 103.14 2.76
CA ASN H 85 67.31 101.87 2.06
C ASN H 85 68.11 101.99 0.76
N ARG H 86 68.62 100.85 0.29
CA ARG H 86 69.52 100.77 -0.85
C ARG H 86 68.75 100.12 -2.00
N THR H 87 68.93 100.63 -3.21
CA THR H 87 68.32 100.07 -4.40
C THR H 87 69.24 100.26 -5.60
N VAL H 88 68.85 99.66 -6.72
CA VAL H 88 69.65 99.67 -7.94
C VAL H 88 68.78 100.12 -9.11
N ASN H 89 69.29 101.05 -9.90
CA ASN H 89 68.71 101.41 -11.19
C ASN H 89 69.47 100.68 -12.27
N THR H 90 68.78 100.27 -13.33
CA THR H 90 69.39 99.47 -14.37
C THR H 90 69.12 100.06 -15.75
N VAL H 91 70.08 99.86 -16.64
CA VAL H 91 69.89 100.06 -18.07
C VAL H 91 70.22 98.76 -18.77
N SER H 92 69.23 98.18 -19.46
CA SER H 92 69.43 96.90 -20.13
C SER H 92 69.37 97.08 -21.63
N ILE H 93 70.41 96.63 -22.33
CA ILE H 93 70.51 96.74 -23.78
C ILE H 93 70.70 95.33 -24.33
N GLN H 94 69.74 94.86 -25.12
CA GLN H 94 69.83 93.57 -25.76
C GLN H 94 69.90 93.77 -27.27
N LEU H 95 70.93 93.22 -27.89
CA LEU H 95 71.10 93.23 -29.34
C LEU H 95 70.82 91.81 -29.82
N SER H 96 69.90 91.68 -30.76
CA SER H 96 69.49 90.38 -31.28
C SER H 96 69.49 90.44 -32.80
N VAL H 97 70.53 89.88 -33.41
CA VAL H 97 70.64 89.83 -34.85
C VAL H 97 70.70 88.38 -35.29
N ASP H 98 70.35 88.14 -36.55
CA ASP H 98 70.56 86.85 -37.17
C ASP H 98 72.03 86.69 -37.51
N PRO H 99 72.55 85.46 -37.47
CA PRO H 99 73.98 85.26 -37.74
C PRO H 99 74.41 85.74 -39.11
N GLU H 100 73.51 85.78 -40.09
CA GLU H 100 73.82 86.22 -41.43
C GLU H 100 74.04 87.72 -41.53
N THR H 101 73.74 88.47 -40.46
CA THR H 101 73.90 89.91 -40.47
C THR H 101 75.37 90.31 -40.57
N THR H 102 75.63 91.33 -41.37
CA THR H 102 76.98 91.86 -41.53
C THR H 102 77.32 92.83 -40.40
N ALA H 103 78.60 93.18 -40.31
CA ALA H 103 79.05 94.07 -39.25
C ALA H 103 78.53 95.48 -39.44
N ALA H 104 78.39 95.93 -40.69
CA ALA H 104 77.93 97.29 -40.95
C ALA H 104 76.47 97.48 -40.57
N GLU H 105 75.63 96.47 -40.80
CA GLU H 105 74.24 96.53 -40.35
C GLU H 105 74.15 96.64 -38.83
N VAL H 106 74.96 95.87 -38.13
CA VAL H 106 74.99 95.94 -36.67
C VAL H 106 75.48 97.31 -36.22
N THR H 107 76.45 97.87 -36.94
CA THR H 107 76.95 99.20 -36.64
C THR H 107 75.85 100.25 -36.78
N THR H 108 75.07 100.15 -37.86
CA THR H 108 73.95 101.07 -38.06
C THR H 108 72.93 100.93 -36.94
N MET H 109 72.59 99.70 -36.58
CA MET H 109 71.63 99.46 -35.51
C MET H 109 72.11 100.04 -34.19
N LEU H 110 73.39 99.81 -33.87
CA LEU H 110 73.93 100.32 -32.62
C LEU H 110 73.95 101.84 -32.60
N ASN H 111 74.29 102.45 -33.73
CA ASN H 111 74.29 103.92 -33.79
C ASN H 111 72.89 104.48 -33.60
N ALA H 112 71.89 103.87 -34.24
CA ALA H 112 70.52 104.33 -34.07
C ALA H 112 70.06 104.17 -32.62
N ALA H 113 70.33 103.01 -32.03
CA ALA H 113 69.93 102.75 -30.65
C ALA H 113 70.62 103.69 -29.68
N ALA H 114 71.92 103.95 -29.90
CA ALA H 114 72.63 104.91 -29.05
C ALA H 114 72.04 106.31 -29.21
N GLN H 115 71.69 106.69 -30.44
CA GLN H 115 71.05 107.98 -30.65
C GLN H 115 69.76 108.08 -29.85
N LEU H 116 68.97 106.99 -29.82
CA LEU H 116 67.75 107.00 -29.01
C LEU H 116 68.11 106.65 -27.57
N LEU H 117 69.19 107.27 -27.07
CA LEU H 117 69.55 107.18 -25.66
C LEU H 117 69.96 108.55 -25.13
N PHE H 118 70.60 109.35 -25.99
CA PHE H 118 71.15 110.63 -25.59
C PHE H 118 70.64 111.81 -26.40
N ASP H 119 69.89 111.58 -27.46
CA ASP H 119 69.33 112.68 -28.25
C ASP H 119 68.38 113.50 -27.40
N SER H 120 68.50 114.82 -27.51
CA SER H 120 67.75 115.72 -26.64
C SER H 120 66.24 115.58 -26.86
N ASP H 121 65.84 115.08 -28.02
CA ASP H 121 64.43 114.90 -28.33
C ASP H 121 63.80 113.89 -27.38
N TYR H 122 64.52 112.81 -27.08
CA TYR H 122 64.02 111.80 -26.15
C TYR H 122 64.58 112.04 -24.76
N SER H 123 64.26 113.17 -24.13
CA SER H 123 64.69 113.41 -22.76
C SER H 123 63.49 113.28 -21.83
N ASP H 124 62.37 113.87 -22.23
CA ASP H 124 61.14 113.73 -21.45
C ASP H 124 60.69 112.28 -21.38
N PHE H 125 61.05 111.46 -22.37
CA PHE H 125 60.66 110.07 -22.36
C PHE H 125 61.40 109.25 -21.30
N TRP H 126 62.69 109.51 -21.09
CA TRP H 126 63.46 108.75 -20.12
C TRP H 126 63.28 109.30 -18.71
N LYS H 127 63.40 110.62 -18.55
CA LYS H 127 63.35 111.19 -17.21
C LYS H 127 61.91 111.47 -16.77
N ALA H 128 61.17 112.23 -17.57
CA ALA H 128 59.79 112.53 -17.21
C ALA H 128 58.84 111.38 -17.53
N GLN H 129 59.33 110.35 -18.23
CA GLN H 129 58.51 109.21 -18.65
C GLN H 129 57.30 109.68 -19.47
N ALA H 130 57.51 110.68 -20.31
CA ALA H 130 56.47 111.30 -21.11
C ALA H 130 56.48 110.72 -22.52
N LEU H 131 55.50 109.87 -22.82
CA LEU H 131 55.40 109.25 -24.14
C LEU H 131 55.08 110.28 -25.21
N ALA H 132 54.45 111.38 -24.83
CA ALA H 132 53.95 112.33 -25.81
C ALA H 132 54.20 113.78 -25.39
N ALA I 1 24.92 111.67 -65.92
CA ALA I 1 24.66 110.58 -64.99
C ALA I 1 25.82 109.59 -64.98
N ILE I 2 25.58 108.40 -64.42
CA ILE I 2 26.64 107.41 -64.26
C ILE I 2 27.17 106.97 -65.62
N ALA I 3 26.28 106.68 -66.56
CA ALA I 3 26.70 106.27 -67.90
C ALA I 3 27.38 107.41 -68.62
N ASN I 4 28.57 107.13 -69.17
CA ASN I 4 29.36 108.11 -69.91
C ASN I 4 29.77 109.30 -69.04
N SER I 5 29.90 109.06 -67.74
CA SER I 5 30.42 110.05 -66.81
C SER I 5 31.94 110.12 -66.96
N SER I 6 32.48 111.32 -66.88
CA SER I 6 33.92 111.53 -67.06
C SER I 6 34.59 111.81 -65.71
N ILE I 7 35.68 111.08 -65.45
CA ILE I 7 36.49 111.25 -64.26
C ILE I 7 37.91 111.59 -64.70
N ALA I 8 38.46 112.67 -64.14
CA ALA I 8 39.81 113.10 -64.49
C ALA I 8 40.81 112.37 -63.59
N ILE I 9 41.54 111.43 -64.15
CA ILE I 9 42.49 110.60 -63.40
C ILE I 9 43.77 111.38 -63.16
N ASP I 10 44.36 111.20 -61.98
CA ASP I 10 45.61 111.86 -61.57
C ASP I 10 45.46 113.37 -61.63
N SER I 11 44.57 113.86 -60.77
CA SER I 11 44.18 115.26 -60.77
C SER I 11 44.33 115.84 -59.38
N THR I 12 44.58 117.15 -59.33
CA THR I 12 44.58 117.84 -58.06
C THR I 12 43.16 118.28 -57.71
N ALA I 13 42.74 117.97 -56.49
CA ALA I 13 41.40 118.30 -56.01
C ALA I 13 41.52 119.48 -55.06
N SER I 14 40.98 120.63 -55.48
CA SER I 14 40.95 121.80 -54.63
C SER I 14 39.62 121.87 -53.90
N VAL I 15 39.44 122.90 -53.07
CA VAL I 15 38.19 123.15 -52.39
C VAL I 15 38.12 124.62 -51.99
N THR I 16 37.03 125.29 -52.33
CA THR I 16 36.85 126.71 -52.04
C THR I 16 35.40 126.96 -51.68
N GLY I 17 35.07 126.84 -50.40
CA GLY I 17 33.75 127.24 -49.94
C GLY I 17 33.76 128.07 -48.67
N GLY I 18 34.89 128.08 -47.97
CA GLY I 18 34.97 128.74 -46.68
C GLY I 18 34.46 127.87 -45.56
N THR I 19 34.16 128.47 -44.41
CA THR I 19 33.67 127.76 -43.23
C THR I 19 34.68 126.71 -42.78
N ALA I 20 35.90 127.17 -42.47
CA ALA I 20 36.98 126.28 -42.10
C ALA I 20 36.82 125.78 -40.68
N ARG I 21 36.24 124.59 -40.54
CA ARG I 21 36.03 123.99 -39.23
C ARG I 21 37.30 123.29 -38.75
N THR I 22 37.19 122.64 -37.60
CA THR I 22 38.34 121.99 -36.97
C THR I 22 37.93 120.63 -36.46
N VAL I 23 38.71 119.60 -36.82
CA VAL I 23 38.50 118.26 -36.30
C VAL I 23 39.23 118.15 -34.96
N LYS I 24 38.48 117.93 -33.90
CA LYS I 24 39.03 117.75 -32.56
C LYS I 24 38.80 116.30 -32.13
N GLU I 25 39.86 115.65 -31.67
CA GLU I 25 39.72 114.25 -31.29
C GLU I 25 39.02 114.12 -29.94
N LEU I 26 38.32 113.02 -29.77
CA LEU I 26 37.59 112.76 -28.53
C LEU I 26 38.24 111.62 -27.76
N VAL I 27 38.35 110.42 -28.34
CA VAL I 27 38.91 109.26 -27.68
C VAL I 27 39.76 108.51 -28.70
N ARG I 28 40.35 107.40 -28.25
CA ARG I 28 41.18 106.59 -29.12
C ARG I 28 40.77 105.12 -29.17
N ASN I 29 40.27 104.57 -28.06
CA ASN I 29 40.10 103.13 -27.84
C ASN I 29 41.04 102.25 -28.67
N ASN I 30 40.54 101.14 -29.18
CA ASN I 30 41.39 100.09 -29.73
C ASN I 30 41.73 100.40 -31.19
N SER I 31 42.93 100.93 -31.40
CA SER I 31 43.45 101.19 -32.75
C SER I 31 42.46 101.99 -33.59
N GLU I 32 41.83 102.97 -32.93
CA GLU I 32 40.79 103.79 -33.54
C GLU I 32 41.08 105.24 -33.19
N LEU I 33 40.28 106.14 -33.73
CA LEU I 33 40.39 107.55 -33.38
C LEU I 33 39.06 108.24 -33.61
N ASN I 34 38.30 108.46 -32.54
CA ASN I 34 37.01 109.11 -32.66
C ASN I 34 37.18 110.60 -32.46
N ALA I 35 36.80 111.39 -33.46
CA ALA I 35 36.90 112.83 -33.41
C ALA I 35 35.53 113.44 -33.69
N TYR I 36 35.48 114.77 -33.76
CA TYR I 36 34.25 115.47 -34.07
C TYR I 36 34.60 116.82 -34.69
N ILE I 37 33.68 117.34 -35.50
CA ILE I 37 33.90 118.61 -36.18
C ILE I 37 33.32 119.72 -35.32
N ASP I 38 34.15 120.69 -34.96
CA ASP I 38 33.75 121.77 -34.05
C ASP I 38 33.04 122.85 -34.85
N GLU I 39 31.71 122.85 -34.76
CA GLU I 39 30.89 123.83 -35.45
C GLU I 39 29.91 124.55 -34.54
N GLY I 40 30.01 124.36 -33.23
CA GLY I 40 29.15 125.02 -32.28
C GLY I 40 27.77 124.43 -32.10
N LEU I 41 27.52 123.23 -32.61
CA LEU I 41 26.23 122.60 -32.44
C LEU I 41 26.12 122.00 -31.04
N SER I 42 25.01 121.32 -30.78
CA SER I 42 24.80 120.69 -29.49
C SER I 42 25.75 119.51 -29.31
N PHE I 43 25.79 119.00 -28.08
CA PHE I 43 26.67 117.89 -27.76
C PHE I 43 26.27 116.63 -28.52
N GLN I 44 24.98 116.33 -28.56
CA GLN I 44 24.49 115.15 -29.28
C GLN I 44 23.90 115.54 -30.63
N ALA I 45 24.34 116.67 -31.19
CA ALA I 45 23.99 117.03 -32.55
C ALA I 45 25.21 117.39 -33.39
N ARG I 46 26.41 117.09 -32.91
CA ARG I 46 27.64 117.40 -33.64
C ARG I 46 28.00 116.27 -34.61
N LYS I 47 28.85 116.57 -35.59
CA LYS I 47 29.28 115.56 -36.55
C LYS I 47 30.54 114.91 -36.02
N GLU I 48 30.48 113.61 -35.75
CA GLU I 48 31.60 112.82 -35.25
C GLU I 48 32.14 111.99 -36.41
N VAL I 49 33.45 112.10 -36.68
CA VAL I 49 34.07 111.26 -37.68
C VAL I 49 35.10 110.36 -37.01
N ALA I 50 34.96 109.05 -37.22
CA ALA I 50 35.82 108.05 -36.64
C ALA I 50 36.80 107.50 -37.67
N PHE I 51 38.07 107.38 -37.25
CA PHE I 51 39.15 106.84 -38.06
C PHE I 51 39.59 105.51 -37.48
N SER I 52 40.00 104.59 -38.36
CA SER I 52 40.46 103.29 -37.88
C SER I 52 41.46 102.70 -38.85
N VAL I 53 42.44 101.97 -38.31
CA VAL I 53 43.46 101.31 -39.12
C VAL I 53 43.48 99.81 -38.80
N LYS I 54 43.76 99.03 -39.83
CA LYS I 54 43.85 97.57 -39.78
C LYS I 54 45.06 97.15 -40.59
N VAL I 55 46.23 97.57 -40.10
CA VAL I 55 47.57 97.25 -40.62
C VAL I 55 47.70 95.78 -41.00
N PRO I 56 48.58 95.44 -41.94
CA PRO I 56 48.68 94.05 -42.43
C PRO I 56 49.22 93.11 -41.37
N LYS I 57 48.87 91.84 -41.54
CA LYS I 57 49.31 90.76 -40.65
C LYS I 57 49.89 89.65 -41.51
N VAL I 58 51.09 89.20 -41.16
CA VAL I 58 51.82 88.24 -41.99
C VAL I 58 51.09 86.91 -42.00
N SER I 59 50.52 86.56 -43.15
CA SER I 59 49.81 85.30 -43.33
C SER I 59 50.65 84.35 -44.19
N VAL I 60 50.11 83.17 -44.48
CA VAL I 60 50.71 82.23 -45.43
C VAL I 60 49.95 82.22 -46.75
N SER I 61 48.66 82.52 -46.70
CA SER I 61 47.79 82.79 -47.83
C SER I 61 48.04 84.23 -48.28
N ALA I 62 47.06 84.84 -48.96
CA ALA I 62 47.20 86.23 -49.42
C ALA I 62 48.27 86.33 -50.49
N PRO I 63 47.93 86.01 -51.74
CA PRO I 63 48.95 85.83 -52.78
C PRO I 63 49.71 87.12 -53.07
N GLY I 64 50.78 87.30 -52.31
CA GLY I 64 51.48 88.56 -52.16
C GLY I 64 52.09 88.61 -50.77
N GLY I 65 51.69 87.66 -49.93
CA GLY I 65 52.37 87.40 -48.68
C GLY I 65 51.56 87.61 -47.42
N PHE I 66 50.79 88.70 -47.36
CA PHE I 66 50.01 89.04 -46.18
C PHE I 66 48.84 89.93 -46.54
N THR I 67 47.89 90.02 -45.61
CA THR I 67 46.63 90.71 -45.82
C THR I 67 46.85 92.19 -46.12
N GLN I 68 45.83 92.78 -46.75
CA GLN I 68 45.89 94.20 -47.08
C GLN I 68 45.78 95.05 -45.83
N ALA I 69 46.20 96.31 -45.96
CA ALA I 69 46.12 97.30 -44.90
C ALA I 69 44.87 98.15 -45.11
N ARG I 70 43.86 97.97 -44.27
CA ARG I 70 42.63 98.70 -44.53
C ARG I 70 42.52 99.93 -43.61
N SER I 71 42.00 101.02 -44.17
CA SER I 71 41.83 102.28 -43.44
C SER I 71 40.38 102.70 -43.59
N THR I 72 39.69 102.92 -42.47
CA THR I 72 38.28 103.27 -42.49
C THR I 72 38.03 104.64 -41.90
N VAL I 73 37.10 105.37 -42.53
CA VAL I 73 36.62 106.66 -42.03
C VAL I 73 35.10 106.64 -42.08
N ILE I 74 34.46 106.85 -40.93
CA ILE I 74 33.00 106.96 -40.87
C ILE I 74 32.62 108.34 -40.39
N LEU I 75 31.86 109.07 -41.19
CA LEU I 75 31.39 110.40 -40.85
C LEU I 75 29.92 110.26 -40.45
N LYS I 76 29.62 110.64 -39.20
CA LYS I 76 28.27 110.52 -38.68
C LYS I 76 27.65 111.91 -38.54
N SER I 77 26.59 112.16 -39.30
CA SER I 77 25.88 113.43 -39.26
C SER I 77 24.50 113.21 -38.64
N PRO I 78 24.25 113.68 -37.43
CA PRO I 78 22.93 113.46 -36.82
C PRO I 78 21.86 114.33 -37.48
N LYS I 79 20.62 113.86 -37.40
CA LYS I 79 19.47 114.52 -37.99
C LYS I 79 18.26 114.36 -37.09
N THR I 80 17.51 115.45 -36.93
CA THR I 80 16.23 115.43 -36.23
C THR I 80 15.12 115.35 -37.27
N LEU I 81 14.32 114.29 -37.19
CA LEU I 81 13.24 114.09 -38.16
C LEU I 81 12.03 114.95 -37.81
N ALA I 82 11.11 115.04 -38.77
CA ALA I 82 9.86 115.77 -38.52
C ALA I 82 9.02 115.10 -37.44
N ASN I 83 8.99 113.77 -37.45
CA ASN I 83 8.27 113.04 -36.40
C ASN I 83 8.80 113.37 -35.02
N GLY I 84 10.05 113.78 -34.91
CA GLY I 84 10.57 114.24 -33.65
C GLY I 84 11.78 113.47 -33.16
N ASN I 85 11.88 112.20 -33.55
CA ASN I 85 12.99 111.38 -33.12
C ASN I 85 14.27 111.78 -33.86
N ARG I 86 15.36 111.10 -33.54
CA ARG I 86 16.68 111.40 -34.04
C ARG I 86 17.24 110.18 -34.76
N THR I 87 18.03 110.45 -35.79
CA THR I 87 18.68 109.39 -36.56
C THR I 87 20.07 109.91 -36.94
N VAL I 88 20.91 109.02 -37.45
CA VAL I 88 22.24 109.40 -37.90
C VAL I 88 22.41 109.00 -39.36
N ASN I 89 22.91 109.92 -40.17
CA ASN I 89 23.20 109.69 -41.58
C ASN I 89 24.71 109.53 -41.68
N THR I 90 25.16 108.37 -42.15
CA THR I 90 26.57 108.04 -42.11
C THR I 90 27.19 107.98 -43.50
N VAL I 91 28.50 108.23 -43.56
CA VAL I 91 29.27 108.09 -44.80
C VAL I 91 30.55 107.34 -44.48
N SER I 92 30.57 106.04 -44.76
CA SER I 92 31.75 105.24 -44.48
C SER I 92 32.63 105.11 -45.72
N ILE I 93 33.94 105.06 -45.49
CA ILE I 93 34.93 104.95 -46.56
C ILE I 93 36.01 103.98 -46.14
N GLN I 94 36.38 103.05 -47.02
CA GLN I 94 37.41 102.06 -46.72
C GLN I 94 38.43 102.01 -47.86
N LEU I 95 39.66 101.67 -47.51
CA LEU I 95 40.80 101.72 -48.43
C LEU I 95 41.61 100.42 -48.34
N SER I 96 40.94 99.28 -48.53
CA SER I 96 41.60 97.99 -48.50
C SER I 96 42.56 97.89 -49.69
N VAL I 97 43.83 98.18 -49.42
CA VAL I 97 44.86 98.10 -50.44
C VAL I 97 45.98 97.18 -49.96
N ASP I 98 46.58 96.46 -50.91
CA ASP I 98 47.65 95.54 -50.57
C ASP I 98 48.87 96.33 -50.09
N PRO I 99 49.55 95.86 -49.05
CA PRO I 99 50.61 96.67 -48.42
C PRO I 99 51.78 97.00 -49.32
N GLU I 100 51.96 96.28 -50.43
CA GLU I 100 53.02 96.57 -51.38
C GLU I 100 52.70 97.78 -52.25
N THR I 101 51.51 98.35 -52.12
CA THR I 101 51.08 99.44 -52.98
C THR I 101 51.86 100.72 -52.69
N THR I 102 52.33 101.36 -53.75
CA THR I 102 53.04 102.62 -53.62
C THR I 102 52.08 103.76 -53.30
N ALA I 103 52.64 104.86 -52.81
CA ALA I 103 51.83 106.01 -52.41
C ALA I 103 51.28 106.78 -53.60
N ALA I 104 51.92 106.70 -54.76
CA ALA I 104 51.42 107.41 -55.94
C ALA I 104 50.10 106.83 -56.40
N GLU I 105 50.00 105.50 -56.50
CA GLU I 105 48.74 104.89 -56.92
C GLU I 105 47.69 104.98 -55.83
N VAL I 106 48.10 105.02 -54.56
CA VAL I 106 47.15 105.30 -53.49
C VAL I 106 46.56 106.68 -53.66
N THR I 107 47.40 107.67 -53.96
CA THR I 107 46.90 109.02 -54.22
C THR I 107 45.98 109.04 -55.43
N THR I 108 46.34 108.30 -56.47
CA THR I 108 45.48 108.20 -57.66
C THR I 108 44.11 107.65 -57.30
N MET I 109 44.09 106.58 -56.50
CA MET I 109 42.84 105.96 -56.07
C MET I 109 42.02 106.93 -55.21
N LEU I 110 42.68 107.64 -54.31
CA LEU I 110 41.97 108.56 -53.43
C LEU I 110 41.37 109.72 -54.22
N ASN I 111 42.09 110.20 -55.23
CA ASN I 111 41.57 111.27 -56.07
C ASN I 111 40.41 110.77 -56.93
N ALA I 112 40.53 109.57 -57.49
CA ALA I 112 39.45 109.02 -58.31
C ALA I 112 38.20 108.79 -57.49
N ALA I 113 38.33 108.19 -56.30
CA ALA I 113 37.21 107.99 -55.40
C ALA I 113 36.61 109.30 -54.90
N ALA I 114 37.45 110.27 -54.54
CA ALA I 114 36.95 111.56 -54.10
C ALA I 114 36.48 112.41 -55.27
N GLN I 115 36.81 112.04 -56.50
CA GLN I 115 36.23 112.70 -57.67
C GLN I 115 34.76 112.33 -57.83
N LEU I 116 34.38 111.12 -57.44
CA LEU I 116 33.00 110.82 -57.12
C LEU I 116 32.64 111.59 -55.85
N LEU I 117 31.36 111.58 -55.50
CA LEU I 117 30.83 112.23 -54.30
C LEU I 117 30.76 113.76 -54.45
N PHE I 118 31.36 114.34 -55.48
CA PHE I 118 31.16 115.76 -55.69
C PHE I 118 30.98 116.09 -57.16
N ASP I 119 31.26 115.12 -58.04
CA ASP I 119 31.02 115.32 -59.45
C ASP I 119 29.52 115.43 -59.71
N SER I 120 29.17 116.27 -60.68
CA SER I 120 27.76 116.52 -60.98
C SER I 120 27.06 115.31 -61.56
N ASP I 121 27.79 114.41 -62.22
CA ASP I 121 27.16 113.24 -62.84
C ASP I 121 26.50 112.34 -61.81
N TYR I 122 27.14 112.18 -60.65
CA TYR I 122 26.68 111.25 -59.62
C TYR I 122 25.78 111.90 -58.59
N SER I 123 25.41 113.17 -58.77
CA SER I 123 24.49 113.84 -57.87
C SER I 123 23.19 113.07 -57.70
N ASP I 124 22.58 112.66 -58.82
CA ASP I 124 21.31 111.95 -58.77
C ASP I 124 21.49 110.56 -58.14
N PHE I 125 22.63 109.92 -58.39
CA PHE I 125 22.90 108.63 -57.78
C PHE I 125 22.99 108.74 -56.27
N TRP I 126 23.72 109.72 -55.77
CA TRP I 126 23.87 109.88 -54.33
C TRP I 126 22.59 110.37 -53.67
N LYS I 127 21.80 111.20 -54.34
CA LYS I 127 20.64 111.83 -53.73
C LYS I 127 19.37 111.00 -53.94
N ALA I 128 18.97 110.75 -55.17
CA ALA I 128 17.74 110.02 -55.46
C ALA I 128 17.96 108.55 -55.74
N GLN I 129 19.20 108.05 -55.63
CA GLN I 129 19.53 106.65 -55.93
C GLN I 129 19.22 106.29 -57.38
N ALA I 130 19.42 107.26 -58.27
CA ALA I 130 19.19 107.06 -59.70
C ALA I 130 20.38 106.32 -60.30
N LEU I 131 20.33 104.99 -60.17
CA LEU I 131 21.35 104.13 -60.78
C LEU I 131 21.34 104.32 -62.29
N ALA I 132 20.21 103.99 -62.91
CA ALA I 132 20.05 104.20 -64.33
C ALA I 132 19.66 105.66 -64.59
N ALA J 1 117.96 -43.09 34.77
CA ALA J 1 119.23 -42.65 35.34
C ALA J 1 119.01 -41.44 36.23
N ILE J 2 117.81 -40.90 36.19
CA ILE J 2 117.40 -39.88 37.15
C ILE J 2 116.92 -40.60 38.40
N ALA J 3 117.84 -40.89 39.30
CA ALA J 3 117.53 -41.63 40.51
C ALA J 3 118.60 -41.36 41.55
N ASN J 4 119.59 -42.22 41.63
CA ASN J 4 120.78 -41.90 42.41
C ASN J 4 121.87 -41.41 41.48
N SER J 5 121.65 -40.26 40.85
CA SER J 5 122.63 -39.64 39.96
C SER J 5 123.69 -38.91 40.76
N SER J 6 124.46 -38.05 40.10
CA SER J 6 125.44 -37.24 40.82
C SER J 6 125.66 -35.94 40.07
N ILE J 7 125.72 -34.84 40.81
CA ILE J 7 125.92 -33.52 40.25
C ILE J 7 126.82 -32.72 41.19
N ALA J 8 127.85 -32.08 40.63
CA ALA J 8 128.74 -31.24 41.42
C ALA J 8 128.11 -29.86 41.59
N ILE J 9 128.00 -29.41 42.83
CA ILE J 9 127.40 -28.11 43.14
C ILE J 9 128.50 -27.14 43.52
N ASP J 10 128.42 -25.92 42.98
CA ASP J 10 129.45 -24.90 43.15
C ASP J 10 130.79 -25.37 42.58
N SER J 11 130.79 -25.67 41.29
CA SER J 11 131.96 -26.17 40.59
C SER J 11 132.13 -25.44 39.27
N THR J 12 133.36 -25.45 38.75
CA THR J 12 133.67 -24.81 37.49
C THR J 12 133.54 -25.82 36.34
N ALA J 13 132.88 -25.39 35.27
CA ALA J 13 132.68 -26.21 34.08
C ALA J 13 133.62 -25.76 32.98
N SER J 14 134.08 -26.72 32.18
CA SER J 14 135.05 -26.46 31.14
C SER J 14 134.67 -27.25 29.89
N VAL J 15 135.30 -26.87 28.78
CA VAL J 15 135.02 -27.48 27.47
C VAL J 15 136.36 -27.73 26.78
N THR J 16 136.52 -28.93 26.24
CA THR J 16 137.71 -29.29 25.48
C THR J 16 137.32 -29.82 24.10
N GLY J 17 138.19 -29.57 23.13
CA GLY J 17 137.96 -30.07 21.79
C GLY J 17 136.90 -29.28 21.05
N GLY J 18 136.29 -29.92 20.06
CA GLY J 18 135.29 -29.28 19.24
C GLY J 18 135.90 -28.27 18.28
N THR J 19 135.02 -27.48 17.68
CA THR J 19 135.42 -26.46 16.71
C THR J 19 134.85 -25.13 17.16
N ALA J 20 135.73 -24.20 17.55
CA ALA J 20 135.32 -22.89 18.01
C ALA J 20 134.64 -22.11 16.90
N ARG J 21 133.34 -21.88 17.04
CA ARG J 21 132.57 -21.09 16.09
C ARG J 21 132.47 -19.65 16.59
N THR J 22 131.61 -18.85 15.97
CA THR J 22 131.44 -17.46 16.36
C THR J 22 129.96 -17.10 16.27
N VAL J 23 129.45 -16.40 17.27
CA VAL J 23 128.05 -16.01 17.31
C VAL J 23 127.95 -14.62 16.70
N LYS J 24 127.50 -14.58 15.44
CA LYS J 24 127.36 -13.32 14.74
C LYS J 24 125.98 -12.72 15.00
N GLU J 25 125.96 -11.47 15.45
CA GLU J 25 124.72 -10.81 15.82
C GLU J 25 124.01 -10.28 14.59
N LEU J 26 122.69 -10.49 14.54
CA LEU J 26 121.94 -10.19 13.34
C LEU J 26 121.05 -8.97 13.59
N VAL J 27 120.14 -9.04 14.56
CA VAL J 27 119.20 -7.95 14.82
C VAL J 27 119.01 -7.82 16.33
N ARG J 28 118.86 -6.59 16.80
CA ARG J 28 118.80 -6.29 18.22
C ARG J 28 117.62 -5.34 18.44
N ASN J 29 116.48 -5.87 18.89
CA ASN J 29 115.29 -5.04 19.04
C ASN J 29 114.35 -5.66 20.06
N ASN J 30 113.49 -4.82 20.63
CA ASN J 30 112.36 -5.25 21.44
C ASN J 30 112.80 -6.19 22.56
N SER J 31 113.89 -5.83 23.24
CA SER J 31 114.47 -6.63 24.31
C SER J 31 114.92 -8.00 23.82
N GLU J 32 115.21 -8.11 22.53
CA GLU J 32 115.61 -9.37 21.90
C GLU J 32 116.84 -9.14 21.05
N LEU J 33 117.71 -10.14 21.01
CA LEU J 33 118.93 -10.15 20.20
C LEU J 33 118.93 -11.47 19.43
N ASN J 34 118.68 -11.37 18.13
CA ASN J 34 118.79 -12.53 17.26
C ASN J 34 120.19 -12.62 16.70
N ALA J 35 120.77 -13.82 16.74
CA ALA J 35 122.11 -14.03 16.22
C ALA J 35 122.16 -15.41 15.60
N TYR J 36 123.29 -15.74 14.99
CA TYR J 36 123.45 -17.05 14.37
C TYR J 36 124.86 -17.54 14.62
N ILE J 37 125.00 -18.84 14.84
CA ILE J 37 126.30 -19.47 14.97
C ILE J 37 126.86 -19.69 13.56
N ASP J 38 128.10 -19.28 13.35
CA ASP J 38 128.71 -19.28 12.03
C ASP J 38 129.53 -20.56 11.91
N GLU J 39 129.02 -21.53 11.14
CA GLU J 39 129.74 -22.76 10.83
C GLU J 39 130.00 -22.92 9.35
N GLY J 40 129.81 -21.87 8.56
CA GLY J 40 129.97 -21.97 7.12
C GLY J 40 128.92 -22.86 6.50
N LEU J 41 127.67 -22.67 6.91
CA LEU J 41 126.54 -23.44 6.40
C LEU J 41 125.65 -22.53 5.55
N SER J 42 124.63 -23.12 4.95
CA SER J 42 123.67 -22.37 4.15
C SER J 42 122.70 -21.65 5.08
N PHE J 43 121.96 -20.69 4.52
CA PHE J 43 121.01 -19.93 5.32
C PHE J 43 119.87 -20.79 5.85
N GLN J 44 119.43 -21.79 5.07
CA GLN J 44 118.35 -22.67 5.49
C GLN J 44 118.76 -23.66 6.57
N ALA J 45 120.06 -23.88 6.78
CA ALA J 45 120.52 -24.68 7.91
C ALA J 45 121.59 -23.88 8.64
N ARG J 46 121.15 -22.97 9.50
CA ARG J 46 122.03 -22.18 10.35
C ARG J 46 121.92 -22.70 11.78
N LYS J 47 122.45 -22.01 12.79
CA LYS J 47 122.24 -22.37 14.18
C LYS J 47 121.76 -21.14 14.94
N GLU J 48 120.71 -20.49 14.42
CA GLU J 48 120.21 -19.26 15.00
C GLU J 48 119.91 -19.41 16.49
N VAL J 49 120.31 -18.39 17.27
CA VAL J 49 120.07 -18.35 18.70
C VAL J 49 119.53 -16.97 19.06
N ALA J 50 118.47 -16.95 19.85
CA ALA J 50 117.81 -15.72 20.28
C ALA J 50 117.96 -15.53 21.78
N PHE J 51 118.43 -14.35 22.17
CA PHE J 51 118.59 -13.96 23.57
C PHE J 51 117.51 -12.93 23.89
N SER J 52 116.76 -13.17 24.95
CA SER J 52 115.69 -12.27 25.33
C SER J 52 115.80 -11.95 26.83
N VAL J 53 115.37 -10.74 27.18
CA VAL J 53 115.46 -10.27 28.56
C VAL J 53 114.11 -9.66 28.94
N LYS J 54 113.67 -10.00 30.16
CA LYS J 54 112.41 -9.52 30.74
C LYS J 54 112.73 -8.93 32.10
N VAL J 55 112.79 -7.60 32.17
CA VAL J 55 113.23 -6.87 33.35
C VAL J 55 112.13 -6.84 34.40
N PRO J 56 112.48 -6.79 35.69
CA PRO J 56 111.44 -6.75 36.73
C PRO J 56 110.72 -5.41 36.78
N LYS J 57 109.45 -5.46 37.17
CA LYS J 57 108.64 -4.27 37.38
C LYS J 57 108.03 -4.32 38.77
N VAL J 58 107.69 -3.13 39.29
CA VAL J 58 107.14 -3.02 40.64
C VAL J 58 105.78 -3.70 40.69
N SER J 59 105.51 -4.39 41.79
CA SER J 59 104.24 -5.08 42.00
C SER J 59 103.79 -4.89 43.45
N VAL J 60 102.62 -5.42 43.77
CA VAL J 60 102.14 -5.44 45.14
C VAL J 60 102.15 -6.85 45.71
N SER J 61 101.86 -7.85 44.90
CA SER J 61 102.09 -9.26 45.19
C SER J 61 103.57 -9.53 44.93
N ALA J 62 103.93 -10.81 44.74
CA ALA J 62 105.31 -11.16 44.42
C ALA J 62 106.21 -10.84 45.60
N PRO J 63 106.32 -11.73 46.57
CA PRO J 63 106.68 -11.33 47.94
C PRO J 63 108.10 -10.77 48.05
N GLY J 64 108.20 -9.46 47.86
CA GLY J 64 109.46 -8.76 47.68
C GLY J 64 109.28 -7.56 46.77
N GLY J 65 108.09 -7.44 46.18
CA GLY J 65 107.68 -6.22 45.53
C GLY J 65 107.82 -6.20 44.03
N PHE J 66 108.72 -7.01 43.50
CA PHE J 66 108.98 -7.02 42.07
C PHE J 66 108.73 -8.40 41.48
N THR J 67 108.32 -8.40 40.22
CA THR J 67 108.30 -9.63 39.44
C THR J 67 109.73 -10.10 39.20
N GLN J 68 109.86 -11.33 38.74
CA GLN J 68 111.18 -11.91 38.57
C GLN J 68 111.83 -11.42 37.28
N ALA J 69 113.16 -11.33 37.31
CA ALA J 69 113.95 -11.01 36.13
C ALA J 69 114.14 -12.30 35.34
N ARG J 70 113.72 -12.30 34.08
CA ARG J 70 113.82 -13.48 33.23
C ARG J 70 114.83 -13.28 32.12
N SER J 71 115.60 -14.32 31.84
CA SER J 71 116.58 -14.31 30.74
C SER J 71 116.38 -15.61 29.97
N THR J 72 116.03 -15.50 28.69
CA THR J 72 115.70 -16.66 27.89
C THR J 72 116.66 -16.79 26.71
N VAL J 73 117.13 -18.01 26.47
CA VAL J 73 117.93 -18.30 25.30
C VAL J 73 117.29 -19.44 24.54
N ILE J 74 117.00 -19.21 23.25
CA ILE J 74 116.49 -20.27 22.39
C ILE J 74 117.48 -20.54 21.28
N LEU J 75 117.95 -21.78 21.21
CA LEU J 75 118.85 -22.23 20.15
C LEU J 75 118.03 -23.05 19.16
N LYS J 76 118.07 -22.66 17.89
CA LYS J 76 117.33 -23.37 16.86
C LYS J 76 118.28 -24.16 15.97
N SER J 77 117.93 -25.42 15.73
CA SER J 77 118.77 -26.33 14.95
C SER J 77 117.94 -26.92 13.82
N PRO J 78 118.03 -26.37 12.61
CA PRO J 78 117.30 -26.94 11.47
C PRO J 78 117.73 -28.35 11.11
N LYS J 79 116.76 -29.25 11.01
CA LYS J 79 116.98 -30.61 10.54
C LYS J 79 116.19 -30.84 9.26
N THR J 80 116.80 -31.59 8.33
CA THR J 80 116.16 -32.00 7.10
C THR J 80 115.80 -33.47 7.21
N LEU J 81 114.53 -33.79 6.94
CA LEU J 81 114.02 -35.12 7.18
C LEU J 81 114.22 -36.00 5.95
N ALA J 82 113.82 -37.27 6.09
CA ALA J 82 113.99 -38.22 5.00
C ALA J 82 113.18 -37.81 3.78
N ASN J 83 111.92 -37.43 3.99
CA ASN J 83 111.08 -37.00 2.88
C ASN J 83 111.61 -35.70 2.27
N GLY J 84 112.12 -34.81 3.10
CA GLY J 84 112.71 -33.58 2.58
C GLY J 84 112.14 -32.32 3.18
N ASN J 85 111.11 -32.45 4.00
CA ASN J 85 110.59 -31.29 4.72
C ASN J 85 111.60 -30.83 5.76
N ARG J 86 111.61 -29.52 6.01
CA ARG J 86 112.52 -28.93 6.97
C ARG J 86 111.80 -28.67 8.29
N THR J 87 112.37 -29.18 9.38
CA THR J 87 111.88 -28.90 10.71
C THR J 87 112.96 -28.16 11.46
N VAL J 88 112.57 -27.47 12.53
CA VAL J 88 113.51 -26.79 13.42
C VAL J 88 113.41 -27.43 14.79
N ASN J 89 114.56 -27.86 15.32
CA ASN J 89 114.64 -28.45 16.64
C ASN J 89 115.26 -27.40 17.57
N THR J 90 114.60 -27.13 18.68
CA THR J 90 114.98 -26.02 19.54
C THR J 90 115.36 -26.48 20.95
N VAL J 91 116.18 -25.67 21.60
CA VAL J 91 116.45 -25.80 23.03
C VAL J 91 116.19 -24.45 23.70
N SER J 92 115.28 -24.42 24.66
CA SER J 92 115.00 -23.20 25.39
C SER J 92 115.62 -23.26 26.78
N ILE J 93 116.22 -22.14 27.20
CA ILE J 93 116.81 -22.01 28.53
C ILE J 93 116.29 -20.70 29.09
N GLN J 94 115.41 -20.80 30.09
CA GLN J 94 114.82 -19.63 30.73
C GLN J 94 115.19 -19.62 32.20
N LEU J 95 115.83 -18.55 32.64
CA LEU J 95 116.22 -18.37 34.04
C LEU J 95 115.41 -17.21 34.61
N SER J 96 114.65 -17.49 35.67
CA SER J 96 113.86 -16.48 36.36
C SER J 96 114.38 -16.36 37.79
N VAL J 97 114.94 -15.20 38.12
CA VAL J 97 115.46 -14.97 39.47
C VAL J 97 114.81 -13.74 40.06
N ASP J 98 114.53 -13.80 41.36
CA ASP J 98 114.11 -12.62 42.09
C ASP J 98 115.25 -11.60 42.08
N PRO J 99 114.93 -10.31 41.97
CA PRO J 99 116.00 -9.30 41.89
C PRO J 99 116.89 -9.25 43.12
N GLU J 100 116.46 -9.78 44.26
CA GLU J 100 117.33 -9.82 45.43
C GLU J 100 118.44 -10.86 45.30
N THR J 101 118.37 -11.73 44.30
CA THR J 101 119.31 -12.85 44.20
C THR J 101 120.71 -12.36 43.88
N THR J 102 121.69 -12.86 44.64
CA THR J 102 123.07 -12.48 44.45
C THR J 102 123.67 -13.19 43.23
N ALA J 103 124.85 -12.73 42.83
CA ALA J 103 125.48 -13.31 41.65
C ALA J 103 126.00 -14.72 41.91
N ALA J 104 126.39 -15.01 43.15
CA ALA J 104 126.83 -16.36 43.49
C ALA J 104 125.69 -17.37 43.40
N GLU J 105 124.50 -16.99 43.87
CA GLU J 105 123.34 -17.89 43.76
C GLU J 105 122.96 -18.13 42.31
N VAL J 106 123.11 -17.11 41.45
CA VAL J 106 122.83 -17.30 40.03
C VAL J 106 123.90 -18.19 39.40
N THR J 107 125.17 -18.02 39.79
CA THR J 107 126.23 -18.86 39.26
C THR J 107 126.02 -20.32 39.64
N THR J 108 125.61 -20.57 40.88
CA THR J 108 125.35 -21.95 41.30
C THR J 108 124.24 -22.58 40.48
N MET J 109 123.15 -21.84 40.26
CA MET J 109 122.04 -22.35 39.46
C MET J 109 122.48 -22.63 38.02
N LEU J 110 123.24 -21.69 37.44
CA LEU J 110 123.69 -21.86 36.07
C LEU J 110 124.58 -23.09 35.94
N ASN J 111 125.49 -23.28 36.88
CA ASN J 111 126.39 -24.42 36.80
C ASN J 111 125.67 -25.73 37.01
N ALA J 112 124.73 -25.80 37.96
CA ALA J 112 123.96 -27.02 38.15
C ALA J 112 123.09 -27.34 36.94
N ALA J 113 122.45 -26.32 36.36
CA ALA J 113 121.64 -26.53 35.17
C ALA J 113 122.49 -26.97 33.98
N ALA J 114 123.74 -26.52 33.92
CA ALA J 114 124.62 -26.93 32.82
C ALA J 114 124.86 -28.44 32.86
N GLN J 115 125.23 -28.97 34.03
CA GLN J 115 125.40 -30.42 34.16
C GLN J 115 124.08 -31.16 34.05
N LEU J 116 122.96 -30.51 34.32
CA LEU J 116 121.66 -31.19 34.14
C LEU J 116 121.45 -31.60 32.69
N LEU J 117 122.12 -30.95 31.74
CA LEU J 117 121.90 -31.27 30.32
C LEU J 117 123.19 -31.69 29.62
N PHE J 118 124.24 -32.00 30.35
CA PHE J 118 125.39 -32.68 29.73
C PHE J 118 125.94 -33.86 30.52
N ASP J 119 125.49 -34.11 31.74
CA ASP J 119 125.95 -35.28 32.49
C ASP J 119 125.47 -36.56 31.82
N SER J 120 126.27 -37.63 31.96
CA SER J 120 126.09 -38.82 31.15
C SER J 120 124.80 -39.57 31.51
N ASP J 121 124.33 -39.44 32.74
CA ASP J 121 123.11 -40.13 33.16
C ASP J 121 121.89 -39.61 32.40
N TYR J 122 121.69 -38.30 32.46
CA TYR J 122 120.52 -37.68 31.86
C TYR J 122 120.53 -37.83 30.35
N SER J 123 121.59 -38.43 29.81
CA SER J 123 121.60 -38.79 28.40
C SER J 123 120.41 -39.65 28.04
N ASP J 124 119.99 -40.53 28.94
CA ASP J 124 118.80 -41.32 28.64
C ASP J 124 117.52 -40.49 28.69
N PHE J 125 117.47 -39.44 29.50
CA PHE J 125 116.29 -38.61 29.59
C PHE J 125 116.11 -37.70 28.39
N TRP J 126 117.20 -37.11 27.90
CA TRP J 126 117.12 -36.18 26.77
C TRP J 126 116.92 -36.88 25.44
N LYS J 127 117.60 -38.01 25.23
CA LYS J 127 117.53 -38.72 23.95
C LYS J 127 116.42 -39.77 23.94
N ALA J 128 116.48 -40.73 24.87
CA ALA J 128 115.48 -41.79 24.92
C ALA J 128 114.17 -41.35 25.56
N GLN J 129 114.13 -40.16 26.16
CA GLN J 129 112.93 -39.65 26.82
C GLN J 129 112.51 -40.59 27.95
N ALA J 130 113.51 -41.10 28.68
CA ALA J 130 113.33 -42.14 29.69
C ALA J 130 113.45 -41.52 31.08
N LEU J 131 112.35 -41.51 31.82
CA LEU J 131 112.33 -40.91 33.15
C LEU J 131 113.15 -41.70 34.15
N ALA J 132 113.16 -43.01 34.03
CA ALA J 132 113.98 -43.82 34.93
C ALA J 132 114.70 -44.94 34.18
N ALA K 1 130.34 -9.97 25.00
CA ALA K 1 129.19 -10.75 25.43
C ALA K 1 128.51 -11.40 24.23
N ILE K 2 127.20 -11.25 24.14
CA ILE K 2 126.47 -11.73 22.97
C ILE K 2 126.71 -10.77 21.82
N ALA K 3 127.66 -11.11 20.94
CA ALA K 3 128.08 -10.23 19.87
C ALA K 3 129.14 -10.89 19.01
N ASN K 4 130.24 -11.31 19.63
CA ASN K 4 131.34 -11.98 18.95
C ASN K 4 131.83 -13.19 19.75
N SER K 5 130.99 -13.72 20.63
CA SER K 5 131.39 -14.81 21.49
C SER K 5 131.60 -16.09 20.68
N SER K 6 132.52 -16.93 21.16
CA SER K 6 132.88 -18.19 20.50
C SER K 6 132.29 -19.35 21.30
N ILE K 7 131.67 -20.29 20.60
CA ILE K 7 131.12 -21.49 21.20
C ILE K 7 131.71 -22.71 20.49
N ALA K 8 132.25 -23.64 21.27
CA ALA K 8 132.93 -24.81 20.70
C ALA K 8 131.90 -25.88 20.36
N ILE K 9 131.52 -25.95 19.10
CA ILE K 9 130.52 -26.92 18.65
C ILE K 9 131.12 -28.32 18.65
N ASP K 10 130.34 -29.29 19.13
CA ASP K 10 130.72 -30.70 19.18
C ASP K 10 132.00 -30.91 19.99
N SER K 11 132.05 -30.27 21.14
CA SER K 11 133.14 -30.43 22.10
C SER K 11 132.68 -31.31 23.26
N THR K 12 133.56 -31.50 24.23
CA THR K 12 133.27 -32.27 25.42
C THR K 12 133.29 -31.34 26.63
N ALA K 13 132.20 -31.32 27.38
CA ALA K 13 132.07 -30.46 28.56
C ALA K 13 132.24 -31.30 29.81
N SER K 14 133.05 -30.80 30.74
CA SER K 14 133.35 -31.50 31.99
C SER K 14 133.22 -30.53 33.17
N VAL K 15 133.43 -31.06 34.36
CA VAL K 15 133.30 -30.33 35.61
C VAL K 15 134.45 -30.70 36.53
N THR K 16 135.01 -29.70 37.22
CA THR K 16 136.04 -29.93 38.21
C THR K 16 135.68 -29.19 39.49
N GLY K 17 136.16 -29.70 40.63
CA GLY K 17 135.86 -29.08 41.90
C GLY K 17 134.42 -29.35 42.32
N GLY K 18 134.00 -28.61 43.35
CA GLY K 18 132.64 -28.69 43.84
C GLY K 18 132.38 -29.87 44.74
N THR K 19 131.14 -29.94 45.21
CA THR K 19 130.66 -31.04 46.03
C THR K 19 129.68 -31.89 45.22
N ALA K 20 129.85 -33.21 45.31
CA ALA K 20 129.05 -34.16 44.55
C ALA K 20 127.81 -34.51 45.37
N ARG K 21 126.66 -34.05 44.90
CA ARG K 21 125.39 -34.40 45.53
C ARG K 21 124.69 -35.49 44.73
N THR K 22 123.78 -36.20 45.40
CA THR K 22 123.25 -37.44 44.86
C THR K 22 122.02 -37.22 43.98
N VAL K 23 121.16 -36.28 44.35
CA VAL K 23 119.84 -36.10 43.73
C VAL K 23 118.98 -37.31 44.09
N LYS K 24 117.84 -37.07 44.72
CA LYS K 24 116.97 -38.14 45.21
C LYS K 24 115.57 -37.90 44.69
N GLU K 25 114.95 -38.95 44.15
CA GLU K 25 113.59 -38.82 43.63
C GLU K 25 112.60 -38.67 44.77
N LEU K 26 111.67 -37.72 44.61
CA LEU K 26 110.61 -37.54 45.60
C LEU K 26 109.32 -38.25 45.19
N VAL K 27 108.74 -37.84 44.07
CA VAL K 27 107.41 -38.27 43.64
C VAL K 27 107.46 -38.48 42.14
N ARG K 28 106.59 -39.37 41.66
CA ARG K 28 106.54 -39.72 40.25
C ARG K 28 105.11 -39.46 39.77
N ASN K 29 104.81 -39.93 38.56
CA ASN K 29 103.50 -39.81 37.93
C ASN K 29 103.24 -38.41 37.39
N ASN K 30 102.78 -38.34 36.14
CA ASN K 30 102.88 -39.43 35.19
C ASN K 30 103.47 -38.80 33.95
N SER K 31 104.55 -39.39 33.45
CA SER K 31 105.46 -38.71 32.54
C SER K 31 105.99 -37.44 33.19
N GLU K 32 106.25 -37.55 34.49
CA GLU K 32 106.75 -36.44 35.29
C GLU K 32 107.48 -36.95 36.53
N LEU K 33 108.79 -36.71 36.60
CA LEU K 33 109.56 -37.06 37.78
C LEU K 33 109.82 -35.82 38.63
N ASN K 34 109.86 -36.01 39.94
CA ASN K 34 110.23 -34.97 40.89
C ASN K 34 111.36 -35.50 41.76
N ALA K 35 112.45 -34.76 41.83
CA ALA K 35 113.60 -35.16 42.61
C ALA K 35 114.05 -33.96 43.44
N TYR K 36 115.14 -34.14 44.20
CA TYR K 36 115.72 -33.03 44.94
C TYR K 36 117.20 -33.32 45.12
N ILE K 37 118.01 -32.26 45.09
CA ILE K 37 119.45 -32.39 45.28
C ILE K 37 119.73 -32.34 46.78
N ASP K 38 120.24 -33.44 47.33
CA ASP K 38 120.46 -33.56 48.76
C ASP K 38 121.81 -32.98 49.13
N GLU K 39 121.81 -31.83 49.80
CA GLU K 39 123.02 -31.18 50.27
C GLU K 39 122.98 -31.00 51.79
N GLY K 40 122.19 -31.81 52.47
CA GLY K 40 122.01 -31.64 53.91
C GLY K 40 121.35 -30.34 54.28
N LEU K 41 120.34 -29.92 53.52
CA LEU K 41 119.62 -28.70 53.79
C LEU K 41 118.23 -29.02 54.31
N SER K 42 117.54 -27.99 54.79
CA SER K 42 116.21 -28.17 55.34
C SER K 42 115.18 -28.42 54.23
N PHE K 43 113.96 -28.71 54.65
CA PHE K 43 112.90 -29.05 53.69
C PHE K 43 112.51 -27.85 52.83
N GLN K 44 112.59 -26.64 53.36
CA GLN K 44 112.23 -25.46 52.60
C GLN K 44 113.40 -24.88 51.81
N ALA K 45 114.62 -25.37 52.04
CA ALA K 45 115.81 -24.81 51.42
C ALA K 45 116.47 -25.79 50.44
N ARG K 46 115.78 -26.86 50.08
CA ARG K 46 116.34 -27.86 49.19
C ARG K 46 116.06 -27.50 47.73
N LYS K 47 116.89 -28.02 46.84
CA LYS K 47 116.91 -27.61 45.44
C LYS K 47 115.67 -28.04 44.66
N GLU K 48 115.36 -29.34 44.66
CA GLU K 48 114.15 -29.85 44.01
C GLU K 48 114.04 -29.64 42.50
N VAL K 49 114.86 -30.36 41.73
CA VAL K 49 114.75 -30.37 40.27
C VAL K 49 113.63 -31.31 39.86
N ALA K 50 112.82 -30.90 38.88
CA ALA K 50 111.74 -31.70 38.33
C ALA K 50 111.98 -32.03 36.86
N PHE K 51 111.51 -33.21 36.45
CA PHE K 51 111.71 -33.73 35.10
C PHE K 51 110.37 -34.03 34.46
N SER K 52 110.09 -33.41 33.33
CA SER K 52 108.85 -33.63 32.59
C SER K 52 109.16 -34.23 31.23
N VAL K 53 108.14 -34.80 30.60
CA VAL K 53 108.30 -35.47 29.30
C VAL K 53 107.00 -35.42 28.53
N LYS K 54 107.07 -35.08 27.25
CA LYS K 54 105.93 -35.14 26.32
C LYS K 54 106.35 -36.03 25.16
N VAL K 55 105.74 -37.21 25.07
CA VAL K 55 106.16 -38.20 24.07
C VAL K 55 105.72 -37.73 22.69
N PRO K 56 106.36 -38.18 21.61
CA PRO K 56 105.91 -37.78 20.26
C PRO K 56 104.53 -38.32 19.96
N LYS K 57 103.64 -37.44 19.53
CA LYS K 57 102.25 -37.77 19.25
C LYS K 57 102.04 -37.86 17.75
N VAL K 58 101.26 -38.85 17.32
CA VAL K 58 101.07 -39.09 15.89
C VAL K 58 100.11 -38.04 15.33
N SER K 59 100.66 -36.98 14.76
CA SER K 59 99.85 -35.97 14.07
C SER K 59 99.74 -36.31 12.60
N VAL K 60 99.25 -35.36 11.80
CA VAL K 60 99.14 -35.58 10.35
C VAL K 60 99.87 -34.46 9.61
N SER K 61 99.54 -33.21 9.93
CA SER K 61 100.07 -32.07 9.20
C SER K 61 101.32 -31.52 9.89
N ALA K 62 102.33 -32.37 9.97
CA ALA K 62 103.59 -32.00 10.59
C ALA K 62 104.74 -32.59 9.79
N PRO K 63 105.92 -31.98 9.84
CA PRO K 63 107.10 -32.61 9.24
C PRO K 63 107.37 -33.96 9.87
N GLY K 64 107.70 -34.94 9.03
CA GLY K 64 107.99 -36.27 9.52
C GLY K 64 106.73 -37.08 9.77
N GLY K 65 105.67 -36.42 10.23
CA GLY K 65 104.41 -37.07 10.48
C GLY K 65 103.91 -36.88 11.91
N PHE K 66 104.81 -36.95 12.89
CA PHE K 66 104.40 -36.85 14.28
C PHE K 66 104.69 -35.45 14.81
N THR K 67 104.21 -35.17 16.03
CA THR K 67 104.63 -33.99 16.76
C THR K 67 106.01 -34.22 17.35
N GLN K 68 106.52 -33.21 18.04
CA GLN K 68 107.88 -33.25 18.53
C GLN K 68 107.97 -33.91 19.89
N ALA K 69 109.15 -34.43 20.20
CA ALA K 69 109.44 -35.06 21.49
C ALA K 69 109.93 -33.98 22.45
N ARG K 70 109.01 -33.48 23.27
CA ARG K 70 109.35 -32.46 24.26
C ARG K 70 109.94 -33.12 25.51
N SER K 71 110.92 -32.45 26.11
CA SER K 71 111.58 -32.95 27.31
C SER K 71 111.99 -31.75 28.14
N THR K 72 111.38 -31.60 29.31
CA THR K 72 111.57 -30.41 30.14
C THR K 72 112.22 -30.76 31.47
N VAL K 73 113.10 -29.88 31.93
CA VAL K 73 113.71 -29.95 33.26
C VAL K 73 113.54 -28.58 33.88
N ILE K 74 113.10 -28.52 35.13
CA ILE K 74 113.03 -27.28 35.88
C ILE K 74 113.79 -27.45 37.18
N LEU K 75 114.89 -26.72 37.32
CA LEU K 75 115.64 -26.67 38.58
C LEU K 75 115.06 -25.54 39.41
N LYS K 76 114.62 -25.86 40.62
CA LYS K 76 114.11 -24.85 41.54
C LYS K 76 115.20 -24.51 42.54
N SER K 77 115.08 -23.33 43.16
CA SER K 77 116.09 -22.83 44.08
C SER K 77 115.44 -21.91 45.10
N PRO K 78 115.30 -22.35 46.34
CA PRO K 78 114.68 -21.50 47.36
C PRO K 78 115.54 -20.28 47.66
N LYS K 79 114.88 -19.18 48.05
CA LYS K 79 115.58 -18.02 48.54
C LYS K 79 114.68 -17.24 49.49
N THR K 80 115.24 -16.84 50.62
CA THR K 80 114.53 -16.00 51.57
C THR K 80 114.91 -14.54 51.35
N LEU K 81 113.93 -13.66 51.49
CA LEU K 81 114.10 -12.27 51.09
C LEU K 81 114.48 -11.40 52.30
N ALA K 82 114.70 -10.11 52.02
CA ALA K 82 115.07 -9.15 53.06
C ALA K 82 113.91 -8.78 53.97
N ASN K 83 112.69 -9.12 53.59
CA ASN K 83 111.51 -8.92 54.43
C ASN K 83 111.06 -10.20 55.12
N GLY K 84 111.81 -11.29 54.97
CA GLY K 84 111.46 -12.56 55.57
C GLY K 84 110.59 -13.46 54.70
N ASN K 85 110.10 -12.96 53.58
CA ASN K 85 109.27 -13.76 52.70
C ASN K 85 110.11 -14.76 51.91
N ARG K 86 109.44 -15.78 51.38
CA ARG K 86 110.08 -16.92 50.74
C ARG K 86 109.71 -16.91 49.27
N THR K 87 110.69 -17.12 48.39
CA THR K 87 110.45 -17.19 46.95
C THR K 87 111.33 -18.25 46.33
N VAL K 88 111.08 -18.52 45.04
CA VAL K 88 111.79 -19.56 44.30
C VAL K 88 112.34 -18.97 43.02
N ASN K 89 113.61 -19.25 42.74
CA ASN K 89 114.23 -18.98 41.46
C ASN K 89 114.22 -20.27 40.65
N THR K 90 114.07 -20.15 39.33
CA THR K 90 113.95 -21.33 38.48
C THR K 90 114.90 -21.24 37.30
N VAL K 91 115.34 -22.41 36.85
CA VAL K 91 115.98 -22.56 35.55
C VAL K 91 115.18 -23.61 34.78
N SER K 92 114.63 -23.22 33.64
CA SER K 92 113.82 -24.15 32.84
C SER K 92 114.52 -24.44 31.52
N ILE K 93 114.75 -25.72 31.25
CA ILE K 93 115.41 -26.18 30.03
C ILE K 93 114.44 -27.10 29.31
N GLN K 94 114.02 -26.71 28.11
CA GLN K 94 113.14 -27.52 27.29
C GLN K 94 113.87 -27.92 26.00
N LEU K 95 113.88 -29.21 25.72
CA LEU K 95 114.47 -29.75 24.50
C LEU K 95 113.31 -30.23 23.61
N SER K 96 113.24 -29.70 22.40
CA SER K 96 112.19 -30.04 21.45
C SER K 96 112.87 -30.52 20.17
N VAL K 97 112.84 -31.83 19.94
CA VAL K 97 113.38 -32.41 18.74
C VAL K 97 112.28 -33.20 18.03
N ASP K 98 112.44 -33.36 16.72
CA ASP K 98 111.61 -34.27 15.96
C ASP K 98 112.09 -35.69 16.23
N PRO K 99 111.19 -36.67 16.23
CA PRO K 99 111.60 -38.05 16.57
C PRO K 99 112.60 -38.64 15.61
N GLU K 100 112.72 -38.10 14.40
CA GLU K 100 113.68 -38.57 13.42
C GLU K 100 115.11 -38.14 13.76
N THR K 101 115.27 -37.26 14.74
CA THR K 101 116.59 -36.77 15.13
C THR K 101 117.42 -37.91 15.75
N THR K 102 118.70 -37.92 15.42
CA THR K 102 119.63 -38.91 15.95
C THR K 102 120.19 -38.46 17.29
N ALA K 103 120.88 -39.38 17.96
CA ALA K 103 121.44 -39.08 19.28
C ALA K 103 122.57 -38.07 19.19
N ALA K 104 123.36 -38.12 18.13
CA ALA K 104 124.51 -37.23 18.00
C ALA K 104 124.08 -35.78 17.79
N GLU K 105 123.03 -35.54 17.03
CA GLU K 105 122.49 -34.19 16.90
C GLU K 105 122.00 -33.64 18.23
N VAL K 106 121.32 -34.49 19.01
CA VAL K 106 120.84 -34.06 20.32
C VAL K 106 122.02 -33.77 21.24
N THR K 107 123.09 -34.56 21.14
CA THR K 107 124.30 -34.33 21.91
C THR K 107 124.91 -32.98 21.55
N THR K 108 124.97 -32.68 20.26
CA THR K 108 125.49 -31.39 19.82
C THR K 108 124.66 -30.25 20.37
N MET K 109 123.33 -30.37 20.29
CA MET K 109 122.44 -29.34 20.82
C MET K 109 122.62 -29.14 22.30
N LEU K 110 122.71 -30.24 23.06
CA LEU K 110 122.87 -30.13 24.50
C LEU K 110 124.20 -29.49 24.86
N ASN K 111 125.26 -29.83 24.11
CA ASN K 111 126.55 -29.22 24.37
C ASN K 111 126.50 -27.71 24.10
N ALA K 112 125.88 -27.31 23.00
CA ALA K 112 125.79 -25.89 22.69
C ALA K 112 124.96 -25.14 23.73
N ALA K 113 123.83 -25.73 24.14
CA ALA K 113 122.97 -25.09 25.13
C ALA K 113 123.65 -25.01 26.49
N ALA K 114 124.38 -26.06 26.89
CA ALA K 114 125.12 -26.00 28.14
C ALA K 114 126.22 -24.96 28.07
N GLN K 115 126.91 -24.86 26.93
CA GLN K 115 127.91 -23.81 26.74
C GLN K 115 127.29 -22.43 26.92
N LEU K 116 126.06 -22.24 26.42
CA LEU K 116 125.35 -20.99 26.64
C LEU K 116 124.67 -20.99 28.01
N LEU K 117 125.39 -21.50 29.01
CA LEU K 117 124.93 -21.43 30.38
C LEU K 117 126.08 -21.05 31.32
N PHE K 118 127.29 -21.52 31.00
CA PHE K 118 128.43 -21.34 31.87
C PHE K 118 129.62 -20.65 31.20
N ASP K 119 129.56 -20.39 29.91
CA ASP K 119 130.63 -19.67 29.24
C ASP K 119 130.75 -18.27 29.80
N SER K 120 131.99 -17.83 30.03
CA SER K 120 132.23 -16.56 30.70
C SER K 120 131.71 -15.40 29.86
N ASP K 121 131.58 -15.60 28.55
CA ASP K 121 131.08 -14.55 27.67
C ASP K 121 129.65 -14.18 28.00
N TYR K 122 128.82 -15.18 28.30
CA TYR K 122 127.43 -14.92 28.69
C TYR K 122 127.28 -14.93 30.20
N SER K 123 127.92 -14.00 30.89
CA SER K 123 127.74 -13.86 32.33
C SER K 123 126.91 -12.63 32.62
N ASP K 124 127.26 -11.51 31.97
CA ASP K 124 126.49 -10.30 32.14
C ASP K 124 125.07 -10.44 31.63
N PHE K 125 124.82 -11.38 30.72
CA PHE K 125 123.47 -11.63 30.25
C PHE K 125 122.58 -12.29 31.30
N TRP K 126 123.13 -13.21 32.09
CA TRP K 126 122.32 -13.93 33.07
C TRP K 126 122.19 -13.14 34.37
N LYS K 127 123.31 -12.63 34.89
CA LYS K 127 123.28 -11.96 36.19
C LYS K 127 122.95 -10.48 36.05
N ALA K 128 123.67 -9.77 35.19
CA ALA K 128 123.39 -8.36 35.00
C ALA K 128 122.20 -8.11 34.09
N GLN K 129 121.69 -9.16 33.45
CA GLN K 129 120.60 -9.05 32.47
C GLN K 129 120.96 -8.07 31.35
N ALA K 130 122.22 -8.09 30.95
CA ALA K 130 122.77 -7.14 29.98
C ALA K 130 122.80 -7.80 28.60
N LEU K 131 121.90 -7.39 27.73
CA LEU K 131 121.81 -7.94 26.38
C LEU K 131 123.05 -7.60 25.56
N ALA K 132 123.79 -6.59 25.98
CA ALA K 132 125.04 -6.24 25.30
C ALA K 132 126.06 -5.64 26.25
N ALA L 1 129.80 7.11 -22.62
CA ALA L 1 128.45 7.12 -22.11
C ALA L 1 127.97 5.70 -21.79
N ILE L 2 126.65 5.54 -21.68
CA ILE L 2 126.08 4.25 -21.31
C ILE L 2 126.39 3.19 -22.36
N ALA L 3 126.17 3.53 -23.63
CA ALA L 3 126.44 2.59 -24.71
C ALA L 3 127.94 2.32 -24.83
N ASN L 4 128.28 1.04 -24.91
CA ASN L 4 129.67 0.59 -25.03
C ASN L 4 130.52 1.02 -23.85
N SER L 5 129.89 1.16 -22.68
CA SER L 5 130.61 1.41 -21.44
C SER L 5 131.16 0.09 -20.93
N SER L 6 132.35 0.15 -20.32
CA SER L 6 133.01 -1.05 -19.84
C SER L 6 132.95 -1.11 -18.31
N ILE L 7 132.63 -2.29 -17.79
CA ILE L 7 132.60 -2.55 -16.35
C ILE L 7 133.50 -3.75 -16.08
N ALA L 8 134.38 -3.62 -15.10
CA ALA L 8 135.32 -4.69 -14.75
C ALA L 8 134.66 -5.59 -13.71
N ILE L 9 134.26 -6.78 -14.14
CA ILE L 9 133.54 -7.73 -13.28
C ILE L 9 134.53 -8.41 -12.35
N ASP L 10 134.09 -8.65 -11.10
CA ASP L 10 134.89 -9.34 -10.09
C ASP L 10 136.20 -8.60 -9.83
N SER L 11 136.03 -7.39 -9.32
CA SER L 11 137.14 -6.46 -9.17
C SER L 11 137.18 -5.92 -7.74
N THR L 12 138.37 -5.56 -7.31
CA THR L 12 138.52 -4.86 -6.03
C THR L 12 138.31 -3.37 -6.24
N ALA L 13 137.46 -2.78 -5.41
CA ALA L 13 137.15 -1.36 -5.48
C ALA L 13 137.87 -0.68 -4.33
N SER L 14 138.87 0.13 -4.66
CA SER L 14 139.57 0.91 -3.65
C SER L 14 138.96 2.30 -3.55
N VAL L 15 139.52 3.13 -2.68
CA VAL L 15 139.08 4.52 -2.55
C VAL L 15 140.21 5.32 -1.89
N THR L 16 140.57 6.46 -2.50
CA THR L 16 141.65 7.29 -1.98
C THR L 16 141.27 8.76 -2.19
N GLY L 17 140.56 9.33 -1.22
CA GLY L 17 140.31 10.76 -1.25
C GLY L 17 140.60 11.48 0.05
N GLY L 18 140.66 10.73 1.15
CA GLY L 18 140.80 11.35 2.45
C GLY L 18 139.46 11.71 3.06
N THR L 19 139.47 12.58 4.07
CA THR L 19 138.27 13.02 4.77
C THR L 19 137.51 11.84 5.36
N ALA L 20 138.20 11.13 6.26
CA ALA L 20 137.65 9.92 6.86
C ALA L 20 136.59 10.26 7.91
N ARG L 21 135.34 10.34 7.49
CA ARG L 21 134.23 10.61 8.39
C ARG L 21 133.86 9.35 9.16
N THR L 22 132.86 9.48 10.03
CA THR L 22 132.43 8.39 10.89
C THR L 22 130.90 8.29 10.88
N VAL L 23 130.40 7.08 10.67
CA VAL L 23 128.96 6.83 10.73
C VAL L 23 128.60 6.55 12.20
N LYS L 24 127.73 7.38 12.75
CA LYS L 24 127.24 7.21 14.11
C LYS L 24 125.74 6.93 14.06
N GLU L 25 125.30 5.88 14.74
CA GLU L 25 123.89 5.53 14.70
C GLU L 25 123.09 6.47 15.59
N LEU L 26 121.83 6.68 15.21
CA LEU L 26 120.94 7.56 15.95
C LEU L 26 119.84 6.76 16.64
N VAL L 27 119.03 6.02 15.90
CA VAL L 27 117.93 5.24 16.46
C VAL L 27 117.94 3.87 15.79
N ARG L 28 116.96 3.05 16.15
CA ARG L 28 116.86 1.71 15.57
C ARG L 28 115.49 1.39 15.01
N ASN L 29 114.42 1.89 15.62
CA ASN L 29 113.04 1.47 15.37
C ASN L 29 112.89 0.04 14.84
N ASN L 30 111.94 -0.16 13.93
CA ASN L 30 111.51 -1.52 13.56
C ASN L 30 112.41 -2.07 12.47
N SER L 31 113.32 -2.98 12.85
CA SER L 31 114.19 -3.69 11.92
C SER L 31 114.90 -2.73 10.97
N GLU L 32 115.34 -1.60 11.53
CA GLU L 32 115.95 -0.54 10.77
C GLU L 32 117.15 -0.04 11.55
N LEU L 33 117.92 0.86 10.96
CA LEU L 33 119.04 1.47 11.66
C LEU L 33 119.34 2.84 11.06
N ASN L 34 118.90 3.90 11.73
CA ASN L 34 119.11 5.24 11.23
C ASN L 34 120.38 5.82 11.82
N ALA L 35 121.33 6.15 10.96
CA ALA L 35 122.61 6.71 11.36
C ALA L 35 122.81 8.07 10.71
N TYR L 36 123.99 8.64 10.90
CA TYR L 36 124.34 9.91 10.29
C TYR L 36 125.86 10.00 10.19
N ILE L 37 126.33 10.77 9.22
CA ILE L 37 127.76 10.92 8.99
C ILE L 37 128.23 12.16 9.74
N ASP L 38 129.26 12.00 10.57
CA ASP L 38 129.73 13.07 11.45
C ASP L 38 130.76 13.92 10.70
N GLU L 39 130.27 14.99 10.08
CA GLU L 39 131.11 15.95 9.39
C GLU L 39 131.11 17.33 10.02
N GLY L 40 130.51 17.47 11.20
CA GLY L 40 130.50 18.72 11.91
C GLY L 40 129.52 19.76 11.42
N LEU L 41 128.57 19.38 10.57
CA LEU L 41 127.58 20.34 10.09
C LEU L 41 126.50 20.56 11.15
N SER L 42 125.46 21.30 10.76
CA SER L 42 124.37 21.59 11.67
C SER L 42 123.56 20.33 11.95
N PHE L 43 122.59 20.46 12.86
CA PHE L 43 121.78 19.32 13.26
C PHE L 43 120.84 18.89 12.14
N GLN L 44 120.15 19.84 11.53
CA GLN L 44 119.24 19.53 10.43
C GLN L 44 119.89 19.83 9.08
N ALA L 45 121.22 19.69 9.01
CA ALA L 45 121.93 19.80 7.74
C ALA L 45 122.93 18.66 7.56
N ARG L 46 122.93 17.66 8.43
CA ARG L 46 123.86 16.55 8.35
C ARG L 46 123.35 15.48 7.40
N LYS L 47 124.23 14.59 6.97
CA LYS L 47 123.84 13.50 6.08
C LYS L 47 123.49 12.29 6.92
N GLU L 48 122.23 11.87 6.88
CA GLU L 48 121.75 10.69 7.60
C GLU L 48 121.56 9.55 6.60
N VAL L 49 122.15 8.39 6.91
CA VAL L 49 121.94 7.22 6.08
C VAL L 49 121.23 6.15 6.89
N ALA L 50 120.13 5.64 6.35
CA ALA L 50 119.30 4.65 7.00
C ALA L 50 119.50 3.28 6.36
N PHE L 51 119.59 2.26 7.22
CA PHE L 51 119.76 0.87 6.82
C PHE L 51 118.52 0.08 7.22
N SER L 52 118.11 -0.87 6.39
CA SER L 52 116.93 -1.68 6.70
C SER L 52 117.09 -3.07 6.11
N VAL L 53 116.53 -4.07 6.82
CA VAL L 53 116.60 -5.46 6.39
C VAL L 53 115.20 -6.02 6.23
N LYS L 54 115.08 -6.96 5.29
CA LYS L 54 113.82 -7.60 4.91
C LYS L 54 114.10 -9.09 4.73
N VAL L 55 114.56 -9.73 5.79
CA VAL L 55 114.88 -11.16 5.86
C VAL L 55 113.80 -12.02 5.23
N PRO L 56 114.15 -13.19 4.69
CA PRO L 56 113.16 -14.02 3.98
C PRO L 56 112.12 -14.61 4.92
N LYS L 57 110.96 -14.90 4.33
CA LYS L 57 109.83 -15.47 5.06
C LYS L 57 109.34 -16.69 4.30
N VAL L 58 109.20 -17.82 5.00
CA VAL L 58 108.85 -19.09 4.36
C VAL L 58 107.50 -18.99 3.69
N SER L 59 107.47 -19.10 2.37
CA SER L 59 106.26 -18.98 1.59
C SER L 59 105.90 -20.31 0.96
N VAL L 60 104.79 -20.36 0.22
CA VAL L 60 104.42 -21.49 -0.62
C VAL L 60 104.71 -21.20 -2.08
N SER L 61 104.59 -19.94 -2.49
CA SER L 61 105.02 -19.40 -3.77
C SER L 61 106.54 -19.21 -3.72
N ALA L 62 107.07 -18.31 -4.56
CA ALA L 62 108.51 -18.03 -4.58
C ALA L 62 109.29 -19.24 -5.07
N PRO L 63 109.36 -19.44 -6.40
CA PRO L 63 109.87 -20.70 -6.95
C PRO L 63 111.34 -20.89 -6.62
N GLY L 64 111.56 -21.52 -5.47
CA GLY L 64 112.83 -21.54 -4.77
C GLY L 64 112.56 -21.65 -3.28
N GLY L 65 111.30 -21.48 -2.90
CA GLY L 65 110.83 -21.82 -1.58
C GLY L 65 110.30 -20.67 -0.75
N PHE L 66 110.99 -19.54 -0.74
CA PHE L 66 110.58 -18.39 0.06
C PHE L 66 111.15 -17.10 -0.51
N THR L 67 110.58 -15.99 -0.07
CA THR L 67 110.86 -14.67 -0.63
C THR L 67 112.33 -14.31 -0.47
N GLN L 68 112.76 -13.33 -1.25
CA GLN L 68 114.15 -12.91 -1.24
C GLN L 68 114.45 -12.08 0.02
N ALA L 69 115.74 -11.87 0.25
CA ALA L 69 116.23 -11.14 1.40
C ALA L 69 116.63 -9.74 0.96
N ARG L 70 115.93 -8.72 1.45
CA ARG L 70 116.21 -7.36 0.97
C ARG L 70 117.08 -6.60 1.97
N SER L 71 117.96 -5.75 1.42
CA SER L 71 118.79 -4.86 2.22
C SER L 71 118.73 -3.47 1.57
N THR L 72 118.18 -2.50 2.29
CA THR L 72 118.03 -1.16 1.75
C THR L 72 118.92 -0.16 2.49
N VAL L 73 119.50 0.75 1.71
CA VAL L 73 120.30 1.85 2.24
C VAL L 73 119.86 3.14 1.58
N ILE L 74 119.45 4.12 2.36
CA ILE L 74 119.07 5.42 1.85
C ILE L 74 120.00 6.48 2.44
N LEU L 75 120.66 7.24 1.57
CA LEU L 75 121.57 8.30 1.98
C LEU L 75 120.87 9.62 1.73
N LYS L 76 120.58 10.34 2.81
CA LYS L 76 119.86 11.61 2.71
C LYS L 76 120.85 12.76 2.87
N SER L 77 121.05 13.52 1.79
CA SER L 77 121.92 14.69 1.80
C SER L 77 121.08 15.95 1.71
N PRO L 78 120.97 16.75 2.78
CA PRO L 78 120.12 17.93 2.71
C PRO L 78 120.78 19.06 1.92
N LYS L 79 119.96 19.94 1.36
CA LYS L 79 120.41 21.02 0.51
C LYS L 79 119.53 22.26 0.73
N THR L 80 120.18 23.41 0.91
CA THR L 80 119.49 24.69 1.00
C THR L 80 119.46 25.32 -0.39
N LEU L 81 118.26 25.56 -0.91
CA LEU L 81 118.11 26.12 -2.24
C LEU L 81 118.29 27.62 -2.24
N ALA L 82 118.44 28.19 -3.44
CA ALA L 82 118.63 29.63 -3.57
C ALA L 82 117.38 30.40 -3.11
N ASN L 83 116.20 29.86 -3.40
CA ASN L 83 114.96 30.49 -2.96
C ASN L 83 114.89 30.58 -1.45
N GLY L 84 115.67 29.77 -0.74
CA GLY L 84 115.76 29.89 0.70
C GLY L 84 115.28 28.64 1.42
N ASN L 85 114.37 27.90 0.78
CA ASN L 85 113.81 26.70 1.39
C ASN L 85 114.84 25.58 1.39
N ARG L 86 114.43 24.42 1.91
CA ARG L 86 115.29 23.28 2.13
C ARG L 86 114.68 22.04 1.48
N THR L 87 115.53 21.20 0.92
CA THR L 87 115.10 19.96 0.29
C THR L 87 116.13 18.90 0.65
N VAL L 88 115.82 17.64 0.37
CA VAL L 88 116.74 16.54 0.61
C VAL L 88 116.96 15.80 -0.70
N ASN L 89 118.24 15.54 -1.02
CA ASN L 89 118.64 14.77 -2.18
C ASN L 89 119.01 13.38 -1.68
N THR L 90 118.32 12.36 -2.17
CA THR L 90 118.44 11.03 -1.62
C THR L 90 119.07 10.06 -2.63
N VAL L 91 119.77 9.06 -2.09
CA VAL L 91 120.33 7.98 -2.90
C VAL L 91 119.96 6.65 -2.26
N SER L 92 118.92 6.01 -2.77
CA SER L 92 118.48 4.73 -2.23
C SER L 92 119.13 3.58 -2.99
N ILE L 93 119.39 2.49 -2.27
CA ILE L 93 120.00 1.28 -2.84
C ILE L 93 119.34 0.06 -2.22
N GLN L 94 118.93 -0.89 -3.05
CA GLN L 94 118.26 -2.09 -2.59
C GLN L 94 118.91 -3.34 -3.19
N LEU L 95 118.85 -4.44 -2.45
CA LEU L 95 119.55 -5.68 -2.80
C LEU L 95 118.61 -6.88 -2.65
N SER L 96 117.46 -6.81 -3.30
CA SER L 96 116.50 -7.92 -3.29
C SER L 96 117.11 -9.11 -4.00
N VAL L 97 117.71 -10.02 -3.22
CA VAL L 97 118.33 -11.22 -3.75
C VAL L 97 117.78 -12.45 -3.03
N ASP L 98 117.69 -13.54 -3.77
CA ASP L 98 117.09 -14.76 -3.25
C ASP L 98 118.00 -15.37 -2.18
N PRO L 99 117.43 -15.87 -1.09
CA PRO L 99 118.26 -16.30 0.06
C PRO L 99 119.22 -17.44 -0.23
N GLU L 100 119.02 -18.22 -1.29
CA GLU L 100 119.95 -19.27 -1.65
C GLU L 100 121.25 -18.73 -2.24
N THR L 101 121.33 -17.42 -2.46
CA THR L 101 122.48 -16.82 -3.11
C THR L 101 123.73 -16.97 -2.26
N THR L 102 124.84 -17.31 -2.91
CA THR L 102 126.13 -17.37 -2.23
C THR L 102 126.70 -15.97 -2.05
N ALA L 103 127.65 -15.85 -1.13
CA ALA L 103 128.25 -14.56 -0.85
C ALA L 103 129.19 -14.09 -1.95
N ALA L 104 129.76 -15.02 -2.73
CA ALA L 104 130.63 -14.61 -3.83
C ALA L 104 129.86 -13.88 -4.92
N GLU L 105 128.69 -14.40 -5.29
CA GLU L 105 127.88 -13.72 -6.29
C GLU L 105 127.32 -12.41 -5.77
N VAL L 106 127.01 -12.34 -4.47
CA VAL L 106 126.57 -11.09 -3.87
C VAL L 106 127.69 -10.06 -3.94
N THR L 107 128.93 -10.47 -3.65
CA THR L 107 130.06 -9.56 -3.76
C THR L 107 130.26 -9.10 -5.20
N THR L 108 130.13 -10.02 -6.15
CA THR L 108 130.23 -9.68 -7.56
C THR L 108 129.19 -8.63 -7.94
N MET L 109 127.96 -8.84 -7.50
CA MET L 109 126.87 -7.92 -7.80
C MET L 109 127.11 -6.56 -7.17
N LEU L 110 127.60 -6.55 -5.93
CA LEU L 110 127.86 -5.29 -5.24
C LEU L 110 128.97 -4.51 -5.92
N ASN L 111 130.01 -5.22 -6.38
CA ASN L 111 131.08 -4.54 -7.10
C ASN L 111 130.60 -4.01 -8.45
N ALA L 112 129.78 -4.80 -9.15
CA ALA L 112 129.26 -4.34 -10.44
C ALA L 112 128.37 -3.12 -10.28
N ALA L 113 127.45 -3.15 -9.32
CA ALA L 113 126.59 -2.02 -9.03
C ALA L 113 127.35 -0.80 -8.54
N ALA L 114 128.33 -0.98 -7.66
CA ALA L 114 129.11 0.14 -7.18
C ALA L 114 130.13 0.62 -8.18
N GLN L 115 130.42 -0.17 -9.22
CA GLN L 115 131.24 0.33 -10.31
C GLN L 115 130.51 1.35 -11.16
N LEU L 116 129.19 1.26 -11.22
CA LEU L 116 128.37 2.41 -11.57
C LEU L 116 128.46 3.42 -10.43
N LEU L 117 127.94 4.62 -10.67
CA LEU L 117 127.93 5.72 -9.69
C LEU L 117 129.31 6.36 -9.50
N PHE L 118 130.38 5.76 -10.01
CA PHE L 118 131.65 6.48 -9.97
C PHE L 118 132.44 6.29 -11.26
N ASP L 119 131.95 5.46 -12.16
CA ASP L 119 132.57 5.34 -13.46
C ASP L 119 132.34 6.61 -14.27
N SER L 120 133.33 6.97 -15.09
CA SER L 120 133.24 8.18 -15.90
C SER L 120 132.17 8.08 -16.97
N ASP L 121 131.86 6.88 -17.45
CA ASP L 121 130.89 6.72 -18.53
C ASP L 121 129.50 7.17 -18.09
N TYR L 122 129.17 6.97 -16.82
CA TYR L 122 127.83 7.26 -16.33
C TYR L 122 127.72 8.61 -15.63
N SER L 123 128.77 9.43 -15.68
CA SER L 123 128.72 10.76 -15.09
C SER L 123 127.57 11.58 -15.65
N ASP L 124 127.42 11.60 -16.97
CA ASP L 124 126.36 12.39 -17.60
C ASP L 124 124.99 11.81 -17.29
N PHE L 125 124.89 10.49 -17.19
CA PHE L 125 123.61 9.87 -16.83
C PHE L 125 123.18 10.28 -15.43
N TRP L 126 124.10 10.23 -14.47
CA TRP L 126 123.76 10.59 -13.10
C TRP L 126 123.55 12.09 -12.92
N LYS L 127 124.25 12.93 -13.70
CA LYS L 127 124.22 14.37 -13.48
C LYS L 127 123.20 15.05 -14.37
N ALA L 128 123.31 14.92 -15.69
CA ALA L 128 122.40 15.59 -16.62
C ALA L 128 121.28 14.69 -17.12
N GLN L 129 121.17 13.46 -16.61
CA GLN L 129 120.15 12.50 -17.02
C GLN L 129 120.28 12.16 -18.51
N ALA L 130 121.52 12.11 -18.99
CA ALA L 130 121.79 11.81 -20.39
C ALA L 130 121.72 10.31 -20.60
N LEU L 131 120.51 9.82 -20.87
CA LEU L 131 120.29 8.41 -21.16
C LEU L 131 121.06 8.01 -22.41
N ALA L 132 120.71 8.61 -23.53
CA ALA L 132 121.44 8.40 -24.76
C ALA L 132 122.60 9.39 -24.83
N ALA M 1 42.37 120.51 -25.79
CA ALA M 1 42.95 121.70 -25.18
C ALA M 1 43.71 121.32 -23.92
N ILE M 2 43.60 120.04 -23.55
CA ILE M 2 44.45 119.47 -22.50
C ILE M 2 45.75 119.01 -23.16
N ALA M 3 46.70 119.91 -23.31
CA ALA M 3 47.95 119.60 -23.98
C ALA M 3 49.01 120.57 -23.48
N ASN M 4 49.23 121.65 -24.22
CA ASN M 4 50.03 122.75 -23.70
C ASN M 4 49.10 123.84 -23.17
N SER M 5 48.35 123.52 -22.11
CA SER M 5 47.44 124.46 -21.48
C SER M 5 48.20 125.40 -20.56
N SER M 6 47.49 126.10 -19.67
CA SER M 6 48.14 126.95 -18.69
C SER M 6 47.27 127.03 -17.45
N ILE M 7 47.91 127.01 -16.29
CA ILE M 7 47.22 127.09 -15.01
C ILE M 7 48.11 127.80 -14.02
N ALA M 8 47.54 128.75 -13.26
CA ALA M 8 48.30 129.50 -12.28
C ALA M 8 48.33 128.73 -10.96
N ILE M 9 49.52 128.49 -10.44
CA ILE M 9 49.70 127.73 -9.21
C ILE M 9 50.02 128.69 -8.08
N ASP M 10 49.36 128.49 -6.93
CA ASP M 10 49.48 129.37 -5.77
C ASP M 10 49.00 130.78 -6.10
N SER M 11 47.75 130.88 -6.52
CA SER M 11 47.16 132.13 -6.95
C SER M 11 45.79 132.34 -6.29
N THR M 12 45.33 133.58 -6.32
CA THR M 12 44.05 133.95 -5.74
C THR M 12 42.98 133.95 -6.83
N ALA M 13 41.87 133.26 -6.55
CA ALA M 13 40.74 133.18 -7.46
C ALA M 13 39.61 134.08 -6.97
N SER M 14 38.94 134.72 -7.91
CA SER M 14 37.88 135.68 -7.59
C SER M 14 36.70 135.45 -8.52
N VAL M 15 35.58 136.07 -8.18
CA VAL M 15 34.33 135.94 -8.93
C VAL M 15 33.73 137.33 -9.10
N THR M 16 33.28 137.64 -10.31
CA THR M 16 32.62 138.90 -10.61
C THR M 16 31.27 138.63 -11.24
N GLY M 17 30.30 139.52 -10.95
CA GLY M 17 28.99 139.40 -11.56
C GLY M 17 28.16 138.28 -10.94
N GLY M 18 27.21 137.78 -11.73
CA GLY M 18 26.30 136.77 -11.25
C GLY M 18 25.28 137.32 -10.27
N THR M 19 24.55 136.40 -9.66
CA THR M 19 23.51 136.75 -8.68
C THR M 19 23.79 135.98 -7.40
N ALA M 20 24.19 136.70 -6.35
CA ALA M 20 24.49 136.09 -5.07
C ALA M 20 23.28 135.38 -4.49
N ARG M 21 23.34 134.05 -4.41
CA ARG M 21 22.30 133.24 -3.81
C ARG M 21 22.69 132.94 -2.36
N THR M 22 21.96 132.02 -1.72
CA THR M 22 22.24 131.68 -0.33
C THR M 22 22.10 130.17 -0.17
N VAL M 23 23.04 129.57 0.56
CA VAL M 23 23.01 128.13 0.81
C VAL M 23 22.28 127.93 2.13
N LYS M 24 21.04 127.46 2.03
CA LYS M 24 20.22 127.23 3.21
C LYS M 24 20.33 125.78 3.65
N GLU M 25 20.60 125.57 4.94
CA GLU M 25 20.84 124.25 5.49
C GLU M 25 19.53 123.53 5.74
N LEU M 26 19.52 122.22 5.48
CA LEU M 26 18.31 121.43 5.62
C LEU M 26 18.50 120.45 6.76
N VAL M 27 19.49 119.56 6.69
CA VAL M 27 19.73 118.56 7.73
C VAL M 27 21.24 118.36 7.86
N ARG M 28 21.72 118.25 9.09
CA ARG M 28 23.09 117.83 9.37
C ARG M 28 23.02 116.59 10.24
N ASN M 29 23.57 115.49 9.75
CA ASN M 29 23.59 114.23 10.47
C ASN M 29 24.43 113.22 9.71
N ASN M 30 24.91 112.21 10.42
CA ASN M 30 25.67 111.11 9.83
C ASN M 30 26.88 111.63 9.06
N SER M 31 27.55 112.64 9.63
CA SER M 31 28.69 113.30 8.99
C SER M 31 28.31 113.94 7.66
N GLU M 32 27.01 114.17 7.46
CA GLU M 32 26.48 114.73 6.23
C GLU M 32 25.72 116.01 6.54
N LEU M 33 25.80 116.97 5.63
CA LEU M 33 25.08 118.23 5.73
C LEU M 33 24.40 118.45 4.38
N ASN M 34 23.09 118.25 4.36
CA ASN M 34 22.30 118.54 3.17
C ASN M 34 21.84 119.99 3.19
N ALA M 35 21.99 120.68 2.07
CA ALA M 35 21.57 122.06 1.97
C ALA M 35 21.07 122.30 0.56
N TYR M 36 20.57 123.50 0.31
CA TYR M 36 20.06 123.84 -1.01
C TYR M 36 20.37 125.29 -1.31
N ILE M 37 20.69 125.56 -2.58
CA ILE M 37 20.90 126.93 -3.03
C ILE M 37 19.54 127.56 -3.28
N ASP M 38 19.32 128.75 -2.73
CA ASP M 38 18.03 129.41 -2.78
C ASP M 38 18.05 130.38 -3.96
N GLU M 39 17.36 130.01 -5.04
CA GLU M 39 17.22 130.87 -6.20
C GLU M 39 15.76 131.24 -6.46
N GLY M 40 14.86 130.98 -5.51
CA GLY M 40 13.45 131.22 -5.74
C GLY M 40 12.88 130.30 -6.78
N LEU M 41 13.22 129.03 -6.72
CA LEU M 41 12.73 128.01 -7.64
C LEU M 41 11.79 127.06 -6.90
N SER M 42 11.19 126.14 -7.64
CA SER M 42 10.30 125.16 -7.06
C SER M 42 11.11 124.05 -6.39
N PHE M 43 10.43 123.23 -5.59
CA PHE M 43 11.12 122.14 -4.91
C PHE M 43 11.67 121.10 -5.86
N GLN M 44 10.96 120.82 -6.95
CA GLN M 44 11.41 119.84 -7.93
C GLN M 44 12.61 120.31 -8.73
N ALA M 45 12.88 121.61 -8.78
CA ALA M 45 14.08 122.10 -9.42
C ALA M 45 14.79 123.03 -8.43
N ARG M 46 15.56 122.44 -7.52
CA ARG M 46 16.36 123.17 -6.56
C ARG M 46 17.83 123.06 -6.97
N LYS M 47 18.80 123.43 -6.13
CA LYS M 47 20.20 123.22 -6.42
C LYS M 47 20.85 122.58 -5.20
N GLU M 48 20.25 121.48 -4.73
CA GLU M 48 20.71 120.83 -3.50
C GLU M 48 22.18 120.47 -3.58
N VAL M 49 22.89 120.72 -2.48
CA VAL M 49 24.32 120.41 -2.35
C VAL M 49 24.54 119.71 -1.02
N ALA M 50 25.31 118.62 -1.05
CA ALA M 50 25.59 117.79 0.11
C ALA M 50 27.07 117.85 0.45
N PHE M 51 27.37 118.18 1.71
CA PHE M 51 28.74 118.24 2.22
C PHE M 51 28.94 117.07 3.17
N SER M 52 29.92 116.22 2.89
CA SER M 52 30.21 115.08 3.74
C SER M 52 31.67 115.10 4.16
N VAL M 53 31.93 114.58 5.35
CA VAL M 53 33.28 114.55 5.91
C VAL M 53 33.55 113.15 6.42
N LYS M 54 34.76 112.64 6.08
CA LYS M 54 35.24 111.32 6.50
C LYS M 54 36.58 111.53 7.21
N VAL M 55 36.56 111.45 8.53
CA VAL M 55 37.71 111.74 9.38
C VAL M 55 38.69 110.58 9.36
N PRO M 56 39.99 110.83 9.54
CA PRO M 56 40.95 109.73 9.52
C PRO M 56 40.84 108.83 10.75
N LYS M 57 41.21 107.57 10.55
CA LYS M 57 41.26 106.59 11.61
C LYS M 57 42.65 105.97 11.67
N VAL M 58 43.02 105.46 12.85
CA VAL M 58 44.33 104.86 13.03
C VAL M 58 44.43 103.59 12.20
N SER M 59 45.60 103.35 11.63
CA SER M 59 45.83 102.19 10.79
C SER M 59 47.23 101.64 11.05
N VAL M 60 47.53 100.50 10.43
CA VAL M 60 48.88 99.95 10.45
C VAL M 60 49.57 100.09 9.10
N SER M 61 48.84 99.97 8.01
CA SER M 61 49.26 100.36 6.67
C SER M 61 49.09 101.87 6.54
N ALA M 62 49.03 102.38 5.30
CA ALA M 62 48.81 103.80 5.10
C ALA M 62 49.99 104.59 5.65
N PRO M 63 51.06 104.74 4.87
CA PRO M 63 52.38 105.04 5.43
C PRO M 63 52.46 106.38 6.14
N GLY M 64 52.13 106.35 7.42
CA GLY M 64 51.92 107.53 8.23
C GLY M 64 50.90 107.24 9.32
N GLY M 65 50.29 106.07 9.26
CA GLY M 65 49.53 105.55 10.38
C GLY M 65 48.05 105.76 10.30
N PHE M 66 47.61 106.72 9.49
CA PHE M 66 46.19 107.05 9.39
C PHE M 66 45.71 106.98 7.95
N THR M 67 44.43 106.69 7.79
CA THR M 67 43.76 106.84 6.52
C THR M 67 43.64 108.32 6.19
N GLN M 68 43.36 108.60 4.92
CA GLN M 68 43.27 109.99 4.48
C GLN M 68 41.97 110.62 4.96
N ALA M 69 42.03 111.92 5.22
CA ALA M 69 40.84 112.71 5.55
C ALA M 69 40.17 113.11 4.25
N ARG M 70 38.89 112.77 4.12
CA ARG M 70 38.13 113.04 2.90
C ARG M 70 37.05 114.08 3.14
N SER M 71 36.89 114.98 2.18
CA SER M 71 35.83 116.00 2.20
C SER M 71 35.17 115.95 0.82
N THR M 72 33.87 115.69 0.80
CA THR M 72 33.15 115.53 -0.45
C THR M 72 32.00 116.53 -0.56
N VAL M 73 31.89 117.15 -1.73
CA VAL M 73 30.79 118.05 -2.02
C VAL M 73 30.10 117.58 -3.28
N ILE M 74 28.81 117.32 -3.21
CA ILE M 74 28.02 116.96 -4.39
C ILE M 74 26.97 118.03 -4.64
N LEU M 75 26.99 118.63 -5.82
CA LEU M 75 26.03 119.63 -6.23
C LEU M 75 25.05 118.97 -7.20
N LYS M 76 23.76 119.06 -6.90
CA LYS M 76 22.74 118.44 -7.73
C LYS M 76 21.97 119.49 -8.52
N SER M 77 21.80 119.26 -9.81
CA SER M 77 21.09 120.18 -10.69
C SER M 77 19.99 119.44 -11.44
N PRO M 78 18.74 119.57 -10.99
CA PRO M 78 17.63 118.97 -11.73
C PRO M 78 17.43 119.60 -13.10
N LYS M 79 17.48 118.78 -14.14
CA LYS M 79 17.17 119.18 -15.50
C LYS M 79 15.90 118.48 -15.95
N THR M 80 15.09 119.19 -16.74
CA THR M 80 13.85 118.67 -17.29
C THR M 80 14.04 118.45 -18.78
N LEU M 81 13.75 117.24 -19.25
CA LEU M 81 14.07 116.83 -20.60
C LEU M 81 12.94 117.22 -21.56
N ALA M 82 13.17 116.97 -22.85
CA ALA M 82 12.16 117.28 -23.86
C ALA M 82 10.90 116.46 -23.65
N ASN M 83 11.05 115.17 -23.38
CA ASN M 83 9.89 114.32 -23.12
C ASN M 83 9.15 114.76 -21.86
N GLY M 84 9.90 115.20 -20.85
CA GLY M 84 9.28 115.69 -19.64
C GLY M 84 9.75 114.97 -18.39
N ASN M 85 10.58 113.94 -18.58
CA ASN M 85 11.17 113.26 -17.45
C ASN M 85 12.21 114.14 -16.78
N ARG M 86 12.41 113.90 -15.48
CA ARG M 86 13.34 114.70 -14.69
C ARG M 86 14.62 113.89 -14.43
N THR M 87 15.76 114.48 -14.77
CA THR M 87 17.05 113.91 -14.44
C THR M 87 17.79 114.88 -13.53
N VAL M 88 18.84 114.41 -12.87
CA VAL M 88 19.67 115.24 -12.01
C VAL M 88 21.10 115.20 -12.54
N ASN M 89 21.65 116.38 -12.81
CA ASN M 89 23.04 116.52 -13.22
C ASN M 89 23.85 116.88 -11.97
N THR M 90 24.88 116.08 -11.69
CA THR M 90 25.65 116.23 -10.46
C THR M 90 27.11 116.57 -10.76
N VAL M 91 27.71 117.33 -9.85
CA VAL M 91 29.15 117.53 -9.82
C VAL M 91 29.67 117.10 -8.47
N SER M 92 30.59 116.14 -8.46
CA SER M 92 31.20 115.68 -7.22
C SER M 92 32.61 116.22 -7.11
N ILE M 93 32.97 116.68 -5.90
CA ILE M 93 34.30 117.20 -5.61
C ILE M 93 34.75 116.50 -4.33
N GLN M 94 35.74 115.62 -4.45
CA GLN M 94 36.26 114.87 -3.31
C GLN M 94 37.73 115.20 -3.13
N LEU M 95 38.09 115.66 -1.93
CA LEU M 95 39.47 115.97 -1.58
C LEU M 95 39.91 115.00 -0.49
N SER M 96 40.96 114.23 -0.78
CA SER M 96 41.54 113.29 0.18
C SER M 96 42.97 113.74 0.47
N VAL M 97 43.22 114.15 1.71
CA VAL M 97 44.56 114.58 2.12
C VAL M 97 45.01 113.77 3.32
N ASP M 98 46.30 113.44 3.34
CA ASP M 98 46.89 112.86 4.53
C ASP M 98 46.83 113.88 5.66
N PRO M 99 46.58 113.43 6.89
CA PRO M 99 46.44 114.39 8.00
C PRO M 99 47.69 115.21 8.26
N GLU M 100 48.86 114.79 7.81
CA GLU M 100 50.07 115.59 7.95
C GLU M 100 50.08 116.80 7.03
N THR M 101 49.15 116.90 6.09
CA THR M 101 49.18 117.95 5.09
C THR M 101 48.86 119.31 5.69
N THR M 102 49.71 120.29 5.37
CA THR M 102 49.55 121.64 5.87
C THR M 102 48.39 122.34 5.15
N ALA M 103 47.99 123.49 5.70
CA ALA M 103 46.87 124.23 5.12
C ALA M 103 47.27 124.90 3.81
N ALA M 104 48.55 125.25 3.65
CA ALA M 104 49.01 125.83 2.40
C ALA M 104 49.00 124.82 1.26
N GLU M 105 49.40 123.57 1.54
CA GLU M 105 49.34 122.53 0.52
C GLU M 105 47.91 122.21 0.12
N VAL M 106 46.97 122.31 1.06
CA VAL M 106 45.57 122.12 0.72
C VAL M 106 45.03 123.31 -0.09
N THR M 107 45.45 124.52 0.27
CA THR M 107 45.03 125.70 -0.47
C THR M 107 45.51 125.65 -1.92
N THR M 108 46.77 125.23 -2.13
CA THR M 108 47.29 125.10 -3.48
C THR M 108 46.49 124.09 -4.29
N MET M 109 46.18 122.95 -3.67
CA MET M 109 45.40 121.91 -4.34
C MET M 109 44.02 122.43 -4.72
N LEU M 110 43.37 123.12 -3.78
CA LEU M 110 42.04 123.66 -4.03
C LEU M 110 42.05 124.67 -5.16
N ASN M 111 43.04 125.57 -5.15
CA ASN M 111 43.09 126.61 -6.17
C ASN M 111 43.39 126.04 -7.54
N ALA M 112 44.31 125.07 -7.63
CA ALA M 112 44.56 124.42 -8.92
C ALA M 112 43.33 123.66 -9.42
N ALA M 113 42.66 122.94 -8.53
CA ALA M 113 41.46 122.22 -8.94
C ALA M 113 40.35 123.15 -9.35
N ALA M 114 40.30 124.36 -8.79
CA ALA M 114 39.27 125.32 -9.18
C ALA M 114 39.44 125.74 -10.63
N GLN M 115 40.66 126.12 -11.02
CA GLN M 115 40.93 126.45 -12.41
C GLN M 115 40.84 125.24 -13.32
N LEU M 116 40.99 124.03 -12.79
CA LEU M 116 40.82 122.84 -13.62
C LEU M 116 39.41 122.72 -14.17
N LEU M 117 38.44 123.39 -13.55
CA LEU M 117 37.05 123.28 -14.01
C LEU M 117 36.42 124.64 -14.34
N PHE M 118 37.23 125.69 -14.47
CA PHE M 118 36.71 126.92 -15.06
C PHE M 118 37.63 127.57 -16.08
N ASP M 119 38.86 127.10 -16.28
CA ASP M 119 39.71 127.66 -17.32
C ASP M 119 39.15 127.32 -18.70
N SER M 120 39.39 128.23 -19.66
CA SER M 120 38.66 128.19 -20.91
C SER M 120 39.06 127.00 -21.77
N ASP M 121 40.26 126.45 -21.57
CA ASP M 121 40.70 125.31 -22.37
C ASP M 121 39.86 124.08 -22.06
N TYR M 122 39.80 123.72 -20.78
CA TYR M 122 39.12 122.52 -20.34
C TYR M 122 37.63 122.61 -20.62
N SER M 123 37.17 123.77 -21.10
CA SER M 123 35.80 123.89 -21.56
C SER M 123 35.46 122.84 -22.60
N ASP M 124 36.41 122.50 -23.47
CA ASP M 124 36.13 121.42 -24.41
C ASP M 124 36.05 120.06 -23.76
N PHE M 125 36.80 119.84 -22.69
CA PHE M 125 36.77 118.55 -22.00
C PHE M 125 35.50 118.36 -21.19
N TRP M 126 35.01 119.41 -20.54
CA TRP M 126 33.81 119.30 -19.71
C TRP M 126 32.53 119.26 -20.52
N LYS M 127 32.43 120.07 -21.58
CA LYS M 127 31.23 120.13 -22.39
C LYS M 127 31.26 119.16 -23.56
N ALA M 128 32.27 119.26 -24.42
CA ALA M 128 32.36 118.41 -25.59
C ALA M 128 32.90 117.02 -25.28
N GLN M 129 33.41 116.79 -24.06
CA GLN M 129 33.98 115.51 -23.66
C GLN M 129 35.18 115.17 -24.54
N ALA M 130 35.98 116.19 -24.85
CA ALA M 130 37.07 116.10 -25.80
C ALA M 130 38.40 116.07 -25.06
N LEU M 131 39.09 114.94 -25.13
CA LEU M 131 40.37 114.77 -24.44
C LEU M 131 41.46 115.63 -25.04
N ALA M 132 41.46 115.80 -26.36
CA ALA M 132 42.44 116.68 -26.99
C ALA M 132 41.77 117.59 -28.00
N ALA N 1 30.18 129.39 7.63
CA ALA N 1 30.63 128.32 6.75
C ALA N 1 29.47 127.77 5.94
N ILE N 2 29.33 126.44 5.93
CA ILE N 2 28.19 125.82 5.28
C ILE N 2 26.98 125.98 6.18
N ALA N 3 26.16 127.00 5.90
CA ALA N 3 25.03 127.35 6.74
C ALA N 3 24.26 128.51 6.15
N ASN N 4 24.95 129.63 5.92
CA ASN N 4 24.35 130.84 5.36
C ASN N 4 25.25 131.44 4.28
N SER N 5 26.12 130.61 3.69
CA SER N 5 27.08 131.09 2.72
C SER N 5 26.39 131.49 1.42
N SER N 6 27.00 132.44 0.71
CA SER N 6 26.48 132.96 -0.55
C SER N 6 27.38 132.48 -1.69
N ILE N 7 26.76 132.02 -2.77
CA ILE N 7 27.46 131.62 -3.98
C ILE N 7 26.86 132.38 -5.16
N ALA N 8 27.71 133.00 -5.98
CA ALA N 8 27.25 133.83 -7.08
C ALA N 8 27.00 132.95 -8.31
N ILE N 9 25.73 132.66 -8.57
CA ILE N 9 25.34 131.80 -9.68
C ILE N 9 25.49 132.56 -10.99
N ASP N 10 26.03 131.88 -12.00
CA ASP N 10 26.22 132.44 -13.34
C ASP N 10 27.09 133.69 -13.30
N SER N 11 28.21 133.59 -12.58
CA SER N 11 29.19 134.65 -12.52
C SER N 11 30.41 134.26 -13.33
N THR N 12 31.42 135.13 -13.33
CA THR N 12 32.67 134.90 -14.04
C THR N 12 33.79 134.74 -13.02
N ALA N 13 34.49 133.60 -13.08
CA ALA N 13 35.58 133.31 -12.16
C ALA N 13 36.92 133.52 -12.87
N SER N 14 37.81 134.25 -12.22
CA SER N 14 39.12 134.56 -12.77
C SER N 14 40.20 134.30 -11.72
N VAL N 15 41.45 134.48 -12.13
CA VAL N 15 42.62 134.20 -11.30
C VAL N 15 43.61 135.34 -11.45
N THR N 16 44.21 135.76 -10.33
CA THR N 16 45.26 136.75 -10.33
C THR N 16 46.45 136.24 -9.53
N GLY N 17 47.64 136.72 -9.87
CA GLY N 17 48.84 136.28 -9.18
C GLY N 17 49.24 134.86 -9.58
N GLY N 18 50.18 134.31 -8.82
CA GLY N 18 50.62 132.94 -9.03
C GLY N 18 51.64 132.80 -10.13
N THR N 19 52.04 131.55 -10.36
CA THR N 19 52.95 131.19 -11.44
C THR N 19 52.21 130.36 -12.48
N ALA N 20 52.44 130.69 -13.75
CA ALA N 20 51.77 130.05 -14.86
C ALA N 20 52.56 128.80 -15.25
N ARG N 21 51.96 127.65 -15.01
CA ARG N 21 52.57 126.40 -15.44
C ARG N 21 51.84 125.84 -16.67
N THR N 22 52.54 124.98 -17.40
CA THR N 22 52.09 124.62 -18.75
C THR N 22 51.15 123.42 -18.75
N VAL N 23 51.42 122.43 -17.90
CA VAL N 23 50.75 121.13 -17.94
C VAL N 23 51.17 120.42 -19.22
N LYS N 24 51.78 119.23 -19.07
CA LYS N 24 52.31 118.49 -20.22
C LYS N 24 51.76 117.08 -20.16
N GLU N 25 51.27 116.59 -21.30
CA GLU N 25 50.66 115.26 -21.34
C GLU N 25 51.72 114.18 -21.23
N LEU N 26 51.45 113.16 -20.43
CA LEU N 26 52.35 112.02 -20.31
C LEU N 26 51.93 110.86 -21.20
N VAL N 27 50.75 110.29 -20.96
CA VAL N 27 50.31 109.06 -21.58
C VAL N 27 48.84 109.21 -21.95
N ARG N 28 48.45 108.53 -23.03
CA ARG N 28 47.10 108.61 -23.53
C ARG N 28 46.57 107.17 -23.67
N ASN N 29 45.32 107.04 -24.10
CA ASN N 29 44.64 105.77 -24.34
C ASN N 29 44.25 105.08 -23.05
N ASN N 30 43.01 104.63 -22.96
CA ASN N 30 41.99 104.90 -23.97
C ASN N 30 40.82 105.59 -23.30
N SER N 31 40.39 106.72 -23.87
CA SER N 31 39.42 107.60 -23.22
C SER N 31 39.93 108.01 -21.84
N GLU N 32 41.24 108.25 -21.77
CA GLU N 32 41.93 108.54 -20.51
C GLU N 32 43.21 109.30 -20.81
N LEU N 33 43.25 110.58 -20.44
CA LEU N 33 44.48 111.35 -20.60
C LEU N 33 45.22 111.43 -19.27
N ASN N 34 46.55 111.50 -19.35
CA ASN N 34 47.39 111.69 -18.18
C ASN N 34 48.40 112.78 -18.49
N ALA N 35 48.47 113.78 -17.61
CA ALA N 35 49.35 114.92 -17.82
C ALA N 35 50.06 115.21 -16.51
N TYR N 36 50.87 116.26 -16.50
CA TYR N 36 51.53 116.69 -15.27
C TYR N 36 51.81 118.17 -15.36
N ILE N 37 51.70 118.86 -14.23
CA ILE N 37 51.95 120.30 -14.17
C ILE N 37 53.45 120.51 -13.98
N ASP N 38 54.08 121.16 -14.94
CA ASP N 38 55.53 121.33 -14.95
C ASP N 38 55.91 122.58 -14.16
N GLU N 39 56.44 122.38 -12.96
CA GLU N 39 56.90 123.47 -12.11
C GLU N 39 58.39 123.34 -11.82
N GLY N 40 59.12 122.65 -12.69
CA GLY N 40 60.54 122.40 -12.45
C GLY N 40 60.81 121.57 -11.22
N LEU N 41 60.01 120.54 -10.99
CA LEU N 41 60.17 119.67 -9.84
C LEU N 41 60.66 118.30 -10.29
N SER N 42 61.01 117.46 -9.33
CA SER N 42 61.52 116.13 -9.63
C SER N 42 60.40 115.21 -10.07
N PHE N 43 60.78 113.99 -10.45
CA PHE N 43 59.82 113.03 -10.97
C PHE N 43 58.84 112.56 -9.89
N GLN N 44 59.30 112.41 -8.66
CA GLN N 44 58.42 111.93 -7.59
C GLN N 44 57.60 113.05 -6.96
N ALA N 45 57.92 114.30 -7.23
CA ALA N 45 57.28 115.43 -6.56
C ALA N 45 56.46 116.28 -7.53
N ARG N 46 56.11 115.74 -8.69
CA ARG N 46 55.35 116.49 -9.68
C ARG N 46 53.86 116.26 -9.49
N LYS N 47 53.06 117.23 -9.96
CA LYS N 47 51.62 117.27 -9.72
C LYS N 47 50.87 116.10 -10.35
N GLU N 48 50.95 115.92 -11.67
CA GLU N 48 50.31 114.80 -12.36
C GLU N 48 48.79 114.73 -12.28
N VAL N 49 48.10 115.64 -12.97
CA VAL N 49 46.65 115.61 -13.12
C VAL N 49 46.28 114.63 -14.23
N ALA N 50 45.24 113.83 -13.99
CA ALA N 50 44.73 112.87 -14.96
C ALA N 50 43.29 113.20 -15.38
N PHE N 51 42.97 112.89 -16.63
CA PHE N 51 41.67 113.21 -17.23
C PHE N 51 41.02 111.94 -17.74
N SER N 52 39.81 111.65 -17.25
CA SER N 52 39.06 110.48 -17.68
C SER N 52 37.77 110.92 -18.34
N VAL N 53 37.18 110.01 -19.12
CA VAL N 53 35.95 110.31 -19.85
C VAL N 53 35.13 109.05 -20.02
N LYS N 54 33.82 109.15 -19.83
CA LYS N 54 32.88 108.06 -20.06
C LYS N 54 31.79 108.59 -20.99
N VAL N 55 31.79 108.09 -22.22
CA VAL N 55 30.88 108.64 -23.25
C VAL N 55 29.46 108.22 -22.95
N PRO N 56 28.45 108.97 -23.39
CA PRO N 56 27.05 108.56 -23.14
C PRO N 56 26.74 107.27 -23.87
N LYS N 57 26.20 106.31 -23.13
CA LYS N 57 25.89 104.99 -23.66
C LYS N 57 24.38 104.89 -23.88
N VAL N 58 23.98 104.30 -25.00
CA VAL N 58 22.57 104.19 -25.34
C VAL N 58 21.92 103.12 -24.48
N SER N 59 21.27 103.55 -23.39
CA SER N 59 20.50 102.65 -22.55
C SER N 59 19.05 102.63 -23.02
N VAL N 60 18.15 102.06 -22.22
CA VAL N 60 16.73 102.03 -22.57
C VAL N 60 15.91 102.65 -21.46
N SER N 61 16.10 102.16 -20.24
CA SER N 61 15.29 102.58 -19.10
C SER N 61 15.98 103.72 -18.34
N ALA N 62 16.18 104.83 -19.05
CA ALA N 62 16.80 106.00 -18.47
C ALA N 62 16.11 107.25 -18.98
N PRO N 63 16.15 108.35 -18.22
CA PRO N 63 15.64 109.61 -18.75
C PRO N 63 16.39 110.01 -20.01
N GLY N 64 15.65 110.43 -21.02
CA GLY N 64 16.24 110.85 -22.27
C GLY N 64 16.54 109.68 -23.20
N GLY N 65 16.93 108.56 -22.62
CA GLY N 65 17.22 107.37 -23.40
C GLY N 65 18.62 106.83 -23.18
N PHE N 66 19.61 107.72 -23.09
CA PHE N 66 20.99 107.31 -22.94
C PHE N 66 21.41 107.38 -21.48
N THR N 67 22.59 106.84 -21.18
CA THR N 67 23.23 107.07 -19.89
C THR N 67 23.88 108.44 -19.90
N GLN N 68 24.53 108.77 -18.78
CA GLN N 68 25.06 110.12 -18.60
C GLN N 68 26.48 110.24 -19.14
N ALA N 69 26.83 111.46 -19.54
CA ALA N 69 28.17 111.78 -20.02
C ALA N 69 29.04 112.09 -18.81
N ARG N 70 29.77 111.08 -18.35
CA ARG N 70 30.66 111.26 -17.20
C ARG N 70 32.00 111.82 -17.64
N SER N 71 32.56 112.72 -16.83
CA SER N 71 33.85 113.33 -17.14
C SER N 71 34.58 113.55 -15.82
N THR N 72 35.72 112.90 -15.66
CA THR N 72 36.44 112.90 -14.40
C THR N 72 37.82 113.53 -14.56
N VAL N 73 38.23 114.26 -13.52
CA VAL N 73 39.57 114.83 -13.40
C VAL N 73 40.07 114.46 -12.01
N ILE N 74 41.31 114.00 -11.92
CA ILE N 74 41.96 113.75 -10.64
C ILE N 74 43.29 114.48 -10.61
N LEU N 75 43.41 115.47 -9.75
CA LEU N 75 44.66 116.17 -9.51
C LEU N 75 45.37 115.44 -8.38
N LYS N 76 46.59 114.99 -8.64
CA LYS N 76 47.40 114.34 -7.62
C LYS N 76 48.42 115.32 -7.09
N SER N 77 48.93 115.05 -5.89
CA SER N 77 49.89 115.94 -5.22
C SER N 77 50.76 115.10 -4.29
N PRO N 78 52.03 114.90 -4.64
CA PRO N 78 52.91 114.12 -3.77
C PRO N 78 53.17 114.85 -2.45
N LYS N 79 53.41 114.06 -1.41
CA LYS N 79 53.80 114.62 -0.12
C LYS N 79 54.63 113.59 0.62
N THR N 80 55.74 114.05 1.19
CA THR N 80 56.60 113.21 2.00
C THR N 80 56.28 113.44 3.48
N LEU N 81 56.30 112.36 4.25
CA LEU N 81 55.79 112.38 5.61
C LEU N 81 56.92 112.60 6.62
N ALA N 82 56.52 112.72 7.89
CA ALA N 82 57.48 112.93 8.98
C ALA N 82 58.31 111.69 9.28
N ASN N 83 57.92 110.53 8.75
CA ASN N 83 58.71 109.31 8.87
C ASN N 83 59.47 108.98 7.60
N GLY N 84 59.45 109.87 6.61
CA GLY N 84 60.17 109.67 5.37
C GLY N 84 59.39 108.97 4.28
N ASN N 85 58.19 108.48 4.57
CA ASN N 85 57.41 107.78 3.57
C ASN N 85 56.75 108.75 2.60
N ARG N 86 56.26 108.20 1.50
CA ARG N 86 55.73 108.95 0.36
C ARG N 86 54.25 108.64 0.25
N THR N 87 53.42 109.67 0.06
CA THR N 87 51.99 109.50 -0.14
C THR N 87 51.48 110.53 -1.13
N VAL N 88 50.22 110.38 -1.53
CA VAL N 88 49.60 111.26 -2.53
C VAL N 88 48.29 111.79 -1.97
N ASN N 89 48.09 113.10 -2.09
CA ASN N 89 46.81 113.73 -1.83
C ASN N 89 46.11 113.95 -3.17
N THR N 90 44.79 113.80 -3.19
CA THR N 90 44.06 113.87 -4.44
C THR N 90 42.88 114.83 -4.33
N VAL N 91 42.56 115.46 -5.45
CA VAL N 91 41.28 116.13 -5.65
C VAL N 91 40.59 115.48 -6.84
N SER N 92 39.40 114.94 -6.62
CA SER N 92 38.66 114.28 -7.69
C SER N 92 37.40 115.09 -8.01
N ILE N 93 37.24 115.45 -9.28
CA ILE N 93 36.09 116.20 -9.76
C ILE N 93 35.40 115.36 -10.82
N GLN N 94 34.16 114.99 -10.57
CA GLN N 94 33.37 114.25 -11.55
C GLN N 94 32.17 115.08 -11.96
N LEU N 95 32.05 115.34 -13.26
CA LEU N 95 30.91 116.03 -13.84
C LEU N 95 30.06 114.98 -14.54
N SER N 96 28.79 114.89 -14.17
CA SER N 96 27.89 113.88 -14.72
C SER N 96 26.61 114.57 -15.16
N VAL N 97 26.50 114.83 -16.46
CA VAL N 97 25.33 115.47 -17.01
C VAL N 97 24.67 114.53 -18.02
N ASP N 98 23.40 114.78 -18.30
CA ASP N 98 22.70 114.09 -19.38
C ASP N 98 23.13 114.68 -20.71
N PRO N 99 23.13 113.88 -21.77
CA PRO N 99 23.57 114.39 -23.08
C PRO N 99 22.71 115.53 -23.60
N GLU N 100 21.47 115.65 -23.13
CA GLU N 100 20.57 116.71 -23.54
C GLU N 100 20.95 118.06 -22.93
N THR N 101 21.87 118.08 -21.97
CA THR N 101 22.27 119.31 -21.32
C THR N 101 23.00 120.23 -22.28
N THR N 102 22.70 121.52 -22.19
CA THR N 102 23.35 122.53 -23.01
C THR N 102 24.66 122.98 -22.38
N ALA N 103 25.45 123.72 -23.16
CA ALA N 103 26.74 124.18 -22.69
C ALA N 103 26.60 125.20 -21.57
N ALA N 104 25.56 126.03 -21.62
CA ALA N 104 25.37 127.06 -20.60
C ALA N 104 25.02 126.45 -19.24
N GLU N 105 24.19 125.41 -19.22
CA GLU N 105 23.90 124.73 -17.96
C GLU N 105 25.18 124.11 -17.37
N VAL N 106 26.02 123.53 -18.23
CA VAL N 106 27.25 122.91 -17.76
C VAL N 106 28.19 123.99 -17.22
N THR N 107 28.25 125.14 -17.87
CA THR N 107 29.16 126.18 -17.41
C THR N 107 28.65 126.76 -16.09
N THR N 108 27.33 126.81 -15.91
CA THR N 108 26.78 127.22 -14.62
C THR N 108 27.14 126.24 -13.52
N MET N 109 26.99 124.95 -13.79
CA MET N 109 27.33 123.92 -12.82
C MET N 109 28.81 123.98 -12.45
N LEU N 110 29.67 124.16 -13.47
CA LEU N 110 31.10 124.23 -13.22
C LEU N 110 31.45 125.46 -12.41
N ASN N 111 30.80 126.60 -12.69
CA ASN N 111 31.08 127.80 -11.93
C ASN N 111 30.68 127.63 -10.46
N ALA N 112 29.52 127.04 -10.22
CA ALA N 112 29.08 126.82 -8.84
C ALA N 112 30.03 125.86 -8.12
N ALA N 113 30.41 124.77 -8.78
CA ALA N 113 31.31 123.81 -8.15
C ALA N 113 32.68 124.41 -7.89
N ALA N 114 33.19 125.22 -8.82
CA ALA N 114 34.47 125.88 -8.60
C ALA N 114 34.38 126.86 -7.44
N GLN N 115 33.26 127.58 -7.32
CA GLN N 115 33.08 128.47 -6.19
C GLN N 115 33.11 127.71 -4.88
N LEU N 116 32.52 126.51 -4.85
CA LEU N 116 32.62 125.67 -3.66
C LEU N 116 33.94 124.91 -3.66
N LEU N 117 35.01 125.62 -4.00
CA LEU N 117 36.36 125.08 -3.88
C LEU N 117 37.31 126.14 -3.31
N PHE N 118 37.08 127.40 -3.64
CA PHE N 118 37.98 128.47 -3.27
C PHE N 118 37.30 129.60 -2.50
N ASP N 119 35.98 129.57 -2.33
CA ASP N 119 35.31 130.59 -1.55
C ASP N 119 35.72 130.50 -0.09
N SER N 120 35.98 131.66 0.50
CA SER N 120 36.51 131.71 1.87
C SER N 120 35.53 131.12 2.87
N ASP N 121 34.25 131.10 2.52
CA ASP N 121 33.24 130.53 3.41
C ASP N 121 33.49 129.06 3.66
N TYR N 122 33.85 128.32 2.62
CA TYR N 122 34.15 126.90 2.76
C TYR N 122 35.64 126.66 2.88
N SER N 123 36.28 127.19 3.92
CA SER N 123 37.69 126.94 4.15
C SER N 123 37.86 125.95 5.28
N ASP N 124 37.13 126.16 6.37
CA ASP N 124 37.18 125.23 7.49
C ASP N 124 36.64 123.86 7.11
N PHE N 125 35.83 123.79 6.07
CA PHE N 125 35.34 122.49 5.61
C PHE N 125 36.42 121.66 4.93
N TRP N 126 37.30 122.29 4.15
CA TRP N 126 38.33 121.55 3.43
C TRP N 126 39.54 121.30 4.30
N LYS N 127 40.01 122.33 5.02
CA LYS N 127 41.23 122.21 5.80
C LYS N 127 40.95 121.67 7.19
N ALA N 128 40.03 122.30 7.92
CA ALA N 128 39.72 121.84 9.27
C ALA N 128 38.75 120.68 9.28
N GLN N 129 38.17 120.32 8.14
CA GLN N 129 37.16 119.27 8.04
C GLN N 129 35.98 119.54 8.97
N ALA N 130 35.59 120.81 9.07
CA ALA N 130 34.53 121.25 9.96
C ALA N 130 33.25 121.45 9.15
N LEU N 131 32.29 120.55 9.34
CA LEU N 131 31.03 120.61 8.60
C LEU N 131 30.28 121.90 8.87
N ALA N 132 30.38 122.42 10.09
CA ALA N 132 29.68 123.65 10.43
C ALA N 132 30.30 124.30 11.66
N ALA O 1 -18.80 128.95 20.63
CA ALA O 1 -18.24 127.61 20.53
C ALA O 1 -17.81 127.30 19.11
N ILE O 2 -17.75 126.00 18.78
CA ILE O 2 -17.27 125.58 17.47
C ILE O 2 -18.22 126.04 16.37
N ALA O 3 -19.52 125.83 16.56
CA ALA O 3 -20.50 126.24 15.57
C ALA O 3 -20.54 127.76 15.45
N ASN O 4 -20.47 128.25 14.21
CA ASN O 4 -20.52 129.68 13.91
C ASN O 4 -19.35 130.42 14.55
N SER O 5 -18.24 129.74 14.73
CA SER O 5 -17.00 130.37 15.17
C SER O 5 -16.37 131.08 13.98
N SER O 6 -15.75 132.23 14.23
CA SER O 6 -15.15 133.02 13.17
C SER O 6 -13.63 132.88 13.20
N ILE O 7 -13.04 132.69 12.02
CA ILE O 7 -11.60 132.60 11.85
C ILE O 7 -11.16 133.64 10.83
N ALA O 8 -10.15 134.43 11.16
CA ALA O 8 -9.64 135.47 10.28
C ALA O 8 -8.56 134.87 9.40
N ILE O 9 -8.86 134.67 8.12
CA ILE O 9 -7.97 133.98 7.21
C ILE O 9 -6.99 134.97 6.58
N ASP O 10 -5.75 134.53 6.40
CA ASP O 10 -4.64 135.37 5.94
C ASP O 10 -4.45 136.57 6.86
N SER O 11 -4.13 136.24 8.10
CA SER O 11 -4.04 137.24 9.16
C SER O 11 -2.69 137.10 9.87
N THR O 12 -2.20 138.23 10.37
CA THR O 12 -0.96 138.21 11.12
C THR O 12 -1.27 137.89 12.59
N ALA O 13 -0.51 136.95 13.15
CA ALA O 13 -0.68 136.50 14.53
C ALA O 13 0.42 137.12 15.37
N SER O 14 0.03 138.01 16.29
CA SER O 14 0.98 138.60 17.22
C SER O 14 0.98 137.81 18.52
N VAL O 15 1.82 138.24 19.46
CA VAL O 15 1.84 137.66 20.80
C VAL O 15 2.48 138.66 21.76
N THR O 16 1.81 138.92 22.88
CA THR O 16 2.32 139.86 23.89
C THR O 16 1.96 139.32 25.27
N GLY O 17 2.84 138.52 25.85
CA GLY O 17 2.67 138.12 27.23
C GLY O 17 3.92 138.18 28.08
N GLY O 18 5.08 138.33 27.44
CA GLY O 18 6.34 138.30 28.15
C GLY O 18 6.83 136.89 28.42
N THR O 19 7.79 136.77 29.34
CA THR O 19 8.39 135.49 29.71
C THR O 19 9.01 134.82 28.49
N ALA O 20 9.93 135.53 27.85
CA ALA O 20 10.58 135.04 26.64
C ALA O 20 11.60 133.96 26.96
N ARG O 21 11.18 132.70 26.84
CA ARG O 21 12.07 131.58 27.08
C ARG O 21 12.95 131.33 25.87
N THR O 22 13.74 130.26 25.93
CA THR O 22 14.68 129.92 24.87
C THR O 22 14.60 128.43 24.60
N VAL O 23 14.46 128.07 23.33
CA VAL O 23 14.49 126.68 22.91
C VAL O 23 15.95 126.30 22.71
N LYS O 24 16.43 125.34 23.50
CA LYS O 24 17.78 124.83 23.39
C LYS O 24 17.73 123.39 22.94
N GLU O 25 18.48 123.06 21.89
CA GLU O 25 18.42 121.70 21.36
C GLU O 25 19.20 120.75 22.25
N LEU O 26 18.75 119.49 22.28
CA LEU O 26 19.38 118.47 23.11
C LEU O 26 20.10 117.45 22.24
N VAL O 27 19.39 116.75 21.34
CA VAL O 27 19.97 115.73 20.49
C VAL O 27 19.42 115.91 19.09
N ARG O 28 19.80 115.02 18.19
CA ARG O 28 19.33 115.08 16.81
C ARG O 28 18.76 113.77 16.29
N ASN O 29 19.29 112.63 16.76
CA ASN O 29 19.06 111.31 16.18
C ASN O 29 18.65 111.32 14.71
N ASN O 30 17.71 110.46 14.34
CA ASN O 30 17.42 110.17 12.94
C ASN O 30 16.43 111.19 12.38
N SER O 31 16.94 112.19 11.66
CA SER O 31 16.13 113.18 10.96
C SER O 31 15.13 113.84 11.89
N GLU O 32 15.59 114.11 13.11
CA GLU O 32 14.76 114.66 14.17
C GLU O 32 15.54 115.79 14.84
N LEU O 33 14.88 116.50 15.75
CA LEU O 33 15.56 117.50 16.54
C LEU O 33 14.86 117.66 17.88
N ASN O 34 15.41 117.02 18.91
CA ASN O 34 14.80 117.08 20.24
C ASN O 34 15.40 118.25 21.00
N ALA O 35 14.56 119.22 21.35
CA ALA O 35 14.96 120.39 22.09
C ALA O 35 14.19 120.46 23.41
N TYR O 36 14.39 121.54 24.15
CA TYR O 36 13.66 121.77 25.38
C TYR O 36 13.59 123.27 25.64
N ILE O 37 12.55 123.68 26.36
CA ILE O 37 12.36 125.09 26.68
C ILE O 37 13.03 125.37 28.02
N ASP O 38 13.88 126.40 28.05
CA ASP O 38 14.66 126.71 29.24
C ASP O 38 13.88 127.69 30.12
N GLU O 39 13.23 127.14 31.13
CA GLU O 39 12.49 127.93 32.10
C GLU O 39 13.01 127.80 33.52
N GLY O 40 14.11 127.08 33.72
CA GLY O 40 14.68 126.87 35.03
C GLY O 40 14.05 125.77 35.85
N LEU O 41 13.24 124.90 35.25
CA LEU O 41 12.61 123.81 35.96
C LEU O 41 13.61 122.70 36.23
N SER O 42 13.13 121.61 36.82
CA SER O 42 13.99 120.46 37.07
C SER O 42 14.34 119.76 35.77
N PHE O 43 15.21 118.75 35.87
CA PHE O 43 15.69 118.07 34.68
C PHE O 43 14.60 117.21 34.07
N GLN O 44 13.88 116.43 34.88
CA GLN O 44 12.81 115.59 34.40
C GLN O 44 11.44 116.24 34.60
N ALA O 45 11.42 117.57 34.67
CA ALA O 45 10.15 118.30 34.71
C ALA O 45 10.13 119.45 33.69
N ARG O 46 11.10 119.52 32.78
CA ARG O 46 11.15 120.57 31.78
C ARG O 46 10.27 120.23 30.58
N LYS O 47 9.93 121.22 29.78
CA LYS O 47 9.13 120.98 28.58
C LYS O 47 10.07 120.77 27.41
N GLU O 48 10.05 119.57 26.84
CA GLU O 48 10.85 119.22 25.67
C GLU O 48 9.94 119.23 24.45
N VAL O 49 10.33 119.97 23.42
CA VAL O 49 9.59 119.96 22.17
C VAL O 49 10.47 119.33 21.09
N ALA O 50 9.92 118.33 20.39
CA ALA O 50 10.64 117.59 19.37
C ALA O 50 10.14 117.93 17.98
N PHE O 51 11.08 118.12 17.06
CA PHE O 51 10.81 118.47 15.67
C PHE O 51 11.23 117.31 14.78
N SER O 52 10.48 117.07 13.71
CA SER O 52 10.82 115.98 12.80
C SER O 52 10.36 116.30 11.38
N VAL O 53 11.11 115.79 10.40
CA VAL O 53 10.82 116.04 9.00
C VAL O 53 10.67 114.70 8.26
N LYS O 54 9.80 114.71 7.25
CA LYS O 54 9.45 113.55 6.46
C LYS O 54 9.40 113.98 5.00
N VAL O 55 10.53 114.46 4.49
CA VAL O 55 10.73 114.95 3.13
C VAL O 55 10.13 114.00 2.09
N PRO O 56 9.71 114.51 0.93
CA PRO O 56 9.05 113.67 -0.08
C PRO O 56 10.01 112.66 -0.70
N LYS O 57 9.41 111.57 -1.19
CA LYS O 57 10.16 110.49 -1.82
C LYS O 57 9.46 110.15 -3.14
N VAL O 58 10.24 110.10 -4.23
CA VAL O 58 9.67 109.95 -5.57
C VAL O 58 8.96 108.62 -5.70
N SER O 59 7.64 108.68 -5.89
CA SER O 59 6.81 107.50 -6.00
C SER O 59 6.24 107.39 -7.42
N VAL O 60 5.49 106.31 -7.68
CA VAL O 60 4.74 106.15 -8.92
C VAL O 60 3.27 106.47 -8.71
N SER O 61 2.76 106.19 -7.52
CA SER O 61 1.45 106.60 -7.03
C SER O 61 1.53 108.07 -6.64
N ALA O 62 0.61 108.53 -5.77
CA ALA O 62 0.61 109.92 -5.32
C ALA O 62 0.29 110.87 -6.47
N PRO O 63 -0.99 111.04 -6.79
CA PRO O 63 -1.40 111.73 -8.00
C PRO O 63 -0.98 113.19 -8.00
N GLY O 64 0.23 113.44 -8.49
CA GLY O 64 0.96 114.67 -8.30
C GLY O 64 2.44 114.37 -8.31
N GLY O 65 2.76 113.08 -8.31
CA GLY O 65 4.12 112.62 -8.57
C GLY O 65 4.75 111.84 -7.44
N PHE O 66 4.62 112.31 -6.20
CA PHE O 66 5.26 111.69 -5.06
C PHE O 66 4.73 112.24 -3.75
N THR O 67 5.05 111.52 -2.67
CA THR O 67 4.42 111.70 -1.36
C THR O 67 4.59 113.12 -0.85
N GLN O 68 3.74 113.47 0.12
CA GLN O 68 3.77 114.81 0.69
C GLN O 68 4.95 114.94 1.65
N ALA O 69 5.23 116.20 2.00
CA ALA O 69 6.34 116.54 2.87
C ALA O 69 5.81 116.80 4.28
N ARG O 70 6.21 115.98 5.24
CA ARG O 70 5.63 116.12 6.58
C ARG O 70 6.57 116.85 7.52
N SER O 71 5.97 117.62 8.43
CA SER O 71 6.72 118.33 9.49
C SER O 71 5.94 118.15 10.78
N THR O 72 6.57 117.52 11.78
CA THR O 72 5.91 117.25 13.05
C THR O 72 6.57 117.99 14.19
N VAL O 73 5.75 118.50 15.10
CA VAL O 73 6.21 119.14 16.33
C VAL O 73 5.40 118.57 17.50
N ILE O 74 6.09 117.95 18.45
CA ILE O 74 5.45 117.44 19.66
C ILE O 74 5.97 118.19 20.87
N LEU O 75 5.07 118.84 21.60
CA LEU O 75 5.42 119.59 22.80
C LEU O 75 5.02 118.74 24.00
N LYS O 76 6.02 118.28 24.75
CA LYS O 76 5.78 117.44 25.91
C LYS O 76 5.89 118.28 27.18
N SER O 77 4.78 118.41 27.90
CA SER O 77 4.74 119.15 29.15
C SER O 77 4.51 118.19 30.29
N PRO O 78 5.49 117.94 31.16
CA PRO O 78 5.29 116.96 32.24
C PRO O 78 4.45 117.54 33.37
N LYS O 79 3.82 116.64 34.12
CA LYS O 79 2.91 117.03 35.20
C LYS O 79 2.97 115.98 36.31
N THR O 80 3.06 116.46 37.55
CA THR O 80 2.98 115.61 38.73
C THR O 80 1.54 115.61 39.22
N LEU O 81 0.95 114.42 39.33
CA LEU O 81 -0.44 114.32 39.72
C LEU O 81 -0.59 114.34 41.24
N ALA O 82 -1.84 114.42 41.69
CA ALA O 82 -2.12 114.42 43.12
C ALA O 82 -1.73 113.08 43.75
N ASN O 83 -2.03 111.98 43.06
CA ASN O 83 -1.64 110.66 43.56
C ASN O 83 -0.14 110.53 43.73
N GLY O 84 0.64 111.33 43.00
CA GLY O 84 2.07 111.37 43.23
C GLY O 84 2.92 111.01 42.03
N ASN O 85 2.39 110.16 41.15
CA ASN O 85 3.14 109.75 39.97
C ASN O 85 3.22 110.90 38.96
N ARG O 86 3.92 110.64 37.86
CA ARG O 86 4.19 111.62 36.83
C ARG O 86 3.52 111.18 35.53
N THR O 87 3.14 112.16 34.73
CA THR O 87 2.55 111.91 33.42
C THR O 87 3.02 113.04 32.51
N VAL O 88 2.82 112.88 31.21
CA VAL O 88 3.16 113.92 30.24
C VAL O 88 1.92 114.30 29.45
N ASN O 89 1.68 115.59 29.34
CA ASN O 89 0.59 116.15 28.54
C ASN O 89 1.23 116.67 27.25
N THR O 90 0.78 116.12 26.12
CA THR O 90 1.46 116.37 24.86
C THR O 90 0.56 117.14 23.89
N VAL O 91 1.21 117.91 23.01
CA VAL O 91 0.52 118.62 21.94
C VAL O 91 1.26 118.38 20.63
N SER O 92 0.77 117.45 19.82
CA SER O 92 1.43 117.16 18.56
C SER O 92 0.79 117.94 17.41
N ILE O 93 1.61 118.30 16.43
CA ILE O 93 1.16 119.05 15.26
C ILE O 93 1.86 118.49 14.03
N GLN O 94 1.09 118.18 12.99
CA GLN O 94 1.64 117.65 11.74
C GLN O 94 1.17 118.48 10.55
N LEU O 95 1.98 118.50 9.50
CA LEU O 95 1.78 119.37 8.34
C LEU O 95 1.92 118.58 7.04
N SER O 96 1.12 117.52 6.90
CA SER O 96 1.11 116.70 5.69
C SER O 96 0.61 117.55 4.53
N VAL O 97 1.55 118.13 3.78
CA VAL O 97 1.21 118.97 2.63
C VAL O 97 1.98 118.49 1.41
N ASP O 98 1.32 118.57 0.26
CA ASP O 98 1.93 118.14 -0.99
C ASP O 98 3.11 119.05 -1.33
N PRO O 99 4.24 118.49 -1.77
CA PRO O 99 5.45 119.30 -1.94
C PRO O 99 5.34 120.39 -2.99
N GLU O 100 4.38 120.31 -3.90
CA GLU O 100 4.18 121.35 -4.89
C GLU O 100 3.54 122.61 -4.32
N THR O 101 3.09 122.58 -3.07
CA THR O 101 2.38 123.72 -2.51
C THR O 101 3.32 124.89 -2.27
N THR O 102 2.78 126.09 -2.45
CA THR O 102 3.57 127.30 -2.30
C THR O 102 3.69 127.68 -0.82
N ALA O 103 4.62 128.61 -0.55
CA ALA O 103 4.85 129.07 0.81
C ALA O 103 3.76 129.98 1.34
N ALA O 104 3.09 130.73 0.46
CA ALA O 104 1.95 131.54 0.89
C ALA O 104 0.80 130.67 1.36
N GLU O 105 0.53 129.58 0.65
CA GLU O 105 -0.50 128.64 1.09
C GLU O 105 -0.16 128.02 2.43
N VAL O 106 1.11 127.64 2.61
CA VAL O 106 1.55 127.06 3.88
C VAL O 106 1.39 128.08 5.00
N THR O 107 1.74 129.34 4.73
CA THR O 107 1.55 130.38 5.74
C THR O 107 0.08 130.56 6.08
N THR O 108 -0.78 130.54 5.08
CA THR O 108 -2.22 130.64 5.31
C THR O 108 -2.70 129.50 6.19
N MET O 109 -2.28 128.29 5.88
CA MET O 109 -2.70 127.11 6.65
C MET O 109 -2.18 127.18 8.08
N LEU O 110 -0.92 127.60 8.25
CA LEU O 110 -0.34 127.66 9.58
C LEU O 110 -1.03 128.73 10.42
N ASN O 111 -1.38 129.87 9.80
CA ASN O 111 -2.10 130.90 10.52
C ASN O 111 -3.50 130.43 10.89
N ALA O 112 -4.19 129.76 9.98
CA ALA O 112 -5.54 129.28 10.25
C ALA O 112 -5.54 128.24 11.36
N ALA O 113 -4.63 127.27 11.29
CA ALA O 113 -4.49 126.26 12.33
C ALA O 113 -4.08 126.84 13.67
N ALA O 114 -3.10 127.76 13.67
CA ALA O 114 -2.69 128.40 14.91
C ALA O 114 -3.70 129.45 15.35
N GLN O 115 -4.62 129.85 14.50
CA GLN O 115 -5.73 130.70 14.92
C GLN O 115 -6.69 129.95 15.83
N LEU O 116 -6.79 128.63 15.64
CA LEU O 116 -7.32 127.74 16.65
C LEU O 116 -6.32 127.70 17.81
N LEU O 117 -6.67 126.98 18.88
CA LEU O 117 -5.80 126.78 20.04
C LEU O 117 -5.61 128.05 20.86
N PHE O 118 -6.05 129.21 20.39
CA PHE O 118 -6.05 130.37 21.28
C PHE O 118 -7.30 131.21 21.08
N ASP O 119 -8.12 130.86 20.09
CA ASP O 119 -9.38 131.55 19.92
C ASP O 119 -10.34 131.17 21.05
N SER O 120 -11.06 132.17 21.54
CA SER O 120 -11.97 131.96 22.66
C SER O 120 -13.08 130.98 22.36
N ASP O 121 -13.46 130.83 21.09
CA ASP O 121 -14.55 129.93 20.74
C ASP O 121 -14.20 128.48 21.06
N TYR O 122 -12.94 128.10 20.89
CA TYR O 122 -12.51 126.73 21.04
C TYR O 122 -11.96 126.41 22.43
N SER O 123 -12.04 127.36 23.36
CA SER O 123 -11.58 127.15 24.72
C SER O 123 -12.22 125.92 25.36
N ASP O 124 -13.55 125.83 25.25
CA ASP O 124 -14.28 124.71 25.86
C ASP O 124 -13.97 123.40 25.14
N PHE O 125 -13.76 123.47 23.83
CA PHE O 125 -13.39 122.27 23.09
C PHE O 125 -12.04 121.73 23.55
N TRP O 126 -11.06 122.61 23.71
CA TRP O 126 -9.74 122.16 24.13
C TRP O 126 -9.70 121.78 25.60
N LYS O 127 -10.53 122.39 26.44
CA LYS O 127 -10.44 122.17 27.89
C LYS O 127 -11.44 121.12 28.36
N ALA O 128 -12.73 121.29 28.13
CA ALA O 128 -13.75 120.35 28.61
C ALA O 128 -14.22 119.39 27.53
N GLN O 129 -13.64 119.45 26.33
CA GLN O 129 -14.01 118.58 25.20
C GLN O 129 -15.46 118.81 24.77
N ALA O 130 -15.90 120.06 24.84
CA ALA O 130 -17.27 120.42 24.45
C ALA O 130 -17.32 120.51 22.92
N LEU O 131 -17.57 119.37 22.29
CA LEU O 131 -17.73 119.30 20.85
C LEU O 131 -18.92 120.14 20.42
N ALA O 132 -20.10 119.77 20.88
CA ALA O 132 -21.30 120.56 20.65
C ALA O 132 -21.40 121.61 21.74
N ALA P 1 -34.53 29.15 122.16
CA ALA P 1 -34.06 29.64 123.45
C ALA P 1 -32.77 30.42 123.27
N ILE P 2 -32.24 30.41 122.04
CA ILE P 2 -31.15 31.30 121.67
C ILE P 2 -31.77 32.66 121.32
N ALA P 3 -31.90 33.51 122.31
CA ALA P 3 -32.50 34.82 122.12
C ALA P 3 -32.05 35.73 123.24
N ASN P 4 -32.86 35.85 124.28
CA ASN P 4 -32.40 36.48 125.52
C ASN P 4 -31.99 35.41 126.52
N SER P 5 -30.94 34.66 126.19
CA SER P 5 -30.42 33.61 127.06
C SER P 5 -29.56 34.21 128.17
N SER P 6 -28.77 33.40 128.85
CA SER P 6 -27.87 33.92 129.86
C SER P 6 -26.66 32.99 129.97
N ILE P 7 -25.48 33.59 130.05
CA ILE P 7 -24.24 32.84 130.16
C ILE P 7 -23.27 33.60 131.06
N ALA P 8 -22.67 32.91 132.01
CA ALA P 8 -21.72 33.53 132.92
C ALA P 8 -20.35 33.59 132.25
N ILE P 9 -19.74 34.75 132.24
CA ILE P 9 -18.45 34.96 131.60
C ILE P 9 -17.38 35.12 132.69
N ASP P 10 -16.24 34.45 132.49
CA ASP P 10 -15.16 34.42 133.47
C ASP P 10 -15.64 33.79 134.79
N SER P 11 -16.08 32.55 134.70
CA SER P 11 -16.63 31.81 135.82
C SER P 11 -16.05 30.41 135.86
N THR P 12 -16.07 29.80 137.05
CA THR P 12 -15.60 28.44 137.25
C THR P 12 -16.76 27.46 137.05
N ALA P 13 -16.48 26.37 136.35
CA ALA P 13 -17.45 25.33 136.08
C ALA P 13 -17.11 24.07 136.88
N SER P 14 -18.15 23.41 137.39
CA SER P 14 -17.97 22.24 138.24
C SER P 14 -18.89 21.13 137.78
N VAL P 15 -18.66 19.94 138.32
CA VAL P 15 -19.40 18.74 137.96
C VAL P 15 -19.72 17.97 139.24
N THR P 16 -20.97 17.54 139.39
CA THR P 16 -21.40 16.74 140.52
C THR P 16 -22.07 15.47 140.04
N GLY P 17 -21.94 14.41 140.83
CA GLY P 17 -22.58 13.16 140.51
C GLY P 17 -21.90 12.43 139.36
N GLY P 18 -22.68 11.60 138.66
CA GLY P 18 -22.15 10.82 137.58
C GLY P 18 -21.27 9.67 138.07
N THR P 19 -20.52 9.10 137.14
CA THR P 19 -19.63 7.97 137.42
C THR P 19 -18.28 8.29 136.81
N ALA P 20 -17.29 8.53 137.68
CA ALA P 20 -15.94 8.85 137.23
C ALA P 20 -15.33 7.72 136.42
N ARG P 21 -15.12 7.96 135.13
CA ARG P 21 -14.49 7.00 134.24
C ARG P 21 -12.99 7.33 134.12
N THR P 22 -12.31 6.69 133.18
CA THR P 22 -10.89 6.93 132.97
C THR P 22 -10.61 6.92 131.48
N VAL P 23 -9.78 7.86 131.03
CA VAL P 23 -9.43 7.97 129.61
C VAL P 23 -8.14 7.19 129.41
N LYS P 24 -8.26 5.99 128.86
CA LYS P 24 -7.09 5.16 128.60
C LYS P 24 -6.54 5.48 127.22
N GLU P 25 -5.24 5.74 127.16
CA GLU P 25 -4.59 6.16 125.92
C GLU P 25 -4.21 4.96 125.07
N LEU P 26 -4.44 5.08 123.76
CA LEU P 26 -4.27 3.94 122.87
C LEU P 26 -3.06 4.19 121.98
N VAL P 27 -3.04 5.25 121.20
CA VAL P 27 -1.96 5.52 120.25
C VAL P 27 -1.69 7.02 120.22
N ARG P 28 -0.43 7.40 120.30
CA ARG P 28 -0.01 8.79 120.17
C ARG P 28 0.97 8.86 119.00
N ASN P 29 0.58 9.56 117.94
CA ASN P 29 1.40 9.69 116.75
C ASN P 29 0.77 10.69 115.81
N ASN P 30 1.58 11.22 114.90
CA ASN P 30 1.14 12.12 113.84
C ASN P 30 0.35 13.31 114.39
N SER P 31 0.83 13.87 115.49
CA SER P 31 0.19 14.99 116.18
C SER P 31 -1.19 14.61 116.71
N GLU P 32 -1.45 13.31 116.83
CA GLU P 32 -2.74 12.80 117.26
C GLU P 32 -2.56 11.87 118.45
N LEU P 33 -3.54 11.85 119.34
CA LEU P 33 -3.59 10.97 120.49
C LEU P 33 -4.99 10.34 120.49
N ASN P 34 -5.05 9.06 120.14
CA ASN P 34 -6.31 8.33 120.22
C ASN P 34 -6.42 7.65 121.58
N ALA P 35 -7.59 7.78 122.19
CA ALA P 35 -7.82 7.18 123.50
C ALA P 35 -9.27 6.72 123.56
N TYR P 36 -9.63 6.09 124.67
CA TYR P 36 -10.99 5.60 124.84
C TYR P 36 -11.39 5.76 126.30
N ILE P 37 -12.66 6.09 126.51
CA ILE P 37 -13.21 6.19 127.86
C ILE P 37 -13.59 4.79 128.31
N ASP P 38 -13.12 4.40 129.48
CA ASP P 38 -13.27 3.04 129.99
C ASP P 38 -14.55 3.02 130.83
N GLU P 39 -15.60 2.42 130.28
CA GLU P 39 -16.86 2.23 131.00
C GLU P 39 -17.17 0.76 131.22
N GLY P 40 -16.24 -0.14 130.93
CA GLY P 40 -16.51 -1.56 130.99
C GLY P 40 -17.50 -1.99 129.94
N LEU P 41 -17.30 -1.52 128.72
CA LEU P 41 -18.16 -1.85 127.59
C LEU P 41 -17.39 -2.72 126.61
N SER P 42 -18.05 -3.10 125.51
CA SER P 42 -17.43 -3.90 124.47
C SER P 42 -16.67 -2.99 123.51
N PHE P 43 -15.81 -3.60 122.70
CA PHE P 43 -15.00 -2.83 121.74
C PHE P 43 -15.85 -2.12 120.71
N GLN P 44 -16.92 -2.74 120.23
CA GLN P 44 -17.81 -2.13 119.26
C GLN P 44 -18.60 -0.96 119.83
N ALA P 45 -18.75 -0.87 121.14
CA ALA P 45 -19.40 0.26 121.77
C ALA P 45 -18.48 0.82 122.84
N ARG P 46 -17.55 1.67 122.42
CA ARG P 46 -16.61 2.33 123.33
C ARG P 46 -16.92 3.84 123.34
N LYS P 47 -16.10 4.68 123.93
CA LYS P 47 -16.29 6.12 123.86
C LYS P 47 -15.00 6.76 123.39
N GLU P 48 -14.46 6.27 122.27
CA GLU P 48 -13.20 6.74 121.73
C GLU P 48 -13.19 8.26 121.58
N VAL P 49 -12.07 8.88 121.97
CA VAL P 49 -11.87 10.32 121.85
C VAL P 49 -10.48 10.56 121.28
N ALA P 50 -10.39 11.44 120.30
CA ALA P 50 -9.15 11.78 119.62
C ALA P 50 -8.78 13.23 119.88
N PHE P 51 -7.54 13.43 120.34
CA PHE P 51 -6.98 14.75 120.61
C PHE P 51 -5.96 15.06 119.52
N SER P 52 -6.11 16.18 118.84
CA SER P 52 -5.20 16.54 117.77
C SER P 52 -4.72 17.97 117.97
N VAL P 53 -3.47 18.22 117.56
CA VAL P 53 -2.84 19.51 117.74
C VAL P 53 -2.23 19.95 116.41
N LYS P 54 -2.44 21.23 116.08
CA LYS P 54 -1.93 21.86 114.86
C LYS P 54 -1.17 23.12 115.29
N VAL P 55 0.16 23.01 115.34
CA VAL P 55 1.02 24.07 115.83
C VAL P 55 1.15 25.17 114.78
N PRO P 56 1.39 26.42 115.19
CA PRO P 56 1.49 27.51 114.21
C PRO P 56 2.81 27.47 113.44
N LYS P 57 2.75 27.94 112.20
CA LYS P 57 3.93 28.10 111.36
C LYS P 57 4.02 29.54 110.88
N VAL P 58 5.25 29.95 110.53
CA VAL P 58 5.48 31.32 110.12
C VAL P 58 4.77 31.58 108.79
N SER P 59 4.24 32.80 108.63
CA SER P 59 3.54 33.20 107.42
C SER P 59 3.90 34.64 107.09
N VAL P 60 3.35 35.13 105.97
CA VAL P 60 3.44 36.53 105.63
C VAL P 60 2.10 37.25 105.75
N SER P 61 1.00 36.56 105.45
CA SER P 61 -0.35 36.96 105.78
C SER P 61 -0.60 36.60 107.24
N ALA P 62 -1.88 36.49 107.64
CA ALA P 62 -2.21 36.13 109.02
C ALA P 62 -1.70 37.21 109.96
N PRO P 63 -2.47 38.29 110.15
CA PRO P 63 -1.90 39.57 110.59
C PRO P 63 -1.28 39.51 111.97
N GLY P 64 -0.01 39.14 112.00
CA GLY P 64 0.70 38.76 113.20
C GLY P 64 1.76 37.74 112.88
N GLY P 65 1.77 37.26 111.65
CA GLY P 65 2.91 36.52 111.13
C GLY P 65 2.78 35.02 111.17
N PHE P 66 1.90 34.52 112.03
CA PHE P 66 1.73 33.07 112.19
C PHE P 66 0.28 32.66 111.97
N THR P 67 0.13 31.43 111.49
CA THR P 67 -1.18 30.80 111.45
C THR P 67 -1.64 30.52 112.87
N GLN P 68 -2.92 30.23 113.02
CA GLN P 68 -3.48 30.02 114.35
C GLN P 68 -3.12 28.63 114.87
N ALA P 69 -2.97 28.54 116.18
CA ALA P 69 -2.77 27.26 116.86
C ALA P 69 -4.12 26.60 117.05
N ARG P 70 -4.26 25.36 116.56
CA ARG P 70 -5.52 24.64 116.62
C ARG P 70 -5.42 23.43 117.54
N SER P 71 -6.47 23.22 118.33
CA SER P 71 -6.58 22.06 119.23
C SER P 71 -7.97 21.47 119.01
N THR P 72 -8.01 20.23 118.54
CA THR P 72 -9.27 19.58 118.21
C THR P 72 -9.50 18.34 119.06
N VAL P 73 -10.71 18.23 119.58
CA VAL P 73 -11.11 17.03 120.32
C VAL P 73 -12.37 16.45 119.67
N ILE P 74 -12.30 15.19 119.27
CA ILE P 74 -13.47 14.51 118.71
C ILE P 74 -13.84 13.34 119.61
N LEU P 75 -15.07 13.37 120.13
CA LEU P 75 -15.61 12.30 120.98
C LEU P 75 -16.55 11.47 120.12
N LYS P 76 -16.32 10.17 120.08
CA LYS P 76 -17.14 9.27 119.27
C LYS P 76 -18.01 8.39 120.15
N SER P 77 -19.30 8.33 119.84
CA SER P 77 -20.27 7.56 120.62
C SER P 77 -21.00 6.59 119.72
N PRO P 78 -20.59 5.32 119.67
CA PRO P 78 -21.32 4.33 118.88
C PRO P 78 -22.74 4.10 119.37
N LYS P 79 -23.69 4.22 118.46
CA LYS P 79 -25.09 3.93 118.72
C LYS P 79 -25.53 2.78 117.81
N THR P 80 -26.41 1.93 118.34
CA THR P 80 -26.96 0.80 117.61
C THR P 80 -28.43 1.07 117.33
N LEU P 81 -28.83 0.91 116.07
CA LEU P 81 -30.14 1.33 115.62
C LEU P 81 -31.16 0.20 115.77
N ALA P 82 -32.41 0.50 115.40
CA ALA P 82 -33.47 -0.50 115.51
C ALA P 82 -33.22 -1.68 114.58
N ASN P 83 -32.82 -1.40 113.34
CA ASN P 83 -32.51 -2.48 112.41
C ASN P 83 -31.30 -3.28 112.90
N GLY P 84 -30.30 -2.59 113.45
CA GLY P 84 -29.13 -3.27 113.97
C GLY P 84 -27.84 -2.78 113.36
N ASN P 85 -27.93 -1.84 112.43
CA ASN P 85 -26.73 -1.21 111.90
C ASN P 85 -26.11 -0.31 112.96
N ARG P 86 -24.80 -0.14 112.89
CA ARG P 86 -24.06 0.65 113.85
C ARG P 86 -23.67 1.99 113.25
N THR P 87 -24.02 3.07 113.94
CA THR P 87 -23.61 4.41 113.56
C THR P 87 -22.77 4.99 114.69
N VAL P 88 -22.05 6.07 114.40
CA VAL P 88 -21.24 6.75 115.40
C VAL P 88 -21.72 8.19 115.51
N ASN P 89 -22.02 8.62 116.74
CA ASN P 89 -22.40 10.01 117.02
C ASN P 89 -21.16 10.71 117.55
N THR P 90 -20.77 11.80 116.90
CA THR P 90 -19.53 12.50 117.22
C THR P 90 -19.80 13.92 117.69
N VAL P 91 -18.92 14.39 118.57
CA VAL P 91 -18.87 15.80 118.96
C VAL P 91 -17.47 16.32 118.71
N SER P 92 -17.34 17.32 117.84
CA SER P 92 -16.05 17.93 117.59
C SER P 92 -15.93 19.25 118.33
N ILE P 93 -14.76 19.49 118.90
CA ILE P 93 -14.46 20.73 119.61
C ILE P 93 -13.12 21.22 119.06
N GLN P 94 -13.14 22.32 118.31
CA GLN P 94 -11.95 22.86 117.69
C GLN P 94 -11.72 24.27 118.22
N LEU P 95 -10.55 24.50 118.82
CA LEU P 95 -10.16 25.80 119.33
C LEU P 95 -9.02 26.33 118.48
N SER P 96 -9.21 27.50 117.89
CA SER P 96 -8.18 28.16 117.09
C SER P 96 -7.86 29.49 117.74
N VAL P 97 -6.62 29.63 118.23
CA VAL P 97 -6.20 30.89 118.85
C VAL P 97 -4.92 31.38 118.20
N ASP P 98 -4.85 32.69 118.01
CA ASP P 98 -3.60 33.31 117.61
C ASP P 98 -2.57 33.10 118.71
N PRO P 99 -1.31 32.84 118.35
CA PRO P 99 -0.30 32.53 119.37
C PRO P 99 -0.05 33.67 120.36
N GLU P 100 -0.46 34.89 120.05
CA GLU P 100 -0.32 35.99 121.00
C GLU P 100 -1.34 35.91 122.14
N THR P 101 -2.33 35.03 122.03
CA THR P 101 -3.40 34.97 123.01
C THR P 101 -2.90 34.44 124.34
N THR P 102 -3.23 35.15 125.41
CA THR P 102 -2.81 34.77 126.74
C THR P 102 -3.68 33.63 127.27
N ALA P 103 -3.27 33.08 128.42
CA ALA P 103 -3.99 31.93 128.98
C ALA P 103 -5.34 32.33 129.55
N ALA P 104 -5.49 33.57 129.99
CA ALA P 104 -6.77 34.02 130.53
C ALA P 104 -7.83 34.15 129.44
N GLU P 105 -7.45 34.65 128.27
CA GLU P 105 -8.42 34.74 127.17
C GLU P 105 -8.82 33.38 126.65
N VAL P 106 -7.91 32.41 126.69
CA VAL P 106 -8.25 31.04 126.33
C VAL P 106 -9.16 30.42 127.38
N THR P 107 -8.88 30.68 128.66
CA THR P 107 -9.73 30.17 129.73
C THR P 107 -11.15 30.72 129.61
N THR P 108 -11.29 32.02 129.34
CA THR P 108 -12.61 32.61 129.17
C THR P 108 -13.35 31.97 128.01
N MET P 109 -12.67 31.78 126.88
CA MET P 109 -13.28 31.17 125.70
C MET P 109 -13.73 29.75 126.02
N LEU P 110 -12.88 28.97 126.70
CA LEU P 110 -13.22 27.60 127.04
C LEU P 110 -14.42 27.54 127.96
N ASN P 111 -14.45 28.41 128.97
CA ASN P 111 -15.56 28.38 129.92
C ASN P 111 -16.87 28.80 129.26
N ALA P 112 -16.84 29.83 128.41
CA ALA P 112 -18.06 30.21 127.70
C ALA P 112 -18.54 29.12 126.75
N ALA P 113 -17.61 28.49 126.04
CA ALA P 113 -17.99 27.41 125.13
C ALA P 113 -18.54 26.20 125.89
N ALA P 114 -18.07 25.98 127.13
CA ALA P 114 -18.59 24.88 127.93
C ALA P 114 -20.05 25.09 128.26
N GLN P 115 -20.42 26.29 128.73
CA GLN P 115 -21.82 26.59 128.96
C GLN P 115 -22.63 26.65 127.68
N LEU P 116 -21.99 26.90 126.54
CA LEU P 116 -22.72 26.89 125.28
C LEU P 116 -23.33 25.52 124.97
N LEU P 117 -22.78 24.45 125.54
CA LEU P 117 -23.30 23.12 125.26
C LEU P 117 -23.74 22.36 126.51
N PHE P 118 -23.95 23.05 127.63
CA PHE P 118 -24.67 22.41 128.73
C PHE P 118 -25.72 23.28 129.40
N ASP P 119 -25.84 24.56 129.04
CA ASP P 119 -26.89 25.40 129.62
C ASP P 119 -28.27 24.92 129.19
N SER P 120 -29.27 25.14 130.04
CA SER P 120 -30.57 24.51 129.87
C SER P 120 -31.30 25.05 128.63
N ASP P 121 -30.98 26.28 128.21
CA ASP P 121 -31.65 26.87 127.06
C ASP P 121 -31.27 26.15 125.77
N TYR P 122 -29.98 26.13 125.48
CA TYR P 122 -29.46 25.56 124.23
C TYR P 122 -29.78 24.08 124.13
N SER P 123 -30.40 23.52 125.18
CA SER P 123 -30.90 22.16 125.11
C SER P 123 -31.83 21.97 123.92
N ASP P 124 -32.65 22.98 123.61
CA ASP P 124 -33.51 22.85 122.44
C ASP P 124 -32.74 22.95 121.14
N PHE P 125 -31.62 23.67 121.12
CA PHE P 125 -30.82 23.76 119.91
C PHE P 125 -30.05 22.49 119.61
N TRP P 126 -29.49 21.84 120.63
CA TRP P 126 -28.71 20.63 120.44
C TRP P 126 -29.58 19.41 120.15
N LYS P 127 -30.69 19.25 120.86
CA LYS P 127 -31.55 18.08 120.72
C LYS P 127 -32.63 18.30 119.66
N ALA P 128 -33.45 19.32 119.82
CA ALA P 128 -34.55 19.58 118.89
C ALA P 128 -34.09 20.26 117.61
N GLN P 129 -32.86 20.76 117.56
CA GLN P 129 -32.34 21.46 116.38
C GLN P 129 -33.15 22.72 116.11
N ALA P 130 -33.51 23.41 117.19
CA ALA P 130 -34.42 24.55 117.16
C ALA P 130 -33.65 25.84 117.37
N LEU P 131 -33.58 26.67 116.34
CA LEU P 131 -32.84 27.92 116.41
C LEU P 131 -33.51 28.92 117.36
N ALA P 132 -34.83 28.85 117.48
CA ALA P 132 -35.52 29.67 118.47
C ALA P 132 -36.59 28.87 119.20
N ALA Q 1 -2.40 14.70 132.22
CA ALA Q 1 -3.22 15.31 131.17
C ALA Q 1 -4.02 14.25 130.43
N ILE Q 2 -3.93 14.27 129.10
CA ILE Q 2 -4.57 13.24 128.30
C ILE Q 2 -3.73 11.97 128.39
N ALA Q 3 -4.13 11.04 129.25
CA ALA Q 3 -3.36 9.85 129.53
C ALA Q 3 -4.10 8.97 130.53
N ASN Q 4 -4.37 9.52 131.72
CA ASN Q 4 -5.08 8.81 132.77
C ASN Q 4 -6.18 9.70 133.37
N SER Q 5 -6.66 10.67 132.59
CA SER Q 5 -7.63 11.62 133.10
C SER Q 5 -8.97 10.95 133.35
N SER Q 6 -9.71 11.49 134.31
CA SER Q 6 -11.03 10.97 134.71
C SER Q 6 -12.10 11.94 134.24
N ILE Q 7 -13.16 11.40 133.65
CA ILE Q 7 -14.31 12.19 133.19
C ILE Q 7 -15.57 11.58 133.78
N ALA Q 8 -16.40 12.41 134.42
CA ALA Q 8 -17.59 11.94 135.11
C ALA Q 8 -18.74 11.82 134.11
N ILE Q 9 -19.00 10.60 133.64
CA ILE Q 9 -20.04 10.35 132.65
C ILE Q 9 -21.41 10.46 133.31
N ASP Q 10 -22.34 11.13 132.60
CA ASP Q 10 -23.72 11.30 133.04
C ASP Q 10 -23.80 12.00 134.40
N SER Q 11 -23.06 13.09 134.51
CA SER Q 11 -23.08 13.94 135.70
C SER Q 11 -23.80 15.25 135.38
N THR Q 12 -23.86 16.12 136.38
CA THR Q 12 -24.48 17.43 136.23
C THR Q 12 -23.41 18.51 136.29
N ALA Q 13 -23.34 19.32 135.25
CA ALA Q 13 -22.35 20.40 135.16
C ALA Q 13 -23.02 21.72 135.46
N SER Q 14 -22.39 22.53 136.30
CA SER Q 14 -22.93 23.82 136.72
C SER Q 14 -21.84 24.87 136.66
N VAL Q 15 -22.22 26.11 136.97
CA VAL Q 15 -21.33 27.26 136.92
C VAL Q 15 -21.57 28.11 138.17
N THR Q 16 -20.49 28.59 138.77
CA THR Q 16 -20.56 29.50 139.90
C THR Q 16 -19.68 30.71 139.62
N GLY Q 17 -20.02 31.84 140.22
CA GLY Q 17 -19.26 33.06 139.99
C GLY Q 17 -19.52 33.62 138.60
N GLY Q 18 -18.66 34.56 138.22
CA GLY Q 18 -18.73 35.16 136.90
C GLY Q 18 -19.76 36.26 136.80
N THR Q 19 -19.89 36.80 135.59
CA THR Q 19 -20.87 37.81 135.26
C THR Q 19 -21.83 37.28 134.22
N ALA Q 20 -23.12 37.47 134.47
CA ALA Q 20 -24.19 36.95 133.62
C ALA Q 20 -24.43 37.93 132.47
N ARG Q 21 -24.14 37.50 131.26
CA ARG Q 21 -24.46 38.27 130.08
C ARG Q 21 -25.67 37.68 129.37
N THR Q 22 -26.29 38.49 128.52
CA THR Q 22 -27.63 38.17 128.01
C THR Q 22 -27.58 37.38 126.71
N VAL Q 23 -26.62 37.70 125.83
CA VAL Q 23 -26.56 37.17 124.47
C VAL Q 23 -27.74 37.76 123.68
N LYS Q 24 -27.43 38.44 122.58
CA LYS Q 24 -28.44 39.18 121.82
C LYS Q 24 -28.36 38.76 120.37
N GLU Q 25 -29.53 38.48 119.77
CA GLU Q 25 -29.56 38.02 118.38
C GLU Q 25 -29.26 39.17 117.43
N LEU Q 26 -28.38 38.92 116.47
CA LEU Q 26 -28.08 39.92 115.44
C LEU Q 26 -28.87 39.69 114.16
N VAL Q 27 -28.64 38.56 113.51
CA VAL Q 27 -29.13 38.31 112.15
C VAL Q 27 -29.53 36.85 112.05
N ARG Q 28 -30.60 36.60 111.30
CA ARG Q 28 -31.16 35.27 111.15
C ARG Q 28 -31.13 34.90 109.68
N ASN Q 29 -31.66 33.71 109.36
CA ASN Q 29 -31.86 33.22 108.01
C ASN Q 29 -30.53 32.82 107.35
N ASN Q 30 -30.47 31.62 106.81
CA ASN Q 30 -31.53 30.62 106.98
C ASN Q 30 -30.91 29.35 107.54
N SER Q 31 -31.55 28.78 108.57
CA SER Q 31 -30.98 27.69 109.34
C SER Q 31 -29.62 28.09 109.91
N GLU Q 32 -29.52 29.35 110.32
CA GLU Q 32 -28.27 29.95 110.75
C GLU Q 32 -28.59 31.17 111.61
N LEU Q 33 -28.28 31.10 112.90
CA LEU Q 33 -28.52 32.24 113.78
C LEU Q 33 -27.21 32.90 114.19
N ASN Q 34 -27.22 34.23 114.22
CA ASN Q 34 -26.07 35.02 114.63
C ASN Q 34 -26.46 35.85 115.84
N ALA Q 35 -25.65 35.77 116.90
CA ALA Q 35 -25.92 36.49 118.12
C ALA Q 35 -24.61 37.09 118.62
N TYR Q 36 -24.67 37.76 119.77
CA TYR Q 36 -23.46 38.30 120.38
C TYR Q 36 -23.68 38.38 121.88
N ILE Q 37 -22.62 38.15 122.64
CA ILE Q 37 -22.68 38.24 124.09
C ILE Q 37 -22.44 39.69 124.49
N ASP Q 38 -23.46 40.31 125.09
CA ASP Q 38 -23.42 41.73 125.41
C ASP Q 38 -22.74 41.93 126.76
N GLU Q 39 -21.50 42.43 126.73
CA GLU Q 39 -20.74 42.71 127.94
C GLU Q 39 -20.39 44.19 128.04
N GLY Q 40 -21.14 45.03 127.33
CA GLY Q 40 -20.84 46.45 127.29
C GLY Q 40 -19.52 46.77 126.61
N LEU Q 41 -19.20 46.07 125.53
CA LEU Q 41 -17.97 46.28 124.78
C LEU Q 41 -18.30 46.97 123.45
N SER Q 42 -17.26 47.34 122.72
CA SER Q 42 -17.43 48.03 121.45
C SER Q 42 -17.86 47.04 120.37
N PHE Q 43 -18.11 47.59 119.17
CA PHE Q 43 -18.58 46.77 118.05
C PHE Q 43 -17.49 45.83 117.55
N GLN Q 44 -16.24 46.24 117.60
CA GLN Q 44 -15.15 45.40 117.12
C GLN Q 44 -14.64 44.42 118.18
N ALA Q 45 -15.02 44.59 119.44
CA ALA Q 45 -14.49 43.79 120.53
C ALA Q 45 -15.57 42.92 121.17
N ARG Q 46 -16.68 42.71 120.49
CA ARG Q 46 -17.76 41.91 121.05
C ARG Q 46 -17.60 40.44 120.69
N LYS Q 47 -18.20 39.58 121.50
CA LYS Q 47 -18.04 38.13 121.43
C LYS Q 47 -18.57 37.52 120.12
N GLU Q 48 -19.86 37.66 119.84
CA GLU Q 48 -20.46 37.21 118.59
C GLU Q 48 -20.42 35.70 118.33
N VAL Q 49 -21.21 34.93 119.08
CA VAL Q 49 -21.38 33.49 118.85
C VAL Q 49 -22.45 33.29 117.77
N ALA Q 50 -22.18 32.36 116.84
CA ALA Q 50 -23.10 31.99 115.78
C ALA Q 50 -23.59 30.55 115.92
N PHE Q 51 -24.84 30.32 115.52
CA PHE Q 51 -25.51 29.03 115.65
C PHE Q 51 -25.97 28.53 114.29
N SER Q 52 -25.36 27.46 113.81
CA SER Q 52 -25.74 26.85 112.54
C SER Q 52 -26.50 25.56 112.80
N VAL Q 53 -27.15 25.05 111.75
CA VAL Q 53 -27.97 23.84 111.86
C VAL Q 53 -28.07 23.15 110.50
N LYS Q 54 -27.99 21.83 110.51
CA LYS Q 54 -28.17 21.00 109.31
C LYS Q 54 -29.20 19.92 109.65
N VAL Q 55 -30.38 20.02 109.03
CA VAL Q 55 -31.47 19.10 109.36
C VAL Q 55 -31.16 17.72 108.78
N PRO Q 56 -31.71 16.64 109.35
CA PRO Q 56 -31.45 15.30 108.78
C PRO Q 56 -32.08 15.17 107.41
N LYS Q 57 -31.27 14.77 106.44
CA LYS Q 57 -31.72 14.58 105.07
C LYS Q 57 -31.93 13.10 104.80
N VAL Q 58 -33.08 12.76 104.22
CA VAL Q 58 -33.41 11.36 104.00
C VAL Q 58 -32.59 10.82 102.84
N SER Q 59 -31.52 10.09 103.17
CA SER Q 59 -30.69 9.43 102.19
C SER Q 59 -31.18 8.00 101.98
N VAL Q 60 -30.36 7.16 101.35
CA VAL Q 60 -30.72 5.76 101.15
C VAL Q 60 -29.65 4.86 101.74
N SER Q 61 -28.39 5.09 101.37
CA SER Q 61 -27.29 4.23 101.77
C SER Q 61 -26.64 4.76 103.04
N ALA Q 62 -27.44 4.82 104.11
CA ALA Q 62 -26.95 5.28 105.39
C ALA Q 62 -27.58 4.45 106.50
N PRO Q 63 -26.92 4.34 107.65
CA PRO Q 63 -27.58 3.70 108.80
C PRO Q 63 -28.86 4.43 109.19
N GLY Q 64 -29.91 3.67 109.44
CA GLY Q 64 -31.18 4.26 109.83
C GLY Q 64 -31.99 4.77 108.66
N GLY Q 65 -31.31 5.25 107.63
CA GLY Q 65 -31.96 5.73 106.43
C GLY Q 65 -31.61 7.16 106.07
N PHE Q 66 -31.54 8.05 107.07
CA PHE Q 66 -31.31 9.45 106.80
C PHE Q 66 -29.85 9.80 107.06
N THR Q 67 -29.46 11.01 106.66
CA THR Q 67 -28.18 11.57 107.08
C THR Q 67 -28.31 12.11 108.50
N GLN Q 68 -27.19 12.57 109.03
CA GLN Q 68 -27.12 12.94 110.44
C GLN Q 68 -27.63 14.36 110.68
N ALA Q 69 -28.10 14.60 111.89
CA ALA Q 69 -28.55 15.91 112.33
C ALA Q 69 -27.35 16.69 112.85
N ARG Q 70 -26.81 17.56 112.02
CA ARG Q 70 -25.66 18.36 112.40
C ARG Q 70 -26.08 19.67 113.04
N SER Q 71 -25.37 20.06 114.09
CA SER Q 71 -25.68 21.29 114.82
C SER Q 71 -24.35 21.93 115.22
N THR Q 72 -24.08 23.13 114.71
CA THR Q 72 -22.79 23.78 114.90
C THR Q 72 -22.94 25.08 115.65
N VAL Q 73 -21.98 25.34 116.54
CA VAL Q 73 -21.86 26.61 117.26
C VAL Q 73 -20.43 27.08 117.06
N ILE Q 74 -20.24 28.35 116.70
CA ILE Q 74 -18.93 28.96 116.64
C ILE Q 74 -18.91 30.19 117.52
N LEU Q 75 -18.12 30.16 118.59
CA LEU Q 75 -17.91 31.32 119.43
C LEU Q 75 -16.70 32.06 118.88
N LYS Q 76 -16.88 33.34 118.58
CA LYS Q 76 -15.78 34.18 118.11
C LYS Q 76 -15.30 35.06 119.26
N SER Q 77 -14.07 35.54 119.14
CA SER Q 77 -13.45 36.37 120.18
C SER Q 77 -12.39 37.26 119.53
N PRO Q 78 -12.68 38.55 119.39
CA PRO Q 78 -11.69 39.45 118.78
C PRO Q 78 -10.46 39.61 119.68
N LYS Q 79 -9.33 39.90 119.06
CA LYS Q 79 -8.11 40.18 119.80
C LYS Q 79 -7.22 41.08 118.95
N THR Q 80 -6.68 42.11 119.57
CA THR Q 80 -5.74 43.01 118.91
C THR Q 80 -4.32 42.61 119.26
N LEU Q 81 -3.43 42.70 118.28
CA LEU Q 81 -2.09 42.16 118.41
C LEU Q 81 -1.10 43.26 118.80
N ALA Q 82 0.16 42.87 118.99
CA ALA Q 82 1.21 43.79 119.36
C ALA Q 82 1.62 44.72 118.23
N ASN Q 83 1.18 44.45 117.01
CA ASN Q 83 1.40 45.33 115.88
C ASN Q 83 0.18 46.17 115.53
N GLY Q 84 -0.91 46.04 116.29
CA GLY Q 84 -2.11 46.80 116.08
C GLY Q 84 -3.15 46.14 115.20
N ASN Q 85 -2.82 45.01 114.57
CA ASN Q 85 -3.77 44.31 113.73
C ASN Q 85 -4.82 43.59 114.58
N ARG Q 86 -5.97 43.31 113.97
CA ARG Q 86 -7.08 42.64 114.64
C ARG Q 86 -7.21 41.24 114.05
N THR Q 87 -7.38 40.25 114.92
CA THR Q 87 -7.65 38.87 114.53
C THR Q 87 -8.78 38.31 115.38
N VAL Q 88 -9.20 37.09 115.06
CA VAL Q 88 -10.30 36.44 115.75
C VAL Q 88 -9.85 35.06 116.20
N ASN Q 89 -10.11 34.73 117.47
CA ASN Q 89 -9.97 33.37 117.97
C ASN Q 89 -11.35 32.74 117.97
N THR Q 90 -11.41 31.44 117.70
CA THR Q 90 -12.69 30.77 117.58
C THR Q 90 -12.71 29.47 118.38
N VAL Q 91 -13.90 29.13 118.86
CA VAL Q 91 -14.20 27.80 119.36
C VAL Q 91 -15.34 27.23 118.54
N SER Q 92 -15.10 26.10 117.88
CA SER Q 92 -16.13 25.47 117.05
C SER Q 92 -16.58 24.17 117.69
N ILE Q 93 -17.88 24.01 117.89
CA ILE Q 93 -18.47 22.82 118.47
C ILE Q 93 -19.50 22.29 117.49
N GLN Q 94 -19.27 21.10 116.97
CA GLN Q 94 -20.20 20.45 116.06
C GLN Q 94 -20.74 19.18 116.72
N LEU Q 95 -22.06 19.06 116.78
CA LEU Q 95 -22.72 17.86 117.29
C LEU Q 95 -23.36 17.18 116.09
N SER Q 96 -23.00 15.92 115.88
CA SER Q 96 -23.48 15.15 114.73
C SER Q 96 -24.01 13.81 115.23
N VAL Q 97 -25.33 13.74 115.40
CA VAL Q 97 -25.97 12.53 115.87
C VAL Q 97 -26.92 12.03 114.78
N ASP Q 98 -27.27 10.75 114.87
CA ASP Q 98 -28.30 10.17 114.02
C ASP Q 98 -29.67 10.60 114.53
N PRO Q 99 -30.66 10.69 113.64
CA PRO Q 99 -31.99 11.14 114.07
C PRO Q 99 -32.64 10.21 115.09
N GLU Q 100 -32.27 8.93 115.12
CA GLU Q 100 -32.81 7.97 116.06
C GLU Q 100 -32.26 8.13 117.46
N THR Q 101 -31.28 9.02 117.65
CA THR Q 101 -30.69 9.24 118.96
C THR Q 101 -31.70 9.89 119.89
N THR Q 102 -31.71 9.44 121.14
CA THR Q 102 -32.59 9.98 122.17
C THR Q 102 -31.96 11.21 122.82
N ALA Q 103 -32.79 11.93 123.58
CA ALA Q 103 -32.33 13.14 124.24
C ALA Q 103 -31.30 12.83 125.32
N ALA Q 104 -31.48 11.71 126.03
CA ALA Q 104 -30.56 11.34 127.09
C ALA Q 104 -29.16 11.01 126.55
N GLU Q 105 -29.08 10.32 125.42
CA GLU Q 105 -27.81 10.08 124.78
C GLU Q 105 -27.13 11.38 124.40
N VAL Q 106 -27.90 12.33 123.86
CA VAL Q 106 -27.34 13.59 123.42
C VAL Q 106 -26.83 14.40 124.61
N THR Q 107 -27.58 14.40 125.71
CA THR Q 107 -27.14 15.18 126.86
C THR Q 107 -25.93 14.51 127.52
N THR Q 108 -25.83 13.19 127.43
CA THR Q 108 -24.62 12.51 127.90
C THR Q 108 -23.41 12.92 127.06
N MET Q 109 -23.57 12.93 125.74
CA MET Q 109 -22.48 13.36 124.85
C MET Q 109 -22.09 14.80 125.14
N LEU Q 110 -23.08 15.67 125.33
CA LEU Q 110 -22.80 17.08 125.59
C LEU Q 110 -22.09 17.25 126.93
N ASN Q 111 -22.48 16.48 127.95
CA ASN Q 111 -21.82 16.56 129.24
C ASN Q 111 -20.36 16.13 129.14
N ALA Q 112 -20.10 15.04 128.41
CA ALA Q 112 -18.72 14.59 128.23
C ALA Q 112 -17.90 15.62 127.47
N ALA Q 113 -18.47 16.17 126.39
CA ALA Q 113 -17.75 17.16 125.60
C ALA Q 113 -17.48 18.43 126.39
N ALA Q 114 -18.44 18.88 127.17
CA ALA Q 114 -18.23 20.05 128.03
C ALA Q 114 -17.16 19.77 129.08
N GLN Q 115 -17.17 18.55 129.65
CA GLN Q 115 -16.13 18.18 130.60
C GLN Q 115 -14.76 18.26 129.96
N LEU Q 116 -14.64 17.85 128.70
CA LEU Q 116 -13.36 17.97 128.00
C LEU Q 116 -13.24 19.38 127.41
N LEU Q 117 -13.60 20.38 128.22
CA LEU Q 117 -13.38 21.78 127.85
C LEU Q 117 -12.87 22.57 129.03
N PHE Q 118 -13.32 22.21 130.23
CA PHE Q 118 -13.00 22.97 131.44
C PHE Q 118 -12.34 22.15 132.53
N ASP Q 119 -12.27 20.83 132.38
CA ASP Q 119 -11.59 20.00 133.35
C ASP Q 119 -10.11 20.37 133.42
N SER Q 120 -9.60 20.47 134.65
CA SER Q 120 -8.24 20.95 134.85
C SER Q 120 -7.21 20.00 134.23
N ASP Q 121 -7.61 18.74 134.01
CA ASP Q 121 -6.72 17.75 133.41
C ASP Q 121 -6.34 18.16 132.00
N TYR Q 122 -7.30 18.65 131.23
CA TYR Q 122 -7.02 19.15 129.89
C TYR Q 122 -6.86 20.66 129.89
N SER Q 123 -5.79 21.15 130.49
CA SER Q 123 -5.52 22.59 130.45
C SER Q 123 -4.27 22.83 129.60
N ASP Q 124 -3.24 22.03 129.83
CA ASP Q 124 -2.04 22.12 129.02
C ASP Q 124 -2.31 21.81 127.56
N PHE Q 125 -3.36 21.01 127.28
CA PHE Q 125 -3.71 20.70 125.90
C PHE Q 125 -4.28 21.88 125.15
N TRP Q 126 -5.07 22.73 125.80
CA TRP Q 126 -5.70 23.85 125.11
C TRP Q 126 -4.76 25.06 125.05
N LYS Q 127 -4.15 25.41 126.19
CA LYS Q 127 -3.32 26.61 126.23
C LYS Q 127 -1.90 26.32 125.77
N ALA Q 128 -1.26 25.32 126.38
CA ALA Q 128 0.10 24.99 126.01
C ALA Q 128 0.19 24.12 124.76
N GLN Q 129 -0.95 23.64 124.27
CA GLN Q 129 -1.00 22.75 123.10
C GLN Q 129 -0.16 21.49 123.33
N ALA Q 130 -0.19 20.99 124.55
CA ALA Q 130 0.62 19.84 124.97
C ALA Q 130 -0.22 18.57 124.92
N LEU Q 131 0.05 17.72 123.93
CA LEU Q 131 -0.70 16.47 123.78
C LEU Q 131 -0.50 15.55 124.98
N ALA Q 132 0.64 15.62 125.63
CA ALA Q 132 0.93 14.73 126.75
C ALA Q 132 2.00 15.27 127.68
N ALA R 1 8.84 -34.34 127.11
CA ALA R 1 8.85 -33.72 125.79
C ALA R 1 7.45 -33.22 125.43
N ILE R 2 7.24 -32.97 124.13
CA ILE R 2 5.98 -32.42 123.65
C ILE R 2 4.83 -33.39 123.91
N ALA R 3 5.04 -34.66 123.61
CA ALA R 3 4.00 -35.66 123.82
C ALA R 3 3.77 -35.87 125.31
N ASN R 4 2.49 -35.82 125.71
CA ASN R 4 2.07 -35.99 127.11
C ASN R 4 2.68 -34.92 128.02
N SER R 5 2.93 -33.75 127.46
CA SER R 5 3.34 -32.59 128.25
C SER R 5 2.10 -31.99 128.90
N SER R 6 2.24 -31.55 130.15
CA SER R 6 1.13 -30.98 130.88
C SER R 6 1.23 -29.46 130.94
N ILE R 7 0.11 -28.79 130.71
CA ILE R 7 0.02 -27.33 130.77
C ILE R 7 -1.10 -26.98 131.75
N ALA R 8 -0.82 -26.06 132.67
CA ALA R 8 -1.80 -25.66 133.68
C ALA R 8 -2.59 -24.48 133.14
N ILE R 9 -3.83 -24.75 132.73
CA ILE R 9 -4.69 -23.73 132.14
C ILE R 9 -5.23 -22.82 133.23
N ASP R 10 -5.33 -21.52 132.92
CA ASP R 10 -5.85 -20.50 133.84
C ASP R 10 -5.03 -20.46 135.13
N SER R 11 -3.77 -20.06 134.95
CA SER R 11 -2.80 -20.11 136.02
C SER R 11 -2.11 -18.76 136.18
N THR R 12 -1.64 -18.49 137.38
CA THR R 12 -0.83 -17.31 137.62
C THR R 12 0.64 -17.65 137.36
N ALA R 13 1.29 -16.81 136.55
CA ALA R 13 2.69 -17.01 136.17
C ALA R 13 3.53 -16.02 136.97
N SER R 14 4.34 -16.54 137.88
CA SER R 14 5.26 -15.71 138.65
C SER R 14 6.63 -15.72 137.97
N VAL R 15 7.55 -14.93 138.52
CA VAL R 15 8.93 -14.93 138.07
C VAL R 15 9.83 -14.46 139.20
N THR R 16 10.85 -15.26 139.54
CA THR R 16 11.78 -14.92 140.62
C THR R 16 13.19 -15.31 140.19
N GLY R 17 13.88 -14.40 139.51
CA GLY R 17 15.29 -14.61 139.25
C GLY R 17 16.17 -13.42 139.56
N GLY R 18 15.57 -12.24 139.65
CA GLY R 18 16.34 -11.02 139.86
C GLY R 18 16.73 -10.35 138.56
N THR R 19 17.70 -9.45 138.62
CA THR R 19 18.19 -8.69 137.46
C THR R 19 17.05 -7.91 136.80
N ALA R 20 16.48 -6.98 137.57
CA ALA R 20 15.34 -6.20 137.11
C ALA R 20 15.77 -5.11 136.14
N ARG R 21 15.82 -5.45 134.85
CA ARG R 21 16.16 -4.48 133.82
C ARG R 21 14.98 -3.55 133.57
N THR R 22 15.16 -2.62 132.63
CA THR R 22 14.16 -1.61 132.33
C THR R 22 14.00 -1.49 130.82
N VAL R 23 12.76 -1.56 130.35
CA VAL R 23 12.44 -1.33 128.95
C VAL R 23 12.33 0.17 128.73
N LYS R 24 13.23 0.74 127.93
CA LYS R 24 13.20 2.15 127.59
C LYS R 24 12.84 2.29 126.12
N GLU R 25 11.89 3.15 125.81
CA GLU R 25 11.46 3.28 124.43
C GLU R 25 12.46 4.09 123.63
N LEU R 26 12.53 3.79 122.33
CA LEU R 26 13.46 4.48 121.44
C LEU R 26 12.71 5.37 120.46
N VAL R 27 11.84 4.80 119.62
CA VAL R 27 11.11 5.55 118.61
C VAL R 27 9.67 5.06 118.61
N ARG R 28 8.88 5.62 117.70
CA ARG R 28 7.48 5.22 117.59
C ARG R 28 7.05 4.84 116.19
N ASN R 29 7.60 5.48 115.15
CA ASN R 29 7.13 5.40 113.77
C ASN R 29 5.65 5.05 113.63
N ASN R 30 5.32 4.24 112.63
CA ASN R 30 3.93 4.04 112.21
C ASN R 30 3.28 2.94 113.03
N SER R 31 2.47 3.34 114.02
CA SER R 31 1.67 2.41 114.81
C SER R 31 2.53 1.31 115.42
N GLU R 32 3.72 1.71 115.87
CA GLU R 32 4.72 0.78 116.37
C GLU R 32 5.33 1.38 117.62
N LEU R 33 6.17 0.61 118.30
CA LEU R 33 6.90 1.10 119.45
C LEU R 33 8.20 0.33 119.61
N ASN R 34 9.30 0.92 119.15
CA ASN R 34 10.60 0.26 119.26
C ASN R 34 11.25 0.67 120.57
N ALA R 35 11.55 -0.30 121.42
CA ALA R 35 12.19 -0.06 122.69
C ALA R 35 13.46 -0.89 122.78
N TYR R 36 14.10 -0.86 123.95
CA TYR R 36 15.30 -1.64 124.19
C TYR R 36 15.44 -1.89 125.68
N ILE R 37 16.09 -3.00 126.03
CA ILE R 37 16.29 -3.36 127.42
C ILE R 37 17.61 -2.79 127.89
N ASP R 38 17.58 -2.03 128.99
CA ASP R 38 18.76 -1.33 129.49
C ASP R 38 19.51 -2.24 130.47
N GLU R 39 20.40 -3.05 129.91
CA GLU R 39 21.27 -3.90 130.71
C GLU R 39 22.71 -3.39 130.77
N GLY R 40 22.99 -2.23 130.20
CA GLY R 40 24.32 -1.67 130.19
C GLY R 40 25.24 -2.18 129.10
N LEU R 41 24.70 -2.79 128.06
CA LEU R 41 25.52 -3.34 126.98
C LEU R 41 25.93 -2.24 126.02
N SER R 42 26.57 -2.63 124.92
CA SER R 42 26.96 -1.67 123.89
C SER R 42 25.74 -1.17 123.13
N PHE R 43 25.99 -0.24 122.21
CA PHE R 43 24.89 0.36 121.45
C PHE R 43 24.32 -0.61 120.43
N GLN R 44 25.18 -1.29 119.68
CA GLN R 44 24.75 -2.31 118.74
C GLN R 44 24.88 -3.70 119.31
N ALA R 45 24.76 -3.83 120.64
CA ALA R 45 24.71 -5.14 121.28
C ALA R 45 23.57 -5.24 122.27
N ARG R 46 22.73 -4.21 122.39
CA ARG R 46 21.62 -4.22 123.33
C ARG R 46 20.45 -5.03 122.78
N LYS R 47 19.55 -5.45 123.66
CA LYS R 47 18.36 -6.19 123.24
C LYS R 47 17.23 -5.20 123.01
N GLU R 48 16.80 -5.06 121.76
CA GLU R 48 15.70 -4.16 121.40
C GLU R 48 14.45 -5.01 121.20
N VAL R 49 13.35 -4.61 121.85
CA VAL R 49 12.08 -5.28 121.63
C VAL R 49 11.09 -4.30 121.02
N ALA R 50 10.47 -4.70 119.92
CA ALA R 50 9.54 -3.88 119.18
C ALA R 50 8.11 -4.37 119.39
N PHE R 51 7.22 -3.42 119.68
CA PHE R 51 5.79 -3.66 119.86
C PHE R 51 5.03 -3.06 118.69
N SER R 52 3.95 -3.73 118.28
CA SER R 52 3.16 -3.21 117.16
C SER R 52 1.70 -3.64 117.31
N VAL R 53 0.79 -2.78 116.85
CA VAL R 53 -0.63 -3.05 116.92
C VAL R 53 -1.24 -2.95 115.52
N LYS R 54 -2.24 -3.78 115.28
CA LYS R 54 -2.99 -3.86 114.03
C LYS R 54 -4.47 -4.02 114.38
N VAL R 55 -5.00 -2.98 115.04
CA VAL R 55 -6.41 -2.83 115.42
C VAL R 55 -7.35 -3.22 114.29
N PRO R 56 -8.58 -3.65 114.58
CA PRO R 56 -9.49 -4.15 113.54
C PRO R 56 -9.96 -3.05 112.61
N LYS R 57 -10.40 -3.50 111.43
CA LYS R 57 -10.91 -2.61 110.39
C LYS R 57 -12.21 -3.19 109.87
N VAL R 58 -13.25 -2.36 109.79
CA VAL R 58 -14.59 -2.83 109.46
C VAL R 58 -14.63 -3.35 108.03
N SER R 59 -14.82 -4.66 107.89
CA SER R 59 -14.92 -5.31 106.60
C SER R 59 -16.35 -5.81 106.39
N VAL R 60 -16.62 -6.41 105.24
CA VAL R 60 -17.90 -7.07 104.97
C VAL R 60 -17.77 -8.59 105.04
N SER R 61 -16.58 -9.10 104.84
CA SER R 61 -16.16 -10.47 105.08
C SER R 61 -15.90 -10.61 106.58
N ALA R 62 -15.08 -11.61 106.97
CA ALA R 62 -14.73 -11.80 108.37
C ALA R 62 -15.94 -12.19 109.21
N PRO R 63 -16.29 -13.48 109.19
CA PRO R 63 -17.58 -13.92 109.75
C PRO R 63 -17.68 -13.69 111.24
N GLY R 64 -18.17 -12.51 111.59
CA GLY R 64 -18.07 -11.92 112.91
C GLY R 64 -18.03 -10.42 112.77
N GLY R 65 -17.90 -9.96 111.54
CA GLY R 65 -18.10 -8.56 111.21
C GLY R 65 -16.89 -7.87 110.60
N PHE R 66 -15.70 -8.11 111.16
CA PHE R 66 -14.49 -7.44 110.71
C PHE R 66 -13.25 -8.09 111.33
N THR R 67 -12.10 -7.77 110.73
CA THR R 67 -10.85 -8.50 110.95
C THR R 67 -10.44 -8.49 112.41
N GLN R 68 -9.55 -9.42 112.74
CA GLN R 68 -9.06 -9.56 114.11
C GLN R 68 -8.08 -8.46 114.44
N ALA R 69 -7.85 -8.28 115.74
CA ALA R 69 -6.94 -7.27 116.27
C ALA R 69 -5.63 -7.94 116.63
N ARG R 70 -4.57 -7.68 115.86
CA ARG R 70 -3.32 -8.39 116.12
C ARG R 70 -2.31 -7.51 116.85
N SER R 71 -1.55 -8.15 117.73
CA SER R 71 -0.52 -7.47 118.53
C SER R 71 0.77 -8.26 118.40
N THR R 72 1.83 -7.61 117.93
CA THR R 72 3.09 -8.29 117.70
C THR R 72 4.19 -7.76 118.62
N VAL R 73 5.02 -8.68 119.10
CA VAL R 73 6.20 -8.36 119.89
C VAL R 73 7.39 -9.11 119.33
N ILE R 74 8.44 -8.40 118.94
CA ILE R 74 9.66 -9.03 118.45
C ILE R 74 10.82 -8.65 119.36
N LEU R 75 11.47 -9.64 119.96
CA LEU R 75 12.61 -9.41 120.83
C LEU R 75 13.87 -9.77 120.04
N LYS R 76 14.72 -8.77 119.81
CA LYS R 76 15.95 -8.97 119.05
C LYS R 76 17.13 -8.99 119.99
N SER R 77 17.78 -10.14 120.11
CA SER R 77 18.98 -10.30 120.92
C SER R 77 20.18 -10.47 119.98
N PRO R 78 21.10 -9.53 119.93
CA PRO R 78 22.24 -9.68 119.02
C PRO R 78 23.28 -10.64 119.60
N LYS R 79 24.09 -11.21 118.71
CA LYS R 79 25.08 -12.20 119.11
C LYS R 79 26.27 -12.14 118.15
N THR R 80 27.47 -12.13 118.71
CA THR R 80 28.71 -12.14 117.93
C THR R 80 29.15 -13.59 117.78
N LEU R 81 29.30 -14.03 116.54
CA LEU R 81 29.68 -15.41 116.27
C LEU R 81 31.20 -15.59 116.38
N ALA R 82 31.61 -16.87 116.42
CA ALA R 82 33.04 -17.17 116.50
C ALA R 82 33.77 -16.72 115.26
N ASN R 83 33.15 -16.88 114.08
CA ASN R 83 33.76 -16.43 112.84
C ASN R 83 34.05 -14.94 112.85
N GLY R 84 33.34 -14.18 113.68
CA GLY R 84 33.65 -12.77 113.84
C GLY R 84 32.49 -11.85 113.53
N ASN R 85 31.64 -12.26 112.58
CA ASN R 85 30.50 -11.43 112.19
C ASN R 85 29.44 -11.45 113.29
N ARG R 86 28.37 -10.70 113.04
CA ARG R 86 27.30 -10.47 114.00
C ARG R 86 25.98 -10.90 113.39
N THR R 87 25.12 -11.47 114.22
CA THR R 87 23.80 -11.91 113.79
C THR R 87 22.82 -11.51 114.89
N VAL R 88 21.52 -11.61 114.58
CA VAL R 88 20.48 -11.32 115.56
C VAL R 88 19.59 -12.55 115.71
N ASN R 89 19.34 -12.93 116.95
CA ASN R 89 18.43 -14.03 117.28
C ASN R 89 17.13 -13.38 117.73
N THR R 90 16.02 -13.85 117.18
CA THR R 90 14.74 -13.16 117.39
C THR R 90 13.70 -14.09 118.00
N VAL R 91 12.75 -13.48 118.73
CA VAL R 91 11.57 -14.17 119.22
C VAL R 91 10.34 -13.33 118.91
N SER R 92 9.61 -13.68 117.86
CA SER R 92 8.41 -12.96 117.52
C SER R 92 7.19 -13.62 118.17
N ILE R 93 6.23 -12.79 118.58
CA ILE R 93 4.99 -13.27 119.20
C ILE R 93 3.84 -12.46 118.63
N GLN R 94 2.77 -13.14 118.20
CA GLN R 94 1.61 -12.47 117.63
C GLN R 94 0.33 -12.99 118.27
N LEU R 95 -0.66 -12.12 118.38
CA LEU R 95 -1.90 -12.38 119.11
C LEU R 95 -3.11 -12.00 118.24
N SER R 96 -3.16 -12.55 117.04
CA SER R 96 -4.30 -12.31 116.14
C SER R 96 -5.54 -12.96 116.74
N VAL R 97 -6.34 -12.15 117.43
CA VAL R 97 -7.57 -12.61 118.05
C VAL R 97 -8.73 -11.72 117.61
N ASP R 98 -9.91 -12.34 117.53
CA ASP R 98 -11.08 -11.62 117.05
C ASP R 98 -11.47 -10.53 118.04
N PRO R 99 -11.82 -9.34 117.56
CA PRO R 99 -12.04 -8.20 118.48
C PRO R 99 -13.16 -8.39 119.48
N GLU R 100 -14.09 -9.31 119.23
CA GLU R 100 -15.15 -9.62 120.18
C GLU R 100 -14.67 -10.42 121.38
N THR R 101 -13.42 -10.85 121.37
CA THR R 101 -12.87 -11.66 122.45
C THR R 101 -12.85 -10.88 123.76
N THR R 102 -13.26 -11.54 124.83
CA THR R 102 -13.17 -10.96 126.17
C THR R 102 -11.75 -11.04 126.70
N ALA R 103 -11.47 -10.22 127.71
CA ALA R 103 -10.12 -10.15 128.26
C ALA R 103 -9.77 -11.37 129.11
N ALA R 104 -10.77 -12.07 129.65
CA ALA R 104 -10.47 -13.25 130.46
C ALA R 104 -9.88 -14.37 129.61
N GLU R 105 -10.48 -14.65 128.47
CA GLU R 105 -9.96 -15.70 127.60
C GLU R 105 -8.67 -15.26 126.92
N VAL R 106 -8.50 -13.94 126.71
CA VAL R 106 -7.21 -13.44 126.24
C VAL R 106 -6.13 -13.73 127.27
N THR R 107 -6.43 -13.49 128.56
CA THR R 107 -5.49 -13.81 129.63
C THR R 107 -5.22 -15.32 129.67
N THR R 108 -6.25 -16.13 129.48
CA THR R 108 -6.07 -17.57 129.43
C THR R 108 -5.11 -17.97 128.32
N MET R 109 -5.30 -17.40 127.13
CA MET R 109 -4.43 -17.70 126.00
C MET R 109 -3.00 -17.24 126.26
N LEU R 110 -2.84 -16.06 126.85
CA LEU R 110 -1.51 -15.53 127.13
C LEU R 110 -0.79 -16.40 128.14
N ASN R 111 -1.49 -16.85 129.17
CA ASN R 111 -0.88 -17.74 130.16
C ASN R 111 -0.53 -19.09 129.55
N ALA R 112 -1.42 -19.63 128.70
CA ALA R 112 -1.14 -20.92 128.07
C ALA R 112 0.06 -20.84 127.14
N ALA R 113 0.13 -19.78 126.32
CA ALA R 113 1.27 -19.57 125.42
C ALA R 113 2.55 -19.30 126.18
N ALA R 114 2.51 -18.46 127.21
CA ALA R 114 3.70 -18.19 128.00
C ALA R 114 4.04 -19.35 128.93
N GLN R 115 3.13 -20.30 129.12
CA GLN R 115 3.45 -21.52 129.83
C GLN R 115 4.38 -22.41 129.03
N LEU R 116 4.29 -22.36 127.71
CA LEU R 116 5.37 -22.79 126.85
C LEU R 116 6.52 -21.80 127.00
N LEU R 117 7.67 -22.11 126.38
CA LEU R 117 8.86 -21.25 126.39
C LEU R 117 9.57 -21.26 127.75
N PHE R 118 8.96 -21.82 128.79
CA PHE R 118 9.72 -21.96 130.03
C PHE R 118 9.43 -23.28 130.72
N ASP R 119 8.50 -24.05 130.17
CA ASP R 119 8.23 -25.37 130.72
C ASP R 119 9.38 -26.31 130.35
N SER R 120 9.68 -27.23 131.26
CA SER R 120 10.77 -28.17 131.04
C SER R 120 10.52 -29.12 129.89
N ASP R 121 9.26 -29.42 129.58
CA ASP R 121 8.95 -30.37 128.52
C ASP R 121 9.41 -29.86 127.16
N TYR R 122 9.32 -28.56 126.93
CA TYR R 122 9.61 -27.97 125.64
C TYR R 122 11.04 -27.45 125.52
N SER R 123 11.88 -27.69 126.53
CA SER R 123 13.27 -27.27 126.48
C SER R 123 13.98 -27.82 125.25
N ASP R 124 13.83 -29.11 124.99
CA ASP R 124 14.51 -29.73 123.86
C ASP R 124 13.93 -29.24 122.53
N PHE R 125 12.63 -28.96 122.50
CA PHE R 125 12.02 -28.42 121.29
C PHE R 125 12.59 -27.05 120.95
N TRP R 126 12.68 -26.18 121.96
CA TRP R 126 13.18 -24.84 121.71
C TRP R 126 14.68 -24.81 121.47
N LYS R 127 15.44 -25.74 122.03
CA LYS R 127 16.90 -25.70 121.95
C LYS R 127 17.43 -26.57 120.82
N ALA R 128 17.15 -27.88 120.83
CA ALA R 128 17.66 -28.79 119.83
C ALA R 128 16.68 -29.07 118.70
N GLN R 129 15.52 -28.40 118.69
CA GLN R 129 14.48 -28.61 117.68
C GLN R 129 13.97 -30.04 117.69
N ALA R 130 13.88 -30.62 118.90
CA ALA R 130 13.44 -32.00 119.06
C ALA R 130 11.91 -32.04 119.05
N LEU R 131 11.36 -32.14 117.83
CA LEU R 131 9.92 -32.27 117.65
C LEU R 131 9.41 -33.54 118.31
N ALA R 132 9.88 -34.68 117.84
CA ALA R 132 9.54 -35.96 118.44
C ALA R 132 10.47 -36.22 119.61
N ALA S 1 108.71 38.40 60.75
CA ALA S 1 109.72 37.99 61.71
C ALA S 1 109.77 36.46 61.79
N ILE S 2 108.85 35.82 61.08
CA ILE S 2 108.92 34.39 60.85
C ILE S 2 109.83 34.17 59.65
N ALA S 3 111.13 34.07 59.91
CA ALA S 3 112.10 33.93 58.83
C ALA S 3 113.37 33.33 59.40
N ASN S 4 114.34 34.17 59.74
CA ASN S 4 115.47 33.71 60.52
C ASN S 4 115.25 34.07 61.99
N SER S 5 114.22 33.47 62.59
CA SER S 5 113.91 33.68 63.99
C SER S 5 114.84 32.84 64.87
N SER S 6 114.48 32.66 66.14
CA SER S 6 115.24 31.78 67.00
C SER S 6 114.31 31.20 68.06
N ILE S 7 114.48 29.92 68.35
CA ILE S 7 113.68 29.24 69.35
C ILE S 7 114.57 28.23 70.07
N ALA S 8 114.52 28.24 71.40
CA ALA S 8 115.30 27.29 72.19
C ALA S 8 114.55 25.97 72.27
N ILE S 9 115.25 24.88 71.99
CA ILE S 9 114.64 23.56 71.97
C ILE S 9 115.14 22.77 73.18
N ASP S 10 114.20 22.14 73.89
CA ASP S 10 114.48 21.45 75.14
C ASP S 10 115.04 22.41 76.18
N SER S 11 114.25 23.43 76.50
CA SER S 11 114.61 24.46 77.46
C SER S 11 113.51 24.62 78.48
N THR S 12 113.87 25.17 79.64
CA THR S 12 112.91 25.44 80.70
C THR S 12 112.30 26.81 80.50
N ALA S 13 110.98 26.90 80.66
CA ALA S 13 110.25 28.15 80.55
C ALA S 13 109.78 28.60 81.92
N SER S 14 109.89 29.90 82.17
CA SER S 14 109.59 30.47 83.47
C SER S 14 108.74 31.72 83.30
N VAL S 15 108.12 32.14 84.40
CA VAL S 15 107.23 33.30 84.42
C VAL S 15 107.59 34.16 85.62
N THR S 16 107.74 35.46 85.39
CA THR S 16 108.01 36.43 86.44
C THR S 16 106.96 37.53 86.43
N GLY S 17 106.65 38.06 87.61
CA GLY S 17 105.73 39.17 87.71
C GLY S 17 104.28 38.74 87.52
N GLY S 18 103.45 39.70 87.13
CA GLY S 18 102.04 39.44 86.97
C GLY S 18 101.32 39.29 88.30
N THR S 19 100.07 38.86 88.21
CA THR S 19 99.22 38.66 89.39
C THR S 19 98.70 37.23 89.36
N ALA S 20 99.17 36.41 90.29
CA ALA S 20 98.77 35.02 90.37
C ALA S 20 97.27 34.88 90.62
N ARG S 21 96.55 34.35 89.64
CA ARG S 21 95.13 34.09 89.75
C ARG S 21 94.92 32.63 90.13
N THR S 22 93.68 32.15 90.08
CA THR S 22 93.37 30.77 90.42
C THR S 22 92.33 30.24 89.45
N VAL S 23 92.50 29.01 89.00
CA VAL S 23 91.59 28.39 88.04
C VAL S 23 90.57 27.61 88.86
N LYS S 24 89.38 28.18 89.02
CA LYS S 24 88.31 27.53 89.76
C LYS S 24 87.48 26.65 88.83
N GLU S 25 87.30 25.40 89.22
CA GLU S 25 86.61 24.41 88.40
C GLU S 25 85.10 24.54 88.56
N LEU S 26 84.40 24.47 87.42
CA LEU S 26 82.97 24.75 87.41
C LEU S 26 82.23 23.45 87.16
N VAL S 27 82.45 22.79 86.03
CA VAL S 27 81.72 21.58 85.67
C VAL S 27 82.69 20.60 85.02
N ARG S 28 82.53 19.32 85.31
CA ARG S 28 83.44 18.27 84.88
C ARG S 28 82.61 17.12 84.33
N ASN S 29 82.39 17.11 83.02
CA ASN S 29 81.54 16.10 82.42
C ASN S 29 81.97 15.85 80.98
N ASN S 30 81.60 14.66 80.49
CA ASN S 30 81.69 14.33 79.06
C ASN S 30 83.09 14.55 78.50
N SER S 31 84.10 14.12 79.26
CA SER S 31 85.51 14.28 78.88
C SER S 31 85.91 15.75 78.78
N GLU S 32 85.15 16.62 79.44
CA GLU S 32 85.38 18.06 79.44
C GLU S 32 85.42 18.57 80.87
N LEU S 33 86.21 19.62 81.09
CA LEU S 33 86.32 20.31 82.36
C LEU S 33 86.22 21.81 82.05
N ASN S 34 85.08 22.38 82.37
CA ASN S 34 84.91 23.83 82.29
C ASN S 34 85.39 24.46 83.59
N ALA S 35 86.17 25.53 83.47
CA ALA S 35 86.66 26.24 84.64
C ALA S 35 86.76 27.71 84.28
N TYR S 36 87.12 28.53 85.26
CA TYR S 36 87.24 29.96 85.01
C TYR S 36 88.40 30.51 85.84
N ILE S 37 89.12 31.46 85.26
CA ILE S 37 90.16 32.18 85.97
C ILE S 37 89.50 33.23 86.85
N ASP S 38 89.88 33.28 88.11
CA ASP S 38 89.25 34.16 89.09
C ASP S 38 90.11 35.42 89.22
N GLU S 39 89.65 36.52 88.63
CA GLU S 39 90.32 37.81 88.73
C GLU S 39 89.47 38.83 89.46
N GLY S 40 88.39 38.41 90.12
CA GLY S 40 87.47 39.33 90.75
C GLY S 40 86.74 40.18 89.74
N LEU S 41 86.26 39.55 88.68
CA LEU S 41 85.53 40.22 87.61
C LEU S 41 84.07 39.78 87.64
N SER S 42 83.27 40.38 86.76
CA SER S 42 81.86 40.04 86.66
C SER S 42 81.70 38.76 85.85
N PHE S 43 80.52 38.16 85.93
CA PHE S 43 80.25 36.91 85.21
C PHE S 43 80.33 37.08 83.70
N GLN S 44 79.90 38.23 83.18
CA GLN S 44 79.93 38.48 81.75
C GLN S 44 81.32 38.75 81.20
N ALA S 45 82.28 39.09 82.07
CA ALA S 45 83.67 39.20 81.65
C ALA S 45 84.50 38.34 82.61
N ARG S 46 84.54 37.04 82.34
CA ARG S 46 85.36 36.11 83.08
C ARG S 46 86.55 35.69 82.20
N LYS S 47 87.32 34.68 82.56
CA LYS S 47 88.36 34.14 81.69
C LYS S 47 88.17 32.63 81.58
N GLU S 48 86.95 32.20 81.24
CA GLU S 48 86.62 30.79 81.18
C GLU S 48 87.60 30.02 80.30
N VAL S 49 88.00 28.84 80.78
CA VAL S 49 88.90 27.95 80.05
C VAL S 49 88.36 26.54 80.14
N ALA S 50 88.34 25.85 78.99
CA ALA S 50 87.81 24.50 78.89
C ALA S 50 88.92 23.53 78.51
N PHE S 51 89.02 22.44 79.28
CA PHE S 51 90.00 21.38 79.07
C PHE S 51 89.26 20.14 78.57
N SER S 52 89.65 19.64 77.41
CA SER S 52 88.99 18.48 76.83
C SER S 52 90.04 17.42 76.49
N VAL S 53 89.63 16.16 76.62
CA VAL S 53 90.50 15.03 76.37
C VAL S 53 89.80 14.04 75.46
N LYS S 54 90.54 13.55 74.46
CA LYS S 54 90.06 12.58 73.48
C LYS S 54 91.05 11.41 73.50
N VAL S 55 90.65 10.31 74.14
CA VAL S 55 91.51 9.15 74.39
C VAL S 55 91.64 8.33 73.12
N PRO S 56 92.77 7.65 72.91
CA PRO S 56 92.93 6.85 71.68
C PRO S 56 92.05 5.61 71.69
N LYS S 57 91.67 5.18 70.49
CA LYS S 57 90.91 3.95 70.29
C LYS S 57 91.58 3.08 69.25
N VAL S 58 91.30 1.78 69.31
CA VAL S 58 91.93 0.82 68.40
C VAL S 58 91.46 1.08 66.98
N SER S 59 92.38 0.92 66.02
CA SER S 59 92.08 1.14 64.62
C SER S 59 92.79 0.06 63.79
N VAL S 60 92.56 0.09 62.49
CA VAL S 60 93.31 -0.75 61.56
C VAL S 60 94.27 0.06 60.71
N SER S 61 93.90 1.28 60.33
CA SER S 61 94.78 2.30 59.80
C SER S 61 95.51 2.95 60.98
N ALA S 62 96.03 4.17 60.78
CA ALA S 62 96.74 4.86 61.85
C ALA S 62 98.00 4.08 62.21
N PRO S 63 99.08 4.26 61.46
CA PRO S 63 100.15 3.25 61.40
C PRO S 63 100.82 3.03 62.74
N GLY S 64 100.25 2.12 63.51
CA GLY S 64 100.58 1.92 64.91
C GLY S 64 99.37 1.43 65.67
N GLY S 65 98.22 1.41 65.01
CA GLY S 65 97.08 0.69 65.52
C GLY S 65 96.03 1.53 66.20
N PHE S 66 96.45 2.66 66.77
CA PHE S 66 95.53 3.51 67.52
C PHE S 66 95.47 4.91 66.93
N THR S 67 94.32 5.54 67.10
CA THR S 67 94.19 6.96 66.81
C THR S 67 95.02 7.75 67.81
N GLN S 68 95.19 9.04 67.53
CA GLN S 68 96.04 9.87 68.38
C GLN S 68 95.27 10.33 69.61
N ALA S 69 96.01 10.51 70.71
CA ALA S 69 95.47 11.09 71.94
C ALA S 69 95.49 12.61 71.78
N ARG S 70 94.33 13.22 71.96
CA ARG S 70 94.19 14.66 71.78
C ARG S 70 93.86 15.33 73.11
N SER S 71 94.50 16.47 73.35
CA SER S 71 94.27 17.28 74.55
C SER S 71 94.07 18.72 74.07
N THR S 72 92.90 19.29 74.35
CA THR S 72 92.56 20.61 73.86
C THR S 72 92.26 21.56 75.01
N VAL S 73 92.86 22.75 74.95
CA VAL S 73 92.57 23.80 75.91
C VAL S 73 92.06 25.01 75.16
N ILE S 74 90.87 25.48 75.49
CA ILE S 74 90.33 26.70 74.91
C ILE S 74 90.19 27.75 75.99
N LEU S 75 90.83 28.89 75.81
CA LEU S 75 90.77 30.01 76.74
C LEU S 75 89.87 31.08 76.11
N LYS S 76 88.78 31.41 76.78
CA LYS S 76 87.86 32.41 76.27
C LYS S 76 88.07 33.74 76.99
N SER S 77 88.09 34.83 76.22
CA SER S 77 88.32 36.16 76.77
C SER S 77 87.24 37.11 76.26
N PRO S 78 86.20 37.37 77.06
CA PRO S 78 85.18 38.34 76.66
C PRO S 78 85.72 39.75 76.51
N LYS S 79 85.44 40.38 75.37
CA LYS S 79 85.77 41.76 75.12
C LYS S 79 84.50 42.54 74.81
N THR S 80 84.46 43.79 75.26
CA THR S 80 83.33 44.67 75.04
C THR S 80 83.74 45.72 74.01
N LEU S 81 82.91 45.87 72.98
CA LEU S 81 83.24 46.70 71.83
C LEU S 81 82.83 48.15 72.07
N ALA S 82 83.16 49.02 71.11
CA ALA S 82 82.81 50.43 71.22
C ALA S 82 81.30 50.61 71.25
N ASN S 83 80.59 49.89 70.37
CA ASN S 83 79.13 49.98 70.35
C ASN S 83 78.54 49.44 71.64
N GLY S 84 79.12 48.37 72.18
CA GLY S 84 78.64 47.82 73.44
C GLY S 84 78.29 46.35 73.35
N ASN S 85 78.36 45.79 72.15
CA ASN S 85 78.15 44.37 71.98
C ASN S 85 79.32 43.59 72.58
N ARG S 86 79.02 42.37 73.03
CA ARG S 86 80.01 41.52 73.67
C ARG S 86 80.48 40.44 72.70
N THR S 87 81.79 40.36 72.49
CA THR S 87 82.38 39.29 71.71
C THR S 87 83.29 38.48 72.62
N VAL S 88 83.64 37.28 72.19
CA VAL S 88 84.57 36.43 72.92
C VAL S 88 85.76 36.15 72.03
N ASN S 89 86.96 36.43 72.55
CA ASN S 89 88.21 36.16 71.86
C ASN S 89 88.81 34.90 72.47
N THR S 90 89.09 33.90 71.64
CA THR S 90 89.51 32.60 72.11
C THR S 90 90.94 32.27 71.66
N VAL S 91 91.60 31.42 72.45
CA VAL S 91 92.85 30.79 72.06
C VAL S 91 92.68 29.28 72.24
N SER S 92 92.85 28.53 71.15
CA SER S 92 92.77 27.08 71.23
C SER S 92 94.16 26.48 71.14
N ILE S 93 94.41 25.46 71.97
CA ILE S 93 95.68 24.74 71.99
C ILE S 93 95.32 23.26 71.94
N GLN S 94 95.60 22.62 70.81
CA GLN S 94 95.30 21.20 70.63
C GLN S 94 96.59 20.43 70.41
N LEU S 95 96.83 19.43 71.24
CA LEU S 95 97.99 18.55 71.13
C LEU S 95 97.50 17.15 70.76
N SER S 96 97.98 16.64 69.63
CA SER S 96 97.66 15.30 69.18
C SER S 96 98.96 14.50 69.12
N VAL S 97 99.05 13.44 69.94
CA VAL S 97 100.25 12.61 69.96
C VAL S 97 99.87 11.15 69.76
N ASP S 98 100.71 10.44 69.01
CA ASP S 98 100.60 9.00 68.96
C ASP S 98 100.86 8.43 70.35
N PRO S 99 100.09 7.41 70.76
CA PRO S 99 100.24 6.90 72.14
C PRO S 99 101.63 6.33 72.43
N GLU S 100 102.42 6.01 71.41
CA GLU S 100 103.78 5.54 71.65
C GLU S 100 104.73 6.66 72.07
N THR S 101 104.28 7.91 71.99
CA THR S 101 105.16 9.05 72.23
C THR S 101 105.57 9.14 73.69
N THR S 102 106.87 9.31 73.93
CA THR S 102 107.41 9.40 75.27
C THR S 102 107.05 10.73 75.91
N ALA S 103 107.32 10.84 77.22
CA ALA S 103 107.00 12.06 77.93
C ALA S 103 107.97 13.19 77.59
N ALA S 104 109.24 12.85 77.32
CA ALA S 104 110.20 13.86 76.92
C ALA S 104 109.89 14.43 75.54
N GLU S 105 109.41 13.57 74.63
CA GLU S 105 109.03 14.04 73.31
C GLU S 105 107.83 15.00 73.39
N VAL S 106 106.89 14.72 74.28
CA VAL S 106 105.76 15.64 74.47
C VAL S 106 106.23 16.93 75.14
N THR S 107 107.16 16.82 76.10
CA THR S 107 107.68 18.01 76.76
C THR S 107 108.38 18.93 75.76
N THR S 108 109.14 18.35 74.83
CA THR S 108 109.81 19.18 73.82
C THR S 108 108.80 19.93 72.98
N MET S 109 107.74 19.26 72.52
CA MET S 109 106.69 19.92 71.76
C MET S 109 106.04 21.03 72.57
N LEU S 110 105.72 20.75 73.83
CA LEU S 110 105.05 21.74 74.66
C LEU S 110 105.92 22.98 74.84
N ASN S 111 107.21 22.78 75.13
CA ASN S 111 108.09 23.91 75.34
C ASN S 111 108.30 24.71 74.06
N ALA S 112 108.48 24.05 72.92
CA ALA S 112 108.64 24.78 71.67
C ALA S 112 107.38 25.56 71.31
N ALA S 113 106.21 24.94 71.50
CA ALA S 113 104.96 25.63 71.21
C ALA S 113 104.72 26.79 72.15
N ALA S 114 105.23 26.72 73.39
CA ALA S 114 105.09 27.82 74.32
C ALA S 114 105.82 29.06 73.81
N GLN S 115 107.06 28.89 73.37
CA GLN S 115 107.79 30.00 72.79
C GLN S 115 107.24 30.41 71.43
N LEU S 116 106.52 29.52 70.75
CA LEU S 116 105.91 29.91 69.47
C LEU S 116 104.88 31.02 69.65
N LEU S 117 104.31 31.17 70.86
CA LEU S 117 103.32 32.22 71.08
C LEU S 117 103.69 33.18 72.20
N PHE S 118 104.97 33.22 72.59
CA PHE S 118 105.41 34.34 73.43
C PHE S 118 106.74 34.96 73.01
N ASP S 119 107.47 34.37 72.06
CA ASP S 119 108.72 34.98 71.60
C ASP S 119 108.43 36.28 70.86
N SER S 120 109.39 37.22 70.95
CA SER S 120 109.10 38.59 70.54
C SER S 120 108.93 38.73 69.03
N ASP S 121 109.52 37.83 68.26
CA ASP S 121 109.40 37.90 66.80
C ASP S 121 107.96 37.66 66.35
N TYR S 122 107.39 36.54 66.80
CA TYR S 122 106.06 36.14 66.38
C TYR S 122 105.00 37.11 66.89
N SER S 123 105.43 38.10 67.67
CA SER S 123 104.54 39.18 68.05
C SER S 123 103.94 39.85 66.83
N ASP S 124 104.70 39.96 65.75
CA ASP S 124 104.11 40.53 64.53
C ASP S 124 103.10 39.61 63.89
N PHE S 125 103.26 38.30 64.02
CA PHE S 125 102.31 37.35 63.45
C PHE S 125 101.01 37.27 64.22
N TRP S 126 101.06 37.30 65.55
CA TRP S 126 99.85 37.16 66.35
C TRP S 126 99.02 38.44 66.38
N LYS S 127 99.66 39.60 66.49
CA LYS S 127 98.95 40.87 66.59
C LYS S 127 98.71 41.50 65.22
N ALA S 128 99.78 41.73 64.46
CA ALA S 128 99.65 42.38 63.16
C ALA S 128 99.20 41.42 62.06
N GLN S 129 99.17 40.11 62.34
CA GLN S 129 98.78 39.10 61.35
C GLN S 129 99.73 39.13 60.15
N ALA S 130 101.00 39.34 60.44
CA ALA S 130 102.04 39.55 59.45
C ALA S 130 102.87 38.29 59.28
N LEU S 131 102.81 37.69 58.09
CA LEU S 131 103.52 36.45 57.82
C LEU S 131 105.03 36.69 57.70
N ALA S 132 105.44 37.91 57.39
CA ALA S 132 106.86 38.23 57.34
C ALA S 132 107.11 39.69 57.67
N ALA T 1 96.23 19.63 89.67
CA ALA T 1 96.23 19.86 88.24
C ALA T 1 95.19 20.93 87.87
N ILE T 2 94.31 20.59 86.93
CA ILE T 2 93.22 21.50 86.59
C ILE T 2 92.16 21.40 87.67
N ALA T 3 92.19 22.34 88.61
CA ALA T 3 91.31 22.29 89.77
C ALA T 3 91.54 23.51 90.67
N ASN T 4 92.79 23.73 91.08
CA ASN T 4 93.16 24.84 91.93
C ASN T 4 94.44 25.50 91.46
N SER T 5 94.79 25.30 90.19
CA SER T 5 96.05 25.78 89.66
C SER T 5 96.05 27.30 89.58
N SER T 6 97.25 27.88 89.66
CA SER T 6 97.45 29.33 89.62
C SER T 6 98.14 29.68 88.30
N ILE T 7 97.67 30.74 87.66
CA ILE T 7 98.26 31.27 86.44
C ILE T 7 98.50 32.76 86.61
N ALA T 8 99.72 33.20 86.30
CA ALA T 8 100.12 34.59 86.53
C ALA T 8 99.68 35.44 85.34
N ILE T 9 98.56 36.13 85.50
CA ILE T 9 98.03 36.97 84.43
C ILE T 9 98.88 38.21 84.27
N ASP T 10 99.16 38.58 83.01
CA ASP T 10 99.93 39.77 82.66
C ASP T 10 101.33 39.72 83.27
N SER T 11 101.99 38.59 83.10
CA SER T 11 103.36 38.38 83.54
C SER T 11 104.28 38.33 82.33
N THR T 12 105.58 38.12 82.59
CA THR T 12 106.59 38.01 81.55
C THR T 12 107.12 36.59 81.54
N ALA T 13 107.05 35.94 80.38
CA ALA T 13 107.50 34.57 80.21
C ALA T 13 108.85 34.57 79.48
N SER T 14 109.80 33.81 80.02
CA SER T 14 111.13 33.71 79.45
C SER T 14 111.52 32.24 79.33
N VAL T 15 112.73 32.00 78.85
CA VAL T 15 113.25 30.66 78.60
C VAL T 15 114.74 30.65 78.92
N THR T 16 115.19 29.58 79.58
CA THR T 16 116.60 29.41 79.90
C THR T 16 117.05 28.02 79.48
N GLY T 17 118.33 27.88 79.18
CA GLY T 17 118.86 26.62 78.72
C GLY T 17 118.46 26.33 77.28
N GLY T 18 118.67 25.08 76.88
CA GLY T 18 118.27 24.63 75.56
C GLY T 18 119.27 25.00 74.48
N THR T 19 118.92 24.59 73.26
CA THR T 19 119.67 24.92 72.06
C THR T 19 118.87 25.87 71.19
N ALA T 20 119.52 26.93 70.73
CA ALA T 20 118.87 27.98 69.95
C ALA T 20 118.89 27.59 68.48
N ARG T 21 117.76 27.12 67.98
CA ARG T 21 117.62 26.80 66.57
C ARG T 21 117.04 27.99 65.81
N THR T 22 117.23 27.99 64.49
CA THR T 22 117.01 29.19 63.70
C THR T 22 115.59 29.28 63.15
N VAL T 23 115.02 28.16 62.71
CA VAL T 23 113.75 28.13 61.97
C VAL T 23 113.99 28.75 60.60
N LYS T 24 113.70 28.00 59.54
CA LYS T 24 113.99 28.44 58.18
C LYS T 24 112.75 28.27 57.33
N GLU T 25 112.49 29.24 56.47
CA GLU T 25 111.31 29.19 55.61
C GLU T 25 111.46 28.12 54.53
N LEU T 26 110.41 27.31 54.34
CA LEU T 26 110.37 26.36 53.25
C LEU T 26 109.61 26.91 52.04
N VAL T 27 108.32 27.17 52.21
CA VAL T 27 107.40 27.47 51.12
C VAL T 27 106.38 28.48 51.62
N ARG T 28 106.03 29.42 50.75
CA ARG T 28 105.13 30.50 51.11
C ARG T 28 103.91 30.42 50.19
N ASN T 29 102.96 31.33 50.39
CA ASN T 29 101.79 31.53 49.53
C ASN T 29 100.75 30.43 49.71
N ASN T 30 99.49 30.82 49.86
CA ASN T 30 99.12 32.22 50.02
C ASN T 30 98.41 32.41 51.35
N SER T 31 98.85 33.41 52.11
CA SER T 31 98.38 33.63 53.47
C SER T 31 98.65 32.41 54.35
N GLU T 32 99.77 31.74 54.06
CA GLU T 32 100.24 30.62 54.86
C GLU T 32 101.73 30.41 54.66
N LEU T 33 102.52 30.62 55.72
CA LEU T 33 103.94 30.35 55.67
C LEU T 33 104.22 28.92 56.12
N ASN T 34 105.29 28.35 55.59
CA ASN T 34 105.76 27.03 56.00
C ASN T 34 107.25 27.11 56.29
N ALA T 35 107.64 26.68 57.48
CA ALA T 35 109.03 26.78 57.91
C ALA T 35 109.43 25.44 58.52
N TYR T 36 110.66 25.37 59.02
CA TYR T 36 111.12 24.18 59.72
C TYR T 36 112.22 24.60 60.69
N ILE T 37 112.26 23.95 61.85
CA ILE T 37 113.28 24.22 62.85
C ILE T 37 114.51 23.40 62.50
N ASP T 38 115.62 24.08 62.23
CA ASP T 38 116.84 23.43 61.79
C ASP T 38 117.69 23.02 62.99
N GLU T 39 117.68 21.72 63.29
CA GLU T 39 118.51 21.16 64.36
C GLU T 39 119.53 20.18 63.80
N GLY T 40 119.83 20.30 62.51
CA GLY T 40 120.73 19.35 61.87
C GLY T 40 120.18 17.93 61.83
N LEU T 41 118.89 17.78 61.54
CA LEU T 41 118.26 16.48 61.43
C LEU T 41 117.95 16.19 59.97
N SER T 42 117.51 14.97 59.70
CA SER T 42 117.23 14.54 58.34
C SER T 42 115.92 15.15 57.84
N PHE T 43 115.62 14.90 56.57
CA PHE T 43 114.44 15.50 55.94
C PHE T 43 113.15 14.92 56.51
N GLN T 44 113.14 13.65 56.88
CA GLN T 44 111.93 13.05 57.42
C GLN T 44 111.79 13.24 58.92
N ALA T 45 112.80 13.80 59.59
CA ALA T 45 112.80 13.90 61.04
C ALA T 45 112.89 15.35 61.51
N ARG T 46 112.57 16.30 60.63
CA ARG T 46 112.66 17.71 61.00
C ARG T 46 111.33 18.23 61.53
N LYS T 47 111.40 19.29 62.34
CA LYS T 47 110.25 19.82 63.07
C LYS T 47 109.15 20.31 62.15
N GLU T 48 109.43 21.29 61.29
CA GLU T 48 108.47 21.76 60.28
C GLU T 48 107.22 22.40 60.89
N VAL T 49 107.36 23.62 61.41
CA VAL T 49 106.24 24.42 61.89
C VAL T 49 105.63 25.20 60.74
N ALA T 50 104.30 25.25 60.69
CA ALA T 50 103.55 25.98 59.68
C ALA T 50 102.75 27.12 60.29
N PHE T 51 102.61 28.21 59.53
CA PHE T 51 101.92 29.42 59.98
C PHE T 51 100.81 29.76 59.01
N SER T 52 99.58 29.84 59.52
CA SER T 52 98.42 30.18 58.71
C SER T 52 97.83 31.51 59.20
N VAL T 53 97.02 32.12 58.34
CA VAL T 53 96.43 33.43 58.66
C VAL T 53 95.09 33.58 57.94
N LYS T 54 94.10 34.11 58.66
CA LYS T 54 92.79 34.43 58.10
C LYS T 54 92.49 35.88 58.42
N VAL T 55 92.46 36.73 57.40
CA VAL T 55 92.32 38.16 57.62
C VAL T 55 90.89 38.47 58.06
N PRO T 56 90.66 39.56 58.80
CA PRO T 56 89.28 39.90 59.18
C PRO T 56 88.44 40.26 57.96
N LYS T 57 87.33 39.56 57.81
CA LYS T 57 86.43 39.76 56.69
C LYS T 57 85.22 40.55 57.15
N VAL T 58 84.89 41.62 56.42
CA VAL T 58 83.81 42.52 56.83
C VAL T 58 82.47 41.83 56.60
N SER T 59 81.86 41.34 57.68
CA SER T 59 80.52 40.76 57.63
C SER T 59 79.48 41.84 57.93
N VAL T 60 78.25 41.42 58.21
CA VAL T 60 77.19 42.37 58.56
C VAL T 60 76.64 42.03 59.94
N SER T 61 76.28 40.76 60.15
CA SER T 61 75.65 40.34 61.39
C SER T 61 76.69 39.74 62.34
N ALA T 62 77.61 40.61 62.76
CA ALA T 62 78.64 40.21 63.70
C ALA T 62 78.92 41.34 64.67
N PRO T 63 79.40 41.05 65.87
CA PRO T 63 79.86 42.12 66.76
C PRO T 63 80.97 42.93 66.11
N GLY T 64 80.86 44.24 66.20
CA GLY T 64 81.86 45.11 65.62
C GLY T 64 81.66 45.34 64.14
N GLY T 65 81.18 44.31 63.45
CA GLY T 65 80.90 44.41 62.03
C GLY T 65 81.63 43.37 61.20
N PHE T 66 82.90 43.11 61.51
CA PHE T 66 83.70 42.20 60.71
C PHE T 66 83.75 40.83 61.37
N THR T 67 84.21 39.83 60.63
CA THR T 67 84.55 38.55 61.23
C THR T 67 85.89 38.66 61.94
N GLN T 68 86.27 37.59 62.63
CA GLN T 68 87.42 37.63 63.51
C GLN T 68 88.72 37.43 62.76
N ALA T 69 89.80 37.95 63.34
CA ALA T 69 91.14 37.78 62.79
C ALA T 69 91.70 36.46 63.31
N ARG T 70 91.66 35.44 62.47
CA ARG T 70 92.14 34.11 62.84
C ARG T 70 93.62 33.99 62.51
N SER T 71 94.37 33.35 63.41
CA SER T 71 95.82 33.19 63.21
C SER T 71 96.21 31.83 63.79
N THR T 72 96.68 30.94 62.93
CA THR T 72 96.95 29.56 63.31
C THR T 72 98.43 29.22 63.13
N VAL T 73 98.94 28.44 64.08
CA VAL T 73 100.28 27.87 64.02
C VAL T 73 100.12 26.37 64.27
N ILE T 74 100.81 25.55 63.49
CA ILE T 74 100.86 24.11 63.73
C ILE T 74 102.31 23.67 63.76
N LEU T 75 102.77 23.20 64.91
CA LEU T 75 104.09 22.60 65.04
C LEU T 75 103.94 21.11 64.79
N LYS T 76 104.71 20.59 63.85
CA LYS T 76 104.73 19.15 63.58
C LYS T 76 105.97 18.55 64.20
N SER T 77 105.92 17.24 64.43
CA SER T 77 107.03 16.52 65.05
C SER T 77 107.00 15.07 64.57
N PRO T 78 107.95 14.68 63.74
CA PRO T 78 108.00 13.30 63.26
C PRO T 78 108.30 12.33 64.38
N LYS T 79 107.82 11.09 64.22
CA LYS T 79 108.15 10.03 65.16
C LYS T 79 107.99 8.69 64.46
N THR T 80 108.98 7.83 64.62
CA THR T 80 108.92 6.48 64.08
C THR T 80 108.52 5.51 65.19
N LEU T 81 107.75 4.49 64.83
CA LEU T 81 107.12 3.63 65.80
C LEU T 81 107.86 2.31 65.97
N ALA T 82 107.31 1.44 66.82
CA ALA T 82 107.90 0.14 67.11
C ALA T 82 107.71 -0.86 65.98
N ASN T 83 106.84 -0.57 65.02
CA ASN T 83 106.69 -1.38 63.82
C ASN T 83 107.45 -0.83 62.64
N GLY T 84 108.18 0.27 62.82
CA GLY T 84 108.91 0.92 61.76
C GLY T 84 108.12 1.96 61.00
N ASN T 85 106.82 2.08 61.26
CA ASN T 85 106.00 3.05 60.56
C ASN T 85 106.27 4.46 61.06
N ARG T 86 105.94 5.44 60.22
CA ARG T 86 106.24 6.85 60.44
C ARG T 86 104.93 7.56 60.73
N THR T 87 104.94 8.47 61.69
CA THR T 87 103.77 9.28 62.03
C THR T 87 104.21 10.67 62.49
N VAL T 88 103.21 11.54 62.69
CA VAL T 88 103.46 12.93 63.06
C VAL T 88 102.62 13.28 64.28
N ASN T 89 103.24 13.91 65.26
CA ASN T 89 102.54 14.52 66.38
C ASN T 89 102.41 16.01 66.10
N THR T 90 101.30 16.61 66.51
CA THR T 90 101.05 18.01 66.19
C THR T 90 100.68 18.79 67.45
N VAL T 91 101.05 20.07 67.42
CA VAL T 91 100.54 21.05 68.36
C VAL T 91 99.89 22.17 67.55
N SER T 92 98.60 22.39 67.72
CA SER T 92 97.89 23.40 66.96
C SER T 92 97.43 24.53 67.90
N ILE T 93 97.80 25.75 67.55
CA ILE T 93 97.46 26.94 68.33
C ILE T 93 96.71 27.89 67.41
N GLN T 94 95.45 28.16 67.71
CA GLN T 94 94.67 29.12 66.96
C GLN T 94 94.32 30.31 67.86
N LEU T 95 94.68 31.50 67.41
CA LEU T 95 94.33 32.75 68.10
C LEU T 95 93.24 33.41 67.27
N SER T 96 92.12 33.72 67.93
CA SER T 96 90.97 34.32 67.26
C SER T 96 90.50 35.52 68.06
N VAL T 97 90.85 36.70 67.59
CA VAL T 97 90.44 37.93 68.24
C VAL T 97 89.59 38.75 67.28
N ASP T 98 88.79 39.64 67.82
CA ASP T 98 88.08 40.64 67.02
C ASP T 98 89.07 41.72 66.60
N PRO T 99 88.87 42.32 65.43
CA PRO T 99 89.83 43.35 64.95
C PRO T 99 89.96 44.53 65.90
N GLU T 100 88.94 44.83 66.70
CA GLU T 100 88.96 45.93 67.65
C GLU T 100 89.87 45.67 68.84
N THR T 101 90.38 44.45 68.98
CA THR T 101 91.24 44.10 70.11
C THR T 101 92.57 44.83 70.02
N THR T 102 93.04 45.31 71.17
CA THR T 102 94.33 45.97 71.27
C THR T 102 95.46 44.95 71.39
N ALA T 103 96.68 45.45 71.22
CA ALA T 103 97.85 44.57 71.26
C ALA T 103 98.08 44.02 72.67
N ALA T 104 97.79 44.83 73.70
CA ALA T 104 98.03 44.39 75.07
C ALA T 104 97.08 43.27 75.49
N GLU T 105 95.82 43.33 75.04
CA GLU T 105 94.91 42.23 75.30
C GLU T 105 95.38 40.93 74.66
N VAL T 106 95.87 41.01 73.43
CA VAL T 106 96.40 39.83 72.75
C VAL T 106 97.64 39.33 73.48
N THR T 107 98.46 40.23 74.00
CA THR T 107 99.64 39.86 74.78
C THR T 107 99.23 39.10 76.02
N THR T 108 98.20 39.58 76.73
CA THR T 108 97.72 38.90 77.91
C THR T 108 97.20 37.50 77.57
N MET T 109 96.43 37.41 76.48
CA MET T 109 95.89 36.12 76.05
C MET T 109 97.00 35.14 75.71
N LEU T 110 98.01 35.60 74.98
CA LEU T 110 99.11 34.73 74.60
C LEU T 110 99.91 34.28 75.82
N ASN T 111 100.11 35.18 76.77
CA ASN T 111 100.83 34.80 77.98
C ASN T 111 100.06 33.75 78.77
N ALA T 112 98.75 33.92 78.91
CA ALA T 112 97.94 32.94 79.62
C ALA T 112 97.97 31.59 78.91
N ALA T 113 97.80 31.61 77.58
CA ALA T 113 97.79 30.36 76.82
C ALA T 113 99.15 29.66 76.87
N ALA T 114 100.24 30.43 76.80
CA ALA T 114 101.57 29.85 76.93
C ALA T 114 101.77 29.25 78.31
N GLN T 115 101.28 29.93 79.35
CA GLN T 115 101.35 29.39 80.70
C GLN T 115 100.64 28.05 80.78
N LEU T 116 99.47 27.94 80.13
CA LEU T 116 98.77 26.66 80.10
C LEU T 116 99.35 25.79 78.98
N LEU T 117 100.68 25.77 78.91
CA LEU T 117 101.39 24.85 78.02
C LEU T 117 102.59 24.24 78.73
N PHE T 118 103.20 25.01 79.62
CA PHE T 118 104.43 24.59 80.28
C PHE T 118 104.36 24.64 81.79
N ASP T 119 103.29 25.17 82.38
CA ASP T 119 103.16 25.18 83.82
C ASP T 119 103.08 23.76 84.37
N SER T 120 103.82 23.51 85.45
CA SER T 120 103.95 22.16 85.98
C SER T 120 102.62 21.60 86.44
N ASP T 121 101.66 22.47 86.74
CA ASP T 121 100.34 22.04 87.18
C ASP T 121 99.63 21.25 86.09
N TYR T 122 99.76 21.70 84.84
CA TYR T 122 99.16 20.99 83.72
C TYR T 122 100.19 20.10 83.04
N SER T 123 100.71 19.10 83.74
CA SER T 123 101.61 18.16 83.12
C SER T 123 100.91 16.82 82.92
N ASP T 124 100.18 16.38 83.94
CA ASP T 124 99.39 15.15 83.80
C ASP T 124 98.31 15.30 82.74
N PHE T 125 97.86 16.52 82.47
CA PHE T 125 96.85 16.73 81.44
C PHE T 125 97.37 16.51 80.03
N TRP T 126 98.60 16.94 79.74
CA TRP T 126 99.15 16.78 78.40
C TRP T 126 99.74 15.39 78.20
N LYS T 127 100.57 14.94 79.14
CA LYS T 127 101.27 13.67 78.96
C LYS T 127 100.41 12.49 79.39
N ALA T 128 99.93 12.52 80.65
CA ALA T 128 99.10 11.42 81.13
C ALA T 128 97.66 11.52 80.63
N GLN T 129 97.30 12.64 79.98
CA GLN T 129 95.94 12.89 79.54
C GLN T 129 94.95 12.80 80.69
N ALA T 130 95.36 13.30 81.85
CA ALA T 130 94.59 13.20 83.09
C ALA T 130 93.83 14.50 83.32
N LEU T 131 92.52 14.47 83.12
CA LEU T 131 91.68 15.65 83.35
C LEU T 131 91.56 15.96 84.84
N ALA T 132 92.01 15.05 85.69
CA ALA T 132 91.87 15.22 87.12
C ALA T 132 93.15 14.83 87.87
N ALA U 1 54.88 32.62 115.59
CA ALA U 1 54.43 32.06 114.32
C ALA U 1 54.87 32.95 113.16
N ILE U 2 54.25 32.73 111.99
CA ILE U 2 54.65 33.45 110.78
C ILE U 2 54.40 34.95 110.94
N ALA U 3 53.23 35.32 111.45
CA ALA U 3 52.92 36.73 111.65
C ALA U 3 53.81 37.33 112.72
N ASN U 4 54.43 38.46 112.41
CA ASN U 4 55.32 39.19 113.32
C ASN U 4 56.53 38.33 113.73
N SER U 5 56.94 37.44 112.83
CA SER U 5 58.16 36.67 113.02
C SER U 5 59.35 37.55 112.68
N SER U 6 60.43 37.41 113.44
CA SER U 6 61.62 38.24 113.25
C SER U 6 62.73 37.44 112.60
N ILE U 7 63.31 38.01 111.54
CA ILE U 7 64.45 37.41 110.84
C ILE U 7 65.60 38.40 110.90
N ALA U 8 66.78 37.93 111.31
CA ALA U 8 67.95 38.78 111.42
C ALA U 8 68.68 38.79 110.07
N ILE U 9 68.59 39.91 109.36
CA ILE U 9 69.18 40.03 108.03
C ILE U 9 70.68 40.28 108.15
N ASP U 10 71.43 39.69 107.22
CA ASP U 10 72.89 39.83 107.17
C ASP U 10 73.53 39.33 108.47
N SER U 11 73.35 38.04 108.70
CA SER U 11 73.74 37.43 109.96
C SER U 11 74.62 36.21 109.69
N THR U 12 75.50 35.92 110.64
CA THR U 12 76.27 34.69 110.56
C THR U 12 75.48 33.54 111.19
N ALA U 13 75.38 32.44 110.45
CA ALA U 13 74.64 31.26 110.89
C ALA U 13 75.64 30.21 111.34
N SER U 14 75.66 29.94 112.65
CA SER U 14 76.51 28.88 113.18
C SER U 14 75.72 27.58 113.28
N VAL U 15 76.38 26.53 113.75
CA VAL U 15 75.72 25.26 114.01
C VAL U 15 76.55 24.47 115.01
N THR U 16 75.90 23.97 116.07
CA THR U 16 76.59 23.22 117.12
C THR U 16 75.67 22.10 117.59
N GLY U 17 75.76 20.94 116.96
CA GLY U 17 75.07 19.76 117.46
C GLY U 17 75.92 18.51 117.49
N GLY U 18 77.06 18.54 116.80
CA GLY U 18 77.87 17.34 116.67
C GLY U 18 77.38 16.44 115.56
N THR U 19 77.84 15.18 115.56
CA THR U 19 77.48 14.20 114.55
C THR U 19 77.89 14.67 113.16
N ALA U 20 79.19 14.92 113.01
CA ALA U 20 79.74 15.45 111.76
C ALA U 20 79.81 14.38 110.70
N ARG U 21 78.80 14.31 109.85
CA ARG U 21 78.75 13.33 108.78
C ARG U 21 79.56 13.82 107.58
N THR U 22 79.53 13.04 106.50
CA THR U 22 80.31 13.33 105.31
C THR U 22 79.47 13.11 104.07
N VAL U 23 79.45 14.09 103.19
CA VAL U 23 78.77 13.98 101.90
C VAL U 23 79.74 13.31 100.92
N LYS U 24 79.38 12.13 100.45
CA LYS U 24 80.17 11.40 99.46
C LYS U 24 79.39 11.36 98.16
N GLU U 25 80.05 11.74 97.06
CA GLU U 25 79.36 11.78 95.78
C GLU U 25 79.18 10.37 95.22
N LEU U 26 78.11 10.19 94.46
CA LEU U 26 77.80 8.90 93.86
C LEU U 26 77.99 8.95 92.34
N VAL U 27 77.28 9.83 91.64
CA VAL U 27 77.35 9.94 90.19
C VAL U 27 77.31 11.42 89.82
N ARG U 28 77.36 11.70 88.54
CA ARG U 28 77.34 13.07 88.05
C ARG U 28 76.26 13.34 87.02
N ASN U 29 75.94 12.36 86.17
CA ASN U 29 75.15 12.51 84.95
C ASN U 29 75.18 13.92 84.35
N ASN U 30 74.05 14.41 83.88
CA ASN U 30 74.01 15.60 83.03
C ASN U 30 73.95 16.86 83.89
N SER U 31 75.11 17.49 84.08
CA SER U 31 75.22 18.76 84.80
C SER U 31 74.55 18.68 86.17
N GLU U 32 74.76 17.54 86.83
CA GLU U 32 74.16 17.27 88.13
C GLU U 32 75.24 16.70 89.03
N LEU U 33 74.89 16.43 90.28
CA LEU U 33 75.81 15.78 91.20
C LEU U 33 75.02 15.07 92.28
N ASN U 34 74.88 13.76 92.16
CA ASN U 34 74.14 12.99 93.14
C ASN U 34 75.10 12.47 94.20
N ALA U 35 74.87 12.84 95.45
CA ALA U 35 75.69 12.43 96.57
C ALA U 35 74.81 11.77 97.63
N TYR U 36 75.43 11.40 98.75
CA TYR U 36 74.70 10.80 99.85
C TYR U 36 75.46 11.08 101.14
N ILE U 37 74.73 11.11 102.25
CA ILE U 37 75.33 11.38 103.55
C ILE U 37 75.70 10.06 104.21
N ASP U 38 76.98 9.91 104.55
CA ASP U 38 77.50 8.67 105.09
C ASP U 38 77.23 8.61 106.59
N GLU U 39 76.21 7.85 106.95
CA GLU U 39 75.82 7.68 108.34
C GLU U 39 75.70 6.23 108.77
N GLY U 40 76.10 5.30 107.92
CA GLY U 40 76.08 3.89 108.26
C GLY U 40 74.73 3.20 108.12
N LEU U 41 73.75 3.84 107.49
CA LEU U 41 72.46 3.22 107.29
C LEU U 41 72.53 2.22 106.13
N SER U 42 71.38 1.64 105.80
CA SER U 42 71.32 0.68 104.71
C SER U 42 71.54 1.37 103.37
N PHE U 43 71.71 0.56 102.33
CA PHE U 43 71.96 1.09 101.00
C PHE U 43 70.76 1.88 100.48
N GLN U 44 69.56 1.33 100.65
CA GLN U 44 68.33 2.00 100.22
C GLN U 44 67.62 2.65 101.40
N ALA U 45 68.36 2.99 102.45
CA ALA U 45 67.81 3.80 103.54
C ALA U 45 68.69 5.00 103.87
N ARG U 46 69.66 5.34 103.01
CA ARG U 46 70.55 6.46 103.24
C ARG U 46 69.95 7.75 102.70
N LYS U 47 70.46 8.89 103.17
CA LYS U 47 69.98 10.19 102.70
C LYS U 47 70.83 10.61 101.52
N GLU U 48 70.21 10.74 100.35
CA GLU U 48 70.87 11.16 99.12
C GLU U 48 70.48 12.62 98.86
N VAL U 49 71.49 13.47 98.70
CA VAL U 49 71.24 14.85 98.30
C VAL U 49 71.82 15.11 96.93
N ALA U 50 70.97 15.59 96.01
CA ALA U 50 71.33 15.86 94.64
C ALA U 50 71.49 17.35 94.41
N PHE U 51 72.57 17.71 93.70
CA PHE U 51 72.89 19.08 93.33
C PHE U 51 72.76 19.24 91.82
N SER U 52 72.34 20.43 91.39
CA SER U 52 72.21 20.69 89.96
C SER U 52 72.40 22.17 89.67
N VAL U 53 72.99 22.47 88.50
CA VAL U 53 73.20 23.84 88.06
C VAL U 53 72.55 24.04 86.70
N LYS U 54 72.05 25.25 86.49
CA LYS U 54 71.40 25.67 85.26
C LYS U 54 71.89 27.09 84.94
N VAL U 55 73.19 27.18 84.67
CA VAL U 55 73.92 28.37 84.27
C VAL U 55 73.16 29.19 83.23
N PRO U 56 73.38 30.50 83.16
CA PRO U 56 72.60 31.35 82.25
C PRO U 56 72.89 31.06 80.78
N LYS U 57 71.91 31.40 79.94
CA LYS U 57 72.00 31.23 78.50
C LYS U 57 71.63 32.55 77.84
N VAL U 58 72.47 33.03 76.93
CA VAL U 58 72.29 34.35 76.34
C VAL U 58 71.03 34.38 75.50
N SER U 59 70.02 35.11 75.97
CA SER U 59 68.75 35.26 75.26
C SER U 59 68.66 36.66 74.66
N VAL U 60 67.53 36.97 74.02
CA VAL U 60 67.23 38.32 73.55
C VAL U 60 66.18 38.98 74.44
N SER U 61 65.33 38.18 75.05
CA SER U 61 64.40 38.55 76.10
C SER U 61 65.18 38.62 77.42
N ALA U 62 64.49 38.48 78.55
CA ALA U 62 65.14 38.51 79.87
C ALA U 62 65.70 39.90 80.15
N PRO U 63 64.86 40.82 80.62
CA PRO U 63 65.24 42.24 80.68
C PRO U 63 66.40 42.48 81.63
N GLY U 64 67.60 42.37 81.06
CA GLY U 64 68.84 42.23 81.79
C GLY U 64 69.81 41.42 80.96
N GLY U 65 69.28 40.82 79.89
CA GLY U 65 70.11 40.25 78.84
C GLY U 65 69.97 38.76 78.64
N PHE U 66 69.94 37.99 79.72
CA PHE U 66 69.88 36.54 79.65
C PHE U 66 69.28 35.95 80.91
N THR U 67 68.88 34.69 80.81
CA THR U 67 68.15 34.00 81.86
C THR U 67 68.97 33.91 83.15
N GLN U 68 68.27 33.72 84.26
CA GLN U 68 68.92 33.59 85.55
C GLN U 68 69.68 32.27 85.65
N ALA U 69 70.59 32.23 86.61
CA ALA U 69 71.39 31.04 86.89
C ALA U 69 70.76 30.32 88.07
N ARG U 70 70.13 29.16 87.82
CA ARG U 70 69.44 28.51 88.92
C ARG U 70 70.28 27.36 89.49
N SER U 71 70.23 27.21 90.81
CA SER U 71 70.98 26.16 91.52
C SER U 71 69.99 25.40 92.38
N THR U 72 69.92 24.09 92.21
CA THR U 72 68.97 23.28 92.94
C THR U 72 69.66 22.25 93.84
N VAL U 73 69.09 22.06 95.03
CA VAL U 73 69.51 21.03 95.97
C VAL U 73 68.28 20.28 96.45
N ILE U 74 68.24 18.97 96.25
CA ILE U 74 67.15 18.14 96.75
C ILE U 74 67.72 17.14 97.75
N LEU U 75 67.21 17.18 98.97
CA LEU U 75 67.63 16.26 100.03
C LEU U 75 66.53 15.21 100.17
N LYS U 76 66.87 13.95 99.91
CA LYS U 76 65.92 12.86 99.99
C LYS U 76 66.19 12.01 101.22
N SER U 77 65.24 11.99 102.15
CA SER U 77 65.35 11.18 103.36
C SER U 77 64.32 10.06 103.30
N PRO U 78 64.73 8.81 103.16
CA PRO U 78 63.75 7.73 103.09
C PRO U 78 63.12 7.45 104.46
N LYS U 79 61.92 6.87 104.42
CA LYS U 79 61.16 6.57 105.62
C LYS U 79 60.40 5.26 105.41
N THR U 80 60.41 4.41 106.44
CA THR U 80 59.62 3.20 106.46
C THR U 80 58.35 3.47 107.26
N LEU U 81 57.20 3.31 106.62
CA LEU U 81 55.92 3.58 107.27
C LEU U 81 55.50 2.42 108.16
N ALA U 82 54.50 2.68 109.00
CA ALA U 82 53.96 1.63 109.86
C ALA U 82 53.31 0.53 109.04
N ASN U 83 52.60 0.90 107.96
CA ASN U 83 52.01 -0.08 107.08
C ASN U 83 53.05 -1.02 106.49
N GLY U 84 54.29 -0.58 106.38
CA GLY U 84 55.36 -1.45 105.96
C GLY U 84 56.08 -1.00 104.73
N ASN U 85 55.39 -0.26 103.86
CA ASN U 85 56.00 0.23 102.64
C ASN U 85 56.98 1.36 102.93
N ARG U 86 57.59 1.89 101.88
CA ARG U 86 58.64 2.89 101.97
C ARG U 86 58.24 4.12 101.17
N THR U 87 58.67 5.27 101.66
CA THR U 87 58.40 6.54 101.00
C THR U 87 59.64 7.41 101.17
N VAL U 88 59.70 8.53 100.47
CA VAL U 88 60.81 9.47 100.59
C VAL U 88 60.26 10.84 100.95
N ASN U 89 60.87 11.48 101.94
CA ASN U 89 60.54 12.82 102.36
C ASN U 89 61.63 13.73 101.81
N THR U 90 61.24 14.71 101.00
CA THR U 90 62.20 15.50 100.26
C THR U 90 62.21 16.96 100.71
N VAL U 91 63.36 17.60 100.53
CA VAL U 91 63.50 19.04 100.76
C VAL U 91 64.23 19.65 99.57
N SER U 92 63.48 20.28 98.66
CA SER U 92 64.10 20.90 97.51
C SER U 92 64.34 22.38 97.76
N ILE U 93 65.44 22.90 97.23
CA ILE U 93 65.82 24.30 97.37
C ILE U 93 66.34 24.81 96.03
N GLN U 94 65.85 25.98 95.60
CA GLN U 94 66.26 26.57 94.35
C GLN U 94 66.68 28.03 94.57
N LEU U 95 67.60 28.49 93.73
CA LEU U 95 68.24 29.81 93.88
C LEU U 95 68.25 30.55 92.54
N SER U 96 67.08 30.67 91.92
CA SER U 96 66.96 31.38 90.64
C SER U 96 67.28 32.85 90.88
N VAL U 97 68.52 33.23 90.58
CA VAL U 97 68.97 34.61 90.71
C VAL U 97 69.57 35.07 89.39
N ASP U 98 69.36 36.34 89.09
CA ASP U 98 69.85 36.91 87.85
C ASP U 98 71.37 36.92 87.85
N PRO U 99 72.03 36.58 86.73
CA PRO U 99 73.49 36.38 86.74
C PRO U 99 74.29 37.62 87.10
N GLU U 100 73.70 38.81 87.02
CA GLU U 100 74.38 40.04 87.41
C GLU U 100 74.47 40.21 88.92
N THR U 101 73.85 39.31 89.68
CA THR U 101 73.77 39.46 91.12
C THR U 101 75.13 39.25 91.77
N THR U 102 75.49 40.15 92.67
CA THR U 102 76.74 40.05 93.41
C THR U 102 76.66 38.95 94.47
N ALA U 103 77.83 38.53 94.94
CA ALA U 103 77.89 37.45 95.92
C ALA U 103 77.45 37.89 97.31
N ALA U 104 77.55 39.17 97.63
CA ALA U 104 77.12 39.65 98.95
C ALA U 104 75.61 39.50 99.12
N GLU U 105 74.83 39.91 98.13
CA GLU U 105 73.39 39.78 98.24
C GLU U 105 72.94 38.34 98.09
N VAL U 106 73.70 37.52 97.35
CA VAL U 106 73.44 36.09 97.34
C VAL U 106 73.63 35.50 98.72
N THR U 107 74.70 35.89 99.42
CA THR U 107 74.90 35.43 100.79
C THR U 107 73.79 35.92 101.71
N THR U 108 73.35 37.16 101.51
CA THR U 108 72.25 37.69 102.30
C THR U 108 70.97 36.87 102.10
N MET U 109 70.66 36.54 100.84
CA MET U 109 69.49 35.74 100.53
C MET U 109 69.61 34.34 101.12
N LEU U 110 70.80 33.74 101.03
CA LEU U 110 70.99 32.39 101.55
C LEU U 110 70.84 32.38 103.07
N ASN U 111 71.35 33.41 103.75
CA ASN U 111 71.18 33.49 105.20
C ASN U 111 69.73 33.71 105.57
N ALA U 112 69.03 34.58 104.84
CA ALA U 112 67.63 34.84 105.15
C ALA U 112 66.77 33.60 104.94
N ALA U 113 66.97 32.90 103.82
CA ALA U 113 66.26 31.65 103.55
C ALA U 113 66.61 30.56 104.54
N ALA U 114 67.88 30.40 104.88
CA ALA U 114 68.29 29.42 105.87
C ALA U 114 67.97 29.86 107.28
N GLN U 115 67.65 31.13 107.50
CA GLN U 115 67.13 31.57 108.78
C GLN U 115 65.73 31.04 109.03
N LEU U 116 64.93 30.91 107.97
CA LEU U 116 63.79 30.02 107.98
C LEU U 116 64.30 28.58 108.09
N LEU U 117 63.39 27.64 108.31
CA LEU U 117 63.69 26.20 108.40
C LEU U 117 64.37 25.84 109.72
N PHE U 118 64.80 26.81 110.53
CA PHE U 118 65.30 26.45 111.85
C PHE U 118 64.83 27.44 112.91
N ASP U 119 64.29 28.57 112.47
CA ASP U 119 63.72 29.52 113.42
C ASP U 119 62.50 28.92 114.09
N SER U 120 62.33 29.26 115.37
CA SER U 120 61.24 28.70 116.16
C SER U 120 59.86 29.15 115.68
N ASP U 121 59.77 30.33 115.05
CA ASP U 121 58.48 30.84 114.63
C ASP U 121 57.84 29.95 113.57
N TYR U 122 58.65 29.39 112.68
CA TYR U 122 58.16 28.62 111.55
C TYR U 122 58.09 27.12 111.84
N SER U 123 58.38 26.70 113.08
CA SER U 123 58.29 25.30 113.45
C SER U 123 56.91 24.71 113.14
N ASP U 124 55.87 25.42 113.56
CA ASP U 124 54.51 24.93 113.34
C ASP U 124 54.14 24.93 111.86
N PHE U 125 54.66 25.91 111.12
CA PHE U 125 54.40 25.95 109.68
C PHE U 125 55.03 24.75 108.98
N TRP U 126 56.28 24.43 109.30
CA TRP U 126 56.94 23.32 108.66
C TRP U 126 56.40 21.98 109.13
N LYS U 127 55.96 21.87 110.38
CA LYS U 127 55.56 20.59 110.94
C LYS U 127 54.06 20.33 110.77
N ALA U 128 53.20 21.20 111.30
CA ALA U 128 51.76 21.00 111.24
C ALA U 128 51.10 21.78 110.12
N GLN U 129 51.87 22.48 109.29
CA GLN U 129 51.33 23.30 108.20
C GLN U 129 50.42 24.41 108.73
N ALA U 130 50.78 24.95 109.90
CA ALA U 130 50.02 26.03 110.52
C ALA U 130 50.39 27.35 109.84
N LEU U 131 49.72 27.62 108.72
CA LEU U 131 49.90 28.88 108.03
C LEU U 131 49.50 30.04 108.93
N ALA U 132 48.23 30.06 109.32
CA ALA U 132 47.75 31.06 110.27
C ALA U 132 48.09 30.61 111.68
N ALA V 1 60.87 100.77 55.85
CA ALA V 1 61.94 101.74 55.64
C ALA V 1 62.12 102.00 54.15
N ILE V 2 61.45 101.19 53.34
CA ILE V 2 61.35 101.46 51.91
C ILE V 2 60.21 102.44 51.70
N ALA V 3 60.52 103.73 51.78
CA ALA V 3 59.50 104.76 51.68
C ALA V 3 60.18 106.06 51.28
N ASN V 4 60.50 106.90 52.25
CA ASN V 4 61.38 108.03 52.00
C ASN V 4 62.80 107.70 52.44
N SER V 5 63.41 106.72 51.77
CA SER V 5 64.77 106.32 52.04
C SER V 5 65.76 107.29 51.40
N SER V 6 67.02 106.89 51.28
CA SER V 6 68.00 107.73 50.60
C SER V 6 69.08 106.85 50.00
N ILE V 7 69.47 107.15 48.77
CA ILE V 7 70.50 106.40 48.06
C ILE V 7 71.34 107.38 47.24
N ALA V 8 72.66 107.26 47.34
CA ALA V 8 73.56 108.10 46.57
C ALA V 8 73.72 107.51 45.17
N ILE V 9 73.48 108.32 44.16
CA ILE V 9 73.58 107.89 42.77
C ILE V 9 74.85 108.46 42.16
N ASP V 10 75.57 107.63 41.42
CA ASP V 10 76.88 107.98 40.85
C ASP V 10 77.88 108.34 41.95
N SER V 11 78.12 107.39 42.84
CA SER V 11 79.01 107.56 43.98
C SER V 11 79.94 106.36 44.11
N THR V 12 81.07 106.58 44.77
CA THR V 12 82.04 105.52 45.00
C THR V 12 81.77 104.83 46.33
N ALA V 13 81.79 103.49 46.31
CA ALA V 13 81.57 102.68 47.50
C ALA V 13 82.90 102.13 48.00
N SER V 14 83.01 102.00 49.32
CA SER V 14 84.24 101.58 49.95
C SER V 14 83.92 100.61 51.09
N VAL V 15 84.95 99.92 51.55
CA VAL V 15 84.83 98.92 52.59
C VAL V 15 85.97 99.10 53.58
N THR V 16 85.65 99.10 54.87
CA THR V 16 86.64 99.19 55.93
C THR V 16 86.49 98.04 56.89
N GLY V 17 87.62 97.61 57.48
CA GLY V 17 87.59 96.56 58.47
C GLY V 17 87.37 95.18 57.85
N GLY V 18 86.85 94.27 58.67
CA GLY V 18 86.65 92.90 58.23
C GLY V 18 87.96 92.14 58.10
N THR V 19 87.86 90.96 57.48
CA THR V 19 89.01 90.08 57.29
C THR V 19 89.10 89.76 55.80
N ALA V 20 90.17 90.26 55.16
CA ALA V 20 90.37 90.02 53.73
C ALA V 20 90.58 88.54 53.44
N ARG V 21 89.62 87.93 52.77
CA ARG V 21 89.71 86.54 52.36
C ARG V 21 90.22 86.47 50.91
N THR V 22 90.15 85.29 50.30
CA THR V 22 90.61 85.12 48.93
C THR V 22 89.65 84.18 48.21
N VAL V 23 89.30 84.53 46.98
CA VAL V 23 88.37 83.73 46.18
C VAL V 23 89.21 82.77 45.36
N LYS V 24 89.25 81.52 45.80
CA LYS V 24 90.01 80.50 45.09
C LYS V 24 89.14 79.83 44.02
N GLU V 25 89.64 79.82 42.79
CA GLU V 25 88.87 79.29 41.67
C GLU V 25 88.96 77.78 41.63
N LEU V 26 87.82 77.13 41.39
CA LEU V 26 87.74 75.68 41.51
C LEU V 26 87.59 75.08 40.12
N VAL V 27 86.54 75.42 39.38
CA VAL V 27 86.27 74.85 38.07
C VAL V 27 85.73 75.93 37.15
N ARG V 28 86.08 75.86 35.88
CA ARG V 28 85.76 76.89 34.90
C ARG V 28 85.25 76.18 33.65
N ASN V 29 83.93 76.12 33.48
CA ASN V 29 83.37 75.40 32.35
C ASN V 29 81.98 75.93 32.03
N ASN V 30 81.56 75.70 30.79
CA ASN V 30 80.18 75.91 30.35
C ASN V 30 79.69 77.32 30.68
N SER V 31 80.54 78.31 30.42
CA SER V 31 80.25 79.73 30.71
C SER V 31 80.06 79.96 32.20
N GLU V 32 80.62 79.09 33.03
CA GLU V 32 80.48 79.15 34.47
C GLU V 32 81.85 79.03 35.13
N LEU V 33 82.03 79.74 36.24
CA LEU V 33 83.25 79.71 37.04
C LEU V 33 82.82 79.46 38.48
N ASN V 34 83.09 78.25 38.97
CA ASN V 34 82.86 77.92 40.36
C ASN V 34 84.09 78.24 41.18
N ALA V 35 83.89 78.89 42.32
CA ALA V 35 84.99 79.25 43.19
C ALA V 35 84.50 79.18 44.63
N TYR V 36 85.42 79.36 45.57
CA TYR V 36 85.07 79.33 46.98
C TYR V 36 85.87 80.39 47.72
N ILE V 37 85.22 81.02 48.69
CA ILE V 37 85.90 81.97 49.56
C ILE V 37 86.67 81.18 50.61
N ASP V 38 87.93 81.52 50.81
CA ASP V 38 88.82 80.77 51.67
C ASP V 38 88.86 81.46 53.02
N GLU V 39 88.19 80.87 54.01
CA GLU V 39 88.21 81.34 55.38
C GLU V 39 88.80 80.33 56.35
N GLY V 40 89.44 79.28 55.84
CA GLY V 40 89.96 78.22 56.68
C GLY V 40 88.85 77.46 57.36
N LEU V 41 87.83 77.10 56.60
CA LEU V 41 86.69 76.34 57.10
C LEU V 41 86.72 74.93 56.51
N SER V 42 85.78 74.10 56.94
CA SER V 42 85.65 72.75 56.43
C SER V 42 84.96 72.80 55.06
N PHE V 43 85.05 71.69 54.34
CA PHE V 43 84.43 71.62 53.01
C PHE V 43 82.91 71.72 53.08
N GLN V 44 82.29 71.17 54.11
CA GLN V 44 80.84 71.23 54.25
C GLN V 44 80.31 72.60 54.64
N ALA V 45 81.17 73.49 55.14
CA ALA V 45 80.78 74.87 55.37
C ALA V 45 81.82 75.77 54.71
N ARG V 46 81.67 75.98 53.41
CA ARG V 46 82.52 76.87 52.63
C ARG V 46 81.73 78.13 52.30
N LYS V 47 82.19 79.01 51.42
CA LYS V 47 81.41 80.14 50.94
C LYS V 47 81.43 80.14 49.42
N GLU V 48 81.09 79.00 48.83
CA GLU V 48 81.15 78.85 47.37
C GLU V 48 80.38 79.94 46.66
N VAL V 49 80.98 80.46 45.59
CA VAL V 49 80.36 81.49 44.75
C VAL V 49 80.54 81.10 43.29
N ALA V 50 79.46 81.19 42.52
CA ALA V 50 79.44 80.84 41.12
C ALA V 50 79.20 82.08 40.26
N PHE V 51 80.07 82.28 39.27
CA PHE V 51 79.96 83.38 38.32
C PHE V 51 79.53 82.79 36.97
N SER V 52 78.48 83.34 36.39
CA SER V 52 77.98 82.83 35.12
C SER V 52 77.78 84.00 34.16
N VAL V 53 77.96 83.72 32.87
CA VAL V 53 77.84 84.73 31.83
C VAL V 53 76.96 84.18 30.71
N LYS V 54 76.05 85.04 30.22
CA LYS V 54 75.12 84.73 29.14
C LYS V 54 75.26 85.83 28.10
N VAL V 55 75.98 85.51 27.02
CA VAL V 55 76.35 86.47 25.99
C VAL V 55 75.16 86.76 25.08
N PRO V 56 75.06 87.95 24.49
CA PRO V 56 73.93 88.26 23.61
C PRO V 56 74.04 87.54 22.27
N LYS V 57 72.89 87.22 21.70
CA LYS V 57 72.79 86.63 20.38
C LYS V 57 71.85 87.46 19.51
N VAL V 58 72.03 87.35 18.20
CA VAL V 58 71.24 88.13 17.25
C VAL V 58 69.78 87.68 17.32
N SER V 59 68.87 88.65 17.23
CA SER V 59 67.44 88.38 17.26
C SER V 59 66.74 89.27 16.25
N VAL V 60 65.43 89.08 16.11
CA VAL V 60 64.60 89.95 15.30
C VAL V 60 63.70 90.84 16.15
N SER V 61 63.20 90.33 17.26
CA SER V 61 62.57 91.10 18.31
C SER V 61 63.68 91.73 19.15
N ALA V 62 63.37 92.13 20.40
CA ALA V 62 64.38 92.68 21.29
C ALA V 62 64.91 94.00 20.74
N PRO V 63 64.22 95.10 20.99
CA PRO V 63 64.30 96.27 20.11
C PRO V 63 65.68 96.92 20.07
N GLY V 64 66.50 96.42 19.15
CA GLY V 64 67.93 96.71 19.09
C GLY V 64 68.69 95.53 18.52
N GLY V 65 67.98 94.42 18.34
CA GLY V 65 68.49 93.31 17.54
C GLY V 65 69.07 92.17 18.33
N PHE V 66 69.54 92.43 19.54
CA PHE V 66 70.18 91.41 20.35
C PHE V 66 69.45 91.22 21.67
N THR V 67 69.52 89.99 22.17
CA THR V 67 69.11 89.71 23.53
C THR V 67 70.07 90.39 24.50
N GLN V 68 69.67 90.45 25.76
CA GLN V 68 70.48 91.15 26.75
C GLN V 68 71.65 90.29 27.21
N ALA V 69 72.75 90.95 27.55
CA ALA V 69 73.91 90.31 28.15
C ALA V 69 73.64 90.16 29.64
N ARG V 70 73.69 88.93 30.14
CA ARG V 70 73.41 88.64 31.53
C ARG V 70 74.68 88.19 32.25
N SER V 71 74.84 88.66 33.48
CA SER V 71 75.95 88.26 34.34
C SER V 71 75.36 87.93 35.71
N THR V 72 75.54 86.68 36.14
CA THR V 72 74.93 86.22 37.37
C THR V 72 75.99 85.78 38.38
N VAL V 73 75.79 86.19 39.62
CA VAL V 73 76.65 85.74 40.71
C VAL V 73 75.78 85.13 41.79
N ILE V 74 76.07 83.88 42.16
CA ILE V 74 75.37 83.24 43.27
C ILE V 74 76.36 82.93 44.37
N LEU V 75 76.12 83.47 45.56
CA LEU V 75 76.94 83.21 46.74
C LEU V 75 76.17 82.24 47.62
N LYS V 76 76.79 81.11 47.96
CA LYS V 76 76.15 80.12 48.80
C LYS V 76 76.77 80.11 50.19
N SER V 77 75.92 80.11 51.21
CA SER V 77 76.35 80.17 52.59
C SER V 77 75.73 79.02 53.37
N PRO V 78 76.46 77.92 53.56
CA PRO V 78 75.93 76.80 54.34
C PRO V 78 75.65 77.14 55.79
N LYS V 79 74.45 76.83 56.26
CA LYS V 79 74.06 76.97 57.65
C LYS V 79 73.72 75.60 58.22
N THR V 80 74.09 75.39 59.47
CA THR V 80 73.75 74.17 60.21
C THR V 80 72.67 74.52 61.22
N LEU V 81 71.58 73.76 61.19
CA LEU V 81 70.40 74.08 61.97
C LEU V 81 70.47 73.46 63.35
N ALA V 82 69.46 73.75 64.18
CA ALA V 82 69.45 73.23 65.54
C ALA V 82 69.39 71.71 65.55
N ASN V 83 68.52 71.12 64.72
CA ASN V 83 68.42 69.67 64.65
C ASN V 83 69.70 69.06 64.10
N GLY V 84 70.31 69.73 63.13
CA GLY V 84 71.57 69.25 62.60
C GLY V 84 71.60 69.07 61.11
N ASN V 85 70.45 69.24 60.46
CA ASN V 85 70.41 69.22 59.00
C ASN V 85 71.13 70.44 58.44
N ARG V 86 71.74 70.26 57.28
CA ARG V 86 72.49 71.32 56.62
C ARG V 86 71.64 71.95 55.52
N THR V 87 71.50 73.27 55.57
CA THR V 87 70.83 74.01 54.51
C THR V 87 71.84 74.96 53.89
N VAL V 88 71.56 75.41 52.68
CA VAL V 88 72.40 76.40 52.01
C VAL V 88 71.56 77.65 51.80
N ASN V 89 72.08 78.78 52.25
CA ASN V 89 71.43 80.09 52.09
C ASN V 89 72.19 80.83 50.99
N THR V 90 71.46 81.32 50.00
CA THR V 90 72.07 81.87 48.80
C THR V 90 71.70 83.35 48.61
N VAL V 91 72.57 84.05 47.89
CA VAL V 91 72.28 85.37 47.36
C VAL V 91 72.56 85.38 45.87
N SER V 92 71.55 85.69 45.06
CA SER V 92 71.74 85.78 43.62
C SER V 92 71.77 87.23 43.18
N ILE V 93 72.70 87.53 42.28
CA ILE V 93 72.82 88.88 41.70
C ILE V 93 72.91 88.68 40.20
N GLN V 94 71.87 89.07 39.48
CA GLN V 94 71.81 88.94 38.04
C GLN V 94 71.65 90.32 37.42
N LEU V 95 72.57 90.68 36.54
CA LEU V 95 72.54 91.96 35.83
C LEU V 95 72.31 91.67 34.36
N SER V 96 71.25 92.23 33.80
CA SER V 96 70.91 92.08 32.39
C SER V 96 70.96 93.47 31.75
N VAL V 97 71.90 93.68 30.84
CA VAL V 97 72.01 94.96 30.15
C VAL V 97 71.96 94.74 28.64
N ASP V 98 71.30 95.67 27.96
CA ASP V 98 71.36 95.69 26.51
C ASP V 98 72.80 95.96 26.08
N PRO V 99 73.25 95.32 24.99
CA PRO V 99 74.65 95.51 24.57
C PRO V 99 75.01 96.94 24.21
N GLU V 100 74.04 97.80 23.92
CA GLU V 100 74.34 99.20 23.66
C GLU V 100 74.73 99.97 24.92
N THR V 101 74.53 99.38 26.09
CA THR V 101 74.73 100.10 27.35
C THR V 101 76.19 100.42 27.57
N THR V 102 76.47 101.67 27.91
CA THR V 102 77.83 102.11 28.16
C THR V 102 78.31 101.64 29.53
N ALA V 103 79.62 101.78 29.76
CA ALA V 103 80.20 101.31 31.01
C ALA V 103 79.80 102.21 32.18
N ALA V 104 79.56 103.50 31.93
CA ALA V 104 79.12 104.39 32.99
C ALA V 104 77.71 104.04 33.46
N GLU V 105 76.81 103.71 32.54
CA GLU V 105 75.47 103.30 32.93
C GLU V 105 75.48 102.00 33.72
N VAL V 106 76.39 101.08 33.39
CA VAL V 106 76.52 99.85 34.16
C VAL V 106 77.10 100.14 35.54
N THR V 107 78.08 101.04 35.61
CA THR V 107 78.65 101.42 36.90
C THR V 107 77.61 102.04 37.81
N THR V 108 76.77 102.91 37.26
CA THR V 108 75.71 103.53 38.07
C THR V 108 74.75 102.49 38.62
N MET V 109 74.34 101.54 37.78
CA MET V 109 73.44 100.48 38.22
C MET V 109 74.08 99.63 39.29
N LEU V 110 75.35 99.25 39.09
CA LEU V 110 76.05 98.43 40.07
C LEU V 110 76.15 99.14 41.41
N ASN V 111 76.49 100.42 41.39
CA ASN V 111 76.65 101.15 42.64
C ASN V 111 75.32 101.35 43.35
N ALA V 112 74.25 101.65 42.62
CA ALA V 112 72.94 101.78 43.25
C ALA V 112 72.47 100.45 43.84
N ALA V 113 72.67 99.36 43.10
CA ALA V 113 72.27 98.05 43.59
C ALA V 113 73.09 97.64 44.81
N ALA V 114 74.34 98.10 44.89
CA ALA V 114 75.16 97.78 46.06
C ALA V 114 74.56 98.38 47.33
N GLN V 115 74.21 99.67 47.29
CA GLN V 115 73.56 100.29 48.43
C GLN V 115 72.16 99.76 48.66
N LEU V 116 71.51 99.21 47.64
CA LEU V 116 70.19 98.61 47.84
C LEU V 116 70.25 97.45 48.83
N LEU V 117 71.42 96.82 49.00
CA LEU V 117 71.53 95.67 49.90
C LEU V 117 72.55 95.87 51.01
N PHE V 118 73.00 97.10 51.25
CA PHE V 118 73.75 97.37 52.47
C PHE V 118 73.34 98.64 53.20
N ASP V 119 72.46 99.48 52.65
CA ASP V 119 72.00 100.66 53.36
C ASP V 119 71.17 100.26 54.57
N SER V 120 71.19 101.10 55.61
CA SER V 120 70.67 100.70 56.91
C SER V 120 69.15 100.56 56.91
N ASP V 121 68.47 101.28 56.02
CA ASP V 121 67.02 101.21 55.98
C ASP V 121 66.54 99.83 55.55
N TYR V 122 67.05 99.37 54.40
CA TYR V 122 66.62 98.11 53.81
C TYR V 122 67.01 96.94 54.70
N SER V 123 67.72 97.23 55.80
CA SER V 123 67.98 96.19 56.78
C SER V 123 66.70 95.55 57.27
N ASP V 124 65.62 96.33 57.39
CA ASP V 124 64.35 95.72 57.77
C ASP V 124 63.75 94.86 56.67
N PHE V 125 64.01 95.19 55.41
CA PHE V 125 63.46 94.41 54.31
C PHE V 125 64.18 93.07 54.12
N TRP V 126 65.50 93.06 54.25
CA TRP V 126 66.26 91.83 54.04
C TRP V 126 66.15 90.86 55.20
N LYS V 127 66.17 91.36 56.43
CA LYS V 127 66.14 90.51 57.62
C LYS V 127 64.72 90.25 58.10
N ALA V 128 63.98 91.32 58.42
CA ALA V 128 62.61 91.16 58.92
C ALA V 128 61.61 90.89 57.83
N GLN V 129 62.00 91.00 56.56
CA GLN V 129 61.10 90.77 55.42
C GLN V 129 59.93 91.75 55.47
N ALA V 130 60.24 92.99 55.85
CA ALA V 130 59.25 94.03 56.11
C ALA V 130 59.23 95.03 54.96
N LEU V 131 58.13 95.07 54.22
CA LEU V 131 58.01 95.95 53.07
C LEU V 131 57.94 97.42 53.48
N ALA V 132 57.33 97.71 54.62
CA ALA V 132 57.29 99.09 55.09
C ALA V 132 57.53 99.17 56.59
N ALA W 1 90.95 89.33 38.27
CA ALA W 1 89.49 89.31 38.29
C ALA W 1 88.98 88.19 39.18
N ILE W 2 88.04 87.41 38.68
CA ILE W 2 87.57 86.24 39.41
C ILE W 2 88.63 85.14 39.29
N ALA W 3 89.47 85.01 40.31
CA ALA W 3 90.60 84.08 40.28
C ALA W 3 91.37 84.14 41.59
N ASN W 4 91.82 85.33 41.97
CA ASN W 4 92.58 85.54 43.21
C ASN W 4 92.10 86.78 43.94
N SER W 5 90.87 87.22 43.65
CA SER W 5 90.36 88.45 44.24
C SER W 5 90.12 88.27 45.74
N SER W 6 90.25 89.39 46.47
CA SER W 6 90.09 89.40 47.92
C SER W 6 88.77 90.08 48.26
N ILE W 7 88.04 89.49 49.19
CA ILE W 7 86.78 90.05 49.68
C ILE W 7 86.85 90.15 51.20
N ALA W 8 86.54 91.33 51.73
CA ALA W 8 86.64 91.56 53.17
C ALA W 8 85.36 91.09 53.86
N ILE W 9 85.41 89.89 54.42
CA ILE W 9 84.26 89.30 55.09
C ILE W 9 84.00 90.03 56.41
N ASP W 10 82.73 90.31 56.68
CA ASP W 10 82.29 90.96 57.91
C ASP W 10 82.95 92.33 58.10
N SER W 11 82.96 93.10 57.02
CA SER W 11 83.45 94.47 57.03
C SER W 11 82.27 95.43 56.99
N THR W 12 82.58 96.72 56.95
CA THR W 12 81.57 97.77 56.88
C THR W 12 81.70 98.48 55.54
N ALA W 13 80.61 98.53 54.78
CA ALA W 13 80.58 99.16 53.47
C ALA W 13 79.90 100.51 53.57
N SER W 14 80.52 101.53 52.97
CA SER W 14 80.01 102.89 53.00
C SER W 14 80.05 103.49 51.60
N VAL W 15 79.57 104.72 51.50
CA VAL W 15 79.45 105.45 50.24
C VAL W 15 79.89 106.88 50.45
N THR W 16 80.65 107.43 49.49
CA THR W 16 81.05 108.83 49.52
C THR W 16 80.75 109.46 48.17
N GLY W 17 80.51 110.77 48.17
CA GLY W 17 80.19 111.46 46.93
C GLY W 17 78.78 111.15 46.46
N GLY W 18 78.51 111.55 45.22
CA GLY W 18 77.24 111.28 44.59
C GLY W 18 76.13 112.24 45.00
N THR W 19 74.97 112.00 44.42
CA THR W 19 73.75 112.75 44.74
C THR W 19 72.78 111.85 45.50
N ALA W 20 72.22 112.39 46.57
CA ALA W 20 71.31 111.65 47.45
C ALA W 20 69.90 111.79 46.91
N ARG W 21 69.35 110.69 46.40
CA ARG W 21 67.98 110.67 45.95
C ARG W 21 67.09 109.99 46.99
N THR W 22 65.79 110.27 46.92
CA THR W 22 64.89 109.93 48.02
C THR W 22 64.29 108.53 47.89
N VAL W 23 63.97 108.11 46.65
CA VAL W 23 63.20 106.90 46.39
C VAL W 23 61.79 107.11 46.90
N LYS W 24 60.80 106.96 46.02
CA LYS W 24 59.41 107.23 46.36
C LYS W 24 58.56 106.04 45.95
N GLU W 25 57.70 105.58 46.85
CA GLU W 25 56.87 104.43 46.56
C GLU W 25 55.77 104.80 45.55
N LEU W 26 55.57 103.93 44.57
CA LEU W 26 54.51 104.12 43.58
C LEU W 26 53.25 103.34 43.95
N VAL W 27 53.35 102.01 43.98
CA VAL W 27 52.22 101.13 44.11
C VAL W 27 52.60 100.00 45.07
N ARG W 28 51.61 99.52 45.81
CA ARG W 28 51.82 98.49 46.81
C ARG W 28 50.87 97.33 46.50
N ASN W 29 50.91 96.32 47.36
CA ASN W 29 50.00 95.17 47.31
C ASN W 29 50.29 94.24 46.14
N ASN W 30 50.40 92.95 46.42
CA ASN W 30 50.44 92.44 47.79
C ASN W 30 51.71 91.64 47.97
N SER W 31 52.42 91.90 49.08
CA SER W 31 53.76 91.36 49.29
C SER W 31 54.68 91.79 48.15
N GLU W 32 54.47 93.02 47.67
CA GLU W 32 55.22 93.57 46.56
C GLU W 32 55.16 95.09 46.58
N LEU W 33 56.30 95.73 46.82
CA LEU W 33 56.38 97.18 46.76
C LEU W 33 56.97 97.62 45.42
N ASN W 34 56.49 98.77 44.93
CA ASN W 34 57.04 99.40 43.75
C ASN W 34 57.38 100.83 44.09
N ALA W 35 58.63 101.21 43.84
CA ALA W 35 59.10 102.56 44.15
C ALA W 35 59.82 103.09 42.92
N TYR W 36 60.35 104.31 43.04
CA TYR W 36 61.17 104.87 41.98
C TYR W 36 62.14 105.86 42.60
N ILE W 37 63.34 105.93 42.04
CA ILE W 37 64.36 106.85 42.52
C ILE W 37 64.15 108.19 41.81
N ASP W 38 63.82 109.22 42.60
CA ASP W 38 63.48 110.53 42.04
C ASP W 38 64.75 111.34 41.84
N GLU W 39 65.14 111.54 40.58
CA GLU W 39 66.29 112.35 40.23
C GLU W 39 65.89 113.49 39.30
N GLY W 40 64.63 113.89 39.36
CA GLY W 40 64.12 114.92 38.45
C GLY W 40 64.16 114.49 37.00
N LEU W 41 63.80 113.24 36.72
CA LEU W 41 63.79 112.72 35.36
C LEU W 41 62.35 112.53 34.89
N SER W 42 62.18 112.27 33.61
CA SER W 42 60.86 112.09 33.03
C SER W 42 60.26 110.74 33.45
N PHE W 43 59.00 110.54 33.09
CA PHE W 43 58.27 109.34 33.49
C PHE W 43 58.85 108.10 32.83
N GLN W 44 59.38 108.20 31.61
CA GLN W 44 59.95 107.05 30.93
C GLN W 44 61.41 106.84 31.24
N ALA W 45 62.06 107.79 31.92
CA ALA W 45 63.50 107.72 32.18
C ALA W 45 63.81 107.56 33.66
N ARG W 46 62.82 107.23 34.47
CA ARG W 46 63.03 107.09 35.91
C ARG W 46 63.44 105.66 36.25
N LYS W 47 64.13 105.52 37.39
CA LYS W 47 64.78 104.28 37.77
C LYS W 47 63.81 103.15 38.10
N GLU W 48 62.89 103.38 39.04
CA GLU W 48 61.85 102.40 39.37
C GLU W 48 62.34 101.06 39.93
N VAL W 49 62.85 101.06 41.16
CA VAL W 49 63.21 99.83 41.86
C VAL W 49 61.95 99.20 42.45
N ALA W 50 61.84 97.88 42.35
CA ALA W 50 60.73 97.12 42.91
C ALA W 50 61.21 96.15 43.99
N PHE W 51 60.34 95.92 44.97
CA PHE W 51 60.65 95.09 46.13
C PHE W 51 59.61 93.98 46.26
N SER W 52 60.07 92.74 46.25
CA SER W 52 59.20 91.58 46.38
C SER W 52 59.56 90.81 47.64
N VAL W 53 58.64 89.95 48.07
CA VAL W 53 58.83 89.19 49.31
C VAL W 53 58.04 87.88 49.23
N LYS W 54 58.68 86.78 49.62
CA LYS W 54 58.02 85.48 49.77
C LYS W 54 58.25 85.02 51.20
N VAL W 55 57.18 84.99 51.99
CA VAL W 55 57.32 84.67 53.42
C VAL W 55 57.63 83.20 53.59
N PRO W 56 58.25 82.78 54.70
CA PRO W 56 58.51 81.34 54.90
C PRO W 56 57.22 80.55 55.03
N LYS W 57 57.12 79.50 54.25
CA LYS W 57 55.92 78.67 54.20
C LYS W 57 56.17 77.38 54.95
N VAL W 58 55.17 76.92 55.70
CA VAL W 58 55.33 75.74 56.54
C VAL W 58 55.28 74.49 55.67
N SER W 59 56.45 73.99 55.28
CA SER W 59 56.54 72.73 54.55
C SER W 59 56.73 71.58 55.53
N VAL W 60 57.09 70.40 55.01
CA VAL W 60 57.32 69.24 55.86
C VAL W 60 58.71 68.67 55.59
N SER W 61 59.00 68.40 54.32
CA SER W 61 60.25 67.73 53.93
C SER W 61 61.31 68.77 53.56
N ALA W 62 61.64 69.61 54.54
CA ALA W 62 62.66 70.62 54.34
C ALA W 62 63.52 70.74 55.59
N PRO W 63 64.76 71.20 55.46
CA PRO W 63 65.56 71.50 56.65
C PRO W 63 64.87 72.54 57.51
N GLY W 64 64.89 72.33 58.82
CA GLY W 64 64.26 73.26 59.74
C GLY W 64 62.78 73.07 59.86
N GLY W 65 62.13 72.70 58.75
CA GLY W 65 60.71 72.46 58.72
C GLY W 65 59.97 73.30 57.70
N PHE W 66 60.35 74.57 57.55
CA PHE W 66 59.65 75.47 56.64
C PHE W 66 60.44 75.62 55.36
N THR W 67 59.82 76.29 54.37
CA THR W 67 60.54 76.73 53.19
C THR W 67 61.33 77.99 53.53
N GLN W 68 62.06 78.50 52.54
CA GLN W 68 62.98 79.60 52.78
C GLN W 68 62.27 80.95 52.65
N ALA W 69 62.86 81.95 53.31
CA ALA W 69 62.36 83.32 53.26
C ALA W 69 63.00 84.03 52.08
N ARG W 70 62.29 84.07 50.96
CA ARG W 70 62.78 84.75 49.77
C ARG W 70 62.52 86.25 49.85
N SER W 71 63.47 87.03 49.34
CA SER W 71 63.35 88.49 49.37
C SER W 71 64.06 89.02 48.11
N THR W 72 63.28 89.60 47.21
CA THR W 72 63.80 90.02 45.92
C THR W 72 63.72 91.53 45.75
N VAL W 73 64.73 92.08 45.09
CA VAL W 73 64.78 93.49 44.69
C VAL W 73 65.16 93.50 43.22
N ILE W 74 64.45 94.29 42.41
CA ILE W 74 64.81 94.49 41.01
C ILE W 74 64.93 95.97 40.75
N LEU W 75 66.14 96.43 40.46
CA LEU W 75 66.37 97.81 40.05
C LEU W 75 66.27 97.85 38.53
N LYS W 76 65.39 98.71 38.02
CA LYS W 76 65.25 98.90 36.58
C LYS W 76 65.96 100.17 36.16
N SER W 77 66.29 100.25 34.88
CA SER W 77 67.06 101.38 34.35
C SER W 77 66.69 101.58 32.89
N PRO W 78 65.95 102.64 32.57
CA PRO W 78 65.58 102.89 31.18
C PRO W 78 66.80 103.21 30.33
N LYS W 79 66.72 102.87 29.05
CA LYS W 79 67.74 103.27 28.10
C LYS W 79 67.12 103.34 26.70
N THR W 80 67.41 104.42 25.99
CA THR W 80 67.00 104.58 24.61
C THR W 80 68.13 104.17 23.68
N LEU W 81 67.77 103.51 22.58
CA LEU W 81 68.75 102.87 21.72
C LEU W 81 69.14 103.78 20.55
N ALA W 82 70.05 103.28 19.72
CA ALA W 82 70.53 104.03 18.56
C ALA W 82 69.52 104.05 17.42
N ASN W 83 68.48 103.23 17.48
CA ASN W 83 67.40 103.26 16.52
C ASN W 83 66.15 103.96 17.05
N GLY W 84 66.23 104.55 18.25
CA GLY W 84 65.11 105.23 18.86
C GLY W 84 64.21 104.37 19.72
N ASN W 85 64.43 103.05 19.72
CA ASN W 85 63.63 102.16 20.53
C ASN W 85 64.02 102.24 22.00
N ARG W 86 63.12 101.78 22.87
CA ARG W 86 63.22 101.92 24.31
C ARG W 86 63.40 100.54 24.92
N THR W 87 64.35 100.39 25.84
CA THR W 87 64.56 99.13 26.53
C THR W 87 64.90 99.39 28.00
N VAL W 88 64.97 98.30 28.77
CA VAL W 88 65.21 98.37 30.21
C VAL W 88 66.36 97.44 30.56
N ASN W 89 67.32 97.95 31.34
CA ASN W 89 68.35 97.13 31.96
C ASN W 89 67.92 96.85 33.39
N THR W 90 68.28 95.68 33.91
CA THR W 90 67.83 95.29 35.24
C THR W 90 69.00 94.78 36.08
N VAL W 91 68.89 94.99 37.38
CA VAL W 91 69.71 94.30 38.37
C VAL W 91 68.78 93.59 39.33
N SER W 92 68.88 92.26 39.41
CA SER W 92 68.00 91.48 40.28
C SER W 92 68.82 90.86 41.41
N ILE W 93 68.42 91.14 42.65
CA ILE W 93 69.08 90.63 43.83
C ILE W 93 68.06 89.82 44.62
N GLN W 94 68.29 88.52 44.76
CA GLN W 94 67.43 87.66 45.54
C GLN W 94 68.19 87.10 46.74
N LEU W 95 67.61 87.26 47.92
CA LEU W 95 68.18 86.73 49.15
C LEU W 95 67.29 85.57 49.60
N SER W 96 67.89 84.40 49.74
CA SER W 96 67.18 83.20 50.17
C SER W 96 67.87 82.65 51.41
N VAL W 97 67.22 82.83 52.56
CA VAL W 97 67.73 82.30 53.80
C VAL W 97 66.66 81.41 54.43
N ASP W 98 67.11 80.48 55.27
CA ASP W 98 66.21 79.72 56.12
C ASP W 98 65.76 80.60 57.27
N PRO W 99 64.53 80.44 57.75
CA PRO W 99 64.04 81.33 58.82
C PRO W 99 64.83 81.24 60.11
N GLU W 100 65.58 80.15 60.32
CA GLU W 100 66.42 79.98 61.50
C GLU W 100 67.66 80.86 61.46
N THR W 101 67.95 81.47 60.31
CA THR W 101 69.13 82.32 60.17
C THR W 101 69.01 83.56 61.04
N THR W 102 70.13 83.96 61.63
CA THR W 102 70.20 85.15 62.46
C THR W 102 70.46 86.38 61.61
N ALA W 103 70.33 87.55 62.25
CA ALA W 103 70.51 88.81 61.53
C ALA W 103 71.97 89.02 61.13
N ALA W 104 72.91 88.57 61.98
CA ALA W 104 74.32 88.79 61.68
C ALA W 104 74.80 87.98 60.50
N GLU W 105 74.31 86.75 60.33
CA GLU W 105 74.63 85.96 59.14
C GLU W 105 74.10 86.64 57.89
N VAL W 106 72.89 87.18 57.94
CA VAL W 106 72.33 87.87 56.79
C VAL W 106 73.13 89.12 56.48
N THR W 107 73.60 89.82 57.51
CA THR W 107 74.44 90.99 57.35
C THR W 107 75.74 90.61 56.65
N THR W 108 76.35 89.50 57.07
CA THR W 108 77.58 89.03 56.43
C THR W 108 77.33 88.71 54.96
N MET W 109 76.23 88.02 54.67
CA MET W 109 75.89 87.67 53.30
C MET W 109 75.68 88.92 52.44
N LEU W 110 74.95 89.90 52.97
CA LEU W 110 74.68 91.10 52.21
C LEU W 110 75.96 91.89 51.97
N ASN W 111 76.86 91.92 52.95
CA ASN W 111 78.13 92.60 52.75
C ASN W 111 78.96 91.92 51.67
N ALA W 112 79.01 90.59 51.70
CA ALA W 112 79.77 89.87 50.68
C ALA W 112 79.17 90.07 49.29
N ALA W 113 77.85 90.00 49.19
CA ALA W 113 77.18 90.17 47.90
C ALA W 113 77.34 91.59 47.37
N ALA W 114 77.25 92.59 48.25
CA ALA W 114 77.48 93.96 47.82
C ALA W 114 78.92 94.17 47.38
N GLN W 115 79.87 93.56 48.09
CA GLN W 115 81.26 93.61 47.68
C GLN W 115 81.45 93.03 46.29
N LEU W 116 80.72 91.95 45.99
CA LEU W 116 80.76 91.38 44.64
C LEU W 116 79.78 92.15 43.73
N LEU W 117 79.79 93.47 43.88
CA LEU W 117 79.04 94.34 42.97
C LEU W 117 79.84 95.56 42.58
N PHE W 118 80.67 96.05 43.51
CA PHE W 118 81.41 97.29 43.30
C PHE W 118 82.90 97.15 43.48
N ASP W 119 83.40 95.99 43.90
CA ASP W 119 84.83 95.78 44.02
C ASP W 119 85.49 95.87 42.64
N SER W 120 86.62 96.57 42.59
CA SER W 120 87.28 96.84 41.31
C SER W 120 87.73 95.56 40.63
N ASP W 121 87.91 94.49 41.39
CA ASP W 121 88.34 93.21 40.84
C ASP W 121 87.28 92.64 39.90
N TYR W 122 86.00 92.77 40.27
CA TYR W 122 84.92 92.30 39.42
C TYR W 122 84.32 93.44 38.61
N SER W 123 85.12 94.06 37.73
CA SER W 123 84.59 95.09 36.85
C SER W 123 84.49 94.53 35.44
N ASP W 124 85.54 93.84 34.99
CA ASP W 124 85.51 93.23 33.67
C ASP W 124 84.45 92.14 33.58
N PHE W 125 84.04 91.57 34.71
CA PHE W 125 82.98 90.57 34.70
C PHE W 125 81.62 91.17 34.42
N TRP W 126 81.33 92.36 34.94
CA TRP W 126 80.01 92.95 34.76
C TRP W 126 79.90 93.71 33.44
N LYS W 127 80.91 94.54 33.13
CA LYS W 127 80.82 95.38 31.94
C LYS W 127 81.36 94.66 30.71
N ALA W 128 82.58 94.12 30.81
CA ALA W 128 83.16 93.40 29.68
C ALA W 128 82.62 91.99 29.55
N GLN W 129 81.86 91.52 30.54
CA GLN W 129 81.35 90.15 30.59
C GLN W 129 82.48 89.14 30.48
N ALA W 130 83.62 89.45 31.10
CA ALA W 130 84.84 88.67 31.02
C ALA W 130 84.95 87.76 32.24
N LEU W 131 84.71 86.48 32.05
CA LEU W 131 84.78 85.51 33.15
C LEU W 131 86.19 85.37 33.69
N ALA W 132 87.20 85.79 32.92
CA ALA W 132 88.57 85.77 33.39
C ALA W 132 89.40 86.87 32.75
N ALA X 1 114.11 45.45 48.20
CA ALA X 1 112.87 45.17 47.49
C ALA X 1 111.67 45.61 48.31
N ILE X 2 110.49 45.08 47.95
CA ILE X 2 109.25 45.48 48.61
C ILE X 2 109.28 45.08 50.09
N ALA X 3 109.68 43.85 50.37
CA ALA X 3 109.74 43.39 51.76
C ALA X 3 110.82 44.13 52.52
N ASN X 4 110.46 44.63 53.70
CA ASN X 4 111.37 45.37 54.58
C ASN X 4 111.91 46.64 53.91
N SER X 5 111.11 47.22 53.02
CA SER X 5 111.42 48.51 52.44
C SER X 5 111.03 49.61 53.42
N SER X 6 111.82 50.68 53.47
CA SER X 6 111.57 51.77 54.39
C SER X 6 111.02 52.98 53.66
N ILE X 7 109.98 53.58 54.24
CA ILE X 7 109.38 54.81 53.72
C ILE X 7 109.40 55.84 54.84
N ALA X 8 109.87 57.04 54.53
CA ALA X 8 109.95 58.12 55.52
C ALA X 8 108.63 58.89 55.51
N ILE X 9 107.83 58.70 56.55
CA ILE X 9 106.51 59.31 56.64
C ILE X 9 106.64 60.77 57.06
N ASP X 10 105.79 61.62 56.47
CA ASP X 10 105.74 63.05 56.79
C ASP X 10 107.09 63.71 56.49
N SER X 11 107.44 63.68 55.21
CA SER X 11 108.76 64.09 54.76
C SER X 11 108.63 65.10 53.62
N THR X 12 109.64 65.95 53.51
CA THR X 12 109.72 66.85 52.36
C THR X 12 110.40 66.13 51.20
N ALA X 13 109.76 66.20 50.04
CA ALA X 13 110.28 65.57 48.83
C ALA X 13 110.85 66.66 47.94
N SER X 14 112.17 66.66 47.79
CA SER X 14 112.82 67.60 46.89
C SER X 14 113.02 66.95 45.53
N VAL X 15 113.64 67.70 44.62
CA VAL X 15 113.97 67.18 43.29
C VAL X 15 115.08 68.03 42.69
N THR X 16 116.14 67.38 42.21
CA THR X 16 117.28 68.09 41.62
C THR X 16 117.79 67.30 40.43
N GLY X 17 117.23 67.56 39.25
CA GLY X 17 117.77 66.99 38.03
C GLY X 17 117.98 67.97 36.90
N GLY X 18 117.30 69.11 36.97
CA GLY X 18 117.33 70.05 35.87
C GLY X 18 116.26 69.76 34.84
N THR X 19 116.41 70.33 33.64
CA THR X 19 115.46 70.15 32.55
C THR X 19 114.06 70.60 32.95
N ALA X 20 113.95 71.88 33.29
CA ALA X 20 112.70 72.45 33.78
C ALA X 20 111.71 72.66 32.63
N ARG X 21 110.89 71.67 32.37
CA ARG X 21 109.87 71.75 31.34
C ARG X 21 108.67 72.55 31.84
N THR X 22 107.68 72.71 30.97
CA THR X 22 106.50 73.51 31.27
C THR X 22 105.25 72.76 30.86
N VAL X 23 104.28 72.70 31.76
CA VAL X 23 102.98 72.10 31.47
C VAL X 23 102.11 73.18 30.85
N LYS X 24 101.66 72.94 29.61
CA LYS X 24 100.75 73.84 28.91
C LYS X 24 99.44 73.11 28.67
N GLU X 25 98.34 73.76 29.04
CA GLU X 25 97.05 73.12 28.86
C GLU X 25 96.61 73.14 27.40
N LEU X 26 95.84 72.13 27.01
CA LEU X 26 95.36 72.02 25.65
C LEU X 26 93.85 72.27 25.59
N VAL X 27 93.05 71.47 26.28
CA VAL X 27 91.60 71.60 26.27
C VAL X 27 91.10 71.46 27.70
N ARG X 28 89.79 71.51 27.85
CA ARG X 28 89.19 71.38 29.18
C ARG X 28 88.11 70.32 29.28
N ASN X 29 87.33 70.12 28.22
CA ASN X 29 86.08 69.34 28.22
C ASN X 29 85.39 69.25 29.59
N ASN X 30 84.80 68.11 29.90
CA ASN X 30 83.87 67.99 31.02
C ASN X 30 84.64 67.74 32.32
N SER X 31 84.78 68.78 33.13
CA SER X 31 85.37 68.68 34.46
C SER X 31 86.74 68.00 34.40
N GLU X 32 87.50 68.33 33.37
CA GLU X 32 88.78 67.71 33.10
C GLU X 32 89.75 68.81 32.70
N LEU X 33 91.02 68.44 32.52
CA LEU X 33 92.01 69.40 32.05
C LEU X 33 93.14 68.66 31.35
N ASN X 34 93.13 68.67 30.02
CA ASN X 34 94.15 67.96 29.25
C ASN X 34 95.28 68.92 28.93
N ALA X 35 96.48 68.60 29.40
CA ALA X 35 97.66 69.42 29.17
C ALA X 35 98.73 68.58 28.47
N TYR X 36 99.90 69.17 28.30
CA TYR X 36 101.04 68.48 27.72
C TYR X 36 102.33 69.13 28.19
N ILE X 37 103.40 68.36 28.21
CA ILE X 37 104.69 68.86 28.66
C ILE X 37 105.48 69.33 27.45
N ASP X 38 105.96 70.58 27.51
CA ASP X 38 106.62 71.21 26.36
C ASP X 38 108.10 70.87 26.40
N GLU X 39 108.46 69.80 25.68
CA GLU X 39 109.85 69.39 25.54
C GLU X 39 110.36 69.50 24.11
N GLY X 40 109.60 70.10 23.22
CA GLY X 40 110.02 70.29 21.85
C GLY X 40 109.92 69.09 20.94
N LEU X 41 109.23 68.03 21.35
CA LEU X 41 109.09 66.86 20.50
C LEU X 41 108.02 67.10 19.44
N SER X 42 107.69 66.04 18.72
CA SER X 42 106.69 66.14 17.66
C SER X 42 105.31 66.32 18.27
N PHE X 43 104.32 66.53 17.39
CA PHE X 43 102.97 66.78 17.84
C PHE X 43 102.34 65.53 18.43
N GLN X 44 102.46 64.40 17.75
CA GLN X 44 101.93 63.14 18.25
C GLN X 44 103.01 62.29 18.89
N ALA X 45 104.03 62.95 19.48
CA ALA X 45 105.02 62.25 20.27
C ALA X 45 105.31 62.95 21.59
N ARG X 46 104.50 63.95 21.96
CA ARG X 46 104.70 64.69 23.20
C ARG X 46 104.03 63.97 24.36
N LYS X 47 104.40 64.34 25.59
CA LYS X 47 103.80 63.75 26.77
C LYS X 47 102.63 64.61 27.21
N GLU X 48 101.42 64.07 27.14
CA GLU X 48 100.20 64.76 27.57
C GLU X 48 99.78 64.18 28.92
N VAL X 49 99.55 65.07 29.89
CA VAL X 49 99.04 64.64 31.19
C VAL X 49 97.66 65.26 31.40
N ALA X 50 96.68 64.41 31.71
CA ALA X 50 95.30 64.82 31.92
C ALA X 50 94.94 64.81 33.40
N PHE X 51 94.24 65.85 33.82
CA PHE X 51 93.76 66.02 35.18
C PHE X 51 92.24 65.96 35.21
N SER X 52 91.68 65.36 36.25
CA SER X 52 90.23 65.26 36.35
C SER X 52 89.80 65.27 37.82
N VAL X 53 88.63 65.85 38.08
CA VAL X 53 88.10 65.96 39.44
C VAL X 53 86.74 65.28 39.51
N LYS X 54 86.44 64.73 40.69
CA LYS X 54 85.24 63.98 40.98
C LYS X 54 84.72 64.42 42.36
N VAL X 55 84.43 65.71 42.49
CA VAL X 55 83.93 66.35 43.71
C VAL X 55 82.82 65.54 44.36
N PRO X 56 82.66 65.62 45.68
CA PRO X 56 81.66 64.80 46.38
C PRO X 56 80.23 65.20 46.04
N LYS X 57 79.33 64.23 46.19
CA LYS X 57 77.91 64.41 45.90
C LYS X 57 77.13 63.91 47.10
N VAL X 58 76.21 64.74 47.61
CA VAL X 58 75.48 64.42 48.83
C VAL X 58 74.65 63.17 48.64
N SER X 59 74.99 62.12 49.38
CA SER X 59 74.32 60.83 49.27
C SER X 59 73.54 60.54 50.54
N VAL X 60 72.86 59.39 50.58
CA VAL X 60 72.24 58.86 51.78
C VAL X 60 73.08 57.74 52.39
N SER X 61 73.75 56.98 51.54
CA SER X 61 74.77 56.00 51.89
C SER X 61 76.07 56.76 52.21
N ALA X 62 77.22 56.08 52.08
CA ALA X 62 78.51 56.71 52.35
C ALA X 62 78.65 57.05 53.82
N PRO X 63 79.02 56.09 54.66
CA PRO X 63 78.96 56.27 56.11
C PRO X 63 79.93 57.34 56.59
N GLY X 64 79.42 58.57 56.59
CA GLY X 64 80.21 59.79 56.66
C GLY X 64 79.46 60.88 55.93
N GLY X 65 78.44 60.49 55.17
CA GLY X 65 77.48 61.42 54.64
C GLY X 65 77.38 61.50 53.12
N PHE X 66 78.51 61.52 52.44
CA PHE X 66 78.55 61.62 50.99
C PHE X 66 79.85 61.06 50.43
N THR X 67 79.83 60.79 49.13
CA THR X 67 80.91 60.10 48.45
C THR X 67 82.23 60.87 48.56
N GLN X 68 83.32 60.15 48.31
CA GLN X 68 84.64 60.74 48.42
C GLN X 68 84.92 61.66 47.23
N ALA X 69 85.99 62.44 47.37
CA ALA X 69 86.39 63.41 46.37
C ALA X 69 87.58 62.85 45.60
N ARG X 70 87.40 62.58 44.31
CA ARG X 70 88.47 61.95 43.56
C ARG X 70 89.26 62.96 42.72
N SER X 71 90.56 62.71 42.60
CA SER X 71 91.44 63.52 41.75
C SER X 71 92.31 62.55 40.95
N THR X 72 92.16 62.57 39.64
CA THR X 72 92.89 61.65 38.77
C THR X 72 93.90 62.40 37.91
N VAL X 73 95.08 61.80 37.76
CA VAL X 73 96.12 62.31 36.87
C VAL X 73 96.63 61.15 36.03
N ILE X 74 96.58 61.31 34.71
CA ILE X 74 97.13 60.30 33.80
C ILE X 74 98.23 60.94 32.96
N LEU X 75 99.41 60.35 33.00
CA LEU X 75 100.57 60.82 32.25
C LEU X 75 100.78 59.87 31.08
N LYS X 76 100.57 60.39 29.86
CA LYS X 76 100.70 59.56 28.67
C LYS X 76 102.03 59.85 27.99
N SER X 77 102.91 58.86 27.95
CA SER X 77 104.21 58.97 27.30
C SER X 77 104.22 58.08 26.06
N PRO X 78 104.22 58.65 24.86
CA PRO X 78 104.19 57.81 23.66
C PRO X 78 105.54 57.18 23.37
N LYS X 79 105.51 56.04 22.69
CA LYS X 79 106.72 55.28 22.40
C LYS X 79 106.58 54.61 21.03
N THR X 80 107.62 54.73 20.21
CA THR X 80 107.69 54.08 18.91
C THR X 80 108.40 52.74 19.09
N LEU X 81 107.69 51.65 18.78
CA LEU X 81 108.26 50.32 18.94
C LEU X 81 109.14 49.95 17.74
N ALA X 82 110.05 49.01 17.98
CA ALA X 82 111.00 48.62 16.93
C ALA X 82 110.27 48.04 15.71
N ASN X 83 109.13 47.38 15.93
CA ASN X 83 108.36 46.88 14.80
C ASN X 83 107.84 48.02 13.92
N GLY X 84 107.84 49.24 14.44
CA GLY X 84 107.49 50.39 13.62
C GLY X 84 106.26 51.11 14.14
N ASN X 85 105.34 50.37 14.75
CA ASN X 85 104.09 50.94 15.23
C ASN X 85 104.34 51.79 16.47
N ARG X 86 103.26 52.35 17.01
CA ARG X 86 103.30 53.30 18.11
C ARG X 86 102.36 52.84 19.21
N THR X 87 102.78 53.07 20.45
CA THR X 87 101.98 52.71 21.61
C THR X 87 102.14 53.84 22.63
N VAL X 88 101.34 53.82 23.69
CA VAL X 88 101.42 54.82 24.74
C VAL X 88 101.63 54.09 26.06
N ASN X 89 102.60 54.56 26.85
CA ASN X 89 102.88 54.05 28.18
C ASN X 89 102.29 55.06 29.16
N THR X 90 101.37 54.60 29.99
CA THR X 90 100.60 55.51 30.83
C THR X 90 100.91 55.31 32.31
N VAL X 91 100.79 56.39 33.08
CA VAL X 91 100.93 56.35 34.53
C VAL X 91 99.75 57.06 35.16
N SER X 92 98.74 56.31 35.60
CA SER X 92 97.57 56.92 36.20
C SER X 92 97.72 56.97 37.72
N ILE X 93 97.15 58.01 38.32
CA ILE X 93 97.17 58.21 39.76
C ILE X 93 95.81 58.72 40.20
N GLN X 94 95.25 58.14 41.26
CA GLN X 94 93.95 58.55 41.77
C GLN X 94 94.01 58.74 43.28
N LEU X 95 93.15 59.63 43.78
CA LEU X 95 93.17 60.09 45.17
C LEU X 95 91.75 60.09 45.75
N SER X 96 91.07 58.95 45.64
CA SER X 96 89.74 58.80 46.22
C SER X 96 89.82 58.89 47.74
N VAL X 97 89.58 60.11 48.25
CA VAL X 97 89.63 60.36 49.70
C VAL X 97 88.32 61.02 50.13
N ASP X 98 87.91 60.68 51.35
CA ASP X 98 86.64 61.16 51.86
C ASP X 98 86.72 62.67 52.12
N PRO X 99 85.66 63.42 51.80
CA PRO X 99 85.75 64.89 51.84
C PRO X 99 86.02 65.49 53.21
N GLU X 100 85.77 64.76 54.29
CA GLU X 100 86.09 65.25 55.63
C GLU X 100 87.58 65.27 55.92
N THR X 101 88.40 64.74 55.01
CA THR X 101 89.83 64.63 55.23
C THR X 101 90.49 66.00 55.33
N THR X 102 91.39 66.14 56.30
CA THR X 102 92.17 67.36 56.42
C THR X 102 93.30 67.36 55.39
N ALA X 103 93.84 68.56 55.15
CA ALA X 103 94.91 68.71 54.17
C ALA X 103 96.24 68.15 54.65
N ALA X 104 96.45 68.08 55.96
CA ALA X 104 97.69 67.52 56.48
C ALA X 104 97.79 66.03 56.18
N GLU X 105 96.71 65.28 56.40
CA GLU X 105 96.73 63.86 56.09
C GLU X 105 96.79 63.62 54.59
N VAL X 106 96.17 64.49 53.79
CA VAL X 106 96.31 64.39 52.34
C VAL X 106 97.74 64.59 51.92
N THR X 107 98.43 65.57 52.51
CA THR X 107 99.83 65.79 52.21
C THR X 107 100.68 64.59 52.63
N THR X 108 100.38 64.02 53.80
CA THR X 108 101.08 62.83 54.26
C THR X 108 100.92 61.68 53.26
N MET X 109 99.68 61.48 52.81
CA MET X 109 99.39 60.41 51.86
C MET X 109 100.10 60.65 50.53
N LEU X 110 100.11 61.90 50.06
CA LEU X 110 100.76 62.21 48.80
C LEU X 110 102.27 61.99 48.89
N ASN X 111 102.87 62.36 50.03
CA ASN X 111 104.29 62.11 50.20
C ASN X 111 104.60 60.62 50.29
N ALA X 112 103.76 59.86 51.00
CA ALA X 112 103.98 58.43 51.11
C ALA X 112 103.86 57.74 49.76
N ALA X 113 102.81 58.08 49.00
CA ALA X 113 102.62 57.53 47.65
C ALA X 113 103.72 57.95 46.69
N ALA X 114 104.12 59.22 46.72
CA ALA X 114 105.17 59.69 45.84
C ALA X 114 106.55 59.23 46.29
N GLN X 115 106.69 58.77 47.52
CA GLN X 115 107.94 58.15 47.94
C GLN X 115 108.14 56.79 47.31
N LEU X 116 107.06 56.09 46.98
CA LEU X 116 107.10 55.05 45.97
C LEU X 116 107.34 55.72 44.61
N LEU X 117 107.64 54.91 43.60
CA LEU X 117 107.90 55.36 42.23
C LEU X 117 109.27 56.04 42.09
N PHE X 118 109.97 56.34 43.17
CA PHE X 118 111.34 56.80 43.00
C PHE X 118 112.27 56.22 44.04
N ASP X 119 111.72 55.48 45.00
CA ASP X 119 112.58 54.79 45.95
C ASP X 119 113.30 53.64 45.26
N SER X 120 114.52 53.38 45.71
CA SER X 120 115.32 52.32 45.11
C SER X 120 114.76 50.94 45.37
N ASP X 121 114.04 50.75 46.48
CA ASP X 121 113.52 49.43 46.81
C ASP X 121 112.51 48.95 45.79
N TYR X 122 111.75 49.87 45.19
CA TYR X 122 110.67 49.50 44.28
C TYR X 122 111.07 49.60 42.82
N SER X 123 112.35 49.85 42.53
CA SER X 123 112.83 49.91 41.15
C SER X 123 112.50 48.63 40.39
N ASP X 124 112.81 47.48 40.99
CA ASP X 124 112.57 46.21 40.33
C ASP X 124 111.08 45.93 40.18
N PHE X 125 110.28 46.35 41.16
CA PHE X 125 108.83 46.18 41.05
C PHE X 125 108.26 46.98 39.88
N TRP X 126 108.67 48.23 39.76
CA TRP X 126 108.17 49.06 38.67
C TRP X 126 108.72 48.65 37.31
N LYS X 127 109.95 48.13 37.26
CA LYS X 127 110.60 47.86 35.98
C LYS X 127 110.43 46.41 35.54
N ALA X 128 110.86 45.44 36.34
CA ALA X 128 110.77 44.03 35.98
C ALA X 128 109.56 43.33 36.59
N GLN X 129 108.70 44.05 37.31
CA GLN X 129 107.52 43.49 37.97
C GLN X 129 107.90 42.43 39.00
N ALA X 130 109.02 42.68 39.69
CA ALA X 130 109.51 41.76 40.73
C ALA X 130 108.72 42.02 42.01
N LEU X 131 107.58 41.34 42.13
CA LEU X 131 106.76 41.41 43.33
C LEU X 131 107.55 40.89 44.53
N ALA X 132 107.90 39.61 44.48
CA ALA X 132 108.75 39.02 45.50
C ALA X 132 110.21 39.29 45.14
N ALA Y 1 49.03 46.30 111.52
CA ALA Y 1 48.78 47.24 112.60
C ALA Y 1 47.28 47.48 112.74
N ILE Y 2 46.52 46.91 111.81
CA ILE Y 2 45.06 46.86 111.94
C ILE Y 2 44.72 45.61 112.75
N ALA Y 3 44.73 45.73 114.06
CA ALA Y 3 44.48 44.60 114.94
C ALA Y 3 43.99 45.13 116.27
N ASN Y 4 44.89 45.28 117.23
CA ASN Y 4 44.56 46.02 118.44
C ASN Y 4 45.08 47.45 118.32
N SER Y 5 44.52 48.21 117.37
CA SER Y 5 44.89 49.60 117.16
C SER Y 5 44.21 50.50 118.19
N SER Y 6 44.19 51.81 117.93
CA SER Y 6 43.48 52.72 118.80
C SER Y 6 43.01 53.92 117.98
N ILE Y 7 41.80 54.38 118.27
CA ILE Y 7 41.21 55.53 117.58
C ILE Y 7 40.31 56.26 118.55
N ALA Y 8 40.42 57.59 118.58
CA ALA Y 8 39.61 58.41 119.47
C ALA Y 8 38.28 58.73 118.80
N ILE Y 9 37.18 58.41 119.48
CA ILE Y 9 35.85 58.62 118.95
C ILE Y 9 35.23 59.84 119.60
N ASP Y 10 34.61 60.70 118.79
CA ASP Y 10 34.04 61.97 119.24
C ASP Y 10 35.12 62.88 119.80
N SER Y 11 36.11 63.19 118.97
CA SER Y 11 37.26 63.98 119.37
C SER Y 11 37.53 65.09 118.35
N THR Y 12 38.30 66.08 118.77
CA THR Y 12 38.66 67.20 117.92
C THR Y 12 40.02 66.95 117.27
N ALA Y 13 40.08 67.11 115.95
CA ALA Y 13 41.29 66.94 115.18
C ALA Y 13 41.86 68.30 114.79
N SER Y 14 43.18 68.40 114.83
CA SER Y 14 43.87 69.66 114.56
C SER Y 14 45.07 69.39 113.67
N VAL Y 15 45.64 70.47 113.13
CA VAL Y 15 46.77 70.41 112.22
C VAL Y 15 47.78 71.47 112.64
N THR Y 16 49.06 71.08 112.69
CA THR Y 16 50.14 72.00 113.01
C THR Y 16 51.18 71.96 111.91
N GLY Y 17 51.82 73.11 111.68
CA GLY Y 17 52.89 73.18 110.70
C GLY Y 17 52.36 73.17 109.26
N GLY Y 18 53.22 72.72 108.36
CA GLY Y 18 52.89 72.72 106.95
C GLY Y 18 52.89 74.12 106.35
N THR Y 19 52.41 74.20 105.12
CA THR Y 19 52.33 75.46 104.38
C THR Y 19 50.90 75.65 103.91
N ALA Y 20 50.21 76.63 104.50
CA ALA Y 20 48.83 76.92 104.14
C ALA Y 20 48.70 77.30 102.68
N ARG Y 21 48.05 76.45 101.89
CA ARG Y 21 47.77 76.71 100.49
C ARG Y 21 46.36 77.27 100.36
N THR Y 22 45.85 77.36 99.14
CA THR Y 22 44.51 77.90 98.92
C THR Y 22 43.82 77.07 97.84
N VAL Y 23 42.55 76.75 98.07
CA VAL Y 23 41.77 75.96 97.12
C VAL Y 23 41.06 76.97 96.21
N LYS Y 24 41.55 77.09 94.98
CA LYS Y 24 40.97 78.02 94.03
C LYS Y 24 39.97 77.29 93.14
N GLU Y 25 38.78 77.86 93.02
CA GLU Y 25 37.69 77.24 92.29
C GLU Y 25 37.84 77.45 90.79
N LEU Y 26 37.49 76.42 90.02
CA LEU Y 26 37.66 76.47 88.57
C LEU Y 26 36.29 76.48 87.93
N VAL Y 27 35.48 75.45 88.14
CA VAL Y 27 34.15 75.34 87.54
C VAL Y 27 33.21 74.69 88.55
N ARG Y 28 31.99 75.20 88.65
CA ARG Y 28 30.92 74.55 89.40
C ARG Y 28 29.77 74.31 88.43
N ASN Y 29 29.41 73.05 88.25
CA ASN Y 29 28.32 72.66 87.36
C ASN Y 29 28.06 71.17 87.51
N ASN Y 30 26.85 70.76 87.13
CA ASN Y 30 26.45 69.36 87.12
C ASN Y 30 26.64 68.72 88.49
N SER Y 31 26.31 69.48 89.55
CA SER Y 31 26.50 69.05 90.94
C SER Y 31 27.97 68.79 91.26
N GLU Y 32 28.87 69.34 90.44
CA GLU Y 32 30.30 69.14 90.57
C GLU Y 32 30.98 70.49 90.74
N LEU Y 33 32.03 70.53 91.54
CA LEU Y 33 32.85 71.71 91.76
C LEU Y 33 34.31 71.27 91.59
N ASN Y 34 34.89 71.66 90.46
CA ASN Y 34 36.31 71.41 90.23
C ASN Y 34 37.13 72.57 90.78
N ALA Y 35 38.19 72.25 91.50
CA ALA Y 35 39.06 73.27 92.05
C ALA Y 35 40.48 72.74 92.05
N TYR Y 36 41.43 73.57 92.45
CA TYR Y 36 42.82 73.16 92.48
C TYR Y 36 43.50 73.81 93.66
N ILE Y 37 44.42 73.06 94.29
CA ILE Y 37 45.22 73.59 95.37
C ILE Y 37 46.36 74.40 94.75
N ASP Y 38 46.56 75.62 95.24
CA ASP Y 38 47.52 76.55 94.66
C ASP Y 38 48.80 76.43 95.48
N GLU Y 39 49.81 75.78 94.89
CA GLU Y 39 51.13 75.68 95.51
C GLU Y 39 52.21 76.34 94.66
N GLY Y 40 51.83 77.13 93.65
CA GLY Y 40 52.81 77.72 92.76
C GLY Y 40 53.50 76.68 91.92
N LEU Y 41 52.74 75.73 91.38
CA LEU Y 41 53.26 74.68 90.52
C LEU Y 41 52.77 74.90 89.09
N SER Y 42 53.24 74.06 88.18
CA SER Y 42 52.83 74.14 86.79
C SER Y 42 51.45 73.51 86.62
N PHE Y 43 50.84 73.74 85.46
CA PHE Y 43 49.53 73.18 85.20
C PHE Y 43 49.54 71.66 85.13
N GLN Y 44 50.60 71.07 84.58
CA GLN Y 44 50.70 69.63 84.47
C GLN Y 44 50.91 68.94 85.82
N ALA Y 45 51.35 69.66 86.85
CA ALA Y 45 51.44 69.10 88.18
C ALA Y 45 50.73 70.06 89.13
N ARG Y 46 49.41 69.93 89.21
CA ARG Y 46 48.59 70.70 90.12
C ARG Y 46 48.12 69.77 91.25
N LYS Y 47 47.16 70.16 92.09
CA LYS Y 47 46.58 69.28 93.08
C LYS Y 47 45.06 69.36 92.98
N GLU Y 48 44.55 69.18 91.76
CA GLU Y 48 43.12 69.34 91.51
C GLU Y 48 42.28 68.46 92.43
N VAL Y 49 41.20 69.03 92.95
CA VAL Y 49 40.26 68.34 93.83
C VAL Y 49 38.85 68.63 93.35
N ALA Y 50 38.03 67.58 93.27
CA ALA Y 50 36.67 67.66 92.78
C ALA Y 50 35.69 67.31 93.90
N PHE Y 51 34.72 68.20 94.13
CA PHE Y 51 33.68 68.02 95.13
C PHE Y 51 32.37 67.76 94.41
N SER Y 52 31.74 66.63 94.68
CA SER Y 52 30.47 66.31 94.05
C SER Y 52 29.43 65.99 95.12
N VAL Y 53 28.18 66.29 94.81
CA VAL Y 53 27.07 66.09 95.73
C VAL Y 53 25.95 65.37 94.99
N LYS Y 54 25.39 64.34 95.65
CA LYS Y 54 24.29 63.54 95.13
C LYS Y 54 23.17 63.58 96.18
N VAL Y 55 22.14 64.38 95.90
CA VAL Y 55 21.04 64.64 96.82
C VAL Y 55 20.08 63.46 96.86
N PRO Y 56 19.40 63.23 97.98
CA PRO Y 56 18.47 62.10 98.04
C PRO Y 56 17.22 62.32 97.20
N LYS Y 57 16.65 61.21 96.73
CA LYS Y 57 15.41 61.22 95.98
C LYS Y 57 14.41 60.29 96.65
N VAL Y 58 13.12 60.55 96.43
CA VAL Y 58 12.08 59.74 97.04
C VAL Y 58 12.12 58.34 96.46
N SER Y 59 11.87 57.34 97.30
CA SER Y 59 11.90 55.94 96.89
C SER Y 59 10.77 55.19 97.58
N VAL Y 60 10.61 53.92 97.20
CA VAL Y 60 9.69 53.03 97.89
C VAL Y 60 10.43 51.99 98.73
N SER Y 61 11.57 51.51 98.27
CA SER Y 61 12.54 50.75 99.04
C SER Y 61 13.34 51.73 99.88
N ALA Y 62 14.53 51.31 100.35
CA ALA Y 62 15.39 52.22 101.09
C ALA Y 62 14.72 52.61 102.40
N PRO Y 63 14.84 51.78 103.44
CA PRO Y 63 13.88 51.81 104.55
C PRO Y 63 13.87 53.11 105.33
N GLY Y 64 13.05 54.03 104.84
CA GLY Y 64 13.04 55.41 105.28
C GLY Y 64 12.60 56.31 104.15
N GLY Y 65 12.46 55.75 102.96
CA GLY Y 65 11.77 56.42 101.88
C GLY Y 65 12.67 57.11 100.88
N PHE Y 66 13.90 57.40 101.28
CA PHE Y 66 14.82 58.13 100.41
C PHE Y 66 16.13 57.37 100.24
N THR Y 67 16.76 57.59 99.10
CA THR Y 67 18.12 57.15 98.88
C THR Y 67 19.06 57.97 99.76
N GLN Y 68 20.28 57.47 99.93
CA GLN Y 68 21.23 58.15 100.79
C GLN Y 68 21.78 59.39 100.11
N ALA Y 69 22.11 60.39 100.92
CA ALA Y 69 22.78 61.60 100.44
C ALA Y 69 24.27 61.31 100.39
N ARG Y 70 24.87 61.52 99.22
CA ARG Y 70 26.28 61.23 99.00
C ARG Y 70 27.08 62.50 98.78
N SER Y 71 28.26 62.56 99.37
CA SER Y 71 29.21 63.66 99.19
C SER Y 71 30.56 63.03 98.87
N THR Y 72 31.12 63.36 97.72
CA THR Y 72 32.35 62.75 97.26
C THR Y 72 33.43 63.81 97.03
N VAL Y 73 34.64 63.53 97.51
CA VAL Y 73 35.79 64.38 97.27
C VAL Y 73 36.89 63.55 96.66
N ILE Y 74 37.37 63.94 95.49
CA ILE Y 74 38.50 63.28 94.86
C ILE Y 74 39.67 64.25 94.76
N LEU Y 75 40.81 63.88 95.33
CA LEU Y 75 42.02 64.68 95.28
C LEU Y 75 42.96 64.02 94.28
N LYS Y 76 43.42 64.79 93.30
CA LYS Y 76 44.30 64.26 92.26
C LYS Y 76 45.72 64.77 92.46
N SER Y 77 46.68 63.87 92.39
CA SER Y 77 48.10 64.20 92.56
C SER Y 77 48.90 63.69 91.38
N PRO Y 78 49.24 64.56 90.42
CA PRO Y 78 50.11 64.14 89.32
C PRO Y 78 51.50 63.77 89.79
N LYS Y 79 51.92 62.55 89.47
CA LYS Y 79 53.27 62.08 89.70
C LYS Y 79 53.96 61.84 88.37
N THR Y 80 55.25 62.13 88.32
CA THR Y 80 56.07 61.94 87.13
C THR Y 80 57.02 60.78 87.38
N LEU Y 81 57.01 59.80 86.48
CA LEU Y 81 57.71 58.54 86.69
C LEU Y 81 59.15 58.65 86.23
N ALA Y 82 59.91 57.58 86.45
CA ALA Y 82 61.31 57.55 86.03
C ALA Y 82 61.44 57.64 84.52
N ASN Y 83 60.61 56.90 83.79
CA ASN Y 83 60.64 56.97 82.34
C ASN Y 83 60.24 58.36 81.84
N GLY Y 84 59.29 58.99 82.52
CA GLY Y 84 58.88 60.33 82.16
C GLY Y 84 57.40 60.45 81.87
N ASN Y 85 56.70 59.32 81.89
CA ASN Y 85 55.26 59.34 81.74
C ASN Y 85 54.60 59.93 82.98
N ARG Y 86 53.42 60.51 82.78
CA ARG Y 86 52.69 61.17 83.85
C ARG Y 86 51.51 60.29 84.29
N THR Y 87 51.45 60.00 85.59
CA THR Y 87 50.31 59.31 86.17
C THR Y 87 49.66 60.23 87.19
N VAL Y 88 48.44 59.92 87.60
CA VAL Y 88 47.73 60.67 88.61
C VAL Y 88 47.40 59.74 89.77
N ASN Y 89 47.82 60.13 90.97
CA ASN Y 89 47.50 59.40 92.19
C ASN Y 89 46.30 60.10 92.83
N THR Y 90 45.24 59.34 93.08
CA THR Y 90 43.98 59.91 93.57
C THR Y 90 43.62 59.35 94.94
N VAL Y 91 42.95 60.19 95.72
CA VAL Y 91 42.30 59.76 96.95
C VAL Y 91 40.83 60.12 96.86
N SER Y 92 39.96 59.12 96.97
CA SER Y 92 38.52 59.36 96.96
C SER Y 92 37.96 59.22 98.36
N ILE Y 93 37.06 60.14 98.72
CA ILE Y 93 36.39 60.13 100.02
C ILE Y 93 34.90 60.30 99.72
N GLN Y 94 34.13 59.25 99.96
CA GLN Y 94 32.69 59.26 99.70
C GLN Y 94 31.96 59.00 101.00
N LEU Y 95 31.06 59.92 101.37
CA LEU Y 95 30.24 59.79 102.56
C LEU Y 95 28.79 59.66 102.12
N SER Y 96 28.15 58.55 102.50
CA SER Y 96 26.74 58.30 102.21
C SER Y 96 26.00 58.21 103.53
N VAL Y 97 25.10 59.16 103.79
CA VAL Y 97 24.31 59.16 105.01
C VAL Y 97 22.83 59.21 104.66
N ASP Y 98 22.03 58.48 105.44
CA ASP Y 98 20.60 58.62 105.34
C ASP Y 98 20.20 60.03 105.75
N PRO Y 99 19.21 60.61 105.07
CA PRO Y 99 18.84 62.01 105.38
C PRO Y 99 18.37 62.22 106.82
N GLU Y 100 17.94 61.17 107.52
CA GLU Y 100 17.57 61.31 108.92
C GLU Y 100 18.76 61.52 109.84
N THR Y 101 19.98 61.37 109.33
CA THR Y 101 21.17 61.41 110.17
C THR Y 101 21.45 62.82 110.68
N THR Y 102 21.68 62.92 111.98
CA THR Y 102 21.94 64.20 112.61
C THR Y 102 23.36 64.67 112.28
N ALA Y 103 23.63 65.95 112.60
CA ALA Y 103 24.94 66.51 112.30
C ALA Y 103 26.01 65.97 113.23
N ALA Y 104 25.65 65.58 114.45
CA ALA Y 104 26.61 64.99 115.37
C ALA Y 104 27.05 63.61 114.91
N GLU Y 105 26.11 62.80 114.40
CA GLU Y 105 26.47 61.49 113.88
C GLU Y 105 27.36 61.60 112.64
N VAL Y 106 27.16 62.64 111.83
CA VAL Y 106 28.03 62.87 110.69
C VAL Y 106 29.41 63.35 111.15
N THR Y 107 29.44 64.21 112.17
CA THR Y 107 30.71 64.69 112.70
C THR Y 107 31.54 63.54 113.27
N THR Y 108 30.90 62.63 114.00
CA THR Y 108 31.61 61.47 114.54
C THR Y 108 32.19 60.62 113.43
N MET Y 109 31.40 60.38 112.38
CA MET Y 109 31.86 59.58 111.25
C MET Y 109 33.05 60.24 110.58
N LEU Y 110 32.96 61.55 110.35
CA LEU Y 110 34.05 62.29 109.71
C LEU Y 110 35.31 62.24 110.53
N ASN Y 111 35.19 62.44 111.85
CA ASN Y 111 36.37 62.47 112.70
C ASN Y 111 37.03 61.10 112.79
N ALA Y 112 36.23 60.03 112.90
CA ALA Y 112 36.81 58.68 112.90
C ALA Y 112 37.48 58.36 111.58
N ALA Y 113 36.84 58.71 110.46
CA ALA Y 113 37.44 58.46 109.16
C ALA Y 113 38.70 59.27 108.95
N ALA Y 114 38.81 60.44 109.58
CA ALA Y 114 40.03 61.24 109.45
C ALA Y 114 41.21 60.53 110.07
N GLN Y 115 41.06 60.05 111.31
CA GLN Y 115 42.11 59.27 111.94
C GLN Y 115 42.34 57.93 111.27
N LEU Y 116 41.35 57.41 110.55
CA LEU Y 116 41.56 56.17 109.81
C LEU Y 116 42.64 56.31 108.75
N LEU Y 117 42.94 57.54 108.32
CA LEU Y 117 43.93 57.73 107.26
C LEU Y 117 45.07 58.67 107.67
N PHE Y 118 45.21 58.96 108.97
CA PHE Y 118 46.43 59.61 109.43
C PHE Y 118 47.02 59.02 110.70
N ASP Y 119 46.36 58.09 111.38
CA ASP Y 119 46.95 57.46 112.55
C ASP Y 119 48.13 56.59 112.14
N SER Y 120 49.12 56.48 113.04
CA SER Y 120 50.42 55.96 112.65
C SER Y 120 50.37 54.46 112.36
N ASP Y 121 49.39 53.74 112.91
CA ASP Y 121 49.29 52.31 112.67
C ASP Y 121 48.96 52.03 111.21
N TYR Y 122 47.86 52.63 110.74
CA TYR Y 122 47.37 52.38 109.40
C TYR Y 122 48.36 52.87 108.35
N SER Y 123 49.45 53.51 108.80
CA SER Y 123 50.53 53.86 107.90
C SER Y 123 51.04 52.64 107.15
N ASP Y 124 51.08 51.48 107.80
CA ASP Y 124 51.49 50.28 107.08
C ASP Y 124 50.46 49.83 106.06
N PHE Y 125 49.18 50.06 106.33
CA PHE Y 125 48.13 49.66 105.39
C PHE Y 125 48.07 50.56 104.17
N TRP Y 126 48.27 51.86 104.34
CA TRP Y 126 48.20 52.79 103.23
C TRP Y 126 49.43 52.77 102.34
N LYS Y 127 50.62 52.67 102.94
CA LYS Y 127 51.86 52.69 102.19
C LYS Y 127 52.33 51.29 101.79
N ALA Y 128 52.51 50.41 102.77
CA ALA Y 128 53.00 49.06 102.50
C ALA Y 128 51.91 48.13 102.01
N GLN Y 129 50.64 48.55 102.05
CA GLN Y 129 49.51 47.72 101.63
C GLN Y 129 49.43 46.45 102.48
N ALA Y 130 49.69 46.61 103.78
CA ALA Y 130 49.83 45.51 104.71
C ALA Y 130 48.59 45.42 105.60
N LEU Y 131 47.82 44.35 105.42
CA LEU Y 131 46.59 44.16 106.18
C LEU Y 131 46.86 43.91 107.67
N ALA Y 132 47.92 43.19 107.98
CA ALA Y 132 48.28 42.98 109.38
C ALA Y 132 49.76 43.21 109.61
N ALA Z 1 33.56 78.23 102.29
CA ALA Z 1 33.55 76.79 102.12
C ALA Z 1 34.51 76.37 101.02
N ILE Z 2 34.03 75.55 100.09
CA ILE Z 2 34.83 75.18 98.93
C ILE Z 2 34.82 76.35 97.96
N ALA Z 3 35.87 77.17 98.00
CA ALA Z 3 35.94 78.39 97.22
C ALA Z 3 37.26 79.10 97.45
N ASN Z 4 37.56 79.42 98.71
CA ASN Z 4 38.80 80.10 99.09
C ASN Z 4 39.42 79.45 100.33
N SER Z 5 39.09 78.18 100.57
CA SER Z 5 39.54 77.50 101.77
C SER Z 5 41.04 77.22 101.70
N SER Z 6 41.67 77.15 102.86
CA SER Z 6 43.10 76.90 103.00
C SER Z 6 43.31 75.51 103.57
N ILE Z 7 44.24 74.76 102.98
CA ILE Z 7 44.64 73.45 103.47
C ILE Z 7 46.16 73.45 103.67
N ALA Z 8 46.61 73.00 104.84
CA ALA Z 8 48.03 73.03 105.18
C ALA Z 8 48.71 71.78 104.64
N ILE Z 9 49.42 71.94 103.53
CA ILE Z 9 50.10 70.82 102.87
C ILE Z 9 51.33 70.43 103.67
N ASP Z 10 51.54 69.12 103.82
CA ASP Z 10 52.69 68.57 104.53
C ASP Z 10 52.75 69.08 105.97
N SER Z 11 51.61 69.01 106.65
CA SER Z 11 51.51 69.36 108.05
C SER Z 11 51.36 68.09 108.88
N THR Z 12 51.22 68.26 110.20
CA THR Z 12 51.03 67.16 111.13
C THR Z 12 49.64 67.24 111.71
N ALA Z 13 48.85 66.17 111.56
CA ALA Z 13 47.49 66.12 112.06
C ALA Z 13 47.44 65.28 113.33
N SER Z 14 46.81 65.81 114.37
CA SER Z 14 46.70 65.14 115.65
C SER Z 14 45.26 65.20 116.15
N VAL Z 15 45.02 64.55 117.29
CA VAL Z 15 43.69 64.42 117.87
C VAL Z 15 43.78 64.68 119.37
N THR Z 16 42.81 65.43 119.91
CA THR Z 16 42.70 65.66 121.33
C THR Z 16 41.29 65.35 121.79
N GLY Z 17 41.16 64.97 123.06
CA GLY Z 17 39.85 64.63 123.59
C GLY Z 17 39.36 63.28 123.08
N GLY Z 18 38.08 63.02 123.34
CA GLY Z 18 37.45 61.81 122.87
C GLY Z 18 37.71 60.61 123.74
N THR Z 19 37.16 59.48 123.31
CA THR Z 19 37.36 58.19 123.95
C THR Z 19 38.17 57.28 123.04
N ALA Z 20 39.16 56.61 123.62
CA ALA Z 20 40.07 55.74 122.90
C ALA Z 20 39.45 54.35 122.79
N ARG Z 21 39.07 53.98 121.57
CA ARG Z 21 38.57 52.64 121.32
C ARG Z 21 39.63 51.80 120.63
N THR Z 22 39.47 50.47 120.74
CA THR Z 22 40.56 49.56 120.39
C THR Z 22 40.53 49.15 118.92
N VAL Z 23 39.33 48.92 118.38
CA VAL Z 23 39.15 48.31 117.05
C VAL Z 23 39.60 46.86 117.15
N LYS Z 24 38.70 45.92 116.87
CA LYS Z 24 38.98 44.49 116.99
C LYS Z 24 38.62 43.82 115.68
N GLU Z 25 39.52 42.98 115.18
CA GLU Z 25 39.31 42.35 113.89
C GLU Z 25 38.29 41.22 114.00
N LEU Z 26 37.37 41.15 113.04
CA LEU Z 26 36.35 40.11 113.02
C LEU Z 26 36.74 38.95 112.11
N VAL Z 27 36.89 39.22 110.81
CA VAL Z 27 37.05 38.19 109.80
C VAL Z 27 38.13 38.65 108.83
N ARG Z 28 38.82 37.69 108.24
CA ARG Z 28 39.93 37.96 107.33
C ARG Z 28 39.68 37.16 106.05
N ASN Z 29 40.59 37.30 105.09
CA ASN Z 29 40.56 36.59 103.81
C ASN Z 29 39.49 37.13 102.87
N ASN Z 30 39.85 37.37 101.62
CA ASN Z 30 41.23 37.31 101.15
C ASN Z 30 41.62 38.68 100.61
N SER Z 31 42.73 39.20 101.08
CA SER Z 31 43.12 40.59 100.81
C SER Z 31 42.00 41.53 101.25
N GLU Z 32 41.39 41.20 102.39
CA GLU Z 32 40.22 41.90 102.89
C GLU Z 32 40.12 41.70 104.39
N LEU Z 33 40.36 42.76 105.16
CA LEU Z 33 40.19 42.68 106.61
C LEU Z 33 38.85 43.27 107.02
N ASN Z 34 38.28 42.73 108.08
CA ASN Z 34 37.05 43.27 108.66
C ASN Z 34 37.24 43.38 110.16
N ALA Z 35 36.97 44.57 110.69
CA ALA Z 35 37.15 44.84 112.11
C ALA Z 35 35.93 45.57 112.62
N TYR Z 36 35.96 45.96 113.89
CA TYR Z 36 34.87 46.74 114.47
C TYR Z 36 35.43 47.55 115.62
N ILE Z 37 34.91 48.77 115.78
CA ILE Z 37 35.35 49.66 116.86
C ILE Z 37 34.55 49.32 118.11
N ASP Z 38 35.23 48.88 119.15
CA ASP Z 38 34.58 48.40 120.37
C ASP Z 38 34.32 49.57 121.31
N GLU Z 39 33.06 50.00 121.40
CA GLU Z 39 32.65 51.07 122.30
C GLU Z 39 31.63 50.57 123.30
N GLY Z 40 31.63 49.27 123.57
CA GLY Z 40 30.64 48.68 124.48
C GLY Z 40 29.22 48.81 123.96
N LEU Z 41 29.02 48.59 122.68
CA LEU Z 41 27.69 48.68 122.07
C LEU Z 41 27.22 47.29 121.67
N SER Z 42 25.96 47.20 121.26
CA SER Z 42 25.38 45.93 120.88
C SER Z 42 25.89 45.49 119.51
N PHE Z 43 25.47 44.29 119.11
CA PHE Z 43 25.94 43.71 117.86
C PHE Z 43 25.41 44.48 116.65
N GLN Z 44 24.18 44.98 116.70
CA GLN Z 44 23.62 45.68 115.56
C GLN Z 44 24.01 47.16 115.52
N ALA Z 45 24.59 47.69 116.60
CA ALA Z 45 24.88 49.11 116.70
C ALA Z 45 26.38 49.39 116.75
N ARG Z 46 27.20 48.44 116.33
CA ARG Z 46 28.65 48.62 116.38
C ARG Z 46 29.16 49.19 115.06
N LYS Z 47 30.32 49.84 115.12
CA LYS Z 47 30.88 50.61 114.01
C LYS Z 47 31.23 49.74 112.80
N GLU Z 48 32.12 48.76 112.96
CA GLU Z 48 32.49 47.83 111.89
C GLU Z 48 33.16 48.45 110.67
N VAL Z 49 34.41 48.89 110.82
CA VAL Z 49 35.23 49.36 109.71
C VAL Z 49 35.85 48.15 108.99
N ALA Z 50 35.85 48.19 107.67
CA ALA Z 50 36.44 47.15 106.83
C ALA Z 50 37.61 47.69 106.01
N PHE Z 51 38.59 46.82 105.76
CA PHE Z 51 39.82 47.18 105.07
C PHE Z 51 40.01 46.27 103.86
N SER Z 52 40.12 46.87 102.67
CA SER Z 52 40.32 46.13 101.44
C SER Z 52 41.65 46.53 100.83
N VAL Z 53 42.15 45.67 99.94
CA VAL Z 53 43.45 45.90 99.30
C VAL Z 53 43.46 45.29 97.91
N LYS Z 54 44.02 46.00 96.94
CA LYS Z 54 44.20 45.52 95.58
C LYS Z 54 45.66 45.71 95.22
N VAL Z 55 46.39 44.60 95.11
CA VAL Z 55 47.85 44.68 94.92
C VAL Z 55 48.16 45.18 93.53
N PRO Z 56 49.32 45.79 93.29
CA PRO Z 56 49.65 46.24 91.92
C PRO Z 56 49.82 45.05 90.99
N LYS Z 57 49.12 45.10 89.87
CA LYS Z 57 49.13 44.02 88.89
C LYS Z 57 50.00 44.42 87.71
N VAL Z 58 50.81 43.48 87.22
CA VAL Z 58 51.72 43.77 86.12
C VAL Z 58 50.94 43.86 84.82
N SER Z 59 50.63 45.09 84.41
CA SER Z 59 50.00 45.34 83.12
C SER Z 59 51.07 45.62 82.08
N VAL Z 60 50.67 46.11 80.90
CA VAL Z 60 51.64 46.44 79.85
C VAL Z 60 51.46 47.88 79.43
N SER Z 61 50.24 48.26 79.08
CA SER Z 61 49.96 49.59 78.53
C SER Z 61 49.52 50.54 79.65
N ALA Z 62 50.43 50.74 80.60
CA ALA Z 62 50.17 51.63 81.71
C ALA Z 62 51.42 52.42 82.04
N PRO Z 63 51.29 53.60 82.63
CA PRO Z 63 52.48 54.31 83.12
C PRO Z 63 53.22 53.47 84.14
N GLY Z 64 54.54 53.41 83.99
CA GLY Z 64 55.36 52.65 84.91
C GLY Z 64 55.43 51.17 84.56
N GLY Z 65 54.32 50.64 84.07
CA GLY Z 65 54.26 49.25 83.68
C GLY Z 65 53.17 48.47 84.39
N PHE Z 66 52.98 48.71 85.68
CA PHE Z 66 52.00 47.98 86.46
C PHE Z 66 50.72 48.78 86.59
N THR Z 67 49.67 48.14 87.12
CA THR Z 67 48.48 48.85 87.54
C THR Z 67 48.74 49.49 88.89
N GLN Z 68 47.71 50.15 89.42
CA GLN Z 68 47.87 50.95 90.63
C GLN Z 68 47.62 50.11 91.87
N ALA Z 69 48.26 50.53 92.97
CA ALA Z 69 48.09 49.89 94.27
C ALA Z 69 46.87 50.52 94.94
N ARG Z 70 45.73 49.85 94.80
CA ARG Z 70 44.49 50.34 95.41
C ARG Z 70 44.39 49.88 96.86
N SER Z 71 43.87 50.76 97.71
CA SER Z 71 43.72 50.46 99.13
C SER Z 71 42.45 51.15 99.61
N THR Z 72 41.48 50.35 100.06
CA THR Z 72 40.17 50.87 100.41
C THR Z 72 39.86 50.63 101.88
N VAL Z 73 39.18 51.60 102.48
CA VAL Z 73 38.66 51.52 103.84
C VAL Z 73 37.20 51.95 103.77
N ILE Z 74 36.32 51.20 104.43
CA ILE Z 74 34.92 51.59 104.56
C ILE Z 74 34.54 51.55 106.03
N LEU Z 75 34.25 52.71 106.59
CA LEU Z 75 33.73 52.81 107.95
C LEU Z 75 32.22 52.76 107.86
N LYS Z 76 31.61 51.81 108.56
CA LYS Z 76 30.16 51.70 108.61
C LYS Z 76 29.65 52.28 109.93
N SER Z 77 28.38 52.65 109.95
CA SER Z 77 27.77 53.27 111.12
C SER Z 77 26.28 52.95 111.12
N PRO Z 78 25.83 52.10 112.03
CA PRO Z 78 24.40 51.77 112.08
C PRO Z 78 23.58 52.98 112.52
N LYS Z 79 22.34 53.03 112.04
CA LYS Z 79 21.41 54.06 112.48
C LYS Z 79 19.99 53.51 112.36
N THR Z 80 19.20 53.72 113.41
CA THR Z 80 17.80 53.34 113.41
C THR Z 80 16.94 54.55 113.07
N LEU Z 81 15.89 54.32 112.29
CA LEU Z 81 15.13 55.40 111.69
C LEU Z 81 13.89 55.74 112.53
N ALA Z 82 13.17 56.77 112.10
CA ALA Z 82 11.96 57.21 112.78
C ALA Z 82 10.80 56.25 112.60
N ASN Z 83 10.90 55.31 111.67
CA ASN Z 83 9.91 54.26 111.49
C ASN Z 83 10.35 52.93 112.08
N GLY Z 84 11.48 52.90 112.78
CA GLY Z 84 11.98 51.69 113.41
C GLY Z 84 12.90 50.86 112.55
N ASN Z 85 13.07 51.20 111.28
CA ASN Z 85 13.93 50.41 110.40
C ASN Z 85 15.40 50.71 110.67
N ARG Z 86 16.24 49.84 110.12
CA ARG Z 86 17.69 49.84 110.36
C ARG Z 86 18.39 50.15 109.05
N THR Z 87 19.37 51.05 109.08
CA THR Z 87 20.17 51.38 107.91
C THR Z 87 21.61 51.64 108.32
N VAL Z 88 22.48 51.80 107.33
CA VAL Z 88 23.91 52.00 107.56
C VAL Z 88 24.37 53.23 106.80
N ASN Z 89 25.11 54.10 107.48
CA ASN Z 89 25.82 55.20 106.84
C ASN Z 89 27.27 54.78 106.67
N THR Z 90 27.88 55.19 105.56
CA THR Z 90 29.23 54.75 105.25
C THR Z 90 30.14 55.92 104.92
N VAL Z 91 31.41 55.76 105.24
CA VAL Z 91 32.48 56.59 104.71
C VAL Z 91 33.45 55.68 103.97
N SER Z 92 33.66 55.94 102.69
CA SER Z 92 34.56 55.13 101.88
C SER Z 92 35.77 55.97 101.47
N ILE Z 93 36.96 55.47 101.77
CA ILE Z 93 38.22 56.13 101.44
C ILE Z 93 39.01 55.18 100.56
N GLN Z 94 39.29 55.59 99.33
CA GLN Z 94 40.12 54.80 98.43
C GLN Z 94 41.38 55.57 98.09
N LEU Z 95 42.53 54.96 98.37
CA LEU Z 95 43.82 55.52 98.02
C LEU Z 95 44.34 54.71 96.83
N SER Z 96 44.66 55.41 95.74
CA SER Z 96 45.10 54.75 94.51
C SER Z 96 46.36 55.45 94.02
N VAL Z 97 47.51 54.84 94.31
CA VAL Z 97 48.78 55.38 93.90
C VAL Z 97 49.47 54.39 92.98
N ASP Z 98 50.43 54.88 92.20
CA ASP Z 98 51.30 54.03 91.41
C ASP Z 98 52.35 53.41 92.32
N PRO Z 99 52.81 52.20 91.99
CA PRO Z 99 53.80 51.54 92.86
C PRO Z 99 55.10 52.31 92.99
N GLU Z 100 55.42 53.18 92.04
CA GLU Z 100 56.62 53.99 92.08
C GLU Z 100 56.55 55.11 93.11
N THR Z 101 55.36 55.36 93.67
CA THR Z 101 55.18 56.43 94.63
C THR Z 101 55.94 56.13 95.93
N THR Z 102 56.56 57.16 96.48
CA THR Z 102 57.28 57.05 97.73
C THR Z 102 56.34 57.22 98.92
N ALA Z 103 56.85 56.90 100.11
CA ALA Z 103 56.04 56.98 101.31
C ALA Z 103 55.68 58.42 101.65
N ALA Z 104 56.59 59.36 101.38
CA ALA Z 104 56.35 60.76 101.71
C ALA Z 104 55.24 61.36 100.85
N GLU Z 105 55.20 61.02 99.56
CA GLU Z 105 54.10 61.48 98.72
C GLU Z 105 52.76 60.93 99.21
N VAL Z 106 52.75 59.66 99.63
CA VAL Z 106 51.52 59.06 100.12
C VAL Z 106 51.09 59.73 101.42
N THR Z 107 52.04 60.06 102.29
CA THR Z 107 51.67 60.67 103.56
C THR Z 107 51.17 62.09 103.31
N THR Z 108 51.71 62.77 102.30
CA THR Z 108 51.19 64.08 101.93
C THR Z 108 49.76 63.98 101.42
N MET Z 109 49.50 63.02 100.54
CA MET Z 109 48.16 62.82 100.01
C MET Z 109 47.17 62.50 101.13
N LEU Z 110 47.58 61.62 102.06
CA LEU Z 110 46.71 61.25 103.16
C LEU Z 110 46.44 62.44 104.07
N ASN Z 111 47.45 63.27 104.32
CA ASN Z 111 47.24 64.44 105.16
C ASN Z 111 46.26 65.42 104.51
N ALA Z 112 46.41 65.65 103.21
CA ALA Z 112 45.49 66.55 102.51
C ALA Z 112 44.07 66.00 102.53
N ALA Z 113 43.92 64.70 102.25
CA ALA Z 113 42.59 64.10 102.24
C ALA Z 113 41.96 64.10 103.62
N ALA Z 114 42.75 63.85 104.66
CA ALA Z 114 42.22 63.91 106.02
C ALA Z 114 41.80 65.33 106.38
N GLN Z 115 42.57 66.33 105.95
CA GLN Z 115 42.18 67.71 106.18
C GLN Z 115 40.85 68.02 105.51
N LEU Z 116 40.62 67.49 104.31
CA LEU Z 116 39.32 67.64 103.68
C LEU Z 116 38.33 66.61 104.21
N LEU Z 117 38.36 66.44 105.54
CA LEU Z 117 37.37 65.61 106.22
C LEU Z 117 36.90 66.29 107.51
N PHE Z 118 37.80 67.00 108.16
CA PHE Z 118 37.52 67.59 109.46
C PHE Z 118 37.75 69.09 109.52
N ASP Z 119 38.27 69.71 108.46
CA ASP Z 119 38.45 71.15 108.46
C ASP Z 119 37.10 71.85 108.48
N SER Z 120 37.01 72.89 109.30
CA SER Z 120 35.73 73.57 109.52
C SER Z 120 35.21 74.21 108.24
N ASP Z 121 36.10 74.49 107.30
CA ASP Z 121 35.70 75.09 106.03
C ASP Z 121 34.76 74.17 105.26
N TYR Z 122 35.07 72.88 105.25
CA TYR Z 122 34.21 71.91 104.58
C TYR Z 122 33.27 71.23 105.56
N SER Z 123 32.39 71.98 106.20
CA SER Z 123 31.41 71.39 107.09
C SER Z 123 30.04 71.38 106.43
N ASP Z 124 29.67 72.50 105.82
CA ASP Z 124 28.41 72.57 105.10
C ASP Z 124 28.39 71.64 103.90
N PHE Z 125 29.56 71.27 103.40
CA PHE Z 125 29.60 70.32 102.29
C PHE Z 125 29.23 68.90 102.71
N TRP Z 126 29.65 68.47 103.90
CA TRP Z 126 29.36 67.11 104.35
C TRP Z 126 27.99 67.01 104.99
N LYS Z 127 27.65 67.96 105.87
CA LYS Z 127 26.40 67.88 106.60
C LYS Z 127 25.26 68.51 105.83
N ALA Z 128 25.43 69.76 105.40
CA ALA Z 128 24.37 70.45 104.65
C ALA Z 128 24.36 70.07 103.19
N GLN Z 129 25.36 69.34 102.71
CA GLN Z 129 25.50 68.99 101.30
C GLN Z 129 25.50 70.23 100.41
N ALA Z 130 26.15 71.29 100.88
CA ALA Z 130 26.19 72.58 100.20
C ALA Z 130 27.52 72.71 99.47
N LEU Z 131 27.49 72.62 98.14
CA LEU Z 131 28.70 72.70 97.34
C LEU Z 131 29.42 74.03 97.52
N ALA Z 132 28.66 75.10 97.72
CA ALA Z 132 29.27 76.41 97.90
C ALA Z 132 28.31 77.37 98.58
N ALA AA 1 48.01 105.90 62.36
CA ALA AA 1 47.25 104.72 61.98
C ALA AA 1 47.98 103.44 62.35
N ILE AA 2 47.65 102.34 61.64
CA ILE AA 2 48.23 101.04 61.96
C ILE AA 2 49.73 101.04 61.70
N ALA AA 3 50.14 101.54 60.53
CA ALA AA 3 51.56 101.58 60.19
C ALA AA 3 52.30 102.52 61.12
N ASN AA 4 53.42 102.04 61.68
CA ASN AA 4 54.27 102.81 62.59
C ASN AA 4 53.51 103.24 63.85
N SER AA 5 52.52 102.46 64.24
CA SER AA 5 51.85 102.65 65.52
C SER AA 5 52.72 102.10 66.63
N SER AA 6 52.72 102.77 67.78
CA SER AA 6 53.54 102.38 68.90
C SER AA 6 52.71 101.70 69.98
N ILE AA 7 53.23 100.59 70.50
CA ILE AA 7 52.59 99.84 71.58
C ILE AA 7 53.59 99.71 72.72
N ALA AA 8 53.16 100.05 73.94
CA ALA AA 8 54.02 99.96 75.11
C ALA AA 8 53.89 98.57 75.71
N ILE AA 9 54.92 97.76 75.56
CA ILE AA 9 54.88 96.36 75.96
C ILE AA 9 55.28 96.22 77.42
N ASP AA 10 54.60 95.32 78.13
CA ASP AA 10 54.77 95.13 79.57
C ASP AA 10 54.48 96.43 80.32
N SER AA 11 53.23 96.87 80.16
CA SER AA 11 52.81 98.16 80.68
C SER AA 11 51.54 97.98 81.52
N THR AA 12 51.39 98.85 82.52
CA THR AA 12 50.19 98.82 83.33
C THR AA 12 49.10 99.66 82.67
N ALA AA 13 47.90 99.08 82.58
CA ALA AA 13 46.76 99.72 81.94
C ALA AA 13 45.82 100.23 83.03
N SER AA 14 45.70 101.55 83.14
CA SER AA 14 44.77 102.15 84.09
C SER AA 14 43.46 102.45 83.39
N VAL AA 15 42.51 102.99 84.15
CA VAL AA 15 41.24 103.45 83.59
C VAL AA 15 40.61 104.45 84.53
N THR AA 16 40.19 105.60 84.01
CA THR AA 16 39.57 106.67 84.81
C THR AA 16 38.49 107.33 83.98
N GLY AA 17 37.27 106.81 84.07
CA GLY AA 17 36.13 107.49 83.47
C GLY AA 17 34.90 107.56 84.32
N GLY AA 18 34.87 106.79 85.41
CA GLY AA 18 33.68 106.72 86.24
C GLY AA 18 32.64 105.77 85.70
N THR AA 19 31.41 105.87 86.21
CA THR AA 19 30.30 105.02 85.81
C THR AA 19 30.63 103.55 86.07
N ALA AA 20 30.95 103.25 87.33
CA ALA AA 20 31.34 101.90 87.71
C ALA AA 20 30.13 100.97 87.77
N ARG AA 21 29.91 100.23 86.69
CA ARG AA 21 28.80 99.29 86.63
C ARG AA 21 29.18 98.00 87.35
N THR AA 22 28.28 97.01 87.28
CA THR AA 22 28.47 95.74 87.96
C THR AA 22 28.09 94.61 87.02
N VAL AA 23 28.98 93.62 86.89
CA VAL AA 23 28.70 92.43 86.12
C VAL AA 23 27.95 91.46 87.03
N LYS AA 24 26.71 91.14 86.67
CA LYS AA 24 25.90 90.18 87.42
C LYS AA 24 25.67 88.96 86.55
N GLU AA 25 25.94 87.78 87.09
CA GLU AA 25 25.81 86.58 86.29
C GLU AA 25 24.34 86.20 86.15
N LEU AA 26 24.01 85.56 85.02
CA LEU AA 26 22.64 85.16 84.73
C LEU AA 26 22.51 83.64 84.79
N VAL AA 27 23.25 82.91 83.96
CA VAL AA 27 23.17 81.45 83.91
C VAL AA 27 24.59 80.91 83.82
N ARG AA 28 24.71 79.60 83.71
CA ARG AA 28 26.01 78.95 83.61
C ARG AA 28 26.13 77.99 82.44
N ASN AA 29 25.04 77.32 82.05
CA ASN AA 29 25.03 76.16 81.16
C ASN AA 29 26.36 75.41 81.09
N ASN AA 30 26.75 74.98 79.88
CA ASN AA 30 27.83 74.02 79.72
C ASN AA 30 29.18 74.74 79.68
N SER AA 31 29.89 74.74 80.81
CA SER AA 31 31.24 75.27 80.92
C SER AA 31 31.31 76.71 80.40
N GLU AA 32 30.28 77.47 80.74
CA GLU AA 32 30.12 78.84 80.26
C GLU AA 32 29.70 79.70 81.46
N LEU AA 33 29.63 81.01 81.24
CA LEU AA 33 29.12 81.90 82.27
C LEU AA 33 28.51 83.13 81.61
N ASN AA 34 27.19 83.14 81.46
CA ASN AA 34 26.52 84.27 80.82
C ASN AA 34 26.13 85.28 81.89
N ALA AA 35 26.70 86.48 81.79
CA ALA AA 35 26.42 87.56 82.70
C ALA AA 35 25.85 88.75 81.94
N TYR AA 36 25.64 89.85 82.65
CA TYR AA 36 25.17 91.08 82.03
C TYR AA 36 25.64 92.27 82.86
N ILE AA 37 25.78 93.42 82.21
CA ILE AA 37 26.23 94.64 82.88
C ILE AA 37 25.01 95.40 83.36
N ASP AA 38 24.98 95.73 84.64
CA ASP AA 38 23.81 96.38 85.26
C ASP AA 38 23.97 97.89 85.12
N GLU AA 39 23.30 98.44 84.11
CA GLU AA 39 23.27 99.88 83.88
C GLU AA 39 21.86 100.47 83.97
N GLY AA 40 20.86 99.68 84.32
CA GLY AA 40 19.50 100.15 84.42
C GLY AA 40 18.73 100.20 83.12
N LEU AA 41 19.22 99.57 82.06
CA LEU AA 41 18.54 99.56 80.78
C LEU AA 41 17.37 98.58 80.82
N SER AA 42 16.70 98.43 79.68
CA SER AA 42 15.60 97.49 79.58
C SER AA 42 16.12 96.06 79.63
N PHE AA 43 15.18 95.11 79.65
CA PHE AA 43 15.55 93.71 79.79
C PHE AA 43 16.21 93.19 78.51
N GLN AA 44 15.62 93.48 77.36
CA GLN AA 44 16.17 93.05 76.08
C GLN AA 44 16.96 94.15 75.40
N ALA AA 45 17.49 95.09 76.21
CA ALA AA 45 18.40 96.11 75.68
C ALA AA 45 19.67 96.23 76.53
N ARG AA 46 19.90 95.31 77.48
CA ARG AA 46 21.08 95.35 78.32
C ARG AA 46 22.28 94.72 77.63
N LYS AA 47 23.47 95.01 78.12
CA LYS AA 47 24.68 94.41 77.55
C LYS AA 47 25.01 93.15 78.33
N GLU AA 48 24.94 92.01 77.66
CA GLU AA 48 25.28 90.71 78.24
C GLU AA 48 26.67 90.31 77.75
N VAL AA 49 27.56 90.00 78.68
CA VAL AA 49 28.87 89.49 78.31
C VAL AA 49 28.99 88.03 78.76
N ALA AA 50 29.36 87.16 77.84
CA ALA AA 50 29.46 85.73 78.08
C ALA AA 50 30.91 85.29 78.14
N PHE AA 51 31.22 84.45 79.14
CA PHE AA 51 32.55 83.90 79.37
C PHE AA 51 32.53 82.40 79.11
N SER AA 52 33.63 81.88 78.57
CA SER AA 52 33.69 80.44 78.30
C SER AA 52 35.13 79.94 78.37
N VAL AA 53 35.30 78.70 78.80
CA VAL AA 53 36.62 78.08 78.93
C VAL AA 53 36.67 76.80 78.12
N LYS AA 54 37.85 76.50 77.60
CA LYS AA 54 38.13 75.36 76.74
C LYS AA 54 39.46 74.75 77.20
N VAL AA 55 39.48 74.30 78.46
CA VAL AA 55 40.62 73.68 79.13
C VAL AA 55 41.30 72.64 78.26
N PRO AA 56 42.61 72.41 78.45
CA PRO AA 56 43.34 71.48 77.58
C PRO AA 56 42.91 70.03 77.79
N LYS AA 57 43.12 69.23 76.74
CA LYS AA 57 42.77 67.82 76.74
C LYS AA 57 43.97 67.05 76.20
N VAL AA 58 44.39 66.02 76.94
CA VAL AA 58 45.62 65.30 76.63
C VAL AA 58 45.52 64.62 75.27
N SER AA 59 46.34 65.07 74.33
CA SER AA 59 46.35 64.54 72.97
C SER AA 59 47.66 63.80 72.70
N VAL AA 60 47.78 63.22 71.51
CA VAL AA 60 49.02 62.63 71.03
C VAL AA 60 49.74 63.56 70.05
N SER AA 61 48.98 64.34 69.30
CA SER AA 61 49.43 65.44 68.47
C SER AA 61 49.72 66.64 69.39
N ALA AA 62 49.70 67.86 68.84
CA ALA AA 62 49.94 69.06 69.62
C ALA AA 62 51.38 69.09 70.14
N PRO AA 63 52.33 69.52 69.31
CA PRO AA 63 53.75 69.36 69.63
C PRO AA 63 54.15 70.18 70.86
N GLY AA 64 54.03 69.55 72.01
CA GLY AA 64 54.04 70.18 73.31
C GLY AA 64 53.17 69.38 74.26
N GLY AA 65 52.46 68.40 73.70
CA GLY AA 65 51.78 67.40 74.49
C GLY AA 65 50.29 67.34 74.32
N PHE AA 66 49.62 68.49 74.32
CA PHE AA 66 48.17 68.55 74.24
C PHE AA 66 47.68 69.97 73.98
N THR AA 67 46.40 70.05 73.61
CA THR AA 67 45.80 71.26 73.05
C THR AA 67 45.91 72.45 74.01
N GLN AA 68 45.71 73.63 73.46
CA GLN AA 68 45.80 74.86 74.22
C GLN AA 68 44.52 75.09 75.04
N ALA AA 69 44.65 75.95 76.04
CA ALA AA 69 43.54 76.32 76.91
C ALA AA 69 42.90 77.59 76.35
N ARG AA 70 41.65 77.51 75.93
CA ARG AA 70 41.00 78.67 75.34
C ARG AA 70 40.13 79.40 76.35
N SER AA 71 40.08 80.72 76.23
CA SER AA 71 39.22 81.55 77.09
C SER AA 71 38.54 82.58 76.18
N THR AA 72 37.21 82.52 76.11
CA THR AA 72 36.46 83.42 75.24
C THR AA 72 35.58 84.37 76.05
N VAL AA 73 35.53 85.61 75.59
CA VAL AA 73 34.63 86.63 76.14
C VAL AA 73 33.91 87.30 74.99
N ILE AA 74 32.59 87.23 74.97
CA ILE AA 74 31.79 87.90 73.97
C ILE AA 74 30.92 88.96 74.64
N LEU AA 75 31.09 90.21 74.23
CA LEU AA 75 30.32 91.33 74.78
C LEU AA 75 29.25 91.69 73.75
N LYS AA 76 27.99 91.44 74.11
CA LYS AA 76 26.87 91.73 73.22
C LYS AA 76 26.21 93.04 73.62
N SER AA 77 26.28 94.03 72.74
CA SER AA 77 25.66 95.34 72.96
C SER AA 77 24.51 95.51 72.00
N PRO AA 78 23.27 95.49 72.45
CA PRO AA 78 22.14 95.60 71.52
C PRO AA 78 21.94 97.05 71.05
N LYS AA 79 21.30 97.18 69.90
CA LYS AA 79 21.10 98.48 69.26
C LYS AA 79 19.79 98.47 68.49
N THR AA 80 19.01 99.53 68.65
CA THR AA 80 17.80 99.76 67.87
C THR AA 80 18.15 100.64 66.68
N LEU AA 81 17.87 100.17 65.48
CA LEU AA 81 18.23 100.91 64.28
C LEU AA 81 17.16 101.94 63.93
N ALA AA 82 17.48 102.79 62.95
CA ALA AA 82 16.53 103.81 62.50
C ALA AA 82 15.30 103.16 61.87
N ASN AA 83 15.50 102.12 61.07
CA ASN AA 83 14.38 101.41 60.46
C ASN AA 83 13.45 100.82 61.51
N GLY AA 84 13.95 100.58 62.71
CA GLY AA 84 13.08 100.18 63.80
C GLY AA 84 13.41 98.84 64.42
N ASN AA 85 13.98 97.93 63.63
CA ASN AA 85 14.33 96.61 64.15
C ASN AA 85 15.54 96.70 65.08
N ARG AA 86 15.91 95.54 65.64
CA ARG AA 86 16.96 95.43 66.61
C ARG AA 86 18.10 94.59 66.04
N THR AA 87 19.31 94.88 66.49
CA THR AA 87 20.49 94.13 66.09
C THR AA 87 21.42 94.10 67.30
N VAL AA 88 22.45 93.26 67.25
CA VAL AA 88 23.44 93.19 68.32
C VAL AA 88 24.81 93.44 67.73
N ASN AA 89 25.56 94.33 68.37
CA ASN AA 89 26.95 94.64 68.02
C ASN AA 89 27.82 93.89 69.03
N THR AA 90 28.66 93.00 68.53
CA THR AA 90 29.39 92.10 69.40
C THR AA 90 30.90 92.35 69.35
N VAL AA 91 31.56 92.04 70.46
CA VAL AA 91 33.02 92.11 70.55
C VAL AA 91 33.53 90.83 71.19
N SER AA 92 34.02 89.89 70.37
CA SER AA 92 34.52 88.63 70.89
C SER AA 92 36.03 88.68 71.05
N ILE AA 93 36.51 87.99 72.09
CA ILE AA 93 37.93 87.91 72.39
C ILE AA 93 38.29 86.48 72.77
N GLN AA 94 39.34 85.93 72.17
CA GLN AA 94 39.78 84.58 72.45
C GLN AA 94 41.26 84.56 72.80
N LEU AA 95 41.67 83.58 73.61
CA LEU AA 95 43.00 83.51 74.19
C LEU AA 95 43.59 82.10 74.01
N SER AA 96 43.65 81.63 72.77
CA SER AA 96 44.25 80.33 72.46
C SER AA 96 45.73 80.37 72.79
N VAL AA 97 46.07 79.90 73.99
CA VAL AA 97 47.46 79.86 74.44
C VAL AA 97 47.80 78.46 74.93
N ASP AA 98 49.02 78.04 74.65
CA ASP AA 98 49.47 76.72 75.04
C ASP AA 98 49.53 76.62 76.57
N PRO AA 99 49.06 75.52 77.15
CA PRO AA 99 48.92 75.45 78.61
C PRO AA 99 50.23 75.56 79.37
N GLU AA 100 51.37 75.32 78.74
CA GLU AA 100 52.66 75.45 79.39
C GLU AA 100 53.07 76.90 79.60
N THR AA 101 52.34 77.86 79.02
CA THR AA 101 52.75 79.25 79.08
C THR AA 101 52.59 79.80 80.50
N THR AA 102 53.50 80.70 80.86
CA THR AA 102 53.50 81.28 82.19
C THR AA 102 52.49 82.42 82.29
N ALA AA 103 52.20 82.83 83.52
CA ALA AA 103 51.24 83.89 83.77
C ALA AA 103 51.78 85.27 83.40
N ALA AA 104 53.09 85.48 83.51
CA ALA AA 104 53.66 86.75 83.08
C ALA AA 104 53.53 86.94 81.57
N GLU AA 105 53.74 85.88 80.80
CA GLU AA 105 53.54 85.94 79.37
C GLU AA 105 52.09 86.24 79.03
N VAL AA 106 51.15 85.60 79.74
CA VAL AA 106 49.73 85.84 79.50
C VAL AA 106 49.38 87.29 79.83
N THR AA 107 49.94 87.81 80.92
CA THR AA 107 49.71 89.21 81.26
C THR AA 107 50.26 90.14 80.20
N THR AA 108 51.46 89.84 79.68
CA THR AA 108 52.03 90.63 78.60
C THR AA 108 51.13 90.63 77.37
N MET AA 109 50.64 89.46 77.00
CA MET AA 109 49.77 89.33 75.83
C MET AA 109 48.47 90.07 76.04
N LEU AA 110 47.88 89.95 77.23
CA LEU AA 110 46.61 90.61 77.51
C LEU AA 110 46.77 92.13 77.50
N ASN AA 111 47.89 92.62 78.03
CA ASN AA 111 48.14 94.06 78.01
C ASN AA 111 48.36 94.55 76.59
N ALA AA 112 49.12 93.79 75.79
CA ALA AA 112 49.38 94.20 74.41
C ALA AA 112 48.10 94.21 73.59
N ALA AA 113 47.30 93.15 73.70
CA ALA AA 113 46.01 93.09 73.01
C ALA AA 113 45.04 94.16 73.48
N ALA AA 114 44.93 94.37 74.78
CA ALA AA 114 44.07 95.42 75.31
C ALA AA 114 44.67 96.80 75.11
N GLN AA 115 45.96 96.89 74.79
CA GLN AA 115 46.54 98.17 74.40
C GLN AA 115 46.03 98.63 73.05
N LEU AA 116 45.67 97.70 72.18
CA LEU AA 116 44.78 97.96 71.07
C LEU AA 116 43.39 98.26 71.61
N LEU AA 117 42.46 98.59 70.73
CA LEU AA 117 41.05 98.85 71.08
C LEU AA 117 40.86 100.13 71.89
N PHE AA 118 41.94 100.78 72.34
CA PHE AA 118 41.75 102.10 72.92
C PHE AA 118 42.88 103.03 72.52
N ASP AA 119 43.88 102.51 71.83
CA ASP AA 119 44.94 103.37 71.32
C ASP AA 119 44.40 104.22 70.17
N SER AA 120 44.82 105.47 70.15
CA SER AA 120 44.32 106.42 69.15
C SER AA 120 44.70 106.02 67.74
N ASP AA 121 45.78 105.27 67.55
CA ASP AA 121 46.22 104.89 66.21
C ASP AA 121 45.19 104.00 65.53
N TYR AA 122 44.53 103.13 66.29
CA TYR AA 122 43.62 102.15 65.75
C TYR AA 122 42.17 102.60 65.74
N SER AA 123 41.90 103.85 66.12
CA SER AA 123 40.55 104.38 66.12
C SER AA 123 39.88 104.24 64.76
N ASP AA 124 40.58 104.65 63.70
CA ASP AA 124 40.00 104.58 62.36
C ASP AA 124 39.86 103.14 61.90
N PHE AA 125 40.77 102.26 62.31
CA PHE AA 125 40.64 100.85 61.98
C PHE AA 125 39.38 100.25 62.59
N TRP AA 126 39.15 100.53 63.88
CA TRP AA 126 37.98 99.98 64.55
C TRP AA 126 36.68 100.64 64.11
N LYS AA 127 36.72 101.90 63.69
CA LYS AA 127 35.49 102.64 63.40
C LYS AA 127 35.18 102.63 61.90
N ALA AA 128 36.08 103.14 61.06
CA ALA AA 128 35.83 103.22 59.63
C ALA AA 128 36.46 102.09 58.83
N GLN AA 129 37.13 101.14 59.50
CA GLN AA 129 37.79 100.00 58.84
C GLN AA 129 38.91 100.48 57.91
N ALA AA 130 39.63 101.51 58.36
CA ALA AA 130 40.76 102.04 57.60
C ALA AA 130 41.98 101.17 57.88
N LEU AA 131 42.10 100.10 57.08
CA LEU AA 131 43.27 99.21 57.17
C LEU AA 131 44.53 99.99 56.84
N ALA AA 132 44.62 100.50 55.63
CA ALA AA 132 45.73 101.34 55.24
C ALA AA 132 45.43 102.78 55.64
N ALA BA 1 14.49 9.97 129.13
CA ALA BA 1 14.81 10.90 130.19
C ALA BA 1 14.51 12.32 129.75
N ILE BA 2 14.14 12.47 128.47
CA ILE BA 2 13.59 13.71 127.97
C ILE BA 2 12.10 13.71 128.28
N ALA BA 3 11.73 14.18 129.46
CA ALA BA 3 10.35 14.15 129.89
C ALA BA 3 10.16 15.17 130.99
N ASN BA 4 10.23 14.73 132.24
CA ASN BA 4 10.32 15.67 133.35
C ASN BA 4 11.77 15.80 133.79
N SER BA 5 12.60 16.32 132.89
CA SER BA 5 14.02 16.55 133.17
C SER BA 5 14.20 17.81 134.00
N SER BA 6 15.42 18.33 134.06
CA SER BA 6 15.65 19.61 134.72
C SER BA 6 16.84 20.29 134.08
N ILE BA 7 16.73 21.60 133.89
CA ILE BA 7 17.82 22.39 133.30
C ILE BA 7 17.83 23.74 133.98
N ALA BA 8 19.01 24.20 134.41
CA ALA BA 8 19.16 25.49 135.03
C ALA BA 8 19.25 26.56 133.96
N ILE BA 9 18.46 27.61 134.09
CA ILE BA 9 18.41 28.68 133.10
C ILE BA 9 19.08 29.92 133.68
N ASP BA 10 19.97 30.53 132.89
CA ASP BA 10 20.79 31.66 133.33
C ASP BA 10 21.67 31.26 134.50
N SER BA 11 22.51 30.26 134.28
CA SER BA 11 23.42 29.73 135.29
C SER BA 11 24.84 29.69 134.72
N THR BA 12 25.81 29.67 135.63
CA THR BA 12 27.21 29.57 135.25
C THR BA 12 27.61 28.11 135.12
N ALA BA 13 28.34 27.80 134.06
CA ALA BA 13 28.83 26.46 133.81
C ALA BA 13 30.33 26.41 134.03
N SER BA 14 30.80 25.32 134.65
CA SER BA 14 32.19 25.19 135.03
C SER BA 14 32.69 23.80 134.67
N VAL BA 15 34.00 23.66 134.65
CA VAL BA 15 34.66 22.41 134.28
C VAL BA 15 35.75 22.11 135.30
N THR BA 16 35.78 20.88 135.79
CA THR BA 16 36.80 20.42 136.72
C THR BA 16 37.48 19.17 136.17
N GLY BA 17 38.76 19.03 136.51
CA GLY BA 17 39.50 17.84 136.11
C GLY BA 17 39.86 17.86 134.63
N GLY BA 18 40.10 16.66 134.10
CA GLY BA 18 40.51 16.52 132.73
C GLY BA 18 41.95 16.96 132.51
N THR BA 19 42.32 17.05 131.23
CA THR BA 19 43.68 17.43 130.84
C THR BA 19 43.55 18.61 129.88
N ALA BA 20 43.99 19.79 130.33
CA ALA BA 20 43.92 21.01 129.53
C ALA BA 20 44.75 20.89 128.26
N ARG BA 21 44.09 20.87 127.11
CA ARG BA 21 44.74 20.83 125.82
C ARG BA 21 44.84 22.25 125.26
N THR BA 22 45.21 22.38 124.00
CA THR BA 22 45.36 23.70 123.38
C THR BA 22 44.85 23.62 121.95
N VAL BA 23 44.09 24.63 121.52
CA VAL BA 23 43.53 24.66 120.17
C VAL BA 23 44.50 25.43 119.30
N LYS BA 24 45.26 24.69 118.49
CA LYS BA 24 46.24 25.30 117.60
C LYS BA 24 45.59 25.60 116.25
N GLU BA 25 45.75 26.82 115.79
CA GLU BA 25 45.12 27.29 114.57
C GLU BA 25 45.92 26.89 113.35
N LEU BA 26 45.23 26.40 112.31
CA LEU BA 26 45.89 25.83 111.16
C LEU BA 26 45.69 26.76 109.97
N VAL BA 27 44.45 27.02 109.56
CA VAL BA 27 44.15 27.86 108.42
C VAL BA 27 42.95 28.73 108.76
N ARG BA 28 43.02 30.00 108.42
CA ARG BA 28 41.99 30.98 108.72
C ARG BA 28 41.69 31.73 107.43
N ASN BA 29 40.68 31.26 106.69
CA ASN BA 29 40.36 31.83 105.39
C ASN BA 29 38.89 31.60 105.08
N ASN BA 30 38.34 32.45 104.22
CA ASN BA 30 37.00 32.27 103.65
C ASN BA 30 35.93 32.15 104.73
N SER BA 31 35.99 33.03 105.72
CA SER BA 31 35.03 33.04 106.84
C SER BA 31 35.10 31.74 107.65
N GLU BA 32 36.21 31.03 107.54
CA GLU BA 32 36.42 29.77 108.23
C GLU BA 32 37.76 29.78 108.94
N LEU BA 33 37.83 29.08 110.07
CA LEU BA 33 39.05 28.91 110.85
C LEU BA 33 39.15 27.42 111.18
N ASN BA 34 40.06 26.75 110.47
CA ASN BA 34 40.38 25.36 110.80
C ASN BA 34 41.45 25.33 111.88
N ALA BA 35 41.24 24.48 112.89
CA ALA BA 35 42.20 24.35 113.96
C ALA BA 35 42.17 22.90 114.43
N TYR BA 36 43.05 22.56 115.36
CA TYR BA 36 43.10 21.21 115.88
C TYR BA 36 43.44 21.24 117.36
N ILE BA 37 42.84 20.34 118.11
CA ILE BA 37 43.17 20.17 119.52
C ILE BA 37 44.44 19.36 119.60
N ASP BA 38 45.40 19.83 120.40
CA ASP BA 38 46.72 19.22 120.49
C ASP BA 38 46.73 18.32 121.71
N GLU BA 39 46.68 17.01 121.48
CA GLU BA 39 46.77 16.01 122.54
C GLU BA 39 48.00 15.13 122.40
N GLY BA 40 48.95 15.51 121.54
CA GLY BA 40 50.11 14.67 121.29
C GLY BA 40 49.73 13.38 120.58
N LEU BA 41 48.86 13.49 119.58
CA LEU BA 41 48.39 12.36 118.81
C LEU BA 41 48.96 12.45 117.38
N SER BA 42 48.68 11.43 116.59
CA SER BA 42 49.12 11.38 115.21
C SER BA 42 48.20 12.23 114.35
N PHE BA 43 48.65 12.54 113.14
CA PHE BA 43 47.86 13.38 112.23
C PHE BA 43 46.55 12.73 111.83
N GLN BA 44 46.53 11.40 111.66
CA GLN BA 44 45.32 10.69 111.27
C GLN BA 44 44.31 10.56 112.41
N ALA BA 45 44.74 10.78 113.65
CA ALA BA 45 43.82 10.82 114.77
C ALA BA 45 44.09 12.13 115.53
N ARG BA 46 43.48 13.21 115.06
CA ARG BA 46 43.57 14.50 115.70
C ARG BA 46 42.18 14.88 116.26
N LYS BA 47 41.96 16.09 116.73
CA LYS BA 47 40.63 16.53 117.14
C LYS BA 47 40.29 17.82 116.42
N GLU BA 48 40.43 17.82 115.09
CA GLU BA 48 40.21 19.01 114.29
C GLU BA 48 38.85 19.63 114.58
N VAL BA 49 38.83 20.96 114.69
CA VAL BA 49 37.61 21.72 114.93
C VAL BA 49 37.60 22.92 113.99
N ALA BA 50 36.46 23.15 113.35
CA ALA BA 50 36.29 24.23 112.38
C ALA BA 50 35.27 25.24 112.89
N PHE BA 51 35.66 26.51 112.86
CA PHE BA 51 34.81 27.62 113.29
C PHE BA 51 34.42 28.41 112.05
N SER BA 52 33.13 28.58 111.82
CA SER BA 52 32.64 29.28 110.64
C SER BA 52 31.67 30.36 111.07
N VAL BA 53 31.67 31.46 110.31
CA VAL BA 53 30.82 32.60 110.61
C VAL BA 53 30.11 33.03 109.34
N LYS BA 54 28.81 33.30 109.47
CA LYS BA 54 27.94 33.74 108.38
C LYS BA 54 27.26 35.04 108.86
N VAL BA 55 27.77 36.17 108.35
CA VAL BA 55 27.34 37.51 108.79
C VAL BA 55 25.99 37.85 108.17
N PRO BA 56 25.17 38.65 108.85
CA PRO BA 56 23.86 38.99 108.29
C PRO BA 56 23.97 39.94 107.10
N LYS BA 57 22.99 39.84 106.22
CA LYS BA 57 22.87 40.71 105.06
C LYS BA 57 21.47 41.31 105.00
N VAL BA 58 21.37 42.46 104.32
CA VAL BA 58 20.08 43.16 104.23
C VAL BA 58 19.10 42.33 103.42
N SER BA 59 17.84 42.34 103.84
CA SER BA 59 16.78 41.61 103.16
C SER BA 59 15.52 42.46 103.13
N VAL BA 60 14.48 41.93 102.49
CA VAL BA 60 13.16 42.54 102.53
C VAL BA 60 12.19 41.72 103.36
N SER BA 61 12.29 40.39 103.32
CA SER BA 61 11.68 39.47 104.25
C SER BA 61 12.53 39.45 105.52
N ALA BA 62 12.39 38.39 106.33
CA ALA BA 62 13.17 38.28 107.56
C ALA BA 62 12.78 39.40 108.52
N PRO BA 63 11.69 39.24 109.26
CA PRO BA 63 10.95 40.37 109.82
C PRO BA 63 11.77 41.19 110.80
N GLY BA 64 12.50 42.15 110.25
CA GLY BA 64 13.53 42.88 110.96
C GLY BA 64 14.62 43.33 109.99
N GLY BA 65 14.52 42.86 108.76
CA GLY BA 65 15.30 43.43 107.68
C GLY BA 65 16.54 42.65 107.30
N PHE BA 66 17.10 41.91 108.24
CA PHE BA 66 18.34 41.18 108.00
C PHE BA 66 18.15 39.69 108.21
N THR BA 67 18.95 38.91 107.49
CA THR BA 67 19.08 37.50 107.77
C THR BA 67 19.77 37.30 109.11
N GLN BA 68 19.74 36.06 109.61
CA GLN BA 68 20.30 35.80 110.92
C GLN BA 68 21.80 35.64 110.84
N ALA BA 69 22.48 36.01 111.92
CA ALA BA 69 23.91 35.79 112.07
C ALA BA 69 24.12 34.36 112.55
N ARG BA 70 24.92 33.59 111.81
CA ARG BA 70 25.14 32.19 112.12
C ARG BA 70 26.59 31.95 112.52
N SER BA 71 26.77 31.14 113.56
CA SER BA 71 28.10 30.75 114.04
C SER BA 71 28.09 29.24 114.20
N THR BA 72 28.97 28.57 113.48
CA THR BA 72 28.98 27.11 113.46
C THR BA 72 30.32 26.57 113.92
N VAL BA 73 30.28 25.61 114.83
CA VAL BA 73 31.47 24.91 115.27
C VAL BA 73 31.31 23.42 114.99
N ILE BA 74 32.22 22.85 114.21
CA ILE BA 74 32.21 21.41 113.96
C ILE BA 74 33.47 20.79 114.57
N LEU BA 75 33.27 19.84 115.47
CA LEU BA 75 34.37 19.12 116.11
C LEU BA 75 34.43 17.73 115.48
N LYS BA 76 35.57 17.40 114.87
CA LYS BA 76 35.75 16.11 114.23
C LYS BA 76 36.59 15.20 115.12
N SER BA 77 36.15 13.95 115.24
CA SER BA 77 36.81 12.96 116.09
C SER BA 77 37.05 11.68 115.30
N PRO BA 78 38.25 11.49 114.75
CA PRO BA 78 38.56 10.24 114.05
C PRO BA 78 38.51 9.02 114.96
N LYS BA 79 37.78 8.00 114.54
CA LYS BA 79 37.72 6.73 115.22
C LYS BA 79 38.18 5.62 114.27
N THR BA 80 38.88 4.63 114.81
CA THR BA 80 39.36 3.49 114.05
C THR BA 80 38.52 2.28 114.41
N LEU BA 81 38.01 1.60 113.39
CA LEU BA 81 37.05 0.52 113.57
C LEU BA 81 37.77 -0.81 113.79
N ALA BA 82 36.98 -1.86 114.04
CA ALA BA 82 37.54 -3.18 114.25
C ALA BA 82 38.25 -3.68 113.01
N ASN BA 83 37.64 -3.48 111.84
CA ASN BA 83 38.27 -3.89 110.58
C ASN BA 83 39.55 -3.08 110.33
N GLY BA 84 39.52 -1.80 110.66
CA GLY BA 84 40.69 -0.97 110.49
C GLY BA 84 40.45 0.26 109.65
N ASN BA 85 39.25 0.38 109.10
CA ASN BA 85 38.88 1.58 108.36
C ASN BA 85 38.72 2.75 109.32
N ARG BA 86 38.97 3.95 108.81
CA ARG BA 86 38.89 5.16 109.61
C ARG BA 86 37.61 5.92 109.31
N THR BA 87 36.84 6.21 110.35
CA THR BA 87 35.67 7.05 110.23
C THR BA 87 35.89 8.30 111.06
N VAL BA 88 35.10 9.34 110.80
CA VAL BA 88 35.15 10.58 111.57
C VAL BA 88 33.79 10.78 112.22
N ASN BA 89 33.79 10.97 113.54
CA ASN BA 89 32.57 11.26 114.30
C ASN BA 89 32.57 12.76 114.60
N THR BA 90 31.50 13.44 114.22
CA THR BA 90 31.44 14.89 114.31
C THR BA 90 30.35 15.35 115.27
N VAL BA 91 30.57 16.54 115.84
CA VAL BA 91 29.55 17.27 116.57
C VAL BA 91 29.44 18.66 115.98
N SER BA 92 28.26 19.02 115.49
CA SER BA 92 28.04 20.35 114.95
C SER BA 92 27.22 21.18 115.93
N ILE BA 93 27.62 22.44 116.08
CA ILE BA 93 26.92 23.39 116.95
C ILE BA 93 26.70 24.65 116.11
N GLN BA 94 25.45 24.91 115.75
CA GLN BA 94 25.11 26.07 114.93
C GLN BA 94 24.18 26.99 115.73
N LEU BA 95 24.59 28.24 115.87
CA LEU BA 95 23.78 29.26 116.55
C LEU BA 95 23.36 30.29 115.51
N SER BA 96 22.05 30.48 115.36
CA SER BA 96 21.50 31.49 114.47
C SER BA 96 20.71 32.49 115.31
N VAL BA 97 21.15 33.74 115.32
CA VAL BA 97 20.47 34.78 116.09
C VAL BA 97 20.13 35.95 115.18
N ASP BA 98 18.96 36.53 115.42
CA ASP BA 98 18.63 37.81 114.80
C ASP BA 98 19.61 38.87 115.31
N PRO BA 99 20.07 39.76 114.45
CA PRO BA 99 21.09 40.74 114.88
C PRO BA 99 20.62 41.67 115.98
N GLU BA 100 19.31 41.79 116.21
CA GLU BA 100 18.81 42.60 117.33
C GLU BA 100 19.03 41.93 118.68
N THR BA 101 19.44 40.67 118.70
CA THR BA 101 19.52 39.91 119.93
C THR BA 101 20.64 40.42 120.83
N THR BA 102 20.33 40.62 122.11
CA THR BA 102 21.28 41.13 123.08
C THR BA 102 22.30 40.05 123.43
N ALA BA 103 23.34 40.46 124.15
CA ALA BA 103 24.37 39.52 124.55
C ALA BA 103 23.90 38.60 125.66
N ALA BA 104 23.05 39.09 126.56
CA ALA BA 104 22.50 38.24 127.61
C ALA BA 104 21.56 37.19 127.05
N GLU BA 105 20.78 37.54 126.03
CA GLU BA 105 19.90 36.57 125.40
C GLU BA 105 20.69 35.47 124.71
N VAL BA 106 21.83 35.80 124.10
CA VAL BA 106 22.68 34.80 123.50
C VAL BA 106 23.36 33.95 124.57
N THR BA 107 23.77 34.57 125.68
CA THR BA 107 24.38 33.84 126.77
C THR BA 107 23.42 32.81 127.36
N THR BA 108 22.14 33.18 127.50
CA THR BA 108 21.15 32.25 128.02
C THR BA 108 21.02 31.03 127.11
N MET BA 109 20.94 31.26 125.79
CA MET BA 109 20.86 30.16 124.84
C MET BA 109 22.10 29.28 124.93
N LEU BA 110 23.28 29.89 124.99
CA LEU BA 110 24.52 29.12 125.03
C LEU BA 110 24.58 28.25 126.28
N ASN BA 111 24.21 28.82 127.43
CA ASN BA 111 24.28 28.05 128.67
C ASN BA 111 23.25 26.93 128.68
N ALA BA 112 22.02 27.19 128.22
CA ALA BA 112 21.02 26.13 128.17
C ALA BA 112 21.43 25.01 127.21
N ALA BA 113 21.97 25.38 126.04
CA ALA BA 113 22.41 24.37 125.08
C ALA BA 113 23.60 23.58 125.60
N ALA BA 114 24.43 24.20 126.45
CA ALA BA 114 25.56 23.46 127.03
C ALA BA 114 25.07 22.33 127.92
N GLN BA 115 24.11 22.61 128.80
CA GLN BA 115 23.53 21.56 129.61
C GLN BA 115 22.69 20.59 128.80
N LEU BA 116 22.20 21.01 127.63
CA LEU BA 116 21.43 20.08 126.79
C LEU BA 116 22.29 18.90 126.33
N LEU BA 117 23.62 19.05 126.31
CA LEU BA 117 24.48 17.96 125.87
C LEU BA 117 25.50 17.53 126.92
N PHE BA 118 25.31 17.92 128.18
CA PHE BA 118 26.09 17.29 129.25
C PHE BA 118 25.28 16.88 130.47
N ASP BA 119 24.01 17.25 130.58
CA ASP BA 119 23.20 16.82 131.72
C ASP BA 119 22.97 15.30 131.65
N SER BA 120 22.85 14.70 132.84
CA SER BA 120 22.91 13.24 132.93
C SER BA 120 21.71 12.56 132.29
N ASP BA 121 20.56 13.25 132.24
CA ASP BA 121 19.36 12.64 131.65
C ASP BA 121 19.55 12.40 130.15
N TYR BA 122 19.93 13.44 129.43
CA TYR BA 122 20.05 13.38 127.98
C TYR BA 122 21.17 12.43 127.57
N SER BA 123 21.89 11.89 128.56
CA SER BA 123 22.85 10.83 128.28
C SER BA 123 22.19 9.67 127.56
N ASP BA 124 20.94 9.36 127.89
CA ASP BA 124 20.25 8.30 127.16
C ASP BA 124 19.93 8.69 125.73
N PHE BA 125 19.70 9.97 125.46
CA PHE BA 125 19.38 10.43 124.12
C PHE BA 125 20.61 10.47 123.22
N TRP BA 126 21.75 10.93 123.73
CA TRP BA 126 22.95 11.05 122.90
C TRP BA 126 23.61 9.70 122.62
N LYS BA 127 23.69 8.83 123.62
CA LYS BA 127 24.36 7.55 123.47
C LYS BA 127 23.41 6.45 123.01
N ALA BA 128 22.34 6.20 123.75
CA ALA BA 128 21.41 5.15 123.41
C ALA BA 128 20.42 5.55 122.31
N GLN BA 129 20.39 6.83 121.93
CA GLN BA 129 19.48 7.32 120.90
C GLN BA 129 18.02 7.10 121.33
N ALA BA 130 17.76 7.31 122.61
CA ALA BA 130 16.49 6.98 123.25
C ALA BA 130 15.70 8.27 123.50
N LEU BA 131 14.57 8.41 122.82
CA LEU BA 131 13.75 9.61 122.94
C LEU BA 131 13.04 9.70 124.28
N ALA BA 132 12.75 8.56 124.90
CA ALA BA 132 12.12 8.58 126.21
C ALA BA 132 12.65 7.45 127.09
N ALA CA 1 40.98 34.24 121.80
CA ALA CA 1 39.78 33.53 121.38
C ALA CA 1 40.14 32.21 120.71
N ILE CA 2 39.63 31.99 119.51
CA ILE CA 2 40.00 30.81 118.75
C ILE CA 2 41.39 31.02 118.16
N ALA CA 3 42.41 30.50 118.82
CA ALA CA 3 43.80 30.75 118.46
C ALA CA 3 44.74 29.99 119.38
N ASN CA 4 44.61 30.22 120.69
CA ASN CA 4 45.45 29.57 121.69
C ASN CA 4 44.61 29.10 122.87
N SER CA 5 43.31 28.92 122.66
CA SER CA 5 42.42 28.58 123.75
C SER CA 5 42.68 27.16 124.25
N SER CA 6 42.37 26.93 125.52
CA SER CA 6 42.56 25.64 126.17
C SER CA 6 41.19 25.03 126.44
N ILE CA 7 41.07 23.73 126.17
CA ILE CA 7 39.86 22.96 126.44
C ILE CA 7 40.24 21.71 127.23
N ALA CA 8 39.54 21.47 128.34
CA ALA CA 8 39.88 20.37 129.23
C ALA CA 8 39.23 19.09 128.74
N ILE CA 9 39.99 18.26 128.05
CA ILE CA 9 39.48 17.01 127.49
C ILE CA 9 39.24 16.01 128.62
N ASP CA 10 38.11 15.32 128.54
CA ASP CA 10 37.74 14.28 129.51
C ASP CA 10 37.65 14.85 130.93
N SER CA 11 36.96 15.97 131.05
CA SER CA 11 36.71 16.61 132.33
C SER CA 11 35.23 16.44 132.71
N THR CA 12 34.87 17.02 133.85
CA THR CA 12 33.49 16.98 134.33
C THR CA 12 32.92 18.39 134.31
N ALA CA 13 31.81 18.57 133.62
CA ALA CA 13 31.15 19.87 133.50
C ALA CA 13 29.94 19.92 134.41
N SER CA 14 29.83 21.00 135.18
CA SER CA 14 28.73 21.19 136.10
C SER CA 14 28.13 22.58 135.90
N VAL CA 15 27.13 22.90 136.71
CA VAL CA 15 26.39 24.15 136.61
C VAL CA 15 26.02 24.61 138.02
N THR CA 16 26.16 25.91 138.28
CA THR CA 16 25.80 26.50 139.56
C THR CA 16 24.92 27.71 139.32
N GLY CA 17 24.08 28.02 140.30
CA GLY CA 17 23.17 29.14 140.17
C GLY CA 17 22.02 28.82 139.22
N GLY CA 18 21.31 29.87 138.84
CA GLY CA 18 20.22 29.74 137.88
C GLY CA 18 18.93 29.26 138.50
N THR CA 19 17.92 29.13 137.63
CA THR CA 19 16.62 28.59 138.00
C THR CA 19 16.42 27.24 137.31
N ALA CA 20 15.97 26.26 138.08
CA ALA CA 20 15.81 24.89 137.61
C ALA CA 20 14.42 24.76 136.99
N ARG CA 21 14.38 24.75 135.66
CA ARG CA 21 13.13 24.53 134.96
C ARG CA 21 12.98 23.06 134.58
N THR CA 22 11.75 22.66 134.29
CA THR CA 22 11.42 21.23 134.25
C THR CA 22 11.58 20.64 132.84
N VAL CA 23 11.20 21.40 131.81
CA VAL CA 23 11.10 20.89 130.45
C VAL CA 23 9.94 19.91 130.39
N LYS CA 24 8.97 20.16 129.52
CA LYS CA 24 7.76 19.35 129.45
C LYS CA 24 7.51 18.95 128.00
N GLU CA 25 7.10 17.71 127.81
CA GLU CA 25 6.85 17.19 126.47
C GLU CA 25 5.60 17.84 125.87
N LEU CA 26 5.72 18.28 124.61
CA LEU CA 26 4.55 18.77 123.88
C LEU CA 26 3.94 17.69 122.99
N VAL CA 27 4.70 17.23 122.00
CA VAL CA 27 4.20 16.40 120.92
C VAL CA 27 5.30 15.44 120.51
N ARG CA 28 4.90 14.22 120.16
CA ARG CA 28 5.82 13.18 119.77
C ARG CA 28 5.57 12.84 118.30
N ASN CA 29 6.19 11.75 117.84
CA ASN CA 29 6.07 11.24 116.47
C ASN CA 29 6.90 12.02 115.48
N ASN CA 30 7.69 11.32 114.67
CA ASN CA 30 8.03 9.93 114.94
C ASN CA 30 9.54 9.85 114.79
N SER CA 31 10.19 9.31 115.81
CA SER CA 31 11.64 9.45 115.98
C SER CA 31 12.02 10.93 116.09
N GLU CA 32 11.13 11.70 116.72
CA GLU CA 32 11.37 13.10 117.03
C GLU CA 32 10.48 13.59 118.16
N LEU CA 33 11.07 13.94 119.29
CA LEU CA 33 10.33 14.50 120.41
C LEU CA 33 10.28 16.02 120.31
N ASN CA 34 9.24 16.60 120.90
CA ASN CA 34 9.10 18.05 121.00
C ASN CA 34 8.72 18.41 122.43
N ALA CA 35 9.49 19.29 123.04
CA ALA CA 35 9.28 19.67 124.43
C ALA CA 35 9.34 21.19 124.53
N TYR CA 36 9.24 21.70 125.76
CA TYR CA 36 9.40 23.12 126.00
C TYR CA 36 9.86 23.32 127.43
N ILE CA 37 10.69 24.33 127.64
CA ILE CA 37 11.18 24.64 128.98
C ILE CA 37 10.17 25.55 129.66
N ASP CA 38 9.60 25.08 130.77
CA ASP CA 38 8.53 25.80 131.46
C ASP CA 38 9.13 26.77 132.46
N GLU CA 39 9.11 28.06 132.12
CA GLU CA 39 9.56 29.11 133.02
C GLU CA 39 8.41 30.04 133.38
N GLY CA 40 7.18 29.57 133.23
CA GLY CA 40 6.02 30.42 133.46
C GLY CA 40 5.90 31.57 132.49
N LEU CA 41 6.19 31.32 131.22
CA LEU CA 41 6.07 32.34 130.18
C LEU CA 41 4.86 32.03 129.31
N SER CA 42 4.54 32.96 128.41
CA SER CA 42 3.38 32.81 127.55
C SER CA 42 3.65 31.80 126.45
N PHE CA 43 2.61 31.51 125.66
CA PHE CA 43 2.70 30.50 124.62
C PHE CA 43 3.64 30.93 123.49
N GLN CA 44 3.69 32.22 123.17
CA GLN CA 44 4.55 32.69 122.09
C GLN CA 44 5.97 33.00 122.55
N ALA CA 45 6.23 32.94 123.86
CA ALA CA 45 7.53 33.34 124.40
C ALA CA 45 8.22 32.19 125.13
N ARG CA 46 7.80 30.96 124.89
CA ARG CA 46 8.39 29.81 125.57
C ARG CA 46 9.54 29.24 124.76
N LYS CA 47 10.46 28.56 125.47
CA LYS CA 47 11.71 28.06 124.91
C LYS CA 47 11.49 27.05 123.79
N GLU CA 48 10.84 25.92 124.08
CA GLU CA 48 10.48 24.94 123.07
C GLU CA 48 11.69 24.29 122.40
N VAL CA 49 12.36 23.39 123.11
CA VAL CA 49 13.45 22.58 122.58
C VAL CA 49 12.87 21.33 121.91
N ALA CA 50 13.42 20.98 120.74
CA ALA CA 50 13.02 19.80 119.98
C ALA CA 50 14.17 18.79 119.89
N PHE CA 51 13.80 17.51 119.89
CA PHE CA 51 14.75 16.41 119.85
C PHE CA 51 14.46 15.53 118.64
N SER CA 52 15.48 15.29 117.82
CA SER CA 52 15.35 14.45 116.63
C SER CA 52 16.33 13.30 116.72
N VAL CA 53 16.06 12.25 115.93
CA VAL CA 53 16.88 11.05 115.98
C VAL CA 53 16.87 10.37 114.61
N LYS CA 54 18.04 9.90 114.18
CA LYS CA 54 18.20 9.15 112.94
C LYS CA 54 18.93 7.86 113.29
N VAL CA 55 18.23 6.73 113.19
CA VAL CA 55 18.81 5.46 113.65
C VAL CA 55 19.88 5.01 112.66
N PRO CA 56 20.87 4.23 113.08
CA PRO CA 56 21.88 3.73 112.13
C PRO CA 56 21.25 2.82 111.10
N LYS CA 57 21.45 3.14 109.83
CA LYS CA 57 20.90 2.37 108.73
C LYS CA 57 22.01 1.54 108.10
N VAL CA 58 21.75 0.25 107.93
CA VAL CA 58 22.78 -0.66 107.43
C VAL CA 58 23.00 -0.41 105.95
N SER CA 59 24.10 0.25 105.62
CA SER CA 59 24.51 0.47 104.24
C SER CA 59 25.45 -0.64 103.81
N VAL CA 60 26.14 -0.44 102.68
CA VAL CA 60 27.12 -1.42 102.20
C VAL CA 60 28.49 -0.76 102.08
N SER CA 61 28.54 0.38 101.41
CA SER CA 61 29.81 1.07 101.14
C SER CA 61 30.05 2.16 102.17
N ALA CA 62 30.21 1.72 103.43
CA ALA CA 62 30.51 2.65 104.51
C ALA CA 62 31.48 2.00 105.47
N PRO CA 63 32.26 2.79 106.20
CA PRO CA 63 33.08 2.21 107.28
C PRO CA 63 32.20 1.51 108.31
N GLY CA 64 32.62 0.30 108.70
CA GLY CA 64 31.88 -0.47 109.67
C GLY CA 64 30.72 -1.23 109.06
N GLY CA 65 30.09 -0.64 108.04
CA GLY CA 65 29.00 -1.27 107.35
C GLY CA 65 27.73 -0.45 107.33
N PHE CA 66 27.39 0.18 108.46
CA PHE CA 66 26.14 0.93 108.56
C PHE CA 66 26.40 2.42 108.37
N THR CA 67 25.32 3.17 108.18
CA THR CA 67 25.40 4.62 108.25
C THR CA 67 25.47 5.06 109.70
N GLN CA 68 25.68 6.36 109.90
CA GLN CA 68 25.97 6.88 111.23
C GLN CA 68 24.69 7.09 112.03
N ALA CA 69 24.84 7.06 113.35
CA ALA CA 69 23.75 7.32 114.28
C ALA CA 69 23.67 8.82 114.49
N ARG CA 70 22.73 9.46 113.81
CA ARG CA 70 22.55 10.90 113.91
C ARG CA 70 21.60 11.23 115.05
N SER CA 71 21.89 12.30 115.78
CA SER CA 71 21.07 12.70 116.92
C SER CA 71 21.10 14.22 117.00
N THR CA 72 19.94 14.86 116.81
CA THR CA 72 19.85 16.31 116.71
C THR CA 72 18.99 16.88 117.82
N VAL CA 73 19.41 18.04 118.33
CA VAL CA 73 18.65 18.83 119.28
C VAL CA 73 18.61 20.25 118.73
N ILE CA 74 17.44 20.88 118.76
CA ILE CA 74 17.32 22.29 118.40
C ILE CA 74 16.62 23.03 119.52
N LEU CA 75 17.32 23.94 120.16
CA LEU CA 75 16.73 24.83 121.16
C LEU CA 75 16.24 26.08 120.43
N LYS CA 76 14.96 26.39 120.58
CA LYS CA 76 14.41 27.61 120.02
C LYS CA 76 14.28 28.66 121.11
N SER CA 77 14.20 29.92 120.70
CA SER CA 77 14.11 31.03 121.63
C SER CA 77 13.38 32.18 120.96
N PRO CA 78 12.14 32.47 121.37
CA PRO CA 78 11.41 33.57 120.76
C PRO CA 78 12.04 34.92 121.08
N LYS CA 79 11.83 35.88 120.19
CA LYS CA 79 12.28 37.24 120.44
C LYS CA 79 11.43 38.19 119.60
N THR CA 80 10.95 39.25 120.23
CA THR CA 80 10.21 40.28 119.52
C THR CA 80 11.13 41.46 119.23
N LEU CA 81 10.92 42.10 118.08
CA LEU CA 81 11.87 43.08 117.56
C LEU CA 81 11.39 44.50 117.82
N ALA CA 82 12.18 45.47 117.33
CA ALA CA 82 11.88 46.88 117.50
C ALA CA 82 10.76 47.38 116.60
N ASN CA 83 10.36 46.57 115.61
CA ASN CA 83 9.21 46.88 114.78
C ASN CA 83 7.95 46.14 115.23
N GLY CA 84 8.04 45.36 116.31
CA GLY CA 84 6.94 44.56 116.79
C GLY CA 84 6.85 43.17 116.20
N ASN CA 85 7.67 42.87 115.20
CA ASN CA 85 7.63 41.56 114.57
C ASN CA 85 8.27 40.50 115.46
N ARG CA 86 7.89 39.25 115.22
CA ARG CA 86 8.27 38.11 116.05
C ARG CA 86 9.25 37.26 115.24
N THR CA 87 10.29 36.76 115.90
CA THR CA 87 11.27 35.88 115.27
C THR CA 87 11.79 34.87 116.28
N VAL CA 88 12.59 33.92 115.79
CA VAL CA 88 13.11 32.84 116.61
C VAL CA 88 14.62 32.75 116.41
N ASN CA 89 15.35 32.65 117.51
CA ASN CA 89 16.77 32.32 117.49
C ASN CA 89 16.90 30.83 117.80
N THR CA 90 17.88 30.18 117.18
CA THR CA 90 18.03 28.74 117.32
C THR CA 90 19.46 28.37 117.71
N VAL CA 91 19.56 27.28 118.46
CA VAL CA 91 20.83 26.59 118.68
C VAL CA 91 20.64 25.15 118.22
N SER CA 92 21.41 24.73 117.22
CA SER CA 92 21.28 23.38 116.69
C SER CA 92 22.53 22.57 117.00
N ILE CA 93 22.35 21.41 117.63
CA ILE CA 93 23.44 20.53 118.00
C ILE CA 93 23.17 19.17 117.36
N GLN CA 94 24.05 18.75 116.46
CA GLN CA 94 23.95 17.45 115.83
C GLN CA 94 25.14 16.60 116.25
N LEU CA 95 24.86 15.43 116.81
CA LEU CA 95 25.88 14.45 117.17
C LEU CA 95 25.79 13.32 116.16
N SER CA 96 26.91 13.01 115.52
CA SER CA 96 26.95 11.99 114.48
C SER CA 96 28.13 11.06 114.76
N VAL CA 97 27.84 9.89 115.31
CA VAL CA 97 28.85 8.90 115.60
C VAL CA 97 28.55 7.64 114.81
N ASP CA 98 29.57 6.82 114.60
CA ASP CA 98 29.40 5.49 114.05
C ASP CA 98 28.85 4.58 115.14
N PRO CA 99 28.04 3.58 114.77
CA PRO CA 99 27.44 2.70 115.79
C PRO CA 99 28.47 1.97 116.63
N GLU CA 100 29.68 1.75 116.13
CA GLU CA 100 30.73 1.07 116.85
C GLU CA 100 31.32 1.91 117.97
N THR CA 101 30.97 3.20 118.04
CA THR CA 101 31.51 4.08 119.05
C THR CA 101 31.02 3.69 120.44
N THR CA 102 31.92 3.76 121.41
CA THR CA 102 31.60 3.46 122.80
C THR CA 102 30.98 4.68 123.47
N ALA CA 103 30.42 4.45 124.66
CA ALA CA 103 29.76 5.53 125.39
C ALA CA 103 30.76 6.56 125.89
N ALA CA 104 31.97 6.11 126.27
CA ALA CA 104 32.96 7.03 126.80
C ALA CA 104 33.49 7.99 125.74
N GLU CA 105 33.65 7.51 124.50
CA GLU CA 105 34.03 8.40 123.41
C GLU CA 105 32.98 9.47 123.16
N VAL CA 106 31.71 9.08 123.19
CA VAL CA 106 30.62 10.03 123.02
C VAL CA 106 30.61 11.03 124.18
N THR CA 107 30.91 10.55 125.38
CA THR CA 107 30.99 11.42 126.55
C THR CA 107 32.09 12.47 126.37
N THR CA 108 33.25 12.03 125.89
CA THR CA 108 34.35 12.96 125.63
C THR CA 108 33.96 13.99 124.59
N MET CA 109 33.33 13.54 123.50
CA MET CA 109 32.90 14.45 122.44
C MET CA 109 31.91 15.48 122.96
N LEU CA 110 30.93 15.02 123.75
CA LEU CA 110 29.93 15.93 124.27
C LEU CA 110 30.55 16.93 125.24
N ASN CA 111 31.49 16.48 126.06
CA ASN CA 111 32.15 17.41 126.98
C ASN CA 111 32.94 18.47 126.22
N ALA CA 112 33.67 18.06 125.18
CA ALA CA 112 34.42 19.03 124.39
C ALA CA 112 33.48 20.02 123.70
N ALA CA 113 32.41 19.52 123.09
CA ALA CA 113 31.46 20.39 122.40
C ALA CA 113 30.77 21.34 123.36
N ALA CA 114 30.40 20.86 124.55
CA ALA CA 114 29.81 21.74 125.55
C ALA CA 114 30.81 22.80 126.00
N GLN CA 115 32.07 22.41 126.17
CA GLN CA 115 33.10 23.39 126.51
C GLN CA 115 33.18 24.48 125.46
N LEU CA 116 33.10 24.10 124.17
CA LEU CA 116 33.09 25.11 123.11
C LEU CA 116 31.67 25.65 122.93
N LEU CA 117 31.02 25.93 124.07
CA LEU CA 117 29.74 26.63 124.06
C LEU CA 117 29.70 27.70 125.14
N PHE CA 118 30.37 27.43 126.26
CA PHE CA 118 30.33 28.31 127.42
C PHE CA 118 31.70 28.78 127.89
N ASP CA 119 32.78 28.26 127.34
CA ASP CA 119 34.11 28.71 127.72
C ASP CA 119 34.29 30.17 127.37
N SER CA 120 34.88 30.93 128.30
CA SER CA 120 34.97 32.38 128.14
C SER CA 120 35.83 32.75 126.93
N ASP CA 121 36.70 31.85 126.50
CA ASP CA 121 37.57 32.10 125.35
C ASP CA 121 36.73 32.29 124.09
N TYR CA 122 35.69 31.47 123.92
CA TYR CA 122 34.81 31.60 122.77
C TYR CA 122 33.58 32.41 123.12
N SER CA 123 33.74 33.68 123.48
CA SER CA 123 32.59 34.53 123.73
C SER CA 123 32.43 35.52 122.58
N ASP CA 124 33.54 36.11 122.15
CA ASP CA 124 33.49 37.01 121.00
C ASP CA 124 33.06 36.28 119.74
N PHE CA 125 33.28 34.97 119.67
CA PHE CA 125 32.88 34.20 118.50
C PHE CA 125 31.38 34.03 118.39
N TRP CA 126 30.69 33.83 119.51
CA TRP CA 126 29.24 33.64 119.48
C TRP CA 126 28.49 34.97 119.45
N LYS CA 127 28.86 35.89 120.34
CA LYS CA 127 28.12 37.14 120.46
C LYS CA 127 28.62 38.17 119.45
N ALA CA 128 29.91 38.52 119.52
CA ALA CA 128 30.47 39.47 118.57
C ALA CA 128 30.67 38.87 117.19
N GLN CA 129 30.50 37.56 117.06
CA GLN CA 129 30.73 36.83 115.81
C GLN CA 129 32.14 37.10 115.28
N ALA CA 130 33.11 37.14 116.18
CA ALA CA 130 34.49 37.48 115.86
C ALA CA 130 35.31 36.20 115.76
N LEU CA 131 35.65 35.82 114.52
CA LEU CA 131 36.48 34.65 114.27
C LEU CA 131 37.89 34.88 114.75
N ALA CA 132 38.23 36.12 115.05
CA ALA CA 132 39.62 36.51 115.26
C ALA CA 132 39.83 37.27 116.57
N ALA DA 1 84.42 22.07 99.12
CA ALA DA 1 83.38 22.04 98.09
C ALA DA 1 82.38 20.93 98.36
N ILE DA 2 81.58 20.59 97.35
CA ILE DA 2 80.51 19.61 97.52
C ILE DA 2 81.08 18.25 97.88
N ALA DA 3 82.12 17.82 97.17
CA ALA DA 3 82.75 16.53 97.44
C ALA DA 3 83.44 16.56 98.79
N ASN DA 4 83.14 15.54 99.62
CA ASN DA 4 83.72 15.40 100.95
C ASN DA 4 83.36 16.58 101.86
N SER DA 5 82.20 17.19 101.61
CA SER DA 5 81.66 18.22 102.47
C SER DA 5 81.04 17.56 103.70
N SER DA 6 81.21 18.19 104.85
CA SER DA 6 80.72 17.63 106.11
C SER DA 6 79.48 18.40 106.58
N ILE DA 7 78.43 17.65 106.92
CA ILE DA 7 77.20 18.19 107.46
C ILE DA 7 76.97 17.56 108.83
N ALA DA 8 76.72 18.41 109.83
CA ALA DA 8 76.49 17.93 111.19
C ALA DA 8 75.00 17.62 111.36
N ILE DA 9 74.67 16.34 111.43
CA ILE DA 9 73.28 15.89 111.52
C ILE DA 9 72.78 16.04 112.95
N ASP DA 10 71.51 16.43 113.10
CA ASP DA 10 70.86 16.62 114.40
C ASP DA 10 71.62 17.65 115.23
N SER DA 11 71.61 18.87 114.72
CA SER DA 11 72.40 19.96 115.28
C SER DA 11 71.52 21.16 115.53
N THR DA 12 71.90 21.95 116.53
CA THR DA 12 71.23 23.22 116.76
C THR DA 12 71.86 24.30 115.89
N ALA DA 13 71.02 25.04 115.17
CA ALA DA 13 71.46 26.10 114.27
C ALA DA 13 71.18 27.43 114.95
N SER DA 14 72.25 28.14 115.31
CA SER DA 14 72.12 29.46 115.88
C SER DA 14 72.25 30.51 114.78
N VAL DA 15 72.15 31.78 115.16
CA VAL DA 15 72.37 32.88 114.24
C VAL DA 15 72.72 34.14 115.03
N THR DA 16 73.80 34.80 114.67
CA THR DA 16 74.26 36.00 115.37
C THR DA 16 74.83 36.98 114.35
N GLY DA 17 73.97 37.84 113.81
CA GLY DA 17 74.45 38.93 112.98
C GLY DA 17 73.83 40.28 113.30
N GLY DA 18 72.74 40.28 114.06
CA GLY DA 18 72.01 41.49 114.32
C GLY DA 18 71.04 41.84 113.21
N THR DA 19 70.58 43.08 113.17
CA THR DA 19 69.63 43.55 112.16
C THR DA 19 68.34 42.74 112.21
N ALA DA 20 67.70 42.75 113.38
CA ALA DA 20 66.50 41.96 113.60
C ALA DA 20 65.29 42.58 112.92
N ARG DA 21 64.97 42.13 111.72
CA ARG DA 21 63.83 42.64 110.99
C ARG DA 21 62.54 41.97 111.44
N THR DA 22 61.45 42.31 110.77
CA THR DA 22 60.13 41.82 111.15
C THR DA 22 59.37 41.41 109.91
N VAL DA 23 58.82 40.19 109.93
CA VAL DA 23 57.97 39.71 108.85
C VAL DA 23 56.55 40.19 109.12
N LYS DA 24 56.02 41.03 108.24
CA LYS DA 24 54.66 41.53 108.33
C LYS DA 24 53.84 40.93 107.19
N GLU DA 25 52.68 40.37 107.53
CA GLU DA 25 51.88 39.73 106.49
C GLU DA 25 51.15 40.79 105.66
N LEU DA 26 50.90 40.44 104.40
CA LEU DA 26 50.22 41.35 103.47
C LEU DA 26 48.83 40.83 103.15
N VAL DA 27 48.71 39.62 102.59
CA VAL DA 27 47.44 39.05 102.18
C VAL DA 27 47.44 37.57 102.53
N ARG DA 28 46.35 36.89 102.22
CA ARG DA 28 46.24 35.45 102.49
C ARG DA 28 45.87 34.63 101.27
N ASN DA 29 45.06 35.17 100.35
CA ASN DA 29 44.37 34.43 99.29
C ASN DA 29 44.16 32.94 99.61
N ASN DA 30 44.36 32.08 98.62
CA ASN DA 30 43.90 30.69 98.71
C ASN DA 30 44.97 29.84 99.39
N SER DA 31 44.76 29.57 100.68
CA SER DA 31 45.63 28.68 101.46
C SER DA 31 47.09 29.10 101.33
N GLU DA 32 47.32 30.40 101.35
CA GLU DA 32 48.64 30.97 101.16
C GLU DA 32 48.84 32.04 102.23
N LEU DA 33 50.04 32.61 102.27
CA LEU DA 33 50.30 33.72 103.17
C LEU DA 33 51.44 34.57 102.61
N ASN DA 34 51.10 35.69 101.99
CA ASN DA 34 52.11 36.57 101.43
C ASN DA 34 52.50 37.61 102.46
N ALA DA 35 53.78 37.66 102.81
CA ALA DA 35 54.30 38.60 103.77
C ALA DA 35 55.46 39.38 103.15
N TYR DA 36 56.09 40.23 103.95
CA TYR DA 36 57.24 40.99 103.50
C TYR DA 36 58.10 41.35 104.70
N ILE DA 37 59.38 41.55 104.45
CA ILE DA 37 60.33 41.87 105.51
C ILE DA 37 60.43 43.39 105.62
N ASP DA 38 60.16 43.92 106.81
CA ASP DA 38 60.12 45.37 107.02
C ASP DA 38 61.54 45.87 107.28
N GLU DA 39 62.13 46.46 106.24
CA GLU DA 39 63.47 47.00 106.33
C GLU DA 39 63.57 48.45 105.89
N GLY DA 40 62.46 49.11 105.62
CA GLY DA 40 62.45 50.49 105.23
C GLY DA 40 62.76 50.77 103.78
N LEU DA 41 62.76 49.76 102.92
CA LEU DA 41 63.01 49.97 101.51
C LEU DA 41 61.76 50.50 100.83
N SER DA 42 61.83 50.66 99.51
CA SER DA 42 60.69 51.14 98.76
C SER DA 42 59.58 50.10 98.72
N PHE DA 43 58.42 50.53 98.23
CA PHE DA 43 57.27 49.64 98.17
C PHE DA 43 57.51 48.48 97.20
N GLN DA 44 58.06 48.78 96.03
CA GLN DA 44 58.36 47.74 95.04
C GLN DA 44 59.83 47.38 95.04
N ALA DA 45 60.52 47.60 96.18
CA ALA DA 45 61.87 47.12 96.35
C ALA DA 45 62.05 46.33 97.65
N ARG DA 46 60.96 45.95 98.31
CA ARG DA 46 61.02 45.20 99.55
C ARG DA 46 61.11 43.70 99.29
N LYS DA 47 61.55 42.93 100.28
CA LYS DA 47 61.64 41.49 100.14
C LYS DA 47 60.33 40.88 100.62
N GLU DA 48 59.61 40.22 99.72
CA GLU DA 48 58.34 39.56 100.01
C GLU DA 48 58.60 38.06 100.09
N VAL DA 49 58.20 37.44 101.21
CA VAL DA 49 58.28 36.00 101.32
C VAL DA 49 56.89 35.41 101.44
N ALA DA 50 56.57 34.47 100.56
CA ALA DA 50 55.27 33.83 100.50
C ALA DA 50 55.34 32.42 101.08
N PHE DA 51 54.34 32.09 101.91
CA PHE DA 51 54.18 30.79 102.53
C PHE DA 51 52.96 30.10 101.96
N SER DA 52 53.03 28.77 101.83
CA SER DA 52 51.89 28.03 101.30
C SER DA 52 51.88 26.62 101.86
N VAL DA 53 50.67 26.08 102.07
CA VAL DA 53 50.50 24.72 102.58
C VAL DA 53 49.62 23.93 101.61
N LYS DA 54 49.93 22.64 101.50
CA LYS DA 54 49.23 21.68 100.65
C LYS DA 54 49.06 20.40 101.46
N VAL DA 55 48.28 20.51 102.53
CA VAL DA 55 47.88 19.44 103.45
C VAL DA 55 47.48 18.17 102.69
N PRO DA 56 47.61 17.00 103.31
CA PRO DA 56 47.34 15.73 102.60
C PRO DA 56 45.87 15.56 102.26
N LYS DA 57 45.64 14.76 101.22
CA LYS DA 57 44.30 14.43 100.75
C LYS DA 57 44.19 12.92 100.65
N VAL DA 58 43.13 12.35 101.23
CA VAL DA 58 42.99 10.90 101.33
C VAL DA 58 42.81 10.31 99.94
N SER DA 59 43.82 9.57 99.47
CA SER DA 59 43.78 8.92 98.18
C SER DA 59 43.61 7.41 98.37
N VAL DA 60 43.61 6.66 97.27
CA VAL DA 60 43.63 5.20 97.30
C VAL DA 60 45.00 4.66 96.92
N SER DA 61 45.73 5.41 96.11
CA SER DA 61 47.14 5.22 95.79
C SER DA 61 47.96 5.79 96.96
N ALA DA 62 49.22 6.16 96.69
CA ALA DA 62 50.09 6.73 97.73
C ALA DA 62 50.40 5.69 98.79
N PRO DA 63 51.38 4.81 98.53
CA PRO DA 63 51.59 3.63 99.37
C PRO DA 63 51.97 4.00 100.80
N GLY DA 64 50.93 4.17 101.61
CA GLY DA 64 51.00 4.82 102.90
C GLY DA 64 49.67 5.48 103.18
N GLY DA 65 48.83 5.55 102.15
CA GLY DA 65 47.43 5.90 102.31
C GLY DA 65 46.98 7.15 101.61
N PHE DA 66 47.77 8.22 101.69
CA PHE DA 66 47.41 9.50 101.11
C PHE DA 66 48.64 10.34 100.83
N THR DA 67 48.45 11.37 100.01
CA THR DA 67 49.53 12.20 99.50
C THR DA 67 50.27 12.90 100.63
N GLN DA 68 51.50 13.31 100.33
CA GLN DA 68 52.32 14.01 101.30
C GLN DA 68 51.78 15.41 101.55
N ALA DA 69 52.21 15.98 102.67
CA ALA DA 69 51.86 17.34 103.05
C ALA DA 69 53.00 18.27 102.66
N ARG DA 70 52.79 19.09 101.63
CA ARG DA 70 53.91 19.92 101.19
C ARG DA 70 53.79 21.35 101.72
N SER DA 71 54.93 21.92 102.09
CA SER DA 71 54.99 23.29 102.63
C SER DA 71 56.01 24.06 101.80
N THR DA 72 55.59 25.19 101.23
CA THR DA 72 56.47 25.97 100.36
C THR DA 72 56.72 27.36 100.93
N VAL DA 73 57.97 27.81 100.77
CA VAL DA 73 58.37 29.17 101.12
C VAL DA 73 59.16 29.74 99.95
N ILE DA 74 58.71 30.87 99.41
CA ILE DA 74 59.43 31.56 98.35
C ILE DA 74 59.84 32.94 98.83
N LEU DA 75 61.13 33.21 98.83
CA LEU DA 75 61.67 34.50 99.24
C LEU DA 75 62.04 35.25 97.97
N LYS DA 76 61.40 36.41 97.77
CA LYS DA 76 61.63 37.20 96.58
C LYS DA 76 62.42 38.46 96.94
N SER DA 77 63.63 38.57 96.40
CA SER DA 77 64.49 39.73 96.64
C SER DA 77 64.62 40.52 95.35
N PRO DA 78 64.02 41.70 95.26
CA PRO DA 78 64.13 42.48 94.01
C PRO DA 78 65.53 43.06 93.83
N LYS DA 79 65.89 43.31 92.57
CA LYS DA 79 67.20 43.83 92.20
C LYS DA 79 67.05 44.78 91.03
N THR DA 80 67.76 45.91 91.10
CA THR DA 80 67.86 46.85 89.99
C THR DA 80 69.17 46.59 89.26
N LEU DA 81 69.06 46.26 87.98
CA LEU DA 81 70.25 45.95 87.18
C LEU DA 81 70.95 47.22 86.73
N ALA DA 82 72.18 47.05 86.24
CA ALA DA 82 72.93 48.19 85.69
C ALA DA 82 72.25 48.77 84.46
N ASN DA 83 71.70 47.89 83.61
CA ASN DA 83 70.97 48.36 82.43
C ASN DA 83 69.79 49.25 82.82
N GLY DA 84 69.26 49.08 84.02
CA GLY DA 84 68.23 49.98 84.50
C GLY DA 84 66.94 49.29 84.87
N ASN DA 85 66.65 48.16 84.23
CA ASN DA 85 65.42 47.44 84.50
C ASN DA 85 65.51 46.73 85.84
N ARG DA 86 64.44 46.05 86.20
CA ARG DA 86 64.28 45.40 87.49
C ARG DA 86 64.03 43.91 87.28
N THR DA 87 64.53 43.11 88.21
CA THR DA 87 64.35 41.66 88.18
C THR DA 87 64.16 41.20 89.63
N VAL DA 88 63.75 39.96 89.81
CA VAL DA 88 63.59 39.39 91.13
C VAL DA 88 64.43 38.13 91.24
N ASN DA 89 65.19 38.03 92.33
CA ASN DA 89 66.01 36.86 92.64
C ASN DA 89 65.27 36.09 93.72
N THR DA 90 64.91 34.84 93.42
CA THR DA 90 64.03 34.08 94.29
C THR DA 90 64.76 32.91 94.95
N VAL DA 91 64.26 32.52 96.12
CA VAL DA 91 64.75 31.33 96.82
C VAL DA 91 63.55 30.51 97.28
N SER DA 92 63.21 29.47 96.54
CA SER DA 92 62.07 28.64 96.90
C SER DA 92 62.51 27.42 97.69
N ILE DA 93 61.66 27.00 98.63
CA ILE DA 93 61.93 25.86 99.49
C ILE DA 93 60.66 25.04 99.65
N GLN DA 94 60.75 23.73 99.50
CA GLN DA 94 59.60 22.85 99.63
C GLN DA 94 59.93 21.68 100.56
N LEU DA 95 58.90 21.18 101.24
CA LEU DA 95 59.04 20.17 102.29
C LEU DA 95 58.03 19.04 102.09
N SER DA 96 58.03 18.44 100.90
CA SER DA 96 57.14 17.34 100.59
C SER DA 96 57.51 16.14 101.46
N VAL DA 97 56.80 15.98 102.57
CA VAL DA 97 57.02 14.87 103.48
C VAL DA 97 55.71 14.12 103.69
N ASP DA 98 55.83 12.80 103.85
CA ASP DA 98 54.65 11.97 104.05
C ASP DA 98 54.01 12.31 105.39
N PRO DA 99 52.68 12.38 105.45
CA PRO DA 99 52.01 12.89 106.67
C PRO DA 99 52.25 12.07 107.92
N GLU DA 100 52.70 10.82 107.79
CA GLU DA 100 53.01 9.98 108.94
C GLU DA 100 54.34 10.36 109.59
N THR DA 101 55.07 11.30 109.01
CA THR DA 101 56.40 11.65 109.49
C THR DA 101 56.32 12.36 110.83
N THR DA 102 57.17 11.93 111.76
CA THR DA 102 57.24 12.55 113.07
C THR DA 102 57.95 13.89 112.99
N ALA DA 103 57.77 14.71 114.03
CA ALA DA 103 58.35 16.05 114.05
C ALA DA 103 59.85 16.03 114.30
N ALA DA 104 60.38 14.98 114.93
CA ALA DA 104 61.82 14.91 115.18
C ALA DA 104 62.59 14.76 113.88
N GLU DA 105 62.15 13.86 113.00
CA GLU DA 105 62.84 13.69 111.72
C GLU DA 105 62.58 14.87 110.79
N VAL DA 106 61.43 15.53 110.93
CA VAL DA 106 61.21 16.78 110.20
C VAL DA 106 62.21 17.83 110.63
N THR DA 107 62.44 17.95 111.94
CA THR DA 107 63.45 18.88 112.44
C THR DA 107 64.84 18.50 111.94
N THR DA 108 65.14 17.20 111.93
CA THR DA 108 66.42 16.73 111.40
C THR DA 108 66.61 17.15 109.94
N MET DA 109 65.56 16.95 109.13
CA MET DA 109 65.60 17.32 107.72
C MET DA 109 65.77 18.83 107.56
N LEU DA 110 65.05 19.61 108.36
CA LEU DA 110 65.13 21.06 108.25
C LEU DA 110 66.51 21.56 108.63
N ASN DA 111 67.12 20.96 109.65
CA ASN DA 111 68.47 21.34 110.04
C ASN DA 111 69.48 20.94 108.98
N ALA DA 112 69.34 19.73 108.42
CA ALA DA 112 70.27 19.29 107.38
C ALA DA 112 70.18 20.16 106.15
N ALA DA 113 68.96 20.46 105.69
CA ALA DA 113 68.76 21.35 104.56
C ALA DA 113 69.23 22.77 104.83
N ALA DA 114 68.94 23.31 106.02
CA ALA DA 114 69.40 24.64 106.36
C ALA DA 114 70.88 24.65 106.72
N GLN DA 115 71.49 23.49 106.95
CA GLN DA 115 72.94 23.42 107.10
C GLN DA 115 73.65 23.67 105.77
N LEU DA 116 73.03 23.26 104.66
CA LEU DA 116 73.35 23.83 103.36
C LEU DA 116 72.90 25.29 103.36
N LEU DA 117 73.27 26.02 102.31
CA LEU DA 117 72.90 27.42 102.12
C LEU DA 117 73.69 28.36 103.04
N PHE DA 118 74.42 27.85 104.02
CA PHE DA 118 75.27 28.74 104.79
C PHE DA 118 76.61 28.10 105.09
N ASP DA 119 76.73 26.79 104.85
CA ASP DA 119 78.00 26.13 105.01
C ASP DA 119 79.00 26.64 103.98
N SER DA 120 80.26 26.72 104.39
CA SER DA 120 81.30 27.26 103.51
C SER DA 120 81.58 26.38 102.31
N ASP DA 121 81.33 25.07 102.42
CA ASP DA 121 81.63 24.16 101.31
C ASP DA 121 80.79 24.48 100.08
N TYR DA 122 79.53 24.85 100.29
CA TYR DA 122 78.59 25.07 99.19
C TYR DA 122 78.53 26.52 98.73
N SER DA 123 79.39 27.39 99.27
CA SER DA 123 79.45 28.77 98.84
C SER DA 123 79.64 28.90 97.33
N ASP DA 124 80.63 28.16 96.79
CA ASP DA 124 80.92 28.24 95.37
C ASP DA 124 79.77 27.65 94.54
N PHE DA 125 79.12 26.61 95.06
CA PHE DA 125 77.98 26.03 94.36
C PHE DA 125 76.84 27.02 94.25
N TRP DA 126 76.50 27.69 95.35
CA TRP DA 126 75.41 28.65 95.33
C TRP DA 126 75.76 29.90 94.55
N LYS DA 127 77.01 30.34 94.56
CA LYS DA 127 77.39 31.62 93.96
C LYS DA 127 77.84 31.45 92.51
N ALA DA 128 78.86 30.66 92.24
CA ALA DA 128 79.39 30.49 90.90
C ALA DA 128 78.87 29.25 90.19
N GLN DA 129 77.96 28.49 90.82
CA GLN DA 129 77.44 27.25 90.25
C GLN DA 129 78.54 26.22 90.02
N ALA DA 130 79.52 26.21 90.93
CA ALA DA 130 80.64 25.27 90.86
C ALA DA 130 80.18 23.92 91.40
N LEU DA 131 79.55 23.14 90.52
CA LEU DA 131 79.14 21.78 90.86
C LEU DA 131 80.37 20.95 91.22
N ALA DA 132 81.26 20.79 90.25
CA ALA DA 132 82.51 20.10 90.48
C ALA DA 132 83.51 21.06 91.13
N ALA EA 1 128.13 7.61 22.11
CA ALA EA 1 129.17 7.70 23.13
C ALA EA 1 128.62 7.20 24.46
N ILE EA 2 127.32 6.91 24.49
CA ILE EA 2 126.72 6.21 25.62
C ILE EA 2 126.98 4.73 25.43
N ALA EA 3 128.10 4.25 25.95
CA ALA EA 3 128.48 2.85 25.80
C ALA EA 3 129.47 2.51 26.90
N ASN EA 4 130.76 2.59 26.59
CA ASN EA 4 131.77 2.53 27.63
C ASN EA 4 132.23 3.95 27.97
N SER EA 5 131.32 4.76 28.51
CA SER EA 5 131.62 6.13 28.91
C SER EA 5 132.36 6.14 30.25
N SER EA 6 132.43 7.29 30.91
CA SER EA 6 133.02 7.35 32.23
C SER EA 6 132.40 8.51 32.99
N ILE EA 7 132.08 8.26 34.26
CA ILE EA 7 131.48 9.26 35.13
C ILE EA 7 132.02 9.08 36.54
N ALA EA 8 132.44 10.19 37.16
CA ALA EA 8 132.95 10.15 38.52
C ALA EA 8 131.78 10.17 39.50
N ILE EA 9 131.78 9.22 40.43
CA ILE EA 9 130.70 9.12 41.41
C ILE EA 9 131.23 9.57 42.77
N ASP EA 10 130.42 10.37 43.47
CA ASP EA 10 130.80 10.98 44.74
C ASP EA 10 132.01 11.89 44.56
N SER EA 11 131.84 12.91 43.73
CA SER EA 11 132.90 13.84 43.38
C SER EA 11 132.37 15.27 43.42
N THR EA 12 133.29 16.21 43.61
CA THR EA 12 132.95 17.63 43.61
C THR EA 12 133.06 18.20 42.20
N ALA EA 13 132.09 19.03 41.83
CA ALA EA 13 132.05 19.67 40.52
C ALA EA 13 132.30 21.16 40.67
N SER EA 14 133.05 21.71 39.72
CA SER EA 14 133.47 23.10 39.76
C SER EA 14 133.22 23.75 38.42
N VAL EA 15 133.32 25.07 38.40
CA VAL EA 15 133.07 25.88 37.22
C VAL EA 15 134.14 26.96 37.12
N THR EA 16 134.72 27.12 35.94
CA THR EA 16 135.72 28.13 35.67
C THR EA 16 135.31 28.99 34.48
N GLY EA 17 135.71 30.25 34.51
CA GLY EA 17 135.43 31.15 33.40
C GLY EA 17 133.97 31.56 33.35
N GLY EA 18 133.52 31.90 32.14
CA GLY EA 18 132.17 32.38 31.96
C GLY EA 18 131.97 33.78 32.50
N THR EA 19 130.69 34.15 32.64
CA THR EA 19 130.30 35.47 33.12
C THR EA 19 129.26 35.27 34.21
N ALA EA 20 129.63 35.57 35.46
CA ALA EA 20 128.74 35.42 36.60
C ALA EA 20 127.51 36.31 36.46
N ARG EA 21 126.35 35.70 36.27
CA ARG EA 21 125.09 36.41 36.19
C ARG EA 21 124.42 36.40 37.56
N THR EA 22 123.15 36.81 37.62
CA THR EA 22 122.42 36.83 38.88
C THR EA 22 120.99 36.41 38.61
N VAL EA 23 120.43 35.57 39.49
CA VAL EA 23 119.08 35.07 39.35
C VAL EA 23 118.17 36.01 40.13
N LYS EA 24 117.46 36.87 39.41
CA LYS EA 24 116.53 37.81 40.04
C LYS EA 24 115.16 37.18 40.17
N GLU EA 25 114.60 37.19 41.37
CA GLU EA 25 113.34 36.52 41.65
C GLU EA 25 112.16 37.42 41.29
N LEU EA 26 111.15 36.83 40.66
CA LEU EA 26 110.06 37.61 40.10
C LEU EA 26 108.80 37.36 40.92
N VAL EA 27 108.32 36.13 41.00
CA VAL EA 27 107.07 35.81 41.68
C VAL EA 27 107.24 34.48 42.40
N ARG EA 28 106.78 34.41 43.64
CA ARG EA 28 106.88 33.22 44.47
C ARG EA 28 105.46 32.91 44.97
N ASN EA 29 104.80 31.93 44.37
CA ASN EA 29 103.43 31.61 44.77
C ASN EA 29 103.11 30.20 44.31
N ASN EA 30 102.14 29.59 45.01
CA ASN EA 30 101.59 28.29 44.64
C ASN EA 30 102.68 27.23 44.52
N SER EA 31 103.58 27.20 45.50
CA SER EA 31 104.70 26.25 45.54
C SER EA 31 105.66 26.46 44.39
N GLU EA 32 105.62 27.62 43.76
CA GLU EA 32 106.44 27.94 42.60
C GLU EA 32 107.18 29.24 42.83
N LEU EA 33 108.39 29.33 42.27
CA LEU EA 33 109.23 30.52 42.31
C LEU EA 33 109.70 30.77 40.87
N ASN EA 34 109.15 31.80 40.26
CA ASN EA 34 109.60 32.21 38.93
C ASN EA 34 110.67 33.27 39.05
N ALA EA 35 111.75 33.11 38.32
CA ALA EA 35 112.86 34.05 38.36
C ALA EA 35 113.43 34.18 36.96
N TYR EA 36 114.41 35.05 36.80
CA TYR EA 36 115.04 35.25 35.51
C TYR EA 36 116.52 35.51 35.71
N ILE EA 37 117.33 34.99 34.80
CA ILE EA 37 118.76 35.25 34.81
C ILE EA 37 119.02 36.60 34.15
N ASP EA 38 119.76 37.46 34.84
CA ASP EA 38 119.96 38.83 34.41
C ASP EA 38 121.24 38.86 33.58
N GLU EA 39 121.09 39.00 32.26
CA GLU EA 39 122.21 39.13 31.35
C GLU EA 39 122.22 40.48 30.65
N GLY EA 40 121.35 41.41 31.06
CA GLY EA 40 121.21 42.66 30.35
C GLY EA 40 120.62 42.48 28.98
N LEU EA 41 119.57 41.68 28.90
CA LEU EA 41 118.87 41.38 27.65
C LEU EA 41 117.48 42.00 27.69
N SER EA 42 116.74 41.85 26.60
CA SER EA 42 115.39 42.36 26.50
C SER EA 42 114.42 41.38 27.14
N PHE EA 43 113.20 41.84 27.42
CA PHE EA 43 112.20 40.99 28.05
C PHE EA 43 111.83 39.79 27.20
N GLN EA 44 111.72 39.96 25.88
CA GLN EA 44 111.40 38.87 24.97
C GLN EA 44 112.49 37.82 24.89
N ALA EA 45 113.73 38.15 25.24
CA ALA EA 45 114.81 37.19 25.27
C ALA EA 45 115.46 37.26 26.65
N ARG EA 46 114.89 36.55 27.62
CA ARG EA 46 115.42 36.46 28.97
C ARG EA 46 115.91 35.02 29.21
N LYS EA 47 116.27 34.64 30.43
CA LYS EA 47 116.61 33.26 30.73
C LYS EA 47 115.77 32.79 31.92
N GLU EA 48 114.45 32.98 31.81
CA GLU EA 48 113.54 32.64 32.90
C GLU EA 48 113.74 31.22 33.38
N VAL EA 49 113.73 31.04 34.70
CA VAL EA 49 113.86 29.73 35.33
C VAL EA 49 112.81 29.62 36.43
N ALA EA 50 112.11 28.48 36.46
CA ALA EA 50 111.06 28.23 37.43
C ALA EA 50 111.45 27.08 38.35
N PHE EA 51 111.36 27.33 39.65
CA PHE EA 51 111.63 26.33 40.68
C PHE EA 51 110.31 25.92 41.32
N SER EA 52 110.03 24.63 41.33
CA SER EA 52 108.78 24.13 41.88
C SER EA 52 109.06 23.01 42.86
N VAL EA 53 108.23 22.91 43.88
CA VAL EA 53 108.39 21.93 44.95
C VAL EA 53 107.07 21.21 45.17
N LYS EA 54 107.15 19.88 45.31
CA LYS EA 54 106.01 19.01 45.55
C LYS EA 54 106.33 18.18 46.80
N VAL EA 55 105.78 18.59 47.93
CA VAL EA 55 106.08 17.97 49.22
C VAL EA 55 105.35 16.63 49.35
N PRO EA 56 105.88 15.68 50.13
CA PRO EA 56 105.21 14.39 50.26
C PRO EA 56 103.97 14.46 51.12
N LYS EA 57 103.02 13.58 50.80
CA LYS EA 57 101.81 13.41 51.59
C LYS EA 57 101.67 11.96 52.01
N VAL EA 58 100.93 11.73 53.09
CA VAL EA 58 100.76 10.38 53.62
C VAL EA 58 99.98 9.53 52.64
N SER EA 59 100.33 8.25 52.54
CA SER EA 59 99.66 7.32 51.65
C SER EA 59 99.55 5.96 52.34
N VAL EA 60 98.91 5.02 51.63
CA VAL EA 60 98.88 3.64 52.08
C VAL EA 60 99.73 2.74 51.20
N SER EA 61 99.79 3.00 49.90
CA SER EA 61 100.76 2.46 48.97
C SER EA 61 102.06 3.23 49.13
N ALA EA 62 102.94 3.18 48.11
CA ALA EA 62 104.20 3.91 48.18
C ALA EA 62 105.05 3.36 49.32
N PRO EA 63 105.78 2.27 49.08
CA PRO EA 63 106.21 1.37 50.17
C PRO EA 63 107.14 2.05 51.16
N GLY EA 64 106.53 2.68 52.15
CA GLY EA 64 107.19 3.59 53.07
C GLY EA 64 106.22 4.66 53.53
N GLY EA 65 105.03 4.66 52.95
CA GLY EA 65 103.92 5.42 53.51
C GLY EA 65 103.68 6.78 52.89
N PHE EA 66 104.70 7.34 52.25
CA PHE EA 66 104.59 8.66 51.67
C PHE EA 66 104.93 8.65 50.18
N THR EA 67 104.30 9.57 49.45
CA THR EA 67 104.70 9.84 48.09
C THR EA 67 106.07 10.50 48.08
N GLN EA 68 106.70 10.50 46.92
CA GLN EA 68 108.05 11.03 46.82
C GLN EA 68 108.04 12.55 46.84
N ALA EA 69 109.10 13.12 47.39
CA ALA EA 69 109.32 14.57 47.36
C ALA EA 69 109.92 14.93 46.01
N ARG EA 70 109.28 15.87 45.31
CA ARG EA 70 109.72 16.27 43.98
C ARG EA 70 110.21 17.71 43.97
N SER EA 71 111.31 17.94 43.25
CA SER EA 71 111.88 19.28 43.08
C SER EA 71 112.16 19.44 41.58
N THR EA 72 111.50 20.41 40.96
CA THR EA 72 111.60 20.59 39.52
C THR EA 72 112.17 21.97 39.19
N VAL EA 73 113.13 21.99 38.27
CA VAL EA 73 113.68 23.24 37.77
C VAL EA 73 113.52 23.26 36.25
N ILE EA 74 112.86 24.29 35.72
CA ILE EA 74 112.74 24.46 34.28
C ILE EA 74 113.43 25.75 33.87
N LEU EA 75 114.41 25.64 32.99
CA LEU EA 75 115.15 26.78 32.45
C LEU EA 75 114.63 27.04 31.04
N LYS EA 76 114.20 28.26 30.78
CA LYS EA 76 113.65 28.61 29.48
C LYS EA 76 114.61 29.53 28.72
N SER EA 77 114.87 29.20 27.47
CA SER EA 77 115.80 29.95 26.63
C SER EA 77 115.12 30.36 25.34
N PRO EA 78 114.62 31.60 25.25
CA PRO EA 78 114.02 32.06 23.99
C PRO EA 78 115.02 32.13 22.84
N LYS EA 79 114.66 31.49 21.74
CA LYS EA 79 115.43 31.54 20.51
C LYS EA 79 114.58 32.18 19.41
N THR EA 80 115.23 32.93 18.54
CA THR EA 80 114.58 33.60 17.42
C THR EA 80 115.03 32.93 16.14
N LEU EA 81 114.07 32.56 15.29
CA LEU EA 81 114.33 31.72 14.13
C LEU EA 81 114.66 32.57 12.91
N ALA EA 82 114.93 31.90 11.79
CA ALA EA 82 115.28 32.61 10.56
C ALA EA 82 114.10 33.43 10.05
N ASN EA 83 112.90 32.84 10.07
CA ASN EA 83 111.70 33.58 9.66
C ASN EA 83 111.44 34.73 10.61
N GLY EA 84 111.63 34.53 11.90
CA GLY EA 84 111.43 35.58 12.87
C GLY EA 84 110.44 35.21 13.96
N ASN EA 85 109.87 34.03 13.88
CA ASN EA 85 109.04 33.52 14.96
C ASN EA 85 109.91 33.20 16.17
N ARG EA 86 109.30 33.33 17.35
CA ARG EA 86 110.00 33.09 18.60
C ARG EA 86 109.61 31.75 19.19
N THR EA 87 110.60 30.92 19.50
CA THR EA 87 110.38 29.66 20.19
C THR EA 87 111.13 29.72 21.51
N VAL EA 88 110.81 28.79 22.40
CA VAL EA 88 111.50 28.68 23.69
C VAL EA 88 112.12 27.30 23.80
N ASN EA 89 113.40 27.26 24.11
CA ASN EA 89 114.13 26.01 24.36
C ASN EA 89 114.21 25.83 25.87
N THR EA 90 113.72 24.69 26.35
CA THR EA 90 113.62 24.44 27.78
C THR EA 90 114.47 23.25 28.19
N VAL EA 91 114.96 23.31 29.43
CA VAL EA 91 115.59 22.18 30.09
C VAL EA 91 114.88 21.92 31.41
N SER EA 92 114.29 20.75 31.56
CA SER EA 92 113.64 20.39 32.81
C SER EA 92 114.54 19.46 33.63
N ILE EA 93 114.58 19.70 34.93
CA ILE EA 93 115.35 18.87 35.86
C ILE EA 93 114.39 18.54 37.01
N GLN EA 94 113.99 17.28 37.10
CA GLN EA 94 113.04 16.83 38.12
C GLN EA 94 113.72 15.78 38.98
N LEU EA 95 113.77 16.03 40.28
CA LEU EA 95 114.35 15.10 41.25
C LEU EA 95 113.23 14.59 42.15
N SER EA 96 113.05 13.27 42.17
CA SER EA 96 112.06 12.62 43.02
C SER EA 96 112.79 11.70 43.99
N VAL EA 97 112.72 12.01 45.28
CA VAL EA 97 113.36 11.19 46.29
C VAL EA 97 112.35 10.79 47.36
N ASP EA 98 112.44 9.54 47.80
CA ASP EA 98 111.69 9.13 48.97
C ASP EA 98 112.15 9.93 50.18
N PRO EA 99 111.23 10.32 51.06
CA PRO EA 99 111.62 11.17 52.20
C PRO EA 99 112.63 10.54 53.14
N GLU EA 100 112.81 9.21 53.10
CA GLU EA 100 113.83 8.58 53.92
C GLU EA 100 115.24 8.80 53.40
N THR EA 101 115.38 9.36 52.19
CA THR EA 101 116.69 9.51 51.57
C THR EA 101 117.51 10.56 52.30
N THR EA 102 118.75 10.20 52.62
CA THR EA 102 119.65 11.10 53.32
C THR EA 102 120.23 12.13 52.35
N ALA EA 103 120.93 13.11 52.91
CA ALA EA 103 121.47 14.19 52.10
C ALA EA 103 122.64 13.73 51.24
N ALA EA 104 123.37 12.70 51.69
CA ALA EA 104 124.50 12.20 50.91
C ALA EA 104 124.04 11.48 49.65
N GLU EA 105 122.96 10.70 49.75
CA GLU EA 105 122.45 10.02 48.56
C GLU EA 105 121.85 11.01 47.56
N VAL EA 106 121.29 12.10 48.05
CA VAL EA 106 120.81 13.14 47.14
C VAL EA 106 121.99 13.87 46.50
N THR EA 107 123.04 14.13 47.28
CA THR EA 107 124.23 14.78 46.73
C THR EA 107 124.87 13.92 45.64
N THR EA 108 124.97 12.61 45.87
CA THR EA 108 125.53 11.71 44.86
C THR EA 108 124.70 11.74 43.59
N MET EA 109 123.38 11.68 43.74
CA MET EA 109 122.48 11.70 42.59
C MET EA 109 122.62 12.99 41.81
N LEU EA 110 122.67 14.12 42.52
CA LEU EA 110 122.80 15.42 41.87
C LEU EA 110 124.12 15.52 41.12
N ASN EA 111 125.22 15.07 41.75
CA ASN EA 111 126.51 15.18 41.10
C ASN EA 111 126.60 14.28 39.87
N ALA EA 112 126.08 13.05 39.95
CA ALA EA 112 126.07 12.19 38.77
C ALA EA 112 125.20 12.76 37.65
N ALA EA 113 124.04 13.30 38.00
CA ALA EA 113 123.17 13.89 36.99
C ALA EA 113 123.81 15.12 36.35
N ALA EA 114 124.64 15.85 37.12
CA ALA EA 114 125.32 17.02 36.56
C ALA EA 114 126.29 16.61 35.46
N GLN EA 115 127.11 15.61 35.72
CA GLN EA 115 128.00 15.10 34.68
C GLN EA 115 127.24 14.42 33.55
N LEU EA 116 126.02 13.95 33.81
CA LEU EA 116 125.24 13.35 32.72
C LEU EA 116 124.93 14.36 31.62
N LEU EA 117 124.95 15.67 31.93
CA LEU EA 117 124.63 16.67 30.92
C LEU EA 117 125.74 17.69 30.71
N PHE EA 118 126.97 17.39 31.14
CA PHE EA 118 128.09 18.20 30.68
C PHE EA 118 129.33 17.39 30.30
N ASP EA 119 129.36 16.08 30.50
CA ASP EA 119 130.51 15.28 30.07
C ASP EA 119 130.61 15.26 28.55
N SER EA 120 131.84 15.13 28.06
CA SER EA 120 132.11 15.35 26.64
C SER EA 120 131.47 14.28 25.76
N ASP EA 121 131.24 13.08 26.32
CA ASP EA 121 130.65 12.00 25.53
C ASP EA 121 129.21 12.29 25.18
N TYR EA 122 128.39 12.52 26.20
CA TYR EA 122 126.96 12.72 26.03
C TYR EA 122 126.67 13.97 25.20
N SER EA 123 127.73 14.70 24.84
CA SER EA 123 127.58 15.81 23.90
C SER EA 123 126.91 15.35 22.62
N ASP EA 124 127.23 14.15 22.14
CA ASP EA 124 126.55 13.66 20.94
C ASP EA 124 125.09 13.30 21.19
N PHE EA 125 124.74 12.90 22.41
CA PHE EA 125 123.36 12.57 22.72
C PHE EA 125 122.48 13.80 22.85
N TRP EA 126 123.00 14.87 23.46
CA TRP EA 126 122.21 16.09 23.67
C TRP EA 126 122.06 16.91 22.39
N LYS EA 127 123.14 17.04 21.62
CA LYS EA 127 123.12 17.86 20.42
C LYS EA 127 122.71 17.07 19.18
N ALA EA 128 123.44 16.00 18.87
CA ALA EA 128 123.15 15.22 17.67
C ALA EA 128 122.00 14.25 17.86
N GLN EA 129 121.53 14.06 19.09
CA GLN EA 129 120.43 13.13 19.38
C GLN EA 129 120.82 11.70 19.02
N ALA EA 130 122.07 11.36 19.32
CA ALA EA 130 122.69 10.10 18.89
C ALA EA 130 122.83 9.18 20.09
N LEU EA 131 122.09 8.07 20.07
CA LEU EA 131 122.11 7.12 21.16
C LEU EA 131 123.45 6.39 21.25
N ALA EA 132 124.12 6.21 20.12
CA ALA EA 132 125.46 5.63 20.14
C ALA EA 132 126.39 6.37 19.19
N ALA FA 1 119.78 31.38 48.69
CA ALA FA 1 119.37 30.29 47.82
C ALA FA 1 118.83 30.82 46.50
N ILE FA 2 117.63 30.37 46.12
CA ILE FA 2 116.99 30.90 44.93
C ILE FA 2 116.40 32.27 45.27
N ALA FA 3 117.13 33.32 44.89
CA ALA FA 3 116.77 34.68 45.25
C ALA FA 3 117.77 35.66 44.66
N ASN FA 4 119.04 35.50 45.02
CA ASN FA 4 120.12 36.34 44.52
C ASN FA 4 121.31 35.51 44.07
N SER FA 5 121.07 34.24 43.73
CA SER FA 5 122.13 33.33 43.38
C SER FA 5 122.79 33.73 42.05
N SER FA 6 124.06 33.40 41.92
CA SER FA 6 124.85 33.72 40.73
C SER FA 6 125.13 32.43 39.96
N ILE FA 7 124.96 32.48 38.65
CA ILE FA 7 125.24 31.36 37.77
C ILE FA 7 126.16 31.83 36.66
N ALA FA 8 127.27 31.10 36.44
CA ALA FA 8 128.27 31.51 35.47
C ALA FA 8 127.87 31.02 34.08
N ILE FA 9 127.31 31.92 33.28
CA ILE FA 9 126.84 31.57 31.94
C ILE FA 9 128.04 31.38 31.01
N ASP FA 10 127.97 30.34 30.18
CA ASP FA 10 128.99 30.03 29.18
C ASP FA 10 130.36 29.83 29.83
N SER FA 11 130.39 29.04 30.89
CA SER FA 11 131.62 28.67 31.58
C SER FA 11 131.94 27.21 31.30
N THR FA 12 133.03 26.74 31.88
CA THR FA 12 133.47 25.35 31.73
C THR FA 12 133.29 24.63 33.06
N ALA FA 13 132.52 23.55 33.04
CA ALA FA 13 132.26 22.75 34.24
C ALA FA 13 133.11 21.49 34.21
N SER FA 14 133.76 21.19 35.33
CA SER FA 14 134.63 20.04 35.44
C SER FA 14 134.35 19.30 36.75
N VAL FA 15 135.05 18.19 36.93
CA VAL FA 15 134.89 17.32 38.09
C VAL FA 15 136.27 16.91 38.60
N THR FA 16 136.42 16.93 39.93
CA THR FA 16 137.65 16.46 40.57
C THR FA 16 137.29 15.46 41.65
N GLY FA 17 138.22 14.55 41.95
CA GLY FA 17 137.97 13.54 42.95
C GLY FA 17 136.99 12.49 42.43
N GLY FA 18 136.49 11.70 43.38
CA GLY FA 18 135.50 10.69 43.07
C GLY FA 18 136.11 9.41 42.51
N THR FA 19 135.21 8.49 42.15
CA THR FA 19 135.59 7.22 41.54
C THR FA 19 134.97 7.13 40.15
N ALA FA 20 135.79 6.75 39.17
CA ALA FA 20 135.39 6.71 37.78
C ALA FA 20 134.72 5.36 37.50
N ARG FA 21 133.43 5.42 37.18
CA ARG FA 21 132.71 4.23 36.77
C ARG FA 21 132.48 4.25 35.26
N THR FA 22 132.20 3.08 34.70
CA THR FA 22 132.27 2.92 33.25
C THR FA 22 130.93 3.19 32.57
N VAL FA 23 129.82 2.81 33.22
CA VAL FA 23 128.49 2.84 32.61
C VAL FA 23 128.43 1.77 31.53
N LYS FA 24 127.50 0.85 31.63
CA LYS FA 24 127.43 -0.32 30.75
C LYS FA 24 126.04 -0.41 30.16
N GLU FA 25 125.95 -0.62 28.86
CA GLU FA 25 124.67 -0.68 28.18
C GLU FA 25 123.95 -1.99 28.51
N LEU FA 26 122.68 -1.91 28.86
CA LEU FA 26 121.88 -3.10 29.11
C LEU FA 26 121.04 -3.51 27.89
N VAL FA 27 120.12 -2.64 27.48
CA VAL FA 27 119.10 -2.99 26.50
C VAL FA 27 118.85 -1.78 25.62
N ARG FA 28 118.60 -2.05 24.34
CA ARG FA 28 118.43 -1.01 23.33
C ARG FA 28 117.04 -1.16 22.72
N ASN FA 29 116.74 -0.31 21.75
CA ASN FA 29 115.51 -0.37 20.94
C ASN FA 29 114.29 0.05 21.73
N ASN FA 30 113.52 0.98 21.18
CA ASN FA 30 113.90 1.72 19.99
C ASN FA 30 113.85 3.21 20.28
N SER FA 31 114.90 3.93 19.88
CA SER FA 31 115.08 5.33 20.27
C SER FA 31 115.06 5.45 21.80
N GLU FA 32 115.67 4.46 22.45
CA GLU FA 32 115.64 4.35 23.90
C GLU FA 32 116.80 3.46 24.34
N LEU FA 33 117.77 4.03 25.03
CA LEU FA 33 118.90 3.25 25.51
C LEU FA 33 118.83 3.06 27.03
N ASN FA 34 119.17 1.86 27.48
CA ASN FA 34 119.20 1.56 28.91
C ASN FA 34 120.61 1.12 29.26
N ALA FA 35 121.16 1.73 30.31
CA ALA FA 35 122.51 1.42 30.74
C ALA FA 35 122.51 1.34 32.26
N TYR FA 36 123.68 1.12 32.84
CA TYR FA 36 123.82 1.11 34.29
C TYR FA 36 125.24 1.49 34.64
N ILE FA 37 125.39 2.20 35.76
CA ILE FA 37 126.71 2.61 36.24
C ILE FA 37 127.28 1.47 37.08
N ASP FA 38 128.38 0.89 36.62
CA ASP FA 38 128.96 -0.29 37.25
C ASP FA 38 129.88 0.14 38.38
N GLU FA 39 129.44 -0.05 39.62
CA GLU FA 39 130.23 0.28 40.80
C GLU FA 39 130.49 -0.96 41.64
N GLY FA 40 130.38 -2.14 41.04
CA GLY FA 40 130.52 -3.38 41.77
C GLY FA 40 129.44 -3.62 42.79
N LEU FA 41 128.20 -3.28 42.46
CA LEU FA 41 127.06 -3.46 43.34
C LEU FA 41 126.19 -4.60 42.83
N SER FA 42 125.19 -4.96 43.61
CA SER FA 42 124.31 -6.06 43.26
C SER FA 42 123.31 -5.64 42.18
N PHE FA 43 122.51 -6.61 41.73
CA PHE FA 43 121.55 -6.34 40.66
C PHE FA 43 120.44 -5.42 41.11
N GLN FA 44 120.02 -5.49 42.37
CA GLN FA 44 118.95 -4.65 42.86
C GLN FA 44 119.44 -3.29 43.34
N ALA FA 45 120.74 -3.09 43.50
CA ALA FA 45 121.29 -1.87 44.06
C ALA FA 45 122.12 -1.09 43.05
N ARG FA 46 121.95 -1.37 41.76
CA ARG FA 46 122.74 -0.69 40.74
C ARG FA 46 122.01 0.56 40.24
N LYS FA 47 122.81 1.49 39.70
CA LYS FA 47 122.34 2.82 39.32
C LYS FA 47 121.29 2.81 38.21
N GLU FA 48 121.64 2.29 37.02
CA GLU FA 48 120.70 2.16 35.91
C GLU FA 48 120.13 3.45 35.34
N VAL FA 49 120.96 4.23 34.65
CA VAL FA 49 120.52 5.43 33.93
C VAL FA 49 119.98 5.01 32.55
N ALA FA 50 118.85 5.60 32.15
CA ALA FA 50 118.23 5.36 30.86
C ALA FA 50 118.25 6.61 29.99
N PHE FA 51 118.39 6.41 28.67
CA PHE FA 51 118.51 7.49 27.70
C PHE FA 51 117.42 7.37 26.64
N SER FA 52 116.49 8.32 26.64
CA SER FA 52 115.42 8.35 25.66
C SER FA 52 115.68 9.45 24.65
N VAL FA 53 114.94 9.42 23.54
CA VAL FA 53 115.12 10.37 22.45
C VAL FA 53 113.82 10.51 21.66
N LYS FA 54 113.49 11.75 21.28
CA LYS FA 54 112.35 12.04 20.42
C LYS FA 54 112.85 12.91 19.26
N VAL FA 55 112.84 12.35 18.06
CA VAL FA 55 113.39 13.08 16.90
C VAL FA 55 112.46 14.20 16.50
N PRO FA 56 112.94 15.26 15.85
CA PRO FA 56 112.04 16.33 15.42
C PRO FA 56 111.09 15.84 14.34
N LYS FA 57 109.79 16.07 14.58
CA LYS FA 57 108.75 15.66 13.65
C LYS FA 57 108.28 16.87 12.87
N VAL FA 58 108.20 16.73 11.54
CA VAL FA 58 107.84 17.86 10.70
C VAL FA 58 106.35 18.14 10.82
N SER FA 59 106.01 19.15 11.63
CA SER FA 59 104.64 19.62 11.79
C SER FA 59 104.36 20.74 10.80
N VAL FA 60 103.27 21.47 11.00
CA VAL FA 60 102.93 22.59 10.14
C VAL FA 60 102.79 23.86 10.97
N SER FA 61 101.97 23.79 12.02
CA SER FA 61 101.64 24.97 12.83
C SER FA 61 102.59 25.07 14.02
N ALA FA 62 103.88 25.20 13.71
CA ALA FA 62 104.90 25.32 14.74
C ALA FA 62 105.96 26.31 14.29
N PRO FA 63 106.65 26.97 15.22
CA PRO FA 63 107.79 27.80 14.83
C PRO FA 63 108.84 26.97 14.10
N GLY FA 64 109.35 27.52 13.01
CA GLY FA 64 110.38 26.83 12.23
C GLY FA 64 109.82 25.79 11.29
N GLY FA 65 108.73 25.15 11.70
CA GLY FA 65 108.07 24.15 10.88
C GLY FA 65 107.94 22.81 11.54
N PHE FA 66 108.96 22.36 12.26
CA PHE FA 66 108.94 21.04 12.85
C PHE FA 66 108.61 21.12 14.34
N THR FA 67 108.37 19.97 14.95
CA THR FA 67 108.31 19.89 16.40
C THR FA 67 109.71 19.85 16.97
N GLN FA 68 109.80 19.86 18.29
CA GLN FA 68 111.09 20.03 18.96
C GLN FA 68 111.82 18.70 19.09
N ALA FA 69 113.14 18.80 19.18
CA ALA FA 69 114.02 17.64 19.38
C ALA FA 69 114.13 17.38 20.87
N ARG FA 70 113.36 16.41 21.37
CA ARG FA 70 113.36 16.08 22.78
C ARG FA 70 114.40 15.01 23.07
N SER FA 71 115.10 15.16 24.20
CA SER FA 71 116.15 14.22 24.60
C SER FA 71 116.06 14.08 26.12
N THR FA 72 115.76 12.87 26.59
CA THR FA 72 115.51 12.63 28.00
C THR FA 72 116.53 11.65 28.58
N VAL FA 73 116.94 11.94 29.82
CA VAL FA 73 117.80 11.05 30.60
C VAL FA 73 117.11 10.87 31.95
N ILE FA 74 117.01 9.64 32.42
CA ILE FA 74 116.50 9.35 33.75
C ILE FA 74 117.55 8.53 34.49
N LEU FA 75 118.13 9.11 35.54
CA LEU FA 75 119.03 8.39 36.42
C LEU FA 75 118.19 7.79 37.55
N LYS FA 76 118.28 6.47 37.72
CA LYS FA 76 117.60 5.79 38.80
C LYS FA 76 118.58 5.49 39.92
N SER FA 77 118.05 5.29 41.12
CA SER FA 77 118.88 5.03 42.30
C SER FA 77 118.06 4.23 43.30
N PRO FA 78 118.33 2.94 43.45
CA PRO FA 78 117.57 2.13 44.42
C PRO FA 78 117.87 2.55 45.85
N LYS FA 79 116.89 2.34 46.72
CA LYS FA 79 117.08 2.60 48.14
C LYS FA 79 116.15 1.69 48.93
N THR FA 80 116.69 1.07 49.98
CA THR FA 80 115.91 0.24 50.87
C THR FA 80 115.51 1.03 52.10
N LEU FA 81 114.28 0.83 52.56
CA LEU FA 81 113.70 1.65 53.60
C LEU FA 81 113.86 1.00 54.98
N ALA FA 82 113.38 1.71 56.00
CA ALA FA 82 113.45 1.23 57.38
C ALA FA 82 112.50 0.08 57.66
N ASN FA 83 111.56 -0.19 56.75
CA ASN FA 83 110.68 -1.34 56.86
C ASN FA 83 111.10 -2.48 55.95
N GLY FA 84 112.20 -2.35 55.22
CA GLY FA 84 112.70 -3.39 54.36
C GLY FA 84 112.24 -3.31 52.92
N ASN FA 85 111.30 -2.43 52.61
CA ASN FA 85 110.82 -2.29 51.24
C ASN FA 85 111.86 -1.58 50.38
N ARG FA 86 111.75 -1.77 49.07
CA ARG FA 86 112.66 -1.18 48.10
C ARG FA 86 111.91 -0.14 47.30
N THR FA 87 112.51 1.03 47.12
CA THR FA 87 111.98 2.10 46.28
C THR FA 87 113.09 2.65 45.39
N VAL FA 88 112.72 3.55 44.49
CA VAL FA 88 113.66 4.14 43.54
C VAL FA 88 113.55 5.65 43.62
N ASN FA 89 114.69 6.33 43.72
CA ASN FA 89 114.78 7.77 43.55
C ASN FA 89 115.24 8.05 42.12
N THR FA 90 114.73 9.12 41.53
CA THR FA 90 115.03 9.42 40.14
C THR FA 90 115.45 10.86 39.96
N VAL FA 91 116.32 11.08 38.97
CA VAL FA 91 116.58 12.40 38.42
C VAL FA 91 116.22 12.37 36.95
N SER FA 92 115.29 13.23 36.54
CA SER FA 92 114.88 13.30 35.14
C SER FA 92 115.35 14.61 34.53
N ILE FA 93 116.04 14.52 33.41
CA ILE FA 93 116.55 15.68 32.68
C ILE FA 93 116.01 15.60 31.26
N GLN FA 94 115.19 16.56 30.88
CA GLN FA 94 114.67 16.64 29.52
C GLN FA 94 115.19 17.90 28.85
N LEU FA 95 115.79 17.74 27.68
CA LEU FA 95 116.26 18.85 26.86
C LEU FA 95 115.33 18.92 25.65
N SER FA 96 114.72 20.09 25.46
CA SER FA 96 113.75 20.29 24.38
C SER FA 96 114.12 21.56 23.64
N VAL FA 97 114.81 21.39 22.52
CA VAL FA 97 115.23 22.51 21.71
C VAL FA 97 114.59 22.39 20.33
N ASP FA 98 114.54 23.51 19.61
CA ASP FA 98 114.10 23.52 18.22
C ASP FA 98 115.23 23.00 17.35
N PRO FA 99 114.91 22.38 16.22
CA PRO FA 99 115.97 21.83 15.34
C PRO FA 99 116.93 22.88 14.82
N GLU FA 100 116.51 24.13 14.71
CA GLU FA 100 117.35 25.23 14.23
C GLU FA 100 118.38 25.67 15.25
N THR FA 101 118.30 25.16 16.48
CA THR FA 101 119.25 25.53 17.52
C THR FA 101 120.65 25.04 17.20
N THR FA 102 121.64 25.87 17.46
CA THR FA 102 123.03 25.53 17.23
C THR FA 102 123.61 24.78 18.42
N ALA FA 103 124.79 24.19 18.21
CA ALA FA 103 125.43 23.42 19.26
C ALA FA 103 125.87 24.30 20.42
N ALA FA 104 126.31 25.53 20.12
CA ALA FA 104 126.76 26.43 21.18
C ALA FA 104 125.62 26.85 22.09
N GLU FA 105 124.44 27.11 21.53
CA GLU FA 105 123.27 27.40 22.34
C GLU FA 105 122.92 26.23 23.26
N VAL FA 106 123.00 25.01 22.71
CA VAL FA 106 122.65 23.82 23.48
C VAL FA 106 123.65 23.62 24.62
N THR FA 107 124.94 23.84 24.35
CA THR FA 107 125.92 23.61 25.40
C THR FA 107 125.84 24.70 26.45
N THR FA 108 125.42 25.92 26.05
CA THR FA 108 125.15 26.95 27.04
C THR FA 108 123.99 26.56 27.95
N MET FA 109 122.90 26.07 27.35
CA MET FA 109 121.76 25.61 28.14
C MET FA 109 122.16 24.48 29.08
N LEU FA 110 122.95 23.54 28.58
CA LEU FA 110 123.36 22.41 29.40
C LEU FA 110 124.26 22.86 30.54
N ASN FA 111 125.16 23.83 30.28
CA ASN FA 111 126.01 24.34 31.34
C ASN FA 111 125.19 25.02 32.42
N ALA FA 112 124.21 25.83 32.03
CA ALA FA 112 123.35 26.49 33.01
C ALA FA 112 122.55 25.47 33.83
N ALA FA 113 121.99 24.47 33.15
CA ALA FA 113 121.19 23.46 33.84
C ALA FA 113 122.05 22.62 34.78
N ALA FA 114 123.26 22.26 34.37
CA ALA FA 114 124.17 21.55 35.26
C ALA FA 114 124.57 22.40 36.45
N GLN FA 115 124.80 23.69 36.23
CA GLN FA 115 125.10 24.60 37.33
C GLN FA 115 123.96 24.61 38.34
N LEU FA 116 122.72 24.58 37.86
CA LEU FA 116 121.58 24.51 38.78
C LEU FA 116 121.32 23.06 39.17
N LEU FA 117 122.41 22.34 39.48
CA LEU FA 117 122.29 20.99 40.01
C LEU FA 117 123.29 20.78 41.15
N PHE FA 118 124.46 21.41 41.05
CA PHE FA 118 125.53 21.21 42.00
C PHE FA 118 126.02 22.48 42.67
N ASP FA 119 125.56 23.66 42.23
CA ASP FA 119 125.93 24.90 42.88
C ASP FA 119 125.43 24.90 44.32
N SER FA 120 126.30 25.34 45.23
CA SER FA 120 125.99 25.29 46.65
C SER FA 120 124.81 26.17 47.00
N ASP FA 121 124.51 27.15 46.15
CA ASP FA 121 123.38 28.05 46.37
C ASP FA 121 122.06 27.27 46.37
N TYR FA 122 121.92 26.35 45.43
CA TYR FA 122 120.74 25.50 45.37
C TYR FA 122 121.00 24.16 46.03
N SER FA 123 121.19 24.14 47.35
CA SER FA 123 121.34 22.89 48.07
C SER FA 123 120.13 22.65 48.95
N ASP FA 124 119.69 23.70 49.65
CA ASP FA 124 118.47 23.60 50.45
C ASP FA 124 117.25 23.33 49.58
N PHE FA 125 117.28 23.71 48.31
CA PHE FA 125 116.16 23.46 47.42
C PHE FA 125 116.01 21.99 47.05
N TRP FA 126 117.12 21.26 46.89
CA TRP FA 126 117.05 19.86 46.49
C TRP FA 126 116.86 18.95 47.69
N LYS FA 127 117.65 19.15 48.74
CA LYS FA 127 117.60 18.25 49.89
C LYS FA 127 116.52 18.69 50.88
N ALA FA 128 116.55 19.95 51.30
CA ALA FA 128 115.56 20.42 52.26
C ALA FA 128 114.25 20.81 51.60
N GLN FA 129 114.20 20.83 50.27
CA GLN FA 129 113.00 21.23 49.52
C GLN FA 129 112.55 22.64 49.90
N ALA FA 130 113.51 23.53 50.11
CA ALA FA 130 113.27 24.88 50.58
C ALA FA 130 113.32 25.84 49.40
N LEU FA 131 112.16 26.36 49.01
CA LEU FA 131 112.07 27.28 47.88
C LEU FA 131 112.85 28.57 48.13
N ALA FA 132 112.85 29.06 49.36
CA ALA FA 132 113.56 30.28 49.68
C ALA FA 132 113.96 30.35 51.14
N ALA GA 1 99.54 76.89 39.93
CA ALA GA 1 98.53 75.87 39.69
C ALA GA 1 98.91 74.97 38.51
N ILE GA 2 97.93 74.26 37.97
CA ILE GA 2 98.19 73.32 36.89
C ILE GA 2 98.70 74.04 35.64
N ALA GA 3 98.05 75.14 35.27
CA ALA GA 3 98.47 75.90 34.11
C ALA GA 3 99.83 76.54 34.34
N ASN GA 4 100.74 76.35 33.39
CA ASN GA 4 102.10 76.89 33.45
C ASN GA 4 102.87 76.36 34.66
N SER GA 5 102.53 75.14 35.08
CA SER GA 5 103.31 74.45 36.11
C SER GA 5 104.54 73.84 35.46
N SER GA 6 105.66 73.91 36.17
CA SER GA 6 106.93 73.40 35.64
C SER GA 6 107.27 72.06 36.27
N ILE GA 7 107.71 71.12 35.44
CA ILE GA 7 108.13 69.79 35.89
C ILE GA 7 109.54 69.55 35.37
N ALA GA 8 110.43 69.10 36.25
CA ALA GA 8 111.83 68.85 35.89
C ALA GA 8 111.96 67.41 35.41
N ILE GA 9 112.07 67.24 34.10
CA ILE GA 9 112.16 65.92 33.49
C ILE GA 9 113.55 65.34 33.71
N ASP GA 10 113.61 64.03 33.96
CA ASP GA 10 114.86 63.30 34.17
C ASP GA 10 115.64 63.88 35.35
N SER GA 11 115.03 63.74 36.52
CA SER GA 11 115.54 64.37 37.72
C SER GA 11 115.67 63.34 38.84
N THR GA 12 116.58 63.62 39.76
CA THR GA 12 116.70 62.81 40.95
C THR GA 12 115.76 63.35 42.04
N ALA GA 13 114.96 62.46 42.61
CA ALA GA 13 113.98 62.81 43.63
C ALA GA 13 114.53 62.37 44.98
N SER GA 14 114.86 63.34 45.82
CA SER GA 14 115.31 63.04 47.18
C SER GA 14 114.13 63.12 48.14
N VAL GA 15 114.39 62.80 49.40
CA VAL GA 15 113.39 62.97 50.45
C VAL GA 15 114.09 63.12 51.79
N THR GA 16 113.78 64.19 52.52
CA THR GA 16 114.39 64.45 53.83
C THR GA 16 113.32 64.97 54.77
N GLY GA 17 112.62 64.06 55.46
CA GLY GA 17 111.74 64.47 56.52
C GLY GA 17 111.89 63.68 57.81
N GLY GA 18 112.49 62.50 57.73
CA GLY GA 18 112.60 61.63 58.88
C GLY GA 18 111.45 60.67 59.00
N THR GA 19 111.29 60.07 60.18
CA THR GA 19 110.23 59.10 60.46
C THR GA 19 110.32 57.91 59.50
N ALA GA 20 111.44 57.20 59.58
CA ALA GA 20 111.71 56.08 58.68
C ALA GA 20 110.92 54.84 59.10
N ARG GA 21 109.72 54.69 58.56
CA ARG GA 21 108.90 53.52 58.85
C ARG GA 21 109.40 52.32 58.05
N THR GA 22 108.71 51.19 58.22
CA THR GA 22 109.09 49.94 57.59
C THR GA 22 107.87 49.29 56.96
N VAL GA 23 107.99 48.90 55.69
CA VAL GA 23 106.93 48.16 55.02
C VAL GA 23 107.11 46.68 55.34
N LYS GA 24 106.15 46.10 56.04
CA LYS GA 24 106.17 44.68 56.38
C LYS GA 24 105.06 43.98 55.62
N GLU GA 25 105.39 42.89 54.95
CA GLU GA 25 104.38 42.21 54.15
C GLU GA 25 103.45 41.40 55.04
N LEU GA 26 102.20 41.26 54.59
CA LEU GA 26 101.18 40.54 55.34
C LEU GA 26 100.84 39.23 54.64
N VAL GA 27 100.35 39.28 53.41
CA VAL GA 27 99.97 38.09 52.66
C VAL GA 27 100.49 38.24 51.23
N ARG GA 28 100.17 37.26 50.41
CA ARG GA 28 100.62 37.28 49.02
C ARG GA 28 99.49 37.07 48.01
N ASN GA 29 98.48 36.25 48.35
CA ASN GA 29 97.45 35.75 47.43
C ASN GA 29 97.90 35.67 45.97
N ASN GA 30 97.00 35.99 45.05
CA ASN GA 30 97.20 35.68 43.63
C ASN GA 30 97.96 36.82 42.96
N SER GA 31 99.26 36.61 42.73
CA SER GA 31 100.10 37.55 41.99
C SER GA 31 100.01 38.96 42.58
N GLU GA 32 99.97 39.01 43.91
CA GLU GA 32 99.77 40.25 44.64
C GLU GA 32 100.74 40.27 45.82
N LEU GA 33 100.78 41.38 46.53
CA LEU GA 33 101.58 41.49 47.73
C LEU GA 33 100.98 42.54 48.67
N ASN GA 34 100.23 42.09 49.66
CA ASN GA 34 99.61 43.01 50.61
C ASN GA 34 100.55 43.22 51.79
N ALA GA 35 100.98 44.46 51.99
CA ALA GA 35 101.87 44.83 53.07
C ALA GA 35 101.20 45.90 53.94
N TYR GA 36 101.95 46.42 54.90
CA TYR GA 36 101.47 47.48 55.77
C TYR GA 36 102.65 48.24 56.31
N ILE GA 37 102.43 49.52 56.63
CA ILE GA 37 103.49 50.38 57.14
C ILE GA 37 103.45 50.33 58.66
N ASP GA 38 104.61 50.02 59.27
CA ASP GA 38 104.68 49.83 60.72
C ASP GA 38 104.99 51.17 61.38
N GLU GA 39 103.92 51.86 61.77
CA GLU GA 39 104.03 53.10 62.52
C GLU GA 39 103.55 52.99 63.95
N GLY GA 40 103.25 51.79 64.42
CA GLY GA 40 102.77 51.58 65.77
C GLY GA 40 101.30 51.87 66.00
N LEU GA 41 100.50 51.97 64.95
CA LEU GA 41 99.08 52.27 65.08
C LEU GA 41 98.31 51.02 65.48
N SER GA 42 96.99 51.14 65.53
CA SER GA 42 96.14 50.00 65.84
C SER GA 42 96.11 49.02 64.68
N PHE GA 43 95.41 47.90 64.90
CA PHE GA 43 95.37 46.85 63.88
C PHE GA 43 94.51 47.26 62.70
N GLN GA 44 93.32 47.81 62.96
CA GLN GA 44 92.46 48.32 61.90
C GLN GA 44 92.59 49.83 61.74
N ALA GA 45 93.78 50.36 62.05
CA ALA GA 45 94.06 51.78 61.78
C ALA GA 45 95.41 51.95 61.09
N ARG GA 46 96.11 50.87 60.76
CA ARG GA 46 97.41 50.94 60.10
C ARG GA 46 97.24 51.24 58.62
N LYS GA 47 98.31 51.72 57.99
CA LYS GA 47 98.30 51.99 56.55
C LYS GA 47 98.81 50.76 55.82
N GLU GA 48 97.94 50.10 55.07
CA GLU GA 48 98.30 48.92 54.28
C GLU GA 48 98.47 49.34 52.83
N VAL GA 49 99.60 48.97 52.24
CA VAL GA 49 99.82 49.22 50.82
C VAL GA 49 99.93 47.89 50.08
N ALA GA 50 99.14 47.74 49.03
CA ALA GA 50 99.09 46.52 48.24
C ALA GA 50 99.78 46.72 46.89
N PHE GA 51 100.63 45.76 46.54
CA PHE GA 51 101.36 45.72 45.27
C PHE GA 51 100.79 44.61 44.41
N SER GA 52 100.76 44.83 43.10
CA SER GA 52 100.25 43.81 42.19
C SER GA 52 100.91 43.93 40.82
N VAL GA 53 101.09 42.78 40.16
CA VAL GA 53 101.71 42.73 38.85
C VAL GA 53 100.77 42.02 37.87
N LYS GA 54 100.81 42.48 36.63
CA LYS GA 54 100.02 41.95 35.52
C LYS GA 54 100.94 41.89 34.29
N VAL GA 55 101.98 41.05 34.41
CA VAL GA 55 102.95 40.74 33.37
C VAL GA 55 102.28 40.49 32.02
N PRO GA 56 102.99 40.72 30.90
CA PRO GA 56 102.35 40.62 29.58
C PRO GA 56 101.98 39.19 29.21
N LYS GA 57 101.05 39.08 28.28
CA LYS GA 57 100.56 37.80 27.77
C LYS GA 57 100.54 37.86 26.26
N VAL GA 58 101.10 36.84 25.60
CA VAL GA 58 101.29 36.86 24.16
C VAL GA 58 99.95 36.84 23.45
N SER GA 59 99.61 37.95 22.80
CA SER GA 59 98.39 38.09 22.03
C SER GA 59 98.72 38.14 20.54
N VAL GA 60 97.69 38.24 19.70
CA VAL GA 60 97.86 38.45 18.27
C VAL GA 60 97.53 39.89 17.88
N SER GA 61 96.72 40.56 18.68
CA SER GA 61 96.45 41.99 18.66
C SER GA 61 97.62 42.68 19.36
N ALA GA 62 97.38 43.91 19.86
CA ALA GA 62 98.41 44.64 20.60
C ALA GA 62 99.57 45.02 19.69
N PRO GA 63 99.43 46.12 18.94
CA PRO GA 63 100.37 46.42 17.84
C PRO GA 63 101.77 46.71 18.36
N GLY GA 64 102.55 45.64 18.46
CA GLY GA 64 103.80 45.58 19.20
C GLY GA 64 103.99 44.17 19.70
N GLY GA 65 102.97 43.34 19.54
CA GLY GA 65 103.07 41.92 19.75
C GLY GA 65 102.17 41.36 20.82
N PHE GA 66 102.09 42.02 21.97
CA PHE GA 66 101.32 41.53 23.11
C PHE GA 66 101.17 42.61 24.17
N THR GA 67 100.22 42.37 25.08
CA THR GA 67 99.71 43.38 26.00
C THR GA 67 100.80 43.97 26.87
N GLN GA 68 100.51 45.13 27.45
CA GLN GA 68 101.45 45.83 28.29
C GLN GA 68 101.57 45.16 29.65
N ALA GA 69 102.65 45.50 30.36
CA ALA GA 69 102.93 44.96 31.68
C ALA GA 69 102.53 45.98 32.72
N ARG GA 70 101.45 45.72 33.46
CA ARG GA 70 100.98 46.74 34.40
C ARG GA 70 101.38 46.41 35.83
N SER GA 71 101.70 47.46 36.59
CA SER GA 71 102.09 47.34 37.99
C SER GA 71 101.22 48.31 38.79
N THR GA 72 100.52 47.80 39.79
CA THR GA 72 99.62 48.61 40.58
C THR GA 72 100.06 48.68 42.05
N VAL GA 73 99.91 49.88 42.62
CA VAL GA 73 100.17 50.11 44.04
C VAL GA 73 98.98 50.88 44.61
N ILE GA 74 98.34 50.32 45.64
CA ILE GA 74 97.25 51.01 46.32
C ILE GA 74 97.63 51.22 47.78
N LEU GA 75 97.65 52.48 48.21
CA LEU GA 75 97.96 52.83 49.59
C LEU GA 75 96.65 53.16 50.29
N LYS GA 76 96.29 52.36 51.28
CA LYS GA 76 95.05 52.57 52.01
C LYS GA 76 95.35 53.17 53.38
N SER GA 77 94.91 54.41 53.59
CA SER GA 77 95.07 55.10 54.87
C SER GA 77 93.70 55.19 55.53
N PRO GA 78 93.47 54.51 56.66
CA PRO GA 78 92.16 54.59 57.30
C PRO GA 78 92.00 55.89 58.07
N LYS GA 79 90.75 56.30 58.27
CA LYS GA 79 90.44 57.55 58.93
C LYS GA 79 89.11 57.44 59.65
N THR GA 80 89.07 57.88 60.90
CA THR GA 80 87.86 57.91 61.71
C THR GA 80 87.21 59.27 61.55
N LEU GA 81 85.95 59.27 61.09
CA LEU GA 81 85.25 60.53 60.86
C LEU GA 81 84.65 61.08 62.15
N ALA GA 82 84.22 62.34 62.10
CA ALA GA 82 83.61 62.97 63.26
C ALA GA 82 82.30 62.29 63.64
N ASN GA 83 81.50 61.89 62.63
CA ASN GA 83 80.25 61.19 62.90
C ASN GA 83 80.48 59.89 63.67
N GLY GA 84 81.68 59.33 63.59
CA GLY GA 84 82.01 58.17 64.39
C GLY GA 84 82.44 56.97 63.60
N ASN GA 85 81.91 56.83 62.38
CA ASN GA 85 82.24 55.69 61.54
C ASN GA 85 83.65 55.83 60.99
N ARG GA 86 84.06 54.84 60.21
CA ARG GA 86 85.41 54.71 59.68
C ARG GA 86 85.36 54.60 58.17
N THR GA 87 86.33 55.22 57.52
CA THR GA 87 86.43 55.18 56.06
C THR GA 87 87.90 54.99 55.71
N VAL GA 88 88.18 54.69 54.44
CA VAL GA 88 89.55 54.53 53.97
C VAL GA 88 89.79 55.52 52.84
N ASN GA 89 90.91 56.21 52.89
CA ASN GA 89 91.35 57.15 51.86
C ASN GA 89 92.47 56.45 51.09
N THR GA 90 92.30 56.33 49.78
CA THR GA 90 93.19 55.49 48.99
C THR GA 90 93.96 56.32 47.96
N VAL GA 91 95.15 55.82 47.61
CA VAL GA 91 95.95 56.39 46.53
C VAL GA 91 96.42 55.27 45.62
N SER GA 92 95.73 55.06 44.51
CA SER GA 92 96.12 54.01 43.57
C SER GA 92 97.05 54.57 42.51
N ILE GA 93 98.01 53.74 42.10
CA ILE GA 93 98.98 54.10 41.07
C ILE GA 93 99.16 52.91 40.14
N GLN GA 94 99.11 53.13 38.83
CA GLN GA 94 99.23 52.08 37.84
C GLN GA 94 100.24 52.49 36.77
N LEU GA 95 100.97 51.50 36.24
CA LEU GA 95 102.08 51.72 35.32
C LEU GA 95 101.94 50.81 34.09
N SER GA 96 100.79 50.87 33.44
CA SER GA 96 100.56 50.11 32.22
C SER GA 96 101.49 50.64 31.13
N VAL GA 97 102.61 49.94 30.92
CA VAL GA 97 103.59 50.31 29.92
C VAL GA 97 103.90 49.11 29.04
N ASP GA 98 104.22 49.38 27.79
CA ASP GA 98 104.47 48.31 26.82
C ASP GA 98 105.75 47.57 27.21
N PRO GA 99 105.74 46.23 27.12
CA PRO GA 99 106.89 45.45 27.64
C PRO GA 99 108.21 45.71 26.94
N GLU GA 100 108.20 46.27 25.73
CA GLU GA 100 109.43 46.61 25.04
C GLU GA 100 110.08 47.87 25.58
N THR GA 101 109.47 48.50 26.59
CA THR GA 101 109.98 49.75 27.12
C THR GA 101 111.27 49.54 27.90
N THR GA 102 112.25 50.38 27.63
CA THR GA 102 113.50 50.35 28.38
C THR GA 102 113.30 50.89 29.78
N ALA GA 103 114.24 50.56 30.68
CA ALA GA 103 114.15 50.98 32.07
C ALA GA 103 114.45 52.46 32.25
N ALA GA 104 115.22 53.07 31.35
CA ALA GA 104 115.50 54.50 31.46
C ALA GA 104 114.24 55.33 31.26
N GLU GA 105 113.43 55.00 30.26
CA GLU GA 105 112.20 55.73 30.04
C GLU GA 105 111.19 55.45 31.14
N VAL GA 106 111.20 54.23 31.70
CA VAL GA 106 110.35 53.93 32.85
C VAL GA 106 110.75 54.80 34.04
N THR GA 107 112.06 54.95 34.26
CA THR GA 107 112.53 55.83 35.33
C THR GA 107 112.11 57.28 35.07
N THR GA 108 112.21 57.72 33.81
CA THR GA 108 111.76 59.07 33.47
C THR GA 108 110.29 59.26 33.79
N MET GA 109 109.46 58.30 33.41
CA MET GA 109 108.03 58.38 33.66
C MET GA 109 107.73 58.36 35.16
N LEU GA 110 108.44 57.53 35.90
CA LEU GA 110 108.21 57.43 37.35
C LEU GA 110 108.60 58.73 38.04
N ASN GA 111 109.70 59.35 37.61
CA ASN GA 111 110.11 60.62 38.19
C ASN GA 111 109.12 61.73 37.82
N ALA GA 112 108.64 61.73 36.58
CA ALA GA 112 107.69 62.75 36.16
C ALA GA 112 106.37 62.62 36.91
N ALA GA 113 105.86 61.41 37.04
CA ALA GA 113 104.64 61.16 37.80
C ALA GA 113 104.79 61.45 39.28
N ALA GA 114 105.90 61.02 39.89
CA ALA GA 114 106.13 61.32 41.30
C ALA GA 114 106.52 62.77 41.52
N GLN GA 115 106.89 63.50 40.46
CA GLN GA 115 107.09 64.94 40.57
C GLN GA 115 105.78 65.67 40.81
N LEU GA 116 104.67 65.14 40.30
CA LEU GA 116 103.35 65.47 40.79
C LEU GA 116 103.21 64.87 42.19
N LEU GA 117 102.12 65.23 42.87
CA LEU GA 117 101.81 64.73 44.22
C LEU GA 117 102.70 65.36 45.30
N PHE GA 118 103.76 66.08 44.93
CA PHE GA 118 104.49 66.80 45.96
C PHE GA 118 104.92 68.18 45.48
N ASP GA 119 104.67 68.48 44.21
CA ASP GA 119 104.97 69.82 43.72
C ASP GA 119 103.93 70.80 44.26
N SER GA 120 104.39 72.02 44.52
CA SER GA 120 103.51 73.03 45.09
C SER GA 120 102.40 73.46 44.15
N ASP GA 121 102.62 73.34 42.83
CA ASP GA 121 101.60 73.77 41.87
C ASP GA 121 100.33 72.95 41.99
N TYR GA 122 100.46 71.66 42.25
CA TYR GA 122 99.33 70.74 42.27
C TYR GA 122 98.73 70.55 43.65
N SER GA 123 99.20 71.30 44.66
CA SER GA 123 98.65 71.21 46.00
C SER GA 123 97.14 71.45 46.00
N ASP GA 124 96.69 72.51 45.34
CA ASP GA 124 95.27 72.83 45.33
C ASP GA 124 94.48 71.79 44.55
N PHE GA 125 95.07 71.25 43.49
CA PHE GA 125 94.39 70.20 42.72
C PHE GA 125 94.16 68.96 43.57
N TRP GA 126 95.19 68.53 44.30
CA TRP GA 126 95.06 67.33 45.11
C TRP GA 126 94.21 67.55 46.35
N LYS GA 127 94.16 68.78 46.88
CA LYS GA 127 93.46 69.03 48.14
C LYS GA 127 92.05 69.57 47.91
N ALA GA 128 91.90 70.71 47.23
CA ALA GA 128 90.59 71.31 47.01
C ALA GA 128 89.99 70.97 45.66
N GLN GA 129 90.66 70.14 44.86
CA GLN GA 129 90.19 69.74 43.53
C GLN GA 129 90.10 70.95 42.58
N ALA GA 130 91.03 71.89 42.75
CA ALA GA 130 91.07 73.09 41.93
C ALA GA 130 91.71 72.75 40.59
N LEU GA 131 90.87 72.29 39.65
CA LEU GA 131 91.31 72.02 38.30
C LEU GA 131 91.82 73.30 37.64
N ALA GA 132 90.93 74.27 37.48
CA ALA GA 132 91.31 75.57 36.96
C ALA GA 132 91.87 76.42 38.09
N ALA HA 1 25.73 125.15 24.67
CA ALA HA 1 26.74 126.19 24.83
C ALA HA 1 28.11 125.66 24.40
N ILE HA 2 28.12 124.41 23.93
CA ILE HA 2 29.30 123.86 23.27
C ILE HA 2 29.26 124.30 21.82
N ALA HA 3 29.84 125.45 21.54
CA ALA HA 3 29.83 126.01 20.20
C ALA HA 3 30.97 127.01 20.08
N ASN HA 4 30.67 128.29 20.28
CA ASN HA 4 31.74 129.27 20.43
C ASN HA 4 31.97 129.55 21.91
N SER HA 5 32.42 128.52 22.64
CA SER HA 5 32.73 128.65 24.07
C SER HA 5 34.09 129.30 24.26
N SER HA 6 34.66 129.20 25.45
CA SER HA 6 35.99 129.72 25.69
C SER HA 6 36.65 128.93 26.82
N ILE HA 7 37.91 128.56 26.59
CA ILE HA 7 38.70 127.82 27.57
C ILE HA 7 40.11 128.38 27.61
N ALA HA 8 40.64 128.60 28.80
CA ALA HA 8 42.02 129.07 28.95
C ALA HA 8 42.95 127.87 28.91
N ILE HA 9 43.95 127.92 28.04
CA ILE HA 9 44.90 126.81 27.88
C ILE HA 9 46.23 127.21 28.51
N ASP HA 10 46.81 126.28 29.26
CA ASP HA 10 48.04 126.52 30.02
C ASP HA 10 47.82 127.62 31.07
N SER HA 11 46.87 127.39 31.95
CA SER HA 11 46.48 128.34 32.98
C SER HA 11 46.42 127.66 34.34
N THR HA 12 46.51 128.46 35.39
CA THR HA 12 46.43 127.96 36.76
C THR HA 12 45.00 128.08 37.27
N ALA HA 13 44.53 127.02 37.92
CA ALA HA 13 43.18 126.96 38.45
C ALA HA 13 43.22 127.06 39.97
N SER HA 14 42.21 127.72 40.53
CA SER HA 14 42.16 127.97 41.96
C SER HA 14 40.74 127.73 42.46
N VAL HA 15 40.61 127.63 43.78
CA VAL HA 15 39.35 127.35 44.43
C VAL HA 15 39.19 128.31 45.61
N THR HA 16 38.01 128.93 45.72
CA THR HA 16 37.70 129.83 46.81
C THR HA 16 36.43 129.38 47.51
N GLY HA 17 36.37 129.61 48.81
CA GLY HA 17 35.19 129.26 49.58
C GLY HA 17 35.08 127.77 49.83
N GLY HA 18 33.83 127.32 50.02
CA GLY HA 18 33.58 125.92 50.31
C GLY HA 18 34.00 125.55 51.71
N THR HA 19 34.03 124.24 51.97
CA THR HA 19 34.39 123.70 53.27
C THR HA 19 35.45 122.62 53.06
N ALA HA 20 36.67 122.91 53.48
CA ALA HA 20 37.79 121.99 53.33
C ALA HA 20 37.52 120.68 54.07
N ARG HA 21 37.36 119.59 53.32
CA ARG HA 21 37.18 118.27 53.88
C ARG HA 21 38.52 117.55 53.89
N THR HA 22 38.52 116.24 54.17
CA THR HA 22 39.74 115.46 54.19
C THR HA 22 39.45 114.10 53.57
N VAL HA 23 40.38 113.61 52.75
CA VAL HA 23 40.24 112.33 52.07
C VAL HA 23 40.91 111.29 52.96
N LYS HA 24 40.11 110.52 53.68
CA LYS HA 24 40.64 109.47 54.54
C LYS HA 24 40.77 108.17 53.75
N GLU HA 25 41.96 107.58 53.78
CA GLU HA 25 42.26 106.39 53.01
C GLU HA 25 41.76 105.14 53.72
N LEU HA 26 41.14 104.24 52.95
CA LEU HA 26 40.45 103.10 53.53
C LEU HA 26 41.23 101.83 53.20
N VAL HA 27 41.42 101.51 51.93
CA VAL HA 27 42.07 100.26 51.52
C VAL HA 27 42.95 100.55 50.32
N ARG HA 28 44.17 100.04 50.35
CA ARG HA 28 45.16 100.24 49.29
C ARG HA 28 45.59 98.86 48.81
N ASN HA 29 45.01 98.40 47.71
CA ASN HA 29 45.32 97.06 47.21
C ASN HA 29 45.07 96.97 45.72
N ASN HA 30 45.76 96.02 45.09
CA ASN HA 30 45.50 95.62 43.71
C ASN HA 30 45.54 96.82 42.76
N SER HA 31 46.54 97.69 42.93
CA SER HA 31 46.72 98.90 42.12
C SER HA 31 45.55 99.87 42.32
N GLU HA 32 44.85 99.74 43.44
CA GLU HA 32 43.67 100.54 43.74
C GLU HA 32 43.78 101.11 45.15
N LEU HA 33 43.24 102.31 45.33
CA LEU HA 33 43.23 102.99 46.62
C LEU HA 33 41.79 103.48 46.82
N ASN HA 34 41.07 102.81 47.73
CA ASN HA 34 39.75 103.27 48.12
C ASN HA 34 39.87 104.25 49.27
N ALA HA 35 39.13 105.36 49.19
CA ALA HA 35 39.16 106.36 50.23
C ALA HA 35 37.76 106.98 50.31
N TYR HA 36 37.56 107.85 51.30
CA TYR HA 36 36.27 108.50 51.45
C TYR HA 36 36.51 109.94 51.89
N ILE HA 37 35.63 110.82 51.44
CA ILE HA 37 35.66 112.22 51.88
C ILE HA 37 34.89 112.33 53.17
N ASP HA 38 35.50 112.97 54.16
CA ASP HA 38 34.95 113.03 55.52
C ASP HA 38 34.19 114.34 55.65
N GLU HA 39 32.86 114.25 55.62
CA GLU HA 39 31.99 115.40 55.85
C GLU HA 39 31.14 115.24 57.10
N GLY HA 40 31.44 114.26 57.94
CA GLY HA 40 30.62 113.99 59.11
C GLY HA 40 29.25 113.48 58.74
N LEU HA 41 29.20 112.55 57.79
CA LEU HA 41 27.97 111.96 57.31
C LEU HA 41 27.90 110.50 57.76
N SER HA 42 26.79 109.85 57.45
CA SER HA 42 26.62 108.45 57.79
C SER HA 42 27.37 107.58 56.78
N PHE HA 43 27.54 106.30 57.10
CA PHE HA 43 28.23 105.39 56.21
C PHE HA 43 27.48 105.19 54.90
N GLN HA 44 26.16 105.16 54.94
CA GLN HA 44 25.33 105.02 53.74
C GLN HA 44 25.36 106.24 52.83
N ALA HA 45 25.76 107.40 53.33
CA ALA HA 45 25.93 108.56 52.48
C ALA HA 45 27.32 109.14 52.76
N ARG HA 46 28.32 108.55 52.13
CA ARG HA 46 29.69 109.02 52.20
C ARG HA 46 30.06 109.68 50.85
N LYS HA 47 31.30 110.00 50.57
CA LYS HA 47 31.72 110.48 49.26
C LYS HA 47 32.90 109.66 48.79
N GLU HA 48 32.75 108.33 48.82
CA GLU HA 48 33.83 107.42 48.47
C GLU HA 48 34.45 107.78 47.12
N VAL HA 49 35.78 107.78 47.08
CA VAL HA 49 36.54 108.04 45.86
C VAL HA 49 37.61 106.96 45.71
N ALA HA 50 37.71 106.40 44.52
CA ALA HA 50 38.63 105.32 44.21
C ALA HA 50 39.66 105.78 43.19
N PHE HA 51 40.94 105.58 43.52
CA PHE HA 51 42.06 105.93 42.67
C PHE HA 51 42.68 104.65 42.14
N SER HA 52 42.78 104.51 40.82
CA SER HA 52 43.32 103.31 40.22
C SER HA 52 44.42 103.70 39.23
N VAL HA 53 45.42 102.83 39.12
CA VAL HA 53 46.56 103.07 38.24
C VAL HA 53 46.81 101.81 37.43
N LYS HA 54 47.04 102.02 36.12
CA LYS HA 54 47.32 100.95 35.17
C LYS HA 54 48.62 101.32 34.45
N VAL HA 55 49.71 100.66 34.86
CA VAL HA 55 51.06 100.97 34.40
C VAL HA 55 51.29 100.44 32.99
N PRO HA 56 52.14 101.07 32.20
CA PRO HA 56 52.39 100.58 30.83
C PRO HA 56 53.16 99.27 30.82
N LYS HA 57 52.89 98.47 29.79
CA LYS HA 57 53.60 97.22 29.56
C LYS HA 57 54.16 97.21 28.15
N VAL HA 58 55.22 96.41 27.95
CA VAL HA 58 55.89 96.36 26.66
C VAL HA 58 54.96 95.75 25.62
N SER HA 59 55.03 96.28 24.40
CA SER HA 59 54.20 95.80 23.29
C SER HA 59 55.00 95.84 22.01
N VAL HA 60 54.40 95.32 20.94
CA VAL HA 60 54.96 95.42 19.60
C VAL HA 60 54.19 96.40 18.74
N SER HA 61 52.88 96.46 18.89
CA SER HA 61 52.01 97.52 18.37
C SER HA 61 52.14 98.72 19.31
N ALA HA 62 51.16 99.63 19.26
CA ALA HA 62 51.19 100.80 20.15
C ALA HA 62 52.40 101.66 19.80
N PRO HA 63 52.29 102.52 18.78
CA PRO HA 63 53.48 102.98 18.05
C PRO HA 63 54.44 103.79 18.91
N GLY HA 64 55.35 103.07 19.55
CA GLY HA 64 56.19 103.59 20.61
C GLY HA 64 56.54 102.49 21.59
N GLY HA 65 55.90 101.33 21.44
CA GLY HA 65 56.35 100.13 22.10
C GLY HA 65 55.59 99.77 23.36
N PHE HA 66 54.91 100.74 23.96
CA PHE HA 66 54.20 100.51 25.20
C PHE HA 66 52.74 100.93 25.10
N THR HA 67 51.90 100.21 25.84
CA THR HA 67 50.54 100.63 26.07
C THR HA 67 50.55 101.90 26.91
N GLN HA 68 49.43 102.62 26.89
CA GLN HA 68 49.36 103.90 27.58
C GLN HA 68 49.23 103.70 29.09
N ALA HA 69 49.76 104.64 29.84
CA ALA HA 69 49.62 104.68 31.30
C ALA HA 69 48.27 105.32 31.61
N ARG HA 70 47.45 104.61 32.38
CA ARG HA 70 46.11 105.08 32.71
C ARG HA 70 45.99 105.38 34.20
N SER HA 71 45.36 106.50 34.51
CA SER HA 71 45.06 106.89 35.89
C SER HA 71 43.56 107.21 35.96
N THR HA 72 42.84 106.48 36.80
CA THR HA 72 41.40 106.63 36.88
C THR HA 72 40.97 107.05 38.29
N VAL HA 73 40.07 108.02 38.34
CA VAL HA 73 39.48 108.42 39.61
C VAL HA 73 37.96 108.33 39.49
N ILE HA 74 37.33 107.59 40.38
CA ILE HA 74 35.88 107.52 40.43
C ILE HA 74 35.38 108.09 41.74
N LEU HA 75 34.56 109.13 41.66
CA LEU HA 75 33.95 109.76 42.84
C LEU HA 75 32.50 109.28 42.90
N LYS HA 76 32.10 108.74 44.04
CA LYS HA 76 30.74 108.23 44.20
C LYS HA 76 29.96 109.12 45.15
N SER HA 77 28.72 109.43 44.76
CA SER HA 77 27.86 110.32 45.54
C SER HA 77 26.52 109.63 45.80
N PRO HA 78 26.35 109.01 46.96
CA PRO HA 78 25.04 108.42 47.29
C PRO HA 78 23.93 109.44 47.36
N LYS HA 79 22.87 109.20 46.59
CA LYS HA 79 21.66 110.00 46.63
C LYS HA 79 20.51 109.13 47.11
N THR HA 80 19.61 109.72 47.88
CA THR HA 80 18.41 109.06 48.37
C THR HA 80 17.21 109.63 47.61
N LEU HA 81 16.42 108.75 47.01
CA LEU HA 81 15.36 109.14 46.11
C LEU HA 81 14.08 109.43 46.89
N ALA HA 82 13.05 109.88 46.17
CA ALA HA 82 11.79 110.23 46.81
C ALA HA 82 11.13 109.01 47.43
N ASN HA 83 11.11 107.88 46.70
CA ASN HA 83 10.54 106.65 47.25
C ASN HA 83 11.35 106.16 48.43
N GLY HA 84 12.67 106.28 48.37
CA GLY HA 84 13.51 105.90 49.49
C GLY HA 84 14.62 104.96 49.13
N ASN HA 85 14.65 104.52 47.86
CA ASN HA 85 15.75 103.70 47.40
C ASN HA 85 17.03 104.53 47.27
N ARG HA 86 18.16 103.87 47.47
CA ARG HA 86 19.47 104.52 47.41
C ARG HA 86 20.12 104.26 46.07
N THR HA 87 20.56 105.33 45.41
CA THR HA 87 21.33 105.23 44.18
C THR HA 87 22.68 105.90 44.42
N VAL HA 88 23.63 105.62 43.53
CA VAL HA 88 24.95 106.24 43.60
C VAL HA 88 25.18 107.01 42.30
N ASN HA 89 25.54 108.29 42.42
CA ASN HA 89 25.91 109.14 41.30
C ASN HA 89 27.43 109.18 41.24
N THR HA 90 27.99 108.85 40.08
CA THR HA 90 29.44 108.74 39.94
C THR HA 90 29.98 109.71 38.90
N VAL HA 91 31.23 110.12 39.13
CA VAL HA 91 32.01 110.84 38.13
C VAL HA 91 33.32 110.10 37.92
N SER HA 92 33.57 109.64 36.69
CA SER HA 92 34.82 108.99 36.37
C SER HA 92 35.74 109.93 35.62
N ILE HA 93 37.02 109.90 35.96
CA ILE HA 93 38.05 110.71 35.30
C ILE HA 93 39.18 109.76 34.95
N GLN HA 94 39.33 109.47 33.66
CA GLN HA 94 40.35 108.56 33.16
C GLN HA 94 41.33 109.34 32.29
N LEU HA 95 42.59 109.29 32.65
CA LEU HA 95 43.66 109.94 31.89
C LEU HA 95 44.57 108.86 31.35
N SER HA 96 44.70 108.79 30.02
CA SER HA 96 45.57 107.84 29.36
C SER HA 96 46.62 108.61 28.59
N VAL HA 97 47.90 108.45 28.96
CA VAL HA 97 48.98 109.13 28.28
C VAL HA 97 50.03 108.12 27.82
N ASP HA 98 50.61 108.38 26.66
CA ASP HA 98 51.77 107.63 26.25
C ASP HA 98 52.92 107.94 27.22
N PRO HA 99 53.74 106.95 27.55
CA PRO HA 99 54.80 107.18 28.55
C PRO HA 99 55.83 108.22 28.13
N GLU HA 100 55.94 108.55 26.84
CA GLU HA 100 56.85 109.60 26.42
C GLU HA 100 56.36 110.99 26.78
N THR HA 101 55.11 111.12 27.23
CA THR HA 101 54.51 112.43 27.46
C THR HA 101 55.16 113.16 28.62
N THR HA 102 55.51 114.42 28.39
CA THR HA 102 56.16 115.24 29.41
C THR HA 102 55.15 115.63 30.48
N ALA HA 103 55.67 116.20 31.57
CA ALA HA 103 54.81 116.61 32.68
C ALA HA 103 54.04 117.88 32.34
N ALA HA 104 54.63 118.76 31.53
CA ALA HA 104 53.91 119.96 31.09
C ALA HA 104 52.73 119.61 30.19
N GLU HA 105 52.91 118.61 29.30
CA GLU HA 105 51.81 118.18 28.45
C GLU HA 105 50.69 117.56 29.26
N VAL HA 106 51.01 116.85 30.33
CA VAL HA 106 49.98 116.30 31.22
C VAL HA 106 49.31 117.42 32.00
N THR HA 107 50.08 118.42 32.46
CA THR HA 107 49.50 119.53 33.18
C THR HA 107 48.51 120.30 32.32
N THR HA 108 48.86 120.55 31.06
CA THR HA 108 47.95 121.24 30.15
C THR HA 108 46.66 120.46 29.97
N MET HA 109 46.78 119.15 29.78
CA MET HA 109 45.60 118.30 29.62
C MET HA 109 44.72 118.35 30.86
N LEU HA 110 45.33 118.24 32.04
CA LEU HA 110 44.58 118.25 33.29
C LEU HA 110 43.86 119.58 33.47
N ASN HA 111 44.55 120.68 33.19
CA ASN HA 111 43.94 121.99 33.38
C ASN HA 111 42.80 122.23 32.40
N ALA HA 112 42.97 121.84 31.14
CA ALA HA 112 41.87 121.98 30.18
C ALA HA 112 40.68 121.12 30.58
N ALA HA 113 40.94 119.88 31.01
CA ALA HA 113 39.84 119.01 31.42
C ALA HA 113 39.14 119.54 32.67
N ALA HA 114 39.86 120.25 33.54
CA ALA HA 114 39.23 120.82 34.72
C ALA HA 114 38.19 121.86 34.35
N GLN HA 115 38.54 122.80 33.48
CA GLN HA 115 37.56 123.76 32.99
C GLN HA 115 36.49 123.12 32.13
N LEU HA 116 36.78 121.94 31.55
CA LEU HA 116 35.75 121.26 30.77
C LEU HA 116 34.56 120.86 31.62
N LEU HA 117 34.73 120.73 32.94
CA LEU HA 117 33.61 120.34 33.80
C LEU HA 117 33.35 121.35 34.92
N PHE HA 118 33.87 122.57 34.81
CA PHE HA 118 33.40 123.62 35.70
C PHE HA 118 33.12 124.96 35.03
N ASP HA 119 33.47 125.15 33.75
CA ASP HA 119 33.15 126.40 33.07
C ASP HA 119 31.64 126.54 32.90
N SER HA 120 31.17 127.79 32.92
CA SER HA 120 29.74 128.05 33.08
C SER HA 120 28.94 127.61 31.85
N ASP HA 121 29.57 127.54 30.69
CA ASP HA 121 28.86 127.15 29.47
C ASP HA 121 28.44 125.69 29.54
N TYR HA 122 29.40 124.81 29.79
CA TYR HA 122 29.16 123.37 29.81
C TYR HA 122 28.22 122.99 30.94
N SER HA 123 27.82 123.97 31.76
CA SER HA 123 26.79 123.74 32.76
C SER HA 123 25.52 123.21 32.10
N ASP HA 124 25.19 123.67 30.89
CA ASP HA 124 24.02 123.13 30.22
C ASP HA 124 24.24 121.71 29.73
N PHE HA 125 25.48 121.34 29.42
CA PHE HA 125 25.76 119.99 28.95
C PHE HA 125 25.75 118.96 30.08
N TRP HA 126 26.22 119.33 31.26
CA TRP HA 126 26.30 118.37 32.36
C TRP HA 126 24.97 118.18 33.08
N LYS HA 127 24.24 119.27 33.31
CA LYS HA 127 22.96 119.20 34.02
C LYS HA 127 21.80 118.94 33.07
N ALA HA 128 21.61 119.82 32.08
CA ALA HA 128 20.49 119.68 31.16
C ALA HA 128 20.73 118.64 30.08
N GLN HA 129 21.95 118.12 29.95
CA GLN HA 129 22.29 117.14 28.92
C GLN HA 129 22.06 117.73 27.53
N ALA HA 130 22.43 119.00 27.38
CA ALA HA 130 22.14 119.79 26.19
C ALA HA 130 23.41 119.96 25.37
N LEU HA 131 23.44 119.34 24.18
CA LEU HA 131 24.60 119.42 23.32
C LEU HA 131 24.81 120.81 22.73
N ALA HA 132 23.73 121.57 22.54
CA ALA HA 132 23.85 122.94 22.08
C ALA HA 132 22.85 123.85 22.76
N ALA IA 1 49.80 113.17 49.31
CA ALA IA 1 49.04 112.85 48.10
C ALA IA 1 47.67 112.30 48.45
N ILE IA 2 47.29 111.20 47.82
CA ILE IA 2 46.04 110.53 48.17
C ILE IA 2 46.23 109.79 49.47
N ALA IA 3 45.81 110.41 50.58
CA ALA IA 3 46.05 109.87 51.91
C ALA IA 3 45.46 110.81 52.95
N ASN IA 4 45.83 112.08 52.91
CA ASN IA 4 45.34 113.09 53.85
C ASN IA 4 45.00 114.38 53.12
N SER IA 5 44.75 114.30 51.81
CA SER IA 5 44.51 115.49 51.02
C SER IA 5 43.17 116.13 51.38
N SER IA 6 43.08 117.43 51.17
CA SER IA 6 41.88 118.22 51.49
C SER IA 6 41.24 118.70 50.19
N ILE IA 7 39.93 118.52 50.10
CA ILE IA 7 39.14 118.99 48.96
C ILE IA 7 38.03 119.90 49.49
N ALA IA 8 37.90 121.09 48.89
CA ALA IA 8 36.93 122.08 49.35
C ALA IA 8 35.58 121.82 48.71
N ILE IA 9 34.70 121.14 49.43
CA ILE IA 9 33.38 120.78 48.92
C ILE IA 9 32.53 122.04 48.79
N ASP IA 10 31.80 122.14 47.68
CA ASP IA 10 30.88 123.25 47.41
C ASP IA 10 31.60 124.59 47.44
N SER IA 11 32.73 124.65 46.74
CA SER IA 11 33.50 125.87 46.58
C SER IA 11 33.31 126.41 45.17
N THR IA 12 33.99 127.51 44.87
CA THR IA 12 33.98 128.12 43.54
C THR IA 12 35.36 127.99 42.92
N ALA IA 13 35.42 127.38 41.74
CA ALA IA 13 36.68 127.16 41.03
C ALA IA 13 36.78 128.16 39.88
N SER IA 14 37.94 128.81 39.77
CA SER IA 14 38.19 129.80 38.73
C SER IA 14 39.53 129.53 38.08
N VAL IA 15 39.85 130.35 37.07
CA VAL IA 15 41.06 130.21 36.28
C VAL IA 15 41.67 131.58 36.06
N THR IA 16 43.00 131.67 36.18
CA THR IA 16 43.72 132.90 35.88
C THR IA 16 44.87 132.58 34.93
N GLY IA 17 45.29 133.59 34.16
CA GLY IA 17 46.37 133.39 33.21
C GLY IA 17 45.90 132.58 32.00
N GLY IA 18 46.89 132.12 31.23
CA GLY IA 18 46.62 131.27 30.08
C GLY IA 18 46.17 132.05 28.86
N THR IA 19 45.93 131.29 27.80
CA THR IA 19 45.39 131.83 26.55
C THR IA 19 43.97 131.30 26.35
N ALA IA 20 43.07 132.21 25.98
CA ALA IA 20 41.65 131.90 25.81
C ALA IA 20 41.43 131.41 24.38
N ARG IA 21 41.18 130.11 24.25
CA ARG IA 21 40.84 129.55 22.95
C ARG IA 21 39.33 129.38 22.84
N THR IA 22 38.86 129.23 21.60
CA THR IA 22 37.43 129.39 21.33
C THR IA 22 36.66 128.06 21.38
N VAL IA 23 37.28 126.98 20.90
CA VAL IA 23 36.61 125.69 20.71
C VAL IA 23 35.60 125.83 19.59
N LYS IA 24 35.76 125.03 18.54
CA LYS IA 24 34.92 125.13 17.35
C LYS IA 24 34.35 123.75 17.05
N GLU IA 25 33.04 123.69 16.81
CA GLU IA 25 32.41 122.41 16.54
C GLU IA 25 32.81 121.90 15.16
N LEU IA 26 33.12 120.61 15.08
CA LEU IA 26 33.45 119.97 13.81
C LEU IA 26 32.25 119.27 13.20
N VAL IA 27 31.73 118.26 13.89
CA VAL IA 27 30.75 117.34 13.34
C VAL IA 27 29.76 116.99 14.44
N ARG IA 28 28.50 116.80 14.04
CA ARG IA 28 27.43 116.48 14.96
C ARG IA 28 26.90 115.10 14.62
N ASN IA 29 25.79 114.72 15.25
CA ASN IA 29 25.11 113.45 15.05
C ASN IA 29 25.79 112.30 15.78
N ASN IA 30 25.03 111.54 16.55
CA ASN IA 30 23.71 111.94 17.00
C ASN IA 30 23.69 111.66 18.50
N SER IA 31 23.29 112.68 19.27
CA SER IA 31 23.60 112.71 20.70
C SER IA 31 25.11 112.59 20.91
N GLU IA 32 25.86 113.23 20.02
CA GLU IA 32 27.31 113.17 19.99
C GLU IA 32 27.86 114.39 19.27
N LEU IA 33 28.49 115.30 20.03
CA LEU IA 33 29.11 116.47 19.42
C LEU IA 33 30.62 116.26 19.31
N ASN IA 34 31.20 116.87 18.29
CA ASN IA 34 32.65 116.85 18.09
C ASN IA 34 33.13 118.26 17.83
N ALA IA 35 34.12 118.71 18.59
CA ALA IA 35 34.65 120.06 18.48
C ALA IA 35 36.16 119.98 18.49
N TYR IA 36 36.81 121.15 18.48
CA TYR IA 36 38.26 121.20 18.59
C TYR IA 36 38.63 122.56 19.15
N ILE IA 37 39.65 122.56 20.02
CA ILE IA 37 40.13 123.79 20.62
C ILE IA 37 41.08 124.46 19.64
N ASP IA 38 40.67 125.60 19.10
CA ASP IA 38 41.44 126.29 18.07
C ASP IA 38 42.52 127.15 18.72
N GLU IA 39 43.78 126.74 18.55
CA GLU IA 39 44.92 127.48 19.06
C GLU IA 39 45.94 127.74 17.95
N GLY IA 40 45.46 127.81 16.71
CA GLY IA 40 46.35 128.06 15.58
C GLY IA 40 47.36 126.97 15.33
N LEU IA 41 46.94 125.72 15.45
CA LEU IA 41 47.81 124.58 15.18
C LEU IA 41 47.36 123.87 13.91
N SER IA 42 48.15 122.89 13.49
CA SER IA 42 47.86 122.16 12.27
C SER IA 42 46.73 121.17 12.49
N PHE IA 43 46.31 120.52 11.40
CA PHE IA 43 45.18 119.61 11.46
C PHE IA 43 45.50 118.37 12.28
N GLN IA 44 46.74 117.90 12.26
CA GLN IA 44 47.12 116.71 13.01
C GLN IA 44 47.50 117.01 14.45
N ALA IA 45 47.65 118.28 14.82
CA ALA IA 45 48.14 118.65 16.14
C ALA IA 45 47.09 119.42 16.94
N ARG IA 46 45.83 119.38 16.52
CA ARG IA 46 44.78 120.11 17.20
C ARG IA 46 44.17 119.27 18.32
N LYS IA 47 43.58 119.95 19.31
CA LYS IA 47 43.09 119.33 20.54
C LYS IA 47 41.94 118.35 20.30
N GLU IA 48 40.81 118.82 19.74
CA GLU IA 48 39.67 117.96 19.41
C GLU IA 48 38.96 117.30 20.59
N VAL IA 49 38.23 118.07 21.40
CA VAL IA 49 37.40 117.53 22.46
C VAL IA 49 36.06 117.08 21.87
N ALA IA 50 35.56 115.93 22.31
CA ALA IA 50 34.27 115.38 21.89
C ALA IA 50 33.31 115.26 23.07
N PHE IA 51 32.02 115.43 22.77
CA PHE IA 51 30.96 115.45 23.78
C PHE IA 51 29.90 114.42 23.44
N SER IA 52 29.70 113.45 24.34
CA SER IA 52 28.72 112.40 24.14
C SER IA 52 27.61 112.53 25.18
N VAL IA 53 26.49 111.86 24.92
CA VAL IA 53 25.32 111.97 25.79
C VAL IA 53 24.47 110.70 25.68
N LYS IA 54 24.06 110.18 26.83
CA LYS IA 54 23.10 109.06 26.90
C LYS IA 54 21.93 109.53 27.75
N VAL IA 55 20.76 109.68 27.12
CA VAL IA 55 19.60 110.24 27.82
C VAL IA 55 19.05 109.21 28.78
N PRO IA 56 18.33 109.60 29.84
CA PRO IA 56 17.76 108.61 30.76
C PRO IA 56 16.71 107.77 30.05
N LYS IA 57 16.86 106.45 30.17
CA LYS IA 57 15.98 105.50 29.51
C LYS IA 57 15.01 104.93 30.54
N VAL IA 58 13.75 104.75 30.13
CA VAL IA 58 12.72 104.27 31.04
C VAL IA 58 12.89 102.77 31.26
N SER IA 59 13.55 102.39 32.35
CA SER IA 59 13.69 101.00 32.73
C SER IA 59 12.61 100.63 33.74
N VAL IA 60 12.73 99.46 34.36
CA VAL IA 60 11.75 99.03 35.36
C VAL IA 60 12.45 98.72 36.67
N SER IA 61 13.48 97.88 36.61
CA SER IA 61 14.16 97.40 37.82
C SER IA 61 15.35 98.29 38.15
N ALA IA 62 15.05 99.57 38.36
CA ALA IA 62 16.09 100.53 38.69
C ALA IA 62 15.60 101.48 39.77
N PRO IA 63 16.50 102.04 40.58
CA PRO IA 63 16.09 103.08 41.52
C PRO IA 63 15.49 104.26 40.77
N GLY IA 64 14.37 104.77 41.29
CA GLY IA 64 13.71 105.89 40.66
C GLY IA 64 12.81 105.47 39.52
N GLY IA 65 13.23 104.46 38.77
CA GLY IA 65 12.46 103.94 37.66
C GLY IA 65 13.20 103.94 36.35
N PHE IA 66 13.98 104.99 36.08
CA PHE IA 66 14.68 105.12 34.82
C PHE IA 66 16.14 104.71 34.99
N THR IA 67 16.85 104.59 33.87
CA THR IA 67 18.30 104.47 33.90
C THR IA 67 18.92 105.84 34.13
N GLN IA 68 20.24 105.87 34.19
CA GLN IA 68 20.96 107.07 34.57
C GLN IA 68 21.22 107.96 33.35
N ALA IA 69 21.35 109.26 33.61
CA ALA IA 69 21.66 110.25 32.59
C ALA IA 69 23.18 110.32 32.47
N ARG IA 70 23.71 109.66 31.44
CA ARG IA 70 25.16 109.64 31.21
C ARG IA 70 25.57 110.79 30.32
N SER IA 71 26.72 111.39 30.64
CA SER IA 71 27.23 112.54 29.89
C SER IA 71 28.75 112.41 29.86
N THR IA 72 29.30 112.15 28.68
CA THR IA 72 30.72 111.87 28.53
C THR IA 72 31.41 112.97 27.73
N VAL IA 73 32.65 113.27 28.12
CA VAL IA 73 33.52 114.19 27.42
C VAL IA 73 34.86 113.50 27.26
N ILE IA 74 35.45 113.57 26.08
CA ILE IA 74 36.80 113.05 25.85
C ILE IA 74 37.63 114.14 25.19
N LEU IA 75 38.65 114.60 25.90
CA LEU IA 75 39.62 115.54 25.35
C LEU IA 75 40.77 114.71 24.77
N LYS IA 76 40.98 114.81 23.47
CA LYS IA 76 42.13 114.19 22.83
C LYS IA 76 43.27 115.19 22.76
N SER IA 77 44.49 114.68 22.59
CA SER IA 77 45.69 115.51 22.52
C SER IA 77 46.74 114.76 21.72
N PRO IA 78 47.01 115.19 20.49
CA PRO IA 78 48.01 114.49 19.67
C PRO IA 78 49.41 114.66 20.24
N LYS IA 79 50.25 113.67 19.98
CA LYS IA 79 51.65 113.75 20.39
C LYS IA 79 52.48 112.91 19.44
N THR IA 80 53.60 113.47 18.98
CA THR IA 80 54.53 112.75 18.13
C THR IA 80 55.66 112.21 18.98
N LEU IA 81 56.12 111.01 18.63
CA LEU IA 81 57.04 110.29 19.49
C LEU IA 81 58.49 110.44 19.02
N ALA IA 82 59.40 109.79 19.74
CA ALA IA 82 60.82 109.85 19.45
C ALA IA 82 61.21 109.03 18.22
N ASN IA 83 60.30 108.22 17.70
CA ASN IA 83 60.52 107.50 16.46
C ASN IA 83 59.73 108.07 15.29
N GLY IA 84 59.05 109.20 15.49
CA GLY IA 84 58.29 109.86 14.44
C GLY IA 84 56.85 109.43 14.32
N ASN IA 85 56.42 108.41 15.08
CA ASN IA 85 55.04 107.98 15.03
C ASN IA 85 54.14 108.94 15.80
N ARG IA 86 52.84 108.87 15.52
CA ARG IA 86 51.85 109.75 16.12
C ARG IA 86 50.94 108.91 17.01
N THR IA 87 50.65 109.42 18.20
CA THR IA 87 49.69 108.82 19.12
C THR IA 87 48.82 109.91 19.73
N VAL IA 88 47.83 109.49 20.52
CA VAL IA 88 46.90 110.42 21.14
C VAL IA 88 46.83 110.12 22.64
N ASN IA 89 46.93 111.16 23.45
CA ASN IA 89 46.63 111.09 24.87
C ASN IA 89 45.19 111.54 25.06
N THR IA 90 44.50 110.94 26.03
CA THR IA 90 43.09 111.25 26.24
C THR IA 90 42.81 111.52 27.70
N VAL IA 91 41.83 112.40 27.92
CA VAL IA 91 41.19 112.56 29.23
C VAL IA 91 39.70 112.30 29.04
N SER IA 92 39.18 111.29 29.73
CA SER IA 92 37.78 110.94 29.62
C SER IA 92 37.06 111.22 30.94
N ILE IA 93 35.98 111.99 30.87
CA ILE IA 93 35.18 112.36 32.02
C ILE IA 93 33.75 111.89 31.76
N GLN IA 94 33.26 110.98 32.57
CA GLN IA 94 31.88 110.52 32.49
C GLN IA 94 31.12 110.92 33.75
N LEU IA 95 30.02 111.64 33.57
CA LEU IA 95 29.12 112.00 34.65
C LEU IA 95 27.87 111.14 34.48
N SER IA 96 27.52 110.40 35.52
CA SER IA 96 26.38 109.50 35.48
C SER IA 96 25.55 109.73 36.74
N VAL IA 97 24.48 110.50 36.60
CA VAL IA 97 23.60 110.79 37.71
C VAL IA 97 22.22 110.22 37.41
N ASP IA 98 21.42 110.04 38.46
CA ASP IA 98 20.02 109.69 38.31
C ASP IA 98 19.24 110.92 37.88
N PRO IA 99 18.17 110.75 37.11
CA PRO IA 99 17.40 111.91 36.63
C PRO IA 99 16.81 112.76 37.75
N GLU IA 100 16.61 112.19 38.93
CA GLU IA 100 16.06 112.91 40.07
C GLU IA 100 17.07 113.84 40.72
N THR IA 101 18.32 113.81 40.28
CA THR IA 101 19.36 114.67 40.85
C THR IA 101 19.11 116.13 40.49
N THR IA 102 19.32 117.01 41.47
CA THR IA 102 19.16 118.43 41.27
C THR IA 102 20.44 119.04 40.68
N ALA IA 103 20.32 120.29 40.26
CA ALA IA 103 21.44 120.97 39.63
C ALA IA 103 22.56 121.25 40.62
N ALA IA 104 22.20 121.56 41.87
CA ALA IA 104 23.22 121.88 42.87
C ALA IA 104 24.04 120.65 43.26
N GLU IA 105 23.40 119.47 43.32
CA GLU IA 105 24.15 118.24 43.57
C GLU IA 105 25.14 117.96 42.45
N VAL IA 106 24.73 118.18 41.20
CA VAL IA 106 25.62 117.97 40.07
C VAL IA 106 26.75 118.98 40.10
N THR IA 107 26.45 120.22 40.52
CA THR IA 107 27.46 121.25 40.67
C THR IA 107 28.51 120.83 41.71
N THR IA 108 28.04 120.28 42.83
CA THR IA 108 28.97 119.82 43.86
C THR IA 108 29.85 118.69 43.34
N MET IA 109 29.24 117.72 42.66
CA MET IA 109 30.00 116.60 42.11
C MET IA 109 31.04 117.08 41.10
N LEU IA 110 30.65 118.00 40.23
CA LEU IA 110 31.58 118.52 39.23
C LEU IA 110 32.71 119.30 39.87
N ASN IA 111 32.41 120.07 40.92
CA ASN IA 111 33.46 120.81 41.59
C ASN IA 111 34.45 119.87 42.27
N ALA IA 112 33.95 118.83 42.94
CA ALA IA 112 34.85 117.86 43.57
C ALA IA 112 35.71 117.16 42.54
N ALA IA 113 35.10 116.73 41.42
CA ALA IA 113 35.85 116.04 40.38
C ALA IA 113 36.89 116.95 39.73
N ALA IA 114 36.54 118.22 39.51
CA ALA IA 114 37.51 119.18 38.97
C ALA IA 114 38.65 119.40 39.94
N GLN IA 115 38.34 119.49 41.24
CA GLN IA 115 39.39 119.62 42.24
C GLN IA 115 40.33 118.44 42.19
N LEU IA 116 39.81 117.23 41.97
CA LEU IA 116 40.67 116.06 41.83
C LEU IA 116 41.17 115.98 40.39
N LEU IA 117 41.57 117.12 39.84
CA LEU IA 117 42.22 117.16 38.55
C LEU IA 117 43.40 118.12 38.55
N PHE IA 118 43.28 119.20 39.32
CA PHE IA 118 44.28 120.26 39.32
C PHE IA 118 44.85 120.56 40.70
N ASP IA 119 44.32 119.96 41.76
CA ASP IA 119 44.86 120.18 43.09
C ASP IA 119 46.29 119.66 43.17
N SER IA 120 47.15 120.44 43.82
CA SER IA 120 48.58 120.11 43.87
C SER IA 120 48.83 118.79 44.58
N ASP IA 121 47.90 118.37 45.44
CA ASP IA 121 48.04 117.13 46.18
C ASP IA 121 48.05 115.93 45.24
N TYR IA 122 47.19 115.95 44.22
CA TYR IA 122 47.16 114.86 43.25
C TYR IA 122 47.95 115.21 42.02
N SER IA 123 49.26 115.45 42.16
CA SER IA 123 50.10 115.68 41.00
C SER IA 123 50.92 114.43 40.69
N ASP IA 124 51.48 113.83 41.74
CA ASP IA 124 52.24 112.60 41.56
C ASP IA 124 51.35 111.46 41.05
N PHE IA 125 50.06 111.51 41.33
CA PHE IA 125 49.16 110.46 40.88
C PHE IA 125 48.92 110.50 39.37
N TRP IA 126 48.83 111.69 38.78
CA TRP IA 126 48.56 111.79 37.35
C TRP IA 126 49.83 111.67 36.53
N LYS IA 127 50.89 112.40 36.92
CA LYS IA 127 52.11 112.40 36.12
C LYS IA 127 53.02 111.24 36.52
N ALA IA 128 53.35 111.14 37.81
CA ALA IA 128 54.24 110.07 38.26
C ALA IA 128 53.53 108.75 38.42
N GLN IA 129 52.20 108.73 38.32
CA GLN IA 129 51.40 107.52 38.56
C GLN IA 129 51.67 106.93 39.95
N ALA IA 130 51.84 107.80 40.93
CA ALA IA 130 52.14 107.41 42.30
C ALA IA 130 50.84 107.34 43.10
N LEU IA 131 50.40 106.13 43.42
CA LEU IA 131 49.15 105.93 44.15
C LEU IA 131 49.21 106.56 45.54
N ALA IA 132 50.34 106.43 46.21
CA ALA IA 132 50.51 107.05 47.52
C ALA IA 132 52.00 107.19 47.85
N ALA JA 1 36.57 88.31 91.15
CA ALA JA 1 36.36 87.35 90.07
C ALA JA 1 35.27 87.84 89.13
N ILE JA 2 34.79 86.94 88.27
CA ILE JA 2 33.80 87.32 87.25
C ILE JA 2 32.51 87.77 87.91
N ALA JA 3 32.04 87.03 88.91
CA ALA JA 3 30.81 87.39 89.60
C ALA JA 3 31.02 88.67 90.39
N ASN JA 4 30.09 89.62 90.22
CA ASN JA 4 30.12 90.91 90.92
C ASN JA 4 31.38 91.71 90.58
N SER JA 5 31.92 91.49 89.40
CA SER JA 5 33.03 92.29 88.89
C SER JA 5 32.49 93.63 88.41
N SER JA 6 33.27 94.69 88.62
CA SER JA 6 32.86 96.03 88.24
C SER JA 6 33.62 96.50 87.01
N ILE JA 7 32.89 97.07 86.06
CA ILE JA 7 33.46 97.64 84.84
C ILE JA 7 32.97 99.07 84.71
N ALA JA 8 33.90 99.99 84.46
CA ALA JA 8 33.57 101.41 84.37
C ALA JA 8 33.24 101.75 82.93
N ILE JA 9 31.96 101.99 82.65
CA ILE JA 9 31.50 102.26 81.30
C ILE JA 9 31.80 103.70 80.91
N ASP JA 10 32.19 103.91 79.66
CA ASP JA 10 32.54 105.23 79.12
C ASP JA 10 33.69 105.86 79.91
N SER JA 11 34.84 105.19 79.82
CA SER JA 11 36.00 105.56 80.61
C SER JA 11 37.21 105.73 79.71
N THR JA 12 38.10 106.64 80.10
CA THR JA 12 39.37 106.76 79.42
C THR JA 12 40.33 105.70 79.92
N ALA JA 13 40.98 105.02 78.99
CA ALA JA 13 41.95 103.98 79.29
C ALA JA 13 43.34 104.53 79.05
N SER JA 14 44.12 104.66 80.11
CA SER JA 14 45.51 105.08 80.00
C SER JA 14 46.42 103.86 79.97
N VAL JA 15 47.72 104.10 79.86
CA VAL JA 15 48.72 103.04 79.94
C VAL JA 15 50.07 103.66 80.30
N THR JA 16 50.73 103.12 81.34
CA THR JA 16 52.01 103.65 81.80
C THR JA 16 52.88 102.48 82.23
N GLY JA 17 53.64 101.91 81.29
CA GLY JA 17 54.65 100.93 81.66
C GLY JA 17 55.98 101.11 80.98
N GLY JA 18 56.02 101.93 79.94
CA GLY JA 18 57.24 102.10 79.17
C GLY JA 18 57.40 101.07 78.08
N THR JA 19 58.62 100.93 77.56
CA THR JA 19 58.94 99.98 76.49
C THR JA 19 58.08 100.24 75.26
N ALA JA 20 58.22 101.45 74.71
CA ALA JA 20 57.43 101.86 73.57
C ALA JA 20 57.95 101.24 72.28
N ARG JA 21 57.37 100.10 71.90
CA ARG JA 21 57.76 99.42 70.67
C ARG JA 21 57.09 100.06 69.47
N THR JA 22 57.30 99.46 68.30
CA THR JA 22 56.78 99.98 67.05
C THR JA 22 56.19 98.85 66.23
N VAL JA 23 54.98 99.07 65.73
CA VAL JA 23 54.33 98.12 64.83
C VAL JA 23 54.78 98.46 63.41
N LYS JA 24 55.47 97.53 62.77
CA LYS JA 24 55.91 97.69 61.39
C LYS JA 24 55.16 96.70 60.51
N GLU JA 25 54.59 97.18 59.42
CA GLU JA 25 53.83 96.29 58.56
C GLU JA 25 54.75 95.41 57.72
N LEU JA 26 54.27 94.22 57.41
CA LEU JA 26 55.06 93.26 56.63
C LEU JA 26 54.47 93.09 55.23
N VAL JA 27 53.22 92.65 55.12
CA VAL JA 27 52.55 92.42 53.84
C VAL JA 27 51.14 92.97 53.95
N ARG JA 28 50.38 92.80 52.88
CA ARG JA 28 49.02 93.30 52.84
C ARG JA 28 47.98 92.27 52.40
N ASN JA 29 48.38 91.30 51.58
CA ASN JA 29 47.48 90.41 50.82
C ASN JA 29 46.05 90.94 50.65
N ASN JA 30 45.06 90.06 50.76
CA ASN JA 30 43.69 90.39 50.37
C ASN JA 30 42.96 91.03 51.55
N SER JA 31 42.81 92.36 51.50
CA SER JA 31 42.04 93.12 52.49
C SER JA 31 42.50 92.80 53.91
N GLU JA 32 43.81 92.69 54.07
CA GLU JA 32 44.43 92.34 55.33
C GLU JA 32 45.62 93.26 55.54
N LEU JA 33 46.24 93.16 56.72
CA LEU JA 33 47.46 93.91 56.99
C LEU JA 33 48.28 93.17 58.04
N ASN JA 34 49.28 92.43 57.60
CA ASN JA 34 50.11 91.67 58.52
C ASN JA 34 51.30 92.52 58.95
N ALA JA 35 51.40 92.80 60.24
CA ALA JA 35 52.48 93.59 60.80
C ALA JA 35 53.20 92.77 61.87
N TYR JA 36 54.16 93.40 62.54
CA TYR JA 36 54.90 92.77 63.62
C TYR JA 36 55.43 93.83 64.55
N ILE JA 37 55.64 93.46 65.80
CA ILE JA 37 56.13 94.39 66.82
C ILE JA 37 57.65 94.28 66.88
N ASP JA 38 58.32 95.42 66.77
CA ASP JA 38 59.79 95.44 66.68
C ASP JA 38 60.38 95.52 68.09
N GLU JA 39 60.75 94.36 68.61
CA GLU JA 39 61.36 94.26 69.93
C GLU JA 39 62.78 93.72 69.89
N GLY JA 40 63.35 93.51 68.71
CA GLY JA 40 64.68 92.98 68.57
C GLY JA 40 64.81 91.49 68.69
N LEU JA 41 63.71 90.75 68.75
CA LEU JA 41 63.76 89.30 68.84
C LEU JA 41 64.18 88.70 67.50
N SER JA 42 64.23 87.38 67.45
CA SER JA 42 64.61 86.70 66.22
C SER JA 42 63.53 86.86 65.16
N PHE JA 43 63.82 86.35 63.97
CA PHE JA 43 62.89 86.49 62.85
C PHE JA 43 61.64 85.65 63.07
N GLN JA 44 61.81 84.40 63.51
CA GLN JA 44 60.68 83.52 63.78
C GLN JA 44 60.37 83.45 65.28
N ALA JA 45 60.73 84.50 66.02
CA ALA JA 45 60.33 84.62 67.41
C ALA JA 45 59.68 85.96 67.71
N ARG JA 46 59.42 86.78 66.70
CA ARG JA 46 58.79 88.09 66.90
C ARG JA 46 57.27 87.93 67.02
N LYS JA 47 56.61 88.94 67.56
CA LYS JA 47 55.15 88.90 67.68
C LYS JA 47 54.55 89.64 66.49
N GLU JA 48 53.80 88.92 65.67
CA GLU JA 48 53.14 89.48 64.49
C GLU JA 48 51.66 89.67 64.82
N VAL JA 49 51.15 90.89 64.57
CA VAL JA 49 49.73 91.14 64.72
C VAL JA 49 49.13 91.42 63.35
N ALA JA 50 48.06 90.69 63.03
CA ALA JA 50 47.38 90.81 61.74
C ALA JA 50 46.05 91.51 61.89
N PHE JA 51 45.80 92.47 61.00
CA PHE JA 51 44.58 93.26 60.96
C PHE JA 51 43.79 92.87 59.72
N SER JA 52 42.46 92.90 59.83
CA SER JA 52 41.63 92.57 58.68
C SER JA 52 40.27 93.25 58.79
N VAL JA 53 39.72 93.67 57.64
CA VAL JA 53 38.43 94.31 57.59
C VAL JA 53 37.50 93.53 56.67
N LYS JA 54 36.22 93.57 57.01
CA LYS JA 54 35.14 92.88 56.31
C LYS JA 54 33.95 93.85 56.24
N VAL JA 55 34.17 94.95 55.52
CA VAL JA 55 33.20 96.01 55.23
C VAL JA 55 31.84 95.43 54.80
N PRO JA 56 30.74 96.16 55.03
CA PRO JA 56 29.41 95.61 54.75
C PRO JA 56 29.14 95.44 53.26
N LYS JA 57 28.23 94.52 52.97
CA LYS JA 57 27.80 94.22 51.60
C LYS JA 57 26.29 94.30 51.55
N VAL JA 58 25.76 95.06 50.60
CA VAL JA 58 24.33 95.33 50.52
C VAL JA 58 23.57 94.04 50.29
N SER JA 59 22.76 93.63 51.26
CA SER JA 59 22.00 92.40 51.20
C SER JA 59 20.50 92.71 51.15
N VAL JA 60 19.67 91.67 51.06
CA VAL JA 60 18.22 91.80 51.14
C VAL JA 60 17.72 91.40 52.54
N SER JA 61 18.39 90.44 53.16
CA SER JA 61 18.22 90.03 54.55
C SER JA 61 18.92 91.06 55.42
N ALA JA 62 19.30 90.67 56.65
CA ALA JA 62 20.00 91.57 57.57
C ALA JA 62 19.10 92.72 58.01
N PRO JA 63 18.24 92.47 58.99
CA PRO JA 63 17.17 93.42 59.32
C PRO JA 63 17.71 94.75 59.83
N GLY JA 64 17.94 95.65 58.89
CA GLY JA 64 18.75 96.83 59.05
C GLY JA 64 19.38 97.19 57.72
N GLY JA 65 19.27 96.26 56.76
CA GLY JA 65 19.60 96.53 55.38
C GLY JA 65 20.70 95.67 54.80
N PHE JA 66 21.78 95.46 55.56
CA PHE JA 66 22.93 94.71 55.07
C PHE JA 66 23.88 94.36 56.22
N THR JA 67 24.78 93.43 55.93
CA THR JA 67 25.63 92.79 56.92
C THR JA 67 26.48 93.80 57.69
N GLN JA 68 26.97 93.35 58.83
CA GLN JA 68 27.79 94.20 59.68
C GLN JA 68 29.21 94.33 59.13
N ALA JA 69 29.89 95.36 59.59
CA ALA JA 69 31.28 95.62 59.22
C ALA JA 69 32.18 95.04 60.31
N ARG JA 70 32.90 93.97 60.00
CA ARG JA 70 33.69 93.31 61.03
C ARG JA 70 35.17 93.65 60.91
N SER JA 71 35.83 93.82 62.06
CA SER JA 71 37.24 94.16 62.12
C SER JA 71 37.92 93.14 63.03
N THR JA 72 38.94 92.45 62.50
CA THR JA 72 39.64 91.43 63.27
C THR JA 72 41.09 91.81 63.51
N VAL JA 73 41.58 91.51 64.71
CA VAL JA 73 42.97 91.66 65.08
C VAL JA 73 43.44 90.38 65.75
N ILE JA 74 44.48 89.77 65.22
CA ILE JA 74 45.06 88.57 65.82
C ILE JA 74 46.51 88.85 66.20
N LEU JA 75 46.83 88.70 67.48
CA LEU JA 75 48.18 88.91 67.99
C LEU JA 75 48.79 87.53 68.22
N LYS JA 76 49.83 87.23 67.44
CA LYS JA 76 50.50 85.94 67.53
C LYS JA 76 51.83 86.10 68.26
N SER JA 77 51.94 85.50 69.44
CA SER JA 77 53.16 85.53 70.23
C SER JA 77 53.78 84.14 70.24
N PRO JA 78 54.94 83.94 69.63
CA PRO JA 78 55.52 82.60 69.62
C PRO JA 78 56.17 82.25 70.95
N LYS JA 79 56.31 80.95 71.20
CA LYS JA 79 56.84 80.46 72.45
C LYS JA 79 57.52 79.12 72.23
N THR JA 80 58.73 78.97 72.77
CA THR JA 80 59.47 77.71 72.73
C THR JA 80 59.18 76.93 73.99
N LEU JA 81 58.67 75.72 73.84
CA LEU JA 81 58.29 74.91 74.99
C LEU JA 81 59.51 74.18 75.57
N ALA JA 82 59.31 73.60 76.75
CA ALA JA 82 60.40 72.88 77.41
C ALA JA 82 60.82 71.66 76.62
N ASN JA 83 59.86 70.96 76.01
CA ASN JA 83 60.19 69.81 75.19
C ASN JA 83 61.07 70.19 74.01
N GLY JA 84 61.08 71.47 73.63
CA GLY JA 84 61.98 71.93 72.60
C GLY JA 84 61.27 72.49 71.38
N ASN JA 85 60.06 72.01 71.12
CA ASN JA 85 59.30 72.45 69.96
C ASN JA 85 58.80 73.88 70.17
N ARG JA 86 58.16 74.42 69.13
CA ARG JA 86 57.68 75.79 69.10
C ARG JA 86 56.16 75.78 68.91
N THR JA 87 55.51 76.77 69.50
CA THR JA 87 54.07 76.92 69.38
C THR JA 87 53.77 78.42 69.35
N VAL JA 88 52.54 78.78 69.02
CA VAL JA 88 52.12 80.18 69.01
C VAL JA 88 50.93 80.34 69.92
N ASN JA 89 50.97 81.36 70.78
CA ASN JA 89 49.87 81.73 71.65
C ASN JA 89 49.22 82.96 71.02
N THR JA 90 47.92 82.86 70.76
CA THR JA 90 47.24 83.87 69.97
C THR JA 90 46.15 84.58 70.77
N VAL JA 91 45.89 85.84 70.41
CA VAL JA 91 44.80 86.62 70.98
C VAL JA 91 44.02 87.27 69.85
N SER JA 92 42.90 86.67 69.47
CA SER JA 92 42.08 87.25 68.41
C SER JA 92 40.99 88.14 68.99
N ILE JA 93 40.65 89.19 68.25
CA ILE JA 93 39.61 90.14 68.65
C ILE JA 93 38.80 90.52 67.42
N GLN JA 94 37.47 90.46 67.53
CA GLN JA 94 36.58 90.77 66.43
C GLN JA 94 35.53 91.79 66.85
N LEU JA 95 35.09 92.60 65.90
CA LEU JA 95 34.18 93.72 66.15
C LEU JA 95 33.04 93.71 65.13
N SER JA 96 32.35 92.57 65.03
CA SER JA 96 31.21 92.45 64.11
C SER JA 96 30.07 93.33 64.62
N VAL JA 97 30.03 94.57 64.14
CA VAL JA 97 29.03 95.54 64.56
C VAL JA 97 28.32 96.11 63.34
N ASP JA 98 27.06 96.46 63.54
CA ASP JA 98 26.21 96.87 62.44
C ASP JA 98 26.65 98.24 61.90
N PRO JA 99 26.67 98.43 60.59
CA PRO JA 99 27.25 99.65 60.01
C PRO JA 99 26.53 100.95 60.35
N GLU JA 100 25.29 100.89 60.82
CA GLU JA 100 24.59 102.09 61.25
C GLU JA 100 25.10 102.62 62.59
N THR JA 101 26.02 101.91 63.22
CA THR JA 101 26.48 102.26 64.56
C THR JA 101 27.32 103.53 64.53
N THR JA 102 27.05 104.42 65.48
CA THR JA 102 27.84 105.63 65.61
C THR JA 102 29.19 105.31 66.25
N ALA JA 103 30.13 106.25 66.12
CA ALA JA 103 31.47 106.05 66.66
C ALA JA 103 31.52 106.13 68.18
N ALA JA 104 30.57 106.83 68.80
CA ALA JA 104 30.57 106.92 70.27
C ALA JA 104 30.26 105.57 70.91
N GLU JA 105 29.25 104.86 70.39
CA GLU JA 105 28.93 103.55 70.93
C GLU JA 105 30.03 102.55 70.63
N VAL JA 106 30.68 102.67 69.47
CA VAL JA 106 31.83 101.82 69.16
C VAL JA 106 32.95 102.06 70.16
N THR JA 107 33.21 103.33 70.49
CA THR JA 107 34.22 103.65 71.50
C THR JA 107 33.83 103.08 72.86
N THR JA 108 32.56 103.19 73.21
CA THR JA 108 32.09 102.62 74.47
C THR JA 108 32.33 101.12 74.52
N MET JA 109 31.99 100.43 73.42
CA MET JA 109 32.17 98.98 73.34
C MET JA 109 33.65 98.61 73.42
N LEU JA 110 34.50 99.37 72.73
CA LEU JA 110 35.93 99.07 72.74
C LEU JA 110 36.53 99.28 74.12
N ASN JA 111 36.07 100.33 74.82
CA ASN JA 111 36.53 100.54 76.19
C ASN JA 111 36.06 99.44 77.12
N ALA JA 112 34.79 99.02 76.98
CA ALA JA 112 34.27 97.97 77.84
C ALA JA 112 34.99 96.66 77.60
N ALA JA 113 35.21 96.29 76.34
CA ALA JA 113 35.95 95.08 76.01
C ALA JA 113 37.41 95.14 76.45
N ALA JA 114 38.07 96.27 76.23
CA ALA JA 114 39.46 96.42 76.67
C ALA JA 114 39.57 96.65 78.16
N GLN JA 115 38.46 96.97 78.84
CA GLN JA 115 38.45 96.99 80.30
C GLN JA 115 38.59 95.59 80.87
N LEU JA 116 38.09 94.59 80.17
CA LEU JA 116 38.51 93.22 80.37
C LEU JA 116 39.96 93.09 79.87
N LEU JA 117 40.57 91.94 80.14
CA LEU JA 117 41.94 91.63 79.72
C LEU JA 117 43.00 92.39 80.53
N PHE JA 118 42.60 93.37 81.34
CA PHE JA 118 43.59 93.95 82.24
C PHE JA 118 43.00 94.22 83.62
N ASP JA 119 41.70 94.00 83.77
CA ASP JA 119 41.09 94.15 85.08
C ASP JA 119 41.50 92.99 85.98
N SER JA 120 41.65 93.29 87.26
CA SER JA 120 42.11 92.29 88.21
C SER JA 120 41.12 91.17 88.44
N ASP JA 121 39.82 91.44 88.27
CA ASP JA 121 38.81 90.41 88.52
C ASP JA 121 38.94 89.25 87.53
N TYR JA 122 39.34 89.53 86.30
CA TYR JA 122 39.39 88.53 85.26
C TYR JA 122 40.76 87.89 85.10
N SER JA 123 41.72 88.24 85.95
CA SER JA 123 43.05 87.64 85.91
C SER JA 123 42.99 86.13 85.97
N ASP JA 124 42.23 85.59 86.94
CA ASP JA 124 42.13 84.14 87.09
C ASP JA 124 41.40 83.51 85.91
N PHE JA 125 40.41 84.20 85.36
CA PHE JA 125 39.71 83.68 84.19
C PHE JA 125 40.65 83.54 82.99
N TRP JA 126 41.45 84.58 82.73
CA TRP JA 126 42.36 84.53 81.59
C TRP JA 126 43.53 83.60 81.82
N LYS JA 127 43.97 83.41 83.06
CA LYS JA 127 45.19 82.65 83.34
C LYS JA 127 44.86 81.19 83.67
N ALA JA 128 44.05 80.92 84.68
CA ALA JA 128 43.75 79.57 85.11
C ALA JA 128 42.41 79.04 84.62
N GLN JA 129 41.69 79.82 83.81
CA GLN JA 129 40.36 79.44 83.30
C GLN JA 129 39.35 79.28 84.43
N ALA JA 130 39.50 80.09 85.47
CA ALA JA 130 38.60 80.06 86.61
C ALA JA 130 37.31 80.80 86.26
N LEU JA 131 36.39 80.07 85.63
CA LEU JA 131 35.08 80.61 85.29
C LEU JA 131 34.34 81.03 86.56
N ALA JA 132 34.07 80.07 87.42
CA ALA JA 132 33.48 80.36 88.72
C ALA JA 132 34.60 80.59 89.73
N ALA KA 1 99.15 -77.68 -33.46
CA ALA KA 1 99.78 -78.95 -33.16
C ALA KA 1 98.76 -79.92 -32.58
N ILE KA 2 97.55 -79.41 -32.34
CA ILE KA 2 96.41 -80.24 -32.00
C ILE KA 2 95.77 -80.70 -33.31
N ALA KA 3 96.27 -81.79 -33.86
CA ALA KA 3 95.78 -82.28 -35.14
C ALA KA 3 96.09 -83.76 -35.23
N ASN KA 4 97.21 -84.10 -35.86
CA ASN KA 4 97.71 -85.47 -35.77
C ASN KA 4 98.81 -85.53 -34.71
N SER KA 5 98.44 -85.28 -33.45
CA SER KA 5 99.37 -85.32 -32.34
C SER KA 5 99.63 -86.77 -31.90
N SER KA 6 100.18 -86.95 -30.71
CA SER KA 6 100.37 -88.30 -30.19
C SER KA 6 100.33 -88.25 -28.66
N ILE KA 7 99.70 -89.25 -28.06
CA ILE KA 7 99.58 -89.33 -26.61
C ILE KA 7 99.56 -90.81 -26.22
N ALA KA 8 100.34 -91.16 -25.19
CA ALA KA 8 100.39 -92.53 -24.72
C ALA KA 8 99.27 -92.78 -23.73
N ILE KA 9 98.47 -93.80 -23.98
CA ILE KA 9 97.33 -94.14 -23.13
C ILE KA 9 97.68 -95.35 -22.28
N ASP KA 10 97.34 -95.26 -20.99
CA ASP KA 10 97.68 -96.29 -20.01
C ASP KA 10 99.20 -96.46 -19.89
N SER KA 11 99.86 -95.38 -19.52
CA SER KA 11 101.32 -95.33 -19.45
C SER KA 11 101.76 -94.69 -18.12
N THR KA 12 103.01 -94.93 -17.77
CA THR KA 12 103.59 -94.39 -16.55
C THR KA 12 104.33 -93.09 -16.85
N ALA KA 13 104.02 -92.06 -16.07
CA ALA KA 13 104.66 -90.76 -16.21
C ALA KA 13 105.67 -90.56 -15.09
N SER KA 14 106.79 -89.92 -15.44
CA SER KA 14 107.88 -89.72 -14.49
C SER KA 14 108.42 -88.31 -14.64
N VAL KA 15 109.23 -87.91 -13.67
CA VAL KA 15 109.81 -86.58 -13.61
C VAL KA 15 111.29 -86.70 -13.27
N THR KA 16 112.12 -85.96 -14.01
CA THR KA 16 113.56 -85.93 -13.76
C THR KA 16 114.01 -84.50 -13.57
N GLY KA 17 115.02 -84.32 -12.71
CA GLY KA 17 115.59 -83.00 -12.50
C GLY KA 17 114.70 -82.12 -11.63
N GLY KA 18 114.86 -80.82 -11.80
CA GLY KA 18 114.12 -79.86 -11.00
C GLY KA 18 114.64 -79.80 -9.57
N THR KA 19 113.89 -79.08 -8.74
CA THR KA 19 114.24 -78.90 -7.33
C THR KA 19 113.03 -79.33 -6.50
N ALA KA 20 113.17 -80.44 -5.78
CA ALA KA 20 112.10 -80.96 -4.94
C ALA KA 20 111.71 -79.96 -3.87
N ARG KA 21 110.51 -79.42 -3.96
CA ARG KA 21 109.96 -78.53 -2.96
C ARG KA 21 109.08 -79.33 -2.00
N THR KA 22 108.31 -78.63 -1.16
CA THR KA 22 107.45 -79.30 -0.20
C THR KA 22 106.12 -78.56 -0.13
N VAL KA 23 105.02 -79.31 -0.10
CA VAL KA 23 103.69 -78.72 -0.02
C VAL KA 23 103.34 -78.65 1.46
N LYS KA 24 103.39 -77.46 2.03
CA LYS KA 24 103.08 -77.27 3.43
C LYS KA 24 101.62 -76.85 3.60
N GLU KA 25 100.92 -77.55 4.49
CA GLU KA 25 99.50 -77.34 4.69
C GLU KA 25 99.23 -76.12 5.56
N LEU KA 26 98.18 -75.37 5.22
CA LEU KA 26 97.87 -74.15 5.93
C LEU KA 26 96.57 -74.34 6.68
N VAL KA 27 95.47 -74.64 6.00
CA VAL KA 27 94.16 -74.81 6.61
C VAL KA 27 93.41 -75.91 5.87
N ARG KA 28 92.73 -76.78 6.62
CA ARG KA 28 91.81 -77.74 6.04
C ARG KA 28 90.45 -77.49 6.69
N ASN KA 29 89.46 -77.15 5.87
CA ASN KA 29 88.11 -76.89 6.35
C ASN KA 29 87.18 -76.70 5.14
N ASN KA 30 85.90 -76.90 5.39
CA ASN KA 30 84.86 -76.70 4.37
C ASN KA 30 85.13 -77.50 3.11
N SER KA 31 85.60 -78.75 3.30
CA SER KA 31 86.00 -79.64 2.21
C SER KA 31 87.13 -79.06 1.38
N GLU KA 32 87.86 -78.09 1.94
CA GLU KA 32 88.95 -77.40 1.28
C GLU KA 32 90.22 -77.58 2.08
N LEU KA 33 91.35 -77.69 1.38
CA LEU KA 33 92.67 -77.79 1.97
C LEU KA 33 93.54 -76.76 1.25
N ASN KA 34 93.84 -75.67 1.95
CA ASN KA 34 94.77 -74.68 1.43
C ASN KA 34 96.18 -75.03 1.84
N ALA KA 35 97.11 -74.96 0.89
CA ALA KA 35 98.51 -75.26 1.17
C ALA KA 35 99.36 -74.36 0.30
N TYR KA 36 100.67 -74.44 0.49
CA TYR KA 36 101.58 -73.61 -0.29
C TYR KA 36 102.85 -74.40 -0.57
N ILE KA 37 103.40 -74.21 -1.76
CA ILE KA 37 104.67 -74.81 -2.14
C ILE KA 37 105.78 -73.97 -1.53
N ASP KA 38 106.72 -74.63 -0.84
CA ASP KA 38 107.76 -73.94 -0.10
C ASP KA 38 108.99 -73.89 -0.99
N GLU KA 39 109.27 -72.70 -1.54
CA GLU KA 39 110.47 -72.47 -2.34
C GLU KA 39 111.40 -71.43 -1.72
N GLY KA 40 111.17 -71.06 -0.45
CA GLY KA 40 111.94 -70.01 0.17
C GLY KA 40 111.70 -68.66 -0.47
N LEU KA 41 110.44 -68.36 -0.73
CA LEU KA 41 110.03 -67.09 -1.32
C LEU KA 41 109.28 -66.26 -0.27
N SER KA 42 108.94 -65.03 -0.64
CA SER KA 42 108.20 -64.16 0.25
C SER KA 42 106.72 -64.54 0.25
N PHE KA 43 105.97 -64.00 1.20
CA PHE KA 43 104.54 -64.31 1.29
C PHE KA 43 103.76 -63.80 0.09
N GLN KA 44 104.13 -62.63 -0.44
CA GLN KA 44 103.44 -62.06 -1.59
C GLN KA 44 103.70 -62.83 -2.87
N ALA KA 45 104.75 -63.63 -2.94
CA ALA KA 45 104.98 -64.49 -4.09
C ALA KA 45 105.21 -65.91 -3.57
N ARG KA 46 104.12 -66.61 -3.31
CA ARG KA 46 104.16 -68.01 -2.89
C ARG KA 46 103.68 -68.88 -4.06
N LYS KA 47 103.39 -70.16 -3.87
CA LYS KA 47 102.81 -70.99 -4.90
C LYS KA 47 101.60 -71.72 -4.31
N GLU KA 48 100.70 -70.96 -3.68
CA GLU KA 48 99.56 -71.54 -3.00
C GLU KA 48 98.75 -72.46 -3.91
N VAL KA 49 98.35 -73.61 -3.37
CA VAL KA 49 97.54 -74.60 -4.07
C VAL KA 49 96.40 -75.03 -3.16
N ALA KA 50 95.20 -75.07 -3.72
CA ALA KA 50 93.99 -75.42 -2.99
C ALA KA 50 93.41 -76.72 -3.53
N PHE KA 51 93.16 -77.67 -2.63
CA PHE KA 51 92.56 -78.95 -2.95
C PHE KA 51 91.15 -78.98 -2.40
N SER KA 52 90.17 -79.19 -3.25
CA SER KA 52 88.78 -79.25 -2.80
C SER KA 52 88.14 -80.56 -3.27
N VAL KA 53 87.20 -81.05 -2.48
CA VAL KA 53 86.52 -82.29 -2.76
C VAL KA 53 85.02 -82.06 -2.64
N LYS KA 54 84.27 -82.60 -3.62
CA LYS KA 54 82.81 -82.51 -3.68
C LYS KA 54 82.27 -83.93 -3.82
N VAL KA 55 81.76 -84.47 -2.72
CA VAL KA 55 81.33 -85.86 -2.62
C VAL KA 55 79.98 -86.05 -3.30
N PRO KA 56 79.68 -87.23 -3.83
CA PRO KA 56 78.39 -87.44 -4.50
C PRO KA 56 77.23 -87.48 -3.51
N LYS KA 57 76.07 -87.06 -4.00
CA LYS KA 57 74.83 -87.10 -3.23
C LYS KA 57 73.77 -87.86 -4.01
N VAL KA 58 72.82 -88.45 -3.28
CA VAL KA 58 71.76 -89.23 -3.92
C VAL KA 58 70.88 -88.33 -4.76
N SER KA 59 70.46 -88.83 -5.91
CA SER KA 59 69.62 -88.07 -6.83
C SER KA 59 68.58 -88.99 -7.45
N VAL KA 60 67.69 -88.40 -8.25
CA VAL KA 60 66.74 -89.17 -9.04
C VAL KA 60 67.08 -89.16 -10.53
N SER KA 61 67.60 -88.05 -11.04
CA SER KA 61 68.23 -87.95 -12.34
C SER KA 61 69.65 -88.48 -12.21
N ALA KA 62 70.54 -88.11 -13.15
CA ALA KA 62 71.93 -88.54 -13.06
C ALA KA 62 72.02 -90.06 -13.19
N PRO KA 63 72.04 -90.58 -14.42
CA PRO KA 63 71.64 -91.97 -14.64
C PRO KA 63 72.55 -92.98 -13.99
N GLY KA 64 72.21 -93.31 -12.74
CA GLY KA 64 73.05 -94.07 -11.84
C GLY KA 64 72.79 -93.66 -10.42
N GLY KA 65 72.00 -92.60 -10.25
CA GLY KA 65 71.43 -92.29 -8.96
C GLY KA 65 72.11 -91.18 -8.19
N PHE KA 66 73.38 -90.92 -8.50
CA PHE KA 66 74.13 -89.92 -7.75
C PHE KA 66 74.86 -88.95 -8.68
N THR KA 67 75.07 -87.74 -8.16
CA THR KA 67 75.89 -86.76 -8.83
C THR KA 67 77.34 -87.23 -8.89
N GLN KA 68 78.12 -86.61 -9.75
CA GLN KA 68 79.50 -87.01 -9.92
C GLN KA 68 80.35 -86.55 -8.75
N ALA KA 69 81.37 -87.33 -8.44
CA ALA KA 69 82.37 -86.98 -7.44
C ALA KA 69 83.40 -86.07 -8.10
N ARG KA 70 83.59 -84.88 -7.53
CA ARG KA 70 84.49 -83.89 -8.09
C ARG KA 70 85.70 -83.67 -7.20
N SER KA 71 86.87 -83.55 -7.82
CA SER KA 71 88.11 -83.23 -7.12
C SER KA 71 88.78 -82.09 -7.89
N THR KA 72 89.00 -80.98 -7.22
CA THR KA 72 89.54 -79.79 -7.87
C THR KA 72 90.85 -79.36 -7.23
N VAL KA 73 91.83 -79.04 -8.07
CA VAL KA 73 93.09 -78.51 -7.62
C VAL KA 73 93.35 -77.19 -8.33
N ILE KA 74 93.54 -76.11 -7.57
CA ILE KA 74 93.91 -74.82 -8.14
C ILE KA 74 95.29 -74.44 -7.67
N LEU KA 75 96.20 -74.20 -8.61
CA LEU KA 75 97.56 -73.75 -8.31
C LEU KA 75 97.64 -72.26 -8.63
N LYS KA 76 98.08 -71.47 -7.66
CA LYS KA 76 98.17 -70.03 -7.84
C LYS KA 76 99.63 -69.61 -7.97
N SER KA 77 99.91 -68.77 -8.96
CA SER KA 77 101.27 -68.29 -9.21
C SER KA 77 101.25 -66.76 -9.28
N PRO KA 78 101.65 -66.08 -8.20
CA PRO KA 78 101.78 -64.62 -8.27
C PRO KA 78 102.86 -64.16 -9.23
N LYS KA 79 102.46 -63.33 -10.19
CA LYS KA 79 103.38 -62.68 -11.11
C LYS KA 79 103.36 -61.17 -10.84
N THR KA 80 104.52 -60.55 -10.98
CA THR KA 80 104.68 -59.12 -10.80
C THR KA 80 104.95 -58.48 -12.16
N LEU KA 81 104.14 -57.49 -12.50
CA LEU KA 81 104.13 -56.92 -13.83
C LEU KA 81 105.18 -55.81 -13.96
N ALA KA 82 105.32 -55.28 -15.17
CA ALA KA 82 106.28 -54.22 -15.42
C ALA KA 82 105.94 -52.97 -14.63
N ASN KA 83 104.66 -52.59 -14.60
CA ASN KA 83 104.24 -51.43 -13.84
C ASN KA 83 104.46 -51.65 -12.34
N GLY KA 84 104.25 -52.87 -11.88
CA GLY KA 84 104.48 -53.19 -10.48
C GLY KA 84 103.27 -53.76 -9.79
N ASN KA 85 102.15 -53.82 -10.49
CA ASN KA 85 100.95 -54.45 -9.94
C ASN KA 85 101.14 -55.96 -9.89
N ARG KA 86 100.43 -56.59 -8.95
CA ARG KA 86 100.52 -58.02 -8.74
C ARG KA 86 99.30 -58.72 -9.31
N THR KA 87 99.52 -59.71 -10.16
CA THR KA 87 98.46 -60.57 -10.66
C THR KA 87 98.74 -61.99 -10.22
N VAL KA 88 97.74 -62.85 -10.30
CA VAL KA 88 97.89 -64.27 -9.98
C VAL KA 88 97.54 -65.08 -11.21
N ASN KA 89 98.46 -65.94 -11.63
CA ASN KA 89 98.23 -66.88 -12.73
C ASN KA 89 97.85 -68.21 -12.12
N THR KA 90 96.69 -68.74 -12.52
CA THR KA 90 96.14 -69.95 -11.93
C THR KA 90 96.03 -71.07 -12.95
N VAL KA 91 96.16 -72.29 -12.45
CA VAL KA 91 95.84 -73.50 -13.21
C VAL KA 91 94.81 -74.30 -12.41
N SER KA 92 93.65 -74.53 -13.01
CA SER KA 92 92.63 -75.34 -12.36
C SER KA 92 92.56 -76.72 -13.01
N ILE KA 93 92.43 -77.75 -12.16
CA ILE KA 93 92.32 -79.13 -12.61
C ILE KA 93 91.12 -79.71 -11.87
N GLN KA 94 90.05 -79.98 -12.60
CA GLN KA 94 88.83 -80.53 -12.01
C GLN KA 94 88.53 -81.88 -12.65
N LEU KA 95 88.41 -82.91 -11.82
CA LEU KA 95 88.08 -84.25 -12.26
C LEU KA 95 86.71 -84.61 -11.70
N SER KA 96 85.77 -84.93 -12.59
CA SER KA 96 84.43 -85.35 -12.21
C SER KA 96 84.21 -86.77 -12.71
N VAL KA 97 84.07 -87.73 -11.79
CA VAL KA 97 83.84 -89.11 -12.16
C VAL KA 97 82.57 -89.62 -11.49
N ASP KA 98 81.83 -90.43 -12.23
CA ASP KA 98 80.71 -91.14 -11.63
C ASP KA 98 81.25 -92.09 -10.55
N PRO KA 99 80.54 -92.24 -9.44
CA PRO KA 99 81.05 -93.10 -8.36
C PRO KA 99 81.24 -94.55 -8.75
N GLU KA 100 80.61 -95.02 -9.83
CA GLU KA 100 80.83 -96.38 -10.30
C GLU KA 100 82.20 -96.57 -10.94
N THR KA 101 82.93 -95.48 -11.19
CA THR KA 101 84.18 -95.54 -11.95
C THR KA 101 85.28 -96.22 -11.14
N THR KA 102 85.94 -97.18 -11.77
CA THR KA 102 87.01 -97.93 -11.13
C THR KA 102 88.27 -97.08 -11.03
N ALA KA 103 89.24 -97.56 -10.24
CA ALA KA 103 90.47 -96.80 -10.05
C ALA KA 103 91.35 -96.83 -11.29
N ALA KA 104 91.26 -97.89 -12.09
CA ALA KA 104 92.03 -97.96 -13.33
C ALA KA 104 91.52 -96.95 -14.36
N GLU KA 105 90.21 -96.78 -14.46
CA GLU KA 105 89.66 -95.79 -15.39
C GLU KA 105 90.01 -94.37 -14.94
N VAL KA 106 90.11 -94.13 -13.63
CA VAL KA 106 90.55 -92.83 -13.15
C VAL KA 106 92.04 -92.63 -13.42
N THR KA 107 92.84 -93.68 -13.24
CA THR KA 107 94.27 -93.59 -13.51
C THR KA 107 94.53 -93.28 -14.98
N THR KA 108 93.79 -93.93 -15.88
CA THR KA 108 93.96 -93.66 -17.31
C THR KA 108 93.62 -92.20 -17.62
N MET KA 109 92.52 -91.70 -17.05
CA MET KA 109 92.11 -90.32 -17.27
C MET KA 109 93.18 -89.36 -16.77
N LEU KA 110 93.71 -89.62 -15.57
CA LEU KA 110 94.72 -88.75 -14.98
C LEU KA 110 95.98 -88.75 -15.83
N ASN KA 111 96.42 -89.91 -16.29
CA ASN KA 111 97.65 -89.98 -17.06
C ASN KA 111 97.51 -89.32 -18.42
N ALA KA 112 96.37 -89.51 -19.09
CA ALA KA 112 96.15 -88.81 -20.36
C ALA KA 112 96.08 -87.30 -20.16
N ALA KA 113 95.39 -86.85 -19.12
CA ALA KA 113 95.30 -85.42 -18.86
C ALA KA 113 96.66 -84.83 -18.50
N ALA KA 114 97.54 -85.62 -17.89
CA ALA KA 114 98.87 -85.12 -17.55
C ALA KA 114 99.67 -84.80 -18.81
N GLN KA 115 99.70 -85.73 -19.77
CA GLN KA 115 100.36 -85.47 -21.04
C GLN KA 115 99.64 -84.40 -21.85
N LEU KA 116 98.35 -84.19 -21.61
CA LEU KA 116 97.65 -83.12 -22.32
C LEU KA 116 98.23 -81.74 -22.01
N LEU KA 117 98.94 -81.60 -20.89
CA LEU KA 117 99.49 -80.31 -20.51
C LEU KA 117 101.00 -80.33 -20.31
N PHE KA 118 101.68 -81.38 -20.76
CA PHE KA 118 103.14 -81.30 -20.85
C PHE KA 118 103.74 -81.85 -22.14
N ASP KA 119 102.96 -82.46 -23.03
CA ASP KA 119 103.49 -82.90 -24.31
C ASP KA 119 103.86 -81.70 -25.17
N SER KA 120 104.88 -81.88 -26.01
CA SER KA 120 105.53 -80.74 -26.65
C SER KA 120 104.64 -80.08 -27.70
N ASP KA 121 103.67 -80.82 -28.25
CA ASP KA 121 102.78 -80.25 -29.26
C ASP KA 121 101.89 -79.17 -28.65
N TYR KA 122 101.18 -79.53 -27.59
CA TYR KA 122 100.21 -78.64 -26.96
C TYR KA 122 100.90 -77.44 -26.35
N SER KA 123 102.24 -77.42 -26.40
CA SER KA 123 102.99 -76.24 -26.00
C SER KA 123 102.53 -75.02 -26.77
N ASP KA 124 102.19 -75.17 -28.06
CA ASP KA 124 101.68 -74.02 -28.78
C ASP KA 124 100.29 -73.62 -28.32
N PHE KA 125 99.46 -74.56 -27.87
CA PHE KA 125 98.13 -74.24 -27.40
C PHE KA 125 98.14 -73.54 -26.05
N TRP KA 126 99.01 -73.97 -25.14
CA TRP KA 126 99.05 -73.39 -23.80
C TRP KA 126 99.73 -72.03 -23.76
N LYS KA 127 100.82 -71.87 -24.51
CA LYS KA 127 101.59 -70.62 -24.51
C LYS KA 127 101.11 -69.65 -25.58
N ALA KA 128 101.13 -70.09 -26.85
CA ALA KA 128 100.74 -69.21 -27.94
C ALA KA 128 99.23 -69.10 -28.11
N GLN KA 129 98.45 -69.91 -27.40
CA GLN KA 129 97.00 -69.92 -27.51
C GLN KA 129 96.57 -70.27 -28.94
N ALA KA 130 97.28 -71.22 -29.54
CA ALA KA 130 97.15 -71.58 -30.94
C ALA KA 130 96.40 -72.89 -31.07
N LEU KA 131 95.18 -72.85 -31.62
CA LEU KA 131 94.36 -74.03 -31.78
C LEU KA 131 94.93 -75.01 -32.80
N ALA KA 132 95.55 -74.50 -33.85
CA ALA KA 132 96.17 -75.37 -34.83
C ALA KA 132 97.55 -74.85 -35.24
N ALA LA 1 99.99 -87.80 1.78
CA ALA LA 1 99.20 -87.23 0.69
C ALA LA 1 99.38 -85.73 0.61
N ILE LA 2 98.28 -84.99 0.55
CA ILE LA 2 98.35 -83.54 0.59
C ILE LA 2 98.63 -83.10 2.02
N ALA LA 3 99.89 -82.85 2.34
CA ALA LA 3 100.31 -82.55 3.70
C ALA LA 3 101.80 -82.26 3.74
N ASN LA 4 102.62 -83.20 3.28
CA ASN LA 4 104.07 -83.06 3.26
C ASN LA 4 104.63 -83.53 1.93
N SER LA 5 103.80 -83.53 0.88
CA SER LA 5 104.22 -84.06 -0.41
C SER LA 5 105.24 -83.14 -1.07
N SER LA 6 106.10 -83.73 -1.90
CA SER LA 6 107.15 -83.01 -2.61
C SER LA 6 106.81 -82.95 -4.09
N ILE LA 7 106.99 -81.77 -4.69
CA ILE LA 7 106.80 -81.57 -6.13
C ILE LA 7 108.07 -80.94 -6.69
N ALA LA 8 108.57 -81.51 -7.78
CA ALA LA 8 109.83 -81.07 -8.37
C ALA LA 8 109.57 -79.89 -9.31
N ILE LA 9 109.85 -78.69 -8.85
CA ILE LA 9 109.60 -77.48 -9.63
C ILE LA 9 110.65 -77.36 -10.73
N ASP LA 10 110.21 -76.98 -11.93
CA ASP LA 10 111.07 -76.79 -13.09
C ASP LA 10 111.85 -78.07 -13.41
N SER LA 11 111.14 -79.18 -13.46
CA SER LA 11 111.69 -80.46 -13.85
C SER LA 11 111.19 -80.83 -15.25
N THR LA 12 111.60 -82.01 -15.71
CA THR LA 12 111.19 -82.51 -17.01
C THR LA 12 110.31 -83.74 -16.80
N ALA LA 13 109.10 -83.71 -17.35
CA ALA LA 13 108.16 -84.81 -17.22
C ALA LA 13 108.10 -85.59 -18.53
N SER LA 14 108.21 -86.91 -18.42
CA SER LA 14 108.20 -87.80 -19.58
C SER LA 14 107.25 -88.95 -19.32
N VAL LA 15 107.11 -89.81 -20.33
CA VAL LA 15 106.18 -90.93 -20.33
C VAL LA 15 106.87 -92.16 -20.89
N THR LA 16 106.64 -93.31 -20.26
CA THR LA 16 107.15 -94.59 -20.74
C THR LA 16 106.02 -95.59 -20.78
N GLY LA 17 106.12 -96.56 -21.70
CA GLY LA 17 105.10 -97.56 -21.84
C GLY LA 17 103.85 -97.01 -22.51
N GLY LA 18 102.78 -97.80 -22.46
CA GLY LA 18 101.51 -97.40 -23.00
C GLY LA 18 101.40 -97.60 -24.50
N THR LA 19 100.24 -97.20 -25.02
CA THR LA 19 99.95 -97.23 -26.45
C THR LA 19 99.84 -95.81 -26.98
N ALA LA 20 100.48 -95.56 -28.12
CA ALA LA 20 100.54 -94.24 -28.73
C ALA LA 20 99.29 -94.08 -29.61
N ARG LA 21 98.41 -93.19 -29.19
CA ARG LA 21 97.25 -92.85 -30.00
C ARG LA 21 97.44 -91.49 -30.67
N THR LA 22 96.68 -91.27 -31.74
CA THR LA 22 96.97 -90.15 -32.64
C THR LA 22 96.25 -88.87 -32.23
N VAL LA 23 95.00 -88.99 -31.77
CA VAL LA 23 94.11 -87.84 -31.55
C VAL LA 23 93.77 -87.26 -32.91
N LYS LA 24 92.47 -87.22 -33.24
CA LYS LA 24 92.02 -86.75 -34.55
C LYS LA 24 90.97 -85.68 -34.34
N GLU LA 25 91.09 -84.57 -35.04
CA GLU LA 25 90.17 -83.45 -34.84
C GLU LA 25 88.83 -83.73 -35.49
N LEU LA 26 87.75 -83.43 -34.78
CA LEU LA 26 86.40 -83.63 -35.29
C LEU LA 26 85.82 -82.35 -35.91
N VAL LA 27 85.65 -81.32 -35.08
CA VAL LA 27 84.93 -80.11 -35.46
C VAL LA 27 85.71 -78.92 -34.94
N ARG LA 28 85.57 -77.80 -35.63
CA ARG LA 28 86.29 -76.58 -35.30
C ARG LA 28 85.27 -75.44 -35.23
N ASN LA 29 85.74 -74.23 -34.91
CA ASN LA 29 84.94 -73.01 -34.85
C ASN LA 29 84.05 -72.98 -33.61
N ASN LA 30 84.06 -71.86 -32.90
CA ASN LA 30 84.96 -70.74 -33.13
C ASN LA 30 85.78 -70.51 -31.89
N SER LA 31 87.11 -70.47 -32.04
CA SER LA 31 88.02 -70.46 -30.90
C SER LA 31 87.75 -71.68 -30.01
N GLU LA 32 87.48 -72.81 -30.67
CA GLU LA 32 87.07 -74.02 -29.98
C GLU LA 32 87.38 -75.22 -30.87
N LEU LA 33 88.36 -76.03 -30.47
CA LEU LA 33 88.66 -77.25 -31.19
C LEU LA 33 88.01 -78.45 -30.51
N ASN LA 34 87.66 -79.45 -31.30
CA ASN LA 34 87.13 -80.70 -30.79
C ASN LA 34 87.83 -81.85 -31.49
N ALA LA 35 88.39 -82.77 -30.72
CA ALA LA 35 89.14 -83.88 -31.27
C ALA LA 35 88.69 -85.15 -30.54
N TYR LA 36 89.33 -86.27 -30.88
CA TYR LA 36 89.06 -87.52 -30.21
C TYR LA 36 90.30 -88.40 -30.29
N ILE LA 37 90.55 -89.16 -29.23
CA ILE LA 37 91.70 -90.05 -29.19
C ILE LA 37 91.30 -91.38 -29.83
N ASP LA 38 91.97 -91.73 -30.92
CA ASP LA 38 91.61 -92.90 -31.72
C ASP LA 38 92.30 -94.14 -31.16
N GLU LA 39 91.54 -94.99 -30.47
CA GLU LA 39 92.05 -96.24 -29.92
C GLU LA 39 91.32 -97.43 -30.52
N GLY LA 40 90.74 -97.26 -31.72
CA GLY LA 40 89.95 -98.31 -32.32
C GLY LA 40 88.72 -98.68 -31.54
N LEU LA 41 88.02 -97.69 -30.99
CA LEU LA 41 86.82 -97.93 -30.22
C LEU LA 41 85.60 -97.43 -30.99
N SER LA 42 84.42 -97.73 -30.47
CA SER LA 42 83.18 -97.35 -31.13
C SER LA 42 82.92 -95.86 -30.96
N PHE LA 43 81.84 -95.40 -31.59
CA PHE LA 43 81.51 -93.98 -31.58
C PHE LA 43 81.09 -93.51 -30.20
N GLN LA 44 80.38 -94.34 -29.44
CA GLN LA 44 79.91 -93.93 -28.12
C GLN LA 44 80.96 -94.13 -27.03
N ALA LA 45 82.04 -94.84 -27.32
CA ALA LA 45 83.02 -95.19 -26.31
C ALA LA 45 84.38 -94.55 -26.57
N ARG LA 46 84.42 -93.50 -27.39
CA ARG LA 46 85.68 -92.85 -27.71
C ARG LA 46 85.94 -91.68 -26.75
N LYS LA 47 87.22 -91.34 -26.61
CA LYS LA 47 87.69 -90.37 -25.61
C LYS LA 47 87.13 -88.97 -25.81
N GLU LA 48 87.40 -88.35 -26.96
CA GLU LA 48 86.86 -87.02 -27.30
C GLU LA 48 87.32 -85.87 -26.40
N VAL LA 49 88.59 -85.48 -26.50
CA VAL LA 49 89.11 -84.29 -25.82
C VAL LA 49 88.76 -83.05 -26.62
N ALA LA 50 88.33 -82.00 -25.93
CA ALA LA 50 88.00 -80.71 -26.53
C ALA LA 50 88.94 -79.61 -26.05
N PHE LA 51 89.20 -78.64 -26.94
CA PHE LA 51 90.14 -77.55 -26.68
C PHE LA 51 89.43 -76.22 -26.86
N SER LA 52 89.43 -75.39 -25.82
CA SER LA 52 88.82 -74.08 -25.86
C SER LA 52 89.88 -73.00 -25.66
N VAL LA 53 89.55 -71.78 -26.06
CA VAL LA 53 90.49 -70.66 -25.95
C VAL LA 53 89.72 -69.36 -25.76
N LYS LA 54 90.22 -68.51 -24.86
CA LYS LA 54 89.67 -67.18 -24.62
C LYS LA 54 90.82 -66.19 -24.74
N VAL LA 55 90.80 -65.40 -25.83
CA VAL LA 55 91.93 -64.53 -26.12
C VAL LA 55 91.97 -63.38 -25.11
N PRO LA 56 93.14 -62.79 -24.85
CA PRO LA 56 93.18 -61.65 -23.92
C PRO LA 56 92.41 -60.46 -24.47
N LYS LA 57 91.52 -59.93 -23.64
CA LYS LA 57 90.65 -58.83 -24.02
C LYS LA 57 91.16 -57.54 -23.39
N VAL LA 58 91.14 -56.45 -24.15
CA VAL LA 58 91.66 -55.18 -23.67
C VAL LA 58 90.67 -54.58 -22.69
N SER LA 59 90.92 -54.78 -21.39
CA SER LA 59 90.12 -54.14 -20.35
C SER LA 59 90.77 -52.82 -19.94
N VAL LA 60 90.32 -52.24 -18.83
CA VAL LA 60 90.91 -51.00 -18.34
C VAL LA 60 91.36 -51.18 -16.90
N SER LA 61 90.46 -51.64 -16.04
CA SER LA 61 90.73 -51.74 -14.61
C SER LA 61 91.23 -53.14 -14.26
N ALA LA 62 92.37 -53.49 -14.85
CA ALA LA 62 92.97 -54.78 -14.60
C ALA LA 62 94.49 -54.62 -14.52
N PRO LA 63 95.17 -55.51 -13.81
CA PRO LA 63 96.63 -55.50 -13.85
C PRO LA 63 97.15 -55.68 -15.27
N GLY LA 64 98.12 -54.86 -15.66
CA GLY LA 64 98.69 -54.96 -16.98
C GLY LA 64 97.88 -54.20 -18.02
N GLY LA 65 96.56 -54.22 -17.87
CA GLY LA 65 95.68 -53.53 -18.78
C GLY LA 65 94.65 -54.42 -19.43
N PHE LA 66 95.04 -55.64 -19.81
CA PHE LA 66 94.14 -56.54 -20.50
C PHE LA 66 93.57 -57.56 -19.52
N THR LA 67 92.59 -58.32 -19.97
CA THR LA 67 92.15 -59.49 -19.23
C THR LA 67 93.12 -60.65 -19.47
N GLN LA 68 92.81 -61.79 -18.88
CA GLN LA 68 93.73 -62.91 -18.89
C GLN LA 68 93.52 -63.79 -20.11
N ALA LA 69 94.59 -64.46 -20.53
CA ALA LA 69 94.57 -65.41 -21.64
C ALA LA 69 94.13 -66.76 -21.10
N ARG LA 70 92.85 -67.05 -21.21
CA ARG LA 70 92.30 -68.31 -20.74
C ARG LA 70 92.47 -69.39 -21.79
N SER LA 71 92.78 -70.61 -21.36
CA SER LA 71 92.97 -71.74 -22.27
C SER LA 71 92.45 -72.98 -21.55
N THR LA 72 91.43 -73.62 -22.12
CA THR LA 72 90.76 -74.73 -21.47
C THR LA 72 90.87 -76.00 -22.30
N VAL LA 73 91.02 -77.13 -21.61
CA VAL LA 73 91.01 -78.46 -22.20
C VAL LA 73 90.05 -79.29 -21.36
N ILE LA 74 89.17 -80.04 -22.02
CA ILE LA 74 88.30 -81.00 -21.34
C ILE LA 74 88.46 -82.36 -21.99
N LEU LA 75 89.01 -83.30 -21.25
CA LEU LA 75 89.09 -84.69 -21.68
C LEU LA 75 87.82 -85.39 -21.20
N LYS LA 76 87.09 -85.98 -22.13
CA LYS LA 76 85.89 -86.74 -21.80
C LYS LA 76 86.22 -88.23 -21.84
N SER LA 77 85.40 -89.02 -21.15
CA SER LA 77 85.62 -90.46 -21.04
C SER LA 77 84.28 -91.15 -20.84
N PRO LA 78 83.77 -91.84 -21.84
CA PRO LA 78 82.48 -92.53 -21.69
C PRO LA 78 82.58 -93.67 -20.69
N LYS LA 79 81.47 -93.95 -20.03
CA LYS LA 79 81.39 -95.09 -19.13
C LYS LA 79 79.95 -95.56 -19.07
N THR LA 80 79.76 -96.88 -19.18
CA THR LA 80 78.45 -97.50 -19.06
C THR LA 80 78.27 -98.03 -17.64
N LEU LA 81 77.06 -97.87 -17.11
CA LEU LA 81 76.81 -98.11 -15.70
C LEU LA 81 76.26 -99.51 -15.47
N ALA LA 82 76.03 -99.83 -14.19
CA ALA LA 82 75.52 -101.14 -13.79
C ALA LA 82 74.05 -101.33 -14.13
N ASN LA 83 73.33 -100.26 -14.47
CA ASN LA 83 71.96 -100.35 -14.95
C ASN LA 83 71.86 -100.20 -16.46
N GLY LA 84 72.99 -100.16 -17.16
CA GLY LA 84 72.99 -100.04 -18.62
C GLY LA 84 73.02 -98.62 -19.14
N ASN LA 85 72.91 -97.63 -18.26
CA ASN LA 85 72.89 -96.23 -18.70
C ASN LA 85 74.30 -95.77 -19.06
N ARG LA 86 74.36 -94.62 -19.74
CA ARG LA 86 75.59 -94.08 -20.31
C ARG LA 86 75.87 -92.75 -19.62
N THR LA 87 77.12 -92.53 -19.23
CA THR LA 87 77.55 -91.27 -18.62
C THR LA 87 78.96 -90.93 -19.07
N VAL LA 88 79.41 -89.73 -18.71
CA VAL LA 88 80.72 -89.24 -19.10
C VAL LA 88 81.47 -88.76 -17.87
N ASN LA 89 82.72 -89.18 -17.73
CA ASN LA 89 83.64 -88.63 -16.75
C ASN LA 89 84.51 -87.60 -17.44
N THR LA 90 84.85 -86.52 -16.74
CA THR LA 90 85.60 -85.44 -17.37
C THR LA 90 86.81 -85.06 -16.54
N VAL LA 91 87.85 -84.60 -17.23
CA VAL LA 91 88.95 -83.88 -16.62
C VAL LA 91 89.01 -82.50 -17.28
N SER LA 92 88.90 -81.45 -16.49
CA SER LA 92 88.94 -80.09 -17.02
C SER LA 92 90.18 -79.38 -16.51
N ILE LA 93 90.99 -78.86 -17.44
CA ILE LA 93 92.21 -78.13 -17.12
C ILE LA 93 92.07 -76.74 -17.70
N GLN LA 94 92.09 -75.72 -16.85
CA GLN LA 94 92.05 -74.34 -17.28
C GLN LA 94 93.34 -73.63 -16.88
N LEU LA 95 94.05 -73.09 -17.87
CA LEU LA 95 95.24 -72.29 -17.64
C LEU LA 95 94.85 -70.83 -17.87
N SER LA 96 95.10 -70.00 -16.86
CA SER LA 96 94.71 -68.59 -16.92
C SER LA 96 95.90 -67.75 -16.50
N VAL LA 97 96.62 -67.21 -17.47
CA VAL LA 97 97.78 -66.39 -17.23
C VAL LA 97 97.52 -64.99 -17.78
N ASP LA 98 98.28 -64.02 -17.29
CA ASP LA 98 98.29 -62.68 -17.86
C ASP LA 98 99.09 -62.69 -19.15
N PRO LA 99 98.75 -61.82 -20.10
CA PRO LA 99 99.49 -61.81 -21.37
C PRO LA 99 100.96 -61.45 -21.22
N GLU LA 100 101.34 -60.80 -20.14
CA GLU LA 100 102.72 -60.43 -19.86
C GLU LA 100 103.56 -61.63 -19.45
N THR LA 101 102.93 -62.77 -19.18
CA THR LA 101 103.65 -63.96 -18.73
C THR LA 101 104.52 -64.52 -19.85
N THR LA 102 105.73 -64.94 -19.49
CA THR LA 102 106.66 -65.54 -20.43
C THR LA 102 106.39 -67.03 -20.59
N ALA LA 103 107.02 -67.62 -21.61
CA ALA LA 103 106.80 -69.03 -21.89
C ALA LA 103 107.36 -69.92 -20.78
N ALA LA 104 108.47 -69.51 -20.17
CA ALA LA 104 109.09 -70.31 -19.12
C ALA LA 104 108.24 -70.38 -17.87
N GLU LA 105 107.61 -69.27 -17.49
CA GLU LA 105 106.69 -69.30 -16.35
C GLU LA 105 105.51 -70.21 -16.63
N VAL LA 106 105.00 -70.19 -17.85
CA VAL LA 106 103.87 -71.04 -18.21
C VAL LA 106 104.28 -72.50 -18.19
N THR LA 107 105.49 -72.81 -18.65
CA THR LA 107 105.93 -74.19 -18.68
C THR LA 107 106.18 -74.69 -17.25
N THR LA 108 106.61 -73.79 -16.36
CA THR LA 108 106.75 -74.16 -14.95
C THR LA 108 105.39 -74.46 -14.33
N MET LA 109 104.40 -73.59 -14.60
CA MET LA 109 103.06 -73.81 -14.07
C MET LA 109 102.48 -75.12 -14.59
N LEU LA 110 102.66 -75.39 -15.89
CA LEU LA 110 102.15 -76.62 -16.47
C LEU LA 110 102.82 -77.84 -15.88
N ASN LA 111 104.13 -77.76 -15.64
CA ASN LA 111 104.84 -78.89 -15.06
C ASN LA 111 104.34 -79.17 -13.64
N ALA LA 112 104.14 -78.12 -12.84
CA ALA LA 112 103.64 -78.31 -11.48
C ALA LA 112 102.23 -78.90 -11.50
N ALA LA 113 101.37 -78.36 -12.35
CA ALA LA 113 100.00 -78.86 -12.43
C ALA LA 113 99.95 -80.30 -12.91
N ALA LA 114 100.79 -80.65 -13.90
CA ALA LA 114 100.87 -82.03 -14.36
C ALA LA 114 101.36 -82.96 -13.26
N GLN LA 115 102.34 -82.50 -12.47
CA GLN LA 115 102.81 -83.31 -11.36
C GLN LA 115 101.69 -83.56 -10.36
N LEU LA 116 100.84 -82.55 -10.12
CA LEU LA 116 99.66 -82.77 -9.27
C LEU LA 116 98.53 -83.41 -10.08
N LEU LA 117 98.90 -84.40 -10.88
CA LEU LA 117 97.92 -85.22 -11.58
C LEU LA 117 98.30 -86.69 -11.53
N PHE LA 118 99.62 -86.96 -11.56
CA PHE LA 118 100.10 -88.33 -11.65
C PHE LA 118 101.07 -88.70 -10.54
N ASP LA 119 101.45 -87.76 -9.67
CA ASP LA 119 102.32 -88.09 -8.55
C ASP LA 119 101.60 -89.02 -7.58
N SER LA 120 102.33 -90.04 -7.13
CA SER LA 120 101.73 -91.08 -6.29
C SER LA 120 101.23 -90.52 -4.97
N ASP LA 121 101.76 -89.38 -4.54
CA ASP LA 121 101.33 -88.75 -3.30
C ASP LA 121 99.86 -88.35 -3.37
N TYR LA 122 99.45 -87.80 -4.51
CA TYR LA 122 98.05 -87.41 -4.69
C TYR LA 122 97.28 -88.49 -5.44
N SER LA 123 97.17 -89.68 -4.88
CA SER LA 123 96.38 -90.73 -5.50
C SER LA 123 95.08 -90.91 -4.76
N ASP LA 124 95.15 -90.95 -3.43
CA ASP LA 124 93.94 -91.05 -2.62
C ASP LA 124 93.06 -89.81 -2.77
N PHE LA 125 93.63 -88.68 -3.18
CA PHE LA 125 92.83 -87.49 -3.42
C PHE LA 125 91.95 -87.60 -4.66
N TRP LA 126 92.46 -88.22 -5.73
CA TRP LA 126 91.69 -88.32 -6.96
C TRP LA 126 90.75 -89.52 -6.93
N LYS LA 127 91.25 -90.68 -6.50
CA LYS LA 127 90.45 -91.90 -6.55
C LYS LA 127 89.60 -92.05 -5.29
N ALA LA 128 90.24 -91.99 -4.12
CA ALA LA 128 89.50 -92.15 -2.87
C ALA LA 128 88.82 -90.87 -2.44
N GLN LA 129 89.09 -89.75 -3.09
CA GLN LA 129 88.56 -88.44 -2.72
C GLN LA 129 88.90 -88.10 -1.27
N ALA LA 130 90.10 -88.47 -0.85
CA ALA LA 130 90.58 -88.28 0.52
C ALA LA 130 91.46 -87.04 0.58
N LEU LA 131 90.94 -85.98 1.19
CA LEU LA 131 91.69 -84.72 1.28
C LEU LA 131 92.99 -84.89 2.03
N ALA LA 132 93.00 -85.74 3.05
CA ALA LA 132 94.20 -85.97 3.85
C ALA LA 132 94.10 -87.25 4.65
N ALA MA 1 112.46 -56.50 39.64
CA ALA MA 1 111.12 -56.24 39.11
C ALA MA 1 111.17 -55.77 37.66
N ILE MA 2 110.12 -55.06 37.24
CA ILE MA 2 110.02 -54.63 35.85
C ILE MA 2 111.13 -53.63 35.51
N ALA MA 3 111.34 -52.64 36.37
CA ALA MA 3 112.37 -51.64 36.14
C ALA MA 3 113.75 -52.28 36.20
N ASN MA 4 114.58 -52.01 35.19
CA ASN MA 4 115.95 -52.52 35.09
C ASN MA 4 115.98 -54.05 35.04
N SER MA 5 114.91 -54.64 34.51
CA SER MA 5 114.89 -56.07 34.25
C SER MA 5 115.68 -56.35 32.98
N SER MA 6 116.38 -57.47 32.95
CA SER MA 6 117.22 -57.82 31.81
C SER MA 6 116.56 -58.92 30.99
N ILE MA 7 116.58 -58.75 29.67
CA ILE MA 7 116.05 -59.72 28.71
C ILE MA 7 117.15 -60.08 27.73
N ALA MA 8 117.37 -61.37 27.52
CA ALA MA 8 118.40 -61.84 26.61
C ALA MA 8 117.79 -61.98 25.22
N ILE MA 9 118.15 -61.08 24.32
CA ILE MA 9 117.54 -61.00 23.00
C ILE MA 9 118.27 -61.93 22.04
N ASP MA 10 117.51 -62.58 21.16
CA ASP MA 10 118.00 -63.60 20.23
C ASP MA 10 118.68 -64.74 21.01
N SER MA 11 117.87 -65.39 21.82
CA SER MA 11 118.35 -66.41 22.74
C SER MA 11 117.52 -67.68 22.57
N THR MA 12 118.17 -68.82 22.80
CA THR MA 12 117.47 -70.08 22.75
C THR MA 12 116.81 -70.36 24.11
N ALA MA 13 115.54 -70.75 24.05
CA ALA MA 13 114.75 -71.02 25.26
C ALA MA 13 114.60 -72.52 25.40
N SER MA 14 115.22 -73.07 26.43
CA SER MA 14 115.09 -74.48 26.74
C SER MA 14 113.97 -74.70 27.75
N VAL MA 15 113.74 -75.96 28.10
CA VAL MA 15 112.77 -76.29 29.14
C VAL MA 15 113.09 -77.69 29.68
N THR MA 16 113.17 -77.81 31.00
CA THR MA 16 113.48 -79.10 31.65
C THR MA 16 112.68 -79.20 32.94
N GLY MA 17 111.47 -79.74 32.85
CA GLY MA 17 110.72 -80.05 34.05
C GLY MA 17 110.05 -81.41 34.06
N GLY MA 18 109.99 -82.06 32.90
CA GLY MA 18 109.28 -83.32 32.79
C GLY MA 18 107.79 -83.15 32.62
N THR MA 19 107.03 -84.22 32.84
CA THR MA 19 105.58 -84.23 32.68
C THR MA 19 105.19 -83.82 31.26
N ALA MA 20 105.70 -84.58 30.29
CA ALA MA 20 105.45 -84.29 28.89
C ALA MA 20 104.04 -84.68 28.49
N ARG MA 21 103.13 -83.72 28.50
CA ARG MA 21 101.75 -83.97 28.10
C ARG MA 21 101.64 -83.96 26.58
N THR MA 22 100.40 -84.08 26.11
CA THR MA 22 100.12 -84.15 24.67
C THR MA 22 98.94 -83.26 24.35
N VAL MA 23 99.11 -82.39 23.35
CA VAL MA 23 98.02 -81.57 22.84
C VAL MA 23 97.23 -82.39 21.83
N LYS MA 24 95.97 -82.67 22.15
CA LYS MA 24 95.09 -83.40 21.25
C LYS MA 24 94.00 -82.46 20.77
N GLU MA 25 93.79 -82.40 19.46
CA GLU MA 25 92.81 -81.47 18.92
C GLU MA 25 91.39 -82.01 19.14
N LEU MA 26 90.45 -81.08 19.28
CA LEU MA 26 89.06 -81.44 19.53
C LEU MA 26 88.20 -81.10 18.32
N VAL MA 27 88.14 -79.84 17.90
CA VAL MA 27 87.33 -79.40 16.78
C VAL MA 27 88.15 -78.44 15.94
N ARG MA 28 87.54 -77.91 14.90
CA ARG MA 28 88.21 -76.95 14.02
C ARG MA 28 87.44 -75.66 13.80
N ASN MA 29 86.11 -75.73 13.79
CA ASN MA 29 85.21 -74.66 13.30
C ASN MA 29 85.86 -73.70 12.32
N ASN MA 30 85.57 -72.41 12.45
CA ASN MA 30 85.89 -71.43 11.42
C ASN MA 30 87.31 -70.91 11.61
N SER MA 31 88.25 -71.45 10.82
CA SER MA 31 89.63 -70.99 10.78
C SER MA 31 90.25 -70.97 12.18
N GLU MA 32 89.92 -72.00 12.95
CA GLU MA 32 90.33 -72.11 14.34
C GLU MA 32 90.83 -73.53 14.56
N LEU MA 33 91.37 -73.78 15.75
CA LEU MA 33 91.75 -75.14 16.13
C LEU MA 33 91.68 -75.29 17.63
N ASN MA 34 90.59 -75.86 18.12
CA ASN MA 34 90.41 -76.03 19.56
C ASN MA 34 90.97 -77.38 19.97
N ALA MA 35 91.99 -77.37 20.81
CA ALA MA 35 92.62 -78.57 21.32
C ALA MA 35 92.51 -78.61 22.84
N TYR MA 36 93.14 -79.62 23.44
CA TYR MA 36 93.19 -79.73 24.89
C TYR MA 36 94.43 -80.49 25.29
N ILE MA 37 94.91 -80.24 26.50
CA ILE MA 37 96.11 -80.90 27.01
C ILE MA 37 95.67 -82.15 27.77
N ASP MA 38 96.25 -83.30 27.40
CA ASP MA 38 95.86 -84.58 27.98
C ASP MA 38 96.69 -84.85 29.22
N GLU MA 39 96.10 -84.55 30.38
CA GLU MA 39 96.73 -84.81 31.66
C GLU MA 39 95.96 -85.79 32.53
N GLY MA 40 94.87 -86.34 32.03
CA GLY MA 40 94.05 -87.27 32.77
C GLY MA 40 93.04 -86.64 33.70
N LEU MA 41 92.77 -85.35 33.58
CA LEU MA 41 91.79 -84.69 34.43
C LEU MA 41 90.38 -85.04 33.98
N SER MA 42 89.39 -84.41 34.62
CA SER MA 42 88.01 -84.63 34.25
C SER MA 42 87.71 -83.97 32.91
N PHE MA 43 86.49 -84.20 32.42
CA PHE MA 43 86.12 -83.69 31.11
C PHE MA 43 85.96 -82.18 31.12
N GLN MA 44 85.26 -81.65 32.12
CA GLN MA 44 85.05 -80.21 32.24
C GLN MA 44 86.03 -79.58 33.22
N ALA MA 45 87.19 -80.24 33.42
CA ALA MA 45 88.26 -79.65 34.22
C ALA MA 45 89.61 -79.71 33.51
N ARG MA 46 89.63 -80.06 32.22
CA ARG MA 46 90.87 -80.15 31.46
C ARG MA 46 91.28 -78.78 30.93
N LYS MA 47 92.55 -78.63 30.54
CA LYS MA 47 93.02 -77.37 29.97
C LYS MA 47 92.89 -77.44 28.46
N GLU MA 48 92.03 -76.61 27.89
CA GLU MA 48 91.84 -76.53 26.45
C GLU MA 48 92.57 -75.28 25.94
N VAL MA 49 93.44 -75.47 24.94
CA VAL MA 49 94.10 -74.33 24.31
C VAL MA 49 93.60 -74.22 22.88
N ALA MA 50 93.16 -73.02 22.51
CA ALA MA 50 92.59 -72.74 21.20
C ALA MA 50 93.55 -71.90 20.37
N PHE MA 51 93.69 -72.29 19.10
CA PHE MA 51 94.55 -71.63 18.12
C PHE MA 51 93.69 -70.99 17.04
N SER MA 52 94.11 -69.82 16.56
CA SER MA 52 93.35 -69.15 15.52
C SER MA 52 94.27 -68.32 14.63
N VAL MA 53 93.90 -68.20 13.35
CA VAL MA 53 94.69 -67.44 12.39
C VAL MA 53 93.80 -66.38 11.74
N LYS MA 54 94.44 -65.27 11.38
CA LYS MA 54 93.80 -64.09 10.80
C LYS MA 54 94.69 -63.59 9.67
N VAL MA 55 94.89 -64.46 8.68
CA VAL MA 55 95.72 -64.22 7.48
C VAL MA 55 95.45 -62.86 6.86
N PRO MA 56 96.43 -62.26 6.18
CA PRO MA 56 96.25 -60.91 5.63
C PRO MA 56 95.24 -60.87 4.49
N LYS MA 57 94.66 -59.68 4.31
CA LYS MA 57 93.67 -59.44 3.27
C LYS MA 57 94.06 -58.16 2.54
N VAL MA 58 94.11 -58.23 1.21
CA VAL MA 58 94.63 -57.13 0.40
C VAL MA 58 93.75 -55.89 0.57
N SER MA 59 94.33 -54.84 1.15
CA SER MA 59 93.62 -53.59 1.40
C SER MA 59 94.20 -52.47 0.53
N VAL MA 60 93.61 -51.29 0.62
CA VAL MA 60 94.14 -50.08 -0.01
C VAL MA 60 94.87 -49.20 1.01
N SER MA 61 94.41 -49.23 2.26
CA SER MA 61 95.06 -48.66 3.42
C SER MA 61 96.19 -49.58 3.84
N ALA MA 62 96.62 -49.51 5.10
CA ALA MA 62 97.68 -50.38 5.61
C ALA MA 62 99.01 -50.06 4.93
N PRO MA 63 99.71 -49.03 5.40
CA PRO MA 63 100.87 -48.50 4.67
C PRO MA 63 102.01 -49.51 4.59
N GLY MA 64 101.96 -50.33 3.54
CA GLY MA 64 102.72 -51.55 3.41
C GLY MA 64 101.94 -52.52 2.55
N GLY MA 65 100.70 -52.15 2.25
CA GLY MA 65 99.91 -52.85 1.25
C GLY MA 65 98.63 -53.47 1.76
N PHE MA 66 98.67 -54.15 2.90
CA PHE MA 66 97.52 -54.85 3.44
C PHE MA 66 97.76 -55.31 4.87
N THR MA 67 96.68 -55.73 5.52
CA THR MA 67 96.63 -55.93 6.95
C THR MA 67 97.62 -57.00 7.41
N GLN MA 68 97.88 -57.02 8.70
CA GLN MA 68 98.83 -57.94 9.29
C GLN MA 68 98.20 -59.32 9.46
N ALA MA 69 99.07 -60.32 9.62
CA ALA MA 69 98.65 -61.70 9.83
C ALA MA 69 98.61 -61.97 11.33
N ARG MA 70 97.42 -62.25 11.86
CA ARG MA 70 97.31 -62.46 13.30
C ARG MA 70 97.31 -63.95 13.64
N SER MA 71 97.89 -64.26 14.80
CA SER MA 71 97.91 -65.64 15.31
C SER MA 71 97.60 -65.58 16.80
N THR MA 72 96.49 -66.18 17.19
CA THR MA 72 96.07 -66.15 18.58
C THR MA 72 96.11 -67.53 19.22
N VAL MA 73 96.55 -67.56 20.48
CA VAL MA 73 96.54 -68.76 21.30
C VAL MA 73 95.92 -68.42 22.65
N ILE MA 74 94.83 -69.07 23.00
CA ILE MA 74 94.19 -68.88 24.30
C ILE MA 74 94.26 -70.19 25.09
N LEU MA 75 94.90 -70.14 26.24
CA LEU MA 75 95.03 -71.30 27.12
C LEU MA 75 94.03 -71.15 28.25
N LYS MA 76 93.02 -72.02 28.27
CA LYS MA 76 91.98 -71.97 29.29
C LYS MA 76 92.25 -73.02 30.35
N SER MA 77 92.51 -72.57 31.57
CA SER MA 77 92.77 -73.46 32.71
C SER MA 77 91.61 -73.33 33.69
N PRO MA 78 90.76 -74.35 33.83
CA PRO MA 78 89.61 -74.22 34.74
C PRO MA 78 90.03 -74.37 36.20
N LYS MA 79 89.21 -73.82 37.09
CA LYS MA 79 89.51 -73.79 38.51
C LYS MA 79 88.21 -73.85 39.30
N THR MA 80 88.18 -74.71 40.32
CA THR MA 80 87.07 -74.77 41.26
C THR MA 80 87.42 -73.91 42.47
N LEU MA 81 86.55 -72.94 42.77
CA LEU MA 81 86.82 -72.01 43.85
C LEU MA 81 86.38 -72.60 45.19
N ALA MA 82 86.74 -71.90 46.27
CA ALA MA 82 86.36 -72.33 47.61
C ALA MA 82 84.84 -72.28 47.79
N ASN MA 83 84.21 -71.21 47.28
CA ASN MA 83 82.75 -71.10 47.35
C ASN MA 83 82.06 -72.26 46.65
N GLY MA 84 82.72 -72.89 45.70
CA GLY MA 84 82.19 -74.10 45.10
C GLY MA 84 81.97 -74.02 43.61
N ASN MA 85 81.71 -72.82 43.08
CA ASN MA 85 81.48 -72.66 41.65
C ASN MA 85 82.79 -72.80 40.89
N ARG MA 86 82.69 -72.72 39.56
CA ARG MA 86 83.80 -72.91 38.64
C ARG MA 86 84.09 -71.62 37.90
N THR MA 87 85.34 -71.44 37.54
CA THR MA 87 85.77 -70.29 36.76
C THR MA 87 86.90 -70.76 35.85
N VAL MA 88 87.27 -69.94 34.87
CA VAL MA 88 88.38 -70.26 33.98
C VAL MA 88 89.41 -69.15 34.06
N ASN MA 89 90.67 -69.53 34.22
CA ASN MA 89 91.80 -68.62 34.22
C ASN MA 89 92.46 -68.75 32.85
N THR MA 90 92.52 -67.65 32.11
CA THR MA 90 92.92 -67.70 30.71
C THR MA 90 94.23 -66.97 30.48
N VAL MA 91 94.97 -67.41 29.47
CA VAL MA 91 96.19 -66.75 29.03
C VAL MA 91 96.16 -66.62 27.52
N SER MA 92 95.80 -65.43 27.02
CA SER MA 92 95.73 -65.22 25.58
C SER MA 92 97.02 -64.59 25.08
N ILE MA 93 97.38 -64.94 23.84
CA ILE MA 93 98.58 -64.42 23.19
C ILE MA 93 98.25 -64.12 21.73
N GLN MA 94 98.62 -62.93 21.26
CA GLN MA 94 98.37 -62.53 19.89
C GLN MA 94 99.67 -62.04 19.25
N LEU MA 95 99.74 -62.19 17.92
CA LEU MA 95 100.98 -61.93 17.16
C LEU MA 95 100.67 -61.06 15.93
N SER MA 96 100.08 -59.90 16.16
CA SER MA 96 99.78 -58.96 15.08
C SER MA 96 101.10 -58.46 14.48
N VAL MA 97 101.53 -59.11 13.39
CA VAL MA 97 102.76 -58.74 12.71
C VAL MA 97 102.48 -58.54 11.23
N ASP MA 98 103.15 -57.55 10.65
CA ASP MA 98 102.97 -57.24 9.24
C ASP MA 98 103.47 -58.40 8.38
N PRO MA 99 102.71 -58.80 7.35
CA PRO MA 99 103.06 -60.01 6.60
C PRO MA 99 104.40 -59.98 5.91
N GLU MA 100 104.98 -58.80 5.68
CA GLU MA 100 106.29 -58.69 5.07
C GLU MA 100 107.42 -59.08 6.01
N THR MA 101 107.13 -59.29 7.29
CA THR MA 101 108.19 -59.54 8.25
C THR MA 101 108.80 -60.91 8.05
N THR MA 102 110.11 -61.01 8.31
CA THR MA 102 110.84 -62.25 8.12
C THR MA 102 110.63 -63.18 9.30
N ALA MA 103 111.02 -64.44 9.11
CA ALA MA 103 110.88 -65.46 10.14
C ALA MA 103 111.89 -65.29 11.27
N ALA MA 104 113.07 -64.74 10.99
CA ALA MA 104 114.04 -64.48 12.05
C ALA MA 104 113.53 -63.41 12.99
N GLU MA 105 112.90 -62.37 12.45
CA GLU MA 105 112.30 -61.34 13.29
C GLU MA 105 111.18 -61.91 14.15
N VAL MA 106 110.35 -62.76 13.56
CA VAL MA 106 109.27 -63.39 14.31
C VAL MA 106 109.83 -64.26 15.43
N THR MA 107 110.90 -65.01 15.13
CA THR MA 107 111.54 -65.82 16.17
C THR MA 107 112.09 -64.95 17.28
N THR MA 108 112.73 -63.83 16.92
CA THR MA 108 113.24 -62.90 17.93
C THR MA 108 112.11 -62.39 18.82
N MET MA 109 111.00 -61.98 18.21
CA MET MA 109 109.86 -61.47 18.95
C MET MA 109 109.26 -62.53 19.86
N LEU MA 110 109.13 -63.76 19.35
CA LEU MA 110 108.54 -64.84 20.14
C LEU MA 110 109.44 -65.18 21.32
N ASN MA 111 110.75 -65.19 21.10
CA ASN MA 111 111.68 -65.46 22.20
C ASN MA 111 111.64 -64.35 23.23
N ALA MA 112 111.59 -63.09 22.79
CA ALA MA 112 111.55 -61.98 23.73
C ALA MA 112 110.27 -61.97 24.54
N ALA MA 113 109.12 -62.17 23.89
CA ALA MA 113 107.85 -62.27 24.58
C ALA MA 113 107.77 -63.47 25.51
N ALA MA 114 108.22 -64.63 25.06
CA ALA MA 114 108.24 -65.81 25.91
C ALA MA 114 109.34 -65.75 26.95
N GLN MA 115 110.32 -64.86 26.78
CA GLN MA 115 111.30 -64.62 27.82
C GLN MA 115 110.69 -63.95 29.03
N LEU MA 116 109.64 -63.15 28.83
CA LEU MA 116 108.71 -62.80 29.87
C LEU MA 116 107.93 -64.05 30.26
N LEU MA 117 107.06 -63.92 31.27
CA LEU MA 117 106.19 -65.01 31.73
C LEU MA 117 106.95 -66.14 32.42
N PHE MA 118 108.28 -66.14 32.38
CA PHE MA 118 109.00 -67.10 33.23
C PHE MA 118 110.24 -66.46 33.83
N ASP MA 119 110.55 -65.23 33.44
CA ASP MA 119 111.65 -64.53 34.06
C ASP MA 119 111.28 -64.14 35.49
N SER MA 120 112.24 -64.27 36.39
CA SER MA 120 112.00 -64.01 37.80
C SER MA 120 111.63 -62.56 38.08
N ASP MA 121 112.06 -61.63 37.22
CA ASP MA 121 111.78 -60.22 37.45
C ASP MA 121 110.27 -59.94 37.40
N TYR MA 122 109.56 -60.63 36.51
CA TYR MA 122 108.15 -60.37 36.27
C TYR MA 122 107.23 -61.27 37.10
N SER MA 123 107.78 -62.08 38.00
CA SER MA 123 106.97 -62.94 38.84
C SER MA 123 105.92 -62.16 39.62
N ASP MA 124 106.34 -61.07 40.26
CA ASP MA 124 105.40 -60.27 41.05
C ASP MA 124 104.40 -59.55 40.17
N PHE MA 125 104.82 -59.15 38.97
CA PHE MA 125 103.88 -58.52 38.04
C PHE MA 125 102.78 -59.49 37.63
N TRP MA 126 103.15 -60.72 37.29
CA TRP MA 126 102.17 -61.70 36.86
C TRP MA 126 101.32 -62.21 38.01
N LYS MA 127 101.86 -62.24 39.23
CA LYS MA 127 101.17 -62.86 40.37
C LYS MA 127 100.43 -61.83 41.20
N ALA MA 128 101.12 -60.84 41.77
CA ALA MA 128 100.49 -59.84 42.62
C ALA MA 128 100.17 -58.54 41.90
N GLN MA 129 100.45 -58.45 40.60
CA GLN MA 129 100.19 -57.25 39.79
C GLN MA 129 101.00 -56.07 40.29
N ALA MA 130 102.24 -56.33 40.70
CA ALA MA 130 103.15 -55.29 41.16
C ALA MA 130 103.77 -54.62 39.93
N LEU MA 131 103.07 -53.61 39.42
CA LEU MA 131 103.56 -52.81 38.30
C LEU MA 131 104.86 -52.13 38.68
N ALA MA 132 104.80 -51.26 39.67
CA ALA MA 132 105.99 -50.62 40.21
C ALA MA 132 106.58 -51.53 41.29
N ALA NA 1 -23.22 108.85 -67.79
CA ALA NA 1 -22.82 109.60 -68.97
C ALA NA 1 -22.18 108.66 -69.99
N ILE NA 2 -22.00 107.41 -69.57
CA ILE NA 2 -21.63 106.34 -70.50
C ILE NA 2 -22.92 105.84 -71.14
N ALA NA 3 -23.33 106.48 -72.23
CA ALA NA 3 -24.58 106.12 -72.87
C ALA NA 3 -24.54 106.62 -74.31
N ASN NA 4 -25.11 107.79 -74.57
CA ASN NA 4 -24.89 108.45 -75.84
C ASN NA 4 -23.80 109.51 -75.68
N SER NA 5 -22.58 109.05 -75.38
CA SER NA 5 -21.44 109.93 -75.24
C SER NA 5 -20.88 110.31 -76.61
N SER NA 6 -19.66 110.83 -76.66
CA SER NA 6 -19.02 111.10 -77.93
C SER NA 6 -17.51 110.99 -77.76
N ILE NA 7 -16.86 110.39 -78.75
CA ILE NA 7 -15.42 110.23 -78.74
C ILE NA 7 -14.90 110.38 -80.17
N ALA NA 8 -13.86 111.20 -80.34
CA ALA NA 8 -13.26 111.38 -81.66
C ALA NA 8 -12.30 110.24 -81.94
N ILE NA 9 -12.43 109.64 -83.11
CA ILE NA 9 -11.60 108.50 -83.49
C ILE NA 9 -10.61 108.94 -84.56
N ASP NA 10 -9.34 108.57 -84.36
CA ASP NA 10 -8.24 109.01 -85.21
C ASP NA 10 -8.11 110.53 -85.19
N SER NA 11 -7.89 111.07 -84.00
CA SER NA 11 -7.74 112.50 -83.78
C SER NA 11 -6.47 112.77 -83.00
N THR NA 12 -5.98 114.01 -83.12
CA THR NA 12 -4.80 114.44 -82.39
C THR NA 12 -5.20 114.97 -81.02
N ALA NA 13 -4.45 114.57 -80.00
CA ALA NA 13 -4.67 115.02 -78.64
C ALA NA 13 -3.57 115.97 -78.22
N SER NA 14 -3.96 117.03 -77.51
CA SER NA 14 -3.04 118.09 -77.14
C SER NA 14 -3.25 118.46 -75.68
N VAL NA 15 -2.27 119.16 -75.12
CA VAL NA 15 -2.28 119.56 -73.72
C VAL NA 15 -1.88 121.03 -73.64
N THR NA 16 -2.66 121.81 -72.88
CA THR NA 16 -2.37 123.21 -72.65
C THR NA 16 -2.30 123.49 -71.16
N GLY NA 17 -1.45 124.45 -70.78
CA GLY NA 17 -1.36 124.85 -69.39
C GLY NA 17 -0.61 123.84 -68.54
N GLY NA 18 -0.88 123.88 -67.24
CA GLY NA 18 -0.20 123.02 -66.30
C GLY NA 18 1.24 123.44 -66.08
N THR NA 19 1.98 122.58 -65.38
CA THR NA 19 3.38 122.83 -65.06
C THR NA 19 4.20 121.65 -65.56
N ALA NA 20 5.01 121.88 -66.59
CA ALA NA 20 5.83 120.83 -67.18
C ALA NA 20 6.83 120.27 -66.18
N ARG NA 21 6.64 119.01 -65.81
CA ARG NA 21 7.54 118.31 -64.91
C ARG NA 21 8.53 117.49 -65.75
N THR NA 22 9.30 116.62 -65.10
CA THR NA 22 10.28 115.79 -65.80
C THR NA 22 10.27 114.40 -65.18
N VAL NA 23 10.33 113.37 -66.02
CA VAL NA 23 10.30 111.98 -65.56
C VAL NA 23 11.76 111.55 -65.42
N LYS NA 24 12.24 111.52 -64.18
CA LYS NA 24 13.60 111.11 -63.91
C LYS NA 24 13.66 109.60 -63.68
N GLU NA 25 14.55 108.94 -64.40
CA GLU NA 25 14.67 107.49 -64.37
C GLU NA 25 15.49 107.04 -63.17
N LEU NA 26 15.00 105.99 -62.50
CA LEU NA 26 15.59 105.57 -61.24
C LEU NA 26 16.29 104.23 -61.46
N VAL NA 27 15.58 103.19 -61.87
CA VAL NA 27 16.15 101.86 -62.03
C VAL NA 27 15.56 101.22 -63.27
N ARG NA 28 16.38 100.49 -64.01
CA ARG NA 28 16.02 99.91 -65.30
C ARG NA 28 16.47 98.45 -65.30
N ASN NA 29 15.58 97.54 -64.93
CA ASN NA 29 15.96 96.14 -64.83
C ASN NA 29 14.74 95.26 -65.09
N ASN NA 30 15.03 94.01 -65.48
CA ASN NA 30 14.02 92.95 -65.53
C ASN NA 30 12.81 93.33 -66.35
N SER NA 31 13.05 93.94 -67.52
CA SER NA 31 11.99 94.41 -68.41
C SER NA 31 11.13 95.49 -67.77
N GLU NA 32 11.66 96.15 -66.75
CA GLU NA 32 10.96 97.20 -66.02
C GLU NA 32 11.84 98.44 -65.95
N LEU NA 33 11.18 99.60 -65.92
CA LEU NA 33 11.83 100.90 -65.78
C LEU NA 33 11.04 101.66 -64.70
N ASN NA 34 11.63 101.75 -63.52
CA ASN NA 34 11.06 102.59 -62.47
C ASN NA 34 11.57 104.02 -62.64
N ALA NA 35 10.65 104.98 -62.53
CA ALA NA 35 11.03 106.38 -62.64
C ALA NA 35 10.10 107.17 -61.73
N TYR NA 36 10.33 108.48 -61.64
CA TYR NA 36 9.52 109.31 -60.79
C TYR NA 36 9.35 110.68 -61.45
N ILE NA 37 8.17 111.25 -61.30
CA ILE NA 37 7.90 112.61 -61.75
C ILE NA 37 8.48 113.57 -60.72
N ASP NA 38 9.24 114.54 -61.19
CA ASP NA 38 9.94 115.47 -60.31
C ASP NA 38 9.11 116.74 -60.19
N GLU NA 39 8.45 116.91 -59.04
CA GLU NA 39 7.67 118.11 -58.75
C GLU NA 39 8.25 118.88 -57.58
N GLY NA 40 9.46 118.56 -57.14
CA GLY NA 40 10.03 119.17 -55.96
C GLY NA 40 9.28 118.80 -54.70
N LEU NA 41 8.95 117.52 -54.57
CA LEU NA 41 8.23 117.00 -53.42
C LEU NA 41 9.16 116.11 -52.60
N SER NA 42 8.65 115.62 -51.47
CA SER NA 42 9.42 114.74 -50.60
C SER NA 42 9.38 113.33 -51.16
N PHE NA 43 10.28 112.48 -50.66
CA PHE NA 43 10.37 111.10 -51.13
C PHE NA 43 9.10 110.30 -50.83
N GLN NA 44 8.45 110.56 -49.70
CA GLN NA 44 7.24 109.84 -49.33
C GLN NA 44 6.01 110.27 -50.13
N ALA NA 45 6.06 111.43 -50.78
CA ALA NA 45 5.01 111.83 -51.69
C ALA NA 45 5.67 112.21 -53.02
N ARG NA 46 5.96 111.20 -53.83
CA ARG NA 46 6.50 111.39 -55.17
C ARG NA 46 5.40 111.06 -56.19
N LYS NA 47 5.70 110.94 -57.47
CA LYS NA 47 4.73 110.48 -58.46
C LYS NA 47 5.35 109.34 -59.25
N GLU NA 48 5.87 108.33 -58.54
CA GLU NA 48 6.56 107.22 -59.18
C GLU NA 48 5.70 106.58 -60.26
N VAL NA 49 6.34 106.26 -61.39
CA VAL NA 49 5.69 105.61 -62.52
C VAL NA 49 6.60 104.49 -63.02
N ALA NA 50 6.01 103.32 -63.25
CA ALA NA 50 6.73 102.14 -63.69
C ALA NA 50 6.28 101.73 -65.09
N PHE NA 51 7.26 101.53 -65.97
CA PHE NA 51 7.04 101.11 -67.35
C PHE NA 51 7.52 99.67 -67.50
N SER NA 52 6.64 98.78 -67.92
CA SER NA 52 6.98 97.38 -68.06
C SER NA 52 6.63 96.91 -69.47
N VAL NA 53 7.44 95.98 -69.98
CA VAL NA 53 7.27 95.45 -71.32
C VAL NA 53 7.32 93.93 -71.27
N LYS NA 54 6.38 93.30 -71.97
CA LYS NA 54 6.26 91.84 -72.07
C LYS NA 54 6.25 91.50 -73.56
N VAL NA 55 7.39 91.00 -74.05
CA VAL NA 55 7.62 90.75 -75.48
C VAL NA 55 6.90 89.47 -75.90
N PRO NA 56 6.45 89.37 -77.15
CA PRO NA 56 5.75 88.14 -77.58
C PRO NA 56 6.70 86.96 -77.70
N LYS NA 57 6.14 85.77 -77.50
CA LYS NA 57 6.87 84.51 -77.66
C LYS NA 57 6.08 83.57 -78.55
N VAL NA 58 6.79 82.63 -79.18
CA VAL NA 58 6.17 81.70 -80.11
C VAL NA 58 5.20 80.79 -79.36
N SER NA 59 4.08 80.48 -80.00
CA SER NA 59 3.06 79.62 -79.41
C SER NA 59 2.51 78.70 -80.50
N VAL NA 60 1.61 77.81 -80.10
CA VAL NA 60 0.86 76.99 -81.05
C VAL NA 60 -0.60 77.41 -81.12
N SER NA 61 -1.20 77.81 -80.01
CA SER NA 61 -2.45 78.53 -79.94
C SER NA 61 -2.17 80.00 -80.27
N ALA NA 62 -3.08 80.90 -79.87
CA ALA NA 62 -2.89 82.32 -80.14
C ALA NA 62 -2.93 82.56 -81.64
N PRO NA 63 -4.12 82.67 -82.23
CA PRO NA 63 -4.29 82.41 -83.67
C PRO NA 63 -3.52 83.38 -84.53
N GLY NA 64 -2.26 83.02 -84.80
CA GLY NA 64 -1.28 83.90 -85.40
C GLY NA 64 0.11 83.53 -84.92
N GLY NA 65 0.18 82.63 -83.96
CA GLY NA 65 1.43 81.99 -83.63
C GLY NA 65 2.14 82.53 -82.41
N PHE NA 66 1.91 83.80 -82.10
CA PHE NA 66 2.61 84.45 -81.00
C PHE NA 66 1.62 84.97 -79.97
N THR NA 67 2.07 85.01 -78.72
CA THR NA 67 1.34 85.72 -77.68
C THR NA 67 1.38 87.22 -77.97
N GLN NA 68 0.56 87.96 -77.24
CA GLN NA 68 0.45 89.40 -77.49
C GLN NA 68 1.60 90.14 -76.82
N ALA NA 69 1.99 91.25 -77.44
CA ALA NA 69 2.97 92.17 -76.86
C ALA NA 69 2.24 93.09 -75.89
N ARG NA 70 2.71 93.12 -74.65
CA ARG NA 70 2.06 93.90 -73.60
C ARG NA 70 2.97 95.03 -73.14
N SER NA 71 2.38 96.20 -72.95
CA SER NA 71 3.09 97.39 -72.45
C SER NA 71 2.24 97.95 -71.31
N THR NA 72 2.81 98.02 -70.11
CA THR NA 72 2.07 98.44 -68.94
C THR NA 72 2.72 99.66 -68.29
N VAL NA 73 1.90 100.66 -67.99
CA VAL NA 73 2.36 101.82 -67.25
C VAL NA 73 1.54 101.95 -65.98
N ILE NA 74 2.20 101.96 -64.84
CA ILE NA 74 1.54 102.18 -63.56
C ILE NA 74 2.02 103.49 -62.96
N LEU NA 75 1.10 104.40 -62.71
CA LEU NA 75 1.39 105.69 -62.09
C LEU NA 75 0.92 105.63 -60.64
N LYS NA 76 1.85 105.81 -59.71
CA LYS NA 76 1.52 105.76 -58.29
C LYS NA 76 1.43 107.18 -57.73
N SER NA 77 0.39 107.43 -56.94
CA SER NA 77 0.16 108.75 -56.35
C SER NA 77 -0.07 108.61 -54.85
N PRO NA 78 0.96 108.83 -54.03
CA PRO NA 78 0.77 108.79 -52.58
C PRO NA 78 -0.18 109.86 -52.07
N LYS NA 79 -1.17 109.46 -51.27
CA LYS NA 79 -2.08 110.35 -50.61
C LYS NA 79 -2.00 110.14 -49.10
N THR NA 80 -2.13 111.23 -48.36
CA THR NA 80 -2.10 111.20 -46.91
C THR NA 80 -3.51 111.42 -46.39
N LEU NA 81 -3.95 110.54 -45.50
CA LEU NA 81 -5.33 110.52 -45.04
C LEU NA 81 -5.52 111.45 -43.85
N ALA NA 82 -6.77 111.56 -43.40
CA ALA NA 82 -7.08 112.42 -42.26
C ALA NA 82 -6.38 111.92 -41.00
N ASN NA 83 -6.41 110.60 -40.77
CA ASN NA 83 -5.72 110.03 -39.61
C ASN NA 83 -4.23 110.23 -39.71
N GLY NA 84 -3.67 110.10 -40.92
CA GLY NA 84 -2.25 110.31 -41.11
C GLY NA 84 -1.55 109.15 -41.76
N ASN NA 85 -2.27 108.05 -41.97
CA ASN NA 85 -1.73 106.92 -42.68
C ASN NA 85 -1.54 107.27 -44.16
N ARG NA 86 -0.56 106.62 -44.78
CA ARG NA 86 -0.22 106.87 -46.17
C ARG NA 86 -0.77 105.75 -47.05
N THR NA 87 -1.55 106.12 -48.06
CA THR NA 87 -2.01 105.18 -49.06
C THR NA 87 -1.44 105.59 -50.40
N VAL NA 88 -1.46 104.67 -51.36
CA VAL NA 88 -1.02 104.95 -52.72
C VAL NA 88 -2.19 104.72 -53.66
N ASN NA 89 -2.50 105.73 -54.47
CA ASN NA 89 -3.55 105.65 -55.48
C ASN NA 89 -2.87 105.45 -56.83
N THR NA 90 -3.25 104.39 -57.54
CA THR NA 90 -2.57 104.00 -58.76
C THR NA 90 -3.50 104.10 -59.98
N VAL NA 91 -2.88 104.31 -61.14
CA VAL NA 91 -3.55 104.17 -62.42
C VAL NA 91 -2.72 103.22 -63.28
N SER NA 92 -3.34 102.12 -63.71
CA SER NA 92 -2.65 101.17 -64.58
C SER NA 92 -3.17 101.31 -66.00
N ILE NA 93 -2.25 101.25 -66.96
CA ILE NA 93 -2.59 101.32 -68.38
C ILE NA 93 -1.85 100.16 -69.04
N GLN NA 94 -2.60 99.15 -69.48
CA GLN NA 94 -2.02 97.98 -70.12
C GLN NA 94 -2.51 97.88 -71.55
N LEU NA 95 -1.60 97.83 -72.50
CA LEU NA 95 -1.91 97.67 -73.91
C LEU NA 95 -1.39 96.30 -74.37
N SER NA 96 -2.29 95.46 -74.87
CA SER NA 96 -1.93 94.16 -75.41
C SER NA 96 -2.30 94.14 -76.89
N VAL NA 97 -1.30 94.00 -77.76
CA VAL NA 97 -1.54 93.96 -79.19
C VAL NA 97 -0.92 92.71 -79.80
N ASP NA 98 -1.63 92.14 -80.77
CA ASP NA 98 -1.03 91.10 -81.58
C ASP NA 98 0.13 91.70 -82.37
N PRO NA 99 1.24 90.96 -82.50
CA PRO NA 99 2.43 91.54 -83.16
C PRO NA 99 2.19 91.92 -84.62
N GLU NA 100 1.14 91.41 -85.26
CA GLU NA 100 0.83 91.82 -86.62
C GLU NA 100 0.23 93.22 -86.70
N THR NA 101 -0.12 93.81 -85.55
CA THR NA 101 -0.83 95.08 -85.53
C THR NA 101 0.06 96.22 -86.02
N THR NA 102 -0.49 97.03 -86.94
CA THR NA 102 0.24 98.15 -87.51
C THR NA 102 0.37 99.28 -86.49
N ALA NA 103 1.20 100.27 -86.84
CA ALA NA 103 1.41 101.39 -85.94
C ALA NA 103 0.21 102.33 -85.91
N ALA NA 104 -0.49 102.48 -87.04
CA ALA NA 104 -1.69 103.30 -87.06
C ALA NA 104 -2.82 102.68 -86.24
N GLU NA 105 -2.93 101.35 -86.28
CA GLU NA 105 -3.94 100.68 -85.48
C GLU NA 105 -3.67 100.86 -83.98
N VAL NA 106 -2.40 100.84 -83.58
CA VAL NA 106 -2.06 101.09 -82.18
C VAL NA 106 -2.30 102.54 -81.82
N THR NA 107 -1.99 103.46 -82.75
CA THR NA 107 -2.22 104.88 -82.50
C THR NA 107 -3.71 105.17 -82.29
N THR NA 108 -4.57 104.52 -83.08
CA THR NA 108 -6.01 104.72 -82.90
C THR NA 108 -6.45 104.28 -81.52
N MET NA 109 -6.00 103.10 -81.07
CA MET NA 109 -6.33 102.62 -79.73
C MET NA 109 -5.83 103.58 -78.67
N LEU NA 110 -4.59 104.05 -78.81
CA LEU NA 110 -4.02 104.94 -77.81
C LEU NA 110 -4.81 106.23 -77.71
N ASN NA 111 -5.15 106.82 -78.86
CA ASN NA 111 -5.89 108.08 -78.84
C ASN NA 111 -7.30 107.90 -78.29
N ALA NA 112 -7.99 106.83 -78.66
CA ALA NA 112 -9.33 106.60 -78.11
C ALA NA 112 -9.29 106.36 -76.62
N ALA NA 113 -8.31 105.58 -76.15
CA ALA NA 113 -8.19 105.33 -74.72
C ALA NA 113 -7.80 106.58 -73.95
N ALA NA 114 -7.08 107.51 -74.59
CA ALA NA 114 -6.74 108.76 -73.93
C ALA NA 114 -8.00 109.57 -73.62
N GLN NA 115 -8.88 109.71 -74.60
CA GLN NA 115 -10.15 110.39 -74.35
C GLN NA 115 -11.07 109.59 -73.45
N LEU NA 116 -10.88 108.27 -73.36
CA LEU NA 116 -11.71 107.48 -72.45
C LEU NA 116 -11.51 107.89 -71.00
N LEU NA 117 -10.36 108.50 -70.67
CA LEU NA 117 -10.11 108.91 -69.29
C LEU NA 117 -9.83 110.40 -69.14
N PHE NA 118 -10.18 111.21 -70.14
CA PHE NA 118 -10.21 112.65 -69.90
C PHE NA 118 -11.45 113.36 -70.45
N ASP NA 119 -12.30 112.69 -71.23
CA ASP NA 119 -13.53 113.34 -71.71
C ASP NA 119 -14.48 113.61 -70.55
N SER NA 120 -15.26 114.69 -70.69
CA SER NA 120 -15.98 115.23 -69.54
C SER NA 120 -17.11 114.31 -69.08
N ASP NA 121 -17.64 113.48 -69.98
CA ASP NA 121 -18.73 112.57 -69.60
C ASP NA 121 -18.25 111.53 -68.59
N TYR NA 122 -17.17 110.82 -68.95
CA TYR NA 122 -16.67 109.74 -68.12
C TYR NA 122 -16.14 110.25 -66.79
N SER NA 123 -16.15 111.57 -66.62
CA SER NA 123 -15.85 112.15 -65.32
C SER NA 123 -16.75 111.58 -64.24
N ASP NA 124 -18.01 111.30 -64.57
CA ASP NA 124 -18.88 110.68 -63.57
C ASP NA 124 -18.49 109.24 -63.29
N PHE NA 125 -17.94 108.52 -64.25
CA PHE NA 125 -17.53 107.14 -64.05
C PHE NA 125 -16.25 107.02 -63.23
N TRP NA 126 -15.27 107.88 -63.47
CA TRP NA 126 -14.00 107.79 -62.77
C TRP NA 126 -14.07 108.30 -61.34
N LYS NA 127 -14.78 109.40 -61.10
CA LYS NA 127 -14.86 110.01 -59.78
C LYS NA 127 -16.04 109.47 -58.98
N ALA NA 128 -17.25 109.60 -59.51
CA ALA NA 128 -18.44 109.16 -58.80
C ALA NA 128 -18.67 107.66 -58.89
N GLN NA 129 -17.92 106.96 -59.74
CA GLN NA 129 -18.08 105.51 -59.92
C GLN NA 129 -19.49 105.19 -60.43
N ALA NA 130 -19.98 106.04 -61.31
CA ALA NA 130 -21.35 106.00 -61.80
C ALA NA 130 -21.38 105.41 -63.20
N LEU NA 131 -22.02 104.25 -63.35
CA LEU NA 131 -22.08 103.56 -64.63
C LEU NA 131 -23.03 104.28 -65.60
N ALA NA 132 -23.96 105.06 -65.08
CA ALA NA 132 -24.84 105.84 -65.94
C ALA NA 132 -25.30 107.12 -65.26
N ALA OA 1 12.76 109.16 -74.89
CA ALA OA 1 11.56 108.42 -74.51
C ALA OA 1 11.37 108.46 -72.99
N ILE OA 2 11.23 107.29 -72.38
CA ILE OA 2 11.14 107.22 -70.93
C ILE OA 2 12.54 107.37 -70.36
N ALA OA 3 12.87 108.59 -69.94
CA ALA OA 3 14.22 108.91 -69.49
C ALA OA 3 14.30 110.37 -69.04
N ASN OA 4 13.90 111.30 -69.92
CA ASN OA 4 13.92 112.72 -69.63
C ASN OA 4 12.65 113.40 -70.11
N SER OA 5 11.59 112.62 -70.29
CA SER OA 5 10.36 113.14 -70.86
C SER OA 5 9.68 114.10 -69.88
N SER OA 6 8.92 115.04 -70.44
CA SER OA 6 8.20 116.05 -69.66
C SER OA 6 6.70 115.76 -69.75
N ILE OA 7 6.02 115.86 -68.62
CA ILE OA 7 4.57 115.70 -68.53
C ILE OA 7 3.99 116.89 -67.80
N ALA OA 8 2.96 117.50 -68.40
CA ALA OA 8 2.38 118.73 -67.86
C ALA OA 8 1.35 118.38 -66.79
N ILE OA 9 1.75 118.45 -65.53
CA ILE OA 9 0.86 118.12 -64.43
C ILE OA 9 -0.20 119.20 -64.26
N ASP OA 10 -1.45 118.78 -64.04
CA ASP OA 10 -2.57 119.68 -63.81
C ASP OA 10 -2.79 120.61 -64.99
N SER OA 11 -2.80 120.03 -66.19
CA SER OA 11 -3.06 120.75 -67.42
C SER OA 11 -4.43 120.35 -67.96
N THR OA 12 -4.79 120.92 -69.12
CA THR OA 12 -6.05 120.62 -69.79
C THR OA 12 -5.75 119.90 -71.08
N ALA OA 13 -6.34 118.72 -71.25
CA ALA OA 13 -6.15 117.90 -72.44
C ALA OA 13 -7.38 118.01 -73.34
N SER OA 14 -7.14 118.25 -74.63
CA SER OA 14 -8.20 118.39 -75.61
C SER OA 14 -7.90 117.51 -76.81
N VAL OA 15 -8.77 117.56 -77.80
CA VAL OA 15 -8.69 116.73 -79.00
C VAL OA 15 -9.18 117.54 -80.19
N THR OA 16 -8.47 117.44 -81.31
CA THR OA 16 -8.85 118.12 -82.54
C THR OA 16 -8.85 117.13 -83.69
N GLY OA 17 -9.67 117.39 -84.70
CA GLY OA 17 -9.77 116.49 -85.83
C GLY OA 17 -10.56 115.24 -85.48
N GLY OA 18 -10.46 114.25 -86.36
CA GLY OA 18 -11.10 112.97 -86.14
C GLY OA 18 -12.57 112.96 -86.48
N THR OA 19 -13.17 111.79 -86.28
CA THR OA 19 -14.60 111.58 -86.45
C THR OA 19 -15.25 111.32 -85.10
N ALA OA 20 -16.35 112.01 -84.85
CA ALA OA 20 -17.05 111.95 -83.56
C ALA OA 20 -18.03 110.79 -83.59
N ARG OA 21 -17.66 109.69 -82.94
CA ARG OA 21 -18.55 108.54 -82.82
C ARG OA 21 -19.31 108.62 -81.50
N THR OA 22 -20.42 107.88 -81.44
CA THR OA 22 -21.40 108.08 -80.38
C THR OA 22 -21.15 107.20 -79.16
N VAL OA 23 -20.74 105.95 -79.37
CA VAL OA 23 -20.67 104.94 -78.31
C VAL OA 23 -22.09 104.60 -77.87
N LYS OA 24 -22.45 103.32 -77.96
CA LYS OA 24 -23.82 102.89 -77.68
C LYS OA 24 -23.78 101.72 -76.71
N GLU OA 25 -24.70 101.72 -75.76
CA GLU OA 25 -24.76 100.66 -74.76
C GLU OA 25 -25.22 99.34 -75.38
N LEU OA 26 -24.52 98.26 -75.06
CA LEU OA 26 -24.96 96.93 -75.46
C LEU OA 26 -25.72 96.22 -74.34
N VAL OA 27 -25.05 95.96 -73.23
CA VAL OA 27 -25.55 95.09 -72.17
C VAL OA 27 -25.06 95.64 -70.83
N ARG OA 28 -25.93 95.57 -69.84
CA ARG OA 28 -25.64 96.13 -68.52
C ARG OA 28 -25.71 94.99 -67.51
N ASN OA 29 -25.44 95.32 -66.24
CA ASN OA 29 -25.60 94.42 -65.09
C ASN OA 29 -24.49 93.38 -65.03
N ASN OA 30 -23.91 93.19 -63.85
CA ASN OA 30 -24.16 94.06 -62.71
C ASN OA 30 -22.87 94.71 -62.27
N SER OA 31 -22.91 96.04 -62.09
CA SER OA 31 -21.71 96.83 -61.81
C SER OA 31 -20.68 96.68 -62.93
N GLU OA 32 -21.20 96.53 -64.15
CA GLU OA 32 -20.37 96.48 -65.35
C GLU OA 32 -21.18 96.85 -66.59
N LEU OA 33 -20.85 97.98 -67.21
CA LEU OA 33 -21.49 98.37 -68.46
C LEU OA 33 -20.71 97.82 -69.64
N ASN OA 34 -21.42 97.56 -70.74
CA ASN OA 34 -20.81 97.15 -71.99
C ASN OA 34 -21.37 98.00 -73.11
N ALA OA 35 -20.47 98.62 -73.87
CA ALA OA 35 -20.88 99.54 -74.93
C ALA OA 35 -20.07 99.19 -76.18
N TYR OA 36 -20.27 99.98 -77.24
CA TYR OA 36 -19.49 99.83 -78.45
C TYR OA 36 -19.46 101.16 -79.17
N ILE OA 37 -18.33 101.47 -79.80
CA ILE OA 37 -18.19 102.70 -80.56
C ILE OA 37 -18.74 102.46 -81.96
N ASP OA 38 -19.77 103.21 -82.32
CA ASP OA 38 -20.46 103.02 -83.59
C ASP OA 38 -19.80 103.85 -84.69
N GLU OA 39 -19.05 103.17 -85.55
CA GLU OA 39 -18.41 103.81 -86.70
C GLU OA 39 -18.96 103.25 -88.00
N GLY OA 40 -20.14 102.65 -87.95
CA GLY OA 40 -20.70 102.00 -89.13
C GLY OA 40 -19.89 100.81 -89.61
N LEU OA 41 -19.40 99.99 -88.68
CA LEU OA 41 -18.65 98.80 -89.01
C LEU OA 41 -19.50 97.56 -88.72
N SER OA 42 -18.99 96.40 -89.12
CA SER OA 42 -19.73 95.16 -88.96
C SER OA 42 -19.69 94.70 -87.50
N PHE OA 43 -20.42 93.63 -87.23
CA PHE OA 43 -20.55 93.13 -85.86
C PHE OA 43 -19.24 92.56 -85.33
N GLN OA 44 -18.44 91.94 -86.19
CA GLN OA 44 -17.18 91.37 -85.74
C GLN OA 44 -16.03 92.37 -85.76
N ALA OA 45 -16.25 93.58 -86.28
CA ALA OA 45 -15.18 94.55 -86.44
C ALA OA 45 -15.45 95.84 -85.67
N ARG OA 46 -16.34 95.79 -84.68
CA ARG OA 46 -16.68 96.99 -83.92
C ARG OA 46 -15.81 97.10 -82.67
N LYS OA 47 -15.65 98.33 -82.18
CA LYS OA 47 -14.73 98.66 -81.09
C LYS OA 47 -15.08 97.95 -79.80
N GLU OA 48 -16.28 98.18 -79.25
CA GLU OA 48 -16.76 97.46 -78.07
C GLU OA 48 -15.93 97.73 -76.82
N VAL OA 49 -16.09 98.92 -76.23
CA VAL OA 49 -15.48 99.28 -74.95
C VAL OA 49 -16.38 98.82 -73.81
N ALA OA 50 -15.77 98.26 -72.76
CA ALA OA 50 -16.46 97.81 -71.57
C ALA OA 50 -16.05 98.60 -70.34
N PHE OA 51 -17.01 98.79 -69.42
CA PHE OA 51 -16.80 99.58 -68.21
C PHE OA 51 -17.12 98.73 -67.00
N SER OA 52 -16.16 98.59 -66.10
CA SER OA 52 -16.33 97.82 -64.87
C SER OA 52 -16.19 98.75 -63.66
N VAL OA 53 -16.70 98.29 -62.53
CA VAL OA 53 -16.68 99.10 -61.31
C VAL OA 53 -16.62 98.19 -60.08
N LYS OA 54 -15.79 98.57 -59.10
CA LYS OA 54 -15.69 97.88 -57.82
C LYS OA 54 -15.88 98.92 -56.73
N VAL OA 55 -16.99 98.83 -56.01
CA VAL OA 55 -17.33 99.86 -55.03
C VAL OA 55 -16.41 99.73 -53.82
N PRO OA 56 -16.15 100.81 -53.07
CA PRO OA 56 -15.31 100.69 -51.87
C PRO OA 56 -15.97 99.82 -50.82
N LYS OA 57 -15.25 98.80 -50.39
CA LYS OA 57 -15.74 97.86 -49.40
C LYS OA 57 -15.10 98.16 -48.06
N VAL OA 58 -15.93 98.27 -47.02
CA VAL OA 58 -15.43 98.67 -45.70
C VAL OA 58 -14.66 97.50 -45.08
N SER OA 59 -13.33 97.59 -45.10
CA SER OA 59 -12.47 96.62 -44.45
C SER OA 59 -12.15 97.07 -43.03
N VAL OA 60 -11.16 96.46 -42.41
CA VAL OA 60 -10.74 96.85 -41.06
C VAL OA 60 -9.27 97.26 -41.08
N SER OA 61 -8.42 96.40 -41.65
CA SER OA 61 -6.98 96.62 -41.64
C SER OA 61 -6.53 97.26 -42.95
N ALA OA 62 -7.02 98.48 -43.17
CA ALA OA 62 -6.65 99.23 -44.36
C ALA OA 62 -6.51 100.70 -44.01
N PRO OA 63 -5.70 101.46 -44.74
CA PRO OA 63 -5.68 102.91 -44.56
C PRO OA 63 -7.06 103.51 -44.79
N GLY OA 64 -7.47 104.39 -43.88
CA GLY OA 64 -8.76 105.03 -44.00
C GLY OA 64 -9.89 104.17 -43.46
N GLY OA 65 -9.77 102.86 -43.63
CA GLY OA 65 -10.76 101.92 -43.13
C GLY OA 65 -11.34 101.03 -44.21
N PHE OA 66 -11.62 101.58 -45.39
CA PHE OA 66 -12.27 100.82 -46.44
C PHE OA 66 -11.24 100.34 -47.45
N THR OA 67 -11.63 99.42 -48.31
CA THR OA 67 -10.83 99.08 -49.48
C THR OA 67 -11.00 100.16 -50.54
N GLN OA 68 -10.23 100.05 -51.61
CA GLN OA 68 -10.15 101.10 -52.60
C GLN OA 68 -11.30 101.05 -53.59
N ALA OA 69 -11.60 102.21 -54.18
CA ALA OA 69 -12.63 102.32 -55.21
C ALA OA 69 -11.97 102.00 -56.56
N ARG OA 70 -12.19 100.79 -57.03
CA ARG OA 70 -11.61 100.35 -58.30
C ARG OA 70 -12.55 100.68 -59.44
N SER OA 71 -11.98 101.13 -60.56
CA SER OA 71 -12.79 101.52 -61.73
C SER OA 71 -11.99 101.13 -62.97
N THR OA 72 -12.53 100.21 -63.76
CA THR OA 72 -11.82 99.65 -64.89
C THR OA 72 -12.56 99.93 -66.20
N VAL OA 73 -11.77 100.23 -67.24
CA VAL OA 73 -12.26 100.37 -68.60
C VAL OA 73 -11.38 99.47 -69.47
N ILE OA 74 -12.00 98.73 -70.38
CA ILE OA 74 -11.25 97.95 -71.37
C ILE OA 74 -11.78 98.29 -72.76
N LEU OA 75 -10.94 98.89 -73.58
CA LEU OA 75 -11.26 99.13 -74.98
C LEU OA 75 -10.77 97.92 -75.77
N LYS OA 76 -11.67 97.32 -76.53
CA LYS OA 76 -11.31 96.21 -77.41
C LYS OA 76 -11.21 96.71 -78.84
N SER OA 77 -10.48 95.97 -79.67
CA SER OA 77 -10.27 96.35 -81.06
C SER OA 77 -10.05 95.08 -81.88
N PRO OA 78 -11.00 94.71 -82.71
CA PRO OA 78 -10.83 93.51 -83.54
C PRO OA 78 -9.74 93.70 -84.57
N LYS OA 79 -9.12 92.58 -84.97
CA LYS OA 79 -8.14 92.60 -86.03
C LYS OA 79 -8.06 91.21 -86.65
N THR OA 80 -8.08 91.16 -87.97
CA THR OA 80 -7.92 89.90 -88.69
C THR OA 80 -6.48 89.79 -89.18
N LEU OA 81 -5.96 88.56 -89.19
CA LEU OA 81 -4.55 88.33 -89.41
C LEU OA 81 -4.26 87.88 -90.83
N ALA OA 82 -2.98 87.59 -91.11
CA ALA OA 82 -2.54 87.16 -92.43
C ALA OA 82 -2.90 85.72 -92.73
N ASN OA 83 -3.33 84.95 -91.73
CA ASN OA 83 -3.84 83.61 -91.94
C ASN OA 83 -5.35 83.56 -91.98
N GLY OA 84 -6.02 84.71 -91.86
CA GLY OA 84 -7.46 84.78 -91.83
C GLY OA 84 -8.06 84.66 -90.45
N ASN OA 85 -7.27 84.36 -89.44
CA ASN OA 85 -7.78 84.22 -88.08
C ASN OA 85 -8.10 85.58 -87.48
N ARG OA 86 -8.98 85.56 -86.48
CA ARG OA 86 -9.52 86.76 -85.85
C ARG OA 86 -8.93 86.85 -84.45
N THR OA 87 -8.56 88.06 -84.03
CA THR OA 87 -8.04 88.31 -82.69
C THR OA 87 -8.47 89.70 -82.22
N VAL OA 88 -8.17 89.98 -80.95
CA VAL OA 88 -8.57 91.24 -80.31
C VAL OA 88 -7.36 91.87 -79.65
N ASN OA 89 -7.17 93.16 -79.87
CA ASN OA 89 -6.20 93.96 -79.14
C ASN OA 89 -6.96 94.72 -78.05
N THR OA 90 -6.33 94.91 -76.90
CA THR OA 90 -7.01 95.53 -75.77
C THR OA 90 -6.18 96.67 -75.20
N VAL OA 91 -6.90 97.65 -74.67
CA VAL OA 91 -6.31 98.67 -73.81
C VAL OA 91 -7.06 98.63 -72.49
N SER OA 92 -6.37 98.34 -71.40
CA SER OA 92 -7.00 98.24 -70.09
C SER OA 92 -6.52 99.37 -69.19
N ILE OA 93 -7.46 100.13 -68.64
CA ILE OA 93 -7.17 101.25 -67.74
C ILE OA 93 -7.88 100.99 -66.43
N GLN OA 94 -7.13 100.83 -65.36
CA GLN OA 94 -7.70 100.67 -64.03
C GLN OA 94 -7.32 101.87 -63.16
N LEU OA 95 -8.32 102.53 -62.60
CA LEU OA 95 -8.12 103.63 -61.66
C LEU OA 95 -8.47 103.09 -60.29
N SER OA 96 -7.53 103.24 -59.35
CA SER OA 96 -7.71 102.73 -57.99
C SER OA 96 -7.35 103.83 -57.01
N VAL OA 97 -8.36 104.47 -56.44
CA VAL OA 97 -8.16 105.51 -55.46
C VAL OA 97 -8.80 105.10 -54.15
N ASP OA 98 -8.34 105.68 -53.06
CA ASP OA 98 -9.00 105.55 -51.77
C ASP OA 98 -10.25 106.42 -51.76
N PRO OA 99 -11.29 106.01 -51.04
CA PRO OA 99 -12.54 106.79 -51.04
C PRO OA 99 -12.37 108.21 -50.54
N GLU OA 100 -11.36 108.48 -49.71
CA GLU OA 100 -11.09 109.81 -49.18
C GLU OA 100 -10.52 110.76 -50.23
N THR OA 101 -10.17 110.25 -51.41
CA THR OA 101 -9.60 111.09 -52.46
C THR OA 101 -10.63 112.08 -52.99
N THR OA 102 -10.17 113.30 -53.24
CA THR OA 102 -11.01 114.35 -53.80
C THR OA 102 -11.08 114.22 -55.32
N ALA OA 103 -12.01 114.96 -55.90
CA ALA OA 103 -12.21 114.89 -57.36
C ALA OA 103 -11.03 115.50 -58.11
N ALA OA 104 -10.42 116.55 -57.54
CA ALA OA 104 -9.31 117.21 -58.22
C ALA OA 104 -8.06 116.34 -58.27
N GLU OA 105 -7.80 115.56 -57.22
CA GLU OA 105 -6.70 114.62 -57.26
C GLU OA 105 -6.90 113.56 -58.34
N VAL OA 106 -8.13 113.05 -58.46
CA VAL OA 106 -8.44 112.08 -59.50
C VAL OA 106 -8.30 112.71 -60.87
N THR OA 107 -8.67 113.98 -61.00
CA THR OA 107 -8.51 114.71 -62.26
C THR OA 107 -7.05 114.82 -62.63
N THR OA 108 -6.19 115.14 -61.66
CA THR OA 108 -4.76 115.22 -61.92
C THR OA 108 -4.21 113.86 -62.36
N MET OA 109 -4.62 112.80 -61.66
CA MET OA 109 -4.16 111.46 -62.00
C MET OA 109 -4.58 111.07 -63.40
N LEU OA 110 -5.83 111.34 -63.76
CA LEU OA 110 -6.32 110.99 -65.08
C LEU OA 110 -5.61 111.78 -66.16
N ASN OA 111 -5.34 113.06 -65.89
CA ASN OA 111 -4.62 113.86 -66.88
C ASN OA 111 -3.20 113.34 -67.09
N ALA OA 112 -2.51 112.98 -66.01
CA ALA OA 112 -1.16 112.44 -66.14
C ALA OA 112 -1.18 111.12 -66.90
N ALA OA 113 -2.12 110.23 -66.54
CA ALA OA 113 -2.20 108.93 -67.21
C ALA OA 113 -2.56 109.07 -68.68
N ALA OA 114 -3.47 109.99 -69.02
CA ALA OA 114 -3.80 110.24 -70.40
C ALA OA 114 -2.59 110.79 -71.16
N GLN OA 115 -1.83 111.68 -70.52
CA GLN OA 115 -0.61 112.19 -71.14
C GLN OA 115 0.35 111.05 -71.46
N LEU OA 116 0.48 110.08 -70.54
CA LEU OA 116 1.32 108.93 -70.82
C LEU OA 116 0.52 107.91 -71.62
N LEU OA 117 -0.20 108.40 -72.64
CA LEU OA 117 -0.85 107.54 -73.61
C LEU OA 117 -0.67 108.08 -75.02
N PHE OA 118 -0.61 109.41 -75.14
CA PHE OA 118 -0.54 110.06 -76.44
C PHE OA 118 0.63 110.99 -76.60
N ASP OA 119 1.40 111.26 -75.55
CA ASP OA 119 2.57 112.11 -75.67
C ASP OA 119 3.60 111.48 -76.60
N SER OA 120 4.17 112.30 -77.50
CA SER OA 120 5.04 111.79 -78.53
C SER OA 120 6.29 111.14 -77.96
N ASP OA 121 6.65 111.50 -76.73
CA ASP OA 121 7.82 110.93 -76.07
C ASP OA 121 7.65 109.44 -75.86
N TYR OA 122 6.45 109.01 -75.47
CA TYR OA 122 6.17 107.59 -75.28
C TYR OA 122 5.50 107.01 -76.52
N SER OA 123 6.18 107.01 -77.65
CA SER OA 123 5.63 106.38 -78.84
C SER OA 123 6.37 105.07 -79.12
N ASP OA 124 7.69 105.11 -79.01
CA ASP OA 124 8.47 103.88 -79.17
C ASP OA 124 8.14 102.87 -78.09
N PHE OA 125 7.67 103.32 -76.93
CA PHE OA 125 7.31 102.39 -75.86
C PHE OA 125 6.04 101.59 -76.17
N TRP OA 126 5.04 102.21 -76.78
CA TRP OA 126 3.80 101.50 -77.08
C TRP OA 126 3.91 100.71 -78.38
N LYS OA 127 4.40 101.34 -79.44
CA LYS OA 127 4.42 100.68 -80.75
C LYS OA 127 5.65 99.81 -80.91
N ALA OA 128 6.85 100.41 -80.74
CA ALA OA 128 8.07 99.63 -80.88
C ALA OA 128 8.37 98.78 -79.65
N GLN OA 129 7.60 98.97 -78.56
CA GLN OA 129 7.84 98.28 -77.30
C GLN OA 129 9.26 98.52 -76.79
N ALA OA 130 9.74 99.75 -76.98
CA ALA OA 130 11.12 100.13 -76.65
C ALA OA 130 11.15 100.81 -75.30
N LEU OA 131 11.66 100.12 -74.29
CA LEU OA 131 11.78 100.69 -72.95
C LEU OA 131 12.86 101.76 -72.90
N ALA OA 132 13.65 101.88 -73.95
CA ALA OA 132 14.75 102.83 -73.97
C ALA OA 132 14.84 103.57 -75.30
N ALA PA 1 48.07 116.46 -39.54
CA ALA PA 1 47.55 115.11 -39.34
C ALA PA 1 46.08 115.16 -38.93
N ILE PA 2 45.58 114.03 -38.41
CA ILE PA 2 44.17 113.92 -38.05
C ILE PA 2 43.81 114.91 -36.95
N ALA PA 3 44.64 114.98 -35.91
CA ALA PA 3 44.38 115.90 -34.82
C ALA PA 3 44.52 117.35 -35.29
N ASN PA 4 43.51 118.16 -34.99
CA ASN PA 4 43.47 119.58 -35.35
C ASN PA 4 43.52 119.77 -36.87
N SER PA 5 42.98 118.80 -37.60
CA SER PA 5 42.83 118.92 -39.04
C SER PA 5 41.62 119.79 -39.33
N SER PA 6 41.72 120.63 -40.36
CA SER PA 6 40.65 121.56 -40.70
C SER PA 6 39.92 121.09 -41.95
N ILE PA 7 38.59 121.05 -41.86
CA ILE PA 7 37.72 120.70 -42.98
C ILE PA 7 36.79 121.87 -43.24
N ALA PA 8 36.71 122.32 -44.49
CA ALA PA 8 35.86 123.44 -44.86
C ALA PA 8 34.46 122.91 -45.19
N ILE PA 9 33.51 123.18 -44.30
CA ILE PA 9 32.15 122.67 -44.45
C ILE PA 9 31.39 123.54 -45.45
N ASP PA 10 30.54 122.90 -46.24
CA ASP PA 10 29.71 123.57 -47.25
C ASP PA 10 30.59 124.32 -48.26
N SER PA 11 31.38 123.53 -48.98
CA SER PA 11 32.39 124.07 -49.87
C SER PA 11 32.23 123.47 -51.26
N THR PA 12 32.64 124.24 -52.27
CA THR PA 12 32.69 123.70 -53.61
C THR PA 12 34.03 122.99 -53.84
N ALA PA 13 33.96 121.77 -54.35
CA ALA PA 13 35.14 120.96 -54.60
C ALA PA 13 35.41 120.96 -56.09
N SER PA 14 36.51 121.59 -56.49
CA SER PA 14 36.92 121.58 -57.89
C SER PA 14 37.91 120.46 -58.14
N VAL PA 15 38.36 120.33 -59.37
CA VAL PA 15 39.41 119.37 -59.72
C VAL PA 15 40.08 119.82 -61.01
N THR PA 16 41.41 119.88 -61.00
CA THR PA 16 42.18 120.32 -62.17
C THR PA 16 43.45 119.48 -62.26
N GLY PA 17 43.38 118.37 -62.96
CA GLY PA 17 44.59 117.61 -63.27
C GLY PA 17 44.69 117.16 -64.71
N GLY PA 18 43.58 117.22 -65.44
CA GLY PA 18 43.56 116.70 -66.79
C GLY PA 18 43.32 115.21 -66.82
N THR PA 19 43.60 114.57 -67.96
CA THR PA 19 43.39 113.13 -68.14
C THR PA 19 41.93 112.76 -67.93
N ALA PA 20 41.07 113.38 -68.73
CA ALA PA 20 39.62 113.18 -68.61
C ALA PA 20 39.20 111.84 -69.18
N ARG PA 21 39.09 110.84 -68.31
CA ARG PA 21 38.68 109.51 -68.72
C ARG PA 21 37.16 109.43 -68.83
N THR PA 22 36.66 108.23 -69.13
CA THR PA 22 35.24 108.01 -69.35
C THR PA 22 34.80 106.74 -68.65
N VAL PA 23 33.74 106.84 -67.87
CA VAL PA 23 33.14 105.68 -67.22
C VAL PA 23 32.17 105.03 -68.22
N LYS PA 24 32.46 103.80 -68.62
CA LYS PA 24 31.61 103.04 -69.52
C LYS PA 24 31.01 101.88 -68.74
N GLU PA 25 29.69 101.73 -68.83
CA GLU PA 25 29.04 100.67 -68.07
C GLU PA 25 29.26 99.31 -68.74
N LEU PA 26 29.29 98.27 -67.92
CA LEU PA 26 29.49 96.92 -68.40
C LEU PA 26 28.22 96.09 -68.27
N VAL PA 27 27.69 95.93 -67.06
CA VAL PA 27 26.49 95.13 -66.81
C VAL PA 27 25.63 95.87 -65.79
N ARG PA 28 24.51 95.27 -65.45
CA ARG PA 28 23.59 95.87 -64.48
C ARG PA 28 23.23 94.95 -63.33
N ASN PA 29 23.14 93.65 -63.57
CA ASN PA 29 22.54 92.66 -62.67
C ASN PA 29 21.50 93.23 -61.71
N ASN PA 30 21.50 92.78 -60.47
CA ASN PA 30 20.39 93.02 -59.54
C ASN PA 30 20.58 94.36 -58.84
N SER PA 31 19.89 95.38 -59.35
CA SER PA 31 19.87 96.72 -58.74
C SER PA 31 21.29 97.24 -58.51
N GLU PA 32 22.15 96.98 -59.49
CA GLU PA 32 23.55 97.35 -59.43
C GLU PA 32 23.94 97.99 -60.75
N LEU PA 33 25.17 98.45 -60.86
CA LEU PA 33 25.68 98.98 -62.11
C LEU PA 33 27.20 98.85 -62.14
N ASN PA 34 27.70 97.85 -62.84
CA ASN PA 34 29.14 97.63 -62.93
C ASN PA 34 29.68 98.35 -64.15
N ALA PA 35 30.60 99.28 -63.94
CA ALA PA 35 31.21 100.05 -65.01
C ALA PA 35 32.73 99.89 -64.93
N TYR PA 36 33.42 100.61 -65.81
CA TYR PA 36 34.88 100.59 -65.82
C TYR PA 36 35.37 101.90 -66.43
N ILE PA 37 36.58 102.29 -66.03
CA ILE PA 37 37.17 103.54 -66.52
C ILE PA 37 38.01 103.23 -67.75
N ASP PA 38 37.70 103.88 -68.87
CA ASP PA 38 38.35 103.61 -70.14
C ASP PA 38 39.66 104.39 -70.21
N GLU PA 39 40.75 103.68 -69.97
CA GLU PA 39 42.09 104.27 -70.01
C GLU PA 39 43.05 103.53 -70.91
N GLY PA 40 42.58 102.55 -71.66
CA GLY PA 40 43.42 101.82 -72.59
C GLY PA 40 44.26 100.72 -71.99
N LEU PA 41 44.01 100.33 -70.74
CA LEU PA 41 44.75 99.26 -70.12
C LEU PA 41 44.24 97.90 -70.62
N SER PA 42 44.79 96.83 -70.06
CA SER PA 42 44.37 95.50 -70.45
C SER PA 42 42.96 95.21 -69.96
N PHE PA 43 42.40 94.10 -70.44
CA PHE PA 43 41.03 93.73 -70.08
C PHE PA 43 40.92 93.42 -68.59
N GLN PA 44 41.87 92.67 -68.05
CA GLN PA 44 41.89 92.32 -66.63
C GLN PA 44 42.88 93.18 -65.86
N ALA PA 45 43.18 94.38 -66.38
CA ALA PA 45 43.97 95.35 -65.63
C ALA PA 45 43.29 96.72 -65.59
N ARG PA 46 42.02 96.82 -65.97
CA ARG PA 46 41.30 98.08 -65.97
C ARG PA 46 40.66 98.35 -64.62
N LYS PA 47 40.31 99.60 -64.36
CA LYS PA 47 39.67 99.97 -63.09
C LYS PA 47 38.17 99.87 -63.28
N GLU PA 48 37.53 98.97 -62.54
CA GLU PA 48 36.09 98.76 -62.57
C GLU PA 48 35.50 99.41 -61.31
N VAL PA 49 34.52 100.29 -61.51
CA VAL PA 49 33.79 100.85 -60.38
C VAL PA 49 32.34 100.41 -60.44
N ALA PA 50 31.87 99.80 -59.34
CA ALA PA 50 30.53 99.28 -59.23
C ALA PA 50 29.67 100.19 -58.37
N PHE PA 51 28.44 100.44 -58.84
CA PHE PA 51 27.45 101.25 -58.16
C PHE PA 51 26.30 100.37 -57.71
N SER PA 52 25.69 100.71 -56.57
CA SER PA 52 24.56 99.93 -56.08
C SER PA 52 23.64 100.81 -55.24
N VAL PA 53 22.33 100.53 -55.30
CA VAL PA 53 21.34 101.26 -54.52
C VAL PA 53 20.54 100.27 -53.69
N LYS PA 54 20.14 100.73 -52.51
CA LYS PA 54 19.35 99.96 -51.55
C LYS PA 54 18.30 100.91 -50.97
N VAL PA 55 17.40 101.35 -51.86
CA VAL PA 55 16.24 102.20 -51.59
C VAL PA 55 15.50 101.77 -50.33
N PRO PA 56 14.81 102.69 -49.65
CA PRO PA 56 14.16 102.36 -48.38
C PRO PA 56 13.00 101.38 -48.55
N LYS PA 57 12.71 100.67 -47.46
CA LYS PA 57 11.63 99.70 -47.40
C LYS PA 57 10.78 100.01 -46.17
N VAL PA 58 9.47 100.11 -46.36
CA VAL PA 58 8.58 100.55 -45.29
C VAL PA 58 8.55 99.51 -44.18
N SER PA 59 9.12 99.86 -43.03
CA SER PA 59 9.15 98.99 -41.87
C SER PA 59 8.17 99.50 -40.81
N VAL PA 60 8.12 98.83 -39.66
CA VAL PA 60 7.37 99.30 -38.50
C VAL PA 60 8.30 99.85 -37.43
N SER PA 61 9.52 99.34 -37.39
CA SER PA 61 10.64 99.85 -36.62
C SER PA 61 11.23 101.05 -37.38
N ALA PA 62 12.51 101.36 -37.13
CA ALA PA 62 13.18 102.47 -37.81
C ALA PA 62 12.56 103.80 -37.41
N PRO PA 63 12.97 104.35 -36.26
CA PRO PA 63 12.25 105.49 -35.66
C PRO PA 63 12.31 106.73 -36.54
N GLY PA 64 11.31 106.81 -37.43
CA GLY PA 64 11.31 107.69 -38.57
C GLY PA 64 10.51 107.04 -39.68
N GLY PA 65 10.20 105.76 -39.49
CA GLY PA 65 9.20 105.08 -40.31
C GLY PA 65 9.72 103.91 -41.12
N PHE PA 66 10.88 104.06 -41.76
CA PHE PA 66 11.44 103.03 -42.61
C PHE PA 66 12.94 103.17 -42.74
N THR PA 67 13.57 102.11 -43.22
CA THR PA 67 15.02 102.00 -43.28
C THR PA 67 15.63 103.08 -44.15
N GLN PA 68 16.91 103.35 -43.93
CA GLN PA 68 17.62 104.35 -44.71
C GLN PA 68 17.85 103.85 -46.13
N ALA PA 69 18.15 104.80 -47.01
CA ALA PA 69 18.45 104.53 -48.41
C ALA PA 69 19.96 104.52 -48.58
N ARG PA 70 20.54 103.33 -48.80
CA ARG PA 70 22.00 103.30 -48.87
C ARG PA 70 22.47 103.24 -50.32
N SER PA 71 23.58 103.94 -50.59
CA SER PA 71 24.16 104.01 -51.94
C SER PA 71 25.63 103.62 -51.80
N THR PA 72 26.06 102.62 -52.56
CA THR PA 72 27.42 102.13 -52.47
C THR PA 72 28.18 102.31 -53.78
N VAL PA 73 29.45 102.67 -53.67
CA VAL PA 73 30.38 102.75 -54.79
C VAL PA 73 31.67 102.05 -54.41
N ILE PA 74 32.06 101.04 -55.18
CA ILE PA 74 33.32 100.34 -54.96
C ILE PA 74 34.21 100.54 -56.18
N LEU PA 75 35.39 101.11 -55.97
CA LEU PA 75 36.36 101.34 -57.04
C LEU PA 75 37.44 100.27 -56.89
N LYS PA 76 37.57 99.42 -57.91
CA LYS PA 76 38.54 98.34 -57.89
C LYS PA 76 39.69 98.66 -58.83
N SER PA 77 40.89 98.82 -58.28
CA SER PA 77 42.09 99.09 -59.06
C SER PA 77 43.01 97.88 -58.99
N PRO PA 78 43.20 97.14 -60.07
CA PRO PA 78 44.08 95.96 -59.99
C PRO PA 78 45.55 96.36 -59.92
N LYS PA 79 46.35 95.46 -59.37
CA LYS PA 79 47.77 95.68 -59.17
C LYS PA 79 48.52 94.37 -59.40
N THR PA 80 49.64 94.45 -60.11
CA THR PA 80 50.55 93.32 -60.28
C THR PA 80 51.69 93.47 -59.28
N LEU PA 81 51.84 92.48 -58.40
CA LEU PA 81 52.86 92.53 -57.37
C LEU PA 81 54.23 92.14 -57.92
N ALA PA 82 55.26 92.41 -57.14
CA ALA PA 82 56.61 92.02 -57.54
C ALA PA 82 56.75 90.51 -57.61
N ASN PA 83 56.13 89.79 -56.66
CA ASN PA 83 56.15 88.34 -56.69
C ASN PA 83 55.55 87.79 -57.98
N GLY PA 84 54.67 88.54 -58.62
CA GLY PA 84 54.17 88.15 -59.92
C GLY PA 84 52.67 87.99 -59.98
N ASN PA 85 52.06 87.65 -58.85
CA ASN PA 85 50.61 87.47 -58.81
C ASN PA 85 49.90 88.81 -58.88
N ARG PA 86 48.58 88.76 -58.84
CA ARG PA 86 47.72 89.92 -59.01
C ARG PA 86 46.81 90.07 -57.80
N THR PA 87 46.51 91.32 -57.47
CA THR PA 87 45.62 91.63 -56.36
C THR PA 87 44.78 92.83 -56.78
N VAL PA 88 43.76 93.16 -55.99
CA VAL PA 88 42.93 94.33 -56.26
C VAL PA 88 42.93 95.23 -55.04
N ASN PA 89 43.12 96.52 -55.26
CA ASN PA 89 43.07 97.53 -54.22
C ASN PA 89 41.73 98.25 -54.39
N THR PA 90 40.92 98.23 -53.34
CA THR PA 90 39.54 98.70 -53.45
C THR PA 90 39.30 99.94 -52.61
N VAL PA 91 38.33 100.74 -53.04
CA VAL PA 91 37.86 101.89 -52.27
C VAL PA 91 36.33 101.86 -52.24
N SER PA 92 35.76 101.40 -51.13
CA SER PA 92 34.32 101.35 -51.02
C SER PA 92 33.79 102.59 -50.30
N ILE PA 93 32.62 103.06 -50.73
CA ILE PA 93 31.98 104.24 -50.15
C ILE PA 93 30.49 103.97 -50.00
N GLN PA 94 29.94 104.26 -48.83
CA GLN PA 94 28.53 104.05 -48.55
C GLN PA 94 27.90 105.33 -47.98
N LEU PA 95 26.61 105.50 -48.26
CA LEU PA 95 25.88 106.73 -47.93
C LEU PA 95 24.55 106.39 -47.26
N SER PA 96 24.61 105.59 -46.19
CA SER PA 96 23.41 105.22 -45.44
C SER PA 96 22.83 106.47 -44.79
N VAL PA 97 21.83 107.06 -45.45
CA VAL PA 97 21.15 108.24 -44.93
C VAL PA 97 19.65 107.98 -44.88
N ASP PA 98 19.02 108.55 -43.87
CA ASP PA 98 17.59 108.35 -43.68
C ASP PA 98 16.83 109.01 -44.83
N PRO PA 99 15.78 108.36 -45.36
CA PRO PA 99 15.14 108.85 -46.59
C PRO PA 99 14.51 110.23 -46.48
N GLU PA 100 14.26 110.72 -45.26
CA GLU PA 100 13.73 112.06 -45.06
C GLU PA 100 14.78 113.14 -45.26
N THR PA 101 16.03 112.77 -45.49
CA THR PA 101 17.11 113.73 -45.56
C THR PA 101 17.02 114.56 -46.83
N THR PA 102 17.16 115.87 -46.68
CA THR PA 102 17.15 116.79 -47.80
C THR PA 102 18.44 116.68 -48.61
N ALA PA 103 18.39 117.18 -49.84
CA ALA PA 103 19.55 117.11 -50.73
C ALA PA 103 20.65 118.07 -50.34
N ALA PA 104 20.33 119.17 -49.66
CA ALA PA 104 21.37 120.12 -49.24
C ALA PA 104 22.32 119.49 -48.22
N GLU PA 105 21.78 118.82 -47.22
CA GLU PA 105 22.63 118.20 -46.22
C GLU PA 105 23.33 116.96 -46.77
N VAL PA 106 22.71 116.29 -47.75
CA VAL PA 106 23.41 115.22 -48.45
C VAL PA 106 24.61 115.77 -49.19
N THR PA 107 24.45 116.91 -49.86
CA THR PA 107 25.58 117.55 -50.53
C THR PA 107 26.65 117.97 -49.52
N THR PA 108 26.22 118.48 -48.38
CA THR PA 108 27.16 118.86 -47.33
C THR PA 108 27.97 117.65 -46.85
N MET PA 109 27.30 116.53 -46.63
CA MET PA 109 27.96 115.31 -46.20
C MET PA 109 28.92 114.81 -47.27
N LEU PA 110 28.50 114.85 -48.53
CA LEU PA 110 29.35 114.36 -49.61
C LEU PA 110 30.60 115.23 -49.76
N ASN PA 111 30.44 116.55 -49.60
CA ASN PA 111 31.61 117.43 -49.65
C ASN PA 111 32.53 117.20 -48.47
N ALA PA 112 31.96 117.03 -47.27
CA ALA PA 112 32.80 116.80 -46.10
C ALA PA 112 33.57 115.49 -46.20
N ALA PA 113 32.89 114.41 -46.61
CA ALA PA 113 33.54 113.13 -46.83
C ALA PA 113 34.56 113.17 -47.94
N ALA PA 114 34.25 113.81 -49.06
CA ALA PA 114 35.20 113.94 -50.15
C ALA PA 114 36.27 114.97 -49.86
N GLN PA 115 36.08 115.81 -48.84
CA GLN PA 115 37.15 116.68 -48.38
C GLN PA 115 38.26 115.90 -47.69
N LEU PA 116 37.90 114.82 -47.00
CA LEU PA 116 38.83 113.76 -46.70
C LEU PA 116 39.24 113.09 -48.01
N LEU PA 117 40.24 112.22 -47.95
CA LEU PA 117 40.74 111.46 -49.11
C LEU PA 117 41.56 112.32 -50.07
N PHE PA 118 41.57 113.64 -49.91
CA PHE PA 118 42.48 114.43 -50.73
C PHE PA 118 43.12 115.55 -49.92
N ASP PA 119 42.61 115.80 -48.72
CA ASP PA 119 43.23 116.78 -47.84
C ASP PA 119 44.60 116.28 -47.41
N SER PA 120 45.53 117.24 -47.27
CA SER PA 120 46.90 116.90 -46.93
C SER PA 120 47.05 116.32 -45.52
N ASP PA 121 46.14 116.67 -44.60
CA ASP PA 121 46.25 116.20 -43.23
C ASP PA 121 46.12 114.68 -43.15
N TYR PA 122 45.26 114.10 -43.96
CA TYR PA 122 44.95 112.68 -43.90
C TYR PA 122 45.81 111.84 -44.84
N SER PA 123 46.78 112.46 -45.53
CA SER PA 123 47.67 111.73 -46.41
C SER PA 123 48.36 110.57 -45.69
N ASP PA 124 48.92 110.85 -44.51
CA ASP PA 124 49.63 109.82 -43.76
C ASP PA 124 48.68 108.75 -43.25
N PHE PA 125 47.46 109.15 -42.90
CA PHE PA 125 46.47 108.17 -42.45
C PHE PA 125 46.10 107.21 -43.57
N TRP PA 126 45.85 107.74 -44.77
CA TRP PA 126 45.47 106.88 -45.87
C TRP PA 126 46.64 106.05 -46.38
N LYS PA 127 47.86 106.57 -46.32
CA LYS PA 127 49.02 105.90 -46.92
C LYS PA 127 49.73 104.99 -45.92
N ALA PA 128 50.22 105.54 -44.81
CA ALA PA 128 50.98 104.76 -43.83
C ALA PA 128 50.13 104.30 -42.66
N GLN PA 129 48.83 104.58 -42.66
CA GLN PA 129 47.93 104.21 -41.56
C GLN PA 129 48.35 104.89 -40.25
N ALA PA 130 48.85 106.12 -40.37
CA ALA PA 130 49.27 106.90 -39.21
C ALA PA 130 48.03 107.51 -38.55
N LEU PA 131 47.40 106.72 -37.70
CA LEU PA 131 46.27 107.20 -36.91
C LEU PA 131 46.69 108.35 -36.03
N ALA PA 132 47.62 108.07 -35.12
CA ALA PA 132 48.18 109.11 -34.28
C ALA PA 132 49.28 109.84 -35.03
N ALA QA 1 -77.60 -32.55 99.41
CA ALA QA 1 -78.85 -32.26 100.10
C ALA QA 1 -79.79 -31.52 99.16
N ILE QA 2 -79.29 -31.18 97.98
CA ILE QA 2 -80.14 -30.68 96.90
C ILE QA 2 -80.74 -31.88 96.21
N ALA QA 3 -81.90 -32.33 96.69
CA ALA QA 3 -82.56 -33.49 96.15
C ALA QA 3 -84.03 -33.42 96.51
N ASN QA 4 -84.41 -34.09 97.60
CA ASN QA 4 -85.74 -33.87 98.17
C ASN QA 4 -85.62 -32.90 99.35
N SER QA 5 -85.25 -31.66 99.06
CA SER QA 5 -85.13 -30.62 100.08
C SER QA 5 -86.50 -30.06 100.43
N SER QA 6 -86.53 -28.92 101.10
CA SER QA 6 -87.81 -28.27 101.41
C SER QA 6 -87.59 -26.77 101.51
N ILE QA 7 -88.50 -26.01 100.91
CA ILE QA 7 -88.43 -24.56 100.91
C ILE QA 7 -89.85 -24.00 100.99
N ALA QA 8 -90.06 -23.05 101.90
CA ALA QA 8 -91.36 -22.42 102.04
C ALA QA 8 -91.51 -21.31 101.01
N ILE QA 9 -92.61 -21.35 100.27
CA ILE QA 9 -92.86 -20.37 99.22
C ILE QA 9 -93.96 -19.42 99.68
N ASP QA 10 -93.75 -18.12 99.44
CA ASP QA 10 -94.64 -17.07 99.91
C ASP QA 10 -94.73 -17.07 101.43
N SER QA 11 -93.59 -16.85 102.07
CA SER QA 11 -93.46 -16.88 103.52
C SER QA 11 -92.62 -15.70 103.99
N THR QA 12 -92.83 -15.33 105.25
CA THR QA 12 -92.07 -14.25 105.87
C THR QA 12 -90.81 -14.81 106.54
N ALA QA 13 -89.70 -14.10 106.37
CA ALA QA 13 -88.42 -14.50 106.94
C ALA QA 13 -88.03 -13.52 108.04
N SER QA 14 -87.45 -14.06 109.11
CA SER QA 14 -87.11 -13.28 110.28
C SER QA 14 -85.70 -13.60 110.72
N VAL QA 15 -85.18 -12.78 111.62
CA VAL QA 15 -83.82 -12.89 112.12
C VAL QA 15 -83.83 -12.67 113.63
N THR QA 16 -83.14 -13.55 114.36
CA THR QA 16 -83.03 -13.44 115.81
C THR QA 16 -81.56 -13.46 116.21
N GLY QA 17 -81.25 -12.77 117.30
CA GLY QA 17 -79.89 -12.77 117.82
C GLY QA 17 -78.95 -11.94 116.96
N GLY QA 18 -77.67 -12.29 117.02
CA GLY QA 18 -76.66 -11.56 116.31
C GLY QA 18 -76.38 -10.20 116.93
N THR QA 19 -75.69 -9.36 116.17
CA THR QA 19 -75.29 -8.02 116.61
C THR QA 19 -75.68 -7.04 115.51
N ALA QA 20 -76.69 -6.21 115.79
CA ALA QA 20 -77.17 -5.22 114.82
C ALA QA 20 -76.08 -4.23 114.46
N ARG QA 21 -75.61 -4.28 113.22
CA ARG QA 21 -74.62 -3.36 112.70
C ARG QA 21 -75.33 -2.22 111.95
N THR QA 22 -74.57 -1.40 111.23
CA THR QA 22 -75.15 -0.30 110.49
C THR QA 22 -74.40 -0.17 109.17
N VAL QA 23 -75.14 0.06 108.08
CA VAL QA 23 -74.56 0.17 106.75
C VAL QA 23 -74.31 1.66 106.51
N LYS QA 24 -73.05 2.05 106.60
CA LYS QA 24 -72.67 3.45 106.38
C LYS QA 24 -72.35 3.66 104.91
N GLU QA 25 -72.98 4.66 104.31
CA GLU QA 25 -72.84 4.91 102.88
C GLU QA 25 -71.60 5.74 102.59
N LEU QA 26 -70.87 5.36 101.53
CA LEU QA 26 -69.59 5.97 101.26
C LEU QA 26 -69.71 6.83 100.01
N VAL QA 27 -70.07 6.27 98.87
CA VAL QA 27 -70.12 6.99 97.61
C VAL QA 27 -71.32 6.50 96.80
N ARG QA 28 -72.07 7.43 96.24
CA ARG QA 28 -73.21 7.13 95.37
C ARG QA 28 -72.95 7.84 94.03
N ASN QA 29 -72.76 7.05 92.98
CA ASN QA 29 -72.50 7.61 91.65
C ASN QA 29 -72.52 6.47 90.64
N ASN QA 30 -72.70 6.85 89.38
CA ASN QA 30 -72.64 5.93 88.25
C ASN QA 30 -73.56 4.73 88.44
N SER QA 31 -74.77 5.01 88.95
CA SER QA 31 -75.78 3.98 89.22
C SER QA 31 -75.31 3.01 90.30
N GLU QA 32 -74.31 3.40 91.07
CA GLU QA 32 -73.71 2.55 92.09
C GLU QA 32 -73.73 3.27 93.43
N LEU QA 33 -73.85 2.50 94.51
CA LEU QA 33 -73.81 2.98 95.89
C LEU QA 33 -72.84 2.06 96.63
N ASN QA 34 -71.66 2.58 96.95
CA ASN QA 34 -70.71 1.84 97.76
C ASN QA 34 -70.91 2.19 99.23
N ALA QA 35 -70.94 1.17 100.08
CA ALA QA 35 -71.14 1.38 101.50
C ALA QA 35 -70.32 0.34 102.25
N TYR QA 36 -70.31 0.42 103.57
CA TYR QA 36 -69.57 -0.52 104.39
C TYR QA 36 -70.35 -0.81 105.65
N ILE QA 37 -70.28 -2.06 106.10
CA ILE QA 37 -70.91 -2.46 107.35
C ILE QA 37 -69.97 -2.08 108.48
N ASP QA 38 -70.50 -1.38 109.49
CA ASP QA 38 -69.69 -0.82 110.57
C ASP QA 38 -69.70 -1.85 111.70
N GLU QA 39 -68.56 -2.53 111.88
CA GLU QA 39 -68.37 -3.47 112.97
C GLU QA 39 -67.28 -3.03 113.93
N GLY QA 40 -66.77 -1.80 113.77
CA GLY QA 40 -65.64 -1.37 114.56
C GLY QA 40 -64.38 -2.11 114.21
N LEU QA 41 -64.12 -2.28 112.92
CA LEU QA 41 -62.96 -2.98 112.41
C LEU QA 41 -62.03 -1.99 111.72
N SER QA 42 -60.90 -2.48 111.24
CA SER QA 42 -59.94 -1.66 110.53
C SER QA 42 -60.35 -1.51 109.07
N PHE QA 43 -59.75 -0.54 108.38
CA PHE QA 43 -60.09 -0.30 106.98
C PHE QA 43 -59.76 -1.49 106.09
N GLN QA 44 -58.64 -2.16 106.32
CA GLN QA 44 -58.25 -3.33 105.55
C GLN QA 44 -59.17 -4.52 105.75
N ALA QA 45 -59.92 -4.57 106.84
CA ALA QA 45 -60.89 -5.62 107.07
C ALA QA 45 -62.23 -4.97 107.39
N ARG QA 46 -62.97 -4.61 106.36
CA ARG QA 46 -64.30 -4.02 106.49
C ARG QA 46 -65.33 -5.00 105.94
N LYS QA 47 -66.59 -4.63 105.76
CA LYS QA 47 -67.57 -5.49 105.11
C LYS QA 47 -68.24 -4.71 104.00
N GLU QA 48 -67.43 -4.12 103.12
CA GLU QA 48 -67.94 -3.29 102.04
C GLU QA 48 -69.01 -4.01 101.22
N VAL QA 49 -70.08 -3.29 100.89
CA VAL QA 49 -71.17 -3.81 100.07
C VAL QA 49 -71.52 -2.76 99.02
N ALA QA 50 -71.68 -3.21 97.79
CA ALA QA 50 -71.99 -2.33 96.66
C ALA QA 50 -73.36 -2.67 96.10
N PHE QA 51 -74.21 -1.65 95.97
CA PHE QA 51 -75.54 -1.76 95.41
C PHE QA 51 -75.55 -1.10 94.03
N SER QA 52 -75.92 -1.85 93.00
CA SER QA 52 -75.92 -1.33 91.65
C SER QA 52 -77.29 -1.56 91.01
N VAL QA 53 -77.68 -0.64 90.16
CA VAL QA 53 -78.99 -0.67 89.50
C VAL QA 53 -78.80 -0.47 88.00
N LYS QA 54 -79.50 -1.30 87.22
CA LYS QA 54 -79.49 -1.27 85.76
C LYS QA 54 -80.94 -1.16 85.29
N VAL QA 55 -81.35 0.05 84.94
CA VAL QA 55 -82.74 0.35 84.57
C VAL QA 55 -83.03 -0.16 83.17
N PRO QA 56 -84.28 -0.50 82.86
CA PRO QA 56 -84.59 -1.02 81.52
C PRO QA 56 -84.60 0.08 80.47
N LYS QA 57 -84.25 -0.32 79.25
CA LYS QA 57 -84.32 0.56 78.08
C LYS QA 57 -85.17 -0.09 77.00
N VAL QA 58 -85.72 0.74 76.12
CA VAL QA 58 -86.60 0.26 75.06
C VAL QA 58 -85.82 -0.62 74.10
N SER QA 59 -86.46 -1.66 73.59
CA SER QA 59 -85.84 -2.58 72.65
C SER QA 59 -86.88 -2.99 71.60
N VAL QA 60 -86.43 -3.81 70.64
CA VAL QA 60 -87.33 -4.42 69.69
C VAL QA 60 -87.47 -5.92 69.92
N SER QA 61 -86.40 -6.60 70.34
CA SER QA 61 -86.41 -7.93 70.90
C SER QA 61 -86.86 -7.84 72.36
N ALA QA 62 -86.55 -8.87 73.15
CA ALA QA 62 -86.93 -8.84 74.57
C ALA QA 62 -88.44 -8.84 74.69
N PRO QA 63 -89.09 -10.00 74.61
CA PRO QA 63 -90.50 -10.08 74.22
C PRO QA 63 -91.43 -9.38 75.18
N GLY QA 64 -91.61 -8.09 74.95
CA GLY QA 64 -92.25 -7.18 75.87
C GLY QA 64 -91.68 -5.78 75.72
N GLY QA 65 -90.63 -5.67 74.90
CA GLY QA 65 -90.19 -4.37 74.43
C GLY QA 65 -89.05 -3.76 75.19
N PHE QA 66 -88.84 -4.19 76.43
CA PHE QA 66 -87.78 -3.63 77.26
C PHE QA 66 -86.84 -4.72 77.74
N THR QA 67 -85.59 -4.32 77.96
CA THR QA 67 -84.63 -5.17 78.64
C THR QA 67 -85.04 -5.31 80.10
N GLN QA 68 -84.46 -6.30 80.77
CA GLN QA 68 -84.84 -6.55 82.15
C GLN QA 68 -84.20 -5.53 83.09
N ALA QA 69 -84.90 -5.24 84.17
CA ALA QA 69 -84.38 -4.38 85.24
C ALA QA 69 -83.51 -5.24 86.15
N ARG QA 70 -82.26 -4.81 86.35
CA ARG QA 70 -81.30 -5.56 87.15
C ARG QA 70 -80.94 -4.81 88.42
N SER QA 71 -80.85 -5.56 89.53
CA SER QA 71 -80.43 -5.01 90.83
C SER QA 71 -79.38 -5.96 91.38
N THR QA 72 -78.17 -5.46 91.58
CA THR QA 72 -77.05 -6.28 92.00
C THR QA 72 -76.51 -5.81 93.35
N VAL QA 73 -76.28 -6.77 94.25
CA VAL QA 73 -75.65 -6.48 95.53
C VAL QA 73 -74.41 -7.37 95.67
N ILE QA 74 -73.26 -6.75 95.88
CA ILE QA 74 -72.03 -7.50 96.12
C ILE QA 74 -71.52 -7.18 97.52
N LEU QA 75 -71.40 -8.21 98.35
CA LEU QA 75 -70.87 -8.10 99.70
C LEU QA 75 -69.43 -8.62 99.70
N LYS QA 76 -68.51 -7.79 100.17
CA LYS QA 76 -67.10 -8.17 100.18
C LYS QA 76 -66.62 -8.42 101.60
N SER QA 77 -65.94 -9.54 101.80
CA SER QA 77 -65.46 -9.95 103.11
C SER QA 77 -63.96 -10.22 103.05
N PRO QA 78 -63.13 -9.26 103.45
CA PRO QA 78 -61.68 -9.50 103.49
C PRO QA 78 -61.28 -10.59 104.48
N LYS QA 79 -60.54 -11.57 103.99
CA LYS QA 79 -59.97 -12.62 104.80
C LYS QA 79 -58.44 -12.54 104.72
N THR QA 80 -57.79 -12.87 105.83
CA THR QA 80 -56.34 -12.88 105.93
C THR QA 80 -55.88 -14.31 106.06
N LEU QA 81 -54.91 -14.71 105.24
CA LEU QA 81 -54.52 -16.10 105.10
C LEU QA 81 -53.39 -16.44 106.08
N ALA QA 82 -52.97 -17.70 106.05
CA ALA QA 82 -51.91 -18.15 106.96
C ALA QA 82 -50.59 -17.46 106.64
N ASN QA 83 -50.25 -17.36 105.36
CA ASN QA 83 -49.03 -16.65 104.96
C ASN QA 83 -49.13 -15.17 105.32
N GLY QA 84 -50.30 -14.57 105.13
CA GLY QA 84 -50.49 -13.18 105.47
C GLY QA 84 -50.97 -12.33 104.32
N ASN QA 85 -51.12 -12.94 103.16
CA ASN QA 85 -51.74 -12.26 102.03
C ASN QA 85 -53.23 -12.05 102.30
N ARG QA 86 -53.76 -10.97 101.72
CA ARG QA 86 -55.16 -10.62 101.92
C ARG QA 86 -55.97 -10.98 100.68
N THR QA 87 -57.05 -11.73 100.88
CA THR QA 87 -58.00 -12.04 99.82
C THR QA 87 -59.34 -11.47 100.22
N VAL QA 88 -60.25 -11.38 99.25
CA VAL QA 88 -61.61 -10.91 99.50
C VAL QA 88 -62.58 -12.01 99.10
N ASN QA 89 -63.48 -12.36 100.01
CA ASN QA 89 -64.56 -13.32 99.75
C ASN QA 89 -65.82 -12.52 99.45
N THR QA 90 -66.42 -12.77 98.30
CA THR QA 90 -67.55 -11.98 97.84
C THR QA 90 -68.79 -12.85 97.68
N VAL QA 91 -69.95 -12.22 97.89
CA VAL QA 91 -71.24 -12.81 97.56
C VAL QA 91 -71.99 -11.86 96.65
N SER QA 92 -72.30 -12.31 95.44
CA SER QA 92 -73.08 -11.49 94.52
C SER QA 92 -74.54 -11.95 94.49
N ILE QA 93 -75.44 -10.98 94.47
CA ILE QA 93 -76.87 -11.25 94.40
C ILE QA 93 -77.41 -10.35 93.27
N GLN QA 94 -77.81 -10.97 92.16
CA GLN QA 94 -78.29 -10.24 91.00
C GLN QA 94 -79.73 -10.66 90.72
N LEU QA 95 -80.64 -9.69 90.71
CA LEU QA 95 -82.05 -9.93 90.42
C LEU QA 95 -82.38 -9.25 89.10
N SER QA 96 -82.86 -10.03 88.15
CA SER QA 96 -83.28 -9.52 86.84
C SER QA 96 -84.77 -9.81 86.67
N VAL QA 97 -85.58 -8.76 86.60
CA VAL QA 97 -87.02 -8.93 86.42
C VAL QA 97 -87.48 -8.10 85.22
N ASP QA 98 -88.39 -8.69 84.44
CA ASP QA 98 -89.07 -7.92 83.42
C ASP QA 98 -89.88 -6.81 84.08
N PRO QA 99 -89.92 -5.63 83.47
CA PRO QA 99 -90.62 -4.50 84.12
C PRO QA 99 -92.11 -4.72 84.34
N GLU QA 100 -92.72 -5.70 83.66
CA GLU QA 100 -94.12 -6.01 83.92
C GLU QA 100 -94.33 -6.75 85.23
N THR QA 101 -93.25 -7.22 85.87
CA THR QA 101 -93.38 -8.03 87.07
C THR QA 101 -93.90 -7.21 88.24
N THR QA 102 -94.91 -7.74 88.92
CA THR QA 102 -95.51 -7.06 90.05
C THR QA 102 -94.64 -7.23 91.29
N ALA QA 103 -95.00 -6.51 92.35
CA ALA QA 103 -94.20 -6.53 93.56
C ALA QA 103 -94.33 -7.84 94.31
N ALA QA 104 -95.48 -8.53 94.17
CA ALA QA 104 -95.66 -9.81 94.84
C ALA QA 104 -94.77 -10.90 94.24
N GLU QA 105 -94.64 -10.93 92.92
CA GLU QA 105 -93.77 -11.92 92.29
C GLU QA 105 -92.30 -11.66 92.61
N VAL QA 106 -91.91 -10.40 92.77
CA VAL QA 106 -90.56 -10.09 93.21
C VAL QA 106 -90.36 -10.49 94.66
N THR QA 107 -91.36 -10.25 95.51
CA THR QA 107 -91.27 -10.65 96.91
C THR QA 107 -91.12 -12.17 97.04
N THR QA 108 -91.90 -12.92 96.27
CA THR QA 108 -91.79 -14.38 96.30
C THR QA 108 -90.41 -14.83 95.88
N MET QA 109 -89.88 -14.25 94.81
CA MET QA 109 -88.54 -14.60 94.32
C MET QA 109 -87.49 -14.29 95.37
N LEU QA 110 -87.58 -13.12 95.99
CA LEU QA 110 -86.61 -12.72 97.00
C LEU QA 110 -86.66 -13.66 98.20
N ASN QA 111 -87.86 -14.01 98.66
CA ASN QA 111 -87.98 -14.87 99.82
C ASN QA 111 -87.47 -16.28 99.53
N ALA QA 112 -87.78 -16.83 98.36
CA ALA QA 112 -87.25 -18.15 98.00
C ALA QA 112 -85.73 -18.13 97.87
N ALA QA 113 -85.18 -17.08 97.25
CA ALA QA 113 -83.74 -16.99 97.13
C ALA QA 113 -83.06 -16.82 98.48
N ALA QA 114 -83.75 -16.19 99.44
CA ALA QA 114 -83.18 -16.04 100.78
C ALA QA 114 -83.00 -17.40 101.45
N GLN QA 115 -84.03 -18.24 101.42
CA GLN QA 115 -83.89 -19.58 101.95
C GLN QA 115 -82.95 -20.45 101.12
N LEU QA 116 -82.73 -20.11 99.86
CA LEU QA 116 -81.77 -20.87 99.06
C LEU QA 116 -80.35 -20.77 99.63
N LEU QA 117 -80.05 -19.72 100.40
CA LEU QA 117 -78.70 -19.57 100.94
C LEU QA 117 -78.67 -19.48 102.46
N PHE QA 118 -79.74 -19.89 103.15
CA PHE QA 118 -79.62 -20.10 104.59
C PHE QA 118 -80.28 -21.38 105.09
N ASP QA 119 -81.00 -22.13 104.27
CA ASP QA 119 -81.58 -23.39 104.72
C ASP QA 119 -80.50 -24.41 105.04
N SER QA 120 -80.79 -25.30 105.98
CA SER QA 120 -79.76 -26.16 106.55
C SER QA 120 -79.22 -27.17 105.53
N ASP QA 121 -80.03 -27.51 104.52
CA ASP QA 121 -79.60 -28.49 103.53
C ASP QA 121 -78.49 -27.94 102.66
N TYR QA 122 -78.75 -26.81 102.01
CA TYR QA 122 -77.82 -26.21 101.07
C TYR QA 122 -76.53 -25.79 101.75
N SER QA 123 -76.48 -25.97 103.08
CA SER QA 123 -75.22 -25.77 103.80
C SER QA 123 -74.12 -26.61 103.21
N ASP QA 124 -74.42 -27.84 102.78
CA ASP QA 124 -73.38 -28.65 102.15
C ASP QA 124 -72.99 -28.14 100.77
N PHE QA 125 -73.90 -27.50 100.06
CA PHE QA 125 -73.59 -26.96 98.74
C PHE QA 125 -72.73 -25.71 98.81
N TRP QA 126 -73.00 -24.82 99.78
CA TRP QA 126 -72.25 -23.57 99.89
C TRP QA 126 -70.86 -23.77 100.50
N LYS QA 127 -70.76 -24.61 101.52
CA LYS QA 127 -69.50 -24.82 102.22
C LYS QA 127 -68.69 -25.96 101.61
N ALA QA 128 -69.27 -27.16 101.56
CA ALA QA 128 -68.55 -28.32 101.04
C ALA QA 128 -68.51 -28.37 99.52
N GLN QA 129 -69.29 -27.53 98.84
CA GLN QA 129 -69.35 -27.52 97.38
C GLN QA 129 -69.87 -28.86 96.86
N ALA QA 130 -70.87 -29.39 97.55
CA ALA QA 130 -71.39 -30.74 97.32
C ALA QA 130 -72.75 -30.66 96.65
N LEU QA 131 -72.83 -31.09 95.40
CA LEU QA 131 -74.08 -31.05 94.65
C LEU QA 131 -75.12 -32.01 95.21
N ALA QA 132 -74.67 -33.11 95.79
CA ALA QA 132 -75.59 -34.02 96.46
C ALA QA 132 -75.02 -34.50 97.79
N ALA RA 1 -83.55 3.36 103.50
CA ALA RA 1 -83.13 2.25 102.64
C ALA RA 1 -81.65 1.99 102.77
N ILE RA 2 -80.96 1.93 101.63
CA ILE RA 2 -79.50 1.79 101.65
C ILE RA 2 -78.89 3.14 102.01
N ALA RA 3 -78.53 3.30 103.28
CA ALA RA 3 -78.05 4.58 103.79
C ALA RA 3 -77.69 4.45 105.26
N ASN RA 4 -78.67 4.06 106.08
CA ASN RA 4 -78.47 3.87 107.51
C ASN RA 4 -79.09 2.55 107.97
N SER RA 5 -79.23 1.59 107.06
CA SER RA 5 -79.88 0.33 107.37
C SER RA 5 -79.04 -0.50 108.33
N SER RA 6 -79.71 -1.31 109.13
CA SER RA 6 -79.07 -2.17 110.12
C SER RA 6 -79.18 -3.63 109.66
N ILE RA 7 -78.07 -4.35 109.77
CA ILE RA 7 -78.02 -5.77 109.43
C ILE RA 7 -77.44 -6.53 110.61
N ALA RA 8 -78.13 -7.59 111.04
CA ALA RA 8 -77.72 -8.34 112.22
C ALA RA 8 -76.68 -9.38 111.84
N ILE RA 9 -75.42 -9.07 112.09
CA ILE RA 9 -74.32 -9.96 111.73
C ILE RA 9 -74.28 -11.15 112.68
N ASP RA 10 -74.07 -12.34 112.11
CA ASP RA 10 -73.95 -13.59 112.87
C ASP RA 10 -75.20 -13.86 113.70
N SER RA 11 -76.36 -13.72 113.05
CA SER RA 11 -77.65 -14.03 113.65
C SER RA 11 -78.20 -15.30 113.04
N THR RA 12 -79.40 -15.69 113.48
CA THR RA 12 -80.08 -16.87 112.99
C THR RA 12 -81.30 -16.44 112.19
N ALA RA 13 -81.36 -16.85 110.93
CA ALA RA 13 -82.48 -16.52 110.04
C ALA RA 13 -83.41 -17.71 109.91
N SER RA 14 -84.70 -17.47 110.04
CA SER RA 14 -85.71 -18.50 109.98
C SER RA 14 -86.87 -18.05 109.09
N VAL RA 15 -87.83 -18.96 108.92
CA VAL RA 15 -88.99 -18.73 108.05
C VAL RA 15 -90.24 -19.23 108.78
N THR RA 16 -91.31 -18.44 108.69
CA THR RA 16 -92.60 -18.84 109.24
C THR RA 16 -93.67 -18.67 108.17
N GLY RA 17 -94.74 -19.46 108.27
CA GLY RA 17 -95.79 -19.39 107.28
C GLY RA 17 -95.36 -20.02 105.96
N GLY RA 18 -96.15 -19.74 104.94
CA GLY RA 18 -95.85 -20.21 103.60
C GLY RA 18 -96.27 -21.65 103.36
N THR RA 19 -95.94 -22.12 102.16
CA THR RA 19 -96.19 -23.50 101.76
C THR RA 19 -94.86 -24.19 101.47
N ALA RA 20 -94.70 -25.39 102.02
CA ALA RA 20 -93.46 -26.15 101.91
C ALA RA 20 -93.49 -26.94 100.59
N ARG RA 21 -92.58 -26.58 99.69
CA ARG RA 21 -92.40 -27.34 98.47
C ARG RA 21 -91.14 -28.19 98.55
N THR RA 22 -91.08 -29.22 97.71
CA THR RA 22 -90.07 -30.27 97.88
C THR RA 22 -88.77 -29.96 97.14
N VAL RA 23 -88.87 -29.37 95.95
CA VAL RA 23 -87.73 -29.20 95.04
C VAL RA 23 -87.33 -30.57 94.52
N LYS RA 24 -87.33 -30.74 93.20
CA LYS RA 24 -87.10 -32.04 92.58
C LYS RA 24 -86.00 -31.89 91.55
N GLU RA 25 -85.03 -32.79 91.57
CA GLU RA 25 -83.92 -32.71 90.62
C GLU RA 25 -84.38 -33.11 89.22
N LEU RA 26 -83.96 -32.33 88.22
CA LEU RA 26 -84.25 -32.68 86.83
C LEU RA 26 -83.09 -33.39 86.15
N VAL RA 27 -81.95 -32.71 86.03
CA VAL RA 27 -80.86 -33.15 85.19
C VAL RA 27 -79.54 -32.80 85.89
N ARG RA 28 -78.58 -33.70 85.75
CA ARG RA 28 -77.29 -33.58 86.42
C ARG RA 28 -76.21 -33.51 85.36
N ASN RA 29 -74.95 -33.44 85.82
CA ASN RA 29 -73.76 -33.51 84.98
C ASN RA 29 -73.56 -32.23 84.16
N ASN RA 30 -72.37 -31.65 84.25
CA ASN RA 30 -71.35 -32.07 85.19
C ASN RA 30 -70.93 -30.88 86.03
N SER RA 31 -70.84 -31.06 87.35
CA SER RA 31 -70.64 -29.97 88.28
C SER RA 31 -71.73 -28.92 88.11
N GLU RA 32 -72.95 -29.40 87.85
CA GLU RA 32 -74.08 -28.54 87.53
C GLU RA 32 -75.36 -29.32 87.79
N LEU RA 33 -76.14 -28.90 88.78
CA LEU RA 33 -77.39 -29.56 89.08
C LEU RA 33 -78.58 -28.69 88.67
N ASN RA 34 -79.60 -29.34 88.11
CA ASN RA 34 -80.83 -28.66 87.71
C ASN RA 34 -81.99 -29.28 88.47
N ALA RA 35 -82.80 -28.45 89.10
CA ALA RA 35 -83.92 -28.91 89.88
C ALA RA 35 -85.11 -28.00 89.57
N TYR RA 36 -86.23 -28.25 90.25
CA TYR RA 36 -87.39 -27.40 90.11
C TYR RA 36 -88.21 -27.49 91.38
N ILE RA 37 -88.83 -26.39 91.76
CA ILE RA 37 -89.68 -26.34 92.94
C ILE RA 37 -91.08 -26.78 92.54
N ASP RA 38 -91.53 -27.90 93.09
CA ASP RA 38 -92.79 -28.52 92.70
C ASP RA 38 -93.93 -27.89 93.50
N GLU RA 39 -94.72 -27.05 92.84
CA GLU RA 39 -95.88 -26.41 93.46
C GLU RA 39 -97.17 -26.80 92.75
N GLY RA 40 -97.15 -27.91 92.04
CA GLY RA 40 -98.30 -28.33 91.26
C GLY RA 40 -98.63 -27.40 90.11
N LEU RA 41 -97.61 -26.89 89.43
CA LEU RA 41 -97.79 -25.99 88.30
C LEU RA 41 -97.44 -26.73 87.00
N SER RA 42 -97.68 -26.07 85.88
CA SER RA 42 -97.44 -26.67 84.58
C SER RA 42 -95.95 -26.66 84.26
N PHE RA 43 -95.61 -27.28 83.13
CA PHE RA 43 -94.22 -27.39 82.72
C PHE RA 43 -93.61 -26.04 82.36
N GLN RA 44 -94.40 -25.13 81.81
CA GLN RA 44 -93.89 -23.83 81.41
C GLN RA 44 -93.91 -22.82 82.54
N ALA RA 45 -94.60 -23.11 83.65
CA ALA RA 45 -94.78 -22.16 84.73
C ALA RA 45 -94.10 -22.62 86.02
N ARG RA 46 -93.17 -23.56 85.93
CA ARG RA 46 -92.49 -24.07 87.11
C ARG RA 46 -91.24 -23.27 87.42
N LYS RA 47 -90.83 -23.31 88.69
CA LYS RA 47 -89.75 -22.48 89.23
C LYS RA 47 -88.38 -22.77 88.60
N GLU RA 48 -87.88 -24.01 88.73
CA GLU RA 48 -86.62 -24.42 88.11
C GLU RA 48 -85.36 -23.70 88.57
N VAL RA 49 -84.93 -23.95 89.80
CA VAL RA 49 -83.65 -23.44 90.32
C VAL RA 49 -82.52 -24.37 89.87
N ALA RA 50 -81.40 -23.78 89.43
CA ALA RA 50 -80.22 -24.51 89.02
C ALA RA 50 -79.04 -24.24 89.96
N PHE RA 51 -78.20 -25.26 90.14
CA PHE RA 51 -77.06 -25.22 91.07
C PHE RA 51 -75.77 -25.52 90.33
N SER RA 52 -74.91 -24.52 90.20
CA SER RA 52 -73.61 -24.69 89.56
C SER RA 52 -72.51 -24.71 90.61
N VAL RA 53 -71.32 -25.14 90.20
CA VAL RA 53 -70.18 -25.27 91.10
C VAL RA 53 -68.88 -25.15 90.32
N LYS RA 54 -67.90 -24.44 90.90
CA LYS RA 54 -66.56 -24.34 90.34
C LYS RA 54 -65.57 -24.69 91.45
N VAL RA 55 -64.89 -25.82 91.29
CA VAL RA 55 -64.00 -26.30 92.36
C VAL RA 55 -62.75 -25.43 92.40
N PRO RA 56 -62.05 -25.34 93.53
CA PRO RA 56 -60.82 -24.54 93.58
C PRO RA 56 -59.73 -25.16 92.72
N LYS RA 57 -59.18 -24.34 91.83
CA LYS RA 57 -58.12 -24.78 90.93
C LYS RA 57 -56.77 -24.28 91.45
N VAL RA 58 -55.79 -25.18 91.51
CA VAL RA 58 -54.50 -24.83 92.06
C VAL RA 58 -53.74 -23.95 91.08
N SER RA 59 -53.76 -22.65 91.32
CA SER RA 59 -52.99 -21.69 90.53
C SER RA 59 -51.62 -21.46 91.17
N VAL RA 60 -50.92 -20.41 90.75
CA VAL RA 60 -49.63 -20.07 91.33
C VAL RA 60 -49.66 -18.65 91.87
N SER RA 61 -50.07 -17.70 91.03
CA SER RA 61 -50.03 -16.28 91.39
C SER RA 61 -51.36 -15.84 91.98
N ALA RA 62 -51.72 -16.47 93.10
CA ALA RA 62 -52.95 -16.15 93.80
C ALA RA 62 -52.72 -16.21 95.30
N PRO RA 63 -53.50 -15.47 96.09
CA PRO RA 63 -53.42 -15.62 97.54
C PRO RA 63 -53.75 -17.05 97.94
N GLY RA 64 -52.94 -17.59 98.85
CA GLY RA 64 -53.16 -18.94 99.34
C GLY RA 64 -52.60 -20.00 98.42
N GLY RA 65 -52.64 -19.73 97.11
CA GLY RA 65 -52.11 -20.64 96.13
C GLY RA 65 -53.11 -21.06 95.08
N PHE RA 66 -54.35 -21.32 95.47
CA PHE RA 66 -55.35 -21.81 94.54
C PHE RA 66 -56.27 -20.67 94.09
N THR RA 67 -57.10 -20.95 93.09
CA THR RA 67 -58.20 -20.06 92.76
C THR RA 67 -59.35 -20.29 93.73
N GLN RA 68 -60.39 -19.49 93.59
CA GLN RA 68 -61.46 -19.47 94.57
C GLN RA 68 -62.49 -20.56 94.28
N ALA RA 69 -63.18 -20.97 95.35
CA ALA RA 69 -64.26 -21.96 95.26
C ALA RA 69 -65.55 -21.23 94.95
N ARG RA 70 -65.94 -21.24 93.69
CA ARG RA 70 -67.16 -20.58 93.25
C ARG RA 70 -68.35 -21.52 93.33
N SER RA 71 -69.49 -20.98 93.78
CA SER RA 71 -70.71 -21.77 93.93
C SER RA 71 -71.88 -20.87 93.53
N THR RA 72 -72.59 -21.25 92.48
CA THR RA 72 -73.64 -20.42 91.91
C THR RA 72 -74.99 -21.11 91.99
N VAL RA 73 -76.01 -20.30 92.28
CA VAL RA 73 -77.41 -20.73 92.26
C VAL RA 73 -78.16 -19.72 91.40
N ILE RA 74 -78.98 -20.20 90.49
CA ILE RA 74 -79.86 -19.34 89.71
C ILE RA 74 -81.29 -19.84 89.88
N LEU RA 75 -82.13 -19.02 90.51
CA LEU RA 75 -83.55 -19.31 90.62
C LEU RA 75 -84.24 -18.66 89.42
N LYS RA 76 -84.97 -19.45 88.64
CA LYS RA 76 -85.73 -18.94 87.52
C LYS RA 76 -87.20 -18.82 87.91
N SER RA 77 -87.93 -17.99 87.18
CA SER RA 77 -89.34 -17.75 87.46
C SER RA 77 -90.03 -17.31 86.18
N PRO RA 78 -90.83 -18.18 85.57
CA PRO RA 78 -91.52 -17.80 84.33
C PRO RA 78 -92.56 -16.73 84.59
N LYS RA 79 -92.84 -15.93 83.57
CA LYS RA 79 -93.89 -14.93 83.64
C LYS RA 79 -94.41 -14.65 82.24
N THR RA 80 -95.72 -14.62 82.09
CA THR RA 80 -96.36 -14.29 80.83
C THR RA 80 -96.75 -12.83 80.82
N LEU RA 81 -96.57 -12.18 79.67
CA LEU RA 81 -96.73 -10.74 79.57
C LEU RA 81 -98.13 -10.36 79.07
N ALA RA 82 -98.36 -9.06 78.98
CA ALA RA 82 -99.64 -8.53 78.51
C ALA RA 82 -99.86 -8.73 77.03
N ASN RA 83 -98.82 -9.10 76.28
CA ASN RA 83 -98.93 -9.44 74.87
C ASN RA 83 -98.95 -10.94 74.63
N GLY RA 84 -98.89 -11.75 75.68
CA GLY RA 84 -98.92 -13.20 75.55
C GLY RA 84 -97.56 -13.87 75.48
N ASN RA 85 -96.49 -13.10 75.35
CA ASN RA 85 -95.15 -13.69 75.30
C ASN RA 85 -94.72 -14.17 76.68
N ARG RA 86 -93.76 -15.10 76.69
CA ARG RA 86 -93.25 -15.69 77.92
C ARG RA 86 -91.80 -15.21 78.12
N THR RA 87 -91.49 -14.77 79.33
CA THR RA 87 -90.14 -14.39 79.71
C THR RA 87 -89.79 -15.02 81.06
N VAL RA 88 -88.54 -14.87 81.47
CA VAL RA 88 -88.05 -15.45 82.71
C VAL RA 88 -87.41 -14.36 83.55
N ASN RA 89 -87.78 -14.30 84.83
CA ASN RA 89 -87.10 -13.49 85.82
C ASN RA 89 -86.12 -14.39 86.57
N THR RA 90 -84.96 -13.85 86.95
CA THR RA 90 -83.94 -14.66 87.58
C THR RA 90 -83.41 -13.99 88.84
N VAL RA 91 -83.00 -14.83 89.79
CA VAL RA 91 -82.16 -14.40 90.90
C VAL RA 91 -80.88 -15.20 90.86
N SER RA 92 -79.75 -14.53 90.74
CA SER RA 92 -78.45 -15.19 90.70
C SER RA 92 -77.66 -14.91 91.96
N ILE RA 93 -77.20 -15.96 92.62
CA ILE RA 93 -76.42 -15.86 93.85
C ILE RA 93 -75.11 -16.59 93.61
N GLN RA 94 -74.00 -15.86 93.64
CA GLN RA 94 -72.67 -16.46 93.51
C GLN RA 94 -71.89 -16.26 94.79
N LEU RA 95 -71.38 -17.36 95.35
CA LEU RA 95 -70.53 -17.33 96.53
C LEU RA 95 -69.12 -17.67 96.06
N SER RA 96 -68.18 -16.78 96.34
CA SER RA 96 -66.80 -16.93 95.89
C SER RA 96 -65.88 -16.72 97.09
N VAL RA 97 -65.45 -17.81 97.70
CA VAL RA 97 -64.57 -17.76 98.85
C VAL RA 97 -63.26 -18.45 98.50
N ASP RA 98 -62.22 -18.14 99.27
CA ASP RA 98 -60.95 -18.84 99.17
C ASP RA 98 -61.07 -20.19 99.85
N PRO RA 99 -60.31 -21.19 99.41
CA PRO RA 99 -60.41 -22.53 100.02
C PRO RA 99 -60.05 -22.56 101.49
N GLU RA 100 -59.23 -21.63 101.96
CA GLU RA 100 -58.83 -21.55 103.36
C GLU RA 100 -59.93 -21.02 104.26
N THR RA 101 -61.04 -20.55 103.69
CA THR RA 101 -62.15 -20.02 104.48
C THR RA 101 -62.81 -21.12 105.30
N THR RA 102 -63.15 -20.80 106.54
CA THR RA 102 -63.81 -21.73 107.43
C THR RA 102 -65.32 -21.70 107.21
N ALA RA 103 -66.00 -22.70 107.79
CA ALA RA 103 -67.44 -22.81 107.63
C ALA RA 103 -68.16 -21.67 108.33
N ALA RA 104 -67.65 -21.22 109.48
CA ALA RA 104 -68.29 -20.14 110.20
C ALA RA 104 -68.23 -18.82 109.44
N GLU RA 105 -67.11 -18.53 108.80
CA GLU RA 105 -67.02 -17.36 107.95
C GLU RA 105 -68.03 -17.41 106.80
N VAL RA 106 -68.17 -18.60 106.20
CA VAL RA 106 -69.08 -18.75 105.07
C VAL RA 106 -70.52 -18.57 105.52
N THR RA 107 -70.87 -19.12 106.69
CA THR RA 107 -72.25 -19.00 107.13
C THR RA 107 -72.54 -17.57 107.58
N THR RA 108 -71.53 -16.85 108.08
CA THR RA 108 -71.70 -15.43 108.35
C THR RA 108 -71.97 -14.65 107.08
N MET RA 109 -71.19 -14.91 106.03
CA MET RA 109 -71.40 -14.26 104.74
C MET RA 109 -72.79 -14.57 104.20
N LEU RA 110 -73.20 -15.83 104.30
CA LEU RA 110 -74.51 -16.22 103.78
C LEU RA 110 -75.63 -15.57 104.57
N ASN RA 111 -75.47 -15.45 105.89
CA ASN RA 111 -76.48 -14.78 106.70
C ASN RA 111 -76.61 -13.32 106.32
N ALA RA 112 -75.48 -12.63 106.13
CA ALA RA 112 -75.52 -11.24 105.73
C ALA RA 112 -76.17 -11.07 104.35
N ALA RA 113 -75.79 -11.94 103.40
CA ALA RA 113 -76.35 -11.84 102.05
C ALA RA 113 -77.83 -12.14 102.04
N ALA RA 114 -78.28 -13.14 102.81
CA ALA RA 114 -79.71 -13.41 102.91
C ALA RA 114 -80.45 -12.25 103.56
N GLN RA 115 -79.85 -11.63 104.58
CA GLN RA 115 -80.45 -10.46 105.19
C GLN RA 115 -80.65 -9.35 104.16
N LEU RA 116 -79.68 -9.17 103.27
CA LEU RA 116 -79.83 -8.18 102.20
C LEU RA 116 -80.61 -8.79 101.04
N LEU RA 117 -81.69 -9.51 101.38
CA LEU RA 117 -82.60 -10.01 100.37
C LEU RA 117 -84.05 -9.84 100.82
N PHE RA 118 -84.29 -9.95 102.12
CA PHE RA 118 -85.63 -9.91 102.66
C PHE RA 118 -85.85 -8.85 103.73
N ASP RA 119 -84.79 -8.16 104.17
CA ASP RA 119 -84.95 -7.08 105.12
C ASP RA 119 -85.79 -5.97 104.51
N SER RA 120 -86.72 -5.45 105.31
CA SER RA 120 -87.67 -4.46 104.80
C SER RA 120 -86.97 -3.18 104.39
N ASP RA 121 -85.77 -2.95 104.90
CA ASP RA 121 -84.99 -1.76 104.56
C ASP RA 121 -84.65 -1.74 103.07
N TYR RA 122 -84.26 -2.89 102.53
CA TYR RA 122 -83.99 -3.02 101.12
C TYR RA 122 -85.18 -3.59 100.37
N SER RA 123 -86.28 -2.84 100.29
CA SER RA 123 -87.43 -3.28 99.52
C SER RA 123 -87.59 -2.39 98.30
N ASP RA 124 -87.45 -1.08 98.50
CA ASP RA 124 -87.50 -0.15 97.38
C ASP RA 124 -86.35 -0.39 96.41
N PHE RA 125 -85.24 -0.95 96.88
CA PHE RA 125 -84.12 -1.23 96.01
C PHE RA 125 -84.38 -2.37 95.04
N TRP RA 126 -85.11 -3.40 95.46
CA TRP RA 126 -85.36 -4.55 94.60
C TRP RA 126 -86.56 -4.32 93.70
N LYS RA 127 -87.67 -3.83 94.26
CA LYS RA 127 -88.89 -3.67 93.48
C LYS RA 127 -88.92 -2.33 92.76
N ALA RA 128 -88.74 -1.24 93.51
CA ALA RA 128 -88.76 0.08 92.88
C ALA RA 128 -87.44 0.43 92.22
N GLN RA 129 -86.40 -0.37 92.41
CA GLN RA 129 -85.07 -0.12 91.85
C GLN RA 129 -84.54 1.24 92.31
N ALA RA 130 -84.81 1.58 93.57
CA ALA RA 130 -84.48 2.88 94.14
C ALA RA 130 -83.22 2.77 94.98
N LEU RA 131 -82.13 3.37 94.50
CA LEU RA 131 -80.86 3.32 95.21
C LEU RA 131 -80.92 4.07 96.54
N ALA RA 132 -81.84 5.00 96.67
CA ALA RA 132 -81.96 5.77 97.91
C ALA RA 132 -83.38 6.29 98.13
N ALA SA 1 -47.66 36.05 117.66
CA ALA SA 1 -47.39 35.63 116.29
C ALA SA 1 -47.07 34.14 116.22
N ILE SA 2 -46.47 33.72 115.10
CA ILE SA 2 -46.18 32.30 114.90
C ILE SA 2 -45.19 31.79 115.94
N ALA SA 3 -44.12 32.55 116.18
CA ALA SA 3 -43.13 32.15 117.16
C ALA SA 3 -43.72 32.17 118.57
N ASN SA 4 -43.53 31.07 119.30
CA ASN SA 4 -44.03 30.92 120.67
C ASN SA 4 -45.55 31.03 120.73
N SER SA 5 -46.21 30.62 119.65
CA SER SA 5 -47.67 30.50 119.65
C SER SA 5 -48.06 29.19 120.32
N SER SA 6 -49.12 29.23 121.12
CA SER SA 6 -49.56 28.05 121.85
C SER SA 6 -50.78 27.43 121.17
N ILE SA 7 -50.77 26.10 121.06
CA ILE SA 7 -51.88 25.35 120.49
C ILE SA 7 -52.29 24.29 121.50
N ALA SA 8 -53.59 24.19 121.76
CA ALA SA 8 -54.12 23.24 122.74
C ALA SA 8 -54.42 21.92 122.03
N ILE SA 9 -53.56 20.93 122.22
CA ILE SA 9 -53.70 19.64 121.56
C ILE SA 9 -54.81 18.84 122.23
N ASP SA 10 -55.58 18.10 121.42
CA ASP SA 10 -56.67 17.25 121.90
C ASP SA 10 -57.70 18.07 122.66
N SER SA 11 -58.35 18.96 121.91
CA SER SA 11 -59.25 19.94 122.51
C SER SA 11 -60.59 19.91 121.79
N THR SA 12 -61.63 20.31 122.51
CA THR SA 12 -62.93 20.48 121.90
C THR SA 12 -63.05 21.90 121.34
N ALA SA 13 -63.46 22.00 120.08
CA ALA SA 13 -63.59 23.27 119.39
C ALA SA 13 -65.08 23.61 119.32
N SER SA 14 -65.48 24.66 120.04
CA SER SA 14 -66.85 25.14 119.98
C SER SA 14 -66.95 26.27 118.97
N VAL SA 15 -68.17 26.76 118.77
CA VAL SA 15 -68.40 27.93 117.93
C VAL SA 15 -69.70 28.60 118.35
N THR SA 16 -69.65 29.90 118.66
CA THR SA 16 -70.83 30.65 119.08
C THR SA 16 -70.79 32.02 118.42
N GLY SA 17 -71.35 32.13 117.22
CA GLY SA 17 -71.54 33.44 116.62
C GLY SA 17 -72.92 33.67 116.04
N GLY SA 18 -73.66 32.59 115.78
CA GLY SA 18 -74.95 32.71 115.14
C GLY SA 18 -74.87 32.60 113.64
N THR SA 19 -75.93 33.02 112.96
CA THR SA 19 -76.03 32.98 111.49
C THR SA 19 -75.85 31.55 110.98
N ALA SA 20 -76.76 30.68 111.39
CA ALA SA 20 -76.69 29.27 111.04
C ALA SA 20 -77.13 29.03 109.60
N ARG SA 21 -76.19 29.07 108.67
CA ARG SA 21 -76.49 28.81 107.27
C ARG SA 21 -76.64 27.31 107.03
N THR SA 22 -76.90 26.95 105.78
CA THR SA 22 -77.13 25.57 105.39
C THR SA 22 -76.32 25.23 104.15
N VAL SA 23 -75.58 24.13 104.21
CA VAL SA 23 -74.86 23.63 103.05
C VAL SA 23 -75.82 22.79 102.23
N LYS SA 24 -76.11 23.24 101.00
CA LYS SA 24 -76.97 22.51 100.09
C LYS SA 24 -76.13 22.01 98.92
N GLU SA 25 -76.25 20.72 98.61
CA GLU SA 25 -75.43 20.17 97.54
C GLU SA 25 -75.98 20.57 96.18
N LEU SA 26 -75.06 20.69 95.22
CA LEU SA 26 -75.43 21.08 93.86
C LEU SA 26 -75.28 19.91 92.90
N VAL SA 27 -74.09 19.35 92.75
CA VAL SA 27 -73.83 18.25 91.83
C VAL SA 27 -72.96 17.23 92.54
N ARG SA 28 -72.60 16.18 91.81
CA ARG SA 28 -71.75 15.14 92.37
C ARG SA 28 -70.53 14.82 91.54
N ASN SA 29 -70.64 14.89 90.20
CA ASN SA 29 -69.65 14.39 89.25
C ASN SA 29 -68.78 13.25 89.78
N ASN SA 30 -67.49 13.24 89.44
CA ASN SA 30 -66.63 12.09 89.64
C ASN SA 30 -66.03 12.12 91.05
N SER SA 31 -66.59 11.31 91.95
CA SER SA 31 -66.05 11.12 93.30
C SER SA 31 -65.86 12.46 94.01
N GLU SA 32 -66.82 13.36 93.80
CA GLU SA 32 -66.76 14.71 94.30
C GLU SA 32 -68.13 15.09 94.86
N LEU SA 33 -68.21 16.25 95.48
CA LEU SA 33 -69.47 16.77 95.96
C LEU SA 33 -69.44 18.29 96.00
N ASN SA 34 -70.00 18.93 95.00
CA ASN SA 34 -70.02 20.38 94.95
C ASN SA 34 -71.29 20.89 95.62
N ALA SA 35 -71.14 21.67 96.67
CA ALA SA 35 -72.25 22.24 97.41
C ALA SA 35 -72.13 23.75 97.43
N TYR SA 36 -73.02 24.40 98.17
CA TYR SA 36 -72.98 25.86 98.31
C TYR SA 36 -73.67 26.23 99.61
N ILE SA 37 -73.25 27.36 100.18
CA ILE SA 37 -73.81 27.83 101.44
C ILE SA 37 -74.97 28.77 101.13
N ASP SA 38 -76.14 28.49 101.73
CA ASP SA 38 -77.35 29.25 101.44
C ASP SA 38 -77.44 30.42 102.40
N GLU SA 39 -76.91 31.56 101.95
CA GLU SA 39 -77.00 32.81 102.69
C GLU SA 39 -77.90 33.85 102.02
N GLY SA 40 -78.61 33.47 100.96
CA GLY SA 40 -79.47 34.37 100.25
C GLY SA 40 -78.80 35.30 99.25
N LEU SA 41 -77.56 35.03 98.88
CA LEU SA 41 -76.83 35.88 97.96
C LEU SA 41 -77.27 35.61 96.52
N SER SA 42 -76.59 36.26 95.58
CA SER SA 42 -76.89 36.05 94.17
C SER SA 42 -76.41 34.67 93.72
N PHE SA 43 -76.69 34.35 92.46
CA PHE SA 43 -76.34 33.03 91.93
C PHE SA 43 -74.84 32.90 91.72
N GLN SA 44 -74.21 33.91 91.11
CA GLN SA 44 -72.76 33.92 90.95
C GLN SA 44 -72.08 34.77 92.01
N ALA SA 45 -72.68 34.84 93.21
CA ALA SA 45 -72.02 35.48 94.34
C ALA SA 45 -72.10 34.62 95.59
N ARG SA 46 -72.65 33.41 95.50
CA ARG SA 46 -72.77 32.52 96.65
C ARG SA 46 -71.45 31.85 96.95
N LYS SA 47 -71.30 31.33 98.17
CA LYS SA 47 -70.09 30.61 98.56
C LYS SA 47 -70.31 29.13 98.31
N GLU SA 48 -69.59 28.57 97.34
CA GLU SA 48 -69.67 27.15 97.02
C GLU SA 48 -68.48 26.44 97.64
N VAL SA 49 -68.75 25.36 98.38
CA VAL SA 49 -67.68 24.54 98.93
C VAL SA 49 -67.74 23.15 98.31
N ALA SA 50 -66.60 22.70 97.78
CA ALA SA 50 -66.49 21.41 97.11
C ALA SA 50 -65.74 20.42 97.98
N PHE SA 51 -66.30 19.21 98.09
CA PHE SA 51 -65.72 18.10 98.83
C PHE SA 51 -65.25 17.04 97.85
N SER SA 52 -64.15 16.37 98.17
CA SER SA 52 -63.64 15.33 97.28
C SER SA 52 -62.88 14.27 98.08
N VAL SA 53 -62.95 13.03 97.62
CA VAL SA 53 -62.29 11.91 98.28
C VAL SA 53 -61.38 11.20 97.27
N LYS SA 54 -60.27 10.70 97.79
CA LYS SA 54 -59.25 9.97 97.04
C LYS SA 54 -58.81 8.78 97.90
N VAL SA 55 -59.77 7.88 98.16
CA VAL SA 55 -59.59 6.62 98.87
C VAL SA 55 -58.34 5.88 98.43
N PRO SA 56 -57.76 5.03 99.29
CA PRO SA 56 -56.47 4.38 98.95
C PRO SA 56 -56.62 3.36 97.84
N LYS SA 57 -55.49 3.07 97.20
CA LYS SA 57 -55.40 2.10 96.11
C LYS SA 57 -54.22 1.19 96.38
N VAL SA 58 -54.43 -0.13 96.29
CA VAL SA 58 -53.43 -1.10 96.68
C VAL SA 58 -52.22 -1.02 95.75
N SER SA 59 -51.10 -0.56 96.28
CA SER SA 59 -49.84 -0.48 95.55
C SER SA 59 -48.86 -1.51 96.08
N VAL SA 60 -47.67 -1.57 95.49
CA VAL SA 60 -46.58 -2.40 95.99
C VAL SA 60 -45.52 -1.56 96.69
N SER SA 61 -45.43 -0.29 96.35
CA SER SA 61 -44.68 0.75 97.04
C SER SA 61 -45.50 1.18 98.25
N ALA SA 62 -45.26 2.41 98.75
CA ALA SA 62 -46.01 2.95 99.88
C ALA SA 62 -45.75 2.15 101.15
N PRO SA 63 -44.65 2.46 101.85
CA PRO SA 63 -44.16 1.59 102.94
C PRO SA 63 -45.14 1.55 104.10
N GLY SA 64 -46.05 0.58 104.01
CA GLY SA 64 -47.26 0.51 104.82
C GLY SA 64 -48.33 -0.18 104.01
N GLY SA 65 -48.04 -0.42 102.73
CA GLY SA 65 -48.85 -1.27 101.90
C GLY SA 65 -49.45 -0.60 100.68
N PHE SA 66 -50.00 0.60 100.85
CA PHE SA 66 -50.68 1.31 99.77
C PHE SA 66 -50.96 2.76 100.16
N THR SA 67 -51.27 3.55 99.14
CA THR SA 67 -51.29 5.01 99.22
C THR SA 67 -52.25 5.51 100.28
N GLN SA 68 -52.04 6.76 100.68
CA GLN SA 68 -52.86 7.37 101.71
C GLN SA 68 -54.24 7.74 101.16
N ALA SA 69 -55.16 7.98 102.08
CA ALA SA 69 -56.53 8.35 101.75
C ALA SA 69 -56.69 9.85 101.91
N ARG SA 70 -56.83 10.58 100.81
CA ARG SA 70 -56.87 12.03 100.93
C ARG SA 70 -58.29 12.57 100.80
N SER SA 71 -58.58 13.61 101.57
CA SER SA 71 -59.89 14.26 101.57
C SER SA 71 -59.65 15.76 101.38
N THR SA 72 -60.28 16.34 100.36
CA THR SA 72 -60.08 17.74 100.05
C THR SA 72 -61.38 18.53 100.20
N VAL SA 73 -61.24 19.74 100.73
CA VAL SA 73 -62.34 20.70 100.84
C VAL SA 73 -61.86 22.05 100.32
N ILE SA 74 -62.56 22.59 99.32
CA ILE SA 74 -62.24 23.91 98.80
C ILE SA 74 -63.44 24.81 98.98
N LEU SA 75 -63.25 25.91 99.71
CA LEU SA 75 -64.30 26.90 99.95
C LEU SA 75 -64.03 28.09 99.03
N LYS SA 76 -64.94 28.33 98.10
CA LYS SA 76 -64.79 29.43 97.16
C LYS SA 76 -65.72 30.57 97.55
N SER SA 77 -65.13 31.70 97.94
CA SER SA 77 -65.89 32.90 98.28
C SER SA 77 -65.68 33.93 97.19
N PRO SA 78 -66.69 34.29 96.40
CA PRO SA 78 -66.49 35.27 95.35
C PRO SA 78 -66.45 36.69 95.91
N LYS SA 79 -65.81 37.59 95.17
CA LYS SA 79 -65.62 38.95 95.60
C LYS SA 79 -65.55 39.87 94.39
N THR SA 80 -66.30 40.97 94.44
CA THR SA 80 -66.29 41.99 93.40
C THR SA 80 -65.27 43.05 93.77
N LEU SA 81 -64.30 43.27 92.88
CA LEU SA 81 -63.24 44.24 93.16
C LEU SA 81 -63.69 45.66 92.83
N ALA SA 82 -62.90 46.63 93.29
CA ALA SA 82 -63.21 48.03 93.03
C ALA SA 82 -63.13 48.35 91.54
N ASN SA 83 -62.13 47.77 90.85
CA ASN SA 83 -62.01 47.98 89.41
C ASN SA 83 -63.25 47.51 88.65
N GLY SA 84 -64.02 46.60 89.24
CA GLY SA 84 -65.29 46.22 88.65
C GLY SA 84 -65.40 44.74 88.35
N ASN SA 85 -64.28 44.10 88.05
CA ASN SA 85 -64.28 42.68 87.74
C ASN SA 85 -64.51 41.86 89.00
N ARG SA 86 -64.55 40.54 88.82
CA ARG SA 86 -64.87 39.58 89.86
C ARG SA 86 -63.75 38.57 90.00
N THR SA 87 -63.48 38.18 91.23
CA THR SA 87 -62.45 37.19 91.52
C THR SA 87 -63.00 36.25 92.59
N VAL SA 88 -62.30 35.14 92.82
CA VAL SA 88 -62.70 34.18 93.85
C VAL SA 88 -61.54 34.02 94.82
N ASN SA 89 -61.85 34.06 96.11
CA ASN SA 89 -60.89 33.85 97.19
C ASN SA 89 -61.16 32.45 97.74
N THR SA 90 -60.14 31.61 97.75
CA THR SA 90 -60.34 30.20 98.04
C THR SA 90 -59.60 29.78 99.31
N VAL SA 91 -60.13 28.75 99.97
CA VAL SA 91 -59.48 28.12 101.11
C VAL SA 91 -59.50 26.61 100.92
N SER SA 92 -58.40 26.05 100.43
CA SER SA 92 -58.33 24.61 100.24
C SER SA 92 -57.76 23.93 101.47
N ILE SA 93 -58.27 22.73 101.76
CA ILE SA 93 -57.82 21.93 102.89
C ILE SA 93 -57.71 20.48 102.44
N GLN SA 94 -56.59 19.82 102.75
CA GLN SA 94 -56.36 18.45 102.35
C GLN SA 94 -55.88 17.63 103.55
N LEU SA 95 -56.26 16.35 103.57
CA LEU SA 95 -56.03 15.47 104.72
C LEU SA 95 -55.41 14.14 104.24
N SER SA 96 -54.30 14.24 103.50
CA SER SA 96 -53.59 13.05 103.05
C SER SA 96 -53.00 12.34 104.26
N VAL SA 97 -53.70 11.30 104.72
CA VAL SA 97 -53.28 10.51 105.87
C VAL SA 97 -53.27 9.03 105.50
N ASP SA 98 -52.37 8.29 106.12
CA ASP SA 98 -52.21 6.88 105.80
C ASP SA 98 -53.46 6.11 106.25
N PRO SA 99 -53.95 5.18 105.44
CA PRO SA 99 -55.25 4.53 105.74
C PRO SA 99 -55.26 3.72 107.03
N GLU SA 100 -54.11 3.32 107.57
CA GLU SA 100 -54.06 2.62 108.84
C GLU SA 100 -54.27 3.54 110.03
N THR SA 101 -54.46 4.84 109.79
CA THR SA 101 -54.59 5.80 110.87
C THR SA 101 -55.92 5.63 111.60
N THR SA 102 -55.85 5.62 112.93
CA THR SA 102 -57.05 5.57 113.74
C THR SA 102 -57.79 6.90 113.70
N ALA SA 103 -59.06 6.87 114.06
CA ALA SA 103 -59.89 8.06 114.03
C ALA SA 103 -59.57 9.04 115.15
N ALA SA 104 -59.01 8.56 116.27
CA ALA SA 104 -58.64 9.47 117.35
C ALA SA 104 -57.51 10.39 116.93
N GLU SA 105 -56.49 9.86 116.27
CA GLU SA 105 -55.40 10.70 115.81
C GLU SA 105 -55.84 11.62 114.69
N VAL SA 106 -56.78 11.17 113.85
CA VAL SA 106 -57.36 12.04 112.83
C VAL SA 106 -58.09 13.20 113.49
N THR SA 107 -58.85 12.92 114.55
CA THR SA 107 -59.52 13.99 115.28
C THR SA 107 -58.51 14.95 115.90
N THR SA 108 -57.42 14.41 116.45
CA THR SA 108 -56.37 15.26 117.00
C THR SA 108 -55.79 16.18 115.94
N MET SA 109 -55.49 15.64 114.76
CA MET SA 109 -54.94 16.43 113.68
C MET SA 109 -55.93 17.49 113.20
N LEU SA 110 -57.20 17.12 113.11
CA LEU SA 110 -58.22 18.06 112.64
C LEU SA 110 -58.39 19.21 113.63
N ASN SA 111 -58.36 18.89 114.93
CA ASN SA 111 -58.46 19.94 115.94
C ASN SA 111 -57.22 20.84 115.93
N ALA SA 112 -56.05 20.24 115.77
CA ALA SA 112 -54.82 21.03 115.73
C ALA SA 112 -54.79 21.96 114.53
N ALA SA 113 -55.14 21.45 113.35
CA ALA SA 113 -55.21 22.25 112.14
C ALA SA 113 -56.28 23.32 112.20
N ALA SA 114 -57.48 22.98 112.69
CA ALA SA 114 -58.53 23.97 112.82
C ALA SA 114 -58.29 24.91 113.98
N GLN SA 115 -57.37 24.58 114.89
CA GLN SA 115 -56.94 25.51 115.92
C GLN SA 115 -56.16 26.68 115.33
N LEU SA 116 -55.44 26.45 114.23
CA LEU SA 116 -55.02 27.51 113.35
C LEU SA 116 -56.26 28.06 112.64
N LEU SA 117 -56.08 29.16 111.92
CA LEU SA 117 -57.15 29.82 111.16
C LEU SA 117 -58.15 30.55 112.06
N PHE SA 118 -58.10 30.37 113.38
CA PHE SA 118 -58.94 31.21 114.22
C PHE SA 118 -58.22 31.64 115.48
N ASP SA 119 -57.00 31.14 115.68
CA ASP SA 119 -56.21 31.59 116.82
C ASP SA 119 -55.69 33.00 116.54
N SER SA 120 -55.60 33.79 117.61
CA SER SA 120 -55.17 35.17 117.48
C SER SA 120 -53.72 35.31 117.04
N ASP SA 121 -52.88 34.31 117.35
CA ASP SA 121 -51.47 34.39 116.99
C ASP SA 121 -51.27 34.43 115.49
N TYR SA 122 -52.07 33.69 114.74
CA TYR SA 122 -51.91 33.55 113.30
C TYR SA 122 -52.74 34.54 112.50
N SER SA 123 -53.42 35.48 113.17
CA SER SA 123 -54.19 36.50 112.47
C SER SA 123 -53.35 37.26 111.46
N ASP SA 124 -52.17 37.73 111.88
CA ASP SA 124 -51.31 38.51 110.99
C ASP SA 124 -50.76 37.64 109.87
N PHE SA 125 -50.48 36.38 110.16
CA PHE SA 125 -50.01 35.47 109.10
C PHE SA 125 -51.06 35.28 108.02
N TRP SA 126 -52.30 35.04 108.42
CA TRP SA 126 -53.36 34.82 107.45
C TRP SA 126 -53.78 36.09 106.74
N LYS SA 127 -53.64 37.26 107.37
CA LYS SA 127 -54.14 38.50 106.79
C LYS SA 127 -53.03 39.28 106.08
N ALA SA 128 -51.96 39.66 106.78
CA ALA SA 128 -50.89 40.45 106.19
C ALA SA 128 -49.71 39.61 105.73
N GLN SA 129 -49.79 38.29 105.86
CA GLN SA 129 -48.71 37.37 105.46
C GLN SA 129 -47.44 37.60 106.30
N ALA SA 130 -47.64 37.95 107.57
CA ALA SA 130 -46.54 38.22 108.48
C ALA SA 130 -45.98 36.88 108.98
N LEU SA 131 -45.05 36.33 108.20
CA LEU SA 131 -44.35 35.11 108.58
C LEU SA 131 -43.57 35.33 109.88
N ALA SA 132 -42.60 36.23 109.82
CA ALA SA 132 -41.85 36.61 111.01
C ALA SA 132 -42.63 37.66 111.78
N ALA TA 1 -89.47 81.48 48.38
CA ALA TA 1 -89.76 82.89 48.60
C ALA TA 1 -89.02 83.74 47.57
N ILE TA 2 -88.17 83.08 46.79
CA ILE TA 2 -87.57 83.71 45.61
C ILE TA 2 -88.54 83.54 44.44
N ALA TA 3 -89.48 84.45 44.31
CA ALA TA 3 -90.50 84.35 43.28
C ALA TA 3 -91.04 85.74 43.02
N ASN TA 4 -92.15 86.09 43.65
CA ASN TA 4 -92.59 87.48 43.66
C ASN TA 4 -92.16 88.14 44.96
N SER TA 5 -90.84 88.27 45.16
CA SER TA 5 -90.28 88.90 46.34
C SER TA 5 -90.34 90.42 46.21
N SER TA 6 -89.58 91.12 47.05
CA SER TA 6 -89.50 92.57 46.94
C SER TA 6 -88.15 93.03 47.45
N ILE TA 7 -87.57 94.01 46.77
CA ILE TA 7 -86.27 94.57 47.13
C ILE TA 7 -86.24 96.03 46.74
N ALA TA 8 -85.76 96.88 47.65
CA ALA TA 8 -85.69 98.31 47.40
C ALA TA 8 -84.38 98.64 46.68
N ILE TA 9 -84.48 99.30 45.54
CA ILE TA 9 -83.32 99.63 44.72
C ILE TA 9 -83.00 101.10 44.91
N ASP TA 10 -81.71 101.41 45.09
CA ASP TA 10 -81.23 102.76 45.37
C ASP TA 10 -81.81 103.29 46.68
N SER TA 11 -81.55 102.57 47.76
CA SER TA 11 -82.09 102.88 49.07
C SER TA 11 -80.99 102.85 50.13
N THR TA 12 -81.28 103.46 51.27
CA THR TA 12 -80.34 103.52 52.38
C THR TA 12 -80.64 102.40 53.37
N ALA TA 13 -79.60 101.65 53.73
CA ALA TA 13 -79.69 100.56 54.68
C ALA TA 13 -79.11 100.98 56.02
N SER TA 14 -79.76 100.54 57.09
CA SER TA 14 -79.37 100.92 58.44
C SER TA 14 -79.40 99.70 59.34
N VAL TA 15 -78.83 99.85 60.53
CA VAL TA 15 -78.73 98.78 61.51
C VAL TA 15 -79.11 99.33 62.88
N THR TA 16 -79.95 98.60 63.61
CA THR TA 16 -80.35 98.97 64.95
C THR TA 16 -80.05 97.82 65.91
N GLY TA 17 -79.71 98.19 67.15
CA GLY TA 17 -79.47 97.18 68.17
C GLY TA 17 -78.13 96.47 67.99
N GLY TA 18 -78.06 95.26 68.52
CA GLY TA 18 -76.83 94.50 68.49
C GLY TA 18 -75.79 95.05 69.45
N THR TA 19 -74.58 94.51 69.33
CA THR TA 19 -73.45 94.91 70.18
C THR TA 19 -72.30 95.32 69.27
N ALA TA 20 -71.99 96.61 69.26
CA ALA TA 20 -70.90 97.13 68.44
C ALA TA 20 -69.57 96.51 68.80
N ARG TA 21 -69.01 95.71 67.91
CA ARG TA 21 -67.70 95.11 68.08
C ARG TA 21 -66.66 95.97 67.37
N THR TA 22 -65.44 95.46 67.23
CA THR TA 22 -64.37 96.22 66.58
C THR TA 22 -63.57 95.26 65.70
N VAL TA 23 -63.24 95.71 64.50
CA VAL TA 23 -62.46 94.90 63.56
C VAL TA 23 -61.00 95.28 63.78
N LYS TA 24 -60.26 94.38 64.44
CA LYS TA 24 -58.86 94.63 64.72
C LYS TA 24 -57.99 93.98 63.65
N GLU TA 25 -57.06 94.76 63.11
CA GLU TA 25 -56.22 94.33 62.00
C GLU TA 25 -55.08 93.46 62.49
N LEU TA 26 -54.75 92.42 61.71
CA LEU TA 26 -53.72 91.48 62.11
C LEU TA 26 -52.55 91.62 61.16
N VAL TA 27 -52.74 91.41 59.86
CA VAL TA 27 -51.67 91.49 58.87
C VAL TA 27 -52.23 92.08 57.58
N ARG TA 28 -51.48 92.97 56.96
CA ARG TA 28 -51.80 93.45 55.61
C ARG TA 28 -50.58 93.14 54.73
N ASN TA 29 -50.80 92.33 53.70
CA ASN TA 29 -49.74 91.96 52.78
C ASN TA 29 -50.35 91.17 51.62
N ASN TA 30 -49.63 91.14 50.50
CA ASN TA 30 -50.01 90.37 49.33
C ASN TA 30 -51.42 90.74 48.85
N SER TA 31 -51.73 92.04 48.90
CA SER TA 31 -53.05 92.57 48.56
C SER TA 31 -54.14 92.00 49.47
N GLU TA 32 -53.74 91.49 50.63
CA GLU TA 32 -54.64 90.86 51.58
C GLU TA 32 -54.54 91.58 52.92
N LEU TA 33 -55.66 91.69 53.62
CA LEU TA 33 -55.74 92.28 54.94
C LEU TA 33 -56.52 91.30 55.81
N ASN TA 34 -55.80 90.61 56.68
CA ASN TA 34 -56.43 89.72 57.65
C ASN TA 34 -56.77 90.51 58.92
N ALA TA 35 -57.98 90.32 59.42
CA ALA TA 35 -58.40 91.00 60.63
C ALA TA 35 -59.33 90.07 61.39
N TYR TA 36 -59.76 90.50 62.57
CA TYR TA 36 -60.65 89.69 63.37
C TYR TA 36 -61.62 90.59 64.11
N ILE TA 37 -62.86 90.12 64.25
CA ILE TA 37 -63.86 90.83 65.02
C ILE TA 37 -63.62 90.52 66.49
N ASP TA 38 -63.58 91.56 67.32
CA ASP TA 38 -63.23 91.42 68.73
C ASP TA 38 -64.54 91.34 69.51
N GLU TA 39 -64.87 90.13 69.97
CA GLU TA 39 -66.04 89.92 70.82
C GLU TA 39 -65.66 89.39 72.20
N GLY TA 40 -64.38 89.43 72.56
CA GLY TA 40 -63.94 88.86 73.82
C GLY TA 40 -64.09 87.36 73.84
N LEU TA 41 -63.70 86.70 72.76
CA LEU TA 41 -63.75 85.25 72.64
C LEU TA 41 -62.33 84.69 72.63
N SER TA 42 -62.23 83.36 72.62
CA SER TA 42 -60.94 82.70 72.58
C SER TA 42 -60.39 82.73 71.16
N PHE TA 43 -59.10 82.39 71.02
CA PHE TA 43 -58.48 82.39 69.70
C PHE TA 43 -59.07 81.34 68.78
N GLN TA 44 -59.44 80.17 69.31
CA GLN TA 44 -60.02 79.11 68.51
C GLN TA 44 -61.43 79.43 68.03
N ALA TA 45 -62.12 80.37 68.65
CA ALA TA 45 -63.41 80.81 68.16
C ALA TA 45 -63.38 82.33 68.06
N ARG TA 46 -62.83 82.83 66.95
CA ARG TA 46 -62.79 84.24 66.65
C ARG TA 46 -63.79 84.53 65.53
N LYS TA 47 -63.79 85.71 64.90
CA LYS TA 47 -64.62 85.98 63.75
C LYS TA 47 -63.75 86.59 62.65
N GLU TA 48 -62.65 85.91 62.34
CA GLU TA 48 -61.67 86.42 61.38
C GLU TA 48 -62.32 86.76 60.05
N VAL TA 49 -61.93 87.90 59.49
CA VAL TA 49 -62.42 88.38 58.20
C VAL TA 49 -61.23 88.83 57.37
N ALA TA 50 -61.20 88.42 56.11
CA ALA TA 50 -60.12 88.72 55.18
C ALA TA 50 -60.62 89.59 54.04
N PHE TA 51 -59.94 90.71 53.82
CA PHE TA 51 -60.26 91.65 52.75
C PHE TA 51 -59.16 91.54 51.69
N SER TA 52 -59.52 91.22 50.47
CA SER TA 52 -58.55 91.12 49.38
C SER TA 52 -58.97 92.00 48.23
N VAL TA 53 -57.98 92.51 47.50
CA VAL TA 53 -58.21 93.41 46.37
C VAL TA 53 -57.40 92.91 45.19
N LYS TA 54 -58.05 92.87 44.02
CA LYS TA 54 -57.44 92.46 42.75
C LYS TA 54 -57.65 93.61 41.76
N VAL TA 55 -56.59 94.37 41.51
CA VAL TA 55 -56.64 95.57 40.68
C VAL TA 55 -56.68 95.20 39.21
N PRO TA 56 -57.29 96.03 38.35
CA PRO TA 56 -57.35 95.69 36.93
C PRO TA 56 -55.99 95.81 36.25
N LYS TA 57 -55.81 95.01 35.20
CA LYS TA 57 -54.63 95.04 34.37
C LYS TA 57 -55.02 95.25 32.92
N VAL TA 58 -54.10 95.81 32.13
CA VAL TA 58 -54.38 96.07 30.73
C VAL TA 58 -54.55 94.76 29.98
N SER TA 59 -55.48 94.73 29.03
CA SER TA 59 -55.77 93.54 28.25
C SER TA 59 -56.05 93.94 26.81
N VAL TA 60 -56.22 92.92 25.96
CA VAL TA 60 -56.65 93.13 24.59
C VAL TA 60 -58.09 92.68 24.37
N SER TA 61 -58.52 91.62 25.03
CA SER TA 61 -59.91 91.21 25.17
C SER TA 61 -60.53 92.07 26.27
N ALA TA 62 -61.66 91.60 26.84
CA ALA TA 62 -62.27 92.33 27.94
C ALA TA 62 -62.76 93.69 27.46
N PRO TA 63 -63.96 93.75 26.87
CA PRO TA 63 -64.30 94.86 25.97
C PRO TA 63 -64.34 96.21 26.65
N GLY TA 64 -63.18 96.85 26.67
CA GLY TA 64 -62.92 98.04 27.44
C GLY TA 64 -61.47 98.10 27.85
N GLY TA 65 -60.73 97.03 27.58
CA GLY TA 65 -59.29 97.07 27.65
C GLY TA 65 -58.69 96.53 28.92
N PHE TA 66 -59.48 96.48 29.99
CA PHE TA 66 -58.98 96.04 31.28
C PHE TA 66 -59.83 94.90 31.84
N THR TA 67 -59.18 94.07 32.65
CA THR TA 67 -59.89 93.10 33.45
C THR TA 67 -60.67 93.82 34.54
N GLN TA 68 -61.62 93.10 35.14
CA GLN TA 68 -62.47 93.71 36.15
C GLN TA 68 -61.70 93.87 37.45
N ALA TA 69 -62.06 94.92 38.20
CA ALA TA 69 -61.53 95.15 39.54
C ALA TA 69 -62.35 94.33 40.51
N ARG TA 70 -61.68 93.48 41.29
CA ARG TA 70 -62.34 92.58 42.23
C ARG TA 70 -62.03 92.96 43.67
N SER TA 71 -63.05 92.90 44.51
CA SER TA 71 -62.92 93.13 45.95
C SER TA 71 -63.62 91.97 46.64
N THR TA 72 -62.89 91.23 47.47
CA THR TA 72 -63.42 90.05 48.11
C THR TA 72 -63.34 90.16 49.63
N VAL TA 73 -64.42 89.80 50.30
CA VAL TA 73 -64.46 89.74 51.75
C VAL TA 73 -64.89 88.36 52.18
N ILE TA 74 -64.08 87.69 52.98
CA ILE TA 74 -64.45 86.39 53.54
C ILE TA 74 -64.55 86.50 55.05
N LEU TA 75 -65.71 86.17 55.61
CA LEU TA 75 -65.94 86.17 57.04
C LEU TA 75 -65.93 84.72 57.51
N LYS TA 76 -65.09 84.43 58.50
CA LYS TA 76 -64.97 83.07 59.01
C LYS TA 76 -65.61 82.96 60.39
N SER TA 77 -66.43 81.93 60.58
CA SER TA 77 -67.12 81.69 61.84
C SER TA 77 -66.84 80.28 62.33
N PRO TA 78 -65.92 80.11 63.28
CA PRO TA 78 -65.70 78.79 63.87
C PRO TA 78 -66.90 78.28 64.63
N LYS TA 79 -67.39 77.11 64.25
CA LYS TA 79 -68.44 76.39 64.95
C LYS TA 79 -67.87 75.12 65.54
N THR TA 80 -68.36 74.75 66.73
CA THR TA 80 -67.95 73.55 67.43
C THR TA 80 -69.10 72.56 67.39
N LEU TA 81 -68.83 71.34 66.92
CA LEU TA 81 -69.86 70.36 66.64
C LEU TA 81 -70.19 69.56 67.89
N ALA TA 82 -71.18 68.68 67.77
CA ALA TA 82 -71.58 67.84 68.89
C ALA TA 82 -70.46 66.90 69.29
N ASN TA 83 -69.80 66.27 68.32
CA ASN TA 83 -68.69 65.39 68.61
C ASN TA 83 -67.53 66.15 69.25
N GLY TA 84 -67.30 67.38 68.80
CA GLY TA 84 -66.27 68.20 69.38
C GLY TA 84 -65.26 68.69 68.37
N ASN TA 85 -65.40 68.24 67.13
CA ASN TA 85 -64.55 68.74 66.06
C ASN TA 85 -64.91 70.18 65.72
N ARG TA 86 -63.93 70.91 65.21
CA ARG TA 86 -64.10 72.32 64.88
C ARG TA 86 -64.21 72.49 63.36
N THR TA 87 -65.28 73.15 62.93
CA THR TA 87 -65.45 73.52 61.54
C THR TA 87 -65.50 75.03 61.44
N VAL TA 88 -65.34 75.57 60.25
CA VAL TA 88 -65.43 77.01 60.00
C VAL TA 88 -66.53 77.26 58.99
N ASN TA 89 -67.49 78.10 59.35
CA ASN TA 89 -68.56 78.52 58.46
C ASN TA 89 -68.15 79.87 57.87
N THR TA 90 -68.13 79.95 56.54
CA THR TA 90 -67.63 81.14 55.86
C THR TA 90 -68.73 81.79 55.01
N VAL TA 91 -68.63 83.11 54.89
CA VAL TA 91 -69.41 83.87 53.93
C VAL TA 91 -68.46 84.64 53.04
N SER TA 92 -68.53 84.40 51.73
CA SER TA 92 -67.70 85.12 50.78
C SER TA 92 -68.53 86.15 50.03
N ILE TA 93 -67.97 87.35 49.86
CA ILE TA 93 -68.63 88.43 49.13
C ILE TA 93 -67.59 88.95 48.15
N GLN TA 94 -67.82 88.72 46.86
CA GLN TA 94 -66.90 89.15 45.81
C GLN TA 94 -67.63 90.09 44.87
N LEU TA 95 -67.08 91.29 44.70
CA LEU TA 95 -67.62 92.30 43.79
C LEU TA 95 -66.62 92.51 42.67
N SER TA 96 -67.05 92.27 41.43
CA SER TA 96 -66.23 92.49 40.24
C SER TA 96 -66.90 93.57 39.40
N VAL TA 97 -66.24 94.72 39.27
CA VAL TA 97 -66.77 95.81 38.46
C VAL TA 97 -65.75 96.22 37.41
N ASP TA 98 -66.25 96.55 36.22
CA ASP TA 98 -65.39 97.16 35.22
C ASP TA 98 -64.91 98.51 35.73
N PRO TA 99 -63.66 98.87 35.44
CA PRO TA 99 -63.12 100.14 35.97
C PRO TA 99 -63.89 101.37 35.51
N GLU TA 100 -64.64 101.30 34.42
CA GLU TA 100 -65.46 102.43 33.99
C GLU TA 100 -66.66 102.66 34.90
N THR TA 101 -66.95 101.75 35.82
CA THR TA 101 -68.16 101.83 36.62
C THR TA 101 -68.09 102.97 37.62
N THR TA 102 -69.15 103.77 37.65
CA THR TA 102 -69.23 104.91 38.55
C THR TA 102 -69.49 104.44 39.98
N ALA TA 103 -69.32 105.38 40.93
CA ALA TA 103 -69.51 105.03 42.34
C ALA TA 103 -70.98 104.83 42.67
N ALA TA 104 -71.89 105.50 41.95
CA ALA TA 104 -73.31 105.30 42.17
C ALA TA 104 -73.77 103.92 41.72
N GLU TA 105 -73.25 103.43 40.59
CA GLU TA 105 -73.59 102.09 40.13
C GLU TA 105 -73.05 101.03 41.08
N VAL TA 106 -71.90 101.28 41.71
CA VAL TA 106 -71.38 100.36 42.70
C VAL TA 106 -72.21 100.42 43.98
N THR TA 107 -72.64 101.62 44.38
CA THR TA 107 -73.47 101.76 45.57
C THR TA 107 -74.80 101.03 45.40
N THR TA 108 -75.42 101.15 44.22
CA THR TA 108 -76.67 100.44 43.95
C THR TA 108 -76.48 98.93 44.06
N MET TA 109 -75.39 98.43 43.47
CA MET TA 109 -75.10 97.00 43.51
C MET TA 109 -74.91 96.53 44.94
N LEU TA 110 -74.14 97.29 45.72
CA LEU TA 110 -73.88 96.94 47.11
C LEU TA 110 -75.16 96.92 47.92
N ASN TA 111 -76.01 97.93 47.74
CA ASN TA 111 -77.24 98.01 48.53
C ASN TA 111 -78.21 96.90 48.16
N ALA TA 112 -78.34 96.59 46.86
CA ALA TA 112 -79.20 95.46 46.48
C ALA TA 112 -78.67 94.14 47.00
N ALA TA 113 -77.35 93.93 46.91
CA ALA TA 113 -76.78 92.69 47.42
C ALA TA 113 -76.91 92.58 48.93
N ALA TA 114 -76.94 93.71 49.64
CA ALA TA 114 -77.11 93.67 51.09
C ALA TA 114 -78.48 93.12 51.46
N GLN TA 115 -79.54 93.65 50.84
CA GLN TA 115 -80.88 93.11 51.07
C GLN TA 115 -81.05 91.71 50.52
N LEU TA 116 -80.22 91.30 49.55
CA LEU TA 116 -80.29 89.93 49.06
C LEU TA 116 -79.97 88.92 50.14
N LEU TA 117 -79.27 89.33 51.21
CA LEU TA 117 -78.89 88.39 52.26
C LEU TA 117 -79.37 88.82 53.64
N PHE TA 118 -80.30 89.77 53.72
CA PHE TA 118 -80.99 90.00 54.99
C PHE TA 118 -82.49 90.19 54.87
N ASP TA 119 -83.07 90.27 53.67
CA ASP TA 119 -84.52 90.35 53.54
C ASP TA 119 -85.16 89.04 53.98
N SER TA 120 -86.38 89.14 54.52
CA SER TA 120 -86.96 88.02 55.26
C SER TA 120 -87.34 86.87 54.34
N ASP TA 121 -87.57 87.14 53.05
CA ASP TA 121 -87.94 86.07 52.13
C ASP TA 121 -86.79 85.10 51.93
N TYR TA 122 -85.63 85.64 51.54
CA TYR TA 122 -84.47 84.83 51.23
C TYR TA 122 -83.97 84.09 52.46
N SER TA 123 -84.59 84.36 53.62
CA SER TA 123 -84.30 83.58 54.81
C SER TA 123 -84.50 82.09 54.56
N ASP TA 124 -85.51 81.73 53.76
CA ASP TA 124 -85.66 80.31 53.45
C ASP TA 124 -84.56 79.78 52.55
N PHE TA 125 -84.04 80.62 51.66
CA PHE TA 125 -82.97 80.18 50.77
C PHE TA 125 -81.63 80.03 51.47
N TRP TA 126 -81.32 80.92 52.41
CA TRP TA 126 -80.04 80.86 53.11
C TRP TA 126 -80.00 79.78 54.19
N LYS TA 127 -81.09 79.62 54.94
CA LYS TA 127 -81.14 78.65 56.02
C LYS TA 127 -81.66 77.29 55.57
N ALA TA 128 -82.86 77.25 55.00
CA ALA TA 128 -83.45 76.00 54.58
C ALA TA 128 -82.93 75.50 53.25
N GLN TA 129 -82.15 76.32 52.53
CA GLN TA 129 -81.62 75.96 51.22
C GLN TA 129 -82.75 75.69 50.23
N ALA TA 130 -83.79 76.51 50.32
CA ALA TA 130 -85.04 76.32 49.59
C ALA TA 130 -85.13 77.32 48.45
N LEU TA 131 -85.07 76.82 47.22
CA LEU TA 131 -85.11 77.67 46.04
C LEU TA 131 -86.47 78.33 45.85
N ALA TA 132 -87.54 77.63 46.17
CA ALA TA 132 -88.87 78.23 46.08
C ALA TA 132 -89.69 77.93 47.33
N ALA UA 1 -61.32 102.98 57.84
CA ALA UA 1 -61.79 101.92 56.96
C ALA UA 1 -61.61 100.56 57.62
N ILE UA 2 -61.01 99.62 56.89
CA ILE UA 2 -60.69 98.33 57.46
C ILE UA 2 -59.46 98.48 58.34
N ALA UA 3 -59.67 98.63 59.65
CA ALA UA 3 -58.60 98.92 60.58
C ALA UA 3 -59.14 99.00 62.00
N ASN UA 4 -60.11 99.88 62.23
CA ASN UA 4 -60.73 100.08 63.53
C ASN UA 4 -62.25 100.18 63.41
N SER UA 5 -62.80 99.63 62.32
CA SER UA 5 -64.22 99.75 62.05
C SER UA 5 -65.03 98.92 63.04
N SER UA 6 -66.26 99.36 63.29
CA SER UA 6 -67.18 98.71 64.22
C SER UA 6 -68.31 98.06 63.42
N ILE UA 7 -68.64 96.82 63.77
CA ILE UA 7 -69.76 96.11 63.18
C ILE UA 7 -70.67 95.62 64.31
N ALA UA 8 -71.97 95.88 64.18
CA ALA UA 8 -72.92 95.54 65.24
C ALA UA 8 -73.38 94.10 65.07
N ILE UA 9 -72.83 93.21 65.89
CA ILE UA 9 -73.14 91.79 65.82
C ILE UA 9 -74.53 91.54 66.40
N ASP UA 10 -75.29 90.69 65.72
CA ASP UA 10 -76.64 90.31 66.15
C ASP UA 10 -77.55 91.53 66.28
N SER UA 11 -77.52 92.38 65.25
CA SER UA 11 -78.39 93.53 65.17
C SER UA 11 -79.47 93.28 64.13
N THR UA 12 -80.32 94.28 63.91
CA THR UA 12 -81.40 94.22 62.93
C THR UA 12 -81.11 95.21 61.82
N ALA UA 13 -81.05 94.72 60.58
CA ALA UA 13 -80.78 95.55 59.42
C ALA UA 13 -82.07 95.82 58.66
N SER UA 14 -82.31 97.08 58.33
CA SER UA 14 -83.51 97.49 57.63
C SER UA 14 -83.14 98.42 56.48
N VAL UA 15 -84.15 98.82 55.71
CA VAL UA 15 -83.99 99.64 54.52
C VAL UA 15 -85.06 100.72 54.51
N THR UA 16 -84.67 101.94 54.14
CA THR UA 16 -85.59 103.04 53.97
C THR UA 16 -85.36 103.70 52.62
N GLY UA 17 -86.42 104.30 52.08
CA GLY UA 17 -86.31 104.94 50.78
C GLY UA 17 -86.25 103.92 49.65
N GLY UA 18 -85.92 104.43 48.46
CA GLY UA 18 -85.75 103.59 47.30
C GLY UA 18 -87.04 103.23 46.61
N THR UA 19 -86.92 102.43 45.56
CA THR UA 19 -88.05 101.91 44.81
C THR UA 19 -88.15 100.40 45.01
N ALA UA 20 -89.36 99.93 45.26
CA ALA UA 20 -89.63 98.53 45.54
C ALA UA 20 -89.82 97.80 44.22
N ARG UA 21 -88.87 96.93 43.89
CA ARG UA 21 -89.00 96.09 42.71
C ARG UA 21 -89.35 94.67 43.11
N THR UA 22 -89.92 93.92 42.16
CA THR UA 22 -90.58 92.66 42.48
C THR UA 22 -89.62 91.47 42.43
N VAL UA 23 -88.71 91.46 41.46
CA VAL UA 23 -87.87 90.29 41.16
C VAL UA 23 -88.78 89.21 40.59
N LYS UA 24 -88.51 88.77 39.36
CA LYS UA 24 -89.35 87.79 38.67
C LYS UA 24 -88.46 86.67 38.18
N GLU UA 25 -88.89 85.43 38.43
CA GLU UA 25 -88.07 84.28 38.09
C GLU UA 25 -88.12 84.02 36.59
N LEU UA 26 -86.96 83.74 35.99
CA LEU UA 26 -86.87 83.44 34.57
C LEU UA 26 -86.86 81.95 34.29
N VAL UA 27 -85.84 81.24 34.78
CA VAL UA 27 -85.59 79.85 34.44
C VAL UA 27 -85.20 79.11 35.70
N ARG UA 28 -85.51 77.82 35.73
CA ARG UA 28 -85.26 76.98 36.89
C ARG UA 28 -84.50 75.74 36.41
N ASN UA 29 -84.16 74.86 37.35
CA ASN UA 29 -83.48 73.59 37.09
C ASN UA 29 -82.01 73.78 36.76
N ASN UA 30 -81.14 73.00 37.39
CA ASN UA 30 -81.50 72.11 38.48
C ASN UA 30 -80.71 72.52 39.72
N SER UA 31 -81.40 72.71 40.83
CA SER UA 31 -80.81 73.31 42.02
C SER UA 31 -80.19 74.66 41.68
N GLU UA 32 -80.88 75.40 40.83
CA GLU UA 32 -80.38 76.65 40.28
C GLU UA 32 -81.55 77.51 39.84
N LEU UA 33 -81.81 78.60 40.55
CA LEU UA 33 -82.85 79.54 40.14
C LEU UA 33 -82.25 80.73 39.42
N ASN UA 34 -82.99 81.27 38.47
CA ASN UA 34 -82.59 82.48 37.77
C ASN UA 34 -83.77 83.44 37.74
N ALA UA 35 -83.54 84.67 38.18
CA ALA UA 35 -84.59 85.67 38.27
C ALA UA 35 -84.06 86.97 37.70
N TYR UA 36 -84.88 88.02 37.76
CA TYR UA 36 -84.44 89.34 37.32
C TYR UA 36 -85.25 90.38 38.07
N ILE UA 37 -84.60 91.50 38.40
CA ILE UA 37 -85.26 92.59 39.11
C ILE UA 37 -85.95 93.48 38.08
N ASP UA 38 -87.27 93.57 38.17
CA ASP UA 38 -88.06 94.29 37.18
C ASP UA 38 -88.15 95.76 37.56
N GLU UA 39 -87.41 96.61 36.84
CA GLU UA 39 -87.43 98.05 37.04
C GLU UA 39 -87.90 98.77 35.79
N GLY UA 40 -88.65 98.07 34.94
CA GLY UA 40 -89.08 98.66 33.67
C GLY UA 40 -87.93 98.99 32.74
N LEU UA 41 -86.95 98.11 32.65
CA LEU UA 41 -85.79 98.32 31.79
C LEU UA 41 -85.83 97.34 30.63
N SER UA 42 -84.93 97.53 29.68
CA SER UA 42 -84.89 96.68 28.50
C SER UA 42 -84.29 95.32 28.84
N PHE UA 43 -84.29 94.44 27.84
CA PHE UA 43 -83.81 93.07 28.04
C PHE UA 43 -82.31 93.03 28.31
N GLN UA 44 -81.53 93.89 27.66
CA GLN UA 44 -80.08 93.86 27.86
C GLN UA 44 -79.63 94.65 29.08
N ALA UA 45 -80.51 95.45 29.68
CA ALA UA 45 -80.13 96.34 30.77
C ALA UA 45 -80.80 95.95 32.08
N ARG UA 46 -81.30 94.73 32.19
CA ARG UA 46 -81.98 94.29 33.40
C ARG UA 46 -81.00 93.63 34.36
N LYS UA 47 -81.35 93.64 35.65
CA LYS UA 47 -80.47 93.21 36.73
C LYS UA 47 -80.10 91.73 36.66
N GLU UA 48 -81.07 90.83 36.71
CA GLU UA 48 -80.84 89.39 36.58
C GLU UA 48 -80.00 88.75 37.69
N VAL UA 49 -80.55 88.63 38.89
CA VAL UA 49 -79.91 87.91 39.99
C VAL UA 49 -80.19 86.41 39.83
N ALA UA 50 -79.17 85.60 40.07
CA ALA UA 50 -79.27 84.14 40.00
C ALA UA 50 -79.00 83.51 41.37
N PHE UA 51 -79.67 82.38 41.62
CA PHE UA 51 -79.61 81.68 42.90
C PHE UA 51 -79.17 80.24 42.68
N SER UA 52 -78.08 79.85 43.32
CA SER UA 52 -77.55 78.49 43.22
C SER UA 52 -77.59 77.83 44.58
N VAL UA 53 -77.53 76.50 44.58
CA VAL UA 53 -77.60 75.72 45.82
C VAL UA 53 -76.81 74.43 45.66
N LYS UA 54 -76.05 74.08 46.70
CA LYS UA 54 -75.30 72.81 46.76
C LYS UA 54 -75.70 72.13 48.06
N VAL UA 55 -76.44 71.03 47.95
CA VAL UA 55 -77.00 70.38 49.13
C VAL UA 55 -75.89 69.70 49.92
N PRO UA 56 -76.03 69.50 51.22
CA PRO UA 56 -74.99 68.78 51.98
C PRO UA 56 -74.87 67.35 51.52
N LYS UA 57 -73.64 66.95 51.21
CA LYS UA 57 -73.35 65.62 50.70
C LYS UA 57 -72.72 64.77 51.80
N VAL UA 58 -73.14 63.52 51.90
CA VAL UA 58 -72.66 62.65 52.97
C VAL UA 58 -71.24 62.21 52.63
N SER UA 59 -70.26 62.88 53.23
CA SER UA 59 -68.86 62.48 53.10
C SER UA 59 -68.49 61.57 54.27
N VAL UA 60 -67.20 61.31 54.46
CA VAL UA 60 -66.74 60.47 55.57
C VAL UA 60 -65.72 61.23 56.40
N SER UA 61 -64.69 61.76 55.75
CA SER UA 61 -63.58 62.39 56.45
C SER UA 61 -63.80 63.91 56.53
N ALA UA 62 -64.89 64.28 57.19
CA ALA UA 62 -65.23 65.68 57.37
C ALA UA 62 -65.78 65.90 58.77
N PRO UA 63 -65.66 67.11 59.31
CA PRO UA 63 -66.32 67.40 60.58
C PRO UA 63 -67.82 67.20 60.47
N GLY UA 64 -68.39 66.54 61.46
CA GLY UA 64 -69.82 66.29 61.47
C GLY UA 64 -70.21 65.06 60.66
N GLY UA 65 -69.51 64.84 59.56
CA GLY UA 65 -69.76 63.70 58.71
C GLY UA 65 -70.09 64.07 57.28
N PHE UA 66 -70.86 65.13 57.08
CA PHE UA 66 -71.28 65.53 55.74
C PHE UA 66 -70.40 66.66 55.23
N THR UA 67 -70.54 66.99 53.95
CA THR UA 67 -69.97 68.21 53.41
C THR UA 67 -70.85 69.38 53.78
N GLN UA 68 -70.45 70.57 53.33
CA GLN UA 68 -71.12 71.80 53.76
C GLN UA 68 -72.28 72.14 52.84
N ALA UA 69 -73.27 72.83 53.41
CA ALA UA 69 -74.43 73.31 52.68
C ALA UA 69 -74.07 74.64 52.02
N ARG UA 70 -73.67 74.58 50.76
CA ARG UA 70 -73.31 75.77 50.01
C ARG UA 70 -74.55 76.43 49.42
N SER UA 71 -74.56 77.77 49.42
CA SER UA 71 -75.69 78.52 48.89
C SER UA 71 -75.12 79.80 48.26
N THR UA 72 -75.31 79.94 46.96
CA THR UA 72 -74.70 81.03 46.21
C THR UA 72 -75.77 81.93 45.59
N VAL UA 73 -75.47 83.23 45.57
CA VAL UA 73 -76.28 84.24 44.90
C VAL UA 73 -75.31 85.07 44.06
N ILE UA 74 -75.68 85.35 42.82
CA ILE UA 74 -74.92 86.25 41.96
C ILE UA 74 -75.86 87.31 41.41
N LEU UA 75 -75.65 88.55 41.82
CA LEU UA 75 -76.38 89.69 41.27
C LEU UA 75 -75.58 90.20 40.09
N LYS UA 76 -76.20 90.25 38.92
CA LYS UA 76 -75.56 90.81 37.73
C LYS UA 76 -76.07 92.21 37.49
N SER UA 77 -75.29 92.99 36.74
CA SER UA 77 -75.61 94.39 36.47
C SER UA 77 -75.00 94.78 35.13
N PRO UA 78 -75.82 94.97 34.11
CA PRO UA 78 -75.27 95.36 32.80
C PRO UA 78 -74.69 96.77 32.85
N LYS UA 79 -73.69 97.00 32.00
CA LYS UA 79 -73.13 98.34 31.86
C LYS UA 79 -72.56 98.47 30.45
N THR UA 80 -72.86 99.59 29.81
CA THR UA 80 -72.33 99.90 28.50
C THR UA 80 -71.13 100.84 28.65
N LEU UA 81 -70.11 100.61 27.82
CA LEU UA 81 -68.83 101.25 28.01
C LEU UA 81 -68.70 102.50 27.13
N ALA UA 82 -67.58 103.21 27.30
CA ALA UA 82 -67.31 104.42 26.53
C ALA UA 82 -66.99 104.13 25.07
N ASN UA 83 -66.73 102.88 24.71
CA ASN UA 83 -66.54 102.47 23.33
C ASN UA 83 -67.77 101.79 22.75
N GLY UA 84 -68.88 101.76 23.48
CA GLY UA 84 -70.11 101.15 23.01
C GLY UA 84 -70.27 99.69 23.33
N ASN UA 85 -69.25 99.04 23.88
CA ASN UA 85 -69.34 97.62 24.20
C ASN UA 85 -70.16 97.39 25.46
N ARG UA 86 -70.53 96.13 25.66
CA ARG UA 86 -71.44 95.70 26.73
C ARG UA 86 -70.66 94.80 27.67
N THR UA 87 -70.80 95.01 28.98
CA THR UA 87 -70.17 94.17 29.99
C THR UA 87 -71.09 94.03 31.18
N VAL UA 88 -70.71 93.15 32.11
CA VAL UA 88 -71.51 92.85 33.29
C VAL UA 88 -70.65 93.00 34.53
N ASN UA 89 -71.17 93.71 35.53
CA ASN UA 89 -70.58 93.75 36.86
C ASN UA 89 -71.35 92.77 37.74
N THR UA 90 -70.64 92.10 38.65
CA THR UA 90 -71.27 91.07 39.45
C THR UA 90 -70.98 91.27 40.93
N VAL UA 91 -71.93 90.85 41.75
CA VAL UA 91 -71.72 90.64 43.18
C VAL UA 91 -72.02 89.18 43.48
N SER UA 92 -71.04 88.45 44.00
CA SER UA 92 -71.23 87.04 44.32
C SER UA 92 -71.17 86.85 45.83
N ILE UA 93 -72.20 86.23 46.39
CA ILE UA 93 -72.30 85.95 47.82
C ILE UA 93 -72.43 84.44 47.97
N GLN UA 94 -71.46 83.82 48.64
CA GLN UA 94 -71.52 82.39 48.93
C GLN UA 94 -71.58 82.19 50.43
N LEU UA 95 -72.62 81.50 50.89
CA LEU UA 95 -72.76 81.12 52.29
C LEU UA 95 -72.47 79.63 52.37
N SER UA 96 -71.51 79.27 53.22
CA SER UA 96 -71.08 77.87 53.35
C SER UA 96 -71.04 77.53 54.83
N VAL UA 97 -72.09 76.85 55.29
CA VAL UA 97 -72.18 76.43 56.67
C VAL UA 97 -72.25 74.91 56.73
N ASP UA 98 -71.93 74.36 57.90
CA ASP UA 98 -72.13 72.94 58.17
C ASP UA 98 -73.60 72.69 58.43
N PRO UA 99 -74.10 71.50 58.09
CA PRO UA 99 -75.52 71.21 58.30
C PRO UA 99 -75.95 71.28 59.76
N GLU UA 100 -75.02 71.12 60.69
CA GLU UA 100 -75.31 71.20 62.12
C GLU UA 100 -75.58 72.63 62.59
N THR UA 101 -75.31 73.62 61.74
CA THR UA 101 -75.50 75.01 62.11
C THR UA 101 -76.98 75.33 62.30
N THR UA 102 -77.28 76.10 63.33
CA THR UA 102 -78.63 76.54 63.61
C THR UA 102 -78.99 77.79 62.80
N ALA UA 103 -80.28 78.12 62.80
CA ALA UA 103 -80.75 79.26 62.03
C ALA UA 103 -80.23 80.57 62.60
N ALA UA 104 -80.08 80.65 63.93
CA ALA UA 104 -79.62 81.88 64.55
C ALA UA 104 -78.16 82.18 64.22
N GLU UA 105 -77.31 81.16 64.18
CA GLU UA 105 -75.93 81.37 63.76
C GLU UA 105 -75.86 81.86 62.32
N VAL UA 106 -76.71 81.29 61.45
CA VAL UA 106 -76.72 81.69 60.05
C VAL UA 106 -77.21 83.14 59.93
N THR UA 107 -78.20 83.52 60.72
CA THR UA 107 -78.72 84.88 60.61
C THR UA 107 -77.69 85.86 61.15
N THR UA 108 -76.91 85.46 62.15
CA THR UA 108 -75.81 86.30 62.63
C THR UA 108 -74.75 86.49 61.55
N MET UA 109 -74.36 85.39 60.90
CA MET UA 109 -73.37 85.47 59.83
C MET UA 109 -73.86 86.36 58.69
N LEU UA 110 -75.14 86.20 58.31
CA LEU UA 110 -75.69 87.01 57.24
C LEU UA 110 -75.74 88.47 57.62
N ASN UA 111 -76.09 88.77 58.88
CA ASN UA 111 -76.13 90.17 59.30
C ASN UA 111 -74.74 90.79 59.26
N ALA UA 112 -73.73 90.07 59.73
CA ALA UA 112 -72.36 90.59 59.70
C ALA UA 112 -71.90 90.81 58.26
N ALA UA 113 -72.16 89.83 57.38
CA ALA UA 113 -71.74 89.96 55.99
C ALA UA 113 -72.46 91.10 55.30
N ALA UA 114 -73.76 91.27 55.57
CA ALA UA 114 -74.50 92.39 54.98
C ALA UA 114 -73.95 93.72 55.49
N GLN UA 115 -73.60 93.80 56.77
CA GLN UA 115 -73.00 95.01 57.29
C GLN UA 115 -71.70 95.33 56.57
N LEU UA 116 -70.90 94.31 56.25
CA LEU UA 116 -69.70 94.53 55.46
C LEU UA 116 -70.05 94.59 53.97
N LEU UA 117 -71.13 95.30 53.67
CA LEU UA 117 -71.50 95.58 52.29
C LEU UA 117 -71.96 97.04 52.14
N PHE UA 118 -72.61 97.56 53.17
CA PHE UA 118 -73.21 98.89 53.11
C PHE UA 118 -72.73 99.83 54.21
N ASP UA 119 -71.93 99.36 55.16
CA ASP UA 119 -71.41 100.23 56.20
C ASP UA 119 -70.46 101.25 55.59
N SER UA 120 -70.60 102.50 56.03
CA SER UA 120 -69.84 103.60 55.44
C SER UA 120 -68.34 103.42 55.65
N ASP UA 121 -67.96 102.65 56.66
CA ASP UA 121 -66.54 102.41 56.92
C ASP UA 121 -65.88 101.69 55.76
N TYR UA 122 -66.57 100.70 55.19
CA TYR UA 122 -66.03 99.98 54.04
C TYR UA 122 -66.59 100.53 52.74
N SER UA 123 -66.32 101.79 52.43
CA SER UA 123 -66.76 102.36 51.16
C SER UA 123 -65.58 102.48 50.22
N ASP UA 124 -64.46 102.99 50.73
CA ASP UA 124 -63.25 103.09 49.92
C ASP UA 124 -62.72 101.72 49.52
N PHE UA 125 -63.08 100.69 50.27
CA PHE UA 125 -62.67 99.34 49.89
C PHE UA 125 -63.40 98.82 48.66
N TRP UA 126 -64.69 99.12 48.51
CA TRP UA 126 -65.45 98.62 47.38
C TRP UA 126 -65.29 99.51 46.16
N LYS UA 127 -65.39 100.83 46.35
CA LYS UA 127 -65.36 101.74 45.22
C LYS UA 127 -63.93 102.13 44.87
N ALA UA 128 -63.17 102.62 45.84
CA ALA UA 128 -61.79 103.03 45.58
C ALA UA 128 -60.83 101.85 45.57
N GLN UA 129 -61.27 100.67 45.96
CA GLN UA 129 -60.42 99.48 46.08
C GLN UA 129 -59.23 99.74 46.99
N ALA UA 130 -59.47 100.48 48.07
CA ALA UA 130 -58.43 100.88 49.01
C ALA UA 130 -58.49 99.97 50.23
N LEU UA 131 -57.50 99.09 50.37
CA LEU UA 131 -57.46 98.14 51.47
C LEU UA 131 -57.40 98.85 52.82
N ALA UA 132 -56.73 99.99 52.88
CA ALA UA 132 -56.61 100.72 54.13
C ALA UA 132 -56.25 102.18 53.87
N ALA VA 1 -26.68 90.18 92.55
CA ALA VA 1 -26.50 89.46 91.29
C ALA VA 1 -27.68 88.55 91.00
N ILE VA 2 -27.45 87.51 90.18
CA ILE VA 2 -28.53 86.62 89.77
C ILE VA 2 -29.08 85.85 90.96
N ALA VA 3 -28.19 85.28 91.77
CA ALA VA 3 -28.63 84.52 92.93
C ALA VA 3 -29.31 85.43 93.94
N ASN VA 4 -30.49 85.01 94.40
CA ASN VA 4 -31.27 85.75 95.39
C ASN VA 4 -31.66 87.13 94.88
N SER VA 5 -31.81 87.26 93.57
CA SER VA 5 -32.35 88.48 92.97
C SER VA 5 -33.86 88.47 93.12
N SER VA 6 -34.44 89.64 93.35
CA SER VA 6 -35.87 89.76 93.56
C SER VA 6 -36.55 90.32 92.31
N ILE VA 7 -37.68 89.72 91.94
CA ILE VA 7 -38.49 90.16 90.82
C ILE VA 7 -39.91 90.40 91.31
N ALA VA 8 -40.47 91.55 90.99
CA ALA VA 8 -41.83 91.90 91.41
C ALA VA 8 -42.80 91.41 90.35
N ILE VA 9 -43.55 90.36 90.66
CA ILE VA 9 -44.41 89.71 89.69
C ILE VA 9 -45.79 90.39 89.68
N ASP VA 10 -46.37 90.51 88.49
CA ASP VA 10 -47.61 91.24 88.26
C ASP VA 10 -47.48 92.69 88.72
N SER VA 11 -46.56 93.38 88.07
CA SER VA 11 -46.20 94.73 88.45
C SER VA 11 -46.27 95.64 87.24
N THR VA 12 -46.59 96.91 87.50
CA THR VA 12 -46.62 97.89 86.44
C THR VA 12 -45.21 98.46 86.23
N ALA VA 13 -44.79 98.51 84.97
CA ALA VA 13 -43.46 98.99 84.59
C ALA VA 13 -43.61 100.39 84.02
N SER VA 14 -43.08 101.38 84.72
CA SER VA 14 -43.08 102.75 84.23
C SER VA 14 -41.76 103.03 83.52
N VAL VA 15 -41.63 104.26 83.00
CA VAL VA 15 -40.38 104.71 82.40
C VAL VA 15 -40.37 106.24 82.39
N THR VA 16 -39.27 106.83 82.89
CA THR VA 16 -39.13 108.29 82.94
C THR VA 16 -37.68 108.64 82.65
N GLY VA 17 -37.35 108.84 81.37
CA GLY VA 17 -36.05 109.37 81.03
C GLY VA 17 -36.05 110.46 79.98
N GLY VA 18 -37.18 110.64 79.30
CA GLY VA 18 -37.25 111.60 78.22
C GLY VA 18 -36.72 111.04 76.92
N THR VA 19 -36.44 111.94 75.96
CA THR VA 19 -35.95 111.57 74.64
C THR VA 19 -36.92 110.63 73.94
N ALA VA 20 -38.16 111.09 73.79
CA ALA VA 20 -39.21 110.29 73.19
C ALA VA 20 -39.04 110.20 71.68
N ARG VA 21 -38.42 109.12 71.22
CA ARG VA 21 -38.23 108.90 69.80
C ARG VA 21 -39.50 108.35 69.17
N THR VA 22 -39.42 108.02 67.88
CA THR VA 22 -40.56 107.53 67.13
C THR VA 22 -40.13 106.34 66.29
N VAL VA 23 -40.89 105.25 66.37
CA VAL VA 23 -40.67 104.09 65.54
C VAL VA 23 -41.40 104.32 64.22
N LYS VA 24 -40.64 104.39 63.13
CA LYS VA 24 -41.20 104.55 61.79
C LYS VA 24 -40.94 103.29 60.99
N GLU VA 25 -41.98 102.73 60.39
CA GLU VA 25 -41.81 101.49 59.65
C GLU VA 25 -41.13 101.74 58.32
N LEU VA 26 -40.39 100.73 57.86
CA LEU VA 26 -39.65 100.84 56.60
C LEU VA 26 -40.27 99.93 55.55
N VAL VA 27 -40.32 98.61 55.80
CA VAL VA 27 -40.85 97.65 54.84
C VAL VA 27 -41.72 96.66 55.61
N ARG VA 28 -42.25 95.68 54.90
CA ARG VA 28 -43.10 94.66 55.51
C ARG VA 28 -42.68 93.24 55.20
N ASN VA 29 -42.12 92.99 54.01
CA ASN VA 29 -41.92 91.66 53.43
C ASN VA 29 -42.85 90.59 53.98
N ASN VA 30 -42.31 89.38 54.21
CA ASN VA 30 -43.13 88.21 54.47
C ASN VA 30 -43.48 88.12 55.96
N SER VA 31 -44.69 88.55 56.32
CA SER VA 31 -45.22 88.42 57.67
C SER VA 31 -44.26 89.02 58.70
N GLU VA 32 -43.68 90.15 58.33
CA GLU VA 32 -42.66 90.82 59.13
C GLU VA 32 -43.00 92.31 59.15
N LEU VA 33 -42.25 93.07 59.95
CA LEU VA 33 -42.39 94.51 59.94
C LEU VA 33 -41.08 95.15 60.35
N ASN VA 34 -40.30 95.60 59.37
CA ASN VA 34 -39.01 96.21 59.65
C ASN VA 34 -39.19 97.71 59.82
N ALA VA 35 -38.90 98.21 61.01
CA ALA VA 35 -39.00 99.62 61.33
C ALA VA 35 -37.64 100.15 61.73
N TYR VA 36 -37.60 101.42 62.16
CA TYR VA 36 -36.38 102.03 62.66
C TYR VA 36 -36.75 103.15 63.61
N ILE VA 37 -35.84 103.43 64.55
CA ILE VA 37 -36.06 104.48 65.53
C ILE VA 37 -35.49 105.78 64.99
N ASP VA 38 -36.31 106.83 64.99
CA ASP VA 38 -35.91 108.11 64.40
C ASP VA 38 -35.24 108.97 65.48
N GLU VA 39 -33.91 108.97 65.46
CA GLU VA 39 -33.12 109.78 66.36
C GLU VA 39 -32.24 110.79 65.65
N GLY VA 40 -32.35 110.90 64.33
CA GLY VA 40 -31.54 111.82 63.56
C GLY VA 40 -30.15 111.33 63.21
N LEU VA 41 -29.86 110.05 63.37
CA LEU VA 41 -28.56 109.51 63.04
C LEU VA 41 -28.41 109.36 61.53
N SER VA 42 -27.28 108.80 61.11
CA SER VA 42 -27.05 108.56 59.70
C SER VA 42 -27.95 107.43 59.20
N PHE VA 43 -27.89 107.20 57.88
CA PHE VA 43 -28.77 106.21 57.28
C PHE VA 43 -28.35 104.80 57.66
N GLN VA 44 -27.06 104.50 57.58
CA GLN VA 44 -26.55 103.18 57.94
C GLN VA 44 -25.96 103.16 59.34
N ALA VA 45 -26.45 104.08 60.20
CA ALA VA 45 -26.08 104.05 61.61
C ALA VA 45 -27.30 104.16 62.51
N ARG VA 46 -28.51 104.06 61.97
CA ARG VA 46 -29.73 104.15 62.77
C ARG VA 46 -30.07 102.81 63.41
N LYS VA 47 -30.92 102.83 64.42
CA LYS VA 47 -31.35 101.59 65.07
C LYS VA 47 -32.63 101.11 64.42
N GLU VA 48 -32.57 99.96 63.75
CA GLU VA 48 -33.73 99.34 63.12
C GLU VA 48 -34.21 98.20 64.02
N VAL VA 49 -35.50 98.22 64.36
CA VAL VA 49 -36.08 97.12 65.11
C VAL VA 49 -37.10 96.40 64.22
N ALA VA 50 -36.95 95.08 64.12
CA ALA VA 50 -37.79 94.26 63.26
C ALA VA 50 -38.75 93.41 64.09
N PHE VA 51 -40.00 93.36 63.64
CA PHE VA 51 -41.08 92.61 64.29
C PHE VA 51 -41.50 91.47 63.38
N SER VA 52 -41.85 90.33 63.97
CA SER VA 52 -42.28 89.19 63.17
C SER VA 52 -43.26 88.33 63.95
N VAL VA 53 -44.19 87.69 63.22
CA VAL VA 53 -45.22 86.86 63.82
C VAL VA 53 -45.17 85.46 63.21
N LYS VA 54 -45.51 84.47 64.03
CA LYS VA 54 -45.48 83.06 63.69
C LYS VA 54 -46.74 82.42 64.24
N VAL VA 55 -47.89 82.90 63.76
CA VAL VA 55 -49.23 82.46 64.15
C VAL VA 55 -49.35 80.94 64.17
N PRO VA 56 -50.23 80.37 65.00
CA PRO VA 56 -50.34 78.92 65.12
C PRO VA 56 -50.89 78.27 63.86
N LYS VA 57 -50.53 76.99 63.70
CA LYS VA 57 -50.95 76.19 62.55
C LYS VA 57 -51.48 74.86 63.08
N VAL VA 58 -52.67 74.48 62.63
CA VAL VA 58 -53.37 73.31 63.19
C VAL VA 58 -52.57 72.04 62.91
N SER VA 59 -52.08 71.41 63.97
CA SER VA 59 -51.27 70.21 63.87
C SER VA 59 -52.03 69.02 64.46
N VAL VA 60 -51.43 67.83 64.39
CA VAL VA 60 -51.94 66.64 65.05
C VAL VA 60 -51.17 66.36 66.34
N SER VA 61 -49.89 66.70 66.36
CA SER VA 61 -49.03 66.72 67.52
C SER VA 61 -49.36 67.97 68.33
N ALA VA 62 -48.42 68.43 69.18
CA ALA VA 62 -48.63 69.63 69.99
C ALA VA 62 -49.73 69.41 71.01
N PRO VA 63 -49.40 68.78 72.14
CA PRO VA 63 -50.41 68.31 73.08
C PRO VA 63 -51.20 69.46 73.70
N GLY VA 64 -52.29 69.82 73.02
CA GLY VA 64 -53.00 71.06 73.21
C GLY VA 64 -53.62 71.48 71.90
N GLY VA 65 -53.27 70.76 70.84
CA GLY VA 65 -53.96 70.87 69.56
C GLY VA 65 -53.10 71.32 68.40
N PHE VA 66 -52.27 72.35 68.61
CA PHE VA 66 -51.47 72.92 67.54
C PHE VA 66 -50.41 73.88 68.09
N THR VA 67 -49.46 74.20 67.22
CA THR VA 67 -48.21 74.87 67.59
C THR VA 67 -48.48 76.20 68.27
N GLN VA 68 -47.45 76.67 68.99
CA GLN VA 68 -47.57 77.93 69.72
C GLN VA 68 -47.47 79.11 68.76
N ALA VA 69 -47.85 80.27 69.28
CA ALA VA 69 -47.88 81.51 68.52
C ALA VA 69 -46.64 82.33 68.86
N ARG VA 70 -45.77 82.55 67.88
CA ARG VA 70 -44.51 83.23 68.19
C ARG VA 70 -44.55 84.70 67.79
N SER VA 71 -43.86 85.52 68.59
CA SER VA 71 -43.72 86.96 68.29
C SER VA 71 -42.26 87.32 68.56
N THR VA 72 -41.56 87.78 67.53
CA THR VA 72 -40.15 88.12 67.66
C THR VA 72 -39.90 89.60 67.44
N VAL VA 73 -38.99 90.15 68.23
CA VAL VA 73 -38.53 91.53 68.09
C VAL VA 73 -37.01 91.54 68.15
N ILE VA 74 -36.37 92.01 67.09
CA ILE VA 74 -34.92 92.15 67.06
C ILE VA 74 -34.55 93.62 66.94
N LEU VA 75 -33.81 94.12 67.91
CA LEU VA 75 -33.36 95.51 67.93
C LEU VA 75 -31.90 95.53 67.50
N LYS VA 76 -31.64 96.12 66.33
CA LYS VA 76 -30.29 96.18 65.79
C LYS VA 76 -29.71 97.56 66.04
N SER VA 77 -28.66 97.64 66.85
CA SER VA 77 -27.98 98.89 67.15
C SER VA 77 -26.59 98.86 66.53
N PRO VA 78 -26.32 99.65 65.49
CA PRO VA 78 -25.00 99.59 64.84
C PRO VA 78 -23.94 100.32 65.66
N LYS VA 79 -22.69 99.93 65.45
CA LYS VA 79 -21.57 100.47 66.21
C LYS VA 79 -20.33 100.50 65.32
N THR VA 80 -19.61 101.62 65.36
CA THR VA 80 -18.32 101.75 64.69
C THR VA 80 -17.23 101.46 65.70
N LEU VA 81 -16.37 100.49 65.38
CA LEU VA 81 -15.34 100.07 66.30
C LEU VA 81 -14.11 100.97 66.19
N ALA VA 82 -13.17 100.78 67.11
CA ALA VA 82 -11.93 101.55 67.09
C ALA VA 82 -11.10 101.22 65.85
N ASN VA 83 -11.04 99.94 65.48
CA ASN VA 83 -10.32 99.54 64.28
C ASN VA 83 -10.89 100.19 63.03
N GLY VA 84 -12.16 100.59 63.07
CA GLY VA 84 -12.71 101.37 61.98
C GLY VA 84 -13.91 100.73 61.29
N ASN VA 85 -13.98 99.40 61.30
CA ASN VA 85 -15.10 98.72 60.66
C ASN VA 85 -16.38 98.88 61.49
N ARG VA 86 -17.46 98.32 60.97
CA ARG VA 86 -18.79 98.44 61.55
C ARG VA 86 -19.26 97.07 61.99
N THR VA 87 -20.08 97.05 63.03
CA THR VA 87 -20.70 95.83 63.53
C THR VA 87 -22.08 96.21 64.04
N VAL VA 88 -22.92 95.21 64.30
CA VAL VA 88 -24.25 95.44 64.85
C VAL VA 88 -24.38 94.68 66.16
N ASN VA 89 -24.87 95.36 67.18
CA ASN VA 89 -25.16 94.77 68.48
C ASN VA 89 -26.68 94.58 68.54
N THR VA 90 -27.10 93.33 68.71
CA THR VA 90 -28.51 93.00 68.56
C THR VA 90 -29.11 92.53 69.88
N VAL VA 91 -30.41 92.76 70.02
CA VAL VA 91 -31.18 92.27 71.17
C VAL VA 91 -32.46 91.62 70.66
N SER VA 92 -32.46 90.29 70.58
CA SER VA 92 -33.65 89.60 70.10
C SER VA 92 -34.52 89.13 71.26
N ILE VA 93 -35.82 89.10 71.03
CA ILE VA 93 -36.80 88.69 72.03
C ILE VA 93 -37.86 87.84 71.34
N GLN VA 94 -38.16 86.67 71.90
CA GLN VA 94 -39.17 85.77 71.35
C GLN VA 94 -40.18 85.38 72.42
N LEU VA 95 -41.40 85.08 71.99
CA LEU VA 95 -42.54 84.86 72.88
C LEU VA 95 -43.29 83.58 72.48
N SER VA 96 -42.57 82.46 72.44
CA SER VA 96 -43.16 81.16 72.12
C SER VA 96 -44.14 80.80 73.23
N VAL VA 97 -45.42 81.10 73.00
CA VAL VA 97 -46.47 80.80 73.98
C VAL VA 97 -47.61 80.05 73.29
N ASP VA 98 -48.19 79.11 74.02
CA ASP VA 98 -49.28 78.31 73.50
C ASP VA 98 -50.50 79.19 73.23
N PRO VA 99 -51.17 79.03 72.09
CA PRO VA 99 -52.24 79.97 71.72
C PRO VA 99 -53.42 79.99 72.66
N GLU VA 100 -53.61 78.97 73.48
CA GLU VA 100 -54.69 78.95 74.45
C GLU VA 100 -54.44 79.87 75.64
N THR VA 101 -53.24 80.44 75.76
CA THR VA 101 -52.92 81.24 76.93
C THR VA 101 -53.67 82.56 76.92
N THR VA 102 -54.03 83.02 78.12
CA THR VA 102 -54.79 84.25 78.26
C THR VA 102 -53.87 85.47 78.17
N ALA VA 103 -54.50 86.64 78.01
CA ALA VA 103 -53.75 87.88 77.91
C ALA VA 103 -53.17 88.35 79.23
N ALA VA 104 -53.81 88.02 80.35
CA ALA VA 104 -53.24 88.35 81.65
C ALA VA 104 -51.95 87.58 81.90
N GLU VA 105 -51.92 86.31 81.53
CA GLU VA 105 -50.70 85.52 81.65
C GLU VA 105 -49.59 86.08 80.78
N VAL VA 106 -49.93 86.48 79.54
CA VAL VA 106 -48.95 87.07 78.64
C VAL VA 106 -48.42 88.38 79.22
N THR VA 107 -49.30 89.19 79.80
CA THR VA 107 -48.86 90.42 80.44
C THR VA 107 -47.93 90.14 81.61
N THR VA 108 -48.26 89.14 82.42
CA THR VA 108 -47.40 88.75 83.53
C THR VA 108 -46.03 88.33 83.04
N MET VA 109 -45.99 87.52 82.00
CA MET VA 109 -44.72 87.04 81.44
C MET VA 109 -43.91 88.20 80.86
N LEU VA 110 -44.58 89.10 80.15
CA LEU VA 110 -43.87 90.22 79.53
C LEU VA 110 -43.31 91.16 80.60
N ASN VA 111 -44.07 91.38 81.68
CA ASN VA 111 -43.57 92.20 82.77
C ASN VA 111 -42.40 91.53 83.47
N ALA VA 112 -42.48 90.23 83.71
CA ALA VA 112 -41.41 89.52 84.39
C ALA VA 112 -40.13 89.52 83.55
N ALA VA 113 -40.25 89.22 82.26
CA ALA VA 113 -39.12 89.25 81.34
C ALA VA 113 -38.54 90.64 81.18
N ALA VA 114 -39.39 91.66 81.03
CA ALA VA 114 -38.91 93.03 80.93
C ALA VA 114 -38.48 93.57 82.28
N GLN VA 115 -38.84 92.92 83.37
CA GLN VA 115 -38.30 93.27 84.68
C GLN VA 115 -36.83 92.94 84.78
N LEU VA 116 -36.38 91.91 84.06
CA LEU VA 116 -34.99 91.73 83.73
C LEU VA 116 -34.59 92.84 82.77
N LEU VA 117 -33.30 92.88 82.40
CA LEU VA 117 -32.76 93.84 81.42
C LEU VA 117 -32.74 95.27 81.95
N PHE VA 118 -33.35 95.56 83.10
CA PHE VA 118 -33.13 96.87 83.68
C PHE VA 118 -33.00 96.78 85.20
N ASP VA 119 -33.21 95.59 85.75
CA ASP VA 119 -32.98 95.41 87.18
C ASP VA 119 -31.49 95.46 87.48
N SER VA 120 -31.16 96.12 88.58
CA SER VA 120 -29.75 96.30 88.95
C SER VA 120 -29.04 94.99 89.22
N ASP VA 121 -29.76 93.95 89.61
CA ASP VA 121 -29.12 92.67 89.93
C ASP VA 121 -28.47 92.06 88.70
N TYR VA 122 -29.08 92.23 87.52
CA TYR VA 122 -28.62 91.60 86.30
C TYR VA 122 -27.70 92.49 85.47
N SER VA 123 -27.33 93.66 85.98
CA SER VA 123 -26.43 94.56 85.28
C SER VA 123 -25.13 93.87 84.89
N ASP VA 124 -24.51 93.19 85.85
CA ASP VA 124 -23.23 92.52 85.59
C ASP VA 124 -23.41 91.34 84.65
N PHE VA 125 -24.55 90.66 84.74
CA PHE VA 125 -24.81 89.56 83.82
C PHE VA 125 -24.92 90.05 82.38
N TRP VA 126 -25.65 91.14 82.17
CA TRP VA 126 -25.81 91.67 80.82
C TRP VA 126 -24.55 92.34 80.31
N LYS VA 127 -23.73 92.92 81.19
CA LYS VA 127 -22.58 93.71 80.75
C LYS VA 127 -21.30 92.89 80.75
N ALA VA 128 -20.90 92.32 81.88
CA ALA VA 128 -19.65 91.57 81.98
C ALA VA 128 -19.84 90.06 81.88
N GLN VA 129 -21.06 89.59 81.67
CA GLN VA 129 -21.36 88.15 81.58
C GLN VA 129 -21.05 87.43 82.89
N ALA VA 130 -21.30 88.11 84.01
CA ALA VA 130 -21.07 87.54 85.33
C ALA VA 130 -22.25 86.64 85.69
N LEU VA 131 -22.16 85.38 85.26
CA LEU VA 131 -23.15 84.38 85.57
C LEU VA 131 -23.23 84.17 87.08
N ALA VA 132 -22.14 83.71 87.67
CA ALA VA 132 -22.04 83.59 89.11
C ALA VA 132 -21.59 84.92 89.69
N ALA WA 1 38.25 -100.03 73.92
CA ALA WA 1 38.18 -100.70 75.21
C ALA WA 1 37.10 -100.06 76.08
N ILE WA 2 36.39 -99.09 75.50
CA ILE WA 2 35.18 -98.55 76.11
C ILE WA 2 34.03 -99.45 75.72
N ALA WA 3 33.80 -100.48 76.52
CA ALA WA 3 32.76 -101.45 76.24
C ALA WA 3 32.37 -102.14 77.53
N ASN WA 4 32.96 -103.31 77.79
CA ASN WA 4 32.85 -103.91 79.11
C ASN WA 4 34.10 -103.61 79.92
N SER WA 5 34.31 -102.32 80.22
CA SER WA 5 35.46 -101.88 81.02
C SER WA 5 35.18 -102.11 82.50
N SER WA 6 35.96 -101.47 83.37
CA SER WA 6 35.69 -101.58 84.80
C SER WA 6 36.22 -100.32 85.49
N ILE WA 7 35.39 -99.78 86.39
CA ILE WA 7 35.76 -98.60 87.17
C ILE WA 7 35.29 -98.77 88.60
N ALA WA 8 36.15 -98.45 89.56
CA ALA WA 8 35.79 -98.52 90.97
C ALA WA 8 35.08 -97.22 91.35
N ILE WA 9 33.90 -97.36 91.94
CA ILE WA 9 33.11 -96.20 92.34
C ILE WA 9 33.17 -96.04 93.85
N ASP WA 10 33.36 -94.81 94.30
CA ASP WA 10 33.56 -94.49 95.73
C ASP WA 10 34.80 -95.18 96.27
N SER WA 11 35.94 -94.88 95.66
CA SER WA 11 37.22 -95.48 96.01
C SER WA 11 38.28 -94.41 96.19
N THR WA 12 39.33 -94.76 96.92
CA THR WA 12 40.45 -93.86 97.14
C THR WA 12 41.55 -94.11 96.12
N ALA WA 13 42.08 -93.02 95.56
CA ALA WA 13 43.12 -93.08 94.54
C ALA WA 13 44.45 -92.63 95.14
N SER WA 14 45.52 -93.28 94.68
CA SER WA 14 46.85 -93.03 95.22
C SER WA 14 47.84 -92.94 94.07
N VAL WA 15 49.03 -92.44 94.38
CA VAL WA 15 50.09 -92.24 93.40
C VAL WA 15 51.40 -92.76 94.00
N THR WA 16 52.13 -93.54 93.22
CA THR WA 16 53.43 -94.06 93.63
C THR WA 16 54.49 -93.69 92.61
N GLY WA 17 55.71 -93.46 93.09
CA GLY WA 17 56.81 -93.15 92.21
C GLY WA 17 56.75 -91.72 91.68
N GLY WA 18 57.34 -91.52 90.51
CA GLY WA 18 57.39 -90.21 89.91
C GLY WA 18 58.36 -89.29 90.64
N THR WA 19 58.27 -88.01 90.29
CA THR WA 19 59.15 -86.97 90.88
C THR WA 19 58.26 -85.84 91.36
N ALA WA 20 58.15 -85.68 92.68
CA ALA WA 20 57.33 -84.64 93.28
C ALA WA 20 57.80 -83.25 92.86
N ARG WA 21 56.99 -82.55 92.07
CA ARG WA 21 57.26 -81.19 91.66
C ARG WA 21 56.51 -80.23 92.59
N THR WA 22 56.48 -78.95 92.23
CA THR WA 22 55.79 -77.95 93.04
C THR WA 22 55.07 -76.99 92.11
N VAL WA 23 53.85 -76.63 92.47
CA VAL WA 23 53.03 -75.71 91.67
C VAL WA 23 53.28 -74.31 92.22
N LYS WA 24 54.08 -73.54 91.50
CA LYS WA 24 54.37 -72.16 91.90
C LYS WA 24 53.33 -71.22 91.29
N GLU WA 25 52.73 -70.40 92.13
CA GLU WA 25 51.65 -69.52 91.72
C GLU WA 25 52.21 -68.24 91.10
N LEU WA 26 51.60 -67.82 89.99
CA LEU WA 26 52.15 -66.73 89.20
C LEU WA 26 51.25 -65.51 89.33
N VAL WA 27 49.98 -65.60 88.95
CA VAL WA 27 49.08 -64.47 88.94
C VAL WA 27 47.71 -64.93 89.41
N ARG WA 28 47.09 -64.15 90.30
CA ARG WA 28 45.79 -64.47 90.88
C ARG WA 28 44.89 -63.26 90.67
N ASN WA 29 43.99 -63.35 89.70
CA ASN WA 29 43.07 -62.24 89.42
C ASN WA 29 41.98 -62.72 88.50
N ASN WA 30 40.89 -61.96 88.48
CA ASN WA 30 39.74 -62.19 87.58
C ASN WA 30 39.20 -63.61 87.71
N SER WA 31 39.06 -64.08 88.96
CA SER WA 31 38.56 -65.42 89.26
C SER WA 31 39.47 -66.50 88.69
N GLU WA 32 40.71 -66.14 88.40
CA GLU WA 32 41.66 -67.03 87.74
C GLU WA 32 42.97 -67.04 88.51
N LEU WA 33 43.62 -68.20 88.56
CA LEU WA 33 44.91 -68.39 89.21
C LEU WA 33 45.81 -69.08 88.18
N ASN WA 34 46.75 -68.33 87.64
CA ASN WA 34 47.77 -68.90 86.78
C ASN WA 34 48.95 -69.38 87.61
N ALA WA 35 49.43 -70.58 87.32
CA ALA WA 35 50.57 -71.13 88.04
C ALA WA 35 51.37 -71.99 87.07
N TYR WA 36 52.52 -72.48 87.52
CA TYR WA 36 53.36 -73.32 86.68
C TYR WA 36 53.97 -74.42 87.53
N ILE WA 37 54.15 -75.58 86.92
CA ILE WA 37 54.81 -76.70 87.57
C ILE WA 37 56.31 -76.53 87.38
N ASP WA 38 57.06 -76.63 88.49
CA ASP WA 38 58.49 -76.35 88.49
C ASP WA 38 59.23 -77.67 88.32
N GLU WA 39 59.75 -77.89 87.12
CA GLU WA 39 60.58 -79.06 86.83
C GLU WA 39 62.01 -78.68 86.46
N GLY WA 40 62.41 -77.42 86.68
CA GLY WA 40 63.71 -76.95 86.28
C GLY WA 40 63.86 -76.93 84.78
N LEU WA 41 62.85 -76.42 84.09
CA LEU WA 41 62.84 -76.32 82.64
C LEU WA 41 62.93 -74.84 82.24
N SER WA 42 63.01 -74.60 80.94
CA SER WA 42 63.06 -73.24 80.42
C SER WA 42 61.65 -72.63 80.44
N PHE WA 43 61.59 -71.31 80.25
CA PHE WA 43 60.31 -70.63 80.23
C PHE WA 43 59.44 -71.05 79.06
N GLN WA 44 60.04 -71.32 77.91
CA GLN WA 44 59.32 -71.79 76.73
C GLN WA 44 58.79 -73.21 76.85
N ALA WA 45 59.32 -74.00 77.78
CA ALA WA 45 58.75 -75.32 78.02
C ALA WA 45 58.51 -75.44 79.53
N ARG WA 46 57.39 -74.89 79.99
CA ARG WA 46 56.97 -75.00 81.38
C ARG WA 46 55.79 -75.98 81.44
N LYS WA 47 55.08 -76.09 82.55
CA LYS WA 47 53.86 -76.88 82.62
C LYS WA 47 52.74 -76.03 83.21
N GLU WA 48 52.54 -74.85 82.63
CA GLU WA 48 51.55 -73.89 83.14
C GLU WA 48 50.19 -74.55 83.34
N VAL WA 49 49.58 -74.27 84.50
CA VAL WA 49 48.25 -74.76 84.82
C VAL WA 49 47.42 -73.58 85.33
N ALA WA 50 46.20 -73.45 84.81
CA ALA WA 50 45.30 -72.37 85.14
C ALA WA 50 44.07 -72.91 85.85
N PHE WA 51 43.76 -72.32 87.01
CA PHE WA 51 42.60 -72.68 87.81
C PHE WA 51 41.59 -71.55 87.74
N SER WA 52 40.37 -71.87 87.31
CA SER WA 52 39.34 -70.85 87.18
C SER WA 52 38.09 -71.30 87.92
N VAL WA 53 37.36 -70.34 88.46
CA VAL WA 53 36.16 -70.59 89.23
C VAL WA 53 35.05 -69.67 88.75
N LYS WA 54 33.85 -70.26 88.56
CA LYS WA 54 32.67 -69.55 88.11
C LYS WA 54 31.56 -69.84 89.12
N VAL WA 55 31.30 -68.86 89.99
CA VAL WA 55 30.38 -68.99 91.11
C VAL WA 55 28.93 -68.95 90.64
N PRO WA 56 28.00 -69.61 91.34
CA PRO WA 56 26.60 -69.57 90.91
C PRO WA 56 25.97 -68.21 91.13
N LYS WA 57 25.01 -67.88 90.26
CA LYS WA 57 24.22 -66.67 90.37
C LYS WA 57 22.73 -67.02 90.38
N VAL WA 58 21.93 -66.13 90.95
CA VAL WA 58 20.50 -66.37 91.08
C VAL WA 58 19.86 -66.38 89.70
N SER WA 59 18.87 -67.26 89.52
CA SER WA 59 18.17 -67.40 88.24
C SER WA 59 16.70 -67.68 88.51
N VAL WA 60 15.91 -67.71 87.43
CA VAL WA 60 14.53 -68.14 87.50
C VAL WA 60 14.32 -69.50 86.85
N SER WA 61 15.04 -69.80 85.79
CA SER WA 61 15.20 -71.12 85.22
C SER WA 61 16.24 -71.88 86.07
N ALA WA 62 16.82 -72.95 85.50
CA ALA WA 62 17.83 -73.70 86.24
C ALA WA 62 17.20 -74.34 87.47
N PRO WA 63 16.55 -75.48 87.32
CA PRO WA 63 15.51 -75.90 88.26
C PRO WA 63 16.02 -76.13 89.67
N GLY WA 64 16.02 -75.05 90.44
CA GLY WA 64 16.70 -74.98 91.72
C GLY WA 64 17.16 -73.56 91.99
N GLY WA 65 17.04 -72.70 90.98
CA GLY WA 65 17.16 -71.27 91.20
C GLY WA 65 18.51 -70.68 90.86
N PHE WA 66 19.54 -71.51 90.79
CA PHE WA 66 20.89 -71.02 90.52
C PHE WA 66 21.52 -71.76 89.35
N THR WA 67 22.37 -71.05 88.63
CA THR WA 67 23.25 -71.66 87.67
C THR WA 67 24.27 -72.54 88.40
N GLN WA 68 24.89 -73.44 87.66
CA GLN WA 68 25.81 -74.38 88.27
C GLN WA 68 27.14 -73.71 88.61
N ALA WA 69 27.78 -74.21 89.67
CA ALA WA 69 29.11 -73.77 90.05
C ALA WA 69 30.12 -74.54 89.21
N ARG WA 70 30.99 -73.82 88.51
CA ARG WA 70 31.96 -74.43 87.62
C ARG WA 70 33.38 -74.22 88.13
N SER WA 71 34.18 -75.27 88.06
CA SER WA 71 35.60 -75.22 88.42
C SER WA 71 36.37 -75.82 87.25
N THR WA 72 37.26 -75.03 86.67
CA THR WA 72 38.00 -75.45 85.49
C THR WA 72 39.49 -75.46 85.74
N VAL WA 73 40.16 -76.52 85.30
CA VAL WA 73 41.61 -76.60 85.36
C VAL WA 73 42.14 -76.89 83.96
N ILE WA 74 43.02 -76.04 83.46
CA ILE WA 74 43.68 -76.30 82.18
C ILE WA 74 45.16 -76.47 82.41
N LEU WA 75 45.69 -77.62 82.01
CA LEU WA 75 47.11 -77.93 82.09
C LEU WA 75 47.69 -77.81 80.70
N LYS WA 76 48.73 -77.00 80.56
CA LYS WA 76 49.35 -76.79 79.25
C LYS WA 76 50.72 -77.45 79.20
N SER WA 77 50.99 -78.14 78.09
CA SER WA 77 52.24 -78.87 77.91
C SER WA 77 52.89 -78.45 76.60
N PRO WA 78 53.84 -77.52 76.63
CA PRO WA 78 54.57 -77.16 75.41
C PRO WA 78 55.34 -78.33 74.81
N LYS WA 79 55.08 -78.60 73.54
CA LYS WA 79 55.81 -79.58 72.77
C LYS WA 79 56.53 -78.87 71.63
N THR WA 80 57.73 -79.36 71.31
CA THR WA 80 58.53 -78.86 70.20
C THR WA 80 58.51 -79.90 69.09
N LEU WA 81 58.12 -79.48 67.90
CA LEU WA 81 57.90 -80.38 66.78
C LEU WA 81 59.20 -80.67 66.04
N ALA WA 82 59.11 -81.55 65.06
CA ALA WA 82 60.29 -81.93 64.28
C ALA WA 82 60.84 -80.75 63.50
N ASN WA 83 59.96 -79.98 62.85
CA ASN WA 83 60.42 -78.80 62.12
C ASN WA 83 60.99 -77.75 63.07
N GLY WA 84 60.40 -77.60 64.25
CA GLY WA 84 60.93 -76.69 65.23
C GLY WA 84 59.91 -75.69 65.76
N ASN WA 85 58.71 -75.72 65.19
CA ASN WA 85 57.64 -74.88 65.71
C ASN WA 85 57.17 -75.40 67.06
N ARG WA 86 56.69 -74.48 67.90
CA ARG WA 86 56.23 -74.81 69.24
C ARG WA 86 54.70 -74.89 69.26
N THR WA 87 54.18 -75.99 69.78
CA THR WA 87 52.75 -76.15 70.00
C THR WA 87 52.52 -76.37 71.48
N VAL WA 88 51.27 -76.23 71.92
CA VAL WA 88 50.90 -76.47 73.30
C VAL WA 88 49.84 -77.57 73.32
N ASN WA 89 50.08 -78.60 74.12
CA ASN WA 89 49.12 -79.69 74.34
C ASN WA 89 48.41 -79.41 75.66
N THR WA 90 47.09 -79.38 75.64
CA THR WA 90 46.31 -79.00 76.81
C THR WA 90 45.38 -80.11 77.26
N VAL WA 91 45.15 -80.15 78.57
CA VAL WA 91 44.09 -80.97 79.15
C VAL WA 91 43.17 -80.07 79.96
N SER WA 92 41.90 -80.03 79.60
CA SER WA 92 40.93 -79.25 80.36
C SER WA 92 40.08 -80.17 81.23
N ILE WA 93 39.82 -79.73 82.45
CA ILE WA 93 38.98 -80.47 83.40
C ILE WA 93 37.97 -79.47 83.93
N GLN WA 94 36.71 -79.63 83.54
CA GLN WA 94 35.64 -78.74 83.94
C GLN WA 94 34.61 -79.52 84.76
N LEU WA 95 34.38 -79.09 85.98
CA LEU WA 95 33.40 -79.70 86.87
C LEU WA 95 32.29 -78.69 87.10
N SER WA 96 31.06 -79.06 86.73
CA SER WA 96 29.89 -78.22 86.93
C SER WA 96 28.93 -78.96 87.85
N VAL WA 97 28.67 -78.39 89.04
CA VAL WA 97 27.75 -79.00 89.98
C VAL WA 97 26.68 -78.01 90.39
N ASP WA 98 25.47 -78.52 90.58
CA ASP WA 98 24.43 -77.71 91.21
C ASP WA 98 24.85 -77.41 92.64
N PRO WA 99 24.56 -76.20 93.14
CA PRO WA 99 25.02 -75.83 94.49
C PRO WA 99 24.45 -76.71 95.60
N GLU WA 100 23.35 -77.42 95.36
CA GLU WA 100 22.82 -78.33 96.37
C GLU WA 100 23.66 -79.59 96.54
N THR WA 101 24.62 -79.82 95.66
CA THR WA 101 25.38 -81.06 95.65
C THR WA 101 26.26 -81.18 96.88
N THR WA 102 26.19 -82.34 97.53
CA THR WA 102 26.98 -82.59 98.73
C THR WA 102 28.45 -82.81 98.36
N ALA WA 103 29.30 -82.84 99.39
CA ALA WA 103 30.73 -83.03 99.14
C ALA WA 103 31.05 -84.48 98.80
N ALA WA 104 30.28 -85.43 99.33
CA ALA WA 104 30.47 -86.82 98.96
C ALA WA 104 30.12 -87.08 97.51
N GLU WA 105 29.06 -86.43 97.01
CA GLU WA 105 28.69 -86.58 95.61
C GLU WA 105 29.74 -85.98 94.68
N VAL WA 106 30.38 -84.89 95.10
CA VAL WA 106 31.47 -84.32 94.33
C VAL WA 106 32.70 -85.22 94.39
N THR WA 107 32.98 -85.80 95.56
CA THR WA 107 34.12 -86.70 95.69
C THR WA 107 33.96 -87.92 94.79
N THR WA 108 32.76 -88.49 94.74
CA THR WA 108 32.52 -89.64 93.88
C THR WA 108 32.75 -89.28 92.41
N MET WA 109 32.24 -88.12 91.99
CA MET WA 109 32.43 -87.66 90.63
C MET WA 109 33.91 -87.48 90.30
N LEU WA 110 34.64 -86.84 91.21
CA LEU WA 110 36.06 -86.60 91.00
C LEU WA 110 36.84 -87.90 90.90
N ASN WA 111 36.53 -88.86 91.77
CA ASN WA 111 37.26 -90.12 91.75
C ASN WA 111 36.95 -90.93 90.50
N ALA WA 112 35.69 -90.96 90.07
CA ALA WA 112 35.35 -91.66 88.83
C ALA WA 112 36.02 -91.00 87.62
N ALA WA 113 36.02 -89.67 87.58
CA ALA WA 113 36.66 -88.98 86.47
C ALA WA 113 38.17 -89.19 86.47
N ALA WA 114 38.77 -89.38 87.64
CA ALA WA 114 40.21 -89.63 87.71
C ALA WA 114 40.56 -90.94 87.01
N GLN WA 115 39.85 -92.02 87.35
CA GLN WA 115 40.07 -93.29 86.65
C GLN WA 115 39.63 -93.23 85.20
N LEU WA 116 38.75 -92.30 84.84
CA LEU WA 116 38.35 -92.16 83.45
C LEU WA 116 39.53 -91.77 82.56
N LEU WA 117 40.58 -91.16 83.12
CA LEU WA 117 41.72 -90.76 82.32
C LEU WA 117 43.04 -91.35 82.81
N PHE WA 118 42.99 -92.40 83.65
CA PHE WA 118 44.21 -93.16 83.91
C PHE WA 118 44.03 -94.67 83.90
N ASP WA 119 42.81 -95.21 83.83
CA ASP WA 119 42.64 -96.65 83.73
C ASP WA 119 43.18 -97.16 82.40
N SER WA 120 43.67 -98.41 82.42
CA SER WA 120 44.49 -98.91 81.32
C SER WA 120 43.67 -99.11 80.05
N ASP WA 121 42.36 -99.31 80.18
CA ASP WA 121 41.52 -99.52 78.99
C ASP WA 121 41.44 -98.25 78.15
N TYR WA 122 41.04 -97.16 78.78
CA TYR WA 122 40.84 -95.89 78.08
C TYR WA 122 42.16 -95.37 77.52
N SER WA 123 43.25 -96.07 77.80
CA SER WA 123 44.52 -95.74 77.16
C SER WA 123 44.39 -95.76 75.64
N ASP WA 124 43.58 -96.68 75.09
CA ASP WA 124 43.38 -96.66 73.66
C ASP WA 124 42.54 -95.50 73.19
N PHE WA 125 41.65 -94.98 74.03
CA PHE WA 125 40.81 -93.85 73.66
C PHE WA 125 41.57 -92.53 73.68
N TRP WA 126 42.49 -92.35 74.63
CA TRP WA 126 43.20 -91.08 74.76
C TRP WA 126 44.36 -90.96 73.78
N LYS WA 127 45.12 -92.04 73.58
CA LYS WA 127 46.27 -92.02 72.70
C LYS WA 127 45.90 -92.37 71.26
N ALA WA 128 45.31 -93.55 71.05
CA ALA WA 128 44.96 -93.99 69.71
C ALA WA 128 43.68 -93.36 69.19
N GLN WA 129 42.93 -92.65 70.03
CA GLN WA 129 41.66 -92.03 69.65
C GLN WA 129 40.68 -93.09 69.16
N ALA WA 130 40.67 -94.22 69.86
CA ALA WA 130 39.93 -95.42 69.46
C ALA WA 130 38.69 -95.57 70.34
N LEU WA 131 37.51 -95.41 69.75
CA LEU WA 131 36.26 -95.51 70.49
C LEU WA 131 35.99 -96.94 70.94
N ALA WA 132 36.42 -97.93 70.17
CA ALA WA 132 36.27 -99.32 70.60
C ALA WA 132 37.52 -100.12 70.30
N ALA XA 1 46.66 -75.29 99.34
CA ALA XA 1 45.85 -75.57 98.17
C ALA XA 1 46.62 -75.27 96.90
N ILE XA 2 46.00 -74.55 95.97
CA ILE XA 2 46.70 -74.11 94.77
C ILE XA 2 47.60 -72.95 95.14
N ALA XA 3 48.88 -73.24 95.37
CA ALA XA 3 49.82 -72.25 95.85
C ALA XA 3 51.21 -72.87 96.01
N ASN XA 4 51.28 -73.96 96.76
CA ASN XA 4 52.54 -74.67 97.00
C ASN XA 4 52.34 -76.18 96.89
N SER XA 5 51.29 -76.60 96.20
CA SER XA 5 50.96 -78.02 96.12
C SER XA 5 52.00 -78.77 95.30
N SER XA 6 52.14 -80.05 95.59
CA SER XA 6 53.11 -80.92 94.93
C SER XA 6 52.37 -81.95 94.08
N ILE XA 7 52.82 -82.11 92.84
CA ILE XA 7 52.28 -83.11 91.92
C ILE XA 7 53.40 -84.00 91.44
N ALA XA 8 53.21 -85.31 91.54
CA ALA XA 8 54.25 -86.27 91.19
C ALA XA 8 54.22 -86.56 89.70
N ILE XA 9 55.08 -85.88 88.94
CA ILE XA 9 55.13 -86.04 87.49
C ILE XA 9 55.67 -87.42 87.14
N ASP XA 10 55.04 -88.05 86.15
CA ASP XA 10 55.45 -89.36 85.63
C ASP XA 10 55.45 -90.42 86.73
N SER XA 11 54.38 -90.45 87.49
CA SER XA 11 54.17 -91.46 88.53
C SER XA 11 53.14 -92.48 88.06
N THR XA 12 52.82 -93.43 88.93
CA THR XA 12 51.81 -94.44 88.66
C THR XA 12 50.63 -94.23 89.62
N ALA XA 13 49.44 -94.05 89.05
CA ALA XA 13 48.23 -93.83 89.83
C ALA XA 13 47.40 -95.11 89.86
N SER XA 14 46.95 -95.48 91.06
CA SER XA 14 46.16 -96.69 91.26
C SER XA 14 44.94 -96.37 92.11
N VAL XA 15 44.11 -97.38 92.32
CA VAL XA 15 42.85 -97.26 93.06
C VAL XA 15 42.69 -98.46 93.98
N THR XA 16 42.26 -98.21 95.21
CA THR XA 16 41.95 -99.27 96.17
C THR XA 16 40.57 -99.04 96.74
N GLY XA 17 39.93 -100.12 97.17
CA GLY XA 17 38.59 -100.03 97.71
C GLY XA 17 37.55 -99.82 96.62
N GLY XA 18 36.35 -99.44 97.05
CA GLY XA 18 35.28 -99.12 96.14
C GLY XA 18 34.58 -100.35 95.58
N THR XA 19 33.58 -100.08 94.75
CA THR XA 19 32.86 -101.11 94.03
C THR XA 19 33.16 -101.02 92.54
N ALA XA 20 33.43 -102.17 91.94
CA ALA XA 20 33.84 -102.25 90.54
C ALA XA 20 32.57 -102.33 89.69
N ARG XA 21 32.28 -101.26 88.97
CA ARG XA 21 31.17 -101.27 88.03
C ARG XA 21 31.70 -101.47 86.61
N THR XA 22 30.80 -101.85 85.70
CA THR XA 22 31.23 -102.42 84.42
C THR XA 22 31.30 -101.37 83.31
N VAL XA 23 30.35 -100.42 83.30
CA VAL XA 23 30.19 -99.46 82.21
C VAL XA 23 29.66 -100.20 80.99
N LYS XA 24 28.51 -99.78 80.48
CA LYS XA 24 27.83 -100.47 79.39
C LYS XA 24 27.53 -99.48 78.28
N GLU XA 25 27.81 -99.86 77.04
CA GLU XA 25 27.57 -98.98 75.91
C GLU XA 25 26.07 -98.82 75.67
N LEU XA 26 25.62 -97.58 75.48
CA LEU XA 26 24.24 -97.32 75.12
C LEU XA 26 24.08 -97.14 73.60
N VAL XA 27 24.71 -96.12 73.04
CA VAL XA 27 24.47 -95.69 71.69
C VAL XA 27 25.80 -95.24 71.08
N ARG XA 28 25.98 -95.55 69.80
CA ARG XA 28 27.21 -95.23 69.09
C ARG XA 28 26.85 -94.32 67.92
N ASN XA 29 27.87 -93.96 67.14
CA ASN XA 29 27.74 -93.19 65.91
C ASN XA 29 27.41 -91.72 66.19
N ASN XA 30 28.15 -90.82 65.58
CA ASN XA 30 29.35 -91.16 64.82
C ASN XA 30 30.54 -90.39 65.38
N SER XA 31 31.63 -91.10 65.63
CA SER XA 31 32.78 -90.56 66.36
C SER XA 31 32.33 -90.05 67.72
N GLU XA 32 31.38 -90.77 68.32
CA GLU XA 32 30.76 -90.38 69.57
C GLU XA 32 30.18 -91.61 70.25
N LEU XA 33 30.79 -92.05 71.34
CA LEU XA 33 30.26 -93.18 72.10
C LEU XA 33 29.46 -92.67 73.30
N ASN XA 34 28.44 -93.43 73.67
CA ASN XA 34 27.63 -93.16 74.85
C ASN XA 34 27.52 -94.43 75.66
N ALA XA 35 27.85 -94.35 76.94
CA ALA XA 35 27.83 -95.51 77.82
C ALA XA 35 27.17 -95.10 79.13
N TYR XA 36 27.15 -96.03 80.08
CA TYR XA 36 26.62 -95.74 81.41
C TYR XA 36 27.25 -96.69 82.40
N ILE XA 37 27.57 -96.18 83.58
CA ILE XA 37 28.16 -96.98 84.64
C ILE XA 37 27.04 -97.72 85.35
N ASP XA 38 27.00 -99.03 85.20
CA ASP XA 38 25.92 -99.85 85.75
C ASP XA 38 26.20 -100.17 87.21
N GLU XA 39 25.42 -99.56 88.11
CA GLU XA 39 25.54 -99.82 89.54
C GLU XA 39 24.20 -100.21 90.13
N GLY XA 40 23.33 -100.81 89.32
CA GLY XA 40 22.01 -101.23 89.78
C GLY XA 40 21.11 -100.08 90.20
N LEU XA 41 21.11 -99.00 89.44
CA LEU XA 41 20.26 -97.85 89.72
C LEU XA 41 19.19 -97.74 88.64
N SER XA 42 18.26 -96.82 88.85
CA SER XA 42 17.16 -96.64 87.93
C SER XA 42 17.62 -95.90 86.67
N PHE XA 43 16.71 -95.78 85.71
CA PHE XA 43 17.04 -95.17 84.43
C PHE XA 43 17.34 -93.67 84.58
N GLN XA 44 16.67 -92.99 85.49
CA GLN XA 44 16.90 -91.56 85.68
C GLN XA 44 18.07 -91.26 86.61
N ALA XA 45 18.61 -92.26 87.30
CA ALA XA 45 19.63 -92.04 88.31
C ALA XA 45 20.96 -92.71 87.93
N ARG XA 46 21.12 -93.09 86.67
CA ARG XA 46 22.34 -93.76 86.24
C ARG XA 46 23.39 -92.75 85.81
N LYS XA 47 24.65 -93.15 85.88
CA LYS XA 47 25.80 -92.28 85.65
C LYS XA 47 25.88 -91.72 84.23
N GLU XA 48 25.97 -92.60 83.22
CA GLU XA 48 26.00 -92.19 81.82
C GLU XA 48 27.18 -91.33 81.39
N VAL XA 49 28.38 -91.92 81.31
CA VAL XA 49 29.56 -91.25 80.75
C VAL XA 49 29.50 -91.34 79.22
N ALA XA 50 29.84 -90.24 78.55
CA ALA XA 50 29.89 -90.15 77.10
C ALA XA 50 31.30 -89.86 76.61
N PHE XA 51 31.63 -90.38 75.43
CA PHE XA 51 32.96 -90.29 74.84
C PHE XA 51 32.86 -89.67 73.46
N SER XA 52 33.60 -88.58 73.24
CA SER XA 52 33.64 -87.91 71.95
C SER XA 52 35.05 -87.94 71.39
N VAL XA 53 35.16 -87.67 70.09
CA VAL XA 53 36.45 -87.72 69.41
C VAL XA 53 36.45 -86.79 68.21
N LYS XA 54 37.52 -86.00 68.06
CA LYS XA 54 37.75 -85.18 66.88
C LYS XA 54 39.11 -85.58 66.31
N VAL XA 55 39.08 -86.19 65.13
CA VAL XA 55 40.32 -86.72 64.55
C VAL XA 55 41.18 -85.58 64.04
N PRO XA 56 42.49 -85.75 63.92
CA PRO XA 56 43.34 -84.66 63.41
C PRO XA 56 43.01 -84.35 61.95
N LYS XA 57 42.68 -83.09 61.70
CA LYS XA 57 42.33 -82.64 60.36
C LYS XA 57 43.52 -81.91 59.75
N VAL XA 58 43.89 -82.27 58.53
CA VAL XA 58 45.08 -81.71 57.90
C VAL XA 58 44.79 -80.29 57.46
N SER XA 59 45.25 -79.32 58.26
CA SER XA 59 45.14 -77.91 57.91
C SER XA 59 46.42 -77.47 57.19
N VAL XA 60 46.62 -76.16 57.07
CA VAL XA 60 47.82 -75.65 56.42
C VAL XA 60 48.59 -74.74 57.37
N SER XA 61 47.89 -73.81 58.00
CA SER XA 61 48.52 -72.80 58.84
C SER XA 61 48.50 -73.24 60.31
N ALA XA 62 49.11 -74.40 60.56
CA ALA XA 62 49.16 -74.93 61.91
C ALA XA 62 50.54 -75.52 62.18
N PRO XA 63 50.98 -75.54 63.43
CA PRO XA 63 52.21 -76.26 63.76
C PRO XA 63 52.08 -77.73 63.38
N GLY XA 64 53.14 -78.26 62.76
CA GLY XA 64 53.12 -79.65 62.35
C GLY XA 64 52.42 -79.86 61.03
N GLY XA 65 51.35 -79.10 60.80
CA GLY XA 65 50.61 -79.17 59.56
C GLY XA 65 49.13 -79.45 59.77
N PHE XA 66 48.79 -80.35 60.70
CA PHE XA 66 47.41 -80.73 60.90
C PHE XA 66 46.84 -79.98 62.11
N THR XA 67 45.52 -80.09 62.30
CA THR XA 67 44.88 -79.65 63.52
C THR XA 67 45.13 -80.68 64.61
N GLN XA 68 44.63 -80.39 65.80
CA GLN XA 68 44.92 -81.22 66.96
C GLN XA 68 43.94 -82.37 67.08
N ALA XA 69 44.41 -83.44 67.73
CA ALA XA 69 43.60 -84.62 68.00
C ALA XA 69 42.84 -84.39 69.31
N ARG XA 70 41.57 -84.02 69.19
CA ARG XA 70 40.74 -83.76 70.35
C ARG XA 70 40.03 -85.03 70.81
N SER XA 71 39.97 -85.22 72.13
CA SER XA 71 39.35 -86.41 72.71
C SER XA 71 38.62 -85.96 73.98
N THR XA 72 37.30 -86.00 73.96
CA THR XA 72 36.49 -85.49 75.06
C THR XA 72 35.74 -86.61 75.76
N VAL XA 73 35.61 -86.47 77.08
CA VAL XA 73 34.82 -87.36 77.92
C VAL XA 73 33.95 -86.47 78.79
N ILE XA 74 32.68 -86.82 78.93
CA ILE XA 74 31.77 -86.13 79.85
C ILE XA 74 31.09 -87.15 80.72
N LEU XA 75 31.37 -87.11 82.02
CA LEU XA 75 30.67 -87.93 82.99
C LEU XA 75 29.49 -87.13 83.52
N LYS XA 76 28.28 -87.62 83.29
CA LYS XA 76 27.08 -87.01 83.85
C LYS XA 76 26.75 -87.70 85.17
N SER XA 77 25.96 -87.03 85.99
CA SER XA 77 25.57 -87.53 87.30
C SER XA 77 24.24 -86.90 87.68
N PRO XA 78 23.15 -87.65 87.64
CA PRO XA 78 21.85 -87.07 88.00
C PRO XA 78 21.79 -86.71 89.47
N LYS XA 79 20.97 -85.72 89.79
CA LYS XA 79 20.74 -85.33 91.17
C LYS XA 79 19.35 -84.70 91.28
N THR XA 80 18.59 -85.13 92.28
CA THR XA 80 17.29 -84.56 92.56
C THR XA 80 17.41 -83.51 93.65
N LEU XA 81 16.65 -82.44 93.54
CA LEU XA 81 16.84 -81.28 94.39
C LEU XA 81 15.83 -81.27 95.53
N ALA XA 82 15.94 -80.22 96.37
CA ALA XA 82 15.07 -80.07 97.53
C ALA XA 82 13.65 -79.65 97.16
N ASN XA 83 13.42 -79.29 95.90
CA ASN XA 83 12.08 -79.00 95.42
C ASN XA 83 11.53 -80.09 94.52
N GLY XA 84 12.26 -81.21 94.35
CA GLY XA 84 11.80 -82.33 93.56
C GLY XA 84 12.23 -82.31 92.11
N ASN XA 85 12.84 -81.23 91.63
CA ASN XA 85 13.29 -81.18 90.25
C ASN XA 85 14.58 -81.99 90.07
N ARG XA 86 14.87 -82.31 88.82
CA ARG XA 86 16.03 -83.13 88.46
C ARG XA 86 17.02 -82.26 87.69
N THR XA 87 18.30 -82.36 88.05
CA THR XA 87 19.38 -81.71 87.32
C THR XA 87 20.54 -82.69 87.15
N VAL XA 88 21.56 -82.25 86.42
CA VAL XA 88 22.71 -83.09 86.13
C VAL XA 88 23.98 -82.32 86.48
N ASN XA 89 24.88 -82.98 87.22
CA ASN XA 89 26.23 -82.49 87.43
C ASN XA 89 27.13 -83.14 86.38
N THR XA 90 28.14 -82.42 85.91
CA THR XA 90 28.99 -82.95 84.86
C THR XA 90 30.46 -82.77 85.21
N VAL XA 91 31.27 -83.71 84.73
CA VAL XA 91 32.72 -83.55 84.68
C VAL XA 91 33.15 -83.70 83.24
N SER XA 92 33.76 -82.66 82.68
CA SER XA 92 34.19 -82.69 81.28
C SER XA 92 35.70 -82.66 81.21
N ILE XA 93 36.28 -83.62 80.51
CA ILE XA 93 37.72 -83.74 80.33
C ILE XA 93 38.00 -83.72 78.83
N GLN XA 94 38.73 -82.73 78.37
CA GLN XA 94 39.14 -82.64 76.97
C GLN XA 94 40.66 -82.74 76.89
N LEU XA 95 41.14 -83.71 76.10
CA LEU XA 95 42.56 -83.86 75.82
C LEU XA 95 42.76 -83.42 74.37
N SER XA 96 43.66 -82.45 74.18
CA SER XA 96 43.92 -81.90 72.85
C SER XA 96 45.42 -81.86 72.65
N VAL XA 97 45.94 -82.85 71.94
CA VAL XA 97 47.36 -82.94 71.64
C VAL XA 97 47.57 -82.83 70.14
N ASP XA 98 48.79 -82.48 69.74
CA ASP XA 98 49.18 -82.52 68.35
C ASP XA 98 49.42 -83.96 67.95
N PRO XA 99 49.18 -84.31 66.67
CA PRO XA 99 49.35 -85.71 66.24
C PRO XA 99 50.76 -86.22 66.41
N GLU XA 100 51.77 -85.34 66.44
CA GLU XA 100 53.16 -85.74 66.60
C GLU XA 100 53.49 -86.14 68.03
N THR XA 101 52.56 -85.98 68.96
CA THR XA 101 52.80 -86.33 70.35
C THR XA 101 52.91 -87.84 70.52
N THR XA 102 53.87 -88.26 71.34
CA THR XA 102 54.08 -89.68 71.63
C THR XA 102 53.16 -90.14 72.73
N ALA XA 103 53.12 -91.47 72.92
CA ALA XA 103 52.23 -92.06 73.91
C ALA XA 103 52.68 -91.72 75.33
N ALA XA 104 54.00 -91.64 75.55
CA ALA XA 104 54.50 -91.36 76.90
C ALA XA 104 54.21 -89.93 77.33
N GLU XA 105 54.27 -88.98 76.39
CA GLU XA 105 53.89 -87.60 76.70
C GLU XA 105 52.42 -87.51 77.09
N VAL XA 106 51.56 -88.23 76.36
CA VAL XA 106 50.14 -88.22 76.68
C VAL XA 106 49.90 -88.89 78.03
N THR XA 107 50.67 -89.94 78.33
CA THR XA 107 50.60 -90.60 79.62
C THR XA 107 50.95 -89.64 80.75
N THR XA 108 52.01 -88.86 80.55
CA THR XA 108 52.40 -87.87 81.56
C THR XA 108 51.32 -86.82 81.75
N MET XA 109 50.77 -86.31 80.65
CA MET XA 109 49.71 -85.31 80.74
C MET XA 109 48.49 -85.86 81.48
N LEU XA 110 48.10 -87.09 81.15
CA LEU XA 110 46.93 -87.69 81.79
C LEU XA 110 47.19 -87.94 83.28
N ASN XA 111 48.40 -88.34 83.63
CA ASN XA 111 48.72 -88.55 85.04
C ASN XA 111 48.67 -87.25 85.81
N ALA XA 112 49.23 -86.17 85.25
CA ALA XA 112 49.18 -84.88 85.93
C ALA XA 112 47.74 -84.40 86.07
N ALA XA 113 46.94 -84.53 85.01
CA ALA XA 113 45.55 -84.09 85.07
C ALA XA 113 44.74 -84.91 86.06
N ALA XA 114 44.98 -86.22 86.12
CA ALA XA 114 44.30 -87.06 87.10
C ALA XA 114 44.70 -86.68 88.52
N GLN XA 115 45.99 -86.40 88.72
CA GLN XA 115 46.45 -85.93 90.03
C GLN XA 115 45.72 -84.66 90.43
N LEU XA 116 45.50 -83.76 89.48
CA LEU XA 116 44.74 -82.54 89.78
C LEU XA 116 43.24 -82.83 89.69
N LEU XA 117 42.85 -83.99 90.25
CA LEU XA 117 41.43 -84.31 90.38
C LEU XA 117 41.14 -84.93 91.75
N PHE XA 118 42.11 -85.68 92.28
CA PHE XA 118 41.91 -86.43 93.51
C PHE XA 118 42.94 -86.11 94.59
N ASP XA 119 43.95 -85.31 94.29
CA ASP XA 119 44.94 -84.93 95.30
C ASP XA 119 44.27 -84.10 96.39
N SER XA 120 44.63 -84.40 97.64
CA SER XA 120 43.98 -83.78 98.79
C SER XA 120 44.20 -82.27 98.80
N ASP XA 121 45.26 -81.80 98.14
CA ASP XA 121 45.56 -80.38 98.09
C ASP XA 121 44.47 -79.60 97.36
N TYR XA 122 43.97 -80.16 96.27
CA TYR XA 122 42.90 -79.50 95.53
C TYR XA 122 41.54 -80.08 95.92
N SER XA 123 41.15 -79.94 97.19
CA SER XA 123 39.83 -80.38 97.61
C SER XA 123 38.94 -79.16 97.78
N ASP XA 124 39.46 -78.13 98.43
CA ASP XA 124 38.71 -76.90 98.61
C ASP XA 124 38.39 -76.23 97.28
N PHE XA 125 39.22 -76.46 96.25
CA PHE XA 125 38.97 -75.86 94.95
C PHE XA 125 37.77 -76.46 94.24
N TRP XA 126 37.56 -77.77 94.36
CA TRP XA 126 36.45 -78.43 93.66
C TRP XA 126 35.15 -78.30 94.45
N LYS XA 127 35.20 -78.61 95.75
CA LYS XA 127 33.97 -78.62 96.55
C LYS XA 127 33.67 -77.22 97.09
N ALA XA 128 34.62 -76.62 97.79
CA ALA XA 128 34.39 -75.29 98.37
C ALA XA 128 34.55 -74.18 97.35
N GLN XA 129 35.03 -74.49 96.14
CA GLN XA 129 35.32 -73.49 95.11
C GLN XA 129 36.28 -72.42 95.63
N ALA XA 130 37.25 -72.85 96.44
CA ALA XA 130 38.21 -71.96 97.08
C ALA XA 130 39.47 -71.89 96.23
N LEU XA 131 39.66 -70.77 95.55
CA LEU XA 131 40.81 -70.59 94.66
C LEU XA 131 42.12 -70.58 95.44
N ALA XA 132 42.06 -70.24 96.72
CA ALA XA 132 43.24 -70.29 97.58
C ALA XA 132 42.86 -70.33 99.05
N ALA YA 1 83.41 -41.20 93.75
CA ALA YA 1 82.34 -40.75 92.87
C ALA YA 1 82.09 -41.76 91.76
N ILE YA 2 81.34 -41.34 90.74
CA ILE YA 2 80.97 -42.26 89.65
C ILE YA 2 82.22 -42.74 88.91
N ALA YA 3 83.13 -41.81 88.58
CA ALA YA 3 84.34 -42.18 87.87
C ALA YA 3 85.24 -43.03 88.77
N ASN YA 4 85.69 -44.16 88.22
CA ASN YA 4 86.58 -45.09 88.93
C ASN YA 4 85.92 -45.65 90.20
N SER YA 5 84.60 -45.74 90.18
CA SER YA 5 83.86 -46.40 91.25
C SER YA 5 83.97 -47.91 91.08
N SER YA 6 84.05 -48.63 92.19
CA SER YA 6 84.19 -50.08 92.16
C SER YA 6 82.89 -50.75 92.55
N ILE YA 7 82.51 -51.77 91.78
CA ILE YA 7 81.32 -52.57 92.04
C ILE YA 7 81.74 -54.04 92.07
N ALA YA 8 81.33 -54.76 93.11
CA ALA YA 8 81.70 -56.16 93.28
C ALA YA 8 80.66 -57.03 92.61
N ILE YA 9 81.03 -57.64 91.48
CA ILE YA 9 80.10 -58.45 90.70
C ILE YA 9 79.96 -59.82 91.32
N ASP YA 10 78.74 -60.37 91.31
CA ASP YA 10 78.41 -61.68 91.87
C ASP YA 10 78.75 -61.71 93.37
N SER YA 11 78.02 -60.88 94.10
CA SER YA 11 78.28 -60.69 95.52
C SER YA 11 77.01 -60.90 96.32
N THR YA 12 77.18 -61.38 97.55
CA THR YA 12 76.06 -61.46 98.46
C THR YA 12 75.83 -60.10 99.12
N ALA YA 13 74.59 -59.65 99.13
CA ALA YA 13 74.21 -58.37 99.72
C ALA YA 13 73.51 -58.66 101.04
N SER YA 14 74.13 -58.22 102.14
CA SER YA 14 73.51 -58.34 103.44
C SER YA 14 72.83 -57.03 103.82
N VAL YA 15 72.22 -57.01 105.00
CA VAL YA 15 71.63 -55.79 105.53
C VAL YA 15 71.50 -55.93 107.05
N THR YA 16 72.00 -54.95 107.80
CA THR YA 16 71.95 -54.98 109.27
C THR YA 16 71.69 -53.57 109.77
N GLY YA 17 70.42 -53.21 109.91
CA GLY YA 17 70.09 -51.96 110.58
C GLY YA 17 68.95 -52.06 111.58
N GLY YA 18 68.21 -53.16 111.54
CA GLY YA 18 67.05 -53.31 112.39
C GLY YA 18 65.79 -52.70 111.79
N THR YA 19 64.78 -52.48 112.64
CA THR YA 19 63.50 -51.91 112.21
C THR YA 19 62.85 -52.76 111.12
N ALA YA 20 62.59 -54.02 111.47
CA ALA YA 20 62.02 -54.97 110.53
C ALA YA 20 60.54 -54.73 110.32
N ARG YA 21 60.20 -53.94 109.30
CA ARG YA 21 58.81 -53.64 108.99
C ARG YA 21 58.19 -54.80 108.22
N THR YA 22 56.95 -54.60 107.77
CA THR YA 22 56.20 -55.62 107.07
C THR YA 22 55.49 -55.01 105.88
N VAL YA 23 55.62 -55.65 104.72
CA VAL YA 23 54.90 -55.24 103.52
C VAL YA 23 53.54 -55.93 103.54
N LYS YA 24 52.47 -55.15 103.61
CA LYS YA 24 51.11 -55.67 103.57
C LYS YA 24 50.45 -55.24 102.28
N GLU YA 25 49.85 -56.18 101.57
CA GLU YA 25 49.24 -55.84 100.29
C GLU YA 25 47.92 -55.12 100.50
N LEU YA 26 47.58 -54.26 99.54
CA LEU YA 26 46.35 -53.47 99.63
C LEU YA 26 45.36 -53.94 98.57
N VAL YA 27 45.71 -53.89 97.29
CA VAL YA 27 44.82 -54.24 96.20
C VAL YA 27 45.63 -55.01 95.16
N ARG YA 28 44.96 -55.39 94.08
CA ARG YA 28 45.62 -56.17 93.03
C ARG YA 28 45.45 -55.60 91.64
N ASN YA 29 44.35 -54.91 91.36
CA ASN YA 29 43.87 -54.55 90.01
C ASN YA 29 44.46 -55.40 88.90
N ASN YA 30 44.81 -54.79 87.77
CA ASN YA 30 45.15 -55.51 86.55
C ASN YA 30 46.64 -55.85 86.56
N SER YA 31 46.96 -57.11 86.87
CA SER YA 31 48.32 -57.64 86.81
C SER YA 31 49.29 -56.76 87.60
N GLU YA 32 48.84 -56.32 88.76
CA GLU YA 32 49.60 -55.41 89.61
C GLU YA 32 49.49 -55.92 91.05
N LEU YA 33 50.23 -55.29 91.94
CA LEU YA 33 50.12 -55.59 93.36
C LEU YA 33 50.51 -54.37 94.18
N ASN YA 34 49.53 -53.62 94.65
CA ASN YA 34 49.80 -52.43 95.45
C ASN YA 34 49.84 -52.81 96.91
N ALA YA 35 50.98 -52.60 97.55
CA ALA YA 35 51.19 -52.89 98.95
C ALA YA 35 51.62 -51.62 99.68
N TYR YA 36 51.93 -51.76 100.96
CA TYR YA 36 52.41 -50.64 101.77
C TYR YA 36 53.23 -51.18 102.92
N ILE YA 37 54.15 -50.35 103.40
CA ILE YA 37 55.03 -50.75 104.50
C ILE YA 37 54.40 -50.30 105.81
N ASP YA 38 54.27 -51.21 106.76
CA ASP YA 38 53.56 -50.94 108.01
C ASP YA 38 54.56 -50.40 109.04
N GLU YA 39 54.59 -49.07 109.14
CA GLU YA 39 55.45 -48.39 110.11
C GLU YA 39 54.68 -47.61 111.15
N GLY YA 40 53.36 -47.69 111.16
CA GLY YA 40 52.54 -46.97 112.09
C GLY YA 40 52.25 -45.52 111.74
N LEU YA 41 52.62 -45.07 110.54
CA LEU YA 41 52.36 -43.72 110.12
C LEU YA 41 50.87 -43.54 109.81
N SER YA 42 50.51 -42.34 109.39
CA SER YA 42 49.12 -42.05 109.06
C SER YA 42 48.70 -42.80 107.81
N PHE YA 43 47.42 -42.67 107.47
CA PHE YA 43 46.88 -43.39 106.32
C PHE YA 43 47.42 -42.82 105.02
N GLN YA 44 47.46 -41.50 104.89
CA GLN YA 44 48.00 -40.85 103.69
C GLN YA 44 49.42 -40.34 103.92
N ALA YA 45 50.14 -40.98 104.86
CA ALA YA 45 51.56 -40.69 105.02
C ALA YA 45 52.41 -41.96 105.02
N ARG YA 46 51.81 -43.12 104.73
CA ARG YA 46 52.54 -44.38 104.69
C ARG YA 46 53.27 -44.53 103.37
N LYS YA 47 54.24 -45.43 103.31
CA LYS YA 47 54.97 -45.66 102.06
C LYS YA 47 54.38 -46.88 101.38
N GLU YA 48 53.82 -46.68 100.18
CA GLU YA 48 53.21 -47.74 99.40
C GLU YA 48 54.17 -48.13 98.28
N VAL YA 49 54.45 -49.43 98.17
CA VAL YA 49 55.25 -49.93 97.07
C VAL YA 49 54.38 -50.78 96.16
N ALA YA 50 54.40 -50.47 94.87
CA ALA YA 50 53.59 -51.16 93.88
C ALA YA 50 54.46 -52.05 93.00
N PHE YA 51 53.99 -53.28 92.82
CA PHE YA 51 54.66 -54.29 92.01
C PHE YA 51 53.84 -54.53 90.75
N SER YA 52 54.51 -54.83 89.63
CA SER YA 52 53.80 -55.10 88.40
C SER YA 52 54.63 -55.99 87.48
N VAL YA 53 53.95 -56.88 86.75
CA VAL YA 53 54.61 -57.78 85.82
C VAL YA 53 54.04 -57.59 84.42
N LYS YA 54 54.89 -57.78 83.43
CA LYS YA 54 54.58 -57.65 82.01
C LYS YA 54 55.27 -58.82 81.28
N VAL YA 55 54.81 -60.02 81.60
CA VAL YA 55 55.22 -61.30 81.01
C VAL YA 55 55.30 -61.22 79.48
N PRO YA 56 56.13 -62.05 78.85
CA PRO YA 56 56.35 -61.94 77.40
C PRO YA 56 55.12 -62.36 76.60
N LYS YA 57 55.05 -61.82 75.38
CA LYS YA 57 53.97 -62.11 74.44
C LYS YA 57 54.60 -62.54 73.12
N VAL YA 58 54.17 -63.68 72.60
CA VAL YA 58 54.79 -64.27 71.41
C VAL YA 58 54.62 -63.35 70.22
N SER YA 59 55.73 -62.82 69.71
CA SER YA 59 55.73 -61.89 68.60
C SER YA 59 56.42 -62.52 67.39
N VAL YA 60 56.46 -61.79 66.27
CA VAL YA 60 57.20 -62.19 65.08
C VAL YA 60 58.53 -61.46 64.99
N SER YA 61 58.58 -60.23 65.46
CA SER YA 61 59.77 -59.42 65.65
C SER YA 61 60.47 -59.90 66.92
N ALA YA 62 61.29 -59.04 67.55
CA ALA YA 62 61.98 -59.39 68.78
C ALA YA 62 63.01 -60.48 68.54
N PRO YA 63 64.20 -60.11 68.05
CA PRO YA 63 65.16 -61.11 67.55
C PRO YA 63 65.66 -62.02 68.65
N GLY YA 64 64.93 -63.12 68.83
CA GLY YA 64 64.99 -63.96 70.00
C GLY YA 64 63.64 -64.60 70.22
N GLY YA 65 62.64 -64.11 69.47
CA GLY YA 65 61.36 -64.75 69.37
C GLY YA 65 60.17 -63.93 69.84
N PHE YA 66 60.32 -63.24 70.97
CA PHE YA 66 59.23 -62.46 71.55
C PHE YA 66 59.73 -61.53 72.64
N THR YA 67 58.88 -60.59 73.00
CA THR YA 67 59.25 -59.45 73.84
C THR YA 67 59.79 -59.89 75.19
N GLN YA 68 60.51 -58.98 75.84
CA GLN YA 68 61.08 -59.27 77.14
C GLN YA 68 60.01 -59.25 78.22
N ALA YA 69 60.36 -59.85 79.35
CA ALA YA 69 59.49 -59.93 80.51
C ALA YA 69 59.89 -58.83 81.50
N ARG YA 70 59.06 -57.80 81.62
CA ARG YA 70 59.47 -56.69 82.49
C ARG YA 70 58.80 -56.76 83.85
N SER YA 71 59.54 -56.34 84.88
CA SER YA 71 59.04 -56.34 86.26
C SER YA 71 59.32 -54.95 86.84
N THR YA 72 58.28 -54.27 87.31
CA THR YA 72 58.42 -52.94 87.84
C THR YA 72 58.07 -52.89 89.32
N VAL YA 73 58.86 -52.08 90.06
CA VAL YA 73 58.60 -51.79 91.47
C VAL YA 73 58.71 -50.28 91.66
N ILE YA 74 57.65 -49.67 92.19
CA ILE YA 74 57.66 -48.24 92.49
C ILE YA 74 57.42 -48.03 93.98
N LEU YA 75 58.37 -47.40 94.64
CA LEU YA 75 58.29 -47.11 96.08
C LEU YA 75 57.90 -45.65 96.23
N LYS YA 76 56.71 -45.40 96.76
CA LYS YA 76 56.22 -44.04 96.93
C LYS YA 76 56.32 -43.64 98.39
N SER YA 77 57.18 -42.66 98.68
CA SER YA 77 57.37 -42.15 100.03
C SER YA 77 56.80 -40.74 100.11
N PRO YA 78 55.71 -40.53 100.85
CA PRO YA 78 55.12 -39.18 100.90
C PRO YA 78 55.92 -38.26 101.81
N LYS YA 79 55.78 -36.96 101.57
CA LYS YA 79 56.53 -35.95 102.31
C LYS YA 79 55.74 -34.65 102.36
N THR YA 80 55.65 -34.06 103.55
CA THR YA 80 55.02 -32.76 103.74
C THR YA 80 56.09 -31.69 103.66
N LEU YA 81 55.90 -30.74 102.74
CA LEU YA 81 56.89 -29.69 102.53
C LEU YA 81 56.70 -28.56 103.55
N ALA YA 82 57.70 -27.68 103.60
CA ALA YA 82 57.65 -26.55 104.53
C ALA YA 82 56.50 -25.61 104.20
N ASN YA 83 56.23 -25.39 102.91
CA ASN YA 83 55.12 -24.54 102.52
C ASN YA 83 53.78 -25.10 103.00
N GLY YA 84 53.74 -26.39 103.32
CA GLY YA 84 52.55 -26.96 103.91
C GLY YA 84 51.91 -28.04 103.06
N ASN YA 85 52.10 -27.97 101.75
CA ASN YA 85 51.51 -28.94 100.84
C ASN YA 85 52.23 -30.29 100.96
N ARG YA 86 51.72 -31.27 100.22
CA ARG YA 86 52.21 -32.64 100.26
C ARG YA 86 52.70 -33.04 98.88
N THR YA 87 53.71 -33.89 98.84
CA THR YA 87 54.27 -34.39 97.59
C THR YA 87 54.71 -35.83 97.84
N VAL YA 88 55.04 -36.54 96.77
CA VAL YA 88 55.52 -37.92 96.88
C VAL YA 88 56.88 -38.01 96.21
N ASN YA 89 57.82 -38.65 96.89
CA ASN YA 89 59.15 -38.93 96.37
C ASN YA 89 59.17 -40.41 95.99
N THR YA 90 59.45 -40.69 94.72
CA THR YA 90 59.29 -42.04 94.21
C THR YA 90 60.62 -42.66 93.78
N VAL YA 91 60.70 -43.99 93.86
CA VAL YA 91 61.85 -44.74 93.38
C VAL YA 91 61.35 -45.90 92.54
N SER YA 92 61.37 -45.74 91.21
CA SER YA 92 60.92 -46.80 90.34
C SER YA 92 62.10 -47.67 89.88
N ILE YA 93 61.84 -48.96 89.71
CA ILE YA 93 62.84 -49.93 89.28
C ILE YA 93 62.21 -50.87 88.26
N GLN YA 94 62.88 -51.07 87.12
CA GLN YA 94 62.37 -51.94 86.07
C GLN YA 94 63.45 -52.96 85.68
N LEU YA 95 62.99 -54.14 85.25
CA LEU YA 95 63.87 -55.28 84.97
C LEU YA 95 63.51 -55.89 83.60
N SER YA 96 63.50 -55.04 82.56
CA SER YA 96 63.21 -55.51 81.21
C SER YA 96 64.34 -56.41 80.75
N VAL YA 97 64.13 -57.73 80.91
CA VAL YA 97 65.11 -58.73 80.52
C VAL YA 97 64.45 -59.74 79.60
N ASP YA 98 65.24 -60.28 78.67
CA ASP YA 98 64.73 -61.20 77.68
C ASP YA 98 64.38 -62.53 78.35
N PRO YA 99 63.25 -63.15 77.98
CA PRO YA 99 62.77 -64.33 78.71
C PRO YA 99 63.66 -65.54 78.65
N GLU YA 100 64.62 -65.61 77.72
CA GLU YA 100 65.56 -66.71 77.68
C GLU YA 100 66.61 -66.63 78.76
N THR YA 101 66.59 -65.55 79.55
CA THR YA 101 67.64 -65.31 80.54
C THR YA 101 67.54 -66.29 81.71
N THR YA 102 68.68 -66.84 82.09
CA THR YA 102 68.74 -67.72 83.24
C THR YA 102 68.66 -66.90 84.53
N ALA YA 103 68.32 -67.59 85.62
CA ALA YA 103 68.16 -66.93 86.92
C ALA YA 103 69.48 -66.47 87.50
N ALA YA 104 70.60 -67.10 87.13
CA ALA YA 104 71.89 -66.69 87.66
C ALA YA 104 72.30 -65.31 87.16
N GLU YA 105 72.13 -65.06 85.86
CA GLU YA 105 72.46 -63.76 85.32
C GLU YA 105 71.49 -62.69 85.83
N VAL YA 106 70.22 -63.06 86.05
CA VAL YA 106 69.28 -62.13 86.64
C VAL YA 106 69.71 -61.76 88.06
N THR YA 107 70.16 -62.75 88.83
CA THR YA 107 70.66 -62.48 90.17
C THR YA 107 71.90 -61.58 90.12
N THR YA 108 72.79 -61.84 89.16
CA THR YA 108 73.97 -61.00 88.99
C THR YA 108 73.57 -59.56 88.70
N MET YA 109 72.62 -59.37 87.79
CA MET YA 109 72.15 -58.03 87.43
C MET YA 109 71.48 -57.33 88.61
N LEU YA 110 70.68 -58.08 89.38
CA LEU YA 110 70.00 -57.49 90.52
C LEU YA 110 71.00 -57.08 91.59
N ASN YA 111 72.04 -57.88 91.80
CA ASN YA 111 73.08 -57.52 92.75
C ASN YA 111 73.85 -56.29 92.26
N ALA YA 112 74.18 -56.24 90.98
CA ALA YA 112 74.93 -55.11 90.45
C ALA YA 112 74.12 -53.82 90.55
N ALA YA 113 72.84 -53.86 90.18
CA ALA YA 113 71.95 -52.71 90.30
C ALA YA 113 71.71 -52.30 91.75
N ALA YA 114 71.50 -53.26 92.64
CA ALA YA 114 71.32 -52.95 94.05
C ALA YA 114 72.63 -52.62 94.73
N GLN YA 115 73.76 -52.94 94.11
CA GLN YA 115 75.04 -52.46 94.61
C GLN YA 115 75.19 -50.97 94.45
N LEU YA 116 74.57 -50.39 93.43
CA LEU YA 116 74.27 -48.97 93.40
C LEU YA 116 73.18 -48.70 94.44
N LEU YA 117 72.89 -47.42 94.64
CA LEU YA 117 71.84 -46.98 95.57
C LEU YA 117 72.24 -47.13 97.05
N PHE YA 118 73.35 -47.82 97.33
CA PHE YA 118 73.81 -47.81 98.71
C PHE YA 118 75.33 -47.73 98.78
N ASP YA 119 75.98 -47.77 97.62
CA ASP YA 119 77.43 -47.59 97.59
C ASP YA 119 77.78 -46.14 97.87
N SER YA 120 78.90 -45.95 98.55
CA SER YA 120 79.32 -44.61 98.95
C SER YA 120 79.70 -43.73 97.77
N ASP YA 121 80.18 -44.32 96.67
CA ASP YA 121 80.60 -43.53 95.52
C ASP YA 121 79.43 -42.78 94.90
N TYR YA 122 78.24 -43.36 94.92
CA TYR YA 122 77.08 -42.80 94.25
C TYR YA 122 76.21 -41.96 95.17
N SER YA 123 76.61 -41.78 96.43
CA SER YA 123 75.87 -40.95 97.37
C SER YA 123 75.61 -39.56 96.81
N ASP YA 124 76.66 -38.91 96.31
CA ASP YA 124 76.52 -37.56 95.77
C ASP YA 124 75.65 -37.55 94.51
N PHE YA 125 75.77 -38.60 93.68
CA PHE YA 125 74.93 -38.68 92.49
C PHE YA 125 73.46 -38.75 92.85
N TRP YA 126 73.11 -39.61 93.81
CA TRP YA 126 71.72 -39.75 94.19
C TRP YA 126 71.19 -38.56 94.97
N LYS YA 127 72.04 -37.87 95.73
CA LYS YA 127 71.57 -36.81 96.62
C LYS YA 127 71.67 -35.43 95.96
N ALA YA 128 72.85 -35.03 95.50
CA ALA YA 128 73.03 -33.70 94.92
C ALA YA 128 73.05 -33.70 93.39
N GLN YA 129 72.82 -34.85 92.75
CA GLN YA 129 72.89 -34.99 91.30
C GLN YA 129 74.27 -34.65 90.77
N ALA YA 130 75.30 -35.03 91.53
CA ALA YA 130 76.69 -34.80 91.14
C ALA YA 130 77.11 -35.86 90.14
N LEU YA 131 76.81 -35.61 88.87
CA LEU YA 131 77.20 -36.51 87.79
C LEU YA 131 78.72 -36.61 87.72
N ALA YA 132 79.38 -35.50 87.46
CA ALA YA 132 80.83 -35.45 87.50
C ALA YA 132 81.29 -35.09 88.90
N ALA ZA 1 83.54 46.15 -88.72
CA ALA ZA 1 84.95 46.24 -89.05
C ALA ZA 1 85.69 45.05 -88.45
N ILE ZA 2 84.98 44.29 -87.61
CA ILE ZA 2 85.48 43.00 -87.14
C ILE ZA 2 85.16 41.96 -88.20
N ALA ZA 3 86.04 41.80 -89.17
CA ALA ZA 3 85.80 40.90 -90.28
C ALA ZA 3 87.14 40.54 -90.90
N ASN ZA 4 87.53 41.24 -91.96
CA ASN ZA 4 88.90 41.14 -92.46
C ASN ZA 4 89.71 42.31 -91.93
N SER ZA 5 89.91 42.36 -90.62
CA SER ZA 5 90.70 43.41 -89.97
C SER ZA 5 92.19 43.10 -90.11
N SER ZA 6 93.02 43.75 -89.33
CA SER ZA 6 94.45 43.46 -89.33
C SER ZA 6 95.03 43.78 -87.97
N ILE ZA 7 95.89 42.89 -87.48
CA ILE ZA 7 96.54 43.06 -86.19
C ILE ZA 7 97.96 42.54 -86.28
N ALA ZA 8 98.93 43.32 -85.81
CA ALA ZA 8 100.31 42.90 -85.79
C ALA ZA 8 100.57 42.02 -84.57
N ILE ZA 9 101.12 40.85 -84.80
CA ILE ZA 9 101.41 39.90 -83.72
C ILE ZA 9 102.90 39.89 -83.46
N ASP ZA 10 103.27 39.91 -82.17
CA ASP ZA 10 104.67 40.00 -81.75
C ASP ZA 10 105.31 41.29 -82.26
N SER ZA 11 104.74 42.41 -81.86
CA SER ZA 11 105.18 43.73 -82.28
C SER ZA 11 105.26 44.66 -81.08
N THR ZA 12 106.06 45.71 -81.21
CA THR ZA 12 106.22 46.71 -80.16
C THR ZA 12 105.23 47.85 -80.36
N ALA ZA 13 104.57 48.24 -79.27
CA ALA ZA 13 103.61 49.33 -79.28
C ALA ZA 13 104.22 50.57 -78.66
N SER ZA 14 103.83 51.73 -79.19
CA SER ZA 14 104.40 53.00 -78.75
C SER ZA 14 103.29 54.04 -78.66
N VAL ZA 15 103.61 55.14 -77.98
CA VAL ZA 15 102.67 56.22 -77.74
C VAL ZA 15 103.38 57.55 -78.01
N THR ZA 16 102.72 58.43 -78.76
CA THR ZA 16 103.23 59.75 -79.04
C THR ZA 16 102.20 60.81 -78.65
N GLY ZA 17 102.70 61.98 -78.23
CA GLY ZA 17 101.82 63.08 -77.90
C GLY ZA 17 101.13 62.87 -76.55
N GLY ZA 18 100.00 63.55 -76.39
CA GLY ZA 18 99.26 63.49 -75.15
C GLY ZA 18 99.94 64.28 -74.04
N THR ZA 19 99.44 64.07 -72.83
CA THR ZA 19 99.96 64.76 -71.64
C THR ZA 19 100.33 63.69 -70.61
N ALA ZA 20 101.64 63.58 -70.33
CA ALA ZA 20 102.12 62.60 -69.37
C ALA ZA 20 101.61 62.90 -67.97
N ARG ZA 21 100.74 62.05 -67.46
CA ARG ZA 21 100.20 62.18 -66.11
C ARG ZA 21 101.02 61.29 -65.16
N THR ZA 22 100.54 61.12 -63.94
CA THR ZA 22 101.24 60.29 -62.96
C THR ZA 22 100.22 59.49 -62.16
N VAL ZA 23 100.50 58.22 -61.94
CA VAL ZA 23 99.59 57.33 -61.22
C VAL ZA 23 100.01 57.38 -59.75
N LYS ZA 24 99.25 58.13 -58.95
CA LYS ZA 24 99.55 58.26 -57.53
C LYS ZA 24 98.85 57.15 -56.75
N GLU ZA 25 99.61 56.40 -55.96
CA GLU ZA 25 99.09 55.27 -55.24
C GLU ZA 25 98.38 55.72 -53.97
N LEU ZA 26 97.21 55.14 -53.70
CA LEU ZA 26 96.36 55.63 -52.62
C LEU ZA 26 96.36 54.61 -51.49
N VAL ZA 27 95.92 53.38 -51.75
CA VAL ZA 27 95.80 52.36 -50.71
C VAL ZA 27 96.21 51.02 -51.30
N ARG ZA 28 96.86 50.19 -50.50
CA ARG ZA 28 97.44 48.93 -50.94
C ARG ZA 28 97.06 47.86 -49.91
N ASN ZA 29 96.03 47.07 -50.21
CA ASN ZA 29 95.56 46.08 -49.26
C ASN ZA 29 94.82 44.97 -49.98
N ASN ZA 30 94.76 43.80 -49.31
CA ASN ZA 30 93.89 42.70 -49.71
C ASN ZA 30 94.14 42.29 -51.17
N SER ZA 31 95.42 42.22 -51.56
CA SER ZA 31 95.82 41.90 -52.92
C SER ZA 31 95.33 42.93 -53.92
N GLU ZA 32 95.07 44.15 -53.46
CA GLU ZA 32 94.55 45.22 -54.28
C GLU ZA 32 95.38 46.48 -54.05
N LEU ZA 33 95.55 47.27 -55.12
CA LEU ZA 33 96.26 48.54 -55.09
C LEU ZA 33 95.32 49.56 -55.75
N ASN ZA 34 94.76 50.45 -54.93
CA ASN ZA 34 93.98 51.55 -55.44
C ASN ZA 34 94.88 52.74 -55.72
N ALA ZA 35 94.71 53.38 -56.87
CA ALA ZA 35 95.50 54.54 -57.22
C ALA ZA 35 94.62 55.48 -58.05
N TYR ZA 36 95.16 56.65 -58.37
CA TYR ZA 36 94.43 57.61 -59.16
C TYR ZA 36 95.39 58.30 -60.12
N ILE ZA 37 94.90 58.58 -61.32
CA ILE ZA 37 95.66 59.34 -62.29
C ILE ZA 37 95.53 60.81 -61.94
N ASP ZA 38 96.67 61.51 -61.89
CA ASP ZA 38 96.71 62.89 -61.42
C ASP ZA 38 96.68 63.80 -62.65
N GLU ZA 39 95.53 64.43 -62.88
CA GLU ZA 39 95.38 65.41 -63.95
C GLU ZA 39 95.02 66.79 -63.42
N GLY ZA 40 95.15 67.02 -62.12
CA GLY ZA 40 94.75 68.28 -61.53
C GLY ZA 40 93.26 68.50 -61.60
N LEU ZA 41 92.50 67.46 -61.28
CA LEU ZA 41 91.04 67.51 -61.29
C LEU ZA 41 90.51 67.46 -59.86
N SER ZA 42 89.19 67.59 -59.72
CA SER ZA 42 88.56 67.51 -58.42
C SER ZA 42 88.45 66.04 -58.00
N PHE ZA 43 88.18 65.83 -56.72
CA PHE ZA 43 88.05 64.47 -56.21
C PHE ZA 43 86.88 63.72 -56.82
N GLN ZA 44 85.77 64.40 -57.10
CA GLN ZA 44 84.61 63.76 -57.70
C GLN ZA 44 84.78 63.41 -59.16
N ALA ZA 45 85.77 63.97 -59.85
CA ALA ZA 45 86.10 63.55 -61.19
C ALA ZA 45 87.60 63.28 -61.25
N ARG ZA 46 87.99 62.10 -60.80
CA ARG ZA 46 89.38 61.63 -60.86
C ARG ZA 46 89.49 60.59 -61.96
N LYS ZA 47 90.60 59.84 -62.07
CA LYS ZA 47 90.70 58.73 -62.99
C LYS ZA 47 91.19 57.51 -62.23
N GLU ZA 48 90.52 57.19 -61.13
CA GLU ZA 48 90.93 56.10 -60.26
C GLU ZA 48 91.11 54.79 -61.04
N VAL ZA 49 92.19 54.08 -60.72
CA VAL ZA 49 92.49 52.79 -61.32
C VAL ZA 49 92.88 51.81 -60.21
N ALA ZA 50 92.31 50.61 -60.27
CA ALA ZA 50 92.55 49.57 -59.28
C ALA ZA 50 93.25 48.39 -59.93
N PHE ZA 51 94.36 47.98 -59.32
CA PHE ZA 51 95.14 46.82 -59.75
C PHE ZA 51 94.91 45.68 -58.75
N SER ZA 52 94.53 44.52 -59.23
CA SER ZA 52 94.27 43.38 -58.37
C SER ZA 52 95.00 42.16 -58.89
N VAL ZA 53 95.40 41.29 -57.97
CA VAL ZA 53 96.16 40.08 -58.29
C VAL ZA 53 95.52 38.90 -57.58
N LYS ZA 54 95.41 37.79 -58.32
CA LYS ZA 54 94.82 36.54 -57.84
C LYS ZA 54 95.83 35.44 -58.14
N VAL ZA 55 96.58 35.03 -57.12
CA VAL ZA 55 97.69 34.09 -57.26
C VAL ZA 55 97.16 32.66 -57.42
N PRO ZA 56 97.89 31.79 -58.12
CA PRO ZA 56 97.42 30.41 -58.30
C PRO ZA 56 97.55 29.60 -57.01
N LYS ZA 57 96.63 28.65 -56.85
CA LYS ZA 57 96.65 27.71 -55.74
C LYS ZA 57 96.60 26.28 -56.28
N VAL ZA 58 97.11 25.34 -55.49
CA VAL ZA 58 97.17 23.94 -55.90
C VAL ZA 58 95.76 23.39 -56.05
N SER ZA 59 95.56 22.57 -57.07
CA SER ZA 59 94.27 21.94 -57.33
C SER ZA 59 94.49 20.50 -57.78
N VAL ZA 60 93.39 19.78 -57.99
CA VAL ZA 60 93.43 18.45 -58.56
C VAL ZA 60 92.92 18.42 -59.98
N SER ZA 61 91.91 19.21 -60.30
CA SER ZA 61 91.48 19.53 -61.65
C SER ZA 61 92.43 20.57 -62.21
N ALA ZA 62 92.00 21.31 -63.25
CA ALA ZA 62 92.82 22.37 -63.81
C ALA ZA 62 94.09 21.81 -64.41
N PRO ZA 63 94.05 21.33 -65.65
CA PRO ZA 63 94.99 20.31 -66.11
C PRO ZA 63 96.43 20.80 -66.17
N GLY ZA 64 97.12 20.61 -65.05
CA GLY ZA 64 98.41 21.20 -64.77
C GLY ZA 64 98.58 21.49 -63.30
N GLY ZA 65 97.51 21.30 -62.54
CA GLY ZA 65 97.58 21.24 -61.10
C GLY ZA 65 97.21 22.52 -60.38
N PHE ZA 66 97.34 23.65 -61.04
CA PHE ZA 66 97.07 24.93 -60.41
C PHE ZA 66 95.98 25.69 -61.16
N THR ZA 67 95.24 26.49 -60.40
CA THR ZA 67 94.35 27.46 -61.00
C THR ZA 67 95.17 28.54 -61.71
N GLN ZA 68 94.49 29.34 -62.52
CA GLN ZA 68 95.20 30.33 -63.31
C GLN ZA 68 95.54 31.56 -62.46
N ALA ZA 69 96.66 32.19 -62.81
CA ALA ZA 69 97.05 33.46 -62.21
C ALA ZA 69 96.31 34.58 -62.93
N ARG ZA 70 95.55 35.36 -62.15
CA ARG ZA 70 94.76 36.44 -62.72
C ARG ZA 70 95.30 37.80 -62.31
N SER ZA 71 95.29 38.73 -63.25
CA SER ZA 71 95.71 40.12 -63.00
C SER ZA 71 94.64 41.02 -63.61
N THR ZA 72 94.00 41.83 -62.76
CA THR ZA 72 92.89 42.66 -63.20
C THR ZA 72 93.20 44.13 -63.02
N VAL ZA 73 92.87 44.92 -64.02
CA VAL ZA 73 92.99 46.37 -63.93
C VAL ZA 73 91.64 46.99 -64.26
N ILE ZA 74 91.11 47.80 -63.36
CA ILE ZA 74 89.88 48.53 -63.62
C ILE ZA 74 90.16 50.03 -63.59
N LEU ZA 75 89.88 50.70 -64.71
CA LEU ZA 75 90.04 52.14 -64.82
C LEU ZA 75 88.64 52.76 -64.74
N LYS ZA 76 88.45 53.67 -63.79
CA LYS ZA 76 87.16 54.32 -63.62
C LYS ZA 76 87.23 55.76 -64.11
N SER ZA 77 86.23 56.15 -64.91
CA SER ZA 77 86.18 57.48 -65.51
C SER ZA 77 84.85 58.14 -65.16
N PRO ZA 78 84.81 58.99 -64.14
CA PRO ZA 78 83.56 59.69 -63.80
C PRO ZA 78 83.07 60.61 -64.90
N LYS ZA 79 81.80 60.48 -65.28
CA LYS ZA 79 81.14 61.36 -66.22
C LYS ZA 79 79.98 62.05 -65.52
N THR ZA 80 79.78 63.32 -65.85
CA THR ZA 80 78.64 64.10 -65.36
C THR ZA 80 77.65 64.27 -66.50
N LEU ZA 81 76.40 63.92 -66.23
CA LEU ZA 81 75.39 63.85 -67.26
C LEU ZA 81 74.69 65.20 -67.43
N ALA ZA 82 73.78 65.26 -68.40
CA ALA ZA 82 73.07 66.52 -68.67
C ALA ZA 82 72.23 66.95 -67.48
N ASN ZA 83 71.49 66.01 -66.89
CA ASN ZA 83 70.68 66.34 -65.72
C ASN ZA 83 71.55 66.72 -64.53
N GLY ZA 84 72.69 66.05 -64.38
CA GLY ZA 84 73.62 66.40 -63.32
C GLY ZA 84 74.01 65.26 -62.42
N ASN ZA 85 73.38 64.10 -62.61
CA ASN ZA 85 73.79 62.91 -61.88
C ASN ZA 85 75.17 62.46 -62.34
N ARG ZA 86 75.92 61.88 -61.41
CA ARG ZA 86 77.27 61.41 -61.69
C ARG ZA 86 77.26 59.91 -61.92
N THR ZA 87 77.80 59.48 -63.05
CA THR ZA 87 78.00 58.06 -63.34
C THR ZA 87 79.48 57.80 -63.45
N VAL ZA 88 79.87 56.54 -63.30
CA VAL ZA 88 81.25 56.13 -63.48
C VAL ZA 88 81.30 55.15 -64.66
N ASN ZA 89 82.17 55.45 -65.63
CA ASN ZA 89 82.37 54.61 -66.79
C ASN ZA 89 83.70 53.88 -66.60
N THR ZA 90 83.68 52.56 -66.74
CA THR ZA 90 84.83 51.74 -66.38
C THR ZA 90 85.36 50.96 -67.57
N VAL ZA 91 86.64 50.61 -67.50
CA VAL ZA 91 87.26 49.64 -68.40
C VAL ZA 91 87.95 48.58 -67.56
N SER ZA 92 87.56 47.33 -67.74
CA SER ZA 92 88.19 46.23 -67.02
C SER ZA 92 89.11 45.45 -67.96
N ILE ZA 93 90.29 45.10 -67.45
CA ILE ZA 93 91.27 44.31 -68.20
C ILE ZA 93 91.70 43.18 -67.26
N GLN ZA 94 91.28 41.96 -67.56
CA GLN ZA 94 91.61 40.80 -66.75
C GLN ZA 94 92.39 39.80 -67.59
N LEU ZA 95 93.60 39.47 -67.15
CA LEU ZA 95 94.45 38.49 -67.83
C LEU ZA 95 94.58 37.27 -66.93
N SER ZA 96 94.19 36.11 -67.45
CA SER ZA 96 94.29 34.85 -66.73
C SER ZA 96 95.23 33.94 -67.50
N VAL ZA 97 96.38 33.62 -66.91
CA VAL ZA 97 97.34 32.74 -67.55
C VAL ZA 97 97.65 31.56 -66.65
N ASP ZA 98 97.82 30.39 -67.26
CA ASP ZA 98 98.32 29.25 -66.54
C ASP ZA 98 99.74 29.54 -66.06
N PRO ZA 99 100.11 29.08 -64.87
CA PRO ZA 99 101.45 29.40 -64.34
C PRO ZA 99 102.59 28.87 -65.19
N GLU ZA 100 102.36 27.88 -66.06
CA GLU ZA 100 103.41 27.41 -66.95
C GLU ZA 100 103.73 28.39 -68.07
N THR ZA 101 102.90 29.41 -68.25
CA THR ZA 101 103.04 30.32 -69.39
C THR ZA 101 104.31 31.15 -69.27
N THR ZA 102 105.08 31.20 -70.35
CA THR ZA 102 106.32 31.96 -70.38
C THR ZA 102 106.03 33.45 -70.53
N ALA ZA 103 107.07 34.25 -70.33
CA ALA ZA 103 106.90 35.70 -70.40
C ALA ZA 103 106.68 36.18 -71.83
N ALA ZA 104 107.25 35.47 -72.81
CA ALA ZA 104 107.03 35.83 -74.21
C ALA ZA 104 105.58 35.61 -74.63
N GLU ZA 105 104.97 34.51 -74.18
CA GLU ZA 105 103.57 34.26 -74.49
C GLU ZA 105 102.66 35.30 -73.85
N VAL ZA 106 103.00 35.76 -72.64
CA VAL ZA 106 102.23 36.81 -72.01
C VAL ZA 106 102.42 38.14 -72.74
N THR ZA 107 103.65 38.43 -73.18
CA THR ZA 107 103.89 39.65 -73.93
C THR ZA 107 103.10 39.67 -75.22
N THR ZA 108 103.05 38.54 -75.93
CA THR ZA 108 102.29 38.47 -77.17
C THR ZA 108 100.81 38.75 -76.92
N MET ZA 109 100.25 38.14 -75.88
CA MET ZA 109 98.85 38.36 -75.56
C MET ZA 109 98.59 39.81 -75.19
N LEU ZA 110 99.47 40.40 -74.38
CA LEU ZA 110 99.30 41.79 -73.97
C LEU ZA 110 99.33 42.71 -75.17
N ASN ZA 111 100.28 42.49 -76.09
CA ASN ZA 111 100.40 43.36 -77.25
C ASN ZA 111 99.21 43.21 -78.19
N ALA ZA 112 98.74 41.98 -78.42
CA ALA ZA 112 97.58 41.79 -79.28
C ALA ZA 112 96.33 42.41 -78.66
N ALA ZA 113 96.14 42.23 -77.35
CA ALA ZA 113 94.99 42.83 -76.67
C ALA ZA 113 95.06 44.34 -76.69
N ALA ZA 114 96.27 44.91 -76.68
CA ALA ZA 114 96.40 46.37 -76.74
C ALA ZA 114 95.84 46.92 -78.05
N GLN ZA 115 96.25 46.32 -79.18
CA GLN ZA 115 95.69 46.73 -80.47
C GLN ZA 115 94.23 46.36 -80.61
N LEU ZA 116 93.74 45.37 -79.87
CA LEU ZA 116 92.32 45.05 -79.93
C LEU ZA 116 91.45 46.22 -79.47
N LEU ZA 117 92.01 47.14 -78.67
CA LEU ZA 117 91.22 48.25 -78.16
C LEU ZA 117 91.79 49.62 -78.54
N PHE ZA 118 92.72 49.67 -79.50
CA PHE ZA 118 93.08 50.96 -80.08
C PHE ZA 118 93.18 50.97 -81.60
N ASP ZA 119 93.10 49.82 -82.28
CA ASP ZA 119 93.12 49.82 -83.74
C ASP ZA 119 91.86 50.49 -84.29
N SER ZA 120 92.01 51.09 -85.48
CA SER ZA 120 90.98 52.00 -85.97
C SER ZA 120 89.71 51.27 -86.36
N ASP ZA 121 89.80 49.99 -86.73
CA ASP ZA 121 88.62 49.24 -87.12
C ASP ZA 121 87.66 49.06 -85.95
N TYR ZA 122 88.18 48.52 -84.85
CA TYR ZA 122 87.36 48.21 -83.68
C TYR ZA 122 86.80 49.47 -83.05
N SER ZA 123 87.17 50.63 -83.60
CA SER ZA 123 86.54 51.88 -83.19
C SER ZA 123 85.02 51.79 -83.33
N ASP ZA 124 84.54 51.11 -84.37
CA ASP ZA 124 83.09 50.97 -84.49
C ASP ZA 124 82.51 50.03 -83.45
N PHE ZA 125 83.27 49.04 -82.99
CA PHE ZA 125 82.77 48.11 -81.99
C PHE ZA 125 82.71 48.71 -80.61
N TRP ZA 126 83.71 49.50 -80.21
CA TRP ZA 126 83.75 50.07 -78.88
C TRP ZA 126 82.80 51.24 -78.71
N LYS ZA 127 82.69 52.11 -79.73
CA LYS ZA 127 81.85 53.30 -79.65
C LYS ZA 127 80.44 53.04 -80.15
N ALA ZA 128 80.31 52.62 -81.41
CA ALA ZA 128 78.99 52.37 -81.98
C ALA ZA 128 78.38 51.06 -81.54
N GLN ZA 129 79.15 50.20 -80.87
CA GLN ZA 129 78.67 48.90 -80.42
C GLN ZA 129 78.23 48.04 -81.61
N ALA ZA 130 78.99 48.13 -82.69
CA ALA ZA 130 78.66 47.54 -83.98
C ALA ZA 130 79.52 46.31 -84.21
N LEU ZA 131 78.89 45.13 -84.24
CA LEU ZA 131 79.61 43.88 -84.41
C LEU ZA 131 80.19 43.74 -85.81
N ALA ZA 132 79.51 44.26 -86.82
CA ALA ZA 132 80.05 44.22 -88.17
C ALA ZA 132 79.81 45.53 -88.91
N ALA AB 1 107.01 50.58 -60.89
CA ALA AB 1 105.83 49.86 -61.37
C ALA AB 1 104.57 50.67 -61.08
N ILE AB 2 103.56 50.01 -60.50
CA ILE AB 2 102.36 50.73 -60.09
C ILE AB 2 102.67 51.48 -58.81
N ALA AB 3 102.96 52.78 -58.94
CA ALA AB 3 103.38 53.60 -57.82
C ALA AB 3 103.61 55.03 -58.26
N ASN AB 4 104.47 55.23 -59.24
CA ASN AB 4 104.79 56.54 -59.78
C ASN AB 4 104.83 56.52 -61.31
N SER AB 5 104.18 55.53 -61.91
CA SER AB 5 104.22 55.39 -63.36
C SER AB 5 103.49 56.52 -64.05
N SER AB 6 103.94 56.85 -65.26
CA SER AB 6 103.37 57.94 -66.05
C SER AB 6 102.57 57.34 -67.20
N ILE AB 7 101.38 57.90 -67.44
CA ILE AB 7 100.53 57.49 -68.55
C ILE AB 7 100.16 58.72 -69.37
N ALA AB 8 100.36 58.65 -70.67
CA ALA AB 8 100.12 59.79 -71.55
C ALA AB 8 98.65 59.84 -71.93
N ILE AB 9 97.88 60.67 -71.23
CA ILE AB 9 96.45 60.81 -71.48
C ILE AB 9 96.22 61.52 -72.79
N ASP AB 10 95.27 61.02 -73.58
CA ASP AB 10 94.87 61.60 -74.86
C ASP AB 10 96.05 61.67 -75.83
N SER AB 11 96.80 60.58 -75.90
CA SER AB 11 97.88 60.43 -76.85
C SER AB 11 97.46 59.52 -77.98
N THR AB 12 98.39 59.26 -78.90
CA THR AB 12 98.16 58.37 -80.03
C THR AB 12 99.04 57.15 -79.89
N ALA AB 13 98.43 55.96 -79.92
CA ALA AB 13 99.15 54.70 -79.77
C ALA AB 13 99.27 54.03 -81.13
N SER AB 14 100.48 53.56 -81.44
CA SER AB 14 100.77 52.92 -82.72
C SER AB 14 101.55 51.64 -82.48
N VAL AB 15 101.83 50.95 -83.58
CA VAL AB 15 102.51 49.66 -83.57
C VAL AB 15 103.54 49.63 -84.68
N THR AB 16 104.72 49.06 -84.39
CA THR AB 16 105.76 48.87 -85.38
C THR AB 16 106.26 47.44 -85.31
N GLY AB 17 106.76 46.93 -86.44
CA GLY AB 17 107.25 45.57 -86.48
C GLY AB 17 106.10 44.56 -86.47
N GLY AB 18 106.48 43.30 -86.26
CA GLY AB 18 105.52 42.23 -86.15
C GLY AB 18 105.00 41.72 -87.47
N THR AB 19 104.13 40.72 -87.38
CA THR AB 19 103.45 40.14 -88.54
C THR AB 19 101.98 40.53 -88.52
N ALA AB 20 101.48 40.95 -89.67
CA ALA AB 20 100.10 41.42 -89.82
C ALA AB 20 99.21 40.22 -90.12
N ARG AB 21 98.36 39.86 -89.17
CA ARG AB 21 97.40 38.81 -89.38
C ARG AB 21 96.01 39.41 -89.64
N THR AB 22 95.15 38.59 -90.26
CA THR AB 22 93.91 39.13 -90.84
C THR AB 22 92.76 39.14 -89.84
N VAL AB 23 92.66 38.10 -88.99
CA VAL AB 23 91.50 37.86 -88.13
C VAL AB 23 90.32 37.50 -89.03
N LYS AB 24 89.74 36.32 -88.79
CA LYS AB 24 88.67 35.79 -89.63
C LYS AB 24 87.50 35.40 -88.74
N GLU AB 25 86.30 35.82 -89.11
CA GLU AB 25 85.12 35.51 -88.30
C GLU AB 25 84.74 34.05 -88.46
N LEU AB 26 84.42 33.41 -87.33
CA LEU AB 26 83.97 32.02 -87.34
C LEU AB 26 82.45 31.91 -87.31
N VAL AB 27 81.83 32.39 -86.24
CA VAL AB 27 80.42 32.18 -85.96
C VAL AB 27 79.85 33.47 -85.40
N ARG AB 28 78.56 33.69 -85.65
CA ARG AB 28 77.88 34.90 -85.26
C ARG AB 28 76.65 34.51 -84.44
N ASN AB 29 75.87 35.52 -84.04
CA ASN AB 29 74.60 35.35 -83.34
C ASN AB 29 74.79 34.90 -81.89
N ASN AB 30 74.11 35.57 -80.97
CA ASN AB 30 73.37 36.79 -81.22
C ASN AB 30 73.93 37.87 -80.32
N SER AB 31 74.27 39.02 -80.91
CA SER AB 31 75.03 40.06 -80.22
C SER AB 31 76.34 39.49 -79.70
N GLU AB 32 76.93 38.61 -80.51
CA GLU AB 32 78.16 37.91 -80.16
C GLU AB 32 78.91 37.46 -81.40
N LEU AB 33 80.06 38.03 -81.67
CA LEU AB 33 80.89 37.58 -82.77
C LEU AB 33 82.01 36.68 -82.27
N ASN AB 34 82.38 35.70 -83.10
CA ASN AB 34 83.51 34.83 -82.83
C ASN AB 34 84.42 34.86 -84.04
N ALA AB 35 85.70 35.17 -83.81
CA ALA AB 35 86.67 35.26 -84.88
C ALA AB 35 87.89 34.47 -84.46
N TYR AB 36 88.91 34.47 -85.32
CA TYR AB 36 90.18 33.86 -84.98
C TYR AB 36 91.28 34.57 -85.76
N ILE AB 37 92.46 34.70 -85.14
CA ILE AB 37 93.60 35.33 -85.79
C ILE AB 37 94.33 34.26 -86.58
N ASP AB 38 94.36 34.42 -87.90
CA ASP AB 38 94.95 33.41 -88.78
C ASP AB 38 96.44 33.65 -88.92
N GLU AB 39 97.24 32.77 -88.31
CA GLU AB 39 98.70 32.83 -88.41
C GLU AB 39 99.25 31.53 -89.00
N GLY AB 40 98.44 30.82 -89.76
CA GLY AB 40 98.85 29.53 -90.29
C GLY AB 40 99.11 28.49 -89.22
N LEU AB 41 98.27 28.46 -88.19
CA LEU AB 41 98.39 27.51 -87.10
C LEU AB 41 97.30 26.45 -87.19
N SER AB 42 97.42 25.41 -86.38
CA SER AB 42 96.45 24.33 -86.39
C SER AB 42 95.15 24.75 -85.72
N PHE AB 43 94.16 23.88 -85.79
CA PHE AB 43 92.84 24.19 -85.26
C PHE AB 43 92.85 24.33 -83.74
N GLN AB 44 93.70 23.57 -83.05
CA GLN AB 44 93.76 23.66 -81.60
C GLN AB 44 94.74 24.72 -81.10
N ALA AB 45 95.52 25.32 -81.99
CA ALA AB 45 96.56 26.27 -81.60
C ALA AB 45 96.27 27.68 -82.11
N ARG AB 46 95.05 27.93 -82.57
CA ARG AB 46 94.71 29.23 -83.11
C ARG AB 46 94.19 30.15 -82.01
N LYS AB 47 94.30 31.45 -82.24
CA LYS AB 47 94.07 32.46 -81.22
C LYS AB 47 92.61 32.58 -80.80
N GLU AB 48 91.70 32.80 -81.75
CA GLU AB 48 90.26 32.84 -81.46
C GLU AB 48 89.79 33.95 -80.52
N VAL AB 49 89.81 35.19 -80.95
CA VAL AB 49 89.24 36.31 -80.21
C VAL AB 49 87.73 36.33 -80.41
N ALA AB 50 86.99 36.58 -79.34
CA ALA AB 50 85.54 36.68 -79.38
C ALA AB 50 85.08 38.09 -78.98
N PHE AB 51 83.97 38.52 -79.57
CA PHE AB 51 83.42 39.86 -79.38
C PHE AB 51 81.98 39.76 -78.89
N SER AB 52 81.70 40.37 -77.74
CA SER AB 52 80.37 40.37 -77.17
C SER AB 52 79.85 41.80 -77.06
N VAL AB 53 78.54 41.94 -76.89
CA VAL AB 53 77.91 43.26 -76.83
C VAL AB 53 76.64 43.19 -76.01
N LYS AB 54 76.45 44.15 -75.12
CA LYS AB 54 75.21 44.33 -74.35
C LYS AB 54 74.71 45.74 -74.62
N VAL AB 55 73.60 45.85 -75.34
CA VAL AB 55 73.10 47.16 -75.77
C VAL AB 55 72.53 47.90 -74.56
N PRO AB 56 72.46 49.23 -74.59
CA PRO AB 56 71.87 49.95 -73.45
C PRO AB 56 70.39 49.64 -73.31
N LYS AB 57 70.00 49.27 -72.10
CA LYS AB 57 68.63 48.86 -71.81
C LYS AB 57 67.92 49.99 -71.06
N VAL AB 58 66.66 50.21 -71.40
CA VAL AB 58 65.91 51.32 -70.82
C VAL AB 58 65.49 50.97 -69.40
N SER AB 59 66.28 51.40 -68.42
CA SER AB 59 65.93 51.23 -67.02
C SER AB 59 65.19 52.45 -66.52
N VAL AB 60 65.01 52.57 -65.20
CA VAL AB 60 64.34 53.72 -64.61
C VAL AB 60 65.24 54.38 -63.57
N SER AB 61 65.72 53.57 -62.61
CA SER AB 61 66.48 54.09 -61.49
C SER AB 61 67.97 54.02 -61.78
N ALA AB 62 68.38 54.74 -62.82
CA ALA AB 62 69.78 54.78 -63.22
C ALA AB 62 70.14 56.20 -63.66
N PRO AB 63 71.40 56.59 -63.55
CA PRO AB 63 71.82 57.86 -64.12
C PRO AB 63 71.56 57.90 -65.62
N GLY AB 64 71.06 59.03 -66.09
CA GLY AB 64 70.76 59.19 -67.50
C GLY AB 64 69.43 58.58 -67.90
N GLY AB 65 69.08 57.46 -67.26
CA GLY AB 65 67.82 56.79 -67.52
C GLY AB 65 67.98 55.35 -67.93
N PHE AB 66 68.99 55.04 -68.74
CA PHE AB 66 69.17 53.69 -69.24
C PHE AB 66 70.30 53.00 -68.46
N THR AB 67 70.45 51.69 -68.69
CA THR AB 67 71.62 50.97 -68.23
C THR AB 67 72.80 51.28 -69.15
N GLN AB 68 73.94 50.69 -68.82
CA GLN AB 68 75.17 51.03 -69.53
C GLN AB 68 75.35 50.16 -70.76
N ALA AB 69 76.13 50.70 -71.71
CA ALA AB 69 76.46 49.99 -72.95
C ALA AB 69 77.71 49.15 -72.71
N ARG AB 70 77.51 47.87 -72.43
CA ARG AB 70 78.62 46.96 -72.21
C ARG AB 70 79.16 46.45 -73.54
N SER AB 71 80.49 46.28 -73.61
CA SER AB 71 81.15 45.81 -74.82
C SER AB 71 82.36 45.00 -74.39
N THR AB 72 82.33 43.70 -74.66
CA THR AB 72 83.35 42.79 -74.18
C THR AB 72 84.14 42.17 -75.33
N VAL AB 73 85.43 41.98 -75.11
CA VAL AB 73 86.31 41.26 -76.02
C VAL AB 73 87.08 40.26 -75.17
N ILE AB 74 87.17 39.02 -75.62
CA ILE AB 74 87.99 38.01 -74.97
C ILE AB 74 88.94 37.41 -75.99
N LEU AB 75 90.24 37.64 -75.81
CA LEU AB 75 91.26 37.01 -76.63
C LEU AB 75 91.65 35.71 -75.94
N LYS AB 76 91.51 34.60 -76.65
CA LYS AB 76 91.93 33.31 -76.15
C LYS AB 76 93.30 32.96 -76.72
N SER AB 77 94.01 32.06 -76.04
CA SER AB 77 95.38 31.71 -76.42
C SER AB 77 95.66 30.28 -75.98
N PRO AB 78 95.73 29.35 -76.91
CA PRO AB 78 96.01 27.95 -76.53
C PRO AB 78 97.41 27.80 -75.97
N LYS AB 79 97.56 26.81 -75.09
CA LYS AB 79 98.89 26.44 -74.59
C LYS AB 79 98.86 24.99 -74.16
N THR AB 80 99.89 24.24 -74.57
CA THR AB 80 100.05 22.86 -74.15
C THR AB 80 101.03 22.81 -72.98
N LEU AB 81 100.75 21.93 -72.03
CA LEU AB 81 101.46 21.91 -70.76
C LEU AB 81 102.59 20.90 -70.77
N ALA AB 82 103.33 20.84 -69.67
CA ALA AB 82 104.46 19.92 -69.52
C ALA AB 82 104.02 18.48 -69.31
N ASN AB 83 102.74 18.25 -69.02
CA ASN AB 83 102.19 16.90 -68.92
C ASN AB 83 101.39 16.50 -70.15
N GLY AB 84 101.40 17.32 -71.19
CA GLY AB 84 100.67 17.05 -72.42
C GLY AB 84 99.24 17.55 -72.44
N ASN AB 85 98.73 18.05 -71.32
CA ASN AB 85 97.37 18.57 -71.27
C ASN AB 85 97.28 19.93 -71.95
N ARG AB 86 96.05 20.31 -72.30
CA ARG AB 86 95.77 21.49 -73.10
C ARG AB 86 94.99 22.48 -72.24
N THR AB 87 95.39 23.75 -72.27
CA THR AB 87 94.69 24.79 -71.54
C THR AB 87 94.64 26.08 -72.37
N VAL AB 88 93.88 27.06 -71.86
CA VAL AB 88 93.68 28.32 -72.55
C VAL AB 88 94.01 29.47 -71.60
N ASN AB 89 94.79 30.43 -72.08
CA ASN AB 89 94.99 31.70 -71.40
C ASN AB 89 94.06 32.73 -72.04
N THR AB 90 93.57 33.67 -71.24
CA THR AB 90 92.61 34.64 -71.74
C THR AB 90 93.01 36.05 -71.36
N VAL AB 91 92.62 36.99 -72.23
CA VAL AB 91 92.63 38.41 -71.90
C VAL AB 91 91.22 38.93 -72.11
N SER AB 92 90.59 39.44 -71.06
CA SER AB 92 89.22 39.93 -71.16
C SER AB 92 89.19 41.44 -70.95
N ILE AB 93 88.64 42.16 -71.92
CA ILE AB 93 88.53 43.60 -71.89
C ILE AB 93 87.05 43.96 -71.97
N GLN AB 94 86.52 44.58 -70.92
CA GLN AB 94 85.14 45.03 -70.90
C GLN AB 94 85.10 46.55 -70.80
N LEU AB 95 84.36 47.17 -71.71
CA LEU AB 95 84.14 48.61 -71.71
C LEU AB 95 82.70 48.86 -71.30
N SER AB 96 82.52 49.64 -70.25
CA SER AB 96 81.20 49.97 -69.72
C SER AB 96 81.07 51.48 -69.68
N VAL AB 97 80.31 52.04 -70.61
CA VAL AB 97 80.05 53.45 -70.64
C VAL AB 97 78.55 53.70 -70.59
N ASP AB 98 78.16 54.86 -70.13
CA ASP AB 98 76.79 55.33 -70.22
C ASP AB 98 76.53 55.77 -71.65
N PRO AB 99 75.31 55.59 -72.17
CA PRO AB 99 75.05 55.92 -73.58
C PRO AB 99 75.24 57.41 -73.89
N GLU AB 100 75.20 58.27 -72.89
CA GLU AB 100 75.42 59.70 -73.07
C GLU AB 100 76.88 60.04 -73.34
N THR AB 101 77.78 59.08 -73.15
CA THR AB 101 79.21 59.31 -73.38
C THR AB 101 79.49 59.58 -74.85
N THR AB 102 80.41 60.52 -75.10
CA THR AB 102 80.81 60.86 -76.45
C THR AB 102 81.93 59.94 -76.92
N ALA AB 103 82.23 60.05 -78.22
CA ALA AB 103 83.25 59.19 -78.81
C ALA AB 103 84.64 59.54 -78.30
N ALA AB 104 84.90 60.83 -78.06
CA ALA AB 104 86.23 61.26 -77.63
C ALA AB 104 86.56 60.77 -76.22
N GLU AB 105 85.57 60.76 -75.32
CA GLU AB 105 85.79 60.19 -73.99
C GLU AB 105 86.12 58.71 -74.07
N VAL AB 106 85.41 57.97 -74.93
CA VAL AB 106 85.68 56.55 -75.09
C VAL AB 106 87.06 56.34 -75.68
N THR AB 107 87.47 57.21 -76.60
CA THR AB 107 88.81 57.16 -77.17
C THR AB 107 89.87 57.36 -76.10
N THR AB 108 89.64 58.33 -75.22
CA THR AB 108 90.57 58.58 -74.11
C THR AB 108 90.66 57.36 -73.21
N MET AB 109 89.52 56.77 -72.87
CA MET AB 109 89.49 55.59 -72.02
C MET AB 109 90.24 54.43 -72.65
N LEU AB 110 90.00 54.20 -73.94
CA LEU AB 110 90.65 53.08 -74.62
C LEU AB 110 92.16 53.30 -74.70
N ASN AB 111 92.57 54.54 -74.94
CA ASN AB 111 94.01 54.83 -74.96
C ASN AB 111 94.64 54.57 -73.61
N ALA AB 112 93.99 55.01 -72.52
CA ALA AB 112 94.53 54.80 -71.19
C ALA AB 112 94.59 53.30 -70.86
N ALA AB 113 93.52 52.58 -71.19
CA ALA AB 113 93.49 51.14 -70.89
C ALA AB 113 94.52 50.38 -71.71
N ALA AB 114 94.69 50.74 -72.99
CA ALA AB 114 95.72 50.10 -73.80
C ALA AB 114 97.11 50.42 -73.28
N GLN AB 115 97.32 51.66 -72.83
CA GLN AB 115 98.60 52.01 -72.22
C GLN AB 115 98.87 51.15 -70.99
N LEU AB 116 97.83 50.86 -70.20
CA LEU AB 116 97.98 49.95 -69.07
C LEU AB 116 97.88 48.50 -69.55
N LEU AB 117 98.53 48.23 -70.67
CA LEU AB 117 98.65 46.86 -71.16
C LEU AB 117 100.05 46.59 -71.68
N PHE AB 118 100.68 47.61 -72.27
CA PHE AB 118 101.97 47.46 -72.92
C PHE AB 118 103.04 48.40 -72.41
N ASP AB 119 102.69 49.34 -71.52
CA ASP AB 119 103.70 50.21 -70.94
C ASP AB 119 104.69 49.41 -70.12
N SER AB 120 105.97 49.74 -70.28
CA SER AB 120 107.03 48.96 -69.64
C SER AB 120 106.94 49.00 -68.12
N ASP AB 121 106.29 50.04 -67.59
CA ASP AB 121 106.14 50.18 -66.15
C ASP AB 121 105.30 49.06 -65.57
N TYR AB 122 104.22 48.68 -66.26
CA TYR AB 122 103.38 47.58 -65.83
C TYR AB 122 103.75 46.28 -66.54
N SER AB 123 104.97 45.79 -66.33
CA SER AB 123 105.36 44.51 -66.88
C SER AB 123 105.43 43.47 -65.77
N ASP AB 124 106.05 43.85 -64.65
CA ASP AB 124 106.11 42.95 -63.50
C ASP AB 124 104.74 42.66 -62.93
N PHE AB 125 103.77 43.54 -63.17
CA PHE AB 125 102.41 43.29 -62.72
C PHE AB 125 101.71 42.19 -63.50
N TRP AB 126 101.93 42.12 -64.81
CA TRP AB 126 101.24 41.12 -65.63
C TRP AB 126 101.97 39.78 -65.61
N LYS AB 127 103.28 39.79 -65.79
CA LYS AB 127 104.02 38.54 -65.90
C LYS AB 127 104.46 38.03 -64.54
N ALA AB 128 105.11 38.89 -63.75
CA ALA AB 128 105.55 38.47 -62.42
C ALA AB 128 104.43 38.52 -61.39
N GLN AB 129 103.28 39.08 -61.75
CA GLN AB 129 102.14 39.27 -60.84
C GLN AB 129 102.57 40.06 -59.61
N ALA AB 130 103.45 41.05 -59.82
CA ALA AB 130 104.04 41.84 -58.75
C ALA AB 130 103.29 43.14 -58.60
N LEU AB 131 102.48 43.25 -57.55
CA LEU AB 131 101.68 44.44 -57.30
C LEU AB 131 102.56 45.66 -56.99
N ALA AB 132 103.82 45.42 -56.62
CA ALA AB 132 104.76 46.51 -56.41
C ALA AB 132 106.19 46.08 -56.67
N ALA BB 1 99.62 83.40 -23.09
CA ALA BB 1 98.70 82.28 -22.91
C ALA BB 1 97.71 82.20 -24.07
N ILE BB 2 96.61 81.46 -23.86
CA ILE BB 2 95.63 81.26 -24.91
C ILE BB 2 94.98 82.58 -25.33
N ALA BB 3 94.58 83.39 -24.35
CA ALA BB 3 93.96 84.67 -24.65
C ALA BB 3 94.97 85.62 -25.27
N ASN BB 4 94.58 86.25 -26.39
CA ASN BB 4 95.41 87.20 -27.12
C ASN BB 4 96.70 86.56 -27.62
N SER BB 5 96.65 85.25 -27.90
CA SER BB 5 97.75 84.56 -28.54
C SER BB 5 97.70 84.83 -30.04
N SER BB 6 98.86 84.96 -30.66
CA SER BB 6 98.94 85.25 -32.08
C SER BB 6 99.37 84.02 -32.87
N ILE BB 7 98.68 83.78 -33.98
CA ILE BB 7 99.00 82.70 -34.90
C ILE BB 7 99.20 83.29 -36.29
N ALA BB 8 100.29 82.93 -36.94
CA ALA BB 8 100.61 83.45 -38.27
C ALA BB 8 99.96 82.55 -39.31
N ILE BB 9 98.89 83.04 -39.94
CA ILE BB 9 98.13 82.25 -40.90
C ILE BB 9 98.87 82.23 -42.24
N ASP BB 10 98.81 81.07 -42.92
CA ASP BB 10 99.42 80.87 -44.22
C ASP BB 10 100.93 81.12 -44.16
N SER BB 11 101.58 80.26 -43.39
CA SER BB 11 102.98 80.45 -43.06
C SER BB 11 103.76 79.18 -43.34
N THR BB 12 105.04 79.34 -43.64
CA THR BB 12 105.92 78.19 -43.76
C THR BB 12 106.45 77.79 -42.39
N ALA BB 13 106.34 76.52 -42.06
CA ALA BB 13 106.80 75.98 -40.78
C ALA BB 13 108.10 75.23 -41.03
N SER BB 14 109.20 75.77 -40.52
CA SER BB 14 110.48 75.11 -40.61
C SER BB 14 110.73 74.30 -39.34
N VAL BB 15 111.88 73.65 -39.28
CA VAL BB 15 112.28 72.90 -38.10
C VAL BB 15 113.80 72.73 -38.11
N THR BB 16 114.47 73.06 -37.01
CA THR BB 16 115.92 72.96 -36.91
C THR BB 16 116.28 72.49 -35.52
N GLY BB 17 116.33 71.18 -35.31
CA GLY BB 17 116.86 70.65 -34.07
C GLY BB 17 117.88 69.54 -34.23
N GLY BB 18 117.90 68.92 -35.40
CA GLY BB 18 118.75 67.76 -35.61
C GLY BB 18 118.07 66.47 -35.19
N THR BB 19 118.86 65.41 -35.01
CA THR BB 19 118.36 64.10 -34.61
C THR BB 19 117.33 63.58 -35.63
N ALA BB 20 117.81 63.42 -36.86
CA ALA BB 20 116.95 63.00 -37.97
C ALA BB 20 116.64 61.51 -37.90
N ARG BB 21 115.54 61.15 -37.25
CA ARG BB 21 115.10 59.78 -37.16
C ARG BB 21 114.40 59.34 -38.44
N THR BB 22 113.97 58.09 -38.46
CA THR BB 22 113.35 57.50 -39.64
C THR BB 22 112.08 56.76 -39.24
N VAL BB 23 110.98 57.03 -39.95
CA VAL BB 23 109.74 56.30 -39.74
C VAL BB 23 109.79 55.03 -40.58
N LYS BB 24 109.71 53.88 -39.92
CA LYS BB 24 109.67 52.59 -40.59
C LYS BB 24 108.32 51.94 -40.31
N GLU BB 25 107.66 51.48 -41.38
CA GLU BB 25 106.35 50.88 -41.19
C GLU BB 25 106.47 49.47 -40.63
N LEU BB 26 105.45 49.07 -39.88
CA LEU BB 26 105.43 47.74 -39.26
C LEU BB 26 104.39 46.85 -39.92
N VAL BB 27 103.11 47.25 -39.90
CA VAL BB 27 102.03 46.47 -40.47
C VAL BB 27 101.12 47.41 -41.24
N ARG BB 28 100.04 46.87 -41.78
CA ARG BB 28 99.09 47.67 -42.54
C ARG BB 28 97.66 47.52 -42.09
N ASN BB 29 97.25 46.33 -41.65
CA ASN BB 29 95.85 45.92 -41.44
C ASN BB 29 94.84 46.70 -42.29
N ASN BB 30 93.68 46.99 -41.72
CA ASN BB 30 92.52 47.46 -42.49
C ASN BB 30 92.60 48.97 -42.68
N SER BB 31 93.01 49.39 -43.88
CA SER BB 31 93.03 50.80 -44.27
C SER BB 31 93.77 51.65 -43.25
N GLU BB 32 94.87 51.10 -42.75
CA GLU BB 32 95.65 51.72 -41.69
C GLU BB 32 97.12 51.56 -42.06
N LEU BB 33 98.00 52.17 -41.26
CA LEU BB 33 99.43 52.01 -41.46
C LEU BB 33 100.15 52.24 -40.14
N ASN BB 34 100.56 51.16 -39.48
CA ASN BB 34 101.24 51.27 -38.21
C ASN BB 34 102.75 51.29 -38.44
N ALA BB 35 103.39 52.37 -38.03
CA ALA BB 35 104.83 52.54 -38.18
C ALA BB 35 105.46 52.77 -36.81
N TYR BB 36 106.76 53.05 -36.81
CA TYR BB 36 107.49 53.36 -35.59
C TYR BB 36 108.70 54.20 -35.93
N ILE BB 37 109.14 54.99 -34.97
CA ILE BB 37 110.29 55.88 -35.18
C ILE BB 37 111.55 55.15 -34.70
N ASP BB 38 112.56 55.08 -35.56
CA ASP BB 38 113.76 54.30 -35.28
C ASP BB 38 114.76 55.18 -34.53
N GLU BB 39 114.70 55.10 -33.21
CA GLU BB 39 115.65 55.81 -32.34
C GLU BB 39 116.55 54.88 -31.55
N GLY BB 40 116.53 53.59 -31.84
CA GLY BB 40 117.38 52.63 -31.18
C GLY BB 40 116.98 52.21 -29.79
N LEU BB 41 115.75 52.50 -29.36
CA LEU BB 41 115.29 52.10 -28.06
C LEU BB 41 114.89 50.62 -28.07
N SER BB 42 114.31 50.18 -26.95
CA SER BB 42 113.88 48.80 -26.84
C SER BB 42 112.68 48.52 -27.74
N PHE BB 43 112.31 47.25 -27.82
CA PHE BB 43 111.22 46.85 -28.70
C PHE BB 43 109.88 47.38 -28.20
N GLN BB 44 109.60 47.21 -26.90
CA GLN BB 44 108.36 47.70 -26.31
C GLN BB 44 108.55 49.04 -25.61
N ALA BB 45 109.55 49.81 -26.05
CA ALA BB 45 109.73 51.17 -25.56
C ALA BB 45 109.90 52.18 -26.69
N ARG BB 46 109.66 51.78 -27.94
CA ARG BB 46 109.82 52.67 -29.08
C ARG BB 46 108.56 53.49 -29.31
N LYS BB 47 108.67 54.55 -30.10
CA LYS BB 47 107.52 55.39 -30.42
C LYS BB 47 106.90 54.89 -31.71
N GLU BB 48 105.67 54.40 -31.64
CA GLU BB 48 104.93 53.92 -32.81
C GLU BB 48 103.88 54.97 -33.17
N VAL BB 49 103.86 55.37 -34.44
CA VAL BB 49 102.82 56.29 -34.92
C VAL BB 49 101.98 55.58 -35.96
N ALA BB 50 100.66 55.59 -35.76
CA ALA BB 50 99.71 54.94 -36.64
C ALA BB 50 98.97 55.95 -37.49
N PHE BB 51 98.81 55.63 -38.78
CA PHE BB 51 98.10 56.44 -39.74
C PHE BB 51 96.85 55.71 -40.21
N SER BB 52 95.76 56.45 -40.42
CA SER BB 52 94.52 55.82 -40.87
C SER BB 52 93.74 56.78 -41.77
N VAL BB 53 93.01 56.23 -42.74
CA VAL BB 53 92.24 57.02 -43.68
C VAL BB 53 90.78 56.59 -43.61
N LYS BB 54 89.90 57.55 -43.87
CA LYS BB 54 88.45 57.40 -43.81
C LYS BB 54 87.85 58.13 -45.01
N VAL BB 55 88.25 57.70 -46.20
CA VAL BB 55 87.80 58.25 -47.49
C VAL BB 55 86.29 58.45 -47.54
N PRO BB 56 85.80 59.41 -48.32
CA PRO BB 56 84.36 59.72 -48.34
C PRO BB 56 83.54 58.59 -48.95
N LYS BB 57 82.27 58.55 -48.54
CA LYS BB 57 81.32 57.55 -49.02
C LYS BB 57 80.07 58.27 -49.47
N VAL BB 58 79.61 57.96 -50.68
CA VAL BB 58 78.48 58.68 -51.29
C VAL BB 58 77.23 58.47 -50.45
N SER BB 59 76.72 59.55 -49.88
CA SER BB 59 75.56 59.51 -49.01
C SER BB 59 74.39 60.23 -49.67
N VAL BB 60 73.24 60.25 -48.99
CA VAL BB 60 72.10 61.07 -49.37
C VAL BB 60 72.00 62.31 -48.50
N SER BB 61 72.41 62.21 -47.24
CA SER BB 61 72.61 63.29 -46.29
C SER BB 61 73.93 63.98 -46.63
N ALA BB 62 74.53 64.66 -45.65
CA ALA BB 62 75.81 65.35 -45.86
C ALA BB 62 75.65 66.51 -46.83
N PRO BB 63 75.17 67.66 -46.35
CA PRO BB 63 74.77 68.75 -47.25
C PRO BB 63 75.95 69.31 -48.03
N GLY BB 64 76.18 68.69 -49.18
CA GLY BB 64 77.41 68.78 -49.94
C GLY BB 64 77.63 67.48 -50.69
N GLY BB 65 76.83 66.47 -50.34
CA GLY BB 65 76.72 65.27 -51.15
C GLY BB 65 77.15 63.98 -50.47
N PHE BB 66 78.27 64.00 -49.76
CA PHE BB 66 78.79 62.81 -49.11
C PHE BB 66 79.72 63.19 -47.95
N THR BB 67 79.97 62.20 -47.10
CA THR BB 67 80.69 62.40 -45.84
C THR BB 67 82.10 62.94 -46.09
N GLN BB 68 82.68 63.49 -45.04
CA GLN BB 68 84.00 64.08 -45.13
C GLN BB 68 85.06 62.98 -45.18
N ALA BB 69 86.28 63.41 -45.52
CA ALA BB 69 87.42 62.51 -45.66
C ALA BB 69 88.31 62.67 -44.43
N ARG BB 70 88.43 61.61 -43.64
CA ARG BB 70 89.19 61.73 -42.39
C ARG BB 70 90.59 61.16 -42.53
N SER BB 71 91.54 61.80 -41.85
CA SER BB 71 92.92 61.33 -41.78
C SER BB 71 93.35 61.39 -40.32
N THR BB 72 93.65 60.25 -39.73
CA THR BB 72 94.03 60.20 -38.32
C THR BB 72 95.49 59.79 -38.16
N VAL BB 73 96.16 60.44 -37.21
CA VAL BB 73 97.54 60.11 -36.84
C VAL BB 73 97.60 60.02 -35.32
N ILE BB 74 98.04 58.88 -34.80
CA ILE BB 74 98.23 58.72 -33.36
C ILE BB 74 99.70 58.42 -33.09
N LEU BB 75 100.33 59.23 -32.26
CA LEU BB 75 101.73 59.06 -31.88
C LEU BB 75 101.76 58.50 -30.47
N LYS BB 76 102.23 57.26 -30.34
CA LYS BB 76 102.29 56.60 -29.04
C LYS BB 76 103.71 56.65 -28.49
N SER BB 77 103.90 57.37 -27.39
CA SER BB 77 105.19 57.47 -26.73
C SER BB 77 105.12 56.73 -25.39
N PRO BB 78 105.80 55.59 -25.25
CA PRO BB 78 105.71 54.85 -23.99
C PRO BB 78 106.54 55.49 -22.89
N LYS BB 79 106.14 55.25 -21.65
CA LYS BB 79 106.78 55.85 -20.49
C LYS BB 79 106.77 54.86 -19.33
N THR BB 80 107.93 54.71 -18.68
CA THR BB 80 108.06 53.89 -17.49
C THR BB 80 107.90 54.80 -16.27
N LEU BB 81 106.91 54.52 -15.44
CA LEU BB 81 106.62 55.35 -14.28
C LEU BB 81 107.54 54.99 -13.11
N ALA BB 82 107.55 55.87 -12.11
CA ALA BB 82 108.39 55.63 -10.94
C ALA BB 82 107.93 54.41 -10.16
N ASN BB 83 106.61 54.18 -10.08
CA ASN BB 83 106.10 52.99 -9.40
C ASN BB 83 106.59 51.71 -10.07
N GLY BB 84 107.04 51.79 -11.32
CA GLY BB 84 107.62 50.65 -11.97
C GLY BB 84 106.84 50.20 -13.19
N ASN BB 85 105.54 50.45 -13.19
CA ASN BB 85 104.69 50.03 -14.29
C ASN BB 85 104.94 50.90 -15.52
N ARG BB 86 104.20 50.61 -16.58
CA ARG BB 86 104.38 51.24 -17.88
C ARG BB 86 103.05 51.79 -18.37
N THR BB 87 103.12 52.93 -19.03
CA THR BB 87 101.93 53.58 -19.59
C THR BB 87 102.34 54.14 -20.95
N VAL BB 88 101.35 54.59 -21.73
CA VAL BB 88 101.61 55.19 -23.04
C VAL BB 88 100.98 56.58 -23.06
N ASN BB 89 101.76 57.56 -23.49
CA ASN BB 89 101.30 58.94 -23.66
C ASN BB 89 101.06 59.14 -25.15
N THR BB 90 99.83 59.49 -25.50
CA THR BB 90 99.43 59.51 -26.91
C THR BB 90 99.13 60.93 -27.38
N VAL BB 91 99.35 61.16 -28.67
CA VAL BB 91 98.98 62.41 -29.31
C VAL BB 91 98.21 62.11 -30.59
N SER BB 92 96.88 62.16 -30.54
CA SER BB 92 96.08 61.89 -31.71
C SER BB 92 95.75 63.17 -32.46
N ILE BB 93 95.64 63.06 -33.78
CA ILE BB 93 95.34 64.18 -34.66
C ILE BB 93 94.39 63.70 -35.75
N GLN BB 94 93.31 64.45 -35.98
CA GLN BB 94 92.32 64.08 -36.98
C GLN BB 94 92.00 65.27 -37.88
N LEU BB 95 91.64 64.97 -39.13
CA LEU BB 95 91.46 65.98 -40.17
C LEU BB 95 90.14 65.73 -40.93
N SER BB 96 89.04 65.64 -40.18
CA SER BB 96 87.72 65.46 -40.79
C SER BB 96 87.37 66.70 -41.60
N VAL BB 97 87.64 66.64 -42.91
CA VAL BB 97 87.37 67.76 -43.80
C VAL BB 97 86.54 67.26 -44.98
N ASP BB 98 85.67 68.13 -45.47
CA ASP BB 98 84.74 67.76 -46.53
C ASP BB 98 85.51 67.55 -47.84
N PRO BB 99 85.16 66.53 -48.63
CA PRO BB 99 85.98 66.18 -49.79
C PRO BB 99 86.08 67.24 -50.87
N GLU BB 100 85.17 68.22 -50.91
CA GLU BB 100 85.26 69.30 -51.86
C GLU BB 100 86.37 70.30 -51.53
N THR BB 101 87.02 70.12 -50.39
CA THR BB 101 88.03 71.07 -49.93
C THR BB 101 89.24 71.07 -50.86
N THR BB 102 89.74 72.25 -51.17
CA THR BB 102 90.95 72.39 -51.95
C THR BB 102 92.18 72.15 -51.08
N ALA BB 103 93.30 71.87 -51.74
CA ALA BB 103 94.53 71.58 -51.02
C ALA BB 103 95.15 72.81 -50.37
N ALA BB 104 94.87 74.00 -50.91
CA ALA BB 104 95.41 75.22 -50.30
C ALA BB 104 94.80 75.47 -48.92
N GLU BB 105 93.49 75.31 -48.80
CA GLU BB 105 92.86 75.49 -47.50
C GLU BB 105 93.26 74.39 -46.52
N VAL BB 106 93.46 73.17 -47.03
CA VAL BB 106 93.96 72.09 -46.17
C VAL BB 106 95.35 72.42 -45.65
N THR BB 107 96.22 72.95 -46.52
CA THR BB 107 97.55 73.36 -46.08
C THR BB 107 97.47 74.49 -45.05
N THR BB 108 96.58 75.45 -45.28
CA THR BB 108 96.38 76.53 -44.33
C THR BB 108 95.96 75.99 -42.97
N MET BB 109 95.01 75.05 -42.98
CA MET BB 109 94.51 74.45 -41.75
C MET BB 109 95.61 73.67 -41.04
N LEU BB 110 96.41 72.93 -41.80
CA LEU BB 110 97.48 72.13 -41.21
C LEU BB 110 98.54 73.04 -40.58
N ASN BB 111 98.85 74.14 -41.24
CA ASN BB 111 99.81 75.09 -40.67
C ASN BB 111 99.26 75.75 -39.42
N ALA BB 112 97.98 76.13 -39.45
CA ALA BB 112 97.37 76.76 -38.28
C ALA BB 112 97.33 75.81 -37.09
N ALA BB 113 96.90 74.56 -37.32
CA ALA BB 113 96.88 73.54 -36.27
C ALA BB 113 98.27 73.19 -35.77
N ALA BB 114 99.24 73.06 -36.66
CA ALA BB 114 100.60 72.72 -36.23
C ALA BB 114 101.33 73.93 -35.66
N GLN BB 115 100.81 75.13 -35.86
CA GLN BB 115 101.35 76.30 -35.17
C GLN BB 115 101.02 76.29 -33.70
N LEU BB 116 99.90 75.67 -33.33
CA LEU BB 116 99.71 75.19 -31.98
C LEU BB 116 100.67 74.02 -31.75
N LEU BB 117 100.80 73.59 -30.50
CA LEU BB 117 101.66 72.47 -30.09
C LEU BB 117 103.14 72.84 -30.10
N PHE BB 118 103.52 74.00 -30.66
CA PHE BB 118 104.91 74.40 -30.49
C PHE BB 118 105.03 75.90 -30.24
N ASP BB 119 103.91 76.62 -30.31
CA ASP BB 119 103.93 78.03 -29.95
C ASP BB 119 104.12 78.17 -28.45
N SER BB 120 104.83 79.23 -28.06
CA SER BB 120 105.10 79.48 -26.65
C SER BB 120 103.85 79.81 -25.85
N ASP BB 121 102.84 80.40 -26.50
CA ASP BB 121 101.64 80.79 -25.78
C ASP BB 121 100.90 79.60 -25.21
N TYR BB 122 100.94 78.46 -25.90
CA TYR BB 122 100.18 77.29 -25.51
C TYR BB 122 101.00 76.28 -24.72
N SER BB 123 102.25 76.61 -24.36
CA SER BB 123 103.07 75.72 -23.56
C SER BB 123 102.39 75.32 -22.26
N ASP BB 124 101.84 76.31 -21.55
CA ASP BB 124 101.20 76.02 -20.27
C ASP BB 124 99.91 75.23 -20.46
N PHE BB 125 99.19 75.49 -21.55
CA PHE BB 125 97.98 74.72 -21.83
C PHE BB 125 98.31 73.25 -22.07
N TRP BB 126 99.33 72.98 -22.87
CA TRP BB 126 99.69 71.60 -23.16
C TRP BB 126 100.34 70.91 -21.98
N LYS BB 127 101.07 71.63 -21.12
CA LYS BB 127 101.84 71.02 -20.06
C LYS BB 127 101.09 71.00 -18.74
N ALA BB 128 100.67 72.16 -18.22
CA ALA BB 128 99.99 72.24 -16.94
C ALA BB 128 98.47 72.31 -17.06
N GLN BB 129 97.93 72.22 -18.28
CA GLN BB 129 96.50 72.31 -18.54
C GLN BB 129 95.93 73.66 -18.11
N ALA BB 130 96.74 74.70 -18.29
CA ALA BB 130 96.34 76.06 -17.92
C ALA BB 130 95.45 76.64 -19.01
N LEU BB 131 94.15 76.36 -18.89
CA LEU BB 131 93.16 76.91 -19.81
C LEU BB 131 93.14 78.42 -19.73
N ALA BB 132 92.80 78.96 -18.57
CA ALA BB 132 92.86 80.39 -18.34
C ALA BB 132 94.26 80.76 -17.88
N ALA CB 1 -45.73 -110.29 -52.04
CA ALA CB 1 -46.35 -111.58 -51.76
C ALA CB 1 -47.04 -111.54 -50.40
N ILE CB 2 -46.85 -110.43 -49.68
CA ILE CB 2 -47.62 -110.15 -48.48
C ILE CB 2 -48.95 -109.55 -48.92
N ALA CB 3 -49.94 -110.41 -49.16
CA ALA CB 3 -51.24 -109.97 -49.62
C ALA CB 3 -52.25 -111.06 -49.30
N ASN CB 4 -52.54 -111.93 -50.26
CA ASN CB 4 -53.29 -113.13 -49.96
C ASN CB 4 -52.33 -114.30 -49.80
N SER CB 5 -51.49 -114.25 -48.77
CA SER CB 5 -50.53 -115.31 -48.47
C SER CB 5 -51.22 -116.48 -47.78
N SER CB 6 -50.46 -117.37 -47.17
CA SER CB 6 -51.04 -118.46 -46.41
C SER CB 6 -50.08 -118.87 -45.32
N ILE CB 7 -50.62 -119.10 -44.11
CA ILE CB 7 -49.82 -119.50 -42.96
C ILE CB 7 -50.63 -120.46 -42.11
N ALA CB 8 -50.02 -121.58 -41.73
CA ALA CB 8 -50.70 -122.56 -40.89
C ALA CB 8 -50.60 -122.13 -39.43
N ILE CB 9 -51.73 -122.10 -38.75
CA ILE CB 9 -51.78 -121.68 -37.35
C ILE CB 9 -52.02 -122.90 -36.48
N ASP CB 10 -51.27 -122.98 -35.38
CA ASP CB 10 -51.30 -124.14 -34.48
C ASP CB 10 -50.87 -125.41 -35.21
N SER CB 11 -49.64 -125.39 -35.71
CA SER CB 11 -49.08 -126.47 -36.50
C SER CB 11 -47.66 -126.77 -36.04
N THR CB 12 -47.21 -128.00 -36.30
CA THR CB 12 -45.85 -128.41 -35.98
C THR CB 12 -44.93 -128.14 -37.15
N ALA CB 13 -43.74 -127.63 -36.84
CA ALA CB 13 -42.73 -127.31 -37.84
C ALA CB 13 -41.56 -128.29 -37.73
N SER CB 14 -41.02 -128.67 -38.87
CA SER CB 14 -39.97 -129.67 -38.93
C SER CB 14 -38.86 -129.18 -39.85
N VAL CB 15 -37.73 -129.88 -39.79
CA VAL CB 15 -36.54 -129.54 -40.56
C VAL CB 15 -35.95 -130.82 -41.13
N THR CB 16 -35.61 -130.80 -42.41
CA THR CB 16 -34.98 -131.93 -43.09
C THR CB 16 -33.70 -131.48 -43.76
N GLY CB 17 -32.74 -132.40 -43.84
CA GLY CB 17 -31.49 -132.11 -44.52
C GLY CB 17 -30.60 -131.19 -43.71
N GLY CB 18 -29.73 -130.46 -44.42
CA GLY CB 18 -28.78 -129.57 -43.78
C GLY CB 18 -27.67 -130.34 -43.08
N THR CB 19 -26.95 -129.62 -42.23
CA THR CB 19 -25.81 -130.17 -41.49
C THR CB 19 -25.98 -129.78 -40.03
N ALA CB 20 -26.26 -130.77 -39.18
CA ALA CB 20 -26.46 -130.54 -37.76
C ALA CB 20 -25.21 -129.97 -37.11
N ARG CB 21 -25.27 -128.72 -36.67
CA ARG CB 21 -24.18 -128.07 -35.97
C ARG CB 21 -24.41 -128.17 -34.46
N THR CB 22 -23.63 -127.43 -33.69
CA THR CB 22 -23.76 -127.46 -32.23
C THR CB 22 -23.55 -126.04 -31.70
N VAL CB 23 -24.38 -125.65 -30.75
CA VAL CB 23 -24.31 -124.30 -30.17
C VAL CB 23 -23.44 -124.42 -28.92
N LYS CB 24 -22.19 -124.00 -29.04
CA LYS CB 24 -21.27 -124.03 -27.90
C LYS CB 24 -21.39 -122.74 -27.11
N GLU CB 25 -21.56 -122.87 -25.79
CA GLU CB 25 -21.80 -121.73 -24.93
C GLU CB 25 -20.48 -121.10 -24.49
N LEU CB 26 -20.44 -119.76 -24.50
CA LEU CB 26 -19.20 -119.04 -24.27
C LEU CB 26 -19.26 -118.36 -22.91
N VAL CB 27 -20.22 -117.47 -22.69
CA VAL CB 27 -20.31 -116.70 -21.45
C VAL CB 27 -21.77 -116.53 -21.08
N ARG CB 28 -22.08 -116.76 -19.81
CA ARG CB 28 -23.42 -116.55 -19.27
C ARG CB 28 -23.31 -115.57 -18.11
N ASN CB 29 -23.89 -114.38 -18.28
CA ASN CB 29 -23.83 -113.35 -17.25
C ASN CB 29 -24.76 -112.22 -17.65
N ASN CB 30 -25.13 -111.40 -16.66
CA ASN CB 30 -25.91 -110.19 -16.86
C ASN CB 30 -27.20 -110.48 -17.63
N SER CB 31 -27.86 -111.59 -17.29
CA SER CB 31 -29.09 -112.04 -17.94
C SER CB 31 -28.87 -112.36 -19.41
N GLU CB 32 -27.61 -112.57 -19.79
CA GLU CB 32 -27.23 -112.84 -21.17
C GLU CB 32 -26.44 -114.14 -21.25
N LEU CB 33 -26.56 -114.83 -22.39
CA LEU CB 33 -25.83 -116.05 -22.70
C LEU CB 33 -25.29 -115.87 -24.12
N ASN CB 34 -23.99 -115.66 -24.21
CA ASN CB 34 -23.34 -115.61 -25.51
C ASN CB 34 -22.84 -116.99 -25.90
N ALA CB 35 -23.10 -117.38 -27.14
CA ALA CB 35 -22.68 -118.69 -27.63
C ALA CB 35 -22.31 -118.56 -29.09
N TYR CB 36 -21.84 -119.65 -29.68
CA TYR CB 36 -21.45 -119.62 -31.08
C TYR CB 36 -21.81 -120.96 -31.71
N ILE CB 37 -22.23 -120.92 -32.96
CA ILE CB 37 -22.53 -122.13 -33.72
C ILE CB 37 -21.21 -122.66 -34.27
N ASP CB 38 -20.95 -123.94 -34.03
CA ASP CB 38 -19.67 -124.55 -34.38
C ASP CB 38 -19.82 -125.16 -35.77
N GLU CB 39 -19.21 -124.51 -36.76
CA GLU CB 39 -19.18 -125.01 -38.13
C GLU CB 39 -17.77 -125.34 -38.58
N GLY CB 40 -16.80 -125.31 -37.68
CA GLY CB 40 -15.41 -125.49 -38.06
C GLY CB 40 -14.90 -124.34 -38.90
N LEU CB 41 -15.21 -123.12 -38.47
CA LEU CB 41 -14.80 -121.90 -39.14
C LEU CB 41 -13.76 -121.17 -38.28
N SER CB 42 -13.30 -120.03 -38.78
CA SER CB 42 -12.35 -119.22 -38.06
C SER CB 42 -13.08 -118.30 -37.09
N PHE CB 43 -12.33 -117.73 -36.15
CA PHE CB 43 -12.94 -116.85 -35.14
C PHE CB 43 -13.56 -115.60 -35.76
N GLN CB 44 -12.94 -115.02 -36.76
CA GLN CB 44 -13.48 -113.85 -37.44
C GLN CB 44 -14.75 -114.14 -38.22
N ALA CB 45 -15.01 -115.39 -38.58
CA ALA CB 45 -16.24 -115.75 -39.25
C ALA CB 45 -16.88 -116.91 -38.47
N ARG CB 46 -17.62 -116.57 -37.43
CA ARG CB 46 -18.34 -117.53 -36.60
C ARG CB 46 -19.84 -117.33 -36.80
N LYS CB 47 -20.71 -117.95 -36.02
CA LYS CB 47 -22.14 -117.70 -36.10
C LYS CB 47 -22.65 -117.38 -34.69
N GLU CB 48 -21.99 -116.43 -34.03
CA GLU CB 48 -22.33 -116.08 -32.65
C GLU CB 48 -23.81 -115.77 -32.50
N VAL CB 49 -24.41 -116.27 -31.43
CA VAL CB 49 -25.80 -116.02 -31.10
C VAL CB 49 -25.90 -115.68 -29.61
N ALA CB 50 -26.66 -114.63 -29.30
CA ALA CB 50 -26.83 -114.15 -27.95
C ALA CB 50 -28.29 -114.31 -27.51
N PHE CB 51 -28.49 -114.95 -26.36
CA PHE CB 51 -29.79 -115.16 -25.75
C PHE CB 51 -29.90 -114.25 -24.54
N SER CB 52 -30.92 -113.41 -24.51
CA SER CB 52 -31.10 -112.47 -23.41
C SER CB 52 -32.51 -112.61 -22.86
N VAL CB 53 -32.65 -112.40 -21.56
CA VAL CB 53 -33.91 -112.53 -20.86
C VAL CB 53 -34.15 -111.29 -20.01
N LYS CB 54 -35.40 -110.79 -20.06
CA LYS CB 54 -35.84 -109.63 -19.31
C LYS CB 54 -37.10 -110.03 -18.55
N VAL CB 55 -36.93 -110.33 -17.26
CA VAL CB 55 -38.00 -110.84 -16.41
C VAL CB 55 -38.96 -109.71 -16.02
N PRO CB 56 -40.23 -110.01 -15.76
CA PRO CB 56 -41.18 -108.95 -15.41
C PRO CB 56 -40.96 -108.42 -14.00
N LYS CB 57 -41.29 -107.16 -13.82
CA LYS CB 57 -41.28 -106.51 -12.51
C LYS CB 57 -42.65 -105.90 -12.22
N VAL CB 58 -42.95 -105.73 -10.94
CA VAL CB 58 -44.25 -105.20 -10.54
C VAL CB 58 -44.38 -103.75 -11.00
N SER CB 59 -45.59 -103.37 -11.39
CA SER CB 59 -45.88 -102.02 -11.85
C SER CB 59 -47.25 -101.59 -11.35
N VAL CB 60 -47.63 -100.36 -11.66
CA VAL CB 60 -48.96 -99.87 -11.41
C VAL CB 60 -49.75 -99.69 -12.70
N SER CB 61 -49.11 -99.28 -13.78
CA SER CB 61 -49.61 -99.32 -15.14
C SER CB 61 -49.45 -100.75 -15.64
N ALA CB 62 -49.47 -100.93 -16.98
CA ALA CB 62 -49.29 -102.26 -17.55
C ALA CB 62 -50.45 -103.15 -17.14
N PRO CB 63 -51.58 -103.07 -17.84
CA PRO CB 63 -52.87 -103.46 -17.26
C PRO CB 63 -52.95 -104.93 -16.89
N GLY CB 64 -52.51 -105.22 -15.66
CA GLY CB 64 -52.25 -106.56 -15.20
C GLY CB 64 -51.14 -106.56 -14.18
N GLY CB 65 -50.51 -105.39 -14.00
CA GLY CB 65 -49.66 -105.17 -12.85
C GLY CB 65 -48.18 -105.36 -13.10
N PHE CB 66 -47.83 -106.11 -14.15
CA PHE CB 66 -46.44 -106.39 -14.44
C PHE CB 66 -46.08 -105.96 -15.86
N THR CB 67 -44.81 -105.60 -16.02
CA THR CB 67 -44.25 -105.40 -17.34
C THR CB 67 -44.15 -106.75 -18.05
N GLN CB 68 -43.99 -106.71 -19.37
CA GLN CB 68 -43.97 -107.94 -20.14
C GLN CB 68 -42.64 -108.66 -19.98
N ALA CB 69 -42.69 -109.98 -20.06
CA ALA CB 69 -41.50 -110.81 -20.06
C ALA CB 69 -40.93 -110.85 -21.48
N ARG CB 70 -39.66 -110.49 -21.62
CA ARG CB 70 -39.02 -110.40 -22.92
C ARG CB 70 -37.93 -111.46 -23.06
N SER CB 71 -37.87 -112.08 -24.25
CA SER CB 71 -36.84 -113.05 -24.58
C SER CB 71 -36.29 -112.68 -25.96
N THR CB 72 -35.01 -112.35 -26.02
CA THR CB 72 -34.40 -111.87 -27.25
C THR CB 72 -33.28 -112.80 -27.71
N VAL CB 73 -33.31 -113.13 -29.00
CA VAL CB 73 -32.23 -113.91 -29.60
C VAL CB 73 -31.65 -113.12 -30.77
N ILE CB 74 -30.34 -112.87 -30.74
CA ILE CB 74 -29.66 -112.21 -31.84
C ILE CB 74 -28.64 -113.16 -32.44
N LEU CB 75 -28.79 -113.44 -33.73
CA LEU CB 75 -27.87 -114.30 -34.47
C LEU CB 75 -27.00 -113.39 -35.33
N LYS CB 76 -25.68 -113.53 -35.19
CA LYS CB 76 -24.74 -112.70 -35.93
C LYS CB 76 -24.02 -113.52 -37.00
N SER CB 77 -23.99 -112.99 -38.21
CA SER CB 77 -23.38 -113.68 -39.35
C SER CB 77 -22.34 -112.76 -40.00
N PRO CB 78 -21.06 -112.94 -39.68
CA PRO CB 78 -20.02 -112.15 -40.35
C PRO CB 78 -19.93 -112.41 -41.84
N LYS CB 79 -20.00 -111.34 -42.62
CA LYS CB 79 -19.81 -111.37 -44.06
C LYS CB 79 -18.58 -110.55 -44.42
N THR CB 80 -17.85 -111.00 -45.45
CA THR CB 80 -16.68 -110.31 -45.95
C THR CB 80 -16.98 -109.76 -47.33
N LEU CB 81 -16.69 -108.48 -47.53
CA LEU CB 81 -17.12 -107.76 -48.71
C LEU CB 81 -16.08 -107.86 -49.82
N ALA CB 82 -16.39 -107.25 -50.96
CA ALA CB 82 -15.49 -107.28 -52.10
C ALA CB 82 -14.19 -106.55 -51.79
N ASN CB 83 -14.28 -105.37 -51.17
CA ASN CB 83 -13.08 -104.64 -50.77
C ASN CB 83 -12.29 -105.41 -49.73
N GLY CB 84 -12.98 -106.05 -48.78
CA GLY CB 84 -12.31 -106.83 -47.78
C GLY CB 84 -12.65 -106.41 -46.36
N ASN CB 85 -13.47 -105.38 -46.23
CA ASN CB 85 -13.97 -105.00 -44.92
C ASN CB 85 -14.96 -106.05 -44.42
N ARG CB 86 -15.04 -106.18 -43.10
CA ARG CB 86 -15.91 -107.16 -42.48
C ARG CB 86 -17.14 -106.49 -41.90
N THR CB 87 -18.31 -106.99 -42.28
CA THR CB 87 -19.57 -106.53 -41.70
C THR CB 87 -20.23 -107.72 -41.02
N VAL CB 88 -21.23 -107.44 -40.19
CA VAL CB 88 -21.99 -108.49 -39.51
C VAL CB 88 -23.45 -108.35 -39.91
N ASN CB 89 -24.04 -109.45 -40.36
CA ASN CB 89 -25.48 -109.51 -40.67
C ASN CB 89 -26.18 -110.16 -39.49
N THR CB 90 -27.15 -109.46 -38.92
CA THR CB 90 -27.81 -109.92 -37.71
C THR CB 90 -29.30 -110.18 -37.95
N VAL CB 91 -29.82 -111.14 -37.18
CA VAL CB 91 -31.26 -111.37 -37.10
C VAL CB 91 -31.68 -111.31 -35.64
N SER CB 92 -32.55 -110.37 -35.30
CA SER CB 92 -33.05 -110.27 -33.94
C SER CB 92 -34.45 -110.88 -33.86
N ILE CB 93 -34.70 -111.62 -32.78
CA ILE CB 93 -36.00 -112.22 -32.51
C ILE CB 93 -36.34 -111.86 -31.06
N GLN CB 94 -37.34 -111.01 -30.88
CA GLN CB 94 -37.74 -110.55 -29.56
C GLN CB 94 -39.19 -110.94 -29.32
N LEU CB 95 -39.42 -111.69 -28.24
CA LEU CB 95 -40.76 -112.13 -27.86
C LEU CB 95 -41.10 -111.43 -26.54
N SER CB 96 -42.20 -110.68 -26.55
CA SER CB 96 -42.70 -110.01 -25.36
C SER CB 96 -44.10 -110.55 -25.05
N VAL CB 97 -44.23 -111.23 -23.91
CA VAL CB 97 -45.52 -111.78 -23.50
C VAL CB 97 -45.86 -111.30 -22.10
N ASP CB 98 -47.13 -110.99 -21.90
CA ASP CB 98 -47.63 -110.74 -20.56
C ASP CB 98 -47.50 -112.02 -19.74
N PRO CB 99 -47.13 -111.91 -18.47
CA PRO CB 99 -46.89 -113.13 -17.66
C PRO CB 99 -48.12 -114.00 -17.51
N GLU CB 100 -49.33 -113.49 -17.76
CA GLU CB 100 -50.52 -114.34 -17.70
C GLU CB 100 -50.63 -115.27 -18.90
N THR CB 101 -49.80 -115.09 -19.92
CA THR CB 101 -49.92 -115.87 -21.15
C THR CB 101 -49.54 -117.32 -20.90
N THR CB 102 -50.39 -118.24 -21.36
CA THR CB 102 -50.15 -119.66 -21.19
C THR CB 102 -49.13 -120.15 -22.21
N ALA CB 103 -48.70 -121.40 -22.05
CA ALA CB 103 -47.67 -121.95 -22.92
C ALA CB 103 -48.21 -122.22 -24.32
N ALA CB 104 -49.51 -122.50 -24.45
CA ALA CB 104 -50.09 -122.76 -25.76
C ALA CB 104 -50.14 -121.50 -26.62
N GLU CB 105 -50.47 -120.35 -26.02
CA GLU CB 105 -50.48 -119.10 -26.78
C GLU CB 105 -49.08 -118.67 -27.18
N VAL CB 106 -48.08 -118.99 -26.36
CA VAL CB 106 -46.70 -118.72 -26.75
C VAL CB 106 -46.26 -119.66 -27.86
N THR CB 107 -46.66 -120.93 -27.78
CA THR CB 107 -46.34 -121.88 -28.84
C THR CB 107 -46.94 -121.47 -30.17
N THR CB 108 -48.20 -121.03 -30.16
CA THR CB 108 -48.84 -120.57 -31.39
C THR CB 108 -48.10 -119.37 -31.98
N MET CB 109 -47.74 -118.42 -31.13
CA MET CB 109 -47.02 -117.23 -31.58
C MET CB 109 -45.67 -117.61 -32.18
N LEU CB 110 -44.94 -118.50 -31.51
CA LEU CB 110 -43.64 -118.94 -32.00
C LEU CB 110 -43.76 -119.64 -33.35
N ASN CB 111 -44.75 -120.53 -33.48
CA ASN CB 111 -44.90 -121.26 -34.72
C ASN CB 111 -45.30 -120.35 -35.87
N ALA CB 112 -46.21 -119.39 -35.63
CA ALA CB 112 -46.58 -118.46 -36.68
C ALA CB 112 -45.41 -117.57 -37.07
N ALA CB 113 -44.63 -117.09 -36.09
CA ALA CB 113 -43.48 -116.27 -36.39
C ALA CB 113 -42.41 -117.06 -37.15
N ALA CB 114 -42.32 -118.36 -36.91
CA ALA CB 114 -41.35 -119.18 -37.64
C ALA CB 114 -41.67 -119.22 -39.12
N GLN CB 115 -42.94 -119.48 -39.46
CA GLN CB 115 -43.34 -119.45 -40.86
C GLN CB 115 -43.29 -118.04 -41.43
N LEU CB 116 -43.36 -117.00 -40.60
CA LEU CB 116 -43.24 -115.65 -41.11
C LEU CB 116 -41.88 -115.40 -41.76
N LEU CB 117 -40.85 -116.16 -41.39
CA LEU CB 117 -39.52 -115.94 -41.95
C LEU CB 117 -38.95 -117.18 -42.65
N PHE CB 118 -39.79 -118.16 -42.99
CA PHE CB 118 -39.32 -119.19 -43.92
C PHE CB 118 -40.33 -119.55 -45.01
N ASP CB 119 -41.56 -119.05 -44.98
CA ASP CB 119 -42.52 -119.34 -46.04
C ASP CB 119 -42.06 -118.72 -47.36
N SER CB 120 -42.45 -119.37 -48.47
CA SER CB 120 -41.87 -119.04 -49.77
C SER CB 120 -42.29 -117.65 -50.24
N ASP CB 121 -43.43 -117.15 -49.76
CA ASP CB 121 -43.92 -115.85 -50.19
C ASP CB 121 -43.02 -114.73 -49.66
N TYR CB 122 -42.89 -114.67 -48.33
CA TYR CB 122 -42.16 -113.61 -47.66
C TYR CB 122 -40.69 -113.62 -48.07
N SER CB 123 -40.30 -114.60 -48.88
CA SER CB 123 -38.97 -114.60 -49.47
C SER CB 123 -38.69 -113.29 -50.20
N ASP CB 124 -39.70 -112.74 -50.89
CA ASP CB 124 -39.47 -111.45 -51.55
C ASP CB 124 -39.37 -110.30 -50.57
N PHE CB 125 -40.01 -110.39 -49.41
CA PHE CB 125 -39.92 -109.34 -48.42
C PHE CB 125 -38.57 -109.33 -47.70
N TRP CB 126 -38.02 -110.49 -47.38
CA TRP CB 126 -36.76 -110.57 -46.66
C TRP CB 126 -35.57 -110.28 -47.56
N LYS CB 127 -35.56 -110.80 -48.78
CA LYS CB 127 -34.43 -110.63 -49.69
C LYS CB 127 -34.57 -109.39 -50.56
N ALA CB 128 -35.65 -109.29 -51.33
CA ALA CB 128 -35.84 -108.16 -52.22
C ALA CB 128 -36.34 -106.91 -51.52
N GLN CB 129 -36.75 -107.02 -50.25
CA GLN CB 129 -37.28 -105.89 -49.49
C GLN CB 129 -38.54 -105.33 -50.15
N ALA CB 130 -39.38 -106.25 -50.63
CA ALA CB 130 -40.55 -105.93 -51.44
C ALA CB 130 -41.82 -106.14 -50.62
N LEU CB 131 -42.52 -105.03 -50.32
CA LEU CB 131 -43.73 -105.10 -49.52
C LEU CB 131 -44.85 -105.79 -50.26
N ALA CB 132 -44.87 -105.71 -51.58
CA ALA CB 132 -45.84 -106.45 -52.37
C ALA CB 132 -45.20 -107.08 -53.59
N ALA DB 1 -30.91 -127.32 -23.19
CA ALA DB 1 -31.43 -126.08 -23.77
C ALA DB 1 -30.33 -125.34 -24.52
N ILE DB 2 -30.19 -124.05 -24.21
CA ILE DB 2 -29.09 -123.27 -24.78
C ILE DB 2 -27.80 -123.64 -24.06
N ALA DB 3 -27.02 -124.53 -24.67
CA ALA DB 3 -25.82 -125.06 -24.04
C ALA DB 3 -25.12 -126.02 -24.99
N ASN DB 4 -25.82 -127.06 -25.42
CA ASN DB 4 -25.29 -128.06 -26.35
C ASN DB 4 -26.30 -128.35 -27.45
N SER DB 5 -27.19 -127.40 -27.73
CA SER DB 5 -28.25 -127.62 -28.70
C SER DB 5 -27.69 -127.71 -30.11
N SER DB 6 -28.38 -128.46 -30.96
CA SER DB 6 -27.98 -128.66 -32.35
C SER DB 6 -28.96 -127.91 -33.26
N ILE DB 7 -28.41 -127.22 -34.25
CA ILE DB 7 -29.19 -126.50 -35.24
C ILE DB 7 -28.72 -126.92 -36.63
N ALA DB 8 -29.67 -127.30 -37.49
CA ALA DB 8 -29.35 -127.82 -38.81
C ALA DB 8 -29.17 -126.66 -39.78
N ILE DB 9 -27.93 -126.30 -40.05
CA ILE DB 9 -27.61 -125.18 -40.93
C ILE DB 9 -27.88 -125.57 -42.38
N ASP DB 10 -28.50 -124.65 -43.12
CA ASP DB 10 -28.80 -124.82 -44.54
C ASP DB 10 -29.66 -126.05 -44.79
N SER DB 11 -30.72 -126.18 -44.00
CA SER DB 11 -31.70 -127.23 -44.15
C SER DB 11 -33.00 -126.65 -44.70
N THR DB 12 -34.00 -127.51 -44.87
CA THR DB 12 -35.31 -127.12 -45.36
C THR DB 12 -36.32 -127.24 -44.24
N ALA DB 13 -37.00 -126.14 -43.92
CA ALA DB 13 -37.99 -126.10 -42.87
C ALA DB 13 -39.39 -126.13 -43.48
N SER DB 14 -40.26 -126.98 -42.94
CA SER DB 14 -41.60 -127.14 -43.44
C SER DB 14 -42.58 -127.16 -42.28
N VAL DB 15 -43.87 -127.26 -42.61
CA VAL DB 15 -44.96 -127.24 -41.65
C VAL DB 15 -45.97 -128.32 -42.03
N THR DB 16 -46.45 -129.04 -41.02
CA THR DB 16 -47.51 -130.04 -41.21
C THR DB 16 -48.62 -129.78 -40.21
N GLY DB 17 -49.83 -130.18 -40.57
CA GLY DB 17 -50.97 -129.95 -39.70
C GLY DB 17 -51.38 -128.49 -39.67
N GLY DB 18 -52.20 -128.16 -38.68
CA GLY DB 18 -52.64 -126.79 -38.49
C GLY DB 18 -53.78 -126.40 -39.41
N THR DB 19 -54.16 -125.12 -39.31
CA THR DB 19 -55.18 -124.53 -40.14
C THR DB 19 -54.57 -123.39 -40.95
N ALA DB 20 -54.87 -123.39 -42.25
CA ALA DB 20 -54.30 -122.43 -43.19
C ALA DB 20 -55.15 -121.17 -43.17
N ARG DB 21 -54.55 -120.07 -42.71
CA ARG DB 21 -55.19 -118.77 -42.76
C ARG DB 21 -54.59 -117.92 -43.87
N THR DB 22 -55.34 -116.91 -44.30
CA THR DB 22 -55.01 -116.23 -45.55
C THR DB 22 -54.07 -115.05 -45.34
N VAL DB 23 -54.24 -114.31 -44.24
CA VAL DB 23 -53.55 -113.05 -44.00
C VAL DB 23 -54.09 -112.01 -44.97
N LYS DB 24 -54.61 -110.90 -44.45
CA LYS DB 24 -55.30 -109.90 -45.26
C LYS DB 24 -54.68 -108.55 -44.96
N GLU DB 25 -54.35 -107.79 -46.00
CA GLU DB 25 -53.74 -106.49 -45.80
C GLU DB 25 -54.77 -105.49 -45.29
N LEU DB 26 -54.37 -104.69 -44.30
CA LEU DB 26 -55.23 -103.63 -43.78
C LEU DB 26 -54.89 -102.26 -44.38
N VAL DB 27 -53.68 -101.78 -44.12
CA VAL DB 27 -53.29 -100.40 -44.40
C VAL DB 27 -51.85 -100.40 -44.88
N ARG DB 28 -51.58 -99.52 -45.83
CA ARG DB 28 -50.27 -99.42 -46.46
C ARG DB 28 -49.72 -98.02 -46.22
N ASN DB 29 -48.54 -97.76 -46.77
CA ASN DB 29 -47.90 -96.45 -46.77
C ASN DB 29 -47.37 -96.07 -45.39
N ASN DB 30 -46.09 -95.70 -45.33
CA ASN DB 30 -45.18 -95.81 -46.46
C ASN DB 30 -43.95 -96.60 -46.04
N SER DB 31 -43.56 -97.56 -46.88
CA SER DB 31 -42.53 -98.53 -46.53
C SER DB 31 -42.92 -99.26 -45.25
N GLU DB 32 -44.22 -99.54 -45.14
CA GLU DB 32 -44.79 -100.14 -43.94
C GLU DB 32 -46.13 -100.78 -44.29
N LEU DB 33 -46.20 -102.11 -44.21
CA LEU DB 33 -47.45 -102.80 -44.51
C LEU DB 33 -48.08 -103.34 -43.24
N ASN DB 34 -49.40 -103.22 -43.16
CA ASN DB 34 -50.16 -103.74 -42.03
C ASN DB 34 -51.16 -104.77 -42.55
N ALA DB 35 -51.17 -105.94 -41.94
CA ALA DB 35 -52.06 -107.01 -42.36
C ALA DB 35 -52.63 -107.66 -41.11
N TYR DB 36 -53.44 -108.70 -41.31
CA TYR DB 36 -53.98 -109.45 -40.19
C TYR DB 36 -54.26 -110.86 -40.64
N ILE DB 37 -54.05 -111.83 -39.75
CA ILE DB 37 -54.31 -113.23 -40.05
C ILE DB 37 -55.79 -113.49 -39.80
N ASP DB 38 -56.53 -113.78 -40.85
CA ASP DB 38 -57.98 -113.96 -40.77
C ASP DB 38 -58.29 -115.39 -40.34
N GLU DB 39 -58.78 -115.55 -39.11
CA GLU DB 39 -59.17 -116.84 -38.58
C GLU DB 39 -60.58 -116.81 -38.02
N GLY DB 40 -61.43 -115.94 -38.56
CA GLY DB 40 -62.80 -115.83 -38.09
C GLY DB 40 -62.93 -115.34 -36.66
N LEU DB 41 -62.09 -114.39 -36.26
CA LEU DB 41 -62.12 -113.82 -34.93
C LEU DB 41 -62.65 -112.39 -34.99
N SER DB 42 -62.88 -111.80 -33.82
CA SER DB 42 -63.42 -110.46 -33.74
C SER DB 42 -62.33 -109.42 -34.03
N PHE DB 43 -62.75 -108.15 -34.05
CA PHE DB 43 -61.82 -107.07 -34.37
C PHE DB 43 -60.77 -106.87 -33.29
N GLN DB 44 -61.14 -107.10 -32.03
CA GLN DB 44 -60.19 -106.91 -30.94
C GLN DB 44 -59.32 -108.14 -30.68
N ALA DB 45 -59.65 -109.28 -31.25
CA ALA DB 45 -58.96 -110.53 -30.97
C ALA DB 45 -58.23 -111.07 -32.20
N ARG DB 46 -58.00 -110.23 -33.20
CA ARG DB 46 -57.34 -110.68 -34.41
C ARG DB 46 -55.83 -110.52 -34.31
N LYS DB 47 -55.11 -111.31 -35.10
CA LYS DB 47 -53.66 -111.43 -35.04
C LYS DB 47 -52.92 -110.13 -35.38
N GLU DB 48 -53.09 -109.61 -36.60
CA GLU DB 48 -52.51 -108.34 -37.01
C GLU DB 48 -50.98 -108.27 -37.04
N VAL DB 49 -50.36 -108.95 -38.00
CA VAL DB 49 -48.92 -108.85 -38.24
C VAL DB 49 -48.63 -107.64 -39.12
N ALA DB 50 -47.59 -106.88 -38.78
CA ALA DB 50 -47.15 -105.72 -39.52
C ALA DB 50 -45.76 -105.94 -40.13
N PHE DB 51 -45.55 -105.35 -41.31
CA PHE DB 51 -44.33 -105.51 -42.09
C PHE DB 51 -43.69 -104.15 -42.36
N SER DB 52 -42.53 -103.90 -41.76
CA SER DB 52 -41.80 -102.67 -41.98
C SER DB 52 -40.59 -102.93 -42.86
N VAL DB 53 -40.00 -101.84 -43.37
CA VAL DB 53 -38.85 -101.95 -44.28
C VAL DB 53 -38.01 -100.68 -44.20
N LYS DB 54 -36.69 -100.85 -44.22
CA LYS DB 54 -35.74 -99.73 -44.27
C LYS DB 54 -34.77 -100.01 -45.41
N VAL DB 55 -34.85 -99.18 -46.46
CA VAL DB 55 -34.03 -99.43 -47.65
C VAL DB 55 -32.58 -99.08 -47.36
N PRO DB 56 -31.61 -99.65 -48.07
CA PRO DB 56 -30.20 -99.29 -47.82
C PRO DB 56 -29.93 -97.86 -48.22
N LYS DB 57 -29.37 -97.09 -47.30
CA LYS DB 57 -29.05 -95.69 -47.53
C LYS DB 57 -27.56 -95.56 -47.80
N VAL DB 58 -27.22 -94.83 -48.85
CA VAL DB 58 -25.81 -94.71 -49.26
C VAL DB 58 -25.10 -93.78 -48.29
N SER DB 59 -24.36 -94.37 -47.35
CA SER DB 59 -23.53 -93.62 -46.41
C SER DB 59 -22.12 -93.50 -46.97
N VAL DB 60 -21.16 -93.11 -46.12
CA VAL DB 60 -19.77 -93.01 -46.54
C VAL DB 60 -18.89 -93.88 -45.66
N SER DB 61 -19.01 -93.70 -44.35
CA SER DB 61 -18.14 -94.38 -43.39
C SER DB 61 -18.79 -95.69 -42.92
N ALA DB 62 -19.03 -96.57 -43.88
CA ALA DB 62 -19.62 -97.86 -43.58
C ALA DB 62 -18.97 -98.94 -44.44
N PRO DB 63 -18.95 -100.18 -44.00
CA PRO DB 63 -18.50 -101.27 -44.87
C PRO DB 63 -19.34 -101.34 -46.14
N GLY DB 64 -18.67 -101.49 -47.28
CA GLY DB 64 -19.37 -101.59 -48.54
C GLY DB 64 -19.77 -100.24 -49.11
N GLY DB 65 -20.09 -99.30 -48.23
CA GLY DB 65 -20.45 -97.96 -48.64
C GLY DB 65 -21.81 -97.52 -48.14
N PHE DB 66 -22.80 -98.41 -48.16
CA PHE DB 66 -24.15 -98.03 -47.79
C PHE DB 66 -24.45 -98.49 -46.36
N THR DB 67 -25.58 -98.04 -45.83
CA THR DB 67 -26.12 -98.61 -44.61
C THR DB 67 -26.84 -99.91 -44.93
N GLN DB 68 -27.30 -100.57 -43.87
CA GLN DB 68 -27.83 -101.92 -44.02
C GLN DB 68 -29.29 -101.91 -44.45
N ALA DB 69 -29.71 -102.99 -45.09
CA ALA DB 69 -31.09 -103.19 -45.52
C ALA DB 69 -31.86 -103.83 -44.37
N ARG DB 70 -32.59 -103.00 -43.63
CA ARG DB 70 -33.37 -103.49 -42.49
C ARG DB 70 -34.77 -103.90 -42.93
N SER DB 71 -35.26 -105.00 -42.36
CA SER DB 71 -36.57 -105.53 -42.70
C SER DB 71 -37.18 -106.09 -41.41
N THR DB 72 -38.28 -105.48 -40.97
CA THR DB 72 -38.88 -105.82 -39.69
C THR DB 72 -40.28 -106.40 -39.87
N VAL DB 73 -40.59 -107.40 -39.04
CA VAL DB 73 -41.93 -107.97 -38.96
C VAL DB 73 -42.30 -107.98 -37.47
N ILE DB 74 -43.50 -107.52 -37.15
CA ILE DB 74 -44.02 -107.62 -35.79
C ILE DB 74 -45.36 -108.35 -35.83
N LEU DB 75 -45.40 -109.53 -35.24
CA LEU DB 75 -46.65 -110.27 -35.08
C LEU DB 75 -47.25 -109.86 -33.74
N LYS DB 76 -48.49 -109.38 -33.77
CA LYS DB 76 -49.21 -109.02 -32.56
C LYS DB 76 -50.19 -110.12 -32.21
N SER DB 77 -50.58 -110.18 -30.94
CA SER DB 77 -51.50 -111.21 -30.45
C SER DB 77 -52.24 -110.67 -29.24
N PRO DB 78 -53.53 -110.34 -29.39
CA PRO DB 78 -54.29 -109.82 -28.25
C PRO DB 78 -54.49 -110.88 -27.19
N LYS DB 79 -54.64 -110.43 -25.95
CA LYS DB 79 -54.94 -111.34 -24.85
C LYS DB 79 -55.68 -110.56 -23.77
N THR DB 80 -56.76 -111.15 -23.26
CA THR DB 80 -57.51 -110.55 -22.17
C THR DB 80 -57.09 -111.19 -20.85
N LEU DB 81 -56.99 -110.37 -19.81
CA LEU DB 81 -56.41 -110.80 -18.55
C LEU DB 81 -57.50 -111.23 -17.57
N ALA DB 82 -57.06 -111.67 -16.39
CA ALA DB 82 -57.97 -112.11 -15.33
C ALA DB 82 -58.73 -110.97 -14.69
N ASN DB 83 -58.33 -109.72 -14.94
CA ASN DB 83 -59.07 -108.56 -14.47
C ASN DB 83 -59.92 -107.92 -15.56
N GLY DB 84 -59.93 -108.50 -16.76
CA GLY DB 84 -60.73 -107.98 -17.86
C GLY DB 84 -60.01 -107.02 -18.78
N ASN DB 85 -58.81 -106.59 -18.44
CA ASN DB 85 -58.05 -105.69 -19.29
C ASN DB 85 -57.50 -106.42 -20.51
N ARG DB 86 -57.22 -105.66 -21.56
CA ARG DB 86 -56.69 -106.19 -22.81
C ARG DB 86 -55.25 -105.75 -22.96
N THR DB 87 -54.37 -106.68 -23.31
CA THR DB 87 -52.98 -106.41 -23.61
C THR DB 87 -52.58 -107.11 -24.90
N VAL DB 88 -51.36 -106.85 -25.37
CA VAL DB 88 -50.87 -107.41 -26.61
C VAL DB 88 -49.52 -108.08 -26.35
N ASN DB 89 -49.37 -109.31 -26.83
CA ASN DB 89 -48.08 -109.99 -26.88
C ASN DB 89 -47.52 -109.82 -28.28
N THR DB 90 -46.21 -109.68 -28.39
CA THR DB 90 -45.59 -109.41 -29.68
C THR DB 90 -44.42 -110.34 -29.93
N VAL DB 91 -44.20 -110.64 -31.21
CA VAL DB 91 -42.95 -111.24 -31.68
C VAL DB 91 -42.35 -110.29 -32.71
N SER DB 92 -41.14 -109.81 -32.46
CA SER DB 92 -40.47 -108.90 -33.37
C SER DB 92 -39.27 -109.60 -34.01
N ILE DB 93 -39.21 -109.57 -35.34
CA ILE DB 93 -38.15 -110.18 -36.11
C ILE DB 93 -37.56 -109.10 -37.00
N GLN DB 94 -36.29 -108.75 -36.76
CA GLN DB 94 -35.59 -107.78 -37.59
C GLN DB 94 -34.43 -108.47 -38.31
N LEU DB 95 -34.41 -108.33 -39.63
CA LEU DB 95 -33.32 -108.84 -40.46
C LEU DB 95 -32.53 -107.63 -40.94
N SER DB 96 -31.23 -107.62 -40.64
CA SER DB 96 -30.36 -106.50 -40.96
C SER DB 96 -29.13 -107.04 -41.67
N VAL DB 97 -29.16 -107.02 -43.00
CA VAL DB 97 -28.05 -107.49 -43.80
C VAL DB 97 -27.46 -106.33 -44.58
N ASP DB 98 -26.22 -106.50 -45.04
CA ASP DB 98 -25.60 -105.55 -45.93
C ASP DB 98 -26.14 -105.75 -47.34
N PRO DB 99 -26.20 -104.69 -48.15
CA PRO DB 99 -26.76 -104.84 -49.50
C PRO DB 99 -26.01 -105.82 -50.38
N GLU DB 100 -24.72 -106.04 -50.13
CA GLU DB 100 -23.91 -106.97 -50.89
C GLU DB 100 -24.23 -108.43 -50.58
N THR DB 101 -25.05 -108.69 -49.58
CA THR DB 101 -25.41 -110.05 -49.21
C THR DB 101 -26.22 -110.72 -50.30
N THR DB 102 -25.91 -111.99 -50.56
CA THR DB 102 -26.63 -112.77 -51.55
C THR DB 102 -27.89 -113.39 -50.95
N ALA DB 103 -28.74 -113.90 -51.84
CA ALA DB 103 -30.00 -114.49 -51.40
C ALA DB 103 -29.77 -115.76 -50.59
N ALA DB 104 -28.76 -116.55 -50.98
CA ALA DB 104 -28.48 -117.80 -50.27
C ALA DB 104 -28.01 -117.55 -48.84
N GLU DB 105 -27.18 -116.53 -48.63
CA GLU DB 105 -26.79 -116.16 -47.28
C GLU DB 105 -28.00 -115.74 -46.45
N VAL DB 106 -28.91 -114.99 -47.06
CA VAL DB 106 -30.08 -114.51 -46.33
C VAL DB 106 -31.01 -115.67 -45.97
N THR DB 107 -31.17 -116.63 -46.88
CA THR DB 107 -32.06 -117.73 -46.59
C THR DB 107 -31.42 -118.67 -45.56
N THR DB 108 -30.09 -118.74 -45.54
CA THR DB 108 -29.42 -119.49 -44.48
C THR DB 108 -29.65 -118.83 -43.12
N MET DB 109 -29.50 -117.50 -43.06
CA MET DB 109 -29.77 -116.79 -41.81
C MET DB 109 -31.21 -116.98 -41.36
N LEU DB 110 -32.15 -116.89 -42.30
CA LEU DB 110 -33.56 -117.04 -41.96
C LEU DB 110 -33.86 -118.45 -41.48
N ASN DB 111 -33.24 -119.45 -42.10
CA ASN DB 111 -33.44 -120.83 -41.64
C ASN DB 111 -32.92 -121.03 -40.24
N ALA DB 112 -31.74 -120.48 -39.93
CA ALA DB 112 -31.19 -120.60 -38.59
C ALA DB 112 -32.08 -119.88 -37.56
N ALA DB 113 -32.52 -118.68 -37.91
CA ALA DB 113 -33.36 -117.91 -36.99
C ALA DB 113 -34.70 -118.58 -36.76
N ALA DB 114 -35.31 -119.14 -37.81
CA ALA DB 114 -36.55 -119.88 -37.65
C ALA DB 114 -36.35 -121.12 -36.81
N GLN DB 115 -35.21 -121.81 -37.00
CA GLN DB 115 -34.89 -122.97 -36.17
C GLN DB 115 -34.83 -122.57 -34.70
N LEU DB 116 -34.26 -121.40 -34.41
CA LEU DB 116 -34.23 -120.92 -33.03
C LEU DB 116 -35.55 -120.22 -32.69
N LEU DB 117 -36.65 -120.83 -33.11
CA LEU DB 117 -37.97 -120.36 -32.73
C LEU DB 117 -38.89 -121.51 -32.36
N PHE DB 118 -38.71 -122.65 -33.03
CA PHE DB 118 -39.58 -123.79 -32.86
C PHE DB 118 -38.87 -125.06 -32.46
N ASP DB 119 -37.53 -125.07 -32.46
CA ASP DB 119 -36.79 -126.24 -32.01
C ASP DB 119 -37.09 -126.52 -30.55
N SER DB 120 -37.31 -127.80 -30.23
CA SER DB 120 -37.73 -128.19 -28.89
C SER DB 120 -36.67 -127.86 -27.86
N ASP DB 121 -35.41 -127.72 -28.30
CA ASP DB 121 -34.32 -127.39 -27.41
C ASP DB 121 -34.52 -126.04 -26.75
N TYR DB 122 -34.97 -125.07 -27.54
CA TYR DB 122 -35.28 -123.74 -27.02
C TYR DB 122 -36.76 -123.59 -26.74
N SER DB 123 -37.28 -124.32 -25.76
CA SER DB 123 -38.67 -124.16 -25.37
C SER DB 123 -38.75 -123.54 -23.99
N ASP DB 124 -37.92 -124.02 -23.06
CA ASP DB 124 -37.85 -123.42 -21.73
C ASP DB 124 -37.38 -121.98 -21.80
N PHE DB 125 -36.61 -121.62 -22.84
CA PHE DB 125 -36.15 -120.25 -22.98
C PHE DB 125 -37.26 -119.27 -23.33
N TRP DB 126 -38.22 -119.68 -24.15
CA TRP DB 126 -39.29 -118.78 -24.57
C TRP DB 126 -40.43 -118.75 -23.56
N LYS DB 127 -40.87 -119.91 -23.11
CA LYS DB 127 -42.02 -119.97 -22.21
C LYS DB 127 -41.60 -119.82 -20.76
N ALA DB 128 -40.66 -120.63 -20.31
CA ALA DB 128 -40.21 -120.55 -18.91
C ALA DB 128 -39.20 -119.44 -18.71
N GLN DB 129 -38.72 -118.80 -19.78
CA GLN DB 129 -37.71 -117.74 -19.70
C GLN DB 129 -36.44 -118.24 -19.00
N ALA DB 130 -36.09 -119.49 -19.26
CA ALA DB 130 -34.97 -120.16 -18.60
C ALA DB 130 -33.75 -120.14 -19.51
N LEU DB 131 -32.74 -119.38 -19.13
CA LEU DB 131 -31.51 -119.27 -19.91
C LEU DB 131 -30.74 -120.59 -19.96
N ALA DB 132 -30.95 -121.45 -18.97
CA ALA DB 132 -30.25 -122.73 -18.95
C ALA DB 132 -31.03 -123.80 -18.19
N ALA EB 1 18.92 -129.75 -14.92
CA ALA EB 1 18.47 -128.38 -14.66
C ALA EB 1 17.95 -127.72 -15.92
N ILE EB 2 17.85 -126.39 -15.89
CA ILE EB 2 17.28 -125.65 -17.02
C ILE EB 2 18.15 -125.82 -18.26
N ALA EB 3 19.47 -125.68 -18.10
CA ALA EB 3 20.38 -125.84 -19.23
C ALA EB 3 20.38 -127.28 -19.73
N ASN EB 4 20.22 -127.44 -21.04
CA ASN EB 4 20.20 -128.76 -21.69
C ASN EB 4 19.06 -129.64 -21.18
N SER EB 5 17.97 -129.00 -20.75
CA SER EB 5 16.75 -129.71 -20.40
C SER EB 5 16.00 -130.07 -21.67
N SER EB 6 15.43 -131.25 -21.71
CA SER EB 6 14.72 -131.72 -22.89
C SER EB 6 13.20 -131.62 -22.68
N ILE EB 7 12.51 -131.13 -23.70
CA ILE EB 7 11.06 -131.03 -23.69
C ILE EB 7 10.53 -131.73 -24.92
N ALA EB 8 9.52 -132.58 -24.72
CA ALA EB 8 8.94 -133.36 -25.82
C ALA EB 8 7.79 -132.57 -26.44
N ILE EB 9 8.04 -131.98 -27.60
CA ILE EB 9 7.06 -131.14 -28.27
C ILE EB 9 5.99 -132.02 -28.92
N ASP EB 10 4.74 -131.55 -28.87
CA ASP EB 10 3.59 -132.23 -29.46
C ASP EB 10 3.43 -133.64 -28.86
N SER EB 11 3.13 -133.63 -27.56
CA SER EB 11 3.09 -134.86 -26.79
C SER EB 11 1.78 -134.98 -26.04
N THR EB 12 1.39 -136.22 -25.75
CA THR EB 12 0.24 -136.45 -24.90
C THR EB 12 0.69 -136.48 -23.45
N ALA EB 13 -0.01 -135.71 -22.61
CA ALA EB 13 0.30 -135.62 -21.19
C ALA EB 13 -0.73 -136.43 -20.42
N SER EB 14 -0.28 -137.52 -19.80
CA SER EB 14 -1.14 -138.33 -18.97
C SER EB 14 -0.98 -137.91 -17.51
N VAL EB 15 -1.78 -138.53 -16.64
CA VAL EB 15 -1.64 -138.32 -15.20
C VAL EB 15 -2.20 -139.54 -14.48
N THR EB 16 -1.40 -140.13 -13.59
CA THR EB 16 -1.83 -141.30 -12.83
C THR EB 16 -1.30 -141.17 -11.41
N GLY EB 17 -2.08 -140.51 -10.55
CA GLY EB 17 -1.77 -140.51 -9.12
C GLY EB 17 -2.94 -140.87 -8.22
N GLY EB 18 -4.16 -140.71 -8.75
CA GLY EB 18 -5.34 -140.91 -7.94
C GLY EB 18 -5.83 -139.63 -7.29
N THR EB 19 -6.67 -139.76 -6.27
CA THR EB 19 -7.26 -138.63 -5.54
C THR EB 19 -8.01 -137.70 -6.50
N ALA EB 20 -9.06 -138.25 -7.12
CA ALA EB 20 -9.83 -137.51 -8.10
C ALA EB 20 -10.77 -136.51 -7.43
N ARG EB 21 -10.28 -135.31 -7.20
CA ARG EB 21 -11.09 -134.25 -6.62
C ARG EB 21 -12.06 -133.70 -7.67
N THR EB 22 -12.85 -132.70 -7.27
CA THR EB 22 -13.86 -132.11 -8.13
C THR EB 22 -13.81 -130.60 -8.02
N VAL EB 23 -13.75 -129.94 -9.18
CA VAL EB 23 -13.82 -128.48 -9.22
C VAL EB 23 -15.29 -128.09 -9.20
N LYS EB 24 -15.70 -127.40 -8.13
CA LYS EB 24 -17.06 -126.89 -8.01
C LYS EB 24 -17.03 -125.38 -8.10
N GLU EB 25 -17.91 -124.82 -8.93
CA GLU EB 25 -17.89 -123.38 -9.11
C GLU EB 25 -18.54 -122.68 -7.93
N LEU EB 26 -18.08 -121.46 -7.67
CA LEU EB 26 -18.60 -120.67 -6.55
C LEU EB 26 -19.40 -119.48 -7.07
N VAL EB 27 -18.78 -118.57 -7.82
CA VAL EB 27 -19.44 -117.37 -8.32
C VAL EB 27 -19.03 -117.17 -9.77
N ARG EB 28 -19.52 -116.08 -10.37
CA ARG EB 28 -19.19 -115.78 -11.75
C ARG EB 28 -18.65 -114.38 -11.96
N ASN EB 29 -19.14 -113.39 -11.20
CA ASN EB 29 -18.91 -111.96 -11.43
C ASN EB 29 -18.63 -111.60 -12.89
N ASN EB 30 -17.72 -110.67 -13.12
CA ASN EB 30 -17.55 -110.03 -14.43
C ASN EB 30 -16.60 -110.85 -15.29
N SER EB 31 -17.15 -111.62 -16.22
CA SER EB 31 -16.38 -112.37 -17.21
C SER EB 31 -15.32 -113.24 -16.54
N GLU EB 32 -15.69 -113.84 -15.42
CA GLU EB 32 -14.79 -114.60 -14.59
C GLU EB 32 -15.51 -115.87 -14.16
N LEU EB 33 -14.77 -116.76 -13.49
CA LEU EB 33 -15.37 -117.96 -12.93
C LEU EB 33 -14.56 -118.43 -11.73
N ASN EB 34 -15.01 -118.11 -10.53
CA ASN EB 34 -14.31 -118.51 -9.33
C ASN EB 34 -14.84 -119.85 -8.87
N ALA EB 35 -13.97 -120.85 -8.79
CA ALA EB 35 -14.32 -122.18 -8.36
C ALA EB 35 -13.45 -122.58 -7.18
N TYR EB 36 -13.58 -123.83 -6.75
CA TYR EB 36 -12.77 -124.36 -5.65
C TYR EB 36 -12.70 -125.87 -5.79
N ILE EB 37 -11.61 -126.45 -5.28
CA ILE EB 37 -11.41 -127.89 -5.35
C ILE EB 37 -11.96 -128.51 -4.08
N ASP EB 38 -12.85 -129.49 -4.24
CA ASP EB 38 -13.54 -130.10 -3.11
C ASP EB 38 -12.73 -131.29 -2.61
N GLU EB 39 -11.80 -131.00 -1.69
CA GLU EB 39 -11.01 -132.03 -1.03
C GLU EB 39 -11.44 -132.28 0.42
N GLY EB 40 -12.51 -131.65 0.87
CA GLY EB 40 -12.99 -131.80 2.21
C GLY EB 40 -12.31 -130.95 3.26
N LEU EB 41 -11.59 -129.90 2.87
CA LEU EB 41 -10.88 -129.06 3.80
C LEU EB 41 -11.83 -128.05 4.44
N SER EB 42 -11.28 -127.13 5.23
CA SER EB 42 -12.08 -126.10 5.85
C SER EB 42 -12.54 -125.08 4.81
N PHE EB 43 -13.34 -124.11 5.28
CA PHE EB 43 -13.90 -123.12 4.37
C PHE EB 43 -12.85 -122.13 3.91
N GLN EB 44 -12.03 -121.62 4.84
CA GLN EB 44 -10.93 -120.73 4.48
C GLN EB 44 -9.61 -121.48 4.42
N ALA EB 45 -9.66 -122.76 4.06
CA ALA EB 45 -8.44 -123.52 3.82
C ALA EB 45 -8.52 -124.31 2.52
N ARG EB 46 -9.61 -124.17 1.75
CA ARG EB 46 -9.77 -124.90 0.50
C ARG EB 46 -8.96 -124.25 -0.61
N LYS EB 47 -8.71 -125.00 -1.68
CA LYS EB 47 -7.98 -124.47 -2.83
C LYS EB 47 -9.00 -123.94 -3.83
N GLU EB 48 -9.01 -122.62 -4.04
CA GLU EB 48 -9.91 -121.98 -4.99
C GLU EB 48 -9.11 -121.65 -6.25
N VAL EB 49 -9.64 -122.06 -7.40
CA VAL EB 49 -9.03 -121.71 -8.67
C VAL EB 49 -9.98 -120.83 -9.47
N ALA EB 50 -9.48 -119.68 -9.92
CA ALA EB 50 -10.25 -118.71 -10.66
C ALA EB 50 -9.87 -118.72 -12.14
N PHE EB 51 -10.89 -118.75 -12.99
CA PHE EB 51 -10.76 -118.70 -14.44
C PHE EB 51 -11.24 -117.35 -14.95
N SER EB 52 -10.60 -116.84 -16.00
CA SER EB 52 -11.02 -115.56 -16.55
C SER EB 52 -10.68 -115.48 -18.04
N VAL EB 53 -11.53 -114.79 -18.79
CA VAL EB 53 -11.35 -114.63 -20.23
C VAL EB 53 -11.31 -113.15 -20.58
N LYS EB 54 -10.51 -112.83 -21.60
CA LYS EB 54 -10.32 -111.50 -22.12
C LYS EB 54 -10.28 -111.61 -23.65
N VAL EB 55 -11.42 -112.03 -24.21
CA VAL EB 55 -11.69 -112.15 -25.64
C VAL EB 55 -11.22 -110.91 -26.41
N PRO EB 56 -10.89 -111.05 -27.71
CA PRO EB 56 -10.32 -109.92 -28.45
C PRO EB 56 -11.32 -108.80 -28.69
N LYS EB 57 -10.76 -107.62 -28.96
CA LYS EB 57 -11.54 -106.42 -29.22
C LYS EB 57 -10.97 -105.74 -30.46
N VAL EB 58 -11.85 -105.40 -31.40
CA VAL EB 58 -11.41 -104.90 -32.70
C VAL EB 58 -10.71 -103.55 -32.55
N SER EB 59 -9.41 -103.52 -32.79
CA SER EB 59 -8.61 -102.32 -32.73
C SER EB 59 -8.17 -101.92 -34.15
N VAL EB 60 -7.44 -100.81 -34.27
CA VAL EB 60 -6.84 -100.39 -35.52
C VAL EB 60 -5.34 -100.67 -35.53
N SER EB 61 -4.73 -100.72 -34.36
CA SER EB 61 -3.39 -101.20 -34.08
C SER EB 61 -3.42 -102.73 -34.09
N ALA EB 62 -2.43 -103.35 -33.42
CA ALA EB 62 -2.40 -104.81 -33.32
C ALA EB 62 -2.17 -105.46 -34.68
N PRO EB 63 -0.91 -105.53 -35.12
CA PRO EB 63 -0.62 -105.90 -36.51
C PRO EB 63 -1.03 -107.32 -36.84
N GLY EB 64 -2.27 -107.45 -37.29
CA GLY EB 64 -3.00 -108.69 -37.37
C GLY EB 64 -4.48 -108.40 -37.20
N GLY EB 65 -4.78 -107.15 -36.83
CA GLY EB 65 -6.14 -106.65 -36.86
C GLY EB 65 -6.67 -106.18 -35.52
N PHE EB 66 -6.45 -106.97 -34.46
CA PHE EB 66 -6.98 -106.67 -33.15
C PHE EB 66 -6.35 -107.55 -32.07
N THR EB 67 -6.53 -107.13 -30.82
CA THR EB 67 -5.77 -107.63 -29.69
C THR EB 67 -5.93 -109.14 -29.52
N GLN EB 68 -5.00 -109.72 -28.77
CA GLN EB 68 -5.00 -111.15 -28.54
C GLN EB 68 -6.09 -111.53 -27.54
N ALA EB 69 -6.40 -112.82 -27.52
CA ALA EB 69 -7.42 -113.39 -26.64
C ALA EB 69 -6.74 -114.04 -25.45
N ARG EB 70 -6.84 -113.43 -24.28
CA ARG EB 70 -6.11 -113.98 -23.14
C ARG EB 70 -7.01 -114.78 -22.20
N SER EB 71 -6.44 -115.85 -21.64
CA SER EB 71 -7.16 -116.73 -20.71
C SER EB 71 -6.28 -116.90 -19.48
N THR EB 72 -6.82 -116.56 -18.32
CA THR EB 72 -6.05 -116.63 -17.08
C THR EB 72 -6.63 -117.67 -16.12
N VAL EB 73 -5.73 -118.39 -15.44
CA VAL EB 73 -6.08 -119.33 -14.39
C VAL EB 73 -5.20 -119.06 -13.18
N ILE EB 74 -5.80 -118.78 -12.05
CA ILE EB 74 -5.05 -118.59 -10.80
C ILE EB 74 -5.48 -119.64 -9.79
N LEU EB 75 -4.54 -120.44 -9.32
CA LEU EB 75 -4.80 -121.47 -8.32
C LEU EB 75 -4.29 -120.96 -6.98
N LYS EB 76 -5.21 -120.77 -6.04
CA LYS EB 76 -4.84 -120.25 -4.72
C LYS EB 76 -4.88 -121.39 -3.70
N SER EB 77 -3.72 -121.74 -3.17
CA SER EB 77 -3.59 -122.76 -2.13
C SER EB 77 -3.25 -122.07 -0.82
N PRO EB 78 -4.12 -122.07 0.17
CA PRO EB 78 -3.79 -121.40 1.44
C PRO EB 78 -2.86 -122.25 2.28
N LYS EB 79 -2.15 -121.59 3.18
CA LYS EB 79 -1.15 -122.26 4.02
C LYS EB 79 -1.03 -121.51 5.34
N THR EB 80 -1.05 -122.28 6.44
CA THR EB 80 -0.87 -121.74 7.78
C THR EB 80 0.61 -121.82 8.15
N LEU EB 81 1.20 -120.67 8.46
CA LEU EB 81 2.62 -120.63 8.77
C LEU EB 81 2.88 -121.02 10.22
N ALA EB 82 4.15 -121.27 10.53
CA ALA EB 82 4.53 -121.64 11.90
C ALA EB 82 4.27 -120.50 12.87
N ASN EB 83 4.54 -119.26 12.44
CA ASN EB 83 4.27 -118.10 13.29
C ASN EB 83 2.79 -118.00 13.68
N GLY EB 84 1.91 -118.60 12.89
CA GLY EB 84 0.51 -118.67 13.27
C GLY EB 84 -0.42 -118.05 12.25
N ASN EB 85 0.05 -117.03 11.55
CA ASN EB 85 -0.77 -116.35 10.56
C ASN EB 85 -0.96 -117.24 9.32
N ARG EB 86 -1.72 -116.73 8.37
CA ARG EB 86 -2.13 -117.45 7.17
C ARG EB 86 -1.70 -116.67 5.94
N THR EB 87 -1.28 -117.41 4.92
CA THR EB 87 -0.87 -116.80 3.66
C THR EB 87 -1.44 -117.65 2.54
N VAL EB 88 -1.38 -117.15 1.31
CA VAL EB 88 -1.85 -117.89 0.15
C VAL EB 88 -0.69 -118.02 -0.83
N ASN EB 89 -0.47 -119.22 -1.33
CA ASN EB 89 0.53 -119.51 -2.35
C ASN EB 89 -0.25 -119.66 -3.66
N THR EB 90 0.23 -118.98 -4.70
CA THR EB 90 -0.55 -118.89 -5.93
C THR EB 90 0.23 -119.40 -7.14
N VAL EB 91 -0.50 -119.88 -8.13
CA VAL EB 91 0.06 -120.25 -9.43
C VAL EB 91 -0.82 -119.64 -10.53
N SER EB 92 -0.37 -118.53 -11.09
CA SER EB 92 -1.11 -117.90 -12.18
C SER EB 92 -0.60 -118.40 -13.52
N ILE EB 93 -1.52 -118.54 -14.47
CA ILE EB 93 -1.20 -118.98 -15.82
C ILE EB 93 -1.99 -118.14 -16.81
N GLN EB 94 -1.32 -117.61 -17.83
CA GLN EB 94 -1.97 -116.78 -18.83
C GLN EB 94 -1.61 -117.25 -20.24
N LEU EB 95 -2.54 -117.07 -21.17
CA LEU EB 95 -2.44 -117.60 -22.53
C LEU EB 95 -2.77 -116.51 -23.55
N SER EB 96 -2.08 -115.37 -23.45
CA SER EB 96 -2.28 -114.29 -24.40
C SER EB 96 -1.75 -114.73 -25.76
N VAL EB 97 -2.67 -115.20 -26.60
CA VAL EB 97 -2.36 -115.65 -27.95
C VAL EB 97 -3.24 -114.92 -28.95
N ASP EB 98 -2.70 -114.72 -30.15
CA ASP EB 98 -3.41 -113.96 -31.17
C ASP EB 98 -4.64 -114.73 -31.64
N PRO EB 99 -5.77 -114.07 -31.83
CA PRO EB 99 -7.03 -114.78 -32.11
C PRO EB 99 -7.02 -115.58 -33.40
N GLU EB 100 -6.14 -115.29 -34.34
CA GLU EB 100 -6.04 -116.08 -35.57
C GLU EB 100 -5.35 -117.41 -35.35
N THR EB 101 -4.92 -117.71 -34.13
CA THR EB 101 -4.18 -118.93 -33.85
C THR EB 101 -5.08 -120.15 -33.95
N THR EB 102 -4.60 -121.18 -34.63
CA THR EB 102 -5.31 -122.43 -34.72
C THR EB 102 -5.24 -123.18 -33.39
N ALA EB 103 -6.16 -124.12 -33.21
CA ALA EB 103 -6.23 -124.88 -31.97
C ALA EB 103 -5.11 -125.90 -31.83
N ALA EB 104 -4.54 -126.36 -32.95
CA ALA EB 104 -3.43 -127.31 -32.88
C ALA EB 104 -2.19 -126.66 -32.26
N GLU EB 105 -1.87 -125.45 -32.68
CA GLU EB 105 -0.71 -124.76 -32.11
C GLU EB 105 -0.97 -124.37 -30.66
N VAL EB 106 -2.23 -124.05 -30.33
CA VAL EB 106 -2.57 -123.79 -28.93
C VAL EB 106 -2.36 -125.04 -28.09
N THR EB 107 -2.76 -126.19 -28.61
CA THR EB 107 -2.51 -127.45 -27.90
C THR EB 107 -1.02 -127.71 -27.75
N THR EB 108 -0.24 -127.43 -28.81
CA THR EB 108 1.21 -127.57 -28.73
C THR EB 108 1.78 -126.70 -27.62
N MET EB 109 1.35 -125.44 -27.57
CA MET EB 109 1.85 -124.50 -26.57
C MET EB 109 1.45 -124.93 -25.17
N LEU EB 110 0.22 -125.42 -25.01
CA LEU EB 110 -0.25 -125.84 -23.70
C LEU EB 110 0.52 -127.07 -23.22
N ASN EB 111 0.80 -128.00 -24.13
CA ASN EB 111 1.58 -129.18 -23.75
C ASN EB 111 3.02 -128.80 -23.40
N ALA EB 112 3.60 -127.88 -24.18
CA ALA EB 112 4.97 -127.45 -23.89
C ALA EB 112 5.06 -126.73 -22.55
N ALA EB 113 4.13 -125.82 -22.28
CA ALA EB 113 4.08 -125.13 -21.00
C ALA EB 113 3.79 -126.05 -19.83
N ALA EB 114 2.84 -126.97 -19.98
CA ALA EB 114 2.55 -127.92 -18.92
C ALA EB 114 3.59 -129.02 -18.83
N GLN EB 115 4.46 -129.15 -19.84
CA GLN EB 115 5.61 -130.04 -19.73
C GLN EB 115 6.63 -129.52 -18.74
N LEU EB 116 6.73 -128.21 -18.61
CA LEU EB 116 7.33 -127.60 -17.43
C LEU EB 116 6.39 -127.83 -16.25
N LEU EB 117 6.82 -127.46 -15.05
CA LEU EB 117 6.04 -127.59 -13.82
C LEU EB 117 5.92 -129.03 -13.34
N PHE EB 118 6.31 -130.02 -14.15
CA PHE EB 118 6.34 -131.38 -13.62
C PHE EB 118 7.56 -132.14 -14.11
N ASP EB 119 8.34 -131.53 -15.01
CA ASP EB 119 9.56 -132.17 -15.45
C ASP EB 119 10.60 -132.11 -14.33
N SER EB 120 11.42 -133.15 -14.25
CA SER EB 120 12.42 -133.24 -13.21
C SER EB 120 13.50 -132.17 -13.33
N ASP EB 121 13.77 -131.68 -14.56
CA ASP EB 121 14.82 -130.70 -14.75
C ASP EB 121 14.51 -129.39 -14.02
N TYR EB 122 13.25 -129.00 -14.00
CA TYR EB 122 12.84 -127.72 -13.45
C TYR EB 122 12.41 -127.80 -11.98
N SER EB 123 12.57 -128.96 -11.35
CA SER EB 123 12.24 -129.12 -9.94
C SER EB 123 12.96 -128.09 -9.07
N ASP EB 124 14.27 -127.96 -9.27
CA ASP EB 124 15.07 -127.04 -8.47
C ASP EB 124 14.70 -125.58 -8.78
N PHE EB 125 14.36 -125.29 -10.04
CA PHE EB 125 13.94 -123.94 -10.39
C PHE EB 125 12.66 -123.55 -9.68
N TRP EB 126 11.68 -124.45 -9.69
CA TRP EB 126 10.40 -124.15 -9.05
C TRP EB 126 10.48 -124.18 -7.54
N LYS EB 127 11.38 -124.96 -6.95
CA LYS EB 127 11.43 -125.12 -5.51
C LYS EB 127 12.46 -124.21 -4.86
N ALA EB 128 13.74 -124.32 -5.23
CA ALA EB 128 14.80 -123.52 -4.63
C ALA EB 128 15.15 -122.29 -5.43
N GLN EB 129 14.43 -122.01 -6.52
CA GLN EB 129 14.70 -120.86 -7.39
C GLN EB 129 16.09 -120.94 -8.01
N ALA EB 130 16.52 -122.16 -8.31
CA ALA EB 130 17.85 -122.41 -8.89
C ALA EB 130 17.79 -122.13 -10.39
N LEU EB 131 18.00 -120.86 -10.74
CA LEU EB 131 18.08 -120.45 -12.13
C LEU EB 131 19.22 -121.14 -12.83
N ALA EB 132 20.44 -120.89 -12.39
CA ALA EB 132 21.61 -121.55 -12.93
C ALA EB 132 21.79 -122.89 -12.22
N ALA FB 1 -43.96 -30.46 -118.85
CA ALA FB 1 -43.54 -30.84 -120.18
C ALA FB 1 -42.19 -31.56 -120.10
N ILE FB 2 -41.60 -31.57 -118.91
CA ILE FB 2 -40.44 -32.39 -118.63
C ILE FB 2 -40.94 -33.77 -118.22
N ALA FB 3 -41.17 -34.63 -119.20
CA ALA FB 3 -41.71 -35.95 -118.94
C ALA FB 3 -41.34 -36.85 -120.10
N ASN FB 4 -42.24 -37.00 -121.06
CA ASN FB 4 -41.87 -37.64 -122.32
C ASN FB 4 -41.59 -36.56 -123.36
N SER FB 5 -40.54 -35.76 -123.13
CA SER FB 5 -40.13 -34.71 -124.04
C SER FB 5 -39.35 -35.29 -125.22
N SER FB 6 -38.64 -34.44 -125.94
CA SER FB 6 -37.78 -34.93 -127.03
C SER FB 6 -36.62 -33.96 -127.20
N ILE FB 7 -35.44 -34.51 -127.46
CA ILE FB 7 -34.23 -33.71 -127.65
C ILE FB 7 -33.33 -34.46 -128.64
N ALA FB 8 -32.79 -33.73 -129.61
CA ALA FB 8 -31.90 -34.32 -130.60
C ALA FB 8 -30.48 -34.34 -130.07
N ILE FB 9 -29.86 -35.51 -130.07
CA ILE FB 9 -28.51 -35.68 -129.55
C ILE FB 9 -27.54 -35.80 -130.72
N ASP FB 10 -26.42 -35.09 -130.62
CA ASP FB 10 -25.42 -35.02 -131.69
C ASP FB 10 -26.02 -34.41 -132.96
N SER FB 11 -26.51 -33.19 -132.84
CA SER FB 11 -27.20 -32.50 -133.92
C SER FB 11 -26.65 -31.07 -134.06
N THR FB 12 -26.92 -30.48 -135.23
CA THR FB 12 -26.48 -29.12 -135.51
C THR FB 12 -27.61 -28.14 -135.20
N ALA FB 13 -27.27 -27.10 -134.44
CA ALA FB 13 -28.22 -26.06 -134.08
C ALA FB 13 -27.95 -24.81 -134.91
N SER FB 14 -29.03 -24.13 -135.29
CA SER FB 14 -28.93 -22.95 -136.14
C SER FB 14 -29.88 -21.88 -135.63
N VAL FB 15 -29.70 -20.68 -136.15
CA VAL FB 15 -30.48 -19.51 -135.75
C VAL FB 15 -30.92 -18.77 -137.00
N THR FB 16 -32.19 -18.38 -137.05
CA THR FB 16 -32.73 -17.61 -138.16
C THR FB 16 -33.39 -16.35 -137.62
N GLY FB 17 -33.31 -15.27 -138.41
CA GLY FB 17 -33.96 -14.03 -138.04
C GLY FB 17 -33.20 -13.29 -136.95
N GLY FB 18 -33.94 -12.46 -136.22
CA GLY FB 18 -33.34 -11.63 -135.19
C GLY FB 18 -32.53 -10.49 -135.77
N THR FB 19 -31.81 -9.82 -134.88
CA THR FB 19 -30.98 -8.67 -135.26
C THR FB 19 -29.56 -8.95 -134.75
N ALA FB 20 -28.63 -9.18 -135.68
CA ALA FB 20 -27.24 -9.46 -135.33
C ALA FB 20 -26.62 -8.29 -134.57
N ARG FB 21 -26.31 -8.50 -133.31
CA ARG FB 21 -25.64 -7.52 -132.48
C ARG FB 21 -24.14 -7.82 -132.48
N THR FB 22 -23.39 -7.16 -131.60
CA THR FB 22 -21.95 -7.37 -131.52
C THR FB 22 -21.53 -7.39 -130.06
N VAL FB 23 -20.66 -8.33 -129.70
CA VAL FB 23 -20.17 -8.45 -128.33
C VAL FB 23 -18.88 -7.64 -128.27
N LYS FB 24 -18.96 -6.47 -127.64
CA LYS FB 24 -17.80 -5.60 -127.51
C LYS FB 24 -17.11 -5.84 -126.17
N GLU FB 25 -15.79 -6.03 -126.23
CA GLU FB 25 -15.01 -6.38 -125.05
C GLU FB 25 -14.70 -5.14 -124.22
N LEU FB 26 -14.74 -5.29 -122.89
CA LEU FB 26 -14.53 -4.18 -122.00
C LEU FB 26 -13.22 -4.39 -121.26
N VAL FB 27 -13.09 -5.47 -120.50
CA VAL FB 27 -11.89 -5.76 -119.72
C VAL FB 27 -11.64 -7.25 -119.72
N ARG FB 28 -10.38 -7.65 -119.88
CA ARG FB 28 -9.97 -9.04 -119.70
C ARG FB 28 -8.89 -9.04 -118.61
N ASN FB 29 -9.17 -9.74 -117.52
CA ASN FB 29 -8.23 -9.84 -116.41
C ASN FB 29 -8.76 -10.84 -115.40
N ASN FB 30 -7.86 -11.38 -114.59
CA ASN FB 30 -8.20 -12.31 -113.51
C ASN FB 30 -8.98 -13.51 -114.02
N SER FB 31 -8.57 -14.01 -115.19
CA SER FB 31 -9.25 -15.12 -115.87
C SER FB 31 -10.69 -14.77 -116.24
N GLU FB 32 -10.99 -13.47 -116.26
CA GLU FB 32 -12.33 -12.97 -116.53
C GLU FB 32 -12.28 -12.06 -117.75
N LEU FB 33 -13.35 -12.09 -118.56
CA LEU FB 33 -13.50 -11.24 -119.72
C LEU FB 33 -14.91 -10.64 -119.62
N ASN FB 34 -14.97 -9.36 -119.26
CA ASN FB 34 -16.22 -8.63 -119.25
C ASN FB 34 -16.47 -8.01 -120.62
N ALA FB 35 -17.69 -8.17 -121.13
CA ALA FB 35 -18.06 -7.60 -122.41
C ALA FB 35 -19.51 -7.19 -122.35
N TYR FB 36 -19.99 -6.58 -123.42
CA TYR FB 36 -21.38 -6.13 -123.46
C TYR FB 36 -21.91 -6.29 -124.88
N ILE FB 37 -23.17 -6.68 -124.97
CA ILE FB 37 -23.85 -6.77 -126.26
C ILE FB 37 -24.28 -5.37 -126.67
N ASP FB 38 -23.96 -4.98 -127.90
CA ASP FB 38 -24.19 -3.63 -128.38
C ASP FB 38 -25.51 -3.63 -129.13
N GLU FB 39 -26.54 -3.07 -128.51
CA GLU FB 39 -27.85 -2.91 -129.14
C GLU FB 39 -28.25 -1.45 -129.28
N GLY FB 40 -27.32 -0.52 -129.08
CA GLY FB 40 -27.65 0.89 -129.10
C GLY FB 40 -28.57 1.28 -127.96
N LEU FB 41 -28.26 0.79 -126.77
CA LEU FB 41 -29.02 1.10 -125.56
C LEU FB 41 -28.17 1.98 -124.64
N SER FB 42 -28.77 2.42 -123.54
CA SER FB 42 -28.07 3.24 -122.56
C SER FB 42 -27.18 2.36 -121.70
N PHE FB 43 -26.29 3.00 -120.94
CA PHE FB 43 -25.39 2.25 -120.07
C PHE FB 43 -26.12 1.52 -118.96
N GLN FB 44 -27.18 2.11 -118.42
CA GLN FB 44 -27.95 1.48 -117.35
C GLN FB 44 -28.75 0.28 -117.82
N ALA FB 45 -29.01 0.15 -119.12
CA ALA FB 45 -29.66 -1.03 -119.65
C ALA FB 45 -28.81 -1.55 -120.80
N ARG FB 46 -27.78 -2.31 -120.46
CA ARG FB 46 -26.91 -2.96 -121.44
C ARG FB 46 -27.22 -4.46 -121.45
N LYS FB 47 -26.42 -5.31 -122.07
CA LYS FB 47 -26.58 -6.75 -121.99
C LYS FB 47 -25.23 -7.37 -121.63
N GLU FB 48 -24.60 -6.86 -120.57
CA GLU FB 48 -23.27 -7.30 -120.19
C GLU FB 48 -23.20 -8.81 -120.01
N VAL FB 49 -22.12 -9.40 -120.52
CA VAL FB 49 -21.86 -10.83 -120.41
C VAL FB 49 -20.42 -11.03 -119.97
N ALA FB 50 -20.23 -11.91 -119.00
CA ALA FB 50 -18.92 -12.20 -118.43
C ALA FB 50 -18.53 -13.64 -118.72
N PHE FB 51 -17.33 -13.81 -119.28
CA PHE FB 51 -16.76 -15.11 -119.59
C PHE FB 51 -15.62 -15.37 -118.63
N SER FB 52 -15.70 -16.46 -117.87
CA SER FB 52 -14.64 -16.80 -116.94
C SER FB 52 -14.15 -18.23 -117.21
N VAL FB 53 -12.87 -18.45 -116.93
CA VAL FB 53 -12.25 -19.74 -117.15
C VAL FB 53 -11.49 -20.14 -115.89
N LYS FB 54 -11.66 -21.42 -115.51
CA LYS FB 54 -11.01 -22.01 -114.34
C LYS FB 54 -10.28 -23.26 -114.80
N VAL FB 55 -8.96 -23.15 -114.94
CA VAL FB 55 -8.12 -24.19 -115.52
C VAL FB 55 -7.88 -25.31 -114.49
N PRO FB 56 -7.66 -26.55 -114.93
CA PRO FB 56 -7.44 -27.63 -113.97
C PRO FB 56 -6.10 -27.54 -113.28
N LYS FB 57 -6.05 -28.05 -112.05
CA LYS FB 57 -4.82 -28.13 -111.28
C LYS FB 57 -4.59 -29.57 -110.84
N VAL FB 58 -3.32 -29.92 -110.63
CA VAL FB 58 -2.97 -31.28 -110.23
C VAL FB 58 -3.53 -31.56 -108.84
N SER FB 59 -4.00 -32.78 -108.64
CA SER FB 59 -4.60 -33.20 -107.36
C SER FB 59 -4.17 -34.63 -107.06
N VAL FB 60 -4.59 -35.11 -105.88
CA VAL FB 60 -4.41 -36.50 -105.52
C VAL FB 60 -5.72 -37.27 -105.54
N SER FB 61 -6.82 -36.64 -105.14
CA SER FB 61 -8.17 -37.10 -105.34
C SER FB 61 -8.57 -36.79 -106.78
N ALA FB 62 -9.88 -36.76 -107.06
CA ALA FB 62 -10.34 -36.40 -108.40
C ALA FB 62 -9.88 -37.44 -109.41
N PRO FB 63 -10.61 -38.55 -109.56
CA PRO FB 63 -10.03 -39.78 -110.09
C PRO FB 63 -9.57 -39.66 -111.54
N GLY FB 64 -8.31 -39.24 -111.68
CA GLY FB 64 -7.75 -38.84 -112.95
C GLY FB 64 -6.69 -37.79 -112.75
N GLY FB 65 -6.55 -37.30 -111.52
CA GLY FB 65 -5.39 -36.54 -111.13
C GLY FB 65 -5.59 -35.04 -111.06
N PHE FB 66 -6.55 -34.52 -111.82
CA PHE FB 66 -6.76 -33.08 -111.89
C PHE FB 66 -8.21 -32.72 -111.62
N THR FB 67 -8.41 -31.52 -111.11
CA THR FB 67 -9.73 -30.95 -110.98
C THR FB 67 -10.32 -30.69 -112.37
N GLN FB 68 -11.63 -30.49 -112.40
CA GLN FB 68 -12.30 -30.28 -113.68
C GLN FB 68 -12.02 -28.88 -114.21
N ALA FB 69 -11.99 -28.77 -115.54
CA ALA FB 69 -11.86 -27.48 -116.22
C ALA FB 69 -13.26 -26.87 -116.31
N ARG FB 70 -13.40 -25.64 -115.80
CA ARG FB 70 -14.68 -24.96 -115.77
C ARG FB 70 -14.68 -23.75 -116.68
N SER FB 71 -15.79 -23.56 -117.40
CA SER FB 71 -16.01 -22.40 -118.25
C SER FB 71 -17.38 -21.86 -117.91
N THR FB 72 -17.43 -20.60 -117.48
CA THR FB 72 -18.68 -19.99 -117.03
C THR FB 72 -19.02 -18.76 -117.86
N VAL FB 73 -20.28 -18.66 -118.26
CA VAL FB 73 -20.78 -17.49 -118.95
C VAL FB 73 -21.99 -16.95 -118.20
N ILE FB 74 -21.93 -15.69 -117.79
CA ILE FB 74 -23.07 -15.04 -117.15
C ILE FB 74 -23.55 -13.90 -118.03
N LEU FB 75 -24.83 -13.95 -118.41
CA LEU FB 75 -25.46 -12.90 -119.21
C LEU FB 75 -26.35 -12.08 -118.28
N LYS FB 76 -26.14 -10.76 -118.26
CA LYS FB 76 -26.90 -9.89 -117.40
C LYS FB 76 -27.90 -9.07 -118.21
N SER FB 77 -29.14 -9.02 -117.73
CA SER FB 77 -30.20 -8.28 -118.42
C SER FB 77 -30.86 -7.33 -117.43
N PRO FB 78 -30.51 -6.04 -117.47
CA PRO FB 78 -31.21 -5.06 -116.63
C PRO FB 78 -32.68 -4.90 -117.00
N LYS FB 79 -33.54 -5.11 -116.02
CA LYS FB 79 -34.97 -4.86 -116.16
C LYS FB 79 -35.36 -3.71 -115.23
N THR FB 80 -36.30 -2.90 -115.70
CA THR FB 80 -36.82 -1.77 -114.94
C THR FB 80 -38.25 -2.08 -114.52
N LEU FB 81 -38.51 -1.97 -113.22
CA LEU FB 81 -39.75 -2.43 -112.64
C LEU FB 81 -40.82 -1.34 -112.71
N ALA FB 82 -42.04 -1.68 -112.28
CA ALA FB 82 -43.13 -0.73 -112.30
C ALA FB 82 -42.86 0.44 -111.38
N ASN FB 83 -42.35 0.17 -110.18
CA ASN FB 83 -42.02 1.24 -109.25
C ASN FB 83 -40.89 2.12 -109.80
N GLY FB 84 -39.94 1.51 -110.48
CA GLY FB 84 -38.86 2.26 -111.08
C GLY FB 84 -37.49 1.81 -110.65
N ASN FB 85 -37.45 0.86 -109.72
CA ASN FB 85 -36.18 0.28 -109.30
C ASN FB 85 -35.62 -0.61 -110.41
N ARG FB 86 -34.30 -0.74 -110.42
CA ARG FB 86 -33.60 -1.52 -111.42
C ARG FB 86 -33.14 -2.84 -110.85
N THR FB 87 -33.51 -3.94 -111.51
CA THR FB 87 -33.02 -5.26 -111.17
C THR FB 87 -32.25 -5.81 -112.35
N VAL FB 88 -31.46 -6.85 -112.13
CA VAL FB 88 -30.72 -7.52 -113.19
C VAL FB 88 -31.16 -8.98 -113.24
N ASN FB 89 -31.60 -9.41 -114.41
CA ASN FB 89 -31.95 -10.81 -114.66
C ASN FB 89 -30.75 -11.48 -115.31
N THR FB 90 -30.27 -12.57 -114.71
CA THR FB 90 -29.06 -13.23 -115.14
C THR FB 90 -29.33 -14.65 -115.60
N VAL FB 91 -28.52 -15.09 -116.57
CA VAL FB 91 -28.45 -16.50 -116.96
C VAL FB 91 -27.01 -16.96 -116.81
N SER FB 92 -26.79 -17.98 -115.99
CA SER FB 92 -25.46 -18.54 -115.83
C SER FB 92 -25.37 -19.88 -116.55
N ILE FB 93 -24.24 -20.09 -117.24
CA ILE FB 93 -23.97 -21.33 -117.95
C ILE FB 93 -22.57 -21.76 -117.54
N GLN FB 94 -22.48 -22.84 -116.78
CA GLN FB 94 -21.21 -23.35 -116.29
C GLN FB 94 -21.00 -24.76 -116.83
N LEU FB 95 -19.89 -24.98 -117.51
CA LEU FB 95 -19.52 -26.28 -118.05
C LEU FB 95 -18.26 -26.74 -117.33
N SER FB 96 -18.35 -27.90 -116.67
CA SER FB 96 -17.22 -28.51 -115.98
C SER FB 96 -16.92 -29.85 -116.64
N VAL FB 97 -15.76 -29.97 -117.29
CA VAL FB 97 -15.38 -31.21 -117.93
C VAL FB 97 -14.03 -31.66 -117.40
N ASP FB 98 -13.89 -32.98 -117.23
CA ASP FB 98 -12.58 -33.54 -116.93
C ASP FB 98 -11.65 -33.28 -118.11
N PRO FB 99 -10.37 -33.00 -117.85
CA PRO FB 99 -9.45 -32.68 -118.95
C PRO FB 99 -9.27 -33.80 -119.95
N GLU FB 100 -9.59 -35.05 -119.60
CA GLU FB 100 -9.52 -36.15 -120.55
C GLU FB 100 -10.63 -36.08 -121.61
N THR FB 101 -11.62 -35.20 -121.42
CA THR FB 101 -12.79 -35.19 -122.30
C THR FB 101 -12.45 -34.67 -123.69
N THR FB 102 -12.87 -35.42 -124.70
CA THR FB 102 -12.61 -35.06 -126.08
C THR FB 102 -13.51 -33.91 -126.52
N ALA FB 103 -13.20 -33.34 -127.68
CA ALA FB 103 -13.97 -32.19 -128.16
C ALA FB 103 -15.35 -32.62 -128.64
N ALA FB 104 -15.49 -33.86 -129.11
CA ALA FB 104 -16.80 -34.35 -129.54
C ALA FB 104 -17.74 -34.53 -128.36
N GLU FB 105 -17.23 -35.04 -127.24
CA GLU FB 105 -18.07 -35.18 -126.04
C GLU FB 105 -18.47 -33.83 -125.48
N VAL FB 106 -17.62 -32.81 -125.62
CA VAL FB 106 -17.99 -31.47 -125.20
C VAL FB 106 -19.01 -30.87 -126.16
N THR FB 107 -18.86 -31.13 -127.47
CA THR FB 107 -19.82 -30.62 -128.44
C THR FB 107 -21.20 -31.22 -128.21
N THR FB 108 -21.27 -32.53 -127.92
CA THR FB 108 -22.55 -33.17 -127.64
C THR FB 108 -23.21 -32.54 -126.42
N MET FB 109 -22.42 -32.31 -125.36
CA MET FB 109 -22.93 -31.71 -124.14
C MET FB 109 -23.47 -30.31 -124.41
N LEU FB 110 -22.71 -29.51 -125.16
CA LEU FB 110 -23.12 -28.16 -125.48
C LEU FB 110 -24.40 -28.14 -126.30
N ASN FB 111 -24.50 -29.02 -127.29
CA ASN FB 111 -25.68 -29.03 -128.15
C ASN FB 111 -26.92 -29.50 -127.39
N ALA FB 112 -26.79 -30.51 -126.54
CA ALA FB 112 -27.93 -30.93 -125.74
C ALA FB 112 -28.36 -29.84 -124.76
N ALA FB 113 -27.39 -29.19 -124.12
CA ALA FB 113 -27.72 -28.11 -123.19
C ALA FB 113 -28.37 -26.93 -123.90
N ALA FB 114 -28.02 -26.71 -125.17
CA ALA FB 114 -28.63 -25.60 -125.91
C ALA FB 114 -30.12 -25.84 -126.11
N GLN FB 115 -30.49 -27.03 -126.57
CA GLN FB 115 -31.91 -27.37 -126.70
C GLN FB 115 -32.60 -27.48 -125.34
N LEU FB 116 -31.85 -27.73 -124.27
CA LEU FB 116 -32.47 -27.76 -122.95
C LEU FB 116 -33.08 -26.41 -122.57
N LEU FB 117 -32.63 -25.32 -123.20
CA LEU FB 117 -33.14 -24.00 -122.85
C LEU FB 117 -33.73 -23.25 -124.05
N PHE FB 118 -34.00 -23.94 -125.15
CA PHE FB 118 -34.83 -23.33 -126.20
C PHE FB 118 -35.90 -24.24 -126.78
N ASP FB 119 -35.94 -25.53 -126.44
CA ASP FB 119 -37.01 -26.39 -126.91
C ASP FB 119 -38.34 -25.98 -126.29
N SER FB 120 -39.42 -26.19 -127.05
CA SER FB 120 -40.69 -25.56 -126.71
C SER FB 120 -41.32 -26.15 -125.45
N ASP FB 121 -40.96 -27.39 -125.10
CA ASP FB 121 -41.52 -28.01 -123.91
C ASP FB 121 -41.04 -27.29 -122.64
N TYR FB 122 -39.73 -27.18 -122.50
CA TYR FB 122 -39.12 -26.60 -121.31
C TYR FB 122 -39.48 -25.14 -121.17
N SER FB 123 -40.20 -24.59 -122.16
CA SER FB 123 -40.73 -23.25 -122.04
C SER FB 123 -41.59 -23.11 -120.80
N ASP FB 124 -42.35 -24.16 -120.44
CA ASP FB 124 -43.11 -24.06 -119.20
C ASP FB 124 -42.22 -24.09 -117.97
N PHE FB 125 -41.09 -24.78 -118.01
CA PHE FB 125 -40.19 -24.84 -116.87
C PHE FB 125 -39.44 -23.54 -116.66
N TRP FB 126 -39.01 -22.89 -117.73
CA TRP FB 126 -38.23 -21.66 -117.61
C TRP FB 126 -39.10 -20.44 -117.28
N LYS FB 127 -40.28 -20.35 -117.89
CA LYS FB 127 -41.16 -19.20 -117.67
C LYS FB 127 -42.13 -19.43 -116.52
N ALA FB 128 -42.95 -20.49 -116.61
CA ALA FB 128 -43.94 -20.75 -115.58
C ALA FB 128 -43.36 -21.43 -114.34
N GLN FB 129 -42.10 -21.86 -114.40
CA GLN FB 129 -41.46 -22.54 -113.27
C GLN FB 129 -42.19 -23.84 -112.94
N ALA FB 130 -42.62 -24.54 -113.98
CA ALA FB 130 -43.49 -25.70 -113.88
C ALA FB 130 -42.69 -26.97 -114.12
N LEU FB 131 -42.52 -27.78 -113.09
CA LEU FB 131 -41.74 -29.01 -113.20
C LEU FB 131 -42.42 -30.05 -114.06
N ALA FB 132 -43.74 -30.12 -114.03
CA ALA FB 132 -44.47 -31.05 -114.88
C ALA FB 132 -45.64 -30.37 -115.57
N ALA GB 1 -13.29 -14.89 -131.57
CA ALA GB 1 -13.95 -15.53 -130.44
C ALA GB 1 -14.71 -14.50 -129.61
N ILE GB 2 -14.50 -14.52 -128.31
CA ILE GB 2 -15.09 -13.50 -127.44
C ILE GB 2 -14.31 -12.21 -127.61
N ALA GB 3 -14.80 -11.31 -128.46
CA ALA GB 3 -14.09 -10.09 -128.80
C ALA GB 3 -14.91 -9.25 -129.75
N ASN GB 4 -15.29 -9.81 -130.89
CA ASN GB 4 -16.10 -9.13 -131.90
C ASN GB 4 -17.21 -10.03 -132.41
N SER GB 5 -17.60 -11.03 -131.61
CA SER GB 5 -18.58 -12.00 -132.05
C SER GB 5 -19.97 -11.37 -132.14
N SER GB 6 -20.80 -11.92 -133.03
CA SER GB 6 -22.16 -11.44 -133.25
C SER GB 6 -23.15 -12.47 -132.72
N ILE GB 7 -24.17 -11.98 -132.02
CA ILE GB 7 -25.26 -12.82 -131.51
C ILE GB 7 -26.58 -12.22 -131.98
N ALA GB 8 -27.43 -13.06 -132.55
CA ALA GB 8 -28.70 -12.61 -133.13
C ALA GB 8 -29.76 -12.53 -132.03
N ILE GB 9 -30.03 -11.33 -131.55
CA ILE GB 9 -30.99 -11.12 -130.48
C ILE GB 9 -32.41 -11.28 -131.02
N ASP GB 10 -33.26 -11.96 -130.25
CA ASP GB 10 -34.65 -12.19 -130.60
C ASP GB 10 -34.78 -12.91 -131.94
N SER GB 11 -34.01 -13.97 -132.10
CA SER GB 11 -34.07 -14.83 -133.27
C SER GB 11 -34.75 -16.15 -132.89
N THR GB 12 -34.83 -17.05 -133.88
CA THR GB 12 -35.42 -18.36 -133.67
C THR GB 12 -34.33 -19.41 -133.82
N ALA GB 13 -34.15 -20.24 -132.80
CA ALA GB 13 -33.14 -21.29 -132.80
C ALA GB 13 -33.80 -22.63 -133.04
N SER GB 14 -33.24 -23.40 -133.98
CA SER GB 14 -33.76 -24.71 -134.35
C SER GB 14 -32.63 -25.71 -134.39
N VAL GB 15 -32.99 -26.96 -134.67
CA VAL GB 15 -32.07 -28.10 -134.67
C VAL GB 15 -32.35 -28.97 -135.89
N THR GB 16 -31.29 -29.43 -136.54
CA THR GB 16 -31.40 -30.36 -137.66
C THR GB 16 -30.47 -31.53 -137.43
N GLY GB 17 -30.83 -32.69 -137.98
CA GLY GB 17 -30.02 -33.87 -137.81
C GLY GB 17 -30.13 -34.45 -136.41
N GLY GB 18 -29.24 -35.39 -136.11
CA GLY GB 18 -29.18 -36.00 -134.80
C GLY GB 18 -30.20 -37.11 -134.60
N THR GB 19 -30.17 -37.65 -133.39
CA THR GB 19 -31.11 -38.68 -132.96
C THR GB 19 -32.04 -38.12 -131.89
N ALA GB 20 -33.33 -38.39 -132.04
CA ALA GB 20 -34.36 -37.88 -131.14
C ALA GB 20 -34.48 -38.84 -129.96
N ARG GB 21 -34.08 -38.36 -128.79
CA ARG GB 21 -34.25 -39.13 -127.57
C ARG GB 21 -35.40 -38.57 -126.75
N THR GB 22 -35.93 -39.41 -125.86
CA THR GB 22 -37.22 -39.10 -125.22
C THR GB 22 -37.06 -38.31 -123.93
N VAL GB 23 -36.04 -38.62 -123.14
CA VAL GB 23 -35.88 -38.10 -121.77
C VAL GB 23 -36.99 -38.70 -120.93
N LYS GB 24 -36.61 -39.42 -119.87
CA LYS GB 24 -37.58 -40.12 -119.01
C LYS GB 24 -37.31 -39.73 -117.57
N GLU GB 25 -38.37 -39.37 -116.85
CA GLU GB 25 -38.20 -38.90 -115.48
C GLU GB 25 -37.92 -40.06 -114.54
N LEU GB 26 -36.95 -39.87 -113.64
CA LEU GB 26 -36.60 -40.89 -112.67
C LEU GB 26 -37.29 -40.66 -111.32
N VAL GB 27 -36.99 -39.54 -110.67
CA VAL GB 27 -37.40 -39.28 -109.30
C VAL GB 27 -37.88 -37.84 -109.22
N ARG GB 28 -38.79 -37.59 -108.28
CA ARG GB 28 -39.38 -36.27 -108.11
C ARG GB 28 -39.28 -35.91 -106.63
N ASN GB 29 -39.75 -34.71 -106.28
CA ASN GB 29 -39.80 -34.20 -104.91
C ASN GB 29 -38.41 -33.78 -104.41
N ASN GB 30 -38.32 -32.59 -103.83
CA ASN GB 30 -39.41 -31.63 -103.77
C ASN GB 30 -38.95 -30.34 -104.45
N SER GB 31 -39.75 -29.86 -105.39
CA SER GB 31 -39.34 -28.77 -106.27
C SER GB 31 -38.04 -29.13 -106.97
N GLU GB 32 -37.94 -30.39 -107.38
CA GLU GB 32 -36.72 -30.94 -107.95
C GLU GB 32 -37.07 -32.15 -108.80
N LEU GB 33 -36.94 -32.03 -110.12
CA LEU GB 33 -37.15 -33.17 -111.00
C LEU GB 33 -35.82 -33.81 -111.39
N ASN GB 34 -35.85 -35.11 -111.62
CA ASN GB 34 -34.69 -35.84 -112.10
C ASN GB 34 -35.12 -36.75 -113.24
N ALA GB 35 -34.43 -36.64 -114.36
CA ALA GB 35 -34.78 -37.40 -115.55
C ALA GB 35 -33.49 -37.98 -116.13
N TYR GB 36 -33.62 -38.65 -117.27
CA TYR GB 36 -32.46 -39.18 -117.97
C TYR GB 36 -32.79 -39.30 -119.44
N ILE GB 37 -31.79 -39.03 -120.29
CA ILE GB 37 -31.98 -39.11 -121.73
C ILE GB 37 -31.74 -40.55 -122.16
N ASP GB 38 -32.77 -41.18 -122.72
CA ASP GB 38 -32.73 -42.60 -123.05
C ASP GB 38 -32.15 -42.78 -124.46
N GLU GB 39 -30.90 -43.24 -124.53
CA GLU GB 39 -30.23 -43.51 -125.80
C GLU GB 39 -29.84 -44.98 -125.89
N GLY GB 40 -30.54 -45.85 -125.16
CA GLY GB 40 -30.19 -47.25 -125.13
C GLY GB 40 -28.81 -47.53 -124.56
N LEU GB 41 -28.45 -46.83 -123.49
CA LEU GB 41 -27.16 -47.01 -122.85
C LEU GB 41 -27.34 -47.67 -121.49
N SER GB 42 -26.23 -48.04 -120.87
CA SER GB 42 -26.27 -48.72 -119.59
C SER GB 42 -26.61 -47.74 -118.47
N PHE GB 43 -26.74 -48.28 -117.26
CA PHE GB 43 -27.14 -47.48 -116.11
C PHE GB 43 -26.06 -46.48 -115.72
N GLN GB 44 -24.79 -46.86 -115.83
CA GLN GB 44 -23.71 -45.98 -115.43
C GLN GB 44 -23.31 -44.99 -116.52
N ALA GB 45 -23.79 -45.18 -117.75
CA ALA GB 45 -23.36 -44.37 -118.88
C ALA GB 45 -24.50 -43.54 -119.46
N ARG GB 46 -25.58 -43.33 -118.69
CA ARG GB 46 -26.71 -42.57 -119.18
C ARG GB 46 -26.58 -41.10 -118.80
N LYS GB 47 -27.25 -40.24 -119.57
CA LYS GB 47 -27.10 -38.79 -119.47
C LYS GB 47 -27.54 -38.22 -118.12
N GLU GB 48 -28.81 -38.41 -117.75
CA GLU GB 48 -29.33 -37.96 -116.46
C GLU GB 48 -29.33 -36.46 -116.22
N VAL GB 49 -30.21 -35.72 -116.91
CA VAL GB 49 -30.41 -34.30 -116.67
C VAL GB 49 -31.36 -34.12 -115.48
N ALA GB 50 -31.05 -33.17 -114.61
CA ALA GB 50 -31.87 -32.84 -113.45
C ALA GB 50 -32.40 -31.41 -113.54
N PHE GB 51 -33.59 -31.21 -112.98
CA PHE GB 51 -34.31 -29.94 -113.04
C PHE GB 51 -34.63 -29.47 -111.63
N SER GB 52 -34.16 -28.28 -111.28
CA SER GB 52 -34.42 -27.69 -109.97
C SER GB 52 -35.22 -26.41 -110.13
N VAL GB 53 -35.86 -25.98 -109.03
CA VAL GB 53 -36.70 -24.79 -109.06
C VAL GB 53 -36.68 -24.12 -107.69
N LYS GB 54 -36.59 -22.80 -107.67
CA LYS GB 54 -36.67 -22.01 -106.45
C LYS GB 54 -37.74 -20.94 -106.67
N VAL GB 55 -38.87 -21.09 -105.99
CA VAL GB 55 -40.02 -20.22 -106.24
C VAL GB 55 -39.72 -18.82 -105.71
N PRO GB 56 -40.34 -17.76 -106.24
CA PRO GB 56 -40.11 -16.43 -105.71
C PRO GB 56 -40.61 -16.30 -104.28
N LYS GB 57 -39.74 -15.83 -103.40
CA LYS GB 57 -40.06 -15.71 -101.99
C LYS GB 57 -40.35 -14.25 -101.66
N VAL GB 58 -41.36 -14.01 -100.83
CA VAL GB 58 -41.76 -12.64 -100.51
C VAL GB 58 -40.75 -12.05 -99.53
N SER GB 59 -39.81 -11.28 -100.06
CA SER GB 59 -38.88 -10.54 -99.22
C SER GB 59 -39.41 -9.14 -98.95
N VAL GB 60 -38.57 -8.26 -98.42
CA VAL GB 60 -38.98 -6.88 -98.15
C VAL GB 60 -38.03 -5.91 -98.85
N SER GB 61 -36.74 -6.06 -98.59
CA SER GB 61 -35.73 -5.13 -99.09
C SER GB 61 -35.15 -5.62 -100.41
N ALA GB 62 -36.04 -5.74 -101.40
CA ALA GB 62 -35.63 -6.19 -102.71
C ALA GB 62 -36.39 -5.40 -103.78
N PRO GB 63 -35.83 -5.26 -104.97
CA PRO GB 63 -36.59 -4.66 -106.07
C PRO GB 63 -37.87 -5.45 -106.34
N GLY GB 64 -38.98 -4.74 -106.50
CA GLY GB 64 -40.24 -5.38 -106.77
C GLY GB 64 -40.93 -5.87 -105.51
N GLY GB 65 -40.15 -6.34 -104.54
CA GLY GB 65 -40.68 -6.82 -103.30
C GLY GB 65 -40.31 -8.25 -102.98
N PHE GB 66 -40.31 -9.13 -103.99
CA PHE GB 66 -40.03 -10.53 -103.77
C PHE GB 66 -38.57 -10.83 -104.13
N THR GB 67 -38.13 -12.03 -103.80
CA THR GB 67 -36.86 -12.54 -104.33
C THR GB 67 -37.07 -13.04 -105.75
N GLN GB 68 -36.00 -13.55 -106.34
CA GLN GB 68 -36.03 -13.92 -107.74
C GLN GB 68 -36.50 -15.35 -107.94
N ALA GB 69 -37.09 -15.59 -109.11
CA ALA GB 69 -37.55 -16.92 -109.51
C ALA GB 69 -36.36 -17.66 -110.13
N ARG GB 70 -35.69 -18.47 -109.31
CA ARG GB 70 -34.54 -19.23 -109.77
C ARG GB 70 -35.01 -20.54 -110.42
N SER GB 71 -34.34 -20.94 -111.50
CA SER GB 71 -34.68 -22.16 -112.21
C SER GB 71 -33.37 -22.76 -112.72
N THR GB 72 -33.04 -23.96 -112.26
CA THR GB 72 -31.76 -24.58 -112.56
C THR GB 72 -31.94 -25.89 -113.32
N VAL GB 73 -31.03 -26.14 -114.26
CA VAL GB 73 -30.94 -27.39 -114.99
C VAL GB 73 -29.49 -27.82 -114.93
N ILE GB 74 -29.25 -29.10 -114.64
CA ILE GB 74 -27.90 -29.68 -114.69
C ILE GB 74 -27.93 -30.91 -115.56
N LEU GB 75 -27.26 -30.85 -116.70
CA LEU GB 75 -27.08 -32.00 -117.57
C LEU GB 75 -25.79 -32.70 -117.13
N LYS GB 76 -25.90 -33.97 -116.79
CA LYS GB 76 -24.74 -34.77 -116.43
C LYS GB 76 -24.34 -35.64 -117.61
N SER GB 77 -23.08 -36.09 -117.60
CA SER GB 77 -22.52 -36.88 -118.70
C SER GB 77 -21.42 -37.77 -118.15
N PRO GB 78 -21.66 -39.07 -118.03
CA PRO GB 78 -20.62 -39.97 -117.52
C PRO GB 78 -19.45 -40.06 -118.48
N LYS GB 79 -18.27 -40.30 -117.93
CA LYS GB 79 -17.09 -40.53 -118.74
C LYS GB 79 -16.13 -41.41 -117.95
N THR GB 80 -15.59 -42.42 -118.63
CA THR GB 80 -14.60 -43.31 -118.05
C THR GB 80 -13.20 -42.85 -118.47
N LEU GB 81 -12.26 -42.94 -117.54
CA LEU GB 81 -10.96 -42.33 -117.72
C LEU GB 81 -9.93 -43.33 -118.24
N ALA GB 82 -8.72 -42.85 -118.47
CA ALA GB 82 -7.63 -43.67 -118.98
C ALA GB 82 -7.07 -44.63 -117.94
N ASN GB 83 -7.40 -44.44 -116.66
CA ASN GB 83 -7.05 -45.38 -115.60
C ASN GB 83 -8.21 -46.26 -115.19
N GLY GB 84 -9.33 -46.19 -115.90
CA GLY GB 84 -10.50 -47.01 -115.59
C GLY GB 84 -11.48 -46.38 -114.62
N ASN GB 85 -11.15 -45.23 -114.06
CA ASN GB 85 -12.05 -44.59 -113.10
C ASN GB 85 -13.22 -43.91 -113.81
N ARG GB 86 -14.22 -43.55 -113.02
CA ARG GB 86 -15.50 -43.04 -113.51
C ARG GB 86 -15.65 -41.60 -113.00
N THR GB 87 -16.06 -40.69 -113.87
CA THR GB 87 -16.31 -39.30 -113.49
C THR GB 87 -17.49 -38.76 -114.28
N VAL GB 88 -17.93 -37.56 -113.91
CA VAL GB 88 -19.08 -36.92 -114.53
C VAL GB 88 -18.70 -35.52 -114.99
N ASN GB 89 -19.05 -35.19 -116.22
CA ASN GB 89 -18.98 -33.83 -116.73
C ASN GB 89 -20.37 -33.21 -116.63
N THR GB 90 -20.44 -31.92 -116.31
CA THR GB 90 -21.73 -31.28 -116.09
C THR GB 90 -21.84 -30.00 -116.91
N VAL GB 91 -23.08 -29.69 -117.29
CA VAL GB 91 -23.46 -28.37 -117.76
C VAL GB 91 -24.54 -27.85 -116.84
N SER GB 92 -24.30 -26.71 -116.21
CA SER GB 92 -25.28 -26.13 -115.30
C SER GB 92 -25.80 -24.82 -115.87
N ILE GB 93 -27.12 -24.70 -115.99
CA ILE GB 93 -27.78 -23.52 -116.51
C ILE GB 93 -28.72 -23.01 -115.43
N GLN GB 94 -28.48 -21.80 -114.94
CA GLN GB 94 -29.35 -21.17 -113.97
C GLN GB 94 -29.98 -19.92 -114.57
N LEU GB 95 -31.30 -19.87 -114.59
CA LEU GB 95 -32.05 -18.70 -115.04
C LEU GB 95 -32.61 -18.05 -113.78
N SER GB 96 -32.30 -16.76 -113.60
CA SER GB 96 -32.70 -16.02 -112.41
C SER GB 96 -33.32 -14.71 -112.85
N VAL GB 97 -34.65 -14.66 -112.88
CA VAL GB 97 -35.37 -13.48 -113.28
C VAL GB 97 -36.23 -13.01 -112.11
N ASP GB 98 -36.62 -11.74 -112.15
CA ASP GB 98 -37.60 -11.20 -111.21
C ASP GB 98 -38.99 -11.67 -111.62
N PRO GB 99 -39.90 -11.83 -110.66
CA PRO GB 99 -41.25 -12.30 -111.01
C PRO GB 99 -42.01 -11.36 -111.92
N GLU GB 100 -41.63 -10.09 -111.97
CA GLU GB 100 -42.25 -9.09 -112.83
C GLU GB 100 -41.89 -9.28 -114.29
N THR GB 101 -40.90 -10.13 -114.58
CA THR GB 101 -40.44 -10.34 -115.95
C THR GB 101 -41.51 -11.03 -116.78
N THR GB 102 -41.66 -10.58 -118.02
CA THR GB 102 -42.61 -11.17 -118.95
C THR GB 102 -42.00 -12.37 -119.66
N ALA GB 103 -42.85 -13.12 -120.35
CA ALA GB 103 -42.39 -14.32 -121.04
C ALA GB 103 -41.47 -13.99 -122.20
N ALA GB 104 -41.71 -12.87 -122.87
CA ALA GB 104 -40.90 -12.49 -124.02
C ALA GB 104 -39.49 -12.11 -123.62
N GLU GB 105 -39.33 -11.40 -122.50
CA GLU GB 105 -37.98 -11.10 -122.01
C GLU GB 105 -37.23 -12.38 -121.65
N VAL GB 106 -37.93 -13.34 -121.05
CA VAL GB 106 -37.29 -14.60 -120.68
C VAL GB 106 -36.89 -15.38 -121.92
N THR GB 107 -37.73 -15.36 -122.95
CA THR GB 107 -37.42 -16.11 -124.16
C THR GB 107 -36.25 -15.44 -124.89
N THR GB 108 -36.14 -14.12 -124.79
CA THR GB 108 -34.98 -13.43 -125.36
C THR GB 108 -33.71 -13.81 -124.62
N MET GB 109 -33.76 -13.82 -123.28
CA MET GB 109 -32.60 -14.20 -122.48
C MET GB 109 -32.19 -15.64 -122.79
N LEU GB 110 -33.16 -16.54 -122.89
CA LEU GB 110 -32.86 -17.93 -123.18
C LEU GB 110 -32.24 -18.09 -124.56
N ASN GB 111 -32.75 -17.34 -125.55
CA ASN GB 111 -32.21 -17.42 -126.89
C ASN GB 111 -30.75 -16.94 -126.92
N ALA GB 112 -30.46 -15.83 -126.23
CA ALA GB 112 -29.10 -15.32 -126.19
C ALA GB 112 -28.17 -16.31 -125.49
N ALA GB 113 -28.61 -16.85 -124.36
CA ALA GB 113 -27.79 -17.81 -123.63
C ALA GB 113 -27.55 -19.08 -124.43
N ALA GB 114 -28.58 -19.57 -125.13
CA ALA GB 114 -28.42 -20.74 -125.98
C ALA GB 114 -27.45 -20.46 -127.12
N GLN GB 115 -27.52 -19.26 -127.70
CA GLN GB 115 -26.57 -18.90 -128.75
C GLN GB 115 -25.15 -18.91 -128.21
N LEU GB 116 -24.94 -18.46 -126.97
CA LEU GB 116 -23.62 -18.57 -126.36
C LEU GB 116 -23.42 -19.97 -125.78
N LEU GB 117 -23.82 -20.97 -126.55
CA LEU GB 117 -23.53 -22.36 -126.22
C LEU GB 117 -23.10 -23.14 -127.45
N PHE GB 118 -23.66 -22.78 -128.61
CA PHE GB 118 -23.42 -23.54 -129.83
C PHE GB 118 -22.90 -22.69 -130.98
N ASP GB 119 -22.81 -21.37 -130.81
CA ASP GB 119 -22.25 -20.53 -131.86
C ASP GB 119 -20.77 -20.84 -132.06
N SER GB 120 -20.38 -20.93 -133.33
CA SER GB 120 -19.02 -21.34 -133.67
C SER GB 120 -17.98 -20.36 -133.14
N ASP GB 121 -18.38 -19.12 -132.90
CA ASP GB 121 -17.46 -18.11 -132.37
C ASP GB 121 -16.95 -18.51 -130.99
N TYR GB 122 -17.84 -19.03 -130.15
CA TYR GB 122 -17.43 -19.47 -128.82
C TYR GB 122 -17.19 -20.97 -128.80
N SER GB 123 -16.22 -21.46 -129.56
CA SER GB 123 -15.88 -22.87 -129.52
C SER GB 123 -14.59 -23.08 -128.77
N ASP GB 124 -13.59 -22.25 -129.06
CA ASP GB 124 -12.33 -22.32 -128.34
C ASP GB 124 -12.50 -21.96 -126.87
N PHE GB 125 -13.55 -21.23 -126.52
CA PHE GB 125 -13.81 -20.93 -125.12
C PHE GB 125 -14.27 -22.15 -124.33
N TRP GB 126 -15.10 -23.01 -124.93
CA TRP GB 126 -15.63 -24.16 -124.21
C TRP GB 126 -14.65 -25.34 -124.26
N LYS GB 127 -14.11 -25.62 -125.44
CA LYS GB 127 -13.25 -26.79 -125.60
C LYS GB 127 -11.80 -26.47 -125.26
N ALA GB 128 -11.25 -25.43 -125.90
CA ALA GB 128 -9.85 -25.07 -125.64
C ALA GB 128 -9.69 -24.24 -124.38
N GLN GB 129 -10.79 -23.80 -123.77
CA GLN GB 129 -10.76 -22.92 -122.60
C GLN GB 129 -9.95 -21.65 -122.87
N ALA GB 130 -10.08 -21.13 -124.09
CA ALA GB 130 -9.35 -19.95 -124.54
C ALA GB 130 -10.24 -18.74 -124.44
N LEU GB 131 -9.95 -17.86 -123.48
CA LEU GB 131 -10.76 -16.66 -123.25
C LEU GB 131 -10.76 -15.74 -124.48
N ALA GB 132 -9.63 -15.67 -125.18
CA ALA GB 132 -9.53 -14.84 -126.36
C ALA GB 132 -8.33 -15.21 -127.21
N ALA HB 1 -3.08 34.56 -127.30
CA ALA HB 1 -2.92 33.84 -126.04
C ALA HB 1 -4.25 33.28 -125.55
N ILE HB 2 -4.34 33.04 -124.24
CA ILE HB 2 -5.52 32.43 -123.66
C ILE HB 2 -6.73 33.34 -123.81
N ALA HB 3 -6.58 34.61 -123.48
CA ALA HB 3 -7.68 35.56 -123.60
C ALA HB 3 -8.06 35.76 -125.06
N ASN HB 4 -9.36 35.66 -125.33
CA ASN HB 4 -9.92 35.84 -126.68
C ASN HB 4 -9.35 34.81 -127.66
N SER HB 5 -8.99 33.65 -127.16
CA SER HB 5 -8.60 32.53 -128.01
C SER HB 5 -9.86 31.88 -128.57
N SER HB 6 -9.78 31.42 -129.81
CA SER HB 6 -10.93 30.83 -130.49
C SER HB 6 -10.79 29.31 -130.54
N ILE HB 7 -11.89 28.62 -130.24
CA ILE HB 7 -11.96 27.17 -130.30
C ILE HB 7 -13.12 26.78 -131.20
N ALA HB 8 -12.87 25.89 -132.15
CA ALA HB 8 -13.90 25.44 -133.09
C ALA HB 8 -14.61 24.23 -132.48
N ILE HB 9 -15.84 24.42 -132.04
CA ILE HB 9 -16.57 23.39 -131.32
C ILE HB 9 -17.30 22.49 -132.30
N ASP HB 10 -17.33 21.19 -132.00
CA ASP HB 10 -17.88 20.15 -132.87
C ASP HB 10 -17.17 20.16 -134.23
N SER HB 11 -15.87 19.90 -134.15
CA SER HB 11 -14.99 19.99 -135.30
C SER HB 11 -14.21 18.70 -135.46
N THR HB 12 -13.89 18.37 -136.71
CA THR HB 12 -13.06 17.20 -136.97
C THR HB 12 -11.59 17.57 -136.86
N ALA HB 13 -10.84 16.76 -136.14
CA ALA HB 13 -9.41 16.99 -135.89
C ALA HB 13 -8.62 16.03 -136.77
N SER HB 14 -7.91 16.57 -137.76
CA SER HB 14 -7.05 15.77 -138.61
C SER HB 14 -5.63 15.78 -138.04
N VAL HB 15 -4.73 15.07 -138.72
CA VAL HB 15 -3.32 15.09 -138.38
C VAL HB 15 -2.51 14.63 -139.59
N THR HB 16 -1.47 15.40 -139.94
CA THR HB 16 -0.63 15.09 -141.10
C THR HB 16 0.81 15.48 -140.76
N GLY HB 17 1.57 14.56 -140.18
CA GLY HB 17 2.99 14.78 -140.00
C GLY HB 17 3.87 13.62 -140.35
N GLY HB 18 3.28 12.44 -140.52
CA GLY HB 18 4.04 11.24 -140.77
C GLY HB 18 4.59 10.62 -139.51
N THR HB 19 5.57 9.73 -139.64
CA THR HB 19 6.18 9.01 -138.53
C THR HB 19 5.13 8.24 -137.75
N ALA HB 20 4.43 7.35 -138.46
CA ALA HB 20 3.37 6.57 -137.86
C ALA HB 20 3.92 5.46 -136.97
N ARG HB 21 3.99 5.72 -135.68
CA ARG HB 21 4.47 4.74 -134.72
C ARG HB 21 3.36 3.74 -134.39
N THR HB 22 3.67 2.84 -133.45
CA THR HB 22 2.74 1.80 -133.05
C THR HB 22 2.72 1.69 -131.54
N VAL HB 23 1.52 1.71 -130.96
CA VAL HB 23 1.34 1.48 -129.54
C VAL HB 23 1.31 -0.02 -129.30
N LYS HB 24 2.28 -0.55 -128.56
CA LYS HB 24 2.32 -1.96 -128.21
C LYS HB 24 2.12 -2.09 -126.71
N GLU HB 25 1.20 -2.95 -126.31
CA GLU HB 25 0.91 -3.08 -124.90
C GLU HB 25 1.99 -3.89 -124.19
N LEU HB 26 2.20 -3.59 -122.91
CA LEU HB 26 3.23 -4.26 -122.13
C LEU HB 26 2.59 -5.16 -121.07
N VAL HB 27 1.80 -4.60 -120.17
CA VAL HB 27 1.17 -5.35 -119.09
C VAL HB 27 -0.27 -4.88 -118.97
N ARG HB 28 -0.97 -5.44 -117.99
CA ARG HB 28 -2.36 -5.07 -117.76
C ARG HB 28 -2.68 -4.68 -116.32
N ASN HB 29 -1.99 -5.29 -115.35
CA ASN HB 29 -2.35 -5.27 -113.93
C ASN HB 29 -3.82 -4.96 -113.65
N ASN HB 30 -4.09 -4.16 -112.63
CA ASN HB 30 -5.45 -4.02 -112.09
C ASN HB 30 -6.21 -2.96 -112.87
N SER HB 31 -7.06 -3.41 -113.79
CA SER HB 31 -7.97 -2.55 -114.54
C SER HB 31 -7.21 -1.40 -115.22
N GLU HB 32 -6.04 -1.74 -115.74
CA GLU HB 32 -5.14 -0.78 -116.35
C GLU HB 32 -4.64 -1.37 -117.66
N LEU HB 33 -3.90 -0.57 -118.43
CA LEU HB 33 -3.25 -1.07 -119.64
C LEU HB 33 -2.00 -0.27 -119.92
N ASN HB 34 -0.85 -0.80 -119.54
CA ASN HB 34 0.40 -0.10 -119.73
C ASN HB 34 0.98 -0.50 -121.08
N ALA HB 35 1.11 0.46 -121.98
CA ALA HB 35 1.67 0.24 -123.30
C ALA HB 35 2.91 1.12 -123.49
N TYR HB 36 3.46 1.09 -124.70
CA TYR HB 36 4.59 1.94 -125.04
C TYR HB 36 4.58 2.20 -126.54
N ILE HB 37 5.17 3.32 -126.93
CA ILE HB 37 5.23 3.71 -128.33
C ILE HB 37 6.53 3.16 -128.92
N ASP HB 38 6.42 2.42 -130.02
CA ASP HB 38 7.58 1.77 -130.63
C ASP HB 38 8.22 2.72 -131.63
N GLU HB 39 9.28 3.39 -131.19
CA GLU HB 39 10.06 4.27 -132.04
C GLU HB 39 11.51 3.84 -132.21
N GLY HB 40 11.88 2.71 -131.65
CA GLY HB 40 13.24 2.21 -131.74
C GLY HB 40 14.21 2.78 -130.73
N LEU HB 41 13.73 3.44 -129.68
CA LEU HB 41 14.60 4.00 -128.66
C LEU HB 41 15.11 2.89 -127.74
N SER HB 42 15.84 3.30 -126.70
CA SER HB 42 16.33 2.33 -125.73
C SER HB 42 15.19 1.81 -124.88
N PHE HB 43 15.52 0.84 -124.01
CA PHE HB 43 14.49 0.21 -123.20
C PHE HB 43 13.97 1.14 -122.13
N GLN HB 44 14.87 1.82 -121.42
CA GLN HB 44 14.49 2.76 -120.37
C GLN HB 44 14.50 4.21 -120.87
N ALA HB 45 14.33 4.38 -122.20
CA ALA HB 45 14.17 5.72 -122.76
C ALA HB 45 12.98 5.79 -123.70
N ARG HB 46 12.12 4.78 -123.74
CA ARG HB 46 10.96 4.77 -124.61
C ARG HB 46 9.80 5.52 -123.97
N LYS HB 47 8.80 5.90 -124.77
CA LYS HB 47 7.62 6.58 -124.24
C LYS HB 47 6.56 5.54 -123.95
N GLU HB 48 6.22 5.38 -122.67
CA GLU HB 48 5.16 4.46 -122.24
C GLU HB 48 3.92 5.28 -121.93
N VAL HB 49 2.79 4.89 -122.54
CA VAL HB 49 1.52 5.53 -122.22
C VAL HB 49 0.62 4.50 -121.55
N ALA HB 50 0.08 4.89 -120.39
CA ALA HB 50 -0.75 4.02 -119.57
C ALA HB 50 -2.21 4.45 -119.62
N PHE HB 51 -3.10 3.47 -119.77
CA PHE HB 51 -4.54 3.67 -119.85
C PHE HB 51 -5.19 3.06 -118.62
N SER HB 52 -6.25 3.69 -118.12
CA SER HB 52 -6.92 3.17 -116.93
C SER HB 52 -8.40 3.55 -116.96
N VAL HB 53 -9.24 2.69 -116.39
CA VAL HB 53 -10.68 2.90 -116.35
C VAL HB 53 -11.18 2.84 -114.92
N LYS HB 54 -12.22 3.63 -114.65
CA LYS HB 54 -12.82 3.78 -113.34
C LYS HB 54 -14.34 3.78 -113.51
N VAL HB 55 -14.85 2.67 -114.04
CA VAL HB 55 -16.27 2.43 -114.31
C VAL HB 55 -17.17 2.84 -113.14
N PRO HB 56 -18.41 3.23 -113.40
CA PRO HB 56 -19.29 3.71 -112.33
C PRO HB 56 -19.68 2.61 -111.35
N LYS HB 57 -20.00 3.03 -110.13
CA LYS HB 57 -20.40 2.13 -109.06
C LYS HB 57 -21.67 2.68 -108.43
N VAL HB 58 -22.69 1.83 -108.29
CA VAL HB 58 -24.01 2.27 -107.86
C VAL HB 58 -23.95 2.82 -106.44
N SER HB 59 -24.21 4.12 -106.30
CA SER HB 59 -24.16 4.81 -105.03
C SER HB 59 -25.57 5.25 -104.62
N VAL HB 60 -25.68 5.85 -103.43
CA VAL HB 60 -26.91 6.49 -102.98
C VAL HB 60 -26.85 8.00 -103.14
N SER HB 61 -25.66 8.56 -103.00
CA SER HB 61 -25.32 9.94 -103.32
C SER HB 61 -25.19 10.06 -104.84
N ALA HB 62 -24.46 11.08 -105.33
CA ALA HB 62 -24.26 11.26 -106.75
C ALA HB 62 -25.57 11.61 -107.45
N PRO HB 63 -25.97 12.87 -107.41
CA PRO HB 63 -27.33 13.26 -107.84
C PRO HB 63 -27.55 13.02 -109.32
N GLY HB 64 -28.00 11.80 -109.63
CA GLY HB 64 -27.99 11.23 -110.95
C GLY HB 64 -27.87 9.73 -110.84
N GLY HB 65 -27.63 9.27 -109.61
CA GLY HB 65 -27.72 7.85 -109.29
C GLY HB 65 -26.45 7.22 -108.78
N PHE HB 66 -25.32 7.50 -109.44
CA PHE HB 66 -24.05 6.87 -109.09
C PHE HB 66 -22.89 7.57 -109.78
N THR HB 67 -21.69 7.25 -109.31
CA THR HB 67 -20.47 7.99 -109.62
C THR HB 67 -20.19 8.01 -111.12
N GLN HB 68 -19.36 8.97 -111.51
CA GLN HB 68 -19.02 9.13 -112.91
C GLN HB 68 -18.03 8.05 -113.36
N ALA HB 69 -17.90 7.94 -114.67
CA ALA HB 69 -17.03 6.93 -115.30
C ALA HB 69 -15.73 7.60 -115.71
N ARG HB 70 -14.61 7.18 -115.12
CA ARG HB 70 -13.35 7.86 -115.41
C ARG HB 70 -12.50 7.09 -116.40
N SER HB 71 -11.77 7.83 -117.23
CA SER HB 71 -10.82 7.25 -118.18
C SER HB 71 -9.55 8.10 -118.12
N THR HB 72 -8.44 7.48 -117.75
CA THR HB 72 -7.18 8.20 -117.62
C THR HB 72 -6.14 7.71 -118.62
N VAL HB 73 -5.38 8.65 -119.16
CA VAL HB 73 -4.26 8.36 -120.04
C VAL HB 73 -3.05 9.18 -119.57
N ILE HB 74 -1.97 8.50 -119.23
CA ILE HB 74 -0.73 9.17 -118.83
C ILE HB 74 0.35 8.83 -119.84
N LEU HB 75 0.91 9.84 -120.49
CA LEU HB 75 1.98 9.67 -121.47
C LEU HB 75 3.30 10.05 -120.78
N LYS HB 76 4.16 9.07 -120.58
CA LYS HB 76 5.44 9.30 -119.92
C LYS HB 76 6.55 9.38 -120.97
N SER HB 77 7.17 10.55 -121.08
CA SER HB 77 8.27 10.76 -122.01
C SER HB 77 9.55 10.97 -121.22
N PRO HB 78 10.50 10.04 -121.25
CA PRO HB 78 11.71 10.20 -120.44
C PRO HB 78 12.68 11.19 -121.09
N LYS HB 79 13.54 11.77 -120.26
CA LYS HB 79 14.48 12.79 -120.71
C LYS HB 79 15.76 12.69 -119.88
N THR HB 80 16.90 12.76 -120.56
CA THR HB 80 18.21 12.82 -119.91
C THR HB 80 18.62 14.28 -119.82
N LEU HB 81 18.89 14.75 -118.60
CA LEU HB 81 19.21 16.14 -118.39
C LEU HB 81 20.70 16.41 -118.64
N ALA HB 82 21.06 17.69 -118.65
CA ALA HB 82 22.46 18.07 -118.85
C ALA HB 82 23.33 17.58 -117.69
N ASN HB 83 22.83 17.70 -116.46
CA ASN HB 83 23.56 17.21 -115.30
C ASN HB 83 23.84 15.72 -115.39
N GLY HB 84 23.03 14.99 -116.14
CA GLY HB 84 23.32 13.59 -116.40
C GLY HB 84 22.25 12.62 -115.95
N ASN HB 85 21.50 12.98 -114.91
CA ASN HB 85 20.45 12.10 -114.41
C ASN HB 85 19.27 12.08 -115.37
N ARG HB 86 18.27 11.27 -115.02
CA ARG HB 86 17.09 11.04 -115.83
C ARG HB 86 15.85 11.56 -115.12
N THR HB 87 14.88 11.99 -115.90
CA THR HB 87 13.60 12.44 -115.36
C THR HB 87 12.53 12.04 -116.37
N VAL HB 88 11.27 12.13 -115.98
CA VAL HB 88 10.16 11.81 -116.87
C VAL HB 88 9.25 13.04 -116.96
N ASN HB 89 8.90 13.41 -118.18
CA ASN HB 89 7.96 14.49 -118.46
C ASN HB 89 6.64 13.83 -118.82
N THR HB 90 5.60 14.12 -118.05
CA THR HB 90 4.35 13.39 -118.16
C THR HB 90 3.22 14.29 -118.66
N VAL HB 91 2.25 13.68 -119.33
CA VAL HB 91 1.04 14.35 -119.77
C VAL HB 91 -0.16 13.49 -119.42
N SER HB 92 -0.83 13.82 -118.31
CA SER HB 92 -1.98 13.03 -117.89
C SER HB 92 -3.27 13.68 -118.38
N ILE HB 93 -4.26 12.82 -118.68
CA ILE HB 93 -5.56 13.27 -119.16
C ILE HB 93 -6.64 12.43 -118.49
N GLN HB 94 -7.66 13.07 -117.94
CA GLN HB 94 -8.76 12.38 -117.27
C GLN HB 94 -10.09 12.86 -117.83
N LEU HB 95 -11.09 11.97 -117.77
CA LEU HB 95 -12.39 12.18 -118.41
C LEU HB 95 -13.53 11.86 -117.43
N SER HB 96 -13.51 12.52 -116.27
CA SER HB 96 -14.57 12.34 -115.27
C SER HB 96 -15.88 12.85 -115.85
N VAL HB 97 -16.68 11.93 -116.40
CA VAL HB 97 -17.97 12.28 -116.99
C VAL HB 97 -19.06 11.37 -116.42
N ASP HB 98 -20.23 11.94 -116.23
CA ASP HB 98 -21.35 11.20 -115.68
C ASP HB 98 -21.79 10.11 -116.65
N PRO HB 99 -22.05 8.89 -116.17
CA PRO HB 99 -22.30 7.77 -117.08
C PRO HB 99 -23.52 7.92 -117.97
N GLU HB 100 -24.46 8.80 -117.62
CA GLU HB 100 -25.63 9.04 -118.45
C GLU HB 100 -25.31 9.85 -119.70
N THR HB 101 -24.10 10.39 -119.82
CA THR HB 101 -23.79 11.28 -120.93
C THR HB 101 -23.71 10.49 -122.23
N THR HB 102 -24.11 11.14 -123.32
CA THR HB 102 -24.13 10.50 -124.63
C THR HB 102 -22.74 10.53 -125.26
N ALA HB 103 -22.58 9.74 -126.32
CA ALA HB 103 -21.30 9.66 -127.02
C ALA HB 103 -21.01 10.89 -127.86
N ALA HB 104 -22.04 11.56 -128.38
CA ALA HB 104 -21.81 12.80 -129.11
C ALA HB 104 -21.26 13.89 -128.20
N GLU HB 105 -21.79 13.98 -126.97
CA GLU HB 105 -21.26 14.93 -126.01
C GLU HB 105 -19.81 14.62 -125.65
N VAL HB 106 -19.50 13.33 -125.47
CA VAL HB 106 -18.14 12.94 -125.17
C VAL HB 106 -17.21 13.29 -126.32
N THR HB 107 -17.67 13.06 -127.56
CA THR HB 107 -16.87 13.43 -128.72
C THR HB 107 -16.64 14.94 -128.77
N THR HB 108 -17.69 15.72 -128.48
CA THR HB 108 -17.55 17.17 -128.44
C THR HB 108 -16.50 17.59 -127.41
N MET HB 109 -16.58 17.01 -126.21
CA MET HB 109 -15.64 17.35 -125.15
C MET HB 109 -14.22 16.96 -125.52
N LEU HB 110 -14.05 15.77 -126.11
CA LEU HB 110 -12.72 15.29 -126.47
C LEU HB 110 -12.12 16.16 -127.57
N ASN HB 111 -12.95 16.59 -128.53
CA ASN HB 111 -12.45 17.48 -129.57
C ASN HB 111 -12.08 18.84 -129.01
N ALA HB 112 -12.92 19.38 -128.11
CA ALA HB 112 -12.62 20.68 -127.52
C ALA HB 112 -11.35 20.64 -126.68
N ALA HB 113 -11.21 19.62 -125.83
CA ALA HB 113 -10.00 19.46 -125.04
C ALA HB 113 -8.77 19.21 -125.88
N ALA HB 114 -8.87 18.35 -126.89
CA ALA HB 114 -7.75 18.11 -127.78
C ALA HB 114 -7.53 19.25 -128.75
N GLN HB 115 -8.51 20.15 -128.90
CA GLN HB 115 -8.30 21.37 -129.66
C GLN HB 115 -7.33 22.31 -128.96
N LEU HB 116 -7.29 22.25 -127.63
CA LEU HB 116 -6.16 22.75 -126.87
C LEU HB 116 -4.96 21.84 -127.13
N LEU HB 117 -3.81 22.18 -126.57
CA LEU HB 117 -2.59 21.39 -126.67
C LEU HB 117 -1.98 21.39 -128.07
N PHE HB 118 -2.67 21.93 -129.08
CA PHE HB 118 -2.00 22.12 -130.36
C PHE HB 118 -2.42 23.44 -130.99
N ASP HB 119 -3.36 24.14 -130.39
CA ASP HB 119 -3.72 25.46 -130.88
C ASP HB 119 -2.60 26.43 -130.58
N SER HB 120 -2.33 27.32 -131.54
CA SER HB 120 -1.24 28.27 -131.40
C SER HB 120 -1.43 29.25 -130.26
N ASP HB 121 -2.67 29.51 -129.86
CA ASP HB 121 -2.92 30.46 -128.79
C ASP HB 121 -2.32 29.97 -127.47
N TYR HB 122 -2.37 28.67 -127.22
CA TYR HB 122 -1.96 28.10 -125.96
C TYR HB 122 -0.51 27.63 -125.95
N SER HB 123 0.24 27.89 -127.02
CA SER HB 123 1.65 27.50 -127.10
C SER HB 123 2.44 28.05 -125.92
N ASP HB 124 2.30 29.35 -125.65
CA ASP HB 124 3.04 29.99 -124.58
C ASP HB 124 2.58 29.48 -123.21
N PHE HB 125 1.29 29.19 -123.07
CA PHE HB 125 0.80 28.63 -121.82
C PHE HB 125 1.41 27.27 -121.53
N TRP HB 126 1.46 26.40 -122.55
CA TRP HB 126 2.03 25.08 -122.35
C TRP HB 126 3.54 25.10 -122.22
N LYS HB 127 4.22 26.06 -122.84
CA LYS HB 127 5.68 26.06 -122.88
C LYS HB 127 6.28 26.95 -121.81
N ALA HB 128 5.95 28.24 -121.79
CA ALA HB 128 6.52 29.17 -120.82
C ALA HB 128 5.60 29.46 -119.64
N GLN HB 129 4.44 28.81 -119.58
CA GLN HB 129 3.47 28.99 -118.49
C GLN HB 129 2.93 30.41 -118.47
N ALA HB 130 2.75 31.00 -119.65
CA ALA HB 130 2.23 32.36 -119.77
C ALA HB 130 0.72 32.32 -119.60
N LEU HB 131 0.28 32.38 -118.35
CA LEU HB 131 -1.14 32.44 -118.02
C LEU HB 131 -1.77 33.68 -118.63
N ALA HB 132 -1.31 34.84 -118.19
CA ALA HB 132 -1.74 36.10 -118.79
C ALA HB 132 -0.86 36.41 -119.98
N ALA IB 1 -117.16 -34.74 -44.74
CA ALA IB 1 -118.38 -34.34 -45.41
C ALA IB 1 -118.23 -32.93 -45.98
N ILE IB 2 -117.03 -32.37 -45.83
CA ILE IB 2 -116.66 -31.14 -46.51
C ILE IB 2 -116.16 -31.51 -47.90
N ALA IB 3 -117.09 -31.60 -48.85
CA ALA IB 3 -116.76 -32.00 -50.20
C ALA IB 3 -117.84 -31.49 -51.13
N ASN IB 4 -118.82 -32.33 -51.45
CA ASN IB 4 -120.02 -31.84 -52.13
C ASN IB 4 -121.13 -31.64 -51.11
N SER IB 5 -120.92 -30.68 -50.19
CA SER IB 5 -121.91 -30.34 -49.17
C SER IB 5 -122.99 -29.44 -49.76
N SER IB 6 -123.77 -28.79 -48.91
CA SER IB 6 -124.76 -27.84 -49.41
C SER IB 6 -125.02 -26.78 -48.34
N ILE IB 7 -125.06 -25.53 -48.78
CA ILE IB 7 -125.33 -24.40 -47.89
C ILE IB 7 -126.26 -23.42 -48.59
N ALA IB 8 -127.28 -22.95 -47.89
CA ALA IB 8 -128.19 -21.95 -48.43
C ALA IB 8 -127.59 -20.57 -48.23
N ILE IB 9 -127.50 -19.81 -49.31
CA ILE IB 9 -126.91 -18.47 -49.27
C ILE IB 9 -128.03 -17.44 -49.37
N ASP IB 10 -127.95 -16.41 -48.52
CA ASP IB 10 -128.99 -15.38 -48.40
C ASP IB 10 -130.31 -16.00 -47.97
N SER IB 11 -130.29 -16.64 -46.81
CA SER IB 11 -131.45 -17.33 -46.26
C SER IB 11 -131.67 -16.93 -44.81
N THR IB 12 -132.89 -17.13 -44.34
CA THR IB 12 -133.24 -16.85 -42.95
C THR IB 12 -133.12 -18.10 -42.10
N ALA IB 13 -132.50 -17.95 -40.93
CA ALA IB 13 -132.28 -19.05 -40.01
C ALA IB 13 -133.21 -18.91 -38.81
N SER IB 14 -133.67 -20.06 -38.31
CA SER IB 14 -134.63 -20.09 -37.23
C SER IB 14 -134.22 -21.15 -36.22
N VAL IB 15 -134.84 -21.10 -35.05
CA VAL IB 15 -134.55 -22.02 -33.95
C VAL IB 15 -135.87 -22.51 -33.37
N THR IB 16 -135.98 -23.81 -33.16
CA THR IB 16 -137.16 -24.42 -32.56
C THR IB 16 -136.76 -25.25 -31.35
N GLY IB 17 -137.63 -25.29 -30.35
CA GLY IB 17 -137.39 -26.08 -29.17
C GLY IB 17 -136.35 -25.45 -28.25
N GLY IB 18 -135.68 -26.29 -27.48
CA GLY IB 18 -134.70 -25.82 -26.53
C GLY IB 18 -135.35 -25.14 -25.34
N THR IB 19 -134.50 -24.48 -24.55
CA THR IB 19 -134.95 -23.78 -23.33
C THR IB 19 -134.39 -22.37 -23.38
N ALA IB 20 -135.27 -21.39 -23.58
CA ALA IB 20 -134.88 -19.99 -23.66
C ALA IB 20 -134.21 -19.52 -22.37
N ARG IB 21 -132.92 -19.23 -22.43
CA ARG IB 21 -132.17 -18.70 -21.31
C ARG IB 21 -132.09 -17.18 -21.44
N THR IB 22 -131.27 -16.54 -20.61
CA THR IB 22 -131.12 -15.09 -20.64
C THR IB 22 -129.65 -14.76 -20.45
N VAL IB 23 -129.15 -13.80 -21.22
CA VAL IB 23 -127.76 -13.37 -21.15
C VAL IB 23 -127.70 -12.20 -20.18
N LYS IB 24 -127.23 -12.46 -18.97
CA LYS IB 24 -127.10 -11.42 -17.96
C LYS IB 24 -125.73 -10.76 -18.07
N GLU IB 25 -125.72 -9.44 -18.16
CA GLU IB 25 -124.50 -8.69 -18.37
C GLU IB 25 -123.77 -8.46 -17.04
N LEU IB 26 -122.45 -8.64 -17.07
CA LEU IB 26 -121.67 -8.65 -15.85
C LEU IB 26 -120.81 -7.40 -15.80
N VAL IB 27 -119.92 -7.18 -16.77
CA VAL IB 27 -118.99 -6.07 -16.76
C VAL IB 27 -118.85 -5.53 -18.17
N ARG IB 28 -118.88 -4.20 -18.30
CA ARG IB 28 -118.81 -3.53 -19.59
C ARG IB 28 -117.69 -2.50 -19.49
N ASN IB 29 -116.55 -2.80 -20.09
CA ASN IB 29 -115.41 -1.88 -20.06
C ASN IB 29 -114.36 -2.34 -21.05
N ASN IB 30 -113.48 -1.41 -21.41
CA ASN IB 30 -112.33 -1.67 -22.28
C ASN IB 30 -112.75 -2.30 -23.60
N SER IB 31 -113.82 -1.77 -24.20
CA SER IB 31 -114.37 -2.26 -25.47
C SER IB 31 -114.84 -3.71 -25.35
N GLU IB 32 -115.09 -4.15 -24.12
CA GLU IB 32 -115.45 -5.54 -23.85
C GLU IB 32 -116.69 -5.58 -22.97
N LEU IB 33 -117.54 -6.59 -23.20
CA LEU IB 33 -118.76 -6.82 -22.43
C LEU IB 33 -118.72 -8.29 -22.01
N ASN IB 34 -118.47 -8.51 -20.73
CA ASN IB 34 -118.56 -9.85 -20.17
C ASN IB 34 -119.98 -10.12 -19.69
N ALA IB 35 -120.51 -11.28 -20.02
CA ALA IB 35 -121.85 -11.65 -19.61
C ALA IB 35 -121.88 -13.16 -19.37
N TYR IB 36 -123.00 -13.66 -18.86
CA TYR IB 36 -123.13 -15.08 -18.61
C TYR IB 36 -124.54 -15.51 -18.96
N ILE IB 37 -124.66 -16.74 -19.45
CA ILE IB 37 -125.96 -17.33 -19.74
C ILE IB 37 -126.50 -17.94 -18.45
N ASP IB 38 -127.74 -17.61 -18.12
CA ASP IB 38 -128.34 -18.00 -16.85
C ASP IB 38 -129.14 -19.28 -17.08
N GLU IB 39 -128.59 -20.40 -16.62
CA GLU IB 39 -129.28 -21.69 -16.66
C GLU IB 39 -129.55 -22.24 -15.27
N GLY IB 40 -129.38 -21.43 -14.22
CA GLY IB 40 -129.53 -21.90 -12.87
C GLY IB 40 -128.47 -22.90 -12.49
N LEU IB 41 -127.22 -22.59 -12.84
CA LEU IB 41 -126.08 -23.44 -12.55
C LEU IB 41 -125.20 -22.75 -11.50
N SER IB 42 -124.15 -23.44 -11.08
CA SER IB 42 -123.21 -22.89 -10.11
C SER IB 42 -122.27 -21.91 -10.81
N PHE IB 43 -121.54 -21.13 -10.01
CA PHE IB 43 -120.60 -20.18 -10.57
C PHE IB 43 -119.45 -20.85 -11.31
N GLN IB 44 -119.00 -22.00 -10.83
CA GLN IB 44 -117.94 -22.77 -11.48
C GLN IB 44 -118.36 -23.41 -12.79
N ALA IB 45 -119.67 -23.57 -13.03
CA ALA IB 45 -120.12 -24.05 -14.32
C ALA IB 45 -121.19 -23.08 -14.82
N ARG IB 46 -120.75 -21.98 -15.41
CA ARG IB 46 -121.63 -21.00 -16.03
C ARG IB 46 -121.50 -21.13 -17.55
N LYS IB 47 -122.03 -20.22 -18.34
CA LYS IB 47 -121.81 -20.21 -19.78
C LYS IB 47 -121.34 -18.82 -20.21
N GLU IB 48 -120.30 -18.33 -19.54
CA GLU IB 48 -119.80 -16.97 -19.78
C GLU IB 48 -119.54 -16.73 -21.26
N VAL IB 49 -119.99 -15.57 -21.74
CA VAL IB 49 -119.78 -15.15 -23.12
C VAL IB 49 -119.26 -13.72 -23.11
N ALA IB 50 -118.20 -13.47 -23.88
CA ALA IB 50 -117.54 -12.18 -23.95
C ALA IB 50 -117.69 -11.59 -25.35
N PHE IB 51 -118.17 -10.34 -25.41
CA PHE IB 51 -118.35 -9.61 -26.64
C PHE IB 51 -117.31 -8.50 -26.71
N SER IB 52 -116.51 -8.49 -27.77
CA SER IB 52 -115.46 -7.49 -27.91
C SER IB 52 -115.59 -6.82 -29.27
N VAL IB 53 -115.23 -5.54 -29.31
CA VAL IB 53 -115.32 -4.74 -30.52
C VAL IB 53 -114.01 -3.99 -30.72
N LYS IB 54 -113.52 -4.01 -31.97
CA LYS IB 54 -112.29 -3.35 -32.36
C LYS IB 54 -112.63 -2.46 -33.55
N VAL IB 55 -112.73 -1.16 -33.29
CA VAL IB 55 -113.18 -0.16 -34.25
C VAL IB 55 -112.08 0.15 -35.27
N PRO IB 56 -112.42 0.53 -36.50
CA PRO IB 56 -111.38 0.84 -37.48
C PRO IB 56 -110.66 2.14 -37.16
N LYS IB 57 -109.38 2.19 -37.55
CA LYS IB 57 -108.57 3.38 -37.42
C LYS IB 57 -107.98 3.75 -38.78
N VAL IB 58 -107.64 5.03 -38.93
CA VAL IB 58 -107.12 5.53 -40.20
C VAL IB 58 -105.75 4.91 -40.48
N SER IB 59 -105.49 4.60 -41.75
CA SER IB 59 -104.24 3.99 -42.16
C SER IB 59 -103.83 4.56 -43.52
N VAL IB 60 -102.63 4.18 -43.96
CA VAL IB 60 -102.17 4.49 -45.29
C VAL IB 60 -102.15 3.26 -46.20
N SER IB 61 -101.83 2.10 -45.66
CA SER IB 61 -102.03 0.81 -46.27
C SER IB 61 -103.51 0.43 -46.08
N ALA IB 62 -103.82 -0.87 -46.21
CA ALA IB 62 -105.20 -1.31 -46.02
C ALA IB 62 -106.09 -0.70 -47.10
N PRO IB 63 -106.13 -1.30 -48.28
CA PRO IB 63 -106.50 -0.55 -49.50
C PRO IB 63 -107.91 -0.02 -49.47
N GLY IB 64 -108.05 1.18 -48.93
CA GLY IB 64 -109.33 1.77 -48.56
C GLY IB 64 -109.15 2.69 -47.37
N GLY IB 65 -107.98 2.67 -46.76
CA GLY IB 65 -107.59 3.70 -45.83
C GLY IB 65 -107.76 3.33 -44.37
N PHE IB 66 -108.58 2.33 -44.08
CA PHE IB 66 -108.85 1.93 -42.71
C PHE IB 66 -108.60 0.44 -42.49
N THR IB 67 -108.16 0.13 -41.28
CA THR IB 67 -108.13 -1.24 -40.83
C THR IB 67 -109.56 -1.77 -40.70
N GLN IB 68 -109.69 -3.09 -40.67
CA GLN IB 68 -111.02 -3.69 -40.65
C GLN IB 68 -111.65 -3.56 -39.27
N ALA IB 69 -112.98 -3.48 -39.26
CA ALA IB 69 -113.75 -3.48 -38.03
C ALA IB 69 -113.95 -4.93 -37.60
N ARG IB 70 -113.55 -5.25 -36.37
CA ARG IB 70 -113.61 -6.61 -35.86
C ARG IB 70 -114.62 -6.71 -34.72
N SER IB 71 -115.42 -7.78 -34.75
CA SER IB 71 -116.37 -8.08 -33.69
C SER IB 71 -116.12 -9.54 -33.29
N THR IB 72 -115.81 -9.74 -32.02
CA THR IB 72 -115.45 -11.06 -31.52
C THR IB 72 -116.39 -11.51 -30.42
N VAL IB 73 -116.84 -12.76 -30.50
CA VAL IB 73 -117.64 -13.35 -29.44
C VAL IB 73 -116.97 -14.65 -29.00
N ILE IB 74 -116.68 -14.75 -27.71
CA ILE IB 74 -116.14 -16.00 -27.16
C ILE IB 74 -117.13 -16.57 -26.16
N LEU IB 75 -117.58 -17.79 -26.41
CA LEU IB 75 -118.48 -18.51 -25.52
C LEU IB 75 -117.66 -19.55 -24.78
N LYS IB 76 -117.74 -19.53 -23.45
CA LYS IB 76 -116.97 -20.46 -22.64
C LYS IB 76 -117.89 -21.48 -21.99
N SER IB 77 -117.48 -22.75 -22.03
CA SER IB 77 -118.27 -23.86 -21.50
C SER IB 77 -117.43 -24.66 -20.53
N PRO IB 78 -117.54 -24.41 -19.23
CA PRO IB 78 -116.83 -25.24 -18.25
C PRO IB 78 -117.24 -26.70 -18.29
N LYS IB 79 -116.27 -27.58 -18.45
CA LYS IB 79 -116.46 -29.01 -18.38
C LYS IB 79 -115.66 -29.56 -17.20
N THR IB 80 -116.23 -30.56 -16.53
CA THR IB 80 -115.58 -31.26 -15.43
C THR IB 80 -115.16 -32.64 -15.91
N LEU IB 81 -113.89 -32.96 -15.75
CA LEU IB 81 -113.31 -34.17 -16.31
C LEU IB 81 -113.52 -35.36 -15.37
N ALA IB 82 -113.10 -36.53 -15.83
CA ALA IB 82 -113.27 -37.74 -15.03
C ALA IB 82 -112.46 -37.68 -13.75
N ASN IB 83 -111.20 -37.22 -13.84
CA ASN IB 83 -110.38 -37.09 -12.64
C ASN IB 83 -110.94 -36.03 -11.70
N GLY IB 84 -111.47 -34.95 -12.25
CA GLY IB 84 -112.10 -33.93 -11.44
C GLY IB 84 -111.57 -32.53 -11.68
N ASN IB 85 -110.55 -32.42 -12.53
CA ASN IB 85 -110.06 -31.11 -12.92
C ASN IB 85 -111.07 -30.41 -13.82
N ARG IB 86 -111.07 -29.08 -13.74
CA ARG IB 86 -111.99 -28.26 -14.52
C ARG IB 86 -111.28 -27.69 -15.74
N THR IB 87 -111.88 -27.87 -16.91
CA THR IB 87 -111.39 -27.27 -18.14
C THR IB 87 -112.49 -26.38 -18.70
N VAL IB 88 -112.14 -25.51 -19.64
CA VAL IB 88 -113.10 -24.64 -20.29
C VAL IB 88 -113.05 -24.93 -21.79
N ASN IB 89 -114.21 -25.20 -22.38
CA ASN IB 89 -114.35 -25.39 -23.83
C ASN IB 89 -114.89 -24.09 -24.41
N THR IB 90 -114.19 -23.56 -25.40
CA THR IB 90 -114.52 -22.25 -25.95
C THR IB 90 -114.88 -22.32 -27.43
N VAL IB 91 -115.77 -21.43 -27.84
CA VAL IB 91 -116.02 -21.17 -29.26
C VAL IB 91 -115.80 -19.70 -29.53
N SER IB 92 -114.87 -19.39 -30.42
CA SER IB 92 -114.63 -18.00 -30.81
C SER IB 92 -115.25 -17.72 -32.17
N ILE IB 93 -115.86 -16.55 -32.29
CA ILE IB 93 -116.47 -16.10 -33.55
C ILE IB 93 -115.95 -14.69 -33.79
N GLN IB 94 -115.09 -14.54 -34.79
CA GLN IB 94 -114.48 -13.26 -35.12
C GLN IB 94 -114.92 -12.85 -36.53
N LEU IB 95 -115.54 -11.69 -36.64
CA LEU IB 95 -115.99 -11.14 -37.91
C LEU IB 95 -115.18 -9.88 -38.17
N SER IB 96 -114.44 -9.87 -39.28
CA SER IB 96 -113.65 -8.71 -39.69
C SER IB 96 -114.18 -8.23 -41.03
N VAL IB 97 -114.71 -7.01 -41.08
CA VAL IB 97 -115.22 -6.44 -42.31
C VAL IB 97 -114.57 -5.09 -42.58
N ASP IB 98 -114.33 -4.82 -43.85
CA ASP IB 98 -113.95 -3.47 -44.25
C ASP IB 98 -115.12 -2.53 -43.97
N PRO IB 99 -114.84 -1.30 -43.52
CA PRO IB 99 -115.94 -0.39 -43.16
C PRO IB 99 -116.86 -0.04 -44.32
N GLU IB 100 -116.43 -0.22 -45.57
CA GLU IB 100 -117.31 0.04 -46.70
C GLU IB 100 -118.39 -1.03 -46.87
N THR IB 101 -118.29 -2.12 -46.13
CA THR IB 101 -119.20 -3.26 -46.32
C THR IB 101 -120.62 -2.91 -45.92
N THR IB 102 -121.56 -3.23 -46.79
CA THR IB 102 -122.97 -2.96 -46.54
C THR IB 102 -123.52 -3.93 -45.49
N ALA IB 103 -124.73 -3.65 -45.02
CA ALA IB 103 -125.34 -4.50 -44.01
C ALA IB 103 -125.85 -5.80 -44.60
N ALA IB 104 -126.27 -5.79 -45.87
CA ALA IB 104 -126.67 -7.02 -46.53
C ALA IB 104 -125.50 -7.96 -46.73
N GLU IB 105 -124.32 -7.43 -47.06
CA GLU IB 105 -123.14 -8.27 -47.21
C GLU IB 105 -122.71 -8.88 -45.88
N VAL IB 106 -122.89 -8.15 -44.78
CA VAL IB 106 -122.62 -8.70 -43.46
C VAL IB 106 -123.65 -9.75 -43.09
N THR IB 107 -124.92 -9.50 -43.42
CA THR IB 107 -125.97 -10.48 -43.13
C THR IB 107 -125.72 -11.79 -43.87
N THR IB 108 -125.32 -11.71 -45.13
CA THR IB 108 -125.03 -12.93 -45.89
C THR IB 108 -123.89 -13.71 -45.25
N MET IB 109 -122.82 -13.01 -44.85
CA MET IB 109 -121.69 -13.64 -44.21
C MET IB 109 -122.11 -14.32 -42.91
N LEU IB 110 -122.90 -13.62 -42.09
CA LEU IB 110 -123.34 -14.16 -40.82
C LEU IB 110 -124.20 -15.40 -41.02
N ASN IB 111 -125.11 -15.35 -41.99
CA ASN IB 111 -125.99 -16.49 -42.21
C ASN IB 111 -125.23 -17.70 -42.75
N ALA IB 112 -124.29 -17.48 -43.67
CA ALA IB 112 -123.48 -18.60 -44.16
C ALA IB 112 -122.62 -19.20 -43.04
N ALA IB 113 -122.02 -18.35 -42.21
CA ALA IB 113 -121.21 -18.84 -41.11
C ALA IB 113 -122.06 -19.59 -40.09
N ALA IB 114 -123.33 -19.22 -39.93
CA ALA IB 114 -124.20 -19.91 -38.99
C ALA IB 114 -124.40 -21.37 -39.42
N GLN IB 115 -124.76 -21.59 -40.69
CA GLN IB 115 -124.87 -22.95 -41.20
C GLN IB 115 -123.53 -23.65 -41.27
N LEU IB 116 -122.42 -22.91 -41.31
CA LEU IB 116 -121.11 -23.55 -41.31
C LEU IB 116 -120.86 -24.32 -40.01
N LEU IB 117 -121.55 -23.98 -38.92
CA LEU IB 117 -121.35 -24.69 -37.67
C LEU IB 117 -122.64 -25.30 -37.10
N PHE IB 118 -123.68 -25.44 -37.92
CA PHE IB 118 -124.81 -26.27 -37.50
C PHE IB 118 -125.34 -27.20 -38.58
N ASP IB 119 -124.91 -27.11 -39.84
CA ASP IB 119 -125.36 -28.06 -40.85
C ASP IB 119 -124.84 -29.46 -40.54
N SER IB 120 -125.62 -30.47 -40.94
CA SER IB 120 -125.41 -31.82 -40.44
C SER IB 120 -124.12 -32.43 -40.99
N ASP IB 121 -123.64 -31.95 -42.14
CA ASP IB 121 -122.42 -32.50 -42.72
C ASP IB 121 -121.21 -32.17 -41.86
N TYR IB 122 -121.02 -30.89 -41.59
CA TYR IB 122 -119.86 -30.41 -40.84
C TYR IB 122 -119.88 -30.95 -39.42
N SER IB 123 -120.93 -31.68 -39.06
CA SER IB 123 -120.94 -32.37 -37.78
C SER IB 123 -119.73 -33.30 -37.65
N ASP IB 124 -119.30 -33.92 -38.75
CA ASP IB 124 -118.11 -34.74 -38.66
C ASP IB 124 -116.84 -33.93 -38.51
N PHE IB 125 -116.82 -32.70 -39.00
CA PHE IB 125 -115.64 -31.85 -38.89
C PHE IB 125 -115.48 -31.26 -37.48
N TRP IB 126 -116.58 -30.92 -36.82
CA TRP IB 126 -116.50 -30.28 -35.51
C TRP IB 126 -116.29 -31.29 -34.39
N LYS IB 127 -116.98 -32.43 -34.45
CA LYS IB 127 -116.87 -33.44 -33.40
C LYS IB 127 -115.74 -34.43 -33.68
N ALA IB 128 -115.78 -35.11 -34.82
CA ALA IB 128 -114.78 -36.11 -35.15
C ALA IB 128 -113.48 -35.51 -35.65
N GLN IB 129 -113.45 -34.20 -35.93
CA GLN IB 129 -112.26 -33.53 -36.46
C GLN IB 129 -111.84 -34.14 -37.79
N ALA IB 130 -112.84 -34.45 -38.61
CA ALA IB 130 -112.67 -35.19 -39.86
C ALA IB 130 -112.79 -34.24 -41.04
N LEU IB 131 -111.69 -34.03 -41.75
CA LEU IB 131 -111.66 -33.12 -42.90
C LEU IB 131 -112.46 -33.67 -44.07
N ALA IB 132 -112.51 -34.98 -44.23
CA ALA IB 132 -113.34 -35.57 -45.28
C ALA IB 132 -114.09 -36.79 -44.78
N ALA JB 1 -130.20 -5.67 -27.02
CA ALA JB 1 -129.03 -6.27 -27.62
C ALA JB 1 -128.33 -7.19 -26.64
N ILE JB 2 -127.01 -7.04 -26.52
CA ILE JB 2 -126.27 -7.79 -25.52
C ILE JB 2 -126.50 -7.16 -24.16
N ALA JB 3 -127.44 -7.72 -23.40
CA ALA JB 3 -127.86 -7.14 -22.13
C ALA JB 3 -128.93 -8.01 -21.49
N ASN JB 4 -130.00 -8.29 -22.22
CA ASN JB 4 -131.11 -9.11 -21.74
C ASN JB 4 -131.56 -10.09 -22.81
N SER JB 5 -130.68 -10.39 -23.77
CA SER JB 5 -131.06 -11.24 -24.89
C SER JB 5 -131.27 -12.68 -24.42
N SER JB 6 -132.11 -13.40 -25.16
CA SER JB 6 -132.46 -14.78 -24.85
C SER JB 6 -131.87 -15.71 -25.92
N ILE JB 7 -131.23 -16.78 -25.48
CA ILE JB 7 -130.68 -17.80 -26.37
C ILE JB 7 -131.26 -19.14 -25.98
N ALA JB 8 -131.78 -19.87 -26.95
CA ALA JB 8 -132.45 -21.15 -26.70
C ALA JB 8 -131.42 -22.27 -26.66
N ILE JB 9 -130.99 -22.65 -25.46
CA ILE JB 9 -129.98 -23.69 -25.28
C ILE JB 9 -130.57 -25.04 -25.67
N ASP JB 10 -129.77 -25.83 -26.39
CA ASP JB 10 -130.13 -27.19 -26.80
C ASP JB 10 -131.41 -27.19 -27.64
N SER JB 11 -131.47 -26.30 -28.60
CA SER JB 11 -132.57 -26.23 -29.55
C SER JB 11 -132.13 -26.79 -30.91
N THR JB 12 -133.03 -26.73 -31.88
CA THR JB 12 -132.74 -27.16 -33.24
C THR JB 12 -132.79 -25.95 -34.16
N ALA JB 13 -131.69 -25.71 -34.87
CA ALA JB 13 -131.59 -24.58 -35.79
C ALA JB 13 -131.73 -25.07 -37.23
N SER JB 14 -132.57 -24.38 -38.00
CA SER JB 14 -132.83 -24.73 -39.38
C SER JB 14 -132.74 -23.49 -40.26
N VAL JB 15 -132.91 -23.70 -41.56
CA VAL JB 15 -132.78 -22.64 -42.57
C VAL JB 15 -133.90 -22.79 -43.58
N THR JB 16 -134.51 -21.67 -43.96
CA THR JB 16 -135.53 -21.64 -45.00
C THR JB 16 -135.17 -20.57 -46.02
N GLY JB 17 -135.64 -20.75 -47.25
CA GLY JB 17 -135.34 -19.81 -48.31
C GLY JB 17 -133.90 -19.94 -48.80
N GLY JB 18 -133.47 -18.94 -49.55
CA GLY JB 18 -132.10 -18.87 -50.03
C GLY JB 18 -131.86 -19.76 -51.24
N THR JB 19 -130.61 -19.71 -51.70
CA THR JB 19 -130.14 -20.55 -52.78
C THR JB 19 -129.13 -21.55 -52.25
N ALA JB 20 -129.29 -22.80 -52.66
CA ALA JB 20 -128.47 -23.91 -52.18
C ALA JB 20 -127.22 -24.01 -53.06
N ARG JB 21 -126.08 -23.61 -52.51
CA ARG JB 21 -124.83 -23.77 -53.21
C ARG JB 21 -124.10 -25.02 -52.69
N THR JB 22 -123.12 -25.49 -53.48
CA THR JB 22 -122.61 -26.84 -53.29
C THR JB 22 -121.36 -26.88 -52.41
N VAL JB 23 -120.48 -25.88 -52.54
CA VAL JB 23 -119.17 -25.86 -51.90
C VAL JB 23 -118.30 -26.92 -52.56
N LYS JB 24 -117.15 -26.49 -53.11
CA LYS JB 24 -116.28 -27.37 -53.88
C LYS JB 24 -114.88 -27.29 -53.31
N GLU JB 25 -114.23 -28.43 -53.13
CA GLU JB 25 -112.88 -28.46 -52.58
C GLU JB 25 -111.89 -27.91 -53.60
N LEU JB 26 -111.00 -27.04 -53.14
CA LEU JB 26 -109.92 -26.54 -53.99
C LEU JB 26 -108.62 -27.32 -53.75
N VAL JB 27 -108.08 -27.25 -52.55
CA VAL JB 27 -106.74 -27.75 -52.24
C VAL JB 27 -106.77 -28.36 -50.85
N ARG JB 28 -106.02 -29.44 -50.69
CA ARG JB 28 -105.96 -30.18 -49.44
C ARG JB 28 -104.51 -30.18 -48.96
N ASN JB 29 -104.27 -30.84 -47.82
CA ASN JB 29 -102.95 -31.06 -47.25
C ASN JB 29 -102.38 -29.78 -46.65
N ASN JB 30 -101.92 -29.87 -45.40
CA ASN JB 30 -102.09 -31.05 -44.58
C ASN JB 30 -102.78 -30.67 -43.29
N SER JB 31 -103.82 -31.43 -42.92
CA SER JB 31 -104.71 -31.06 -41.83
C SER JB 31 -105.31 -29.68 -42.07
N GLU JB 32 -105.58 -29.40 -43.35
CA GLU JB 32 -106.06 -28.09 -43.78
C GLU JB 32 -106.80 -28.25 -45.10
N LEU JB 33 -108.12 -28.09 -45.08
CA LEU JB 33 -108.91 -28.14 -46.31
C LEU JB 33 -109.20 -26.73 -46.80
N ASN JB 34 -109.29 -26.59 -48.12
CA ASN JB 34 -109.66 -25.33 -48.75
C ASN JB 34 -110.76 -25.61 -49.76
N ALA JB 35 -111.85 -24.88 -49.67
CA ALA JB 35 -113.00 -25.09 -50.54
C ALA JB 35 -113.49 -23.72 -51.01
N TYR JB 36 -114.59 -23.73 -51.75
CA TYR JB 36 -115.21 -22.48 -52.19
C TYR JB 36 -116.67 -22.73 -52.46
N ILE JB 37 -117.51 -21.78 -52.09
CA ILE JB 37 -118.95 -21.88 -52.30
C ILE JB 37 -119.23 -21.46 -53.73
N ASP JB 38 -119.65 -22.41 -54.56
CA ASP JB 38 -119.87 -22.17 -55.98
C ASP JB 38 -121.25 -21.56 -56.20
N GLU JB 39 -121.29 -20.28 -56.57
CA GLU JB 39 -122.54 -19.59 -56.87
C GLU JB 39 -122.48 -18.93 -58.23
N GLY JB 40 -121.68 -19.49 -59.14
CA GLY JB 40 -121.55 -18.95 -60.49
C GLY JB 40 -120.93 -17.56 -60.53
N LEU JB 41 -119.91 -17.33 -59.73
CA LEU JB 41 -119.21 -16.05 -59.72
C LEU JB 41 -117.81 -16.23 -60.30
N SER JB 42 -117.12 -15.11 -60.48
CA SER JB 42 -115.79 -15.14 -61.06
C SER JB 42 -114.76 -15.63 -60.05
N PHE JB 43 -113.52 -15.80 -60.51
CA PHE JB 43 -112.47 -16.33 -59.67
C PHE JB 43 -112.10 -15.37 -58.54
N GLN JB 44 -112.17 -14.07 -58.77
CA GLN JB 44 -111.82 -13.10 -57.74
C GLN JB 44 -112.99 -12.78 -56.80
N ALA JB 45 -114.19 -13.22 -57.13
CA ALA JB 45 -115.38 -12.85 -56.37
C ALA JB 45 -116.04 -14.06 -55.70
N ARG JB 46 -115.32 -15.18 -55.61
CA ARG JB 46 -115.89 -16.39 -55.02
C ARG JB 46 -115.65 -16.41 -53.51
N LYS JB 47 -116.52 -17.14 -52.82
CA LYS JB 47 -116.56 -17.18 -51.35
C LYS JB 47 -115.29 -17.74 -50.72
N GLU JB 48 -114.94 -18.99 -51.03
CA GLU JB 48 -113.72 -19.62 -50.53
C GLU JB 48 -113.62 -19.80 -49.02
N VAL JB 49 -114.41 -20.73 -48.46
CA VAL JB 49 -114.29 -21.11 -47.05
C VAL JB 49 -113.15 -22.12 -46.90
N ALA JB 50 -112.34 -21.94 -45.84
CA ALA JB 50 -111.23 -22.83 -45.52
C ALA JB 50 -111.44 -23.51 -44.18
N PHE JB 51 -110.93 -24.74 -44.06
CA PHE JB 51 -111.11 -25.58 -42.89
C PHE JB 51 -109.76 -26.01 -42.35
N SER JB 52 -109.50 -25.73 -41.08
CA SER JB 52 -108.26 -26.11 -40.42
C SER JB 52 -108.56 -27.05 -39.27
N VAL JB 53 -107.52 -27.75 -38.80
CA VAL JB 53 -107.67 -28.73 -37.73
C VAL JB 53 -106.36 -28.87 -36.96
N LYS JB 54 -106.45 -28.88 -35.63
CA LYS JB 54 -105.33 -29.18 -34.75
C LYS JB 54 -105.74 -30.35 -33.87
N VAL JB 55 -105.10 -31.49 -34.08
CA VAL JB 55 -105.49 -32.71 -33.37
C VAL JB 55 -105.06 -32.62 -31.91
N PRO JB 56 -105.70 -33.33 -30.99
CA PRO JB 56 -105.28 -33.27 -29.58
C PRO JB 56 -103.88 -33.86 -29.41
N LYS JB 57 -102.99 -33.06 -28.84
CA LYS JB 57 -101.61 -33.47 -28.61
C LYS JB 57 -101.44 -33.85 -27.15
N VAL JB 58 -100.86 -35.00 -26.89
CA VAL JB 58 -100.74 -35.52 -25.53
C VAL JB 58 -99.66 -34.74 -24.80
N SER JB 59 -100.08 -33.78 -23.98
CA SER JB 59 -99.18 -33.02 -23.12
C SER JB 59 -99.09 -33.70 -21.75
N VAL JB 60 -98.54 -32.99 -20.76
CA VAL JB 60 -98.44 -33.55 -19.42
C VAL JB 60 -99.16 -32.65 -18.43
N SER JB 61 -98.90 -31.36 -18.49
CA SER JB 61 -99.43 -30.41 -17.51
C SER JB 61 -100.71 -29.76 -18.03
N ALA JB 62 -101.69 -30.62 -18.33
CA ALA JB 62 -102.96 -30.14 -18.83
C ALA JB 62 -104.10 -30.91 -18.19
N PRO JB 63 -105.28 -30.31 -18.06
CA PRO JB 63 -106.45 -31.08 -17.62
C PRO JB 63 -106.72 -32.23 -18.57
N GLY JB 64 -107.00 -33.40 -17.99
CA GLY JB 64 -107.26 -34.57 -18.80
C GLY JB 64 -106.00 -35.27 -19.26
N GLY JB 65 -104.97 -34.48 -19.57
CA GLY JB 65 -103.69 -35.01 -19.98
C GLY JB 65 -103.23 -34.47 -21.32
N PHE JB 66 -104.14 -34.34 -22.29
CA PHE JB 66 -103.76 -33.90 -23.62
C PHE JB 66 -104.07 -32.41 -23.78
N THR JB 67 -103.60 -31.84 -24.89
CA THR JB 67 -104.03 -30.51 -25.31
C THR JB 67 -105.41 -30.60 -25.94
N GLN JB 68 -105.94 -29.46 -26.33
CA GLN JB 68 -107.31 -29.39 -26.81
C GLN JB 68 -107.40 -29.68 -28.29
N ALA JB 69 -108.57 -30.16 -28.70
CA ALA JB 69 -108.87 -30.45 -30.11
C ALA JB 69 -109.38 -29.16 -30.75
N ARG JB 70 -108.50 -28.48 -31.48
CA ARG JB 70 -108.86 -27.24 -32.14
C ARG JB 70 -109.38 -27.51 -33.55
N SER JB 71 -110.43 -26.77 -33.92
CA SER JB 71 -111.06 -26.94 -35.23
C SER JB 71 -111.47 -25.55 -35.71
N THR JB 72 -110.81 -25.05 -36.75
CA THR JB 72 -111.03 -23.69 -37.23
C THR JB 72 -111.65 -23.69 -38.62
N VAL JB 73 -112.52 -22.71 -38.84
CA VAL JB 73 -113.14 -22.45 -40.14
C VAL JB 73 -112.99 -20.96 -40.39
N ILE JB 74 -112.60 -20.59 -41.61
CA ILE JB 74 -112.56 -19.19 -42.02
C ILE JB 74 -113.31 -19.03 -43.32
N LEU JB 75 -114.42 -18.30 -43.29
CA LEU JB 75 -115.14 -17.95 -44.49
C LEU JB 75 -114.62 -16.60 -44.98
N LYS JB 76 -114.04 -16.59 -46.18
CA LYS JB 76 -113.61 -15.35 -46.81
C LYS JB 76 -114.74 -14.83 -47.71
N SER JB 77 -114.68 -13.55 -48.02
CA SER JB 77 -115.69 -12.90 -48.85
C SER JB 77 -115.05 -11.70 -49.53
N PRO JB 78 -114.79 -11.78 -50.83
CA PRO JB 78 -114.17 -10.66 -51.53
C PRO JB 78 -115.10 -9.46 -51.59
N LYS JB 79 -114.51 -8.27 -51.65
CA LYS JB 79 -115.28 -7.05 -51.81
C LYS JB 79 -114.40 -6.01 -52.50
N THR JB 80 -114.96 -5.35 -53.51
CA THR JB 80 -114.28 -4.28 -54.21
C THR JB 80 -114.73 -2.94 -53.63
N LEU JB 81 -113.81 -1.99 -53.53
CA LEU JB 81 -114.06 -0.76 -52.80
C LEU JB 81 -114.42 0.37 -53.75
N ALA JB 82 -114.67 1.55 -53.16
CA ALA JB 82 -115.05 2.74 -53.91
C ALA JB 82 -113.89 3.35 -54.68
N ASN JB 83 -112.66 2.89 -54.44
CA ASN JB 83 -111.50 3.31 -55.20
C ASN JB 83 -111.01 2.24 -56.16
N GLY JB 84 -111.71 1.11 -56.27
CA GLY JB 84 -111.35 0.04 -57.18
C GLY JB 84 -110.47 -1.03 -56.62
N ASN JB 85 -109.95 -0.86 -55.40
CA ASN JB 85 -109.12 -1.89 -54.80
C ASN JB 85 -109.96 -3.05 -54.28
N ARG JB 86 -109.29 -4.18 -54.05
CA ARG JB 86 -109.95 -5.41 -53.62
C ARG JB 86 -109.50 -5.73 -52.20
N THR JB 87 -110.44 -6.08 -51.33
CA THR JB 87 -110.17 -6.54 -49.98
C THR JB 87 -111.03 -7.76 -49.67
N VAL JB 88 -110.79 -8.35 -48.50
CA VAL JB 88 -111.51 -9.55 -48.09
C VAL JB 88 -112.08 -9.33 -46.70
N ASN JB 89 -113.37 -9.66 -46.54
CA ASN JB 89 -114.00 -9.75 -45.23
C ASN JB 89 -113.93 -11.20 -44.78
N THR JB 90 -113.77 -11.43 -43.48
CA THR JB 90 -113.62 -12.79 -42.99
C THR JB 90 -114.55 -13.04 -41.80
N VAL JB 91 -114.98 -14.29 -41.69
CA VAL JB 91 -115.61 -14.80 -40.47
C VAL JB 91 -114.79 -15.99 -40.00
N SER JB 92 -114.24 -15.90 -38.80
CA SER JB 92 -113.41 -16.97 -38.26
C SER JB 92 -114.09 -17.61 -37.07
N ILE JB 93 -114.26 -18.93 -37.12
CA ILE JB 93 -114.89 -19.70 -36.05
C ILE JB 93 -113.89 -20.74 -35.59
N GLN JB 94 -113.49 -20.67 -34.33
CA GLN JB 94 -112.60 -21.67 -33.74
C GLN JB 94 -113.34 -22.40 -32.62
N LEU JB 95 -113.39 -23.72 -32.73
CA LEU JB 95 -113.95 -24.58 -31.68
C LEU JB 95 -112.76 -25.28 -31.03
N SER JB 96 -112.66 -25.13 -29.71
CA SER JB 96 -111.56 -25.71 -28.95
C SER JB 96 -112.14 -26.42 -27.73
N VAL JB 97 -112.28 -27.73 -27.84
CA VAL JB 97 -112.80 -28.54 -26.76
C VAL JB 97 -111.72 -29.51 -26.29
N ASP JB 98 -111.88 -30.02 -25.07
CA ASP JB 98 -111.04 -31.09 -24.57
C ASP JB 98 -111.46 -32.39 -25.23
N PRO JB 99 -110.52 -33.33 -25.41
CA PRO JB 99 -110.87 -34.60 -26.08
C PRO JB 99 -111.91 -35.40 -25.35
N GLU JB 100 -112.08 -35.20 -24.04
CA GLU JB 100 -113.06 -35.92 -23.24
C GLU JB 100 -114.47 -35.42 -23.46
N THR JB 101 -114.65 -34.35 -24.23
CA THR JB 101 -115.97 -33.80 -24.49
C THR JB 101 -116.78 -34.73 -25.37
N THR JB 102 -118.06 -34.88 -25.02
CA THR JB 102 -118.98 -35.72 -25.79
C THR JB 102 -119.55 -34.95 -26.96
N ALA JB 103 -120.23 -35.70 -27.85
CA ALA JB 103 -120.78 -35.10 -29.05
C ALA JB 103 -121.94 -34.16 -28.73
N ALA JB 104 -122.73 -34.50 -27.71
CA ALA JB 104 -123.89 -33.66 -27.37
C ALA JB 104 -123.46 -32.33 -26.77
N GLU JB 105 -122.39 -32.32 -25.98
CA GLU JB 105 -121.85 -31.06 -25.47
C GLU JB 105 -121.38 -30.15 -26.60
N VAL JB 106 -120.69 -30.75 -27.59
CA VAL JB 106 -120.22 -29.97 -28.73
C VAL JB 106 -121.41 -29.46 -29.54
N THR JB 107 -122.46 -30.27 -29.65
CA THR JB 107 -123.68 -29.86 -30.32
C THR JB 107 -124.30 -28.66 -29.64
N THR JB 108 -124.36 -28.69 -28.31
CA THR JB 108 -124.90 -27.56 -27.56
C THR JB 108 -124.06 -26.31 -27.76
N MET JB 109 -122.74 -26.45 -27.70
CA MET JB 109 -121.86 -25.30 -27.90
C MET JB 109 -122.03 -24.70 -29.29
N LEU JB 110 -122.11 -25.57 -30.30
CA LEU JB 110 -122.27 -25.09 -31.68
C LEU JB 110 -123.62 -24.41 -31.87
N ASN JB 111 -124.67 -24.95 -31.25
CA ASN JB 111 -125.98 -24.32 -31.37
C ASN JB 111 -125.99 -22.95 -30.72
N ALA JB 112 -125.39 -22.82 -29.53
CA ALA JB 112 -125.34 -21.52 -28.88
C ALA JB 112 -124.53 -20.53 -29.70
N ALA JB 113 -123.38 -20.97 -30.23
CA ALA JB 113 -122.54 -20.08 -31.03
C ALA JB 113 -123.23 -19.67 -32.32
N ALA JB 114 -123.95 -20.59 -32.96
CA ALA JB 114 -124.70 -20.25 -34.16
C ALA JB 114 -125.82 -19.26 -33.84
N GLN JB 115 -126.50 -19.47 -32.72
CA GLN JB 115 -127.52 -18.52 -32.29
C GLN JB 115 -126.93 -17.13 -32.12
N LEU JB 116 -125.71 -17.05 -31.58
CA LEU JB 116 -125.05 -15.74 -31.45
C LEU JB 116 -124.36 -15.39 -32.76
N LEU JB 117 -125.07 -15.64 -33.87
CA LEU JB 117 -124.60 -15.20 -35.18
C LEU JB 117 -125.75 -14.63 -36.01
N PHE JB 118 -126.95 -15.18 -35.82
CA PHE JB 118 -128.09 -14.81 -36.63
C PHE JB 118 -129.29 -14.33 -35.82
N ASP JB 119 -129.24 -14.40 -34.50
CA ASP JB 119 -130.33 -13.91 -33.67
C ASP JB 119 -130.48 -12.40 -33.84
N SER JB 120 -131.73 -11.95 -33.95
CA SER JB 120 -132.01 -10.55 -34.25
C SER JB 120 -131.50 -9.64 -33.15
N ASP JB 121 -131.33 -10.17 -31.94
CA ASP JB 121 -130.85 -9.38 -30.82
C ASP JB 121 -129.42 -8.89 -31.05
N TYR JB 122 -128.58 -9.75 -31.60
CA TYR JB 122 -127.20 -9.35 -31.90
C TYR JB 122 -127.07 -8.94 -33.36
N SER JB 123 -127.77 -7.89 -33.78
CA SER JB 123 -127.62 -7.39 -35.13
C SER JB 123 -126.79 -6.11 -35.09
N ASP JB 124 -127.11 -5.23 -34.15
CA ASP JB 124 -126.35 -4.00 -33.99
C ASP JB 124 -124.90 -4.27 -33.60
N PHE JB 125 -124.64 -5.41 -32.95
CA PHE JB 125 -123.27 -5.73 -32.55
C PHE JB 125 -122.39 -6.10 -33.73
N TRP JB 126 -122.92 -6.80 -34.73
CA TRP JB 126 -122.12 -7.23 -35.87
C TRP JB 126 -122.01 -6.12 -36.92
N LYS JB 127 -123.15 -5.52 -37.28
CA LYS JB 127 -123.14 -4.53 -38.36
C LYS JB 127 -122.81 -3.15 -37.82
N ALA JB 128 -123.57 -2.69 -36.82
CA ALA JB 128 -123.33 -1.35 -36.27
C ALA JB 128 -122.17 -1.32 -35.29
N GLN JB 129 -121.63 -2.49 -34.92
CA GLN JB 129 -120.57 -2.60 -33.91
C GLN JB 129 -121.00 -1.94 -32.59
N ALA JB 130 -122.28 -2.11 -32.25
CA ALA JB 130 -122.86 -1.50 -31.06
C ALA JB 130 -122.82 -2.50 -29.92
N LEU JB 131 -121.93 -2.26 -28.96
CA LEU JB 131 -121.76 -3.17 -27.83
C LEU JB 131 -123.00 -3.20 -26.94
N ALA JB 132 -123.79 -2.13 -26.98
CA ALA JB 132 -125.06 -2.10 -26.25
C ALA JB 132 -126.00 -1.05 -26.80
N ALA KB 1 -130.00 -1.46 23.25
CA ALA KB 1 -128.61 -1.29 22.85
C ALA KB 1 -128.08 -2.56 22.21
N ILE KB 2 -126.75 -2.63 22.06
CA ILE KB 2 -126.13 -3.77 21.39
C ILE KB 2 -126.39 -5.07 22.16
N ALA KB 3 -126.21 -5.03 23.49
CA ALA KB 3 -126.43 -6.21 24.30
C ALA KB 3 -127.91 -6.56 24.32
N ASN KB 4 -128.21 -7.84 24.05
CA ASN KB 4 -129.58 -8.36 24.04
C ASN KB 4 -130.44 -7.67 22.98
N SER KB 5 -129.80 -7.21 21.91
CA SER KB 5 -130.52 -6.66 20.77
C SER KB 5 -131.08 -7.82 19.94
N SER KB 6 -132.27 -7.62 19.38
CA SER KB 6 -132.92 -8.65 18.59
C SER KB 6 -132.85 -8.33 17.11
N ILE KB 7 -132.50 -9.34 16.31
CA ILE KB 7 -132.45 -9.22 14.86
C ILE KB 7 -133.30 -10.34 14.26
N ALA KB 8 -134.18 -9.99 13.33
CA ALA KB 8 -135.09 -10.96 12.72
C ALA KB 8 -134.42 -11.55 11.49
N ILE KB 9 -134.00 -12.81 11.57
CA ILE KB 9 -133.29 -13.47 10.49
C ILE KB 9 -134.27 -13.93 9.42
N ASP KB 10 -133.88 -13.80 8.15
CA ASP KB 10 -134.70 -14.18 7.00
C ASP KB 10 -136.01 -13.39 6.99
N SER KB 11 -135.86 -12.08 6.83
CA SER KB 11 -136.98 -11.16 6.93
C SER KB 11 -137.03 -10.29 5.69
N THR KB 12 -138.25 -9.89 5.32
CA THR KB 12 -138.42 -8.92 4.27
C THR KB 12 -138.23 -7.51 4.83
N ALA KB 13 -137.42 -6.70 4.16
CA ALA KB 13 -137.14 -5.33 4.56
C ALA KB 13 -137.92 -4.41 3.64
N SER KB 14 -138.87 -3.67 4.20
CA SER KB 14 -139.60 -2.68 3.45
C SER KB 14 -139.00 -1.29 3.68
N VAL KB 15 -139.58 -0.29 3.03
CA VAL KB 15 -139.17 1.09 3.26
C VAL KB 15 -140.31 2.01 2.82
N THR KB 16 -140.72 2.94 3.69
CA THR KB 16 -141.82 3.86 3.40
C THR KB 16 -141.48 5.22 3.99
N GLY KB 17 -140.79 6.06 3.22
CA GLY KB 17 -140.62 7.44 3.63
C GLY KB 17 -140.84 8.47 2.54
N GLY KB 18 -140.90 8.01 1.30
CA GLY KB 18 -141.03 8.92 0.17
C GLY KB 18 -139.69 9.45 -0.32
N THR KB 19 -139.73 10.54 -1.09
CA THR KB 19 -138.53 11.16 -1.65
C THR KB 19 -137.74 10.17 -2.50
N ALA KB 20 -138.41 9.66 -3.53
CA ALA KB 20 -137.80 8.66 -4.41
C ALA KB 20 -136.80 9.29 -5.37
N ARG KB 21 -135.53 9.30 -4.98
CA ARG KB 21 -134.48 9.86 -5.80
C ARG KB 21 -134.07 8.85 -6.87
N THR KB 22 -133.03 9.20 -7.62
CA THR KB 22 -132.55 8.38 -8.72
C THR KB 22 -131.03 8.32 -8.70
N VAL KB 23 -130.50 7.11 -8.81
CA VAL KB 23 -129.05 6.91 -8.91
C VAL KB 23 -128.68 7.02 -10.39
N LYS KB 24 -127.86 8.01 -10.73
CA LYS KB 24 -127.38 8.19 -12.09
C LYS KB 24 -125.89 7.93 -12.13
N GLU KB 25 -125.45 7.09 -13.05
CA GLU KB 25 -124.03 6.75 -13.10
C GLU KB 25 -123.23 7.89 -13.70
N LEU KB 26 -121.97 8.00 -13.28
CA LEU KB 26 -121.09 9.06 -13.74
C LEU KB 26 -119.99 8.49 -14.62
N VAL KB 27 -119.17 7.56 -14.12
CA VAL KB 27 -118.05 7.00 -14.84
C VAL KB 27 -117.99 5.51 -14.53
N ARG KB 28 -117.00 4.84 -15.11
CA ARG KB 28 -116.86 3.40 -14.92
C ARG KB 28 -115.48 2.95 -14.47
N ASN KB 29 -114.43 3.69 -14.84
CA ASN KB 29 -113.03 3.26 -14.76
C ASN KB 29 -112.83 1.75 -14.66
N ASN KB 30 -111.89 1.31 -13.83
CA ASN KB 30 -111.46 -0.08 -13.82
C ASN KB 30 -112.34 -0.90 -12.89
N SER KB 31 -113.26 -1.66 -13.48
CA SER KB 31 -114.12 -2.61 -12.74
C SER KB 31 -114.83 -1.91 -11.59
N GLU KB 32 -115.30 -0.70 -11.85
CA GLU KB 32 -115.94 0.12 -10.85
C GLU KB 32 -117.19 0.75 -11.47
N LEU KB 33 -117.97 1.44 -10.66
CA LEU KB 33 -119.12 2.18 -11.17
C LEU KB 33 -119.42 3.35 -10.23
N ASN KB 34 -118.97 4.54 -10.60
CA ASN KB 34 -119.21 5.71 -9.78
C ASN KB 34 -120.50 6.37 -10.22
N ALA KB 35 -121.46 6.46 -9.31
CA ALA KB 35 -122.75 7.07 -9.56
C ALA KB 35 -122.98 8.20 -8.56
N TYR KB 36 -124.16 8.79 -8.61
CA TYR KB 36 -124.54 9.84 -7.69
C TYR KB 36 -126.05 9.89 -7.57
N ILE KB 37 -126.53 10.37 -6.43
CA ILE KB 37 -127.97 10.46 -6.18
C ILE KB 37 -128.46 11.83 -6.59
N ASP KB 38 -129.49 11.88 -7.42
CA ASP KB 38 -129.97 13.14 -7.99
C ASP KB 38 -131.02 13.75 -7.06
N GLU KB 39 -130.56 14.67 -6.22
CA GLU KB 39 -131.43 15.39 -5.30
C GLU KB 39 -131.51 16.88 -5.57
N GLY KB 40 -130.89 17.36 -6.64
CA GLY KB 40 -130.89 18.76 -6.96
C GLY KB 40 -129.87 19.61 -6.23
N LEU KB 41 -128.96 19.00 -5.47
CA LEU KB 41 -127.93 19.73 -4.77
C LEU KB 41 -126.89 20.26 -5.75
N SER KB 42 -125.88 20.93 -5.21
CA SER KB 42 -124.81 21.47 -6.05
C SER KB 42 -123.97 20.35 -6.63
N PHE KB 43 -123.02 20.74 -7.48
CA PHE KB 43 -122.18 19.75 -8.15
C PHE KB 43 -121.23 19.08 -7.17
N GLN KB 44 -120.59 19.87 -6.31
CA GLN KB 44 -119.68 19.32 -5.29
C GLN KB 44 -120.35 19.23 -3.92
N ALA KB 45 -121.69 19.11 -3.91
CA ALA KB 45 -122.40 18.83 -2.67
C ALA KB 45 -123.35 17.65 -2.82
N ARG KB 46 -123.33 16.94 -3.94
CA ARG KB 46 -124.19 15.79 -4.16
C ARG KB 46 -123.61 14.55 -3.48
N LYS KB 47 -124.43 13.53 -3.28
CA LYS KB 47 -123.96 12.30 -2.67
C LYS KB 47 -123.65 11.30 -3.77
N GLU KB 48 -122.38 10.90 -3.88
CA GLU KB 48 -121.92 9.94 -4.89
C GLU KB 48 -121.73 8.59 -4.21
N VAL KB 49 -122.34 7.56 -4.78
CA VAL KB 49 -122.11 6.20 -4.30
C VAL KB 49 -121.35 5.42 -5.35
N ALA KB 50 -120.25 4.80 -4.94
CA ALA KB 50 -119.38 4.04 -5.83
C ALA KB 50 -119.53 2.54 -5.57
N PHE KB 51 -119.67 1.80 -6.66
CA PHE KB 51 -119.82 0.35 -6.65
C PHE KB 51 -118.56 -0.28 -7.23
N SER KB 52 -118.18 -1.44 -6.71
CA SER KB 52 -116.99 -2.12 -7.23
C SER KB 52 -117.09 -3.62 -6.99
N VAL KB 53 -116.57 -4.40 -7.95
CA VAL KB 53 -116.58 -5.85 -7.86
C VAL KB 53 -115.15 -6.37 -7.96
N LYS KB 54 -114.91 -7.48 -7.26
CA LYS KB 54 -113.63 -8.17 -7.18
C LYS KB 54 -113.90 -9.68 -7.26
N VAL KB 55 -114.43 -10.09 -8.42
CA VAL KB 55 -114.72 -11.47 -8.80
C VAL KB 55 -113.57 -12.42 -8.44
N PRO KB 56 -113.86 -13.70 -8.22
CA PRO KB 56 -112.82 -14.63 -7.75
C PRO KB 56 -111.77 -14.92 -8.82
N LYS KB 57 -110.59 -15.31 -8.34
CA LYS KB 57 -109.46 -15.66 -9.20
C LYS KB 57 -108.96 -17.04 -8.77
N VAL KB 58 -108.82 -17.95 -9.73
CA VAL KB 58 -108.49 -19.34 -9.43
C VAL KB 58 -107.11 -19.42 -8.79
N SER KB 59 -107.06 -19.84 -7.53
CA SER KB 59 -105.83 -19.93 -6.77
C SER KB 59 -105.52 -21.39 -6.44
N VAL KB 60 -104.39 -21.62 -5.78
CA VAL KB 60 -104.02 -22.94 -5.27
C VAL KB 60 -104.31 -23.05 -3.78
N SER KB 61 -104.18 -21.96 -3.05
CA SER KB 61 -104.58 -21.78 -1.66
C SER KB 61 -106.09 -21.58 -1.64
N ALA KB 62 -106.61 -20.94 -0.57
CA ALA KB 62 -108.04 -20.67 -0.46
C ALA KB 62 -108.83 -21.96 -0.31
N PRO KB 63 -108.90 -22.50 0.91
CA PRO KB 63 -109.42 -23.87 1.11
C PRO KB 63 -110.89 -23.97 0.75
N GLY KB 64 -111.12 -24.29 -0.52
CA GLY KB 64 -112.39 -24.13 -1.19
C GLY KB 64 -112.14 -23.87 -2.66
N GLY KB 65 -110.88 -23.62 -3.00
CA GLY KB 65 -110.43 -23.59 -4.36
C GLY KB 65 -109.84 -22.28 -4.84
N PHE KB 66 -110.48 -21.16 -4.48
CA PHE KB 66 -110.05 -19.84 -4.92
C PHE KB 66 -110.74 -18.74 -4.13
N THR KB 67 -110.19 -17.54 -4.26
CA THR KB 67 -110.52 -16.41 -3.40
C THR KB 67 -112.00 -16.06 -3.48
N GLN KB 68 -112.47 -15.34 -2.47
CA GLN KB 68 -113.86 -14.94 -2.42
C GLN KB 68 -114.14 -13.82 -3.40
N ALA KB 69 -115.42 -13.63 -3.69
CA ALA KB 69 -115.90 -12.60 -4.59
C ALA KB 69 -116.38 -11.41 -3.77
N ARG KB 70 -115.63 -10.31 -3.78
CA ARG KB 70 -116.02 -9.20 -2.91
C ARG KB 70 -116.75 -8.11 -3.69
N SER KB 71 -117.72 -7.48 -3.03
CA SER KB 71 -118.52 -6.41 -3.63
C SER KB 71 -118.52 -5.23 -2.65
N THR KB 72 -118.07 -4.07 -3.10
CA THR KB 72 -117.97 -2.90 -2.25
C THR KB 72 -118.90 -1.79 -2.73
N VAL KB 73 -119.51 -1.11 -1.75
CA VAL KB 73 -120.33 0.07 -1.98
C VAL KB 73 -119.89 1.16 -1.00
N ILE KB 74 -119.51 2.32 -1.52
CA ILE KB 74 -119.14 3.46 -0.67
C ILE KB 74 -120.06 4.63 -0.96
N LEU KB 75 -120.77 5.08 0.05
CA LEU KB 75 -121.69 6.22 -0.07
C LEU KB 75 -120.99 7.43 0.52
N LYS KB 76 -120.70 8.41 -0.32
CA LYS KB 76 -120.01 9.62 0.12
C LYS KB 76 -121.00 10.77 0.21
N SER KB 77 -121.23 11.25 1.43
CA SER KB 77 -122.14 12.36 1.68
C SER KB 77 -121.32 13.58 2.09
N PRO KB 78 -121.25 14.62 1.28
CA PRO KB 78 -120.43 15.79 1.66
C PRO KB 78 -121.12 16.65 2.70
N LYS KB 79 -120.33 17.42 3.44
CA LYS KB 79 -120.84 18.25 4.52
C LYS KB 79 -119.93 19.46 4.71
N THR KB 80 -120.54 20.63 4.81
CA THR KB 80 -119.83 21.86 5.10
C THR KB 80 -119.86 22.10 6.60
N LEU KB 81 -118.68 22.23 7.21
CA LEU KB 81 -118.58 22.40 8.65
C LEU KB 81 -118.79 23.85 9.05
N ALA KB 82 -118.92 24.07 10.36
CA ALA KB 82 -119.12 25.41 10.88
C ALA KB 82 -117.91 26.29 10.62
N ASN KB 83 -116.70 25.73 10.75
CA ASN KB 83 -115.49 26.50 10.49
C ASN KB 83 -115.43 26.97 9.04
N GLY KB 84 -116.19 26.33 8.15
CA GLY KB 84 -116.28 26.80 6.78
C GLY KB 84 -115.77 25.81 5.77
N ASN KB 85 -114.84 24.94 6.18
CA ASN KB 85 -114.27 23.97 5.26
C ASN KB 85 -115.29 22.87 4.96
N ARG KB 86 -114.89 21.96 4.08
CA ARG KB 86 -115.73 20.88 3.59
C ARG KB 86 -115.10 19.54 3.94
N THR KB 87 -115.94 18.55 4.20
CA THR KB 87 -115.48 17.20 4.51
C THR KB 87 -116.49 16.24 3.92
N VAL KB 88 -116.15 14.95 3.90
CA VAL KB 88 -117.05 13.92 3.40
C VAL KB 88 -117.26 12.88 4.49
N ASN KB 89 -118.52 12.51 4.71
CA ASN KB 89 -118.90 11.46 5.64
C ASN KB 89 -119.25 10.24 4.79
N THR KB 90 -118.55 9.13 5.04
CA THR KB 90 -118.65 7.98 4.15
C THR KB 90 -119.25 6.77 4.86
N VAL KB 91 -119.91 5.91 4.08
CA VAL KB 91 -120.43 4.64 4.58
C VAL KB 91 -120.03 3.54 3.61
N SER KB 92 -118.97 2.80 3.94
CA SER KB 92 -118.53 1.72 3.08
C SER KB 92 -119.14 0.39 3.52
N ILE KB 93 -119.42 -0.47 2.54
CA ILE KB 93 -120.01 -1.78 2.78
C ILE KB 93 -119.32 -2.80 1.87
N GLN KB 94 -118.87 -3.92 2.44
CA GLN KB 94 -118.20 -4.96 1.68
C GLN KB 94 -118.86 -6.32 1.93
N LEU KB 95 -118.80 -7.18 0.92
CA LEU KB 95 -119.51 -8.47 0.93
C LEU KB 95 -118.55 -9.59 0.50
N SER KB 96 -117.40 -9.69 1.19
CA SER KB 96 -116.43 -10.73 0.89
C SER KB 96 -117.02 -12.08 1.27
N VAL KB 97 -117.59 -12.76 0.27
CA VAL KB 97 -118.21 -14.07 0.46
C VAL KB 97 -117.61 -15.05 -0.53
N ASP KB 98 -117.53 -16.31 -0.10
CA ASP KB 98 -116.91 -17.34 -0.91
C ASP KB 98 -117.81 -17.66 -2.11
N PRO KB 99 -117.21 -17.85 -3.30
CA PRO KB 99 -118.03 -17.97 -4.53
C PRO KB 99 -118.93 -19.17 -4.58
N GLU KB 100 -118.74 -20.19 -3.74
CA GLU KB 100 -119.64 -21.32 -3.70
C GLU KB 100 -120.95 -21.00 -3.01
N THR KB 101 -121.08 -19.78 -2.48
CA THR KB 101 -122.26 -19.42 -1.69
C THR KB 101 -123.50 -19.29 -2.56
N THR KB 102 -124.60 -19.87 -2.09
CA THR KB 102 -125.87 -19.74 -2.78
C THR KB 102 -126.45 -18.36 -2.54
N ALA KB 103 -127.40 -17.99 -3.41
CA ALA KB 103 -128.03 -16.67 -3.33
C ALA KB 103 -128.94 -16.52 -2.12
N ALA KB 104 -129.48 -17.62 -1.60
CA ALA KB 104 -130.36 -17.53 -0.44
C ALA KB 104 -129.60 -17.11 0.81
N GLU KB 105 -128.43 -17.69 1.05
CA GLU KB 105 -127.63 -17.30 2.20
C GLU KB 105 -127.09 -15.89 2.03
N VAL KB 106 -126.77 -15.49 0.80
CA VAL KB 106 -126.36 -14.11 0.56
C VAL KB 106 -127.49 -13.15 0.89
N THR KB 107 -128.72 -13.49 0.49
CA THR KB 107 -129.87 -12.67 0.83
C THR KB 107 -130.07 -12.60 2.35
N THR KB 108 -129.90 -13.74 3.03
CA THR KB 108 -130.00 -13.77 4.48
C THR KB 108 -128.98 -12.84 5.11
N MET KB 109 -127.74 -12.90 4.64
CA MET KB 109 -126.67 -12.06 5.17
C MET KB 109 -126.93 -10.58 4.91
N LEU KB 110 -127.43 -10.27 3.71
CA LEU KB 110 -127.71 -8.88 3.37
C LEU KB 110 -128.84 -8.33 4.22
N ASN KB 111 -129.86 -9.15 4.48
CA ASN KB 111 -130.94 -8.73 5.35
C ASN KB 111 -130.45 -8.53 6.79
N ALA KB 112 -129.62 -9.45 7.27
CA ALA KB 112 -129.11 -9.33 8.64
C ALA KB 112 -128.24 -8.09 8.80
N ALA KB 113 -127.34 -7.84 7.85
CA ALA KB 113 -126.51 -6.64 7.87
C ALA KB 113 -127.31 -5.36 7.71
N ALA KB 114 -128.28 -5.34 6.80
CA ALA KB 114 -129.13 -4.18 6.62
C ALA KB 114 -130.16 -4.05 7.73
N GLN KB 115 -130.39 -5.11 8.50
CA GLN KB 115 -131.21 -4.99 9.70
C GLN KB 115 -130.53 -4.17 10.77
N LEU KB 116 -129.21 -4.19 10.81
CA LEU KB 116 -128.43 -3.15 11.47
C LEU KB 116 -128.57 -1.87 10.63
N LEU KB 117 -128.04 -0.77 11.17
CA LEU KB 117 -128.03 0.53 10.49
C LEU KB 117 -129.41 1.20 10.47
N PHE KB 118 -130.47 0.48 10.84
CA PHE KB 118 -131.74 1.17 10.98
C PHE KB 118 -132.52 0.66 12.19
N ASP KB 119 -131.99 -0.36 12.85
CA ASP KB 119 -132.61 -0.85 14.07
C ASP KB 119 -132.39 0.15 15.19
N SER KB 120 -133.38 0.25 16.07
CA SER KB 120 -133.33 1.22 17.16
C SER KB 120 -132.25 0.90 18.18
N ASP KB 121 -131.91 -0.38 18.36
CA ASP KB 121 -130.92 -0.75 19.36
C ASP KB 121 -129.55 -0.18 19.03
N TYR KB 122 -129.21 -0.07 17.75
CA TYR KB 122 -127.89 0.35 17.32
C TYR KB 122 -127.80 1.83 17.02
N SER KB 123 -128.88 2.59 17.25
CA SER KB 123 -128.87 4.03 17.04
C SER KB 123 -127.73 4.70 17.79
N ASP KB 124 -127.60 4.38 19.08
CA ASP KB 124 -126.56 4.99 19.91
C ASP KB 124 -125.17 4.56 19.45
N PHE KB 125 -125.04 3.29 19.01
CA PHE KB 125 -123.75 2.82 18.52
C PHE KB 125 -123.32 3.60 17.28
N TRP KB 126 -124.23 3.78 16.33
CA TRP KB 126 -123.88 4.48 15.11
C TRP KB 126 -123.71 5.98 15.32
N LYS KB 127 -124.42 6.57 16.28
CA LYS KB 127 -124.41 8.03 16.44
C LYS KB 127 -123.38 8.48 17.47
N ALA KB 128 -123.45 7.98 18.70
CA ALA KB 128 -122.54 8.41 19.76
C ALA KB 128 -121.40 7.44 20.02
N GLN KB 129 -121.28 6.37 19.23
CA GLN KB 129 -120.28 5.33 19.43
C GLN KB 129 -120.43 4.66 20.79
N ALA KB 130 -121.67 4.48 21.22
CA ALA KB 130 -121.98 3.82 22.50
C ALA KB 130 -121.88 2.31 22.31
N LEU KB 131 -120.66 1.80 22.45
CA LEU KB 131 -120.41 0.37 22.36
C LEU KB 131 -121.16 -0.36 23.47
N ALA KB 132 -120.83 -0.05 24.72
CA ALA KB 132 -121.56 -0.58 25.86
C ALA KB 132 -122.70 0.36 26.20
N ALA LB 1 -50.16 72.65 -95.76
CA ALA LB 1 -49.94 73.78 -96.65
C ALA LB 1 -48.44 74.05 -96.76
N ILE LB 2 -47.65 73.33 -95.97
CA ILE LB 2 -46.20 73.32 -96.14
C ILE LB 2 -45.89 72.33 -97.24
N ALA LB 3 -45.85 72.80 -98.48
CA ALA LB 3 -45.60 71.95 -99.62
C ALA LB 3 -45.11 72.83 -100.77
N ASN LB 4 -46.02 73.23 -101.65
CA ASN LB 4 -45.71 74.26 -102.61
C ASN LB 4 -46.25 75.60 -102.11
N SER LB 5 -45.70 76.09 -101.01
CA SER LB 5 -46.10 77.37 -100.43
C SER LB 5 -45.44 78.51 -101.20
N SER LB 6 -45.44 79.72 -100.63
CA SER LB 6 -44.75 80.83 -101.25
C SER LB 6 -44.32 81.81 -100.17
N ILE LB 7 -43.08 82.30 -100.29
CA ILE LB 7 -42.52 83.24 -99.34
C ILE LB 7 -41.63 84.23 -100.09
N ALA LB 8 -41.82 85.52 -99.81
CA ALA LB 8 -41.01 86.55 -100.44
C ALA LB 8 -39.69 86.69 -99.70
N ILE LB 9 -38.59 86.64 -100.45
CA ILE LB 9 -37.26 86.72 -99.86
C ILE LB 9 -36.66 88.09 -100.19
N ASP LB 10 -36.04 88.71 -99.18
CA ASP LB 10 -35.50 90.06 -99.29
C ASP LB 10 -36.61 91.06 -99.61
N SER LB 11 -37.58 91.15 -98.70
CA SER LB 11 -38.75 91.99 -98.85
C SER LB 11 -39.03 92.74 -97.55
N THR LB 12 -39.72 93.87 -97.68
CA THR LB 12 -40.12 94.66 -96.53
C THR LB 12 -41.49 94.21 -96.02
N ALA LB 13 -41.62 94.12 -94.70
CA ALA LB 13 -42.86 93.71 -94.06
C ALA LB 13 -43.48 94.90 -93.34
N SER LB 14 -44.80 94.98 -93.40
CA SER LB 14 -45.53 96.10 -92.84
C SER LB 14 -46.70 95.59 -92.02
N VAL LB 15 -47.29 96.51 -91.26
CA VAL LB 15 -48.40 96.19 -90.36
C VAL LB 15 -49.45 97.30 -90.48
N THR LB 16 -50.71 96.92 -90.62
CA THR LB 16 -51.82 97.85 -90.70
C THR LB 16 -52.87 97.50 -89.65
N GLY LB 17 -53.56 98.52 -89.16
CA GLY LB 17 -54.63 98.30 -88.20
C GLY LB 17 -54.10 97.93 -86.83
N GLY LB 18 -54.94 97.22 -86.07
CA GLY LB 18 -54.59 96.85 -84.72
C GLY LB 18 -54.65 98.03 -83.77
N THR LB 19 -54.05 97.82 -82.59
CA THR LB 19 -54.02 98.83 -81.54
C THR LB 19 -52.58 98.94 -81.04
N ALA LB 20 -51.93 100.07 -81.34
CA ALA LB 20 -50.55 100.30 -80.94
C ALA LB 20 -50.40 100.28 -79.43
N ARG LB 21 -49.72 99.28 -78.90
CA ARG LB 21 -49.44 99.16 -77.49
C ARG LB 21 -48.05 99.73 -77.21
N THR LB 22 -47.53 99.51 -76.00
CA THR LB 22 -46.21 100.00 -75.64
C THR LB 22 -45.53 98.95 -74.78
N VAL LB 23 -44.24 98.71 -75.03
CA VAL LB 23 -43.47 97.71 -74.30
C VAL LB 23 -42.80 98.44 -73.14
N LYS LB 24 -43.34 98.26 -71.94
CA LYS LB 24 -42.77 98.88 -70.75
C LYS LB 24 -41.74 97.97 -70.12
N GLU LB 25 -40.54 98.49 -69.89
CA GLU LB 25 -39.43 97.69 -69.41
C GLU LB 25 -39.47 97.57 -67.89
N LEU LB 26 -39.21 96.36 -67.39
CA LEU LB 26 -39.41 96.07 -65.98
C LEU LB 26 -38.05 95.88 -65.32
N VAL LB 27 -37.25 94.92 -65.75
CA VAL LB 27 -35.98 94.60 -65.11
C VAL LB 27 -34.97 94.24 -66.20
N ARG LB 28 -33.77 94.77 -66.09
CA ARG LB 28 -32.70 94.54 -67.06
C ARG LB 28 -31.49 94.06 -66.26
N ASN LB 29 -31.22 92.75 -66.28
CA ASN LB 29 -30.10 92.21 -65.52
C ASN LB 29 -29.72 90.86 -66.09
N ASN LB 30 -28.46 90.49 -65.85
CA ASN LB 30 -27.94 89.15 -66.20
C ASN LB 30 -28.15 88.85 -67.68
N SER LB 31 -27.84 89.82 -68.54
CA SER LB 31 -27.98 89.69 -69.99
C SER LB 31 -29.43 89.51 -70.41
N GLU LB 32 -30.36 89.87 -69.53
CA GLU LB 32 -31.79 89.70 -69.77
C GLU LB 32 -32.51 91.02 -69.54
N LEU LB 33 -33.58 91.24 -70.31
CA LEU LB 33 -34.45 92.40 -70.19
C LEU LB 33 -35.88 91.87 -70.16
N ASN LB 34 -36.50 91.94 -68.99
CA ASN LB 34 -37.90 91.58 -68.87
C ASN LB 34 -38.77 92.81 -69.02
N ALA LB 35 -39.81 92.70 -69.82
CA ALA LB 35 -40.71 93.81 -70.07
C ALA LB 35 -42.12 93.26 -70.20
N TYR LB 36 -43.09 94.15 -70.36
CA TYR LB 36 -44.47 93.75 -70.51
C TYR LB 36 -45.16 94.67 -71.50
N ILE LB 37 -46.06 94.10 -72.28
CA ILE LB 37 -46.87 94.88 -73.21
C ILE LB 37 -48.04 95.47 -72.44
N ASP LB 38 -48.23 96.78 -72.57
CA ASP LB 38 -49.22 97.51 -71.79
C ASP LB 38 -50.50 97.55 -72.61
N GLU LB 39 -51.49 96.75 -72.19
CA GLU LB 39 -52.81 96.75 -72.81
C GLU LB 39 -53.89 97.21 -71.85
N GLY LB 40 -53.52 97.71 -70.67
CA GLY LB 40 -54.49 98.04 -69.66
C GLY LB 40 -55.18 96.82 -69.10
N LEU LB 41 -54.39 95.79 -68.80
CA LEU LB 41 -54.88 94.54 -68.26
C LEU LB 41 -54.41 94.39 -66.82
N SER LB 42 -54.81 93.30 -66.18
CA SER LB 42 -54.42 93.00 -64.81
C SER LB 42 -53.04 92.34 -64.81
N PHE LB 43 -52.41 92.30 -63.64
CA PHE LB 43 -51.08 91.72 -63.52
C PHE LB 43 -51.07 90.23 -63.86
N GLN LB 44 -52.09 89.49 -63.45
CA GLN LB 44 -52.18 88.07 -63.75
C GLN LB 44 -52.38 87.78 -65.23
N ALA LB 45 -52.85 88.74 -66.02
CA ALA LB 45 -52.99 88.58 -67.46
C ALA LB 45 -52.28 89.75 -68.12
N ARG LB 46 -50.97 89.64 -68.30
CA ARG LB 46 -50.17 90.65 -68.97
C ARG LB 46 -49.64 90.05 -70.29
N LYS LB 47 -48.74 90.71 -71.00
CA LYS LB 47 -48.12 90.12 -72.18
C LYS LB 47 -46.60 90.20 -72.03
N GLU LB 48 -46.10 89.70 -70.89
CA GLU LB 48 -44.67 89.78 -70.60
C GLU LB 48 -43.83 89.21 -71.73
N VAL LB 49 -42.74 89.91 -72.05
CA VAL LB 49 -41.80 89.49 -73.08
C VAL LB 49 -40.39 89.66 -72.53
N ALA LB 50 -39.55 88.63 -72.72
CA ALA LB 50 -38.19 88.63 -72.24
C ALA LB 50 -37.21 88.60 -73.42
N PHE LB 51 -36.27 89.54 -73.40
CA PHE LB 51 -35.21 89.63 -74.41
C PHE LB 51 -33.90 89.20 -73.77
N SER LB 52 -33.23 88.23 -74.37
CA SER LB 52 -31.98 87.72 -73.83
C SER LB 52 -30.92 87.70 -74.92
N VAL LB 53 -29.68 87.93 -74.51
CA VAL LB 53 -28.55 88.01 -75.43
C VAL LB 53 -27.43 87.12 -74.91
N LYS LB 54 -26.82 86.35 -75.84
CA LYS LB 54 -25.72 85.45 -75.57
C LYS LB 54 -24.59 85.81 -76.54
N VAL LB 55 -23.61 86.55 -76.05
CA VAL LB 55 -22.52 87.07 -76.87
C VAL LB 55 -21.52 85.96 -77.19
N PRO LB 56 -20.81 86.05 -78.31
CA PRO LB 56 -19.85 84.98 -78.65
C PRO LB 56 -18.60 85.04 -77.80
N LYS LB 57 -18.01 83.87 -77.59
CA LYS LB 57 -16.73 83.74 -76.90
C LYS LB 57 -15.76 82.97 -77.79
N VAL LB 58 -14.47 83.19 -77.54
CA VAL LB 58 -13.43 82.55 -78.36
C VAL LB 58 -13.45 81.05 -78.14
N SER LB 59 -13.19 80.29 -79.21
CA SER LB 59 -13.16 78.84 -79.15
C SER LB 59 -12.03 78.32 -80.03
N VAL LB 60 -11.87 76.99 -80.04
CA VAL LB 60 -10.96 76.35 -80.96
C VAL LB 60 -11.70 75.56 -82.03
N SER LB 61 -12.84 74.95 -81.70
CA SER LB 61 -13.81 74.42 -82.62
C SER LB 61 -14.65 75.58 -83.15
N ALA LB 62 -15.85 75.29 -83.68
CA ALA LB 62 -16.71 76.34 -84.18
C ALA LB 62 -16.05 77.04 -85.36
N PRO LB 63 -16.16 76.48 -86.56
CA PRO LB 63 -15.19 76.75 -87.63
C PRO LB 63 -15.15 78.20 -88.07
N GLY LB 64 -14.34 78.98 -87.36
CA GLY LB 64 -14.34 80.42 -87.43
C GLY LB 64 -13.93 81.01 -86.10
N GLY LB 65 -13.78 80.15 -85.10
CA GLY LB 65 -13.10 80.52 -83.87
C GLY LB 65 -14.00 80.95 -82.74
N PHE LB 66 -15.23 81.34 -83.05
CA PHE LB 66 -16.16 81.81 -82.03
C PHE LB 66 -17.46 81.02 -82.06
N THR LB 67 -18.07 80.92 -80.88
CA THR LB 67 -19.43 80.42 -80.79
C THR LB 67 -20.38 81.42 -81.41
N GLN LB 68 -21.59 80.96 -81.70
CA GLN LB 68 -22.55 81.82 -82.37
C GLN LB 68 -23.14 82.83 -81.41
N ALA LB 69 -23.49 84.00 -81.93
CA ALA LB 69 -24.19 85.03 -81.18
C ALA LB 69 -25.68 84.69 -81.18
N ARG LB 70 -26.27 84.60 -80.00
CA ARG LB 70 -27.68 84.22 -79.85
C ARG LB 70 -28.50 85.38 -79.32
N SER LB 71 -29.70 85.54 -79.89
CA SER LB 71 -30.66 86.56 -79.44
C SER LB 71 -32.01 85.86 -79.31
N THR LB 72 -32.54 85.84 -78.09
CA THR LB 72 -33.78 85.10 -77.83
C THR LB 72 -34.87 86.05 -77.34
N VAL LB 73 -36.06 85.90 -77.90
CA VAL LB 73 -37.22 86.64 -77.44
C VAL LB 73 -38.32 85.65 -77.07
N ILE LB 74 -38.80 85.72 -75.83
CA ILE LB 74 -39.92 84.89 -75.40
C ILE LB 74 -41.10 85.78 -75.04
N LEU LB 75 -42.22 85.56 -75.71
CA LEU LB 75 -43.46 86.29 -75.45
C LEU LB 75 -44.39 85.37 -74.68
N LYS LB 76 -44.86 85.84 -73.53
CA LYS LB 76 -45.73 85.03 -72.68
C LYS LB 76 -47.16 85.57 -72.70
N SER LB 77 -48.12 84.68 -72.91
CA SER LB 77 -49.53 85.05 -73.01
C SER LB 77 -50.34 84.23 -72.02
N PRO LB 78 -50.65 84.78 -70.84
CA PRO LB 78 -51.51 84.06 -69.90
C PRO LB 78 -52.92 83.81 -70.42
N LYS LB 79 -53.33 82.55 -70.38
CA LYS LB 79 -54.67 82.14 -70.73
C LYS LB 79 -55.35 81.52 -69.50
N THR LB 80 -56.64 81.76 -69.38
CA THR LB 80 -57.45 81.22 -68.28
C THR LB 80 -58.39 80.17 -68.84
N LEU LB 81 -58.41 79.00 -68.22
CA LEU LB 81 -59.09 77.84 -68.76
C LEU LB 81 -60.54 77.78 -68.27
N ALA LB 82 -61.26 76.76 -68.72
CA ALA LB 82 -62.66 76.60 -68.33
C ALA LB 82 -62.79 76.34 -66.84
N ASN LB 83 -61.94 75.45 -66.31
CA ASN LB 83 -61.95 75.18 -64.87
C ASN LB 83 -61.56 76.42 -64.09
N GLY LB 84 -60.58 77.17 -64.57
CA GLY LB 84 -60.15 78.39 -63.91
C GLY LB 84 -58.68 78.41 -63.57
N ASN LB 85 -57.98 77.33 -63.88
CA ASN LB 85 -56.53 77.32 -63.75
C ASN LB 85 -55.90 78.22 -64.80
N ARG LB 86 -54.75 78.78 -64.45
CA ARG LB 86 -54.05 79.70 -65.33
C ARG LB 86 -52.86 79.01 -65.98
N THR LB 87 -52.79 79.07 -67.31
CA THR LB 87 -51.64 78.58 -68.05
C THR LB 87 -51.03 79.75 -68.79
N VAL LB 88 -49.81 79.56 -69.28
CA VAL LB 88 -49.12 80.58 -70.07
C VAL LB 88 -48.79 79.99 -71.44
N ASN LB 89 -49.18 80.69 -72.49
CA ASN LB 89 -48.85 80.33 -73.87
C ASN LB 89 -47.65 81.18 -74.28
N THR LB 90 -46.58 80.52 -74.71
CA THR LB 90 -45.34 81.21 -75.03
C THR LB 90 -44.97 81.03 -76.49
N VAL LB 91 -44.28 82.05 -77.02
CA VAL LB 91 -43.64 81.97 -78.32
C VAL LB 91 -42.17 82.32 -78.16
N SER LB 92 -41.29 81.39 -78.48
CA SER LB 92 -39.85 81.66 -78.42
C SER LB 92 -39.30 81.93 -79.82
N ILE LB 93 -38.43 82.91 -79.91
CA ILE LB 93 -37.76 83.27 -81.16
C ILE LB 93 -36.27 83.36 -80.84
N GLN LB 94 -35.49 82.41 -81.34
CA GLN LB 94 -34.06 82.35 -81.07
C GLN LB 94 -33.31 82.48 -82.39
N LEU LB 95 -32.44 83.48 -82.49
CA LEU LB 95 -31.61 83.71 -83.67
C LEU LB 95 -30.16 83.45 -83.29
N SER LB 96 -29.52 82.52 -83.99
CA SER LB 96 -28.11 82.20 -83.79
C SER LB 96 -27.37 82.50 -85.08
N VAL LB 97 -26.46 83.48 -85.04
CA VAL LB 97 -25.68 83.83 -86.21
C VAL LB 97 -24.19 83.81 -85.86
N ASP LB 98 -23.40 83.29 -86.80
CA ASP LB 98 -21.96 83.43 -86.68
C ASP LB 98 -21.58 84.91 -86.71
N PRO LB 99 -20.61 85.32 -85.91
CA PRO LB 99 -20.27 86.76 -85.85
C PRO LB 99 -19.79 87.35 -87.17
N GLU LB 100 -19.38 86.52 -88.14
CA GLU LB 100 -19.01 87.04 -89.44
C GLU LB 100 -20.20 87.46 -90.28
N THR LB 101 -21.42 87.14 -89.85
CA THR LB 101 -22.62 87.40 -90.64
C THR LB 101 -22.89 88.89 -90.72
N THR LB 102 -23.12 89.37 -91.94
CA THR LB 102 -23.40 90.79 -92.15
C THR LB 102 -24.84 91.11 -91.78
N ALA LB 103 -25.16 92.40 -91.79
CA ALA LB 103 -26.49 92.83 -91.38
C ALA LB 103 -27.54 92.49 -92.42
N ALA LB 104 -27.15 92.40 -93.70
CA ALA LB 104 -28.11 92.06 -94.75
C ALA LB 104 -28.56 90.61 -94.65
N GLU LB 105 -27.63 89.69 -94.34
CA GLU LB 105 -28.01 88.29 -94.19
C GLU LB 105 -28.87 88.07 -92.95
N VAL LB 106 -28.66 88.86 -91.90
CA VAL LB 106 -29.53 88.79 -90.75
C VAL LB 106 -30.91 89.36 -91.07
N THR LB 107 -30.95 90.46 -91.83
CA THR LB 107 -32.23 91.05 -92.23
C THR LB 107 -33.04 90.07 -93.08
N THR LB 108 -32.38 89.40 -94.03
CA THR LB 108 -33.07 88.41 -94.85
C THR LB 108 -33.64 87.29 -94.00
N MET LB 109 -32.84 86.78 -93.06
CA MET LB 109 -33.29 85.70 -92.18
C MET LB 109 -34.47 86.14 -91.35
N LEU LB 110 -34.41 87.35 -90.79
CA LEU LB 110 -35.49 87.87 -89.96
C LEU LB 110 -36.77 88.02 -90.78
N ASN LB 111 -36.66 88.56 -91.99
CA ASN LB 111 -37.84 88.77 -92.80
C ASN LB 111 -38.47 87.45 -93.24
N ALA LB 112 -37.66 86.48 -93.63
CA ALA LB 112 -38.20 85.17 -93.99
C ALA LB 112 -38.86 84.48 -92.79
N ALA LB 113 -38.22 84.56 -91.61
CA ALA LB 113 -38.82 83.96 -90.43
C ALA LB 113 -40.11 84.66 -90.03
N ALA LB 114 -40.23 85.96 -90.32
CA ALA LB 114 -41.46 86.67 -90.00
C ALA LB 114 -42.63 86.13 -90.81
N GLN LB 115 -42.44 85.97 -92.12
CA GLN LB 115 -43.48 85.36 -92.94
C GLN LB 115 -43.69 83.89 -92.63
N LEU LB 116 -42.70 83.22 -92.04
CA LEU LB 116 -42.89 81.83 -91.64
C LEU LB 116 -43.99 81.68 -90.59
N LEU LB 117 -44.29 82.75 -89.82
CA LEU LB 117 -45.31 82.65 -88.79
C LEU LB 117 -46.44 83.65 -88.96
N PHE LB 118 -46.59 84.25 -90.14
CA PHE LB 118 -47.83 84.97 -90.41
C PHE LB 118 -48.42 84.71 -91.79
N ASP LB 119 -47.76 83.98 -92.68
CA ASP LB 119 -48.34 83.67 -93.98
C ASP LB 119 -49.54 82.76 -93.83
N SER LB 120 -50.48 82.88 -94.76
CA SER LB 120 -51.79 82.27 -94.60
C SER LB 120 -51.72 80.74 -94.65
N ASP LB 121 -50.70 80.19 -95.32
CA ASP LB 121 -50.57 78.75 -95.43
C ASP LB 121 -50.23 78.11 -94.10
N TYR LB 122 -49.13 78.55 -93.50
CA TYR LB 122 -48.64 77.98 -92.26
C TYR LB 122 -49.63 78.17 -91.12
N SER LB 123 -50.73 78.87 -91.40
CA SER LB 123 -51.82 78.96 -90.43
C SER LB 123 -52.28 77.58 -90.01
N ASP LB 124 -52.32 76.61 -90.94
CA ASP LB 124 -52.70 75.27 -90.54
C ASP LB 124 -51.64 74.57 -89.70
N PHE LB 125 -50.37 74.91 -89.89
CA PHE LB 125 -49.30 74.31 -89.10
C PHE LB 125 -49.26 74.84 -87.68
N TRP LB 126 -49.48 76.14 -87.49
CA TRP LB 126 -49.43 76.74 -86.16
C TRP LB 126 -50.66 76.43 -85.31
N LYS LB 127 -51.84 76.48 -85.93
CA LYS LB 127 -53.09 76.28 -85.20
C LYS LB 127 -53.51 74.81 -85.19
N ALA LB 128 -53.68 74.22 -86.37
CA ALA LB 128 -54.14 72.83 -86.45
C ALA LB 128 -53.03 71.83 -86.22
N GLN LB 129 -51.77 72.27 -86.19
CA GLN LB 129 -50.62 71.37 -85.99
C GLN LB 129 -50.53 70.36 -87.14
N ALA LB 130 -50.79 70.85 -88.34
CA ALA LB 130 -50.91 70.02 -89.54
C ALA LB 130 -49.70 70.20 -90.43
N LEU LB 131 -48.89 69.16 -90.55
CA LEU LB 131 -47.68 69.21 -91.36
C LEU LB 131 -47.99 69.34 -92.85
N ALA LB 132 -49.12 68.80 -93.28
CA ALA LB 132 -49.55 69.00 -94.66
C ALA LB 132 -51.04 69.30 -94.73
N ALA MB 1 -35.18 101.37 -78.67
CA ALA MB 1 -35.19 99.94 -78.91
C ALA MB 1 -36.15 99.24 -77.95
N ILE MB 2 -35.66 98.21 -77.27
CA ILE MB 2 -36.46 97.54 -76.25
C ILE MB 2 -36.47 98.41 -75.00
N ALA MB 3 -37.54 99.18 -74.82
CA ALA MB 3 -37.63 100.16 -73.75
C ALA MB 3 -38.98 100.86 -73.78
N ASN MB 4 -39.28 101.51 -74.91
CA ASN MB 4 -40.54 102.21 -75.11
C ASN MB 4 -41.14 101.88 -76.47
N SER MB 5 -40.78 100.72 -77.03
CA SER MB 5 -41.21 100.35 -78.36
C SER MB 5 -42.71 100.07 -78.39
N SER MB 6 -43.32 100.31 -79.54
CA SER MB 6 -44.76 100.11 -79.74
C SER MB 6 -44.96 98.90 -80.65
N ILE MB 7 -45.91 98.04 -80.27
CA ILE MB 7 -46.27 96.87 -81.06
C ILE MB 7 -47.78 96.88 -81.28
N ALA MB 8 -48.20 96.73 -82.54
CA ALA MB 8 -49.61 96.82 -82.88
C ALA MB 8 -50.28 95.47 -82.67
N ILE MB 9 -50.98 95.32 -81.55
CA ILE MB 9 -51.62 94.06 -81.19
C ILE MB 9 -52.86 93.86 -82.06
N ASP MB 10 -53.04 92.63 -82.54
CA ASP MB 10 -54.19 92.24 -83.35
C ASP MB 10 -54.30 93.09 -84.62
N SER MB 11 -53.18 93.23 -85.31
CA SER MB 11 -53.12 93.93 -86.59
C SER MB 11 -52.91 92.92 -87.71
N THR MB 12 -52.83 93.43 -88.93
CA THR MB 12 -52.60 92.60 -90.11
C THR MB 12 -51.20 92.88 -90.65
N ALA MB 13 -50.39 91.83 -90.75
CA ALA MB 13 -49.02 91.94 -91.25
C ALA MB 13 -48.96 91.44 -92.69
N SER MB 14 -48.31 92.21 -93.55
CA SER MB 14 -48.19 91.89 -94.96
C SER MB 14 -46.75 92.09 -95.42
N VAL MB 15 -46.52 91.77 -96.69
CA VAL MB 15 -45.20 91.85 -97.30
C VAL MB 15 -45.33 92.48 -98.69
N THR MB 16 -44.40 93.37 -99.01
CA THR MB 16 -44.33 93.98 -100.33
C THR MB 16 -42.92 93.84 -100.87
N GLY MB 17 -42.79 93.82 -102.20
CA GLY MB 17 -41.49 93.66 -102.81
C GLY MB 17 -40.97 92.23 -102.65
N GLY MB 18 -39.68 92.08 -102.92
CA GLY MB 18 -39.02 90.81 -102.76
C GLY MB 18 -39.23 89.87 -103.94
N THR MB 19 -38.69 88.67 -103.79
CA THR MB 19 -38.84 87.61 -104.78
C THR MB 19 -39.57 86.43 -104.14
N ALA MB 20 -40.57 85.92 -104.84
CA ALA MB 20 -41.43 84.85 -104.35
C ALA MB 20 -40.75 83.50 -104.65
N ARG MB 21 -40.37 82.80 -103.58
CA ARG MB 21 -39.85 81.45 -103.72
C ARG MB 21 -40.90 80.44 -103.30
N THR MB 22 -40.73 79.20 -103.75
CA THR MB 22 -41.81 78.21 -103.66
C THR MB 22 -41.76 77.42 -102.36
N VAL MB 23 -40.57 77.09 -101.87
CA VAL MB 23 -40.38 76.17 -100.74
C VAL MB 23 -40.76 74.78 -101.20
N LYS MB 24 -39.83 73.83 -101.10
CA LYS MB 24 -40.02 72.49 -101.62
C LYS MB 24 -39.72 71.49 -100.52
N GLU MB 25 -40.61 70.52 -100.34
CA GLU MB 25 -40.41 69.53 -99.29
C GLU MB 25 -39.29 68.56 -99.67
N LEU MB 26 -38.42 68.27 -98.70
CA LEU MB 26 -37.36 67.28 -98.91
C LEU MB 26 -37.72 65.91 -98.35
N VAL MB 27 -37.92 65.82 -97.03
CA VAL MB 27 -38.01 64.56 -96.33
C VAL MB 27 -39.06 64.71 -95.23
N ARG MB 28 -39.81 63.63 -95.02
CA ARG MB 28 -40.91 63.62 -94.07
C ARG MB 28 -40.62 62.56 -93.02
N ASN MB 29 -41.57 62.39 -92.09
CA ASN MB 29 -41.55 61.33 -91.08
C ASN MB 29 -40.49 61.58 -90.00
N ASN MB 30 -40.91 61.54 -88.75
CA ASN MB 30 -42.32 61.45 -88.37
C ASN MB 30 -42.66 62.60 -87.44
N SER MB 31 -43.78 63.27 -87.70
CA SER MB 31 -44.13 64.51 -87.03
C SER MB 31 -43.01 65.54 -87.18
N GLU MB 32 -42.41 65.54 -88.37
CA GLU MB 32 -41.24 66.36 -88.65
C GLU MB 32 -41.12 66.53 -90.16
N LEU MB 33 -41.31 67.75 -90.66
CA LEU MB 33 -41.19 68.00 -92.08
C LEU MB 33 -39.92 68.80 -92.39
N ASN MB 34 -39.25 68.42 -93.48
CA ASN MB 34 -38.05 69.11 -93.94
C ASN MB 34 -38.31 69.65 -95.33
N ALA MB 35 -38.03 70.93 -95.53
CA ALA MB 35 -38.25 71.56 -96.81
C ALA MB 35 -37.04 72.45 -97.11
N TYR MB 36 -37.10 73.17 -98.23
CA TYR MB 36 -36.06 74.11 -98.57
C TYR MB 36 -36.65 75.18 -99.46
N ILE MB 37 -36.16 76.40 -99.31
CA ILE MB 37 -36.61 77.53 -100.12
C ILE MB 37 -35.79 77.54 -101.41
N ASP MB 38 -36.46 77.33 -102.53
CA ASP MB 38 -35.79 77.18 -103.82
C ASP MB 38 -35.56 78.56 -104.43
N GLU MB 39 -34.31 79.02 -104.42
CA GLU MB 39 -33.93 80.30 -105.00
C GLU MB 39 -32.91 80.11 -106.12
N GLY MB 40 -32.85 78.91 -106.68
CA GLY MB 40 -31.86 78.61 -107.70
C GLY MB 40 -30.44 78.63 -107.19
N LEU MB 41 -30.22 78.12 -105.98
CA LEU MB 41 -28.89 78.08 -105.38
C LEU MB 41 -28.39 76.63 -105.36
N SER MB 42 -27.14 76.46 -104.96
CA SER MB 42 -26.53 75.14 -104.93
C SER MB 42 -27.04 74.34 -103.73
N PHE MB 43 -26.61 73.08 -103.67
CA PHE MB 43 -27.05 72.18 -102.61
C PHE MB 43 -26.51 72.61 -101.24
N GLN MB 44 -25.31 73.17 -101.20
CA GLN MB 44 -24.72 73.58 -99.93
C GLN MB 44 -25.14 74.97 -99.50
N ALA MB 45 -25.75 75.76 -100.39
CA ALA MB 45 -26.09 77.14 -100.11
C ALA MB 45 -27.60 77.38 -100.08
N ARG MB 46 -28.39 76.33 -99.93
CA ARG MB 46 -29.84 76.46 -99.93
C ARG MB 46 -30.36 76.68 -98.51
N LYS MB 47 -31.54 77.29 -98.44
CA LYS MB 47 -32.14 77.75 -97.18
C LYS MB 47 -32.46 76.61 -96.22
N GLU MB 48 -33.34 75.68 -96.62
CA GLU MB 48 -33.67 74.50 -95.81
C GLU MB 48 -34.34 74.76 -94.46
N VAL MB 49 -35.60 75.20 -94.49
CA VAL MB 49 -36.42 75.35 -93.28
C VAL MB 49 -37.03 74.00 -92.91
N ALA MB 50 -37.02 73.66 -91.62
CA ALA MB 50 -37.60 72.44 -91.10
C ALA MB 50 -38.78 72.74 -90.18
N PHE MB 51 -39.78 71.84 -90.19
CA PHE MB 51 -41.03 72.00 -89.45
C PHE MB 51 -41.24 70.81 -88.53
N SER MB 52 -41.15 71.04 -87.22
CA SER MB 52 -41.39 70.00 -86.23
C SER MB 52 -42.74 70.21 -85.57
N VAL MB 53 -43.21 69.19 -84.86
CA VAL MB 53 -44.51 69.22 -84.21
C VAL MB 53 -44.53 68.27 -83.01
N LYS MB 54 -45.15 68.72 -81.91
CA LYS MB 54 -45.36 67.90 -80.73
C LYS MB 54 -46.84 67.96 -80.37
N VAL MB 55 -47.54 66.84 -80.52
CA VAL MB 55 -48.99 66.84 -80.30
C VAL MB 55 -49.28 66.93 -78.81
N PRO MB 56 -50.45 67.43 -78.40
CA PRO MB 56 -50.76 67.50 -76.97
C PRO MB 56 -50.91 66.11 -76.39
N LYS MB 57 -50.18 65.86 -75.30
CA LYS MB 57 -50.21 64.57 -74.63
C LYS MB 57 -51.06 64.69 -73.37
N VAL MB 58 -51.97 63.74 -73.18
CA VAL MB 58 -52.90 63.81 -72.06
C VAL MB 58 -52.17 63.45 -70.78
N SER MB 59 -51.79 64.47 -70.01
CA SER MB 59 -51.17 64.30 -68.70
C SER MB 59 -52.24 64.31 -67.62
N VAL MB 60 -51.83 64.46 -66.36
CA VAL MB 60 -52.77 64.53 -65.26
C VAL MB 60 -52.58 65.82 -64.48
N SER MB 61 -51.33 66.08 -64.08
CA SER MB 61 -51.02 67.23 -63.22
C SER MB 61 -50.62 68.43 -64.06
N ALA MB 62 -51.56 68.87 -64.91
CA ALA MB 62 -51.33 70.02 -65.76
C ALA MB 62 -52.61 70.84 -65.86
N PRO MB 63 -52.51 72.14 -66.13
CA PRO MB 63 -53.71 72.93 -66.40
C PRO MB 63 -54.45 72.37 -67.60
N GLY MB 64 -55.77 72.26 -67.47
CA GLY MB 64 -56.60 71.76 -68.56
C GLY MB 64 -56.62 70.26 -68.63
N GLY MB 65 -55.51 69.63 -68.28
CA GLY MB 65 -55.41 68.18 -68.28
C GLY MB 65 -54.29 67.65 -69.14
N PHE MB 66 -54.08 68.23 -70.32
CA PHE MB 66 -53.08 67.71 -71.24
C PHE MB 66 -51.80 68.55 -71.17
N THR MB 67 -50.75 68.06 -71.81
CA THR MB 67 -49.57 68.89 -72.05
C THR MB 67 -49.82 69.81 -73.23
N GLN MB 68 -48.86 70.67 -73.51
CA GLN MB 68 -49.06 71.74 -74.48
C GLN MB 68 -48.79 71.25 -75.90
N ALA MB 69 -49.42 71.93 -76.85
CA ALA MB 69 -49.23 71.66 -78.28
C ALA MB 69 -48.05 72.46 -78.77
N ARG MB 70 -46.89 71.80 -78.88
CA ARG MB 70 -45.68 72.46 -79.32
C ARG MB 70 -45.54 72.37 -80.83
N SER MB 71 -45.08 73.47 -81.45
CA SER MB 71 -44.92 73.53 -82.90
C SER MB 71 -43.66 74.35 -83.17
N THR MB 72 -42.66 73.71 -83.78
CA THR MB 72 -41.36 74.33 -83.97
C THR MB 72 -41.03 74.47 -85.45
N VAL MB 73 -40.40 75.59 -85.78
CA VAL MB 73 -39.87 75.86 -87.12
C VAL MB 73 -38.42 76.29 -86.93
N ILE MB 74 -37.52 75.72 -87.71
CA ILE MB 74 -36.12 76.15 -87.73
C ILE MB 74 -35.75 76.51 -89.16
N LEU MB 75 -35.47 77.78 -89.40
CA LEU MB 75 -34.96 78.23 -90.68
C LEU MB 75 -33.43 78.18 -90.61
N LYS MB 76 -32.81 77.46 -91.54
CA LYS MB 76 -31.37 77.39 -91.63
C LYS MB 76 -30.88 78.31 -92.74
N SER MB 77 -29.61 78.69 -92.66
CA SER MB 77 -29.02 79.60 -93.64
C SER MB 77 -27.52 79.35 -93.69
N PRO MB 78 -27.02 78.71 -94.75
CA PRO MB 78 -25.58 78.46 -94.84
C PRO MB 78 -24.80 79.75 -95.01
N LYS MB 79 -23.55 79.74 -94.56
CA LYS MB 79 -22.66 80.87 -94.76
C LYS MB 79 -21.23 80.37 -94.76
N THR MB 80 -20.45 80.84 -95.73
CA THR MB 80 -19.03 80.51 -95.81
C THR MB 80 -18.21 81.63 -95.20
N LEU MB 81 -17.16 81.26 -94.47
CA LEU MB 81 -16.40 82.21 -93.68
C LEU MB 81 -15.17 82.71 -94.43
N ALA MB 82 -14.43 83.60 -93.79
CA ALA MB 82 -13.21 84.17 -94.37
C ALA MB 82 -12.06 83.18 -94.42
N ASN MB 83 -12.18 82.05 -93.73
CA ASN MB 83 -11.20 80.98 -93.80
C ASN MB 83 -11.63 79.84 -94.71
N GLY MB 84 -12.80 79.94 -95.34
CA GLY MB 84 -13.30 78.92 -96.24
C GLY MB 84 -14.20 77.89 -95.60
N ASN MB 85 -14.32 77.88 -94.28
CA ASN MB 85 -15.20 76.92 -93.61
C ASN MB 85 -16.66 77.30 -93.81
N ARG MB 86 -17.53 76.31 -93.65
CA ARG MB 86 -18.97 76.49 -93.82
C ARG MB 86 -19.64 76.35 -92.45
N THR MB 87 -20.53 77.28 -92.13
CA THR MB 87 -21.34 77.23 -90.91
C THR MB 87 -22.79 77.52 -91.26
N VAL MB 88 -23.67 77.39 -90.27
CA VAL MB 88 -25.10 77.59 -90.45
C VAL MB 88 -25.60 78.59 -89.42
N ASN MB 89 -26.36 79.58 -89.88
CA ASN MB 89 -27.11 80.47 -89.01
C ASN MB 89 -28.54 79.95 -88.94
N THR MB 90 -29.17 80.09 -87.78
CA THR MB 90 -30.51 79.54 -87.60
C THR MB 90 -31.44 80.56 -86.97
N VAL MB 91 -32.72 80.45 -87.34
CA VAL MB 91 -33.80 81.10 -86.61
C VAL MB 91 -34.75 80.02 -86.12
N SER MB 92 -34.94 79.94 -84.81
CA SER MB 92 -35.83 78.95 -84.23
C SER MB 92 -37.07 79.62 -83.65
N ILE MB 93 -38.24 79.16 -84.05
CA ILE MB 93 -39.52 79.69 -83.59
C ILE MB 93 -40.30 78.53 -83.00
N GLN MB 94 -40.57 78.58 -81.70
CA GLN MB 94 -41.39 77.57 -81.04
C GLN MB 94 -42.66 78.20 -80.52
N LEU MB 95 -43.80 77.62 -80.90
CA LEU MB 95 -45.11 78.05 -80.41
C LEU MB 95 -45.60 76.95 -79.48
N SER MB 96 -45.91 77.35 -78.24
CA SER MB 96 -46.32 76.40 -77.21
C SER MB 96 -47.60 76.93 -76.56
N VAL MB 97 -48.74 76.42 -77.01
CA VAL MB 97 -50.02 76.83 -76.49
C VAL MB 97 -50.71 75.62 -75.86
N ASP MB 98 -51.68 75.90 -74.99
CA ASP MB 98 -52.54 74.86 -74.43
C ASP MB 98 -53.56 74.45 -75.48
N PRO MB 99 -54.02 73.20 -75.45
CA PRO MB 99 -55.00 72.74 -76.45
C PRO MB 99 -56.30 73.51 -76.43
N GLU MB 100 -56.68 74.10 -75.30
CA GLU MB 100 -57.91 74.87 -75.17
C GLU MB 100 -57.81 76.23 -75.83
N THR MB 101 -56.63 76.63 -76.30
CA THR MB 101 -56.46 77.92 -76.95
C THR MB 101 -57.21 77.98 -78.27
N THR MB 102 -57.83 79.11 -78.53
CA THR MB 102 -58.57 79.33 -79.76
C THR MB 102 -57.64 79.82 -80.86
N ALA MB 103 -58.16 79.79 -82.10
CA ALA MB 103 -57.36 80.20 -83.24
C ALA MB 103 -57.05 81.69 -83.20
N ALA MB 104 -57.99 82.50 -82.71
CA ALA MB 104 -57.76 83.94 -82.65
C ALA MB 104 -56.66 84.31 -81.67
N GLU MB 105 -56.61 83.64 -80.52
CA GLU MB 105 -55.52 83.84 -79.58
C GLU MB 105 -54.17 83.49 -80.21
N VAL MB 106 -54.15 82.37 -80.96
CA VAL MB 106 -52.90 81.92 -81.56
C VAL MB 106 -52.45 82.91 -82.64
N THR MB 107 -53.39 83.43 -83.43
CA THR MB 107 -52.98 84.35 -84.49
C THR MB 107 -52.57 85.69 -83.89
N THR MB 108 -53.15 86.07 -82.75
CA THR MB 108 -52.68 87.25 -82.04
C THR MB 108 -51.24 87.07 -81.56
N MET MB 109 -50.96 85.92 -80.95
CA MET MB 109 -49.60 85.62 -80.51
C MET MB 109 -48.62 85.63 -81.68
N LEU MB 110 -49.02 85.03 -82.79
CA LEU MB 110 -48.15 84.97 -83.95
C LEU MB 110 -47.90 86.35 -84.53
N ASN MB 111 -48.94 87.20 -84.55
CA ASN MB 111 -48.76 88.56 -85.04
C ASN MB 111 -47.80 89.34 -84.17
N ALA MB 112 -47.93 89.22 -82.84
CA ALA MB 112 -47.02 89.90 -81.94
C ALA MB 112 -45.58 89.40 -82.11
N ALA MB 113 -45.41 88.07 -82.21
CA ALA MB 113 -44.08 87.51 -82.36
C ALA MB 113 -43.45 87.90 -83.69
N ALA MB 114 -44.23 87.92 -84.77
CA ALA MB 114 -43.71 88.37 -86.05
C ALA MB 114 -43.34 89.85 -86.00
N GLN MB 115 -44.15 90.66 -85.32
CA GLN MB 115 -43.82 92.07 -85.15
C GLN MB 115 -42.48 92.22 -84.45
N LEU MB 116 -42.21 91.38 -83.45
CA LEU MB 116 -40.91 91.42 -82.78
C LEU MB 116 -39.90 90.60 -83.57
N LEU MB 117 -39.91 90.77 -84.90
CA LEU MB 117 -38.90 90.17 -85.75
C LEU MB 117 -38.44 91.16 -86.83
N PHE MB 118 -39.36 92.00 -87.29
CA PHE MB 118 -39.08 92.91 -88.38
C PHE MB 118 -39.33 94.37 -88.05
N ASP MB 119 -39.91 94.68 -86.89
CA ASP MB 119 -40.09 96.06 -86.49
C ASP MB 119 -38.75 96.75 -86.35
N SER MB 120 -38.66 97.97 -86.87
CA SER MB 120 -37.39 98.69 -86.90
C SER MB 120 -36.89 98.99 -85.50
N ASP MB 121 -37.78 98.99 -84.52
CA ASP MB 121 -37.41 99.24 -83.13
C ASP MB 121 -36.44 98.17 -82.62
N TYR MB 122 -36.72 96.92 -82.95
CA TYR MB 122 -35.84 95.83 -82.59
C TYR MB 122 -34.91 95.46 -83.74
N SER MB 123 -33.99 96.35 -84.10
CA SER MB 123 -33.01 96.03 -85.13
C SER MB 123 -31.64 95.90 -84.50
N ASP MB 124 -31.30 96.85 -83.62
CA ASP MB 124 -30.04 96.77 -82.89
C ASP MB 124 -29.98 95.54 -82.00
N PHE MB 125 -31.13 95.02 -81.57
CA PHE MB 125 -31.15 93.82 -80.74
C PHE MB 125 -30.77 92.56 -81.50
N TRP MB 126 -31.16 92.44 -82.77
CA TRP MB 126 -30.86 91.24 -83.54
C TRP MB 126 -29.47 91.31 -84.16
N LYS MB 127 -29.15 92.42 -84.81
CA LYS MB 127 -27.88 92.52 -85.53
C LYS MB 127 -26.76 92.97 -84.59
N ALA MB 128 -26.96 94.07 -83.88
CA ALA MB 128 -25.92 94.57 -82.99
C ALA MB 128 -25.93 93.86 -81.64
N GLN MB 129 -26.93 93.03 -81.38
CA GLN MB 129 -27.06 92.32 -80.10
C GLN MB 129 -27.11 93.30 -78.93
N ALA MB 130 -27.79 94.43 -79.13
CA ALA MB 130 -27.85 95.51 -78.17
C ALA MB 130 -29.17 95.44 -77.40
N LEU MB 131 -29.10 95.05 -76.13
CA LEU MB 131 -30.29 94.92 -75.30
C LEU MB 131 -31.01 96.25 -75.11
N ALA MB 132 -30.26 97.34 -75.00
CA ALA MB 132 -30.87 98.65 -74.81
C ALA MB 132 -29.97 99.77 -75.31
N ALA NB 1 -50.09 117.51 -33.12
CA ALA NB 1 -49.36 116.26 -32.96
C ALA NB 1 -50.09 115.10 -33.63
N ILE NB 2 -49.73 113.88 -33.25
CA ILE NB 2 -50.31 112.68 -33.88
C ILE NB 2 -51.81 112.61 -33.60
N ALA NB 3 -52.21 112.84 -32.35
CA ALA NB 3 -53.62 112.79 -32.00
C ALA NB 3 -54.38 113.94 -32.67
N ASN NB 4 -55.49 113.59 -33.32
CA ASN NB 4 -56.34 114.56 -34.01
C ASN NB 4 -55.59 115.29 -35.13
N SER NB 5 -54.60 114.61 -35.71
CA SER NB 5 -53.92 115.12 -36.90
C SER NB 5 -54.80 114.83 -38.12
N SER NB 6 -54.84 115.78 -39.05
CA SER NB 6 -55.67 115.65 -40.23
C SER NB 6 -54.81 115.30 -41.44
N ILE NB 7 -55.28 114.34 -42.23
CA ILE NB 7 -54.62 113.91 -43.47
C ILE NB 7 -55.63 114.02 -44.60
N ALA NB 8 -55.22 114.65 -45.70
CA ALA NB 8 -56.09 114.85 -46.85
C ALA NB 8 -55.96 113.66 -47.79
N ILE NB 9 -56.96 112.78 -47.77
CA ILE NB 9 -56.92 111.56 -48.58
C ILE NB 9 -57.22 111.90 -50.04
N ASP NB 10 -56.53 111.22 -50.95
CA ASP NB 10 -56.71 111.39 -52.40
C ASP NB 10 -56.42 112.84 -52.81
N SER NB 11 -55.16 113.21 -52.62
CA SER NB 11 -54.74 114.59 -52.80
C SER NB 11 -53.54 114.66 -53.74
N THR NB 12 -53.40 115.80 -54.40
CA THR NB 12 -52.20 116.05 -55.19
C THR NB 12 -51.13 116.68 -54.31
N ALA NB 13 -49.93 116.12 -54.36
CA ALA NB 13 -48.80 116.57 -53.57
C ALA NB 13 -47.87 117.35 -54.48
N SER NB 14 -47.77 118.66 -54.24
CA SER NB 14 -46.85 119.50 -54.98
C SER NB 14 -45.55 119.64 -54.21
N VAL NB 15 -44.57 120.32 -54.81
CA VAL NB 15 -43.34 120.66 -54.12
C VAL NB 15 -42.73 121.89 -54.77
N THR NB 16 -42.43 122.92 -53.97
CA THR NB 16 -41.85 124.16 -54.48
C THR NB 16 -40.79 124.64 -53.48
N GLY NB 17 -39.56 124.16 -53.65
CA GLY NB 17 -38.46 124.73 -52.88
C GLY NB 17 -37.24 125.08 -53.71
N GLY NB 18 -37.14 124.50 -54.90
CA GLY NB 18 -35.95 124.69 -55.73
C GLY NB 18 -34.90 123.63 -55.49
N THR NB 19 -33.67 123.90 -55.93
CA THR NB 19 -32.54 122.99 -55.80
C THR NB 19 -32.84 121.65 -56.45
N ALA NB 20 -33.05 121.70 -57.77
CA ALA NB 20 -33.42 120.51 -58.53
C ALA NB 20 -32.20 119.63 -58.79
N ARG NB 21 -31.96 118.68 -57.89
CA ARG NB 21 -30.87 117.74 -58.05
C ARG NB 21 -31.23 116.66 -59.07
N THR NB 22 -30.31 115.73 -59.28
CA THR NB 22 -30.49 114.67 -60.26
C THR NB 22 -30.08 113.34 -59.65
N VAL NB 23 -30.96 112.35 -59.77
CA VAL NB 23 -30.66 110.99 -59.34
C VAL NB 23 -29.90 110.30 -60.47
N LYS NB 24 -28.64 109.95 -60.22
CA LYS NB 24 -27.83 109.23 -61.19
C LYS NB 24 -27.57 107.81 -60.66
N GLU NB 25 -27.81 106.82 -61.50
CA GLU NB 25 -27.65 105.45 -61.04
C GLU NB 25 -26.17 105.08 -60.98
N LEU NB 26 -25.85 104.18 -60.05
CA LEU NB 26 -24.46 103.74 -59.86
C LEU NB 26 -24.30 102.29 -60.32
N VAL NB 27 -25.02 101.35 -59.72
CA VAL NB 27 -24.93 99.94 -60.07
C VAL NB 27 -26.34 99.37 -60.13
N ARG NB 28 -26.42 98.08 -60.38
CA ARG NB 28 -27.72 97.41 -60.48
C ARG NB 28 -27.84 96.18 -59.60
N ASN NB 29 -26.75 95.42 -59.41
CA ASN NB 29 -26.74 94.09 -58.79
C ASN NB 29 -28.05 93.32 -58.95
N ASN NB 30 -28.43 92.57 -57.92
CA ASN NB 30 -29.50 91.58 -58.03
C ASN NB 30 -30.85 92.23 -57.78
N SER NB 31 -31.59 92.50 -58.86
CA SER NB 31 -32.96 93.02 -58.78
C SER NB 31 -33.02 94.27 -57.92
N GLU NB 32 -32.01 95.12 -58.07
CA GLU NB 32 -31.85 96.31 -57.25
C GLU NB 32 -31.44 97.45 -58.16
N LEU NB 33 -31.36 98.65 -57.60
CA LEU NB 33 -30.87 99.80 -58.34
C LEU NB 33 -30.29 100.82 -57.37
N ASN NB 34 -28.96 100.84 -57.24
CA ASN NB 34 -28.30 101.77 -56.35
C ASN NB 34 -27.95 103.04 -57.11
N ALA NB 35 -28.51 104.17 -56.68
CA ALA NB 35 -28.27 105.46 -57.29
C ALA NB 35 -27.71 106.42 -56.26
N TYR NB 36 -27.55 107.68 -56.65
CA TYR NB 36 -27.07 108.71 -55.75
C TYR NB 36 -27.55 110.06 -56.26
N ILE NB 37 -27.72 111.00 -55.34
CA ILE NB 37 -28.20 112.33 -55.67
C ILE NB 37 -26.99 113.23 -55.92
N ASP NB 38 -26.98 113.89 -57.09
CA ASP NB 38 -25.83 114.70 -57.50
C ASP NB 38 -26.02 116.12 -56.99
N GLU NB 39 -25.46 116.37 -55.81
CA GLU NB 39 -25.44 117.70 -55.22
C GLU NB 39 -24.06 118.32 -55.17
N GLY NB 40 -23.06 117.69 -55.77
CA GLY NB 40 -21.71 118.18 -55.76
C GLY NB 40 -20.92 117.91 -54.50
N LEU NB 41 -21.36 116.97 -53.67
CA LEU NB 41 -20.66 116.66 -52.42
C LEU NB 41 -19.46 115.75 -52.70
N SER NB 42 -18.82 115.31 -51.62
CA SER NB 42 -17.70 114.40 -51.75
C SER NB 42 -18.17 113.02 -52.17
N PHE NB 43 -17.22 112.11 -52.37
CA PHE NB 43 -17.55 110.77 -52.84
C PHE NB 43 -18.19 109.95 -51.74
N GLN NB 44 -17.62 109.98 -50.54
CA GLN NB 44 -18.21 109.28 -49.39
C GLN NB 44 -19.00 110.25 -48.51
N ALA NB 45 -19.57 111.29 -49.12
CA ALA NB 45 -20.49 112.17 -48.40
C ALA NB 45 -21.77 112.43 -49.20
N ARG NB 46 -21.93 111.80 -50.36
CA ARG NB 46 -23.11 111.99 -51.19
C ARG NB 46 -24.29 111.19 -50.64
N LYS NB 47 -25.50 111.57 -51.04
CA LYS NB 47 -26.70 110.85 -50.63
C LYS NB 47 -27.02 109.80 -51.67
N GLU NB 48 -26.90 108.53 -51.31
CA GLU NB 48 -27.20 107.41 -52.20
C GLU NB 48 -28.57 106.86 -51.83
N VAL NB 49 -29.44 106.72 -52.83
CA VAL NB 49 -30.74 106.09 -52.61
C VAL NB 49 -30.83 104.81 -53.42
N ALA NB 50 -31.19 103.72 -52.74
CA ALA NB 50 -31.28 102.40 -53.35
C ALA NB 50 -32.73 101.99 -53.53
N PHE NB 51 -33.04 101.49 -54.72
CA PHE NB 51 -34.36 100.99 -55.09
C PHE NB 51 -34.29 99.48 -55.23
N SER NB 52 -35.37 98.79 -54.85
CA SER NB 52 -35.39 97.34 -54.97
C SER NB 52 -36.81 96.84 -55.16
N VAL NB 53 -36.95 95.75 -55.93
CA VAL NB 53 -38.25 95.16 -56.22
C VAL NB 53 -38.25 93.69 -55.79
N LYS NB 54 -39.41 93.24 -55.34
CA LYS NB 54 -39.65 91.87 -54.90
C LYS NB 54 -41.03 91.46 -55.43
N VAL NB 55 -41.12 91.41 -56.76
CA VAL NB 55 -42.27 90.95 -57.53
C VAL NB 55 -42.88 89.68 -56.96
N PRO NB 56 -44.17 89.43 -57.16
CA PRO NB 56 -44.83 88.27 -56.54
C PRO NB 56 -44.36 86.95 -57.11
N LYS NB 57 -44.56 85.90 -56.32
CA LYS NB 57 -44.19 84.54 -56.68
C LYS NB 57 -45.36 83.63 -56.38
N VAL NB 58 -45.74 82.79 -57.35
CA VAL NB 58 -46.95 81.98 -57.25
C VAL NB 58 -46.81 80.96 -56.12
N SER NB 59 -47.58 81.15 -55.06
CA SER NB 59 -47.62 80.24 -53.93
C SER NB 59 -48.95 79.50 -53.90
N VAL NB 60 -49.13 78.61 -52.93
CA VAL NB 60 -50.39 77.93 -52.69
C VAL NB 60 -51.11 78.50 -51.47
N SER NB 61 -50.35 79.10 -50.55
CA SER NB 61 -50.81 79.92 -49.45
C SER NB 61 -51.14 81.30 -50.00
N ALA NB 62 -51.12 82.33 -49.13
CA ALA NB 62 -51.37 83.70 -49.56
C ALA NB 62 -52.80 83.87 -50.05
N PRO NB 63 -53.75 84.08 -49.14
CA PRO NB 63 -55.18 84.00 -49.48
C PRO NB 63 -55.60 85.10 -50.44
N GLY NB 64 -55.48 84.77 -51.73
CA GLY NB 64 -55.51 85.72 -52.83
C GLY NB 64 -54.66 85.18 -53.95
N GLY NB 65 -53.93 84.10 -53.67
CA GLY NB 65 -53.26 83.34 -54.68
C GLY NB 65 -51.75 83.25 -54.53
N PHE NB 66 -51.10 84.37 -54.24
CA PHE NB 66 -49.65 84.43 -54.14
C PHE NB 66 -49.19 85.75 -53.51
N THR NB 67 -47.93 85.75 -53.10
CA THR NB 67 -47.37 86.77 -52.22
C THR NB 67 -47.49 88.16 -52.81
N GLN NB 68 -47.37 89.16 -51.94
CA GLN NB 68 -47.48 90.55 -52.36
C GLN NB 68 -46.22 90.99 -53.09
N ALA NB 69 -46.36 92.11 -53.80
CA ALA NB 69 -45.28 92.70 -54.58
C ALA NB 69 -44.67 93.85 -53.79
N ARG NB 70 -43.47 93.68 -53.27
CA ARG NB 70 -42.92 94.74 -52.42
C ARG NB 70 -41.89 95.59 -53.15
N SER NB 71 -41.88 96.87 -52.84
CA SER NB 71 -40.95 97.84 -53.44
C SER NB 71 -40.29 98.62 -52.31
N THR NB 72 -38.97 98.59 -52.26
CA THR NB 72 -38.24 99.24 -51.18
C THR NB 72 -37.39 100.39 -51.71
N VAL NB 73 -37.35 101.48 -50.94
CA VAL NB 73 -36.48 102.61 -51.21
C VAL NB 73 -35.75 102.99 -49.92
N ILE NB 74 -34.43 102.99 -49.96
CA ILE NB 74 -33.63 103.41 -48.81
C ILE NB 74 -32.79 104.61 -49.20
N LEU NB 75 -32.96 105.72 -48.49
CA LEU NB 75 -32.21 106.94 -48.71
C LEU NB 75 -31.15 107.05 -47.63
N LYS NB 76 -29.89 106.98 -48.02
CA LYS NB 76 -28.78 107.04 -47.07
C LYS NB 76 -28.13 108.42 -47.14
N SER NB 77 -28.25 109.18 -46.05
CA SER NB 77 -27.62 110.49 -45.94
C SER NB 77 -26.48 110.41 -44.96
N PRO NB 78 -25.23 110.54 -45.40
CA PRO NB 78 -24.11 110.45 -44.45
C PRO NB 78 -23.96 111.73 -43.63
N LYS NB 79 -23.34 111.59 -42.46
CA LYS NB 79 -23.19 112.70 -41.54
C LYS NB 79 -21.92 112.51 -40.72
N THR NB 80 -21.12 113.57 -40.62
CA THR NB 80 -19.91 113.57 -39.81
C THR NB 80 -20.25 114.10 -38.43
N LEU NB 81 -19.98 113.30 -37.40
CA LEU NB 81 -20.31 113.69 -36.04
C LEU NB 81 -19.24 114.60 -35.44
N ALA NB 82 -19.58 115.21 -34.31
CA ALA NB 82 -18.63 116.10 -33.64
C ALA NB 82 -17.42 115.33 -33.14
N ASN NB 83 -17.63 114.12 -32.63
CA ASN NB 83 -16.51 113.29 -32.16
C ASN NB 83 -15.52 113.00 -33.29
N GLY NB 84 -15.95 113.08 -34.53
CA GLY NB 84 -15.04 112.96 -35.65
C GLY NB 84 -15.38 111.85 -36.61
N ASN NB 85 -15.99 110.77 -36.09
CA ASN NB 85 -16.34 109.64 -36.93
C ASN NB 85 -17.53 109.99 -37.82
N ARG NB 86 -17.92 109.02 -38.63
CA ARG NB 86 -18.95 109.17 -39.65
C ARG NB 86 -20.05 108.15 -39.43
N THR NB 87 -21.28 108.55 -39.69
CA THR NB 87 -22.43 107.66 -39.55
C THR NB 87 -23.36 107.94 -40.73
N VAL NB 88 -24.35 107.07 -40.93
CA VAL NB 88 -25.33 107.25 -42.00
C VAL NB 88 -26.71 107.29 -41.37
N ASN NB 89 -27.52 108.27 -41.78
CA ASN NB 89 -28.90 108.41 -41.35
C ASN NB 89 -29.76 107.96 -42.52
N THR NB 90 -30.64 106.99 -42.25
CA THR NB 90 -31.36 106.32 -43.33
C THR NB 90 -32.87 106.55 -43.22
N VAL NB 91 -33.54 106.49 -44.38
CA VAL NB 91 -34.99 106.53 -44.45
C VAL NB 91 -35.46 105.42 -45.38
N SER NB 92 -35.89 104.30 -44.80
CA SER NB 92 -36.38 103.20 -45.61
C SER NB 92 -37.89 103.30 -45.79
N ILE NB 93 -38.35 102.90 -46.98
CA ILE NB 93 -39.77 102.90 -47.31
C ILE NB 93 -40.10 101.61 -48.05
N GLN NB 94 -41.16 100.93 -47.65
CA GLN NB 94 -41.56 99.68 -48.27
C GLN NB 94 -43.05 99.71 -48.61
N LEU NB 95 -43.42 99.03 -49.69
CA LEU NB 95 -44.77 99.08 -50.25
C LEU NB 95 -45.28 97.64 -50.52
N SER NB 96 -45.24 96.80 -49.49
CA SER NB 96 -45.75 95.44 -49.61
C SER NB 96 -47.26 95.49 -49.78
N VAL NB 97 -47.70 95.42 -51.04
CA VAL NB 97 -49.12 95.44 -51.38
C VAL NB 97 -49.45 94.23 -52.25
N ASP NB 98 -50.68 93.77 -52.12
CA ASP NB 98 -51.09 92.56 -52.83
C ASP NB 98 -51.14 92.84 -54.33
N PRO NB 99 -50.67 91.90 -55.16
CA PRO NB 99 -50.53 92.18 -56.60
C PRO NB 99 -51.84 92.47 -57.32
N GLU NB 100 -52.98 92.08 -56.77
CA GLU NB 100 -54.27 92.40 -57.37
C GLU NB 100 -54.68 93.86 -57.16
N THR NB 101 -53.86 94.63 -56.46
CA THR NB 101 -54.21 96.00 -56.14
C THR NB 101 -54.17 96.88 -57.38
N THR NB 102 -55.21 97.69 -57.54
CA THR NB 102 -55.25 98.66 -58.63
C THR NB 102 -54.30 99.81 -58.36
N ALA NB 103 -53.95 100.52 -59.43
CA ALA NB 103 -53.00 101.63 -59.32
C ALA NB 103 -53.59 102.85 -58.64
N ALA NB 104 -54.92 103.01 -58.69
CA ALA NB 104 -55.55 104.15 -58.02
C ALA NB 104 -55.41 104.05 -56.51
N GLU NB 105 -55.65 102.87 -55.95
CA GLU NB 105 -55.48 102.70 -54.51
C GLU NB 105 -54.02 102.77 -54.10
N VAL NB 106 -53.12 102.32 -54.97
CA VAL NB 106 -51.69 102.48 -54.70
C VAL NB 106 -51.33 103.96 -54.65
N THR NB 107 -51.86 104.75 -55.58
CA THR NB 107 -51.63 106.19 -55.55
C THR NB 107 -52.21 106.81 -54.27
N THR NB 108 -53.40 106.38 -53.88
CA THR NB 108 -53.99 106.86 -52.63
C THR NB 108 -53.09 106.56 -51.44
N MET NB 109 -52.57 105.33 -51.37
CA MET NB 109 -51.71 104.93 -50.26
C MET NB 109 -50.41 105.71 -50.27
N LEU NB 110 -49.84 105.93 -51.46
CA LEU NB 110 -48.58 106.67 -51.57
C LEU NB 110 -48.77 108.13 -51.16
N ASN NB 111 -49.90 108.72 -51.54
CA ASN NB 111 -50.17 110.10 -51.13
C ASN NB 111 -50.40 110.19 -49.63
N ALA NB 112 -51.12 109.22 -49.07
CA ALA NB 112 -51.37 109.23 -47.63
C ALA NB 112 -50.09 109.06 -46.83
N ALA NB 113 -49.23 108.11 -47.24
CA ALA NB 113 -47.94 107.90 -46.60
C ALA NB 113 -47.01 109.09 -46.77
N ALA NB 114 -46.92 109.67 -47.97
CA ALA NB 114 -46.08 110.83 -48.17
C ALA NB 114 -46.71 112.09 -47.61
N GLN NB 115 -47.98 112.07 -47.26
CA GLN NB 115 -48.58 113.17 -46.52
C GLN NB 115 -48.06 113.26 -45.10
N LEU NB 116 -47.69 112.12 -44.52
CA LEU NB 116 -46.78 112.11 -43.38
C LEU NB 116 -45.39 112.51 -43.87
N LEU NB 117 -44.46 112.69 -42.95
CA LEU NB 117 -43.06 113.05 -43.24
C LEU NB 117 -42.92 114.51 -43.68
N PHE NB 118 -44.02 115.21 -43.96
CA PHE NB 118 -43.87 116.64 -44.22
C PHE NB 118 -45.00 117.44 -43.59
N ASP NB 119 -45.98 116.76 -43.01
CA ASP NB 119 -47.04 117.45 -42.32
C ASP NB 119 -46.51 118.01 -41.00
N SER NB 120 -47.03 119.18 -40.62
CA SER NB 120 -46.57 119.84 -39.41
C SER NB 120 -46.90 119.07 -38.14
N ASP NB 121 -47.97 118.26 -38.17
CA ASP NB 121 -48.38 117.53 -36.97
C ASP NB 121 -47.32 116.52 -36.55
N TYR NB 122 -46.66 115.88 -37.51
CA TYR NB 122 -45.72 114.80 -37.23
C TYR NB 122 -44.28 115.29 -37.12
N SER NB 123 -44.05 116.61 -37.17
CA SER NB 123 -42.71 117.15 -37.02
C SER NB 123 -42.04 116.67 -35.74
N ASP NB 124 -42.76 116.78 -34.61
CA ASP NB 124 -42.18 116.39 -33.33
C ASP NB 124 -41.97 114.87 -33.26
N PHE NB 125 -42.87 114.11 -33.89
CA PHE NB 125 -42.69 112.66 -33.90
C PHE NB 125 -41.43 112.26 -34.65
N TRP NB 126 -41.20 112.86 -35.83
CA TRP NB 126 -40.04 112.51 -36.62
C TRP NB 126 -38.75 113.07 -36.03
N LYS NB 127 -38.81 114.20 -35.31
CA LYS NB 127 -37.59 114.85 -34.83
C LYS NB 127 -37.28 114.47 -33.38
N ALA NB 128 -38.18 114.72 -32.44
CA ALA NB 128 -37.93 114.45 -31.03
C ALA NB 128 -38.51 113.11 -30.57
N GLN NB 129 -39.09 112.32 -31.48
CA GLN NB 129 -39.70 111.04 -31.16
C GLN NB 129 -40.87 111.22 -30.18
N ALA NB 130 -41.61 112.32 -30.34
CA ALA NB 130 -42.73 112.63 -29.46
C ALA NB 130 -43.96 111.86 -29.93
N LEU NB 131 -44.08 110.63 -29.41
CA LEU NB 131 -45.23 109.79 -29.70
C LEU NB 131 -46.50 110.44 -29.18
N ALA NB 132 -46.57 110.63 -27.87
CA ALA NB 132 -47.69 111.33 -27.27
C ALA NB 132 -47.46 112.82 -27.34
N ALA OB 1 -103.42 -53.96 58.09
CA ALA OB 1 -104.30 -53.82 59.23
C ALA OB 1 -104.35 -52.37 59.68
N ILE OB 2 -103.49 -51.54 59.09
CA ILE OB 2 -103.58 -50.09 59.26
C ILE OB 2 -104.60 -49.60 58.24
N ALA OB 3 -105.86 -49.58 58.63
CA ALA OB 3 -106.93 -49.19 57.73
C ALA OB 3 -108.13 -48.78 58.56
N ASN OB 4 -109.07 -49.69 58.77
CA ASN OB 4 -110.11 -49.46 59.75
C ASN OB 4 -109.75 -50.17 61.05
N SER OB 5 -108.67 -49.73 61.69
CA SER OB 5 -108.23 -50.28 62.97
C SER OB 5 -109.06 -49.71 64.11
N SER OB 6 -108.59 -49.87 65.34
CA SER OB 6 -109.28 -49.27 66.47
C SER OB 6 -108.27 -48.97 67.57
N ILE OB 7 -108.40 -47.80 68.18
CA ILE OB 7 -107.52 -47.37 69.25
C ILE OB 7 -108.35 -46.60 70.28
N ALA OB 8 -108.17 -46.95 71.56
CA ALA OB 8 -108.86 -46.25 72.63
C ALA OB 8 -108.09 -44.98 72.98
N ILE OB 9 -108.78 -43.85 72.98
CA ILE OB 9 -108.17 -42.56 73.27
C ILE OB 9 -108.60 -42.12 74.66
N ASP OB 10 -107.64 -41.62 75.45
CA ASP OB 10 -107.85 -41.25 76.84
C ASP OB 10 -108.29 -42.46 77.67
N SER OB 11 -107.44 -43.48 77.69
CA SER OB 11 -107.71 -44.73 78.39
C SER OB 11 -106.48 -45.15 79.19
N THR OB 12 -106.71 -45.97 80.20
CA THR OB 12 -105.64 -46.48 81.04
C THR OB 12 -105.13 -47.82 80.50
N ALA OB 13 -103.81 -47.95 80.44
CA ALA OB 13 -103.16 -49.16 79.97
C ALA OB 13 -102.60 -49.94 81.15
N SER OB 14 -102.63 -51.27 81.03
CA SER OB 14 -102.22 -52.14 82.10
C SER OB 14 -101.42 -53.31 81.53
N VAL OB 15 -100.73 -54.01 82.42
CA VAL OB 15 -99.86 -55.13 82.04
C VAL OB 15 -100.11 -56.27 83.02
N THR OB 16 -100.28 -57.47 82.49
CA THR OB 16 -100.46 -58.67 83.30
C THR OB 16 -99.44 -59.73 82.89
N GLY OB 17 -99.04 -60.53 83.87
CA GLY OB 17 -98.12 -61.62 83.60
C GLY OB 17 -96.69 -61.14 83.39
N GLY OB 18 -95.91 -61.94 82.69
CA GLY OB 18 -94.51 -61.63 82.46
C GLY OB 18 -93.67 -61.81 83.70
N THR OB 19 -92.44 -61.32 83.62
CA THR OB 19 -91.48 -61.43 84.71
C THR OB 19 -90.98 -60.03 85.03
N ALA OB 20 -91.32 -59.53 86.23
CA ALA OB 20 -90.90 -58.20 86.65
C ALA OB 20 -89.40 -58.11 86.79
N ARG OB 21 -88.75 -57.35 85.91
CA ARG OB 21 -87.32 -57.12 85.96
C ARG OB 21 -87.06 -55.81 86.69
N THR OB 22 -85.81 -55.32 86.64
CA THR OB 22 -85.46 -54.07 87.31
C THR OB 22 -84.48 -53.31 86.42
N VAL OB 23 -84.68 -52.01 86.31
CA VAL OB 23 -83.84 -51.16 85.47
C VAL OB 23 -82.73 -50.61 86.36
N LYS OB 24 -81.54 -51.18 86.23
CA LYS OB 24 -80.39 -50.74 87.01
C LYS OB 24 -79.67 -49.62 86.28
N GLU OB 25 -79.44 -48.52 86.97
CA GLU OB 25 -78.85 -47.33 86.38
C GLU OB 25 -77.33 -47.45 86.35
N LEU OB 26 -76.73 -47.07 85.22
CA LEU OB 26 -75.31 -47.32 85.00
C LEU OB 26 -74.58 -45.98 85.03
N VAL OB 27 -74.90 -45.05 84.14
CA VAL OB 27 -74.20 -43.77 84.04
C VAL OB 27 -75.22 -42.68 83.76
N ARG OB 28 -75.04 -41.53 84.40
CA ARG OB 28 -75.95 -40.40 84.30
C ARG OB 28 -75.12 -39.18 83.96
N ASN OB 29 -75.07 -38.82 82.68
CA ASN OB 29 -74.20 -37.72 82.25
C ASN OB 29 -74.71 -37.12 80.95
N ASN OB 30 -74.34 -35.86 80.73
CA ASN OB 30 -74.56 -35.15 79.47
C ASN OB 30 -76.03 -35.23 79.04
N SER OB 31 -76.94 -35.01 79.98
CA SER OB 31 -78.38 -35.07 79.75
C SER OB 31 -78.82 -36.47 79.34
N GLU OB 32 -78.03 -37.48 79.67
CA GLU OB 32 -78.30 -38.85 79.30
C GLU OB 32 -78.19 -39.74 80.53
N LEU OB 33 -79.02 -40.78 80.58
CA LEU OB 33 -79.04 -41.78 81.65
C LEU OB 33 -78.98 -43.14 80.95
N ASN OB 34 -77.82 -43.78 81.05
CA ASN OB 34 -77.68 -45.15 80.56
C ASN OB 34 -78.03 -46.13 81.67
N ALA OB 35 -78.83 -47.14 81.33
CA ALA OB 35 -79.23 -48.15 82.30
C ALA OB 35 -79.35 -49.48 81.57
N TYR OB 36 -79.61 -50.54 82.32
CA TYR OB 36 -79.77 -51.86 81.74
C TYR OB 36 -80.86 -52.60 82.49
N ILE OB 37 -81.63 -53.39 81.75
CA ILE OB 37 -82.65 -54.25 82.35
C ILE OB 37 -81.96 -55.49 82.87
N ASP OB 38 -82.26 -55.86 84.10
CA ASP OB 38 -81.56 -56.95 84.78
C ASP OB 38 -82.42 -58.20 84.65
N GLU OB 39 -81.99 -59.10 83.77
CA GLU OB 39 -82.63 -60.40 83.59
C GLU OB 39 -81.71 -61.56 83.94
N GLY OB 40 -80.58 -61.29 84.58
CA GLY OB 40 -79.61 -62.32 84.87
C GLY OB 40 -78.98 -62.88 83.61
N LEU OB 41 -78.58 -62.00 82.71
CA LEU OB 41 -77.96 -62.37 81.45
C LEU OB 41 -76.49 -61.95 81.46
N SER OB 42 -75.77 -62.33 80.41
CA SER OB 42 -74.38 -61.95 80.27
C SER OB 42 -74.29 -60.50 79.82
N PHE OB 43 -73.10 -59.91 79.95
CA PHE OB 43 -72.90 -58.52 79.55
C PHE OB 43 -73.10 -58.31 78.07
N GLN OB 44 -72.71 -59.28 77.23
CA GLN OB 44 -72.86 -59.15 75.79
C GLN OB 44 -74.29 -59.29 75.31
N ALA OB 45 -75.20 -59.83 76.14
CA ALA OB 45 -76.62 -59.82 75.81
C ALA OB 45 -77.37 -59.26 77.01
N ARG OB 46 -77.41 -57.94 77.10
CA ARG OB 46 -78.17 -57.23 78.13
C ARG OB 46 -79.42 -56.62 77.49
N LYS OB 47 -80.15 -55.74 78.16
CA LYS OB 47 -81.25 -55.02 77.56
C LYS OB 47 -81.07 -53.53 77.83
N GLU OB 48 -79.88 -53.01 77.51
CA GLU OB 48 -79.54 -51.62 77.80
C GLU OB 48 -80.59 -50.66 77.24
N VAL OB 49 -80.94 -49.66 78.04
CA VAL OB 49 -81.89 -48.63 77.66
C VAL OB 49 -81.31 -47.27 78.05
N ALA OB 50 -81.38 -46.32 77.12
CA ALA OB 50 -80.85 -44.98 77.31
C ALA OB 50 -81.99 -43.96 77.30
N PHE OB 51 -82.03 -43.12 78.33
CA PHE OB 51 -83.00 -42.04 78.47
C PHE OB 51 -82.28 -40.73 78.23
N SER OB 52 -82.80 -39.91 77.33
CA SER OB 52 -82.17 -38.63 77.00
C SER OB 52 -83.22 -37.53 77.05
N VAL OB 53 -82.78 -36.33 77.42
CA VAL OB 53 -83.65 -35.18 77.56
C VAL OB 53 -83.03 -34.00 76.84
N LYS OB 54 -83.87 -33.25 76.10
CA LYS OB 54 -83.47 -32.09 75.33
C LYS OB 54 -84.43 -30.95 75.73
N VAL OB 55 -83.94 -30.07 76.59
CA VAL OB 55 -84.75 -29.00 77.19
C VAL OB 55 -84.98 -27.88 76.19
N PRO OB 56 -86.10 -27.17 76.28
CA PRO OB 56 -86.35 -26.06 75.34
C PRO OB 56 -85.47 -24.86 75.62
N LYS OB 57 -85.14 -24.13 74.55
CA LYS OB 57 -84.40 -22.88 74.63
C LYS OB 57 -85.17 -21.79 73.92
N VAL OB 58 -84.90 -20.55 74.31
CA VAL OB 58 -85.60 -19.40 73.74
C VAL OB 58 -85.23 -19.26 72.26
N SER OB 59 -86.22 -18.90 71.45
CA SER OB 59 -86.03 -18.71 70.02
C SER OB 59 -86.83 -17.50 69.56
N VAL OB 60 -86.71 -17.17 68.28
CA VAL OB 60 -87.52 -16.13 67.67
C VAL OB 60 -88.55 -16.71 66.71
N SER OB 61 -88.21 -17.77 65.99
CA SER OB 61 -89.14 -18.60 65.26
C SER OB 61 -89.81 -19.54 66.26
N ALA OB 62 -90.37 -20.66 65.76
CA ALA OB 62 -90.98 -21.65 66.65
C ALA OB 62 -92.19 -21.06 67.36
N PRO OB 63 -93.36 -21.06 66.73
CA PRO OB 63 -94.40 -20.08 67.03
C PRO OB 63 -94.96 -20.21 68.44
N GLY OB 64 -94.31 -19.52 69.37
CA GLY OB 64 -94.52 -19.67 70.80
C GLY OB 64 -93.24 -19.39 71.57
N GLY OB 65 -92.15 -19.21 70.83
CA GLY OB 65 -90.94 -18.65 71.39
C GLY OB 65 -89.84 -19.63 71.71
N PHE OB 66 -90.21 -20.88 71.97
CA PHE OB 66 -89.23 -21.87 72.37
C PHE OB 66 -89.27 -23.08 71.45
N THR OB 67 -88.11 -23.71 71.31
CA THR OB 67 -88.03 -25.01 70.68
C THR OB 67 -88.77 -26.04 71.53
N GLN OB 68 -89.03 -27.20 70.94
CA GLN OB 68 -89.81 -28.21 71.63
C GLN OB 68 -88.94 -28.96 72.64
N ALA OB 69 -89.57 -29.41 73.72
CA ALA OB 69 -88.94 -30.27 74.70
C ALA OB 69 -88.99 -31.70 74.19
N ARG OB 70 -87.82 -32.33 74.07
CA ARG OB 70 -87.73 -33.68 73.54
C ARG OB 70 -87.30 -34.66 74.63
N SER OB 71 -87.92 -35.84 74.62
CA SER OB 71 -87.57 -36.92 75.55
C SER OB 71 -87.43 -38.18 74.71
N THR OB 72 -86.25 -38.78 74.73
CA THR OB 72 -85.96 -39.93 73.88
C THR OB 72 -85.61 -41.14 74.73
N VAL OB 73 -86.17 -42.29 74.36
CA VAL OB 73 -85.81 -43.55 74.99
C VAL OB 73 -85.39 -44.53 73.91
N ILE OB 74 -84.18 -45.08 74.03
CA ILE OB 74 -83.72 -46.12 73.12
C ILE OB 74 -83.48 -47.39 73.89
N LEU OB 75 -84.18 -48.45 73.50
CA LEU OB 75 -84.02 -49.78 74.08
C LEU OB 75 -83.21 -50.62 73.10
N LYS OB 76 -82.10 -51.18 73.58
CA LYS OB 76 -81.25 -52.01 72.74
C LYS OB 76 -81.38 -53.47 73.12
N SER OB 77 -81.56 -54.32 72.11
CA SER OB 77 -81.76 -55.75 72.31
C SER OB 77 -80.74 -56.53 71.49
N PRO OB 78 -79.64 -56.97 72.10
CA PRO OB 78 -78.65 -57.76 71.36
C PRO OB 78 -79.19 -59.10 70.87
N LYS OB 79 -79.01 -59.37 69.59
CA LYS OB 79 -79.34 -60.65 68.99
C LYS OB 79 -78.07 -61.30 68.45
N THR OB 80 -77.99 -62.62 68.60
CA THR OB 80 -76.91 -63.42 68.05
C THR OB 80 -77.43 -64.18 66.84
N LEU OB 81 -76.73 -64.05 65.72
CA LEU OB 81 -77.21 -64.57 64.46
C LEU OB 81 -76.75 -66.01 64.26
N ALA OB 82 -77.19 -66.61 63.15
CA ALA OB 82 -76.85 -67.99 62.86
C ALA OB 82 -75.34 -68.17 62.69
N ASN OB 83 -74.72 -67.27 61.93
CA ASN OB 83 -73.27 -67.35 61.74
C ASN OB 83 -72.53 -67.09 63.04
N GLY OB 84 -73.04 -66.18 63.86
CA GLY OB 84 -72.43 -65.94 65.16
C GLY OB 84 -72.06 -64.49 65.40
N ASN OB 85 -72.22 -63.65 64.40
CA ASN OB 85 -72.02 -62.22 64.60
C ASN OB 85 -73.12 -61.66 65.50
N ARG OB 86 -72.76 -60.64 66.28
CA ARG OB 86 -73.69 -60.00 67.19
C ARG OB 86 -74.22 -58.71 66.59
N THR OB 87 -75.55 -58.59 66.53
CA THR OB 87 -76.20 -57.36 66.11
C THR OB 87 -76.99 -56.83 67.28
N VAL OB 88 -77.32 -55.54 67.24
CA VAL OB 88 -78.17 -54.91 68.24
C VAL OB 88 -79.43 -54.42 67.55
N ASN OB 89 -80.58 -54.84 68.07
CA ASN OB 89 -81.88 -54.42 67.55
C ASN OB 89 -82.45 -53.39 68.53
N THR OB 90 -82.85 -52.24 68.01
CA THR OB 90 -83.22 -51.11 68.86
C THR OB 90 -84.67 -50.68 68.64
N VAL OB 91 -85.23 -50.06 69.66
CA VAL OB 91 -86.50 -49.35 69.56
C VAL OB 91 -86.31 -47.94 70.09
N SER OB 92 -86.57 -46.93 69.26
CA SER OB 92 -86.47 -45.55 69.68
C SER OB 92 -87.85 -44.96 69.89
N ILE OB 93 -88.00 -44.20 70.98
CA ILE OB 93 -89.25 -43.51 71.30
C ILE OB 93 -88.87 -42.08 71.62
N GLN OB 94 -89.22 -41.16 70.73
CA GLN OB 94 -88.92 -39.74 70.90
C GLN OB 94 -90.22 -38.95 70.94
N LEU OB 95 -90.42 -38.22 72.04
CA LEU OB 95 -91.60 -37.38 72.22
C LEU OB 95 -91.14 -35.92 72.22
N SER OB 96 -91.68 -35.13 71.30
CA SER OB 96 -91.38 -33.71 71.21
C SER OB 96 -92.68 -32.94 71.46
N VAL OB 97 -92.72 -32.18 72.55
CA VAL OB 97 -93.90 -31.39 72.87
C VAL OB 97 -93.50 -29.93 73.05
N ASP OB 98 -94.37 -29.04 72.58
CA ASP OB 98 -94.22 -27.63 72.88
C ASP OB 98 -94.35 -27.42 74.38
N PRO OB 99 -93.56 -26.51 74.97
CA PRO OB 99 -93.61 -26.33 76.43
C PRO OB 99 -94.96 -25.87 76.94
N GLU OB 100 -95.84 -25.32 76.10
CA GLU OB 100 -97.18 -24.96 76.55
C GLU OB 100 -98.07 -26.17 76.78
N THR OB 101 -97.65 -27.36 76.34
CA THR OB 101 -98.50 -28.53 76.38
C THR OB 101 -98.77 -28.98 77.81
N THR OB 102 -100.03 -29.22 78.12
CA THR OB 102 -100.43 -29.65 79.46
C THR OB 102 -100.10 -31.12 79.66
N ALA OB 103 -100.19 -31.56 80.92
CA ALA OB 103 -99.86 -32.94 81.24
C ALA OB 103 -100.91 -33.91 80.72
N ALA OB 104 -102.17 -33.48 80.63
CA ALA OB 104 -103.21 -34.33 80.08
C ALA OB 104 -103.00 -34.60 78.60
N GLU OB 105 -102.60 -33.58 77.84
CA GLU OB 105 -102.32 -33.78 76.42
C GLU OB 105 -101.12 -34.69 76.21
N VAL OB 106 -100.13 -34.63 77.09
CA VAL OB 106 -99.00 -35.55 76.99
C VAL OB 106 -99.42 -36.96 77.36
N THR OB 107 -100.27 -37.11 78.38
CA THR OB 107 -100.76 -38.43 78.75
C THR OB 107 -101.55 -39.06 77.62
N THR OB 108 -102.40 -38.28 76.95
CA THR OB 108 -103.17 -38.82 75.83
C THR OB 108 -102.25 -39.31 74.71
N MET OB 109 -101.23 -38.52 74.37
CA MET OB 109 -100.29 -38.93 73.34
C MET OB 109 -99.53 -40.19 73.73
N LEU OB 110 -99.08 -40.25 74.99
CA LEU OB 110 -98.33 -41.40 75.46
C LEU OB 110 -99.20 -42.66 75.39
N ASN OB 111 -100.45 -42.55 75.82
CA ASN OB 111 -101.32 -43.72 75.82
C ASN OB 111 -101.67 -44.17 74.41
N ALA OB 112 -101.94 -43.23 73.50
CA ALA OB 112 -102.22 -43.61 72.12
C ALA OB 112 -101.00 -44.24 71.45
N ALA OB 113 -99.82 -43.67 71.68
CA ALA OB 113 -98.60 -44.24 71.12
C ALA OB 113 -98.30 -45.62 71.70
N ALA OB 114 -98.70 -45.87 72.94
CA ALA OB 114 -98.47 -47.19 73.54
C ALA OB 114 -99.26 -48.25 72.78
N GLN OB 115 -100.55 -48.02 72.55
CA GLN OB 115 -101.35 -48.95 71.75
C GLN OB 115 -100.92 -48.99 70.30
N LEU OB 116 -100.29 -47.94 69.80
CA LEU OB 116 -99.78 -47.98 68.42
C LEU OB 116 -98.75 -49.09 68.23
N LEU OB 117 -98.09 -49.52 69.30
CA LEU OB 117 -97.05 -50.54 69.16
C LEU OB 117 -97.34 -51.79 70.01
N PHE OB 118 -98.55 -51.95 70.50
CA PHE OB 118 -98.94 -53.26 71.06
C PHE OB 118 -100.31 -53.76 70.62
N ASP OB 119 -101.12 -52.97 69.92
CA ASP OB 119 -102.40 -53.46 69.43
C ASP OB 119 -102.19 -54.54 68.37
N SER OB 120 -103.15 -55.47 68.30
CA SER OB 120 -102.95 -56.70 67.55
C SER OB 120 -102.88 -56.45 66.04
N ASP OB 121 -103.53 -55.39 65.56
CA ASP OB 121 -103.53 -55.10 64.13
C ASP OB 121 -102.13 -54.74 63.64
N TYR OB 122 -101.52 -53.75 64.29
CA TYR OB 122 -100.22 -53.25 63.88
C TYR OB 122 -99.14 -54.32 64.04
N SER OB 123 -99.52 -55.48 64.56
CA SER OB 123 -98.60 -56.62 64.58
C SER OB 123 -98.10 -56.94 63.19
N ASP OB 124 -98.95 -56.78 62.16
CA ASP OB 124 -98.45 -57.00 60.81
C ASP OB 124 -97.50 -55.91 60.34
N PHE OB 125 -97.66 -54.69 60.83
CA PHE OB 125 -96.78 -53.60 60.42
C PHE OB 125 -95.40 -53.69 61.04
N TRP OB 126 -95.32 -54.05 62.33
CA TRP OB 126 -94.04 -54.11 63.02
C TRP OB 126 -93.22 -55.34 62.65
N LYS OB 127 -93.87 -56.50 62.50
CA LYS OB 127 -93.17 -57.74 62.20
C LYS OB 127 -93.06 -58.00 60.71
N ALA OB 128 -94.19 -58.06 60.01
CA ALA OB 128 -94.17 -58.34 58.58
C ALA OB 128 -93.82 -57.12 57.75
N GLN OB 129 -93.76 -55.93 58.34
CA GLN OB 129 -93.44 -54.69 57.64
C GLN OB 129 -94.48 -54.43 56.55
N ALA OB 130 -95.75 -54.71 56.88
CA ALA OB 130 -96.86 -54.67 55.94
C ALA OB 130 -97.71 -53.45 56.19
N LEU OB 131 -97.72 -52.53 55.23
CA LEU OB 131 -98.46 -51.28 55.37
C LEU OB 131 -99.97 -51.50 55.34
N ALA OB 132 -100.42 -52.48 54.57
CA ALA OB 132 -101.85 -52.77 54.56
C ALA OB 132 -102.10 -54.28 54.55
N ALA PB 1 -88.30 -43.23 89.73
CA ALA PB 1 -88.36 -43.01 88.29
C ALA PB 1 -87.38 -43.92 87.56
N ILE PB 2 -86.60 -43.35 86.66
CA ILE PB 2 -85.55 -44.13 86.00
C ILE PB 2 -84.39 -44.31 86.96
N ALA PB 3 -84.35 -45.48 87.62
CA ALA PB 3 -83.36 -45.74 88.66
C ALA PB 3 -83.53 -47.15 89.20
N ASN PB 4 -84.73 -47.47 89.68
CA ASN PB 4 -85.04 -48.80 90.22
C ASN PB 4 -86.39 -49.29 89.72
N SER PB 5 -86.86 -48.74 88.59
CA SER PB 5 -88.18 -49.08 88.09
C SER PB 5 -88.21 -50.52 87.58
N SER PB 6 -89.39 -51.14 87.69
CA SER PB 6 -89.60 -52.53 87.29
C SER PB 6 -90.40 -52.55 85.99
N ILE PB 7 -89.95 -53.37 85.05
CA ILE PB 7 -90.64 -53.56 83.78
C ILE PB 7 -90.91 -55.06 83.59
N ALA PB 8 -92.17 -55.40 83.30
CA ALA PB 8 -92.57 -56.80 83.18
C ALA PB 8 -92.24 -57.31 81.79
N ILE PB 9 -91.12 -58.01 81.65
CA ILE PB 9 -90.69 -58.53 80.36
C ILE PB 9 -91.59 -59.69 79.94
N ASP PB 10 -91.96 -59.72 78.67
CA ASP PB 10 -92.78 -60.77 78.08
C ASP PB 10 -94.12 -60.92 78.79
N SER PB 11 -94.75 -59.78 79.05
CA SER PB 11 -96.09 -59.72 79.63
C SER PB 11 -97.10 -59.38 78.54
N THR PB 12 -98.36 -59.25 78.95
CA THR PB 12 -99.44 -58.88 78.05
C THR PB 12 -99.98 -57.52 78.45
N ALA PB 13 -100.00 -56.58 77.50
CA ALA PB 13 -100.46 -55.22 77.75
C ALA PB 13 -101.85 -55.05 77.16
N SER PB 14 -102.75 -54.46 77.94
CA SER PB 14 -104.13 -54.25 77.53
C SER PB 14 -104.55 -52.81 77.84
N VAL PB 15 -105.78 -52.49 77.48
CA VAL PB 15 -106.35 -51.16 77.64
C VAL PB 15 -107.78 -51.29 78.13
N THR PB 16 -108.16 -50.42 79.08
CA THR PB 16 -109.53 -50.35 79.57
C THR PB 16 -110.01 -48.92 79.54
N GLY PB 17 -111.32 -48.72 79.41
CA GLY PB 17 -111.87 -47.39 79.35
C GLY PB 17 -111.59 -46.72 78.02
N GLY PB 18 -111.84 -45.41 77.99
CA GLY PB 18 -111.56 -44.61 76.82
C GLY PB 18 -112.62 -44.71 75.74
N THR PB 19 -112.39 -43.96 74.67
CA THR PB 19 -113.22 -43.98 73.49
C THR PB 19 -112.48 -44.65 72.34
N ALA PB 20 -113.18 -45.55 71.64
CA ALA PB 20 -112.60 -46.33 70.55
C ALA PB 20 -112.76 -45.54 69.26
N ARG PB 21 -111.63 -45.07 68.72
CA ARG PB 21 -111.63 -44.39 67.44
C ARG PB 21 -111.13 -45.34 66.35
N THR PB 22 -111.47 -45.01 65.10
CA THR PB 22 -111.31 -45.97 64.02
C THR PB 22 -109.94 -45.88 63.35
N VAL PB 23 -109.40 -44.68 63.20
CA VAL PB 23 -108.20 -44.42 62.40
C VAL PB 23 -108.55 -44.65 60.94
N LYS PB 24 -108.35 -43.64 60.10
CA LYS PB 24 -108.74 -43.69 58.69
C LYS PB 24 -107.55 -43.28 57.85
N GLU PB 25 -107.25 -44.06 56.81
CA GLU PB 25 -106.12 -43.75 55.95
C GLU PB 25 -106.42 -42.55 55.08
N LEU PB 26 -105.45 -41.65 54.98
CA LEU PB 26 -105.58 -40.48 54.11
C LEU PB 26 -104.91 -40.70 52.75
N VAL PB 27 -103.60 -40.90 52.76
CA VAL PB 27 -102.80 -40.93 51.54
C VAL PB 27 -101.78 -42.06 51.68
N ARG PB 28 -101.44 -42.66 50.54
CA ARG PB 28 -100.54 -43.79 50.51
C ARG PB 28 -99.40 -43.46 49.55
N ASN PB 29 -98.50 -44.42 49.36
CA ASN PB 29 -97.41 -44.34 48.39
C ASN PB 29 -96.33 -43.36 48.80
N ASN PB 30 -95.08 -43.79 48.77
CA ASN PB 30 -94.74 -45.19 48.54
C ASN PB 30 -93.90 -45.68 49.70
N SER PB 31 -94.25 -46.85 50.23
CA SER PB 31 -93.69 -47.36 51.48
C SER PB 31 -93.91 -46.35 52.60
N GLU PB 32 -95.08 -45.71 52.56
CA GLU PB 32 -95.45 -44.69 53.53
C GLU PB 32 -96.95 -44.53 53.59
N LEU PB 33 -97.56 -44.89 54.72
CA LEU PB 33 -98.98 -44.68 54.91
C LEU PB 33 -99.23 -43.43 55.74
N ASN PB 34 -100.33 -42.74 55.43
CA ASN PB 34 -100.78 -41.60 56.21
C ASN PB 34 -102.23 -41.84 56.60
N ALA PB 35 -102.51 -41.77 57.90
CA ALA PB 35 -103.85 -42.00 58.41
C ALA PB 35 -104.19 -40.87 59.36
N TYR PB 36 -105.38 -40.94 59.96
CA TYR PB 36 -105.77 -39.97 60.97
C TYR PB 36 -106.76 -40.64 61.90
N ILE PB 37 -106.70 -40.29 63.18
CA ILE PB 37 -107.62 -40.83 64.17
C ILE PB 37 -108.87 -39.96 64.18
N ASP PB 38 -110.00 -40.55 63.81
CA ASP PB 38 -111.25 -39.81 63.66
C ASP PB 38 -111.96 -39.74 64.99
N GLU PB 39 -111.98 -38.55 65.61
CA GLU PB 39 -112.68 -38.31 66.86
C GLU PB 39 -113.73 -37.21 66.70
N GLY PB 40 -114.19 -37.00 65.48
CA GLY PB 40 -115.12 -35.91 65.21
C GLY PB 40 -114.52 -34.54 65.45
N LEU PB 41 -113.27 -34.34 65.06
CA LEU PB 41 -112.58 -33.07 65.23
C LEU PB 41 -112.42 -32.40 63.87
N SER PB 42 -112.01 -31.14 63.91
CA SER PB 42 -111.84 -30.37 62.69
C SER PB 42 -110.60 -30.82 61.93
N PHE PB 43 -110.42 -30.26 60.74
CA PHE PB 43 -109.31 -30.67 59.88
C PHE PB 43 -107.96 -30.26 60.46
N GLN PB 44 -107.90 -29.15 61.18
CA GLN PB 44 -106.64 -28.71 61.76
C GLN PB 44 -106.38 -29.29 63.15
N ALA PB 45 -107.37 -29.97 63.74
CA ALA PB 45 -107.26 -30.47 65.10
C ALA PB 45 -107.26 -32.00 65.16
N ARG PB 46 -107.09 -32.66 64.02
CA ARG PB 46 -107.12 -34.10 63.98
C ARG PB 46 -105.72 -34.68 64.22
N LYS PB 47 -105.68 -35.93 64.68
CA LYS PB 47 -104.46 -36.55 65.18
C LYS PB 47 -103.43 -36.83 64.08
N GLU PB 48 -103.82 -37.56 63.03
CA GLU PB 48 -102.94 -37.82 61.89
C GLU PB 48 -101.66 -38.59 62.19
N VAL PB 49 -101.78 -39.88 62.49
CA VAL PB 49 -100.63 -40.77 62.63
C VAL PB 49 -100.15 -41.21 61.25
N ALA PB 50 -98.83 -41.23 61.05
CA ALA PB 50 -98.21 -41.67 59.81
C ALA PB 50 -97.35 -42.92 60.03
N PHE PB 51 -97.31 -43.76 59.00
CA PHE PB 51 -96.61 -45.04 59.05
C PHE PB 51 -95.58 -45.11 57.94
N SER PB 52 -94.32 -45.30 58.29
CA SER PB 52 -93.23 -45.42 57.33
C SER PB 52 -92.61 -46.81 57.41
N VAL PB 53 -91.86 -47.17 56.37
CA VAL PB 53 -91.25 -48.49 56.29
C VAL PB 53 -89.99 -48.42 55.44
N LYS PB 54 -88.91 -49.04 55.92
CA LYS PB 54 -87.67 -49.21 55.16
C LYS PB 54 -87.37 -50.70 55.11
N VAL PB 55 -87.50 -51.29 53.93
CA VAL PB 55 -87.36 -52.75 53.80
C VAL PB 55 -85.90 -53.14 53.97
N PRO PB 56 -85.59 -54.38 54.35
CA PRO PB 56 -84.18 -54.78 54.48
C PRO PB 56 -83.49 -54.77 53.13
N LYS PB 57 -82.34 -54.10 53.08
CA LYS PB 57 -81.58 -53.94 51.84
C LYS PB 57 -80.37 -54.86 51.87
N VAL PB 58 -80.07 -55.48 50.73
CA VAL PB 58 -79.00 -56.45 50.65
C VAL PB 58 -77.66 -55.74 50.66
N SER PB 59 -77.05 -55.62 51.84
CA SER PB 59 -75.70 -55.07 51.96
C SER PB 59 -74.67 -56.18 51.91
N VAL PB 60 -73.42 -55.86 52.24
CA VAL PB 60 -72.36 -56.87 52.26
C VAL PB 60 -71.69 -56.90 53.62
N SER PB 61 -71.25 -55.74 54.10
CA SER PB 61 -70.48 -55.66 55.33
C SER PB 61 -71.40 -55.36 56.51
N ALA PB 62 -72.33 -56.28 56.75
CA ALA PB 62 -73.26 -56.15 57.86
C ALA PB 62 -73.48 -57.50 58.50
N PRO PB 63 -73.85 -57.55 59.77
CA PRO PB 63 -74.26 -58.82 60.38
C PRO PB 63 -75.43 -59.43 59.64
N GLY PB 64 -75.38 -60.74 59.43
CA GLY PB 64 -76.45 -61.42 58.74
C GLY PB 64 -76.35 -61.29 57.23
N GLY PB 65 -75.89 -60.14 56.76
CA GLY PB 65 -75.72 -59.90 55.34
C GLY PB 65 -76.47 -58.67 54.85
N PHE PB 66 -77.69 -58.46 55.34
CA PHE PB 66 -78.50 -57.35 54.87
C PHE PB 66 -78.46 -56.20 55.87
N THR PB 67 -79.02 -55.05 55.48
CA THR PB 67 -79.28 -53.99 56.41
C THR PB 67 -80.52 -54.31 57.23
N GLN PB 68 -80.88 -53.41 58.14
CA GLN PB 68 -81.94 -53.68 59.09
C GLN PB 68 -83.30 -53.28 58.53
N ALA PB 69 -84.34 -53.91 59.06
CA ALA PB 69 -85.73 -53.63 58.68
C ALA PB 69 -86.24 -52.50 59.57
N ARG PB 70 -86.19 -51.28 59.04
CA ARG PB 70 -86.69 -50.12 59.77
C ARG PB 70 -88.20 -49.99 59.62
N SER PB 71 -88.86 -49.57 60.69
CA SER PB 71 -90.31 -49.41 60.69
C SER PB 71 -90.65 -48.25 61.62
N THR PB 72 -91.16 -47.17 61.06
CA THR PB 72 -91.39 -45.93 61.80
C THR PB 72 -92.86 -45.59 61.87
N VAL PB 73 -93.28 -45.07 63.02
CA VAL PB 73 -94.62 -44.52 63.22
C VAL PB 73 -94.43 -43.14 63.85
N ILE PB 74 -95.13 -42.14 63.34
CA ILE PB 74 -95.15 -40.82 63.94
C ILE PB 74 -96.59 -40.42 64.21
N LEU PB 75 -96.93 -40.29 65.49
CA LEU PB 75 -98.24 -39.76 65.88
C LEU PB 75 -98.10 -38.25 66.02
N LYS PB 76 -98.93 -37.52 65.28
CA LYS PB 76 -98.94 -36.07 65.36
C LYS PB 76 -100.11 -35.64 66.25
N SER PB 77 -100.02 -34.42 66.79
CA SER PB 77 -101.02 -33.92 67.73
C SER PB 77 -101.07 -32.40 67.64
N PRO PB 78 -102.13 -31.85 67.05
CA PRO PB 78 -102.23 -30.40 66.94
C PRO PB 78 -102.37 -29.74 68.32
N LYS PB 79 -101.88 -28.51 68.42
CA LYS PB 79 -102.11 -27.71 69.62
C LYS PB 79 -102.05 -26.23 69.25
N THR PB 80 -103.02 -25.47 69.75
CA THR PB 80 -103.03 -24.03 69.57
C THR PB 80 -102.45 -23.37 70.80
N LEU PB 81 -101.69 -22.30 70.59
CA LEU PB 81 -100.88 -21.69 71.64
C LEU PB 81 -101.62 -20.51 72.28
N ALA PB 82 -100.98 -19.91 73.28
CA ALA PB 82 -101.55 -18.78 74.00
C ALA PB 82 -101.49 -17.49 73.19
N ASN PB 83 -100.74 -17.46 72.10
CA ASN PB 83 -100.71 -16.32 71.19
C ASN PB 83 -101.54 -16.55 69.94
N GLY PB 84 -102.26 -17.67 69.86
CA GLY PB 84 -103.07 -17.99 68.70
C GLY PB 84 -102.37 -18.78 67.63
N ASN PB 85 -101.05 -18.97 67.74
CA ASN PB 85 -100.31 -19.72 66.74
C ASN PB 85 -100.55 -21.22 66.89
N ARG PB 86 -100.25 -21.95 65.83
CA ARG PB 86 -100.56 -23.38 65.72
C ARG PB 86 -99.26 -24.15 65.68
N THR PB 87 -99.17 -25.24 66.45
CA THR PB 87 -97.99 -26.09 66.45
C THR PB 87 -98.40 -27.55 66.56
N VAL PB 88 -97.42 -28.44 66.41
CA VAL PB 88 -97.65 -29.88 66.43
C VAL PB 88 -96.71 -30.53 67.43
N ASN PB 89 -97.26 -31.40 68.27
CA ASN PB 89 -96.48 -32.28 69.13
C ASN PB 89 -96.40 -33.64 68.45
N THR PB 90 -95.27 -34.34 68.61
CA THR PB 90 -95.07 -35.60 67.93
C THR PB 90 -94.61 -36.68 68.90
N VAL PB 91 -94.99 -37.92 68.58
CA VAL PB 91 -94.38 -39.10 69.19
C VAL PB 91 -93.84 -39.95 68.05
N SER PB 92 -92.54 -40.20 68.05
CA SER PB 92 -91.92 -40.99 66.99
C SER PB 92 -91.39 -42.30 67.55
N ILE PB 93 -91.84 -43.41 66.98
CA ILE PB 93 -91.45 -44.75 67.39
C ILE PB 93 -90.80 -45.42 66.19
N GLN PB 94 -89.51 -45.76 66.31
CA GLN PB 94 -88.79 -46.46 65.27
C GLN PB 94 -88.35 -47.83 65.78
N LEU PB 95 -88.69 -48.87 65.03
CA LEU PB 95 -88.28 -50.23 65.35
C LEU PB 95 -87.24 -50.65 64.30
N SER PB 96 -86.06 -51.04 64.78
CA SER PB 96 -84.96 -51.44 63.91
C SER PB 96 -84.53 -52.84 64.34
N VAL PB 97 -84.89 -53.84 63.54
CA VAL PB 97 -84.50 -55.20 63.79
C VAL PB 97 -83.74 -55.73 62.57
N ASP PB 98 -82.90 -56.73 62.81
CA ASP PB 98 -82.29 -57.48 61.72
C ASP PB 98 -83.33 -58.44 61.17
N PRO PB 99 -83.30 -58.72 59.86
CA PRO PB 99 -84.34 -59.58 59.27
C PRO PB 99 -84.36 -60.99 59.83
N GLU PB 100 -83.28 -61.45 60.44
CA GLU PB 100 -83.21 -62.77 61.05
C GLU PB 100 -84.00 -62.84 62.36
N THR PB 101 -84.46 -61.70 62.87
CA THR PB 101 -85.21 -61.66 64.12
C THR PB 101 -86.57 -62.36 63.96
N THR PB 102 -86.96 -63.09 64.98
CA THR PB 102 -88.24 -63.79 64.99
C THR PB 102 -89.35 -62.86 65.49
N ALA PB 103 -90.59 -63.32 65.34
CA ALA PB 103 -91.74 -62.52 65.74
C ALA PB 103 -91.82 -62.36 67.24
N ALA PB 104 -91.43 -63.39 68.00
CA ALA PB 104 -91.53 -63.33 69.45
C ALA PB 104 -90.55 -62.34 70.06
N GLU PB 105 -89.34 -62.24 69.52
CA GLU PB 105 -88.41 -61.22 69.97
C GLU PB 105 -88.94 -59.81 69.71
N VAL PB 106 -89.55 -59.60 68.54
CA VAL PB 106 -90.12 -58.29 68.23
C VAL PB 106 -91.29 -57.99 69.16
N THR PB 107 -92.08 -59.02 69.51
CA THR PB 107 -93.16 -58.86 70.46
C THR PB 107 -92.64 -58.44 71.82
N THR PB 108 -91.56 -59.09 72.26
CA THR PB 108 -90.94 -58.72 73.54
C THR PB 108 -90.47 -57.28 73.52
N MET PB 109 -89.80 -56.88 72.43
CA MET PB 109 -89.31 -55.51 72.31
C MET PB 109 -90.44 -54.50 72.33
N LEU PB 110 -91.52 -54.79 71.60
CA LEU PB 110 -92.65 -53.86 71.55
C LEU PB 110 -93.31 -53.76 72.91
N ASN PB 111 -93.42 -54.88 73.63
CA ASN PB 111 -94.01 -54.83 74.96
C ASN PB 111 -93.15 -53.98 75.91
N ALA PB 112 -91.83 -54.16 75.86
CA ALA PB 112 -90.95 -53.38 76.72
C ALA PB 112 -91.01 -51.90 76.38
N ALA PB 113 -91.00 -51.57 75.08
CA ALA PB 113 -91.05 -50.18 74.66
C ALA PB 113 -92.38 -49.54 75.01
N ALA PB 114 -93.50 -50.27 74.86
CA ALA PB 114 -94.79 -49.74 75.26
C ALA PB 114 -94.85 -49.53 76.76
N GLN PB 115 -94.29 -50.47 77.53
CA GLN PB 115 -94.21 -50.30 78.98
C GLN PB 115 -93.45 -49.02 79.33
N LEU PB 116 -92.38 -48.72 78.59
CA LEU PB 116 -91.66 -47.47 78.79
C LEU PB 116 -92.36 -46.33 78.04
N LEU PB 117 -93.69 -46.33 78.12
CA LEU PB 117 -94.47 -45.22 77.59
C LEU PB 117 -95.60 -44.84 78.56
N PHE PB 118 -96.15 -45.83 79.24
CA PHE PB 118 -97.31 -45.63 80.09
C PHE PB 118 -97.11 -46.07 81.54
N ASP PB 119 -95.99 -46.70 81.86
CA ASP PB 119 -95.72 -47.08 83.24
C ASP PB 119 -95.61 -45.84 84.11
N SER PB 120 -96.22 -45.91 85.29
CA SER PB 120 -96.31 -44.74 86.16
C SER PB 120 -94.93 -44.29 86.63
N ASP PB 121 -93.95 -45.20 86.60
CA ASP PB 121 -92.60 -44.87 87.02
C ASP PB 121 -91.98 -43.83 86.09
N TYR PB 122 -92.21 -43.97 84.79
CA TYR PB 122 -91.70 -43.00 83.82
C TYR PB 122 -92.77 -41.99 83.45
N SER PB 123 -93.22 -41.19 84.42
CA SER PB 123 -94.17 -40.12 84.13
C SER PB 123 -93.45 -38.78 84.21
N ASP PB 124 -92.67 -38.60 85.28
CA ASP PB 124 -91.90 -37.37 85.43
C ASP PB 124 -90.86 -37.22 84.33
N PHE PB 125 -90.45 -38.32 83.70
CA PHE PB 125 -89.52 -38.23 82.58
C PHE PB 125 -90.15 -37.65 81.32
N TRP PB 126 -91.40 -37.98 81.03
CA TRP PB 126 -92.04 -37.52 79.81
C TRP PB 126 -92.63 -36.12 79.99
N LYS PB 127 -93.36 -35.90 81.09
CA LYS PB 127 -94.05 -34.62 81.26
C LYS PB 127 -93.16 -33.59 81.95
N ALA PB 128 -92.55 -33.96 83.07
CA ALA PB 128 -91.68 -33.03 83.78
C ALA PB 128 -90.28 -32.99 83.18
N GLN PB 129 -89.96 -33.88 82.25
CA GLN PB 129 -88.64 -33.98 81.65
C GLN PB 129 -87.57 -34.19 82.71
N ALA PB 130 -87.91 -34.95 83.75
CA ALA PB 130 -87.04 -35.18 84.89
C ALA PB 130 -86.31 -36.51 84.71
N LEU PB 131 -85.01 -36.44 84.43
CA LEU PB 131 -84.22 -37.63 84.16
C LEU PB 131 -84.15 -38.54 85.38
N ALA PB 132 -84.24 -37.96 86.57
CA ALA PB 132 -84.26 -38.76 87.80
C ALA PB 132 -84.85 -37.97 88.95
N ALA QB 1 -44.78 -61.87 107.60
CA ALA QB 1 -44.48 -60.99 106.49
C ALA QB 1 -45.08 -61.54 105.19
N ILE QB 2 -44.58 -61.04 104.05
CA ILE QB 2 -45.11 -61.43 102.76
C ILE QB 2 -44.91 -62.92 102.51
N ALA QB 3 -43.70 -63.41 102.76
CA ALA QB 3 -43.41 -64.83 102.55
C ALA QB 3 -44.19 -65.68 103.55
N ASN QB 4 -44.84 -66.72 103.04
CA ASN QB 4 -45.63 -67.65 103.84
C ASN QB 4 -46.77 -66.96 104.57
N SER QB 5 -47.28 -65.87 103.99
CA SER QB 5 -48.47 -65.21 104.49
C SER QB 5 -49.69 -65.99 104.01
N SER QB 6 -50.72 -66.04 104.86
CA SER QB 6 -51.92 -66.79 104.54
C SER QB 6 -53.07 -65.84 104.22
N ILE QB 7 -53.80 -66.16 103.15
CA ILE QB 7 -54.99 -65.41 102.73
C ILE QB 7 -56.15 -66.39 102.64
N ALA QB 8 -57.27 -66.04 103.24
CA ALA QB 8 -58.46 -66.90 103.23
C ALA QB 8 -59.29 -66.58 102.00
N ILE QB 9 -59.27 -67.48 101.03
CA ILE QB 9 -59.95 -67.27 99.75
C ILE QB 9 -61.44 -67.53 99.93
N ASP QB 10 -62.27 -66.72 99.24
CA ASP QB 10 -63.72 -66.86 99.26
C ASP QB 10 -64.26 -66.73 100.69
N SER QB 11 -64.06 -65.54 101.22
CA SER QB 11 -64.34 -65.28 102.63
C SER QB 11 -65.20 -64.03 102.77
N THR QB 12 -65.98 -64.00 103.84
CA THR QB 12 -66.73 -62.79 104.17
C THR QB 12 -65.84 -61.85 104.98
N ALA QB 13 -65.79 -60.59 104.55
CA ALA QB 13 -64.99 -59.57 105.21
C ALA QB 13 -65.94 -58.69 106.00
N SER QB 14 -65.85 -58.76 107.33
CA SER QB 14 -66.63 -57.89 108.19
C SER QB 14 -65.81 -56.66 108.56
N VAL QB 15 -66.40 -55.80 109.37
CA VAL QB 15 -65.71 -54.62 109.88
C VAL QB 15 -66.42 -54.13 111.14
N THR QB 16 -65.67 -53.91 112.21
CA THR QB 16 -66.24 -53.44 113.48
C THR QB 16 -65.28 -52.46 114.12
N GLY QB 17 -65.42 -51.18 113.79
CA GLY QB 17 -64.67 -50.16 114.49
C GLY QB 17 -65.50 -48.97 114.94
N GLY QB 18 -66.68 -48.80 114.35
CA GLY QB 18 -67.47 -47.62 114.63
C GLY QB 18 -67.11 -46.46 113.73
N THR QB 19 -67.52 -45.25 114.11
CA THR QB 19 -67.26 -44.02 113.35
C THR QB 19 -67.83 -44.13 111.94
N ALA QB 20 -69.14 -44.31 111.88
CA ALA QB 20 -69.83 -44.50 110.61
C ALA QB 20 -69.96 -43.19 109.84
N ARG QB 21 -68.98 -42.89 109.00
CA ARG QB 21 -68.99 -41.70 108.17
C ARG QB 21 -69.92 -41.90 106.98
N THR QB 22 -70.03 -40.86 106.15
CA THR QB 22 -70.92 -40.86 105.01
C THR QB 22 -70.19 -40.32 103.78
N VAL QB 23 -70.29 -41.05 102.68
CA VAL QB 23 -69.74 -40.60 101.41
C VAL QB 23 -70.77 -39.71 100.72
N LYS QB 24 -70.41 -38.46 100.48
CA LYS QB 24 -71.26 -37.52 99.77
C LYS QB 24 -70.60 -37.13 98.46
N GLU QB 25 -71.33 -37.22 97.36
CA GLU QB 25 -70.74 -36.90 96.08
C GLU QB 25 -70.62 -35.40 95.89
N LEU QB 26 -69.61 -35.00 95.12
CA LEU QB 26 -69.36 -33.58 94.86
C LEU QB 26 -69.67 -33.23 93.42
N VAL QB 27 -69.01 -33.87 92.45
CA VAL QB 27 -69.21 -33.59 91.04
C VAL QB 27 -69.29 -34.92 90.30
N ARG QB 28 -69.41 -34.85 88.98
CA ARG QB 28 -69.49 -36.05 88.17
C ARG QB 28 -68.50 -36.07 87.01
N ASN QB 29 -68.21 -34.92 86.41
CA ASN QB 29 -67.51 -34.80 85.12
C ASN QB 29 -67.63 -36.02 84.21
N ASN QB 30 -66.56 -36.35 83.49
CA ASN QB 30 -66.64 -37.29 82.38
C ASN QB 30 -66.51 -38.72 82.90
N SER QB 31 -67.64 -39.43 82.98
CA SER QB 31 -67.66 -40.86 83.35
C SER QB 31 -66.91 -41.11 84.64
N GLU QB 32 -67.07 -40.19 85.58
CA GLU QB 32 -66.35 -40.21 86.84
C GLU QB 32 -67.34 -39.88 87.94
N LEU QB 33 -66.89 -39.96 89.20
CA LEU QB 33 -67.72 -39.56 90.32
C LEU QB 33 -66.84 -39.16 91.49
N ASN QB 34 -66.68 -37.86 91.71
CA ASN QB 34 -65.84 -37.36 92.78
C ASN QB 34 -66.68 -37.13 94.02
N ALA QB 35 -66.37 -37.84 95.10
CA ALA QB 35 -67.08 -37.72 96.36
C ALA QB 35 -66.11 -37.32 97.46
N TYR QB 36 -66.60 -37.29 98.69
CA TYR QB 36 -65.78 -36.98 99.85
C TYR QB 36 -66.43 -37.60 101.08
N ILE QB 37 -65.61 -37.89 102.08
CA ILE QB 37 -66.09 -38.51 103.31
C ILE QB 37 -66.36 -37.40 104.32
N ASP QB 38 -67.58 -37.40 104.88
CA ASP QB 38 -68.03 -36.32 105.76
C ASP QB 38 -67.61 -36.65 107.19
N GLU QB 39 -66.45 -36.15 107.58
CA GLU QB 39 -65.95 -36.29 108.94
C GLU QB 39 -65.84 -34.97 109.69
N GLY QB 40 -66.38 -33.89 109.13
CA GLY QB 40 -66.39 -32.61 109.78
C GLY QB 40 -65.09 -31.84 109.75
N LEU QB 41 -64.13 -32.24 108.93
CA LEU QB 41 -62.87 -31.51 108.84
C LEU QB 41 -63.03 -30.26 107.98
N SER QB 42 -61.91 -29.60 107.70
CA SER QB 42 -61.93 -28.39 106.90
C SER QB 42 -62.27 -28.73 105.45
N PHE QB 43 -62.42 -27.68 104.64
CA PHE QB 43 -62.79 -27.84 103.25
C PHE QB 43 -61.66 -28.47 102.44
N GLN QB 44 -60.45 -27.94 102.60
CA GLN QB 44 -59.29 -28.48 101.89
C GLN QB 44 -58.47 -29.40 102.79
N ALA QB 45 -59.14 -30.07 103.74
CA ALA QB 45 -58.49 -31.09 104.55
C ALA QB 45 -59.34 -32.36 104.64
N ARG QB 46 -60.41 -32.47 103.88
CA ARG QB 46 -61.29 -33.63 103.91
C ARG QB 46 -60.76 -34.73 103.01
N LYS QB 47 -61.24 -35.95 103.20
CA LYS QB 47 -60.84 -37.08 102.37
C LYS QB 47 -61.81 -37.20 101.21
N GLU QB 48 -61.32 -36.99 99.99
CA GLU QB 48 -62.13 -37.12 98.78
C GLU QB 48 -61.75 -38.43 98.09
N VAL QB 49 -62.76 -39.24 97.77
CA VAL QB 49 -62.52 -40.46 97.01
C VAL QB 49 -63.24 -40.37 95.67
N ALA QB 50 -62.49 -40.60 94.60
CA ALA QB 50 -62.99 -40.52 93.24
C ALA QB 50 -63.18 -41.91 92.65
N PHE QB 51 -64.30 -42.08 91.94
CA PHE QB 51 -64.66 -43.31 91.28
C PHE QB 51 -64.69 -43.08 89.77
N SER QB 52 -64.25 -44.07 89.01
CA SER QB 52 -64.24 -43.93 87.55
C SER QB 52 -64.46 -45.29 86.89
N VAL QB 53 -65.13 -45.28 85.73
CA VAL QB 53 -65.43 -46.50 84.99
C VAL QB 53 -64.84 -46.41 83.60
N LYS QB 54 -64.46 -47.57 83.07
CA LYS QB 54 -63.82 -47.73 81.77
C LYS QB 54 -64.44 -48.95 81.08
N VAL QB 55 -65.75 -48.88 80.87
CA VAL QB 55 -66.56 -49.91 80.22
C VAL QB 55 -65.90 -50.45 78.95
N PRO QB 56 -66.16 -51.70 78.58
CA PRO QB 56 -65.48 -52.30 77.42
C PRO QB 56 -65.92 -51.68 76.11
N LYS QB 57 -65.02 -51.78 75.13
CA LYS QB 57 -65.25 -51.23 73.79
C LYS QB 57 -64.94 -52.33 72.78
N VAL QB 58 -65.86 -52.57 71.86
CA VAL QB 58 -65.75 -53.68 70.91
C VAL QB 58 -64.52 -53.49 70.04
N SER QB 59 -63.55 -54.39 70.17
CA SER QB 59 -62.31 -54.31 69.44
C SER QB 59 -62.21 -55.45 68.43
N VAL QB 60 -61.12 -55.50 67.68
CA VAL QB 60 -60.78 -56.63 66.83
C VAL QB 60 -59.69 -57.49 67.46
N SER QB 61 -58.79 -56.86 68.22
CA SER QB 61 -57.81 -57.48 69.09
C SER QB 61 -58.53 -57.94 70.37
N ALA QB 62 -57.78 -58.09 71.47
CA ALA QB 62 -58.36 -58.50 72.74
C ALA QB 62 -58.89 -59.92 72.67
N PRO QB 63 -58.00 -60.92 72.81
CA PRO QB 63 -58.37 -62.31 72.52
C PRO QB 63 -59.44 -62.82 73.47
N GLY QB 64 -60.68 -62.60 73.06
CA GLY QB 64 -61.86 -62.68 73.91
C GLY QB 64 -62.89 -61.70 73.40
N GLY QB 65 -62.48 -60.84 72.48
CA GLY QB 65 -63.39 -60.04 71.68
C GLY QB 65 -63.27 -58.54 71.86
N PHE QB 66 -63.14 -58.06 73.09
CA PHE QB 66 -63.06 -56.63 73.36
C PHE QB 66 -62.37 -56.37 74.69
N THR QB 67 -61.95 -55.13 74.87
CA THR QB 67 -61.12 -54.72 76.00
C THR QB 67 -61.82 -54.97 77.32
N GLN QB 68 -61.03 -55.00 78.39
CA GLN QB 68 -61.56 -55.26 79.71
C GLN QB 68 -62.31 -54.05 80.26
N ALA QB 69 -63.04 -54.28 81.34
CA ALA QB 69 -63.85 -53.26 81.98
C ALA QB 69 -63.13 -52.78 83.23
N ARG QB 70 -62.72 -51.51 83.25
CA ARG QB 70 -61.93 -51.03 84.39
C ARG QB 70 -62.80 -50.24 85.37
N SER QB 71 -62.46 -50.39 86.65
CA SER QB 71 -63.11 -49.62 87.72
C SER QB 71 -62.00 -49.09 88.63
N THR QB 72 -61.86 -47.77 88.70
CA THR QB 72 -60.82 -47.16 89.51
C THR QB 72 -61.41 -46.40 90.69
N VAL QB 73 -60.72 -46.52 91.83
CA VAL QB 73 -61.06 -45.78 93.04
C VAL QB 73 -59.79 -45.17 93.61
N ILE QB 74 -59.77 -43.86 93.78
CA ILE QB 74 -58.64 -43.17 94.38
C ILE QB 74 -59.11 -42.48 95.65
N LEU QB 75 -58.47 -42.79 96.78
CA LEU QB 75 -58.78 -42.19 98.06
C LEU QB 75 -57.69 -41.19 98.39
N LYS QB 76 -58.06 -39.91 98.44
CA LYS QB 76 -57.09 -38.85 98.69
C LYS QB 76 -57.22 -38.39 100.14
N SER QB 77 -56.19 -38.65 100.93
CA SER QB 77 -56.14 -38.22 102.33
C SER QB 77 -55.12 -37.10 102.48
N PRO QB 78 -55.53 -35.86 102.72
CA PRO QB 78 -54.56 -34.78 102.82
C PRO QB 78 -53.82 -34.80 104.15
N LYS QB 79 -52.61 -34.24 104.16
CA LYS QB 79 -51.74 -34.24 105.32
C LYS QB 79 -50.95 -32.94 105.37
N THR QB 80 -50.93 -32.32 106.55
CA THR QB 80 -50.11 -31.14 106.80
C THR QB 80 -48.78 -31.59 107.40
N LEU QB 81 -47.68 -31.27 106.72
CA LEU QB 81 -46.37 -31.69 107.16
C LEU QB 81 -45.82 -30.77 108.23
N ALA QB 82 -44.76 -31.21 108.90
CA ALA QB 82 -44.14 -30.42 109.95
C ALA QB 82 -43.54 -29.12 109.40
N ASN QB 83 -42.96 -29.18 108.20
CA ASN QB 83 -42.41 -27.98 107.58
C ASN QB 83 -43.48 -26.94 107.33
N GLY QB 84 -44.75 -27.34 107.32
CA GLY QB 84 -45.83 -26.39 107.22
C GLY QB 84 -46.66 -26.57 105.96
N ASN QB 85 -46.03 -27.09 104.91
CA ASN QB 85 -46.72 -27.28 103.64
C ASN QB 85 -47.71 -28.43 103.73
N ARG QB 86 -48.38 -28.70 102.61
CA ARG QB 86 -49.46 -29.67 102.53
C ARG QB 86 -49.19 -30.65 101.40
N THR QB 87 -49.53 -31.90 101.62
CA THR QB 87 -49.37 -32.94 100.62
C THR QB 87 -50.60 -33.84 100.69
N VAL QB 88 -50.76 -34.73 99.72
CA VAL QB 88 -51.87 -35.67 99.70
C VAL QB 88 -51.30 -37.08 99.62
N ASN QB 89 -51.80 -37.96 100.49
CA ASN QB 89 -51.45 -39.37 100.51
C ASN QB 89 -52.60 -40.11 99.84
N THR QB 90 -52.30 -40.82 98.76
CA THR QB 90 -53.34 -41.41 97.94
C THR QB 90 -53.31 -42.94 97.99
N VAL QB 91 -54.48 -43.55 97.81
CA VAL QB 91 -54.61 -45.00 97.70
C VAL QB 91 -55.47 -45.33 96.49
N SER QB 92 -54.82 -45.65 95.37
CA SER QB 92 -55.56 -45.98 94.16
C SER QB 92 -55.79 -47.48 94.06
N ILE QB 93 -56.92 -47.85 93.47
CA ILE QB 93 -57.31 -49.25 93.28
C ILE QB 93 -57.95 -49.40 91.91
N GLN QB 94 -57.52 -50.39 91.14
CA GLN QB 94 -58.04 -50.62 89.80
C GLN QB 94 -58.43 -52.09 89.63
N LEU QB 95 -59.43 -52.33 88.77
CA LEU QB 95 -60.03 -53.65 88.60
C LEU QB 95 -60.19 -53.97 87.11
N SER QB 96 -59.08 -53.87 86.37
CA SER QB 96 -59.08 -54.21 84.94
C SER QB 96 -59.35 -55.70 84.79
N VAL QB 97 -60.62 -56.04 84.56
CA VAL QB 97 -61.04 -57.42 84.38
C VAL QB 97 -61.82 -57.56 83.08
N ASP QB 98 -61.67 -58.71 82.45
CA ASP QB 98 -62.28 -58.94 81.15
C ASP QB 98 -63.80 -59.04 81.29
N PRO QB 99 -64.56 -58.45 80.36
CA PRO QB 99 -66.02 -58.35 80.55
C PRO QB 99 -66.76 -59.67 80.63
N GLU QB 100 -66.19 -60.77 80.16
CA GLU QB 100 -66.82 -62.07 80.28
C GLU QB 100 -66.80 -62.61 81.71
N THR QB 101 -66.12 -61.92 82.61
CA THR QB 101 -65.95 -62.39 83.98
C THR QB 101 -67.28 -62.46 84.71
N THR QB 102 -67.49 -63.54 85.45
CA THR QB 102 -68.67 -63.67 86.29
C THR QB 102 -68.50 -62.86 87.57
N ALA QB 103 -69.62 -62.57 88.22
CA ALA QB 103 -69.60 -61.79 89.44
C ALA QB 103 -69.03 -62.56 90.63
N ALA QB 104 -69.11 -63.89 90.62
CA ALA QB 104 -68.55 -64.66 91.71
C ALA QB 104 -67.03 -64.56 91.75
N GLU QB 105 -66.38 -64.67 90.59
CA GLU QB 105 -64.94 -64.53 90.56
C GLU QB 105 -64.50 -63.10 90.86
N VAL QB 106 -65.30 -62.11 90.45
CA VAL QB 106 -65.01 -60.74 90.80
C VAL QB 106 -65.09 -60.54 92.31
N THR QB 107 -66.10 -61.12 92.95
CA THR QB 107 -66.20 -61.05 94.40
C THR QB 107 -65.01 -61.74 95.07
N THR QB 108 -64.62 -62.90 94.55
CA THR QB 108 -63.45 -63.60 95.07
C THR QB 108 -62.20 -62.73 94.99
N MET QB 109 -62.01 -62.10 93.84
CA MET QB 109 -60.85 -61.24 93.63
C MET QB 109 -60.88 -60.03 94.55
N LEU QB 110 -62.06 -59.45 94.73
CA LEU QB 110 -62.18 -58.28 95.61
C LEU QB 110 -61.89 -58.65 97.05
N ASN QB 111 -62.36 -59.82 97.49
CA ASN QB 111 -62.07 -60.26 98.84
C ASN QB 111 -60.58 -60.57 99.02
N ALA QB 112 -59.97 -61.20 98.02
CA ALA QB 112 -58.54 -61.51 98.11
C ALA QB 112 -57.70 -60.25 98.15
N ALA QB 113 -57.99 -59.29 97.28
CA ALA QB 113 -57.30 -58.01 97.27
C ALA QB 113 -57.53 -57.20 98.54
N ALA QB 114 -58.77 -57.16 99.04
CA ALA QB 114 -59.06 -56.42 100.25
C ALA QB 114 -58.60 -57.15 101.50
N GLN QB 115 -58.29 -58.45 101.39
CA GLN QB 115 -57.67 -59.14 102.51
C GLN QB 115 -56.23 -58.70 102.72
N LEU QB 116 -55.56 -58.27 101.66
CA LEU QB 116 -54.40 -57.40 101.80
C LEU QB 116 -54.89 -56.05 102.32
N LEU QB 117 -53.94 -55.19 102.70
CA LEU QB 117 -54.21 -53.85 103.22
C LEU QB 117 -54.78 -53.86 104.64
N PHE QB 118 -55.17 -55.01 105.18
CA PHE QB 118 -55.54 -55.02 106.59
C PHE QB 118 -55.04 -56.28 107.29
N ASP QB 119 -54.45 -57.20 106.53
CA ASP QB 119 -53.84 -58.36 107.15
C ASP QB 119 -52.58 -57.93 107.89
N SER QB 120 -52.30 -58.62 109.01
CA SER QB 120 -51.14 -58.29 109.81
C SER QB 120 -49.83 -58.61 109.11
N ASP QB 121 -49.82 -59.58 108.20
CA ASP QB 121 -48.58 -59.97 107.54
C ASP QB 121 -48.03 -58.84 106.67
N TYR QB 122 -48.91 -58.03 106.10
CA TYR QB 122 -48.49 -56.99 105.17
C TYR QB 122 -48.40 -55.61 105.81
N SER QB 123 -48.54 -55.53 107.13
CA SER QB 123 -48.40 -54.25 107.83
C SER QB 123 -47.06 -53.60 107.55
N ASP QB 124 -45.98 -54.36 107.65
CA ASP QB 124 -44.64 -53.82 107.43
C ASP QB 124 -44.43 -53.44 105.97
N PHE QB 125 -45.01 -54.22 105.06
CA PHE QB 125 -44.90 -53.88 103.63
C PHE QB 125 -45.58 -52.55 103.33
N TRP QB 126 -46.79 -52.35 103.86
CA TRP QB 126 -47.49 -51.11 103.60
C TRP QB 126 -46.90 -49.92 104.34
N LYS QB 127 -46.31 -50.14 105.52
CA LYS QB 127 -45.86 -49.03 106.36
C LYS QB 127 -44.38 -48.74 106.14
N ALA QB 128 -43.49 -49.70 106.36
CA ALA QB 128 -42.06 -49.48 106.23
C ALA QB 128 -41.49 -49.94 104.89
N GLN QB 129 -42.34 -50.39 103.96
CA GLN QB 129 -41.92 -50.88 102.64
C GLN QB 129 -41.00 -52.10 102.77
N ALA QB 130 -41.28 -52.92 103.77
CA ALA QB 130 -40.48 -54.12 104.02
C ALA QB 130 -40.92 -55.22 103.07
N LEU QB 131 -40.31 -55.22 101.88
CA LEU QB 131 -40.58 -56.25 100.88
C LEU QB 131 -40.19 -57.62 101.42
N ALA QB 132 -38.91 -57.79 101.71
CA ALA QB 132 -38.44 -59.00 102.34
C ALA QB 132 -38.54 -58.87 103.85
N ALA RB 1 58.97 -98.94 -60.98
CA ALA RB 1 60.04 -99.91 -60.86
C ALA RB 1 60.37 -100.13 -59.38
N ILE RB 2 59.74 -99.33 -58.52
CA ILE RB 2 59.78 -99.58 -57.08
C ILE RB 2 58.68 -100.60 -56.78
N ALA RB 3 59.02 -101.88 -56.88
CA ALA RB 3 58.04 -102.93 -56.69
C ALA RB 3 58.78 -104.22 -56.35
N ASN RB 4 59.01 -105.06 -57.35
CA ASN RB 4 59.92 -106.17 -57.17
C ASN RB 4 61.29 -105.81 -57.73
N SER RB 5 61.93 -104.81 -57.13
CA SER RB 5 63.26 -104.38 -57.53
C SER RB 5 64.32 -105.32 -56.96
N SER RB 6 65.58 -104.89 -56.96
CA SER RB 6 66.62 -105.68 -56.33
C SER RB 6 67.71 -104.74 -55.83
N ILE RB 7 68.22 -105.04 -54.64
CA ILE RB 7 69.29 -104.25 -54.04
C ILE RB 7 70.22 -105.18 -53.28
N ALA RB 8 71.53 -105.04 -53.51
CA ALA RB 8 72.50 -105.86 -52.81
C ALA RB 8 72.77 -105.26 -51.43
N ILE RB 9 72.71 -106.08 -50.41
CA ILE RB 9 72.89 -105.63 -49.03
C ILE RB 9 74.24 -106.13 -48.53
N ASP RB 10 75.00 -105.21 -47.91
CA ASP RB 10 76.37 -105.47 -47.47
C ASP RB 10 77.26 -105.85 -48.66
N SER RB 11 77.34 -104.93 -49.61
CA SER RB 11 78.13 -105.11 -50.82
C SER RB 11 79.06 -103.91 -51.01
N THR RB 12 80.11 -104.12 -51.79
CA THR RB 12 81.05 -103.06 -52.11
C THR RB 12 80.59 -102.31 -53.35
N ALA RB 13 80.66 -100.98 -53.30
CA ALA RB 13 80.30 -100.13 -54.41
C ALA RB 13 81.55 -99.52 -55.03
N SER RB 14 81.57 -99.46 -56.36
CA SER RB 14 82.73 -99.00 -57.08
C SER RB 14 82.29 -98.04 -58.18
N VAL RB 15 83.27 -97.29 -58.70
CA VAL RB 15 83.05 -96.28 -59.72
C VAL RB 15 84.10 -96.46 -60.81
N THR RB 16 83.66 -96.47 -62.06
CA THR RB 16 84.54 -96.55 -63.21
C THR RB 16 84.27 -95.39 -64.16
N GLY RB 17 85.33 -94.94 -64.84
CA GLY RB 17 85.18 -93.89 -65.83
C GLY RB 17 85.00 -92.52 -65.19
N GLY RB 18 84.40 -91.62 -65.97
CA GLY RB 18 84.21 -90.26 -65.52
C GLY RB 18 85.51 -89.47 -65.50
N THR RB 19 85.43 -88.28 -64.91
CA THR RB 19 86.57 -87.37 -64.81
C THR RB 19 86.76 -87.02 -63.34
N ALA RB 20 87.85 -87.51 -62.75
CA ALA RB 20 88.15 -87.26 -61.35
C ALA RB 20 88.33 -85.77 -61.07
N ARG RB 21 87.42 -85.19 -60.30
CA ARG RB 21 87.50 -83.80 -59.89
C ARG RB 21 88.12 -83.73 -58.50
N THR RB 22 88.06 -82.56 -57.86
CA THR RB 22 88.64 -82.38 -56.53
C THR RB 22 87.72 -81.48 -55.73
N VAL RB 23 87.51 -81.82 -54.47
CA VAL RB 23 86.62 -81.05 -53.58
C VAL RB 23 87.49 -80.07 -52.83
N LYS RB 24 87.48 -78.81 -53.28
CA LYS RB 24 88.26 -77.77 -52.62
C LYS RB 24 87.46 -77.11 -51.53
N GLU RB 25 88.06 -77.02 -50.34
CA GLU RB 25 87.38 -76.51 -49.15
C GLU RB 25 87.43 -74.99 -49.12
N LEU RB 26 86.28 -74.39 -48.78
CA LEU RB 26 86.14 -72.94 -48.87
C LEU RB 26 86.06 -72.38 -47.46
N VAL RB 27 85.08 -72.77 -46.66
CA VAL RB 27 84.88 -72.26 -45.31
C VAL RB 27 84.48 -73.41 -44.42
N ARG RB 28 85.07 -73.47 -43.24
CA ARG RB 28 84.84 -74.54 -42.28
C ARG RB 28 84.55 -73.89 -40.93
N ASN RB 29 83.28 -73.68 -40.63
CA ASN RB 29 82.88 -72.98 -39.42
C ASN RB 29 81.49 -73.43 -39.00
N ASN RB 30 81.21 -73.27 -37.71
CA ASN RB 30 79.86 -73.45 -37.16
C ASN RB 30 79.29 -74.83 -37.46
N SER RB 31 80.11 -75.86 -37.26
CA SER RB 31 79.74 -77.25 -37.52
C SER RB 31 79.40 -77.49 -38.99
N GLU RB 32 79.88 -76.60 -39.87
CA GLU RB 32 79.64 -76.69 -41.29
C GLU RB 32 80.95 -76.56 -42.06
N LEU RB 33 81.01 -77.21 -43.21
CA LEU RB 33 82.16 -77.17 -44.11
C LEU RB 33 81.58 -76.92 -45.51
N ASN RB 34 81.74 -75.70 -45.98
CA ASN RB 34 81.40 -75.38 -47.36
C ASN RB 34 82.58 -75.68 -48.26
N ALA RB 35 82.32 -76.34 -49.38
CA ALA RB 35 83.37 -76.66 -50.33
C ALA RB 35 82.76 -76.63 -51.72
N TYR RB 36 83.60 -76.83 -52.74
CA TYR RB 36 83.12 -76.80 -54.10
C TYR RB 36 83.90 -77.83 -54.92
N ILE RB 37 83.21 -78.46 -55.86
CA ILE RB 37 83.84 -79.37 -56.80
C ILE RB 37 84.48 -78.53 -57.89
N ASP RB 38 85.74 -78.81 -58.20
CA ASP RB 38 86.52 -78.01 -59.15
C ASP RB 38 86.47 -78.72 -60.49
N GLU RB 39 85.67 -78.18 -61.41
CA GLU RB 39 85.60 -78.70 -62.77
C GLU RB 39 86.08 -77.68 -63.79
N GLY RB 40 86.75 -76.62 -63.36
CA GLY RB 40 87.16 -75.56 -64.25
C GLY RB 40 85.98 -74.81 -64.83
N LEU RB 41 85.01 -74.50 -63.98
CA LEU RB 41 83.81 -73.78 -64.37
C LEU RB 41 83.84 -72.37 -63.76
N SER RB 42 82.83 -71.58 -64.11
CA SER RB 42 82.71 -70.23 -63.58
C SER RB 42 82.13 -70.27 -62.18
N PHE RB 43 82.25 -69.16 -61.46
CA PHE RB 43 81.74 -69.09 -60.09
C PHE RB 43 80.23 -69.26 -60.02
N GLN RB 44 79.50 -68.74 -61.00
CA GLN RB 44 78.05 -68.85 -61.01
C GLN RB 44 77.54 -70.24 -61.35
N ALA RB 45 78.38 -71.08 -61.95
CA ALA RB 45 78.03 -72.48 -62.14
C ALA RB 45 79.16 -73.33 -61.57
N ARG RB 46 79.12 -73.54 -60.27
CA ARG RB 46 80.07 -74.40 -59.56
C ARG RB 46 79.33 -75.68 -59.15
N LYS RB 47 79.90 -76.54 -58.33
CA LYS RB 47 79.19 -77.69 -57.78
C LYS RB 47 79.34 -77.67 -56.26
N GLU RB 48 79.02 -76.54 -55.64
CA GLU RB 48 79.18 -76.37 -54.20
C GLU RB 48 78.51 -77.50 -53.42
N VAL RB 49 79.19 -77.99 -52.40
CA VAL RB 49 78.69 -79.04 -51.53
C VAL RB 49 78.98 -78.65 -50.07
N ALA RB 50 77.99 -78.79 -49.22
CA ALA RB 50 78.08 -78.43 -47.81
C ALA RB 50 77.95 -79.67 -46.94
N PHE RB 51 78.89 -79.83 -46.01
CA PHE RB 51 78.91 -80.93 -45.06
C PHE RB 51 78.61 -80.37 -43.69
N SER RB 52 77.58 -80.90 -43.04
CA SER RB 52 77.15 -80.42 -41.73
C SER RB 52 77.08 -81.60 -40.76
N VAL RB 53 77.39 -81.32 -39.50
CA VAL RB 53 77.39 -82.34 -38.46
C VAL RB 53 76.63 -81.81 -37.26
N LYS RB 54 75.77 -82.68 -36.70
CA LYS RB 54 74.95 -82.39 -35.53
C LYS RB 54 75.22 -83.50 -34.51
N VAL RB 55 76.03 -83.18 -33.50
CA VAL RB 55 76.51 -84.14 -32.51
C VAL RB 55 75.42 -84.46 -31.51
N PRO RB 56 75.38 -85.67 -30.94
CA PRO RB 56 74.34 -86.01 -29.97
C PRO RB 56 74.51 -85.27 -28.65
N LYS RB 57 73.39 -85.04 -27.98
CA LYS RB 57 73.36 -84.43 -26.67
C LYS RB 57 72.52 -85.27 -25.72
N VAL RB 58 72.79 -85.13 -24.43
CA VAL RB 58 72.11 -85.92 -23.41
C VAL RB 58 70.63 -85.55 -23.38
N SER RB 59 69.77 -86.54 -23.18
CA SER RB 59 68.33 -86.33 -23.11
C SER RB 59 67.75 -87.22 -22.01
N VAL RB 60 66.45 -87.07 -21.78
CA VAL RB 60 65.72 -87.97 -20.89
C VAL RB 60 64.79 -88.89 -21.68
N SER RB 61 64.19 -88.41 -22.75
CA SER RB 61 63.54 -89.20 -23.79
C SER RB 61 64.63 -89.78 -24.70
N ALA RB 62 64.25 -90.17 -25.92
CA ALA RB 62 65.22 -90.72 -26.86
C ALA RB 62 65.77 -92.04 -26.31
N PRO RB 63 65.05 -93.14 -26.49
CA PRO RB 63 65.23 -94.32 -25.64
C PRO RB 63 66.62 -94.92 -25.73
N GLY RB 64 67.51 -94.39 -24.89
CA GLY RB 64 68.93 -94.63 -24.98
C GLY RB 64 69.71 -93.44 -24.46
N GLY RB 65 68.99 -92.35 -24.19
CA GLY RB 65 69.56 -91.26 -23.44
C GLY RB 65 70.02 -90.07 -24.26
N PHE RB 66 70.39 -90.31 -25.51
CA PHE RB 66 70.93 -89.26 -26.35
C PHE RB 66 70.10 -89.09 -27.62
N THR RB 67 70.10 -87.87 -28.12
CA THR RB 67 69.57 -87.60 -29.45
C THR RB 67 70.47 -88.25 -30.50
N GLN RB 68 69.97 -88.32 -31.72
CA GLN RB 68 70.72 -89.00 -32.76
C GLN RB 68 71.82 -88.10 -33.33
N ALA RB 69 72.90 -88.73 -33.77
CA ALA RB 69 73.98 -88.04 -34.47
C ALA RB 69 73.58 -87.90 -35.93
N ARG RB 70 73.57 -86.66 -36.43
CA ARG RB 70 73.15 -86.37 -37.78
C ARG RB 70 74.31 -85.87 -38.63
N SER RB 71 74.39 -86.36 -39.86
CA SER RB 71 75.41 -85.95 -40.82
C SER RB 71 74.69 -85.64 -42.13
N THR RB 72 74.80 -84.39 -42.58
CA THR RB 72 74.07 -83.94 -43.76
C THR RB 72 75.02 -83.45 -44.84
N VAL RB 73 74.79 -83.92 -46.06
CA VAL RB 73 75.54 -83.44 -47.21
C VAL RB 73 74.55 -82.86 -48.22
N ILE RB 74 74.73 -81.60 -48.57
CA ILE RB 74 73.92 -80.98 -49.62
C ILE RB 74 74.81 -80.63 -50.81
N LEU RB 75 74.46 -81.17 -51.97
CA LEU RB 75 75.17 -80.90 -53.21
C LEU RB 75 74.31 -79.94 -54.04
N LYS RB 76 74.86 -78.77 -54.35
CA LYS RB 76 74.14 -77.79 -55.13
C LYS RB 76 74.63 -77.80 -56.57
N SER RB 77 73.69 -77.76 -57.52
CA SER RB 77 74.00 -77.79 -58.94
C SER RB 77 73.28 -76.66 -59.66
N PRO RB 78 73.97 -75.53 -59.91
CA PRO RB 78 73.34 -74.44 -60.66
C PRO RB 78 72.99 -74.83 -62.09
N LYS RB 79 71.75 -74.57 -62.47
CA LYS RB 79 71.28 -74.77 -63.83
C LYS RB 79 70.77 -73.44 -64.38
N THR RB 80 70.99 -73.22 -65.68
CA THR RB 80 70.56 -72.03 -66.37
C THR RB 80 69.38 -72.39 -67.27
N LEU RB 81 68.30 -71.63 -67.15
CA LEU RB 81 67.06 -71.96 -67.82
C LEU RB 81 67.01 -71.36 -69.22
N ALA RB 82 65.94 -71.66 -69.95
CA ALA RB 82 65.79 -71.14 -71.31
C ALA RB 82 65.68 -69.63 -71.30
N ASN RB 83 64.91 -69.07 -70.37
CA ASN RB 83 64.80 -67.62 -70.27
C ASN RB 83 66.14 -66.99 -69.88
N GLY RB 84 66.88 -67.65 -69.00
CA GLY RB 84 68.18 -67.15 -68.61
C GLY RB 84 68.33 -66.96 -67.12
N ASN RB 85 67.26 -67.19 -66.37
CA ASN RB 85 67.33 -67.15 -64.92
C ASN RB 85 68.11 -68.35 -64.40
N ARG RB 86 68.75 -68.16 -63.26
CA ARG RB 86 69.58 -69.19 -62.65
C ARG RB 86 68.83 -69.85 -61.49
N THR RB 87 68.71 -71.16 -61.54
CA THR RB 87 68.15 -71.93 -60.43
C THR RB 87 69.25 -72.85 -59.90
N VAL RB 88 69.06 -73.37 -58.69
CA VAL RB 88 69.98 -74.33 -58.09
C VAL RB 88 69.21 -75.61 -57.83
N ASN RB 89 69.74 -76.72 -58.34
CA ASN RB 89 69.17 -78.05 -58.11
C ASN RB 89 70.03 -78.73 -57.05
N THR RB 90 69.39 -79.19 -55.98
CA THR RB 90 70.11 -79.72 -54.83
C THR RB 90 69.79 -81.20 -54.60
N VAL RB 91 70.76 -81.89 -53.99
CA VAL RB 91 70.55 -83.23 -53.45
C VAL RB 91 70.98 -83.21 -51.99
N SER RB 92 70.06 -83.55 -51.09
CA SER RB 92 70.37 -83.63 -49.68
C SER RB 92 70.47 -85.07 -49.24
N ILE RB 93 71.47 -85.37 -48.42
CA ILE RB 93 71.68 -86.71 -47.87
C ILE RB 93 71.87 -86.52 -46.37
N GLN RB 94 70.90 -86.96 -45.59
CA GLN RB 94 70.94 -86.83 -44.14
C GLN RB 94 70.93 -88.21 -43.51
N LEU RB 95 71.93 -88.50 -42.68
CA LEU RB 95 72.04 -89.76 -41.96
C LEU RB 95 71.88 -89.45 -40.47
N SER RB 96 70.89 -90.07 -39.84
CA SER RB 96 70.67 -89.93 -38.40
C SER RB 96 70.81 -91.32 -37.77
N VAL RB 97 71.81 -91.47 -36.90
CA VAL RB 97 72.04 -92.74 -36.23
C VAL RB 97 72.07 -92.55 -34.72
N ASP RB 98 71.50 -93.52 -34.01
CA ASP RB 98 71.70 -93.57 -32.57
C ASP RB 98 73.18 -93.79 -32.27
N PRO RB 99 73.72 -93.11 -31.26
CA PRO RB 99 75.16 -93.23 -31.00
C PRO RB 99 75.62 -94.64 -30.65
N GLU RB 100 74.72 -95.53 -30.26
CA GLU RB 100 75.11 -96.92 -30.01
C GLU RB 100 75.37 -97.70 -31.30
N THR RB 101 75.07 -97.13 -32.45
CA THR RB 101 75.15 -97.84 -33.72
C THR RB 101 76.60 -98.13 -34.10
N THR RB 102 76.86 -99.38 -34.47
CA THR RB 102 78.20 -99.81 -34.84
C THR RB 102 78.59 -99.25 -36.21
N ALA RB 103 79.86 -99.41 -36.55
CA ALA RB 103 80.34 -98.91 -37.84
C ALA RB 103 79.85 -99.77 -38.99
N ALA RB 104 79.73 -101.09 -38.78
CA ALA RB 104 79.20 -101.95 -39.83
C ALA RB 104 77.73 -101.68 -40.10
N GLU RB 105 76.96 -101.38 -39.07
CA GLU RB 105 75.55 -101.03 -39.25
C GLU RB 105 75.41 -99.74 -40.06
N VAL RB 106 76.27 -98.76 -39.82
CA VAL RB 106 76.25 -97.54 -40.61
C VAL RB 106 76.70 -97.80 -42.04
N THR RB 107 77.71 -98.66 -42.21
CA THR RB 107 78.19 -99.00 -43.55
C THR RB 107 77.09 -99.67 -44.37
N THR RB 108 76.31 -100.56 -43.75
CA THR RB 108 75.21 -101.20 -44.45
C THR RB 108 74.19 -100.18 -44.94
N MET RB 109 73.81 -99.24 -44.07
CA MET RB 109 72.89 -98.18 -44.47
C MET RB 109 73.46 -97.35 -45.61
N LEU RB 110 74.73 -96.97 -45.51
CA LEU RB 110 75.34 -96.14 -46.53
C LEU RB 110 75.35 -96.85 -47.88
N ASN RB 111 75.73 -98.12 -47.89
CA ASN RB 111 75.79 -98.86 -49.14
C ASN RB 111 74.41 -99.07 -49.74
N ALA RB 112 73.41 -99.40 -48.92
CA ALA RB 112 72.07 -99.57 -49.45
C ALA RB 112 71.50 -98.26 -49.99
N ALA RB 113 71.74 -97.15 -49.29
CA ALA RB 113 71.26 -95.87 -49.76
C ALA RB 113 71.98 -95.43 -51.02
N ALA RB 114 73.24 -95.85 -51.20
CA ALA RB 114 73.95 -95.52 -52.43
C ALA RB 114 73.27 -96.14 -53.64
N GLN RB 115 72.94 -97.43 -53.56
CA GLN RB 115 72.21 -98.07 -54.64
C GLN RB 115 70.78 -97.57 -54.75
N LEU RB 116 70.22 -97.01 -53.68
CA LEU RB 116 68.87 -96.46 -53.76
C LEU RB 116 68.80 -95.30 -54.75
N LEU RB 117 69.92 -94.64 -55.04
CA LEU RB 117 69.91 -93.51 -55.96
C LEU RB 117 70.85 -93.69 -57.15
N PHE RB 118 71.30 -94.92 -57.41
CA PHE RB 118 71.96 -95.18 -58.70
C PHE RB 118 71.52 -96.46 -59.39
N ASP RB 119 70.73 -97.32 -58.76
CA ASP RB 119 70.24 -98.52 -59.43
C ASP RB 119 69.26 -98.15 -60.54
N SER RB 120 69.24 -98.98 -61.58
CA SER RB 120 68.58 -98.58 -62.84
C SER RB 120 67.07 -98.50 -62.69
N ASP RB 121 66.49 -99.24 -61.76
CA ASP RB 121 65.04 -99.23 -61.58
C ASP RB 121 64.57 -97.86 -61.08
N TYR RB 122 65.17 -97.39 -60.00
CA TYR RB 122 64.75 -96.14 -59.37
C TYR RB 122 65.03 -94.95 -60.27
N SER RB 123 65.65 -95.21 -61.42
CA SER RB 123 65.79 -94.17 -62.44
C SER RB 123 64.44 -93.60 -62.82
N ASP RB 124 63.39 -94.42 -62.84
CA ASP RB 124 62.07 -93.86 -63.13
C ASP RB 124 61.54 -93.00 -61.99
N PHE RB 125 61.92 -93.30 -60.74
CA PHE RB 125 61.46 -92.52 -59.61
C PHE RB 125 62.15 -91.17 -59.50
N TRP RB 126 63.47 -91.12 -59.75
CA TRP RB 126 64.21 -89.88 -59.61
C TRP RB 126 63.97 -88.91 -60.75
N LYS RB 127 63.91 -89.40 -61.98
CA LYS RB 127 63.75 -88.55 -63.15
C LYS RB 127 62.28 -88.36 -63.52
N ALA RB 128 61.55 -89.44 -63.76
CA ALA RB 128 60.15 -89.33 -64.15
C ALA RB 128 59.22 -89.08 -62.97
N GLN RB 129 59.71 -89.17 -61.74
CA GLN RB 129 58.90 -88.97 -60.55
C GLN RB 129 57.76 -89.99 -60.49
N ALA RB 130 58.08 -91.23 -60.88
CA ALA RB 130 57.11 -92.29 -61.05
C ALA RB 130 57.22 -93.29 -59.90
N LEU RB 131 56.15 -93.39 -59.11
CA LEU RB 131 56.14 -94.27 -57.95
C LEU RB 131 56.06 -95.73 -58.32
N ALA RB 132 55.47 -96.04 -59.47
CA ALA RB 132 55.43 -97.42 -59.95
C ALA RB 132 55.61 -97.49 -61.46
N ALA SB 1 90.00 -86.51 -45.87
CA ALA SB 1 88.53 -86.59 -45.86
C ALA SB 1 87.94 -85.48 -46.71
N ILE SB 2 87.02 -84.71 -46.13
CA ILE SB 2 86.47 -83.56 -46.82
C ILE SB 2 87.48 -82.43 -46.77
N ALA SB 3 88.26 -82.28 -47.85
CA ALA SB 3 89.36 -81.34 -47.89
C ALA SB 3 90.03 -81.37 -49.26
N ASN SB 4 90.47 -82.54 -49.68
CA ASN SB 4 91.13 -82.72 -50.97
C ASN SB 4 90.62 -83.96 -51.69
N SER SB 5 89.43 -84.41 -51.32
CA SER SB 5 88.89 -85.65 -51.86
C SER SB 5 88.55 -85.49 -53.34
N SER SB 6 88.60 -86.61 -54.07
CA SER SB 6 88.31 -86.66 -55.50
C SER SB 6 87.00 -87.38 -55.70
N ILE SB 7 86.16 -86.85 -56.59
CA ILE SB 7 84.90 -87.47 -56.97
C ILE SB 7 84.82 -87.54 -58.48
N ALA SB 8 84.51 -88.72 -59.02
CA ALA SB 8 84.51 -88.94 -60.46
C ALA SB 8 83.17 -88.49 -61.05
N ILE SB 9 83.14 -87.29 -61.61
CA ILE SB 9 81.92 -86.75 -62.19
C ILE SB 9 81.59 -87.47 -63.49
N ASP SB 10 80.31 -87.80 -63.67
CA ASP SB 10 79.81 -88.46 -64.87
C ASP SB 10 80.49 -89.80 -65.09
N SER SB 11 80.55 -90.59 -64.03
CA SER SB 11 81.09 -91.94 -64.07
C SER SB 11 79.96 -92.96 -63.94
N THR SB 12 80.33 -94.24 -63.93
CA THR SB 12 79.38 -95.33 -63.78
C THR SB 12 79.63 -96.02 -62.45
N ALA SB 13 78.60 -96.10 -61.61
CA ALA SB 13 78.70 -96.72 -60.30
C ALA SB 13 78.06 -98.10 -60.34
N SER SB 14 78.76 -99.10 -59.81
CA SER SB 14 78.29 -100.47 -59.78
C SER SB 14 78.46 -101.03 -58.37
N VAL SB 15 78.09 -102.29 -58.21
CA VAL SB 15 78.11 -102.98 -56.92
C VAL SB 15 78.50 -104.43 -57.14
N THR SB 16 79.36 -104.94 -56.26
CA THR SB 16 79.79 -106.33 -56.32
C THR SB 16 79.63 -106.96 -54.94
N GLY SB 17 79.43 -108.28 -54.92
CA GLY SB 17 79.23 -108.98 -53.66
C GLY SB 17 77.84 -108.72 -53.09
N GLY SB 18 77.67 -109.09 -51.83
CA GLY SB 18 76.44 -108.85 -51.13
C GLY SB 18 75.37 -109.87 -51.43
N THR SB 19 74.22 -109.67 -50.78
CA THR SB 19 73.02 -110.47 -51.01
C THR SB 19 71.96 -109.63 -51.69
N ALA SB 20 71.35 -110.18 -52.72
CA ALA SB 20 70.37 -109.48 -53.55
C ALA SB 20 69.00 -109.66 -52.92
N ARG SB 21 68.52 -108.62 -52.24
CA ARG SB 21 67.18 -108.63 -51.68
C ARG SB 21 66.20 -107.97 -52.64
N THR SB 22 64.91 -108.27 -52.45
CA THR SB 22 63.91 -107.97 -53.47
C THR SB 22 63.27 -106.60 -53.30
N VAL SB 23 63.00 -106.20 -52.05
CA VAL SB 23 62.21 -105.01 -51.73
C VAL SB 23 60.76 -105.27 -52.15
N LYS SB 24 59.84 -105.15 -51.21
CA LYS SB 24 58.43 -105.46 -51.45
C LYS SB 24 57.57 -104.30 -50.99
N GLU SB 25 56.53 -103.99 -51.76
CA GLU SB 25 55.64 -102.90 -51.43
C GLU SB 25 54.77 -103.24 -50.22
N LEU SB 26 54.68 -102.32 -49.28
CA LEU SB 26 53.76 -102.48 -48.15
C LEU SB 26 52.44 -101.75 -48.38
N VAL SB 27 52.50 -100.42 -48.52
CA VAL SB 27 51.31 -99.57 -48.52
C VAL SB 27 51.57 -98.40 -49.46
N ARG SB 28 50.54 -98.02 -50.20
CA ARG SB 28 50.66 -96.98 -51.20
C ARG SB 28 49.70 -95.85 -50.82
N ASN SB 29 49.69 -94.79 -51.63
CA ASN SB 29 48.75 -93.68 -51.53
C ASN SB 29 49.07 -92.75 -50.36
N ASN SB 30 49.08 -91.45 -50.62
CA ASN SB 30 48.97 -90.92 -51.97
C ASN SB 30 50.20 -90.10 -52.29
N SER SB 31 50.80 -90.37 -53.45
CA SER SB 31 52.07 -89.77 -53.84
C SER SB 31 53.16 -90.12 -52.83
N GLU SB 32 53.06 -91.32 -52.26
CA GLU SB 32 54.06 -91.85 -51.35
C GLU SB 32 53.99 -93.37 -51.29
N LEU SB 33 55.03 -94.04 -51.77
CA LEU SB 33 55.11 -95.49 -51.67
C LEU SB 33 55.81 -95.88 -50.38
N ASN SB 34 55.46 -97.06 -49.87
CA ASN SB 34 56.11 -97.63 -48.69
C ASN SB 34 56.46 -99.08 -49.00
N ALA SB 35 57.73 -99.43 -48.83
CA ALA SB 35 58.21 -100.76 -49.16
C ALA SB 35 59.06 -101.26 -48.00
N TYR SB 36 59.64 -102.44 -48.17
CA TYR SB 36 60.56 -102.99 -47.19
C TYR SB 36 61.49 -103.96 -47.88
N ILE SB 37 62.74 -103.98 -47.44
CA ILE SB 37 63.74 -104.89 -48.00
C ILE SB 37 63.61 -106.23 -47.30
N ASP SB 38 63.28 -107.27 -48.06
CA ASP SB 38 63.02 -108.59 -47.50
C ASP SB 38 64.32 -109.38 -47.39
N GLU SB 39 64.84 -109.50 -46.17
CA GLU SB 39 66.03 -110.30 -45.91
C GLU SB 39 65.71 -111.47 -44.98
N GLY SB 40 64.43 -111.84 -44.91
CA GLY SB 40 64.02 -112.88 -43.98
C GLY SB 40 64.19 -112.51 -42.53
N LEU SB 41 63.88 -111.27 -42.18
CA LEU SB 41 63.96 -110.80 -40.80
C LEU SB 41 62.55 -110.63 -40.24
N SER SB 42 62.48 -110.35 -38.94
CA SER SB 42 61.19 -110.22 -38.28
C SER SB 42 60.53 -108.89 -38.62
N PHE SB 43 59.30 -108.72 -38.14
CA PHE SB 43 58.52 -107.54 -38.47
C PHE SB 43 59.11 -106.27 -37.85
N GLN SB 44 59.68 -106.38 -36.65
CA GLN SB 44 60.26 -105.21 -36.00
C GLN SB 44 61.70 -104.93 -36.42
N ALA SB 45 62.31 -105.82 -37.20
CA ALA SB 45 63.72 -105.70 -37.56
C ALA SB 45 63.93 -105.59 -39.06
N ARG SB 46 62.89 -105.24 -39.81
CA ARG SB 46 63.00 -105.14 -41.26
C ARG SB 46 63.37 -103.72 -41.68
N LYS SB 47 63.99 -103.62 -42.86
CA LYS SB 47 64.55 -102.37 -43.37
C LYS SB 47 63.50 -101.27 -43.56
N GLU SB 48 62.50 -101.52 -44.42
CA GLU SB 48 61.38 -100.59 -44.58
C GLU SB 48 61.80 -99.23 -45.15
N VAL SB 49 62.10 -99.20 -46.45
CA VAL SB 49 62.39 -97.96 -47.17
C VAL SB 49 61.07 -97.36 -47.67
N ALA SB 50 60.95 -96.04 -47.56
CA ALA SB 50 59.78 -95.29 -48.01
C ALA SB 50 60.15 -94.32 -49.13
N PHE SB 51 59.21 -94.12 -50.05
CA PHE SB 51 59.39 -93.28 -51.22
C PHE SB 51 58.32 -92.19 -51.26
N SER SB 52 58.74 -90.93 -51.28
CA SER SB 52 57.83 -89.81 -51.34
C SER SB 52 58.05 -89.04 -52.64
N VAL SB 53 57.05 -88.23 -53.00
CA VAL SB 53 57.10 -87.47 -54.25
C VAL SB 53 56.31 -86.18 -54.12
N LYS SB 54 56.86 -85.10 -54.64
CA LYS SB 54 56.20 -83.79 -54.69
C LYS SB 54 56.24 -83.32 -56.13
N VAL SB 55 55.09 -83.27 -56.78
CA VAL SB 55 55.05 -82.96 -58.21
C VAL SB 55 55.34 -81.48 -58.41
N PRO SB 56 55.88 -81.06 -59.57
CA PRO SB 56 56.12 -79.63 -59.79
C PRO SB 56 54.82 -78.85 -59.83
N LYS SB 57 54.72 -77.84 -58.98
CA LYS SB 57 53.53 -77.01 -58.88
C LYS SB 57 53.79 -75.68 -59.58
N VAL SB 58 52.87 -75.28 -60.45
CA VAL SB 58 53.06 -74.08 -61.26
C VAL SB 58 52.84 -72.84 -60.40
N SER SB 59 53.94 -72.21 -59.99
CA SER SB 59 53.90 -70.92 -59.30
C SER SB 59 54.01 -69.80 -60.33
N VAL SB 60 54.28 -68.58 -59.88
CA VAL SB 60 54.51 -67.47 -60.80
C VAL SB 60 55.88 -66.85 -60.54
N SER SB 61 56.23 -66.65 -59.27
CA SER SB 61 57.46 -65.96 -58.90
C SER SB 61 58.58 -66.97 -58.63
N ALA SB 62 58.88 -67.76 -59.66
CA ALA SB 62 59.93 -68.76 -59.55
C ALA SB 62 60.70 -68.84 -60.86
N PRO SB 63 61.96 -69.23 -60.82
CA PRO SB 63 62.68 -69.49 -62.07
C PRO SB 63 61.98 -70.55 -62.90
N GLY SB 64 61.83 -70.29 -64.19
CA GLY SB 64 61.16 -71.22 -65.07
C GLY SB 64 59.65 -71.11 -65.01
N GLY SB 65 59.13 -70.79 -63.83
CA GLY SB 65 57.72 -70.60 -63.64
C GLY SB 65 57.12 -71.51 -62.58
N PHE SB 66 57.53 -72.76 -62.54
CA PHE SB 66 56.93 -73.72 -61.61
C PHE SB 66 57.82 -73.87 -60.38
N THR SB 67 57.29 -74.50 -59.35
CA THR SB 67 58.11 -74.95 -58.23
C THR SB 67 58.86 -76.21 -58.62
N GLN SB 68 59.75 -76.65 -57.74
CA GLN SB 68 60.67 -77.71 -58.07
C GLN SB 68 60.03 -79.08 -57.90
N ALA SB 69 60.56 -80.05 -58.64
CA ALA SB 69 60.13 -81.45 -58.56
C ALA SB 69 60.90 -82.11 -57.41
N ARG SB 70 60.25 -82.24 -56.26
CA ARG SB 70 60.87 -82.84 -55.10
C ARG SB 70 60.65 -84.34 -55.10
N SER SB 71 61.68 -85.09 -54.72
CA SER SB 71 61.59 -86.56 -54.70
C SER SB 71 62.42 -87.05 -53.52
N THR SB 72 61.75 -87.68 -52.56
CA THR SB 72 62.38 -88.08 -51.31
C THR SB 72 62.35 -89.60 -51.12
N VAL SB 73 63.44 -90.12 -50.58
CA VAL SB 73 63.54 -91.52 -50.17
C VAL SB 73 64.05 -91.51 -48.74
N ILE SB 74 63.46 -92.33 -47.88
CA ILE SB 74 63.95 -92.52 -46.52
C ILE SB 74 64.13 -94.02 -46.27
N LEU SB 75 65.37 -94.43 -46.06
CA LEU SB 75 65.67 -95.80 -45.66
C LEU SB 75 65.69 -95.83 -44.14
N LYS SB 76 64.87 -96.72 -43.57
CA LYS SB 76 64.87 -96.91 -42.13
C LYS SB 76 65.65 -98.17 -41.78
N SER SB 77 66.10 -98.26 -40.53
CA SER SB 77 66.89 -99.39 -40.07
C SER SB 77 66.67 -99.56 -38.57
N PRO SB 78 65.98 -100.61 -38.17
CA PRO SB 78 65.74 -100.84 -36.74
C PRO SB 78 67.04 -101.17 -36.01
N LYS SB 79 67.07 -100.85 -34.72
CA LYS SB 79 68.19 -101.22 -33.88
C LYS SB 79 67.72 -101.26 -32.43
N THR SB 80 68.08 -102.34 -31.73
CA THR SB 80 67.79 -102.46 -30.32
C THR SB 80 69.03 -102.09 -29.51
N LEU SB 81 68.80 -101.47 -28.35
CA LEU SB 81 69.88 -100.86 -27.58
C LEU SB 81 70.30 -101.74 -26.42
N ALA SB 82 71.26 -101.22 -25.64
CA ALA SB 82 71.80 -101.93 -24.49
C ALA SB 82 70.87 -101.93 -23.30
N ASN SB 83 69.82 -101.12 -23.32
CA ASN SB 83 68.78 -101.14 -22.31
C ASN SB 83 67.56 -101.93 -22.75
N GLY SB 84 67.59 -102.51 -23.95
CA GLY SB 84 66.46 -103.24 -24.49
C GLY SB 84 65.49 -102.39 -25.28
N ASN SB 85 65.66 -101.08 -25.28
CA ASN SB 85 64.76 -100.20 -26.01
C ASN SB 85 65.02 -100.28 -27.52
N ARG SB 86 64.00 -99.91 -28.29
CA ARG SB 86 64.00 -100.03 -29.75
C ARG SB 86 64.09 -98.63 -30.33
N THR SB 87 64.88 -98.47 -31.39
CA THR SB 87 65.00 -97.19 -32.08
C THR SB 87 65.24 -97.43 -33.56
N VAL SB 88 65.23 -96.34 -34.34
CA VAL SB 88 65.37 -96.40 -35.79
C VAL SB 88 66.45 -95.44 -36.23
N ASN SB 89 67.36 -95.91 -37.09
CA ASN SB 89 68.31 -95.07 -37.78
C ASN SB 89 67.77 -94.79 -39.18
N THR SB 90 68.01 -93.60 -39.71
CA THR SB 90 67.44 -93.21 -40.98
C THR SB 90 68.51 -92.67 -41.91
N VAL SB 91 68.29 -92.90 -43.20
CA VAL SB 91 69.01 -92.20 -44.26
C VAL SB 91 67.99 -91.50 -45.14
N SER SB 92 68.06 -90.18 -45.21
CA SER SB 92 67.09 -89.42 -46.00
C SER SB 92 67.78 -88.78 -47.20
N ILE SB 93 67.26 -89.03 -48.39
CA ILE SB 93 67.80 -88.50 -49.63
C ILE SB 93 66.69 -87.73 -50.33
N GLN SB 94 66.87 -86.42 -50.48
CA GLN SB 94 65.93 -85.59 -51.20
C GLN SB 94 66.58 -85.05 -52.46
N LEU SB 95 65.95 -85.30 -53.61
CA LEU SB 95 66.40 -84.77 -54.89
C LEU SB 95 65.40 -83.67 -55.27
N SER SB 96 65.94 -82.49 -55.55
CA SER SB 96 65.11 -81.33 -55.87
C SER SB 96 65.68 -80.67 -57.12
N VAL SB 97 65.03 -80.91 -58.25
CA VAL SB 97 65.43 -80.33 -59.51
C VAL SB 97 64.29 -79.46 -60.04
N ASP SB 98 64.63 -78.54 -60.93
CA ASP SB 98 63.63 -77.78 -61.68
C ASP SB 98 63.08 -78.68 -62.79
N PRO SB 99 61.81 -78.49 -63.15
CA PRO SB 99 61.22 -79.36 -64.20
C PRO SB 99 61.95 -79.29 -65.53
N GLU SB 100 62.64 -78.19 -65.83
CA GLU SB 100 63.37 -78.02 -67.07
C GLU SB 100 64.64 -78.87 -67.12
N THR SB 101 65.03 -79.49 -66.01
CA THR SB 101 66.23 -80.29 -65.96
C THR SB 101 66.10 -81.54 -66.82
N THR SB 102 67.17 -81.87 -67.54
CA THR SB 102 67.22 -83.05 -68.37
C THR SB 102 67.57 -84.28 -67.52
N ALA SB 103 67.39 -85.46 -68.13
CA ALA SB 103 67.65 -86.70 -67.42
C ALA SB 103 69.14 -86.89 -67.15
N ALA SB 104 70.00 -86.43 -68.07
CA ALA SB 104 71.43 -86.62 -67.90
C ALA SB 104 71.99 -85.77 -66.76
N GLU SB 105 71.47 -84.55 -66.58
CA GLU SB 105 71.87 -83.75 -65.43
C GLU SB 105 71.48 -84.42 -64.12
N VAL SB 106 70.28 -84.98 -64.05
CA VAL SB 106 69.85 -85.69 -62.86
C VAL SB 106 70.72 -86.91 -62.62
N THR SB 107 71.12 -87.59 -63.71
CA THR SB 107 72.01 -88.74 -63.62
C THR SB 107 73.36 -88.33 -63.02
N THR SB 108 73.90 -87.20 -63.49
CA THR SB 108 75.16 -86.71 -62.95
C THR SB 108 75.03 -86.38 -61.47
N MET SB 109 73.94 -85.71 -61.09
CA MET SB 109 73.72 -85.35 -59.70
C MET SB 109 73.62 -86.59 -58.82
N LEU SB 110 72.87 -87.59 -59.28
CA LEU SB 110 72.69 -88.80 -58.50
C LEU SB 110 74.01 -89.55 -58.36
N ASN SB 111 74.82 -89.58 -59.43
CA ASN SB 111 76.10 -90.25 -59.34
C ASN SB 111 77.03 -89.55 -58.35
N ALA SB 112 77.06 -88.22 -58.38
CA ALA SB 112 77.88 -87.47 -57.44
C ALA SB 112 77.42 -87.70 -56.00
N ALA SB 113 76.11 -87.63 -55.77
CA ALA SB 113 75.57 -87.82 -54.43
C ALA SB 113 75.82 -89.24 -53.93
N ALA SB 114 75.67 -90.25 -54.80
CA ALA SB 114 75.98 -91.61 -54.40
C ALA SB 114 77.45 -91.77 -54.07
N GLN SB 115 78.32 -91.14 -54.86
CA GLN SB 115 79.75 -91.17 -54.56
C GLN SB 115 80.02 -90.60 -53.17
N LEU SB 116 79.34 -89.51 -52.82
CA LEU SB 116 79.50 -88.96 -51.47
C LEU SB 116 78.58 -89.71 -50.51
N LEU SB 117 78.58 -91.04 -50.64
CA LEU SB 117 77.90 -91.91 -49.67
C LEU SB 117 78.78 -93.11 -49.34
N PHE SB 118 79.55 -93.57 -50.33
CA PHE SB 118 80.33 -94.79 -50.18
C PHE SB 118 81.82 -94.60 -50.46
N ASP SB 119 82.24 -93.43 -50.94
CA ASP SB 119 83.66 -93.19 -51.18
C ASP SB 119 84.42 -93.24 -49.87
N SER SB 120 85.57 -93.91 -49.90
CA SER SB 120 86.34 -94.16 -48.69
C SER SB 120 86.81 -92.87 -48.04
N ASP SB 121 86.91 -91.80 -48.83
CA ASP SB 121 87.34 -90.50 -48.32
C ASP SB 121 86.36 -89.97 -47.28
N TYR SB 122 85.07 -90.15 -47.53
CA TYR SB 122 84.05 -89.72 -46.58
C TYR SB 122 83.59 -90.87 -45.72
N SER SB 123 84.48 -91.45 -44.93
CA SER SB 123 84.09 -92.51 -44.00
C SER SB 123 84.08 -91.97 -42.58
N ASP SB 124 85.12 -91.22 -42.22
CA ASP SB 124 85.16 -90.58 -40.91
C ASP SB 124 84.04 -89.58 -40.74
N PHE SB 125 83.53 -89.02 -41.84
CA PHE SB 125 82.43 -88.06 -41.75
C PHE SB 125 81.10 -88.71 -41.36
N TRP SB 126 80.83 -89.91 -41.87
CA TRP SB 126 79.57 -90.57 -41.56
C TRP SB 126 79.64 -91.34 -40.24
N LYS SB 127 80.69 -92.13 -40.06
CA LYS SB 127 80.78 -92.98 -38.87
C LYS SB 127 81.37 -92.23 -37.69
N ALA SB 128 82.59 -91.71 -37.85
CA ALA SB 128 83.21 -90.94 -36.77
C ALA SB 128 82.61 -89.55 -36.63
N GLN SB 129 81.77 -89.15 -37.58
CA GLN SB 129 81.17 -87.81 -37.60
C GLN SB 129 82.26 -86.73 -37.56
N ALA SB 130 83.35 -86.97 -38.28
CA ALA SB 130 84.51 -86.09 -38.27
C ALA SB 130 84.48 -85.19 -39.51
N LEU SB 131 84.15 -83.93 -39.30
CA LEU SB 131 84.14 -82.94 -40.38
C LEU SB 131 85.55 -82.66 -40.88
N ALA SB 132 86.55 -83.10 -40.12
CA ALA SB 132 87.92 -82.68 -40.34
C ALA SB 132 88.90 -83.83 -40.43
N ALA TB 1 110.98 -42.18 -57.81
CA ALA TB 1 109.81 -41.88 -57.00
C ALA TB 1 108.53 -42.29 -57.72
N ILE TB 2 107.40 -41.80 -57.23
CA ILE TB 2 106.10 -42.20 -57.79
C ILE TB 2 105.99 -41.78 -59.25
N ALA TB 3 106.36 -40.55 -59.55
CA ALA TB 3 106.29 -40.06 -60.93
C ALA TB 3 107.30 -40.79 -61.80
N ASN TB 4 106.81 -41.30 -62.94
CA ASN TB 4 107.64 -42.04 -63.90
C ASN TB 4 108.24 -43.30 -63.29
N SER TB 5 107.55 -43.87 -62.31
CA SER TB 5 107.93 -45.16 -61.75
C SER TB 5 107.51 -46.27 -62.69
N SER TB 6 108.35 -47.29 -62.82
CA SER TB 6 108.08 -48.39 -63.74
C SER TB 6 107.63 -49.62 -62.98
N ILE TB 7 106.53 -50.22 -63.44
CA ILE TB 7 106.01 -51.46 -62.88
C ILE TB 7 105.95 -52.49 -63.99
N ALA TB 8 106.50 -53.68 -63.74
CA ALA TB 8 106.52 -54.75 -64.74
C ALA TB 8 105.24 -55.56 -64.62
N ILE TB 9 104.34 -55.41 -65.58
CA ILE TB 9 103.04 -56.07 -65.55
C ILE TB 9 103.19 -57.52 -66.00
N ASP TB 10 102.43 -58.41 -65.36
CA ASP TB 10 102.43 -59.84 -65.67
C ASP TB 10 103.83 -60.43 -65.49
N SER TB 11 104.28 -60.37 -64.23
CA SER TB 11 105.64 -60.74 -63.88
C SER TB 11 105.63 -61.76 -62.76
N THR TB 12 106.67 -62.60 -62.73
CA THR TB 12 106.85 -63.51 -61.61
C THR TB 12 107.62 -62.80 -60.50
N ALA TB 13 107.08 -62.89 -59.29
CA ALA TB 13 107.67 -62.24 -58.12
C ALA TB 13 108.35 -63.33 -57.28
N SER TB 14 109.68 -63.27 -57.21
CA SER TB 14 110.43 -64.18 -56.38
C SER TB 14 110.71 -63.54 -55.02
N VAL TB 15 111.40 -64.28 -54.16
CA VAL TB 15 111.85 -63.75 -52.87
C VAL TB 15 113.01 -64.59 -52.38
N THR TB 16 114.11 -63.94 -52.00
CA THR TB 16 115.32 -64.62 -51.53
C THR TB 16 115.95 -63.80 -50.41
N GLY TB 17 115.53 -64.06 -49.18
CA GLY TB 17 116.22 -63.49 -48.04
C GLY TB 17 116.48 -64.45 -46.90
N GLY TB 18 115.84 -65.61 -46.94
CA GLY TB 18 115.96 -66.56 -45.86
C GLY TB 18 114.98 -66.28 -44.73
N THR TB 19 115.23 -66.87 -43.57
CA THR TB 19 114.39 -66.70 -42.38
C THR TB 19 112.95 -67.15 -42.67
N ALA TB 20 112.83 -68.42 -43.04
CA ALA TB 20 111.54 -69.00 -43.43
C ALA TB 20 110.68 -69.27 -42.20
N ARG TB 21 109.80 -68.33 -41.87
CA ARG TB 21 108.92 -68.48 -40.74
C ARG TB 21 107.70 -69.32 -41.11
N THR TB 22 106.78 -69.46 -40.16
CA THR TB 22 105.60 -70.29 -40.34
C THR TB 22 104.37 -69.57 -39.81
N VAL TB 23 103.32 -69.50 -40.64
CA VAL TB 23 102.05 -68.95 -40.23
C VAL TB 23 101.25 -70.05 -39.53
N LYS TB 24 100.96 -69.85 -38.25
CA LYS TB 24 100.16 -70.79 -37.47
C LYS TB 24 98.84 -70.13 -37.13
N GLU TB 25 97.74 -70.81 -37.39
CA GLU TB 25 96.44 -70.22 -37.14
C GLU TB 25 96.12 -70.25 -35.65
N LEU TB 26 95.33 -69.26 -35.22
CA LEU TB 26 94.95 -69.15 -33.81
C LEU TB 26 93.45 -69.45 -33.64
N VAL TB 27 92.57 -68.70 -34.30
CA VAL TB 27 91.13 -68.87 -34.16
C VAL TB 27 90.51 -68.71 -35.54
N ARG TB 28 89.18 -68.82 -35.60
CA ARG TB 28 88.45 -68.67 -36.85
C ARG TB 28 87.35 -67.64 -36.80
N ASN TB 29 86.67 -67.49 -35.66
CA ASN TB 29 85.40 -66.78 -35.51
C ASN TB 29 84.59 -66.70 -36.81
N ASN TB 30 83.98 -65.55 -37.07
CA ASN TB 30 82.93 -65.44 -38.09
C ASN TB 30 83.58 -65.19 -39.46
N SER TB 31 83.71 -66.24 -40.26
CA SER TB 31 84.19 -66.16 -41.63
C SER TB 31 85.53 -65.41 -41.69
N GLU TB 32 86.38 -65.70 -40.72
CA GLU TB 32 87.66 -65.03 -40.56
C GLU TB 32 88.72 -66.09 -40.30
N LEU TB 33 89.97 -65.68 -40.22
CA LEU TB 33 91.04 -66.59 -39.86
C LEU TB 33 92.20 -65.81 -39.24
N ASN TB 34 92.29 -65.82 -37.93
CA ASN TB 34 93.36 -65.10 -37.24
C ASN TB 34 94.53 -66.04 -37.03
N ALA TB 35 95.68 -65.67 -37.57
CA ALA TB 35 96.90 -66.45 -37.45
C ALA TB 35 98.00 -65.57 -36.87
N TYR TB 36 99.20 -66.14 -36.77
CA TYR TB 36 100.36 -65.41 -36.28
C TYR TB 36 101.62 -66.04 -36.86
N ILE TB 37 102.66 -65.23 -36.98
CA ILE TB 37 103.93 -65.69 -37.54
C ILE TB 37 104.82 -66.16 -36.40
N ASP TB 38 105.26 -67.43 -36.47
CA ASP TB 38 106.03 -68.03 -35.39
C ASP TB 38 107.50 -67.67 -35.56
N GLU TB 39 107.93 -66.70 -34.74
CA GLU TB 39 109.31 -66.24 -34.77
C GLU TB 39 109.98 -66.26 -33.41
N GLY TB 40 109.33 -66.81 -32.40
CA GLY TB 40 109.90 -66.92 -31.08
C GLY TB 40 109.82 -65.68 -30.22
N LEU TB 41 109.03 -64.68 -30.62
CA LEU TB 41 108.87 -63.48 -29.81
C LEU TB 41 107.91 -63.75 -28.66
N SER TB 42 107.62 -62.70 -27.89
CA SER TB 42 106.72 -62.83 -26.76
C SER TB 42 105.29 -63.07 -27.25
N PHE TB 43 104.42 -63.41 -26.30
CA PHE TB 43 103.03 -63.70 -26.63
C PHE TB 43 102.32 -62.46 -27.16
N GLN TB 44 102.51 -61.32 -26.50
CA GLN TB 44 101.90 -60.06 -26.94
C GLN TB 44 102.90 -59.18 -27.69
N ALA TB 45 103.92 -59.80 -28.28
CA ALA TB 45 104.83 -59.09 -29.18
C ALA TB 45 104.99 -59.80 -30.52
N ARG TB 46 104.12 -60.76 -30.84
CA ARG TB 46 104.22 -61.52 -32.08
C ARG TB 46 103.43 -60.83 -33.19
N LYS TB 47 103.73 -61.17 -34.44
CA LYS TB 47 103.02 -60.58 -35.58
C LYS TB 47 101.83 -61.46 -35.90
N GLU TB 48 100.62 -60.92 -35.74
CA GLU TB 48 99.37 -61.63 -36.04
C GLU TB 48 98.85 -61.10 -37.38
N VAL TB 49 98.58 -62.03 -38.30
CA VAL TB 49 97.95 -61.64 -39.57
C VAL TB 49 96.58 -62.29 -39.66
N ALA TB 50 95.57 -61.47 -39.89
CA ALA TB 50 94.18 -61.91 -39.98
C ALA TB 50 93.70 -61.92 -41.42
N PHE TB 51 93.02 -63.00 -41.78
CA PHE TB 51 92.44 -63.19 -43.11
C PHE TB 51 90.92 -63.16 -43.00
N SER TB 52 90.26 -62.63 -44.03
CA SER TB 52 88.80 -62.59 -44.02
C SER TB 52 88.26 -62.61 -45.44
N VAL TB 53 87.09 -63.24 -45.61
CA VAL TB 53 86.43 -63.34 -46.90
C VAL TB 53 85.03 -62.77 -46.79
N LYS TB 54 84.58 -62.16 -47.87
CA LYS TB 54 83.26 -61.54 -48.00
C LYS TB 54 82.73 -61.90 -49.40
N VAL TB 55 82.51 -63.21 -49.59
CA VAL TB 55 81.95 -63.83 -50.79
C VAL TB 55 80.74 -63.05 -51.32
N PRO TB 56 80.46 -63.14 -52.62
CA PRO TB 56 79.37 -62.34 -53.20
C PRO TB 56 78.00 -62.77 -52.72
N LYS TB 57 77.07 -61.83 -52.78
CA LYS TB 57 75.68 -62.04 -52.40
C LYS TB 57 74.79 -61.57 -53.53
N VAL TB 58 73.85 -62.42 -53.96
CA VAL TB 58 73.03 -62.14 -55.14
C VAL TB 58 72.13 -60.95 -54.87
N SER TB 59 72.41 -59.83 -55.54
CA SER TB 59 71.62 -58.62 -55.41
C SER TB 59 70.78 -58.41 -56.67
N VAL TB 60 70.04 -57.31 -56.73
CA VAL TB 60 69.32 -56.89 -57.93
C VAL TB 60 70.02 -55.71 -58.60
N SER TB 61 70.71 -54.90 -57.81
CA SER TB 61 71.64 -53.86 -58.24
C SER TB 61 72.96 -54.54 -58.62
N ALA TB 62 74.07 -53.79 -58.58
CA ALA TB 62 75.38 -54.32 -58.91
C ALA TB 62 75.45 -54.72 -60.38
N PRO TB 63 75.71 -53.74 -61.26
CA PRO TB 63 75.55 -53.95 -62.70
C PRO TB 63 76.50 -55.01 -63.24
N GLY TB 64 76.03 -56.25 -63.19
CA GLY TB 64 76.84 -57.45 -63.32
C GLY TB 64 76.20 -58.55 -62.50
N GLY TB 65 75.23 -58.17 -61.68
CA GLY TB 65 74.34 -59.13 -61.04
C GLY TB 65 74.40 -59.18 -59.53
N PHE TB 66 75.60 -59.16 -58.96
CA PHE TB 66 75.77 -59.26 -57.52
C PHE TB 66 77.09 -58.64 -57.09
N THR TB 67 77.19 -58.39 -55.78
CA THR TB 67 78.30 -57.66 -55.20
C THR TB 67 79.62 -58.39 -55.43
N GLN TB 68 80.71 -57.64 -55.33
CA GLN TB 68 82.04 -58.20 -55.51
C GLN TB 68 82.41 -59.09 -54.33
N ALA TB 69 83.41 -59.94 -54.55
CA ALA TB 69 83.94 -60.83 -53.55
C ALA TB 69 85.19 -60.21 -52.94
N ARG TB 70 85.10 -59.74 -51.71
CA ARG TB 70 86.26 -59.06 -51.15
C ARG TB 70 87.06 -59.99 -50.23
N SER TB 71 88.39 -59.82 -50.27
CA SER TB 71 89.31 -60.63 -49.47
C SER TB 71 90.25 -59.67 -48.75
N THR TB 72 90.29 -59.76 -47.42
CA THR TB 72 91.09 -58.84 -46.63
C THR TB 72 92.19 -59.57 -45.86
N VAL TB 73 93.36 -58.94 -45.80
CA VAL TB 73 94.49 -59.40 -45.00
C VAL TB 73 95.03 -58.23 -44.20
N ILE TB 74 95.05 -58.36 -42.88
CA ILE TB 74 95.63 -57.34 -42.01
C ILE TB 74 96.82 -57.93 -41.26
N LEU TB 75 97.99 -57.34 -41.44
CA LEU TB 75 99.21 -57.77 -40.77
C LEU TB 75 99.48 -56.79 -39.64
N LYS TB 76 99.47 -57.31 -38.41
CA LYS TB 76 99.68 -56.47 -37.24
C LYS TB 76 101.05 -56.74 -36.65
N SER TB 77 101.91 -55.74 -36.67
CA SER TB 77 103.26 -55.84 -36.10
C SER TB 77 103.34 -54.95 -34.87
N PRO TB 78 103.43 -55.50 -33.66
CA PRO TB 78 103.50 -54.66 -32.46
C PRO TB 78 104.86 -53.97 -32.35
N LYS TB 79 104.86 -52.84 -31.64
CA LYS TB 79 106.05 -52.03 -31.43
C LYS TB 79 106.03 -51.44 -30.04
N THR TB 80 107.19 -51.47 -29.38
CA THR TB 80 107.37 -50.81 -28.09
C THR TB 80 108.05 -49.46 -28.33
N LEU TB 81 107.37 -48.40 -27.92
CA LEU TB 81 107.89 -47.05 -28.16
C LEU TB 81 108.94 -46.70 -27.11
N ALA TB 82 109.68 -45.61 -27.38
CA ALA TB 82 110.67 -45.14 -26.43
C ALA TB 82 110.02 -44.67 -25.13
N ASN TB 83 108.86 -44.02 -25.23
CA ASN TB 83 108.13 -43.60 -24.04
C ASN TB 83 107.78 -44.78 -23.15
N GLY TB 84 107.66 -45.97 -23.72
CA GLY TB 84 107.45 -47.16 -22.92
C GLY TB 84 106.19 -47.92 -23.26
N ASN TB 85 105.18 -47.22 -23.76
CA ASN TB 85 103.92 -47.86 -24.11
C ASN TB 85 104.08 -48.67 -25.38
N ARG TB 86 102.98 -49.30 -25.79
CA ARG TB 86 102.96 -50.23 -26.92
C ARG TB 86 101.94 -49.75 -27.94
N THR TB 87 102.24 -50.02 -29.21
CA THR TB 87 101.35 -49.65 -30.31
C THR TB 87 101.44 -50.77 -31.34
N VAL TB 88 100.55 -50.76 -32.32
CA VAL TB 88 100.57 -51.74 -33.39
C VAL TB 88 100.66 -51.02 -34.73
N ASN TB 89 101.56 -51.48 -35.58
CA ASN TB 89 101.72 -50.96 -36.94
C ASN TB 89 101.07 -51.99 -37.87
N THR TB 90 100.08 -51.55 -38.63
CA THR TB 90 99.27 -52.47 -39.41
C THR TB 90 99.46 -52.28 -40.91
N VAL TB 91 99.23 -53.36 -41.66
CA VAL TB 91 99.21 -53.33 -43.11
C VAL TB 91 97.97 -54.06 -43.60
N SER TB 92 96.93 -53.32 -43.96
CA SER TB 92 95.73 -53.95 -44.47
C SER TB 92 95.74 -54.00 -45.99
N ILE TB 93 95.17 -55.07 -46.54
CA ILE TB 93 95.10 -55.28 -47.98
C ILE TB 93 93.73 -55.83 -48.33
N GLN TB 94 93.08 -55.26 -49.34
CA GLN TB 94 91.75 -55.70 -49.76
C GLN TB 94 91.74 -55.92 -51.27
N LEU TB 95 90.87 -56.85 -51.70
CA LEU TB 95 90.83 -57.32 -53.09
C LEU TB 95 89.38 -57.36 -53.57
N SER TB 96 88.68 -56.24 -53.44
CA SER TB 96 87.30 -56.15 -53.91
C SER TB 96 87.29 -56.27 -55.43
N VAL TB 97 86.99 -57.49 -55.91
CA VAL TB 97 86.92 -57.77 -57.33
C VAL TB 97 85.57 -58.40 -57.65
N ASP TB 98 85.05 -58.06 -58.82
CA ASP TB 98 83.76 -58.58 -59.24
C ASP TB 98 83.86 -60.09 -59.44
N PRO TB 99 82.85 -60.86 -59.00
CA PRO TB 99 82.97 -62.33 -58.99
C PRO TB 99 83.16 -62.95 -60.35
N GLU TB 100 82.84 -62.25 -61.43
CA GLU TB 100 83.04 -62.76 -62.79
C GLU TB 100 84.51 -62.71 -63.21
N THR TB 101 85.38 -62.15 -62.39
CA THR TB 101 86.77 -61.94 -62.76
C THR TB 101 87.51 -63.26 -62.83
N THR TB 102 88.27 -63.45 -63.91
CA THR TB 102 89.07 -64.65 -64.08
C THR TB 102 90.30 -64.61 -63.17
N ALA TB 103 90.91 -65.78 -62.98
CA ALA TB 103 92.05 -65.90 -62.09
C ALA TB 103 93.32 -65.31 -62.69
N ALA TB 104 93.42 -65.23 -64.02
CA ALA TB 104 94.61 -64.66 -64.64
C ALA TB 104 94.72 -63.17 -64.35
N GLU TB 105 93.63 -62.44 -64.50
CA GLU TB 105 93.67 -61.01 -64.21
C GLU TB 105 93.76 -60.74 -62.71
N VAL TB 106 93.22 -61.64 -61.89
CA VAL TB 106 93.43 -61.53 -60.44
C VAL TB 106 94.92 -61.68 -60.13
N THR TB 107 95.59 -62.64 -60.76
CA THR TB 107 97.03 -62.79 -60.57
C THR TB 107 97.78 -61.56 -61.05
N THR TB 108 97.35 -61.00 -62.18
CA THR TB 108 97.97 -59.78 -62.70
C THR TB 108 97.83 -58.64 -61.69
N MET TB 109 96.64 -58.48 -61.13
CA MET TB 109 96.40 -57.44 -60.13
C MET TB 109 97.25 -57.66 -58.88
N LEU TB 110 97.34 -58.91 -58.43
CA LEU TB 110 98.10 -59.21 -57.22
C LEU TB 110 99.58 -58.94 -57.44
N ASN TB 111 100.10 -59.28 -58.63
CA ASN TB 111 101.49 -59.01 -58.93
C ASN TB 111 101.75 -57.51 -59.04
N ALA TB 112 100.84 -56.77 -59.69
CA ALA TB 112 101.02 -55.33 -59.83
C ALA TB 112 100.97 -54.64 -58.48
N ALA TB 113 100.00 -54.99 -57.63
CA ALA TB 113 99.91 -54.45 -56.28
C ALA TB 113 101.10 -54.83 -55.41
N ALA TB 114 101.53 -56.09 -55.45
CA ALA TB 114 102.69 -56.50 -54.68
C ALA TB 114 103.98 -55.99 -55.28
N GLN TB 115 103.98 -55.60 -56.55
CA GLN TB 115 105.13 -54.93 -57.13
C GLN TB 115 105.37 -53.57 -56.49
N LEU TB 116 104.30 -52.89 -56.09
CA LEU TB 116 104.39 -51.78 -55.17
C LEU TB 116 104.82 -52.32 -53.81
N LEU TB 117 105.17 -51.42 -52.90
CA LEU TB 117 105.58 -51.74 -51.53
C LEU TB 117 106.72 -52.75 -51.45
N PHE TB 118 107.41 -53.05 -52.56
CA PHE TB 118 108.78 -53.55 -52.42
C PHE TB 118 109.66 -52.93 -53.49
N ASP TB 119 109.07 -52.15 -54.39
CA ASP TB 119 109.84 -51.45 -55.40
C ASP TB 119 110.59 -50.29 -54.77
N SER TB 120 111.75 -49.95 -55.36
CA SER TB 120 112.57 -48.87 -54.84
C SER TB 120 111.95 -47.50 -55.03
N ASP TB 121 111.12 -47.32 -56.06
CA ASP TB 121 110.54 -46.01 -56.34
C ASP TB 121 109.63 -45.55 -55.21
N TYR TB 122 108.88 -46.48 -54.62
CA TYR TB 122 107.88 -46.15 -53.62
C TYR TB 122 108.42 -46.23 -52.20
N SER TB 123 109.72 -46.49 -52.02
CA SER TB 123 110.33 -46.52 -50.69
C SER TB 123 110.05 -45.24 -49.91
N ASP TB 124 110.27 -44.09 -50.54
CA ASP TB 124 110.08 -42.81 -49.87
C ASP TB 124 108.61 -42.56 -49.58
N PHE TB 125 107.72 -43.00 -50.47
CA PHE TB 125 106.29 -42.86 -50.24
C PHE TB 125 105.85 -43.65 -49.02
N TRP TB 126 106.29 -44.91 -48.92
CA TRP TB 126 105.88 -45.74 -47.80
C TRP TB 126 106.55 -45.33 -46.50
N LYS TB 127 107.77 -44.80 -46.55
CA LYS TB 127 108.53 -44.52 -45.33
C LYS TB 127 108.33 -43.08 -44.86
N ALA TB 128 108.64 -42.08 -45.70
CA ALA TB 128 108.53 -40.69 -45.32
C ALA TB 128 107.26 -40.02 -45.81
N GLN TB 129 106.34 -40.77 -46.43
CA GLN TB 129 105.11 -40.22 -46.98
C GLN TB 129 105.39 -39.17 -48.06
N ALA TB 130 106.47 -39.39 -48.82
CA ALA TB 130 106.87 -38.48 -49.90
C ALA TB 130 106.00 -38.74 -51.12
N LEU TB 131 104.82 -38.13 -51.12
CA LEU TB 131 103.92 -38.20 -52.26
C LEU TB 131 104.58 -37.61 -53.50
N ALA TB 132 104.91 -36.34 -53.44
CA ALA TB 132 105.63 -35.67 -54.51
C ALA TB 132 107.12 -35.96 -54.36
N ALA UB 1 -125.65 -14.64 30.50
CA ALA UB 1 -126.64 -14.86 31.54
C ALA UB 1 -126.00 -14.73 32.92
N ILE UB 2 -124.70 -14.41 32.92
CA ILE UB 2 -124.01 -14.03 34.14
C ILE UB 2 -124.27 -12.55 34.39
N ALA UB 3 -125.36 -12.25 35.08
CA ALA UB 3 -125.74 -10.87 35.32
C ALA UB 3 -126.65 -10.84 36.54
N ASN UB 4 -127.96 -10.84 36.32
CA ASN UB 4 -128.89 -11.07 37.42
C ASN UB 4 -129.33 -12.52 37.42
N SER UB 5 -128.38 -13.43 37.67
CA SER UB 5 -128.66 -14.86 37.74
C SER UB 5 -129.26 -15.21 39.09
N SER UB 6 -129.28 -16.50 39.45
CA SER UB 6 -129.75 -16.90 40.77
C SER UB 6 -129.07 -18.19 41.17
N ILE UB 7 -128.61 -18.24 42.42
CA ILE UB 7 -127.96 -19.43 42.97
C ILE UB 7 -128.43 -19.63 44.40
N ALA UB 8 -128.77 -20.87 44.74
CA ALA UB 8 -129.18 -21.21 46.10
C ALA UB 8 -127.93 -21.47 46.95
N ILE UB 9 -127.82 -20.77 48.06
CA ILE UB 9 -126.66 -20.90 48.94
C ILE UB 9 -127.06 -21.71 50.17
N ASP UB 10 -126.19 -22.64 50.55
CA ASP UB 10 -126.46 -23.59 51.65
C ASP UB 10 -127.69 -24.44 51.34
N SER UB 11 -127.62 -25.17 50.25
CA SER UB 11 -128.71 -26.00 49.76
C SER UB 11 -128.21 -27.39 49.43
N THR UB 12 -129.13 -28.36 49.41
CA THR UB 12 -128.80 -29.73 49.05
C THR UB 12 -129.06 -29.97 47.58
N ALA UB 13 -128.11 -30.64 46.92
CA ALA UB 13 -128.20 -30.94 45.51
C ALA UB 13 -128.46 -32.42 45.30
N SER UB 14 -129.25 -32.73 44.27
CA SER UB 14 -129.67 -34.08 44.00
C SER UB 14 -129.56 -34.36 42.51
N VAL UB 15 -129.64 -35.63 42.15
CA VAL UB 15 -129.52 -36.09 40.78
C VAL UB 15 -130.63 -37.09 40.50
N THR UB 16 -131.31 -36.94 39.37
CA THR UB 16 -132.36 -37.85 38.95
C THR UB 16 -132.06 -38.36 37.55
N GLY UB 17 -132.46 -39.61 37.29
CA GLY UB 17 -132.27 -40.19 35.98
C GLY UB 17 -130.83 -40.58 35.72
N GLY UB 18 -130.47 -40.59 34.43
CA GLY UB 18 -129.14 -40.99 34.04
C GLY UB 18 -128.91 -42.49 34.19
N THR UB 19 -127.65 -42.87 34.07
CA THR UB 19 -127.25 -44.28 34.16
C THR UB 19 -126.10 -44.38 35.16
N ALA UB 20 -126.37 -44.97 36.33
CA ALA UB 20 -125.37 -45.12 37.38
C ALA UB 20 -124.18 -45.94 36.90
N ARG UB 21 -123.03 -45.31 36.77
CA ARG UB 21 -121.79 -45.97 36.40
C ARG UB 21 -121.00 -46.28 37.68
N THR UB 22 -119.75 -46.70 37.52
CA THR UB 22 -118.90 -47.03 38.66
C THR UB 22 -117.50 -46.52 38.39
N VAL UB 23 -116.87 -45.94 39.40
CA VAL UB 23 -115.52 -45.39 39.27
C VAL UB 23 -114.56 -46.49 39.72
N LYS UB 24 -113.92 -47.13 38.76
CA LYS UB 24 -112.96 -48.18 39.06
C LYS UB 24 -111.57 -47.59 39.23
N GLU UB 25 -110.92 -47.91 40.34
CA GLU UB 25 -109.63 -47.35 40.67
C GLU UB 25 -108.51 -48.08 39.94
N LEU UB 26 -107.55 -47.32 39.40
CA LEU UB 26 -106.53 -47.90 38.55
C LEU UB 26 -105.19 -47.85 39.28
N VAL UB 27 -104.71 -46.67 39.66
CA VAL UB 27 -103.40 -46.52 40.27
C VAL UB 27 -103.50 -45.47 41.37
N ARG UB 28 -102.89 -45.75 42.51
CA ARG UB 28 -102.93 -44.87 43.68
C ARG UB 28 -101.48 -44.62 44.09
N ASN UB 29 -100.91 -43.50 43.66
CA ASN UB 29 -99.51 -43.22 43.93
C ASN UB 29 -99.25 -41.72 43.94
N ASN UB 30 -98.19 -41.33 44.64
CA ASN UB 30 -97.66 -39.97 44.61
C ASN UB 30 -98.73 -38.93 44.88
N SER UB 31 -99.54 -39.17 45.91
CA SER UB 31 -100.63 -38.27 46.30
C SER UB 31 -101.69 -38.16 45.20
N GLU UB 32 -101.73 -39.14 44.31
CA GLU UB 32 -102.63 -39.14 43.16
C GLU UB 32 -103.35 -40.48 43.07
N LEU UB 33 -104.60 -40.43 42.61
CA LEU UB 33 -105.43 -41.61 42.43
C LEU UB 33 -106.02 -41.51 41.01
N ASN UB 34 -105.52 -42.35 40.12
CA ASN UB 34 -106.09 -42.45 38.79
C ASN UB 34 -107.20 -43.49 38.77
N ALA UB 35 -108.32 -43.15 38.16
CA ALA UB 35 -109.44 -44.07 38.07
C ALA UB 35 -110.14 -43.83 36.75
N TYR UB 36 -111.13 -44.67 36.44
CA TYR UB 36 -111.86 -44.52 35.20
C TYR UB 36 -113.34 -44.84 35.46
N ILE UB 37 -114.21 -44.15 34.74
CA ILE UB 37 -115.63 -44.41 34.80
C ILE UB 37 -115.95 -45.55 33.83
N ASP UB 38 -116.67 -46.55 34.32
CA ASP UB 38 -116.93 -47.77 33.56
C ASP UB 38 -118.29 -47.62 32.88
N GLU UB 39 -118.27 -47.38 31.57
CA GLU UB 39 -119.48 -47.31 30.77
C GLU UB 39 -119.52 -48.41 29.71
N GLY UB 40 -118.64 -49.39 29.79
CA GLY UB 40 -118.55 -50.43 28.78
C GLY UB 40 -118.08 -49.88 27.46
N LEU UB 41 -117.04 -49.04 27.50
CA LEU UB 41 -116.47 -48.43 26.31
C LEU UB 41 -115.08 -49.02 26.07
N SER UB 42 -114.45 -48.61 24.97
CA SER UB 42 -113.11 -49.05 24.64
C SER UB 42 -112.09 -48.30 25.49
N PHE UB 43 -110.86 -48.79 25.50
CA PHE UB 43 -109.81 -48.13 26.26
C PHE UB 43 -109.48 -46.74 25.73
N GLN UB 44 -109.53 -46.55 24.41
CA GLN UB 44 -109.30 -45.26 23.80
C GLN UB 44 -110.39 -44.24 24.06
N ALA UB 45 -111.59 -44.67 24.46
CA ALA UB 45 -112.61 -43.73 24.85
C ALA UB 45 -113.14 -44.17 26.21
N ARG UB 46 -112.42 -43.80 27.27
CA ARG UB 46 -112.82 -44.05 28.64
C ARG UB 46 -113.30 -42.73 29.26
N LYS UB 47 -113.52 -42.64 30.57
CA LYS UB 47 -113.81 -41.37 31.22
C LYS UB 47 -112.87 -41.20 32.41
N GLU UB 48 -111.56 -41.35 32.16
CA GLU UB 48 -110.57 -41.30 33.22
C GLU UB 48 -110.72 -40.05 34.07
N VAL UB 49 -110.65 -40.23 35.39
CA VAL UB 49 -110.71 -39.15 36.36
C VAL UB 49 -109.56 -39.31 37.34
N ALA UB 50 -108.85 -38.22 37.60
CA ALA UB 50 -107.70 -38.20 38.48
C ALA UB 50 -107.97 -37.34 39.69
N PHE UB 51 -107.74 -37.89 40.88
CA PHE UB 51 -107.93 -37.21 42.16
C PHE UB 51 -106.55 -36.95 42.76
N SER UB 52 -106.26 -35.70 43.05
CA SER UB 52 -104.96 -35.33 43.61
C SER UB 52 -105.17 -34.51 44.87
N VAL UB 53 -104.24 -34.68 45.81
CA VAL UB 53 -104.31 -33.99 47.10
C VAL UB 53 -102.95 -33.38 47.39
N LYS UB 54 -102.98 -32.11 47.85
CA LYS UB 54 -101.79 -31.35 48.20
C LYS UB 54 -102.01 -30.83 49.62
N VAL UB 55 -101.33 -31.48 50.57
CA VAL UB 55 -101.51 -31.25 52.00
C VAL UB 55 -100.80 -29.96 52.42
N PRO UB 56 -101.28 -29.25 53.44
CA PRO UB 56 -100.63 -28.02 53.88
C PRO UB 56 -99.28 -28.29 54.53
N LYS UB 57 -98.37 -27.33 54.38
CA LYS UB 57 -97.07 -27.36 55.02
C LYS UB 57 -96.86 -26.08 55.82
N VAL UB 58 -95.98 -26.16 56.82
CA VAL UB 58 -95.73 -25.02 57.70
C VAL UB 58 -95.05 -23.91 56.91
N SER UB 59 -95.42 -22.66 57.22
CA SER UB 59 -94.87 -21.50 56.54
C SER UB 59 -94.69 -20.37 57.55
N VAL UB 60 -94.08 -19.28 57.10
CA VAL UB 60 -93.99 -18.07 57.88
C VAL UB 60 -94.89 -16.96 57.33
N SER UB 61 -95.05 -16.88 56.02
CA SER UB 61 -96.07 -16.12 55.34
C SER UB 61 -97.37 -16.91 55.39
N ALA UB 62 -98.32 -16.60 54.51
CA ALA UB 62 -99.58 -17.33 54.48
C ALA UB 62 -100.33 -17.11 55.79
N PRO UB 63 -101.07 -16.00 55.93
CA PRO UB 63 -101.38 -15.45 57.24
C PRO UB 63 -102.23 -16.36 58.10
N GLY UB 64 -101.54 -17.22 58.84
CA GLY UB 64 -102.14 -18.35 59.52
C GLY UB 64 -101.14 -19.49 59.63
N GLY UB 65 -100.03 -19.36 58.93
CA GLY UB 65 -98.89 -20.22 59.18
C GLY UB 65 -98.73 -21.37 58.20
N PHE UB 66 -99.79 -21.72 57.51
CA PHE UB 66 -99.76 -22.84 56.59
C PHE UB 66 -100.24 -22.45 55.19
N THR UB 67 -99.67 -23.10 54.20
CA THR UB 67 -100.19 -23.04 52.86
C THR UB 67 -101.55 -23.73 52.81
N GLN UB 68 -102.31 -23.43 51.76
CA GLN UB 68 -103.67 -23.95 51.68
C GLN UB 68 -103.66 -25.42 51.29
N ALA UB 69 -104.67 -26.15 51.75
CA ALA UB 69 -104.88 -27.53 51.38
C ALA UB 69 -105.63 -27.55 50.05
N ARG UB 70 -105.07 -28.24 49.06
CA ARG UB 70 -105.64 -28.28 47.72
C ARG UB 70 -106.13 -29.68 47.38
N SER UB 71 -107.32 -29.75 46.79
CA SER UB 71 -107.89 -31.00 46.30
C SER UB 71 -108.29 -30.77 44.84
N THR UB 72 -107.72 -31.55 43.94
CA THR UB 72 -107.95 -31.37 42.51
C THR UB 72 -108.56 -32.62 41.90
N VAL UB 73 -109.57 -32.41 41.06
CA VAL UB 73 -110.17 -33.49 40.30
C VAL UB 73 -110.15 -33.13 38.83
N ILE UB 74 -109.54 -33.97 38.00
CA ILE UB 74 -109.57 -33.77 36.55
C ILE UB 74 -110.32 -34.91 35.90
N LEU UB 75 -111.39 -34.58 35.18
CA LEU UB 75 -112.18 -35.54 34.43
C LEU UB 75 -111.80 -35.41 32.96
N LYS UB 76 -111.41 -36.51 32.34
CA LYS UB 76 -111.01 -36.50 30.94
C LYS UB 76 -112.05 -37.20 30.08
N SER UB 77 -112.38 -36.57 28.95
CA SER UB 77 -113.40 -37.08 28.03
C SER UB 77 -112.82 -37.17 26.64
N PRO UB 78 -112.36 -38.35 26.22
CA PRO UB 78 -111.88 -38.51 24.84
C PRO UB 78 -112.97 -38.27 23.80
N LYS UB 79 -112.68 -37.38 22.87
CA LYS UB 79 -113.54 -37.11 21.73
C LYS UB 79 -112.80 -37.47 20.45
N THR UB 80 -113.54 -38.01 19.49
CA THR UB 80 -113.01 -38.34 18.17
C THR UB 80 -113.54 -37.34 17.16
N LEU UB 81 -112.64 -36.71 16.44
CA LEU UB 81 -112.98 -35.60 15.56
C LEU UB 81 -113.43 -36.11 14.19
N ALA UB 82 -113.85 -35.17 13.33
CA ALA UB 82 -114.33 -35.54 12.01
C ALA UB 82 -113.23 -36.17 11.18
N ASN UB 83 -112.04 -35.58 11.19
CA ASN UB 83 -110.91 -36.15 10.45
C ASN UB 83 -110.53 -37.51 11.02
N GLY UB 84 -110.57 -37.67 12.33
CA GLY UB 84 -110.29 -38.95 12.94
C GLY UB 84 -109.24 -38.89 14.03
N ASN UB 85 -108.66 -37.71 14.23
CA ASN UB 85 -107.72 -37.54 15.34
C ASN UB 85 -108.46 -37.55 16.66
N ARG UB 86 -107.77 -38.00 17.70
CA ARG UB 86 -108.34 -38.10 19.04
C ARG UB 86 -107.88 -36.92 19.89
N THR UB 87 -108.83 -36.24 20.51
CA THR UB 87 -108.54 -35.19 21.46
C THR UB 87 -109.16 -35.57 22.80
N VAL UB 88 -108.74 -34.90 23.87
CA VAL UB 88 -109.29 -35.12 25.20
C VAL UB 88 -109.87 -33.82 25.70
N ASN UB 89 -111.13 -33.86 26.12
CA ASN UB 89 -111.81 -32.71 26.73
C ASN UB 89 -111.77 -32.92 28.25
N THR UB 90 -111.27 -31.93 28.96
CA THR UB 90 -111.06 -32.04 30.39
C THR UB 90 -111.87 -31.02 31.18
N VAL UB 91 -112.24 -31.41 32.40
CA VAL UB 91 -112.78 -30.49 33.39
C VAL UB 91 -111.95 -30.59 34.65
N SER UB 92 -111.34 -29.49 35.06
CA SER UB 92 -110.58 -29.45 36.30
C SER UB 92 -111.38 -28.78 37.40
N ILE UB 93 -111.31 -29.34 38.60
CA ILE UB 93 -111.98 -28.79 39.78
C ILE UB 93 -110.93 -28.73 40.88
N GLN UB 94 -110.48 -27.53 41.21
CA GLN UB 94 -109.47 -27.33 42.24
C GLN UB 94 -110.07 -26.56 43.39
N LEU UB 95 -110.00 -27.14 44.59
CA LEU UB 95 -110.50 -26.51 45.81
C LEU UB 95 -109.31 -26.25 46.72
N SER UB 96 -109.08 -24.99 47.05
CA SER UB 96 -108.00 -24.60 47.95
C SER UB 96 -108.61 -23.94 49.18
N VAL UB 97 -108.43 -24.54 50.35
CA VAL UB 97 -108.96 -23.97 51.59
C VAL UB 97 -107.85 -23.83 52.61
N ASP UB 98 -107.94 -22.76 53.39
CA ASP UB 98 -107.08 -22.65 54.56
C ASP UB 98 -107.43 -23.76 55.55
N PRO UB 99 -106.45 -24.33 56.22
CA PRO UB 99 -106.74 -25.47 57.12
C PRO UB 99 -107.67 -25.12 58.27
N GLU UB 100 -107.84 -23.84 58.61
CA GLU UB 100 -108.78 -23.47 59.66
C GLU UB 100 -110.23 -23.58 59.22
N THR UB 101 -110.48 -23.80 57.93
CA THR UB 101 -111.83 -23.77 57.39
C THR UB 101 -112.66 -24.94 57.91
N THR UB 102 -113.87 -24.63 58.37
CA THR UB 102 -114.76 -25.64 58.89
C THR UB 102 -115.34 -26.49 57.77
N ALA UB 103 -116.01 -27.58 58.14
CA ALA UB 103 -116.59 -28.46 57.13
C ALA UB 103 -117.86 -27.86 56.53
N ALA UB 104 -118.59 -27.06 57.30
CA ALA UB 104 -119.77 -26.37 56.76
C ALA UB 104 -119.37 -25.32 55.73
N GLU UB 105 -118.27 -24.61 55.97
CA GLU UB 105 -117.80 -23.63 55.00
C GLU UB 105 -117.34 -24.29 53.71
N VAL UB 106 -116.75 -25.48 53.81
CA VAL UB 106 -116.37 -26.22 52.61
C VAL UB 106 -117.62 -26.75 51.90
N THR UB 107 -118.61 -27.22 52.66
CA THR UB 107 -119.84 -27.70 52.05
C THR UB 107 -120.55 -26.60 51.28
N THR UB 108 -120.60 -25.39 51.85
CA THR UB 108 -121.24 -24.27 51.15
C THR UB 108 -120.51 -23.96 49.85
N MET UB 109 -119.19 -23.94 49.90
CA MET UB 109 -118.39 -23.68 48.70
C MET UB 109 -118.65 -24.74 47.64
N LEU UB 110 -118.65 -26.01 48.04
CA LEU UB 110 -118.86 -27.10 47.10
C LEU UB 110 -120.23 -27.02 46.46
N ASN UB 111 -121.25 -26.72 47.26
CA ASN UB 111 -122.61 -26.67 46.73
C ASN UB 111 -122.79 -25.49 45.79
N ALA UB 112 -122.23 -24.32 46.13
CA ALA UB 112 -122.31 -23.18 45.22
C ALA UB 112 -121.57 -23.45 43.92
N ALA UB 113 -120.39 -24.05 44.00
CA ALA UB 113 -119.63 -24.38 42.80
C ALA UB 113 -120.35 -25.41 41.94
N ALA UB 114 -121.12 -26.31 42.56
CA ALA UB 114 -121.87 -27.29 41.80
C ALA UB 114 -122.90 -26.62 40.90
N GLN UB 115 -123.71 -25.73 41.47
CA GLN UB 115 -124.65 -24.98 40.65
C GLN UB 115 -123.96 -24.01 39.70
N LEU UB 116 -122.72 -23.63 39.98
CA LEU UB 116 -122.00 -22.77 39.06
C LEU UB 116 -121.77 -23.44 37.71
N LEU UB 117 -121.80 -24.77 37.65
CA LEU UB 117 -121.57 -25.47 36.39
C LEU UB 117 -122.73 -26.40 36.01
N PHE UB 118 -123.90 -26.25 36.63
CA PHE UB 118 -125.08 -26.92 36.10
C PHE UB 118 -126.33 -26.06 36.04
N ASP UB 119 -126.35 -24.86 36.62
CA ASP UB 119 -127.52 -24.00 36.50
C ASP UB 119 -127.72 -23.56 35.05
N SER UB 120 -128.99 -23.35 34.68
CA SER UB 120 -129.34 -23.23 33.26
C SER UB 120 -128.80 -21.94 32.65
N ASP UB 121 -128.55 -20.91 33.46
CA ASP UB 121 -128.06 -19.65 32.93
C ASP UB 121 -126.64 -19.80 32.39
N TYR UB 122 -125.75 -20.32 33.24
CA TYR UB 122 -124.33 -20.46 32.89
C TYR UB 122 -124.15 -21.44 31.74
N SER UB 123 -125.24 -22.06 31.31
CA SER UB 123 -125.18 -22.88 30.10
C SER UB 123 -124.65 -22.09 28.92
N ASP UB 124 -124.98 -20.80 28.83
CA ASP UB 124 -124.42 -20.00 27.75
C ASP UB 124 -122.94 -19.71 27.94
N PHE UB 125 -122.47 -19.66 29.18
CA PHE UB 125 -121.06 -19.41 29.44
C PHE UB 125 -120.18 -20.61 29.16
N TRP UB 126 -120.66 -21.82 29.46
CA TRP UB 126 -119.85 -23.02 29.30
C TRP UB 126 -119.81 -23.50 27.85
N LYS UB 127 -120.96 -23.48 27.16
CA LYS UB 127 -121.05 -23.96 25.79
C LYS UB 127 -120.74 -22.86 24.78
N ALA UB 128 -121.50 -21.76 24.82
CA ALA UB 128 -121.31 -20.68 23.86
C ALA UB 128 -120.13 -19.78 24.19
N GLN UB 129 -119.53 -19.94 25.38
CA GLN UB 129 -118.42 -19.09 25.82
C GLN UB 129 -118.84 -17.63 25.87
N ALA UB 130 -120.06 -17.40 26.34
CA ALA UB 130 -120.71 -16.09 26.32
C ALA UB 130 -120.70 -15.49 27.71
N LEU UB 131 -119.95 -14.40 27.89
CA LEU UB 131 -119.85 -13.75 29.19
C LEU UB 131 -121.15 -13.06 29.58
N ALA UB 132 -121.91 -12.56 28.62
CA ALA UB 132 -123.21 -11.98 28.92
C ALA UB 132 -124.26 -12.40 27.91
N ALA VB 1 -115.50 -44.26 49.18
CA ALA VB 1 -115.07 -42.98 48.63
C ALA VB 1 -114.66 -43.14 47.18
N ILE VB 2 -113.50 -42.58 46.83
CA ILE VB 2 -112.96 -42.77 45.50
C ILE VB 2 -112.37 -44.17 45.41
N ALA VB 3 -113.14 -45.11 44.87
CA ALA VB 3 -112.76 -46.52 44.83
C ALA VB 3 -113.84 -47.33 44.13
N ASN VB 4 -115.08 -47.21 44.61
CA ASN VB 4 -116.21 -47.92 44.05
C ASN VB 4 -117.43 -47.01 43.93
N SER VB 5 -117.20 -45.70 43.90
CA SER VB 5 -118.29 -44.74 43.88
C SER VB 5 -119.04 -44.80 42.55
N SER VB 6 -120.31 -44.42 42.60
CA SER VB 6 -121.19 -44.44 41.43
C SER VB 6 -121.56 -43.01 41.04
N ILE VB 7 -121.44 -42.70 39.76
CA ILE VB 7 -121.81 -41.41 39.20
C ILE VB 7 -122.83 -41.62 38.10
N ALA VB 8 -123.94 -40.89 38.16
CA ALA VB 8 -125.04 -41.07 37.20
C ALA VB 8 -124.76 -40.23 35.96
N ILE VB 9 -124.22 -40.87 34.93
CA ILE VB 9 -123.90 -40.17 33.68
C ILE VB 9 -125.16 -39.77 32.96
N ASP VB 10 -125.16 -38.54 32.43
CA ASP VB 10 -126.28 -37.99 31.65
C ASP VB 10 -127.57 -37.99 32.45
N SER VB 11 -127.49 -37.50 33.69
CA SER VB 11 -128.63 -37.33 34.56
C SER VB 11 -129.01 -35.86 34.64
N THR VB 12 -130.02 -35.56 35.46
CA THR VB 12 -130.46 -34.19 35.70
C THR VB 12 -130.18 -33.84 37.15
N ALA VB 13 -129.43 -32.77 37.37
CA ALA VB 13 -129.06 -32.31 38.70
C ALA VB 13 -129.90 -31.10 39.07
N SER VB 14 -130.47 -31.11 40.27
CA SER VB 14 -131.32 -30.04 40.77
C SER VB 14 -130.89 -29.66 42.18
N VAL VB 15 -131.57 -28.64 42.72
CA VAL VB 15 -131.25 -28.08 44.03
C VAL VB 15 -132.56 -27.81 44.77
N THR VB 16 -132.60 -28.16 46.06
CA THR VB 16 -133.73 -27.86 46.91
C THR VB 16 -133.24 -27.17 48.17
N GLY VB 17 -134.11 -26.37 48.78
CA GLY VB 17 -133.74 -25.64 49.98
C GLY VB 17 -132.82 -24.47 49.67
N GLY VB 18 -132.22 -23.95 50.73
CA GLY VB 18 -131.26 -22.87 50.60
C GLY VB 18 -131.90 -21.51 50.42
N THR VB 19 -131.03 -20.51 50.30
CA THR VB 19 -131.44 -19.14 50.02
C THR VB 19 -130.97 -18.75 48.62
N ALA VB 20 -131.87 -18.13 47.87
CA ALA VB 20 -131.62 -17.76 46.48
C ALA VB 20 -130.96 -16.38 46.46
N ARG VB 21 -129.67 -16.35 46.15
CA ARG VB 21 -128.98 -15.08 45.97
C ARG VB 21 -128.87 -14.75 44.49
N THR VB 22 -128.58 -13.48 44.21
CA THR VB 22 -128.80 -12.96 42.85
C THR VB 22 -127.53 -13.00 41.99
N VAL VB 23 -126.37 -12.74 42.60
CA VAL VB 23 -125.10 -12.58 41.88
C VAL VB 23 -125.16 -11.28 41.09
N LYS VB 24 -124.21 -10.38 41.35
CA LYS VB 24 -124.22 -9.04 40.76
C LYS VB 24 -122.87 -8.80 40.10
N GLU VB 25 -122.88 -8.26 38.89
CA GLU VB 25 -121.64 -7.99 38.18
C GLU VB 25 -120.91 -6.82 38.83
N LEU VB 26 -119.60 -6.99 39.02
CA LEU VB 26 -118.76 -5.90 39.51
C LEU VB 26 -118.05 -5.18 38.37
N VAL VB 27 -117.18 -5.90 37.65
CA VAL VB 27 -116.27 -5.30 36.69
C VAL VB 27 -116.14 -6.25 35.50
N ARG VB 28 -116.05 -5.65 34.32
CA ARG VB 28 -115.96 -6.42 33.08
C ARG VB 28 -114.65 -6.05 32.39
N ASN VB 29 -114.43 -6.63 31.21
CA ASN VB 29 -113.29 -6.35 30.34
C ASN VB 29 -111.99 -6.92 30.90
N ASN VB 30 -111.26 -7.65 30.06
CA ASN VB 30 -111.72 -8.04 28.74
C ASN VB 30 -111.66 -9.55 28.62
N SER VB 31 -112.75 -10.16 28.14
CA SER VB 31 -112.92 -11.61 28.17
C SER VB 31 -112.77 -12.13 29.60
N GLU VB 32 -113.26 -11.33 30.54
CA GLU VB 32 -113.13 -11.61 31.97
C GLU VB 32 -114.23 -10.89 32.73
N LEU VB 33 -115.20 -11.65 33.26
CA LEU VB 33 -116.25 -11.06 34.07
C LEU VB 33 -115.93 -11.23 35.55
N ASN VB 34 -116.36 -10.26 36.35
CA ASN VB 34 -116.23 -10.32 37.79
C ASN VB 34 -117.59 -10.00 38.41
N ALA VB 35 -118.05 -10.87 39.31
CA ALA VB 35 -119.35 -10.70 39.91
C ALA VB 35 -119.20 -10.97 41.41
N TYR VB 36 -120.32 -10.95 42.12
CA TYR VB 36 -120.32 -11.29 43.53
C TYR VB 36 -121.71 -11.76 43.92
N ILE VB 37 -121.77 -12.78 44.77
CA ILE VB 37 -123.03 -13.33 45.24
C ILE VB 37 -123.51 -12.45 46.39
N ASP VB 38 -124.61 -11.72 46.16
CA ASP VB 38 -125.13 -10.76 47.14
C ASP VB 38 -125.99 -11.50 48.16
N GLU VB 39 -125.49 -11.60 49.39
CA GLU VB 39 -126.23 -12.21 50.48
C GLU VB 39 -126.31 -11.27 51.68
N GLY VB 40 -126.26 -9.96 51.43
CA GLY VB 40 -126.31 -8.99 52.50
C GLY VB 40 -125.14 -9.04 53.46
N LEU VB 41 -123.93 -9.22 52.93
CA LEU VB 41 -122.73 -9.24 53.74
C LEU VB 41 -121.90 -8.00 53.46
N SER VB 42 -120.83 -7.84 54.23
CA SER VB 42 -119.98 -6.67 54.09
C SER VB 42 -119.07 -6.80 52.87
N PHE VB 43 -118.32 -5.74 52.59
CA PHE VB 43 -117.48 -5.71 51.41
C PHE VB 43 -116.33 -6.70 51.50
N GLN VB 44 -115.81 -6.94 52.70
CA GLN VB 44 -114.69 -7.88 52.86
C GLN VB 44 -115.15 -9.32 53.00
N ALA VB 45 -116.45 -9.56 53.19
CA ALA VB 45 -116.96 -10.90 53.47
C ALA VB 45 -117.87 -11.42 52.36
N ARG VB 46 -117.85 -10.78 51.20
CA ARG VB 46 -118.72 -11.19 50.10
C ARG VB 46 -118.04 -12.27 49.25
N LYS VB 47 -118.87 -13.06 48.58
CA LYS VB 47 -118.44 -14.24 47.83
C LYS VB 47 -117.51 -13.92 46.67
N GLU VB 48 -117.96 -13.12 45.70
CA GLU VB 48 -117.14 -12.70 44.56
C GLU VB 48 -116.66 -13.81 43.63
N VAL VB 49 -117.57 -14.39 42.84
CA VAL VB 49 -117.22 -15.34 41.79
C VAL VB 49 -116.76 -14.58 40.55
N ALA VB 50 -115.69 -15.06 39.91
CA ALA VB 50 -115.14 -14.47 38.69
C ALA VB 50 -115.21 -15.46 37.54
N PHE VB 51 -115.39 -14.92 36.32
CA PHE VB 51 -115.58 -15.71 35.11
C PHE VB 51 -114.54 -15.30 34.08
N SER VB 52 -113.78 -16.27 33.59
CA SER VB 52 -112.77 -16.05 32.57
C SER VB 52 -113.11 -16.85 31.32
N VAL VB 53 -112.48 -16.47 30.21
CA VAL VB 53 -112.75 -17.11 28.91
C VAL VB 53 -111.52 -17.01 28.02
N LYS VB 54 -111.17 -18.12 27.38
CA LYS VB 54 -110.13 -18.16 26.35
C LYS VB 54 -110.76 -18.74 25.09
N VAL VB 55 -110.90 -17.90 24.06
CA VAL VB 55 -111.60 -18.32 22.84
C VAL VB 55 -110.71 -19.28 22.06
N PRO VB 56 -111.28 -20.14 21.21
CA PRO VB 56 -110.44 -21.05 20.42
C PRO VB 56 -109.58 -20.27 19.44
N LYS VB 57 -108.28 -20.55 19.48
CA LYS VB 57 -107.30 -19.86 18.65
C LYS VB 57 -106.91 -20.77 17.48
N VAL VB 58 -106.75 -20.18 16.31
CA VAL VB 58 -106.45 -20.95 15.11
C VAL VB 58 -104.97 -21.35 15.12
N SER VB 59 -104.70 -22.58 15.57
CA SER VB 59 -103.35 -23.12 15.53
C SER VB 59 -103.18 -23.97 14.28
N VAL VB 60 -102.09 -24.73 14.20
CA VAL VB 60 -101.83 -25.58 13.04
C VAL VB 60 -101.66 -27.02 13.49
N SER VB 61 -100.76 -27.24 14.45
CA SER VB 61 -100.40 -28.60 14.88
C SER VB 61 -101.26 -29.02 16.07
N ALA VB 62 -102.57 -29.03 15.84
CA ALA VB 62 -103.50 -29.43 16.87
C ALA VB 62 -104.60 -30.30 16.28
N PRO VB 63 -105.20 -31.19 17.08
CA PRO VB 63 -106.38 -31.91 16.60
C PRO VB 63 -107.49 -30.95 16.22
N GLY VB 64 -108.10 -31.20 15.07
CA GLY VB 64 -109.17 -30.34 14.61
C GLY VB 64 -108.66 -29.11 13.87
N GLY VB 65 -107.55 -28.58 14.34
CA GLY VB 65 -106.94 -27.41 13.73
C GLY VB 65 -106.74 -26.26 14.68
N PHE VB 66 -107.72 -26.01 15.55
CA PHE VB 66 -107.64 -24.88 16.47
C PHE VB 66 -107.18 -25.35 17.85
N THR VB 67 -106.88 -24.39 18.72
CA THR VB 67 -106.69 -24.68 20.13
C THR VB 67 -108.05 -24.87 20.80
N GLN VB 68 -108.00 -25.15 22.11
CA GLN VB 68 -109.21 -25.50 22.82
C GLN VB 68 -109.93 -24.27 23.35
N ALA VB 69 -111.24 -24.40 23.53
CA ALA VB 69 -112.07 -23.34 24.09
C ALA VB 69 -112.05 -23.47 25.61
N ARG VB 70 -111.24 -22.64 26.25
CA ARG VB 70 -111.11 -22.67 27.69
C ARG VB 70 -112.13 -21.74 28.34
N SER VB 71 -112.69 -22.18 29.46
CA SER VB 71 -113.70 -21.41 30.18
C SER VB 71 -113.50 -21.66 31.67
N THR VB 72 -113.07 -20.63 32.38
CA THR VB 72 -112.70 -20.76 33.79
C THR VB 72 -113.66 -19.97 34.68
N VAL VB 73 -113.91 -20.53 35.85
CA VAL VB 73 -114.71 -19.90 36.90
C VAL VB 73 -113.93 -20.05 38.19
N ILE VB 74 -113.82 -18.99 38.98
CA ILE VB 74 -113.21 -19.06 40.30
C ILE VB 74 -114.16 -18.43 41.31
N LEU VB 75 -114.65 -19.25 42.22
CA LEU VB 75 -115.46 -18.78 43.35
C LEU VB 75 -114.51 -18.51 44.50
N LYS VB 76 -114.43 -17.26 44.94
CA LYS VB 76 -113.68 -16.90 46.13
C LYS VB 76 -114.60 -16.92 47.34
N SER VB 77 -114.01 -17.02 48.52
CA SER VB 77 -114.76 -17.07 49.77
C SER VB 77 -113.86 -16.55 50.88
N PRO VB 78 -114.12 -15.35 51.38
CA PRO VB 78 -113.28 -14.80 52.45
C PRO VB 78 -113.44 -15.59 53.74
N LYS VB 79 -112.38 -15.59 54.55
CA LYS VB 79 -112.43 -16.21 55.85
C LYS VB 79 -111.43 -15.52 56.77
N THR VB 80 -111.88 -15.19 57.98
CA THR VB 80 -111.01 -14.61 58.99
C THR VB 80 -110.51 -15.69 59.91
N LEU VB 81 -109.25 -15.57 60.35
CA LEU VB 81 -108.60 -16.65 61.05
C LEU VB 81 -108.60 -16.42 62.56
N ALA VB 82 -108.01 -17.37 63.29
CA ALA VB 82 -107.95 -17.31 64.74
C ALA VB 82 -106.97 -16.27 65.26
N ASN VB 83 -106.15 -15.68 64.39
CA ASN VB 83 -105.27 -14.59 64.76
C ASN VB 83 -105.74 -13.25 64.22
N GLY VB 84 -106.92 -13.20 63.60
CA GLY VB 84 -107.48 -11.96 63.08
C GLY VB 84 -107.12 -11.65 61.65
N ASN VB 85 -106.25 -12.44 61.02
CA ASN VB 85 -105.87 -12.19 59.63
C ASN VB 85 -106.97 -12.69 58.69
N ARG VB 86 -106.94 -12.19 57.46
CA ARG VB 86 -107.94 -12.51 56.45
C ARG VB 86 -107.27 -13.31 55.34
N THR VB 87 -107.93 -14.38 54.91
CA THR VB 87 -107.49 -15.18 53.78
C THR VB 87 -108.69 -15.50 52.90
N VAL VB 88 -108.43 -16.16 51.76
CA VAL VB 88 -109.48 -16.49 50.81
C VAL VB 88 -109.37 -17.98 50.47
N ASN VB 89 -110.50 -18.68 50.51
CA ASN VB 89 -110.62 -20.03 49.98
C ASN VB 89 -111.16 -19.92 48.57
N THR VB 90 -110.73 -20.81 47.68
CA THR VB 90 -111.13 -20.73 46.29
C THR VB 90 -111.61 -22.08 45.79
N VAL VB 91 -112.55 -22.03 44.85
CA VAL VB 91 -112.90 -23.17 44.02
C VAL VB 91 -112.70 -22.77 42.56
N SER VB 92 -111.82 -23.48 41.87
CA SER VB 92 -111.53 -23.15 40.47
C SER VB 92 -112.01 -24.29 39.57
N ILE VB 93 -112.82 -23.94 38.59
CA ILE VB 93 -113.37 -24.89 37.62
C ILE VB 93 -112.96 -24.43 36.24
N GLN VB 94 -112.17 -25.25 35.54
CA GLN VB 94 -111.78 -24.98 34.17
C GLN VB 94 -112.37 -26.03 33.24
N LEU VB 95 -113.12 -25.58 32.25
CA LEU VB 95 -113.66 -26.44 31.20
C LEU VB 95 -112.86 -26.16 29.94
N SER VB 96 -112.26 -27.20 29.37
CA SER VB 96 -111.43 -27.06 28.18
C SER VB 96 -111.86 -28.12 27.18
N VAL VB 97 -112.67 -27.73 26.21
CA VAL VB 97 -113.14 -28.63 25.18
C VAL VB 97 -112.61 -28.16 23.83
N ASP VB 98 -112.60 -29.06 22.86
CA ASP VB 98 -112.31 -28.71 21.48
C ASP VB 98 -113.52 -28.02 20.88
N PRO VB 99 -113.31 -27.10 19.92
CA PRO VB 99 -114.45 -26.37 19.35
C PRO VB 99 -115.45 -27.26 18.65
N GLU VB 100 -115.05 -28.45 18.21
CA GLU VB 100 -115.93 -29.40 17.53
C GLU VB 100 -116.89 -30.10 18.49
N THR VB 101 -116.74 -29.89 19.79
CA THR VB 101 -117.59 -30.53 20.77
C THR VB 101 -119.01 -29.97 20.71
N THR VB 102 -119.98 -30.86 20.81
CA THR VB 102 -121.38 -30.48 20.80
C THR VB 102 -121.85 -30.06 22.18
N ALA VB 103 -123.05 -29.48 22.23
CA ALA VB 103 -123.58 -28.99 23.50
C ALA VB 103 -123.92 -30.13 24.45
N ALA VB 104 -124.39 -31.25 23.92
CA ALA VB 104 -124.78 -32.37 24.78
C ALA VB 104 -123.56 -33.03 25.42
N GLU VB 105 -122.44 -33.11 24.70
CA GLU VB 105 -121.21 -33.62 25.30
C GLU VB 105 -120.74 -32.72 26.44
N VAL VB 106 -120.82 -31.41 26.25
CA VAL VB 106 -120.43 -30.48 27.31
C VAL VB 106 -121.38 -30.60 28.49
N THR VB 107 -122.66 -30.82 28.21
CA THR VB 107 -123.65 -31.02 29.27
C THR VB 107 -123.31 -32.26 30.08
N THR VB 108 -122.93 -33.35 29.41
CA THR VB 108 -122.55 -34.57 30.11
C THR VB 108 -121.32 -34.33 30.97
N MET VB 109 -120.31 -33.66 30.41
CA MET VB 109 -119.09 -33.39 31.18
C MET VB 109 -119.38 -32.54 32.40
N LEU VB 110 -120.22 -31.51 32.23
CA LEU VB 110 -120.55 -30.63 33.35
C LEU VB 110 -121.33 -31.37 34.41
N ASN VB 111 -122.25 -32.26 34.00
CA ASN VB 111 -123.01 -33.02 34.98
C ASN VB 111 -122.11 -33.96 35.77
N ALA VB 112 -121.18 -34.64 35.10
CA ALA VB 112 -120.26 -35.52 35.79
C ALA VB 112 -119.38 -34.73 36.76
N ALA VB 113 -118.86 -33.59 36.32
CA ALA VB 113 -118.01 -32.78 37.18
C ALA VB 113 -118.77 -32.22 38.37
N ALA VB 114 -120.02 -31.80 38.15
CA ALA VB 114 -120.84 -31.33 39.26
C ALA VB 114 -121.13 -32.46 40.25
N GLN VB 115 -121.40 -33.66 39.74
CA GLN VB 115 -121.60 -34.81 40.61
C GLN VB 115 -120.36 -35.05 41.47
N LEU VB 116 -119.17 -34.89 40.89
CA LEU VB 116 -117.94 -35.03 41.67
C LEU VB 116 -117.65 -33.72 42.39
N LEU VB 117 -118.70 -33.13 42.96
CA LEU VB 117 -118.53 -31.96 43.82
C LEU VB 117 -119.43 -32.06 45.05
N PHE VB 118 -120.60 -32.67 44.89
CA PHE VB 118 -121.60 -32.73 45.95
C PHE VB 118 -122.04 -34.14 46.30
N ASP VB 119 -121.60 -35.16 45.57
CA ASP VB 119 -121.96 -36.53 45.89
C ASP VB 119 -121.37 -36.91 47.24
N SER VB 120 -122.17 -37.61 48.05
CA SER VB 120 -121.78 -37.94 49.41
C SER VB 120 -120.54 -38.83 49.45
N ASP VB 121 -120.29 -39.54 48.36
CA ASP VB 121 -119.13 -40.44 48.29
C ASP VB 121 -117.82 -39.66 48.36
N TYR VB 122 -117.76 -38.51 47.67
CA TYR VB 122 -116.57 -37.68 47.73
C TYR VB 122 -116.73 -36.56 48.74
N SER VB 123 -116.90 -36.90 50.01
CA SER VB 123 -116.96 -35.89 51.05
C SER VB 123 -115.63 -35.87 51.81
N ASP VB 124 -115.13 -37.06 52.14
CA ASP VB 124 -113.85 -37.15 52.83
C ASP VB 124 -112.71 -36.63 51.96
N PHE VB 125 -112.86 -36.68 50.65
CA PHE VB 125 -111.81 -36.19 49.77
C PHE VB 125 -111.68 -34.67 49.79
N TRP VB 126 -112.79 -33.94 49.88
CA TRP VB 126 -112.74 -32.49 49.85
C TRP VB 126 -112.44 -31.92 51.25
N LYS VB 127 -113.16 -32.39 52.26
CA LYS VB 127 -112.99 -31.84 53.60
C LYS VB 127 -111.85 -32.51 54.35
N ALA VB 128 -111.88 -33.84 54.45
CA ALA VB 128 -110.84 -34.55 55.18
C ALA VB 128 -109.58 -34.74 54.35
N GLN VB 129 -109.62 -34.42 53.06
CA GLN VB 129 -108.50 -34.64 52.14
C GLN VB 129 -108.07 -36.10 52.12
N ALA VB 130 -109.05 -37.00 52.19
CA ALA VB 130 -108.80 -38.44 52.23
C ALA VB 130 -108.91 -39.01 50.82
N LEU VB 131 -107.76 -39.37 50.24
CA LEU VB 131 -107.71 -39.91 48.88
C LEU VB 131 -108.50 -41.20 48.76
N ALA VB 132 -108.38 -42.07 49.76
CA ALA VB 132 -109.15 -43.32 49.76
C ALA VB 132 -109.30 -43.85 51.18
N ALA WB 1 -96.70 -85.68 27.41
CA ALA WB 1 -95.64 -84.69 27.31
C ALA WB 1 -96.06 -83.52 26.43
N ILE WB 2 -95.09 -82.69 26.04
CA ILE WB 2 -95.40 -81.49 25.27
C ILE WB 2 -96.00 -81.86 23.91
N ALA WB 3 -95.41 -82.83 23.24
CA ALA WB 3 -95.92 -83.27 21.94
C ALA WB 3 -97.27 -83.94 22.10
N ASN WB 4 -98.24 -83.50 21.29
CA ASN WB 4 -99.60 -84.04 21.29
C ASN WB 4 -100.28 -83.85 22.65
N SER WB 5 -99.90 -82.80 23.37
CA SER WB 5 -100.56 -82.41 24.60
C SER WB 5 -101.87 -81.70 24.25
N SER WB 6 -102.89 -81.92 25.07
CA SER WB 6 -104.20 -81.32 24.81
C SER WB 6 -104.48 -80.20 25.81
N ILE WB 7 -104.97 -79.08 25.29
CA ILE WB 7 -105.34 -77.91 26.09
C ILE WB 7 -106.78 -77.55 25.74
N ALA WB 8 -107.61 -77.36 26.76
CA ALA WB 8 -109.03 -77.06 26.56
C ALA WB 8 -109.20 -75.55 26.49
N ILE WB 9 -109.47 -75.03 25.31
CA ILE WB 9 -109.60 -73.59 25.08
C ILE WB 9 -110.97 -73.12 25.56
N ASP WB 10 -111.00 -71.93 26.17
CA ASP WB 10 -112.23 -71.32 26.69
C ASP WB 10 -112.88 -72.22 27.74
N SER WB 11 -112.15 -72.40 28.83
CA SER WB 11 -112.54 -73.33 29.87
C SER WB 11 -112.54 -72.63 31.22
N THR WB 12 -113.43 -73.09 32.11
CA THR WB 12 -113.40 -72.62 33.48
C THR WB 12 -112.36 -73.40 34.27
N ALA WB 13 -111.53 -72.67 35.01
CA ALA WB 13 -110.48 -73.26 35.83
C ALA WB 13 -110.94 -73.21 37.29
N SER WB 14 -111.15 -74.38 37.88
CA SER WB 14 -111.48 -74.46 39.30
C SER WB 14 -110.21 -74.73 40.11
N VAL WB 15 -110.37 -74.77 41.42
CA VAL WB 15 -109.28 -75.15 42.31
C VAL WB 15 -109.85 -75.68 43.62
N THR WB 16 -109.43 -76.87 44.03
CA THR WB 16 -109.94 -77.49 45.26
C THR WB 16 -108.78 -78.20 45.96
N GLY WB 17 -108.06 -77.49 46.81
CA GLY WB 17 -107.09 -78.13 47.67
C GLY WB 17 -107.13 -77.67 49.12
N GLY WB 18 -107.83 -76.56 49.37
CA GLY WB 18 -107.86 -75.99 50.70
C GLY WB 18 -106.68 -75.08 50.97
N THR WB 19 -106.42 -74.81 52.24
CA THR WB 19 -105.30 -73.96 52.68
C THR WB 19 -105.42 -72.56 52.07
N ALA WB 20 -106.54 -71.91 52.39
CA ALA WB 20 -106.85 -70.60 51.83
C ALA WB 20 -106.04 -69.50 52.51
N ARG WB 21 -104.91 -69.14 51.94
CA ARG WB 21 -104.07 -68.08 52.48
C ARG WB 21 -104.60 -66.70 52.06
N THR WB 22 -103.84 -65.67 52.38
CA THR WB 22 -104.23 -64.30 52.13
C THR WB 22 -103.03 -63.51 51.60
N VAL WB 23 -103.26 -62.79 50.52
CA VAL WB 23 -102.25 -61.90 49.96
C VAL WB 23 -102.38 -60.55 50.66
N LYS WB 24 -101.35 -60.14 51.40
CA LYS WB 24 -101.31 -58.86 52.07
C LYS WB 24 -100.25 -57.98 51.40
N GLU WB 25 -100.63 -56.76 51.05
CA GLU WB 25 -99.69 -55.89 50.37
C GLU WB 25 -98.67 -55.33 51.36
N LEU WB 26 -97.47 -55.06 50.85
CA LEU WB 26 -96.39 -54.55 51.68
C LEU WB 26 -96.08 -53.10 51.32
N VAL WB 27 -95.69 -52.82 50.08
CA VAL WB 27 -95.34 -51.48 49.62
C VAL WB 27 -95.97 -51.27 48.25
N ARG WB 28 -95.72 -50.11 47.66
CA ARG WB 28 -96.28 -49.79 46.36
C ARG WB 28 -95.26 -49.30 45.34
N ASN WB 29 -94.17 -48.67 45.79
CA ASN WB 29 -93.25 -47.88 44.97
C ASN WB 29 -93.84 -47.40 43.64
N ASN WB 30 -93.04 -47.43 42.58
CA ASN WB 30 -93.39 -46.78 41.32
C ASN WB 30 -94.21 -47.73 40.46
N SER WB 31 -95.52 -47.51 40.41
CA SER WB 31 -96.44 -48.26 39.55
C SER WB 31 -96.27 -49.76 39.74
N GLU WB 32 -96.13 -50.16 41.00
CA GLU WB 32 -95.89 -51.54 41.38
C GLU WB 32 -96.77 -51.86 42.58
N LEU WB 33 -96.78 -53.13 42.99
CA LEU WB 33 -97.48 -53.51 44.20
C LEU WB 33 -96.83 -54.76 44.77
N ASN WB 34 -95.98 -54.60 45.77
CA ASN WB 34 -95.30 -55.73 46.38
C ASN WB 34 -96.13 -56.25 47.54
N ALA WB 35 -96.56 -57.50 47.44
CA ALA WB 35 -97.35 -58.15 48.47
C ALA WB 35 -96.63 -59.41 48.95
N TYR WB 36 -97.30 -60.16 49.82
CA TYR WB 36 -96.76 -61.41 50.33
C TYR WB 36 -97.91 -62.30 50.78
N ILE WB 37 -97.68 -63.61 50.74
CA ILE WB 37 -98.70 -64.58 51.13
C ILE WB 37 -98.51 -64.91 52.61
N ASP WB 38 -99.59 -64.80 53.38
CA ASP WB 38 -99.52 -64.96 54.83
C ASP WB 38 -99.74 -66.44 55.18
N GLU WB 39 -98.62 -67.13 55.39
CA GLU WB 39 -98.64 -68.54 55.76
C GLU WB 39 -98.02 -68.80 57.13
N GLY WB 40 -97.65 -67.77 57.87
CA GLY WB 40 -97.04 -67.92 59.16
C GLY WB 40 -95.56 -68.24 59.16
N LEU WB 41 -94.91 -68.19 58.01
CA LEU WB 41 -93.48 -68.44 57.92
C LEU WB 41 -92.70 -67.28 58.51
N SER WB 42 -91.37 -67.38 58.47
CA SER WB 42 -90.54 -66.32 59.00
C SER WB 42 -90.62 -65.07 58.11
N PHE WB 43 -89.97 -64.01 58.58
CA PHE WB 43 -90.02 -62.74 57.84
C PHE WB 43 -89.28 -62.84 56.53
N GLN WB 44 -88.09 -63.43 56.53
CA GLN WB 44 -87.31 -63.61 55.30
C GLN WB 44 -87.44 -65.02 54.74
N ALA WB 45 -88.54 -65.71 55.07
CA ALA WB 45 -88.85 -66.99 54.44
C ALA WB 45 -90.25 -67.01 53.84
N ARG WB 46 -90.95 -65.88 53.80
CA ARG WB 46 -92.29 -65.83 53.26
C ARG WB 46 -92.25 -65.69 51.74
N LYS WB 47 -93.35 -65.98 51.07
CA LYS WB 47 -93.42 -65.85 49.62
C LYS WB 47 -94.03 -64.51 49.27
N GLU WB 48 -93.27 -63.65 48.62
CA GLU WB 48 -93.71 -62.32 48.20
C GLU WB 48 -94.01 -62.36 46.71
N VAL WB 49 -95.22 -61.91 46.34
CA VAL WB 49 -95.56 -61.78 44.94
C VAL WB 49 -95.70 -60.30 44.59
N ALA WB 50 -95.00 -59.88 43.54
CA ALA WB 50 -94.98 -58.50 43.11
C ALA WB 50 -95.78 -58.33 41.82
N PHE WB 51 -96.64 -57.31 41.80
CA PHE WB 51 -97.47 -56.96 40.66
C PHE WB 51 -96.97 -55.66 40.05
N SER WB 52 -97.10 -55.53 38.73
CA SER WB 52 -96.67 -54.30 38.08
C SER WB 52 -97.44 -54.09 36.78
N VAL WB 53 -97.72 -52.83 36.47
CA VAL WB 53 -98.43 -52.48 35.25
C VAL WB 53 -97.60 -51.51 34.43
N LYS WB 54 -97.74 -51.61 33.12
CA LYS WB 54 -97.05 -50.80 32.13
C LYS WB 54 -98.05 -50.43 31.03
N VAL WB 55 -99.06 -49.66 31.44
CA VAL WB 55 -100.11 -49.08 30.60
C VAL WB 55 -99.57 -48.50 29.31
N PRO WB 56 -100.37 -48.45 28.24
CA PRO WB 56 -99.86 -48.00 26.93
C PRO WB 56 -99.53 -46.52 26.91
N LYS WB 57 -98.63 -46.17 25.98
CA LYS WB 57 -98.19 -44.80 25.78
C LYS WB 57 -98.34 -44.47 24.30
N VAL WB 58 -99.02 -43.36 24.00
CA VAL WB 58 -99.36 -43.02 22.62
C VAL WB 58 -98.08 -42.79 21.82
N SER WB 59 -97.84 -43.65 20.83
CA SER WB 59 -96.66 -43.59 20.00
C SER WB 59 -97.04 -43.25 18.55
N VAL WB 60 -96.04 -43.14 17.68
CA VAL WB 60 -96.25 -42.97 16.25
C VAL WB 60 -96.05 -44.27 15.50
N SER WB 61 -95.14 -45.11 15.98
CA SER WB 61 -94.92 -46.49 15.55
C SER WB 61 -96.01 -47.35 16.19
N ALA WB 62 -95.76 -48.67 16.32
CA ALA WB 62 -96.72 -49.58 16.92
C ALA WB 62 -97.96 -49.72 16.04
N PRO WB 63 -97.89 -50.57 15.02
CA PRO WB 63 -98.93 -50.60 13.98
C PRO WB 63 -100.27 -51.04 14.53
N GLY WB 64 -101.04 -50.05 14.98
CA GLY WB 64 -102.19 -50.22 15.83
C GLY WB 64 -102.33 -48.99 16.71
N GLY WB 65 -101.31 -48.14 16.68
CA GLY WB 65 -101.39 -46.81 17.26
C GLY WB 65 -100.41 -46.53 18.38
N PHE WB 66 -100.24 -47.47 19.30
CA PHE WB 66 -99.38 -47.29 20.45
C PHE WB 66 -99.10 -48.61 21.16
N THR WB 67 -98.09 -48.58 22.02
CA THR WB 67 -97.50 -49.77 22.62
C THR WB 67 -98.53 -50.58 23.39
N GLN WB 68 -98.21 -51.84 23.61
CA GLN WB 68 -99.10 -52.73 24.34
C GLN WB 68 -99.07 -52.42 25.83
N ALA WB 69 -100.09 -52.91 26.52
CA ALA WB 69 -100.25 -52.74 27.95
C ALA WB 69 -99.76 -54.00 28.65
N ARG WB 70 -98.61 -53.93 29.31
CA ARG WB 70 -98.07 -55.15 29.90
C ARG WB 70 -98.35 -55.23 31.39
N SER WB 71 -98.60 -56.45 31.88
CA SER WB 71 -98.87 -56.71 33.29
C SER WB 71 -97.95 -57.84 33.75
N THR WB 72 -97.16 -57.58 34.78
CA THR WB 72 -96.21 -58.57 35.26
C THR WB 72 -96.54 -59.00 36.69
N VAL WB 73 -96.37 -60.30 36.94
CA VAL WB 73 -96.49 -60.89 38.27
C VAL WB 73 -95.27 -61.77 38.52
N ILE WB 74 -94.54 -61.50 39.59
CA ILE WB 74 -93.40 -62.32 39.97
C ILE WB 74 -93.64 -62.92 41.35
N LEU WB 75 -93.64 -64.24 41.44
CA LEU WB 75 -93.84 -64.95 42.70
C LEU WB 75 -92.46 -65.43 43.18
N LYS WB 76 -92.02 -64.90 44.30
CA LYS WB 76 -90.71 -65.25 44.84
C LYS WB 76 -90.89 -66.18 46.03
N SER WB 77 -90.42 -67.41 45.89
CA SER WB 77 -90.49 -68.42 46.95
C SER WB 77 -89.09 -68.69 47.46
N PRO WB 78 -88.76 -68.31 48.70
CA PRO WB 78 -87.40 -68.53 49.19
C PRO WB 78 -87.18 -69.99 49.57
N LYS WB 79 -85.91 -70.40 49.58
CA LYS WB 79 -85.54 -71.77 49.87
C LYS WB 79 -84.15 -71.82 50.46
N THR WB 80 -84.01 -72.57 51.56
CA THR WB 80 -82.71 -72.79 52.20
C THR WB 80 -82.11 -74.08 51.64
N LEU WB 81 -80.92 -73.97 51.07
CA LEU WB 81 -80.28 -75.12 50.46
C LEU WB 81 -79.57 -75.98 51.50
N ALA WB 82 -79.16 -77.18 51.08
CA ALA WB 82 -78.47 -78.10 51.99
C ALA WB 82 -77.14 -77.53 52.43
N ASN WB 83 -76.43 -76.85 51.52
CA ASN WB 83 -75.15 -76.23 51.88
C ASN WB 83 -75.33 -75.19 52.99
N GLY WB 84 -76.54 -74.67 53.15
CA GLY WB 84 -76.81 -73.76 54.25
C GLY WB 84 -77.27 -72.39 53.80
N ASN WB 85 -76.82 -71.97 52.61
CA ASN WB 85 -77.16 -70.65 52.11
C ASN WB 85 -78.63 -70.61 51.67
N ARG WB 86 -79.06 -69.42 51.26
CA ARG WB 86 -80.45 -69.16 50.88
C ARG WB 86 -80.50 -68.71 49.44
N THR WB 87 -81.59 -69.06 48.76
CA THR WB 87 -81.80 -68.68 47.37
C THR WB 87 -83.30 -68.43 47.21
N VAL WB 88 -83.68 -67.85 46.08
CA VAL WB 88 -85.09 -67.61 45.77
C VAL WB 88 -85.43 -68.29 44.46
N ASN WB 89 -86.54 -69.01 44.43
CA ASN WB 89 -87.07 -69.64 43.22
C ASN WB 89 -88.25 -68.77 42.78
N THR WB 90 -88.18 -68.28 41.54
CA THR WB 90 -89.13 -67.29 41.08
C THR WB 90 -89.98 -67.80 39.93
N VAL WB 91 -91.20 -67.27 39.83
CA VAL WB 91 -92.10 -67.56 38.72
C VAL WB 91 -92.67 -66.25 38.19
N SER WB 92 -92.09 -65.75 37.10
CA SER WB 92 -92.57 -64.50 36.52
C SER WB 92 -93.58 -64.78 35.41
N ILE WB 93 -94.55 -63.88 35.29
CA ILE WB 93 -95.61 -63.98 34.28
C ILE WB 93 -95.87 -62.60 33.71
N GLN WB 94 -95.91 -62.50 32.38
CA GLN WB 94 -96.15 -61.23 31.71
C GLN WB 94 -97.27 -61.37 30.69
N LEU WB 95 -98.00 -60.28 30.47
CA LEU WB 95 -99.21 -60.26 29.65
C LEU WB 95 -99.15 -59.09 28.65
N SER WB 96 -98.08 -59.02 27.89
CA SER WB 96 -97.92 -57.97 26.88
C SER WB 96 -98.96 -58.17 25.79
N VAL WB 97 -100.08 -57.46 25.91
CA VAL WB 97 -101.17 -57.55 24.95
C VAL WB 97 -101.52 -56.14 24.47
N ASP WB 98 -101.96 -56.08 23.21
CA ASP WB 98 -102.26 -54.80 22.59
C ASP WB 98 -103.52 -54.21 23.21
N PRO WB 99 -103.54 -52.89 23.47
CA PRO WB 99 -104.65 -52.31 24.25
C PRO WB 99 -106.00 -52.37 23.57
N GLU WB 100 -106.08 -52.63 22.26
CA GLU WB 100 -107.37 -52.80 21.60
C GLU WB 100 -108.02 -54.14 21.92
N THR WB 101 -107.34 -55.00 22.68
CA THR WB 101 -107.82 -56.34 22.95
C THR WB 101 -109.03 -56.32 23.87
N THR WB 102 -110.04 -57.10 23.51
CA THR WB 102 -111.23 -57.25 24.35
C THR WB 102 -110.91 -58.15 25.54
N ALA WB 103 -111.76 -58.06 26.56
CA ALA WB 103 -111.56 -58.84 27.78
C ALA WB 103 -111.82 -60.32 27.58
N ALA WB 104 -112.64 -60.70 26.60
CA ALA WB 104 -112.92 -62.11 26.36
C ALA WB 104 -111.69 -62.85 25.84
N GLU WB 105 -110.97 -62.24 24.89
CA GLU WB 105 -109.76 -62.88 24.38
C GLU WB 105 -108.66 -62.89 25.44
N VAL WB 106 -108.61 -61.85 26.29
CA VAL WB 106 -107.67 -61.84 27.39
C VAL WB 106 -107.97 -62.99 28.36
N THR WB 107 -109.25 -63.20 28.66
CA THR WB 107 -109.63 -64.32 29.51
C THR WB 107 -109.26 -65.66 28.86
N THR WB 108 -109.49 -65.77 27.55
CA THR WB 108 -109.10 -66.99 26.83
C THR WB 108 -107.61 -67.24 26.95
N MET WB 109 -106.81 -66.20 26.75
CA MET WB 109 -105.36 -66.31 26.84
C MET WB 109 -104.91 -66.68 28.25
N LEU WB 110 -105.54 -66.07 29.26
CA LEU WB 110 -105.16 -66.36 30.63
C LEU WB 110 -105.50 -67.79 31.00
N ASN WB 111 -106.65 -68.28 30.53
CA ASN WB 111 -107.02 -69.67 30.77
C ASN WB 111 -106.05 -70.62 30.05
N ALA WB 112 -105.69 -70.31 28.82
CA ALA WB 112 -104.79 -71.17 28.07
C ALA WB 112 -103.41 -71.22 28.72
N ALA WB 113 -102.88 -70.07 29.12
CA ALA WB 113 -101.60 -70.00 29.82
C ALA WB 113 -101.64 -70.67 31.18
N ALA WB 114 -102.70 -70.44 31.96
CA ALA WB 114 -102.83 -71.10 33.25
C ALA WB 114 -103.24 -72.55 33.12
N GLN WB 115 -103.70 -72.98 31.95
CA GLN WB 115 -103.90 -74.40 31.70
C GLN WB 115 -102.59 -75.15 31.62
N LEU WB 116 -101.53 -74.49 31.17
CA LEU WB 116 -100.17 -74.92 31.44
C LEU WB 116 -99.90 -74.71 32.93
N LEU WB 117 -98.75 -75.18 33.40
CA LEU WB 117 -98.30 -75.02 34.79
C LEU WB 117 -99.06 -75.92 35.76
N PHE WB 118 -100.16 -76.56 35.33
CA PHE WB 118 -100.77 -77.54 36.21
C PHE WB 118 -101.26 -78.75 35.43
N ASP WB 119 -101.14 -78.70 34.11
CA ASP WB 119 -101.48 -79.85 33.29
C ASP WB 119 -100.42 -80.94 33.47
N SER WB 120 -100.89 -82.19 33.43
CA SER WB 120 -99.99 -83.32 33.65
C SER WB 120 -98.96 -83.49 32.55
N ASP WB 121 -99.28 -83.06 31.32
CA ASP WB 121 -98.34 -83.25 30.21
C ASP WB 121 -97.07 -82.45 30.41
N TYR WB 122 -97.18 -81.27 31.03
CA TYR WB 122 -96.05 -80.36 31.18
C TYR WB 122 -95.32 -80.52 32.51
N SER WB 123 -95.72 -81.49 33.34
CA SER WB 123 -95.05 -81.74 34.60
C SER WB 123 -93.55 -81.96 34.42
N ASP WB 124 -93.19 -82.83 33.47
CA ASP WB 124 -91.78 -83.13 33.24
C ASP WB 124 -91.04 -81.91 32.68
N PHE WB 125 -91.72 -81.12 31.83
CA PHE WB 125 -91.10 -79.92 31.30
C PHE WB 125 -90.76 -78.93 32.41
N TRP WB 126 -91.71 -78.70 33.32
CA TRP WB 126 -91.48 -77.74 34.38
C TRP WB 126 -90.51 -78.26 35.44
N LYS WB 127 -90.47 -79.59 35.66
CA LYS WB 127 -89.66 -80.14 36.76
C LYS WB 127 -88.29 -80.57 36.29
N ALA WB 128 -88.17 -81.43 35.29
CA ALA WB 128 -86.89 -81.94 34.83
C ALA WB 128 -86.40 -81.27 33.55
N GLN WB 129 -87.11 -80.26 33.05
CA GLN WB 129 -86.76 -79.59 31.79
C GLN WB 129 -86.77 -80.55 30.62
N ALA WB 130 -87.72 -81.49 30.65
CA ALA WB 130 -87.86 -82.48 29.58
C ALA WB 130 -88.62 -81.84 28.42
N LEU WB 131 -87.86 -81.16 27.55
CA LEU WB 131 -88.42 -80.54 26.35
C LEU WB 131 -89.02 -81.60 25.45
N ALA WB 132 -88.19 -82.53 24.97
CA ALA WB 132 -88.67 -83.66 24.20
C ALA WB 132 -88.98 -84.81 25.14
N ALA XB 1 27.35 -124.49 -26.81
CA ALA XB 1 28.39 -125.43 -27.20
C ALA XB 1 29.76 -124.84 -26.87
N ILE XB 2 29.77 -123.58 -26.43
CA ILE XB 2 30.97 -122.98 -25.86
C ILE XB 2 31.06 -123.41 -24.41
N ALA XB 3 31.71 -124.55 -24.17
CA ALA XB 3 31.83 -125.09 -22.82
C ALA XB 3 33.02 -126.03 -22.80
N ASN XB 4 32.78 -127.32 -22.98
CA ASN XB 4 33.87 -128.25 -23.22
C ASN XB 4 33.97 -128.52 -24.72
N SER XB 5 34.32 -127.49 -25.49
CA SER XB 5 34.50 -127.61 -26.92
C SER XB 5 35.85 -128.23 -27.25
N SER XB 6 36.29 -128.12 -28.49
CA SER XB 6 37.62 -128.61 -28.84
C SER XB 6 38.14 -127.81 -30.03
N ILE XB 7 39.41 -127.42 -29.95
CA ILE XB 7 40.06 -126.65 -31.01
C ILE XB 7 41.50 -127.10 -31.13
N ALA XB 8 41.94 -127.35 -32.37
CA ALA XB 8 43.32 -127.76 -32.61
C ALA XB 8 44.22 -126.53 -32.65
N ILE XB 9 45.29 -126.56 -31.89
CA ILE XB 9 46.22 -125.43 -31.81
C ILE XB 9 47.50 -125.80 -32.54
N ASP XB 10 48.00 -124.86 -33.34
CA ASP XB 10 49.18 -125.07 -34.19
C ASP XB 10 48.91 -126.19 -35.20
N SER XB 11 47.90 -125.96 -36.04
CA SER XB 11 47.46 -126.93 -37.03
C SER XB 11 47.22 -126.25 -38.36
N THR XB 12 47.29 -127.04 -39.44
CA THR XB 12 47.02 -126.55 -40.78
C THR XB 12 45.55 -126.70 -41.11
N ALA XB 13 44.99 -125.67 -41.75
CA ALA XB 13 43.59 -125.66 -42.15
C ALA XB 13 43.48 -125.74 -43.67
N SER XB 14 42.49 -126.49 -44.14
CA SER XB 14 42.32 -126.74 -45.56
C SER XB 14 40.87 -126.52 -45.94
N VAL XB 15 40.63 -126.47 -47.24
CA VAL XB 15 39.31 -126.21 -47.81
C VAL XB 15 39.10 -127.17 -48.98
N THR XB 16 37.93 -127.81 -49.00
CA THR XB 16 37.55 -128.71 -50.09
C THR XB 16 36.21 -128.29 -50.67
N GLY XB 17 36.04 -128.55 -51.97
CA GLY XB 17 34.78 -128.25 -52.62
C GLY XB 17 34.58 -126.77 -52.84
N GLY XB 18 33.31 -126.36 -52.92
CA GLY XB 18 32.97 -124.97 -53.18
C GLY XB 18 33.26 -124.59 -54.62
N THR XB 19 33.26 -123.28 -54.85
CA THR XB 19 33.48 -122.70 -56.17
C THR XB 19 34.53 -121.61 -56.04
N ALA XB 20 35.72 -121.85 -56.59
CA ALA XB 20 36.82 -120.90 -56.52
C ALA XB 20 36.45 -119.59 -57.21
N ARG XB 21 36.33 -118.52 -56.44
CA ARG XB 21 36.05 -117.20 -56.96
C ARG XB 21 37.37 -116.42 -57.10
N THR XB 22 37.27 -115.12 -57.36
CA THR XB 22 38.47 -114.30 -57.50
C THR XB 22 38.19 -112.95 -56.85
N VAL XB 23 39.18 -112.43 -56.13
CA VAL XB 23 39.05 -111.15 -55.43
C VAL XB 23 39.63 -110.09 -56.36
N LYS XB 24 38.74 -109.36 -57.02
CA LYS XB 24 39.15 -108.29 -57.93
C LYS XB 24 39.30 -106.99 -57.15
N GLU XB 25 40.45 -106.35 -57.32
CA GLU XB 25 40.78 -105.15 -56.56
C GLU XB 25 40.19 -103.92 -57.23
N LEU XB 26 39.62 -103.02 -56.41
CA LEU XB 26 38.87 -101.90 -56.95
C LEU XB 26 39.65 -100.61 -56.68
N VAL XB 27 39.92 -100.27 -55.44
CA VAL XB 27 40.57 -99.02 -55.08
C VAL XB 27 41.52 -99.28 -53.91
N ARG XB 28 42.73 -98.74 -54.00
CA ARG XB 28 43.75 -98.90 -52.97
C ARG XB 28 44.23 -97.50 -52.60
N ASN XB 29 43.77 -97.00 -51.45
CA ASN XB 29 44.14 -95.65 -51.04
C ASN XB 29 43.93 -95.52 -49.53
N ASN XB 30 44.66 -94.58 -48.94
CA ASN XB 30 44.49 -94.20 -47.53
C ASN XB 30 44.62 -95.41 -46.60
N SER XB 31 45.64 -96.23 -46.86
CA SER XB 31 45.91 -97.44 -46.07
C SER XB 31 44.78 -98.46 -46.19
N GLU XB 32 43.96 -98.33 -47.22
CA GLU XB 32 42.80 -99.19 -47.44
C GLU XB 32 42.85 -99.78 -48.84
N LEU XB 33 42.35 -101.00 -48.99
CA LEU XB 33 42.23 -101.70 -50.27
C LEU XB 33 40.79 -102.24 -50.32
N ASN XB 34 39.98 -101.62 -51.17
CA ASN XB 34 38.64 -102.11 -51.40
C ASN XB 34 38.64 -103.05 -52.60
N ALA XB 35 37.99 -104.20 -52.45
CA ALA XB 35 37.94 -105.18 -53.52
C ALA XB 35 36.57 -105.85 -53.47
N TYR XB 36 36.31 -106.73 -54.44
CA TYR XB 36 35.04 -107.43 -54.49
C TYR XB 36 35.27 -108.85 -54.96
N ILE XB 37 34.51 -109.78 -54.41
CA ILE XB 37 34.56 -111.17 -54.82
C ILE XB 37 33.69 -111.32 -56.07
N ASP XB 38 34.26 -111.90 -57.11
CA ASP XB 38 33.61 -111.98 -58.41
C ASP XB 38 32.86 -113.31 -58.46
N GLU XB 39 31.54 -113.24 -58.36
CA GLU XB 39 30.67 -114.41 -58.47
C GLU XB 39 29.75 -114.31 -59.68
N GLY XB 40 29.94 -113.33 -60.54
CA GLY XB 40 29.03 -113.10 -61.64
C GLY XB 40 27.67 -112.64 -61.17
N LEU XB 41 27.66 -111.70 -60.23
CA LEU XB 41 26.45 -111.14 -59.66
C LEU XB 41 26.30 -109.69 -60.12
N SER XB 42 25.22 -109.05 -59.67
CA SER XB 42 24.97 -107.66 -59.99
C SER XB 42 25.72 -106.76 -59.01
N PHE XB 43 25.83 -105.48 -59.36
CA PHE XB 43 26.55 -104.53 -58.51
C PHE XB 43 25.89 -104.35 -57.15
N GLN XB 44 24.57 -104.33 -57.09
CA GLN XB 44 23.85 -104.21 -55.83
C GLN XB 44 24.01 -105.42 -54.93
N ALA XB 45 24.37 -106.57 -55.46
CA ALA XB 45 24.61 -107.75 -54.66
C ALA XB 45 26.00 -108.30 -55.03
N ARG XB 46 27.03 -107.73 -54.42
CA ARG XB 46 28.41 -108.16 -54.62
C ARG XB 46 28.93 -108.79 -53.33
N LYS XB 47 30.22 -109.08 -53.18
CA LYS XB 47 30.76 -109.56 -51.93
C LYS XB 47 31.97 -108.68 -51.57
N GLU XB 48 31.76 -107.37 -51.58
CA GLU XB 48 32.85 -106.43 -51.31
C GLU XB 48 33.58 -106.75 -50.02
N VAL XB 49 34.90 -106.67 -50.06
CA VAL XB 49 35.76 -106.89 -48.90
C VAL XB 49 36.80 -105.77 -48.85
N ALA XB 50 36.99 -105.21 -47.66
CA ALA XB 50 37.93 -104.12 -47.45
C ALA XB 50 39.06 -104.57 -46.51
N PHE XB 51 40.30 -104.35 -46.96
CA PHE XB 51 41.50 -104.67 -46.20
C PHE XB 51 42.12 -103.35 -45.74
N SER XB 52 42.31 -103.20 -44.44
CA SER XB 52 42.87 -101.99 -43.88
C SER XB 52 44.05 -102.33 -42.99
N VAL XB 53 45.04 -101.43 -42.97
CA VAL XB 53 46.26 -101.63 -42.20
C VAL XB 53 46.53 -100.38 -41.37
N LYS XB 54 46.91 -100.60 -40.10
CA LYS XB 54 47.23 -99.56 -39.15
C LYS XB 54 48.62 -99.87 -38.58
N VAL XB 55 49.64 -99.20 -39.10
CA VAL XB 55 51.03 -99.46 -38.75
C VAL XB 55 51.35 -98.88 -37.38
N PRO XB 56 52.31 -99.46 -36.64
CA PRO XB 56 52.62 -98.93 -35.31
C PRO XB 56 53.39 -97.62 -35.37
N LYS XB 57 53.18 -96.80 -34.34
CA LYS XB 57 53.92 -95.56 -34.16
C LYS XB 57 54.58 -95.55 -32.78
N VAL XB 58 55.64 -94.77 -32.65
CA VAL XB 58 56.38 -94.71 -31.40
C VAL XB 58 55.51 -94.10 -30.31
N SER XB 59 55.67 -94.60 -29.09
CA SER XB 59 54.92 -94.11 -27.95
C SER XB 59 55.81 -94.10 -26.72
N VAL XB 60 55.26 -93.63 -25.60
CA VAL XB 60 55.93 -93.71 -24.32
C VAL XB 60 55.27 -94.72 -23.39
N SER XB 61 53.95 -94.86 -23.45
CA SER XB 61 53.17 -95.94 -22.88
C SER XB 61 53.28 -97.13 -23.82
N ALA XB 62 52.33 -98.09 -23.71
CA ALA XB 62 52.35 -99.24 -24.59
C ALA XB 62 53.60 -100.07 -24.34
N PRO XB 63 53.59 -100.93 -23.33
CA PRO XB 63 54.84 -101.36 -22.69
C PRO XB 63 55.75 -102.14 -23.61
N GLY XB 64 56.59 -101.40 -24.33
CA GLY XB 64 57.36 -101.88 -25.45
C GLY XB 64 57.58 -100.77 -26.46
N GLY XB 65 56.94 -99.62 -26.22
CA GLY XB 65 57.30 -98.40 -26.91
C GLY XB 65 56.44 -98.06 -28.11
N PHE XB 66 55.78 -99.07 -28.68
CA PHE XB 66 54.97 -98.85 -29.87
C PHE XB 66 53.53 -99.29 -29.64
N THR XB 67 52.62 -98.62 -30.35
CA THR XB 67 51.25 -99.07 -30.44
C THR XB 67 51.20 -100.37 -31.24
N GLN XB 68 50.08 -101.08 -31.13
CA GLN XB 68 49.98 -102.37 -31.80
C GLN XB 68 49.73 -102.19 -33.29
N ALA XB 69 50.23 -103.14 -34.08
CA ALA XB 69 49.97 -103.18 -35.50
C ALA XB 69 48.61 -103.85 -35.72
N ARG XB 70 47.72 -103.16 -36.44
CA ARG XB 70 46.37 -103.65 -36.66
C ARG XB 70 46.14 -103.98 -38.13
N SER XB 71 45.45 -105.10 -38.37
CA SER XB 71 45.07 -105.52 -39.72
C SER XB 71 43.59 -105.89 -39.67
N THR XB 72 42.77 -105.18 -40.43
CA THR XB 72 41.33 -105.37 -40.39
C THR XB 72 40.79 -105.80 -41.75
N VAL XB 73 39.95 -106.82 -41.73
CA VAL XB 73 39.26 -107.26 -42.94
C VAL XB 73 37.76 -107.22 -42.70
N ILE XB 74 37.03 -106.48 -43.53
CA ILE XB 74 35.58 -106.45 -43.45
C ILE XB 74 34.99 -107.02 -44.72
N LEU XB 75 34.19 -108.07 -44.59
CA LEU XB 75 33.51 -108.71 -45.70
C LEU XB 75 32.04 -108.28 -45.65
N LYS XB 76 31.55 -107.73 -46.76
CA LYS XB 76 30.18 -107.25 -46.82
C LYS XB 76 29.33 -108.15 -47.72
N SER XB 77 28.17 -108.54 -47.20
CA SER XB 77 27.27 -109.44 -47.92
C SER XB 77 25.88 -108.80 -48.02
N PRO XB 78 25.56 -108.18 -49.16
CA PRO XB 78 24.21 -107.64 -49.34
C PRO XB 78 23.13 -108.70 -49.33
N LYS XB 79 22.13 -108.50 -48.48
CA LYS XB 79 20.95 -109.34 -48.41
C LYS XB 79 19.72 -108.50 -48.75
N THR XB 80 18.75 -109.13 -49.43
CA THR XB 80 17.51 -108.50 -49.80
C THR XB 80 16.38 -109.12 -49.00
N LEU XB 81 15.56 -108.27 -48.38
CA LEU XB 81 14.59 -108.71 -47.40
C LEU XB 81 13.25 -109.03 -48.08
N ALA XB 82 12.29 -109.46 -47.27
CA ALA XB 82 10.98 -109.81 -47.79
C ALA XB 82 10.27 -108.59 -48.36
N ASN XB 83 10.31 -107.47 -47.64
CA ASN XB 83 9.72 -106.23 -48.16
C ASN XB 83 10.44 -105.77 -49.41
N GLY XB 84 11.77 -105.88 -49.44
CA GLY XB 84 12.52 -105.49 -50.61
C GLY XB 84 13.60 -104.48 -50.32
N ASN XB 85 13.70 -104.06 -49.06
CA ASN XB 85 14.80 -103.21 -48.65
C ASN XB 85 16.10 -104.01 -48.64
N ARG XB 86 17.21 -103.31 -48.88
CA ARG XB 86 18.51 -103.94 -48.95
C ARG XB 86 19.30 -103.65 -47.68
N THR XB 87 19.80 -104.71 -47.05
CA THR XB 87 20.68 -104.58 -45.90
C THR XB 87 22.02 -105.22 -46.27
N VAL XB 88 23.04 -104.94 -45.47
CA VAL XB 88 24.37 -105.53 -45.66
C VAL XB 88 24.73 -106.29 -44.40
N ASN XB 89 25.12 -107.55 -44.58
CA ASN XB 89 25.63 -108.39 -43.48
C ASN XB 89 27.14 -108.38 -43.56
N THR XB 90 27.79 -107.97 -42.47
CA THR XB 90 29.23 -107.80 -42.45
C THR XB 90 29.90 -108.75 -41.46
N VAL XB 91 31.13 -109.13 -41.79
CA VAL XB 91 32.00 -109.83 -40.85
C VAL XB 91 33.31 -109.06 -40.74
N SER XB 92 33.63 -108.60 -39.54
CA SER XB 92 34.88 -107.90 -39.31
C SER XB 92 35.89 -108.83 -38.66
N ILE XB 93 37.14 -108.75 -39.11
CA ILE XB 93 38.24 -109.54 -38.55
C ILE XB 93 39.37 -108.54 -38.30
N GLN XB 94 39.67 -108.28 -37.03
CA GLN XB 94 40.69 -107.33 -36.65
C GLN XB 94 41.77 -108.05 -35.84
N LEU XB 95 43.01 -107.97 -36.31
CA LEU XB 95 44.15 -108.59 -35.64
C LEU XB 95 45.05 -107.46 -35.15
N SER XB 96 45.29 -107.42 -33.84
CA SER XB 96 46.18 -106.45 -33.23
C SER XB 96 47.34 -107.20 -32.57
N VAL XB 97 48.55 -107.00 -33.08
CA VAL XB 97 49.73 -107.66 -32.51
C VAL XB 97 50.78 -106.61 -32.18
N ASP XB 98 51.44 -106.81 -31.05
CA ASP XB 98 52.62 -106.03 -30.74
C ASP XB 98 53.70 -106.31 -31.78
N PRO XB 99 54.44 -105.29 -32.19
CA PRO XB 99 55.43 -105.49 -33.27
C PRO XB 99 56.52 -106.49 -32.92
N GLU XB 100 56.73 -106.82 -31.64
CA GLU XB 100 57.71 -107.84 -31.28
C GLU XB 100 57.22 -109.25 -31.59
N THR XB 101 55.95 -109.42 -31.94
CA THR XB 101 55.38 -110.74 -32.15
C THR XB 101 55.96 -111.39 -33.40
N THR XB 102 56.41 -112.64 -33.26
CA THR XB 102 56.99 -113.37 -34.37
C THR XB 102 55.89 -113.90 -35.29
N ALA XB 103 56.31 -114.45 -36.43
CA ALA XB 103 55.35 -114.92 -37.42
C ALA XB 103 54.65 -116.19 -36.96
N ALA XB 104 55.31 -117.01 -36.13
CA ALA XB 104 54.70 -118.24 -35.64
C ALA XB 104 53.56 -117.95 -34.67
N GLU XB 105 53.72 -116.96 -33.78
CA GLU XB 105 52.64 -116.62 -32.86
C GLU XB 105 51.46 -115.99 -33.59
N VAL XB 106 51.71 -115.27 -34.68
CA VAL XB 106 50.62 -114.76 -35.49
C VAL XB 106 49.93 -115.89 -36.24
N THR XB 107 50.70 -116.84 -36.75
CA THR XB 107 50.11 -117.99 -37.43
C THR XB 107 49.22 -118.80 -36.49
N THR XB 108 49.68 -119.03 -35.27
CA THR XB 108 48.87 -119.76 -34.29
C THR XB 108 47.57 -119.02 -34.00
N MET XB 109 47.66 -117.71 -33.81
CA MET XB 109 46.48 -116.90 -33.52
C MET XB 109 45.49 -116.96 -34.68
N LEU XB 110 46.00 -116.84 -35.91
CA LEU XB 110 45.16 -116.87 -37.10
C LEU XB 110 44.46 -118.22 -37.23
N ASN XB 111 45.21 -119.31 -37.03
CA ASN XB 111 44.63 -120.63 -37.18
C ASN XB 111 43.58 -120.91 -36.11
N ALA XB 112 43.84 -120.52 -34.85
CA ALA XB 112 42.84 -120.70 -33.81
C ALA XB 112 41.59 -119.86 -34.07
N ALA XB 113 41.77 -118.61 -34.52
CA ALA XB 113 40.63 -117.77 -34.83
C ALA XB 113 39.83 -118.31 -36.01
N ALA XB 114 40.49 -118.99 -36.95
CA ALA XB 114 39.78 -119.57 -38.08
C ALA XB 114 38.82 -120.66 -37.62
N GLN XB 115 39.30 -121.58 -36.77
CA GLN XB 115 38.42 -122.59 -36.22
C GLN XB 115 37.38 -122.00 -35.27
N LEU XB 116 37.64 -120.82 -34.70
CA LEU XB 116 36.64 -120.19 -33.85
C LEU XB 116 35.36 -119.85 -34.62
N LEU XB 117 35.44 -119.70 -35.94
CA LEU XB 117 34.26 -119.34 -36.71
C LEU XB 117 33.94 -120.36 -37.82
N PHE XB 118 34.48 -121.57 -37.75
CA PHE XB 118 33.95 -122.63 -38.60
C PHE XB 118 33.77 -123.97 -37.90
N ASP XB 119 34.21 -124.14 -36.65
CA ASP XB 119 33.99 -125.39 -35.94
C ASP XB 119 32.50 -125.61 -35.68
N SER XB 120 32.10 -126.89 -35.62
CA SER XB 120 30.68 -127.23 -35.64
C SER XB 120 29.97 -126.79 -34.36
N ASP XB 121 30.71 -126.64 -33.26
CA ASP XB 121 30.10 -126.25 -32.00
C ASP XB 121 29.61 -124.80 -32.05
N TYR XB 122 30.54 -123.88 -32.33
CA TYR XB 122 30.26 -122.46 -32.32
C TYR XB 122 29.21 -122.10 -33.37
N SER XB 123 28.79 -123.09 -34.16
CA SER XB 123 27.67 -122.89 -35.07
C SER XB 123 26.45 -122.37 -34.34
N ASP XB 124 26.20 -122.85 -33.11
CA ASP XB 124 25.06 -122.32 -32.36
C ASP XB 124 25.30 -120.90 -31.87
N PHE XB 125 26.55 -120.51 -31.63
CA PHE XB 125 26.84 -119.17 -31.19
C PHE XB 125 26.71 -118.14 -32.32
N TRP XB 126 27.15 -118.49 -33.52
CA TRP XB 126 27.10 -117.56 -34.65
C TRP XB 126 25.70 -117.42 -35.22
N LYS XB 127 24.97 -118.52 -35.36
CA LYS XB 127 23.64 -118.50 -35.96
C LYS XB 127 22.54 -118.28 -34.93
N ALA XB 128 22.45 -119.14 -33.92
CA ALA XB 128 21.41 -119.03 -32.92
C ALA XB 128 21.69 -117.98 -31.87
N GLN XB 129 22.91 -117.43 -31.82
CA GLN XB 129 23.30 -116.44 -30.83
C GLN XB 129 23.21 -117.01 -29.42
N ALA XB 130 23.63 -118.27 -29.29
CA ALA XB 130 23.47 -119.05 -28.07
C ALA XB 130 24.81 -119.21 -27.37
N LEU XB 131 24.94 -118.59 -26.19
CA LEU XB 131 26.19 -118.64 -25.44
C LEU XB 131 26.47 -120.03 -24.91
N ALA XB 132 25.43 -120.81 -24.63
CA ALA XB 132 25.61 -122.20 -24.24
C ALA XB 132 24.60 -123.11 -24.93
N ALA YB 1 48.91 -111.59 -53.46
CA ALA YB 1 48.24 -111.35 -52.19
C ALA YB 1 46.81 -110.86 -52.43
N ILE YB 2 46.46 -109.76 -51.77
CA ILE YB 2 45.16 -109.14 -52.02
C ILE YB 2 45.22 -108.39 -53.34
N ALA YB 3 44.72 -109.02 -54.40
CA ALA YB 3 44.81 -108.48 -55.75
C ALA YB 3 44.11 -109.41 -56.74
N ASN YB 4 44.56 -110.67 -56.80
CA ASN YB 4 43.98 -111.68 -57.68
C ASN YB 4 43.76 -112.98 -56.92
N SER YB 5 43.61 -112.91 -55.60
CA SER YB 5 43.49 -114.09 -54.78
C SER YB 5 42.16 -114.80 -55.03
N SER YB 6 42.15 -116.11 -54.85
CA SER YB 6 40.97 -116.95 -55.05
C SER YB 6 40.46 -117.42 -53.69
N ILE YB 7 39.14 -117.34 -53.51
CA ILE YB 7 38.48 -117.80 -52.30
C ILE YB 7 37.36 -118.75 -52.70
N ALA YB 8 37.33 -119.94 -52.08
CA ALA YB 8 36.36 -120.97 -52.44
C ALA YB 8 35.06 -120.73 -51.69
N ILE YB 9 34.09 -120.13 -52.36
CA ILE YB 9 32.81 -119.80 -51.74
C ILE YB 9 31.98 -121.07 -51.56
N ASP YB 10 31.35 -121.19 -50.38
CA ASP YB 10 30.48 -122.31 -50.04
C ASP YB 10 31.22 -123.64 -50.13
N SER YB 11 32.40 -123.68 -49.53
CA SER YB 11 33.21 -124.89 -49.43
C SER YB 11 33.19 -125.39 -47.99
N THR YB 12 33.92 -126.48 -47.75
CA THR YB 12 34.03 -127.08 -46.43
C THR YB 12 35.45 -126.89 -45.92
N ALA YB 13 35.59 -126.25 -44.77
CA ALA YB 13 36.88 -125.99 -44.16
C ALA YB 13 37.12 -126.97 -43.02
N SER YB 14 38.31 -127.57 -42.99
CA SER YB 14 38.66 -128.55 -41.99
C SER YB 14 40.05 -128.25 -41.45
N VAL YB 15 40.48 -129.06 -40.48
CA VAL YB 15 41.75 -128.91 -39.79
C VAL YB 15 42.40 -130.28 -39.66
N THR YB 16 43.71 -130.34 -39.91
CA THR YB 16 44.49 -131.56 -39.71
C THR YB 16 45.71 -131.23 -38.87
N GLY YB 17 46.20 -132.23 -38.14
CA GLY YB 17 47.35 -132.02 -37.28
C GLY YB 17 46.98 -131.21 -36.05
N GLY YB 18 48.02 -130.72 -35.38
CA GLY YB 18 47.84 -129.88 -34.21
C GLY YB 18 47.54 -130.67 -32.95
N THR YB 19 47.30 -129.93 -31.87
CA THR YB 19 46.93 -130.48 -30.59
C THR YB 19 45.54 -129.98 -30.20
N ALA YB 20 44.70 -130.91 -29.76
CA ALA YB 20 43.30 -130.62 -29.43
C ALA YB 20 43.24 -130.13 -27.99
N ARG YB 21 42.85 -128.86 -27.83
CA ARG YB 21 42.61 -128.31 -26.50
C ARG YB 21 41.11 -128.18 -26.25
N THR YB 22 40.76 -128.10 -24.97
CA THR YB 22 39.36 -128.29 -24.59
C THR YB 22 38.57 -126.98 -24.58
N VAL YB 23 39.21 -125.88 -24.17
CA VAL YB 23 38.53 -124.60 -23.93
C VAL YB 23 37.64 -124.75 -22.71
N LYS YB 24 37.86 -123.91 -21.70
CA LYS YB 24 37.17 -124.04 -20.41
C LYS YB 24 36.55 -122.70 -20.07
N GLU YB 25 35.29 -122.71 -19.68
CA GLU YB 25 34.61 -121.46 -19.34
C GLU YB 25 35.11 -120.92 -18.02
N LEU YB 26 35.35 -119.61 -17.97
CA LEU YB 26 35.75 -118.95 -16.73
C LEU YB 26 34.57 -118.27 -16.03
N VAL YB 27 33.97 -117.29 -16.68
CA VAL YB 27 33.01 -116.38 -16.06
C VAL YB 27 31.92 -116.08 -17.07
N ARG YB 28 30.70 -115.97 -16.56
CA ARG YB 28 29.52 -115.75 -17.39
C ARG YB 28 28.87 -114.43 -16.96
N ASN YB 29 27.75 -114.10 -17.60
CA ASN YB 29 26.90 -112.97 -17.25
C ASN YB 29 27.54 -111.65 -17.64
N ASN YB 30 26.80 -110.82 -18.38
CA ASN YB 30 25.53 -111.21 -18.95
C ASN YB 30 25.55 -110.96 -20.46
N SER YB 31 25.09 -111.95 -21.23
CA SER YB 31 25.24 -111.94 -22.67
C SER YB 31 26.71 -111.80 -23.05
N GLU YB 32 27.56 -112.46 -22.26
CA GLU YB 32 29.01 -112.34 -22.40
C GLU YB 32 29.66 -113.55 -21.73
N LEU YB 33 30.29 -114.40 -22.54
CA LEU YB 33 30.97 -115.58 -21.98
C LEU YB 33 32.47 -115.41 -22.05
N ASN YB 34 33.15 -115.84 -20.99
CA ASN YB 34 34.61 -115.80 -20.92
C ASN YB 34 35.12 -117.22 -20.73
N ALA YB 35 36.06 -117.62 -21.56
CA ALA YB 35 36.61 -118.96 -21.50
C ALA YB 35 38.12 -118.86 -21.68
N TYR YB 36 38.79 -120.01 -21.69
CA TYR YB 36 40.22 -120.03 -21.94
C TYR YB 36 40.58 -121.37 -22.55
N ILE YB 37 41.55 -121.37 -23.46
CA ILE YB 37 42.01 -122.58 -24.11
C ILE YB 37 43.06 -123.23 -23.20
N ASP YB 38 42.73 -124.38 -22.64
CA ASP YB 38 43.59 -125.06 -21.67
C ASP YB 38 44.65 -125.87 -22.41
N GLU YB 39 45.90 -125.42 -22.34
CA GLU YB 39 47.03 -126.11 -22.95
C GLU YB 39 48.15 -126.33 -21.96
N GLY YB 40 47.80 -126.45 -20.68
CA GLY YB 40 48.81 -126.66 -19.64
C GLY YB 40 49.77 -125.50 -19.47
N LEU YB 41 49.27 -124.27 -19.56
CA LEU YB 41 50.08 -123.09 -19.39
C LEU YB 41 49.73 -122.40 -18.08
N SER YB 42 50.50 -121.38 -17.72
CA SER YB 42 50.29 -120.67 -16.47
C SER YB 42 49.11 -119.71 -16.60
N PHE YB 43 48.79 -119.05 -15.47
CA PHE YB 43 47.65 -118.15 -15.44
C PHE YB 43 47.87 -116.90 -16.28
N GLN YB 44 49.11 -116.43 -16.35
CA GLN YB 44 49.40 -115.22 -17.12
C GLN YB 44 49.66 -115.51 -18.60
N ALA YB 45 49.84 -116.76 -18.98
CA ALA YB 45 50.22 -117.12 -20.34
C ALA YB 45 49.13 -117.93 -21.04
N ARG YB 46 47.91 -117.90 -20.52
CA ARG YB 46 46.83 -118.68 -21.11
C ARG YB 46 46.09 -117.87 -22.16
N LYS YB 47 45.44 -118.58 -23.08
CA LYS YB 47 44.81 -118.01 -24.27
C LYS YB 47 43.66 -117.06 -23.95
N GLU YB 48 42.59 -117.54 -23.30
CA GLU YB 48 41.47 -116.71 -22.87
C GLU YB 48 40.66 -116.04 -23.97
N VAL YB 49 39.89 -116.83 -24.72
CA VAL YB 49 38.94 -116.30 -25.70
C VAL YB 49 37.64 -115.92 -25.02
N ALA YB 50 37.08 -114.78 -25.38
CA ALA YB 50 35.81 -114.28 -24.86
C ALA YB 50 34.74 -114.22 -25.95
N PHE YB 51 33.49 -114.48 -25.55
CA PHE YB 51 32.36 -114.55 -26.45
C PHE YB 51 31.28 -113.56 -26.03
N SER YB 52 31.06 -112.53 -26.84
CA SER YB 52 30.03 -111.54 -26.58
C SER YB 52 28.86 -111.75 -27.52
N VAL YB 53 27.73 -111.10 -27.20
CA VAL YB 53 26.51 -111.26 -27.99
C VAL YB 53 25.63 -110.02 -27.84
N LYS YB 54 25.03 -109.58 -28.94
CA LYS YB 54 24.06 -108.47 -28.94
C LYS YB 54 22.81 -108.96 -29.66
N VAL YB 55 21.72 -109.10 -28.92
CA VAL YB 55 20.49 -109.66 -29.51
C VAL YB 55 19.85 -108.63 -30.42
N PRO YB 56 19.05 -109.05 -31.41
CA PRO YB 56 18.40 -108.06 -32.28
C PRO YB 56 17.37 -107.25 -31.52
N LYS YB 57 17.49 -105.93 -31.60
CA LYS YB 57 16.59 -105.02 -30.92
C LYS YB 57 15.59 -104.47 -31.92
N VAL YB 58 14.31 -104.50 -31.55
CA VAL YB 58 13.25 -104.08 -32.47
C VAL YB 58 13.26 -102.56 -32.58
N SER YB 59 13.85 -102.06 -33.67
CA SER YB 59 13.86 -100.63 -33.97
C SER YB 59 12.68 -100.30 -34.87
N VAL YB 60 12.69 -99.12 -35.49
CA VAL YB 60 11.63 -98.73 -36.41
C VAL YB 60 12.22 -98.38 -37.77
N SER YB 61 13.22 -97.50 -37.78
CA SER YB 61 13.78 -96.99 -39.02
C SER YB 61 15.00 -97.83 -39.43
N ALA YB 62 14.73 -99.12 -39.65
CA ALA YB 62 15.78 -100.03 -40.08
C ALA YB 62 15.23 -101.00 -41.10
N PRO YB 63 16.06 -101.55 -41.98
CA PRO YB 63 15.60 -102.62 -42.87
C PRO YB 63 15.08 -103.80 -42.08
N GLY YB 64 13.93 -104.33 -42.49
CA GLY YB 64 13.35 -105.47 -41.82
C GLY YB 64 12.57 -105.11 -40.58
N GLY YB 65 13.02 -104.07 -39.88
CA GLY YB 65 12.35 -103.59 -38.69
C GLY YB 65 13.24 -103.56 -37.47
N PHE YB 66 14.08 -104.58 -37.28
CA PHE YB 66 14.89 -104.66 -36.08
C PHE YB 66 16.32 -104.21 -36.36
N THR YB 67 17.11 -104.05 -35.31
CA THR YB 67 18.54 -103.89 -35.46
C THR YB 67 19.18 -105.26 -35.69
N GLN YB 68 20.49 -105.24 -35.93
CA GLN YB 68 21.18 -106.44 -36.35
C GLN YB 68 21.58 -107.31 -35.17
N ALA YB 69 21.73 -108.61 -35.44
CA ALA YB 69 22.17 -109.58 -34.45
C ALA YB 69 23.70 -109.61 -34.46
N ARG YB 70 24.30 -108.91 -33.50
CA ARG YB 70 25.76 -108.85 -33.40
C ARG YB 70 26.28 -109.98 -32.53
N SER YB 71 27.41 -110.57 -32.95
CA SER YB 71 28.02 -111.69 -32.24
C SER YB 71 29.53 -111.51 -32.34
N THR YB 72 30.18 -111.30 -31.19
CA THR YB 72 31.60 -110.98 -31.16
C THR YB 72 32.39 -112.06 -30.43
N VAL YB 73 33.58 -112.34 -30.96
CA VAL YB 73 34.55 -113.23 -30.33
C VAL YB 73 35.87 -112.47 -30.30
N ILE YB 74 36.54 -112.47 -29.14
CA ILE YB 74 37.88 -111.90 -29.03
C ILE YB 74 38.81 -112.98 -28.47
N LEU YB 75 39.76 -113.40 -29.29
CA LEU YB 75 40.81 -114.32 -28.83
C LEU YB 75 41.97 -113.47 -28.34
N LYS YB 76 42.37 -113.70 -27.09
CA LYS YB 76 43.51 -113.01 -26.51
C LYS YB 76 44.72 -113.93 -26.52
N SER YB 77 45.91 -113.35 -26.47
CA SER YB 77 47.16 -114.11 -26.51
C SER YB 77 48.24 -113.31 -25.79
N PRO YB 78 48.63 -113.73 -24.59
CA PRO YB 78 49.68 -112.99 -23.87
C PRO YB 78 51.02 -113.12 -24.56
N LYS YB 79 51.86 -112.12 -24.36
CA LYS YB 79 53.23 -112.17 -24.88
C LYS YB 79 54.11 -111.29 -24.01
N THR YB 80 55.28 -111.81 -23.65
CA THR YB 80 56.25 -111.06 -22.87
C THR YB 80 57.30 -110.49 -23.81
N LEU YB 81 57.73 -109.25 -23.54
CA LEU YB 81 58.58 -108.51 -24.45
C LEU YB 81 60.05 -108.64 -24.05
N ALA YB 82 60.91 -108.01 -24.86
CA ALA YB 82 62.35 -108.03 -24.62
C ALA YB 82 62.77 -107.20 -23.42
N ASN YB 83 61.87 -106.36 -22.89
CA ASN YB 83 62.13 -105.61 -21.68
C ASN YB 83 61.46 -106.22 -20.45
N GLY YB 84 60.78 -107.35 -20.61
CA GLY YB 84 60.13 -108.03 -19.50
C GLY YB 84 58.68 -107.66 -19.29
N ASN YB 85 58.17 -106.66 -19.98
CA ASN YB 85 56.77 -106.28 -19.85
C ASN YB 85 55.85 -107.29 -20.53
N ARG YB 86 54.60 -107.32 -20.10
CA ARG YB 86 53.59 -108.23 -20.63
C ARG YB 86 52.58 -107.42 -21.42
N THR YB 87 52.24 -107.89 -22.62
CA THR YB 87 51.21 -107.30 -23.45
C THR YB 87 50.30 -108.40 -23.98
N VAL YB 88 49.23 -108.01 -24.67
CA VAL YB 88 48.26 -108.94 -25.20
C VAL YB 88 48.05 -108.66 -26.69
N ASN YB 89 48.11 -109.71 -27.50
CA ASN YB 89 47.70 -109.65 -28.90
C ASN YB 89 46.27 -110.16 -28.99
N THR YB 90 45.48 -109.59 -29.88
CA THR YB 90 44.07 -109.95 -29.96
C THR YB 90 43.67 -110.23 -31.40
N VAL YB 91 42.70 -111.13 -31.55
CA VAL YB 91 41.95 -111.30 -32.79
C VAL YB 91 40.48 -111.05 -32.49
N SER YB 92 39.88 -110.07 -33.14
CA SER YB 92 38.48 -109.75 -32.92
C SER YB 92 37.67 -110.11 -34.17
N ILE YB 93 36.61 -110.89 -33.98
CA ILE YB 93 35.73 -111.33 -35.05
C ILE YB 93 34.32 -110.91 -34.67
N GLN YB 94 33.73 -110.01 -35.44
CA GLN YB 94 32.35 -109.58 -35.23
C GLN YB 94 31.50 -110.00 -36.43
N LEU YB 95 30.42 -110.71 -36.14
CA LEU YB 95 29.44 -111.11 -37.16
C LEU YB 95 28.19 -110.28 -36.90
N SER YB 96 27.77 -109.54 -37.94
CA SER YB 96 26.63 -108.63 -37.83
C SER YB 96 25.69 -108.91 -38.99
N VAL YB 97 24.68 -109.74 -38.75
CA VAL YB 97 23.70 -110.08 -39.76
C VAL YB 97 22.34 -109.55 -39.34
N ASP YB 98 21.44 -109.43 -40.31
CA ASP YB 98 20.06 -109.09 -40.03
C ASP YB 98 19.33 -110.33 -39.52
N PRO YB 99 18.32 -110.15 -38.68
CA PRO YB 99 17.62 -111.33 -38.13
C PRO YB 99 16.96 -112.21 -39.18
N GLU YB 100 16.61 -111.65 -40.33
CA GLU YB 100 15.98 -112.40 -41.41
C GLU YB 100 16.97 -113.31 -42.15
N THR YB 101 18.26 -113.20 -41.85
CA THR YB 101 19.26 -114.02 -42.50
C THR YB 101 19.10 -115.49 -42.13
N THR YB 102 19.26 -116.35 -43.13
CA THR YB 102 19.17 -117.79 -42.92
C THR YB 102 20.51 -118.36 -42.45
N ALA YB 103 20.46 -119.61 -41.99
CA ALA YB 103 21.66 -120.25 -41.49
C ALA YB 103 22.68 -120.49 -42.60
N ALA YB 104 22.20 -120.83 -43.80
CA ALA YB 104 23.11 -121.09 -44.91
C ALA YB 104 23.87 -119.85 -45.34
N GLU YB 105 23.20 -118.69 -45.36
CA GLU YB 105 23.89 -117.44 -45.63
C GLU YB 105 24.97 -117.16 -44.59
N VAL YB 106 24.65 -117.42 -43.32
CA VAL YB 106 25.60 -117.15 -42.25
C VAL YB 106 26.81 -118.08 -42.34
N THR YB 107 26.58 -119.35 -42.67
CA THR YB 107 27.69 -120.27 -42.75
C THR YB 107 28.54 -119.98 -43.99
N THR YB 108 27.91 -119.46 -45.05
CA THR YB 108 28.69 -119.01 -46.20
C THR YB 108 29.58 -117.83 -45.83
N MET YB 109 29.03 -116.85 -45.11
CA MET YB 109 29.83 -115.71 -44.66
C MET YB 109 30.97 -116.17 -43.76
N LEU YB 110 30.68 -117.09 -42.84
CA LEU YB 110 31.71 -117.57 -41.92
C LEU YB 110 32.80 -118.33 -42.67
N ASN YB 111 32.42 -119.12 -43.67
CA ASN YB 111 33.42 -119.83 -44.47
C ASN YB 111 34.32 -118.86 -45.21
N ALA YB 112 33.74 -117.82 -45.81
CA ALA YB 112 34.55 -116.83 -46.51
C ALA YB 112 35.48 -116.09 -45.55
N ALA YB 113 34.96 -115.70 -44.40
CA ALA YB 113 35.77 -114.97 -43.43
C ALA YB 113 36.89 -115.84 -42.87
N ALA YB 114 36.61 -117.12 -42.60
CA ALA YB 114 37.66 -118.03 -42.15
C ALA YB 114 38.70 -118.24 -43.23
N GLN YB 115 38.26 -118.34 -44.49
CA GLN YB 115 39.20 -118.45 -45.60
C GLN YB 115 40.14 -117.25 -45.63
N LEU YB 116 39.61 -116.05 -45.37
CA LEU YB 116 40.46 -114.86 -45.31
C LEU YB 116 41.09 -114.75 -43.93
N LEU YB 117 41.57 -115.88 -43.41
CA LEU YB 117 42.33 -115.88 -42.16
C LEU YB 117 43.53 -116.80 -42.27
N PHE YB 118 43.39 -117.89 -43.02
CA PHE YB 118 44.42 -118.91 -43.11
C PHE YB 118 44.88 -119.20 -44.52
N ASP YB 119 44.22 -118.65 -45.53
CA ASP YB 119 44.66 -118.83 -46.91
C ASP YB 119 46.05 -118.23 -47.09
N SER YB 120 46.91 -118.98 -47.78
CA SER YB 120 48.31 -118.57 -47.93
C SER YB 120 48.43 -117.27 -48.69
N ASP YB 121 47.41 -116.93 -49.48
CA ASP YB 121 47.41 -115.69 -50.26
C ASP YB 121 47.48 -114.48 -49.34
N TYR YB 122 46.70 -114.51 -48.26
CA TYR YB 122 46.73 -113.44 -47.27
C TYR YB 122 47.62 -113.79 -46.10
N SER YB 123 48.93 -113.89 -46.33
CA SER YB 123 49.86 -114.13 -45.24
C SER YB 123 50.70 -112.88 -45.00
N ASP YB 124 51.20 -112.28 -46.09
CA ASP YB 124 51.93 -111.03 -45.98
C ASP YB 124 51.06 -109.92 -45.42
N PHE YB 125 49.75 -109.99 -45.60
CA PHE YB 125 48.86 -108.98 -45.06
C PHE YB 125 48.74 -109.02 -43.54
N TRP YB 126 48.76 -110.22 -42.94
CA TRP YB 126 48.61 -110.32 -41.49
C TRP YB 126 49.94 -110.14 -40.77
N LYS YB 127 50.98 -110.84 -41.24
CA LYS YB 127 52.26 -110.80 -40.55
C LYS YB 127 53.10 -109.61 -41.01
N ALA YB 128 53.30 -109.46 -42.32
CA ALA YB 128 54.10 -108.36 -42.82
C ALA YB 128 53.31 -107.07 -42.93
N GLN YB 129 51.99 -107.11 -42.72
CA GLN YB 129 51.13 -105.94 -42.82
C GLN YB 129 51.23 -105.30 -44.21
N ALA YB 130 51.35 -106.14 -45.23
CA ALA YB 130 51.55 -105.71 -46.60
C ALA YB 130 50.23 -105.74 -47.36
N LEU YB 131 49.69 -104.57 -47.67
CA LEU YB 131 48.42 -104.46 -48.37
C LEU YB 131 48.48 -105.07 -49.77
N ALA YB 132 49.61 -104.93 -50.44
CA ALA YB 132 49.75 -105.48 -51.79
C ALA YB 132 51.20 -105.75 -52.16
N ALA ZB 1 31.33 -87.10 -94.06
CA ALA ZB 1 31.20 -86.22 -92.90
C ALA ZB 1 30.23 -86.79 -91.88
N ILE ZB 2 29.76 -85.94 -90.97
CA ILE ZB 2 28.88 -86.38 -89.89
C ILE ZB 2 27.56 -86.90 -90.45
N ALA ZB 3 26.97 -86.16 -91.39
CA ALA ZB 3 25.71 -86.57 -91.99
C ALA ZB 3 25.92 -87.84 -92.83
N ASN ZB 4 25.05 -88.83 -92.60
CA ASN ZB 4 25.09 -90.12 -93.31
C ASN ZB 4 26.41 -90.84 -93.08
N SER ZB 5 27.02 -90.62 -91.92
CA SER ZB 5 28.19 -91.39 -91.51
C SER ZB 5 27.73 -92.73 -90.95
N SER ZB 6 28.47 -93.79 -91.27
CA SER ZB 6 28.11 -95.13 -90.84
C SER ZB 6 28.99 -95.56 -89.67
N ILE ZB 7 28.36 -96.17 -88.67
CA ILE ZB 7 29.04 -96.70 -87.50
C ILE ZB 7 28.66 -98.16 -87.35
N ALA ZB 8 29.65 -99.03 -87.16
CA ALA ZB 8 29.41 -100.47 -87.03
C ALA ZB 8 29.19 -100.80 -85.57
N ILE ZB 9 27.94 -101.03 -85.20
CA ILE ZB 9 27.58 -101.30 -83.81
C ILE ZB 9 27.97 -102.73 -83.45
N ASP ZB 10 28.44 -102.92 -82.21
CA ASP ZB 10 28.84 -104.23 -81.68
C ASP ZB 10 29.95 -104.84 -82.54
N SER ZB 11 31.09 -104.16 -82.53
CA SER ZB 11 32.19 -104.51 -83.40
C SER ZB 11 33.47 -104.67 -82.60
N THR ZB 12 34.39 -105.48 -83.14
CA THR ZB 12 35.71 -105.60 -82.55
C THR ZB 12 36.61 -104.52 -83.15
N ALA ZB 13 37.29 -103.79 -82.27
CA ALA ZB 13 38.19 -102.70 -82.67
C ALA ZB 13 39.62 -103.20 -82.53
N SER ZB 14 40.30 -103.36 -83.66
CA SER ZB 14 41.70 -103.73 -83.65
C SER ZB 14 42.57 -102.48 -83.74
N VAL ZB 15 43.89 -102.68 -83.66
CA VAL ZB 15 44.83 -101.59 -83.88
C VAL ZB 15 46.16 -102.18 -84.34
N THR ZB 16 46.68 -101.69 -85.47
CA THR ZB 16 47.95 -102.17 -86.02
C THR ZB 16 48.73 -100.97 -86.55
N GLY ZB 17 49.51 -100.33 -85.68
CA GLY ZB 17 50.45 -99.33 -86.14
C GLY ZB 17 51.86 -99.50 -85.63
N GLY ZB 18 52.02 -100.22 -84.53
CA GLY ZB 18 53.31 -100.35 -83.89
C GLY ZB 18 53.54 -99.30 -82.82
N THR ZB 19 54.80 -99.11 -82.41
CA THR ZB 19 55.19 -98.16 -81.38
C THR ZB 19 54.45 -98.46 -80.06
N ALA ZB 20 54.72 -99.63 -79.52
CA ALA ZB 20 54.05 -100.08 -78.31
C ALA ZB 20 54.64 -99.41 -77.08
N ARG ZB 21 54.08 -98.26 -76.72
CA ARG ZB 21 54.51 -97.55 -75.53
C ARG ZB 21 53.96 -98.24 -74.28
N THR ZB 22 54.27 -97.66 -73.11
CA THR ZB 22 53.88 -98.23 -71.84
C THR ZB 22 53.32 -97.14 -70.94
N VAL ZB 23 52.14 -97.40 -70.37
CA VAL ZB 23 51.55 -96.49 -69.39
C VAL ZB 23 52.14 -96.83 -68.03
N LYS ZB 24 52.89 -95.89 -67.45
CA LYS ZB 24 53.47 -96.05 -66.13
C LYS ZB 24 52.77 -95.10 -65.18
N GLU ZB 25 52.34 -95.60 -64.03
CA GLU ZB 25 51.62 -94.75 -63.10
C GLU ZB 25 52.57 -93.83 -62.35
N LEU ZB 26 52.06 -92.66 -61.98
CA LEU ZB 26 52.86 -91.67 -61.27
C LEU ZB 26 52.39 -91.53 -59.83
N VAL ZB 27 51.14 -91.12 -59.60
CA VAL ZB 27 50.60 -90.93 -58.27
C VAL ZB 27 49.18 -91.52 -58.24
N ARG ZB 28 48.53 -91.38 -57.09
CA ARG ZB 28 47.19 -91.91 -56.94
C ARG ZB 28 46.17 -90.90 -56.42
N ASN ZB 29 46.60 -89.96 -55.57
CA ASN ZB 29 45.73 -89.06 -54.79
C ASN ZB 29 44.33 -89.63 -54.53
N ASN ZB 30 43.32 -88.76 -54.57
CA ASN ZB 30 41.99 -89.10 -54.06
C ASN ZB 30 41.17 -89.78 -55.16
N SER ZB 31 41.05 -91.10 -55.08
CA SER ZB 31 40.21 -91.89 -55.98
C SER ZB 31 40.54 -91.61 -57.43
N GLU ZB 32 41.84 -91.46 -57.70
CA GLU ZB 32 42.32 -91.07 -59.01
C GLU ZB 32 43.53 -91.94 -59.34
N LEU ZB 33 44.03 -91.80 -60.57
CA LEU ZB 33 45.25 -92.49 -60.96
C LEU ZB 33 45.95 -91.71 -62.06
N ASN ZB 34 46.97 -90.95 -61.71
CA ASN ZB 34 47.70 -90.17 -62.69
C ASN ZB 34 48.87 -90.99 -63.21
N ALA ZB 35 48.88 -91.24 -64.51
CA ALA ZB 35 49.93 -92.00 -65.16
C ALA ZB 35 50.56 -91.16 -66.27
N TYR ZB 36 51.47 -91.77 -67.03
CA TYR ZB 36 52.10 -91.11 -68.15
C TYR ZB 36 52.58 -92.16 -69.14
N ILE ZB 37 52.65 -91.77 -70.41
CA ILE ZB 37 53.08 -92.68 -71.46
C ILE ZB 37 54.58 -92.54 -71.64
N ASP ZB 38 55.29 -93.66 -71.57
CA ASP ZB 38 56.75 -93.65 -71.62
C ASP ZB 38 57.21 -93.78 -73.06
N GLU ZB 39 57.34 -92.63 -73.73
CA GLU ZB 39 57.86 -92.56 -75.08
C GLU ZB 39 59.28 -92.01 -75.15
N GLY ZB 40 59.91 -91.77 -74.01
CA GLY ZB 40 61.25 -91.24 -73.97
C GLY ZB 40 61.36 -89.73 -74.11
N LEU ZB 41 60.28 -88.98 -73.92
CA LEU ZB 41 60.30 -87.55 -74.08
C LEU ZB 41 60.87 -86.88 -72.83
N SER ZB 42 60.82 -85.56 -72.79
CA SER ZB 42 61.28 -84.82 -71.63
C SER ZB 42 60.30 -84.98 -70.47
N PHE ZB 43 60.67 -84.39 -69.33
CA PHE ZB 43 59.86 -84.54 -68.13
C PHE ZB 43 58.58 -83.73 -68.22
N GLN ZB 44 58.68 -82.47 -68.67
CA GLN ZB 44 57.50 -81.64 -68.88
C GLN ZB 44 57.09 -81.61 -70.34
N ALA ZB 45 57.37 -82.71 -71.07
CA ALA ZB 45 56.86 -82.85 -72.43
C ALA ZB 45 56.24 -84.22 -72.66
N ARG ZB 46 56.13 -85.05 -71.62
CA ARG ZB 46 55.54 -86.38 -71.76
C ARG ZB 46 54.03 -86.30 -71.78
N LYS ZB 47 53.38 -87.35 -72.27
CA LYS ZB 47 51.92 -87.40 -72.30
C LYS ZB 47 51.45 -88.10 -71.04
N GLU ZB 48 50.77 -87.37 -70.16
CA GLU ZB 48 50.22 -87.92 -68.92
C GLU ZB 48 48.73 -88.15 -69.11
N VAL ZB 49 48.27 -89.36 -68.78
CA VAL ZB 49 46.85 -89.66 -68.83
C VAL ZB 49 46.36 -89.96 -67.42
N ALA ZB 50 45.31 -89.28 -67.00
CA ALA ZB 50 44.73 -89.43 -65.67
C ALA ZB 50 43.42 -90.19 -65.73
N PHE ZB 51 43.28 -91.17 -64.83
CA PHE ZB 51 42.08 -91.98 -64.68
C PHE ZB 51 41.39 -91.61 -63.37
N SER ZB 52 40.07 -91.65 -63.37
CA SER ZB 52 39.32 -91.32 -62.15
C SER ZB 52 38.00 -92.05 -62.12
N VAL ZB 53 37.56 -92.42 -60.91
CA VAL ZB 53 36.29 -93.14 -60.73
C VAL ZB 53 35.41 -92.36 -59.76
N LYS ZB 54 34.11 -92.44 -60.00
CA LYS ZB 54 33.07 -91.80 -59.21
C LYS ZB 54 31.93 -92.81 -59.06
N VAL ZB 55 32.23 -93.92 -58.38
CA VAL ZB 55 31.32 -94.99 -58.01
C VAL ZB 55 30.00 -94.47 -57.46
N PRO ZB 56 28.90 -95.22 -57.59
CA PRO ZB 56 27.59 -94.69 -57.19
C PRO ZB 56 27.46 -94.52 -55.69
N LYS ZB 57 26.50 -93.68 -55.32
CA LYS ZB 57 26.20 -93.37 -53.92
C LYS ZB 57 24.70 -93.46 -53.73
N VAL ZB 58 24.27 -94.18 -52.69
CA VAL ZB 58 22.85 -94.47 -52.49
C VAL ZB 58 22.08 -93.19 -52.20
N SER ZB 59 21.23 -92.78 -53.13
CA SER ZB 59 20.39 -91.61 -52.98
C SER ZB 59 18.93 -92.04 -52.83
N VAL ZB 60 18.02 -91.08 -52.66
CA VAL ZB 60 16.59 -91.33 -52.66
C VAL ZB 60 15.95 -90.88 -53.96
N SER ZB 61 16.56 -89.93 -54.64
CA SER ZB 61 16.29 -89.51 -56.01
C SER ZB 61 16.92 -90.54 -56.95
N ALA ZB 62 17.18 -90.13 -58.20
CA ALA ZB 62 17.84 -91.01 -59.17
C ALA ZB 62 16.95 -92.19 -59.53
N PRO ZB 63 16.00 -91.98 -60.46
CA PRO ZB 63 14.94 -92.96 -60.69
C PRO ZB 63 15.46 -94.28 -61.23
N GLY ZB 64 15.80 -95.17 -60.29
CA GLY ZB 64 16.59 -96.35 -60.51
C GLY ZB 64 17.35 -96.67 -59.24
N GLY ZB 65 17.27 -95.75 -58.27
CA GLY ZB 65 17.73 -95.99 -56.93
C GLY ZB 65 18.83 -95.08 -56.45
N PHE ZB 66 19.85 -94.85 -57.28
CA PHE ZB 66 21.01 -94.06 -56.90
C PHE ZB 66 21.87 -93.71 -58.11
N THR ZB 67 22.75 -92.73 -57.90
CA THR ZB 67 23.45 -92.04 -58.98
C THR ZB 67 24.26 -92.99 -59.84
N GLN ZB 68 24.60 -92.53 -61.03
CA GLN ZB 68 25.37 -93.33 -61.98
C GLN ZB 68 26.82 -93.41 -61.56
N ALA ZB 69 27.52 -94.39 -62.14
CA ALA ZB 69 28.92 -94.64 -61.86
C ALA ZB 69 29.76 -94.04 -62.99
N ARG ZB 70 30.47 -92.95 -62.72
CA ARG ZB 70 31.19 -92.31 -63.80
C ARG ZB 70 32.69 -92.63 -63.78
N SER ZB 71 33.26 -92.75 -64.97
CA SER ZB 71 34.69 -93.06 -65.14
C SER ZB 71 35.27 -92.04 -66.12
N THR ZB 72 36.29 -91.32 -65.68
CA THR ZB 72 36.87 -90.27 -66.51
C THR ZB 72 38.32 -90.60 -66.88
N VAL ZB 73 38.68 -90.28 -68.12
CA VAL ZB 73 40.04 -90.40 -68.62
C VAL ZB 73 40.41 -89.10 -69.32
N ILE ZB 74 41.48 -88.45 -68.87
CA ILE ZB 74 41.97 -87.24 -69.51
C ILE ZB 74 43.39 -87.49 -70.01
N LEU ZB 75 43.60 -87.33 -71.31
CA LEU ZB 75 44.91 -87.50 -71.93
C LEU ZB 75 45.46 -86.11 -72.21
N LYS ZB 76 46.57 -85.78 -71.55
CA LYS ZB 76 47.19 -84.47 -71.71
C LYS ZB 76 48.43 -84.59 -72.56
N SER ZB 77 48.41 -84.00 -73.75
CA SER ZB 77 49.55 -83.98 -74.66
C SER ZB 77 50.12 -82.58 -74.70
N PRO ZB 78 51.32 -82.34 -74.19
CA PRO ZB 78 51.87 -80.99 -74.21
C PRO ZB 78 52.40 -80.62 -75.59
N LYS ZB 79 52.45 -79.32 -75.87
CA LYS ZB 79 52.86 -78.83 -77.17
C LYS ZB 79 53.52 -77.46 -77.01
N THR ZB 80 54.68 -77.29 -77.65
CA THR ZB 80 55.40 -76.02 -77.66
C THR ZB 80 54.97 -75.24 -78.89
N LEU ZB 81 54.46 -74.03 -78.67
CA LEU ZB 81 53.97 -73.22 -79.77
C LEU ZB 81 55.11 -72.46 -80.45
N ALA ZB 82 54.82 -71.90 -81.62
CA ALA ZB 82 55.82 -71.13 -82.35
C ALA ZB 82 56.24 -69.89 -81.59
N ASN ZB 83 55.28 -69.21 -80.93
CA ASN ZB 83 55.60 -68.03 -80.14
C ASN ZB 83 56.59 -68.35 -79.03
N GLY ZB 84 56.67 -69.60 -78.61
CA GLY ZB 84 57.68 -70.00 -77.66
C GLY ZB 84 57.12 -70.62 -76.39
N ASN ZB 85 55.93 -70.20 -75.99
CA ASN ZB 85 55.32 -70.72 -74.78
C ASN ZB 85 54.82 -72.14 -75.00
N ARG ZB 86 54.25 -72.71 -73.95
CA ARG ZB 86 53.83 -74.11 -73.91
C ARG ZB 86 52.35 -74.17 -73.54
N THR ZB 87 51.66 -75.12 -74.15
CA THR ZB 87 50.24 -75.33 -73.88
C THR ZB 87 50.01 -76.83 -73.82
N VAL ZB 88 48.83 -77.24 -73.35
CA VAL ZB 88 48.46 -78.65 -73.28
C VAL ZB 88 47.20 -78.86 -74.09
N ASN ZB 89 47.19 -79.90 -74.92
CA ASN ZB 89 46.03 -80.29 -75.71
C ASN ZB 89 45.46 -81.54 -75.04
N THR ZB 90 44.18 -81.48 -74.68
CA THR ZB 90 43.59 -82.52 -73.85
C THR ZB 90 42.48 -83.26 -74.57
N VAL ZB 91 42.29 -84.52 -74.17
CA VAL ZB 91 41.18 -85.34 -74.66
C VAL ZB 91 40.51 -86.00 -73.46
N SER ZB 92 39.40 -85.41 -72.99
CA SER ZB 92 38.69 -85.99 -71.86
C SER ZB 92 37.60 -86.94 -72.34
N ILE ZB 93 37.38 -88.00 -71.58
CA ILE ZB 93 36.36 -89.00 -71.88
C ILE ZB 93 35.67 -89.38 -70.58
N GLN ZB 94 34.33 -89.40 -70.58
CA GLN ZB 94 33.56 -89.72 -69.40
C GLN ZB 94 32.48 -90.75 -69.75
N LEU ZB 95 32.17 -91.62 -68.78
CA LEU ZB 95 31.30 -92.77 -68.97
C LEU ZB 95 30.24 -92.82 -67.86
N SER ZB 96 29.52 -91.72 -67.69
CA SER ZB 96 28.44 -91.67 -66.69
C SER ZB 96 27.33 -92.61 -67.16
N VAL ZB 97 27.30 -93.81 -66.58
CA VAL ZB 97 26.30 -94.82 -66.89
C VAL ZB 97 25.67 -95.33 -65.60
N ASP ZB 98 24.41 -95.71 -65.71
CA ASP ZB 98 23.66 -96.14 -64.53
C ASP ZB 98 24.23 -97.46 -64.02
N PRO ZB 99 24.38 -97.63 -62.70
CA PRO ZB 99 25.09 -98.80 -62.17
C PRO ZB 99 24.42 -100.13 -62.47
N GLU ZB 100 23.14 -100.15 -62.80
CA GLU ZB 100 22.46 -101.39 -63.18
C GLU ZB 100 22.82 -101.85 -64.58
N THR ZB 101 23.67 -101.10 -65.29
CA THR ZB 101 24.00 -101.43 -66.67
C THR ZB 101 24.88 -102.67 -66.74
N THR ZB 102 24.51 -103.57 -67.65
CA THR ZB 102 25.33 -104.75 -67.89
C THR ZB 102 26.60 -104.39 -68.63
N ALA ZB 103 27.58 -105.28 -68.57
CA ALA ZB 103 28.87 -105.05 -69.20
C ALA ZB 103 28.81 -105.17 -70.71
N ALA ZB 104 27.86 -105.93 -71.25
CA ALA ZB 104 27.75 -106.04 -72.70
C ALA ZB 104 27.34 -104.71 -73.33
N GLU ZB 105 26.36 -104.02 -72.74
CA GLU ZB 105 25.95 -102.74 -73.27
C GLU ZB 105 27.03 -101.69 -73.05
N VAL ZB 106 27.78 -101.79 -71.96
CA VAL ZB 106 28.93 -100.90 -71.75
C VAL ZB 106 29.96 -101.11 -72.85
N THR ZB 107 30.24 -102.37 -73.19
CA THR ZB 107 31.16 -102.66 -74.29
C THR ZB 107 30.63 -102.10 -75.60
N THR ZB 108 29.33 -102.24 -75.84
CA THR ZB 108 28.71 -101.68 -77.05
C THR ZB 108 28.93 -100.18 -77.11
N MET ZB 109 28.68 -99.48 -76.00
CA MET ZB 109 28.83 -98.03 -75.94
C MET ZB 109 30.29 -97.63 -76.15
N LEU ZB 110 31.21 -98.38 -75.53
CA LEU ZB 110 32.62 -98.05 -75.66
C LEU ZB 110 33.10 -98.24 -77.09
N ASN ZB 111 32.64 -99.30 -77.75
CA ASN ZB 111 33.00 -99.51 -79.15
C ASN ZB 111 32.40 -98.44 -80.05
N ALA ZB 112 31.14 -98.05 -79.79
CA ALA ZB 112 30.50 -97.03 -80.60
C ALA ZB 112 31.19 -95.68 -80.44
N ALA ZB 113 31.52 -95.30 -79.20
CA ALA ZB 113 32.24 -94.06 -78.94
C ALA ZB 113 33.65 -94.07 -79.50
N ALA ZB 114 34.38 -95.18 -79.31
CA ALA ZB 114 35.72 -95.26 -79.86
C ALA ZB 114 35.72 -95.47 -81.37
N GLN ZB 115 34.56 -95.83 -81.94
CA GLN ZB 115 34.44 -95.86 -83.39
C GLN ZB 115 34.47 -94.46 -83.99
N LEU ZB 116 34.01 -93.47 -83.26
CA LEU ZB 116 34.36 -92.09 -83.50
C LEU ZB 116 35.83 -91.91 -83.13
N LEU ZB 117 36.38 -90.74 -83.45
CA LEU ZB 117 37.78 -90.39 -83.16
C LEU ZB 117 38.78 -91.12 -84.06
N PHE ZB 118 38.34 -92.12 -84.83
CA PHE ZB 118 39.27 -92.68 -85.80
C PHE ZB 118 38.59 -92.99 -87.12
N ASP ZB 119 37.27 -92.81 -87.18
CA ASP ZB 119 36.57 -92.99 -88.43
C ASP ZB 119 36.88 -91.81 -89.36
N SER ZB 120 36.95 -92.11 -90.66
CA SER ZB 120 37.28 -91.08 -91.63
C SER ZB 120 36.22 -90.01 -91.75
N ASP ZB 121 34.96 -90.32 -91.44
CA ASP ZB 121 33.89 -89.35 -91.59
C ASP ZB 121 34.07 -88.17 -90.65
N TYR ZB 122 34.57 -88.42 -89.44
CA TYR ZB 122 34.68 -87.40 -88.41
C TYR ZB 122 36.04 -86.73 -88.38
N SER ZB 123 36.92 -87.03 -89.33
CA SER ZB 123 38.23 -86.40 -89.41
C SER ZB 123 38.12 -84.88 -89.44
N ASP ZB 124 37.25 -84.37 -90.33
CA ASP ZB 124 37.11 -82.92 -90.47
C ASP ZB 124 36.47 -82.31 -89.22
N PHE ZB 125 35.56 -83.03 -88.58
CA PHE ZB 125 34.95 -82.53 -87.35
C PHE ZB 125 35.99 -82.38 -86.24
N TRP ZB 126 36.84 -83.39 -86.07
CA TRP ZB 126 37.84 -83.34 -85.02
C TRP ZB 126 38.97 -82.38 -85.34
N LYS ZB 127 39.27 -82.15 -86.62
CA LYS ZB 127 40.43 -81.34 -86.99
C LYS ZB 127 40.03 -79.90 -87.31
N ALA ZB 128 39.17 -79.67 -88.28
CA ALA ZB 128 38.78 -78.32 -88.68
C ALA ZB 128 37.47 -77.86 -88.04
N GLN ZB 129 36.86 -78.68 -87.18
CA GLN ZB 129 35.60 -78.36 -86.52
C GLN ZB 129 34.46 -78.21 -87.52
N ALA ZB 130 34.51 -79.01 -88.58
CA ALA ZB 130 33.50 -78.98 -89.64
C ALA ZB 130 32.27 -79.76 -89.16
N LEU ZB 131 31.39 -79.04 -88.45
CA LEU ZB 131 30.12 -79.61 -88.02
C LEU ZB 131 29.28 -80.02 -89.21
N ALA ZB 132 28.91 -79.04 -90.04
CA ALA ZB 132 28.20 -79.31 -91.26
C ALA ZB 132 29.19 -79.68 -92.35
N ALA AC 1 -14.97 42.72 -122.19
CA ALA AC 1 -15.34 43.89 -122.97
C ALA AC 1 -15.04 45.16 -122.18
N ILE AC 2 -14.68 44.99 -120.91
CA ILE AC 2 -14.15 46.09 -120.11
C ILE AC 2 -12.66 46.18 -120.41
N ALA AC 3 -12.32 46.95 -121.44
CA ALA AC 3 -10.93 47.06 -121.87
C ALA AC 3 -10.79 48.35 -122.67
N ASN AC 4 -10.86 48.25 -123.99
CA ASN AC 4 -10.99 49.44 -124.80
C ASN AC 4 -12.45 49.66 -125.18
N SER AC 5 -13.29 49.92 -124.18
CA SER AC 5 -14.71 50.18 -124.38
C SER AC 5 -14.92 51.62 -124.86
N SER AC 6 -16.15 52.10 -124.79
CA SER AC 6 -16.42 53.49 -125.13
C SER AC 6 -17.63 53.98 -124.35
N ILE AC 7 -17.53 55.19 -123.82
CA ILE AC 7 -18.60 55.80 -123.05
C ILE AC 7 -18.65 57.29 -123.37
N ALA AC 8 -19.85 57.80 -123.66
CA ALA AC 8 -20.02 59.22 -123.92
C ALA AC 8 -20.13 59.97 -122.60
N ILE AC 9 -19.31 60.99 -122.43
CA ILE AC 9 -19.29 61.79 -121.21
C ILE AC 9 -19.95 63.13 -121.49
N ASP AC 10 -20.81 63.57 -120.57
CA ASP AC 10 -21.61 64.79 -120.73
C ASP AC 10 -22.52 64.68 -121.95
N SER AC 11 -23.39 63.69 -121.93
CA SER AC 11 -24.31 63.41 -123.02
C SER AC 11 -25.71 63.14 -122.47
N THR AC 12 -26.71 63.33 -123.32
CA THR AC 12 -28.09 63.10 -122.95
C THR AC 12 -28.50 61.67 -123.31
N ALA AC 13 -29.16 61.01 -122.37
CA ALA AC 13 -29.64 59.65 -122.54
C ALA AC 13 -31.14 59.65 -122.79
N SER AC 14 -31.60 58.71 -123.62
CA SER AC 14 -32.99 58.65 -124.02
C SER AC 14 -33.44 57.19 -124.03
N VAL AC 15 -34.75 57.01 -124.09
CA VAL AC 15 -35.37 55.69 -124.05
C VAL AC 15 -36.47 55.65 -125.11
N THR AC 16 -36.48 54.59 -125.91
CA THR AC 16 -37.51 54.38 -126.92
C THR AC 16 -38.16 53.01 -126.73
N GLY AC 17 -39.44 52.94 -127.08
CA GLY AC 17 -40.15 51.68 -127.00
C GLY AC 17 -40.51 51.29 -125.58
N GLY AC 18 -40.71 50.00 -125.36
CA GLY AC 18 -41.10 49.49 -124.06
C GLY AC 18 -42.54 49.82 -123.73
N THR AC 19 -42.89 49.60 -122.47
CA THR AC 19 -44.24 49.84 -121.97
C THR AC 19 -44.14 50.76 -120.77
N ALA AC 20 -44.66 51.99 -120.91
CA ALA AC 20 -44.64 52.97 -119.84
C ALA AC 20 -45.45 52.51 -118.65
N ARG AC 21 -44.79 52.19 -117.54
CA ARG AC 21 -45.45 51.80 -116.31
C ARG AC 21 -45.58 53.03 -115.41
N THR AC 22 -45.96 52.81 -114.15
CA THR AC 22 -46.12 53.92 -113.20
C THR AC 22 -45.62 53.47 -111.84
N VAL AC 23 -44.89 54.34 -111.16
CA VAL AC 23 -44.31 54.03 -109.86
C VAL AC 23 -45.31 54.51 -108.81
N LYS AC 24 -46.04 53.57 -108.23
CA LYS AC 24 -47.03 53.90 -107.20
C LYS AC 24 -46.37 53.88 -105.83
N GLU AC 25 -46.53 54.96 -105.09
CA GLU AC 25 -45.88 55.13 -103.80
C GLU AC 25 -46.67 54.42 -102.70
N LEU AC 26 -45.95 53.71 -101.83
CA LEU AC 26 -46.60 52.84 -100.85
C LEU AC 26 -46.43 53.45 -99.47
N VAL AC 27 -45.20 53.63 -98.99
CA VAL AC 27 -44.94 54.13 -97.64
C VAL AC 27 -43.76 55.09 -97.70
N ARG AC 28 -43.85 56.17 -96.95
CA ARG AC 28 -42.85 57.23 -96.94
C ARG AC 28 -42.49 57.49 -95.48
N ASN AC 29 -41.39 56.89 -95.01
CA ASN AC 29 -41.04 57.00 -93.60
C ASN AC 29 -39.55 56.78 -93.40
N ASN AC 30 -39.04 57.32 -92.30
CA ASN AC 30 -37.67 57.08 -91.83
C ASN AC 30 -36.65 57.35 -92.93
N SER AC 31 -36.82 58.46 -93.64
CA SER AC 31 -35.94 58.85 -94.75
C SER AC 31 -36.00 57.84 -95.89
N GLU AC 32 -37.07 57.06 -95.97
CA GLU AC 32 -37.23 56.03 -96.97
C GLU AC 32 -38.59 56.18 -97.64
N LEU AC 33 -38.65 55.86 -98.93
CA LEU AC 33 -39.87 55.88 -99.73
C LEU AC 33 -39.95 54.52 -100.42
N ASN AC 34 -40.87 53.69 -99.95
CA ASN AC 34 -41.15 52.42 -100.60
C ASN AC 34 -42.22 52.61 -101.67
N ALA AC 35 -41.99 52.05 -102.85
CA ALA AC 35 -42.95 52.15 -103.94
C ALA AC 35 -42.89 50.87 -104.74
N TYR AC 36 -43.79 50.75 -105.72
CA TYR AC 36 -43.82 49.57 -106.57
C TYR AC 36 -44.15 50.00 -107.99
N ILE AC 37 -43.54 49.31 -108.95
CA ILE AC 37 -43.84 49.54 -110.36
C ILE AC 37 -45.10 48.76 -110.69
N ASP AC 38 -46.04 49.42 -111.34
CA ASP AC 38 -47.36 48.85 -111.60
C ASP AC 38 -47.36 48.28 -113.01
N GLU AC 39 -47.29 46.95 -113.10
CA GLU AC 39 -47.38 46.24 -114.37
C GLU AC 39 -48.59 45.33 -114.43
N GLY AC 40 -49.53 45.46 -113.51
CA GLY AC 40 -50.67 44.57 -113.45
C GLY AC 40 -50.26 43.15 -113.11
N LEU AC 41 -49.41 42.99 -112.11
CA LEU AC 41 -48.92 41.70 -111.66
C LEU AC 41 -49.49 41.40 -110.28
N SER AC 42 -49.21 40.19 -109.80
CA SER AC 42 -49.65 39.80 -108.47
C SER AC 42 -48.74 40.44 -107.43
N PHE AC 43 -49.18 40.43 -106.17
CA PHE AC 43 -48.40 41.01 -105.09
C PHE AC 43 -47.08 40.30 -104.87
N GLN AC 44 -47.05 38.97 -105.04
CA GLN AC 44 -45.83 38.20 -104.84
C GLN AC 44 -44.81 38.38 -105.95
N ALA AC 45 -45.21 38.91 -107.11
CA ALA AC 45 -44.25 39.28 -108.14
C ALA AC 45 -44.55 40.71 -108.57
N ARG AC 46 -44.04 41.67 -107.79
CA ARG AC 46 -44.14 43.09 -108.10
C ARG AC 46 -42.78 43.59 -108.57
N LYS AC 47 -42.55 44.89 -108.70
CA LYS AC 47 -41.24 45.42 -108.99
C LYS AC 47 -40.91 46.51 -107.97
N GLU AC 48 -41.04 46.17 -106.69
CA GLU AC 48 -40.85 47.14 -105.61
C GLU AC 48 -39.49 47.84 -105.73
N VAL AC 49 -39.50 49.15 -105.51
CA VAL AC 49 -38.31 49.98 -105.53
C VAL AC 49 -38.32 50.89 -104.31
N ALA AC 50 -37.19 50.95 -103.62
CA ALA AC 50 -37.03 51.74 -102.41
C ALA AC 50 -36.02 52.87 -102.64
N PHE AC 51 -36.43 54.10 -102.32
CA PHE AC 51 -35.60 55.29 -102.42
C PHE AC 51 -35.22 55.71 -101.01
N SER AC 52 -33.94 55.90 -100.76
CA SER AC 52 -33.47 56.28 -99.43
C SER AC 52 -32.51 57.47 -99.56
N VAL AC 53 -32.51 58.31 -98.53
CA VAL AC 53 -31.69 59.51 -98.52
C VAL AC 53 -30.96 59.59 -97.18
N LYS AC 54 -29.67 59.93 -97.24
CA LYS AC 54 -28.79 60.07 -96.09
C LYS AC 54 -28.15 61.45 -96.18
N VAL AC 55 -28.67 62.39 -95.40
CA VAL AC 55 -28.27 63.80 -95.45
C VAL AC 55 -26.92 64.00 -94.78
N PRO AC 56 -26.13 64.99 -95.21
CA PRO AC 56 -24.84 65.22 -94.56
C PRO AC 56 -24.98 65.84 -93.18
N LYS AC 57 -24.03 65.51 -92.31
CA LYS AC 57 -23.93 66.09 -90.98
C LYS AC 57 -22.54 66.67 -90.77
N VAL AC 58 -22.46 67.63 -89.85
CA VAL AC 58 -21.19 68.31 -89.59
C VAL AC 58 -20.21 67.32 -88.99
N SER AC 59 -18.94 67.44 -89.38
CA SER AC 59 -17.87 66.58 -88.89
C SER AC 59 -16.61 67.42 -88.68
N VAL AC 60 -15.56 66.78 -88.17
CA VAL AC 60 -14.27 67.40 -88.05
C VAL AC 60 -13.26 66.84 -89.05
N SER AC 61 -13.33 65.54 -89.33
CA SER AC 61 -12.67 64.89 -90.44
C SER AC 61 -13.48 65.18 -91.70
N ALA AC 62 -13.30 64.35 -92.74
CA ALA AC 62 -14.08 64.51 -93.96
C ALA AC 62 -13.77 65.83 -94.64
N PRO AC 63 -12.70 65.90 -95.43
CA PRO AC 63 -12.00 67.16 -95.67
C PRO AC 63 -12.85 68.19 -96.41
N GLY AC 64 -13.58 68.98 -95.64
CA GLY AC 64 -14.62 69.86 -96.12
C GLY AC 64 -15.72 70.02 -95.09
N GLY AC 65 -15.63 69.23 -94.02
CA GLY AC 65 -16.42 69.47 -92.83
C GLY AC 65 -17.64 68.59 -92.66
N PHE AC 66 -18.17 68.07 -93.76
CA PHE AC 66 -19.39 67.27 -93.69
C PHE AC 66 -19.18 65.90 -94.32
N THR AC 67 -19.92 64.93 -93.80
CA THR AC 67 -20.03 63.64 -94.45
C THR AC 67 -20.73 63.80 -95.78
N GLN AC 68 -20.63 62.76 -96.61
CA GLN AC 68 -21.20 62.85 -97.94
C GLN AC 68 -22.71 62.64 -97.91
N ALA AC 69 -23.40 63.28 -98.86
CA ALA AC 69 -24.83 63.08 -99.05
C ALA AC 69 -25.01 61.83 -99.90
N ARG AC 70 -25.77 60.87 -99.38
CA ARG AC 70 -25.99 59.60 -100.07
C ARG AC 70 -27.43 59.47 -100.51
N SER AC 71 -27.62 58.93 -101.72
CA SER AC 71 -28.95 58.66 -102.27
C SER AC 71 -28.91 57.24 -102.81
N THR AC 72 -29.77 56.38 -102.28
CA THR AC 72 -29.75 54.98 -102.64
C THR AC 72 -31.08 54.57 -103.26
N VAL AC 73 -31.01 53.80 -104.34
CA VAL AC 73 -32.19 53.22 -104.95
C VAL AC 73 -32.00 51.72 -105.06
N ILE AC 74 -32.93 50.95 -104.49
CA ILE AC 74 -32.90 49.50 -104.64
C ILE AC 74 -34.14 49.05 -105.38
N LEU AC 75 -33.94 48.38 -106.51
CA LEU AC 75 -35.02 47.81 -107.31
C LEU AC 75 -35.04 46.30 -107.05
N LYS AC 76 -36.19 45.79 -106.62
CA LYS AC 76 -36.32 44.37 -106.34
C LYS AC 76 -37.16 43.69 -107.42
N SER AC 77 -36.66 42.56 -107.92
CA SER AC 77 -37.32 41.83 -109.00
C SER AC 77 -37.53 40.39 -108.56
N PRO AC 78 -38.73 40.04 -108.09
CA PRO AC 78 -39.00 38.65 -107.71
C PRO AC 78 -38.92 37.67 -108.87
N LYS AC 79 -38.16 36.60 -108.69
CA LYS AC 79 -38.07 35.51 -109.64
C LYS AC 79 -38.58 34.23 -108.99
N THR AC 80 -39.29 33.41 -109.77
CA THR AC 80 -39.75 32.11 -109.35
C THR AC 80 -38.89 31.05 -110.02
N LEU AC 81 -38.34 30.14 -109.23
CA LEU AC 81 -37.36 29.19 -109.71
C LEU AC 81 -38.04 27.93 -110.23
N ALA AC 82 -37.23 27.01 -110.75
CA ALA AC 82 -37.77 25.77 -111.31
C ALA AC 82 -38.46 24.94 -110.23
N ASN AC 83 -37.83 24.80 -109.07
CA ASN AC 83 -38.43 24.04 -107.99
C ASN AC 83 -39.69 24.73 -107.46
N GLY AC 84 -39.67 26.07 -107.42
CA GLY AC 84 -40.85 26.81 -107.01
C GLY AC 84 -40.61 27.77 -105.88
N ASN AC 85 -39.42 27.76 -105.31
CA ASN AC 85 -39.07 28.75 -104.30
C ASN AC 85 -38.97 30.13 -104.94
N ARG AC 86 -39.31 31.15 -104.16
CA ARG AC 86 -39.27 32.53 -104.62
C ARG AC 86 -38.00 33.21 -104.13
N THR AC 87 -37.24 33.79 -105.06
CA THR AC 87 -36.08 34.60 -104.73
C THR AC 87 -36.35 36.01 -105.20
N VAL AC 88 -35.61 36.97 -104.64
CA VAL AC 88 -35.68 38.36 -105.06
C VAL AC 88 -34.32 38.75 -105.61
N ASN AC 89 -34.31 39.27 -106.84
CA ASN AC 89 -33.09 39.74 -107.49
C ASN AC 89 -33.12 41.27 -107.45
N THR AC 90 -32.04 41.86 -106.96
CA THR AC 90 -32.02 43.29 -106.68
C THR AC 90 -30.95 44.02 -107.48
N VAL AC 91 -31.19 45.31 -107.70
CA VAL AC 91 -30.17 46.23 -108.21
C VAL AC 91 -30.08 47.42 -107.27
N SER AC 92 -28.89 47.66 -106.71
CA SER AC 92 -28.68 48.80 -105.85
C SER AC 92 -27.91 49.88 -106.58
N ILE AC 93 -28.33 51.14 -106.39
CA ILE AC 93 -27.66 52.29 -106.97
C ILE AC 93 -27.49 53.29 -105.84
N GLN AC 94 -26.25 53.48 -105.40
CA GLN AC 94 -25.94 54.41 -104.31
C GLN AC 94 -24.99 55.47 -104.82
N LEU AC 95 -25.41 56.73 -104.70
CA LEU AC 95 -24.60 57.88 -105.11
C LEU AC 95 -24.22 58.66 -103.85
N SER AC 96 -22.92 58.82 -103.63
CA SER AC 96 -22.40 59.57 -102.50
C SER AC 96 -21.62 60.77 -103.05
N VAL AC 97 -22.11 61.97 -102.79
CA VAL AC 97 -21.43 63.18 -103.26
C VAL AC 97 -21.14 64.09 -102.08
N ASP AC 98 -19.98 64.74 -102.12
CA ASP AC 98 -19.69 65.79 -101.17
C ASP AC 98 -20.68 66.94 -101.38
N PRO AC 99 -21.13 67.59 -100.31
CA PRO AC 99 -22.14 68.66 -100.46
C PRO AC 99 -21.66 69.83 -101.30
N GLU AC 100 -20.35 70.02 -101.49
CA GLU AC 100 -19.87 71.08 -102.37
C GLU AC 100 -20.11 70.78 -103.84
N THR AC 101 -20.48 69.55 -104.19
CA THR AC 101 -20.58 69.14 -105.58
C THR AC 101 -21.72 69.86 -106.29
N THR AC 102 -21.43 70.40 -107.46
CA THR AC 102 -22.42 71.12 -108.25
C THR AC 102 -23.36 70.15 -108.94
N ALA AC 103 -24.45 70.69 -109.49
CA ALA AC 103 -25.44 69.85 -110.14
C ALA AC 103 -24.93 69.30 -111.47
N ALA AC 104 -24.05 70.04 -112.15
CA ALA AC 104 -23.47 69.54 -113.39
C ALA AC 104 -22.56 68.34 -113.16
N GLU AC 105 -21.76 68.38 -112.09
CA GLU AC 105 -20.91 67.23 -111.77
C GLU AC 105 -21.73 66.01 -111.39
N VAL AC 106 -22.87 66.21 -110.72
CA VAL AC 106 -23.75 65.09 -110.42
C VAL AC 106 -24.41 64.56 -111.67
N THR AC 107 -24.81 65.45 -112.58
CA THR AC 107 -25.41 65.01 -113.84
C THR AC 107 -24.43 64.19 -114.66
N THR AC 108 -23.16 64.62 -114.71
CA THR AC 108 -22.16 63.87 -115.45
C THR AC 108 -21.98 62.47 -114.88
N MET AC 109 -21.90 62.36 -113.55
CA MET AC 109 -21.76 61.06 -112.91
C MET AC 109 -22.96 60.17 -113.18
N LEU AC 110 -24.17 60.74 -113.07
CA LEU AC 110 -25.38 59.98 -113.30
C LEU AC 110 -25.43 59.45 -114.73
N ASN AC 111 -25.08 60.30 -115.69
CA ASN AC 111 -25.13 59.88 -117.09
C ASN AC 111 -24.09 58.83 -117.41
N ALA AC 112 -22.86 58.98 -116.88
CA ALA AC 112 -21.84 57.96 -117.11
C ALA AC 112 -22.21 56.64 -116.46
N ALA AC 113 -22.74 56.68 -115.23
CA ALA AC 113 -23.16 55.47 -114.56
C ALA AC 113 -24.32 54.79 -115.28
N ALA AC 114 -25.17 55.58 -115.94
CA ALA AC 114 -26.29 54.99 -116.69
C ALA AC 114 -25.77 54.13 -117.83
N GLN AC 115 -24.85 54.65 -118.64
CA GLN AC 115 -24.25 53.85 -119.70
C GLN AC 115 -23.38 52.73 -119.16
N LEU AC 116 -22.87 52.86 -117.94
CA LEU AC 116 -22.09 51.76 -117.36
C LEU AC 116 -22.93 50.49 -117.23
N LEU AC 117 -24.26 50.61 -117.16
CA LEU AC 117 -25.10 49.43 -116.97
C LEU AC 117 -26.12 49.26 -118.11
N PHE AC 118 -25.95 49.95 -119.22
CA PHE AC 118 -26.73 49.59 -120.41
C PHE AC 118 -25.93 49.54 -121.70
N ASP AC 119 -24.67 49.94 -121.72
CA ASP AC 119 -23.85 49.82 -122.93
C ASP AC 119 -23.61 48.36 -123.27
N SER AC 120 -23.47 48.08 -124.58
CA SER AC 120 -23.52 46.71 -125.06
C SER AC 120 -22.31 45.90 -124.62
N ASP AC 121 -21.17 46.55 -124.37
CA ASP AC 121 -19.97 45.84 -123.96
C ASP AC 121 -20.15 45.21 -122.59
N TYR AC 122 -20.53 46.02 -121.62
CA TYR AC 122 -20.66 45.57 -120.24
C TYR AC 122 -21.76 44.53 -120.10
N SER AC 123 -22.46 44.25 -121.19
CA SER AC 123 -23.41 43.14 -121.20
C SER AC 123 -22.73 41.84 -120.78
N ASP AC 124 -21.48 41.64 -121.17
CA ASP AC 124 -20.79 40.44 -120.72
C ASP AC 124 -20.45 40.48 -119.23
N PHE AC 125 -20.23 41.65 -118.67
CA PHE AC 125 -19.89 41.76 -117.26
C PHE AC 125 -21.10 41.55 -116.35
N TRP AC 126 -22.27 42.09 -116.72
CA TRP AC 126 -23.46 41.97 -115.89
C TRP AC 126 -24.10 40.59 -115.97
N LYS AC 127 -24.15 39.99 -117.16
CA LYS AC 127 -24.80 38.71 -117.35
C LYS AC 127 -23.83 37.54 -117.18
N ALA AC 128 -22.76 37.51 -117.97
CA ALA AC 128 -21.81 36.42 -117.90
C ALA AC 128 -20.84 36.56 -116.74
N GLN AC 129 -20.82 37.69 -116.05
CA GLN AC 129 -19.93 37.94 -114.93
C GLN AC 129 -18.47 37.85 -115.38
N ALA AC 130 -18.21 38.37 -116.58
CA ALA AC 130 -16.93 38.24 -117.26
C ALA AC 130 -16.17 39.56 -117.18
N LEU AC 131 -15.05 39.57 -116.46
CA LEU AC 131 -14.26 40.78 -116.28
C LEU AC 131 -13.59 41.21 -117.57
N ALA AC 132 -13.18 40.27 -118.41
CA ALA AC 132 -12.59 40.64 -119.69
C ALA AC 132 -13.09 39.74 -120.81
N ALA BC 1 -41.97 63.77 -109.03
CA ALA BC 1 -40.76 63.02 -108.71
C ALA BC 1 -41.08 61.56 -108.42
N ILE BC 2 -40.55 61.05 -107.31
CA ILE BC 2 -40.90 59.70 -106.89
C ILE BC 2 -42.28 59.73 -106.27
N ALA BC 3 -43.29 59.35 -107.06
CA ALA BC 3 -44.68 59.45 -106.64
C ALA BC 3 -45.60 58.92 -107.73
N ASN BC 4 -45.50 59.49 -108.93
CA ASN BC 4 -46.31 59.08 -110.08
C ASN BC 4 -45.47 58.99 -111.34
N SER BC 5 -44.15 58.83 -111.18
CA SER BC 5 -43.25 58.81 -112.32
C SER BC 5 -43.46 57.55 -113.15
N SER BC 6 -43.21 57.68 -114.46
CA SER BC 6 -43.38 56.60 -115.42
C SER BC 6 -42.02 56.08 -115.83
N ILE BC 7 -41.87 54.76 -115.85
CA ILE BC 7 -40.64 54.11 -116.30
C ILE BC 7 -40.99 53.11 -117.40
N ALA BC 8 -40.29 53.20 -118.53
CA ALA BC 8 -40.59 52.36 -119.69
C ALA BC 8 -39.91 51.01 -119.53
N ILE BC 9 -40.66 50.02 -119.08
CA ILE BC 9 -40.11 48.68 -118.86
C ILE BC 9 -39.84 48.01 -120.21
N ASP BC 10 -38.70 47.33 -120.30
CA ASP BC 10 -38.29 46.59 -121.49
C ASP BC 10 -38.22 47.49 -122.73
N SER BC 11 -37.62 48.66 -122.55
CA SER BC 11 -37.37 49.60 -123.63
C SER BC 11 -35.89 49.55 -124.02
N THR BC 12 -35.52 50.40 -124.97
CA THR BC 12 -34.14 50.50 -125.42
C THR BC 12 -33.60 51.88 -125.05
N ALA BC 13 -32.48 51.90 -124.33
CA ALA BC 13 -31.87 53.14 -123.88
C ALA BC 13 -30.65 53.44 -124.74
N SER BC 14 -30.55 54.69 -125.19
CA SER BC 14 -29.46 55.13 -126.06
C SER BC 14 -28.88 56.44 -125.54
N VAL BC 15 -27.86 56.92 -126.22
CA VAL BC 15 -27.13 58.13 -125.86
C VAL BC 15 -26.84 58.94 -127.12
N THR BC 16 -27.00 60.26 -127.02
CA THR BC 16 -26.66 61.17 -128.11
C THR BC 16 -25.80 62.30 -127.57
N GLY BC 17 -24.96 62.87 -128.44
CA GLY BC 17 -24.08 63.94 -128.02
C GLY BC 17 -22.93 63.42 -127.17
N GLY BC 18 -22.23 64.37 -126.55
CA GLY BC 18 -21.15 64.05 -125.65
C GLY BC 18 -19.85 63.72 -126.35
N THR BC 19 -18.84 63.44 -125.53
CA THR BC 19 -17.53 63.02 -125.99
C THR BC 19 -17.31 61.54 -125.66
N ALA BC 20 -16.81 60.79 -126.64
CA ALA BC 20 -16.61 59.35 -126.51
C ALA BC 20 -15.22 59.12 -125.93
N ARG BC 21 -15.18 58.64 -124.68
CA ARG BC 21 -13.92 58.28 -124.05
C ARG BC 21 -13.75 56.76 -124.08
N THR BC 22 -12.49 56.32 -123.94
CA THR BC 22 -12.15 54.94 -124.24
C THR BC 22 -12.29 54.02 -123.03
N VAL BC 23 -11.94 54.51 -121.84
CA VAL BC 23 -11.84 53.69 -120.63
C VAL BC 23 -10.65 52.75 -120.81
N LYS BC 24 -9.68 52.81 -119.89
CA LYS BC 24 -8.45 52.04 -119.99
C LYS BC 24 -8.23 51.30 -118.68
N GLU BC 25 -7.93 50.01 -118.78
CA GLU BC 25 -7.71 49.21 -117.58
C GLU BC 25 -6.39 49.57 -116.92
N LEU BC 26 -6.42 49.72 -115.60
CA LEU BC 26 -5.21 49.99 -114.82
C LEU BC 26 -4.60 48.72 -114.25
N VAL BC 27 -5.35 48.06 -113.36
CA VAL BC 27 -4.84 46.95 -112.58
C VAL BC 27 -5.94 45.88 -112.52
N ARG BC 28 -5.50 44.63 -112.44
CA ARG BC 28 -6.39 43.49 -112.44
C ARG BC 28 -6.10 42.64 -111.21
N ASN BC 29 -6.81 41.52 -111.08
CA ASN BC 29 -6.57 40.52 -110.05
C ASN BC 29 -7.02 41.00 -108.67
N ASN BC 30 -7.81 40.19 -107.98
CA ASN BC 30 -8.39 38.99 -108.55
C ASN BC 30 -9.90 39.06 -108.40
N SER BC 31 -10.62 38.75 -109.48
CA SER BC 31 -12.06 38.98 -109.56
C SER BC 31 -12.37 40.45 -109.29
N GLU BC 32 -11.49 41.32 -109.78
CA GLU BC 32 -11.60 42.76 -109.58
C GLU BC 32 -10.82 43.50 -110.66
N LEU BC 33 -11.53 44.22 -111.53
CA LEU BC 33 -10.87 45.06 -112.52
C LEU BC 33 -10.85 46.51 -112.06
N ASN BC 34 -9.79 47.21 -112.42
CA ASN BC 34 -9.67 48.65 -112.19
C ASN BC 34 -9.35 49.32 -113.51
N ALA BC 35 -10.16 50.30 -113.89
CA ALA BC 35 -9.97 51.01 -115.15
C ALA BC 35 -10.04 52.50 -114.86
N TYR BC 36 -9.93 53.31 -115.91
CA TYR BC 36 -10.10 54.74 -115.77
C TYR BC 36 -10.58 55.29 -117.10
N ILE BC 37 -11.44 56.31 -117.04
CA ILE BC 37 -11.95 56.95 -118.24
C ILE BC 37 -10.97 58.03 -118.67
N ASP BC 38 -10.37 57.86 -119.83
CA ASP BC 38 -9.32 58.76 -120.31
C ASP BC 38 -9.94 59.94 -121.02
N GLU BC 39 -9.90 61.12 -120.40
CA GLU BC 39 -10.40 62.35 -120.99
C GLU BC 39 -9.29 63.40 -121.08
N GLY BC 40 -8.04 62.95 -121.11
CA GLY BC 40 -6.92 63.88 -121.10
C GLY BC 40 -6.83 64.69 -119.83
N LEU BC 41 -7.08 64.08 -118.68
CA LEU BC 41 -7.02 64.74 -117.40
C LEU BC 41 -5.78 64.26 -116.64
N SER BC 42 -5.48 64.96 -115.54
CA SER BC 42 -4.32 64.63 -114.74
C SER BC 42 -4.56 63.35 -113.94
N PHE BC 43 -3.51 62.89 -113.26
CA PHE BC 43 -3.58 61.63 -112.53
C PHE BC 43 -4.53 61.72 -111.34
N GLN BC 44 -4.64 62.89 -110.71
CA GLN BC 44 -5.52 63.04 -109.57
C GLN BC 44 -6.95 63.43 -109.96
N ALA BC 45 -7.19 63.76 -111.23
CA ALA BC 45 -8.48 64.24 -111.67
C ALA BC 45 -9.16 63.27 -112.64
N ARG BC 46 -8.66 62.04 -112.74
CA ARG BC 46 -9.23 61.07 -113.65
C ARG BC 46 -10.35 60.28 -112.97
N LYS BC 47 -11.24 59.73 -113.79
CA LYS BC 47 -12.49 59.15 -113.32
C LYS BC 47 -12.30 57.85 -112.53
N GLU BC 48 -11.61 56.86 -113.11
CA GLU BC 48 -11.30 55.62 -112.41
C GLU BC 48 -12.49 54.77 -111.96
N VAL BC 49 -13.20 54.16 -112.91
CA VAL BC 49 -14.26 53.20 -112.59
C VAL BC 49 -13.63 51.85 -112.28
N ALA BC 50 -14.15 51.17 -111.25
CA ALA BC 50 -13.70 49.85 -110.85
C ALA BC 50 -14.83 48.82 -111.00
N PHE BC 51 -14.43 47.58 -111.32
CA PHE BC 51 -15.36 46.49 -111.59
C PHE BC 51 -15.05 45.33 -110.66
N SER BC 52 -16.03 44.92 -109.87
CA SER BC 52 -15.89 43.79 -108.96
C SER BC 52 -16.85 42.67 -109.35
N VAL BC 53 -16.59 41.48 -108.84
CA VAL BC 53 -17.40 40.31 -109.18
C VAL BC 53 -17.35 39.31 -108.02
N LYS BC 54 -18.51 38.77 -107.67
CA LYS BC 54 -18.63 37.67 -106.70
C LYS BC 54 -19.37 36.53 -107.39
N VAL BC 55 -18.66 35.45 -107.66
CA VAL BC 55 -19.24 34.34 -108.44
C VAL BC 55 -20.27 33.61 -107.58
N PRO BC 56 -21.23 32.91 -108.18
CA PRO BC 56 -22.20 32.16 -107.37
C PRO BC 56 -21.52 31.03 -106.61
N LYS BC 57 -21.77 30.98 -105.31
CA LYS BC 57 -21.15 29.99 -104.43
C LYS BC 57 -22.17 28.92 -104.08
N VAL BC 58 -21.71 27.66 -104.05
CA VAL BC 58 -22.60 26.54 -103.82
C VAL BC 58 -22.98 26.48 -102.35
N SER BC 59 -24.12 27.05 -102.00
CA SER BC 59 -24.65 26.95 -100.64
C SER BC 59 -25.60 25.77 -100.53
N VAL BC 60 -26.34 25.69 -99.43
CA VAL BC 60 -27.31 24.61 -99.25
C VAL BC 60 -28.69 25.18 -98.97
N SER BC 61 -28.78 26.07 -97.99
CA SER BC 61 -30.07 26.60 -97.55
C SER BC 61 -30.37 27.91 -98.26
N ALA BC 62 -30.48 27.83 -99.58
CA ALA BC 62 -30.80 28.99 -100.39
C ALA BC 62 -31.74 28.59 -101.51
N PRO BC 63 -32.54 29.51 -102.03
CA PRO BC 63 -33.33 29.23 -103.22
C PRO BC 63 -32.44 28.83 -104.38
N GLY BC 64 -32.85 27.81 -105.12
CA GLY BC 64 -32.08 27.35 -106.25
C GLY BC 64 -30.93 26.44 -105.86
N GLY BC 65 -30.33 26.72 -104.71
CA GLY BC 65 -29.24 25.91 -104.20
C GLY BC 65 -27.97 26.71 -103.94
N PHE BC 66 -27.64 27.66 -104.82
CA PHE BC 66 -26.41 28.42 -104.68
C PHE BC 66 -26.71 29.79 -104.09
N THR BC 67 -25.65 30.53 -103.74
CA THR BC 67 -25.78 31.93 -103.43
C THR BC 67 -25.91 32.73 -104.72
N GLN BC 68 -26.05 34.05 -104.58
CA GLN BC 68 -26.34 34.90 -105.71
C GLN BC 68 -25.08 35.35 -106.42
N ALA BC 69 -25.22 35.69 -107.69
CA ALA BC 69 -24.12 36.20 -108.52
C ALA BC 69 -24.06 37.71 -108.36
N ARG BC 70 -23.18 38.17 -107.48
CA ARG BC 70 -22.99 39.60 -107.25
C ARG BC 70 -22.06 40.19 -108.31
N SER BC 71 -22.37 41.41 -108.73
CA SER BC 71 -21.58 42.10 -109.74
C SER BC 71 -21.63 43.60 -109.43
N THR BC 72 -20.49 44.16 -109.05
CA THR BC 72 -20.42 45.54 -108.58
C THR BC 72 -19.59 46.40 -109.51
N VAL BC 73 -20.03 47.64 -109.69
CA VAL BC 73 -19.29 48.68 -110.41
C VAL BC 73 -19.28 49.90 -109.51
N ILE BC 74 -18.12 50.53 -109.35
CA ILE BC 74 -18.01 51.79 -108.63
C ILE BC 74 -17.32 52.81 -109.53
N LEU BC 75 -18.07 53.84 -109.92
CA LEU BC 75 -17.49 54.96 -110.66
C LEU BC 75 -17.03 55.99 -109.63
N LYS BC 76 -15.75 56.34 -109.70
CA LYS BC 76 -15.19 57.36 -108.82
C LYS BC 76 -15.10 58.67 -109.59
N SER BC 77 -15.04 59.79 -108.85
CA SER BC 77 -15.04 61.12 -109.46
C SER BC 77 -14.31 62.08 -108.55
N PRO BC 78 -13.11 62.50 -108.92
CA PRO BC 78 -12.35 63.44 -108.08
C PRO BC 78 -13.05 64.79 -107.99
N LYS BC 79 -12.86 65.47 -106.88
CA LYS BC 79 -13.31 66.85 -106.74
C LYS BC 79 -12.44 67.57 -105.72
N THR BC 80 -12.02 68.78 -106.07
CA THR BC 80 -11.27 69.63 -105.15
C THR BC 80 -12.21 70.61 -104.50
N LEU BC 81 -11.98 70.88 -103.22
CA LEU BC 81 -12.93 71.62 -102.39
C LEU BC 81 -12.54 73.10 -102.32
N ALA BC 82 -13.38 73.87 -101.62
CA ALA BC 82 -13.16 75.31 -101.47
C ALA BC 82 -12.03 75.63 -100.50
N ASN BC 83 -11.57 74.65 -99.73
CA ASN BC 83 -10.42 74.82 -98.85
C ASN BC 83 -9.15 74.20 -99.43
N GLY BC 84 -9.20 73.71 -100.66
CA GLY BC 84 -8.05 73.09 -101.30
C GLY BC 84 -7.92 71.60 -101.07
N ASN BC 85 -8.74 71.02 -100.20
CA ASN BC 85 -8.67 69.60 -99.93
C ASN BC 85 -9.30 68.80 -101.08
N ARG BC 86 -8.96 67.52 -101.13
CA ARG BC 86 -9.31 66.62 -102.23
C ARG BC 86 -10.26 65.56 -101.71
N THR BC 87 -11.34 65.30 -102.44
CA THR BC 87 -12.29 64.26 -102.07
C THR BC 87 -12.78 63.53 -103.31
N VAL BC 88 -13.53 62.45 -103.09
CA VAL BC 88 -14.04 61.60 -104.16
C VAL BC 88 -15.54 61.43 -104.00
N ASN BC 89 -16.28 61.61 -105.10
CA ASN BC 89 -17.68 61.25 -105.18
C ASN BC 89 -17.78 59.89 -105.86
N THR BC 90 -18.76 59.08 -105.46
CA THR BC 90 -18.87 57.73 -105.98
C THR BC 90 -20.29 57.45 -106.45
N VAL BC 91 -20.39 56.58 -107.46
CA VAL BC 91 -21.64 55.94 -107.82
C VAL BC 91 -21.41 54.44 -107.76
N SER BC 92 -22.16 53.75 -106.91
CA SER BC 92 -22.00 52.30 -106.76
C SER BC 92 -23.24 51.59 -107.26
N ILE BC 93 -23.05 50.67 -108.20
CA ILE BC 93 -24.13 49.88 -108.80
C ILE BC 93 -23.82 48.42 -108.52
N GLN BC 94 -24.70 47.76 -107.76
CA GLN BC 94 -24.56 46.34 -107.48
C GLN BC 94 -25.75 45.58 -108.08
N LEU BC 95 -25.45 44.55 -108.86
CA LEU BC 95 -26.47 43.69 -109.44
C LEU BC 95 -26.37 42.34 -108.74
N SER BC 96 -27.48 41.91 -108.15
CA SER BC 96 -27.55 40.65 -107.42
C SER BC 96 -28.68 39.82 -108.02
N VAL BC 97 -28.31 38.80 -108.79
CA VAL BC 97 -29.27 37.90 -109.38
C VAL BC 97 -28.95 36.47 -108.93
N ASP BC 98 -29.96 35.62 -108.95
CA ASP BC 98 -29.77 34.19 -108.77
C ASP BC 98 -29.23 33.62 -110.07
N PRO BC 99 -28.38 32.60 -110.01
CA PRO BC 99 -27.77 32.08 -111.25
C PRO BC 99 -28.77 31.51 -112.23
N GLU BC 100 -29.97 31.16 -111.78
CA GLU BC 100 -31.02 30.65 -112.65
C GLU BC 100 -31.64 31.74 -113.51
N THR BC 101 -31.33 33.01 -113.24
CA THR BC 101 -31.87 34.12 -113.99
C THR BC 101 -31.37 34.10 -115.44
N THR BC 102 -32.26 34.43 -116.36
CA THR BC 102 -31.92 34.49 -117.78
C THR BC 102 -31.35 35.87 -118.13
N ALA BC 103 -30.81 35.96 -119.34
CA ALA BC 103 -30.20 37.21 -119.79
C ALA BC 103 -31.23 38.30 -119.99
N ALA BC 104 -32.43 37.94 -120.46
CA ALA BC 104 -33.46 38.94 -120.74
C ALA BC 104 -33.99 39.58 -119.46
N GLU BC 105 -34.14 38.82 -118.39
CA GLU BC 105 -34.52 39.41 -117.11
C GLU BC 105 -33.47 40.39 -116.60
N VAL BC 106 -32.19 40.03 -116.75
CA VAL BC 106 -31.12 40.93 -116.33
C VAL BC 106 -31.12 42.18 -117.18
N THR BC 107 -31.41 42.05 -118.48
CA THR BC 107 -31.52 43.18 -119.37
C THR BC 107 -32.64 44.12 -118.93
N THR BC 108 -33.79 43.53 -118.57
CA THR BC 108 -34.91 44.34 -118.08
C THR BC 108 -34.52 45.09 -116.81
N MET BC 109 -33.87 44.39 -115.88
CA MET BC 109 -33.44 45.02 -114.63
C MET BC 109 -32.47 46.16 -114.88
N LEU BC 110 -31.49 45.94 -115.77
CA LEU BC 110 -30.51 46.98 -116.05
C LEU BC 110 -31.16 48.18 -116.71
N ASN BC 111 -32.12 47.93 -117.61
CA ASN BC 111 -32.82 49.04 -118.24
C ASN BC 111 -33.61 49.85 -117.21
N ALA BC 112 -34.30 49.17 -116.30
CA ALA BC 112 -35.06 49.88 -115.28
C ALA BC 112 -34.15 50.67 -114.35
N ALA BC 113 -33.04 50.06 -113.93
CA ALA BC 113 -32.11 50.74 -113.04
C ALA BC 113 -31.44 51.92 -113.72
N ALA BC 114 -31.08 51.79 -115.00
CA ALA BC 114 -30.51 52.91 -115.73
C ALA BC 114 -31.53 54.02 -115.89
N GLN BC 115 -32.79 53.67 -116.16
CA GLN BC 115 -33.85 54.67 -116.22
C GLN BC 115 -33.96 55.43 -114.91
N LEU BC 116 -33.81 54.73 -113.78
CA LEU BC 116 -33.79 55.39 -112.48
C LEU BC 116 -32.40 55.95 -112.19
N LEU BC 117 -31.79 56.54 -113.22
CA LEU BC 117 -30.53 57.25 -113.05
C LEU BC 117 -30.54 58.57 -113.83
N PHE BC 118 -31.20 58.57 -114.99
CA PHE BC 118 -31.17 59.70 -115.88
C PHE BC 118 -32.56 60.24 -116.24
N ASP BC 119 -33.62 59.59 -115.82
CA ASP BC 119 -34.97 60.10 -116.07
C ASP BC 119 -35.16 61.42 -115.37
N SER BC 120 -35.78 62.38 -116.06
CA SER BC 120 -35.90 63.73 -115.55
C SER BC 120 -36.75 63.77 -114.28
N ASP BC 121 -37.61 62.76 -114.10
CA ASP BC 121 -38.46 62.69 -112.92
C ASP BC 121 -37.63 62.55 -111.65
N TYR BC 122 -36.59 61.72 -111.70
CA TYR BC 122 -35.70 61.55 -110.55
C TYR BC 122 -34.46 62.41 -110.68
N SER BC 123 -34.63 63.74 -110.69
CA SER BC 123 -33.49 64.64 -110.70
C SER BC 123 -33.35 65.29 -109.33
N ASP BC 124 -34.47 65.77 -108.79
CA ASP BC 124 -34.45 66.37 -107.46
C ASP BC 124 -34.07 65.35 -106.39
N PHE BC 125 -34.26 64.06 -106.66
CA PHE BC 125 -33.85 63.03 -105.72
C PHE BC 125 -32.33 62.87 -105.63
N TRP BC 126 -31.63 62.99 -106.76
CA TRP BC 126 -30.18 62.78 -106.76
C TRP BC 126 -29.44 64.05 -106.37
N LYS BC 127 -29.82 65.18 -106.97
CA LYS BC 127 -29.07 66.41 -106.74
C LYS BC 127 -29.60 67.16 -105.53
N ALA BC 128 -30.91 67.40 -105.48
CA ALA BC 128 -31.49 68.11 -104.35
C ALA BC 128 -31.71 67.20 -103.14
N GLN BC 129 -31.54 65.88 -103.31
CA GLN BC 129 -31.78 64.90 -102.26
C GLN BC 129 -33.20 65.01 -101.72
N ALA BC 130 -34.15 65.30 -102.61
CA ALA BC 130 -35.55 65.51 -102.27
C ALA BC 130 -36.33 64.23 -102.51
N LEU BC 131 -36.74 63.58 -101.43
CA LEU BC 131 -37.43 62.30 -101.52
C LEU BC 131 -38.77 62.44 -102.24
N ALA BC 132 -39.40 63.61 -102.14
CA ALA BC 132 -40.64 63.88 -102.84
C ALA BC 132 -40.90 65.37 -102.99
N ALA CC 1 -85.10 45.23 -90.13
CA ALA CC 1 -84.04 44.99 -89.17
C ALA CC 1 -82.98 44.05 -89.76
N ILE CC 2 -82.16 43.46 -88.88
CA ILE CC 2 -81.08 42.60 -89.33
C ILE CC 2 -81.62 41.37 -90.06
N ALA CC 3 -82.62 40.72 -89.47
CA ALA CC 3 -83.21 39.54 -90.10
C ALA CC 3 -83.93 39.92 -91.38
N ASN CC 4 -83.65 39.17 -92.45
CA ASN CC 4 -84.26 39.37 -93.76
C ASN CC 4 -83.95 40.76 -94.33
N SER CC 5 -82.80 41.31 -93.95
CA SER CC 5 -82.30 42.54 -94.54
C SER CC 5 -81.66 42.22 -95.87
N SER CC 6 -81.81 43.14 -96.83
CA SER CC 6 -81.28 42.92 -98.17
C SER CC 6 -80.06 43.81 -98.41
N ILE CC 7 -79.02 43.22 -98.99
CA ILE CC 7 -77.80 43.92 -99.37
C ILE CC 7 -77.56 43.68 -100.85
N ALA CC 8 -77.30 44.75 -101.59
CA ALA CC 8 -77.07 44.65 -103.04
C ALA CC 8 -75.59 44.42 -103.27
N ILE CC 9 -75.24 43.20 -103.66
CA ILE CC 9 -73.84 42.80 -103.85
C ILE CC 9 -73.34 43.34 -105.19
N ASP CC 10 -72.07 43.78 -105.21
CA ASP CC 10 -71.41 44.28 -106.41
C ASP CC 10 -72.16 45.49 -106.97
N SER CC 11 -72.17 46.54 -106.16
CA SER CC 11 -72.99 47.71 -106.44
C SER CC 11 -72.14 48.97 -106.35
N THR CC 12 -72.54 49.98 -107.10
CA THR CC 12 -71.92 51.29 -106.98
C THR CC 12 -72.58 52.06 -105.84
N ALA CC 13 -71.75 52.61 -104.96
CA ALA CC 13 -72.22 53.38 -103.81
C ALA CC 13 -71.97 54.85 -104.12
N SER CC 14 -73.05 55.60 -104.30
CA SER CC 14 -72.94 57.03 -104.51
C SER CC 14 -73.12 57.75 -103.17
N VAL CC 15 -73.07 59.08 -103.22
CA VAL CC 15 -73.31 59.90 -102.04
C VAL CC 15 -73.70 61.31 -102.48
N THR CC 16 -74.80 61.83 -101.94
CA THR CC 16 -75.28 63.17 -102.30
C THR CC 16 -75.82 63.84 -101.05
N GLY CC 17 -74.97 64.53 -100.31
CA GLY CC 17 -75.44 65.35 -99.21
C GLY CC 17 -74.87 66.75 -99.18
N GLY CC 18 -73.76 66.97 -99.89
CA GLY CC 18 -73.08 68.24 -99.81
C GLY CC 18 -72.09 68.30 -98.66
N THR CC 19 -71.67 69.50 -98.29
CA THR CC 19 -70.71 69.73 -97.21
C THR CC 19 -69.40 68.99 -97.48
N ALA CC 20 -68.77 69.37 -98.59
CA ALA CC 20 -67.55 68.71 -99.04
C ALA CC 20 -66.35 69.14 -98.19
N ARG CC 21 -66.08 68.41 -97.12
CA ARG CC 21 -64.94 68.68 -96.26
C ARG CC 21 -63.66 68.17 -96.90
N THR CC 22 -62.54 68.37 -96.20
CA THR CC 22 -61.23 68.01 -96.70
C THR CC 22 -60.44 67.30 -95.61
N VAL CC 23 -59.86 66.16 -95.96
CA VAL CC 23 -58.99 65.43 -95.05
C VAL CC 23 -57.58 65.99 -95.18
N LYS CC 24 -57.05 66.53 -94.09
CA LYS CC 24 -55.69 67.04 -94.04
C LYS CC 24 -54.87 66.20 -93.08
N GLU CC 25 -53.71 65.74 -93.52
CA GLU CC 25 -52.89 64.90 -92.67
C GLU CC 25 -52.18 65.73 -91.61
N LEU CC 26 -51.93 65.10 -90.46
CA LEU CC 26 -51.27 65.77 -89.34
C LEU CC 26 -49.87 65.21 -89.13
N VAL CC 27 -49.73 63.91 -88.87
CA VAL CC 27 -48.45 63.29 -88.62
C VAL CC 27 -48.41 61.97 -89.39
N ARG CC 28 -47.32 61.23 -89.23
CA ARG CC 28 -47.17 59.96 -89.90
C ARG CC 28 -46.80 58.81 -88.97
N ASN CC 29 -46.00 59.07 -87.94
CA ASN CC 29 -45.33 58.06 -87.11
C ASN CC 29 -45.09 56.72 -87.82
N ASN CC 30 -45.22 55.62 -87.09
CA ASN CC 30 -44.74 54.32 -87.56
C ASN CC 30 -45.80 53.65 -88.43
N SER CC 31 -45.59 53.68 -89.74
CA SER CC 31 -46.46 52.99 -90.71
C SER CC 31 -47.92 53.34 -90.50
N GLU CC 32 -48.16 54.61 -90.20
CA GLU CC 32 -49.49 55.09 -89.87
C GLU CC 32 -49.69 56.41 -90.60
N LEU CC 33 -50.90 56.97 -90.50
CA LEU CC 33 -51.16 58.28 -91.07
C LEU CC 33 -52.32 58.94 -90.33
N ASN CC 34 -52.02 59.87 -89.44
CA ASN CC 34 -53.04 60.54 -88.67
C ASN CC 34 -53.46 61.82 -89.37
N ALA CC 35 -54.73 61.90 -89.74
CA ALA CC 35 -55.28 63.06 -90.42
C ALA CC 35 -56.43 63.64 -89.59
N TYR CC 36 -57.11 64.63 -90.16
CA TYR CC 36 -58.26 65.24 -89.52
C TYR CC 36 -59.13 65.87 -90.60
N ILE CC 37 -60.42 65.98 -90.31
CA ILE CC 37 -61.37 66.54 -91.26
C ILE CC 37 -61.53 68.02 -90.95
N ASP CC 38 -61.34 68.87 -91.97
CA ASP CC 38 -61.34 70.32 -91.79
C ASP CC 38 -62.77 70.85 -91.91
N GLU CC 39 -63.43 70.96 -90.76
CA GLU CC 39 -64.76 71.52 -90.68
C GLU CC 39 -64.84 72.82 -89.91
N GLY CC 40 -63.69 73.40 -89.56
CA GLY CC 40 -63.64 74.66 -88.87
C GLY CC 40 -63.94 74.63 -87.39
N LEU CC 41 -63.97 73.46 -86.77
CA LEU CC 41 -64.22 73.37 -85.34
C LEU CC 41 -62.97 73.73 -84.55
N SER CC 42 -63.04 73.53 -83.23
CA SER CC 42 -61.91 73.83 -82.37
C SER CC 42 -60.79 72.83 -82.60
N PHE CC 43 -59.66 73.07 -81.93
CA PHE CC 43 -58.49 72.23 -82.10
C PHE CC 43 -58.70 70.85 -81.49
N GLN CC 44 -59.20 70.81 -80.26
CA GLN CC 44 -59.48 69.54 -79.59
C GLN CC 44 -60.95 69.17 -79.68
N ALA CC 45 -61.62 69.60 -80.76
CA ALA CC 45 -62.99 69.18 -81.03
C ALA CC 45 -63.17 68.74 -82.48
N ARG CC 46 -62.10 68.61 -83.25
CA ARG CC 46 -62.18 68.22 -84.65
C ARG CC 46 -62.22 66.70 -84.78
N LYS CC 47 -62.63 66.22 -85.94
CA LYS CC 47 -62.68 64.78 -86.20
C LYS CC 47 -61.37 64.36 -86.83
N GLU CC 48 -60.60 63.53 -86.13
CA GLU CC 48 -59.34 63.00 -86.63
C GLU CC 48 -59.56 61.54 -87.05
N VAL CC 49 -59.15 61.21 -88.28
CA VAL CC 49 -59.21 59.83 -88.73
C VAL CC 49 -57.80 59.33 -89.00
N ALA CC 50 -57.46 58.20 -88.40
CA ALA CC 50 -56.14 57.60 -88.51
C ALA CC 50 -56.18 56.37 -89.42
N PHE CC 51 -55.16 56.27 -90.28
CA PHE CC 51 -54.99 55.18 -91.21
C PHE CC 51 -53.74 54.38 -90.85
N SER CC 52 -53.80 53.07 -91.00
CA SER CC 52 -52.65 52.23 -90.67
C SER CC 52 -52.61 51.01 -91.58
N VAL CC 53 -51.39 50.55 -91.90
CA VAL CC 53 -51.19 49.40 -92.77
C VAL CC 53 -50.39 48.34 -92.03
N LYS CC 54 -50.67 47.08 -92.38
CA LYS CC 54 -50.08 45.90 -91.77
C LYS CC 54 -49.76 44.91 -92.90
N VAL CC 55 -48.91 45.35 -93.83
CA VAL CC 55 -48.44 44.58 -94.98
C VAL CC 55 -48.04 43.16 -94.61
N PRO CC 56 -48.16 42.20 -95.52
CA PRO CC 56 -47.87 40.79 -95.19
C PRO CC 56 -46.40 40.55 -94.93
N LYS CC 57 -46.15 39.50 -94.14
CA LYS CC 57 -44.79 39.10 -93.76
C LYS CC 57 -44.65 37.62 -94.04
N VAL CC 58 -43.59 37.25 -94.76
CA VAL CC 58 -43.39 35.87 -95.20
C VAL CC 58 -43.27 34.95 -94.00
N SER CC 59 -44.23 34.04 -93.84
CA SER CC 59 -44.26 33.13 -92.72
C SER CC 59 -44.03 31.70 -93.19
N VAL CC 60 -44.02 30.75 -92.26
CA VAL CC 60 -44.03 29.33 -92.56
C VAL CC 60 -45.41 28.73 -92.36
N SER CC 61 -46.17 29.26 -91.41
CA SER CC 61 -47.59 29.00 -91.18
C SER CC 61 -48.38 29.80 -92.22
N ALA CC 62 -49.66 30.09 -91.92
CA ALA CC 62 -50.50 30.86 -92.82
C ALA CC 62 -50.78 30.09 -94.10
N PRO CC 63 -51.75 29.16 -94.07
CA PRO CC 63 -51.92 28.21 -95.16
C PRO CC 63 -52.33 28.90 -96.45
N GLY CC 64 -51.31 29.29 -97.20
CA GLY CC 64 -51.39 30.25 -98.29
C GLY CC 64 -50.07 30.98 -98.40
N GLY CC 65 -49.22 30.81 -97.39
CA GLY CC 65 -47.83 31.20 -97.47
C GLY CC 65 -47.39 32.25 -96.48
N PHE CC 66 -48.19 33.30 -96.28
CA PHE CC 66 -47.83 34.38 -95.37
C PHE CC 66 -49.08 35.12 -94.89
N THR CC 67 -48.90 35.89 -93.83
CA THR CC 67 -50.00 36.53 -93.12
C THR CC 67 -50.76 37.49 -94.03
N GLN CC 68 -51.97 37.83 -93.61
CA GLN CC 68 -52.82 38.70 -94.39
C GLN CC 68 -52.34 40.16 -94.30
N ALA CC 69 -52.89 40.98 -95.18
CA ALA CC 69 -52.55 42.39 -95.27
C ALA CC 69 -53.65 43.20 -94.62
N ARG CC 70 -53.34 43.90 -93.52
CA ARG CC 70 -54.39 44.61 -92.80
C ARG CC 70 -54.37 46.10 -93.14
N SER CC 71 -55.57 46.69 -93.18
CA SER CC 71 -55.73 48.13 -93.37
C SER CC 71 -56.75 48.61 -92.34
N THR CC 72 -56.32 49.47 -91.42
CA THR CC 72 -57.19 49.96 -90.37
C THR CC 72 -57.48 51.45 -90.54
N VAL CC 73 -58.73 51.82 -90.27
CA VAL CC 73 -59.17 53.21 -90.27
C VAL CC 73 -59.98 53.47 -89.01
N ILE CC 74 -59.56 54.43 -88.21
CA ILE CC 74 -60.29 54.81 -87.01
C ILE CC 74 -60.73 56.27 -87.15
N LEU CC 75 -62.03 56.51 -87.02
CA LEU CC 75 -62.60 57.85 -87.11
C LEU CC 75 -62.97 58.27 -85.69
N LYS CC 76 -62.29 59.30 -85.19
CA LYS CC 76 -62.52 59.77 -83.83
C LYS CC 76 -63.36 61.05 -83.88
N SER CC 77 -64.58 60.96 -83.37
CA SER CC 77 -65.48 62.11 -83.30
C SER CC 77 -65.64 62.53 -81.84
N PRO CC 78 -65.09 63.68 -81.43
CA PRO CC 78 -65.19 64.06 -80.02
C PRO CC 78 -66.58 64.59 -79.69
N LYS CC 79 -66.95 64.48 -78.41
CA LYS CC 79 -68.27 64.86 -77.94
C LYS CC 79 -68.15 65.44 -76.53
N THR CC 80 -68.80 66.59 -76.31
CA THR CC 80 -68.91 67.19 -75.00
C THR CC 80 -70.21 66.74 -74.35
N LEU CC 81 -70.11 66.08 -73.20
CA LEU CC 81 -71.28 65.55 -72.53
C LEU CC 81 -71.97 66.62 -71.70
N ALA CC 82 -73.20 66.32 -71.27
CA ALA CC 82 -73.97 67.27 -70.48
C ALA CC 82 -73.31 67.53 -69.12
N ASN CC 83 -72.71 66.50 -68.52
CA ASN CC 83 -72.01 66.67 -67.25
C ASN CC 83 -70.85 67.64 -67.39
N GLY CC 84 -70.38 67.88 -68.61
CA GLY CC 84 -69.36 68.88 -68.83
C GLY CC 84 -68.07 68.30 -69.37
N ASN CC 85 -67.81 67.03 -69.05
CA ASN CC 85 -66.58 66.38 -69.48
C ASN CC 85 -66.64 66.08 -70.98
N ARG CC 86 -65.57 65.46 -71.48
CA ARG CC 86 -65.38 65.20 -72.89
C ARG CC 86 -65.07 63.73 -73.11
N THR CC 87 -65.59 63.18 -74.19
CA THR CC 87 -65.35 61.79 -74.55
C THR CC 87 -65.17 61.74 -76.06
N VAL CC 88 -64.72 60.60 -76.58
CA VAL CC 88 -64.55 60.42 -78.01
C VAL CC 88 -65.37 59.20 -78.44
N ASN CC 89 -66.14 59.37 -79.51
CA ASN CC 89 -66.93 58.31 -80.12
C ASN CC 89 -66.17 57.86 -81.36
N THR CC 90 -65.79 56.58 -81.40
CA THR CC 90 -64.90 56.10 -82.43
C THR CC 90 -65.60 55.10 -83.35
N VAL CC 91 -65.13 55.06 -84.61
CA VAL CC 91 -65.59 54.08 -85.58
C VAL CC 91 -64.38 53.44 -86.25
N SER CC 92 -64.00 52.26 -85.78
CA SER CC 92 -62.85 51.57 -86.36
C SER CC 92 -63.29 50.61 -87.45
N ILE CC 93 -62.43 50.45 -88.45
CA ILE CC 93 -62.69 49.56 -89.58
C ILE CC 93 -61.39 48.85 -89.95
N GLN CC 94 -61.43 47.54 -90.11
CA GLN CC 94 -60.26 46.75 -90.44
C GLN CC 94 -60.55 45.82 -91.62
N LEU CC 95 -59.51 45.52 -92.40
CA LEU CC 95 -59.63 44.78 -93.65
C LEU CC 95 -58.56 43.69 -93.73
N SER CC 96 -58.51 42.84 -92.70
CA SER CC 96 -57.57 41.72 -92.68
C SER CC 96 -57.95 40.74 -93.79
N VAL CC 97 -57.28 40.88 -94.94
CA VAL CC 97 -57.52 40.02 -96.09
C VAL CC 97 -56.20 39.42 -96.56
N ASP CC 98 -56.28 38.20 -97.06
CA ASP CC 98 -55.09 37.47 -97.47
C ASP CC 98 -54.48 38.11 -98.71
N PRO CC 99 -53.15 38.22 -98.78
CA PRO CC 99 -52.52 38.99 -99.86
C PRO CC 99 -52.76 38.47 -101.27
N GLU CC 100 -53.15 37.21 -101.43
CA GLU CC 100 -53.48 36.68 -102.75
C GLU CC 100 -54.80 37.22 -103.30
N THR CC 101 -55.53 37.97 -102.49
CA THR CC 101 -56.85 38.46 -102.88
C THR CC 101 -56.77 39.41 -104.05
N THR CC 102 -57.68 39.25 -105.01
CA THR CC 102 -57.77 40.17 -106.13
C THR CC 102 -58.48 41.45 -105.70
N ALA CC 103 -58.30 42.51 -106.49
CA ALA CC 103 -58.91 43.79 -106.18
C ALA CC 103 -60.41 43.80 -106.42
N ALA CC 104 -60.92 42.95 -107.30
CA ALA CC 104 -62.36 42.90 -107.53
C ALA CC 104 -63.10 42.38 -106.31
N GLU CC 105 -62.60 41.31 -105.69
CA GLU CC 105 -63.23 40.80 -104.49
C GLU CC 105 -63.08 41.76 -103.32
N VAL CC 106 -61.95 42.48 -103.25
CA VAL CC 106 -61.78 43.49 -102.23
C VAL CC 106 -62.81 44.61 -102.41
N THR CC 107 -63.04 45.04 -103.65
CA THR CC 107 -64.05 46.04 -103.92
C THR CC 107 -65.45 45.54 -103.54
N THR CC 108 -65.73 44.28 -103.87
CA THR CC 108 -67.01 43.68 -103.50
C THR CC 108 -67.21 43.70 -101.99
N MET CC 109 -66.16 43.31 -101.26
CA MET CC 109 -66.22 43.28 -99.81
C MET CC 109 -66.40 44.67 -99.23
N LEU CC 110 -65.70 45.65 -99.80
CA LEU CC 110 -65.81 47.03 -99.31
C LEU CC 110 -67.20 47.58 -99.55
N ASN CC 111 -67.79 47.26 -100.71
CA ASN CC 111 -69.15 47.71 -100.97
C ASN CC 111 -70.16 47.02 -100.06
N ALA CC 112 -69.97 45.72 -99.81
CA ALA CC 112 -70.88 45.00 -98.93
C ALA CC 112 -70.80 45.53 -97.50
N ALA CC 113 -69.59 45.73 -96.99
CA ALA CC 113 -69.40 46.29 -95.66
C ALA CC 113 -69.89 47.72 -95.54
N ALA CC 114 -69.64 48.56 -96.55
CA ALA CC 114 -70.10 49.93 -96.51
C ALA CC 114 -71.58 50.06 -96.81
N GLN CC 115 -72.20 49.01 -97.36
CA GLN CC 115 -73.65 49.01 -97.49
C GLN CC 115 -74.34 48.85 -96.15
N LEU CC 116 -73.69 48.20 -95.20
CA LEU CC 116 -74.02 48.39 -93.79
C LEU CC 116 -73.59 49.81 -93.41
N LEU CC 117 -74.00 50.24 -92.21
CA LEU CC 117 -73.69 51.56 -91.67
C LEU CC 117 -74.49 52.69 -92.34
N PHE CC 118 -75.18 52.42 -93.45
CA PHE CC 118 -76.07 53.46 -93.96
C PHE CC 118 -77.38 52.87 -94.47
N ASP CC 119 -77.49 51.54 -94.47
CA ASP CC 119 -78.75 50.92 -94.82
C ASP CC 119 -79.76 51.16 -93.71
N SER CC 120 -81.04 51.31 -94.10
CA SER CC 120 -82.09 51.57 -93.13
C SER CC 120 -82.34 50.38 -92.22
N ASP CC 121 -82.07 49.16 -92.66
CA ASP CC 121 -82.35 47.98 -91.85
C ASP CC 121 -81.50 47.96 -90.59
N TYR CC 122 -80.28 48.49 -90.67
CA TYR CC 122 -79.35 48.42 -89.55
C TYR CC 122 -79.30 49.69 -88.72
N SER CC 123 -80.20 50.65 -88.99
CA SER CC 123 -80.26 51.88 -88.21
C SER CC 123 -80.44 51.59 -86.73
N ASP CC 124 -81.38 50.72 -86.39
CA ASP CC 124 -81.65 50.40 -84.99
C ASP CC 124 -80.50 49.64 -84.36
N PHE CC 125 -79.84 48.78 -85.14
CA PHE CC 125 -78.68 48.06 -84.62
C PHE CC 125 -77.55 49.02 -84.26
N TRP CC 126 -77.26 49.97 -85.15
CA TRP CC 126 -76.18 50.91 -84.88
C TRP CC 126 -76.54 51.92 -83.80
N LYS CC 127 -77.82 52.29 -83.67
CA LYS CC 127 -78.22 53.37 -82.78
C LYS CC 127 -78.67 52.83 -81.42
N ALA CC 128 -79.69 51.98 -81.38
CA ALA CC 128 -80.21 51.46 -80.12
C ALA CC 128 -79.67 50.08 -79.75
N GLN CC 129 -78.73 49.55 -80.54
CA GLN CC 129 -78.15 48.22 -80.31
C GLN CC 129 -79.22 47.12 -80.38
N ALA CC 130 -80.18 47.32 -81.27
CA ALA CC 130 -81.28 46.37 -81.44
C ALA CC 130 -80.80 45.21 -82.31
N LEU CC 131 -80.20 44.21 -81.65
CA LEU CC 131 -79.74 43.00 -82.33
C LEU CC 131 -80.92 42.29 -82.97
N ALA CC 132 -81.85 41.84 -82.14
CA ALA CC 132 -83.08 41.25 -82.63
C ALA CC 132 -84.11 42.34 -82.87
N ALA DC 1 77.83 -4.13 -104.21
CA ALA DC 1 79.12 -3.80 -104.79
C ALA DC 1 80.07 -3.29 -103.70
N ILE DC 2 79.59 -3.31 -102.46
CA ILE DC 2 80.44 -3.08 -101.30
C ILE DC 2 81.08 -4.40 -100.93
N ALA DC 3 82.23 -4.69 -101.54
CA ALA DC 3 82.92 -5.94 -101.32
C ALA DC 3 84.38 -5.76 -101.68
N ASN DC 4 84.76 -6.12 -102.90
CA ASN DC 4 86.07 -5.75 -103.41
C ASN DC 4 85.94 -4.52 -104.30
N SER DC 5 85.55 -3.39 -103.70
CA SER DC 5 85.41 -2.12 -104.41
C SER DC 5 86.78 -1.46 -104.58
N SER DC 6 86.80 -0.18 -104.91
CA SER DC 6 88.07 0.53 -105.00
C SER DC 6 87.84 2.01 -104.72
N ILE DC 7 88.72 2.58 -103.90
CA ILE DC 7 88.65 3.99 -103.54
C ILE DC 7 90.06 4.58 -103.53
N ALA DC 8 90.24 5.74 -104.14
CA ALA DC 8 91.52 6.43 -104.13
C ALA DC 8 91.65 7.22 -102.84
N ILE DC 9 92.75 7.01 -102.13
CA ILE DC 9 92.98 7.69 -100.86
C ILE DC 9 94.05 8.75 -101.05
N ASP DC 10 93.80 9.93 -100.49
CA ASP DC 10 94.66 11.11 -100.66
C ASP DC 10 94.74 11.51 -102.13
N SER DC 11 93.58 11.81 -102.70
CA SER DC 11 93.45 12.16 -104.11
C SER DC 11 92.63 13.44 -104.26
N THR DC 12 92.80 14.09 -105.40
CA THR DC 12 92.05 15.30 -105.71
C THR DC 12 90.82 14.96 -106.54
N ALA DC 13 89.68 15.55 -106.16
CA ALA DC 13 88.41 15.32 -106.82
C ALA DC 13 88.02 16.55 -107.64
N SER DC 14 87.39 16.29 -108.79
CA SER DC 14 87.04 17.35 -109.71
C SER DC 14 85.63 17.10 -110.23
N VAL DC 15 85.08 18.13 -110.86
CA VAL DC 15 83.71 18.10 -111.38
C VAL DC 15 83.72 18.68 -112.79
N THR DC 16 83.07 17.99 -113.72
CA THR DC 16 82.95 18.45 -115.10
C THR DC 16 81.49 18.50 -115.50
N GLY DC 17 81.16 19.46 -116.36
CA GLY DC 17 79.80 19.59 -116.85
C GLY DC 17 78.85 20.18 -115.81
N GLY DC 18 77.58 19.83 -115.95
CA GLY DC 18 76.57 20.35 -115.06
C GLY DC 18 76.27 21.81 -115.32
N THR DC 19 75.54 22.41 -114.39
CA THR DC 19 75.13 23.82 -114.50
C THR DC 19 75.48 24.50 -113.18
N ALA DC 20 76.48 25.38 -113.23
CA ALA DC 20 76.94 26.09 -112.03
C ALA DC 20 75.82 26.95 -111.44
N ARG DC 21 75.35 26.58 -110.26
CA ARG DC 21 74.34 27.34 -109.53
C ARG DC 21 75.05 28.24 -108.51
N THR DC 22 74.27 28.85 -107.62
CA THR DC 22 74.83 29.73 -106.59
C THR DC 22 74.09 29.48 -105.29
N VAL DC 23 74.83 29.43 -104.19
CA VAL DC 23 74.26 29.19 -102.87
C VAL DC 23 73.99 30.56 -102.25
N LYS DC 24 72.72 30.96 -102.26
CA LYS DC 24 72.34 32.24 -101.67
C LYS DC 24 72.01 32.05 -100.19
N GLU DC 25 72.64 32.87 -99.35
CA GLU DC 25 72.50 32.74 -97.91
C GLU DC 25 71.23 33.44 -97.44
N LEU DC 26 70.50 32.77 -96.54
CA LEU DC 26 69.18 33.24 -96.14
C LEU DC 26 69.25 33.73 -94.70
N VAL DC 27 69.63 32.89 -93.75
CA VAL DC 27 69.63 33.25 -92.34
C VAL DC 27 70.87 32.63 -91.69
N ARG DC 28 71.58 33.44 -90.93
CA ARG DC 28 72.82 33.04 -90.26
C ARG DC 28 72.66 33.34 -88.79
N ASN DC 29 72.24 32.35 -88.00
CA ASN DC 29 71.97 32.55 -86.59
C ASN DC 29 72.13 31.22 -85.85
N ASN DC 30 72.43 31.34 -84.55
CA ASN DC 30 72.42 30.20 -83.64
C ASN DC 30 73.32 29.06 -84.11
N SER DC 31 74.54 29.42 -84.52
CA SER DC 31 75.53 28.46 -85.01
C SER DC 31 75.05 27.74 -86.27
N GLU DC 32 74.08 28.32 -86.95
CA GLU DC 32 73.45 27.73 -88.12
C GLU DC 32 73.39 28.75 -89.24
N LEU DC 33 73.55 28.27 -90.49
CA LEU DC 33 73.49 29.09 -91.69
C LEU DC 33 72.53 28.37 -92.64
N ASN DC 34 71.33 28.93 -92.80
CA ASN DC 34 70.40 28.44 -93.78
C ASN DC 34 70.63 29.14 -95.12
N ALA DC 35 70.66 28.37 -96.20
CA ALA DC 35 70.86 28.93 -97.52
C ALA DC 35 70.06 28.10 -98.51
N TYR DC 36 70.03 28.55 -99.77
CA TYR DC 36 69.31 27.81 -100.79
C TYR DC 36 70.10 27.87 -102.08
N ILE DC 37 70.01 26.79 -102.86
CA ILE DC 37 70.62 26.74 -104.18
C ILE DC 37 69.66 27.37 -105.18
N ASP DC 38 70.18 28.30 -105.98
CA ASP DC 38 69.35 29.09 -106.88
C ASP DC 38 69.38 28.42 -108.26
N GLU DC 39 68.28 27.75 -108.61
CA GLU DC 39 68.12 27.15 -109.92
C GLU DC 39 66.97 27.77 -110.70
N GLY DC 40 66.43 28.91 -110.24
CA GLY DC 40 65.29 29.51 -110.87
C GLY DC 40 64.05 28.66 -110.72
N LEU DC 41 63.82 28.15 -109.52
CA LEU DC 41 62.67 27.31 -109.22
C LEU DC 41 61.73 28.08 -108.29
N SER DC 42 60.60 27.46 -107.98
CA SER DC 42 59.62 28.06 -107.08
C SER DC 42 60.09 27.88 -105.63
N PHE DC 43 59.45 28.61 -104.72
CA PHE DC 43 59.81 28.51 -103.31
C PHE DC 43 59.51 27.13 -102.73
N GLN DC 44 58.43 26.49 -103.18
CA GLN DC 44 58.07 25.15 -102.73
C GLN DC 44 59.01 24.06 -103.25
N ALA DC 45 59.78 24.33 -104.30
CA ALA DC 45 60.78 23.38 -104.74
C ALA DC 45 62.10 24.14 -104.88
N ARG DC 46 62.79 24.31 -103.76
CA ARG DC 46 64.11 24.93 -103.73
C ARG DC 46 65.14 23.82 -103.47
N LYS DC 47 66.40 24.13 -103.19
CA LYS DC 47 67.38 23.14 -102.77
C LYS DC 47 68.05 23.60 -101.49
N GLU DC 48 67.22 23.94 -100.49
CA GLU DC 48 67.73 24.48 -99.22
C GLU DC 48 68.83 23.59 -98.64
N VAL DC 49 69.90 24.24 -98.18
CA VAL DC 49 71.02 23.56 -97.54
C VAL DC 49 71.35 24.30 -96.25
N ALA DC 50 71.51 23.55 -95.16
CA ALA DC 50 71.78 24.10 -93.84
C ALA DC 50 73.15 23.66 -93.36
N PHE DC 51 73.96 24.64 -92.94
CA PHE DC 51 75.30 24.42 -92.43
C PHE DC 51 75.29 24.68 -90.93
N SER DC 52 75.70 23.71 -90.15
CA SER DC 52 75.70 23.85 -88.70
C SER DC 52 77.08 23.49 -88.15
N VAL DC 53 77.47 24.16 -87.08
CA VAL DC 53 78.77 23.97 -86.46
C VAL DC 53 78.58 23.81 -84.95
N LYS DC 54 79.27 22.80 -84.39
CA LYS DC 54 79.23 22.49 -82.97
C LYS DC 54 80.67 22.46 -82.48
N VAL DC 55 81.08 23.53 -81.80
CA VAL DC 55 82.45 23.76 -81.37
C VAL DC 55 82.80 22.89 -80.17
N PRO DC 56 84.06 22.50 -80.00
CA PRO DC 56 84.42 21.66 -78.85
C PRO DC 56 84.36 22.43 -77.54
N LYS DC 57 84.04 21.70 -76.46
CA LYS DC 57 84.03 22.25 -75.12
C LYS DC 57 84.92 21.39 -74.22
N VAL DC 58 85.40 22.00 -73.14
CA VAL DC 58 86.31 21.32 -72.22
C VAL DC 58 85.58 20.18 -71.52
N SER DC 59 86.28 19.07 -71.30
CA SER DC 59 85.71 17.90 -70.66
C SER DC 59 86.77 17.26 -69.77
N VAL DC 60 86.35 16.24 -69.02
CA VAL DC 60 87.26 15.42 -68.25
C VAL DC 60 87.42 14.02 -68.85
N SER DC 61 86.36 13.47 -69.42
CA SER DC 61 86.38 12.31 -70.28
C SER DC 61 86.82 12.77 -71.68
N ALA DC 62 86.52 11.96 -72.70
CA ALA DC 62 86.88 12.35 -74.06
C ALA DC 62 88.40 12.42 -74.19
N PRO DC 63 89.07 11.29 -74.41
CA PRO DC 63 90.48 11.17 -74.02
C PRO DC 63 91.40 12.11 -74.79
N GLY DC 64 91.56 13.30 -74.23
CA GLY DC 64 92.17 14.43 -74.90
C GLY DC 64 91.57 15.73 -74.39
N GLY DC 65 90.51 15.62 -73.60
CA GLY DC 65 90.04 16.74 -72.82
C GLY DC 65 88.86 17.49 -73.41
N PHE DC 66 88.64 17.34 -74.71
CA PHE DC 66 87.56 18.05 -75.38
C PHE DC 66 86.65 17.10 -76.15
N THR DC 67 85.38 17.49 -76.21
CA THR DC 67 84.45 16.86 -77.11
C THR DC 67 84.85 17.16 -78.55
N GLN DC 68 84.33 16.36 -79.48
CA GLN DC 68 84.73 16.51 -80.87
C GLN DC 68 84.06 17.73 -81.50
N ALA DC 69 84.74 18.32 -82.47
CA ALA DC 69 84.19 19.41 -83.26
C ALA DC 69 83.36 18.80 -84.38
N ARG DC 70 82.09 19.21 -84.47
CA ARG DC 70 81.17 18.66 -85.45
C ARG DC 70 80.77 19.72 -86.47
N SER DC 71 80.74 19.31 -87.74
CA SER DC 71 80.29 20.17 -88.83
C SER DC 71 79.24 19.36 -89.61
N THR DC 72 78.04 19.91 -89.69
CA THR DC 72 76.93 19.20 -90.32
C THR DC 72 76.38 19.99 -91.50
N VAL DC 73 76.14 19.28 -92.60
CA VAL DC 73 75.49 19.88 -93.76
C VAL DC 73 74.27 19.04 -94.12
N ILE DC 74 73.10 19.67 -94.17
CA ILE DC 74 71.89 18.97 -94.62
C ILE DC 74 71.40 19.63 -95.89
N LEU DC 75 71.30 18.84 -96.96
CA LEU DC 75 70.78 19.28 -98.24
C LEU DC 75 69.36 18.75 -98.38
N LYS DC 76 68.41 19.63 -98.63
CA LYS DC 76 67.01 19.22 -98.76
C LYS DC 76 66.55 19.33 -100.21
N SER DC 77 65.84 18.30 -100.67
CA SER DC 77 65.38 18.22 -102.05
C SER DC 77 63.88 17.96 -102.06
N PRO DC 78 63.06 18.99 -102.21
CA PRO DC 78 61.61 18.78 -102.32
C PRO DC 78 61.23 17.96 -103.55
N LYS DC 79 60.49 16.88 -103.32
CA LYS DC 79 59.93 16.06 -104.36
C LYS DC 79 58.41 16.12 -104.29
N THR DC 80 57.76 16.11 -105.45
CA THR DC 80 56.32 16.09 -105.56
C THR DC 80 55.89 14.70 -106.03
N LEU DC 81 54.99 14.08 -105.26
CA LEU DC 81 54.62 12.69 -105.49
C LEU DC 81 53.52 12.59 -106.54
N ALA DC 82 53.16 11.34 -106.87
CA ALA DC 82 52.13 11.12 -107.89
C ALA DC 82 50.78 11.65 -107.43
N ASN DC 83 50.41 11.38 -106.18
CA ASN DC 83 49.15 11.90 -105.65
C ASN DC 83 49.17 13.42 -105.57
N GLY DC 84 50.31 14.00 -105.22
CA GLY DC 84 50.43 15.44 -105.20
C GLY DC 84 50.94 16.00 -103.88
N ASN DC 85 51.12 15.13 -102.90
CA ASN DC 85 51.72 15.55 -101.64
C ASN DC 85 53.20 15.85 -101.83
N ARG DC 86 53.70 16.78 -101.02
CA ARG DC 86 55.10 17.20 -101.09
C ARG DC 86 55.91 16.52 -99.99
N THR DC 87 57.01 15.90 -100.38
CA THR DC 87 57.95 15.32 -99.43
C THR DC 87 59.30 16.00 -99.64
N VAL DC 88 60.20 15.84 -98.67
CA VAL DC 88 61.55 16.39 -98.77
C VAL DC 88 62.53 15.22 -98.66
N ASN DC 89 63.44 15.14 -99.63
CA ASN DC 89 64.53 14.15 -99.62
C ASN DC 89 65.78 14.86 -99.13
N THR DC 90 66.41 14.31 -98.10
CA THR DC 90 67.55 14.96 -97.46
C THR DC 90 68.81 14.12 -97.54
N VAL DC 91 69.94 14.80 -97.60
CA VAL DC 91 71.25 14.18 -97.40
C VAL DC 91 71.97 14.89 -96.27
N SER DC 92 72.31 14.16 -95.22
CA SER DC 92 73.06 14.74 -94.12
C SER DC 92 74.52 14.31 -94.20
N ILE DC 93 75.41 15.25 -93.92
CA ILE DC 93 76.86 15.00 -93.90
C ILE DC 93 77.37 15.56 -92.59
N GLN DC 94 77.75 14.69 -91.68
CA GLN DC 94 78.25 15.08 -90.36
C GLN DC 94 79.70 14.63 -90.22
N LEU DC 95 80.58 15.58 -89.96
CA LEU DC 95 82.00 15.32 -89.75
C LEU DC 95 82.33 15.66 -88.31
N SER DC 96 82.80 14.67 -87.55
CA SER DC 96 83.21 14.86 -86.17
C SER DC 96 84.69 14.54 -86.06
N VAL DC 97 85.50 15.54 -85.69
CA VAL DC 97 86.93 15.33 -85.53
C VAL DC 97 87.37 15.79 -84.16
N ASP DC 98 88.33 15.07 -83.60
CA ASP DC 98 89.01 15.56 -82.40
C ASP DC 98 89.78 16.83 -82.76
N PRO DC 99 89.81 17.81 -81.85
CA PRO DC 99 90.47 19.08 -82.19
C PRO DC 99 91.96 18.95 -82.49
N GLU DC 100 92.62 17.87 -82.07
CA GLU DC 100 94.02 17.68 -82.40
C GLU DC 100 94.24 17.30 -83.86
N THR DC 101 93.18 17.00 -84.60
CA THR DC 101 93.29 16.50 -85.96
C THR DC 101 93.84 17.55 -86.90
N THR DC 102 94.84 17.17 -87.68
CA THR DC 102 95.46 18.08 -88.64
C THR DC 102 94.54 18.31 -89.83
N ALA DC 103 94.91 19.29 -90.66
CA ALA DC 103 94.09 19.62 -91.82
C ALA DC 103 94.24 18.58 -92.92
N ALA DC 104 95.42 17.95 -93.02
CA ALA DC 104 95.60 16.89 -93.99
C ALA DC 104 94.77 15.67 -93.65
N GLU DC 105 94.65 15.34 -92.36
CA GLU DC 105 93.83 14.21 -91.95
C GLU DC 105 92.35 14.48 -92.22
N VAL DC 106 91.91 15.73 -92.08
CA VAL DC 106 90.55 16.09 -92.42
C VAL DC 106 90.33 16.04 -93.93
N THR DC 107 91.33 16.51 -94.69
CA THR DC 107 91.22 16.47 -96.15
C THR DC 107 91.10 15.04 -96.66
N THR DC 108 91.90 14.13 -96.10
CA THR DC 108 91.81 12.73 -96.51
C THR DC 108 90.43 12.15 -96.22
N MET DC 109 89.89 12.44 -95.03
CA MET DC 109 88.57 11.98 -94.66
C MET DC 109 87.51 12.52 -95.61
N LEU DC 110 87.58 13.82 -95.92
CA LEU DC 110 86.61 14.44 -96.80
C LEU DC 110 86.67 13.84 -98.20
N ASN DC 111 87.88 13.62 -98.71
CA ASN DC 111 88.01 13.08 -100.06
C ASN DC 111 87.53 11.64 -100.13
N ALA DC 112 87.84 10.82 -99.13
CA ALA DC 112 87.34 9.45 -99.12
C ALA DC 112 85.82 9.41 -99.01
N ALA DC 113 85.24 10.26 -98.16
CA ALA DC 113 83.80 10.31 -98.03
C ALA DC 113 83.13 10.80 -99.31
N ALA DC 114 83.81 11.65 -100.07
CA ALA DC 114 83.24 12.14 -101.33
C ALA DC 114 83.05 10.99 -102.31
N GLN DC 115 84.10 10.18 -102.52
CA GLN DC 115 83.97 9.00 -103.37
C GLN DC 115 83.05 7.96 -102.76
N LEU DC 116 82.84 7.98 -101.45
CA LEU DC 116 81.92 7.03 -100.84
C LEU DC 116 80.49 7.23 -101.34
N LEU DC 117 80.15 8.43 -101.84
CA LEU DC 117 78.80 8.67 -102.32
C LEU DC 117 78.76 9.15 -103.78
N PHE DC 118 79.85 8.96 -104.53
CA PHE DC 118 79.74 9.12 -105.98
C PHE DC 118 80.43 8.04 -106.80
N ASP DC 119 81.20 7.13 -106.20
CA ASP DC 119 81.80 6.04 -106.97
C ASP DC 119 80.71 5.11 -107.49
N SER DC 120 80.99 4.50 -108.66
CA SER DC 120 79.93 3.84 -109.42
C SER DC 120 79.45 2.57 -108.72
N ASP DC 121 80.28 1.96 -107.87
CA ASP DC 121 79.88 0.74 -107.18
C ASP DC 121 78.76 1.02 -106.18
N TYR DC 122 79.00 1.96 -105.28
CA TYR DC 122 78.06 2.28 -104.22
C TYR DC 122 76.76 2.84 -104.80
N SER DC 123 76.71 3.00 -106.11
CA SER DC 123 75.45 3.36 -106.76
C SER DC 123 74.35 2.34 -106.43
N ASP DC 124 74.71 1.06 -106.31
CA ASP DC 124 73.70 0.09 -105.92
C ASP DC 124 73.29 0.22 -104.47
N PHE DC 125 74.18 0.71 -103.61
CA PHE DC 125 73.86 0.87 -102.19
C PHE DC 125 72.96 2.08 -101.93
N TRP DC 126 73.16 3.17 -102.67
CA TRP DC 126 72.39 4.39 -102.42
C TRP DC 126 71.02 4.35 -103.07
N LYS DC 127 70.92 3.83 -104.30
CA LYS DC 127 69.65 3.78 -105.01
C LYS DC 127 68.88 2.50 -104.72
N ALA DC 128 69.48 1.35 -104.99
CA ALA DC 128 68.81 0.07 -104.79
C ALA DC 128 68.79 -0.37 -103.33
N GLN DC 129 69.53 0.30 -102.45
CA GLN DC 129 69.62 -0.06 -101.04
C GLN DC 129 70.17 -1.48 -100.88
N ALA DC 130 71.16 -1.81 -101.71
CA ALA DC 130 71.71 -3.15 -101.84
C ALA DC 130 73.06 -3.22 -101.15
N LEU DC 131 73.13 -3.98 -100.05
CA LEU DC 131 74.37 -4.11 -99.29
C LEU DC 131 75.43 -4.89 -100.05
N ALA DC 132 75.02 -5.84 -100.87
CA ALA DC 132 75.99 -6.56 -101.71
C ALA DC 132 75.46 -6.75 -103.12
N ALA EC 1 83.16 31.56 -99.01
CA ALA EC 1 82.78 30.30 -98.39
C ALA EC 1 81.30 30.03 -98.58
N ILE EC 2 80.61 29.68 -97.49
CA ILE EC 2 79.16 29.51 -97.56
C ILE EC 2 78.52 30.89 -97.56
N ALA EC 3 78.18 31.38 -98.75
CA ALA EC 3 77.67 32.74 -98.91
C ALA EC 3 77.36 33.00 -100.38
N ASN EC 4 78.33 32.78 -101.25
CA ASN EC 4 78.17 32.99 -102.69
C ASN EC 4 78.80 31.84 -103.48
N SER EC 5 78.96 30.69 -102.84
CA SER EC 5 79.63 29.57 -103.47
C SER EC 5 78.78 28.99 -104.61
N SER EC 6 79.46 28.39 -105.57
CA SER EC 6 78.82 27.81 -106.75
C SER EC 6 78.95 26.28 -106.70
N ILE EC 7 77.84 25.60 -106.95
CA ILE EC 7 77.81 24.14 -107.02
C ILE EC 7 77.24 23.74 -108.36
N ALA EC 8 77.93 22.84 -109.06
CA ALA EC 8 77.53 22.42 -110.40
C ALA EC 8 76.52 21.29 -110.32
N ILE EC 9 75.24 21.64 -110.41
CA ILE EC 9 74.16 20.65 -110.32
C ILE EC 9 74.18 19.75 -111.54
N ASP EC 10 73.99 18.45 -111.31
CA ASP EC 10 73.92 17.43 -112.35
C ASP EC 10 75.18 17.41 -113.21
N SER EC 11 76.32 17.42 -112.54
CA SER EC 11 77.62 17.31 -113.19
C SER EC 11 78.19 15.91 -112.98
N THR EC 12 79.40 15.69 -113.48
CA THR EC 12 80.10 14.43 -113.31
C THR EC 12 81.34 14.67 -112.44
N ALA EC 13 81.43 13.93 -111.34
CA ALA EC 13 82.54 14.05 -110.41
C ALA EC 13 83.50 12.88 -110.59
N SER EC 14 84.79 13.18 -110.68
CA SER EC 14 85.82 12.18 -110.87
C SER EC 14 86.96 12.41 -109.89
N VAL EC 15 87.94 11.52 -109.94
CA VAL EC 15 89.09 11.53 -109.03
C VAL EC 15 90.36 11.24 -109.81
N THR EC 16 91.42 11.99 -109.52
CA THR EC 16 92.73 11.75 -110.12
C THR EC 16 93.77 11.68 -109.02
N GLY EC 17 94.86 10.96 -109.29
CA GLY EC 17 95.90 10.79 -108.30
C GLY EC 17 95.50 9.82 -107.20
N GLY EC 18 96.28 9.83 -106.13
CA GLY EC 18 95.98 9.02 -104.96
C GLY EC 18 96.41 7.57 -105.12
N THR EC 19 96.15 6.81 -104.07
CA THR EC 19 96.38 5.38 -104.05
C THR EC 19 95.05 4.64 -103.98
N ALA EC 20 94.91 3.63 -104.82
CA ALA EC 20 93.67 2.87 -104.95
C ALA EC 20 93.67 1.74 -103.91
N ARG EC 21 92.86 1.90 -102.89
CA ARG EC 21 92.69 0.84 -101.91
C ARG EC 21 91.41 0.05 -102.21
N THR EC 22 91.32 -1.15 -101.62
CA THR EC 22 90.36 -2.13 -102.10
C THR EC 22 89.05 -2.10 -101.31
N VAL EC 23 89.13 -1.87 -99.99
CA VAL EC 23 87.99 -1.98 -99.08
C VAL EC 23 87.61 -3.46 -98.96
N LYS EC 24 87.63 -3.98 -97.73
CA LYS EC 24 87.41 -5.40 -97.48
C LYS EC 24 86.31 -5.55 -96.45
N GLU EC 25 85.37 -6.46 -96.70
CA GLU EC 25 84.27 -6.67 -95.77
C GLU EC 25 84.78 -7.35 -94.50
N LEU EC 26 84.35 -6.84 -93.35
CA LEU EC 26 84.66 -7.48 -92.07
C LEU EC 26 83.51 -8.38 -91.59
N VAL EC 27 82.35 -7.78 -91.34
CA VAL EC 27 81.24 -8.45 -90.67
C VAL EC 27 79.95 -7.97 -91.29
N ARG EC 28 79.00 -8.88 -91.42
CA ARG EC 28 77.71 -8.60 -92.03
C ARG EC 28 76.62 -8.88 -91.00
N ASN EC 29 75.36 -8.70 -91.41
CA ASN EC 29 74.18 -9.01 -90.62
C ASN EC 29 73.98 -8.01 -89.49
N ASN EC 30 72.77 -7.47 -89.39
CA ASN EC 30 71.73 -7.66 -90.39
C ASN EC 30 71.26 -6.31 -90.89
N SER EC 31 71.19 -6.16 -92.21
CA SER EC 31 70.95 -4.87 -92.85
C SER EC 31 72.02 -3.87 -92.41
N GLU EC 32 73.23 -4.39 -92.23
CA GLU EC 32 74.35 -3.60 -91.72
C GLU EC 32 75.66 -4.24 -92.18
N LEU EC 33 76.37 -3.59 -93.09
CA LEU EC 33 77.67 -4.09 -93.53
C LEU EC 33 78.78 -3.35 -92.80
N ASN EC 34 79.88 -4.05 -92.56
CA ASN EC 34 81.08 -3.47 -91.97
C ASN EC 34 82.27 -3.86 -92.82
N ALA EC 35 83.06 -2.87 -93.22
CA ALA EC 35 84.20 -3.10 -94.10
C ALA EC 35 85.38 -2.30 -93.54
N TYR EC 36 86.49 -2.33 -94.27
CA TYR EC 36 87.65 -1.53 -93.89
C TYR EC 36 88.49 -1.28 -95.13
N ILE EC 37 89.02 -0.08 -95.24
CA ILE EC 37 89.86 0.30 -96.37
C ILE EC 37 91.26 -0.22 -96.10
N ASP EC 38 91.70 -1.20 -96.87
CA ASP EC 38 92.99 -1.85 -96.67
C ASP EC 38 94.10 -1.03 -97.31
N GLU EC 39 94.93 -0.40 -96.48
CA GLU EC 39 96.07 0.37 -96.97
C GLU EC 39 97.35 -0.09 -96.29
N GLY EC 40 97.41 -1.35 -95.88
CA GLY EC 40 98.59 -1.90 -95.23
C GLY EC 40 98.90 -1.26 -93.89
N LEU EC 41 97.88 -1.01 -93.08
CA LEU EC 41 98.06 -0.44 -91.76
C LEU EC 41 97.73 -1.49 -90.70
N SER EC 42 97.98 -1.14 -89.45
CA SER EC 42 97.75 -2.06 -88.35
C SER EC 42 96.26 -2.16 -88.03
N PHE EC 43 95.92 -3.06 -87.11
CA PHE EC 43 94.54 -3.31 -86.77
C PHE EC 43 93.89 -2.10 -86.07
N GLN EC 44 94.66 -1.36 -85.28
CA GLN EC 44 94.11 -0.21 -84.58
C GLN EC 44 94.11 1.06 -85.42
N ALA EC 45 94.78 1.06 -86.57
CA ALA EC 45 94.95 2.26 -87.37
C ALA EC 45 94.27 2.14 -88.74
N ARG EC 46 93.37 1.17 -88.90
CA ARG EC 46 92.70 0.98 -90.18
C ARG EC 46 91.43 1.82 -90.25
N LYS EC 47 91.03 2.13 -91.48
CA LYS EC 47 89.93 3.05 -91.77
C LYS EC 47 88.58 2.57 -91.25
N GLU EC 48 88.11 1.40 -91.71
CA GLU EC 48 86.85 0.81 -91.24
C GLU EC 48 85.59 1.60 -91.52
N VAL EC 49 85.17 1.67 -92.79
CA VAL EC 49 83.88 2.26 -93.17
C VAL EC 49 82.77 1.23 -92.94
N ALA EC 50 81.64 1.69 -92.39
CA ALA EC 50 80.47 0.86 -92.14
C ALA EC 50 79.27 1.34 -92.94
N PHE EC 51 78.41 0.40 -93.33
CA PHE EC 51 77.26 0.65 -94.18
C PHE EC 51 76.00 0.17 -93.49
N SER EC 52 75.02 1.06 -93.33
CA SER EC 52 73.74 0.72 -92.72
C SER EC 52 72.62 0.95 -93.72
N VAL EC 53 71.46 0.37 -93.43
CA VAL EC 53 70.31 0.45 -94.33
C VAL EC 53 69.01 0.32 -93.54
N LYS EC 54 68.05 1.19 -93.83
CA LYS EC 54 66.70 1.10 -93.29
C LYS EC 54 65.74 1.06 -94.48
N VAL EC 55 65.10 -0.09 -94.66
CA VAL EC 55 64.25 -0.29 -95.84
C VAL EC 55 62.97 0.52 -95.68
N PRO EC 56 62.29 0.89 -96.76
CA PRO EC 56 61.04 1.65 -96.63
C PRO EC 56 59.96 0.80 -95.95
N LYS EC 57 59.42 1.34 -94.86
CA LYS EC 57 58.38 0.66 -94.10
C LYS EC 57 57.03 1.27 -94.44
N VAL EC 58 56.06 0.43 -94.75
CA VAL EC 58 54.76 0.90 -95.20
C VAL EC 58 53.99 1.44 -94.01
N SER EC 59 53.98 2.77 -93.87
CA SER EC 59 53.20 3.45 -92.84
C SER EC 59 51.83 3.83 -93.41
N VAL EC 60 51.11 4.71 -92.71
CA VAL EC 60 49.80 5.14 -93.20
C VAL EC 60 49.79 6.66 -93.35
N SER EC 61 50.25 7.37 -92.34
CA SER EC 61 50.17 8.83 -92.31
C SER EC 61 51.48 9.44 -92.81
N ALA EC 62 51.83 9.08 -94.04
CA ALA EC 62 53.06 9.60 -94.64
C ALA EC 62 52.81 9.95 -96.10
N PRO EC 63 53.56 10.90 -96.65
CA PRO EC 63 53.49 11.14 -98.09
C PRO EC 63 53.85 9.89 -98.86
N GLY EC 64 53.06 9.59 -99.90
CA GLY EC 64 53.32 8.41 -100.70
C GLY EC 64 52.74 7.15 -100.09
N GLY EC 65 52.79 7.06 -98.76
CA GLY EC 65 52.24 5.94 -98.04
C GLY EC 65 53.25 5.26 -97.13
N PHE EC 66 54.49 5.11 -97.60
CA PHE EC 66 55.50 4.40 -96.82
C PHE EC 66 56.40 5.40 -96.11
N THR EC 67 57.25 4.89 -95.21
CA THR EC 67 58.33 5.68 -94.65
C THR EC 67 59.46 5.78 -95.66
N GLN EC 68 60.51 6.49 -95.30
CA GLN EC 68 61.58 6.79 -96.22
C GLN EC 68 62.63 5.69 -96.24
N ALA EC 69 63.32 5.59 -97.37
CA ALA EC 69 64.41 4.63 -97.55
C ALA EC 69 65.70 5.28 -97.04
N ARG EC 70 66.10 4.91 -95.82
CA ARG EC 70 67.30 5.46 -95.22
C ARG EC 70 68.51 4.60 -95.56
N SER EC 71 69.63 5.27 -95.84
CA SER EC 71 70.87 4.59 -96.22
C SER EC 71 72.02 5.37 -95.59
N THR EC 72 72.69 4.77 -94.62
CA THR EC 72 73.73 5.45 -93.86
C THR EC 72 75.09 4.83 -94.11
N VAL EC 73 76.11 5.69 -94.13
CA VAL EC 73 77.51 5.29 -94.23
C VAL EC 73 78.26 6.05 -93.15
N ILE EC 74 79.13 5.37 -92.43
CA ILE EC 74 80.01 6.02 -91.46
C ILE EC 74 81.44 5.60 -91.73
N LEU EC 75 82.28 6.55 -92.13
CA LEU EC 75 83.70 6.31 -92.27
C LEU EC 75 84.37 6.68 -90.96
N LYS EC 76 85.00 5.70 -90.31
CA LYS EC 76 85.78 5.95 -89.11
C LYS EC 76 87.24 6.17 -89.51
N SER EC 77 87.99 6.80 -88.62
CA SER EC 77 89.40 7.11 -88.85
C SER EC 77 90.10 7.21 -87.51
N PRO EC 78 90.91 6.23 -87.15
CA PRO EC 78 91.61 6.29 -85.86
C PRO EC 78 92.62 7.42 -85.82
N LYS EC 79 92.87 7.92 -84.62
CA LYS EC 79 93.90 8.94 -84.42
C LYS EC 79 94.42 8.84 -82.99
N THR EC 80 95.74 8.86 -82.86
CA THR EC 80 96.37 8.86 -81.55
C THR EC 80 96.73 10.29 -81.16
N LEU EC 81 96.59 10.60 -79.88
CA LEU EC 81 96.68 11.98 -79.42
C LEU EC 81 98.05 12.28 -78.84
N ALA EC 82 98.23 13.53 -78.40
CA ALA EC 82 99.48 13.99 -77.83
C ALA EC 82 99.75 13.43 -76.43
N ASN EC 83 98.75 12.80 -75.82
CA ASN EC 83 98.93 12.13 -74.54
C ASN EC 83 98.96 10.61 -74.68
N GLY EC 84 98.92 10.08 -75.90
CA GLY EC 84 98.98 8.65 -76.14
C GLY EC 84 97.65 7.94 -76.22
N ASN EC 85 96.54 8.62 -75.92
CA ASN EC 85 95.24 7.98 -76.01
C ASN EC 85 94.79 7.88 -77.47
N ARG EC 86 93.80 7.01 -77.69
CA ARG EC 86 93.28 6.73 -79.03
C ARG EC 86 91.85 7.24 -79.11
N THR EC 87 91.52 7.94 -80.19
CA THR EC 87 90.17 8.37 -80.48
C THR EC 87 89.85 8.11 -81.95
N VAL EC 88 88.60 8.37 -82.33
CA VAL EC 88 88.14 8.13 -83.69
C VAL EC 88 87.47 9.38 -84.22
N ASN EC 89 87.85 9.79 -85.43
CA ASN EC 89 87.13 10.81 -86.18
C ASN EC 89 86.15 10.10 -87.10
N THR EC 90 84.99 10.71 -87.34
CA THR EC 90 83.97 10.06 -88.15
C THR EC 90 83.43 11.02 -89.20
N VAL EC 91 83.04 10.44 -90.33
CA VAL EC 91 82.21 11.13 -91.32
C VAL EC 91 80.95 10.31 -91.51
N SER EC 92 79.80 10.90 -91.22
CA SER EC 92 78.53 10.20 -91.34
C SER EC 92 77.70 10.81 -92.46
N ILE EC 93 77.26 9.98 -93.39
CA ILE EC 93 76.44 10.40 -94.53
C ILE EC 93 75.15 9.60 -94.48
N GLN EC 94 74.03 10.28 -94.33
CA GLN EC 94 72.72 9.64 -94.37
C GLN EC 94 71.94 10.16 -95.56
N LEU EC 95 71.49 9.24 -96.40
CA LEU EC 95 70.62 9.55 -97.54
C LEU EC 95 69.23 9.03 -97.18
N SER EC 96 68.25 9.92 -97.21
CA SER EC 96 66.88 9.58 -96.85
C SER EC 96 65.95 10.11 -97.93
N VAL EC 97 65.55 9.23 -98.84
CA VAL EC 97 64.65 9.59 -99.91
C VAL EC 97 63.35 8.81 -99.76
N ASP EC 98 62.29 9.31 -100.40
CA ASP EC 98 61.04 8.59 -100.50
C ASP EC 98 61.20 7.48 -101.53
N PRO EC 99 60.48 6.36 -101.36
CA PRO EC 99 60.62 5.24 -102.30
C PRO EC 99 60.25 5.59 -103.72
N GLU EC 100 59.42 6.62 -103.94
CA GLU EC 100 59.01 7.05 -105.26
C GLU EC 100 60.09 7.80 -106.00
N THR EC 101 61.22 8.09 -105.35
CA THR EC 101 62.30 8.83 -105.98
C THR EC 101 62.98 7.98 -107.04
N THR EC 102 63.30 8.62 -108.17
CA THR EC 102 63.98 7.95 -109.27
C THR EC 102 65.48 7.94 -109.05
N ALA EC 103 66.18 7.16 -109.88
CA ALA EC 103 67.62 7.02 -109.74
C ALA EC 103 68.34 8.31 -110.09
N ALA EC 104 67.83 9.05 -111.08
CA ALA EC 104 68.50 10.28 -111.50
C ALA EC 104 68.39 11.38 -110.44
N GLU EC 105 67.26 11.45 -109.74
CA GLU EC 105 67.13 12.39 -108.63
C GLU EC 105 68.14 12.08 -107.52
N VAL EC 106 68.29 10.78 -107.21
CA VAL EC 106 69.25 10.39 -106.18
C VAL EC 106 70.67 10.69 -106.64
N THR EC 107 70.94 10.51 -107.93
CA THR EC 107 72.23 10.84 -108.51
C THR EC 107 72.53 12.32 -108.35
N THR EC 108 71.53 13.17 -108.62
CA THR EC 108 71.71 14.61 -108.46
C THR EC 108 71.98 14.96 -107.00
N MET EC 109 71.21 14.38 -106.09
CA MET EC 109 71.41 14.66 -104.66
C MET EC 109 72.80 14.24 -104.21
N LEU EC 110 73.24 13.06 -104.64
CA LEU EC 110 74.56 12.57 -104.24
C LEU EC 110 75.66 13.44 -104.83
N ASN EC 111 75.49 13.90 -106.06
CA ASN EC 111 76.50 14.77 -106.66
C ASN EC 111 76.59 16.09 -105.92
N ALA EC 112 75.45 16.68 -105.57
CA ALA EC 112 75.47 17.94 -104.82
C ALA EC 112 76.11 17.75 -103.46
N ALA EC 113 75.75 16.66 -102.76
CA ALA EC 113 76.31 16.40 -101.44
C ALA EC 113 77.81 16.14 -101.50
N ALA EC 114 78.26 15.40 -102.52
CA ALA EC 114 79.69 15.18 -102.70
C ALA EC 114 80.42 16.48 -102.99
N GLN EC 115 79.82 17.33 -103.82
CA GLN EC 115 80.40 18.64 -104.08
C GLN EC 115 80.57 19.43 -102.79
N LEU EC 116 79.58 19.34 -101.90
CA LEU EC 116 79.71 20.02 -100.60
C LEU EC 116 80.51 19.14 -99.64
N LEU EC 117 81.60 18.56 -100.17
CA LEU EC 117 82.53 17.83 -99.32
C LEU EC 117 83.97 18.15 -99.71
N PHE EC 118 84.20 18.38 -101.01
CA PHE EC 118 85.54 18.57 -101.52
C PHE EC 118 85.73 19.89 -102.27
N ASP EC 119 84.67 20.66 -102.49
CA ASP EC 119 84.80 21.95 -103.15
C ASP EC 119 85.64 22.89 -102.31
N SER EC 120 86.54 23.62 -102.97
CA SER EC 120 87.49 24.48 -102.27
C SER EC 120 86.78 25.57 -101.48
N ASP EC 121 85.56 25.92 -101.88
CA ASP EC 121 84.79 26.96 -101.20
C ASP EC 121 84.47 26.56 -99.76
N TYR EC 122 84.10 25.30 -99.56
CA TYR EC 122 83.81 24.82 -98.21
C TYR EC 122 85.02 24.11 -97.62
N SER EC 123 86.12 24.83 -97.45
CA SER EC 123 87.29 24.24 -96.79
C SER EC 123 87.38 24.78 -95.36
N ASP EC 124 87.19 26.09 -95.22
CA ASP EC 124 87.22 26.70 -93.89
C ASP EC 124 86.08 26.18 -93.02
N PHE EC 125 84.98 25.73 -93.62
CA PHE EC 125 83.87 25.22 -92.84
C PHE EC 125 84.16 23.87 -92.20
N TRP EC 126 84.89 22.99 -92.89
CA TRP EC 126 85.17 21.66 -92.35
C TRP EC 126 86.37 21.69 -91.41
N LYS EC 127 87.47 22.31 -91.85
CA LYS EC 127 88.69 22.29 -91.06
C LYS EC 127 88.70 23.42 -90.03
N ALA EC 128 88.52 24.66 -90.49
CA ALA EC 128 88.53 25.79 -89.57
C ALA EC 128 87.23 25.97 -88.81
N GLN EC 129 86.18 25.22 -89.19
CA GLN EC 129 84.86 25.36 -88.61
C GLN EC 129 84.33 26.79 -88.74
N ALA EC 130 84.63 27.42 -89.87
CA ALA EC 130 84.26 28.80 -90.13
C ALA EC 130 82.95 28.83 -90.91
N LEU EC 131 81.88 29.24 -90.26
CA LEU EC 131 80.55 29.28 -90.88
C LEU EC 131 80.52 30.25 -92.05
N ALA EC 132 81.28 31.34 -91.95
CA ALA EC 132 81.37 32.30 -93.05
C ALA EC 132 82.62 33.17 -92.92
N ALA FC 1 46.78 66.08 -104.35
CA ALA FC 1 46.45 65.38 -103.11
C ALA FC 1 46.14 63.92 -103.39
N ILE FC 2 45.56 63.25 -102.39
CA ILE FC 2 45.28 61.81 -102.51
C ILE FC 2 44.28 61.55 -103.64
N ALA FC 3 43.20 62.35 -103.69
CA ALA FC 3 42.20 62.17 -104.73
C ALA FC 3 42.78 62.54 -106.09
N ASN FC 4 42.59 61.65 -107.07
CA ASN FC 4 43.06 61.85 -108.44
C ASN FC 4 44.59 61.98 -108.50
N SER FC 5 45.27 61.36 -107.55
CA SER FC 5 46.73 61.28 -107.57
C SER FC 5 47.15 60.22 -108.59
N SER FC 6 48.25 60.47 -109.28
CA SER FC 6 48.74 59.55 -110.30
C SER FC 6 49.96 58.80 -109.81
N ILE FC 7 49.97 57.49 -110.04
CA ILE FC 7 51.09 56.62 -109.69
C ILE FC 7 51.49 55.85 -110.94
N ALA FC 8 52.78 55.84 -111.25
CA ALA FC 8 53.29 55.18 -112.45
C ALA FC 8 53.65 53.75 -112.11
N ILE FC 9 52.84 52.80 -112.59
CA ILE FC 9 53.03 51.39 -112.28
C ILE FC 9 54.14 50.81 -113.14
N ASP FC 10 54.95 49.92 -112.55
CA ASP FC 10 56.08 49.27 -113.23
C ASP FC 10 57.07 50.32 -113.75
N SER FC 11 57.67 51.02 -112.79
CA SER FC 11 58.54 52.14 -113.09
C SER FC 11 59.87 51.96 -112.39
N THR FC 12 60.93 52.48 -113.02
CA THR FC 12 62.22 52.52 -112.37
C THR FC 12 62.29 53.73 -111.44
N ALA FC 13 62.74 53.51 -110.22
CA ALA FC 13 62.87 54.57 -109.22
C ALA FC 13 64.34 54.90 -109.09
N SER FC 14 64.70 56.13 -109.45
CA SER FC 14 66.06 56.60 -109.27
C SER FC 14 66.16 57.42 -107.99
N VAL FC 15 67.36 57.91 -107.71
CA VAL FC 15 67.57 58.80 -106.57
C VAL FC 15 68.86 59.59 -106.80
N THR FC 16 68.79 60.92 -106.68
CA THR FC 16 69.95 61.79 -106.90
C THR FC 16 69.90 62.93 -105.89
N GLY FC 17 70.49 62.72 -104.72
CA GLY FC 17 70.68 63.82 -103.79
C GLY FC 17 72.04 63.90 -103.15
N GLY FC 18 72.83 62.83 -103.28
CA GLY FC 18 74.12 62.77 -102.63
C GLY FC 18 74.05 62.28 -101.20
N THR FC 19 75.11 62.52 -100.43
CA THR FC 19 75.20 62.10 -99.04
C THR FC 19 75.03 60.58 -98.90
N ALA FC 20 75.93 59.86 -99.56
CA ALA FC 20 75.88 58.40 -99.58
C ALA FC 20 76.36 57.81 -98.27
N ARG FC 21 75.44 57.56 -97.36
CA ARG FC 21 75.77 56.98 -96.07
C ARG FC 21 75.95 55.47 -96.20
N THR FC 22 76.15 54.80 -95.06
CA THR FC 22 76.40 53.37 -95.03
C THR FC 22 75.59 52.74 -93.91
N VAL FC 23 74.90 51.65 -94.23
CA VAL FC 23 74.17 50.87 -93.23
C VAL FC 23 75.15 49.86 -92.64
N LYS FC 24 75.42 49.97 -91.35
CA LYS FC 24 76.28 49.03 -90.64
C LYS FC 24 75.44 48.24 -89.65
N GLU FC 25 75.58 46.92 -89.70
CA GLU FC 25 74.76 46.10 -88.80
C GLU FC 25 75.30 46.16 -87.39
N LEU FC 26 74.39 46.00 -86.42
CA LEU FC 26 74.75 46.05 -85.01
C LEU FC 26 74.63 44.68 -84.38
N VAL FC 27 73.45 44.06 -84.40
CA VAL FC 27 73.20 42.76 -83.80
C VAL FC 27 72.30 41.96 -84.72
N ARG FC 28 71.97 40.75 -84.30
CA ARG FC 28 71.15 39.86 -85.11
C ARG FC 28 69.93 39.31 -84.40
N ASN FC 29 70.02 39.08 -83.09
CA ASN FC 29 69.08 38.28 -82.29
C ASN FC 29 68.25 37.29 -83.12
N ASN FC 30 66.97 37.16 -82.78
CA ASN FC 30 66.15 36.06 -83.30
C ASN FC 30 65.54 36.46 -84.64
N SER FC 31 66.13 35.97 -85.73
CA SER FC 31 65.60 36.15 -87.08
C SER FC 31 65.37 37.62 -87.39
N GLU FC 32 66.32 38.45 -86.95
CA GLU FC 32 66.23 39.90 -87.08
C GLU FC 32 67.58 40.40 -87.56
N LEU FC 33 67.65 41.69 -87.85
CA LEU FC 33 68.92 42.32 -88.19
C LEU FC 33 68.87 43.80 -87.85
N ASN FC 34 69.42 44.18 -86.71
CA ASN FC 34 69.40 45.57 -86.29
C ASN FC 34 70.66 46.25 -86.79
N ALA FC 35 70.49 47.26 -87.63
CA ALA FC 35 71.58 48.03 -88.19
C ALA FC 35 71.41 49.50 -87.83
N TYR FC 36 72.29 50.34 -88.36
CA TYR FC 36 72.22 51.78 -88.15
C TYR FC 36 72.91 52.48 -89.30
N ILE FC 37 72.49 53.72 -89.56
CA ILE FC 37 73.05 54.51 -90.64
C ILE FC 37 74.19 55.36 -90.09
N ASP FC 38 75.36 55.29 -90.72
CA ASP FC 38 76.55 55.95 -90.22
C ASP FC 38 76.63 57.36 -90.80
N GLU FC 39 76.15 58.32 -90.00
CA GLU FC 39 76.19 59.72 -90.37
C GLU FC 39 77.06 60.57 -89.46
N GLY FC 40 77.77 59.96 -88.52
CA GLY FC 40 78.60 60.68 -87.59
C GLY FC 40 77.89 61.29 -86.40
N LEU FC 41 76.61 61.01 -86.20
CA LEU FC 41 75.86 61.52 -85.07
C LEU FC 41 76.30 60.83 -83.79
N SER FC 42 75.67 61.21 -82.69
CA SER FC 42 76.01 60.61 -81.40
C SER FC 42 75.55 59.16 -81.35
N PHE FC 43 75.89 58.50 -80.24
CA PHE FC 43 75.56 57.08 -80.11
C PHE FC 43 74.06 56.87 -79.95
N GLN FC 44 73.42 57.68 -79.12
CA GLN FC 44 71.97 57.60 -78.92
C GLN FC 44 71.22 58.67 -79.71
N ALA FC 45 71.84 59.14 -80.81
CA ALA FC 45 71.14 60.03 -81.73
C ALA FC 45 71.22 59.54 -83.18
N ARG FC 46 71.76 58.35 -83.42
CA ARG FC 46 71.88 57.79 -84.75
C ARG FC 46 70.55 57.17 -85.19
N LYS FC 47 70.39 56.96 -86.49
CA LYS FC 47 69.16 56.34 -86.98
C LYS FC 47 69.43 54.86 -87.19
N GLU FC 48 68.71 54.01 -86.44
CA GLU FC 48 68.84 52.56 -86.53
C GLU FC 48 67.66 52.02 -87.33
N VAL FC 49 67.96 51.21 -88.34
CA VAL FC 49 66.91 50.53 -89.09
C VAL FC 49 67.00 49.04 -88.83
N ALA FC 50 65.88 48.44 -88.44
CA ALA FC 50 65.79 47.03 -88.10
C ALA FC 50 65.04 46.27 -89.18
N PHE FC 51 65.63 45.14 -89.58
CA PHE FC 51 65.08 44.25 -90.59
C PHE FC 51 64.62 42.96 -89.92
N SER FC 52 63.55 42.37 -90.44
CA SER FC 52 63.07 41.11 -89.87
C SER FC 52 62.31 40.31 -90.91
N VAL FC 53 62.44 38.98 -90.84
CA VAL FC 53 61.77 38.08 -91.76
C VAL FC 53 60.90 37.10 -90.99
N LYS FC 54 59.79 36.71 -91.60
CA LYS FC 54 58.81 35.79 -91.05
C LYS FC 54 58.37 34.85 -92.19
N VAL FC 55 59.34 34.06 -92.66
CA VAL FC 55 59.19 33.02 -93.68
C VAL FC 55 57.95 32.16 -93.44
N PRO FC 56 57.38 31.57 -94.50
CA PRO FC 56 56.12 30.83 -94.36
C PRO FC 56 56.28 29.54 -93.56
N LYS FC 57 55.17 29.11 -92.97
CA LYS FC 57 55.11 27.88 -92.19
C LYS FC 57 53.94 27.04 -92.72
N VAL FC 58 54.22 25.77 -93.03
CA VAL FC 58 53.24 24.91 -93.69
C VAL FC 58 52.04 24.71 -92.78
N SER FC 59 50.88 25.21 -93.21
CA SER FC 59 49.65 25.13 -92.44
C SER FC 59 48.64 24.25 -93.16
N VAL FC 60 47.47 24.06 -92.55
CA VAL FC 60 46.34 23.37 -93.17
C VAL FC 60 45.31 24.35 -93.70
N SER FC 61 45.15 25.48 -93.03
CA SER FC 61 44.38 26.64 -93.46
C SER FC 61 45.20 27.40 -94.49
N ALA FC 62 44.92 28.70 -94.67
CA ALA FC 62 45.66 29.53 -95.62
C ALA FC 62 45.40 29.09 -97.05
N PRO FC 63 44.29 29.53 -97.64
CA PRO FC 63 43.83 28.96 -98.91
C PRO FC 63 44.79 29.25 -100.05
N GLY FC 64 45.73 28.33 -100.22
CA GLY FC 64 46.94 28.53 -100.99
C GLY FC 64 48.04 27.67 -100.40
N GLY FC 65 47.76 27.12 -99.21
CA GLY FC 65 48.59 26.09 -98.63
C GLY FC 65 49.21 26.42 -97.29
N PHE FC 66 49.72 27.64 -97.14
CA PHE FC 66 50.40 28.06 -95.92
C PHE FC 66 50.61 29.56 -95.89
N THR FC 67 50.93 30.06 -94.71
CA THR FC 67 50.93 31.48 -94.40
C THR FC 67 51.87 32.25 -95.30
N GLN FC 68 51.65 33.56 -95.38
CA GLN FC 68 52.47 34.42 -96.21
C GLN FC 68 53.83 34.65 -95.56
N ALA FC 69 54.76 35.11 -96.38
CA ALA FC 69 56.12 35.41 -95.96
C ALA FC 69 56.24 36.92 -95.73
N ARG FC 70 56.33 37.33 -94.47
CA ARG FC 70 56.34 38.77 -94.22
C ARG FC 70 57.75 39.29 -93.98
N SER FC 71 58.00 40.52 -94.43
CA SER FC 71 59.30 41.17 -94.28
C SER FC 71 59.06 42.57 -93.71
N THR FC 72 59.66 42.87 -92.57
CA THR FC 72 59.46 44.14 -91.91
C THR FC 72 60.76 44.96 -91.86
N VAL FC 73 60.61 46.27 -92.06
CA VAL FC 73 61.69 47.23 -91.91
C VAL FC 73 61.18 48.39 -91.06
N ILE FC 74 61.87 48.68 -89.96
CA ILE FC 74 61.52 49.82 -89.10
C ILE FC 74 62.70 50.78 -89.04
N LEU FC 75 62.48 52.01 -89.47
CA LEU FC 75 63.50 53.05 -89.45
C LEU FC 75 63.22 53.95 -88.25
N LYS FC 76 64.12 53.94 -87.28
CA LYS FC 76 63.95 54.74 -86.07
C LYS FC 76 64.86 55.96 -86.13
N SER FC 77 64.26 57.14 -86.21
CA SER FC 77 64.99 58.40 -86.25
C SER FC 77 64.78 59.13 -84.94
N PRO FC 78 65.80 59.29 -84.10
CA PRO FC 78 65.59 59.96 -82.81
C PRO FC 78 65.51 61.47 -82.97
N LYS FC 79 64.88 62.13 -82.01
CA LYS FC 79 64.67 63.56 -82.06
C LYS FC 79 64.58 64.12 -80.64
N THR FC 80 65.29 65.21 -80.40
CA THR FC 80 65.24 65.92 -79.13
C THR FC 80 64.21 67.04 -79.25
N LEU FC 81 63.22 67.03 -78.36
CA LEU FC 81 62.15 68.01 -78.41
C LEU FC 81 62.57 69.32 -77.74
N ALA FC 82 61.73 70.34 -77.92
CA ALA FC 82 62.01 71.64 -77.32
C ALA FC 82 61.96 71.57 -75.79
N ASN FC 83 61.02 70.79 -75.24
CA ASN FC 83 60.94 70.65 -73.79
C ASN FC 83 62.21 70.02 -73.22
N GLY FC 84 62.99 69.33 -74.05
CA GLY FC 84 64.27 68.82 -73.62
C GLY FC 84 64.37 67.32 -73.68
N ASN FC 85 63.23 66.63 -73.57
CA ASN FC 85 63.23 65.18 -73.59
C ASN FC 85 63.50 64.66 -75.00
N ARG FC 86 63.58 63.34 -75.12
CA ARG FC 86 63.92 62.66 -76.36
C ARG FC 86 62.78 61.74 -76.76
N THR FC 87 62.59 61.59 -78.06
CA THR FC 87 61.55 60.71 -78.60
C THR FC 87 62.10 60.10 -79.88
N VAL FC 88 61.40 59.11 -80.41
CA VAL FC 88 61.80 58.47 -81.66
C VAL FC 88 60.64 58.56 -82.64
N ASN FC 89 60.95 58.96 -83.87
CA ASN FC 89 59.99 59.01 -84.97
C ASN FC 89 60.30 57.80 -85.86
N THR FC 90 59.29 56.94 -86.05
CA THR FC 90 59.53 55.66 -86.69
C THR FC 90 58.78 55.55 -88.02
N VAL FC 91 59.34 54.76 -88.94
CA VAL FC 91 58.70 54.44 -90.21
C VAL FC 91 58.77 52.94 -90.43
N SER FC 92 57.68 52.24 -90.13
CA SER FC 92 57.66 50.80 -90.32
C SER FC 92 57.06 50.44 -91.69
N ILE FC 93 57.58 49.37 -92.28
CA ILE FC 93 57.14 48.88 -93.58
C ILE FC 93 57.05 47.36 -93.54
N GLN FC 94 55.93 46.80 -93.99
CA GLN FC 94 55.73 45.36 -93.99
C GLN FC 94 55.30 44.89 -95.38
N LEU FC 95 55.67 43.65 -95.71
CA LEU FC 95 55.48 43.09 -97.05
C LEU FC 95 54.85 41.69 -96.95
N SER FC 96 53.72 41.60 -96.24
CA SER FC 96 53.02 40.34 -96.09
C SER FC 96 52.46 39.92 -97.44
N VAL FC 97 53.22 39.07 -98.15
CA VAL FC 97 52.83 38.57 -99.46
C VAL FC 97 52.87 37.05 -99.45
N ASP FC 98 51.97 36.46 -100.24
CA ASP FC 98 51.84 35.01 -100.28
C ASP FC 98 53.07 34.40 -100.97
N PRO FC 99 53.59 33.29 -100.44
CA PRO FC 99 54.87 32.76 -100.94
C PRO FC 99 54.86 32.30 -102.37
N GLU FC 100 53.70 32.07 -102.99
CA GLU FC 100 53.64 31.72 -104.40
C GLU FC 100 53.92 32.89 -105.31
N THR FC 101 54.09 34.09 -104.74
CA THR FC 101 54.23 35.30 -105.55
C THR FC 101 55.57 35.34 -106.28
N THR FC 102 55.52 35.69 -107.55
CA THR FC 102 56.72 35.85 -108.34
C THR FC 102 57.42 37.15 -107.97
N ALA FC 103 58.71 37.23 -108.32
CA ALA FC 103 59.52 38.41 -108.00
C ALA FC 103 59.12 39.64 -108.79
N ALA FC 104 58.53 39.46 -109.98
CA ALA FC 104 58.13 40.60 -110.79
C ALA FC 104 56.98 41.37 -110.14
N GLU FC 105 55.97 40.66 -109.65
CA GLU FC 105 54.87 41.32 -108.98
C GLU FC 105 55.32 41.94 -107.66
N VAL FC 106 56.26 41.29 -106.96
CA VAL FC 106 56.81 41.88 -105.75
C VAL FC 106 57.54 43.19 -106.08
N THR FC 107 58.31 43.21 -107.17
CA THR FC 107 58.97 44.43 -107.59
C THR FC 107 57.95 45.51 -107.95
N THR FC 108 56.87 45.12 -108.64
CA THR FC 108 55.81 46.06 -108.97
C THR FC 108 55.21 46.66 -107.71
N MET FC 109 54.92 45.83 -106.72
CA MET FC 109 54.34 46.28 -105.46
C MET FC 109 55.29 47.20 -104.70
N LEU FC 110 56.58 46.85 -104.70
CA LEU FC 110 57.56 47.66 -103.99
C LEU FC 110 57.71 49.02 -104.66
N ASN FC 111 57.68 49.06 -105.99
CA ASN FC 111 57.74 50.33 -106.70
C ASN FC 111 56.49 51.16 -106.43
N ALA FC 112 55.32 50.53 -106.44
CA ALA FC 112 54.08 51.27 -106.20
C ALA FC 112 54.05 51.84 -104.79
N ALA FC 113 54.42 51.05 -103.79
CA ALA FC 113 54.49 51.51 -102.41
C ALA FC 113 55.55 52.58 -102.20
N ALA FC 114 56.74 52.41 -102.79
CA ALA FC 114 57.78 53.41 -102.68
C ALA FC 114 57.52 54.61 -103.58
N GLN FC 115 56.60 54.49 -104.54
CA GLN FC 115 56.16 55.65 -105.28
C GLN FC 115 55.36 56.60 -104.42
N LEU FC 116 54.65 56.08 -103.43
CA LEU FC 116 54.20 56.88 -102.29
C LEU FC 116 55.43 57.24 -101.47
N LEU FC 117 55.23 58.09 -100.47
CA LEU FC 117 56.29 58.53 -99.54
C LEU FC 117 57.27 59.51 -100.18
N PHE FC 118 57.22 59.70 -101.50
CA PHE FC 118 58.04 60.76 -102.07
C PHE FC 118 57.30 61.49 -103.18
N ASP FC 119 56.10 61.02 -103.51
CA ASP FC 119 55.29 61.72 -104.49
C ASP FC 119 54.74 63.01 -103.88
N SER FC 120 54.62 64.03 -104.72
CA SER FC 120 54.18 65.34 -104.25
C SER FC 120 52.73 65.34 -103.79
N ASP FC 121 51.89 64.47 -104.35
CA ASP FC 121 50.48 64.46 -103.98
C ASP FC 121 50.28 64.07 -102.52
N TYR FC 122 51.13 63.20 -101.99
CA TYR FC 122 50.97 62.68 -100.65
C TYR FC 122 51.78 63.43 -99.61
N SER FC 123 52.46 64.50 -100.01
CA SER FC 123 53.23 65.32 -99.07
C SER FC 123 52.36 65.79 -97.90
N ASP FC 124 51.19 66.34 -98.20
CA ASP FC 124 50.30 66.85 -97.16
C ASP FC 124 49.77 65.71 -96.29
N PHE FC 125 49.49 64.55 -96.90
CA PHE FC 125 49.03 63.40 -96.13
C PHE FC 125 50.08 62.96 -95.12
N TRP FC 126 51.33 62.84 -95.55
CA TRP FC 126 52.38 62.39 -94.65
C TRP FC 126 52.76 63.45 -93.62
N LYS FC 127 52.64 64.73 -93.96
CA LYS FC 127 53.13 65.79 -93.07
C LYS FC 127 52.02 66.33 -92.17
N ALA FC 128 50.92 66.81 -92.72
CA ALA FC 128 49.84 67.40 -91.93
C ALA FC 128 48.66 66.46 -91.71
N GLN FC 129 48.75 65.20 -92.15
CA GLN FC 129 47.66 64.23 -92.06
C GLN FC 129 46.42 64.72 -92.81
N ALA FC 130 46.64 65.37 -93.95
CA ALA FC 130 45.56 65.87 -94.78
C ALA FC 130 45.02 64.71 -95.62
N LEU FC 131 44.08 63.97 -95.02
CA LEU FC 131 43.42 62.86 -95.71
C LEU FC 131 42.65 63.39 -96.92
N ALA FC 132 41.66 64.25 -96.67
CA ALA FC 132 40.95 64.91 -97.74
C ALA FC 132 41.65 66.21 -98.09
N ALA GC 1 -100.82 82.51 -3.52
CA ALA GC 1 -101.39 83.68 -2.88
C ALA GC 1 -100.30 84.45 -2.14
N ILE GC 2 -99.09 83.89 -2.13
CA ILE GC 2 -97.91 84.61 -1.69
C ILE GC 2 -97.40 85.40 -2.89
N ALA GC 3 -97.91 86.61 -3.07
CA ALA GC 3 -97.56 87.42 -4.22
C ALA GC 3 -97.87 88.87 -3.90
N ASN GC 4 -99.04 89.34 -4.33
CA ASN GC 4 -99.52 90.64 -3.86
C ASN GC 4 -100.53 90.41 -2.74
N SER GC 5 -100.05 89.85 -1.63
CA SER GC 5 -100.87 89.61 -0.44
C SER GC 5 -101.06 90.89 0.35
N SER GC 6 -101.49 90.79 1.60
CA SER GC 6 -101.57 91.96 2.46
C SER GC 6 -101.40 91.52 3.90
N ILE GC 7 -100.65 92.31 4.66
CA ILE GC 7 -100.41 92.03 6.08
C ILE GC 7 -100.37 93.34 6.82
N ALA GC 8 -101.09 93.43 7.93
CA ALA GC 8 -101.09 94.63 8.75
C ALA GC 8 -99.87 94.62 9.66
N ILE GC 9 -99.13 95.72 9.68
CA ILE GC 9 -97.91 95.82 10.47
C ILE GC 9 -98.17 96.74 11.66
N ASP GC 10 -97.75 96.28 12.85
CA ASP GC 10 -98.02 96.97 14.11
C ASP GC 10 -99.52 97.10 14.35
N SER GC 11 -100.19 95.96 14.41
CA SER GC 11 -101.63 95.88 14.61
C SER GC 11 -101.93 94.93 15.77
N THR GC 12 -103.11 95.10 16.35
CA THR GC 12 -103.57 94.22 17.43
C THR GC 12 -104.28 93.01 16.85
N ALA GC 13 -103.97 91.84 17.38
CA ALA GC 13 -104.59 90.60 16.97
C ALA GC 13 -105.53 90.11 18.05
N SER GC 14 -106.69 89.59 17.63
CA SER GC 14 -107.73 89.19 18.56
C SER GC 14 -108.29 87.83 18.13
N VAL GC 15 -109.00 87.20 19.06
CA VAL GC 15 -109.56 85.88 18.85
C VAL GC 15 -111.01 85.89 19.33
N THR GC 16 -111.91 85.37 18.51
CA THR GC 16 -113.32 85.25 18.86
C THR GC 16 -113.77 83.80 18.69
N GLY GC 17 -114.72 83.41 19.53
CA GLY GC 17 -115.29 82.07 19.43
C GLY GC 17 -114.35 81.00 19.95
N GLY GC 18 -114.57 79.77 19.47
CA GLY GC 18 -113.79 78.64 19.92
C GLY GC 18 -114.16 78.22 21.34
N THR GC 19 -113.34 77.33 21.88
CA THR GC 19 -113.56 76.78 23.22
C THR GC 19 -112.27 77.00 24.02
N ALA GC 20 -112.34 77.89 25.01
CA ALA GC 20 -111.19 78.21 25.84
C ALA GC 20 -110.69 77.00 26.60
N ARG GC 21 -109.50 76.52 26.27
CA ARG GC 21 -108.86 75.42 26.96
C ARG GC 21 -107.90 75.96 28.01
N THR GC 22 -107.06 75.10 28.59
CA THR GC 22 -106.11 75.52 29.60
C THR GC 22 -104.81 74.76 29.39
N VAL GC 23 -103.69 75.46 29.52
CA VAL GC 23 -102.37 74.87 29.32
C VAL GC 23 -101.87 74.42 30.68
N LYS GC 24 -101.96 73.12 30.94
CA LYS GC 24 -101.51 72.57 32.21
C LYS GC 24 -100.05 72.17 32.11
N GLU GC 25 -99.26 72.62 33.08
CA GLU GC 25 -97.82 72.42 33.07
C GLU GC 25 -97.46 71.05 33.64
N LEU GC 26 -96.54 70.36 32.97
CA LEU GC 26 -96.24 68.98 33.31
C LEU GC 26 -94.85 68.92 33.93
N VAL GC 27 -93.81 69.34 33.21
CA VAL GC 27 -92.44 69.29 33.68
C VAL GC 27 -91.73 70.56 33.24
N ARG GC 28 -90.97 71.16 34.14
CA ARG GC 28 -90.27 72.41 33.91
C ARG GC 28 -88.83 72.21 34.35
N ASN GC 29 -87.96 71.84 33.41
CA ASN GC 29 -86.58 71.52 33.73
C ASN GC 29 -85.71 71.77 32.50
N ASN GC 30 -84.43 72.00 32.76
CA ASN GC 30 -83.40 72.06 31.71
C ASN GC 30 -83.73 73.09 30.64
N SER GC 31 -84.14 74.28 31.06
CA SER GC 31 -84.50 75.38 30.16
C SER GC 31 -85.70 75.01 29.28
N GLU GC 32 -86.47 74.02 29.70
CA GLU GC 32 -87.63 73.55 28.97
C GLU GC 32 -88.83 73.46 29.89
N LEU GC 33 -90.01 73.68 29.32
CA LEU GC 33 -91.29 73.58 30.03
C LEU GC 33 -92.21 72.76 29.13
N ASN GC 34 -92.41 71.50 29.52
CA ASN GC 34 -93.40 70.66 28.85
C ASN GC 34 -94.77 70.89 29.48
N ALA GC 35 -95.79 71.06 28.63
CA ALA GC 35 -97.13 71.26 29.11
C ALA GC 35 -98.09 70.61 28.11
N TYR GC 36 -99.37 70.63 28.42
CA TYR GC 36 -100.36 70.04 27.54
C TYR GC 36 -101.63 70.86 27.58
N ILE GC 37 -102.28 70.98 26.44
CA ILE GC 37 -103.58 71.63 26.36
C ILE GC 37 -104.63 70.63 26.82
N ASP GC 38 -105.51 71.06 27.72
CA ASP GC 38 -106.49 70.18 28.34
C ASP GC 38 -107.80 70.36 27.58
N GLU GC 39 -108.16 69.36 26.77
CA GLU GC 39 -109.42 69.34 26.05
C GLU GC 39 -110.30 68.17 26.47
N GLY GC 40 -109.97 67.50 27.57
CA GLY GC 40 -110.70 66.32 27.98
C GLY GC 40 -110.52 65.17 27.00
N LEU GC 41 -109.29 64.96 26.57
CA LEU GC 41 -108.95 63.91 25.63
C LEU GC 41 -108.11 62.84 26.35
N SER GC 42 -107.80 61.77 25.63
CA SER GC 42 -107.00 60.69 26.16
C SER GC 42 -105.53 61.08 26.12
N PHE GC 43 -104.70 60.34 26.85
CA PHE GC 43 -103.27 60.63 26.91
C PHE GC 43 -102.58 60.48 25.57
N GLN GC 44 -103.00 59.50 24.76
CA GLN GC 44 -102.40 59.27 23.45
C GLN GC 44 -102.80 60.31 22.41
N ALA GC 45 -103.87 61.06 22.67
CA ALA GC 45 -104.24 62.18 21.82
C ALA GC 45 -104.41 63.41 22.71
N ARG GC 46 -103.30 64.07 22.99
CA ARG GC 46 -103.28 65.30 23.77
C ARG GC 46 -102.85 66.46 22.84
N LYS GC 47 -102.58 67.66 23.35
CA LYS GC 47 -102.05 68.74 22.53
C LYS GC 47 -100.79 69.27 23.19
N GLU GC 48 -99.85 68.37 23.51
CA GLU GC 48 -98.64 68.74 24.22
C GLU GC 48 -97.91 69.88 23.51
N VAL GC 49 -97.43 70.84 24.30
CA VAL GC 49 -96.67 71.99 23.80
C VAL GC 49 -95.46 72.19 24.69
N ALA GC 50 -94.30 72.39 24.06
CA ALA GC 50 -93.03 72.56 24.75
C ALA GC 50 -92.49 73.96 24.52
N PHE GC 51 -92.13 74.63 25.61
CA PHE GC 51 -91.56 75.97 25.58
C PHE GC 51 -90.09 75.86 25.98
N SER GC 52 -89.20 76.35 25.13
CA SER GC 52 -87.77 76.27 25.38
C SER GC 52 -87.15 77.65 25.24
N VAL GC 53 -86.12 77.89 26.04
CA VAL GC 53 -85.44 79.17 26.05
C VAL GC 53 -83.94 78.95 25.98
N LYS GC 54 -83.27 79.73 25.13
CA LYS GC 54 -81.83 79.68 24.91
C LYS GC 54 -81.31 81.11 25.12
N VAL GC 55 -80.70 81.34 26.29
CA VAL GC 55 -80.26 82.67 26.72
C VAL GC 55 -78.97 83.05 26.00
N PRO GC 56 -78.74 84.34 25.75
CA PRO GC 56 -77.52 84.74 25.05
C PRO GC 56 -76.28 84.56 25.91
N LYS GC 57 -75.15 84.33 25.25
CA LYS GC 57 -73.85 84.22 25.89
C LYS GC 57 -72.85 85.15 25.20
N VAL GC 58 -71.81 85.52 25.94
CA VAL GC 58 -70.80 86.44 25.41
C VAL GC 58 -70.05 85.78 24.27
N SER GC 59 -69.72 86.55 23.24
CA SER GC 59 -68.99 86.07 22.08
C SER GC 59 -67.98 87.12 21.65
N VAL GC 60 -67.20 86.78 20.63
CA VAL GC 60 -66.32 87.74 19.98
C VAL GC 60 -66.80 88.12 18.59
N SER GC 61 -67.38 87.17 17.86
CA SER GC 61 -68.17 87.40 16.66
C SER GC 61 -69.56 87.85 17.10
N ALA GC 62 -70.55 87.71 16.21
CA ALA GC 62 -71.92 88.10 16.54
C ALA GC 62 -71.97 89.61 16.78
N PRO GC 63 -72.07 90.41 15.72
CA PRO GC 63 -71.64 91.81 15.77
C PRO GC 63 -72.44 92.65 16.75
N GLY GC 64 -71.99 92.64 17.99
CA GLY GC 64 -72.73 93.15 19.12
C GLY GC 64 -72.36 92.40 20.39
N GLY GC 65 -71.58 91.35 20.22
CA GLY GC 65 -70.91 90.73 21.35
C GLY GC 65 -71.56 89.47 21.87
N PHE GC 66 -72.87 89.35 21.69
CA PHE GC 66 -73.62 88.22 22.23
C PHE GC 66 -74.31 87.44 21.12
N THR GC 67 -74.49 86.15 21.37
CA THR GC 67 -75.35 85.34 20.55
C THR GC 67 -76.80 85.78 20.74
N GLN GC 68 -77.68 85.29 19.86
CA GLN GC 68 -79.06 85.72 19.92
C GLN GC 68 -79.82 84.96 20.98
N ALA GC 69 -80.83 85.62 21.57
CA ALA GC 69 -81.75 84.99 22.50
C ALA GC 69 -82.82 84.27 21.69
N ARG GC 70 -82.98 82.97 21.94
CA ARG GC 70 -83.92 82.14 21.20
C ARG GC 70 -85.05 81.66 22.09
N SER GC 71 -86.26 81.71 21.56
CA SER GC 71 -87.45 81.22 22.27
C SER GC 71 -88.21 80.32 21.29
N THR GC 72 -88.38 79.07 21.66
CA THR GC 72 -88.98 78.09 20.77
C THR GC 72 -90.23 77.48 21.39
N VAL GC 73 -91.30 77.44 20.61
CA VAL GC 73 -92.53 76.77 21.02
C VAL GC 73 -92.86 75.68 20.02
N ILE GC 74 -92.96 74.44 20.49
CA ILE GC 74 -93.38 73.34 19.62
C ILE GC 74 -94.73 72.81 20.11
N LEU GC 75 -95.71 72.83 19.22
CA LEU GC 75 -97.05 72.31 19.51
C LEU GC 75 -97.19 70.97 18.80
N LYS GC 76 -97.43 69.91 19.57
CA LYS GC 76 -97.58 68.58 19.00
C LYS GC 76 -99.05 68.20 18.93
N SER GC 77 -99.45 67.64 17.80
CA SER GC 77 -100.84 67.25 17.56
C SER GC 77 -100.90 65.80 17.07
N PRO GC 78 -101.17 64.85 17.96
CA PRO GC 78 -101.32 63.45 17.54
C PRO GC 78 -102.49 63.24 16.60
N LYS GC 79 -102.24 62.60 15.47
CA LYS GC 79 -103.26 62.21 14.52
C LYS GC 79 -103.23 60.69 14.34
N THR GC 80 -104.41 60.10 14.17
CA THR GC 80 -104.56 58.67 13.96
C THR GC 80 -104.92 58.43 12.50
N LEU GC 81 -104.18 57.54 11.86
CA LEU GC 81 -104.28 57.34 10.42
C LEU GC 81 -105.37 56.30 10.11
N ALA GC 82 -105.60 56.09 8.81
CA ALA GC 82 -106.60 55.12 8.39
C ALA GC 82 -106.23 53.71 8.82
N ASN GC 83 -104.96 53.35 8.66
CA ASN GC 83 -104.49 52.03 9.10
C ASN GC 83 -104.60 51.90 10.62
N GLY GC 84 -104.29 52.96 11.34
CA GLY GC 84 -104.40 52.93 12.79
C GLY GC 84 -103.13 53.31 13.50
N ASN GC 85 -102.06 53.52 12.74
CA ASN GC 85 -100.81 54.00 13.32
C ASN GC 85 -100.97 55.45 13.77
N ARG GC 86 -100.20 55.81 14.79
CA ARG GC 86 -100.25 57.15 15.36
C ARG GC 86 -99.06 57.97 14.89
N THR GC 87 -99.35 59.14 14.32
CA THR GC 87 -98.32 60.09 13.95
C THR GC 87 -98.53 61.35 14.77
N VAL GC 88 -97.50 62.19 14.85
CA VAL GC 88 -97.59 63.48 15.53
C VAL GC 88 -97.32 64.57 14.51
N ASN GC 89 -98.24 65.53 14.41
CA ASN GC 89 -98.08 66.70 13.54
C ASN GC 89 -97.68 67.88 14.42
N THR GC 90 -96.57 68.52 14.08
CA THR GC 90 -96.00 69.56 14.92
C THR GC 90 -95.99 70.91 14.22
N VAL GC 91 -96.03 71.96 15.04
CA VAL GC 91 -95.76 73.32 14.59
C VAL GC 91 -94.68 73.92 15.47
N SER GC 92 -93.56 74.32 14.86
CA SER GC 92 -92.49 74.94 15.60
C SER GC 92 -92.47 76.44 15.34
N ILE GC 93 -92.26 77.21 16.40
CA ILE GC 93 -92.16 78.67 16.32
C ILE GC 93 -90.89 79.06 17.06
N GLN GC 94 -89.88 79.50 16.33
CA GLN GC 94 -88.60 79.89 16.91
C GLN GC 94 -88.35 81.38 16.64
N LEU GC 95 -88.14 82.14 17.71
CA LEU GC 95 -87.82 83.56 17.62
C LEU GC 95 -86.39 83.75 18.11
N SER GC 96 -85.55 84.31 17.24
CA SER GC 96 -84.16 84.64 17.59
C SER GC 96 -83.99 86.15 17.47
N VAL GC 97 -83.69 86.80 18.58
CA VAL GC 97 -83.50 88.25 18.58
C VAL GC 97 -82.14 88.59 19.20
N ASP GC 98 -81.49 89.59 18.62
CA ASP GC 98 -80.33 90.18 19.26
C ASP GC 98 -80.76 90.81 20.59
N PRO GC 99 -79.95 90.67 21.64
CA PRO GC 99 -80.38 91.17 22.96
C PRO GC 99 -80.59 92.68 23.00
N GLU GC 100 -80.06 93.43 22.03
CA GLU GC 100 -80.32 94.87 21.97
C GLU GC 100 -81.73 95.20 21.50
N THR GC 101 -82.48 94.21 21.03
CA THR GC 101 -83.77 94.46 20.42
C THR GC 101 -84.80 94.91 21.46
N THR GC 102 -85.52 95.98 21.13
CA THR GC 102 -86.52 96.55 22.02
C THR GC 102 -87.75 95.65 22.08
N ALA GC 103 -88.64 95.96 23.02
CA ALA GC 103 -89.86 95.17 23.15
C ALA GC 103 -90.86 95.46 22.04
N ALA GC 104 -90.91 96.69 21.55
CA ALA GC 104 -91.78 97.02 20.43
C ALA GC 104 -91.33 96.35 19.15
N GLU GC 105 -90.02 96.25 18.93
CA GLU GC 105 -89.50 95.56 17.76
C GLU GC 105 -89.85 94.08 17.79
N VAL GC 106 -89.81 93.45 18.97
CA VAL GC 106 -90.20 92.06 19.10
C VAL GC 106 -91.71 91.91 18.91
N THR GC 107 -92.49 92.86 19.44
CA THR GC 107 -93.93 92.82 19.27
C THR GC 107 -94.33 92.90 17.80
N THR GC 108 -93.64 93.75 17.03
CA THR GC 108 -93.93 93.86 15.61
C THR GC 108 -93.69 92.52 14.90
N MET GC 109 -92.55 91.88 15.19
CA MET GC 109 -92.26 90.57 14.60
C MET GC 109 -93.32 89.55 14.99
N LEU GC 110 -93.70 89.52 16.27
CA LEU GC 110 -94.67 88.54 16.73
C LEU GC 110 -96.01 88.73 16.03
N ASN GC 111 -96.46 89.98 15.92
CA ASN GC 111 -97.75 90.23 15.29
C ASN GC 111 -97.72 89.91 13.81
N ALA GC 112 -96.65 90.28 13.10
CA ALA GC 112 -96.56 89.96 11.69
C ALA GC 112 -96.50 88.45 11.46
N ALA GC 113 -95.73 87.74 12.29
CA ALA GC 113 -95.65 86.28 12.16
C ALA GC 113 -96.97 85.61 12.49
N ALA GC 114 -97.77 86.22 13.38
CA ALA GC 114 -99.08 85.65 13.69
C ALA GC 114 -99.98 85.66 12.47
N GLN GC 115 -100.05 86.79 11.76
CA GLN GC 115 -100.82 86.84 10.53
C GLN GC 115 -100.19 86.02 9.42
N LEU GC 116 -98.89 85.75 9.49
CA LEU GC 116 -98.26 84.92 8.47
C LEU GC 116 -98.84 83.50 8.46
N LEU GC 117 -99.42 83.05 9.58
CA LEU GC 117 -99.98 81.70 9.63
C LEU GC 117 -101.47 81.68 9.98
N PHE GC 118 -102.16 82.81 9.86
CA PHE GC 118 -103.62 82.75 9.90
C PHE GC 118 -104.32 83.59 8.84
N ASP GC 119 -103.61 84.41 8.07
CA ASP GC 119 -104.25 85.17 7.00
C ASP GC 119 -104.72 84.22 5.89
N SER GC 120 -105.81 84.62 5.23
CA SER GC 120 -106.52 83.69 4.35
C SER GC 120 -105.73 83.32 3.12
N ASP GC 121 -104.83 84.20 2.67
CA ASP GC 121 -104.03 83.91 1.47
C ASP GC 121 -103.09 82.73 1.70
N TYR GC 122 -102.30 82.81 2.76
CA TYR GC 122 -101.29 81.80 3.05
C TYR GC 122 -101.94 80.46 3.38
N SER GC 123 -103.27 80.44 3.44
CA SER GC 123 -103.99 79.17 3.56
C SER GC 123 -103.60 78.22 2.46
N ASP GC 124 -103.36 78.73 1.25
CA ASP GC 124 -102.90 77.84 0.18
C ASP GC 124 -101.50 77.32 0.41
N PHE GC 125 -100.63 78.09 1.07
CA PHE GC 125 -99.27 77.67 1.33
C PHE GC 125 -99.18 76.63 2.44
N TRP GC 126 -99.95 76.80 3.51
CA TRP GC 126 -99.88 75.88 4.64
C TRP GC 126 -100.56 74.54 4.36
N LYS GC 127 -101.72 74.57 3.72
CA LYS GC 127 -102.48 73.36 3.46
C LYS GC 127 -102.12 72.71 2.12
N ALA GC 128 -102.25 73.46 1.03
CA ALA GC 128 -101.96 72.91 -0.29
C ALA GC 128 -100.47 72.88 -0.61
N GLN GC 129 -99.63 73.50 0.21
CA GLN GC 129 -98.19 73.54 -0.02
C GLN GC 129 -97.87 74.24 -1.34
N ALA GC 130 -98.63 75.30 -1.62
CA ALA GC 130 -98.60 76.01 -2.89
C ALA GC 130 -97.86 77.33 -2.73
N LEU GC 131 -96.73 77.46 -3.44
CA LEU GC 131 -95.90 78.65 -3.33
C LEU GC 131 -96.52 79.85 -4.05
N ALA GC 132 -97.33 79.60 -5.07
CA ALA GC 132 -98.02 80.69 -5.75
C ALA GC 132 -99.44 80.28 -6.13
N ALA HC 1 -98.30 83.25 33.05
CA ALA HC 1 -97.68 83.00 31.77
C ALA HC 1 -97.91 81.56 31.33
N ILE HC 2 -96.83 80.86 30.99
CA ILE HC 2 -96.94 79.45 30.67
C ILE HC 2 -97.10 78.66 31.96
N ALA HC 3 -98.34 78.32 32.31
CA ALA HC 3 -98.65 77.69 33.59
C ALA HC 3 -100.14 77.40 33.69
N ASN HC 4 -100.96 78.43 33.52
CA ASN HC 4 -102.41 78.29 33.60
C ASN HC 4 -103.09 79.07 32.47
N SER HC 5 -102.36 79.35 31.40
CA SER HC 5 -102.88 80.16 30.32
C SER HC 5 -103.98 79.44 29.56
N SER HC 6 -104.88 80.22 28.98
CA SER HC 6 -106.02 79.70 28.21
C SER HC 6 -105.79 80.01 26.74
N ILE HC 7 -106.08 79.03 25.89
CA ILE HC 7 -105.99 79.19 24.44
C ILE HC 7 -107.31 78.71 23.83
N ALA HC 8 -107.90 79.53 22.97
CA ALA HC 8 -109.21 79.23 22.39
C ALA HC 8 -109.05 78.33 21.18
N ILE HC 9 -109.26 77.04 21.36
CA ILE HC 9 -109.11 76.07 20.28
C ILE HC 9 -110.26 76.22 19.30
N ASP HC 10 -109.93 76.17 18.01
CA ASP HC 10 -110.91 76.24 16.92
C ASP HC 10 -111.70 77.55 16.98
N SER HC 11 -110.97 78.65 17.13
CA SER HC 11 -111.55 79.98 17.13
C SER HC 11 -111.17 80.71 15.83
N THR HC 12 -111.61 81.96 15.72
CA THR HC 12 -111.30 82.79 14.57
C THR HC 12 -110.41 83.94 15.01
N ALA HC 13 -109.25 84.07 14.38
CA ALA HC 13 -108.29 85.11 14.70
C ALA HC 13 -108.35 86.21 13.66
N SER HC 14 -108.42 87.46 14.12
CA SER HC 14 -108.49 88.62 13.25
C SER HC 14 -107.45 89.64 13.69
N VAL HC 15 -107.43 90.77 12.99
CA VAL HC 15 -106.47 91.84 13.21
C VAL HC 15 -107.15 93.18 12.98
N THR HC 16 -106.87 94.15 13.86
CA THR HC 16 -107.41 95.49 13.74
C THR HC 16 -106.28 96.49 13.86
N GLY HC 17 -106.47 97.66 13.24
CA GLY HC 17 -105.44 98.68 13.27
C GLY HC 17 -104.29 98.33 12.34
N GLY HC 18 -103.20 99.07 12.50
CA GLY HC 18 -101.99 98.81 11.75
C GLY HC 18 -102.01 99.41 10.36
N THR HC 19 -100.91 99.18 9.65
CA THR HC 19 -100.76 99.58 8.25
C THR HC 19 -100.71 98.33 7.37
N ALA HC 20 -101.48 98.36 6.29
CA ALA HC 20 -101.62 97.22 5.39
C ALA HC 20 -100.51 97.29 4.34
N ARG HC 21 -99.49 96.46 4.53
CA ARG HC 21 -98.41 96.37 3.54
C ARG HC 21 -98.68 95.23 2.58
N THR HC 22 -98.02 95.27 1.43
CA THR HC 22 -98.41 94.42 0.30
C THR HC 22 -97.68 93.08 0.28
N VAL HC 23 -96.39 93.08 0.62
CA VAL HC 23 -95.52 91.92 0.45
C VAL HC 23 -95.31 91.70 -1.04
N LYS HC 24 -94.05 91.70 -1.49
CA LYS HC 24 -93.73 91.62 -2.91
C LYS HC 24 -92.68 90.53 -3.12
N GLU HC 25 -92.85 89.76 -4.18
CA GLU HC 25 -91.92 88.66 -4.48
C GLU HC 25 -90.57 89.21 -4.93
N LEU HC 26 -89.49 88.66 -4.37
CA LEU HC 26 -88.15 88.98 -4.84
C LEU HC 26 -87.63 87.94 -5.83
N VAL HC 27 -87.47 86.70 -5.37
CA VAL HC 27 -86.77 85.66 -6.10
C VAL HC 27 -87.45 84.33 -5.81
N ARG HC 28 -87.56 83.50 -6.83
CA ARG HC 28 -88.25 82.23 -6.73
C ARG HC 28 -87.25 81.12 -7.05
N ASN HC 29 -87.72 79.87 -6.97
CA ASN HC 29 -86.97 78.67 -7.38
C ASN HC 29 -85.88 78.30 -6.39
N ASN HC 30 -85.83 77.03 -6.02
CA ASN HC 30 -86.83 76.06 -6.39
C ASN HC 30 -87.47 75.47 -5.15
N SER HC 31 -88.80 75.45 -5.11
CA SER HC 31 -89.55 75.06 -3.93
C SER HC 31 -89.22 75.96 -2.75
N GLU HC 32 -88.95 77.23 -3.06
CA GLU HC 32 -88.71 78.24 -2.05
C GLU HC 32 -88.97 79.64 -2.60
N LEU HC 33 -89.98 80.31 -2.09
CA LEU HC 33 -90.25 81.69 -2.49
C LEU HC 33 -89.52 82.66 -1.57
N ASN HC 34 -89.18 83.83 -2.10
CA ASN HC 34 -88.56 84.90 -1.32
C ASN HC 34 -89.30 86.19 -1.62
N ALA HC 35 -89.80 86.84 -0.57
CA ALA HC 35 -90.59 88.05 -0.72
C ALA HC 35 -90.04 89.10 0.24
N TYR HC 36 -90.71 90.25 0.28
CA TYR HC 36 -90.36 91.28 1.25
C TYR HC 36 -91.60 92.13 1.49
N ILE HC 37 -91.76 92.60 2.73
CA ILE HC 37 -92.88 93.45 3.10
C ILE HC 37 -92.50 94.88 2.76
N ASP HC 38 -93.26 95.51 1.85
CA ASP HC 38 -92.94 96.85 1.37
C ASP HC 38 -93.59 97.88 2.27
N GLU HC 39 -92.78 98.53 3.11
CA GLU HC 39 -93.24 99.61 3.97
C GLU HC 39 -92.56 100.92 3.60
N GLY HC 40 -92.02 101.01 2.39
CA GLY HC 40 -91.26 102.18 1.99
C GLY HC 40 -89.98 102.37 2.77
N LEU HC 41 -89.27 101.30 3.04
CA LEU HC 41 -88.00 101.36 3.75
C LEU HC 41 -86.85 101.09 2.77
N SER HC 42 -85.63 101.26 3.25
CA SER HC 42 -84.46 101.08 2.41
C SER HC 42 -84.18 99.61 2.16
N PHE HC 43 -83.18 99.34 1.31
CA PHE HC 43 -82.88 97.97 0.92
C PHE HC 43 -82.30 97.17 2.09
N GLN HC 44 -81.55 97.80 2.98
CA GLN HC 44 -80.96 97.08 4.10
C GLN HC 44 -81.89 97.00 5.31
N ALA HC 45 -83.03 97.68 5.27
CA ALA HC 45 -83.93 97.77 6.43
C ALA HC 45 -85.31 97.20 6.13
N ARG HC 46 -85.44 96.39 5.08
CA ARG HC 46 -86.73 95.83 4.70
C ARG HC 46 -86.93 94.47 5.36
N LYS HC 47 -88.20 94.11 5.52
CA LYS HC 47 -88.62 92.92 6.27
C LYS HC 47 -88.09 91.62 5.66
N GLU HC 48 -88.46 91.33 4.40
CA GLU HC 48 -87.91 90.18 3.68
C GLU HC 48 -88.29 88.84 4.32
N VAL HC 49 -89.54 88.42 4.14
CA VAL HC 49 -90.02 87.11 4.57
C VAL HC 49 -89.76 86.09 3.46
N ALA HC 50 -89.31 84.90 3.85
CA ALA HC 50 -89.03 83.80 2.92
C ALA HC 50 -89.96 82.61 3.19
N PHE HC 51 -90.30 81.91 2.12
CA PHE HC 51 -91.23 80.78 2.17
C PHE HC 51 -90.56 79.54 1.60
N SER HC 52 -90.47 78.48 2.38
CA SER HC 52 -89.87 77.23 1.95
C SER HC 52 -90.92 76.13 1.96
N VAL HC 53 -90.64 75.04 1.24
CA VAL HC 53 -91.59 73.94 1.11
C VAL HC 53 -90.84 72.62 0.91
N LYS HC 54 -91.29 71.58 1.58
CA LYS HC 54 -90.75 70.22 1.43
C LYS HC 54 -91.93 69.30 1.13
N VAL HC 55 -91.99 68.78 -0.09
CA VAL HC 55 -93.15 67.99 -0.51
C VAL HC 55 -93.12 66.64 0.19
N PRO HC 56 -94.26 65.99 0.39
CA PRO HC 56 -94.25 64.66 1.02
C PRO HC 56 -93.55 63.64 0.13
N LYS HC 57 -92.55 62.99 0.69
CA LYS HC 57 -91.77 61.99 -0.03
C LYS HC 57 -92.20 60.60 0.40
N VAL HC 58 -92.48 59.73 -0.57
CA VAL HC 58 -93.00 58.41 -0.27
C VAL HC 58 -91.88 57.54 0.29
N SER HC 59 -91.91 57.33 1.61
CA SER HC 59 -90.97 56.44 2.28
C SER HC 59 -91.59 55.05 2.38
N VAL HC 60 -90.99 54.19 3.22
CA VAL HC 60 -91.53 52.85 3.43
C VAL HC 60 -91.84 52.66 4.91
N SER HC 61 -90.89 52.97 5.77
CA SER HC 61 -91.02 52.74 7.21
C SER HC 61 -91.47 54.02 7.91
N ALA HC 62 -92.68 54.46 7.56
CA ALA HC 62 -93.26 55.63 8.19
C ALA HC 62 -94.75 55.43 8.37
N PRO HC 63 -95.36 56.09 9.34
CA PRO HC 63 -96.83 56.07 9.44
C PRO HC 63 -97.46 56.60 8.17
N GLY HC 64 -98.47 55.88 7.68
CA GLY HC 64 -99.16 56.29 6.47
C GLY HC 64 -98.44 55.87 5.21
N GLY HC 65 -97.11 55.87 5.26
CA GLY HC 65 -96.31 55.45 4.14
C GLY HC 65 -95.31 56.50 3.68
N PHE HC 66 -95.73 57.76 3.63
CA PHE HC 66 -94.87 58.82 3.12
C PHE HC 66 -94.22 59.58 4.27
N THR HC 67 -93.23 60.39 3.94
CA THR HC 67 -92.71 61.36 4.89
C THR HC 67 -93.66 62.54 4.99
N GLN HC 68 -93.37 63.44 5.92
CA GLN HC 68 -94.30 64.51 6.25
C GLN HC 68 -94.18 65.67 5.27
N ALA HC 69 -95.27 66.43 5.15
CA ALA HC 69 -95.31 67.63 4.33
C ALA HC 69 -94.81 68.79 5.17
N ARG HC 70 -93.55 69.16 4.95
CA ARG HC 70 -92.93 70.24 5.70
C ARG HC 70 -93.19 71.56 4.98
N SER HC 71 -93.43 72.62 5.76
CA SER HC 71 -93.71 73.94 5.19
C SER HC 71 -93.15 74.98 6.15
N THR HC 72 -92.16 75.75 5.69
CA THR HC 72 -91.43 76.68 6.53
C THR HC 72 -91.59 78.11 6.05
N VAL HC 73 -91.71 79.03 7.01
CA VAL HC 73 -91.71 80.46 6.77
C VAL HC 73 -90.68 81.06 7.70
N ILE HC 74 -89.85 81.98 7.20
CA ILE HC 74 -88.92 82.73 8.04
C ILE HC 74 -89.12 84.20 7.76
N LEU HC 75 -89.56 84.93 8.78
CA LEU HC 75 -89.65 86.39 8.71
C LEU HC 75 -88.33 86.95 9.23
N LYS HC 76 -87.67 87.76 8.43
CA LYS HC 76 -86.46 88.44 8.85
C LYS HC 76 -86.78 89.87 9.21
N SER HC 77 -85.90 90.49 10.01
CA SER HC 77 -86.09 91.85 10.48
C SER HC 77 -84.72 92.47 10.74
N PRO HC 78 -84.30 93.42 9.91
CA PRO HC 78 -83.01 94.06 10.13
C PRO HC 78 -83.01 94.90 11.40
N LYS HC 79 -81.82 95.05 11.98
CA LYS HC 79 -81.66 95.93 13.13
C LYS HC 79 -80.20 96.36 13.20
N THR HC 80 -79.99 97.66 13.39
CA THR HC 80 -78.64 98.19 13.58
C THR HC 80 -78.39 98.42 15.06
N LEU HC 81 -77.15 98.19 15.49
CA LEU HC 81 -76.81 98.13 16.91
C LEU HC 81 -76.18 99.43 17.38
N ALA HC 82 -75.79 99.45 18.66
CA ALA HC 82 -75.18 100.61 19.29
C ALA HC 82 -73.73 100.81 18.88
N ASN HC 83 -73.12 99.82 18.24
CA ASN HC 83 -71.78 99.96 17.68
C ASN HC 83 -71.81 100.26 16.18
N GLY HC 84 -73.00 100.39 15.59
CA GLY HC 84 -73.15 100.61 14.17
C GLY HC 84 -73.23 99.35 13.33
N ASN HC 85 -73.02 98.19 13.94
CA ASN HC 85 -73.08 96.95 13.20
C ASN HC 85 -74.52 96.55 12.88
N ARG HC 86 -74.67 95.72 11.85
CA ARG HC 86 -75.97 95.34 11.30
C ARG HC 86 -76.20 93.87 11.66
N THR HC 87 -77.43 93.54 12.04
CA THR HC 87 -77.81 92.17 12.34
C THR HC 87 -79.26 91.93 11.96
N VAL HC 88 -79.69 90.67 12.05
CA VAL HC 88 -81.03 90.26 11.65
C VAL HC 88 -81.67 89.47 12.78
N ASN HC 89 -82.91 89.81 13.11
CA ASN HC 89 -83.75 89.00 13.99
C ASN HC 89 -84.67 88.16 13.12
N THR HC 90 -84.97 86.94 13.56
CA THR HC 90 -85.75 86.02 12.76
C THR HC 90 -86.91 85.44 13.56
N VAL HC 91 -87.99 85.16 12.85
CA VAL HC 91 -89.08 84.33 13.35
C VAL HC 91 -89.24 83.17 12.39
N SER HC 92 -89.05 81.95 12.88
CA SER HC 92 -89.15 80.77 12.02
C SER HC 92 -90.35 79.93 12.43
N ILE HC 93 -91.22 79.63 11.48
CA ILE HC 93 -92.42 78.84 11.70
C ILE HC 93 -92.37 77.65 10.75
N GLN HC 94 -92.31 76.45 11.31
CA GLN HC 94 -92.33 75.23 10.52
C GLN HC 94 -93.60 74.45 10.84
N LEU HC 95 -94.37 74.14 9.81
CA LEU HC 95 -95.57 73.32 9.93
C LEU HC 95 -95.23 71.96 9.31
N SER HC 96 -95.44 70.91 10.08
CA SER HC 96 -95.11 69.56 9.65
C SER HC 96 -96.29 68.64 9.94
N VAL HC 97 -97.05 68.34 8.90
CA VAL HC 97 -98.20 67.46 9.01
C VAL HC 97 -97.98 66.25 8.12
N ASP HC 98 -98.68 65.16 8.43
CA ASP HC 98 -98.74 64.00 7.56
C ASP HC 98 -99.66 64.31 6.40
N PRO HC 99 -99.41 63.74 5.22
CA PRO HC 99 -100.24 64.04 4.05
C PRO HC 99 -101.70 63.69 4.25
N GLU HC 100 -102.02 62.73 5.11
CA GLU HC 100 -103.38 62.31 5.38
C GLU HC 100 -104.17 63.34 6.18
N THR HC 101 -103.50 64.37 6.70
CA THR HC 101 -104.17 65.39 7.50
C THR HC 101 -105.14 66.21 6.65
N THR HC 102 -106.30 66.50 7.23
CA THR HC 102 -107.31 67.31 6.57
C THR HC 102 -107.00 68.79 6.75
N ALA HC 103 -107.71 69.62 5.99
CA ALA HC 103 -107.48 71.06 6.03
C ALA HC 103 -107.93 71.66 7.36
N ALA HC 104 -109.01 71.12 7.95
CA ALA HC 104 -109.52 71.66 9.19
C ALA HC 104 -108.58 71.41 10.36
N GLU HC 105 -107.92 70.25 10.39
CA GLU HC 105 -106.91 69.98 11.41
C GLU HC 105 -105.75 70.96 11.31
N VAL HC 106 -105.30 71.23 10.09
CA VAL HC 106 -104.23 72.19 9.88
C VAL HC 106 -104.68 73.58 10.30
N THR HC 107 -105.94 73.91 10.04
CA THR HC 107 -106.50 75.19 10.45
C THR HC 107 -106.48 75.33 11.97
N THR HC 108 -106.87 74.27 12.67
CA THR HC 108 -106.84 74.28 14.13
C THR HC 108 -105.42 74.46 14.64
N MET HC 109 -104.47 73.73 14.06
CA MET HC 109 -103.07 73.82 14.46
C MET HC 109 -102.53 75.23 14.26
N LEU HC 110 -102.83 75.82 13.09
CA LEU HC 110 -102.35 77.16 12.80
C LEU HC 110 -102.97 78.19 13.75
N ASN HC 111 -104.25 78.03 14.06
CA ASN HC 111 -104.88 78.96 14.99
C ASN HC 111 -104.26 78.86 16.38
N ALA HC 112 -104.01 77.64 16.85
CA ALA HC 112 -103.38 77.47 18.16
C ALA HC 112 -101.97 78.07 18.17
N ALA HC 113 -101.18 77.79 17.13
CA ALA HC 113 -99.82 78.31 17.05
C ALA HC 113 -99.80 79.82 16.96
N ALA HC 114 -100.72 80.41 16.19
CA ALA HC 114 -100.81 81.86 16.12
C ALA HC 114 -101.21 82.44 17.47
N GLN HC 115 -102.13 81.79 18.17
CA GLN HC 115 -102.49 82.23 19.51
C GLN HC 115 -101.27 82.26 20.43
N LEU HC 116 -100.42 81.23 20.33
CA LEU HC 116 -99.19 81.22 21.13
C LEU HC 116 -98.12 82.04 20.40
N LEU HC 117 -98.53 83.21 19.89
CA LEU HC 117 -97.59 84.18 19.34
C LEU HC 117 -97.94 85.58 19.80
N PHE HC 118 -99.24 85.85 19.97
CA PHE HC 118 -99.72 87.17 20.30
C PHE HC 118 -100.56 87.23 21.56
N ASP HC 119 -100.91 86.11 22.16
CA ASP HC 119 -101.68 86.11 23.40
C ASP HC 119 -100.88 86.78 24.50
N SER HC 120 -101.56 87.64 25.27
CA SER HC 120 -100.88 88.46 26.27
C SER HC 120 -100.24 87.59 27.35
N ASP HC 121 -100.73 86.37 27.53
CA ASP HC 121 -100.18 85.46 28.53
C ASP HC 121 -98.73 85.12 28.21
N TYR HC 122 -98.43 84.90 26.94
CA TYR HC 122 -97.06 84.60 26.53
C TYR HC 122 -96.37 85.86 26.03
N SER HC 123 -96.19 86.86 26.89
CA SER HC 123 -95.44 88.05 26.49
C SER HC 123 -94.08 88.04 27.17
N ASP HC 124 -94.06 87.71 28.46
CA ASP HC 124 -92.79 87.60 29.16
C ASP HC 124 -91.92 86.49 28.58
N PHE HC 125 -92.53 85.49 27.95
CA PHE HC 125 -91.77 84.40 27.35
C PHE HC 125 -91.01 84.82 26.11
N TRP HC 126 -91.59 85.68 25.28
CA TRP HC 126 -90.92 86.12 24.05
C TRP HC 126 -89.97 87.28 24.31
N LYS HC 127 -90.44 88.30 25.02
CA LYS HC 127 -89.63 89.50 25.22
C LYS HC 127 -88.69 89.35 26.40
N ALA HC 128 -89.24 89.09 27.59
CA ALA HC 128 -88.40 88.90 28.76
C ALA HC 128 -87.71 87.55 28.77
N GLN HC 129 -88.08 86.66 27.85
CA GLN HC 129 -87.55 85.30 27.77
C GLN HC 129 -87.74 84.58 29.10
N ALA HC 130 -88.89 84.79 29.73
CA ALA HC 130 -89.20 84.25 31.05
C ALA HC 130 -90.06 83.01 30.89
N LEU HC 131 -89.46 81.84 31.12
CA LEU HC 131 -90.17 80.57 31.07
C LEU HC 131 -91.15 80.46 32.22
N ALA HC 132 -91.02 81.33 33.21
CA ALA HC 132 -91.72 81.17 34.48
C ALA HC 132 -92.49 82.41 34.90
N ALA IC 1 -107.96 43.36 62.46
CA ALA IC 1 -106.68 43.11 61.82
C ALA IC 1 -106.85 42.96 60.31
N ILE IC 2 -105.82 42.42 59.66
CA ILE IC 2 -105.83 42.30 58.20
C ILE IC 2 -106.96 41.39 57.73
N ALA IC 3 -107.12 40.24 58.37
CA ALA IC 3 -108.18 39.32 58.00
C ALA IC 3 -109.54 39.92 58.33
N ASN IC 4 -110.44 39.87 57.34
CA ASN IC 4 -111.81 40.40 57.49
C ASN IC 4 -111.81 41.89 57.79
N SER IC 5 -110.79 42.60 57.33
CA SER IC 5 -110.75 44.06 57.42
C SER IC 5 -111.65 44.65 56.34
N SER IC 6 -112.34 45.73 56.68
CA SER IC 6 -113.27 46.35 55.75
C SER IC 6 -112.69 47.65 55.19
N ILE IC 7 -112.75 47.78 53.88
CA ILE IC 7 -112.30 48.99 53.18
C ILE IC 7 -113.48 49.53 52.38
N ALA IC 8 -113.77 50.83 52.56
CA ALA IC 8 -114.88 51.46 51.86
C ALA IC 8 -114.39 51.96 50.50
N ILE IC 9 -114.82 51.29 49.44
CA ILE IC 9 -114.38 51.61 48.08
C ILE IC 9 -115.16 52.82 47.56
N ASP IC 10 -114.47 53.68 46.81
CA ASP IC 10 -115.05 54.88 46.22
C ASP IC 10 -115.63 55.80 47.30
N SER IC 11 -114.71 56.28 48.14
CA SER IC 11 -115.08 57.04 49.33
C SER IC 11 -114.32 58.35 49.36
N THR IC 12 -114.93 59.35 49.99
CA THR IC 12 -114.23 60.60 50.22
C THR IC 12 -113.44 60.51 51.52
N ALA IC 13 -112.16 60.88 51.45
CA ALA IC 13 -111.27 60.84 52.59
C ALA IC 13 -111.07 62.26 53.10
N SER IC 14 -111.56 62.52 54.30
CA SER IC 14 -111.36 63.82 54.93
C SER IC 14 -110.16 63.75 55.87
N VAL IC 15 -109.87 64.88 56.52
CA VAL IC 15 -108.82 64.94 57.53
C VAL IC 15 -109.08 66.13 58.44
N THR IC 16 -109.08 65.91 59.75
CA THR IC 16 -109.34 66.96 60.73
C THR IC 16 -108.46 66.74 61.94
N GLY IC 17 -107.26 67.31 61.92
CA GLY IC 17 -106.44 67.32 63.11
C GLY IC 17 -105.78 68.66 63.41
N GLY IC 18 -105.80 69.56 62.43
CA GLY IC 18 -105.11 70.83 62.58
C GLY IC 18 -103.64 70.73 62.22
N THR IC 19 -102.86 71.72 62.63
CA THR IC 19 -101.42 71.78 62.36
C THR IC 19 -101.15 71.79 60.85
N ALA IC 20 -101.70 72.79 60.18
CA ALA IC 20 -101.61 72.90 58.73
C ALA IC 20 -100.22 73.37 58.31
N ARG IC 21 -99.35 72.43 57.98
CA ARG IC 21 -98.01 72.76 57.55
C ARG IC 21 -97.99 73.13 56.07
N THR IC 22 -96.79 73.37 55.55
CA THR IC 22 -96.62 73.81 54.17
C THR IC 22 -95.47 73.06 53.52
N VAL IC 23 -95.73 72.49 52.35
CA VAL IC 23 -94.68 71.83 51.57
C VAL IC 23 -93.98 72.90 50.73
N LYS IC 24 -92.70 73.10 51.00
CA LYS IC 24 -91.87 74.04 50.25
C LYS IC 24 -90.85 73.26 49.44
N GLU IC 25 -90.76 73.56 48.15
CA GLU IC 25 -89.84 72.81 47.30
C GLU IC 25 -88.41 73.27 47.53
N LEU IC 26 -87.47 72.35 47.32
CA LEU IC 26 -86.06 72.63 47.51
C LEU IC 26 -85.33 72.64 46.17
N VAL IC 27 -85.35 71.53 45.42
CA VAL IC 27 -84.65 71.41 44.15
C VAL IC 27 -85.55 70.65 43.19
N ARG IC 28 -85.05 70.45 41.98
CA ARG IC 28 -85.80 69.71 40.96
C ARG IC 28 -85.04 68.54 40.36
N ASN IC 29 -83.71 68.65 40.22
CA ASN IC 29 -82.88 67.76 39.40
C ASN IC 29 -83.64 67.07 38.27
N ASN IC 30 -83.35 65.79 38.04
CA ASN IC 30 -83.77 65.11 36.82
C ASN IC 30 -85.18 64.55 36.99
N SER IC 31 -86.16 65.28 36.46
CA SER IC 31 -87.56 64.83 36.45
C SER IC 31 -88.03 64.43 37.84
N GLU IC 32 -87.61 65.22 38.83
CA GLU IC 32 -87.88 64.94 40.23
C GLU IC 32 -88.34 66.24 40.87
N LEU IC 33 -88.73 66.16 42.14
CA LEU IC 33 -89.07 67.37 42.89
C LEU IC 33 -88.87 67.12 44.38
N ASN IC 34 -87.75 67.60 44.91
CA ASN IC 34 -87.46 67.42 46.33
C ASN IC 34 -88.00 68.60 47.10
N ALA IC 35 -88.89 68.34 48.05
CA ALA IC 35 -89.48 69.36 48.88
C ALA IC 35 -89.26 69.02 50.35
N TYR IC 36 -89.82 69.84 51.24
CA TYR IC 36 -89.73 69.60 52.67
C TYR IC 36 -90.92 70.24 53.35
N ILE IC 37 -91.29 69.70 54.51
CA ILE IC 37 -92.43 70.20 55.26
C ILE IC 37 -91.93 71.23 56.26
N ASP IC 38 -92.46 72.44 56.19
CA ASP IC 38 -92.00 73.55 57.03
C ASP IC 38 -92.69 73.47 58.38
N GLU IC 39 -91.96 72.97 59.37
CA GLU IC 39 -92.47 72.84 60.72
C GLU IC 39 -91.57 73.48 61.77
N GLY IC 40 -90.54 74.20 61.37
CA GLY IC 40 -89.65 74.87 62.28
C GLY IC 40 -88.59 74.01 62.93
N LEU IC 41 -88.37 72.80 62.44
CA LEU IC 41 -87.34 71.93 62.99
C LEU IC 41 -85.97 72.36 62.47
N SER IC 42 -84.94 71.61 62.84
CA SER IC 42 -83.60 71.91 62.39
C SER IC 42 -83.45 71.64 60.90
N PHE IC 43 -82.32 72.08 60.35
CA PHE IC 43 -82.07 71.92 58.92
C PHE IC 43 -81.95 70.46 58.54
N GLN IC 44 -81.22 69.68 59.34
CA GLN IC 44 -81.05 68.25 59.08
C GLN IC 44 -81.94 67.42 59.99
N ALA IC 45 -83.05 68.01 60.46
CA ALA IC 45 -84.06 67.25 61.19
C ALA IC 45 -85.46 67.49 60.62
N ARG IC 46 -85.58 68.08 59.44
CA ARG IC 46 -86.87 68.35 58.82
C ARG IC 46 -87.33 67.16 58.00
N LYS IC 47 -88.63 67.10 57.70
CA LYS IC 47 -89.18 66.02 56.89
C LYS IC 47 -89.15 66.44 55.43
N GLU IC 48 -88.38 65.73 54.62
CA GLU IC 48 -88.25 65.99 53.19
C GLU IC 48 -89.07 64.94 52.44
N VAL IC 49 -89.97 65.40 51.57
CA VAL IC 49 -90.71 64.49 50.72
C VAL IC 49 -90.35 64.73 49.26
N ALA IC 50 -89.92 63.68 48.58
CA ALA IC 50 -89.50 63.74 47.19
C ALA IC 50 -90.55 63.15 46.27
N PHE IC 51 -90.81 63.86 45.18
CA PHE IC 51 -91.76 63.46 44.14
C PHE IC 51 -91.00 63.13 42.87
N SER IC 52 -91.49 62.14 42.12
CA SER IC 52 -90.85 61.78 40.87
C SER IC 52 -91.85 61.20 39.89
N VAL IC 53 -91.64 61.46 38.59
CA VAL IC 53 -92.50 60.95 37.54
C VAL IC 53 -91.67 60.17 36.54
N LYS IC 54 -92.29 59.13 35.99
CA LYS IC 54 -91.69 58.24 35.00
C LYS IC 54 -92.76 57.96 33.94
N VAL IC 55 -93.13 59.04 33.23
CA VAL IC 55 -94.06 59.07 32.11
C VAL IC 55 -93.83 57.92 31.14
N PRO IC 56 -94.87 57.48 30.42
CA PRO IC 56 -94.74 56.31 29.54
C PRO IC 56 -93.81 56.56 28.35
N LYS IC 57 -93.25 55.47 27.84
CA LYS IC 57 -92.36 55.49 26.69
C LYS IC 57 -92.86 54.47 25.69
N VAL IC 58 -93.01 54.89 24.42
CA VAL IC 58 -93.62 54.05 23.40
C VAL IC 58 -92.73 52.86 23.12
N SER IC 59 -93.19 51.67 23.51
CA SER IC 59 -92.47 50.43 23.28
C SER IC 59 -93.16 49.62 22.18
N VAL IC 60 -92.64 48.43 21.89
CA VAL IC 60 -93.29 47.48 20.99
C VAL IC 60 -93.91 46.33 21.78
N SER IC 61 -93.35 46.02 22.93
CA SER IC 61 -93.89 45.12 23.95
C SER IC 61 -94.95 45.91 24.74
N ALA IC 62 -95.22 45.48 25.98
CA ALA IC 62 -96.20 46.16 26.83
C ALA IC 62 -97.61 46.02 26.25
N PRO IC 63 -98.27 44.88 26.51
CA PRO IC 63 -99.50 44.55 25.78
C PRO IC 63 -100.62 45.54 26.07
N GLY IC 64 -100.64 46.58 25.25
CA GLY IC 64 -101.37 47.81 25.50
C GLY IC 64 -100.64 48.96 24.85
N GLY IC 65 -99.41 48.69 24.42
CA GLY IC 65 -98.69 49.58 23.54
C GLY IC 65 -97.40 50.15 24.09
N PHE IC 66 -97.41 50.59 25.34
CA PHE IC 66 -96.25 51.21 25.95
C PHE IC 66 -96.31 51.09 27.47
N THR IC 67 -95.15 51.33 28.10
CA THR IC 67 -94.95 51.13 29.52
C THR IC 67 -95.90 52.00 30.34
N GLN IC 68 -96.12 51.59 31.58
CA GLN IC 68 -96.97 52.34 32.48
C GLN IC 68 -96.30 53.64 32.91
N ALA IC 69 -97.13 54.55 33.42
CA ALA IC 69 -96.67 55.84 33.92
C ALA IC 69 -96.55 55.75 35.44
N ARG IC 70 -95.33 55.73 35.95
CA ARG IC 70 -95.18 55.56 37.39
C ARG IC 70 -94.95 56.90 38.09
N SER IC 71 -95.51 57.04 39.29
CA SER IC 71 -95.39 58.25 40.09
C SER IC 71 -94.96 57.83 41.49
N THR IC 72 -93.84 58.36 41.96
CA THR IC 72 -93.29 57.98 43.25
C THR IC 72 -93.26 59.16 44.22
N VAL IC 73 -93.58 58.85 45.48
CA VAL IC 73 -93.47 59.81 46.58
C VAL IC 73 -92.73 59.13 47.74
N ILE IC 74 -91.63 59.71 48.16
CA ILE IC 74 -90.89 59.21 49.33
C ILE IC 74 -90.88 60.26 50.41
N LEU IC 75 -91.41 59.93 51.58
CA LEU IC 75 -91.46 60.83 52.72
C LEU IC 75 -90.36 60.38 53.68
N LYS IC 76 -89.39 61.26 53.93
CA LYS IC 76 -88.28 60.94 54.80
C LYS IC 76 -88.40 61.70 56.11
N SER IC 77 -88.56 60.97 57.21
CA SER IC 77 -88.68 61.56 58.54
C SER IC 77 -87.44 61.19 59.34
N PRO IC 78 -86.55 62.13 59.64
CA PRO IC 78 -85.35 61.80 60.41
C PRO IC 78 -85.68 61.50 61.87
N LYS IC 79 -84.81 60.73 62.51
CA LYS IC 79 -84.97 60.32 63.89
C LYS IC 79 -83.62 60.24 64.57
N THR IC 80 -83.55 60.77 65.79
CA THR IC 80 -82.36 60.64 66.62
C THR IC 80 -82.57 59.48 67.59
N LEU IC 81 -81.69 58.48 67.51
CA LEU IC 81 -81.82 57.31 68.36
C LEU IC 81 -81.28 57.57 69.75
N ALA IC 82 -81.59 56.65 70.67
CA ALA IC 82 -81.07 56.76 72.03
C ALA IC 82 -79.56 56.64 72.06
N ASN IC 83 -79.00 55.75 71.25
CA ASN IC 83 -77.55 55.60 71.17
C ASN IC 83 -76.88 56.91 70.76
N GLY IC 84 -77.60 57.77 70.06
CA GLY IC 84 -77.07 59.09 69.74
C GLY IC 84 -76.99 59.38 68.27
N ASN IC 85 -76.83 58.34 67.45
CA ASN IC 85 -76.73 58.53 66.01
C ASN IC 85 -78.10 58.88 65.43
N ARG IC 86 -78.12 59.06 64.12
CA ARG IC 86 -79.29 59.51 63.39
C ARG IC 86 -79.64 58.50 62.30
N THR IC 87 -80.94 58.37 62.04
CA THR IC 87 -81.44 57.47 61.01
C THR IC 87 -82.61 58.17 60.34
N VAL IC 88 -83.10 57.61 59.23
CA VAL IC 88 -84.26 58.16 58.54
C VAL IC 88 -85.29 57.06 58.40
N ASN IC 89 -86.54 57.38 58.73
CA ASN IC 89 -87.67 56.48 58.58
C ASN IC 89 -88.45 56.95 57.35
N THR IC 90 -88.58 56.06 56.37
CA THR IC 90 -89.10 56.46 55.07
C THR IC 90 -90.45 55.81 54.78
N VAL IC 91 -91.25 56.50 53.96
CA VAL IC 91 -92.51 55.95 53.45
C VAL IC 91 -92.56 56.19 51.95
N SER IC 92 -92.27 55.16 51.17
CA SER IC 92 -92.33 55.29 49.72
C SER IC 92 -93.67 54.82 49.19
N ILE IC 93 -94.14 55.49 48.13
CA ILE IC 93 -95.41 55.16 47.50
C ILE IC 93 -95.24 55.24 45.99
N GLN IC 94 -95.72 54.23 45.27
CA GLN IC 94 -95.61 54.18 43.82
C GLN IC 94 -96.97 53.87 43.21
N LEU IC 95 -97.19 54.38 41.99
CA LEU IC 95 -98.48 54.32 41.31
C LEU IC 95 -98.28 53.87 39.86
N SER IC 96 -97.62 52.74 39.67
CA SER IC 96 -97.40 52.18 38.35
C SER IC 96 -98.74 51.75 37.77
N VAL IC 97 -99.32 52.64 36.94
CA VAL IC 97 -100.59 52.37 36.28
C VAL IC 97 -100.43 52.55 34.78
N ASP IC 98 -101.15 51.74 34.03
CA ASP IC 98 -101.06 51.80 32.58
C ASP IC 98 -101.62 53.13 32.08
N PRO IC 99 -100.96 53.75 31.08
CA PRO IC 99 -101.34 55.12 30.70
C PRO IC 99 -102.75 55.27 30.16
N GLU IC 100 -103.40 54.19 29.75
CA GLU IC 100 -104.78 54.23 29.28
C GLU IC 100 -105.78 54.35 30.43
N THR IC 101 -105.30 54.31 31.67
CA THR IC 101 -106.18 54.32 32.82
C THR IC 101 -106.86 55.66 33.01
N THR IC 102 -108.17 55.64 33.23
CA THR IC 102 -108.94 56.84 33.46
C THR IC 102 -108.68 57.39 34.85
N ALA IC 103 -109.02 58.66 35.05
CA ALA IC 103 -108.78 59.33 36.32
C ALA IC 103 -109.72 58.87 37.42
N ALA IC 104 -110.90 58.36 37.07
CA ALA IC 104 -111.83 57.89 38.09
C ALA IC 104 -111.30 56.67 38.81
N GLU IC 105 -110.78 55.69 38.05
CA GLU IC 105 -110.24 54.49 38.69
C GLU IC 105 -108.91 54.79 39.38
N VAL IC 106 -108.15 55.77 38.87
CA VAL IC 106 -106.97 56.22 39.60
C VAL IC 106 -107.36 56.79 40.96
N THR IC 107 -108.41 57.60 40.99
CA THR IC 107 -108.91 58.14 42.26
C THR IC 107 -109.38 57.01 43.17
N THR IC 108 -110.06 56.02 42.60
CA THR IC 108 -110.51 54.87 43.38
C THR IC 108 -109.33 54.14 44.00
N MET IC 109 -108.28 53.90 43.22
CA MET IC 109 -107.09 53.23 43.71
C MET IC 109 -106.40 54.05 44.80
N LEU IC 110 -106.32 55.36 44.59
CA LEU IC 110 -105.66 56.22 45.58
C LEU IC 110 -106.43 56.24 46.89
N ASN IC 111 -107.77 56.26 46.80
CA ASN IC 111 -108.57 56.22 48.02
C ASN IC 111 -108.44 54.87 48.72
N ALA IC 112 -108.45 53.78 47.96
CA ALA IC 112 -108.32 52.46 48.56
C ALA IC 112 -106.97 52.28 49.24
N ALA IC 113 -105.89 52.67 48.56
CA ALA IC 113 -104.55 52.63 49.14
C ALA IC 113 -104.40 53.55 50.34
N ALA IC 114 -104.91 54.78 50.25
CA ALA IC 114 -104.86 55.68 51.39
C ALA IC 114 -105.86 55.33 52.46
N GLN IC 115 -106.83 54.46 52.17
CA GLN IC 115 -107.70 53.93 53.21
C GLN IC 115 -106.95 52.97 54.12
N LEU IC 116 -105.97 52.25 53.58
CA LEU IC 116 -104.91 51.67 54.37
C LEU IC 116 -104.06 52.81 54.93
N LEU IC 117 -103.15 52.48 55.85
CA LEU IC 117 -102.23 53.44 56.47
C LEU IC 117 -102.91 54.33 57.50
N PHE IC 118 -104.24 54.31 57.59
CA PHE IC 118 -104.88 55.05 58.68
C PHE IC 118 -106.05 54.28 59.26
N ASP IC 119 -106.47 53.21 58.58
CA ASP IC 119 -107.51 52.36 59.11
C ASP IC 119 -107.00 51.64 60.36
N SER IC 120 -107.91 51.45 61.31
CA SER IC 120 -107.55 50.83 62.58
C SER IC 120 -107.14 49.37 62.44
N ASP IC 121 -107.65 48.67 61.42
CA ASP IC 121 -107.35 47.26 61.27
C ASP IC 121 -105.86 47.02 61.02
N TYR IC 122 -105.23 47.92 60.26
CA TYR IC 122 -103.84 47.74 59.85
C TYR IC 122 -102.86 48.43 60.78
N SER IC 123 -103.33 49.00 61.89
CA SER IC 123 -102.44 49.62 62.87
C SER IC 123 -101.34 48.66 63.33
N ASP IC 124 -101.74 47.44 63.71
CA ASP IC 124 -100.77 46.47 64.21
C ASP IC 124 -99.83 46.02 63.11
N PHE IC 125 -100.33 45.93 61.87
CA PHE IC 125 -99.47 45.55 60.75
C PHE IC 125 -98.39 46.60 60.51
N TRP IC 126 -98.79 47.88 60.49
CA TRP IC 126 -97.82 48.93 60.24
C TRP IC 126 -96.86 49.12 61.42
N LYS IC 127 -97.33 48.92 62.65
CA LYS IC 127 -96.53 49.25 63.82
C LYS IC 127 -95.72 48.04 64.30
N ALA IC 128 -96.36 46.92 64.63
CA ALA IC 128 -95.66 45.75 65.15
C ALA IC 128 -95.39 44.68 64.10
N GLN IC 129 -95.70 44.96 62.83
CA GLN IC 129 -95.53 43.99 61.75
C GLN IC 129 -96.35 42.72 62.00
N ALA IC 130 -97.53 42.90 62.58
CA ALA IC 130 -98.44 41.79 62.88
C ALA IC 130 -99.19 41.42 61.60
N LEU IC 131 -98.54 40.59 60.78
CA LEU IC 131 -99.17 40.06 59.58
C LEU IC 131 -100.40 39.25 59.94
N ALA IC 132 -100.19 38.17 60.69
CA ALA IC 132 -101.30 37.37 61.18
C ALA IC 132 -101.89 38.02 62.42
N ALA JC 1 -14.07 -109.41 69.40
CA ALA JC 1 -13.52 -110.16 70.52
C ALA JC 1 -12.84 -109.20 71.50
N ILE JC 2 -12.76 -107.93 71.10
CA ILE JC 2 -12.34 -106.86 72.01
C ILE JC 2 -13.57 -106.37 72.74
N ALA JC 3 -13.91 -107.04 73.84
CA ALA JC 3 -15.11 -106.71 74.60
C ALA JC 3 -14.93 -107.19 76.02
N ASN JC 4 -15.42 -108.38 76.33
CA ASN JC 4 -15.07 -109.03 77.58
C ASN JC 4 -13.96 -110.05 77.33
N SER JC 5 -12.79 -109.55 76.93
CA SER JC 5 -11.62 -110.40 76.67
C SER JC 5 -10.94 -110.78 77.98
N SER JC 6 -9.71 -111.26 77.90
CA SER JC 6 -8.94 -111.57 79.10
C SER JC 6 -7.47 -111.40 78.80
N ILE JC 7 -6.74 -110.85 79.76
CA ILE JC 7 -5.30 -110.62 79.62
C ILE JC 7 -4.66 -110.75 80.99
N ALA JC 8 -3.54 -111.48 81.07
CA ALA JC 8 -2.85 -111.64 82.33
C ALA JC 8 -1.88 -110.49 82.56
N ILE JC 9 -1.99 -109.83 83.69
CA ILE JC 9 -1.16 -108.68 84.01
C ILE JC 9 -0.10 -109.10 85.01
N ASP JC 10 1.15 -108.66 84.76
CA ASP JC 10 2.31 -109.03 85.57
C ASP JC 10 2.53 -110.54 85.53
N SER JC 11 2.74 -111.06 84.31
CA SER JC 11 2.89 -112.49 84.08
C SER JC 11 4.10 -112.75 83.19
N THR JC 12 4.56 -114.00 83.20
CA THR JC 12 5.70 -114.41 82.41
C THR JC 12 5.22 -115.03 81.09
N ALA JC 13 5.78 -114.55 79.99
CA ALA JC 13 5.46 -115.05 78.66
C ALA JC 13 6.58 -115.95 78.15
N SER JC 14 6.19 -117.01 77.46
CA SER JC 14 7.14 -117.99 76.97
C SER JC 14 6.79 -118.38 75.54
N VAL JC 15 7.71 -119.07 74.89
CA VAL JC 15 7.56 -119.49 73.51
C VAL JC 15 7.99 -120.94 73.39
N THR JC 16 7.19 -121.74 72.70
CA THR JC 16 7.50 -123.14 72.44
C THR JC 16 7.47 -123.42 70.95
N GLY JC 17 8.34 -124.34 70.51
CA GLY JC 17 8.36 -124.74 69.11
C GLY JC 17 9.00 -123.69 68.22
N GLY JC 18 8.62 -123.72 66.95
CA GLY JC 18 9.21 -122.83 65.97
C GLY JC 18 10.62 -123.22 65.61
N THR JC 19 11.28 -122.34 64.86
CA THR JC 19 12.66 -122.56 64.41
C THR JC 19 13.48 -121.35 64.84
N ALA JC 20 14.39 -121.56 65.79
CA ALA JC 20 15.23 -120.49 66.30
C ALA JC 20 16.11 -119.91 65.19
N ARG JC 21 15.85 -118.67 64.82
CA ARG JC 21 16.65 -117.95 63.84
C ARG JC 21 17.68 -117.10 64.58
N THR JC 22 18.35 -116.20 63.85
CA THR JC 22 19.37 -115.35 64.46
C THR JC 22 19.23 -113.94 63.88
N VAL JC 23 19.33 -112.94 64.74
CA VAL JC 23 19.23 -111.54 64.31
C VAL JC 23 20.66 -111.07 64.06
N LYS JC 24 21.01 -110.95 62.77
CA LYS JC 24 22.35 -110.52 62.40
C LYS JC 24 22.36 -109.03 62.14
N GLU JC 25 23.32 -108.34 62.76
CA GLU JC 25 23.40 -106.88 62.70
C GLU JC 25 24.04 -106.43 61.40
N LEU JC 26 23.51 -105.34 60.84
CA LEU JC 26 23.98 -104.84 59.56
C LEU JC 26 24.67 -103.51 59.79
N VAL JC 27 23.99 -102.50 60.31
CA VAL JC 27 24.56 -101.17 60.55
C VAL JC 27 23.96 -100.61 61.82
N ARG JC 28 24.80 -99.97 62.64
CA ARG JC 28 24.33 -99.19 63.78
C ARG JC 28 24.82 -97.76 63.57
N ASN JC 29 23.87 -96.83 63.42
CA ASN JC 29 24.19 -95.44 63.15
C ASN JC 29 22.99 -94.57 63.48
N ASN JC 30 23.26 -93.30 63.79
CA ASN JC 30 22.23 -92.29 63.95
C ASN JC 30 21.14 -92.73 64.93
N SER JC 31 21.57 -93.37 66.02
CA SER JC 31 20.65 -93.93 67.03
C SER JC 31 19.77 -95.05 66.44
N GLU JC 32 20.19 -95.61 65.31
CA GLU JC 32 19.46 -96.67 64.64
C GLU JC 32 20.36 -97.90 64.52
N LEU JC 33 19.75 -99.08 64.58
CA LEU JC 33 20.44 -100.36 64.43
C LEU JC 33 19.60 -101.16 63.43
N ASN JC 34 20.11 -101.28 62.22
CA ASN JC 34 19.47 -102.13 61.21
C ASN JC 34 20.02 -103.55 61.33
N ALA JC 35 19.12 -104.53 61.29
CA ALA JC 35 19.54 -105.92 61.37
C ALA JC 35 18.56 -106.73 60.53
N TYR JC 36 18.83 -108.03 60.41
CA TYR JC 36 17.98 -108.90 59.63
C TYR JC 36 17.91 -110.27 60.29
N ILE JC 37 16.73 -110.87 60.23
CA ILE JC 37 16.54 -112.22 60.72
C ILE JC 37 17.05 -113.18 59.67
N ASP JC 38 17.88 -114.14 60.08
CA ASP JC 38 18.55 -115.05 59.16
C ASP JC 38 17.72 -116.33 59.10
N GLU JC 39 17.00 -116.52 58.00
CA GLU JC 39 16.24 -117.74 57.75
C GLU JC 39 16.73 -118.49 56.53
N GLY JC 40 17.88 -118.13 55.98
CA GLY JC 40 18.36 -118.74 54.76
C GLY JC 40 17.48 -118.39 53.57
N LEU JC 41 17.11 -117.13 53.46
CA LEU JC 41 16.29 -116.63 52.37
C LEU JC 41 17.13 -115.71 51.48
N SER JC 42 16.54 -115.26 50.38
CA SER JC 42 17.22 -114.35 49.47
C SER JC 42 17.21 -112.94 50.03
N PHE JC 43 18.01 -112.06 49.43
CA PHE JC 43 18.08 -110.68 49.89
C PHE JC 43 16.76 -109.94 49.69
N GLN JC 44 16.06 -110.20 48.59
CA GLN JC 44 14.79 -109.55 48.31
C GLN JC 44 13.67 -109.98 49.24
N ALA JC 45 13.81 -111.13 49.91
CA ALA JC 45 12.83 -111.53 50.91
C ALA JC 45 13.61 -111.88 52.18
N ARG JC 46 13.93 -110.86 52.96
CA ARG JC 46 14.58 -111.02 54.26
C ARG JC 46 13.56 -110.73 55.36
N LYS JC 47 13.96 -110.58 56.62
CA LYS JC 47 13.05 -110.16 57.68
C LYS JC 47 13.70 -109.01 58.44
N GLU JC 48 14.13 -107.99 57.70
CA GLU JC 48 14.84 -106.87 58.30
C GLU JC 48 14.07 -106.24 59.44
N VAL JC 49 14.77 -105.93 60.52
CA VAL JC 49 14.20 -105.29 61.70
C VAL JC 49 15.12 -104.14 62.12
N ALA JC 50 14.51 -102.99 62.41
CA ALA JC 50 15.22 -101.78 62.77
C ALA JC 50 14.88 -101.38 64.21
N PHE JC 51 15.91 -101.18 65.02
CA PHE JC 51 15.79 -100.76 66.41
C PHE JC 51 16.27 -99.32 66.51
N SER JC 52 15.41 -98.43 66.98
CA SER JC 52 15.78 -97.03 67.13
C SER JC 52 15.52 -96.58 68.56
N VAL JC 53 16.33 -95.64 69.02
CA VAL JC 53 16.23 -95.12 70.38
C VAL JC 53 16.24 -93.59 70.33
N LYS JC 54 15.31 -92.99 71.08
CA LYS JC 54 15.17 -91.54 71.19
C LYS JC 54 15.25 -91.18 72.68
N VAL JC 55 16.41 -90.66 73.09
CA VAL JC 55 16.71 -90.38 74.49
C VAL JC 55 16.01 -89.11 74.94
N PRO JC 56 15.66 -88.98 76.22
CA PRO JC 56 14.97 -87.78 76.68
C PRO JC 56 15.89 -86.56 76.70
N LYS JC 57 15.28 -85.39 76.50
CA LYS JC 57 15.96 -84.11 76.59
C LYS JC 57 15.27 -83.22 77.59
N VAL JC 58 16.04 -82.30 78.18
CA VAL JC 58 15.49 -81.39 79.19
C VAL JC 58 14.47 -80.46 78.54
N SER JC 59 13.39 -80.18 79.27
CA SER JC 59 12.32 -79.33 78.77
C SER JC 59 11.82 -78.44 79.90
N VAL JC 60 10.88 -77.55 79.57
CA VAL JC 60 10.19 -76.75 80.57
C VAL JC 60 8.74 -77.21 80.76
N SER JC 61 8.08 -77.64 79.70
CA SER JC 61 6.81 -78.36 79.73
C SER JC 61 7.11 -79.81 80.06
N ALA JC 62 6.17 -80.71 79.75
CA ALA JC 62 6.41 -82.14 79.98
C ALA JC 62 6.54 -82.41 81.47
N PRO JC 63 5.42 -82.57 82.19
CA PRO JC 63 5.42 -82.34 83.64
C PRO JC 63 6.29 -83.31 84.41
N GLY JC 64 7.56 -82.92 84.56
CA GLY JC 64 8.61 -83.78 85.05
C GLY JC 64 9.94 -83.38 84.45
N GLY JC 65 9.90 -82.46 83.50
CA GLY JC 65 11.11 -81.79 83.08
C GLY JC 65 11.71 -82.27 81.78
N PHE JC 66 11.46 -83.52 81.43
CA PHE JC 66 12.06 -84.10 80.24
C PHE JC 66 11.00 -84.75 79.35
N THR JC 67 11.31 -84.79 78.06
CA THR JC 67 10.50 -85.52 77.10
C THR JC 67 10.59 -87.02 77.40
N GLN JC 68 9.68 -87.78 76.81
CA GLN JC 68 9.65 -89.21 77.07
C GLN JC 68 10.76 -89.92 76.31
N ALA JC 69 11.25 -91.01 76.89
CA ALA JC 69 12.23 -91.88 76.24
C ALA JC 69 11.47 -92.84 75.34
N ARG JC 70 11.84 -92.86 74.06
CA ARG JC 70 11.15 -93.69 73.07
C ARG JC 70 12.07 -94.79 72.56
N SER JC 71 11.50 -95.99 72.40
CA SER JC 71 12.20 -97.13 71.82
C SER JC 71 11.27 -97.72 70.76
N THR JC 72 11.76 -97.77 69.52
CA THR JC 72 10.94 -98.22 68.41
C THR JC 72 11.56 -99.43 67.72
N VAL JC 73 10.73 -100.42 67.43
CA VAL JC 73 11.16 -101.58 66.66
C VAL JC 73 10.25 -101.74 65.47
N ILE JC 74 10.82 -101.76 64.27
CA ILE JC 74 10.04 -102.01 63.06
C ILE JC 74 10.52 -103.31 62.42
N LEU JC 75 9.60 -104.25 62.23
CA LEU JC 75 9.90 -105.52 61.59
C LEU JC 75 9.33 -105.47 60.17
N LYS JC 76 10.16 -105.73 59.19
CA LYS JC 76 9.74 -105.69 57.79
C LYS JC 76 9.62 -107.09 57.21
N SER JC 77 8.51 -107.35 56.54
CA SER JC 77 8.25 -108.66 55.93
C SER JC 77 7.93 -108.48 54.45
N PRO JC 78 8.88 -108.71 53.56
CA PRO JC 78 8.58 -108.69 52.13
C PRO JC 78 7.61 -109.76 51.70
N LYS JC 79 6.50 -109.36 51.10
CA LYS JC 79 5.54 -110.27 50.49
C LYS JC 79 5.54 -110.06 48.99
N THR JC 80 5.36 -111.15 48.25
CA THR JC 80 5.30 -111.14 46.80
C THR JC 80 3.87 -111.43 46.38
N LEU JC 81 3.31 -110.55 45.55
CA LEU JC 81 1.90 -110.57 45.21
C LEU JC 81 1.64 -111.49 44.03
N ALA JC 82 0.36 -111.66 43.70
CA ALA JC 82 -0.02 -112.51 42.58
C ALA JC 82 0.53 -111.98 41.27
N ASN JC 83 0.41 -110.66 41.05
CA ASN JC 83 0.96 -110.07 39.84
C ASN JC 83 2.47 -110.20 39.78
N GLY JC 84 3.14 -110.09 40.93
CA GLY JC 84 4.57 -110.25 40.98
C GLY JC 84 5.29 -109.07 41.57
N ASN JC 85 4.54 -108.01 41.87
CA ASN JC 85 5.12 -106.86 42.54
C ASN JC 85 5.44 -107.20 44.00
N ARG JC 86 6.44 -106.51 44.54
CA ARG JC 86 6.90 -106.74 45.89
C ARG JC 86 6.41 -105.64 46.83
N THR JC 87 5.74 -106.04 47.91
CA THR JC 87 5.34 -105.12 48.96
C THR JC 87 6.04 -105.53 50.24
N VAL JC 88 6.05 -104.63 51.23
CA VAL JC 88 6.63 -104.92 52.53
C VAL JC 88 5.54 -104.75 53.59
N ASN JC 89 5.32 -105.79 54.39
CA ASN JC 89 4.40 -105.76 55.51
C ASN JC 89 5.20 -105.47 56.77
N THR JC 90 4.83 -104.42 57.48
CA THR JC 90 5.60 -103.96 58.64
C THR JC 90 4.79 -104.05 59.92
N VAL JC 91 5.50 -104.29 61.01
CA VAL JC 91 4.94 -104.16 62.36
C VAL JC 91 5.80 -103.16 63.13
N SER JC 92 5.19 -102.08 63.61
CA SER JC 92 5.91 -101.11 64.41
C SER JC 92 5.52 -101.25 65.87
N ILE JC 93 6.52 -101.18 66.75
CA ILE JC 93 6.31 -101.25 68.20
C ILE JC 93 7.08 -100.08 68.79
N GLN JC 94 6.35 -99.10 69.32
CA GLN JC 94 6.95 -97.91 69.91
C GLN JC 94 6.54 -97.81 71.36
N LEU JC 95 7.54 -97.74 72.25
CA LEU JC 95 7.32 -97.60 73.68
C LEU JC 95 7.86 -96.24 74.11
N SER JC 96 6.99 -95.41 74.67
CA SER JC 96 7.36 -94.10 75.19
C SER JC 96 7.10 -94.08 76.69
N VAL JC 97 8.16 -93.98 77.49
CA VAL JC 97 8.02 -93.93 78.94
C VAL JC 97 8.70 -92.67 79.47
N ASP JC 98 8.08 -92.08 80.49
CA ASP JC 98 8.74 -91.02 81.22
C ASP JC 98 9.99 -91.57 81.90
N PRO JC 99 11.07 -90.80 81.97
CA PRO JC 99 12.31 -91.32 82.56
C PRO JC 99 12.18 -91.70 84.03
N GLU JC 100 11.16 -91.21 84.73
CA GLU JC 100 10.94 -91.63 86.11
C GLU JC 100 10.42 -93.06 86.23
N THR JC 101 10.03 -93.67 85.12
CA THR JC 101 9.37 -94.97 85.14
C THR JC 101 10.33 -96.07 85.56
N THR JC 102 9.91 -96.89 86.51
CA THR JC 102 10.72 -97.98 87.01
C THR JC 102 10.75 -99.12 85.99
N ALA JC 103 11.66 -100.08 86.22
CA ALA JC 103 11.80 -101.20 85.30
C ALA JC 103 10.62 -102.17 85.43
N ALA JC 104 10.01 -102.25 86.61
CA ALA JC 104 8.84 -103.12 86.78
C ALA JC 104 7.63 -102.58 86.02
N GLU JC 105 7.43 -101.26 86.04
CA GLU JC 105 6.34 -100.67 85.28
C GLU JC 105 6.54 -100.83 83.78
N VAL JC 106 7.79 -100.81 83.32
CA VAL JC 106 8.06 -101.07 81.91
C VAL JC 106 7.84 -102.54 81.58
N THR JC 107 8.25 -103.44 82.48
CA THR JC 107 8.03 -104.87 82.26
C THR JC 107 6.55 -105.20 82.17
N THR JC 108 5.74 -104.62 83.04
CA THR JC 108 4.30 -104.85 83.00
C THR JC 108 3.72 -104.38 81.67
N MET JC 109 4.14 -103.20 81.22
CA MET JC 109 3.66 -102.64 79.95
C MET JC 109 4.04 -103.55 78.79
N LEU JC 110 5.30 -104.00 78.79
CA LEU JC 110 5.78 -104.88 77.71
C LEU JC 110 5.01 -106.20 77.69
N ASN JC 111 4.78 -106.79 78.87
CA ASN JC 111 4.11 -108.07 78.91
C ASN JC 111 2.65 -107.96 78.50
N ALA JC 112 1.96 -106.89 78.94
CA ALA JC 112 0.57 -106.70 78.49
C ALA JC 112 0.50 -106.45 76.99
N ALA JC 113 1.42 -105.64 76.46
CA ALA JC 113 1.41 -105.37 75.02
C ALA JC 113 1.74 -106.62 74.22
N ALA JC 114 2.53 -107.55 74.79
CA ALA JC 114 2.84 -108.78 74.09
C ALA JC 114 1.59 -109.63 73.88
N GLN JC 115 0.81 -109.83 74.94
CA GLN JC 115 -0.45 -110.56 74.81
C GLN JC 115 -1.47 -109.78 73.99
N LEU JC 116 -1.33 -108.46 73.90
CA LEU JC 116 -2.26 -107.70 73.06
C LEU JC 116 -2.15 -108.10 71.60
N LEU JC 117 -1.03 -108.71 71.18
CA LEU JC 117 -0.87 -109.07 69.78
C LEU JC 117 -0.59 -110.56 69.58
N PHE JC 118 -0.81 -111.39 70.60
CA PHE JC 118 -0.82 -112.83 70.37
C PHE JC 118 -1.97 -113.58 71.04
N ASP JC 119 -2.78 -112.94 71.88
CA ASP JC 119 -3.94 -113.61 72.46
C ASP JC 119 -4.97 -113.91 71.38
N SER JC 120 -5.71 -115.01 71.57
CA SER JC 120 -6.51 -115.56 70.48
C SER JC 120 -7.69 -114.68 70.12
N ASP JC 121 -8.16 -113.85 71.06
CA ASP JC 121 -9.30 -112.99 70.77
C ASP JC 121 -8.93 -111.94 69.72
N TYR JC 122 -7.87 -111.19 69.99
CA TYR JC 122 -7.46 -110.09 69.13
C TYR JC 122 -7.03 -110.59 67.76
N SER JC 123 -7.01 -111.92 67.60
CA SER JC 123 -6.78 -112.50 66.28
C SER JC 123 -7.77 -111.97 65.27
N ASP JC 124 -9.03 -111.74 65.68
CA ASP JC 124 -9.97 -111.15 64.75
C ASP JC 124 -9.66 -109.70 64.43
N PHE JC 125 -9.11 -108.95 65.38
CA PHE JC 125 -8.78 -107.56 65.15
C PHE JC 125 -7.55 -107.39 64.25
N TRP JC 126 -6.54 -108.24 64.41
CA TRP JC 126 -5.32 -108.11 63.61
C TRP JC 126 -5.49 -108.64 62.20
N LYS JC 127 -6.19 -109.76 62.02
CA LYS JC 127 -6.36 -110.37 60.71
C LYS JC 127 -7.62 -109.87 60.00
N ALA JC 128 -8.78 -110.03 60.63
CA ALA JC 128 -10.03 -109.62 60.00
C ALA JC 128 -10.30 -108.13 60.11
N GLN JC 129 -9.50 -107.40 60.89
CA GLN JC 129 -9.69 -105.97 61.09
C GLN JC 129 -11.06 -105.69 61.72
N ALA JC 130 -11.44 -106.54 62.66
CA ALA JC 130 -12.77 -106.55 63.26
C ALA JC 130 -12.71 -105.97 64.66
N LEU JC 131 -13.32 -104.81 64.85
CA LEU JC 131 -13.30 -104.13 66.14
C LEU JC 131 -14.12 -104.87 67.19
N ALA JC 132 -15.22 -105.50 66.79
CA ALA JC 132 -16.02 -106.28 67.73
C ALA JC 132 -16.39 -107.63 67.15
N ALA KC 1 22.37 -108.76 73.36
CA ALA KC 1 21.17 -107.99 73.08
C ALA KC 1 20.84 -108.01 71.60
N ILE KC 2 20.60 -106.84 71.02
CA ILE KC 2 20.39 -106.74 69.58
C ILE KC 2 21.74 -106.86 68.90
N ALA KC 3 22.06 -108.06 68.43
CA ALA KC 3 23.38 -108.35 67.87
C ALA KC 3 23.45 -109.78 67.38
N ASN KC 4 23.20 -110.73 68.29
CA ASN KC 4 23.22 -112.16 67.98
C ASN KC 4 22.03 -112.87 68.59
N SER KC 5 20.96 -112.13 68.86
CA SER KC 5 19.80 -112.69 69.54
C SER KC 5 19.06 -113.66 68.62
N SER KC 6 18.38 -114.62 69.24
CA SER KC 6 17.63 -115.64 68.52
C SER KC 6 16.13 -115.41 68.75
N ILE KC 7 15.35 -115.50 67.68
CA ILE KC 7 13.90 -115.40 67.74
C ILE KC 7 13.30 -116.62 67.06
N ALA KC 8 12.36 -117.27 67.73
CA ALA KC 8 11.77 -118.51 67.24
C ALA KC 8 10.62 -118.18 66.29
N ILE KC 9 10.88 -118.30 64.99
CA ILE KC 9 9.89 -117.97 63.97
C ILE KC 9 8.85 -119.08 63.90
N ASP KC 10 7.58 -118.68 63.78
CA ASP KC 10 6.45 -119.61 63.69
C ASP KC 10 6.39 -120.55 64.89
N SER KC 11 6.51 -119.96 66.08
CA SER KC 11 6.37 -120.69 67.33
C SER KC 11 5.04 -120.34 67.99
N THR KC 12 4.81 -120.92 69.16
CA THR KC 12 3.60 -120.66 69.93
C THR KC 12 3.97 -119.91 71.20
N ALA KC 13 3.36 -118.75 71.40
CA ALA KC 13 3.61 -117.91 72.57
C ALA KC 13 2.47 -118.05 73.57
N SER KC 14 2.80 -118.30 74.83
CA SER KC 14 1.83 -118.48 75.89
C SER KC 14 2.22 -117.64 77.10
N VAL KC 15 1.37 -117.67 78.11
CA VAL KC 15 1.52 -116.88 79.32
C VAL KC 15 1.22 -117.74 80.54
N THR KC 16 2.03 -117.60 81.59
CA THR KC 16 1.80 -118.28 82.85
C THR KC 16 1.87 -117.27 83.99
N GLY KC 17 1.14 -117.55 85.07
CA GLY KC 17 1.13 -116.66 86.20
C GLY KC 17 0.29 -115.41 85.92
N GLY KC 18 0.43 -114.44 86.82
CA GLY KC 18 -0.24 -113.17 86.67
C GLY KC 18 -1.69 -113.19 87.13
N THR KC 19 -2.34 -112.04 86.97
CA THR KC 19 -3.75 -111.87 87.27
C THR KC 19 -4.52 -111.64 85.98
N ALA KC 20 -5.65 -112.32 85.85
CA ALA KC 20 -6.49 -112.28 84.65
C ALA KC 20 -7.44 -111.10 84.78
N ARG KC 21 -7.23 -110.08 83.94
CA ARG KC 21 -8.14 -108.95 83.90
C ARG KC 21 -9.02 -109.02 82.66
N THR KC 22 -10.17 -108.35 82.72
CA THR KC 22 -11.22 -108.57 81.75
C THR KC 22 -11.07 -107.69 80.51
N VAL KC 23 -10.68 -106.43 80.70
CA VAL KC 23 -10.70 -105.40 79.65
C VAL KC 23 -12.17 -105.10 79.34
N LYS KC 24 -12.57 -103.84 79.51
CA LYS KC 24 -13.95 -103.43 79.33
C LYS KC 24 -13.98 -102.25 78.38
N GLU KC 25 -14.86 -102.31 77.39
CA GLU KC 25 -14.91 -101.26 76.38
C GLU KC 25 -15.58 -100.01 76.93
N LEU KC 26 -14.99 -98.85 76.64
CA LEU KC 26 -15.53 -97.58 77.09
C LEU KC 26 -16.38 -96.90 76.01
N VAL KC 27 -15.77 -96.55 74.89
CA VAL KC 27 -16.39 -95.73 73.86
C VAL KC 27 -16.04 -96.34 72.50
N ARG KC 28 -16.92 -96.12 71.53
CA ARG KC 28 -16.78 -96.67 70.20
C ARG KC 28 -16.95 -95.53 69.19
N ASN KC 29 -16.83 -95.84 67.91
CA ASN KC 29 -17.01 -94.91 66.80
C ASN KC 29 -15.86 -93.92 66.67
N ASN KC 30 -15.34 -93.76 65.46
CA ASN KC 30 -15.72 -94.55 64.29
C ASN KC 30 -14.49 -95.25 63.76
N SER KC 31 -14.58 -96.57 63.58
CA SER KC 31 -13.41 -97.39 63.27
C SER KC 31 -12.34 -97.19 64.35
N GLU KC 32 -12.79 -97.09 65.59
CA GLU KC 32 -11.94 -96.77 66.72
C GLU KC 32 -12.59 -97.28 68.00
N LEU KC 33 -12.00 -98.31 68.61
CA LEU KC 33 -12.49 -98.79 69.89
C LEU KC 33 -11.64 -98.24 71.02
N ASN KC 34 -12.27 -98.05 72.17
CA ASN KC 34 -11.57 -97.63 73.38
C ASN KC 34 -12.03 -98.51 74.54
N ALA KC 35 -11.08 -99.11 75.24
CA ALA KC 35 -11.39 -100.01 76.33
C ALA KC 35 -10.48 -99.67 77.50
N TYR KC 36 -10.59 -100.44 78.58
CA TYR KC 36 -9.72 -100.26 79.72
C TYR KC 36 -9.58 -101.59 80.44
N ILE KC 37 -8.39 -101.86 80.95
CA ILE KC 37 -8.12 -103.10 81.68
C ILE KC 37 -8.57 -102.90 83.12
N ASP KC 38 -9.59 -103.65 83.54
CA ASP KC 38 -10.17 -103.51 84.87
C ASP KC 38 -9.38 -104.31 85.88
N GLU KC 39 -8.65 -103.63 86.77
CA GLU KC 39 -7.88 -104.26 87.82
C GLU KC 39 -8.19 -103.64 89.17
N GLY KC 40 -9.41 -103.15 89.36
CA GLY KC 40 -9.80 -102.53 90.61
C GLY KC 40 -9.02 -101.28 90.94
N LEU KC 41 -8.77 -100.43 89.96
CA LEU KC 41 -8.03 -99.20 90.17
C LEU KC 41 -8.95 -98.01 89.96
N SER KC 42 -8.45 -96.83 90.33
CA SER KC 42 -9.24 -95.60 90.22
C SER KC 42 -9.35 -95.17 88.77
N PHE KC 43 -10.11 -94.09 88.55
CA PHE KC 43 -10.35 -93.61 87.19
C PHE KC 43 -9.09 -93.03 86.56
N GLN KC 44 -8.25 -92.37 87.33
CA GLN KC 44 -7.05 -91.76 86.78
C GLN KC 44 -5.89 -92.74 86.66
N ALA KC 45 -5.98 -93.91 87.27
CA ALA KC 45 -4.87 -94.85 87.33
C ALA KC 45 -5.17 -96.15 86.58
N ARG KC 46 -6.16 -96.13 85.69
CA ARG KC 46 -6.52 -97.32 84.93
C ARG KC 46 -5.76 -97.39 83.62
N LYS KC 47 -5.62 -98.60 83.09
CA LYS KC 47 -4.79 -98.89 81.93
C LYS KC 47 -5.25 -98.20 80.65
N GLU KC 48 -6.48 -98.47 80.20
CA GLU KC 48 -7.05 -97.82 79.03
C GLU KC 48 -6.34 -98.08 77.70
N VAL KC 49 -6.45 -99.29 77.17
CA VAL KC 49 -5.96 -99.63 75.84
C VAL KC 49 -6.99 -99.20 74.79
N ALA KC 50 -6.51 -98.62 73.70
CA ALA KC 50 -7.34 -98.19 72.58
C ALA KC 50 -7.01 -98.96 71.31
N PHE KC 51 -8.03 -99.18 70.48
CA PHE KC 51 -7.92 -99.96 69.25
C PHE KC 51 -8.37 -99.13 68.06
N SER KC 52 -7.48 -98.95 67.09
CA SER KC 52 -7.78 -98.20 65.88
C SER KC 52 -7.71 -99.12 64.67
N VAL KC 53 -8.33 -98.69 63.58
CA VAL KC 53 -8.38 -99.48 62.36
C VAL KC 53 -8.45 -98.56 61.14
N LYS KC 54 -7.69 -98.90 60.10
CA LYS KC 54 -7.72 -98.18 58.83
C LYS KC 54 -7.95 -99.22 57.74
N VAL KC 55 -9.14 -99.20 57.15
CA VAL KC 55 -9.53 -100.24 56.19
C VAL KC 55 -8.73 -100.08 54.90
N PRO KC 56 -8.51 -101.15 54.13
CA PRO KC 56 -7.79 -101.00 52.86
C PRO KC 56 -8.58 -100.14 51.88
N LYS KC 57 -7.91 -99.13 51.35
CA LYS KC 57 -8.52 -98.18 50.43
C LYS KC 57 -8.09 -98.49 49.01
N VAL KC 58 -9.04 -98.40 48.08
CA VAL KC 58 -8.75 -98.75 46.69
C VAL KC 58 -7.94 -97.63 46.05
N SER KC 59 -6.63 -97.80 46.00
CA SER KC 59 -5.75 -96.86 45.30
C SER KC 59 -5.55 -97.32 43.87
N VAL KC 60 -4.58 -96.73 43.16
CA VAL KC 60 -4.28 -97.14 41.80
C VAL KC 60 -2.81 -97.51 41.67
N SER KC 61 -1.93 -96.60 42.09
CA SER KC 61 -0.49 -96.77 41.92
C SER KC 61 0.13 -97.40 43.17
N ALA KC 62 -0.34 -98.61 43.48
CA ALA KC 62 0.17 -99.33 44.62
C ALA KC 62 0.30 -100.81 44.28
N PRO KC 63 1.20 -101.53 44.94
CA PRO KC 63 1.23 -102.99 44.75
C PRO KC 63 -0.11 -103.62 45.11
N GLY KC 64 -0.57 -104.52 44.25
CA GLY KC 64 -1.84 -105.19 44.49
C GLY KC 64 -3.03 -104.38 44.02
N GLY KC 65 -2.95 -103.06 44.18
CA GLY KC 65 -4.01 -102.18 43.76
C GLY KC 65 -4.55 -101.31 44.87
N PHE KC 66 -4.69 -101.87 46.07
CA PHE KC 66 -5.26 -101.13 47.19
C PHE KC 66 -4.14 -100.60 48.08
N THR KC 67 -4.51 -99.74 49.03
CA THR KC 67 -3.62 -99.38 50.11
C THR KC 67 -3.60 -100.49 51.15
N GLN KC 68 -2.84 -100.26 52.22
CA GLN KC 68 -2.60 -101.31 53.20
C GLN KC 68 -3.66 -101.29 54.30
N ALA KC 69 -3.90 -102.46 54.87
CA ALA KC 69 -4.83 -102.62 55.99
C ALA KC 69 -4.08 -102.31 57.28
N ARG KC 70 -4.21 -101.07 57.74
CA ARG KC 70 -3.56 -100.63 58.96
C ARG KC 70 -4.40 -100.99 60.18
N SER KC 71 -3.73 -101.40 61.26
CA SER KC 71 -4.42 -101.79 62.49
C SER KC 71 -3.53 -101.36 63.66
N THR KC 72 -4.05 -100.46 64.49
CA THR KC 72 -3.25 -99.87 65.56
C THR KC 72 -3.84 -100.19 66.92
N VAL KC 73 -2.95 -100.42 67.89
CA VAL KC 73 -3.30 -100.60 69.29
C VAL KC 73 -2.39 -99.67 70.09
N ILE KC 74 -2.95 -98.93 71.05
CA ILE KC 74 -2.16 -98.13 71.96
C ILE KC 74 -2.56 -98.48 73.38
N LEU KC 75 -1.63 -99.08 74.13
CA LEU KC 75 -1.82 -99.35 75.55
C LEU KC 75 -1.29 -98.14 76.30
N LYS KC 76 -2.14 -97.54 77.13
CA LYS KC 76 -1.75 -96.42 77.96
C LYS KC 76 -1.51 -96.91 79.39
N SER KC 77 -0.76 -96.13 80.15
CA SER KC 77 -0.38 -96.50 81.51
C SER KC 77 -0.14 -95.23 82.31
N PRO KC 78 -1.03 -94.87 83.21
CA PRO KC 78 -0.83 -93.68 84.03
C PRO KC 78 0.36 -93.83 84.95
N LYS KC 79 1.00 -92.71 85.27
CA LYS KC 79 2.07 -92.69 86.24
C LYS KC 79 2.14 -91.31 86.87
N THR KC 80 2.25 -91.28 88.20
CA THR KC 80 2.40 -90.04 88.94
C THR KC 80 3.87 -89.82 89.25
N LEU KC 81 4.30 -88.56 89.16
CA LEU KC 81 5.72 -88.22 89.19
C LEU KC 81 6.16 -87.83 90.60
N ALA KC 82 7.47 -87.59 90.74
CA ALA KC 82 8.04 -87.20 92.02
C ALA KC 82 7.69 -85.78 92.42
N ASN KC 83 7.14 -84.99 91.51
CA ASN KC 83 6.63 -83.66 91.82
C ASN KC 83 5.11 -83.63 91.93
N GLY KC 84 4.45 -84.78 91.88
CA GLY KC 84 3.01 -84.87 92.01
C GLY KC 84 2.24 -84.77 90.72
N ASN KC 85 2.91 -84.50 89.60
CA ASN KC 85 2.23 -84.36 88.33
C ASN KC 85 1.86 -85.74 87.76
N ARG KC 86 1.01 -85.72 86.75
CA ARG KC 86 0.42 -86.92 86.14
C ARG KC 86 0.88 -87.00 84.71
N THR KC 87 1.30 -88.19 84.27
CA THR KC 87 1.71 -88.42 82.90
C THR KC 87 1.29 -89.82 82.45
N VAL KC 88 1.46 -90.10 81.17
CA VAL KC 88 1.05 -91.37 80.59
C VAL KC 88 2.23 -91.97 79.82
N ASN KC 89 2.50 -93.24 80.05
CA ASN KC 89 3.42 -94.02 79.24
C ASN KC 89 2.60 -94.82 78.24
N THR KC 90 3.13 -94.99 77.03
CA THR KC 90 2.36 -95.65 75.98
C THR KC 90 3.18 -96.75 75.32
N VAL KC 91 2.47 -97.77 74.87
CA VAL KC 91 3.01 -98.74 73.92
C VAL KC 91 2.12 -98.70 72.68
N SER KC 92 2.71 -98.41 71.53
CA SER KC 92 1.96 -98.34 70.28
C SER KC 92 2.40 -99.46 69.35
N ILE KC 93 1.45 -100.27 68.90
CA ILE KC 93 1.70 -101.37 67.98
C ILE KC 93 0.87 -101.12 66.73
N GLN KC 94 1.54 -100.96 65.59
CA GLN KC 94 0.87 -100.80 64.31
C GLN KC 94 1.21 -101.98 63.40
N LEU KC 95 0.19 -102.68 62.94
CA LEU KC 95 0.34 -103.76 61.98
C LEU KC 95 -0.15 -103.23 60.65
N SER KC 96 0.70 -103.30 59.62
CA SER KC 96 0.38 -102.77 58.31
C SER KC 96 0.71 -103.83 57.28
N VAL KC 97 -0.31 -104.54 56.83
CA VAL KC 97 -0.14 -105.58 55.83
C VAL KC 97 -0.94 -105.21 54.58
N ASP KC 98 -0.59 -105.82 53.46
CA ASP KC 98 -1.37 -105.72 52.25
C ASP KC 98 -2.59 -106.62 52.37
N PRO KC 99 -3.71 -106.25 51.72
CA PRO KC 99 -4.92 -107.07 51.82
C PRO KC 99 -4.75 -108.48 51.28
N GLU KC 100 -3.78 -108.71 50.40
CA GLU KC 100 -3.50 -110.01 49.83
C GLU KC 100 -2.85 -110.96 50.84
N THR KC 101 -2.40 -110.43 51.98
CA THR KC 101 -1.72 -111.25 52.98
C THR KC 101 -2.67 -112.25 53.61
N THR KC 102 -2.18 -113.47 53.82
CA THR KC 102 -2.95 -114.53 54.44
C THR KC 102 -2.86 -114.43 55.96
N ALA KC 103 -3.73 -115.19 56.63
CA ALA KC 103 -3.78 -115.17 58.08
C ALA KC 103 -2.51 -115.74 58.70
N ALA KC 104 -1.91 -116.75 58.05
CA ALA KC 104 -0.71 -117.37 58.60
C ALA KC 104 0.49 -116.44 58.55
N GLU KC 105 0.64 -115.66 57.47
CA GLU KC 105 1.71 -114.68 57.43
C GLU KC 105 1.54 -113.62 58.53
N VAL KC 106 0.29 -113.21 58.77
CA VAL KC 106 0.03 -112.21 59.80
C VAL KC 106 0.33 -112.78 61.17
N THR KC 107 -0.01 -114.05 61.40
CA THR KC 107 0.23 -114.65 62.71
C THR KC 107 1.72 -114.83 62.92
N THR KC 108 2.48 -115.10 61.84
CA THR KC 108 3.93 -115.17 61.95
C THR KC 108 4.52 -113.81 62.31
N MET KC 109 4.06 -112.75 61.63
CA MET KC 109 4.54 -111.41 61.92
C MET KC 109 4.22 -111.02 63.37
N LEU KC 110 3.01 -111.33 63.82
CA LEU KC 110 2.61 -110.99 65.18
C LEU KC 110 3.45 -111.76 66.19
N ASN KC 111 3.73 -113.03 65.92
CA ASN KC 111 4.55 -113.82 66.84
C ASN KC 111 5.95 -113.25 66.94
N ALA KC 112 6.56 -112.88 65.80
CA ALA KC 112 7.89 -112.30 65.82
C ALA KC 112 7.91 -110.97 66.57
N ALA KC 113 6.92 -110.11 66.30
CA ALA KC 113 6.86 -108.82 66.97
C ALA KC 113 6.62 -108.97 68.46
N ALA KC 114 5.78 -109.92 68.86
CA ALA KC 114 5.55 -110.17 70.28
C ALA KC 114 6.83 -110.69 70.95
N GLN KC 115 7.57 -111.54 70.26
CA GLN KC 115 8.84 -112.02 70.80
C GLN KC 115 9.81 -110.86 71.01
N LEU KC 116 9.81 -109.89 70.09
CA LEU KC 116 10.63 -108.69 70.30
C LEU KC 116 9.88 -107.70 71.21
N LEU KC 117 9.28 -108.23 72.27
CA LEU KC 117 8.68 -107.41 73.30
C LEU KC 117 9.01 -107.95 74.69
N PHE KC 118 9.09 -109.28 74.80
CA PHE KC 118 9.27 -109.92 76.08
C PHE KC 118 10.49 -110.84 76.15
N ASP KC 119 11.19 -111.05 75.05
CA ASP KC 119 12.40 -111.86 75.07
C ASP KC 119 13.48 -111.19 75.91
N SER KC 120 14.14 -111.99 76.74
CA SER KC 120 15.11 -111.45 77.69
C SER KC 120 16.28 -110.79 76.98
N ASP KC 121 16.53 -111.16 75.73
CA ASP KC 121 17.62 -110.56 74.96
C ASP KC 121 17.40 -109.07 74.76
N TYR KC 122 16.16 -108.68 74.47
CA TYR KC 122 15.85 -107.27 74.28
C TYR KC 122 15.25 -106.68 75.56
N SER KC 123 16.01 -106.67 76.65
CA SER KC 123 15.52 -106.05 77.88
C SER KC 123 16.22 -104.71 78.08
N ASP KC 124 17.54 -104.70 77.89
CA ASP KC 124 18.29 -103.45 78.00
C ASP KC 124 17.89 -102.45 76.94
N PHE KC 125 17.32 -102.92 75.83
CA PHE KC 125 16.84 -102.01 74.80
C PHE KC 125 15.59 -101.25 75.22
N TRP KC 126 14.67 -101.89 75.94
CA TRP KC 126 13.42 -101.23 76.34
C TRP KC 126 13.60 -100.43 77.62
N LYS KC 127 14.26 -101.03 78.62
CA LYS KC 127 14.38 -100.37 79.92
C LYS KC 127 15.60 -99.46 79.96
N ALA KC 128 16.78 -100.00 79.64
CA ALA KC 128 17.99 -99.19 79.67
C ALA KC 128 18.16 -98.34 78.43
N GLN KC 129 17.34 -98.54 77.41
CA GLN KC 129 17.44 -97.83 76.13
C GLN KC 129 18.83 -98.03 75.51
N ALA KC 130 19.38 -99.22 75.67
CA ALA KC 130 20.71 -99.56 75.20
C ALA KC 130 20.61 -100.30 73.87
N LEU KC 131 21.00 -99.63 72.78
CA LEU KC 131 20.91 -100.22 71.45
C LEU KC 131 21.75 -101.47 71.33
N ALA KC 132 22.91 -101.50 72.00
CA ALA KC 132 23.78 -102.66 71.95
C ALA KC 132 24.78 -102.65 73.10
N ALA LC 1 54.86 -114.80 34.94
CA ALA LC 1 54.23 -113.49 34.93
C ALA LC 1 52.72 -113.60 34.70
N ILE LC 2 52.12 -112.51 34.20
CA ILE LC 2 50.68 -112.47 34.02
C ILE LC 2 50.23 -113.47 32.97
N ALA LC 3 50.91 -113.50 31.82
CA ALA LC 3 50.56 -114.44 30.77
C ALA LC 3 50.82 -115.87 31.21
N ASN LC 4 49.82 -116.73 31.00
CA ASN LC 4 49.89 -118.15 31.35
C ASN LC 4 50.11 -118.36 32.85
N SER LC 5 49.63 -117.42 33.65
CA SER LC 5 49.62 -117.57 35.10
C SER LC 5 48.46 -118.48 35.49
N SER LC 6 48.67 -119.31 36.50
CA SER LC 6 47.65 -120.26 36.94
C SER LC 6 46.99 -119.78 38.22
N ILE LC 7 45.67 -119.89 38.27
CA ILE LC 7 44.87 -119.54 39.44
C ILE LC 7 44.03 -120.74 39.81
N ALA LC 8 44.06 -121.12 41.10
CA ALA LC 8 43.29 -122.26 41.59
C ALA LC 8 41.91 -121.77 42.02
N ILE LC 9 40.90 -122.10 41.24
CA ILE LC 9 39.55 -121.58 41.47
C ILE LC 9 38.80 -122.49 42.44
N ASP LC 10 38.01 -121.86 43.32
CA ASP LC 10 37.31 -122.54 44.42
C ASP LC 10 38.30 -123.28 45.31
N SER LC 11 39.18 -122.48 45.92
CA SER LC 11 40.28 -123.00 46.70
C SER LC 11 40.29 -122.34 48.07
N THR LC 12 40.75 -123.09 49.06
CA THR LC 12 40.89 -122.54 50.40
C THR LC 12 42.22 -121.81 50.53
N ALA LC 13 42.18 -120.61 51.08
CA ALA LC 13 43.35 -119.75 51.23
C ALA LC 13 43.75 -119.77 52.71
N SER LC 14 44.90 -120.37 52.99
CA SER LC 14 45.43 -120.38 54.34
C SER LC 14 46.40 -119.22 54.52
N VAL LC 15 46.96 -119.09 55.72
CA VAL LC 15 47.98 -118.10 56.01
C VAL LC 15 48.77 -118.54 57.23
N THR LC 16 50.10 -118.53 57.13
CA THR LC 16 50.97 -118.94 58.23
C THR LC 16 52.21 -118.06 58.23
N GLY LC 17 52.16 -116.93 58.92
CA GLY LC 17 53.36 -116.13 59.12
C GLY LC 17 53.56 -115.62 60.52
N GLY LC 18 52.52 -115.70 61.35
CA GLY LC 18 52.61 -115.16 62.70
C GLY LC 18 52.32 -113.68 62.73
N THR LC 19 52.68 -113.03 63.84
CA THR LC 19 52.45 -111.61 64.06
C THR LC 19 50.96 -111.27 63.95
N ALA LC 20 50.17 -111.94 64.78
CA ALA LC 20 48.72 -111.76 64.76
C ALA LC 20 48.32 -110.44 65.39
N ARG LC 21 48.11 -109.43 64.55
CA ARG LC 21 47.69 -108.12 65.03
C ARG LC 21 46.19 -108.11 65.29
N THR LC 22 45.67 -106.94 65.64
CA THR LC 22 44.27 -106.78 65.97
C THR LC 22 43.73 -105.53 65.29
N VAL LC 23 42.60 -105.67 64.61
CA VAL LC 23 41.91 -104.53 64.02
C VAL LC 23 41.01 -103.92 65.09
N LYS LC 24 41.30 -102.68 65.46
CA LYS LC 24 40.50 -101.96 66.43
C LYS LC 24 39.80 -100.80 65.72
N GLU LC 25 38.49 -100.69 65.90
CA GLU LC 25 37.75 -99.65 65.21
C GLU LC 25 37.98 -98.30 65.86
N LEU LC 26 37.92 -97.24 65.05
CA LEU LC 26 38.16 -95.88 65.54
C LEU LC 26 36.87 -95.08 65.52
N VAL LC 27 36.24 -94.91 64.36
CA VAL LC 27 35.00 -94.14 64.23
C VAL LC 27 34.08 -94.92 63.31
N ARG LC 28 32.92 -94.34 63.03
CA ARG LC 28 31.95 -94.98 62.16
C ARG LC 28 31.43 -94.10 61.04
N ASN LC 29 31.38 -92.79 61.25
CA ASN LC 29 30.67 -91.82 60.40
C ASN LC 29 29.56 -92.42 59.53
N ASN LC 30 29.45 -91.97 58.28
CA ASN LC 30 28.27 -92.25 57.46
C ASN LC 30 28.44 -93.59 56.75
N SER LC 31 27.79 -94.62 57.29
CA SER LC 31 27.73 -95.95 56.67
C SER LC 31 29.13 -96.47 56.35
N GLU LC 32 30.05 -96.22 57.27
CA GLU LC 32 31.45 -96.54 57.08
C GLU LC 32 31.96 -97.13 58.38
N LEU LC 33 33.22 -97.60 58.37
CA LEU LC 33 33.84 -98.10 59.58
C LEU LC 33 35.34 -97.93 59.50
N ASN LC 34 35.87 -96.87 60.10
CA ASN LC 34 37.30 -96.62 60.06
C ASN LC 34 37.97 -97.29 61.25
N ALA LC 35 38.85 -98.24 60.97
CA ALA LC 35 39.59 -98.97 61.99
C ALA LC 35 41.09 -98.75 61.80
N TYR LC 36 41.88 -99.44 62.60
CA TYR LC 36 43.33 -99.39 62.46
C TYR LC 36 43.92 -100.68 62.99
N ILE LC 37 45.09 -101.04 62.49
CA ILE LC 37 45.78 -102.26 62.91
C ILE LC 37 46.71 -101.91 64.06
N ASP LC 38 46.61 -102.65 65.16
CA ASP LC 38 47.37 -102.36 66.37
C ASP LC 38 48.69 -103.12 66.33
N GLU LC 39 49.73 -102.41 65.91
CA GLU LC 39 51.09 -102.97 65.88
C GLU LC 39 52.06 -102.24 66.78
N GLY LC 40 51.61 -101.27 67.56
CA GLY LC 40 52.45 -100.51 68.44
C GLY LC 40 53.20 -99.37 67.80
N LEU LC 41 52.83 -98.96 66.59
CA LEU LC 41 53.50 -97.86 65.91
C LEU LC 41 53.04 -96.53 66.49
N SER LC 42 53.52 -95.45 65.90
CA SER LC 42 53.12 -94.12 66.34
C SER LC 42 51.67 -93.85 65.96
N PHE LC 43 51.16 -92.70 66.41
CA PHE LC 43 49.76 -92.38 66.19
C PHE LC 43 49.50 -92.05 64.72
N GLN LC 44 50.36 -91.22 64.12
CA GLN LC 44 50.20 -90.85 62.72
C GLN LC 44 51.13 -91.67 61.82
N ALA LC 45 51.49 -92.88 62.28
CA ALA LC 45 52.22 -93.81 61.44
C ALA LC 45 51.61 -95.21 61.45
N ARG LC 46 50.41 -95.38 62.01
CA ARG LC 46 49.75 -96.67 62.07
C ARG LC 46 49.01 -96.96 60.77
N LYS LC 47 48.67 -98.22 60.53
CA LYS LC 47 47.92 -98.59 59.34
C LYS LC 47 46.44 -98.59 59.67
N GLU LC 48 45.69 -97.67 59.06
CA GLU LC 48 44.23 -97.59 59.24
C GLU LC 48 43.57 -98.22 58.01
N VAL LC 49 42.68 -99.17 58.25
CA VAL LC 49 41.89 -99.74 57.17
C VAL LC 49 40.42 -99.35 57.36
N ALA LC 50 39.84 -98.80 56.29
CA ALA LC 50 38.47 -98.31 56.31
C ALA LC 50 37.56 -99.23 55.52
N PHE LC 51 36.39 -99.51 56.09
CA PHE LC 51 35.37 -100.36 55.49
C PHE LC 51 34.14 -99.51 55.16
N SER LC 52 33.49 -99.83 54.04
CA SER LC 52 32.30 -99.07 53.66
C SER LC 52 31.33 -99.94 52.88
N VAL LC 53 30.04 -99.65 53.00
CA VAL LC 53 29.00 -100.41 52.34
C VAL LC 53 28.13 -99.48 51.51
N LYS LC 54 27.62 -100.02 50.41
CA LYS LC 54 26.81 -99.31 49.42
C LYS LC 54 25.65 -100.22 49.01
N VAL LC 55 24.83 -100.58 50.00
CA VAL LC 55 23.65 -101.45 49.87
C VAL LC 55 22.80 -101.07 48.65
N PRO LC 56 22.08 -102.03 48.06
CA PRO LC 56 21.30 -101.75 46.85
C PRO LC 56 20.12 -100.84 47.13
N LYS LC 57 19.69 -100.14 46.07
CA LYS LC 57 18.58 -99.20 46.13
C LYS LC 57 17.66 -99.50 44.96
N VAL LC 58 16.37 -99.66 45.23
CA VAL LC 58 15.41 -100.11 44.22
C VAL LC 58 15.31 -99.10 43.09
N SER LC 59 15.73 -99.50 41.90
CA SER LC 59 15.73 -98.65 40.73
C SER LC 59 14.71 -99.17 39.70
N VAL LC 60 14.56 -98.44 38.59
CA VAL LC 60 13.77 -98.89 37.45
C VAL LC 60 14.66 -99.43 36.34
N SER LC 61 15.86 -98.89 36.22
CA SER LC 61 16.94 -99.38 35.38
C SER LC 61 17.58 -100.57 36.09
N ALA LC 62 18.83 -100.89 35.75
CA ALA LC 62 19.54 -102.01 36.38
C ALA LC 62 18.89 -103.34 36.03
N PRO LC 63 19.21 -103.88 34.85
CA PRO LC 63 18.46 -105.03 34.31
C PRO LC 63 18.62 -106.27 35.18
N GLY LC 64 17.73 -106.40 36.15
CA GLY LC 64 17.85 -107.30 37.27
C GLY LC 64 17.13 -106.70 38.47
N GLY LC 65 16.70 -105.45 38.31
CA GLY LC 65 15.79 -104.82 39.25
C GLY LC 65 16.32 -103.58 39.92
N PHE LC 66 17.56 -103.61 40.39
CA PHE LC 66 18.14 -102.50 41.13
C PHE LC 66 19.65 -102.67 41.30
N THR LC 67 20.29 -101.58 41.72
CA THR LC 67 21.73 -101.43 41.68
C THR LC 67 22.44 -102.51 42.50
N GLN LC 68 23.72 -102.69 42.22
CA GLN LC 68 24.51 -103.69 42.90
C GLN LC 68 24.87 -103.24 44.30
N ALA LC 69 25.33 -104.20 45.11
CA ALA LC 69 25.69 -103.97 46.49
C ALA LC 69 27.20 -103.84 46.60
N ARG LC 70 27.68 -102.67 47.00
CA ARG LC 70 29.13 -102.47 47.01
C ARG LC 70 29.72 -102.61 48.41
N SER LC 71 30.94 -103.13 48.47
CA SER LC 71 31.70 -103.24 49.72
C SER LC 71 33.13 -102.81 49.42
N THR LC 72 33.58 -101.76 50.11
CA THR LC 72 34.91 -101.23 49.88
C THR LC 72 35.79 -101.37 51.12
N VAL LC 73 37.06 -101.69 50.88
CA VAL LC 73 38.08 -101.75 51.91
C VAL LC 73 39.31 -101.00 51.43
N ILE LC 74 39.71 -99.97 52.15
CA ILE LC 74 40.93 -99.23 51.83
C ILE LC 74 41.94 -99.39 52.96
N LEU LC 75 43.10 -99.93 52.64
CA LEU LC 75 44.17 -100.13 53.63
C LEU LC 75 45.20 -99.02 53.41
N LYS LC 76 45.31 -98.12 54.38
CA LYS LC 76 46.26 -97.01 54.29
C LYS LC 76 47.50 -97.32 55.11
N SER LC 77 48.63 -97.44 54.43
CA SER LC 77 49.92 -97.70 55.08
C SER LC 77 50.81 -96.47 54.94
N PRO LC 78 51.08 -95.74 56.01
CA PRO LC 78 51.89 -94.52 55.88
C PRO LC 78 53.36 -94.84 55.74
N LYS LC 79 54.10 -93.91 55.13
CA LYS LC 79 55.52 -94.09 54.84
C LYS LC 79 56.23 -92.75 54.93
N THR LC 80 57.38 -92.74 55.59
CA THR LC 80 58.25 -91.57 55.65
C THR LC 80 59.31 -91.72 54.56
N LEU LC 81 59.38 -90.74 53.67
CA LEU LC 81 60.31 -90.81 52.55
C LEU LC 81 61.70 -90.34 52.96
N ALA LC 82 62.66 -90.55 52.05
CA ALA LC 82 64.03 -90.12 52.30
C ALA LC 82 64.11 -88.59 52.40
N ASN LC 83 63.40 -87.89 51.52
CA ASN LC 83 63.38 -86.43 51.58
C ASN LC 83 62.83 -85.92 52.91
N GLY LC 84 62.04 -86.72 53.61
CA GLY LC 84 61.63 -86.37 54.95
C GLY LC 84 60.14 -86.26 55.15
N ASN LC 85 59.41 -85.90 54.09
CA ASN LC 85 57.97 -85.77 54.20
C ASN LC 85 57.30 -87.13 54.31
N ARG LC 86 55.98 -87.13 54.46
CA ARG LC 86 55.18 -88.31 54.67
C ARG LC 86 54.24 -88.51 53.49
N THR LC 87 53.92 -89.76 53.21
CA THR LC 87 52.98 -90.12 52.16
C THR LC 87 52.23 -91.35 52.65
N VAL LC 88 51.15 -91.70 51.96
CA VAL LC 88 50.38 -92.90 52.29
C VAL LC 88 50.31 -93.79 51.06
N ASN LC 89 50.60 -95.07 51.26
CA ASN LC 89 50.51 -96.09 50.22
C ASN LC 89 49.22 -96.86 50.50
N THR LC 90 48.30 -96.85 49.53
CA THR LC 90 46.97 -97.35 49.77
C THR LC 90 46.67 -98.59 48.93
N VAL LC 91 45.80 -99.45 49.44
CA VAL LC 91 45.33 -100.62 48.71
C VAL LC 91 43.81 -100.68 48.83
N SER LC 92 43.10 -100.23 47.80
CA SER LC 92 41.65 -100.25 47.84
C SER LC 92 41.10 -101.49 47.15
N ILE LC 93 39.97 -101.98 47.65
CA ILE LC 93 39.31 -103.16 47.12
C ILE LC 93 37.81 -102.91 47.10
N GLN LC 94 37.16 -103.17 45.97
CA GLN LC 94 35.72 -102.99 45.83
C GLN LC 94 35.07 -104.26 45.29
N LEU LC 95 33.80 -104.46 45.65
CA LEU LC 95 33.07 -105.69 45.37
C LEU LC 95 31.70 -105.38 44.77
N SER LC 96 31.69 -104.63 43.66
CA SER LC 96 30.44 -104.30 42.96
C SER LC 96 29.85 -105.60 42.41
N VAL LC 97 28.91 -106.17 43.16
CA VAL LC 97 28.23 -107.41 42.76
C VAL LC 97 26.73 -107.22 42.84
N ASP LC 98 26.03 -107.84 41.89
CA ASP LC 98 24.58 -107.73 41.85
C ASP LC 98 23.98 -108.42 43.07
N PRO LC 99 22.98 -107.81 43.72
CA PRO LC 99 22.47 -108.34 45.00
C PRO LC 99 21.86 -109.72 44.91
N GLU LC 100 21.47 -110.17 43.73
CA GLU LC 100 20.91 -111.51 43.56
C GLU LC 100 21.96 -112.60 43.64
N THR LC 101 23.25 -112.24 43.66
CA THR LC 101 24.30 -113.24 43.62
C THR LC 101 24.37 -114.02 44.93
N THR LC 102 24.71 -115.31 44.81
CA THR LC 102 24.77 -116.18 45.97
C THR LC 102 26.09 -115.99 46.72
N ALA LC 103 26.14 -116.54 47.94
CA ALA LC 103 27.33 -116.43 48.78
C ALA LC 103 28.46 -117.33 48.30
N ALA LC 104 28.15 -118.47 47.68
CA ALA LC 104 29.20 -119.31 47.12
C ALA LC 104 29.92 -118.62 45.98
N GLU LC 105 29.17 -117.92 45.12
CA GLU LC 105 29.78 -117.16 44.05
C GLU LC 105 30.66 -116.04 44.60
N VAL LC 106 30.20 -115.35 45.64
CA VAL LC 106 30.98 -114.30 46.26
C VAL LC 106 32.26 -114.86 46.86
N THR LC 107 32.15 -116.03 47.51
CA THR LC 107 33.35 -116.68 48.05
C THR LC 107 34.32 -117.04 46.94
N THR LC 108 33.81 -117.58 45.83
CA THR LC 108 34.67 -117.91 44.69
C THR LC 108 35.40 -116.67 44.19
N MET LC 109 34.66 -115.56 44.03
CA MET LC 109 35.25 -114.33 43.54
C MET LC 109 36.29 -113.79 44.50
N LEU LC 110 35.99 -113.83 45.81
CA LEU LC 110 36.92 -113.31 46.79
C LEU LC 110 38.19 -114.14 46.84
N ASN LC 111 38.05 -115.46 46.72
CA ASN LC 111 39.23 -116.33 46.68
C ASN LC 111 40.05 -116.09 45.43
N ALA LC 112 39.39 -115.94 44.28
CA ALA LC 112 40.11 -115.70 43.04
C ALA LC 112 40.85 -114.37 43.06
N ALA LC 113 40.18 -113.30 43.50
CA ALA LC 113 40.81 -112.00 43.63
C ALA LC 113 41.91 -111.98 44.66
N ALA LC 114 41.70 -112.59 45.82
CA ALA LC 114 42.75 -112.68 46.83
C ALA LC 114 43.82 -113.70 46.46
N GLN LC 115 43.54 -114.57 45.50
CA GLN LC 115 44.59 -115.45 44.97
C GLN LC 115 45.63 -114.66 44.19
N LEU LC 116 45.23 -113.55 43.58
CA LEU LC 116 46.14 -112.51 43.16
C LEU LC 116 46.70 -111.84 44.43
N LEU LC 117 47.63 -110.91 44.24
CA LEU LC 117 48.22 -110.13 45.34
C LEU LC 117 49.14 -110.96 46.23
N PHE LC 118 49.17 -112.28 46.08
CA PHE LC 118 50.21 -113.04 46.78
C PHE LC 118 50.76 -114.15 45.91
N ASP LC 119 50.18 -114.35 44.73
CA ASP LC 119 50.72 -115.32 43.81
C ASP LC 119 52.04 -114.80 43.24
N SER LC 120 53.01 -115.70 43.10
CA SER LC 120 54.33 -115.33 42.64
C SER LC 120 54.34 -114.78 41.22
N ASP LC 121 53.36 -115.17 40.40
CA ASP LC 121 53.32 -114.70 39.02
C ASP LC 121 53.13 -113.19 38.93
N TYR LC 122 52.35 -112.63 39.85
CA TYR LC 122 51.98 -111.22 39.80
C TYR LC 122 52.90 -110.35 40.66
N SER LC 123 53.95 -110.91 41.23
CA SER LC 123 54.90 -110.14 42.04
C SER LC 123 55.46 -108.96 41.27
N ASP LC 124 55.92 -109.20 40.04
CA ASP LC 124 56.51 -108.13 39.24
C ASP LC 124 55.47 -107.11 38.81
N PHE LC 125 54.24 -107.57 38.56
CA PHE LC 125 53.16 -106.65 38.22
C PHE LC 125 52.87 -105.69 39.36
N TRP LC 126 52.77 -106.23 40.59
CA TRP LC 126 52.47 -105.39 41.73
C TRP LC 126 53.65 -104.52 42.14
N LYS LC 127 54.89 -104.97 41.91
CA LYS LC 127 56.06 -104.26 42.41
C LYS LC 127 56.67 -103.35 41.35
N ALA LC 128 57.07 -103.89 40.20
CA ALA LC 128 57.71 -103.09 39.16
C ALA LC 128 56.76 -102.68 38.05
N GLN LC 129 55.48 -103.03 38.15
CA GLN LC 129 54.47 -102.70 37.14
C GLN LC 129 54.76 -103.38 35.80
N ALA LC 130 55.29 -104.59 35.87
CA ALA LC 130 55.62 -105.36 34.67
C ALA LC 130 54.33 -105.98 34.13
N LEU LC 131 53.63 -105.20 33.30
CA LEU LC 131 52.43 -105.68 32.64
C LEU LC 131 52.77 -106.86 31.73
N ALA LC 132 53.60 -106.61 30.73
CA ALA LC 132 54.08 -107.69 29.88
C ALA LC 132 55.32 -108.30 30.53
N ALA MC 1 -128.37 10.53 -19.72
CA ALA MC 1 -129.36 10.98 -20.68
C ALA MC 1 -128.80 10.88 -22.10
N ILE MC 2 -127.49 10.60 -22.17
CA ILE MC 2 -126.87 10.25 -23.45
C ILE MC 2 -127.10 8.76 -23.68
N ALA MC 3 -128.22 8.43 -24.29
CA ALA MC 3 -128.59 7.04 -24.51
C ALA MC 3 -129.59 6.98 -25.65
N ASN MC 4 -130.88 6.95 -25.33
CA ASN MC 4 -131.90 7.15 -26.35
C ASN MC 4 -132.38 8.60 -26.31
N SER MC 5 -131.48 9.52 -26.64
CA SER MC 5 -131.81 10.95 -26.68
C SER MC 5 -132.54 11.28 -27.98
N SER MC 6 -132.62 12.56 -28.32
CA SER MC 6 -133.21 12.96 -29.59
C SER MC 6 -132.59 14.27 -30.04
N ILE MC 7 -132.28 14.34 -31.33
CA ILE MC 7 -131.69 15.53 -31.93
C ILE MC 7 -132.26 15.72 -33.32
N ALA MC 8 -132.69 16.94 -33.63
CA ALA MC 8 -133.20 17.25 -34.95
C ALA MC 8 -132.05 17.55 -35.90
N ILE MC 9 -132.02 16.86 -37.02
CA ILE MC 9 -130.95 17.02 -38.01
C ILE MC 9 -131.50 17.80 -39.19
N ASP MC 10 -130.70 18.77 -39.67
CA ASP MC 10 -131.12 19.68 -40.74
C ASP MC 10 -132.35 20.48 -40.33
N SER MC 11 -132.21 21.24 -39.25
CA SER MC 11 -133.28 22.04 -38.68
C SER MC 11 -132.77 23.43 -38.34
N THR MC 12 -133.70 24.38 -38.26
CA THR MC 12 -133.37 25.75 -37.92
C THR MC 12 -133.49 25.97 -36.42
N ALA MC 13 -132.49 26.63 -35.84
CA ALA MC 13 -132.44 26.94 -34.43
C ALA MC 13 -132.78 28.41 -34.20
N SER MC 14 -133.45 28.68 -33.09
CA SER MC 14 -133.91 30.02 -32.78
C SER MC 14 -133.71 30.31 -31.31
N VAL MC 15 -133.80 31.59 -30.96
CA VAL MC 15 -133.57 32.05 -29.60
C VAL MC 15 -134.67 33.07 -29.26
N THR MC 16 -135.26 32.91 -28.07
CA THR MC 16 -136.27 33.82 -27.57
C THR MC 16 -135.88 34.33 -26.19
N GLY MC 17 -136.28 35.57 -25.90
CA GLY MC 17 -136.03 36.14 -24.60
C GLY MC 17 -134.57 36.55 -24.41
N GLY MC 18 -134.15 36.62 -23.15
CA GLY MC 18 -132.81 37.04 -22.83
C GLY MC 18 -132.62 38.53 -23.03
N THR MC 19 -131.35 38.94 -22.98
CA THR MC 19 -130.98 40.35 -23.12
C THR MC 19 -129.95 40.44 -24.25
N ALA MC 20 -130.34 41.09 -25.36
CA ALA MC 20 -129.45 41.24 -26.50
C ALA MC 20 -128.24 42.10 -26.14
N ARG MC 21 -127.07 41.49 -26.10
CA ARG MC 21 -125.82 42.19 -25.84
C ARG MC 21 -125.14 42.54 -27.17
N THR MC 22 -123.89 42.98 -27.12
CA THR MC 22 -123.16 43.33 -28.33
C THR MC 22 -121.72 42.87 -28.18
N VAL MC 23 -121.18 42.28 -29.24
CA VAL MC 23 -119.81 41.76 -29.23
C VAL MC 23 -118.91 42.88 -29.75
N LYS MC 24 -118.22 43.56 -28.83
CA LYS MC 24 -117.34 44.65 -29.21
C LYS MC 24 -115.94 44.10 -29.50
N GLU MC 25 -115.42 44.42 -30.68
CA GLU MC 25 -114.14 43.90 -31.12
C GLU MC 25 -113.00 44.69 -30.50
N LEU MC 26 -111.98 43.98 -30.02
CA LEU MC 26 -110.92 44.62 -29.25
C LEU MC 26 -109.64 44.64 -30.07
N VAL MC 27 -109.12 43.48 -30.48
CA VAL MC 27 -107.85 43.41 -31.21
C VAL MC 27 -107.98 42.33 -32.27
N ARG MC 28 -107.35 42.55 -33.42
CA ARG MC 28 -107.47 41.68 -34.58
C ARG MC 28 -106.06 41.46 -35.13
N ASN MC 29 -105.46 40.32 -34.80
CA ASN MC 29 -104.10 40.06 -35.23
C ASN MC 29 -103.83 38.56 -35.26
N ASN MC 30 -102.82 38.18 -36.06
CA ASN MC 30 -102.25 36.84 -36.04
C ASN MC 30 -103.32 35.77 -36.24
N SER MC 31 -104.23 36.02 -37.20
CA SER MC 31 -105.35 35.13 -37.49
C SER MC 31 -106.29 34.98 -36.30
N GLU MC 32 -106.29 35.96 -35.41
CA GLU MC 32 -107.09 35.94 -34.20
C GLU MC 32 -107.84 37.27 -34.07
N LEU MC 33 -109.06 37.19 -33.53
CA LEU MC 33 -109.91 38.36 -33.26
C LEU MC 33 -110.35 38.22 -31.80
N ASN MC 34 -109.81 39.08 -30.96
CA ASN MC 34 -110.25 39.17 -29.58
C ASN MC 34 -111.39 40.17 -29.45
N ALA MC 35 -112.44 39.79 -28.74
CA ALA MC 35 -113.58 40.68 -28.54
C ALA MC 35 -114.15 40.41 -27.15
N TYR MC 36 -115.13 41.22 -26.77
CA TYR MC 36 -115.76 41.05 -25.48
C TYR MC 36 -117.26 41.32 -25.61
N ILE MC 37 -118.05 40.55 -24.88
CA ILE MC 37 -119.48 40.77 -24.81
C ILE MC 37 -119.73 41.91 -23.84
N ASP MC 38 -120.55 42.88 -24.26
CA ASP MC 38 -120.76 44.09 -23.50
C ASP MC 38 -122.05 43.92 -22.70
N GLU MC 39 -121.92 43.72 -21.39
CA GLU MC 39 -123.05 43.64 -20.49
C GLU MC 39 -123.02 44.73 -19.42
N GLY MC 40 -122.18 45.74 -19.59
CA GLY MC 40 -122.04 46.77 -18.59
C GLY MC 40 -121.43 46.24 -17.31
N LEU MC 41 -120.39 45.44 -17.43
CA LEU MC 41 -119.69 44.85 -16.30
C LEU MC 41 -118.31 45.48 -16.17
N SER MC 42 -117.59 45.10 -15.11
CA SER MC 42 -116.25 45.59 -14.88
C SER MC 42 -115.28 44.83 -15.80
N PHE MC 43 -114.07 45.37 -15.93
CA PHE MC 43 -113.07 44.74 -16.78
C PHE MC 43 -112.65 43.37 -16.27
N GLN MC 44 -112.59 43.18 -14.96
CA GLN MC 44 -112.21 41.90 -14.38
C GLN MC 44 -113.28 40.83 -14.50
N ALA MC 45 -114.52 41.19 -14.79
CA ALA MC 45 -115.55 40.22 -15.08
C ALA MC 45 -116.23 40.63 -16.39
N ARG MC 46 -115.61 40.30 -17.50
CA ARG MC 46 -116.16 40.53 -18.84
C ARG MC 46 -116.64 39.21 -19.40
N LYS MC 47 -116.98 39.11 -20.70
CA LYS MC 47 -117.28 37.84 -21.33
C LYS MC 47 -116.46 37.72 -22.59
N GLU MC 48 -115.15 37.91 -22.47
CA GLU MC 48 -114.25 37.90 -23.61
C GLU MC 48 -114.41 36.63 -24.45
N VAL MC 49 -114.42 36.81 -25.77
CA VAL MC 49 -114.51 35.71 -26.72
C VAL MC 49 -113.46 35.91 -27.81
N ALA MC 50 -112.74 34.84 -28.13
CA ALA MC 50 -111.68 34.87 -29.12
C ALA MC 50 -112.05 33.99 -30.30
N PHE MC 51 -111.96 34.55 -31.50
CA PHE MC 51 -112.22 33.85 -32.75
C PHE MC 51 -110.89 33.62 -33.46
N SER MC 52 -110.60 32.39 -33.84
CA SER MC 52 -109.35 32.07 -34.49
C SER MC 52 -109.62 31.24 -35.74
N VAL MC 53 -108.77 31.42 -36.74
CA VAL MC 53 -108.91 30.73 -38.02
C VAL MC 53 -107.57 30.12 -38.41
N LYS MC 54 -107.63 28.87 -38.89
CA LYS MC 54 -106.46 28.11 -39.32
C LYS MC 54 -106.76 27.62 -40.74
N VAL MC 55 -106.19 28.29 -41.73
CA VAL MC 55 -106.46 28.05 -43.14
C VAL MC 55 -105.76 26.79 -43.62
N PRO MC 56 -106.30 26.08 -44.61
CA PRO MC 56 -105.64 24.87 -45.10
C PRO MC 56 -104.39 25.18 -45.91
N LYS MC 57 -103.43 24.27 -45.85
CA LYS MC 57 -102.22 24.34 -46.65
C LYS MC 57 -102.03 23.04 -47.42
N VAL MC 58 -101.30 23.13 -48.53
CA VAL MC 58 -101.08 21.97 -49.39
C VAL MC 58 -100.27 20.92 -48.65
N SER MC 59 -100.62 19.65 -48.85
CA SER MC 59 -99.92 18.54 -48.23
C SER MC 59 -99.79 17.41 -49.24
N VAL MC 60 -99.13 16.33 -48.82
CA VAL MC 60 -99.04 15.11 -49.61
C VAL MC 60 -99.87 13.98 -49.01
N SER MC 61 -99.92 13.90 -47.70
CA SER MC 61 -100.87 13.08 -46.94
C SER MC 61 -102.19 13.83 -46.92
N ALA MC 62 -103.07 13.48 -45.96
CA ALA MC 62 -104.34 14.19 -45.82
C ALA MC 62 -105.22 13.97 -47.05
N PRO MC 63 -105.95 12.87 -47.11
CA PRO MC 63 -106.36 12.30 -48.39
C PRO MC 63 -107.33 13.20 -49.17
N GLY MC 64 -106.73 14.06 -49.99
CA GLY MC 64 -107.40 15.17 -50.64
C GLY MC 64 -106.47 16.35 -50.82
N GLY MC 65 -105.28 16.23 -50.25
CA GLY MC 65 -104.19 17.13 -50.58
C GLY MC 65 -103.96 18.26 -49.60
N PHE MC 66 -104.99 18.65 -48.88
CA PHE MC 66 -104.89 19.78 -47.97
C PHE MC 66 -105.22 19.35 -46.55
N THR MC 67 -104.59 20.04 -45.60
CA THR MC 67 -105.00 19.94 -44.21
C THR MC 67 -106.39 20.56 -44.03
N GLN MC 68 -106.98 20.31 -42.88
CA GLN MC 68 -108.35 20.76 -42.66
C GLN MC 68 -108.37 22.25 -42.28
N ALA MC 69 -109.45 22.92 -42.67
CA ALA MC 69 -109.69 24.29 -42.26
C ALA MC 69 -110.32 24.28 -40.87
N ARG MC 70 -109.67 24.96 -39.92
CA ARG MC 70 -110.14 24.98 -38.55
C ARG MC 70 -110.64 26.36 -38.17
N SER MC 71 -111.74 26.39 -37.42
CA SER MC 71 -112.31 27.64 -36.91
C SER MC 71 -112.59 27.41 -35.42
N THR MC 72 -111.96 28.20 -34.57
CA THR MC 72 -112.08 28.01 -33.13
C THR MC 72 -112.68 29.23 -32.46
N VAL MC 73 -113.61 28.99 -31.54
CA VAL MC 73 -114.18 30.05 -30.73
C VAL MC 73 -114.00 29.68 -29.27
N ILE MC 74 -113.38 30.56 -28.50
CA ILE MC 74 -113.26 30.36 -27.06
C ILE MC 74 -113.98 31.49 -26.33
N LEU MC 75 -114.96 31.13 -25.52
CA LEU MC 75 -115.70 32.07 -24.70
C LEU MC 75 -115.20 31.95 -23.27
N LYS MC 76 -114.74 33.06 -22.70
CA LYS MC 76 -114.23 33.05 -21.34
C LYS MC 76 -115.21 33.73 -20.40
N SER MC 77 -115.48 33.07 -19.27
CA SER MC 77 -116.45 33.56 -18.29
C SER MC 77 -115.79 33.65 -16.92
N PRO MC 78 -115.33 34.82 -16.52
CA PRO MC 78 -114.73 34.97 -15.18
C PRO MC 78 -115.70 34.69 -14.05
N LYS MC 79 -115.30 33.84 -13.12
CA LYS MC 79 -116.04 33.56 -11.90
C LYS MC 79 -115.20 33.96 -10.70
N THR MC 80 -115.86 34.51 -9.69
CA THR MC 80 -115.24 34.86 -8.42
C THR MC 80 -115.68 33.84 -7.37
N LEU MC 81 -114.71 33.25 -6.69
CA LEU MC 81 -114.97 32.14 -5.80
C LEU MC 81 -115.29 32.64 -4.39
N ALA MC 82 -115.60 31.69 -3.51
CA ALA MC 82 -115.97 32.05 -2.13
C ALA MC 82 -114.81 32.72 -1.41
N ASN MC 83 -113.60 32.16 -1.55
CA ASN MC 83 -112.43 32.76 -0.91
C ASN MC 83 -112.12 34.12 -1.53
N GLY MC 84 -112.29 34.25 -2.83
CA GLY MC 84 -112.09 35.53 -3.49
C GLY MC 84 -111.13 35.49 -4.65
N ASN MC 85 -110.50 34.34 -4.88
CA ASN MC 85 -109.66 34.18 -6.06
C ASN MC 85 -110.52 34.19 -7.32
N ARG MC 86 -109.95 34.70 -8.40
CA ARG MC 86 -110.65 34.78 -9.68
C ARG MC 86 -110.22 33.64 -10.58
N THR MC 87 -111.19 32.88 -11.08
CA THR MC 87 -110.93 31.84 -12.08
C THR MC 87 -111.66 32.23 -13.35
N VAL MC 88 -111.23 31.65 -14.47
CA VAL MC 88 -111.90 31.84 -15.74
C VAL MC 88 -112.43 30.49 -16.21
N ASN MC 89 -113.72 30.45 -16.52
CA ASN MC 89 -114.38 29.26 -17.02
C ASN MC 89 -114.61 29.45 -18.52
N THR MC 90 -114.17 28.49 -19.31
CA THR MC 90 -114.14 28.65 -20.76
C THR MC 90 -115.00 27.61 -21.46
N VAL MC 91 -115.45 27.97 -22.67
CA VAL MC 91 -116.05 27.03 -23.60
C VAL MC 91 -115.33 27.14 -24.93
N SER MC 92 -114.77 26.04 -25.41
CA SER MC 92 -114.09 26.02 -26.69
C SER MC 92 -114.96 25.31 -27.73
N ILE MC 93 -115.02 25.89 -28.92
CA ILE MC 93 -115.76 25.31 -30.05
C ILE MC 93 -114.80 25.33 -31.24
N GLN MC 94 -114.33 24.16 -31.65
CA GLN MC 94 -113.41 24.03 -32.76
C GLN MC 94 -114.05 23.18 -33.85
N LEU MC 95 -114.17 23.74 -35.04
CA LEU MC 95 -114.73 23.04 -36.20
C LEU MC 95 -113.61 22.84 -37.22
N SER MC 96 -113.35 21.59 -37.57
CA SER MC 96 -112.34 21.24 -38.56
C SER MC 96 -113.04 20.56 -39.73
N VAL MC 97 -113.03 21.20 -40.89
CA VAL MC 97 -113.65 20.62 -42.08
C VAL MC 97 -112.63 20.53 -43.20
N ASP MC 98 -112.72 19.45 -43.97
CA ASP MC 98 -111.95 19.35 -45.19
C ASP MC 98 -112.41 20.44 -46.16
N PRO MC 99 -111.50 21.03 -46.92
CA PRO MC 99 -111.89 22.13 -47.82
C PRO MC 99 -112.91 21.73 -48.89
N GLU MC 100 -113.05 20.44 -49.19
CA GLU MC 100 -114.07 20.02 -50.14
C GLU MC 100 -115.48 20.11 -49.58
N THR MC 101 -115.62 20.32 -48.28
CA THR MC 101 -116.93 20.28 -47.62
C THR MC 101 -117.81 21.44 -48.08
N THR MC 102 -119.04 21.12 -48.46
CA THR MC 102 -119.99 22.12 -48.91
C THR MC 102 -120.56 22.89 -47.73
N ALA MC 103 -121.25 23.99 -48.04
CA ALA MC 103 -121.80 24.83 -46.98
C ALA MC 103 -122.97 24.16 -46.28
N ALA MC 104 -123.73 23.33 -47.00
CA ALA MC 104 -124.84 22.60 -46.38
C ALA MC 104 -124.34 21.59 -45.35
N GLU MC 105 -123.25 20.88 -45.66
CA GLU MC 105 -122.70 19.93 -44.71
C GLU MC 105 -122.16 20.64 -43.47
N VAL MC 106 -121.59 21.83 -43.63
CA VAL MC 106 -121.15 22.59 -42.48
C VAL MC 106 -122.33 23.11 -41.67
N THR MC 107 -123.40 23.54 -42.34
CA THR MC 107 -124.59 23.98 -41.63
C THR MC 107 -125.20 22.86 -40.81
N THR MC 108 -125.25 21.65 -41.38
CA THR MC 108 -125.80 20.51 -40.65
C THR MC 108 -124.98 20.23 -39.39
N MET MC 109 -123.66 20.23 -39.52
CA MET MC 109 -122.80 20.00 -38.37
C MET MC 109 -122.97 21.07 -37.31
N LEU MC 110 -123.03 22.33 -37.74
CA LEU MC 110 -123.19 23.43 -36.79
C LEU MC 110 -124.50 23.32 -36.04
N ASN MC 111 -125.59 23.00 -36.75
CA ASN MC 111 -126.89 22.90 -36.10
C ASN MC 111 -126.95 21.72 -35.15
N ALA MC 112 -126.39 20.57 -35.53
CA ALA MC 112 -126.39 19.42 -34.64
C ALA MC 112 -125.55 19.69 -33.40
N ALA MC 113 -124.38 20.31 -33.58
CA ALA MC 113 -123.52 20.64 -32.44
C ALA MC 113 -124.18 21.66 -31.53
N ALA MC 114 -125.01 22.54 -32.08
CA ALA MC 114 -125.70 23.53 -31.25
C ALA MC 114 -126.65 22.84 -30.27
N GLN MC 115 -127.48 21.92 -30.77
CA GLN MC 115 -128.36 21.15 -29.89
C GLN MC 115 -127.59 20.21 -28.99
N LEU MC 116 -126.38 19.81 -29.37
CA LEU MC 116 -125.58 18.96 -28.49
C LEU MC 116 -125.26 19.66 -27.16
N LEU MC 117 -125.29 20.99 -27.13
CA LEU MC 117 -124.96 21.71 -25.91
C LEU MC 117 -126.09 22.62 -25.42
N PHE MC 118 -127.31 22.44 -25.93
CA PHE MC 118 -128.46 23.09 -25.30
C PHE MC 118 -129.67 22.20 -25.12
N ASP MC 119 -129.69 20.98 -25.67
CA ASP MC 119 -130.82 20.08 -25.46
C ASP MC 119 -130.89 19.65 -23.99
N SER MC 120 -132.11 19.37 -23.53
CA SER MC 120 -132.34 19.24 -22.10
C SER MC 120 -131.71 17.98 -21.53
N ASP MC 121 -131.52 16.94 -22.35
CA ASP MC 121 -130.93 15.71 -21.87
C ASP MC 121 -129.48 15.92 -21.45
N TYR MC 122 -128.68 16.45 -22.36
CA TYR MC 122 -127.25 16.63 -22.13
C TYR MC 122 -126.99 17.62 -21.00
N SER MC 123 -128.06 18.20 -20.46
CA SER MC 123 -127.94 19.02 -19.26
C SER MC 123 -127.26 18.23 -18.14
N ASP MC 124 -127.53 16.94 -18.04
CA ASP MC 124 -126.85 16.16 -17.02
C ASP MC 124 -125.38 15.94 -17.34
N PHE MC 125 -125.01 15.89 -18.61
CA PHE MC 125 -123.62 15.68 -18.99
C PHE MC 125 -122.77 16.92 -18.78
N TRP MC 126 -123.29 18.10 -19.10
CA TRP MC 126 -122.51 19.33 -18.99
C TRP MC 126 -122.38 19.80 -17.55
N LYS MC 127 -123.45 19.70 -16.76
CA LYS MC 127 -123.45 20.19 -15.38
C LYS MC 127 -123.03 19.11 -14.39
N ALA MC 128 -123.75 17.99 -14.36
CA ALA MC 128 -123.44 16.92 -13.43
C ALA MC 128 -122.26 16.07 -13.86
N GLN MC 129 -121.79 16.24 -15.10
CA GLN MC 129 -120.68 15.46 -15.63
C GLN MC 129 -121.03 13.96 -15.65
N ALA MC 130 -122.28 13.68 -16.00
CA ALA MC 130 -122.86 12.34 -15.91
C ALA MC 130 -122.97 11.74 -17.31
N LEU MC 131 -122.20 10.70 -17.58
CA LEU MC 131 -122.19 10.06 -18.89
C LEU MC 131 -123.50 9.34 -19.19
N ALA MC 132 -124.13 8.76 -18.18
CA ALA MC 132 -125.41 8.10 -18.41
C ALA MC 132 -126.39 8.40 -17.28
N ALA NC 1 -120.55 40.62 -39.17
CA ALA NC 1 -120.04 39.35 -38.66
C ALA NC 1 -119.52 39.54 -37.24
N ILE NC 2 -118.30 39.03 -36.98
CA ILE NC 2 -117.67 39.26 -35.69
C ILE NC 2 -117.15 40.68 -35.65
N ALA NC 3 -117.91 41.58 -35.03
CA ALA NC 3 -117.58 42.99 -35.02
C ALA NC 3 -118.62 43.77 -34.21
N ASN NC 4 -119.89 43.65 -34.58
CA ASN NC 4 -120.99 44.31 -33.90
C ASN NC 4 -122.17 43.37 -33.70
N SER NC 5 -121.91 42.07 -33.73
CA SER NC 5 -122.99 41.09 -33.62
C SER NC 5 -123.60 41.10 -32.24
N SER NC 6 -124.89 40.76 -32.17
CA SER NC 6 -125.65 40.75 -30.93
C SER NC 6 -125.89 39.30 -30.51
N ILE NC 7 -125.70 39.02 -29.22
CA ILE NC 7 -125.96 37.70 -28.66
C ILE NC 7 -126.90 37.85 -27.47
N ALA NC 8 -127.97 37.08 -27.45
CA ALA NC 8 -128.98 37.19 -26.41
C ALA NC 8 -128.56 36.37 -25.20
N ILE NC 9 -127.98 37.03 -24.21
CA ILE NC 9 -127.51 36.36 -23.00
C ILE NC 9 -128.69 35.93 -22.16
N ASP NC 10 -128.61 34.70 -21.63
CA ASP NC 10 -129.63 34.12 -20.76
C ASP NC 10 -130.99 34.06 -21.45
N SER NC 11 -130.98 33.61 -22.69
CA SER NC 11 -132.19 33.38 -23.46
C SER NC 11 -132.48 31.90 -23.52
N THR NC 12 -133.54 31.55 -24.25
CA THR NC 12 -133.94 30.16 -24.45
C THR NC 12 -133.78 29.81 -25.92
N ALA NC 13 -133.02 28.75 -26.20
CA ALA NC 13 -132.75 28.31 -27.57
C ALA NC 13 -133.59 27.08 -27.87
N SER NC 14 -134.24 27.08 -29.03
CA SER NC 14 -135.11 25.99 -29.44
C SER NC 14 -134.80 25.61 -30.89
N VAL NC 15 -135.51 24.59 -31.37
CA VAL NC 15 -135.32 24.03 -32.70
C VAL NC 15 -136.68 23.75 -33.32
N THR NC 16 -136.82 24.05 -34.61
CA THR NC 16 -138.02 23.74 -35.36
C THR NC 16 -137.64 23.06 -36.66
N GLY NC 17 -138.55 22.23 -37.17
CA GLY NC 17 -138.28 21.50 -38.40
C GLY NC 17 -137.29 20.36 -38.18
N GLY NC 18 -136.81 19.82 -39.29
CA GLY NC 18 -135.81 18.78 -39.26
C GLY NC 18 -136.37 17.40 -38.98
N THR NC 19 -135.46 16.43 -38.96
CA THR NC 19 -135.77 15.05 -38.64
C THR NC 19 -135.17 14.70 -37.28
N ALA NC 20 -135.98 14.04 -36.44
CA ALA NC 20 -135.59 13.69 -35.08
C ALA NC 20 -134.90 12.33 -35.11
N ARG NC 21 -133.60 12.34 -34.86
CA ARG NC 21 -132.85 11.09 -34.76
C ARG NC 21 -132.60 10.75 -33.30
N THR NC 22 -132.32 9.47 -33.04
CA THR NC 22 -132.36 8.95 -31.68
C THR NC 22 -131.02 9.08 -30.96
N VAL NC 23 -129.92 8.89 -31.69
CA VAL NC 23 -128.58 8.78 -31.10
C VAL NC 23 -128.53 7.48 -30.29
N LYS NC 24 -127.58 6.60 -30.63
CA LYS NC 24 -127.48 5.29 -30.01
C LYS NC 24 -126.06 5.08 -29.52
N GLU NC 25 -125.92 4.62 -28.28
CA GLU NC 25 -124.61 4.40 -27.71
C GLU NC 25 -123.94 3.19 -28.36
N LEU NC 26 -122.66 3.34 -28.72
CA LEU NC 26 -121.90 2.23 -29.27
C LEU NC 26 -121.07 1.52 -28.20
N VAL NC 27 -120.12 2.25 -27.61
CA VAL NC 27 -119.12 1.67 -26.73
C VAL NC 27 -118.91 2.64 -25.57
N ARG NC 28 -118.52 2.09 -24.43
CA ARG NC 28 -118.32 2.88 -23.22
C ARG NC 28 -116.89 2.66 -22.75
N ASN NC 29 -116.59 3.11 -21.54
CA ASN NC 29 -115.28 2.99 -20.90
C ASN NC 29 -114.26 3.96 -21.46
N ASN NC 30 -113.55 4.65 -20.58
CA ASN NC 30 -113.95 4.80 -19.19
C ASN NC 30 -113.87 6.29 -18.91
N SER NC 31 -114.96 6.86 -18.41
CA SER NC 31 -115.19 8.29 -18.47
C SER NC 31 -115.17 8.76 -19.93
N GLU NC 32 -115.74 7.91 -20.79
CA GLU NC 32 -115.79 8.17 -22.23
C GLU NC 32 -116.94 7.39 -22.87
N LEU NC 33 -117.94 8.10 -23.37
CA LEU NC 33 -119.02 7.46 -24.09
C LEU NC 33 -118.84 7.64 -25.60
N ASN NC 34 -119.26 6.63 -26.36
CA ASN NC 34 -119.28 6.69 -27.81
C ASN NC 34 -120.68 6.35 -28.28
N ALA NC 35 -121.26 7.22 -29.10
CA ALA NC 35 -122.60 7.03 -29.61
C ALA NC 35 -122.59 7.28 -31.11
N TYR NC 36 -123.75 7.18 -31.73
CA TYR NC 36 -123.88 7.53 -33.14
C TYR NC 36 -125.31 7.97 -33.39
N ILE NC 37 -125.48 8.93 -34.30
CA ILE NC 37 -126.80 9.43 -34.66
C ILE NC 37 -127.34 8.54 -35.77
N ASP NC 38 -128.43 7.83 -35.48
CA ASP NC 38 -129.00 6.87 -36.41
C ASP NC 38 -129.95 7.57 -37.38
N GLU NC 39 -129.53 7.70 -38.64
CA GLU NC 39 -130.35 8.29 -39.69
C GLU NC 39 -130.56 7.30 -40.83
N GLY NC 40 -130.45 6.01 -40.54
CA GLY NC 40 -130.54 5.01 -41.58
C GLY NC 40 -129.42 5.09 -42.61
N LEU NC 41 -128.21 5.36 -42.16
CA LEU NC 41 -127.05 5.47 -43.04
C LEU NC 41 -126.15 4.24 -42.85
N SER NC 42 -125.18 4.10 -43.75
CA SER NC 42 -124.27 2.98 -43.70
C SER NC 42 -123.27 3.13 -42.54
N PHE NC 43 -122.47 2.09 -42.33
CA PHE NC 43 -121.53 2.08 -41.22
C PHE NC 43 -120.43 3.11 -41.39
N GLN NC 44 -120.02 3.40 -42.62
CA GLN NC 44 -118.97 4.38 -42.84
C GLN NC 44 -119.50 5.80 -43.00
N ALA NC 45 -120.82 5.98 -43.07
CA ALA NC 45 -121.42 7.29 -43.32
C ALA NC 45 -122.23 7.78 -42.12
N ARG NC 46 -122.08 7.14 -40.96
CA ARG NC 46 -122.85 7.53 -39.79
C ARG NC 46 -122.11 8.60 -38.99
N LYS NC 47 -122.87 9.36 -38.22
CA LYS NC 47 -122.38 10.58 -37.57
C LYS NC 47 -121.37 10.30 -36.46
N GLU NC 48 -121.74 9.47 -35.47
CA GLU NC 48 -120.82 9.07 -34.41
C GLU NC 48 -120.30 10.19 -33.51
N VAL NC 49 -121.15 10.75 -32.66
CA VAL NC 49 -120.74 11.71 -31.65
C VAL NC 49 -120.15 10.96 -30.45
N ALA NC 50 -119.05 11.48 -29.90
CA ALA NC 50 -118.39 10.92 -28.72
C ALA NC 50 -118.42 11.90 -27.57
N PHE NC 51 -118.50 11.35 -26.35
CA PHE NC 51 -118.62 12.12 -25.12
C PHE NC 51 -117.48 11.76 -24.18
N SER NC 52 -116.71 12.75 -23.76
CA SER NC 52 -115.60 12.55 -22.84
C SER NC 52 -115.84 13.34 -21.56
N VAL NC 53 -115.11 12.99 -20.51
CA VAL NC 53 -115.28 13.64 -19.21
C VAL NC 53 -113.98 13.57 -18.43
N LYS NC 54 -113.59 14.68 -17.81
CA LYS NC 54 -112.46 14.75 -16.88
C LYS NC 54 -112.98 15.31 -15.57
N VAL NC 55 -113.02 14.46 -14.55
CA VAL NC 55 -113.63 14.86 -13.27
C VAL NC 55 -112.72 15.85 -12.56
N PRO NC 56 -113.24 16.69 -11.66
CA PRO NC 56 -112.36 17.62 -10.94
C PRO NC 56 -111.38 16.88 -10.04
N LYS NC 57 -110.11 17.22 -10.18
CA LYS NC 57 -109.04 16.56 -9.44
C LYS NC 57 -108.57 17.47 -8.32
N VAL NC 58 -108.29 16.87 -7.16
CA VAL NC 58 -107.92 17.66 -5.98
C VAL NC 58 -106.48 18.13 -6.12
N SER NC 59 -106.30 19.36 -6.60
CA SER NC 59 -104.97 19.96 -6.68
C SER NC 59 -104.71 20.77 -5.42
N VAL NC 60 -103.66 21.59 -5.42
CA VAL NC 60 -103.34 22.44 -4.28
C VAL NC 60 -103.25 23.90 -4.71
N SER NC 61 -102.43 24.16 -5.74
CA SER NC 61 -102.16 25.53 -6.17
C SER NC 61 -103.10 25.92 -7.30
N ALA NC 62 -104.39 25.92 -6.99
CA ALA NC 62 -105.41 26.29 -7.95
C ALA NC 62 -106.50 27.11 -7.26
N PRO NC 63 -107.21 27.97 -7.98
CA PRO NC 63 -108.37 28.63 -7.40
C PRO NC 63 -109.40 27.61 -6.94
N GLY NC 64 -109.97 27.86 -5.76
CA GLY NC 64 -110.96 26.96 -5.22
C GLY NC 64 -110.35 25.75 -4.53
N GLY NC 65 -109.24 25.26 -5.07
CA GLY NC 65 -108.54 24.13 -4.51
C GLY NC 65 -108.35 22.99 -5.47
N PHE NC 66 -109.36 22.70 -6.30
CA PHE NC 66 -109.28 21.58 -7.22
C PHE NC 66 -108.97 22.07 -8.63
N THR NC 67 -108.70 21.13 -9.53
CA THR NC 67 -108.64 21.43 -10.95
C THR NC 67 -110.06 21.56 -11.50
N GLN NC 68 -110.14 21.85 -12.79
CA GLN NC 68 -111.43 22.16 -13.39
C GLN NC 68 -112.13 20.90 -13.88
N ALA NC 69 -113.45 20.99 -13.98
CA ALA NC 69 -114.29 19.89 -14.47
C ALA NC 69 -114.39 20.01 -15.99
N ARG NC 70 -113.56 19.25 -16.70
CA ARG NC 70 -113.58 19.25 -18.15
C ARG NC 70 -114.67 18.31 -18.67
N SER NC 71 -115.31 18.72 -19.77
CA SER NC 71 -116.39 17.94 -20.37
C SER NC 71 -116.33 18.18 -21.87
N THR NC 72 -116.00 17.14 -22.63
CA THR NC 72 -115.78 17.27 -24.05
C THR NC 72 -116.80 16.47 -24.85
N VAL NC 73 -117.21 17.03 -25.99
CA VAL NC 73 -118.05 16.35 -26.96
C VAL NC 73 -117.38 16.54 -28.32
N ILE NC 74 -117.28 15.48 -29.10
CA ILE NC 74 -116.78 15.56 -30.47
C ILE NC 74 -117.80 14.93 -31.40
N LEU NC 75 -118.40 15.74 -32.26
CA LEU NC 75 -119.28 15.25 -33.31
C LEU NC 75 -118.43 14.98 -34.54
N LYS NC 76 -118.45 13.75 -35.01
CA LYS NC 76 -117.76 13.38 -36.23
C LYS NC 76 -118.74 13.38 -37.40
N SER NC 77 -118.22 13.50 -38.61
CA SER NC 77 -119.05 13.61 -39.81
C SER NC 77 -118.27 13.05 -41.00
N PRO NC 78 -118.64 11.89 -41.50
CA PRO NC 78 -117.94 11.31 -42.65
C PRO NC 78 -118.13 12.15 -43.91
N LYS NC 79 -117.14 12.12 -44.79
CA LYS NC 79 -117.28 12.73 -46.09
C LYS NC 79 -116.35 12.03 -47.07
N THR NC 80 -116.88 11.71 -48.25
CA THR NC 80 -116.08 11.13 -49.32
C THR NC 80 -115.65 12.24 -50.28
N LEU NC 81 -114.43 12.12 -50.78
CA LEU NC 81 -113.80 13.20 -51.53
C LEU NC 81 -113.97 13.00 -53.03
N ALA NC 82 -113.47 13.96 -53.80
CA ALA NC 82 -113.55 13.91 -55.26
C ALA NC 82 -112.59 12.91 -55.87
N ASN NC 83 -111.63 12.40 -55.10
CA ASN NC 83 -110.74 11.34 -55.55
C ASN NC 83 -111.13 9.97 -55.00
N GLY NC 84 -112.26 9.87 -54.32
CA GLY NC 84 -112.72 8.62 -53.75
C GLY NC 84 -112.23 8.34 -52.34
N ASN NC 85 -111.32 9.15 -51.82
CA ASN NC 85 -110.80 8.95 -50.47
C ASN NC 85 -111.83 9.39 -49.43
N ARG NC 86 -111.64 8.91 -48.20
CA ARG NC 86 -112.59 9.08 -47.11
C ARG NC 86 -111.93 9.94 -46.04
N THR NC 87 -112.67 10.92 -45.53
CA THR NC 87 -112.18 11.78 -44.46
C THR NC 87 -113.30 12.09 -43.47
N VAL NC 88 -112.93 12.74 -42.36
CA VAL NC 88 -113.87 13.06 -41.30
C VAL NC 88 -113.77 14.54 -40.97
N ASN NC 89 -114.91 15.20 -40.87
CA ASN NC 89 -115.00 16.55 -40.33
C ASN NC 89 -115.44 16.44 -38.87
N THR NC 90 -114.96 17.35 -38.04
CA THR NC 90 -115.25 17.28 -36.61
C THR NC 90 -115.73 18.62 -36.08
N VAL NC 91 -116.58 18.54 -35.06
CA VAL NC 91 -116.90 19.69 -34.21
C VAL NC 91 -116.57 19.30 -32.79
N SER NC 92 -115.65 20.03 -32.15
CA SER NC 92 -115.24 19.72 -30.79
C SER NC 92 -115.68 20.83 -29.85
N ILE NC 93 -116.43 20.47 -28.82
CA ILE NC 93 -116.94 21.40 -27.83
C ILE NC 93 -116.40 20.96 -26.47
N GLN NC 94 -115.59 21.80 -25.85
CA GLN NC 94 -115.06 21.54 -24.51
C GLN NC 94 -115.57 22.58 -23.54
N LEU NC 95 -116.15 22.11 -22.44
CA LEU NC 95 -116.62 22.98 -21.36
C LEU NC 95 -115.69 22.79 -20.18
N SER NC 96 -115.10 23.88 -19.72
CA SER NC 96 -114.17 23.88 -18.60
C SER NC 96 -114.69 24.85 -17.55
N VAL NC 97 -115.24 24.32 -16.47
CA VAL NC 97 -115.71 25.13 -15.37
C VAL NC 97 -115.02 24.68 -14.09
N ASP NC 98 -114.93 25.58 -13.13
CA ASP NC 98 -114.51 25.25 -11.78
C ASP NC 98 -115.65 24.55 -11.08
N PRO NC 99 -115.36 23.59 -10.18
CA PRO NC 99 -116.45 22.83 -9.55
C PRO NC 99 -117.38 23.70 -8.70
N GLU NC 100 -116.95 24.87 -8.29
CA GLU NC 100 -117.77 25.80 -7.52
C GLU NC 100 -118.84 26.46 -8.37
N THR NC 101 -118.76 26.33 -9.69
CA THR NC 101 -119.74 26.94 -10.59
C THR NC 101 -121.12 26.33 -10.39
N THR NC 102 -122.14 27.18 -10.45
CA THR NC 102 -123.52 26.74 -10.32
C THR NC 102 -124.07 26.30 -11.67
N ALA NC 103 -125.26 25.69 -11.62
CA ALA NC 103 -125.88 25.19 -12.85
C ALA NC 103 -126.33 26.32 -13.76
N ALA NC 104 -126.79 27.44 -13.17
CA ALA NC 104 -127.29 28.55 -13.98
C ALA NC 104 -126.18 29.24 -14.77
N GLU NC 105 -124.99 29.37 -14.17
CA GLU NC 105 -123.85 29.92 -14.92
C GLU NC 105 -123.48 29.02 -16.09
N VAL NC 106 -123.49 27.70 -15.88
CA VAL NC 106 -123.18 26.77 -16.95
C VAL NC 106 -124.24 26.85 -18.04
N THR NC 107 -125.49 27.03 -17.65
CA THR NC 107 -126.58 27.20 -18.61
C THR NC 107 -126.37 28.45 -19.46
N THR NC 108 -125.98 29.54 -18.81
CA THR NC 108 -125.69 30.78 -19.53
C THR NC 108 -124.55 30.58 -20.52
N MET NC 109 -123.49 29.91 -20.08
CA MET NC 109 -122.35 29.65 -20.95
C MET NC 109 -122.74 28.81 -22.15
N LEU NC 110 -123.51 27.75 -21.90
CA LEU NC 110 -123.90 26.86 -22.99
C LEU NC 110 -124.81 27.59 -23.98
N ASN NC 111 -125.70 28.44 -23.47
CA ASN NC 111 -126.55 29.22 -24.37
C ASN NC 111 -125.73 30.16 -25.23
N ALA NC 112 -124.74 30.85 -24.63
CA ALA NC 112 -123.91 31.76 -25.40
C ALA NC 112 -123.08 31.00 -26.44
N ALA NC 113 -122.51 29.87 -26.04
CA ALA NC 113 -121.69 29.10 -26.98
C ALA NC 113 -122.52 28.51 -28.10
N ALA NC 114 -123.73 28.03 -27.80
CA ALA NC 114 -124.61 27.54 -28.85
C ALA NC 114 -125.03 28.65 -29.78
N GLN NC 115 -125.30 29.84 -29.23
CA GLN NC 115 -125.61 31.00 -30.07
C GLN NC 115 -124.45 31.30 -31.02
N LEU NC 116 -123.22 31.16 -30.54
CA LEU NC 116 -122.05 31.33 -31.41
C LEU NC 116 -121.79 30.02 -32.18
N LEU NC 117 -122.87 29.42 -32.67
CA LEU NC 117 -122.75 28.27 -33.55
C LEU NC 117 -123.74 28.35 -34.69
N PHE NC 118 -124.92 28.92 -34.43
CA PHE NC 118 -126.00 28.96 -35.39
C PHE NC 118 -126.52 30.35 -35.69
N ASP NC 119 -126.05 31.38 -34.98
CA ASP NC 119 -126.45 32.75 -35.28
C ASP NC 119 -125.99 33.14 -36.67
N SER NC 120 -126.89 33.79 -37.41
CA SER NC 120 -126.62 34.12 -38.80
C SER NC 120 -125.42 35.06 -38.95
N ASP NC 121 -125.10 35.80 -37.90
CA ASP NC 121 -123.98 36.72 -37.93
C ASP NC 121 -122.67 35.97 -38.10
N TYR NC 122 -122.52 34.84 -37.41
CA TYR NC 122 -121.31 34.03 -37.54
C TYR NC 122 -121.53 32.89 -38.52
N SER NC 123 -121.77 33.20 -39.79
CA SER NC 123 -121.88 32.17 -40.81
C SER NC 123 -120.65 32.21 -41.70
N ASP NC 124 -120.25 33.41 -42.11
CA ASP NC 124 -119.04 33.56 -42.91
C ASP NC 124 -117.80 33.14 -42.13
N PHE NC 125 -117.85 33.18 -40.81
CA PHE NC 125 -116.72 32.73 -40.01
C PHE NC 125 -116.53 31.22 -40.05
N TRP NC 126 -117.62 30.46 -40.05
CA TRP NC 126 -117.50 29.00 -40.04
C TRP NC 126 -117.32 28.44 -41.44
N LYS NC 127 -118.13 28.92 -42.39
CA LYS NC 127 -118.08 28.35 -43.74
C LYS NC 127 -117.04 29.04 -44.60
N ALA NC 128 -117.11 30.37 -44.70
CA ALA NC 128 -116.13 31.09 -45.51
C ALA NC 128 -114.80 31.27 -44.78
N GLN NC 129 -114.73 30.92 -43.51
CA GLN NC 129 -113.54 31.13 -42.68
C GLN NC 129 -113.12 32.59 -42.68
N ALA NC 130 -114.11 33.48 -42.69
CA ALA NC 130 -113.88 34.92 -42.81
C ALA NC 130 -113.93 35.56 -41.43
N LEU NC 131 -112.76 35.94 -40.92
CA LEU NC 131 -112.66 36.56 -39.60
C LEU NC 131 -113.36 37.91 -39.55
N ALA NC 132 -113.60 38.52 -40.71
CA ALA NC 132 -114.35 39.77 -40.77
C ALA NC 132 -115.09 39.93 -42.08
N ALA OC 1 -101.08 82.70 -18.89
CA ALA OC 1 -100.03 81.68 -18.94
C ALA OC 1 -100.39 80.49 -18.06
N ILE OC 2 -99.39 79.68 -17.72
CA ILE OC 2 -99.62 78.47 -16.94
C ILE OC 2 -100.15 78.81 -15.55
N ALA OC 3 -99.52 79.78 -14.88
CA ALA OC 3 -99.96 80.18 -13.56
C ALA OC 3 -101.32 80.85 -13.62
N ASN OC 4 -102.23 80.41 -12.75
CA ASN OC 4 -103.60 80.93 -12.65
C ASN OC 4 -104.37 80.74 -13.96
N SER OC 5 -104.03 79.69 -14.70
CA SER OC 5 -104.79 79.29 -15.87
C SER OC 5 -106.02 78.52 -15.41
N SER OC 6 -107.13 78.71 -16.12
CA SER OC 6 -108.38 78.05 -15.77
C SER OC 6 -108.71 76.93 -16.74
N ILE OC 7 -109.11 75.79 -16.19
CA ILE OC 7 -109.54 74.64 -16.97
C ILE OC 7 -110.94 74.25 -16.52
N ALA OC 8 -111.85 74.06 -17.47
CA ALA OC 8 -113.23 73.72 -17.17
C ALA OC 8 -113.35 72.20 -17.07
N ILE OC 9 -113.49 71.69 -15.86
CA ILE OC 9 -113.53 70.25 -15.63
C ILE OC 9 -114.91 69.71 -15.98
N ASP OC 10 -114.94 68.51 -16.56
CA ASP OC 10 -116.17 67.81 -16.94
C ASP OC 10 -116.98 68.65 -17.93
N SER OC 11 -116.37 68.84 -19.10
CA SER OC 11 -116.88 69.76 -20.09
C SER OC 11 -116.98 69.06 -21.44
N THR OC 12 -117.92 69.52 -22.26
CA THR OC 12 -117.98 69.06 -23.64
C THR OC 12 -117.04 69.88 -24.51
N ALA OC 13 -116.22 69.19 -25.29
CA ALA OC 13 -115.25 69.82 -26.18
C ALA OC 13 -115.79 69.71 -27.59
N SER OC 14 -116.16 70.85 -28.17
CA SER OC 14 -116.60 70.89 -29.55
C SER OC 14 -115.42 71.25 -30.45
N VAL OC 15 -115.69 71.34 -31.75
CA VAL OC 15 -114.69 71.76 -32.71
C VAL OC 15 -115.39 72.26 -33.96
N THR OC 16 -115.01 73.46 -34.44
CA THR OC 16 -115.63 74.05 -35.62
C THR OC 16 -114.55 74.77 -36.42
N GLY OC 17 -113.89 74.05 -37.32
CA GLY OC 17 -112.98 74.69 -38.25
C GLY OC 17 -113.17 74.29 -39.70
N GLY OC 18 -113.83 73.16 -39.92
CA GLY OC 18 -113.95 72.62 -41.27
C GLY OC 18 -112.77 71.74 -41.64
N THR OC 19 -112.59 71.49 -42.93
CA THR OC 19 -111.51 70.66 -43.44
C THR OC 19 -111.57 69.25 -42.84
N ALA OC 20 -112.69 68.58 -43.10
CA ALA OC 20 -112.94 67.25 -42.53
C ALA OC 20 -112.13 66.18 -43.25
N ARG OC 21 -110.95 65.88 -42.75
CA ARG OC 21 -110.10 64.85 -43.31
C ARG OC 21 -110.55 63.47 -42.84
N THR OC 22 -109.85 62.44 -43.31
CA THR OC 22 -110.21 61.06 -43.02
C THR OC 22 -108.97 60.29 -42.59
N VAL OC 23 -109.07 59.56 -41.48
CA VAL OC 23 -108.00 58.69 -41.03
C VAL OC 23 -108.15 57.35 -41.73
N LYS OC 24 -107.15 56.97 -42.51
CA LYS OC 24 -107.12 55.68 -43.19
C LYS OC 24 -105.97 54.85 -42.62
N GLU OC 25 -106.27 53.61 -42.25
CA GLU OC 25 -105.23 52.78 -41.66
C GLU OC 25 -104.30 52.25 -42.74
N LEU OC 26 -103.05 52.02 -42.34
CA LEU OC 26 -102.03 51.52 -43.27
C LEU OC 26 -101.66 50.08 -42.93
N VAL OC 27 -101.16 49.82 -41.72
CA VAL OC 27 -100.75 48.49 -41.30
C VAL OC 27 -101.26 48.25 -39.89
N ARG OC 28 -100.92 47.11 -39.33
CA ARG OC 28 -101.35 46.77 -37.98
C ARG OC 28 -100.23 46.34 -37.06
N ASN OC 29 -99.20 45.66 -37.58
CA ASN OC 29 -98.18 44.93 -36.81
C ASN OC 29 -98.64 44.49 -35.42
N ASN OC 30 -97.74 44.55 -34.44
CA ASN OC 30 -97.94 43.90 -33.14
C ASN OC 30 -98.74 44.81 -32.23
N SER OC 31 -100.03 44.51 -32.07
CA SER OC 31 -100.91 45.21 -31.13
C SER OC 31 -100.83 46.72 -31.32
N GLU OC 32 -100.78 47.13 -32.58
CA GLU OC 32 -100.61 48.52 -32.95
C GLU OC 32 -101.56 48.81 -34.10
N LEU OC 33 -101.63 50.08 -34.51
CA LEU OC 33 -102.43 50.44 -35.66
C LEU OC 33 -101.87 51.72 -36.28
N ASN OC 34 -101.14 51.59 -37.38
CA ASN OC 34 -100.55 52.74 -38.03
C ASN OC 34 -101.50 53.25 -39.12
N ALA OC 35 -101.93 54.48 -38.99
CA ALA OC 35 -102.83 55.11 -39.95
C ALA OC 35 -102.19 56.38 -40.50
N TYR OC 36 -102.95 57.11 -41.31
CA TYR OC 36 -102.50 58.38 -41.86
C TYR OC 36 -103.72 59.23 -42.19
N ILE OC 37 -103.52 60.54 -42.18
CA ILE OC 37 -104.60 61.48 -42.46
C ILE OC 37 -104.58 61.83 -43.94
N ASP OC 38 -105.71 61.66 -44.61
CA ASP OC 38 -105.78 61.83 -46.06
C ASP OC 38 -106.06 63.30 -46.38
N GLU OC 39 -104.99 64.04 -46.60
CA GLU OC 39 -105.08 65.44 -47.01
C GLU OC 39 -104.55 65.71 -48.41
N GLY OC 40 -104.24 64.66 -49.16
CA GLY OC 40 -103.78 64.80 -50.52
C GLY OC 40 -102.34 65.21 -50.70
N LEU OC 41 -101.52 65.16 -49.66
CA LEU OC 41 -100.12 65.50 -49.78
C LEU OC 41 -99.34 64.35 -50.41
N SER OC 42 -98.01 64.51 -50.43
CA SER OC 42 -97.15 63.49 -51.00
C SER OC 42 -97.14 62.24 -50.11
N PHE OC 43 -96.50 61.19 -50.63
CA PHE OC 43 -96.46 59.92 -49.91
C PHE OC 43 -95.63 60.03 -48.64
N GLN OC 44 -94.42 60.60 -48.75
CA GLN OC 44 -93.55 60.76 -47.59
C GLN OC 44 -93.65 62.17 -47.01
N ALA OC 45 -94.79 62.82 -47.20
CA ALA OC 45 -95.06 64.10 -46.55
C ALA OC 45 -96.41 64.14 -45.87
N ARG OC 46 -97.09 63.00 -45.73
CA ARG OC 46 -98.40 62.95 -45.11
C ARG OC 46 -98.28 62.81 -43.60
N LYS OC 47 -99.37 63.07 -42.88
CA LYS OC 47 -99.38 62.94 -41.43
C LYS OC 47 -99.86 61.55 -41.07
N GLU OC 48 -98.99 60.75 -40.46
CA GLU OC 48 -99.32 59.40 -40.01
C GLU OC 48 -99.49 59.43 -38.50
N VAL OC 49 -100.62 58.89 -38.02
CA VAL OC 49 -100.83 58.77 -36.58
C VAL OC 49 -100.93 57.30 -36.22
N ALA OC 50 -100.12 56.87 -35.25
CA ALA OC 50 -100.06 55.50 -34.80
C ALA OC 50 -100.74 55.33 -33.46
N PHE OC 51 -101.52 54.25 -33.34
CA PHE OC 51 -102.24 53.88 -32.13
C PHE OC 51 -101.67 52.59 -31.57
N SER OC 52 -101.59 52.49 -30.25
CA SER OC 52 -101.07 51.27 -29.63
C SER OC 52 -101.75 51.02 -28.29
N VAL OC 53 -101.91 49.75 -27.93
CA VAL OC 53 -102.56 49.36 -26.69
C VAL OC 53 -101.61 48.50 -25.87
N LYS OC 54 -101.75 48.61 -24.55
CA LYS OC 54 -100.92 47.94 -23.56
C LYS OC 54 -101.83 47.42 -22.45
N VAL OC 55 -102.77 46.56 -22.83
CA VAL OC 55 -103.76 45.94 -21.94
C VAL OC 55 -103.12 45.40 -20.66
N PRO OC 56 -103.86 45.35 -19.56
CA PRO OC 56 -103.28 44.93 -18.27
C PRO OC 56 -102.89 43.47 -18.26
N LYS OC 57 -101.92 43.16 -17.39
CA LYS OC 57 -101.41 41.80 -17.23
C LYS OC 57 -101.42 41.47 -15.75
N VAL OC 58 -101.99 40.32 -15.40
CA VAL OC 58 -102.19 39.94 -14.00
C VAL OC 58 -100.84 39.80 -13.32
N SER OC 59 -100.58 40.66 -12.34
CA SER OC 59 -99.31 40.68 -11.63
C SER OC 59 -99.52 40.25 -10.18
N VAL OC 60 -98.44 40.21 -9.41
CA VAL OC 60 -98.49 40.03 -7.96
C VAL OC 60 -98.27 41.35 -7.24
N SER OC 61 -97.47 42.24 -7.82
CA SER OC 61 -97.27 43.62 -7.44
C SER OC 61 -98.47 44.43 -7.95
N ALA OC 62 -98.30 45.74 -8.13
CA ALA OC 62 -99.37 46.60 -8.63
C ALA OC 62 -100.50 46.70 -7.61
N PRO OC 63 -100.36 47.56 -6.61
CA PRO OC 63 -101.29 47.54 -5.46
C PRO OC 63 -102.70 47.93 -5.88
N GLY OC 64 -103.45 46.90 -6.26
CA GLY OC 64 -104.68 47.01 -7.01
C GLY OC 64 -104.84 45.78 -7.88
N GLY OC 65 -103.77 44.99 -7.97
CA GLY OC 65 -103.85 43.65 -8.52
C GLY OC 65 -103.03 43.39 -9.76
N PHE OC 66 -103.05 44.32 -10.72
CA PHE OC 66 -102.34 44.16 -11.97
C PHE OC 66 -102.06 45.52 -12.61
N THR OC 67 -101.13 45.50 -13.58
CA THR OC 67 -100.61 46.71 -14.19
C THR OC 67 -101.72 47.51 -14.88
N GLN OC 68 -101.42 48.77 -15.14
CA GLN OC 68 -102.40 49.66 -15.75
C GLN OC 68 -102.52 49.35 -17.24
N ALA OC 69 -103.56 49.93 -17.83
CA ALA OC 69 -103.88 49.73 -19.25
C ALA OC 69 -103.44 50.97 -20.02
N ARG OC 70 -102.47 50.82 -20.91
CA ARG OC 70 -101.94 51.99 -21.60
C ARG OC 70 -102.52 52.12 -23.00
N SER OC 71 -102.73 53.36 -23.43
CA SER OC 71 -103.18 53.67 -24.79
C SER OC 71 -102.30 54.80 -25.30
N THR OC 72 -101.54 54.55 -26.35
CA THR OC 72 -100.62 55.55 -26.90
C THR OC 72 -101.06 55.98 -28.29
N VAL OC 73 -100.94 57.29 -28.54
CA VAL OC 73 -101.20 57.88 -29.85
C VAL OC 73 -100.04 58.79 -30.20
N ILE OC 74 -99.40 58.54 -31.33
CA ILE OC 74 -98.33 59.41 -31.81
C ILE OC 74 -98.73 60.00 -33.16
N LEU OC 75 -98.73 61.32 -33.25
CA LEU OC 75 -99.08 62.03 -34.49
C LEU OC 75 -97.78 62.55 -35.10
N LYS OC 76 -97.42 62.01 -36.26
CA LYS OC 76 -96.19 62.41 -36.93
C LYS OC 76 -96.50 63.38 -38.05
N SER OC 77 -96.04 64.61 -37.92
CA SER OC 77 -96.21 65.64 -38.95
C SER OC 77 -94.86 65.94 -39.58
N PRO OC 78 -94.63 65.57 -40.84
CA PRO OC 78 -93.32 65.82 -41.44
C PRO OC 78 -93.16 67.28 -41.84
N LYS OC 79 -91.91 67.73 -41.89
CA LYS OC 79 -91.58 69.10 -42.18
C LYS OC 79 -90.29 69.17 -42.99
N THR OC 80 -90.31 69.96 -44.07
CA THR OC 80 -89.12 70.22 -44.88
C THR OC 80 -88.48 71.51 -44.37
N LEU OC 81 -87.23 71.41 -43.93
CA LEU OC 81 -86.53 72.57 -43.38
C LEU OC 81 -85.95 73.44 -44.49
N ALA OC 82 -85.54 74.65 -44.10
CA ALA OC 82 -84.97 75.58 -45.08
C ALA OC 82 -83.65 75.06 -45.63
N ASN OC 83 -82.84 74.40 -44.79
CA ASN OC 83 -81.58 73.82 -45.26
C ASN OC 83 -81.82 72.76 -46.34
N GLY OC 84 -83.04 72.23 -46.42
CA GLY OC 84 -83.37 71.31 -47.48
C GLY OC 84 -83.74 69.93 -46.98
N ASN OC 85 -83.19 69.55 -45.84
CA ASN OC 85 -83.44 68.23 -45.28
C ASN OC 85 -84.85 68.14 -44.72
N ARG OC 86 -85.18 66.99 -44.17
CA ARG OC 86 -86.52 66.67 -43.70
C ARG OC 86 -86.45 66.18 -42.27
N THR OC 87 -87.45 66.55 -41.49
CA THR OC 87 -87.55 66.12 -40.09
C THR OC 87 -89.02 65.82 -39.82
N VAL OC 88 -89.31 65.22 -38.67
CA VAL OC 88 -90.68 64.91 -38.27
C VAL OC 88 -90.94 65.55 -36.92
N ASN OC 89 -92.06 66.26 -36.81
CA ASN OC 89 -92.51 66.88 -35.56
C ASN OC 89 -93.62 65.98 -35.02
N THR OC 90 -93.41 65.47 -33.81
CA THR OC 90 -94.30 64.45 -33.26
C THR OC 90 -95.08 64.97 -32.06
N VAL OC 91 -96.27 64.41 -31.87
CA VAL OC 91 -97.08 64.68 -30.70
C VAL OC 91 -97.56 63.37 -30.10
N SER OC 92 -96.87 62.88 -29.07
CA SER OC 92 -97.26 61.63 -28.45
C SER OC 92 -98.19 61.87 -27.26
N ILE OC 93 -99.10 60.93 -27.04
CA ILE OC 93 -100.07 61.00 -25.96
C ILE OC 93 -100.24 59.61 -25.37
N GLN OC 94 -100.18 59.50 -24.04
CA GLN OC 94 -100.31 58.23 -23.36
C GLN OC 94 -101.31 58.32 -22.22
N LEU OC 95 -101.97 57.19 -21.94
CA LEU OC 95 -103.08 57.14 -20.99
C LEU OC 95 -102.91 55.94 -20.03
N SER OC 96 -101.75 55.88 -19.38
CA SER OC 96 -101.48 54.83 -18.40
C SER OC 96 -102.43 55.00 -17.22
N VAL OC 97 -103.54 54.27 -17.25
CA VAL OC 97 -104.54 54.33 -16.19
C VAL OC 97 -104.83 52.92 -15.69
N ASP OC 98 -105.12 52.83 -14.40
CA ASP OC 98 -105.32 51.54 -13.75
C ASP OC 98 -106.62 50.91 -14.26
N PRO OC 99 -106.64 49.59 -14.51
CA PRO OC 99 -107.80 48.98 -15.17
C PRO OC 99 -109.11 49.06 -14.39
N GLU OC 100 -109.07 49.30 -13.08
CA GLU OC 100 -110.29 49.46 -12.31
C GLU OC 100 -110.99 50.79 -12.57
N THR OC 101 -110.37 51.66 -13.36
CA THR OC 101 -110.90 52.99 -13.61
C THR OC 101 -112.22 52.92 -14.37
N THR OC 102 -113.19 53.73 -13.95
CA THR OC 102 -114.44 53.84 -14.65
C THR OC 102 -114.29 54.74 -15.88
N ALA OC 103 -115.25 54.62 -16.80
CA ALA OC 103 -115.20 55.39 -18.02
C ALA OC 103 -115.50 56.86 -17.82
N ALA OC 104 -116.25 57.20 -16.77
CA ALA OC 104 -116.55 58.61 -16.50
C ALA OC 104 -115.29 59.38 -16.11
N GLU OC 105 -114.47 58.80 -15.23
CA GLU OC 105 -113.23 59.46 -14.85
C GLU OC 105 -112.24 59.50 -16.01
N VAL OC 106 -112.24 58.47 -16.85
CA VAL OC 106 -111.40 58.50 -18.05
C VAL OC 106 -111.83 59.63 -18.98
N THR OC 107 -113.14 59.80 -19.16
CA THR OC 107 -113.63 60.90 -19.98
C THR OC 107 -113.26 62.26 -19.37
N THR OC 108 -113.37 62.37 -18.05
CA THR OC 108 -112.99 63.60 -17.37
C THR OC 108 -111.51 63.91 -17.61
N MET OC 109 -110.67 62.88 -17.49
CA MET OC 109 -109.23 63.04 -17.69
C MET OC 109 -108.92 63.43 -19.12
N LEU OC 110 -109.60 62.80 -20.08
CA LEU OC 110 -109.37 63.09 -21.49
C LEU OC 110 -109.78 64.52 -21.82
N ASN OC 111 -110.89 64.98 -21.25
CA ASN OC 111 -111.31 66.36 -21.47
C ASN OC 111 -110.34 67.35 -20.83
N ALA OC 112 -109.87 67.03 -19.62
CA ALA OC 112 -108.93 67.92 -18.95
C ALA OC 112 -107.61 68.01 -19.71
N ALA OC 113 -107.07 66.87 -20.14
CA ALA OC 113 -105.85 66.83 -20.94
C ALA OC 113 -106.02 67.50 -22.29
N ALA OC 114 -107.13 67.27 -22.97
CA ALA OC 114 -107.35 67.88 -24.28
C ALA OC 114 -107.76 69.34 -24.16
N GLN OC 115 -108.14 69.79 -22.97
CA GLN OC 115 -108.35 71.22 -22.76
C GLN OC 115 -107.05 71.99 -22.75
N LEU OC 116 -105.96 71.34 -22.36
CA LEU OC 116 -104.64 71.79 -22.73
C LEU OC 116 -104.46 71.56 -24.23
N LEU OC 117 -103.40 72.10 -24.80
CA LEU OC 117 -103.07 71.98 -26.23
C LEU OC 117 -103.96 72.84 -27.11
N PHE OC 118 -105.05 73.42 -26.58
CA PHE OC 118 -105.77 74.38 -27.40
C PHE OC 118 -106.25 75.57 -26.58
N ASP OC 119 -106.03 75.53 -25.28
CA ASP OC 119 -106.33 76.70 -24.45
C ASP OC 119 -105.33 77.80 -24.75
N SER OC 120 -105.82 79.05 -24.68
CA SER OC 120 -104.97 80.19 -24.96
C SER OC 120 -103.87 80.39 -23.93
N ASP OC 121 -104.09 79.94 -22.68
CA ASP OC 121 -103.10 80.15 -21.64
C ASP OC 121 -101.81 79.40 -21.93
N TYR OC 122 -101.91 78.24 -22.57
CA TYR OC 122 -100.75 77.39 -22.80
C TYR OC 122 -100.16 77.55 -24.19
N SER OC 123 -100.63 78.52 -24.98
CA SER OC 123 -100.08 78.78 -26.30
C SER OC 123 -98.57 79.03 -26.24
N ASP OC 124 -98.15 79.90 -25.32
CA ASP OC 124 -96.73 80.24 -25.22
C ASP OC 124 -95.92 79.05 -24.71
N PHE OC 125 -96.50 78.25 -23.83
CA PHE OC 125 -95.80 77.05 -23.35
C PHE OC 125 -95.55 76.07 -24.49
N TRP OC 126 -96.57 75.82 -25.31
CA TRP OC 126 -96.42 74.88 -26.41
C TRP OC 126 -95.56 75.43 -27.53
N LYS OC 127 -95.56 76.75 -27.76
CA LYS OC 127 -94.88 77.33 -28.91
C LYS OC 127 -93.48 77.81 -28.56
N ALA OC 128 -93.35 78.73 -27.59
CA ALA OC 128 -92.05 79.29 -27.23
C ALA OC 128 -91.42 78.62 -26.02
N GLN OC 129 -92.05 77.58 -25.47
CA GLN OC 129 -91.56 76.88 -24.29
C GLN OC 129 -91.49 77.80 -23.07
N ALA OC 130 -92.46 78.72 -23.00
CA ALA OC 130 -92.52 79.68 -21.90
C ALA OC 130 -93.15 79.01 -20.68
N LEU OC 131 -92.29 78.35 -19.89
CA LEU OC 131 -92.73 77.73 -18.65
C LEU OC 131 -93.26 78.77 -17.68
N ALA OC 132 -92.42 79.69 -17.28
CA ALA OC 132 -92.85 80.81 -16.45
C ALA OC 132 -93.34 81.93 -17.35
N ALA PC 1 -24.93 -127.76 -6.42
CA ALA PC 1 -25.97 -128.75 -6.21
C ALA PC 1 -27.34 -128.10 -6.33
N ILE PC 2 -27.34 -126.77 -6.46
CA ILE PC 2 -28.54 -126.03 -6.83
C ILE PC 2 -28.65 -126.08 -8.34
N ALA PC 3 -29.28 -127.13 -8.86
CA ALA PC 3 -29.39 -127.31 -10.29
C ALA PC 3 -30.55 -128.24 -10.58
N ASN PC 4 -30.26 -129.53 -10.77
CA ASN PC 4 -31.32 -130.52 -10.80
C ASN PC 4 -31.42 -131.18 -9.43
N SER PC 5 -31.79 -130.40 -8.41
CA SER PC 5 -31.97 -130.90 -7.06
C SER PC 5 -33.31 -131.59 -6.92
N SER PC 6 -33.77 -131.81 -5.69
CA SER PC 6 -35.11 -132.35 -5.48
C SER PC 6 -35.63 -131.86 -4.15
N ILE PC 7 -36.91 -131.50 -4.12
CA ILE PC 7 -37.57 -131.03 -2.91
C ILE PC 7 -39.00 -131.55 -2.91
N ALA PC 8 -39.43 -132.12 -1.78
CA ALA PC 8 -40.78 -132.61 -1.65
C ALA PC 8 -41.71 -131.45 -1.29
N ILE PC 9 -42.80 -131.32 -2.03
CA ILE PC 9 -43.74 -130.23 -1.82
C ILE PC 9 -45.01 -130.77 -1.18
N ASP PC 10 -45.47 -130.08 -0.13
CA ASP PC 10 -46.60 -130.53 0.70
C ASP PC 10 -46.30 -131.88 1.33
N SER PC 11 -45.23 -131.92 2.12
CA SER PC 11 -44.79 -133.12 2.81
C SER PC 11 -44.60 -132.82 4.30
N THR PC 12 -44.63 -133.88 5.10
CA THR PC 12 -44.41 -133.76 6.53
C THR PC 12 -42.93 -133.86 6.84
N ALA PC 13 -42.45 -132.98 7.71
CA ALA PC 13 -41.06 -132.97 8.14
C ALA PC 13 -40.96 -133.46 9.58
N SER PC 14 -39.94 -134.27 9.85
CA SER PC 14 -39.78 -134.90 11.14
C SER PC 14 -38.33 -134.78 11.59
N VAL PC 15 -38.11 -135.01 12.88
CA VAL PC 15 -36.79 -134.90 13.50
C VAL PC 15 -36.57 -136.13 14.37
N THR PC 16 -35.41 -136.75 14.23
CA THR PC 16 -35.02 -137.89 15.04
C THR PC 16 -33.67 -137.61 15.71
N GLY PC 17 -33.50 -138.17 16.91
CA GLY PC 17 -32.24 -138.04 17.61
C GLY PC 17 -32.04 -136.66 18.21
N GLY PC 18 -30.78 -136.32 18.44
CA GLY PC 18 -30.45 -135.06 19.07
C GLY PC 18 -30.78 -135.05 20.55
N THR PC 19 -30.70 -133.85 21.14
CA THR PC 19 -30.96 -133.66 22.56
C THR PC 19 -32.01 -132.56 22.69
N ALA PC 20 -33.21 -132.95 23.12
CA ALA PC 20 -34.32 -132.02 23.28
C ALA PC 20 -33.99 -130.93 24.30
N ARG PC 21 -33.87 -129.70 23.83
CA ARG PC 21 -33.64 -128.54 24.69
C ARG PC 21 -34.98 -127.86 24.99
N THR PC 22 -34.93 -126.68 25.58
CA THR PC 22 -36.15 -125.95 25.91
C THR PC 22 -35.92 -124.47 25.64
N VAL PC 23 -36.92 -123.81 25.05
CA VAL PC 23 -36.82 -122.39 24.71
C VAL PC 23 -37.41 -121.63 25.88
N LYS PC 24 -36.54 -121.07 26.72
CA LYS PC 24 -36.99 -120.29 27.86
C LYS PC 24 -37.15 -118.83 27.47
N GLU PC 25 -38.31 -118.27 27.78
CA GLU PC 25 -38.67 -116.92 27.38
C GLU PC 25 -38.07 -115.91 28.36
N LEU PC 26 -37.51 -114.83 27.80
CA LEU PC 26 -36.77 -113.88 28.62
C LEU PC 26 -37.57 -112.58 28.71
N VAL PC 27 -37.86 -111.93 27.59
CA VAL PC 27 -38.57 -110.65 27.58
C VAL PC 27 -39.53 -110.65 26.40
N ARG PC 28 -40.70 -110.07 26.62
CA ARG PC 28 -41.77 -110.06 25.63
C ARG PC 28 -42.29 -108.62 25.55
N ASN PC 29 -41.80 -107.86 24.58
CA ASN PC 29 -42.18 -106.45 24.48
C ASN PC 29 -42.07 -106.00 23.02
N ASN PC 30 -42.82 -104.94 22.71
CA ASN PC 30 -42.65 -104.19 21.46
C ASN PC 30 -42.75 -105.10 20.24
N SER PC 31 -43.74 -106.00 20.25
CA SER PC 31 -43.95 -106.95 19.17
C SER PC 31 -42.76 -107.90 19.00
N GLU PC 32 -41.97 -108.05 20.06
CA GLU PC 32 -40.80 -108.91 20.06
C GLU PC 32 -40.83 -109.83 21.27
N LEU PC 33 -40.25 -111.02 21.11
CA LEU PC 33 -40.14 -112.01 22.16
C LEU PC 33 -38.69 -112.51 22.10
N ASN PC 34 -37.89 -112.06 23.07
CA ASN PC 34 -36.54 -112.59 23.23
C ASN PC 34 -36.58 -113.83 24.10
N ALA PC 35 -35.88 -114.88 23.67
CA ALA PC 35 -35.82 -116.12 24.43
C ALA PC 35 -34.45 -116.73 24.20
N TYR PC 36 -34.18 -117.83 24.89
CA TYR PC 36 -32.89 -118.50 24.76
C TYR PC 36 -33.10 -119.99 24.85
N ILE PC 37 -32.31 -120.73 24.07
CA ILE PC 37 -32.29 -122.18 24.15
C ILE PC 37 -31.44 -122.58 25.34
N ASP PC 38 -31.95 -123.47 26.18
CA ASP PC 38 -31.28 -123.85 27.42
C ASP PC 38 -30.55 -125.16 27.15
N GLU PC 39 -29.22 -125.06 27.03
CA GLU PC 39 -28.36 -126.23 26.87
C GLU PC 39 -27.42 -126.40 28.04
N GLY PC 40 -27.62 -125.68 29.14
CA GLY PC 40 -26.71 -125.72 30.26
C GLY PC 40 -25.37 -125.12 29.91
N LEU PC 41 -25.40 -123.98 29.23
CA LEU PC 41 -24.19 -123.26 28.81
C LEU PC 41 -24.07 -121.97 29.61
N SER PC 42 -22.98 -121.25 29.39
CA SER PC 42 -22.75 -119.98 30.05
C SER PC 42 -23.53 -118.89 29.35
N PHE PC 43 -23.67 -117.74 30.02
CA PHE PC 43 -24.43 -116.62 29.45
C PHE PC 43 -23.80 -116.08 28.18
N GLN PC 44 -22.47 -116.07 28.09
CA GLN PC 44 -21.78 -115.56 26.92
C GLN PC 44 -21.86 -116.49 25.72
N ALA PC 45 -22.18 -117.77 25.93
CA ALA PC 45 -22.44 -118.67 24.83
C ALA PC 45 -23.80 -119.33 25.08
N ARG PC 46 -24.86 -118.62 24.71
CA ARG PC 46 -26.22 -119.13 24.78
C ARG PC 46 -26.71 -119.42 23.35
N LYS PC 47 -27.98 -119.70 23.13
CA LYS PC 47 -28.53 -119.82 21.79
C LYS PC 47 -29.74 -118.91 21.66
N GLU PC 48 -29.57 -117.64 22.02
CA GLU PC 48 -30.68 -116.69 22.02
C GLU PC 48 -31.40 -116.66 20.67
N VAL PC 49 -32.72 -116.62 20.73
CA VAL PC 49 -33.57 -116.56 19.55
C VAL PC 49 -34.65 -115.50 19.78
N ALA PC 50 -34.86 -114.65 18.79
CA ALA PC 50 -35.82 -113.55 18.86
C ALA PC 50 -36.94 -113.76 17.85
N PHE PC 51 -38.18 -113.66 18.33
CA PHE PC 51 -39.37 -113.80 17.50
C PHE PC 51 -40.03 -112.44 17.39
N SER PC 52 -40.23 -111.97 16.16
CA SER PC 52 -40.80 -110.65 15.93
C SER PC 52 -42.00 -110.79 14.99
N VAL PC 53 -42.98 -109.93 15.19
CA VAL PC 53 -44.21 -109.95 14.40
C VAL PC 53 -44.51 -108.52 13.94
N LYS PC 54 -44.87 -108.40 12.66
CA LYS PC 54 -45.22 -107.15 12.02
C LYS PC 54 -46.60 -107.33 11.38
N VAL PC 55 -47.63 -106.81 12.03
CA VAL PC 55 -49.03 -107.01 11.65
C VAL PC 55 -49.38 -106.13 10.45
N PRO PC 56 -50.28 -106.56 9.58
CA PRO PC 56 -50.63 -105.76 8.41
C PRO PC 56 -51.41 -104.51 8.78
N LYS PC 57 -51.25 -103.47 7.95
CA LYS PC 57 -51.99 -102.23 8.10
C LYS PC 57 -52.66 -101.86 6.78
N VAL PC 58 -53.71 -101.05 6.87
CA VAL PC 58 -54.46 -100.66 5.68
C VAL PC 58 -53.60 -99.79 4.79
N SER PC 59 -53.73 -99.98 3.47
CA SER PC 59 -52.98 -99.21 2.50
C SER PC 59 -53.88 -98.87 1.32
N VAL PC 60 -53.34 -98.12 0.37
CA VAL PC 60 -54.01 -97.87 -0.89
C VAL PC 60 -53.36 -98.60 -2.05
N SER PC 61 -52.03 -98.72 -2.04
CA SER PC 61 -51.27 -99.64 -2.87
C SER PC 61 -51.35 -101.02 -2.24
N ALA PC 62 -50.41 -101.91 -2.59
CA ALA PC 62 -50.41 -103.26 -2.03
C ALA PC 62 -51.67 -103.99 -2.50
N PRO PC 63 -51.65 -104.57 -3.70
CA PRO PC 63 -52.89 -104.85 -4.43
C PRO PC 63 -53.77 -105.86 -3.73
N GLY PC 64 -54.62 -105.35 -2.86
CA GLY PC 64 -55.37 -106.14 -1.90
C GLY PC 64 -55.64 -105.33 -0.64
N GLY PC 65 -55.02 -104.16 -0.56
CA GLY PC 65 -55.41 -103.18 0.42
C GLY PC 65 -54.54 -103.11 1.65
N PHE PC 66 -53.89 -104.21 2.00
CA PHE PC 66 -53.08 -104.27 3.21
C PHE PC 66 -51.63 -104.61 2.88
N THR PC 67 -50.74 -104.12 3.72
CA THR PC 67 -49.35 -104.57 3.68
C THR PC 67 -49.28 -106.03 4.13
N GLN PC 68 -48.12 -106.63 3.92
CA GLN PC 68 -47.99 -108.05 4.23
C GLN PC 68 -47.72 -108.26 5.72
N ALA PC 69 -48.19 -109.39 6.23
CA ALA PC 69 -47.91 -109.81 7.60
C ALA PC 69 -46.54 -110.47 7.61
N ARG PC 70 -45.65 -109.98 8.46
CA ARG PC 70 -44.29 -110.47 8.53
C ARG PC 70 -44.01 -111.14 9.87
N SER PC 71 -43.33 -112.29 9.82
CA SER PC 71 -42.94 -113.03 11.02
C SER PC 71 -41.46 -113.36 10.87
N THR PC 72 -40.65 -112.86 11.80
CA THR PC 72 -39.21 -113.02 11.71
C THR PC 72 -38.65 -113.76 12.92
N VAL PC 73 -37.80 -114.75 12.64
CA VAL PC 73 -37.10 -115.47 13.70
C VAL PC 73 -35.61 -115.32 13.47
N ILE PC 74 -34.90 -114.78 14.45
CA ILE PC 74 -33.44 -114.71 14.38
C ILE PC 74 -32.84 -115.58 15.46
N LEU PC 75 -32.01 -116.54 15.06
CA LEU PC 75 -31.32 -117.43 15.97
C LEU PC 75 -29.86 -116.99 16.04
N LYS PC 76 -29.42 -116.62 17.23
CA LYS PC 76 -28.04 -116.18 17.42
C LYS PC 76 -27.20 -117.29 18.02
N SER PC 77 -26.00 -117.48 17.48
CA SER PC 77 -25.09 -118.53 17.92
C SER PC 77 -23.71 -117.95 18.20
N PRO PC 78 -23.39 -117.64 19.46
CA PRO PC 78 -22.05 -117.15 19.78
C PRO PC 78 -20.95 -118.16 19.50
N LYS PC 79 -19.93 -117.74 18.77
CA LYS PC 79 -18.75 -118.54 18.50
C LYS PC 79 -17.52 -117.80 19.03
N THR PC 80 -16.56 -118.57 19.54
CA THR PC 80 -15.32 -118.04 20.06
C THR PC 80 -14.20 -118.38 19.08
N LEU PC 81 -13.43 -117.37 18.71
CA LEU PC 81 -12.44 -117.51 17.66
C LEU PC 81 -11.11 -117.98 18.22
N ALA PC 82 -10.15 -118.21 17.32
CA ALA PC 82 -8.82 -118.67 17.75
C ALA PC 82 -8.14 -117.61 18.61
N ASN PC 83 -8.22 -116.35 18.22
CA ASN PC 83 -7.64 -115.28 19.02
C ASN PC 83 -8.33 -115.16 20.37
N GLY PC 84 -9.65 -115.33 20.39
CA GLY PC 84 -10.39 -115.28 21.63
C GLY PC 84 -11.51 -114.27 21.63
N ASN PC 85 -11.63 -113.52 20.54
CA ASN PC 85 -12.75 -112.60 20.39
C ASN PC 85 -14.04 -113.38 20.16
N ARG PC 86 -15.15 -112.79 20.58
CA ARG PC 86 -16.45 -113.42 20.47
C ARG PC 86 -17.23 -112.81 19.30
N THR PC 87 -17.69 -113.67 18.40
CA THR PC 87 -18.57 -113.25 17.32
C THR PC 87 -19.91 -113.97 17.51
N VAL PC 88 -20.94 -113.46 16.84
CA VAL PC 88 -22.26 -114.09 16.86
C VAL PC 88 -22.62 -114.46 15.43
N ASN PC 89 -22.96 -115.73 15.22
CA ASN PC 89 -23.41 -116.24 13.92
C ASN PC 89 -24.93 -116.36 13.99
N THR PC 90 -25.62 -115.73 13.04
CA THR PC 90 -27.06 -115.64 13.08
C THR PC 90 -27.70 -116.35 11.88
N VAL PC 91 -28.94 -116.81 12.09
CA VAL PC 91 -29.81 -117.26 11.02
C VAL PC 91 -31.12 -116.50 11.12
N SER PC 92 -31.48 -115.79 10.06
CA SER PC 92 -32.74 -115.07 10.02
C SER PC 92 -33.73 -115.78 9.13
N ILE PC 93 -34.98 -115.88 9.58
CA ILE PC 93 -36.06 -116.49 8.82
C ILE PC 93 -37.22 -115.49 8.84
N GLN PC 94 -37.50 -114.90 7.69
CA GLN PC 94 -38.57 -113.91 7.57
C GLN PC 94 -39.62 -114.42 6.61
N LEU PC 95 -40.86 -114.49 7.06
CA LEU PC 95 -42.00 -114.91 6.25
C LEU PC 95 -42.92 -113.70 6.07
N SER PC 96 -43.16 -113.31 4.83
CA SER PC 96 -44.07 -112.22 4.51
C SER PC 96 -45.21 -112.79 3.66
N VAL PC 97 -46.43 -112.74 4.19
CA VAL PC 97 -47.59 -113.26 3.47
C VAL PC 97 -48.67 -112.19 3.37
N ASP PC 98 -49.33 -112.14 2.22
CA ASP PC 98 -50.54 -111.35 2.10
C ASP PC 98 -51.60 -111.90 3.06
N PRO PC 99 -52.35 -111.03 3.73
CA PRO PC 99 -53.31 -111.51 4.72
C PRO PC 99 -54.40 -112.42 4.14
N GLU PC 100 -54.63 -112.40 2.83
CA GLU PC 100 -55.58 -113.32 2.22
C GLU PC 100 -55.08 -114.75 2.15
N THR PC 101 -53.81 -114.98 2.46
CA THR PC 101 -53.20 -116.29 2.29
C THR PC 101 -53.75 -117.30 3.28
N THR PC 102 -54.12 -118.47 2.76
CA THR PC 102 -54.69 -119.52 3.58
C THR PC 102 -53.62 -120.18 4.44
N ALA PC 103 -54.06 -121.02 5.38
CA ALA PC 103 -53.11 -121.69 6.26
C ALA PC 103 -52.36 -122.79 5.54
N ALA PC 104 -53.01 -123.48 4.59
CA ALA PC 104 -52.32 -124.51 3.82
C ALA PC 104 -51.26 -123.90 2.91
N GLU PC 105 -51.53 -122.74 2.34
CA GLU PC 105 -50.54 -122.07 1.50
C GLU PC 105 -49.32 -121.67 2.31
N VAL PC 106 -49.52 -121.21 3.55
CA VAL PC 106 -48.39 -120.89 4.43
C VAL PC 106 -47.65 -122.16 4.84
N THR PC 107 -48.39 -123.23 5.10
CA THR PC 107 -47.76 -124.50 5.48
C THR PC 107 -46.87 -125.02 4.35
N THR PC 108 -47.32 -124.90 3.11
CA THR PC 108 -46.50 -125.33 1.98
C THR PC 108 -45.20 -124.55 1.91
N MET PC 109 -45.27 -123.23 2.06
CA MET PC 109 -44.06 -122.41 2.07
C MET PC 109 -43.13 -122.81 3.21
N LEU PC 110 -43.69 -123.01 4.40
CA LEU PC 110 -42.87 -123.35 5.55
C LEU PC 110 -42.15 -124.68 5.34
N ASN PC 111 -42.87 -125.67 4.84
CA ASN PC 111 -42.26 -126.98 4.63
C ASN PC 111 -41.21 -126.95 3.54
N ALA PC 112 -41.47 -126.25 2.43
CA ALA PC 112 -40.47 -126.15 1.38
C ALA PC 112 -39.23 -125.40 1.85
N ALA PC 113 -39.41 -124.32 2.60
CA ALA PC 113 -38.27 -123.57 3.11
C ALA PC 113 -37.49 -124.37 4.14
N ALA PC 114 -38.16 -125.27 4.87
CA ALA PC 114 -37.45 -126.12 5.82
C ALA PC 114 -36.45 -127.01 5.11
N GLN PC 115 -36.89 -127.69 4.05
CA GLN PC 115 -35.99 -128.51 3.25
C GLN PC 115 -34.97 -127.67 2.49
N LEU PC 116 -35.27 -126.39 2.24
CA LEU PC 116 -34.30 -125.54 1.56
C LEU PC 116 -33.02 -125.37 2.38
N LEU PC 117 -33.09 -125.56 3.70
CA LEU PC 117 -31.90 -125.40 4.54
C LEU PC 117 -31.56 -126.65 5.34
N PHE PC 118 -32.10 -127.81 4.97
CA PHE PC 118 -31.56 -129.06 5.52
C PHE PC 118 -31.36 -130.17 4.50
N ASP PC 119 -31.81 -130.01 3.25
CA ASP PC 119 -31.56 -131.03 2.24
C ASP PC 119 -30.07 -131.10 1.90
N SER PC 120 -29.62 -132.30 1.54
CA SER PC 120 -28.17 -132.57 1.49
C SER PC 120 -27.49 -131.81 0.35
N ASP PC 121 -28.22 -131.48 -0.71
CA ASP PC 121 -27.63 -130.77 -1.84
C ASP PC 121 -27.19 -129.37 -1.43
N TYR PC 122 -28.12 -128.61 -0.85
CA TYR PC 122 -27.85 -127.22 -0.50
C TYR PC 122 -26.81 -127.11 0.60
N SER PC 123 -26.36 -128.27 1.10
CA SER PC 123 -25.23 -128.28 2.01
C SER PC 123 -24.02 -127.59 1.40
N ASP PC 124 -23.82 -127.72 0.08
CA ASP PC 124 -22.72 -127.01 -0.53
C ASP PC 124 -22.94 -125.50 -0.59
N PHE PC 125 -24.20 -125.07 -0.69
CA PHE PC 125 -24.50 -123.65 -0.73
C PHE PC 125 -24.38 -122.96 0.62
N TRP PC 126 -24.82 -123.62 1.70
CA TRP PC 126 -24.78 -123.01 3.01
C TRP PC 126 -23.38 -123.00 3.61
N LYS PC 127 -22.63 -124.08 3.46
CA LYS PC 127 -21.30 -124.20 4.06
C LYS PC 127 -20.20 -123.70 3.12
N ALA PC 128 -20.11 -124.27 1.92
CA ALA PC 128 -19.08 -123.88 0.98
C ALA PC 128 -19.40 -122.60 0.23
N GLN PC 129 -20.61 -122.08 0.35
CA GLN PC 129 -21.03 -120.87 -0.34
C GLN PC 129 -20.93 -121.05 -1.86
N ALA PC 130 -21.32 -122.24 -2.31
CA ALA PC 130 -21.15 -122.67 -3.69
C ALA PC 130 -22.49 -122.65 -4.41
N LEU PC 131 -22.60 -121.76 -5.41
CA LEU PC 131 -23.85 -121.60 -6.15
C LEU PC 131 -24.14 -122.78 -7.06
N ALA PC 132 -23.11 -123.47 -7.53
CA ALA PC 132 -23.32 -124.64 -8.36
C ALA PC 132 -22.28 -125.72 -8.07
N ALA QC 1 -46.65 -122.46 22.66
CA ALA QC 1 -45.96 -121.92 21.49
C ALA QC 1 -44.55 -121.48 21.87
N ILE QC 2 -44.21 -120.24 21.55
CA ILE QC 2 -42.92 -119.69 21.95
C ILE QC 2 -42.99 -119.33 23.42
N ALA QC 3 -42.49 -120.23 24.27
CA ALA QC 3 -42.62 -120.07 25.72
C ALA QC 3 -41.93 -121.22 26.44
N ASN QC 4 -42.32 -122.45 26.10
CA ASN QC 4 -41.76 -123.65 26.71
C ASN QC 4 -41.48 -124.71 25.67
N SER QC 5 -41.35 -124.30 24.41
CA SER QC 5 -41.20 -125.25 23.32
C SER QC 5 -39.84 -125.94 23.40
N SER QC 6 -39.79 -127.16 22.86
CA SER QC 6 -38.57 -127.98 22.85
C SER QC 6 -38.07 -128.06 21.41
N ILE QC 7 -36.76 -127.94 21.25
CA ILE QC 7 -36.10 -128.07 19.95
C ILE QC 7 -34.94 -129.05 20.10
N ALA QC 8 -34.88 -130.04 19.21
CA ALA QC 8 -33.88 -131.10 19.30
C ALA QC 8 -32.58 -130.63 18.65
N ILE QC 9 -31.63 -130.19 19.46
CA ILE QC 9 -30.35 -129.70 18.95
C ILE QC 9 -29.51 -130.87 18.46
N ASP QC 10 -28.87 -130.69 17.31
CA ASP QC 10 -27.99 -131.68 16.71
C ASP QC 10 -28.73 -132.98 16.43
N SER QC 11 -29.89 -132.86 15.82
CA SER QC 11 -30.70 -134.00 15.40
C SER QC 11 -30.66 -134.13 13.88
N THR QC 12 -31.39 -135.12 13.37
CA THR QC 12 -31.49 -135.36 11.93
C THR QC 12 -32.91 -135.08 11.49
N ALA QC 13 -33.06 -134.19 10.51
CA ALA QC 13 -34.37 -133.80 9.99
C ALA QC 13 -34.60 -134.49 8.64
N SER QC 14 -35.77 -135.09 8.48
CA SER QC 14 -36.14 -135.79 7.27
C SER QC 14 -37.52 -135.34 6.82
N VAL QC 15 -37.99 -135.92 5.72
CA VAL QC 15 -39.26 -135.56 5.10
C VAL QC 15 -39.90 -136.82 4.55
N THR QC 16 -41.21 -136.94 4.73
CA THR QC 16 -41.97 -138.08 4.21
C THR QC 16 -43.20 -137.56 3.47
N GLY QC 17 -43.67 -138.34 2.50
CA GLY QC 17 -44.82 -137.92 1.71
C GLY QC 17 -44.44 -136.83 0.72
N GLY QC 18 -45.47 -136.22 0.16
CA GLY QC 18 -45.29 -135.10 -0.76
C GLY QC 18 -44.95 -135.54 -2.17
N THR QC 19 -44.78 -134.54 -3.02
CA THR QC 19 -44.35 -134.73 -4.40
C THR QC 19 -42.94 -134.17 -4.59
N ALA QC 20 -42.09 -134.96 -5.23
CA ALA QC 20 -40.69 -134.62 -5.42
C ALA QC 20 -40.55 -133.78 -6.68
N ARG QC 21 -40.39 -132.48 -6.51
CA ARG QC 21 -40.15 -131.60 -7.63
C ARG QC 21 -38.65 -131.37 -7.82
N THR QC 22 -38.29 -130.92 -9.02
CA THR QC 22 -36.88 -130.98 -9.44
C THR QC 22 -36.12 -129.70 -9.10
N VAL QC 23 -36.76 -128.54 -9.24
CA VAL QC 23 -36.10 -127.23 -9.15
C VAL QC 23 -35.18 -127.09 -10.36
N LYS QC 24 -35.37 -126.04 -11.15
CA LYS QC 24 -34.63 -125.85 -12.39
C LYS QC 24 -34.07 -124.45 -12.42
N GLU QC 25 -32.83 -124.31 -12.89
CA GLU QC 25 -32.17 -123.02 -12.94
C GLU QC 25 -32.80 -122.14 -14.02
N LEU QC 26 -33.08 -120.89 -13.67
CA LEU QC 26 -33.54 -119.91 -14.66
C LEU QC 26 -32.40 -119.05 -15.18
N VAL QC 27 -31.78 -118.27 -14.31
CA VAL QC 27 -30.85 -117.22 -14.69
C VAL QC 27 -29.78 -117.12 -13.61
N ARG QC 28 -28.56 -116.83 -14.05
CA ARG QC 28 -27.43 -116.73 -13.14
C ARG QC 28 -26.92 -115.29 -13.19
N ASN QC 29 -25.75 -115.06 -12.58
CA ASN QC 29 -25.08 -113.77 -12.51
C ASN QC 29 -25.70 -112.85 -11.47
N ASN QC 30 -24.85 -112.28 -10.62
CA ASN QC 30 -23.49 -112.75 -10.43
C ASN QC 30 -23.32 -112.88 -8.92
N SER QC 31 -22.88 -114.05 -8.48
CA SER QC 31 -22.96 -114.45 -7.08
C SER QC 31 -24.42 -114.45 -6.61
N GLU QC 32 -25.31 -114.83 -7.54
CA GLU QC 32 -26.72 -115.02 -7.25
C GLU QC 32 -27.39 -115.91 -8.28
N LEU QC 33 -27.85 -117.09 -7.84
CA LEU QC 33 -28.58 -118.00 -8.72
C LEU QC 33 -30.07 -117.71 -8.64
N ASN QC 34 -30.78 -118.06 -9.71
CA ASN QC 34 -32.23 -117.97 -9.77
C ASN QC 34 -32.78 -119.25 -10.35
N ALA QC 35 -33.69 -119.89 -9.63
CA ALA QC 35 -34.25 -121.17 -10.03
C ALA QC 35 -35.76 -121.11 -9.88
N TYR QC 36 -36.42 -122.23 -10.15
CA TYR QC 36 -37.85 -122.34 -9.93
C TYR QC 36 -38.20 -123.79 -9.70
N ILE QC 37 -39.18 -124.04 -8.83
CA ILE QC 37 -39.63 -125.40 -8.55
C ILE QC 37 -40.67 -125.79 -9.59
N ASP QC 38 -40.36 -126.83 -10.36
CA ASP QC 38 -41.22 -127.24 -11.47
C ASP QC 38 -42.28 -128.21 -10.98
N GLU QC 39 -43.52 -127.73 -10.86
CA GLU QC 39 -44.65 -128.57 -10.48
C GLU QC 39 -45.67 -128.63 -11.61
N GLY QC 40 -45.25 -128.31 -12.82
CA GLY QC 40 -46.18 -128.25 -13.94
C GLY QC 40 -47.21 -127.15 -13.81
N LEU QC 41 -46.80 -125.98 -13.34
CA LEU QC 41 -47.68 -124.83 -13.21
C LEU QC 41 -47.33 -123.80 -14.27
N SER QC 42 -48.16 -122.76 -14.36
CA SER QC 42 -47.97 -121.74 -15.38
C SER QC 42 -46.81 -120.81 -15.00
N PHE QC 43 -46.49 -119.89 -15.92
CA PHE QC 43 -45.36 -119.01 -15.73
C PHE QC 43 -45.59 -118.02 -14.59
N GLN QC 44 -46.83 -117.57 -14.41
CA GLN QC 44 -47.12 -116.61 -13.34
C GLN QC 44 -47.40 -117.27 -12.00
N ALA QC 45 -47.49 -118.59 -11.96
CA ALA QC 45 -47.87 -119.31 -10.75
C ALA QC 45 -46.79 -120.28 -10.27
N ARG QC 46 -45.56 -120.10 -10.73
CA ARG QC 46 -44.48 -120.99 -10.35
C ARG QC 46 -43.75 -120.47 -9.12
N LYS QC 47 -43.12 -121.40 -8.39
CA LYS QC 47 -42.49 -121.13 -7.10
C LYS QC 47 -41.36 -120.10 -7.20
N GLU QC 48 -40.32 -120.40 -7.98
CA GLU QC 48 -39.25 -119.45 -8.24
C GLU QC 48 -38.45 -119.08 -6.97
N VAL QC 49 -37.60 -120.00 -6.52
CA VAL QC 49 -36.68 -119.75 -5.42
C VAL QC 49 -35.39 -119.14 -5.96
N ALA QC 50 -34.86 -118.13 -5.25
CA ALA QC 50 -33.62 -117.46 -5.62
C ALA QC 50 -32.55 -117.68 -4.54
N PHE QC 51 -31.29 -117.75 -5.00
CA PHE QC 51 -30.15 -118.01 -4.13
C PHE QC 51 -29.14 -116.88 -4.29
N SER QC 52 -28.78 -116.25 -3.17
CA SER QC 52 -27.81 -115.17 -3.17
C SER QC 52 -26.61 -115.56 -2.31
N VAL QC 53 -25.49 -114.86 -2.51
CA VAL QC 53 -24.26 -115.17 -1.80
C VAL QC 53 -23.42 -113.92 -1.63
N LYS QC 54 -22.84 -113.74 -0.44
CA LYS QC 54 -21.93 -112.65 -0.14
C LYS QC 54 -20.66 -113.26 0.42
N VAL QC 55 -19.57 -113.18 -0.33
CA VAL QC 55 -18.34 -113.86 0.06
C VAL QC 55 -17.71 -113.12 1.25
N PRO QC 56 -16.93 -113.80 2.10
CA PRO QC 56 -16.27 -113.09 3.21
C PRO QC 56 -15.27 -112.08 2.70
N LYS QC 57 -15.44 -110.83 3.12
CA LYS QC 57 -14.57 -109.74 2.70
C LYS QC 57 -13.61 -109.41 3.84
N VAL QC 58 -12.32 -109.32 3.53
CA VAL QC 58 -11.30 -109.12 4.54
C VAL QC 58 -11.33 -107.67 5.01
N SER QC 59 -11.92 -107.44 6.17
CA SER QC 59 -11.87 -106.13 6.84
C SER QC 59 -10.68 -106.09 7.78
N VAL QC 60 -10.64 -105.10 8.68
CA VAL QC 60 -9.60 -105.05 9.69
C VAL QC 60 -10.22 -105.02 11.08
N SER QC 61 -11.27 -104.22 11.27
CA SER QC 61 -11.87 -104.03 12.59
C SER QC 61 -13.06 -104.97 12.77
N ALA QC 62 -12.76 -106.27 12.68
CA ALA QC 62 -13.80 -107.29 12.84
C ALA QC 62 -13.22 -108.47 13.60
N PRO QC 63 -14.05 -109.22 14.31
CA PRO QC 63 -13.57 -110.48 14.90
C PRO QC 63 -13.04 -111.42 13.84
N GLY QC 64 -11.88 -112.00 14.10
CA GLY QC 64 -11.26 -112.91 13.15
C GLY QC 64 -10.51 -112.19 12.05
N GLY QC 65 -11.01 -111.02 11.66
CA GLY QC 65 -10.37 -110.21 10.66
C GLY QC 65 -11.25 -109.89 9.47
N PHE QC 66 -12.01 -110.86 9.00
CA PHE QC 66 -12.82 -110.66 7.80
C PHE QC 66 -14.26 -110.34 8.19
N THR QC 67 -15.04 -109.89 7.22
CA THR QC 67 -16.49 -109.81 7.39
C THR QC 67 -17.09 -111.19 7.24
N GLN QC 68 -18.39 -111.28 7.51
CA GLN QC 68 -19.05 -112.57 7.61
C GLN QC 68 -19.44 -113.11 6.24
N ALA QC 69 -19.55 -114.43 6.16
CA ALA QC 69 -19.98 -115.13 4.95
C ALA QC 69 -21.51 -115.15 4.95
N ARG QC 70 -22.11 -114.25 4.19
CA ARG QC 70 -23.56 -114.16 4.10
C ARG QC 70 -24.08 -115.06 3.00
N SER QC 71 -25.19 -115.73 3.26
CA SER QC 71 -25.78 -116.65 2.28
C SER QC 71 -27.30 -116.56 2.41
N THR QC 72 -27.96 -116.11 1.36
CA THR QC 72 -29.38 -115.83 1.39
C THR QC 72 -30.15 -116.70 0.39
N VAL QC 73 -31.32 -117.15 0.82
CA VAL QC 73 -32.28 -117.85 -0.04
C VAL QC 73 -33.61 -117.14 0.13
N ILE QC 74 -34.31 -116.91 -0.97
CA ILE QC 74 -35.67 -116.36 -0.94
C ILE QC 74 -36.57 -117.27 -1.77
N LEU QC 75 -37.53 -117.91 -1.10
CA LEU QC 75 -38.55 -118.68 -1.79
C LEU QC 75 -39.73 -117.75 -2.05
N LYS QC 76 -40.13 -117.64 -3.31
CA LYS QC 76 -41.30 -116.86 -3.67
C LYS QC 76 -42.48 -117.78 -3.91
N SER QC 77 -43.68 -117.23 -3.82
CA SER QC 77 -44.91 -118.01 -3.98
C SER QC 77 -46.00 -117.08 -4.51
N PRO QC 78 -46.40 -117.25 -5.76
CA PRO QC 78 -47.46 -116.40 -6.31
C PRO QC 78 -48.80 -116.68 -5.64
N LYS QC 79 -49.65 -115.66 -5.62
CA LYS QC 79 -51.01 -115.83 -5.13
C LYS QC 79 -51.89 -114.74 -5.75
N THR QC 80 -53.05 -115.15 -6.25
CA THR QC 80 -54.03 -114.23 -6.78
C THR QC 80 -55.11 -113.96 -5.74
N LEU QC 81 -55.61 -112.73 -5.71
CA LEU QC 81 -56.47 -112.28 -4.62
C LEU QC 81 -57.94 -112.29 -5.03
N ALA QC 82 -58.79 -111.85 -4.10
CA ALA QC 82 -60.23 -111.81 -4.31
C ALA QC 82 -60.66 -110.68 -5.24
N ASN QC 83 -59.77 -109.73 -5.52
CA ASN QC 83 -60.03 -108.68 -6.49
C ASN QC 83 -59.42 -108.99 -7.85
N GLY QC 84 -58.77 -110.15 -8.00
CA GLY QC 84 -58.10 -110.52 -9.23
C GLY QC 84 -56.66 -110.07 -9.32
N ASN QC 85 -56.19 -109.27 -8.37
CA ASN QC 85 -54.82 -108.79 -8.40
C ASN QC 85 -53.85 -109.90 -8.00
N ARG QC 86 -52.60 -109.73 -8.43
CA ARG QC 86 -51.54 -110.73 -8.27
C ARG QC 86 -50.56 -110.21 -7.24
N THR QC 87 -50.08 -111.09 -6.36
CA THR QC 87 -49.08 -110.73 -5.36
C THR QC 87 -48.18 -111.93 -5.09
N VAL QC 88 -47.13 -111.69 -4.30
CA VAL QC 88 -46.13 -112.71 -3.99
C VAL QC 88 -45.93 -112.79 -2.49
N ASN QC 89 -45.93 -114.01 -1.95
CA ASN QC 89 -45.53 -114.27 -0.58
C ASN QC 89 -44.08 -114.76 -0.61
N THR QC 90 -43.30 -114.40 0.41
CA THR QC 90 -41.89 -114.72 0.42
C THR QC 90 -41.49 -115.38 1.73
N VAL QC 91 -40.50 -116.26 1.63
CA VAL QC 91 -39.77 -116.76 2.79
C VAL QC 91 -38.30 -116.45 2.57
N SER QC 92 -37.72 -115.65 3.46
CA SER QC 92 -36.32 -115.26 3.31
C SER QC 92 -35.49 -115.86 4.44
N ILE QC 93 -34.43 -116.58 4.07
CA ILE QC 93 -33.54 -117.23 5.02
C ILE QC 93 -32.13 -116.71 4.76
N GLN QC 94 -31.56 -116.02 5.73
CA GLN QC 94 -30.19 -115.55 5.64
C GLN QC 94 -29.34 -116.25 6.68
N LEU QC 95 -28.26 -116.89 6.23
CA LEU QC 95 -27.29 -117.53 7.11
C LEU QC 95 -26.04 -116.64 7.09
N SER QC 96 -25.60 -116.25 8.28
CA SER QC 96 -24.46 -115.35 8.41
C SER QC 96 -23.51 -115.94 9.46
N VAL QC 97 -22.44 -116.56 9.00
CA VAL QC 97 -21.44 -117.13 9.87
C VAL QC 97 -20.10 -116.43 9.62
N ASP QC 98 -19.21 -116.51 10.60
CA ASP QC 98 -17.83 -116.09 10.42
C ASP QC 98 -17.09 -117.16 9.62
N PRO QC 99 -16.10 -116.76 8.82
CA PRO QC 99 -15.38 -117.76 8.00
C PRO QC 99 -14.71 -118.85 8.82
N GLU QC 100 -14.36 -118.58 10.07
CA GLU QC 100 -13.72 -119.56 10.94
C GLU QC 100 -14.67 -120.66 11.40
N THR QC 101 -15.96 -120.52 11.13
CA THR QC 101 -16.94 -121.50 11.55
C THR QC 101 -16.75 -122.82 10.81
N THR QC 102 -16.88 -123.93 11.54
CA THR QC 102 -16.78 -125.25 10.97
C THR QC 102 -18.10 -125.67 10.34
N ALA QC 103 -18.05 -126.77 9.58
CA ALA QC 103 -19.25 -127.24 8.89
C ALA QC 103 -20.27 -127.79 9.87
N ALA QC 104 -19.81 -128.42 10.96
CA ALA QC 104 -20.73 -129.01 11.92
C ALA QC 104 -21.52 -127.96 12.69
N GLU QC 105 -20.89 -126.82 13.02
CA GLU QC 105 -21.61 -125.72 13.64
C GLU QC 105 -22.70 -125.18 12.71
N VAL QC 106 -22.38 -125.03 11.43
CA VAL QC 106 -23.37 -124.57 10.47
C VAL QC 106 -24.50 -125.58 10.34
N THR QC 107 -24.16 -126.87 10.40
CA THR QC 107 -25.16 -127.93 10.35
C THR QC 107 -26.11 -127.83 11.54
N THR QC 108 -25.55 -127.60 12.73
CA THR QC 108 -26.38 -127.43 13.92
C THR QC 108 -27.30 -126.23 13.79
N MET QC 109 -26.76 -125.11 13.31
CA MET QC 109 -27.55 -123.90 13.14
C MET QC 109 -28.69 -124.12 12.15
N LEU QC 110 -28.38 -124.78 11.02
CA LEU QC 110 -29.40 -125.01 10.01
C LEU QC 110 -30.48 -125.95 10.54
N ASN QC 111 -30.08 -126.97 11.30
CA ASN QC 111 -31.08 -127.87 11.86
C ASN QC 111 -31.99 -127.16 12.85
N ALA QC 112 -31.42 -126.30 13.70
CA ALA QC 112 -32.24 -125.55 14.65
C ALA QC 112 -33.19 -124.61 13.91
N ALA QC 113 -32.68 -123.89 12.92
CA ALA QC 113 -33.50 -122.95 12.17
C ALA QC 113 -34.61 -123.67 11.40
N ALA QC 114 -34.30 -124.82 10.80
CA ALA QC 114 -35.32 -125.60 10.13
C ALA QC 114 -36.37 -126.08 11.10
N GLN QC 115 -35.95 -126.52 12.29
CA GLN QC 115 -36.90 -126.92 13.32
C GLN QC 115 -37.85 -125.77 13.65
N LEU QC 116 -37.32 -124.55 13.75
CA LEU QC 116 -38.19 -123.40 14.00
C LEU QC 116 -38.78 -122.92 12.67
N LEU QC 117 -39.24 -123.89 11.86
CA LEU QC 117 -39.99 -123.57 10.65
C LEU QC 117 -41.19 -124.51 10.52
N PHE QC 118 -41.02 -125.75 10.98
CA PHE QC 118 -42.04 -126.77 10.81
C PHE QC 118 -42.49 -127.42 12.11
N ASP QC 119 -41.84 -127.13 13.24
CA ASP QC 119 -42.27 -127.69 14.51
C ASP QC 119 -43.66 -127.20 14.86
N SER QC 120 -44.50 -128.13 15.32
CA SER QC 120 -45.91 -127.83 15.55
C SER QC 120 -46.08 -126.76 16.62
N ASP QC 121 -45.09 -126.59 17.49
CA ASP QC 121 -45.14 -125.58 18.54
C ASP QC 121 -45.22 -124.18 17.95
N TYR QC 122 -44.45 -123.94 16.90
CA TYR QC 122 -44.49 -122.64 16.23
C TYR QC 122 -45.40 -122.67 15.01
N SER QC 123 -46.68 -122.91 15.21
CA SER QC 123 -47.63 -122.87 14.11
C SER QC 123 -48.48 -121.61 14.21
N ASP QC 124 -48.95 -121.31 15.42
CA ASP QC 124 -49.70 -120.08 15.63
C ASP QC 124 -48.84 -118.85 15.36
N PHE QC 125 -47.52 -118.97 15.50
CA PHE QC 125 -46.65 -117.83 15.24
C PHE QC 125 -46.54 -117.49 13.77
N TRP QC 126 -46.50 -118.48 12.89
CA TRP QC 126 -46.39 -118.22 11.45
C TRP QC 126 -47.74 -117.92 10.82
N LYS QC 127 -48.74 -118.74 11.11
CA LYS QC 127 -50.04 -118.58 10.45
C LYS QC 127 -50.91 -117.57 11.19
N ALA QC 128 -51.15 -117.79 12.48
CA ALA QC 128 -51.97 -116.87 13.25
C ALA QC 128 -51.21 -115.61 13.66
N GLN QC 129 -49.89 -115.58 13.44
CA GLN QC 129 -49.04 -114.46 13.85
C GLN QC 129 -49.18 -114.18 15.34
N ALA QC 130 -49.28 -115.25 16.13
CA ALA QC 130 -49.49 -115.17 17.58
C ALA QC 130 -48.17 -115.33 18.29
N LEU QC 131 -47.65 -114.23 18.83
CA LEU QC 131 -46.38 -114.26 19.56
C LEU QC 131 -46.49 -115.03 20.86
N ALA QC 132 -47.70 -115.14 21.39
CA ALA QC 132 -47.89 -115.72 22.72
C ALA QC 132 -49.11 -116.62 22.80
N ALA RC 1 -29.46 -109.16 68.23
CA ALA RC 1 -29.36 -107.98 67.38
C ALA RC 1 -28.34 -108.19 66.26
N ILE RC 2 -27.94 -107.10 65.62
CA ILE RC 2 -27.04 -107.20 64.46
C ILE RC 2 -25.70 -107.79 64.88
N ALA RC 3 -25.14 -107.32 65.98
CA ALA RC 3 -23.85 -107.84 66.45
C ALA RC 3 -24.01 -109.29 66.90
N ASN RC 4 -23.12 -110.15 66.40
CA ASN RC 4 -23.11 -111.58 66.74
C ASN RC 4 -24.41 -112.27 66.31
N SER RC 5 -25.04 -111.75 65.26
CA SER RC 5 -26.20 -112.40 64.67
C SER RC 5 -25.74 -113.56 63.81
N SER RC 6 -26.50 -114.65 63.84
CA SER RC 6 -26.13 -115.85 63.10
C SER RC 6 -27.00 -116.01 61.87
N ILE RC 7 -26.35 -116.25 60.73
CA ILE RC 7 -27.03 -116.50 59.46
C ILE RC 7 -26.60 -117.87 58.96
N ALA RC 8 -27.56 -118.71 58.60
CA ALA RC 8 -27.27 -120.07 58.11
C ALA RC 8 -27.06 -120.00 56.61
N ILE RC 9 -25.81 -120.16 56.17
CA ILE RC 9 -25.47 -120.05 54.76
C ILE RC 9 -25.80 -121.35 54.04
N ASP RC 10 -26.29 -121.23 52.80
CA ASP RC 10 -26.66 -122.37 51.97
C ASP RC 10 -27.75 -123.21 52.64
N SER RC 11 -28.89 -122.55 52.82
CA SER RC 11 -29.99 -123.13 53.58
C SER RC 11 -31.27 -123.09 52.75
N THR RC 12 -32.16 -124.04 53.03
CA THR RC 12 -33.48 -124.00 52.42
C THR RC 12 -34.41 -123.14 53.27
N ALA RC 13 -35.10 -122.21 52.61
CA ALA RC 13 -36.01 -121.29 53.27
C ALA RC 13 -37.43 -121.74 52.98
N SER RC 14 -38.13 -122.20 54.03
CA SER RC 14 -39.52 -122.58 53.89
C SER RC 14 -40.42 -121.41 54.30
N VAL RC 15 -41.72 -121.62 54.22
CA VAL RC 15 -42.69 -120.64 54.69
C VAL RC 15 -44.02 -121.35 54.98
N THR RC 16 -44.57 -121.12 56.17
CA THR RC 16 -45.82 -121.76 56.60
C THR RC 16 -46.63 -120.77 57.41
N GLY RC 17 -47.47 -119.99 56.73
CA GLY RC 17 -48.44 -119.17 57.43
C GLY RC 17 -49.83 -119.19 56.85
N GLY RC 18 -49.97 -119.73 55.64
CA GLY RC 18 -51.24 -119.72 54.97
C GLY RC 18 -51.49 -118.43 54.22
N THR RC 19 -52.75 -118.18 53.84
CA THR RC 19 -53.15 -116.98 53.11
C THR RC 19 -52.40 -116.88 51.78
N ALA RC 20 -52.60 -117.91 50.96
CA ALA RC 20 -51.91 -118.01 49.67
C ALA RC 20 -52.52 -117.07 48.64
N ARG RC 21 -51.93 -115.88 48.50
CA ARG RC 21 -52.41 -114.91 47.55
C ARG RC 21 -51.87 -115.21 46.16
N THR RC 22 -52.19 -114.33 45.21
CA THR RC 22 -51.81 -114.52 43.82
C THR RC 22 -51.29 -113.21 43.24
N VAL RC 23 -50.12 -113.28 42.61
CA VAL RC 23 -49.57 -112.13 41.91
C VAL RC 23 -50.16 -112.09 40.51
N LYS RC 24 -50.90 -111.03 40.20
CA LYS RC 24 -51.48 -110.84 38.88
C LYS RC 24 -50.80 -109.65 38.22
N GLU RC 25 -50.34 -109.83 36.99
CA GLU RC 25 -49.63 -108.76 36.32
C GLU RC 25 -50.61 -107.70 35.82
N LEU RC 26 -50.13 -106.46 35.76
CA LEU RC 26 -50.95 -105.34 35.32
C LEU RC 26 -50.48 -104.83 33.96
N VAL RC 27 -49.22 -104.39 33.85
CA VAL RC 27 -48.66 -103.85 32.62
C VAL RC 27 -47.24 -104.36 32.49
N ARG RC 28 -46.58 -103.94 31.41
CA ARG RC 28 -45.20 -104.35 31.16
C ARG RC 28 -44.25 -103.19 30.94
N ASN RC 29 -44.72 -102.10 30.33
CA ASN RC 29 -43.88 -101.03 29.77
C ASN RC 29 -42.48 -101.46 29.39
N ASN RC 30 -41.48 -100.62 29.66
CA ASN RC 30 -40.14 -100.78 29.10
C ASN RC 30 -39.32 -101.72 29.97
N SER RC 31 -39.23 -102.98 29.54
CA SER RC 31 -38.39 -103.99 30.19
C SER RC 31 -38.70 -104.08 31.68
N GLU RC 32 -39.99 -103.99 32.00
CA GLU RC 32 -40.46 -103.96 33.38
C GLU RC 32 -41.62 -104.93 33.47
N LEU RC 33 -42.15 -105.11 34.69
CA LEU RC 33 -43.34 -105.91 34.88
C LEU RC 33 -44.06 -105.47 36.15
N ASN RC 34 -45.11 -104.69 36.00
CA ASN RC 34 -45.86 -104.20 37.15
C ASN RC 34 -47.00 -105.16 37.44
N ALA RC 35 -47.01 -105.72 38.63
CA ALA RC 35 -48.04 -106.65 39.06
C ALA RC 35 -48.66 -106.15 40.36
N TYR RC 36 -49.58 -106.95 40.92
CA TYR RC 36 -50.22 -106.62 42.18
C TYR RC 36 -50.67 -107.90 42.84
N ILE RC 37 -50.77 -107.86 44.17
CA ILE RC 37 -51.17 -109.03 44.94
C ILE RC 37 -52.67 -108.98 45.15
N ASP RC 38 -53.37 -110.04 44.71
CA ASP RC 38 -54.83 -110.07 44.75
C ASP RC 38 -55.28 -110.53 46.14
N GLU RC 39 -55.70 -109.54 46.93
CA GLU RC 39 -56.18 -109.81 48.28
C GLU RC 39 -57.55 -109.23 48.56
N GLY RC 40 -58.23 -108.69 47.56
CA GLY RC 40 -59.56 -108.16 47.72
C GLY RC 40 -59.65 -106.76 48.28
N LEU RC 41 -58.53 -106.04 48.36
CA LEU RC 41 -58.56 -104.67 48.86
C LEU RC 41 -59.07 -103.73 47.77
N SER RC 42 -59.05 -102.43 48.07
CA SER RC 42 -59.50 -101.45 47.12
C SER RC 42 -58.53 -101.33 45.95
N PHE RC 43 -58.96 -100.60 44.93
CA PHE RC 43 -58.13 -100.45 43.73
C PHE RC 43 -56.85 -99.68 44.04
N GLN RC 44 -56.97 -98.58 44.79
CA GLN RC 44 -55.81 -97.78 45.17
C GLN RC 44 -55.37 -98.07 46.61
N ALA RC 45 -55.69 -99.28 47.10
CA ALA RC 45 -55.16 -99.74 48.38
C ALA RC 45 -54.53 -101.12 48.28
N ARG RC 46 -54.26 -101.62 47.07
CA ARG RC 46 -53.68 -102.94 46.88
C ARG RC 46 -52.16 -102.86 46.88
N LYS RC 47 -51.51 -104.00 47.10
CA LYS RC 47 -50.04 -104.05 47.10
C LYS RC 47 -49.58 -104.35 45.69
N GLU RC 48 -48.87 -103.41 45.08
CA GLU RC 48 -48.31 -103.57 43.73
C GLU RC 48 -46.81 -103.85 43.87
N VAL RC 49 -46.37 -104.94 43.24
CA VAL RC 49 -44.94 -105.23 43.20
C VAL RC 49 -44.46 -105.17 41.76
N ALA RC 50 -43.43 -104.37 41.53
CA ALA RC 50 -42.85 -104.15 40.21
C ALA RC 50 -41.53 -104.87 40.06
N PHE RC 51 -41.37 -105.55 38.93
CA PHE RC 51 -40.15 -106.29 38.58
C PHE RC 51 -39.46 -105.59 37.42
N SER RC 52 -38.13 -105.62 37.41
CA SER RC 52 -37.39 -104.99 36.31
C SER RC 52 -36.05 -105.69 36.11
N VAL RC 53 -35.61 -105.75 34.85
CA VAL RC 53 -34.34 -106.36 34.49
C VAL RC 53 -33.49 -105.35 33.75
N LYS RC 54 -32.18 -105.45 33.97
CA LYS RC 54 -31.17 -104.60 33.36
C LYS RC 54 -30.00 -105.50 32.95
N VAL RC 55 -30.29 -106.40 32.00
CA VAL RC 55 -29.36 -107.34 31.38
C VAL RC 55 -28.03 -106.68 31.02
N PRO RC 56 -26.94 -107.45 30.97
CA PRO RC 56 -25.62 -106.85 30.72
C PRO RC 56 -25.48 -106.28 29.32
N LYS RC 57 -24.56 -105.32 29.21
CA LYS RC 57 -24.25 -104.66 27.94
C LYS RC 57 -22.76 -104.70 27.73
N VAL RC 58 -22.32 -105.16 26.55
CA VAL RC 58 -20.90 -105.39 26.29
C VAL RC 58 -20.15 -104.07 26.30
N SER RC 59 -19.32 -103.87 27.31
CA SER RC 59 -18.51 -102.66 27.44
C SER RC 59 -17.05 -102.99 27.13
N VAL RC 60 -16.17 -102.00 27.26
CA VAL RC 60 -14.72 -102.19 27.16
C VAL RC 60 -14.07 -102.12 28.54
N SER RC 61 -14.67 -101.36 29.44
CA SER RC 61 -14.37 -101.32 30.87
C SER RC 61 -15.03 -102.54 31.52
N ALA RC 62 -15.30 -102.46 32.83
CA ALA RC 62 -15.93 -103.55 33.56
C ALA RC 62 -15.02 -104.77 33.61
N PRO RC 63 -14.07 -104.79 34.55
CA PRO RC 63 -12.99 -105.78 34.53
C PRO RC 63 -13.50 -107.20 34.69
N GLY RC 64 -13.83 -107.80 33.55
CA GLY RC 64 -14.63 -109.00 33.44
C GLY RC 64 -15.40 -108.96 32.14
N GLY RC 65 -15.38 -107.79 31.50
CA GLY RC 65 -15.82 -107.67 30.12
C GLY RC 65 -17.01 -106.76 29.88
N PHE RC 66 -18.03 -106.87 30.73
CA PHE RC 66 -19.25 -106.10 30.57
C PHE RC 66 -19.98 -105.94 31.89
N THR RC 67 -20.92 -104.99 31.92
CA THR RC 67 -21.61 -104.59 33.13
C THR RC 67 -22.40 -105.75 33.72
N GLN RC 68 -22.71 -105.63 35.01
CA GLN RC 68 -23.46 -106.64 35.71
C GLN RC 68 -24.92 -106.63 35.25
N ALA RC 69 -25.60 -107.74 35.52
CA ALA RC 69 -27.01 -107.91 35.21
C ALA RC 69 -27.83 -107.62 36.46
N ARG RC 70 -28.52 -106.49 36.49
CA ARG RC 70 -29.24 -106.15 37.71
C ARG RC 70 -30.73 -106.51 37.59
N SER RC 71 -31.29 -106.96 38.72
CA SER RC 71 -32.70 -107.35 38.80
C SER RC 71 -33.31 -106.65 40.00
N THR RC 72 -34.37 -105.88 39.76
CA THR RC 72 -34.98 -105.09 40.82
C THR RC 72 -36.42 -105.53 41.09
N VAL RC 73 -36.79 -105.54 42.37
CA VAL RC 73 -38.15 -105.79 42.81
C VAL RC 73 -38.54 -104.73 43.83
N ILE RC 74 -39.60 -103.99 43.55
CA ILE RC 74 -40.12 -103.00 44.49
C ILE RC 74 -41.53 -103.40 44.91
N LEU RC 75 -41.72 -103.59 46.21
CA LEU RC 75 -43.03 -103.95 46.76
C LEU RC 75 -43.61 -102.69 47.39
N LYS RC 76 -44.75 -102.24 46.86
CA LYS RC 76 -45.39 -101.03 47.36
C LYS RC 76 -46.64 -101.39 48.15
N SER RC 77 -46.63 -101.09 49.43
CA SER RC 77 -47.77 -101.34 50.31
C SER RC 77 -48.37 -100.00 50.73
N PRO RC 78 -49.56 -99.64 50.26
CA PRO RC 78 -50.15 -98.36 50.65
C PRO RC 78 -50.63 -98.37 52.09
N LYS RC 79 -50.69 -97.17 52.68
CA LYS RC 79 -51.10 -96.99 54.07
C LYS RC 79 -51.90 -95.71 54.20
N THR RC 80 -52.99 -95.78 54.96
CA THR RC 80 -53.78 -94.60 55.30
C THR RC 80 -53.37 -94.13 56.69
N LEU RC 81 -52.89 -92.89 56.77
CA LEU RC 81 -52.41 -92.37 58.05
C LEU RC 81 -53.58 -91.89 58.90
N ALA RC 82 -53.29 -91.64 60.18
CA ALA RC 82 -54.30 -91.12 61.09
C ALA RC 82 -54.76 -89.74 60.67
N ASN RC 83 -53.83 -88.89 60.20
CA ASN RC 83 -54.20 -87.57 59.71
C ASN RC 83 -55.19 -87.65 58.56
N GLY RC 84 -55.20 -88.75 57.82
CA GLY RC 84 -56.20 -88.94 56.80
C GLY RC 84 -55.63 -89.16 55.42
N ASN RC 85 -54.45 -88.60 55.16
CA ASN RC 85 -53.83 -88.74 53.85
C ASN RC 85 -53.29 -90.14 53.67
N ARG RC 86 -52.69 -90.38 52.50
CA ARG RC 86 -52.22 -91.69 52.09
C ARG RC 86 -50.74 -91.62 51.77
N THR RC 87 -50.04 -92.71 52.04
CA THR RC 87 -48.60 -92.81 51.76
C THR RC 87 -48.34 -94.24 51.30
N VAL RC 88 -47.14 -94.50 50.78
CA VAL RC 88 -46.76 -95.83 50.36
C VAL RC 88 -45.49 -96.24 51.09
N ASN RC 89 -45.48 -97.44 51.64
CA ASN RC 89 -44.32 -98.03 52.30
C ASN RC 89 -43.72 -99.04 51.32
N THR RC 90 -42.46 -98.83 50.96
CA THR RC 90 -41.86 -99.60 49.88
C THR RC 90 -40.74 -100.50 50.39
N VAL RC 91 -40.51 -101.59 49.67
CA VAL RC 91 -39.39 -102.49 49.91
C VAL RC 91 -38.71 -102.78 48.58
N SER RC 92 -37.60 -102.11 48.30
CA SER RC 92 -36.88 -102.36 47.06
C SER RC 92 -35.76 -103.36 47.28
N ILE RC 93 -35.50 -104.18 46.27
CA ILE RC 93 -34.47 -105.20 46.32
C ILE RC 93 -33.75 -105.24 44.99
N GLN RC 94 -32.42 -105.24 45.00
CA GLN RC 94 -31.62 -105.26 43.78
C GLN RC 94 -30.57 -106.35 43.88
N LEU RC 95 -30.20 -106.90 42.70
CA LEU RC 95 -29.32 -108.07 42.61
C LEU RC 95 -28.25 -107.82 41.54
N SER RC 96 -27.53 -106.71 41.68
CA SER RC 96 -26.44 -106.39 40.76
C SER RC 96 -25.34 -107.43 40.92
N VAL RC 97 -25.34 -108.42 40.01
CA VAL RC 97 -24.34 -109.48 40.01
C VAL RC 97 -23.69 -109.55 38.63
N ASP RC 98 -22.40 -109.86 38.63
CA ASP RC 98 -21.66 -109.95 37.39
C ASP RC 98 -22.20 -111.12 36.56
N PRO RC 99 -22.35 -110.95 35.24
CA PRO RC 99 -23.03 -111.95 34.42
C PRO RC 99 -22.36 -113.31 34.40
N GLU RC 100 -21.08 -113.39 34.76
CA GLU RC 100 -20.37 -114.67 34.82
C GLU RC 100 -20.76 -115.50 36.04
N THR RC 101 -21.59 -114.95 36.92
CA THR RC 101 -21.91 -115.61 38.18
C THR RC 101 -22.79 -116.83 37.94
N THR RC 102 -22.43 -117.94 38.58
CA THR RC 102 -23.21 -119.16 38.48
C THR RC 102 -24.49 -119.06 39.29
N ALA RC 103 -25.43 -119.95 39.00
CA ALA RC 103 -26.73 -119.94 39.66
C ALA RC 103 -26.66 -120.43 41.10
N ALA RC 104 -25.67 -121.26 41.44
CA ALA RC 104 -25.55 -121.76 42.80
C ALA RC 104 -25.21 -120.63 43.77
N GLU RC 105 -24.23 -119.80 43.41
CA GLU RC 105 -23.87 -118.69 44.28
C GLU RC 105 -24.94 -117.60 44.28
N VAL RC 106 -25.67 -117.46 43.17
CA VAL RC 106 -26.83 -116.56 43.17
C VAL RC 106 -27.87 -117.05 44.17
N THR RC 107 -28.13 -118.36 44.18
CA THR RC 107 -29.06 -118.92 45.16
C THR RC 107 -28.55 -118.71 46.58
N THR RC 108 -27.24 -118.88 46.79
CA THR RC 108 -26.65 -118.65 48.10
C THR RC 108 -26.86 -117.21 48.54
N MET RC 109 -26.63 -116.27 47.64
CA MET RC 109 -26.82 -114.85 47.94
C MET RC 109 -28.28 -114.55 48.25
N LEU RC 110 -29.20 -115.12 47.47
CA LEU RC 110 -30.62 -114.86 47.67
C LEU RC 110 -31.09 -115.42 49.01
N ASN RC 111 -30.59 -116.60 49.39
CA ASN RC 111 -30.94 -117.18 50.68
C ASN RC 111 -30.35 -116.35 51.82
N ALA RC 112 -29.10 -115.91 51.69
CA ALA RC 112 -28.48 -115.12 52.74
C ALA RC 112 -29.19 -113.79 52.92
N ALA RC 113 -29.49 -113.10 51.82
CA ALA RC 113 -30.24 -111.85 51.86
C ALA RC 113 -31.65 -112.03 52.40
N ALA RC 114 -32.36 -113.06 51.95
CA ALA RC 114 -33.71 -113.31 52.46
C ALA RC 114 -33.68 -113.87 53.87
N GLN RC 115 -32.55 -114.42 54.31
CA GLN RC 115 -32.41 -114.80 55.71
C GLN RC 115 -32.44 -113.60 56.64
N LEU RC 116 -31.92 -112.47 56.17
CA LEU RC 116 -32.19 -111.18 56.78
C LEU RC 116 -33.67 -110.86 56.56
N LEU RC 117 -34.15 -109.82 57.24
CA LEU RC 117 -35.53 -109.33 57.13
C LEU RC 117 -36.59 -110.41 57.36
N PHE RC 118 -36.22 -111.58 57.88
CA PHE RC 118 -37.22 -112.38 58.60
C PHE RC 118 -36.59 -113.01 59.84
N ASP RC 119 -35.28 -112.81 60.01
CA ASP RC 119 -34.61 -113.31 61.20
C ASP RC 119 -34.97 -112.44 62.40
N SER RC 120 -34.96 -113.05 63.59
CA SER RC 120 -35.31 -112.34 64.80
C SER RC 120 -34.28 -111.31 65.21
N ASP RC 121 -33.01 -111.51 64.85
CA ASP RC 121 -31.96 -110.58 65.27
C ASP RC 121 -32.17 -109.20 64.68
N TYR RC 122 -32.63 -109.13 63.43
CA TYR RC 122 -32.75 -107.88 62.71
C TYR RC 122 -34.13 -107.25 62.84
N SER RC 123 -35.02 -107.84 63.64
CA SER RC 123 -36.34 -107.26 63.88
C SER RC 123 -36.26 -105.81 64.34
N ASP RC 124 -35.40 -105.53 65.33
CA ASP RC 124 -35.28 -104.19 65.86
C ASP RC 124 -34.66 -103.24 64.84
N PHE RC 125 -33.73 -103.74 64.03
CA PHE RC 125 -33.13 -102.93 62.99
C PHE RC 125 -34.17 -102.50 61.95
N TRP RC 126 -34.99 -103.45 61.50
CA TRP RC 126 -35.98 -103.13 60.49
C TRP RC 126 -37.13 -102.30 61.05
N LYS RC 127 -37.48 -102.47 62.32
CA LYS RC 127 -38.66 -101.82 62.88
C LYS RC 127 -38.31 -100.50 63.55
N ALA RC 128 -37.41 -100.50 64.54
CA ALA RC 128 -37.07 -99.28 65.26
C ALA RC 128 -35.78 -98.63 64.78
N GLN RC 129 -35.16 -99.16 63.72
CA GLN RC 129 -33.89 -98.65 63.20
C GLN RC 129 -32.78 -98.74 64.24
N ALA RC 130 -32.83 -99.81 65.05
CA ALA RC 130 -31.83 -100.05 66.09
C ALA RC 130 -30.58 -100.65 65.46
N LEU RC 131 -29.73 -99.76 64.94
CA LEU RC 131 -28.45 -100.17 64.39
C LEU RC 131 -27.61 -100.83 65.46
N ALA RC 132 -27.27 -100.07 66.50
CA ALA RC 132 -26.55 -100.61 67.63
C ALA RC 132 -27.52 -101.30 68.58
N ALA SC 1 3.96 -9.70 -129.70
CA ALA SC 1 4.00 -10.57 -130.87
C ALA SC 1 3.74 -12.02 -130.45
N ILE SC 2 3.49 -12.21 -129.16
CA ILE SC 2 3.01 -13.48 -128.64
C ILE SC 2 1.50 -13.51 -128.83
N ALA SC 3 1.05 -13.96 -130.00
CA ALA SC 3 -0.37 -14.00 -130.31
C ALA SC 3 -0.60 -15.02 -131.40
N ASN SC 4 -0.64 -14.57 -132.66
CA ASN SC 4 -0.59 -15.51 -133.76
C ASN SC 4 0.82 -15.60 -134.31
N SER SC 5 1.74 -16.11 -133.49
CA SER SC 5 3.13 -16.29 -133.88
C SER SC 5 3.28 -17.55 -134.72
N SER SC 6 4.52 -18.03 -134.89
CA SER SC 6 4.73 -19.28 -135.61
C SER SC 6 6.00 -19.93 -135.10
N ILE SC 7 5.92 -21.24 -134.86
CA ILE SC 7 7.05 -22.04 -134.39
C ILE SC 7 7.07 -23.37 -135.11
N ALA SC 8 8.23 -23.79 -135.60
CA ALA SC 8 8.38 -25.08 -136.24
C ALA SC 8 8.60 -26.15 -135.18
N ILE SC 9 7.78 -27.19 -135.20
CA ILE SC 9 7.86 -28.27 -134.22
C ILE SC 9 8.48 -29.48 -134.87
N ASP SC 10 9.41 -30.12 -134.15
CA ASP SC 10 10.19 -31.25 -134.66
C ASP SC 10 11.01 -30.84 -135.89
N SER SC 11 11.88 -29.86 -135.69
CA SER SC 11 12.69 -29.29 -136.75
C SER SC 11 14.15 -29.20 -136.30
N THR SC 12 15.06 -29.13 -137.28
CA THR SC 12 16.47 -29.00 -137.00
C THR SC 12 16.88 -27.53 -137.03
N ALA SC 13 17.67 -27.13 -136.03
CA ALA SC 13 18.15 -25.76 -135.90
C ALA SC 13 19.62 -25.68 -136.24
N SER SC 14 20.00 -24.57 -136.87
CA SER SC 14 21.36 -24.38 -137.34
C SER SC 14 21.82 -22.97 -137.01
N VAL SC 15 23.12 -22.75 -137.13
CA VAL SC 15 23.75 -21.48 -136.80
C VAL SC 15 24.72 -21.13 -137.92
N THR SC 16 24.67 -19.89 -138.40
CA THR SC 16 25.57 -19.40 -139.42
C THR SC 16 26.26 -18.13 -138.94
N GLY SC 17 27.51 -17.95 -139.38
CA GLY SC 17 28.26 -16.77 -139.02
C GLY SC 17 28.76 -16.80 -137.58
N GLY SC 18 28.94 -15.60 -137.02
CA GLY SC 18 29.46 -15.49 -135.68
C GLY SC 18 30.93 -15.84 -135.59
N THR SC 19 31.40 -16.00 -134.36
CA THR SC 19 32.81 -16.32 -134.08
C THR SC 19 32.84 -17.51 -133.13
N ALA SC 20 33.27 -18.66 -133.64
CA ALA SC 20 33.34 -19.87 -132.84
C ALA SC 20 34.28 -19.70 -131.65
N ARG SC 21 33.73 -19.71 -130.44
CA ARG SC 21 34.50 -19.64 -129.21
C ARG SC 21 34.70 -21.05 -128.68
N THR SC 22 35.19 -21.17 -127.44
CA THR SC 22 35.43 -22.46 -126.83
C THR SC 22 35.04 -22.39 -125.36
N VAL SC 23 34.36 -23.42 -124.87
CA VAL SC 23 33.91 -23.47 -123.48
C VAL SC 23 35.00 -24.20 -122.69
N LYS SC 24 35.79 -23.43 -121.95
CA LYS SC 24 36.85 -24.01 -121.13
C LYS SC 24 36.31 -24.35 -119.75
N GLU SC 25 36.52 -25.58 -119.32
CA GLU SC 25 35.98 -26.07 -118.06
C GLU SC 25 36.87 -25.67 -116.90
N LEU SC 26 36.23 -25.20 -115.82
CA LEU SC 26 36.96 -24.61 -114.71
C LEU SC 26 36.91 -25.55 -113.51
N VAL SC 27 35.72 -25.87 -113.01
CA VAL SC 27 35.58 -26.68 -111.80
C VAL SC 27 34.41 -27.63 -111.98
N ARG SC 28 34.60 -28.88 -111.59
CA ARG SC 28 33.59 -29.93 -111.74
C ARG SC 28 33.41 -30.58 -110.37
N ASN SC 29 32.33 -30.24 -109.68
CA ASN SC 29 32.06 -30.81 -108.38
C ASN SC 29 30.62 -30.51 -107.97
N ASN SC 30 30.14 -31.28 -107.00
CA ASN SC 30 28.82 -31.08 -106.39
C ASN SC 30 27.70 -31.06 -107.44
N SER SC 31 27.78 -31.99 -108.39
CA SER SC 31 26.80 -32.10 -109.48
C SER SC 31 26.79 -30.85 -110.36
N GLU SC 32 27.87 -30.08 -110.30
CA GLU SC 32 27.96 -28.80 -110.98
C GLU SC 32 29.25 -28.74 -111.78
N LEU SC 33 29.20 -28.09 -112.94
CA LEU SC 33 30.35 -27.89 -113.81
C LEU SC 33 30.38 -26.40 -114.14
N ASN SC 34 31.34 -25.69 -113.56
CA ASN SC 34 31.58 -24.30 -113.90
C ASN SC 34 32.55 -24.21 -115.06
N ALA SC 35 32.23 -23.37 -116.05
CA ALA SC 35 33.09 -23.20 -117.20
C ALA SC 35 32.97 -21.75 -117.65
N TYR SC 36 33.79 -21.37 -118.63
CA TYR SC 36 33.75 -20.02 -119.15
C TYR SC 36 33.95 -20.05 -120.64
N ILE SC 37 33.31 -19.12 -121.34
CA ILE SC 37 33.48 -18.96 -122.78
C ILE SC 37 34.71 -18.10 -123.01
N ASP SC 38 35.61 -18.55 -123.87
CA ASP SC 38 36.89 -17.90 -124.09
C ASP SC 38 36.76 -16.99 -125.31
N GLU SC 39 36.68 -15.69 -125.05
CA GLU SC 39 36.65 -14.68 -126.10
C GLU SC 39 37.86 -13.76 -126.05
N GLY SC 40 38.87 -14.10 -125.26
CA GLY SC 40 40.02 -13.24 -125.09
C GLY SC 40 39.67 -11.96 -124.37
N LEU SC 41 38.90 -12.09 -123.30
CA LEU SC 41 38.47 -10.97 -122.49
C LEU SC 41 39.16 -11.03 -121.13
N SER SC 42 38.91 -10.03 -120.30
CA SER SC 42 39.47 -9.98 -118.95
C SER SC 42 38.67 -10.90 -118.04
N PHE SC 43 39.23 -11.19 -116.85
CA PHE SC 43 38.54 -12.04 -115.90
C PHE SC 43 37.24 -11.41 -115.39
N GLN SC 44 37.21 -10.10 -115.21
CA GLN SC 44 36.02 -9.40 -114.78
C GLN SC 44 34.91 -9.35 -115.83
N ALA SC 45 35.23 -9.58 -117.09
CA ALA SC 45 34.19 -9.69 -118.10
C ALA SC 45 34.44 -10.97 -118.88
N ARG SC 46 33.98 -12.08 -118.33
CA ARG SC 46 34.03 -13.38 -118.97
C ARG SC 46 32.62 -13.77 -119.43
N LYS SC 47 32.36 -14.99 -119.86
CA LYS SC 47 31.01 -15.44 -120.16
C LYS SC 47 30.75 -16.74 -119.42
N GLU SC 48 30.99 -16.74 -118.11
CA GLU SC 48 30.87 -17.95 -117.30
C GLU SC 48 29.52 -18.62 -117.50
N VAL SC 49 29.55 -19.94 -117.66
CA VAL SC 49 28.35 -20.75 -117.80
C VAL SC 49 28.45 -21.94 -116.85
N ALA SC 50 27.37 -22.18 -116.11
CA ALA SC 50 27.31 -23.24 -115.12
C ALA SC 50 26.29 -24.30 -115.53
N PHE SC 51 26.72 -25.55 -115.54
CA PHE SC 51 25.87 -26.70 -115.88
C PHE SC 51 25.62 -27.49 -114.61
N SER SC 52 24.35 -27.70 -114.27
CA SER SC 52 23.99 -28.42 -113.06
C SER SC 52 23.01 -29.53 -113.41
N VAL SC 53 23.10 -30.63 -112.68
CA VAL SC 53 22.27 -31.80 -112.90
C VAL SC 53 21.69 -32.25 -111.57
N LYS SC 54 20.38 -32.55 -111.58
CA LYS SC 54 19.64 -33.01 -110.41
C LYS SC 54 18.95 -34.32 -110.82
N VAL SC 55 19.51 -35.44 -110.37
CA VAL SC 55 19.10 -36.78 -110.76
C VAL SC 55 17.80 -37.17 -110.04
N PRO SC 56 16.96 -38.00 -110.63
CA PRO SC 56 15.72 -38.41 -109.96
C PRO SC 56 15.97 -39.31 -108.77
N LYS SC 57 15.09 -39.21 -107.77
CA LYS SC 57 15.13 -40.07 -106.60
C LYS SC 57 13.76 -40.74 -106.43
N VAL SC 58 13.76 -41.89 -105.75
CA VAL SC 58 12.54 -42.65 -105.57
C VAL SC 58 11.57 -41.88 -104.68
N SER SC 59 10.28 -41.98 -104.99
CA SER SC 59 9.24 -41.29 -104.25
C SER SC 59 8.01 -42.18 -104.16
N VAL SC 60 7.02 -41.71 -103.41
CA VAL SC 60 5.72 -42.36 -103.36
C VAL SC 60 4.64 -41.55 -104.07
N SER SC 61 4.71 -40.23 -104.00
CA SER SC 61 3.98 -39.30 -104.85
C SER SC 61 4.70 -39.22 -106.19
N ALA SC 62 4.44 -38.15 -106.96
CA ALA SC 62 5.10 -37.98 -108.25
C ALA SC 62 4.69 -39.11 -109.19
N PRO SC 63 3.53 -38.99 -109.85
CA PRO SC 63 2.80 -40.17 -110.33
C PRO SC 63 3.55 -40.96 -111.37
N GLY SC 64 4.36 -41.90 -110.88
CA GLY SC 64 5.35 -42.59 -111.67
C GLY SC 64 6.53 -42.99 -110.79
N GLY SC 65 6.54 -42.49 -109.56
CA GLY SC 65 7.43 -43.02 -108.56
C GLY SC 65 8.69 -42.23 -108.32
N PHE SC 66 9.08 -41.39 -109.28
CA PHE SC 66 10.30 -40.62 -109.18
C PHE SC 66 10.05 -39.14 -109.39
N THR SC 67 10.84 -38.34 -108.70
CA THR SC 67 10.92 -36.92 -108.99
C THR SC 67 11.54 -36.72 -110.38
N GLN SC 68 11.33 -35.53 -110.93
CA GLN SC 68 11.79 -35.27 -112.28
C GLN SC 68 13.29 -35.06 -112.32
N ALA SC 69 13.89 -35.42 -113.44
CA ALA SC 69 15.31 -35.16 -113.70
C ALA SC 69 15.44 -33.75 -114.22
N ARG SC 70 16.28 -32.95 -113.55
CA ARG SC 70 16.45 -31.55 -113.90
C ARG SC 70 17.86 -31.28 -114.43
N SER SC 71 17.94 -30.50 -115.49
CA SER SC 71 19.21 -30.06 -116.07
C SER SC 71 19.13 -28.55 -116.20
N THR SC 72 20.05 -27.84 -115.55
CA THR SC 72 20.04 -26.39 -115.52
C THR SC 72 21.31 -25.82 -116.12
N VAL SC 73 21.15 -24.81 -116.97
CA VAL SC 73 22.29 -24.08 -117.50
C VAL SC 73 22.11 -22.60 -117.21
N ILE SC 74 23.07 -21.98 -116.55
CA ILE SC 74 23.05 -20.55 -116.31
C ILE SC 74 24.23 -19.91 -117.03
N LEU SC 75 23.93 -18.98 -117.92
CA LEU SC 75 24.93 -18.22 -118.65
C LEU SC 75 24.99 -16.83 -118.03
N LYS SC 76 26.19 -16.41 -117.63
CA LYS SC 76 26.37 -15.11 -117.01
C LYS SC 76 27.11 -14.16 -117.93
N SER SC 77 26.61 -12.93 -118.02
CA SER SC 77 27.17 -11.92 -118.91
C SER SC 77 27.47 -10.65 -118.12
N PRO SC 78 28.72 -10.46 -117.68
CA PRO SC 78 29.07 -9.21 -117.00
C PRO SC 78 28.90 -7.99 -117.88
N LYS SC 79 28.13 -7.02 -117.38
CA LYS SC 79 27.96 -5.73 -118.02
C LYS SC 79 28.52 -4.64 -117.10
N THR SC 80 29.13 -3.64 -117.70
CA THR SC 80 29.65 -2.47 -116.99
C THR SC 80 28.75 -1.29 -117.27
N LEU SC 81 28.26 -0.65 -116.22
CA LEU SC 81 27.26 0.38 -116.32
C LEU SC 81 27.90 1.74 -116.58
N ALA SC 82 27.06 2.76 -116.77
CA ALA SC 82 27.56 4.09 -117.07
C ALA SC 82 28.35 4.66 -115.89
N ASN SC 83 27.83 4.49 -114.67
CA ASN SC 83 28.56 4.96 -113.50
C ASN SC 83 29.86 4.20 -113.31
N GLY SC 84 29.84 2.90 -113.59
CA GLY SC 84 31.05 2.11 -113.50
C GLY SC 84 30.91 0.87 -112.65
N ASN SC 85 29.74 0.71 -112.03
CA ASN SC 85 29.46 -0.51 -111.28
C ASN SC 85 29.28 -1.68 -112.23
N ARG SC 86 29.65 -2.87 -111.74
CA ARG SC 86 29.55 -4.09 -112.52
C ARG SC 86 28.30 -4.87 -112.12
N THR SC 87 27.50 -5.25 -113.11
CA THR SC 87 26.36 -6.12 -112.91
C THR SC 87 26.55 -7.35 -113.76
N VAL SC 88 25.77 -8.40 -113.47
CA VAL SC 88 25.80 -9.63 -114.24
C VAL SC 88 24.42 -9.87 -114.81
N ASN SC 89 24.34 -10.08 -116.12
CA ASN SC 89 23.10 -10.42 -116.81
C ASN SC 89 23.12 -11.93 -117.04
N THR SC 90 22.06 -12.62 -116.59
CA THR SC 90 22.02 -14.07 -116.62
C THR SC 90 20.87 -14.57 -117.48
N VAL SC 91 21.08 -15.75 -118.07
CA VAL SC 91 20.01 -16.52 -118.71
C VAL SC 91 20.00 -17.91 -118.10
N SER SC 92 18.90 -18.30 -117.49
CA SER SC 92 18.76 -19.64 -116.94
C SER SC 92 17.91 -20.50 -117.87
N ILE SC 93 18.32 -21.75 -118.03
CA ILE SC 93 17.59 -22.72 -118.85
C ILE SC 93 17.46 -23.97 -117.99
N GLN SC 94 16.24 -24.26 -117.53
CA GLN SC 94 15.98 -25.41 -116.68
C GLN SC 94 15.03 -26.35 -117.41
N LEU SC 95 15.47 -27.60 -117.60
CA LEU SC 95 14.66 -28.63 -118.23
C LEU SC 95 14.37 -29.69 -117.19
N SER SC 96 13.09 -29.92 -116.92
CA SER SC 96 12.65 -30.95 -115.98
C SER SC 96 11.81 -31.96 -116.74
N VAL SC 97 12.27 -33.21 -116.79
CA VAL SC 97 11.54 -34.26 -117.48
C VAL SC 97 11.32 -35.44 -116.54
N ASP SC 98 10.17 -36.07 -116.67
CA ASP SC 98 9.96 -37.35 -116.03
C ASP SC 98 10.92 -38.38 -116.62
N PRO SC 99 11.47 -39.28 -115.80
CA PRO SC 99 12.45 -40.23 -116.32
C PRO SC 99 11.92 -41.16 -117.41
N GLU SC 100 10.61 -41.32 -117.53
CA GLU SC 100 10.06 -42.15 -118.59
C GLU SC 100 10.14 -41.48 -119.96
N THR SC 101 10.50 -40.19 -120.01
CA THR SC 101 10.46 -39.43 -121.24
C THR SC 101 11.52 -39.91 -122.23
N THR SC 102 11.09 -40.13 -123.47
CA THR SC 102 11.98 -40.60 -124.51
C THR SC 102 12.92 -39.49 -124.96
N ALA SC 103 13.92 -39.86 -125.76
CA ALA SC 103 14.88 -38.87 -126.24
C ALA SC 103 14.30 -38.00 -127.33
N ALA SC 104 13.37 -38.54 -128.13
CA ALA SC 104 12.70 -37.72 -129.13
C ALA SC 104 11.80 -36.66 -128.51
N GLU SC 105 11.13 -37.01 -127.41
CA GLU SC 105 10.29 -36.04 -126.71
C GLU SC 105 11.14 -34.93 -126.09
N VAL SC 106 12.34 -35.26 -125.61
CA VAL SC 106 13.24 -34.23 -125.11
C VAL SC 106 13.78 -33.38 -126.24
N THR SC 107 14.10 -34.00 -127.38
CA THR SC 107 14.59 -33.25 -128.52
C THR SC 107 13.55 -32.24 -129.02
N THR SC 108 12.28 -32.66 -129.08
CA THR SC 108 11.22 -31.74 -129.50
C THR SC 108 11.11 -30.57 -128.55
N MET SC 109 11.16 -30.84 -127.24
CA MET SC 109 11.09 -29.77 -126.25
C MET SC 109 12.26 -28.81 -126.40
N LEU SC 110 13.47 -29.35 -126.56
CA LEU SC 110 14.65 -28.51 -126.70
C LEU SC 110 14.57 -27.64 -127.94
N ASN SC 111 14.12 -28.21 -129.06
CA ASN SC 111 14.06 -27.45 -130.30
C ASN SC 111 12.99 -26.37 -130.23
N ALA SC 112 11.82 -26.66 -129.66
CA ALA SC 112 10.81 -25.64 -129.50
C ALA SC 112 11.27 -24.52 -128.56
N ALA SC 113 11.94 -24.88 -127.46
CA ALA SC 113 12.44 -23.86 -126.55
C ALA SC 113 13.53 -23.02 -127.19
N ALA SC 114 14.29 -23.59 -128.11
CA ALA SC 114 15.33 -22.82 -128.79
C ALA SC 114 14.72 -21.69 -129.61
N GLN SC 115 13.72 -22.01 -130.44
CA GLN SC 115 13.02 -20.97 -131.18
C GLN SC 115 12.22 -20.04 -130.27
N LEU SC 116 11.87 -20.49 -129.06
CA LEU SC 116 11.17 -19.61 -128.14
C LEU SC 116 12.01 -18.41 -127.73
N LEU SC 117 13.34 -18.50 -127.84
CA LEU SC 117 14.20 -17.37 -127.48
C LEU SC 117 15.11 -16.91 -128.61
N PHE SC 118 14.81 -17.29 -129.86
CA PHE SC 118 15.48 -16.64 -130.98
C PHE SC 118 14.57 -16.28 -132.14
N ASP SC 119 13.31 -16.71 -132.16
CA ASP SC 119 12.40 -16.29 -133.23
C ASP SC 119 12.14 -14.79 -133.15
N SER SC 120 11.91 -14.18 -134.32
CA SER SC 120 11.93 -12.73 -134.42
C SER SC 120 10.76 -12.07 -133.68
N ASP SC 121 9.66 -12.79 -133.52
CA ASP SC 121 8.49 -12.22 -132.84
C ASP SC 121 8.80 -11.96 -131.37
N TYR SC 122 9.26 -13.00 -130.68
CA TYR SC 122 9.51 -12.91 -129.24
C TYR SC 122 10.64 -11.94 -128.94
N SER SC 123 11.24 -11.38 -129.99
CA SER SC 123 12.21 -10.31 -129.80
C SER SC 123 11.59 -9.16 -129.01
N ASP SC 124 10.32 -8.88 -129.23
CA ASP SC 124 9.68 -7.83 -128.44
C ASP SC 124 9.46 -8.23 -127.00
N PHE SC 125 9.27 -9.52 -126.73
CA PHE SC 125 9.07 -9.99 -125.37
C PHE SC 125 10.35 -10.01 -124.55
N TRP SC 126 11.48 -10.35 -125.16
CA TRP SC 126 12.73 -10.46 -124.42
C TRP SC 126 13.39 -9.10 -124.19
N LYS SC 127 13.39 -8.23 -125.20
CA LYS SC 127 14.03 -6.93 -125.10
C LYS SC 127 13.09 -5.87 -124.54
N ALA SC 128 11.95 -5.65 -125.20
CA ALA SC 128 11.00 -4.63 -124.78
C ALA SC 128 10.13 -5.06 -123.61
N GLN SC 129 10.18 -6.34 -123.23
CA GLN SC 129 9.35 -6.87 -122.14
C GLN SC 129 7.86 -6.68 -122.46
N ALA SC 130 7.51 -6.90 -123.72
CA ALA SC 130 6.19 -6.63 -124.26
C ALA SC 130 5.42 -7.92 -124.45
N LEU SC 131 4.37 -8.11 -123.65
CA LEU SC 131 3.57 -9.33 -123.72
C LEU SC 131 2.76 -9.42 -125.01
N ALA SC 132 2.35 -8.29 -125.56
CA ALA SC 132 1.64 -8.31 -126.83
C ALA SC 132 2.09 -7.17 -127.73
N ALA TC 1 31.57 -33.06 -125.00
CA ALA TC 1 30.39 -32.45 -124.39
C ALA TC 1 30.75 -31.12 -123.75
N ILE TC 2 30.31 -30.92 -122.51
CA ILE TC 2 30.69 -29.72 -121.77
C ILE TC 2 32.12 -29.88 -121.29
N ALA TC 3 33.07 -29.32 -122.04
CA ALA TC 3 34.49 -29.51 -121.78
C ALA TC 3 35.32 -28.74 -122.78
N ASN TC 4 35.08 -28.97 -124.07
CA ASN TC 4 35.80 -28.30 -125.14
C ASN TC 4 34.85 -27.87 -126.25
N SER TC 5 33.56 -27.74 -125.92
CA SER TC 5 32.55 -27.43 -126.93
C SER TC 5 32.73 -26.00 -127.44
N SER TC 6 32.29 -25.78 -128.68
CA SER TC 6 32.40 -24.49 -129.35
C SER TC 6 31.01 -23.89 -129.52
N ILE TC 7 30.87 -22.62 -129.17
CA ILE TC 7 29.63 -21.87 -129.35
C ILE TC 7 29.93 -20.63 -130.19
N ALA TC 8 29.13 -20.41 -131.24
CA ALA TC 8 29.37 -19.31 -132.17
C ALA TC 8 28.70 -18.05 -131.64
N ILE TC 9 29.49 -17.20 -130.99
CA ILE TC 9 28.98 -15.97 -130.39
C ILE TC 9 28.59 -15.00 -131.50
N ASP TC 10 27.44 -14.34 -131.32
CA ASP TC 10 26.93 -13.33 -132.25
C ASP TC 10 26.76 -13.89 -133.65
N SER TC 11 26.13 -15.05 -133.73
CA SER TC 11 25.80 -15.69 -134.99
C SER TC 11 24.30 -15.54 -135.27
N THR TC 12 23.85 -16.13 -136.37
CA THR TC 12 22.45 -16.14 -136.74
C THR TC 12 21.93 -17.57 -136.69
N ALA TC 13 20.89 -17.80 -135.89
CA ALA TC 13 20.29 -19.11 -135.73
C ALA TC 13 19.00 -19.19 -136.53
N SER TC 14 18.84 -20.27 -137.28
CA SER TC 14 17.66 -20.48 -138.11
C SER TC 14 17.13 -21.89 -137.91
N VAL TC 15 16.03 -22.19 -138.58
CA VAL TC 15 15.33 -23.47 -138.46
C VAL TC 15 14.90 -23.93 -139.84
N THR TC 16 15.08 -25.23 -140.11
CA THR TC 16 14.61 -25.84 -141.35
C THR TC 16 13.80 -27.08 -141.02
N GLY TC 17 12.89 -27.43 -141.92
CA GLY TC 17 12.04 -28.59 -141.70
C GLY TC 17 10.97 -28.31 -140.67
N GLY TC 18 10.35 -29.40 -140.20
CA GLY TC 18 9.36 -29.32 -139.15
C GLY TC 18 7.99 -28.88 -139.66
N THR TC 19 7.06 -28.79 -138.71
CA THR TC 19 5.72 -28.30 -138.96
C THR TC 19 5.52 -26.96 -138.24
N ALA TC 20 4.97 -26.00 -138.95
CA ALA TC 20 4.78 -24.64 -138.45
C ALA TC 20 3.45 -24.58 -137.71
N ARG TC 21 3.52 -24.49 -136.39
CA ARG TC 21 2.32 -24.30 -135.58
C ARG TC 21 2.16 -22.83 -135.21
N THR TC 22 0.94 -22.48 -134.78
CA THR TC 22 0.57 -21.07 -134.71
C THR TC 22 0.81 -20.46 -133.34
N VAL TC 23 0.55 -21.21 -132.27
CA VAL TC 23 0.56 -20.70 -130.90
C VAL TC 23 -0.64 -19.77 -130.72
N LYS TC 24 -1.51 -20.07 -129.77
CA LYS TC 24 -2.76 -19.33 -129.58
C LYS TC 24 -2.84 -18.90 -128.14
N GLU TC 25 -3.22 -17.64 -127.91
CA GLU TC 25 -3.34 -17.13 -126.54
C GLU TC 25 -4.54 -17.77 -125.85
N LEU TC 26 -4.33 -18.25 -124.62
CA LEU TC 26 -5.42 -18.76 -123.81
C LEU TC 26 -5.97 -17.70 -122.86
N VAL TC 27 -5.13 -17.23 -121.94
CA VAL TC 27 -5.55 -16.41 -120.81
C VAL TC 27 -4.46 -15.39 -120.54
N ARG TC 28 -4.88 -14.19 -120.14
CA ARG TC 28 -3.97 -13.10 -119.85
C ARG TC 28 -4.11 -12.74 -118.38
N ASN TC 29 -3.48 -11.62 -118.00
CA ASN TC 29 -3.49 -11.09 -116.63
C ASN TC 29 -2.56 -11.86 -115.71
N ASN TC 30 -1.72 -11.12 -114.97
CA ASN TC 30 -1.41 -9.74 -115.29
C ASN TC 30 0.10 -9.63 -115.24
N SER TC 31 0.68 -9.08 -116.31
CA SER TC 31 2.09 -9.27 -116.62
C SER TC 31 2.40 -10.76 -116.72
N GLU TC 32 1.45 -11.50 -117.29
CA GLU TC 32 1.52 -12.95 -117.39
C GLU TC 32 0.63 -13.42 -118.55
N LEU TC 33 1.25 -13.86 -119.64
CA LEU TC 33 0.50 -14.41 -120.76
C LEU TC 33 0.50 -15.93 -120.71
N ASN TC 34 -0.58 -16.52 -121.22
CA ASN TC 34 -0.69 -17.97 -121.33
C ASN TC 34 -1.16 -18.31 -122.73
N ALA TC 35 -0.44 -19.19 -123.40
CA ALA TC 35 -0.76 -19.56 -124.78
C ALA TC 35 -0.65 -21.08 -124.90
N TYR TC 36 -0.83 -21.58 -126.12
CA TYR TC 36 -0.66 -23.00 -126.37
C TYR TC 36 -0.31 -23.19 -127.83
N ILE TC 37 0.59 -24.13 -128.11
CA ILE TC 37 1.00 -24.42 -129.48
C ILE TC 37 -0.04 -25.36 -130.07
N ASP TC 38 -0.78 -24.88 -131.06
CA ASP TC 38 -1.87 -25.64 -131.66
C ASP TC 38 -1.33 -26.57 -132.73
N GLU TC 39 -1.34 -27.87 -132.44
CA GLU TC 39 -0.92 -28.88 -133.40
C GLU TC 39 -1.99 -29.94 -133.60
N GLY TC 40 -3.26 -29.55 -133.41
CA GLY TC 40 -4.36 -30.48 -133.58
C GLY TC 40 -4.37 -31.62 -132.58
N LEU TC 41 -4.06 -31.33 -131.32
CA LEU TC 41 -4.07 -32.34 -130.28
C LEU TC 41 -5.22 -32.08 -129.32
N SER TC 42 -5.43 -33.00 -128.39
CA SER TC 42 -6.51 -32.88 -127.44
C SER TC 42 -6.19 -31.86 -126.36
N PHE TC 43 -7.17 -31.59 -125.50
CA PHE TC 43 -7.01 -30.57 -124.47
C PHE TC 43 -5.96 -30.97 -123.43
N GLN TC 44 -5.85 -32.26 -123.13
CA GLN TC 44 -4.89 -32.71 -122.13
C GLN TC 44 -3.49 -32.93 -122.71
N ALA TC 45 -3.34 -32.92 -124.03
CA ALA TC 45 -2.08 -33.26 -124.68
C ALA TC 45 -1.49 -32.08 -125.44
N ARG TC 46 -1.97 -30.87 -125.17
CA ARG TC 46 -1.48 -29.70 -125.87
C ARG TC 46 -0.27 -29.10 -125.16
N LYS TC 47 0.55 -28.37 -125.92
CA LYS TC 47 1.83 -27.86 -125.46
C LYS TC 47 1.72 -26.84 -124.32
N GLU TC 48 1.02 -25.73 -124.55
CA GLU TC 48 0.78 -24.72 -123.52
C GLU TC 48 2.01 -24.00 -122.97
N VAL TC 49 2.64 -23.13 -123.76
CA VAL TC 49 3.73 -22.28 -123.30
C VAL TC 49 3.15 -21.05 -122.60
N ALA TC 50 3.78 -20.64 -121.49
CA ALA TC 50 3.39 -19.46 -120.72
C ALA TC 50 4.50 -18.43 -120.69
N PHE TC 51 4.12 -17.15 -120.65
CA PHE TC 51 5.04 -16.03 -120.71
C PHE TC 51 4.84 -15.12 -119.51
N SER TC 52 5.87 -14.96 -118.69
CA SER TC 52 5.80 -14.12 -117.51
C SER TC 52 6.74 -12.93 -117.67
N VAL TC 53 6.54 -11.92 -116.83
CA VAL TC 53 7.31 -10.68 -116.94
C VAL TC 53 7.39 -9.99 -115.58
N LYS TC 54 8.59 -9.55 -115.20
CA LYS TC 54 8.80 -8.72 -114.02
C LYS TC 54 9.49 -7.45 -114.47
N VAL TC 55 8.78 -6.32 -114.37
CA VAL TC 55 9.31 -5.05 -114.89
C VAL TC 55 10.41 -4.55 -113.96
N PRO TC 56 11.34 -3.72 -114.45
CA PRO TC 56 12.38 -3.18 -113.55
C PRO TC 56 11.78 -2.30 -112.47
N LYS TC 57 12.12 -2.59 -111.23
CA LYS TC 57 11.59 -1.86 -110.08
C LYS TC 57 12.65 -0.89 -109.57
N VAL TC 58 12.22 0.30 -109.18
CA VAL TC 58 13.15 1.34 -108.73
C VAL TC 58 13.62 1.02 -107.33
N SER TC 59 14.80 0.39 -107.22
CA SER TC 59 15.41 0.14 -105.92
C SER TC 59 16.42 1.24 -105.61
N VAL TC 60 17.24 1.04 -104.58
CA VAL TC 60 18.24 2.03 -104.20
C VAL TC 60 19.63 1.40 -104.20
N SER TC 61 19.77 0.28 -103.50
CA SER TC 61 21.08 -0.35 -103.32
C SER TC 61 21.31 -1.41 -104.39
N ALA TC 62 21.28 -0.95 -105.65
CA ALA TC 62 21.49 -1.86 -106.76
C ALA TC 62 22.37 -1.19 -107.81
N PRO TC 63 23.12 -1.96 -108.58
CA PRO TC 63 23.83 -1.37 -109.72
C PRO TC 63 22.87 -0.69 -110.68
N GLY TC 64 23.22 0.51 -111.12
CA GLY TC 64 22.38 1.25 -112.03
C GLY TC 64 21.27 2.01 -111.32
N GLY TC 65 20.74 1.42 -110.26
CA GLY TC 65 19.70 2.05 -109.48
C GLY TC 65 18.44 1.20 -109.35
N PHE TC 66 18.04 0.54 -110.43
CA PHE TC 66 16.81 -0.23 -110.43
C PHE TC 66 17.14 -1.71 -110.24
N THR TC 67 16.09 -2.52 -110.02
CA THR TC 67 16.22 -3.96 -110.08
C THR TC 67 16.24 -4.41 -111.54
N GLN TC 68 16.37 -5.71 -111.74
CA GLN TC 68 16.56 -6.25 -113.07
C GLN TC 68 15.24 -6.50 -113.77
N ALA TC 69 15.28 -6.46 -115.10
CA ALA TC 69 14.11 -6.75 -115.94
C ALA TC 69 14.06 -8.24 -116.17
N ARG TC 70 13.20 -8.93 -115.41
CA ARG TC 70 13.05 -10.37 -115.53
C ARG TC 70 12.00 -10.72 -116.58
N SER TC 71 12.26 -11.77 -117.35
CA SER TC 71 11.36 -12.20 -118.41
C SER TC 71 11.43 -13.73 -118.47
N THR TC 72 10.35 -14.39 -118.09
CA THR TC 72 10.32 -15.84 -117.97
C THR TC 72 9.38 -16.46 -118.99
N VAL TC 73 9.78 -17.63 -119.49
CA VAL TC 73 8.98 -18.44 -120.40
C VAL TC 73 9.03 -19.85 -119.85
N ILE TC 74 7.87 -20.52 -119.80
CA ILE TC 74 7.81 -21.93 -119.42
C ILE TC 74 7.02 -22.68 -120.48
N LEU TC 75 7.70 -23.59 -121.18
CA LEU TC 75 7.04 -24.49 -122.12
C LEU TC 75 6.69 -25.77 -121.36
N LYS TC 76 5.40 -26.06 -121.26
CA LYS TC 76 4.94 -27.32 -120.68
C LYS TC 76 4.76 -28.34 -121.80
N SER TC 77 4.75 -29.61 -121.41
CA SER TC 77 4.60 -30.72 -122.36
C SER TC 77 3.99 -31.90 -121.63
N PRO TC 78 2.73 -32.21 -121.88
CA PRO TC 78 2.10 -33.35 -121.19
C PRO TC 78 2.72 -34.67 -121.61
N LYS TC 79 2.68 -35.64 -120.71
CA LYS TC 79 3.13 -36.98 -121.02
C LYS TC 79 2.39 -37.97 -120.14
N THR TC 80 1.89 -39.04 -120.75
CA THR TC 80 1.23 -40.11 -120.03
C THR TC 80 2.23 -41.23 -119.77
N LEU TC 81 2.12 -41.86 -118.60
CA LEU TC 81 3.13 -42.79 -118.14
C LEU TC 81 2.73 -44.23 -118.40
N ALA TC 82 3.60 -45.15 -118.00
CA ALA TC 82 3.38 -46.58 -118.19
C ALA TC 82 2.34 -47.14 -117.24
N ASN TC 83 1.92 -46.37 -116.24
CA ASN TC 83 0.84 -46.75 -115.34
C ASN TC 83 -0.45 -46.00 -115.61
N GLY TC 84 -0.49 -45.16 -116.65
CA GLY TC 84 -1.67 -44.42 -117.02
C GLY TC 84 -1.80 -43.05 -116.42
N ASN TC 85 -0.92 -42.67 -115.49
CA ASN TC 85 -0.99 -41.34 -114.91
C ASN TC 85 -0.43 -40.29 -115.86
N ARG TC 86 -0.77 -39.03 -115.59
CA ARG TC 86 -0.38 -37.90 -116.43
C ARG TC 86 0.59 -37.04 -115.65
N THR TC 87 1.67 -36.62 -116.30
CA THR TC 87 2.62 -35.68 -115.75
C THR TC 87 2.99 -34.64 -116.81
N VAL TC 88 3.79 -33.66 -116.41
CA VAL TC 88 4.20 -32.57 -117.30
C VAL TC 88 5.71 -32.43 -117.25
N ASN TC 89 6.33 -32.36 -118.42
CA ASN TC 89 7.73 -31.97 -118.55
C ASN TC 89 7.77 -30.48 -118.83
N THR TC 90 8.78 -29.79 -118.33
CA THR TC 90 8.85 -28.34 -118.50
C THR TC 90 10.23 -27.92 -118.97
N VAL TC 91 10.24 -26.84 -119.74
CA VAL TC 91 11.45 -26.09 -120.04
C VAL TC 91 11.25 -24.66 -119.57
N SER TC 92 12.07 -24.20 -118.64
CA SER TC 92 11.94 -22.86 -118.10
C SER TC 92 13.15 -22.02 -118.51
N ILE TC 93 12.89 -20.87 -119.12
CA ILE TC 93 13.92 -19.94 -119.56
C ILE TC 93 13.66 -18.60 -118.89
N GLN TC 94 14.60 -18.15 -118.07
CA GLN TC 94 14.52 -16.85 -117.44
C GLN TC 94 15.64 -15.96 -117.95
N LEU TC 95 15.28 -14.80 -118.48
CA LEU TC 95 16.24 -13.79 -118.90
C LEU TC 95 16.14 -12.65 -117.89
N SER TC 96 17.29 -12.32 -117.29
CA SER TC 96 17.33 -11.28 -116.25
C SER TC 96 18.49 -10.35 -116.58
N VAL TC 97 18.17 -9.21 -117.20
CA VAL TC 97 19.16 -8.22 -117.56
C VAL TC 97 18.89 -6.94 -116.78
N ASP TC 98 19.90 -6.09 -116.67
CA ASP TC 98 19.74 -4.75 -116.14
C ASP TC 98 19.06 -3.87 -117.18
N PRO TC 99 18.28 -2.88 -116.74
CA PRO TC 99 17.57 -2.04 -117.71
C PRO TC 99 18.49 -1.28 -118.65
N GLU TC 100 19.73 -1.05 -118.27
CA GLU TC 100 20.71 -0.34 -119.10
C GLU TC 100 21.24 -1.19 -120.23
N THR TC 101 20.87 -2.47 -120.30
CA THR TC 101 21.35 -3.36 -121.34
C THR TC 101 20.72 -2.98 -122.69
N THR TC 102 21.55 -3.01 -123.73
CA THR TC 102 21.09 -2.71 -125.08
C THR TC 102 20.47 -3.94 -125.73
N ALA TC 103 19.83 -3.72 -126.87
CA ALA TC 103 19.16 -4.80 -127.57
C ALA TC 103 20.15 -5.81 -128.14
N ALA TC 104 21.31 -5.33 -128.61
CA ALA TC 104 22.29 -6.23 -129.21
C ALA TC 104 22.93 -7.14 -128.17
N GLU TC 105 23.16 -6.64 -126.96
CA GLU TC 105 23.65 -7.50 -125.88
C GLU TC 105 22.65 -8.60 -125.55
N VAL TC 106 21.37 -8.25 -125.49
CA VAL TC 106 20.34 -9.25 -125.22
C VAL TC 106 20.26 -10.25 -126.36
N THR TC 107 20.44 -9.78 -127.59
CA THR TC 107 20.46 -10.66 -128.75
C THR TC 107 21.60 -11.66 -128.64
N THR TC 108 22.79 -11.19 -128.24
CA THR TC 108 23.93 -12.09 -128.07
C THR TC 108 23.66 -13.11 -126.98
N MET TC 109 23.12 -12.67 -125.84
CA MET TC 109 22.82 -13.59 -124.75
C MET TC 109 21.81 -14.64 -125.19
N LEU TC 110 20.77 -14.22 -125.90
CA LEU TC 110 19.74 -15.15 -126.34
C LEU TC 110 20.30 -16.15 -127.35
N ASN TC 111 21.18 -15.68 -128.25
CA ASN TC 111 21.78 -16.59 -129.21
C ASN TC 111 22.66 -17.63 -128.53
N ALA TC 112 23.46 -17.19 -127.55
CA ALA TC 112 24.30 -18.15 -126.83
C ALA TC 112 23.45 -19.16 -126.06
N ALA TC 113 22.41 -18.68 -125.39
CA ALA TC 113 21.54 -19.58 -124.64
C ALA TC 113 20.80 -20.55 -125.55
N ALA TC 114 20.33 -20.08 -126.71
CA ALA TC 114 19.69 -20.97 -127.66
C ALA TC 114 20.68 -22.01 -128.19
N GLN TC 115 21.92 -21.59 -128.46
CA GLN TC 115 22.94 -22.55 -128.88
C GLN TC 115 23.14 -23.62 -127.84
N LEU TC 116 23.11 -23.25 -126.55
CA LEU TC 116 23.22 -24.25 -125.49
C LEU TC 116 21.85 -24.85 -125.22
N LEU TC 117 21.13 -25.17 -126.31
CA LEU TC 117 19.88 -25.91 -126.20
C LEU TC 117 19.78 -26.97 -127.29
N PHE TC 118 20.34 -26.67 -128.46
CA PHE TC 118 20.22 -27.54 -129.62
C PHE TC 118 21.55 -27.97 -130.22
N ASP TC 119 22.67 -27.43 -129.75
CA ASP TC 119 23.97 -27.84 -130.24
C ASP TC 119 24.22 -29.31 -129.92
N SER TC 120 24.77 -30.03 -130.90
CA SER TC 120 24.94 -31.48 -130.76
C SER TC 120 25.89 -31.82 -129.62
N ASP TC 121 26.75 -30.88 -129.23
CA ASP TC 121 27.71 -31.11 -128.16
C ASP TC 121 26.99 -31.32 -126.83
N TYR TC 122 25.94 -30.54 -126.56
CA TYR TC 122 25.18 -30.71 -125.34
C TYR TC 122 23.93 -31.54 -125.58
N SER TC 123 24.11 -32.79 -125.98
CA SER TC 123 22.97 -33.69 -126.14
C SER TC 123 22.94 -34.67 -124.97
N ASP TC 124 24.09 -35.21 -124.61
CA ASP TC 124 24.17 -36.11 -123.47
C ASP TC 124 23.82 -35.40 -122.17
N PHE TC 125 24.03 -34.09 -122.10
CA PHE TC 125 23.71 -33.35 -120.89
C PHE TC 125 22.21 -33.23 -120.64
N TRP TC 126 21.42 -33.04 -121.70
CA TRP TC 126 19.98 -32.87 -121.54
C TRP TC 126 19.27 -34.21 -121.43
N LYS TC 127 19.57 -35.14 -122.34
CA LYS TC 127 18.85 -36.40 -122.37
C LYS TC 127 19.49 -37.42 -121.42
N ALA TC 128 20.79 -37.67 -121.58
CA ALA TC 128 21.46 -38.64 -120.73
C ALA TC 128 21.82 -38.07 -119.36
N GLN TC 129 21.65 -36.76 -119.16
CA GLN TC 129 22.06 -36.09 -117.93
C GLN TC 129 23.54 -36.32 -117.62
N ALA TC 130 24.36 -36.34 -118.67
CA ALA TC 130 25.78 -36.62 -118.57
C ALA TC 130 26.54 -35.31 -118.47
N LEU TC 131 27.04 -34.99 -117.28
CA LEU TC 131 27.75 -33.75 -117.05
C LEU TC 131 29.06 -33.70 -117.82
N ALA TC 132 29.60 -34.87 -118.18
CA ALA TC 132 30.80 -34.92 -119.02
C ALA TC 132 30.94 -36.28 -119.69
N ALA UC 1 76.32 -19.62 -106.00
CA ALA UC 1 75.40 -19.60 -104.86
C ALA UC 1 74.32 -18.53 -105.05
N ILE UC 2 73.60 -18.22 -103.97
CA ILE UC 2 72.50 -17.28 -104.05
C ILE UC 2 72.99 -15.90 -104.44
N ALA UC 3 74.08 -15.44 -103.81
CA ALA UC 3 74.63 -14.14 -104.14
C ALA UC 3 75.21 -14.13 -105.55
N ASN UC 4 74.82 -13.12 -106.34
CA ASN UC 4 75.28 -12.95 -107.71
C ASN UC 4 74.89 -14.13 -108.60
N SER UC 5 73.78 -14.79 -108.25
CA SER UC 5 73.21 -15.83 -109.09
C SER UC 5 72.48 -15.19 -110.26
N SER UC 6 72.54 -15.82 -111.42
CA SER UC 6 71.91 -15.30 -112.62
C SER UC 6 70.66 -16.09 -112.96
N ILE UC 7 69.59 -15.37 -113.28
CA ILE UC 7 68.31 -15.96 -113.69
C ILE UC 7 67.91 -15.33 -115.02
N ALA UC 8 67.56 -16.16 -115.99
CA ALA UC 8 67.20 -15.68 -117.33
C ALA UC 8 65.71 -15.42 -117.38
N ILE UC 9 65.33 -14.16 -117.42
CA ILE UC 9 63.92 -13.75 -117.40
C ILE UC 9 63.32 -13.93 -118.79
N ASP UC 10 62.06 -14.40 -118.84
CA ASP UC 10 61.33 -14.63 -120.08
C ASP UC 10 62.06 -15.64 -120.96
N SER UC 11 62.15 -16.86 -120.43
CA SER UC 11 62.92 -17.91 -121.06
C SER UC 11 62.06 -19.15 -121.23
N THR UC 12 62.35 -19.90 -122.30
CA THR UC 12 61.73 -21.20 -122.47
C THR UC 12 62.45 -22.24 -121.63
N ALA UC 13 61.69 -23.03 -120.89
CA ALA UC 13 62.22 -24.07 -120.02
C ALA UC 13 61.96 -25.41 -120.70
N SER UC 14 63.03 -26.11 -121.09
CA SER UC 14 62.91 -27.44 -121.65
C SER UC 14 63.15 -28.48 -120.56
N VAL UC 15 63.07 -29.74 -120.94
CA VAL UC 15 63.40 -30.85 -120.05
C VAL UC 15 63.71 -32.09 -120.87
N THR UC 16 64.87 -32.71 -120.61
CA THR UC 16 65.30 -33.89 -121.35
C THR UC 16 65.96 -34.86 -120.38
N GLY UC 17 65.19 -35.74 -119.77
CA GLY UC 17 65.77 -36.82 -119.00
C GLY UC 17 65.12 -38.17 -119.24
N GLY UC 18 63.98 -38.17 -119.91
CA GLY UC 18 63.24 -39.41 -120.12
C GLY UC 18 62.37 -39.77 -118.93
N THR UC 19 61.96 -41.04 -118.86
CA THR UC 19 61.13 -41.55 -117.77
C THR UC 19 59.81 -40.79 -117.68
N ALA UC 20 59.07 -40.82 -118.79
CA ALA UC 20 57.83 -40.07 -118.90
C ALA UC 20 56.69 -40.76 -118.14
N ARG UC 21 56.46 -40.36 -116.90
CA ARG UC 21 55.40 -40.90 -116.10
C ARG UC 21 54.06 -40.24 -116.43
N THR UC 22 53.03 -40.59 -115.67
CA THR UC 22 51.68 -40.12 -115.91
C THR UC 22 51.04 -39.72 -114.59
N VAL UC 23 50.44 -38.53 -114.57
CA VAL UC 23 49.68 -38.08 -113.42
C VAL UC 23 48.24 -38.58 -113.57
N LYS UC 24 47.82 -39.43 -112.64
CA LYS UC 24 46.46 -39.96 -112.62
C LYS UC 24 45.73 -39.39 -111.41
N GLU UC 25 44.53 -38.85 -111.64
CA GLU UC 25 43.80 -38.24 -110.54
C GLU UC 25 43.18 -39.32 -109.66
N LEU UC 26 43.04 -38.98 -108.37
CA LEU UC 26 42.48 -39.91 -107.41
C LEU UC 26 41.11 -39.45 -106.94
N VAL UC 27 41.00 -38.26 -106.37
CA VAL UC 27 39.74 -37.74 -105.83
C VAL UC 27 39.66 -36.25 -106.18
N ARG UC 28 38.58 -35.63 -105.75
CA ARG UC 28 38.37 -34.21 -106.06
C ARG UC 28 38.06 -33.35 -104.85
N ASN UC 29 37.45 -33.91 -103.81
CA ASN UC 29 36.82 -33.18 -102.69
C ASN UC 29 36.48 -31.72 -103.02
N ASN UC 30 36.71 -30.83 -102.05
CA ASN UC 30 36.21 -29.45 -102.14
C ASN UC 30 37.23 -28.59 -102.88
N SER UC 31 36.95 -28.30 -104.15
CA SER UC 31 37.74 -27.38 -104.97
C SER UC 31 39.22 -27.77 -104.96
N GLU UC 32 39.46 -29.07 -105.04
CA GLU UC 32 40.80 -29.63 -104.96
C GLU UC 32 40.93 -30.68 -106.06
N LEU UC 33 42.13 -31.22 -106.23
CA LEU UC 33 42.36 -32.32 -107.14
C LEU UC 33 43.56 -33.13 -106.69
N ASN UC 34 43.30 -34.24 -106.02
CA ASN UC 34 44.39 -35.09 -105.53
C ASN UC 34 44.71 -36.13 -106.59
N ALA UC 35 45.94 -36.11 -107.08
CA ALA UC 35 46.42 -37.04 -108.08
C ALA UC 35 47.64 -37.78 -107.56
N TYR UC 36 48.24 -38.60 -108.41
CA TYR UC 36 49.45 -39.33 -108.05
C TYR UC 36 50.21 -39.67 -109.32
N ILE UC 37 51.52 -39.82 -109.19
CA ILE UC 37 52.38 -40.13 -110.33
C ILE UC 37 52.54 -41.64 -110.41
N ASP UC 38 52.28 -42.21 -111.59
CA ASP UC 38 52.27 -43.66 -111.78
C ASP UC 38 53.67 -44.13 -112.15
N GLU UC 39 54.40 -44.59 -111.14
CA GLU UC 39 55.74 -45.12 -111.32
C GLU UC 39 55.87 -46.59 -110.97
N GLY UC 40 54.78 -47.26 -110.65
CA GLY UC 40 54.80 -48.66 -110.27
C GLY UC 40 55.20 -48.94 -108.84
N LEU UC 41 55.33 -47.92 -108.00
CA LEU UC 41 55.67 -48.11 -106.60
C LEU UC 41 54.48 -48.70 -105.85
N SER UC 42 54.65 -48.90 -104.54
CA SER UC 42 53.59 -49.44 -103.73
C SER UC 42 52.46 -48.43 -103.58
N PHE UC 43 51.38 -48.86 -102.91
CA PHE UC 43 50.22 -48.00 -102.75
C PHE UC 43 50.51 -46.84 -101.81
N GLN UC 44 51.17 -47.12 -100.69
CA GLN UC 44 51.54 -46.08 -99.73
C GLN UC 44 53.00 -45.67 -99.87
N ALA UC 45 53.56 -45.85 -101.07
CA ALA UC 45 54.90 -45.34 -101.37
C ALA UC 45 54.92 -44.52 -102.65
N ARG UC 46 53.77 -44.24 -103.25
CA ARG UC 46 53.70 -43.46 -104.48
C ARG UC 46 53.76 -41.98 -104.17
N LYS UC 47 54.07 -41.15 -105.17
CA LYS UC 47 54.12 -39.71 -104.98
C LYS UC 47 52.79 -39.12 -105.43
N GLU UC 48 52.07 -38.50 -104.49
CA GLU UC 48 50.78 -37.87 -104.77
C GLU UC 48 50.99 -36.37 -104.82
N VAL UC 49 50.53 -35.75 -105.91
CA VAL UC 49 50.54 -34.30 -106.01
C VAL UC 49 49.11 -33.78 -105.97
N ALA UC 50 48.86 -32.83 -105.09
CA ALA UC 50 47.55 -32.25 -104.88
C ALA UC 50 47.49 -30.82 -105.44
N PHE UC 51 46.44 -30.54 -106.21
CA PHE UC 51 46.19 -29.26 -106.83
C PHE UC 51 45.00 -28.60 -106.13
N SER UC 52 45.02 -27.27 -106.02
CA SER UC 52 43.91 -26.57 -105.41
C SER UC 52 43.82 -25.14 -105.92
N VAL UC 53 42.58 -24.64 -106.06
CA VAL UC 53 42.35 -23.29 -106.54
C VAL UC 53 41.54 -22.52 -105.50
N LYS UC 54 41.79 -21.21 -105.45
CA LYS UC 54 41.18 -20.28 -104.53
C LYS UC 54 40.87 -19.00 -105.32
N VAL UC 55 39.98 -19.15 -106.30
CA VAL UC 55 39.46 -18.08 -107.16
C VAL UC 55 39.08 -16.83 -106.36
N PRO UC 56 39.11 -15.65 -106.98
CA PRO UC 56 38.87 -14.41 -106.23
C PRO UC 56 37.41 -14.28 -105.79
N LYS UC 57 37.24 -13.49 -104.73
CA LYS UC 57 35.92 -13.21 -104.16
C LYS UC 57 35.77 -11.70 -104.03
N VAL UC 58 34.67 -11.16 -104.57
CA VAL UC 58 34.48 -9.71 -104.64
C VAL UC 58 34.42 -9.12 -103.24
N SER UC 59 35.41 -8.29 -102.91
CA SER UC 59 35.51 -7.68 -101.60
C SER UC 59 35.34 -6.16 -101.72
N VAL UC 60 35.38 -5.46 -100.58
CA VAL UC 60 35.37 -4.01 -100.53
C VAL UC 60 36.77 -3.45 -100.31
N SER UC 61 37.59 -4.18 -99.55
CA SER UC 61 39.02 -3.96 -99.38
C SER UC 61 39.74 -4.48 -100.61
N ALA UC 62 41.04 -4.81 -100.48
CA ALA UC 62 41.82 -5.33 -101.60
C ALA UC 62 42.00 -4.27 -102.68
N PRO UC 63 42.97 -3.38 -102.50
CA PRO UC 63 43.07 -2.19 -103.36
C PRO UC 63 43.37 -2.54 -104.80
N GLY UC 64 42.29 -2.73 -105.55
CA GLY UC 64 42.29 -3.39 -106.85
C GLY UC 64 40.96 -4.07 -107.04
N GLY UC 65 40.18 -4.14 -105.97
CA GLY UC 65 38.79 -4.53 -106.04
C GLY UC 65 38.42 -5.77 -105.24
N PHE UC 66 39.25 -6.81 -105.30
CA PHE UC 66 38.97 -8.07 -104.62
C PHE UC 66 40.21 -8.95 -104.57
N THR UC 67 40.12 -9.97 -103.73
CA THR UC 67 41.26 -10.80 -103.33
C THR UC 67 41.91 -11.46 -104.54
N GLN UC 68 43.15 -11.90 -104.35
CA GLN UC 68 43.90 -12.53 -105.41
C GLN UC 68 43.42 -13.96 -105.64
N ALA UC 69 43.79 -14.48 -106.81
CA ALA UC 69 43.43 -15.84 -107.22
C ALA UC 69 44.61 -16.76 -106.94
N ARG UC 70 44.50 -17.63 -105.94
CA ARG UC 70 45.65 -18.43 -105.57
C ARG UC 70 45.55 -19.86 -106.08
N SER UC 71 46.69 -20.42 -106.48
CA SER UC 71 46.77 -21.79 -106.99
C SER UC 71 47.88 -22.51 -106.24
N THR UC 72 47.54 -23.62 -105.60
CA THR UC 72 48.51 -24.38 -104.82
C THR UC 72 48.75 -25.76 -105.40
N VAL UC 73 50.01 -26.18 -105.37
CA VAL UC 73 50.43 -27.52 -105.75
C VAL UC 73 51.34 -28.08 -104.66
N ILE UC 74 50.98 -29.22 -104.10
CA ILE UC 74 51.81 -29.88 -103.09
C ILE UC 74 52.21 -31.25 -103.60
N LEU UC 75 53.51 -31.49 -103.72
CA LEU UC 75 54.05 -32.77 -104.17
C LEU UC 75 54.54 -33.52 -102.94
N LYS UC 76 53.90 -34.64 -102.64
CA LYS UC 76 54.25 -35.44 -101.47
C LYS UC 76 55.02 -36.68 -101.91
N SER UC 77 56.29 -36.75 -101.53
CA SER UC 77 57.15 -37.88 -101.85
C SER UC 77 57.42 -38.67 -100.57
N PRO UC 78 56.92 -39.89 -100.43
CA PRO UC 78 57.14 -40.62 -99.19
C PRO UC 78 58.55 -41.21 -99.14
N LYS UC 79 59.02 -41.49 -97.93
CA LYS UC 79 60.37 -41.99 -97.71
C LYS UC 79 60.41 -42.83 -96.44
N THR UC 80 61.03 -44.00 -96.53
CA THR UC 80 61.24 -44.87 -95.39
C THR UC 80 62.62 -44.57 -94.81
N LEU UC 81 62.66 -44.22 -93.53
CA LEU UC 81 63.91 -43.85 -92.88
C LEU UC 81 64.69 -45.09 -92.44
N ALA UC 82 65.94 -44.87 -92.02
CA ALA UC 82 66.77 -45.97 -91.55
C ALA UC 82 66.22 -46.59 -90.28
N ASN UC 83 65.69 -45.76 -89.38
CA ASN UC 83 65.09 -46.29 -88.15
C ASN UC 83 63.92 -47.19 -88.44
N GLY UC 84 63.33 -47.08 -89.63
CA GLY UC 84 62.28 -48.01 -90.02
C GLY UC 84 60.94 -47.33 -90.28
N ASN UC 85 60.71 -46.20 -89.61
CA ASN UC 85 59.45 -45.49 -89.76
C ASN UC 85 59.38 -44.82 -91.13
N ARG UC 86 58.23 -44.21 -91.40
CA ARG UC 86 57.94 -43.57 -92.67
C ARG UC 86 57.66 -42.09 -92.46
N THR UC 87 58.04 -41.29 -93.44
CA THR UC 87 57.81 -39.84 -93.39
C THR UC 87 57.51 -39.39 -94.82
N VAL UC 88 57.06 -38.15 -94.97
CA VAL UC 88 56.79 -37.58 -96.28
C VAL UC 88 57.60 -36.31 -96.44
N ASN UC 89 58.26 -36.17 -97.58
CA ASN UC 89 59.00 -34.98 -97.95
C ASN UC 89 58.13 -34.24 -98.97
N THR UC 90 57.80 -32.98 -98.66
CA THR UC 90 56.82 -32.26 -99.45
C THR UC 90 57.43 -31.05 -100.14
N VAL UC 91 56.83 -30.67 -101.28
CA VAL UC 91 57.22 -29.47 -102.00
C VAL UC 91 55.95 -28.70 -102.36
N SER UC 92 55.62 -27.67 -101.60
CA SER UC 92 54.44 -26.88 -101.88
C SER UC 92 54.78 -25.65 -102.70
N ILE UC 93 53.86 -25.26 -103.58
CA ILE UC 93 54.03 -24.10 -104.44
C ILE UC 93 52.71 -23.34 -104.51
N GLN UC 94 52.76 -22.02 -104.30
CA GLN UC 94 51.56 -21.19 -104.32
C GLN UC 94 51.75 -20.01 -105.26
N LEU UC 95 50.65 -19.55 -105.85
CA LEU UC 95 50.65 -18.50 -106.86
C LEU UC 95 49.59 -17.45 -106.53
N SER UC 96 49.64 -16.92 -105.32
CA SER UC 96 48.70 -15.88 -104.89
C SER UC 96 48.99 -14.60 -105.67
N VAL UC 97 48.29 -14.46 -106.80
CA VAL UC 97 48.50 -13.31 -107.69
C VAL UC 97 47.16 -12.64 -107.98
N ASP UC 98 47.23 -11.35 -108.23
CA ASP UC 98 46.02 -10.53 -108.35
C ASP UC 98 45.29 -10.86 -109.65
N PRO UC 99 43.95 -10.95 -109.62
CA PRO UC 99 43.20 -11.43 -110.79
C PRO UC 99 43.28 -10.55 -112.02
N GLU UC 100 43.69 -9.29 -111.90
CA GLU UC 100 43.87 -8.43 -113.06
C GLU UC 100 45.12 -8.79 -113.86
N THR UC 101 45.91 -9.74 -113.38
CA THR UC 101 47.19 -10.06 -114.01
C THR UC 101 46.99 -10.75 -115.35
N THR UC 102 47.75 -10.29 -116.34
CA THR UC 102 47.73 -10.93 -117.65
C THR UC 102 48.49 -12.25 -117.61
N ALA UC 103 48.24 -13.08 -118.61
CA ALA UC 103 48.86 -14.40 -118.68
C ALA UC 103 50.34 -14.34 -119.01
N ALA UC 104 50.79 -13.29 -119.69
CA ALA UC 104 52.22 -13.17 -120.02
C ALA UC 104 53.06 -12.96 -118.77
N GLU UC 105 52.61 -12.08 -117.88
CA GLU UC 105 53.36 -11.85 -116.65
C GLU UC 105 53.30 -13.08 -115.74
N VAL UC 106 52.18 -13.80 -115.76
CA VAL UC 106 52.10 -15.05 -115.00
C VAL UC 106 53.09 -16.06 -115.54
N THR UC 107 53.20 -16.16 -116.87
CA THR UC 107 54.20 -17.04 -117.47
C THR UC 107 55.61 -16.63 -117.09
N THR UC 108 55.88 -15.33 -117.11
CA THR UC 108 57.18 -14.82 -116.70
C THR UC 108 57.50 -15.22 -115.26
N MET UC 109 56.52 -15.05 -114.37
CA MET UC 109 56.71 -15.39 -112.96
C MET UC 109 56.93 -16.90 -112.78
N LEU UC 110 56.17 -17.71 -113.52
CA LEU UC 110 56.30 -19.15 -113.40
C LEU UC 110 57.66 -19.62 -113.92
N ASN UC 111 58.14 -19.00 -115.00
CA ASN UC 111 59.47 -19.32 -115.50
C ASN UC 111 60.56 -18.90 -114.51
N ALA UC 112 60.41 -17.71 -113.92
CA ALA UC 112 61.41 -17.24 -112.97
C ALA UC 112 61.46 -18.12 -111.73
N ALA UC 113 60.29 -18.48 -111.18
CA ALA UC 113 60.21 -19.38 -110.05
C ALA UC 113 60.71 -20.78 -110.36
N ALA UC 114 60.33 -21.33 -111.51
CA ALA UC 114 60.81 -22.65 -111.91
C ALA UC 114 62.25 -22.61 -112.39
N GLN UC 115 62.79 -21.42 -112.69
CA GLN UC 115 64.22 -21.30 -112.95
C GLN UC 115 65.04 -21.55 -111.71
N LEU UC 116 64.50 -21.21 -110.53
CA LEU UC 116 64.97 -21.76 -109.28
C LEU UC 116 64.59 -23.24 -109.25
N LEU UC 117 65.07 -23.95 -108.22
CA LEU UC 117 64.76 -25.37 -108.00
C LEU UC 117 65.49 -26.29 -108.98
N PHE UC 118 66.11 -25.76 -110.04
CA PHE UC 118 66.94 -26.61 -110.86
C PHE UC 118 68.22 -25.90 -111.29
N ASP UC 119 68.34 -24.62 -110.95
CA ASP UC 119 69.57 -23.91 -111.24
C ASP UC 119 70.68 -24.37 -110.31
N SER UC 120 71.89 -24.40 -110.84
CA SER UC 120 73.03 -24.90 -110.09
C SER UC 120 73.39 -24.01 -108.91
N ASP UC 121 73.11 -22.70 -108.98
CA ASP UC 121 73.47 -21.80 -107.90
C ASP UC 121 72.72 -22.14 -106.61
N TYR UC 122 71.48 -22.59 -106.74
CA TYR UC 122 70.62 -22.82 -105.58
C TYR UC 122 70.65 -24.27 -105.10
N SER UC 123 71.49 -25.12 -105.70
CA SER UC 123 71.62 -26.51 -105.28
C SER UC 123 71.94 -26.61 -103.78
N ASP UC 124 72.94 -25.85 -103.33
CA ASP UC 124 73.34 -25.89 -101.93
C ASP UC 124 72.24 -25.33 -101.03
N PHE UC 125 71.52 -24.31 -101.49
CA PHE UC 125 70.43 -23.76 -100.70
C PHE UC 125 69.33 -24.79 -100.48
N TRP UC 126 68.94 -25.48 -101.56
CA TRP UC 126 67.87 -26.47 -101.43
C TRP UC 126 68.32 -27.72 -100.69
N LYS UC 127 69.60 -28.10 -100.78
CA LYS UC 127 70.06 -29.36 -100.22
C LYS UC 127 70.62 -29.19 -98.81
N ALA UC 128 71.61 -28.33 -98.61
CA ALA UC 128 72.24 -28.16 -97.31
C ALA UC 128 71.75 -26.93 -96.55
N GLN UC 129 70.77 -26.20 -97.09
CA GLN UC 129 70.27 -24.96 -96.50
C GLN UC 129 71.38 -23.91 -96.39
N ALA UC 130 72.26 -23.87 -97.39
CA ALA UC 130 73.36 -22.91 -97.43
C ALA UC 130 72.82 -21.57 -97.94
N LEU UC 131 72.29 -20.79 -96.99
CA LEU UC 131 71.79 -19.45 -97.30
C LEU UC 131 72.92 -18.58 -97.82
N ALA UC 132 73.93 -18.36 -96.99
CA ALA UC 132 75.13 -17.65 -97.43
C ALA UC 132 76.14 -18.65 -97.97
N ALA VC 1 40.75 -44.93 -115.33
CA ALA VC 1 40.44 -45.89 -116.37
C ALA VC 1 38.94 -46.16 -116.40
N ILE VC 2 38.24 -45.64 -115.39
CA ILE VC 2 36.78 -45.62 -115.40
C ILE VC 2 36.35 -44.39 -116.20
N ALA VC 3 36.22 -44.55 -117.50
CA ALA VC 3 35.89 -43.43 -118.37
C ALA VC 3 35.31 -43.99 -119.66
N ASN VC 4 36.14 -44.14 -120.68
CA ASN VC 4 35.73 -44.90 -121.86
C ASN VC 4 36.30 -46.31 -121.77
N SER VC 5 35.83 -47.08 -120.78
CA SER VC 5 36.25 -48.46 -120.59
C SER VC 5 35.50 -49.37 -121.56
N SER VC 6 35.53 -50.68 -121.31
CA SER VC 6 34.76 -51.60 -122.13
C SER VC 6 34.39 -52.81 -121.30
N ILE VC 7 33.14 -53.26 -121.45
CA ILE VC 7 32.63 -54.41 -120.73
C ILE VC 7 31.70 -55.20 -121.64
N ALA VC 8 31.90 -56.52 -121.71
CA ALA VC 8 31.04 -57.37 -122.51
C ALA VC 8 29.77 -57.70 -121.73
N ILE VC 9 28.62 -57.45 -122.32
CA ILE VC 9 27.33 -57.69 -121.68
C ILE VC 9 26.71 -58.94 -122.30
N ASP VC 10 26.17 -59.80 -121.44
CA ASP VC 10 25.62 -61.10 -121.86
C ASP VC 10 26.68 -61.97 -122.51
N SER VC 11 27.73 -62.25 -121.76
CA SER VC 11 28.88 -63.03 -122.23
C SER VC 11 29.26 -64.07 -121.19
N THR VC 12 29.94 -65.12 -121.64
CA THR VC 12 30.40 -66.18 -120.77
C THR VC 12 31.81 -65.89 -120.27
N ALA VC 13 32.03 -66.07 -118.98
CA ALA VC 13 33.32 -65.86 -118.35
C ALA VC 13 33.98 -67.19 -118.06
N SER VC 14 35.31 -67.21 -118.17
CA SER VC 14 36.07 -68.43 -118.00
C SER VC 14 37.34 -68.14 -117.21
N VAL VC 15 37.98 -69.20 -116.73
CA VAL VC 15 39.17 -69.12 -115.91
C VAL VC 15 40.17 -70.16 -116.40
N THR VC 16 41.42 -69.74 -116.56
CA THR VC 16 42.49 -70.64 -116.96
C THR VC 16 43.64 -70.55 -115.96
N GLY VC 17 44.35 -71.66 -115.78
CA GLY VC 17 45.50 -71.67 -114.91
C GLY VC 17 45.12 -71.66 -113.44
N GLY VC 18 46.05 -71.19 -112.62
CA GLY VC 18 45.85 -71.18 -111.19
C GLY VC 18 45.92 -72.57 -110.57
N THR VC 19 45.51 -72.65 -109.31
CA THR VC 19 45.54 -73.90 -108.55
C THR VC 19 44.13 -74.14 -108.01
N ALA VC 20 43.47 -75.18 -108.51
CA ALA VC 20 42.13 -75.53 -108.08
C ALA VC 20 42.11 -75.92 -106.61
N ARG VC 21 41.49 -75.08 -105.78
CA ARG VC 21 41.34 -75.35 -104.35
C ARG VC 21 39.97 -75.97 -104.11
N THR VC 22 39.56 -76.08 -102.84
CA THR VC 22 38.27 -76.66 -102.51
C THR VC 22 37.67 -75.86 -101.36
N VAL VC 23 36.37 -75.57 -101.44
CA VAL VC 23 35.69 -74.79 -100.43
C VAL VC 23 35.08 -75.79 -99.44
N LYS VC 24 35.73 -75.94 -98.30
CA LYS VC 24 35.26 -76.87 -97.27
C LYS VC 24 34.28 -76.15 -96.35
N GLU VC 25 33.10 -76.74 -96.18
CA GLU VC 25 32.04 -76.13 -95.39
C GLU VC 25 32.27 -76.39 -93.92
N LEU VC 26 32.09 -75.35 -93.10
CA LEU VC 26 32.45 -75.43 -91.69
C LEU VC 26 31.19 -75.44 -90.86
N VAL VC 27 30.34 -74.42 -90.93
CA VAL VC 27 29.14 -74.32 -90.11
C VAL VC 27 28.02 -73.71 -90.95
N ARG VC 28 26.80 -74.17 -90.72
CA ARG VC 28 25.64 -73.81 -91.53
C ARG VC 28 24.50 -73.47 -90.57
N ASN VC 29 24.27 -72.18 -90.33
CA ASN VC 29 23.25 -71.79 -89.37
C ASN VC 29 22.77 -70.38 -89.65
N ASN VC 30 21.56 -70.09 -89.18
CA ASN VC 30 21.03 -68.72 -89.15
C ASN VC 30 21.08 -68.06 -90.52
N SER VC 31 20.69 -68.81 -91.55
CA SER VC 31 20.72 -68.34 -92.93
C SER VC 31 22.14 -68.01 -93.39
N GLU VC 32 23.13 -68.61 -92.75
CA GLU VC 32 24.54 -68.36 -93.04
C GLU VC 32 25.27 -69.69 -93.19
N LEU VC 33 26.26 -69.71 -94.09
CA LEU VC 33 27.12 -70.86 -94.35
C LEU VC 33 28.55 -70.34 -94.28
N ASN VC 34 29.25 -70.72 -93.22
CA ASN VC 34 30.66 -70.41 -93.09
C ASN VC 34 31.48 -71.54 -93.70
N ALA VC 35 32.48 -71.19 -94.50
CA ALA VC 35 33.34 -72.17 -95.12
C ALA VC 35 34.74 -71.59 -95.23
N TYR VC 36 35.68 -72.41 -95.68
CA TYR VC 36 37.05 -71.96 -95.83
C TYR VC 36 37.64 -72.58 -97.09
N ILE VC 37 38.46 -71.80 -97.79
CA ILE VC 37 39.18 -72.30 -98.95
C ILE VC 37 40.39 -73.06 -98.45
N ASP VC 38 40.59 -74.27 -98.98
CA ASP VC 38 41.62 -75.18 -98.49
C ASP VC 38 42.83 -75.03 -99.40
N GLU VC 39 43.87 -74.36 -98.89
CA GLU VC 39 45.13 -74.23 -99.59
C GLU VC 39 46.29 -74.86 -98.83
N GLY VC 40 46.01 -75.64 -97.80
CA GLY VC 40 47.05 -76.21 -96.97
C GLY VC 40 47.80 -75.15 -96.19
N LEU VC 41 47.05 -74.23 -95.59
CA LEU VC 41 47.62 -73.15 -94.79
C LEU VC 41 47.27 -73.38 -93.32
N SER VC 42 47.80 -72.51 -92.46
CA SER VC 42 47.51 -72.56 -91.04
C SER VC 42 46.13 -71.98 -90.77
N PHE VC 43 45.60 -72.25 -89.58
CA PHE VC 43 44.29 -71.74 -89.21
C PHE VC 43 44.25 -70.22 -89.15
N GLN VC 44 45.33 -69.59 -88.70
CA GLN VC 44 45.38 -68.13 -88.60
C GLN VC 44 45.50 -67.43 -89.95
N ALA VC 45 45.88 -68.15 -91.01
CA ALA VC 45 45.84 -67.58 -92.34
C ALA VC 45 45.10 -68.56 -93.25
N ARG VC 46 43.77 -68.49 -93.20
CA ARG VC 46 42.90 -69.29 -94.06
C ARG VC 46 42.31 -68.38 -95.13
N LYS VC 47 41.32 -68.81 -95.90
CA LYS VC 47 40.61 -67.95 -96.84
C LYS VC 47 39.12 -68.08 -96.59
N GLU VC 48 38.70 -67.92 -95.34
CA GLU VC 48 37.31 -68.10 -94.95
C GLU VC 48 36.37 -67.27 -95.81
N VAL VC 49 35.26 -67.88 -96.22
CA VAL VC 49 34.23 -67.22 -97.01
C VAL VC 49 32.88 -67.55 -96.40
N ALA VC 50 32.04 -66.53 -96.24
CA ALA VC 50 30.72 -66.65 -95.66
C ALA VC 50 29.65 -66.33 -96.69
N PHE VC 51 28.69 -67.25 -96.84
CA PHE VC 51 27.55 -67.08 -97.74
C PHE VC 51 26.31 -66.83 -96.90
N SER VC 52 25.59 -65.78 -97.20
CA SER VC 52 24.39 -65.42 -96.44
C SER VC 52 23.24 -65.16 -97.39
N VAL VC 53 22.03 -65.47 -96.93
CA VAL VC 53 20.83 -65.32 -97.73
C VAL VC 53 19.77 -64.59 -96.90
N LYS VC 54 19.09 -63.63 -97.55
CA LYS VC 54 18.04 -62.82 -96.94
C LYS VC 54 16.82 -62.92 -97.87
N VAL VC 55 15.86 -63.75 -97.47
CA VAL VC 55 14.70 -64.08 -98.29
C VAL VC 55 13.69 -62.94 -98.27
N PRO VC 56 12.91 -62.75 -99.33
CA PRO VC 56 11.92 -61.66 -99.34
C PRO VC 56 10.74 -61.95 -98.42
N LYS VC 57 10.17 -60.88 -97.88
CA LYS VC 57 8.96 -60.95 -97.06
C LYS VC 57 7.92 -59.99 -97.62
N VAL VC 58 6.65 -60.28 -97.33
CA VAL VC 58 5.55 -59.48 -97.83
C VAL VC 58 5.61 -58.08 -97.23
N SER VC 59 5.30 -57.07 -98.04
CA SER VC 59 5.31 -55.68 -97.60
C SER VC 59 4.11 -54.97 -98.23
N VAL VC 60 3.95 -53.70 -97.86
CA VAL VC 60 2.95 -52.84 -98.48
C VAL VC 60 3.59 -51.79 -99.38
N SER VC 61 4.74 -51.27 -99.00
CA SER VC 61 5.61 -50.48 -99.85
C SER VC 61 6.38 -51.45 -100.74
N ALA VC 62 7.52 -50.99 -101.29
CA ALA VC 62 8.35 -51.88 -102.11
C ALA VC 62 7.61 -52.29 -103.37
N PRO VC 63 7.63 -51.47 -104.42
CA PRO VC 63 6.57 -51.48 -105.42
C PRO VC 63 6.50 -52.78 -106.21
N GLY VC 64 5.72 -53.72 -105.68
CA GLY VC 64 5.69 -55.11 -106.12
C GLY VC 64 5.38 -56.03 -104.96
N GLY VC 65 5.35 -55.47 -103.77
CA GLY VC 65 4.79 -56.16 -102.62
C GLY VC 65 5.79 -56.79 -101.69
N PHE VC 66 6.96 -57.15 -102.21
CA PHE VC 66 7.96 -57.84 -101.42
C PHE VC 66 9.25 -57.03 -101.37
N THR VC 67 9.96 -57.20 -100.25
CA THR VC 67 11.33 -56.72 -100.16
C THR VC 67 12.22 -57.53 -101.09
N GLN VC 68 13.43 -57.03 -101.31
CA GLN VC 68 14.31 -57.69 -102.27
C GLN VC 68 14.98 -58.91 -101.64
N ALA VC 69 15.26 -59.90 -102.49
CA ALA VC 69 16.03 -61.07 -102.09
C ALA VC 69 17.50 -60.71 -102.16
N ARG VC 70 18.21 -60.85 -101.04
CA ARG VC 70 19.62 -60.52 -100.97
C ARG VC 70 20.47 -61.77 -100.80
N SER VC 71 21.61 -61.78 -101.47
CA SER VC 71 22.59 -62.87 -101.38
C SER VC 71 23.96 -62.21 -101.19
N THR VC 72 24.60 -62.50 -100.07
CA THR VC 72 25.86 -61.85 -99.74
C THR VC 72 26.98 -62.88 -99.62
N VAL VC 73 28.13 -62.55 -100.19
CA VAL VC 73 29.32 -63.37 -100.05
C VAL VC 73 30.45 -62.49 -99.51
N ILE VC 74 31.03 -62.89 -98.39
CA ILE VC 74 32.20 -62.19 -97.87
C ILE VC 74 33.39 -63.13 -97.85
N LEU VC 75 34.45 -62.74 -98.55
CA LEU VC 75 35.70 -63.49 -98.60
C LEU VC 75 36.70 -62.76 -97.70
N LYS VC 76 37.25 -63.48 -96.73
CA LYS VC 76 38.22 -62.89 -95.81
C LYS VC 76 39.62 -63.41 -96.12
N SER VC 77 40.57 -62.49 -96.19
CA SER VC 77 41.96 -62.81 -96.53
C SER VC 77 42.89 -62.26 -95.44
N PRO VC 78 43.30 -63.11 -94.50
CA PRO VC 78 44.23 -62.65 -93.45
C PRO VC 78 45.59 -62.22 -94.01
N LYS VC 79 46.03 -61.03 -93.63
CA LYS VC 79 47.35 -60.53 -93.96
C LYS VC 79 48.13 -60.29 -92.67
N THR VC 80 49.43 -60.59 -92.71
CA THR VC 80 50.34 -60.34 -91.60
C THR VC 80 51.22 -59.15 -91.97
N LEU VC 81 51.26 -58.16 -91.10
CA LEU VC 81 51.90 -56.90 -91.40
C LEU VC 81 53.39 -56.94 -91.02
N ALA VC 82 54.09 -55.84 -91.32
CA ALA VC 82 55.51 -55.78 -91.03
C ALA VC 82 55.80 -55.89 -89.54
N ASN VC 83 55.03 -55.15 -88.73
CA ASN VC 83 55.21 -55.23 -87.28
C ASN VC 83 54.83 -56.60 -86.74
N GLY VC 84 53.81 -57.21 -87.31
CA GLY VC 84 53.43 -58.55 -86.92
C GLY VC 84 51.99 -58.71 -86.49
N ASN VC 85 51.27 -57.60 -86.42
CA ASN VC 85 49.83 -57.68 -86.15
C ASN VC 85 49.11 -58.29 -87.34
N ARG VC 86 48.03 -59.00 -87.04
CA ARG VC 86 47.23 -59.67 -88.06
C ARG VC 86 46.00 -58.84 -88.39
N THR VC 87 45.82 -58.54 -89.67
CA THR VC 87 44.61 -57.88 -90.15
C THR VC 87 43.90 -58.83 -91.09
N VAL VC 88 42.61 -58.59 -91.30
CA VAL VC 88 41.82 -59.35 -92.25
C VAL VC 88 41.35 -58.40 -93.34
N ASN VC 89 41.64 -58.75 -94.59
CA ASN VC 89 41.21 -57.98 -95.75
C ASN VC 89 40.05 -58.72 -96.39
N THR VC 90 38.94 -58.03 -96.62
CA THR VC 90 37.70 -58.66 -97.04
C THR VC 90 37.23 -58.14 -98.40
N VAL VC 91 36.45 -58.98 -99.08
CA VAL VC 91 35.69 -58.58 -100.26
C VAL VC 91 34.23 -58.97 -100.04
N SER VC 92 33.33 -58.00 -100.10
CA SER VC 92 31.92 -58.28 -99.96
C SER VC 92 31.23 -58.19 -101.32
N ILE VC 93 30.34 -59.13 -101.58
CA ILE VC 93 29.55 -59.16 -102.82
C ILE VC 93 28.10 -59.38 -102.38
N GLN VC 94 27.28 -58.34 -102.50
CA GLN VC 94 25.87 -58.41 -102.13
C GLN VC 94 25.01 -58.14 -103.36
N LEU VC 95 24.15 -59.08 -103.69
CA LEU VC 95 23.23 -58.97 -104.82
C LEU VC 95 21.81 -58.88 -104.27
N SER VC 96 21.10 -57.80 -104.58
CA SER VC 96 19.73 -57.59 -104.17
C SER VC 96 18.86 -57.52 -105.42
N VAL VC 97 17.97 -58.51 -105.59
CA VAL VC 97 17.08 -58.52 -106.74
C VAL VC 97 15.64 -58.61 -106.27
N ASP VC 98 14.77 -57.91 -106.99
CA ASP VC 98 13.35 -58.07 -106.78
C ASP VC 98 12.95 -59.49 -107.14
N PRO VC 99 12.01 -60.10 -106.40
CA PRO VC 99 11.65 -61.49 -106.68
C PRO VC 99 11.06 -61.71 -108.07
N GLU VC 100 10.57 -60.68 -108.74
CA GLU VC 100 10.09 -60.85 -110.11
C GLU VC 100 11.21 -61.05 -111.11
N THR VC 101 12.46 -60.83 -110.71
CA THR VC 101 13.59 -60.85 -111.64
C THR VC 101 13.83 -62.25 -112.18
N THR VC 102 13.97 -62.36 -113.49
CA THR VC 102 14.20 -63.64 -114.13
C THR VC 102 15.66 -64.07 -113.96
N ALA VC 103 15.93 -65.33 -114.29
CA ALA VC 103 17.27 -65.87 -114.11
C ALA VC 103 18.24 -65.28 -115.13
N ALA VC 104 17.76 -64.92 -116.33
CA ALA VC 104 18.62 -64.30 -117.32
C ALA VC 104 19.08 -62.92 -116.88
N GLU VC 105 18.18 -62.13 -116.29
CA GLU VC 105 18.56 -60.81 -115.79
C GLU VC 105 19.57 -60.91 -114.66
N VAL VC 106 19.44 -61.94 -113.81
CA VAL VC 106 20.43 -62.14 -112.75
C VAL VC 106 21.76 -62.59 -113.34
N THR VC 107 21.73 -63.45 -114.35
CA THR VC 107 22.97 -63.89 -114.99
C THR VC 107 23.70 -62.71 -115.63
N THR VC 108 22.96 -61.82 -116.30
CA THR VC 108 23.58 -60.64 -116.90
C THR VC 108 24.26 -59.77 -115.85
N MET VC 109 23.57 -59.53 -114.74
CA MET VC 109 24.14 -58.72 -113.66
C MET VC 109 25.39 -59.38 -113.08
N LEU VC 110 25.32 -60.69 -112.84
CA LEU VC 110 26.46 -61.41 -112.27
C LEU VC 110 27.66 -61.32 -113.21
N ASN VC 111 27.44 -61.52 -114.51
CA ASN VC 111 28.54 -61.51 -115.45
C ASN VC 111 29.14 -60.11 -115.58
N ALA VC 112 28.31 -59.07 -115.63
CA ALA VC 112 28.84 -57.72 -115.71
C ALA VC 112 29.61 -57.35 -114.45
N ALA VC 113 29.08 -57.72 -113.28
CA ALA VC 113 29.78 -57.44 -112.04
C ALA VC 113 31.09 -58.21 -111.93
N ALA VC 114 31.17 -59.39 -112.55
CA ALA VC 114 32.41 -60.15 -112.53
C ALA VC 114 33.53 -59.39 -113.25
N GLN VC 115 33.25 -58.91 -114.47
CA GLN VC 115 34.22 -58.11 -115.18
C GLN VC 115 34.47 -56.76 -114.53
N LEU VC 116 33.52 -56.25 -113.74
CA LEU VC 116 33.76 -55.00 -113.03
C LEU VC 116 34.94 -55.12 -112.06
N LEU VC 117 35.28 -56.33 -111.62
CA LEU VC 117 36.35 -56.50 -110.65
C LEU VC 117 37.47 -57.41 -111.16
N PHE VC 118 37.51 -57.70 -112.46
CA PHE VC 118 38.71 -58.33 -113.02
C PHE VC 118 39.19 -57.72 -114.33
N ASP VC 119 38.45 -56.80 -114.96
CA ASP VC 119 38.92 -56.16 -116.17
C ASP VC 119 40.13 -55.28 -115.87
N SER VC 120 41.01 -55.14 -116.87
CA SER VC 120 42.34 -54.57 -116.63
C SER VC 120 42.27 -53.09 -116.31
N ASP VC 121 41.24 -52.39 -116.79
CA ASP VC 121 41.13 -50.96 -116.53
C ASP VC 121 40.91 -50.68 -115.05
N TYR VC 122 39.90 -51.32 -114.48
CA TYR VC 122 39.52 -51.08 -113.09
C TYR VC 122 40.62 -51.53 -112.14
N SER VC 123 41.67 -52.12 -112.68
CA SER VC 123 42.85 -52.42 -111.87
C SER VC 123 43.36 -51.18 -111.16
N ASP VC 124 43.28 -50.01 -111.82
CA ASP VC 124 43.70 -48.80 -111.13
C ASP VC 124 42.73 -48.38 -110.03
N PHE VC 125 41.45 -48.70 -110.17
CA PHE VC 125 40.48 -48.32 -109.16
C PHE VC 125 40.55 -49.19 -107.91
N TRP VC 126 40.76 -50.49 -108.07
CA TRP VC 126 40.81 -51.40 -106.94
C TRP VC 126 42.11 -51.31 -106.17
N LYS VC 127 43.24 -51.19 -106.86
CA LYS VC 127 44.56 -51.17 -106.22
C LYS VC 127 44.99 -49.75 -105.87
N ALA VC 128 45.09 -48.88 -106.88
CA ALA VC 128 45.53 -47.50 -106.65
C ALA VC 128 44.44 -46.61 -106.07
N GLN VC 129 43.20 -47.09 -106.02
CA GLN VC 129 42.08 -46.30 -105.50
C GLN VC 129 41.89 -45.03 -106.33
N ALA VC 130 42.06 -45.17 -107.63
CA ALA VC 130 42.08 -44.06 -108.58
C ALA VC 130 40.78 -44.02 -109.37
N LEU VC 131 39.99 -42.97 -109.14
CA LEU VC 131 38.70 -42.84 -109.80
C LEU VC 131 38.83 -42.57 -111.30
N ALA VC 132 39.87 -41.86 -111.70
CA ALA VC 132 40.07 -41.62 -113.12
C ALA VC 132 41.54 -41.72 -113.49
N ALA WC 1 27.06 -77.32 -104.90
CA ALA WC 1 27.01 -75.88 -104.71
C ALA WC 1 28.06 -75.44 -103.70
N ILE WC 2 27.65 -74.63 -102.73
CA ILE WC 2 28.56 -74.24 -101.66
C ILE WC 2 28.67 -75.41 -100.69
N ALA WC 3 29.75 -76.19 -100.84
CA ALA WC 3 29.94 -77.41 -100.07
C ALA WC 3 31.27 -78.06 -100.42
N ASN WC 4 31.47 -78.37 -101.70
CA ASN WC 4 32.68 -78.99 -102.20
C ASN WC 4 33.16 -78.31 -103.49
N SER WC 5 32.73 -77.08 -103.72
CA SER WC 5 33.07 -76.39 -104.95
C SER WC 5 34.55 -76.05 -105.01
N SER WC 6 35.08 -76.01 -106.22
CA SER WC 6 36.50 -75.75 -106.47
C SER WC 6 36.65 -74.33 -107.03
N ILE WC 7 37.62 -73.60 -106.51
CA ILE WC 7 37.93 -72.26 -106.99
C ILE WC 7 39.42 -72.20 -107.35
N ALA WC 8 39.73 -71.73 -108.55
CA ALA WC 8 41.10 -71.69 -109.04
C ALA WC 8 41.79 -70.43 -108.52
N ILE WC 9 42.56 -70.57 -107.45
CA ILE WC 9 43.25 -69.44 -106.85
C ILE WC 9 44.41 -69.01 -107.74
N ASP WC 10 44.56 -67.70 -107.90
CA ASP WC 10 45.64 -67.10 -108.70
C ASP WC 10 45.61 -67.58 -110.14
N SER WC 11 44.42 -67.59 -110.72
CA SER WC 11 44.22 -67.92 -112.12
C SER WC 11 43.96 -66.65 -112.92
N THR WC 12 43.72 -66.81 -114.20
CA THR WC 12 43.40 -65.70 -115.10
C THR WC 12 41.97 -65.85 -115.59
N ALA WC 13 41.16 -64.82 -115.38
CA ALA WC 13 39.75 -64.82 -115.77
C ALA WC 13 39.58 -63.99 -117.03
N SER WC 14 38.85 -64.53 -118.00
CA SER WC 14 38.62 -63.87 -119.27
C SER WC 14 37.13 -63.94 -119.63
N VAL WC 15 36.80 -63.34 -120.77
CA VAL WC 15 35.42 -63.25 -121.25
C VAL WC 15 35.41 -63.50 -122.75
N THR WC 16 34.41 -64.26 -123.22
CA THR WC 16 34.21 -64.49 -124.63
C THR WC 16 32.76 -64.23 -124.99
N GLY WC 17 32.52 -63.85 -126.25
CA GLY WC 17 31.17 -63.55 -126.68
C GLY WC 17 30.69 -62.22 -126.13
N GLY WC 18 29.38 -62.00 -126.28
CA GLY WC 18 28.74 -60.82 -125.75
C GLY WC 18 28.93 -59.58 -126.61
N THR WC 19 28.33 -58.49 -126.15
CA THR WC 19 28.44 -57.18 -126.79
C THR WC 19 29.29 -56.26 -125.92
N ALA WC 20 30.22 -55.57 -126.55
CA ALA WC 20 31.17 -54.69 -125.86
C ALA WC 20 30.54 -53.31 -125.73
N ARG WC 21 30.19 -52.93 -124.51
CA ARG WC 21 29.68 -51.60 -124.24
C ARG WC 21 30.78 -50.72 -123.65
N THR WC 22 30.59 -49.41 -123.76
CA THR WC 22 31.68 -48.47 -123.49
C THR WC 22 31.76 -48.06 -122.02
N VAL WC 23 30.60 -47.88 -121.38
CA VAL WC 23 30.51 -47.28 -120.05
C VAL WC 23 30.90 -45.81 -120.16
N LYS WC 24 30.01 -44.91 -119.76
CA LYS WC 24 30.21 -43.48 -119.92
C LYS WC 24 29.98 -42.81 -118.57
N GLU WC 25 30.89 -41.93 -118.18
CA GLU WC 25 30.77 -41.24 -116.90
C GLU WC 25 29.65 -40.22 -116.97
N LEU WC 26 28.82 -40.18 -115.93
CA LEU WC 26 27.75 -39.19 -115.83
C LEU WC 26 28.16 -38.00 -114.98
N VAL WC 27 28.44 -38.24 -113.70
CA VAL WC 27 28.64 -37.19 -112.71
C VAL WC 27 29.79 -37.63 -111.81
N ARG WC 28 30.49 -36.65 -111.26
CA ARG WC 28 31.62 -36.90 -110.39
C ARG WC 28 31.37 -36.22 -109.06
N ASN WC 29 32.39 -36.15 -108.22
CA ASN WC 29 32.36 -35.52 -106.90
C ASN WC 29 31.62 -36.35 -105.87
N ASN WC 30 32.23 -36.52 -104.70
CA ASN WC 30 33.67 -36.29 -104.54
C ASN WC 30 34.19 -37.54 -103.87
N SER WC 31 35.23 -38.13 -104.46
CA SER WC 31 35.64 -39.50 -104.15
C SER WC 31 34.52 -40.47 -104.48
N GLU WC 32 33.77 -40.15 -105.54
CA GLU WC 32 32.74 -41.04 -106.06
C GLU WC 32 32.44 -40.72 -107.52
N LEU WC 33 32.65 -41.69 -108.40
CA LEU WC 33 32.29 -41.55 -109.80
C LEU WC 33 30.91 -42.15 -110.06
N ASN WC 34 30.21 -41.61 -111.04
CA ASN WC 34 28.94 -42.17 -111.50
C ASN WC 34 29.02 -42.33 -113.01
N ALA WC 35 28.76 -43.54 -113.50
CA ALA WC 35 28.84 -43.83 -114.91
C ALA WC 35 27.58 -44.58 -115.32
N TYR WC 36 27.52 -44.97 -116.59
CA TYR WC 36 26.42 -45.78 -117.08
C TYR WC 36 26.91 -46.60 -118.26
N ILE WC 37 26.41 -47.82 -118.38
CA ILE WC 37 26.77 -48.69 -119.49
C ILE WC 37 25.84 -48.38 -120.66
N ASP WC 38 26.41 -47.90 -121.76
CA ASP WC 38 25.62 -47.46 -122.91
C ASP WC 38 25.35 -48.64 -123.84
N GLU WC 39 24.09 -49.09 -123.86
CA GLU WC 39 23.67 -50.17 -124.73
C GLU WC 39 22.54 -49.71 -125.65
N GLY WC 40 22.45 -48.41 -125.89
CA GLY WC 40 21.36 -47.87 -126.67
C GLY WC 40 20.00 -48.05 -126.03
N LEU WC 41 19.92 -47.86 -124.72
CA LEU WC 41 18.68 -48.00 -123.98
C LEU WC 41 18.19 -46.63 -123.54
N SER WC 42 16.96 -46.59 -123.06
CA SER WC 42 16.35 -45.34 -122.63
C SER WC 42 16.96 -44.87 -121.30
N PHE WC 43 16.56 -43.66 -120.89
CA PHE WC 43 17.13 -43.06 -119.69
C PHE WC 43 16.73 -43.82 -118.44
N GLN WC 44 15.54 -44.42 -118.40
CA GLN WC 44 15.11 -45.16 -117.22
C GLN WC 44 15.53 -46.62 -117.26
N ALA WC 45 16.08 -47.10 -118.37
CA ALA WC 45 16.40 -48.51 -118.52
C ALA WC 45 17.91 -48.74 -118.66
N ARG WC 46 18.72 -47.73 -118.34
CA ARG WC 46 20.15 -47.84 -118.47
C ARG WC 46 20.77 -48.39 -117.19
N LYS WC 47 21.95 -49.00 -117.32
CA LYS WC 47 22.57 -49.77 -116.25
C LYS WC 47 23.04 -48.91 -115.08
N GLU WC 48 23.87 -47.88 -115.34
CA GLU WC 48 24.30 -46.94 -114.31
C GLU WC 48 25.12 -47.54 -113.16
N VAL WC 49 26.35 -47.96 -113.42
CA VAL WC 49 27.28 -48.40 -112.38
C VAL WC 49 27.90 -47.17 -111.71
N ALA WC 50 28.01 -47.21 -110.38
CA ALA WC 50 28.63 -46.16 -109.59
C ALA WC 50 29.88 -46.67 -108.88
N PHE WC 51 30.86 -45.77 -108.74
CA PHE WC 51 32.16 -46.09 -108.13
C PHE WC 51 32.39 -45.18 -106.94
N SER WC 52 32.69 -45.77 -105.79
CA SER WC 52 32.95 -45.02 -104.57
C SER WC 52 34.35 -45.37 -104.06
N VAL WC 53 34.87 -44.51 -103.17
CA VAL WC 53 36.22 -44.68 -102.65
C VAL WC 53 36.33 -44.05 -101.26
N LYS WC 54 36.94 -44.78 -100.33
CA LYS WC 54 37.26 -44.26 -99.00
C LYS WC 54 38.77 -44.43 -98.81
N VAL WC 55 39.49 -43.32 -98.79
CA VAL WC 55 40.95 -43.39 -98.73
C VAL WC 55 41.41 -43.85 -97.36
N PRO WC 56 42.59 -44.42 -97.20
CA PRO WC 56 43.05 -44.84 -95.87
C PRO WC 56 43.25 -43.63 -94.97
N LYS WC 57 42.65 -43.70 -93.78
CA LYS WC 57 42.68 -42.61 -92.82
C LYS WC 57 43.66 -42.94 -91.70
N VAL WC 58 44.42 -41.95 -91.27
CA VAL WC 58 45.46 -42.17 -90.26
C VAL WC 58 44.83 -42.34 -88.89
N SER WC 59 44.60 -43.58 -88.48
CA SER WC 59 44.10 -43.87 -87.14
C SER WC 59 45.27 -44.11 -86.20
N VAL WC 60 44.98 -44.63 -85.00
CA VAL WC 60 46.04 -44.93 -84.04
C VAL WC 60 45.94 -46.39 -83.61
N SER WC 61 44.76 -46.80 -83.16
CA SER WC 61 44.56 -48.14 -82.60
C SER WC 61 44.07 -49.10 -83.68
N ALA WC 62 44.91 -49.27 -84.70
CA ALA WC 62 44.59 -50.18 -85.80
C ALA WC 62 45.83 -50.93 -86.23
N PRO WC 63 45.71 -52.12 -86.80
CA PRO WC 63 46.87 -52.78 -87.39
C PRO WC 63 47.49 -51.92 -88.47
N GLY WC 64 48.82 -51.87 -88.48
CA GLY WC 64 49.53 -51.08 -89.48
C GLY WC 64 49.59 -49.61 -89.11
N GLY WC 65 48.53 -49.10 -88.50
CA GLY WC 65 48.47 -47.71 -88.09
C GLY WC 65 47.28 -46.96 -88.64
N PHE WC 66 46.94 -47.21 -89.90
CA PHE WC 66 45.86 -46.48 -90.54
C PHE WC 66 44.59 -47.35 -90.58
N THR WC 67 43.48 -46.73 -90.98
CA THR WC 67 42.29 -47.49 -91.32
C THR WC 67 42.45 -48.10 -92.71
N GLN WC 68 41.42 -48.84 -93.12
CA GLN WC 68 41.51 -49.61 -94.35
C GLN WC 68 41.12 -48.77 -95.57
N ALA WC 69 41.61 -49.19 -96.73
CA ALA WC 69 41.31 -48.55 -98.00
C ALA WC 69 40.06 -49.19 -98.58
N ARG WC 70 38.91 -48.56 -98.35
CA ARG WC 70 37.65 -49.06 -98.87
C ARG WC 70 37.46 -48.63 -100.32
N SER WC 71 36.87 -49.52 -101.13
CA SER WC 71 36.63 -49.24 -102.54
C SER WC 71 35.35 -49.97 -102.94
N THR WC 72 34.31 -49.21 -103.26
CA THR WC 72 32.99 -49.77 -103.52
C THR WC 72 32.57 -49.54 -104.96
N VAL WC 73 31.87 -50.52 -105.51
CA VAL WC 73 31.25 -50.44 -106.82
C VAL WC 73 29.81 -50.94 -106.64
N ILE WC 74 28.84 -50.20 -107.18
CA ILE WC 74 27.46 -50.64 -107.19
C ILE WC 74 26.95 -50.60 -108.62
N LEU WC 75 26.66 -51.77 -109.17
CA LEU WC 75 26.02 -51.88 -110.49
C LEU WC 75 24.52 -51.89 -110.26
N LYS WC 76 23.81 -50.96 -110.91
CA LYS WC 76 22.37 -50.91 -110.83
C LYS WC 76 21.77 -51.50 -112.11
N SER WC 77 20.50 -51.91 -112.01
CA SER WC 77 19.84 -52.59 -113.11
C SER WC 77 18.34 -52.31 -113.02
N PRO WC 78 17.81 -51.48 -113.92
CA PRO WC 78 16.38 -51.19 -113.88
C PRO WC 78 15.55 -52.43 -114.21
N LYS WC 79 14.34 -52.48 -113.64
CA LYS WC 79 13.39 -53.52 -114.01
C LYS WC 79 11.98 -53.01 -113.78
N THR WC 80 11.11 -53.23 -114.76
CA THR WC 80 9.69 -52.90 -114.63
C THR WC 80 8.92 -54.13 -114.21
N LEU WC 81 7.93 -53.93 -113.34
CA LEU WC 81 7.25 -55.04 -112.69
C LEU WC 81 5.96 -55.40 -113.42
N ALA WC 82 5.28 -56.43 -112.92
CA ALA WC 82 4.04 -56.90 -113.53
C ALA WC 82 2.86 -55.98 -113.23
N ASN WC 83 3.01 -55.04 -112.31
CA ASN WC 83 1.99 -54.03 -112.05
C ASN WC 83 2.34 -52.69 -112.66
N GLY WC 84 3.41 -52.60 -113.45
CA GLY WC 84 3.82 -51.37 -114.08
C GLY WC 84 4.78 -50.52 -113.27
N ASN WC 85 5.02 -50.89 -112.01
CA ASN WC 85 5.93 -50.11 -111.16
C ASN WC 85 7.38 -50.40 -111.54
N ARG WC 86 8.26 -49.49 -111.11
CA ARG WC 86 9.66 -49.48 -111.52
C ARG WC 86 10.51 -49.76 -110.28
N THR WC 87 11.49 -50.65 -110.41
CA THR WC 87 12.41 -50.95 -109.31
C THR WC 87 13.83 -51.15 -109.85
N VAL WC 88 14.77 -51.27 -108.92
CA VAL WC 88 16.18 -51.40 -109.26
C VAL WC 88 16.76 -52.62 -108.55
N ASN WC 89 17.49 -53.45 -109.29
CA ASN WC 89 18.29 -54.52 -108.73
C ASN WC 89 19.73 -54.02 -108.64
N THR WC 90 20.46 -54.46 -107.61
CA THR WC 90 21.81 -53.97 -107.40
C THR WC 90 22.78 -55.12 -107.17
N VAL WC 91 24.02 -54.89 -107.58
CA VAL WC 91 25.16 -55.71 -107.19
C VAL WC 91 26.18 -54.79 -106.53
N SER WC 92 26.49 -55.04 -105.26
CA SER WC 92 27.43 -54.19 -104.54
C SER WC 92 28.70 -54.98 -104.21
N ILE WC 93 29.85 -54.47 -104.63
CA ILE WC 93 31.14 -55.09 -104.41
C ILE WC 93 31.99 -54.11 -103.63
N GLN WC 94 32.37 -54.48 -102.41
CA GLN WC 94 33.24 -53.65 -101.58
C GLN WC 94 34.55 -54.39 -101.34
N LEU WC 95 35.66 -53.71 -101.62
CA LEU WC 95 37.00 -54.24 -101.37
C LEU WC 95 37.58 -53.45 -100.21
N SER WC 96 37.97 -54.17 -99.15
CA SER WC 96 38.55 -53.56 -97.95
C SER WC 96 39.90 -54.21 -97.71
N VAL WC 97 40.97 -53.47 -98.01
CA VAL WC 97 42.31 -53.94 -97.76
C VAL WC 97 43.02 -52.94 -96.86
N ASP WC 98 44.03 -53.42 -96.15
CA ASP WC 98 44.94 -52.55 -95.42
C ASP WC 98 45.91 -51.93 -96.43
N PRO WC 99 46.35 -50.69 -96.19
CA PRO WC 99 47.20 -50.03 -97.18
C PRO WC 99 48.53 -50.72 -97.40
N GLU WC 100 48.97 -51.56 -96.47
CA GLU WC 100 50.21 -52.33 -96.61
C GLU WC 100 50.08 -53.46 -97.61
N THR WC 101 48.86 -53.77 -98.05
CA THR WC 101 48.64 -54.85 -99.00
C THR WC 101 49.27 -54.53 -100.35
N THR WC 102 49.84 -55.55 -100.97
CA THR WC 102 50.46 -55.43 -102.28
C THR WC 102 49.43 -55.60 -103.38
N ALA WC 103 49.84 -55.29 -104.62
CA ALA WC 103 48.93 -55.39 -105.75
C ALA WC 103 48.58 -56.85 -106.06
N ALA WC 104 49.54 -57.76 -105.88
CA ALA WC 104 49.29 -59.16 -106.23
C ALA WC 104 48.29 -59.81 -105.29
N GLU WC 105 48.32 -59.48 -104.00
CA GLU WC 105 47.30 -59.98 -103.08
C GLU WC 105 45.92 -59.47 -103.46
N VAL WC 106 45.81 -58.21 -103.85
CA VAL WC 106 44.53 -57.65 -104.26
C VAL WC 106 44.05 -58.33 -105.54
N THR WC 107 44.98 -58.64 -106.44
CA THR WC 107 44.65 -59.37 -107.66
C THR WC 107 44.10 -60.75 -107.35
N THR WC 108 44.74 -61.44 -106.40
CA THR WC 108 44.26 -62.75 -105.97
C THR WC 108 42.85 -62.65 -105.39
N MET WC 109 42.62 -61.66 -104.53
CA MET WC 109 41.31 -61.46 -103.93
C MET WC 109 40.26 -61.19 -104.98
N LEU WC 110 40.56 -60.31 -105.93
CA LEU WC 110 39.59 -59.96 -106.96
C LEU WC 110 39.28 -61.16 -107.84
N ASN WC 111 40.30 -61.98 -108.15
CA ASN WC 111 40.05 -63.18 -108.94
C ASN WC 111 39.15 -64.15 -108.19
N ALA WC 112 39.41 -64.35 -106.89
CA ALA WC 112 38.58 -65.25 -106.11
C ALA WC 112 37.14 -64.75 -106.01
N ALA WC 113 36.98 -63.44 -105.76
CA ALA WC 113 35.65 -62.87 -105.63
C ALA WC 113 34.90 -62.91 -106.95
N ALA WC 114 35.57 -62.64 -108.07
CA ALA WC 114 34.93 -62.74 -109.37
C ALA WC 114 34.54 -64.18 -109.68
N GLN WC 115 35.40 -65.13 -109.31
CA GLN WC 115 35.06 -66.54 -109.47
C GLN WC 115 33.81 -66.89 -108.69
N LEU WC 116 33.66 -66.32 -107.50
CA LEU WC 116 32.42 -66.52 -106.72
C LEU WC 116 31.35 -65.53 -107.20
N LEU WC 117 31.25 -65.38 -108.52
CA LEU WC 117 30.18 -64.60 -109.12
C LEU WC 117 29.63 -65.30 -110.35
N PHE WC 118 30.50 -65.99 -111.09
CA PHE WC 118 30.13 -66.60 -112.36
C PHE WC 118 30.41 -68.09 -112.43
N ASP WC 119 31.05 -68.67 -111.42
CA ASP WC 119 31.27 -70.11 -111.42
C ASP WC 119 29.94 -70.85 -111.36
N SER WC 120 29.83 -71.90 -112.17
CA SER WC 120 28.57 -72.62 -112.31
C SER WC 120 28.13 -73.25 -111.00
N ASP WC 121 29.08 -73.49 -110.10
CA ASP WC 121 28.77 -74.10 -108.81
C ASP WC 121 27.88 -73.18 -107.98
N TYR WC 122 28.17 -71.88 -107.99
CA TYR WC 122 27.35 -70.92 -107.27
C TYR WC 122 26.34 -70.26 -108.18
N SER WC 123 25.41 -71.04 -108.73
CA SER WC 123 24.34 -70.47 -109.54
C SER WC 123 23.02 -70.53 -108.75
N ASP WC 124 22.76 -71.68 -108.13
CA ASP WC 124 21.58 -71.83 -107.30
C ASP WC 124 21.62 -70.90 -106.09
N PHE WC 125 22.81 -70.50 -105.66
CA PHE WC 125 22.92 -69.56 -104.55
C PHE WC 125 22.46 -68.15 -104.92
N TRP WC 126 22.76 -67.70 -106.14
CA TRP WC 126 22.40 -66.33 -106.53
C TRP WC 126 20.97 -66.27 -107.04
N LYS WC 127 20.59 -67.21 -107.91
CA LYS WC 127 19.28 -67.15 -108.55
C LYS WC 127 18.22 -67.83 -107.69
N ALA WC 128 18.45 -69.09 -107.32
CA ALA WC 128 17.49 -69.81 -106.50
C ALA WC 128 17.59 -69.42 -105.03
N GLN WC 129 18.60 -68.65 -104.66
CA GLN WC 129 18.85 -68.29 -103.25
C GLN WC 129 18.99 -69.54 -102.38
N ALA WC 130 19.61 -70.58 -102.94
CA ALA WC 130 19.72 -71.88 -102.30
C ALA WC 130 21.09 -72.00 -101.64
N LEU WC 131 21.12 -71.93 -100.31
CA LEU WC 131 22.36 -72.01 -99.55
C LEU WC 131 23.02 -73.38 -99.69
N ALA WC 132 22.25 -74.38 -100.09
CA ALA WC 132 22.80 -75.71 -100.34
C ALA WC 132 22.00 -76.46 -101.38
N ALA XC 1 45.69 -104.44 -66.46
CA ALA XC 1 44.98 -103.29 -65.91
C ALA XC 1 45.64 -101.99 -66.33
N ILE XC 2 45.32 -100.91 -65.61
CA ILE XC 2 45.84 -99.58 -65.96
C ILE XC 2 47.35 -99.55 -65.82
N ALA XC 3 47.87 -100.06 -64.71
CA ALA XC 3 49.31 -100.07 -64.50
C ALA XC 3 50.00 -101.00 -65.48
N ASN XC 4 51.05 -100.50 -66.12
CA ASN XC 4 51.84 -101.25 -67.10
C ASN XC 4 50.99 -101.69 -68.29
N SER XC 5 49.97 -100.91 -68.62
CA SER XC 5 49.19 -101.11 -69.83
C SER XC 5 49.95 -100.52 -71.01
N SER XC 6 49.87 -101.18 -72.16
CA SER XC 6 50.58 -100.74 -73.35
C SER XC 6 49.61 -100.12 -74.35
N ILE XC 7 50.01 -98.98 -74.91
CA ILE XC 7 49.25 -98.30 -75.95
C ILE XC 7 50.17 -98.10 -77.16
N ALA XC 8 49.69 -98.46 -78.34
CA ALA XC 8 50.48 -98.35 -79.56
C ALA XC 8 50.26 -96.96 -80.15
N ILE XC 9 51.28 -96.11 -80.03
CA ILE XC 9 51.18 -94.72 -80.48
C ILE XC 9 51.35 -94.66 -81.99
N ASP XC 10 50.58 -93.77 -82.63
CA ASP XC 10 50.63 -93.53 -84.08
C ASP XC 10 50.29 -94.82 -84.84
N SER XC 11 49.06 -95.26 -84.63
CA SER XC 11 48.62 -96.56 -85.13
C SER XC 11 47.32 -96.41 -85.90
N THR XC 12 47.12 -97.32 -86.85
CA THR XC 12 45.85 -97.37 -87.55
C THR XC 12 44.86 -98.22 -86.73
N ALA XC 13 43.68 -97.67 -86.52
CA ALA XC 13 42.62 -98.34 -85.76
C ALA XC 13 41.59 -98.85 -86.77
N SER XC 14 41.51 -100.17 -86.90
CA SER XC 14 40.50 -100.78 -87.75
C SER XC 14 39.28 -101.15 -86.92
N VAL XC 15 38.29 -101.74 -87.57
CA VAL XC 15 37.10 -102.23 -86.88
C VAL XC 15 36.42 -103.29 -87.76
N THR XC 16 36.10 -104.44 -87.17
CA THR XC 16 35.47 -105.53 -87.91
C THR XC 16 34.47 -106.21 -87.00
N GLY XC 17 33.23 -105.72 -86.98
CA GLY XC 17 32.16 -106.41 -86.30
C GLY XC 17 30.89 -106.59 -87.08
N GLY XC 18 30.73 -105.78 -88.14
CA GLY XC 18 29.48 -105.79 -88.89
C GLY XC 18 28.46 -104.83 -88.29
N THR XC 19 27.20 -105.01 -88.66
CA THR XC 19 26.09 -104.17 -88.19
C THR XC 19 26.33 -102.70 -88.53
N ALA XC 20 26.45 -102.43 -89.83
CA ALA XC 20 26.76 -101.09 -90.31
C ALA XC 20 25.54 -100.17 -90.21
N ARG XC 21 25.41 -99.48 -89.08
CA ARG XC 21 24.33 -98.55 -88.87
C ARG XC 21 24.62 -97.23 -89.59
N THR XC 22 23.68 -96.30 -89.49
CA THR XC 22 23.78 -95.02 -90.18
C THR XC 22 23.43 -93.88 -89.21
N VAL XC 23 24.29 -92.86 -89.19
CA VAL XC 23 24.03 -91.67 -88.39
C VAL XC 23 23.17 -90.73 -89.24
N LYS XC 24 21.98 -90.41 -88.75
CA LYS XC 24 21.09 -89.46 -89.40
C LYS XC 24 20.90 -88.26 -88.49
N GLU XC 25 21.08 -87.06 -89.05
CA GLU XC 25 20.96 -85.87 -88.22
C GLU XC 25 19.50 -85.54 -87.96
N LEU XC 26 19.25 -84.92 -86.82
CA LEU XC 26 17.89 -84.56 -86.42
C LEU XC 26 17.71 -83.04 -86.47
N VAL XC 27 18.49 -82.29 -85.71
CA VAL XC 27 18.38 -80.83 -85.65
C VAL XC 27 19.78 -80.25 -85.69
N ARG XC 28 19.86 -78.93 -85.59
CA ARG XC 28 21.15 -78.26 -85.63
C ARG XC 28 21.38 -77.29 -84.47
N ASN XC 29 20.32 -76.62 -83.99
CA ASN XC 29 20.39 -75.47 -83.08
C ASN XC 29 21.71 -74.69 -83.14
N ASN XC 30 22.19 -74.22 -82.00
CA ASN XC 30 23.26 -73.22 -81.96
C ASN XC 30 24.61 -73.91 -82.02
N SER XC 31 25.24 -73.87 -83.19
CA SER XC 31 26.60 -74.38 -83.40
C SER XC 31 26.74 -75.81 -82.88
N GLU XC 32 25.70 -76.61 -83.12
CA GLU XC 32 25.61 -77.96 -82.62
C GLU XC 32 25.09 -78.84 -83.76
N LEU XC 33 25.04 -80.15 -83.53
CA LEU XC 33 24.46 -81.06 -84.50
C LEU XC 33 23.97 -82.31 -83.80
N ASN XC 34 22.67 -82.40 -83.58
CA ASN XC 34 22.08 -83.55 -82.90
C ASN XC 34 21.67 -84.59 -83.92
N ALA XC 35 22.24 -85.77 -83.84
CA ALA XC 35 21.94 -86.87 -84.74
C ALA XC 35 21.45 -88.07 -83.93
N TYR XC 36 21.25 -89.18 -84.63
CA TYR XC 36 20.85 -90.42 -83.99
C TYR XC 36 21.27 -91.59 -84.87
N ILE XC 37 21.49 -92.74 -84.24
CA ILE XC 37 21.92 -93.94 -84.96
C ILE XC 37 20.68 -94.75 -85.33
N ASP XC 38 20.55 -95.08 -86.61
CA ASP XC 38 19.34 -95.75 -87.12
C ASP XC 38 19.52 -97.26 -86.98
N GLU XC 39 19.03 -97.79 -85.86
CA GLU XC 39 19.03 -99.21 -85.60
C GLU XC 39 17.65 -99.82 -85.53
N GLY XC 40 16.61 -99.06 -85.88
CA GLY XC 40 15.26 -99.55 -85.90
C GLY XC 40 14.57 -99.67 -84.56
N LEU XC 41 15.11 -99.07 -83.50
CA LEU XC 41 14.48 -99.12 -82.20
C LEU XC 41 13.33 -98.12 -82.13
N SER XC 42 12.78 -97.96 -80.93
CA SER XC 42 11.68 -97.03 -80.73
C SER XC 42 12.17 -95.60 -80.83
N PHE XC 43 11.21 -94.67 -80.78
CA PHE XC 43 11.53 -93.26 -80.93
C PHE XC 43 12.31 -92.73 -79.73
N GLN XC 44 11.84 -93.03 -78.52
CA GLN XC 44 12.52 -92.61 -77.30
C GLN XC 44 13.37 -93.73 -76.71
N ALA XC 45 13.89 -94.61 -77.58
CA ALA XC 45 14.84 -95.63 -77.15
C ALA XC 45 16.04 -95.71 -78.09
N ARG XC 46 16.16 -94.80 -79.05
CA ARG XC 46 17.26 -94.81 -80.00
C ARG XC 46 18.49 -94.15 -79.40
N LYS XC 47 19.65 -94.37 -80.01
CA LYS XC 47 20.89 -93.76 -79.54
C LYS XC 47 21.11 -92.47 -80.32
N GLU XC 48 21.08 -91.34 -79.63
CA GLU XC 48 21.32 -90.03 -80.24
C GLU XC 48 22.71 -89.57 -79.85
N VAL XC 49 23.50 -89.17 -80.84
CA VAL XC 49 24.82 -88.61 -80.57
C VAL XC 49 24.86 -87.16 -81.03
N ALA XC 50 25.25 -86.27 -80.14
CA ALA XC 50 25.32 -84.84 -80.40
C ALA XC 50 26.75 -84.39 -80.59
N PHE XC 51 26.95 -83.53 -81.60
CA PHE XC 51 28.23 -82.94 -81.94
C PHE XC 51 28.19 -81.43 -81.69
N SER XC 52 29.28 -80.87 -81.21
CA SER XC 52 29.32 -79.43 -80.95
C SER XC 52 30.73 -78.90 -81.15
N VAL XC 53 30.83 -77.65 -81.60
CA VAL XC 53 32.12 -77.02 -81.88
C VAL XC 53 32.23 -75.73 -81.06
N LYS XC 54 33.47 -75.42 -80.69
CA LYS XC 54 33.81 -74.28 -79.85
C LYS XC 54 35.07 -73.63 -80.45
N VAL XC 55 34.96 -73.18 -81.69
CA VAL XC 55 36.02 -72.54 -82.46
C VAL XC 55 36.74 -71.47 -81.64
N PRO XC 56 38.02 -71.21 -81.93
CA PRO XC 56 38.79 -70.25 -81.11
C PRO XC 56 38.31 -68.82 -81.27
N LYS XC 57 38.58 -68.02 -80.23
CA LYS XC 57 38.19 -66.62 -80.19
C LYS XC 57 39.41 -65.81 -79.80
N VAL XC 58 39.72 -64.76 -80.59
CA VAL XC 58 40.94 -63.99 -80.39
C VAL XC 58 40.92 -63.32 -79.03
N SER XC 59 41.85 -63.71 -78.16
CA SER XC 59 41.93 -63.21 -76.81
C SER XC 59 43.19 -62.36 -76.64
N VAL XC 60 43.38 -61.82 -75.43
CA VAL XC 60 44.62 -61.18 -75.04
C VAL XC 60 45.46 -62.09 -74.15
N SER XC 61 44.80 -62.91 -73.35
CA SER XC 61 45.36 -64.00 -72.57
C SER XC 61 45.62 -65.17 -73.52
N ALA XC 62 45.68 -66.40 -72.98
CA ALA XC 62 45.89 -67.59 -73.79
C ALA XC 62 47.29 -67.58 -74.40
N PRO XC 63 48.30 -67.99 -73.63
CA PRO XC 63 49.70 -67.80 -74.05
C PRO XC 63 50.03 -68.60 -75.29
N GLY XC 64 49.80 -67.96 -76.44
CA GLY XC 64 49.69 -68.60 -77.73
C GLY XC 64 48.75 -67.80 -78.59
N GLY XC 65 48.01 -66.89 -77.95
CA GLY XC 65 47.27 -65.86 -78.66
C GLY XC 65 45.77 -65.88 -78.47
N PHE XC 66 45.15 -67.06 -78.52
CA PHE XC 66 43.71 -67.18 -78.38
C PHE XC 66 43.33 -68.57 -77.90
N THR XC 67 42.09 -68.68 -77.42
CA THR XC 67 41.60 -69.88 -76.76
C THR XC 67 41.65 -71.09 -77.69
N GLN XC 68 41.59 -72.27 -77.08
CA GLN XC 68 41.66 -73.50 -77.84
C GLN XC 68 40.35 -73.76 -78.57
N ALA XC 69 40.42 -74.73 -79.49
CA ALA XC 69 39.28 -75.10 -80.33
C ALA XC 69 38.69 -76.40 -79.79
N ARG XC 70 37.46 -76.34 -79.30
CA ARG XC 70 36.88 -77.53 -78.68
C ARG XC 70 35.93 -78.26 -79.63
N SER XC 71 35.93 -79.58 -79.53
CA SER XC 71 35.00 -80.43 -80.29
C SER XC 71 34.43 -81.45 -79.30
N THR XC 72 33.12 -81.40 -79.09
CA THR XC 72 32.47 -82.30 -78.15
C THR XC 72 31.55 -83.27 -78.86
N VAL XC 73 31.56 -84.52 -78.39
CA VAL XC 73 30.66 -85.56 -78.86
C VAL XC 73 30.06 -86.27 -77.65
N ILE XC 74 28.73 -86.29 -77.58
CA ILE XC 74 28.04 -87.00 -76.51
C ILE XC 74 27.17 -88.09 -77.13
N LEU XC 75 27.38 -89.33 -76.71
CA LEU XC 75 26.61 -90.47 -77.19
C LEU XC 75 25.64 -90.87 -76.08
N LYS XC 76 24.35 -90.70 -76.36
CA LYS XC 76 23.31 -91.01 -75.38
C LYS XC 76 22.67 -92.35 -75.72
N SER XC 77 22.86 -93.33 -74.84
CA SER XC 77 22.27 -94.66 -75.01
C SER XC 77 21.21 -94.85 -73.93
N PRO XC 78 19.92 -94.89 -74.28
CA PRO XC 78 18.89 -95.02 -73.25
C PRO XC 78 18.79 -96.46 -72.77
N LYS XC 79 18.31 -96.63 -71.54
CA LYS XC 79 18.22 -97.93 -70.89
C LYS XC 79 16.99 -97.97 -69.99
N THR XC 80 16.22 -99.05 -70.11
CA THR XC 80 15.05 -99.28 -69.26
C THR XC 80 15.50 -100.12 -68.06
N LEU XC 81 15.35 -99.56 -66.87
CA LEU XC 81 15.76 -100.26 -65.66
C LEU XC 81 14.70 -101.27 -65.22
N ALA XC 82 15.14 -102.26 -64.43
CA ALA XC 82 14.24 -103.31 -63.97
C ALA XC 82 13.09 -102.75 -63.14
N ASN XC 83 13.36 -101.68 -62.39
CA ASN XC 83 12.29 -101.04 -61.62
C ASN XC 83 11.21 -100.47 -62.52
N GLY XC 84 11.50 -100.30 -63.80
CA GLY XC 84 10.49 -99.89 -64.75
C GLY XC 84 10.79 -98.55 -65.39
N ASN XC 85 11.48 -97.68 -64.64
CA ASN XC 85 11.79 -96.34 -65.13
C ASN XC 85 12.87 -96.40 -66.21
N ARG XC 86 13.25 -95.23 -66.70
CA ARG XC 86 14.15 -95.07 -67.82
C ARG XC 86 15.28 -94.12 -67.44
N THR XC 87 16.47 -94.41 -67.92
CA THR XC 87 17.64 -93.58 -67.67
C THR XC 87 18.44 -93.53 -68.96
N VAL XC 88 19.44 -92.65 -69.01
CA VAL XC 88 20.32 -92.55 -70.17
C VAL XC 88 21.75 -92.74 -69.71
N ASN XC 89 22.49 -93.60 -70.41
CA ASN XC 89 23.91 -93.83 -70.17
C ASN XC 89 24.67 -93.06 -71.26
N THR XC 90 25.52 -92.13 -70.82
CA THR XC 90 26.14 -91.21 -71.77
C THR XC 90 27.65 -91.43 -71.85
N VAL XC 91 28.20 -91.13 -73.02
CA VAL XC 91 29.64 -91.17 -73.23
C VAL XC 91 30.09 -89.88 -73.90
N SER XC 92 30.58 -88.92 -73.11
CA SER XC 92 31.01 -87.65 -73.67
C SER XC 92 32.50 -87.68 -73.98
N ILE XC 93 32.88 -86.95 -75.03
CA ILE XC 93 34.27 -86.84 -75.46
C ILE XC 93 34.54 -85.41 -75.87
N GLN XC 94 35.66 -84.84 -75.41
CA GLN XC 94 36.02 -83.46 -75.73
C GLN XC 94 37.47 -83.39 -76.18
N LEU XC 95 37.75 -82.41 -77.03
CA LEU XC 95 39.05 -82.28 -77.71
C LEU XC 95 39.54 -80.83 -77.63
N SER XC 96 39.60 -80.28 -76.42
CA SER XC 96 40.10 -78.93 -76.20
C SER XC 96 41.60 -78.90 -76.56
N VAL XC 97 41.89 -78.48 -77.79
CA VAL XC 97 43.25 -78.39 -78.29
C VAL XC 97 43.50 -77.00 -78.84
N ASP XC 98 44.74 -76.53 -78.67
CA ASP XC 98 45.09 -75.18 -79.08
C ASP XC 98 45.08 -75.08 -80.60
N PRO XC 99 44.58 -73.97 -81.15
CA PRO XC 99 44.37 -73.89 -82.61
C PRO XC 99 45.63 -73.99 -83.45
N GLU XC 100 46.81 -73.74 -82.89
CA GLU XC 100 48.05 -73.89 -83.63
C GLU XC 100 48.41 -75.35 -83.87
N THR XC 101 47.65 -76.29 -83.30
CA THR XC 101 47.96 -77.71 -83.40
C THR XC 101 47.85 -78.19 -84.84
N THR XC 102 48.82 -79.00 -85.25
CA THR XC 102 48.78 -79.62 -86.56
C THR XC 102 47.84 -80.82 -86.55
N ALA XC 103 47.42 -81.25 -87.73
CA ALA XC 103 46.50 -82.36 -87.85
C ALA XC 103 47.14 -83.71 -87.54
N ALA XC 104 48.46 -83.82 -87.72
CA ALA XC 104 49.13 -85.08 -87.39
C ALA XC 104 49.10 -85.36 -85.90
N GLU XC 105 49.37 -84.35 -85.08
CA GLU XC 105 49.32 -84.55 -83.64
C GLU XC 105 47.89 -84.77 -83.16
N VAL XC 106 46.92 -84.11 -83.81
CA VAL XC 106 45.52 -84.36 -83.49
C VAL XC 106 45.15 -85.80 -83.80
N THR XC 107 45.60 -86.32 -84.94
CA THR XC 107 45.34 -87.72 -85.27
C THR XC 107 46.00 -88.66 -84.27
N THR XC 108 47.24 -88.34 -83.87
CA THR XC 108 47.94 -89.13 -82.87
C THR XC 108 47.15 -89.16 -81.56
N MET XC 109 46.67 -88.00 -81.12
CA MET XC 109 45.90 -87.90 -79.90
C MET XC 109 44.59 -88.67 -79.99
N LEU XC 110 43.92 -88.58 -81.13
CA LEU XC 110 42.66 -89.29 -81.32
C LEU XC 110 42.87 -90.80 -81.30
N ASN XC 111 43.95 -91.26 -81.92
CA ASN XC 111 44.25 -92.69 -81.89
C ASN XC 111 44.62 -93.15 -80.49
N ALA XC 112 45.39 -92.35 -79.76
CA ALA XC 112 45.77 -92.73 -78.40
C ALA XC 112 44.54 -92.77 -77.48
N ALA XC 113 43.68 -91.76 -77.55
CA ALA XC 113 42.45 -91.73 -76.78
C ALA XC 113 41.49 -92.85 -77.15
N ALA XC 114 41.32 -93.11 -78.45
CA ALA XC 114 40.43 -94.16 -78.89
C ALA XC 114 41.02 -95.55 -78.70
N GLN XC 115 42.33 -95.64 -78.46
CA GLN XC 115 42.92 -96.91 -78.08
C GLN XC 115 42.53 -97.32 -76.67
N LEU XC 116 42.27 -96.35 -75.80
CA LEU XC 116 41.46 -96.58 -74.63
C LEU XC 116 40.02 -96.85 -75.08
N LEU XC 117 39.18 -97.31 -74.16
CA LEU XC 117 37.77 -97.62 -74.41
C LEU XC 117 37.58 -98.91 -75.20
N PHE XC 118 38.64 -99.49 -75.77
CA PHE XC 118 38.45 -100.81 -76.36
C PHE XC 118 39.64 -101.73 -76.08
N ASP XC 119 40.68 -101.20 -75.45
CA ASP XC 119 41.79 -102.03 -75.03
C ASP XC 119 41.34 -102.93 -73.88
N SER XC 120 41.89 -104.14 -73.85
CA SER XC 120 41.54 -105.10 -72.82
C SER XC 120 42.00 -104.67 -71.44
N ASP XC 121 43.08 -103.90 -71.34
CA ASP XC 121 43.61 -103.50 -70.05
C ASP XC 121 42.62 -102.64 -69.28
N TYR XC 122 41.85 -101.82 -69.98
CA TYR XC 122 40.96 -100.86 -69.34
C TYR XC 122 39.52 -101.35 -69.25
N SER XC 123 39.26 -102.61 -69.61
CA SER XC 123 37.92 -103.18 -69.49
C SER XC 123 37.38 -103.05 -68.07
N ASP XC 124 38.19 -103.44 -67.08
CA ASP XC 124 37.74 -103.39 -65.70
C ASP XC 124 37.56 -101.96 -65.21
N PHE XC 125 38.41 -101.05 -65.70
CA PHE XC 125 38.26 -99.64 -65.33
C PHE XC 125 36.94 -99.08 -65.85
N TRP XC 126 36.61 -99.36 -67.11
CA TRP XC 126 35.38 -98.84 -67.68
C TRP XC 126 34.14 -99.54 -67.12
N LYS XC 127 34.24 -100.82 -66.75
CA LYS XC 127 33.07 -101.59 -66.36
C LYS XC 127 32.88 -101.61 -64.85
N ALA XC 128 33.86 -102.09 -64.08
CA ALA XC 128 33.75 -102.18 -62.63
C ALA XC 128 34.40 -101.02 -61.90
N GLN XC 129 34.93 -100.03 -62.62
CA GLN XC 129 35.61 -98.88 -62.03
C GLN XC 129 36.84 -99.31 -61.21
N ALA XC 130 37.54 -100.33 -61.72
CA ALA XC 130 38.74 -100.84 -61.05
C ALA XC 130 39.92 -99.93 -61.41
N LEU XC 131 40.08 -98.87 -60.63
CA LEU XC 131 41.21 -97.96 -60.80
C LEU XC 131 42.52 -98.71 -60.56
N ALA XC 132 42.71 -99.21 -59.36
CA ALA XC 132 43.85 -100.05 -59.06
C ALA XC 132 43.53 -101.49 -59.42
N ALA YC 1 -109.24 50.76 -49.26
CA ALA YC 1 -110.54 50.48 -49.85
C ALA YC 1 -110.59 49.07 -50.39
N ILE YC 2 -109.65 48.24 -49.92
CA ILE YC 2 -109.74 46.80 -50.14
C ILE YC 2 -110.64 46.24 -49.05
N ALA YC 3 -111.94 46.22 -49.31
CA ALA YC 3 -112.91 45.78 -48.33
C ALA YC 3 -114.16 45.34 -49.06
N ASN YC 4 -115.14 46.23 -49.18
CA ASN YC 4 -116.26 45.98 -50.07
C ASN YC 4 -116.03 46.71 -51.38
N SER YC 5 -114.99 46.31 -52.12
CA SER YC 5 -114.69 46.90 -53.42
C SER YC 5 -115.59 46.30 -54.50
N SER YC 6 -115.24 46.48 -55.76
CA SER YC 6 -116.00 45.85 -56.83
C SER YC 6 -115.09 45.61 -58.03
N ILE YC 7 -115.23 44.44 -58.62
CA ILE YC 7 -114.42 44.05 -59.78
C ILE YC 7 -115.28 43.24 -60.74
N ALA YC 8 -115.24 43.57 -62.02
CA ALA YC 8 -115.99 42.85 -63.02
C ALA YC 8 -115.22 41.60 -63.44
N ILE YC 9 -115.87 40.46 -63.41
CA ILE YC 9 -115.25 39.19 -63.75
C ILE YC 9 -115.78 38.72 -65.10
N ASP YC 10 -114.86 38.25 -65.95
CA ASP YC 10 -115.17 37.86 -67.32
C ASP YC 10 -115.72 39.05 -68.11
N SER YC 11 -114.89 40.09 -68.22
CA SER YC 11 -115.25 41.33 -68.88
C SER YC 11 -114.12 41.79 -69.79
N THR YC 12 -114.48 42.59 -70.79
CA THR YC 12 -113.50 43.16 -71.71
C THR YC 12 -113.00 44.50 -71.18
N ALA YC 13 -111.70 44.72 -71.30
CA ALA YC 13 -111.06 45.95 -70.86
C ALA YC 13 -110.58 46.76 -72.06
N SER YC 14 -110.72 48.07 -71.97
CA SER YC 14 -110.40 48.96 -73.08
C SER YC 14 -109.57 50.12 -72.56
N VAL YC 15 -109.00 50.87 -73.50
CA VAL YC 15 -108.14 52.01 -73.21
C VAL YC 15 -108.51 53.15 -74.15
N THR YC 16 -108.65 54.34 -73.59
CA THR YC 16 -108.95 55.54 -74.36
C THR YC 16 -107.91 56.62 -74.06
N GLY YC 17 -107.64 57.46 -75.06
CA GLY YC 17 -106.72 58.56 -74.87
C GLY YC 17 -105.28 58.10 -74.80
N GLY YC 18 -104.46 58.91 -74.12
CA GLY YC 18 -103.05 58.62 -74.03
C GLY YC 18 -102.32 58.88 -75.34
N THR YC 19 -101.09 58.35 -75.40
CA THR YC 19 -100.23 58.51 -76.57
C THR YC 19 -99.69 57.14 -76.94
N ALA YC 20 -100.15 56.60 -78.06
CA ALA YC 20 -99.71 55.29 -78.54
C ALA YC 20 -98.22 55.26 -78.79
N ARG YC 21 -97.49 54.50 -77.98
CA ARG YC 21 -96.06 54.32 -78.14
C ARG YC 21 -95.80 53.02 -78.90
N THR YC 22 -94.54 52.58 -78.94
CA THR YC 22 -94.20 51.35 -79.65
C THR YC 22 -93.15 50.61 -78.83
N VAL YC 23 -93.32 49.30 -78.71
CA VAL YC 23 -92.38 48.46 -77.93
C VAL YC 23 -91.33 47.96 -78.91
N LYS YC 24 -90.14 48.54 -78.82
CA LYS YC 24 -89.04 48.14 -79.70
C LYS YC 24 -88.22 47.03 -79.04
N GLU YC 25 -87.95 45.98 -79.80
CA GLU YC 25 -87.29 44.81 -79.26
C GLU YC 25 -85.77 44.95 -79.38
N LEU YC 26 -85.07 44.58 -78.30
CA LEU YC 26 -83.64 44.82 -78.22
C LEU YC 26 -82.90 43.50 -78.32
N VAL YC 27 -83.14 42.55 -77.41
CA VAL YC 27 -82.41 41.28 -77.38
C VAL YC 27 -83.38 40.18 -77.00
N ARG YC 28 -83.34 39.07 -77.73
CA ARG YC 28 -84.12 37.88 -77.42
C ARG YC 28 -83.14 36.71 -77.22
N ASN YC 29 -83.08 36.20 -76.00
CA ASN YC 29 -82.16 35.10 -75.69
C ASN YC 29 -82.47 34.61 -74.28
N ASN YC 30 -82.03 33.38 -74.01
CA ASN YC 30 -82.12 32.78 -72.68
C ASN YC 30 -83.54 32.82 -72.13
N SER YC 31 -84.51 32.54 -73.00
CA SER YC 31 -85.93 32.56 -72.64
C SER YC 31 -86.41 33.94 -72.23
N GLU YC 32 -85.65 34.97 -72.59
CA GLU YC 32 -85.92 36.35 -72.23
C GLU YC 32 -86.00 37.21 -73.47
N LEU YC 33 -86.87 38.22 -73.44
CA LEU YC 33 -86.99 39.20 -74.53
C LEU YC 33 -86.86 40.59 -73.89
N ASN YC 34 -85.70 41.19 -74.04
CA ASN YC 34 -85.50 42.56 -73.60
C ASN YC 34 -85.98 43.54 -74.65
N ALA YC 35 -86.79 44.51 -74.23
CA ALA YC 35 -87.36 45.50 -75.14
C ALA YC 35 -87.40 46.85 -74.41
N TYR YC 36 -87.89 47.86 -75.11
CA TYR YC 36 -88.01 49.19 -74.55
C TYR YC 36 -89.15 49.93 -75.24
N ILE YC 37 -89.82 50.78 -74.48
CA ILE YC 37 -90.91 51.60 -75.01
C ILE YC 37 -90.32 52.88 -75.57
N ASP YC 38 -90.71 53.21 -76.80
CA ASP YC 38 -90.14 54.34 -77.52
C ASP YC 38 -91.04 55.55 -77.27
N GLU YC 39 -90.59 56.45 -76.40
CA GLU YC 39 -91.28 57.71 -76.15
C GLU YC 39 -90.45 58.91 -76.58
N GLY YC 40 -89.36 58.68 -77.32
CA GLY YC 40 -88.47 59.76 -77.69
C GLY YC 40 -87.74 60.35 -76.50
N LEU YC 41 -87.22 59.48 -75.64
CA LEU YC 41 -86.49 59.88 -74.45
C LEU YC 41 -85.02 59.50 -74.62
N SER YC 42 -84.23 59.81 -73.59
CA SER YC 42 -82.82 59.48 -73.59
C SER YC 42 -82.62 58.05 -73.11
N PHE YC 43 -81.42 57.50 -73.36
CA PHE YC 43 -81.13 56.13 -72.96
C PHE YC 43 -81.19 55.93 -71.46
N GLN YC 44 -80.73 56.90 -70.68
CA GLN YC 44 -80.79 56.81 -69.22
C GLN YC 44 -82.20 56.86 -68.66
N ALA YC 45 -83.16 57.38 -69.41
CA ALA YC 45 -84.55 57.38 -68.99
C ALA YC 45 -85.39 56.78 -70.12
N ARG YC 46 -85.46 55.45 -70.14
CA ARG YC 46 -86.25 54.72 -71.11
C ARG YC 46 -87.42 54.03 -70.38
N LYS YC 47 -88.18 53.14 -71.01
CA LYS YC 47 -89.21 52.38 -70.33
C LYS YC 47 -89.00 50.90 -70.62
N GLU YC 48 -87.78 50.42 -70.40
CA GLU YC 48 -87.43 49.03 -70.69
C GLU YC 48 -88.40 48.06 -70.04
N VAL YC 49 -88.84 47.07 -70.81
CA VAL YC 49 -89.72 46.01 -70.32
C VAL YC 49 -89.14 44.68 -70.76
N ALA YC 50 -89.05 43.74 -69.82
CA ALA YC 50 -88.47 42.42 -70.07
C ALA YC 50 -89.52 41.33 -69.99
N PHE YC 51 -89.61 40.53 -71.06
CA PHE YC 51 -90.53 39.41 -71.15
C PHE YC 51 -89.74 38.12 -71.01
N SER YC 52 -90.16 37.26 -70.08
CA SER YC 52 -89.49 35.99 -69.86
C SER YC 52 -90.52 34.88 -69.75
N VAL YC 53 -90.12 33.68 -70.15
CA VAL YC 53 -91.00 32.52 -70.18
C VAL YC 53 -90.29 31.34 -69.52
N LYS YC 54 -91.04 30.60 -68.69
CA LYS YC 54 -90.55 29.43 -67.97
C LYS YC 54 -91.47 28.24 -68.31
N VAL YC 55 -91.06 27.45 -69.30
CA VAL YC 55 -91.86 26.34 -69.79
C VAL YC 55 -91.92 25.21 -68.77
N PRO YC 56 -93.00 24.44 -68.72
CA PRO YC 56 -93.10 23.37 -67.72
C PRO YC 56 -92.22 22.17 -68.06
N LYS YC 57 -91.78 21.47 -67.02
CA LYS YC 57 -91.03 20.24 -67.15
C LYS YC 57 -91.73 19.12 -66.37
N VAL YC 58 -91.45 17.87 -66.77
CA VAL YC 58 -92.08 16.73 -66.15
C VAL YC 58 -91.61 16.60 -64.70
N SER YC 59 -92.51 16.17 -63.83
CA SER YC 59 -92.21 15.99 -62.41
C SER YC 59 -92.92 14.74 -61.91
N VAL YC 60 -92.69 14.43 -60.63
CA VAL YC 60 -93.43 13.38 -59.95
C VAL YC 60 -94.40 13.94 -58.91
N SER YC 61 -94.02 15.03 -58.24
CA SER YC 61 -94.89 15.87 -57.45
C SER YC 61 -95.65 16.79 -58.39
N ALA YC 62 -96.19 17.90 -57.86
CA ALA YC 62 -96.92 18.85 -58.71
C ALA YC 62 -98.16 18.18 -59.28
N PRO YC 63 -99.25 18.12 -58.51
CA PRO YC 63 -100.28 17.10 -58.71
C PRO YC 63 -100.97 17.20 -60.06
N GLY YC 64 -100.37 16.53 -61.04
CA GLY YC 64 -100.69 16.70 -62.44
C GLY YC 64 -99.47 16.44 -63.29
N GLY YC 65 -98.33 16.29 -62.64
CA GLY YC 65 -97.15 15.75 -63.30
C GLY YC 65 -96.15 16.78 -63.80
N PHE YC 66 -96.61 18.01 -64.00
CA PHE YC 66 -95.74 19.05 -64.52
C PHE YC 66 -95.71 20.25 -63.58
N THR YC 67 -94.59 20.96 -63.62
CA THR YC 67 -94.49 22.25 -62.96
C THR YC 67 -95.34 23.27 -63.72
N GLN YC 68 -95.60 24.40 -63.08
CA GLN YC 68 -96.46 25.40 -63.69
C GLN YC 68 -95.71 26.17 -64.78
N ALA YC 69 -96.47 26.68 -65.74
CA ALA YC 69 -95.92 27.50 -66.82
C ALA YC 69 -95.92 28.96 -66.37
N ARG YC 70 -94.72 29.53 -66.21
CA ARG YC 70 -94.58 30.88 -65.69
C ARG YC 70 -94.26 31.86 -66.81
N SER YC 71 -94.94 33.01 -66.79
CA SER YC 71 -94.72 34.09 -67.76
C SER YC 71 -94.57 35.38 -66.95
N THR YC 72 -93.40 35.99 -67.04
CA THR YC 72 -93.08 37.16 -66.24
C THR YC 72 -92.80 38.38 -67.11
N VAL YC 73 -93.38 39.51 -66.72
CA VAL YC 73 -93.13 40.79 -67.38
C VAL YC 73 -92.68 41.80 -66.33
N ILE YC 74 -91.51 42.39 -66.52
CA ILE YC 74 -91.01 43.45 -65.65
C ILE YC 74 -90.88 44.73 -66.45
N LEU YC 75 -91.56 45.78 -66.01
CA LEU YC 75 -91.51 47.11 -66.61
C LEU YC 75 -90.63 47.98 -65.72
N LYS YC 76 -89.61 48.59 -66.31
CA LYS YC 76 -88.69 49.42 -65.56
C LYS YC 76 -88.86 50.89 -65.90
N SER YC 77 -88.99 51.72 -64.87
CA SER YC 77 -89.21 53.15 -65.05
C SER YC 77 -88.13 53.92 -64.30
N PRO YC 78 -87.09 54.40 -64.99
CA PRO YC 78 -86.07 55.22 -64.32
C PRO YC 78 -86.62 56.53 -63.80
N LYS YC 79 -86.38 56.79 -62.52
CA LYS YC 79 -86.75 58.05 -61.88
C LYS YC 79 -85.48 58.78 -61.44
N THR YC 80 -85.49 60.09 -61.58
CA THR YC 80 -84.38 60.94 -61.15
C THR YC 80 -84.79 61.71 -59.91
N LEU YC 81 -83.97 61.63 -58.87
CA LEU YC 81 -84.31 62.14 -57.56
C LEU YC 81 -83.89 63.59 -57.40
N ALA YC 82 -84.21 64.17 -56.24
CA ALA YC 82 -83.87 65.56 -55.98
C ALA YC 82 -82.36 65.77 -55.95
N ASN YC 83 -81.64 64.87 -55.26
CA ASN YC 83 -80.18 64.96 -55.24
C ASN YC 83 -79.60 64.76 -56.62
N GLY YC 84 -80.16 63.82 -57.39
CA GLY YC 84 -79.68 63.59 -58.74
C GLY YC 84 -79.25 62.16 -58.99
N ASN YC 85 -79.33 61.32 -57.96
CA ASN YC 85 -79.09 59.91 -58.15
C ASN YC 85 -80.22 59.29 -58.96
N ARG YC 86 -79.90 58.23 -59.69
CA ARG YC 86 -80.87 57.56 -60.54
C ARG YC 86 -81.37 56.28 -59.89
N THR YC 87 -82.69 56.12 -59.85
CA THR YC 87 -83.33 54.91 -59.36
C THR YC 87 -84.32 54.43 -60.41
N VAL YC 88 -84.62 53.13 -60.38
CA VAL YC 88 -85.55 52.52 -61.30
C VAL YC 88 -86.76 52.02 -60.51
N ASN YC 89 -87.95 52.39 -60.97
CA ASN YC 89 -89.20 51.91 -60.39
C ASN YC 89 -89.71 50.78 -61.29
N THR YC 90 -89.95 49.61 -60.71
CA THR YC 90 -90.30 48.42 -61.47
C THR YC 90 -91.70 47.93 -61.10
N VAL YC 91 -92.36 47.32 -62.09
CA VAL YC 91 -93.59 46.58 -61.88
C VAL YC 91 -93.41 45.16 -62.43
N SER YC 92 -93.53 44.17 -61.57
CA SER YC 92 -93.43 42.78 -62.01
C SER YC 92 -94.81 42.16 -62.10
N ILE YC 93 -95.03 41.39 -63.17
CA ILE YC 93 -96.29 40.68 -63.38
C ILE YC 93 -95.89 39.24 -63.72
N GLN YC 94 -96.18 38.31 -62.81
CA GLN YC 94 -95.86 36.91 -63.01
C GLN YC 94 -97.15 36.10 -63.01
N LEU YC 95 -97.34 35.31 -64.06
CA LEU YC 95 -98.50 34.45 -64.20
C LEU YC 95 -98.02 33.00 -64.16
N SER YC 96 -98.53 32.23 -63.21
CA SER YC 96 -98.22 30.81 -63.08
C SER YC 96 -99.51 30.01 -63.22
N VAL YC 97 -99.61 29.23 -64.30
CA VAL YC 97 -100.77 28.37 -64.52
C VAL YC 97 -100.30 26.94 -64.73
N ASP YC 98 -101.10 26.00 -64.24
CA ASP YC 98 -100.90 24.62 -64.59
C ASP YC 98 -101.14 24.42 -66.08
N PRO YC 99 -100.38 23.55 -66.73
CA PRO YC 99 -100.54 23.38 -68.19
C PRO YC 99 -101.92 22.89 -68.60
N GLU YC 100 -102.70 22.31 -67.70
CA GLU YC 100 -104.06 21.90 -68.03
C GLU YC 100 -105.02 23.08 -68.16
N THR YC 101 -104.59 24.28 -67.78
CA THR YC 101 -105.49 25.43 -67.72
C THR YC 101 -105.90 25.88 -69.12
N THR YC 102 -107.20 26.09 -69.30
CA THR YC 102 -107.75 26.51 -70.58
C THR YC 102 -107.41 27.97 -70.85
N ALA YC 103 -107.63 28.39 -72.09
CA ALA YC 103 -107.35 29.77 -72.47
C ALA YC 103 -108.39 30.72 -71.90
N ALA YC 104 -109.62 30.25 -71.68
CA ALA YC 104 -110.64 31.10 -71.07
C ALA YC 104 -110.39 31.29 -69.58
N GLU YC 105 -109.79 30.30 -68.93
CA GLU YC 105 -109.43 30.46 -67.51
C GLU YC 105 -108.28 31.44 -67.34
N VAL YC 106 -107.32 31.45 -68.27
CA VAL YC 106 -106.24 32.43 -68.22
C VAL YC 106 -106.77 33.82 -68.55
N THR YC 107 -107.67 33.92 -69.54
CA THR YC 107 -108.26 35.20 -69.89
C THR YC 107 -108.99 35.82 -68.71
N THR YC 108 -109.75 35.01 -67.96
CA THR YC 108 -110.41 35.51 -66.76
C THR YC 108 -109.41 36.01 -65.74
N MET YC 109 -108.32 35.25 -65.54
CA MET YC 109 -107.28 35.65 -64.61
C MET YC 109 -106.62 36.96 -65.06
N LEU YC 110 -106.34 37.08 -66.35
CA LEU YC 110 -105.66 38.26 -66.86
C LEU YC 110 -106.51 39.51 -66.70
N ASN YC 111 -107.80 39.40 -66.99
CA ASN YC 111 -108.67 40.57 -66.90
C ASN YC 111 -108.92 41.00 -65.46
N ALA YC 112 -109.14 40.04 -64.57
CA ALA YC 112 -109.36 40.37 -63.16
C ALA YC 112 -108.12 40.99 -62.53
N ALA YC 113 -106.93 40.52 -62.92
CA ALA YC 113 -105.70 41.09 -62.39
C ALA YC 113 -105.42 42.47 -62.96
N ALA YC 114 -105.97 42.78 -64.15
CA ALA YC 114 -105.77 44.10 -64.73
C ALA YC 114 -106.53 45.16 -63.95
N GLN YC 115 -107.77 44.86 -63.57
CA GLN YC 115 -108.53 45.78 -62.73
C GLN YC 115 -107.96 45.89 -61.32
N LEU YC 116 -107.14 44.93 -60.90
CA LEU YC 116 -106.53 45.02 -59.57
C LEU YC 116 -105.54 46.16 -59.49
N LEU YC 117 -104.99 46.59 -60.62
CA LEU YC 117 -104.02 47.69 -60.62
C LEU YC 117 -104.45 48.88 -61.47
N PHE YC 118 -105.74 48.98 -61.82
CA PHE YC 118 -106.23 50.24 -62.33
C PHE YC 118 -107.59 50.67 -61.77
N ASP YC 119 -108.31 49.82 -61.05
CA ASP YC 119 -109.55 50.24 -60.41
C ASP YC 119 -109.27 51.26 -59.32
N SER YC 120 -110.21 52.19 -59.13
CA SER YC 120 -109.98 53.30 -58.21
C SER YC 120 -109.92 52.83 -56.76
N ASP YC 121 -110.60 51.73 -56.44
CA ASP YC 121 -110.62 51.22 -55.06
C ASP YC 121 -109.25 50.80 -54.58
N TYR YC 122 -108.33 50.56 -55.51
CA TYR YC 122 -106.99 50.10 -55.12
C TYR YC 122 -105.95 51.20 -55.30
N SER YC 123 -106.41 52.43 -55.54
CA SER YC 123 -105.48 53.53 -55.74
C SER YC 123 -104.64 53.79 -54.51
N ASP YC 124 -105.25 53.78 -53.33
CA ASP YC 124 -104.51 54.04 -52.09
C ASP YC 124 -103.61 52.89 -51.69
N PHE YC 125 -103.95 51.67 -52.08
CA PHE YC 125 -103.05 50.55 -51.82
C PHE YC 125 -101.76 50.65 -52.63
N TRP YC 126 -101.85 51.03 -53.90
CA TRP YC 126 -100.67 51.15 -54.74
C TRP YC 126 -99.86 52.40 -54.44
N LYS YC 127 -100.52 53.54 -54.23
CA LYS YC 127 -99.84 54.80 -54.00
C LYS YC 127 -99.60 55.07 -52.51
N ALA YC 128 -100.66 55.11 -51.72
CA ALA YC 128 -100.52 55.39 -50.29
C ALA YC 128 -100.08 54.19 -49.48
N GLN YC 129 -100.07 53.00 -50.07
CA GLN YC 129 -99.67 51.77 -49.37
C GLN YC 129 -100.62 51.49 -48.21
N ALA YC 130 -101.91 51.69 -48.46
CA ALA YC 130 -102.94 51.64 -47.44
C ALA YC 130 -103.79 50.38 -47.62
N LEU YC 131 -103.68 49.45 -46.66
CA LEU YC 131 -104.41 48.19 -46.74
C LEU YC 131 -105.91 48.41 -46.58
N ALA YC 132 -106.31 49.43 -45.85
CA ALA YC 132 -107.72 49.78 -45.75
C ALA YC 132 -107.93 51.29 -45.83
N ALA ZC 1 -96.84 40.33 -81.83
CA ALA ZC 1 -96.82 40.17 -80.39
C ALA ZC 1 -95.81 41.11 -79.76
N ILE ZC 2 -94.94 40.56 -78.92
CA ILE ZC 2 -93.86 41.36 -78.34
C ILE ZC 2 -92.79 41.56 -79.40
N ALA ZC 3 -92.81 42.72 -80.05
CA ALA ZC 3 -91.92 43.00 -81.16
C ALA ZC 3 -92.16 44.42 -81.67
N ASN ZC 4 -93.39 44.71 -82.09
CA ASN ZC 4 -93.78 46.01 -82.59
C ASN ZC 4 -95.09 46.47 -81.97
N SER ZC 5 -95.40 45.94 -80.78
CA SER ZC 5 -96.68 46.23 -80.15
C SER ZC 5 -96.74 47.69 -79.68
N SER ZC 6 -97.95 48.23 -79.65
CA SER ZC 6 -98.20 49.62 -79.24
C SER ZC 6 -98.89 49.61 -77.89
N ILE ZC 7 -98.43 50.48 -76.99
CA ILE ZC 7 -99.02 50.66 -75.67
C ILE ZC 7 -99.32 52.13 -75.47
N ALA ZC 8 -100.55 52.44 -75.06
CA ALA ZC 8 -101.00 53.83 -74.91
C ALA ZC 8 -100.57 54.36 -73.55
N ILE ZC 9 -99.48 55.11 -73.51
CA ILE ZC 9 -98.94 55.63 -72.26
C ILE ZC 9 -99.82 56.77 -71.76
N ASP ZC 10 -100.09 56.76 -70.45
CA ASP ZC 10 -100.87 57.80 -69.78
C ASP ZC 10 -102.27 57.93 -70.38
N SER ZC 11 -102.92 56.78 -70.56
CA SER ZC 11 -104.29 56.70 -71.03
C SER ZC 11 -105.21 56.31 -69.89
N THR ZC 12 -106.50 56.18 -70.19
CA THR ZC 12 -107.51 55.78 -69.23
C THR ZC 12 -108.01 54.39 -69.58
N ALA ZC 13 -107.89 53.45 -68.64
CA ALA ZC 13 -108.33 52.08 -68.84
C ALA ZC 13 -109.64 51.85 -68.11
N SER ZC 14 -110.59 51.22 -68.81
CA SER ZC 14 -111.92 50.97 -68.26
C SER ZC 14 -112.33 49.53 -68.56
N VAL ZC 15 -113.51 49.17 -68.07
CA VAL ZC 15 -114.06 47.83 -68.21
C VAL ZC 15 -115.53 47.92 -68.58
N THR ZC 16 -115.95 47.08 -69.52
CA THR ZC 16 -117.36 46.98 -69.90
C THR ZC 16 -117.79 45.52 -69.84
N GLY ZC 17 -119.07 45.29 -69.62
CA GLY ZC 17 -119.57 43.94 -69.51
C GLY ZC 17 -119.14 43.27 -68.22
N GLY ZC 18 -119.32 41.96 -68.19
CA GLY ZC 18 -118.91 41.17 -67.04
C GLY ZC 18 -119.91 41.19 -65.91
N THR ZC 19 -119.54 40.53 -64.82
CA THR ZC 19 -120.32 40.49 -63.60
C THR ZC 19 -119.54 41.13 -62.46
N ALA ZC 20 -120.19 42.01 -61.72
CA ALA ZC 20 -119.57 42.78 -60.65
C ALA ZC 20 -119.59 41.93 -59.37
N ARG ZC 21 -118.40 41.56 -58.91
CA ARG ZC 21 -118.27 40.88 -57.63
C ARG ZC 21 -117.73 41.84 -56.58
N THR ZC 22 -117.96 41.50 -55.31
CA THR ZC 22 -117.76 42.46 -54.23
C THR ZC 22 -116.34 42.42 -53.67
N VAL ZC 23 -115.74 41.24 -53.59
CA VAL ZC 23 -114.47 41.03 -52.90
C VAL ZC 23 -114.70 41.21 -51.40
N LYS ZC 24 -114.38 40.19 -50.61
CA LYS ZC 24 -114.69 40.19 -49.19
C LYS ZC 24 -113.42 39.87 -48.42
N GLU ZC 25 -113.15 40.64 -47.36
CA GLU ZC 25 -111.94 40.45 -46.58
C GLU ZC 25 -112.04 39.20 -45.72
N LEU ZC 26 -111.01 38.37 -45.73
CA LEU ZC 26 -110.96 37.19 -44.87
C LEU ZC 26 -110.19 37.44 -43.58
N VAL ZC 27 -108.89 37.71 -43.70
CA VAL ZC 27 -107.98 37.73 -42.56
C VAL ZC 27 -106.98 38.87 -42.76
N ARG ZC 28 -106.61 39.49 -41.65
CA ARG ZC 28 -105.74 40.65 -41.67
C ARG ZC 28 -104.51 40.33 -40.83
N ASN ZC 29 -103.61 41.31 -40.70
CA ASN ZC 29 -102.44 41.26 -39.84
C ASN ZC 29 -101.37 40.33 -40.38
N ASN ZC 30 -100.14 40.82 -40.50
CA ASN ZC 30 -99.84 42.24 -40.30
C ASN ZC 30 -99.13 42.77 -41.53
N SER ZC 31 -99.58 43.94 -42.01
CA SER ZC 31 -99.15 44.48 -43.30
C SER ZC 31 -99.41 43.46 -44.41
N GLU ZC 32 -100.55 42.78 -44.29
CA GLU ZC 32 -100.91 41.69 -45.19
C GLU ZC 32 -102.42 41.48 -45.12
N LEU ZC 33 -103.13 41.77 -46.21
CA LEU ZC 33 -104.57 41.56 -46.23
C LEU ZC 33 -104.93 40.38 -47.11
N ASN ZC 34 -105.91 39.59 -46.65
CA ASN ZC 34 -106.41 38.45 -47.39
C ASN ZC 34 -107.89 38.66 -47.65
N ALA ZC 35 -108.29 38.51 -48.91
CA ALA ZC 35 -109.67 38.70 -49.30
C ALA ZC 35 -110.06 37.59 -50.26
N TYR ZC 36 -111.28 37.64 -50.76
CA TYR ZC 36 -111.73 36.68 -51.76
C TYR ZC 36 -112.83 37.32 -52.59
N ILE ZC 37 -112.86 36.99 -53.87
CA ILE ZC 37 -113.88 37.50 -54.78
C ILE ZC 37 -115.10 36.60 -54.68
N ASP ZC 38 -116.21 37.15 -54.20
CA ASP ZC 38 -117.41 36.37 -53.93
C ASP ZC 38 -118.25 36.25 -55.20
N GLU ZC 39 -118.23 35.08 -55.83
CA GLU ZC 39 -119.01 34.79 -57.02
C GLU ZC 39 -120.01 33.68 -56.77
N GLY ZC 40 -120.35 33.45 -55.50
CA GLY ZC 40 -121.24 32.36 -55.15
C GLY ZC 40 -120.67 30.98 -55.44
N LEU ZC 41 -119.39 30.80 -55.17
CA LEU ZC 41 -118.72 29.52 -55.39
C LEU ZC 41 -118.43 28.87 -54.05
N SER ZC 42 -117.93 27.64 -54.09
CA SER ZC 42 -117.64 26.89 -52.88
C SER ZC 42 -116.36 27.39 -52.23
N PHE ZC 43 -116.04 26.81 -51.07
CA PHE ZC 43 -114.87 27.23 -50.31
C PHE ZC 43 -113.57 26.87 -51.02
N GLN ZC 44 -113.55 25.74 -51.73
CA GLN ZC 44 -112.34 25.30 -52.41
C GLN ZC 44 -112.19 25.92 -53.80
N ALA ZC 45 -113.25 26.53 -54.33
CA ALA ZC 45 -113.24 27.04 -55.70
C ALA ZC 45 -113.33 28.56 -55.75
N ARG ZC 46 -113.04 29.23 -54.65
CA ARG ZC 46 -113.13 30.68 -54.60
C ARG ZC 46 -111.81 31.33 -54.99
N LYS ZC 47 -111.90 32.57 -55.46
CA LYS ZC 47 -110.78 33.31 -56.03
C LYS ZC 47 -109.64 33.58 -55.05
N GLU ZC 48 -109.92 34.32 -53.96
CA GLU ZC 48 -108.94 34.57 -52.90
C GLU ZC 48 -107.70 35.36 -53.31
N VAL ZC 49 -107.85 36.66 -53.60
CA VAL ZC 49 -106.73 37.56 -53.87
C VAL ZC 49 -106.15 38.04 -52.53
N ALA ZC 50 -104.82 38.11 -52.45
CA ALA ZC 50 -104.12 38.58 -51.27
C ALA ZC 50 -103.41 39.91 -51.54
N PHE ZC 51 -103.25 40.70 -50.48
CA PHE ZC 51 -102.66 42.04 -50.56
C PHE ZC 51 -101.55 42.19 -49.53
N SER ZC 52 -100.31 42.23 -49.98
CA SER ZC 52 -99.16 42.42 -49.12
C SER ZC 52 -98.62 43.83 -49.27
N VAL ZC 53 -97.77 44.23 -48.33
CA VAL ZC 53 -97.21 45.59 -48.31
C VAL ZC 53 -95.87 45.60 -47.59
N LYS ZC 54 -94.91 46.34 -48.12
CA LYS ZC 54 -93.60 46.54 -47.50
C LYS ZC 54 -93.34 48.05 -47.44
N VAL ZC 55 -93.33 48.60 -46.23
CA VAL ZC 55 -93.21 50.05 -46.09
C VAL ZC 55 -91.77 50.46 -46.39
N PRO ZC 56 -91.52 51.71 -46.80
CA PRO ZC 56 -90.13 52.13 -47.06
C PRO ZC 56 -89.32 52.17 -45.78
N LYS ZC 57 -88.19 51.49 -45.81
CA LYS ZC 57 -87.29 51.42 -44.66
C LYS ZC 57 -86.13 52.38 -44.89
N VAL ZC 58 -85.83 53.19 -43.87
CA VAL ZC 58 -84.78 54.19 -44.00
C VAL ZC 58 -83.42 53.52 -43.96
N SER ZC 59 -82.83 53.32 -45.13
CA SER ZC 59 -81.48 52.79 -45.26
C SER ZC 59 -80.47 53.93 -45.32
N VAL ZC 60 -79.24 53.63 -45.72
CA VAL ZC 60 -78.22 54.66 -45.85
C VAL ZC 60 -77.67 54.66 -47.28
N SER ZC 61 -77.24 53.49 -47.75
CA SER ZC 61 -76.59 53.38 -49.05
C SER ZC 61 -77.61 53.05 -50.14
N ALA ZC 62 -78.56 53.97 -50.31
CA ALA ZC 62 -79.59 53.81 -51.32
C ALA ZC 62 -79.90 55.15 -51.95
N PRO ZC 63 -80.37 55.17 -53.20
CA PRO ZC 63 -80.85 56.44 -53.77
C PRO ZC 63 -81.98 57.03 -52.93
N GLY ZC 64 -81.89 58.34 -52.70
CA GLY ZC 64 -82.92 59.01 -51.93
C GLY ZC 64 -82.74 58.86 -50.43
N GLY ZC 65 -82.23 57.71 -50.01
CA GLY ZC 65 -81.97 57.46 -48.61
C GLY ZC 65 -82.65 56.22 -48.08
N PHE ZC 66 -83.91 55.99 -48.48
CA PHE ZC 66 -84.67 54.86 -47.94
C PHE ZC 66 -84.68 53.70 -48.93
N THR ZC 67 -85.16 52.55 -48.48
CA THR ZC 67 -85.48 51.47 -49.39
C THR ZC 67 -86.82 51.73 -50.06
N GLN ZC 68 -87.18 50.86 -50.98
CA GLN ZC 68 -88.33 51.10 -51.83
C GLN ZC 68 -89.63 50.68 -51.16
N ALA ZC 69 -90.72 51.30 -51.59
CA ALA ZC 69 -92.06 50.99 -51.10
C ALA ZC 69 -92.62 49.86 -51.95
N ARG ZC 70 -92.53 48.64 -51.45
CA ARG ZC 70 -93.02 47.47 -52.16
C ARG ZC 70 -94.50 47.22 -51.84
N SER ZC 71 -95.25 46.83 -52.86
CA SER ZC 71 -96.68 46.57 -52.71
C SER ZC 71 -97.03 45.40 -53.62
N THR ZC 72 -97.41 44.28 -53.03
CA THR ZC 72 -97.64 43.04 -53.76
C THR ZC 72 -99.10 42.64 -53.72
N VAL ZC 73 -99.58 42.12 -54.85
CA VAL ZC 73 -100.92 41.52 -54.95
C VAL ZC 73 -100.74 40.16 -55.60
N ILE ZC 74 -101.33 39.13 -55.00
CA ILE ZC 74 -101.40 37.81 -55.59
C ILE ZC 74 -102.86 37.41 -55.72
N LEU ZC 75 -103.30 37.14 -56.93
CA LEU ZC 75 -104.63 36.61 -57.19
C LEU ZC 75 -104.49 35.10 -57.36
N LYS ZC 76 -105.19 34.34 -56.53
CA LYS ZC 76 -105.19 32.89 -56.64
C LYS ZC 76 -106.41 32.44 -57.43
N SER ZC 77 -106.35 31.24 -57.96
CA SER ZC 77 -107.42 30.70 -58.80
C SER ZC 77 -107.37 29.17 -58.76
N PRO ZC 78 -108.22 28.53 -57.98
CA PRO ZC 78 -108.21 27.07 -57.91
C PRO ZC 78 -108.60 26.44 -59.24
N LYS ZC 79 -108.05 25.27 -59.49
CA LYS ZC 79 -108.40 24.49 -60.68
C LYS ZC 79 -108.25 23.02 -60.35
N THR ZC 80 -109.23 22.22 -60.77
CA THR ZC 80 -109.16 20.78 -60.59
C THR ZC 80 -108.73 20.12 -61.89
N LEU ZC 81 -107.92 19.07 -61.77
CA LEU ZC 81 -107.26 18.48 -62.92
C LEU ZC 81 -108.02 17.26 -63.42
N ALA ZC 82 -107.51 16.66 -64.51
CA ALA ZC 82 -108.11 15.49 -65.11
C ALA ZC 82 -107.93 14.23 -64.27
N ASN ZC 83 -107.06 14.27 -63.27
CA ASN ZC 83 -106.89 13.17 -62.33
C ASN ZC 83 -107.60 13.41 -61.01
N GLY ZC 84 -108.31 14.53 -60.86
CA GLY ZC 84 -109.03 14.84 -59.65
C GLY ZC 84 -108.28 15.65 -58.63
N ASN ZC 85 -106.98 15.87 -58.82
CA ASN ZC 85 -106.20 16.67 -57.88
C ASN ZC 85 -106.52 18.15 -58.03
N ARG ZC 86 -106.26 18.90 -56.96
CA ARG ZC 86 -106.51 20.33 -56.92
C ARG ZC 86 -105.18 21.07 -56.95
N THR ZC 87 -105.07 22.06 -57.82
CA THR ZC 87 -103.93 22.96 -57.89
C THR ZC 87 -104.41 24.41 -57.89
N VAL ZC 88 -103.47 25.33 -57.85
CA VAL ZC 88 -103.77 26.76 -57.82
C VAL ZC 88 -102.98 27.46 -58.92
N ASN ZC 89 -103.66 28.32 -59.67
CA ASN ZC 89 -103.01 29.24 -60.60
C ASN ZC 89 -102.93 30.60 -59.93
N THR ZC 90 -101.83 31.31 -60.16
CA THR ZC 90 -101.61 32.59 -59.49
C THR ZC 90 -101.23 33.67 -60.50
N VAL ZC 91 -101.60 34.90 -60.17
CA VAL ZC 91 -101.07 36.09 -60.83
C VAL ZC 91 -100.46 36.98 -59.76
N SER ZC 92 -99.16 37.21 -59.84
CA SER ZC 92 -98.46 38.02 -58.85
C SER ZC 92 -98.08 39.36 -59.45
N ILE ZC 93 -98.48 40.44 -58.78
CA ILE ZC 93 -98.17 41.81 -59.22
C ILE ZC 93 -97.43 42.49 -58.08
N GLN ZC 94 -96.20 42.91 -58.34
CA GLN ZC 94 -95.41 43.66 -57.37
C GLN ZC 94 -95.08 45.03 -57.93
N LEU ZC 95 -95.39 46.07 -57.16
CA LEU ZC 95 -95.06 47.44 -57.51
C LEU ZC 95 -93.97 47.88 -56.54
N SER ZC 96 -92.83 48.31 -57.09
CA SER ZC 96 -91.68 48.70 -56.29
C SER ZC 96 -91.21 50.06 -56.76
N VAL ZC 97 -91.64 51.10 -56.05
CA VAL ZC 97 -91.26 52.47 -56.38
C VAL ZC 97 -90.46 53.06 -55.22
N ASP ZC 98 -89.69 54.09 -55.51
CA ASP ZC 98 -89.00 54.86 -54.49
C ASP ZC 98 -90.00 55.78 -53.80
N PRO ZC 99 -89.78 56.10 -52.52
CA PRO ZC 99 -90.75 56.93 -51.80
C PRO ZC 99 -90.93 58.31 -52.38
N GLU ZC 100 -89.93 58.84 -53.09
CA GLU ZC 100 -90.02 60.16 -53.71
C GLU ZC 100 -90.90 60.18 -54.94
N THR ZC 101 -91.37 59.02 -55.40
CA THR ZC 101 -92.24 58.95 -56.56
C THR ZC 101 -93.58 59.60 -56.27
N THR ZC 102 -94.06 60.39 -57.22
CA THR ZC 102 -95.37 61.03 -57.11
C THR ZC 102 -96.47 60.07 -57.52
N ALA ZC 103 -97.69 60.43 -57.16
CA ALA ZC 103 -98.85 59.60 -57.50
C ALA ZC 103 -99.04 59.53 -59.00
N ALA ZC 104 -98.70 60.60 -59.72
CA ALA ZC 104 -98.87 60.62 -61.16
C ALA ZC 104 -97.89 59.71 -61.87
N GLU ZC 105 -96.67 59.57 -61.34
CA GLU ZC 105 -95.71 58.63 -61.93
C GLU ZC 105 -96.10 57.19 -61.63
N VAL ZC 106 -96.93 56.97 -60.61
CA VAL ZC 106 -97.30 55.62 -60.23
C VAL ZC 106 -98.51 55.15 -61.05
N THR ZC 107 -99.45 56.06 -61.29
CA THR ZC 107 -100.63 55.71 -62.07
C THR ZC 107 -100.27 55.53 -63.53
N THR ZC 108 -99.12 56.08 -63.94
CA THR ZC 108 -98.62 55.83 -65.28
C THR ZC 108 -98.02 54.43 -65.39
N MET ZC 109 -97.26 54.01 -64.37
CA MET ZC 109 -96.70 52.67 -64.36
C MET ZC 109 -97.80 51.61 -64.31
N LEU ZC 110 -98.83 51.84 -63.49
CA LEU ZC 110 -99.91 50.87 -63.37
C LEU ZC 110 -100.69 50.73 -64.66
N ASN ZC 111 -100.88 51.84 -65.37
CA ASN ZC 111 -101.61 51.79 -66.64
C ASN ZC 111 -100.80 51.06 -67.70
N ALA ZC 112 -99.49 51.32 -67.75
CA ALA ZC 112 -98.63 50.61 -68.68
C ALA ZC 112 -98.58 49.12 -68.35
N ALA ZC 113 -98.50 48.79 -67.07
CA ALA ZC 113 -98.44 47.39 -66.66
C ALA ZC 113 -99.78 46.69 -66.86
N ALA ZC 114 -100.89 47.40 -66.62
CA ALA ZC 114 -102.19 46.80 -66.85
C ALA ZC 114 -102.42 46.52 -68.33
N GLN ZC 115 -101.86 47.36 -69.20
CA GLN ZC 115 -102.01 47.16 -70.64
C GLN ZC 115 -101.39 45.85 -71.07
N LEU ZC 116 -100.22 45.50 -70.52
CA LEU ZC 116 -99.61 44.21 -70.82
C LEU ZC 116 -100.22 43.13 -69.93
N LEU ZC 117 -101.54 43.16 -69.85
CA LEU ZC 117 -102.28 42.08 -69.19
C LEU ZC 117 -103.51 41.73 -70.02
N PHE ZC 118 -104.05 42.72 -70.74
CA PHE ZC 118 -105.27 42.53 -71.50
C PHE ZC 118 -105.17 42.97 -72.96
N ASP ZC 119 -104.09 43.63 -73.35
CA ASP ZC 119 -103.92 44.01 -74.75
C ASP ZC 119 -103.80 42.77 -75.62
N SER ZC 120 -104.52 42.78 -76.74
CA SER ZC 120 -104.59 41.60 -77.60
C SER ZC 120 -103.23 41.24 -78.18
N ASP ZC 121 -102.32 42.21 -78.22
CA ASP ZC 121 -100.98 41.98 -78.75
C ASP ZC 121 -100.24 40.94 -77.90
N TYR ZC 122 -100.36 41.05 -76.58
CA TYR ZC 122 -99.75 40.07 -75.70
C TYR ZC 122 -100.77 39.03 -75.26
N SER ZC 123 -101.26 38.22 -76.19
CA SER ZC 123 -102.16 37.13 -75.82
C SER ZC 123 -101.43 35.80 -75.96
N ASP ZC 124 -100.72 35.63 -77.07
CA ASP ZC 124 -99.92 34.42 -77.27
C ASP ZC 124 -98.83 34.30 -76.21
N PHE ZC 125 -98.38 35.42 -75.64
CA PHE ZC 125 -97.35 35.36 -74.61
C PHE ZC 125 -97.87 34.77 -73.30
N TRP ZC 126 -99.12 35.05 -72.92
CA TRP ZC 126 -99.63 34.56 -71.64
C TRP ZC 126 -100.19 33.16 -71.78
N LYS ZC 127 -101.00 32.92 -72.81
CA LYS ZC 127 -101.65 31.62 -72.95
C LYS ZC 127 -100.76 30.62 -73.67
N ALA ZC 128 -100.27 30.99 -74.86
CA ALA ZC 128 -99.42 30.09 -75.63
C ALA ZC 128 -97.97 30.11 -75.14
N GLN ZC 129 -97.62 31.02 -74.24
CA GLN ZC 129 -96.25 31.17 -73.73
C GLN ZC 129 -95.27 31.42 -74.87
N ALA ZC 130 -95.71 32.17 -75.87
CA ALA ZC 130 -94.94 32.42 -77.09
C ALA ZC 130 -94.26 33.78 -77.00
N LEU ZC 131 -92.94 33.77 -76.89
CA LEU ZC 131 -92.16 35.00 -76.79
C LEU ZC 131 -92.25 35.83 -78.07
N ALA ZC 132 -92.55 35.20 -79.20
CA ALA ZC 132 -92.68 35.92 -80.46
C ALA ZC 132 -93.59 35.20 -81.45
N ALA AD 1 -55.65 60.30 -103.34
CA ALA AD 1 -55.23 59.45 -102.24
C ALA AD 1 -55.74 60.00 -100.91
N ILE AD 2 -55.13 59.53 -99.82
CA ILE AD 2 -55.56 59.92 -98.48
C ILE AD 2 -55.36 61.42 -98.26
N ALA AD 3 -54.19 61.93 -98.65
CA ALA AD 3 -53.91 63.35 -98.49
C ALA AD 3 -54.81 64.18 -99.41
N ASN AD 4 -55.46 65.19 -98.83
CA ASN AD 4 -56.36 66.10 -99.56
C ASN AD 4 -57.54 65.34 -100.16
N SER AD 5 -57.94 64.24 -99.52
CA SER AD 5 -59.15 63.54 -99.90
C SER AD 5 -60.35 64.28 -99.31
N SER AD 6 -61.43 64.37 -100.08
CA SER AD 6 -62.62 65.08 -99.65
C SER AD 6 -63.70 64.10 -99.22
N ILE AD 7 -64.35 64.41 -98.10
CA ILE AD 7 -65.46 63.63 -97.57
C ILE AD 7 -66.65 64.55 -97.38
N ALA AD 8 -67.81 64.12 -97.85
CA ALA AD 8 -69.03 64.93 -97.75
C ALA AD 8 -69.73 64.59 -96.44
N ILE AD 9 -69.63 65.48 -95.46
CA ILE AD 9 -70.20 65.25 -94.14
C ILE AD 9 -71.70 65.48 -94.19
N ASP AD 10 -72.44 64.65 -93.45
CA ASP AD 10 -73.91 64.74 -93.35
C ASP AD 10 -74.54 64.59 -94.74
N SER AD 11 -74.37 63.39 -95.29
CA SER AD 11 -74.77 63.13 -96.66
C SER AD 11 -75.63 61.87 -96.72
N THR AD 12 -76.46 61.81 -97.75
CA THR AD 12 -77.23 60.60 -98.01
C THR AD 12 -76.41 59.67 -98.91
N ALA AD 13 -76.30 58.42 -98.48
CA ALA AD 13 -75.53 57.41 -99.21
C ALA AD 13 -76.51 56.49 -99.93
N SER AD 14 -76.51 56.57 -101.26
CA SER AD 14 -77.33 55.69 -102.06
C SER AD 14 -76.51 54.48 -102.50
N VAL AD 15 -77.17 53.54 -103.19
CA VAL AD 15 -76.48 52.42 -103.79
C VAL AD 15 -77.30 51.90 -104.96
N THR AD 16 -76.68 51.77 -106.13
CA THR AD 16 -77.36 51.29 -107.33
C THR AD 16 -76.41 50.38 -108.09
N GLY AD 17 -76.42 49.09 -107.76
CA GLY AD 17 -75.71 48.12 -108.56
C GLY AD 17 -76.52 46.90 -108.94
N GLY AD 18 -77.58 46.63 -108.18
CA GLY AD 18 -78.35 45.42 -108.39
C GLY AD 18 -77.88 44.27 -107.52
N THR AD 19 -78.29 43.05 -107.87
CA THR AD 19 -77.96 41.83 -107.13
C THR AD 19 -78.40 41.94 -105.67
N ALA AD 20 -79.71 42.07 -105.49
CA ALA AD 20 -80.29 42.25 -104.16
C ALA AD 20 -80.31 40.94 -103.39
N ARG AD 21 -79.23 40.66 -102.67
CA ARG AD 21 -79.15 39.45 -101.86
C ARG AD 21 -79.98 39.62 -100.59
N THR AD 22 -80.00 38.57 -99.78
CA THR AD 22 -80.79 38.55 -98.56
C THR AD 22 -79.95 38.03 -97.40
N VAL AD 23 -79.93 38.80 -96.32
CA VAL AD 23 -79.24 38.38 -95.10
C VAL AD 23 -80.20 37.47 -94.32
N LYS AD 24 -79.81 36.21 -94.14
CA LYS AD 24 -80.58 35.24 -93.38
C LYS AD 24 -79.82 34.89 -92.11
N GLU AD 25 -80.51 34.93 -90.98
CA GLU AD 25 -79.83 34.65 -89.72
C GLU AD 25 -79.60 33.16 -89.54
N LEU AD 26 -78.53 32.81 -88.82
CA LEU AD 26 -78.19 31.42 -88.58
C LEU AD 26 -78.39 31.06 -87.11
N VAL AD 27 -77.70 31.72 -86.19
CA VAL AD 27 -77.78 31.43 -84.77
C VAL AD 27 -77.83 32.74 -84.01
N ARG AD 28 -77.85 32.64 -82.69
CA ARG AD 28 -77.89 33.84 -81.85
C ARG AD 28 -76.82 33.87 -80.77
N ASN AD 29 -76.46 32.72 -80.21
CA ASN AD 29 -75.63 32.59 -78.99
C ASN AD 29 -75.70 33.81 -78.07
N ASN AD 30 -74.57 34.17 -77.48
CA ASN AD 30 -74.55 35.12 -76.36
C ASN AD 30 -74.48 36.54 -76.88
N SER AD 31 -75.62 37.23 -76.87
CA SER AD 31 -75.71 38.65 -77.22
C SER AD 31 -75.09 38.92 -78.58
N GLU AD 32 -75.33 38.01 -79.51
CA GLU AD 32 -74.71 38.04 -80.82
C GLU AD 32 -75.79 37.69 -81.85
N LEU AD 33 -75.43 37.79 -83.12
CA LEU AD 33 -76.33 37.39 -84.19
C LEU AD 33 -75.52 37.00 -85.43
N ASN AD 34 -75.35 35.71 -85.65
CA ASN AD 34 -74.61 35.24 -86.80
C ASN AD 34 -75.57 34.99 -87.95
N ALA AD 35 -75.35 35.68 -89.06
CA ALA AD 35 -76.16 35.54 -90.25
C ALA AD 35 -75.27 35.15 -91.42
N TYR AD 36 -75.86 35.09 -92.61
CA TYR AD 36 -75.12 34.80 -93.82
C TYR AD 36 -75.86 35.41 -95.01
N ILE AD 37 -75.12 35.76 -96.04
CA ILE AD 37 -75.71 36.35 -97.24
C ILE AD 37 -76.06 35.23 -98.21
N ASP AD 38 -77.33 35.20 -98.62
CA ASP AD 38 -77.82 34.11 -99.47
C ASP AD 38 -77.59 34.48 -100.94
N GLU AD 39 -76.42 34.08 -101.43
CA GLU AD 39 -76.07 34.26 -102.84
C GLU AD 39 -76.05 32.96 -103.63
N GLY AD 40 -76.41 31.85 -103.02
CA GLY AD 40 -76.44 30.57 -103.69
C GLY AD 40 -75.12 29.84 -103.75
N LEU AD 41 -74.12 30.23 -102.97
CA LEU AD 41 -72.83 29.56 -102.98
C LEU AD 41 -72.90 28.27 -102.17
N SER AD 42 -71.75 27.65 -101.98
CA SER AD 42 -71.66 26.43 -101.20
C SER AD 42 -71.87 26.74 -99.72
N PHE AD 43 -71.88 25.66 -98.91
CA PHE AD 43 -72.12 25.82 -97.48
C PHE AD 43 -70.92 26.46 -96.79
N GLN AD 44 -69.72 25.98 -97.09
CA GLN AD 44 -68.50 26.57 -96.53
C GLN AD 44 -67.83 27.52 -97.50
N ALA AD 45 -68.63 28.19 -98.35
CA ALA AD 45 -68.12 29.27 -99.19
C ALA AD 45 -68.99 30.51 -99.13
N ARG AD 46 -70.06 30.49 -98.34
CA ARG AD 46 -70.98 31.61 -98.25
C ARG AD 46 -70.39 32.73 -97.41
N LYS AD 47 -70.90 33.94 -97.57
CA LYS AD 47 -70.43 35.09 -96.79
C LYS AD 47 -71.30 35.20 -95.55
N GLU AD 48 -70.72 34.96 -94.38
CA GLU AD 48 -71.42 35.08 -93.10
C GLU AD 48 -71.03 36.41 -92.46
N VAL AD 49 -72.03 37.20 -92.10
CA VAL AD 49 -71.78 38.44 -91.38
C VAL AD 49 -72.34 38.32 -89.97
N ALA AD 50 -71.52 38.64 -88.98
CA ALA AD 50 -71.89 38.53 -87.58
C ALA AD 50 -72.13 39.90 -86.97
N PHE AD 51 -73.19 39.98 -86.15
CA PHE AD 51 -73.58 41.19 -85.44
C PHE AD 51 -73.45 40.96 -83.94
N SER AD 52 -73.08 41.99 -83.21
CA SER AD 52 -72.92 41.86 -81.76
C SER AD 52 -73.13 43.20 -81.08
N VAL AD 53 -73.59 43.17 -79.83
CA VAL AD 53 -73.81 44.36 -79.04
C VAL AD 53 -73.16 44.20 -77.68
N LYS AD 54 -72.76 45.33 -77.09
CA LYS AD 54 -72.05 45.37 -75.82
C LYS AD 54 -72.62 46.51 -74.96
N VAL AD 55 -73.93 46.48 -74.75
CA VAL AD 55 -74.70 47.56 -74.11
C VAL AD 55 -73.99 48.11 -72.87
N PRO AD 56 -74.17 49.40 -72.57
CA PRO AD 56 -73.39 50.03 -71.50
C PRO AD 56 -73.71 49.45 -70.12
N LYS AD 57 -72.71 49.52 -69.25
CA LYS AD 57 -72.80 49.00 -67.89
C LYS AD 57 -72.41 50.10 -66.92
N VAL AD 58 -73.25 50.33 -65.90
CA VAL AD 58 -73.05 51.44 -64.98
C VAL AD 58 -71.75 51.27 -64.21
N SER AD 59 -70.79 52.17 -64.44
CA SER AD 59 -69.52 52.17 -63.74
C SER AD 59 -69.43 53.41 -62.84
N VAL AD 60 -68.32 53.54 -62.11
CA VAL AD 60 -68.03 54.74 -61.34
C VAL AD 60 -66.97 55.60 -62.01
N SER AD 61 -66.14 54.97 -62.84
CA SER AD 61 -65.22 55.60 -63.78
C SER AD 61 -66.03 56.04 -65.00
N ALA AD 62 -65.35 56.20 -66.16
CA ALA AD 62 -66.03 56.57 -67.39
C ALA AD 62 -66.63 57.98 -67.30
N PRO AD 63 -65.80 59.00 -67.53
CA PRO AD 63 -66.20 60.38 -67.22
C PRO AD 63 -67.36 60.86 -68.08
N GLY AD 64 -68.56 60.60 -67.57
CA GLY AD 64 -69.80 60.66 -68.31
C GLY AD 64 -70.77 59.67 -67.70
N GLY AD 65 -70.26 58.85 -66.79
CA GLY AD 65 -71.08 58.00 -65.96
C GLY AD 65 -70.84 56.52 -66.10
N PHE AD 66 -70.72 56.03 -67.33
CA PHE AD 66 -70.57 54.61 -67.59
C PHE AD 66 -70.18 54.35 -69.04
N THR AD 67 -69.74 53.12 -69.30
CA THR AD 67 -69.04 52.74 -70.51
C THR AD 67 -69.89 52.98 -71.76
N GLN AD 68 -69.21 52.96 -72.90
CA GLN AD 68 -69.84 53.26 -74.18
C GLN AD 68 -70.61 52.06 -74.72
N ALA AD 69 -71.32 52.29 -75.82
CA ALA AD 69 -72.17 51.29 -76.45
C ALA AD 69 -71.55 50.88 -77.78
N ARG AD 70 -70.73 49.83 -77.76
CA ARG AD 70 -70.09 49.35 -78.97
C ARG AD 70 -70.99 48.36 -79.72
N SER AD 71 -70.98 48.48 -81.05
CA SER AD 71 -71.72 47.57 -81.94
C SER AD 71 -70.73 47.08 -82.99
N THR AD 72 -70.56 45.77 -83.08
CA THR AD 72 -69.57 45.19 -83.99
C THR AD 72 -70.25 44.46 -85.14
N VAL AD 73 -69.64 44.56 -86.32
CA VAL AD 73 -70.07 43.81 -87.50
C VAL AD 73 -68.85 43.23 -88.18
N ILE AD 74 -68.75 41.91 -88.23
CA ILE AD 74 -67.68 41.23 -88.95
C ILE AD 74 -68.27 40.52 -90.15
N LEU AD 75 -67.76 40.84 -91.33
CA LEU AD 75 -68.19 40.21 -92.59
C LEU AD 75 -67.08 39.27 -93.02
N LYS AD 76 -67.39 37.98 -93.04
CA LYS AD 76 -66.41 36.97 -93.41
C LYS AD 76 -66.67 36.49 -94.84
N SER AD 77 -65.70 36.72 -95.72
CA SER AD 77 -65.80 36.30 -97.12
C SER AD 77 -64.76 35.23 -97.40
N PRO AD 78 -65.16 33.96 -97.53
CA PRO AD 78 -64.17 32.90 -97.75
C PRO AD 78 -63.56 33.00 -99.13
N LYS AD 79 -62.34 32.49 -99.27
CA LYS AD 79 -61.63 32.52 -100.53
C LYS AD 79 -60.74 31.29 -100.65
N THR AD 80 -60.79 30.64 -101.82
CA THR AD 80 -59.94 29.49 -102.11
C THR AD 80 -58.69 29.98 -102.81
N LEU AD 81 -57.52 29.67 -102.23
CA LEU AD 81 -56.27 30.14 -102.78
C LEU AD 81 -55.78 29.22 -103.90
N ALA AD 82 -54.79 29.71 -104.64
CA ALA AD 82 -54.22 28.92 -105.74
C ALA AD 82 -53.55 27.66 -105.21
N ASN AD 83 -52.84 27.77 -104.09
CA ASN AD 83 -52.19 26.61 -103.49
C ASN AD 83 -53.19 25.52 -103.13
N GLY AD 84 -54.46 25.88 -102.93
CA GLY AD 84 -55.48 24.88 -102.75
C GLY AD 84 -56.23 25.01 -101.44
N ASN AD 85 -55.57 25.50 -100.40
CA ASN AD 85 -56.21 25.65 -99.10
C ASN AD 85 -57.22 26.80 -99.13
N ARG AD 86 -57.93 26.95 -98.01
CA ARG AD 86 -59.00 27.93 -97.88
C ARG AD 86 -58.62 28.92 -96.79
N THR AD 87 -59.07 30.16 -96.97
CA THR AD 87 -58.82 31.24 -96.02
C THR AD 87 -60.04 32.16 -96.06
N VAL AD 88 -60.20 32.96 -95.02
CA VAL AD 88 -61.32 33.89 -94.91
C VAL AD 88 -60.78 35.31 -94.89
N ASN AD 89 -61.43 36.18 -95.66
CA ASN AD 89 -61.10 37.60 -95.71
C ASN AD 89 -62.20 38.35 -94.96
N THR AD 90 -61.79 39.09 -93.93
CA THR AD 90 -62.76 39.67 -93.00
C THR AD 90 -62.76 41.20 -93.07
N VAL AD 91 -63.91 41.78 -92.74
CA VAL AD 91 -64.06 43.23 -92.61
C VAL AD 91 -64.81 43.53 -91.32
N SER AD 92 -64.07 43.88 -90.27
CA SER AD 92 -64.71 44.19 -89.00
C SER AD 92 -64.98 45.68 -88.88
N ILE AD 93 -66.09 46.01 -88.22
CA ILE AD 93 -66.49 47.39 -87.99
C ILE AD 93 -67.01 47.52 -86.56
N GLN AD 94 -66.55 48.54 -85.84
CA GLN AD 94 -66.97 48.76 -84.47
C GLN AD 94 -67.41 50.21 -84.27
N LEU AD 95 -68.35 50.41 -83.34
CA LEU AD 95 -69.00 51.71 -83.12
C LEU AD 95 -69.04 52.04 -81.62
N SER AD 96 -67.88 51.99 -80.97
CA SER AD 96 -67.81 52.35 -79.55
C SER AD 96 -68.09 53.84 -79.40
N VAL AD 97 -69.35 54.15 -79.08
CA VAL AD 97 -69.78 55.53 -78.86
C VAL AD 97 -70.43 55.63 -77.49
N ASP AD 98 -70.25 56.79 -76.86
CA ASP AD 98 -70.76 57.00 -75.52
C ASP AD 98 -72.28 56.99 -75.54
N PRO AD 99 -72.92 56.34 -74.55
CA PRO AD 99 -74.37 56.13 -74.62
C PRO AD 99 -75.20 57.40 -74.64
N GLU AD 100 -74.65 58.53 -74.20
CA GLU AD 100 -75.35 59.81 -74.26
C GLU AD 100 -75.39 60.39 -75.67
N THR AD 101 -74.74 59.73 -76.63
CA THR AD 101 -74.71 60.23 -78.00
C THR AD 101 -76.10 60.23 -78.61
N THR AD 102 -76.44 61.33 -79.28
CA THR AD 102 -77.69 61.41 -80.03
C THR AD 102 -77.59 60.61 -81.33
N ALA AD 103 -78.75 60.28 -81.88
CA ALA AD 103 -78.79 59.47 -83.09
C ALA AD 103 -78.47 60.26 -84.35
N ALA AD 104 -78.50 61.59 -84.28
CA ALA AD 104 -78.16 62.40 -85.45
C ALA AD 104 -76.66 62.35 -85.72
N GLU AD 105 -75.84 62.49 -84.69
CA GLU AD 105 -74.39 62.46 -84.87
C GLU AD 105 -73.89 61.03 -85.08
N VAL AD 106 -74.62 60.04 -84.57
CA VAL AD 106 -74.32 58.65 -84.93
C VAL AD 106 -74.52 58.45 -86.43
N THR AD 107 -75.61 58.99 -86.98
CA THR AD 107 -75.82 58.94 -88.42
C THR AD 107 -74.72 59.68 -89.16
N THR AD 108 -74.28 60.82 -88.61
CA THR AD 108 -73.16 61.54 -89.20
C THR AD 108 -71.90 60.69 -89.21
N MET AD 109 -71.62 60.01 -88.09
CA MET AD 109 -70.42 59.20 -87.97
C MET AD 109 -70.50 57.97 -88.88
N LEU AD 110 -71.69 57.37 -88.99
CA LEU AD 110 -71.84 56.19 -89.83
C LEU AD 110 -71.68 56.54 -91.30
N ASN AD 111 -72.22 57.69 -91.71
CA ASN AD 111 -72.08 58.11 -93.11
C ASN AD 111 -70.64 58.51 -93.42
N ALA AD 112 -69.99 59.22 -92.50
CA ALA AD 112 -68.60 59.61 -92.71
C ALA AD 112 -67.69 58.38 -92.79
N ALA AD 113 -67.89 57.42 -91.89
CA ALA AD 113 -67.15 56.16 -91.94
C ALA AD 113 -67.46 55.34 -93.18
N ALA AD 114 -68.73 55.23 -93.55
CA ALA AD 114 -69.09 54.50 -94.76
C ALA AD 114 -68.78 55.27 -96.02
N GLN AD 115 -68.50 56.58 -95.91
CA GLN AD 115 -68.02 57.33 -97.05
C GLN AD 115 -66.61 56.93 -97.45
N LEU AD 116 -65.82 56.47 -96.48
CA LEU AD 116 -64.65 55.66 -96.77
C LEU AD 116 -65.12 54.31 -97.27
N LEU AD 117 -64.17 53.46 -97.69
CA LEU AD 117 -64.44 52.11 -98.16
C LEU AD 117 -65.11 52.07 -99.54
N PHE AD 118 -65.57 53.21 -100.05
CA PHE AD 118 -66.06 53.20 -101.43
C PHE AD 118 -65.66 54.46 -102.18
N ASP AD 119 -65.01 55.40 -101.48
CA ASP AD 119 -64.52 56.58 -102.15
C ASP AD 119 -63.29 56.22 -102.98
N SER AD 120 -63.14 56.90 -104.12
CA SER AD 120 -62.04 56.61 -105.01
C SER AD 120 -60.68 56.97 -104.43
N ASP AD 121 -60.62 57.93 -103.51
CA ASP AD 121 -59.34 58.35 -102.94
C ASP AD 121 -58.70 57.22 -102.16
N TYR AD 122 -59.50 56.43 -101.44
CA TYR AD 122 -58.98 55.39 -100.56
C TYR AD 122 -58.90 54.03 -101.26
N SER AD 123 -59.16 53.98 -102.57
CA SER AD 123 -59.06 52.73 -103.33
C SER AD 123 -57.68 52.07 -103.16
N ASP AD 124 -56.62 52.86 -103.27
CA ASP AD 124 -55.27 52.31 -103.18
C ASP AD 124 -54.93 51.92 -101.75
N PHE AD 125 -55.45 52.65 -100.77
CA PHE AD 125 -55.19 52.32 -99.38
C PHE AD 125 -55.79 50.97 -99.00
N TRP AD 126 -57.03 50.72 -99.41
CA TRP AD 126 -57.68 49.46 -99.08
C TRP AD 126 -57.12 48.30 -99.89
N LYS AD 127 -56.62 48.54 -101.10
CA LYS AD 127 -56.18 47.47 -101.99
C LYS AD 127 -54.67 47.28 -101.92
N ALA AD 128 -53.87 48.30 -102.20
CA ALA AD 128 -52.42 48.18 -102.22
C ALA AD 128 -51.77 48.61 -100.91
N GLN AD 129 -52.55 49.03 -99.92
CA GLN AD 129 -52.04 49.52 -98.64
C GLN AD 129 -51.16 50.75 -98.82
N ALA AD 130 -51.53 51.58 -99.80
CA ALA AD 130 -50.78 52.80 -100.11
C ALA AD 130 -51.18 53.89 -99.11
N LEU AD 131 -50.49 53.89 -97.98
CA LEU AD 131 -50.70 54.92 -96.96
C LEU AD 131 -50.35 56.29 -97.53
N ALA AD 132 -49.11 56.47 -97.91
CA ALA AD 132 -48.67 57.69 -98.57
C ALA AD 132 -48.98 57.60 -100.05
N ALA BD 1 -57.14 -112.17 33.26
CA ALA BD 1 -57.78 -113.38 32.79
C ALA BD 1 -58.20 -113.21 31.33
N ILE BD 2 -57.61 -112.23 30.66
CA ILE BD 2 -57.70 -112.11 29.22
C ILE BD 2 -56.60 -112.97 28.63
N ALA BD 3 -56.89 -114.25 28.43
CA ALA BD 3 -55.89 -115.19 27.96
C ALA BD 3 -56.61 -116.36 27.31
N ASN BD 4 -56.83 -117.43 28.07
CA ASN BD 4 -57.73 -118.48 27.61
C ASN BD 4 -59.10 -118.30 28.25
N SER BD 5 -59.76 -117.19 27.92
CA SER BD 5 -61.10 -116.89 28.44
C SER BD 5 -62.15 -117.67 27.65
N SER BD 6 -63.41 -117.27 27.77
CA SER BD 6 -64.47 -117.90 26.99
C SER BD 6 -65.58 -116.88 26.75
N ILE BD 7 -66.13 -116.91 25.54
CA ILE BD 7 -67.21 -116.00 25.17
C ILE BD 7 -68.12 -116.71 24.17
N ALA BD 8 -69.42 -116.60 24.37
CA ALA BD 8 -70.39 -117.24 23.48
C ALA BD 8 -70.69 -116.32 22.31
N ILE BD 9 -70.53 -116.83 21.11
CA ILE BD 9 -70.74 -116.06 19.89
C ILE BD 9 -72.07 -116.46 19.27
N ASP BD 10 -72.85 -115.46 18.86
CA ASP BD 10 -74.19 -115.65 18.32
C ASP BD 10 -75.12 -116.29 19.35
N SER BD 11 -75.23 -115.63 20.50
CA SER BD 11 -76.00 -116.12 21.63
C SER BD 11 -76.95 -115.04 22.15
N THR BD 12 -77.96 -115.48 22.89
CA THR BD 12 -78.94 -114.57 23.46
C THR BD 12 -78.55 -114.21 24.89
N ALA BD 13 -78.55 -112.91 25.18
CA ALA BD 13 -78.22 -112.39 26.50
C ALA BD 13 -79.49 -111.96 27.22
N SER BD 14 -79.53 -112.19 28.53
CA SER BD 14 -80.69 -111.90 29.33
C SER BD 14 -80.26 -111.26 30.65
N VAL BD 15 -81.23 -110.69 31.35
CA VAL BD 15 -81.01 -110.00 32.61
C VAL BD 15 -82.04 -110.48 33.61
N THR BD 16 -81.60 -110.81 34.82
CA THR BD 16 -82.48 -111.22 35.90
C THR BD 16 -82.26 -110.33 37.12
N GLY BD 17 -83.33 -110.10 37.87
CA GLY BD 17 -83.22 -109.32 39.08
C GLY BD 17 -83.06 -107.83 38.81
N GLY BD 18 -82.48 -107.14 39.77
CA GLY BD 18 -82.31 -105.70 39.68
C GLY BD 18 -83.63 -104.97 39.88
N THR BD 19 -83.58 -103.65 39.63
CA THR BD 19 -84.75 -102.78 39.78
C THR BD 19 -84.96 -102.06 38.46
N ALA BD 20 -86.04 -102.40 37.76
CA ALA BD 20 -86.35 -101.78 36.47
C ALA BD 20 -86.55 -100.29 36.61
N ARG BD 21 -85.65 -99.50 36.05
CA ARG BD 21 -85.75 -98.05 36.02
C ARG BD 21 -86.37 -97.62 34.69
N THR BD 22 -86.34 -96.33 34.40
CA THR BD 22 -86.91 -95.83 33.16
C THR BD 22 -85.98 -94.76 32.59
N VAL BD 23 -85.76 -94.80 31.29
CA VAL BD 23 -84.91 -93.82 30.62
C VAL BD 23 -85.81 -92.69 30.16
N LYS BD 24 -85.71 -91.55 30.84
CA LYS BD 24 -86.54 -90.40 30.52
C LYS BD 24 -85.79 -89.45 29.59
N GLU BD 25 -86.45 -89.04 28.51
CA GLU BD 25 -85.83 -88.21 27.50
C GLU BD 25 -85.85 -86.75 27.91
N LEU BD 26 -84.74 -86.05 27.62
CA LEU BD 26 -84.60 -84.66 28.03
C LEU BD 26 -84.60 -83.79 26.78
N VAL BD 27 -83.65 -83.98 25.87
CA VAL BD 27 -83.53 -83.17 24.66
C VAL BD 27 -83.07 -84.07 23.53
N ARG BD 28 -83.66 -83.90 22.35
CA ARG BD 28 -83.17 -84.52 21.12
C ARG BD 28 -82.87 -83.38 20.14
N ASN BD 29 -81.62 -83.31 19.71
CA ASN BD 29 -81.17 -82.25 18.81
C ASN BD 29 -79.74 -82.54 18.40
N ASN BD 30 -79.37 -82.01 17.23
CA ASN BD 30 -78.00 -82.10 16.73
C ASN BD 30 -77.52 -83.55 16.64
N SER BD 31 -78.42 -84.44 16.21
CA SER BD 31 -78.15 -85.87 16.11
C SER BD 31 -77.82 -86.48 17.46
N GLU BD 32 -78.23 -85.81 18.53
CA GLU BD 32 -77.96 -86.22 19.90
C GLU BD 32 -79.28 -86.38 20.65
N LEU BD 33 -79.35 -87.37 21.53
CA LEU BD 33 -80.52 -87.58 22.38
C LEU BD 33 -80.03 -87.65 23.82
N ASN BD 34 -80.14 -86.54 24.54
CA ASN BD 34 -79.82 -86.51 25.96
C ASN BD 34 -80.98 -87.07 26.76
N ALA BD 35 -80.68 -87.94 27.71
CA ALA BD 35 -81.69 -88.58 28.53
C ALA BD 35 -81.10 -88.84 29.91
N TYR BD 36 -81.90 -89.43 30.79
CA TYR BD 36 -81.45 -89.73 32.14
C TYR BD 36 -82.24 -90.92 32.66
N ILE BD 37 -81.59 -91.71 33.51
CA ILE BD 37 -82.23 -92.86 34.15
C ILE BD 37 -82.90 -92.38 35.42
N ASP BD 38 -84.14 -92.79 35.63
CA ASP BD 38 -84.95 -92.32 36.75
C ASP BD 38 -84.84 -93.35 37.87
N GLU BD 39 -84.03 -93.04 38.87
CA GLU BD 39 -83.91 -93.87 40.07
C GLU BD 39 -84.42 -93.16 41.33
N GLY BD 40 -85.10 -92.04 41.18
CA GLY BD 40 -85.53 -91.26 42.32
C GLY BD 40 -84.36 -90.66 43.08
N LEU BD 41 -83.40 -90.11 42.34
CA LEU BD 41 -82.22 -89.48 42.91
C LEU BD 41 -82.30 -87.97 42.69
N SER BD 42 -81.32 -87.25 43.23
CA SER BD 42 -81.26 -85.81 43.07
C SER BD 42 -80.68 -85.47 41.71
N PHE BD 43 -80.80 -84.21 41.31
CA PHE BD 43 -80.29 -83.78 40.01
C PHE BD 43 -78.77 -83.88 39.92
N GLN BD 44 -78.06 -83.58 41.00
CA GLN BD 44 -76.61 -83.66 41.02
C GLN BD 44 -76.09 -85.09 40.94
N ALA BD 45 -76.92 -86.09 41.25
CA ALA BD 45 -76.53 -87.47 41.12
C ALA BD 45 -77.62 -88.19 40.32
N ARG BD 46 -77.53 -88.10 39.00
CA ARG BD 46 -78.45 -88.75 38.09
C ARG BD 46 -77.70 -89.85 37.34
N LYS BD 47 -78.27 -90.48 36.31
CA LYS BD 47 -77.55 -91.45 35.51
C LYS BD 47 -77.72 -91.08 34.04
N GLU BD 48 -77.44 -89.82 33.71
CA GLU BD 48 -77.62 -89.32 32.35
C GLU BD 48 -76.91 -90.19 31.33
N VAL BD 49 -77.61 -90.53 30.25
CA VAL BD 49 -77.06 -91.30 29.15
C VAL BD 49 -77.36 -90.56 27.85
N ALA BD 50 -76.34 -90.40 27.02
CA ALA BD 50 -76.46 -89.63 25.78
C ALA BD 50 -76.33 -90.56 24.58
N PHE BD 51 -77.30 -90.47 23.67
CA PHE BD 51 -77.34 -91.27 22.45
C PHE BD 51 -77.07 -90.34 21.27
N SER BD 52 -76.07 -90.68 20.46
CA SER BD 52 -75.73 -89.88 19.30
C SER BD 52 -75.56 -90.79 18.09
N VAL BD 53 -75.86 -90.24 16.92
CA VAL BD 53 -75.80 -90.97 15.66
C VAL BD 53 -75.05 -90.14 14.63
N LYS BD 54 -74.17 -90.83 13.88
CA LYS BD 54 -73.36 -90.20 12.84
C LYS BD 54 -73.58 -90.97 11.54
N VAL BD 55 -74.45 -90.44 10.69
CA VAL BD 55 -74.88 -91.11 9.45
C VAL BD 55 -73.75 -91.11 8.43
N PRO BD 56 -73.67 -92.12 7.56
CA PRO BD 56 -72.59 -92.16 6.56
C PRO BD 56 -72.77 -91.11 5.48
N LYS BD 57 -71.64 -90.69 4.92
CA LYS BD 57 -71.62 -89.74 3.81
C LYS BD 57 -70.83 -90.35 2.65
N VAL BD 58 -71.13 -89.87 1.44
CA VAL BD 58 -70.45 -90.37 0.25
C VAL BD 58 -68.98 -89.97 0.29
N SER BD 59 -68.12 -90.86 -0.20
CA SER BD 59 -66.68 -90.62 -0.21
C SER BD 59 -66.08 -91.19 -1.49
N VAL BD 60 -64.78 -90.94 -1.68
CA VAL BD 60 -64.03 -91.54 -2.76
C VAL BD 60 -63.06 -92.62 -2.25
N SER BD 61 -62.47 -92.41 -1.08
CA SER BD 61 -61.75 -93.42 -0.32
C SER BD 61 -62.79 -94.27 0.42
N ALA BD 62 -62.36 -94.97 1.48
CA ALA BD 62 -63.31 -95.76 2.27
C ALA BD 62 -63.90 -96.88 1.42
N PRO BD 63 -63.20 -98.01 1.30
CA PRO BD 63 -63.40 -98.92 0.17
C PRO BD 63 -64.80 -99.54 0.12
N GLY BD 64 -65.68 -98.81 -0.55
CA GLY BD 64 -67.11 -99.08 -0.53
C GLY BD 64 -67.89 -97.81 -0.70
N GLY BD 65 -67.19 -96.68 -0.67
CA GLY BD 65 -67.77 -95.43 -1.12
C GLY BD 65 -68.28 -94.54 -0.01
N PHE BD 66 -68.55 -95.10 1.16
CA PHE BD 66 -69.11 -94.34 2.26
C PHE BD 66 -68.27 -94.50 3.52
N THR BD 67 -68.33 -93.48 4.36
CA THR BD 67 -67.80 -93.56 5.70
C THR BD 67 -68.67 -94.49 6.54
N GLN BD 68 -68.12 -94.94 7.67
CA GLN BD 68 -68.85 -95.87 8.51
C GLN BD 68 -69.97 -95.16 9.26
N ALA BD 69 -71.00 -95.92 9.63
CA ALA BD 69 -72.13 -95.40 10.39
C ALA BD 69 -71.83 -95.60 11.88
N ARG BD 70 -71.59 -94.50 12.58
CA ARG BD 70 -71.25 -94.57 14.00
C ARG BD 70 -72.46 -94.31 14.88
N SER BD 71 -72.58 -95.10 15.95
CA SER BD 71 -73.62 -94.94 16.96
C SER BD 71 -72.92 -94.96 18.32
N THR BD 72 -73.07 -93.89 19.08
CA THR BD 72 -72.35 -93.74 20.33
C THR BD 72 -73.32 -93.57 21.50
N VAL BD 73 -73.02 -94.28 22.59
CA VAL BD 73 -73.77 -94.15 23.83
C VAL BD 73 -72.80 -93.86 24.97
N ILE BD 74 -73.00 -92.75 25.66
CA ILE BD 74 -72.21 -92.44 26.85
C ILE BD 74 -73.13 -92.43 28.06
N LEU BD 75 -72.79 -93.22 29.06
CA LEU BD 75 -73.51 -93.28 30.33
C LEU BD 75 -72.69 -92.54 31.38
N LYS BD 76 -73.30 -91.57 32.04
CA LYS BD 76 -72.60 -90.77 33.04
C LYS BD 76 -73.05 -91.16 34.44
N SER BD 77 -72.08 -91.36 35.32
CA SER BD 77 -72.35 -91.72 36.71
C SER BD 77 -71.64 -90.75 37.64
N PRO BD 78 -72.34 -89.77 38.20
CA PRO BD 78 -71.72 -88.88 39.19
C PRO BD 78 -71.31 -89.63 40.45
N LYS BD 79 -70.05 -89.49 40.84
CA LYS BD 79 -69.55 -90.05 42.09
C LYS BD 79 -69.13 -88.91 43.01
N THR BD 80 -69.42 -89.07 44.30
CA THR BD 80 -69.05 -88.10 45.32
C THR BD 80 -67.87 -88.64 46.11
N LEU BD 81 -66.80 -87.85 46.18
CA LEU BD 81 -65.55 -88.31 46.74
C LEU BD 81 -65.50 -88.09 48.24
N ALA BD 82 -64.42 -88.55 48.86
CA ALA BD 82 -64.25 -88.39 50.29
C ALA BD 82 -64.16 -86.92 50.68
N ASN BD 83 -63.39 -86.14 49.92
CA ASN BD 83 -63.28 -84.71 50.20
C ASN BD 83 -64.62 -84.00 49.97
N GLY BD 84 -65.37 -84.44 48.98
CA GLY BD 84 -66.68 -83.87 48.73
C GLY BD 84 -66.83 -83.30 47.34
N ASN BD 85 -65.75 -83.32 46.56
CA ASN BD 85 -65.83 -82.90 45.18
C ASN BD 85 -66.60 -83.91 44.35
N ARG BD 86 -67.21 -83.43 43.28
CA ARG BD 86 -68.04 -84.27 42.41
C ARG BD 86 -67.28 -84.65 41.15
N THR BD 87 -67.26 -85.93 40.84
CA THR BD 87 -66.70 -86.45 39.61
C THR BD 87 -67.71 -87.34 38.92
N VAL BD 88 -67.61 -87.43 37.60
CA VAL BD 88 -68.52 -88.24 36.79
C VAL BD 88 -67.73 -89.39 36.20
N ASN BD 89 -68.20 -90.62 36.44
CA ASN BD 89 -67.63 -91.83 35.85
C ASN BD 89 -68.46 -92.15 34.60
N THR BD 90 -67.79 -92.32 33.48
CA THR BD 90 -68.45 -92.52 32.20
C THR BD 90 -68.10 -93.86 31.57
N VAL BD 91 -69.06 -94.41 30.84
CA VAL BD 91 -68.82 -95.55 29.96
C VAL BD 91 -69.24 -95.16 28.55
N SER BD 92 -68.31 -95.23 27.61
CA SER BD 92 -68.63 -94.93 26.21
C SER BD 92 -68.69 -96.22 25.41
N ILE BD 93 -69.69 -96.31 24.54
CA ILE BD 93 -69.87 -97.46 23.66
C ILE BD 93 -70.08 -96.88 22.25
N GLN BD 94 -69.11 -97.10 21.38
CA GLN BD 94 -69.17 -96.60 20.01
C GLN BD 94 -69.12 -97.78 19.04
N LEU BD 95 -70.12 -97.88 18.17
CA LEU BD 95 -70.18 -98.93 17.16
C LEU BD 95 -70.05 -98.28 15.79
N SER BD 96 -69.04 -98.69 15.03
CA SER BD 96 -68.81 -98.21 13.68
C SER BD 96 -68.90 -99.40 12.72
N VAL BD 97 -69.93 -99.42 11.88
CA VAL BD 97 -70.08 -100.46 10.87
C VAL BD 97 -70.16 -99.81 9.50
N ASP BD 98 -69.68 -100.53 8.50
CA ASP BD 98 -69.90 -100.12 7.13
C ASP BD 98 -71.39 -100.26 6.80
N PRO BD 99 -71.92 -99.37 5.96
CA PRO BD 99 -73.36 -99.45 5.65
C PRO BD 99 -73.77 -100.75 4.96
N GLU BD 100 -72.83 -101.49 4.36
CA GLU BD 100 -73.17 -102.77 3.77
C GLU BD 100 -73.42 -103.86 4.81
N THR BD 101 -73.14 -103.58 6.07
CA THR BD 101 -73.20 -104.60 7.11
C THR BD 101 -74.64 -105.01 7.40
N THR BD 102 -74.90 -106.31 7.40
CA THR BD 102 -76.22 -106.84 7.66
C THR BD 102 -76.58 -106.70 9.14
N ALA BD 103 -77.86 -106.86 9.44
CA ALA BD 103 -78.31 -106.75 10.83
C ALA BD 103 -77.90 -107.95 11.66
N ALA BD 104 -77.66 -109.10 11.01
CA ALA BD 104 -77.17 -110.26 11.74
C ALA BD 104 -75.70 -110.11 12.12
N GLU BD 105 -74.92 -109.41 11.30
CA GLU BD 105 -73.53 -109.15 11.66
C GLU BD 105 -73.43 -108.11 12.77
N VAL BD 106 -74.34 -107.15 12.80
CA VAL BD 106 -74.35 -106.17 13.88
C VAL BD 106 -74.81 -106.82 15.18
N THR BD 107 -75.80 -107.70 15.11
CA THR BD 107 -76.27 -108.40 16.31
C THR BD 107 -75.15 -109.23 16.93
N THR BD 108 -74.38 -109.94 16.10
CA THR BD 108 -73.24 -110.70 16.60
C THR BD 108 -72.23 -109.79 17.28
N MET BD 109 -71.95 -108.64 16.66
CA MET BD 109 -71.01 -107.68 17.23
C MET BD 109 -71.53 -107.14 18.56
N LEU BD 110 -72.83 -106.84 18.62
CA LEU BD 110 -73.41 -106.29 19.84
C LEU BD 110 -73.38 -107.29 20.98
N ASN BD 111 -73.67 -108.56 20.69
CA ASN BD 111 -73.77 -109.56 21.74
C ASN BD 111 -72.39 -109.96 22.26
N ALA BD 112 -71.41 -110.09 21.35
CA ALA BD 112 -70.06 -110.42 21.78
C ALA BD 112 -69.44 -109.29 22.60
N ALA BD 113 -69.77 -108.05 22.27
CA ALA BD 113 -69.25 -106.93 23.03
C ALA BD 113 -69.93 -106.80 24.39
N ALA BD 114 -71.17 -107.28 24.52
CA ALA BD 114 -71.86 -107.21 25.80
C ALA BD 114 -71.19 -108.10 26.83
N GLN BD 115 -70.86 -109.34 26.44
CA GLN BD 115 -70.13 -110.22 27.34
C GLN BD 115 -68.72 -109.75 27.61
N LEU BD 116 -68.16 -108.88 26.76
CA LEU BD 116 -66.82 -108.35 27.00
C LEU BD 116 -66.79 -107.46 28.24
N LEU BD 117 -67.94 -106.96 28.68
CA LEU BD 117 -68.00 -106.10 29.84
C LEU BD 117 -68.94 -106.61 30.93
N PHE BD 118 -69.36 -107.87 30.84
CA PHE BD 118 -70.01 -108.49 32.00
C PHE BD 118 -69.55 -109.91 32.30
N ASP BD 119 -68.79 -110.58 31.44
CA ASP BD 119 -68.24 -111.89 31.77
C ASP BD 119 -67.20 -111.77 32.87
N SER BD 120 -67.14 -112.78 33.73
CA SER BD 120 -66.31 -112.69 34.93
C SER BD 120 -64.82 -112.66 34.59
N ASP BD 121 -64.43 -113.23 33.46
CA ASP BD 121 -63.02 -113.27 33.06
C ASP BD 121 -62.46 -111.87 32.84
N TYR BD 122 -63.32 -110.89 32.63
CA TYR BD 122 -62.86 -109.54 32.36
C TYR BD 122 -63.09 -108.62 33.56
N SER BD 123 -63.47 -109.20 34.69
CA SER BD 123 -63.73 -108.40 35.88
C SER BD 123 -62.49 -107.64 36.34
N ASP BD 124 -61.33 -108.30 36.36
CA ASP BD 124 -60.12 -107.65 36.82
C ASP BD 124 -59.57 -106.64 35.83
N PHE BD 125 -59.84 -106.82 34.54
CA PHE BD 125 -59.45 -105.81 33.58
C PHE BD 125 -60.24 -104.51 33.76
N TRP BD 126 -61.54 -104.61 34.01
CA TRP BD 126 -62.36 -103.41 34.19
C TRP BD 126 -62.16 -102.77 35.56
N LYS BD 127 -62.06 -103.58 36.62
CA LYS BD 127 -61.93 -103.07 37.98
C LYS BD 127 -60.47 -102.91 38.39
N ALA BD 128 -59.71 -104.00 38.36
CA ALA BD 128 -58.31 -103.95 38.79
C ALA BD 128 -57.38 -103.41 37.72
N GLN BD 129 -57.87 -103.20 36.50
CA GLN BD 129 -57.06 -102.69 35.39
C GLN BD 129 -55.92 -103.65 35.07
N ALA BD 130 -56.23 -104.94 35.13
CA ALA BD 130 -55.24 -106.02 35.03
C ALA BD 130 -55.33 -106.68 33.66
N LEU BD 131 -54.28 -106.49 32.85
CA LEU BD 131 -54.26 -107.04 31.50
C LEU BD 131 -54.18 -108.57 31.50
N ALA BD 132 -53.46 -109.14 32.45
CA ALA BD 132 -53.40 -110.59 32.55
C ALA BD 132 -53.57 -111.06 33.99
N ALA CD 1 -88.26 -97.17 21.85
CA ALA CD 1 -86.81 -97.17 21.76
C ALA CD 1 -86.21 -96.31 22.86
N ILE CD 2 -85.31 -95.41 22.47
CA ILE CD 2 -84.75 -94.46 23.43
C ILE CD 2 -85.79 -93.37 23.67
N ALA CD 3 -86.55 -93.50 24.77
CA ALA CD 3 -87.67 -92.62 25.05
C ALA CD 3 -88.32 -92.99 26.37
N ASN CD 4 -88.78 -94.24 26.47
CA ASN CD 4 -89.42 -94.75 27.68
C ASN CD 4 -88.90 -96.13 28.03
N SER CD 5 -87.69 -96.45 27.57
CA SER CD 5 -87.13 -97.79 27.77
C SER CD 5 -86.77 -98.01 29.23
N SER CD 6 -86.82 -99.27 29.65
CA SER CD 6 -86.50 -99.67 31.03
C SER CD 6 -85.18 -100.43 31.03
N ILE CD 7 -84.33 -100.10 32.00
CA ILE CD 7 -83.06 -100.80 32.21
C ILE CD 7 -83.00 -101.25 33.66
N ALA CD 8 -82.68 -102.53 33.88
CA ALA CD 8 -82.65 -103.11 35.22
C ALA CD 8 -81.32 -102.82 35.88
N ILE CD 9 -81.30 -101.84 36.79
CA ILE CD 9 -80.09 -101.44 37.46
C ILE CD 9 -79.72 -102.47 38.53
N ASP CD 10 -78.43 -102.80 38.60
CA ASP CD 10 -77.90 -103.76 39.56
C ASP CD 10 -78.58 -105.12 39.43
N SER CD 11 -78.66 -105.60 38.20
CA SER CD 11 -79.18 -106.92 37.90
C SER CD 11 -78.04 -107.85 37.51
N THR CD 12 -78.38 -109.09 37.18
CA THR CD 12 -77.41 -110.09 36.75
C THR CD 12 -77.65 -110.41 35.28
N ALA CD 13 -76.61 -110.25 34.46
CA ALA CD 13 -76.69 -110.50 33.03
C ALA CD 13 -76.01 -111.83 32.72
N SER CD 14 -76.71 -112.68 31.96
CA SER CD 14 -76.20 -114.00 31.59
C SER CD 14 -76.40 -114.21 30.10
N VAL CD 15 -75.93 -115.37 29.63
CA VAL CD 15 -75.94 -115.72 28.21
C VAL CD 15 -76.37 -117.18 28.07
N THR CD 16 -77.22 -117.45 27.08
CA THR CD 16 -77.65 -118.80 26.75
C THR CD 16 -77.47 -119.04 25.27
N GLY CD 17 -77.24 -120.29 24.90
CA GLY CD 17 -77.04 -120.63 23.51
C GLY CD 17 -75.67 -120.19 23.00
N GLY CD 18 -75.52 -120.26 21.68
CA GLY CD 18 -74.29 -119.82 21.04
C GLY CD 18 -73.19 -120.86 21.08
N THR CD 19 -72.05 -120.46 20.52
CA THR CD 19 -70.84 -121.26 20.51
C THR CD 19 -69.78 -120.62 21.39
N ALA CD 20 -69.13 -121.44 22.22
CA ALA CD 20 -68.13 -120.97 23.18
C ALA CD 20 -66.78 -120.92 22.47
N ARG CD 21 -66.28 -119.71 22.29
CA ARG CD 21 -64.95 -119.52 21.72
C ARG CD 21 -63.97 -119.12 22.82
N THR CD 22 -62.68 -119.37 22.55
CA THR CD 22 -61.68 -119.31 23.62
C THR CD 22 -61.10 -117.91 23.80
N VAL CD 23 -60.87 -117.19 22.68
CA VAL CD 23 -60.10 -115.95 22.69
C VAL CD 23 -58.65 -116.29 23.00
N LYS CD 24 -57.74 -115.93 22.10
CA LYS CD 24 -56.32 -116.27 22.25
C LYS CD 24 -55.51 -115.00 22.07
N GLU CD 25 -54.56 -114.77 22.97
CA GLU CD 25 -53.77 -113.54 22.91
C GLU CD 25 -52.78 -113.60 21.76
N LEU CD 26 -52.64 -112.49 21.04
CA LEU CD 26 -51.67 -112.39 19.96
C LEU CD 26 -50.38 -111.72 20.42
N VAL CD 27 -50.47 -110.45 20.82
CA VAL CD 27 -49.31 -109.61 21.08
C VAL CD 27 -49.59 -108.79 22.33
N ARG CD 28 -48.52 -108.49 23.06
CA ARG CD 28 -48.61 -107.77 24.31
C ARG CD 28 -47.67 -106.57 24.22
N ASN CD 29 -47.63 -105.76 25.28
CA ASN CD 29 -46.76 -104.59 25.42
C ASN CD 29 -47.23 -103.42 24.56
N ASN CD 30 -47.31 -102.24 25.15
CA ASN CD 30 -47.14 -102.05 26.59
C ASN CD 30 -48.38 -101.39 27.14
N SER CD 31 -48.93 -101.96 28.21
CA SER CD 31 -50.25 -101.57 28.72
C SER CD 31 -51.28 -101.70 27.60
N GLU CD 32 -51.15 -102.76 26.81
CA GLU CD 32 -51.95 -102.97 25.62
C GLU CD 32 -51.94 -104.45 25.28
N LEU CD 33 -53.08 -105.12 25.40
CA LEU CD 33 -53.18 -106.51 25.01
C LEU CD 33 -53.88 -106.63 23.66
N ASN CD 34 -53.50 -107.65 22.89
CA ASN CD 34 -54.15 -107.97 21.63
C ASN CD 34 -54.48 -109.45 21.62
N ALA CD 35 -55.73 -109.78 21.31
CA ALA CD 35 -56.18 -111.16 21.30
C ALA CD 35 -57.03 -111.35 20.06
N TYR CD 36 -57.57 -112.56 19.90
CA TYR CD 36 -58.47 -112.85 18.80
C TYR CD 36 -59.39 -113.98 19.21
N ILE CD 37 -60.64 -113.92 18.76
CA ILE CD 37 -61.63 -114.93 19.08
C ILE CD 37 -61.49 -116.06 18.06
N ASP CD 38 -61.15 -117.26 18.53
CA ASP CD 38 -60.86 -118.38 17.65
C ASP CD 38 -62.15 -119.12 17.33
N GLU CD 39 -62.64 -118.95 16.10
CA GLU CD 39 -63.84 -119.63 15.63
C GLU CD 39 -63.52 -120.50 14.42
N GLY CD 40 -62.26 -120.91 14.28
CA GLY CD 40 -61.85 -121.68 13.11
C GLY CD 40 -61.98 -120.92 11.81
N LEU CD 41 -61.63 -119.65 11.81
CA LEU CD 41 -61.71 -118.82 10.61
C LEU CD 41 -60.31 -118.50 10.11
N SER CD 42 -60.23 -117.89 8.93
CA SER CD 42 -58.96 -117.56 8.33
C SER CD 42 -58.32 -116.36 9.02
N PHE CD 43 -57.10 -116.04 8.61
CA PHE CD 43 -56.35 -114.96 9.23
C PHE CD 43 -57.00 -113.60 8.97
N GLN CD 44 -57.57 -113.40 7.79
CA GLN CD 44 -58.16 -112.10 7.45
C GLN CD 44 -59.59 -111.96 7.96
N ALA CD 45 -60.22 -113.05 8.40
CA ALA CD 45 -61.63 -113.02 8.77
C ALA CD 45 -61.84 -113.31 10.24
N ARG CD 46 -60.80 -113.16 11.07
CA ARG CD 46 -60.91 -113.43 12.49
C ARG CD 46 -61.28 -112.17 13.25
N LYS CD 47 -61.85 -112.36 14.44
CA LYS CD 47 -62.46 -111.30 15.24
C LYS CD 47 -61.44 -110.26 15.74
N GLU CD 48 -60.44 -110.69 16.52
CA GLU CD 48 -59.38 -109.81 17.00
C GLU CD 48 -59.81 -108.67 17.91
N VAL CD 49 -60.20 -108.98 19.15
CA VAL CD 49 -60.50 -107.97 20.16
C VAL CD 49 -59.20 -107.48 20.78
N ALA CD 50 -59.11 -106.17 21.03
CA ALA CD 50 -57.95 -105.55 21.66
C ALA CD 50 -58.31 -104.96 23.02
N PHE CD 51 -57.30 -104.92 23.91
CA PHE CD 51 -57.48 -104.48 25.29
C PHE CD 51 -56.42 -103.45 25.65
N SER CD 52 -56.84 -102.20 25.84
CA SER CD 52 -55.95 -101.12 26.22
C SER CD 52 -56.20 -100.72 27.67
N VAL CD 53 -55.23 -100.01 28.25
CA VAL CD 53 -55.32 -99.59 29.65
C VAL CD 53 -54.53 -98.30 29.85
N LYS CD 54 -55.10 -97.37 30.62
CA LYS CD 54 -54.44 -96.12 30.99
C LYS CD 54 -54.51 -96.01 32.51
N VAL CD 55 -53.35 -96.15 33.16
CA VAL CD 55 -53.32 -96.21 34.63
C VAL CD 55 -53.63 -94.84 35.20
N PRO CD 56 -54.16 -94.74 36.42
CA PRO CD 56 -54.40 -93.42 37.01
C PRO CD 56 -53.10 -92.67 37.24
N LYS CD 57 -53.06 -91.44 36.75
CA LYS CD 57 -51.87 -90.60 36.84
C LYS CD 57 -52.07 -89.55 37.92
N VAL CD 58 -51.02 -89.31 38.70
CA VAL CD 58 -51.12 -88.37 39.82
C VAL CD 58 -51.10 -86.95 39.28
N SER CD 59 -52.29 -86.36 39.14
CA SER CD 59 -52.41 -84.96 38.75
C SER CD 59 -52.50 -84.09 40.00
N VAL CD 60 -52.87 -82.82 39.84
CA VAL CD 60 -53.01 -81.92 40.99
C VAL CD 60 -54.40 -81.32 40.99
N SER CD 61 -54.79 -80.71 39.87
CA SER CD 61 -56.07 -79.97 39.79
C SER CD 61 -57.16 -80.88 39.25
N ALA CD 62 -57.43 -81.95 40.00
CA ALA CD 62 -58.47 -82.89 39.62
C ALA CD 62 -59.22 -83.34 40.87
N PRO CD 63 -60.47 -83.76 40.73
CA PRO CD 63 -61.17 -84.37 41.86
C PRO CD 63 -60.43 -85.59 42.37
N GLY CD 64 -60.29 -85.69 43.68
CA GLY CD 64 -59.60 -86.82 44.28
C GLY CD 64 -58.10 -86.65 44.30
N GLY CD 65 -57.55 -86.04 43.24
CA GLY CD 65 -56.13 -85.80 43.15
C GLY CD 65 -55.49 -86.38 41.91
N PHE CD 66 -55.92 -87.58 41.52
CA PHE CD 66 -55.32 -88.26 40.37
C PHE CD 66 -56.22 -88.07 39.14
N THR CD 67 -55.70 -88.48 37.99
CA THR CD 67 -56.53 -88.61 36.80
C THR CD 67 -57.32 -89.92 36.87
N GLN CD 68 -58.08 -90.18 35.83
CA GLN CD 68 -59.02 -91.29 35.85
C GLN CD 68 -58.36 -92.57 35.33
N ALA CD 69 -58.87 -93.70 35.82
CA ALA CD 69 -58.40 -95.03 35.39
C ALA CD 69 -59.17 -95.40 34.13
N ARG CD 70 -58.55 -95.16 32.97
CA ARG CD 70 -59.16 -95.47 31.69
C ARG CD 70 -58.90 -96.92 31.32
N SER CD 71 -59.91 -97.56 30.73
CA SER CD 71 -59.80 -98.97 30.32
C SER CD 71 -60.62 -99.13 29.03
N THR CD 72 -59.94 -99.43 27.94
CA THR CD 72 -60.57 -99.48 26.63
C THR CD 72 -60.55 -100.90 26.07
N VAL CD 73 -61.63 -101.26 25.39
CA VAL CD 73 -61.74 -102.51 24.65
C VAL CD 73 -62.26 -102.17 23.26
N ILE CD 74 -61.59 -102.69 22.23
CA ILE CD 74 -62.07 -102.58 20.85
C ILE CD 74 -62.19 -103.98 20.27
N LEU CD 75 -63.39 -104.34 19.84
CA LEU CD 75 -63.62 -105.58 19.11
C LEU CD 75 -63.69 -105.22 17.62
N LYS CD 76 -62.78 -105.79 16.84
CA LYS CD 76 -62.81 -105.61 15.40
C LYS CD 76 -63.58 -106.76 14.77
N SER CD 77 -64.03 -106.55 13.53
CA SER CD 77 -64.86 -107.52 12.82
C SER CD 77 -64.68 -107.31 11.33
N PRO CD 78 -63.85 -108.11 10.66
CA PRO CD 78 -63.65 -107.92 9.23
C PRO CD 78 -64.92 -108.22 8.45
N LYS CD 79 -65.09 -107.49 7.36
CA LYS CD 79 -66.22 -107.70 6.46
C LYS CD 79 -65.76 -107.41 5.05
N THR CD 80 -66.16 -108.27 4.11
CA THR CD 80 -65.84 -108.09 2.70
C THR CD 80 -67.03 -107.47 1.98
N LEU CD 81 -66.75 -106.55 1.08
CA LEU CD 81 -67.78 -105.71 0.49
C LEU CD 81 -68.27 -106.27 -0.84
N ALA CD 82 -69.25 -105.59 -1.43
CA ALA CD 82 -69.84 -106.01 -2.70
C ALA CD 82 -68.92 -105.76 -3.88
N ASN CD 83 -67.85 -104.98 -3.70
CA ASN CD 83 -66.85 -104.79 -4.73
C ASN CD 83 -65.58 -105.60 -4.47
N GLY CD 84 -65.59 -106.46 -3.45
CA GLY CD 84 -64.44 -107.30 -3.13
C GLY CD 84 -63.46 -106.69 -2.17
N ASN CD 85 -63.63 -105.42 -1.80
CA ASN CD 85 -62.71 -104.77 -0.87
C ASN CD 85 -62.96 -105.24 0.56
N ARG CD 86 -61.98 -104.99 1.42
CA ARG CD 86 -61.99 -105.44 2.81
C ARG CD 86 -62.04 -104.24 3.74
N THR CD 87 -62.96 -104.28 4.70
CA THR CD 87 -63.09 -103.25 5.72
C THR CD 87 -63.29 -103.91 7.08
N VAL CD 88 -63.29 -103.08 8.13
CA VAL CD 88 -63.41 -103.56 9.50
C VAL CD 88 -64.53 -102.81 10.18
N ASN CD 89 -65.40 -103.53 10.89
CA ASN CD 89 -66.39 -102.95 11.77
C ASN CD 89 -65.90 -103.08 13.20
N THR CD 90 -66.11 -102.05 14.01
CA THR CD 90 -65.54 -102.02 15.35
C THR CD 90 -66.63 -101.71 16.38
N VAL CD 91 -66.41 -102.23 17.58
CA VAL CD 91 -67.13 -101.81 18.78
C VAL CD 91 -66.09 -101.35 19.79
N SER CD 92 -66.16 -100.09 20.20
CA SER CD 92 -65.21 -99.55 21.15
C SER CD 92 -65.91 -99.26 22.47
N ILE CD 93 -65.38 -99.83 23.55
CA ILE CD 93 -65.93 -99.64 24.90
C ILE CD 93 -64.83 -99.03 25.76
N GLN CD 94 -65.08 -97.85 26.29
CA GLN CD 94 -64.16 -97.18 27.19
C GLN CD 94 -64.83 -96.99 28.55
N LEU CD 95 -64.19 -97.49 29.60
CA LEU CD 95 -64.64 -97.30 30.97
C LEU CD 95 -63.67 -96.33 31.62
N SER CD 96 -64.20 -95.23 32.16
CA SER CD 96 -63.38 -94.18 32.75
C SER CD 96 -63.95 -93.84 34.12
N VAL CD 97 -63.33 -94.40 35.16
CA VAL CD 97 -63.75 -94.15 36.52
C VAL CD 97 -62.62 -93.48 37.28
N ASP CD 98 -62.96 -92.83 38.38
CA ASP CD 98 -61.97 -92.30 39.31
C ASP CD 98 -61.41 -93.45 40.14
N PRO CD 99 -60.16 -93.36 40.57
CA PRO CD 99 -59.56 -94.45 41.34
C PRO CD 99 -60.27 -94.71 42.66
N GLU CD 100 -60.98 -93.74 43.20
CA GLU CD 100 -61.73 -93.87 44.45
C GLU CD 100 -62.96 -94.76 44.29
N THR CD 101 -63.35 -95.07 43.05
CA THR CD 101 -64.53 -95.88 42.80
C THR CD 101 -64.32 -97.30 43.30
N THR CD 102 -65.36 -97.84 43.94
CA THR CD 102 -65.35 -99.22 44.41
C THR CD 102 -65.71 -100.18 43.29
N ALA CD 103 -65.43 -101.46 43.51
CA ALA CD 103 -65.73 -102.48 42.52
C ALA CD 103 -67.22 -102.58 42.25
N ALA CD 104 -68.04 -102.37 43.29
CA ALA CD 104 -69.47 -102.52 43.14
C ALA CD 104 -70.09 -101.37 42.33
N GLU CD 105 -69.53 -100.17 42.43
CA GLU CD 105 -70.01 -99.08 41.58
C GLU CD 105 -69.57 -99.26 40.13
N VAL CD 106 -68.51 -100.03 39.91
CA VAL CD 106 -68.07 -100.32 38.55
C VAL CD 106 -68.89 -101.45 37.96
N THR CD 107 -69.27 -102.42 38.79
CA THR CD 107 -70.06 -103.55 38.32
C THR CD 107 -71.46 -103.08 37.96
N THR CD 108 -71.91 -101.97 38.55
CA THR CD 108 -73.20 -101.40 38.18
C THR CD 108 -73.12 -100.69 36.84
N MET CD 109 -72.04 -99.91 36.62
CA MET CD 109 -71.88 -99.19 35.37
C MET CD 109 -71.75 -100.14 34.19
N LEU CD 110 -70.99 -101.23 34.36
CA LEU CD 110 -70.81 -102.18 33.28
C LEU CD 110 -72.12 -102.89 32.96
N ASN CD 111 -72.90 -103.22 33.99
CA ASN CD 111 -74.16 -103.92 33.76
C ASN CD 111 -75.18 -103.00 33.11
N ALA CD 112 -75.18 -101.71 33.49
CA ALA CD 112 -76.06 -100.75 32.84
C ALA CD 112 -75.66 -100.53 31.40
N ALA CD 113 -74.35 -100.41 31.14
CA ALA CD 113 -73.88 -100.18 29.79
C ALA CD 113 -74.02 -101.42 28.92
N ALA CD 114 -73.85 -102.60 29.50
CA ALA CD 114 -74.04 -103.83 28.73
C ALA CD 114 -75.48 -103.98 28.26
N GLN CD 115 -76.43 -103.53 29.07
CA GLN CD 115 -77.84 -103.65 28.70
C GLN CD 115 -78.17 -102.79 27.48
N LEU CD 116 -77.54 -101.61 27.37
CA LEU CD 116 -77.71 -100.79 26.16
C LEU CD 116 -76.75 -101.28 25.08
N LEU CD 117 -76.69 -102.60 24.94
CA LEU CD 117 -75.98 -103.23 23.83
C LEU CD 117 -76.84 -104.35 23.26
N PHE CD 118 -77.61 -105.00 24.13
CA PHE CD 118 -78.39 -106.17 23.74
C PHE CD 118 -79.87 -106.07 24.08
N ASP CD 119 -80.31 -105.03 24.78
CA ASP CD 119 -81.72 -104.87 25.08
C ASP CD 119 -82.50 -104.58 23.80
N SER CD 120 -83.64 -105.25 23.65
CA SER CD 120 -84.42 -105.15 22.43
C SER CD 120 -84.93 -103.74 22.19
N ASP CD 121 -85.02 -102.93 23.24
CA ASP CD 121 -85.47 -101.55 23.11
C ASP CD 121 -84.52 -100.74 22.25
N TYR CD 122 -83.22 -100.94 22.45
CA TYR CD 122 -82.23 -100.23 21.64
C TYR CD 122 -81.73 -101.11 20.51
N SER CD 123 -82.61 -101.50 19.59
CA SER CD 123 -82.18 -102.27 18.43
C SER CD 123 -82.16 -101.39 17.20
N ASP CD 124 -83.22 -100.59 17.03
CA ASP CD 124 -83.27 -99.67 15.90
C ASP CD 124 -82.20 -98.60 16.02
N PHE CD 125 -81.70 -98.34 17.22
CA PHE CD 125 -80.62 -97.38 17.38
C PHE CD 125 -79.29 -97.88 16.84
N TRP CD 126 -78.99 -99.17 17.00
CA TRP CD 126 -77.71 -99.70 16.55
C TRP CD 126 -77.76 -100.11 15.08
N LYS CD 127 -78.84 -100.80 14.69
CA LYS CD 127 -78.91 -101.32 13.32
C LYS CD 127 -79.52 -100.29 12.38
N ALA CD 128 -80.72 -99.80 12.69
CA ALA CD 128 -81.36 -98.80 11.84
C ALA CD 128 -80.79 -97.40 12.05
N GLN CD 129 -79.97 -97.22 13.08
CA GLN CD 129 -79.41 -95.92 13.44
C GLN CD 129 -80.51 -94.89 13.64
N ALA CD 130 -81.59 -95.31 14.29
CA ALA CD 130 -82.76 -94.47 14.53
C ALA CD 130 -82.74 -93.98 15.97
N LEU CD 131 -82.53 -92.68 16.16
CA LEU CD 131 -82.45 -92.10 17.50
C LEU CD 131 -83.77 -92.27 18.25
N ALA CD 132 -84.89 -92.19 17.55
CA ALA CD 132 -86.19 -92.34 18.19
C ALA CD 132 -87.27 -92.64 17.17
N ALA DD 1 -109.99 -57.53 44.75
CA ALA DD 1 -108.82 -57.15 43.97
C ALA DD 1 -107.55 -57.78 44.53
N ILE DD 2 -106.40 -57.16 44.24
CA ILE DD 2 -105.12 -57.71 44.65
C ILE DD 2 -105.00 -57.71 46.17
N ALA DD 3 -105.33 -56.59 46.81
CA ALA DD 3 -105.25 -56.50 48.26
C ALA DD 3 -106.26 -57.44 48.91
N ASN DD 4 -105.79 -58.23 49.88
CA ASN DD 4 -106.62 -59.18 50.62
C ASN DD 4 -107.25 -60.22 49.70
N SER DD 5 -106.56 -60.54 48.61
CA SER DD 5 -106.94 -61.64 47.74
C SER DD 5 -106.49 -62.94 48.38
N SER DD 6 -107.30 -63.98 48.23
CA SER DD 6 -107.00 -65.28 48.84
C SER DD 6 -106.50 -66.26 47.78
N ILE DD 7 -105.44 -67.00 48.13
CA ILE DD 7 -104.87 -68.03 47.27
C ILE DD 7 -104.83 -69.33 48.05
N ALA DD 8 -105.32 -70.41 47.44
CA ALA DD 8 -105.35 -71.72 48.09
C ALA DD 8 -104.05 -72.44 47.76
N ILE DD 9 -103.16 -72.54 48.74
CA ILE DD 9 -101.83 -73.09 48.52
C ILE DD 9 -101.86 -74.60 48.66
N ASP DD 10 -101.09 -75.28 47.81
CA ASP DD 10 -101.07 -76.74 47.72
C ASP DD 10 -102.48 -77.27 47.40
N SER DD 11 -102.96 -76.86 46.24
CA SER DD 11 -104.32 -77.16 45.82
C SER DD 11 -104.31 -77.76 44.44
N THR DD 12 -105.29 -78.64 44.20
CA THR DD 12 -105.43 -79.22 42.87
C THR DD 12 -106.23 -78.28 41.97
N ALA DD 13 -105.73 -78.05 40.77
CA ALA DD 13 -106.34 -77.15 39.81
C ALA DD 13 -107.02 -78.00 38.73
N SER DD 14 -108.35 -77.95 38.70
CA SER DD 14 -109.10 -78.65 37.68
C SER DD 14 -109.40 -77.70 36.52
N VAL DD 15 -110.08 -78.22 35.49
CA VAL DD 15 -110.53 -77.39 34.38
C VAL DD 15 -111.68 -78.10 33.67
N THR DD 16 -112.77 -77.38 33.45
CA THR DD 16 -113.96 -77.94 32.78
C THR DD 16 -114.57 -76.87 31.90
N GLY DD 17 -114.13 -76.80 30.64
CA GLY DD 17 -114.80 -75.94 29.69
C GLY DD 17 -115.04 -76.56 28.32
N GLY DD 18 -114.41 -77.70 28.06
CA GLY DD 18 -114.51 -78.32 26.75
C GLY DD 18 -113.56 -77.71 25.75
N THR DD 19 -113.79 -77.99 24.46
CA THR DD 19 -112.95 -77.50 23.36
C THR DD 19 -111.51 -77.97 23.55
N ALA DD 20 -111.35 -79.29 23.62
CA ALA DD 20 -110.04 -79.89 23.84
C ALA DD 20 -109.19 -79.83 22.58
N ARG DD 21 -108.33 -78.83 22.47
CA ARG DD 21 -107.45 -78.69 21.34
C ARG DD 21 -106.24 -79.61 21.49
N THR DD 22 -105.32 -79.53 20.54
CA THR DD 22 -104.14 -80.37 20.52
C THR DD 22 -102.91 -79.52 20.21
N VAL DD 23 -101.90 -79.63 21.05
CA VAL DD 23 -100.63 -78.95 20.82
C VAL DD 23 -99.81 -79.81 19.86
N LYS DD 24 -99.54 -79.28 18.68
CA LYS DD 24 -98.72 -79.95 17.68
C LYS DD 24 -97.41 -79.19 17.52
N GLU DD 25 -96.29 -79.90 17.59
CA GLU DD 25 -95.01 -79.23 17.50
C GLU DD 25 -94.69 -78.88 16.05
N LEU DD 26 -93.93 -77.80 15.88
CA LEU DD 26 -93.56 -77.33 14.55
C LEU DD 26 -92.07 -77.53 14.30
N VAL DD 27 -91.20 -76.94 15.10
CA VAL DD 27 -89.76 -77.04 14.94
C VAL DD 27 -89.13 -77.25 16.30
N ARG DD 28 -87.81 -77.32 16.33
CA ARG DD 28 -87.08 -77.51 17.58
C ARG DD 28 -85.98 -76.49 17.82
N ASN DD 29 -85.32 -76.01 16.76
CA ASN DD 29 -84.07 -75.26 16.81
C ASN DD 29 -83.24 -75.50 18.08
N ASN DD 30 -82.64 -74.45 18.62
CA ASN DD 30 -81.60 -74.58 19.65
C ASN DD 30 -82.25 -74.68 21.02
N SER DD 31 -82.36 -75.92 21.53
CA SER DD 31 -82.83 -76.20 22.88
C SER DD 31 -84.19 -75.53 23.14
N GLU DD 32 -85.04 -75.59 22.13
CA GLU DD 32 -86.34 -74.94 22.16
C GLU DD 32 -87.36 -75.94 21.62
N LEU DD 33 -88.63 -75.58 21.68
CA LEU DD 33 -89.68 -76.40 21.09
C LEU DD 33 -90.85 -75.52 20.70
N ASN DD 34 -90.92 -75.15 19.42
CA ASN DD 34 -91.99 -74.29 18.94
C ASN DD 34 -93.15 -75.15 18.46
N ALA DD 35 -94.29 -75.03 19.12
CA ALA DD 35 -95.49 -75.75 18.78
C ALA DD 35 -96.59 -74.76 18.41
N TYR DD 36 -97.80 -75.29 18.17
CA TYR DD 36 -98.95 -74.44 17.90
C TYR DD 36 -100.20 -75.20 18.32
N ILE DD 37 -101.25 -74.44 18.65
CA ILE DD 37 -102.51 -75.05 19.07
C ILE DD 37 -103.40 -75.23 17.84
N ASP DD 38 -103.87 -76.46 17.63
CA ASP DD 38 -104.65 -76.79 16.45
C ASP DD 38 -106.13 -76.54 16.73
N GLU DD 39 -106.59 -75.35 16.31
CA GLU DD 39 -107.98 -74.97 16.42
C GLU DD 39 -108.67 -74.77 15.09
N GLY DD 40 -107.98 -75.01 13.98
CA GLY DD 40 -108.53 -74.83 12.66
C GLY DD 40 -108.47 -73.42 12.11
N LEU DD 41 -107.68 -72.54 12.70
CA LEU DD 41 -107.57 -71.17 12.22
C LEU DD 41 -106.67 -71.11 10.99
N SER DD 42 -106.41 -69.90 10.52
CA SER DD 42 -105.52 -69.70 9.39
C SER DD 42 -104.09 -70.00 9.79
N PHE DD 43 -103.20 -69.96 8.79
CA PHE DD 43 -101.80 -70.31 9.03
C PHE DD 43 -101.09 -69.24 9.85
N GLN DD 44 -101.30 -67.98 9.50
CA GLN DD 44 -100.66 -66.88 10.21
C GLN DD 44 -101.62 -66.22 11.20
N ALA DD 45 -102.64 -66.97 11.64
CA ALA DD 45 -103.52 -66.51 12.71
C ALA DD 45 -103.65 -67.53 13.83
N ARG DD 46 -102.87 -68.61 13.82
CA ARG DD 46 -102.96 -69.64 14.83
C ARG DD 46 -102.18 -69.24 16.07
N LYS DD 47 -102.44 -69.91 17.19
CA LYS DD 47 -101.72 -69.62 18.43
C LYS DD 47 -100.54 -70.58 18.54
N GLU DD 48 -99.33 -70.04 18.48
CA GLU DD 48 -98.10 -70.82 18.63
C GLU DD 48 -97.58 -70.61 20.05
N VAL DD 49 -97.38 -71.71 20.77
CA VAL DD 49 -96.75 -71.63 22.08
C VAL DD 49 -95.36 -72.25 22.01
N ALA DD 50 -94.37 -71.51 22.51
CA ALA DD 50 -92.97 -71.94 22.45
C ALA DD 50 -92.47 -72.35 23.83
N PHE DD 51 -91.65 -73.39 23.85
CA PHE DD 51 -91.06 -73.94 25.07
C PHE DD 51 -89.55 -73.85 24.98
N SER DD 52 -88.89 -73.67 26.12
CA SER DD 52 -87.44 -73.56 26.14
C SER DD 52 -86.90 -73.94 27.51
N VAL DD 53 -85.66 -74.45 27.51
CA VAL DD 53 -85.00 -74.84 28.76
C VAL DD 53 -83.59 -74.26 28.76
N LYS DD 54 -83.07 -74.02 29.97
CA LYS DD 54 -81.78 -73.38 30.17
C LYS DD 54 -81.03 -74.12 31.29
N VAL DD 55 -80.88 -75.43 31.12
CA VAL DD 55 -80.35 -76.37 32.13
C VAL DD 55 -79.15 -75.80 32.87
N PRO DD 56 -79.01 -76.11 34.17
CA PRO DD 56 -77.97 -75.47 34.99
C PRO DD 56 -76.55 -75.79 34.52
N LYS DD 57 -75.66 -74.83 34.77
CA LYS DD 57 -74.27 -74.92 34.35
C LYS DD 57 -73.39 -74.70 35.57
N VAL DD 58 -72.44 -75.61 35.80
CA VAL DD 58 -71.64 -75.61 37.02
C VAL DD 58 -70.81 -74.33 37.10
N SER DD 59 -71.10 -73.50 38.08
CA SER DD 59 -70.41 -72.23 38.28
C SER DD 59 -69.57 -72.27 39.56
N VAL DD 60 -68.84 -71.19 39.83
CA VAL DD 60 -68.13 -71.01 41.08
C VAL DD 60 -68.89 -70.08 42.02
N SER DD 61 -69.61 -69.12 41.45
CA SER DD 61 -70.58 -68.27 42.12
C SER DD 61 -71.85 -69.08 42.34
N ALA DD 62 -73.00 -68.39 42.51
CA ALA DD 62 -74.27 -69.07 42.71
C ALA DD 62 -74.29 -69.83 44.03
N PRO DD 63 -74.57 -69.13 45.13
CA PRO DD 63 -74.36 -69.71 46.47
C PRO DD 63 -75.30 -70.89 46.73
N GLY DD 64 -74.82 -72.07 46.35
CA GLY DD 64 -75.61 -73.27 46.20
C GLY DD 64 -74.98 -74.14 45.13
N GLY DD 65 -73.98 -73.58 44.44
CA GLY DD 65 -73.13 -74.35 43.56
C GLY DD 65 -73.15 -73.92 42.11
N PHE DD 66 -74.32 -73.67 41.55
CA PHE DD 66 -74.47 -73.34 40.14
C PHE DD 66 -75.88 -72.84 39.82
N THR DD 67 -76.01 -72.29 38.61
CA THR DD 67 -77.16 -71.51 38.21
C THR DD 67 -78.45 -72.33 38.25
N GLN DD 68 -79.57 -71.62 38.20
CA GLN DD 68 -80.88 -72.23 38.32
C GLN DD 68 -81.34 -72.81 36.99
N ALA DD 69 -82.42 -73.60 37.07
CA ALA DD 69 -83.01 -74.25 35.89
C ALA DD 69 -84.28 -73.50 35.51
N ARG DD 70 -84.15 -72.55 34.58
CA ARG DD 70 -85.28 -71.77 34.11
C ARG DD 70 -85.97 -72.50 32.95
N SER DD 71 -87.31 -72.46 32.96
CA SER DD 71 -88.13 -73.04 31.90
C SER DD 71 -89.10 -71.96 31.44
N THR DD 72 -89.12 -71.70 30.14
CA THR DD 72 -89.95 -70.63 29.60
C THR DD 72 -91.07 -71.18 28.71
N VAL DD 73 -92.21 -70.50 28.77
CA VAL DD 73 -93.34 -70.79 27.90
C VAL DD 73 -93.94 -69.47 27.41
N ILE DD 74 -93.81 -69.19 26.12
CA ILE DD 74 -94.42 -68.01 25.53
C ILE DD 74 -95.59 -68.46 24.65
N LEU DD 75 -96.77 -67.94 24.95
CA LEU DD 75 -97.98 -68.24 24.19
C LEU DD 75 -98.28 -67.01 23.33
N LYS DD 76 -98.17 -67.17 22.02
CA LYS DD 76 -98.40 -66.07 21.09
C LYS DD 76 -99.79 -66.19 20.49
N SER DD 77 -100.64 -65.22 20.78
CA SER DD 77 -102.02 -65.18 20.26
C SER DD 77 -102.14 -63.99 19.32
N PRO DD 78 -102.20 -64.21 18.01
CA PRO DD 78 -102.24 -63.08 17.08
C PRO DD 78 -103.61 -62.42 17.04
N LYS DD 79 -103.63 -61.16 16.63
CA LYS DD 79 -104.86 -60.38 16.62
C LYS DD 79 -104.87 -59.44 15.42
N THR DD 80 -106.01 -59.34 14.74
CA THR DD 80 -106.21 -58.37 13.68
C THR DD 80 -106.93 -57.17 14.27
N LEU DD 81 -106.31 -55.99 14.16
CA LEU DD 81 -106.87 -54.79 14.75
C LEU DD 81 -107.91 -54.15 13.84
N ALA DD 82 -108.64 -53.17 14.38
CA ALA DD 82 -109.64 -52.47 13.61
C ALA DD 82 -109.00 -51.69 12.46
N ASN DD 83 -107.85 -51.05 12.72
CA ASN DD 83 -107.15 -50.33 11.67
C ASN DD 83 -106.75 -51.25 10.52
N GLY DD 84 -106.63 -52.55 10.77
CA GLY DD 84 -106.41 -53.50 9.70
C GLY DD 84 -105.14 -54.30 9.83
N ASN DD 85 -104.12 -53.72 10.47
CA ASN DD 85 -102.85 -54.42 10.61
C ASN DD 85 -102.96 -55.54 11.65
N ARG DD 86 -101.84 -56.22 11.87
CA ARG DD 86 -101.77 -57.41 12.70
C ARG DD 86 -100.84 -57.14 13.88
N THR DD 87 -101.13 -57.81 14.99
CA THR DD 87 -100.30 -57.73 16.19
C THR DD 87 -100.45 -59.05 16.92
N VAL DD 88 -99.49 -59.36 17.79
CA VAL DD 88 -99.50 -60.59 18.57
C VAL DD 88 -99.62 -60.22 20.04
N ASN DD 89 -100.50 -60.91 20.74
CA ASN DD 89 -100.68 -60.75 22.18
C ASN DD 89 -100.03 -61.95 22.86
N THR DD 90 -99.01 -61.69 23.66
CA THR DD 90 -98.18 -62.74 24.20
C THR DD 90 -98.36 -62.93 25.70
N VAL DD 91 -98.15 -64.15 26.17
CA VAL DD 91 -98.15 -64.47 27.59
C VAL DD 91 -96.94 -65.32 27.91
N SER DD 92 -95.88 -64.71 28.45
CA SER DD 92 -94.67 -65.45 28.76
C SER DD 92 -94.65 -65.87 30.22
N ILE DD 93 -94.06 -67.03 30.48
CA ILE DD 93 -93.96 -67.59 31.82
C ILE DD 93 -92.57 -68.19 32.00
N GLN DD 94 -91.90 -67.85 33.10
CA GLN DD 94 -90.57 -68.37 33.38
C GLN DD 94 -90.53 -68.98 34.78
N LEU DD 95 -89.64 -69.96 34.97
CA LEU DD 95 -89.57 -70.77 36.19
C LEU DD 95 -88.12 -70.88 36.65
N SER DD 96 -87.46 -69.74 36.82
CA SER DD 96 -86.07 -69.72 37.31
C SER DD 96 -86.05 -70.22 38.74
N VAL DD 97 -85.76 -71.51 38.91
CA VAL DD 97 -85.71 -72.13 40.23
C VAL DD 97 -84.38 -72.87 40.40
N ASP DD 98 -83.87 -72.84 41.62
CA ASP DD 98 -82.59 -73.45 41.91
C ASP DD 98 -82.67 -74.96 41.71
N PRO DD 99 -81.66 -75.57 41.07
CA PRO DD 99 -81.76 -76.99 40.68
C PRO DD 99 -81.89 -77.95 41.84
N GLU DD 100 -81.51 -77.54 43.05
CA GLU DD 100 -81.66 -78.38 44.23
C GLU DD 100 -83.10 -78.49 44.71
N THR DD 101 -84.01 -77.70 44.15
CA THR DD 101 -85.38 -77.68 44.65
C THR DD 101 -86.10 -78.97 44.30
N THR DD 102 -86.99 -79.39 45.19
CA THR DD 102 -87.73 -80.62 45.01
C THR DD 102 -88.93 -80.40 44.09
N ALA DD 103 -89.49 -81.51 43.61
CA ALA DD 103 -90.64 -81.45 42.71
C ALA DD 103 -91.93 -81.08 43.43
N ALA DD 104 -92.01 -81.30 44.73
CA ALA DD 104 -93.20 -80.90 45.47
C ALA DD 104 -93.27 -79.38 45.61
N GLU DD 105 -92.12 -78.75 45.83
CA GLU DD 105 -92.08 -77.29 45.87
C GLU DD 105 -92.44 -76.69 44.52
N VAL DD 106 -91.92 -77.27 43.43
CA VAL DD 106 -92.22 -76.78 42.10
C VAL DD 106 -93.72 -76.90 41.83
N THR DD 107 -94.32 -78.03 42.21
CA THR DD 107 -95.77 -78.18 42.07
C THR DD 107 -96.51 -77.13 42.89
N THR DD 108 -96.03 -76.86 44.10
CA THR DD 108 -96.63 -75.81 44.92
C THR DD 108 -96.52 -74.46 44.23
N MET DD 109 -95.33 -74.15 43.71
CA MET DD 109 -95.11 -72.87 43.05
C MET DD 109 -95.92 -72.76 41.76
N LEU DD 110 -95.97 -73.84 40.99
CA LEU DD 110 -96.72 -73.83 39.74
C LEU DD 110 -98.21 -73.66 40.00
N ASN DD 111 -98.72 -74.32 41.03
CA ASN DD 111 -100.14 -74.19 41.36
C ASN DD 111 -100.46 -72.80 41.88
N ALA DD 112 -99.60 -72.26 42.76
CA ALA DD 112 -99.82 -70.92 43.27
C ALA DD 112 -99.74 -69.87 42.16
N ALA DD 113 -98.74 -69.99 41.29
CA ALA DD 113 -98.61 -69.10 40.14
C ALA DD 113 -99.79 -69.24 39.17
N ALA DD 114 -100.19 -70.47 38.87
CA ALA DD 114 -101.32 -70.67 37.97
C ALA DD 114 -102.65 -70.44 38.69
N GLN DD 115 -102.64 -70.34 40.01
CA GLN DD 115 -103.84 -69.94 40.74
C GLN DD 115 -104.19 -68.48 40.48
N LEU DD 116 -103.19 -67.66 40.20
CA LEU DD 116 -103.39 -66.38 39.54
C LEU DD 116 -103.81 -66.65 38.10
N LEU DD 117 -104.08 -65.58 37.34
CA LEU DD 117 -104.45 -65.66 35.93
C LEU DD 117 -105.83 -66.27 35.70
N PHE DD 118 -106.46 -66.82 36.73
CA PHE DD 118 -107.87 -67.21 36.55
C PHE DD 118 -108.67 -66.91 37.80
N ASP DD 119 -108.01 -66.46 38.85
CA ASP DD 119 -108.75 -66.05 40.04
C ASP DD 119 -109.47 -64.74 39.76
N SER DD 120 -110.69 -64.63 40.28
CA SER DD 120 -111.52 -63.47 40.02
C SER DD 120 -110.94 -62.19 40.61
N ASP DD 121 -110.12 -62.29 41.65
CA ASP DD 121 -109.55 -61.09 42.27
C ASP DD 121 -108.65 -60.35 41.32
N TYR DD 122 -107.91 -61.07 40.48
CA TYR DD 122 -106.92 -60.48 39.59
C TYR DD 122 -107.47 -60.18 38.20
N SER DD 123 -108.79 -60.37 38.00
CA SER DD 123 -109.40 -60.10 36.71
C SER DD 123 -109.13 -58.68 36.23
N ASP DD 124 -109.32 -57.69 37.10
CA ASP DD 124 -109.13 -56.30 36.71
C ASP DD 124 -107.65 -55.97 36.53
N PHE DD 125 -106.79 -56.63 37.30
CA PHE DD 125 -105.35 -56.42 37.14
C PHE DD 125 -104.88 -56.89 35.77
N TRP DD 126 -105.31 -58.07 35.35
CA TRP DD 126 -104.91 -58.59 34.05
C TRP DD 126 -105.58 -57.85 32.91
N LYS DD 127 -106.80 -57.35 33.10
CA LYS DD 127 -107.57 -56.75 32.02
C LYS DD 127 -107.43 -55.23 32.00
N ALA DD 128 -107.73 -54.55 33.10
CA ALA DD 128 -107.69 -53.10 33.14
C ALA DD 128 -106.42 -52.55 33.77
N GLN DD 129 -105.51 -53.42 34.23
CA GLN DD 129 -104.27 -53.01 34.90
C GLN DD 129 -104.56 -52.25 36.20
N ALA DD 130 -105.61 -52.66 36.89
CA ALA DD 130 -105.99 -52.05 38.17
C ALA DD 130 -105.08 -52.62 39.25
N LEU DD 131 -103.92 -51.99 39.41
CA LEU DD 131 -102.98 -52.37 40.47
C LEU DD 131 -103.63 -52.19 41.82
N ALA DD 132 -103.98 -50.95 42.14
CA ALA DD 132 -104.74 -50.66 43.35
C ALA DD 132 -106.22 -50.81 43.06
N ALA ED 1 -44.09 109.01 55.64
CA ALA ED 1 -45.20 109.96 55.70
C ALA ED 1 -45.93 109.97 54.36
N ILE ED 2 -45.82 108.87 53.62
CA ILE ED 2 -46.66 108.63 52.46
C ILE ED 2 -47.95 108.02 52.97
N ALA ED 3 -48.91 108.86 53.33
CA ALA ED 3 -50.17 108.40 53.90
C ALA ED 3 -51.21 109.48 53.70
N ASN ED 4 -51.42 110.32 54.71
CA ASN ED 4 -52.22 111.52 54.51
C ASN ED 4 -51.31 112.72 54.29
N SER ED 5 -50.56 112.69 53.19
CA SER ED 5 -49.68 113.80 52.81
C SER ED 5 -50.48 114.90 52.14
N SER ED 6 -49.80 115.83 51.46
CA SER ED 6 -50.50 116.87 50.73
C SER ED 6 -49.65 117.32 49.55
N ILE ED 7 -50.30 117.47 48.40
CA ILE ED 7 -49.64 117.93 47.18
C ILE ED 7 -50.55 118.90 46.45
N ALA ED 8 -49.99 120.02 46.00
CA ALA ED 8 -50.75 120.99 45.23
C ALA ED 8 -50.76 120.57 43.76
N ILE ED 9 -51.94 120.48 43.19
CA ILE ED 9 -52.11 120.05 41.81
C ILE ED 9 -52.44 121.25 40.95
N ASP ED 10 -51.78 121.36 39.79
CA ASP ED 10 -51.90 122.50 38.89
C ASP ED 10 -51.45 123.78 39.59
N SER ED 11 -50.20 123.79 40.00
CA SER ED 11 -49.61 124.90 40.74
C SER ED 11 -48.25 125.26 40.15
N THR ED 12 -47.82 126.49 40.41
CA THR ED 12 -46.52 126.96 39.94
C THR ED 12 -45.46 126.76 41.02
N ALA ED 13 -44.30 126.27 40.61
CA ALA ED 13 -43.19 125.99 41.50
C ALA ED 13 -42.07 127.01 41.28
N SER ED 14 -41.40 127.37 42.36
CA SER ED 14 -40.37 128.40 42.32
C SER ED 14 -39.19 127.95 43.15
N VAL ED 15 -38.07 128.66 42.96
CA VAL ED 15 -36.81 128.37 43.63
C VAL ED 15 -36.24 129.66 44.19
N THR ED 16 -35.84 129.64 45.46
CA THR ED 16 -35.22 130.78 46.11
C THR ED 16 -33.86 130.38 46.67
N GLY ED 17 -32.92 131.32 46.65
CA GLY ED 17 -31.61 131.07 47.20
C GLY ED 17 -30.76 130.18 46.30
N GLY ED 18 -29.81 129.48 46.93
CA GLY ED 18 -28.90 128.64 46.19
C GLY ED 18 -27.88 129.44 45.41
N THR ED 19 -27.17 128.74 44.53
CA THR ED 19 -26.13 129.34 43.70
C THR ED 19 -26.39 128.95 42.25
N ALA ED 20 -26.80 129.92 41.44
CA ALA ED 20 -27.10 129.68 40.03
C ALA ED 20 -25.87 129.17 39.28
N ARG ED 21 -25.92 127.92 38.85
CA ARG ED 21 -24.87 127.32 38.06
C ARG ED 21 -25.26 127.41 36.58
N THR ED 22 -24.52 126.72 35.71
CA THR ED 22 -24.80 126.73 34.28
C THR ED 22 -24.59 125.33 33.75
N VAL ED 23 -25.50 124.87 32.88
CA VAL ED 23 -25.41 123.54 32.30
C VAL ED 23 -24.63 123.69 31.00
N LYS ED 24 -23.39 123.19 30.99
CA LYS ED 24 -22.55 123.26 29.81
C LYS ED 24 -22.71 121.99 28.98
N GLU ED 25 -22.98 122.16 27.70
CA GLU ED 25 -23.25 121.04 26.81
C GLU ED 25 -21.96 120.44 26.29
N LEU ED 26 -21.89 119.10 26.29
CA LEU ED 26 -20.65 118.41 25.99
C LEU ED 26 -20.78 117.71 24.65
N VAL ED 27 -21.73 116.80 24.50
CA VAL ED 27 -21.86 115.98 23.29
C VAL ED 27 -23.34 115.81 22.98
N ARG ED 28 -23.70 115.97 21.72
CA ARG ED 28 -25.08 115.88 21.26
C ARG ED 28 -25.12 114.89 20.10
N ASN ED 29 -25.58 113.67 20.37
CA ASN ED 29 -25.66 112.65 19.33
C ASN ED 29 -26.53 111.50 19.82
N ASN ED 30 -26.99 110.70 18.86
CA ASN ED 30 -27.74 109.47 19.12
C ASN ED 30 -28.95 109.72 20.02
N SER ED 31 -29.68 110.80 19.73
CA SER ED 31 -30.88 111.18 20.48
C SER ED 31 -30.56 111.49 21.94
N GLU ED 32 -29.29 111.78 22.22
CA GLU ED 32 -28.81 111.99 23.58
C GLU ED 32 -28.05 113.31 23.62
N LEU ED 33 -28.12 114.00 24.76
CA LEU ED 33 -27.39 115.25 24.98
C LEU ED 33 -26.65 115.13 26.31
N ASN ED 34 -25.35 114.82 26.22
CA ASN ED 34 -24.51 114.80 27.40
C ASN ED 34 -24.08 116.21 27.76
N ALA ED 35 -24.22 116.55 29.04
CA ALA ED 35 -23.87 117.88 29.52
C ALA ED 35 -23.34 117.74 30.95
N TYR ED 36 -22.94 118.86 31.53
CA TYR ED 36 -22.43 118.87 32.90
C TYR ED 36 -22.75 120.21 33.53
N ILE ED 37 -22.91 120.19 34.85
CA ILE ED 37 -23.17 121.40 35.62
C ILE ED 37 -21.84 121.98 36.07
N ASP ED 38 -21.65 123.27 35.88
CA ASP ED 38 -20.37 123.93 36.13
C ASP ED 38 -20.43 124.55 37.53
N GLU ED 39 -19.75 123.91 38.48
CA GLU ED 39 -19.62 124.45 39.83
C GLU ED 39 -18.16 124.77 40.18
N GLY ED 40 -17.27 124.78 39.20
CA GLY ED 40 -15.86 124.98 39.46
C GLY ED 40 -15.27 123.83 40.24
N LEU ED 41 -15.60 122.61 39.83
CA LEU ED 41 -15.10 121.39 40.47
C LEU ED 41 -14.13 120.69 39.52
N SER ED 42 -13.55 119.59 39.99
CA SER ED 42 -12.65 118.80 39.18
C SER ED 42 -13.44 117.92 38.23
N PHE ED 43 -12.76 117.35 37.24
CA PHE ED 43 -13.43 116.48 36.28
C PHE ED 43 -13.97 115.22 36.93
N GLN ED 44 -13.27 114.68 37.92
CA GLN ED 44 -13.72 113.49 38.64
C GLN ED 44 -14.92 113.73 39.53
N ALA ED 45 -15.21 114.98 39.89
CA ALA ED 45 -16.41 115.28 40.63
C ALA ED 45 -17.14 116.41 39.90
N ARG ED 46 -17.88 116.06 38.87
CA ARG ED 46 -18.70 117.00 38.12
C ARG ED 46 -20.17 116.74 38.48
N LYS ED 47 -21.14 117.33 37.78
CA LYS ED 47 -22.55 117.00 37.99
C LYS ED 47 -23.18 116.68 36.63
N GLU ED 48 -22.54 115.76 35.89
CA GLU ED 48 -23.01 115.40 34.56
C GLU ED 48 -24.49 115.06 34.56
N VAL ED 49 -25.22 115.62 33.61
CA VAL ED 49 -26.64 115.33 33.42
C VAL ED 49 -26.85 114.99 31.95
N ALA ED 50 -27.54 113.88 31.71
CA ALA ED 50 -27.77 113.37 30.36
C ALA ED 50 -29.25 113.48 29.99
N PHE ED 51 -29.51 114.09 28.83
CA PHE ED 51 -30.86 114.27 28.31
C PHE ED 51 -31.05 113.34 27.12
N SER ED 52 -32.11 112.54 27.16
CA SER ED 52 -32.38 111.57 26.11
C SER ED 52 -33.83 111.67 25.69
N VAL ED 53 -34.07 111.42 24.39
CA VAL ED 53 -35.40 111.50 23.81
C VAL ED 53 -35.65 110.26 22.97
N LYS ED 54 -36.87 109.71 23.11
CA LYS ED 54 -37.30 108.53 22.36
C LYS ED 54 -38.64 108.87 21.68
N VAL ED 55 -38.58 109.21 20.39
CA VAL ED 55 -39.73 109.67 19.62
C VAL ED 55 -40.69 108.52 19.37
N PRO ED 56 -42.00 108.79 19.28
CA PRO ED 56 -42.96 107.71 19.04
C PRO ED 56 -42.86 107.16 17.62
N LYS ED 57 -43.19 105.87 17.48
CA LYS ED 57 -43.24 105.20 16.20
C LYS ED 57 -44.62 104.57 16.00
N VAL ED 58 -44.98 104.35 14.74
CA VAL ED 58 -46.29 103.80 14.42
C VAL ED 58 -46.37 102.36 14.91
N SER ED 59 -47.56 101.96 15.34
CA SER ED 59 -47.78 100.61 15.86
C SER ED 59 -49.19 100.16 15.47
N VAL ED 60 -49.50 98.91 15.79
CA VAL ED 60 -50.86 98.39 15.64
C VAL ED 60 -51.52 98.17 16.98
N SER ED 61 -50.77 97.75 18.00
CA SER ED 61 -51.17 97.77 19.40
C SER ED 61 -50.99 99.20 19.91
N ALA ED 62 -50.91 99.35 21.24
CA ALA ED 62 -50.71 100.69 21.81
C ALA ED 62 -51.93 101.56 21.50
N PRO ED 63 -53.00 101.44 22.28
CA PRO ED 63 -54.34 101.80 21.79
C PRO ED 63 -54.49 103.27 21.44
N GLY ED 64 -54.16 103.57 20.19
CA GLY ED 64 -53.98 104.92 19.72
C GLY ED 64 -52.96 104.96 18.59
N GLY ED 65 -52.29 103.83 18.38
CA GLY ED 65 -51.52 103.64 17.17
C GLY ED 65 -50.03 103.88 17.31
N PHE ED 66 -49.62 104.59 18.35
CA PHE ED 66 -48.22 104.92 18.54
C PHE ED 66 -47.74 104.52 19.93
N THR ED 67 -46.46 104.18 19.99
CA THR ED 67 -45.78 104.04 21.27
C THR ED 67 -45.65 105.41 21.92
N GLN ED 68 -45.38 105.39 23.22
CA GLN ED 68 -45.33 106.64 23.97
C GLN ED 68 -44.03 107.39 23.69
N ALA ED 69 -44.07 108.71 23.87
CA ALA ED 69 -42.90 109.56 23.72
C ALA ED 69 -42.19 109.67 25.06
N ARG ED 70 -41.00 109.09 25.16
CA ARG ED 70 -40.24 109.08 26.39
C ARG ED 70 -39.16 110.16 26.38
N SER ED 71 -39.07 110.89 27.49
CA SER ED 71 -38.02 111.89 27.71
C SER ED 71 -37.35 111.52 29.03
N THR ED 72 -36.04 111.26 28.98
CA THR ED 72 -35.32 110.81 30.16
C THR ED 72 -34.19 111.77 30.51
N VAL ED 73 -34.08 112.07 31.80
CA VAL ED 73 -32.98 112.87 32.33
C VAL ED 73 -32.30 112.10 33.45
N ILE ED 74 -31.00 111.87 33.34
CA ILE ED 74 -30.22 111.27 34.42
C ILE ED 74 -29.20 112.29 34.91
N LEU ED 75 -29.25 112.58 36.21
CA LEU ED 75 -28.30 113.47 36.87
C LEU ED 75 -27.35 112.59 37.66
N LYS ED 76 -26.05 112.76 37.42
CA LYS ED 76 -25.04 111.96 38.11
C LYS ED 76 -24.28 112.80 39.12
N SER ED 77 -24.09 112.24 40.30
CA SER ED 77 -23.40 112.94 41.40
C SER ED 77 -22.28 112.07 41.93
N PRO ED 78 -21.04 112.29 41.49
CA PRO ED 78 -19.91 111.54 42.04
C PRO ED 78 -19.73 111.78 43.52
N LYS ED 79 -19.68 110.70 44.30
CA LYS ED 79 -19.42 110.76 45.72
C LYS ED 79 -18.12 110.01 46.01
N THR ED 80 -17.32 110.56 46.92
CA THR ED 80 -16.07 109.95 47.34
C THR ED 80 -16.27 109.34 48.71
N LEU ED 81 -15.96 108.05 48.84
CA LEU ED 81 -16.25 107.28 50.04
C LEU ED 81 -15.13 107.43 51.05
N ALA ED 82 -15.35 106.84 52.23
CA ALA ED 82 -14.36 106.92 53.30
C ALA ED 82 -13.06 106.22 52.92
N ASN ED 83 -13.17 105.02 52.35
CA ASN ED 83 -11.98 104.31 51.90
C ASN ED 83 -11.27 105.05 50.78
N GLY ED 84 -12.03 105.64 49.86
CA GLY ED 84 -11.44 106.44 48.81
C GLY ED 84 -11.88 106.05 47.42
N ASN ED 85 -12.66 104.97 47.31
CA ASN ED 85 -13.23 104.59 46.04
C ASN ED 85 -14.28 105.61 45.60
N ARG ED 86 -14.43 105.76 44.28
CA ARG ED 86 -15.38 106.70 43.71
C ARG ED 86 -16.66 105.98 43.32
N THR ED 87 -17.79 106.54 43.75
CA THR ED 87 -19.10 106.05 43.38
C THR ED 87 -19.92 107.21 42.83
N VAL ED 88 -20.86 106.89 41.94
CA VAL ED 88 -21.74 107.89 41.33
C VAL ED 88 -23.15 107.65 41.84
N ASN ED 89 -23.76 108.70 42.37
CA ASN ED 89 -25.16 108.68 42.80
C ASN ED 89 -25.97 109.31 41.68
N THR ED 90 -27.06 108.65 41.27
CA THR ED 90 -27.85 109.10 40.14
C THR ED 90 -29.31 109.33 40.51
N VAL ED 91 -29.94 110.26 39.79
CA VAL ED 91 -31.38 110.44 39.80
C VAL ED 91 -31.89 110.35 38.36
N SER ED 92 -32.78 109.41 38.10
CA SER ED 92 -33.38 109.30 36.79
C SER ED 92 -34.80 109.84 36.80
N ILE ED 93 -35.16 110.58 35.75
CA ILE ED 93 -36.50 111.13 35.59
C ILE ED 93 -36.96 110.74 34.18
N GLN ED 94 -37.93 109.84 34.10
CA GLN ED 94 -38.45 109.36 32.83
C GLN ED 94 -39.92 109.75 32.71
N LEU ED 95 -40.26 110.48 31.66
CA LEU ED 95 -41.64 110.89 31.39
C LEU ED 95 -42.09 110.19 30.12
N SER ED 96 -43.16 109.40 30.22
CA SER ED 96 -43.74 108.71 29.08
C SER ED 96 -45.18 109.18 28.91
N VAL ED 97 -45.47 109.87 27.82
CA VAL ED 97 -46.82 110.32 27.52
C VAL ED 97 -47.23 109.80 26.15
N ASP ED 98 -48.52 109.53 26.01
CA ASP ED 98 -49.08 109.26 24.71
C ASP ED 98 -49.02 110.54 23.87
N PRO ED 99 -48.78 110.43 22.57
CA PRO ED 99 -48.65 111.65 21.75
C PRO ED 99 -49.90 112.50 21.70
N GLU ED 100 -51.07 111.97 22.04
CA GLU ED 100 -52.27 112.79 22.08
C GLU ED 100 -52.32 113.72 23.28
N THR ED 101 -51.39 113.56 24.22
CA THR ED 101 -51.44 114.31 25.48
C THR ED 101 -51.18 115.79 25.25
N THR ED 102 -52.03 116.63 25.82
CA THR ED 102 -51.90 118.08 25.69
C THR ED 102 -50.73 118.58 26.54
N ALA ED 103 -50.35 119.83 26.29
CA ALA ED 103 -49.25 120.42 27.05
C ALA ED 103 -49.67 120.79 28.46
N ALA ED 104 -50.96 121.07 28.66
CA ALA ED 104 -51.45 121.33 30.01
C ALA ED 104 -51.49 120.06 30.84
N GLU ED 105 -51.72 118.92 30.21
CA GLU ED 105 -51.69 117.65 30.94
C GLU ED 105 -50.26 117.25 31.30
N VAL ED 106 -49.30 117.57 30.44
CA VAL ED 106 -47.90 117.32 30.76
C VAL ED 106 -47.42 118.26 31.86
N THR ED 107 -47.84 119.53 31.81
CA THR ED 107 -47.45 120.48 32.84
C THR ED 107 -47.94 120.03 34.21
N THR ED 108 -49.17 119.51 34.30
CA THR ED 108 -49.68 118.98 35.56
C THR ED 108 -48.84 117.80 36.03
N MET ED 109 -48.50 116.90 35.11
CA MET ED 109 -47.63 115.78 35.46
C MET ED 109 -46.28 116.25 35.96
N LEU ED 110 -45.68 117.23 35.26
CA LEU ED 110 -44.35 117.71 35.63
C LEU ED 110 -44.35 118.37 36.99
N ASN ED 111 -45.39 119.15 37.30
CA ASN ED 111 -45.41 119.89 38.55
C ASN ED 111 -45.72 118.98 39.73
N ALA ED 112 -46.64 118.02 39.57
CA ALA ED 112 -46.96 117.10 40.64
C ALA ED 112 -45.79 116.19 40.96
N ALA ED 113 -45.00 115.83 39.94
CA ALA ED 113 -43.82 114.98 40.17
C ALA ED 113 -42.69 115.77 40.82
N ALA ED 114 -42.64 117.09 40.63
CA ALA ED 114 -41.60 117.89 41.24
C ALA ED 114 -41.76 117.92 42.75
N GLN ED 115 -42.98 118.14 43.24
CA GLN ED 115 -43.25 118.08 44.66
C GLN ED 115 -43.09 116.67 45.22
N LEU ED 116 -43.11 115.65 44.37
CA LEU ED 116 -42.93 114.28 44.85
C LEU ED 116 -41.51 114.05 45.34
N LEU ED 117 -40.55 114.88 44.92
CA LEU ED 117 -39.18 114.74 45.36
C LEU ED 117 -38.63 116.01 46.01
N PHE ED 118 -39.50 116.94 46.39
CA PHE ED 118 -39.05 118.02 47.26
C PHE ED 118 -40.00 118.36 48.40
N ASP ED 119 -41.23 117.85 48.41
CA ASP ED 119 -42.11 118.06 49.56
C ASP ED 119 -41.55 117.37 50.80
N SER ED 120 -41.77 117.99 51.96
CA SER ED 120 -41.16 117.49 53.19
C SER ED 120 -41.72 116.13 53.59
N ASP ED 121 -42.98 115.84 53.23
CA ASP ED 121 -43.61 114.58 53.61
C ASP ED 121 -42.89 113.39 53.00
N TYR ED 122 -42.14 113.60 51.93
CA TYR ED 122 -41.46 112.50 51.27
C TYR ED 122 -39.97 112.47 51.60
N SER ED 123 -39.56 113.28 52.58
CA SER ED 123 -38.15 113.35 52.92
C SER ED 123 -37.62 112.01 53.42
N ASP ED 124 -38.38 111.32 54.29
CA ASP ED 124 -37.92 110.06 54.83
C ASP ED 124 -38.01 108.92 53.84
N PHE ED 125 -38.85 109.03 52.82
CA PHE ED 125 -38.87 108.02 51.77
C PHE ED 125 -37.61 108.07 50.91
N TRP ED 126 -37.12 109.27 50.61
CA TRP ED 126 -35.93 109.39 49.78
C TRP ED 126 -34.64 109.17 50.55
N LYS ED 127 -34.55 109.70 51.76
CA LYS ED 127 -33.36 109.58 52.58
C LYS ED 127 -33.38 108.33 53.46
N ALA ED 128 -34.38 108.21 54.32
CA ALA ED 128 -34.47 107.08 55.23
C ALA ED 128 -35.02 105.83 54.58
N GLN ED 129 -35.53 105.93 53.35
CA GLN ED 129 -36.11 104.80 52.63
C GLN ED 129 -37.30 104.22 53.40
N ALA ED 130 -38.11 105.13 53.95
CA ALA ED 130 -39.20 104.78 54.85
C ALA ED 130 -40.53 104.92 54.13
N LEU ED 131 -41.20 103.79 53.92
CA LEU ED 131 -42.49 103.79 53.21
C LEU ED 131 -43.59 104.45 54.04
N ALA ED 132 -43.50 104.36 55.36
CA ALA ED 132 -44.48 105.03 56.21
C ALA ED 132 -43.82 105.64 57.44
N ALA FD 1 -32.63 126.40 25.98
CA ALA FD 1 -33.06 125.13 26.54
C ALA FD 1 -31.89 124.40 27.18
N ILE FD 2 -31.73 123.12 26.86
CA ILE FD 2 -30.58 122.37 27.35
C ILE FD 2 -29.36 122.78 26.53
N ALA FD 3 -28.56 123.69 27.06
CA ALA FD 3 -27.44 124.27 26.34
C ALA FD 3 -26.72 125.27 27.22
N ASN FD 4 -27.45 126.26 27.73
CA ASN FD 4 -26.89 127.29 28.60
C ASN FD 4 -27.80 127.56 29.79
N SER FD 5 -28.64 126.59 30.13
CA SER FD 5 -29.62 126.78 31.19
C SER FD 5 -28.92 126.86 32.55
N SER FD 6 -29.56 127.55 33.48
CA SER FD 6 -29.04 127.77 34.83
C SER FD 6 -29.91 127.02 35.82
N ILE FD 7 -29.26 126.28 36.73
CA ILE FD 7 -29.93 125.56 37.80
C ILE FD 7 -29.33 126.01 39.13
N ALA FD 8 -30.20 126.37 40.08
CA ALA FD 8 -29.76 126.90 41.36
C ALA FD 8 -29.47 125.75 42.33
N ILE FD 9 -28.20 125.39 42.46
CA ILE FD 9 -27.79 124.28 43.32
C ILE FD 9 -27.97 124.67 44.78
N ASP FD 10 -28.49 123.73 45.57
CA ASP FD 10 -28.68 123.90 47.01
C ASP FD 10 -29.56 125.11 47.32
N SER FD 11 -30.68 125.20 46.62
CA SER FD 11 -31.67 126.23 46.85
C SER FD 11 -32.89 125.63 47.54
N THR FD 12 -33.91 126.47 47.76
CA THR FD 12 -35.16 126.04 48.37
C THR FD 12 -36.27 126.16 47.33
N ALA FD 13 -36.97 125.05 47.09
CA ALA FD 13 -38.06 125.00 46.13
C ALA FD 13 -39.39 124.98 46.86
N SER FD 14 -40.32 125.83 46.41
CA SER FD 14 -41.64 125.95 47.02
C SER FD 14 -42.70 125.93 45.93
N VAL FD 15 -43.95 125.98 46.37
CA VAL FD 15 -45.11 125.91 45.49
C VAL FD 15 -46.15 126.93 45.94
N THR FD 16 -46.75 127.62 44.98
CA THR FD 16 -47.84 128.56 45.24
C THR FD 16 -49.01 128.25 44.33
N GLY FD 17 -50.21 128.60 44.78
CA GLY FD 17 -51.40 128.33 43.99
C GLY FD 17 -51.77 126.84 44.03
N GLY FD 18 -52.67 126.48 43.11
CA GLY FD 18 -53.08 125.10 42.95
C GLY FD 18 -54.10 124.66 43.99
N THR FD 19 -54.49 123.39 43.87
CA THR FD 19 -55.39 122.75 44.81
C THR FD 19 -54.63 121.68 45.59
N ALA FD 20 -54.83 121.67 46.90
CA ALA FD 20 -54.12 120.77 47.80
C ALA FD 20 -54.91 119.46 47.90
N ARG FD 21 -54.37 118.42 47.29
CA ARG FD 21 -54.97 117.11 47.40
C ARG FD 21 -54.22 116.27 48.45
N THR FD 22 -54.88 115.21 48.91
CA THR FD 22 -54.44 114.54 50.14
C THR FD 22 -53.49 113.38 49.87
N VAL FD 23 -53.73 112.63 48.80
CA VAL FD 23 -53.01 111.38 48.52
C VAL FD 23 -53.45 110.35 49.55
N LYS FD 24 -53.99 109.22 49.09
CA LYS FD 24 -54.53 108.19 49.97
C LYS FD 24 -53.91 106.87 49.59
N GLU FD 25 -53.41 106.12 50.58
CA GLU FD 25 -52.79 104.84 50.30
C GLU FD 25 -53.84 103.82 49.89
N LEU FD 26 -53.54 103.05 48.85
CA LEU FD 26 -54.42 101.97 48.40
C LEU FD 26 -54.01 100.62 48.96
N VAL FD 27 -52.81 100.17 48.61
CA VAL FD 27 -52.37 98.80 48.86
C VAL FD 27 -50.89 98.84 49.21
N ARG FD 28 -50.49 97.94 50.10
CA ARG FD 28 -49.13 97.85 50.56
C ARG FD 28 -48.57 96.50 50.14
N ASN FD 29 -47.38 96.17 50.65
CA ASN FD 29 -46.68 94.92 50.39
C ASN FD 29 -46.00 94.90 49.03
N ASN FD 30 -44.72 94.55 49.00
CA ASN FD 30 -43.87 94.55 50.18
C ASN FD 30 -42.62 95.28 49.78
N SER FD 31 -42.23 96.27 50.60
CA SER FD 31 -41.30 97.31 50.17
C SER FD 31 -41.85 98.00 48.92
N GLU FD 32 -43.17 98.19 48.92
CA GLU FD 32 -43.86 98.75 47.77
C GLU FD 32 -45.18 99.36 48.26
N LEU FD 33 -45.28 100.68 48.26
CA LEU FD 33 -46.53 101.33 48.60
C LEU FD 33 -47.28 101.75 47.34
N ASN FD 34 -48.61 101.77 47.45
CA ASN FD 34 -49.47 102.24 46.36
C ASN FD 34 -50.48 103.21 46.93
N ALA FD 35 -50.58 104.38 46.32
CA ALA FD 35 -51.47 105.43 46.79
C ALA FD 35 -52.20 106.02 45.60
N TYR FD 36 -52.99 107.06 45.85
CA TYR FD 36 -53.66 107.77 44.77
C TYR FD 36 -53.95 109.18 45.25
N ILE FD 37 -53.80 110.14 44.34
CA ILE FD 37 -54.07 111.54 44.67
C ILE FD 37 -55.58 111.76 44.52
N ASP FD 38 -56.24 112.03 45.64
CA ASP FD 38 -57.69 112.17 45.67
C ASP FD 38 -58.09 113.58 45.28
N GLU FD 39 -58.68 113.74 44.10
CA GLU FD 39 -59.16 115.02 43.62
C GLU FD 39 -60.62 114.94 43.20
N GLY FD 40 -61.37 114.02 43.80
CA GLY FD 40 -62.77 113.86 43.46
C GLY FD 40 -63.03 113.39 42.05
N LEU FD 41 -62.23 112.46 41.56
CA LEU FD 41 -62.39 111.91 40.23
C LEU FD 41 -62.86 110.46 40.32
N SER FD 42 -63.20 109.89 39.17
CA SER FD 42 -63.69 108.52 39.13
C SER FD 42 -62.56 107.53 39.32
N PHE FD 43 -62.92 106.25 39.41
CA PHE FD 43 -61.94 105.21 39.67
C PHE FD 43 -60.97 105.04 38.50
N GLN FD 44 -61.42 105.23 37.28
CA GLN FD 44 -60.56 105.06 36.12
C GLN FD 44 -59.76 106.32 35.79
N ALA FD 45 -60.07 107.45 36.41
CA ALA FD 45 -59.45 108.72 36.07
C ALA FD 45 -58.61 109.30 37.21
N ARG FD 46 -58.30 108.47 38.21
CA ARG FD 46 -57.54 108.95 39.36
C ARG FD 46 -56.05 108.82 39.11
N LYS FD 47 -55.28 109.65 39.82
CA LYS FD 47 -53.84 109.80 39.61
C LYS FD 47 -53.05 108.53 39.90
N GLU FD 48 -53.11 108.01 41.13
CA GLU FD 48 -52.44 106.76 41.50
C GLU FD 48 -50.92 106.77 41.41
N VAL FD 49 -50.25 107.49 42.30
CA VAL FD 49 -48.79 107.46 42.43
C VAL FD 49 -48.38 106.22 43.19
N ALA FD 50 -47.32 105.55 42.74
CA ALA FD 50 -46.78 104.36 43.39
C ALA FD 50 -45.39 104.62 43.97
N PHE FD 51 -45.04 103.86 45.00
CA PHE FD 51 -43.78 104.02 45.72
C PHE FD 51 -43.10 102.66 45.85
N SER FD 52 -41.83 102.58 45.47
CA SER FD 52 -41.05 101.36 45.55
C SER FD 52 -39.76 101.63 46.30
N VAL FD 53 -39.14 100.56 46.80
CA VAL FD 53 -37.93 100.68 47.60
C VAL FD 53 -37.07 99.43 47.45
N LYS FD 54 -35.78 99.62 47.23
CA LYS FD 54 -34.79 98.53 47.22
C LYS FD 54 -33.75 98.87 48.27
N VAL FD 55 -33.73 98.10 49.36
CA VAL FD 55 -32.83 98.41 50.48
C VAL FD 55 -31.40 98.09 50.08
N PRO FD 56 -30.40 98.72 50.71
CA PRO FD 56 -29.00 98.39 50.36
C PRO FD 56 -28.68 96.95 50.75
N LYS FD 57 -28.15 96.22 49.78
CA LYS FD 57 -27.83 94.81 49.95
C LYS FD 57 -26.32 94.65 50.14
N VAL FD 58 -25.92 93.78 51.06
CA VAL FD 58 -24.50 93.60 51.37
C VAL FD 58 -23.84 92.81 50.25
N SER FD 59 -23.20 93.51 49.32
CA SER FD 59 -22.41 92.88 48.28
C SER FD 59 -20.96 92.79 48.71
N VAL FD 60 -20.06 92.46 47.79
CA VAL FD 60 -18.64 92.39 48.10
C VAL FD 60 -17.85 93.29 47.17
N SER FD 61 -18.07 93.14 45.86
CA SER FD 61 -17.28 93.86 44.86
C SER FD 61 -17.99 95.15 44.47
N ALA FD 62 -18.19 96.01 45.47
CA ALA FD 62 -18.85 97.28 45.23
C ALA FD 62 -18.15 98.37 46.02
N PRO FD 63 -18.20 99.62 45.56
CA PRO FD 63 -17.71 100.73 46.37
C PRO FD 63 -18.45 100.79 47.71
N GLY FD 64 -17.70 100.96 48.78
CA GLY FD 64 -18.30 101.03 50.10
C GLY FD 64 -18.56 99.66 50.70
N GLY FD 65 -18.93 98.72 49.85
CA GLY FD 65 -19.19 97.36 50.29
C GLY FD 65 -20.57 96.85 49.94
N PHE FD 66 -21.59 97.71 50.06
CA PHE FD 66 -22.95 97.30 49.81
C PHE FD 66 -23.40 97.75 48.42
N THR FD 67 -24.56 97.28 47.99
CA THR FD 67 -25.21 97.82 46.82
C THR FD 67 -25.90 99.14 47.18
N GLN FD 68 -26.52 99.74 46.18
CA GLN FD 68 -27.08 101.08 46.36
C GLN FD 68 -28.49 101.03 46.91
N ALA FD 69 -28.88 102.10 47.59
CA ALA FD 69 -30.22 102.26 48.14
C ALA FD 69 -31.11 102.87 47.06
N ARG FD 70 -31.87 102.01 46.39
CA ARG FD 70 -32.76 102.46 45.33
C ARG FD 70 -34.12 102.85 45.89
N SER FD 71 -34.69 103.92 45.34
CA SER FD 71 -35.98 104.43 45.79
C SER FD 71 -36.71 104.98 44.58
N THR FD 72 -37.75 104.28 44.14
CA THR FD 72 -38.46 104.61 42.92
C THR FD 72 -39.86 105.16 43.22
N VAL FD 73 -40.28 106.12 42.41
CA VAL FD 73 -41.63 106.67 42.47
C VAL FD 73 -42.15 106.70 41.03
N ILE FD 74 -43.38 106.22 40.82
CA ILE FD 74 -44.05 106.32 39.54
C ILE FD 74 -45.39 106.99 39.76
N LEU FD 75 -45.62 108.11 39.08
CA LEU FD 75 -46.91 108.77 39.06
C LEU FD 75 -47.60 108.38 37.76
N LYS FD 76 -48.71 107.68 37.86
CA LYS FD 76 -49.52 107.36 36.68
C LYS FD 76 -50.54 108.47 36.47
N SER FD 77 -51.08 108.53 35.26
CA SER FD 77 -52.04 109.57 34.89
C SER FD 77 -52.90 109.06 33.74
N PRO FD 78 -54.12 108.63 34.02
CA PRO FD 78 -54.99 108.11 32.96
C PRO FD 78 -55.33 109.18 31.94
N LYS FD 79 -55.51 108.74 30.70
CA LYS FD 79 -55.94 109.64 29.63
C LYS FD 79 -56.75 108.83 28.63
N THR FD 80 -57.88 109.39 28.19
CA THR FD 80 -58.71 108.77 27.17
C THR FD 80 -58.43 109.41 25.82
N LEU FD 81 -58.45 108.60 24.78
CA LEU FD 81 -57.96 109.02 23.47
C LEU FD 81 -59.10 109.44 22.56
N ALA FD 82 -58.74 109.85 21.35
CA ALA FD 82 -59.71 110.29 20.35
C ALA FD 82 -60.51 109.16 19.75
N ASN FD 83 -60.14 107.91 20.02
CA ASN FD 83 -60.90 106.75 19.59
C ASN FD 83 -61.64 106.09 20.73
N GLY FD 84 -61.59 106.66 21.93
CA GLY FD 84 -62.28 106.12 23.09
C GLY FD 84 -61.48 105.16 23.92
N ASN FD 85 -60.28 104.76 23.48
CA ASN FD 85 -59.46 103.85 24.25
C ASN FD 85 -58.80 104.57 25.43
N ARG FD 86 -58.35 103.79 26.40
CA ARG FD 86 -57.75 104.31 27.62
C ARG FD 86 -56.27 103.95 27.63
N THR FD 87 -55.42 104.92 27.93
CA THR FD 87 -54.00 104.72 28.14
C THR FD 87 -53.56 105.44 29.40
N VAL FD 88 -52.28 105.26 29.77
CA VAL FD 88 -51.72 105.85 30.97
C VAL FD 88 -50.43 106.58 30.62
N ASN FD 89 -50.29 107.80 31.13
CA ASN FD 89 -49.04 108.54 31.08
C ASN FD 89 -48.35 108.39 32.43
N THR FD 90 -47.02 108.26 32.42
CA THR FD 90 -46.29 107.99 33.64
C THR FD 90 -45.12 108.96 33.78
N VAL FD 91 -44.77 109.24 35.03
CA VAL FD 91 -43.51 109.89 35.38
C VAL FD 91 -42.79 109.00 36.37
N SER FD 92 -41.62 108.49 36.00
CA SER FD 92 -40.87 107.59 36.85
C SER FD 92 -39.63 108.29 37.38
N ILE FD 93 -39.47 108.32 38.70
CA ILE FD 93 -38.33 108.95 39.35
C ILE FD 93 -37.64 107.87 40.18
N GLN FD 94 -36.37 107.61 39.87
CA GLN FD 94 -35.56 106.68 40.63
C GLN FD 94 -34.37 107.41 41.25
N LEU FD 95 -34.22 107.28 42.56
CA LEU FD 95 -33.08 107.82 43.28
C LEU FD 95 -32.23 106.63 43.72
N SER FD 96 -30.97 106.64 43.33
CA SER FD 96 -30.05 105.54 43.64
C SER FD 96 -28.77 106.13 44.19
N VAL FD 97 -28.65 106.12 45.52
CA VAL FD 97 -27.48 106.62 46.19
C VAL FD 97 -26.79 105.48 46.94
N ASP FD 98 -25.51 105.67 47.24
CA ASP FD 98 -24.78 104.75 48.10
C ASP FD 98 -25.22 104.97 49.55
N PRO FD 99 -25.19 103.92 50.37
CA PRO FD 99 -25.64 104.07 51.77
C PRO FD 99 -24.82 105.07 52.56
N GLU FD 100 -23.57 105.33 52.17
CA GLU FD 100 -22.72 106.29 52.84
C GLU FD 100 -23.11 107.74 52.58
N THR FD 101 -24.05 107.97 51.67
CA THR FD 101 -24.48 109.32 51.35
C THR FD 101 -25.24 109.93 52.51
N THR FD 102 -24.95 111.20 52.78
CA THR FD 102 -25.60 111.94 53.86
C THR FD 102 -26.93 112.53 53.37
N ALA FD 103 -27.73 112.96 54.34
CA ALA FD 103 -29.04 113.53 54.00
C ALA FD 103 -28.91 114.81 53.19
N ALA FD 104 -27.90 115.62 53.49
CA ALA FD 104 -27.74 116.88 52.78
C ALA FD 104 -27.28 116.68 51.34
N GLU FD 105 -26.50 115.63 51.08
CA GLU FD 105 -26.11 115.32 49.71
C GLU FD 105 -27.28 114.77 48.90
N VAL FD 106 -28.26 114.19 49.59
CA VAL FD 106 -29.46 113.70 48.90
C VAL FD 106 -30.43 114.85 48.67
N THR FD 107 -30.46 115.81 49.59
CA THR FD 107 -31.30 116.99 49.45
C THR FD 107 -30.87 117.82 48.25
N THR FD 108 -29.56 117.83 47.96
CA THR FD 108 -29.07 118.57 46.81
C THR FD 108 -29.47 117.91 45.51
N MET FD 109 -29.35 116.58 45.45
CA MET FD 109 -29.73 115.84 44.24
C MET FD 109 -31.22 116.02 43.93
N LEU FD 110 -32.06 115.93 44.97
CA LEU FD 110 -33.50 116.03 44.75
C LEU FD 110 -33.88 117.44 44.30
N ASN FD 111 -33.20 118.45 44.83
CA ASN FD 111 -33.50 119.82 44.43
C ASN FD 111 -33.02 120.09 43.01
N ALA FD 112 -31.85 119.58 42.65
CA ALA FD 112 -31.36 119.72 41.29
C ALA FD 112 -32.26 118.98 40.30
N ALA FD 113 -32.66 117.76 40.66
CA ALA FD 113 -33.50 116.98 39.77
C ALA FD 113 -34.92 117.52 39.71
N ALA FD 114 -35.43 118.06 40.82
CA ALA FD 114 -36.76 118.67 40.78
C ALA FD 114 -36.77 119.88 39.87
N GLN FD 115 -35.66 120.63 39.83
CA GLN FD 115 -35.61 121.81 38.98
C GLN FD 115 -35.68 121.45 37.51
N LEU FD 116 -35.10 120.29 37.14
CA LEU FD 116 -35.21 119.82 35.75
C LEU FD 116 -36.53 119.08 35.59
N LEU FD 117 -37.59 119.67 36.15
CA LEU FD 117 -38.93 119.16 35.95
C LEU FD 117 -39.89 120.32 35.73
N PHE FD 118 -39.58 121.48 36.31
CA PHE FD 118 -40.47 122.62 36.27
C PHE FD 118 -39.79 123.91 35.82
N ASP FD 119 -38.47 123.92 35.64
CA ASP FD 119 -37.79 125.11 35.17
C ASP FD 119 -38.23 125.42 33.74
N SER FD 120 -38.46 126.71 33.46
CA SER FD 120 -39.00 127.12 32.17
C SER FD 120 -38.04 126.78 31.04
N ASP FD 121 -36.76 126.64 31.35
CA ASP FD 121 -35.75 126.34 30.34
C ASP FD 121 -35.99 124.96 29.72
N TYR FD 122 -36.34 123.98 30.55
CA TYR FD 122 -36.63 122.65 30.04
C TYR FD 122 -38.13 122.44 29.86
N SER FD 123 -38.76 123.22 29.00
CA SER FD 123 -40.17 123.02 28.70
C SER FD 123 -40.30 122.36 27.34
N ASP FD 124 -39.54 122.84 26.36
CA ASP FD 124 -39.57 122.23 25.04
C ASP FD 124 -39.06 120.80 25.07
N PHE FD 125 -38.21 120.46 26.03
CA PHE FD 125 -37.69 119.11 26.12
C PHE FD 125 -38.73 118.10 26.57
N TRP FD 126 -39.63 118.48 27.48
CA TRP FD 126 -40.63 117.55 27.98
C TRP FD 126 -41.85 117.49 27.07
N LYS FD 127 -42.38 118.66 26.68
CA LYS FD 127 -43.61 118.69 25.89
C LYS FD 127 -43.31 118.56 24.40
N ALA FD 128 -42.47 119.45 23.87
CA ALA FD 128 -42.13 119.38 22.45
C ALA FD 128 -41.13 118.28 22.15
N GLN FD 129 -40.55 117.67 23.19
CA GLN FD 129 -39.53 116.63 23.03
C GLN FD 129 -38.36 117.13 22.20
N ALA FD 130 -38.00 118.40 22.38
CA ALA FD 130 -36.96 119.08 21.61
C ALA FD 130 -35.67 119.08 22.41
N LEU FD 131 -34.68 118.33 21.93
CA LEU FD 131 -33.40 118.19 22.62
C LEU FD 131 -32.64 119.52 22.68
N ALA FD 132 -32.89 120.41 21.73
CA ALA FD 132 -32.26 121.72 21.74
C ALA FD 132 -33.03 122.73 20.91
N ALA GD 1 16.08 130.40 13.52
CA ALA GD 1 15.73 129.01 13.26
C ALA GD 1 15.36 128.28 14.54
N ILE GD 2 15.29 126.94 14.47
CA ILE GD 2 14.86 126.15 15.61
C ILE GD 2 15.83 126.31 16.78
N ALA GD 3 17.13 126.24 16.50
CA ALA GD 3 18.13 126.40 17.55
C ALA GD 3 18.13 127.83 18.07
N ASN GD 4 18.06 127.97 19.40
CA ASN GD 4 18.06 129.26 20.08
C ASN GD 4 16.86 130.11 19.68
N SER GD 5 15.76 129.44 19.33
CA SER GD 5 14.49 130.12 19.08
C SER GD 5 13.86 130.49 20.41
N SER GD 6 13.20 131.64 20.45
CA SER GD 6 12.58 132.12 21.69
C SER GD 6 11.07 131.99 21.61
N ILE GD 7 10.47 131.47 22.68
CA ILE GD 7 9.03 131.32 22.81
C ILE GD 7 8.60 132.01 24.10
N ALA GD 8 7.58 132.85 24.02
CA ALA GD 8 7.09 133.60 25.18
C ALA GD 8 6.01 132.78 25.88
N ILE GD 9 6.35 132.22 27.04
CA ILE GD 9 5.44 131.36 27.77
C ILE GD 9 4.42 132.21 28.52
N ASP GD 10 3.17 131.73 28.56
CA ASP GD 10 2.05 132.40 29.23
C ASP GD 10 1.83 133.80 28.62
N SER GD 11 1.46 133.78 27.35
CA SER GD 11 1.33 135.00 26.57
C SER GD 11 -0.02 135.06 25.90
N THR GD 12 -0.53 136.28 25.74
CA THR GD 12 -1.75 136.47 24.98
C THR GD 12 -1.43 136.50 23.48
N ALA GD 13 -2.19 135.73 22.71
CA ALA GD 13 -2.01 135.65 21.27
C ALA GD 13 -3.13 136.45 20.61
N SER GD 14 -2.75 137.53 19.93
CA SER GD 14 -3.70 138.31 19.17
C SER GD 14 -3.69 137.87 17.71
N VAL GD 15 -4.52 138.51 16.90
CA VAL GD 15 -4.53 138.28 15.46
C VAL GD 15 -5.18 139.48 14.77
N THR GD 16 -4.49 140.05 13.77
CA THR GD 16 -5.00 141.22 13.05
C THR GD 16 -4.63 141.08 11.58
N GLY GD 17 -5.50 140.44 10.79
CA GLY GD 17 -5.32 140.45 9.36
C GLY GD 17 -6.58 140.70 8.57
N GLY GD 18 -7.73 140.62 9.23
CA GLY GD 18 -9.00 140.77 8.54
C GLY GD 18 -9.50 139.47 7.93
N THR GD 19 -10.46 139.57 7.01
CA THR GD 19 -11.05 138.41 6.33
C THR GD 19 -11.67 137.46 7.36
N ALA GD 20 -12.65 137.97 8.09
CA ALA GD 20 -13.30 137.20 9.15
C ALA GD 20 -14.30 136.20 8.56
N ARG GD 21 -13.84 134.98 8.35
CA ARG GD 21 -14.70 133.93 7.82
C ARG GD 21 -15.54 133.33 8.93
N THR GD 22 -16.31 132.30 8.59
CA THR GD 22 -17.24 131.66 9.51
C THR GD 22 -17.13 130.15 9.37
N VAL GD 23 -16.97 129.47 10.50
CA VAL GD 23 -16.95 128.01 10.54
C VAL GD 23 -18.40 127.52 10.62
N LYS GD 24 -18.85 126.78 9.63
CA LYS GD 24 -20.18 126.21 9.59
C LYS GD 24 -20.09 124.69 9.68
N GLU GD 25 -20.84 124.10 10.60
CA GLU GD 25 -20.75 122.66 10.76
C GLU GD 25 -21.51 121.94 9.65
N LEU GD 26 -20.99 120.78 9.27
CA LEU GD 26 -21.61 119.97 8.22
C LEU GD 26 -22.33 118.78 8.82
N VAL GD 27 -21.62 117.90 9.54
CA VAL GD 27 -22.19 116.68 10.09
C VAL GD 27 -21.62 116.48 11.49
N ARG GD 28 -22.03 115.38 12.12
CA ARG GD 28 -21.59 115.09 13.48
C ARG GD 28 -20.98 113.71 13.66
N ASN GD 29 -21.45 112.71 12.90
CA ASN GD 29 -21.22 111.29 13.13
C ASN GD 29 -20.82 110.94 14.57
N ASN GD 30 -19.88 110.02 14.74
CA ASN GD 30 -19.60 109.42 16.04
C ASN GD 30 -18.59 110.27 16.80
N SER GD 31 -19.09 111.06 17.75
CA SER GD 31 -18.25 111.85 18.65
C SER GD 31 -17.26 112.72 17.87
N GLU GD 32 -17.76 113.29 16.78
CA GLU GD 32 -16.95 114.10 15.88
C GLU GD 32 -17.75 115.34 15.53
N LEU GD 33 -17.12 116.28 14.82
CA LEU GD 33 -17.82 117.44 14.34
C LEU GD 33 -17.12 117.96 13.07
N ASN GD 34 -17.67 117.62 11.92
CA ASN GD 34 -17.07 118.05 10.66
C ASN GD 34 -17.68 119.37 10.23
N ALA GD 35 -16.86 120.40 10.12
CA ALA GD 35 -17.28 121.72 9.71
C ALA GD 35 -16.51 122.14 8.48
N TYR GD 36 -16.71 123.38 8.05
CA TYR GD 36 -16.00 123.93 6.90
C TYR GD 36 -15.96 125.45 7.02
N ILE GD 37 -14.96 126.06 6.41
CA ILE GD 37 -14.81 127.50 6.47
C ILE GD 37 -15.47 128.12 5.24
N ASP GD 38 -16.37 129.08 5.48
CA ASP GD 38 -17.18 129.66 4.41
C ASP GD 38 -16.42 130.84 3.81
N GLU GD 39 -15.74 130.56 2.70
CA GLU GD 39 -15.00 131.57 1.96
C GLU GD 39 -15.52 131.80 0.56
N GLY GD 40 -16.61 131.15 0.18
CA GLY GD 40 -17.18 131.28 -1.15
C GLY GD 40 -16.54 130.43 -2.22
N LEU GD 41 -15.67 129.49 -1.87
CA LEU GD 41 -15.04 128.62 -2.83
C LEU GD 41 -16.03 127.57 -3.32
N SER GD 42 -15.56 126.67 -4.18
CA SER GD 42 -16.42 125.63 -4.71
C SER GD 42 -16.75 124.62 -3.62
N PHE GD 43 -17.62 123.67 -3.97
CA PHE GD 43 -18.06 122.68 -2.99
C PHE GD 43 -16.93 121.74 -2.61
N GLN GD 44 -16.16 121.27 -3.59
CA GLN GD 44 -15.03 120.38 -3.33
C GLN GD 44 -13.70 121.13 -3.39
N ALA GD 45 -13.73 122.44 -3.11
CA ALA GD 45 -12.49 123.19 -2.95
C ALA GD 45 -12.48 123.98 -1.64
N ARG GD 46 -13.49 123.82 -0.79
CA ARG GD 46 -13.55 124.53 0.48
C ARG GD 46 -12.66 123.86 1.51
N LYS GD 47 -12.29 124.60 2.56
CA LYS GD 47 -11.46 124.03 3.62
C LYS GD 47 -12.36 123.52 4.74
N GLU GD 48 -12.34 122.22 4.98
CA GLU GD 48 -13.13 121.58 6.03
C GLU GD 48 -12.21 121.28 7.22
N VAL GD 49 -12.61 121.75 8.40
CA VAL GD 49 -11.89 121.42 9.61
C VAL GD 49 -12.75 120.49 10.47
N ALA GD 50 -12.16 119.38 10.89
CA ALA GD 50 -12.86 118.36 11.66
C ALA GD 50 -12.39 118.38 13.11
N PHE GD 51 -13.36 118.26 14.02
CA PHE GD 51 -13.12 118.24 15.46
C PHE GD 51 -13.50 116.88 16.02
N SER GD 52 -12.83 116.45 17.08
CA SER GD 52 -13.14 115.15 17.67
C SER GD 52 -12.65 115.10 19.12
N VAL GD 53 -13.37 114.35 19.95
CA VAL GD 53 -13.01 114.20 21.36
C VAL GD 53 -12.96 112.71 21.69
N LYS GD 54 -12.15 112.38 22.70
CA LYS GD 54 -11.91 111.00 23.11
C LYS GD 54 -11.91 110.92 24.64
N VAL GD 55 -12.99 111.41 25.26
CA VAL GD 55 -13.15 111.56 26.70
C VAL GD 55 -12.59 110.38 27.50
N PRO GD 56 -12.01 110.63 28.68
CA PRO GD 56 -11.29 109.58 29.41
C PRO GD 56 -12.20 108.43 29.83
N LYS GD 57 -11.59 107.25 29.93
CA LYS GD 57 -12.29 106.02 30.28
C LYS GD 57 -11.59 105.42 31.49
N VAL GD 58 -12.35 105.11 32.54
CA VAL GD 58 -11.79 104.66 33.80
C VAL GD 58 -11.06 103.32 33.60
N SER GD 59 -9.75 103.33 33.79
CA SER GD 59 -8.93 102.15 33.60
C SER GD 59 -8.33 101.70 34.94
N VAL GD 60 -7.57 100.61 34.92
CA VAL GD 60 -6.83 100.14 36.07
C VAL GD 60 -5.35 100.52 35.97
N SER GD 61 -4.82 100.55 34.76
CA SER GD 61 -3.52 101.08 34.41
C SER GD 61 -3.62 102.61 34.39
N ALA GD 62 -2.71 103.28 33.65
CA ALA GD 62 -2.72 104.73 33.54
C ALA GD 62 -2.38 105.37 34.88
N PRO GD 63 -1.10 105.47 35.22
CA PRO GD 63 -0.70 105.85 36.58
C PRO GD 63 -1.11 107.26 36.93
N GLY GD 64 -2.32 107.36 37.48
CA GLY GD 64 -3.08 108.59 37.60
C GLY GD 64 -4.55 108.26 37.54
N GLY GD 65 -4.85 107.01 37.18
CA GLY GD 65 -6.18 106.47 37.31
C GLY GD 65 -6.84 106.02 36.03
N PHE GD 66 -6.72 106.82 34.96
CA PHE GD 66 -7.36 106.52 33.69
C PHE GD 66 -6.81 107.41 32.58
N THR GD 67 -7.15 107.03 31.35
CA THR GD 67 -6.54 107.57 30.14
C THR GD 67 -6.75 109.08 30.02
N GLN GD 68 -5.98 109.68 29.13
CA GLN GD 68 -5.98 111.12 28.98
C GLN GD 68 -7.13 111.58 28.08
N ALA GD 69 -7.29 112.90 28.02
CA ALA GD 69 -8.36 113.53 27.26
C ALA GD 69 -7.78 114.15 25.98
N ARG GD 70 -7.75 113.38 24.91
CA ARG GD 70 -7.25 113.85 23.63
C ARG GD 70 -8.33 114.60 22.86
N SER GD 71 -7.93 115.71 22.23
CA SER GD 71 -8.81 116.51 21.38
C SER GD 71 -8.08 116.75 20.07
N THR GD 72 -8.71 116.38 18.96
CA THR GD 72 -8.06 116.48 17.66
C THR GD 72 -8.75 117.52 16.78
N VAL GD 73 -7.93 118.22 15.98
CA VAL GD 73 -8.42 119.15 14.97
C VAL GD 73 -7.62 118.93 13.69
N ILE GD 74 -8.30 118.52 12.63
CA ILE GD 74 -7.67 118.35 11.33
C ILE GD 74 -8.25 119.38 10.36
N LEU GD 75 -7.38 120.21 9.80
CA LEU GD 75 -7.76 121.24 8.84
C LEU GD 75 -7.34 120.77 7.46
N LYS GD 76 -8.33 120.52 6.60
CA LYS GD 76 -8.05 120.02 5.26
C LYS GD 76 -8.21 121.15 4.24
N SER GD 77 -7.11 121.51 3.58
CA SER GD 77 -7.11 122.57 2.59
C SER GD 77 -6.83 121.99 1.22
N PRO GD 78 -7.83 121.88 0.34
CA PRO GD 78 -7.60 121.23 -0.95
C PRO GD 78 -6.74 122.09 -1.86
N LYS GD 79 -6.06 121.44 -2.81
CA LYS GD 79 -5.18 122.12 -3.73
C LYS GD 79 -5.19 121.39 -5.07
N THR GD 80 -5.32 122.14 -6.16
CA THR GD 80 -5.24 121.61 -7.51
C THR GD 80 -3.80 121.74 -8.01
N LEU GD 81 -3.20 120.62 -8.38
CA LEU GD 81 -1.81 120.63 -8.80
C LEU GD 81 -1.67 121.03 -10.27
N ALA GD 82 -0.43 121.30 -10.68
CA ALA GD 82 -0.18 121.69 -12.07
C ALA GD 82 -0.50 120.57 -13.03
N ASN GD 83 -0.21 119.32 -12.65
CA ASN GD 83 -0.53 118.18 -13.50
C ASN GD 83 -2.03 118.06 -13.73
N GLY GD 84 -2.84 118.68 -12.86
CA GLY GD 84 -4.27 118.72 -13.09
C GLY GD 84 -5.07 118.02 -12.01
N ASN GD 85 -4.47 117.02 -11.37
CA ASN GD 85 -5.17 116.27 -10.34
C ASN GD 85 -5.34 117.12 -9.07
N ARG GD 86 -6.04 116.57 -8.10
CA ARG GD 86 -6.38 117.25 -6.86
C ARG GD 86 -5.76 116.51 -5.68
N THR GD 87 -5.39 117.26 -4.66
CA THR GD 87 -4.80 116.72 -3.44
C THR GD 87 -5.22 117.61 -2.29
N VAL GD 88 -5.13 117.10 -1.08
CA VAL GD 88 -5.50 117.84 0.12
C VAL GD 88 -4.26 118.02 0.99
N ASN GD 89 -4.07 119.24 1.49
CA ASN GD 89 -3.00 119.58 2.41
C ASN GD 89 -3.62 119.71 3.79
N THR GD 90 -3.11 118.92 4.75
CA THR GD 90 -3.77 118.81 6.04
C THR GD 90 -2.87 119.33 7.17
N VAL GD 91 -3.52 119.80 8.24
CA VAL GD 91 -2.84 120.22 9.46
C VAL GD 91 -3.57 119.62 10.66
N SER GD 92 -3.06 118.52 11.19
CA SER GD 92 -3.69 117.90 12.34
C SER GD 92 -3.05 118.38 13.64
N ILE GD 93 -3.88 118.48 14.68
CA ILE GD 93 -3.44 118.93 16.00
C ILE GD 93 -4.12 118.06 17.06
N GLN GD 94 -3.34 117.54 18.01
CA GLN GD 94 -3.88 116.69 19.06
C GLN GD 94 -3.42 117.20 20.43
N LEU GD 95 -4.27 116.98 21.45
CA LEU GD 95 -4.08 117.54 22.78
C LEU GD 95 -4.27 116.45 23.85
N SER GD 96 -3.51 115.36 23.72
CA SER GD 96 -3.58 114.28 24.70
C SER GD 96 -3.02 114.79 26.02
N VAL GD 97 -3.94 115.21 26.90
CA VAL GD 97 -3.59 115.69 28.23
C VAL GD 97 -4.32 114.86 29.28
N ASP GD 98 -3.65 114.62 30.40
CA ASP GD 98 -4.22 113.82 31.45
C ASP GD 98 -5.40 114.56 32.09
N PRO GD 99 -6.50 113.87 32.38
CA PRO GD 99 -7.73 114.57 32.78
C PRO GD 99 -7.65 115.34 34.09
N GLU GD 100 -6.64 115.08 34.93
CA GLU GD 100 -6.45 115.86 36.14
C GLU GD 100 -5.90 117.26 35.87
N THR GD 101 -5.55 117.56 34.63
CA THR GD 101 -4.88 118.80 34.29
C THR GD 101 -5.80 120.00 34.47
N THR GD 102 -5.27 121.06 35.06
CA THR GD 102 -6.03 122.29 35.21
C THR GD 102 -6.12 123.02 33.87
N ALA GD 103 -7.08 123.93 33.79
CA ALA GD 103 -7.30 124.69 32.56
C ALA GD 103 -6.28 125.80 32.35
N ALA GD 104 -5.54 126.19 33.40
CA ALA GD 104 -4.54 127.23 33.25
C ALA GD 104 -3.32 126.72 32.48
N GLU GD 105 -2.84 125.52 32.82
CA GLU GD 105 -1.67 124.99 32.13
C GLU GD 105 -2.04 124.48 30.74
N VAL GD 106 -3.29 124.05 30.54
CA VAL GD 106 -3.76 123.76 29.19
C VAL GD 106 -3.69 125.01 28.33
N THR GD 107 -4.12 126.14 28.88
CA THR GD 107 -3.99 127.41 28.18
C THR GD 107 -2.51 127.73 27.92
N THR GD 108 -1.65 127.45 28.90
CA THR GD 108 -0.22 127.62 28.70
C THR GD 108 0.29 126.75 27.56
N MET GD 109 -0.13 125.49 27.54
CA MET GD 109 0.30 124.56 26.51
C MET GD 109 -0.23 124.96 25.14
N LEU GD 110 -1.49 125.38 25.09
CA LEU GD 110 -2.08 125.78 23.81
C LEU GD 110 -1.39 127.02 23.27
N ASN GD 111 -1.05 127.96 24.14
CA ASN GD 111 -0.33 129.16 23.71
C ASN GD 111 1.07 128.82 23.22
N ALA GD 112 1.79 127.97 23.96
CA ALA GD 112 3.13 127.59 23.55
C ALA GD 112 3.11 126.84 22.22
N ALA GD 113 2.19 125.90 22.06
CA ALA GD 113 2.02 125.19 20.80
C ALA GD 113 1.60 126.11 19.66
N ALA GD 114 0.64 127.00 19.89
CA ALA GD 114 0.23 127.94 18.86
C ALA GD 114 1.24 129.06 18.68
N GLN GD 115 2.17 129.23 19.60
CA GLN GD 115 3.28 130.17 19.39
C GLN GD 115 4.22 129.69 18.29
N LEU GD 116 4.33 128.39 18.12
CA LEU GD 116 4.86 127.82 16.89
C LEU GD 116 3.81 128.02 15.79
N LEU GD 117 4.16 127.63 14.56
CA LEU GD 117 3.27 127.76 13.39
C LEU GD 117 3.05 129.20 12.96
N PHE GD 118 3.50 130.19 13.74
CA PHE GD 118 3.46 131.55 13.21
C PHE GD 118 4.69 132.34 13.61
N ASP GD 119 5.55 131.74 14.42
CA ASP GD 119 6.80 132.37 14.78
C ASP GD 119 7.75 132.35 13.59
N SER GD 120 8.54 133.41 13.46
CA SER GD 120 9.44 133.54 12.33
C SER GD 120 10.57 132.52 12.34
N ASP GD 121 10.98 132.05 13.52
CA ASP GD 121 12.08 131.10 13.59
C ASP GD 121 11.74 129.78 12.91
N TYR GD 122 10.48 129.36 13.00
CA TYR GD 122 10.07 128.07 12.48
C TYR GD 122 9.52 128.14 11.06
N SER GD 123 9.58 129.32 10.43
CA SER GD 123 9.11 129.48 9.06
C SER GD 123 9.78 128.49 8.11
N ASP GD 124 11.11 128.37 8.19
CA ASP GD 124 11.83 127.47 7.29
C ASP GD 124 11.54 126.01 7.62
N PHE GD 125 11.31 125.71 8.89
CA PHE GD 125 11.00 124.33 9.28
C PHE GD 125 9.67 123.88 8.70
N TRP GD 126 8.64 124.73 8.81
CA TRP GD 126 7.34 124.38 8.28
C TRP GD 126 7.31 124.41 6.76
N LYS GD 127 8.12 125.24 6.11
CA LYS GD 127 8.04 125.42 4.67
C LYS GD 127 9.08 124.56 3.95
N ALA GD 128 10.36 124.66 4.31
CA ALA GD 128 11.42 123.93 3.62
C ALA GD 128 11.89 122.70 4.39
N GLN GD 129 11.32 122.42 5.56
CA GLN GD 129 11.72 121.30 6.41
C GLN GD 129 13.17 121.45 6.87
N ALA GD 130 13.59 122.70 7.06
CA ALA GD 130 14.95 122.99 7.53
C ALA GD 130 15.01 122.72 9.04
N LEU GD 131 15.28 121.46 9.37
CA LEU GD 131 15.45 121.06 10.76
C LEU GD 131 16.63 121.81 11.38
N ALA GD 132 17.81 121.58 10.82
CA ALA GD 132 18.99 122.34 11.22
C ALA GD 132 19.09 123.58 10.35
N ALA HD 1 44.63 -58.93 107.14
CA ALA HD 1 44.49 -60.07 108.03
C ALA HD 1 43.12 -60.72 107.84
N ILE HD 2 42.48 -60.41 106.72
CA ILE HD 2 41.31 -61.15 106.28
C ILE HD 2 41.81 -62.39 105.55
N ALA HD 3 42.05 -63.46 106.30
CA ALA HD 3 42.62 -64.67 105.75
C ALA HD 3 42.28 -65.83 106.67
N ASN HD 4 43.20 -66.18 107.57
CA ASN HD 4 42.85 -67.10 108.64
C ASN HD 4 42.55 -66.33 109.91
N SER HD 5 41.49 -65.52 109.89
CA SER HD 5 41.05 -64.77 111.05
C SER HD 5 40.27 -65.66 112.00
N SER HD 6 39.54 -65.06 112.94
CA SER HD 6 38.69 -65.85 113.83
C SER HD 6 37.50 -65.00 114.27
N ILE HD 7 36.33 -65.62 114.28
CA ILE HD 7 35.10 -64.96 114.68
C ILE HD 7 34.24 -65.94 115.46
N ALA HD 8 33.73 -65.50 116.61
CA ALA HD 8 32.85 -66.34 117.42
C ALA HD 8 31.42 -66.24 116.87
N ILE HD 9 30.82 -67.37 116.60
CA ILE HD 9 29.47 -67.43 116.05
C ILE HD 9 28.51 -67.88 117.14
N ASP HD 10 27.37 -67.20 117.23
CA ASP HD 10 26.38 -67.43 118.30
C ASP HD 10 27.00 -67.16 119.67
N SER HD 11 27.45 -65.93 119.87
CA SER HD 11 28.10 -65.51 121.09
C SER HD 11 27.56 -64.16 121.53
N THR HD 12 27.68 -63.88 122.83
CA THR HD 12 27.23 -62.62 123.38
C THR HD 12 28.35 -61.59 123.38
N ALA HD 13 28.02 -60.38 122.95
CA ALA HD 13 28.98 -59.28 122.89
C ALA HD 13 28.72 -58.30 124.02
N SER HD 14 29.80 -57.72 124.54
CA SER HD 14 29.72 -56.83 125.69
C SER HD 14 30.64 -55.64 125.47
N VAL HD 15 30.42 -54.61 126.27
CA VAL HD 15 31.18 -53.36 126.18
C VAL HD 15 31.58 -52.93 127.59
N THR HD 16 32.84 -52.57 127.76
CA THR HD 16 33.36 -52.08 129.02
C THR HD 16 34.02 -50.72 128.83
N GLY HD 17 33.95 -49.89 129.87
CA GLY HD 17 34.60 -48.60 129.83
C GLY HD 17 33.84 -47.60 128.96
N GLY HD 18 34.58 -46.60 128.48
CA GLY HD 18 33.98 -45.55 127.68
C GLY HD 18 33.13 -44.61 128.51
N THR HD 19 32.37 -43.77 127.81
CA THR HD 19 31.50 -42.78 128.44
C THR HD 19 30.10 -42.97 127.91
N ALA HD 20 29.18 -43.40 128.78
CA ALA HD 20 27.80 -43.63 128.39
C ALA HD 20 27.12 -42.34 127.97
N ARG HD 21 26.83 -42.22 126.68
CA ARG HD 21 26.11 -41.07 126.14
C ARG HD 21 24.62 -41.39 126.07
N THR HD 22 23.85 -40.54 125.40
CA THR HD 22 22.42 -40.77 125.26
C THR HD 22 21.99 -40.37 123.86
N VAL HD 23 21.16 -41.20 123.23
CA VAL HD 23 20.70 -40.95 121.87
C VAL HD 23 19.41 -40.13 122.00
N LYS HD 24 19.50 -38.85 121.66
CA LYS HD 24 18.35 -37.98 121.73
C LYS HD 24 17.63 -37.95 120.39
N GLU HD 25 16.32 -38.21 120.42
CA GLU HD 25 15.54 -38.30 119.19
C GLU HD 25 15.11 -36.91 118.74
N LEU HD 26 15.26 -36.64 117.44
CA LEU HD 26 15.05 -35.30 116.93
C LEU HD 26 13.76 -35.28 116.11
N VAL HD 27 13.66 -36.07 115.05
CA VAL HD 27 12.50 -36.05 114.17
C VAL HD 27 12.19 -37.47 113.74
N ARG HD 28 10.91 -37.78 113.61
CA ARG HD 28 10.43 -39.13 113.33
C ARG HD 28 9.40 -39.03 112.21
N ASN HD 29 9.81 -39.33 110.98
CA ASN HD 29 8.91 -39.20 109.85
C ASN HD 29 9.37 -40.10 108.70
N ASN HD 30 8.41 -40.42 107.83
CA ASN HD 30 8.69 -41.06 106.54
C ASN HD 30 9.50 -42.34 106.72
N SER HD 31 9.12 -43.14 107.71
CA SER HD 31 9.81 -44.40 108.03
C SER HD 31 11.26 -44.15 108.45
N GLU HD 32 11.55 -42.96 108.93
CA GLU HD 32 12.90 -42.56 109.33
C GLU HD 32 12.85 -41.95 110.73
N LEU HD 33 13.91 -42.18 111.51
CA LEU HD 33 14.04 -41.61 112.85
C LEU HD 33 15.41 -40.92 112.91
N ASN HD 34 15.39 -39.59 112.78
CA ASN HD 34 16.60 -38.81 112.94
C ASN HD 34 16.87 -38.54 114.42
N ALA HD 35 18.10 -38.81 114.84
CA ALA HD 35 18.49 -38.62 116.23
C ALA HD 35 19.93 -38.14 116.28
N TYR HD 36 20.43 -37.90 117.49
CA TYR HD 36 21.80 -37.44 117.66
C TYR HD 36 22.30 -37.94 119.00
N ILE HD 37 23.61 -38.17 119.08
CA ILE HD 37 24.26 -38.61 120.31
C ILE HD 37 24.68 -37.38 121.10
N ASP HD 38 24.35 -37.37 122.38
CA ASP HD 38 24.55 -36.20 123.24
C ASP HD 38 25.89 -36.36 123.95
N GLU HD 39 26.92 -35.70 123.43
CA GLU HD 39 28.23 -35.66 124.07
C GLU HD 39 28.60 -34.27 124.56
N GLY HD 40 27.63 -33.34 124.61
CA GLY HD 40 27.92 -31.98 124.99
C GLY HD 40 28.83 -31.29 124.00
N LEU HD 41 28.52 -31.42 122.72
CA LEU HD 41 29.28 -30.81 121.64
C LEU HD 41 28.44 -29.73 120.97
N SER HD 42 29.05 -29.03 120.03
CA SER HD 42 28.35 -28.00 119.27
C SER HD 42 27.47 -28.66 118.22
N PHE HD 43 26.55 -27.88 117.66
CA PHE HD 43 25.64 -28.39 116.63
C PHE HD 43 26.38 -28.81 115.37
N GLN HD 44 27.44 -28.10 114.99
CA GLN HD 44 28.20 -28.41 113.80
C GLN HD 44 29.07 -29.65 113.95
N ALA HD 45 29.34 -30.11 115.17
CA ALA HD 45 30.02 -31.37 115.37
C ALA HD 45 29.19 -32.20 116.37
N ARG HD 46 28.16 -32.85 115.86
CA ARG HD 46 27.31 -33.74 116.65
C ARG HD 46 27.64 -35.18 116.26
N LYS HD 47 26.86 -36.18 116.66
CA LYS HD 47 27.03 -37.55 116.20
C LYS HD 47 25.70 -38.08 115.72
N GLU HD 48 25.05 -37.32 114.82
CA GLU HD 48 23.73 -37.69 114.32
C GLU HD 48 23.71 -39.11 113.78
N VAL HD 49 22.65 -39.84 114.14
CA VAL HD 49 22.44 -41.21 113.66
C VAL HD 49 21.00 -41.32 113.17
N ALA HD 50 20.83 -41.89 111.98
CA ALA HD 50 19.52 -42.01 111.36
C ALA HD 50 19.10 -43.47 111.26
N PHE HD 51 17.90 -43.76 111.76
CA PHE HD 51 17.32 -45.09 111.72
C PHE HD 51 16.18 -45.09 110.71
N SER HD 52 16.20 -46.03 109.77
CA SER HD 52 15.16 -46.13 108.76
C SER HD 52 14.75 -47.59 108.61
N VAL HD 53 13.49 -47.78 108.22
CA VAL HD 53 12.91 -49.10 108.09
C VAL HD 53 12.18 -49.19 106.75
N LYS HD 54 12.34 -50.34 106.08
CA LYS HD 54 11.74 -50.62 104.77
C LYS HD 54 10.95 -51.92 104.88
N VAL HD 55 9.64 -51.80 105.10
CA VAL HD 55 8.77 -52.95 105.36
C VAL HD 55 8.58 -53.77 104.09
N PRO HD 56 8.40 -55.08 104.20
CA PRO HD 56 8.20 -55.91 103.00
C PRO HD 56 6.82 -55.71 102.38
N LYS HD 57 6.76 -55.88 101.06
CA LYS HD 57 5.51 -55.85 100.32
C LYS HD 57 5.36 -57.12 99.51
N VAL HD 58 4.11 -57.45 99.16
CA VAL HD 58 3.83 -58.67 98.41
C VAL HD 58 4.43 -58.55 97.02
N SER HD 59 4.94 -59.66 96.50
CA SER HD 59 5.53 -59.72 95.17
C SER HD 59 5.13 -61.05 94.52
N VAL HD 60 5.55 -61.21 93.27
CA VAL HD 60 5.39 -62.47 92.56
C VAL HD 60 6.71 -63.20 92.37
N SER HD 61 7.79 -62.47 92.15
CA SER HD 61 9.16 -62.94 92.22
C SER HD 61 9.54 -62.98 93.70
N ALA HD 62 10.86 -62.99 93.98
CA ALA HD 62 11.31 -62.96 95.37
C ALA HD 62 10.90 -64.23 96.09
N PRO HD 63 11.66 -65.31 95.96
CA PRO HD 63 11.11 -66.66 96.12
C PRO HD 63 10.63 -66.95 97.53
N GLY HD 64 9.36 -66.63 97.76
CA GLY HD 64 8.74 -66.60 99.08
C GLY HD 64 7.66 -65.54 99.15
N GLY HD 65 7.56 -64.75 98.09
CA GLY HD 65 6.40 -63.90 97.88
C GLY HD 65 6.59 -62.45 98.27
N PHE HD 66 7.51 -62.19 99.20
CA PHE HD 66 7.70 -60.84 99.69
C PHE HD 66 9.13 -60.37 99.46
N THR HD 67 9.27 -59.06 99.29
CA THR HD 67 10.59 -58.44 99.32
C THR HD 67 11.16 -58.51 100.73
N GLN HD 68 12.44 -58.21 100.85
CA GLN HD 68 13.11 -58.34 102.13
C GLN HD 68 12.81 -57.13 103.01
N ALA HD 69 12.88 -57.35 104.33
CA ALA HD 69 12.69 -56.29 105.30
C ALA HD 69 14.04 -55.64 105.60
N ARG HD 70 14.23 -54.42 105.13
CA ARG HD 70 15.49 -53.72 105.30
C ARG HD 70 15.43 -52.77 106.49
N SER HD 71 16.51 -52.76 107.27
CA SER HD 71 16.67 -51.85 108.42
C SER HD 71 18.04 -51.21 108.28
N THR HD 72 18.07 -49.88 108.16
CA THR HD 72 19.31 -49.17 107.90
C THR HD 72 19.62 -48.18 109.02
N VAL HD 73 20.88 -48.18 109.43
CA VAL HD 73 21.37 -47.21 110.40
C VAL HD 73 22.58 -46.50 109.81
N ILE HD 74 22.53 -45.18 109.74
CA ILE HD 74 23.67 -44.37 109.32
C ILE HD 74 24.12 -43.49 110.47
N LEU HD 75 25.38 -43.62 110.86
CA LEU HD 75 25.99 -42.79 111.90
C LEU HD 75 26.87 -41.77 111.21
N LYS HD 76 26.59 -40.49 111.44
CA LYS HD 76 27.39 -39.43 110.85
C LYS HD 76 28.35 -38.83 111.87
N SER HD 77 29.60 -38.67 111.47
CA SER HD 77 30.64 -38.15 112.34
C SER HD 77 31.32 -36.97 111.67
N PRO HD 78 30.90 -35.73 111.99
CA PRO HD 78 31.56 -34.56 111.42
C PRO HD 78 33.02 -34.45 111.79
N LYS HD 79 33.88 -34.26 110.81
CA LYS HD 79 35.31 -34.07 111.02
C LYS HD 79 35.73 -32.73 110.44
N THR HD 80 36.62 -32.04 111.14
CA THR HD 80 37.14 -30.75 110.71
C THR HD 80 38.57 -30.94 110.22
N LEU HD 81 38.84 -30.45 109.02
CA LEU HD 81 40.10 -30.72 108.34
C LEU HD 81 41.13 -29.65 108.67
N ALA HD 82 42.35 -29.83 108.16
CA ALA HD 82 43.43 -28.89 108.44
C ALA HD 82 43.12 -27.52 107.86
N ASN HD 83 42.64 -27.47 106.62
CA ASN HD 83 42.29 -26.19 106.02
C ASN HD 83 41.11 -25.55 106.73
N GLY HD 84 40.14 -26.36 107.15
CA GLY HD 84 39.03 -25.84 107.92
C GLY HD 84 37.66 -26.16 107.34
N ASN HD 85 37.65 -26.79 106.17
CA ASN HD 85 36.38 -27.27 105.61
C ASN HD 85 35.83 -28.41 106.46
N ARG HD 86 34.50 -28.49 106.50
CA ARG HD 86 33.83 -29.52 107.28
C ARG HD 86 33.41 -30.68 106.40
N THR HD 87 33.78 -31.88 106.80
CA THR HD 87 33.35 -33.11 106.14
C THR HD 87 32.70 -34.02 107.15
N VAL HD 88 31.72 -34.80 106.69
CA VAL HD 88 31.03 -35.76 107.52
C VAL HD 88 31.48 -37.16 107.11
N ASN HD 89 31.93 -37.94 108.08
CA ASN HD 89 32.34 -39.32 107.86
C ASN HD 89 31.24 -40.22 108.40
N THR HD 90 30.79 -41.17 107.58
CA THR HD 90 29.61 -41.95 107.89
C THR HD 90 29.92 -43.44 108.00
N VAL HD 91 29.08 -44.14 108.76
CA VAL HD 91 29.04 -45.59 108.78
C VAL HD 91 27.62 -46.05 108.52
N SER HD 92 27.42 -46.84 107.47
CA SER HD 92 26.10 -47.36 107.16
C SER HD 92 26.02 -48.84 107.53
N ILE HD 93 24.90 -49.22 108.14
CA ILE HD 93 24.63 -50.62 108.51
C ILE HD 93 23.24 -50.93 107.98
N GLN HD 94 23.15 -51.79 106.98
CA GLN HD 94 21.89 -52.17 106.38
C GLN HD 94 21.71 -53.68 106.49
N LEU HD 95 20.61 -54.11 107.10
CA LEU HD 95 20.30 -55.53 107.28
C LEU HD 95 19.06 -55.84 106.45
N SER HD 96 19.19 -56.79 105.52
CA SER HD 96 18.08 -57.23 104.69
C SER HD 96 17.83 -58.70 104.96
N VAL HD 97 16.69 -59.02 105.57
CA VAL HD 97 16.31 -60.40 105.84
C VAL HD 97 14.98 -60.69 105.18
N ASP HD 98 14.82 -61.94 104.76
CA ASP HD 98 13.52 -62.40 104.32
C ASP HD 98 12.57 -62.43 105.52
N PRO HD 99 11.29 -62.14 105.30
CA PRO HD 99 10.35 -62.13 106.43
C PRO HD 99 10.20 -63.48 107.12
N GLU HD 100 10.55 -64.59 106.46
CA GLU HD 100 10.51 -65.88 107.13
C GLU HD 100 11.60 -66.07 108.16
N THR HD 101 12.60 -65.18 108.19
CA THR HD 101 13.76 -65.36 109.04
C THR HD 101 13.40 -65.23 110.51
N THR HD 102 13.83 -66.22 111.30
CA THR HD 102 13.56 -66.23 112.72
C THR HD 102 14.44 -65.22 113.45
N ALA HD 103 14.08 -64.94 114.70
CA ALA HD 103 14.84 -63.96 115.48
C ALA HD 103 16.20 -64.50 115.89
N ALA HD 104 16.33 -65.83 115.99
CA ALA HD 104 17.63 -66.42 116.30
C ALA HD 104 18.61 -66.29 115.14
N GLU HD 105 18.12 -66.41 113.90
CA GLU HD 105 18.97 -66.23 112.74
C GLU HD 105 19.40 -64.77 112.59
N VAL HD 106 18.53 -63.82 112.94
CA VAL HD 106 18.90 -62.42 112.89
C VAL HD 106 19.91 -62.10 113.99
N THR HD 107 19.74 -62.68 115.17
CA THR HD 107 20.69 -62.45 116.25
C THR HD 107 22.09 -62.95 115.86
N THR HD 108 22.16 -64.10 115.20
CA THR HD 108 23.45 -64.63 114.77
C THR HD 108 24.11 -63.68 113.77
N MET HD 109 23.33 -63.17 112.81
CA MET HD 109 23.87 -62.24 111.83
C MET HD 109 24.32 -60.94 112.49
N LEU HD 110 23.51 -60.44 113.42
CA LEU HD 110 23.85 -59.18 114.08
C LEU HD 110 25.13 -59.31 114.88
N ASN HD 111 25.32 -60.43 115.57
CA ASN HD 111 26.51 -60.60 116.39
C ASN HD 111 27.75 -60.85 115.55
N ALA HD 112 27.63 -61.65 114.49
CA ALA HD 112 28.77 -61.92 113.63
C ALA HD 112 29.21 -60.65 112.90
N ALA HD 113 28.26 -59.80 112.51
CA ALA HD 113 28.61 -58.56 111.85
C ALA HD 113 29.23 -57.56 112.80
N ALA HD 114 28.91 -57.65 114.09
CA ALA HD 114 29.50 -56.74 115.08
C ALA HD 114 30.99 -56.98 115.22
N GLN HD 115 31.39 -58.24 115.30
CA GLN HD 115 32.81 -58.56 115.36
C GLN HD 115 33.52 -58.26 114.04
N LEU HD 116 32.79 -58.11 112.95
CA LEU HD 116 33.41 -57.79 111.67
C LEU HD 116 33.99 -56.39 111.67
N LEU HD 117 33.49 -55.50 112.54
CA LEU HD 117 34.01 -54.14 112.61
C LEU HD 117 34.53 -53.78 114.00
N PHE HD 118 34.81 -54.76 114.85
CA PHE HD 118 35.62 -54.46 116.04
C PHE HD 118 36.69 -55.50 116.35
N ASP HD 119 36.72 -56.66 115.70
CA ASP HD 119 37.81 -57.59 115.90
C ASP HD 119 39.11 -57.02 115.34
N SER HD 120 40.21 -57.34 116.02
CA SER HD 120 41.49 -56.74 115.68
C SER HD 120 41.99 -57.17 114.30
N ASP HD 121 41.60 -58.36 113.84
CA ASP HD 121 42.02 -58.87 112.55
C ASP HD 121 41.54 -57.99 111.40
N TYR HD 122 40.50 -57.20 111.64
CA TYR HD 122 39.96 -56.36 110.58
C TYR HD 122 40.33 -54.89 110.77
N SER HD 123 41.27 -54.62 111.68
CA SER HD 123 41.68 -53.24 111.93
C SER HD 123 42.30 -52.61 110.69
N ASP HD 124 43.17 -53.33 109.98
CA ASP HD 124 43.84 -52.77 108.82
C ASP HD 124 42.92 -52.66 107.62
N PHE HD 125 41.88 -53.49 107.53
CA PHE HD 125 40.92 -53.33 106.45
C PHE HD 125 40.11 -52.05 106.60
N TRP HD 126 39.67 -51.71 107.81
CA TRP HD 126 38.88 -50.51 108.02
C TRP HD 126 39.73 -49.25 108.00
N LYS HD 127 40.91 -49.28 108.61
CA LYS HD 127 41.77 -48.11 108.72
C LYS HD 127 42.76 -48.03 107.55
N ALA HD 128 43.62 -49.04 107.39
CA ALA HD 128 44.60 -49.02 106.33
C ALA HD 128 44.03 -49.39 104.97
N GLN HD 129 42.79 -49.85 104.92
CA GLN HD 129 42.13 -50.24 103.66
C GLN HD 129 42.90 -51.38 102.99
N ALA HD 130 43.36 -52.32 103.82
CA ALA HD 130 44.25 -53.40 103.40
C ALA HD 130 43.47 -54.70 103.33
N LEU HD 131 43.31 -55.24 102.13
CA LEU HD 131 42.55 -56.46 101.93
C LEU HD 131 43.25 -57.68 102.51
N ALA HD 132 44.58 -57.71 102.45
CA ALA HD 132 45.31 -58.83 103.04
C ALA HD 132 46.55 -58.34 103.79
N ALA ID 1 13.87 -48.18 123.29
CA ALA ID 1 14.53 -48.48 122.03
C ALA ID 1 15.28 -47.26 121.52
N ILE ID 2 15.07 -46.92 120.24
CA ILE ID 2 15.66 -45.71 119.70
C ILE ID 2 14.85 -44.52 120.20
N ALA ID 3 15.36 -43.86 121.24
CA ALA ID 3 14.63 -42.78 121.90
C ALA ID 3 15.47 -42.20 123.04
N ASN ID 4 15.86 -43.06 123.99
CA ASN ID 4 16.67 -42.65 125.13
C ASN ID 4 17.79 -43.64 125.39
N SER ID 5 18.15 -44.41 124.37
CA SER ID 5 19.17 -45.45 124.54
C SER ID 5 20.53 -44.84 124.79
N SER ID 6 21.36 -45.57 125.54
CA SER ID 6 22.70 -45.12 125.91
C SER ID 6 23.72 -45.93 125.11
N ILE ID 7 24.74 -45.25 124.59
CA ILE ID 7 25.83 -45.87 123.85
C ILE ID 7 27.14 -45.42 124.47
N ALA ID 8 28.01 -46.37 124.80
CA ALA ID 8 29.27 -46.08 125.46
C ALA ID 8 30.31 -45.69 124.42
N ILE ID 9 30.52 -44.39 124.25
CA ILE ID 9 31.47 -43.87 123.27
C ILE ID 9 32.89 -44.14 123.74
N ASP ID 10 33.74 -44.59 122.81
CA ASP ID 10 35.15 -44.86 123.07
C ASP ID 10 35.33 -45.89 124.18
N SER ID 11 34.55 -46.97 124.09
CA SER ID 11 34.66 -48.10 124.99
C SER ID 11 35.36 -49.25 124.28
N THR ID 12 35.48 -50.37 124.98
CA THR ID 12 36.08 -51.59 124.44
C THR ID 12 35.01 -52.67 124.34
N ALA ID 13 34.84 -53.22 123.14
CA ALA ID 13 33.83 -54.25 122.88
C ALA ID 13 34.50 -55.61 122.77
N SER ID 14 33.97 -56.59 123.47
CA SER ID 14 34.52 -57.94 123.49
C SER ID 14 33.41 -58.95 123.24
N VAL ID 15 33.79 -60.22 123.23
CA VAL ID 15 32.90 -61.34 122.94
C VAL ID 15 33.21 -62.48 123.90
N THR ID 16 32.17 -63.13 124.39
CA THR ID 16 32.32 -64.32 125.23
C THR ID 16 31.41 -65.42 124.71
N GLY ID 17 31.81 -66.67 124.96
CA GLY ID 17 31.03 -67.79 124.49
C GLY ID 17 31.17 -67.99 122.99
N GLY ID 18 30.29 -68.84 122.46
CA GLY ID 18 30.23 -69.09 121.04
C GLY ID 18 31.28 -70.07 120.55
N THR ID 19 31.23 -70.31 119.24
CA THR ID 19 32.19 -71.15 118.55
C THR ID 19 33.08 -70.29 117.66
N ALA ID 20 34.38 -70.54 117.72
CA ALA ID 20 35.38 -69.77 116.98
C ALA ID 20 35.55 -70.40 115.60
N ARG ID 21 35.09 -69.69 114.58
CA ARG ID 21 35.29 -70.13 113.22
C ARG ID 21 36.43 -69.35 112.57
N THR ID 22 37.00 -69.93 111.51
CA THR ID 22 38.28 -69.44 110.99
C THR ID 22 38.10 -68.34 109.94
N VAL ID 23 37.07 -68.45 109.10
CA VAL ID 23 36.90 -67.59 107.92
C VAL ID 23 38.01 -67.94 106.93
N LYS ID 24 37.64 -68.32 105.71
CA LYS ID 24 38.59 -68.77 104.71
C LYS ID 24 38.33 -68.00 103.42
N GLU ID 25 39.40 -67.48 102.83
CA GLU ID 25 39.27 -66.71 101.60
C GLU ID 25 38.93 -67.63 100.43
N LEU ID 26 37.96 -67.22 99.62
CA LEU ID 26 37.60 -67.98 98.42
C LEU ID 26 38.28 -67.43 97.17
N VAL ID 27 37.97 -66.19 96.82
CA VAL ID 27 38.38 -65.60 95.55
C VAL ID 27 38.78 -64.15 95.83
N ARG ID 28 39.67 -63.64 94.99
CA ARG ID 28 40.19 -62.29 95.15
C ARG ID 28 39.91 -61.54 93.84
N ASN ID 29 40.52 -60.35 93.71
CA ASN ID 29 40.40 -59.49 92.54
C ASN ID 29 39.07 -58.76 92.47
N ASN ID 30 39.12 -57.47 92.23
CA ASN ID 30 40.32 -56.67 92.41
C ASN ID 30 39.89 -55.48 93.24
N SER ID 31 40.60 -55.26 94.34
CA SER ID 31 40.09 -54.43 95.44
C SER ID 31 38.77 -55.03 95.95
N GLU ID 32 38.73 -56.36 95.98
CA GLU ID 32 37.55 -57.10 96.42
C GLU ID 32 37.95 -58.50 96.90
N LEU ID 33 37.78 -58.77 98.19
CA LEU ID 33 38.03 -60.09 98.72
C LEU ID 33 36.70 -60.83 98.94
N ASN ID 34 36.75 -62.15 98.73
CA ASN ID 34 35.61 -63.01 99.02
C ASN ID 34 36.09 -64.13 99.94
N ALA ID 35 35.40 -64.29 101.07
CA ALA ID 35 35.76 -65.31 102.04
C ALA ID 35 34.50 -66.06 102.43
N TYR ID 36 34.64 -67.01 103.36
CA TYR ID 36 33.49 -67.71 103.90
C TYR ID 36 33.83 -68.18 105.30
N ILE ID 37 32.83 -68.18 106.18
CA ILE ID 37 33.01 -68.62 107.55
C ILE ID 37 32.79 -70.13 107.58
N ASP ID 38 33.85 -70.88 107.92
CA ASP ID 38 33.80 -72.33 107.88
C ASP ID 38 33.26 -72.87 109.20
N GLU ID 39 32.03 -73.39 109.17
CA GLU ID 39 31.40 -74.00 110.34
C GLU ID 39 31.02 -75.44 110.05
N GLY ID 40 31.71 -76.08 109.11
CA GLY ID 40 31.36 -77.42 108.70
C GLY ID 40 29.98 -77.53 108.09
N LEU ID 41 29.61 -76.57 107.26
CA LEU ID 41 28.32 -76.56 106.59
C LEU ID 41 28.50 -76.88 105.11
N SER ID 42 27.39 -77.10 104.42
CA SER ID 42 27.42 -77.43 103.01
C SER ID 42 27.74 -76.20 102.17
N PHE ID 43 27.93 -76.42 100.88
CA PHE ID 43 28.31 -75.35 99.97
C PHE ID 43 27.22 -74.30 99.82
N GLN ID 44 25.96 -74.71 99.90
CA GLN ID 44 24.86 -73.76 99.76
C GLN ID 44 24.44 -73.14 101.08
N ALA ID 45 24.97 -73.61 102.21
CA ALA ID 45 24.55 -73.15 103.52
C ALA ID 45 25.67 -72.43 104.26
N ARG ID 46 26.75 -72.07 103.55
CA ARG ID 46 27.87 -71.41 104.19
C ARG ID 46 27.68 -69.90 104.18
N LYS ID 47 28.35 -69.22 105.13
CA LYS ID 47 28.11 -67.82 105.42
C LYS ID 47 28.57 -66.88 104.30
N GLU ID 48 29.83 -66.95 103.89
CA GLU ID 48 30.35 -66.17 102.77
C GLU ID 48 30.30 -64.65 102.95
N VAL ID 49 31.16 -64.12 103.82
CA VAL ID 49 31.33 -62.67 103.97
C VAL ID 49 32.22 -62.16 102.84
N ALA ID 50 31.87 -61.00 102.29
CA ALA ID 50 32.64 -60.36 101.22
C ALA ID 50 33.24 -59.04 101.69
N PHE ID 51 34.39 -58.69 101.12
CA PHE ID 51 35.13 -57.50 101.49
C PHE ID 51 35.43 -56.66 100.25
N SER ID 52 35.02 -55.40 100.26
CA SER ID 52 35.24 -54.50 99.14
C SER ID 52 36.00 -53.27 99.62
N VAL ID 53 36.59 -52.55 98.68
CA VAL ID 53 37.42 -51.39 99.01
C VAL ID 53 37.41 -50.40 97.85
N LYS ID 54 37.23 -49.12 98.16
CA LYS ID 54 37.34 -48.03 97.20
C LYS ID 54 38.39 -47.06 97.74
N VAL ID 55 39.54 -47.01 97.06
CA VAL ID 55 40.65 -46.21 97.57
C VAL ID 55 40.34 -44.73 97.40
N PRO ID 56 40.94 -43.83 98.18
CA PRO ID 56 40.69 -42.40 97.99
C PRO ID 56 41.19 -41.93 96.63
N LYS ID 57 40.31 -41.24 95.91
CA LYS ID 57 40.60 -40.78 94.57
C LYS ID 57 40.86 -39.27 94.60
N VAL ID 58 41.85 -38.84 93.82
CA VAL ID 58 42.25 -37.43 93.85
C VAL ID 58 41.24 -36.60 93.08
N SER ID 59 40.29 -36.01 93.80
CA SER ID 59 39.32 -35.10 93.19
C SER ID 59 39.83 -33.67 93.31
N VAL ID 60 38.97 -32.69 93.02
CA VAL ID 60 39.34 -31.29 93.13
C VAL ID 60 38.38 -30.55 94.06
N SER ID 61 37.08 -30.67 93.77
CA SER ID 61 36.07 -29.92 94.50
C SER ID 61 35.51 -30.76 95.65
N ALA ID 62 36.40 -31.11 96.57
CA ALA ID 62 36.02 -31.89 97.74
C ALA ID 62 36.76 -31.38 98.97
N PRO ID 63 36.22 -31.56 100.16
CA PRO ID 63 36.98 -31.24 101.36
C PRO ID 63 38.26 -32.06 101.42
N GLY ID 64 39.34 -31.41 101.82
CA GLY ID 64 40.62 -32.08 101.92
C GLY ID 64 41.33 -32.20 100.58
N GLY ID 65 40.56 -32.39 99.51
CA GLY ID 65 41.10 -32.50 98.18
C GLY ID 65 40.72 -33.77 97.47
N PHE ID 66 40.71 -34.90 98.18
CA PHE ID 66 40.42 -36.18 97.56
C PHE ID 66 38.98 -36.60 97.87
N THR ID 67 38.53 -37.66 97.21
CA THR ID 67 37.29 -38.32 97.59
C THR ID 67 37.52 -39.18 98.83
N GLN ID 68 36.46 -39.82 99.29
CA GLN ID 68 36.52 -40.53 100.55
C GLN ID 68 37.00 -41.96 100.36
N ALA ID 69 37.55 -42.52 101.44
CA ALA ID 69 38.03 -43.91 101.45
C ALA ID 69 36.87 -44.81 101.85
N ARG ID 70 36.22 -45.41 100.85
CA ARG ID 70 35.12 -46.31 101.11
C ARG ID 70 35.65 -47.71 101.42
N SER ID 71 34.96 -48.40 102.35
CA SER ID 71 35.35 -49.74 102.76
C SER ID 71 34.07 -50.48 103.12
N THR ID 72 33.72 -51.49 102.32
CA THR ID 72 32.45 -52.19 102.47
C THR ID 72 32.68 -53.63 102.89
N VAL ID 73 31.78 -54.13 103.74
CA VAL ID 73 31.72 -55.54 104.11
C VAL ID 73 30.27 -55.97 103.96
N ILE ID 74 30.05 -57.10 103.29
CA ILE ID 74 28.73 -57.72 103.21
C ILE ID 74 28.83 -59.14 103.72
N LEU ID 75 28.08 -59.45 104.77
CA LEU ID 75 27.97 -60.81 105.27
C LEU ID 75 26.68 -61.40 104.69
N LYS ID 76 26.82 -62.47 103.91
CA LYS ID 76 25.68 -63.17 103.39
C LYS ID 76 25.28 -64.28 104.34
N SER ID 77 24.05 -64.76 104.21
CA SER ID 77 23.50 -65.74 105.15
C SER ID 77 22.42 -66.55 104.46
N PRO ID 78 22.73 -67.77 104.03
CA PRO ID 78 21.73 -68.59 103.34
C PRO ID 78 20.55 -68.92 104.25
N LYS ID 79 19.37 -69.05 103.64
CA LYS ID 79 18.19 -69.52 104.34
C LYS ID 79 17.27 -70.20 103.34
N THR ID 80 16.71 -71.34 103.74
CA THR ID 80 15.73 -72.04 102.92
C THR ID 80 14.33 -71.76 103.44
N LEU ID 81 13.38 -71.63 102.51
CA LEU ID 81 12.06 -71.13 102.83
C LEU ID 81 11.08 -72.28 103.07
N ALA ID 82 9.84 -71.92 103.42
CA ALA ID 82 8.80 -72.91 103.69
C ALA ID 82 8.26 -73.55 102.42
N ASN ID 83 8.55 -72.99 101.25
CA ASN ID 83 8.19 -73.58 99.97
C ASN ID 83 9.36 -74.31 99.33
N GLY ID 84 10.50 -74.41 100.00
CA GLY ID 84 11.67 -75.07 99.47
C GLY ID 84 12.61 -74.19 98.69
N ASN ID 85 12.22 -72.95 98.40
CA ASN ID 85 13.07 -72.04 97.66
C ASN ID 85 14.21 -71.53 98.53
N ARG ID 86 15.25 -70.99 97.88
CA ARG ID 86 16.49 -70.60 98.53
C ARG ID 86 16.64 -69.09 98.39
N THR ID 87 16.92 -68.42 99.51
CA THR ID 87 17.16 -66.98 99.53
C THR ID 87 18.38 -66.67 100.39
N VAL ID 88 18.78 -65.40 100.38
CA VAL ID 88 19.96 -64.95 101.11
C VAL ID 88 19.59 -63.73 101.95
N ASN ID 89 20.02 -63.73 103.21
CA ASN ID 89 19.95 -62.57 104.08
C ASN ID 89 21.32 -61.92 104.15
N THR ID 90 21.36 -60.59 104.17
CA THR ID 90 22.62 -59.87 104.11
C THR ID 90 22.72 -58.85 105.24
N VAL ID 91 23.96 -58.59 105.65
CA VAL ID 91 24.30 -57.43 106.47
C VAL ID 91 25.38 -56.66 105.74
N SER ID 92 25.08 -55.42 105.35
CA SER ID 92 26.04 -54.61 104.61
C SER ID 92 26.55 -53.48 105.48
N ILE ID 93 27.86 -53.42 105.66
CA ILE ID 93 28.52 -52.38 106.46
C ILE ID 93 29.45 -51.60 105.55
N GLN ID 94 29.23 -50.30 105.45
CA GLN ID 94 30.09 -49.42 104.67
C GLN ID 94 30.67 -48.34 105.58
N LEU ID 95 31.99 -48.17 105.54
CA LEU ID 95 32.68 -47.13 106.29
C LEU ID 95 33.20 -46.13 105.27
N SER ID 96 32.80 -44.88 105.44
CA SER ID 96 33.20 -43.79 104.55
C SER ID 96 33.87 -42.71 105.39
N VAL ID 97 35.18 -42.63 105.31
CA VAL ID 97 35.93 -41.59 106.00
C VAL ID 97 36.76 -40.81 104.99
N ASP ID 98 37.09 -39.57 105.34
CA ASP ID 98 38.04 -38.78 104.58
C ASP ID 98 39.45 -39.30 104.90
N PRO ID 99 40.37 -39.25 103.92
CA PRO ID 99 41.71 -39.81 104.17
C PRO ID 99 42.47 -39.11 105.28
N GLU ID 100 42.09 -37.88 105.63
CA GLU ID 100 42.73 -37.13 106.70
C GLU ID 100 42.36 -37.68 108.08
N THR ID 101 41.36 -38.56 108.16
CA THR ID 101 40.93 -39.13 109.42
C THR ID 101 42.03 -40.01 110.02
N THR ID 102 42.20 -39.90 111.33
CA THR ID 102 43.17 -40.72 112.06
C THR ID 102 42.57 -42.07 112.42
N ALA ID 103 43.44 -42.98 112.84
CA ALA ID 103 42.98 -44.31 113.21
C ALA ID 103 42.08 -44.28 114.43
N ALA ID 104 42.36 -43.37 115.37
CA ALA ID 104 41.58 -43.32 116.60
C ALA ID 104 40.17 -42.79 116.37
N GLU ID 105 39.98 -41.89 115.40
CA GLU ID 105 38.63 -41.45 115.07
C GLU ID 105 37.85 -42.54 114.36
N VAL ID 106 38.54 -43.41 113.63
CA VAL ID 106 37.87 -44.53 112.97
C VAL ID 106 37.50 -45.60 113.98
N THR ID 107 38.34 -45.79 114.99
CA THR ID 107 38.09 -46.74 116.06
C THR ID 107 36.85 -46.37 116.84
N THR ID 108 36.65 -45.07 117.07
CA THR ID 108 35.45 -44.60 117.76
C THR ID 108 34.19 -44.92 116.95
N MET ID 109 34.25 -44.70 115.64
CA MET ID 109 33.11 -44.93 114.77
C MET ID 109 32.71 -46.40 114.77
N LEU ID 110 33.70 -47.28 114.62
CA LEU ID 110 33.41 -48.70 114.54
C LEU ID 110 32.83 -49.23 115.84
N ASN ID 111 33.31 -48.71 116.97
CA ASN ID 111 32.76 -49.10 118.26
C ASN ID 111 31.33 -48.60 118.42
N ALA ID 112 31.07 -47.36 118.00
CA ALA ID 112 29.73 -46.82 118.07
C ALA ID 112 28.80 -47.57 117.13
N ALA ID 113 29.28 -47.90 115.93
CA ALA ID 113 28.46 -48.63 114.97
C ALA ID 113 28.28 -50.08 115.39
N ALA ID 114 29.29 -50.68 116.01
CA ALA ID 114 29.14 -52.04 116.51
C ALA ID 114 28.08 -52.11 117.60
N GLN ID 115 28.02 -51.09 118.45
CA GLN ID 115 27.04 -51.08 119.54
C GLN ID 115 25.62 -51.11 119.02
N LEU ID 116 25.33 -50.37 117.95
CA LEU ID 116 24.00 -50.43 117.34
C LEU ID 116 23.92 -51.62 116.39
N LEU ID 117 24.42 -52.75 116.88
CA LEU ID 117 24.23 -54.02 116.20
C LEU ID 117 23.86 -55.08 117.23
N PHE ID 118 24.38 -54.94 118.44
CA PHE ID 118 24.20 -55.94 119.48
C PHE ID 118 23.67 -55.38 120.80
N ASP ID 119 23.55 -54.07 120.94
CA ASP ID 119 22.98 -53.50 122.15
C ASP ID 119 21.52 -53.90 122.28
N SER ID 120 21.13 -54.28 123.50
CA SER ID 120 19.79 -54.82 123.72
C SER ID 120 18.71 -53.77 123.44
N ASP ID 121 19.08 -52.49 123.50
CA ASP ID 121 18.13 -51.41 123.23
C ASP ID 121 17.64 -51.46 121.79
N TYR ID 122 18.55 -51.72 120.85
CA TYR ID 122 18.17 -51.82 119.45
C TYR ID 122 17.98 -53.28 119.05
N SER ID 123 17.00 -53.96 119.63
CA SER ID 123 16.69 -55.32 119.23
C SER ID 123 15.38 -55.33 118.46
N ASP ID 124 14.37 -54.63 118.99
CA ASP ID 124 13.10 -54.53 118.30
C ASP ID 124 13.24 -53.80 116.97
N PHE ID 125 14.27 -52.97 116.82
CA PHE ID 125 14.50 -52.30 115.55
C PHE ID 125 14.97 -53.24 114.46
N TRP ID 126 15.82 -54.21 114.79
CA TRP ID 126 16.37 -55.11 113.77
C TRP ID 126 15.41 -56.28 113.49
N LYS ID 127 14.91 -56.91 114.54
CA LYS ID 127 14.09 -58.11 114.36
C LYS ID 127 12.62 -57.75 114.14
N ALA ID 128 12.05 -56.96 115.05
CA ALA ID 128 10.66 -56.56 114.91
C ALA ID 128 10.47 -55.44 113.92
N GLN ID 129 11.56 -54.84 113.44
CA GLN ID 129 11.51 -53.69 112.54
C GLN ID 129 10.70 -52.54 113.15
N ALA ID 130 10.84 -52.37 114.45
CA ALA ID 130 10.05 -51.40 115.23
C ALA ID 130 10.87 -50.15 115.44
N LEU ID 131 10.51 -49.08 114.73
CA LEU ID 131 11.22 -47.81 114.83
C LEU ID 131 11.05 -47.19 116.21
N ALA ID 132 10.04 -47.62 116.96
CA ALA ID 132 9.84 -47.13 118.32
C ALA ID 132 9.19 -48.19 119.21
N ALA JD 1 2.76 0.43 131.93
CA ALA JD 1 2.61 0.17 130.49
C ALA JD 1 3.95 -0.21 129.87
N ILE JD 2 4.02 -0.13 128.54
CA ILE JD 2 5.23 -0.54 127.83
C ILE JD 2 6.42 0.33 128.22
N ALA JD 3 6.22 1.65 128.25
CA ALA JD 3 7.30 2.55 128.62
C ALA JD 3 7.66 2.38 130.09
N ASN JD 4 8.96 2.25 130.35
CA ASN JD 4 9.50 2.08 131.71
C ASN JD 4 8.97 0.82 132.38
N SER JD 5 8.66 -0.19 131.57
CA SER JD 5 8.31 -1.51 132.09
C SER JD 5 9.58 -2.26 132.45
N SER JD 6 9.52 -3.04 133.52
CA SER JD 6 10.69 -3.77 134.00
C SER JD 6 10.55 -5.25 133.69
N ILE JD 7 11.62 -5.85 133.18
CA ILE JD 7 11.70 -7.27 132.89
C ILE JD 7 12.88 -7.84 133.66
N ALA JD 8 12.67 -8.94 134.37
CA ALA JD 8 13.72 -9.58 135.15
C ALA JD 8 14.45 -10.56 134.24
N ILE JD 9 15.68 -10.22 133.87
CA ILE JD 9 16.48 -11.02 132.95
C ILE JD 9 17.12 -12.18 133.71
N ASP JD 10 17.18 -13.34 133.06
CA ASP JD 10 17.78 -14.56 133.61
C ASP JD 10 17.09 -14.96 134.91
N SER JD 11 15.81 -15.29 134.76
CA SER JD 11 14.94 -15.51 135.90
C SER JD 11 14.22 -16.85 135.74
N THR JD 12 13.90 -17.46 136.87
CA THR JD 12 13.07 -18.65 136.85
C THR JD 12 11.61 -18.24 136.80
N ALA JD 13 10.86 -18.84 135.87
CA ALA JD 13 9.45 -18.56 135.68
C ALA JD 13 8.66 -19.74 136.25
N SER JD 14 7.96 -19.50 137.35
CA SER JD 14 7.10 -20.52 137.93
C SER JD 14 5.68 -20.35 137.41
N VAL JD 15 4.78 -21.20 137.90
CA VAL JD 15 3.37 -21.11 137.54
C VAL JD 15 2.55 -21.85 138.61
N THR JD 16 1.52 -21.19 139.14
CA THR JD 16 0.68 -21.79 140.17
C THR JD 16 -0.76 -21.36 139.93
N GLY JD 17 -1.49 -22.12 139.12
CA GLY JD 17 -2.91 -21.89 138.98
C GLY JD 17 -3.78 -23.13 139.10
N GLY JD 18 -3.16 -24.30 138.93
CA GLY JD 18 -3.92 -25.53 138.89
C GLY JD 18 -4.43 -25.86 137.50
N THR JD 19 -5.42 -26.74 137.42
CA THR JD 19 -6.02 -27.18 136.15
C THR JD 19 -4.95 -27.76 135.22
N ALA JD 20 -4.32 -28.84 135.69
CA ALA JD 20 -3.22 -29.47 134.96
C ALA JD 20 -3.74 -30.27 133.78
N ARG JD 21 -3.84 -29.64 132.62
CA ARG JD 21 -4.27 -30.29 131.41
C ARG JD 21 -3.14 -31.13 130.83
N THR JD 22 -3.43 -31.81 129.71
CA THR JD 22 -2.47 -32.70 129.08
C THR JD 22 -2.46 -32.44 127.58
N VAL JD 23 -1.27 -32.28 127.03
CA VAL JD 23 -1.10 -32.11 125.60
C VAL JD 23 -1.03 -33.50 124.95
N LYS JD 24 -1.97 -33.78 124.06
CA LYS JD 24 -1.99 -35.04 123.31
C LYS JD 24 -1.79 -34.74 121.84
N GLU JD 25 -0.88 -35.48 121.20
CA GLU JD 25 -0.61 -35.22 119.80
C GLU JD 25 -1.67 -35.86 118.93
N LEU JD 26 -1.91 -35.25 117.76
CA LEU JD 26 -2.91 -35.72 116.83
C LEU JD 26 -2.26 -36.31 115.58
N VAL JD 27 -1.48 -35.53 114.85
CA VAL JD 27 -0.83 -35.97 113.63
C VAL JD 27 0.61 -35.47 113.64
N ARG JD 28 1.33 -35.75 112.56
CA ARG JD 28 2.72 -35.31 112.45
C ARG JD 28 3.04 -34.56 111.18
N ASN JD 29 2.42 -34.93 110.05
CA ASN JD 29 2.80 -34.50 108.70
C ASN JD 29 4.27 -34.09 108.55
N ASN JD 30 4.53 -33.07 107.74
CA ASN JD 30 5.89 -32.78 107.28
C ASN JD 30 6.62 -31.93 108.31
N SER JD 31 7.50 -32.56 109.08
CA SER JD 31 8.37 -31.88 110.04
C SER JD 31 7.57 -30.96 110.95
N GLU JD 32 6.41 -31.45 111.38
CA GLU JD 32 5.48 -30.68 112.19
C GLU JD 32 4.96 -31.60 113.28
N LEU JD 33 4.17 -31.05 114.20
CA LEU JD 33 3.55 -31.86 115.24
C LEU JD 33 2.28 -31.18 115.73
N ASN JD 34 1.14 -31.65 115.27
CA ASN JD 34 -0.13 -31.05 115.66
C ASN JD 34 -0.69 -31.79 116.87
N ALA JD 35 -0.86 -31.08 117.97
CA ALA JD 35 -1.39 -31.64 119.20
C ALA JD 35 -2.66 -30.88 119.59
N TYR JD 36 -3.20 -31.21 120.76
CA TYR JD 36 -4.36 -30.51 121.29
C TYR JD 36 -4.36 -30.65 122.80
N ILE JD 37 -4.97 -29.69 123.48
CA ILE JD 37 -5.02 -29.69 124.94
C ILE JD 37 -6.30 -30.38 125.37
N ASP JD 38 -6.18 -31.40 126.22
CA ASP JD 38 -7.31 -32.23 126.62
C ASP JD 38 -8.00 -31.59 127.82
N GLU JD 39 -9.01 -30.78 127.52
CA GLU JD 39 -9.83 -30.14 128.55
C GLU JD 39 -11.27 -30.62 128.56
N GLY JD 40 -11.60 -31.63 127.78
CA GLY JD 40 -12.92 -32.19 127.74
C GLY JD 40 -13.96 -31.43 126.94
N LEU JD 41 -13.54 -30.47 126.12
CA LEU JD 41 -14.49 -29.72 125.30
C LEU JD 41 -14.90 -30.54 124.08
N SER JD 42 -15.64 -29.91 123.18
CA SER JD 42 -16.09 -30.58 121.97
C SER JD 42 -14.92 -30.84 121.04
N PHE JD 43 -15.22 -31.56 119.95
CA PHE JD 43 -14.17 -31.94 119.00
C PHE JD 43 -13.67 -30.74 118.24
N GLN JD 44 -14.57 -29.92 117.72
CA GLN JD 44 -14.20 -28.72 116.98
C GLN JD 44 -14.27 -27.46 117.84
N ALA JD 45 -14.09 -27.63 119.16
CA ALA JD 45 -13.99 -26.48 120.05
C ALA JD 45 -12.78 -26.61 120.99
N ARG JD 46 -11.89 -27.56 120.75
CA ARG JD 46 -10.73 -27.77 121.61
C ARG JD 46 -9.58 -26.88 121.19
N LYS JD 47 -8.60 -26.72 122.07
CA LYS JD 47 -7.42 -25.91 121.76
C LYS JD 47 -6.35 -26.81 121.19
N GLU JD 48 -6.00 -26.59 119.92
CA GLU JD 48 -4.93 -27.36 119.26
C GLU JD 48 -3.70 -26.46 119.17
N VAL JD 49 -2.56 -26.97 119.65
CA VAL JD 49 -1.31 -26.25 119.52
C VAL JD 49 -0.38 -27.03 118.59
N ALA JD 50 0.14 -26.35 117.58
CA ALA JD 50 1.01 -26.96 116.58
C ALA JD 50 2.47 -26.59 116.82
N PHE JD 51 3.36 -27.55 116.54
CA PHE JD 51 4.79 -27.38 116.68
C PHE JD 51 5.46 -27.65 115.34
N SER JD 52 6.53 -26.92 115.03
CA SER JD 52 7.23 -27.11 113.77
C SER JD 52 8.68 -26.70 113.91
N VAL JD 53 9.55 -27.34 113.12
CA VAL JD 53 10.98 -27.06 113.14
C VAL JD 53 11.46 -26.81 111.72
N LYS JD 54 12.52 -26.01 111.60
CA LYS JD 54 13.08 -25.60 110.31
C LYS JD 54 14.61 -25.66 110.38
N VAL JD 55 15.13 -26.83 110.76
CA VAL JD 55 16.56 -27.06 111.04
C VAL JD 55 17.47 -26.40 110.02
N PRO JD 56 18.65 -25.94 110.44
CA PRO JD 56 19.51 -25.14 109.56
C PRO JD 56 20.00 -25.92 108.34
N LYS JD 57 20.23 -25.18 107.26
CA LYS JD 57 20.66 -25.74 105.99
C LYS JD 57 21.93 -25.04 105.56
N VAL JD 58 22.97 -25.82 105.22
CA VAL JD 58 24.28 -25.27 104.91
C VAL JD 58 24.19 -24.37 103.69
N SER JD 59 24.44 -23.08 103.88
CA SER JD 59 24.35 -22.09 102.82
C SER JD 59 25.75 -21.56 102.48
N VAL JD 60 25.81 -20.66 101.50
CA VAL JD 60 27.02 -19.90 101.19
C VAL JD 60 26.94 -18.48 101.75
N SER JD 61 25.73 -17.92 101.79
CA SER JD 61 25.36 -16.69 102.46
C SER JD 61 25.25 -16.98 103.96
N ALA JD 62 24.49 -16.15 104.69
CA ALA JD 62 24.31 -16.34 106.13
C ALA JD 62 25.62 -16.12 106.88
N PRO JD 63 25.97 -14.87 107.15
CA PRO JD 63 27.31 -14.56 107.66
C PRO JD 63 27.54 -15.15 109.04
N GLY JD 64 28.04 -16.39 109.02
CA GLY JD 64 28.02 -17.30 110.14
C GLY JD 64 27.94 -18.72 109.62
N GLY JD 65 27.62 -18.84 108.34
CA GLY JD 65 27.76 -20.09 107.62
C GLY JD 65 26.49 -20.69 107.06
N PHE JD 66 25.41 -20.69 107.84
CA PHE JD 66 24.16 -21.28 107.40
C PHE JD 66 22.98 -20.68 108.16
N THR JD 67 21.79 -20.92 107.63
CA THR JD 67 20.56 -20.29 108.09
C THR JD 67 20.27 -20.64 109.55
N GLN JD 68 19.34 -19.89 110.14
CA GLN JD 68 19.02 -20.01 111.54
C GLN JD 68 18.13 -21.22 111.82
N ALA JD 69 17.98 -21.53 113.10
CA ALA JD 69 17.16 -22.64 113.55
C ALA JD 69 15.87 -22.10 114.15
N ARG JD 70 14.82 -22.02 113.34
CA ARG JD 70 13.54 -21.50 113.78
C ARG JD 70 12.64 -22.62 114.32
N SER JD 71 11.93 -22.30 115.41
CA SER JD 71 10.97 -23.23 116.02
C SER JD 71 9.67 -22.44 116.20
N THR JD 72 8.58 -22.96 115.64
CA THR JD 72 7.30 -22.26 115.70
C THR JD 72 6.30 -23.00 116.57
N VAL JD 73 5.47 -22.23 117.28
CA VAL JD 73 4.37 -22.77 118.08
C VAL JD 73 3.15 -21.91 117.88
N ILE JD 74 2.11 -22.46 117.28
CA ILE JD 74 0.83 -21.77 117.11
C ILE JD 74 -0.20 -22.43 118.01
N LEU JD 75 -0.83 -21.63 118.87
CA LEU JD 75 -1.86 -22.11 119.79
C LEU JD 75 -3.19 -21.59 119.26
N LYS JD 76 -4.05 -22.51 118.82
CA LYS JD 76 -5.33 -22.14 118.26
C LYS JD 76 -6.43 -22.32 119.31
N SER JD 77 -7.05 -21.22 119.71
CA SER JD 77 -8.13 -21.24 120.69
C SER JD 77 -9.42 -20.83 119.99
N PRO JD 78 -10.32 -21.77 119.69
CA PRO JD 78 -11.53 -21.41 118.96
C PRO JD 78 -12.52 -20.68 119.84
N LYS JD 79 -13.39 -19.88 119.22
CA LYS JD 79 -14.37 -19.07 119.93
C LYS JD 79 -15.64 -18.96 119.12
N THR JD 80 -16.78 -19.11 119.79
CA THR JD 80 -18.09 -18.93 119.17
C THR JD 80 -18.55 -17.50 119.42
N LEU JD 81 -18.80 -16.77 118.34
CA LEU JD 81 -19.20 -15.38 118.45
C LEU JD 81 -20.69 -15.25 118.73
N ALA JD 82 -21.10 -14.05 119.14
CA ALA JD 82 -22.51 -13.80 119.45
C ALA JD 82 -23.37 -13.92 118.20
N ASN JD 83 -22.87 -13.50 117.05
CA ASN JD 83 -23.63 -13.63 115.81
C ASN JD 83 -23.90 -15.09 115.48
N GLY JD 84 -23.15 -16.01 116.08
CA GLY JD 84 -23.43 -17.42 115.91
C GLY JD 84 -22.31 -18.17 115.22
N ASN JD 85 -21.56 -17.47 114.37
CA ASN JD 85 -20.48 -18.10 113.63
C ASN JD 85 -19.31 -18.41 114.55
N ARG JD 86 -18.25 -18.96 113.96
CA ARG JD 86 -17.09 -19.45 114.68
C ARG JD 86 -15.83 -18.85 114.10
N THR JD 87 -14.87 -18.59 114.99
CA THR JD 87 -13.58 -18.03 114.60
C THR JD 87 -12.54 -18.63 115.55
N VAL JD 88 -11.28 -18.55 115.15
CA VAL JD 88 -10.18 -19.08 115.95
C VAL JD 88 -9.27 -17.94 116.36
N ASN JD 89 -8.90 -17.89 117.63
CA ASN JD 89 -7.98 -16.90 118.18
C ASN JD 89 -6.62 -17.59 118.34
N THR JD 90 -5.62 -17.08 117.64
CA THR JD 90 -4.33 -17.76 117.56
C THR JD 90 -3.23 -16.98 118.29
N VAL JD 91 -2.26 -17.72 118.80
CA VAL JD 91 -1.07 -17.14 119.41
C VAL JD 91 0.17 -17.83 118.85
N SER JD 92 0.81 -17.22 117.86
CA SER JD 92 1.99 -17.83 117.25
C SER JD 92 3.26 -17.32 117.92
N ILE JD 93 4.26 -18.19 117.98
CA ILE JD 93 5.55 -17.88 118.58
C ILE JD 93 6.65 -18.50 117.73
N GLN JD 94 7.68 -17.72 117.41
CA GLN JD 94 8.79 -18.20 116.59
C GLN JD 94 10.12 -17.85 117.23
N LEU JD 95 11.12 -18.70 117.00
CA LEU JD 95 12.43 -18.62 117.64
C LEU JD 95 13.54 -18.75 116.58
N SER JD 96 13.47 -17.92 115.54
CA SER JD 96 14.49 -17.94 114.49
C SER JD 96 15.81 -17.43 115.08
N VAL JD 97 16.65 -18.37 115.52
CA VAL JD 97 17.93 -18.05 116.12
C VAL JD 97 19.03 -18.82 115.40
N ASP JD 98 20.23 -18.23 115.42
CA ASP JD 98 21.34 -18.77 114.65
C ASP JD 98 21.86 -20.06 115.30
N PRO JD 99 22.21 -21.07 114.51
CA PRO JD 99 22.54 -22.38 115.08
C PRO JD 99 23.77 -22.40 115.98
N GLU JD 100 24.65 -21.42 115.90
CA GLU JD 100 25.79 -21.34 116.80
C GLU JD 100 25.41 -20.91 118.21
N THR JD 101 24.15 -20.57 118.43
CA THR JD 101 23.69 -20.06 119.71
C THR JD 101 23.81 -21.12 120.80
N THR JD 102 24.30 -20.71 121.96
CA THR JD 102 24.34 -21.59 123.11
C THR JD 102 22.96 -21.72 123.73
N ALA JD 103 22.77 -22.80 124.49
CA ALA JD 103 21.49 -23.04 125.14
C ALA JD 103 21.25 -22.13 126.33
N ALA JD 104 22.29 -21.46 126.83
CA ALA JD 104 22.10 -20.53 127.95
C ALA JD 104 21.42 -19.26 127.49
N GLU JD 105 21.83 -18.73 126.34
CA GLU JD 105 21.22 -17.51 125.83
C GLU JD 105 19.81 -17.78 125.31
N VAL JD 106 19.57 -18.96 124.74
CA VAL JD 106 18.22 -19.34 124.34
C VAL JD 106 17.30 -19.37 125.54
N THR JD 107 17.76 -19.95 126.65
CA THR JD 107 16.97 -19.94 127.87
C THR JD 107 16.74 -18.52 128.37
N THR JD 108 17.77 -17.66 128.26
CA THR JD 108 17.60 -16.25 128.57
C THR JD 108 16.58 -15.61 127.65
N MET JD 109 16.66 -15.92 126.35
CA MET JD 109 15.74 -15.37 125.37
C MET JD 109 14.32 -15.82 125.64
N LEU JD 110 14.14 -17.10 125.96
CA LEU JD 110 12.81 -17.64 126.19
C LEU JD 110 12.17 -17.04 127.43
N ASN JD 111 12.97 -16.86 128.49
CA ASN JD 111 12.44 -16.27 129.72
C ASN JD 111 12.06 -14.81 129.52
N ALA JD 112 12.92 -14.05 128.82
CA ALA JD 112 12.61 -12.66 128.55
C ALA JD 112 11.36 -12.52 127.70
N ALA JD 113 11.26 -13.35 126.65
CA ALA JD 113 10.07 -13.37 125.81
C ALA JD 113 8.83 -13.84 126.57
N ALA JD 114 8.95 -14.88 127.40
CA ALA JD 114 7.80 -15.36 128.16
C ALA JD 114 7.51 -14.49 129.37
N GLN JD 115 8.44 -13.63 129.78
CA GLN JD 115 8.13 -12.65 130.82
C GLN JD 115 7.16 -11.59 130.32
N LEU JD 116 7.16 -11.33 129.01
CA LEU JD 116 6.03 -10.69 128.37
C LEU JD 116 4.88 -11.69 128.32
N LEU JD 117 3.70 -11.22 127.94
CA LEU JD 117 2.47 -12.03 127.84
C LEU JD 117 1.88 -12.38 129.20
N PHE JD 118 2.60 -12.13 130.30
CA PHE JD 118 1.94 -12.32 131.59
C PHE JD 118 2.32 -11.24 132.57
N ASP JD 119 3.24 -10.36 132.18
CA ASP JD 119 3.55 -9.20 133.01
C ASP JD 119 2.38 -8.23 133.00
N SER JD 120 2.17 -7.57 134.14
CA SER JD 120 1.07 -6.63 134.27
C SER JD 120 1.23 -5.40 133.39
N ASP JD 121 2.47 -5.01 133.09
CA ASP JD 121 2.70 -3.81 132.30
C ASP JD 121 2.13 -3.94 130.89
N TYR JD 122 2.17 -5.13 130.33
CA TYR JD 122 1.74 -5.35 128.96
C TYR JD 122 0.31 -5.86 128.84
N SER JD 123 -0.43 -5.89 129.95
CA SER JD 123 -1.83 -6.32 129.94
C SER JD 123 -2.66 -5.51 128.95
N ASP JD 124 -2.52 -4.19 128.98
CA ASP JD 124 -3.32 -3.34 128.11
C ASP JD 124 -2.88 -3.46 126.65
N PHE JD 125 -1.57 -3.69 126.43
CA PHE JD 125 -1.08 -3.88 125.07
C PHE JD 125 -1.66 -5.13 124.44
N TRP JD 126 -1.65 -6.24 125.18
CA TRP JD 126 -2.19 -7.48 124.65
C TRP JD 126 -3.71 -7.43 124.54
N LYS JD 127 -4.39 -6.73 125.44
CA LYS JD 127 -5.86 -6.76 125.48
C LYS JD 127 -6.46 -5.59 124.71
N ALA JD 128 -6.10 -4.35 125.02
CA ALA JD 128 -6.68 -3.18 124.39
C ALA JD 128 -5.83 -2.61 123.26
N GLN JD 129 -4.68 -3.23 122.97
CA GLN JD 129 -3.75 -2.74 121.95
C GLN JD 129 -3.23 -1.35 122.28
N ALA JD 130 -3.07 -1.08 123.57
CA ALA JD 130 -2.58 0.22 124.03
C ALA JD 130 -1.06 0.25 123.88
N LEU JD 131 -0.61 0.66 122.70
CA LEU JD 131 0.81 0.83 122.43
C LEU JD 131 1.39 1.89 123.34
N ALA JD 132 0.90 3.12 123.21
CA ALA JD 132 1.29 4.19 124.11
C ALA JD 132 0.38 4.16 125.33
N ALA KD 1 113.26 46.34 -44.29
CA ALA KD 1 114.23 46.31 -45.36
C ALA KD 1 114.07 45.05 -46.19
N ILE KD 2 112.90 44.43 -46.07
CA ILE KD 2 112.50 43.37 -46.99
C ILE KD 2 111.90 44.05 -48.21
N ALA KD 3 112.74 44.40 -49.17
CA ALA KD 3 112.29 45.12 -50.35
C ALA KD 3 113.29 44.87 -51.47
N ASN KD 4 114.24 45.78 -51.64
CA ASN KD 4 115.37 45.50 -52.51
C ASN KD 4 116.56 45.06 -51.67
N SER KD 5 116.43 43.91 -51.00
CA SER KD 5 117.51 43.35 -50.20
C SER KD 5 118.52 42.64 -51.09
N SER KD 6 119.37 41.81 -50.50
CA SER KD 6 120.31 41.03 -51.31
C SER KD 6 120.65 39.75 -50.56
N ILE KD 7 120.68 38.65 -51.30
CA ILE KD 7 120.99 37.33 -50.74
C ILE KD 7 121.80 36.54 -51.74
N ALA KD 8 122.89 35.94 -51.30
CA ALA KD 8 123.72 35.12 -52.17
C ALA KD 8 123.13 33.72 -52.28
N ILE KD 9 122.95 33.25 -53.50
CA ILE KD 9 122.36 31.94 -53.75
C ILE KD 9 123.45 30.99 -54.23
N ASP KD 10 123.44 29.77 -53.68
CA ASP KD 10 124.47 28.77 -53.94
C ASP KD 10 125.84 29.27 -53.49
N SER KD 11 125.95 29.56 -52.20
CA SER KD 11 127.15 30.11 -51.60
C SER KD 11 127.46 29.39 -50.29
N THR KD 12 128.74 29.42 -49.91
CA THR KD 12 129.18 28.82 -48.66
C THR KD 12 129.10 29.84 -47.52
N ALA KD 13 128.63 29.39 -46.37
CA ALA KD 13 128.49 30.22 -45.19
C ALA KD 13 129.50 29.81 -44.13
N SER KD 14 130.06 30.79 -43.44
CA SER KD 14 131.11 30.55 -42.46
C SER KD 14 130.79 31.31 -41.18
N VAL KD 15 131.54 30.98 -40.13
CA VAL KD 15 131.36 31.57 -38.81
C VAL KD 15 132.74 31.87 -38.24
N THR KD 16 132.89 33.07 -37.69
CA THR KD 16 134.13 33.50 -37.05
C THR KD 16 133.83 33.99 -35.63
N GLY KD 17 134.80 33.80 -34.74
CA GLY KD 17 134.67 34.28 -33.38
C GLY KD 17 133.70 33.44 -32.58
N GLY KD 18 133.12 34.07 -31.56
CA GLY KD 18 132.22 33.37 -30.66
C GLY KD 18 132.95 32.42 -29.74
N THR KD 19 132.16 31.54 -29.11
CA THR KD 19 132.69 30.56 -28.17
C THR KD 19 132.12 29.20 -28.55
N ALA KD 20 132.97 28.31 -29.05
CA ALA KD 20 132.56 26.97 -29.45
C ALA KD 20 132.00 26.19 -28.29
N ARG KD 21 130.70 25.91 -28.32
CA ARG KD 21 130.02 25.11 -27.32
C ARG KD 21 129.93 23.67 -27.80
N THR KD 22 129.15 22.84 -27.11
CA THR KD 22 128.99 21.44 -27.49
C THR KD 22 127.53 21.05 -27.28
N VAL KD 23 126.98 20.33 -28.24
CA VAL KD 23 125.57 19.89 -28.17
C VAL KD 23 125.58 18.52 -27.52
N LYS KD 24 125.16 18.48 -26.26
CA LYS KD 24 125.10 17.21 -25.52
C LYS KD 24 123.73 16.57 -25.69
N GLU KD 25 123.72 15.28 -26.01
CA GLU KD 25 122.49 14.58 -26.32
C GLU KD 25 121.88 13.99 -25.05
N LEU KD 26 120.56 14.14 -24.91
CA LEU KD 26 119.88 13.78 -23.68
C LEU KD 26 119.04 12.54 -23.92
N VAL KD 27 118.07 12.59 -24.84
CA VAL KD 27 117.15 11.48 -25.07
C VAL KD 27 116.88 11.38 -26.56
N ARG KD 28 116.94 10.17 -27.10
CA ARG KD 28 116.60 9.89 -28.49
C ARG KD 28 115.47 8.85 -28.49
N ASN KD 29 114.30 9.26 -28.96
CA ASN KD 29 113.14 8.37 -28.99
C ASN KD 29 112.02 9.06 -29.76
N ASN KD 30 111.08 8.24 -30.23
CA ASN KD 30 109.86 8.71 -30.89
C ASN KD 30 110.18 9.66 -32.04
N SER KD 31 111.21 9.32 -32.82
CA SER KD 31 111.65 10.13 -33.96
C SER KD 31 112.15 11.50 -33.53
N GLU KD 32 112.48 11.64 -32.25
CA GLU KD 32 112.92 12.89 -31.66
C GLU KD 32 114.27 12.71 -30.99
N LEU KD 33 115.11 13.74 -31.03
CA LEU KD 33 116.40 13.75 -30.33
C LEU KD 33 116.44 15.03 -29.48
N ASN KD 34 116.23 14.85 -28.18
CA ASN KD 34 116.36 15.96 -27.25
C ASN KD 34 117.82 16.13 -26.85
N ALA KD 35 118.31 17.37 -26.93
CA ALA KD 35 119.69 17.68 -26.61
C ALA KD 35 119.74 19.04 -25.92
N TYR KD 36 120.94 19.47 -25.55
CA TYR KD 36 121.13 20.76 -24.91
C TYR KD 36 122.53 21.27 -25.22
N ILE KD 37 122.65 22.58 -25.32
CA ILE KD 37 123.94 23.22 -25.57
C ILE KD 37 124.61 23.48 -24.23
N ASP KD 38 125.88 23.08 -24.12
CA ASP KD 38 126.61 23.13 -22.87
C ASP KD 38 127.38 24.46 -22.85
N GLU KD 39 126.87 25.42 -22.08
CA GLU KD 39 127.56 26.69 -21.87
C GLU KD 39 127.97 26.87 -20.41
N GLY KD 40 127.89 25.82 -19.60
CA GLY KD 40 128.18 25.94 -18.19
C GLY KD 40 127.17 26.79 -17.45
N LEU KD 41 125.89 26.54 -17.73
CA LEU KD 41 124.79 27.27 -17.12
C LEU KD 41 124.02 26.32 -16.20
N SER KD 42 122.97 26.86 -15.57
CA SER KD 42 122.13 26.08 -14.69
C SER KD 42 121.07 25.35 -15.50
N PHE KD 43 120.43 24.35 -14.89
CA PHE KD 43 119.41 23.58 -15.58
C PHE KD 43 118.21 24.42 -15.99
N GLN KD 44 117.80 25.37 -15.16
CA GLN KD 44 116.69 26.26 -15.50
C GLN KD 44 116.99 27.21 -16.64
N ALA KD 45 118.26 27.47 -16.93
CA ALA KD 45 118.63 28.30 -18.07
C ALA KD 45 119.66 27.52 -18.90
N ARG KD 46 119.15 26.66 -19.78
CA ARG KD 46 119.97 25.88 -20.68
C ARG KD 46 119.71 26.35 -22.12
N LYS KD 47 120.19 25.68 -23.15
CA LYS KD 47 119.87 26.01 -24.53
C LYS KD 47 119.37 24.77 -25.24
N GLU KD 48 118.39 24.10 -24.63
CA GLU KD 48 117.85 22.86 -25.18
C GLU KD 48 117.44 23.02 -26.64
N VAL KD 49 117.82 22.05 -27.47
CA VAL KD 49 117.45 22.02 -28.87
C VAL KD 49 116.93 20.62 -29.19
N ALA KD 50 115.78 20.56 -29.86
CA ALA KD 50 115.12 19.30 -30.18
C ALA KD 50 115.13 19.05 -31.68
N PHE KD 51 115.64 17.89 -32.08
CA PHE KD 51 115.70 17.46 -33.47
C PHE KD 51 114.65 16.37 -33.68
N SER KD 52 113.80 16.56 -34.69
CA SER KD 52 112.76 15.59 -35.00
C SER KD 52 112.73 15.34 -36.50
N VAL KD 53 112.33 14.13 -36.87
CA VAL KD 53 112.30 13.70 -38.26
C VAL KD 53 110.95 13.05 -38.55
N LYS KD 54 110.39 13.39 -39.73
CA LYS KD 54 109.11 12.88 -40.19
C LYS KD 54 109.32 12.25 -41.58
N VAL KD 55 109.53 10.93 -41.60
CA VAL KD 55 109.85 10.21 -42.83
C VAL KD 55 108.62 10.13 -43.73
N PRO KD 56 108.80 10.09 -45.05
CA PRO KD 56 107.65 10.05 -45.96
C PRO KD 56 106.96 8.69 -45.97
N LYS KD 57 105.66 8.71 -46.24
CA LYS KD 57 104.86 7.51 -46.40
C LYS KD 57 104.15 7.55 -47.76
N VAL KD 58 103.79 6.35 -48.25
CA VAL KD 58 103.15 6.25 -49.55
C VAL KD 58 101.77 6.89 -49.50
N SER KD 59 101.38 7.52 -50.61
CA SER KD 59 100.08 8.17 -50.71
C SER KD 59 99.52 7.96 -52.11
N VAL KD 60 98.31 8.47 -52.34
CA VAL KD 60 97.73 8.50 -53.67
C VAL KD 60 97.66 9.92 -54.23
N SER KD 61 97.42 10.91 -53.37
CA SER KD 61 97.61 12.32 -53.65
C SER KD 61 99.09 12.63 -53.51
N ALA KD 62 99.43 13.92 -53.31
CA ALA KD 62 100.83 14.31 -53.15
C ALA KD 62 101.60 14.00 -54.42
N PRO KD 63 101.54 14.89 -55.42
CA PRO KD 63 101.78 14.50 -56.81
C PRO KD 63 103.18 13.99 -57.06
N GLY KD 64 103.34 12.69 -56.85
CA GLY KD 64 104.63 12.04 -56.77
C GLY KD 64 104.56 10.84 -55.86
N GLY KD 65 103.43 10.69 -55.18
CA GLY KD 65 103.12 9.44 -54.50
C GLY KD 65 103.42 9.41 -53.02
N PHE KD 66 104.32 10.28 -52.57
CA PHE KD 66 104.73 10.29 -51.18
C PHE KD 66 104.50 11.67 -50.57
N THR KD 67 104.27 11.66 -49.26
CA THR KD 67 104.27 12.89 -48.48
C THR KD 67 105.70 13.42 -48.38
N GLN KD 68 105.82 14.68 -47.98
CA GLN KD 68 107.12 15.30 -47.92
C GLN KD 68 107.90 14.81 -46.69
N ALA KD 69 109.22 14.86 -46.80
CA ALA KD 69 110.10 14.49 -45.69
C ALA KD 69 110.38 15.74 -44.86
N ARG KD 70 109.90 15.73 -43.61
CA ARG KD 70 110.01 16.90 -42.75
C ARG KD 70 111.10 16.71 -41.71
N SER KD 71 111.92 17.75 -41.52
CA SER KD 71 112.99 17.77 -40.53
C SER KD 71 112.85 19.07 -39.74
N THR KD 72 112.59 18.95 -38.45
CA THR KD 72 112.31 20.10 -37.61
C THR KD 72 113.34 20.24 -36.50
N VAL KD 73 113.81 21.48 -36.30
CA VAL KD 73 114.73 21.80 -35.21
C VAL KD 73 114.13 22.95 -34.41
N ILE KD 74 113.94 22.75 -33.11
CA ILE KD 74 113.47 23.80 -32.21
C ILE KD 74 114.56 24.09 -31.18
N LEU KD 75 115.00 25.33 -31.13
CA LEU KD 75 115.99 25.81 -30.16
C LEU KD 75 115.25 26.60 -29.09
N LYS KD 76 115.44 26.21 -27.83
CA LYS KD 76 114.76 26.87 -26.73
C LYS KD 76 115.72 27.69 -25.90
N SER KD 77 115.36 28.95 -25.65
CA SER KD 77 116.20 29.87 -24.90
C SER KD 77 115.42 30.42 -23.71
N PRO KD 78 115.62 29.88 -22.51
CA PRO KD 78 114.95 30.43 -21.33
C PRO KD 78 115.38 31.85 -21.02
N LYS KD 79 114.40 32.74 -20.88
CA LYS KD 79 114.64 34.13 -20.48
C LYS KD 79 113.97 34.38 -19.13
N THR KD 80 114.63 35.16 -18.29
CA THR KD 80 114.10 35.54 -16.99
C THR KD 80 113.70 37.00 -17.02
N LEU KD 81 112.47 37.27 -16.61
CA LEU KD 81 111.86 38.58 -16.77
C LEU KD 81 112.14 39.48 -15.57
N ALA KD 82 111.67 40.72 -15.64
CA ALA KD 82 111.88 41.67 -14.56
C ALA KD 82 111.19 41.22 -13.28
N ASN KD 83 109.93 40.77 -13.39
CA ASN KD 83 109.23 40.26 -12.22
C ASN KD 83 109.90 39.01 -11.68
N GLY KD 84 110.37 38.13 -12.56
CA GLY KD 84 111.05 36.93 -12.13
C GLY KD 84 110.43 35.65 -12.64
N ASN KD 85 109.33 35.78 -13.39
CA ASN KD 85 108.76 34.63 -14.05
C ASN KD 85 109.68 34.16 -15.18
N ARG KD 86 109.63 32.87 -15.47
CA ARG KD 86 110.47 32.28 -16.49
C ARG KD 86 109.69 32.05 -17.78
N THR KD 87 110.25 32.50 -18.89
CA THR KD 87 109.70 32.27 -20.22
C THR KD 87 110.78 31.69 -21.10
N VAL KD 88 110.36 30.97 -22.15
CA VAL KD 88 111.27 30.35 -23.09
C VAL KD 88 111.07 31.01 -24.45
N ASN KD 89 112.16 31.44 -25.07
CA ASN KD 89 112.15 31.99 -26.42
C ASN KD 89 112.61 30.88 -27.36
N THR KD 90 111.79 30.58 -28.36
CA THR KD 90 112.05 29.45 -29.25
C THR KD 90 112.26 29.91 -30.69
N VAL KD 91 113.09 29.15 -31.41
CA VAL KD 91 113.22 29.29 -32.85
C VAL KD 91 112.96 27.94 -33.51
N SER KD 92 111.95 27.87 -34.35
CA SER KD 92 111.65 26.64 -35.07
C SER KD 92 112.15 26.72 -36.50
N ILE KD 93 112.74 25.63 -36.97
CA ILE KD 93 113.23 25.52 -38.35
C ILE KD 93 112.68 24.20 -38.88
N GLN KD 94 111.75 24.28 -39.83
CA GLN KD 94 111.15 23.10 -40.42
C GLN KD 94 111.46 23.08 -41.91
N LEU KD 95 112.02 21.97 -42.38
CA LEU KD 95 112.34 21.78 -43.78
C LEU KD 95 111.46 20.66 -44.32
N SER KD 96 110.67 20.95 -45.34
CA SER KD 96 109.82 19.97 -46.00
C SER KD 96 110.23 19.87 -47.47
N VAL KD 97 110.77 18.71 -47.86
CA VAL KD 97 111.16 18.47 -49.25
C VAL KD 97 110.48 17.20 -49.74
N ASP KD 98 110.12 17.22 -51.02
CA ASP KD 98 109.70 16.00 -51.67
C ASP KD 98 110.86 15.02 -51.73
N PRO KD 99 110.61 13.73 -51.58
CA PRO KD 99 111.72 12.75 -51.58
C PRO KD 99 112.51 12.73 -52.87
N GLU KD 100 111.98 13.23 -53.98
CA GLU KD 100 112.74 13.30 -55.22
C GLU KD 100 113.81 14.38 -55.20
N THR KD 101 113.81 15.25 -54.19
CA THR KD 101 114.70 16.40 -54.18
C THR KD 101 116.15 15.98 -53.99
N THR KD 102 117.03 16.53 -54.83
CA THR KD 102 118.45 16.21 -54.78
C THR KD 102 119.10 16.87 -53.57
N ALA KD 103 120.33 16.45 -53.28
CA ALA KD 103 121.05 17.01 -52.14
C ALA KD 103 121.55 18.42 -52.44
N ALA KD 104 121.79 18.75 -53.71
CA ALA KD 104 122.20 20.10 -54.06
C ALA KD 104 121.02 21.07 -53.99
N GLU KD 105 119.81 20.58 -54.25
CA GLU KD 105 118.63 21.44 -54.11
C GLU KD 105 118.34 21.74 -52.64
N VAL KD 106 118.57 20.77 -51.75
CA VAL KD 106 118.40 21.02 -50.33
C VAL KD 106 119.50 21.94 -49.81
N THR KD 107 120.74 21.74 -50.29
CA THR KD 107 121.84 22.60 -49.88
C THR KD 107 121.57 24.06 -50.24
N THR KD 108 121.04 24.30 -51.45
CA THR KD 108 120.68 25.65 -51.84
C THR KD 108 119.61 26.22 -50.93
N MET KD 109 118.60 25.41 -50.60
CA MET KD 109 117.55 25.85 -49.70
C MET KD 109 118.10 26.16 -48.31
N LEU KD 110 119.00 25.31 -47.81
CA LEU KD 110 119.53 25.50 -46.47
C LEU KD 110 120.36 26.77 -46.37
N ASN KD 111 121.18 27.04 -47.39
CA ASN KD 111 122.04 28.21 -47.34
C ASN KD 111 121.26 29.51 -47.49
N ALA KD 112 120.28 29.53 -48.40
CA ALA KD 112 119.47 30.73 -48.60
C ALA KD 112 118.63 31.03 -47.36
N ALA KD 113 118.14 30.00 -46.68
CA ALA KD 113 117.36 30.21 -45.46
C ALA KD 113 118.24 30.66 -44.30
N ALA KD 114 119.53 30.33 -44.34
CA ALA KD 114 120.43 30.75 -43.28
C ALA KD 114 120.67 32.26 -43.33
N GLN KD 115 120.87 32.80 -44.52
CA GLN KD 115 121.00 34.24 -44.67
C GLN KD 115 119.70 34.98 -44.39
N LEU KD 116 118.57 34.28 -44.43
CA LEU KD 116 117.29 34.93 -44.12
C LEU KD 116 117.21 35.34 -42.66
N LEU KD 117 117.98 34.69 -41.79
CA LEU KD 117 117.95 35.02 -40.37
C LEU KD 117 119.31 35.45 -39.82
N PHE KD 118 120.26 35.81 -40.69
CA PHE KD 118 121.43 36.52 -40.20
C PHE KD 118 121.86 37.70 -41.06
N ASP KD 119 121.32 37.89 -42.26
CA ASP KD 119 121.63 39.07 -43.06
C ASP KD 119 121.10 40.32 -42.38
N SER KD 120 121.82 41.43 -42.56
CA SER KD 120 121.47 42.66 -41.84
C SER KD 120 120.14 43.24 -42.32
N ASP KD 121 119.78 42.99 -43.58
CA ASP KD 121 118.53 43.53 -44.13
C ASP KD 121 117.30 43.01 -43.42
N TYR KD 122 117.44 41.89 -42.71
CA TYR KD 122 116.29 41.30 -42.03
C TYR KD 122 116.37 41.49 -40.52
N SER KD 123 117.30 42.33 -40.07
CA SER KD 123 117.45 42.56 -38.65
C SER KD 123 116.20 43.18 -38.03
N ASP KD 124 115.61 44.16 -38.70
CA ASP KD 124 114.42 44.82 -38.17
C ASP KD 124 113.17 43.95 -38.26
N PHE KD 125 113.13 43.03 -39.22
CA PHE KD 125 112.01 42.10 -39.27
C PHE KD 125 112.02 41.13 -38.09
N TRP KD 126 113.19 40.61 -37.71
CA TRP KD 126 113.28 39.68 -36.60
C TRP KD 126 113.17 40.38 -35.24
N LYS KD 127 113.83 41.52 -35.09
CA LYS KD 127 113.84 42.24 -33.81
C LYS KD 127 112.71 43.25 -33.70
N ALA KD 128 112.65 44.20 -34.62
CA ALA KD 128 111.63 45.25 -34.56
C ALA KD 128 110.29 44.78 -35.10
N GLN KD 129 110.22 43.62 -35.73
CA GLN KD 129 108.98 43.08 -36.31
C GLN KD 129 108.45 44.01 -37.40
N ALA KD 130 109.37 44.51 -38.21
CA ALA KD 130 109.09 45.54 -39.21
C ALA KD 130 109.13 44.93 -40.60
N LEU KD 131 107.96 44.89 -41.26
CA LEU KD 131 107.86 44.30 -42.59
C LEU KD 131 108.57 45.15 -43.64
N ALA KD 132 108.66 46.45 -43.41
CA ALA KD 132 109.43 47.31 -44.30
C ALA KD 132 110.23 48.34 -43.51
N ALA LD 1 127.33 13.83 -36.01
CA ALA LD 1 126.16 14.63 -36.33
C ALA LD 1 125.58 15.25 -35.07
N ILE LD 2 124.27 15.07 -34.88
CA ILE LD 2 123.63 15.54 -33.65
C ILE LD 2 123.98 14.56 -32.53
N ALA LD 3 124.97 14.93 -31.72
CA ALA LD 3 125.49 14.05 -30.68
C ALA LD 3 126.58 14.76 -29.91
N ASN LD 4 127.64 15.18 -30.60
CA ASN LD 4 128.77 15.88 -30.01
C ASN LD 4 129.14 17.10 -30.83
N SER LD 5 128.18 17.64 -31.59
CA SER LD 5 128.46 18.75 -32.49
C SER LD 5 128.74 20.03 -31.71
N SER LD 6 129.56 20.89 -32.30
CA SER LD 6 129.96 22.17 -31.70
C SER LD 6 129.28 23.30 -32.45
N ILE LD 7 128.72 24.26 -31.70
CA ILE LD 7 128.10 25.44 -32.26
C ILE LD 7 128.72 26.67 -31.61
N ALA LD 8 129.15 27.63 -32.43
CA ALA LD 8 129.84 28.82 -31.92
C ALA LD 8 128.83 29.86 -31.49
N ILE LD 9 128.56 29.94 -30.20
CA ILE LD 9 127.57 30.86 -29.66
C ILE LD 9 128.11 32.28 -29.71
N ASP LD 10 127.25 33.21 -30.13
CA ASP LD 10 127.57 34.64 -30.19
C ASP LD 10 128.78 34.91 -31.09
N SER LD 11 128.75 34.30 -32.27
CA SER LD 11 129.76 34.50 -33.29
C SER LD 11 129.19 35.33 -34.43
N THR LD 12 130.01 35.57 -35.45
CA THR LD 12 129.62 36.32 -36.63
C THR LD 12 129.55 35.38 -37.82
N ALA LD 13 128.39 35.32 -38.46
CA ALA LD 13 128.18 34.46 -39.62
C ALA LD 13 128.19 35.29 -40.88
N SER LD 14 128.93 34.82 -41.89
CA SER LD 14 129.07 35.53 -43.15
C SER LD 14 128.89 34.56 -44.31
N VAL LD 15 128.97 35.10 -45.52
CA VAL LD 15 128.77 34.35 -46.75
C VAL LD 15 129.83 34.77 -47.76
N THR LD 16 130.40 33.79 -48.46
CA THR LD 16 131.34 34.05 -49.54
C THR LD 16 130.91 33.29 -50.78
N GLY LD 17 131.29 33.80 -51.95
CA GLY LD 17 130.88 33.17 -53.19
C GLY LD 17 129.41 33.38 -53.48
N GLY LD 18 128.92 32.60 -54.44
CA GLY LD 18 127.52 32.64 -54.80
C GLY LD 18 127.17 33.78 -55.74
N THR LD 19 125.88 33.88 -56.03
CA THR LD 19 125.33 34.94 -56.86
C THR LD 19 124.35 35.77 -56.04
N ALA LD 20 124.49 37.08 -56.11
CA ALA LD 20 123.69 38.02 -55.33
C ALA LD 20 122.37 38.27 -56.08
N ARG LD 21 121.27 37.84 -55.47
CA ARG LD 21 119.96 38.15 -56.01
C ARG LD 21 119.29 39.23 -55.17
N THR LD 22 118.30 39.90 -55.75
CA THR LD 22 117.79 41.14 -55.18
C THR LD 22 116.64 40.90 -54.20
N VAL LD 23 115.78 39.93 -54.49
CA VAL LD 23 114.53 39.71 -53.76
C VAL LD 23 113.59 40.88 -54.07
N LYS LD 24 112.40 40.57 -54.58
CA LYS LD 24 111.48 41.59 -55.05
C LYS LD 24 110.12 41.37 -54.39
N GLU LD 25 109.52 42.43 -53.88
CA GLU LD 25 108.24 42.32 -53.20
C GLU LD 25 107.11 42.08 -54.19
N LEU LD 26 106.25 41.11 -53.91
CA LEU LD 26 105.09 40.85 -54.75
C LEU LD 26 103.83 41.51 -54.21
N VAL LD 27 103.38 41.11 -53.02
CA VAL LD 27 102.08 41.46 -52.50
C VAL LD 27 102.20 41.69 -50.99
N ARG LD 28 101.44 42.66 -50.50
CA ARG LD 28 101.51 43.06 -49.11
C ARG LD 28 100.12 42.89 -48.50
N ASN LD 29 99.99 43.25 -47.23
CA ASN LD 29 98.73 43.29 -46.50
C ASN LD 29 98.21 41.90 -46.17
N ASN LD 30 97.90 41.66 -44.90
CA ASN LD 30 98.19 42.60 -43.82
C ASN LD 30 98.99 41.89 -42.75
N SER LD 31 100.07 42.54 -42.29
CA SER LD 31 101.05 41.90 -41.42
C SER LD 31 101.60 40.64 -42.07
N GLU LD 32 101.79 40.72 -43.39
CA GLU LD 32 102.19 39.58 -44.20
C GLU LD 32 102.81 40.09 -45.49
N LEU LD 33 104.10 39.87 -45.68
CA LEU LD 33 104.76 40.30 -46.91
C LEU LD 33 105.10 39.11 -47.78
N ASN LD 34 104.92 39.27 -49.10
CA ASN LD 34 105.24 38.25 -50.07
C ASN LD 34 106.27 38.82 -51.03
N ALA LD 35 107.36 38.08 -51.23
CA ALA LD 35 108.43 38.53 -52.11
C ALA LD 35 108.88 37.33 -52.94
N TYR LD 36 109.90 37.54 -53.76
CA TYR LD 36 110.48 36.46 -54.54
C TYR LD 36 111.92 36.79 -54.86
N ILE LD 37 112.77 35.78 -54.88
CA ILE LD 37 114.18 35.95 -55.19
C ILE LD 37 114.34 35.91 -56.71
N ASP LD 38 114.76 37.03 -57.30
CA ASP LD 38 114.83 37.16 -58.74
C ASP LD 38 116.15 36.62 -59.25
N GLU LD 39 116.13 35.44 -59.86
CA GLU LD 39 117.30 34.81 -60.45
C GLU LD 39 117.14 34.64 -61.95
N GLY LD 40 116.25 35.42 -62.56
CA GLY LD 40 115.99 35.27 -63.99
C GLY LD 40 115.33 33.96 -64.35
N LEU LD 41 114.41 33.49 -63.52
CA LEU LD 41 113.70 32.24 -63.77
C LEU LD 41 112.26 32.54 -64.16
N SER LD 42 111.54 31.50 -64.54
CA SER LD 42 110.16 31.66 -64.98
C SER LD 42 109.24 31.88 -63.79
N PHE LD 43 107.95 32.10 -64.10
CA PHE LD 43 106.97 32.39 -63.06
C PHE LD 43 106.70 31.18 -62.17
N GLN LD 44 106.76 29.98 -62.74
CA GLN LD 44 106.48 28.77 -61.98
C GLN LD 44 107.72 28.24 -61.25
N ALA LD 45 108.91 28.73 -61.60
CA ALA LD 45 110.16 28.19 -61.06
C ALA LD 45 110.88 29.21 -60.17
N ARG LD 46 110.18 30.23 -59.71
CA ARG LD 46 110.80 31.26 -58.89
C ARG LD 46 110.71 30.91 -57.41
N LYS LD 47 111.63 31.47 -56.63
CA LYS LD 47 111.81 31.14 -55.22
C LYS LD 47 110.61 31.48 -54.34
N GLU LD 48 110.24 32.77 -54.27
CA GLU LD 48 109.06 33.22 -53.53
C GLU LD 48 109.08 32.98 -52.02
N VAL LD 49 109.92 33.71 -51.29
CA VAL LD 49 109.94 33.70 -49.82
C VAL LD 49 108.84 34.62 -49.30
N ALA LD 50 108.14 34.18 -48.25
CA ALA LD 50 107.10 34.96 -47.61
C ALA LD 50 107.50 35.38 -46.19
N PHE LD 51 106.95 36.51 -45.75
CA PHE LD 51 107.28 37.11 -44.46
C PHE LD 51 106.01 37.41 -43.68
N SER LD 52 105.76 36.65 -42.63
CA SER LD 52 104.60 36.87 -41.77
C SER LD 52 105.04 37.49 -40.45
N VAL LD 53 104.07 38.01 -39.70
CA VAL LD 53 104.35 38.68 -38.43
C VAL LD 53 103.13 38.61 -37.52
N LYS LD 54 103.37 38.38 -36.23
CA LYS LD 54 102.33 38.38 -35.20
C LYS LD 54 102.79 39.30 -34.08
N VAL LD 55 102.11 40.43 -33.93
CA VAL LD 55 102.54 41.43 -32.95
C VAL LD 55 102.23 40.94 -31.55
N PRO LD 56 102.94 41.40 -30.52
CA PRO LD 56 102.62 40.96 -29.15
C PRO LD 56 101.27 41.46 -28.71
N LYS LD 57 100.42 40.54 -28.25
CA LYS LD 57 99.08 40.86 -27.79
C LYS LD 57 99.07 40.89 -26.27
N VAL LD 58 98.49 41.94 -25.70
CA VAL LD 58 98.49 42.10 -24.25
C VAL LD 58 97.49 41.13 -23.64
N SER LD 59 98.00 40.02 -23.11
CA SER LD 59 97.20 39.05 -22.39
C SER LD 59 97.22 39.35 -20.90
N VAL LD 60 96.79 38.41 -20.07
CA VAL LD 60 96.81 38.59 -18.63
C VAL LD 60 97.61 37.47 -17.98
N SER LD 61 97.26 36.23 -18.30
CA SER LD 61 97.87 35.07 -17.66
C SER LD 61 99.07 34.58 -18.47
N ALA LD 62 100.06 35.46 -18.60
CA ALA LD 62 101.27 35.12 -19.33
C ALA LD 62 102.47 35.74 -18.63
N PRO LD 63 103.66 35.15 -18.78
CA PRO LD 63 104.86 35.82 -18.27
C PRO LD 63 105.04 37.19 -18.90
N GLY LD 64 105.37 38.17 -18.06
CA GLY LD 64 105.59 39.51 -18.56
C GLY LD 64 104.30 40.30 -18.75
N GLY LD 65 103.24 39.60 -19.14
CA GLY LD 65 101.95 40.21 -19.32
C GLY LD 65 101.37 40.00 -20.71
N PHE LD 66 102.20 40.10 -21.75
CA PHE LD 66 101.70 40.01 -23.12
C PHE LD 66 101.97 38.62 -23.68
N THR LD 67 101.38 38.33 -24.84
CA THR LD 67 101.77 37.17 -25.61
C THR LD 67 103.06 37.46 -26.37
N GLN LD 68 103.57 36.44 -27.03
CA GLN LD 68 104.89 36.52 -27.63
C GLN LD 68 104.86 37.19 -29.00
N ALA LD 69 105.99 37.79 -29.37
CA ALA LD 69 106.16 38.42 -30.68
C ALA LD 69 106.61 37.36 -31.67
N ARG LD 70 105.67 36.84 -32.44
CA ARG LD 70 105.96 35.81 -33.43
C ARG LD 70 106.36 36.44 -34.77
N SER LD 71 107.34 35.84 -35.43
CA SER LD 71 107.83 36.34 -36.71
C SER LD 71 108.20 35.12 -37.55
N THR LD 72 107.47 34.92 -38.64
CA THR LD 72 107.62 33.72 -39.46
C THR LD 72 108.15 34.07 -40.84
N VAL LD 73 109.03 33.21 -41.35
CA VAL LD 73 109.52 33.29 -42.73
C VAL LD 73 109.35 31.90 -43.34
N ILE LD 74 108.76 31.84 -44.53
CA ILE LD 74 108.68 30.62 -45.31
C ILE LD 74 109.34 30.87 -46.65
N LEU LD 75 110.37 30.10 -46.96
CA LEU LD 75 111.00 30.11 -48.27
C LEU LD 75 110.43 28.95 -49.08
N LYS LD 76 109.83 29.26 -50.22
CA LYS LD 76 109.30 28.23 -51.10
C LYS LD 76 110.32 27.93 -52.18
N SER LD 77 110.19 26.77 -52.80
CA SER LD 77 111.13 26.31 -53.82
C SER LD 77 110.43 25.30 -54.73
N PRO LD 78 110.00 25.72 -55.91
CA PRO LD 78 109.33 24.79 -56.82
C PRO LD 78 110.26 23.69 -57.30
N LYS LD 79 109.69 22.53 -57.57
CA LYS LD 79 110.43 21.41 -58.13
C LYS LD 79 109.49 20.58 -58.98
N THR LD 80 109.96 20.18 -60.16
CA THR LD 80 109.19 19.31 -61.03
C THR LD 80 109.67 17.89 -60.90
N LEU LD 81 108.74 16.95 -60.95
CA LEU LD 81 109.03 15.56 -60.63
C LEU LD 81 109.28 14.74 -61.88
N ALA LD 82 109.59 13.45 -61.69
CA ALA LD 82 109.85 12.54 -62.79
C ALA LD 82 108.60 12.16 -63.56
N ASN LD 83 107.43 12.47 -63.03
CA ASN LD 83 106.17 12.27 -63.74
C ASN LD 83 105.62 13.55 -64.34
N GLY LD 84 106.33 14.67 -64.21
CA GLY LD 84 105.91 15.93 -64.77
C GLY LD 84 105.10 16.81 -63.85
N ASN LD 85 104.69 16.31 -62.69
CA ASN LD 85 103.92 17.12 -61.75
C ASN LD 85 104.82 18.14 -61.05
N ARG LD 86 104.20 19.20 -60.55
CA ARG LD 86 104.89 20.28 -59.87
C ARG LD 86 104.56 20.21 -58.39
N THR LD 87 105.58 20.28 -57.55
CA THR LD 87 105.44 20.37 -56.10
C THR LD 87 106.30 21.51 -55.57
N VAL LD 88 106.18 21.77 -54.28
CA VAL LD 88 106.90 22.86 -53.62
C VAL LD 88 107.64 22.30 -52.41
N ASN LD 89 108.91 22.67 -52.27
CA ASN LD 89 109.67 22.43 -51.06
C ASN LD 89 109.70 23.72 -50.26
N THR LD 90 109.62 23.61 -48.94
CA THR LD 90 109.55 24.78 -48.08
C THR LD 90 110.57 24.70 -46.95
N VAL LD 91 111.03 25.88 -46.53
CA VAL LD 91 111.76 26.04 -45.28
C VAL LD 91 111.02 27.05 -44.43
N SER LD 92 110.53 26.63 -43.28
CA SER LD 92 109.77 27.51 -42.39
C SER LD 92 110.60 27.87 -41.17
N ILE LD 93 110.75 29.17 -40.92
CA ILE LD 93 111.50 29.67 -39.76
C ILE LD 93 110.55 30.54 -38.96
N GLN LD 94 110.31 30.16 -37.71
CA GLN LD 94 109.50 30.95 -36.79
C GLN LD 94 110.33 31.37 -35.60
N LEU LD 95 110.34 32.67 -35.31
CA LEU LD 95 111.01 33.22 -34.15
C LEU LD 95 109.92 33.69 -33.19
N SER LD 96 109.95 33.17 -31.97
CA SER LD 96 108.93 33.46 -30.97
C SER LD 96 109.63 33.88 -29.69
N VAL LD 97 109.74 35.19 -29.49
CA VAL LD 97 110.37 35.73 -28.29
C VAL LD 97 109.35 36.54 -27.50
N ASP LD 98 109.62 36.72 -26.23
CA ASP LD 98 108.82 37.60 -25.38
C ASP LD 98 109.18 39.05 -25.68
N PRO LD 99 108.24 39.98 -25.53
CA PRO LD 99 108.53 41.38 -25.87
C PRO LD 99 109.64 41.99 -25.06
N GLU LD 100 109.91 41.49 -23.85
CA GLU LD 100 110.96 42.01 -23.00
C GLU LD 100 112.35 41.60 -23.46
N THR LD 101 112.44 40.73 -24.47
CA THR LD 101 113.73 40.29 -24.99
C THR LD 101 114.45 41.45 -25.66
N THR LD 102 115.74 41.56 -25.39
CA THR LD 102 116.58 42.58 -26.01
C THR LD 102 117.04 42.13 -27.38
N ALA LD 103 117.53 43.10 -28.16
CA ALA LD 103 118.02 42.80 -29.51
C ALA LD 103 119.22 41.88 -29.45
N ALA LD 104 120.04 41.99 -28.41
CA ALA LD 104 121.23 41.16 -28.29
C ALA LD 104 120.89 39.71 -28.00
N GLU LD 105 119.82 39.46 -27.23
CA GLU LD 105 119.39 38.08 -26.99
C GLU LD 105 118.76 37.48 -28.23
N VAL LD 106 118.31 38.31 -29.16
CA VAL LD 106 117.63 37.80 -30.35
C VAL LD 106 118.66 37.47 -31.43
N THR LD 107 119.70 38.30 -31.56
CA THR LD 107 120.73 38.04 -32.55
C THR LD 107 121.59 36.86 -32.15
N THR LD 108 121.54 36.50 -30.86
CA THR LD 108 122.21 35.28 -30.42
C THR LD 108 121.40 34.05 -30.81
N MET LD 109 120.07 34.11 -30.65
CA MET LD 109 119.22 33.00 -31.05
C MET LD 109 119.29 32.77 -32.57
N LEU LD 110 119.28 33.86 -33.34
CA LEU LD 110 119.32 33.73 -34.79
C LEU LD 110 120.63 33.14 -35.27
N ASN LD 111 121.73 33.50 -34.62
CA ASN LD 111 123.03 32.95 -35.00
C ASN LD 111 123.12 31.47 -34.66
N ALA LD 112 122.61 31.09 -33.49
CA ALA LD 112 122.60 29.68 -33.12
C ALA LD 112 121.69 28.88 -34.06
N ALA LD 113 120.54 29.45 -34.41
CA ALA LD 113 119.61 28.76 -35.30
C ALA LD 113 120.14 28.71 -36.73
N ALA LD 114 120.81 29.78 -37.18
CA ALA LD 114 121.39 29.76 -38.51
C ALA LD 114 122.50 28.73 -38.62
N GLN LD 115 123.24 28.51 -37.53
CA GLN LD 115 124.31 27.53 -37.54
C GLN LD 115 123.78 26.13 -37.80
N LEU LD 116 122.63 25.78 -37.22
CA LEU LD 116 122.01 24.48 -37.50
C LEU LD 116 121.19 24.59 -38.78
N LEU LD 117 121.80 25.19 -39.79
CA LEU LD 117 121.21 25.19 -41.14
C LEU LD 117 122.31 24.93 -42.16
N PHE LD 118 123.54 25.34 -41.84
CA PHE LD 118 124.65 25.23 -42.77
C PHE LD 118 125.88 24.55 -42.19
N ASP LD 119 125.92 24.31 -40.88
CA ASP LD 119 127.06 23.61 -40.29
C ASP LD 119 127.13 22.19 -40.83
N SER LD 120 128.34 21.77 -41.20
CA SER LD 120 128.54 20.48 -41.85
C SER LD 120 128.14 19.33 -40.93
N ASP LD 121 128.13 19.57 -39.62
CA ASP LD 121 127.76 18.54 -38.65
C ASP LD 121 126.31 18.10 -38.87
N TYR LD 122 125.42 19.06 -39.11
CA TYR LD 122 124.03 18.73 -39.39
C TYR LD 122 123.77 18.73 -40.89
N SER LD 123 124.37 17.79 -41.62
CA SER LD 123 124.09 17.67 -43.05
C SER LD 123 123.27 16.41 -43.29
N ASP LD 124 123.69 15.30 -42.67
CA ASP LD 124 122.93 14.06 -42.78
C ASP LD 124 121.53 14.21 -42.19
N PHE LD 125 121.35 15.13 -41.24
CA PHE LD 125 120.03 15.33 -40.66
C PHE LD 125 119.05 15.98 -41.62
N TRP LD 126 119.50 16.91 -42.47
CA TRP LD 126 118.58 17.60 -43.37
C TRP LD 126 118.37 16.81 -44.65
N LYS LD 127 119.46 16.32 -45.26
CA LYS LD 127 119.34 15.64 -46.54
C LYS LD 127 119.02 14.16 -46.36
N ALA LD 128 119.84 13.45 -45.57
CA ALA LD 128 119.61 12.03 -45.35
C ALA LD 128 118.53 11.77 -44.30
N GLN LD 129 118.06 12.80 -43.61
CA GLN LD 129 117.05 12.67 -42.56
C GLN LD 129 117.52 11.72 -41.46
N ALA LD 130 118.82 11.76 -41.17
CA ALA LD 130 119.46 10.84 -40.23
C ALA LD 130 119.63 11.53 -38.88
N LEU LD 131 118.88 11.06 -37.89
CA LEU LD 131 118.94 11.62 -36.54
C LEU LD 131 120.29 11.40 -35.89
N ALA LD 132 121.03 10.39 -36.33
CA ALA LD 132 122.35 10.12 -35.78
C ALA LD 132 123.26 9.38 -36.77
N ALA MD 1 131.43 -3.16 11.44
CA ALA MD 1 130.02 -3.19 11.06
C ALA MD 1 129.49 -1.78 10.80
N ILE MD 2 128.17 -1.64 10.80
CA ILE MD 2 127.54 -0.36 10.50
C ILE MD 2 127.90 0.68 11.55
N ALA MD 3 127.83 0.31 12.83
CA ALA MD 3 128.16 1.24 13.90
C ALA MD 3 129.65 1.56 13.87
N ASN MD 4 129.96 2.86 13.91
CA ASN MD 4 131.35 3.36 13.90
C ASN MD 4 132.08 2.95 12.63
N SER MD 5 131.33 2.79 11.53
CA SER MD 5 131.93 2.58 10.22
C SER MD 5 132.39 3.92 9.68
N SER MD 6 133.55 3.92 9.02
CA SER MD 6 134.12 5.15 8.49
C SER MD 6 133.93 5.21 6.97
N ILE MD 7 133.53 6.38 6.49
CA ILE MD 7 133.36 6.64 5.07
C ILE MD 7 134.19 7.86 4.69
N ALA MD 8 134.95 7.74 3.61
CA ALA MD 8 135.82 8.83 3.17
C ALA MD 8 135.05 9.72 2.21
N ILE MD 9 134.62 10.88 2.68
CA ILE MD 9 133.81 11.80 1.89
C ILE MD 9 134.70 12.53 0.88
N ASP MD 10 134.15 12.74 -0.32
CA ASP MD 10 134.85 13.45 -1.40
C ASP MD 10 136.16 12.74 -1.77
N SER MD 11 135.98 11.53 -2.28
CA SER MD 11 137.11 10.64 -2.53
C SER MD 11 137.06 10.12 -3.96
N THR MD 12 138.23 9.76 -4.47
CA THR MD 12 138.30 9.10 -5.77
C THR MD 12 138.18 7.59 -5.57
N ALA MD 13 137.27 6.99 -6.34
CA ALA MD 13 137.01 5.55 -6.26
C ALA MD 13 137.67 4.89 -7.46
N SER MD 14 138.70 4.09 -7.20
CA SER MD 14 139.35 3.33 -8.24
C SER MD 14 138.77 1.92 -8.30
N VAL MD 15 139.22 1.13 -9.27
CA VAL MD 15 138.86 -0.27 -9.35
C VAL MD 15 139.94 -1.02 -10.11
N THR MD 16 140.46 -2.10 -9.52
CA THR MD 16 141.51 -2.90 -10.15
C THR MD 16 141.23 -4.36 -9.87
N GLY MD 17 140.44 -5.00 -10.73
CA GLY MD 17 140.27 -6.44 -10.66
C GLY MD 17 140.46 -7.16 -11.98
N GLY MD 18 140.30 -6.43 -13.08
CA GLY MD 18 140.33 -7.05 -14.39
C GLY MD 18 138.96 -7.46 -14.88
N THR MD 19 138.91 -8.32 -15.90
CA THR MD 19 137.68 -8.79 -16.52
C THR MD 19 136.83 -7.61 -17.03
N ALA MD 20 137.42 -6.88 -17.98
CA ALA MD 20 136.77 -5.69 -18.52
C ALA MD 20 135.64 -6.07 -19.47
N ARG MD 21 134.44 -6.22 -18.94
CA ARG MD 21 133.28 -6.54 -19.76
C ARG MD 21 132.80 -5.29 -20.50
N THR MD 22 131.76 -5.47 -21.30
CA THR MD 22 131.22 -4.39 -22.11
C THR MD 22 129.71 -4.33 -21.97
N VAL MD 23 129.20 -3.15 -21.65
CA VAL MD 23 127.75 -2.93 -21.59
C VAL MD 23 127.27 -2.66 -23.01
N LYS MD 24 126.40 -3.53 -23.52
CA LYS MD 24 125.80 -3.38 -24.84
C LYS MD 24 124.32 -3.11 -24.68
N GLU MD 25 123.82 -2.10 -25.37
CA GLU MD 25 122.41 -1.76 -25.22
C GLU MD 25 121.53 -2.72 -26.01
N LEU MD 26 120.31 -2.93 -25.51
CA LEU MD 26 119.37 -3.83 -26.16
C LEU MD 26 118.21 -3.06 -26.77
N VAL MD 27 117.44 -2.32 -25.97
CA VAL MD 27 116.28 -1.58 -26.45
C VAL MD 27 116.28 -0.21 -25.80
N ARG MD 28 115.25 0.57 -26.08
CA ARG MD 28 115.13 1.91 -25.51
C ARG MD 28 113.80 2.18 -24.84
N ASN MD 29 112.71 1.63 -25.37
CA ASN MD 29 111.32 1.98 -25.01
C ASN MD 29 111.17 3.40 -24.46
N ASN MD 30 110.31 3.56 -23.46
CA ASN MD 30 109.85 4.89 -23.03
C ASN MD 30 110.81 5.47 -22.01
N SER MD 31 111.66 6.39 -22.46
CA SER MD 31 112.57 7.14 -21.59
C SER MD 31 113.40 6.21 -20.73
N GLU MD 32 113.84 5.11 -21.33
CA GLU MD 32 114.54 4.06 -20.62
C GLU MD 32 115.71 3.61 -21.50
N LEU MD 33 116.53 2.72 -20.96
CA LEU MD 33 117.63 2.15 -21.72
C LEU MD 33 118.00 0.78 -21.15
N ASN MD 34 117.53 -0.29 -21.79
CA ASN MD 34 117.84 -1.63 -21.33
C ASN MD 34 119.08 -2.13 -22.03
N ALA MD 35 120.10 -2.46 -21.26
CA ALA MD 35 121.35 -2.98 -21.77
C ALA MD 35 121.63 -4.34 -21.15
N TYR MD 36 122.80 -4.89 -21.44
CA TYR MD 36 123.23 -6.15 -20.85
C TYR MD 36 124.75 -6.20 -20.85
N ILE MD 37 125.31 -6.92 -19.90
CA ILE MD 37 126.75 -7.05 -19.79
C ILE MD 37 127.20 -8.27 -20.60
N ASP MD 38 128.13 -8.04 -21.53
CA ASP MD 38 128.56 -9.10 -22.45
C ASP MD 38 129.71 -9.88 -21.80
N GLU MD 39 129.33 -10.92 -21.08
CA GLU MD 39 130.30 -11.83 -20.46
C GLU MD 39 130.35 -13.20 -21.13
N GLY MD 40 129.59 -13.41 -22.20
CA GLY MD 40 129.58 -14.66 -22.90
C GLY MD 40 128.65 -15.72 -22.34
N LEU MD 41 127.73 -15.37 -21.45
CA LEU MD 41 126.81 -16.33 -20.88
C LEU MD 41 125.69 -16.65 -21.86
N SER MD 42 124.70 -17.40 -21.40
CA SER MD 42 123.56 -17.75 -22.21
C SER MD 42 122.67 -16.53 -22.42
N PHE MD 43 121.61 -16.72 -23.22
CA PHE MD 43 120.71 -15.62 -23.54
C PHE MD 43 119.86 -15.23 -22.34
N GLN MD 44 119.29 -16.23 -21.67
CA GLN MD 44 118.50 -15.97 -20.46
C GLN MD 44 119.30 -16.23 -19.19
N ALA MD 45 120.63 -15.99 -19.26
CA ALA MD 45 121.46 -16.03 -18.06
C ALA MD 45 122.38 -14.82 -17.96
N ARG MD 46 122.31 -13.90 -18.93
CA ARG MD 46 123.17 -12.73 -18.95
C ARG MD 46 122.71 -11.70 -17.93
N LYS MD 47 123.59 -10.79 -17.54
CA LYS MD 47 123.25 -9.73 -16.60
C LYS MD 47 122.79 -8.52 -17.40
N GLU MD 48 121.51 -8.16 -17.29
CA GLU MD 48 120.94 -7.00 -17.96
C GLU MD 48 120.82 -5.88 -16.94
N VAL MD 49 121.38 -4.72 -17.27
CA VAL MD 49 121.24 -3.55 -16.42
C VAL MD 49 120.39 -2.50 -17.16
N ALA MD 50 119.38 -1.99 -16.49
CA ALA MD 50 118.45 -1.04 -17.07
C ALA MD 50 118.68 0.36 -16.50
N PHE MD 51 118.63 1.35 -17.39
CA PHE MD 51 118.80 2.76 -17.06
C PHE MD 51 117.50 3.50 -17.34
N SER MD 52 117.19 4.50 -16.53
CA SER MD 52 115.96 5.26 -16.73
C SER MD 52 116.11 6.67 -16.16
N VAL MD 53 115.39 7.62 -16.74
CA VAL MD 53 115.40 9.00 -16.30
C VAL MD 53 113.98 9.50 -16.12
N LYS MD 54 113.80 10.45 -15.20
CA LYS MD 54 112.50 11.00 -14.84
C LYS MD 54 112.62 12.52 -14.71
N VAL MD 55 113.10 13.17 -15.76
CA VAL MD 55 113.46 14.60 -15.79
C VAL MD 55 112.40 15.46 -15.10
N PRO MD 56 112.80 16.57 -14.49
CA PRO MD 56 111.86 17.35 -13.66
C PRO MD 56 110.73 17.97 -14.49
N LYS MD 57 109.61 18.17 -13.82
CA LYS MD 57 108.40 18.72 -14.44
C LYS MD 57 107.94 19.91 -13.61
N VAL MD 58 107.67 21.04 -14.28
CA VAL MD 58 107.35 22.28 -13.58
C VAL MD 58 106.04 22.13 -12.81
N SER MD 59 106.12 22.19 -11.49
CA SER MD 59 104.96 22.13 -10.62
C SER MD 59 104.75 23.48 -9.93
N VAL MD 60 103.70 23.58 -9.11
CA VAL MD 60 103.47 24.74 -8.27
C VAL MD 60 103.81 24.46 -6.82
N SER MD 61 103.76 23.18 -6.43
CA SER MD 61 104.28 22.63 -5.19
C SER MD 61 105.79 22.48 -5.34
N ALA MD 62 106.39 21.58 -4.53
CA ALA MD 62 107.83 21.32 -4.62
C ALA MD 62 108.65 22.54 -4.22
N PRO MD 63 108.84 22.74 -2.91
CA PRO MD 63 109.38 24.01 -2.41
C PRO MD 63 110.82 24.25 -2.87
N GLY MD 64 110.92 24.89 -4.03
CA GLY MD 64 112.13 24.96 -4.83
C GLY MD 64 111.73 25.08 -6.28
N GLY MD 65 110.44 24.91 -6.55
CA GLY MD 65 109.86 25.21 -7.84
C GLY MD 65 109.23 24.04 -8.55
N PHE MD 66 109.89 22.89 -8.57
CA PHE MD 66 109.42 21.72 -9.29
C PHE MD 66 110.22 20.47 -8.92
N THR MD 67 109.67 19.32 -9.31
CA THR MD 67 110.08 18.02 -8.81
C THR MD 67 111.55 17.72 -9.11
N GLN MD 68 112.07 16.72 -8.42
CA GLN MD 68 113.48 16.36 -8.51
C GLN MD 68 113.76 15.54 -9.75
N ALA MD 69 115.05 15.29 -9.98
CA ALA MD 69 115.53 14.57 -11.15
C ALA MD 69 116.05 13.20 -10.72
N ARG MD 70 115.19 12.19 -10.74
CA ARG MD 70 115.59 10.84 -10.35
C ARG MD 70 116.19 10.08 -11.54
N SER MD 71 117.24 9.32 -11.24
CA SER MD 71 117.90 8.45 -12.23
C SER MD 71 117.99 7.06 -11.61
N THR MD 72 117.42 6.06 -12.28
CA THR MD 72 117.38 4.71 -11.73
C THR MD 72 118.28 3.77 -12.52
N VAL MD 73 118.91 2.85 -11.80
CA VAL MD 73 119.70 1.78 -12.41
C VAL MD 73 119.36 0.47 -11.72
N ILE MD 74 118.80 -0.47 -12.46
CA ILE MD 74 118.52 -1.81 -11.95
C ILE MD 74 119.43 -2.80 -12.65
N LEU MD 75 120.20 -3.55 -11.86
CA LEU MD 75 121.10 -4.58 -12.38
C LEU MD 75 120.48 -5.92 -12.05
N LYS MD 76 120.10 -6.67 -13.08
CA LYS MD 76 119.47 -7.96 -12.89
C LYS MD 76 120.48 -9.08 -13.16
N SER MD 77 120.76 -9.87 -12.14
CA SER MD 77 121.69 -10.99 -12.25
C SER MD 77 120.93 -12.30 -12.07
N PRO MD 78 120.69 -13.06 -13.14
CA PRO MD 78 119.92 -14.30 -13.00
C PRO MD 78 120.71 -15.36 -12.25
N LYS MD 79 119.99 -16.27 -11.62
CA LYS MD 79 120.60 -17.34 -10.84
C LYS MD 79 119.73 -18.58 -10.91
N THR MD 80 120.36 -19.73 -11.16
CA THR MD 80 119.68 -21.02 -11.18
C THR MD 80 119.78 -21.64 -9.80
N LEU MD 81 118.63 -21.95 -9.19
CA LEU MD 81 118.62 -22.49 -7.85
C LEU MD 81 118.84 -24.00 -7.87
N ALA MD 82 119.11 -24.55 -6.68
CA ALA MD 82 119.32 -26.00 -6.56
C ALA MD 82 118.06 -26.76 -6.91
N ASN MD 83 116.90 -26.26 -6.48
CA ASN MD 83 115.64 -26.91 -6.80
C ASN MD 83 115.40 -27.01 -8.31
N GLY MD 84 116.04 -26.14 -9.09
CA GLY MD 84 115.99 -26.27 -10.52
C GLY MD 84 115.43 -25.05 -11.23
N ASN MD 85 114.51 -24.33 -10.58
CA ASN MD 85 113.92 -23.16 -11.19
C ASN MD 85 114.93 -22.01 -11.25
N ARG MD 86 114.50 -20.91 -11.87
CA ARG MD 86 115.34 -19.75 -12.11
C ARG MD 86 114.75 -18.56 -11.38
N THR MD 87 115.63 -17.68 -10.92
CA THR MD 87 115.24 -16.46 -10.22
C THR MD 87 116.26 -15.39 -10.57
N VAL MD 88 115.89 -14.13 -10.36
CA VAL MD 88 116.77 -13.00 -10.66
C VAL MD 88 117.08 -12.26 -9.37
N ASN MD 89 118.35 -11.91 -9.20
CA ASN MD 89 118.82 -11.13 -8.06
C ASN MD 89 119.11 -9.73 -8.56
N THR MD 90 118.45 -8.75 -7.95
CA THR MD 90 118.47 -7.39 -8.48
C THR MD 90 119.17 -6.42 -7.52
N VAL MD 91 119.74 -5.37 -8.10
CA VAL MD 91 120.32 -4.27 -7.33
C VAL MD 91 119.85 -2.95 -7.93
N SER MD 92 118.83 -2.35 -7.32
CA SER MD 92 118.31 -1.08 -7.82
C SER MD 92 118.99 0.09 -7.11
N ILE MD 93 119.18 1.17 -7.87
CA ILE MD 93 119.79 2.40 -7.36
C ILE MD 93 119.02 3.59 -7.91
N GLN MD 94 118.68 4.54 -7.03
CA GLN MD 94 117.94 5.72 -7.44
C GLN MD 94 118.62 6.98 -6.91
N LEU MD 95 118.47 8.09 -7.65
CA LEU MD 95 119.17 9.34 -7.38
C LEU MD 95 118.19 10.52 -7.45
N SER MD 96 117.10 10.44 -6.70
CA SER MD 96 116.14 11.54 -6.65
C SER MD 96 116.80 12.74 -5.97
N VAL MD 97 117.31 13.65 -6.79
CA VAL MD 97 117.94 14.88 -6.30
C VAL MD 97 117.27 16.08 -6.95
N ASP MD 98 117.20 17.16 -6.19
CA ASP MD 98 116.52 18.36 -6.67
C ASP MD 98 117.29 18.95 -7.84
N PRO MD 99 116.59 19.40 -8.89
CA PRO MD 99 117.28 19.81 -10.13
C PRO MD 99 118.24 20.97 -9.97
N GLU MD 100 118.11 21.77 -8.91
CA GLU MD 100 119.05 22.86 -8.65
C GLU MD 100 120.38 22.37 -8.10
N THR MD 101 120.50 21.07 -7.84
CA THR MD 101 121.73 20.51 -7.30
C THR MD 101 122.89 20.69 -8.27
N THR MD 102 124.03 21.13 -7.73
CA THR MD 102 125.26 21.21 -8.52
C THR MD 102 125.85 19.82 -8.73
N ALA MD 103 126.71 19.72 -9.74
CA ALA MD 103 127.30 18.43 -10.08
C ALA MD 103 128.43 18.03 -9.14
N ALA MD 104 128.95 18.97 -8.35
CA ALA MD 104 130.01 18.62 -7.39
C ALA MD 104 129.45 17.81 -6.23
N GLU MD 105 128.31 18.23 -5.68
CA GLU MD 105 127.71 17.51 -4.56
C GLU MD 105 127.02 16.23 -5.03
N VAL MD 106 126.58 16.19 -6.28
CA VAL MD 106 126.13 14.93 -6.86
C VAL MD 106 127.27 13.93 -6.89
N THR MD 107 128.46 14.37 -7.31
CA THR MD 107 129.63 13.52 -7.26
C THR MD 107 129.96 13.09 -5.84
N THR MD 108 129.80 14.01 -4.89
CA THR MD 108 129.99 13.67 -3.49
C THR MD 108 129.01 12.59 -3.05
N MET MD 109 127.74 12.74 -3.44
CA MET MD 109 126.71 11.79 -3.04
C MET MD 109 126.91 10.44 -3.71
N LEU MD 110 127.34 10.45 -4.98
CA LEU MD 110 127.56 9.20 -5.70
C LEU MD 110 128.73 8.44 -5.12
N ASN MD 111 129.80 9.15 -4.75
CA ASN MD 111 130.96 8.49 -4.15
C ASN MD 111 130.65 7.98 -2.76
N ALA MD 112 129.93 8.77 -1.97
CA ALA MD 112 129.55 8.33 -0.62
C ALA MD 112 128.64 7.10 -0.67
N ALA MD 113 127.66 7.12 -1.57
CA ALA MD 113 126.79 5.96 -1.77
C ALA MD 113 127.54 4.75 -2.32
N ALA MD 114 128.42 4.96 -3.31
CA ALA MD 114 129.20 3.85 -3.85
C ALA MD 114 130.33 3.44 -2.92
N GLN MD 115 130.65 4.26 -1.92
CA GLN MD 115 131.61 3.83 -0.90
C GLN MD 115 131.02 2.76 0.00
N LEU MD 116 129.70 2.75 0.17
CA LEU MD 116 128.99 1.56 0.61
C LEU MD 116 129.04 0.54 -0.51
N LEU MD 117 128.52 -0.66 -0.24
CA LEU MD 117 128.45 -1.76 -1.21
C LEU MD 117 129.80 -2.38 -1.52
N PHE MD 118 130.91 -1.77 -1.09
CA PHE MD 118 132.19 -2.44 -1.25
C PHE MD 118 133.08 -2.25 -0.04
N ASP MD 119 132.63 -1.45 0.93
CA ASP MD 119 133.39 -1.29 2.15
C ASP MD 119 133.25 -2.55 3.00
N SER MD 120 134.32 -2.88 3.72
CA SER MD 120 134.33 -4.08 4.53
C SER MD 120 133.35 -4.02 5.70
N ASP MD 121 133.04 -2.83 6.20
CA ASP MD 121 132.14 -2.70 7.34
C ASP MD 121 130.75 -3.21 7.01
N TYR MD 122 130.28 -2.96 5.79
CA TYR MD 122 128.92 -3.30 5.40
C TYR MD 122 128.83 -4.67 4.73
N SER MD 123 129.93 -5.43 4.71
CA SER MD 123 129.93 -6.78 4.14
C SER MD 123 128.84 -7.66 4.75
N ASP MD 124 128.72 -7.64 6.08
CA ASP MD 124 127.75 -8.48 6.75
C ASP MD 124 126.33 -7.98 6.55
N PHE MD 125 126.16 -6.66 6.44
CA PHE MD 125 124.83 -6.11 6.20
C PHE MD 125 124.28 -6.52 4.85
N TRP MD 126 125.11 -6.44 3.81
CA TRP MD 126 124.65 -6.81 2.47
C TRP MD 126 124.50 -8.32 2.31
N LYS MD 127 125.26 -9.12 3.04
CA LYS MD 127 125.27 -10.57 2.86
C LYS MD 127 124.37 -11.26 3.87
N ALA MD 128 124.62 -11.08 5.17
CA ALA MD 128 123.86 -11.76 6.21
C ALA MD 128 122.72 -10.91 6.77
N GLN MD 129 122.54 -9.69 6.28
CA GLN MD 129 121.51 -8.76 6.76
C GLN MD 129 121.74 -8.41 8.24
N ALA MD 130 123.01 -8.34 8.62
CA ALA MD 130 123.39 -8.03 10.01
C ALA MD 130 123.29 -6.52 10.21
N LEU MD 131 122.09 -6.07 10.56
CA LEU MD 131 121.85 -4.67 10.88
C LEU MD 131 122.69 -4.26 12.08
N ALA MD 132 122.43 -4.89 13.22
CA ALA MD 132 123.22 -4.66 14.41
C ALA MD 132 124.46 -5.54 14.36
N ALA ND 1 91.98 -90.22 18.13
CA ALA ND 1 92.70 -91.33 17.50
C ALA ND 1 91.87 -91.94 16.40
N ILE ND 2 90.92 -91.16 15.87
CA ILE ND 2 90.21 -91.52 14.66
C ILE ND 2 91.08 -91.07 13.48
N ALA ND 3 91.99 -91.95 13.06
CA ALA ND 3 92.93 -91.62 12.00
C ALA ND 3 93.44 -92.90 11.39
N ASN ND 4 94.60 -93.37 11.84
CA ASN ND 4 95.05 -94.71 11.49
C ASN ND 4 94.71 -95.68 12.61
N SER ND 5 93.42 -95.86 12.88
CA SER ND 5 92.96 -96.80 13.90
C SER ND 5 92.98 -98.22 13.35
N SER ND 6 92.28 -99.15 14.03
CA SER ND 6 92.19 -100.51 13.52
C SER ND 6 90.90 -101.13 14.01
N ILE ND 7 90.20 -101.82 13.09
CA ILE ND 7 88.95 -102.49 13.41
C ILE ND 7 88.93 -103.84 12.69
N ALA ND 8 88.54 -104.89 13.40
CA ALA ND 8 88.41 -106.21 12.81
C ALA ND 8 87.04 -106.33 12.15
N ILE ND 9 87.04 -106.70 10.88
CA ILE ND 9 85.80 -106.82 10.12
C ILE ND 9 85.46 -108.29 9.94
N ASP ND 10 84.19 -108.63 10.15
CA ASP ND 10 83.71 -110.01 10.13
C ASP ND 10 84.41 -110.85 11.20
N SER ND 11 84.23 -110.44 12.45
CA SER ND 11 84.86 -111.06 13.60
C SER ND 11 83.84 -111.29 14.70
N THR ND 12 84.14 -112.24 15.59
CA THR ND 12 83.28 -112.53 16.72
C THR ND 12 83.72 -111.74 17.94
N ALA ND 13 82.75 -111.19 18.66
CA ALA ND 13 82.99 -110.37 19.84
C ALA ND 13 82.54 -111.13 21.09
N SER ND 14 83.27 -110.93 22.17
CA SER ND 14 83.02 -111.66 23.40
C SER ND 14 83.13 -110.70 24.59
N VAL ND 15 82.63 -111.16 25.73
CA VAL ND 15 82.61 -110.38 26.96
C VAL ND 15 83.15 -111.25 28.08
N THR ND 16 84.07 -110.70 28.87
CA THR ND 16 84.62 -111.38 30.04
C THR ND 16 84.44 -110.52 31.28
N GLY ND 17 84.22 -111.18 32.41
CA GLY ND 17 84.08 -110.47 33.67
C GLY ND 17 82.73 -109.78 33.79
N GLY ND 18 82.71 -108.72 34.59
CA GLY ND 18 81.48 -107.99 34.84
C GLY ND 18 80.53 -108.76 35.74
N THR ND 19 79.30 -108.28 35.82
CA THR ND 19 78.26 -108.88 36.65
C THR ND 19 77.03 -109.07 35.78
N ALA ND 20 76.71 -110.33 35.47
CA ALA ND 20 75.55 -110.66 34.64
C ALA ND 20 74.26 -110.17 35.28
N ARG ND 21 73.63 -109.19 34.66
CA ARG ND 21 72.34 -108.67 35.10
C ARG ND 21 71.23 -109.35 34.28
N THR ND 22 70.00 -108.86 34.40
CA THR ND 22 68.89 -109.42 33.65
C THR ND 22 68.00 -108.28 33.18
N VAL ND 23 67.55 -108.36 31.94
CA VAL ND 23 66.70 -107.33 31.35
C VAL ND 23 65.25 -107.74 31.63
N LYS ND 24 64.61 -107.00 32.53
CA LYS ND 24 63.22 -107.28 32.88
C LYS ND 24 62.29 -106.45 32.02
N GLU ND 25 61.33 -107.11 31.40
CA GLU ND 25 60.42 -106.45 30.47
C GLU ND 25 59.26 -105.79 31.22
N LEU ND 26 58.95 -104.56 30.83
CA LEU ND 26 58.00 -103.76 31.57
C LEU ND 26 56.73 -103.60 30.75
N VAL ND 27 56.80 -103.02 29.55
CA VAL ND 27 55.63 -102.73 28.74
C VAL ND 27 55.96 -103.01 27.28
N ARG ND 28 55.04 -103.67 26.58
CA ARG ND 28 55.22 -104.05 25.19
C ARG ND 28 54.00 -103.55 24.42
N ASN ND 29 54.18 -102.45 23.68
CA ASN ND 29 53.08 -101.88 22.91
C ASN ND 29 53.62 -100.84 21.94
N ASN ND 30 52.81 -100.55 20.93
CA ASN ND 30 53.09 -99.51 19.95
C ASN ND 30 54.44 -99.70 19.28
N SER ND 31 54.75 -100.95 18.91
CA SER ND 31 56.00 -101.32 18.25
C SER ND 31 57.21 -101.02 19.15
N GLU ND 32 56.97 -100.90 20.44
CA GLU ND 32 58.00 -100.53 21.41
C GLU ND 32 57.99 -101.53 22.55
N LEU ND 33 59.17 -101.82 23.10
CA LEU ND 33 59.32 -102.72 24.23
C LEU ND 33 60.13 -101.98 25.30
N ASN ND 34 59.42 -101.45 26.29
CA ASN ND 34 60.09 -100.83 27.43
C ASN ND 34 60.54 -101.90 28.41
N ALA ND 35 61.78 -101.80 28.86
CA ALA ND 35 62.35 -102.77 29.79
C ALA ND 35 63.33 -102.03 30.70
N TYR ND 36 63.92 -102.77 31.63
CA TYR ND 36 64.90 -102.20 32.55
C TYR ND 36 65.89 -103.27 32.94
N ILE ND 37 67.10 -102.84 33.25
CA ILE ND 37 68.16 -103.75 33.71
C ILE ND 37 68.10 -103.80 35.23
N ASP ND 38 68.14 -105.02 35.77
CA ASP ND 38 67.96 -105.26 37.20
C ASP ND 38 69.34 -105.36 37.84
N GLU ND 39 69.73 -104.30 38.55
CA GLU ND 39 70.97 -104.29 39.32
C GLU ND 39 70.73 -104.13 40.81
N GLY ND 40 69.48 -104.28 41.26
CA GLY ND 40 69.14 -104.06 42.65
C GLY ND 40 69.30 -102.62 43.05
N LEU ND 41 68.82 -101.72 42.21
CA LEU ND 41 68.89 -100.28 42.44
C LEU ND 41 67.49 -99.74 42.71
N SER ND 42 67.41 -98.45 43.01
CA SER ND 42 66.12 -97.80 43.25
C SER ND 42 65.45 -97.50 41.91
N PHE ND 43 64.16 -97.18 41.97
CA PHE ND 43 63.42 -96.85 40.76
C PHE ND 43 63.95 -95.60 40.08
N GLN ND 44 64.38 -94.60 40.85
CA GLN ND 44 64.93 -93.38 40.31
C GLN ND 44 66.30 -93.56 39.65
N ALA ND 45 67.01 -94.65 39.94
CA ALA ND 45 68.24 -94.93 39.25
C ALA ND 45 68.17 -96.38 38.75
N ARG ND 46 67.52 -96.57 37.62
CA ARG ND 46 67.43 -97.87 36.97
C ARG ND 46 68.32 -97.84 35.72
N LYS ND 47 68.26 -98.83 34.83
CA LYS ND 47 68.98 -98.78 33.56
C LYS ND 47 67.99 -99.07 32.44
N GLU ND 48 66.86 -98.36 32.43
CA GLU ND 48 65.82 -98.59 31.43
C GLU ND 48 66.39 -98.60 30.02
N VAL ND 49 66.01 -99.62 29.24
CA VAL ND 49 66.38 -99.73 27.85
C VAL ND 49 65.12 -99.97 27.03
N ALA ND 50 64.95 -99.19 25.97
CA ALA ND 50 63.77 -99.24 25.13
C ALA ND 50 64.11 -99.80 23.74
N PHE ND 51 63.36 -100.80 23.32
CA PHE ND 51 63.52 -101.45 22.02
C PHE ND 51 62.37 -101.05 21.12
N SER ND 52 62.67 -100.54 19.94
CA SER ND 52 61.65 -100.08 19.01
C SER ND 52 61.93 -100.63 17.63
N VAL ND 53 60.86 -100.90 16.88
CA VAL ND 53 60.94 -101.48 15.55
C VAL ND 53 60.04 -100.68 14.62
N LYS ND 54 60.56 -100.41 13.42
CA LYS ND 54 59.84 -99.69 12.37
C LYS ND 54 59.90 -100.52 11.08
N VAL ND 55 58.82 -101.25 10.81
CA VAL ND 55 58.75 -102.20 9.70
C VAL ND 55 58.69 -101.45 8.37
N PRO ND 56 59.25 -102.02 7.29
CA PRO ND 56 59.20 -101.33 6.00
C PRO ND 56 57.80 -101.29 5.41
N LYS ND 57 57.54 -100.25 4.63
CA LYS ND 57 56.29 -100.08 3.91
C LYS ND 57 56.57 -99.87 2.43
N VAL ND 58 55.57 -100.19 1.60
CA VAL ND 58 55.73 -100.08 0.15
C VAL ND 58 55.88 -98.63 -0.24
N SER ND 59 56.69 -98.37 -1.27
CA SER ND 59 56.94 -97.02 -1.75
C SER ND 59 57.11 -97.06 -3.27
N VAL ND 60 57.24 -95.87 -3.86
CA VAL ND 60 57.58 -95.75 -5.27
C VAL ND 60 59.00 -95.23 -5.47
N SER ND 61 59.47 -94.34 -4.60
CA SER ND 61 60.86 -93.96 -4.45
C SER ND 61 61.56 -95.05 -3.64
N ALA ND 62 62.71 -94.72 -3.05
CA ALA ND 62 63.43 -95.70 -2.23
C ALA ND 62 63.87 -96.87 -3.09
N PRO ND 63 64.99 -96.74 -3.79
CA PRO ND 63 65.23 -97.52 -5.02
C PRO ND 63 65.32 -99.01 -4.76
N GLY ND 64 64.15 -99.66 -4.81
CA GLY ND 64 63.95 -101.01 -4.34
C GLY ND 64 62.54 -101.19 -3.83
N GLY ND 65 61.81 -100.10 -3.71
CA GLY ND 65 60.37 -100.16 -3.52
C GLY ND 65 59.91 -99.99 -2.09
N PHE ND 66 60.80 -100.21 -1.12
CA PHE ND 66 60.43 -100.13 0.28
C PHE ND 66 61.35 -99.19 1.04
N THR ND 67 60.77 -98.56 2.05
CA THR ND 67 61.55 -97.84 3.05
C THR ND 67 62.37 -98.83 3.85
N GLN ND 68 63.39 -98.33 4.54
CA GLN ND 68 64.30 -99.20 5.27
C GLN ND 68 63.66 -99.68 6.56
N ALA ND 69 64.13 -100.84 7.04
CA ALA ND 69 63.67 -101.40 8.31
C ALA ND 69 64.56 -100.88 9.43
N ARG ND 70 64.00 -100.06 10.30
CA ARG ND 70 64.76 -99.46 11.39
C ARG ND 70 64.52 -100.19 12.70
N SER ND 71 65.60 -100.47 13.41
CA SER ND 71 65.56 -101.07 14.75
C SER ND 71 66.34 -100.14 15.67
N THR ND 72 65.68 -99.63 16.70
CA THR ND 72 66.29 -98.65 17.59
C THR ND 72 66.33 -99.15 19.02
N VAL ND 73 67.47 -98.96 19.67
CA VAL ND 73 67.63 -99.26 21.08
C VAL ND 73 68.15 -98.02 21.80
N ILE ND 74 67.44 -97.57 22.82
CA ILE ND 74 67.90 -96.48 23.67
C ILE ND 74 68.13 -97.00 25.07
N LEU ND 75 69.34 -96.84 25.58
CA LEU ND 75 69.70 -97.21 26.94
C LEU ND 75 69.78 -95.93 27.75
N LYS ND 76 69.06 -95.87 28.86
CA LYS ND 76 69.04 -94.69 29.70
C LYS ND 76 69.78 -94.94 31.00
N SER ND 77 70.61 -93.98 31.39
CA SER ND 77 71.43 -94.09 32.61
C SER ND 77 71.21 -92.87 33.47
N PRO ND 78 70.34 -92.94 34.47
CA PRO ND 78 70.16 -91.81 35.40
C PRO ND 78 71.42 -91.48 36.15
N LYS ND 79 71.84 -90.23 36.10
CA LYS ND 79 72.98 -89.73 36.84
C LYS ND 79 72.51 -88.65 37.81
N THR ND 80 73.07 -88.67 39.02
CA THR ND 80 72.76 -87.69 40.05
C THR ND 80 73.92 -86.70 40.13
N LEU ND 81 73.60 -85.41 40.01
CA LEU ND 81 74.61 -84.38 39.90
C LEU ND 81 75.04 -83.90 41.28
N ALA ND 82 76.03 -83.01 41.30
CA ALA ND 82 76.56 -82.51 42.56
C ALA ND 82 75.50 -81.70 43.32
N ASN ND 83 74.78 -80.83 42.62
CA ASN ND 83 73.72 -80.06 43.26
C ASN ND 83 72.60 -80.98 43.74
N GLY ND 84 72.27 -82.00 42.97
CA GLY ND 84 71.27 -82.95 43.39
C GLY ND 84 70.16 -83.18 42.39
N ASN ND 85 70.16 -82.40 41.30
CA ASN ND 85 69.20 -82.62 40.24
C ASN ND 85 69.51 -83.93 39.52
N ARG ND 86 68.46 -84.54 38.98
CA ARG ND 86 68.58 -85.81 38.28
C ARG ND 86 68.64 -85.59 36.77
N THR ND 87 69.63 -86.19 36.13
CA THR ND 87 69.76 -86.16 34.68
C THR ND 87 69.89 -87.60 34.18
N VAL ND 88 69.44 -87.82 32.94
CA VAL ND 88 69.51 -89.12 32.31
C VAL ND 88 70.52 -89.06 31.17
N ASN ND 89 71.49 -89.97 31.18
CA ASN ND 89 72.46 -90.10 30.09
C ASN ND 89 71.98 -91.25 29.21
N THR ND 90 71.96 -91.04 27.90
CA THR ND 90 71.40 -92.01 26.98
C THR ND 90 72.41 -92.41 25.90
N VAL ND 91 72.26 -93.65 25.43
CA VAL ND 91 72.93 -94.12 24.23
C VAL ND 91 71.88 -94.66 23.27
N SER ND 92 71.82 -94.08 22.06
CA SER ND 92 70.91 -94.57 21.05
C SER ND 92 71.66 -95.37 20.00
N ILE ND 93 71.06 -96.48 19.58
CA ILE ND 93 71.62 -97.33 18.54
C ILE ND 93 70.50 -97.57 17.53
N GLN ND 94 70.66 -97.01 16.34
CA GLN ND 94 69.65 -97.12 15.28
C GLN ND 94 70.27 -97.83 14.08
N LEU ND 95 69.67 -98.93 13.68
CA LEU ND 95 70.13 -99.70 12.51
C LEU ND 95 69.06 -99.60 11.44
N SER ND 96 69.42 -99.07 10.27
CA SER ND 96 68.53 -98.97 9.13
C SER ND 96 69.12 -99.78 7.98
N VAL ND 97 68.43 -100.85 7.58
CA VAL ND 97 68.86 -101.66 6.46
C VAL ND 97 67.73 -101.75 5.45
N ASP ND 98 68.11 -101.84 4.18
CA ASP ND 98 67.16 -102.17 3.15
C ASP ND 98 66.69 -103.60 3.34
N PRO ND 99 65.41 -103.90 3.07
CA PRO ND 99 64.91 -105.26 3.32
C PRO ND 99 65.60 -106.34 2.50
N GLU ND 100 66.30 -105.99 1.41
CA GLU ND 100 67.03 -107.00 0.66
C GLU ND 100 68.30 -107.44 1.36
N THR ND 101 68.70 -106.77 2.43
CA THR ND 101 69.98 -107.04 3.08
C THR ND 101 69.98 -108.40 3.74
N THR ND 102 71.04 -109.17 3.48
CA THR ND 102 71.19 -110.49 4.05
C THR ND 102 71.53 -110.41 5.54
N ALA ND 103 71.44 -111.56 6.21
CA ALA ND 103 71.75 -111.58 7.64
C ALA ND 103 73.25 -111.53 7.88
N ALA ND 104 74.05 -112.01 6.92
CA ALA ND 104 75.49 -111.89 7.05
C ALA ND 104 75.95 -110.45 6.88
N GLU ND 105 75.26 -109.67 6.06
CA GLU ND 105 75.59 -108.26 5.91
C GLU ND 105 75.19 -107.46 7.14
N VAL ND 106 74.09 -107.83 7.79
CA VAL ND 106 73.71 -107.17 9.03
C VAL ND 106 74.67 -107.54 10.16
N THR ND 107 75.10 -108.81 10.20
CA THR ND 107 76.05 -109.24 11.22
C THR ND 107 77.35 -108.45 11.11
N THR ND 108 77.83 -108.22 9.89
CA THR ND 108 79.04 -107.41 9.71
C THR ND 108 78.82 -105.99 10.19
N MET ND 109 77.67 -105.40 9.87
CA MET ND 109 77.35 -104.06 10.38
C MET ND 109 77.31 -104.05 11.90
N LEU ND 110 76.68 -105.05 12.50
CA LEU ND 110 76.52 -105.07 13.95
C LEU ND 110 77.86 -105.22 14.65
N ASN ND 111 78.75 -106.05 14.11
CA ASN ND 111 80.02 -106.30 14.78
C ASN ND 111 80.98 -105.14 14.61
N ALA ND 112 81.02 -104.52 13.43
CA ALA ND 112 81.89 -103.39 13.20
C ALA ND 112 81.45 -102.18 14.02
N ALA ND 113 80.15 -102.03 14.24
CA ALA ND 113 79.66 -100.92 15.05
C ALA ND 113 79.91 -101.15 16.53
N ALA ND 114 80.01 -102.41 16.96
CA ALA ND 114 80.27 -102.71 18.36
C ALA ND 114 81.68 -102.25 18.76
N GLN ND 115 82.67 -102.56 17.93
CA GLN ND 115 84.02 -102.07 18.17
C GLN ND 115 84.12 -100.57 18.01
N LEU ND 116 83.15 -99.93 17.36
CA LEU ND 116 83.20 -98.47 17.21
C LEU ND 116 82.97 -97.78 18.55
N LEU ND 117 82.35 -98.47 19.52
CA LEU ND 117 82.12 -97.87 20.82
C LEU ND 117 82.73 -98.69 21.96
N PHE ND 118 83.65 -99.61 21.65
CA PHE ND 118 84.45 -100.20 22.71
C PHE ND 118 85.94 -100.33 22.39
N ASP ND 119 86.37 -100.12 21.15
CA ASP ND 119 87.80 -100.12 20.85
C ASP ND 119 88.47 -98.94 21.53
N SER ND 120 89.73 -99.15 21.95
CA SER ND 120 90.43 -98.15 22.74
C SER ND 120 90.72 -96.89 21.92
N ASP ND 121 90.88 -97.04 20.60
CA ASP ND 121 91.21 -95.89 19.75
C ASP ND 121 90.09 -94.85 19.75
N TYR ND 122 88.88 -95.24 20.11
CA TYR ND 122 87.76 -94.32 20.10
C TYR ND 122 87.41 -93.85 21.51
N SER ND 123 88.26 -94.16 22.49
CA SER ND 123 87.97 -93.79 23.86
C SER ND 123 87.88 -92.28 24.03
N ASP ND 124 88.81 -91.53 23.43
CA ASP ND 124 88.81 -90.08 23.59
C ASP ND 124 87.73 -89.40 22.77
N PHE ND 125 87.23 -90.04 21.72
CA PHE ND 125 86.10 -89.48 21.00
C PHE ND 125 84.81 -89.54 21.81
N TRP ND 126 84.60 -90.63 22.56
CA TRP ND 126 83.38 -90.77 23.35
C TRP ND 126 83.45 -90.00 24.66
N LYS ND 127 84.59 -90.06 25.35
CA LYS ND 127 84.75 -89.41 26.65
C LYS ND 127 85.25 -87.98 26.49
N ALA ND 128 86.42 -87.79 25.87
CA ALA ND 128 86.99 -86.46 25.72
C ALA ND 128 86.39 -85.67 24.58
N GLN ND 129 85.55 -86.29 23.75
CA GLN ND 129 84.92 -85.63 22.61
C GLN ND 129 85.98 -85.11 21.64
N ALA ND 130 87.02 -85.91 21.43
CA ALA ND 130 88.21 -85.53 20.68
C ALA ND 130 88.17 -86.21 19.31
N LEU ND 131 88.02 -85.41 18.25
CA LEU ND 131 87.96 -85.94 16.90
C LEU ND 131 89.30 -86.50 16.44
N ALA ND 132 90.40 -85.92 16.89
CA ALA ND 132 91.70 -86.45 16.54
C ALA ND 132 92.64 -86.46 17.74
N ALA OD 1 64.95 -113.71 23.83
CA ALA OD 1 65.33 -112.45 23.21
C ALA OD 1 65.23 -111.31 24.21
N ILE OD 2 64.59 -110.22 23.79
CA ILE OD 2 64.36 -109.11 24.71
C ILE OD 2 63.20 -109.49 25.63
N ALA OD 3 63.53 -109.96 26.83
CA ALA OD 3 62.54 -110.48 27.76
C ALA OD 3 63.21 -110.94 29.04
N ASN OD 4 64.21 -111.82 28.91
CA ASN OD 4 64.94 -112.36 30.06
C ASN OD 4 66.44 -112.39 29.76
N SER OD 5 66.89 -111.58 28.82
CA SER OD 5 68.28 -111.60 28.40
C SER OD 5 69.18 -111.06 29.50
N SER OD 6 70.43 -111.51 29.50
CA SER OD 6 71.43 -111.13 30.50
C SER OD 6 72.50 -110.29 29.82
N ILE OD 7 72.85 -109.17 30.45
CA ILE OD 7 73.92 -108.29 29.99
C ILE OD 7 74.92 -108.11 31.12
N ALA OD 8 76.20 -108.30 30.82
CA ALA OD 8 77.24 -108.25 31.83
C ALA OD 8 77.71 -106.81 32.03
N ILE OD 9 77.19 -106.16 33.06
CA ILE OD 9 77.52 -104.76 33.33
C ILE OD 9 78.96 -104.65 33.81
N ASP OD 10 79.67 -103.63 33.31
CA ASP OD 10 81.05 -103.34 33.70
C ASP OD 10 81.97 -104.53 33.45
N SER OD 11 81.86 -105.10 32.26
CA SER OD 11 82.72 -106.19 31.82
C SER OD 11 83.73 -105.67 30.80
N THR OD 12 84.55 -106.58 30.28
CA THR OD 12 85.52 -106.27 29.25
C THR OD 12 85.13 -106.97 27.95
N ALA OD 13 84.96 -106.20 26.88
CA ALA OD 13 84.58 -106.73 25.59
C ALA OD 13 85.80 -106.77 24.67
N SER OD 14 86.00 -107.89 23.99
CA SER OD 14 87.12 -108.09 23.09
C SER OD 14 86.64 -108.68 21.78
N VAL OD 15 87.57 -108.86 20.85
CA VAL OD 15 87.29 -109.35 19.51
C VAL OD 15 88.36 -110.36 19.11
N THR OD 16 87.93 -111.46 18.48
CA THR OD 16 88.85 -112.45 17.95
C THR OD 16 88.48 -112.74 16.51
N GLY OD 17 89.47 -113.18 15.73
CA GLY OD 17 89.24 -113.46 14.33
C GLY OD 17 89.10 -112.19 13.51
N GLY OD 18 88.61 -112.37 12.28
CA GLY OD 18 88.34 -111.25 11.40
C GLY OD 18 89.59 -110.73 10.71
N THR OD 19 89.37 -109.70 9.90
CA THR OD 19 90.44 -108.98 9.22
C THR OD 19 90.56 -107.58 9.78
N ALA OD 20 91.78 -107.16 10.07
CA ALA OD 20 92.07 -105.86 10.69
C ALA OD 20 92.20 -104.82 9.58
N ARG OD 21 91.20 -103.95 9.48
CA ARG OD 21 91.27 -102.85 8.55
C ARG OD 21 91.68 -101.57 9.27
N THR OD 22 92.11 -100.57 8.49
CA THR OD 22 92.85 -99.45 9.07
C THR OD 22 91.94 -98.27 9.41
N VAL OD 23 90.95 -97.99 8.58
CA VAL OD 23 90.12 -96.79 8.67
C VAL OD 23 90.98 -95.58 8.31
N LYS OD 24 90.56 -94.82 7.30
CA LYS OD 24 91.35 -93.71 6.77
C LYS OD 24 90.48 -92.47 6.74
N GLU OD 25 91.02 -91.35 7.19
CA GLU OD 25 90.27 -90.10 7.20
C GLU OD 25 90.07 -89.60 5.77
N LEU OD 26 88.84 -89.22 5.44
CA LEU OD 26 88.55 -88.60 4.15
C LEU OD 26 88.55 -87.08 4.24
N VAL OD 27 87.63 -86.53 5.03
CA VAL OD 27 87.34 -85.10 5.04
C VAL OD 27 87.01 -84.69 6.46
N ARG OD 28 87.43 -83.48 6.82
CA ARG OD 28 87.22 -82.94 8.15
C ARG OD 28 86.32 -81.71 8.03
N ASN OD 29 86.19 -80.99 9.14
CA ASN OD 29 85.38 -79.76 9.24
C ASN OD 29 83.90 -80.05 9.33
N ASN OD 30 83.23 -79.44 10.30
CA ASN OD 30 83.90 -78.85 11.46
C ASN OD 30 83.16 -79.37 12.68
N SER OD 31 83.92 -79.91 13.62
CA SER OD 31 83.36 -80.79 14.65
C SER OD 31 82.67 -81.97 13.98
N GLU OD 32 83.27 -82.45 12.89
CA GLU OD 32 82.70 -83.50 12.08
C GLU OD 32 83.84 -84.19 11.31
N LEU OD 33 84.17 -85.42 11.68
CA LEU OD 33 85.16 -86.18 10.93
C LEU OD 33 84.47 -87.14 9.98
N ASN OD 34 85.14 -87.43 8.86
CA ASN OD 34 84.66 -88.41 7.90
C ASN OD 34 85.81 -89.34 7.54
N ALA OD 35 85.58 -90.64 7.64
CA ALA OD 35 86.62 -91.63 7.39
C ALA OD 35 86.02 -92.74 6.55
N TYR OD 36 86.81 -93.78 6.30
CA TYR OD 36 86.32 -94.95 5.58
C TYR OD 36 87.19 -96.13 5.97
N ILE OD 37 86.55 -97.29 6.12
CA ILE OD 37 87.26 -98.52 6.47
C ILE OD 37 87.83 -99.10 5.19
N ASP OD 38 89.16 -99.10 5.08
CA ASP OD 38 89.84 -99.54 3.87
C ASP OD 38 89.98 -101.06 3.88
N GLU OD 39 89.23 -101.73 3.02
CA GLU OD 39 89.31 -103.18 2.87
C GLU OD 39 89.56 -103.58 1.42
N GLY OD 40 90.20 -102.69 0.66
CA GLY OD 40 90.49 -102.97 -0.73
C GLY OD 40 89.27 -103.10 -1.62
N LEU OD 41 88.28 -102.23 -1.40
CA LEU OD 41 87.08 -102.23 -2.20
C LEU OD 41 87.04 -100.98 -3.08
N SER OD 42 86.05 -100.92 -3.97
CA SER OD 42 85.93 -99.80 -4.87
C SER OD 42 85.39 -98.57 -4.15
N PHE OD 43 85.35 -97.45 -4.87
CA PHE OD 43 84.90 -96.20 -4.29
C PHE OD 43 83.42 -96.23 -3.93
N GLN OD 44 82.62 -96.98 -4.68
CA GLN OD 44 81.19 -97.04 -4.41
C GLN OD 44 80.82 -98.09 -3.37
N ALA OD 45 81.75 -98.97 -2.99
CA ALA OD 45 81.47 -100.11 -2.14
C ALA OD 45 82.22 -100.04 -0.82
N ARG OD 46 82.78 -98.88 -0.49
CA ARG OD 46 83.56 -98.74 0.72
C ARG OD 46 82.66 -98.38 1.90
N LYS OD 47 83.13 -98.72 3.10
CA LYS OD 47 82.35 -98.61 4.33
C LYS OD 47 81.97 -97.17 4.69
N GLU OD 48 82.96 -96.29 4.88
CA GLU OD 48 82.72 -94.87 5.16
C GLU OD 48 81.98 -94.58 6.46
N VAL OD 49 82.63 -94.78 7.61
CA VAL OD 49 82.09 -94.39 8.91
C VAL OD 49 82.31 -92.88 9.11
N ALA OD 50 81.31 -92.20 9.65
CA ALA OD 50 81.39 -90.77 9.93
C ALA OD 50 81.33 -90.51 11.43
N PHE OD 51 81.92 -89.39 11.84
CA PHE OD 51 82.03 -89.00 13.24
C PHE OD 51 81.56 -87.56 13.42
N SER OD 52 80.66 -87.34 14.37
CA SER OD 52 80.13 -86.03 14.66
C SER OD 52 80.28 -85.73 16.14
N VAL OD 53 80.20 -84.44 16.48
CA VAL OD 53 80.41 -84.01 17.86
C VAL OD 53 79.63 -82.73 18.13
N LYS OD 54 78.92 -82.68 19.25
CA LYS OD 54 78.24 -81.47 19.73
C LYS OD 54 78.78 -81.20 21.13
N VAL OD 55 79.55 -80.12 21.26
CA VAL OD 55 80.21 -79.81 22.53
C VAL OD 55 79.17 -79.34 23.54
N PRO OD 56 79.41 -79.47 24.84
CA PRO OD 56 78.44 -78.98 25.83
C PRO OD 56 78.31 -77.46 25.75
N LYS OD 57 77.07 -77.01 25.62
CA LYS OD 57 76.76 -75.60 25.49
C LYS OD 57 76.26 -75.05 26.82
N VAL OD 58 76.68 -73.84 27.16
CA VAL OD 58 76.31 -73.25 28.45
C VAL OD 58 74.87 -72.76 28.39
N SER OD 59 73.94 -73.57 28.88
CA SER OD 59 72.55 -73.17 28.99
C SER OD 59 72.27 -72.65 30.39
N VAL OD 60 71.00 -72.46 30.73
CA VAL OD 60 70.63 -71.97 32.05
C VAL OD 60 69.67 -72.94 32.73
N SER OD 61 68.59 -73.30 32.03
CA SER OD 61 67.54 -74.13 32.61
C SER OD 61 67.79 -75.60 32.30
N ALA OD 62 68.95 -76.08 32.76
CA ALA OD 62 69.30 -77.46 32.54
C ALA OD 62 69.94 -78.04 33.80
N PRO OD 63 69.83 -79.35 34.02
CA PRO OD 63 70.58 -79.96 35.12
C PRO OD 63 72.07 -79.73 34.96
N GLY OD 64 72.73 -79.35 36.04
CA GLY OD 64 74.16 -79.10 36.00
C GLY OD 64 74.49 -77.71 35.52
N GLY OD 65 73.70 -77.21 34.57
CA GLY OD 65 73.90 -75.88 34.03
C GLY OD 65 74.08 -75.86 32.52
N PHE OD 66 74.82 -76.82 31.98
CA PHE OD 66 75.10 -76.83 30.55
C PHE OD 66 74.17 -77.82 29.85
N THR OD 67 74.20 -77.79 28.51
CA THR OD 67 73.57 -78.84 27.73
C THR OD 67 74.48 -80.07 27.71
N GLN OD 68 74.02 -81.10 27.02
CA GLN OD 68 74.70 -82.38 27.05
C GLN OD 68 75.79 -82.47 25.99
N ALA OD 69 76.79 -83.29 26.26
CA ALA OD 69 77.89 -83.54 25.33
C ALA OD 69 77.46 -84.66 24.39
N ARG OD 70 77.02 -84.29 23.19
CA ARG OD 70 76.57 -85.26 22.20
C ARG OD 70 77.74 -85.72 21.34
N SER OD 71 77.75 -87.02 21.02
CA SER OD 71 78.82 -87.61 20.23
C SER OD 71 78.19 -88.69 19.35
N THR OD 72 78.11 -88.44 18.06
CA THR OD 72 77.42 -89.32 17.13
C THR OD 72 78.41 -90.01 16.19
N VAL OD 73 78.10 -91.27 15.88
CA VAL OD 73 78.85 -92.06 14.90
C VAL OD 73 77.83 -92.69 13.97
N ILE OD 74 78.07 -92.59 12.66
CA ILE OD 74 77.27 -93.28 11.67
C ILE OD 74 78.20 -94.11 10.79
N LEU OD 75 77.95 -95.41 10.75
CA LEU OD 75 78.64 -96.31 9.83
C LEU OD 75 77.71 -96.56 8.64
N LYS OD 76 78.13 -96.13 7.46
CA LYS OD 76 77.39 -96.42 6.24
C LYS OD 76 77.89 -97.73 5.66
N SER OD 77 77.08 -98.32 4.79
CA SER OD 77 77.40 -99.61 4.16
C SER OD 77 76.65 -99.71 2.85
N PRO OD 78 77.32 -99.48 1.72
CA PRO OD 78 76.65 -99.57 0.42
C PRO OD 78 76.16 -100.98 0.14
N LYS OD 79 75.05 -101.05 -0.59
CA LYS OD 79 74.50 -102.33 -1.03
C LYS OD 79 73.80 -102.12 -2.35
N THR OD 80 74.03 -103.04 -3.28
CA THR OD 80 73.37 -103.02 -4.58
C THR OD 80 72.21 -104.00 -4.58
N LEU OD 81 71.12 -103.63 -5.25
CA LEU OD 81 69.87 -104.35 -5.12
C LEU OD 81 69.67 -105.31 -6.30
N ALA OD 82 68.54 -106.02 -6.26
CA ALA OD 82 68.19 -106.99 -7.29
C ALA OD 82 67.76 -106.33 -8.60
N ASN OD 83 67.55 -105.02 -8.59
CA ASN OD 83 67.24 -104.26 -9.80
C ASN OD 83 68.42 -103.41 -10.28
N GLY OD 84 69.57 -103.49 -9.61
CA GLY OD 84 70.76 -102.78 -10.01
C GLY OD 84 70.96 -101.43 -9.34
N ASN OD 85 69.99 -100.94 -8.58
CA ASN OD 85 70.14 -99.67 -7.91
C ASN OD 85 71.05 -99.80 -6.68
N ARG OD 86 71.58 -98.67 -6.24
CA ARG OD 86 72.45 -98.62 -5.07
C ARG OD 86 71.68 -97.99 -3.92
N THR OD 87 71.79 -98.57 -2.74
CA THR OD 87 71.31 -97.99 -1.50
C THR OD 87 72.37 -98.12 -0.43
N VAL OD 88 72.10 -97.53 0.73
CA VAL OD 88 73.03 -97.51 1.84
C VAL OD 88 72.33 -98.00 3.09
N ASN OD 89 72.98 -98.91 3.82
CA ASN OD 89 72.55 -99.33 5.14
C ASN OD 89 73.40 -98.57 6.17
N THR OD 90 72.78 -98.16 7.26
CA THR OD 90 73.46 -97.34 8.25
C THR OD 90 73.29 -97.91 9.65
N VAL OD 91 74.30 -97.65 10.48
CA VAL OD 91 74.21 -97.85 11.92
C VAL OD 91 74.55 -96.53 12.59
N SER OD 92 73.61 -95.94 13.31
CA SER OD 92 73.83 -94.65 13.94
C SER OD 92 73.91 -94.83 15.45
N ILE OD 93 75.00 -94.38 16.05
CA ILE OD 93 75.22 -94.46 17.49
C ILE OD 93 75.40 -93.05 18.02
N GLN OD 94 74.52 -92.63 18.93
CA GLN OD 94 74.63 -91.33 19.58
C GLN OD 94 74.82 -91.53 21.08
N LEU OD 95 75.87 -90.94 21.62
CA LEU OD 95 76.12 -90.92 23.05
C LEU OD 95 75.87 -89.50 23.53
N SER OD 96 74.99 -89.35 24.51
CA SER OD 96 74.62 -88.05 25.04
C SER OD 96 74.68 -88.10 26.55
N VAL OD 97 75.78 -87.61 27.11
CA VAL OD 97 75.96 -87.58 28.54
C VAL OD 97 76.07 -86.14 29.01
N ASP OD 98 75.83 -85.91 30.29
CA ASP OD 98 76.05 -84.62 30.91
C ASP OD 98 77.55 -84.43 31.11
N PRO OD 99 78.03 -83.18 31.06
CA PRO OD 99 79.48 -82.93 31.20
C PRO OD 99 80.04 -83.39 32.54
N GLU OD 100 79.21 -83.49 33.58
CA GLU OD 100 79.65 -83.94 34.89
C GLU OD 100 79.90 -85.44 34.95
N THR OD 101 79.57 -86.18 33.89
CA THR OD 101 79.76 -87.62 33.87
C THR OD 101 81.25 -87.96 33.83
N THR OD 102 81.64 -88.95 34.61
CA THR OD 102 83.02 -89.40 34.67
C THR OD 102 83.30 -90.38 33.54
N ALA OD 103 84.59 -90.65 33.32
CA ALA OD 103 85.00 -91.55 32.25
C ALA OD 103 84.54 -92.96 32.52
N ALA OD 104 84.52 -93.38 33.78
CA ALA OD 104 84.13 -94.74 34.11
C ALA OD 104 82.62 -94.95 33.95
N GLU OD 105 81.82 -93.91 34.17
CA GLU OD 105 80.39 -94.02 33.94
C GLU OD 105 80.06 -94.04 32.45
N VAL OD 106 80.96 -93.49 31.62
CA VAL OD 106 80.77 -93.55 30.18
C VAL OD 106 81.24 -94.90 29.64
N THR OD 107 82.27 -95.46 30.26
CA THR OD 107 82.77 -96.78 29.89
C THR OD 107 81.72 -97.85 30.13
N THR OD 108 80.91 -97.67 31.17
CA THR OD 108 79.86 -98.64 31.47
C THR OD 108 78.74 -98.55 30.43
N MET OD 109 78.34 -97.34 30.06
CA MET OD 109 77.30 -97.18 29.06
C MET OD 109 77.71 -97.77 27.71
N LEU OD 110 78.95 -97.51 27.30
CA LEU OD 110 79.41 -98.00 26.01
C LEU OD 110 79.49 -99.52 26.01
N ASN OD 111 79.90 -100.12 27.12
CA ASN OD 111 79.98 -101.57 27.20
C ASN OD 111 78.59 -102.20 27.21
N ALA OD 112 77.66 -101.59 27.94
CA ALA OD 112 76.28 -102.09 27.95
C ALA OD 112 75.65 -101.95 26.57
N ALA OD 113 75.86 -100.80 25.93
CA ALA OD 113 75.27 -100.57 24.61
C ALA OD 113 75.95 -101.41 23.54
N ALA OD 114 77.26 -101.63 23.66
CA ALA OD 114 77.94 -102.49 22.70
C ALA OD 114 77.43 -103.92 22.78
N GLN OD 115 77.08 -104.37 23.99
CA GLN OD 115 76.58 -105.73 24.15
C GLN OD 115 75.23 -105.91 23.46
N LEU OD 116 74.41 -104.86 23.44
CA LEU OD 116 73.14 -104.93 22.71
C LEU OD 116 73.40 -104.60 21.24
N LEU OD 117 74.48 -105.18 20.72
CA LEU OD 117 74.78 -105.09 19.29
C LEU OD 117 75.26 -106.44 18.77
N PHE OD 118 75.90 -107.22 19.64
CA PHE OD 118 76.49 -108.49 19.25
C PHE OD 118 76.10 -109.66 20.13
N ASP OD 119 75.38 -109.43 21.22
CA ASP OD 119 74.93 -110.54 22.06
C ASP OD 119 73.93 -111.40 21.29
N SER OD 120 74.08 -112.72 21.43
CA SER OD 120 73.28 -113.66 20.66
C SER OD 120 71.80 -113.53 20.99
N ASP OD 121 71.48 -113.01 22.17
CA ASP OD 121 70.09 -112.85 22.59
C ASP OD 121 69.36 -111.86 21.70
N TYR OD 122 70.01 -110.76 21.34
CA TYR OD 122 69.40 -109.78 20.45
C TYR OD 122 69.84 -109.99 19.02
N SER OD 123 69.53 -111.14 18.44
CA SER OD 123 69.84 -111.37 17.04
C SER OD 123 68.57 -111.26 16.21
N ASP OD 124 67.49 -111.86 16.70
CA ASP OD 124 66.21 -111.78 16.01
C ASP OD 124 65.69 -110.34 15.98
N PHE OD 125 66.08 -109.51 16.94
CA PHE OD 125 65.64 -108.12 16.96
C PHE OD 125 66.26 -107.29 15.86
N TRP OD 126 67.53 -107.52 15.52
CA TRP OD 126 68.20 -106.73 14.50
C TRP OD 126 67.91 -107.26 13.10
N LYS OD 127 68.07 -108.58 12.90
CA LYS OD 127 67.91 -109.14 11.57
C LYS OD 127 66.45 -109.47 11.27
N ALA OD 128 65.82 -110.29 12.12
CA ALA OD 128 64.43 -110.64 11.90
C ALA OD 128 63.48 -109.50 12.30
N GLN OD 129 64.00 -108.47 12.95
CA GLN OD 129 63.19 -107.34 13.44
C GLN OD 129 62.07 -107.83 14.34
N ALA OD 130 62.36 -108.84 15.15
CA ALA OD 130 61.39 -109.49 16.02
C ALA OD 130 61.52 -108.93 17.43
N LEU OD 131 60.50 -108.19 17.86
CA LEU OD 131 60.53 -107.55 19.18
C LEU OD 131 60.54 -108.57 20.31
N ALA OD 132 60.02 -109.77 20.06
CA ALA OD 132 60.04 -110.82 21.08
C ALA OD 132 59.89 -112.21 20.45
N ALA PD 1 33.85 -110.80 63.43
CA ALA PD 1 33.45 -109.69 62.56
C ALA PD 1 34.58 -108.68 62.42
N ILE PD 2 34.25 -107.50 61.89
CA ILE PD 2 35.26 -106.47 61.63
C ILE PD 2 35.89 -106.01 62.94
N ALA PD 3 35.07 -105.75 63.96
CA ALA PD 3 35.59 -105.32 65.24
C ALA PD 3 36.37 -106.44 65.91
N ASN PD 4 37.58 -106.11 66.36
CA ASN PD 4 38.47 -107.07 67.04
C ASN PD 4 38.83 -108.24 66.14
N SER PD 5 38.85 -108.00 64.84
CA SER PD 5 39.33 -108.99 63.88
C SER PD 5 40.85 -109.01 63.91
N SER PD 6 41.43 -110.20 63.74
CA SER PD 6 42.88 -110.34 63.79
C SER PD 6 43.44 -110.59 62.39
N ILE PD 7 44.51 -109.88 62.07
CA ILE PD 7 45.22 -110.03 60.80
C ILE PD 7 46.69 -110.31 61.12
N ALA PD 8 47.25 -111.32 60.47
CA ALA PD 8 48.64 -111.73 60.71
C ALA PD 8 49.53 -110.97 59.73
N ILE PD 9 50.27 -109.99 60.23
CA ILE PD 9 51.12 -109.15 59.39
C ILE PD 9 52.41 -109.90 59.05
N ASP PD 10 52.88 -109.73 57.81
CA ASP PD 10 54.08 -110.38 57.30
C ASP PD 10 53.96 -111.89 57.38
N SER PD 11 53.01 -112.40 56.61
CA SER PD 11 52.65 -113.81 56.65
C SER PD 11 52.67 -114.39 55.25
N THR PD 12 53.04 -115.67 55.17
CA THR PD 12 52.93 -116.38 53.91
C THR PD 12 51.50 -116.83 53.68
N ALA PD 13 50.99 -116.58 52.49
CA ALA PD 13 49.63 -116.95 52.11
C ALA PD 13 49.72 -118.17 51.19
N SER PD 14 49.19 -119.29 51.65
CA SER PD 14 49.12 -120.49 50.82
C SER PD 14 47.74 -120.58 50.18
N VAL PD 15 47.53 -121.62 49.38
CA VAL PD 15 46.22 -121.91 48.81
C VAL PD 15 46.16 -123.39 48.42
N THR PD 16 45.14 -124.09 48.86
CA THR PD 16 44.98 -125.52 48.57
C THR PD 16 43.50 -125.82 48.34
N GLY PD 17 43.05 -125.69 47.09
CA GLY PD 17 41.72 -126.15 46.75
C GLY PD 17 41.64 -126.94 45.46
N GLY PD 18 42.69 -126.90 44.65
CA GLY PD 18 42.67 -127.56 43.36
C GLY PD 18 42.08 -126.68 42.26
N THR PD 19 41.69 -127.30 41.15
CA THR PD 19 41.11 -126.62 40.00
C THR PD 19 42.06 -125.53 39.49
N ALA PD 20 43.25 -125.97 39.06
CA ALA PD 20 44.28 -125.04 38.59
C ALA PD 20 43.97 -124.55 37.18
N ARG PD 21 43.31 -123.41 37.08
CA ARG PD 21 42.99 -122.83 35.79
C ARG PD 21 44.20 -122.08 35.23
N THR PD 22 43.99 -121.43 34.09
CA THR PD 22 45.06 -120.74 33.38
C THR PD 22 44.56 -119.38 32.91
N VAL PD 23 45.33 -118.34 33.20
CA VAL PD 23 45.03 -117.00 32.74
C VAL PD 23 45.63 -116.84 31.34
N LYS PD 24 44.77 -116.61 30.35
CA LYS PD 24 45.20 -116.41 28.97
C LYS PD 24 44.89 -114.97 28.58
N GLU PD 25 45.89 -114.28 28.03
CA GLU PD 25 45.68 -112.89 27.66
C GLU PD 25 44.87 -112.79 26.37
N LEU PD 26 44.11 -111.70 26.25
CA LEU PD 26 43.28 -111.48 25.08
C LEU PD 26 43.82 -110.33 24.25
N VAL PD 27 43.95 -109.13 24.82
CA VAL PD 27 44.39 -107.94 24.10
C VAL PD 27 45.32 -107.15 25.01
N ARG PD 28 45.80 -106.02 24.51
CA ARG PD 28 46.73 -105.20 25.27
C ARG PD 28 46.33 -103.74 25.37
N ASN PD 29 45.61 -103.21 24.39
CA ASN PD 29 45.39 -101.76 24.19
C ASN PD 29 46.41 -100.87 24.88
N ASN PD 30 45.95 -99.76 25.46
CA ASN PD 30 46.83 -98.71 25.95
C ASN PD 30 47.26 -99.01 27.38
N SER PD 31 48.48 -99.52 27.54
CA SER PD 31 49.08 -99.76 28.86
C SER PD 31 48.16 -100.59 29.75
N GLU PD 32 47.56 -101.60 29.13
CA GLU PD 32 46.59 -102.46 29.80
C GLU PD 32 46.92 -103.90 29.42
N LEU PD 33 46.22 -104.84 30.06
CA LEU PD 33 46.35 -106.25 29.69
C LEU PD 33 45.07 -106.98 30.03
N ASN PD 34 44.22 -107.20 29.04
CA ASN PD 34 42.95 -107.88 29.26
C ASN PD 34 43.16 -109.37 29.03
N ALA PD 35 42.93 -110.16 30.07
CA ALA PD 35 43.06 -111.60 30.01
C ALA PD 35 41.72 -112.25 30.40
N TYR PD 36 41.72 -113.57 30.49
CA TYR PD 36 40.52 -114.31 30.91
C TYR PD 36 40.96 -115.64 31.50
N ILE PD 37 40.13 -116.18 32.37
CA ILE PD 37 40.43 -117.44 33.04
C ILE PD 37 39.79 -118.58 32.23
N ASP PD 38 40.59 -119.56 31.86
CA ASP PD 38 40.14 -120.65 30.98
C ASP PD 38 39.54 -121.76 31.84
N GLU PD 39 38.21 -121.73 31.96
CA GLU PD 39 37.48 -122.74 32.69
C GLU PD 39 36.53 -123.55 31.82
N GLY PD 40 36.53 -123.34 30.52
CA GLY PD 40 35.66 -124.04 29.61
C GLY PD 40 34.25 -123.49 29.51
N LEU PD 41 33.98 -122.31 30.07
CA LEU PD 41 32.66 -121.71 29.99
C LEU PD 41 32.43 -121.14 28.60
N SER PD 42 31.28 -120.51 28.40
CA SER PD 42 30.96 -119.93 27.11
C SER PD 42 31.83 -118.70 26.85
N PHE PD 43 31.69 -118.15 25.65
CA PHE PD 43 32.50 -117.01 25.26
C PHE PD 43 32.13 -115.77 26.06
N GLN PD 44 30.85 -115.51 26.22
CA GLN PD 44 30.38 -114.35 26.98
C GLN PD 44 29.91 -114.75 28.38
N ALA PD 45 30.45 -115.86 28.90
CA ALA PD 45 30.22 -116.22 30.30
C ALA PD 45 31.54 -116.49 31.04
N ARG PD 46 32.69 -116.27 30.40
CA ARG PD 46 33.97 -116.50 31.02
C ARG PD 46 34.35 -115.33 31.93
N LYS PD 47 35.27 -115.57 32.86
CA LYS PD 47 35.71 -114.50 33.76
C LYS PD 47 36.97 -113.87 33.19
N GLU PD 48 36.89 -112.59 32.85
CA GLU PD 48 38.01 -111.82 32.31
C GLU PD 48 38.58 -110.94 33.41
N VAL PD 49 39.89 -111.05 33.64
CA VAL PD 49 40.56 -110.17 34.57
C VAL PD 49 41.46 -109.22 33.80
N ALA PD 50 41.33 -107.92 34.08
CA ALA PD 50 42.09 -106.89 33.39
C ALA PD 50 43.15 -106.29 34.30
N PHE PD 51 44.34 -106.09 33.74
CA PHE PD 51 45.49 -105.53 34.43
C PHE PD 51 45.84 -104.19 33.82
N SER PD 52 46.39 -103.28 34.63
CA SER PD 52 46.75 -101.96 34.12
C SER PD 52 47.78 -101.31 35.03
N VAL PD 53 48.66 -100.50 34.44
CA VAL PD 53 49.69 -99.79 35.18
C VAL PD 53 49.63 -98.31 34.83
N LYS PD 54 50.09 -97.49 35.77
CA LYS PD 54 50.04 -96.03 35.65
C LYS PD 54 51.36 -95.44 36.16
N VAL PD 55 52.47 -95.90 35.59
CA VAL PD 55 53.84 -95.59 36.00
C VAL PD 55 54.03 -94.12 36.37
N PRO PD 56 54.86 -93.81 37.36
CA PRO PD 56 54.96 -92.44 37.89
C PRO PD 56 55.46 -91.45 36.85
N LYS PD 57 55.02 -90.21 37.01
CA LYS PD 57 55.36 -89.12 36.10
C LYS PD 57 55.97 -87.99 36.92
N VAL PD 58 57.16 -87.53 36.51
CA VAL PD 58 57.91 -86.55 37.29
C VAL PD 58 57.13 -85.24 37.39
N SER PD 59 56.73 -84.89 38.60
CA SER PD 59 55.94 -83.70 38.85
C SER PD 59 56.74 -82.69 39.68
N VAL PD 60 56.16 -81.53 39.96
CA VAL PD 60 56.74 -80.54 40.84
C VAL PD 60 56.10 -80.59 42.23
N SER PD 61 54.82 -80.92 42.29
CA SER PD 61 54.06 -81.24 43.49
C SER PD 61 54.43 -82.66 43.92
N ALA PD 62 53.54 -83.32 44.69
CA ALA PD 62 53.78 -84.69 45.14
C ALA PD 62 54.95 -84.73 46.11
N PRO PD 63 54.71 -84.43 47.38
CA PRO PD 63 55.80 -84.22 48.34
C PRO PD 63 56.60 -85.49 48.58
N GLY PD 64 57.62 -85.66 47.76
CA GLY PD 64 58.33 -86.90 47.55
C GLY PD 64 58.85 -86.95 46.13
N GLY PD 65 58.38 -86.00 45.33
CA GLY PD 65 58.96 -85.76 44.02
C GLY PD 65 58.01 -85.93 42.84
N PHE PD 66 57.22 -86.99 42.85
CA PHE PD 66 56.32 -87.31 41.75
C PHE PD 66 55.31 -88.38 42.15
N THR PD 67 54.30 -88.53 41.30
CA THR PD 67 53.09 -89.29 41.60
C THR PD 67 53.42 -90.75 41.89
N GLN PD 68 52.44 -91.45 42.46
CA GLN PD 68 52.62 -92.81 42.90
C GLN PD 68 52.43 -93.80 41.75
N ALA PD 69 52.74 -95.05 42.04
CA ALA PD 69 52.68 -96.13 41.06
C ALA PD 69 51.46 -97.00 41.33
N ARG PD 70 50.34 -96.65 40.72
CA ARG PD 70 49.10 -97.42 40.89
C ARG PD 70 49.07 -98.61 39.93
N SER PD 71 48.60 -99.75 40.44
CA SER PD 71 48.41 -100.96 39.65
C SER PD 71 47.00 -101.47 39.92
N THR PD 72 46.22 -101.66 38.86
CA THR PD 72 44.83 -102.05 39.01
C THR PD 72 44.59 -103.45 38.46
N VAL PD 73 43.70 -104.17 39.14
CA VAL PD 73 43.23 -105.49 38.68
C VAL PD 73 41.72 -105.54 38.85
N ILE PD 74 41.00 -105.68 37.75
CA ILE PD 74 39.55 -105.84 37.80
C ILE PD 74 39.19 -107.24 37.32
N LEU PD 75 38.50 -108.00 38.16
CA LEU PD 75 38.06 -109.35 37.85
C LEU PD 75 36.56 -109.30 37.58
N LYS PD 76 36.17 -109.60 36.34
CA LYS PD 76 34.78 -109.54 35.94
C LYS PD 76 34.21 -110.95 35.85
N SER PD 77 33.23 -111.25 36.68
CA SER PD 77 32.60 -112.57 36.72
C SER PD 77 31.15 -112.45 36.26
N PRO PD 78 30.82 -112.89 35.05
CA PRO PD 78 29.45 -112.72 34.56
C PRO PD 78 28.47 -113.59 35.34
N LYS PD 79 27.21 -113.16 35.36
CA LYS PD 79 26.16 -113.89 36.06
C LYS PD 79 24.84 -113.68 35.35
N THR PD 80 24.11 -114.78 35.13
CA THR PD 80 22.78 -114.73 34.53
C THR PD 80 21.75 -114.72 35.66
N LEU PD 81 20.90 -113.69 35.68
CA LEU PD 81 19.94 -113.54 36.75
C LEU PD 81 18.70 -114.38 36.50
N ALA PD 82 17.85 -114.47 37.53
CA ALA PD 82 16.61 -115.24 37.42
C ALA PD 82 15.67 -114.62 36.40
N ASN PD 83 15.59 -113.29 36.35
CA ASN PD 83 14.74 -112.63 35.38
C ASN PD 83 15.17 -112.93 33.95
N GLY PD 84 16.41 -113.36 33.76
CA GLY PD 84 16.85 -113.79 32.45
C GLY PD 84 17.97 -112.96 31.88
N ASN PD 85 18.06 -111.70 32.29
CA ASN PD 85 19.08 -110.82 31.78
C ASN PD 85 20.45 -111.20 32.35
N ARG PD 86 21.49 -110.50 31.89
CA ARG PD 86 22.86 -110.78 32.26
C ARG PD 86 23.46 -109.56 32.94
N THR PD 87 24.35 -109.82 33.89
CA THR PD 87 25.03 -108.77 34.64
C THR PD 87 26.43 -109.29 34.97
N VAL PD 88 27.34 -108.38 35.30
CA VAL PD 88 28.71 -108.73 35.64
C VAL PD 88 28.98 -108.32 37.08
N ASN PD 89 29.59 -109.22 37.84
CA ASN PD 89 30.00 -108.97 39.22
C ASN PD 89 31.51 -108.75 39.19
N THR PD 90 31.95 -107.60 39.69
CA THR PD 90 33.34 -107.19 39.54
C THR PD 90 34.05 -107.08 40.88
N VAL PD 91 35.36 -107.30 40.84
CA VAL PD 91 36.23 -107.10 42.01
C VAL PD 91 37.46 -106.32 41.57
N SER PD 92 37.46 -105.01 41.84
CA SER PD 92 38.61 -104.19 41.47
C SER PD 92 39.57 -104.04 42.64
N ILE PD 93 40.86 -103.96 42.32
CA ILE PD 93 41.92 -103.81 43.31
C ILE PD 93 42.94 -102.82 42.78
N GLN PD 94 43.33 -101.85 43.61
CA GLN PD 94 44.29 -100.83 43.23
C GLN PD 94 45.40 -100.73 44.26
N LEU PD 95 46.61 -100.37 43.80
CA LEU PD 95 47.82 -100.38 44.62
C LEU PD 95 48.59 -99.06 44.45
N SER PD 96 47.91 -97.94 44.69
CA SER PD 96 48.55 -96.62 44.61
C SER PD 96 49.58 -96.52 45.72
N VAL PD 97 50.83 -96.80 45.37
CA VAL PD 97 51.95 -96.71 46.31
C VAL PD 97 53.00 -95.76 45.74
N ASP PD 98 53.62 -95.00 46.64
CA ASP PD 98 54.61 -94.03 46.22
C ASP PD 98 55.85 -94.75 45.67
N PRO PD 99 56.43 -94.25 44.57
CA PRO PD 99 57.47 -95.02 43.87
C PRO PD 99 58.74 -95.26 44.66
N GLU PD 100 58.98 -94.52 45.73
CA GLU PD 100 60.14 -94.77 46.59
C GLU PD 100 59.96 -96.01 47.45
N THR PD 101 58.80 -96.64 47.43
CA THR PD 101 58.48 -97.73 48.33
C THR PD 101 59.31 -98.97 48.01
N THR PD 102 59.82 -99.61 49.05
CA THR PD 102 60.55 -100.86 48.89
C THR PD 102 59.58 -101.99 48.57
N ALA PD 103 60.13 -103.07 48.03
CA ALA PD 103 59.32 -104.22 47.65
C ALA PD 103 58.96 -105.09 48.85
N ALA PD 104 59.64 -104.94 49.98
CA ALA PD 104 59.31 -105.73 51.17
C ALA PD 104 58.00 -105.26 51.79
N GLU PD 105 57.82 -103.94 51.91
CA GLU PD 105 56.59 -103.43 52.51
C GLU PD 105 55.42 -103.51 51.54
N VAL PD 106 55.70 -103.48 50.23
CA VAL PD 106 54.66 -103.77 49.25
C VAL PD 106 54.15 -105.20 49.44
N THR PD 107 55.07 -106.14 49.64
CA THR PD 107 54.67 -107.51 49.96
C THR PD 107 53.89 -107.57 51.26
N THR PD 108 54.31 -106.78 52.25
CA THR PD 108 53.55 -106.68 53.49
C THR PD 108 52.15 -106.16 53.24
N MET PD 109 52.03 -105.10 52.44
CA MET PD 109 50.73 -104.52 52.14
C MET PD 109 49.85 -105.48 51.35
N LEU PD 110 50.45 -106.17 50.37
CA LEU PD 110 49.68 -107.09 49.54
C LEU PD 110 49.18 -108.26 50.38
N ASN PD 111 50.00 -108.74 51.31
CA ASN PD 111 49.58 -109.81 52.20
C ASN PD 111 48.47 -109.36 53.14
N ALA PD 112 48.61 -108.18 53.73
CA ALA PD 112 47.59 -107.67 54.63
C ALA PD 112 46.27 -107.45 53.90
N ALA PD 113 46.33 -106.85 52.71
CA ALA PD 113 45.14 -106.68 51.88
C ALA PD 113 44.52 -108.00 51.44
N ALA PD 114 45.34 -108.95 50.99
CA ALA PD 114 44.84 -110.25 50.60
C ALA PD 114 44.49 -111.11 51.79
N GLN PD 115 44.93 -110.74 53.00
CA GLN PD 115 44.47 -111.43 54.20
C GLN PD 115 43.00 -111.15 54.48
N LEU PD 116 42.51 -109.99 54.07
CA LEU PD 116 41.08 -109.78 53.91
C LEU PD 116 40.62 -110.57 52.69
N LEU PD 117 39.31 -110.57 52.44
CA LEU PD 117 38.70 -111.27 51.31
C LEU PD 117 38.74 -112.79 51.45
N PHE PD 118 39.44 -113.33 52.45
CA PHE PD 118 39.31 -114.76 52.69
C PHE PD 118 39.29 -115.06 54.18
N ASP PD 119 39.50 -114.04 55.01
CA ASP PD 119 39.41 -114.24 56.44
C ASP PD 119 37.95 -114.40 56.85
N SER PD 120 37.73 -115.25 57.86
CA SER PD 120 36.38 -115.55 58.30
C SER PD 120 35.68 -114.36 58.93
N ASP PD 121 36.42 -113.44 59.54
CA ASP PD 121 35.80 -112.30 60.21
C ASP PD 121 35.06 -111.41 59.22
N TYR PD 122 35.58 -111.27 58.01
CA TYR PD 122 35.02 -110.36 57.02
C TYR PD 122 34.03 -111.04 56.08
N SER PD 123 33.73 -112.32 56.31
CA SER PD 123 32.76 -113.04 55.49
C SER PD 123 31.42 -112.31 55.39
N ASP PD 124 30.90 -111.88 56.54
CA ASP PD 124 29.60 -111.20 56.56
C ASP PD 124 29.68 -109.83 55.92
N PHE PD 125 30.83 -109.15 56.06
CA PHE PD 125 31.00 -107.84 55.44
C PHE PD 125 30.97 -107.94 53.93
N TRP PD 126 31.70 -108.90 53.36
CA TRP PD 126 31.72 -109.05 51.92
C TRP PD 126 30.42 -109.60 51.37
N LYS PD 127 29.69 -110.40 52.15
CA LYS PD 127 28.49 -111.08 51.64
C LYS PD 127 27.23 -110.31 52.01
N ALA PD 128 27.01 -110.00 53.28
CA ALA PD 128 25.79 -109.32 53.71
C ALA PD 128 25.98 -107.83 53.97
N GLN PD 129 27.19 -107.31 53.78
CA GLN PD 129 27.51 -105.90 54.05
C GLN PD 129 27.32 -105.55 55.52
N ALA PD 130 27.57 -106.54 56.38
CA ALA PD 130 27.47 -106.34 57.83
C ALA PD 130 28.69 -105.57 58.31
N LEU PD 131 28.58 -104.24 58.23
CA LEU PD 131 29.64 -103.36 58.72
C LEU PD 131 29.82 -103.57 60.21
N ALA PD 132 28.78 -103.30 60.99
CA ALA PD 132 28.79 -103.59 62.41
C ALA PD 132 28.27 -105.00 62.62
N ALA QD 1 28.85 101.06 -76.85
CA ALA QD 1 28.45 101.87 -77.99
C ALA QD 1 27.40 101.12 -78.82
N ILE QD 2 26.78 100.12 -78.18
CA ILE QD 2 25.58 99.50 -78.72
C ILE QD 2 24.39 100.32 -78.27
N ALA QD 3 24.06 101.36 -79.02
CA ALA QD 3 23.01 102.29 -78.64
C ALA QD 3 22.50 102.97 -79.89
N ASN QD 4 23.02 104.15 -80.18
CA ASN QD 4 22.76 104.75 -81.49
C ASN QD 4 23.96 104.50 -82.40
N SER QD 5 24.21 103.23 -82.71
CA SER QD 5 25.30 102.84 -83.60
C SER QD 5 24.90 103.05 -85.06
N SER QD 6 25.64 102.44 -85.98
CA SER QD 6 25.28 102.52 -87.39
C SER QD 6 25.77 101.26 -88.08
N ILE QD 7 24.95 100.74 -89.00
CA ILE QD 7 25.30 99.54 -89.76
C ILE QD 7 24.66 99.65 -91.14
N ALA QD 8 25.43 99.34 -92.18
CA ALA QD 8 24.93 99.40 -93.55
C ALA QD 8 24.24 98.08 -93.90
N ILE QD 9 23.00 98.17 -94.36
CA ILE QD 9 22.20 97.01 -94.69
C ILE QD 9 22.14 96.86 -96.20
N ASP QD 10 22.35 95.64 -96.68
CA ASP QD 10 22.42 95.33 -98.11
C ASP QD 10 23.58 96.07 -98.77
N SER QD 11 24.78 95.80 -98.27
CA SER QD 11 25.99 96.48 -98.72
C SER QD 11 27.09 95.46 -98.99
N THR QD 12 28.09 95.89 -99.77
CA THR QD 12 29.22 95.05 -100.11
C THR QD 12 30.37 95.30 -99.16
N ALA QD 13 30.91 94.21 -98.61
CA ALA QD 13 32.04 94.27 -97.68
C ALA QD 13 33.31 93.83 -98.39
N SER QD 14 34.41 94.48 -98.05
CA SER QD 14 35.70 94.23 -98.69
C SER QD 14 36.80 94.19 -97.64
N VAL QD 15 37.96 93.70 -98.05
CA VAL QD 15 39.12 93.55 -97.18
C VAL QD 15 40.33 94.11 -97.90
N THR QD 16 41.12 94.93 -97.21
CA THR QD 16 42.36 95.48 -97.75
C THR QD 16 43.52 95.13 -96.83
N GLY QD 17 44.69 94.92 -97.43
CA GLY QD 17 45.88 94.65 -96.64
C GLY QD 17 45.90 93.24 -96.09
N GLY QD 18 46.65 93.07 -95.00
CA GLY QD 18 46.82 91.77 -94.40
C GLY QD 18 47.72 90.87 -95.22
N THR QD 19 47.77 89.60 -94.82
CA THR QD 19 48.59 88.59 -95.49
C THR QD 19 47.69 87.44 -95.88
N ALA QD 20 47.47 87.26 -97.18
CA ALA QD 20 46.62 86.20 -97.69
C ALA QD 20 47.17 84.82 -97.31
N ARG QD 21 46.46 84.12 -96.44
CA ARG QD 21 46.80 82.76 -96.05
C ARG QD 21 46.00 81.78 -96.91
N THR QD 22 46.03 80.50 -96.53
CA THR QD 22 45.31 79.49 -97.29
C THR QD 22 44.65 78.52 -96.31
N VAL QD 23 43.40 78.17 -96.58
CA VAL QD 23 42.66 77.24 -95.72
C VAL QD 23 42.91 75.84 -96.29
N LYS QD 24 43.70 75.06 -95.57
CA LYS QD 24 44.03 73.72 -96.01
C LYS QD 24 43.11 72.70 -95.35
N GLU QD 25 42.53 71.82 -96.16
CA GLU QD 25 41.57 70.86 -95.68
C GLU QD 25 42.26 69.65 -95.06
N LEU QD 26 41.70 69.16 -93.95
CA LEU QD 26 42.32 68.07 -93.22
C LEU QD 26 41.43 66.85 -93.34
N VAL QD 27 40.18 66.91 -92.89
CA VAL QD 27 39.25 65.78 -92.91
C VAL QD 27 37.87 66.31 -93.22
N ARG QD 28 37.13 65.60 -94.07
CA ARG QD 28 35.71 65.87 -94.29
C ARG QD 28 34.97 64.57 -93.99
N ASN QD 29 34.06 64.64 -93.03
CA ASN QD 29 33.26 63.48 -92.63
C ASN QD 29 32.23 63.93 -91.60
N ASN QD 30 31.18 63.13 -91.47
CA ASN QD 30 30.13 63.34 -90.47
C ASN QD 30 29.53 64.73 -90.59
N SER QD 31 29.33 65.19 -91.82
CA SER QD 31 28.81 66.53 -92.12
C SER QD 31 29.73 67.62 -91.57
N GLU QD 32 30.99 67.28 -91.33
CA GLU QD 32 31.98 68.18 -90.77
C GLU QD 32 33.17 68.27 -91.71
N LEU QD 33 33.75 69.47 -91.81
CA LEU QD 33 34.95 69.69 -92.62
C LEU QD 33 35.99 70.36 -91.71
N ASN QD 34 36.90 69.56 -91.18
CA ASN QD 34 38.01 70.10 -90.40
C ASN QD 34 39.09 70.63 -91.32
N ALA QD 35 39.60 71.82 -91.03
CA ALA QD 35 40.62 72.45 -91.85
C ALA QD 35 41.50 73.29 -90.94
N TYR QD 36 42.49 73.95 -91.54
CA TYR QD 36 43.41 74.80 -90.78
C TYR QD 36 43.94 75.89 -91.70
N ILE QD 37 44.21 77.04 -91.11
CA ILE QD 37 44.79 78.17 -91.84
C ILE QD 37 46.30 78.03 -91.82
N ASP QD 38 46.93 78.17 -92.98
CA ASP QD 38 48.37 77.97 -93.13
C ASP QD 38 49.06 79.30 -93.00
N GLU QD 39 49.67 79.55 -91.84
CA GLU QD 39 50.48 80.74 -91.61
C GLU QD 39 51.94 80.41 -91.37
N GLY QD 40 52.36 79.18 -91.64
CA GLY QD 40 53.72 78.76 -91.34
C GLY QD 40 54.00 78.74 -89.85
N LEU QD 41 53.07 78.20 -89.09
CA LEU QD 41 53.20 78.08 -87.64
C LEU QD 41 53.37 76.61 -87.26
N SER QD 42 53.59 76.36 -85.98
CA SER QD 42 53.74 75.00 -85.49
C SER QD 42 52.37 74.36 -85.34
N PHE QD 43 52.36 73.03 -85.15
CA PHE QD 43 51.10 72.31 -85.00
C PHE QD 43 50.34 72.72 -83.75
N GLN QD 44 51.04 72.97 -82.65
CA GLN QD 44 50.41 73.38 -81.40
C GLN QD 44 49.80 74.77 -81.47
N ALA QD 45 50.21 75.60 -82.42
CA ALA QD 45 49.61 76.92 -82.60
C ALA QD 45 49.23 77.04 -84.08
N ARG QD 46 48.06 76.53 -84.42
CA ARG QD 46 47.52 76.60 -85.77
C ARG QD 46 46.29 77.52 -85.74
N LYS QD 47 45.50 77.61 -86.82
CA LYS QD 47 44.27 78.38 -86.80
C LYS QD 47 43.14 77.50 -87.33
N GLU QD 48 43.01 76.30 -86.75
CA GLU QD 48 42.02 75.34 -87.22
C GLU QD 48 40.62 75.95 -87.25
N VAL QD 49 39.91 75.73 -88.35
CA VAL QD 49 38.54 76.18 -88.52
C VAL QD 49 37.70 74.99 -88.97
N ALA QD 50 36.57 74.78 -88.32
CA ALA QD 50 35.70 73.64 -88.59
C ALA QD 50 34.40 74.09 -89.21
N PHE QD 51 34.05 73.49 -90.35
CA PHE QD 51 32.82 73.78 -91.07
C PHE QD 51 31.87 72.60 -90.92
N SER QD 52 30.67 72.86 -90.45
CA SER QD 52 29.67 71.81 -90.28
C SER QD 52 28.34 72.25 -90.86
N VAL QD 53 27.57 71.28 -91.33
CA VAL QD 53 26.29 71.54 -91.98
C VAL QD 53 25.25 70.60 -91.39
N LYS QD 54 24.06 71.15 -91.12
CA LYS QD 54 22.93 70.41 -90.55
C LYS QD 54 21.72 70.62 -91.46
N VAL QD 55 21.47 69.64 -92.33
CA VAL QD 55 20.43 69.74 -93.35
C VAL QD 55 19.04 69.64 -92.73
N PRO QD 56 18.03 70.28 -93.30
CA PRO QD 56 16.69 70.22 -92.72
C PRO QD 56 16.05 68.84 -92.90
N LYS QD 57 15.17 68.51 -91.96
CA LYS QD 57 14.39 67.28 -92.00
C LYS QD 57 12.91 67.60 -91.92
N VAL QD 58 12.08 66.70 -92.43
CA VAL QD 58 10.63 66.90 -92.43
C VAL QD 58 10.13 66.87 -91.00
N SER QD 59 9.12 67.70 -90.71
CA SER QD 59 8.55 67.80 -89.38
C SER QD 59 7.05 68.01 -89.49
N VAL QD 60 6.38 68.00 -88.33
CA VAL QD 60 4.97 68.35 -88.27
C VAL QD 60 4.76 69.72 -87.61
N SER QD 61 5.57 70.07 -86.62
CA SER QD 61 5.70 71.41 -86.08
C SER QD 61 6.60 72.20 -87.02
N ALA QD 62 7.19 73.30 -86.52
CA ALA QD 62 8.11 74.08 -87.34
C ALA QD 62 7.38 74.69 -88.53
N PRO QD 63 6.72 75.83 -88.35
CA PRO QD 63 5.62 76.22 -89.23
C PRO QD 63 6.04 76.46 -90.67
N GLY QD 64 6.01 75.39 -91.44
CA GLY QD 64 6.58 75.32 -92.77
C GLY QD 64 7.05 73.92 -93.07
N GLY QD 65 7.02 73.05 -92.06
CA GLY QD 65 7.17 71.63 -92.29
C GLY QD 65 8.55 71.08 -92.05
N PHE QD 66 9.56 71.94 -92.09
CA PHE QD 66 10.93 71.50 -91.93
C PHE QD 66 11.64 72.27 -90.81
N THR QD 67 12.62 71.61 -90.22
CA THR QD 67 13.54 72.27 -89.32
C THR QD 67 14.45 73.21 -90.11
N GLN QD 68 15.10 74.12 -89.40
CA GLN QD 68 15.94 75.10 -90.06
C GLN QD 68 17.23 74.45 -90.54
N ALA QD 69 17.84 75.04 -91.57
CA ALA QD 69 19.11 74.58 -92.10
C ALA QD 69 20.23 75.34 -91.40
N ARG QD 70 20.99 74.64 -90.57
CA ARG QD 70 22.06 75.25 -89.80
C ARG QD 70 23.42 75.06 -90.47
N SER QD 71 24.23 76.11 -90.47
CA SER QD 71 25.60 76.09 -90.98
C SER QD 71 26.47 76.72 -89.90
N THR QD 72 27.44 75.97 -89.41
CA THR QD 72 28.26 76.43 -88.30
C THR QD 72 29.73 76.47 -88.67
N VAL QD 73 30.40 77.54 -88.29
CA VAL QD 73 31.84 77.69 -88.46
C VAL QD 73 32.47 78.04 -87.12
N ILE QD 74 33.41 77.21 -86.68
CA ILE QD 74 34.18 77.51 -85.48
C ILE QD 74 35.64 77.70 -85.85
N LEU QD 75 36.19 78.85 -85.48
CA LEU QD 75 37.59 79.18 -85.69
C LEU QD 75 38.31 79.05 -84.36
N LYS QD 76 39.37 78.25 -84.33
CA LYS QD 76 40.12 78.03 -83.10
C LYS QD 76 41.45 78.75 -83.14
N SER QD 77 41.76 79.45 -82.05
CA SER QD 77 43.01 80.20 -81.93
C SER QD 77 43.72 79.79 -80.66
N PRO QD 78 44.74 78.93 -80.75
CA PRO QD 78 45.54 78.60 -79.56
C PRO QD 78 46.29 79.81 -79.01
N LYS QD 79 46.12 80.10 -77.73
CA LYS QD 79 46.86 81.14 -77.05
C LYS QD 79 47.75 80.51 -75.98
N THR QD 80 48.96 81.04 -75.84
CA THR QD 80 49.90 80.57 -74.83
C THR QD 80 49.97 81.61 -73.72
N LEU QD 81 49.73 81.15 -72.49
CA LEU QD 81 49.56 82.04 -71.36
C LEU QD 81 50.92 82.36 -70.72
N ALA QD 82 50.88 83.24 -69.71
CA ALA QD 82 52.11 83.62 -69.02
C ALA QD 82 52.73 82.43 -68.31
N ASN QD 83 51.91 81.64 -67.62
CA ASN QD 83 52.42 80.44 -66.94
C ASN QD 83 52.97 79.43 -67.94
N GLY QD 84 52.31 79.30 -69.09
CA GLY QD 84 52.80 78.41 -70.12
C GLY QD 84 51.77 77.38 -70.54
N ASN QD 85 50.62 77.38 -69.88
CA ASN QD 85 49.53 76.50 -70.28
C ASN QD 85 48.93 76.97 -71.59
N ARG QD 86 48.36 76.03 -72.34
CA ARG QD 86 47.77 76.31 -73.64
C ARG QD 86 46.26 76.39 -73.54
N THR QD 87 45.70 77.47 -74.08
CA THR QD 87 44.26 77.65 -74.18
C THR QD 87 43.91 78.00 -75.62
N VAL QD 88 42.69 77.64 -76.01
CA VAL QD 88 42.19 77.90 -77.37
C VAL QD 88 41.07 78.93 -77.28
N ASN QD 89 41.22 80.03 -78.02
CA ASN QD 89 40.19 81.05 -78.15
C ASN QD 89 39.38 80.73 -79.41
N THR QD 90 38.07 80.66 -79.27
CA THR QD 90 37.21 80.24 -80.36
C THR QD 90 36.21 81.33 -80.73
N VAL QD 91 35.85 81.37 -82.01
CA VAL QD 91 34.73 82.16 -82.50
C VAL QD 91 33.77 81.24 -83.22
N SER QD 92 32.53 81.18 -82.76
CA SER QD 92 31.51 80.37 -83.41
C SER QD 92 30.55 81.25 -84.19
N ILE QD 93 30.21 80.80 -85.39
CA ILE QD 93 29.26 81.51 -86.25
C ILE QD 93 28.25 80.47 -86.72
N GLN QD 94 27.02 80.57 -86.25
CA GLN QD 94 25.96 79.64 -86.61
C GLN QD 94 24.83 80.40 -87.30
N LEU QD 95 24.48 79.96 -88.51
CA LEU QD 95 23.39 80.55 -89.27
C LEU QD 95 22.28 79.53 -89.41
N SER QD 96 21.09 79.87 -88.93
CA SER QD 96 19.92 79.01 -89.04
C SER QD 96 18.85 79.75 -89.85
N VAL QD 97 18.57 79.26 -91.05
CA VAL QD 97 17.52 79.82 -91.89
C VAL QD 97 16.50 78.74 -92.20
N ASP QD 98 15.25 79.17 -92.38
CA ASP QD 98 14.24 78.28 -92.91
C ASP QD 98 14.57 77.95 -94.36
N PRO QD 99 14.26 76.74 -94.81
CA PRO QD 99 14.60 76.38 -96.20
C PRO QD 99 13.89 77.24 -97.24
N GLU QD 100 12.79 77.91 -96.90
CA GLU QD 100 12.13 78.81 -97.83
C GLU QD 100 12.91 80.10 -98.07
N THR QD 101 13.96 80.36 -97.28
CA THR QD 101 14.67 81.63 -97.34
C THR QD 101 15.45 81.76 -98.63
N THR QD 102 15.27 82.90 -99.30
CA THR QD 102 15.95 83.17 -100.54
C THR QD 102 17.43 83.48 -100.30
N ALA QD 103 18.22 83.44 -101.38
CA ALA QD 103 19.64 83.71 -101.25
C ALA QD 103 19.92 85.19 -101.01
N ALA QD 104 19.00 86.06 -101.42
CA ALA QD 104 19.16 87.48 -101.14
C ALA QD 104 18.90 87.81 -99.68
N GLU QD 105 17.99 87.07 -99.03
CA GLU QD 105 17.77 87.26 -97.61
C GLU QD 105 18.92 86.72 -96.78
N VAL QD 106 19.56 85.64 -97.24
CA VAL QD 106 20.72 85.12 -96.54
C VAL QD 106 21.92 86.04 -96.71
N THR QD 107 22.08 86.62 -97.90
CA THR QD 107 23.17 87.56 -98.13
C THR QD 107 23.05 88.78 -97.23
N THR QD 108 21.83 89.31 -97.08
CA THR QD 108 21.61 90.43 -96.18
C THR QD 108 21.97 90.06 -94.75
N MET QD 109 21.56 88.86 -94.32
CA MET QD 109 21.87 88.39 -92.98
C MET QD 109 23.37 88.23 -92.79
N LEU QD 110 24.06 87.68 -93.79
CA LEU QD 110 25.49 87.48 -93.69
C LEU QD 110 26.25 88.80 -93.62
N ASN QD 111 25.85 89.79 -94.41
CA ASN QD 111 26.58 91.04 -94.46
C ASN QD 111 26.33 91.89 -93.23
N ALA QD 112 25.10 91.91 -92.73
CA ALA QD 112 24.81 92.66 -91.51
C ALA QD 112 25.52 92.05 -90.30
N ALA QD 113 25.65 90.73 -90.28
CA ALA QD 113 26.34 90.08 -89.17
C ALA QD 113 27.85 90.27 -89.25
N ALA QD 114 28.38 90.49 -90.45
CA ALA QD 114 29.82 90.70 -90.59
C ALA QD 114 30.24 92.02 -89.96
N GLN QD 115 29.48 93.08 -90.22
CA GLN QD 115 29.74 94.37 -89.57
C GLN QD 115 29.47 94.34 -88.08
N LEU QD 116 28.68 93.38 -87.60
CA LEU QD 116 28.44 93.28 -86.17
C LEU QD 116 29.70 92.90 -85.41
N LEU QD 117 30.69 92.33 -86.10
CA LEU QD 117 31.93 91.93 -85.44
C LEU QD 117 33.17 92.58 -86.06
N PHE QD 118 32.99 93.60 -86.89
CA PHE QD 118 34.14 94.42 -87.26
C PHE QD 118 33.90 95.92 -87.25
N ASP QD 119 32.66 96.39 -87.11
CA ASP QD 119 32.42 97.82 -86.96
C ASP QD 119 32.97 98.32 -85.63
N SER QD 120 33.46 99.56 -85.63
CA SER QD 120 34.17 100.08 -84.47
C SER QD 120 33.24 100.26 -83.28
N ASP QD 121 31.95 100.48 -83.52
CA ASP QD 121 30.99 100.69 -82.44
C ASP QD 121 30.87 99.47 -81.53
N TYR QD 122 31.27 98.30 -82.04
CA TYR QD 122 31.13 97.08 -81.25
C TYR QD 122 32.48 96.60 -80.73
N SER QD 123 33.51 97.44 -80.87
CA SER QD 123 34.85 97.05 -80.40
C SER QD 123 34.87 96.79 -78.91
N ASP QD 124 34.23 97.66 -78.11
CA ASP QD 124 34.25 97.51 -76.67
C ASP QD 124 33.37 96.36 -76.19
N PHE QD 125 32.33 96.02 -76.94
CA PHE QD 125 31.55 94.85 -76.58
C PHE QD 125 32.33 93.55 -76.76
N TRP QD 126 33.10 93.44 -77.84
CA TRP QD 126 33.88 92.24 -78.09
C TRP QD 126 35.13 92.17 -77.22
N LYS QD 127 35.83 93.28 -77.05
CA LYS QD 127 37.07 93.31 -76.29
C LYS QD 127 36.84 93.63 -74.81
N ALA QD 128 36.24 94.79 -74.53
CA ALA QD 128 36.02 95.19 -73.15
C ALA QD 128 34.80 94.54 -72.52
N GLN QD 129 34.00 93.82 -73.29
CA GLN QD 129 32.79 93.16 -72.80
C GLN QD 129 31.81 94.18 -72.24
N ALA QD 130 31.70 95.32 -72.93
CA ALA QD 130 30.95 96.48 -72.48
C ALA QD 130 29.64 96.59 -73.25
N LEU QD 131 28.52 96.38 -72.56
CA LEU QD 131 27.20 96.43 -73.19
C LEU QD 131 26.84 97.84 -73.64
N ALA QD 132 27.21 98.85 -72.87
CA ALA QD 132 26.95 100.22 -73.27
C ALA QD 132 28.19 101.09 -73.11
N ALA RD 1 35.72 76.54 -102.86
CA ALA RD 1 35.01 76.84 -101.61
C ALA RD 1 35.91 76.55 -100.41
N ILE RD 2 35.37 75.81 -99.44
CA ILE RD 2 36.17 75.39 -98.31
C ILE RD 2 37.08 74.25 -98.75
N ALA RD 3 38.33 74.57 -99.07
CA ALA RD 3 39.26 73.61 -99.64
C ALA RD 3 40.61 74.27 -99.88
N ASN RD 4 40.62 75.33 -100.68
CA ASN RD 4 41.84 76.07 -101.00
C ASN RD 4 41.62 77.58 -100.90
N SER RD 5 40.62 77.98 -100.12
CA SER RD 5 40.26 79.38 -100.03
C SER RD 5 41.32 80.16 -99.27
N SER RD 6 41.43 81.45 -99.59
CA SER RD 6 42.41 82.36 -98.99
C SER RD 6 41.67 83.34 -98.09
N ILE RD 7 42.22 83.57 -96.89
CA ILE RD 7 41.70 84.56 -95.96
C ILE RD 7 42.84 85.49 -95.55
N ALA RD 8 42.59 86.79 -95.63
CA ALA RD 8 43.63 87.79 -95.36
C ALA RD 8 43.70 88.05 -93.85
N ILE RD 9 44.69 87.47 -93.20
CA ILE RD 9 44.86 87.60 -91.76
C ILE RD 9 45.40 88.99 -91.43
N ASP RD 10 44.83 89.60 -90.38
CA ASP RD 10 45.22 90.93 -89.92
C ASP RD 10 45.10 91.97 -91.02
N SER RD 11 43.95 91.97 -91.69
CA SER RD 11 43.63 92.96 -92.70
C SER RD 11 42.59 93.93 -92.15
N THR RD 12 42.17 94.87 -93.00
CA THR RD 12 41.15 95.85 -92.63
C THR RD 12 39.89 95.59 -93.46
N ALA RD 13 38.77 95.39 -92.79
CA ALA RD 13 37.50 95.13 -93.43
C ALA RD 13 36.63 96.38 -93.41
N SER RD 14 36.07 96.73 -94.57
CA SER RD 14 35.25 97.92 -94.71
C SER RD 14 33.98 97.57 -95.47
N VAL RD 15 33.10 98.56 -95.61
CA VAL RD 15 31.80 98.40 -96.24
C VAL RD 15 31.54 99.57 -97.16
N THR RD 16 30.99 99.30 -98.34
CA THR RD 16 30.59 100.33 -99.30
C THR RD 16 29.15 100.07 -99.73
N GLY RD 17 28.45 101.15 -100.09
CA GLY RD 17 27.08 101.02 -100.51
C GLY RD 17 26.13 100.75 -99.34
N GLY RD 18 24.91 100.39 -99.69
CA GLY RD 18 23.92 100.04 -98.69
C GLY RD 18 23.23 101.24 -98.06
N THR RD 19 22.34 100.95 -97.13
CA THR RD 19 21.64 101.95 -96.35
C THR RD 19 22.09 101.90 -94.90
N ALA RD 20 22.34 103.07 -94.33
CA ALA RD 20 22.86 103.20 -92.97
C ALA RD 20 21.67 103.21 -92.01
N ARG RD 21 21.55 102.14 -91.23
CA ARG RD 21 20.53 102.08 -90.20
C ARG RD 21 21.14 102.32 -88.82
N THR RD 22 20.31 102.74 -87.87
CA THR RD 22 20.81 103.27 -86.60
C THR RD 22 21.03 102.17 -85.57
N VAL RD 23 20.12 101.20 -85.51
CA VAL RD 23 20.06 100.22 -84.42
C VAL RD 23 19.64 100.96 -83.15
N LYS RD 24 18.52 100.54 -82.55
CA LYS RD 24 17.98 101.21 -81.38
C LYS RD 24 17.74 100.18 -80.29
N GLU RD 25 18.21 100.47 -79.09
CA GLU RD 25 18.10 99.52 -77.99
C GLU RD 25 16.66 99.43 -77.50
N LEU RD 26 16.19 98.21 -77.26
CA LEU RD 26 14.85 97.98 -76.75
C LEU RD 26 14.84 97.79 -75.23
N VAL RD 27 15.49 96.74 -74.75
CA VAL RD 27 15.39 96.31 -73.36
C VAL RD 27 16.79 95.93 -72.89
N ARG RD 28 17.02 96.12 -71.59
CA ARG RD 28 18.32 95.86 -70.99
C ARG RD 28 18.10 94.96 -69.77
N ASN RD 29 19.20 94.59 -69.11
CA ASN RD 29 19.19 93.77 -67.90
C ASN RD 29 18.90 92.31 -68.20
N ASN RD 30 19.72 91.41 -67.66
CA ASN RD 30 20.94 91.76 -66.95
C ASN RD 30 22.12 91.08 -67.62
N SER RD 31 23.16 91.84 -67.93
CA SER RD 31 24.25 91.37 -68.77
C SER RD 31 23.71 90.87 -70.10
N GLU RD 32 22.72 91.60 -70.61
CA GLU RD 32 21.99 91.21 -71.82
C GLU RD 32 21.35 92.45 -72.43
N LEU RD 33 21.80 92.84 -73.61
CA LEU RD 33 21.18 93.96 -74.31
C LEU RD 33 20.30 93.45 -75.43
N ASN RD 34 19.23 94.20 -75.71
CA ASN RD 34 18.34 93.91 -76.83
C ASN RD 34 18.15 95.19 -77.63
N ALA RD 35 18.33 95.10 -78.93
CA ALA RD 35 18.21 96.25 -79.80
C ALA RD 35 17.45 95.83 -81.05
N TYR RD 36 17.29 96.75 -81.99
CA TYR RD 36 16.66 96.44 -83.26
C TYR RD 36 17.16 97.41 -84.31
N ILE RD 37 17.33 96.90 -85.53
CA ILE RD 37 17.80 97.73 -86.63
C ILE RD 37 16.60 98.43 -87.25
N ASP RD 38 16.60 99.76 -87.20
CA ASP RD 38 15.45 100.56 -87.63
C ASP RD 38 15.56 100.84 -89.13
N GLU RD 39 14.75 100.15 -89.93
CA GLU RD 39 14.69 100.35 -91.37
C GLU RD 39 13.31 100.80 -91.80
N GLY RD 40 12.55 101.39 -90.89
CA GLY RD 40 11.19 101.79 -91.20
C GLY RD 40 10.28 100.63 -91.51
N LEU RD 41 10.40 99.54 -90.76
CA LEU RD 41 9.58 98.35 -90.96
C LEU RD 41 8.60 98.20 -89.80
N SER RD 42 7.68 97.26 -89.94
CA SER RD 42 6.67 97.04 -88.92
C SER RD 42 7.27 96.32 -87.72
N PHE RD 43 6.45 96.16 -86.68
CA PHE RD 43 6.90 95.54 -85.44
C PHE RD 43 7.26 94.08 -85.63
N GLN RD 44 6.52 93.36 -86.46
CA GLN RD 44 6.77 91.94 -86.65
C GLN RD 44 7.86 91.65 -87.68
N ALA RD 45 8.28 92.65 -88.45
CA ALA RD 45 9.21 92.45 -89.54
C ALA RD 45 10.54 93.17 -89.32
N ARG RD 46 10.83 93.54 -88.06
CA ARG RD 46 12.06 94.25 -87.76
C ARG RD 46 13.17 93.27 -87.40
N LYS RD 47 14.42 93.74 -87.55
CA LYS RD 47 15.61 92.90 -87.43
C LYS RD 47 15.84 92.36 -86.01
N GLU RD 48 15.99 93.24 -85.02
CA GLU RD 48 16.15 92.84 -83.63
C GLU RD 48 17.39 92.02 -83.30
N VAL RD 49 18.57 92.63 -83.32
CA VAL RD 49 19.81 92.00 -82.89
C VAL RD 49 19.90 92.04 -81.36
N ALA RD 50 20.36 90.96 -80.76
CA ALA RD 50 20.55 90.87 -79.31
C ALA RD 50 22.03 90.73 -78.93
N PHE RD 51 22.37 91.21 -77.75
CA PHE RD 51 23.75 91.23 -77.27
C PHE RD 51 23.84 90.65 -75.87
N SER RD 52 24.47 89.48 -75.74
CA SER RD 52 24.65 88.83 -74.46
C SER RD 52 26.11 88.91 -74.04
N VAL RD 53 26.36 88.68 -72.75
CA VAL RD 53 27.71 88.76 -72.20
C VAL RD 53 27.83 87.81 -71.00
N LYS RD 54 28.95 87.10 -70.91
CA LYS RD 54 29.27 86.24 -69.78
C LYS RD 54 30.64 86.64 -69.27
N VAL RD 55 30.68 87.26 -68.09
CA VAL RD 55 31.94 87.82 -67.57
C VAL RD 55 32.88 86.69 -67.17
N PRO RD 56 34.19 86.90 -67.18
CA PRO RD 56 35.11 85.84 -66.74
C PRO RD 56 34.91 85.53 -65.26
N LYS RD 57 34.76 84.24 -64.97
CA LYS RD 57 34.51 83.78 -63.61
C LYS RD 57 35.77 83.14 -63.05
N VAL RD 58 36.08 83.43 -61.79
CA VAL RD 58 37.30 82.93 -61.17
C VAL RD 58 37.13 81.45 -60.86
N SER RD 59 37.64 80.59 -61.74
CA SER RD 59 37.67 79.16 -61.49
C SER RD 59 38.99 78.78 -60.84
N VAL RD 60 39.29 77.48 -60.78
CA VAL RD 60 40.54 77.01 -60.20
C VAL RD 60 41.29 76.15 -61.21
N SER RD 61 40.62 75.13 -61.73
CA SER RD 61 41.26 74.15 -62.62
C SER RD 61 41.06 74.55 -64.08
N ALA RD 62 41.59 75.73 -64.42
CA ALA RD 62 41.50 76.23 -65.78
C ALA RD 62 42.81 76.90 -66.15
N PRO RD 63 43.14 76.95 -67.44
CA PRO RD 63 44.30 77.74 -67.87
C PRO RD 63 44.15 79.19 -67.46
N GLY RD 64 45.21 79.77 -66.92
CA GLY RD 64 45.18 81.15 -66.50
C GLY RD 64 44.58 81.34 -65.12
N GLY RD 65 43.57 80.54 -64.80
CA GLY RD 65 42.92 80.60 -63.51
C GLY RD 65 41.43 80.85 -63.59
N PHE RD 66 41.00 81.73 -64.50
CA PHE RD 66 39.60 82.09 -64.62
C PHE RD 66 38.95 81.30 -65.76
N THR RD 67 37.63 81.38 -65.84
CA THR RD 67 36.92 80.92 -67.02
C THR RD 67 37.03 81.95 -68.13
N GLN RD 68 36.40 81.66 -69.25
CA GLN RD 68 36.57 82.48 -70.43
C GLN RD 68 35.55 83.62 -70.48
N ALA RD 69 35.94 84.71 -71.14
CA ALA RD 69 35.08 85.86 -71.34
C ALA RD 69 34.23 85.61 -72.58
N ARG RD 70 33.01 85.13 -72.36
CA ARG RD 70 32.08 84.84 -73.44
C ARG RD 70 31.32 86.10 -73.84
N SER RD 71 31.09 86.25 -75.14
CA SER RD 71 30.38 87.41 -75.67
C SER RD 71 29.57 86.94 -76.88
N THR RD 72 28.25 87.00 -76.77
CA THR RD 72 27.37 86.45 -77.79
C THR RD 72 26.55 87.55 -78.45
N VAL RD 73 26.35 87.40 -79.76
CA VAL RD 73 25.48 88.27 -80.54
C VAL RD 73 24.55 87.37 -81.35
N ILE RD 74 23.26 87.65 -81.32
CA ILE RD 74 22.29 86.97 -82.17
C ILE RD 74 21.52 88.02 -82.95
N LEU RD 75 21.58 87.92 -84.27
CA LEU RD 75 20.76 88.75 -85.16
C LEU RD 75 19.58 87.91 -85.60
N LYS RD 76 18.38 88.35 -85.28
CA LYS RD 76 17.17 87.70 -85.74
C LYS RD 76 16.70 88.36 -87.03
N SER RD 77 15.86 87.64 -87.78
CA SER RD 77 15.38 88.11 -89.07
C SER RD 77 14.05 87.43 -89.36
N PRO RD 78 12.93 88.12 -89.14
CA PRO RD 78 11.62 87.50 -89.39
C PRO RD 78 11.43 87.22 -90.88
N LYS RD 79 10.72 86.14 -91.15
CA LYS RD 79 10.38 85.77 -92.52
C LYS RD 79 9.00 85.13 -92.51
N THR RD 80 8.17 85.51 -93.48
CA THR RD 80 6.84 84.92 -93.63
C THR RD 80 6.87 83.86 -94.70
N LEU RD 81 6.16 82.76 -94.46
CA LEU RD 81 6.28 81.57 -95.28
C LEU RD 81 5.21 81.53 -96.37
N ALA RD 82 5.29 80.51 -97.21
CA ALA RD 82 4.33 80.32 -98.30
C ALA RD 82 2.96 79.88 -97.81
N ASN RD 83 2.85 79.44 -96.57
CA ASN RD 83 1.57 79.13 -95.95
C ASN RD 83 1.07 80.22 -95.03
N GLY RD 84 1.75 81.37 -94.98
CA GLY RD 84 1.33 82.49 -94.16
C GLY RD 84 1.87 82.49 -92.76
N ASN RD 85 2.55 81.44 -92.33
CA ASN RD 85 3.10 81.38 -90.98
C ASN RD 85 4.35 82.24 -90.87
N ARG RD 86 4.74 82.53 -89.63
CA ARG RD 86 5.85 83.41 -89.32
C ARG RD 86 6.95 82.62 -88.63
N THR RD 87 8.19 82.78 -89.10
CA THR RD 87 9.37 82.16 -88.53
C THR RD 87 10.50 83.18 -88.45
N VAL RD 88 11.58 82.79 -87.80
CA VAL RD 88 12.74 83.67 -87.60
C VAL RD 88 13.99 82.97 -88.08
N ASN RD 89 14.81 83.67 -88.84
CA ASN RD 89 16.15 83.22 -89.21
C ASN RD 89 17.15 83.94 -88.33
N THR RD 90 18.17 83.23 -87.87
CA THR RD 90 19.12 83.78 -86.91
C THR RD 90 20.55 83.62 -87.39
N VAL RD 91 21.39 84.56 -86.97
CA VAL RD 91 22.84 84.43 -87.04
C VAL RD 91 23.38 84.58 -85.62
N SER RD 92 24.04 83.55 -85.11
CA SER RD 92 24.59 83.59 -83.76
C SER RD 92 26.11 83.64 -83.82
N ILE RD 93 26.69 84.64 -83.18
CA ILE RD 93 28.14 84.81 -83.13
C ILE RD 93 28.55 84.80 -81.66
N GLN RD 94 29.38 83.84 -81.28
CA GLN RD 94 29.93 83.75 -79.95
C GLN RD 94 31.44 83.89 -80.00
N LEU RD 95 31.98 84.84 -79.25
CA LEU RD 95 33.41 85.04 -79.10
C LEU RD 95 33.77 84.59 -77.69
N SER RD 96 34.72 83.66 -77.59
CA SER RD 96 35.11 83.09 -76.31
C SER RD 96 36.63 83.11 -76.22
N VAL RD 97 37.14 84.11 -75.51
CA VAL RD 97 38.57 84.26 -75.33
C VAL RD 97 38.89 84.16 -73.85
N ASP RD 98 40.15 83.87 -73.54
CA ASP RD 98 40.65 83.93 -72.18
C ASP RD 98 40.88 85.38 -71.79
N PRO RD 99 40.73 85.73 -70.51
CA PRO RD 99 40.90 87.12 -70.10
C PRO RD 99 42.30 87.66 -70.34
N GLU RD 100 43.30 86.79 -70.45
CA GLU RD 100 44.67 87.18 -70.71
C GLU RD 100 44.87 87.66 -72.15
N THR RD 101 43.90 87.43 -73.03
CA THR RD 101 44.01 87.82 -74.42
C THR RD 101 44.04 89.34 -74.57
N THR RD 102 44.93 89.83 -75.43
CA THR RD 102 45.03 91.25 -75.72
C THR RD 102 43.99 91.65 -76.76
N ALA RD 103 43.79 92.97 -76.88
CA ALA RD 103 42.81 93.49 -77.83
C ALA RD 103 43.21 93.16 -79.26
N ALA RD 104 44.51 93.13 -79.53
CA ALA RD 104 44.98 92.90 -80.90
C ALA RD 104 44.79 91.44 -81.32
N GLU RD 105 44.90 90.49 -80.38
CA GLU RD 105 44.61 89.10 -80.73
C GLU RD 105 43.12 88.87 -80.91
N VAL RD 106 42.29 89.74 -80.32
CA VAL RD 106 40.85 89.63 -80.50
C VAL RD 106 40.43 90.29 -81.82
N THR RD 107 41.11 91.37 -82.19
CA THR RD 107 40.80 92.06 -83.43
C THR RD 107 41.19 91.20 -84.63
N THR RD 108 42.14 90.28 -84.42
CA THR RD 108 42.50 89.35 -85.48
C THR RD 108 41.45 88.25 -85.63
N MET RD 109 40.97 87.71 -84.50
CA MET RD 109 39.97 86.65 -84.54
C MET RD 109 38.67 87.15 -85.17
N LEU RD 110 38.25 88.36 -84.81
CA LEU RD 110 37.02 88.91 -85.37
C LEU RD 110 37.15 89.16 -86.86
N ASN RD 111 38.31 89.64 -87.30
CA ASN RD 111 38.51 89.92 -88.71
C ASN RD 111 38.58 88.63 -89.52
N ALA RD 112 39.20 87.59 -88.95
CA ALA RD 112 39.23 86.29 -89.61
C ALA RD 112 37.84 85.68 -89.68
N ALA RD 113 37.08 85.78 -88.58
CA ALA RD 113 35.74 85.21 -88.56
C ALA RD 113 34.77 86.01 -89.41
N ALA RD 114 34.95 87.33 -89.48
CA ALA RD 114 34.07 88.14 -90.32
C ALA RD 114 34.26 87.79 -91.79
N GLN RD 115 35.48 87.45 -92.20
CA GLN RD 115 35.73 87.12 -93.59
C GLN RD 115 35.00 85.84 -94.00
N LEU RD 116 34.90 84.87 -93.09
CA LEU RD 116 34.10 83.68 -93.37
C LEU RD 116 32.63 83.97 -93.08
N LEU RD 117 32.18 85.13 -93.52
CA LEU RD 117 30.78 85.48 -93.50
C LEU RD 117 30.40 86.11 -94.83
N PHE RD 118 31.35 86.84 -95.44
CA PHE RD 118 31.08 87.59 -96.65
C PHE RD 118 32.05 87.30 -97.79
N ASP RD 119 33.08 86.49 -97.57
CA ASP RD 119 33.98 86.13 -98.65
C ASP RD 119 33.27 85.27 -99.67
N SER RD 120 33.49 85.56 -100.96
CA SER RD 120 32.78 84.89 -102.02
C SER RD 120 33.09 83.39 -102.06
N ASP RD 121 34.24 83.00 -101.51
CA ASP RD 121 34.63 81.60 -101.48
C ASP RD 121 33.64 80.78 -100.66
N TYR RD 122 33.21 81.30 -99.53
CA TYR RD 122 32.24 80.61 -98.70
C TYR RD 122 30.83 81.13 -98.95
N SER RD 123 30.32 80.98 -100.17
CA SER RD 123 28.95 81.38 -100.45
C SER RD 123 28.07 80.15 -100.57
N ASP RD 124 28.54 79.13 -101.28
CA ASP RD 124 27.80 77.89 -101.40
C ASP RD 124 27.68 77.18 -100.06
N PHE RD 125 28.56 77.48 -99.11
CA PHE RD 125 28.45 76.90 -97.78
C PHE RD 125 27.29 77.47 -96.97
N TRP RD 126 27.01 78.77 -97.11
CA TRP RD 126 25.95 79.39 -96.33
C TRP RD 126 24.60 79.25 -97.03
N LYS RD 127 24.56 79.50 -98.33
CA LYS RD 127 23.29 79.48 -99.05
C LYS RD 127 22.95 78.08 -99.55
N ALA RD 128 23.85 77.48 -100.32
CA ALA RD 128 23.61 76.14 -100.83
C ALA RD 128 23.86 75.06 -99.79
N GLN RD 129 24.44 75.43 -98.64
CA GLN RD 129 24.80 74.48 -97.59
C GLN RD 129 25.70 73.37 -98.13
N ALA RD 130 26.62 73.74 -99.02
CA ALA RD 130 27.52 72.80 -99.67
C ALA RD 130 28.87 72.84 -98.97
N LEU RD 131 29.22 71.75 -98.29
CA LEU RD 131 30.47 71.68 -97.53
C LEU RD 131 31.68 71.85 -98.44
N ALA RD 132 31.62 71.28 -99.64
CA ALA RD 132 32.71 71.41 -100.60
C ALA RD 132 32.26 71.04 -102.00
N ALA SD 1 73.94 43.38 -100.30
CA ALA SD 1 72.83 43.02 -99.42
C ALA SD 1 72.64 44.07 -98.33
N ILE SD 2 72.03 43.66 -97.22
CA ILE SD 2 71.71 44.59 -96.14
C ILE SD 2 72.98 45.14 -95.51
N ALA SD 3 73.93 44.27 -95.20
CA ALA SD 3 75.18 44.70 -94.58
C ALA SD 3 75.98 45.55 -95.57
N ASN SD 4 76.45 46.71 -95.10
CA ASN SD 4 77.25 47.65 -95.89
C ASN SD 4 76.49 48.15 -97.11
N SER SD 5 75.16 48.20 -97.00
CA SER SD 5 74.33 48.83 -98.02
C SER SD 5 74.40 50.34 -97.84
N SER SD 6 74.38 51.07 -98.95
CA SER SD 6 74.49 52.52 -98.93
C SER SD 6 73.14 53.16 -99.20
N ILE SD 7 72.81 54.18 -98.41
CA ILE SD 7 71.59 54.96 -98.56
C ILE SD 7 71.96 56.43 -98.70
N ALA SD 8 71.41 57.09 -99.70
CA ALA SD 8 71.70 58.51 -99.94
C ALA SD 8 70.69 59.34 -99.17
N ILE SD 9 71.14 59.98 -98.11
CA ILE SD 9 70.25 60.70 -97.20
C ILE SD 9 70.05 62.12 -97.70
N ASP SD 10 68.81 62.62 -97.56
CA ASP SD 10 68.39 63.93 -98.07
C ASP SD 10 68.61 63.99 -99.59
N SER SD 11 67.89 63.11 -100.27
CA SER SD 11 68.06 62.92 -101.71
C SER SD 11 66.71 63.01 -102.39
N THR SD 12 66.72 63.50 -103.62
CA THR SD 12 65.50 63.55 -104.41
C THR SD 12 65.28 62.20 -105.10
N ALA SD 13 64.05 61.70 -104.99
CA ALA SD 13 63.68 60.40 -105.55
C ALA SD 13 62.85 60.66 -106.81
N SER SD 14 63.41 60.32 -107.96
CA SER SD 14 62.70 60.42 -109.22
C SER SD 14 62.02 59.10 -109.55
N VAL SD 15 61.31 59.06 -110.67
CA VAL SD 15 60.71 57.83 -111.17
C VAL SD 15 60.43 57.97 -112.66
N THR SD 16 60.87 57.00 -113.45
CA THR SD 16 60.68 57.02 -114.90
C THR SD 16 60.40 55.61 -115.38
N GLY SD 17 59.13 55.22 -115.41
CA GLY SD 17 58.78 53.94 -116.02
C GLY SD 17 57.56 53.99 -116.93
N GLY SD 18 56.80 55.08 -116.85
CA GLY SD 18 55.57 55.17 -117.60
C GLY SD 18 54.40 54.48 -116.91
N THR SD 19 53.32 54.24 -117.66
CA THR SD 19 52.10 53.62 -117.13
C THR SD 19 51.53 54.43 -115.97
N ALA SD 20 51.24 55.69 -116.26
CA ALA SD 20 50.73 56.60 -115.24
C ALA SD 20 49.28 56.31 -114.92
N ARG SD 21 49.04 55.54 -113.87
CA ARG SD 21 47.69 55.23 -113.44
C ARG SD 21 47.10 56.40 -112.64
N THR SD 22 45.89 56.19 -112.15
CA THR SD 22 45.17 57.22 -111.41
C THR SD 22 44.56 56.61 -110.16
N VAL SD 23 44.83 57.22 -109.01
CA VAL SD 23 44.22 56.80 -107.75
C VAL SD 23 42.84 57.44 -107.66
N LYS SD 24 41.81 56.62 -107.64
CA LYS SD 24 40.44 57.06 -107.50
C LYS SD 24 39.89 56.61 -106.16
N GLU SD 25 39.31 57.53 -105.40
CA GLU SD 25 38.82 57.18 -104.08
C GLU SD 25 37.50 56.43 -104.18
N LEU SD 26 37.26 55.55 -103.21
CA LEU SD 26 36.05 54.75 -103.19
C LEU SD 26 35.13 55.18 -102.04
N VAL SD 27 35.59 55.11 -100.80
CA VAL SD 27 34.78 55.46 -99.64
C VAL SD 27 35.65 56.28 -98.69
N ARG SD 28 35.09 56.64 -97.55
CA ARG SD 28 35.82 57.42 -96.56
C ARG SD 28 35.79 56.82 -95.16
N ASN SD 29 34.67 56.18 -94.78
CA ASN SD 29 34.35 55.80 -93.41
C ASN SD 29 35.07 56.62 -92.33
N ASN SD 30 35.52 55.95 -91.27
CA ASN SD 30 35.95 56.63 -90.05
C ASN SD 30 37.40 57.08 -90.16
N SER SD 31 37.61 58.36 -90.47
CA SER SD 31 38.93 58.97 -90.49
C SER SD 31 39.90 58.18 -91.37
N GLU SD 32 39.38 57.71 -92.50
CA GLU SD 32 40.11 56.83 -93.39
C GLU SD 32 39.83 57.29 -94.82
N LEU SD 33 40.52 56.68 -95.78
CA LEU SD 33 40.27 56.99 -97.18
C LEU SD 33 40.63 55.79 -98.04
N ASN SD 34 39.63 55.01 -98.43
CA ASN SD 34 39.88 53.82 -99.24
C ASN SD 34 39.77 54.19 -100.72
N ALA SD 35 40.87 54.05 -101.44
CA ALA SD 35 40.92 54.32 -102.86
C ALA SD 35 41.30 53.05 -103.61
N TYR SD 36 41.50 53.19 -104.92
CA TYR SD 36 41.95 52.07 -105.75
C TYR SD 36 42.69 52.62 -106.96
N ILE SD 37 43.60 51.82 -107.50
CA ILE SD 37 44.38 52.23 -108.66
C ILE SD 37 43.65 51.78 -109.91
N ASP SD 38 43.40 52.71 -110.83
CA ASP SD 38 42.63 52.44 -112.04
C ASP SD 38 43.57 51.97 -113.14
N GLU SD 39 43.66 50.65 -113.28
CA GLU SD 39 44.46 50.04 -114.33
C GLU SD 39 43.63 49.24 -115.32
N GLY SD 40 42.32 49.24 -115.19
CA GLY SD 40 41.44 48.50 -116.06
C GLY SD 40 41.25 47.03 -115.72
N LEU SD 41 41.62 46.60 -114.52
CA LEU SD 41 41.45 45.22 -114.13
C LEU SD 41 40.01 44.94 -113.74
N SER SD 42 39.75 43.74 -113.25
CA SER SD 42 38.42 43.38 -112.81
C SER SD 42 38.07 44.10 -111.51
N PHE SD 43 36.83 43.92 -111.06
CA PHE SD 43 36.36 44.63 -109.89
C PHE SD 43 37.01 44.10 -108.63
N GLN SD 44 37.08 42.78 -108.49
CA GLN SD 44 37.70 42.16 -107.31
C GLN SD 44 39.11 41.67 -107.61
N ALA SD 45 39.77 42.29 -108.60
CA ALA SD 45 41.19 42.03 -108.84
C ALA SD 45 41.99 43.32 -108.92
N ARG SD 46 41.40 44.47 -108.61
CA ARG SD 46 42.09 45.76 -108.68
C ARG SD 46 42.92 45.98 -107.42
N LYS SD 47 43.86 46.92 -107.49
CA LYS SD 47 44.69 47.24 -106.33
C LYS SD 47 44.06 48.41 -105.60
N GLU SD 48 43.60 48.17 -104.37
CA GLU SD 48 43.03 49.20 -103.51
C GLU SD 48 44.08 49.61 -102.50
N VAL SD 49 44.38 50.91 -102.43
CA VAL SD 49 45.28 51.42 -101.42
C VAL SD 49 44.48 52.27 -100.43
N ALA SD 50 44.65 52.00 -99.14
CA ALA SD 50 43.90 52.66 -98.09
C ALA SD 50 44.79 53.62 -97.31
N PHE SD 51 44.22 54.78 -96.98
CA PHE SD 51 44.91 55.83 -96.24
C PHE SD 51 44.20 56.07 -94.91
N SER SD 52 44.95 56.42 -93.87
CA SER SD 52 44.35 56.66 -92.57
C SER SD 52 45.23 57.59 -91.74
N VAL SD 53 44.60 58.34 -90.84
CA VAL SD 53 45.30 59.26 -89.95
C VAL SD 53 44.83 59.04 -88.52
N LYS SD 54 45.70 59.35 -87.57
CA LYS SD 54 45.46 59.12 -86.15
C LYS SD 54 45.96 60.35 -85.36
N VAL SD 55 45.45 61.53 -85.74
CA VAL SD 55 45.88 62.83 -85.25
C VAL SD 55 46.14 62.84 -83.74
N PRO SD 56 47.14 63.60 -83.27
CA PRO SD 56 47.55 63.53 -81.86
C PRO SD 56 46.45 63.97 -80.91
N LYS SD 57 46.50 63.39 -79.71
CA LYS SD 57 45.51 63.64 -78.67
C LYS SD 57 46.25 64.05 -77.40
N VAL SD 58 45.84 65.17 -76.80
CA VAL SD 58 46.56 65.75 -75.68
C VAL SD 58 46.55 64.80 -74.49
N SER SD 59 47.72 64.32 -74.12
CA SER SD 59 47.87 63.38 -73.01
C SER SD 59 48.62 64.04 -71.85
N VAL SD 60 48.79 63.32 -70.75
CA VAL SD 60 49.61 63.73 -69.63
C VAL SD 60 50.96 63.04 -69.65
N SER SD 61 50.99 61.81 -70.15
CA SER SD 61 52.18 61.04 -70.47
C SER SD 61 52.74 61.57 -71.79
N ALA SD 62 53.54 60.75 -72.49
CA ALA SD 62 54.12 61.15 -73.77
C ALA SD 62 55.11 62.30 -73.59
N PRO SD 63 56.34 61.98 -73.20
CA PRO SD 63 57.30 63.01 -72.77
C PRO SD 63 57.67 63.96 -73.90
N GLY SD 64 56.87 65.02 -74.02
CA GLY SD 64 56.81 65.89 -75.17
C GLY SD 64 55.41 66.45 -75.29
N GLY SD 65 54.51 65.94 -74.47
CA GLY SD 65 53.20 66.53 -74.30
C GLY SD 65 52.03 65.63 -74.66
N PHE SD 66 52.11 64.95 -75.80
CA PHE SD 66 51.01 64.13 -76.29
C PHE SD 66 51.45 63.25 -77.46
N THR SD 67 50.57 62.30 -77.81
CA THR SD 67 50.90 61.20 -78.69
C THR SD 67 51.31 61.67 -80.08
N GLN SD 68 51.91 60.76 -80.83
CA GLN SD 68 52.45 61.06 -82.15
C GLN SD 68 51.36 61.04 -83.21
N ALA SD 69 51.71 61.55 -84.39
CA ALA SD 69 50.80 61.61 -85.53
C ALA SD 69 51.17 60.51 -86.52
N ARG SD 70 50.53 59.35 -86.40
CA ARG SD 70 50.77 58.24 -87.29
C ARG SD 70 49.90 58.34 -88.54
N SER SD 71 50.50 58.01 -89.69
CA SER SD 71 49.81 58.00 -90.98
C SER SD 71 50.06 56.63 -91.61
N THR SD 72 48.99 55.94 -91.99
CA THR SD 72 49.12 54.60 -92.53
C THR SD 72 48.71 54.54 -93.99
N VAL SD 73 49.41 53.70 -94.75
CA VAL SD 73 49.07 53.40 -96.14
C VAL SD 73 49.20 51.90 -96.37
N ILE SD 74 48.08 51.24 -96.62
CA ILE SD 74 48.08 49.82 -96.95
C ILE SD 74 47.72 49.66 -98.42
N LEU SD 75 48.60 49.03 -99.17
CA LEU SD 75 48.40 48.77 -100.60
C LEU SD 75 48.06 47.29 -100.74
N LYS SD 76 46.82 47.01 -101.15
CA LYS SD 76 46.36 45.64 -101.29
C LYS SD 76 46.42 45.23 -102.76
N SER SD 77 47.25 44.24 -103.06
CA SER SD 77 47.39 43.74 -104.43
C SER SD 77 46.89 42.30 -104.47
N PRO SD 78 45.73 42.04 -105.05
CA PRO SD 78 45.18 40.68 -105.01
C PRO SD 78 45.90 39.77 -105.99
N LYS SD 79 45.83 38.47 -105.72
CA LYS SD 79 46.52 37.47 -106.53
C LYS SD 79 45.68 36.21 -106.62
N THR SD 80 45.61 35.64 -107.83
CA THR SD 80 44.99 34.34 -108.04
C THR SD 80 46.09 33.28 -108.05
N LEU SD 81 45.98 32.31 -107.15
CA LEU SD 81 47.01 31.29 -107.02
C LEU SD 81 46.80 30.17 -108.02
N ALA SD 82 47.82 29.30 -108.13
CA ALA SD 82 47.72 28.15 -109.03
C ALA SD 82 46.62 27.20 -108.61
N ASN SD 83 46.49 26.96 -107.30
CA ASN SD 83 45.42 26.10 -106.80
C ASN SD 83 44.04 26.63 -107.16
N GLY SD 84 43.93 27.93 -107.42
CA GLY SD 84 42.69 28.48 -107.92
C GLY SD 84 42.07 29.54 -107.04
N ASN SD 85 42.31 29.46 -105.73
CA ASN SD 85 41.73 30.43 -104.81
C ASN SD 85 42.43 31.78 -104.93
N ARG SD 86 41.98 32.72 -104.11
CA ARG SD 86 42.41 34.11 -104.17
C ARG SD 86 43.09 34.48 -102.86
N THR SD 87 44.04 35.40 -102.96
CA THR SD 87 44.75 35.91 -101.79
C THR SD 87 45.17 37.35 -102.13
N VAL SD 88 45.44 38.14 -101.09
CA VAL SD 88 45.86 39.53 -101.25
C VAL SD 88 47.26 39.67 -100.71
N ASN SD 89 48.12 40.34 -101.48
CA ASN SD 89 49.49 40.65 -101.09
C ASN SD 89 49.52 42.13 -100.69
N THR SD 90 49.85 42.38 -99.44
CA THR SD 90 49.71 43.73 -98.88
C THR SD 90 51.08 44.36 -98.59
N VAL SD 91 51.11 45.69 -98.66
CA VAL SD 91 52.29 46.46 -98.28
C VAL SD 91 51.84 47.62 -97.39
N SER SD 92 52.00 47.48 -96.08
CA SER SD 92 51.58 48.53 -95.17
C SER SD 92 52.76 49.42 -94.79
N ILE SD 93 52.46 50.71 -94.58
CA ILE SD 93 53.47 51.70 -94.22
C ILE SD 93 52.90 52.62 -93.16
N GLN SD 94 53.63 52.84 -92.07
CA GLN SD 94 53.19 53.70 -90.99
C GLN SD 94 54.26 54.75 -90.68
N LEU SD 95 53.82 55.90 -90.18
CA LEU SD 95 54.68 57.06 -89.97
C LEU SD 95 54.43 57.66 -88.58
N SER SD 96 54.54 56.82 -87.56
CA SER SD 96 54.37 57.28 -86.17
C SER SD 96 55.51 58.23 -85.81
N VAL SD 97 55.24 59.52 -85.95
CA VAL SD 97 56.23 60.56 -85.66
C VAL SD 97 55.64 61.58 -84.70
N ASP SD 98 56.49 62.09 -83.83
CA ASP SD 98 56.04 63.04 -82.81
C ASP SD 98 55.56 64.32 -83.47
N PRO SD 99 54.43 64.88 -83.03
CA PRO SD 99 53.83 66.02 -83.73
C PRO SD 99 54.69 67.26 -83.76
N GLU SD 100 55.66 67.39 -82.88
CA GLU SD 100 56.57 68.54 -82.90
C GLU SD 100 57.59 68.48 -84.02
N THR SD 101 57.66 67.37 -84.75
CA THR SD 101 58.70 67.20 -85.76
C THR SD 101 58.43 68.11 -86.96
N THR SD 102 59.49 68.60 -87.57
CA THR SD 102 59.39 69.50 -88.70
C THR SD 102 59.15 68.71 -89.99
N ALA SD 103 58.74 69.43 -91.03
CA ALA SD 103 58.45 68.82 -92.32
C ALA SD 103 59.72 68.44 -93.07
N ALA SD 104 60.86 69.07 -92.76
CA ALA SD 104 62.11 68.68 -93.40
C ALA SD 104 62.59 67.33 -92.89
N GLU SD 105 62.43 67.09 -91.59
CA GLU SD 105 62.76 65.78 -91.04
C GLU SD 105 61.87 64.69 -91.62
N VAL SD 106 60.58 64.97 -91.74
CA VAL SD 106 59.65 64.00 -92.31
C VAL SD 106 60.03 63.68 -93.74
N THR SD 107 60.38 64.70 -94.52
CA THR SD 107 60.85 64.47 -95.89
C THR SD 107 62.12 63.64 -95.89
N THR SD 108 63.04 63.91 -94.96
CA THR SD 108 64.24 63.10 -94.84
C THR SD 108 63.89 61.65 -94.52
N MET SD 109 62.99 61.46 -93.56
CA MET SD 109 62.60 60.10 -93.16
C MET SD 109 61.85 59.39 -94.27
N LEU SD 110 60.95 60.11 -94.95
CA LEU SD 110 60.19 59.49 -96.03
C LEU SD 110 61.10 59.09 -97.18
N ASN SD 111 62.08 59.93 -97.51
CA ASN SD 111 63.01 59.61 -98.58
C ASN SD 111 63.91 58.45 -98.19
N ALA SD 112 64.42 58.45 -96.96
CA ALA SD 112 65.28 57.35 -96.51
C ALA SD 112 64.50 56.05 -96.47
N ALA SD 113 63.28 56.06 -95.94
CA ALA SD 113 62.43 54.89 -95.94
C ALA SD 113 62.05 54.42 -97.33
N ALA SD 114 61.69 55.36 -98.22
CA ALA SD 114 61.38 54.98 -99.59
C ALA SD 114 62.62 54.73 -100.42
N GLN SD 115 63.80 55.09 -99.92
CA GLN SD 115 65.04 54.71 -100.57
C GLN SD 115 65.30 53.21 -100.46
N LEU SD 116 64.79 52.59 -99.40
CA LEU SD 116 64.58 51.16 -99.36
C LEU SD 116 63.46 50.83 -100.35
N LEU SD 117 63.12 49.54 -100.45
CA LEU SD 117 62.01 49.06 -101.26
C LEU SD 117 62.26 49.20 -102.77
N PHE SD 118 63.32 49.91 -103.17
CA PHE SD 118 63.69 49.87 -104.59
C PHE SD 118 65.19 49.83 -104.77
N ASP SD 119 65.93 49.93 -103.67
CA ASP SD 119 67.37 49.81 -103.76
C ASP SD 119 67.75 48.35 -104.04
N SER SD 120 68.76 48.17 -104.89
CA SER SD 120 69.16 46.83 -105.31
C SER SD 120 69.71 46.00 -104.16
N ASP SD 121 70.23 46.63 -103.11
CA ASP SD 121 70.80 45.89 -102.00
C ASP SD 121 69.73 45.07 -101.28
N TYR SD 122 68.53 45.61 -101.18
CA TYR SD 122 67.46 44.98 -100.42
C TYR SD 122 66.55 44.11 -101.28
N SER SD 123 66.89 43.92 -102.56
CA SER SD 123 66.10 43.09 -103.45
C SER SD 123 65.87 41.70 -102.89
N ASP SD 124 66.94 41.05 -102.42
CA ASP SD 124 66.83 39.68 -101.91
C ASP SD 124 66.10 39.65 -100.57
N PHE SD 125 66.24 40.71 -99.77
CA PHE SD 125 65.54 40.78 -98.50
C PHE SD 125 64.03 40.85 -98.72
N TRP SD 126 63.59 41.69 -99.66
CA TRP SD 126 62.17 41.81 -99.93
C TRP SD 126 61.63 40.60 -100.66
N LYS SD 127 62.43 39.94 -101.49
CA LYS SD 127 61.95 38.85 -102.33
C LYS SD 127 62.21 37.49 -101.69
N ALA SD 128 63.46 37.17 -101.34
CA ALA SD 128 63.79 35.86 -100.79
C ALA SD 128 63.93 35.87 -99.27
N GLN SD 129 63.73 37.01 -98.61
CA GLN SD 129 63.87 37.15 -97.16
C GLN SD 129 65.29 36.84 -96.70
N ALA SD 130 66.27 37.22 -97.53
CA ALA SD 130 67.68 37.01 -97.20
C ALA SD 130 68.11 38.11 -96.24
N LEU SD 131 67.89 37.84 -94.94
CA LEU SD 131 68.32 38.76 -93.89
C LEU SD 131 69.83 38.90 -93.93
N ALA SD 132 70.53 37.81 -93.70
CA ALA SD 132 71.99 37.80 -93.83
C ALA SD 132 72.34 37.54 -95.30
N ALA TD 1 -84.19 20.32 97.23
CA ALA TD 1 -85.44 19.89 97.86
C ALA TD 1 -86.22 19.00 96.90
N ILE TD 2 -85.52 18.50 95.88
CA ILE TD 2 -86.04 17.41 95.07
C ILE TD 2 -85.71 16.11 95.80
N ALA TD 3 -86.59 15.70 96.70
CA ALA TD 3 -86.33 14.54 97.53
C ALA TD 3 -87.65 14.01 98.05
N ASN TD 4 -88.02 14.39 99.26
CA ASN TD 4 -89.37 14.14 99.73
C ASN TD 4 -90.22 15.39 99.56
N SER TD 5 -90.42 15.81 98.31
CA SER TD 5 -91.25 16.97 97.98
C SER TD 5 -92.71 16.58 98.01
N SER TD 6 -93.58 17.40 97.43
CA SER TD 6 -94.98 17.05 97.31
C SER TD 6 -95.56 17.71 96.07
N ILE TD 7 -96.40 16.97 95.35
CA ILE TD 7 -97.04 17.49 94.15
C ILE TD 7 -98.45 16.91 94.09
N ALA TD 8 -99.44 17.78 93.85
CA ALA TD 8 -100.82 17.35 93.73
C ALA TD 8 -101.06 16.81 92.32
N ILE TD 9 -101.65 15.64 92.22
CA ILE TD 9 -101.90 15.00 90.94
C ILE TD 9 -103.38 15.05 90.64
N ASP TD 10 -103.71 15.44 89.41
CA ASP TD 10 -105.10 15.68 88.99
C ASP TD 10 -105.75 16.75 89.85
N SER TD 11 -105.17 17.93 89.84
CA SER TD 11 -105.64 19.08 90.60
C SER TD 11 -105.80 20.29 89.69
N THR TD 12 -106.64 21.23 90.11
CA THR TD 12 -106.84 22.46 89.37
C THR TD 12 -105.81 23.49 89.79
N ALA TD 13 -105.24 24.18 88.81
CA ALA TD 13 -104.26 25.23 89.04
C ALA TD 13 -104.88 26.59 88.74
N SER TD 14 -104.57 27.56 89.59
CA SER TD 14 -105.16 28.88 89.50
C SER TD 14 -104.08 29.94 89.66
N VAL TD 15 -104.43 31.16 89.27
CA VAL TD 15 -103.52 32.30 89.30
C VAL TD 15 -104.24 33.48 89.92
N THR TD 16 -103.60 34.14 90.87
CA THR TD 16 -104.13 35.34 91.51
C THR TD 16 -103.12 36.47 91.39
N GLY TD 17 -103.64 37.70 91.30
CA GLY TD 17 -102.79 38.87 91.26
C GLY TD 17 -102.10 39.05 89.92
N GLY TD 18 -100.98 39.77 89.95
CA GLY TD 18 -100.26 40.07 88.73
C GLY TD 18 -100.98 41.09 87.87
N THR TD 19 -100.47 41.26 86.65
CA THR TD 19 -101.02 42.22 85.70
C THR TD 19 -101.33 41.47 84.42
N ALA TD 20 -102.62 41.32 84.12
CA ALA TD 20 -103.07 40.61 82.92
C ALA TD 20 -102.57 41.27 81.66
N ARG TD 21 -101.68 40.60 80.94
CA ARG TD 21 -101.17 41.07 79.66
C ARG TD 21 -101.97 40.43 78.53
N THR TD 22 -101.51 40.57 77.30
CA THR TD 22 -102.20 40.00 76.15
C THR TD 22 -101.17 39.46 75.17
N VAL TD 23 -101.43 38.29 74.61
CA VAL TD 23 -100.51 37.64 73.68
C VAL TD 23 -100.92 38.08 72.28
N LYS TD 24 -100.13 38.99 71.71
CA LYS TD 24 -100.40 39.50 70.38
C LYS TD 24 -99.71 38.63 69.34
N GLU TD 25 -100.47 38.18 68.35
CA GLU TD 25 -99.96 37.27 67.33
C GLU TD 25 -99.27 38.05 66.23
N LEU TD 26 -98.09 37.57 65.83
CA LEU TD 26 -97.25 38.31 64.90
C LEU TD 26 -97.24 37.59 63.56
N VAL TD 27 -96.79 36.34 63.50
CA VAL TD 27 -96.65 35.60 62.26
C VAL TD 27 -97.07 34.16 62.51
N ARG TD 28 -97.73 33.56 61.53
CA ARG TD 28 -98.31 32.23 61.66
C ARG TD 28 -97.94 31.44 60.39
N ASN TD 29 -96.84 30.71 60.43
CA ASN TD 29 -96.39 29.99 59.25
C ASN TD 29 -95.62 28.74 59.66
N ASN TD 30 -95.56 27.79 58.73
CA ASN TD 30 -94.66 26.64 58.83
C ASN TD 30 -94.84 25.88 60.14
N SER TD 31 -96.10 25.66 60.52
CA SER TD 31 -96.43 24.95 61.76
C SER TD 31 -95.94 25.69 62.99
N GLU TD 32 -95.70 26.99 62.85
CA GLU TD 32 -95.21 27.84 63.92
C GLU TD 32 -96.13 29.04 64.08
N LEU TD 33 -96.23 29.56 65.31
CA LEU TD 33 -97.00 30.77 65.59
C LEU TD 33 -96.11 31.67 66.44
N ASN TD 34 -95.46 32.63 65.79
CA ASN TD 34 -94.70 33.64 66.52
C ASN TD 34 -95.65 34.69 67.08
N ALA TD 35 -95.46 35.02 68.35
CA ALA TD 35 -96.30 36.00 69.03
C ALA TD 35 -95.43 36.74 70.04
N TYR TD 36 -96.05 37.66 70.77
CA TYR TD 36 -95.33 38.42 71.79
C TYR TD 36 -96.32 38.85 72.86
N ILE TD 37 -95.83 38.95 74.09
CA ILE TD 37 -96.61 39.44 75.20
C ILE TD 37 -96.50 40.96 75.22
N ASP TD 38 -97.64 41.63 75.35
CA ASP TD 38 -97.71 43.09 75.27
C ASP TD 38 -97.71 43.62 76.70
N GLU TD 39 -96.58 44.18 77.13
CA GLU TD 39 -96.46 44.84 78.42
C GLU TD 39 -96.14 46.31 78.30
N GLY TD 40 -96.27 46.89 77.11
CA GLY TD 40 -95.90 48.27 76.88
C GLY TD 40 -94.40 48.47 77.01
N LEU TD 41 -93.63 47.57 76.43
CA LEU TD 41 -92.17 47.63 76.45
C LEU TD 41 -91.65 47.94 75.06
N SER TD 42 -90.34 48.11 74.96
CA SER TD 42 -89.70 48.39 73.68
C SER TD 42 -89.54 47.10 72.89
N PHE TD 43 -89.26 47.22 71.60
CA PHE TD 43 -89.11 46.05 70.73
C PHE TD 43 -87.94 45.18 71.13
N GLN TD 44 -86.85 45.78 71.60
CA GLN TD 44 -85.67 45.02 72.01
C GLN TD 44 -85.84 44.31 73.34
N ALA TD 45 -86.84 44.69 74.13
CA ALA TD 45 -87.18 43.97 75.34
C ALA TD 45 -88.67 43.66 75.29
N ARG TD 46 -89.01 42.57 74.61
CA ARG TD 46 -90.39 42.09 74.51
C ARG TD 46 -90.48 40.76 75.28
N LYS TD 47 -91.59 40.03 75.19
CA LYS TD 47 -91.67 38.70 75.79
C LYS TD 47 -92.14 37.72 74.73
N GLU TD 48 -91.47 37.71 73.58
CA GLU TD 48 -91.86 36.85 72.47
C GLU TD 48 -92.00 35.40 72.91
N VAL TD 49 -93.09 34.76 72.47
CA VAL TD 49 -93.34 33.35 72.74
C VAL TD 49 -93.73 32.68 71.43
N ALA TD 50 -93.12 31.54 71.14
CA ALA TD 50 -93.33 30.83 69.89
C ALA TD 50 -94.02 29.50 70.14
N PHE TD 51 -95.11 29.26 69.42
CA PHE TD 51 -95.90 28.04 69.50
C PHE TD 51 -95.67 27.24 68.23
N SER TD 52 -95.25 25.99 68.38
CA SER TD 52 -95.01 25.12 67.23
C SER TD 52 -95.68 23.77 67.47
N VAL TD 53 -96.09 23.14 66.38
CA VAL TD 53 -96.80 21.88 66.42
C VAL TD 53 -96.16 20.91 65.43
N LYS TD 54 -96.00 19.66 65.87
CA LYS TD 54 -95.40 18.58 65.08
C LYS TD 54 -96.39 17.42 65.04
N VAL TD 55 -97.15 17.33 63.94
CA VAL TD 55 -98.24 16.36 63.82
C VAL TD 55 -97.69 14.96 63.60
N PRO TD 56 -98.35 13.92 64.09
CA PRO TD 56 -97.84 12.56 63.93
C PRO TD 56 -97.93 12.08 62.49
N LYS TD 57 -97.02 11.17 62.13
CA LYS TD 57 -97.00 10.54 60.82
C LYS TD 57 -96.92 9.03 60.97
N VAL TD 58 -97.36 8.31 59.94
CA VAL TD 58 -97.39 6.86 59.98
C VAL TD 58 -95.96 6.32 60.02
N SER TD 59 -95.77 5.24 60.78
CA SER TD 59 -94.47 4.60 60.90
C SER TD 59 -94.66 3.08 60.90
N VAL TD 60 -93.54 2.36 60.96
CA VAL TD 60 -93.56 0.92 61.15
C VAL TD 60 -93.07 0.53 62.54
N SER TD 61 -92.08 1.24 63.07
CA SER TD 61 -91.69 1.23 64.47
C SER TD 61 -92.66 2.12 65.24
N ALA TD 62 -92.26 2.58 66.43
CA ALA TD 62 -93.13 3.42 67.23
C ALA TD 62 -94.36 2.63 67.65
N PRO TD 63 -94.26 1.84 68.71
CA PRO TD 63 -95.18 0.70 68.91
C PRO TD 63 -96.62 1.13 69.07
N GLY TD 64 -97.30 1.25 67.93
CA GLY TD 64 -98.61 1.86 67.83
C GLY TD 64 -98.79 2.51 66.48
N GLY TD 65 -97.71 2.55 65.70
CA GLY TD 65 -97.83 2.87 64.29
C GLY TD 65 -97.48 4.29 63.92
N PHE TD 66 -97.64 5.22 64.85
CA PHE TD 66 -97.40 6.62 64.55
C PHE TD 66 -96.33 7.19 65.48
N THR TD 67 -95.64 8.21 64.98
CA THR TD 67 -94.76 9.01 65.81
C THR TD 67 -95.60 9.84 66.77
N GLN TD 68 -94.93 10.43 67.76
CA GLN TD 68 -95.65 11.18 68.78
C GLN TD 68 -96.03 12.57 68.28
N ALA TD 69 -97.07 13.14 68.88
CA ALA TD 69 -97.51 14.49 68.55
C ALA TD 69 -96.84 15.47 69.51
N ARG TD 70 -95.92 16.26 68.98
CA ARG TD 70 -95.14 17.20 69.78
C ARG TD 70 -95.70 18.60 69.68
N SER TD 71 -95.85 19.26 70.83
CA SER TD 71 -96.29 20.66 70.91
C SER TD 71 -95.24 21.38 71.74
N THR TD 72 -94.62 22.40 71.15
CA THR TD 72 -93.52 23.11 71.80
C THR TD 72 -93.84 24.59 71.97
N VAL TD 73 -93.58 25.10 73.17
CA VAL TD 73 -93.71 26.52 73.47
C VAL TD 73 -92.39 27.04 73.99
N ILE TD 74 -91.82 28.04 73.32
CA ILE TD 74 -90.61 28.71 73.79
C ILE TD 74 -90.95 30.15 74.14
N LEU TD 75 -90.66 30.53 75.37
CA LEU TD 75 -90.86 31.90 75.85
C LEU TD 75 -89.49 32.55 75.94
N LYS TD 76 -89.30 33.64 75.20
CA LYS TD 76 -88.04 34.35 75.20
C LYS TD 76 -88.12 35.59 76.08
N SER TD 77 -87.07 35.81 76.87
CA SER TD 77 -87.01 36.94 77.80
C SER TD 77 -85.70 37.68 77.62
N PRO TD 78 -85.69 38.78 76.87
CA PRO TD 78 -84.46 39.58 76.75
C PRO TD 78 -83.99 40.18 78.07
N LYS TD 79 -82.74 39.95 78.41
CA LYS TD 79 -82.12 40.52 79.59
C LYS TD 79 -80.97 41.42 79.17
N THR TD 80 -80.82 42.55 79.85
CA THR TD 80 -79.73 43.49 79.59
C THR TD 80 -78.71 43.37 80.71
N LEU TD 81 -77.44 43.17 80.33
CA LEU TD 81 -76.39 42.87 81.27
C LEU TD 81 -75.76 44.14 81.81
N ALA TD 82 -74.82 43.96 82.75
CA ALA TD 82 -74.13 45.11 83.33
C ALA TD 82 -73.30 45.84 82.29
N ASN TD 83 -72.60 45.10 81.44
CA ASN TD 83 -71.82 45.72 80.37
C ASN TD 83 -72.73 46.42 79.37
N GLY TD 84 -73.86 45.81 79.05
CA GLY TD 84 -74.82 46.42 78.15
C GLY TD 84 -75.16 45.56 76.96
N ASN TD 85 -74.53 44.40 76.86
CA ASN TD 85 -74.89 43.44 75.82
C ASN TD 85 -76.25 42.84 76.11
N ARG TD 86 -76.93 42.41 75.06
CA ARG TD 86 -78.27 41.86 75.16
C ARG TD 86 -78.23 40.33 75.05
N THR TD 87 -78.84 39.67 76.02
CA THR TD 87 -79.00 38.22 76.01
C THR TD 87 -80.47 37.89 76.19
N VAL TD 88 -80.88 36.75 75.62
CA VAL TD 88 -82.25 36.28 75.72
C VAL TD 88 -82.26 35.04 76.62
N ASN TD 89 -83.13 35.06 77.62
CA ASN TD 89 -83.32 33.92 78.52
C ASN TD 89 -84.61 33.22 78.09
N THR TD 90 -84.53 31.91 77.83
CA THR TD 90 -85.65 31.17 77.27
C THR TD 90 -86.15 30.10 78.23
N VAL TD 91 -87.43 29.77 78.08
CA VAL TD 91 -88.02 28.60 78.70
C VAL TD 91 -88.71 27.79 77.63
N SER TD 92 -88.30 26.53 77.46
CA SER TD 92 -88.91 25.65 76.49
C SER TD 92 -89.81 24.63 77.19
N ILE TD 93 -90.98 24.39 76.60
CA ILE TD 93 -91.93 23.40 77.11
C ILE TD 93 -92.33 22.54 75.93
N GLN TD 94 -91.89 21.29 75.92
CA GLN TD 94 -92.20 20.36 74.85
C GLN TD 94 -93.02 19.20 75.41
N LEU TD 95 -94.18 18.96 74.82
CA LEU TD 95 -95.06 17.85 75.19
C LEU TD 95 -95.10 16.87 74.02
N SER TD 96 -94.72 15.63 74.27
CA SER TD 96 -94.78 14.56 73.28
C SER TD 96 -95.69 13.46 73.82
N VAL TD 97 -96.82 13.25 73.16
CA VAL TD 97 -97.75 12.20 73.54
C VAL TD 97 -98.01 11.28 72.35
N ASP TD 98 -98.22 10.01 72.65
CA ASP TD 98 -98.73 9.10 71.64
C ASP TD 98 -100.14 9.51 71.24
N PRO TD 99 -100.48 9.41 69.95
CA PRO TD 99 -101.81 9.87 69.52
C PRO TD 99 -102.96 9.13 70.17
N GLU TD 100 -102.74 7.95 70.75
CA GLU TD 100 -103.80 7.25 71.46
C GLU TD 100 -104.11 7.87 72.82
N THR TD 101 -103.30 8.83 73.27
CA THR TD 101 -103.45 9.38 74.62
C THR TD 101 -104.72 10.20 74.74
N THR TD 102 -105.47 9.94 75.81
CA THR TD 102 -106.73 10.63 76.06
C THR TD 102 -106.47 12.06 76.51
N ALA TD 103 -107.53 12.86 76.52
CA ALA TD 103 -107.40 14.25 76.93
C ALA TD 103 -107.23 14.38 78.44
N ALA TD 104 -107.76 13.42 79.20
CA ALA TD 104 -107.56 13.45 80.65
C ALA TD 104 -106.15 13.03 81.02
N GLU TD 105 -105.52 12.18 80.22
CA GLU TD 105 -104.14 11.80 80.47
C GLU TD 105 -103.19 12.95 80.16
N VAL TD 106 -103.49 13.73 79.12
CA VAL TD 106 -102.69 14.91 78.82
C VAL TD 106 -102.90 15.99 79.87
N THR TD 107 -104.13 16.16 80.34
CA THR TD 107 -104.41 17.14 81.38
C THR TD 107 -103.63 16.82 82.65
N THR TD 108 -103.52 15.55 83.02
CA THR TD 108 -102.74 15.16 84.18
C THR TD 108 -101.28 15.55 84.02
N MET TD 109 -100.71 15.29 82.84
CA MET TD 109 -99.33 15.69 82.59
C MET TD 109 -99.17 17.20 82.66
N LEU TD 110 -100.10 17.94 82.05
CA LEU TD 110 -99.98 19.39 82.00
C LEU TD 110 -100.01 20.00 83.39
N ASN TD 111 -100.91 19.51 84.25
CA ASN TD 111 -101.02 20.08 85.59
C ASN TD 111 -99.84 19.68 86.46
N ALA TD 112 -99.40 18.43 86.39
CA ALA TD 112 -98.26 18.00 87.19
C ALA TD 112 -96.98 18.69 86.76
N ALA TD 113 -96.84 18.98 85.46
CA ALA TD 113 -95.66 19.69 84.99
C ALA TD 113 -95.71 21.17 85.35
N ALA TD 114 -96.92 21.72 85.53
CA ALA TD 114 -97.03 23.13 85.92
C ALA TD 114 -96.49 23.35 87.33
N GLN TD 115 -96.84 22.46 88.26
CA GLN TD 115 -96.31 22.55 89.61
C GLN TD 115 -94.82 22.23 89.66
N LEU TD 116 -94.27 21.57 88.65
CA LEU TD 116 -92.85 21.28 88.64
C LEU TD 116 -92.02 22.55 88.52
N LEU TD 117 -92.59 23.61 87.95
CA LEU TD 117 -91.86 24.86 87.79
C LEU TD 117 -92.53 26.03 88.51
N PHE TD 118 -93.45 25.76 89.43
CA PHE TD 118 -93.88 26.82 90.34
C PHE TD 118 -93.98 26.40 91.81
N ASP TD 119 -93.91 25.11 92.14
CA ASP TD 119 -93.90 24.71 93.54
C ASP TD 119 -92.60 25.15 94.21
N SER TD 120 -92.71 25.49 95.50
CA SER TD 120 -91.57 26.08 96.20
C SER TD 120 -90.43 25.09 96.37
N ASP TD 121 -90.73 23.80 96.44
CA ASP TD 121 -89.70 22.78 96.63
C ASP TD 121 -88.70 22.75 95.48
N TYR TD 122 -89.09 23.28 94.33
CA TYR TD 122 -88.21 23.25 93.17
C TYR TD 122 -87.58 24.61 92.90
N SER TD 123 -87.73 25.54 93.84
CA SER TD 123 -87.20 26.88 93.64
C SER TD 123 -85.69 26.88 93.50
N ASP TD 124 -84.98 26.13 94.34
CA ASP TD 124 -83.53 26.11 94.28
C ASP TD 124 -83.00 25.33 93.09
N PHE TD 125 -83.76 24.37 92.57
CA PHE TD 125 -83.35 23.71 91.35
C PHE TD 125 -83.36 24.64 90.15
N TRP TD 126 -84.39 25.48 90.03
CA TRP TD 126 -84.49 26.41 88.90
C TRP TD 126 -83.57 27.61 89.06
N LYS TD 127 -83.46 28.16 90.28
CA LYS TD 127 -82.66 29.35 90.51
C LYS TD 127 -81.24 29.02 90.95
N ALA TD 128 -81.09 28.28 92.05
CA ALA TD 128 -79.76 27.93 92.54
C ALA TD 128 -79.13 26.76 91.80
N GLN TD 129 -79.89 26.09 90.92
CA GLN TD 129 -79.38 24.95 90.16
C GLN TD 129 -78.94 23.83 91.09
N ALA TD 130 -79.71 23.63 92.16
CA ALA TD 130 -79.39 22.72 93.25
C ALA TD 130 -80.21 21.44 93.12
N LEU TD 131 -79.53 20.32 92.87
CA LEU TD 131 -80.21 19.05 92.70
C LEU TD 131 -80.78 18.50 94.01
N ALA TD 132 -80.23 18.94 95.13
CA ALA TD 132 -80.76 18.51 96.43
C ALA TD 132 -80.51 19.56 97.50
N ALA UD 1 -107.75 31.02 71.52
CA ALA UD 1 -106.56 30.26 71.90
C ALA UD 1 -105.32 31.14 71.83
N ILE UD 2 -104.30 30.68 71.10
CA ILE UD 2 -103.12 31.50 70.89
C ILE UD 2 -103.44 32.56 69.84
N ALA UD 3 -103.77 33.77 70.29
CA ALA UD 3 -104.24 34.83 69.41
C ALA UD 3 -104.51 36.09 70.20
N ASN UD 4 -105.36 36.00 71.21
CA ASN UD 4 -105.72 37.14 72.05
C ASN UD 4 -105.73 36.75 73.52
N SER UD 5 -105.02 35.67 73.87
CA SER UD 5 -105.05 35.15 75.22
C SER UD 5 -104.36 36.11 76.19
N SER UD 6 -104.78 36.06 77.45
CA SER UD 6 -104.24 36.91 78.50
C SER UD 6 -103.43 36.02 79.46
N ILE UD 7 -102.26 36.52 79.85
CA ILE UD 7 -101.40 35.86 80.83
C ILE UD 7 -101.04 36.85 81.91
N ALA UD 8 -101.23 36.45 83.18
CA ALA UD 8 -101.00 37.35 84.31
C ALA UD 8 -99.53 37.34 84.70
N ILE UD 9 -98.80 38.35 84.25
CA ILE UD 9 -97.36 38.45 84.52
C ILE UD 9 -97.15 38.80 85.99
N ASP UD 10 -96.18 38.14 86.62
CA ASP UD 10 -95.80 38.39 88.01
C ASP UD 10 -96.98 38.19 88.95
N SER UD 11 -97.67 37.07 88.78
CA SER UD 11 -98.77 36.67 89.63
C SER UD 11 -98.34 35.49 90.51
N THR UD 12 -99.27 35.01 91.32
CA THR UD 12 -99.05 33.87 92.19
C THR UD 12 -99.90 32.70 91.73
N ALA UD 13 -99.25 31.57 91.45
CA ALA UD 13 -99.93 30.37 90.99
C ALA UD 13 -100.05 29.37 92.12
N SER UD 14 -101.25 28.82 92.30
CA SER UD 14 -101.53 27.86 93.35
C SER UD 14 -102.25 26.65 92.76
N VAL UD 15 -102.59 25.70 93.62
CA VAL UD 15 -103.22 24.46 93.22
C VAL UD 15 -104.22 24.05 94.30
N THR UD 16 -105.39 23.57 93.88
CA THR UD 16 -106.42 23.10 94.79
C THR UD 16 -106.89 21.73 94.34
N GLY UD 17 -107.37 20.93 95.30
CA GLY UD 17 -107.82 19.59 94.99
C GLY UD 17 -106.66 18.65 94.73
N GLY UD 18 -106.99 17.49 94.18
CA GLY UD 18 -105.98 16.52 93.81
C GLY UD 18 -105.50 15.67 94.97
N THR UD 19 -104.57 14.77 94.66
CA THR UD 19 -103.91 13.94 95.64
C THR UD 19 -102.44 14.33 95.74
N ALA UD 20 -101.97 14.47 96.97
CA ALA UD 20 -100.62 14.94 97.26
C ALA UD 20 -99.69 13.74 97.27
N ARG UD 21 -98.94 13.57 96.18
CA ARG UD 21 -97.94 12.52 96.12
C ARG UD 21 -96.58 13.06 96.53
N THR UD 22 -95.67 12.14 96.89
CA THR UD 22 -94.46 12.54 97.60
C THR UD 22 -93.30 12.82 96.65
N VAL UD 23 -93.15 12.03 95.58
CA VAL UD 23 -91.98 12.05 94.71
C VAL UD 23 -90.80 11.49 95.50
N LYS UD 24 -90.16 10.44 94.99
CA LYS UD 24 -89.09 9.76 95.70
C LYS UD 24 -87.90 9.61 94.77
N GLU UD 25 -86.71 9.82 95.31
CA GLU UD 25 -85.49 9.73 94.52
C GLU UD 25 -85.19 8.28 94.15
N LEU UD 26 -84.88 8.05 92.87
CA LEU UD 26 -84.43 6.72 92.43
C LEU UD 26 -82.91 6.62 92.38
N VAL UD 27 -82.29 7.41 91.52
CA VAL UD 27 -80.88 7.26 91.17
C VAL UD 27 -80.31 8.65 90.90
N ARG UD 28 -79.06 8.83 91.30
CA ARG UD 28 -78.39 10.11 91.13
C ARG UD 28 -77.21 9.90 90.17
N ASN UD 29 -76.36 10.92 90.07
CA ASN UD 29 -75.17 10.94 89.21
C ASN UD 29 -75.51 11.19 87.76
N ASN UD 30 -74.80 12.13 87.14
CA ASN UD 30 -74.03 13.12 87.88
C ASN UD 30 -74.41 14.46 87.28
N SER UD 31 -74.81 15.40 88.14
CA SER UD 31 -75.51 16.60 87.73
C SER UD 31 -76.82 16.24 87.03
N GLU UD 32 -77.43 15.15 87.51
CA GLU UD 32 -78.75 14.73 87.04
C GLU UD 32 -79.42 13.82 88.07
N LEU UD 33 -80.54 14.29 88.63
CA LEU UD 33 -81.31 13.47 89.55
C LEU UD 33 -82.39 12.69 88.80
N ASN UD 34 -82.80 11.57 89.38
CA ASN UD 34 -83.89 10.76 88.86
C ASN UD 34 -84.83 10.40 90.01
N ALA UD 35 -86.11 10.71 89.86
CA ALA UD 35 -87.08 10.48 90.90
C ALA UD 35 -88.30 9.81 90.28
N TYR UD 36 -89.33 9.60 91.10
CA TYR UD 36 -90.59 9.08 90.61
C TYR UD 36 -91.69 9.53 91.55
N ILE UD 37 -92.87 9.80 90.99
CA ILE UD 37 -94.03 10.21 91.78
C ILE UD 37 -94.72 8.95 92.28
N ASP UD 38 -94.79 8.78 93.59
CA ASP UD 38 -95.34 7.58 94.19
C ASP UD 38 -96.84 7.72 94.39
N GLU UD 39 -97.61 7.06 93.53
CA GLU UD 39 -99.07 7.04 93.64
C GLU UD 39 -99.57 5.63 93.92
N GLY UD 40 -98.70 4.75 94.42
CA GLY UD 40 -99.06 3.37 94.62
C GLY UD 40 -99.36 2.63 93.33
N LEU UD 41 -98.55 2.85 92.30
CA LEU UD 41 -98.70 2.18 91.02
C LEU UD 41 -97.56 1.19 90.83
N SER UD 42 -97.65 0.39 89.78
CA SER UD 42 -96.65 -0.64 89.53
C SER UD 42 -95.37 -0.02 88.97
N PHE UD 43 -94.36 -0.88 88.79
CA PHE UD 43 -93.06 -0.41 88.36
C PHE UD 43 -93.07 0.11 86.92
N GLN UD 44 -93.89 -0.49 86.05
CA GLN UD 44 -93.95 -0.07 84.67
C GLN UD 44 -94.94 1.07 84.44
N ALA UD 45 -95.71 1.45 85.45
CA ALA UD 45 -96.76 2.45 85.29
C ALA UD 45 -96.55 3.66 86.19
N ARG UD 46 -95.33 3.86 86.69
CA ARG UD 46 -95.05 4.98 87.57
C ARG UD 46 -94.58 6.20 86.77
N LYS UD 47 -94.79 7.38 87.35
CA LYS UD 47 -94.54 8.66 86.69
C LYS UD 47 -93.08 8.85 86.28
N GLU UD 48 -92.17 8.84 87.26
CA GLU UD 48 -90.73 8.90 86.98
C GLU UD 48 -90.31 10.21 86.31
N VAL UD 49 -90.28 11.30 87.08
CA VAL UD 49 -89.77 12.59 86.62
C VAL UD 49 -88.25 12.62 86.80
N ALA UD 50 -87.55 13.18 85.81
CA ALA UD 50 -86.09 13.30 85.86
C ALA UD 50 -85.67 14.77 85.90
N PHE UD 51 -84.53 15.01 86.54
CA PHE UD 51 -83.98 16.36 86.73
C PHE UD 51 -82.56 16.41 86.21
N SER UD 52 -82.27 17.35 85.33
CA SER UD 52 -80.94 17.53 84.77
C SER UD 52 -80.46 18.95 85.04
N VAL UD 53 -79.15 19.14 84.96
CA VAL UD 53 -78.55 20.44 85.27
C VAL UD 53 -77.27 20.63 84.45
N LYS UD 54 -77.10 21.83 83.90
CA LYS UD 54 -75.89 22.20 83.16
C LYS UD 54 -75.38 23.49 83.79
N VAL UD 55 -74.22 23.41 84.46
CA VAL UD 55 -73.73 24.56 85.21
C VAL UD 55 -73.21 25.61 84.24
N PRO UD 56 -73.20 26.89 84.61
CA PRO UD 56 -72.66 27.91 83.71
C PRO UD 56 -71.17 27.72 83.49
N LYS UD 57 -70.79 27.61 82.22
CA LYS UD 57 -69.40 27.40 81.84
C LYS UD 57 -68.81 28.69 81.33
N VAL UD 58 -67.65 29.07 81.86
CA VAL UD 58 -67.04 30.36 81.51
C VAL UD 58 -66.49 30.29 80.10
N SER UD 59 -67.20 30.90 79.15
CA SER UD 59 -66.75 31.03 77.77
C SER UD 59 -66.00 32.35 77.60
N VAL UD 60 -65.77 32.75 76.35
CA VAL UD 60 -65.11 34.02 76.07
C VAL UD 60 -66.01 34.89 75.22
N SER UD 61 -66.53 34.33 74.12
CA SER UD 61 -67.33 35.08 73.17
C SER UD 61 -68.83 34.88 73.45
N ALA UD 62 -69.25 35.35 74.63
CA ALA UD 62 -70.64 35.26 75.02
C ALA UD 62 -71.03 36.52 75.78
N PRO UD 63 -72.31 36.89 75.77
CA PRO UD 63 -72.76 37.98 76.64
C PRO UD 63 -72.49 37.65 78.11
N GLY UD 64 -71.95 38.62 78.82
CA GLY UD 64 -71.64 38.43 80.22
C GLY UD 64 -70.33 37.72 80.45
N GLY UD 65 -69.99 36.80 79.55
CA GLY UD 65 -68.73 36.08 79.63
C GLY UD 65 -68.90 34.58 79.68
N PHE UD 66 -69.88 34.08 80.43
CA PHE UD 66 -70.06 32.65 80.59
C PHE UD 66 -71.17 32.15 79.67
N THR UD 67 -71.25 30.83 79.54
CA THR UD 67 -72.41 30.22 78.91
C THR UD 67 -73.58 30.20 79.90
N GLN UD 68 -74.74 29.78 79.41
CA GLN UD 68 -75.97 29.91 80.18
C GLN UD 68 -76.12 28.77 81.17
N ALA UD 69 -76.88 29.04 82.23
CA ALA UD 69 -77.22 28.05 83.24
C ALA UD 69 -78.44 27.28 82.77
N ARG UD 70 -78.21 26.09 82.22
CA ARG UD 70 -79.30 25.26 81.71
C ARG UD 70 -79.84 24.37 82.82
N SER UD 71 -81.16 24.22 82.85
CA SER UD 71 -81.81 23.40 83.89
C SER UD 71 -83.01 22.72 83.25
N THR UD 72 -82.96 21.39 83.17
CA THR UD 72 -83.97 20.62 82.46
C THR UD 72 -84.73 19.71 83.40
N VAL UD 73 -86.04 19.59 83.16
CA VAL UD 73 -86.90 18.63 83.85
C VAL UD 73 -87.66 17.89 82.77
N ILE UD 74 -87.71 16.56 82.87
CA ILE UD 74 -88.53 15.72 82.01
C ILE UD 74 -89.44 14.87 82.89
N LEU UD 75 -90.74 15.04 82.73
CA LEU UD 75 -91.72 14.17 83.37
C LEU UD 75 -92.12 13.11 82.36
N LYS UD 76 -91.96 11.84 82.73
CA LYS UD 76 -92.38 10.74 81.90
C LYS UD 76 -93.74 10.25 82.37
N SER UD 77 -94.43 9.53 81.49
CA SER UD 77 -95.79 9.07 81.78
C SER UD 77 -96.07 7.80 81.00
N PRO UD 78 -96.10 6.65 81.65
CA PRO UD 78 -96.36 5.40 80.93
C PRO UD 78 -97.77 5.38 80.36
N LYS UD 79 -97.93 4.68 79.26
CA LYS UD 79 -99.25 4.42 78.68
C LYS UD 79 -99.18 3.15 77.86
N THR UD 80 -100.20 2.31 77.98
CA THR UD 80 -100.31 1.10 77.19
C THR UD 80 -101.34 1.30 76.07
N LEU UD 81 -101.04 0.74 74.90
CA LEU UD 81 -101.82 1.02 73.72
C LEU UD 81 -102.87 -0.06 73.45
N ALA UD 82 -103.61 0.09 72.36
CA ALA UD 82 -104.67 -0.83 71.99
C ALA UD 82 -104.14 -2.14 71.43
N ASN UD 83 -102.85 -2.22 71.11
CA ASN UD 83 -102.22 -3.46 70.68
C ASN UD 83 -101.48 -4.15 71.81
N GLY UD 84 -101.49 -3.59 73.02
CA GLY UD 84 -100.78 -4.14 74.15
C GLY UD 84 -99.36 -3.63 74.30
N ASN UD 85 -98.86 -2.88 73.32
CA ASN UD 85 -97.50 -2.36 73.40
C ASN UD 85 -97.43 -1.20 74.39
N ARG UD 86 -96.23 -0.98 74.93
CA ARG UD 86 -95.97 0.03 75.96
C ARG UD 86 -95.22 1.20 75.33
N THR UD 87 -95.68 2.42 75.63
CA THR UD 87 -95.00 3.64 75.19
C THR UD 87 -94.94 4.64 76.35
N VAL UD 88 -94.23 5.75 76.13
CA VAL UD 88 -94.04 6.77 77.15
C VAL UD 88 -94.40 8.12 76.56
N ASN UD 89 -95.15 8.92 77.32
CA ASN UD 89 -95.41 10.31 77.00
C ASN UD 89 -94.53 11.18 77.90
N THR UD 90 -94.00 12.25 77.35
CA THR UD 90 -93.06 13.09 78.07
C THR UD 90 -93.49 14.55 78.07
N VAL UD 91 -93.12 15.24 79.14
CA VAL UD 91 -93.16 16.70 79.17
C VAL UD 91 -91.76 17.18 79.51
N SER UD 92 -91.14 17.92 78.60
CA SER UD 92 -89.78 18.39 78.81
C SER UD 92 -89.78 19.91 79.02
N ILE UD 93 -89.19 20.34 80.13
CA ILE UD 93 -89.10 21.76 80.48
C ILE UD 93 -87.63 22.09 80.65
N GLN UD 94 -87.14 23.03 79.84
CA GLN UD 94 -85.77 23.51 79.95
C GLN UD 94 -85.78 25.01 80.25
N LEU UD 95 -85.11 25.38 81.33
CA LEU UD 95 -84.94 26.79 81.70
C LEU UD 95 -83.49 27.15 81.40
N SER UD 96 -83.30 28.22 80.64
CA SER UD 96 -81.97 28.65 80.24
C SER UD 96 -81.85 30.15 80.48
N VAL UD 97 -81.16 30.49 81.57
CA VAL UD 97 -80.93 31.88 81.91
C VAL UD 97 -79.43 32.15 81.93
N ASP UD 98 -79.06 33.41 81.78
CA ASP UD 98 -77.69 33.85 81.99
C ASP UD 98 -77.41 33.90 83.48
N PRO UD 99 -76.17 33.63 83.89
CA PRO UD 99 -75.85 33.63 85.33
C PRO UD 99 -76.14 34.96 86.01
N GLU UD 100 -76.11 36.07 85.29
CA GLU UD 100 -76.37 37.39 85.85
C GLU UD 100 -77.84 37.60 86.19
N THR UD 101 -78.72 36.69 85.77
CA THR UD 101 -80.14 36.82 86.06
C THR UD 101 -80.41 36.68 87.55
N THR UD 102 -81.28 37.54 88.06
CA THR UD 102 -81.69 37.48 89.46
C THR UD 102 -82.79 36.45 89.65
N ALA UD 103 -83.00 36.07 90.92
CA ALA UD 103 -84.03 35.09 91.24
C ALA UD 103 -85.41 35.60 90.89
N ALA UD 104 -85.62 36.92 90.99
CA ALA UD 104 -86.94 37.49 90.73
C ALA UD 104 -87.30 37.45 89.24
N GLU UD 105 -86.31 37.62 88.35
CA GLU UD 105 -86.59 37.49 86.93
C GLU UD 105 -86.85 36.04 86.54
N VAL UD 106 -86.19 35.10 87.22
CA VAL UD 106 -86.45 33.68 86.97
C VAL UD 106 -87.85 33.32 87.46
N THR UD 107 -88.27 33.91 88.57
CA THR UD 107 -89.60 33.67 89.12
C THR UD 107 -90.69 34.10 88.16
N THR UD 108 -90.47 35.23 87.47
CA THR UD 108 -91.45 35.70 86.49
C THR UD 108 -91.54 34.74 85.31
N MET UD 109 -90.39 34.26 84.83
CA MET UD 109 -90.37 33.37 83.67
C MET UD 109 -91.10 32.07 83.96
N LEU UD 110 -90.86 31.49 85.14
CA LEU UD 110 -91.50 30.22 85.48
C LEU UD 110 -93.00 30.39 85.60
N ASN UD 111 -93.45 31.50 86.18
CA ASN UD 111 -94.88 31.74 86.31
C ASN UD 111 -95.54 31.95 84.94
N ALA UD 112 -94.86 32.69 84.06
CA ALA UD 112 -95.37 32.87 82.70
C ALA UD 112 -95.39 31.55 81.95
N ALA UD 113 -94.34 30.76 82.10
CA ALA UD 113 -94.27 29.46 81.43
C ALA UD 113 -95.26 28.47 82.02
N ALA UD 114 -95.44 28.48 83.34
CA ALA UD 114 -96.41 27.58 83.95
C ALA UD 114 -97.82 27.92 83.50
N GLN UD 115 -98.10 29.20 83.27
CA GLN UD 115 -99.43 29.60 82.83
C GLN UD 115 -99.77 28.99 81.47
N LEU UD 116 -98.78 28.94 80.55
CA LEU UD 116 -99.01 28.28 79.26
C LEU UD 116 -98.78 26.78 79.43
N LEU UD 117 -99.35 26.23 80.49
CA LEU UD 117 -99.40 24.79 80.67
C LEU UD 117 -100.79 24.39 81.15
N PHE UD 118 -101.45 25.30 81.87
CA PHE UD 118 -102.75 25.00 82.47
C PHE UD 118 -103.81 26.04 82.19
N ASP UD 119 -103.47 27.18 81.59
CA ASP UD 119 -104.48 28.18 81.26
C ASP UD 119 -105.44 27.62 80.22
N SER UD 120 -106.73 27.85 80.44
CA SER UD 120 -107.77 27.24 79.61
C SER UD 120 -107.68 27.70 78.17
N ASP UD 121 -107.06 28.85 77.93
CA ASP UD 121 -106.90 29.38 76.58
C ASP UD 121 -106.05 28.44 75.73
N TYR UD 122 -104.97 27.91 76.31
CA TYR UD 122 -104.13 26.97 75.59
C TYR UD 122 -104.50 25.53 75.93
N SER UD 123 -105.71 25.11 75.59
CA SER UD 123 -106.10 23.71 75.79
C SER UD 123 -106.15 23.00 74.46
N ASP UD 124 -106.74 23.64 73.45
CA ASP UD 124 -106.76 23.06 72.11
C ASP UD 124 -105.36 22.92 71.54
N PHE UD 125 -104.42 23.73 72.01
CA PHE UD 125 -103.05 23.64 71.52
C PHE UD 125 -102.33 22.39 72.02
N TRP UD 126 -102.56 21.99 73.27
CA TRP UD 126 -101.88 20.82 73.81
C TRP UD 126 -102.61 19.53 73.45
N LYS UD 127 -103.93 19.50 73.63
CA LYS UD 127 -104.69 18.26 73.41
C LYS UD 127 -105.08 18.11 71.95
N ALA UD 128 -105.83 19.08 71.42
CA ALA UD 128 -106.22 19.02 70.03
C ALA UD 128 -105.07 19.34 69.09
N GLN UD 129 -103.95 19.82 69.62
CA GLN UD 129 -102.79 20.23 68.84
C GLN UD 129 -103.17 21.28 67.80
N ALA UD 130 -104.05 22.20 68.21
CA ALA UD 130 -104.61 23.21 67.32
C ALA UD 130 -103.88 24.53 67.51
N LEU UD 131 -103.11 24.93 66.51
CA LEU UD 131 -102.37 26.18 66.57
C LEU UD 131 -103.29 27.38 66.44
N ALA UD 132 -104.55 27.14 66.08
CA ALA UD 132 -105.49 28.23 65.88
C ALA UD 132 -106.87 27.91 66.46
N ALA VD 1 -101.23 72.66 43.72
CA ALA VD 1 -100.28 71.67 43.22
C ALA VD 1 -99.24 71.34 44.29
N ILE VD 2 -98.14 70.70 43.88
CA ILE VD 2 -97.12 70.26 44.82
C ILE VD 2 -96.49 71.44 45.54
N ALA VD 3 -96.14 72.49 44.79
CA ALA VD 3 -95.54 73.67 45.39
C ALA VD 3 -96.55 74.39 46.28
N ASN VD 4 -96.14 74.68 47.51
CA ASN VD 4 -96.98 75.38 48.50
C ASN VD 4 -98.24 74.58 48.84
N SER VD 5 -98.14 73.27 48.73
CA SER VD 5 -99.22 72.38 49.17
C SER VD 5 -99.18 72.27 50.69
N SER VD 6 -100.36 72.22 51.30
CA SER VD 6 -100.46 72.16 52.75
C SER VD 6 -100.87 70.78 53.22
N ILE VD 7 -100.13 70.25 54.20
CA ILE VD 7 -100.42 68.96 54.82
C ILE VD 7 -100.63 69.19 56.30
N ALA VD 8 -101.73 68.65 56.84
CA ALA VD 8 -102.05 68.80 58.26
C ALA VD 8 -101.38 67.68 59.04
N ILE VD 9 -100.32 68.01 59.76
CA ILE VD 9 -99.54 67.03 60.49
C ILE VD 9 -100.26 66.66 61.79
N ASP VD 10 -100.19 65.38 62.16
CA ASP VD 10 -100.83 64.84 63.37
C ASP VD 10 -102.33 65.12 63.34
N SER VD 11 -102.97 64.53 62.34
CA SER VD 11 -104.37 64.76 62.06
C SER VD 11 -105.11 63.45 61.95
N THR VD 12 -106.38 63.47 62.34
CA THR VD 12 -107.22 62.28 62.19
C THR VD 12 -107.79 62.23 60.77
N ALA VD 13 -107.65 61.07 60.14
CA ALA VD 13 -108.12 60.86 58.77
C ALA VD 13 -109.39 60.04 58.83
N SER VD 14 -110.51 60.66 58.44
CA SER VD 14 -111.78 59.95 58.36
C SER VD 14 -112.00 59.48 56.93
N VAL VD 15 -113.13 58.81 56.72
CA VAL VD 15 -113.53 58.40 55.37
C VAL VD 15 -115.05 58.18 55.36
N THR VD 16 -115.73 58.78 54.39
CA THR VD 16 -117.19 58.67 54.28
C THR VD 16 -117.55 58.60 52.80
N GLY VD 17 -117.61 57.40 52.25
CA GLY VD 17 -118.14 57.21 50.91
C GLY VD 17 -119.12 56.07 50.78
N GLY VD 18 -119.15 55.18 51.77
CA GLY VD 18 -119.95 53.98 51.68
C GLY VD 18 -119.25 52.88 50.92
N THR VD 19 -120.02 51.88 50.48
CA THR VD 19 -119.49 50.72 49.76
C THR VD 19 -118.43 50.00 50.59
N ALA VD 20 -118.86 49.52 51.76
CA ALA VD 20 -117.97 48.86 52.70
C ALA VD 20 -117.65 47.45 52.27
N ARG VD 21 -116.52 47.27 51.58
CA ARG VD 21 -116.11 45.95 51.13
C ARG VD 21 -115.41 45.20 52.25
N THR VD 22 -114.95 43.99 51.94
CA THR VD 22 -114.31 43.12 52.92
C THR VD 22 -113.06 42.52 52.33
N VAL VD 23 -111.95 42.66 53.05
CA VAL VD 23 -110.68 42.05 52.67
C VAL VD 23 -110.70 40.61 53.13
N LYS VD 24 -110.63 39.68 52.19
CA LYS VD 24 -110.57 38.25 52.48
C LYS VD 24 -109.21 37.71 52.08
N GLU VD 25 -108.56 37.00 53.00
CA GLU VD 25 -107.24 36.49 52.71
C GLU VD 25 -107.32 35.27 51.79
N LEU VD 26 -106.27 35.10 50.99
CA LEU VD 26 -106.19 33.98 50.04
C LEU VD 26 -105.14 32.98 50.48
N VAL VD 27 -103.87 33.41 50.58
CA VAL VD 27 -102.77 32.54 50.95
C VAL VD 27 -101.85 33.30 51.90
N ARG VD 28 -100.78 32.64 52.32
CA ARG VD 28 -99.82 33.26 53.24
C ARG VD 28 -98.39 33.21 52.75
N ASN VD 29 -98.01 32.16 52.02
CA ASN VD 29 -96.61 31.81 51.70
C ASN VD 29 -95.59 32.35 52.71
N ASN VD 30 -94.44 32.82 52.21
CA ASN VD 30 -93.28 33.09 53.06
C ASN VD 30 -93.40 34.49 53.65
N SER VD 31 -93.85 34.56 54.90
CA SER VD 31 -93.91 35.81 55.66
C SER VD 31 -94.66 36.89 54.88
N GLU VD 32 -95.73 36.47 54.23
CA GLU VD 32 -96.54 37.35 53.39
C GLU VD 32 -98.00 37.11 53.73
N LEU VD 33 -98.88 37.87 53.08
CA LEU VD 33 -100.30 37.66 53.24
C LEU VD 33 -101.04 38.20 52.02
N ASN VD 34 -101.43 37.30 51.12
CA ASN VD 34 -102.13 37.71 49.91
C ASN VD 34 -103.62 37.65 50.16
N ALA VD 35 -104.29 38.79 50.02
CA ALA VD 35 -105.73 38.89 50.20
C ALA VD 35 -106.35 39.47 48.93
N TYR VD 36 -107.66 39.70 48.99
CA TYR VD 36 -108.38 40.30 47.88
C TYR VD 36 -109.62 40.98 48.41
N ILE VD 37 -110.10 41.98 47.68
CA ILE VD 37 -111.26 42.75 48.12
C ILE VD 37 -112.51 42.13 47.50
N ASP VD 38 -113.45 41.76 48.36
CA ASP VD 38 -114.69 41.09 47.92
C ASP VD 38 -115.67 42.16 47.43
N GLU VD 39 -115.75 42.27 46.11
CA GLU VD 39 -116.68 43.19 45.47
C GLU VD 39 -117.57 42.54 44.43
N GLY VD 40 -117.50 41.23 44.28
CA GLY VD 40 -118.32 40.50 43.35
C GLY VD 40 -117.85 40.49 41.92
N LEU VD 41 -116.62 40.90 41.65
CA LEU VD 41 -116.10 40.89 40.29
C LEU VD 41 -115.68 39.46 39.91
N SER VD 42 -115.10 39.34 38.72
CA SER VD 42 -114.65 38.03 38.25
C SER VD 42 -113.45 37.56 39.05
N PHE VD 43 -113.09 36.29 38.84
CA PHE VD 43 -111.98 35.70 39.57
C PHE VD 43 -110.66 36.38 39.22
N GLN VD 44 -110.42 36.62 37.94
CA GLN VD 44 -109.20 37.28 37.48
C GLN VD 44 -109.44 38.75 37.14
N ALA VD 45 -110.47 39.35 37.76
CA ALA VD 45 -110.67 40.79 37.66
C ALA VD 45 -110.84 41.44 39.03
N ARG VD 46 -110.57 40.72 40.11
CA ARG VD 46 -110.71 41.25 41.46
C ARG VD 46 -109.47 42.00 41.88
N LYS VD 47 -109.58 42.83 42.92
CA LYS VD 47 -108.44 43.59 43.42
C LYS VD 47 -107.80 42.79 44.54
N GLU VD 48 -106.55 42.37 44.31
CA GLU VD 48 -105.78 41.61 45.29
C GLU VD 48 -104.78 42.57 45.95
N VAL VD 49 -104.82 42.65 47.28
CA VAL VD 49 -103.83 43.43 48.00
C VAL VD 49 -102.95 42.49 48.82
N ALA VD 50 -101.63 42.61 48.62
CA ALA VD 50 -100.65 41.76 49.28
C ALA VD 50 -99.97 42.50 50.42
N PHE VD 51 -99.71 41.77 51.51
CA PHE VD 51 -99.04 42.28 52.68
C PHE VD 51 -97.75 41.50 52.92
N SER VD 52 -96.75 42.15 53.50
CA SER VD 52 -95.49 41.49 53.79
C SER VD 52 -94.76 42.21 54.91
N VAL VD 53 -93.94 41.46 55.66
CA VAL VD 53 -93.13 42.03 56.73
C VAL VD 53 -91.70 41.52 56.58
N LYS VD 54 -90.76 42.33 57.06
CA LYS VD 54 -89.33 42.04 56.97
C LYS VD 54 -88.65 42.38 58.29
N VAL VD 55 -89.16 41.78 59.37
CA VAL VD 55 -88.77 42.05 60.77
C VAL VD 55 -87.26 42.24 60.91
N PRO VD 56 -86.82 43.12 61.81
CA PRO VD 56 -85.40 43.48 61.89
C PRO VD 56 -84.51 42.31 62.27
N LYS VD 57 -83.27 42.38 61.78
CA LYS VD 57 -82.28 41.33 61.99
C LYS VD 57 -81.04 41.96 62.62
N VAL VD 58 -80.57 41.38 63.71
CA VAL VD 58 -79.48 41.97 64.49
C VAL VD 58 -78.20 41.96 63.67
N SER VD 59 -77.74 43.14 63.27
CA SER VD 59 -76.52 43.29 62.50
C SER VD 59 -75.42 43.88 63.39
N VAL VD 60 -74.25 44.13 62.82
CA VAL VD 60 -73.17 44.85 63.49
C VAL VD 60 -73.04 46.27 62.97
N SER VD 61 -73.41 46.47 61.71
CA SER VD 61 -73.59 47.77 61.06
C SER VD 61 -74.95 48.31 61.50
N ALA VD 62 -75.53 49.22 60.69
CA ALA VD 62 -76.83 49.81 61.00
C ALA VD 62 -76.75 50.68 62.24
N PRO VD 63 -76.30 51.92 62.10
CA PRO VD 63 -75.94 52.74 63.25
C PRO VD 63 -77.14 53.03 64.14
N GLY VD 64 -77.36 52.13 65.08
CA GLY VD 64 -78.58 51.99 65.83
C GLY VD 64 -78.78 50.54 66.19
N GLY VD 65 -77.97 49.67 65.58
CA GLY VD 65 -77.83 48.30 66.01
C GLY VD 65 -78.26 47.24 65.01
N PHE VD 66 -79.38 47.44 64.35
CA PHE VD 66 -79.92 46.45 63.41
C PHE VD 66 -80.84 47.12 62.39
N THR VD 67 -81.12 46.37 61.34
CA THR VD 67 -81.86 46.86 60.18
C THR VD 67 -83.26 47.30 60.55
N GLN VD 68 -83.87 48.07 59.67
CA GLN VD 68 -85.19 48.63 59.89
C GLN VD 68 -86.28 47.58 59.73
N ALA VD 69 -87.50 47.96 60.12
CA ALA VD 69 -88.67 47.10 60.01
C ALA VD 69 -89.56 47.62 58.87
N ARG VD 70 -89.31 47.12 57.66
CA ARG VD 70 -90.09 47.51 56.51
C ARG VD 70 -91.38 46.70 56.43
N SER VD 71 -92.48 47.38 56.06
CA SER VD 71 -93.79 46.76 55.89
C SER VD 71 -94.32 47.19 54.53
N THR VD 72 -94.67 46.22 53.68
CA THR VD 72 -95.09 46.52 52.33
C THR VD 72 -96.55 46.18 52.11
N VAL VD 73 -97.21 46.99 51.28
CA VAL VD 73 -98.58 46.75 50.85
C VAL VD 73 -98.68 47.06 49.36
N ILE VD 74 -98.94 46.04 48.55
CA ILE VD 74 -99.16 46.23 47.12
C ILE VD 74 -100.62 45.96 46.81
N LEU VD 75 -101.29 46.94 46.22
CA LEU VD 75 -102.69 46.83 45.82
C LEU VD 75 -102.70 46.68 44.30
N LYS VD 76 -103.21 45.55 43.83
CA LYS VD 76 -103.24 45.27 42.41
C LYS VD 76 -104.66 45.41 41.88
N SER VD 77 -104.87 46.37 40.99
CA SER VD 77 -106.18 46.63 40.40
C SER VD 77 -106.13 46.29 38.92
N PRO VD 78 -106.68 45.15 38.49
CA PRO VD 78 -106.57 44.76 37.08
C PRO VD 78 -107.43 45.66 36.19
N LYS VD 79 -107.01 45.76 34.92
CA LYS VD 79 -107.69 46.60 33.94
C LYS VD 79 -107.74 45.90 32.60
N THR VD 80 -108.89 46.00 31.94
CA THR VD 80 -109.05 45.53 30.56
C THR VD 80 -108.90 46.72 29.63
N LEU VD 81 -107.93 46.65 28.74
CA LEU VD 81 -107.67 47.76 27.83
C LEU VD 81 -108.62 47.73 26.64
N ALA VD 82 -108.65 48.84 25.89
CA ALA VD 82 -109.48 48.90 24.69
C ALA VD 82 -108.99 47.92 23.64
N ASN VD 83 -107.66 47.78 23.49
CA ASN VD 83 -107.11 46.81 22.56
C ASN VD 83 -107.58 45.39 22.87
N GLY VD 84 -107.92 45.11 24.12
CA GLY VD 84 -108.51 43.84 24.45
C GLY VD 84 -107.74 43.06 25.50
N ASN VD 85 -106.42 43.28 25.55
CA ASN VD 85 -105.60 42.58 26.52
C ASN VD 85 -105.85 43.11 27.93
N ARG VD 86 -105.15 42.53 28.89
CA ARG VD 86 -105.32 42.82 30.30
C ARG VD 86 -104.01 43.30 30.89
N THR VD 87 -104.11 44.19 31.86
CA THR VD 87 -102.95 44.75 32.55
C THR VD 87 -103.37 45.00 33.99
N VAL VD 88 -102.38 45.13 34.88
CA VAL VD 88 -102.64 45.37 36.30
C VAL VD 88 -102.05 46.72 36.66
N ASN VD 89 -102.85 47.52 37.38
CA ASN VD 89 -102.43 48.83 37.88
C ASN VD 89 -102.15 48.66 39.38
N THR VD 90 -100.92 48.92 39.78
CA THR VD 90 -100.49 48.61 41.13
C THR VD 90 -100.24 49.88 41.95
N VAL VD 91 -100.38 49.74 43.27
CA VAL VD 91 -100.05 50.80 44.21
C VAL VD 91 -99.26 50.19 45.37
N SER VD 92 -97.95 50.35 45.35
CA SER VD 92 -97.12 49.78 46.41
C SER VD 92 -96.80 50.82 47.47
N ILE VD 93 -96.70 50.37 48.72
CA ILE VD 93 -96.41 51.24 49.85
C ILE VD 93 -95.43 50.53 50.78
N GLN VD 94 -94.38 51.21 51.20
CA GLN VD 94 -93.38 50.64 52.09
C GLN VD 94 -93.13 51.55 53.28
N LEU VD 95 -92.76 50.96 54.41
CA LEU VD 95 -92.64 51.66 55.69
C LEU VD 95 -91.32 51.28 56.38
N SER VD 96 -90.21 51.46 55.68
CA SER VD 96 -88.89 51.18 56.25
C SER VD 96 -88.62 52.17 57.39
N VAL VD 97 -88.87 51.72 58.61
CA VAL VD 97 -88.62 52.51 59.81
C VAL VD 97 -87.70 51.76 60.75
N ASP VD 98 -86.85 52.50 61.44
CA ASP VD 98 -85.91 51.90 62.37
C ASP VD 98 -86.67 51.28 63.54
N PRO VD 99 -86.29 50.09 63.99
CA PRO VD 99 -87.10 49.38 64.99
C PRO VD 99 -87.24 50.08 66.32
N GLU VD 100 -86.38 51.05 66.63
CA GLU VD 100 -86.50 51.84 67.86
C GLU VD 100 -87.62 52.88 67.77
N THR VD 101 -88.26 53.01 66.62
CA THR VD 101 -89.24 54.05 66.40
C THR VD 101 -90.51 53.77 67.20
N THR VD 102 -90.99 54.80 67.91
CA THR VD 102 -92.22 54.70 68.67
C THR VD 102 -93.43 54.66 67.75
N ALA VD 103 -94.55 54.21 68.30
CA ALA VD 103 -95.79 54.12 67.53
C ALA VD 103 -96.45 55.46 67.30
N ALA VD 104 -96.08 56.49 68.07
CA ALA VD 104 -96.68 57.81 67.87
C ALA VD 104 -96.19 58.46 66.59
N GLU VD 105 -94.89 58.40 66.33
CA GLU VD 105 -94.36 58.98 65.11
C GLU VD 105 -94.73 58.14 63.89
N VAL VD 106 -94.81 56.82 64.04
CA VAL VD 106 -95.28 55.97 62.96
C VAL VD 106 -96.69 56.38 62.54
N THR VD 107 -97.56 56.62 63.52
CA THR VD 107 -98.89 57.13 63.21
C THR VD 107 -98.81 58.49 62.53
N THR VD 108 -97.88 59.34 62.98
CA THR VD 108 -97.67 60.63 62.32
C THR VD 108 -97.22 60.43 60.89
N MET VD 109 -96.28 59.50 60.67
CA MET VD 109 -95.79 59.23 59.33
C MET VD 109 -96.88 58.65 58.44
N LEU VD 110 -97.67 57.73 58.98
CA LEU VD 110 -98.73 57.09 58.18
C LEU VD 110 -99.79 58.10 57.80
N ASN VD 111 -100.14 59.01 58.72
CA ASN VD 111 -101.15 60.01 58.41
C ASN VD 111 -100.63 61.02 57.39
N ALA VD 112 -99.39 61.46 57.55
CA ALA VD 112 -98.81 62.40 56.58
C ALA VD 112 -98.70 61.77 55.20
N ALA VD 113 -98.23 60.53 55.13
CA ALA VD 113 -98.18 59.79 53.88
C ALA VD 113 -99.56 59.54 53.28
N ALA VD 114 -100.53 59.16 54.11
CA ALA VD 114 -101.88 58.96 53.61
C ALA VD 114 -102.61 60.27 53.39
N GLN VD 115 -102.08 61.38 53.90
CA GLN VD 115 -102.63 62.69 53.57
C GLN VD 115 -102.35 63.07 52.13
N LEU VD 116 -101.21 62.63 51.59
CA LEU VD 116 -101.03 62.53 50.16
C LEU VD 116 -101.97 61.43 49.64
N LEU VD 117 -102.08 61.32 48.32
CA LEU VD 117 -102.90 60.32 47.63
C LEU VD 117 -104.40 60.64 47.72
N PHE VD 118 -104.81 61.62 48.53
CA PHE VD 118 -106.21 62.01 48.47
C PHE VD 118 -106.36 63.52 48.57
N ASP VD 119 -105.28 64.22 48.92
CA ASP VD 119 -105.32 65.67 48.92
C ASP VD 119 -105.47 66.20 47.50
N SER VD 120 -106.20 67.29 47.38
CA SER VD 120 -106.48 67.87 46.07
C SER VD 120 -105.25 68.41 45.37
N ASP VD 121 -104.23 68.84 46.13
CA ASP VD 121 -103.05 69.43 45.53
C ASP VD 121 -102.31 68.43 44.65
N TYR VD 122 -102.27 67.17 45.06
CA TYR VD 122 -101.50 66.15 44.38
C TYR VD 122 -102.33 65.37 43.35
N SER VD 123 -103.57 65.77 43.11
CA SER VD 123 -104.42 65.13 42.12
C SER VD 123 -103.76 65.09 40.75
N ASP VD 124 -103.22 66.22 40.30
CA ASP VD 124 -102.59 66.30 38.99
C ASP VD 124 -101.29 65.50 38.94
N PHE VD 125 -100.58 65.45 40.06
CA PHE VD 125 -99.34 64.68 40.13
C PHE VD 125 -99.62 63.19 39.97
N TRP VD 126 -100.60 62.68 40.71
CA TRP VD 126 -100.92 61.27 40.62
C TRP VD 126 -101.57 60.89 39.30
N LYS VD 127 -102.35 61.80 38.71
CA LYS VD 127 -103.11 61.48 37.51
C LYS VD 127 -102.36 61.85 36.24
N ALA VD 128 -101.94 63.11 36.09
CA ALA VD 128 -101.27 63.56 34.88
C ALA VD 128 -99.76 63.58 35.00
N GLN VD 129 -99.20 63.19 36.15
CA GLN VD 129 -97.75 63.25 36.39
C GLN VD 129 -97.24 64.69 36.30
N ALA VD 130 -98.08 65.63 36.73
CA ALA VD 130 -97.71 67.05 36.71
C ALA VD 130 -96.84 67.35 37.92
N LEU VD 131 -95.54 67.09 37.76
CA LEU VD 131 -94.56 67.41 38.80
C LEU VD 131 -94.57 68.91 39.05
N ALA VD 132 -94.23 69.68 38.04
CA ALA VD 132 -94.30 71.13 38.13
C ALA VD 132 -95.72 71.59 37.89
N ALA WD 1 99.22 80.53 24.61
CA ALA WD 1 99.64 81.90 24.81
C ALA WD 1 98.60 82.86 24.26
N ILE WD 2 97.39 82.34 24.04
CA ILE WD 2 96.24 83.19 23.78
C ILE WD 2 95.70 83.64 25.13
N ALA WD 3 96.23 84.75 25.63
CA ALA WD 3 95.85 85.25 26.95
C ALA WD 3 96.15 86.73 26.99
N ASN WD 4 97.32 87.10 27.52
CA ASN WD 4 97.78 88.46 27.37
C ASN WD 4 98.79 88.54 26.23
N SER WD 5 98.32 88.28 25.01
CA SER WD 5 99.16 88.35 23.82
C SER WD 5 99.31 89.81 23.38
N SER WD 6 99.76 90.03 22.15
CA SER WD 6 99.85 91.39 21.64
C SER WD 6 99.72 91.35 20.11
N ILE WD 7 98.94 92.29 19.58
CA ILE WD 7 98.70 92.38 18.15
C ILE WD 7 98.61 93.85 17.76
N ALA WD 8 99.33 94.23 16.71
CA ALA WD 8 99.29 95.60 16.22
C ALA WD 8 98.07 95.80 15.33
N ILE WD 9 97.29 96.83 15.63
CA ILE WD 9 96.07 97.11 14.87
C ILE WD 9 96.30 98.34 14.01
N ASP WD 10 95.85 98.25 12.74
CA ASP WD 10 96.09 99.30 11.74
C ASP WD 10 97.58 99.50 11.50
N SER WD 11 98.24 98.44 11.05
CA SER WD 11 99.67 98.41 10.82
C SER WD 11 99.98 97.75 9.49
N THR WD 12 101.13 98.09 8.93
CA THR WD 12 101.60 97.49 7.69
C THR WD 12 102.42 96.25 7.97
N ALA WD 13 102.20 95.21 7.17
CA ALA WD 13 102.89 93.94 7.30
C ALA WD 13 103.83 93.74 6.12
N SER WD 14 105.00 93.18 6.39
CA SER WD 14 106.03 93.02 5.39
C SER WD 14 106.59 91.61 5.46
N VAL WD 15 107.36 91.25 4.44
CA VAL WD 15 107.96 89.93 4.31
C VAL WD 15 109.40 90.08 3.84
N THR WD 16 110.31 89.37 4.50
CA THR WD 16 111.72 89.37 4.14
C THR WD 16 112.19 87.94 3.92
N GLY WD 17 113.17 87.79 3.03
CA GLY WD 17 113.75 86.48 2.78
C GLY WD 17 112.81 85.58 1.98
N GLY WD 18 113.01 84.28 2.16
CA GLY WD 18 112.22 83.30 1.43
C GLY WD 18 112.62 83.22 -0.02
N THR WD 19 111.77 82.57 -0.80
CA THR WD 19 111.99 82.37 -2.24
C THR WD 19 110.72 82.79 -2.97
N ALA WD 20 110.80 83.90 -3.71
CA ALA WD 20 109.65 84.41 -4.45
C ALA WD 20 109.18 83.41 -5.49
N ARG WD 21 107.99 82.85 -5.30
CA ARG WD 21 107.39 81.94 -6.25
C ARG WD 21 106.42 82.70 -7.14
N THR WD 22 105.62 81.99 -7.92
CA THR WD 22 104.66 82.62 -8.81
C THR WD 22 103.36 81.82 -8.77
N VAL WD 23 102.23 82.52 -8.68
CA VAL WD 23 100.93 81.86 -8.64
C VAL WD 23 100.46 81.76 -10.09
N LYS WD 24 100.48 80.53 -10.62
CA LYS WD 24 100.04 80.29 -11.98
C LYS WD 24 98.57 79.90 -12.01
N GLU WD 25 97.81 80.55 -12.88
CA GLU WD 25 96.37 80.36 -12.92
C GLU WD 25 96.01 79.20 -13.84
N LEU WD 26 95.08 78.36 -13.38
CA LEU WD 26 94.77 77.12 -14.08
C LEU WD 26 93.40 77.24 -14.71
N VAL WD 27 92.34 77.47 -13.92
CA VAL WD 27 90.98 77.50 -14.43
C VAL WD 27 90.19 78.54 -13.64
N ARG WD 28 89.48 79.40 -14.35
CA ARG WD 28 88.60 80.39 -13.74
C ARG WD 28 87.18 80.11 -14.24
N ASN WD 29 86.32 79.63 -13.34
CA ASN WD 29 84.95 79.32 -13.73
C ASN WD 29 84.09 79.22 -12.48
N ASN WD 30 82.79 79.45 -12.66
CA ASN WD 30 81.80 79.26 -11.60
C ASN WD 30 82.17 80.04 -10.34
N SER WD 31 82.60 81.29 -10.51
CA SER WD 31 82.97 82.18 -9.41
C SER WD 31 84.20 81.67 -8.66
N GLU WD 32 84.95 80.77 -9.29
CA GLU WD 32 86.12 80.16 -8.69
C GLU WD 32 87.33 80.36 -9.59
N LEU WD 33 88.51 80.53 -8.98
CA LEU WD 33 89.77 80.65 -9.71
C LEU WD 33 90.73 79.62 -9.12
N ASN WD 34 90.90 78.51 -9.84
CA ASN WD 34 91.88 77.51 -9.44
C ASN WD 34 93.26 77.89 -9.96
N ALA WD 35 94.25 77.84 -9.07
CA ALA WD 35 95.61 78.21 -9.42
C ALA WD 35 96.56 77.28 -8.67
N TYR WD 36 97.86 77.48 -8.88
CA TYR WD 36 98.88 76.68 -8.22
C TYR WD 36 100.15 77.51 -8.09
N ILE WD 37 100.88 77.25 -7.01
CA ILE WD 37 102.14 77.93 -6.76
C ILE WD 37 103.25 77.14 -7.44
N ASP WD 38 104.09 77.82 -8.20
CA ASP WD 38 105.12 77.17 -9.01
C ASP WD 38 106.40 77.17 -8.19
N GLU WD 39 106.74 76.01 -7.63
CA GLU WD 39 108.00 75.82 -6.93
C GLU WD 39 108.90 74.81 -7.63
N GLY WD 40 108.57 74.43 -8.87
CA GLY WD 40 109.33 73.41 -9.57
C GLY WD 40 109.19 72.05 -8.93
N LEU WD 41 107.96 71.68 -8.60
CA LEU WD 41 107.66 70.40 -7.98
C LEU WD 41 106.86 69.54 -8.97
N SER WD 42 106.51 68.34 -8.53
CA SER WD 42 105.73 67.42 -9.34
C SER WD 42 104.24 67.74 -9.18
N PHE WD 43 103.43 67.21 -10.11
CA PHE WD 43 102.00 67.46 -10.07
C PHE WD 43 101.34 66.94 -8.81
N GLN WD 44 101.76 65.76 -8.32
CA GLN WD 44 101.22 65.19 -7.10
C GLN WD 44 101.56 65.99 -5.86
N ALA WD 45 102.62 66.80 -5.89
CA ALA WD 45 102.96 67.65 -4.77
C ALA WD 45 103.10 69.09 -5.30
N ARG WD 46 101.97 69.78 -5.39
CA ARG WD 46 101.93 71.18 -5.83
C ARG WD 46 101.50 72.04 -4.65
N LYS WD 47 101.20 73.32 -4.84
CA LYS WD 47 100.67 74.15 -3.77
C LYS WD 47 99.40 74.84 -4.27
N GLU WD 48 98.48 74.04 -4.81
CA GLU WD 48 97.24 74.56 -5.37
C GLU WD 48 96.52 75.47 -4.39
N VAL WD 49 96.06 76.62 -4.87
CA VAL WD 49 95.28 77.57 -4.08
C VAL WD 49 94.06 77.96 -4.89
N ALA WD 50 92.88 77.93 -4.25
CA ALA WD 50 91.62 78.22 -4.91
C ALA WD 50 91.01 79.50 -4.36
N PHE WD 51 90.69 80.43 -5.27
CA PHE WD 51 90.06 81.70 -4.93
C PHE WD 51 88.62 81.65 -5.38
N SER WD 52 87.69 81.95 -4.47
CA SER WD 52 86.28 81.96 -4.78
C SER WD 52 85.64 83.21 -4.21
N VAL WD 53 84.57 83.66 -4.88
CA VAL WD 53 83.88 84.89 -4.52
C VAL WD 53 82.38 84.62 -4.48
N LYS WD 54 81.72 85.18 -3.45
CA LYS WD 54 80.28 85.03 -3.23
C LYS WD 54 79.67 86.44 -3.11
N VAL WD 55 79.18 86.95 -4.24
CA VAL WD 55 78.65 88.32 -4.31
C VAL WD 55 77.34 88.43 -3.53
N PRO WD 56 77.03 89.60 -2.97
CA PRO WD 56 75.79 89.73 -2.19
C PRO WD 56 74.56 89.79 -3.07
N LYS WD 57 73.44 89.31 -2.52
CA LYS WD 57 72.14 89.40 -3.16
C LYS WD 57 71.16 90.11 -2.24
N VAL WD 58 70.10 90.67 -2.84
CA VAL WD 58 69.11 91.41 -2.07
C VAL WD 58 68.35 90.46 -1.15
N SER WD 59 68.00 90.95 0.03
CA SER WD 59 67.25 90.17 1.01
C SER WD 59 66.24 91.07 1.71
N VAL WD 60 65.46 90.46 2.61
CA VAL WD 60 64.58 91.22 3.48
C VAL WD 60 65.06 91.20 4.93
N SER WD 61 65.64 90.10 5.39
CA SER WD 61 66.42 90.01 6.60
C SER WD 61 67.81 90.57 6.32
N ALA WD 62 68.79 90.21 7.17
CA ALA WD 62 70.16 90.69 6.96
C ALA WD 62 70.20 92.20 7.11
N PRO WD 63 70.29 92.70 8.34
CA PRO WD 63 69.82 94.05 8.66
C PRO WD 63 70.60 95.14 7.93
N GLY WD 64 70.13 95.45 6.72
CA GLY WD 64 70.86 96.24 5.76
C GLY WD 64 70.49 95.82 4.35
N GLY WD 65 69.73 94.74 4.24
CA GLY WD 65 69.07 94.40 2.99
C GLY WD 65 69.79 93.38 2.14
N PHE WD 66 71.09 93.22 2.34
CA PHE WD 66 71.87 92.30 1.54
C PHE WD 66 72.59 91.28 2.42
N THR WD 67 72.84 90.12 1.82
CA THR WD 67 73.71 89.13 2.43
C THR WD 67 75.15 89.63 2.36
N GLN WD 68 76.02 89.01 3.15
CA GLN WD 68 77.40 89.46 3.21
C GLN WD 68 78.17 89.01 1.98
N ALA WD 69 79.22 89.76 1.65
CA ALA WD 69 80.08 89.44 0.52
C ALA WD 69 81.22 88.54 1.03
N ARG WD 70 81.23 87.30 0.57
CA ARG WD 70 82.21 86.31 1.03
C ARG WD 70 83.33 86.14 0.02
N SER WD 71 84.56 86.08 0.51
CA SER WD 71 85.76 85.86 -0.31
C SER WD 71 86.56 84.76 0.39
N THR WD 72 86.72 83.64 -0.28
CA THR WD 72 87.35 82.47 0.33
C THR WD 72 88.62 82.07 -0.44
N VAL WD 73 89.68 81.80 0.32
CA VAL WD 73 90.92 81.30 -0.24
C VAL WD 73 91.30 80.00 0.47
N ILE WD 74 91.47 78.93 -0.29
CA ILE WD 74 91.93 77.66 0.25
C ILE WD 74 93.27 77.30 -0.36
N LEU WD 75 94.27 77.13 0.50
CA LEU WD 75 95.62 76.73 0.08
C LEU WD 75 95.78 75.25 0.41
N LYS WD 76 96.15 74.46 -0.58
CA LYS WD 76 96.30 73.02 -0.39
C LYS WD 76 97.77 72.62 -0.43
N SER WD 77 98.19 71.84 0.55
CA SER WD 77 99.58 71.40 0.66
C SER WD 77 99.62 69.88 0.76
N PRO WD 78 99.90 69.18 -0.34
CA PRO WD 78 100.04 67.72 -0.27
C PRO WD 78 101.20 67.28 0.59
N LYS WD 79 100.92 66.39 1.54
CA LYS WD 79 101.94 65.78 2.39
C LYS WD 79 101.98 64.29 2.12
N THR WD 80 103.19 63.72 2.14
CA THR WD 80 103.38 62.29 1.95
C THR WD 80 103.78 61.68 3.29
N LEU WD 81 103.08 60.62 3.67
CA LEU WD 81 103.20 60.05 5.00
C LEU WD 81 104.28 58.97 5.03
N ALA WD 82 104.51 58.41 6.22
CA ALA WD 82 105.52 57.37 6.38
C ALA WD 82 105.16 56.12 5.59
N ASN WD 83 103.89 55.70 5.67
CA ASN WD 83 103.45 54.54 4.90
C ASN WD 83 103.53 54.82 3.40
N GLY WD 84 103.16 56.04 2.99
CA GLY WD 84 103.25 56.39 1.59
C GLY WD 84 101.93 56.86 1.01
N ASN WD 85 100.89 56.87 1.82
CA ASN WD 85 99.62 57.44 1.40
C ASN WD 85 99.74 58.95 1.30
N ARG WD 86 98.95 59.55 0.42
CA ARG WD 86 99.00 60.98 0.18
C ARG WD 86 97.83 61.67 0.89
N THR WD 87 98.15 62.72 1.63
CA THR WD 87 97.15 63.56 2.28
C THR WD 87 97.43 65.01 1.92
N VAL WD 88 96.39 65.84 1.99
CA VAL WD 88 96.48 67.26 1.68
C VAL WD 88 96.21 68.04 2.96
N ASN WD 89 97.10 68.97 3.28
CA ASN WD 89 96.92 69.89 4.40
C ASN WD 89 96.42 71.21 3.83
N THR WD 90 95.29 71.68 4.34
CA THR WD 90 94.63 72.87 3.79
C THR WD 90 94.57 73.99 4.83
N VAL WD 91 94.60 75.22 4.31
CA VAL WD 91 94.31 76.40 5.11
C VAL WD 91 93.21 77.19 4.42
N SER WD 92 92.08 77.36 5.09
CA SER WD 92 90.98 78.14 4.54
C SER WD 92 90.96 79.53 5.17
N ILE WD 93 90.73 80.54 4.35
CA ILE WD 93 90.60 81.92 4.78
C ILE WD 93 89.32 82.46 4.16
N GLN WD 94 88.33 82.73 4.99
CA GLN WD 94 87.03 83.20 4.53
C GLN WD 94 86.73 84.56 5.16
N LEU WD 95 86.50 85.56 4.32
CA LEU WD 95 86.19 86.92 4.77
C LEU WD 95 84.75 87.23 4.40
N SER WD 96 83.94 87.56 5.39
CA SER WD 96 82.55 87.95 5.18
C SER WD 96 82.35 89.37 5.70
N VAL WD 97 82.06 90.30 4.80
CA VAL WD 97 81.79 91.68 5.18
C VAL WD 97 80.44 92.10 4.61
N ASP WD 98 79.75 92.94 5.37
CA ASP WD 98 78.57 93.60 4.85
C ASP WD 98 78.99 94.55 3.73
N PRO WD 99 78.17 94.69 2.68
CA PRO WD 99 78.57 95.54 1.55
C PRO WD 99 78.76 97.01 1.93
N GLU WD 100 78.24 97.46 3.06
CA GLU WD 100 78.47 98.84 3.49
C GLU WD 100 79.87 99.06 4.03
N THR WD 101 80.65 97.98 4.22
CA THR WD 101 81.95 98.09 4.88
C THR WD 101 82.94 98.82 4.00
N THR WD 102 83.65 99.78 4.58
CA THR WD 102 84.64 100.57 3.87
C THR WD 102 85.89 99.74 3.59
N ALA WD 103 86.75 100.28 2.73
CA ALA WD 103 87.98 99.58 2.40
C ALA WD 103 89.00 99.65 3.53
N ALA WD 104 88.94 100.70 4.34
CA ALA WD 104 89.83 100.80 5.50
C ALA WD 104 89.42 99.85 6.60
N GLU WD 105 88.11 99.56 6.72
CA GLU WD 105 87.66 98.59 7.70
C GLU WD 105 88.05 97.17 7.31
N VAL WD 106 88.04 96.86 6.02
CA VAL WD 106 88.49 95.56 5.54
C VAL WD 106 90.01 95.44 5.68
N THR WD 107 90.73 96.52 5.39
CA THR WD 107 92.19 96.50 5.54
C THR WD 107 92.59 96.23 6.98
N THR WD 108 91.90 96.86 7.94
CA THR WD 108 92.17 96.58 9.34
C THR WD 108 91.91 95.12 9.68
N MET WD 109 90.80 94.58 9.17
CA MET WD 109 90.47 93.17 9.40
C MET WD 109 91.52 92.26 8.79
N LEU WD 110 91.97 92.57 7.58
CA LEU WD 110 92.94 91.72 6.89
C LEU WD 110 94.28 91.70 7.61
N ASN WD 111 94.72 92.86 8.09
CA ASN WD 111 96.03 92.91 8.74
C ASN WD 111 96.00 92.26 10.10
N ALA WD 112 94.95 92.46 10.88
CA ALA WD 112 94.85 91.84 12.20
C ALA WD 112 94.74 90.32 12.09
N ALA WD 113 94.04 89.83 11.07
CA ALA WD 113 93.93 88.39 10.88
C ALA WD 113 95.24 87.78 10.37
N ALA WD 114 96.08 88.58 9.73
CA ALA WD 114 97.37 88.08 9.26
C ALA WD 114 98.29 87.78 10.43
N GLN WD 115 98.35 88.69 11.40
CA GLN WD 115 99.14 88.45 12.60
C GLN WD 115 98.56 87.34 13.46
N LEU WD 116 97.29 86.98 13.27
CA LEU WD 116 96.70 85.88 14.04
C LEU WD 116 97.34 84.54 13.67
N LEU WD 117 97.90 84.43 12.46
CA LEU WD 117 98.51 83.18 12.03
C LEU WD 117 99.98 83.33 11.68
N PHE WD 118 100.64 84.40 12.11
CA PHE WD 118 102.10 84.41 12.08
C PHE WD 118 102.77 84.98 13.33
N ASP WD 119 102.02 85.60 14.26
CA ASP WD 119 102.62 86.04 15.51
C ASP WD 119 103.05 84.85 16.35
N SER WD 120 104.13 85.04 17.12
CA SER WD 120 104.71 83.92 17.85
C SER WD 120 103.79 83.45 18.97
N ASP WD 121 102.96 84.33 19.52
CA ASP WD 121 102.06 83.98 20.61
C ASP WD 121 101.05 82.92 20.20
N TYR WD 122 100.82 82.75 18.92
CA TYR WD 122 99.83 81.80 18.45
C TYR WD 122 100.47 80.56 17.84
N SER WD 123 101.80 80.44 17.99
CA SER WD 123 102.51 79.30 17.42
C SER WD 123 102.02 77.98 18.00
N ASP WD 124 101.82 77.92 19.32
CA ASP WD 124 101.39 76.68 19.95
C ASP WD 124 99.93 76.37 19.67
N PHE WD 125 99.10 77.38 19.43
CA PHE WD 125 97.73 77.11 19.03
C PHE WD 125 97.63 76.46 17.67
N TRP WD 126 98.42 76.92 16.70
CA TRP WD 126 98.39 76.35 15.36
C TRP WD 126 99.10 75.01 15.28
N LYS WD 127 100.26 74.88 15.93
CA LYS WD 127 101.06 73.66 15.85
C LYS WD 127 100.70 72.68 16.97
N ALA WD 128 100.84 73.10 18.22
CA ALA WD 128 100.57 72.22 19.35
C ALA WD 128 99.08 72.08 19.67
N GLN WD 129 98.23 72.91 19.06
CA GLN WD 129 96.79 72.87 19.30
C GLN WD 129 96.47 73.20 20.76
N ALA WD 130 97.19 74.19 21.28
CA ALA WD 130 97.17 74.53 22.70
C ALA WD 130 96.42 75.85 22.90
N LEU WD 131 95.27 75.78 23.54
CA LEU WD 131 94.45 76.97 23.77
C LEU WD 131 95.11 77.92 24.76
N ALA WD 132 95.90 77.41 25.68
CA ALA WD 132 96.66 78.26 26.57
C ALA WD 132 98.08 77.75 26.76
N ALA XD 1 96.68 90.85 -10.20
CA ALA XD 1 96.04 90.26 -9.02
C ALA XD 1 96.29 88.76 -8.97
N ILE XD 2 95.22 87.99 -8.81
CA ILE XD 2 95.35 86.54 -8.85
C ILE XD 2 95.50 86.11 -10.30
N ALA XD 3 96.74 85.86 -10.71
CA ALA XD 3 97.05 85.55 -12.10
C ALA XD 3 98.54 85.29 -12.26
N ASN XD 4 99.36 86.27 -11.90
CA ASN XD 4 100.82 86.18 -11.97
C ASN XD 4 101.46 86.67 -10.69
N SER XD 5 100.72 86.62 -9.59
CA SER XD 5 101.21 87.16 -8.33
C SER XD 5 102.33 86.30 -7.77
N SER XD 6 103.23 86.94 -7.02
CA SER XD 6 104.38 86.28 -6.42
C SER XD 6 104.18 86.20 -4.91
N ILE XD 7 104.48 85.03 -4.35
CA ILE XD 7 104.39 84.80 -2.90
C ILE XD 7 105.73 84.23 -2.44
N ALA XD 8 106.29 84.82 -1.38
CA ALA XD 8 107.62 84.43 -0.89
C ALA XD 8 107.47 83.24 0.06
N ILE XD 9 107.73 82.04 -0.45
CA ILE XD 9 107.58 80.83 0.34
C ILE XD 9 108.71 80.72 1.35
N ASP XD 10 108.36 80.33 2.57
CA ASP XD 10 109.33 80.13 3.66
C ASP XD 10 110.12 81.40 3.94
N SER XD 11 109.40 82.51 4.07
CA SER XD 11 109.98 83.79 4.42
C SER XD 11 109.57 84.17 5.85
N THR XD 12 110.01 85.34 6.29
CA THR XD 12 109.69 85.85 7.61
C THR XD 12 108.77 87.06 7.47
N ALA XD 13 107.59 86.98 8.08
CA ALA XD 13 106.61 88.05 8.03
C ALA XD 13 106.63 88.84 9.34
N SER XD 14 106.65 90.16 9.24
CA SER XD 14 106.72 91.04 10.39
C SER XD 14 105.71 92.16 10.24
N VAL XD 15 105.63 93.01 11.27
CA VAL XD 15 104.69 94.12 11.34
C VAL XD 15 105.42 95.35 11.85
N THR XD 16 105.15 96.50 11.23
CA THR XD 16 105.68 97.77 11.68
C THR XD 16 104.54 98.77 11.82
N GLY XD 17 104.72 99.75 12.71
CA GLY XD 17 103.68 100.72 12.94
C GLY XD 17 102.51 100.12 13.71
N GLY XD 18 101.41 100.87 13.71
CA GLY XD 18 100.19 100.42 14.36
C GLY XD 18 100.19 100.65 15.85
N THR XD 19 99.12 100.20 16.48
CA THR XD 19 98.94 100.25 17.92
C THR XD 19 98.84 98.85 18.49
N ALA XD 20 99.59 98.59 19.54
CA ALA XD 20 99.68 97.27 20.16
C ALA XD 20 98.53 97.10 21.15
N ARG XD 21 97.62 96.18 20.84
CA ARG XD 21 96.56 95.83 21.77
C ARG XD 21 96.86 94.49 22.42
N THR XD 22 96.21 94.25 23.57
CA THR XD 22 96.62 93.16 24.44
C THR XD 22 95.91 91.84 24.10
N VAL XD 23 94.63 91.92 23.73
CA VAL XD 23 93.76 90.75 23.58
C VAL XD 23 93.51 90.16 24.97
N LYS XD 24 92.25 90.03 25.35
CA LYS XD 24 91.87 89.63 26.69
C LYS XD 24 90.89 88.47 26.60
N GLU XD 25 91.12 87.43 27.40
CA GLU XD 25 90.26 86.25 27.36
C GLU XD 25 88.92 86.55 28.02
N LEU XD 26 87.83 86.16 27.35
CA LEU XD 26 86.49 86.30 27.92
C LEU XD 26 86.00 85.02 28.58
N VAL XD 27 85.84 83.96 27.79
CA VAL XD 27 85.14 82.76 28.22
C VAL XD 27 85.86 81.55 27.62
N ARG XD 28 85.92 80.48 28.39
CA ARG XD 28 86.62 79.27 28.00
C ARG XD 28 85.62 78.12 27.97
N ASN XD 29 86.13 76.91 27.67
CA ASN XD 29 85.38 75.66 27.73
C ASN XD 29 84.37 75.55 26.59
N ASN XD 30 84.42 74.44 25.86
CA ASN XD 30 85.47 73.45 26.00
C ASN XD 30 86.11 73.22 24.64
N SER XD 31 87.45 73.21 24.60
CA SER XD 31 88.20 73.21 23.35
C SER XD 31 87.77 74.40 22.48
N GLU XD 32 87.54 75.52 23.15
CA GLU XD 32 87.01 76.72 22.50
C GLU XD 32 87.33 77.93 23.38
N LEU XD 33 88.19 78.82 22.90
CA LEU XD 33 88.53 80.01 23.65
C LEU XD 33 87.92 81.25 23.01
N ASN XD 34 87.42 82.15 23.86
CA ASN XD 34 86.84 83.40 23.41
C ASN XD 34 87.62 84.54 24.04
N ALA XD 35 88.06 85.48 23.21
CA ALA XD 35 88.85 86.61 23.68
C ALA XD 35 88.33 87.86 22.99
N TYR XD 36 88.97 88.99 23.26
CA TYR XD 36 88.63 90.24 22.60
C TYR XD 36 89.85 91.13 22.57
N ILE XD 37 89.99 91.90 21.50
CA ILE XD 37 91.11 92.84 21.37
C ILE XD 37 90.71 94.14 22.04
N ASP XD 38 91.42 94.50 23.11
CA ASP XD 38 91.08 95.66 23.93
C ASP XD 38 91.70 96.91 23.33
N GLU XD 39 90.86 97.73 22.68
CA GLU XD 39 91.29 99.00 22.10
C GLU XD 39 90.59 100.17 22.76
N GLY XD 40 90.08 99.98 23.97
CA GLY XD 40 89.33 101.01 24.65
C GLY XD 40 88.02 101.37 23.97
N LEU XD 41 87.31 100.36 23.46
CA LEU XD 41 86.04 100.56 22.79
C LEU XD 41 84.91 100.04 23.69
N SER XD 42 83.68 100.28 23.25
CA SER XD 42 82.52 99.87 24.02
C SER XD 42 82.28 98.36 23.90
N PHE XD 43 81.29 97.88 24.63
CA PHE XD 43 80.99 96.45 24.64
C PHE XD 43 80.44 95.97 23.30
N GLN XD 44 79.69 96.81 22.60
CA GLN XD 44 79.11 96.40 21.32
C GLN XD 44 80.06 96.63 20.15
N ALA XD 45 81.15 97.37 20.35
CA ALA XD 45 82.04 97.75 19.26
C ALA XD 45 83.42 97.12 19.42
N ARG XD 46 83.54 96.07 20.23
CA ARG XD 46 84.83 95.44 20.45
C ARG XD 46 85.07 94.30 19.47
N LYS XD 47 86.34 93.99 19.25
CA LYS XD 47 86.78 93.06 18.21
C LYS XD 47 86.28 91.62 18.43
N GLU XD 48 86.67 90.99 19.54
CA GLU XD 48 86.20 89.65 19.89
C GLU XD 48 86.60 88.52 18.94
N VAL XD 49 87.88 88.15 18.91
CA VAL XD 49 88.36 87.00 18.15
C VAL XD 49 88.12 85.73 18.98
N ALA XD 50 87.69 84.66 18.32
CA ALA XD 50 87.46 83.37 18.96
C ALA XD 50 88.46 82.32 18.47
N PHE XD 51 88.74 81.34 19.33
CA PHE XD 51 89.73 80.30 19.06
C PHE XD 51 89.13 78.93 19.31
N SER XD 52 88.88 78.18 18.25
CA SER XD 52 88.34 76.82 18.35
C SER XD 52 89.45 75.82 18.06
N VAL XD 53 89.19 74.56 18.40
CA VAL XD 53 90.17 73.49 18.23
C VAL XD 53 89.46 72.15 18.09
N LYS XD 54 89.95 71.31 17.19
CA LYS XD 54 89.46 69.95 17.00
C LYS XD 54 90.66 69.01 17.04
N VAL XD 55 90.74 68.19 18.09
CA VAL XD 55 91.92 67.34 18.27
C VAL XD 55 91.88 66.20 17.27
N PRO XD 56 93.02 65.60 16.91
CA PRO XD 56 92.99 64.47 15.97
C PRO XD 56 92.30 63.26 16.57
N LYS XD 57 91.32 62.73 15.86
CA LYS XD 57 90.57 61.57 16.30
C LYS XD 57 91.06 60.34 15.57
N VAL XD 58 91.32 59.27 16.31
CA VAL XD 58 91.89 58.07 15.72
C VAL XD 58 90.80 57.33 14.94
N SER XD 59 90.82 57.52 13.61
CA SER XD 59 89.91 56.81 12.72
C SER XD 59 90.58 55.53 12.21
N VAL XD 60 90.02 54.93 11.17
CA VAL XD 60 90.61 53.72 10.59
C VAL XD 60 90.89 53.94 9.11
N SER XD 61 89.88 54.40 8.37
CA SER XD 61 89.99 54.54 6.92
C SER XD 61 90.42 55.96 6.57
N ALA XD 62 91.61 56.32 7.04
CA ALA XD 62 92.16 57.63 6.75
C ALA XD 62 93.67 57.51 6.52
N PRO XD 63 94.28 58.42 5.76
CA PRO XD 63 95.74 58.43 5.67
C PRO XD 63 96.37 58.63 7.05
N GLY XD 64 97.41 57.85 7.33
CA GLY XD 64 98.10 57.96 8.59
C GLY XD 64 97.41 57.21 9.71
N GLY XD 65 96.08 57.18 9.66
CA GLY XD 65 95.29 56.47 10.66
C GLY XD 65 94.28 57.34 11.36
N PHE XD 66 94.64 58.57 11.71
CA PHE XD 66 93.75 59.43 12.47
C PHE XD 66 93.07 60.44 11.54
N THR XD 67 92.09 61.15 12.07
CA THR XD 67 91.54 62.32 11.40
C THR XD 67 92.48 63.50 11.61
N GLN XD 68 92.14 64.61 10.96
CA GLN XD 68 93.05 65.75 10.91
C GLN XD 68 92.91 66.62 12.15
N ALA XD 69 93.98 67.34 12.47
CA ALA XD 69 94.02 68.28 13.58
C ALA XD 69 93.51 69.64 13.08
N ARG XD 70 92.24 69.91 13.33
CA ARG XD 70 91.64 71.17 12.91
C ARG XD 70 91.83 72.25 13.96
N SER XD 71 92.08 73.47 13.51
CA SER XD 71 92.31 74.61 14.40
C SER XD 71 91.71 75.83 13.72
N THR XD 72 90.67 76.39 14.33
CA THR XD 72 89.92 77.48 13.72
C THR XD 72 90.06 78.77 14.53
N VAL XD 73 90.16 79.88 13.81
CA VAL XD 73 90.14 81.21 14.42
C VAL XD 73 89.10 82.02 13.65
N ILE XD 74 88.20 82.69 14.38
CA ILE XD 74 87.27 83.64 13.81
C ILE XD 74 87.48 84.98 14.47
N LEU XD 75 87.81 86.00 13.68
CA LEU XD 75 87.89 87.37 14.16
C LEU XD 75 86.58 88.05 13.80
N LYS XD 76 85.88 88.57 14.80
CA LYS XD 76 84.65 89.30 14.58
C LYS XD 76 84.95 90.80 14.56
N SER XD 77 84.05 91.58 13.97
CA SER XD 77 84.24 93.01 13.83
C SER XD 77 82.88 93.68 13.67
N PRO XD 78 82.35 94.28 14.74
CA PRO XD 78 81.04 94.93 14.65
C PRO XD 78 81.08 96.12 13.70
N LYS XD 79 79.95 96.39 13.08
CA LYS XD 79 79.79 97.56 12.22
C LYS XD 79 78.34 97.99 12.27
N THR XD 80 78.12 99.30 12.39
CA THR XD 80 76.77 99.86 12.37
C THR XD 80 76.48 100.44 10.99
N LEU XD 81 75.24 100.26 10.54
CA LEU XD 81 74.88 100.57 9.17
C LEU XD 81 74.24 101.96 9.06
N ALA XD 82 73.91 102.33 7.83
CA ALA XD 82 73.29 103.63 7.56
C ALA XD 82 71.85 103.71 8.02
N ASN XD 83 71.24 102.58 8.38
CA ASN XD 83 69.90 102.55 8.96
C ASN XD 83 69.92 102.37 10.47
N GLY XD 84 71.11 102.30 11.08
CA GLY XD 84 71.23 102.17 12.51
C GLY XD 84 71.33 100.74 13.02
N ASN XD 85 71.13 99.75 12.15
CA ASN XD 85 71.24 98.36 12.57
C ASN XD 85 72.69 97.97 12.78
N ARG XD 86 72.90 96.92 13.58
CA ARG XD 86 74.23 96.42 13.89
C ARG XD 86 74.41 95.07 13.20
N THR XD 87 75.54 94.91 12.51
CA THR XD 87 75.94 93.66 11.90
C THR XD 87 77.38 93.34 12.31
N VAL XD 88 77.84 92.15 11.90
CA VAL XD 88 79.19 91.69 12.23
C VAL XD 88 79.89 91.25 10.95
N ASN XD 89 81.13 91.70 10.79
CA ASN XD 89 82.02 91.19 9.74
C ASN XD 89 82.96 90.19 10.38
N THR XD 90 83.28 89.12 9.65
CA THR XD 90 84.09 88.04 10.19
C THR XD 90 85.23 87.70 9.26
N VAL XD 91 86.33 87.24 9.86
CA VAL XD 91 87.40 86.57 9.13
C VAL XD 91 87.61 85.21 9.77
N SER XD 92 87.39 84.15 8.99
CA SER XD 92 87.52 82.79 9.50
C SER XD 92 88.76 82.14 8.92
N ILE XD 93 89.62 81.62 9.80
CA ILE XD 93 90.84 80.94 9.40
C ILE XD 93 90.80 79.54 9.99
N GLN XD 94 90.83 78.52 9.13
CA GLN XD 94 90.88 77.13 9.56
C GLN XD 94 92.15 76.48 9.05
N LEU XD 95 92.91 75.88 9.95
CA LEU XD 95 94.11 75.13 9.61
C LEU XD 95 93.79 73.65 9.85
N SER XD 96 93.95 72.85 8.81
CA SER XD 96 93.62 71.42 8.87
C SER XD 96 94.80 70.64 8.34
N VAL XD 97 95.63 70.13 9.26
CA VAL XD 97 96.79 69.35 8.92
C VAL XD 97 96.64 67.95 9.48
N ASP XD 98 97.39 67.00 8.93
CA ASP XD 98 97.49 65.67 9.48
C ASP XD 98 98.39 65.68 10.70
N PRO XD 99 98.17 64.78 11.65
CA PRO XD 99 99.00 64.78 12.87
C PRO XD 99 100.47 64.53 12.61
N GLU XD 100 100.81 63.85 11.52
CA GLU XD 100 102.20 63.56 11.17
C GLU XD 100 102.93 64.78 10.64
N THR XD 101 102.24 65.88 10.41
CA THR XD 101 102.87 67.09 9.91
C THR XD 101 103.80 67.67 10.96
N THR XD 102 104.99 68.08 10.52
CA THR XD 102 105.97 68.71 11.39
C THR XD 102 105.64 70.19 11.58
N ALA XD 103 106.27 70.78 12.59
CA ALA XD 103 106.07 72.20 12.86
C ALA XD 103 106.59 73.06 11.72
N ALA XD 104 107.64 72.61 11.04
CA ALA XD 104 108.20 73.39 9.94
C ALA XD 104 107.29 73.39 8.73
N GLU XD 105 106.56 72.30 8.47
CA GLU XD 105 105.60 72.30 7.37
C GLU XD 105 104.38 73.15 7.70
N VAL XD 106 104.13 73.41 8.98
CA VAL XD 106 102.95 74.17 9.37
C VAL XD 106 103.25 75.66 9.32
N THR XD 107 104.46 76.06 9.73
CA THR XD 107 104.82 77.46 9.71
C THR XD 107 105.03 77.94 8.28
N THR XD 108 105.25 76.99 7.36
CA THR XD 108 105.30 77.33 5.95
C THR XD 108 103.89 77.61 5.40
N MET XD 109 102.92 76.77 5.78
CA MET XD 109 101.54 76.98 5.35
C MET XD 109 101.00 78.29 5.90
N LEU XD 110 101.30 78.59 7.16
CA LEU XD 110 100.76 79.80 7.77
C LEU XD 110 101.36 81.04 7.13
N ASN XD 111 102.64 80.99 6.75
CA ASN XD 111 103.27 82.13 6.12
C ASN XD 111 102.71 82.35 4.71
N ALA XD 112 102.48 81.27 3.97
CA ALA XD 112 101.88 81.38 2.65
C ALA XD 112 100.45 81.89 2.75
N ALA XD 113 99.70 81.40 3.74
CA ALA XD 113 98.32 81.84 3.92
C ALA XD 113 98.25 83.27 4.43
N ALA XD 114 99.17 83.67 5.31
CA ALA XD 114 99.18 85.04 5.78
C ALA XD 114 99.52 86.01 4.66
N GLN XD 115 100.35 85.58 3.71
CA GLN XD 115 100.71 86.44 2.58
C GLN XD 115 99.48 86.80 1.75
N LEU XD 116 98.58 85.83 1.54
CA LEU XD 116 97.34 86.11 0.82
C LEU XD 116 96.32 86.69 1.79
N LEU XD 117 96.77 87.64 2.60
CA LEU XD 117 95.87 88.41 3.45
C LEU XD 117 96.27 89.88 3.42
N PHE XD 118 97.56 90.14 3.21
CA PHE XD 118 98.09 91.49 3.24
C PHE XD 118 98.92 91.87 2.02
N ASP XD 119 99.25 90.92 1.15
CA ASP XD 119 99.99 91.24 -0.05
C ASP XD 119 99.15 92.13 -0.96
N SER XD 120 99.80 93.18 -1.49
CA SER XD 120 99.09 94.19 -2.27
C SER XD 120 98.48 93.59 -3.53
N ASP XD 121 99.02 92.46 -3.99
CA ASP XD 121 98.52 91.79 -5.19
C ASP XD 121 97.08 91.34 -4.99
N TYR XD 122 96.77 90.80 -3.82
CA TYR XD 122 95.40 90.40 -3.52
C TYR XD 122 94.70 91.46 -2.69
N SER XD 123 94.47 92.64 -3.26
CA SER XD 123 93.72 93.67 -2.56
C SER XD 123 92.35 93.82 -3.21
N ASP XD 124 92.32 93.86 -4.55
CA ASP XD 124 91.05 93.92 -5.25
C ASP XD 124 90.20 92.69 -5.00
N PHE XD 125 90.83 91.56 -4.67
CA PHE XD 125 90.07 90.35 -4.40
C PHE XD 125 89.30 90.41 -3.08
N TRP XD 126 89.86 91.04 -2.06
CA TRP XD 126 89.19 91.10 -0.76
C TRP XD 126 88.19 92.24 -0.69
N LYS XD 127 88.61 93.44 -1.12
CA LYS XD 127 87.74 94.61 -1.00
C LYS XD 127 86.81 94.73 -2.19
N ALA XD 128 87.36 94.72 -3.41
CA ALA XD 128 86.52 94.85 -4.59
C ALA XD 128 85.88 93.53 -5.00
N GLN XD 129 86.25 92.43 -4.36
CA GLN XD 129 85.75 91.09 -4.69
C GLN XD 129 85.99 90.75 -6.16
N ALA XD 130 87.15 91.17 -6.67
CA ALA XD 130 87.52 91.01 -8.06
C ALA XD 130 88.42 89.79 -8.23
N LEU XD 131 87.88 88.73 -8.83
CA LEU XD 131 88.64 87.50 -9.01
C LEU XD 131 89.86 87.71 -9.89
N ALA XD 132 89.76 88.58 -10.87
CA ALA XD 132 90.89 88.85 -11.76
C ALA XD 132 90.72 90.18 -12.49
N ALA YD 1 106.88 59.98 -48.93
CA ALA YD 1 105.62 59.57 -48.33
C ALA YD 1 105.83 59.08 -46.89
N ILE YD 2 104.84 58.35 -46.37
CA ILE YD 2 104.88 57.90 -44.99
C ILE YD 2 106.04 56.94 -44.78
N ALA YD 3 106.21 55.98 -45.69
CA ALA YD 3 107.30 55.02 -45.59
C ALA YD 3 108.65 55.72 -45.77
N ASN YD 4 109.57 55.46 -44.84
CA ASN YD 4 110.92 56.04 -44.85
C ASN YD 4 110.88 57.57 -44.77
N SER YD 5 109.85 58.10 -44.13
CA SER YD 5 109.78 59.52 -43.83
C SER YD 5 110.65 59.81 -42.62
N SER YD 6 111.37 60.93 -42.66
CA SER YD 6 112.26 61.30 -41.56
C SER YD 6 111.64 62.38 -40.69
N ILE YD 7 111.77 62.21 -39.38
CA ILE YD 7 111.29 63.19 -38.40
C ILE YD 7 112.45 63.55 -37.49
N ALA YD 8 112.65 64.85 -37.28
CA ALA YD 8 113.75 65.34 -36.45
C ALA YD 8 113.26 65.44 -35.01
N ILE YD 9 113.67 64.49 -34.17
CA ILE YD 9 113.23 64.44 -32.79
C ILE YD 9 113.97 65.48 -31.97
N ASP YD 10 113.26 66.11 -31.03
CA ASP YD 10 113.82 67.12 -30.12
C ASP YD 10 114.37 68.30 -30.93
N SER YD 11 113.45 68.99 -31.60
CA SER YD 11 113.81 70.04 -32.53
C SER YD 11 113.04 71.31 -32.22
N THR YD 12 113.63 72.44 -32.62
CA THR YD 12 112.93 73.70 -32.53
C THR YD 12 112.12 73.93 -33.81
N ALA YD 13 110.85 74.26 -33.64
CA ALA YD 13 109.94 74.48 -34.76
C ALA YD 13 109.73 75.99 -34.90
N SER YD 14 110.23 76.55 -35.99
CA SER YD 14 110.02 77.96 -36.28
C SER YD 14 108.82 78.11 -37.21
N VAL YD 15 108.46 79.36 -37.51
CA VAL YD 15 107.44 79.65 -38.49
C VAL YD 15 107.66 81.05 -39.05
N THR YD 16 107.74 81.16 -40.38
CA THR YD 16 107.96 82.45 -41.04
C THR YD 16 107.07 82.52 -42.28
N GLY YD 17 105.83 82.98 -42.12
CA GLY YD 17 105.00 83.27 -43.26
C GLY YD 17 104.36 84.63 -43.24
N GLY YD 18 104.23 85.22 -42.06
CA GLY YD 18 103.51 86.47 -41.91
C GLY YD 18 102.06 86.27 -41.57
N THR YD 19 101.25 87.32 -41.75
CA THR YD 19 99.82 87.31 -41.43
C THR YD 19 99.58 86.94 -39.96
N ALA YD 20 100.10 87.78 -39.08
CA ALA YD 20 100.01 87.53 -37.64
C ALA YD 20 98.61 87.82 -37.12
N ARG YD 21 97.75 86.81 -37.15
CA ARG YD 21 96.39 86.96 -36.63
C ARG YD 21 96.40 86.93 -35.11
N THR YD 22 95.22 87.09 -34.53
CA THR YD 22 95.08 87.14 -33.08
C THR YD 22 93.95 86.23 -32.64
N VAL YD 23 94.24 85.35 -31.69
CA VAL YD 23 93.22 84.49 -31.09
C VAL YD 23 92.51 85.30 -30.02
N LYS YD 24 91.21 85.52 -30.20
CA LYS YD 24 90.38 86.21 -29.22
C LYS YD 24 89.37 85.24 -28.64
N GLU YD 25 89.26 85.22 -27.32
CA GLU YD 25 88.35 84.28 -26.69
C GLU YD 25 86.92 84.74 -26.80
N LEU YD 26 86.00 83.78 -26.85
CA LEU YD 26 84.57 84.08 -26.96
C LEU YD 26 83.84 83.74 -25.68
N VAL YD 27 83.86 82.47 -25.25
CA VAL YD 27 83.17 82.03 -24.05
C VAL YD 27 84.08 81.08 -23.30
N ARG YD 28 83.57 80.54 -22.19
CA ARG YD 28 84.37 79.64 -21.37
C ARG YD 28 83.67 78.31 -21.07
N ASN YD 29 82.34 78.32 -20.93
CA ASN YD 29 81.55 77.21 -20.40
C ASN YD 29 82.31 76.28 -19.46
N ASN YD 30 82.03 74.98 -19.54
CA ASN YD 30 82.47 74.02 -18.53
C ASN YD 30 83.87 73.53 -18.85
N SER YD 31 84.87 74.05 -18.14
CA SER YD 31 86.26 73.61 -18.25
C SER YD 31 86.73 73.62 -19.70
N GLU YD 32 86.32 74.66 -20.41
CA GLU YD 32 86.57 74.78 -21.84
C GLU YD 32 87.00 76.21 -22.12
N LEU YD 33 87.37 76.48 -23.37
CA LEU YD 33 87.69 77.83 -23.79
C LEU YD 33 87.48 77.97 -25.29
N ASN YD 34 86.36 78.56 -25.68
CA ASN YD 34 86.07 78.74 -27.10
C ASN YD 34 86.57 80.10 -27.55
N ALA YD 35 87.48 80.12 -28.51
CA ALA YD 35 88.04 81.33 -29.06
C ALA YD 35 87.78 81.37 -30.56
N TYR YD 36 88.33 82.38 -31.22
CA TYR YD 36 88.23 82.50 -32.66
C TYR YD 36 89.41 83.31 -33.17
N ILE YD 37 89.81 83.05 -34.41
CA ILE YD 37 90.94 83.76 -35.01
C ILE YD 37 90.41 85.00 -35.72
N ASP YD 38 90.95 86.16 -35.37
CA ASP YD 38 90.47 87.43 -35.90
C ASP YD 38 91.20 87.73 -37.20
N GLU YD 39 90.61 87.28 -38.30
CA GLU YD 39 91.11 87.55 -39.63
C GLU YD 39 90.23 88.50 -40.43
N GLY YD 40 89.18 89.04 -39.82
CA GLY YD 40 88.29 89.97 -40.47
C GLY YD 40 87.20 89.37 -41.34
N LEU YD 41 86.93 88.07 -41.21
CA LEU YD 41 85.89 87.43 -42.01
C LEU YD 41 84.52 87.73 -41.41
N SER YD 42 83.50 87.07 -41.96
CA SER YD 42 82.15 87.22 -41.46
C SER YD 42 81.99 86.56 -40.10
N PHE YD 43 80.79 86.70 -39.53
CA PHE YD 43 80.54 86.17 -38.20
C PHE YD 43 80.44 84.65 -38.23
N GLN YD 44 79.71 84.10 -39.19
CA GLN YD 44 79.60 82.65 -39.34
C GLN YD 44 80.54 82.13 -40.44
N ALA YD 45 81.69 82.79 -40.62
CA ALA YD 45 82.72 82.27 -41.50
C ALA YD 45 84.09 82.32 -40.85
N ARG YD 46 84.20 82.79 -39.61
CA ARG YD 46 85.47 82.90 -38.92
C ARG YD 46 85.96 81.54 -38.45
N LYS YD 47 87.25 81.42 -38.19
CA LYS YD 47 87.82 80.17 -37.69
C LYS YD 47 87.82 80.21 -36.18
N GLU YD 48 87.01 79.36 -35.56
CA GLU YD 48 86.93 79.26 -34.10
C GLU YD 48 87.74 78.04 -33.66
N VAL YD 49 88.65 78.25 -32.72
CA VAL YD 49 89.41 77.15 -32.15
C VAL YD 49 89.03 76.99 -30.68
N ALA YD 50 88.69 75.77 -30.29
CA ALA YD 50 88.25 75.47 -28.93
C ALA YD 50 89.33 74.73 -28.16
N PHE YD 51 89.51 75.12 -26.90
CA PHE YD 51 90.46 74.51 -25.98
C PHE YD 51 89.71 73.86 -24.84
N SER YD 52 90.24 72.74 -24.34
CA SER YD 52 89.58 72.03 -23.24
C SER YD 52 90.60 71.24 -22.44
N VAL YD 53 90.31 71.05 -21.15
CA VAL YD 53 91.18 70.29 -20.25
C VAL YD 53 90.35 69.26 -19.51
N LYS YD 54 90.99 68.15 -19.15
CA LYS YD 54 90.35 67.03 -18.48
C LYS YD 54 91.27 66.52 -17.35
N VAL YD 55 91.64 67.43 -16.46
CA VAL YD 55 92.63 67.21 -15.39
C VAL YD 55 92.45 65.86 -14.70
N PRO YD 56 93.53 65.24 -14.24
CA PRO YD 56 93.45 63.86 -13.72
C PRO YD 56 92.60 63.76 -12.47
N LYS YD 57 92.02 62.57 -12.29
CA LYS YD 57 91.14 62.27 -11.16
C LYS YD 57 91.63 61.02 -10.47
N VAL YD 58 91.79 61.08 -9.15
CA VAL YD 58 92.38 59.99 -8.39
C VAL YD 58 91.52 58.75 -8.49
N SER YD 59 92.06 57.71 -9.12
CA SER YD 59 91.38 56.43 -9.26
C SER YD 59 92.12 55.36 -8.44
N VAL YD 60 91.61 54.14 -8.44
CA VAL YD 60 92.29 52.99 -7.85
C VAL YD 60 92.90 52.09 -8.92
N SER YD 61 92.33 52.13 -10.12
CA SER YD 61 92.88 51.56 -11.34
C SER YD 61 93.95 52.51 -11.87
N ALA YD 62 94.24 52.44 -13.18
CA ALA YD 62 95.22 53.34 -13.80
C ALA YD 62 96.62 53.08 -13.27
N PRO YD 63 97.31 52.08 -13.81
CA PRO YD 63 98.55 51.59 -13.20
C PRO YD 63 99.66 52.62 -13.22
N GLY YD 64 99.68 53.41 -12.16
CA GLY YD 64 100.42 54.66 -12.08
C GLY YD 64 99.69 55.59 -11.14
N GLY YD 65 98.49 55.18 -10.74
CA GLY YD 65 97.76 55.83 -9.67
C GLY YD 65 96.42 56.42 -10.06
N PHE YD 66 96.37 57.11 -11.19
CA PHE YD 66 95.16 57.80 -11.63
C PHE YD 66 95.29 58.29 -13.07
N THR YD 67 94.14 58.65 -13.64
CA THR YD 67 93.97 58.84 -15.06
C THR YD 67 94.89 59.94 -15.61
N GLN YD 68 95.02 59.95 -16.93
CA GLN YD 68 95.93 60.86 -17.60
C GLN YD 68 95.33 62.25 -17.74
N ALA YD 69 96.16 63.17 -18.23
CA ALA YD 69 95.78 64.58 -18.38
C ALA YD 69 95.65 64.91 -19.86
N ARG YD 70 94.45 64.79 -20.40
CA ARG YD 70 94.20 65.08 -21.80
C ARG YD 70 93.91 66.56 -22.01
N SER YD 71 94.46 67.11 -23.11
CA SER YD 71 94.21 68.49 -23.51
C SER YD 71 93.79 68.45 -24.98
N THR YD 72 92.61 68.99 -25.28
CA THR YD 72 92.07 68.94 -26.63
C THR YD 72 92.05 70.31 -27.27
N VAL YD 73 92.32 70.34 -28.57
CA VAL YD 73 92.21 71.55 -29.39
C VAL YD 73 91.51 71.21 -30.68
N ILE YD 74 90.33 71.79 -30.89
CA ILE YD 74 89.60 71.63 -32.15
C ILE YD 74 89.59 72.95 -32.88
N LEU YD 75 90.09 72.96 -34.12
CA LEU YD 75 90.11 74.14 -34.97
C LEU YD 75 89.04 73.95 -36.03
N LYS YD 76 88.02 74.80 -36.00
CA LYS YD 76 86.92 74.71 -36.95
C LYS YD 76 87.08 75.77 -38.03
N SER YD 77 87.22 75.34 -39.27
CA SER YD 77 87.37 76.24 -40.41
C SER YD 77 86.15 76.10 -41.31
N PRO YD 78 85.23 77.06 -41.32
CA PRO YD 78 84.04 76.91 -42.16
C PRO YD 78 84.37 77.04 -43.63
N LYS YD 79 83.54 76.43 -44.47
CA LYS YD 79 83.74 76.45 -45.91
C LYS YD 79 82.40 76.41 -46.61
N THR YD 80 82.22 77.28 -47.61
CA THR YD 80 81.02 77.32 -48.42
C THR YD 80 81.24 76.45 -49.65
N LEU YD 81 80.38 75.46 -49.85
CA LEU YD 81 80.53 74.54 -50.96
C LEU YD 81 79.94 75.12 -52.24
N ALA YD 82 80.26 74.47 -53.36
CA ALA YD 82 79.74 74.91 -54.66
C ALA YD 82 78.22 74.76 -54.72
N ASN YD 83 77.69 73.67 -54.16
CA ASN YD 83 76.24 73.46 -54.14
C ASN YD 83 75.53 74.58 -53.39
N GLY YD 84 76.22 75.27 -52.49
CA GLY YD 84 75.63 76.44 -51.86
C GLY YD 84 75.58 76.35 -50.35
N ASN YD 85 75.43 75.14 -49.81
CA ASN YD 85 75.35 74.97 -48.38
C ASN YD 85 76.71 75.20 -47.72
N ARG YD 86 76.74 75.17 -46.40
CA ARG YD 86 77.92 75.43 -45.60
C ARG YD 86 78.29 74.19 -44.82
N THR YD 87 79.58 74.01 -44.61
CA THR YD 87 80.12 72.89 -43.86
C THR YD 87 81.37 73.39 -43.13
N VAL YD 88 81.77 72.66 -42.10
CA VAL YD 88 82.94 73.03 -41.30
C VAL YD 88 83.99 71.93 -41.45
N ASN YD 89 85.24 72.35 -41.64
CA ASN YD 89 86.38 71.45 -41.73
C ASN YD 89 87.16 71.58 -40.43
N THR YD 90 87.33 70.45 -39.74
CA THR YD 90 87.86 70.49 -38.38
C THR YD 90 89.22 69.79 -38.29
N VAL YD 91 90.03 70.24 -37.33
CA VAL YD 91 91.29 69.61 -37.01
C VAL YD 91 91.40 69.45 -35.50
N SER YD 92 91.10 68.25 -35.00
CA SER YD 92 91.16 68.00 -33.57
C SER YD 92 92.53 67.44 -33.17
N ILE YD 93 92.98 67.81 -31.98
CA ILE YD 93 94.26 67.37 -31.44
C ILE YD 93 94.07 67.06 -29.96
N GLN YD 94 94.56 65.90 -29.52
CA GLN YD 94 94.43 65.49 -28.13
C GLN YD 94 95.79 65.04 -27.59
N LEU YD 95 95.99 65.22 -26.27
CA LEU YD 95 97.27 65.00 -25.61
C LEU YD 95 97.07 64.21 -24.32
N SER YD 96 96.41 63.05 -24.42
CA SER YD 96 96.22 62.18 -23.26
C SER YD 96 97.57 61.62 -22.84
N VAL YD 97 98.18 62.28 -21.85
CA VAL YD 97 99.45 61.85 -21.29
C VAL YD 97 99.31 61.67 -19.79
N ASP YD 98 100.05 60.70 -19.26
CA ASP YD 98 99.97 60.38 -17.85
C ASP YD 98 100.49 61.55 -17.02
N PRO YD 99 99.82 61.89 -15.90
CA PRO YD 99 100.16 63.11 -15.17
C PRO YD 99 101.58 63.14 -14.62
N GLU YD 100 102.23 62.00 -14.46
CA GLU YD 100 103.61 61.93 -14.01
C GLU YD 100 104.61 62.34 -15.10
N THR YD 101 104.13 62.59 -16.32
CA THR YD 101 105.01 62.96 -17.41
C THR YD 101 105.71 64.28 -17.13
N THR YD 102 107.02 64.32 -17.41
CA THR YD 102 107.77 65.56 -17.32
C THR YD 102 107.47 66.45 -18.52
N ALA YD 103 107.77 67.74 -18.38
CA ALA YD 103 107.48 68.70 -19.43
C ALA YD 103 108.49 68.64 -20.57
N ALA YD 104 109.64 68.00 -20.37
CA ALA YD 104 110.62 67.88 -21.45
C ALA YD 104 110.15 66.90 -22.52
N GLU YD 105 109.62 65.76 -22.10
CA GLU YD 105 109.16 64.76 -23.06
C GLU YD 105 107.80 65.14 -23.64
N VAL YD 106 107.01 65.93 -22.91
CA VAL YD 106 105.82 66.53 -23.51
C VAL YD 106 106.22 67.45 -24.65
N THR YD 107 107.25 68.27 -24.45
CA THR YD 107 107.76 69.11 -25.53
C THR YD 107 108.27 68.25 -26.68
N THR YD 108 108.93 67.13 -26.37
CA THR YD 108 109.37 66.21 -27.41
C THR YD 108 108.18 65.66 -28.19
N MET YD 109 107.12 65.29 -27.49
CA MET YD 109 105.95 64.71 -28.13
C MET YD 109 105.20 65.75 -28.95
N LEU YD 110 105.14 66.98 -28.44
CA LEU YD 110 104.43 68.05 -29.16
C LEU YD 110 105.18 68.42 -30.43
N ASN YD 111 106.51 68.46 -30.37
CA ASN YD 111 107.29 68.79 -31.56
C ASN YD 111 107.24 67.66 -32.57
N ALA YD 112 107.33 66.41 -32.11
CA ALA YD 112 107.25 65.28 -33.02
C ALA YD 112 105.89 65.22 -33.71
N ALA YD 113 104.82 65.41 -32.94
CA ALA YD 113 103.47 65.47 -33.51
C ALA YD 113 103.28 66.65 -34.44
N ALA YD 114 103.76 67.83 -34.05
CA ALA YD 114 103.64 69.00 -34.92
C ALA YD 114 104.64 68.97 -36.07
N GLN YD 115 105.63 68.09 -36.01
CA GLN YD 115 106.52 67.88 -37.15
C GLN YD 115 105.79 67.19 -38.29
N LEU YD 116 104.80 66.37 -37.97
CA LEU YD 116 103.78 66.00 -38.94
C LEU YD 116 102.92 67.24 -39.22
N LEU YD 117 102.00 67.10 -40.17
CA LEU YD 117 101.05 68.17 -40.54
C LEU YD 117 101.73 69.30 -41.31
N PHE YD 118 103.05 69.34 -41.38
CA PHE YD 118 103.68 70.34 -42.23
C PHE YD 118 104.89 69.78 -42.96
N ASP YD 119 105.25 68.54 -42.66
CA ASP YD 119 106.34 67.89 -43.38
C ASP YD 119 105.87 67.51 -44.78
N SER YD 120 106.79 67.59 -45.73
CA SER YD 120 106.45 67.30 -47.12
C SER YD 120 106.08 65.84 -47.35
N ASP YD 121 106.61 64.93 -46.54
CA ASP YD 121 106.33 63.51 -46.72
C ASP YD 121 104.85 63.20 -46.54
N TYR YD 122 104.21 63.85 -45.58
CA TYR YD 122 102.81 63.58 -45.24
C TYR YD 122 101.84 64.47 -45.99
N SER YD 123 102.32 65.28 -46.94
CA SER YD 123 101.45 66.14 -47.74
C SER YD 123 100.34 65.35 -48.43
N ASP YD 124 100.69 64.21 -49.03
CA ASP YD 124 99.71 63.42 -49.76
C ASP YD 124 98.76 62.70 -48.80
N PHE YD 125 99.26 62.31 -47.63
CA PHE YD 125 98.40 61.63 -46.65
C PHE YD 125 97.31 62.57 -46.14
N TRP YD 126 97.67 63.80 -45.81
CA TRP YD 126 96.68 64.74 -45.30
C TRP YD 126 95.74 65.23 -46.39
N LYS YD 127 96.19 65.29 -47.64
CA LYS YD 127 95.39 65.87 -48.72
C LYS YD 127 94.66 64.80 -49.52
N ALA YD 128 95.37 63.83 -50.09
CA ALA YD 128 94.76 62.80 -50.92
C ALA YD 128 94.48 61.51 -50.16
N GLN YD 129 94.78 61.46 -48.87
CA GLN YD 129 94.59 60.26 -48.05
C GLN YD 129 95.44 59.09 -48.58
N ALA YD 130 96.62 59.42 -49.11
CA ALA YD 130 97.52 58.41 -49.65
C ALA YD 130 98.28 57.76 -48.51
N LEU YD 131 97.66 56.71 -47.95
CA LEU YD 131 98.30 55.92 -46.91
C LEU YD 131 99.56 55.27 -47.44
N ALA YD 132 99.41 54.40 -48.43
CA ALA YD 132 100.55 53.79 -49.09
C ALA YD 132 101.07 54.74 -50.16
N ALA ZD 1 20.83 88.10 93.42
CA ALA ZD 1 21.05 88.29 94.85
C ALA ZD 1 20.39 87.16 95.63
N ILE ZD 2 20.20 86.03 94.97
CA ILE ZD 2 19.83 84.79 95.64
C ILE ZD 2 21.11 84.16 96.15
N ALA ZD 3 21.53 84.53 97.35
CA ALA ZD 3 22.78 84.06 97.91
C ALA ZD 3 22.71 84.21 99.42
N ASN ZD 4 23.25 85.31 99.95
CA ASN ZD 4 23.02 85.64 101.34
C ASN ZD 4 21.91 86.67 101.45
N SER ZD 5 20.70 86.29 101.05
CA SER ZD 5 19.53 87.15 101.14
C SER ZD 5 18.97 87.14 102.55
N SER ZD 6 17.74 87.60 102.74
CA SER ZD 6 17.11 87.55 104.05
C SER ZD 6 15.60 87.47 103.87
N ILE ZD 7 14.98 86.59 104.65
CA ILE ZD 7 13.53 86.41 104.63
C ILE ZD 7 13.03 86.22 106.06
N ALA ZD 8 11.96 86.91 106.42
CA ALA ZD 8 11.35 86.76 107.73
C ALA ZD 8 10.41 85.56 107.71
N ILE ZD 9 10.59 84.64 108.64
CA ILE ZD 9 9.79 83.43 108.71
C ILE ZD 9 8.81 83.56 109.86
N ASP ZD 10 7.55 83.18 109.62
CA ASP ZD 10 6.46 83.33 110.58
C ASP ZD 10 6.26 84.80 110.94
N SER ZD 11 5.94 85.59 109.92
CA SER ZD 11 5.77 87.03 110.06
C SER ZD 11 4.49 87.47 109.35
N THR ZD 12 3.98 88.63 109.77
CA THR ZD 12 2.78 89.20 109.16
C THR ZD 12 3.16 90.17 108.05
N ALA ZD 13 2.46 90.08 106.93
CA ALA ZD 13 2.70 90.93 105.77
C ALA ZD 13 1.56 91.93 105.61
N SER ZD 14 1.91 93.12 105.15
CA SER ZD 14 0.96 94.21 105.03
C SER ZD 14 1.18 94.93 103.72
N VAL ZD 15 0.19 95.75 103.34
CA VAL ZD 15 0.19 96.50 102.10
C VAL ZD 15 -0.18 97.94 102.40
N THR ZD 16 0.60 98.89 101.88
CA THR ZD 16 0.32 100.30 102.02
C THR ZD 16 0.23 100.96 100.65
N GLY ZD 17 -0.63 101.96 100.54
CA GLY ZD 17 -0.76 102.70 99.30
C GLY ZD 17 -1.51 101.90 98.24
N GLY ZD 18 -1.22 102.23 96.98
CA GLY ZD 18 -1.91 101.59 95.87
C GLY ZD 18 -3.34 102.07 95.74
N THR ZD 19 -4.09 101.36 94.89
CA THR ZD 19 -5.49 101.68 94.62
C THR ZD 19 -6.31 100.41 94.81
N ALA ZD 20 -7.12 100.38 95.86
CA ALA ZD 20 -7.95 99.21 96.16
C ALA ZD 20 -8.93 98.93 95.03
N ARG ZD 21 -8.73 97.82 94.34
CA ARG ZD 21 -9.63 97.36 93.30
C ARG ZD 21 -10.61 96.34 93.89
N THR ZD 22 -11.37 95.66 93.03
CA THR ZD 22 -12.32 94.66 93.48
C THR ZD 22 -12.27 93.49 92.51
N VAL ZD 23 -12.30 92.27 93.06
CA VAL ZD 23 -12.26 91.06 92.25
C VAL ZD 23 -13.71 90.69 91.96
N LYS ZD 24 -14.12 90.87 90.71
CA LYS ZD 24 -15.48 90.54 90.30
C LYS ZD 24 -15.52 89.12 89.75
N GLU ZD 25 -16.44 88.32 90.28
CA GLU ZD 25 -16.53 86.91 89.92
C GLU ZD 25 -17.34 86.74 88.63
N LEU ZD 26 -16.82 85.90 87.73
CA LEU ZD 26 -17.40 85.77 86.41
C LEU ZD 26 -18.08 84.42 86.29
N VAL ZD 27 -17.34 83.32 86.43
CA VAL ZD 27 -17.87 81.97 86.23
C VAL ZD 27 -17.28 81.06 87.29
N ARG ZD 28 -18.13 80.23 87.90
CA ARG ZD 28 -17.73 79.31 88.95
C ARG ZD 28 -18.15 77.92 88.51
N ASN ZD 29 -17.22 77.15 87.95
CA ASN ZD 29 -17.57 75.82 87.44
C ASN ZD 29 -16.34 74.92 87.45
N ASN ZD 30 -16.61 73.62 87.48
CA ASN ZD 30 -15.60 72.57 87.26
C ASN ZD 30 -14.38 72.76 88.18
N SER ZD 31 -14.66 73.04 89.46
CA SER ZD 31 -13.62 73.24 90.47
C SER ZD 31 -12.77 74.47 90.16
N GLU ZD 32 -13.30 75.38 89.35
CA GLU ZD 32 -12.59 76.57 88.91
C GLU ZD 32 -13.46 77.79 89.14
N LEU ZD 33 -12.83 78.92 89.47
CA LEU ZD 33 -13.54 80.19 89.67
C LEU ZD 33 -12.84 81.24 88.81
N ASN ZD 34 -13.45 81.54 87.68
CA ASN ZD 34 -12.95 82.62 86.82
C ASN ZD 34 -13.45 83.96 87.33
N ALA ZD 35 -12.54 84.92 87.45
CA ALA ZD 35 -12.87 86.25 87.94
C ALA ZD 35 -11.99 87.26 87.22
N TYR ZD 36 -12.19 88.54 87.53
CA TYR ZD 36 -11.41 89.60 86.93
C TYR ZD 36 -11.29 90.75 87.93
N ILE ZD 37 -10.20 91.49 87.82
CA ILE ZD 37 -9.96 92.66 88.65
C ILE ZD 37 -10.52 93.88 87.93
N ASP ZD 38 -11.28 94.70 88.65
CA ASP ZD 38 -11.99 95.83 88.06
C ASP ZD 38 -11.14 97.07 88.27
N GLU ZD 39 -10.49 97.53 87.20
CA GLU ZD 39 -9.74 98.78 87.22
C GLU ZD 39 -10.33 99.82 86.26
N GLY ZD 40 -11.54 99.59 85.75
CA GLY ZD 40 -12.12 100.48 84.77
C GLY ZD 40 -11.35 100.46 83.46
N LEU ZD 41 -11.01 99.26 83.01
CA LEU ZD 41 -10.28 99.05 81.76
C LEU ZD 41 -11.21 98.41 80.73
N SER ZD 42 -10.69 98.22 79.52
CA SER ZD 42 -11.45 97.57 78.47
C SER ZD 42 -11.43 96.07 78.67
N PHE ZD 43 -12.30 95.36 77.95
CA PHE ZD 43 -12.35 93.91 78.06
C PHE ZD 43 -11.07 93.25 77.57
N GLN ZD 44 -10.45 93.80 76.53
CA GLN ZD 44 -9.19 93.27 76.00
C GLN ZD 44 -8.01 93.49 76.92
N ALA ZD 45 -8.09 94.41 77.87
CA ALA ZD 45 -7.03 94.56 78.86
C ALA ZD 45 -7.69 94.55 80.24
N ARG ZD 46 -7.97 93.36 80.75
CA ARG ZD 46 -8.51 93.18 82.08
C ARG ZD 46 -7.39 92.61 82.98
N LYS ZD 47 -7.68 92.15 84.19
CA LYS ZD 47 -6.69 91.47 85.02
C LYS ZD 47 -7.28 90.17 85.50
N GLU ZD 48 -7.80 89.36 84.57
CA GLU ZD 48 -8.44 88.10 84.90
C GLU ZD 48 -7.57 87.25 85.81
N VAL ZD 49 -8.16 86.72 86.87
CA VAL ZD 49 -7.48 85.81 87.79
C VAL ZD 49 -8.36 84.59 87.97
N ALA ZD 50 -7.76 83.40 87.84
CA ALA ZD 50 -8.48 82.14 87.92
C ALA ZD 50 -8.06 81.36 89.15
N PHE ZD 51 -9.06 80.93 89.92
CA PHE ZD 51 -8.86 80.15 91.15
C PHE ZD 51 -9.30 78.73 90.89
N SER ZD 52 -8.42 77.77 91.18
CA SER ZD 52 -8.70 76.37 90.93
C SER ZD 52 -8.35 75.55 92.17
N VAL ZD 53 -9.10 74.48 92.38
CA VAL ZD 53 -8.93 73.61 93.53
C VAL ZD 53 -8.93 72.16 93.08
N LYS ZD 54 -8.00 71.38 93.66
CA LYS ZD 54 -7.85 69.95 93.36
C LYS ZD 54 -7.85 69.20 94.69
N VAL ZD 55 -9.02 68.65 95.04
CA VAL ZD 55 -9.24 68.00 96.33
C VAL ZD 55 -8.48 66.66 96.39
N PRO ZD 56 -8.01 66.25 97.55
CA PRO ZD 56 -7.28 64.97 97.65
C PRO ZD 56 -8.20 63.77 97.45
N LYS ZD 57 -7.62 62.70 96.91
CA LYS ZD 57 -8.31 61.44 96.73
C LYS ZD 57 -7.52 60.31 97.39
N VAL ZD 58 -8.22 59.23 97.73
CA VAL ZD 58 -7.59 58.12 98.42
C VAL ZD 58 -6.60 57.43 97.50
N SER ZD 59 -5.50 56.94 98.08
CA SER ZD 59 -4.45 56.28 97.32
C SER ZD 59 -3.86 55.15 98.16
N VAL ZD 60 -2.96 54.38 97.55
CA VAL ZD 60 -2.19 53.38 98.27
C VAL ZD 60 -0.73 53.79 98.42
N SER ZD 61 -0.16 54.46 97.42
CA SER ZD 61 1.10 55.18 97.51
C SER ZD 61 0.83 56.51 98.20
N ALA ZD 62 1.75 57.48 98.02
CA ALA ZD 62 1.55 58.80 98.62
C ALA ZD 62 1.57 58.66 100.14
N PRO ZD 63 2.75 58.63 100.75
CA PRO ZD 63 2.90 57.99 102.07
C PRO ZD 63 2.12 58.68 103.17
N GLY ZD 64 0.88 58.25 103.32
CA GLY ZD 64 -0.12 58.92 104.11
C GLY ZD 64 -1.51 58.67 103.54
N GLY ZD 65 -1.56 58.07 102.36
CA GLY ZD 65 -2.79 57.53 101.84
C GLY ZD 65 -3.52 58.39 100.84
N PHE ZD 66 -3.22 59.69 100.82
CA PHE ZD 66 -3.90 60.60 99.93
C PHE ZD 66 -2.92 61.41 99.10
N THR ZD 67 -3.37 61.76 97.90
CA THR ZD 67 -2.69 62.74 97.09
C THR ZD 67 -2.79 64.12 97.76
N GLN ZD 68 -1.93 65.03 97.33
CA GLN ZD 68 -1.88 66.34 97.97
C GLN ZD 68 -3.05 67.21 97.50
N ALA ZD 69 -3.42 68.17 98.34
CA ALA ZD 69 -4.47 69.12 98.02
C ALA ZD 69 -3.83 70.34 97.33
N ARG ZD 70 -4.12 70.51 96.04
CA ARG ZD 70 -3.55 71.60 95.27
C ARG ZD 70 -4.53 72.75 95.14
N SER ZD 71 -4.02 73.96 95.34
CA SER ZD 71 -4.78 75.20 95.14
C SER ZD 71 -3.96 76.07 94.19
N THR ZD 72 -4.54 76.42 93.05
CA THR ZD 72 -3.82 77.15 92.03
C THR ZD 72 -4.49 78.47 91.72
N VAL ZD 73 -3.69 79.52 91.62
CA VAL ZD 73 -4.15 80.84 91.21
C VAL ZD 73 -3.32 81.32 90.03
N ILE ZD 74 -3.97 81.65 88.92
CA ILE ZD 74 -3.29 82.24 87.78
C ILE ZD 74 -3.83 83.65 87.57
N LEU ZD 75 -2.93 84.63 87.58
CA LEU ZD 75 -3.25 86.02 87.32
C LEU ZD 75 -2.77 86.34 85.91
N LYS ZD 76 -3.67 86.85 85.08
CA LYS ZD 76 -3.32 87.17 83.69
C LYS ZD 76 -3.27 88.67 83.48
N SER ZD 77 -2.23 89.12 82.79
CA SER ZD 77 -2.01 90.55 82.54
C SER ZD 77 -1.82 90.78 81.06
N PRO ZD 78 -2.87 91.17 80.33
CA PRO ZD 78 -2.70 91.49 78.91
C PRO ZD 78 -1.76 92.65 78.69
N LYS ZD 79 -0.75 92.44 77.84
CA LYS ZD 79 0.19 93.47 77.45
C LYS ZD 79 0.06 93.70 75.95
N THR ZD 80 0.13 94.97 75.54
CA THR ZD 80 0.08 95.35 74.14
C THR ZD 80 1.48 95.71 73.69
N LEU ZD 81 1.94 95.07 72.61
CA LEU ZD 81 3.31 95.19 72.15
C LEU ZD 81 3.47 96.38 71.23
N ALA ZD 82 4.72 96.64 70.83
CA ALA ZD 82 5.01 97.77 69.97
C ALA ZD 82 4.36 97.61 68.60
N ASN ZD 83 4.45 96.42 68.02
CA ASN ZD 83 3.80 96.17 66.74
C ASN ZD 83 2.29 96.26 66.85
N GLY ZD 84 1.73 95.77 67.95
CA GLY ZD 84 0.31 95.89 68.17
C GLY ZD 84 -0.38 94.58 68.49
N ASN ZD 85 0.36 93.47 68.42
CA ASN ZD 85 -0.18 92.19 68.81
C ASN ZD 85 -0.40 92.15 70.32
N ARG ZD 86 -1.40 91.37 70.74
CA ARG ZD 86 -1.74 91.24 72.15
C ARG ZD 86 -1.11 89.98 72.73
N THR ZD 87 -0.44 90.14 73.86
CA THR ZD 87 0.12 89.04 74.61
C THR ZD 87 -0.35 89.12 76.05
N VAL ZD 88 -0.44 87.96 76.70
CA VAL ZD 88 -0.87 87.87 78.10
C VAL ZD 88 0.33 87.43 78.93
N ASN ZD 89 0.62 88.20 79.97
CA ASN ZD 89 1.65 87.86 80.95
C ASN ZD 89 0.95 87.25 82.15
N THR ZD 90 1.45 86.10 82.62
CA THR ZD 90 0.79 85.36 83.68
C THR ZD 90 1.71 85.13 84.87
N VAL ZD 91 1.10 85.03 86.05
CA VAL ZD 91 1.76 84.55 87.26
C VAL ZD 91 0.94 83.38 87.82
N SER ZD 92 1.56 82.22 87.94
CA SER ZD 92 0.91 81.08 88.54
C SER ZD 92 1.41 80.85 89.95
N ILE ZD 93 0.48 80.53 90.86
CA ILE ZD 93 0.81 80.24 92.25
C ILE ZD 93 0.11 78.91 92.58
N GLN ZD 94 0.90 77.86 92.76
CA GLN ZD 94 0.37 76.53 93.05
C GLN ZD 94 0.87 76.09 94.43
N LEU ZD 95 -0.07 75.78 95.32
CA LEU ZD 95 0.25 75.31 96.66
C LEU ZD 95 -0.22 73.87 96.77
N SER ZD 96 0.71 72.95 97.06
CA SER ZD 96 0.40 71.55 97.25
C SER ZD 96 0.81 71.15 98.66
N VAL ZD 97 -0.16 70.80 99.49
CA VAL ZD 97 0.10 70.35 100.85
C VAL ZD 97 -0.53 68.98 101.05
N ASP ZD 98 0.12 68.17 101.88
CA ASP ZD 98 -0.50 66.95 102.35
C ASP ZD 98 -1.68 67.30 103.25
N PRO ZD 99 -2.76 66.53 103.21
CA PRO ZD 99 -3.95 66.87 104.00
C PRO ZD 99 -3.70 66.88 105.50
N GLU ZD 100 -2.63 66.25 106.00
CA GLU ZD 100 -2.33 66.31 107.42
C GLU ZD 100 -1.76 67.66 107.85
N THR ZD 101 -1.44 68.52 106.90
CA THR ZD 101 -0.75 69.78 107.21
C THR ZD 101 -1.66 70.72 107.98
N THR ZD 102 -1.13 71.27 109.07
CA THR ZD 102 -1.88 72.21 109.90
C THR ZD 102 -2.02 73.55 109.20
N ALA ZD 103 -2.90 74.39 109.74
CA ALA ZD 103 -3.11 75.71 109.16
C ALA ZD 103 -1.97 76.65 109.48
N ALA ZD 104 -1.28 76.43 110.61
CA ALA ZD 104 -0.10 77.23 110.93
C ALA ZD 104 1.07 76.89 110.02
N GLU ZD 105 1.16 75.65 109.57
CA GLU ZD 105 2.21 75.27 108.62
C GLU ZD 105 1.93 75.84 107.24
N VAL ZD 106 0.66 75.91 106.85
CA VAL ZD 106 0.31 76.54 105.57
C VAL ZD 106 0.54 78.04 105.63
N THR ZD 107 0.20 78.67 106.76
CA THR ZD 107 0.41 80.10 106.90
C THR ZD 107 1.89 80.45 106.77
N THR ZD 108 2.78 79.64 107.35
CA THR ZD 108 4.21 79.87 107.21
C THR ZD 108 4.64 79.73 105.74
N MET ZD 109 4.11 78.71 105.06
CA MET ZD 109 4.40 78.55 103.64
C MET ZD 109 3.92 79.74 102.83
N LEU ZD 110 2.70 80.20 103.11
CA LEU ZD 110 2.12 81.29 102.35
C LEU ZD 110 2.90 82.59 102.55
N ASN ZD 111 3.33 82.85 103.78
CA ASN ZD 111 4.01 84.12 104.06
C ASN ZD 111 5.44 84.12 103.53
N ALA ZD 112 6.15 83.00 103.65
CA ALA ZD 112 7.51 82.92 103.13
C ALA ZD 112 7.54 83.01 101.61
N ALA ZD 113 6.51 82.47 100.96
CA ALA ZD 113 6.43 82.55 99.50
C ALA ZD 113 6.05 83.95 99.03
N ALA ZD 114 5.34 84.72 99.86
CA ALA ZD 114 4.97 86.07 99.47
C ALA ZD 114 6.20 86.97 99.38
N GLN ZD 115 7.09 86.90 100.36
CA GLN ZD 115 8.34 87.62 100.30
C GLN ZD 115 9.26 87.11 99.20
N LEU ZD 116 9.03 85.90 98.70
CA LEU ZD 116 9.86 85.37 97.62
C LEU ZD 116 9.61 86.12 96.32
N LEU ZD 117 8.48 86.81 96.19
CA LEU ZD 117 8.19 87.57 94.98
C LEU ZD 117 7.90 89.04 95.27
N PHE ZD 118 8.25 89.53 96.46
CA PHE ZD 118 8.26 90.97 96.66
C PHE ZD 118 9.48 91.50 97.41
N ASP ZD 119 10.30 90.66 98.02
CA ASP ZD 119 11.53 91.14 98.63
C ASP ZD 119 12.48 91.68 97.57
N SER ZD 120 13.24 92.72 97.94
CA SER ZD 120 14.08 93.42 96.96
C SER ZD 120 15.21 92.53 96.46
N ASP ZD 121 15.68 91.59 97.29
CA ASP ZD 121 16.79 90.72 96.91
C ASP ZD 121 16.44 89.85 95.71
N TYR ZD 122 15.16 89.65 95.45
CA TYR ZD 122 14.76 88.79 94.34
C TYR ZD 122 14.28 89.61 93.14
N SER ZD 123 14.50 90.93 93.19
CA SER ZD 123 14.03 91.78 92.11
C SER ZD 123 14.69 91.43 90.78
N ASP ZD 124 16.01 91.19 90.78
CA ASP ZD 124 16.71 90.89 89.55
C ASP ZD 124 16.45 89.48 89.05
N PHE ZD 125 16.04 88.57 89.92
CA PHE ZD 125 15.65 87.24 89.47
C PHE ZD 125 14.35 87.27 88.69
N TRP ZD 126 13.39 88.08 89.11
CA TRP ZD 126 12.10 88.14 88.43
C TRP ZD 126 12.14 89.01 87.19
N LYS ZD 127 12.81 90.16 87.26
CA LYS ZD 127 12.89 91.10 86.14
C LYS ZD 127 14.08 90.80 85.23
N ALA ZD 128 15.29 90.84 85.79
CA ALA ZD 128 16.49 90.62 84.98
C ALA ZD 128 16.77 89.15 84.72
N GLN ZD 129 16.03 88.24 85.37
CA GLN ZD 129 16.22 86.81 85.20
C GLN ZD 129 17.64 86.39 85.61
N ALA ZD 130 18.11 86.99 86.71
CA ALA ZD 130 19.49 86.87 87.17
C ALA ZD 130 19.54 85.95 88.38
N LEU ZD 131 20.16 84.79 88.21
CA LEU ZD 131 20.27 83.81 89.29
C LEU ZD 131 21.19 84.30 90.41
N ALA ZD 132 22.20 85.10 90.08
CA ALA ZD 132 23.07 85.66 91.11
C ALA ZD 132 23.43 87.10 90.80
N ALA AE 1 -14.64 86.01 100.54
CA ALA AE 1 -13.49 85.34 99.97
C ALA AE 1 -13.28 85.75 98.52
N ILE AE 2 -13.09 84.76 97.64
CA ILE AE 2 -13.00 85.05 96.22
C ILE AE 2 -14.39 85.31 95.68
N ALA AE 3 -14.76 86.59 95.57
CA ALA AE 3 -16.11 86.99 95.20
C ALA AE 3 -16.20 88.50 95.14
N ASN AE 4 -15.83 89.16 96.24
CA ASN AE 4 -15.87 90.61 96.34
C ASN AE 4 -14.61 91.15 97.00
N SER AE 5 -13.54 90.37 96.97
CA SER AE 5 -12.31 90.74 97.65
C SER AE 5 -11.65 91.94 96.97
N SER AE 6 -10.89 92.70 97.74
CA SER AE 6 -10.20 93.90 97.26
C SER AE 6 -8.70 93.66 97.28
N ILE AE 7 -8.04 94.01 96.18
CA ILE AE 7 -6.59 93.92 96.05
C ILE AE 7 -6.05 95.29 95.67
N ALA AE 8 -5.03 95.75 96.41
CA ALA AE 8 -4.48 97.08 96.20
C ALA AE 8 -3.43 97.04 95.10
N ILE AE 9 -3.82 97.43 93.88
CA ILE AE 9 -2.91 97.40 92.73
C ILE AE 9 -1.86 98.49 92.88
N ASP AE 10 -0.62 98.14 92.55
CA ASP AE 10 0.52 99.06 92.57
C ASP AE 10 0.71 99.68 93.96
N SER AE 11 0.70 98.84 94.97
CA SER AE 11 0.95 99.24 96.34
C SER AE 11 2.33 98.77 96.77
N THR AE 12 2.67 99.03 98.03
CA THR AE 12 3.94 98.60 98.61
C THR AE 12 3.65 97.57 99.70
N ALA AE 13 4.26 96.39 99.56
CA ALA AE 13 4.09 95.30 100.51
C ALA AE 13 5.32 95.19 101.39
N SER AE 14 5.10 95.08 102.71
CA SER AE 14 6.18 94.97 103.68
C SER AE 14 5.89 93.84 104.64
N VAL AE 15 6.82 93.62 105.55
CA VAL AE 15 6.76 92.54 106.53
C VAL AE 15 7.21 93.06 107.89
N THR AE 16 6.50 92.66 108.94
CA THR AE 16 6.86 92.99 110.31
C THR AE 16 6.87 91.72 111.15
N GLY AE 17 7.68 91.73 112.21
CA GLY AE 17 7.78 90.56 113.06
C GLY AE 17 8.59 89.45 112.40
N GLY AE 18 8.48 88.26 113.00
CA GLY AE 18 9.12 87.08 112.46
C GLY AE 18 10.60 87.00 112.79
N THR AE 19 11.21 85.92 112.30
CA THR AE 19 12.64 85.71 112.42
C THR AE 19 13.29 85.80 111.04
N ALA AE 20 14.40 86.53 110.98
CA ALA AE 20 15.10 86.79 109.72
C ALA AE 20 16.10 85.65 109.48
N ARG AE 21 15.78 84.81 108.51
CA ARG AE 21 16.69 83.76 108.11
C ARG AE 21 17.46 84.17 106.85
N THR AE 22 18.57 83.48 106.60
CA THR AE 22 19.56 83.98 105.65
C THR AE 22 19.35 83.46 104.23
N VAL AE 23 18.95 82.19 104.11
CA VAL AE 23 18.88 81.49 102.82
C VAL AE 23 20.30 81.27 102.34
N LYS AE 24 20.67 80.01 102.11
CA LYS AE 24 22.03 79.65 101.72
C LYS AE 24 21.96 78.79 100.47
N GLU AE 25 22.77 79.13 99.47
CA GLU AE 25 22.76 78.36 98.23
C GLU AE 25 23.38 76.99 98.45
N LEU AE 26 22.75 75.96 97.89
CA LEU AE 26 23.28 74.61 97.95
C LEU AE 26 24.05 74.24 96.70
N VAL AE 27 23.36 74.22 95.56
CA VAL AE 27 23.88 73.65 94.32
C VAL AE 27 23.39 74.52 93.17
N ARG AE 28 24.24 74.64 92.15
CA ARG AE 28 23.95 75.45 90.99
C ARG AE 28 23.89 74.53 89.78
N ASN AE 29 23.81 75.13 88.59
CA ASN AE 29 23.77 74.43 87.31
C ASN AE 29 22.40 73.86 87.00
N ASN AE 30 21.88 74.14 85.82
CA ASN AE 30 22.36 75.23 84.98
C ASN AE 30 21.13 76.00 84.56
N SER AE 31 21.16 77.33 84.76
CA SER AE 31 19.95 78.14 84.78
C SER AE 31 18.99 77.59 85.83
N GLU AE 32 19.57 77.15 86.96
CA GLU AE 32 18.81 76.52 88.03
C GLU AE 32 19.61 76.68 89.33
N LEU AE 33 19.12 77.51 90.24
CA LEU AE 33 19.74 77.62 91.54
C LEU AE 33 18.98 76.80 92.58
N ASN AE 34 19.72 76.33 93.58
CA ASN AE 34 19.13 75.60 94.70
C ASN AE 34 19.68 76.17 95.99
N ALA AE 35 18.79 76.52 96.91
CA ALA AE 35 19.18 77.13 98.17
C ALA AE 35 18.38 76.48 99.29
N TYR AE 36 18.55 76.98 100.50
CA TYR AE 36 17.78 76.51 101.64
C TYR AE 36 17.73 77.61 102.67
N ILE AE 37 16.57 77.75 103.31
CA ILE AE 37 16.39 78.76 104.35
C ILE AE 37 16.94 78.18 105.65
N ASP AE 38 18.03 78.78 106.15
CA ASP AE 38 18.72 78.27 107.33
C ASP AE 38 18.04 78.79 108.58
N GLU AE 39 17.37 77.92 109.32
CA GLU AE 39 16.72 78.27 110.57
C GLU AE 39 17.16 77.34 111.70
N GLY AE 40 18.37 76.79 111.59
CA GLY AE 40 18.88 75.89 112.60
C GLY AE 40 18.12 74.59 112.73
N LEU AE 41 17.71 74.00 111.61
CA LEU AE 41 17.00 72.75 111.60
C LEU AE 41 17.88 71.65 111.02
N SER AE 42 17.40 70.41 111.10
CA SER AE 42 18.16 69.28 110.61
C SER AE 42 18.14 69.21 109.09
N PHE AE 43 18.91 68.27 108.55
CA PHE AE 43 19.04 68.16 107.10
C PHE AE 43 17.73 67.72 106.45
N GLN AE 44 16.94 66.91 107.11
CA GLN AE 44 15.68 66.43 106.54
C GLN AE 44 14.53 67.40 106.78
N ALA AE 45 14.70 68.40 107.63
CA ALA AE 45 13.62 69.29 108.02
C ALA AE 45 13.85 70.73 107.57
N ARG AE 46 14.79 70.94 106.65
CA ARG AE 46 15.10 72.29 106.19
C ARG AE 46 14.21 72.68 105.02
N LYS AE 47 14.04 73.99 104.85
CA LYS AE 47 13.09 74.56 103.89
C LYS AE 47 13.43 74.23 102.44
N GLU AE 48 14.61 74.63 101.96
CA GLU AE 48 15.06 74.32 100.60
C GLU AE 48 14.24 74.90 99.47
N VAL AE 49 14.29 76.22 99.28
CA VAL AE 49 13.67 76.89 98.13
C VAL AE 49 14.56 76.72 96.91
N ALA AE 50 13.94 76.44 95.76
CA ALA AE 50 14.66 76.29 94.49
C ALA AE 50 14.30 77.40 93.51
N PHE AE 51 15.22 77.69 92.60
CA PHE AE 51 15.07 78.76 91.62
C PHE AE 51 15.38 78.23 90.23
N SER AE 52 14.49 78.48 89.28
CA SER AE 52 14.66 78.05 87.91
C SER AE 52 14.48 79.24 86.98
N VAL AE 53 14.98 79.10 85.75
CA VAL AE 53 14.94 80.19 84.78
C VAL AE 53 14.91 79.63 83.37
N LYS AE 54 14.00 80.16 82.54
CA LYS AE 54 13.94 79.85 81.11
C LYS AE 54 14.09 81.17 80.36
N VAL AE 55 15.22 81.34 79.68
CA VAL AE 55 15.51 82.62 79.02
C VAL AE 55 14.62 82.77 77.81
N PRO AE 56 14.35 83.99 77.33
CA PRO AE 56 13.52 84.14 76.12
C PRO AE 56 14.22 83.57 74.91
N LYS AE 57 13.52 82.70 74.20
CA LYS AE 57 14.06 82.01 73.04
C LYS AE 57 13.52 82.66 71.77
N VAL AE 58 14.38 82.81 70.76
CA VAL AE 58 13.98 83.48 69.53
C VAL AE 58 13.11 82.54 68.71
N SER AE 59 11.79 82.73 68.79
CA SER AE 59 10.85 81.99 67.97
C SER AE 59 10.48 82.82 66.74
N VAL AE 60 9.45 82.39 66.01
CA VAL AE 60 9.00 83.13 64.83
C VAL AE 60 7.53 83.48 64.96
N SER AE 61 6.71 82.47 65.24
CA SER AE 61 5.25 82.65 65.27
C SER AE 61 4.78 82.96 66.68
N ALA AE 62 5.31 84.08 67.22
CA ALA AE 62 4.94 84.49 68.56
C ALA AE 62 4.77 86.00 68.59
N PRO AE 63 3.94 86.52 69.50
CA PRO AE 63 3.87 87.96 69.70
C PRO AE 63 5.24 88.52 70.08
N GLY AE 64 5.61 89.62 69.45
CA GLY AE 64 6.90 90.24 69.74
C GLY AE 64 8.04 89.60 68.98
N GLY AE 65 7.96 88.28 68.79
CA GLY AE 65 8.98 87.56 68.06
C GLY AE 65 9.59 86.41 68.84
N PHE AE 66 9.85 86.64 70.13
CA PHE AE 66 10.52 85.63 70.95
C PHE AE 66 9.48 84.88 71.79
N THR AE 67 9.93 83.81 72.44
CA THR AE 67 9.13 83.16 73.47
C THR AE 67 9.23 83.97 74.76
N GLN AE 68 8.53 83.48 75.79
CA GLN AE 68 8.40 84.24 77.02
C GLN AE 68 9.55 83.96 77.97
N ALA AE 69 9.83 84.93 78.83
CA ALA AE 69 10.87 84.81 79.86
C ALA AE 69 10.24 84.17 81.09
N ARG AE 70 10.44 82.86 81.23
CA ARG AE 70 9.89 82.12 82.35
C ARG AE 70 10.84 82.16 83.54
N SER AE 71 10.28 82.29 84.74
CA SER AE 71 11.07 82.36 85.97
C SER AE 71 10.28 81.67 87.06
N THR AE 72 10.75 80.49 87.48
CA THR AE 72 10.03 79.66 88.43
C THR AE 72 10.75 79.62 89.78
N VAL AE 73 9.95 79.57 90.84
CA VAL AE 73 10.44 79.40 92.20
C VAL AE 73 9.59 78.31 92.85
N ILE AE 74 10.24 77.35 93.50
CA ILE AE 74 9.55 76.34 94.28
C ILE AE 74 10.12 76.34 95.69
N LEU AE 75 9.26 76.57 96.68
CA LEU AE 75 9.62 76.45 98.08
C LEU AE 75 9.12 75.10 98.56
N LYS AE 76 10.04 74.23 98.95
CA LYS AE 76 9.68 72.95 99.55
C LYS AE 76 9.57 73.11 101.05
N SER AE 77 8.89 72.18 101.70
CA SER AE 77 8.67 72.23 103.14
C SER AE 77 8.42 70.82 103.66
N PRO AE 78 9.42 70.20 104.26
CA PRO AE 78 9.25 68.83 104.76
C PRO AE 78 8.21 68.76 105.86
N LYS AE 79 7.52 67.62 105.92
CA LYS AE 79 6.56 67.37 106.99
C LYS AE 79 6.52 65.87 107.25
N THR AE 80 6.52 65.50 108.52
CA THR AE 80 6.41 64.10 108.93
C THR AE 80 4.98 63.81 109.34
N LEU AE 81 4.51 62.61 109.01
CA LEU AE 81 3.09 62.29 109.12
C LEU AE 81 2.80 61.52 110.39
N ALA AE 82 1.52 61.19 110.58
CA ALA AE 82 1.06 60.45 111.75
C ALA AE 82 1.46 58.99 111.74
N ASN AE 83 1.98 58.49 110.62
CA ASN AE 83 2.50 57.14 110.54
C ASN AE 83 4.01 57.10 110.49
N GLY AE 84 4.68 58.25 110.62
CA GLY AE 84 6.13 58.32 110.61
C GLY AE 84 6.75 58.54 109.26
N ASN AE 85 5.97 58.50 108.18
CA ASN AE 85 6.52 58.72 106.85
C ASN AE 85 6.80 60.21 106.62
N ARG AE 86 7.64 60.48 105.63
CA ARG AE 86 8.07 61.84 105.31
C ARG AE 86 7.49 62.24 103.95
N THR AE 87 6.89 63.42 103.88
CA THR AE 87 6.43 64.01 102.64
C THR AE 87 6.88 65.46 102.56
N VAL AE 88 6.60 66.10 101.42
CA VAL AE 88 7.01 67.47 101.17
C VAL AE 88 5.80 68.28 100.73
N ASN AE 89 5.63 69.47 101.31
CA ASN AE 89 4.66 70.45 100.83
C ASN AE 89 5.42 71.48 100.00
N THR AE 90 4.79 71.94 98.91
CA THR AE 90 5.46 72.84 97.99
C THR AE 90 4.60 74.06 97.69
N VAL AE 91 5.28 75.16 97.40
CA VAL AE 91 4.65 76.34 96.81
C VAL AE 91 5.41 76.67 95.54
N SER AE 92 4.74 76.59 94.39
CA SER AE 92 5.38 76.84 93.11
C SER AE 92 4.89 78.15 92.53
N ILE AE 93 5.81 79.06 92.22
CA ILE AE 93 5.49 80.36 91.65
C ILE AE 93 6.21 80.45 90.30
N GLN AE 94 5.45 80.62 89.23
CA GLN AE 94 6.00 80.82 87.91
C GLN AE 94 5.58 82.19 87.37
N LEU AE 95 6.57 82.98 86.96
CA LEU AE 95 6.33 84.27 86.33
C LEU AE 95 6.72 84.10 84.86
N SER AE 96 5.79 84.41 83.97
CA SER AE 96 6.01 84.25 82.53
C SER AE 96 5.55 85.53 81.84
N VAL AE 97 6.52 86.39 81.53
CA VAL AE 97 6.25 87.64 80.85
C VAL AE 97 6.93 87.63 79.49
N ASP AE 98 6.45 88.49 78.59
CA ASP AE 98 7.12 88.72 77.32
C ASP AE 98 8.35 89.58 77.56
N PRO AE 99 9.39 89.41 76.74
CA PRO AE 99 10.62 90.19 76.95
C PRO AE 99 10.42 91.69 76.83
N GLU AE 100 9.39 92.14 76.12
CA GLU AE 100 9.10 93.55 75.97
C GLU AE 100 8.51 94.18 77.22
N THR AE 101 8.19 93.37 78.23
CA THR AE 101 7.61 93.89 79.46
C THR AE 101 8.63 94.70 80.24
N THR AE 102 8.18 95.82 80.78
CA THR AE 102 9.05 96.70 81.57
C THR AE 102 9.10 96.23 83.02
N ALA AE 103 10.06 96.78 83.75
CA ALA AE 103 10.24 96.40 85.15
C ALA AE 103 9.03 96.79 85.99
N ALA AE 104 8.43 97.94 85.70
CA ALA AE 104 7.30 98.40 86.49
C ALA AE 104 6.05 97.57 86.24
N GLU AE 105 5.87 97.04 85.03
CA GLU AE 105 4.76 96.15 84.76
C GLU AE 105 4.94 94.79 85.43
N VAL AE 106 6.20 94.42 85.69
CA VAL AE 106 6.46 93.17 86.40
C VAL AE 106 6.30 93.38 87.90
N THR AE 107 6.64 94.57 88.38
CA THR AE 107 6.48 94.91 89.78
C THR AE 107 5.01 94.89 90.18
N THR AE 108 4.13 95.27 89.24
CA THR AE 108 2.70 95.26 89.53
C THR AE 108 2.18 93.84 89.62
N MET AE 109 2.60 92.97 88.70
CA MET AE 109 2.16 91.58 88.72
C MET AE 109 2.60 90.87 90.00
N LEU AE 110 3.85 91.10 90.41
CA LEU AE 110 4.36 90.43 91.61
C LEU AE 110 3.64 90.92 92.85
N ASN AE 111 3.30 92.21 92.90
CA ASN AE 111 2.59 92.74 94.06
C ASN AE 111 1.15 92.23 94.09
N ALA AE 112 0.50 92.17 92.94
CA ALA AE 112 -0.85 91.62 92.88
C ALA AE 112 -0.86 90.14 93.25
N ALA AE 113 0.10 89.38 92.72
CA ALA AE 113 0.16 87.96 93.01
C ALA AE 113 0.61 87.69 94.44
N ALA AE 114 1.49 88.52 94.98
CA ALA AE 114 1.88 88.34 96.38
C ALA AE 114 0.70 88.57 97.31
N GLN AE 115 -0.19 89.50 96.95
CA GLN AE 115 -1.33 89.78 97.79
C GLN AE 115 -2.29 88.60 97.85
N LEU AE 116 -2.39 87.84 96.74
CA LEU AE 116 -3.21 86.63 96.74
C LEU AE 116 -2.37 85.48 97.31
N LEU AE 117 -1.66 85.78 98.39
CA LEU AE 117 -0.93 84.75 99.12
C LEU AE 117 -1.09 84.97 100.62
N PHE AE 118 -1.26 86.23 101.02
CA PHE AE 118 -1.31 86.59 102.42
C PHE AE 118 -2.51 87.45 102.80
N ASP AE 119 -3.31 87.90 101.84
CA ASP AE 119 -4.50 88.68 102.15
C ASP AE 119 -5.50 87.81 102.90
N SER AE 120 -6.11 88.39 103.94
CA SER AE 120 -7.00 87.64 104.82
C SER AE 120 -8.21 87.11 104.06
N ASP AE 121 -8.56 87.75 102.95
CA ASP AE 121 -9.71 87.34 102.16
C ASP AE 121 -9.51 85.95 101.57
N TYR AE 122 -8.31 85.67 101.08
CA TYR AE 122 -8.02 84.35 100.54
C TYR AE 122 -7.32 83.47 101.57
N SER AE 123 -7.99 83.19 102.68
CA SER AE 123 -7.43 82.28 103.66
C SER AE 123 -8.12 80.93 103.56
N ASP AE 124 -9.45 80.96 103.45
CA ASP AE 124 -10.22 79.73 103.30
C ASP AE 124 -9.87 79.02 102.00
N PHE AE 125 -9.42 79.75 100.99
CA PHE AE 125 -9.07 79.13 99.73
C PHE AE 125 -7.80 78.29 99.81
N TRP AE 126 -6.80 78.74 100.58
CA TRP AE 126 -5.54 78.01 100.67
C TRP AE 126 -5.62 76.89 101.71
N LYS AE 127 -6.12 77.20 102.91
CA LYS AE 127 -6.13 76.21 103.98
C LYS AE 127 -7.38 75.34 103.91
N ALA AE 128 -8.56 75.94 103.95
CA ALA AE 128 -9.79 75.17 103.87
C ALA AE 128 -10.08 74.68 102.46
N GLN AE 129 -9.33 75.17 101.48
CA GLN AE 129 -9.54 74.84 100.06
C GLN AE 129 -10.96 75.16 99.62
N ALA AE 130 -11.51 76.27 100.13
CA ALA AE 130 -12.87 76.69 99.86
C ALA AE 130 -12.87 77.70 98.71
N LEU AE 131 -13.42 77.30 97.57
CA LEU AE 131 -13.43 78.14 96.38
C LEU AE 131 -14.22 79.43 96.61
N ALA AE 132 -15.36 79.32 97.28
CA ALA AE 132 -16.17 80.49 97.59
C ALA AE 132 -17.11 80.21 98.75
N ALA BE 1 -50.15 101.38 68.20
CA ALA BE 1 -49.63 100.15 67.62
C ALA BE 1 -48.16 100.31 67.24
N ILE BE 2 -47.65 99.36 66.46
CA ILE BE 2 -46.24 99.36 66.10
C ILE BE 2 -45.89 100.60 65.28
N ALA BE 3 -46.72 100.93 64.29
CA ALA BE 3 -46.49 102.10 63.47
C ALA BE 3 -46.66 103.37 64.29
N ASN BE 4 -45.66 104.26 64.21
CA ASN BE 4 -45.66 105.54 64.92
C ASN BE 4 -45.71 105.35 66.44
N SER BE 5 -45.16 104.23 66.90
CA SER BE 5 -44.99 103.98 68.33
C SER BE 5 -43.80 104.79 68.83
N SER BE 6 -43.90 105.30 70.05
CA SER BE 6 -42.84 106.12 70.62
C SER BE 6 -42.09 105.35 71.70
N ILE BE 7 -40.76 105.42 71.65
CA ILE BE 7 -39.88 104.79 72.63
C ILE BE 7 -38.96 105.88 73.17
N ALA BE 8 -38.84 105.94 74.49
CA ALA BE 8 -38.01 106.96 75.15
C ALA BE 8 -36.60 106.40 75.34
N ILE BE 9 -35.66 106.89 74.54
CA ILE BE 9 -34.30 106.39 74.57
C ILE BE 9 -33.55 106.99 75.76
N ASP BE 10 -32.70 106.18 76.39
CA ASP BE 10 -31.91 106.56 77.56
C ASP BE 10 -32.82 107.02 78.70
N SER BE 11 -33.61 106.06 79.18
CA SER BE 11 -34.63 106.33 80.17
C SER BE 11 -34.49 105.38 81.35
N THR BE 12 -34.85 105.87 82.53
CA THR BE 12 -34.90 105.02 83.70
C THR BE 12 -36.22 104.24 83.71
N ALA BE 13 -36.12 102.93 83.92
CA ALA BE 13 -37.28 102.06 83.97
C ALA BE 13 -37.56 101.71 85.43
N SER BE 14 -38.70 102.16 85.94
CA SER BE 14 -39.12 101.80 87.28
C SER BE 14 -40.07 100.61 87.22
N VAL BE 15 -40.54 100.18 88.39
CA VAL BE 15 -41.54 99.13 88.48
C VAL BE 15 -42.23 99.22 89.84
N THR BE 16 -43.57 99.26 89.85
CA THR BE 16 -44.34 99.38 91.08
C THR BE 16 -45.59 98.53 90.95
N GLY BE 17 -45.50 97.25 91.33
CA GLY BE 17 -46.69 96.44 91.43
C GLY BE 17 -46.77 95.59 92.68
N GLY BE 18 -45.66 95.45 93.39
CA GLY BE 18 -45.62 94.59 94.56
C GLY BE 18 -45.31 93.15 94.21
N THR BE 19 -45.58 92.24 95.15
CA THR BE 19 -45.33 90.80 94.97
C THR BE 19 -43.85 90.55 94.67
N ALA BE 20 -43.00 90.93 95.62
CA ALA BE 20 -41.56 90.81 95.45
C ALA BE 20 -41.11 89.36 95.67
N ARG BE 21 -41.02 88.61 94.58
CA ARG BE 21 -40.57 87.23 94.66
C ARG BE 21 -39.05 87.16 94.74
N THR BE 22 -38.52 85.94 94.73
CA THR BE 22 -37.09 85.71 94.87
C THR BE 22 -36.64 84.67 93.86
N VAL BE 23 -35.57 84.99 93.12
CA VAL BE 23 -34.97 84.06 92.19
C VAL BE 23 -33.98 83.19 92.95
N LYS BE 24 -34.23 81.88 92.97
CA LYS BE 24 -33.36 80.92 93.63
C LYS BE 24 -32.74 80.02 92.58
N GLU BE 25 -31.41 79.88 92.63
CA GLU BE 25 -30.75 79.05 91.63
C GLU BE 25 -30.94 77.57 91.93
N LEU BE 26 -31.03 76.78 90.88
CA LEU BE 26 -31.21 75.34 91.01
C LEU BE 26 -29.92 74.60 90.69
N VAL BE 27 -29.39 74.73 89.48
CA VAL BE 27 -28.18 74.05 89.05
C VAL BE 27 -27.32 75.05 88.27
N ARG BE 28 -26.20 74.57 87.76
CA ARG BE 28 -25.28 75.43 87.03
C ARG BE 28 -24.87 74.88 85.67
N ASN BE 29 -24.85 73.56 85.49
CA ASN BE 29 -24.21 72.85 84.38
C ASN BE 29 -23.14 73.66 83.65
N ASN BE 30 -23.09 73.55 82.33
CA ASN BE 30 -21.97 74.07 81.54
C ASN BE 30 -22.23 75.54 81.19
N SER BE 31 -21.56 76.44 81.91
CA SER BE 31 -21.60 77.88 81.62
C SER BE 31 -23.03 78.39 81.56
N GLU BE 32 -23.85 77.89 82.46
CA GLU BE 32 -25.27 78.24 82.52
C GLU BE 32 -25.64 78.50 83.97
N LEU BE 33 -26.88 78.90 84.20
CA LEU BE 33 -27.38 79.07 85.56
C LEU BE 33 -28.89 78.91 85.54
N ASN BE 34 -29.38 77.74 85.94
CA ASN BE 34 -30.81 77.49 85.95
C ASN BE 34 -31.37 77.84 87.32
N ALA BE 35 -32.26 78.82 87.35
CA ALA BE 35 -32.90 79.27 88.58
C ALA BE 35 -34.42 79.09 88.46
N TYR BE 36 -35.14 79.55 89.47
CA TYR BE 36 -36.59 79.49 89.46
C TYR BE 36 -37.12 80.59 90.37
N ILE BE 37 -38.35 81.04 90.10
CA ILE BE 37 -38.96 82.09 90.89
C ILE BE 37 -39.81 81.46 91.98
N ASP BE 38 -39.57 81.86 93.23
CA ASP BE 38 -40.21 81.24 94.38
C ASP BE 38 -41.54 81.96 94.64
N GLU BE 39 -42.62 81.38 94.13
CA GLU BE 39 -43.96 81.90 94.33
C GLU BE 39 -44.87 80.95 95.10
N GLY BE 40 -44.35 79.83 95.59
CA GLY BE 40 -45.13 78.87 96.31
C GLY BE 40 -45.94 77.90 95.46
N LEU BE 41 -45.71 77.87 94.15
CA LEU BE 41 -46.43 76.96 93.27
C LEU BE 41 -45.88 75.54 93.44
N SER BE 42 -46.42 74.62 92.66
CA SER BE 42 -45.97 73.24 92.72
C SER BE 42 -44.57 73.11 92.16
N PHE BE 43 -44.01 71.90 92.27
CA PHE BE 43 -42.64 71.66 91.83
C PHE BE 43 -42.54 71.75 90.31
N GLN BE 44 -43.49 71.15 89.59
CA GLN BE 44 -43.50 71.20 88.13
C GLN BE 44 -44.50 72.22 87.60
N ALA BE 45 -44.80 73.25 88.41
CA ALA BE 45 -45.60 74.37 87.92
C ALA BE 45 -44.92 75.70 88.20
N ARG BE 46 -43.70 75.71 88.73
CA ARG BE 46 -42.98 76.94 89.02
C ARG BE 46 -42.37 77.51 87.76
N LYS BE 47 -42.05 78.80 87.77
CA LYS BE 47 -41.42 79.44 86.61
C LYS BE 47 -39.92 79.42 86.80
N GLU BE 48 -39.21 78.71 85.91
CA GLU BE 48 -37.76 78.62 85.94
C GLU BE 48 -37.19 79.54 84.87
N VAL BE 49 -36.28 80.42 85.28
CA VAL BE 49 -35.56 81.26 84.33
C VAL BE 49 -34.12 80.80 84.25
N ALA BE 50 -33.64 80.57 83.02
CA ALA BE 50 -32.30 80.06 82.78
C ALA BE 50 -31.41 81.15 82.19
N PHE BE 51 -30.18 81.22 82.70
CA PHE BE 51 -29.18 82.18 82.26
C PHE BE 51 -28.02 81.45 81.59
N SER BE 52 -27.33 82.15 80.69
CA SER BE 52 -26.19 81.57 80.00
C SER BE 52 -25.33 82.66 79.39
N VAL BE 53 -24.02 82.40 79.31
CA VAL BE 53 -23.08 83.32 78.69
C VAL BE 53 -22.24 82.56 77.67
N LYS BE 54 -21.75 83.30 76.67
CA LYS BE 54 -21.00 82.75 75.56
C LYS BE 54 -19.80 83.65 75.26
N VAL BE 55 -18.98 83.89 76.29
CA VAL BE 55 -17.85 84.83 76.28
C VAL BE 55 -17.06 84.78 74.98
N PRO BE 56 -16.53 85.92 74.51
CA PRO BE 56 -15.91 85.98 73.18
C PRO BE 56 -14.67 85.10 73.08
N LYS BE 57 -14.42 84.64 71.86
CA LYS BE 57 -13.31 83.75 71.54
C LYS BE 57 -12.49 84.39 70.44
N VAL BE 58 -11.18 84.52 70.65
CA VAL BE 58 -10.31 85.24 69.73
C VAL BE 58 -10.29 84.54 68.37
N SER BE 59 -10.81 85.21 67.35
CA SER BE 59 -10.89 84.66 66.01
C SER BE 59 -9.98 85.44 65.06
N VAL BE 60 -9.94 85.03 63.80
CA VAL BE 60 -9.24 85.74 62.75
C VAL BE 60 -10.20 86.56 61.89
N SER BE 61 -11.41 86.05 61.70
CA SER BE 61 -12.54 86.73 61.11
C SER BE 61 -13.13 87.68 62.16
N ALA BE 62 -14.41 88.05 62.01
CA ALA BE 62 -15.07 88.95 62.95
C ALA BE 62 -14.47 90.34 62.89
N PRO BE 63 -14.90 91.15 61.92
CA PRO BE 63 -14.20 92.42 61.64
C PRO BE 63 -14.30 93.40 62.79
N GLY BE 64 -13.32 93.30 63.68
CA GLY BE 64 -13.34 93.86 65.01
C GLY BE 64 -12.51 92.99 65.93
N GLY BE 65 -12.14 91.81 65.43
CA GLY BE 65 -11.15 90.98 66.07
C GLY BE 65 -11.63 89.60 66.49
N PHE BE 66 -12.82 89.52 67.08
CA PHE BE 66 -13.36 88.28 67.58
C PHE BE 66 -14.85 88.40 67.92
N THR BE 67 -15.47 87.24 68.13
CA THR BE 67 -16.91 87.11 68.21
C THR BE 67 -17.49 87.94 69.36
N GLN BE 68 -18.81 88.11 69.32
CA GLN BE 68 -19.52 88.94 70.27
C GLN BE 68 -19.80 88.18 71.56
N ALA BE 69 -20.25 88.93 72.57
CA ALA BE 69 -20.59 88.38 73.88
C ALA BE 69 -22.10 88.29 74.01
N ARG BE 70 -22.66 87.14 73.64
CA ARG BE 70 -24.09 86.90 73.76
C ARG BE 70 -24.45 86.47 75.18
N SER BE 71 -25.57 86.99 75.67
CA SER BE 71 -26.10 86.62 76.99
C SER BE 71 -27.58 86.27 76.80
N THR BE 72 -27.95 85.07 77.21
CA THR BE 72 -29.32 84.60 77.00
C THR BE 72 -30.07 84.45 78.32
N VAL BE 73 -31.37 84.75 78.27
CA VAL BE 73 -32.27 84.54 79.39
C VAL BE 73 -33.56 83.93 78.86
N ILE BE 74 -33.87 82.72 79.28
CA ILE BE 74 -35.12 82.06 78.91
C ILE BE 74 -35.98 81.90 80.16
N LEU BE 75 -37.18 82.46 80.11
CA LEU BE 75 -38.14 82.39 81.21
C LEU BE 75 -39.22 81.40 80.81
N LYS BE 76 -39.29 80.29 81.54
CA LYS BE 76 -40.26 79.24 81.23
C LYS BE 76 -41.41 79.29 82.23
N SER BE 77 -42.61 79.58 81.73
CA SER BE 77 -43.80 79.67 82.56
C SER BE 77 -44.75 78.54 82.20
N PRO BE 78 -44.89 77.50 83.03
CA PRO BE 78 -45.73 76.37 82.66
C PRO BE 78 -47.21 76.73 82.70
N LYS BE 79 -48.00 76.00 81.92
CA LYS BE 79 -49.43 76.24 81.84
C LYS BE 79 -50.15 74.93 81.59
N THR BE 80 -51.23 74.70 82.35
CA THR BE 80 -52.09 73.53 82.17
C THR BE 80 -53.24 73.92 81.25
N LEU BE 81 -53.38 73.20 80.14
CA LEU BE 81 -54.40 73.54 79.16
C LEU BE 81 -55.75 72.94 79.54
N ALA BE 82 -56.80 73.39 78.84
CA ALA BE 82 -58.15 72.89 79.12
C ALA BE 82 -58.27 71.41 78.81
N ASN BE 83 -57.62 70.95 77.74
CA ASN BE 83 -57.65 69.53 77.40
C ASN BE 83 -57.03 68.68 78.50
N GLY BE 84 -56.21 69.28 79.36
CA GLY BE 84 -55.69 68.57 80.50
C GLY BE 84 -54.18 68.44 80.49
N ASN BE 85 -53.58 68.43 79.31
CA ASN BE 85 -52.14 68.29 79.19
C ASN BE 85 -51.43 69.56 79.66
N ARG BE 86 -50.11 69.50 79.68
CA ARG BE 86 -49.27 70.58 80.16
C ARG BE 86 -48.37 71.08 79.04
N THR BE 87 -48.08 72.37 79.07
CA THR BE 87 -47.22 73.01 78.08
C THR BE 87 -46.49 74.14 78.78
N VAL BE 88 -45.40 74.60 78.19
CA VAL BE 88 -44.59 75.68 78.75
C VAL BE 88 -44.61 76.86 77.79
N ASN BE 89 -44.82 78.05 78.34
CA ASN BE 89 -44.79 79.30 77.58
C ASN BE 89 -43.46 79.98 77.92
N THR BE 90 -42.67 80.27 76.88
CA THR BE 90 -41.31 80.72 77.10
C THR BE 90 -41.10 82.14 76.56
N VAL BE 91 -40.15 82.85 77.18
CA VAL BE 91 -39.72 84.17 76.74
C VAL BE 91 -38.20 84.21 76.72
N SER BE 92 -37.60 84.03 75.54
CA SER BE 92 -36.15 84.07 75.44
C SER BE 92 -35.66 85.46 75.06
N ILE BE 93 -34.49 85.83 75.58
CA ILE BE 93 -33.88 87.13 75.31
C ILE BE 93 -32.38 86.93 75.11
N GLN BE 94 -31.83 87.50 74.04
CA GLN BE 94 -30.41 87.38 73.73
C GLN BE 94 -29.79 88.75 73.51
N LEU BE 95 -28.51 88.88 73.83
CA LEU BE 95 -27.80 90.15 73.83
C LEU BE 95 -26.45 90.01 73.11
N SER BE 96 -26.48 89.54 71.88
CA SER BE 96 -25.26 89.41 71.07
C SER BE 96 -24.73 90.80 70.77
N VAL BE 97 -23.77 91.24 71.58
CA VAL BE 97 -23.12 92.53 71.40
C VAL BE 97 -21.62 92.33 71.28
N ASP BE 98 -21.01 93.14 70.43
CA ASP BE 98 -19.59 93.03 70.18
C ASP BE 98 -18.81 93.41 71.44
N PRO BE 99 -17.76 92.67 71.79
CA PRO BE 99 -17.11 92.86 73.10
C PRO BE 99 -16.46 94.23 73.31
N GLU BE 100 -16.22 95.00 72.25
CA GLU BE 100 -15.69 96.35 72.40
C GLU BE 100 -16.74 97.33 72.92
N THR BE 101 -17.99 96.90 73.04
CA THR BE 101 -19.08 97.80 73.38
C THR BE 101 -18.96 98.32 74.80
N THR BE 102 -19.21 99.61 74.98
CA THR BE 102 -19.21 100.19 76.30
C THR BE 102 -20.48 99.81 77.06
N ALA BE 103 -20.43 99.96 78.38
CA ALA BE 103 -21.58 99.60 79.22
C ALA BE 103 -22.69 100.64 79.18
N ALA BE 104 -22.41 101.85 78.70
CA ALA BE 104 -23.44 102.87 78.62
C ALA BE 104 -24.44 102.57 77.51
N GLU BE 105 -23.94 102.19 76.33
CA GLU BE 105 -24.84 101.90 75.22
C GLU BE 105 -25.51 100.55 75.39
N VAL BE 106 -24.87 99.61 76.10
CA VAL BE 106 -25.55 98.38 76.49
C VAL BE 106 -26.75 98.70 77.37
N THR BE 107 -26.57 99.61 78.32
CA THR BE 107 -27.69 100.07 79.14
C THR BE 107 -28.75 100.74 78.27
N THR BE 108 -28.32 101.52 77.28
CA THR BE 108 -29.25 102.12 76.33
C THR BE 108 -30.03 101.05 75.58
N MET BE 109 -29.32 100.03 75.10
CA MET BE 109 -29.96 98.95 74.35
C MET BE 109 -30.90 98.15 75.23
N LEU BE 110 -30.49 97.86 76.46
CA LEU BE 110 -31.33 97.08 77.37
C LEU BE 110 -32.59 97.85 77.72
N ASN BE 111 -32.47 99.16 77.91
CA ASN BE 111 -33.64 99.99 78.20
C ASN BE 111 -34.58 100.05 77.00
N ALA BE 112 -34.03 100.25 75.80
CA ALA BE 112 -34.86 100.31 74.61
C ALA BE 112 -35.58 98.98 74.36
N ALA BE 113 -34.86 97.87 74.49
CA ALA BE 113 -35.45 96.55 74.37
C ALA BE 113 -36.48 96.26 75.46
N ALA BE 114 -36.19 96.60 76.71
CA ALA BE 114 -37.15 96.40 77.78
C ALA BE 114 -38.25 97.46 77.76
N GLN BE 115 -38.08 98.53 77.01
CA GLN BE 115 -39.17 99.49 76.80
C GLN BE 115 -40.29 98.89 75.97
N LEU BE 116 -39.95 97.97 75.08
CA LEU BE 116 -40.93 97.05 74.52
C LEU BE 116 -41.32 96.06 75.61
N LEU BE 117 -42.29 95.18 75.31
CA LEU BE 117 -42.79 94.17 76.24
C LEU BE 117 -43.59 94.76 77.39
N PHE BE 118 -43.62 96.09 77.56
CA PHE BE 118 -44.55 96.64 78.53
C PHE BE 118 -45.17 97.93 78.04
N ASP BE 119 -44.74 98.40 76.87
CA ASP BE 119 -45.35 99.57 76.27
C ASP BE 119 -46.72 99.21 75.73
N SER BE 120 -47.65 100.16 75.82
CA SER BE 120 -49.02 99.93 75.40
C SER BE 120 -49.16 99.73 73.90
N ASP BE 121 -48.28 100.32 73.10
CA ASP BE 121 -48.39 100.21 71.66
C ASP BE 121 -48.21 98.76 71.19
N TYR BE 122 -47.34 98.02 71.86
CA TYR BE 122 -47.02 96.67 71.45
C TYR BE 122 -47.86 95.60 72.13
N SER BE 123 -48.85 96.01 72.94
CA SER BE 123 -49.73 95.07 73.62
C SER BE 123 -50.39 94.10 72.63
N ASP BE 124 -50.95 94.64 71.54
CA ASP BE 124 -51.63 93.79 70.57
C ASP BE 124 -50.64 92.91 69.81
N PHE BE 125 -49.44 93.40 69.58
CA PHE BE 125 -48.43 92.60 68.89
C PHE BE 125 -48.03 91.38 69.71
N TRP BE 126 -47.77 91.58 71.01
CA TRP BE 126 -47.38 90.47 71.85
C TRP BE 126 -48.55 89.53 72.14
N LYS BE 127 -49.78 90.02 72.16
CA LYS BE 127 -50.93 89.21 72.56
C LYS BE 127 -51.65 88.64 71.34
N ALA BE 128 -52.05 89.46 70.39
CA ALA BE 128 -52.81 88.99 69.23
C ALA BE 128 -51.96 88.85 67.97
N GLN BE 129 -50.67 89.16 68.04
CA GLN BE 129 -49.76 89.12 66.89
C GLN BE 129 -50.20 90.11 65.81
N ALA BE 130 -50.77 91.23 66.25
CA ALA BE 130 -51.20 92.29 65.33
C ALA BE 130 -49.97 93.06 64.87
N LEU BE 131 -49.34 92.55 63.81
CA LEU BE 131 -48.19 93.22 63.21
C LEU BE 131 -48.62 94.60 62.69
N ALA BE 132 -49.54 94.61 61.74
CA ALA BE 132 -50.13 95.85 61.27
C ALA BE 132 -51.35 96.18 62.11
N ALA CE 1 86.26 6.55 97.30
CA ALA CE 1 87.67 6.53 97.67
C ALA CE 1 88.50 5.93 96.54
N ILE CE 2 87.91 5.92 95.34
CA ILE CE 2 88.66 5.65 94.12
C ILE CE 2 89.25 6.96 93.65
N ALA CE 3 90.42 7.31 94.17
CA ALA CE 3 91.06 8.59 93.87
C ALA CE 3 92.54 8.45 94.11
N ASN CE 4 93.00 8.84 95.29
CA ASN CE 4 94.37 8.51 95.68
C ASN CE 4 94.35 7.28 96.58
N SER CE 5 93.93 6.14 96.04
CA SER CE 5 93.89 4.89 96.77
C SER CE 5 95.29 4.26 96.83
N SER CE 6 95.36 2.98 97.17
CA SER CE 6 96.64 2.29 97.16
C SER CE 6 96.39 0.81 96.87
N ILE CE 7 97.28 0.21 96.07
CA ILE CE 7 97.18 -1.19 95.71
C ILE CE 7 98.59 -1.74 95.51
N ALA CE 8 98.85 -2.91 96.08
CA ALA CE 8 100.17 -3.54 95.96
C ALA CE 8 100.22 -4.35 94.66
N ILE CE 9 101.23 -4.09 93.85
CA ILE CE 9 101.39 -4.74 92.56
C ILE CE 9 102.50 -5.77 92.67
N ASP CE 10 102.25 -6.97 92.14
CA ASP CE 10 103.16 -8.11 92.24
C ASP CE 10 103.39 -8.50 93.69
N SER CE 11 102.30 -8.85 94.36
CA SER CE 11 102.32 -9.17 95.79
C SER CE 11 101.55 -10.46 96.04
N THR CE 12 101.82 -11.06 97.20
CA THR CE 12 101.16 -12.30 97.60
C THR CE 12 99.97 -11.99 98.48
N ALA CE 13 98.82 -12.58 98.13
CA ALA CE 13 97.58 -12.41 98.88
C ALA CE 13 97.30 -13.66 99.70
N SER CE 14 96.76 -13.45 100.90
CA SER CE 14 96.51 -14.54 101.83
C SER CE 14 95.14 -14.35 102.48
N VAL CE 15 94.67 -15.40 103.13
CA VAL CE 15 93.36 -15.41 103.79
C VAL CE 15 93.54 -15.99 105.18
N THR CE 16 92.96 -15.33 106.18
CA THR CE 16 92.98 -15.81 107.56
C THR CE 16 91.56 -15.91 108.08
N GLY CE 17 91.34 -16.90 108.95
CA GLY CE 17 90.04 -17.07 109.57
C GLY CE 17 89.02 -17.66 108.62
N GLY CE 18 87.74 -17.38 108.91
CA GLY CE 18 86.66 -17.94 108.12
C GLY CE 18 86.46 -19.41 108.40
N THR CE 19 85.60 -20.01 107.58
CA THR CE 19 85.26 -21.43 107.70
C THR CE 19 85.52 -22.09 106.36
N ALA CE 20 86.55 -22.94 106.29
CA ALA CE 20 86.91 -23.62 105.06
C ALA CE 20 85.76 -24.51 104.56
N ARG CE 21 85.17 -24.14 103.44
CA ARG CE 21 84.13 -24.92 102.80
C ARG CE 21 84.76 -25.79 101.71
N THR CE 22 83.94 -26.41 100.88
CA THR CE 22 84.44 -27.28 99.81
C THR CE 22 83.62 -27.02 98.56
N VAL CE 23 84.30 -26.93 97.42
CA VAL CE 23 83.63 -26.70 96.13
C VAL CE 23 83.35 -28.08 95.56
N LYS CE 24 82.07 -28.46 95.56
CA LYS CE 24 81.68 -29.77 95.05
C LYS CE 24 81.21 -29.65 93.60
N GLU CE 25 81.75 -30.51 92.75
CA GLU CE 25 81.47 -30.46 91.32
C GLU CE 25 80.13 -31.14 91.01
N LEU CE 26 79.38 -30.54 90.09
CA LEU CE 26 78.05 -31.05 89.77
C LEU CE 26 78.08 -31.57 88.35
N VAL CE 27 78.38 -30.73 87.35
CA VAL CE 27 78.41 -31.13 85.95
C VAL CE 27 79.54 -30.38 85.27
N ARG CE 28 80.27 -31.07 84.40
CA ARG CE 28 81.23 -30.44 83.51
C ARG CE 28 80.80 -30.77 82.07
N ASN CE 29 80.45 -29.73 81.32
CA ASN CE 29 79.96 -29.91 79.96
C ASN CE 29 80.06 -28.60 79.21
N ASN CE 30 80.17 -28.70 77.89
CA ASN CE 30 80.08 -27.54 76.99
C ASN CE 30 81.07 -26.45 77.40
N SER CE 31 82.27 -26.86 77.80
CA SER CE 31 83.31 -25.95 78.28
C SER CE 31 82.89 -25.22 79.56
N GLU CE 32 81.92 -25.79 80.27
CA GLU CE 32 81.39 -25.22 81.50
C GLU CE 32 81.58 -26.23 82.62
N LEU CE 33 81.85 -25.74 83.84
CA LEU CE 33 81.95 -26.60 85.02
C LEU CE 33 81.03 -26.00 86.10
N ASN CE 34 79.84 -26.58 86.22
CA ASN CE 34 78.93 -26.18 87.28
C ASN CE 34 79.30 -26.86 88.59
N ALA CE 35 79.32 -26.09 89.66
CA ALA CE 35 79.71 -26.59 90.97
C ALA CE 35 78.94 -25.82 92.03
N TYR CE 36 79.16 -26.16 93.29
CA TYR CE 36 78.49 -25.49 94.39
C TYR CE 36 79.38 -25.56 95.63
N ILE CE 37 79.27 -24.55 96.46
CA ILE CE 37 80.01 -24.49 97.72
C ILE CE 37 79.18 -25.17 98.79
N ASP CE 38 79.80 -26.06 99.55
CA ASP CE 38 79.12 -26.88 100.54
C ASP CE 38 79.24 -26.19 101.90
N GLU CE 39 78.16 -25.54 102.32
CA GLU CE 39 78.08 -24.93 103.64
C GLU CE 39 77.02 -25.58 104.52
N GLY CE 40 76.50 -26.73 104.12
CA GLY CE 40 75.43 -27.37 104.86
C GLY CE 40 74.15 -26.55 104.83
N LEU CE 41 73.80 -26.06 103.65
CA LEU CE 41 72.59 -25.27 103.44
C LEU CE 41 71.61 -26.07 102.59
N SER CE 42 70.42 -25.52 102.40
CA SER CE 42 69.40 -26.16 101.59
C SER CE 42 69.70 -25.94 100.11
N PHE CE 43 69.01 -26.68 99.25
CA PHE CE 43 69.22 -26.57 97.81
C PHE CE 43 68.82 -25.20 97.29
N GLN CE 44 67.74 -24.62 97.80
CA GLN CE 44 67.29 -23.31 97.37
C GLN CE 44 68.23 -22.18 97.78
N ALA CE 45 69.10 -22.41 98.76
CA ALA CE 45 70.08 -21.41 99.15
C ALA CE 45 71.45 -22.11 99.17
N ARG CE 46 72.07 -22.19 98.01
CA ARG CE 46 73.40 -22.78 97.86
C ARG CE 46 74.38 -21.67 97.49
N LYS CE 47 75.62 -21.96 97.11
CA LYS CE 47 76.55 -20.94 96.64
C LYS CE 47 77.14 -21.41 95.31
N GLU CE 48 76.27 -21.78 94.38
CA GLU CE 48 76.71 -22.32 93.09
C GLU CE 48 77.69 -21.37 92.40
N VAL CE 49 78.79 -21.93 91.90
CA VAL CE 49 79.79 -21.18 91.16
C VAL CE 49 80.05 -21.92 89.85
N ALA CE 50 80.04 -21.19 88.74
CA ALA CE 50 80.19 -21.76 87.41
C ALA CE 50 81.51 -21.33 86.79
N PHE CE 51 82.29 -22.31 86.34
CA PHE CE 51 83.57 -22.08 85.69
C PHE CE 51 83.43 -22.39 84.20
N SER CE 52 83.79 -21.43 83.36
CA SER CE 52 83.72 -21.62 81.92
C SER CE 52 85.00 -21.16 81.27
N VAL CE 53 85.35 -21.80 80.15
CA VAL CE 53 86.58 -21.51 79.44
C VAL CE 53 86.26 -21.35 77.96
N LYS CE 54 86.88 -20.33 77.35
CA LYS CE 54 86.70 -20.00 75.93
C LYS CE 54 88.08 -19.96 75.28
N VAL CE 55 88.45 -21.05 74.61
CA VAL CE 55 89.79 -21.21 74.05
C VAL CE 55 89.97 -20.33 72.82
N PRO CE 56 91.18 -19.86 72.53
CA PRO CE 56 91.39 -18.99 71.36
C PRO CE 56 91.26 -19.75 70.05
N LYS CE 57 90.86 -19.02 69.02
CA LYS CE 57 90.76 -19.55 67.67
C LYS CE 57 91.57 -18.68 66.72
N VAL CE 58 92.01 -19.28 65.62
CA VAL CE 58 92.82 -18.56 64.64
C VAL CE 58 91.97 -17.49 63.96
N SER CE 59 92.57 -16.33 63.70
CA SER CE 59 91.87 -15.22 63.07
C SER CE 59 92.81 -14.54 62.08
N VAL CE 60 92.27 -13.54 61.38
CA VAL CE 60 93.08 -12.69 60.52
C VAL CE 60 93.27 -11.30 61.10
N SER CE 61 92.26 -10.76 61.77
CA SER CE 61 92.35 -9.58 62.62
C SER CE 61 92.96 -10.01 63.96
N ALA CE 62 92.74 -9.20 65.02
CA ALA CE 62 93.23 -9.58 66.33
C ALA CE 62 94.75 -9.64 66.34
N PRO CE 63 95.42 -8.50 66.51
CA PRO CE 63 96.80 -8.35 66.05
C PRO CE 63 97.78 -9.27 66.76
N GLY CE 64 97.94 -10.46 66.19
CA GLY CE 64 98.64 -11.56 66.81
C GLY CE 64 98.05 -12.88 66.37
N GLY CE 65 96.94 -12.82 65.65
CA GLY CE 65 96.47 -13.97 64.91
C GLY CE 65 95.31 -14.71 65.53
N PHE CE 66 95.16 -14.62 66.85
CA PHE CE 66 94.12 -15.36 67.54
C PHE CE 66 93.32 -14.45 68.45
N THR CE 67 92.08 -14.87 68.70
CA THR CE 67 91.24 -14.22 69.68
C THR CE 67 91.79 -14.46 71.08
N GLN CE 68 91.32 -13.67 72.04
CA GLN CE 68 91.81 -13.79 73.39
C GLN CE 68 91.25 -15.04 74.07
N ALA CE 69 91.97 -15.53 75.07
CA ALA CE 69 91.55 -16.69 75.84
C ALA CE 69 90.78 -16.20 77.07
N ARG CE 70 89.47 -16.44 77.08
CA ARG CE 70 88.61 -15.98 78.15
C ARG CE 70 88.36 -17.08 79.18
N SER CE 71 88.40 -16.71 80.45
CA SER CE 71 88.08 -17.60 81.57
C SER CE 71 87.10 -16.84 82.46
N THR CE 72 85.92 -17.42 82.66
CA THR CE 72 84.87 -16.74 83.39
C THR CE 72 84.43 -17.55 84.60
N VAL CE 73 84.26 -16.86 85.72
CA VAL CE 73 83.73 -17.45 86.94
C VAL CE 73 82.55 -16.63 87.43
N ILE CE 74 81.39 -17.28 87.56
CA ILE CE 74 80.22 -16.63 88.14
C ILE CE 74 79.86 -17.32 89.45
N LEU CE 75 79.78 -16.55 90.52
CA LEU CE 75 79.39 -17.03 91.84
C LEU CE 75 77.96 -16.56 92.09
N LYS CE 76 77.07 -17.49 92.40
CA LYS CE 76 75.67 -17.17 92.64
C LYS CE 76 75.34 -17.25 94.12
N SER CE 77 74.66 -16.23 94.61
CA SER CE 77 74.26 -16.16 96.02
C SER CE 77 72.76 -15.91 96.10
N PRO CE 78 71.96 -16.94 96.36
CA PRO CE 78 70.53 -16.72 96.58
C PRO CE 78 70.24 -15.89 97.82
N LYS CE 79 69.48 -14.81 97.66
CA LYS CE 79 69.03 -14.00 98.77
C LYS CE 79 67.52 -14.09 98.89
N THR CE 80 67.03 -14.14 100.12
CA THR CE 80 65.60 -14.19 100.39
C THR CE 80 65.15 -12.82 100.90
N LEU CE 81 64.15 -12.26 100.24
CA LEU CE 81 63.75 -10.88 100.48
C LEU CE 81 62.72 -10.81 101.61
N ALA CE 82 62.35 -9.58 101.97
CA ALA CE 82 61.38 -9.38 103.04
C ALA CE 82 60.02 -9.97 102.66
N ASN CE 83 59.58 -9.73 101.43
CA ASN CE 83 58.31 -10.29 100.97
C ASN CE 83 58.36 -11.81 100.92
N GLY CE 84 59.51 -12.36 100.52
CA GLY CE 84 59.67 -13.80 100.51
C GLY CE 84 60.07 -14.34 99.15
N ASN CE 85 60.14 -13.45 98.16
CA ASN CE 85 60.62 -13.85 96.84
C ASN CE 85 62.11 -14.12 96.88
N ARG CE 86 62.56 -14.99 95.98
CA ARG CE 86 63.96 -15.39 95.92
C ARG CE 86 64.68 -14.67 94.79
N THR CE 87 65.82 -14.07 95.12
CA THR CE 87 66.69 -13.44 94.14
C THR CE 87 68.10 -13.98 94.32
N VAL CE 88 68.86 -13.97 93.23
CA VAL CE 88 70.24 -14.46 93.23
C VAL CE 88 71.17 -13.27 92.99
N ASN CE 89 72.12 -13.08 93.91
CA ASN CE 89 73.16 -12.06 93.77
C ASN CE 89 74.39 -12.75 93.16
N THR CE 90 74.91 -12.18 92.08
CA THR CE 90 75.99 -12.79 91.34
C THR CE 90 77.23 -11.91 91.31
N VAL CE 91 78.39 -12.55 91.27
CA VAL CE 91 79.65 -11.89 90.98
C VAL CE 91 80.29 -12.56 89.78
N SER CE 92 80.54 -11.81 88.73
CA SER CE 92 81.20 -12.35 87.54
C SER CE 92 82.63 -11.88 87.48
N ILE CE 93 83.53 -12.80 87.13
CA ILE CE 93 84.95 -12.49 86.98
C ILE CE 93 85.37 -13.08 85.64
N GLN CE 94 85.68 -12.21 84.68
CA GLN CE 94 86.09 -12.62 83.34
C GLN CE 94 87.49 -12.11 83.07
N LEU CE 95 88.40 -13.02 82.72
CA LEU CE 95 89.77 -12.67 82.38
C LEU CE 95 90.00 -12.99 80.91
N SER CE 96 90.38 -11.98 80.13
CA SER CE 96 90.68 -12.15 78.72
C SER CE 96 92.14 -11.74 78.49
N VAL CE 97 92.99 -12.72 78.16
CA VAL CE 97 94.38 -12.45 77.85
C VAL CE 97 94.67 -12.95 76.44
N ASP CE 98 95.60 -12.27 75.78
CA ASP CE 98 96.14 -12.79 74.54
C ASP CE 98 96.95 -14.05 74.82
N PRO CE 99 96.93 -15.02 73.91
CA PRO CE 99 97.68 -16.27 74.15
C PRO CE 99 99.18 -16.07 74.31
N GLU CE 100 99.74 -14.95 73.84
CA GLU CE 100 101.16 -14.68 74.04
C GLU CE 100 101.48 -14.30 75.48
N THR CE 101 100.47 -14.07 76.32
CA THR CE 101 100.69 -13.56 77.65
C THR CE 101 101.34 -14.60 78.56
N THR CE 102 102.42 -14.20 79.24
CA THR CE 102 103.13 -15.09 80.13
C THR CE 102 102.33 -15.32 81.40
N ALA CE 103 102.74 -16.34 82.16
CA ALA CE 103 102.05 -16.66 83.40
C ALA CE 103 102.34 -15.64 84.49
N ALA CE 104 103.48 -14.95 84.39
CA ALA CE 104 103.79 -13.90 85.36
C ALA CE 104 102.95 -12.65 85.12
N GLU CE 105 102.61 -12.37 83.86
CA GLU CE 105 101.72 -11.25 83.58
C GLU CE 105 100.29 -11.54 83.99
N VAL CE 106 99.86 -12.81 83.88
CA VAL CE 106 98.53 -13.18 84.34
C VAL CE 106 98.45 -13.16 85.86
N THR CE 107 99.51 -13.60 86.53
CA THR CE 107 99.53 -13.56 87.99
C THR CE 107 99.43 -12.13 88.51
N THR CE 108 100.15 -11.20 87.88
CA THR CE 108 100.05 -9.80 88.27
C THR CE 108 98.62 -9.28 88.07
N MET CE 109 98.00 -9.64 86.95
CA MET CE 109 96.63 -9.22 86.68
C MET CE 109 95.67 -9.81 87.70
N LEU CE 110 95.86 -11.08 88.05
CA LEU CE 110 94.98 -11.74 89.00
C LEU CE 110 95.10 -11.12 90.39
N ASN CE 111 96.32 -10.81 90.82
CA ASN CE 111 96.52 -10.31 92.17
C ASN CE 111 96.06 -8.87 92.31
N ALA CE 112 96.31 -8.04 91.30
CA ALA CE 112 95.85 -6.65 91.35
C ALA CE 112 94.32 -6.58 91.32
N ALA CE 113 93.69 -7.49 90.59
CA ALA CE 113 92.23 -7.50 90.54
C ALA CE 113 91.61 -8.03 91.83
N ALA CE 114 92.34 -8.86 92.56
CA ALA CE 114 91.83 -9.38 93.82
C ALA CE 114 91.69 -8.28 94.86
N GLN CE 115 92.72 -7.44 94.98
CA GLN CE 115 92.63 -6.28 95.88
C GLN CE 115 91.63 -5.25 95.41
N LEU CE 116 91.25 -5.26 94.13
CA LEU CE 116 90.25 -4.32 93.65
C LEU CE 116 88.89 -4.61 94.26
N LEU CE 117 88.67 -5.81 94.78
CA LEU CE 117 87.38 -6.16 95.37
C LEU CE 117 87.51 -6.63 96.83
N PHE CE 118 88.66 -6.40 97.46
CA PHE CE 118 88.70 -6.56 98.91
C PHE CE 118 89.46 -5.46 99.65
N ASP CE 119 90.16 -4.56 98.98
CA ASP CE 119 90.77 -3.42 99.66
C ASP CE 119 89.70 -2.47 100.17
N SER CE 120 89.98 -1.85 101.32
CA SER CE 120 88.96 -1.06 102.00
C SER CE 120 88.60 0.19 101.21
N ASP CE 121 89.52 0.70 100.39
CA ASP CE 121 89.27 1.91 99.62
C ASP CE 121 88.13 1.72 98.61
N TYR CE 122 87.82 0.47 98.28
CA TYR CE 122 86.78 0.22 97.28
C TYR CE 122 85.51 -0.31 97.94
N SER CE 123 85.45 -0.26 99.27
CA SER CE 123 84.27 -0.76 99.98
C SER CE 123 83.01 0.01 99.60
N ASP CE 124 83.10 1.34 99.52
CA ASP CE 124 81.94 2.14 99.21
C ASP CE 124 81.53 2.05 97.74
N PHE CE 125 82.47 1.77 96.85
CA PHE CE 125 82.10 1.53 95.47
C PHE CE 125 81.30 0.25 95.29
N TRP CE 126 81.68 -0.82 95.99
CA TRP CE 126 80.98 -2.08 95.87
C TRP CE 126 79.67 -2.09 96.65
N LYS CE 127 79.65 -1.52 97.86
CA LYS CE 127 78.47 -1.52 98.70
C LYS CE 127 77.61 -0.28 98.48
N ALA CE 128 78.18 0.91 98.70
CA ALA CE 128 77.41 2.13 98.55
C ALA CE 128 77.27 2.59 97.11
N GLN CE 129 77.95 1.95 96.18
CA GLN CE 129 77.90 2.31 94.76
C GLN CE 129 78.40 3.74 94.55
N ALA CE 130 79.46 4.09 95.28
CA ALA CE 130 79.98 5.45 95.36
C ALA CE 130 81.26 5.56 94.54
N LEU CE 131 81.21 6.31 93.45
CA LEU CE 131 82.37 6.47 92.57
C LEU CE 131 83.49 7.26 93.24
N ALA CE 132 83.14 8.27 94.02
CA ALA CE 132 84.15 9.03 94.75
C ALA CE 132 83.78 9.21 96.20
N ALA DE 1 92.20 -28.87 91.52
CA ALA DE 1 91.74 -27.61 90.96
C ALA DE 1 90.26 -27.40 91.27
N ILE DE 2 89.48 -27.07 90.25
CA ILE DE 2 88.04 -26.95 90.42
C ILE DE 2 87.45 -28.36 90.48
N ALA DE 3 87.21 -28.84 91.70
CA ALA DE 3 86.78 -30.21 91.90
C ALA DE 3 86.56 -30.48 93.38
N ASN DE 4 87.60 -30.28 94.19
CA ASN DE 4 87.54 -30.49 95.63
C ASN DE 4 88.21 -29.34 96.37
N SER DE 5 88.28 -28.17 95.74
CA SER DE 5 88.99 -27.04 96.31
C SER DE 5 88.22 -26.48 97.50
N SER DE 6 88.95 -25.87 98.43
CA SER DE 6 88.38 -25.28 99.65
C SER DE 6 88.48 -23.77 99.55
N ILE DE 7 87.40 -23.08 99.92
CA ILE DE 7 87.36 -21.63 99.98
C ILE DE 7 86.88 -21.21 101.37
N ALA DE 8 87.61 -20.30 102.00
CA ALA DE 8 87.30 -19.89 103.37
C ALA DE 8 86.24 -18.79 103.35
N ILE DE 9 85.00 -19.16 103.65
CA ILE DE 9 83.89 -18.23 103.62
C ILE DE 9 83.95 -17.31 104.84
N ASP DE 10 83.70 -16.02 104.62
CA ASP DE 10 83.71 -15.01 105.67
C ASP DE 10 85.04 -14.97 106.40
N SER DE 11 86.12 -14.93 105.63
CA SER DE 11 87.47 -14.78 106.16
C SER DE 11 87.98 -13.38 105.87
N THR DE 12 89.22 -13.12 106.27
CA THR DE 12 89.88 -11.83 106.04
C THR DE 12 91.02 -12.02 105.05
N ALA DE 13 90.99 -11.28 103.96
CA ALA DE 13 92.00 -11.35 102.92
C ALA DE 13 92.94 -10.15 103.03
N SER DE 14 94.24 -10.43 103.01
CA SER DE 14 95.26 -9.40 103.13
C SER DE 14 96.33 -9.60 102.07
N VAL DE 15 97.29 -8.69 102.04
CA VAL DE 15 98.35 -8.67 101.03
C VAL DE 15 99.67 -8.37 101.72
N THR DE 16 100.72 -9.08 101.31
CA THR DE 16 102.08 -8.84 101.80
C THR DE 16 103.01 -8.70 100.61
N GLY DE 17 104.10 -7.94 100.79
CA GLY DE 17 105.05 -7.74 99.74
C GLY DE 17 104.52 -6.79 98.65
N GLY DE 18 105.24 -6.76 97.54
CA GLY DE 18 104.83 -5.96 96.41
C GLY DE 18 105.21 -4.49 96.52
N THR DE 19 104.82 -3.73 95.51
CA THR DE 19 105.01 -2.30 95.46
C THR DE 19 103.66 -1.60 95.55
N ALA DE 20 103.59 -0.56 96.38
CA ALA DE 20 102.36 0.18 96.64
C ALA DE 20 102.24 1.27 95.57
N ARG DE 21 101.25 1.11 94.69
CA ARG DE 21 100.96 2.13 93.71
C ARG DE 21 99.71 2.91 94.10
N THR DE 22 99.59 4.12 93.57
CA THR DE 22 98.60 5.08 94.08
C THR DE 22 97.24 4.92 93.40
N VAL DE 23 97.24 4.68 92.08
CA VAL DE 23 96.03 4.74 91.26
C VAL DE 23 95.59 6.20 91.19
N LYS DE 24 95.52 6.76 89.97
CA LYS DE 24 95.19 8.16 89.78
C LYS DE 24 94.05 8.26 88.79
N GLU DE 25 93.03 9.03 89.13
CA GLU DE 25 91.86 9.14 88.28
C GLU DE 25 92.16 9.97 87.04
N LEU DE 26 91.71 9.51 85.89
CA LEU DE 26 91.89 10.22 84.63
C LEU DE 26 90.67 11.06 84.26
N VAL DE 27 89.54 10.41 84.03
CA VAL DE 27 88.35 11.04 83.47
C VAL DE 27 87.14 10.53 84.22
N ARG DE 28 86.11 11.38 84.31
CA ARG DE 28 84.90 11.07 85.05
C ARG DE 28 83.71 11.33 84.12
N ASN DE 29 82.51 11.06 84.63
CA ASN DE 29 81.25 11.29 83.92
C ASN DE 29 81.01 10.24 82.84
N ASN DE 30 79.82 9.67 82.82
CA ASN DE 30 78.81 9.86 83.86
C ASN DE 30 78.45 8.50 84.45
N SER DE 31 78.48 8.39 85.77
CA SER DE 31 78.37 7.11 86.45
C SER DE 31 79.44 6.16 85.93
N GLU DE 32 80.63 6.72 85.72
CA GLU DE 32 81.74 5.99 85.11
C GLU DE 32 83.04 6.68 85.49
N LEU DE 33 83.87 6.00 86.27
CA LEU DE 33 85.19 6.55 86.60
C LEU DE 33 86.27 5.86 85.78
N ASN DE 34 87.33 6.61 85.48
CA ASN DE 34 88.50 6.07 84.80
C ASN DE 34 89.73 6.49 85.57
N ALA DE 35 90.59 5.53 85.87
CA ALA DE 35 91.80 5.79 86.63
C ALA DE 35 92.94 5.02 85.98
N TYR DE 36 94.12 5.11 86.58
CA TYR DE 36 95.26 4.35 86.11
C TYR DE 36 96.22 4.12 87.27
N ILE DE 37 96.85 2.95 87.28
CA ILE DE 37 97.79 2.61 88.34
C ILE DE 37 99.15 3.16 87.95
N ASP DE 38 99.68 4.08 88.77
CA ASP DE 38 100.91 4.79 88.45
C ASP DE 38 102.11 3.99 88.95
N GLU DE 39 102.83 3.35 88.03
CA GLU DE 39 104.03 2.59 88.34
C GLU DE 39 105.24 3.17 87.63
N GLY DE 40 105.18 4.45 87.27
CA GLY DE 40 106.26 5.06 86.52
C GLY DE 40 106.46 4.47 85.15
N LEU DE 41 105.38 4.17 84.45
CA LEU DE 41 105.44 3.59 83.11
C LEU DE 41 104.99 4.61 82.09
N SER DE 42 105.16 4.28 80.82
CA SER DE 42 104.80 5.18 79.74
C SER DE 42 103.29 5.23 79.56
N PHE DE 43 102.84 6.11 78.66
CA PHE DE 43 101.42 6.30 78.43
C PHE DE 43 100.77 5.07 77.82
N GLN DE 44 101.47 4.37 76.94
CA GLN DE 44 100.89 3.21 76.28
C GLN DE 44 101.00 1.92 77.11
N ALA DE 45 101.79 1.93 78.17
CA ALA DE 45 102.06 0.73 78.94
C ALA DE 45 101.54 0.81 80.37
N ARG DE 46 100.60 1.74 80.62
CA ARG DE 46 100.06 1.91 81.95
C ARG DE 46 98.81 1.04 82.14
N LYS DE 47 98.50 0.75 83.41
CA LYS DE 47 97.46 -0.20 83.78
C LYS DE 47 96.05 0.24 83.39
N GLU DE 48 95.59 1.39 83.90
CA GLU DE 48 94.29 1.94 83.54
C GLU DE 48 93.07 1.11 83.93
N VAL DE 49 92.76 1.03 85.22
CA VAL DE 49 91.54 0.38 85.71
C VAL DE 49 90.36 1.34 85.56
N ALA DE 50 89.21 0.82 85.15
CA ALA DE 50 87.98 1.60 85.00
C ALA DE 50 86.91 1.15 85.98
N PHE DE 51 86.04 2.08 86.36
CA PHE DE 51 85.00 1.84 87.35
C PHE DE 51 83.65 2.31 86.83
N SER DE 52 82.75 1.36 86.57
CA SER DE 52 81.41 1.67 86.09
C SER DE 52 80.39 1.40 87.20
N VAL DE 53 79.20 1.97 87.03
CA VAL DE 53 78.14 1.83 88.03
C VAL DE 53 76.77 1.91 87.34
N LYS DE 54 75.85 1.04 87.75
CA LYS DE 54 74.47 1.07 87.27
C LYS DE 54 73.57 1.10 88.50
N VAL DE 55 72.91 2.24 88.72
CA VAL DE 55 72.13 2.43 89.94
C VAL DE 55 70.88 1.56 89.90
N PRO DE 56 70.32 1.17 91.04
CA PRO DE 56 69.07 0.37 91.01
C PRO DE 56 67.93 1.18 90.43
N LYS DE 57 67.24 0.58 89.47
CA LYS DE 57 66.15 1.23 88.77
C LYS DE 57 64.82 0.65 89.25
N VAL DE 58 63.83 1.52 89.46
CA VAL DE 58 62.54 1.09 89.98
C VAL DE 58 61.77 0.38 88.89
N SER DE 59 61.82 -0.95 88.89
CA SER DE 59 61.02 -1.75 87.98
C SER DE 59 59.70 -2.13 88.65
N VAL DE 60 58.96 -3.07 88.06
CA VAL DE 60 57.70 -3.51 88.64
C VAL DE 60 57.72 -5.02 88.84
N SER DE 61 58.03 -5.76 87.78
CA SER DE 61 57.97 -7.22 87.80
C SER DE 61 59.34 -7.80 88.14
N ALA DE 62 59.83 -7.45 89.33
CA ALA DE 62 61.11 -7.95 89.79
C ALA DE 62 61.02 -8.27 91.27
N PRO DE 63 61.86 -9.18 91.77
CA PRO DE 63 61.93 -9.40 93.21
C PRO DE 63 62.31 -8.12 93.93
N GLY DE 64 61.61 -7.82 95.02
CA GLY DE 64 61.89 -6.63 95.79
C GLY DE 64 61.22 -5.38 95.22
N GLY DE 65 61.15 -5.31 93.89
CA GLY DE 65 60.52 -4.19 93.22
C GLY DE 65 61.44 -3.47 92.25
N PHE DE 66 62.71 -3.30 92.62
CA PHE DE 66 63.65 -2.58 91.78
C PHE DE 66 64.50 -3.55 90.98
N THR DE 67 65.27 -3.02 90.03
CA THR DE 67 66.32 -3.79 89.39
C THR DE 67 67.53 -3.85 90.30
N GLN DE 68 68.58 -4.50 89.81
CA GLN DE 68 69.73 -4.77 90.64
C GLN DE 68 70.76 -3.64 90.58
N ALA DE 69 71.52 -3.50 91.66
CA ALA DE 69 72.59 -2.51 91.75
C ALA DE 69 73.84 -3.12 91.13
N ARG DE 70 74.08 -2.81 89.86
CA ARG DE 70 75.25 -3.31 89.15
C ARG DE 70 76.46 -2.42 89.41
N SER DE 71 77.62 -3.06 89.54
CA SER DE 71 78.87 -2.34 89.80
C SER DE 71 79.98 -3.09 89.08
N THR DE 72 80.59 -2.45 88.09
CA THR DE 72 81.57 -3.11 87.24
C THR DE 72 82.95 -2.47 87.40
N VAL DE 73 83.97 -3.32 87.37
CA VAL DE 73 85.36 -2.88 87.37
C VAL DE 73 86.06 -3.62 86.22
N ILE DE 74 86.80 -2.89 85.40
CA ILE DE 74 87.64 -3.49 84.37
C ILE DE 74 89.06 -2.98 84.57
N LEU DE 75 89.99 -3.90 84.76
CA LEU DE 75 91.41 -3.58 84.79
C LEU DE 75 91.99 -3.95 83.43
N LYS DE 76 92.53 -2.97 82.74
CA LYS DE 76 93.22 -3.20 81.48
C LYS DE 76 94.70 -3.40 81.73
N SER DE 77 95.38 -4.01 80.76
CA SER DE 77 96.80 -4.32 80.90
C SER DE 77 97.40 -4.42 79.50
N PRO DE 78 98.08 -3.38 79.03
CA PRO DE 78 98.67 -3.42 77.69
C PRO DE 78 99.77 -4.46 77.60
N LYS DE 79 99.88 -5.07 76.44
CA LYS DE 79 100.93 -6.04 76.17
C LYS DE 79 101.35 -5.90 74.72
N THR DE 80 102.65 -5.93 74.46
CA THR DE 80 103.18 -5.87 73.12
C THR DE 80 103.54 -7.27 72.65
N LEU DE 81 103.25 -7.55 71.38
CA LEU DE 81 103.30 -8.91 70.85
C LEU DE 81 104.64 -9.19 70.19
N ALA DE 82 104.82 -10.44 69.75
CA ALA DE 82 106.04 -10.87 69.08
C ALA DE 82 106.17 -10.30 67.67
N ASN DE 83 105.10 -9.76 67.11
CA ASN DE 83 105.13 -9.06 65.83
C ASN DE 83 105.15 -7.56 65.98
N GLY DE 84 105.25 -7.03 67.21
CA GLY DE 84 105.32 -5.61 67.45
C GLY DE 84 103.99 -4.94 67.64
N ASN DE 85 102.88 -5.64 67.44
CA ASN DE 85 101.56 -5.04 67.61
C ASN DE 85 101.21 -4.90 69.08
N ARG DE 86 100.20 -4.09 69.36
CA ARG DE 86 99.78 -3.75 70.71
C ARG DE 86 98.37 -4.28 70.96
N THR DE 87 98.18 -4.97 72.07
CA THR DE 87 96.90 -5.49 72.50
C THR DE 87 96.70 -5.22 73.99
N VAL DE 88 95.50 -5.51 74.47
CA VAL DE 88 95.15 -5.26 75.87
C VAL DE 88 94.58 -6.54 76.48
N ASN DE 89 95.05 -6.88 77.67
CA ASN DE 89 94.47 -7.95 78.47
C ASN DE 89 93.60 -7.32 79.54
N THR DE 90 92.45 -7.91 79.81
CA THR DE 90 91.48 -7.32 80.73
C THR DE 90 91.06 -8.31 81.80
N VAL DE 91 90.72 -7.76 82.97
CA VAL DE 91 89.99 -8.47 84.00
C VAL DE 91 88.71 -7.69 84.28
N SER DE 92 87.55 -8.32 84.06
CA SER DE 92 86.28 -7.66 84.29
C SER DE 92 85.59 -8.28 85.50
N ILE DE 93 85.23 -7.44 86.47
CA ILE DE 93 84.54 -7.88 87.68
C ILE DE 93 83.21 -7.12 87.74
N GLN DE 94 82.11 -7.86 87.72
CA GLN DE 94 80.79 -7.28 87.87
C GLN DE 94 80.13 -7.84 89.12
N LEU DE 95 79.69 -6.94 90.01
CA LEU DE 95 78.94 -7.30 91.21
C LEU DE 95 77.51 -6.84 90.97
N SER DE 96 76.58 -7.78 91.11
CA SER DE 96 75.17 -7.51 90.85
C SER DE 96 74.35 -8.05 92.01
N VAL DE 97 73.98 -7.15 92.91
CA VAL DE 97 73.19 -7.51 94.07
C VAL DE 97 71.86 -6.76 94.02
N ASP DE 98 70.88 -7.27 94.75
CA ASP DE 98 69.62 -6.56 94.96
C ASP DE 98 69.83 -5.45 95.97
N PRO DE 99 69.08 -4.35 95.86
CA PRO DE 99 69.27 -3.24 96.79
C PRO DE 99 68.98 -3.60 98.24
N GLU DE 100 68.19 -4.65 98.48
CA GLU DE 100 67.87 -5.11 99.82
C GLU DE 100 69.06 -5.78 100.50
N THR DE 101 70.12 -6.09 99.76
CA THR DE 101 71.28 -6.76 100.31
C THR DE 101 72.01 -5.86 101.30
N THR DE 102 72.42 -6.44 102.41
CA THR DE 102 73.19 -5.73 103.43
C THR DE 102 74.67 -5.70 103.05
N ALA DE 103 75.41 -4.83 103.73
CA ALA DE 103 76.84 -4.69 103.46
C ALA DE 103 77.58 -5.98 103.80
N ALA DE 104 77.13 -6.69 104.82
CA ALA DE 104 77.83 -7.90 105.25
C ALA DE 104 77.63 -9.05 104.27
N GLU DE 105 76.47 -9.13 103.62
CA GLU DE 105 76.29 -10.15 102.58
C GLU DE 105 77.08 -9.81 101.32
N VAL DE 106 77.41 -8.54 101.13
CA VAL DE 106 78.22 -8.15 99.98
C VAL DE 106 79.70 -8.38 100.29
N THR DE 107 80.10 -8.17 101.54
CA THR DE 107 81.49 -8.37 101.93
C THR DE 107 81.83 -9.86 101.89
N THR DE 108 80.82 -10.71 102.01
CA THR DE 108 81.05 -12.15 101.88
C THR DE 108 81.23 -12.54 100.42
N MET DE 109 80.38 -11.99 99.54
CA MET DE 109 80.47 -12.31 98.11
C MET DE 109 81.80 -11.86 97.53
N LEU DE 110 82.25 -10.66 97.90
CA LEU DE 110 83.52 -10.16 97.39
C LEU DE 110 84.69 -10.99 97.88
N ASN DE 111 84.64 -11.42 99.14
CA ASN DE 111 85.73 -12.21 99.69
C ASN DE 111 85.76 -13.60 99.08
N ALA DE 112 84.58 -14.18 98.82
CA ALA DE 112 84.52 -15.47 98.14
C ALA DE 112 85.01 -15.36 96.71
N ALA DE 113 84.61 -14.29 96.01
CA ALA DE 113 85.02 -14.11 94.62
C ALA DE 113 86.48 -13.73 94.51
N ALA DE 114 87.00 -12.97 95.48
CA ALA DE 114 88.42 -12.62 95.45
C ALA DE 114 89.29 -13.86 95.61
N GLN DE 115 88.84 -14.83 96.41
CA GLN DE 115 89.63 -16.03 96.61
C GLN DE 115 89.77 -16.84 95.33
N LEU DE 116 88.72 -16.86 94.50
CA LEU DE 116 88.84 -17.52 93.19
C LEU DE 116 89.47 -16.54 92.19
N LEU DE 117 90.52 -15.88 92.65
CA LEU DE 117 91.36 -15.06 91.79
C LEU DE 117 92.82 -15.34 92.10
N PHE DE 118 93.11 -15.62 93.38
CA PHE DE 118 94.48 -15.78 93.83
C PHE DE 118 94.73 -17.09 94.58
N ASP DE 119 93.71 -17.89 94.83
CA ASP DE 119 93.92 -19.18 95.47
C ASP DE 119 94.69 -20.11 94.55
N SER DE 120 95.67 -20.82 95.12
CA SER DE 120 96.55 -21.66 94.31
C SER DE 120 95.79 -22.79 93.64
N ASP DE 121 94.64 -23.17 94.19
CA ASP DE 121 93.83 -24.23 93.61
C ASP DE 121 93.36 -23.86 92.21
N TYR DE 122 92.93 -22.61 92.03
CA TYR DE 122 92.51 -22.17 90.72
C TYR DE 122 93.61 -21.41 90.00
N SER DE 123 94.73 -22.08 89.71
CA SER DE 123 95.80 -21.44 88.95
C SER DE 123 95.82 -21.97 87.53
N ASP DE 124 95.70 -23.29 87.39
CA ASP DE 124 95.63 -23.89 86.06
C ASP DE 124 94.38 -23.44 85.30
N PHE DE 125 93.34 -23.02 86.03
CA PHE DE 125 92.15 -22.51 85.36
C PHE DE 125 92.36 -21.16 84.69
N TRP DE 126 93.14 -20.27 85.31
CA TRP DE 126 93.35 -18.94 84.75
C TRP DE 126 94.49 -18.93 83.74
N LYS DE 127 95.61 -19.57 84.08
CA LYS DE 127 96.78 -19.53 83.21
C LYS DE 127 96.73 -20.64 82.16
N ALA DE 128 96.61 -21.89 82.61
CA ALA DE 128 96.55 -23.00 81.66
C ALA DE 128 95.18 -23.15 81.03
N GLN DE 129 94.19 -22.42 81.51
CA GLN DE 129 92.80 -22.52 81.03
C GLN DE 129 92.29 -23.96 81.11
N ALA DE 130 92.64 -24.64 82.19
CA ALA DE 130 92.29 -26.04 82.41
C ALA DE 130 91.12 -26.14 83.38
N LEU DE 131 89.95 -26.54 82.86
CA LEU DE 131 88.75 -26.63 83.67
C LEU DE 131 88.91 -27.62 84.82
N ALA DE 132 89.64 -28.71 84.59
CA ALA DE 132 89.86 -29.71 85.62
C ALA DE 132 91.05 -30.60 85.29
N ALA EE 1 57.22 -64.58 99.82
CA ALA EE 1 56.95 -63.81 98.61
C ALA EE 1 56.66 -62.35 98.94
N ILE EE 2 55.96 -61.67 98.03
CA ILE EE 2 55.69 -60.24 98.19
C ILE EE 2 54.81 -59.99 99.41
N ALA EE 3 53.73 -60.76 99.55
CA ALA EE 3 52.83 -60.59 100.67
C ALA EE 3 53.53 -60.97 101.97
N ASN EE 4 53.42 -60.09 102.98
CA ASN EE 4 54.01 -60.30 104.29
C ASN EE 4 55.54 -60.43 104.23
N SER EE 5 56.13 -59.79 103.23
CA SER EE 5 57.58 -59.68 103.14
C SER EE 5 58.05 -58.60 104.10
N SER EE 6 59.21 -58.82 104.73
CA SER EE 6 59.75 -57.88 105.70
C SER EE 6 60.90 -57.09 105.11
N ILE EE 7 60.88 -55.78 105.36
CA ILE EE 7 61.94 -54.87 104.93
C ILE EE 7 62.48 -54.14 106.16
N ALA EE 8 63.80 -54.12 106.31
CA ALA EE 8 64.43 -53.45 107.44
C ALA EE 8 64.70 -52.00 107.07
N ILE EE 9 63.94 -51.09 107.64
CA ILE EE 9 64.00 -49.68 107.25
C ILE EE 9 65.08 -48.97 108.07
N ASP EE 10 65.80 -48.06 107.40
CA ASP EE 10 66.94 -47.35 107.98
C ASP EE 10 68.02 -48.36 108.43
N SER EE 11 68.51 -49.09 107.44
CA SER EE 11 69.44 -50.18 107.68
C SER EE 11 70.67 -50.01 106.81
N THR EE 12 71.80 -50.47 107.33
CA THR EE 12 73.03 -50.45 106.54
C THR EE 12 73.09 -51.68 105.65
N ALA EE 13 73.42 -51.45 104.38
CA ALA EE 13 73.48 -52.52 103.38
C ALA EE 13 74.96 -52.81 103.11
N SER EE 14 75.40 -54.00 103.51
CA SER EE 14 76.76 -54.43 103.23
C SER EE 14 76.79 -55.25 101.94
N VAL EE 15 77.98 -55.69 101.55
CA VAL EE 15 78.14 -56.58 100.41
C VAL EE 15 79.47 -57.32 100.52
N THR EE 16 79.44 -58.64 100.38
CA THR EE 16 80.64 -59.47 100.48
C THR EE 16 80.55 -60.59 99.48
N GLY EE 17 81.03 -60.36 98.26
CA GLY EE 17 81.14 -61.45 97.30
C GLY EE 17 82.46 -61.49 96.54
N GLY EE 18 83.24 -60.42 96.61
CA GLY EE 18 84.46 -60.34 95.85
C GLY EE 18 84.24 -59.89 94.42
N THR EE 19 85.23 -60.09 93.56
CA THR EE 19 85.18 -59.68 92.15
C THR EE 19 84.93 -58.17 92.03
N ALA EE 20 85.82 -57.41 92.64
CA ALA EE 20 85.70 -55.95 92.65
C ALA EE 20 86.05 -55.36 91.30
N ARG EE 21 85.05 -55.10 90.47
CA ARG EE 21 85.27 -54.50 89.18
C ARG EE 21 85.45 -52.99 89.32
N THR EE 22 85.59 -52.32 88.18
CA THR EE 22 85.83 -50.88 88.15
C THR EE 22 84.94 -50.24 87.10
N VAL EE 23 84.19 -49.22 87.50
CA VAL EE 23 83.36 -48.46 86.58
C VAL EE 23 84.24 -47.42 85.91
N LYS EE 24 84.41 -47.55 84.59
CA LYS EE 24 85.18 -46.61 83.79
C LYS EE 24 84.24 -45.86 82.88
N GLU EE 25 84.35 -44.53 82.87
CA GLU EE 25 83.45 -43.73 82.06
C GLU EE 25 83.87 -43.75 80.59
N LEU EE 26 82.88 -43.62 79.72
CA LEU EE 26 83.14 -43.65 78.28
C LEU EE 26 82.90 -42.28 77.66
N VAL EE 27 81.70 -41.72 77.76
CA VAL EE 27 81.36 -40.43 77.19
C VAL EE 27 80.55 -39.66 78.21
N ARG EE 28 80.11 -38.47 77.84
CA ARG EE 28 79.32 -37.65 78.73
C ARG EE 28 78.05 -37.11 78.11
N ASN EE 29 78.01 -36.89 76.80
CA ASN EE 29 76.97 -36.16 76.08
C ASN EE 29 76.16 -35.19 76.95
N ASN EE 30 74.86 -35.11 76.72
CA ASN EE 30 74.03 -34.04 77.27
C ASN EE 30 73.56 -34.41 78.67
N SER EE 31 74.24 -33.84 79.68
CA SER EE 31 73.85 -33.98 81.09
C SER EE 31 73.69 -35.45 81.48
N GLU EE 32 74.62 -36.27 80.96
CA GLU EE 32 74.55 -37.71 81.13
C GLU EE 32 75.96 -38.18 81.44
N LEU EE 33 76.11 -39.47 81.74
CA LEU EE 33 77.42 -40.05 81.96
C LEU EE 33 77.39 -41.54 81.63
N ASN EE 34 77.85 -41.90 80.45
CA ASN EE 34 77.85 -43.29 80.01
C ASN EE 34 79.17 -43.93 80.40
N ALA EE 35 79.10 -44.93 81.27
CA ALA EE 35 80.27 -45.68 81.72
C ALA EE 35 80.11 -47.14 81.34
N TYR EE 36 81.06 -47.96 81.79
CA TYR EE 36 80.99 -49.41 81.57
C TYR EE 36 81.76 -50.10 82.68
N ILE EE 37 81.38 -51.34 82.96
CA ILE EE 37 82.04 -52.12 84.00
C ILE EE 37 83.17 -52.92 83.36
N ASP EE 38 84.38 -52.78 83.91
CA ASP EE 38 85.57 -53.41 83.33
C ASP EE 38 85.73 -54.80 83.95
N GLU EE 39 85.24 -55.80 83.22
CA GLU EE 39 85.38 -57.19 83.62
C GLU EE 39 86.20 -58.01 82.64
N GLY EE 40 86.76 -57.40 81.61
CA GLY EE 40 87.55 -58.09 80.63
C GLY EE 40 86.78 -58.77 79.51
N LEU EE 41 85.50 -58.44 79.33
CA LEU EE 41 84.70 -59.04 78.28
C LEU EE 41 85.01 -58.40 76.94
N SER EE 42 84.27 -58.78 75.91
CA SER EE 42 84.45 -58.21 74.60
C SER EE 42 83.94 -56.76 74.57
N PHE EE 43 84.14 -56.10 73.44
CA PHE EE 43 83.79 -54.70 73.33
C PHE EE 43 82.29 -54.51 73.29
N GLN EE 44 81.59 -55.32 72.51
CA GLN EE 44 80.13 -55.24 72.40
C GLN EE 44 79.44 -56.32 73.24
N ALA EE 45 80.12 -56.80 74.28
CA ALA EE 45 79.49 -57.69 75.25
C ALA EE 45 79.69 -57.22 76.68
N ARG EE 46 80.24 -56.02 76.89
CA ARG EE 46 80.48 -55.49 78.23
C ARG EE 46 79.21 -54.89 78.80
N LYS EE 47 79.19 -54.69 80.12
CA LYS EE 47 78.03 -54.07 80.76
C LYS EE 47 78.28 -52.58 80.89
N GLU EE 48 77.48 -51.78 80.18
CA GLU EE 48 77.55 -50.32 80.26
C GLU EE 48 76.42 -49.83 81.15
N VAL EE 49 76.78 -49.05 82.17
CA VAL EE 49 75.77 -48.43 83.02
C VAL EE 49 75.78 -46.93 82.78
N ALA EE 50 74.61 -46.36 82.53
CA ALA EE 50 74.47 -44.95 82.20
C ALA EE 50 73.83 -44.18 83.35
N PHE EE 51 74.35 -42.98 83.59
CA PHE EE 51 73.90 -42.09 84.64
C PHE EE 51 73.34 -40.81 84.03
N SER EE 52 72.33 -40.21 84.66
CA SER EE 52 71.74 -39.00 84.14
C SER EE 52 71.07 -38.20 85.26
N VAL EE 53 71.01 -36.89 85.08
CA VAL EE 53 70.38 -36.00 86.05
C VAL EE 53 69.44 -35.05 85.33
N LYS EE 54 68.41 -34.60 86.03
CA LYS EE 54 67.36 -33.75 85.48
C LYS EE 54 67.03 -32.63 86.50
N VAL EE 55 68.06 -31.89 86.91
CA VAL EE 55 68.02 -30.88 87.97
C VAL EE 55 66.76 -30.04 87.93
N PRO EE 56 66.23 -29.64 89.09
CA PRO EE 56 64.93 -28.96 89.13
C PRO EE 56 64.94 -27.63 88.41
N LYS EE 57 63.76 -27.27 87.90
CA LYS EE 57 63.56 -26.05 87.12
C LYS EE 57 62.41 -25.27 87.74
N VAL EE 58 62.64 -23.99 88.02
CA VAL EE 58 61.68 -23.18 88.76
C VAL EE 58 60.38 -23.05 87.97
N SER EE 59 59.31 -23.60 88.50
CA SER EE 59 58.00 -23.59 87.86
C SER EE 59 57.03 -22.71 88.66
N VAL EE 60 55.80 -22.56 88.16
CA VAL EE 60 54.72 -21.91 88.86
C VAL EE 60 53.77 -22.93 89.47
N SER EE 61 53.61 -24.07 88.81
CA SER EE 61 52.94 -25.26 89.30
C SER EE 61 53.88 -25.97 90.27
N ALA EE 62 53.66 -27.27 90.49
CA ALA EE 62 54.51 -28.05 91.39
C ALA EE 62 54.37 -27.58 92.83
N PRO EE 63 53.32 -28.04 93.52
CA PRO EE 63 52.95 -27.47 94.82
C PRO EE 63 54.02 -27.70 95.88
N GLY EE 64 54.96 -26.76 95.94
CA GLY EE 64 56.22 -26.90 96.62
C GLY EE 64 57.25 -26.03 95.92
N GLY EE 65 56.86 -25.49 94.77
CA GLY EE 65 57.64 -24.46 94.11
C GLY EE 65 58.12 -24.81 92.71
N PHE EE 66 58.65 -26.02 92.53
CA PHE EE 66 59.23 -26.43 91.26
C PHE EE 66 59.53 -27.93 91.24
N THR EE 67 59.83 -28.42 90.03
CA THR EE 67 59.87 -29.84 89.74
C THR EE 67 60.91 -30.57 90.57
N GLN EE 68 60.80 -31.89 90.59
CA GLN EE 68 61.65 -32.74 91.40
C GLN EE 68 63.00 -32.99 90.73
N ALA EE 69 63.92 -33.55 91.50
CA ALA EE 69 65.27 -33.87 91.03
C ALA EE 69 65.37 -35.36 90.78
N ARG EE 70 65.11 -35.80 89.55
CA ARG EE 70 65.19 -37.19 89.19
C ARG EE 70 66.62 -37.57 88.79
N SER EE 71 67.05 -38.76 89.23
CA SER EE 71 68.37 -39.30 88.90
C SER EE 71 68.15 -40.70 88.34
N THR EE 72 68.69 -40.97 87.16
CA THR EE 72 68.46 -42.25 86.51
C THR EE 72 69.76 -43.05 86.39
N VAL EE 73 69.61 -44.37 86.52
CA VAL EE 73 70.72 -45.30 86.31
C VAL EE 73 70.19 -46.49 85.51
N ILE EE 74 70.66 -46.64 84.28
CA ILE EE 74 70.32 -47.79 83.46
C ILE EE 74 71.54 -48.68 83.32
N LEU EE 75 71.41 -49.93 83.73
CA LEU EE 75 72.48 -50.92 83.64
C LEU EE 75 72.13 -51.85 82.47
N LYS EE 76 72.94 -51.80 81.42
CA LYS EE 76 72.70 -52.61 80.24
C LYS EE 76 73.62 -53.83 80.26
N SER EE 77 73.01 -55.02 80.34
CA SER EE 77 73.76 -56.27 80.36
C SER EE 77 73.44 -57.04 79.08
N PRO EE 78 74.35 -57.11 78.12
CA PRO EE 78 74.03 -57.77 76.85
C PRO EE 78 74.03 -59.28 77.00
N LYS EE 79 73.31 -59.94 76.09
CA LYS EE 79 73.16 -61.39 76.13
C LYS EE 79 73.11 -61.95 74.72
N THR EE 80 73.82 -63.06 74.50
CA THR EE 80 73.75 -63.80 73.25
C THR EE 80 72.76 -64.95 73.44
N LEU EE 81 71.72 -64.98 72.61
CA LEU EE 81 70.68 -65.98 72.74
C LEU EE 81 71.07 -67.28 72.05
N ALA EE 82 70.28 -68.33 72.31
CA ALA EE 82 70.53 -69.62 71.67
C ALA EE 82 70.36 -69.54 70.16
N ASN EE 83 69.33 -68.82 69.71
CA ASN EE 83 69.13 -68.63 68.27
C ASN EE 83 70.31 -67.96 67.60
N GLY EE 84 71.11 -67.22 68.36
CA GLY EE 84 72.34 -66.68 67.83
C GLY EE 84 72.43 -65.17 67.88
N ASN EE 85 71.29 -64.49 67.80
CA ASN EE 85 71.29 -63.03 67.81
C ASN EE 85 71.59 -62.50 69.20
N ARG EE 86 71.59 -61.17 69.31
CA ARG EE 86 72.01 -60.47 70.51
C ARG EE 86 70.84 -59.67 71.06
N THR EE 87 70.82 -59.50 72.37
CA THR EE 87 69.80 -58.71 73.05
C THR EE 87 70.44 -58.14 74.31
N VAL EE 88 69.86 -57.07 74.84
CA VAL EE 88 70.35 -56.42 76.05
C VAL EE 88 69.31 -56.55 77.13
N ASN EE 89 69.74 -56.94 78.32
CA ASN EE 89 68.89 -57.04 79.50
C ASN EE 89 69.19 -55.83 80.38
N THR EE 90 68.19 -54.99 80.59
CA THR EE 90 68.40 -53.70 81.23
C THR EE 90 67.76 -53.65 82.62
N VAL EE 91 68.36 -52.82 83.49
CA VAL EE 91 67.81 -52.55 84.81
C VAL EE 91 67.85 -51.04 85.05
N SER EE 92 66.72 -50.37 84.87
CA SER EE 92 66.68 -48.93 85.05
C SER EE 92 66.17 -48.57 86.44
N ILE EE 93 66.71 -47.47 86.99
CA ILE EE 93 66.35 -46.99 88.32
C ILE EE 93 66.21 -45.48 88.27
N GLN EE 94 65.12 -44.94 88.80
CA GLN EE 94 64.88 -43.51 88.82
C GLN EE 94 64.56 -43.05 90.24
N LEU EE 95 64.88 -41.79 90.54
CA LEU EE 95 64.78 -41.24 91.89
C LEU EE 95 64.10 -39.86 91.85
N SER EE 96 62.91 -39.81 91.25
CA SER EE 96 62.15 -38.57 91.18
C SER EE 96 61.71 -38.17 92.58
N VAL EE 97 62.49 -37.30 93.20
CA VAL EE 97 62.22 -36.82 94.55
C VAL EE 97 62.21 -35.30 94.58
N ASP EE 98 61.33 -34.76 95.41
CA ASP EE 98 61.19 -33.31 95.49
C ASP EE 98 62.47 -32.68 96.02
N PRO EE 99 62.93 -31.58 95.43
CA PRO EE 99 64.25 -31.03 95.79
C PRO EE 99 64.37 -30.57 97.23
N GLU EE 100 63.27 -30.32 97.92
CA GLU EE 100 63.31 -29.93 99.33
C GLU EE 100 63.62 -31.09 100.25
N THR EE 101 63.67 -32.32 99.74
CA THR EE 101 63.84 -33.48 100.59
C THR EE 101 65.27 -33.54 101.14
N THR EE 102 65.40 -34.03 102.36
CA THR EE 102 66.69 -34.11 103.02
C THR EE 102 67.46 -35.35 102.56
N ALA EE 103 68.76 -35.36 102.86
CA ALA EE 103 69.62 -36.47 102.47
C ALA EE 103 69.39 -37.71 103.32
N ALA EE 104 68.85 -37.56 104.53
CA ALA EE 104 68.55 -38.72 105.36
C ALA EE 104 67.36 -39.49 104.81
N GLU EE 105 66.35 -38.76 104.32
CA GLU EE 105 65.21 -39.40 103.67
C GLU EE 105 65.64 -40.14 102.41
N VAL EE 106 66.50 -39.51 101.61
CA VAL EE 106 66.98 -40.14 100.39
C VAL EE 106 67.74 -41.41 100.72
N THR EE 107 68.59 -41.37 101.74
CA THR EE 107 69.29 -42.57 102.18
C THR EE 107 68.31 -43.64 102.64
N THR EE 108 67.27 -43.24 103.35
CA THR EE 108 66.23 -44.18 103.76
C THR EE 108 65.55 -44.80 102.54
N MET EE 109 65.19 -43.95 101.57
CA MET EE 109 64.51 -44.44 100.37
C MET EE 109 65.44 -45.31 99.52
N LEU EE 110 66.70 -44.91 99.40
CA LEU EE 110 67.63 -45.69 98.60
C LEU EE 110 67.89 -47.05 99.23
N ASN EE 111 67.99 -47.09 100.56
CA ASN EE 111 68.20 -48.35 101.25
C ASN EE 111 66.97 -49.24 101.15
N ALA EE 112 65.79 -48.67 101.35
CA ALA EE 112 64.55 -49.46 101.25
C ALA EE 112 64.35 -49.98 99.83
N ALA EE 113 64.57 -49.14 98.83
CA ALA EE 113 64.51 -49.56 97.44
C ALA EE 113 65.55 -50.61 97.09
N ALA EE 114 66.80 -50.41 97.54
CA ALA EE 114 67.84 -51.40 97.28
C ALA EE 114 67.74 -52.59 98.21
N GLN EE 115 66.93 -52.51 99.26
CA GLN EE 115 66.64 -53.68 100.09
C GLN EE 115 65.79 -54.70 99.33
N LEU EE 116 64.99 -54.24 98.38
CA LEU EE 116 64.45 -55.07 97.33
C LEU EE 116 65.62 -55.46 96.42
N LEU EE 117 65.33 -56.24 95.38
CA LEU EE 117 66.30 -56.63 94.36
C LEU EE 117 67.37 -57.59 94.89
N PHE EE 118 67.44 -57.81 96.20
CA PHE EE 118 68.32 -58.88 96.68
C PHE EE 118 67.69 -59.62 97.84
N ASP EE 119 66.53 -59.16 98.30
CA ASP EE 119 65.82 -59.88 99.34
C ASP EE 119 65.23 -61.17 98.77
N SER EE 120 65.30 -62.23 99.57
CA SER EE 120 64.85 -63.54 99.11
C SER EE 120 63.36 -63.59 98.84
N ASP EE 121 62.57 -62.72 99.46
CA ASP EE 121 61.13 -62.73 99.25
C ASP EE 121 60.77 -62.39 97.81
N TYR EE 122 61.52 -61.49 97.20
CA TYR EE 122 61.22 -60.99 95.87
C TYR EE 122 61.96 -61.74 94.77
N SER EE 123 62.68 -62.81 95.12
CA SER EE 123 63.41 -63.61 94.14
C SER EE 123 62.50 -64.08 93.01
N ASP EE 124 61.34 -64.64 93.35
CA ASP EE 124 60.44 -65.18 92.33
C ASP EE 124 59.77 -64.06 91.54
N PHE EE 125 59.54 -62.92 92.18
CA PHE EE 125 58.96 -61.78 91.48
C PHE EE 125 59.91 -61.26 90.40
N TRP EE 126 61.19 -61.11 90.74
CA TRP EE 126 62.15 -60.64 89.76
C TRP EE 126 62.47 -61.69 88.70
N LYS EE 127 62.42 -62.97 89.05
CA LYS EE 127 62.84 -64.03 88.14
C LYS EE 127 61.65 -64.63 87.40
N ALA EE 128 60.64 -65.12 88.09
CA ALA EE 128 59.50 -65.77 87.46
C ALA EE 128 58.28 -64.86 87.31
N GLN EE 129 58.36 -63.62 87.77
CA GLN EE 129 57.25 -62.66 87.73
C GLN EE 129 56.06 -63.15 88.55
N ALA EE 130 56.36 -63.82 89.66
CA ALA EE 130 55.32 -64.31 90.57
C ALA EE 130 54.83 -63.15 91.42
N LEU EE 131 53.85 -62.41 90.88
CA LEU EE 131 53.23 -61.32 91.60
C LEU EE 131 52.57 -61.86 92.86
N ALA EE 132 51.58 -62.71 92.69
CA ALA EE 132 50.95 -63.39 93.82
C ALA EE 132 51.77 -64.62 94.16
N ALA FE 1 -3.61 -42.99 122.77
CA ALA FE 1 -3.29 -44.07 123.67
C ALA FE 1 -3.10 -45.37 122.90
N ILE FE 2 -2.88 -45.25 121.60
CA ILE FE 2 -2.42 -46.37 120.79
C ILE FE 2 -0.92 -46.43 120.95
N ALA FE 3 -0.46 -47.15 121.97
CA ALA FE 3 0.96 -47.24 122.26
C ALA FE 3 1.20 -48.51 123.05
N ASN FE 4 1.24 -48.41 124.38
CA ASN FE 4 1.22 -49.60 125.21
C ASN FE 4 -0.20 -49.83 125.71
N SER FE 5 -1.12 -50.12 124.79
CA SER FE 5 -2.51 -50.41 125.14
C SER FE 5 -2.64 -51.86 125.62
N SER FE 6 -3.86 -52.38 125.66
CA SER FE 6 -4.04 -53.78 126.02
C SER FE 6 -5.32 -54.29 125.37
N ILE FE 7 -5.24 -55.50 124.83
CA ILE FE 7 -6.37 -56.14 124.15
C ILE FE 7 -6.35 -57.63 124.44
N ALA FE 8 -7.48 -58.18 124.84
CA ALA FE 8 -7.59 -59.61 125.11
C ALA FE 8 -7.79 -60.36 123.80
N ILE FE 9 -6.98 -61.37 123.57
CA ILE FE 9 -7.04 -62.16 122.34
C ILE FE 9 -7.62 -63.53 122.67
N ASP FE 10 -8.55 -63.99 121.81
CA ASP FE 10 -9.29 -65.23 122.02
C ASP FE 10 -10.10 -65.16 123.31
N SER FE 11 -11.01 -64.19 123.37
CA SER FE 11 -11.84 -63.94 124.53
C SER FE 11 -13.29 -63.72 124.11
N THR FE 12 -14.20 -63.97 125.05
CA THR FE 12 -15.62 -63.75 124.82
C THR FE 12 -16.01 -62.32 125.20
N ALA FE 13 -16.84 -61.70 124.38
CA ALA FE 13 -17.31 -60.35 124.60
C ALA FE 13 -18.80 -60.36 124.94
N SER FE 14 -19.19 -59.49 125.86
CA SER FE 14 -20.55 -59.46 126.36
C SER FE 14 -21.04 -58.02 126.39
N VAL FE 15 -22.35 -57.87 126.59
CA VAL FE 15 -23.01 -56.57 126.60
C VAL FE 15 -24.01 -56.56 127.76
N THR FE 16 -23.99 -55.48 128.53
CA THR FE 16 -24.91 -55.30 129.64
C THR FE 16 -25.63 -53.95 129.49
N GLY FE 17 -26.87 -53.91 129.98
CA GLY FE 17 -27.63 -52.68 129.95
C GLY FE 17 -28.11 -52.33 128.55
N GLY FE 18 -28.33 -51.03 128.34
CA GLY FE 18 -28.85 -50.57 127.07
C GLY FE 18 -30.32 -50.90 126.89
N THR FE 19 -30.77 -50.78 125.64
CA THR FE 19 -32.16 -51.04 125.28
C THR FE 19 -32.16 -51.95 124.06
N ALA FE 20 -32.58 -53.19 124.24
CA ALA FE 20 -32.63 -54.17 123.16
C ALA FE 20 -33.56 -53.72 122.05
N ARG FE 21 -33.00 -53.41 120.89
CA ARG FE 21 -33.76 -53.03 119.72
C ARG FE 21 -33.95 -54.25 118.82
N THR FE 22 -34.44 -54.04 117.60
CA THR FE 22 -34.66 -55.15 116.67
C THR FE 22 -34.25 -54.68 115.28
N VAL FE 23 -33.55 -55.55 114.55
CA VAL FE 23 -33.08 -55.23 113.19
C VAL FE 23 -34.16 -55.73 112.24
N LYS FE 24 -34.92 -54.79 111.69
CA LYS FE 24 -35.98 -55.13 110.74
C LYS FE 24 -35.44 -55.11 109.31
N GLU FE 25 -35.73 -56.16 108.57
CA GLU FE 25 -35.18 -56.32 107.24
C GLU FE 25 -36.08 -55.67 106.19
N LEU FE 26 -35.46 -54.95 105.25
CA LEU FE 26 -36.21 -54.13 104.31
C LEU FE 26 -36.12 -54.76 102.93
N VAL FE 27 -34.92 -54.93 102.37
CA VAL FE 27 -34.76 -55.44 101.01
C VAL FE 27 -33.53 -56.34 100.98
N ARG FE 28 -33.67 -57.51 100.37
CA ARG FE 28 -32.56 -58.43 100.15
C ARG FE 28 -32.43 -58.66 98.64
N ASN FE 29 -31.32 -58.22 98.07
CA ASN FE 29 -31.09 -58.37 96.64
C ASN FE 29 -29.66 -57.94 96.33
N ASN FE 30 -29.18 -58.40 95.17
CA ASN FE 30 -27.87 -58.01 94.64
C ASN FE 30 -26.76 -58.24 95.66
N SER FE 31 -26.83 -59.38 96.36
CA SER FE 31 -25.85 -59.74 97.39
C SER FE 31 -25.85 -58.77 98.55
N GLU FE 32 -26.92 -58.00 98.69
CA GLU FE 32 -27.06 -56.97 99.71
C GLU FE 32 -28.32 -57.21 100.51
N LEU FE 33 -28.28 -56.89 101.81
CA LEU FE 33 -29.45 -56.97 102.69
C LEU FE 33 -29.58 -55.60 103.38
N ASN FE 34 -30.52 -54.81 102.90
CA ASN FE 34 -30.83 -53.54 103.55
C ASN FE 34 -31.79 -53.75 104.70
N ALA FE 35 -31.45 -53.19 105.86
CA ALA FE 35 -32.26 -53.34 107.06
C ALA FE 35 -32.22 -52.01 107.83
N TYR FE 36 -32.92 -51.98 108.96
CA TYR FE 36 -32.97 -50.80 109.80
C TYR FE 36 -33.22 -51.22 111.24
N ILE FE 37 -32.65 -50.47 112.16
CA ILE FE 37 -32.84 -50.72 113.59
C ILE FE 37 -34.08 -49.97 114.05
N ASP FE 38 -34.96 -50.68 114.75
CA ASP FE 38 -36.25 -50.14 115.15
C ASP FE 38 -36.09 -49.56 116.56
N GLU FE 39 -36.02 -48.24 116.64
CA GLU FE 39 -35.99 -47.54 117.93
C GLU FE 39 -37.22 -46.67 118.12
N GLY FE 40 -38.24 -46.82 117.27
CA GLY FE 40 -39.40 -45.96 117.35
C GLY FE 40 -39.09 -44.52 116.97
N LEU FE 41 -38.35 -44.35 115.88
CA LEU FE 41 -37.96 -43.04 115.39
C LEU FE 41 -38.67 -42.77 114.07
N SER FE 42 -38.39 -41.59 113.50
CA SER FE 42 -38.97 -41.22 112.22
C SER FE 42 -38.13 -41.78 111.09
N PHE FE 43 -38.69 -41.80 109.88
CA PHE FE 43 -37.99 -42.34 108.73
C PHE FE 43 -36.72 -41.56 108.40
N GLN FE 44 -36.74 -40.24 108.54
CA GLN FE 44 -35.56 -39.42 108.30
C GLN FE 44 -34.45 -39.63 109.30
N ALA FE 45 -34.75 -40.16 110.48
CA ALA FE 45 -33.73 -40.48 111.46
C ALA FE 45 -33.94 -41.93 111.90
N ARG FE 46 -33.38 -42.85 111.12
CA ARG FE 46 -33.43 -44.27 111.41
C ARG FE 46 -32.02 -44.77 111.74
N LYS FE 47 -31.76 -46.06 111.85
CA LYS FE 47 -30.41 -46.58 112.04
C LYS FE 47 -30.15 -47.65 110.99
N GLU FE 48 -30.40 -47.31 109.73
CA GLU FE 48 -30.24 -48.26 108.63
C GLU FE 48 -28.86 -48.91 108.65
N VAL FE 49 -28.83 -50.23 108.48
CA VAL FE 49 -27.59 -51.00 108.40
C VAL FE 49 -27.68 -51.91 107.18
N ALA FE 50 -26.63 -51.91 106.37
CA ALA FE 50 -26.58 -52.69 105.14
C ALA FE 50 -25.55 -53.80 105.23
N PHE FE 51 -26.01 -55.03 104.97
CA PHE FE 51 -25.16 -56.22 104.97
C PHE FE 51 -24.93 -56.65 103.52
N SER FE 52 -23.66 -56.82 103.15
CA SER FE 52 -23.32 -57.24 101.80
C SER FE 52 -22.27 -58.34 101.86
N VAL FE 53 -22.30 -59.21 100.86
CA VAL FE 53 -21.41 -60.37 100.80
C VAL FE 53 -20.79 -60.44 99.41
N LYS FE 54 -19.48 -60.73 99.38
CA LYS FE 54 -18.70 -60.85 98.15
C LYS FE 54 -18.02 -62.23 98.15
N VAL FE 55 -18.66 -63.20 97.49
CA VAL FE 55 -18.20 -64.58 97.48
C VAL FE 55 -16.93 -64.71 96.64
N PRO FE 56 -16.04 -65.65 96.96
CA PRO FE 56 -14.80 -65.78 96.20
C PRO FE 56 -15.01 -66.41 94.83
N LYS FE 57 -14.15 -66.04 93.89
CA LYS FE 57 -14.13 -66.62 92.56
C LYS FE 57 -12.74 -67.17 92.26
N VAL FE 58 -12.68 -68.13 91.32
CA VAL FE 58 -11.42 -68.76 90.97
C VAL FE 58 -10.50 -67.75 90.31
N SER FE 59 -9.21 -67.87 90.57
CA SER FE 59 -8.20 -66.98 90.00
C SER FE 59 -6.96 -67.79 89.66
N VAL FE 60 -5.96 -67.11 89.09
CA VAL FE 60 -4.65 -67.69 88.88
C VAL FE 60 -3.59 -67.08 89.80
N SER FE 61 -3.70 -65.79 90.09
CA SER FE 61 -3.00 -65.11 91.15
C SER FE 61 -3.71 -65.41 92.46
N ALA FE 62 -3.48 -64.57 93.49
CA ALA FE 62 -4.15 -64.77 94.78
C ALA FE 62 -3.70 -66.09 95.38
N PRO FE 63 -2.54 -66.11 96.05
CA PRO FE 63 -1.77 -67.35 96.22
C PRO FE 63 -2.50 -68.40 97.02
N GLY FE 64 -3.29 -69.19 96.30
CA GLY FE 64 -4.27 -70.10 96.87
C GLY FE 64 -5.43 -70.28 95.93
N GLY FE 65 -5.44 -69.50 94.86
CA GLY FE 65 -6.32 -69.77 93.73
C GLY FE 65 -7.61 -68.98 93.70
N PHE FE 66 -8.03 -68.48 94.86
CA PHE FE 66 -9.28 -67.75 94.95
C PHE FE 66 -9.05 -66.36 95.54
N THR FE 67 -9.93 -65.45 95.14
CA THR FE 67 -10.00 -64.15 95.78
C THR FE 67 -10.57 -64.30 97.19
N GLN FE 68 -10.40 -63.27 98.00
CA GLN FE 68 -10.84 -63.34 99.38
C GLN FE 68 -12.36 -63.20 99.48
N ALA FE 69 -12.92 -63.77 100.53
CA ALA FE 69 -14.35 -63.67 100.80
C ALA FE 69 -14.60 -62.43 101.65
N ARG FE 70 -15.31 -61.44 101.08
CA ARG FE 70 -15.52 -60.17 101.75
C ARG FE 70 -16.93 -60.08 102.30
N SER FE 71 -17.05 -59.60 103.55
CA SER FE 71 -18.33 -59.39 104.23
C SER FE 71 -18.31 -57.98 104.79
N THR FE 72 -19.21 -57.13 104.31
CA THR FE 72 -19.22 -55.73 104.68
C THR FE 72 -20.52 -55.35 105.38
N VAL FE 73 -20.38 -54.60 106.47
CA VAL FE 73 -21.53 -54.05 107.20
C VAL FE 73 -21.35 -52.55 107.33
N ILE FE 74 -22.32 -51.78 106.85
CA ILE FE 74 -22.33 -50.33 107.00
C ILE FE 74 -23.53 -49.93 107.84
N LEU FE 75 -23.27 -49.25 108.95
CA LEU FE 75 -24.30 -48.72 109.84
C LEU FE 75 -24.40 -47.22 109.59
N LYS FE 76 -25.61 -46.75 109.29
CA LYS FE 76 -25.83 -45.35 109.01
C LYS FE 76 -26.60 -44.67 110.12
N SER FE 77 -26.08 -43.53 110.58
CA SER FE 77 -26.68 -42.79 111.68
C SER FE 77 -26.95 -41.36 111.23
N PRO FE 78 -28.19 -41.03 110.85
CA PRO FE 78 -28.52 -39.65 110.49
C PRO FE 78 -28.37 -38.69 111.65
N LYS FE 79 -27.61 -37.62 111.44
CA LYS FE 79 -27.45 -36.55 112.41
C LYS FE 79 -28.04 -35.26 111.84
N THR FE 80 -28.67 -34.47 112.70
CA THR FE 80 -29.23 -33.18 112.32
C THR FE 80 -28.39 -32.07 112.92
N LEU FE 81 -27.97 -31.14 112.08
CA LEU FE 81 -27.00 -30.13 112.45
C LEU FE 81 -27.67 -28.89 113.03
N ALA FE 82 -26.86 -27.93 113.45
CA ALA FE 82 -27.39 -26.70 114.03
C ALA FE 82 -28.20 -25.91 113.02
N ASN FE 83 -27.67 -25.77 111.79
CA ASN FE 83 -28.42 -25.09 110.74
C ASN FE 83 -29.69 -25.84 110.39
N GLY FE 84 -29.63 -27.17 110.35
CA GLY FE 84 -30.80 -27.96 110.06
C GLY FE 84 -30.64 -28.88 108.87
N ASN FE 85 -29.47 -28.83 108.23
CA ASN FE 85 -29.17 -29.78 107.18
C ASN FE 85 -28.97 -31.17 107.77
N ARG FE 86 -29.27 -32.19 106.98
CA ARG FE 86 -29.17 -33.56 107.42
C ARG FE 86 -27.90 -34.22 106.89
N THR FE 87 -27.15 -34.85 107.78
CA THR FE 87 -25.96 -35.62 107.43
C THR FE 87 -26.08 -37.00 108.04
N VAL FE 88 -25.38 -37.97 107.44
CA VAL FE 88 -25.38 -39.34 107.90
C VAL FE 88 -23.97 -39.68 108.38
N ASN FE 89 -23.87 -40.23 109.59
CA ASN FE 89 -22.61 -40.72 110.14
C ASN FE 89 -22.59 -42.23 109.95
N THR FE 90 -21.56 -42.74 109.30
CA THR FE 90 -21.48 -44.15 108.94
C THR FE 90 -20.31 -44.84 109.62
N VAL FE 91 -20.49 -46.13 109.90
CA VAL FE 91 -19.41 -47.00 110.32
C VAL FE 91 -19.35 -48.21 109.38
N SER FE 92 -18.23 -48.38 108.70
CA SER FE 92 -18.06 -49.53 107.82
C SER FE 92 -17.19 -50.58 108.49
N ILE FE 93 -17.59 -51.84 108.34
CA ILE FE 93 -16.84 -52.98 108.87
C ILE FE 93 -16.72 -53.97 107.71
N GLN FE 94 -15.51 -54.14 107.20
CA GLN FE 94 -15.25 -55.06 106.10
C GLN FE 94 -14.28 -56.14 106.57
N LEU FE 95 -14.67 -57.39 106.38
CA LEU FE 95 -13.85 -58.54 106.74
C LEU FE 95 -13.48 -59.26 105.45
N SER FE 96 -12.19 -59.40 105.20
CA SER FE 96 -11.68 -60.13 104.04
C SER FE 96 -10.82 -61.28 104.53
N VAL FE 97 -11.27 -62.51 104.29
CA VAL FE 97 -10.52 -63.71 104.66
C VAL FE 97 -10.34 -64.58 103.43
N ASP FE 98 -9.18 -65.24 103.37
CA ASP FE 98 -9.00 -66.29 102.39
C ASP FE 98 -9.94 -67.44 102.69
N PRO FE 99 -10.47 -68.10 101.67
CA PRO FE 99 -11.44 -69.19 101.91
C PRO FE 99 -10.87 -70.34 102.72
N GLU FE 100 -9.55 -70.50 102.80
CA GLU FE 100 -8.96 -71.54 103.62
C GLU FE 100 -9.06 -71.25 105.11
N THR FE 101 -9.46 -70.04 105.49
CA THR FE 101 -9.43 -69.62 106.89
C THR FE 101 -10.47 -70.37 107.71
N THR FE 102 -10.05 -70.89 108.85
CA THR FE 102 -10.92 -71.64 109.74
C THR FE 102 -11.89 -70.70 110.45
N ALA FE 103 -12.90 -71.29 111.09
CA ALA FE 103 -13.89 -70.49 111.81
C ALA FE 103 -13.31 -69.94 113.11
N ALA FE 104 -12.34 -70.63 113.70
CA ALA FE 104 -11.71 -70.12 114.92
C ALA FE 104 -10.76 -68.96 114.61
N GLU FE 105 -10.16 -68.96 113.41
CA GLU FE 105 -9.32 -67.83 113.02
C GLU FE 105 -10.16 -66.59 112.75
N VAL FE 106 -11.36 -66.75 112.17
CA VAL FE 106 -12.25 -65.62 111.97
C VAL FE 106 -12.80 -65.13 113.30
N THR FE 107 -13.14 -66.06 114.21
CA THR FE 107 -13.64 -65.67 115.51
C THR FE 107 -12.62 -64.84 116.27
N THR FE 108 -11.34 -65.23 116.21
CA THR FE 108 -10.29 -64.43 116.84
C THR FE 108 -10.21 -63.05 116.23
N MET FE 109 -10.29 -62.97 114.90
CA MET FE 109 -10.27 -61.69 114.21
C MET FE 109 -11.46 -60.82 114.61
N LEU FE 110 -12.65 -61.43 114.69
CA LEU FE 110 -13.85 -60.67 115.00
C LEU FE 110 -13.80 -60.10 116.41
N ASN FE 111 -13.33 -60.90 117.37
CA ASN FE 111 -13.31 -60.44 118.74
C ASN FE 111 -12.25 -59.37 118.98
N ALA FE 112 -11.07 -59.54 118.39
CA ALA FE 112 -10.01 -58.54 118.55
C ALA FE 112 -10.40 -57.22 117.89
N ALA FE 113 -11.10 -57.27 116.76
CA ALA FE 113 -11.55 -56.05 116.10
C ALA FE 113 -12.68 -55.37 116.86
N ALA FE 114 -13.43 -56.13 117.65
CA ALA FE 114 -14.51 -55.54 118.44
C ALA FE 114 -13.96 -54.67 119.56
N GLN FE 115 -12.93 -55.16 120.25
CA GLN FE 115 -12.27 -54.34 121.26
C GLN FE 115 -11.52 -53.16 120.68
N LEU FE 116 -11.22 -53.19 119.38
CA LEU FE 116 -10.54 -52.05 118.76
C LEU FE 116 -11.43 -50.82 118.72
N LEU FE 117 -12.76 -51.01 118.76
CA LEU FE 117 -13.68 -49.88 118.72
C LEU FE 117 -14.59 -49.80 119.94
N PHE FE 118 -14.26 -50.49 121.03
CA PHE FE 118 -14.91 -50.18 122.29
C PHE FE 118 -13.98 -50.12 123.50
N ASP FE 119 -12.72 -50.53 123.39
CA ASP FE 119 -11.78 -50.38 124.49
C ASP FE 119 -11.49 -48.91 124.75
N SER FE 120 -11.26 -48.58 126.02
CA SER FE 120 -11.11 -47.18 126.40
C SER FE 120 -9.84 -46.56 125.82
N ASP FE 121 -8.80 -47.38 125.59
CA ASP FE 121 -7.54 -46.87 125.06
C ASP FE 121 -7.69 -46.26 123.68
N TYR FE 122 -8.76 -46.61 122.97
CA TYR FE 122 -8.95 -46.12 121.61
C TYR FE 122 -10.05 -45.06 121.55
N SER FE 123 -10.50 -44.60 122.71
CA SER FE 123 -11.56 -43.60 122.74
C SER FE 123 -11.14 -42.30 122.07
N ASP FE 124 -9.92 -41.84 122.33
CA ASP FE 124 -9.45 -40.58 121.74
C ASP FE 124 -9.13 -40.72 120.26
N PHE FE 125 -8.77 -41.91 119.81
CA PHE FE 125 -8.57 -42.11 118.37
C PHE FE 125 -9.87 -42.01 117.60
N TRP FE 126 -10.96 -42.58 118.11
CA TRP FE 126 -12.24 -42.53 117.42
C TRP FE 126 -12.92 -41.17 117.55
N LYS FE 127 -12.87 -40.58 118.74
CA LYS FE 127 -13.55 -39.30 118.99
C LYS FE 127 -12.64 -38.10 118.74
N ALA FE 128 -11.51 -38.03 119.44
CA ALA FE 128 -10.61 -36.90 119.28
C ALA FE 128 -9.71 -37.00 118.06
N GLN FE 129 -9.71 -38.16 117.38
CA GLN FE 129 -8.88 -38.37 116.19
C GLN FE 129 -7.39 -38.23 116.54
N ALA FE 130 -7.03 -38.78 117.70
CA ALA FE 130 -5.70 -38.62 118.28
C ALA FE 130 -4.92 -39.92 118.14
N LEU FE 131 -3.87 -39.89 117.33
CA LEU FE 131 -3.05 -41.07 117.09
C LEU FE 131 -2.27 -41.47 118.34
N ALA FE 132 -1.92 -40.50 119.17
CA ALA FE 132 -1.28 -40.81 120.45
C ALA FE 132 -1.85 -39.96 121.57
N ALA GE 1 -30.58 -64.90 112.04
CA ALA GE 1 -29.41 -64.10 111.69
C ALA GE 1 -29.81 -62.66 111.43
N ILE GE 2 -29.38 -62.14 110.29
CA ILE GE 2 -29.80 -60.79 109.88
C ILE GE 2 -31.23 -60.87 109.37
N ALA GE 3 -32.18 -60.51 110.22
CA ALA GE 3 -33.59 -60.64 109.91
C ALA GE 3 -34.43 -60.13 111.06
N ASN GE 4 -34.26 -60.72 112.25
CA ASN GE 4 -34.97 -60.33 113.45
C ASN GE 4 -34.02 -60.19 114.63
N SER GE 5 -32.75 -59.93 114.34
CA SER GE 5 -31.74 -59.88 115.39
C SER GE 5 -31.93 -58.65 116.28
N SER GE 6 -31.53 -58.79 117.54
CA SER GE 6 -31.64 -57.72 118.54
C SER GE 6 -30.26 -57.18 118.84
N ILE GE 7 -30.15 -55.85 118.89
CA ILE GE 7 -28.92 -55.16 119.24
C ILE GE 7 -29.21 -54.19 120.37
N ALA GE 8 -28.40 -54.25 121.43
CA ALA GE 8 -28.62 -53.42 122.62
C ALA GE 8 -28.00 -52.05 122.42
N ILE GE 9 -28.82 -51.07 122.06
CA ILE GE 9 -28.34 -49.72 121.78
C ILE GE 9 -27.98 -49.03 123.09
N ASP GE 10 -26.84 -48.33 123.07
CA ASP GE 10 -26.35 -47.56 124.22
C ASP GE 10 -26.16 -48.44 125.45
N SER GE 11 -25.51 -49.58 125.25
CA SER GE 11 -25.15 -50.49 126.31
C SER GE 11 -23.66 -50.44 126.57
N THR GE 12 -23.20 -51.25 127.51
CA THR GE 12 -21.79 -51.34 127.87
C THR GE 12 -21.26 -52.70 127.42
N ALA GE 13 -20.21 -52.68 126.60
CA ALA GE 13 -19.59 -53.89 126.09
C ALA GE 13 -18.29 -54.14 126.82
N SER GE 14 -18.09 -55.39 127.25
CA SER GE 14 -16.91 -55.78 128.01
C SER GE 14 -16.35 -57.08 127.46
N VAL GE 15 -15.25 -57.52 128.05
CA VAL GE 15 -14.53 -58.72 127.63
C VAL GE 15 -14.12 -59.51 128.86
N THR GE 16 -14.29 -60.82 128.80
CA THR GE 16 -13.84 -61.72 129.86
C THR GE 16 -13.00 -62.83 129.26
N GLY GE 17 -12.09 -63.38 130.05
CA GLY GE 17 -11.21 -64.42 129.55
C GLY GE 17 -10.17 -63.88 128.60
N GLY GE 18 -9.53 -64.80 127.90
CA GLY GE 18 -8.54 -64.44 126.91
C GLY GE 18 -7.18 -64.14 127.49
N THR GE 19 -6.26 -63.74 126.62
CA THR GE 19 -4.92 -63.35 126.98
C THR GE 19 -4.69 -61.88 126.61
N ALA GE 20 -4.16 -61.12 127.54
CA ALA GE 20 -3.95 -59.68 127.39
C ALA GE 20 -2.62 -59.46 126.66
N ARG GE 21 -2.71 -58.91 125.45
CA ARG GE 21 -1.52 -58.51 124.72
C ARG GE 21 -1.37 -57.00 124.75
N THR GE 22 -0.15 -56.53 124.50
CA THR GE 22 0.20 -55.14 124.78
C THR GE 22 -0.08 -54.22 123.59
N VAL GE 23 0.18 -54.70 122.37
CA VAL GE 23 0.15 -53.87 121.16
C VAL GE 23 1.34 -52.92 121.22
N LYS GE 24 2.19 -52.96 120.20
CA LYS GE 24 3.45 -52.20 120.19
C LYS GE 24 3.52 -51.40 118.92
N GLU GE 25 3.89 -50.13 119.03
CA GLU GE 25 3.97 -49.26 117.86
C GLU GE 25 5.19 -49.60 117.02
N LEU GE 26 4.99 -49.71 115.71
CA LEU GE 26 6.10 -49.96 114.79
C LEU GE 26 6.60 -48.67 114.15
N VAL GE 27 5.76 -48.00 113.37
CA VAL GE 27 6.16 -46.91 112.50
C VAL GE 27 5.05 -45.86 112.50
N ARG GE 28 5.47 -44.60 112.44
CA ARG GE 28 4.56 -43.48 112.52
C ARG GE 28 4.71 -42.64 111.25
N ASN GE 29 3.96 -41.55 111.17
CA ASN GE 29 4.06 -40.56 110.10
C ASN GE 29 3.48 -41.07 108.79
N ASN GE 30 2.58 -40.30 108.19
CA ASN GE 30 2.01 -39.12 108.82
C ASN GE 30 0.50 -39.23 108.83
N SER GE 31 -0.11 -38.94 109.98
CA SER GE 31 -1.54 -39.19 110.20
C SER GE 31 -1.85 -40.67 109.95
N GLU GE 32 -0.91 -41.52 110.36
CA GLU GE 32 -1.00 -42.95 110.08
C GLU GE 32 -0.10 -43.68 111.07
N LEU GE 33 -0.69 -44.46 111.96
CA LEU GE 33 0.09 -45.21 112.94
C LEU GE 33 0.07 -46.70 112.61
N ASN GE 34 1.23 -47.35 112.76
CA ASN GE 34 1.37 -48.77 112.53
C ASN GE 34 1.83 -49.42 113.83
N ALA GE 35 1.13 -50.47 114.25
CA ALA GE 35 1.45 -51.16 115.48
C ALA GE 35 1.35 -52.66 115.22
N TYR GE 36 1.55 -53.45 116.27
CA TYR GE 36 1.40 -54.89 116.16
C TYR GE 36 1.06 -55.45 117.53
N ILE GE 37 0.22 -56.48 117.55
CA ILE GE 37 -0.17 -57.13 118.79
C ILE GE 37 0.88 -58.18 119.13
N ASP GE 38 1.58 -57.99 120.25
CA ASP GE 38 2.70 -58.84 120.62
C ASP GE 38 2.19 -60.06 121.37
N GLU GE 39 2.17 -61.21 120.72
CA GLU GE 39 1.77 -62.47 121.33
C GLU GE 39 2.91 -63.47 121.34
N GLY GE 40 4.15 -62.98 121.24
CA GLY GE 40 5.30 -63.86 121.17
C GLY GE 40 5.34 -64.71 119.92
N LEU GE 41 4.98 -64.12 118.78
CA LEU GE 41 4.99 -64.82 117.50
C LEU GE 41 6.14 -64.29 116.65
N SER GE 42 6.35 -64.93 115.51
CA SER GE 42 7.43 -64.55 114.62
C SER GE 42 7.09 -63.27 113.86
N PHE GE 43 8.06 -62.81 113.06
CA PHE GE 43 7.88 -61.56 112.32
C PHE GE 43 6.84 -61.70 111.22
N GLN GE 44 6.74 -62.87 110.61
CA GLN GE 44 5.78 -63.07 109.53
C GLN GE 44 4.41 -63.46 110.03
N ALA GE 45 4.27 -63.84 111.30
CA ALA GE 45 3.01 -64.35 111.83
C ALA GE 45 2.41 -63.41 112.87
N ARG GE 46 2.84 -62.16 112.90
CA ARG GE 46 2.34 -61.22 113.88
C ARG GE 46 1.12 -60.47 113.35
N LYS GE 47 0.30 -59.99 114.29
CA LYS GE 47 -1.00 -59.38 114.00
C LYS GE 47 -0.91 -58.11 113.14
N GLU GE 48 -0.24 -57.07 113.65
CA GLU GE 48 -0.04 -55.82 112.92
C GLU GE 48 -1.30 -55.03 112.53
N VAL GE 49 -1.95 -54.43 113.52
CA VAL GE 49 -3.07 -53.51 113.30
C VAL GE 49 -2.53 -52.14 112.93
N ALA GE 50 -3.17 -51.48 111.95
CA ALA GE 50 -2.80 -50.14 111.53
C ALA GE 50 -3.89 -49.12 111.87
N PHE GE 51 -3.48 -47.87 112.07
CA PHE GE 51 -4.38 -46.80 112.48
C PHE GE 51 -4.19 -45.59 111.57
N SER GE 52 -5.19 -45.31 110.74
CA SER GE 52 -5.17 -44.17 109.84
C SER GE 52 -6.13 -43.10 110.35
N VAL GE 53 -5.99 -41.89 109.82
CA VAL GE 53 -6.80 -40.76 110.25
C VAL GE 53 -6.92 -39.73 109.13
N LYS GE 54 -8.11 -39.17 108.95
CA LYS GE 54 -8.36 -38.10 107.99
C LYS GE 54 -9.05 -36.96 108.73
N VAL GE 55 -8.36 -35.84 108.89
CA VAL GE 55 -8.89 -34.74 109.68
C VAL GE 55 -10.01 -34.05 108.92
N PRO GE 56 -10.96 -33.38 109.58
CA PRO GE 56 -12.02 -32.68 108.85
C PRO GE 56 -11.45 -31.51 108.04
N LYS GE 57 -11.76 -31.50 106.75
CA LYS GE 57 -11.31 -30.46 105.85
C LYS GE 57 -12.44 -29.47 105.61
N VAL GE 58 -12.15 -28.19 105.73
CA VAL GE 58 -13.17 -27.16 105.59
C VAL GE 58 -13.55 -27.00 104.13
N SER GE 59 -14.66 -27.62 103.74
CA SER GE 59 -15.22 -27.49 102.41
C SER GE 59 -16.23 -26.34 102.37
N VAL GE 60 -17.04 -26.27 101.32
CA VAL GE 60 -18.06 -25.25 101.22
C VAL GE 60 -19.43 -25.89 101.03
N SER GE 61 -19.53 -26.78 100.04
CA SER GE 61 -20.81 -27.39 99.69
C SER GE 61 -21.00 -28.71 100.43
N ALA GE 62 -21.03 -28.61 101.76
CA ALA GE 62 -21.22 -29.78 102.60
C ALA GE 62 -22.09 -29.41 103.79
N PRO GE 63 -22.82 -30.37 104.36
CA PRO GE 63 -23.53 -30.09 105.61
C PRO GE 63 -22.56 -29.66 106.70
N GLY GE 64 -22.95 -28.61 107.43
CA GLY GE 64 -22.12 -28.12 108.51
C GLY GE 64 -21.00 -27.21 108.04
N GLY GE 65 -20.47 -27.49 106.85
CA GLY GE 65 -19.43 -26.68 106.28
C GLY GE 65 -18.18 -27.46 105.92
N PHE GE 66 -17.76 -28.39 106.79
CA PHE GE 66 -16.51 -29.12 106.57
C PHE GE 66 -16.81 -30.50 106.00
N THR GE 67 -15.76 -31.19 105.57
CA THR GE 67 -15.86 -32.60 105.26
C THR GE 67 -15.81 -33.41 106.56
N GLN GE 68 -15.99 -34.71 106.42
CA GLN GE 68 -16.16 -35.57 107.58
C GLN GE 68 -14.82 -35.97 108.19
N ALA GE 69 -14.86 -36.27 109.48
CA ALA GE 69 -13.69 -36.75 110.22
C ALA GE 69 -13.61 -38.26 110.07
N ARG GE 70 -12.77 -38.71 109.14
CA ARG GE 70 -12.60 -40.14 108.89
C ARG GE 70 -11.52 -40.72 109.81
N SER GE 71 -11.77 -41.94 110.29
CA SER GE 71 -10.83 -42.61 111.18
C SER GE 71 -10.89 -44.10 110.85
N THR GE 72 -9.78 -44.64 110.33
CA THR GE 72 -9.74 -46.00 109.84
C THR GE 72 -8.81 -46.86 110.69
N VAL GE 73 -9.23 -48.11 110.91
CA VAL GE 73 -8.40 -49.13 111.56
C VAL GE 73 -8.44 -50.36 110.66
N ILE GE 74 -7.27 -50.91 110.36
CA ILE GE 74 -7.15 -52.19 109.67
C ILE GE 74 -6.36 -53.14 110.55
N LEU GE 75 -6.96 -54.26 110.91
CA LEU GE 75 -6.28 -55.33 111.62
C LEU GE 75 -5.87 -56.38 110.58
N LYS GE 76 -4.58 -56.65 110.50
CA LYS GE 76 -4.08 -57.68 109.59
C LYS GE 76 -3.90 -58.98 110.36
N SER GE 77 -3.85 -60.08 109.64
CA SER GE 77 -3.74 -61.41 110.25
C SER GE 77 -3.13 -62.37 109.23
N PRO GE 78 -1.84 -62.67 109.36
CA PRO GE 78 -1.21 -63.59 108.40
C PRO GE 78 -1.78 -64.99 108.52
N LYS GE 79 -1.78 -65.70 107.39
CA LYS GE 79 -2.19 -67.09 107.36
C LYS GE 79 -1.43 -67.80 106.26
N THR GE 80 -0.94 -69.00 106.56
CA THR GE 80 -0.25 -69.81 105.58
C THR GE 80 -1.20 -70.87 105.04
N LEU GE 81 -1.09 -71.15 103.74
CA LEU GE 81 -2.06 -71.98 103.05
C LEU GE 81 -1.58 -73.42 102.93
N ALA GE 82 -2.43 -74.27 102.35
CA ALA GE 82 -2.11 -75.68 102.16
C ALA GE 82 -1.06 -75.91 101.08
N ASN GE 83 -0.74 -74.90 100.29
CA ASN GE 83 0.34 -74.97 99.32
C ASN GE 83 1.61 -74.29 99.79
N GLY GE 84 1.63 -73.75 101.01
CA GLY GE 84 2.79 -73.10 101.56
C GLY GE 84 2.87 -71.61 101.34
N ASN GE 85 1.98 -71.04 100.53
CA ASN GE 85 2.00 -69.60 100.29
C ASN GE 85 1.45 -68.85 101.50
N ARG GE 86 1.83 -67.58 101.60
CA ARG GE 86 1.42 -66.71 102.69
C ARG GE 86 0.44 -65.69 102.15
N THR GE 87 -0.69 -65.52 102.84
CA THR GE 87 -1.68 -64.49 102.55
C THR GE 87 -2.02 -63.74 103.84
N VAL GE 88 -2.83 -62.71 103.70
CA VAL GE 88 -3.23 -61.86 104.83
C VAL GE 88 -4.75 -61.76 104.85
N ASN GE 89 -5.34 -61.94 106.03
CA ASN GE 89 -6.74 -61.65 106.27
C ASN GE 89 -6.82 -60.29 106.96
N THR GE 90 -7.83 -59.50 106.62
CA THR GE 90 -7.94 -58.15 107.16
C THR GE 90 -9.34 -57.90 107.71
N VAL GE 91 -9.40 -57.04 108.72
CA VAL GE 91 -10.65 -56.44 109.18
C VAL GE 91 -10.48 -54.93 109.11
N SER GE 92 -11.29 -54.28 108.28
CA SER GE 92 -11.21 -52.83 108.10
C SER GE 92 -12.40 -52.16 108.77
N ILE GE 93 -12.12 -51.20 109.64
CA ILE GE 93 -13.16 -50.44 110.34
C ILE GE 93 -12.93 -48.97 110.03
N GLN GE 94 -13.92 -48.33 109.41
CA GLN GE 94 -13.87 -46.91 109.13
C GLN GE 94 -15.01 -46.20 109.83
N LEU GE 95 -14.69 -45.17 110.60
CA LEU GE 95 -15.67 -44.34 111.28
C LEU GE 95 -15.65 -42.98 110.57
N SER GE 96 -16.81 -42.57 110.08
CA SER GE 96 -16.94 -41.33 109.32
C SER GE 96 -18.08 -40.52 109.90
N VAL GE 97 -17.74 -39.57 110.77
CA VAL GE 97 -18.72 -38.72 111.40
C VAL GE 97 -18.48 -37.26 110.99
N ASP GE 98 -19.50 -36.45 111.10
CA ASP GE 98 -19.37 -35.01 110.90
C ASP GE 98 -18.72 -34.39 112.13
N PRO GE 99 -17.97 -33.30 111.95
CA PRO GE 99 -17.26 -32.71 113.10
C PRO GE 99 -18.18 -32.23 114.21
N GLU GE 100 -19.44 -31.90 113.90
CA GLU GE 100 -20.40 -31.45 114.90
C GLU GE 100 -20.91 -32.57 115.78
N THR GE 101 -20.56 -33.82 115.47
CA THR GE 101 -20.99 -34.96 116.27
C THR GE 101 -20.36 -34.91 117.65
N THR GE 102 -21.16 -35.18 118.67
CA THR GE 102 -20.68 -35.24 120.05
C THR GE 102 -20.06 -36.59 120.34
N ALA GE 103 -19.31 -36.64 121.44
CA ALA GE 103 -18.66 -37.89 121.85
C ALA GE 103 -19.69 -38.95 122.19
N ALA GE 104 -20.84 -38.54 122.72
CA ALA GE 104 -21.87 -39.49 123.10
C ALA GE 104 -22.54 -40.13 121.89
N GLU GE 105 -22.69 -39.38 120.79
CA GLU GE 105 -23.24 -39.97 119.57
C GLU GE 105 -22.24 -40.89 118.90
N VAL GE 106 -20.96 -40.75 119.23
CA VAL GE 106 -19.93 -41.57 118.59
C VAL GE 106 -19.77 -42.89 119.34
N THR GE 107 -19.84 -42.84 120.67
CA THR GE 107 -19.71 -44.05 121.46
C THR GE 107 -20.95 -44.92 121.32
N THR GE 108 -22.05 -44.33 120.86
CA THR GE 108 -23.23 -45.12 120.53
C THR GE 108 -23.04 -45.86 119.21
N MET GE 109 -22.48 -45.18 118.21
CA MET GE 109 -22.21 -45.83 116.93
C MET GE 109 -21.20 -46.96 117.09
N LEU GE 110 -20.15 -46.73 117.89
CA LEU GE 110 -19.12 -47.75 118.06
C LEU GE 110 -19.67 -48.98 118.78
N ASN GE 111 -20.56 -48.76 119.74
CA ASN GE 111 -21.15 -49.89 120.46
C ASN GE 111 -22.07 -50.69 119.56
N ALA GE 112 -22.87 -50.00 118.74
CA ALA GE 112 -23.73 -50.69 117.79
C ALA GE 112 -22.90 -51.45 116.75
N ALA GE 113 -21.83 -50.83 116.28
CA ALA GE 113 -20.98 -51.48 115.28
C ALA GE 113 -20.18 -52.63 115.89
N ALA GE 114 -19.73 -52.48 117.14
CA ALA GE 114 -19.01 -53.57 117.78
C ALA GE 114 -19.92 -54.76 118.02
N GLN GE 115 -21.21 -54.51 118.26
CA GLN GE 115 -22.15 -55.60 118.48
C GLN GE 115 -22.27 -56.48 117.25
N LEU GE 116 -22.29 -55.88 116.06
CA LEU GE 116 -22.31 -56.66 114.82
C LEU GE 116 -20.88 -57.08 114.46
N LEU GE 117 -20.17 -57.56 115.46
CA LEU GE 117 -18.86 -58.18 115.24
C LEU GE 117 -18.74 -59.44 116.08
N PHE GE 118 -19.43 -59.46 117.22
CA PHE GE 118 -19.32 -60.57 118.15
C PHE GE 118 -20.67 -61.14 118.59
N ASP GE 119 -21.78 -60.50 118.26
CA ASP GE 119 -23.08 -61.04 118.60
C ASP GE 119 -23.31 -62.36 117.86
N SER GE 120 -23.82 -63.35 118.59
CA SER GE 120 -23.97 -64.69 118.04
C SER GE 120 -24.94 -64.71 116.87
N ASP GE 121 -25.83 -63.71 116.80
CA ASP GE 121 -26.81 -63.64 115.72
C ASP GE 121 -26.10 -63.49 114.38
N TYR GE 122 -25.08 -62.65 114.32
CA TYR GE 122 -24.31 -62.48 113.10
C TYR GE 122 -23.04 -63.33 113.14
N SER GE 123 -23.18 -64.65 113.14
CA SER GE 123 -22.01 -65.52 113.08
C SER GE 123 -21.95 -66.18 111.71
N ASP GE 124 -23.09 -66.68 111.24
CA ASP GE 124 -23.15 -67.27 109.90
C ASP GE 124 -22.84 -66.24 108.83
N PHE GE 125 -23.08 -64.95 109.10
CA PHE GE 125 -22.78 -63.92 108.12
C PHE GE 125 -21.28 -63.71 107.93
N TRP GE 126 -20.47 -63.81 108.99
CA TRP GE 126 -19.05 -63.55 108.86
C TRP GE 126 -18.30 -64.80 108.42
N LYS GE 127 -18.59 -65.95 109.04
CA LYS GE 127 -17.85 -67.16 108.74
C LYS GE 127 -18.45 -67.90 107.55
N ALA GE 128 -19.75 -68.19 107.60
CA ALA GE 128 -20.40 -68.90 106.51
C ALA GE 128 -20.77 -67.98 105.35
N GLN GE 129 -20.62 -66.66 105.52
CA GLN GE 129 -20.97 -65.68 104.50
C GLN GE 129 -22.43 -65.80 104.09
N ALA GE 130 -23.28 -66.11 105.06
CA ALA GE 130 -24.70 -66.39 104.83
C ALA GE 130 -25.52 -65.14 105.17
N LEU GE 131 -26.10 -64.53 104.14
CA LEU GE 131 -26.90 -63.32 104.32
C LEU GE 131 -28.17 -63.61 105.12
N ALA GE 132 -28.63 -64.85 105.13
CA ALA GE 132 -29.82 -65.21 105.88
C ALA GE 132 -29.84 -66.69 106.28
N ALA HE 1 -75.70 -47.75 96.98
CA ALA HE 1 -74.72 -47.44 95.94
C ALA HE 1 -73.66 -46.46 96.45
N ILE HE 2 -72.94 -45.84 95.52
CA ILE HE 2 -71.86 -44.93 95.88
C ILE HE 2 -72.40 -43.72 96.64
N ALA HE 3 -73.48 -43.13 96.15
CA ALA HE 3 -74.07 -41.97 96.81
C ALA HE 3 -74.66 -42.37 98.16
N ASN HE 4 -74.30 -41.62 99.20
CA ASN HE 4 -74.77 -41.85 100.57
C ASN HE 4 -74.35 -43.22 101.08
N SER HE 5 -73.21 -43.72 100.58
CA SER HE 5 -72.61 -44.93 101.12
C SER HE 5 -71.86 -44.57 102.40
N SER HE 6 -71.95 -45.45 103.40
CA SER HE 6 -71.31 -45.21 104.68
C SER HE 6 -70.04 -46.05 104.81
N ILE HE 7 -68.99 -45.42 105.32
CA ILE HE 7 -67.71 -46.08 105.57
C ILE HE 7 -67.33 -45.85 107.03
N ALA HE 8 -66.95 -46.91 107.72
CA ALA HE 8 -66.58 -46.82 109.13
C ALA HE 8 -65.09 -46.53 109.23
N ILE HE 9 -64.75 -45.29 109.56
CA ILE HE 9 -63.36 -44.87 109.64
C ILE HE 9 -62.74 -45.37 110.93
N ASP HE 10 -61.46 -45.78 110.84
CA ASP HE 10 -60.69 -46.27 111.99
C ASP HE 10 -61.38 -47.50 112.60
N SER HE 11 -61.41 -48.56 111.81
CA SER HE 11 -62.15 -49.76 112.16
C SER HE 11 -61.26 -50.98 112.03
N THR HE 12 -61.61 -52.01 112.78
CA THR HE 12 -60.95 -53.30 112.64
C THR HE 12 -61.67 -54.12 111.58
N ALA HE 13 -60.89 -54.64 110.63
CA ALA HE 13 -61.43 -55.44 109.52
C ALA HE 13 -61.12 -56.91 109.81
N SER HE 14 -62.17 -57.68 110.07
CA SER HE 14 -62.02 -59.11 110.26
C SER HE 14 -62.28 -59.84 108.95
N VAL HE 15 -62.11 -61.16 108.96
CA VAL HE 15 -62.45 -61.99 107.82
C VAL HE 15 -62.73 -63.41 108.31
N THR HE 16 -63.89 -63.95 107.94
CA THR HE 16 -64.28 -65.30 108.35
C THR HE 16 -64.97 -65.98 107.18
N GLY HE 17 -64.19 -66.63 106.32
CA GLY HE 17 -64.77 -67.47 105.29
C GLY HE 17 -64.16 -68.85 105.19
N GLY HE 18 -62.95 -69.01 105.70
CA GLY HE 18 -62.23 -70.26 105.55
C GLY HE 18 -61.34 -70.28 104.33
N THR HE 19 -60.90 -71.48 103.92
CA THR HE 19 -60.02 -71.68 102.78
C THR HE 19 -58.72 -70.89 102.95
N ALA HE 20 -57.98 -71.24 104.00
CA ALA HE 20 -56.75 -70.54 104.34
C ALA HE 20 -55.62 -70.94 103.39
N ARG HE 21 -55.48 -70.22 102.28
CA ARG HE 21 -54.42 -70.48 101.33
C ARG HE 21 -53.10 -69.93 101.85
N THR HE 22 -52.05 -70.14 101.07
CA THR HE 22 -50.70 -69.72 101.46
C THR HE 22 -50.03 -68.99 100.32
N VAL HE 23 -49.52 -67.80 100.61
CA VAL HE 23 -48.76 -67.03 99.62
C VAL HE 23 -47.32 -67.55 99.65
N LYS HE 24 -46.87 -68.10 98.53
CA LYS HE 24 -45.51 -68.60 98.38
C LYS HE 24 -44.78 -67.72 97.38
N GLU HE 25 -43.58 -67.29 97.73
CA GLU HE 25 -42.84 -66.40 96.84
C GLU HE 25 -42.22 -67.18 95.70
N LEU HE 26 -42.06 -66.51 94.55
CA LEU HE 26 -41.48 -67.14 93.37
C LEU HE 26 -40.11 -66.55 93.06
N VAL HE 27 -40.02 -65.24 92.81
CA VAL HE 27 -38.77 -64.59 92.45
C VAL HE 27 -38.69 -63.27 93.20
N ARG HE 28 -37.63 -62.53 92.94
CA ARG HE 28 -37.45 -61.23 93.59
C ARG HE 28 -37.16 -60.09 92.63
N ASN HE 29 -36.45 -60.35 91.54
CA ASN HE 29 -35.88 -59.34 90.63
C ASN HE 29 -35.63 -57.98 91.30
N ASN HE 30 -35.88 -56.90 90.58
CA ASN HE 30 -35.42 -55.57 90.99
C ASN HE 30 -36.43 -54.93 91.92
N SER HE 31 -36.13 -54.94 93.22
CA SER HE 31 -36.93 -54.26 94.24
C SER HE 31 -38.39 -54.66 94.16
N GLU HE 32 -38.62 -55.95 93.91
CA GLU HE 32 -39.94 -56.48 93.68
C GLU HE 32 -40.05 -57.80 94.44
N LEU HE 33 -41.25 -58.37 94.44
CA LEU HE 33 -41.45 -59.68 95.04
C LEU HE 33 -42.65 -60.37 94.38
N ASN HE 34 -42.38 -61.29 93.47
CA ASN HE 34 -43.45 -62.01 92.79
C ASN HE 34 -43.75 -63.28 93.54
N ALA HE 35 -44.98 -63.42 94.00
CA ALA HE 35 -45.43 -64.60 94.72
C ALA HE 35 -46.62 -65.21 93.99
N TYR HE 36 -47.22 -66.24 94.59
CA TYR HE 36 -48.40 -66.87 94.04
C TYR HE 36 -49.18 -67.52 95.17
N ILE HE 37 -50.49 -67.61 95.00
CA ILE HE 37 -51.35 -68.21 96.01
C ILE HE 37 -51.47 -69.71 95.73
N ASP HE 38 -51.14 -70.52 96.73
CA ASP HE 38 -51.10 -71.97 96.56
C ASP HE 38 -52.50 -72.54 96.85
N GLU HE 39 -53.29 -72.63 95.79
CA GLU HE 39 -54.63 -73.23 95.87
C GLU HE 39 -54.72 -74.57 95.16
N GLY HE 40 -53.62 -75.08 94.63
CA GLY HE 40 -53.60 -76.35 93.95
C GLY HE 40 -54.01 -76.32 92.49
N LEU HE 41 -54.08 -75.16 91.86
CA LEU HE 41 -54.46 -75.06 90.46
C LEU HE 41 -53.28 -75.44 89.57
N SER HE 42 -53.46 -75.25 88.27
CA SER HE 42 -52.42 -75.53 87.31
C SER HE 42 -51.30 -74.50 87.42
N PHE HE 43 -50.25 -74.71 86.62
CA PHE HE 43 -49.09 -73.82 86.66
C PHE HE 43 -49.41 -72.46 86.05
N GLN HE 44 -50.06 -72.46 84.88
CA GLN HE 44 -50.47 -71.21 84.25
C GLN HE 44 -51.94 -70.90 84.50
N ALA HE 45 -52.45 -71.32 85.67
CA ALA HE 45 -53.79 -70.92 86.10
C ALA HE 45 -53.81 -70.43 87.53
N ARG HE 46 -52.66 -70.40 88.21
CA ARG HE 46 -52.58 -69.99 89.60
C ARG HE 46 -52.69 -68.48 89.72
N LYS HE 47 -53.04 -67.99 90.90
CA LYS HE 47 -53.14 -66.55 91.14
C LYS HE 47 -51.80 -66.07 91.68
N GLU HE 48 -51.09 -65.26 90.90
CA GLU HE 48 -49.81 -64.68 91.30
C GLU HE 48 -50.05 -63.24 91.73
N VAL HE 49 -49.59 -62.91 92.94
CA VAL HE 49 -49.67 -61.54 93.42
C VAL HE 49 -48.25 -60.98 93.54
N ALA HE 50 -48.03 -59.81 92.96
CA ALA HE 50 -46.73 -59.17 92.94
C ALA HE 50 -46.69 -57.98 93.89
N PHE HE 51 -45.57 -57.87 94.61
CA PHE HE 51 -45.32 -56.79 95.56
C PHE HE 51 -44.14 -55.96 95.08
N SER HE 52 -44.18 -54.66 95.33
CA SER HE 52 -43.09 -53.79 94.89
C SER HE 52 -43.00 -52.56 95.79
N VAL HE 53 -41.80 -52.00 95.92
CA VAL HE 53 -41.57 -50.81 96.72
C VAL HE 53 -40.78 -49.80 95.90
N LYS HE 54 -40.99 -48.53 96.21
CA LYS HE 54 -40.38 -47.41 95.50
C LYS HE 54 -39.90 -46.36 96.51
N VAL HE 55 -39.08 -46.80 97.45
CA VAL HE 55 -38.63 -46.01 98.62
C VAL HE 55 -38.25 -44.58 98.23
N PRO HE 56 -38.45 -43.62 99.13
CA PRO HE 56 -38.28 -42.20 98.76
C PRO HE 56 -36.83 -41.86 98.42
N LYS HE 57 -36.68 -40.85 97.57
CA LYS HE 57 -35.39 -40.39 97.09
C LYS HE 57 -35.28 -38.90 97.33
N VAL HE 58 -34.17 -38.47 97.94
CA VAL HE 58 -34.02 -37.08 98.35
C VAL HE 58 -34.00 -36.16 97.14
N SER HE 59 -35.02 -35.31 97.02
CA SER HE 59 -35.12 -34.34 95.94
C SER HE 59 -34.98 -32.93 96.52
N VAL HE 60 -35.02 -31.92 95.64
CA VAL HE 60 -35.06 -30.52 96.05
C VAL HE 60 -36.45 -29.93 95.90
N SER HE 61 -37.25 -30.51 95.01
CA SER HE 61 -38.68 -30.29 94.86
C SER HE 61 -39.39 -31.10 95.95
N ALA HE 62 -40.68 -31.42 95.73
CA ALA HE 62 -41.44 -32.23 96.68
C ALA HE 62 -41.64 -31.50 98.00
N PRO HE 63 -42.64 -30.61 98.06
CA PRO HE 63 -42.75 -29.68 99.18
C PRO HE 63 -43.03 -30.39 100.51
N GLY HE 64 -41.94 -30.74 101.17
CA GLY HE 64 -41.90 -31.68 102.26
C GLY HE 64 -40.55 -32.37 102.27
N GLY HE 65 -39.78 -32.13 101.22
CA GLY HE 65 -38.39 -32.53 101.18
C GLY HE 65 -38.02 -33.49 100.07
N PHE HE 66 -38.83 -34.53 99.87
CA PHE HE 66 -38.53 -35.57 98.90
C PHE HE 66 -39.74 -36.48 98.68
N THR HE 67 -39.65 -37.26 97.61
CA THR HE 67 -40.79 -37.96 97.04
C THR HE 67 -41.42 -38.94 98.03
N GLN HE 68 -42.63 -39.38 97.69
CA GLN HE 68 -43.41 -40.24 98.56
C GLN HE 68 -42.95 -41.69 98.46
N ALA HE 69 -43.53 -42.52 99.33
CA ALA HE 69 -43.18 -43.92 99.44
C ALA HE 69 -44.35 -44.77 98.92
N ARG HE 70 -44.33 -45.11 97.64
CA ARG HE 70 -45.39 -45.91 97.04
C ARG HE 70 -45.11 -47.41 97.22
N SER HE 71 -46.18 -48.15 97.51
CA SER HE 71 -46.13 -49.61 97.63
C SER HE 71 -47.23 -50.17 96.74
N THR HE 72 -46.86 -51.03 95.79
CA THR HE 72 -47.82 -51.56 94.83
C THR HE 72 -48.07 -53.04 95.07
N VAL HE 73 -49.31 -53.45 94.86
CA VAL HE 73 -49.70 -54.86 94.89
C VAL HE 73 -50.60 -55.15 93.71
N ILE HE 74 -50.16 -56.02 92.82
CA ILE HE 74 -50.97 -56.46 91.69
C ILE HE 74 -51.31 -57.93 91.88
N LEU HE 75 -52.60 -58.24 91.88
CA LEU HE 75 -53.10 -59.61 92.02
C LEU HE 75 -53.60 -60.04 90.65
N LYS HE 76 -52.95 -61.03 90.07
CA LYS HE 76 -53.31 -61.52 88.74
C LYS HE 76 -54.09 -62.83 88.87
N SER HE 77 -55.33 -62.82 88.42
CA SER HE 77 -56.19 -64.01 88.46
C SER HE 77 -56.49 -64.45 87.04
N PRO HE 78 -55.89 -65.53 86.56
CA PRO HE 78 -56.12 -65.96 85.18
C PRO HE 78 -57.53 -66.50 85.00
N LYS HE 79 -58.03 -66.41 83.78
CA LYS HE 79 -59.38 -66.87 83.46
C LYS HE 79 -59.41 -67.38 82.03
N THR HE 80 -60.02 -68.56 81.85
CA THR HE 80 -60.20 -69.15 80.52
C THR HE 80 -61.57 -68.73 79.99
N LEU HE 81 -61.58 -68.08 78.82
CA LEU HE 81 -62.82 -67.59 78.26
C LEU HE 81 -63.55 -68.69 77.49
N ALA HE 82 -64.81 -68.41 77.17
CA ALA HE 82 -65.62 -69.37 76.41
C ALA HE 82 -65.04 -69.59 75.02
N ASN HE 83 -64.58 -68.52 74.37
CA ASN HE 83 -63.98 -68.65 73.05
C ASN HE 83 -62.76 -69.57 73.06
N GLY HE 84 -62.12 -69.74 74.21
CA GLY HE 84 -61.07 -70.71 74.32
C GLY HE 84 -59.74 -70.13 74.76
N ASN HE 85 -59.47 -68.88 74.40
CA ASN HE 85 -58.22 -68.25 74.77
C ASN HE 85 -58.20 -67.93 76.27
N ARG HE 86 -57.05 -67.43 76.73
CA ARG HE 86 -56.81 -67.15 78.13
C ARG HE 86 -56.56 -65.66 78.30
N THR HE 87 -56.98 -65.14 79.45
CA THR HE 87 -56.80 -63.74 79.79
C THR HE 87 -56.59 -63.67 81.30
N VAL HE 88 -56.04 -62.55 81.77
CA VAL HE 88 -55.77 -62.35 83.19
C VAL HE 88 -56.59 -61.17 83.68
N ASN HE 89 -57.21 -61.34 84.84
CA ASN HE 89 -57.98 -60.29 85.50
C ASN HE 89 -57.16 -59.79 86.68
N THR HE 90 -56.88 -58.50 86.68
CA THR HE 90 -55.91 -57.94 87.63
C THR HE 90 -56.58 -56.98 88.61
N VAL HE 91 -55.98 -56.87 89.79
CA VAL HE 91 -56.40 -55.90 90.80
C VAL HE 91 -55.15 -55.21 91.35
N SER HE 92 -54.85 -54.02 90.84
CA SER HE 92 -53.69 -53.29 91.32
C SER HE 92 -54.06 -52.34 92.45
N ILE HE 93 -53.13 -52.18 93.39
CA ILE HE 93 -53.31 -51.29 94.53
C ILE HE 93 -52.01 -50.54 94.78
N GLN HE 94 -52.09 -49.22 94.96
CA GLN HE 94 -50.92 -48.40 95.20
C GLN HE 94 -51.13 -47.51 96.41
N LEU HE 95 -50.03 -47.18 97.10
CA LEU HE 95 -50.06 -46.47 98.38
C LEU HE 95 -49.02 -45.33 98.38
N SER HE 96 -49.08 -44.47 97.37
CA SER HE 96 -48.17 -43.32 97.30
C SER HE 96 -48.52 -42.37 98.44
N VAL HE 97 -47.77 -42.49 99.53
CA VAL HE 97 -47.93 -41.62 100.70
C VAL HE 97 -46.60 -40.98 101.04
N ASP HE 98 -46.68 -39.75 101.53
CA ASP HE 98 -45.48 -38.98 101.84
C ASP HE 98 -44.73 -39.65 102.98
N PRO HE 99 -43.39 -39.73 102.89
CA PRO HE 99 -42.63 -40.52 103.88
C PRO HE 99 -42.74 -40.04 105.30
N GLU HE 100 -43.14 -38.79 105.54
CA GLU HE 100 -43.35 -38.28 106.88
C GLU HE 100 -44.65 -38.79 107.51
N THR HE 101 -45.44 -39.54 106.76
CA THR HE 101 -46.71 -40.06 107.27
C THR HE 101 -46.48 -41.02 108.43
N THR HE 102 -47.27 -40.85 109.49
CA THR HE 102 -47.25 -41.79 110.60
C THR HE 102 -47.97 -43.08 110.23
N ALA HE 103 -47.68 -44.13 110.99
CA ALA HE 103 -48.26 -45.43 110.70
C ALA HE 103 -49.71 -45.56 111.17
N ALA HE 104 -50.17 -44.65 112.02
CA ALA HE 104 -51.56 -44.70 112.46
C ALA HE 104 -52.51 -44.27 111.34
N GLU HE 105 -52.18 -43.19 110.63
CA GLU HE 105 -53.03 -42.72 109.55
C GLU HE 105 -52.87 -43.58 108.30
N VAL HE 106 -51.72 -44.22 108.14
CA VAL HE 106 -51.58 -45.24 107.10
C VAL HE 106 -52.55 -46.38 107.36
N THR HE 107 -52.64 -46.83 108.62
CA THR HE 107 -53.62 -47.84 108.98
C THR HE 107 -55.04 -47.35 108.73
N THR HE 108 -55.30 -46.08 109.03
CA THR HE 108 -56.60 -45.50 108.74
C THR HE 108 -56.89 -45.53 107.24
N MET HE 109 -55.90 -45.17 106.42
CA MET HE 109 -56.09 -45.13 104.98
C MET HE 109 -56.24 -46.53 104.41
N LEU HE 110 -55.49 -47.50 104.95
CA LEU HE 110 -55.59 -48.87 104.45
C LEU HE 110 -56.94 -49.48 104.79
N ASN HE 111 -57.45 -49.20 105.99
CA ASN HE 111 -58.76 -49.73 106.37
C ASN HE 111 -59.87 -49.06 105.59
N ALA HE 112 -59.78 -47.74 105.40
CA ALA HE 112 -60.79 -47.03 104.62
C ALA HE 112 -60.82 -47.51 103.17
N ALA HE 113 -59.64 -47.67 102.57
CA ALA HE 113 -59.54 -48.23 101.22
C ALA HE 113 -60.00 -49.66 101.13
N ALA HE 114 -59.61 -50.51 102.09
CA ALA HE 114 -60.06 -51.89 102.09
C ALA HE 114 -61.50 -52.03 102.55
N GLN HE 115 -62.08 -50.98 103.15
CA GLN HE 115 -63.50 -50.99 103.44
C GLN HE 115 -64.34 -50.91 102.18
N LEU HE 116 -63.81 -50.28 101.14
CA LEU HE 116 -64.29 -50.50 99.79
C LEU HE 116 -63.90 -51.91 99.37
N LEU HE 117 -64.35 -52.33 98.19
CA LEU HE 117 -64.03 -53.63 97.60
C LEU HE 117 -64.74 -54.79 98.31
N PHE HE 118 -65.36 -54.55 99.47
CA PHE HE 118 -66.17 -55.62 100.05
C PHE HE 118 -67.45 -55.08 100.67
N ASP HE 119 -67.62 -53.76 100.66
CA ASP HE 119 -68.86 -53.18 101.14
C ASP HE 119 -69.96 -53.42 100.12
N SER HE 120 -71.18 -53.62 100.61
CA SER HE 120 -72.30 -53.90 99.75
C SER HE 120 -72.67 -52.73 98.85
N ASP HE 121 -72.39 -51.50 99.27
CA ASP HE 121 -72.76 -50.33 98.47
C ASP HE 121 -72.03 -50.32 97.14
N TYR HE 122 -70.76 -50.73 97.13
CA TYR HE 122 -69.92 -50.66 95.94
C TYR HE 122 -69.95 -51.95 95.13
N SER HE 123 -70.81 -52.91 95.50
CA SER HE 123 -70.94 -54.16 94.76
C SER HE 123 -71.23 -53.92 93.28
N ASP HE 124 -72.17 -53.02 92.99
CA ASP HE 124 -72.55 -52.75 91.60
C ASP HE 124 -71.47 -51.98 90.87
N PHE HE 125 -70.74 -51.11 91.56
CA PHE HE 125 -69.67 -50.36 90.93
C PHE HE 125 -68.55 -51.27 90.47
N TRP HE 126 -68.14 -52.21 91.32
CA TRP HE 126 -67.06 -53.11 90.96
C TRP HE 126 -67.49 -54.15 89.93
N LYS HE 127 -68.76 -54.52 89.90
CA LYS HE 127 -69.24 -55.60 89.03
C LYS HE 127 -69.85 -55.05 87.76
N ALA HE 128 -70.87 -54.21 87.84
CA ALA HE 128 -71.57 -53.69 86.67
C ALA HE 128 -71.06 -52.32 86.24
N GLN HE 129 -70.08 -51.75 86.94
CA GLN HE 129 -69.55 -50.43 86.65
C GLN HE 129 -70.63 -49.35 86.80
N ALA HE 130 -71.53 -49.57 87.76
CA ALA HE 130 -72.64 -48.64 88.02
C ALA HE 130 -72.10 -47.47 88.85
N LEU HE 131 -71.58 -46.47 88.15
CA LEU HE 131 -71.11 -45.25 88.79
C LEU HE 131 -72.28 -44.55 89.49
N ALA HE 132 -73.26 -44.14 88.72
CA ALA HE 132 -74.48 -43.56 89.27
C ALA HE 132 -75.42 -44.67 89.69
N ALA IE 1 125.92 -3.92 -32.91
CA ALA IE 1 126.91 -3.61 -33.94
C ALA IE 1 126.22 -3.29 -35.26
N ILE IE 2 124.91 -3.03 -35.18
CA ILE IE 2 124.18 -2.43 -36.28
C ILE IE 2 124.39 -0.93 -36.18
N ALA IE 3 125.46 -0.44 -36.78
CA ALA IE 3 125.83 0.97 -36.67
C ALA IE 3 126.73 1.33 -37.82
N ASN IE 4 128.04 1.31 -37.59
CA ASN IE 4 128.97 1.40 -38.71
C ASN IE 4 129.47 0.01 -39.07
N SER IE 5 128.55 -0.84 -39.53
CA SER IE 5 128.88 -2.18 -39.98
C SER IE 5 129.46 -2.15 -41.38
N SER IE 6 129.51 -3.30 -42.05
CA SER IE 6 129.94 -3.33 -43.43
C SER IE 6 129.25 -4.48 -44.15
N ILE IE 7 128.82 -4.25 -45.38
CA ILE IE 7 128.17 -5.26 -46.18
C ILE IE 7 128.60 -5.08 -47.63
N ALA IE 8 129.01 -6.17 -48.27
CA ALA IE 8 129.40 -6.12 -49.68
C ALA IE 8 128.16 -6.18 -50.55
N ILE IE 9 128.06 -5.26 -51.50
CA ILE IE 9 126.91 -5.17 -52.38
C ILE IE 9 127.30 -5.65 -53.77
N ASP IE 10 126.46 -6.52 -54.35
CA ASP IE 10 126.74 -7.17 -55.62
C ASP IE 10 128.03 -8.00 -55.53
N SER IE 11 128.02 -8.96 -54.62
CA SER IE 11 129.15 -9.85 -54.38
C SER IE 11 128.68 -11.30 -54.41
N THR IE 12 129.63 -12.20 -54.67
CA THR IE 12 129.34 -13.63 -54.68
C THR IE 12 129.49 -14.19 -53.29
N ALA IE 13 128.54 -15.03 -52.89
CA ALA IE 13 128.55 -15.69 -51.60
C ALA IE 13 128.87 -17.17 -51.78
N SER IE 14 129.69 -17.69 -50.88
CA SER IE 14 130.16 -19.07 -50.98
C SER IE 14 130.07 -19.74 -49.61
N VAL IE 15 130.15 -21.06 -49.63
CA VAL IE 15 130.03 -21.88 -48.43
C VAL IE 15 131.15 -22.92 -48.44
N THR IE 16 131.84 -23.05 -47.33
CA THR IE 16 132.90 -24.04 -47.16
C THR IE 16 132.62 -24.90 -45.93
N GLY IE 17 133.03 -26.15 -46.00
CA GLY IE 17 132.89 -27.04 -44.87
C GLY IE 17 131.46 -27.52 -44.67
N GLY IE 18 131.17 -27.92 -43.44
CA GLY IE 18 129.85 -28.45 -43.12
C GLY IE 18 129.64 -29.84 -43.69
N THR IE 19 128.40 -30.29 -43.61
CA THR IE 19 128.01 -31.63 -44.09
C THR IE 19 126.86 -31.44 -45.07
N ALA IE 20 127.13 -31.70 -46.35
CA ALA IE 20 126.13 -31.55 -47.40
C ALA IE 20 124.94 -32.49 -47.17
N ARG IE 21 123.78 -31.92 -46.88
CA ARG IE 21 122.55 -32.68 -46.72
C ARG IE 21 121.77 -32.65 -48.03
N THR IE 22 120.52 -33.10 -48.00
CA THR IE 22 119.70 -33.13 -49.20
C THR IE 22 118.27 -32.75 -48.82
N VAL IE 23 117.65 -31.91 -49.64
CA VAL IE 23 116.29 -31.44 -49.38
C VAL IE 23 115.34 -32.42 -50.07
N LYS IE 24 114.68 -33.27 -49.26
CA LYS IE 24 113.76 -34.25 -49.79
C LYS IE 24 112.36 -33.66 -49.85
N GLU IE 25 111.73 -33.75 -51.01
CA GLU IE 25 110.42 -33.16 -51.23
C GLU IE 25 109.32 -34.10 -50.73
N LEU IE 26 108.35 -33.53 -50.01
CA LEU IE 26 107.34 -34.34 -49.35
C LEU IE 26 106.01 -34.15 -50.06
N VAL IE 27 105.49 -32.93 -50.12
CA VAL IE 27 104.19 -32.66 -50.72
C VAL IE 27 104.28 -31.34 -51.46
N ARG IE 28 103.62 -31.27 -52.61
CA ARG IE 28 103.66 -30.11 -53.50
C ARG IE 28 102.22 -29.79 -53.89
N ASN IE 29 101.62 -28.83 -53.18
CA ASN IE 29 100.22 -28.50 -53.43
C ASN IE 29 99.97 -27.05 -53.05
N ASN IE 30 98.92 -26.49 -53.64
CA ASN IE 30 98.34 -25.23 -53.21
C ASN IE 30 99.38 -24.11 -53.16
N SER IE 31 100.22 -24.05 -54.20
CA SER IE 31 101.28 -23.05 -54.30
C SER IE 31 102.30 -23.19 -53.17
N GLU IE 32 102.37 -24.37 -52.57
CA GLU IE 32 103.28 -24.67 -51.48
C GLU IE 32 104.08 -25.92 -51.83
N LEU IE 33 105.32 -25.98 -51.32
CA LEU IE 33 106.17 -27.17 -51.47
C LEU IE 33 106.73 -27.50 -50.09
N ASN IE 34 106.09 -28.45 -49.42
CA ASN IE 34 106.62 -28.96 -48.17
C ASN IE 34 107.74 -29.93 -48.44
N ALA IE 35 108.85 -29.75 -47.71
CA ALA IE 35 110.02 -30.60 -47.88
C ALA IE 35 110.70 -30.74 -46.52
N TYR IE 36 111.81 -31.47 -46.49
CA TYR IE 36 112.55 -31.66 -45.25
C TYR IE 36 114.01 -31.90 -45.59
N ILE IE 37 114.89 -31.46 -44.70
CA ILE IE 37 116.32 -31.71 -44.84
C ILE IE 37 116.62 -33.06 -44.21
N ASP IE 38 117.38 -33.88 -44.93
CA ASP IE 38 117.66 -35.25 -44.51
C ASP IE 38 119.04 -35.26 -43.84
N GLU IE 39 119.04 -35.36 -42.51
CA GLU IE 39 120.27 -35.49 -41.74
C GLU IE 39 120.34 -36.81 -40.99
N GLY IE 40 119.49 -37.77 -41.33
CA GLY IE 40 119.44 -39.03 -40.60
C GLY IE 40 118.95 -38.84 -39.18
N LEU IE 41 117.90 -38.04 -39.02
CA LEU IE 41 117.31 -37.76 -37.72
C LEU IE 41 115.93 -38.42 -37.63
N SER IE 42 115.31 -38.31 -36.46
CA SER IE 42 113.98 -38.86 -36.26
C SER IE 42 112.94 -37.91 -36.83
N PHE IE 43 111.71 -38.41 -36.99
CA PHE IE 43 110.64 -37.61 -37.56
C PHE IE 43 110.29 -36.41 -36.69
N GLN IE 44 110.34 -36.55 -35.37
CA GLN IE 44 110.02 -35.46 -34.46
C GLN IE 44 111.10 -34.39 -34.40
N ALA IE 45 112.31 -34.70 -34.87
CA ALA IE 45 113.35 -33.69 -34.99
C ALA IE 45 113.89 -33.75 -36.42
N ARG IE 46 113.20 -33.08 -37.33
CA ARG IE 46 113.60 -32.97 -38.73
C ARG IE 46 114.02 -31.52 -39.00
N LYS IE 47 114.26 -31.12 -40.25
CA LYS IE 47 114.53 -29.73 -40.57
C LYS IE 47 113.59 -29.30 -41.69
N GLU IE 48 112.29 -29.53 -41.50
CA GLU IE 48 111.30 -29.22 -42.51
C GLU IE 48 111.41 -27.77 -42.98
N VAL IE 49 111.36 -27.58 -44.30
CA VAL IE 49 111.39 -26.26 -44.92
C VAL IE 49 110.28 -26.19 -45.94
N ALA IE 50 109.50 -25.10 -45.89
CA ALA IE 50 108.33 -24.93 -46.75
C ALA IE 50 108.55 -23.79 -47.72
N PHE IE 51 108.35 -24.07 -49.01
CA PHE IE 51 108.49 -23.09 -50.08
C PHE IE 51 107.10 -22.75 -50.61
N SER IE 52 106.77 -21.47 -50.61
CA SER IE 52 105.48 -21.02 -51.11
C SER IE 52 105.68 -19.85 -52.07
N VAL IE 53 104.75 -19.74 -53.02
CA VAL IE 53 104.81 -18.73 -54.06
C VAL IE 53 103.46 -18.04 -54.17
N LYS IE 54 103.50 -16.71 -54.31
CA LYS IE 54 102.31 -15.87 -54.43
C LYS IE 54 102.44 -15.04 -55.71
N VAL IE 55 101.80 -15.50 -56.78
CA VAL IE 55 101.94 -14.91 -58.10
C VAL IE 55 101.20 -13.58 -58.17
N PRO IE 56 101.70 -12.61 -58.95
CA PRO IE 56 101.02 -11.31 -59.02
C PRO IE 56 99.69 -11.39 -59.76
N LYS IE 57 98.79 -10.49 -59.41
CA LYS IE 57 97.50 -10.35 -60.05
C LYS IE 57 97.26 -8.90 -60.45
N VAL IE 58 96.39 -8.70 -61.45
CA VAL IE 58 96.11 -7.36 -61.95
C VAL IE 58 95.41 -6.54 -60.89
N SER IE 59 95.74 -5.26 -60.82
CA SER IE 59 95.15 -4.34 -59.86
C SER IE 59 94.90 -3.00 -60.55
N VAL IE 60 94.29 -2.08 -59.81
CA VAL IE 60 94.16 -0.70 -60.25
C VAL IE 60 95.05 0.24 -59.46
N SER IE 61 95.24 -0.01 -58.16
CA SER IE 61 96.29 0.56 -57.34
C SER IE 61 97.58 -0.20 -57.64
N ALA IE 62 98.56 -0.11 -56.70
CA ALA IE 62 99.83 -0.81 -56.90
C ALA IE 62 100.55 -0.21 -58.11
N PRO IE 63 101.25 0.91 -57.92
CA PRO IE 63 101.58 1.80 -59.03
C PRO IE 63 102.44 1.15 -60.09
N GLY IE 64 101.76 0.51 -61.04
CA GLY IE 64 102.39 -0.38 -62.00
C GLY IE 64 101.43 -1.48 -62.41
N GLY IE 65 100.29 -1.54 -61.73
CA GLY IE 65 99.18 -2.34 -62.21
C GLY IE 65 99.02 -3.68 -61.55
N PHE IE 66 100.10 -4.25 -61.04
CA PHE IE 66 100.06 -5.58 -60.46
C PHE IE 66 100.53 -5.55 -59.00
N THR IE 67 100.02 -6.49 -58.22
CA THR IE 67 100.55 -6.74 -56.91
C THR IE 67 101.94 -7.36 -57.01
N GLN IE 68 102.64 -7.41 -55.89
CA GLN IE 68 104.01 -7.90 -55.91
C GLN IE 68 104.04 -9.42 -55.93
N ALA IE 69 105.14 -9.96 -56.43
CA ALA IE 69 105.35 -11.42 -56.48
C ALA IE 69 106.11 -11.83 -55.22
N ARG IE 70 105.41 -12.53 -54.32
CA ARG IE 70 106.00 -12.93 -53.05
C ARG IE 70 106.46 -14.37 -53.10
N SER IE 71 107.68 -14.62 -52.59
CA SER IE 71 108.25 -15.95 -52.47
C SER IE 71 108.69 -16.11 -51.01
N THR IE 72 108.13 -17.10 -50.33
CA THR IE 72 108.38 -17.27 -48.92
C THR IE 72 108.98 -18.64 -48.62
N VAL IE 73 110.03 -18.63 -47.80
CA VAL IE 73 110.67 -19.86 -47.33
C VAL IE 73 110.67 -19.87 -45.82
N ILE IE 74 110.05 -20.88 -45.21
CA ILE IE 74 110.10 -21.05 -43.77
C ILE IE 74 110.86 -22.32 -43.44
N LEU IE 75 111.90 -22.19 -42.64
CA LEU IE 75 112.71 -23.31 -42.17
C LEU IE 75 112.35 -23.58 -40.72
N LYS IE 76 111.86 -24.78 -40.44
CA LYS IE 76 111.46 -25.15 -39.09
C LYS IE 76 112.55 -26.00 -38.43
N SER IE 77 112.83 -25.70 -37.17
CA SER IE 77 113.87 -26.40 -36.41
C SER IE 77 113.31 -26.83 -35.07
N PRO IE 78 112.89 -28.10 -34.94
CA PRO IE 78 112.42 -28.60 -33.63
C PRO IE 78 113.51 -28.59 -32.57
N LYS IE 79 113.22 -27.98 -31.43
CA LYS IE 79 114.12 -27.97 -30.29
C LYS IE 79 113.44 -28.67 -29.11
N THR IE 80 114.22 -29.44 -28.36
CA THR IE 80 113.74 -30.14 -27.19
C THR IE 80 114.24 -29.42 -25.94
N LEU IE 81 113.32 -29.09 -25.04
CA LEU IE 81 113.62 -28.24 -23.90
C LEU IE 81 114.09 -29.08 -22.71
N ALA IE 82 114.47 -28.40 -21.63
CA ALA IE 82 114.93 -29.09 -20.44
C ALA IE 82 113.82 -29.93 -19.82
N ASN IE 83 112.61 -29.39 -19.76
CA ASN IE 83 111.48 -30.15 -19.24
C ASN IE 83 111.16 -31.34 -20.14
N GLY IE 84 111.24 -31.13 -21.45
CA GLY IE 84 111.00 -32.22 -22.38
C GLY IE 84 109.92 -31.92 -23.39
N ASN IE 85 109.29 -30.75 -23.27
CA ASN IE 85 108.34 -30.32 -24.27
C ASN IE 85 109.05 -29.96 -25.57
N ARG IE 86 108.32 -30.08 -26.67
CA ARG IE 86 108.88 -29.84 -28.00
C ARG IE 86 108.42 -28.49 -28.52
N THR IE 87 109.38 -27.67 -28.95
CA THR IE 87 109.11 -26.40 -29.59
C THR IE 87 109.84 -26.36 -30.93
N VAL IE 88 109.27 -25.61 -31.87
CA VAL IE 88 109.84 -25.44 -33.19
C VAL IE 88 110.36 -24.02 -33.32
N ASN IE 89 111.61 -23.87 -33.72
CA ASN IE 89 112.23 -22.57 -33.98
C ASN IE 89 112.26 -22.37 -35.49
N THR IE 90 111.71 -21.25 -35.95
CA THR IE 90 111.53 -21.01 -37.37
C THR IE 90 112.35 -19.82 -37.85
N VAL IE 91 112.70 -19.86 -39.13
CA VAL IE 91 113.24 -18.71 -39.84
C VAL IE 91 112.41 -18.47 -41.09
N SER IE 92 111.81 -17.29 -41.22
CA SER IE 92 111.03 -16.97 -42.39
C SER IE 92 111.80 -15.99 -43.28
N ILE IE 93 111.74 -16.23 -44.59
CA ILE IE 93 112.39 -15.37 -45.58
C ILE IE 93 111.34 -15.08 -46.64
N GLN IE 94 110.86 -13.85 -46.68
CA GLN IE 94 109.84 -13.43 -47.64
C GLN IE 94 110.43 -12.36 -48.56
N LEU IE 95 110.37 -12.60 -49.87
CA LEU IE 95 110.83 -11.66 -50.88
C LEU IE 95 109.62 -11.17 -51.66
N SER IE 96 109.39 -9.86 -51.66
CA SER IE 96 108.32 -9.24 -52.43
C SER IE 96 108.94 -8.27 -53.42
N VAL IE 97 108.77 -8.54 -54.70
CA VAL IE 97 109.29 -7.66 -55.76
C VAL IE 97 108.16 -7.30 -56.70
N ASP IE 98 108.22 -6.07 -57.21
CA ASP IE 98 107.36 -5.69 -58.31
C ASP IE 98 107.72 -6.52 -59.54
N PRO IE 99 106.73 -6.96 -60.33
CA PRO IE 99 107.03 -7.83 -61.47
C PRO IE 99 107.94 -7.19 -62.51
N GLU IE 100 108.08 -5.86 -62.52
CA GLU IE 100 109.00 -5.20 -63.44
C GLU IE 100 110.47 -5.38 -63.03
N THR IE 101 110.72 -5.92 -61.84
CA THR IE 101 112.07 -5.99 -61.31
C THR IE 101 112.93 -6.98 -62.10
N THR IE 102 114.12 -6.54 -62.47
CA THR IE 102 115.03 -7.36 -63.25
C THR IE 102 115.64 -8.46 -62.38
N ALA IE 103 116.29 -9.42 -63.04
CA ALA IE 103 116.90 -10.53 -62.30
C ALA IE 103 118.17 -10.09 -61.59
N ALA IE 104 118.86 -9.07 -62.11
CA ALA IE 104 120.04 -8.56 -61.42
C ALA IE 104 119.66 -7.74 -60.20
N GLU IE 105 118.50 -7.08 -60.24
CA GLU IE 105 118.03 -6.36 -59.07
C GLU IE 105 117.61 -7.30 -57.95
N VAL IE 106 117.00 -8.44 -58.30
CA VAL IE 106 116.66 -9.43 -57.30
C VAL IE 106 117.90 -10.11 -56.75
N THR IE 107 118.88 -10.37 -57.60
CA THR IE 107 120.13 -10.96 -57.15
C THR IE 107 120.83 -10.07 -56.14
N THR IE 108 120.81 -8.76 -56.35
CA THR IE 108 121.42 -7.83 -55.41
C THR IE 108 120.72 -7.91 -54.05
N MET IE 109 119.39 -7.96 -54.05
CA MET IE 109 118.65 -8.10 -52.79
C MET IE 109 118.98 -9.42 -52.11
N LEU IE 110 119.02 -10.51 -52.88
CA LEU IE 110 119.25 -11.83 -52.29
C LEU IE 110 120.62 -11.91 -51.63
N ASN IE 111 121.64 -11.36 -52.29
CA ASN IE 111 122.99 -11.45 -51.73
C ASN IE 111 123.15 -10.53 -50.53
N ALA IE 112 122.62 -9.31 -50.59
CA ALA IE 112 122.73 -8.38 -49.47
C ALA IE 112 121.95 -8.88 -48.27
N ALA IE 113 120.83 -9.56 -48.50
CA ALA IE 113 120.06 -10.12 -47.38
C ALA IE 113 120.73 -11.35 -46.80
N ALA IE 114 121.52 -12.06 -47.60
CA ALA IE 114 122.23 -13.23 -47.09
C ALA IE 114 123.28 -12.84 -46.05
N GLN IE 115 124.04 -11.78 -46.34
CA GLN IE 115 125.00 -11.27 -45.37
C GLN IE 115 124.34 -10.64 -44.17
N LEU IE 116 123.07 -10.27 -44.27
CA LEU IE 116 122.37 -9.68 -43.12
C LEU IE 116 122.19 -10.70 -42.00
N LEU IE 117 122.18 -11.99 -42.34
CA LEU IE 117 122.01 -13.03 -41.32
C LEU IE 117 123.19 -14.00 -41.26
N PHE IE 118 124.33 -13.64 -41.84
CA PHE IE 118 125.55 -14.39 -41.53
C PHE IE 118 126.78 -13.53 -41.26
N ASP IE 119 126.75 -12.22 -41.53
CA ASP IE 119 127.88 -11.37 -41.17
C ASP IE 119 128.00 -11.24 -39.66
N SER IE 120 129.24 -11.14 -39.19
CA SER IE 120 129.51 -11.19 -37.75
C SER IE 120 128.93 -9.97 -37.03
N ASP IE 121 128.84 -8.83 -37.71
CA ASP IE 121 128.33 -7.61 -37.09
C ASP IE 121 126.88 -7.76 -36.64
N TYR IE 122 126.16 -8.73 -37.18
CA TYR IE 122 124.76 -8.89 -36.82
C TYR IE 122 124.56 -10.09 -35.90
N SER IE 123 125.65 -10.66 -35.40
CA SER IE 123 125.55 -11.83 -34.54
C SER IE 123 124.77 -11.54 -33.27
N ASP IE 124 125.03 -10.40 -32.62
CA ASP IE 124 124.34 -10.09 -31.38
C ASP IE 124 122.90 -9.67 -31.60
N PHE IE 125 122.56 -9.14 -32.77
CA PHE IE 125 121.17 -8.86 -33.06
C PHE IE 125 120.34 -10.13 -33.17
N TRP IE 126 120.86 -11.16 -33.81
CA TRP IE 126 120.12 -12.41 -33.97
C TRP IE 126 120.14 -13.25 -32.70
N LYS IE 127 121.27 -13.32 -32.00
CA LYS IE 127 121.40 -14.14 -30.81
C LYS IE 127 121.08 -13.37 -29.54
N ALA IE 128 121.82 -12.29 -29.27
CA ALA IE 128 121.60 -11.50 -28.07
C ALA IE 128 120.41 -10.56 -28.17
N GLN IE 129 119.82 -10.40 -29.36
CA GLN IE 129 118.68 -9.51 -29.58
C GLN IE 129 119.06 -8.07 -29.26
N ALA IE 130 120.28 -7.69 -29.64
CA ALA IE 130 120.88 -6.41 -29.28
C ALA IE 130 120.86 -5.47 -30.49
N LEU IE 131 120.10 -4.38 -30.37
CA LEU IE 131 119.96 -3.42 -31.46
C LEU IE 131 121.23 -2.61 -31.69
N ALA IE 132 122.01 -2.40 -30.64
CA ALA IE 132 123.27 -1.67 -30.79
C ALA IE 132 124.36 -2.27 -29.92
N ALA JE 1 116.05 -27.75 -58.72
CA ALA JE 1 115.69 -26.67 -57.80
C ALA JE 1 115.30 -27.23 -56.45
N ILE JE 2 114.12 -26.84 -55.97
CA ILE JE 2 113.60 -27.39 -54.73
C ILE JE 2 113.06 -28.78 -55.01
N ALA JE 3 113.87 -29.80 -54.73
CA ALA JE 3 113.53 -31.18 -55.08
C ALA JE 3 114.62 -32.12 -54.61
N ASN JE 4 115.86 -31.88 -55.04
CA ASN JE 4 117.01 -32.71 -54.67
C ASN JE 4 118.21 -31.85 -54.30
N SER JE 5 117.95 -30.59 -53.93
CA SER JE 5 119.04 -29.66 -53.67
C SER JE 5 119.79 -30.04 -52.40
N SER JE 6 121.06 -29.66 -52.35
CA SER JE 6 121.94 -29.95 -51.22
C SER JE 6 122.23 -28.65 -50.49
N ILE JE 7 122.17 -28.70 -49.15
CA ILE JE 7 122.51 -27.57 -48.30
C ILE JE 7 123.52 -28.02 -47.27
N ALA JE 8 124.61 -27.27 -47.13
CA ALA JE 8 125.72 -27.65 -46.24
C ALA JE 8 125.41 -27.18 -44.82
N ILE JE 9 124.92 -28.09 -43.98
CA ILE JE 9 124.57 -27.76 -42.61
C ILE JE 9 125.83 -27.55 -41.79
N ASP JE 10 125.80 -26.51 -40.95
CA ASP JE 10 126.91 -26.17 -40.05
C ASP JE 10 128.20 -25.92 -40.83
N SER JE 11 128.10 -25.11 -41.87
CA SER JE 11 129.23 -24.70 -42.68
C SER JE 11 129.55 -23.24 -42.40
N THR JE 12 130.56 -22.73 -43.10
CA THR JE 12 130.97 -21.33 -42.99
C THR JE 12 130.67 -20.62 -44.29
N ALA JE 13 129.89 -19.53 -44.21
CA ALA JE 13 129.52 -18.75 -45.38
C ALA JE 13 130.35 -17.48 -45.44
N SER JE 14 130.90 -17.19 -46.61
CA SER JE 14 131.72 -16.01 -46.82
C SER JE 14 131.25 -15.27 -48.07
N VAL JE 15 131.94 -14.19 -48.39
CA VAL JE 15 131.59 -13.32 -49.51
C VAL JE 15 132.87 -12.80 -50.15
N THR JE 16 132.90 -12.77 -51.48
CA THR JE 16 134.04 -12.25 -52.22
C THR JE 16 133.55 -11.26 -53.26
N GLY JE 17 134.42 -10.32 -53.63
CA GLY JE 17 134.04 -9.30 -54.58
C GLY JE 17 133.10 -8.27 -53.98
N GLY JE 18 132.50 -7.48 -54.85
CA GLY JE 18 131.53 -6.49 -54.43
C GLY JE 18 132.15 -5.22 -53.91
N THR JE 19 131.27 -4.30 -53.51
CA THR JE 19 131.65 -3.04 -52.88
C THR JE 19 131.20 -3.04 -51.43
N ALA JE 20 132.10 -2.65 -50.54
CA ALA JE 20 131.87 -2.68 -49.10
C ALA JE 20 131.21 -1.36 -48.69
N ARG JE 21 129.90 -1.41 -48.48
CA ARG JE 21 129.17 -0.26 -47.99
C ARG JE 21 129.05 -0.31 -46.47
N THR JE 22 128.79 0.86 -45.87
CA THR JE 22 128.96 1.01 -44.43
C THR JE 22 127.68 0.68 -43.64
N VAL JE 23 126.52 1.07 -44.16
CA VAL JE 23 125.26 1.02 -43.43
C VAL JE 23 125.31 2.05 -42.31
N LYS JE 24 124.36 2.98 -42.30
CA LYS JE 24 124.36 4.09 -41.35
C LYS JE 24 123.00 4.18 -40.69
N GLU JE 25 122.99 4.43 -39.38
CA GLU JE 25 121.76 4.51 -38.62
C GLU JE 25 120.98 5.77 -38.99
N LEU JE 26 119.69 5.62 -39.23
CA LEU JE 26 118.82 6.78 -39.45
C LEU JE 26 118.09 7.19 -38.18
N VAL JE 27 117.24 6.31 -37.66
CA VAL JE 27 116.29 6.64 -36.61
C VAL JE 27 116.12 5.41 -35.72
N ARG JE 28 115.95 5.65 -34.43
CA ARG JE 28 115.81 4.59 -33.45
C ARG JE 28 114.41 4.70 -32.84
N ASN JE 29 114.18 3.94 -31.78
CA ASN JE 29 112.92 3.89 -31.03
C ASN JE 29 111.84 3.09 -31.74
N ASN JE 30 111.21 2.18 -31.01
CA ASN JE 30 111.74 1.70 -29.75
C ASN JE 30 111.69 0.18 -29.83
N SER JE 31 112.82 -0.46 -29.55
CA SER JE 31 113.03 -1.87 -29.89
C SER JE 31 112.91 -2.07 -31.40
N GLU JE 32 113.35 -1.05 -32.15
CA GLU JE 32 113.42 -1.12 -33.61
C GLU JE 32 114.40 -0.09 -34.15
N LEU JE 33 115.48 -0.57 -34.77
CA LEU JE 33 116.45 0.32 -35.40
C LEU JE 33 116.08 0.53 -36.88
N ASN JE 34 116.52 1.67 -37.41
CA ASN JE 34 116.35 1.98 -38.83
C ASN JE 34 117.68 2.50 -39.36
N ALA JE 35 118.16 1.88 -40.44
CA ALA JE 35 119.45 2.23 -41.01
C ALA JE 35 119.30 2.35 -42.51
N TYR JE 36 120.40 2.61 -43.21
CA TYR JE 36 120.40 2.62 -44.65
C TYR JE 36 121.80 2.30 -45.13
N ILE JE 37 121.88 1.60 -46.26
CA ILE JE 37 123.17 1.24 -46.86
C ILE JE 37 123.62 2.40 -47.73
N ASP JE 38 124.76 2.99 -47.39
CA ASP JE 38 125.26 4.18 -48.07
C ASP JE 38 126.11 3.77 -49.27
N GLU JE 39 125.55 3.91 -50.47
CA GLU JE 39 126.28 3.64 -51.71
C GLU JE 39 126.41 4.91 -52.53
N GLY JE 40 126.28 6.07 -51.89
CA GLY JE 40 126.31 7.33 -52.62
C GLY JE 40 125.15 7.50 -53.57
N LEU JE 41 123.95 7.12 -53.15
CA LEU JE 41 122.74 7.27 -53.96
C LEU JE 41 121.87 8.36 -53.36
N SER JE 42 120.81 8.71 -54.09
CA SER JE 42 119.92 9.78 -53.66
C SER JE 42 119.03 9.31 -52.52
N PHE JE 43 118.24 10.25 -51.99
CA PHE JE 43 117.39 9.96 -50.83
C PHE JE 43 116.27 9.01 -51.17
N GLN JE 44 115.73 9.08 -52.39
CA GLN JE 44 114.63 8.19 -52.78
C GLN JE 44 115.12 6.85 -53.33
N ALA JE 45 116.43 6.68 -53.51
CA ALA JE 45 116.97 5.49 -54.16
C ALA JE 45 117.92 4.73 -53.24
N ARG JE 46 117.88 4.99 -51.94
CA ARG JE 46 118.78 4.33 -51.00
C ARG JE 46 118.15 3.06 -50.45
N LYS JE 47 119.00 2.13 -50.03
CA LYS JE 47 118.60 0.80 -49.61
C LYS JE 47 117.66 0.80 -48.40
N GLU JE 48 118.12 1.34 -47.27
CA GLU JE 48 117.27 1.52 -46.09
C GLU JE 48 116.79 0.18 -45.51
N VAL JE 49 117.68 -0.54 -44.85
CA VAL JE 49 117.36 -1.76 -44.11
C VAL JE 49 116.85 -1.39 -42.71
N ALA JE 50 115.81 -2.08 -42.25
CA ALA JE 50 115.25 -1.86 -40.92
C ALA JE 50 115.43 -3.08 -40.03
N PHE JE 51 115.54 -2.83 -38.73
CA PHE JE 51 115.78 -3.87 -37.73
C PHE JE 51 114.71 -3.77 -36.65
N SER JE 52 114.03 -4.89 -36.37
CA SER JE 52 113.01 -4.94 -35.34
C SER JE 52 113.35 -6.04 -34.34
N VAL JE 53 112.75 -5.95 -33.15
CA VAL JE 53 113.05 -6.89 -32.08
C VAL JE 53 111.83 -7.06 -31.19
N LYS JE 54 111.54 -8.31 -30.82
CA LYS JE 54 110.46 -8.66 -29.90
C LYS JE 54 111.06 -9.49 -28.79
N VAL JE 55 111.14 -8.93 -27.59
CA VAL JE 55 111.83 -9.60 -26.49
C VAL JE 55 110.99 -10.78 -26.01
N PRO JE 56 111.59 -11.82 -25.43
CA PRO JE 56 110.80 -12.94 -24.92
C PRO JE 56 109.92 -12.51 -23.76
N LYS JE 57 108.62 -12.74 -23.91
CA LYS JE 57 107.64 -12.37 -22.91
C LYS JE 57 107.23 -13.61 -22.13
N VAL JE 58 107.27 -13.52 -20.80
CA VAL JE 58 107.00 -14.67 -19.95
C VAL JE 58 105.50 -14.98 -19.98
N SER JE 59 105.12 -16.02 -20.71
CA SER JE 59 103.75 -16.50 -20.75
C SER JE 59 103.57 -17.59 -19.71
N VAL JE 60 102.47 -18.34 -19.80
CA VAL JE 60 102.22 -19.45 -18.88
C VAL JE 60 102.06 -20.74 -19.67
N SER JE 61 101.20 -20.72 -20.69
CA SER JE 61 100.89 -21.92 -21.46
C SER JE 61 101.73 -21.96 -22.74
N ALA JE 62 103.04 -22.08 -22.53
CA ALA JE 62 103.97 -22.18 -23.65
C ALA JE 62 105.09 -23.15 -23.30
N PRO JE 63 105.71 -23.78 -24.28
CA PRO JE 63 106.91 -24.58 -24.01
C PRO JE 63 107.99 -23.71 -23.37
N GLY JE 64 108.61 -24.23 -22.32
CA GLY JE 64 109.66 -23.51 -21.64
C GLY JE 64 109.13 -22.49 -20.65
N GLY JE 65 107.99 -21.88 -20.98
CA GLY JE 65 107.36 -20.92 -20.11
C GLY JE 65 107.13 -19.56 -20.75
N PHE JE 66 108.11 -19.08 -21.52
CA PHE JE 66 108.01 -17.75 -22.11
C PHE JE 66 107.58 -17.85 -23.57
N THR JE 67 107.21 -16.71 -24.14
CA THR JE 67 107.02 -16.63 -25.58
C THR JE 67 108.39 -16.53 -26.26
N GLN JE 68 108.37 -16.58 -27.59
CA GLN JE 68 109.60 -16.70 -28.35
C GLN JE 68 110.29 -15.36 -28.53
N ALA JE 69 111.61 -15.43 -28.72
CA ALA JE 69 112.43 -14.25 -29.00
C ALA JE 69 112.39 -13.99 -30.50
N ARG JE 70 111.56 -13.03 -30.90
CA ARG JE 70 111.40 -12.70 -32.31
C ARG JE 70 112.37 -11.59 -32.71
N SER JE 71 112.95 -11.73 -33.90
CA SER JE 71 113.94 -10.76 -34.39
C SER JE 71 113.74 -10.63 -35.89
N THR JE 72 113.35 -9.45 -36.34
CA THR JE 72 112.99 -9.22 -37.74
C THR JE 72 113.94 -8.23 -38.38
N VAL JE 73 114.27 -8.50 -39.65
CA VAL JE 73 115.04 -7.58 -40.49
C VAL JE 73 114.26 -7.44 -41.79
N ILE JE 74 114.07 -6.21 -42.25
CA ILE JE 74 113.49 -5.92 -43.56
C ILE JE 74 114.46 -5.05 -44.33
N LEU JE 75 114.92 -5.54 -45.47
CA LEU JE 75 115.71 -4.76 -46.40
C LEU JE 75 114.76 -4.21 -47.46
N LYS JE 76 114.74 -2.90 -47.61
CA LYS JE 76 113.94 -2.27 -48.66
C LYS JE 76 114.83 -1.96 -49.85
N SER JE 77 114.21 -1.75 -51.00
CA SER JE 77 114.95 -1.54 -52.24
C SER JE 77 114.10 -0.72 -53.20
N PRO JE 78 114.43 0.55 -53.40
CA PRO JE 78 113.64 1.38 -54.30
C PRO JE 78 113.75 0.89 -55.74
N LYS JE 79 112.69 1.13 -56.50
CA LYS JE 79 112.70 0.86 -57.94
C LYS JE 79 111.68 1.75 -58.60
N THR JE 80 112.04 2.33 -59.74
CA THR JE 80 111.13 3.15 -60.52
C THR JE 80 110.64 2.35 -61.72
N LEU JE 81 109.37 2.53 -62.08
CA LEU JE 81 108.72 1.69 -63.07
C LEU JE 81 108.71 2.37 -64.44
N ALA JE 82 108.11 1.67 -65.41
CA ALA JE 82 108.04 2.15 -66.79
C ALA JE 82 107.03 3.27 -66.97
N ASN JE 83 106.17 3.52 -65.98
CA ASN JE 83 105.26 4.65 -66.01
C ASN JE 83 105.76 5.84 -65.20
N GLY JE 84 106.96 5.73 -64.61
CA GLY JE 84 107.50 6.78 -63.78
C GLY JE 84 107.14 6.68 -62.31
N ASN JE 85 106.23 5.78 -61.95
CA ASN JE 85 105.83 5.62 -60.57
C ASN JE 85 106.93 4.93 -59.76
N ARG JE 86 106.92 5.17 -58.45
CA ARG JE 86 107.93 4.67 -57.52
C ARG JE 86 107.32 3.55 -56.69
N THR JE 87 108.03 2.44 -56.57
CA THR JE 87 107.65 1.33 -55.70
C THR JE 87 108.86 0.83 -54.91
N VAL JE 88 108.60 -0.10 -53.99
CA VAL JE 88 109.63 -0.64 -53.11
C VAL JE 88 109.58 -2.17 -53.17
N ASN JE 89 110.75 -2.79 -53.29
CA ASN JE 89 110.89 -4.24 -53.15
C ASN JE 89 111.48 -4.52 -51.78
N THR JE 90 111.01 -5.58 -51.13
CA THR JE 90 111.42 -5.88 -49.77
C THR JE 90 111.93 -7.31 -49.65
N VAL JE 91 112.85 -7.50 -48.72
CA VAL JE 91 113.23 -8.82 -48.25
C VAL JE 91 113.03 -8.84 -46.73
N SER JE 92 112.12 -9.68 -46.26
CA SER JE 92 111.83 -9.74 -44.83
C SER JE 92 112.35 -11.05 -44.24
N ILE JE 93 113.16 -10.94 -43.20
CA ILE JE 93 113.74 -12.09 -42.51
C ILE JE 93 113.32 -12.02 -41.05
N GLN JE 94 112.61 -13.03 -40.58
CA GLN JE 94 112.21 -13.13 -39.19
C GLN JE 94 112.80 -14.39 -38.57
N LEU JE 95 113.50 -14.22 -37.45
CA LEU JE 95 114.07 -15.34 -36.70
C LEU JE 95 113.27 -15.44 -35.41
N SER JE 96 112.74 -16.63 -35.15
CA SER JE 96 111.88 -16.86 -33.99
C SER JE 96 112.39 -18.12 -33.27
N VAL JE 97 113.15 -17.92 -32.21
CA VAL JE 97 113.67 -19.01 -31.42
C VAL JE 97 113.10 -18.91 -30.00
N ASP JE 98 113.10 -20.04 -29.30
CA ASP JE 98 112.80 -20.06 -27.88
C ASP JE 98 113.99 -19.53 -27.11
N PRO JE 99 113.76 -18.88 -25.96
CA PRO JE 99 114.87 -18.32 -25.19
C PRO JE 99 115.90 -19.36 -24.75
N GLU JE 100 115.50 -20.61 -24.59
CA GLU JE 100 116.40 -21.69 -24.18
C GLU JE 100 117.37 -22.08 -25.27
N THR JE 101 117.19 -21.59 -26.50
CA THR JE 101 118.08 -21.93 -27.60
C THR JE 101 119.47 -21.35 -27.37
N THR JE 102 120.48 -22.15 -27.65
CA THR JE 102 121.87 -21.71 -27.54
C THR JE 102 122.29 -20.94 -28.79
N ALA JE 103 123.40 -20.22 -28.66
CA ALA JE 103 123.91 -19.43 -29.79
C ALA JE 103 124.31 -20.34 -30.94
N ALA JE 104 124.79 -21.54 -30.64
CA ALA JE 104 125.25 -22.45 -31.68
C ALA JE 104 124.10 -23.00 -32.52
N GLU JE 105 122.93 -23.24 -31.92
CA GLU JE 105 121.79 -23.67 -32.70
C GLU JE 105 121.23 -22.53 -33.55
N VAL JE 106 121.34 -21.30 -33.07
CA VAL JE 106 120.91 -20.15 -33.86
C VAL JE 106 121.86 -19.95 -35.04
N THR JE 107 123.14 -20.22 -34.83
CA THR JE 107 124.15 -20.10 -35.87
C THR JE 107 123.88 -21.07 -37.00
N THR JE 108 123.43 -22.28 -36.67
CA THR JE 108 123.10 -23.27 -37.70
C THR JE 108 121.90 -22.83 -38.52
N MET JE 109 120.88 -22.29 -37.84
CA MET JE 109 119.65 -21.88 -38.53
C MET JE 109 119.93 -20.74 -39.51
N LEU JE 110 120.73 -19.76 -39.10
CA LEU JE 110 121.03 -18.63 -39.97
C LEU JE 110 121.82 -19.08 -41.19
N ASN JE 111 122.77 -20.00 -41.00
CA ASN JE 111 123.55 -20.49 -42.12
C ASN JE 111 122.69 -21.29 -43.09
N ALA JE 112 121.80 -22.11 -42.56
CA ALA JE 112 120.87 -22.86 -43.41
C ALA JE 112 119.93 -21.92 -44.14
N ALA JE 113 119.42 -20.90 -43.43
CA ALA JE 113 118.51 -19.94 -44.05
C ALA JE 113 119.24 -19.05 -45.05
N ALA JE 114 120.47 -18.65 -44.74
CA ALA JE 114 121.23 -17.84 -45.69
C ALA JE 114 121.53 -18.61 -46.97
N GLN JE 115 121.72 -19.92 -46.85
CA GLN JE 115 122.00 -20.74 -48.02
C GLN JE 115 120.83 -20.72 -49.00
N LEU JE 116 119.60 -20.77 -48.48
CA LEU JE 116 118.42 -20.66 -49.35
C LEU JE 116 118.13 -19.19 -49.60
N LEU JE 117 119.19 -18.45 -49.93
CA LEU JE 117 119.04 -17.07 -50.40
C LEU JE 117 119.98 -16.86 -51.59
N PHE JE 118 121.09 -17.58 -51.60
CA PHE JE 118 122.10 -17.40 -52.62
C PHE JE 118 122.56 -18.69 -53.30
N ASP JE 119 122.15 -19.85 -52.81
CA ASP JE 119 122.50 -21.10 -53.46
C ASP JE 119 121.90 -21.16 -54.86
N SER JE 120 122.71 -21.58 -55.84
CA SER JE 120 122.28 -21.54 -57.23
C SER JE 120 121.08 -22.43 -57.50
N ASP JE 121 120.87 -23.43 -56.64
CA ASP JE 121 119.73 -24.33 -56.79
C ASP JE 121 118.41 -23.58 -56.66
N TYR JE 122 118.35 -22.66 -55.71
CA TYR JE 122 117.13 -21.86 -55.54
C TYR JE 122 117.27 -20.51 -56.24
N SER JE 123 117.41 -20.51 -57.56
CA SER JE 123 117.45 -19.26 -58.31
C SER JE 123 116.14 -19.07 -59.05
N ASP JE 124 115.66 -20.14 -59.70
CA ASP JE 124 114.38 -20.08 -60.38
C ASP JE 124 113.24 -19.82 -59.41
N PHE JE 125 113.42 -20.20 -58.14
CA PHE JE 125 112.37 -19.97 -57.15
C PHE JE 125 112.22 -18.51 -56.76
N TRP JE 126 113.32 -17.77 -56.68
CA TRP JE 126 113.25 -16.36 -56.30
C TRP JE 126 112.95 -15.47 -57.50
N LYS JE 127 113.67 -15.68 -58.61
CA LYS JE 127 113.53 -14.80 -59.77
C LYS JE 127 112.39 -15.25 -60.67
N ALA JE 128 112.48 -16.49 -61.18
CA ALA JE 128 111.41 -17.01 -62.02
C ALA JE 128 110.17 -17.38 -61.23
N GLN JE 129 110.26 -17.39 -59.90
CA GLN JE 129 109.16 -17.78 -59.02
C GLN JE 129 108.64 -19.17 -59.37
N ALA JE 130 109.56 -20.08 -59.69
CA ALA JE 130 109.25 -21.43 -60.13
C ALA JE 130 109.41 -22.39 -58.96
N LEU JE 131 108.29 -22.91 -58.47
CA LEU JE 131 108.31 -23.84 -57.34
C LEU JE 131 108.92 -25.18 -57.73
N ALA JE 132 108.90 -25.51 -59.02
CA ALA JE 132 109.30 -26.83 -59.45
C ALA JE 132 110.12 -26.79 -60.74
N ALA KE 1 98.21 -73.84 -48.38
CA ALA KE 1 97.15 -72.90 -48.05
C ALA KE 1 97.55 -72.00 -46.88
N ILE KE 2 96.57 -71.32 -46.29
CA ILE KE 2 96.87 -70.36 -45.22
C ILE KE 2 97.48 -71.05 -44.02
N ALA KE 3 96.91 -72.18 -43.61
CA ALA KE 3 97.44 -72.93 -42.48
C ALA KE 3 98.80 -73.50 -42.80
N ASN KE 4 99.77 -73.26 -41.92
CA ASN KE 4 101.15 -73.75 -42.07
C ASN KE 4 101.82 -73.19 -43.33
N SER KE 5 101.39 -71.99 -43.74
CA SER KE 5 102.04 -71.28 -44.82
C SER KE 5 103.33 -70.65 -44.31
N SER KE 6 104.35 -70.64 -45.15
CA SER KE 6 105.66 -70.13 -44.74
C SER KE 6 105.94 -68.78 -45.42
N ILE KE 7 106.36 -67.81 -44.61
CA ILE KE 7 106.73 -66.49 -45.09
C ILE KE 7 108.18 -66.23 -44.68
N ALA KE 8 108.99 -65.78 -45.63
CA ALA KE 8 110.41 -65.52 -45.37
C ALA KE 8 110.55 -64.08 -44.90
N ILE KE 9 110.79 -63.89 -43.61
CA ILE KE 9 110.88 -62.56 -43.01
C ILE KE 9 112.24 -61.96 -43.32
N ASP KE 10 112.25 -60.65 -43.57
CA ASP KE 10 113.46 -59.88 -43.89
C ASP KE 10 114.14 -60.48 -45.13
N SER KE 11 113.42 -60.41 -46.23
CA SER KE 11 113.84 -61.05 -47.47
C SER KE 11 113.77 -60.05 -48.60
N THR KE 12 114.65 -60.22 -49.58
CA THR KE 12 114.62 -59.37 -50.76
C THR KE 12 113.62 -59.93 -51.78
N ALA KE 13 112.75 -59.07 -52.27
CA ALA KE 13 111.71 -59.44 -53.22
C ALA KE 13 112.13 -58.96 -54.60
N SER KE 14 112.42 -59.90 -55.49
CA SER KE 14 112.74 -59.57 -56.87
C SER KE 14 111.49 -59.67 -57.72
N VAL KE 15 111.64 -59.40 -59.02
CA VAL KE 15 110.55 -59.56 -59.97
C VAL KE 15 111.14 -59.71 -61.37
N THR KE 16 110.73 -60.74 -62.11
CA THR KE 16 111.24 -61.01 -63.45
C THR KE 16 110.09 -61.53 -64.30
N GLY KE 17 109.37 -60.63 -64.96
CA GLY KE 17 108.40 -61.05 -65.95
C GLY KE 17 108.42 -60.26 -67.24
N GLY KE 18 109.12 -59.12 -67.23
CA GLY KE 18 109.12 -58.24 -68.38
C GLY KE 18 107.91 -57.34 -68.41
N THR KE 19 107.63 -56.74 -69.56
CA THR KE 19 106.52 -55.82 -69.75
C THR KE 19 106.62 -54.64 -68.79
N ALA KE 20 107.71 -53.89 -68.93
CA ALA KE 20 108.01 -52.77 -68.04
C ALA KE 20 107.18 -51.55 -68.40
N ARG KE 21 106.05 -51.38 -67.72
CA ARG KE 21 105.19 -50.24 -67.96
C ARG KE 21 105.71 -49.01 -67.22
N THR KE 22 104.97 -47.92 -67.34
CA THR KE 22 105.35 -46.64 -66.74
C THR KE 22 104.16 -46.02 -66.05
N VAL KE 23 104.34 -45.66 -64.79
CA VAL KE 23 103.32 -44.95 -64.02
C VAL KE 23 103.41 -43.48 -64.37
N LYS KE 24 102.34 -42.94 -64.96
CA LYS KE 24 102.26 -41.53 -65.31
C LYS KE 24 101.21 -40.86 -64.44
N GLU KE 25 101.57 -39.75 -63.80
CA GLU KE 25 100.64 -39.09 -62.91
C GLU KE 25 99.59 -38.32 -63.71
N LEU KE 26 98.39 -38.19 -63.13
CA LEU KE 26 97.30 -37.48 -63.78
C LEU KE 26 96.99 -36.19 -63.04
N VAL KE 27 96.65 -36.24 -61.76
CA VAL KE 27 96.29 -35.08 -60.97
C VAL KE 27 96.89 -35.25 -59.58
N ARG KE 28 96.64 -34.27 -58.72
CA ARG KE 28 97.15 -34.31 -57.36
C ARG KE 28 96.08 -34.13 -56.29
N ASN KE 29 95.04 -33.33 -56.57
CA ASN KE 29 94.09 -32.80 -55.59
C ASN KE 29 94.65 -32.72 -54.16
N ASN KE 30 93.82 -33.07 -53.17
CA ASN KE 30 94.12 -32.76 -51.78
C ASN KE 30 95.01 -33.86 -51.18
N SER KE 31 96.31 -33.59 -51.12
CA SER KE 31 97.28 -34.49 -50.48
C SER KE 31 97.16 -35.91 -51.03
N GLU KE 32 96.96 -35.99 -52.34
CA GLU KE 32 96.77 -37.26 -53.03
C GLU KE 32 97.65 -37.25 -54.27
N LEU KE 33 97.64 -38.36 -55.01
CA LEU KE 33 98.34 -38.43 -56.27
C LEU KE 33 97.72 -39.50 -57.15
N ASN KE 34 96.90 -39.09 -58.11
CA ASN KE 34 96.24 -40.03 -58.99
C ASN KE 34 97.09 -40.22 -60.24
N ALA KE 35 97.51 -41.45 -60.48
CA ALA KE 35 98.31 -41.81 -61.64
C ALA KE 35 97.61 -42.90 -62.42
N TYR KE 36 98.27 -43.39 -63.46
CA TYR KE 36 97.74 -44.47 -64.28
C TYR KE 36 98.90 -45.19 -64.94
N ILE KE 37 98.70 -46.46 -65.25
CA ILE KE 37 99.75 -47.27 -65.86
C ILE KE 37 99.62 -47.20 -67.38
N ASP KE 38 100.68 -46.78 -68.04
CA ASP KE 38 100.69 -46.60 -69.49
C ASP KE 38 100.91 -47.95 -70.16
N GLU KE 39 99.82 -48.52 -70.66
CA GLU KE 39 99.87 -49.78 -71.37
C GLU KE 39 99.19 -49.74 -72.73
N GLY KE 40 98.76 -48.58 -73.18
CA GLY KE 40 98.13 -48.42 -74.46
C GLY KE 40 96.67 -48.82 -74.55
N LEU KE 41 96.00 -49.00 -73.42
CA LEU KE 41 94.59 -49.33 -73.43
C LEU KE 41 93.76 -48.08 -73.70
N SER KE 42 92.44 -48.23 -73.63
CA SER KE 42 91.55 -47.11 -73.85
C SER KE 42 91.62 -46.12 -72.69
N PHE KE 43 91.00 -44.96 -72.89
CA PHE KE 43 91.03 -43.93 -71.87
C PHE KE 43 90.30 -44.37 -70.60
N GLN KE 44 89.14 -44.98 -70.76
CA GLN KE 44 88.36 -45.46 -69.62
C GLN KE 44 88.49 -46.97 -69.44
N ALA KE 45 89.59 -47.53 -69.92
CA ALA KE 45 89.92 -48.93 -69.64
C ALA KE 45 91.34 -49.09 -69.10
N ARG KE 46 92.01 -48.00 -68.73
CA ARG KE 46 93.36 -48.05 -68.22
C ARG KE 46 93.36 -48.31 -66.72
N LYS KE 47 94.50 -48.75 -66.19
CA LYS KE 47 94.61 -49.01 -64.75
C LYS KE 47 95.13 -47.76 -64.08
N GLU KE 48 94.30 -47.17 -63.20
CA GLU KE 48 94.65 -45.98 -62.44
C GLU KE 48 95.01 -46.41 -61.02
N VAL KE 49 96.20 -46.03 -60.57
CA VAL KE 49 96.58 -46.27 -59.18
C VAL KE 49 96.69 -44.95 -58.45
N ALA KE 50 95.99 -44.84 -57.33
CA ALA KE 50 95.96 -43.61 -56.54
C ALA KE 50 96.81 -43.74 -55.28
N PHE KE 51 97.48 -42.64 -54.94
CA PHE KE 51 98.33 -42.56 -53.77
C PHE KE 51 97.81 -41.47 -52.84
N SER KE 52 98.04 -41.64 -51.53
CA SER KE 52 97.59 -40.67 -50.56
C SER KE 52 98.41 -40.78 -49.29
N VAL KE 53 98.54 -39.66 -48.57
CA VAL KE 53 99.25 -39.61 -47.30
C VAL KE 53 98.38 -38.89 -46.28
N LYS KE 54 98.58 -39.25 -45.01
CA LYS KE 54 97.81 -38.70 -43.89
C LYS KE 54 98.75 -38.41 -42.72
N VAL KE 55 99.78 -37.60 -43.00
CA VAL KE 55 100.88 -37.29 -42.09
C VAL KE 55 100.41 -37.08 -40.66
N PRO KE 56 101.20 -37.48 -39.65
CA PRO KE 56 100.73 -37.47 -38.26
C PRO KE 56 100.41 -36.06 -37.77
N LYS KE 57 99.47 -36.01 -36.83
CA LYS KE 57 98.99 -34.77 -36.25
C LYS KE 57 99.13 -34.86 -34.73
N VAL KE 58 99.80 -33.86 -34.14
CA VAL KE 58 100.11 -33.88 -32.72
C VAL KE 58 98.83 -33.87 -31.90
N SER KE 59 98.59 -34.97 -31.18
CA SER KE 59 97.41 -35.11 -30.34
C SER KE 59 97.83 -35.10 -28.86
N VAL KE 60 96.87 -35.26 -27.96
CA VAL KE 60 97.13 -35.45 -26.55
C VAL KE 60 96.93 -36.90 -26.13
N SER KE 61 96.04 -37.59 -26.81
CA SER KE 61 95.83 -39.03 -26.76
C SER KE 61 96.93 -39.69 -27.61
N ALA KE 62 96.68 -40.91 -28.09
CA ALA KE 62 97.64 -41.63 -28.92
C ALA KE 62 98.89 -41.98 -28.12
N PRO KE 63 98.84 -43.07 -27.34
CA PRO KE 63 99.89 -43.34 -26.35
C PRO KE 63 101.24 -43.57 -26.98
N GLY KE 64 101.96 -42.46 -27.17
CA GLY KE 64 103.11 -42.35 -28.02
C GLY KE 64 103.19 -40.94 -28.56
N GLY KE 65 102.11 -40.19 -28.37
CA GLY KE 65 102.13 -38.76 -28.57
C GLY KE 65 101.20 -38.23 -29.65
N PHE KE 66 101.16 -38.89 -30.80
CA PHE KE 66 100.35 -38.43 -31.92
C PHE KE 66 100.01 -39.59 -32.86
N THR KE 67 99.05 -39.33 -33.73
CA THR KE 67 98.47 -40.34 -34.60
C THR KE 67 99.51 -40.93 -35.55
N GLN KE 68 99.18 -42.08 -36.12
CA GLN KE 68 100.07 -42.80 -37.00
C GLN KE 68 100.15 -42.14 -38.38
N ALA KE 69 101.10 -42.62 -39.18
CA ALA KE 69 101.32 -42.15 -40.53
C ALA KE 69 100.82 -43.20 -41.52
N ARG KE 70 99.54 -43.11 -41.89
CA ARG KE 70 98.95 -44.04 -42.85
C ARG KE 70 99.27 -43.61 -44.27
N SER KE 71 99.58 -44.61 -45.12
CA SER KE 71 99.85 -44.37 -46.54
C SER KE 71 98.98 -45.35 -47.32
N THR KE 72 98.18 -44.84 -48.25
CA THR KE 72 97.25 -45.68 -48.99
C THR KE 72 97.62 -45.77 -50.47
N VAL KE 73 97.36 -46.94 -51.05
CA VAL KE 73 97.52 -47.17 -52.48
C VAL KE 73 96.33 -47.98 -52.98
N ILE KE 74 95.51 -47.39 -53.82
CA ILE KE 74 94.40 -48.09 -54.45
C ILE KE 74 94.70 -48.29 -55.93
N LEU KE 75 94.69 -49.53 -56.37
CA LEU KE 75 94.94 -49.88 -57.77
C LEU KE 75 93.59 -50.27 -58.38
N LYS KE 76 93.14 -49.48 -59.35
CA LYS KE 76 91.84 -49.73 -59.98
C LYS KE 76 92.06 -50.34 -61.36
N SER KE 77 91.58 -51.57 -61.54
CA SER KE 77 91.69 -52.27 -62.82
C SER KE 77 90.29 -52.48 -63.38
N PRO KE 78 89.89 -51.72 -64.40
CA PRO KE 78 88.52 -51.84 -64.91
C PRO KE 78 88.31 -53.15 -65.64
N LYS KE 79 87.06 -53.59 -65.69
CA LYS KE 79 86.69 -54.84 -66.33
C LYS KE 79 85.37 -54.69 -67.07
N THR KE 80 85.31 -55.25 -68.28
CA THR KE 80 84.08 -55.33 -69.06
C THR KE 80 83.47 -56.71 -68.85
N LEU KE 81 82.24 -56.74 -68.33
CA LEU KE 81 81.59 -58.01 -68.04
C LEU KE 81 80.96 -58.60 -69.29
N ALA KE 82 80.56 -59.87 -69.19
CA ALA KE 82 79.87 -60.52 -70.30
C ALA KE 82 78.53 -59.87 -70.58
N ASN KE 83 77.81 -59.50 -69.52
CA ASN KE 83 76.53 -58.80 -69.69
C ASN KE 83 76.69 -57.51 -70.47
N GLY KE 84 77.87 -56.91 -70.44
CA GLY KE 84 78.14 -55.75 -71.28
C GLY KE 84 78.54 -54.52 -70.50
N ASN KE 85 78.07 -54.41 -69.26
CA ASN KE 85 78.40 -53.25 -68.44
C ASN KE 85 79.86 -53.32 -67.98
N ARG KE 86 80.27 -52.30 -67.24
CA ARG KE 86 81.64 -52.13 -66.80
C ARG KE 86 81.70 -52.07 -65.29
N THR KE 87 82.79 -52.57 -64.73
CA THR KE 87 83.01 -52.58 -63.29
C THR KE 87 84.52 -52.42 -63.08
N VAL KE 88 84.90 -52.02 -61.86
CA VAL KE 88 86.29 -51.82 -61.51
C VAL KE 88 86.68 -52.81 -60.42
N ASN KE 89 87.82 -53.46 -60.59
CA ASN KE 89 88.38 -54.38 -59.61
C ASN KE 89 89.52 -53.65 -58.91
N THR KE 90 89.39 -53.49 -57.60
CA THR KE 90 90.32 -52.64 -56.86
C THR KE 90 91.21 -53.44 -55.93
N VAL KE 91 92.38 -52.89 -55.64
CA VAL KE 91 93.30 -53.43 -54.63
C VAL KE 91 93.80 -52.29 -53.76
N SER KE 92 93.24 -52.16 -52.56
CA SER KE 92 93.67 -51.10 -51.66
C SER KE 92 94.69 -51.63 -50.65
N ILE KE 93 95.65 -50.78 -50.31
CA ILE KE 93 96.71 -51.12 -49.37
C ILE KE 93 96.96 -49.93 -48.45
N GLN KE 94 97.01 -50.17 -47.14
CA GLN KE 94 97.22 -49.12 -46.16
C GLN KE 94 98.36 -49.50 -45.23
N LEU KE 95 99.06 -48.49 -44.71
CA LEU KE 95 100.28 -48.67 -43.93
C LEU KE 95 100.23 -47.80 -42.66
N SER KE 96 99.17 -47.95 -41.87
CA SER KE 96 99.04 -47.22 -40.62
C SER KE 96 100.14 -47.67 -39.65
N VAL KE 97 101.21 -46.90 -39.61
CA VAL KE 97 102.34 -47.16 -38.71
C VAL KE 97 102.57 -45.94 -37.84
N ASP KE 98 102.95 -46.19 -36.59
CA ASP KE 98 103.22 -45.12 -35.66
C ASP KE 98 104.45 -44.34 -36.13
N PRO KE 99 104.42 -43.00 -36.07
CA PRO KE 99 105.49 -42.20 -36.69
C PRO KE 99 106.87 -42.42 -36.10
N GLU KE 100 106.98 -43.02 -34.92
CA GLU KE 100 108.28 -43.32 -34.32
C GLU KE 100 108.94 -44.54 -34.96
N THR KE 101 108.25 -45.22 -35.87
CA THR KE 101 108.75 -46.47 -36.42
C THR KE 101 109.95 -46.24 -37.33
N THR KE 102 110.98 -47.06 -37.14
CA THR KE 102 112.17 -46.99 -37.98
C THR KE 102 111.86 -47.51 -39.38
N ALA KE 103 112.70 -47.12 -40.33
CA ALA KE 103 112.54 -47.55 -41.71
C ALA KE 103 112.91 -49.00 -41.93
N ALA KE 104 113.65 -49.61 -40.99
CA ALA KE 104 113.98 -51.02 -41.13
C ALA KE 104 112.76 -51.90 -40.90
N GLU KE 105 111.96 -51.57 -39.88
CA GLU KE 105 110.75 -52.34 -39.62
C GLU KE 105 109.72 -52.14 -40.72
N VAL KE 106 109.60 -50.92 -41.24
CA VAL KE 106 108.67 -50.65 -42.34
C VAL KE 106 109.04 -51.50 -43.54
N THR KE 107 110.33 -51.58 -43.86
CA THR KE 107 110.77 -52.47 -44.93
C THR KE 107 110.44 -53.92 -44.62
N THR KE 108 110.63 -54.33 -43.36
CA THR KE 108 110.25 -55.68 -42.96
C THR KE 108 108.75 -55.90 -43.12
N MET KE 109 107.94 -54.92 -42.70
CA MET KE 109 106.50 -55.02 -42.83
C MET KE 109 106.06 -55.07 -44.28
N LEU KE 110 106.65 -54.22 -45.13
CA LEU KE 110 106.25 -54.16 -46.53
C LEU KE 110 106.62 -55.44 -47.25
N ASN KE 111 107.79 -56.01 -46.92
CA ASN KE 111 108.20 -57.26 -47.55
C ASN KE 111 107.32 -58.41 -47.12
N ALA KE 112 107.00 -58.48 -45.83
CA ALA KE 112 106.13 -59.54 -45.33
C ALA KE 112 104.73 -59.41 -45.93
N ALA KE 113 104.20 -58.19 -45.97
CA ALA KE 113 102.90 -57.94 -46.61
C ALA KE 113 102.92 -58.22 -48.10
N ALA KE 114 103.97 -57.80 -48.80
CA ALA KE 114 104.08 -58.09 -50.23
C ALA KE 114 104.50 -59.53 -50.49
N GLN KE 115 104.97 -60.25 -49.46
CA GLN KE 115 105.21 -61.68 -49.61
C GLN KE 115 103.92 -62.46 -49.71
N LEU KE 116 102.86 -61.99 -49.07
CA LEU KE 116 101.51 -62.35 -49.45
C LEU KE 116 101.22 -61.76 -50.82
N LEU KE 117 100.08 -62.11 -51.40
CA LEU KE 117 99.62 -61.62 -52.70
C LEU KE 117 100.40 -62.21 -53.87
N PHE KE 118 101.50 -62.92 -53.62
CA PHE KE 118 102.15 -63.61 -54.73
C PHE KE 118 102.64 -64.99 -54.31
N ASP KE 119 102.63 -65.27 -53.01
CA ASP KE 119 102.97 -66.59 -52.53
C ASP KE 119 101.92 -67.60 -52.98
N SER KE 120 102.37 -68.80 -53.29
CA SER KE 120 101.47 -69.84 -53.79
C SER KE 120 100.45 -70.30 -52.76
N ASP KE 121 100.77 -70.20 -51.47
CA ASP KE 121 99.86 -70.68 -50.43
C ASP KE 121 98.55 -69.91 -50.45
N TYR KE 122 98.61 -68.60 -50.69
CA TYR KE 122 97.45 -67.73 -50.61
C TYR KE 122 96.74 -67.56 -51.95
N SER KE 123 97.17 -68.28 -52.98
CA SER KE 123 96.52 -68.22 -54.30
C SER KE 123 95.02 -68.51 -54.20
N ASP KE 124 94.66 -69.58 -53.49
CA ASP KE 124 93.26 -69.96 -53.38
C ASP KE 124 92.48 -68.97 -52.53
N PHE KE 125 93.13 -68.38 -51.53
CA PHE KE 125 92.49 -67.38 -50.70
C PHE KE 125 92.13 -66.13 -51.51
N TRP KE 126 93.09 -65.62 -52.28
CA TRP KE 126 92.84 -64.44 -53.08
C TRP KE 126 91.88 -64.70 -54.23
N LYS KE 127 91.90 -65.90 -54.82
CA LYS KE 127 91.11 -66.19 -56.01
C LYS KE 127 89.77 -66.79 -55.65
N ALA KE 128 89.73 -67.89 -54.90
CA ALA KE 128 88.48 -68.57 -54.58
C ALA KE 128 87.94 -68.22 -53.20
N GLN KE 129 88.61 -67.34 -52.46
CA GLN KE 129 88.22 -67.00 -51.09
C GLN KE 129 88.23 -68.22 -50.18
N ALA KE 130 89.17 -69.13 -50.44
CA ALA KE 130 89.32 -70.34 -49.65
C ALA KE 130 90.07 -70.00 -48.36
N LEU KE 131 89.30 -69.53 -47.38
CA LEU KE 131 89.86 -69.26 -46.05
C LEU KE 131 90.42 -70.54 -45.46
N ALA KE 132 89.56 -71.52 -45.24
CA ALA KE 132 89.98 -72.82 -44.77
C ALA KE 132 90.49 -73.64 -45.94
N ALA LE 1 -28.16 126.82 8.32
CA ALA LE 1 -29.14 127.81 8.74
C ALA LE 1 -30.51 127.15 8.90
N ILE LE 2 -30.51 125.82 9.01
CA ILE LE 2 -31.69 125.09 9.43
C ILE LE 2 -31.72 125.13 10.96
N ALA LE 3 -32.31 126.17 11.51
CA ALA LE 3 -32.32 126.38 12.95
C ALA LE 3 -33.47 127.29 13.31
N ASN LE 4 -33.20 128.58 13.44
CA ASN LE 4 -34.29 129.55 13.53
C ASN LE 4 -34.52 130.20 12.17
N SER LE 5 -34.95 129.40 11.20
CA SER LE 5 -35.25 129.89 9.86
C SER LE 5 -36.64 130.53 9.84
N SER LE 6 -37.20 130.74 8.65
CA SER LE 6 -38.56 131.26 8.56
C SER LE 6 -39.19 130.76 7.28
N ILE LE 7 -40.47 130.37 7.38
CA ILE LE 7 -41.22 129.86 6.24
C ILE LE 7 -42.66 130.35 6.36
N ALA LE 8 -43.20 130.89 5.27
CA ALA LE 8 -44.58 131.34 5.24
C ALA LE 8 -45.49 130.16 4.96
N ILE LE 9 -46.48 129.97 5.83
CA ILE LE 9 -47.42 128.85 5.69
C ILE LE 9 -48.75 129.38 5.20
N ASP LE 10 -49.34 128.68 4.23
CA ASP LE 10 -50.57 129.10 3.57
C ASP LE 10 -50.37 130.45 2.86
N SER LE 11 -49.42 130.47 1.93
CA SER LE 11 -49.06 131.66 1.19
C SER LE 11 -48.94 131.34 -0.29
N THR LE 12 -49.09 132.37 -1.13
CA THR LE 12 -48.98 132.22 -2.56
C THR LE 12 -47.54 132.48 -3.01
N ALA LE 13 -47.04 131.61 -3.88
CA ALA LE 13 -45.69 131.71 -4.42
C ALA LE 13 -45.74 132.21 -5.86
N SER LE 14 -44.74 133.00 -6.23
CA SER LE 14 -44.69 133.62 -7.54
C SER LE 14 -43.28 133.56 -8.08
N VAL LE 15 -43.15 133.79 -9.39
CA VAL LE 15 -41.88 133.72 -10.09
C VAL LE 15 -41.77 134.94 -11.00
N THR LE 16 -40.63 135.61 -10.96
CA THR LE 16 -40.36 136.76 -11.82
C THR LE 16 -39.07 136.53 -12.59
N GLY LE 17 -39.02 137.09 -13.80
CA GLY LE 17 -37.81 137.00 -14.61
C GLY LE 17 -37.62 135.62 -15.21
N GLY LE 18 -36.37 135.31 -15.54
CA GLY LE 18 -36.06 134.05 -16.18
C GLY LE 18 -36.50 134.01 -17.62
N THR LE 19 -36.45 132.81 -18.19
CA THR LE 19 -36.82 132.59 -19.59
C THR LE 19 -37.88 131.50 -19.62
N ALA LE 20 -39.10 131.87 -20.02
CA ALA LE 20 -40.21 130.93 -20.09
C ALA LE 20 -39.94 129.85 -21.13
N ARG LE 21 -39.73 128.62 -20.69
CA ARG LE 21 -39.52 127.48 -21.57
C ARG LE 21 -40.86 126.76 -21.77
N THR LE 22 -40.82 125.58 -22.37
CA THR LE 22 -42.04 124.81 -22.59
C THR LE 22 -41.74 123.34 -22.34
N VAL LE 23 -42.64 122.65 -21.65
CA VAL LE 23 -42.45 121.24 -21.32
C VAL LE 23 -43.09 120.45 -22.45
N LYS LE 24 -42.26 119.85 -23.28
CA LYS LE 24 -42.74 119.05 -24.40
C LYS LE 24 -42.89 117.60 -23.99
N GLU LE 25 -44.06 117.04 -24.21
CA GLU LE 25 -44.37 115.68 -23.79
C GLU LE 25 -43.84 114.68 -24.82
N LEU LE 26 -43.19 113.63 -24.34
CA LEU LE 26 -42.49 112.71 -25.21
C LEU LE 26 -43.25 111.38 -25.25
N VAL LE 27 -43.43 110.71 -24.13
CA VAL LE 27 -44.06 109.40 -24.07
C VAL LE 27 -44.92 109.33 -22.83
N ARG LE 28 -46.05 108.65 -22.93
CA ARG LE 28 -47.06 108.59 -21.87
C ARG LE 28 -47.48 107.13 -21.72
N ASN LE 29 -46.92 106.44 -20.73
CA ASN LE 29 -47.22 105.02 -20.57
C ASN LE 29 -46.97 104.59 -19.13
N ASN LE 30 -47.63 103.49 -18.75
CA ASN LE 30 -47.35 102.79 -17.50
C ASN LE 30 -47.42 103.72 -16.29
N SER LE 31 -48.44 104.57 -16.27
CA SER LE 31 -48.64 105.55 -15.21
C SER LE 31 -47.49 106.55 -15.12
N GLU LE 32 -46.78 106.74 -16.23
CA GLU LE 32 -45.64 107.62 -16.31
C GLU LE 32 -45.78 108.55 -17.51
N LEU LE 33 -45.30 109.79 -17.37
CA LEU LE 33 -45.31 110.77 -18.47
C LEU LE 33 -43.88 111.30 -18.60
N ASN LE 34 -43.17 110.79 -19.61
CA ASN LE 34 -41.85 111.31 -19.90
C ASN LE 34 -41.96 112.56 -20.77
N ALA LE 35 -41.24 113.61 -20.37
CA ALA LE 35 -41.27 114.87 -21.08
C ALA LE 35 -39.88 115.49 -21.03
N TYR LE 36 -39.73 116.65 -21.66
CA TYR LE 36 -38.46 117.36 -21.67
C TYR LE 36 -38.73 118.85 -21.76
N ILE LE 37 -37.83 119.64 -21.21
CA ILE LE 37 -37.92 121.09 -21.25
C ILE LE 37 -37.19 121.58 -22.49
N ASP LE 38 -37.85 122.45 -23.25
CA ASP LE 38 -37.34 122.90 -24.55
C ASP LE 38 -36.58 124.21 -24.34
N GLU LE 39 -35.26 124.10 -24.27
CA GLU LE 39 -34.40 125.28 -24.19
C GLU LE 39 -33.53 125.45 -25.43
N GLY LE 40 -33.83 124.73 -26.50
CA GLY LE 40 -33.01 124.77 -27.69
C GLY LE 40 -31.62 124.22 -27.46
N LEU LE 41 -31.54 123.07 -26.81
CA LEU LE 41 -30.28 122.41 -26.51
C LEU LE 41 -30.18 121.12 -27.32
N SER LE 42 -29.04 120.46 -27.21
CA SER LE 42 -28.83 119.19 -27.88
C SER LE 42 -29.55 118.07 -27.12
N PHE LE 43 -29.71 116.92 -27.77
CA PHE LE 43 -30.38 115.80 -27.13
C PHE LE 43 -29.62 115.27 -25.92
N GLN LE 44 -28.30 115.29 -25.97
CA GLN LE 44 -27.48 114.80 -24.86
C GLN LE 44 -27.47 115.73 -23.66
N ALA LE 45 -27.88 116.99 -23.82
CA ALA LE 45 -28.05 117.87 -22.69
C ALA LE 45 -29.44 118.51 -22.80
N ARG LE 46 -30.45 117.77 -22.35
CA ARG LE 46 -31.83 118.24 -22.30
C ARG LE 46 -32.20 118.53 -20.85
N LYS LE 47 -33.47 118.74 -20.51
CA LYS LE 47 -33.90 118.87 -19.12
C LYS LE 47 -35.08 117.95 -18.89
N GLU LE 48 -34.94 116.68 -19.27
CA GLU LE 48 -36.01 115.70 -19.16
C GLU LE 48 -36.60 115.68 -17.76
N VAL LE 49 -37.94 115.66 -17.69
CA VAL LE 49 -38.66 115.57 -16.42
C VAL LE 49 -39.72 114.48 -16.57
N ALA LE 50 -39.78 113.59 -15.58
CA ALA LE 50 -40.69 112.46 -15.60
C ALA LE 50 -41.76 112.60 -14.52
N PHE LE 51 -43.02 112.48 -14.93
CA PHE LE 51 -44.17 112.54 -14.03
C PHE LE 51 -44.76 111.15 -13.90
N SER LE 52 -44.93 110.68 -12.67
CA SER LE 52 -45.50 109.38 -12.42
C SER LE 52 -46.54 109.47 -11.32
N VAL LE 53 -47.52 108.57 -11.37
CA VAL LE 53 -48.63 108.56 -10.44
C VAL LE 53 -48.84 107.14 -9.94
N LYS LE 54 -49.11 107.02 -8.62
CA LYS LE 54 -49.32 105.74 -7.95
C LYS LE 54 -50.67 105.82 -7.22
N VAL LE 55 -51.71 105.29 -7.86
CA VAL LE 55 -53.08 105.40 -7.35
C VAL LE 55 -53.27 104.52 -6.13
N PRO LE 56 -54.13 104.92 -5.19
CA PRO LE 56 -54.34 104.09 -3.99
C PRO LE 56 -55.15 102.84 -4.29
N LYS LE 57 -54.89 101.80 -3.50
CA LYS LE 57 -55.62 100.54 -3.58
C LYS LE 57 -56.16 100.17 -2.20
N VAL LE 58 -57.22 99.37 -2.18
CA VAL LE 58 -57.84 98.97 -0.92
C VAL LE 58 -56.88 98.10 -0.11
N SER LE 59 -56.89 98.29 1.20
CA SER LE 59 -56.04 97.53 2.10
C SER LE 59 -56.83 97.18 3.36
N VAL LE 60 -56.19 96.43 4.26
CA VAL LE 60 -56.77 96.16 5.56
C VAL LE 60 -56.03 96.88 6.67
N SER LE 61 -54.71 97.03 6.56
CA SER LE 61 -53.89 97.93 7.35
C SER LE 61 -54.06 99.34 6.77
N ALA LE 62 -53.11 100.24 7.06
CA ALA LE 62 -53.16 101.58 6.50
C ALA LE 62 -54.37 102.33 7.02
N PRO LE 63 -54.29 102.93 8.20
CA PRO LE 63 -55.48 103.18 9.01
C PRO LE 63 -56.46 104.17 8.39
N GLY LE 64 -57.38 103.62 7.60
CA GLY LE 64 -58.25 104.36 6.71
C GLY LE 64 -58.58 103.55 5.48
N GLY LE 65 -57.92 102.40 5.34
CA GLY LE 65 -58.34 101.39 4.38
C GLY LE 65 -57.57 101.39 3.09
N PHE LE 66 -56.98 102.52 2.71
CA PHE LE 66 -56.28 102.61 1.45
C PHE LE 66 -54.82 103.01 1.66
N THR LE 67 -53.99 102.56 0.75
CA THR LE 67 -52.62 103.07 0.66
C THR LE 67 -52.63 104.52 0.20
N GLN LE 68 -51.49 105.17 0.33
CA GLN LE 68 -51.43 106.59 0.01
C GLN LE 68 -51.31 106.81 -1.50
N ALA LE 69 -51.77 107.96 -1.96
CA ALA LE 69 -51.67 108.35 -3.36
C ALA LE 69 -50.36 109.07 -3.58
N ARG LE 70 -49.42 108.42 -4.27
CA ARG LE 70 -48.11 109.00 -4.51
C ARG LE 70 -48.04 109.65 -5.88
N SER LE 71 -47.41 110.82 -5.94
CA SER LE 71 -47.17 111.55 -7.18
C SER LE 71 -45.69 111.95 -7.17
N THR LE 72 -44.96 111.48 -8.16
CA THR LE 72 -43.51 111.68 -8.20
C THR LE 72 -43.09 112.45 -9.44
N VAL LE 73 -42.22 113.42 -9.24
CA VAL LE 73 -41.62 114.18 -10.34
C VAL LE 73 -40.11 114.10 -10.22
N ILE LE 74 -39.44 113.61 -11.26
CA ILE LE 74 -37.99 113.61 -11.31
C ILE LE 74 -37.54 114.51 -12.46
N LEU LE 75 -36.73 115.51 -12.13
CA LEU LE 75 -36.14 116.41 -13.11
C LEU LE 75 -34.67 116.00 -13.28
N LYS LE 76 -34.28 115.69 -14.52
CA LYS LE 76 -32.92 115.30 -14.80
C LYS LE 76 -32.16 116.42 -15.49
N SER LE 77 -30.96 116.70 -15.01
CA SER LE 77 -30.13 117.77 -15.53
C SER LE 77 -28.77 117.21 -15.93
N PRO LE 78 -28.57 116.89 -17.20
CA PRO LE 78 -27.25 116.40 -17.65
C PRO LE 78 -26.15 117.43 -17.45
N LYS LE 79 -25.05 117.00 -16.82
CA LYS LE 79 -23.88 117.84 -16.61
C LYS LE 79 -22.68 117.18 -17.26
N THR LE 80 -21.82 118.01 -17.86
CA THR LE 80 -20.61 117.53 -18.52
C THR LE 80 -19.41 117.92 -17.65
N LEU LE 81 -18.57 116.94 -17.35
CA LEU LE 81 -17.50 117.10 -16.39
C LEU LE 81 -16.23 117.58 -17.07
N ALA LE 82 -15.20 117.85 -16.26
CA ALA LE 82 -13.93 118.34 -16.80
C ALA LE 82 -13.28 117.30 -17.72
N ASN LE 83 -13.26 116.04 -17.29
CA ASN LE 83 -12.69 114.99 -18.14
C ASN LE 83 -13.52 114.78 -19.39
N GLY LE 84 -14.84 114.87 -19.27
CA GLY LE 84 -15.69 114.78 -20.44
C GLY LE 84 -16.77 113.71 -20.33
N ASN LE 85 -16.75 112.94 -19.26
CA ASN LE 85 -17.83 111.99 -19.01
C ASN LE 85 -19.12 112.73 -18.70
N ARG LE 86 -20.24 112.12 -19.09
CA ARG LE 86 -21.55 112.71 -18.88
C ARG LE 86 -22.21 112.13 -17.64
N THR LE 87 -22.67 113.00 -16.76
CA THR LE 87 -23.43 112.61 -15.58
C THR LE 87 -24.75 113.37 -15.58
N VAL LE 88 -25.78 112.74 -15.03
CA VAL LE 88 -27.10 113.34 -14.90
C VAL LE 88 -27.32 113.65 -13.43
N ASN LE 89 -27.68 114.90 -13.14
CA ASN LE 89 -28.00 115.34 -11.79
C ASN LE 89 -29.51 115.48 -11.70
N THR LE 90 -30.12 114.87 -10.68
CA THR LE 90 -31.56 114.76 -10.60
C THR LE 90 -32.11 115.45 -9.35
N VAL LE 91 -33.38 115.84 -9.46
CA VAL LE 91 -34.17 116.27 -8.30
C VAL LE 91 -35.46 115.47 -8.27
N SER LE 92 -35.70 114.76 -7.18
CA SER LE 92 -36.93 114.00 -7.04
C SER LE 92 -37.87 114.69 -6.07
N ILE LE 93 -39.16 114.72 -6.42
CA ILE LE 93 -40.20 115.30 -5.59
C ILE LE 93 -41.32 114.26 -5.54
N GLN LE 94 -41.52 113.65 -4.38
CA GLN LE 94 -42.54 112.64 -4.19
C GLN LE 94 -43.50 113.10 -3.09
N LEU LE 95 -44.78 113.16 -3.42
CA LEU LE 95 -45.81 113.56 -2.47
C LEU LE 95 -46.71 112.36 -2.21
N SER LE 96 -46.82 111.96 -0.95
CA SER LE 96 -47.67 110.85 -0.54
C SER LE 96 -48.72 111.38 0.42
N VAL LE 97 -49.98 111.39 0.00
CA VAL LE 97 -51.09 111.83 0.85
C VAL LE 97 -52.10 110.70 0.97
N ASP LE 98 -52.74 110.65 2.13
CA ASP LE 98 -53.89 109.78 2.30
C ASP LE 98 -55.02 110.27 1.42
N PRO LE 99 -55.83 109.36 0.86
CA PRO LE 99 -56.93 109.80 -0.02
C PRO LE 99 -57.96 110.67 0.67
N GLU LE 100 -58.05 110.65 2.00
CA GLU LE 100 -58.95 111.55 2.70
C GLU LE 100 -58.50 112.99 2.69
N THR LE 101 -57.25 113.26 2.29
CA THR LE 101 -56.68 114.60 2.39
C THR LE 101 -57.37 115.56 1.44
N THR LE 102 -57.78 116.71 1.97
CA THR LE 102 -58.44 117.73 1.18
C THR LE 102 -57.44 118.47 0.30
N ALA LE 103 -57.97 119.21 -0.68
CA ALA LE 103 -57.09 119.93 -1.60
C ALA LE 103 -56.43 121.12 -0.92
N ALA LE 104 -57.03 121.66 0.14
CA ALA LE 104 -56.40 122.74 0.88
C ALA LE 104 -55.20 122.26 1.67
N GLU LE 105 -55.26 121.05 2.23
CA GLU LE 105 -54.13 120.49 2.94
C GLU LE 105 -52.98 120.15 1.99
N VAL LE 106 -53.30 119.72 0.77
CA VAL LE 106 -52.26 119.45 -0.21
C VAL LE 106 -51.62 120.74 -0.68
N THR LE 107 -52.42 121.79 -0.86
CA THR LE 107 -51.88 123.08 -1.26
C THR LE 107 -50.91 123.62 -0.23
N THR LE 108 -51.25 123.47 1.06
CA THR LE 108 -50.35 123.92 2.11
C THR LE 108 -49.03 123.18 2.08
N MET LE 109 -49.09 121.85 1.90
CA MET LE 109 -47.87 121.05 1.81
C MET LE 109 -47.04 121.43 0.59
N LEU LE 110 -47.71 121.62 -0.55
CA LEU LE 110 -47.00 121.96 -1.78
C LEU LE 110 -46.29 123.29 -1.65
N ASN LE 111 -46.94 124.28 -1.03
CA ASN LE 111 -46.33 125.59 -0.92
C ASN LE 111 -45.22 125.63 0.12
N ALA LE 112 -45.40 124.94 1.24
CA ALA LE 112 -44.36 124.90 2.26
C ALA LE 112 -43.13 124.16 1.77
N ALA LE 113 -43.32 123.11 0.95
CA ALA LE 113 -42.19 122.38 0.41
C ALA LE 113 -41.48 123.17 -0.67
N ALA LE 114 -42.18 124.08 -1.35
CA ALA LE 114 -41.54 124.90 -2.38
C ALA LE 114 -40.52 125.84 -1.77
N GLN LE 115 -40.88 126.50 -0.65
CA GLN LE 115 -39.92 127.36 0.03
C GLN LE 115 -38.80 126.57 0.69
N LEU LE 116 -38.97 125.26 0.86
CA LEU LE 116 -37.91 124.45 1.47
C LEU LE 116 -36.73 124.32 0.52
N LEU LE 117 -36.94 124.51 -0.79
CA LEU LE 117 -35.83 124.42 -1.74
C LEU LE 117 -35.66 125.70 -2.56
N PHE LE 118 -36.21 126.82 -2.11
CA PHE LE 118 -35.79 128.10 -2.67
C PHE LE 118 -35.56 129.21 -1.65
N ASP LE 119 -35.94 129.04 -0.39
CA ASP LE 119 -35.62 130.04 0.63
C ASP LE 119 -34.11 130.07 0.87
N SER LE 120 -33.61 131.28 1.16
CA SER LE 120 -32.16 131.48 1.26
C SER LE 120 -31.57 130.74 2.46
N ASP LE 121 -32.37 130.53 3.51
CA ASP LE 121 -31.89 129.85 4.70
C ASP LE 121 -31.46 128.41 4.41
N TYR LE 122 -31.94 127.84 3.32
CA TYR LE 122 -31.62 126.46 3.00
C TYR LE 122 -30.61 126.37 1.86
N SER LE 123 -30.01 127.50 1.49
CA SER LE 123 -29.05 127.50 0.40
C SER LE 123 -27.84 126.62 0.70
N ASP LE 124 -27.31 126.71 1.92
CA ASP LE 124 -26.12 125.94 2.27
C ASP LE 124 -26.42 124.47 2.49
N PHE LE 125 -27.65 124.12 2.86
CA PHE LE 125 -28.00 122.71 2.95
C PHE LE 125 -28.02 122.03 1.59
N TRP LE 126 -28.58 122.70 0.58
CA TRP LE 126 -28.65 122.11 -0.76
C TRP LE 126 -27.31 122.15 -1.48
N LYS LE 127 -26.58 123.26 -1.37
CA LYS LE 127 -25.31 123.43 -2.08
C LYS LE 127 -24.12 122.96 -1.25
N ALA LE 128 -23.92 123.56 -0.08
CA ALA LE 128 -22.79 123.20 0.77
C ALA LE 128 -23.02 121.92 1.55
N GLN LE 129 -24.24 121.39 1.54
CA GLN LE 129 -24.57 120.15 2.27
C GLN LE 129 -24.34 120.34 3.77
N ALA LE 130 -24.70 121.52 4.26
CA ALA LE 130 -24.42 121.94 5.63
C ALA LE 130 -25.70 121.88 6.45
N LEU LE 131 -25.74 120.99 7.43
CA LEU LE 131 -26.93 120.81 8.25
C LEU LE 131 -27.18 122.00 9.17
N ALA LE 132 -26.12 122.64 9.65
CA ALA LE 132 -26.30 123.81 10.49
C ALA LE 132 -25.29 124.91 10.14
N ALA ME 1 -52.09 121.09 -18.47
CA ALA ME 1 -51.33 120.47 -17.39
C ALA ME 1 -49.93 120.09 -17.86
N ILE ME 2 -49.54 118.85 -17.56
CA ILE ME 2 -48.26 118.34 -18.07
C ILE ME 2 -48.44 117.99 -19.53
N ALA ME 3 -48.03 118.89 -20.42
CA ALA ME 3 -48.24 118.73 -21.85
C ALA ME 3 -47.64 119.91 -22.61
N ASN ME 4 -48.06 121.12 -22.27
CA ASN ME 4 -47.56 122.34 -22.90
C ASN ME 4 -47.27 123.41 -21.87
N SER ME 5 -47.06 123.01 -20.61
CA SER ME 5 -46.85 123.96 -19.54
C SER ME 5 -45.51 124.68 -19.71
N SER ME 6 -45.46 125.92 -19.23
CA SER ME 6 -44.27 126.77 -19.33
C SER ME 6 -43.63 126.88 -17.95
N ILE ME 7 -42.31 126.77 -17.91
CA ILE ME 7 -41.54 126.92 -16.68
C ILE ME 7 -40.44 127.95 -16.92
N ALA ME 8 -40.35 128.94 -16.04
CA ALA ME 8 -39.39 130.03 -16.20
C ALA ME 8 -38.04 129.60 -15.64
N ILE ME 9 -37.15 129.17 -16.53
CA ILE ME 9 -35.83 128.71 -16.14
C ILE ME 9 -34.97 129.90 -15.69
N ASP ME 10 -34.24 129.70 -14.59
CA ASP ME 10 -33.34 130.71 -14.03
C ASP ME 10 -34.07 132.01 -13.70
N SER ME 11 -35.22 131.86 -13.05
CA SER ME 11 -36.00 132.98 -12.56
C SER ME 11 -35.83 133.10 -11.05
N THR ME 12 -36.54 134.06 -10.47
CA THR ME 12 -36.51 134.28 -9.03
C THR ME 12 -37.89 133.98 -8.46
N ALA ME 13 -37.95 133.09 -7.47
CA ALA ME 13 -39.20 132.67 -6.85
C ALA ME 13 -39.33 133.33 -5.48
N SER ME 14 -40.50 133.92 -5.23
CA SER ME 14 -40.77 134.62 -3.98
C SER ME 14 -42.10 134.15 -3.40
N VAL ME 15 -42.44 134.71 -2.24
CA VAL ME 15 -43.64 134.35 -1.50
C VAL ME 15 -44.27 135.62 -0.96
N THR ME 16 -45.60 135.70 -1.03
CA THR ME 16 -46.36 136.81 -0.45
C THR ME 16 -47.49 136.25 0.39
N GLY ME 17 -47.90 137.02 1.40
CA GLY ME 17 -48.97 136.58 2.28
C GLY ME 17 -48.50 135.49 3.23
N GLY ME 18 -49.48 134.87 3.89
CA GLY ME 18 -49.21 133.76 4.78
C GLY ME 18 -48.73 134.18 6.15
N THR ME 19 -48.50 133.18 6.99
CA THR ME 19 -47.95 133.36 8.33
C THR ME 19 -46.53 132.83 8.37
N ALA ME 20 -45.64 133.62 8.97
CA ALA ME 20 -44.21 133.30 9.04
C ALA ME 20 -43.97 132.46 10.29
N ARG ME 21 -43.65 131.19 10.09
CA ARG ME 21 -43.30 130.32 11.19
C ARG ME 21 -41.79 130.14 11.26
N THR ME 22 -41.30 129.74 12.44
CA THR ME 22 -39.87 129.81 12.73
C THR ME 22 -39.12 128.55 12.31
N VAL ME 23 -39.74 127.39 12.48
CA VAL ME 23 -39.07 126.10 12.34
C VAL ME 23 -38.05 125.96 13.46
N LYS ME 24 -38.17 124.89 14.26
CA LYS ME 24 -37.33 124.69 15.44
C LYS ME 24 -36.74 123.30 15.37
N GLU ME 25 -35.43 123.21 15.61
CA GLU ME 25 -34.76 121.91 15.56
C GLU ME 25 -35.15 121.07 16.77
N LEU ME 26 -35.46 119.80 16.53
CA LEU ME 26 -35.77 118.87 17.61
C LEU ME 26 -34.56 118.05 18.03
N VAL ME 27 -34.04 117.23 17.11
CA VAL ME 27 -33.02 116.24 17.40
C VAL ME 27 -32.03 116.25 16.23
N ARG ME 28 -30.80 115.87 16.53
CA ARG ME 28 -29.74 115.84 15.55
C ARG ME 28 -29.17 114.42 15.51
N ASN ME 29 -28.03 114.27 14.82
CA ASN ME 29 -27.31 113.00 14.69
C ASN ME 29 -27.98 112.06 13.70
N ASN ME 30 -27.18 111.51 12.79
CA ASN ME 30 -25.88 112.03 12.46
C ASN ME 30 -25.86 112.14 10.94
N SER ME 31 -25.51 113.32 10.44
CA SER ME 31 -25.84 113.70 9.07
C SER ME 31 -27.34 113.62 8.86
N GLU ME 32 -28.08 114.03 9.90
CA GLU ME 32 -29.53 114.01 9.89
C GLU ME 32 -30.09 115.01 10.90
N LEU ME 33 -30.76 116.05 10.41
CA LEU ME 33 -31.43 117.00 11.30
C LEU ME 33 -32.93 116.71 11.35
N ASN ME 34 -33.52 116.97 12.51
CA ASN ME 34 -34.96 116.88 12.68
C ASN ME 34 -35.44 118.20 13.27
N ALA ME 35 -36.43 118.81 12.62
CA ALA ME 35 -36.96 120.08 13.07
C ALA ME 35 -38.49 119.98 13.06
N TYR ME 36 -39.14 121.08 13.40
CA TYR ME 36 -40.60 121.14 13.32
C TYR ME 36 -41.00 122.58 13.10
N ILE ME 37 -42.07 122.79 12.34
CA ILE ME 37 -42.58 124.13 12.07
C ILE ME 37 -43.55 124.49 13.19
N ASP ME 38 -43.20 125.52 13.96
CA ASP ME 38 -43.98 125.90 15.14
C ASP ME 38 -45.10 126.84 14.72
N GLU ME 39 -46.34 126.35 14.76
CA GLU ME 39 -47.51 127.16 14.45
C GLU ME 39 -48.49 127.17 15.63
N GLY ME 40 -47.96 126.94 16.84
CA GLY ME 40 -48.83 126.84 18.01
C GLY ME 40 -49.78 125.67 17.94
N LEU ME 41 -49.32 124.52 17.47
CA LEU ME 41 -50.15 123.33 17.37
C LEU ME 41 -49.71 122.31 18.42
N SER ME 42 -50.50 121.26 18.58
CA SER ME 42 -50.21 120.23 19.56
C SER ME 42 -49.05 119.35 19.10
N PHE ME 43 -48.61 118.46 19.99
CA PHE ME 43 -47.47 117.61 19.71
C PHE ME 43 -47.76 116.62 18.59
N GLN ME 44 -48.99 116.16 18.45
CA GLN ME 44 -49.34 115.21 17.40
C GLN ME 44 -49.75 115.89 16.10
N ALA ME 45 -49.93 117.21 16.10
CA ALA ME 45 -50.43 117.92 14.93
C ALA ME 45 -49.38 118.87 14.35
N ARG ME 46 -48.13 118.74 14.77
CA ARG ME 46 -47.08 119.63 14.29
C ARG ME 46 -46.44 119.07 13.02
N LYS ME 47 -45.85 119.98 12.23
CA LYS ME 47 -45.41 119.67 10.88
C LYS ME 47 -44.21 118.72 10.83
N GLU ME 48 -43.11 119.06 11.52
CA GLU ME 48 -41.95 118.17 11.62
C GLU ME 48 -41.25 117.84 10.30
N VAL ME 49 -40.57 118.82 9.71
CA VAL ME 49 -39.72 118.60 8.53
C VAL ME 49 -38.40 117.98 8.98
N ALA ME 50 -37.91 117.01 8.21
CA ALA ME 50 -36.63 116.36 8.48
C ALA ME 50 -35.61 116.65 7.38
N PHE ME 51 -34.33 116.68 7.78
CA PHE ME 51 -33.24 117.00 6.87
C PHE ME 51 -32.19 115.90 6.93
N SER ME 52 -31.87 115.32 5.78
CA SER ME 52 -30.87 114.26 5.68
C SER ME 52 -29.78 114.67 4.70
N VAL ME 53 -28.63 114.00 4.80
CA VAL ME 53 -27.48 114.33 3.98
C VAL ME 53 -26.63 113.10 3.75
N LYS ME 54 -26.20 112.88 2.51
CA LYS ME 54 -25.24 111.84 2.16
C LYS ME 54 -24.07 112.52 1.46
N VAL ME 55 -22.92 112.54 2.12
CA VAL ME 55 -21.76 113.28 1.60
C VAL ME 55 -21.20 112.54 0.39
N PRO ME 56 -20.49 113.21 -0.51
CA PRO ME 56 -19.89 112.50 -1.66
C PRO ME 56 -18.84 111.52 -1.19
N LYS ME 57 -18.95 110.28 -1.67
CA LYS ME 57 -18.06 109.21 -1.27
C LYS ME 57 -17.09 108.92 -2.40
N VAL ME 58 -15.83 108.66 -2.05
CA VAL ME 58 -14.79 108.47 -3.05
C VAL ME 58 -14.93 107.09 -3.67
N SER ME 59 -15.61 107.00 -4.81
CA SER ME 59 -15.71 105.76 -5.56
C SER ME 59 -14.59 105.68 -6.59
N VAL ME 60 -14.69 104.73 -7.52
CA VAL ME 60 -13.69 104.59 -8.57
C VAL ME 60 -14.36 104.63 -9.94
N SER ME 61 -15.38 103.78 -10.12
CA SER ME 61 -16.03 103.63 -11.43
C SER ME 61 -17.26 104.52 -11.51
N ALA ME 62 -17.01 105.83 -11.40
CA ALA ME 62 -18.08 106.81 -11.49
C ALA ME 62 -17.60 108.02 -12.27
N PRO ME 63 -18.50 108.77 -12.90
CA PRO ME 63 -18.11 110.04 -13.50
C PRO ME 63 -17.53 110.97 -12.46
N GLY ME 64 -16.45 111.65 -12.82
CA GLY ME 64 -15.80 112.58 -11.91
C GLY ME 64 -14.89 111.90 -10.92
N GLY ME 65 -15.28 110.70 -10.49
CA GLY ME 65 -14.48 109.92 -9.55
C GLY ME 65 -15.24 109.54 -8.30
N PHE ME 66 -16.05 110.44 -7.76
CA PHE ME 66 -16.76 110.17 -6.52
C PHE ME 66 -18.21 109.81 -6.81
N THR ME 67 -18.91 109.37 -5.77
CA THR ME 67 -20.36 109.24 -5.84
C THR ME 67 -21.00 110.61 -5.70
N GLN ME 68 -22.32 110.64 -5.76
CA GLN ME 68 -23.05 111.91 -5.80
C GLN ME 68 -23.34 112.42 -4.40
N ALA ME 69 -23.53 113.74 -4.31
CA ALA ME 69 -23.86 114.40 -3.05
C ALA ME 69 -25.38 114.41 -2.90
N ARG ME 70 -25.90 113.44 -2.15
CA ARG ME 70 -27.34 113.36 -1.90
C ARG ME 70 -27.74 114.29 -0.77
N SER ME 71 -28.92 114.90 -0.91
CA SER ME 71 -29.43 115.83 0.10
C SER ME 71 -30.95 115.70 0.09
N THR ME 72 -31.50 115.16 1.17
CA THR ME 72 -32.93 114.86 1.25
C THR ME 72 -33.63 115.74 2.28
N VAL ME 73 -34.86 116.12 1.96
CA VAL ME 73 -35.75 116.80 2.88
C VAL ME 73 -37.08 116.07 2.83
N ILE ME 74 -37.64 115.76 3.99
CA ILE ME 74 -38.99 115.21 4.09
C ILE ME 74 -39.80 116.11 5.01
N LEU ME 75 -40.86 116.69 4.48
CA LEU ME 75 -41.83 117.44 5.27
C LEU ME 75 -42.98 116.50 5.61
N LYS ME 76 -43.24 116.31 6.89
CA LYS ME 76 -44.36 115.49 7.32
C LYS ME 76 -45.54 116.39 7.63
N SER ME 77 -46.73 115.79 7.66
CA SER ME 77 -47.97 116.54 7.82
C SER ME 77 -49.03 115.65 8.47
N PRO ME 78 -49.27 115.81 9.76
CA PRO ME 78 -50.26 114.98 10.43
C PRO ME 78 -51.66 115.22 9.88
N LYS ME 79 -52.47 114.17 9.88
CA LYS ME 79 -53.88 114.28 9.53
C LYS ME 79 -54.65 113.20 10.27
N THR ME 80 -55.81 113.57 10.80
CA THR ME 80 -56.69 112.63 11.46
C THR ME 80 -57.83 112.25 10.51
N LEU ME 81 -58.23 110.98 10.56
CA LEU ME 81 -59.13 110.42 9.56
C LEU ME 81 -60.57 110.46 10.04
N ALA ME 82 -61.48 110.01 9.17
CA ALA ME 82 -62.90 109.98 9.48
C ALA ME 82 -63.27 108.88 10.45
N ASN ME 83 -62.39 107.91 10.69
CA ASN ME 83 -62.59 106.88 11.69
C ASN ME 83 -61.84 107.17 12.98
N GLY ME 84 -61.19 108.31 13.08
CA GLY ME 84 -60.43 108.68 14.27
C GLY ME 84 -58.98 108.26 14.26
N ASN ME 85 -58.57 107.46 13.28
CA ASN ME 85 -57.17 107.02 13.21
C ASN ME 85 -56.28 108.15 12.73
N ARG ME 86 -54.98 107.98 12.97
CA ARG ME 86 -53.98 109.03 12.75
C ARG ME 86 -53.04 108.55 11.65
N THR ME 87 -52.82 109.39 10.64
CA THR ME 87 -51.88 109.11 9.56
C THR ME 87 -51.02 110.33 9.27
N VAL ME 88 -50.03 110.15 8.40
CA VAL ME 88 -49.08 111.20 8.05
C VAL ME 88 -49.00 111.34 6.54
N ASN ME 89 -49.04 112.57 6.06
CA ASN ME 89 -48.77 112.89 4.66
C ASN ME 89 -47.36 113.45 4.56
N THR ME 90 -46.65 113.10 3.49
CA THR ME 90 -45.26 113.47 3.36
C THR ME 90 -44.99 114.13 2.01
N VAL ME 91 -43.99 115.01 2.00
CA VAL ME 91 -43.39 115.51 0.77
C VAL ME 91 -41.89 115.24 0.87
N SER ME 92 -41.37 114.40 -0.02
CA SER ME 92 -39.95 114.05 0.01
C SER ME 92 -39.22 114.68 -1.15
N ILE ME 93 -38.20 115.47 -0.86
CA ILE ME 93 -37.40 116.14 -1.88
C ILE ME 93 -35.97 115.65 -1.74
N GLN ME 94 -35.43 115.07 -2.81
CA GLN ME 94 -34.05 114.61 -2.85
C GLN ME 94 -33.31 115.32 -3.98
N LEU ME 95 -32.17 115.91 -3.66
CA LEU ME 95 -31.30 116.56 -4.63
C LEU ME 95 -30.04 115.69 -4.76
N SER ME 96 -29.77 115.26 -5.99
CA SER ME 96 -28.60 114.42 -6.27
C SER ME 96 -27.78 115.11 -7.35
N VAL ME 97 -26.66 115.69 -6.94
CA VAL ME 97 -25.74 116.32 -7.87
C VAL ME 97 -24.36 115.70 -7.72
N ASP ME 98 -23.57 115.79 -8.77
CA ASP ME 98 -22.17 115.42 -8.71
C ASP ME 98 -21.41 116.54 -8.00
N PRO ME 99 -20.36 116.20 -7.25
CA PRO ME 99 -19.66 117.25 -6.48
C PRO ME 99 -19.02 118.32 -7.35
N GLU ME 100 -18.79 118.06 -8.63
CA GLU ME 100 -18.23 119.02 -9.56
C GLU ME 100 -19.24 120.11 -9.94
N THR ME 101 -20.51 119.93 -9.60
CA THR ME 101 -21.54 120.90 -9.91
C THR ME 101 -21.31 122.20 -9.15
N THR ME 102 -21.51 123.32 -9.83
CA THR ME 102 -21.39 124.64 -9.23
C THR ME 102 -22.69 125.02 -8.52
N ALA ME 103 -22.60 126.08 -7.72
CA ALA ME 103 -23.77 126.54 -6.98
C ALA ME 103 -24.84 127.06 -7.91
N ALA ME 104 -24.43 127.69 -9.03
CA ALA ME 104 -25.41 128.28 -9.94
C ALA ME 104 -26.20 127.21 -10.70
N GLU ME 105 -25.58 126.07 -11.00
CA GLU ME 105 -26.34 124.99 -11.64
C GLU ME 105 -27.31 124.33 -10.65
N VAL ME 106 -26.98 124.36 -9.36
CA VAL ME 106 -27.88 123.81 -8.36
C VAL ME 106 -29.05 124.77 -8.13
N THR ME 107 -28.78 126.07 -8.21
CA THR ME 107 -29.81 127.09 -8.06
C THR ME 107 -30.85 126.98 -9.16
N THR ME 108 -30.40 126.67 -10.39
CA THR ME 108 -31.33 126.50 -11.49
C THR ME 108 -32.24 125.30 -11.24
N MET ME 109 -31.67 124.20 -10.76
CA MET ME 109 -32.44 122.99 -10.50
C MET ME 109 -33.51 123.21 -9.45
N LEU ME 110 -33.14 123.86 -8.35
CA LEU ME 110 -34.09 124.07 -7.26
C LEU ME 110 -35.22 124.98 -7.68
N ASN ME 111 -34.92 125.99 -8.50
CA ASN ME 111 -35.96 126.87 -9.01
C ASN ME 111 -36.89 126.12 -9.96
N ALA ME 112 -36.31 125.29 -10.84
CA ALA ME 112 -37.14 124.50 -11.75
C ALA ME 112 -37.98 123.49 -10.98
N ALA ME 113 -37.39 122.85 -9.97
CA ALA ME 113 -38.12 121.88 -9.17
C ALA ME 113 -39.16 122.56 -8.28
N ALA ME 114 -38.85 123.77 -7.78
CA ALA ME 114 -39.83 124.50 -6.99
C ALA ME 114 -41.05 124.85 -7.83
N GLN ME 115 -40.84 125.21 -9.10
CA GLN ME 115 -41.96 125.60 -9.95
C GLN ME 115 -42.95 124.45 -10.14
N LEU ME 116 -42.45 123.22 -10.29
CA LEU ME 116 -43.34 122.07 -10.37
C LEU ME 116 -43.73 121.62 -8.97
N LEU ME 117 -44.07 122.60 -8.13
CA LEU ME 117 -44.68 122.34 -6.83
C LEU ME 117 -45.84 123.30 -6.62
N PHE ME 118 -45.73 124.49 -7.17
CA PHE ME 118 -46.72 125.54 -6.96
C PHE ME 118 -47.25 126.18 -8.23
N ASP ME 119 -46.71 125.83 -9.40
CA ASP ME 119 -47.24 126.35 -10.64
C ASP ME 119 -48.65 125.84 -10.88
N SER ME 120 -49.54 126.74 -11.30
CA SER ME 120 -50.95 126.40 -11.43
C SER ME 120 -51.18 125.32 -12.47
N ASP ME 121 -50.24 125.17 -13.41
CA ASP ME 121 -50.36 124.15 -14.44
C ASP ME 121 -50.33 122.75 -13.85
N TYR ME 122 -49.44 122.53 -12.88
CA TYR ME 122 -49.36 121.23 -12.23
C TYR ME 122 -50.15 121.24 -10.92
N SER ME 123 -51.46 121.43 -10.99
CA SER ME 123 -52.29 121.34 -9.80
C SER ME 123 -53.09 120.06 -9.83
N ASP ME 124 -53.70 119.77 -10.99
CA ASP ME 124 -54.46 118.53 -11.15
C ASP ME 124 -53.56 117.30 -11.02
N PHE ME 125 -52.26 117.46 -11.27
CA PHE ME 125 -51.34 116.34 -11.09
C PHE ME 125 -51.10 115.99 -9.63
N TRP ME 126 -51.04 116.98 -8.74
CA TRP ME 126 -50.76 116.70 -7.34
C TRP ME 126 -52.03 116.34 -6.57
N LYS ME 127 -53.09 117.13 -6.74
CA LYS ME 127 -54.30 116.92 -5.95
C LYS ME 127 -55.22 115.90 -6.62
N ALA ME 128 -55.53 116.10 -7.89
CA ALA ME 128 -56.40 115.17 -8.59
C ALA ME 128 -55.66 113.92 -9.07
N GLN ME 129 -54.33 113.92 -8.96
CA GLN ME 129 -53.50 112.82 -9.45
C GLN ME 129 -53.74 112.56 -10.93
N ALA ME 130 -53.96 113.64 -11.69
CA ALA ME 130 -54.31 113.58 -13.10
C ALA ME 130 -53.07 113.79 -13.96
N LEU ME 131 -52.58 112.72 -14.56
CA LEU ME 131 -51.39 112.78 -15.40
C LEU ME 131 -51.62 113.63 -16.65
N ALA ME 132 -52.88 113.85 -17.01
CA ALA ME 132 -53.21 114.71 -18.14
C ALA ME 132 -54.55 115.40 -17.97
N ALA NE 1 -38.38 107.99 -65.39
CA ALA NE 1 -38.19 106.84 -64.52
C ALA NE 1 -37.14 107.13 -63.46
N ILE NE 2 -36.62 106.06 -62.84
CA ILE NE 2 -35.64 106.22 -61.76
C ILE NE 2 -34.37 106.88 -62.26
N ALA NE 3 -33.85 106.41 -63.40
CA ALA NE 3 -32.64 107.00 -63.96
C ALA NE 3 -32.89 108.42 -64.43
N ASN NE 4 -32.01 109.33 -64.03
CA ASN NE 4 -32.08 110.74 -64.40
C ASN NE 4 -33.38 111.39 -63.89
N SER NE 5 -33.90 110.88 -62.78
CA SER NE 5 -35.02 111.51 -62.10
C SER NE 5 -34.51 112.67 -61.27
N SER NE 6 -35.29 113.73 -61.20
CA SER NE 6 -34.90 114.93 -60.47
C SER NE 6 -35.69 115.05 -59.17
N ILE NE 7 -34.97 115.37 -58.09
CA ILE NE 7 -35.56 115.61 -56.78
C ILE NE 7 -35.15 117.00 -56.32
N ALA NE 8 -36.12 117.78 -55.85
CA ALA NE 8 -35.85 119.14 -55.37
C ALA NE 8 -35.48 119.07 -53.90
N ILE NE 9 -34.21 119.29 -53.60
CA ILE NE 9 -33.71 119.19 -52.23
C ILE NE 9 -34.04 120.46 -51.47
N ASP NE 10 -34.40 120.30 -50.19
CA ASP NE 10 -34.71 121.41 -49.29
C ASP NE 10 -35.87 122.24 -49.85
N SER NE 11 -37.02 121.57 -49.93
CA SER NE 11 -38.19 122.12 -50.59
C SER NE 11 -39.40 122.02 -49.69
N THR NE 12 -40.31 122.96 -49.87
CA THR NE 12 -41.60 122.88 -49.18
C THR NE 12 -42.54 121.97 -49.96
N ALA NE 13 -43.14 121.02 -49.25
CA ALA NE 13 -44.07 120.07 -49.85
C ALA NE 13 -45.48 120.47 -49.45
N SER NE 14 -46.26 120.94 -50.43
CA SER NE 14 -47.65 121.28 -50.18
C SER NE 14 -48.54 120.08 -50.53
N VAL NE 15 -49.84 120.27 -50.37
CA VAL NE 15 -50.82 119.25 -50.73
C VAL NE 15 -52.17 119.91 -50.94
N THR NE 16 -52.82 119.62 -52.08
CA THR NE 16 -54.12 120.20 -52.39
C THR NE 16 -54.97 119.15 -53.09
N GLY NE 17 -55.70 118.36 -52.31
CA GLY NE 17 -56.67 117.46 -52.89
C GLY NE 17 -58.04 117.49 -52.24
N GLY NE 18 -58.11 118.00 -51.01
CA GLY NE 18 -59.34 117.95 -50.26
C GLY NE 18 -59.49 116.66 -49.47
N THR NE 19 -60.70 116.36 -49.03
CA THR NE 19 -61.00 115.15 -48.25
C THR NE 19 -60.17 115.12 -46.97
N ALA NE 20 -60.38 116.14 -46.14
CA ALA NE 20 -59.61 116.30 -44.91
C ALA NE 20 -60.07 115.31 -43.84
N ARG NE 21 -59.46 114.13 -43.81
CA ARG NE 21 -59.78 113.13 -42.82
C ARG NE 21 -59.12 113.48 -41.48
N THR NE 22 -59.37 112.63 -40.48
CA THR NE 22 -58.87 112.87 -39.13
C THR NE 22 -58.27 111.59 -38.58
N VAL NE 23 -57.05 111.70 -38.05
CA VAL NE 23 -56.38 110.58 -37.41
C VAL NE 23 -56.86 110.51 -35.96
N LYS NE 24 -57.48 109.40 -35.58
CA LYS NE 24 -57.92 109.15 -34.22
C LYS NE 24 -57.15 107.97 -33.65
N GLU NE 25 -56.61 108.14 -32.45
CA GLU NE 25 -55.82 107.07 -31.85
C GLU NE 25 -56.74 106.00 -31.25
N LEU NE 26 -56.24 104.77 -31.24
CA LEU NE 26 -57.00 103.64 -30.73
C LEU NE 26 -56.40 103.13 -29.42
N VAL NE 27 -55.13 102.70 -29.42
CA VAL NE 27 -54.47 102.17 -28.25
C VAL NE 27 -53.08 102.77 -28.18
N ARG NE 28 -52.32 102.35 -27.18
CA ARG NE 28 -50.95 102.83 -27.02
C ARG NE 28 -49.91 101.74 -26.87
N ASN NE 29 -50.24 100.62 -26.23
CA ASN NE 29 -49.30 99.60 -25.77
C ASN NE 29 -47.87 100.10 -25.55
N ASN NE 30 -46.88 99.27 -25.87
CA ASN NE 30 -45.49 99.49 -25.44
C ASN NE 30 -44.80 100.45 -26.39
N SER NE 31 -44.67 101.71 -25.98
CA SER NE 31 -43.91 102.73 -26.71
C SER NE 31 -44.36 102.78 -28.17
N GLU NE 32 -45.66 102.69 -28.37
CA GLU NE 32 -46.25 102.65 -29.70
C GLU NE 32 -47.49 103.54 -29.68
N LEU NE 33 -48.11 103.72 -30.84
CA LEU NE 33 -49.35 104.48 -30.91
C LEU NE 33 -50.16 104.03 -32.11
N ASN NE 34 -51.18 103.23 -31.89
CA ASN NE 34 -51.99 102.72 -32.99
C ASN NE 34 -53.19 103.63 -33.17
N ALA NE 35 -53.30 104.22 -34.35
CA ALA NE 35 -54.40 105.11 -34.70
C ALA NE 35 -55.14 104.56 -35.90
N TYR NE 36 -56.10 105.33 -36.40
CA TYR NE 36 -56.83 104.97 -37.60
C TYR NE 36 -57.37 106.23 -38.25
N ILE NE 37 -57.56 106.18 -39.56
CA ILE NE 37 -58.05 107.34 -40.30
C ILE NE 37 -59.58 107.24 -40.40
N ASP NE 38 -60.26 108.30 -39.96
CA ASP NE 38 -61.72 108.29 -39.87
C ASP NE 38 -62.31 108.72 -41.21
N GLU NE 39 -62.61 107.73 -42.04
CA GLU NE 39 -63.24 107.95 -43.33
C GLU NE 39 -64.63 107.37 -43.43
N GLY NE 40 -65.18 106.87 -42.33
CA GLY NE 40 -66.52 106.34 -42.30
C GLY NE 40 -66.70 104.93 -42.86
N LEU NE 41 -65.61 104.19 -43.07
CA LEU NE 41 -65.72 102.83 -43.57
C LEU NE 41 -66.11 101.89 -42.44
N SER NE 42 -66.07 100.59 -42.74
CA SER NE 42 -66.41 99.58 -41.75
C SER NE 42 -65.33 99.48 -40.69
N PHE NE 43 -65.60 98.67 -39.67
CA PHE NE 43 -64.68 98.54 -38.55
C PHE NE 43 -63.40 97.82 -38.97
N GLN NE 44 -63.53 96.70 -39.67
CA GLN NE 44 -62.37 95.95 -40.14
C GLN NE 44 -62.08 96.23 -41.60
N ALA NE 45 -62.38 97.47 -42.05
CA ALA NE 45 -61.99 97.90 -43.39
C ALA NE 45 -61.38 99.30 -43.36
N ARG NE 46 -61.15 99.87 -42.18
CA ARG NE 46 -60.60 101.21 -42.06
C ARG NE 46 -59.08 101.18 -42.20
N LYS NE 47 -58.47 102.34 -42.43
CA LYS NE 47 -57.03 102.43 -42.54
C LYS NE 47 -56.45 102.79 -41.18
N GLU NE 48 -55.67 101.88 -40.60
CA GLU NE 48 -55.02 102.10 -39.31
C GLU NE 48 -53.54 102.38 -39.58
N VAL NE 49 -53.05 103.49 -39.03
CA VAL NE 49 -51.63 103.81 -39.13
C VAL NE 49 -51.01 103.76 -37.74
N ALA NE 50 -49.92 103.01 -37.61
CA ALA NE 50 -49.24 102.82 -36.33
C ALA NE 50 -47.96 103.66 -36.28
N PHE NE 51 -47.67 104.15 -35.07
CA PHE NE 51 -46.48 104.95 -34.81
C PHE NE 51 -45.67 104.28 -33.70
N SER NE 52 -44.35 104.36 -33.79
CA SER NE 52 -43.50 103.74 -32.77
C SER NE 52 -42.16 104.48 -32.69
N VAL NE 53 -41.56 104.48 -31.50
CA VAL NE 53 -40.29 105.14 -31.26
C VAL NE 53 -39.34 104.15 -30.60
N LYS NE 54 -38.05 104.35 -30.84
CA LYS NE 54 -36.99 103.48 -30.34
C LYS NE 54 -35.82 104.33 -29.82
N VAL NE 55 -36.12 105.24 -28.90
CA VAL NE 55 -35.21 106.26 -28.39
C VAL NE 55 -33.81 105.71 -28.12
N PRO NE 56 -32.76 106.50 -28.31
CA PRO NE 56 -31.39 105.99 -28.22
C PRO NE 56 -31.03 105.49 -26.83
N LYS NE 57 -30.13 104.51 -26.81
CA LYS NE 57 -29.68 103.86 -25.58
C LYS NE 57 -28.17 103.95 -25.51
N VAL NE 58 -27.65 104.45 -24.38
CA VAL NE 58 -26.21 104.69 -24.24
C VAL NE 58 -25.45 103.39 -24.38
N SER NE 59 -24.61 103.31 -25.40
CA SER NE 59 -23.85 102.10 -25.70
C SER NE 59 -22.35 102.37 -25.51
N VAL NE 60 -21.54 101.34 -25.73
CA VAL NE 60 -20.09 101.47 -25.78
C VAL NE 60 -19.59 101.46 -27.23
N SER NE 61 -20.28 100.72 -28.09
CA SER NE 61 -20.14 100.71 -29.53
C SER NE 61 -20.85 101.95 -30.08
N ALA NE 62 -21.25 101.91 -31.36
CA ALA NE 62 -21.94 103.03 -31.99
C ALA NE 62 -21.01 104.24 -32.11
N PRO NE 63 -20.16 104.27 -33.13
CA PRO NE 63 -19.09 105.27 -33.20
C PRO NE 63 -19.65 106.68 -33.34
N GLY NE 64 -19.89 107.28 -32.18
CA GLY NE 64 -20.72 108.45 -32.01
C GLY NE 64 -21.36 108.41 -30.64
N GLY NE 65 -21.28 107.25 -30.00
CA GLY NE 65 -21.59 107.11 -28.59
C GLY NE 65 -22.74 106.18 -28.24
N PHE NE 66 -23.85 106.27 -28.98
CA PHE NE 66 -25.02 105.45 -28.70
C PHE NE 66 -25.88 105.29 -29.96
N THR NE 67 -26.79 104.33 -29.89
CA THR NE 67 -27.58 103.90 -31.03
C THR NE 67 -28.45 105.03 -31.57
N GLN NE 68 -28.98 104.80 -32.77
CA GLN NE 68 -29.73 105.82 -33.48
C GLN NE 68 -31.15 105.95 -32.94
N ALA NE 69 -31.83 107.00 -33.39
CA ALA NE 69 -33.20 107.29 -32.98
C ALA NE 69 -34.14 106.96 -34.15
N ARG NE 70 -34.68 105.75 -34.14
CA ARG NE 70 -35.57 105.30 -35.21
C ARG NE 70 -37.02 105.61 -34.88
N SER NE 71 -37.77 106.03 -35.89
CA SER NE 71 -39.20 106.31 -35.79
C SER NE 71 -39.88 105.56 -36.94
N THR NE 72 -40.86 104.72 -36.60
CA THR NE 72 -41.53 103.91 -37.61
C THR NE 72 -42.98 104.33 -37.77
N VAL NE 73 -43.46 104.25 -39.01
CA VAL NE 73 -44.86 104.50 -39.34
C VAL NE 73 -45.32 103.45 -40.34
N ILE NE 74 -46.26 102.60 -39.92
CA ILE NE 74 -46.85 101.62 -40.82
C ILE NE 74 -48.30 102.03 -41.08
N LEU NE 75 -48.66 102.17 -42.35
CA LEU NE 75 -50.01 102.52 -42.77
C LEU NE 75 -50.64 101.26 -43.37
N LYS NE 76 -51.67 100.76 -42.70
CA LYS NE 76 -52.33 99.53 -43.13
C LYS NE 76 -53.62 99.87 -43.87
N SER NE 77 -53.66 99.56 -45.16
CA SER NE 77 -54.82 99.80 -46.00
C SER NE 77 -55.43 98.46 -46.40
N PRO NE 78 -56.53 98.04 -45.79
CA PRO NE 78 -57.08 96.71 -46.11
C PRO NE 78 -57.76 96.69 -47.47
N LYS NE 79 -57.80 95.51 -48.08
CA LYS NE 79 -58.35 95.34 -49.41
C LYS NE 79 -59.09 94.02 -49.50
N THR NE 80 -60.29 94.05 -50.09
CA THR NE 80 -61.07 92.85 -50.35
C THR NE 80 -60.77 92.36 -51.76
N LEU NE 81 -60.23 91.14 -51.85
CA LEU NE 81 -59.86 90.59 -53.15
C LEU NE 81 -61.07 89.97 -53.85
N ALA NE 82 -60.96 89.87 -55.17
CA ALA NE 82 -62.07 89.35 -55.98
C ALA NE 82 -62.42 87.92 -55.60
N ASN NE 83 -61.42 87.14 -55.19
CA ASN NE 83 -61.69 85.77 -54.74
C ASN NE 83 -62.56 85.75 -53.49
N GLY NE 84 -62.66 86.88 -52.79
CA GLY NE 84 -63.56 86.97 -51.66
C GLY NE 84 -62.84 87.24 -50.36
N ASN NE 85 -61.62 86.74 -50.23
CA ASN NE 85 -60.86 86.89 -49.01
C ASN NE 85 -60.38 88.33 -48.85
N ARG NE 86 -59.65 88.57 -47.76
CA ARG NE 86 -59.22 89.90 -47.37
C ARG NE 86 -57.71 89.89 -47.13
N THR NE 87 -57.08 90.99 -47.50
CA THR NE 87 -55.64 91.18 -47.32
C THR NE 87 -55.41 92.64 -46.97
N VAL NE 88 -54.25 92.95 -46.42
CA VAL NE 88 -53.90 94.30 -46.03
C VAL NE 88 -52.69 94.74 -46.85
N ASN NE 89 -52.77 95.96 -47.40
CA ASN NE 89 -51.69 96.57 -48.16
C ASN NE 89 -51.02 97.59 -47.24
N THR NE 90 -49.74 97.39 -46.98
CA THR NE 90 -49.05 98.18 -45.97
C THR NE 90 -47.99 99.09 -46.59
N VAL NE 91 -47.75 100.22 -45.92
CA VAL NE 91 -46.67 101.14 -46.30
C VAL NE 91 -45.89 101.51 -45.05
N SER NE 92 -44.75 100.86 -44.85
CA SER NE 92 -43.94 101.15 -43.68
C SER NE 92 -42.87 102.18 -44.00
N ILE NE 93 -42.54 103.01 -43.00
CA ILE NE 93 -41.53 104.05 -43.14
C ILE NE 93 -40.72 104.09 -41.85
N GLN NE 94 -39.39 104.13 -41.97
CA GLN NE 94 -38.51 104.16 -40.81
C GLN NE 94 -37.46 105.26 -40.97
N LEU NE 95 -37.04 105.82 -39.84
CA LEU NE 95 -36.15 106.98 -39.80
C LEU NE 95 -35.01 106.73 -38.80
N SER NE 96 -34.31 105.60 -38.97
CA SER NE 96 -33.18 105.28 -38.09
C SER NE 96 -32.05 106.26 -38.36
N VAL NE 97 -32.00 107.31 -37.54
CA VAL NE 97 -31.00 108.37 -37.67
C VAL NE 97 -30.29 108.58 -36.35
N ASP NE 98 -29.04 109.02 -36.44
CA ASP NE 98 -28.20 109.13 -35.26
C ASP NE 98 -28.66 110.31 -34.40
N PRO NE 99 -28.65 110.16 -33.07
CA PRO NE 99 -29.24 111.18 -32.19
C PRO NE 99 -28.56 112.54 -32.23
N GLU NE 100 -27.32 112.63 -32.69
CA GLU NE 100 -26.65 113.92 -32.83
C GLU NE 100 -27.18 114.73 -34.00
N THR NE 101 -28.06 114.16 -34.80
CA THR NE 101 -28.56 114.82 -36.00
C THR NE 101 -29.36 116.07 -35.65
N THR NE 102 -29.12 117.14 -36.41
CA THR NE 102 -29.89 118.35 -36.25
C THR NE 102 -31.25 118.19 -36.92
N ALA NE 103 -32.20 119.04 -36.50
CA ALA NE 103 -33.55 118.98 -37.04
C ALA NE 103 -33.63 119.55 -38.45
N ALA NE 104 -32.61 120.29 -38.90
CA ALA NE 104 -32.62 120.82 -40.26
C ALA NE 104 -32.36 119.72 -41.28
N GLU NE 105 -31.40 118.84 -40.98
CA GLU NE 105 -31.09 117.75 -41.91
C GLU NE 105 -32.20 116.69 -41.89
N VAL NE 106 -32.82 116.47 -40.74
CA VAL NE 106 -33.96 115.56 -40.67
C VAL NE 106 -35.09 116.06 -41.55
N THR NE 107 -35.36 117.38 -41.50
CA THR NE 107 -36.37 117.95 -42.39
C THR NE 107 -35.97 117.80 -43.85
N THR NE 108 -34.68 117.97 -44.15
CA THR NE 108 -34.19 117.74 -45.50
C THR NE 108 -34.40 116.30 -45.92
N MET NE 109 -34.08 115.36 -45.04
CA MET NE 109 -34.26 113.94 -45.34
C MET NE 109 -35.73 113.60 -45.52
N LEU NE 110 -36.60 114.13 -44.65
CA LEU NE 110 -38.01 113.82 -44.74
C LEU NE 110 -38.61 114.35 -46.05
N ASN NE 111 -38.20 115.54 -46.46
CA ASN NE 111 -38.68 116.09 -47.72
C ASN NE 111 -38.16 115.30 -48.91
N ALA NE 112 -36.87 114.95 -48.89
CA ALA NE 112 -36.30 114.16 -49.97
C ALA NE 112 -36.96 112.79 -50.06
N ALA NE 113 -37.14 112.13 -48.92
CA ALA NE 113 -37.85 110.86 -48.88
C ALA NE 113 -39.30 110.97 -49.30
N ALA NE 114 -40.00 112.01 -48.83
CA ALA NE 114 -41.39 112.19 -49.20
C ALA NE 114 -41.56 112.77 -50.60
N GLN NE 115 -40.50 113.31 -51.19
CA GLN NE 115 -40.56 113.71 -52.59
C GLN NE 115 -40.62 112.50 -53.51
N LEU NE 116 -40.08 111.37 -53.08
CA LEU NE 116 -40.45 110.08 -53.63
C LEU NE 116 -41.87 109.76 -53.18
N LEU NE 117 -42.45 108.70 -53.76
CA LEU NE 117 -43.81 108.24 -53.46
C LEU NE 117 -44.88 109.15 -54.05
N PHE NE 118 -44.53 110.32 -54.57
CA PHE NE 118 -45.55 111.09 -55.27
C PHE NE 118 -44.98 111.76 -56.51
N ASP NE 119 -43.68 111.65 -56.72
CA ASP NE 119 -43.08 112.13 -57.95
C ASP NE 119 -43.51 111.24 -59.12
N SER NE 120 -43.69 111.86 -60.28
CA SER NE 120 -44.12 111.13 -61.46
C SER NE 120 -43.08 110.14 -61.96
N ASP NE 121 -41.79 110.40 -61.70
CA ASP NE 121 -40.74 109.53 -62.21
C ASP NE 121 -40.84 108.13 -61.58
N TYR NE 122 -41.25 108.06 -60.33
CA TYR NE 122 -41.28 106.79 -59.60
C TYR NE 122 -42.65 106.13 -59.62
N SER NE 123 -43.60 106.66 -60.39
CA SER NE 123 -44.92 106.06 -60.50
C SER NE 123 -44.87 104.61 -60.91
N ASP NE 124 -44.07 104.30 -61.96
CA ASP NE 124 -44.00 102.94 -62.45
C ASP NE 124 -43.26 102.03 -61.48
N PHE NE 125 -42.28 102.57 -60.77
CA PHE NE 125 -41.56 101.78 -59.78
C PHE NE 125 -42.47 101.34 -58.64
N TRP NE 126 -43.27 102.27 -58.12
CA TRP NE 126 -44.18 101.94 -57.05
C TRP NE 126 -45.34 101.07 -57.51
N LYS NE 127 -45.79 101.24 -58.76
CA LYS NE 127 -46.98 100.54 -59.23
C LYS NE 127 -46.61 99.26 -59.98
N ALA NE 128 -45.79 99.34 -61.03
CA ALA NE 128 -45.46 98.18 -61.83
C ALA NE 128 -44.13 97.53 -61.44
N GLN NE 129 -43.44 98.07 -60.43
CA GLN NE 129 -42.13 97.57 -59.99
C GLN NE 129 -41.10 97.68 -61.11
N ALA NE 130 -41.22 98.73 -61.92
CA ALA NE 130 -40.30 98.96 -63.03
C ALA NE 130 -39.03 99.60 -62.48
N LEU NE 131 -38.10 98.75 -62.07
CA LEU NE 131 -36.80 99.21 -61.60
C LEU NE 131 -36.06 99.92 -62.72
N ALA NE 132 -35.76 99.20 -63.80
CA ALA NE 132 -35.18 99.81 -64.98
C ALA NE 132 -36.29 100.36 -65.85
N ALA OE 1 103.98 -35.16 -70.03
CA ALA OE 1 105.21 -34.71 -70.66
C ALA OE 1 105.20 -33.20 -70.83
N ILE OE 2 104.34 -32.55 -70.06
CA ILE OE 2 104.38 -31.10 -69.90
C ILE OE 2 105.38 -30.80 -68.79
N ALA OE 3 106.65 -30.71 -69.13
CA ALA OE 3 107.70 -30.52 -68.14
C ALA OE 3 108.90 -29.90 -68.83
N ASN OE 4 109.85 -30.72 -69.26
CA ASN OE 4 110.90 -30.23 -70.14
C ASN OE 4 110.56 -30.61 -71.58
N SER OE 5 109.47 -30.04 -72.10
CA SER OE 5 109.05 -30.27 -73.47
C SER OE 5 109.85 -29.41 -74.43
N SER OE 6 109.38 -29.26 -75.66
CA SER OE 6 110.04 -28.39 -76.62
C SER OE 6 109.00 -27.85 -77.59
N ILE OE 7 109.14 -26.58 -77.94
CA ILE OE 7 108.22 -25.92 -78.87
C ILE OE 7 109.01 -24.87 -79.65
N ALA OE 8 108.80 -24.83 -80.96
CA ALA OE 8 109.49 -23.87 -81.81
C ALA OE 8 108.71 -22.56 -81.85
N ILE OE 9 109.38 -21.46 -81.52
CA ILE OE 9 108.75 -20.16 -81.47
C ILE OE 9 109.15 -19.36 -82.71
N ASP OE 10 108.16 -18.72 -83.33
CA ASP OE 10 108.35 -17.96 -84.57
C ASP OE 10 108.80 -18.89 -85.70
N SER OE 11 108.00 -19.92 -85.97
CA SER OE 11 108.31 -20.95 -86.94
C SER OE 11 107.13 -21.17 -87.88
N THR OE 12 107.41 -21.77 -89.02
CA THR OE 12 106.39 -22.06 -90.02
C THR OE 12 105.87 -23.49 -89.85
N ALA OE 13 104.55 -23.62 -89.79
CA ALA OE 13 103.90 -24.91 -89.65
C ALA OE 13 103.31 -25.35 -90.99
N SER OE 14 103.38 -26.66 -91.25
CA SER OE 14 102.92 -27.20 -92.52
C SER OE 14 102.16 -28.49 -92.26
N VAL OE 15 101.45 -28.94 -93.29
CA VAL OE 15 100.63 -30.14 -93.23
C VAL OE 15 100.93 -31.00 -94.45
N THR OE 16 101.13 -32.29 -94.23
CA THR OE 16 101.35 -33.25 -95.31
C THR OE 16 100.34 -34.38 -95.22
N GLY OE 17 99.95 -34.89 -96.39
CA GLY OE 17 99.04 -36.02 -96.43
C GLY OE 17 97.61 -35.62 -96.12
N GLY OE 18 96.83 -36.59 -95.65
CA GLY OE 18 95.42 -36.36 -95.37
C GLY OE 18 94.61 -36.24 -96.64
N THR OE 19 93.34 -35.86 -96.45
CA THR OE 19 92.40 -35.70 -97.56
C THR OE 19 91.83 -34.30 -97.49
N ALA OE 20 92.19 -33.46 -98.46
CA ALA OE 20 91.72 -32.08 -98.50
C ALA OE 20 90.21 -32.02 -98.62
N ARG OE 21 89.55 -31.53 -97.58
CA ARG OE 21 88.11 -31.32 -97.57
C ARG OE 21 87.82 -29.87 -97.93
N THR OE 22 86.57 -29.45 -97.76
CA THR OE 22 86.19 -28.08 -98.08
C THR OE 22 85.25 -27.57 -96.99
N VAL OE 23 85.47 -26.33 -96.56
CA VAL OE 23 84.63 -25.72 -95.52
C VAL OE 23 83.51 -24.99 -96.26
N LYS OE 24 82.31 -25.54 -96.18
CA LYS OE 24 81.16 -24.95 -96.86
C LYS OE 24 80.37 -24.07 -95.90
N GLU OE 25 80.08 -22.85 -96.33
CA GLU OE 25 79.42 -21.86 -95.49
C GLU OE 25 77.91 -22.10 -95.48
N LEU OE 26 77.31 -21.95 -94.30
CA LEU OE 26 75.89 -22.22 -94.13
C LEU OE 26 75.18 -20.91 -93.86
N VAL OE 27 75.52 -20.20 -92.78
CA VAL OE 27 74.88 -18.95 -92.40
C VAL OE 27 75.93 -18.04 -91.80
N ARG OE 28 75.89 -16.75 -92.16
CA ARG OE 28 76.68 -15.72 -91.50
C ARG OE 28 75.70 -14.72 -90.91
N ASN OE 29 75.70 -14.60 -89.59
CA ASN OE 29 74.76 -13.70 -88.91
C ASN OE 29 75.26 -13.43 -87.49
N ASN OE 30 74.86 -12.29 -86.95
CA ASN OE 30 75.10 -11.96 -85.54
C ASN OE 30 76.57 -12.11 -85.17
N SER OE 31 77.45 -11.67 -86.07
CA SER OE 31 78.90 -11.79 -85.89
C SER OE 31 79.35 -13.25 -85.81
N GLU OE 32 78.52 -14.16 -86.32
CA GLU OE 32 78.80 -15.60 -86.32
C GLU OE 32 78.80 -16.10 -87.75
N LEU OE 33 79.66 -17.07 -88.05
CA LEU OE 33 79.70 -17.71 -89.37
C LEU OE 33 79.62 -19.22 -89.14
N ASN OE 34 78.41 -19.77 -89.30
CA ASN OE 34 78.24 -21.22 -89.22
C ASN OE 34 78.62 -21.86 -90.55
N ALA OE 35 79.38 -22.94 -90.46
CA ALA OE 35 79.86 -23.65 -91.64
C ALA OE 35 79.98 -25.13 -91.31
N TYR OE 36 80.41 -25.91 -92.29
CA TYR OE 36 80.57 -27.35 -92.08
C TYR OE 36 81.65 -27.86 -93.03
N ILE OE 37 82.36 -28.88 -92.60
CA ILE OE 37 83.39 -29.52 -93.41
C ILE OE 37 82.72 -30.61 -94.25
N ASP OE 38 83.03 -30.63 -95.54
CA ASP OE 38 82.38 -31.53 -96.48
C ASP OE 38 83.28 -32.76 -96.63
N GLU OE 39 82.88 -33.86 -95.99
CA GLU OE 39 83.58 -35.14 -96.13
C GLU OE 39 82.69 -36.20 -96.78
N GLY OE 40 81.55 -35.81 -97.34
CA GLY OE 40 80.61 -36.77 -97.89
C GLY OE 40 80.00 -37.65 -96.82
N LEU OE 41 79.59 -37.04 -95.72
CA LEU OE 41 78.96 -37.73 -94.61
C LEU OE 41 77.48 -37.33 -94.54
N SER OE 42 76.75 -37.95 -93.61
CA SER OE 42 75.35 -37.64 -93.41
C SER OE 42 75.22 -36.36 -92.60
N PHE OE 43 74.01 -35.81 -92.56
CA PHE OE 43 73.77 -34.58 -91.81
C PHE OE 43 73.96 -34.77 -90.31
N GLN OE 44 73.58 -35.91 -89.77
CA GLN OE 44 73.73 -36.19 -88.35
C GLN OE 44 75.19 -36.37 -87.93
N ALA OE 45 76.09 -36.65 -88.87
CA ALA OE 45 77.51 -36.73 -88.56
C ALA OE 45 78.25 -35.84 -89.56
N ARG OE 46 78.32 -34.56 -89.24
CA ARG OE 46 79.04 -33.57 -90.05
C ARG OE 46 80.26 -33.09 -89.26
N LYS OE 47 80.97 -32.07 -89.71
CA LYS OE 47 82.08 -31.50 -88.93
C LYS OE 47 81.87 -30.00 -88.83
N GLU OE 48 80.69 -29.58 -88.40
CA GLU OE 48 80.34 -28.17 -88.33
C GLU OE 48 81.37 -27.40 -87.51
N VAL OE 49 81.80 -26.26 -88.06
CA VAL OE 49 82.73 -25.36 -87.38
C VAL OE 49 82.15 -23.95 -87.41
N ALA OE 50 82.14 -23.29 -86.26
CA ALA OE 50 81.53 -21.98 -86.10
C ALA OE 50 82.60 -20.92 -85.86
N PHE OE 51 82.57 -19.86 -86.66
CA PHE OE 51 83.51 -18.74 -86.55
C PHE OE 51 82.75 -17.54 -86.01
N SER OE 52 83.23 -16.96 -84.93
CA SER OE 52 82.61 -15.79 -84.33
C SER OE 52 83.66 -14.73 -84.04
N VAL OE 53 83.24 -13.48 -84.10
CA VAL OE 53 84.13 -12.34 -83.89
C VAL OE 53 83.47 -11.37 -82.92
N LYS OE 54 84.29 -10.86 -81.99
CA LYS OE 54 83.85 -9.92 -80.95
C LYS OE 54 84.76 -8.69 -81.03
N VAL OE 55 84.28 -7.64 -81.69
CA VAL OE 55 85.07 -6.44 -81.95
C VAL OE 55 85.27 -5.62 -80.68
N PRO OE 56 86.38 -4.90 -80.53
CA PRO OE 56 86.59 -4.13 -79.31
C PRO OE 56 85.68 -2.92 -79.22
N LYS OE 57 85.38 -2.51 -77.98
CA LYS OE 57 84.59 -1.33 -77.71
C LYS OE 57 85.37 -0.40 -76.78
N VAL OE 58 85.05 0.89 -76.86
CA VAL OE 58 85.74 1.88 -76.03
C VAL OE 58 85.39 1.66 -74.57
N SER OE 59 86.37 1.85 -73.69
CA SER OE 59 86.19 1.64 -72.26
C SER OE 59 86.95 2.73 -71.50
N VAL OE 60 86.80 2.72 -70.18
CA VAL OE 60 87.58 3.59 -69.31
C VAL OE 60 88.63 2.79 -68.53
N SER OE 61 88.33 1.58 -68.12
CA SER OE 61 89.27 0.59 -67.62
C SER OE 61 89.97 -0.04 -68.82
N ALA OE 62 90.55 -1.23 -68.63
CA ALA OE 62 91.19 -1.93 -69.75
C ALA OE 62 92.37 -1.12 -70.27
N PRO OE 63 93.54 -1.25 -69.64
CA PRO OE 63 94.57 -0.21 -69.72
C PRO OE 63 95.11 0.01 -71.12
N GLY OE 64 94.43 0.88 -71.85
CA GLY OE 64 94.63 1.08 -73.27
C GLY OE 64 93.35 1.52 -73.93
N GLY OE 65 92.26 1.51 -73.17
CA GLY OE 65 91.06 2.20 -73.58
C GLY OE 65 89.97 1.32 -74.15
N PHE OE 66 90.33 0.16 -74.68
CA PHE OE 66 89.37 -0.71 -75.33
C PHE OE 66 89.48 -2.14 -74.79
N THR OE 67 88.37 -2.84 -74.85
CA THR OE 67 88.34 -4.26 -74.56
C THR OE 67 89.12 -5.02 -75.62
N GLN OE 68 89.46 -6.28 -75.32
CA GLN OE 68 90.24 -7.08 -76.24
C GLN OE 68 89.38 -7.53 -77.42
N ALA OE 69 90.03 -7.81 -78.54
CA ALA OE 69 89.36 -8.32 -79.73
C ALA OE 69 89.39 -9.84 -79.70
N ARG OE 70 88.24 -10.46 -79.51
CA ARG OE 70 88.14 -11.91 -79.40
C ARG OE 70 87.71 -12.52 -80.73
N SER OE 71 88.35 -13.64 -81.07
CA SER OE 71 88.01 -14.43 -82.26
C SER OE 71 87.91 -15.89 -81.79
N THR OE 72 86.75 -16.48 -81.99
CA THR OE 72 86.48 -17.82 -81.48
C THR OE 72 86.12 -18.77 -82.60
N VAL OE 73 86.71 -19.97 -82.55
CA VAL OE 73 86.38 -21.03 -83.48
C VAL OE 73 86.02 -22.28 -82.70
N ILE OE 74 84.82 -22.81 -82.93
CA ILE OE 74 84.40 -24.07 -82.32
C ILE OE 74 84.19 -25.10 -83.43
N LEU OE 75 84.88 -26.23 -83.31
CA LEU OE 75 84.74 -27.34 -84.24
C LEU OE 75 83.93 -28.43 -83.54
N LYS OE 76 82.85 -28.86 -84.18
CA LYS OE 76 81.98 -29.87 -83.60
C LYS OE 76 82.16 -31.20 -84.31
N SER OE 77 82.30 -32.27 -83.52
CA SER OE 77 82.47 -33.61 -84.05
C SER OE 77 81.44 -34.54 -83.42
N PRO OE 78 80.36 -34.86 -84.14
CA PRO OE 78 79.39 -35.84 -83.62
C PRO OE 78 80.01 -37.22 -83.49
N LYS OE 79 79.89 -37.81 -82.30
CA LYS OE 79 80.31 -39.18 -82.05
C LYS OE 79 79.09 -40.02 -81.72
N THR OE 80 79.07 -41.26 -82.22
CA THR OE 80 78.01 -42.21 -81.96
C THR OE 80 78.51 -43.24 -80.97
N LEU OE 81 77.78 -43.41 -79.87
CA LEU OE 81 78.24 -44.22 -78.75
C LEU OE 81 77.83 -45.68 -78.95
N ALA OE 82 78.27 -46.53 -78.02
CA ALA OE 82 77.95 -47.95 -78.08
C ALA OE 82 76.44 -48.17 -77.95
N ASN OE 83 75.81 -47.48 -77.01
CA ASN OE 83 74.37 -47.61 -76.84
C ASN OE 83 73.63 -47.09 -78.05
N GLY OE 84 74.13 -46.02 -78.66
CA GLY OE 84 73.52 -45.49 -79.87
C GLY OE 84 73.11 -44.04 -79.74
N ASN OE 85 73.29 -43.46 -78.55
CA ASN OE 85 73.04 -42.05 -78.37
C ASN OE 85 74.11 -41.22 -79.07
N ARG OE 86 73.73 -40.01 -79.46
CA ARG OE 86 74.62 -39.12 -80.19
C ARG OE 86 75.19 -38.05 -79.26
N THR OE 87 76.51 -37.89 -79.29
CA THR OE 87 77.20 -36.85 -78.56
C THR OE 87 78.10 -36.09 -79.53
N VAL OE 88 78.38 -34.83 -79.20
CA VAL OE 88 79.23 -33.97 -80.02
C VAL OE 88 80.49 -33.66 -79.23
N ASN OE 89 81.64 -33.95 -79.83
CA ASN OE 89 82.94 -33.60 -79.27
C ASN OE 89 83.37 -32.28 -79.89
N THR OE 90 83.72 -31.31 -79.05
CA THR OE 90 84.03 -29.97 -79.52
C THR OE 90 85.45 -29.57 -79.17
N VAL OE 91 86.04 -28.74 -80.03
CA VAL OE 91 87.29 -28.05 -79.74
C VAL OE 91 87.06 -26.55 -79.88
N SER OE 92 87.29 -25.80 -78.82
CA SER OE 92 87.15 -24.35 -78.87
C SER OE 92 88.52 -23.70 -78.90
N ILE OE 93 88.65 -22.68 -79.75
CA ILE OE 93 89.90 -21.91 -79.87
C ILE OE 93 89.49 -20.44 -79.80
N GLN OE 94 89.87 -19.77 -78.72
CA GLN OE 94 89.54 -18.37 -78.51
C GLN OE 94 90.82 -17.57 -78.38
N LEU OE 95 90.97 -16.55 -79.23
CA LEU OE 95 92.13 -15.66 -79.21
C LEU OE 95 91.66 -14.28 -78.79
N SER OE 96 92.22 -13.76 -77.70
CA SER OE 96 91.92 -12.41 -77.23
C SER OE 96 93.21 -11.60 -77.24
N VAL OE 97 93.28 -10.61 -78.12
CA VAL OE 97 94.43 -9.71 -78.18
C VAL OE 97 93.95 -8.28 -77.98
N ASP OE 98 94.82 -7.47 -77.38
CA ASP OE 98 94.56 -6.04 -77.34
C ASP OE 98 94.66 -5.48 -78.75
N PRO OE 99 93.86 -4.46 -79.08
CA PRO OE 99 93.91 -3.91 -80.44
C PRO OE 99 95.25 -3.31 -80.82
N GLU OE 100 96.11 -2.97 -79.85
CA GLU OE 100 97.44 -2.48 -80.17
C GLU OE 100 98.37 -3.57 -80.69
N THR OE 101 97.95 -4.83 -80.61
CA THR OE 101 98.83 -5.95 -80.93
C THR OE 101 99.11 -6.03 -82.42
N THR OE 102 100.39 -6.13 -82.78
CA THR OE 102 100.81 -6.21 -84.16
C THR OE 102 100.47 -7.58 -84.74
N ALA OE 103 100.53 -7.67 -86.07
CA ALA OE 103 100.22 -8.93 -86.73
C ALA OE 103 101.34 -9.95 -86.55
N ALA OE 104 102.56 -9.49 -86.29
CA ALA OE 104 103.65 -10.42 -86.02
C ALA OE 104 103.54 -11.03 -84.63
N GLU OE 105 102.99 -10.29 -83.66
CA GLU OE 105 102.76 -10.84 -82.35
C GLU OE 105 101.60 -11.83 -82.34
N VAL OE 106 100.59 -11.59 -83.19
CA VAL OE 106 99.48 -12.54 -83.30
C VAL OE 106 99.94 -13.81 -84.01
N THR OE 107 100.78 -13.67 -85.03
CA THR OE 107 101.30 -14.84 -85.74
C THR OE 107 102.10 -15.73 -84.81
N THR OE 108 102.95 -15.13 -83.97
CA THR OE 108 103.70 -15.91 -82.99
C THR OE 108 102.76 -16.64 -82.04
N MET OE 109 101.72 -15.96 -81.58
CA MET OE 109 100.75 -16.58 -80.68
C MET OE 109 100.03 -17.72 -81.37
N LEU OE 110 99.64 -17.53 -82.63
CA LEU OE 110 98.93 -18.56 -83.37
C LEU OE 110 99.78 -19.78 -83.60
N ASN OE 111 101.06 -19.58 -83.94
CA ASN OE 111 101.91 -20.72 -84.27
C ASN OE 111 102.32 -21.49 -83.03
N ALA OE 112 102.61 -20.80 -81.93
CA ALA OE 112 102.96 -21.49 -80.69
C ALA OE 112 101.78 -22.27 -80.14
N ALA OE 113 100.56 -21.76 -80.32
CA ALA OE 113 99.39 -22.47 -79.85
C ALA OE 113 99.05 -23.67 -80.73
N ALA OE 114 99.46 -23.63 -82.01
CA ALA OE 114 99.19 -24.75 -82.90
C ALA OE 114 99.98 -25.98 -82.47
N GLN OE 115 101.27 -25.80 -82.18
CA GLN OE 115 102.08 -26.89 -81.67
C GLN OE 115 101.65 -27.35 -80.29
N LEU OE 116 100.93 -26.52 -79.54
CA LEU OE 116 100.44 -26.92 -78.23
C LEU OE 116 99.41 -28.04 -78.34
N LEU OE 117 98.80 -28.22 -79.51
CA LEU OE 117 97.80 -29.26 -79.69
C LEU OE 117 98.13 -30.22 -80.83
N PHE OE 118 99.36 -30.20 -81.32
CA PHE OE 118 99.80 -31.29 -82.19
C PHE OE 118 101.20 -31.81 -81.90
N ASP OE 119 101.99 -31.18 -81.06
CA ASP OE 119 103.29 -31.75 -80.67
C ASP OE 119 103.08 -32.99 -79.83
N SER OE 120 103.99 -33.95 -79.98
CA SER OE 120 103.80 -35.27 -79.36
C SER OE 120 103.89 -35.19 -77.84
N ASP OE 121 104.62 -34.20 -77.31
CA ASP OE 121 104.78 -34.07 -75.86
C ASP OE 121 103.45 -33.80 -75.17
N TYR OE 122 102.46 -33.32 -75.91
CA TYR OE 122 101.18 -33.00 -75.30
C TYR OE 122 100.11 -34.03 -75.66
N SER OE 123 100.53 -35.14 -76.27
CA SER OE 123 99.57 -36.16 -76.67
C SER OE 123 98.83 -36.75 -75.46
N ASP OE 124 99.55 -37.04 -74.37
CA ASP OE 124 98.92 -37.62 -73.20
C ASP OE 124 98.07 -36.63 -72.43
N PHE OE 125 98.38 -35.35 -72.50
CA PHE OE 125 97.52 -34.35 -71.88
C PHE OE 125 96.17 -34.25 -72.59
N TRP OE 126 96.16 -34.29 -73.92
CA TRP OE 126 94.92 -34.19 -74.66
C TRP OE 126 94.12 -35.49 -74.64
N LYS OE 127 94.80 -36.63 -74.79
CA LYS OE 127 94.13 -37.93 -74.85
C LYS OE 127 94.00 -38.57 -73.47
N ALA OE 128 95.13 -38.80 -72.78
CA ALA OE 128 95.09 -39.45 -71.49
C ALA OE 128 94.74 -38.51 -70.35
N GLN OE 129 94.66 -37.20 -70.62
CA GLN OE 129 94.34 -36.20 -69.60
C GLN OE 129 95.39 -36.20 -68.50
N ALA OE 130 96.65 -36.34 -68.90
CA ALA OE 130 97.77 -36.54 -67.99
C ALA OE 130 98.59 -35.25 -67.90
N LEU OE 131 98.56 -34.62 -66.73
CA LEU OE 131 99.29 -33.37 -66.52
C LEU OE 131 100.80 -33.55 -66.55
N ALA OE 132 101.29 -34.66 -66.01
CA ALA OE 132 102.72 -34.93 -66.06
C ALA OE 132 102.99 -36.34 -66.57
N ALA PE 1 88.84 -16.92 -97.62
CA ALA PE 1 88.93 -17.10 -96.18
C ALA PE 1 87.97 -18.18 -95.71
N ILE PE 2 87.17 -17.85 -94.69
CA ILE PE 2 86.14 -18.78 -94.24
C ILE PE 2 84.98 -18.71 -95.22
N ALA PE 3 84.94 -19.66 -96.15
CA ALA PE 3 83.97 -19.65 -97.23
C ALA PE 3 84.14 -20.87 -98.11
N ASN PE 4 85.34 -21.04 -98.68
CA ASN PE 4 85.66 -22.16 -99.55
C ASN PE 4 87.02 -22.75 -99.19
N SER PE 5 87.46 -22.54 -97.96
CA SER PE 5 88.78 -22.98 -97.55
C SER PE 5 88.84 -24.50 -97.45
N SER PE 6 90.04 -25.05 -97.65
CA SER PE 6 90.29 -26.49 -97.61
C SER PE 6 91.10 -26.81 -96.36
N ILE PE 7 90.71 -27.87 -95.67
CA ILE PE 7 91.45 -28.37 -94.51
C ILE PE 7 91.72 -29.86 -94.71
N ALA PE 8 92.98 -30.26 -94.52
CA ALA PE 8 93.39 -31.64 -94.77
C ALA PE 8 93.09 -32.49 -93.55
N ILE PE 9 92.02 -33.26 -93.61
CA ILE PE 9 91.59 -34.10 -92.49
C ILE PE 9 92.51 -35.31 -92.39
N ASP PE 10 92.89 -35.65 -91.15
CA ASP PE 10 93.75 -36.79 -90.86
C ASP PE 10 95.08 -36.69 -91.61
N SER PE 11 95.71 -35.53 -91.52
CA SER PE 11 97.02 -35.28 -92.08
C SER PE 11 98.05 -35.22 -90.96
N THR PE 12 99.30 -34.96 -91.34
CA THR PE 12 100.40 -34.83 -90.39
C THR PE 12 100.88 -33.39 -90.40
N ALA PE 13 100.88 -32.75 -89.23
CA ALA PE 13 101.31 -31.36 -89.09
C ALA PE 13 102.69 -31.32 -88.47
N SER PE 14 103.60 -30.55 -89.08
CA SER PE 14 104.97 -30.43 -88.63
C SER PE 14 105.36 -28.96 -88.59
N VAL PE 15 106.59 -28.71 -88.13
CA VAL PE 15 107.11 -27.36 -87.94
C VAL PE 15 108.54 -27.31 -88.45
N THR PE 16 108.89 -26.23 -89.15
CA THR PE 16 110.24 -25.98 -89.61
C THR PE 16 110.68 -24.59 -89.20
N GLY PE 17 111.98 -24.40 -89.01
CA GLY PE 17 112.49 -23.11 -88.61
C GLY PE 17 112.20 -22.80 -87.14
N GLY PE 18 112.42 -21.55 -86.78
CA GLY PE 18 112.13 -21.09 -85.44
C GLY PE 18 113.22 -21.43 -84.43
N THR PE 19 112.96 -21.03 -83.19
CA THR PE 19 113.82 -21.33 -82.06
C THR PE 19 113.13 -22.31 -81.12
N ALA PE 20 113.88 -23.31 -80.68
CA ALA PE 20 113.36 -24.38 -79.83
C ALA PE 20 113.46 -23.93 -78.37
N ARG PE 21 112.31 -23.67 -77.77
CA ARG PE 21 112.27 -23.33 -76.35
C ARG PE 21 111.79 -24.52 -75.54
N THR PE 22 112.12 -24.52 -74.25
CA THR PE 22 112.00 -25.72 -73.43
C THR PE 22 110.62 -25.84 -72.78
N VAL PE 23 110.06 -24.73 -72.31
CA VAL PE 23 108.87 -24.72 -71.47
C VAL PE 23 109.25 -25.31 -70.12
N LYS PE 24 109.05 -24.56 -69.04
CA LYS PE 24 109.44 -24.98 -67.71
C LYS PE 24 108.25 -24.80 -66.77
N GLU PE 25 107.96 -25.82 -65.98
CA GLU PE 25 106.80 -25.77 -65.11
C GLU PE 25 107.05 -24.83 -63.94
N LEU PE 26 106.04 -24.02 -63.60
CA LEU PE 26 106.14 -23.12 -62.46
C LEU PE 26 105.48 -23.72 -61.22
N VAL PE 27 104.17 -23.95 -61.27
CA VAL PE 27 103.37 -24.31 -60.12
C VAL PE 27 102.40 -25.41 -60.54
N ARG PE 28 102.06 -26.26 -59.58
CA ARG PE 28 101.17 -27.39 -59.83
C ARG PE 28 100.05 -27.34 -58.78
N ASN PE 29 99.13 -28.29 -58.88
CA ASN PE 29 98.00 -28.44 -57.95
C ASN PE 29 96.93 -27.39 -58.18
N ASN PE 30 95.68 -27.83 -58.27
CA ASN PE 30 95.32 -29.24 -58.32
C ASN PE 30 94.53 -29.50 -59.60
N SER PE 31 94.93 -30.50 -60.36
CA SER PE 31 94.42 -30.73 -61.70
C SER PE 31 94.62 -29.48 -62.55
N GLU PE 32 95.77 -28.85 -62.36
CA GLU PE 32 96.08 -27.56 -62.98
C GLU PE 32 97.60 -27.40 -63.02
N LEU PE 33 98.18 -27.39 -64.21
CA LEU PE 33 99.60 -27.14 -64.35
C LEU PE 33 99.85 -25.72 -64.82
N ASN PE 34 100.97 -25.15 -64.39
CA ASN PE 34 101.41 -23.83 -64.84
C ASN PE 34 102.86 -23.93 -65.27
N ALA PE 35 103.15 -23.44 -66.47
CA ALA PE 35 104.50 -23.50 -67.01
C ALA PE 35 104.80 -22.16 -67.66
N TYR PE 36 105.99 -22.05 -68.25
CA TYR PE 36 106.36 -20.85 -68.98
C TYR PE 36 107.39 -21.24 -70.03
N ILE PE 37 107.28 -20.59 -71.19
CA ILE PE 37 108.20 -20.85 -72.30
C ILE PE 37 109.45 -20.00 -72.07
N ASP PE 38 110.58 -20.67 -71.84
CA ASP PE 38 111.83 -19.99 -71.51
C ASP PE 38 112.53 -19.57 -72.79
N GLU PE 39 112.57 -18.26 -73.05
CA GLU PE 39 113.26 -17.70 -74.21
C GLU PE 39 114.19 -16.57 -73.80
N GLY PE 40 114.75 -16.65 -72.59
CA GLY PE 40 115.66 -15.63 -72.11
C GLY PE 40 115.02 -14.27 -71.96
N LEU PE 41 113.80 -14.21 -71.45
CA LEU PE 41 113.09 -12.95 -71.27
C LEU PE 41 112.91 -12.68 -69.78
N SER PE 42 112.47 -11.46 -69.46
CA SER PE 42 112.29 -11.05 -68.09
C SER PE 42 111.05 -11.71 -67.49
N PHE PE 43 110.85 -11.48 -66.19
CA PHE PE 43 109.74 -12.09 -65.48
C PHE PE 43 108.39 -11.58 -65.97
N GLN PE 44 108.31 -10.29 -66.32
CA GLN PE 44 107.04 -9.73 -66.75
C GLN PE 44 106.75 -9.95 -68.23
N ALA PE 45 107.74 -10.40 -69.00
CA ALA PE 45 107.59 -10.51 -70.45
C ALA PE 45 107.68 -11.95 -70.92
N ARG PE 46 107.49 -12.91 -70.02
CA ARG PE 46 107.58 -14.32 -70.38
C ARG PE 46 106.22 -14.86 -70.79
N LYS PE 47 106.24 -15.95 -71.56
CA LYS PE 47 105.05 -16.51 -72.20
C LYS PE 47 104.03 -17.06 -71.21
N GLU PE 48 104.40 -18.04 -70.39
CA GLU PE 48 103.52 -18.60 -69.36
C GLU PE 48 102.25 -19.29 -69.85
N VAL PE 49 102.39 -20.47 -70.46
CA VAL PE 49 101.25 -21.29 -70.85
C VAL PE 49 100.75 -22.07 -69.64
N ALA PE 50 99.43 -22.18 -69.49
CA ALA PE 50 98.80 -22.93 -68.41
C ALA PE 50 98.04 -24.14 -68.94
N PHE PE 51 97.94 -25.18 -68.10
CA PHE PE 51 97.32 -26.45 -68.47
C PHE PE 51 96.31 -26.86 -67.41
N SER PE 52 95.04 -26.84 -67.76
CA SER PE 52 93.97 -27.24 -66.87
C SER PE 52 93.38 -28.57 -67.33
N VAL PE 53 92.65 -29.23 -66.41
CA VAL PE 53 92.06 -30.53 -66.70
C VAL PE 53 90.80 -30.72 -65.87
N LYS PE 54 89.76 -31.27 -66.49
CA LYS PE 54 88.51 -31.61 -65.80
C LYS PE 54 88.21 -33.08 -66.11
N VAL PE 55 88.33 -33.92 -65.10
CA VAL PE 55 88.22 -35.37 -65.31
C VAL PE 55 86.77 -35.73 -65.61
N PRO PE 56 86.49 -36.82 -66.32
CA PRO PE 56 85.09 -37.21 -66.56
C PRO PE 56 84.39 -37.58 -65.26
N LYS PE 57 83.23 -36.97 -65.05
CA LYS PE 57 82.46 -37.16 -63.84
C LYS PE 57 81.28 -38.08 -64.13
N VAL PE 58 81.00 -39.00 -63.21
CA VAL PE 58 79.93 -39.97 -63.42
C VAL PE 58 78.58 -39.28 -63.22
N SER PE 59 77.95 -38.88 -64.31
CA SER PE 59 76.60 -38.32 -64.27
C SER PE 59 75.58 -39.43 -64.50
N VAL PE 60 74.32 -39.07 -64.74
CA VAL PE 60 73.29 -40.06 -65.00
C VAL PE 60 72.61 -39.75 -66.33
N SER PE 61 72.13 -38.52 -66.49
CA SER PE 61 71.34 -38.15 -67.66
C SER PE 61 72.25 -37.52 -68.72
N ALA PE 62 73.20 -38.33 -69.19
CA ALA PE 62 74.13 -37.89 -70.21
C ALA PE 62 74.38 -39.02 -71.19
N PRO PE 63 74.74 -38.72 -72.43
CA PRO PE 63 75.16 -39.78 -73.35
C PRO PE 63 76.36 -40.53 -72.79
N GLY PE 64 76.30 -41.86 -72.88
CA GLY PE 64 77.38 -42.69 -72.38
C GLY PE 64 77.29 -42.95 -70.89
N GLY PE 65 76.84 -41.94 -70.15
CA GLY PE 65 76.69 -42.07 -68.72
C GLY PE 65 77.46 -41.02 -67.93
N PHE PE 66 78.67 -40.71 -68.37
CA PHE PE 66 79.52 -39.76 -67.65
C PHE PE 66 79.44 -38.39 -68.30
N THR PE 67 80.01 -37.39 -67.64
CA THR PE 67 80.24 -36.10 -68.26
C THR PE 67 81.48 -36.18 -69.14
N GLN PE 68 81.83 -35.05 -69.75
CA GLN PE 68 82.88 -35.03 -70.75
C GLN PE 68 84.24 -34.79 -70.11
N ALA PE 69 85.28 -35.31 -70.77
CA ALA PE 69 86.67 -35.11 -70.36
C ALA PE 69 87.15 -33.78 -70.92
N ARG PE 70 87.08 -32.74 -70.11
CA ARG PE 70 87.52 -31.42 -70.52
C ARG PE 70 89.02 -31.25 -70.31
N SER PE 71 89.67 -30.57 -71.24
CA SER PE 71 91.12 -30.35 -71.18
C SER PE 71 91.39 -28.97 -71.78
N THR PE 72 91.86 -28.05 -70.94
CA THR PE 72 92.05 -26.66 -71.36
C THR PE 72 93.52 -26.27 -71.35
N VAL PE 73 93.89 -25.46 -72.33
CA VAL PE 73 95.22 -24.85 -72.41
C VAL PE 73 95.03 -23.37 -72.65
N ILE PE 74 95.71 -22.53 -71.88
CA ILE PE 74 95.74 -21.10 -72.11
C ILE PE 74 97.19 -20.67 -72.23
N LEU PE 75 97.54 -20.06 -73.37
CA LEU PE 75 98.84 -19.45 -73.56
C LEU PE 75 98.66 -17.95 -73.36
N LYS PE 76 99.37 -17.41 -72.38
CA LYS PE 76 99.38 -15.96 -72.15
C LYS PE 76 100.54 -15.34 -72.90
N SER PE 77 100.47 -14.04 -73.12
CA SER PE 77 101.48 -13.30 -73.88
C SER PE 77 101.45 -11.85 -73.45
N PRO PE 78 102.37 -11.44 -72.58
CA PRO PE 78 102.37 -10.04 -72.12
C PRO PE 78 102.70 -9.09 -73.27
N LYS PE 79 102.09 -7.91 -73.21
CA LYS PE 79 102.35 -6.87 -74.18
C LYS PE 79 102.27 -5.52 -73.47
N THR PE 80 103.22 -4.64 -73.78
CA THR PE 80 103.22 -3.30 -73.22
C THR PE 80 102.64 -2.31 -74.23
N LEU PE 81 101.86 -1.37 -73.73
CA LEU PE 81 101.04 -0.52 -74.57
C LEU PE 81 101.74 0.80 -74.89
N ALA PE 82 101.11 1.61 -75.74
CA ALA PE 82 101.64 2.91 -76.13
C ALA PE 82 101.57 3.93 -75.01
N ASN PE 83 100.82 3.65 -73.95
CA ASN PE 83 100.78 4.49 -72.76
C ASN PE 83 101.61 3.94 -71.61
N GLY PE 84 102.35 2.86 -71.85
CA GLY PE 84 103.20 2.27 -70.84
C GLY PE 84 102.54 1.23 -69.96
N ASN PE 85 101.23 1.02 -70.09
CA ASN PE 85 100.55 0.03 -69.29
C ASN PE 85 100.82 -1.39 -69.81
N ARG PE 86 100.51 -2.37 -68.97
CA ARG PE 86 100.80 -3.77 -69.25
C ARG PE 86 99.49 -4.54 -69.36
N THR PE 87 99.36 -5.32 -70.43
CA THR PE 87 98.20 -6.18 -70.65
C THR PE 87 98.68 -7.56 -71.12
N VAL PE 88 97.74 -8.49 -71.23
CA VAL PE 88 98.03 -9.86 -71.61
C VAL PE 88 97.13 -10.25 -72.78
N ASN PE 89 97.73 -10.87 -73.80
CA ASN PE 89 96.98 -11.50 -74.88
C ASN PE 89 96.97 -13.00 -74.64
N THR PE 90 95.83 -13.64 -74.90
CA THR PE 90 95.65 -15.05 -74.57
C THR PE 90 95.18 -15.83 -75.78
N VAL PE 91 95.56 -17.11 -75.81
CA VAL PE 91 94.95 -18.10 -76.68
C VAL PE 91 94.43 -19.23 -75.79
N SER PE 92 93.13 -19.46 -75.84
CA SER PE 92 92.52 -20.51 -75.02
C SER PE 92 92.04 -21.65 -75.91
N ILE PE 93 92.50 -22.86 -75.60
CA ILE PE 93 92.12 -24.05 -76.34
C ILE PE 93 91.48 -25.01 -75.36
N GLN PE 94 90.22 -25.36 -75.61
CA GLN PE 94 89.50 -26.34 -74.81
C GLN PE 94 89.11 -27.52 -75.68
N LEU PE 95 89.51 -28.72 -75.26
CA LEU PE 95 89.13 -29.96 -75.92
C LEU PE 95 88.14 -30.65 -74.99
N SER PE 96 86.96 -30.96 -75.53
CA SER PE 96 85.89 -31.56 -74.74
C SER PE 96 85.35 -32.77 -75.51
N VAL PE 97 85.81 -33.96 -75.11
CA VAL PE 97 85.37 -35.18 -75.74
C VAL PE 97 84.68 -36.05 -74.70
N ASP PE 98 83.88 -37.00 -75.17
CA ASP PE 98 83.30 -38.02 -74.31
C ASP PE 98 84.36 -39.06 -73.99
N PRO PE 99 84.28 -39.69 -72.81
CA PRO PE 99 85.31 -40.67 -72.43
C PRO PE 99 85.36 -41.87 -73.36
N GLU PE 100 84.29 -42.16 -74.09
CA GLU PE 100 84.24 -43.26 -75.03
C GLU PE 100 85.07 -42.99 -76.28
N THR PE 101 85.50 -41.76 -76.49
CA THR PE 101 86.28 -41.39 -77.67
C THR PE 101 87.64 -42.08 -77.66
N THR PE 102 88.04 -42.59 -78.81
CA THR PE 102 89.35 -43.20 -78.98
C THR PE 102 90.41 -42.15 -79.22
N ALA PE 103 91.67 -42.56 -79.08
CA ALA PE 103 92.79 -41.65 -79.28
C ALA PE 103 92.84 -41.15 -80.71
N ALA PE 104 92.47 -41.99 -81.68
CA ALA PE 104 92.55 -41.61 -83.07
C ALA PE 104 91.47 -40.59 -83.46
N GLU PE 105 90.30 -40.65 -82.83
CA GLU PE 105 89.30 -39.62 -83.08
C GLU PE 105 89.68 -38.29 -82.43
N VAL PE 106 90.54 -38.34 -81.40
CA VAL PE 106 91.00 -37.12 -80.77
C VAL PE 106 92.15 -36.53 -81.56
N THR PE 107 92.99 -37.39 -82.15
CA THR PE 107 94.12 -36.92 -82.93
C THR PE 107 93.63 -36.26 -84.22
N THR PE 108 92.43 -36.64 -84.66
CA THR PE 108 91.84 -35.99 -85.83
C THR PE 108 91.30 -34.61 -85.47
N MET PE 109 90.62 -34.50 -84.33
CA MET PE 109 90.06 -33.22 -83.90
C MET PE 109 91.16 -32.19 -83.65
N LEU PE 110 92.25 -32.61 -83.01
CA LEU PE 110 93.34 -31.69 -82.74
C LEU PE 110 94.01 -31.22 -84.02
N ASN PE 111 94.18 -32.14 -84.98
CA ASN PE 111 94.83 -31.79 -86.23
C ASN PE 111 93.94 -30.87 -87.06
N ALA PE 112 92.62 -31.08 -87.03
CA ALA PE 112 91.70 -30.20 -87.72
C ALA PE 112 91.67 -28.82 -87.06
N ALA PE 113 91.66 -28.80 -85.73
CA ALA PE 113 91.63 -27.53 -85.01
C ALA PE 113 92.95 -26.79 -85.11
N ALA PE 114 94.06 -27.51 -85.13
CA ALA PE 114 95.36 -26.87 -85.28
C ALA PE 114 95.48 -26.18 -86.63
N GLN PE 115 94.89 -26.75 -87.67
CA GLN PE 115 94.98 -26.16 -88.99
C GLN PE 115 94.26 -24.82 -89.05
N LEU PE 116 93.14 -24.68 -88.33
CA LEU PE 116 92.47 -23.38 -88.23
C LEU PE 116 93.14 -22.54 -87.14
N LEU PE 117 94.47 -22.56 -87.16
CA LEU PE 117 95.26 -21.67 -86.33
C LEU PE 117 96.40 -21.09 -87.16
N PHE PE 118 96.89 -21.87 -88.12
CA PHE PE 118 98.06 -21.49 -88.90
C PHE PE 118 97.84 -21.56 -90.41
N ASP PE 119 96.70 -22.05 -90.87
CA ASP PE 119 96.43 -22.08 -92.30
C ASP PE 119 96.26 -20.66 -92.83
N SER PE 120 96.87 -20.40 -93.98
CA SER PE 120 96.89 -19.05 -94.53
C SER PE 120 95.49 -18.56 -94.89
N ASP PE 121 94.55 -19.49 -95.10
CA ASP PE 121 93.18 -19.13 -95.42
C ASP PE 121 92.54 -18.36 -94.28
N TYR PE 122 92.77 -18.80 -93.05
CA TYR PE 122 92.22 -18.11 -91.89
C TYR PE 122 93.26 -17.18 -91.27
N SER PE 123 93.71 -16.18 -92.01
CA SER PE 123 94.64 -15.21 -91.45
C SER PE 123 93.92 -13.91 -91.16
N ASP PE 124 93.10 -13.46 -92.13
CA ASP PE 124 92.31 -12.25 -91.92
C ASP PE 124 91.30 -12.43 -90.80
N PHE PE 125 90.92 -13.66 -90.49
CA PHE PE 125 90.01 -13.91 -89.38
C PHE PE 125 90.64 -13.67 -88.03
N TRP PE 126 91.93 -14.01 -87.86
CA TRP PE 126 92.58 -13.85 -86.57
C TRP PE 126 93.15 -12.45 -86.41
N LYS PE 127 93.83 -11.95 -87.44
CA LYS PE 127 94.50 -10.66 -87.33
C LYS PE 127 93.57 -9.51 -87.69
N ALA PE 128 92.97 -9.56 -88.89
CA ALA PE 128 92.06 -8.51 -89.29
C ALA PE 128 90.67 -8.66 -88.67
N GLN PE 129 90.42 -9.79 -88.01
CA GLN PE 129 89.11 -10.09 -87.43
C GLN PE 129 88.00 -9.99 -88.48
N ALA PE 130 88.28 -10.48 -89.68
CA ALA PE 130 87.36 -10.41 -90.81
C ALA PE 130 86.69 -11.77 -91.00
N LEU PE 131 85.39 -11.84 -90.72
CA LEU PE 131 84.66 -13.10 -90.82
C LEU PE 131 84.66 -13.63 -92.25
N ALA PE 132 84.62 -12.74 -93.24
CA ALA PE 132 84.62 -13.16 -94.63
C ALA PE 132 85.00 -12.01 -95.55
N ALA QE 1 45.57 -31.14 -119.84
CA ALA QE 1 45.36 -30.54 -118.54
C ALA QE 1 45.97 -31.38 -117.43
N ILE QE 2 45.46 -31.22 -116.21
CA ILE QE 2 46.02 -31.92 -115.06
C ILE QE 2 45.85 -33.42 -115.18
N ALA QE 3 44.65 -33.87 -115.53
CA ALA QE 3 44.38 -35.29 -115.69
C ALA QE 3 45.17 -35.85 -116.87
N ASN QE 4 45.87 -36.96 -116.62
CA ASN QE 4 46.66 -37.65 -117.63
C ASN QE 4 47.79 -36.76 -118.16
N SER QE 5 48.27 -35.84 -117.33
CA SER QE 5 49.44 -35.06 -117.65
C SER QE 5 50.68 -35.91 -117.41
N SER QE 6 51.69 -35.73 -118.25
CA SER QE 6 52.91 -36.52 -118.16
C SER QE 6 54.04 -35.69 -117.57
N ILE QE 7 54.78 -36.29 -116.64
CA ILE QE 7 55.94 -35.66 -116.02
C ILE QE 7 57.14 -36.58 -116.21
N ALA QE 8 58.25 -36.02 -116.68
CA ALA QE 8 59.47 -36.79 -116.91
C ALA QE 8 60.29 -36.78 -115.63
N ILE QE 9 60.30 -37.91 -114.92
CA ILE QE 9 60.94 -37.98 -113.61
C ILE QE 9 62.42 -38.28 -113.78
N ASP QE 10 63.24 -37.67 -112.92
CA ASP QE 10 64.71 -37.75 -112.98
C ASP QE 10 65.20 -37.25 -114.34
N SER QE 11 64.92 -35.98 -114.59
CA SER QE 11 65.19 -35.38 -115.88
C SER QE 11 65.97 -34.09 -115.70
N THR QE 12 66.81 -33.77 -116.69
CA THR QE 12 67.54 -32.52 -116.65
C THR QE 12 66.67 -31.40 -117.23
N ALA QE 13 66.63 -30.28 -116.51
CA ALA QE 13 65.82 -29.12 -116.90
C ALA QE 13 66.75 -28.06 -117.45
N SER QE 14 66.65 -27.80 -118.75
CA SER QE 14 67.41 -26.74 -119.38
C SER QE 14 66.60 -25.44 -119.39
N VAL QE 15 67.20 -24.38 -119.94
CA VAL QE 15 66.50 -23.13 -120.13
C VAL QE 15 67.22 -22.31 -121.20
N THR QE 16 66.48 -21.82 -122.19
CA THR QE 16 67.05 -21.03 -123.28
C THR QE 16 66.07 -19.93 -123.66
N GLY QE 17 66.17 -18.78 -123.01
CA GLY QE 17 65.40 -17.63 -123.44
C GLY QE 17 66.17 -16.32 -123.51
N GLY QE 18 67.36 -16.30 -122.93
CA GLY QE 18 68.13 -15.07 -122.85
C GLY QE 18 67.70 -14.18 -121.71
N THR QE 19 68.12 -12.92 -121.74
CA THR QE 19 67.82 -11.94 -120.70
C THR QE 19 68.35 -12.41 -119.35
N ALA QE 20 69.65 -12.66 -119.30
CA ALA QE 20 70.29 -13.17 -118.09
C ALA QE 20 70.43 -12.07 -117.04
N ARG QE 21 69.50 -12.01 -116.11
CA ARG QE 21 69.55 -11.03 -115.04
C ARG QE 21 70.50 -11.50 -113.95
N THR QE 22 70.59 -10.72 -112.88
CA THR QE 22 71.49 -11.01 -111.78
C THR QE 22 70.75 -10.81 -110.46
N VAL QE 23 70.81 -11.83 -109.60
CA VAL QE 23 70.24 -11.74 -108.26
C VAL QE 23 71.25 -11.04 -107.36
N LYS QE 24 70.89 -9.86 -106.87
CA LYS QE 24 71.71 -9.11 -105.94
C LYS QE 24 71.04 -9.09 -104.58
N GLU QE 25 71.80 -9.42 -103.54
CA GLU QE 25 71.22 -9.48 -102.21
C GLU QE 25 71.08 -8.07 -101.62
N LEU QE 26 70.06 -7.91 -100.77
CA LEU QE 26 69.77 -6.62 -100.16
C LEU QE 26 70.09 -6.65 -98.67
N VAL QE 27 69.44 -7.53 -97.90
CA VAL QE 27 69.64 -7.63 -96.47
C VAL QE 27 69.72 -9.10 -96.10
N ARG QE 28 69.85 -9.37 -94.81
CA ARG QE 28 69.93 -10.75 -94.35
C ARG QE 28 68.98 -11.09 -93.22
N ASN QE 29 68.63 -10.10 -92.37
CA ASN QE 29 67.95 -10.29 -91.09
C ASN QE 29 68.08 -11.69 -90.49
N ASN QE 30 66.99 -12.21 -89.92
CA ASN QE 30 67.05 -13.40 -89.07
C ASN QE 30 66.97 -14.66 -89.93
N SER QE 31 68.12 -15.28 -90.18
CA SER QE 31 68.21 -16.57 -90.87
C SER QE 31 67.47 -16.52 -92.20
N GLU QE 32 67.61 -15.39 -92.89
CA GLU QE 32 66.89 -15.13 -94.12
C GLU QE 32 67.88 -14.51 -95.10
N LEU QE 33 67.43 -14.29 -96.33
CA LEU QE 33 68.25 -13.61 -97.32
C LEU QE 33 67.36 -12.93 -98.34
N ASN QE 34 67.16 -11.62 -98.19
CA ASN QE 34 66.31 -10.88 -99.10
C ASN QE 34 67.17 -10.31 -100.23
N ALA QE 35 66.90 -10.74 -101.45
CA ALA QE 35 67.59 -10.28 -102.63
C ALA QE 35 66.60 -9.61 -103.58
N TYR QE 36 67.09 -9.23 -104.76
CA TYR QE 36 66.22 -8.68 -105.79
C TYR QE 36 66.85 -8.95 -107.15
N ILE QE 37 66.01 -9.00 -108.18
CA ILE QE 37 66.49 -9.27 -109.53
C ILE QE 37 66.77 -7.93 -110.21
N ASP QE 38 67.98 -7.79 -110.74
CA ASP QE 38 68.42 -6.53 -111.34
C ASP QE 38 68.05 -6.52 -112.82
N GLU QE 39 66.91 -5.90 -113.10
CA GLU QE 39 66.43 -5.72 -114.47
C GLU QE 39 66.37 -4.27 -114.91
N GLY QE 40 66.77 -3.34 -114.07
CA GLY QE 40 66.73 -1.93 -114.38
C GLY QE 40 65.40 -1.24 -114.13
N LEU QE 41 64.50 -1.86 -113.38
CA LEU QE 41 63.21 -1.26 -113.09
C LEU QE 41 63.36 -0.20 -112.00
N SER QE 42 62.21 0.34 -111.57
CA SER QE 42 62.22 1.32 -110.51
C SER QE 42 62.54 0.65 -109.18
N PHE QE 43 62.66 1.48 -108.13
CA PHE QE 43 63.06 0.96 -106.83
C PHE QE 43 61.95 0.16 -106.18
N GLN QE 44 60.72 0.68 -106.23
CA GLN QE 44 59.57 -0.01 -105.65
C GLN QE 44 58.75 -0.74 -106.69
N ALA QE 45 59.39 -1.07 -107.83
CA ALA QE 45 58.75 -1.92 -108.83
C ALA QE 45 59.61 -3.10 -109.24
N ARG QE 46 60.72 -3.34 -108.54
CA ARG QE 46 61.63 -4.44 -108.86
C ARG QE 46 61.12 -5.75 -108.28
N LYS QE 47 61.62 -6.87 -108.78
CA LYS QE 47 61.23 -8.17 -108.25
C LYS QE 47 62.23 -8.59 -107.18
N GLU QE 48 61.77 -8.68 -105.94
CA GLU QE 48 62.59 -9.13 -104.82
C GLU QE 48 62.23 -10.59 -104.52
N VAL QE 49 63.25 -11.45 -104.51
CA VAL QE 49 63.04 -12.84 -104.12
C VAL QE 49 63.73 -13.08 -102.79
N ALA QE 50 63.01 -13.65 -101.84
CA ALA QE 50 63.50 -13.89 -100.49
C ALA QE 50 63.76 -15.37 -100.25
N PHE QE 51 64.86 -15.65 -99.55
CA PHE QE 51 65.30 -17.00 -99.22
C PHE QE 51 65.31 -17.17 -97.71
N SER QE 52 65.01 -18.37 -97.23
CA SER QE 52 64.98 -18.63 -95.80
C SER QE 52 65.21 -20.10 -95.51
N VAL QE 53 65.78 -20.39 -94.34
CA VAL QE 53 66.04 -21.75 -93.91
C VAL QE 53 65.54 -21.93 -92.49
N LYS QE 54 65.18 -23.18 -92.16
CA LYS QE 54 64.60 -23.54 -90.87
C LYS QE 54 65.23 -24.84 -90.37
N VAL QE 55 66.56 -24.85 -90.30
CA VAL QE 55 67.39 -26.03 -90.00
C VAL QE 55 66.80 -26.91 -88.90
N PRO QE 56 66.96 -28.23 -89.00
CA PRO QE 56 66.28 -29.15 -88.07
C PRO QE 56 66.73 -28.96 -86.63
N LYS QE 57 65.80 -29.26 -85.72
CA LYS QE 57 66.01 -29.10 -84.29
C LYS QE 57 65.69 -30.42 -83.61
N VAL QE 58 66.61 -30.91 -82.78
CA VAL QE 58 66.50 -32.25 -82.20
C VAL QE 58 65.28 -32.33 -81.30
N SER QE 59 64.32 -33.15 -81.68
CA SER QE 59 63.07 -33.31 -80.94
C SER QE 59 63.00 -34.72 -80.33
N VAL QE 60 61.94 -34.98 -79.58
CA VAL QE 60 61.64 -36.32 -79.08
C VAL QE 60 60.56 -37.00 -79.91
N SER QE 61 59.65 -36.22 -80.46
CA SER QE 61 58.66 -36.60 -81.45
C SER QE 61 59.37 -36.68 -82.80
N ALA QE 62 58.61 -36.57 -83.91
CA ALA QE 62 59.19 -36.62 -85.25
C ALA QE 62 59.78 -38.00 -85.54
N PRO QE 63 58.94 -38.96 -85.93
CA PRO QE 63 59.36 -40.35 -86.01
C PRO QE 63 60.45 -40.58 -87.06
N GLY QE 64 61.68 -40.43 -86.60
CA GLY QE 64 62.85 -40.28 -87.45
C GLY QE 64 63.88 -39.43 -86.72
N GLY QE 65 63.46 -38.88 -85.58
CA GLY QE 65 64.38 -38.24 -84.66
C GLY QE 65 64.13 -36.78 -84.40
N PHE QE 66 63.89 -35.99 -85.45
CA PHE QE 66 63.72 -34.55 -85.33
C PHE QE 66 63.20 -33.95 -86.62
N THR QE 67 62.79 -32.68 -86.51
CA THR QE 67 62.01 -31.99 -87.52
C THR QE 67 62.74 -31.90 -88.85
N GLN QE 68 61.98 -31.57 -89.89
CA GLN QE 68 62.50 -31.54 -91.25
C GLN QE 68 63.22 -30.22 -91.53
N ALA QE 69 63.93 -30.20 -92.66
CA ALA QE 69 64.68 -29.03 -93.09
C ALA QE 69 63.93 -28.33 -94.21
N ARG QE 70 63.10 -27.35 -93.86
CA ARG QE 70 62.33 -26.60 -94.84
C ARG QE 70 63.15 -25.44 -95.39
N SER QE 71 63.04 -25.21 -96.70
CA SER QE 71 63.70 -24.10 -97.37
C SER QE 71 62.63 -23.35 -98.16
N THR QE 72 62.54 -22.05 -97.96
CA THR QE 72 61.50 -21.26 -98.61
C THR QE 72 62.08 -20.26 -99.59
N VAL QE 73 61.34 -20.03 -100.68
CA VAL QE 73 61.68 -19.02 -101.67
C VAL QE 73 60.40 -18.30 -102.07
N ILE QE 74 60.29 -17.03 -101.71
CA ILE QE 74 59.16 -16.20 -102.13
C ILE QE 74 59.64 -15.20 -103.16
N LEU QE 75 59.03 -15.21 -104.34
CA LEU QE 75 59.35 -14.29 -105.43
C LEU QE 75 58.23 -13.26 -105.49
N LYS QE 76 58.56 -12.02 -105.17
CA LYS QE 76 57.56 -10.96 -105.16
C LYS QE 76 57.68 -10.14 -106.44
N SER QE 77 56.63 -10.16 -107.26
CA SER QE 77 56.59 -9.42 -108.51
C SER QE 77 55.52 -8.34 -108.39
N PRO QE 78 55.90 -7.07 -108.25
CA PRO QE 78 54.88 -6.03 -108.04
C PRO QE 78 54.16 -5.69 -109.34
N LYS QE 79 52.96 -5.14 -109.20
CA LYS QE 79 52.13 -4.82 -110.35
C LYS QE 79 51.33 -3.54 -110.08
N THR QE 80 51.27 -2.67 -111.09
CA THR QE 80 50.42 -1.49 -111.04
C THR QE 80 49.11 -1.82 -111.76
N LEU QE 81 48.00 -1.67 -111.05
CA LEU QE 81 46.70 -2.03 -111.61
C LEU QE 81 46.12 -0.88 -112.42
N ALA QE 82 45.05 -1.18 -113.16
CA ALA QE 82 44.39 -0.17 -113.97
C ALA QE 82 43.79 0.93 -113.09
N ASN QE 83 43.19 0.56 -111.96
CA ASN QE 83 42.65 1.54 -111.03
C ASN QE 83 43.72 2.49 -110.52
N GLY QE 84 44.98 2.07 -110.54
CA GLY QE 84 46.07 2.97 -110.22
C GLY QE 84 46.91 2.55 -109.05
N ASN QE 85 46.31 1.81 -108.11
CA ASN QE 85 47.06 1.37 -106.93
C ASN QE 85 48.03 0.26 -107.30
N ARG QE 86 48.75 -0.23 -106.30
CA ARG QE 86 49.82 -1.19 -106.43
C ARG QE 86 49.47 -2.47 -105.70
N THR QE 87 49.97 -3.58 -106.22
CA THR QE 87 49.78 -4.89 -105.60
C THR QE 87 51.01 -5.73 -105.96
N VAL QE 88 51.26 -6.77 -105.19
CA VAL QE 88 52.38 -7.68 -105.42
C VAL QE 88 51.83 -9.05 -105.74
N ASN QE 89 52.38 -9.67 -106.79
CA ASN QE 89 52.04 -11.03 -107.19
C ASN QE 89 53.19 -11.92 -106.75
N THR QE 90 52.87 -12.89 -105.88
CA THR QE 90 53.90 -13.67 -105.22
C THR QE 90 53.88 -15.13 -105.66
N VAL QE 91 55.06 -15.76 -105.62
CA VAL QE 91 55.19 -17.19 -105.88
C VAL QE 91 56.07 -17.80 -104.79
N SER QE 92 55.45 -18.44 -103.81
CA SER QE 92 56.21 -19.04 -102.72
C SER QE 92 56.44 -20.52 -102.97
N ILE QE 93 57.60 -21.00 -102.52
CA ILE QE 93 57.99 -22.40 -102.68
C ILE QE 93 58.64 -22.88 -101.40
N GLN QE 94 58.21 -24.03 -100.89
CA GLN QE 94 58.76 -24.60 -99.67
C GLN QE 94 59.20 -26.04 -99.90
N LEU QE 95 60.19 -26.49 -99.13
CA LEU QE 95 60.85 -27.78 -99.34
C LEU QE 95 60.98 -28.50 -97.99
N SER QE 96 59.86 -28.66 -97.28
CA SER QE 96 59.86 -29.37 -96.00
C SER QE 96 60.18 -30.84 -96.25
N VAL QE 97 61.45 -31.20 -96.09
CA VAL QE 97 61.91 -32.55 -96.30
C VAL QE 97 62.69 -33.03 -95.09
N ASP QE 98 62.54 -34.32 -94.79
CA ASP QE 98 63.18 -34.89 -93.60
C ASP QE 98 64.70 -34.84 -93.76
N PRO QE 99 65.44 -34.45 -92.72
CA PRO QE 99 66.88 -34.22 -92.86
C PRO QE 99 67.68 -35.44 -93.25
N GLU QE 100 67.16 -36.65 -93.04
CA GLU QE 100 67.84 -37.86 -93.45
C GLU QE 100 67.81 -38.09 -94.95
N THR QE 101 67.05 -37.30 -95.70
CA THR QE 101 66.89 -37.54 -97.13
C THR QE 101 68.18 -37.22 -97.87
N THR QE 102 68.42 -37.98 -98.94
CA THR QE 102 69.63 -37.81 -99.72
C THR QE 102 69.46 -36.68 -100.74
N ALA QE 103 70.59 -36.24 -101.30
CA ALA QE 103 70.58 -35.16 -102.28
C ALA QE 103 70.05 -35.60 -103.64
N ALA QE 104 70.11 -36.89 -103.94
CA ALA QE 104 69.54 -37.37 -105.21
C ALA QE 104 68.02 -37.32 -105.17
N GLU QE 105 67.43 -37.66 -104.03
CA GLU QE 105 65.98 -37.55 -103.88
C GLU QE 105 65.53 -36.10 -103.97
N VAL QE 106 66.27 -35.20 -103.32
CA VAL QE 106 65.94 -33.77 -103.37
C VAL QE 106 66.01 -33.26 -104.80
N THR QE 107 67.04 -33.66 -105.54
CA THR QE 107 67.13 -33.30 -106.95
C THR QE 107 65.95 -33.84 -107.74
N THR QE 108 65.56 -35.09 -107.45
CA THR QE 108 64.39 -35.67 -108.09
C THR QE 108 63.14 -34.87 -107.78
N MET QE 109 62.96 -34.52 -106.50
CA MET QE 109 61.78 -33.77 -106.08
C MET QE 109 61.79 -32.35 -106.65
N LEU QE 110 62.96 -31.71 -106.65
CA LEU QE 110 63.06 -30.35 -107.18
C LEU QE 110 62.78 -30.33 -108.67
N ASN QE 111 63.28 -31.33 -109.40
CA ASN QE 111 63.04 -31.40 -110.83
C ASN QE 111 61.57 -31.69 -111.13
N ALA QE 112 60.98 -32.63 -110.39
CA ALA QE 112 59.57 -32.95 -110.60
C ALA QE 112 58.67 -31.77 -110.25
N ALA QE 113 58.95 -31.10 -109.13
CA ALA QE 113 58.22 -29.89 -108.76
C ALA QE 113 58.42 -28.76 -109.75
N ALA QE 114 59.65 -28.52 -110.20
CA ALA QE 114 59.89 -27.48 -111.18
C ALA QE 114 59.51 -27.92 -112.58
N GLN QE 115 59.24 -29.21 -112.79
CA GLN QE 115 58.69 -29.66 -114.07
C GLN QE 115 57.27 -29.19 -114.26
N LEU QE 116 56.54 -29.00 -113.17
CA LEU QE 116 55.34 -28.18 -113.17
C LEU QE 116 55.76 -26.72 -113.35
N LEU QE 117 54.79 -25.83 -113.41
CA LEU QE 117 55.01 -24.39 -113.54
C LEU QE 117 55.56 -23.98 -114.91
N PHE QE 118 55.96 -24.94 -115.75
CA PHE QE 118 56.28 -24.57 -117.11
C PHE QE 118 55.79 -25.61 -118.10
N ASP QE 119 55.25 -26.71 -117.60
CA ASP QE 119 54.67 -27.70 -118.47
C ASP QE 119 53.35 -27.16 -119.04
N SER QE 120 53.12 -27.44 -120.32
CA SER QE 120 51.96 -26.92 -121.01
C SER QE 120 50.64 -27.45 -120.45
N ASP QE 121 50.66 -28.62 -119.81
CA ASP QE 121 49.43 -29.20 -119.27
C ASP QE 121 48.86 -28.33 -118.16
N TYR QE 122 49.72 -27.73 -117.35
CA TYR QE 122 49.29 -26.96 -116.19
C TYR QE 122 49.13 -25.47 -116.48
N SER QE 123 49.28 -25.06 -117.75
CA SER QE 123 49.13 -23.67 -118.13
C SER QE 123 47.80 -23.08 -117.67
N ASP QE 124 46.70 -23.79 -117.93
CA ASP QE 124 45.39 -23.29 -117.57
C ASP QE 124 45.16 -23.33 -116.08
N PHE QE 125 45.76 -24.30 -115.39
CA PHE QE 125 45.64 -24.36 -113.94
C PHE QE 125 46.31 -23.17 -113.28
N TRP QE 126 47.51 -22.82 -113.73
CA TRP QE 126 48.21 -21.68 -113.16
C TRP QE 126 47.59 -20.35 -113.57
N LYS QE 127 46.99 -20.28 -114.76
CA LYS QE 127 46.49 -19.02 -115.30
C LYS QE 127 45.00 -18.86 -115.04
N ALA QE 128 44.17 -19.80 -115.47
CA ALA QE 128 42.73 -19.69 -115.33
C ALA QE 128 42.17 -20.47 -114.15
N GLN QE 129 43.03 -21.17 -113.39
CA GLN QE 129 42.61 -21.99 -112.25
C GLN QE 129 41.69 -23.13 -112.69
N ALA QE 130 41.95 -23.67 -113.88
CA ALA QE 130 41.17 -24.79 -114.41
C ALA QE 130 41.65 -26.07 -113.74
N LEU QE 131 41.06 -26.36 -112.59
CA LEU QE 131 41.36 -27.59 -111.86
C LEU QE 131 40.97 -28.79 -112.72
N ALA QE 132 39.69 -28.91 -113.02
CA ALA QE 132 39.22 -29.93 -113.94
C ALA QE 132 39.36 -29.41 -115.37
N ALA RE 1 -63.15 110.26 -28.11
CA ALA RE 1 -63.75 111.47 -27.59
C ALA RE 1 -64.04 111.33 -26.10
N ILE RE 2 -63.40 110.35 -25.48
CA ILE RE 2 -63.36 110.25 -24.02
C ILE RE 2 -62.24 111.16 -23.55
N ALA RE 3 -62.56 112.43 -23.33
CA ALA RE 3 -61.57 113.42 -22.94
C ALA RE 3 -62.28 114.55 -22.23
N ASN RE 4 -62.60 115.61 -22.97
CA ASN RE 4 -63.50 116.63 -22.44
C ASN RE 4 -64.91 116.39 -22.97
N SER RE 5 -65.51 115.25 -22.58
CA SER RE 5 -66.87 114.92 -22.98
C SER RE 5 -67.87 115.67 -22.10
N SER RE 6 -69.12 115.25 -22.10
CA SER RE 6 -70.11 115.86 -21.23
C SER RE 6 -71.20 114.83 -20.91
N ILE RE 7 -71.60 114.80 -19.64
CA ILE RE 7 -72.61 113.86 -19.17
C ILE RE 7 -73.45 114.56 -18.10
N ALA RE 8 -74.77 114.46 -18.23
CA ALA RE 8 -75.68 115.05 -17.26
C ALA RE 8 -75.83 114.11 -16.07
N ILE RE 9 -75.63 114.65 -14.87
CA ILE RE 9 -75.72 113.85 -13.65
C ILE RE 9 -76.98 114.22 -12.91
N ASP RE 10 -77.69 113.19 -12.42
CA ASP RE 10 -79.00 113.36 -11.77
C ASP RE 10 -80.01 113.97 -12.74
N SER RE 11 -80.26 113.27 -13.84
CA SER RE 11 -81.14 113.71 -14.90
C SER RE 11 -82.05 112.57 -15.34
N THR RE 12 -83.19 112.94 -15.91
CA THR RE 12 -84.14 111.97 -16.44
C THR RE 12 -83.84 111.66 -17.90
N ALA RE 13 -83.91 110.39 -18.25
CA ALA RE 13 -83.65 109.92 -19.61
C ALA RE 13 -84.94 109.45 -20.25
N SER RE 14 -85.10 109.74 -21.54
CA SER RE 14 -86.32 109.44 -22.26
C SER RE 14 -85.97 108.79 -23.58
N VAL RE 15 -86.99 108.24 -24.23
CA VAL RE 15 -86.87 107.54 -25.50
C VAL RE 15 -88.00 107.96 -26.41
N THR RE 16 -87.67 108.27 -27.66
CA THR RE 16 -88.65 108.65 -28.67
C THR RE 16 -88.48 107.77 -29.89
N GLY RE 17 -89.59 107.52 -30.59
CA GLY RE 17 -89.55 106.75 -31.82
C GLY RE 17 -89.32 105.26 -31.55
N GLY RE 18 -88.76 104.60 -32.55
CA GLY RE 18 -88.53 103.17 -32.46
C GLY RE 18 -89.82 102.37 -32.58
N THR RE 19 -89.73 101.10 -32.21
CA THR RE 19 -90.86 100.17 -32.28
C THR RE 19 -90.96 99.46 -30.94
N ALA RE 20 -92.00 99.77 -30.17
CA ALA RE 20 -92.20 99.17 -28.86
C ALA RE 20 -92.37 97.66 -28.97
N ARG RE 21 -91.40 96.90 -28.45
CA ARG RE 21 -91.46 95.46 -28.42
C ARG RE 21 -91.97 95.00 -27.06
N THR RE 22 -91.88 93.71 -26.78
CA THR RE 22 -92.33 93.17 -25.51
C THR RE 22 -91.33 92.12 -25.04
N VAL RE 23 -90.98 92.16 -23.76
CA VAL RE 23 -90.04 91.20 -23.19
C VAL RE 23 -90.87 90.04 -22.67
N LYS RE 24 -90.79 88.91 -23.37
CA LYS RE 24 -91.52 87.72 -22.97
C LYS RE 24 -90.65 86.82 -22.10
N GLU RE 25 -91.20 86.39 -20.98
CA GLU RE 25 -90.43 85.63 -20.00
C GLU RE 25 -90.49 84.14 -20.32
N LEU RE 26 -89.33 83.48 -20.22
CA LEU RE 26 -89.22 82.10 -20.66
C LEU RE 26 -89.06 81.21 -19.44
N VAL RE 27 -88.02 81.41 -18.62
CA VAL RE 27 -87.74 80.54 -17.49
C VAL RE 27 -87.16 81.38 -16.36
N ARG RE 28 -87.70 81.22 -15.17
CA ARG RE 28 -87.19 81.88 -13.97
C ARG RE 28 -86.75 80.78 -12.99
N ASN RE 29 -85.44 80.66 -12.79
CA ASN RE 29 -84.93 79.64 -11.88
C ASN RE 29 -83.50 80.00 -11.50
N ASN RE 30 -83.08 79.49 -10.34
CA ASN RE 30 -81.69 79.60 -9.88
C ASN RE 30 -81.22 81.05 -9.87
N SER RE 31 -82.07 81.95 -9.37
CA SER RE 31 -81.78 83.39 -9.27
C SER RE 31 -81.61 84.03 -10.64
N GLU RE 32 -82.10 83.36 -11.68
CA GLU RE 32 -81.98 83.82 -13.06
C GLU RE 32 -83.36 83.90 -13.69
N LEU RE 33 -83.55 84.89 -14.58
CA LEU RE 33 -84.79 85.05 -15.34
C LEU RE 33 -84.40 85.13 -16.82
N ASN RE 34 -84.59 84.02 -17.53
CA ASN RE 34 -84.37 84.02 -18.97
C ASN RE 34 -85.62 84.54 -19.69
N ALA RE 35 -85.41 85.47 -20.61
CA ALA RE 35 -86.50 86.07 -21.35
C ALA RE 35 -86.03 86.33 -22.78
N TYR RE 36 -86.92 86.87 -23.61
CA TYR RE 36 -86.60 87.18 -24.99
C TYR RE 36 -87.47 88.34 -25.45
N ILE RE 37 -86.90 89.15 -26.33
CA ILE RE 37 -87.62 90.28 -26.90
C ILE RE 37 -88.37 89.81 -28.14
N ASP RE 38 -89.65 90.14 -28.21
CA ASP RE 38 -90.53 89.64 -29.27
C ASP RE 38 -90.53 90.69 -30.38
N GLU RE 39 -89.81 90.41 -31.46
CA GLU RE 39 -89.82 91.25 -32.65
C GLU RE 39 -90.41 90.52 -33.86
N GLY RE 40 -91.04 89.36 -33.65
CA GLY RE 40 -91.55 88.58 -34.76
C GLY RE 40 -90.44 88.01 -35.61
N LEU RE 41 -89.42 87.46 -34.97
CA LEU RE 41 -88.28 86.87 -35.65
C LEU RE 41 -88.29 85.35 -35.44
N SER RE 42 -87.29 84.68 -36.00
CA SER RE 42 -87.16 83.25 -35.86
C SER RE 42 -86.42 82.92 -34.56
N PHE RE 43 -86.52 81.66 -34.12
CA PHE RE 43 -85.87 81.25 -32.89
C PHE RE 43 -84.36 81.40 -32.92
N GLN RE 44 -83.73 81.11 -34.06
CA GLN RE 44 -82.29 81.27 -34.22
C GLN RE 44 -81.83 82.71 -34.17
N ALA RE 45 -82.71 83.67 -34.45
CA ALA RE 45 -82.36 85.07 -34.35
C ALA RE 45 -83.41 85.75 -33.46
N ARG RE 46 -83.20 85.68 -32.15
CA ARG RE 46 -84.08 86.31 -31.17
C ARG RE 46 -83.31 87.43 -30.49
N LYS RE 47 -83.82 88.04 -29.42
CA LYS RE 47 -83.06 89.03 -28.66
C LYS RE 47 -83.09 88.64 -27.19
N GLU RE 48 -82.72 87.39 -26.91
CA GLU RE 48 -82.74 86.86 -25.55
C GLU RE 48 -81.99 87.77 -24.59
N VAL RE 49 -82.60 88.04 -23.43
CA VAL RE 49 -81.98 88.82 -22.37
C VAL RE 49 -82.15 88.07 -21.06
N ALA RE 50 -81.06 87.95 -20.30
CA ALA RE 50 -81.05 87.20 -19.05
C ALA RE 50 -80.84 88.13 -17.87
N PHE RE 51 -81.75 88.05 -16.89
CA PHE RE 51 -81.69 88.83 -15.67
C PHE RE 51 -81.29 87.91 -14.53
N SER RE 52 -80.25 88.29 -13.79
CA SER RE 52 -79.79 87.50 -12.66
C SER RE 52 -79.53 88.42 -11.48
N VAL RE 53 -79.70 87.86 -10.28
CA VAL RE 53 -79.57 88.60 -9.03
C VAL RE 53 -78.68 87.81 -8.07
N LYS RE 54 -77.79 88.55 -7.39
CA LYS RE 54 -76.84 87.97 -6.43
C LYS RE 54 -77.01 88.73 -5.10
N VAL RE 55 -77.83 88.16 -4.21
CA VAL RE 55 -78.17 88.80 -2.93
C VAL RE 55 -76.97 88.80 -2.00
N PRO RE 56 -76.85 89.79 -1.12
CA PRO RE 56 -75.68 89.84 -0.22
C PRO RE 56 -75.77 88.82 0.89
N LYS RE 57 -74.60 88.37 1.35
CA LYS RE 57 -74.47 87.49 2.49
C LYS RE 57 -73.56 88.11 3.53
N VAL RE 58 -73.72 87.67 4.79
CA VAL RE 58 -72.93 88.22 5.88
C VAL RE 58 -71.47 87.84 5.71
N SER RE 59 -70.58 88.75 6.09
CA SER RE 59 -69.14 88.53 6.01
C SER RE 59 -68.46 89.13 7.23
N VAL RE 60 -67.14 88.97 7.29
CA VAL RE 60 -66.33 89.63 8.30
C VAL RE 60 -65.46 90.72 7.69
N SER RE 61 -64.96 90.53 6.48
CA SER RE 61 -64.37 91.55 5.63
C SER RE 61 -65.51 92.33 4.98
N ALA RE 62 -65.21 93.03 3.87
CA ALA RE 62 -66.24 93.79 3.18
C ALA RE 62 -66.75 94.90 4.08
N PRO RE 63 -66.06 96.04 4.13
CA PRO RE 63 -66.13 96.93 5.29
C PRO RE 63 -67.51 97.53 5.50
N GLY RE 64 -68.33 96.78 6.25
CA GLY RE 64 -69.75 97.01 6.35
C GLY RE 64 -70.47 95.70 6.60
N GLY RE 65 -69.74 94.60 6.50
CA GLY RE 65 -70.23 93.32 6.98
C GLY RE 65 -70.84 92.42 5.94
N PHE RE 66 -71.27 92.99 4.82
CA PHE RE 66 -71.90 92.21 3.77
C PHE RE 66 -71.18 92.39 2.44
N THR RE 67 -71.29 91.35 1.61
CA THR RE 67 -70.86 91.45 0.23
C THR RE 67 -71.84 92.34 -0.53
N GLN RE 68 -71.42 92.78 -1.71
CA GLN RE 68 -72.24 93.70 -2.48
C GLN RE 68 -73.39 92.95 -3.15
N ALA RE 69 -74.47 93.69 -3.42
CA ALA RE 69 -75.64 93.15 -4.09
C ALA RE 69 -75.46 93.34 -5.60
N ARG RE 70 -75.31 92.24 -6.33
CA ARG RE 70 -75.05 92.28 -7.76
C ARG RE 70 -76.32 92.01 -8.55
N SER RE 71 -76.53 92.80 -9.60
CA SER RE 71 -77.67 92.64 -10.52
C SER RE 71 -77.10 92.69 -11.94
N THR RE 72 -77.23 91.60 -12.66
CA THR RE 72 -76.62 91.47 -13.97
C THR RE 72 -77.67 91.26 -15.06
N VAL RE 73 -77.52 92.00 -16.16
CA VAL RE 73 -78.36 91.84 -17.33
C VAL RE 73 -77.49 91.58 -18.55
N ILE RE 74 -77.72 90.48 -19.23
CA ILE RE 74 -77.02 90.17 -20.47
C ILE RE 74 -78.02 90.12 -21.62
N LEU RE 75 -77.79 90.96 -22.63
CA LEU RE 75 -78.63 91.00 -23.83
C LEU RE 75 -77.85 90.30 -24.94
N LYS RE 76 -78.48 89.30 -25.56
CA LYS RE 76 -77.83 88.54 -26.62
C LYS RE 76 -78.44 88.86 -27.97
N SER RE 77 -77.58 89.14 -28.94
CA SER RE 77 -78.01 89.50 -30.29
C SER RE 77 -77.35 88.58 -31.30
N PRO RE 78 -78.05 87.55 -31.78
CA PRO RE 78 -77.48 86.68 -32.82
C PRO RE 78 -77.22 87.41 -34.12
N LYS RE 79 -76.00 87.30 -34.62
CA LYS RE 79 -75.61 87.85 -35.92
C LYS RE 79 -75.23 86.72 -36.85
N THR RE 80 -75.59 86.86 -38.12
CA THR RE 80 -75.26 85.88 -39.15
C THR RE 80 -74.19 86.47 -40.06
N LEU RE 81 -73.12 85.72 -40.25
CA LEU RE 81 -71.93 86.22 -40.92
C LEU RE 81 -72.01 85.97 -42.43
N ALA RE 82 -70.99 86.44 -43.15
CA ALA RE 82 -70.96 86.28 -44.59
C ALA RE 82 -70.87 84.80 -44.99
N ASN RE 83 -70.01 84.04 -44.31
CA ASN RE 83 -69.91 82.61 -44.58
C ASN RE 83 -71.22 81.91 -44.22
N GLY RE 84 -71.83 82.30 -43.11
CA GLY RE 84 -73.09 81.70 -42.72
C GLY RE 84 -73.08 81.10 -41.34
N ASN RE 85 -71.93 81.16 -40.67
CA ASN RE 85 -71.85 80.75 -39.28
C ASN RE 85 -72.59 81.74 -38.40
N ARG RE 86 -73.11 81.25 -37.28
CA ARG RE 86 -73.89 82.07 -36.37
C ARG RE 86 -73.05 82.47 -35.17
N THR RE 87 -73.06 83.76 -34.86
CA THR RE 87 -72.41 84.30 -33.68
C THR RE 87 -73.41 85.15 -32.91
N VAL RE 88 -73.16 85.31 -31.61
CA VAL RE 88 -74.02 86.09 -30.73
C VAL RE 88 -73.22 87.29 -30.24
N ASN RE 89 -73.79 88.48 -30.38
CA ASN RE 89 -73.21 89.71 -29.84
C ASN RE 89 -73.92 90.02 -28.53
N THR RE 90 -73.16 90.16 -27.46
CA THR RE 90 -73.73 90.33 -26.12
C THR RE 90 -73.35 91.69 -25.53
N VAL RE 91 -74.26 92.20 -24.70
CA VAL RE 91 -73.98 93.35 -23.86
C VAL RE 91 -74.28 92.98 -22.41
N SER RE 92 -73.27 93.04 -21.56
CA SER RE 92 -73.46 92.76 -20.14
C SER RE 92 -73.52 94.05 -19.35
N ILE RE 93 -74.44 94.11 -18.40
CA ILE RE 93 -74.60 95.24 -17.50
C ILE RE 93 -74.65 94.67 -16.09
N GLN RE 94 -73.63 94.95 -15.30
CA GLN RE 94 -73.52 94.43 -13.94
C GLN RE 94 -73.44 95.59 -12.96
N LEU RE 95 -74.37 95.64 -12.02
CA LEU RE 95 -74.42 96.68 -11.00
C LEU RE 95 -74.11 96.05 -9.65
N SER RE 96 -73.07 96.54 -8.98
CA SER RE 96 -72.70 96.09 -7.65
C SER RE 96 -72.77 97.27 -6.69
N VAL RE 97 -73.68 97.20 -5.73
CA VAL RE 97 -73.82 98.24 -4.72
C VAL RE 97 -73.75 97.59 -3.34
N ASP RE 98 -73.16 98.33 -2.40
CA ASP RE 98 -73.24 97.94 -1.01
C ASP RE 98 -74.68 98.05 -0.54
N PRO RE 99 -75.14 97.15 0.33
CA PRO RE 99 -76.55 97.18 0.75
C PRO RE 99 -76.94 98.46 1.47
N GLU RE 100 -76.00 99.24 1.98
CA GLU RE 100 -76.33 100.52 2.60
C GLU RE 100 -76.72 101.59 1.59
N THR RE 101 -76.52 101.33 0.30
CA THR RE 101 -76.71 102.35 -0.73
C THR RE 101 -78.18 102.70 -0.88
N THR RE 102 -78.47 104.00 -0.90
CA THR RE 102 -79.83 104.49 -1.03
C THR RE 102 -80.33 104.30 -2.46
N ALA RE 103 -81.64 104.48 -2.63
CA ALA RE 103 -82.23 104.33 -3.96
C ALA RE 103 -81.90 105.51 -4.86
N ALA RE 104 -81.67 106.68 -4.29
CA ALA RE 104 -81.27 107.84 -5.08
C ALA RE 104 -79.83 107.73 -5.55
N GLU RE 105 -78.97 107.06 -4.76
CA GLU RE 105 -77.60 106.83 -5.19
C GLU RE 105 -77.53 105.82 -6.32
N VAL RE 106 -78.39 104.81 -6.30
CA VAL RE 106 -78.45 103.84 -7.39
C VAL RE 106 -79.06 104.49 -8.64
N THR RE 107 -80.08 105.33 -8.46
CA THR RE 107 -80.69 106.02 -9.59
C THR RE 107 -79.67 106.90 -10.30
N THR RE 108 -78.84 107.62 -9.54
CA THR RE 108 -77.79 108.43 -10.14
C THR RE 108 -76.82 107.56 -10.92
N MET RE 109 -76.43 106.42 -10.35
CA MET RE 109 -75.53 105.49 -11.03
C MET RE 109 -76.15 104.95 -12.30
N LEU RE 110 -77.43 104.60 -12.24
CA LEU RE 110 -78.09 104.01 -13.41
C LEU RE 110 -78.21 105.01 -14.55
N ASN RE 111 -78.53 106.26 -14.23
CA ASN RE 111 -78.70 107.25 -15.29
C ASN RE 111 -77.38 107.65 -15.91
N ALA RE 112 -76.34 107.83 -15.10
CA ALA RE 112 -75.03 108.19 -15.63
C ALA RE 112 -74.45 107.07 -16.49
N ALA RE 113 -74.68 105.82 -16.11
CA ALA RE 113 -74.19 104.70 -16.90
C ALA RE 113 -74.99 104.54 -18.20
N ALA RE 114 -76.23 105.03 -18.23
CA ALA RE 114 -77.03 104.94 -19.45
C ALA RE 114 -76.48 105.86 -20.52
N GLN RE 115 -76.12 107.09 -20.15
CA GLN RE 115 -75.50 108.00 -21.09
C GLN RE 115 -74.10 107.56 -21.50
N LEU RE 116 -73.47 106.67 -20.73
CA LEU RE 116 -72.15 106.18 -21.11
C LEU RE 116 -72.21 105.32 -22.37
N LEU RE 117 -73.37 104.74 -22.68
CA LEU RE 117 -73.50 103.90 -23.86
C LEU RE 117 -74.57 104.40 -24.83
N PHE RE 118 -75.00 105.65 -24.71
CA PHE RE 118 -75.75 106.26 -25.81
C PHE RE 118 -75.35 107.69 -26.15
N ASP RE 119 -74.53 108.36 -25.35
CA ASP RE 119 -74.04 109.69 -25.72
C ASP RE 119 -73.13 109.60 -26.94
N SER RE 120 -73.16 110.65 -27.76
CA SER RE 120 -72.44 110.62 -29.02
C SER RE 120 -70.93 110.61 -28.81
N ASP RE 121 -70.45 111.19 -27.70
CA ASP RE 121 -69.02 111.26 -27.43
C ASP RE 121 -68.40 109.88 -27.26
N TYR RE 122 -69.21 108.87 -26.99
CA TYR RE 122 -68.69 107.53 -26.77
C TYR RE 122 -68.98 106.61 -27.94
N SER RE 123 -69.47 107.18 -29.05
CA SER RE 123 -69.81 106.36 -30.21
C SER RE 123 -68.59 105.64 -30.77
N ASP RE 124 -67.46 106.35 -30.89
CA ASP RE 124 -66.26 105.74 -31.44
C ASP RE 124 -65.62 104.74 -30.49
N PHE RE 125 -65.79 104.91 -29.17
CA PHE RE 125 -65.30 103.92 -28.25
C PHE RE 125 -66.04 102.59 -28.35
N TRP RE 126 -67.36 102.63 -28.51
CA TRP RE 126 -68.14 101.41 -28.62
C TRP RE 126 -68.02 100.77 -30.00
N LYS RE 127 -68.05 101.57 -31.07
CA LYS RE 127 -68.00 101.06 -32.43
C LYS RE 127 -66.58 100.96 -32.96
N ALA RE 128 -65.85 102.07 -33.01
CA ALA RE 128 -64.50 102.06 -33.54
C ALA RE 128 -63.46 101.55 -32.55
N GLN RE 129 -63.84 101.36 -31.29
CA GLN RE 129 -62.92 100.88 -30.25
C GLN RE 129 -61.79 101.88 -30.04
N ALA RE 130 -62.13 103.15 -30.07
CA ALA RE 130 -61.17 104.26 -30.05
C ALA RE 130 -61.18 104.92 -28.68
N LEU RE 131 -60.08 104.80 -27.95
CA LEU RE 131 -59.98 105.37 -26.62
C LEU RE 131 -59.93 106.89 -26.67
N ALA RE 132 -59.42 107.46 -27.74
CA ALA RE 132 -59.45 108.90 -27.92
C ALA RE 132 -59.82 109.28 -29.35
N ALA SE 1 -92.72 94.39 -14.03
CA ALA SE 1 -91.26 94.46 -14.11
C ALA SE 1 -90.74 93.62 -15.26
N ILE SE 2 -89.77 92.75 -14.97
CA ILE SE 2 -89.28 91.82 -15.97
C ILE SE 2 -90.30 90.70 -16.13
N ALA SE 3 -91.14 90.80 -17.16
CA ALA SE 3 -92.24 89.87 -17.36
C ALA SE 3 -93.00 90.22 -18.63
N ASN SE 4 -93.53 91.43 -18.68
CA ASN SE 4 -94.27 91.94 -19.84
C ASN SE 4 -93.80 93.34 -20.22
N SER SE 5 -92.57 93.68 -19.87
CA SER SE 5 -92.07 95.03 -20.10
C SER SE 5 -91.86 95.27 -21.58
N SER SE 6 -91.98 96.54 -21.98
CA SER SE 6 -91.84 96.96 -23.37
C SER SE 6 -90.54 97.76 -23.51
N ILE SE 7 -89.79 97.46 -24.57
CA ILE SE 7 -88.55 98.17 -24.88
C ILE SE 7 -88.63 98.64 -26.33
N ALA SE 8 -88.34 99.93 -26.55
CA ALA SE 8 -88.47 100.54 -27.88
C ALA SE 8 -87.19 100.27 -28.68
N ILE SE 9 -87.22 99.27 -29.55
CA ILE SE 9 -86.06 98.89 -30.33
C ILE SE 9 -85.81 99.93 -31.41
N ASP SE 10 -84.54 100.29 -31.60
CA ASP SE 10 -84.10 101.23 -32.63
C ASP SE 10 -84.80 102.58 -32.47
N SER SE 11 -84.78 103.10 -31.25
CA SER SE 11 -85.32 104.40 -30.93
C SER SE 11 -84.18 105.37 -30.61
N THR SE 12 -84.53 106.60 -30.27
CA THR SE 12 -83.56 107.62 -29.92
C THR SE 12 -83.70 107.95 -28.44
N ALA SE 13 -82.60 107.78 -27.69
CA ALA SE 13 -82.58 108.05 -26.26
C ALA SE 13 -81.90 109.39 -26.00
N SER SE 14 -82.52 110.21 -25.15
CA SER SE 14 -82.03 111.53 -24.84
C SER SE 14 -82.09 111.76 -23.33
N VAL SE 15 -81.60 112.92 -22.91
CA VAL SE 15 -81.53 113.31 -21.51
C VAL SE 15 -82.00 114.74 -21.36
N THR SE 16 -82.79 115.00 -20.33
CA THR SE 16 -83.23 116.35 -20.00
C THR SE 16 -82.96 116.62 -18.52
N GLY SE 17 -82.76 117.89 -18.18
CA GLY SE 17 -82.45 118.24 -16.81
C GLY SE 17 -81.03 117.83 -16.43
N GLY SE 18 -80.78 117.86 -15.13
CA GLY SE 18 -79.50 117.46 -14.59
C GLY SE 18 -78.44 118.54 -14.69
N THR SE 19 -77.24 118.17 -14.26
CA THR SE 19 -76.07 119.03 -14.33
C THR SE 19 -75.02 118.42 -15.23
N ALA SE 20 -74.49 119.22 -16.13
CA ALA SE 20 -73.52 118.76 -17.14
C ALA SE 20 -72.13 118.78 -16.53
N ARG SE 21 -71.54 117.60 -16.38
CA ARG SE 21 -70.15 117.49 -15.95
C ARG SE 21 -69.26 117.14 -17.13
N THR SE 22 -67.96 117.42 -16.97
CA THR SE 22 -67.06 117.41 -18.12
C THR SE 22 -66.43 116.04 -18.36
N VAL SE 23 -66.11 115.32 -17.28
CA VAL SE 23 -65.32 114.09 -17.34
C VAL SE 23 -63.90 114.45 -17.75
N LYS SE 24 -62.92 114.07 -16.93
CA LYS SE 24 -61.53 114.48 -17.12
C LYS SE 24 -60.65 113.25 -17.09
N GLU SE 25 -59.73 113.15 -18.05
CA GLU SE 25 -58.86 111.98 -18.14
C GLU SE 25 -57.81 112.02 -17.04
N LEU SE 26 -57.62 110.90 -16.35
CA LEU SE 26 -56.57 110.78 -15.35
C LEU SE 26 -55.30 110.14 -15.89
N VAL SE 27 -55.40 108.88 -16.32
CA VAL SE 27 -54.24 108.06 -16.63
C VAL SE 27 -54.57 107.19 -17.83
N ARG SE 28 -53.57 106.98 -18.67
CA ARG SE 28 -53.74 106.23 -19.91
C ARG SE 28 -52.79 105.05 -19.88
N ASN SE 29 -52.79 104.28 -20.98
CA ASN SE 29 -51.87 103.16 -21.21
C ASN SE 29 -52.19 101.96 -20.33
N ASN SE 30 -52.33 100.79 -20.95
CA ASN SE 30 -52.36 100.66 -22.40
C ASN SE 30 -53.62 99.93 -22.81
N SER SE 31 -54.31 100.47 -23.81
CA SER SE 31 -55.65 100.00 -24.18
C SER SE 31 -56.59 100.07 -22.98
N GLU SE 32 -56.41 101.13 -22.19
CA GLU SE 32 -57.12 101.30 -20.94
C GLU SE 32 -57.09 102.78 -20.55
N LEU SE 33 -58.25 103.43 -20.56
CA LEU SE 33 -58.33 104.83 -20.19
C LEU SE 33 -59.01 105.00 -18.84
N ASN SE 34 -58.47 105.91 -18.03
CA ASN SE 34 -59.03 106.21 -16.72
C ASN SE 34 -59.40 107.68 -16.70
N ALA SE 35 -60.63 107.98 -16.29
CA ALA SE 35 -61.12 109.34 -16.26
C ALA SE 35 -61.90 109.53 -14.96
N TYR SE 36 -62.46 110.71 -14.77
CA TYR SE 36 -63.30 110.98 -13.61
C TYR SE 36 -64.29 112.07 -13.97
N ILE SE 37 -65.49 111.97 -13.42
CA ILE SE 37 -66.53 112.98 -13.65
C ILE SE 37 -66.34 114.09 -12.63
N ASP SE 38 -66.02 115.29 -13.12
CA ASP SE 38 -65.69 116.42 -12.26
C ASP SE 38 -66.96 117.14 -11.83
N GLU SE 39 -67.37 116.93 -10.58
CA GLU SE 39 -68.54 117.58 -10.00
C GLU SE 39 -68.15 118.47 -8.84
N GLY SE 40 -66.89 118.88 -8.77
CA GLY SE 40 -66.41 119.67 -7.65
C GLY SE 40 -66.43 118.93 -6.33
N LEU SE 41 -66.05 117.66 -6.35
CA LEU SE 41 -66.02 116.83 -5.15
C LEU SE 41 -64.56 116.58 -4.77
N SER SE 42 -64.37 115.94 -3.62
CA SER SE 42 -63.03 115.66 -3.12
C SER SE 42 -62.40 114.49 -3.88
N PHE SE 43 -61.15 114.21 -3.54
CA PHE SE 43 -60.41 113.14 -4.23
C PHE SE 43 -60.98 111.76 -3.90
N GLN SE 44 -61.47 111.56 -2.69
CA GLN SE 44 -62.00 110.26 -2.30
C GLN SE 44 -63.47 110.09 -2.70
N ALA SE 45 -64.16 111.16 -3.07
CA ALA SE 45 -65.59 111.10 -3.34
C ALA SE 45 -65.91 111.36 -4.80
N ARG SE 46 -64.92 111.22 -5.69
CA ARG SE 46 -65.14 111.49 -7.10
C ARG SE 46 -65.56 110.22 -7.84
N LYS SE 47 -66.24 110.41 -8.97
CA LYS SE 47 -66.87 109.34 -9.72
C LYS SE 47 -65.88 108.31 -10.29
N GLU SE 48 -64.97 108.75 -11.16
CA GLU SE 48 -63.93 107.89 -11.71
C GLU SE 48 -64.40 106.71 -12.58
N VAL SE 49 -64.92 106.99 -13.77
CA VAL SE 49 -65.27 105.96 -14.75
C VAL SE 49 -64.01 105.54 -15.50
N ALA SE 50 -63.87 104.24 -15.75
CA ALA SE 50 -62.74 103.68 -16.49
C ALA SE 50 -63.20 103.11 -17.83
N PHE SE 51 -62.28 103.11 -18.81
CA PHE SE 51 -62.56 102.67 -20.17
C PHE SE 51 -61.52 101.67 -20.62
N SER SE 52 -61.91 100.41 -20.74
CA SER SE 52 -61.02 99.35 -21.20
C SER SE 52 -61.39 98.97 -22.63
N VAL SE 53 -60.49 98.24 -23.29
CA VAL SE 53 -60.68 97.84 -24.68
C VAL SE 53 -59.89 96.57 -24.97
N LYS SE 54 -60.49 95.66 -25.72
CA LYS SE 54 -59.84 94.43 -26.19
C LYS SE 54 -60.03 94.34 -27.70
N VAL SE 55 -58.94 94.49 -28.44
CA VAL SE 55 -59.05 94.53 -29.91
C VAL SE 55 -59.33 93.14 -30.44
N PRO SE 56 -59.94 93.00 -31.62
CA PRO SE 56 -60.20 91.65 -32.16
C PRO SE 56 -58.90 90.95 -32.50
N LYS SE 57 -58.74 89.74 -31.98
CA LYS SE 57 -57.56 88.93 -32.21
C LYS SE 57 -57.87 87.87 -33.25
N VAL SE 58 -57.00 87.73 -34.25
CA VAL SE 58 -57.26 86.80 -35.34
C VAL SE 58 -57.02 85.38 -34.86
N SER SE 59 -58.12 84.68 -34.54
CA SER SE 59 -58.06 83.28 -34.16
C SER SE 59 -58.27 82.40 -35.39
N VAL SE 60 -58.54 81.12 -35.18
CA VAL SE 60 -58.80 80.21 -36.30
C VAL SE 60 -60.17 79.55 -36.13
N SER SE 61 -60.41 78.97 -34.96
CA SER SE 61 -61.63 78.21 -34.72
C SER SE 61 -62.69 79.11 -34.08
N ALA SE 62 -63.07 80.14 -34.83
CA ALA SE 62 -64.10 81.06 -34.38
C ALA SE 62 -64.97 81.47 -35.56
N PRO SE 63 -66.22 81.86 -35.32
CA PRO SE 63 -67.03 82.43 -36.40
C PRO SE 63 -66.37 83.67 -36.98
N GLY SE 64 -66.36 83.77 -38.30
CA GLY SE 64 -65.78 84.92 -38.96
C GLY SE 64 -64.28 84.82 -39.09
N GLY SE 65 -63.64 84.22 -38.10
CA GLY SE 65 -62.20 84.04 -38.11
C GLY SE 65 -61.50 84.62 -36.91
N PHE SE 66 -61.91 85.80 -36.46
CA PHE SE 66 -61.23 86.47 -35.36
C PHE SE 66 -62.01 86.27 -34.06
N THR SE 67 -61.39 86.66 -32.95
CA THR SE 67 -62.11 86.78 -31.69
C THR SE 67 -62.89 88.09 -31.68
N GLN SE 68 -63.67 88.28 -30.62
CA GLN SE 68 -64.62 89.39 -30.58
C GLN SE 68 -63.95 90.68 -30.12
N ALA SE 69 -64.53 91.80 -30.53
CA ALA SE 69 -64.07 93.13 -30.14
C ALA SE 69 -64.75 93.50 -28.82
N ARG SE 70 -64.03 93.30 -27.73
CA ARG SE 70 -64.56 93.61 -26.40
C ARG SE 70 -64.28 95.06 -26.04
N SER SE 71 -65.25 95.70 -25.38
CA SER SE 71 -65.14 97.10 -24.97
C SER SE 71 -65.85 97.23 -23.63
N THR SE 72 -65.09 97.54 -22.60
CA THR SE 72 -65.62 97.57 -21.24
C THR SE 72 -65.58 98.98 -20.66
N VAL SE 73 -66.63 99.32 -19.92
CA VAL SE 73 -66.70 100.56 -19.15
C VAL SE 73 -67.09 100.19 -17.73
N ILE SE 74 -66.35 100.70 -16.75
CA ILE SE 74 -66.71 100.58 -15.35
C ILE SE 74 -66.84 101.97 -14.76
N LEU SE 75 -68.02 102.30 -14.24
CA LEU SE 75 -68.24 103.53 -13.51
C LEU SE 75 -68.14 103.21 -12.03
N LYS SE 76 -67.23 103.88 -11.34
CA LYS SE 76 -67.09 103.70 -9.90
C LYS SE 76 -67.85 104.81 -9.18
N SER SE 77 -68.17 104.58 -7.91
CA SER SE 77 -68.95 105.52 -7.12
C SER SE 77 -68.65 105.29 -5.64
N PRO SE 78 -67.82 106.13 -5.04
CA PRO SE 78 -67.49 105.96 -3.62
C PRO SE 78 -68.72 106.17 -2.74
N LYS SE 79 -68.74 105.48 -1.61
CA LYS SE 79 -69.79 105.66 -0.62
C LYS SE 79 -69.20 105.36 0.75
N THR SE 80 -69.52 106.21 1.72
CA THR SE 80 -69.09 106.00 3.10
C THR SE 80 -70.24 105.40 3.91
N LEU SE 81 -69.89 104.48 4.81
CA LEU SE 81 -70.88 103.69 5.50
C LEU SE 81 -71.21 104.27 6.88
N ALA SE 82 -72.14 103.61 7.56
CA ALA SE 82 -72.56 104.04 8.90
C ALA SE 82 -71.51 103.78 9.97
N ASN SE 83 -70.48 102.99 9.66
CA ASN SE 83 -69.36 102.77 10.56
C ASN SE 83 -68.14 103.60 10.19
N GLY SE 84 -68.23 104.43 9.15
CA GLY SE 84 -67.14 105.28 8.73
C GLY SE 84 -66.23 104.69 7.67
N ASN SE 85 -66.39 103.42 7.33
CA ASN SE 85 -65.57 102.81 6.31
C ASN SE 85 -65.97 103.29 4.93
N ARG SE 86 -65.04 103.18 3.97
CA ARG SE 86 -65.26 103.60 2.61
C ARG SE 86 -65.34 102.36 1.72
N THR SE 87 -66.37 102.30 0.88
CA THR SE 87 -66.53 101.26 -0.12
C THR SE 87 -66.82 101.90 -1.48
N VAL SE 88 -66.88 101.06 -2.51
CA VAL SE 88 -67.12 101.53 -3.88
C VAL SE 88 -68.27 100.74 -4.48
N ASN SE 89 -69.19 101.45 -5.11
CA ASN SE 89 -70.24 100.84 -5.93
C ASN SE 89 -69.82 100.97 -7.38
N THR SE 90 -70.10 99.95 -8.18
CA THR SE 90 -69.66 99.91 -9.57
C THR SE 90 -70.80 99.58 -10.50
N VAL SE 91 -70.71 100.11 -11.72
CA VAL SE 91 -71.54 99.68 -12.84
C VAL SE 91 -70.60 99.25 -13.96
N SER SE 92 -70.66 97.98 -14.34
CA SER SE 92 -69.80 97.45 -15.38
C SER SE 92 -70.60 97.18 -16.64
N ILE SE 93 -70.14 97.74 -17.76
CA ILE SE 93 -70.79 97.56 -19.05
C ILE SE 93 -69.75 96.98 -20.00
N GLN SE 94 -70.02 95.79 -20.53
CA GLN SE 94 -69.15 95.16 -21.51
C GLN SE 94 -69.91 94.95 -22.81
N LEU SE 95 -69.36 95.43 -23.91
CA LEU SE 95 -69.92 95.22 -25.24
C LEU SE 95 -68.98 94.27 -25.97
N SER SE 96 -69.54 93.15 -26.43
CA SER SE 96 -68.75 92.10 -27.09
C SER SE 96 -69.43 91.76 -28.40
N VAL SE 97 -68.94 92.34 -29.49
CA VAL SE 97 -69.47 92.10 -30.82
C VAL SE 97 -68.39 91.46 -31.68
N ASP SE 98 -68.81 90.81 -32.75
CA ASP SE 98 -67.90 90.31 -33.76
C ASP SE 98 -67.42 91.46 -34.64
N PRO SE 99 -66.22 91.36 -35.19
CA PRO SE 99 -65.70 92.46 -36.01
C PRO SE 99 -66.53 92.76 -37.24
N GLU SE 100 -67.26 91.78 -37.76
CA GLU SE 100 -68.11 91.95 -38.94
C GLU SE 100 -69.37 92.73 -38.64
N THR SE 101 -69.64 93.02 -37.37
CA THR SE 101 -70.83 93.78 -37.00
C THR SE 101 -70.72 95.21 -37.51
N THR SE 102 -71.83 95.70 -38.08
CA THR SE 102 -71.90 97.08 -38.56
C THR SE 102 -72.19 98.03 -37.41
N ALA SE 103 -71.96 99.32 -37.68
CA ALA SE 103 -72.22 100.34 -36.67
C ALA SE 103 -73.71 100.42 -36.33
N ALA SE 104 -74.57 100.14 -37.31
CA ALA SE 104 -76.01 100.21 -37.06
C ALA SE 104 -76.48 99.07 -36.17
N GLU SE 105 -75.88 97.88 -36.27
CA GLU SE 105 -76.24 96.80 -35.37
C GLU SE 105 -75.72 97.04 -33.95
N VAL SE 106 -74.72 97.91 -33.81
CA VAL SE 106 -74.14 98.16 -32.50
C VAL SE 106 -74.93 99.24 -31.78
N THR SE 107 -75.38 100.27 -32.50
CA THR SE 107 -76.14 101.33 -31.89
C THR SE 107 -77.53 100.85 -31.51
N THR SE 108 -77.96 99.74 -32.13
CA THR SE 108 -79.21 99.11 -31.72
C THR SE 108 -79.04 98.36 -30.39
N MET SE 109 -77.92 97.63 -30.25
CA MET SE 109 -77.64 96.93 -29.01
C MET SE 109 -77.48 97.90 -27.85
N LEU SE 110 -76.78 99.02 -28.09
CA LEU SE 110 -76.53 99.97 -27.02
C LEU SE 110 -77.83 100.64 -26.58
N ASN SE 111 -78.73 100.91 -27.52
CA ASN SE 111 -80.00 101.54 -27.17
C ASN SE 111 -80.88 100.57 -26.38
N ALA SE 112 -80.90 99.30 -26.78
CA ALA SE 112 -81.65 98.30 -26.04
C ALA SE 112 -81.07 98.10 -24.65
N ALA SE 113 -79.74 98.07 -24.55
CA ALA SE 113 -79.09 97.89 -23.26
C ALA SE 113 -79.24 99.13 -22.38
N ALA SE 114 -79.18 100.33 -22.96
CA ALA SE 114 -79.38 101.53 -22.18
C ALA SE 114 -80.80 101.62 -21.65
N GLN SE 115 -81.77 101.09 -22.39
CA GLN SE 115 -83.16 101.11 -21.94
C GLN SE 115 -83.33 100.32 -20.65
N LEU SE 116 -82.65 99.16 -20.54
CA LEU SE 116 -82.70 98.38 -19.31
C LEU SE 116 -81.67 98.95 -18.33
N LEU SE 117 -81.65 100.26 -18.20
CA LEU SE 117 -80.87 100.92 -17.17
C LEU SE 117 -81.69 102.04 -16.53
N PHE SE 118 -82.60 102.62 -17.31
CA PHE SE 118 -83.38 103.76 -16.86
C PHE SE 118 -84.88 103.60 -17.05
N ASP SE 119 -85.33 102.58 -17.77
CA ASP SE 119 -86.75 102.35 -17.93
C ASP SE 119 -87.39 102.03 -16.59
N SER SE 120 -88.55 102.66 -16.32
CA SER SE 120 -89.19 102.53 -15.02
C SER SE 120 -89.61 101.10 -14.74
N ASP SE 121 -89.78 100.30 -15.79
CA ASP SE 121 -90.18 98.91 -15.64
C ASP SE 121 -89.13 98.12 -14.86
N TYR SE 122 -87.86 98.36 -15.16
CA TYR SE 122 -86.78 97.71 -14.43
C TYR SE 122 -86.22 98.63 -13.36
N SER SE 123 -87.02 98.96 -12.35
CA SER SE 123 -86.52 99.76 -11.24
C SER SE 123 -86.39 98.88 -10.00
N ASP SE 124 -87.42 98.07 -9.74
CA ASP SE 124 -87.35 97.14 -8.62
C ASP SE 124 -86.24 96.11 -8.80
N PHE SE 125 -85.85 95.84 -10.05
CA PHE SE 125 -84.77 94.89 -10.29
C PHE SE 125 -83.40 95.42 -9.87
N TRP SE 126 -83.15 96.71 -10.06
CA TRP SE 126 -81.84 97.27 -9.73
C TRP SE 126 -81.75 97.66 -8.26
N LYS SE 127 -82.77 98.35 -7.75
CA LYS SE 127 -82.71 98.84 -6.37
C LYS SE 127 -83.21 97.79 -5.39
N ALA SE 128 -84.41 97.25 -5.62
CA ALA SE 128 -84.95 96.25 -4.71
C ALA SE 128 -84.41 94.85 -5.00
N GLN SE 129 -83.67 94.68 -6.08
CA GLN SE 129 -83.13 93.38 -6.49
C GLN SE 129 -84.24 92.34 -6.65
N ALA SE 130 -85.38 92.79 -7.19
CA ALA SE 130 -86.57 91.97 -7.34
C ALA SE 130 -86.65 91.44 -8.77
N LEU SE 131 -86.42 90.14 -8.93
CA LEU SE 131 -86.44 89.54 -10.26
C LEU SE 131 -87.81 89.64 -10.91
N ALA SE 132 -88.87 89.56 -10.12
CA ALA SE 132 -90.22 89.67 -10.66
C ALA SE 132 -91.23 90.02 -9.58
N ALA TE 1 -115.10 54.22 -35.05
CA ALA TE 1 -113.84 53.78 -34.45
C ALA TE 1 -112.64 54.44 -35.15
N ILE TE 2 -111.46 53.87 -34.95
CA ILE TE 2 -110.24 54.44 -35.50
C ILE TE 2 -110.27 54.43 -37.02
N ALA TE 3 -110.67 53.30 -37.60
CA ALA TE 3 -110.75 53.19 -39.05
C ALA TE 3 -111.84 54.10 -39.60
N ASN TE 4 -111.49 54.89 -40.62
CA ASN TE 4 -112.40 55.84 -41.26
C ASN TE 4 -112.94 56.88 -40.28
N SER TE 5 -112.14 57.20 -39.27
CA SER TE 5 -112.45 58.30 -38.36
C SER TE 5 -112.07 59.61 -39.04
N SER TE 6 -112.91 60.62 -38.86
CA SER TE 6 -112.67 61.92 -39.48
C SER TE 6 -112.13 62.92 -38.47
N ILE TE 7 -111.12 63.68 -38.87
CA ILE TE 7 -110.52 64.73 -38.05
C ILE TE 7 -110.55 66.02 -38.85
N ALA TE 8 -111.02 67.10 -38.21
CA ALA TE 8 -111.12 68.40 -38.87
C ALA TE 8 -109.81 69.15 -38.67
N ILE TE 9 -108.99 69.22 -39.72
CA ILE TE 9 -107.69 69.86 -39.64
C ILE TE 9 -107.85 71.37 -39.67
N ASP TE 10 -107.03 72.07 -38.89
CA ASP TE 10 -107.02 73.54 -38.82
C ASP TE 10 -108.39 74.06 -38.37
N SER TE 11 -108.72 73.70 -37.12
CA SER TE 11 -110.03 73.96 -36.58
C SER TE 11 -109.93 74.67 -35.24
N THR TE 12 -110.98 75.42 -34.91
CA THR TE 12 -111.07 76.02 -33.59
C THR TE 12 -111.74 75.04 -32.63
N ALA TE 13 -111.10 74.82 -31.49
CA ALA TE 13 -111.60 73.89 -30.48
C ALA TE 13 -112.20 74.71 -29.34
N SER TE 14 -113.52 74.62 -29.19
CA SER TE 14 -114.20 75.28 -28.09
C SER TE 14 -114.38 74.29 -26.93
N VAL TE 15 -114.93 74.79 -25.82
CA VAL TE 15 -115.28 73.94 -24.71
C VAL TE 15 -116.39 74.61 -23.90
N THR TE 16 -117.50 73.89 -23.67
CA THR TE 16 -118.62 74.42 -22.92
C THR TE 16 -119.17 73.33 -22.01
N GLY TE 17 -118.61 73.21 -20.80
CA GLY TE 17 -119.19 72.34 -19.80
C GLY TE 17 -119.40 72.98 -18.45
N GLY TE 18 -118.66 74.06 -18.18
CA GLY TE 18 -118.69 74.67 -16.87
C GLY TE 18 -117.62 74.13 -15.95
N THR TE 19 -117.77 74.38 -14.65
CA THR TE 19 -116.82 73.97 -13.61
C THR TE 19 -115.42 74.54 -13.91
N ALA TE 20 -115.34 75.86 -13.91
CA ALA TE 20 -114.10 76.55 -14.23
C ALA TE 20 -113.11 76.48 -13.07
N ARG TE 21 -112.29 75.43 -13.06
CA ARG TE 21 -111.29 75.28 -12.01
C ARG TE 21 -110.11 76.21 -12.29
N THR TE 22 -109.13 76.18 -11.39
CA THR TE 22 -107.98 77.06 -11.48
C THR TE 22 -106.71 76.25 -11.27
N VAL TE 23 -105.77 76.38 -12.20
CA VAL TE 23 -104.45 75.75 -12.07
C VAL TE 23 -103.60 76.65 -11.19
N LYS TE 24 -103.18 76.14 -10.05
CA LYS TE 24 -102.29 76.86 -9.13
C LYS TE 24 -100.95 76.15 -9.08
N GLU TE 25 -99.88 76.92 -9.22
CA GLU TE 25 -98.56 76.30 -9.23
C GLU TE 25 -98.11 75.94 -7.83
N LEU TE 26 -97.30 74.88 -7.74
CA LEU TE 26 -96.80 74.41 -6.46
C LEU TE 26 -95.31 74.67 -6.32
N VAL TE 27 -94.48 74.11 -7.20
CA VAL TE 27 -93.04 74.27 -7.15
C VAL TE 27 -92.53 74.50 -8.57
N ARG TE 28 -91.22 74.61 -8.70
CA ARG TE 28 -90.62 74.86 -10.01
C ARG TE 28 -89.51 73.88 -10.37
N ASN TE 29 -88.74 73.41 -9.38
CA ASN TE 29 -87.49 72.68 -9.57
C ASN TE 29 -86.78 72.96 -10.88
N ASN TE 30 -86.18 71.93 -11.49
CA ASN TE 30 -85.23 72.12 -12.59
C ASN TE 30 -85.98 72.18 -13.91
N SER TE 31 -86.15 73.39 -14.45
CA SER TE 31 -86.74 73.61 -15.76
C SER TE 31 -88.10 72.91 -15.88
N GLU TE 32 -88.86 72.99 -14.79
CA GLU TE 32 -90.13 72.28 -14.68
C GLU TE 32 -91.13 73.24 -14.05
N LEU TE 33 -92.38 72.80 -13.96
CA LEU TE 33 -93.41 73.57 -13.28
C LEU TE 33 -94.51 72.63 -12.79
N ASN TE 34 -94.48 72.31 -11.51
CA ASN TE 34 -95.50 71.43 -10.94
C ASN TE 34 -96.65 72.26 -10.38
N ALA TE 35 -97.84 72.05 -10.91
CA ALA TE 35 -99.04 72.75 -10.48
C ALA TE 35 -100.07 71.74 -10.01
N TYR TE 36 -101.26 72.22 -9.68
CA TYR TE 36 -102.36 71.36 -9.30
C TYR TE 36 -103.67 72.08 -9.60
N ILE TE 37 -104.72 71.31 -9.86
CA ILE TE 37 -106.02 71.88 -10.18
C ILE TE 37 -106.81 72.03 -8.88
N ASP TE 38 -107.27 73.24 -8.60
CA ASP TE 38 -107.95 73.56 -7.35
C ASP TE 38 -109.44 73.25 -7.51
N GLU TE 39 -109.79 72.02 -7.17
CA GLU TE 39 -111.18 71.59 -7.16
C GLU TE 39 -111.73 71.35 -5.76
N GLY TE 40 -110.96 71.64 -4.73
CA GLY TE 40 -111.39 71.48 -3.36
C GLY TE 40 -111.27 70.08 -2.78
N LEU TE 41 -110.51 69.19 -3.41
CA LEU TE 41 -110.35 67.84 -2.90
C LEU TE 41 -109.32 67.82 -1.77
N SER TE 42 -108.97 66.62 -1.33
CA SER TE 42 -107.97 66.46 -0.29
C SER TE 42 -106.58 66.81 -0.81
N PHE TE 43 -105.60 66.74 0.10
CA PHE TE 43 -104.25 67.11 -0.26
C PHE TE 43 -103.60 66.06 -1.14
N GLN TE 44 -103.75 64.78 -0.78
CA GLN TE 44 -103.23 63.69 -1.60
C GLN TE 44 -104.33 63.05 -2.45
N ALA TE 45 -105.31 63.86 -2.88
CA ALA TE 45 -106.29 63.41 -3.84
C ALA TE 45 -106.50 64.41 -4.96
N ARG TE 46 -105.79 65.54 -4.94
CA ARG TE 46 -105.95 66.58 -5.95
C ARG TE 46 -105.28 66.18 -7.25
N LYS TE 47 -105.68 66.81 -8.35
CA LYS TE 47 -105.08 66.53 -9.65
C LYS TE 47 -103.93 67.50 -9.87
N GLU TE 48 -102.71 66.98 -9.90
CA GLU TE 48 -101.51 67.78 -10.13
C GLU TE 48 -101.09 67.59 -11.59
N VAL TE 49 -100.91 68.70 -12.30
CA VAL TE 49 -100.41 68.64 -13.66
C VAL TE 49 -99.02 69.29 -13.72
N ALA TE 50 -98.06 68.59 -14.29
CA ALA TE 50 -96.69 69.04 -14.36
C ALA TE 50 -96.33 69.49 -15.78
N PHE TE 51 -95.62 70.61 -15.87
CA PHE TE 51 -95.14 71.17 -17.13
C PHE TE 51 -93.62 71.13 -17.15
N SER TE 52 -93.06 70.93 -18.35
CA SER TE 52 -91.60 70.86 -18.47
C SER TE 52 -91.18 71.27 -19.87
N VAL TE 53 -89.96 71.82 -19.98
CA VAL TE 53 -89.41 72.24 -21.27
C VAL TE 53 -88.01 71.67 -21.41
N LYS TE 54 -87.61 71.43 -22.66
CA LYS TE 54 -86.32 70.84 -22.99
C LYS TE 54 -85.71 71.59 -24.19
N VAL TE 55 -85.58 72.90 -24.03
CA VAL TE 55 -85.16 73.84 -25.10
C VAL TE 55 -84.00 73.29 -25.92
N PRO TE 56 -83.94 73.63 -27.22
CA PRO TE 56 -82.95 73.00 -28.10
C PRO TE 56 -81.52 73.36 -27.73
N LYS TE 57 -80.61 72.44 -28.07
CA LYS TE 57 -79.19 72.57 -27.77
C LYS TE 57 -78.40 72.38 -29.05
N VAL TE 58 -77.49 73.31 -29.35
CA VAL TE 58 -76.77 73.31 -30.61
C VAL TE 58 -75.90 72.06 -30.73
N SER TE 59 -76.24 71.21 -31.69
CA SER TE 59 -75.49 69.99 -31.97
C SER TE 59 -74.81 70.10 -33.34
N VAL TE 60 -74.06 69.08 -33.72
CA VAL TE 60 -73.48 68.97 -35.06
C VAL TE 60 -74.25 67.97 -35.92
N SER TE 61 -74.90 67.01 -35.27
CA SER TE 61 -75.88 66.11 -35.84
C SER TE 61 -77.21 66.85 -35.97
N ALA TE 62 -78.33 66.12 -36.02
CA ALA TE 62 -79.65 66.74 -36.09
C ALA TE 62 -79.84 67.49 -37.41
N PRO TE 63 -80.20 66.78 -38.48
CA PRO TE 63 -80.15 67.35 -39.83
C PRO TE 63 -81.14 68.49 -40.00
N GLY TE 64 -80.66 69.69 -39.69
CA GLY TE 64 -81.47 70.87 -39.48
C GLY TE 64 -80.76 71.77 -38.49
N GLY TE 65 -79.69 71.24 -37.90
CA GLY TE 65 -78.76 72.02 -37.10
C GLY TE 65 -78.62 71.60 -35.66
N PHE TE 66 -79.75 71.34 -35.00
CA PHE TE 66 -79.76 71.01 -33.58
C PHE TE 66 -81.12 70.49 -33.13
N THR TE 67 -81.13 69.90 -31.94
CA THR TE 67 -82.22 69.07 -31.46
C THR TE 67 -83.53 69.84 -31.38
N GLN TE 68 -84.61 69.09 -31.25
CA GLN TE 68 -85.96 69.65 -31.26
C GLN TE 68 -86.32 70.23 -29.90
N ALA TE 69 -87.48 70.88 -29.86
CA ALA TE 69 -87.97 71.56 -28.67
C ALA TE 69 -89.18 70.81 -28.12
N ARG TE 70 -88.94 69.89 -27.20
CA ARG TE 70 -90.01 69.11 -26.60
C ARG TE 70 -90.62 69.83 -25.41
N SER TE 71 -91.95 69.74 -25.31
CA SER TE 71 -92.70 70.30 -24.17
C SER TE 71 -93.60 69.19 -23.65
N THR TE 72 -93.45 68.86 -22.37
CA THR TE 72 -94.20 67.76 -21.77
C THR TE 72 -95.23 68.26 -20.78
N VAL TE 73 -96.38 67.59 -20.75
CA VAL TE 73 -97.44 67.84 -19.78
C VAL TE 73 -97.94 66.51 -19.25
N ILE TE 74 -97.75 66.26 -17.95
CA ILE TE 74 -98.28 65.07 -17.31
C ILE TE 74 -99.37 65.49 -16.34
N LEU TE 75 -100.57 64.93 -16.51
CA LEU TE 75 -101.71 65.19 -15.65
C LEU TE 75 -101.91 63.96 -14.79
N LYS TE 76 -101.72 64.11 -13.47
CA LYS TE 76 -101.86 63.00 -12.55
C LYS TE 76 -103.19 63.10 -11.82
N SER TE 77 -104.04 62.10 -12.01
CA SER TE 77 -105.35 62.05 -11.36
C SER TE 77 -105.38 60.88 -10.39
N PRO TE 78 -105.31 61.12 -9.08
CA PRO TE 78 -105.30 60.01 -8.13
C PRO TE 78 -106.65 59.32 -8.07
N LYS TE 79 -106.63 58.04 -7.69
CA LYS TE 79 -107.84 57.24 -7.60
C LYS TE 79 -107.69 56.22 -6.49
N THR TE 80 -108.72 56.10 -5.65
CA THR TE 80 -108.76 55.12 -4.58
C THR TE 80 -109.46 53.87 -5.10
N LEU TE 81 -108.78 52.73 -5.04
CA LEU TE 81 -109.34 51.50 -5.56
C LEU TE 81 -110.26 50.83 -4.54
N ALA TE 82 -111.02 49.84 -5.01
CA ALA TE 82 -111.93 49.11 -4.13
C ALA TE 82 -111.15 48.33 -3.07
N ASN TE 83 -110.02 47.74 -3.44
CA ASN TE 83 -109.20 47.00 -2.48
C ASN TE 83 -108.72 47.91 -1.36
N GLY TE 84 -108.65 49.21 -1.59
CA GLY TE 84 -108.35 50.13 -0.51
C GLY TE 84 -107.12 50.99 -0.76
N ASN TE 85 -106.15 50.46 -1.50
CA ASN TE 85 -104.94 51.21 -1.78
C ASN TE 85 -105.22 52.34 -2.77
N ARG TE 86 -104.20 53.15 -3.03
CA ARG TE 86 -104.28 54.32 -3.88
C ARG TE 86 -103.36 54.13 -5.08
N THR TE 87 -103.79 54.69 -6.20
CA THR TE 87 -103.03 54.65 -7.44
C THR TE 87 -103.29 55.96 -8.18
N VAL TE 88 -102.41 56.28 -9.12
CA VAL TE 88 -102.53 57.51 -9.90
C VAL TE 88 -102.73 57.14 -11.36
N ASN TE 89 -103.67 57.82 -12.01
CA ASN TE 89 -103.94 57.65 -13.43
C ASN TE 89 -103.38 58.87 -14.16
N THR TE 90 -102.49 58.62 -15.10
CA THR TE 90 -101.73 59.71 -15.70
C THR TE 90 -102.06 59.88 -17.19
N VAL TE 91 -101.91 61.12 -17.67
CA VAL TE 91 -102.04 61.43 -19.08
C VAL TE 91 -100.87 62.30 -19.50
N SER TE 92 -99.85 61.69 -20.12
CA SER TE 92 -98.69 62.45 -20.55
C SER TE 92 -98.84 62.90 -22.00
N ILE TE 93 -98.30 64.08 -22.30
CA ILE TE 93 -98.35 64.65 -23.64
C ILE TE 93 -96.99 65.29 -23.94
N GLN TE 94 -96.43 65.00 -25.11
CA GLN TE 94 -95.14 65.55 -25.50
C GLN TE 94 -95.23 66.15 -26.90
N LEU TE 95 -94.39 67.17 -27.14
CA LEU TE 95 -94.44 67.98 -28.36
C LEU TE 95 -93.02 68.17 -28.92
N SER TE 96 -92.31 67.06 -29.14
CA SER TE 96 -90.97 67.13 -29.73
C SER TE 96 -91.10 67.59 -31.18
N VAL TE 97 -90.90 68.89 -31.38
CA VAL TE 97 -90.94 69.50 -32.70
C VAL TE 97 -89.65 70.25 -32.95
N ASP TE 98 -89.23 70.25 -34.21
CA ASP TE 98 -87.96 70.88 -34.58
C ASP TE 98 -88.06 72.38 -34.37
N PRO TE 99 -87.00 73.02 -33.83
CA PRO TE 99 -87.11 74.43 -33.43
C PRO TE 99 -87.41 75.39 -34.57
N GLU TE 100 -87.15 75.00 -35.82
CA GLU TE 100 -87.48 75.82 -36.98
C GLU TE 100 -88.97 75.83 -37.30
N THR TE 101 -89.77 75.04 -36.58
CA THR TE 101 -91.20 74.98 -36.83
C THR TE 101 -91.86 76.32 -36.57
N THR TE 102 -92.74 76.72 -37.49
CA THR TE 102 -93.55 77.91 -37.30
C THR TE 102 -94.68 77.63 -36.31
N ALA TE 103 -95.24 78.70 -35.75
CA ALA TE 103 -96.29 78.56 -34.75
C ALA TE 103 -97.64 78.24 -35.36
N ALA TE 104 -97.81 78.42 -36.68
CA ALA TE 104 -99.08 78.08 -37.31
C ALA TE 104 -99.26 76.57 -37.41
N GLU TE 105 -98.22 75.85 -37.80
CA GLU TE 105 -98.33 74.40 -37.92
C GLU TE 105 -98.24 73.72 -36.56
N VAL TE 106 -97.61 74.36 -35.58
CA VAL TE 106 -97.71 73.89 -34.21
C VAL TE 106 -99.15 73.95 -33.74
N THR TE 107 -99.84 75.06 -34.03
CA THR TE 107 -101.27 75.15 -33.72
C THR TE 107 -102.06 74.09 -34.46
N THR TE 108 -101.70 73.82 -35.72
CA THR TE 108 -102.35 72.75 -36.47
C THR TE 108 -102.13 71.40 -35.79
N MET TE 109 -100.90 71.14 -35.34
CA MET TE 109 -100.58 69.87 -34.71
C MET TE 109 -101.26 69.73 -33.36
N LEU TE 110 -101.33 70.84 -32.60
CA LEU TE 110 -101.96 70.80 -31.28
C LEU TE 110 -103.46 70.57 -31.41
N ASN TE 111 -104.09 71.20 -32.40
CA ASN TE 111 -105.53 71.00 -32.59
C ASN TE 111 -105.83 69.60 -33.11
N ALA TE 112 -105.01 69.10 -34.04
CA ALA TE 112 -105.22 67.75 -34.55
C ALA TE 112 -105.04 66.71 -33.45
N ALA TE 113 -103.99 66.87 -32.64
CA ALA TE 113 -103.78 65.99 -31.49
C ALA TE 113 -104.87 66.11 -30.44
N ALA TE 114 -105.29 67.33 -30.12
CA ALA TE 114 -106.36 67.52 -29.15
C ALA TE 114 -107.72 67.20 -29.74
N GLN TE 115 -107.83 67.08 -31.06
CA GLN TE 115 -109.07 66.60 -31.66
C GLN TE 115 -109.29 65.13 -31.38
N LEU TE 116 -108.23 64.37 -31.20
CA LEU TE 116 -108.30 63.09 -30.51
C LEU TE 116 -108.59 63.37 -29.03
N LEU TE 117 -108.81 62.31 -28.26
CA LEU TE 117 -109.04 62.39 -26.81
C LEU TE 117 -110.43 62.94 -26.48
N PHE TE 118 -111.16 63.48 -27.45
CA PHE TE 118 -112.53 63.88 -27.15
C PHE TE 118 -113.47 63.56 -28.31
N ASP TE 119 -112.92 63.08 -29.41
CA ASP TE 119 -113.76 62.66 -30.53
C ASP TE 119 -114.44 61.35 -30.19
N SER TE 120 -115.66 61.19 -30.68
CA SER TE 120 -116.44 59.99 -30.39
C SER TE 120 -115.85 58.73 -31.00
N ASP TE 121 -115.12 58.86 -32.10
CA ASP TE 121 -114.55 57.68 -32.76
C ASP TE 121 -113.55 56.97 -31.86
N TYR TE 122 -112.75 57.73 -31.12
CA TYR TE 122 -111.69 57.17 -30.29
C TYR TE 122 -112.13 56.88 -28.87
N SER TE 123 -113.42 57.03 -28.57
CA SER TE 123 -113.95 56.74 -27.24
C SER TE 123 -113.60 55.32 -26.79
N ASP TE 124 -113.78 54.34 -27.67
CA ASP TE 124 -113.53 52.96 -27.31
C ASP TE 124 -112.03 52.68 -27.20
N PHE TE 125 -111.23 53.35 -28.02
CA PHE TE 125 -109.78 53.16 -27.96
C PHE TE 125 -109.21 53.63 -26.62
N TRP TE 126 -109.63 54.80 -26.17
CA TRP TE 126 -109.13 55.32 -24.91
C TRP TE 126 -109.70 54.58 -23.71
N LYS TE 127 -110.90 54.03 -23.80
CA LYS TE 127 -111.56 53.40 -22.66
C LYS TE 127 -111.38 51.90 -22.66
N ALA TE 128 -111.78 51.19 -23.72
CA ALA TE 128 -111.70 49.74 -23.77
C ALA TE 128 -110.46 49.24 -24.50
N GLN TE 129 -109.60 50.13 -24.96
CA GLN TE 129 -108.39 49.78 -25.72
C GLN TE 129 -108.75 49.03 -27.01
N ALA TE 130 -109.88 49.41 -27.61
CA ALA TE 130 -110.34 48.78 -28.84
C ALA TE 130 -109.58 49.39 -30.02
N LEU TE 131 -108.42 48.78 -30.31
CA LEU TE 131 -107.62 49.17 -31.45
C LEU TE 131 -108.40 48.94 -32.74
N ALA TE 132 -108.73 47.69 -33.01
CA ALA TE 132 -109.56 47.35 -34.15
C ALA TE 132 -111.03 47.54 -33.77
N ALA UE 1 -39.69 -74.11 99.43
CA ALA UE 1 -39.27 -74.96 100.55
C ALA UE 1 -37.79 -75.30 100.43
N ILE UE 2 -37.09 -74.56 99.58
CA ILE UE 2 -35.64 -74.56 99.56
C ILE UE 2 -35.19 -73.58 100.64
N ALA UE 3 -35.06 -74.08 101.87
CA ALA UE 3 -34.74 -73.22 103.00
C ALA UE 3 -34.16 -74.08 104.11
N ASN UE 4 -35.00 -74.47 105.06
CA ASN UE 4 -34.58 -75.49 106.02
C ASN UE 4 -35.14 -76.84 105.59
N SER UE 5 -34.69 -77.33 104.43
CA SER UE 5 -35.08 -78.63 103.92
C SER UE 5 -34.30 -79.73 104.62
N SER UE 6 -34.29 -80.93 104.05
CA SER UE 6 -33.48 -82.00 104.58
C SER UE 6 -33.08 -82.94 103.45
N ILE UE 7 -31.83 -83.39 103.47
CA ILE UE 7 -31.33 -84.31 102.47
C ILE UE 7 -30.37 -85.28 103.14
N ALA UE 8 -30.54 -86.57 102.88
CA ALA UE 8 -29.66 -87.58 103.44
C ALA UE 8 -28.40 -87.68 102.60
N ILE UE 9 -27.25 -87.63 103.24
CA ILE UE 9 -25.96 -87.66 102.55
C ILE UE 9 -25.31 -89.02 102.78
N ASP UE 10 -24.82 -89.62 101.69
CA ASP UE 10 -24.27 -90.97 101.71
C ASP UE 10 -25.33 -91.98 102.16
N SER UE 11 -26.42 -92.03 101.41
CA SER UE 11 -27.54 -92.92 101.69
C SER UE 11 -27.89 -93.71 100.44
N THR UE 12 -28.54 -94.86 100.64
CA THR UE 12 -28.99 -95.69 99.54
C THR UE 12 -30.36 -95.24 99.08
N ALA UE 13 -30.54 -95.16 97.76
CA ALA UE 13 -31.80 -94.78 97.15
C ALA UE 13 -32.44 -96.00 96.50
N SER UE 14 -33.76 -96.11 96.67
CA SER UE 14 -34.50 -97.27 96.19
C SER UE 14 -35.76 -96.81 95.48
N VAL UE 15 -36.35 -97.73 94.72
CA VAL UE 15 -37.54 -97.47 93.93
C VAL UE 15 -38.53 -98.61 94.15
N THR UE 16 -39.78 -98.27 94.42
CA THR UE 16 -40.85 -99.25 94.58
C THR UE 16 -42.00 -98.92 93.63
N GLY UE 17 -42.68 -99.96 93.19
CA GLY UE 17 -43.85 -99.78 92.33
C GLY UE 17 -43.47 -99.39 90.92
N GLY UE 18 -44.43 -98.76 90.25
CA GLY UE 18 -44.24 -98.38 88.86
C GLY UE 18 -44.28 -99.58 87.92
N THR UE 19 -43.91 -99.32 86.68
CA THR UE 19 -43.92 -100.35 85.63
C THR UE 19 -42.52 -100.38 85.02
N ALA UE 20 -41.79 -101.48 85.27
CA ALA UE 20 -40.43 -101.64 84.76
C ALA UE 20 -40.41 -101.63 83.23
N ARG UE 21 -39.81 -100.61 82.65
CA ARG UE 21 -39.64 -100.51 81.21
C ARG UE 21 -38.24 -101.01 80.84
N THR UE 22 -37.83 -100.79 79.60
CA THR UE 22 -36.52 -101.23 79.14
C THR UE 22 -35.95 -100.17 78.23
N VAL UE 23 -34.65 -99.89 78.39
CA VAL UE 23 -33.97 -98.87 77.59
C VAL UE 23 -33.39 -99.56 76.37
N LYS UE 24 -34.01 -99.33 75.21
CA LYS UE 24 -33.56 -99.94 73.98
C LYS UE 24 -32.58 -99.03 73.27
N GLU UE 25 -31.43 -99.57 72.89
CA GLU UE 25 -30.36 -98.79 72.29
C GLU UE 25 -30.58 -98.66 70.79
N LEU UE 26 -30.41 -97.43 70.28
CA LEU UE 26 -30.74 -97.14 68.90
C LEU UE 26 -29.46 -96.89 68.13
N VAL UE 27 -28.67 -95.90 68.50
CA VAL UE 27 -27.44 -95.55 67.80
C VAL UE 27 -26.38 -95.21 68.84
N ARG UE 28 -25.18 -95.72 68.63
CA ARG UE 28 -24.06 -95.53 69.55
C ARG UE 28 -22.86 -95.07 68.72
N ASN UE 29 -22.68 -93.76 68.63
CA ASN UE 29 -21.63 -93.20 67.79
C ASN UE 29 -21.22 -91.84 68.33
N ASN UE 30 -19.99 -91.44 68.01
CA ASN UE 30 -19.49 -90.09 68.26
C ASN UE 30 -19.60 -89.70 69.74
N SER UE 31 -19.18 -90.61 70.62
CA SER UE 31 -19.22 -90.40 72.07
C SER UE 31 -20.63 -90.19 72.58
N GLU UE 32 -21.62 -90.63 71.80
CA GLU UE 32 -23.03 -90.50 72.14
C GLU UE 32 -23.70 -91.86 72.04
N LEU UE 33 -24.71 -92.08 72.89
CA LEU UE 33 -25.53 -93.29 72.83
C LEU UE 33 -26.99 -92.86 72.83
N ASN UE 34 -27.59 -92.80 71.65
CA ASN UE 34 -29.01 -92.55 71.53
C ASN UE 34 -29.78 -93.83 71.84
N ALA UE 35 -30.81 -93.69 72.68
CA ALA UE 35 -31.62 -94.83 73.08
C ALA UE 35 -33.05 -94.33 73.29
N TYR UE 36 -33.93 -95.24 73.68
CA TYR UE 36 -35.33 -94.88 73.94
C TYR UE 36 -35.90 -95.85 74.96
N ILE UE 37 -36.82 -95.34 75.76
CA ILE UE 37 -37.54 -96.17 76.73
C ILE UE 37 -38.74 -96.79 76.02
N ASP UE 38 -38.91 -98.10 76.21
CA ASP UE 38 -39.95 -98.85 75.50
C ASP UE 38 -41.15 -98.98 76.45
N GLU UE 39 -42.20 -98.21 76.18
CA GLU UE 39 -43.45 -98.30 76.92
C GLU UE 39 -44.61 -98.73 76.03
N GLY UE 40 -44.34 -99.24 74.83
CA GLY UE 40 -45.38 -99.59 73.89
C GLY UE 40 -46.14 -98.36 73.41
N LEU UE 41 -45.40 -97.31 73.07
CA LEU UE 41 -45.97 -96.07 72.58
C LEU UE 41 -45.62 -95.89 71.10
N SER UE 42 -46.15 -94.83 70.51
CA SER UE 42 -45.87 -94.52 69.12
C SER UE 42 -44.52 -93.84 68.99
N PHE UE 43 -44.00 -93.79 67.77
CA PHE UE 43 -42.69 -93.18 67.54
C PHE UE 43 -42.67 -91.69 67.88
N GLN UE 44 -43.75 -90.98 67.62
CA GLN UE 44 -43.82 -89.55 67.90
C GLN UE 44 -43.96 -89.24 69.38
N ALA UE 45 -44.34 -90.22 70.20
CA ALA UE 45 -44.34 -90.05 71.64
C ALA UE 45 -43.56 -91.22 72.24
N ARG UE 46 -42.24 -91.07 72.28
CA ARG UE 46 -41.34 -92.05 72.88
C ARG UE 46 -40.73 -91.43 74.14
N LYS UE 47 -39.74 -92.05 74.78
CA LYS UE 47 -39.05 -91.44 75.90
C LYS UE 47 -37.55 -91.48 75.63
N GLU UE 48 -37.14 -90.99 74.46
CA GLU UE 48 -35.74 -91.03 74.05
C GLU UE 48 -34.83 -90.42 75.12
N VAL UE 49 -33.73 -91.11 75.41
CA VAL UE 49 -32.73 -90.64 76.35
C VAL UE 49 -31.36 -90.79 75.70
N ALA UE 50 -30.56 -89.73 75.77
CA ALA UE 50 -29.25 -89.69 75.12
C ALA UE 50 -28.14 -89.63 76.16
N PHE UE 51 -27.18 -90.56 76.04
CA PHE UE 51 -26.03 -90.65 76.92
C PHE UE 51 -24.80 -90.19 76.16
N SER UE 52 -24.08 -89.22 76.70
CA SER UE 52 -22.88 -88.71 76.07
C SER UE 52 -21.76 -88.62 77.10
N VAL UE 53 -20.53 -88.78 76.61
CA VAL UE 53 -19.35 -88.80 77.46
C VAL UE 53 -18.30 -87.87 76.86
N LYS UE 54 -17.66 -87.09 77.74
CA LYS UE 54 -16.61 -86.13 77.37
C LYS UE 54 -15.37 -86.45 78.20
N VAL UE 55 -14.42 -87.17 77.59
CA VAL UE 55 -13.24 -87.67 78.28
C VAL UE 55 -12.26 -86.54 78.56
N PRO UE 56 -11.51 -86.58 79.66
CA PRO UE 56 -10.57 -85.50 79.96
C PRO UE 56 -9.38 -85.49 79.02
N LYS UE 57 -8.82 -84.30 78.83
CA LYS UE 57 -7.63 -84.11 78.02
C LYS UE 57 -6.60 -83.30 78.80
N VAL UE 58 -5.32 -83.45 78.42
CA VAL UE 58 -4.24 -82.78 79.11
C VAL UE 58 -4.35 -81.27 78.92
N SER UE 59 -4.03 -80.52 79.96
CA SER UE 59 -4.07 -79.06 79.92
C SER UE 59 -2.87 -78.52 80.67
N VAL UE 60 -2.72 -77.18 80.66
CA VAL UE 60 -1.75 -76.50 81.49
C VAL UE 60 -2.40 -75.74 82.63
N SER UE 61 -3.58 -75.17 82.41
CA SER UE 61 -4.49 -74.69 83.43
C SER UE 61 -5.23 -75.90 84.01
N ALA UE 62 -6.39 -75.64 84.65
CA ALA UE 62 -7.16 -76.73 85.23
C ALA UE 62 -6.36 -77.40 86.35
N PRO UE 63 -6.39 -76.83 87.55
CA PRO UE 63 -5.33 -77.07 88.53
C PRO UE 63 -5.23 -78.52 88.96
N GLY UE 64 -4.45 -79.27 88.20
CA GLY UE 64 -4.41 -80.71 88.28
C GLY UE 64 -4.07 -81.31 86.92
N GLY UE 65 -4.04 -80.47 85.89
CA GLY UE 65 -3.47 -80.85 84.63
C GLY UE 65 -4.46 -81.25 83.56
N PHE UE 66 -5.63 -81.72 83.96
CA PHE UE 66 -6.62 -82.21 83.01
C PHE UE 66 -7.93 -81.46 83.16
N THR UE 67 -8.66 -81.39 82.06
CA THR UE 67 -10.04 -80.93 82.09
C THR UE 67 -10.90 -81.97 82.80
N GLN UE 68 -12.12 -81.59 83.13
CA GLN UE 68 -13.00 -82.48 83.87
C GLN UE 68 -13.64 -83.51 82.95
N ALA UE 69 -14.03 -84.64 83.54
CA ALA UE 69 -14.71 -85.71 82.80
C ALA UE 69 -16.22 -85.49 82.92
N ARG UE 70 -16.84 -85.11 81.81
CA ARG UE 70 -18.26 -84.80 81.81
C ARG UE 70 -19.08 -85.97 81.27
N SER UE 71 -20.15 -86.30 81.97
CA SER UE 71 -21.10 -87.35 81.56
C SER UE 71 -22.48 -86.70 81.56
N THR UE 72 -23.14 -86.70 80.41
CA THR UE 72 -24.41 -86.01 80.27
C THR UE 72 -25.51 -86.97 79.84
N VAL UE 73 -26.65 -86.87 80.51
CA VAL UE 73 -27.84 -87.64 80.16
C VAL UE 73 -28.99 -86.69 79.91
N ILE UE 74 -29.57 -86.73 78.72
CA ILE UE 74 -30.76 -85.95 78.41
C ILE UE 74 -31.92 -86.88 78.15
N LEU UE 75 -32.99 -86.71 78.90
CA LEU UE 75 -34.22 -87.48 78.75
C LEU UE 75 -35.25 -86.59 78.07
N LYS UE 76 -35.73 -87.01 76.90
CA LYS UE 76 -36.71 -86.24 76.15
C LYS UE 76 -38.11 -86.83 76.35
N SER UE 77 -39.08 -85.94 76.55
CA SER UE 77 -40.46 -86.34 76.80
C SER UE 77 -41.38 -85.55 75.87
N PRO UE 78 -41.80 -86.13 74.75
CA PRO UE 78 -42.77 -85.45 73.87
C PRO UE 78 -44.12 -85.22 74.54
N LYS UE 79 -44.57 -83.97 74.50
CA LYS UE 79 -45.88 -83.60 75.02
C LYS UE 79 -46.73 -83.05 73.88
N THR UE 80 -48.01 -83.39 73.87
CA THR UE 80 -48.95 -82.92 72.88
C THR UE 80 -49.84 -81.86 73.51
N LEU UE 81 -49.93 -80.70 72.87
CA LEU UE 81 -50.58 -79.54 73.44
C LEU UE 81 -52.07 -79.53 73.09
N ALA UE 82 -52.79 -78.55 73.63
CA ALA UE 82 -54.22 -78.44 73.36
C ALA UE 82 -54.48 -78.16 71.89
N ASN UE 83 -53.70 -77.27 71.28
CA ASN UE 83 -53.85 -76.99 69.86
C ASN UE 83 -53.50 -78.21 69.02
N GLY UE 84 -52.47 -78.94 69.42
CA GLY UE 84 -52.10 -80.15 68.71
C GLY UE 84 -50.67 -80.16 68.24
N ASN UE 85 -49.95 -79.06 68.46
CA ASN UE 85 -48.53 -79.02 68.16
C ASN UE 85 -47.76 -79.89 69.14
N ARG UE 86 -46.60 -80.37 68.68
CA ARG UE 86 -45.78 -81.28 69.47
C ARG UE 86 -44.59 -80.53 70.04
N THR UE 87 -44.40 -80.65 71.36
CA THR UE 87 -43.25 -80.11 72.04
C THR UE 87 -42.58 -81.22 72.84
N VAL UE 88 -41.27 -81.09 73.02
CA VAL UE 88 -40.48 -82.05 73.78
C VAL UE 88 -40.04 -81.39 75.08
N ASN UE 89 -40.31 -82.05 76.20
CA ASN UE 89 -39.87 -81.60 77.52
C ASN UE 89 -38.66 -82.44 77.91
N THR UE 90 -37.56 -81.77 78.26
CA THR UE 90 -36.30 -82.44 78.50
C THR UE 90 -35.84 -82.29 79.94
N VAL UE 91 -35.07 -83.27 80.40
CA VAL UE 91 -34.32 -83.17 81.64
C VAL UE 91 -32.86 -83.48 81.35
N SER UE 92 -31.97 -82.54 81.64
CA SER UE 92 -30.55 -82.75 81.44
C SER UE 92 -29.86 -82.97 82.78
N ILE UE 93 -28.93 -83.94 82.79
CA ILE UE 93 -28.14 -84.26 83.98
C ILE UE 93 -26.69 -84.32 83.53
N GLN UE 94 -25.90 -83.33 83.94
CA GLN UE 94 -24.49 -83.25 83.58
C GLN UE 94 -23.64 -83.37 84.83
N LEU UE 95 -22.73 -84.33 84.85
CA LEU UE 95 -21.79 -84.52 85.95
C LEU UE 95 -20.38 -84.22 85.45
N SER UE 96 -19.73 -83.26 86.09
CA SER UE 96 -18.35 -82.90 85.78
C SER UE 96 -17.50 -83.13 87.02
N VAL UE 97 -16.55 -84.06 86.93
CA VAL UE 97 -15.64 -84.36 88.04
C VAL UE 97 -14.21 -84.26 87.55
N ASP UE 98 -13.34 -83.79 88.44
CA ASP UE 98 -11.92 -83.89 88.20
C ASP UE 98 -11.52 -85.37 88.15
N PRO UE 99 -10.60 -85.74 87.26
CA PRO UE 99 -10.25 -87.18 87.13
C PRO UE 99 -9.65 -87.77 88.40
N GLU UE 100 -9.16 -86.96 89.33
CA GLU UE 100 -8.64 -87.48 90.59
C GLU UE 100 -9.77 -87.92 91.53
N THR UE 101 -11.02 -87.63 91.21
CA THR UE 101 -12.13 -87.89 92.12
C THR UE 101 -12.37 -89.38 92.28
N THR UE 102 -12.49 -89.82 93.53
CA THR UE 102 -12.72 -91.22 93.85
C THR UE 102 -14.14 -91.64 93.48
N ALA UE 103 -14.38 -92.95 93.49
CA ALA UE 103 -15.70 -93.45 93.15
C ALA UE 103 -16.69 -93.22 94.28
N ALA UE 104 -16.21 -93.16 95.53
CA ALA UE 104 -17.11 -92.86 96.64
C ALA UE 104 -17.50 -91.40 96.66
N GLU UE 105 -16.61 -90.51 96.18
CA GLU UE 105 -16.96 -89.11 96.09
C GLU UE 105 -17.99 -88.85 95.00
N VAL UE 106 -17.90 -89.58 93.88
CA VAL UE 106 -18.90 -89.46 92.83
C VAL UE 106 -20.23 -90.07 93.28
N THR UE 107 -20.18 -91.18 94.01
CA THR UE 107 -21.40 -91.79 94.53
C THR UE 107 -22.14 -90.84 95.45
N THR UE 108 -21.42 -90.09 96.29
CA THR UE 108 -22.05 -89.13 97.18
C THR UE 108 -22.76 -88.04 96.38
N MET UE 109 -22.11 -87.53 95.32
CA MET UE 109 -22.76 -86.54 94.47
C MET UE 109 -24.00 -87.11 93.79
N LEU UE 110 -23.89 -88.34 93.27
CA LEU UE 110 -25.00 -88.92 92.53
C LEU UE 110 -26.22 -89.12 93.42
N ASN UE 111 -26.00 -89.58 94.65
CA ASN UE 111 -27.14 -89.83 95.55
C ASN UE 111 -27.74 -88.52 96.04
N ALA UE 112 -26.91 -87.54 96.40
CA ALA UE 112 -27.42 -86.26 96.88
C ALA UE 112 -28.16 -85.51 95.78
N ALA UE 113 -27.70 -85.66 94.54
CA ALA UE 113 -28.40 -85.01 93.42
C ALA UE 113 -29.70 -85.73 93.08
N ALA UE 114 -29.79 -87.02 93.37
CA ALA UE 114 -31.02 -87.76 93.11
C ALA UE 114 -32.16 -87.26 93.99
N GLN UE 115 -31.88 -87.06 95.28
CA GLN UE 115 -32.88 -86.49 96.17
C GLN UE 115 -33.20 -85.05 95.86
N LEU UE 116 -32.33 -84.35 95.13
CA LEU UE 116 -32.60 -82.96 94.78
C LEU UE 116 -33.79 -82.85 93.83
N LEU UE 117 -34.07 -83.91 93.07
CA LEU UE 117 -35.19 -83.89 92.13
C LEU UE 117 -36.24 -84.96 92.42
N PHE UE 118 -36.22 -85.55 93.62
CA PHE UE 118 -37.37 -86.34 94.04
C PHE UE 118 -37.83 -86.10 95.47
N ASP UE 119 -37.07 -85.39 96.30
CA ASP UE 119 -37.54 -85.06 97.65
C ASP UE 119 -38.69 -84.07 97.57
N SER UE 120 -39.63 -84.20 98.51
CA SER UE 120 -40.87 -83.42 98.45
C SER UE 120 -40.62 -81.93 98.65
N ASP UE 121 -39.57 -81.57 99.39
CA ASP UE 121 -39.28 -80.17 99.66
C ASP UE 121 -38.95 -79.40 98.39
N TYR UE 122 -38.59 -80.09 97.32
CA TYR UE 122 -38.24 -79.41 96.09
C TYR UE 122 -39.33 -79.54 95.04
N SER UE 123 -40.50 -80.03 95.45
CA SER UE 123 -41.59 -80.23 94.50
C SER UE 123 -42.04 -78.91 93.87
N ASP UE 124 -42.18 -77.85 94.68
CA ASP UE 124 -42.65 -76.58 94.15
C ASP UE 124 -41.59 -75.87 93.34
N PHE UE 125 -40.31 -76.12 93.59
CA PHE UE 125 -39.28 -75.56 92.75
C PHE UE 125 -39.31 -76.13 91.34
N TRP UE 126 -39.52 -77.44 91.20
CA TRP UE 126 -39.56 -78.07 89.88
C TRP UE 126 -40.87 -77.83 89.17
N LYS UE 127 -42.00 -77.88 89.89
CA LYS UE 127 -43.31 -77.72 89.28
C LYS UE 127 -43.79 -76.27 89.31
N ALA UE 128 -43.90 -75.69 90.50
CA ALA UE 128 -44.38 -74.32 90.63
C ALA UE 128 -43.31 -73.28 90.32
N GLN UE 129 -42.05 -73.70 90.16
CA GLN UE 129 -40.94 -72.79 89.87
C GLN UE 129 -40.77 -71.78 91.01
N ALA UE 130 -40.92 -72.26 92.24
CA ALA UE 130 -40.96 -71.43 93.43
C ALA UE 130 -39.64 -71.57 94.20
N LEU UE 131 -38.89 -70.47 94.27
CA LEU UE 131 -37.59 -70.47 94.94
C LEU UE 131 -37.71 -70.58 96.45
N ALA UE 132 -38.81 -70.10 97.01
CA ALA UE 132 -39.02 -70.21 98.46
C ALA UE 132 -40.48 -70.50 98.78
N ALA VE 1 -25.23 -102.23 81.22
CA ALA VE 1 -25.29 -100.80 81.47
C ALA VE 1 -26.36 -100.15 80.61
N ILE VE 2 -25.96 -99.11 79.87
CA ILE VE 2 -26.88 -98.49 78.93
C ILE VE 2 -26.98 -99.37 77.69
N ALA VE 3 -28.03 -100.19 77.63
CA ALA VE 3 -28.17 -101.18 76.57
C ALA VE 3 -29.47 -101.95 76.74
N ASN VE 4 -29.66 -102.56 77.92
CA ASN VE 4 -30.86 -103.33 78.22
C ASN VE 4 -31.37 -103.01 79.62
N SER VE 5 -31.00 -101.85 80.15
CA SER VE 5 -31.35 -101.50 81.51
C SER VE 5 -32.85 -101.25 81.65
N SER VE 6 -33.37 -101.48 82.85
CA SER VE 6 -34.78 -101.31 83.16
C SER VE 6 -34.93 -100.10 84.07
N ILE VE 7 -35.94 -99.28 83.78
CA ILE VE 7 -36.27 -98.12 84.61
C ILE VE 7 -37.75 -98.17 84.94
N ALA VE 8 -38.09 -98.03 86.21
CA ALA VE 8 -39.47 -98.16 86.68
C ALA VE 8 -40.20 -96.82 86.51
N ILE VE 9 -40.96 -96.70 85.44
CA ILE VE 9 -41.69 -95.47 85.15
C ILE VE 9 -42.85 -95.32 86.12
N ASP VE 10 -43.04 -94.09 86.61
CA ASP VE 10 -44.13 -93.74 87.52
C ASP VE 10 -44.08 -94.59 88.79
N SER VE 11 -42.90 -94.67 89.39
CA SER VE 11 -42.69 -95.37 90.64
C SER VE 11 -42.44 -94.35 91.75
N THR VE 12 -42.20 -94.87 92.95
CA THR VE 12 -41.90 -94.04 94.12
C THR VE 12 -40.46 -94.27 94.54
N ALA VE 13 -39.68 -93.19 94.61
CA ALA VE 13 -38.28 -93.26 94.99
C ALA VE 13 -38.12 -92.79 96.43
N SER VE 14 -37.38 -93.56 97.22
CA SER VE 14 -37.14 -93.25 98.62
C SER VE 14 -35.65 -93.36 98.91
N VAL VE 15 -35.29 -93.12 100.17
CA VAL VE 15 -33.90 -93.12 100.62
C VAL VE 15 -33.84 -93.69 102.03
N THR VE 16 -32.83 -94.53 102.28
CA THR VE 16 -32.63 -95.12 103.60
C THR VE 16 -31.18 -94.93 104.00
N GLY VE 17 -30.94 -94.88 105.31
CA GLY VE 17 -29.60 -94.66 105.81
C GLY VE 17 -29.15 -93.21 105.63
N GLY VE 18 -27.86 -93.01 105.81
CA GLY VE 18 -27.27 -91.69 105.61
C GLY VE 18 -27.45 -90.77 106.79
N THR VE 19 -26.92 -89.56 106.63
CA THR VE 19 -27.06 -88.48 107.60
C THR VE 19 -27.93 -87.38 107.01
N ALA VE 20 -28.89 -86.92 107.81
CA ALA VE 20 -29.87 -85.94 107.38
C ALA VE 20 -29.30 -84.54 107.62
N ARG VE 21 -28.83 -83.91 106.55
CA ARG VE 21 -28.35 -82.54 106.64
C ARG VE 21 -29.46 -81.57 106.27
N THR VE 22 -29.29 -80.31 106.69
CA THR VE 22 -30.41 -79.36 106.68
C THR VE 22 -30.51 -78.57 105.38
N VAL VE 23 -29.37 -78.18 104.80
CA VAL VE 23 -29.31 -77.24 103.69
C VAL VE 23 -29.75 -75.87 104.20
N LYS VE 24 -28.90 -74.87 104.03
CA LYS VE 24 -29.14 -73.53 104.57
C LYS VE 24 -28.93 -72.51 103.48
N GLU VE 25 -29.81 -71.51 103.42
CA GLU VE 25 -29.73 -70.48 102.40
C GLU VE 25 -28.54 -69.56 102.64
N LEU VE 26 -27.77 -69.30 101.60
CA LEU VE 26 -26.68 -68.32 101.68
C LEU VE 26 -27.10 -66.95 101.18
N VAL VE 27 -27.45 -66.86 99.89
CA VAL VE 27 -27.63 -65.59 99.20
C VAL VE 27 -28.74 -65.78 98.17
N ARG VE 28 -29.52 -64.73 97.98
CA ARG VE 28 -30.64 -64.76 97.05
C ARG VE 28 -30.35 -63.74 95.95
N ASN VE 29 -31.37 -63.47 95.13
CA ASN VE 29 -31.32 -62.53 94.01
C ASN VE 29 -30.58 -63.07 92.81
N ASN VE 30 -31.20 -62.96 91.64
CA ASN VE 30 -32.63 -62.69 91.54
C ASN VE 30 -33.18 -63.73 90.58
N SER VE 31 -34.23 -64.42 91.00
CA SER VE 31 -34.67 -65.65 90.34
C SER VE 31 -33.54 -66.70 90.37
N GLU VE 32 -32.77 -66.68 91.45
CA GLU VE 32 -31.73 -67.67 91.70
C GLU VE 32 -31.37 -67.73 93.18
N LEU VE 33 -31.65 -68.87 93.81
CA LEU VE 33 -31.28 -69.08 95.21
C LEU VE 33 -29.89 -69.72 95.30
N ASN VE 34 -29.22 -69.48 96.42
CA ASN VE 34 -27.94 -70.11 96.71
C ASN VE 34 -27.98 -70.63 98.14
N ALA VE 35 -27.67 -71.92 98.30
CA ALA VE 35 -27.74 -72.57 99.60
C ALA VE 35 -26.47 -73.38 99.80
N TYR VE 36 -26.39 -74.09 100.91
CA TYR VE 36 -25.28 -75.00 101.16
C TYR VE 36 -25.76 -76.08 102.11
N ILE VE 37 -25.23 -77.29 101.92
CA ILE VE 37 -25.58 -78.42 102.77
C ILE VE 37 -24.66 -78.39 103.98
N ASP VE 38 -25.23 -78.24 105.17
CA ASP VE 38 -24.46 -78.09 106.40
C ASP VE 38 -24.16 -79.46 107.00
N GLU VE 39 -22.91 -79.91 106.85
CA GLU VE 39 -22.45 -81.16 107.44
C GLU VE 39 -21.36 -80.90 108.46
N GLY VE 40 -21.29 -79.67 108.98
CA GLY VE 40 -20.23 -79.31 109.90
C GLY VE 40 -18.85 -79.33 109.27
N LEU VE 41 -18.73 -78.84 108.04
CA LEU VE 41 -17.46 -78.76 107.34
C LEU VE 41 -17.01 -77.31 107.25
N SER VE 42 -15.79 -77.11 106.78
CA SER VE 42 -15.22 -75.78 106.69
C SER VE 42 -15.83 -75.01 105.53
N PHE VE 43 -15.44 -73.73 105.42
CA PHE VE 43 -16.01 -72.85 104.41
C PHE VE 43 -15.59 -73.24 103.01
N GLN VE 44 -14.37 -73.75 102.83
CA GLN VE 44 -13.90 -74.14 101.51
C GLN VE 44 -14.29 -75.57 101.13
N ALA VE 45 -14.88 -76.33 102.06
CA ALA VE 45 -15.16 -77.74 101.84
C ALA VE 45 -16.65 -78.05 101.96
N ARG VE 46 -17.51 -77.03 101.87
CA ARG VE 46 -18.95 -77.24 102.00
C ARG VE 46 -19.58 -77.48 100.64
N LYS VE 47 -20.72 -78.16 100.65
CA LYS VE 47 -21.40 -78.62 99.44
C LYS VE 47 -21.84 -77.48 98.53
N GLU VE 48 -22.70 -76.58 99.03
CA GLU VE 48 -23.09 -75.38 98.30
C GLU VE 48 -23.85 -75.70 97.01
N VAL VE 49 -25.11 -76.12 97.14
CA VAL VE 49 -26.02 -76.33 96.02
C VAL VE 49 -26.66 -74.99 95.63
N ALA VE 50 -26.78 -74.74 94.33
CA ALA VE 50 -27.42 -73.53 93.82
C ALA VE 50 -28.69 -73.84 93.06
N PHE VE 51 -29.63 -72.90 93.09
CA PHE VE 51 -30.94 -73.04 92.46
C PHE VE 51 -31.19 -71.87 91.53
N SER VE 52 -31.53 -72.16 90.28
CA SER VE 52 -31.82 -71.13 89.29
C SER VE 52 -33.20 -71.36 88.71
N VAL VE 53 -33.77 -70.31 88.12
CA VAL VE 53 -35.13 -70.37 87.59
C VAL VE 53 -35.26 -69.43 86.40
N LYS VE 54 -35.92 -69.90 85.34
CA LYS VE 54 -36.23 -69.12 84.15
C LYS VE 54 -37.72 -69.21 83.91
N VAL VE 55 -38.43 -68.11 84.13
CA VAL VE 55 -39.89 -68.13 84.06
C VAL VE 55 -40.33 -68.27 82.61
N PRO VE 56 -41.51 -68.83 82.33
CA PRO VE 56 -41.97 -68.93 80.94
C PRO VE 56 -42.22 -67.56 80.35
N LYS VE 57 -41.56 -67.29 79.23
CA LYS VE 57 -41.67 -66.00 78.55
C LYS VE 57 -42.58 -66.17 77.34
N VAL VE 58 -43.57 -65.28 77.21
CA VAL VE 58 -44.56 -65.40 76.15
C VAL VE 58 -43.92 -65.02 74.82
N SER VE 59 -43.61 -66.02 74.00
CA SER VE 59 -43.10 -65.81 72.65
C SER VE 59 -44.26 -65.80 71.67
N VAL VE 60 -43.95 -65.90 70.38
CA VAL VE 60 -44.99 -65.96 69.35
C VAL VE 60 -44.86 -67.25 68.55
N SER VE 61 -43.65 -67.53 68.07
CA SER VE 61 -43.41 -68.68 67.21
C SER VE 61 -42.88 -69.86 68.03
N ALA VE 62 -43.74 -70.34 68.93
CA ALA VE 62 -43.40 -71.49 69.76
C ALA VE 62 -44.63 -72.35 69.96
N PRO VE 63 -44.46 -73.65 70.21
CA PRO VE 63 -45.61 -74.48 70.59
C PRO VE 63 -46.27 -73.94 71.86
N GLY VE 64 -47.59 -73.87 71.83
CA GLY VE 64 -48.33 -73.38 72.98
C GLY VE 64 -48.38 -71.87 73.04
N GLY VE 65 -47.31 -71.22 72.60
CA GLY VE 65 -47.24 -69.77 72.57
C GLY VE 65 -46.08 -69.19 73.35
N PHE VE 66 -45.78 -69.75 74.52
CA PHE VE 66 -44.73 -69.21 75.37
C PHE VE 66 -43.45 -70.02 75.21
N THR VE 67 -42.35 -69.48 75.72
CA THR VE 67 -41.13 -70.27 75.86
C THR VE 67 -41.26 -71.19 77.08
N GLN VE 68 -40.26 -72.05 77.25
CA GLN VE 68 -40.35 -73.11 78.24
C GLN VE 68 -39.99 -72.61 79.64
N ALA VE 69 -40.54 -73.31 80.63
CA ALA VE 69 -40.25 -73.04 82.04
C ALA VE 69 -38.98 -73.80 82.41
N ARG VE 70 -37.85 -73.08 82.44
CA ARG VE 70 -36.57 -73.69 82.75
C ARG VE 70 -36.28 -73.60 84.25
N SER VE 71 -35.73 -74.68 84.80
CA SER VE 71 -35.45 -74.75 86.23
C SER VE 71 -34.16 -75.54 86.41
N THR VE 72 -33.13 -74.88 86.91
CA THR VE 72 -31.79 -75.47 87.00
C THR VE 72 -31.36 -75.60 88.45
N VAL VE 73 -30.69 -76.71 88.75
CA VAL VE 73 -30.04 -76.96 90.03
C VAL VE 73 -28.61 -77.37 89.73
N ILE VE 74 -27.65 -76.77 90.43
CA ILE VE 74 -26.26 -77.18 90.37
C ILE VE 74 -25.78 -77.48 91.78
N LEU VE 75 -25.36 -78.71 92.01
CA LEU VE 75 -24.72 -79.10 93.26
C LEU VE 75 -23.21 -79.03 93.04
N LYS VE 76 -22.53 -78.24 93.86
CA LYS VE 76 -21.08 -78.17 93.81
C LYS VE 76 -20.49 -79.08 94.88
N SER VE 77 -19.22 -79.42 94.72
CA SER VE 77 -18.56 -80.36 95.62
C SER VE 77 -17.07 -80.08 95.63
N PRO VE 78 -16.55 -79.50 96.70
CA PRO VE 78 -15.12 -79.21 96.76
C PRO VE 78 -14.29 -80.49 96.77
N LYS VE 79 -13.09 -80.39 96.23
CA LYS VE 79 -12.12 -81.47 96.31
C LYS VE 79 -10.73 -80.89 96.18
N THR VE 80 -9.80 -81.38 97.01
CA THR VE 80 -8.41 -80.96 96.94
C THR VE 80 -7.59 -82.05 96.27
N LEU VE 81 -6.62 -81.64 95.45
CA LEU VE 81 -5.90 -82.57 94.59
C LEU VE 81 -4.57 -82.99 95.23
N ALA VE 82 -3.82 -83.82 94.49
CA ALA VE 82 -2.55 -84.34 94.97
C ALA VE 82 -1.43 -83.32 94.91
N ASN VE 83 -1.64 -82.17 94.26
CA ASN VE 83 -0.69 -81.08 94.25
C ASN VE 83 -1.06 -79.99 95.25
N GLY VE 84 -2.15 -80.16 96.00
CA GLY VE 84 -2.61 -79.17 96.93
C GLY VE 84 -3.58 -78.16 96.36
N ASN VE 85 -3.77 -78.16 95.04
CA ASN VE 85 -4.69 -77.23 94.41
C ASN VE 85 -6.14 -77.62 94.70
N ARG VE 86 -7.02 -76.62 94.63
CA ARG VE 86 -8.45 -76.78 94.94
C ARG VE 86 -9.24 -76.74 93.65
N THR VE 87 -10.16 -77.69 93.48
CA THR VE 87 -11.08 -77.71 92.36
C THR VE 87 -12.50 -78.03 92.85
N VAL VE 88 -13.46 -77.96 91.93
CA VAL VE 88 -14.86 -78.18 92.24
C VAL VE 88 -15.44 -79.20 91.26
N ASN VE 89 -16.19 -80.16 91.79
CA ASN VE 89 -16.98 -81.08 90.97
C ASN VE 89 -18.43 -80.64 91.03
N THR VE 90 -19.13 -80.74 89.91
CA THR VE 90 -20.49 -80.25 89.82
C THR VE 90 -21.44 -81.32 89.30
N VAL VE 91 -22.69 -81.22 89.74
CA VAL VE 91 -23.79 -81.96 89.13
C VAL VE 91 -24.84 -80.93 88.72
N SER VE 92 -25.10 -80.82 87.42
CA SER VE 92 -26.06 -79.84 86.93
C SER VE 92 -27.32 -80.54 86.43
N ILE VE 93 -28.47 -80.13 86.94
CA ILE VE 93 -29.76 -80.69 86.56
C ILE VE 93 -30.63 -79.55 86.05
N GLN VE 94 -31.06 -79.63 84.80
CA GLN VE 94 -31.95 -78.66 84.21
C GLN VE 94 -33.25 -79.34 83.78
N LEU VE 95 -34.37 -78.80 84.24
CA LEU VE 95 -35.69 -79.29 83.86
C LEU VE 95 -36.31 -78.21 82.98
N SER VE 96 -36.74 -78.62 81.79
CA SER VE 96 -37.29 -77.70 80.80
C SER VE 96 -38.61 -78.28 80.29
N VAL VE 97 -39.71 -77.78 80.83
CA VAL VE 97 -41.04 -78.21 80.42
C VAL VE 97 -41.78 -77.03 79.82
N ASP VE 98 -42.79 -77.32 79.00
CA ASP VE 98 -43.72 -76.31 78.53
C ASP VE 98 -44.68 -75.96 79.65
N PRO VE 99 -45.16 -74.71 79.69
CA PRO VE 99 -46.06 -74.30 80.77
C PRO VE 99 -47.34 -75.12 80.84
N GLU VE 100 -47.79 -75.69 79.73
CA GLU VE 100 -49.01 -76.50 79.68
C GLU VE 100 -48.83 -77.85 80.37
N THR VE 101 -47.60 -78.22 80.73
CA THR VE 101 -47.36 -79.50 81.38
C THR VE 101 -47.98 -79.53 82.77
N THR VE 102 -48.61 -80.65 83.09
CA THR VE 102 -49.21 -80.85 84.41
C THR VE 102 -48.15 -81.30 85.41
N ALA VE 103 -48.50 -81.18 86.69
CA ALA VE 103 -47.57 -81.58 87.75
C ALA VE 103 -47.28 -83.07 87.68
N ALA VE 104 -48.25 -83.87 87.25
CA ALA VE 104 -48.07 -85.32 87.21
C ALA VE 104 -47.09 -85.75 86.12
N GLU VE 105 -47.07 -85.05 84.98
CA GLU VE 105 -46.09 -85.37 83.96
C GLU VE 105 -44.68 -84.94 84.38
N VAL VE 106 -44.58 -83.86 85.15
CA VAL VE 106 -43.29 -83.44 85.66
C VAL VE 106 -42.78 -84.43 86.70
N THR VE 107 -43.70 -84.99 87.48
CA THR VE 107 -43.36 -85.97 88.51
C THR VE 107 -42.78 -87.22 87.87
N THR VE 108 -43.31 -87.63 86.72
CA THR VE 108 -42.79 -88.80 86.02
C THR VE 108 -41.38 -88.54 85.51
N MET VE 109 -41.15 -87.35 84.95
CA MET VE 109 -39.85 -87.02 84.38
C MET VE 109 -38.77 -87.01 85.46
N LEU VE 110 -39.07 -86.41 86.61
CA LEU VE 110 -38.08 -86.34 87.68
C LEU VE 110 -37.74 -87.73 88.21
N ASN VE 111 -38.75 -88.60 88.34
CA ASN VE 111 -38.50 -89.95 88.81
C ASN VE 111 -37.67 -90.74 87.80
N ALA VE 112 -37.97 -90.59 86.52
CA ALA VE 112 -37.17 -91.25 85.49
C ALA VE 112 -35.76 -90.71 85.47
N ALA VE 113 -35.61 -89.39 85.60
CA ALA VE 113 -34.28 -88.78 85.60
C ALA VE 113 -33.52 -89.11 86.86
N ALA VE 114 -34.19 -89.15 88.01
CA ALA VE 114 -33.52 -89.52 89.25
C ALA VE 114 -33.02 -90.95 89.21
N GLN VE 115 -33.76 -91.83 88.52
CA GLN VE 115 -33.35 -93.22 88.42
C GLN VE 115 -32.02 -93.35 87.68
N LEU VE 116 -31.82 -92.56 86.63
CA LEU VE 116 -30.53 -92.57 85.93
C LEU VE 116 -29.57 -91.64 86.67
N LEU VE 117 -29.54 -91.78 87.99
CA LEU VE 117 -28.53 -91.12 88.81
C LEU VE 117 -28.01 -92.10 89.85
N PHE VE 118 -28.86 -93.04 90.26
CA PHE VE 118 -28.52 -93.97 91.31
C PHE VE 118 -28.78 -95.43 90.97
N ASP VE 119 -29.44 -95.73 89.85
CA ASP VE 119 -29.64 -97.11 89.46
C ASP VE 119 -28.30 -97.79 89.18
N SER VE 120 -28.15 -99.01 89.69
CA SER VE 120 -26.86 -99.70 89.62
C SER VE 120 -26.44 -99.97 88.19
N ASP VE 121 -27.40 -100.00 87.26
CA ASP VE 121 -27.09 -100.24 85.86
C ASP VE 121 -26.22 -99.13 85.29
N TYR VE 122 -26.52 -97.89 85.66
CA TYR VE 122 -25.71 -96.77 85.20
C TYR VE 122 -24.67 -96.37 86.25
N SER VE 123 -23.74 -97.26 86.57
CA SER VE 123 -22.67 -96.92 87.50
C SER VE 123 -21.37 -96.74 86.73
N ASP VE 124 -21.09 -97.67 85.81
CA ASP VE 124 -19.91 -97.54 84.97
C ASP VE 124 -19.97 -96.30 84.10
N PHE VE 125 -21.17 -95.81 83.79
CA PHE VE 125 -21.31 -94.62 82.98
C PHE VE 125 -20.91 -93.34 83.71
N TRP VE 126 -21.21 -93.24 85.01
CA TRP VE 126 -20.86 -92.04 85.76
C TRP VE 126 -19.43 -92.10 86.28
N LYS VE 127 -19.05 -93.23 86.89
CA LYS VE 127 -17.73 -93.31 87.52
C LYS VE 127 -16.67 -93.74 86.51
N ALA VE 128 -16.84 -94.90 85.88
CA ALA VE 128 -15.88 -95.35 84.89
C ALA VE 128 -16.02 -94.58 83.57
N GLN VE 129 -17.07 -93.77 83.44
CA GLN VE 129 -17.36 -93.03 82.21
C GLN VE 129 -17.44 -93.97 81.01
N ALA VE 130 -18.04 -95.14 81.22
CA ALA VE 130 -18.13 -96.19 80.22
C ALA VE 130 -19.50 -96.15 79.55
N LEU VE 131 -19.52 -95.67 78.31
CA LEU VE 131 -20.76 -95.64 77.53
C LEU VE 131 -21.22 -97.04 77.18
N ALA VE 132 -20.35 -98.02 77.36
CA ALA VE 132 -20.58 -99.35 76.83
C ALA VE 132 -20.40 -100.45 77.85
N ALA WE 1 -43.53 -118.98 37.24
CA ALA WE 1 -42.85 -117.73 36.96
C ALA WE 1 -43.55 -116.55 37.64
N ILE WE 2 -43.23 -115.33 37.21
CA ILE WE 2 -43.78 -114.14 37.87
C ILE WE 2 -45.29 -114.08 37.71
N ALA WE 3 -45.79 -114.35 36.50
CA ALA WE 3 -47.22 -114.33 36.26
C ALA WE 3 -47.90 -115.47 37.00
N ASN WE 4 -48.95 -115.14 37.76
CA ASN WE 4 -49.73 -116.11 38.54
C ASN WE 4 -48.88 -116.80 39.60
N SER WE 5 -47.86 -116.10 40.08
CA SER WE 5 -47.05 -116.58 41.20
C SER WE 5 -47.81 -116.36 42.49
N SER WE 6 -47.70 -117.30 43.41
CA SER WE 6 -48.44 -117.22 44.67
C SER WE 6 -47.51 -116.87 45.82
N ILE WE 7 -47.91 -115.89 46.62
CA ILE WE 7 -47.19 -115.47 47.81
C ILE WE 7 -48.11 -115.62 49.01
N ALA WE 8 -47.62 -116.26 50.07
CA ALA WE 8 -48.41 -116.49 51.27
C ALA WE 8 -48.22 -115.29 52.21
N ILE WE 9 -49.24 -114.45 52.30
CA ILE WE 9 -49.18 -113.23 53.10
C ILE WE 9 -49.37 -113.57 54.56
N ASP WE 10 -48.63 -112.87 55.43
CA ASP WE 10 -48.68 -113.05 56.88
C ASP WE 10 -48.34 -114.50 57.25
N SER WE 11 -47.11 -114.87 56.90
CA SER WE 11 -46.65 -116.24 57.02
C SER WE 11 -45.33 -116.26 57.78
N THR WE 12 -45.11 -117.36 58.50
CA THR WE 12 -43.84 -117.53 59.20
C THR WE 12 -42.81 -118.14 58.25
N ALA WE 13 -41.63 -117.53 58.19
CA ALA WE 13 -40.55 -117.96 57.32
C ALA WE 13 -39.51 -118.68 58.16
N SER WE 14 -39.38 -119.99 57.95
CA SER WE 14 -38.36 -120.77 58.61
C SER WE 14 -37.13 -120.87 57.73
N VAL WE 15 -36.11 -121.58 58.23
CA VAL WE 15 -34.91 -121.85 57.45
C VAL WE 15 -34.21 -123.07 58.03
N THR WE 16 -33.88 -124.04 57.19
CA THR WE 16 -33.23 -125.29 57.63
C THR WE 16 -32.23 -125.71 56.57
N GLY WE 17 -31.00 -125.24 56.68
CA GLY WE 17 -29.94 -125.75 55.83
C GLY WE 17 -28.64 -126.05 56.55
N GLY WE 18 -28.52 -125.57 57.79
CA GLY WE 18 -27.28 -125.72 58.52
C GLY WE 18 -26.27 -124.65 58.16
N THR WE 19 -25.01 -124.88 58.50
CA THR WE 19 -23.92 -123.93 58.25
C THR WE 19 -24.21 -122.59 58.91
N ALA WE 20 -24.33 -122.63 60.24
CA ALA WE 20 -24.68 -121.44 61.01
C ALA WE 20 -23.48 -120.53 61.20
N ARG WE 21 -23.36 -119.53 60.33
CA ARG WE 21 -22.26 -118.58 60.41
C ARG WE 21 -22.56 -117.50 61.45
N THR WE 22 -21.65 -116.56 61.58
CA THR WE 22 -21.75 -115.50 62.58
C THR WE 22 -21.42 -114.17 61.93
N VAL WE 23 -22.31 -113.20 62.10
CA VAL WE 23 -22.08 -111.84 61.63
C VAL WE 23 -21.24 -111.11 62.66
N LYS WE 24 -20.03 -110.71 62.29
CA LYS WE 24 -19.15 -109.96 63.16
C LYS WE 24 -19.00 -108.54 62.62
N GLU WE 25 -19.19 -107.56 63.48
CA GLU WE 25 -19.12 -106.18 63.04
C GLU WE 25 -17.67 -105.75 62.86
N LEU WE 26 -17.46 -104.82 61.92
CA LEU WE 26 -16.13 -104.31 61.63
C LEU WE 26 -15.99 -102.87 62.08
N VAL WE 27 -16.81 -101.95 61.57
CA VAL WE 27 -16.73 -100.53 61.89
C VAL WE 27 -18.15 -99.99 62.03
N ARG WE 28 -18.25 -98.70 62.32
CA ARG WE 28 -19.55 -98.06 62.46
C ARG WE 28 -19.74 -96.84 61.56
N ASN WE 29 -18.68 -96.07 61.31
CA ASN WE 29 -18.73 -94.72 60.75
C ASN WE 29 -20.06 -94.00 60.99
N ASN WE 30 -20.54 -93.28 59.98
CA ASN WE 30 -21.63 -92.32 60.17
C ASN WE 30 -22.97 -93.02 60.07
N SER WE 31 -23.57 -93.33 61.23
CA SER WE 31 -24.91 -93.92 61.31
C SER WE 31 -25.03 -95.15 60.42
N GLU WE 32 -23.97 -95.96 60.43
CA GLU WE 32 -23.89 -97.16 59.60
C GLU WE 32 -23.38 -98.29 60.49
N LEU WE 33 -23.29 -99.48 59.91
CA LEU WE 33 -22.72 -100.62 60.61
C LEU WE 33 -22.20 -101.62 59.61
N ASN WE 34 -20.88 -101.63 59.39
CA ASN WE 34 -20.29 -102.55 58.45
C ASN WE 34 -19.85 -103.81 59.18
N ALA WE 35 -20.40 -104.94 58.77
CA ALA WE 35 -20.07 -106.23 59.35
C ALA WE 35 -19.58 -107.18 58.26
N TYR WE 36 -19.33 -108.42 58.64
CA TYR WE 36 -18.90 -109.43 57.69
C TYR WE 36 -19.29 -110.80 58.24
N ILE WE 37 -19.48 -111.76 57.35
CA ILE WE 37 -19.89 -113.10 57.74
C ILE WE 37 -18.64 -113.95 57.93
N ASP WE 38 -18.50 -114.54 59.12
CA ASP WE 38 -17.33 -115.34 59.47
C ASP WE 38 -17.50 -116.74 58.91
N GLU WE 39 -16.81 -116.99 57.80
CA GLU WE 39 -16.83 -118.30 57.17
C GLU WE 39 -15.45 -118.86 56.89
N GLY WE 40 -14.39 -118.20 57.35
CA GLY WE 40 -13.05 -118.66 57.18
C GLY WE 40 -12.42 -118.38 55.83
N LEU WE 41 -13.01 -117.52 55.02
CA LEU WE 41 -12.44 -117.18 53.73
C LEU WE 41 -11.29 -116.18 53.91
N SER WE 42 -10.75 -115.72 52.80
CA SER WE 42 -9.67 -114.75 52.85
C SER WE 42 -10.17 -113.40 53.33
N PHE WE 43 -9.22 -112.50 53.61
CA PHE WE 43 -9.57 -111.18 54.11
C PHE WE 43 -10.35 -110.38 53.07
N GLN WE 44 -9.90 -110.41 51.82
CA GLN WE 44 -10.58 -109.70 50.74
C GLN WE 44 -11.42 -110.64 49.87
N ALA WE 45 -11.85 -111.77 50.46
CA ALA WE 45 -12.81 -112.63 49.79
C ALA WE 45 -14.00 -112.97 50.69
N ARG WE 46 -14.15 -112.29 51.82
CA ARG WE 46 -15.24 -112.54 52.76
C ARG WE 46 -16.48 -111.76 52.34
N LYS WE 47 -17.64 -112.18 52.85
CA LYS WE 47 -18.89 -111.48 52.55
C LYS WE 47 -19.13 -110.43 53.61
N GLU WE 48 -19.13 -109.16 53.20
CA GLU WE 48 -19.38 -108.03 54.09
C GLU WE 48 -20.81 -107.56 53.86
N VAL WE 49 -21.60 -107.50 54.94
CA VAL WE 49 -22.94 -106.94 54.86
C VAL WE 49 -23.00 -105.65 55.65
N ALA WE 50 -23.45 -104.58 55.00
CA ALA WE 50 -23.50 -103.25 55.60
C ALA WE 50 -24.93 -102.89 55.98
N PHE WE 51 -25.07 -102.21 57.13
CA PHE WE 51 -26.35 -101.76 57.64
C PHE WE 51 -26.34 -100.24 57.76
N SER WE 52 -27.50 -99.63 57.62
CA SER WE 52 -27.61 -98.18 57.72
C SER WE 52 -29.03 -97.78 58.08
N VAL WE 53 -29.17 -96.64 58.76
CA VAL WE 53 -30.47 -96.09 59.13
C VAL WE 53 -30.51 -94.62 58.75
N LYS WE 54 -31.72 -94.12 58.46
CA LYS WE 54 -31.94 -92.75 58.03
C LYS WE 54 -33.17 -92.19 58.76
N VAL WE 55 -33.15 -92.25 60.08
CA VAL WE 55 -34.25 -91.91 60.98
C VAL WE 55 -35.01 -90.67 60.53
N PRO WE 56 -36.32 -90.62 60.72
CA PRO WE 56 -37.14 -89.54 60.14
C PRO WE 56 -36.77 -88.17 60.69
N LYS WE 57 -37.00 -87.16 59.85
CA LYS WE 57 -36.67 -85.78 60.16
C LYS WE 57 -37.92 -84.93 59.98
N VAL WE 58 -38.29 -84.16 61.00
CA VAL WE 58 -39.54 -83.41 61.00
C VAL WE 58 -39.50 -82.37 59.89
N SER WE 59 -40.38 -82.53 58.90
CA SER WE 59 -40.50 -81.63 57.78
C SER WE 59 -41.82 -80.85 57.87
N VAL WE 60 -42.09 -80.00 56.89
CA VAL WE 60 -43.38 -79.34 56.75
C VAL WE 60 -44.19 -79.95 55.62
N SER WE 61 -43.52 -80.49 54.62
CA SER WE 61 -44.06 -81.33 53.56
C SER WE 61 -44.25 -82.74 54.12
N ALA WE 62 -44.27 -83.75 53.25
CA ALA WE 62 -44.42 -85.14 53.68
C ALA WE 62 -45.80 -85.36 54.29
N PRO WE 63 -46.83 -85.58 53.45
CA PRO WE 63 -48.21 -85.54 53.93
C PRO WE 63 -48.51 -86.64 54.92
N GLY WE 64 -48.26 -86.32 56.19
CA GLY WE 64 -48.15 -87.25 57.28
C GLY WE 64 -47.18 -86.69 58.30
N GLY WE 65 -46.47 -85.63 57.91
CA GLY WE 65 -45.72 -84.82 58.84
C GLY WE 65 -44.22 -84.78 58.64
N PHE WE 66 -43.61 -85.93 58.38
CA PHE WE 66 -42.17 -86.02 58.23
C PHE WE 66 -41.78 -87.24 57.40
N THR WE 67 -40.52 -87.23 56.96
CA THR WE 67 -40.00 -88.22 56.03
C THR WE 67 -40.05 -89.63 56.62
N GLN WE 68 -39.92 -90.61 55.74
CA GLN WE 68 -40.02 -92.01 56.12
C GLN WE 68 -38.74 -92.47 56.81
N ALA WE 69 -38.80 -93.68 57.38
CA ALA WE 69 -37.68 -94.30 58.05
C ALA WE 69 -37.13 -95.43 57.18
N ARG WE 70 -36.17 -95.09 56.32
CA ARG WE 70 -35.54 -96.07 55.45
C ARG WE 70 -34.44 -96.83 56.18
N SER WE 71 -34.38 -98.14 55.93
CA SER WE 71 -33.33 -99.00 56.51
C SER WE 71 -32.73 -99.79 55.36
N THR WE 72 -31.41 -99.72 55.22
CA THR WE 72 -30.74 -100.37 54.10
C THR WE 72 -29.84 -101.50 54.57
N VAL WE 73 -29.77 -102.54 53.73
CA VAL WE 73 -28.86 -103.67 53.94
C VAL WE 73 -28.23 -104.04 52.61
N ILE WE 74 -26.93 -103.85 52.48
CA ILE WE 74 -26.20 -104.27 51.29
C ILE WE 74 -25.31 -105.45 51.64
N LEU WE 75 -25.49 -106.55 50.93
CA LEU WE 75 -24.70 -107.77 51.13
C LEU WE 75 -23.73 -107.86 49.95
N LYS WE 76 -22.44 -107.78 50.25
CA LYS WE 76 -21.42 -107.82 49.21
C LYS WE 76 -20.74 -109.18 49.22
N SER WE 77 -20.88 -109.92 48.12
CA SER WE 77 -20.26 -111.23 47.97
C SER WE 77 -19.22 -111.17 46.86
N PRO WE 78 -17.93 -111.15 47.19
CA PRO WE 78 -16.91 -111.00 46.15
C PRO WE 78 -16.81 -112.25 45.29
N LYS WE 79 -16.32 -112.06 44.06
CA LYS WE 79 -16.19 -113.15 43.10
C LYS WE 79 -14.90 -112.99 42.31
N THR WE 80 -14.19 -114.10 42.11
CA THR WE 80 -13.02 -114.15 41.24
C THR WE 80 -13.46 -114.68 39.88
N LEU WE 81 -13.25 -113.88 38.84
CA LEU WE 81 -13.67 -114.27 37.50
C LEU WE 81 -12.66 -115.20 36.85
N ALA WE 82 -13.07 -115.82 35.74
CA ALA WE 82 -12.16 -116.67 34.99
C ALA WE 82 -11.01 -115.88 34.40
N ASN WE 83 -11.29 -114.67 33.91
CA ASN WE 83 -10.23 -113.80 33.39
C ASN WE 83 -9.17 -113.51 34.45
N GLY WE 84 -9.53 -113.57 35.72
CA GLY WE 84 -8.55 -113.44 36.78
C GLY WE 84 -8.82 -112.30 37.73
N ASN WE 85 -9.48 -111.25 37.24
CA ASN WE 85 -9.77 -110.10 38.08
C ASN WE 85 -10.88 -110.44 39.08
N ARG WE 86 -11.22 -109.46 39.90
CA ARG WE 86 -12.16 -109.62 40.99
C ARG WE 86 -13.31 -108.64 40.83
N THR WE 87 -14.49 -109.07 41.27
CA THR WE 87 -15.70 -108.25 41.20
C THR WE 87 -16.54 -108.61 42.42
N VAL WE 88 -17.49 -107.74 42.75
CA VAL WE 88 -18.36 -107.94 43.90
C VAL WE 88 -19.80 -108.05 43.41
N ASN WE 89 -20.51 -109.05 43.90
CA ASN WE 89 -21.92 -109.27 43.60
C ASN WE 89 -22.72 -108.81 44.82
N THR WE 90 -23.57 -107.82 44.61
CA THR WE 90 -24.24 -107.15 45.73
C THR WE 90 -25.73 -107.45 45.76
N VAL WE 91 -26.31 -107.38 46.96
CA VAL WE 91 -27.75 -107.47 47.16
C VAL WE 91 -28.18 -106.36 48.11
N SER WE 92 -28.75 -105.29 47.57
CA SER WE 92 -29.21 -104.20 48.42
C SER WE 92 -30.70 -104.32 48.71
N ILE WE 93 -31.08 -103.92 49.92
CA ILE WE 93 -32.47 -103.98 50.37
C ILE WE 93 -32.79 -102.72 51.15
N GLN WE 94 -33.90 -102.06 50.82
CA GLN WE 94 -34.31 -100.84 51.48
C GLN WE 94 -35.75 -100.95 51.97
N LEU WE 95 -36.06 -100.23 53.05
CA LEU WE 95 -37.35 -100.34 53.74
C LEU WE 95 -37.91 -98.94 54.05
N SER WE 96 -38.03 -98.12 53.01
CA SER WE 96 -38.61 -96.79 53.17
C SER WE 96 -40.07 -96.93 53.57
N VAL WE 97 -40.33 -96.82 54.87
CA VAL WE 97 -41.68 -96.88 55.42
C VAL WE 97 -41.95 -95.61 56.23
N ASP WE 98 -43.19 -95.15 56.15
CA ASP WE 98 -43.58 -93.96 56.88
C ASP WE 98 -43.52 -94.23 58.38
N PRO WE 99 -42.98 -93.30 59.18
CA PRO WE 99 -42.71 -93.59 60.60
C PRO WE 99 -43.94 -93.92 61.43
N GLU WE 100 -45.14 -93.62 60.95
CA GLU WE 100 -46.36 -93.95 61.65
C GLU WE 100 -46.72 -95.43 61.51
N THR WE 101 -45.98 -96.18 60.71
CA THR WE 101 -46.34 -97.56 60.40
C THR WE 101 -46.15 -98.46 61.61
N THR WE 102 -47.15 -99.30 61.86
CA THR WE 102 -47.08 -100.26 62.95
C THR WE 102 -46.09 -101.37 62.61
N ALA WE 103 -45.63 -102.05 63.66
CA ALA WE 103 -44.67 -103.15 63.48
C ALA WE 103 -45.32 -104.39 62.90
N ALA WE 104 -46.65 -104.50 62.94
CA ALA WE 104 -47.31 -105.65 62.35
C ALA WE 104 -47.24 -105.60 60.83
N GLU WE 105 -47.47 -104.41 60.25
CA GLU WE 105 -47.38 -104.27 58.80
C GLU WE 105 -45.95 -104.42 58.31
N VAL WE 106 -44.98 -103.89 59.06
CA VAL WE 106 -43.58 -104.03 58.70
C VAL WE 106 -43.20 -105.51 58.65
N THR WE 107 -43.65 -106.29 59.63
CA THR WE 107 -43.43 -107.73 59.59
C THR WE 107 -44.10 -108.36 58.39
N THR WE 108 -45.32 -107.90 58.08
CA THR WE 108 -46.01 -108.39 56.88
C THR WE 108 -45.23 -108.04 55.62
N MET WE 109 -44.73 -106.80 55.54
CA MET WE 109 -43.96 -106.36 54.39
C MET WE 109 -42.66 -107.14 54.26
N LEU WE 110 -41.95 -107.35 55.38
CA LEU WE 110 -40.67 -108.03 55.33
C LEU WE 110 -40.85 -109.49 54.94
N ASN WE 111 -41.92 -110.13 55.42
CA ASN WE 111 -42.17 -111.52 55.06
C ASN WE 111 -42.54 -111.65 53.59
N ALA WE 112 -43.41 -110.75 53.11
CA ALA WE 112 -43.78 -110.78 51.70
C ALA WE 112 -42.58 -110.51 50.80
N ALA WE 113 -41.76 -109.51 51.15
CA ALA WE 113 -40.53 -109.23 50.43
C ALA WE 113 -39.53 -110.38 50.51
N ALA WE 114 -39.35 -110.97 51.69
CA ALA WE 114 -38.46 -112.11 51.82
C ALA WE 114 -39.08 -113.39 51.29
N GLN WE 115 -40.39 -113.40 51.03
CA GLN WE 115 -41.00 -114.53 50.35
C GLN WE 115 -40.57 -114.61 48.90
N LEU WE 116 -40.34 -113.46 48.27
CA LEU WE 116 -39.53 -113.39 47.07
C LEU WE 116 -38.10 -113.75 47.45
N LEU WE 117 -37.24 -113.90 46.44
CA LEU WE 117 -35.81 -114.20 46.62
C LEU WE 117 -35.56 -115.65 47.02
N PHE WE 118 -36.61 -116.40 47.39
CA PHE WE 118 -36.38 -117.83 47.64
C PHE WE 118 -37.53 -118.67 47.09
N ASP WE 119 -38.61 -118.02 46.70
CA ASP WE 119 -39.71 -118.73 46.06
C ASP WE 119 -39.27 -119.26 44.70
N SER WE 120 -39.77 -120.43 44.35
CA SER WE 120 -39.37 -121.08 43.10
C SER WE 120 -39.84 -120.32 41.87
N ASP WE 121 -40.93 -119.56 41.97
CA ASP WE 121 -41.47 -118.86 40.80
C ASP WE 121 -40.47 -117.83 40.28
N TYR WE 122 -39.77 -117.15 41.18
CA TYR WE 122 -38.89 -116.05 40.81
C TYR WE 122 -37.45 -116.50 40.59
N SER WE 123 -37.18 -117.80 40.64
CA SER WE 123 -35.84 -118.33 40.39
C SER WE 123 -35.28 -117.86 39.04
N ASP WE 124 -36.10 -117.97 37.99
CA ASP WE 124 -35.63 -117.59 36.66
C ASP WE 124 -35.47 -116.08 36.54
N PHE WE 125 -36.30 -115.32 37.25
CA PHE WE 125 -36.19 -113.87 37.24
C PHE WE 125 -34.88 -113.42 37.88
N TRP WE 126 -34.56 -113.96 39.04
CA TRP WE 126 -33.33 -113.58 39.72
C TRP WE 126 -32.09 -114.09 39.01
N LYS WE 127 -32.16 -115.27 38.38
CA LYS WE 127 -30.98 -115.90 37.79
C LYS WE 127 -30.83 -115.53 36.32
N ALA WE 128 -31.84 -115.77 35.48
CA ALA WE 128 -31.75 -115.51 34.05
C ALA WE 128 -32.38 -114.19 33.64
N GLN WE 129 -32.91 -113.40 34.57
CA GLN WE 129 -33.59 -112.15 34.27
C GLN WE 129 -34.81 -112.39 33.37
N ALA WE 130 -35.46 -113.53 33.57
CA ALA WE 130 -36.65 -113.90 32.80
C ALA WE 130 -37.85 -113.16 33.38
N LEU WE 131 -38.02 -111.92 32.93
CA LEU WE 131 -39.18 -111.12 33.31
C LEU WE 131 -40.45 -111.81 32.85
N ALA WE 132 -40.59 -111.97 31.54
CA ALA WE 132 -41.72 -112.70 30.98
C ALA WE 132 -41.43 -114.19 31.04
N ALA XE 1 -114.03 31.21 54.53
CA ALA XE 1 -115.03 30.87 55.53
C ALA XE 1 -114.84 29.42 55.99
N ILE XE 2 -113.64 28.89 55.72
CA ILE XE 2 -113.21 27.64 56.32
C ILE XE 2 -112.59 27.96 57.67
N ALA XE 3 -113.42 28.05 58.69
CA ALA XE 3 -112.98 28.45 60.02
C ALA XE 3 -113.96 27.92 61.04
N ASN XE 4 -114.92 28.73 61.44
CA ASN XE 4 -116.03 28.21 62.22
C ASN XE 4 -117.23 27.98 61.30
N SER XE 5 -117.08 27.06 60.36
CA SER XE 5 -118.15 26.70 59.43
C SER XE 5 -119.15 25.77 60.11
N SER XE 6 -119.99 25.10 59.31
CA SER XE 6 -120.91 24.12 59.86
C SER XE 6 -121.19 23.07 58.80
N ILE XE 7 -121.28 21.81 59.24
CA ILE XE 7 -121.55 20.69 58.34
C ILE XE 7 -122.33 19.64 59.12
N ALA XE 8 -123.38 19.11 58.50
CA ALA XE 8 -124.21 18.09 59.14
C ALA XE 8 -123.60 16.71 58.89
N ILE XE 9 -123.37 15.97 59.95
CA ILE XE 9 -122.76 14.65 59.88
C ILE XE 9 -123.83 13.59 60.07
N ASP XE 10 -123.81 12.57 59.22
CA ASP XE 10 -124.82 11.51 59.20
C ASP XE 10 -126.20 12.08 58.90
N SER XE 11 -126.31 12.71 57.74
CA SER XE 11 -127.53 13.39 57.32
C SER XE 11 -127.88 13.01 55.89
N THR XE 12 -129.15 13.24 55.53
CA THR XE 12 -129.64 12.94 54.20
C THR XE 12 -129.58 14.18 53.33
N ALA XE 13 -128.99 14.03 52.14
CA ALA XE 13 -128.87 15.12 51.18
C ALA XE 13 -129.87 14.92 50.05
N SER XE 14 -130.42 16.03 49.58
CA SER XE 14 -131.46 16.01 48.55
C SER XE 14 -131.19 17.10 47.52
N VAL XE 15 -131.88 17.01 46.40
CA VAL XE 15 -131.73 17.94 45.29
C VAL XE 15 -133.12 18.37 44.83
N THR XE 16 -133.31 19.67 44.64
CA THR XE 16 -134.56 20.22 44.14
C THR XE 16 -134.29 21.05 42.90
N GLY XE 17 -135.26 21.03 41.98
CA GLY XE 17 -135.15 21.84 40.78
C GLY XE 17 -134.16 21.26 39.77
N GLY XE 18 -133.63 22.14 38.92
CA GLY XE 18 -132.73 21.71 37.87
C GLY XE 18 -133.45 20.99 36.76
N THR XE 19 -132.66 20.42 35.86
CA THR XE 19 -133.18 19.70 34.69
C THR XE 19 -132.57 18.30 34.71
N ALA XE 20 -133.38 17.29 34.98
CA ALA XE 20 -132.92 15.91 35.03
C ALA XE 20 -132.34 15.47 33.68
N ARG XE 21 -131.04 15.24 33.64
CA ARG XE 21 -130.37 14.74 32.45
C ARG XE 21 -130.23 13.22 32.58
N THR XE 22 -129.45 12.62 31.69
CA THR XE 22 -129.25 11.17 31.71
C THR XE 22 -127.79 10.87 31.45
N VAL XE 23 -127.22 9.94 32.20
CA VAL XE 23 -125.82 9.54 32.04
C VAL XE 23 -125.82 8.38 31.06
N LYS XE 24 -125.35 8.64 29.84
CA LYS XE 24 -125.31 7.61 28.82
C LYS XE 24 -123.94 6.96 28.76
N GLU XE 25 -123.92 5.64 28.78
CA GLU XE 25 -122.68 4.88 28.83
C GLU XE 25 -122.06 4.77 27.43
N LEU XE 26 -120.74 4.89 27.37
CA LEU XE 26 -120.04 4.88 26.09
C LEU XE 26 -119.20 3.63 26.01
N VAL XE 27 -118.24 3.43 26.93
CA VAL XE 27 -117.36 2.27 26.93
C VAL XE 27 -117.10 1.88 28.37
N ARG XE 28 -117.10 0.58 28.64
CA ARG XE 28 -116.64 0.05 29.92
C ARG XE 28 -115.47 -0.90 29.61
N ASN XE 29 -114.29 -0.56 30.11
CA ASN XE 29 -113.09 -1.34 29.84
C ASN XE 29 -112.02 -0.99 30.85
N ASN XE 30 -111.12 -1.94 31.08
CA ASN XE 30 -109.90 -1.70 31.88
C ASN XE 30 -110.25 -1.12 33.25
N SER XE 31 -111.32 -1.62 33.86
CA SER XE 31 -111.82 -1.13 35.14
C SER XE 31 -112.28 0.33 35.06
N GLU XE 32 -112.57 0.80 33.85
CA GLU XE 32 -113.00 2.16 33.60
C GLU XE 32 -114.36 2.13 32.94
N LEU XE 33 -115.22 3.11 33.25
CA LEU XE 33 -116.52 3.25 32.61
C LEU XE 33 -116.63 4.70 32.10
N ASN XE 34 -116.37 4.87 30.81
CA ASN XE 34 -116.54 6.18 30.19
C ASN XE 34 -118.00 6.40 29.84
N ALA XE 35 -118.51 7.59 30.16
CA ALA XE 35 -119.90 7.93 29.93
C ALA XE 35 -120.00 9.42 29.65
N TYR XE 36 -121.20 9.90 29.41
CA TYR XE 36 -121.42 11.31 29.13
C TYR XE 36 -122.83 11.69 29.57
N ILE XE 37 -122.98 12.93 29.99
CA ILE XE 37 -124.28 13.47 30.39
C ILE XE 37 -124.97 14.02 29.14
N ASP XE 38 -126.22 13.67 28.95
CA ASP XE 38 -126.98 14.04 27.76
C ASP XE 38 -127.77 15.30 28.06
N GLU XE 39 -127.28 16.43 27.57
CA GLU XE 39 -127.99 17.71 27.68
C GLU XE 39 -128.40 18.25 26.32
N GLY XE 40 -128.32 17.45 25.26
CA GLY XE 40 -128.61 17.92 23.93
C GLY XE 40 -127.60 18.96 23.46
N LEU XE 41 -126.33 18.68 23.69
CA LEU XE 41 -125.24 19.56 23.29
C LEU XE 41 -124.43 18.89 22.17
N SER XE 42 -123.46 19.61 21.63
CA SER XE 42 -122.61 19.09 20.58
C SER XE 42 -121.55 18.17 21.19
N PHE XE 43 -120.87 17.41 20.33
CA PHE XE 43 -119.83 16.50 20.80
C PHE XE 43 -118.66 17.23 21.43
N GLN XE 44 -118.27 18.37 20.88
CA GLN XE 44 -117.16 19.15 21.42
C GLN XE 44 -117.47 19.77 22.78
N ALA XE 45 -118.74 19.90 23.14
CA ALA XE 45 -119.10 20.41 24.45
C ALA XE 45 -120.10 19.41 25.06
N ARG XE 46 -119.57 18.37 25.68
CA ARG XE 46 -120.36 17.35 26.35
C ARG XE 46 -120.10 17.46 27.86
N LYS XE 47 -120.56 16.52 28.68
CA LYS XE 47 -120.24 16.52 30.11
C LYS XE 47 -119.73 15.13 30.48
N GLU XE 48 -118.74 14.64 29.74
CA GLU XE 48 -118.22 13.30 29.95
C GLU XE 48 -117.78 13.10 31.40
N VAL XE 49 -118.19 11.97 31.97
CA VAL XE 49 -117.81 11.59 33.32
C VAL XE 49 -117.26 10.17 33.28
N ALA XE 50 -116.11 9.96 33.90
CA ALA XE 50 -115.42 8.67 33.88
C ALA XE 50 -115.43 8.04 35.25
N PHE XE 51 -115.89 6.79 35.32
CA PHE XE 51 -115.94 6.01 36.55
C PHE XE 51 -114.88 4.92 36.49
N SER XE 52 -114.02 4.88 37.49
CA SER XE 52 -112.97 3.87 37.56
C SER XE 52 -112.93 3.25 38.93
N VAL XE 53 -112.52 1.98 38.98
CA VAL XE 53 -112.47 1.22 40.22
C VAL XE 53 -111.12 0.52 40.31
N LYS XE 54 -110.54 0.56 41.52
CA LYS XE 54 -109.24 -0.05 41.82
C LYS XE 54 -109.42 -0.99 43.01
N VAL XE 55 -109.56 -2.29 42.72
CA VAL XE 55 -109.87 -3.29 43.74
C VAL XE 55 -108.66 -3.55 44.62
N PRO XE 56 -108.85 -3.92 45.89
CA PRO XE 56 -107.70 -4.16 46.77
C PRO XE 56 -106.96 -5.44 46.42
N LYS XE 57 -105.67 -5.45 46.73
CA LYS XE 57 -104.83 -6.61 46.54
C LYS XE 57 -104.14 -6.97 47.86
N VAL XE 58 -103.79 -8.24 48.00
CA VAL XE 58 -103.15 -8.71 49.23
C VAL XE 58 -101.75 -8.09 49.35
N SER XE 59 -101.37 -7.73 50.57
CA SER XE 59 -100.08 -7.11 50.83
C SER XE 59 -99.51 -7.67 52.12
N VAL XE 60 -98.29 -7.23 52.45
CA VAL XE 60 -97.69 -7.54 53.73
C VAL XE 60 -97.64 -6.33 54.65
N SER XE 61 -97.42 -5.14 54.11
CA SER XE 61 -97.61 -3.87 54.77
C SER XE 61 -99.11 -3.55 54.75
N ALA XE 62 -99.46 -2.25 54.92
CA ALA XE 62 -100.85 -1.86 54.84
C ALA XE 62 -101.64 -2.51 55.97
N PRO XE 63 -101.63 -1.92 57.17
CA PRO XE 63 -101.91 -2.67 58.39
C PRO XE 63 -103.32 -3.22 58.46
N GLY XE 64 -103.48 -4.43 57.93
CA GLY XE 64 -104.76 -5.05 57.69
C GLY XE 64 -104.68 -5.96 56.48
N GLY XE 65 -103.56 -5.93 55.78
CA GLY XE 65 -103.25 -6.98 54.83
C GLY XE 65 -103.45 -6.60 53.38
N PHE XE 66 -104.34 -5.65 53.11
CA PHE XE 66 -104.65 -5.28 51.74
C PHE XE 66 -104.56 -3.78 51.54
N THR XE 67 -104.30 -3.41 50.29
CA THR XE 67 -104.35 -2.01 49.90
C THR XE 67 -105.78 -1.51 49.94
N GLN XE 68 -105.94 -0.19 49.92
CA GLN XE 68 -107.26 0.39 50.00
C GLN XE 68 -108.02 0.22 48.68
N ALA XE 69 -109.35 0.24 48.78
CA ALA XE 69 -110.20 0.13 47.60
C ALA XE 69 -110.54 1.54 47.12
N ARG XE 70 -110.00 1.91 45.97
CA ARG XE 70 -110.19 3.25 45.42
C ARG XE 70 -111.30 3.27 44.38
N SER XE 71 -112.12 4.31 44.43
CA SER XE 71 -113.20 4.55 43.46
C SER XE 71 -113.06 6.01 43.03
N THR XE 72 -112.86 6.23 41.74
CA THR XE 72 -112.60 7.57 41.23
C THR XE 72 -113.64 7.97 40.20
N VAL XE 73 -114.11 9.21 40.32
CA VAL XE 73 -115.03 9.80 39.35
C VAL XE 73 -114.46 11.13 38.87
N ILE XE 74 -114.25 11.25 37.56
CA ILE XE 74 -113.83 12.52 36.98
C ILE XE 74 -114.93 13.03 36.06
N LEU XE 75 -115.38 14.25 36.31
CA LEU XE 75 -116.38 14.93 35.49
C LEU XE 75 -115.66 15.98 34.65
N LYS XE 76 -115.84 15.91 33.33
CA LYS XE 76 -115.18 16.84 32.43
C LYS XE 76 -116.17 17.85 31.88
N SER XE 77 -115.78 19.12 31.91
CA SER XE 77 -116.61 20.21 31.42
C SER XE 77 -115.83 21.04 30.42
N PRO XE 78 -116.06 20.84 29.12
CA PRO XE 78 -115.41 21.70 28.12
C PRO XE 78 -115.86 23.15 28.22
N LYS XE 79 -114.91 24.07 28.33
CA LYS XE 79 -115.18 25.49 28.32
C LYS XE 79 -114.54 26.11 27.08
N THR XE 80 -115.26 27.06 26.47
CA THR XE 80 -114.77 27.77 25.30
C THR XE 80 -114.36 29.18 25.72
N LEU XE 81 -113.12 29.53 25.41
CA LEU XE 81 -112.52 30.76 25.92
C LEU XE 81 -112.84 31.94 25.00
N ALA XE 82 -112.40 33.13 25.41
CA ALA XE 82 -112.64 34.33 24.62
C ALA XE 82 -111.92 34.25 23.28
N ASN XE 83 -110.67 33.80 23.29
CA ASN XE 83 -109.92 33.65 22.04
C ASN XE 83 -110.55 32.59 21.14
N GLY XE 84 -111.06 31.51 21.74
CA GLY XE 84 -111.72 30.49 20.97
C GLY XE 84 -111.13 29.11 21.17
N ASN XE 85 -110.04 29.04 21.93
CA ASN XE 85 -109.45 27.75 22.27
C ASN XE 85 -110.34 27.00 23.23
N ARG XE 86 -110.25 25.67 23.18
CA ARG XE 86 -111.07 24.80 24.02
C ARG XE 86 -110.27 24.28 25.20
N THR XE 87 -110.84 24.42 26.40
CA THR XE 87 -110.26 23.87 27.61
C THR XE 87 -111.33 23.06 28.33
N VAL XE 88 -110.88 22.07 29.10
CA VAL XE 88 -111.78 21.19 29.85
C VAL XE 88 -111.56 21.45 31.34
N ASN XE 89 -112.65 21.78 32.04
CA ASN XE 89 -112.64 21.94 33.49
C ASN XE 89 -113.08 20.61 34.10
N THR XE 90 -112.28 20.10 35.03
CA THR XE 90 -112.52 18.78 35.59
C THR XE 90 -112.75 18.85 37.10
N VAL XE 91 -113.57 17.93 37.60
CA VAL XE 91 -113.70 17.68 39.02
C VAL XE 91 -113.40 16.22 39.29
N SER XE 92 -112.40 15.95 40.11
CA SER XE 92 -112.07 14.57 40.48
C SER XE 92 -112.54 14.27 41.88
N ILE XE 93 -113.11 13.08 42.06
CA ILE XE 93 -113.58 12.61 43.36
C ILE XE 93 -113.02 11.21 43.54
N GLN XE 94 -112.08 11.05 44.47
CA GLN XE 94 -111.44 9.77 44.73
C GLN XE 94 -111.72 9.37 46.18
N LEU XE 95 -112.30 8.18 46.36
CA LEU XE 95 -112.58 7.64 47.68
C LEU XE 95 -111.71 6.41 47.90
N SER XE 96 -110.89 6.43 48.94
CA SER XE 96 -110.04 5.30 49.30
C SER XE 96 -110.42 4.84 50.70
N VAL XE 97 -111.01 3.65 50.80
CA VAL XE 97 -111.35 3.07 52.09
C VAL XE 97 -110.65 1.72 52.23
N ASP XE 98 -110.32 1.38 53.47
CA ASP XE 98 -109.87 0.04 53.76
C ASP XE 98 -111.02 -0.94 53.55
N PRO XE 99 -110.73 -2.16 53.09
CA PRO XE 99 -111.82 -3.13 52.84
C PRO XE 99 -112.60 -3.50 54.09
N GLU XE 100 -112.05 -3.28 55.29
CA GLU XE 100 -112.80 -3.55 56.51
C GLU XE 100 -113.89 -2.52 56.77
N THR XE 101 -113.93 -1.43 56.00
CA THR XE 101 -114.83 -0.33 56.27
C THR XE 101 -116.28 -0.71 55.98
N THR XE 102 -117.16 -0.45 56.94
CA THR XE 102 -118.57 -0.76 56.79
C THR XE 102 -119.23 0.21 55.83
N ALA XE 103 -120.44 -0.14 55.39
CA ALA XE 103 -121.16 0.71 54.46
C ALA XE 103 -121.71 1.95 55.14
N ALA XE 104 -121.91 1.89 56.46
CA ALA XE 104 -122.36 3.07 57.19
C ALA XE 104 -121.23 4.08 57.36
N GLU XE 105 -119.99 3.62 57.48
CA GLU XE 105 -118.86 4.53 57.54
C GLU XE 105 -118.58 5.17 56.19
N VAL XE 106 -118.81 4.44 55.09
CA VAL XE 106 -118.65 5.02 53.77
C VAL XE 106 -119.75 6.03 53.48
N THR XE 107 -120.98 5.74 53.91
CA THR XE 107 -122.08 6.67 53.71
C THR XE 107 -121.82 7.99 54.44
N THR XE 108 -121.31 7.92 55.67
CA THR XE 108 -120.96 9.13 56.40
C THR XE 108 -119.89 9.92 55.66
N MET XE 109 -118.87 9.22 55.14
CA MET XE 109 -117.81 9.88 54.40
C MET XE 109 -118.35 10.52 53.13
N LEU XE 110 -119.24 9.83 52.42
CA LEU XE 110 -119.80 10.36 51.19
C LEU XE 110 -120.65 11.59 51.44
N ASN XE 111 -121.46 11.58 52.50
CA ASN XE 111 -122.37 12.69 52.75
C ASN XE 111 -121.64 13.91 53.27
N ALA XE 112 -120.65 13.72 54.14
CA ALA XE 112 -119.87 14.85 54.64
C ALA XE 112 -119.06 15.50 53.52
N ALA XE 113 -118.57 14.69 52.58
CA ALA XE 113 -117.81 15.24 51.47
C ALA XE 113 -118.70 15.95 50.46
N ALA XE 114 -119.97 15.58 50.38
CA ALA XE 114 -120.89 16.23 49.46
C ALA XE 114 -121.14 17.68 49.87
N GLN XE 115 -121.39 17.89 51.16
CA GLN XE 115 -121.54 19.26 51.67
C GLN XE 115 -120.25 20.05 51.62
N LEU XE 116 -119.10 19.39 51.53
CA LEU XE 116 -117.84 20.10 51.42
C LEU XE 116 -117.74 20.85 50.10
N LEU XE 117 -118.53 20.47 49.10
CA LEU XE 117 -118.48 21.14 47.81
C LEU XE 117 -119.84 21.69 47.38
N PHE XE 118 -120.80 21.78 48.29
CA PHE XE 118 -121.99 22.58 48.00
C PHE XE 118 -122.46 23.47 49.14
N ASP XE 119 -121.93 23.36 50.34
CA ASP XE 119 -122.27 24.29 51.41
C ASP XE 119 -121.72 25.68 51.09
N SER XE 120 -122.47 26.71 51.51
CA SER XE 120 -122.14 28.07 51.11
C SER XE 120 -120.84 28.54 51.74
N ASP XE 121 -120.46 27.99 52.89
CA ASP XE 121 -119.24 28.40 53.58
C ASP XE 121 -117.99 28.10 52.75
N TYR XE 122 -118.11 27.18 51.79
CA TYR XE 122 -116.95 26.80 51.00
C TYR XE 122 -117.03 27.38 49.59
N SER XE 123 -117.99 28.28 49.36
CA SER XE 123 -118.14 28.87 48.03
C SER XE 123 -116.91 29.65 47.60
N ASP XE 124 -116.33 30.44 48.51
CA ASP XE 124 -115.17 31.25 48.17
C ASP XE 124 -113.90 30.42 48.03
N PHE XE 125 -113.81 29.29 48.72
CA PHE XE 125 -112.68 28.41 48.51
C PHE XE 125 -112.68 27.77 47.13
N TRP XE 126 -113.85 27.34 46.65
CA TRP XE 126 -113.94 26.72 45.34
C TRP XE 126 -113.88 27.74 44.21
N LYS XE 127 -114.55 28.88 44.35
CA LYS XE 127 -114.59 29.89 43.31
C LYS XE 127 -113.47 30.92 43.45
N ALA XE 128 -113.42 31.62 44.60
CA ALA XE 128 -112.42 32.65 44.79
C ALA XE 128 -111.06 32.09 45.20
N GLN XE 129 -110.96 30.80 45.48
CA GLN XE 129 -109.72 30.16 45.89
C GLN XE 129 -109.21 30.77 47.20
N ALA XE 130 -110.13 31.04 48.11
CA ALA XE 130 -109.88 31.78 49.34
C ALA XE 130 -109.87 30.82 50.52
N LEU XE 131 -108.70 30.65 51.13
CA LEU XE 131 -108.54 29.73 52.26
C LEU XE 131 -109.27 30.23 53.50
N ALA XE 132 -109.27 31.53 53.74
CA ALA XE 132 -109.99 32.08 54.87
C ALA XE 132 -110.84 33.27 54.45
N ALA YE 1 -127.53 1.74 38.01
CA ALA YE 1 -126.34 2.40 38.52
C ALA YE 1 -125.75 3.34 37.48
N ILE YE 2 -124.45 3.22 37.25
CA ILE YE 2 -123.81 3.99 36.19
C ILE YE 2 -124.14 3.33 34.85
N ALA YE 3 -125.15 3.88 34.17
CA ALA YE 3 -125.67 3.27 32.96
C ALA YE 3 -126.79 4.12 32.38
N ASN YE 4 -127.84 4.35 33.18
CA ASN YE 4 -128.99 5.15 32.77
C ASN YE 4 -129.40 6.11 33.87
N SER YE 5 -128.47 6.45 34.76
CA SER YE 5 -128.78 7.27 35.91
C SER YE 5 -129.05 8.71 35.47
N SER YE 6 -129.87 9.41 36.27
CA SER YE 6 -130.26 10.80 36.00
C SER YE 6 -129.60 11.69 37.03
N ILE YE 7 -129.05 12.82 36.57
CA ILE YE 7 -128.46 13.83 37.43
C ILE YE 7 -129.10 15.18 37.10
N ALA YE 8 -129.56 15.89 38.12
CA ALA YE 8 -130.28 17.15 37.92
C ALA YE 8 -129.26 18.29 37.79
N ILE YE 9 -129.02 18.74 36.57
CA ILE YE 9 -128.05 19.78 36.30
C ILE YE 9 -128.63 21.14 36.71
N ASP YE 10 -127.79 21.95 37.36
CA ASP YE 10 -128.16 23.28 37.83
C ASP YE 10 -129.37 23.23 38.76
N SER YE 11 -129.30 22.34 39.74
CA SER YE 11 -130.32 22.22 40.78
C SER YE 11 -129.76 22.77 42.08
N THR YE 12 -130.58 22.69 43.13
CA THR YE 12 -130.19 23.13 44.47
C THR YE 12 -130.09 21.92 45.39
N ALA YE 13 -128.94 21.73 46.00
CA ALA YE 13 -128.68 20.62 46.90
C ALA YE 13 -128.73 21.10 48.35
N SER YE 14 -129.49 20.38 49.18
CA SER YE 14 -129.66 20.73 50.58
C SER YE 14 -129.47 19.49 51.44
N VAL YE 15 -129.54 19.69 52.76
CA VAL YE 15 -129.30 18.65 53.74
C VAL YE 15 -130.36 18.74 54.83
N THR YE 16 -130.87 17.59 55.26
CA THR YE 16 -131.82 17.51 56.37
C THR YE 16 -131.33 16.47 57.37
N GLY YE 17 -131.69 16.66 58.64
CA GLY YE 17 -131.28 15.74 59.67
C GLY YE 17 -129.80 15.90 60.02
N GLY YE 18 -129.31 14.92 60.78
CA GLY YE 18 -127.91 14.90 61.14
C GLY YE 18 -127.56 15.79 62.32
N THR YE 19 -126.28 15.80 62.66
CA THR YE 19 -125.73 16.65 63.70
C THR YE 19 -124.83 17.72 63.09
N ALA YE 20 -124.99 18.95 63.56
CA ALA YE 20 -124.26 20.10 63.02
C ALA YE 20 -122.93 20.20 63.77
N ARG YE 21 -121.84 19.93 63.07
CA ARG YE 21 -120.52 20.09 63.63
C ARG YE 21 -119.87 21.36 63.09
N THR YE 22 -118.89 21.87 63.84
CA THR YE 22 -118.39 23.22 63.59
C THR YE 22 -117.25 23.24 62.56
N VAL YE 23 -116.36 22.25 62.63
CA VAL YE 23 -115.10 22.25 61.87
C VAL YE 23 -114.22 23.36 62.45
N LYS YE 24 -113.03 22.98 62.94
CA LYS YE 24 -112.13 23.92 63.59
C LYS YE 24 -110.77 23.82 62.94
N GLU YE 25 -110.19 24.96 62.58
CA GLU YE 25 -108.91 24.96 61.89
C GLU YE 25 -107.78 24.60 62.83
N LEU YE 26 -106.86 23.74 62.37
CA LEU YE 26 -105.71 23.35 63.16
C LEU YE 26 -104.47 24.16 62.81
N VAL YE 27 -104.00 24.04 61.58
CA VAL YE 27 -102.72 24.58 61.15
C VAL YE 27 -102.90 25.21 59.78
N ARG YE 28 -102.09 26.24 59.51
CA ARG YE 28 -102.17 26.98 58.26
C ARG YE 28 -100.78 27.05 57.67
N ASN YE 29 -100.66 27.68 56.50
CA ASN YE 29 -99.40 27.89 55.78
C ASN YE 29 -98.91 26.61 55.13
N ASN YE 30 -98.54 26.70 53.86
CA ASN YE 30 -98.74 27.89 53.04
C ASN YE 30 -99.57 27.51 51.82
N SER YE 31 -100.64 28.26 51.56
CA SER YE 31 -101.63 27.89 50.57
C SER YE 31 -102.18 26.50 50.88
N GLU YE 32 -102.38 26.25 52.18
CA GLU YE 32 -102.78 24.94 52.68
C GLU YE 32 -103.43 25.11 54.04
N LEU YE 33 -104.72 24.82 54.14
CA LEU YE 33 -105.40 24.87 55.43
C LEU YE 33 -105.61 23.46 55.96
N ASN YE 34 -105.59 23.34 57.29
CA ASN YE 34 -105.89 22.08 57.96
C ASN YE 34 -106.91 22.35 59.05
N ALA YE 35 -107.97 21.55 59.06
CA ALA YE 35 -109.04 21.72 60.02
C ALA YE 35 -109.45 20.34 60.53
N TYR YE 36 -110.46 20.31 61.39
CA TYR YE 36 -110.99 19.05 61.87
C TYR YE 36 -112.44 19.25 62.27
N ILE YE 37 -113.25 18.23 62.03
CA ILE YE 37 -114.67 18.29 62.37
C ILE YE 37 -114.82 17.86 63.82
N ASP YE 38 -115.32 18.77 64.65
CA ASP YE 38 -115.40 18.55 66.09
C ASP YE 38 -116.71 17.85 66.44
N GLU YE 39 -116.64 16.55 66.74
CA GLU YE 39 -117.80 15.77 67.14
C GLU YE 39 -117.62 15.21 68.54
N GLY YE 40 -116.78 15.86 69.34
CA GLY YE 40 -116.50 15.35 70.68
C GLY YE 40 -115.81 14.01 70.69
N LEU YE 41 -114.86 13.80 69.78
CA LEU YE 41 -114.13 12.55 69.68
C LEU YE 41 -112.69 12.76 70.14
N SER YE 42 -111.96 11.66 70.27
CA SER YE 42 -110.58 11.72 70.72
C SER YE 42 -109.67 12.25 69.62
N PHE YE 43 -108.40 12.44 69.98
CA PHE YE 43 -107.43 13.00 69.04
C PHE YE 43 -107.16 12.06 67.87
N GLN YE 44 -107.14 10.76 68.11
CA GLN YE 44 -106.84 9.80 67.06
C GLN YE 44 -108.06 9.44 66.21
N ALA YE 45 -109.26 9.80 66.65
CA ALA YE 45 -110.49 9.38 66.00
C ALA YE 45 -111.26 10.55 65.41
N ARG YE 46 -110.60 11.70 65.22
CA ARG YE 46 -111.27 12.87 64.69
C ARG YE 46 -111.16 12.92 63.17
N LYS YE 47 -112.08 13.65 62.55
CA LYS YE 47 -112.24 13.68 61.10
C LYS YE 47 -111.05 14.29 60.36
N GLU YE 48 -110.72 15.56 60.64
CA GLU YE 48 -109.57 16.22 60.04
C GLU YE 48 -109.61 16.41 58.53
N VAL YE 49 -110.46 17.29 58.02
CA VAL YE 49 -110.50 17.66 56.61
C VAL YE 49 -109.39 18.68 56.33
N ALA YE 50 -108.72 18.54 55.19
CA ALA YE 50 -107.66 19.46 54.76
C ALA YE 50 -108.06 20.21 53.49
N PHE YE 51 -107.52 21.42 53.35
CA PHE YE 51 -107.85 22.31 52.24
C PHE YE 51 -106.58 22.83 51.58
N SER YE 52 -106.33 22.40 50.34
CA SER YE 52 -105.17 22.84 49.59
C SER YE 52 -105.62 23.77 48.46
N VAL YE 53 -104.66 24.52 47.92
CA VAL YE 53 -104.94 25.49 46.86
C VAL YE 53 -103.70 25.66 45.98
N LYS YE 54 -103.91 25.71 44.66
CA LYS YE 54 -102.85 25.98 43.70
C LYS YE 54 -103.32 27.14 42.82
N VAL YE 55 -102.68 28.30 42.99
CA VAL YE 55 -103.13 29.52 42.32
C VAL YE 55 -102.84 29.42 40.83
N PRO YE 56 -103.59 30.10 39.97
CA PRO YE 56 -103.28 30.06 38.52
C PRO YE 56 -101.93 30.69 38.24
N LYS YE 57 -101.11 29.96 37.49
CA LYS YE 57 -99.76 30.39 37.18
C LYS YE 57 -99.70 30.85 35.72
N VAL YE 58 -99.00 31.95 35.47
CA VAL YE 58 -98.94 32.51 34.13
C VAL YE 58 -98.01 31.66 33.27
N SER YE 59 -98.60 30.76 32.48
CA SER YE 59 -97.85 29.98 31.52
C SER YE 59 -97.86 30.69 30.16
N VAL YE 60 -97.44 29.99 29.11
CA VAL YE 60 -97.43 30.57 27.77
C VAL YE 60 -98.23 29.69 26.82
N SER YE 61 -97.89 28.41 26.77
CA SER YE 61 -98.49 27.48 25.81
C SER YE 61 -99.67 26.75 26.44
N ALA YE 62 -100.67 27.54 26.84
CA ALA YE 62 -101.87 26.99 27.44
C ALA YE 62 -103.08 27.75 26.94
N PRO YE 63 -104.26 27.13 26.93
CA PRO YE 63 -105.48 27.87 26.62
C PRO YE 63 -105.68 29.02 27.59
N GLY YE 64 -106.02 30.19 27.07
CA GLY YE 64 -106.25 31.35 27.89
C GLY YE 64 -104.96 32.08 28.25
N GLY YE 65 -103.89 31.32 28.46
CA GLY YE 65 -102.60 31.89 28.78
C GLY YE 65 -102.02 31.38 30.08
N PHE YE 66 -102.86 31.21 31.10
CA PHE YE 66 -102.39 30.78 32.41
C PHE YE 66 -102.62 29.29 32.59
N THR YE 67 -102.06 28.73 33.66
CA THR YE 67 -102.42 27.39 34.09
C THR YE 67 -103.74 27.44 34.83
N GLN YE 68 -104.17 26.28 35.31
CA GLN YE 68 -105.49 26.16 35.89
C GLN YE 68 -105.48 26.46 37.39
N ALA YE 69 -106.62 26.92 37.89
CA ALA YE 69 -106.81 27.20 39.31
C ALA YE 69 -107.23 25.91 39.99
N ARG YE 70 -106.25 25.22 40.57
CA ARG YE 70 -106.51 23.97 41.27
C ARG YE 70 -106.93 24.23 42.71
N SER YE 71 -107.88 23.42 43.18
CA SER YE 71 -108.40 23.56 44.54
C SER YE 71 -108.73 22.16 45.05
N THR YE 72 -108.01 21.71 46.07
CA THR YE 72 -108.14 20.34 46.55
C THR YE 72 -108.68 20.32 47.98
N VAL YE 73 -109.52 19.32 48.24
CA VAL YE 73 -110.03 19.05 49.58
C VAL YE 73 -109.83 17.55 49.84
N ILE YE 74 -109.27 17.22 50.99
CA ILE YE 74 -109.16 15.83 51.44
C ILE YE 74 -109.80 15.72 52.81
N LEU YE 75 -110.80 14.86 52.92
CA LEU YE 75 -111.40 14.52 54.20
C LEU YE 75 -110.82 13.18 54.64
N LYS YE 76 -110.15 13.17 55.77
CA LYS YE 76 -109.63 11.94 56.35
C LYS YE 76 -110.65 11.38 57.33
N SER YE 77 -110.52 10.09 57.63
CA SER YE 77 -111.46 9.39 58.50
C SER YE 77 -110.74 8.20 59.12
N PRO YE 78 -110.29 8.32 60.37
CA PRO YE 78 -109.58 7.21 61.01
C PRO YE 78 -110.51 6.02 61.22
N LYS YE 79 -109.93 4.83 61.11
CA LYS YE 79 -110.66 3.60 61.37
C LYS YE 79 -109.72 2.61 62.00
N THR YE 80 -110.19 1.90 63.03
CA THR YE 80 -109.41 0.88 63.68
C THR YE 80 -109.82 -0.49 63.17
N LEU YE 81 -108.83 -1.37 62.98
CA LEU YE 81 -109.03 -2.61 62.25
C LEU YE 81 -109.32 -3.76 63.22
N ALA YE 82 -109.60 -4.94 62.64
CA ALA YE 82 -109.88 -6.14 63.42
C ALA YE 82 -108.64 -6.70 64.10
N ASN YE 83 -107.45 -6.27 63.71
CA ASN YE 83 -106.21 -6.63 64.37
C ASN YE 83 -105.70 -5.55 65.30
N GLY YE 84 -106.46 -4.47 65.51
CA GLY YE 84 -106.07 -3.40 66.40
C GLY YE 84 -105.27 -2.30 65.77
N ASN YE 85 -104.86 -2.44 64.52
CA ASN YE 85 -104.07 -1.41 63.85
C ASN YE 85 -104.96 -0.24 63.42
N ARG YE 86 -104.32 0.88 63.11
CA ARG YE 86 -105.00 2.12 62.78
C ARG YE 86 -104.70 2.49 61.34
N THR YE 87 -105.74 2.82 60.58
CA THR YE 87 -105.64 3.27 59.20
C THR YE 87 -106.56 4.46 58.98
N VAL YE 88 -106.44 5.07 57.80
CA VAL YE 88 -107.22 6.26 57.46
C VAL YE 88 -107.93 6.02 56.14
N ASN YE 89 -109.21 6.36 56.09
CA ASN YE 89 -109.98 6.39 54.85
C ASN YE 89 -110.09 7.84 54.41
N THR YE 90 -109.97 8.08 53.10
CA THR YE 90 -109.93 9.45 52.58
C THR YE 90 -110.95 9.64 51.48
N VAL YE 91 -111.43 10.88 51.37
CA VAL YE 91 -112.14 11.36 50.20
C VAL YE 91 -111.39 12.56 49.65
N SER YE 92 -110.91 12.48 48.42
CA SER YE 92 -110.17 13.57 47.82
C SER YE 92 -111.00 14.21 46.70
N ILE YE 93 -111.20 15.52 46.79
CA ILE YE 93 -111.95 16.27 45.80
C ILE YE 93 -111.03 17.35 45.24
N GLN YE 94 -110.77 17.29 43.94
CA GLN YE 94 -109.98 18.30 43.26
C GLN YE 94 -110.83 18.99 42.21
N LEU YE 95 -110.91 20.31 42.28
CA LEU YE 95 -111.59 21.14 41.30
C LEU YE 95 -110.50 21.87 40.52
N SER YE 96 -110.53 21.71 39.20
CA SER YE 96 -109.51 22.29 38.33
C SER YE 96 -110.22 23.01 37.18
N VAL YE 97 -110.33 24.32 37.31
CA VAL YE 97 -110.96 25.13 36.29
C VAL YE 97 -109.95 26.13 35.75
N ASP YE 98 -110.22 26.65 34.56
CA ASP YE 98 -109.46 27.76 34.00
C ASP YE 98 -109.86 29.05 34.68
N PRO YE 99 -108.94 30.01 34.81
CA PRO YE 99 -109.27 31.26 35.50
C PRO YE 99 -110.38 32.05 34.82
N GLU YE 100 -110.61 31.83 33.52
CA GLU YE 100 -111.65 32.50 32.77
C GLU YE 100 -113.05 32.00 33.16
N THR YE 101 -113.14 30.91 33.89
CA THR YE 101 -114.42 30.35 34.28
C THR YE 101 -115.16 31.27 35.24
N THR YE 102 -116.46 31.43 35.02
CA THR YE 102 -117.30 32.23 35.89
C THR YE 102 -117.74 31.41 37.10
N ALA YE 103 -118.26 32.12 38.10
CA ALA YE 103 -118.72 31.47 39.33
C ALA YE 103 -119.88 30.53 39.04
N ALA YE 104 -120.73 30.89 38.09
CA ALA YE 104 -121.91 30.08 37.81
C ALA YE 104 -121.56 28.78 37.09
N GLU YE 105 -120.52 28.78 36.26
CA GLU YE 105 -120.07 27.52 35.65
C GLU YE 105 -119.37 26.63 36.67
N VAL YE 106 -118.86 27.22 37.75
CA VAL YE 106 -118.23 26.43 38.80
C VAL YE 106 -119.30 25.87 39.74
N THR YE 107 -120.35 26.64 39.98
CA THR YE 107 -121.43 26.20 40.85
C THR YE 107 -122.20 25.05 40.20
N THR YE 108 -122.14 24.97 38.87
CA THR YE 108 -122.76 23.85 38.18
C THR YE 108 -121.90 22.58 38.30
N MET YE 109 -120.59 22.73 38.14
CA MET YE 109 -119.69 21.58 38.24
C MET YE 109 -119.72 20.98 39.63
N LEU YE 110 -119.73 21.82 40.66
CA LEU YE 110 -119.76 21.32 42.03
C LEU YE 110 -121.07 20.61 42.33
N ASN YE 111 -122.17 21.15 41.82
CA ASN YE 111 -123.47 20.53 42.08
C ASN YE 111 -123.61 19.21 41.33
N ALA YE 112 -123.06 19.14 40.12
CA ALA YE 112 -123.06 17.88 39.38
C ALA YE 112 -122.18 16.85 40.05
N ALA YE 113 -120.99 17.28 40.52
CA ALA YE 113 -120.07 16.35 41.17
C ALA YE 113 -120.57 15.94 42.55
N ALA YE 114 -121.24 16.85 43.26
CA ALA YE 114 -121.77 16.49 44.57
C ALA YE 114 -122.85 15.43 44.44
N GLN YE 115 -123.64 15.47 43.37
CA GLN YE 115 -124.70 14.49 43.19
C GLN YE 115 -124.13 13.08 43.00
N LEU YE 116 -122.99 12.97 42.32
CA LEU YE 116 -122.33 11.66 42.21
C LEU YE 116 -121.48 11.42 43.46
N LEU YE 117 -122.07 11.72 44.61
CA LEU YE 117 -121.50 11.38 45.90
C LEU YE 117 -122.58 10.81 46.80
N PHE YE 118 -123.81 11.31 46.64
CA PHE YE 118 -124.91 10.94 47.51
C PHE YE 118 -126.15 10.45 46.77
N ASP YE 119 -126.17 10.49 45.45
CA ASP YE 119 -127.30 9.96 44.71
C ASP YE 119 -127.38 8.45 44.87
N SER YE 120 -128.60 7.94 45.09
CA SER YE 120 -128.78 6.52 45.38
C SER YE 120 -128.37 5.65 44.20
N ASP YE 121 -128.37 6.22 42.99
CA ASP YE 121 -127.97 5.48 41.80
C ASP YE 121 -126.52 5.02 41.90
N TYR YE 122 -125.64 5.90 42.38
CA TYR YE 122 -124.25 5.54 42.54
C TYR YE 122 -123.94 5.14 43.98
N SER YE 123 -124.57 4.07 44.46
CA SER YE 123 -124.26 3.58 45.80
C SER YE 123 -123.41 2.32 45.71
N ASP YE 124 -123.80 1.40 44.82
CA ASP YE 124 -123.01 0.20 44.62
C ASP YE 124 -121.63 0.52 44.05
N PHE YE 125 -121.47 1.67 43.42
CA PHE YE 125 -120.16 2.07 42.91
C PHE YE 125 -119.19 2.45 44.02
N TRP YE 126 -119.68 3.12 45.08
CA TRP YE 126 -118.80 3.56 46.15
C TRP YE 126 -118.60 2.47 47.19
N LYS YE 127 -119.68 1.81 47.60
CA LYS YE 127 -119.60 0.81 48.66
C LYS YE 127 -119.24 -0.56 48.11
N ALA YE 128 -120.05 -1.06 47.16
CA ALA YE 128 -119.77 -2.37 46.58
C ALA YE 128 -118.67 -2.32 45.54
N GLN YE 129 -118.22 -1.13 45.16
CA GLN YE 129 -117.21 -0.95 44.11
C GLN YE 129 -117.62 -1.64 42.81
N ALA YE 130 -118.90 -1.55 42.47
CA ALA YE 130 -119.48 -2.19 41.30
C ALA YE 130 -119.67 -1.17 40.19
N LEU YE 131 -118.86 -1.29 39.13
CA LEU YE 131 -118.92 -0.35 38.02
C LEU YE 131 -120.28 -0.35 37.35
N ALA YE 132 -120.93 -1.51 37.27
CA ALA YE 132 -122.24 -1.61 36.64
C ALA YE 132 -122.96 -2.89 37.06
N ALA ZE 1 -131.34 -2.53 -12.34
CA ALA ZE 1 -129.97 -2.69 -11.87
C ALA ZE 1 -129.46 -1.40 -11.24
N ILE ZE 2 -128.13 -1.24 -11.21
CA ILE ZE 2 -127.52 -0.09 -10.56
C ILE ZE 2 -127.89 1.21 -11.27
N ALA ZE 3 -127.78 1.22 -12.59
CA ALA ZE 3 -128.11 2.42 -13.37
C ALA ZE 3 -129.61 2.70 -13.27
N ASN ZE 4 -129.94 3.96 -12.97
CA ASN ZE 4 -131.33 4.42 -12.86
C ASN ZE 4 -132.09 3.68 -11.76
N SER ZE 5 -131.36 3.22 -10.74
CA SER ZE 5 -131.97 2.65 -9.55
C SER ZE 5 -132.48 3.80 -8.67
N SER ZE 6 -133.62 3.58 -8.02
CA SER ZE 6 -134.24 4.60 -7.19
C SER ZE 6 -134.03 4.28 -5.72
N ILE ZE 7 -133.67 5.31 -4.95
CA ILE ZE 7 -133.49 5.22 -3.51
C ILE ZE 7 -134.38 6.26 -2.84
N ALA ZE 8 -135.14 5.84 -1.84
CA ALA ZE 8 -136.03 6.75 -1.12
C ALA ZE 8 -135.28 7.36 0.05
N ILE ZE 9 -134.94 8.63 -0.07
CA ILE ZE 9 -134.09 9.29 0.91
C ILE ZE 9 -134.95 9.84 2.05
N ASP ZE 10 -134.42 9.74 3.28
CA ASP ZE 10 -135.13 10.10 4.51
C ASP ZE 10 -136.43 9.29 4.63
N SER ZE 11 -136.23 7.99 4.72
CA SER ZE 11 -137.34 7.04 4.71
C SER ZE 11 -137.23 6.11 5.90
N THR ZE 12 -138.38 5.67 6.40
CA THR ZE 12 -138.39 4.70 7.49
C THR ZE 12 -138.26 3.29 6.91
N ALA ZE 13 -137.37 2.51 7.50
CA ALA ZE 13 -137.09 1.15 7.05
C ALA ZE 13 -137.75 0.19 8.05
N SER ZE 14 -138.77 -0.52 7.59
CA SER ZE 14 -139.42 -1.53 8.40
C SER ZE 14 -138.80 -2.90 8.13
N VAL ZE 15 -139.29 -3.92 8.82
CA VAL ZE 15 -138.88 -5.30 8.58
C VAL ZE 15 -139.94 -6.24 9.12
N THR ZE 16 -140.37 -7.19 8.30
CA THR ZE 16 -141.40 -8.17 8.69
C THR ZE 16 -141.06 -9.51 8.08
N GLY ZE 17 -140.29 -10.32 8.80
CA GLY ZE 17 -140.07 -11.69 8.36
C GLY ZE 17 -140.17 -12.73 9.46
N GLY ZE 18 -140.17 -12.29 10.71
CA GLY ZE 18 -140.17 -13.21 11.82
C GLY ZE 18 -138.78 -13.73 12.16
N THR ZE 19 -138.72 -14.80 12.94
CA THR ZE 19 -137.45 -15.40 13.39
C THR ZE 19 -136.60 -14.38 14.15
N ALA ZE 20 -137.19 -13.85 15.21
CA ALA ZE 20 -136.52 -12.83 16.01
C ALA ZE 20 -135.43 -13.44 16.88
N ARG ZE 21 -134.19 -13.39 16.40
CA ARG ZE 21 -133.06 -13.90 17.15
C ARG ZE 21 -132.63 -12.88 18.21
N THR ZE 22 -131.56 -13.22 18.91
CA THR ZE 22 -131.04 -12.38 19.99
C THR ZE 22 -129.54 -12.26 19.87
N VAL ZE 23 -129.04 -11.04 19.87
CA VAL ZE 23 -127.60 -10.78 19.86
C VAL ZE 23 -127.10 -10.87 21.29
N LYS ZE 24 -126.24 -11.87 21.55
CA LYS ZE 24 -125.63 -12.05 22.86
C LYS ZE 24 -124.15 -11.75 22.74
N GLU ZE 25 -123.64 -10.93 23.66
CA GLU ZE 25 -122.24 -10.55 23.59
C GLU ZE 25 -121.34 -11.66 24.14
N LEU ZE 26 -120.13 -11.73 23.61
CA LEU ZE 26 -119.19 -12.77 24.01
C LEU ZE 26 -118.02 -12.17 24.79
N VAL ZE 27 -117.26 -11.25 24.20
CA VAL ZE 27 -116.13 -10.62 24.83
C VAL ZE 27 -116.17 -9.13 24.52
N ARG ZE 28 -115.16 -8.41 24.98
CA ARG ZE 28 -115.10 -6.98 24.75
C ARG ZE 28 -113.77 -6.50 24.19
N ASN ZE 29 -112.66 -7.18 24.52
CA ASN ZE 29 -111.29 -6.73 24.30
C ASN ZE 29 -111.13 -5.21 24.14
N ASN ZE 30 -110.28 -4.78 23.21
CA ASN ZE 30 -109.83 -3.39 23.15
C ASN ZE 30 -110.81 -2.55 22.35
N SER ZE 31 -111.67 -1.81 23.06
CA SER ZE 31 -112.60 -0.86 22.45
C SER ZE 31 -113.44 -1.53 21.36
N GLU ZE 32 -113.85 -2.76 21.63
CA GLU ZE 32 -114.55 -3.58 20.66
C GLU ZE 32 -115.70 -4.27 21.40
N LEU ZE 33 -116.54 -4.99 20.65
CA LEU ZE 33 -117.61 -5.76 21.27
C LEU ZE 33 -117.96 -6.94 20.38
N ASN ZE 34 -117.45 -8.11 20.70
CA ASN ZE 34 -117.70 -9.30 19.90
C ASN ZE 34 -118.93 -10.01 20.45
N ALA ZE 35 -119.97 -10.10 19.64
CA ALA ZE 35 -121.21 -10.77 20.00
C ALA ZE 35 -121.46 -11.92 19.03
N TYR ZE 36 -122.61 -12.56 19.18
CA TYR ZE 36 -123.02 -13.63 18.26
C TYR ZE 36 -124.54 -13.70 18.24
N ILE ZE 37 -125.09 -14.18 17.13
CA ILE ZE 37 -126.53 -14.31 16.99
C ILE ZE 37 -126.95 -15.69 17.46
N ASP ZE 38 -127.91 -15.74 18.39
CA ASP ZE 38 -128.33 -17.00 18.99
C ASP ZE 38 -129.46 -17.60 18.16
N GLU ZE 39 -129.08 -18.52 17.28
CA GLU ZE 39 -130.04 -19.25 16.46
C GLU ZE 39 -130.06 -20.74 16.74
N GLY ZE 40 -129.30 -21.21 17.71
CA GLY ZE 40 -129.24 -22.61 18.05
C GLY ZE 40 -128.30 -23.45 17.21
N LEU ZE 41 -127.39 -22.83 16.46
CA LEU ZE 41 -126.44 -23.57 15.65
C LEU ZE 41 -125.31 -24.12 16.51
N SER ZE 42 -124.32 -24.72 15.86
CA SER ZE 42 -123.18 -25.24 16.57
C SER ZE 42 -122.30 -24.11 17.08
N PHE ZE 43 -121.26 -24.47 17.83
CA PHE ZE 43 -120.41 -23.47 18.45
C PHE ZE 43 -119.55 -22.76 17.42
N GLN ZE 44 -118.95 -23.52 16.50
CA GLN ZE 44 -118.11 -22.94 15.46
C GLN ZE 44 -118.85 -22.85 14.12
N ALA ZE 45 -120.18 -22.78 14.18
CA ALA ZE 45 -120.97 -22.50 12.99
C ALA ZE 45 -121.96 -21.36 13.20
N ARG ZE 46 -121.88 -20.66 14.33
CA ARG ZE 46 -122.80 -19.56 14.63
C ARG ZE 46 -122.34 -18.28 13.93
N LYS ZE 47 -123.24 -17.31 13.83
CA LYS ZE 47 -122.89 -16.03 13.22
C LYS ZE 47 -122.49 -15.07 14.32
N GLU ZE 48 -121.22 -14.66 14.32
CA GLU ZE 48 -120.70 -13.67 15.27
C GLU ZE 48 -120.60 -12.34 14.56
N VAL ZE 49 -121.22 -11.31 15.15
CA VAL ZE 49 -121.10 -9.96 14.63
C VAL ZE 49 -120.29 -9.13 15.61
N ALA ZE 50 -119.28 -8.43 15.10
CA ALA ZE 50 -118.37 -7.66 15.93
C ALA ZE 50 -118.60 -6.16 15.73
N PHE ZE 51 -118.53 -5.43 16.84
CA PHE ZE 51 -118.73 -3.99 16.87
C PHE ZE 51 -117.45 -3.30 17.34
N SER ZE 52 -117.17 -2.11 16.83
CA SER ZE 52 -115.96 -1.39 17.22
C SER ZE 52 -116.15 0.11 17.02
N VAL ZE 53 -115.43 0.89 17.82
CA VAL ZE 53 -115.47 2.34 17.73
C VAL ZE 53 -114.06 2.90 17.72
N LYS ZE 54 -113.88 4.05 17.09
CA LYS ZE 54 -112.59 4.69 16.90
C LYS ZE 54 -112.72 6.20 17.18
N VAL ZE 55 -113.23 6.54 18.37
CA VAL ZE 55 -113.59 7.89 18.79
C VAL ZE 55 -112.58 8.93 18.35
N PRO ZE 56 -113.02 10.14 18.00
CA PRO ZE 56 -112.12 11.15 17.42
C PRO ZE 56 -111.02 11.57 18.38
N LYS ZE 57 -109.89 11.95 17.78
CA LYS ZE 57 -108.69 12.34 18.51
C LYS ZE 57 -108.26 13.72 18.01
N VAL ZE 58 -108.04 14.65 18.94
CA VAL ZE 58 -107.78 16.04 18.58
C VAL ZE 58 -106.48 16.15 17.80
N SER ZE 59 -106.58 16.55 16.54
CA SER ZE 59 -105.43 16.68 15.66
C SER ZE 59 -105.18 18.16 15.32
N VAL ZE 60 -104.13 18.43 14.56
CA VAL ZE 60 -103.85 19.74 14.02
C VAL ZE 60 -104.26 19.84 12.56
N SER ZE 61 -104.17 18.73 11.84
CA SER ZE 61 -104.70 18.52 10.50
C SER ZE 61 -106.20 18.29 10.62
N ALA ZE 62 -106.80 17.65 9.62
CA ALA ZE 62 -108.24 17.37 9.64
C ALA ZE 62 -109.06 18.65 9.59
N PRO ZE 63 -109.25 19.20 8.39
CA PRO ZE 63 -109.81 20.55 8.25
C PRO ZE 63 -111.24 20.64 8.75
N GLY ZE 64 -111.36 20.93 10.05
CA GLY ZE 64 -112.57 20.76 10.82
C GLY ZE 64 -112.19 20.47 12.26
N GLY ZE 65 -110.90 20.26 12.49
CA GLY ZE 65 -110.35 20.21 13.83
C GLY ZE 65 -109.68 18.89 14.20
N PHE ZE 66 -110.31 17.77 13.89
CA PHE ZE 66 -109.82 16.46 14.28
C PHE ZE 66 -110.58 15.34 13.58
N THR ZE 67 -110.03 14.13 13.70
CA THR ZE 67 -110.42 12.98 12.90
C THR ZE 67 -111.88 12.61 13.11
N GLN ZE 68 -112.40 11.79 12.20
CA GLN ZE 68 -113.79 11.40 12.20
C GLN ZE 68 -114.06 10.27 13.18
N ALA ZE 69 -115.34 10.02 13.42
CA ALA ZE 69 -115.79 8.96 14.33
C ALA ZE 69 -116.28 7.78 13.52
N ARG ZE 70 -115.40 6.81 13.25
CA ARG ZE 70 -115.76 5.63 12.51
C ARG ZE 70 -116.33 4.55 13.43
N SER ZE 71 -117.37 3.88 12.95
CA SER ZE 71 -118.01 2.78 13.68
C SER ZE 71 -118.07 1.59 12.73
N THR ZE 72 -117.55 0.44 13.16
CA THR ZE 72 -117.49 -0.72 12.30
C THR ZE 72 -118.39 -1.85 12.81
N VAL ZE 73 -118.97 -2.59 11.86
CA VAL ZE 73 -119.75 -3.78 12.17
C VAL ZE 73 -119.38 -4.86 11.15
N ILE ZE 74 -118.75 -5.92 11.62
CA ILE ZE 74 -118.44 -7.07 10.77
C ILE ZE 74 -119.32 -8.24 11.18
N LEU ZE 75 -120.09 -8.75 10.24
CA LEU ZE 75 -120.97 -9.89 10.45
C LEU ZE 75 -120.31 -11.11 9.80
N LYS ZE 76 -119.90 -12.06 10.63
CA LYS ZE 76 -119.22 -13.25 10.13
C LYS ZE 76 -120.21 -14.41 10.06
N SER ZE 77 -120.47 -14.90 8.86
CA SER ZE 77 -121.38 -16.02 8.65
C SER ZE 77 -120.58 -17.21 8.13
N PRO ZE 78 -120.33 -18.23 8.94
CA PRO ZE 78 -119.49 -19.34 8.49
C PRO ZE 78 -120.23 -20.25 7.52
N LYS ZE 79 -119.47 -20.96 6.70
CA LYS ZE 79 -120.03 -21.84 5.69
C LYS ZE 79 -119.17 -23.08 5.53
N THR ZE 80 -119.83 -24.24 5.42
CA THR ZE 80 -119.16 -25.50 5.10
C THR ZE 80 -119.30 -25.73 3.60
N LEU ZE 81 -118.16 -25.86 2.92
CA LEU ZE 81 -118.16 -26.03 1.48
C LEU ZE 81 -118.38 -27.48 1.09
N ALA ZE 82 -118.62 -27.69 -0.21
CA ALA ZE 82 -118.80 -29.05 -0.72
C ALA ZE 82 -117.54 -29.88 -0.56
N ASN ZE 83 -116.38 -29.28 -0.83
CA ASN ZE 83 -115.11 -29.99 -0.64
C ASN ZE 83 -114.91 -30.44 0.80
N GLY ZE 84 -115.58 -29.79 1.75
CA GLY ZE 84 -115.56 -30.26 3.11
C GLY ZE 84 -115.01 -29.27 4.11
N ASN ZE 85 -114.09 -28.41 3.67
CA ASN ZE 85 -113.48 -27.44 4.57
C ASN ZE 85 -114.47 -26.33 4.91
N ARG ZE 86 -114.00 -25.38 5.72
CA ARG ZE 86 -114.81 -24.32 6.28
C ARG ZE 86 -114.30 -22.98 5.79
N THR ZE 87 -115.22 -22.03 5.67
CA THR ZE 87 -114.89 -20.67 5.27
C THR ZE 87 -115.93 -19.75 5.92
N VAL ZE 88 -115.59 -18.47 6.05
CA VAL ZE 88 -116.48 -17.48 6.63
C VAL ZE 88 -116.83 -16.46 5.58
N ASN ZE 89 -118.11 -16.14 5.48
CA ASN ZE 89 -118.62 -15.11 4.57
C ASN ZE 89 -118.93 -13.87 5.42
N THR ZE 90 -118.23 -12.78 5.13
CA THR ZE 90 -118.28 -11.61 5.99
C THR ZE 90 -118.99 -10.44 5.31
N VAL ZE 91 -119.60 -9.58 6.14
CA VAL ZE 91 -120.21 -8.34 5.68
C VAL ZE 91 -119.77 -7.21 6.61
N SER ZE 92 -118.79 -6.43 6.18
CA SER ZE 92 -118.30 -5.35 7.02
C SER ZE 92 -118.96 -4.02 6.63
N ILE ZE 93 -119.17 -3.17 7.64
CA ILE ZE 93 -119.80 -1.86 7.44
C ILE ZE 93 -119.06 -0.84 8.29
N GLN ZE 94 -118.68 0.29 7.69
CA GLN ZE 94 -117.98 1.35 8.40
C GLN ZE 94 -118.70 2.68 8.21
N LEU ZE 95 -118.56 3.57 9.19
CA LEU ZE 95 -119.30 4.83 9.24
C LEU ZE 95 -118.35 5.99 9.58
N SER ZE 96 -117.28 6.12 8.80
CA SER ZE 96 -116.32 7.21 8.99
C SER ZE 96 -116.99 8.54 8.68
N VAL ZE 97 -117.49 9.19 9.72
CA VAL ZE 97 -118.17 10.47 9.59
C VAL ZE 97 -117.56 11.50 10.52
N ASP ZE 98 -117.52 12.74 10.06
CA ASP ZE 98 -116.89 13.80 10.83
C ASP ZE 98 -117.67 14.04 12.12
N PRO ZE 99 -116.99 14.21 13.25
CA PRO ZE 99 -117.69 14.27 14.54
C PRO ZE 99 -118.65 15.44 14.69
N GLU ZE 100 -118.51 16.48 13.89
CA GLU ZE 100 -119.44 17.61 13.94
C GLU ZE 100 -120.78 17.30 13.30
N THR ZE 101 -120.93 16.15 12.66
CA THR ZE 101 -122.16 15.85 11.93
C THR ZE 101 -123.31 15.59 12.91
N THR ZE 102 -124.51 15.98 12.51
CA THR ZE 102 -125.69 15.82 13.34
C THR ZE 102 -126.24 14.40 13.23
N ALA ZE 103 -127.12 14.06 14.17
CA ALA ZE 103 -127.72 12.73 14.20
C ALA ZE 103 -128.78 12.55 13.12
N ALA ZE 104 -129.36 13.63 12.61
CA ALA ZE 104 -130.32 13.51 11.52
C ALA ZE 104 -129.63 13.13 10.22
N GLU ZE 105 -128.45 13.71 9.98
CA GLU ZE 105 -127.67 13.33 8.81
C GLU ZE 105 -127.23 11.88 8.89
N VAL ZE 106 -126.78 11.44 10.06
CA VAL ZE 106 -126.37 10.06 10.24
C VAL ZE 106 -127.53 9.12 9.98
N THR ZE 107 -128.71 9.45 10.49
CA THR ZE 107 -129.90 8.65 10.21
C THR ZE 107 -130.21 8.63 8.72
N THR ZE 108 -130.06 9.78 8.05
CA THR ZE 108 -130.24 9.82 6.61
C THR ZE 108 -129.24 8.91 5.90
N MET ZE 109 -127.97 9.00 6.31
CA MET ZE 109 -126.93 8.19 5.68
C MET ZE 109 -127.11 6.72 5.98
N LEU ZE 110 -127.48 6.39 7.22
CA LEU ZE 110 -127.68 4.99 7.58
C LEU ZE 110 -128.85 4.39 6.82
N ASN ZE 111 -129.93 5.16 6.67
CA ASN ZE 111 -131.09 4.68 5.93
C ASN ZE 111 -130.77 4.52 4.45
N ALA ZE 112 -130.09 5.50 3.87
CA ALA ZE 112 -129.73 5.42 2.45
C ALA ZE 112 -128.78 4.26 2.20
N ALA ZE 113 -127.77 4.08 3.05
CA ALA ZE 113 -126.87 2.95 2.96
C ALA ZE 113 -127.56 1.62 3.17
N ALA ZE 114 -128.44 1.53 4.18
CA ALA ZE 114 -129.19 0.30 4.40
C ALA ZE 114 -130.34 0.14 3.44
N GLN ZE 115 -130.69 1.18 2.69
CA GLN ZE 115 -131.66 1.05 1.61
C GLN ZE 115 -131.10 0.24 0.45
N LEU ZE 116 -129.78 0.27 0.28
CA LEU ZE 116 -129.07 -0.74 -0.48
C LEU ZE 116 -129.13 -2.05 0.32
N LEU ZE 117 -128.52 -3.10 -0.22
CA LEU ZE 117 -128.40 -4.39 0.44
C LEU ZE 117 -129.74 -5.12 0.58
N PHE ZE 118 -130.86 -4.46 0.29
CA PHE ZE 118 -132.12 -5.22 0.22
C PHE ZE 118 -132.99 -4.72 -0.91
N ASP ZE 119 -132.56 -3.67 -1.59
CA ASP ZE 119 -133.30 -3.19 -2.74
C ASP ZE 119 -133.12 -4.17 -3.91
N SER ZE 120 -134.20 -4.39 -4.64
CA SER ZE 120 -134.18 -5.37 -5.73
C SER ZE 120 -133.25 -4.97 -6.86
N ASP ZE 121 -132.95 -3.69 -7.02
CA ASP ZE 121 -132.08 -3.25 -8.10
C ASP ZE 121 -130.67 -3.79 -7.93
N TYR ZE 122 -130.21 -3.88 -6.70
CA TYR ZE 122 -128.84 -4.28 -6.40
C TYR ZE 122 -128.69 -5.76 -6.13
N SER ZE 123 -129.76 -6.54 -6.29
CA SER ZE 123 -129.72 -7.98 -6.08
C SER ZE 123 -128.62 -8.66 -6.88
N ASP ZE 124 -128.53 -8.33 -8.17
CA ASP ZE 124 -127.53 -8.97 -9.04
C ASP ZE 124 -126.13 -8.46 -8.72
N PHE ZE 125 -126.02 -7.21 -8.30
CA PHE ZE 125 -124.71 -6.67 -7.92
C PHE ZE 125 -124.16 -7.39 -6.69
N TRP ZE 126 -124.99 -7.59 -5.68
CA TRP ZE 126 -124.53 -8.28 -4.49
C TRP ZE 126 -124.33 -9.78 -4.73
N LYS ZE 127 -125.11 -10.39 -5.61
CA LYS ZE 127 -125.08 -11.83 -5.80
C LYS ZE 127 -124.17 -12.22 -6.96
N ALA ZE 128 -124.40 -11.69 -8.16
CA ALA ZE 128 -123.62 -12.07 -9.33
C ALA ZE 128 -122.52 -11.07 -9.68
N GLN ZE 129 -122.39 -9.99 -8.92
CA GLN ZE 129 -121.39 -8.93 -9.18
C GLN ZE 129 -121.63 -8.25 -10.53
N ALA ZE 130 -122.90 -8.12 -10.88
CA ALA ZE 130 -123.27 -7.45 -12.14
C ALA ZE 130 -123.18 -5.95 -11.92
N LEU ZE 131 -121.98 -5.41 -12.13
CA LEU ZE 131 -121.75 -3.97 -12.05
C LEU ZE 131 -122.60 -3.27 -13.09
N ALA ZE 132 -122.33 -3.55 -14.35
CA ALA ZE 132 -123.16 -3.03 -15.44
C ALA ZE 132 -124.35 -3.95 -15.63
N ALA AF 1 47.69 -119.15 21.78
CA ALA AF 1 48.69 -120.13 21.40
C ALA AF 1 49.28 -119.78 20.04
N ILE AF 2 49.09 -118.54 19.61
CA ILE AF 2 49.81 -117.98 18.48
C ILE AF 2 51.15 -117.50 19.00
N ALA AF 3 52.13 -118.40 19.02
CA ALA AF 3 53.43 -118.09 19.58
C ALA AF 3 54.45 -119.06 19.01
N ASN AF 4 54.73 -120.14 19.74
CA ASN AF 4 55.50 -121.23 19.15
C ASN AF 4 54.55 -122.33 18.71
N SER AF 5 53.71 -122.04 17.72
CA SER AF 5 52.79 -123.01 17.16
C SER AF 5 53.51 -123.91 16.16
N SER AF 6 52.76 -124.63 15.33
CA SER AF 6 53.39 -125.45 14.29
C SER AF 6 52.43 -125.57 13.12
N ILE AF 7 52.98 -125.45 11.92
CA ILE AF 7 52.21 -125.56 10.69
C ILE AF 7 53.04 -126.28 9.64
N ALA AF 8 52.43 -127.27 8.98
CA ALA AF 8 53.12 -127.99 7.91
C ALA AF 8 53.01 -127.20 6.61
N ILE AF 9 54.14 -126.95 5.98
CA ILE AF 9 54.19 -126.19 4.73
C ILE AF 9 54.45 -127.15 3.59
N ASP AF 10 53.70 -126.96 2.49
CA ASP AF 10 53.76 -127.85 1.33
C ASP AF 10 53.35 -129.27 1.72
N SER AF 11 52.13 -129.40 2.23
CA SER AF 11 51.59 -130.66 2.71
C SER AF 11 50.17 -130.86 2.19
N THR AF 12 49.74 -132.11 2.12
CA THR AF 12 48.40 -132.44 1.67
C THR AF 12 47.45 -132.50 2.86
N ALA AF 13 46.26 -131.91 2.69
CA ALA AF 13 45.25 -131.89 3.72
C ALA AF 13 44.11 -132.85 3.35
N SER AF 14 43.54 -133.48 4.37
CA SER AF 14 42.51 -134.48 4.17
C SER AF 14 41.41 -134.30 5.20
N VAL AF 15 40.27 -134.92 4.94
CA VAL AF 15 39.09 -134.82 5.78
C VAL AF 15 38.51 -136.22 5.98
N THR AF 16 38.20 -136.57 7.22
CA THR AF 16 37.59 -137.84 7.55
C THR AF 16 36.31 -137.62 8.34
N GLY AF 17 35.35 -138.53 8.16
CA GLY AF 17 34.11 -138.46 8.89
C GLY AF 17 33.19 -137.37 8.38
N GLY AF 18 32.30 -136.91 9.25
CA GLY AF 18 31.32 -135.91 8.87
C GLY AF 18 30.24 -136.47 7.97
N THR AF 19 29.46 -135.56 7.41
CA THR AF 19 28.34 -135.91 6.53
C THR AF 19 28.54 -135.16 5.21
N ALA AF 20 28.80 -135.92 4.13
CA ALA AF 20 29.00 -135.32 2.82
C ALA AF 20 27.74 -134.64 2.33
N ARG AF 21 27.76 -133.31 2.25
CA ARG AF 21 26.65 -132.53 1.73
C ARG AF 21 26.90 -132.24 0.24
N THR AF 22 26.09 -131.36 -0.34
CA THR AF 22 26.25 -131.00 -1.74
C THR AF 22 26.01 -129.50 -1.89
N VAL AF 23 26.84 -128.84 -2.69
CA VAL AF 23 26.74 -127.40 -2.89
C VAL AF 23 25.86 -127.20 -4.11
N LYS AF 24 24.63 -126.75 -3.88
CA LYS AF 24 23.69 -126.51 -4.97
C LYS AF 24 23.80 -125.07 -5.44
N GLU AF 25 23.94 -124.89 -6.75
CA GLU AF 25 24.15 -123.57 -7.33
C GLU AF 25 22.81 -122.89 -7.58
N LEU AF 26 22.73 -121.60 -7.22
CA LEU AF 26 21.46 -120.90 -7.25
C LEU AF 26 21.50 -119.87 -8.37
N VAL AF 27 22.41 -118.91 -8.34
CA VAL AF 27 22.48 -117.85 -9.32
C VAL AF 27 23.94 -117.59 -9.65
N ARG AF 28 24.21 -117.37 -10.94
CA ARG AF 28 25.57 -117.15 -11.44
C ARG AF 28 25.53 -115.87 -12.26
N ASN AF 29 25.97 -114.76 -11.67
CA ASN AF 29 25.86 -113.48 -12.34
C ASN AF 29 26.89 -112.50 -11.77
N ASN AF 30 27.24 -111.51 -12.59
CA ASN AF 30 28.05 -110.38 -12.18
C ASN AF 30 29.35 -110.82 -11.50
N SER AF 31 30.01 -111.82 -12.09
CA SER AF 31 31.26 -112.38 -11.56
C SER AF 31 31.06 -113.01 -10.19
N GLU AF 32 29.82 -113.39 -9.87
CA GLU AF 32 29.47 -113.97 -8.60
C GLU AF 32 28.68 -115.25 -8.82
N LEU AF 33 28.89 -116.23 -7.93
CA LEU AF 33 28.17 -117.50 -7.98
C LEU AF 33 27.54 -117.73 -6.61
N ASN AF 34 26.24 -117.44 -6.50
CA ASN AF 34 25.52 -117.72 -5.27
C ASN AF 34 25.10 -119.19 -5.24
N ALA AF 35 25.35 -119.83 -4.11
CA ALA AF 35 25.03 -121.24 -3.95
C ALA AF 35 24.61 -121.48 -2.51
N TYR AF 36 24.26 -122.72 -2.19
CA TYR AF 36 23.85 -123.09 -0.85
C TYR AF 36 24.22 -124.54 -0.61
N ILE AF 37 24.48 -124.87 0.65
CA ILE AF 37 24.82 -126.24 1.05
C ILE AF 37 23.52 -126.95 1.42
N ASP AF 38 23.34 -128.15 0.88
CA ASP AF 38 22.09 -128.89 1.03
C ASP AF 38 22.23 -129.84 2.22
N GLU AF 39 21.69 -129.43 3.36
CA GLU AF 39 21.65 -130.28 4.55
C GLU AF 39 20.23 -130.67 4.93
N GLY AF 40 19.26 -130.45 4.06
CA GLY AF 40 17.88 -130.72 4.37
C GLY AF 40 17.36 -129.83 5.47
N LEU AF 41 17.64 -128.53 5.37
CA LEU AF 41 17.20 -127.54 6.36
C LEU AF 41 16.16 -126.62 5.71
N SER AF 42 15.62 -125.72 6.52
CA SER AF 42 14.65 -124.75 6.04
C SER AF 42 15.39 -123.64 5.29
N PHE AF 43 14.64 -122.84 4.53
CA PHE AF 43 15.23 -121.74 3.79
C PHE AF 43 15.84 -120.68 4.69
N GLN AF 44 15.23 -120.42 5.84
CA GLN AF 44 15.73 -119.41 6.77
C GLN AF 44 16.99 -119.85 7.51
N ALA AF 45 17.31 -121.14 7.52
CA ALA AF 45 18.57 -121.60 8.07
C ALA AF 45 19.22 -122.52 7.03
N ARG AF 46 19.87 -121.92 6.06
CA ARG AF 46 20.62 -122.63 5.02
C ARG AF 46 22.11 -122.48 5.31
N LYS AF 47 23.00 -122.85 4.40
CA LYS AF 47 24.43 -122.58 4.54
C LYS AF 47 24.95 -121.93 3.27
N GLU AF 48 24.26 -120.87 2.83
CA GLU AF 48 24.61 -120.19 1.59
C GLU AF 48 26.09 -119.81 1.55
N VAL AF 49 26.72 -120.06 0.41
CA VAL AF 49 28.12 -119.72 0.17
C VAL AF 49 28.21 -119.00 -1.17
N ALA AF 50 28.90 -117.86 -1.19
CA ALA AF 50 29.02 -117.03 -2.38
C ALA AF 50 30.46 -117.04 -2.89
N PHE AF 51 30.63 -117.34 -4.17
CA PHE AF 51 31.92 -117.35 -4.84
C PHE AF 51 31.98 -116.17 -5.79
N SER AF 52 33.03 -115.36 -5.67
CA SER AF 52 33.20 -114.21 -6.53
C SER AF 52 34.64 -114.14 -7.03
N VAL AF 53 34.81 -113.56 -8.22
CA VAL AF 53 36.11 -113.47 -8.86
C VAL AF 53 36.32 -112.05 -9.36
N LYS AF 54 37.55 -111.56 -9.19
CA LYS AF 54 37.95 -110.20 -9.57
C LYS AF 54 39.19 -110.31 -10.47
N VAL AF 55 38.97 -110.30 -11.78
CA VAL AF 55 40.03 -110.53 -12.76
C VAL AF 55 40.99 -109.35 -12.81
N PRO AF 56 42.27 -109.57 -13.10
CA PRO AF 56 43.22 -108.45 -13.16
C PRO AF 56 43.03 -107.60 -14.40
N LYS AF 57 43.37 -106.32 -14.25
CA LYS AF 57 43.34 -105.36 -15.35
C LYS AF 57 44.69 -104.66 -15.46
N VAL AF 58 44.99 -104.17 -16.65
CA VAL AF 58 46.27 -103.51 -16.90
C VAL AF 58 46.36 -102.23 -16.09
N SER AF 59 47.57 -101.93 -15.59
CA SER AF 59 47.81 -100.72 -14.80
C SER AF 59 49.19 -100.17 -15.16
N VAL AF 60 49.53 -99.05 -14.55
CA VAL AF 60 50.86 -98.47 -14.69
C VAL AF 60 51.66 -98.60 -13.40
N SER AF 61 51.02 -98.49 -12.25
CA SER AF 61 51.56 -98.85 -10.96
C SER AF 61 51.44 -100.37 -10.82
N ALA AF 62 51.48 -100.87 -9.58
CA ALA AF 62 51.31 -102.30 -9.34
C ALA AF 62 52.46 -103.09 -9.97
N PRO AF 63 53.58 -103.21 -9.28
CA PRO AF 63 54.87 -103.42 -9.95
C PRO AF 63 54.97 -104.75 -10.68
N GLY AF 64 54.55 -104.73 -11.95
CA GLY AF 64 54.32 -105.90 -12.75
C GLY AF 64 53.20 -105.66 -13.75
N GLY AF 65 52.54 -104.51 -13.62
CA GLY AF 65 51.67 -104.03 -14.67
C GLY AF 65 50.18 -104.24 -14.44
N PHE AF 66 49.83 -105.24 -13.65
CA PHE AF 66 48.44 -105.60 -13.44
C PHE AF 66 48.09 -105.62 -11.96
N THR AF 67 46.83 -105.32 -11.68
CA THR AF 67 46.29 -105.52 -10.35
C THR AF 67 46.21 -107.00 -10.04
N GLN AF 68 45.99 -107.32 -8.77
CA GLN AF 68 46.00 -108.72 -8.35
C GLN AF 68 44.68 -109.41 -8.70
N ALA AF 69 44.75 -110.72 -8.86
CA ALA AF 69 43.57 -111.53 -9.14
C ALA AF 69 42.96 -111.98 -7.81
N ARG AF 70 41.81 -111.41 -7.45
CA ARG AF 70 41.15 -111.72 -6.20
C ARG AF 70 40.06 -112.77 -6.40
N SER AF 71 40.01 -113.73 -5.47
CA SER AF 71 38.98 -114.77 -5.44
C SER AF 71 38.43 -114.79 -4.01
N THR AF 72 37.14 -114.54 -3.87
CA THR AF 72 36.54 -114.41 -2.55
C THR AF 72 35.44 -115.45 -2.35
N VAL AF 73 35.45 -116.08 -1.18
CA VAL AF 73 34.41 -117.00 -0.78
C VAL AF 73 33.84 -116.56 0.55
N ILE AF 74 32.53 -116.33 0.61
CA ILE AF 74 31.85 -116.02 1.86
C ILE AF 74 30.85 -117.13 2.17
N LEU AF 75 31.01 -117.74 3.34
CA LEU AF 75 30.09 -118.77 3.83
C LEU AF 75 29.21 -118.13 4.89
N LYS AF 76 27.90 -118.18 4.67
CA LYS AF 76 26.96 -117.61 5.63
C LYS AF 76 26.29 -118.71 6.45
N SER AF 77 26.25 -118.52 7.77
CA SER AF 77 25.69 -119.50 8.69
C SER AF 77 24.63 -118.83 9.54
N PRO AF 78 23.35 -118.93 9.18
CA PRO AF 78 22.29 -118.35 10.00
C PRO AF 78 22.22 -118.96 11.39
N LYS AF 79 22.20 -118.12 12.41
CA LYS AF 79 22.06 -118.56 13.80
C LYS AF 79 20.82 -117.92 14.40
N THR AF 80 20.11 -118.67 15.22
CA THR AF 80 18.90 -118.21 15.89
C THR AF 80 19.24 -117.99 17.37
N LEU AF 81 18.91 -116.80 17.87
CA LEU AF 81 19.32 -116.39 19.19
C LEU AF 81 18.28 -116.78 20.24
N ALA AF 82 18.60 -116.50 21.51
CA ALA AF 82 17.69 -116.85 22.59
C ALA AF 82 16.38 -116.09 22.49
N ASN AF 83 16.46 -114.78 22.23
CA ASN AF 83 15.25 -113.99 22.07
C ASN AF 83 14.46 -114.42 20.84
N GLY AF 84 15.15 -114.75 19.76
CA GLY AF 84 14.49 -115.24 18.58
C GLY AF 84 14.80 -114.48 17.31
N ASN AF 85 15.57 -113.40 17.43
CA ASN AF 85 16.04 -112.69 16.26
C ASN AF 85 17.04 -113.55 15.48
N ARG AF 86 17.05 -113.37 14.17
CA ARG AF 86 17.93 -114.14 13.30
C ARG AF 86 19.17 -113.32 12.94
N THR AF 87 20.33 -113.92 13.16
CA THR AF 87 21.60 -113.33 12.75
C THR AF 87 22.34 -114.32 11.87
N VAL AF 88 23.11 -113.79 10.93
CA VAL AF 88 23.94 -114.58 10.03
C VAL AF 88 25.39 -114.41 10.45
N ASN AF 89 26.07 -115.53 10.67
CA ASN AF 89 27.49 -115.53 11.02
C ASN AF 89 28.26 -115.97 9.77
N THR AF 90 29.27 -115.20 9.39
CA THR AF 90 29.95 -115.39 8.12
C THR AF 90 31.43 -115.72 8.30
N VAL AF 91 31.98 -116.39 7.29
CA VAL AF 91 33.42 -116.57 7.15
C VAL AF 91 33.83 -116.11 5.76
N SER AF 92 34.73 -115.14 5.69
CA SER AF 92 35.21 -114.66 4.40
C SER AF 92 36.63 -115.18 4.15
N ILE AF 93 36.87 -115.62 2.92
CA ILE AF 93 38.19 -116.10 2.49
C ILE AF 93 38.49 -115.38 1.17
N GLN AF 94 39.46 -114.48 1.20
CA GLN AF 94 39.85 -113.72 0.02
C GLN AF 94 41.31 -113.96 -0.28
N LEU AF 95 41.60 -114.42 -1.50
CA LEU AF 95 42.97 -114.69 -1.93
C LEU AF 95 43.31 -113.69 -3.04
N SER AF 96 44.37 -112.91 -2.83
CA SER AF 96 44.85 -111.95 -3.81
C SER AF 96 46.26 -112.35 -4.22
N VAL AF 97 46.44 -112.78 -5.47
CA VAL AF 97 47.75 -113.13 -5.98
C VAL AF 97 48.06 -112.29 -7.21
N ASP AF 98 49.33 -111.99 -7.39
CA ASP AF 98 49.78 -111.38 -8.63
C ASP AF 98 49.61 -112.40 -9.77
N PRO AF 99 49.26 -111.93 -10.96
CA PRO AF 99 49.08 -112.88 -12.07
C PRO AF 99 50.32 -113.67 -12.43
N GLU AF 100 51.51 -113.21 -12.06
CA GLU AF 100 52.72 -114.00 -12.32
C GLU AF 100 52.84 -115.21 -11.42
N THR AF 101 52.01 -115.32 -10.38
CA THR AF 101 52.15 -116.37 -9.40
C THR AF 101 51.83 -117.74 -9.99
N THR AF 102 52.72 -118.70 -9.76
CA THR AF 102 52.55 -120.05 -10.27
C THR AF 102 51.50 -120.79 -9.44
N ALA AF 103 51.05 -121.93 -9.99
CA ALA AF 103 50.03 -122.70 -9.30
C ALA AF 103 50.59 -123.41 -8.07
N ALA AF 104 51.90 -123.67 -8.05
CA ALA AF 104 52.52 -124.27 -6.87
C ALA AF 104 52.58 -123.28 -5.71
N GLU AF 105 52.83 -122.00 -5.99
CA GLU AF 105 52.83 -121.00 -4.94
C GLU AF 105 51.43 -120.77 -4.39
N VAL AF 106 50.40 -120.85 -5.24
CA VAL AF 106 49.03 -120.70 -4.76
C VAL AF 106 48.64 -121.91 -3.92
N THR AF 107 49.06 -123.11 -4.32
CA THR AF 107 48.76 -124.31 -3.54
C THR AF 107 49.37 -124.23 -2.16
N THR AF 108 50.60 -123.73 -2.06
CA THR AF 108 51.24 -123.57 -0.76
C THR AF 108 50.46 -122.60 0.13
N MET AF 109 50.04 -121.48 -0.44
CA MET AF 109 49.26 -120.50 0.32
C MET AF 109 47.92 -121.08 0.75
N LEU AF 110 47.26 -121.80 -0.16
CA LEU AF 110 45.95 -122.37 0.15
C LEU AF 110 46.04 -123.39 1.28
N ASN AF 111 47.09 -124.22 1.26
CA ASN AF 111 47.21 -125.25 2.28
C ASN AF 111 47.64 -124.66 3.62
N ALA AF 112 48.55 -123.70 3.61
CA ALA AF 112 48.98 -123.08 4.86
C ALA AF 112 47.85 -122.30 5.52
N ALA AF 113 47.00 -121.67 4.70
CA ALA AF 113 45.87 -120.94 5.25
C ALA AF 113 44.79 -121.87 5.77
N ALA AF 114 44.70 -123.09 5.24
CA ALA AF 114 43.72 -124.05 5.72
C ALA AF 114 44.02 -124.48 7.15
N GLN AF 115 45.28 -124.77 7.45
CA GLN AF 115 45.66 -125.10 8.81
C GLN AF 115 45.57 -123.90 9.75
N LEU AF 116 45.51 -122.69 9.20
CA LEU AF 116 45.39 -121.51 10.07
C LEU AF 116 44.02 -121.46 10.74
N LEU AF 117 43.01 -122.11 10.16
CA LEU AF 117 41.69 -122.12 10.76
C LEU AF 117 41.18 -123.53 11.07
N PHE AF 118 42.07 -124.53 11.13
CA PHE AF 118 41.67 -125.79 11.74
C PHE AF 118 42.71 -126.41 12.67
N ASP AF 119 43.95 -125.89 12.72
CA ASP AF 119 44.91 -126.38 13.70
C ASP AF 119 44.48 -126.01 15.11
N SER AF 120 44.78 -126.89 16.06
CA SER AF 120 44.29 -126.71 17.42
C SER AF 120 44.91 -125.49 18.10
N ASP AF 121 46.13 -125.13 17.70
CA ASP AF 121 46.81 -123.99 18.30
C ASP AF 121 46.06 -122.68 18.08
N TYR AF 122 45.19 -122.64 17.09
CA TYR AF 122 44.45 -121.41 16.78
C TYR AF 122 43.01 -121.50 17.23
N SER AF 123 42.67 -122.52 18.01
CA SER AF 123 41.30 -122.68 18.48
C SER AF 123 40.84 -121.52 19.35
N ASP AF 124 41.70 -121.06 20.26
CA ASP AF 124 41.32 -119.98 21.15
C ASP AF 124 41.31 -118.62 20.46
N PHE AF 125 42.09 -118.45 19.40
CA PHE AF 125 42.01 -117.21 18.64
C PHE AF 125 40.68 -117.06 17.91
N TRP AF 126 40.18 -118.13 17.31
CA TRP AF 126 38.92 -118.07 16.58
C TRP AF 126 37.71 -118.07 17.52
N LYS AF 127 37.74 -118.87 18.58
CA LYS AF 127 36.61 -118.99 19.50
C LYS AF 127 36.72 -118.02 20.67
N ALA AF 128 37.78 -118.12 21.46
CA ALA AF 128 37.96 -117.25 22.61
C ALA AF 128 38.45 -115.86 22.24
N GLN AF 129 38.85 -115.64 20.98
CA GLN AF 129 39.36 -114.35 20.52
C GLN AF 129 40.61 -113.95 21.30
N ALA AF 130 41.45 -114.94 21.56
CA ALA AF 130 42.63 -114.81 22.42
C ALA AF 130 43.89 -114.75 21.57
N LEU AF 131 44.56 -113.60 21.57
CA LEU AF 131 45.76 -113.42 20.76
C LEU AF 131 46.93 -114.24 21.27
N ALA AF 132 47.03 -114.44 22.58
CA ALA AF 132 48.10 -115.27 23.12
C ALA AF 132 47.61 -116.15 24.25
N ALA BF 1 33.38 -128.42 -10.36
CA ALA BF 1 33.87 -127.34 -9.53
C ALA BF 1 32.76 -126.83 -8.61
N ILE BF 2 32.57 -125.52 -8.58
CA ILE BF 2 31.47 -124.94 -7.83
C ILE BF 2 30.19 -125.16 -8.61
N ALA BF 3 29.42 -126.19 -8.24
CA ALA BF 3 28.24 -126.58 -8.99
C ALA BF 3 27.58 -127.78 -8.32
N ASN BF 4 28.32 -128.87 -8.15
CA ASN BF 4 27.82 -130.08 -7.52
C ASN BF 4 28.84 -130.64 -6.53
N SER BF 5 29.75 -129.80 -6.05
CA SER BF 5 30.81 -130.26 -5.16
C SER BF 5 30.24 -130.67 -3.81
N SER BF 6 30.92 -131.62 -3.16
CA SER BF 6 30.51 -132.16 -1.88
C SER BF 6 31.45 -131.66 -0.79
N ILE BF 7 30.88 -131.26 0.33
CA ILE BF 7 31.64 -130.82 1.50
C ILE BF 7 31.19 -131.61 2.72
N ALA BF 8 32.15 -132.17 3.44
CA ALA BF 8 31.86 -133.01 4.60
C ALA BF 8 31.65 -132.13 5.83
N ILE BF 9 30.40 -131.83 6.14
CA ILE BF 9 30.07 -130.97 7.27
C ILE BF 9 30.34 -131.71 8.57
N ASP BF 10 30.95 -130.99 9.52
CA ASP BF 10 31.27 -131.53 10.85
C ASP BF 10 32.16 -132.76 10.76
N SER BF 11 33.19 -132.65 9.94
CA SER BF 11 34.22 -133.69 9.80
C SER BF 11 35.48 -133.23 10.52
N THR BF 12 36.51 -134.06 10.43
CA THR BF 12 37.82 -133.77 11.02
C THR BF 12 38.84 -133.61 9.91
N ALA BF 13 39.53 -132.47 9.90
CA ALA BF 13 40.52 -132.16 8.88
C ALA BF 13 41.92 -132.31 9.45
N SER BF 14 42.78 -133.03 8.75
CA SER BF 14 44.14 -133.29 9.18
C SER BF 14 45.12 -132.96 8.06
N VAL BF 15 46.40 -133.16 8.34
CA VAL BF 15 47.49 -132.85 7.43
C VAL BF 15 48.52 -133.97 7.49
N THR BF 16 49.06 -134.35 6.34
CA THR BF 16 50.13 -135.33 6.26
C THR BF 16 51.24 -134.78 5.37
N GLY BF 17 52.47 -135.23 5.63
CA GLY BF 17 53.60 -134.77 4.85
C GLY BF 17 53.98 -133.34 5.22
N GLY BF 18 54.84 -132.77 4.38
CA GLY BF 18 55.26 -131.39 4.54
C GLY BF 18 56.35 -131.20 5.59
N THR BF 19 56.75 -129.95 5.72
CA THR BF 19 57.72 -129.52 6.73
C THR BF 19 57.02 -128.71 7.82
N ALA BF 20 57.33 -129.02 9.06
CA ALA BF 20 56.71 -128.39 10.22
C ALA BF 20 57.51 -127.14 10.57
N ARG BF 21 56.91 -125.98 10.34
CA ARG BF 21 57.53 -124.72 10.74
C ARG BF 21 56.89 -124.21 12.02
N THR BF 22 57.62 -123.33 12.71
CA THR BF 22 57.27 -122.99 14.08
C THR BF 22 56.30 -121.81 14.17
N VAL BF 23 56.46 -120.82 13.29
CA VAL BF 23 55.75 -119.54 13.39
C VAL BF 23 56.27 -118.80 14.61
N LYS BF 24 56.78 -117.59 14.42
CA LYS BF 24 57.40 -116.82 15.49
C LYS BF 24 56.78 -115.44 15.51
N GLU BF 25 56.40 -114.97 16.69
CA GLU BF 25 55.78 -113.66 16.82
C GLU BF 25 56.82 -112.57 16.61
N LEU BF 26 56.46 -111.56 15.82
CA LEU BF 26 57.34 -110.41 15.60
C LEU BF 26 57.00 -109.25 16.53
N VAL BF 27 55.79 -108.71 16.38
CA VAL BF 27 55.37 -107.48 17.04
C VAL BF 27 53.94 -107.66 17.50
N ARG BF 28 53.58 -106.94 18.55
CA ARG BF 28 52.25 -107.02 19.13
C ARG BF 28 51.66 -105.62 19.14
N ASN BF 29 50.53 -105.45 19.83
CA ASN BF 29 49.83 -104.19 19.99
C ASN BF 29 49.06 -103.78 18.74
N ASN BF 30 47.80 -103.40 18.93
CA ASN BF 30 47.05 -103.73 20.13
C ASN BF 30 45.76 -104.35 19.64
N SER BF 31 45.43 -105.52 20.17
CA SER BF 31 44.42 -106.40 19.59
C SER BF 31 44.82 -106.79 18.17
N GLU BF 32 46.13 -106.95 17.97
CA GLU BF 32 46.68 -107.46 16.72
C GLU BF 32 48.06 -108.05 16.91
N LEU BF 33 48.21 -109.34 16.62
CA LEU BF 33 49.52 -109.98 16.65
C LEU BF 33 50.14 -109.99 15.26
N ASN BF 34 51.46 -109.95 15.21
CA ASN BF 34 52.22 -110.11 13.97
C ASN BF 34 53.24 -111.21 14.19
N ALA BF 35 53.24 -112.20 13.31
CA ALA BF 35 54.14 -113.34 13.41
C ALA BF 35 54.77 -113.58 12.06
N TYR BF 36 55.60 -114.61 11.96
CA TYR BF 36 56.17 -115.02 10.68
C TYR BF 36 56.47 -116.51 10.76
N ILE BF 37 56.31 -117.19 9.63
CA ILE BF 37 56.61 -118.62 9.55
C ILE BF 37 58.09 -118.78 9.22
N ASP BF 38 58.84 -119.39 10.13
CA ASP BF 38 60.29 -119.50 9.98
C ASP BF 38 60.63 -120.76 9.19
N GLU BF 39 61.08 -120.57 7.95
CA GLU BF 39 61.50 -121.67 7.09
C GLU BF 39 62.95 -121.49 6.67
N GLY BF 40 63.73 -120.75 7.45
CA GLY BF 40 65.09 -120.44 7.07
C GLY BF 40 65.20 -119.61 5.81
N LEU BF 41 64.34 -118.62 5.66
CA LEU BF 41 64.33 -117.75 4.50
C LEU BF 41 64.83 -116.37 4.90
N SER BF 42 65.09 -115.54 3.90
CA SER BF 42 65.60 -114.20 4.15
C SER BF 42 64.49 -113.29 4.69
N PHE BF 43 64.88 -112.07 5.07
CA PHE BF 43 63.95 -111.14 5.69
C PHE BF 43 62.87 -110.69 4.71
N GLN BF 44 63.19 -110.59 3.42
CA GLN BF 44 62.20 -110.15 2.43
C GLN BF 44 61.41 -111.31 1.86
N ALA BF 45 61.77 -112.55 2.16
CA ALA BF 45 61.12 -113.71 1.56
C ALA BF 45 60.38 -114.55 2.59
N ARG BF 46 60.17 -114.02 3.79
CA ARG BF 46 59.50 -114.76 4.85
C ARG BF 46 57.99 -114.55 4.77
N LYS BF 47 57.25 -115.50 5.32
CA LYS BF 47 55.80 -115.59 5.13
C LYS BF 47 55.03 -114.47 5.84
N GLU BF 48 55.24 -114.30 7.15
CA GLU BF 48 54.62 -113.20 7.90
C GLU BF 48 53.09 -113.20 7.94
N VAL BF 49 52.50 -114.15 8.65
CA VAL BF 49 51.05 -114.17 8.91
C VAL BF 49 50.73 -113.16 10.00
N ALA BF 50 49.63 -112.41 9.83
CA ALA BF 50 49.17 -111.44 10.82
C ALA BF 50 47.84 -111.87 11.43
N PHE BF 51 47.63 -111.48 12.68
CA PHE BF 51 46.43 -111.82 13.44
C PHE BF 51 45.79 -110.57 13.97
N SER BF 52 44.49 -110.39 13.72
CA SER BF 52 43.76 -109.23 14.18
C SER BF 52 42.51 -109.68 14.93
N VAL BF 53 41.96 -108.78 15.73
CA VAL BF 53 40.81 -109.11 16.58
C VAL BF 53 39.98 -107.86 16.82
N LYS BF 54 38.65 -107.99 16.69
CA LYS BF 54 37.70 -106.94 17.05
C LYS BF 54 36.73 -107.54 18.05
N VAL BF 55 36.82 -107.08 19.30
CA VAL BF 55 36.02 -107.68 20.38
C VAL BF 55 34.56 -107.30 20.20
N PRO BF 56 33.62 -108.05 20.74
CA PRO BF 56 32.20 -107.67 20.62
C PRO BF 56 31.93 -106.37 21.37
N LYS BF 57 31.29 -105.43 20.68
CA LYS BF 57 31.02 -104.12 21.23
C LYS BF 57 29.54 -104.03 21.59
N VAL BF 58 29.24 -103.40 22.72
CA VAL BF 58 27.87 -103.33 23.22
C VAL BF 58 27.08 -102.31 22.41
N SER BF 59 26.36 -102.78 21.40
CA SER BF 59 25.48 -101.93 20.62
C SER BF 59 24.08 -101.96 21.21
N VAL BF 60 23.10 -101.42 20.48
CA VAL BF 60 21.72 -101.45 20.94
C VAL BF 60 20.83 -102.09 19.89
N SER BF 61 20.90 -101.61 18.66
CA SER BF 61 20.01 -102.06 17.58
C SER BF 61 20.67 -103.18 16.78
N ALA BF 62 20.96 -104.28 17.49
CA ALA BF 62 21.56 -105.44 16.85
C ALA BF 62 20.95 -106.71 17.42
N PRO BF 63 20.95 -107.81 16.67
CA PRO BF 63 20.53 -109.09 17.24
C PRO BF 63 21.41 -109.46 18.44
N GLY BF 64 20.77 -109.96 19.49
CA GLY BF 64 21.50 -110.35 20.68
C GLY BF 64 21.81 -109.17 21.59
N GLY BF 65 22.08 -108.02 20.99
CA GLY BF 65 22.39 -106.82 21.74
C GLY BF 65 23.72 -106.20 21.38
N PHE BF 66 24.74 -107.03 21.17
CA PHE BF 66 26.07 -106.51 20.89
C PHE BF 66 26.38 -106.60 19.39
N THR BF 67 27.49 -106.00 18.99
CA THR BF 67 28.03 -106.24 17.65
C THR BF 67 28.73 -107.58 17.61
N GLN BF 68 29.25 -107.92 16.44
CA GLN BF 68 29.82 -109.24 16.23
C GLN BF 68 31.28 -109.30 16.64
N ALA BF 69 31.73 -110.51 16.96
CA ALA BF 69 33.13 -110.77 17.33
C ALA BF 69 33.91 -111.06 16.06
N ARG BF 70 34.59 -110.04 15.53
CA ARG BF 70 35.40 -110.18 14.34
C ARG BF 70 36.77 -110.74 14.70
N SER BF 71 37.30 -111.61 13.82
CA SER BF 71 38.61 -112.23 14.04
C SER BF 71 39.23 -112.44 12.67
N THR BF 72 40.30 -111.72 12.38
CA THR BF 72 40.90 -111.72 11.06
C THR BF 72 42.31 -112.32 11.10
N VAL BF 73 42.65 -113.06 10.05
CA VAL BF 73 43.99 -113.57 9.82
C VAL BF 73 44.36 -113.22 8.39
N ILE BF 74 45.55 -112.66 8.20
CA ILE BF 74 46.10 -112.41 6.87
C ILE BF 74 47.45 -113.10 6.79
N LEU BF 75 47.58 -114.05 5.87
CA LEU BF 75 48.85 -114.68 5.56
C LEU BF 75 49.43 -113.96 4.35
N LYS BF 76 50.62 -113.41 4.50
CA LYS BF 76 51.31 -112.76 3.39
C LYS BF 76 52.29 -113.73 2.77
N SER BF 77 52.70 -113.45 1.54
CA SER BF 77 53.55 -114.36 0.77
C SER BF 77 54.36 -113.55 -0.23
N PRO BF 78 55.64 -113.31 0.06
CA PRO BF 78 56.47 -112.54 -0.87
C PRO BF 78 56.65 -113.27 -2.19
N LYS BF 79 56.76 -112.48 -3.26
CA LYS BF 79 57.09 -113.02 -4.57
C LYS BF 79 57.84 -111.95 -5.36
N THR BF 80 58.88 -112.36 -6.06
CA THR BF 80 59.63 -111.47 -6.94
C THR BF 80 59.21 -111.70 -8.38
N LEU BF 81 59.14 -110.63 -9.15
CA LEU BF 81 58.53 -110.65 -10.47
C LEU BF 81 59.59 -110.84 -11.55
N ALA BF 82 59.13 -110.93 -12.80
CA ALA BF 82 60.01 -111.12 -13.95
C ALA BF 82 60.77 -109.85 -14.32
N ASN BF 83 60.38 -108.70 -13.79
CA ASN BF 83 61.10 -107.46 -13.97
C ASN BF 83 61.97 -107.10 -12.77
N GLY BF 84 62.04 -107.98 -11.77
CA GLY BF 84 62.83 -107.74 -10.58
C GLY BF 84 62.10 -107.04 -9.46
N ASN BF 85 60.88 -106.54 -9.71
CA ASN BF 85 60.12 -105.87 -8.67
C ASN BF 85 59.57 -106.86 -7.66
N ARG BF 86 59.17 -106.34 -6.50
CA ARG BF 86 58.78 -107.14 -5.35
C ARG BF 86 57.30 -106.88 -5.07
N THR BF 87 56.51 -107.94 -4.93
CA THR BF 87 55.10 -107.84 -4.59
C THR BF 87 54.75 -108.87 -3.52
N VAL BF 88 53.52 -108.78 -3.02
CA VAL BF 88 53.04 -109.65 -1.95
C VAL BF 88 51.71 -110.26 -2.36
N ASN BF 89 51.59 -111.58 -2.14
CA ASN BF 89 50.32 -112.28 -2.28
C ASN BF 89 49.75 -112.51 -0.89
N THR BF 90 48.43 -112.40 -0.76
CA THR BF 90 47.79 -112.48 0.54
C THR BF 90 46.64 -113.49 0.53
N VAL BF 91 46.40 -114.07 1.70
CA VAL BF 91 45.18 -114.81 1.98
C VAL BF 91 44.55 -114.20 3.23
N SER BF 92 43.36 -113.63 3.09
CA SER BF 92 42.70 -112.97 4.21
C SER BF 92 41.50 -113.79 4.66
N ILE BF 93 41.49 -114.18 5.93
CA ILE BF 93 40.40 -114.97 6.51
C ILE BF 93 39.80 -114.14 7.63
N GLN BF 94 38.50 -113.87 7.54
CA GLN BF 94 37.77 -113.16 8.57
C GLN BF 94 36.62 -114.02 9.07
N LEU BF 95 36.54 -114.19 10.38
CA LEU BF 95 35.44 -114.92 11.02
C LEU BF 95 34.60 -113.91 11.78
N SER BF 96 33.31 -113.88 11.45
CA SER BF 96 32.37 -112.94 12.08
C SER BF 96 31.23 -113.76 12.67
N VAL BF 97 31.23 -113.90 13.98
CA VAL BF 97 30.16 -114.59 14.68
C VAL BF 97 29.56 -113.65 15.72
N ASP BF 98 28.31 -113.92 16.07
CA ASP BF 98 27.67 -113.26 17.20
C ASP BF 98 28.21 -113.86 18.49
N PRO BF 99 28.34 -113.07 19.56
CA PRO BF 99 28.93 -113.61 20.79
C PRO BF 99 28.14 -114.74 21.41
N GLU BF 100 26.87 -114.88 21.08
CA GLU BF 100 26.03 -115.96 21.58
C GLU BF 100 26.38 -117.31 20.94
N THR BF 101 27.19 -117.30 19.88
CA THR BF 101 27.57 -118.54 19.21
C THR BF 101 28.42 -119.41 20.13
N THR BF 102 28.17 -120.71 20.09
CA THR BF 102 28.94 -121.68 20.86
C THR BF 102 30.19 -122.08 20.10
N ALA BF 103 31.10 -122.73 20.82
CA ALA BF 103 32.36 -123.16 20.21
C ALA BF 103 32.12 -124.21 19.13
N ALA BF 104 31.12 -125.06 19.32
CA ALA BF 104 30.87 -126.14 18.35
C ALA BF 104 30.31 -125.60 17.04
N GLU BF 105 29.52 -124.52 17.07
CA GLU BF 105 29.06 -123.93 15.83
C GLU BF 105 30.19 -123.21 15.10
N VAL BF 106 31.17 -122.71 15.84
CA VAL BF 106 32.33 -122.07 15.21
C VAL BF 106 33.24 -123.13 14.60
N THR BF 107 33.35 -124.28 15.24
CA THR BF 107 34.15 -125.39 14.75
C THR BF 107 33.62 -125.90 13.43
N THR BF 108 32.29 -125.93 13.28
CA THR BF 108 31.68 -126.35 12.03
C THR BF 108 32.03 -125.38 10.91
N MET BF 109 31.96 -124.08 11.20
CA MET BF 109 32.24 -123.06 10.21
C MET BF 109 33.68 -123.14 9.71
N LEU BF 110 34.62 -123.28 10.63
CA LEU BF 110 36.03 -123.30 10.26
C LEU BF 110 36.36 -124.54 9.43
N ASN BF 111 35.74 -125.67 9.76
CA ASN BF 111 35.93 -126.88 8.98
C ASN BF 111 35.34 -126.73 7.58
N ALA BF 112 34.15 -126.14 7.49
CA ALA BF 112 33.52 -125.91 6.19
C ALA BF 112 34.35 -124.92 5.37
N ALA BF 113 34.83 -123.86 6.02
CA ALA BF 113 35.63 -122.86 5.32
C ALA BF 113 37.01 -123.41 4.96
N ALA BF 114 37.58 -124.26 5.81
CA ALA BF 114 38.85 -124.88 5.48
C ALA BF 114 38.73 -125.77 4.25
N GLN BF 115 37.61 -126.48 4.11
CA GLN BF 115 37.43 -127.37 2.98
C GLN BF 115 37.43 -126.61 1.66
N LEU BF 116 36.81 -125.43 1.62
CA LEU BF 116 36.87 -124.61 0.41
C LEU BF 116 38.17 -123.80 0.40
N LEU BF 117 39.27 -124.48 0.73
CA LEU BF 117 40.60 -123.94 0.57
C LEU BF 117 41.51 -124.98 -0.05
N PHE BF 118 41.24 -126.25 0.27
CA PHE BF 118 42.09 -127.35 -0.15
C PHE BF 118 41.35 -128.48 -0.85
N ASP BF 119 40.02 -128.46 -0.90
CA ASP BF 119 39.28 -129.48 -1.61
C ASP BF 119 39.58 -129.40 -3.11
N SER BF 120 39.79 -130.56 -3.72
CA SER BF 120 40.22 -130.62 -5.11
C SER BF 120 39.17 -130.04 -6.04
N ASP BF 121 37.91 -130.00 -5.60
CA ASP BF 121 36.83 -129.46 -6.42
C ASP BF 121 37.02 -127.97 -6.66
N TYR BF 122 37.44 -127.24 -5.63
CA TYR BF 122 37.70 -125.81 -5.79
C TYR BF 122 39.18 -125.54 -6.01
N SER BF 123 39.73 -126.05 -7.12
CA SER BF 123 41.11 -125.74 -7.46
C SER BF 123 41.14 -124.76 -8.62
N ASP BF 124 40.33 -125.03 -9.64
CA ASP BF 124 40.24 -124.11 -10.78
C ASP BF 124 39.69 -122.76 -10.36
N PHE BF 125 38.94 -122.69 -9.27
CA PHE BF 125 38.45 -121.41 -8.78
C PHE BF 125 39.54 -120.53 -8.20
N TRP BF 126 40.51 -121.11 -7.49
CA TRP BF 126 41.55 -120.31 -6.86
C TRP BF 126 42.69 -120.00 -7.83
N LYS BF 127 43.16 -121.01 -8.55
CA LYS BF 127 44.32 -120.82 -9.42
C LYS BF 127 43.90 -120.33 -10.80
N ALA BF 128 42.97 -121.02 -11.44
CA ALA BF 128 42.53 -120.60 -12.77
C ALA BF 128 41.50 -119.48 -12.71
N GLN BF 129 41.02 -119.14 -11.52
CA GLN BF 129 39.98 -118.11 -11.33
C GLN BF 129 38.74 -118.43 -12.15
N ALA BF 130 38.41 -119.72 -12.24
CA ALA BF 130 37.29 -120.21 -13.03
C ALA BF 130 36.09 -120.40 -12.13
N LEU BF 131 35.08 -119.55 -12.29
CA LEU BF 131 33.89 -119.59 -11.44
C LEU BF 131 33.13 -120.90 -11.61
N ALA BF 132 33.12 -121.44 -12.81
CA ALA BF 132 32.44 -122.71 -13.06
C ALA BF 132 32.95 -123.37 -14.34
N ALA CF 1 -16.45 -129.52 -19.12
CA ALA CF 1 -16.03 -128.13 -19.05
C ALA CF 1 -15.50 -127.79 -17.66
N ILE CF 2 -15.42 -126.50 -17.36
CA ILE CF 2 -14.86 -126.04 -16.08
C ILE CF 2 -15.71 -126.54 -14.92
N ALA CF 3 -17.02 -126.39 -15.01
CA ALA CF 3 -17.91 -126.84 -13.95
C ALA CF 3 -17.90 -128.36 -13.85
N ASN CF 4 -17.73 -128.86 -12.62
CA ASN CF 4 -17.70 -130.29 -12.33
C ASN CF 4 -16.56 -131.00 -13.06
N SER CF 5 -15.47 -130.26 -13.30
CA SER CF 5 -14.25 -130.86 -13.84
C SER CF 5 -13.49 -131.51 -12.70
N SER CF 6 -12.84 -132.64 -12.99
CA SER CF 6 -12.12 -133.39 -11.98
C SER CF 6 -10.62 -133.23 -12.17
N ILE CF 7 -9.91 -132.99 -11.08
CA ILE CF 7 -8.46 -132.88 -11.06
C ILE CF 7 -7.92 -133.90 -10.07
N ALA CF 8 -6.93 -134.69 -10.48
CA ALA CF 8 -6.33 -135.69 -9.62
C ALA CF 8 -5.21 -135.04 -8.82
N ILE CF 9 -5.44 -134.85 -7.53
CA ILE CF 9 -4.49 -134.19 -6.65
C ILE CF 9 -3.40 -135.16 -6.24
N ASP CF 10 -2.16 -134.66 -6.16
CA ASP CF 10 -1.00 -135.45 -5.74
C ASP CF 10 -0.79 -136.64 -6.66
N SER CF 11 -0.52 -136.30 -7.93
CA SER CF 11 -0.47 -137.29 -8.98
C SER CF 11 0.82 -137.17 -9.77
N THR CF 12 1.28 -138.29 -10.31
CA THR CF 12 2.41 -138.25 -11.22
C THR CF 12 1.93 -137.90 -12.62
N ALA CF 13 2.61 -136.93 -13.23
CA ALA CF 13 2.27 -136.47 -14.57
C ALA CF 13 3.33 -137.03 -15.53
N SER CF 14 2.91 -137.96 -16.39
CA SER CF 14 3.80 -138.50 -17.40
C SER CF 14 3.62 -137.72 -18.70
N VAL CF 15 4.37 -138.13 -19.72
CA VAL CF 15 4.24 -137.53 -21.05
C VAL CF 15 4.80 -138.51 -22.08
N THR CF 16 4.02 -138.78 -23.14
CA THR CF 16 4.44 -139.71 -24.18
C THR CF 16 3.97 -139.18 -25.52
N GLY CF 17 4.78 -138.35 -26.16
CA GLY CF 17 4.50 -137.94 -27.53
C GLY CF 17 5.66 -138.04 -28.48
N GLY CF 18 6.87 -138.11 -27.94
CA GLY CF 18 8.06 -138.09 -28.78
C GLY CF 18 8.52 -136.67 -29.07
N THR CF 19 9.37 -136.50 -30.09
CA THR CF 19 9.91 -135.21 -30.49
C THR CF 19 10.67 -134.55 -29.33
N ALA CF 20 11.70 -135.25 -28.88
CA ALA CF 20 12.48 -134.79 -27.73
C ALA CF 20 13.39 -133.64 -28.09
N ARG CF 21 12.90 -132.42 -27.96
CA ARG CF 21 13.68 -131.22 -28.23
C ARG CF 21 14.64 -130.94 -27.08
N THR CF 22 15.43 -129.89 -27.24
CA THR CF 22 16.44 -129.53 -26.25
C THR CF 22 16.38 -128.03 -25.97
N VAL CF 23 16.34 -127.68 -24.69
CA VAL CF 23 16.37 -126.28 -24.28
C VAL CF 23 17.82 -125.83 -24.21
N LYS CF 24 18.16 -124.82 -25.01
CA LYS CF 24 19.49 -124.23 -25.00
C LYS CF 24 19.39 -122.79 -24.53
N GLU CF 25 20.24 -122.41 -23.58
CA GLU CF 25 20.19 -121.05 -23.06
C GLU CF 25 20.87 -120.08 -24.02
N LEU CF 26 20.39 -118.84 -24.00
CA LEU CF 26 20.93 -117.80 -24.88
C LEU CF 26 21.69 -116.76 -24.07
N VAL CF 27 21.05 -116.09 -23.12
CA VAL CF 27 21.66 -115.05 -22.32
C VAL CF 27 21.25 -115.26 -20.86
N ARG CF 28 21.70 -114.37 -19.99
CA ARG CF 28 21.35 -114.45 -18.59
C ARG CF 28 20.78 -113.17 -18.00
N ASN CF 29 21.25 -112.01 -18.45
CA ASN CF 29 21.01 -110.70 -17.82
C ASN CF 29 20.70 -110.75 -16.33
N ASN CF 30 19.80 -109.89 -15.85
CA ASN CF 30 19.64 -109.64 -14.42
C ASN CF 30 18.72 -110.69 -13.81
N SER CF 31 19.30 -111.67 -13.12
CA SER CF 31 18.56 -112.68 -12.37
C SER CF 31 17.49 -113.34 -13.24
N GLU CF 32 17.86 -113.61 -14.49
CA GLU CF 32 16.94 -114.15 -15.48
C GLU CF 32 17.69 -115.24 -16.24
N LEU CF 33 16.99 -115.94 -17.12
CA LEU CF 33 17.64 -116.93 -17.97
C LEU CF 33 16.84 -117.12 -19.24
N ASN CF 34 17.29 -116.52 -20.34
CA ASN CF 34 16.58 -116.62 -21.61
C ASN CF 34 17.14 -117.78 -22.41
N ALA CF 35 16.29 -118.76 -22.70
CA ALA CF 35 16.66 -119.94 -23.47
C ALA CF 35 15.80 -120.00 -24.73
N TYR CF 36 15.95 -121.09 -25.47
CA TYR CF 36 15.13 -121.33 -26.65
C TYR CF 36 15.08 -122.83 -26.91
N ILE CF 37 14.02 -123.28 -27.55
CA ILE CF 37 13.84 -124.70 -27.84
C ILE CF 37 14.39 -124.98 -29.23
N ASP CF 38 15.31 -125.95 -29.32
CA ASP CF 38 16.02 -126.23 -30.57
C ASP CF 38 15.20 -127.22 -31.40
N GLU CF 39 14.38 -126.67 -32.29
CA GLU CF 39 13.57 -127.45 -33.21
C GLU CF 39 13.97 -127.26 -34.66
N GLY CF 40 15.05 -126.55 -34.94
CA GLY CF 40 15.54 -126.34 -36.27
C GLY CF 40 14.82 -125.30 -37.10
N LEU CF 41 14.00 -124.46 -36.48
CA LEU CF 41 13.31 -123.41 -37.21
C LEU CF 41 14.25 -122.24 -37.48
N SER CF 42 13.68 -121.16 -38.00
CA SER CF 42 14.47 -119.98 -38.30
C SER CF 42 14.91 -119.28 -37.02
N PHE CF 43 15.73 -118.24 -37.18
CA PHE CF 43 16.28 -117.53 -36.04
C PHE CF 43 15.21 -116.74 -35.31
N GLN CF 44 14.40 -115.98 -36.06
CA GLN CF 44 13.32 -115.20 -35.47
C GLN CF 44 11.97 -115.90 -35.61
N ALA CF 45 12.00 -117.24 -35.61
CA ALA CF 45 10.76 -118.02 -35.59
C ALA CF 45 10.83 -119.15 -34.56
N ARG CF 46 11.88 -119.22 -33.76
CA ARG CF 46 12.04 -120.27 -32.77
C ARG CF 46 11.26 -119.95 -31.50
N LYS CF 47 11.06 -120.95 -30.66
CA LYS CF 47 10.34 -120.76 -29.39
C LYS CF 47 11.37 -120.48 -28.31
N GLU CF 48 11.34 -119.28 -27.74
CA GLU CF 48 12.22 -118.89 -26.65
C GLU CF 48 11.41 -118.92 -25.35
N VAL CF 49 11.91 -119.65 -24.35
CA VAL CF 49 11.29 -119.65 -23.04
C VAL CF 49 12.23 -118.99 -22.03
N ALA CF 50 11.70 -118.02 -21.29
CA ALA CF 50 12.48 -117.26 -20.33
C ALA CF 50 12.16 -117.70 -18.90
N PHE CF 51 13.19 -117.69 -18.06
CA PHE CF 51 13.09 -118.06 -16.65
C PHE CF 51 13.56 -116.89 -15.79
N SER CF 52 12.92 -116.70 -14.64
CA SER CF 52 13.30 -115.60 -13.75
C SER CF 52 12.96 -115.95 -12.31
N VAL CF 53 13.74 -115.40 -11.38
CA VAL CF 53 13.54 -115.63 -9.96
C VAL CF 53 13.49 -114.29 -9.24
N LYS CF 54 12.77 -114.27 -8.11
CA LYS CF 54 12.55 -113.07 -7.32
C LYS CF 54 12.68 -113.40 -5.83
N VAL CF 55 13.83 -114.00 -5.46
CA VAL CF 55 14.10 -114.55 -4.13
C VAL CF 55 13.61 -113.63 -3.01
N PRO CF 56 13.17 -114.20 -1.89
CA PRO CF 56 12.53 -113.39 -0.84
C PRO CF 56 13.49 -112.38 -0.21
N LYS CF 57 12.89 -111.28 0.24
CA LYS CF 57 13.63 -110.16 0.83
C LYS CF 57 13.06 -109.89 2.21
N VAL CF 58 13.92 -109.83 3.23
CA VAL CF 58 13.49 -109.69 4.61
C VAL CF 58 12.74 -108.38 4.80
N SER CF 59 11.45 -108.46 5.11
CA SER CF 59 10.60 -107.30 5.27
C SER CF 59 10.19 -107.14 6.73
N VAL CF 60 9.42 -106.10 7.03
CA VAL CF 60 8.77 -105.92 8.32
C VAL CF 60 7.30 -106.29 8.25
N SER CF 61 6.68 -106.06 7.10
CA SER CF 61 5.34 -106.52 6.72
C SER CF 61 5.45 -108.00 6.35
N ALA CF 62 4.49 -108.50 5.53
CA ALA CF 62 4.49 -109.89 5.10
C ALA CF 62 4.26 -110.82 6.28
N PRO CF 63 3.00 -111.01 6.68
CA PRO CF 63 2.70 -111.71 7.93
C PRO CF 63 3.14 -113.16 7.88
N GLY CF 64 4.39 -113.37 8.28
CA GLY CF 64 5.15 -114.57 8.02
C GLY CF 64 6.62 -114.20 7.92
N GLY CF 65 6.89 -112.89 7.81
CA GLY CF 65 8.22 -112.36 7.97
C GLY CF 65 8.81 -111.66 6.77
N PHE CF 66 8.67 -112.23 5.58
CA PHE CF 66 9.23 -111.65 4.37
C PHE CF 66 8.47 -112.13 3.14
N THR CF 67 8.71 -111.43 2.03
CA THR CF 67 7.96 -111.60 0.80
C THR CF 67 8.12 -113.02 0.24
N GLN CF 68 7.26 -113.34 -0.72
CA GLN CF 68 7.18 -114.68 -1.27
C GLN CF 68 8.30 -114.92 -2.27
N ALA CF 69 8.44 -116.19 -2.66
CA ALA CF 69 9.45 -116.62 -3.62
C ALA CF 69 8.77 -116.93 -4.95
N ARG CF 70 8.73 -115.94 -5.84
CA ARG CF 70 8.09 -116.09 -7.14
C ARG CF 70 9.08 -116.59 -8.19
N SER CF 71 8.60 -117.48 -9.04
CA SER CF 71 9.38 -118.01 -10.17
C SER CF 71 8.51 -117.88 -11.42
N THR CF 72 9.03 -117.21 -12.44
CA THR CF 72 8.26 -116.97 -13.65
C THR CF 72 8.84 -117.73 -14.83
N VAL CF 73 7.94 -118.19 -15.70
CA VAL CF 73 8.32 -118.84 -16.95
C VAL CF 73 7.42 -118.34 -18.07
N ILE CF 74 8.00 -117.62 -19.03
CA ILE CF 74 7.26 -117.17 -20.20
C ILE CF 74 7.75 -117.95 -21.41
N LEU CF 75 6.82 -118.59 -22.11
CA LEU CF 75 7.12 -119.35 -23.32
C LEU CF 75 6.60 -118.55 -24.51
N LYS CF 76 7.51 -118.09 -25.36
CA LYS CF 76 7.14 -117.27 -26.50
C LYS CF 76 7.13 -118.11 -27.76
N SER CF 77 5.95 -118.28 -28.34
CA SER CF 77 5.79 -119.04 -29.58
C SER CF 77 5.40 -118.09 -30.70
N PRO CF 78 6.32 -117.75 -31.61
CA PRO CF 78 5.98 -116.77 -32.65
C PRO CF 78 5.08 -117.38 -33.71
N LYS CF 79 4.30 -116.51 -34.37
CA LYS CF 79 3.35 -116.94 -35.37
C LYS CF 79 3.30 -115.93 -36.50
N THR CF 80 3.30 -116.43 -37.74
CA THR CF 80 3.15 -115.60 -38.92
C THR CF 80 1.67 -115.56 -39.31
N LEU CF 81 1.09 -114.37 -39.29
CA LEU CF 81 -0.32 -114.22 -39.61
C LEU CF 81 -0.55 -114.17 -41.12
N ALA CF 82 -1.77 -114.50 -41.52
CA ALA CF 82 -2.11 -114.55 -42.94
C ALA CF 82 -1.94 -113.19 -43.61
N ASN CF 83 -2.20 -112.11 -42.87
CA ASN CF 83 -1.99 -110.77 -43.41
C ASN CF 83 -0.52 -110.53 -43.74
N GLY CF 84 0.38 -111.33 -43.20
CA GLY CF 84 1.78 -111.24 -43.55
C GLY CF 84 2.66 -110.88 -42.38
N ASN CF 85 2.13 -110.09 -41.46
CA ASN CF 85 2.90 -109.63 -40.32
C ASN CF 85 3.14 -110.79 -39.34
N ARG CF 86 3.86 -110.48 -38.26
CA ARG CF 86 4.30 -111.47 -37.28
C ARG CF 86 3.85 -111.04 -35.89
N THR CF 87 3.50 -112.02 -35.09
CA THR CF 87 3.08 -111.81 -33.71
C THR CF 87 3.60 -112.98 -32.89
N VAL CF 88 3.65 -112.81 -31.57
CA VAL CF 88 4.14 -113.83 -30.67
C VAL CF 88 3.00 -114.26 -29.74
N ASN CF 89 2.83 -115.56 -29.59
CA ASN CF 89 1.83 -116.14 -28.70
C ASN CF 89 2.57 -116.61 -27.45
N THR CF 90 2.19 -116.07 -26.31
CA THR CF 90 2.95 -116.28 -25.09
C THR CF 90 2.15 -117.09 -24.06
N VAL CF 91 2.88 -117.83 -23.22
CA VAL CF 91 2.29 -118.56 -22.10
C VAL CF 91 3.11 -118.30 -20.85
N SER CF 92 2.66 -117.38 -20.01
CA SER CF 92 3.41 -117.07 -18.80
C SER CF 92 2.88 -117.89 -17.63
N ILE CF 93 3.79 -118.22 -16.70
CA ILE CF 93 3.47 -118.99 -15.52
C ILE CF 93 4.24 -118.42 -14.34
N GLN CF 94 3.58 -118.20 -13.21
CA GLN CF 94 4.22 -117.64 -12.03
C GLN CF 94 3.87 -118.46 -10.79
N LEU CF 95 4.80 -118.49 -9.84
CA LEU CF 95 4.70 -119.34 -8.65
C LEU CF 95 5.02 -118.52 -7.40
N SER CF 96 4.33 -117.40 -7.23
CA SER CF 96 4.52 -116.55 -6.06
C SER CF 96 4.02 -117.30 -4.82
N VAL CF 97 4.94 -117.97 -4.14
CA VAL CF 97 4.63 -118.75 -2.95
C VAL CF 97 5.53 -118.32 -1.80
N ASP CF 98 5.01 -118.48 -0.59
CA ASP CF 98 5.70 -117.98 0.60
C ASP CF 98 6.92 -118.85 0.89
N PRO CF 99 8.04 -118.25 1.30
CA PRO CF 99 9.29 -119.01 1.44
C PRO CF 99 9.27 -120.11 2.49
N GLU CF 100 8.34 -120.08 3.44
CA GLU CF 100 8.22 -121.15 4.42
C GLU CF 100 7.61 -122.42 3.84
N THR CF 101 7.17 -122.37 2.59
CA THR CF 101 6.48 -123.49 1.97
C THR CF 101 7.40 -124.69 1.82
N THR CF 102 6.87 -125.87 2.14
CA THR CF 102 7.61 -127.10 1.93
C THR CF 102 7.59 -127.48 0.46
N ALA CF 103 8.55 -128.32 0.06
CA ALA CF 103 8.65 -128.76 -1.32
C ALA CF 103 7.58 -129.78 -1.68
N ALA CF 104 6.92 -130.37 -0.69
CA ALA CF 104 5.85 -131.33 -1.00
C ALA CF 104 4.60 -130.61 -1.50
N GLU CF 105 4.25 -129.50 -0.86
CA GLU CF 105 3.08 -128.75 -1.28
C GLU CF 105 3.32 -128.02 -2.60
N VAL CF 106 4.55 -127.57 -2.84
CA VAL CF 106 4.91 -126.97 -4.12
C VAL CF 106 4.74 -128.00 -5.24
N THR CF 107 5.20 -129.23 -5.00
CA THR CF 107 5.00 -130.30 -5.98
C THR CF 107 3.52 -130.57 -6.19
N THR CF 108 2.74 -130.55 -5.10
CA THR CF 108 1.29 -130.68 -5.21
C THR CF 108 0.72 -129.51 -6.01
N MET CF 109 1.19 -128.30 -5.74
CA MET CF 109 0.71 -127.12 -6.44
C MET CF 109 1.04 -127.20 -7.92
N LEU CF 110 2.26 -127.62 -8.24
CA LEU CF 110 2.70 -127.67 -9.63
C LEU CF 110 1.92 -128.71 -10.42
N ASN CF 111 1.65 -129.86 -9.79
CA ASN CF 111 0.90 -130.90 -10.48
C ASN CF 111 -0.54 -130.49 -10.70
N ALA CF 112 -1.16 -129.87 -9.69
CA ALA CF 112 -2.53 -129.40 -9.85
C ALA CF 112 -2.63 -128.32 -10.92
N ALA CF 113 -1.70 -127.37 -10.91
CA ALA CF 113 -1.62 -126.35 -11.95
C ALA CF 113 -1.33 -126.93 -13.32
N ALA CF 114 -0.39 -127.87 -13.41
CA ALA CF 114 -0.07 -128.47 -14.70
C ALA CF 114 -1.09 -129.50 -15.13
N GLN CF 115 -1.95 -129.98 -14.23
CA GLN CF 115 -3.06 -130.83 -14.63
C GLN CF 115 -4.11 -130.06 -15.42
N LEU CF 116 -4.21 -128.75 -15.19
CA LEU CF 116 -4.82 -127.85 -16.14
C LEU CF 116 -3.89 -127.71 -17.34
N LEU CF 117 -4.38 -127.08 -18.40
CA LEU CF 117 -3.62 -126.87 -19.64
C LEU CF 117 -3.47 -128.13 -20.48
N PHE CF 118 -3.81 -129.31 -19.94
CA PHE CF 118 -3.82 -130.48 -20.81
C PHE CF 118 -5.00 -131.39 -20.52
N ASP CF 119 -5.77 -131.06 -19.50
CA ASP CF 119 -7.00 -131.79 -19.23
C ASP CF 119 -8.02 -131.47 -20.32
N SER CF 120 -8.83 -132.48 -20.66
CA SER CF 120 -9.83 -132.31 -21.69
C SER CF 120 -10.94 -131.35 -21.30
N ASP CF 121 -11.22 -131.22 -19.99
CA ASP CF 121 -12.31 -130.34 -19.55
C ASP CF 121 -12.03 -128.89 -19.90
N TYR CF 122 -10.78 -128.47 -19.85
CA TYR CF 122 -10.41 -127.09 -20.06
C TYR CF 122 -9.97 -126.79 -21.49
N SER CF 123 -10.13 -127.75 -22.40
CA SER CF 123 -9.77 -127.54 -23.79
C SER CF 123 -10.49 -126.34 -24.40
N ASP CF 124 -11.79 -126.24 -24.17
CA ASP CF 124 -12.58 -125.15 -24.75
C ASP CF 124 -12.25 -123.82 -24.07
N PHE CF 125 -11.94 -123.85 -22.78
CA PHE CF 125 -11.56 -122.63 -22.08
C PHE CF 125 -10.27 -122.05 -22.64
N TRP CF 126 -9.26 -122.90 -22.83
CA TRP CF 126 -7.99 -122.42 -23.37
C TRP CF 126 -8.10 -122.04 -24.84
N LYS CF 127 -8.95 -122.73 -25.61
CA LYS CF 127 -9.01 -122.52 -27.05
C LYS CF 127 -10.10 -121.53 -27.42
N ALA CF 128 -11.35 -121.77 -27.05
CA ALA CF 128 -12.47 -120.91 -27.43
C ALA CF 128 -12.84 -119.90 -26.36
N GLN CF 129 -12.13 -119.88 -25.23
CA GLN CF 129 -12.43 -118.99 -24.10
C GLN CF 129 -13.82 -119.25 -23.54
N ALA CF 130 -14.24 -120.51 -23.58
CA ALA CF 130 -15.56 -120.91 -23.08
C ALA CF 130 -15.49 -121.02 -21.56
N LEU CF 131 -15.71 -119.88 -20.90
CA LEU CF 131 -15.77 -119.85 -19.45
C LEU CF 131 -16.88 -120.75 -18.93
N ALA CF 132 -18.11 -120.41 -19.29
CA ALA CF 132 -19.25 -121.25 -18.99
C ALA CF 132 -19.43 -122.28 -20.10
N ALA DF 1 33.46 60.00 -110.50
CA ALA DF 1 33.27 61.21 -111.31
C ALA DF 1 31.93 61.85 -110.99
N ILE DF 2 31.40 61.54 -109.80
CA ILE DF 2 30.26 62.25 -109.27
C ILE DF 2 30.79 63.51 -108.59
N ALA DF 3 30.92 64.58 -109.36
CA ALA DF 3 31.49 65.81 -108.85
C ALA DF 3 31.06 66.95 -109.75
N ASN DF 4 31.89 67.33 -110.71
CA ASN DF 4 31.44 68.24 -111.75
C ASN DF 4 31.06 67.45 -113.00
N SER DF 5 30.03 66.63 -112.89
CA SER DF 5 29.51 65.85 -114.01
C SER DF 5 28.62 66.72 -114.89
N SER DF 6 27.83 66.10 -115.76
CA SER DF 6 26.90 66.86 -116.58
C SER DF 6 25.71 65.97 -116.93
N ILE DF 7 24.51 66.55 -116.81
CA ILE DF 7 23.27 65.86 -117.12
C ILE DF 7 22.33 66.82 -117.85
N ALA DF 8 21.73 66.35 -118.94
CA ALA DF 8 20.75 67.15 -119.67
C ALA DF 8 19.39 67.01 -119.01
N ILE DF 9 18.78 68.13 -118.67
CA ILE DF 9 17.48 68.14 -118.00
C ILE DF 9 16.42 68.55 -119.01
N ASP DF 10 15.30 67.81 -118.99
CA ASP DF 10 14.20 68.00 -119.95
C ASP DF 10 14.68 67.74 -121.38
N SER DF 11 15.17 66.53 -121.61
CA SER DF 11 15.73 66.12 -122.89
C SER DF 11 15.16 64.77 -123.31
N THR DF 12 15.22 64.50 -124.61
CA THR DF 12 14.76 63.23 -125.15
C THR DF 12 15.91 62.24 -125.26
N ALA DF 13 15.64 61.01 -124.85
CA ALA DF 13 16.63 59.94 -124.87
C ALA DF 13 16.29 58.94 -125.96
N SER DF 14 17.34 58.39 -126.58
CA SER DF 14 17.18 57.48 -127.71
C SER DF 14 18.13 56.31 -127.56
N VAL DF 15 17.88 55.27 -128.34
CA VAL DF 15 18.66 54.05 -128.32
C VAL DF 15 19.01 53.67 -129.76
N THR DF 16 20.29 53.36 -129.99
CA THR DF 16 20.77 52.92 -131.30
C THR DF 16 21.46 51.57 -131.15
N GLY DF 17 21.32 50.74 -132.19
CA GLY DF 17 21.99 49.45 -132.21
C GLY DF 17 21.31 48.44 -131.29
N GLY DF 18 22.09 47.48 -130.82
CA GLY DF 18 21.56 46.42 -129.98
C GLY DF 18 20.71 45.45 -130.76
N THR DF 19 19.99 44.60 -130.02
CA THR DF 19 19.14 43.57 -130.60
C THR DF 19 17.77 43.68 -129.94
N ALA DF 20 16.78 44.14 -130.71
CA ALA DF 20 15.42 44.30 -130.21
C ALA DF 20 14.84 42.98 -129.72
N ARG DF 21 14.63 42.85 -128.42
CA ARG DF 21 14.01 41.69 -127.83
C ARG DF 21 12.52 41.96 -127.64
N THR DF 22 11.83 41.09 -126.91
CA THR DF 22 10.41 41.26 -126.65
C THR DF 22 10.13 40.85 -125.22
N VAL DF 23 9.31 41.65 -124.52
CA VAL DF 23 8.96 41.37 -123.13
C VAL DF 23 7.70 40.51 -123.15
N LYS DF 24 7.86 39.24 -122.82
CA LYS DF 24 6.73 38.32 -122.79
C LYS DF 24 6.13 38.27 -121.39
N GLU DF 25 4.81 38.47 -121.32
CA GLU DF 25 4.13 38.55 -120.04
C GLU DF 25 3.79 37.15 -119.52
N LEU DF 26 4.04 36.94 -118.23
CA LEU DF 26 3.93 35.61 -117.66
C LEU DF 26 2.73 35.57 -116.73
N VAL DF 27 2.69 36.39 -115.68
CA VAL DF 27 1.64 36.35 -114.68
C VAL DF 27 1.31 37.78 -114.28
N ARG DF 28 0.02 38.09 -114.20
CA ARG DF 28 -0.47 39.42 -113.85
C ARG DF 28 -1.40 39.26 -112.66
N ASN DF 29 -0.88 39.51 -111.45
CA ASN DF 29 -1.68 39.31 -110.25
C ASN DF 29 -1.18 40.21 -109.13
N ASN DF 30 -2.08 40.48 -108.18
CA ASN DF 30 -1.74 41.13 -106.91
C ASN DF 30 -0.97 42.42 -107.12
N SER DF 31 -1.44 43.25 -108.07
CA SER DF 31 -0.82 44.53 -108.39
C SER DF 31 0.60 44.35 -108.95
N GLU DF 32 0.90 43.16 -109.45
CA GLU DF 32 2.21 42.80 -109.95
C GLU DF 32 2.07 42.21 -111.35
N LEU DF 33 3.07 42.43 -112.20
CA LEU DF 33 3.10 41.87 -113.55
C LEU DF 33 4.47 41.21 -113.73
N ASN DF 34 4.49 39.89 -113.61
CA ASN DF 34 5.71 39.13 -113.88
C ASN DF 34 5.85 38.90 -115.37
N ALA DF 35 7.05 39.16 -115.90
CA ALA DF 35 7.31 39.01 -117.32
C ALA DF 35 8.76 38.57 -117.48
N TYR DF 36 9.16 38.34 -118.73
CA TYR DF 36 10.54 37.94 -119.02
C TYR DF 36 10.92 38.46 -120.40
N ILE DF 37 12.20 38.71 -120.58
CA ILE DF 37 12.73 39.15 -121.86
C ILE DF 37 13.15 37.93 -122.65
N ASP DF 38 12.74 37.88 -123.92
CA ASP DF 38 12.95 36.71 -124.77
C ASP DF 38 14.21 36.93 -125.59
N GLU DF 39 15.29 36.26 -125.21
CA GLU DF 39 16.54 36.29 -125.98
C GLU DF 39 16.91 34.91 -126.51
N GLY DF 40 15.99 33.95 -126.47
CA GLY DF 40 16.29 32.59 -126.89
C GLY DF 40 17.27 31.92 -125.97
N LEU DF 41 17.08 32.09 -124.66
CA LEU DF 41 17.94 31.51 -123.64
C LEU DF 41 17.17 30.41 -122.91
N SER DF 42 17.87 29.74 -121.99
CA SER DF 42 17.26 28.70 -121.19
C SER DF 42 16.42 29.32 -120.07
N PHE DF 43 15.58 28.51 -119.44
CA PHE DF 43 14.76 29.01 -118.34
C PHE DF 43 15.59 29.45 -117.15
N GLN DF 44 16.70 28.76 -116.86
CA GLN DF 44 17.58 29.13 -115.77
C GLN DF 44 18.36 30.41 -116.01
N ALA DF 45 18.48 30.86 -117.26
CA ALA DF 45 19.09 32.15 -117.52
C ALA DF 45 18.13 32.93 -118.43
N ARG DF 46 17.14 33.56 -117.81
CA ARG DF 46 16.19 34.42 -118.50
C ARG DF 46 16.52 35.88 -118.14
N LYS DF 47 15.67 36.85 -118.48
CA LYS DF 47 15.85 38.22 -118.02
C LYS DF 47 14.55 38.71 -117.39
N GLU DF 48 14.01 37.92 -116.47
CA GLU DF 48 12.74 38.25 -115.83
C GLU DF 48 12.72 39.67 -115.31
N VAL DF 49 11.64 40.39 -115.62
CA VAL DF 49 11.43 41.75 -115.13
C VAL DF 49 10.03 41.82 -114.51
N ALA DF 50 9.94 42.36 -113.31
CA ALA DF 50 8.69 42.43 -112.57
C ALA DF 50 8.24 43.87 -112.43
N PHE DF 51 6.98 44.12 -112.79
CA PHE DF 51 6.37 45.44 -112.72
C PHE DF 51 5.35 45.43 -111.60
N SER DF 52 5.46 46.39 -110.69
CA SER DF 52 4.59 46.47 -109.53
C SER DF 52 4.07 47.90 -109.38
N VAL DF 53 2.84 48.02 -108.89
CA VAL DF 53 2.17 49.30 -108.72
C VAL DF 53 1.54 49.35 -107.33
N LYS DF 54 1.71 50.49 -106.67
CA LYS DF 54 1.15 50.74 -105.33
C LYS DF 54 0.36 52.05 -105.38
N VAL DF 55 -0.96 51.93 -105.51
CA VAL DF 55 -1.86 53.06 -105.70
C VAL DF 55 -1.97 53.89 -104.41
N PRO DF 56 -2.16 55.19 -104.50
CA PRO DF 56 -2.28 56.01 -103.28
C PRO DF 56 -3.57 55.74 -102.52
N LYS DF 57 -3.50 55.93 -101.21
CA LYS DF 57 -4.65 55.80 -100.32
C LYS DF 57 -4.80 57.07 -99.51
N VAL DF 58 -6.03 57.31 -99.04
CA VAL DF 58 -6.33 58.52 -98.27
C VAL DF 58 -5.60 58.48 -96.94
N SER DF 59 -5.16 59.65 -96.48
CA SER DF 59 -4.44 59.76 -95.21
C SER DF 59 -4.81 61.07 -94.55
N VAL DF 60 -4.31 61.27 -93.33
CA VAL DF 60 -4.43 62.54 -92.63
C VAL DF 60 -3.10 63.28 -92.55
N SER DF 61 -1.99 62.56 -92.40
CA SER DF 61 -0.65 63.06 -92.61
C SER DF 61 -0.37 63.08 -94.11
N ALA DF 62 0.91 63.11 -94.50
CA ALA DF 62 1.25 63.11 -95.92
C ALA DF 62 0.72 64.39 -96.57
N PRO DF 63 1.46 65.50 -96.47
CA PRO DF 63 0.85 66.83 -96.55
C PRO DF 63 0.25 67.11 -97.92
N GLY DF 64 -1.03 66.73 -98.06
CA GLY DF 64 -1.72 66.67 -99.32
C GLY DF 64 -2.77 65.57 -99.29
N GLY DF 65 -2.75 64.77 -98.23
CA GLY DF 65 -3.87 63.89 -97.94
C GLY DF 65 -3.68 62.46 -98.37
N PHE DF 66 -2.77 62.21 -99.29
CA PHE DF 66 -2.56 60.87 -99.82
C PHE DF 66 -1.10 60.45 -99.72
N THR DF 67 -0.91 59.15 -99.55
CA THR DF 67 0.40 58.55 -99.71
C THR DF 67 0.82 58.63 -101.17
N GLN DF 68 2.11 58.45 -101.42
CA GLN DF 68 2.63 58.60 -102.77
C GLN DF 68 2.30 57.38 -103.61
N ALA DF 69 2.25 57.58 -104.93
CA ALA DF 69 2.01 56.50 -105.88
C ALA DF 69 3.35 55.91 -106.30
N ARG DF 70 3.61 54.67 -105.89
CA ARG DF 70 4.88 54.01 -106.18
C ARG DF 70 4.74 53.06 -107.36
N SER DF 71 5.70 53.13 -108.27
CA SER DF 71 5.80 52.21 -109.41
C SER DF 71 7.19 51.60 -109.36
N THR DF 72 7.26 50.28 -109.26
CA THR DF 72 8.54 49.60 -109.10
C THR DF 72 8.78 48.62 -110.23
N VAL DF 73 10.00 48.64 -110.76
CA VAL DF 73 10.44 47.68 -111.76
C VAL DF 73 11.73 47.01 -111.28
N ILE DF 74 11.72 45.68 -111.20
CA ILE DF 74 12.92 44.92 -110.89
C ILE DF 74 13.29 44.06 -112.08
N LEU DF 75 14.50 44.24 -112.58
CA LEU DF 75 15.06 43.45 -113.66
C LEU DF 75 16.04 42.46 -113.06
N LYS DF 76 15.85 41.18 -113.34
CA LYS DF 76 16.72 40.14 -112.80
C LYS DF 76 17.60 39.55 -113.88
N SER DF 77 18.88 39.39 -113.56
CA SER DF 77 19.86 38.87 -114.51
C SER DF 77 20.60 37.70 -113.88
N PRO DF 78 20.19 36.47 -114.17
CA PRO DF 78 20.93 35.31 -113.67
C PRO DF 78 22.36 35.26 -114.17
N LYS DF 79 23.30 35.15 -113.25
CA LYS DF 79 24.71 34.99 -113.58
C LYS DF 79 25.20 33.65 -113.05
N THR DF 80 26.03 32.99 -113.84
CA THR DF 80 26.62 31.71 -113.46
C THR DF 80 28.08 31.95 -113.06
N LEU DF 81 28.44 31.50 -111.87
CA LEU DF 81 29.72 31.80 -111.28
C LEU DF 81 30.77 30.77 -111.72
N ALA DF 82 32.02 31.01 -111.32
CA ALA DF 82 33.11 30.12 -111.70
C ALA DF 82 32.92 28.73 -111.11
N ASN DF 83 32.55 28.66 -109.83
CA ASN DF 83 32.31 27.37 -109.19
C ASN DF 83 31.11 26.66 -109.83
N GLY DF 84 30.07 27.41 -110.17
CA GLY DF 84 28.93 26.84 -110.84
C GLY DF 84 27.60 27.13 -110.17
N ASN DF 85 27.65 27.77 -109.00
CA ASN DF 85 26.42 28.21 -108.35
C ASN DF 85 25.76 29.32 -109.15
N ARG DF 86 24.44 29.39 -109.05
CA ARG DF 86 23.66 30.40 -109.77
C ARG DF 86 23.33 31.56 -108.85
N THR DF 87 23.60 32.77 -109.32
CA THR DF 87 23.24 33.99 -108.61
C THR DF 87 22.45 34.89 -109.57
N VAL DF 88 21.59 35.72 -109.00
CA VAL DF 88 20.77 36.65 -109.75
C VAL DF 88 21.23 38.06 -109.43
N ASN DF 89 21.53 38.83 -110.47
CA ASN DF 89 21.89 40.24 -110.34
C ASN DF 89 20.63 41.04 -110.68
N THR DF 90 20.29 42.01 -109.85
CA THR DF 90 19.05 42.75 -110.00
C THR DF 90 19.29 44.26 -110.10
N VAL DF 91 18.40 44.92 -110.82
CA VAL DF 91 18.30 46.38 -110.81
C VAL DF 91 16.88 46.77 -110.44
N SER DF 92 16.73 47.52 -109.35
CA SER DF 92 15.42 48.02 -108.94
C SER DF 92 15.27 49.48 -109.31
N ILE DF 93 14.09 49.84 -109.81
CA ILE DF 93 13.76 51.22 -110.16
C ILE DF 93 12.42 51.52 -109.50
N GLN DF 94 12.44 52.38 -108.49
CA GLN DF 94 11.24 52.74 -107.74
C GLN DF 94 10.98 54.23 -107.92
N LEU DF 95 9.80 54.57 -108.42
CA LEU DF 95 9.40 55.97 -108.60
C LEU DF 95 8.23 56.25 -107.65
N SER DF 96 8.42 57.22 -106.76
CA SER DF 96 7.39 57.64 -105.83
C SER DF 96 7.07 59.10 -106.08
N VAL DF 97 5.84 59.38 -106.54
CA VAL DF 97 5.41 60.75 -106.77
C VAL DF 97 4.12 61.00 -105.98
N ASP DF 98 3.97 62.24 -105.54
CA ASP DF 98 2.69 62.67 -105.00
C ASP DF 98 1.66 62.69 -106.12
N PRO DF 99 0.40 62.34 -105.82
CA PRO DF 99 -0.61 62.28 -106.88
C PRO DF 99 -0.86 63.61 -107.57
N GLU DF 100 -0.50 64.74 -106.96
CA GLU DF 100 -0.67 66.03 -107.61
C GLU DF 100 0.35 66.27 -108.72
N THR DF 101 1.36 65.40 -108.83
CA THR DF 101 2.45 65.63 -109.77
C THR DF 101 1.99 65.51 -111.21
N THR DF 102 2.36 66.50 -112.03
CA THR DF 102 1.99 66.52 -113.43
C THR DF 102 2.79 65.48 -114.21
N ALA DF 103 2.36 65.22 -115.44
CA ALA DF 103 3.06 64.25 -116.28
C ALA DF 103 4.35 64.82 -116.82
N ALA DF 104 4.44 66.14 -116.97
CA ALA DF 104 5.69 66.76 -117.39
C ALA DF 104 6.74 66.71 -116.29
N GLU DF 105 6.30 66.77 -115.02
CA GLU DF 105 7.23 66.64 -113.91
C GLU DF 105 7.73 65.22 -113.76
N VAL DF 106 6.89 64.23 -114.05
CA VAL DF 106 7.32 62.84 -114.01
C VAL DF 106 8.26 62.55 -115.17
N THR DF 107 7.97 63.11 -116.34
CA THR DF 107 8.86 62.91 -117.50
C THR DF 107 10.26 63.44 -117.22
N THR DF 108 10.36 64.60 -116.55
CA THR DF 108 11.66 65.13 -116.19
C THR DF 108 12.38 64.22 -115.21
N MET DF 109 11.65 63.69 -114.22
CA MET DF 109 12.23 62.73 -113.29
C MET DF 109 12.72 61.49 -114.03
N LEU DF 110 11.89 60.97 -114.94
CA LEU DF 110 12.23 59.73 -115.64
C LEU DF 110 13.45 59.91 -116.52
N ASN DF 111 13.56 61.05 -117.20
CA ASN DF 111 14.67 61.25 -118.13
C ASN DF 111 15.97 61.54 -117.40
N ALA DF 112 15.92 62.33 -116.33
CA ALA DF 112 17.13 62.61 -115.56
C ALA DF 112 17.66 61.38 -114.86
N ALA DF 113 16.77 60.48 -114.44
CA ALA DF 113 17.20 59.24 -113.80
C ALA DF 113 17.77 58.26 -114.81
N ALA DF 114 17.36 58.35 -116.07
CA ALA DF 114 17.88 57.45 -117.10
C ALA DF 114 19.35 57.72 -117.35
N GLN DF 115 19.72 58.99 -117.50
CA GLN DF 115 21.12 59.36 -117.64
C GLN DF 115 21.91 59.08 -116.38
N LEU DF 116 21.25 58.92 -115.24
CA LEU DF 116 21.98 58.62 -114.00
C LEU DF 116 22.59 57.23 -114.04
N LEU DF 117 22.05 56.33 -114.88
CA LEU DF 117 22.60 54.99 -114.98
C LEU DF 117 23.04 54.64 -116.41
N PHE DF 118 23.20 55.64 -117.27
CA PHE DF 118 23.91 55.38 -118.53
C PHE DF 118 24.92 56.44 -118.94
N ASP DF 119 24.96 57.60 -118.28
CA ASP DF 119 25.99 58.59 -118.57
C ASP DF 119 27.36 58.04 -118.17
N SER DF 120 28.38 58.42 -118.93
CA SER DF 120 29.71 57.85 -118.73
C SER DF 120 30.31 58.28 -117.40
N ASP DF 121 29.94 59.47 -116.91
CA ASP DF 121 30.49 59.99 -115.65
C ASP DF 121 30.15 59.09 -114.47
N TYR DF 122 29.09 58.29 -114.61
CA TYR DF 122 28.67 57.45 -113.50
C TYR DF 122 29.08 55.99 -113.70
N SER DF 123 29.92 55.75 -114.71
CA SER DF 123 30.33 54.38 -115.01
C SER DF 123 31.08 53.75 -113.84
N ASP DF 124 32.01 54.48 -113.23
CA ASP DF 124 32.80 53.93 -112.13
C ASP DF 124 32.01 53.82 -110.84
N PHE DF 125 30.94 54.60 -110.67
CA PHE DF 125 30.09 54.42 -109.51
C PHE DF 125 29.30 53.13 -109.57
N TRP DF 126 28.82 52.74 -110.76
CA TRP DF 126 28.03 51.51 -110.89
C TRP DF 126 28.92 50.27 -110.95
N LYS DF 127 30.02 50.32 -111.69
CA LYS DF 127 30.91 49.18 -111.85
C LYS DF 127 31.98 49.14 -110.77
N ALA DF 128 32.80 50.18 -110.68
CA ALA DF 128 33.89 50.21 -109.71
C ALA DF 128 33.42 50.57 -108.31
N GLN DF 129 32.17 50.98 -108.14
CA GLN DF 129 31.63 51.38 -106.84
C GLN DF 129 32.42 52.55 -106.26
N ALA DF 130 32.77 53.49 -107.13
CA ALA DF 130 33.65 54.60 -106.81
C ALA DF 130 32.85 55.88 -106.67
N LEU DF 131 32.79 56.41 -105.44
CA LEU DF 131 32.02 57.62 -105.17
C LEU DF 131 32.65 58.85 -105.79
N ALA DF 132 33.97 58.89 -105.89
CA ALA DF 132 34.63 60.01 -106.56
C ALA DF 132 35.76 59.53 -107.45
N ALA EF 1 1.88 48.37 -124.01
CA ALA EF 1 2.63 48.69 -122.81
C ALA EF 1 3.45 47.50 -122.34
N ILE EF 2 3.37 47.18 -121.05
CA ILE EF 2 4.04 45.99 -120.53
C ILE EF 2 3.22 44.77 -120.93
N ALA EF 3 3.63 44.11 -122.02
CA ALA EF 3 2.87 43.02 -122.59
C ALA EF 3 3.60 42.47 -123.81
N ASN EF 4 3.90 43.35 -124.77
CA ASN EF 4 4.59 42.97 -126.00
C ASN EF 4 5.68 44.00 -126.34
N SER EF 5 6.13 44.75 -125.34
CA SER EF 5 7.10 45.80 -125.59
C SER EF 5 8.45 45.24 -125.98
N SER EF 6 9.21 46.02 -126.74
CA SER EF 6 10.53 45.62 -127.23
C SER EF 6 11.60 46.48 -126.55
N ILE EF 7 12.64 45.82 -126.07
CA ILE EF 7 13.79 46.48 -125.45
C ILE EF 7 15.05 46.04 -126.18
N ALA EF 8 15.88 47.01 -126.59
CA ALA EF 8 17.07 46.72 -127.37
C ALA EF 8 18.23 46.38 -126.45
N ILE EF 9 18.49 45.09 -126.28
CA ILE EF 9 19.55 44.63 -125.38
C ILE EF 9 20.91 44.95 -125.99
N ASP EF 10 21.82 45.43 -125.13
CA ASP EF 10 23.20 45.74 -125.51
C ASP EF 10 23.25 46.77 -126.64
N SER EF 11 22.48 47.84 -126.47
CA SER EF 11 22.47 48.96 -127.40
C SER EF 11 23.20 50.14 -126.78
N THR EF 12 23.21 51.26 -127.51
CA THR EF 12 23.82 52.50 -127.04
C THR EF 12 22.72 53.54 -126.84
N ALA EF 13 22.63 54.08 -125.64
CA ALA EF 13 21.64 55.08 -125.30
C ALA EF 13 22.29 56.46 -125.24
N SER EF 14 21.65 57.44 -125.87
CA SER EF 14 22.15 58.80 -125.93
C SER EF 14 21.03 59.78 -125.60
N VAL EF 15 21.38 61.06 -125.57
CA VAL EF 15 20.47 62.14 -125.20
C VAL EF 15 20.68 63.31 -126.15
N THR EF 16 19.58 63.91 -126.60
CA THR EF 16 19.63 65.12 -127.43
C THR EF 16 18.72 66.17 -126.82
N GLY EF 17 19.03 67.44 -127.09
CA GLY EF 17 18.23 68.52 -126.55
C GLY EF 17 18.50 68.73 -125.07
N GLY EF 18 17.62 69.50 -124.45
CA GLY EF 18 17.69 69.75 -123.02
C GLY EF 18 18.72 70.79 -122.64
N THR EF 19 18.80 71.02 -121.33
CA THR EF 19 19.79 71.91 -120.74
C THR EF 19 20.78 71.10 -119.91
N ALA EF 20 22.06 71.40 -120.10
CA ALA EF 20 23.14 70.66 -119.46
C ALA EF 20 23.42 71.29 -118.10
N ARG EF 21 23.03 70.60 -117.04
CA ARG EF 21 23.35 71.05 -115.69
C ARG EF 21 24.56 70.31 -115.15
N THR EF 22 25.15 70.85 -114.09
CA THR EF 22 26.49 70.45 -113.69
C THR EF 22 26.48 69.34 -112.63
N VAL EF 23 25.56 69.42 -111.67
CA VAL EF 23 25.55 68.55 -110.49
C VAL EF 23 26.73 68.94 -109.60
N LYS EF 24 26.46 69.29 -108.35
CA LYS EF 24 27.49 69.79 -107.44
C LYS EF 24 27.41 69.01 -106.14
N GLU EF 25 28.57 68.59 -105.64
CA GLU EF 25 28.61 67.83 -104.40
C GLU EF 25 28.23 68.73 -103.22
N LEU EF 26 27.33 68.23 -102.37
CA LEU EF 26 27.00 68.94 -101.14
C LEU EF 26 27.79 68.41 -99.94
N VAL EF 27 27.58 67.15 -99.60
CA VAL EF 27 28.08 66.56 -98.36
C VAL EF 27 28.49 65.13 -98.65
N ARG EF 28 29.55 64.69 -97.97
CA ARG EF 28 30.08 63.35 -98.14
C ARG EF 28 29.94 62.62 -96.81
N ASN EF 29 30.57 61.44 -96.72
CA ASN EF 29 30.58 60.59 -95.53
C ASN EF 29 29.27 59.84 -95.36
N ASN EF 30 29.36 58.52 -95.15
CA ASN EF 30 30.57 57.76 -95.44
C ASN EF 30 30.13 56.57 -96.25
N SER EF 31 30.78 56.36 -97.40
CA SER EF 31 30.24 55.52 -98.45
C SER EF 31 28.86 56.04 -98.87
N GLU EF 32 28.74 57.37 -98.89
CA GLU EF 32 27.48 58.05 -99.18
C GLU EF 32 27.79 59.45 -99.68
N LEU EF 33 27.56 59.68 -100.97
CA LEU EF 33 27.71 61.02 -101.51
C LEU EF 33 26.36 61.71 -101.60
N ASN EF 34 26.38 63.04 -101.49
CA ASN EF 34 25.18 63.87 -101.65
C ASN EF 34 25.52 65.02 -102.58
N ALA EF 35 24.70 65.21 -103.61
CA ALA EF 35 24.95 66.23 -104.60
C ALA EF 35 23.63 66.94 -104.90
N TYR EF 36 23.66 67.85 -105.86
CA TYR EF 36 22.45 68.52 -106.29
C TYR EF 36 22.65 69.01 -107.72
N ILE EF 37 21.61 68.90 -108.53
CA ILE EF 37 21.66 69.36 -109.91
C ILE EF 37 21.40 70.86 -109.92
N ASP EF 38 22.42 71.63 -110.29
CA ASP EF 38 22.34 73.09 -110.25
C ASP EF 38 21.69 73.60 -111.52
N GLU EF 39 20.47 74.10 -111.41
CA GLU EF 39 19.75 74.69 -112.53
C GLU EF 39 19.27 76.09 -112.20
N GLY EF 40 19.99 76.78 -111.30
CA GLY EF 40 19.62 78.13 -110.92
C GLY EF 40 18.30 78.24 -110.20
N LEU EF 41 18.02 77.30 -109.30
CA LEU EF 41 16.78 77.31 -108.53
C LEU EF 41 17.10 77.62 -107.07
N SER EF 42 16.05 77.80 -106.27
CA SER EF 42 16.21 78.13 -104.87
C SER EF 42 16.64 76.91 -104.07
N PHE EF 43 16.93 77.13 -102.79
CA PHE EF 43 17.42 76.07 -101.92
C PHE EF 43 16.36 75.00 -101.68
N GLN EF 44 15.09 75.38 -101.62
CA GLN EF 44 14.03 74.41 -101.37
C GLN EF 44 13.52 73.75 -102.64
N ALA EF 45 13.93 74.22 -103.81
CA ALA EF 45 13.40 73.73 -105.08
C ALA EF 45 14.48 73.05 -105.92
N ARG EF 46 15.62 72.72 -105.33
CA ARG EF 46 16.71 72.11 -106.07
C ARG EF 46 16.56 70.59 -106.10
N LYS EF 47 17.15 69.98 -107.12
CA LYS EF 47 17.01 68.55 -107.40
C LYS EF 47 17.54 67.65 -106.30
N GLU EF 48 18.84 67.74 -106.00
CA GLU EF 48 19.47 66.97 -104.92
C GLU EF 48 19.46 65.45 -105.10
N VAL EF 49 20.25 64.93 -106.04
CA VAL EF 49 20.44 63.50 -106.20
C VAL EF 49 21.44 63.01 -105.15
N ALA EF 50 21.17 61.84 -104.56
CA ALA EF 50 22.05 61.23 -103.57
C ALA EF 50 22.64 59.93 -104.09
N PHE EF 51 23.81 59.57 -103.57
CA PHE EF 51 24.55 58.39 -103.99
C PHE EF 51 24.96 57.57 -102.77
N SER EF 52 24.67 56.28 -102.79
CA SER EF 52 25.00 55.38 -101.70
C SER EF 52 25.77 54.18 -102.25
N VAL EF 53 26.47 53.48 -101.36
CA VAL EF 53 27.31 52.35 -101.76
C VAL EF 53 27.42 51.36 -100.61
N LYS EF 54 27.24 50.08 -100.92
CA LYS EF 54 27.47 48.98 -99.98
C LYS EF 54 28.51 48.06 -100.61
N VAL EF 55 29.70 48.04 -100.04
CA VAL EF 55 30.79 47.27 -100.64
C VAL EF 55 30.55 45.78 -100.44
N PRO EF 56 31.10 44.91 -101.27
CA PRO EF 56 30.91 43.46 -101.06
C PRO EF 56 31.54 43.01 -99.76
N LYS EF 57 30.76 42.33 -98.94
CA LYS EF 57 31.19 41.87 -97.63
C LYS EF 57 31.47 40.37 -97.70
N VAL EF 58 32.55 39.95 -97.05
CA VAL EF 58 32.96 38.55 -97.09
C VAL EF 58 32.03 37.72 -96.22
N SER EF 59 31.03 37.09 -96.84
CA SER EF 59 30.16 36.16 -96.13
C SER EF 59 30.69 34.74 -96.31
N VAL EF 60 29.88 33.74 -95.94
CA VAL EF 60 30.28 32.35 -96.09
C VAL EF 60 29.25 31.60 -96.92
N SER EF 61 27.98 31.70 -96.53
CA SER EF 61 26.91 30.93 -97.15
C SER EF 61 26.26 31.74 -98.28
N ALA EF 62 27.09 32.12 -99.25
CA ALA EF 62 26.60 32.89 -100.37
C ALA EF 62 27.22 32.37 -101.66
N PRO EF 63 26.55 32.53 -102.80
CA PRO EF 63 27.19 32.23 -104.08
C PRO EF 63 28.44 33.07 -104.27
N GLY EF 64 29.52 32.43 -104.71
CA GLY EF 64 30.77 33.13 -104.92
C GLY EF 64 31.57 33.27 -103.65
N GLY EF 65 30.89 33.48 -102.53
CA GLY EF 65 31.55 33.61 -101.24
C GLY EF 65 31.21 34.90 -100.53
N PHE EF 66 31.13 36.01 -101.26
CA PHE EF 66 30.88 37.30 -100.65
C PHE EF 66 29.41 37.69 -100.81
N THR EF 67 29.01 38.76 -100.13
CA THR EF 67 27.72 39.38 -100.39
C THR EF 67 27.81 40.23 -101.65
N GLN EF 68 26.69 40.84 -102.00
CA GLN EF 68 26.60 41.55 -103.28
C GLN EF 68 27.08 42.99 -103.14
N ALA EF 69 27.54 43.54 -104.26
CA ALA EF 69 27.98 44.94 -104.34
C ALA EF 69 26.77 45.80 -104.64
N ARG EF 70 26.20 46.41 -103.60
CA ARG EF 70 25.03 47.26 -103.75
C ARG EF 70 25.46 48.69 -104.06
N SER EF 71 24.69 49.34 -104.95
CA SER EF 71 24.99 50.71 -105.36
C SER EF 71 23.65 51.40 -105.60
N THR EF 72 23.29 52.32 -104.73
CA THR EF 72 21.99 52.97 -104.77
C THR EF 72 22.11 54.44 -105.17
N VAL EF 73 21.13 54.91 -105.92
CA VAL EF 73 21.01 56.31 -106.31
C VAL EF 73 19.56 56.72 -106.03
N ILE EF 74 19.38 57.87 -105.38
CA ILE EF 74 18.06 58.45 -105.19
C ILE EF 74 18.10 59.88 -105.72
N LEU EF 75 17.23 60.17 -106.67
CA LEU EF 75 17.02 61.54 -107.15
C LEU EF 75 15.76 62.07 -106.47
N LYS EF 76 15.93 63.11 -105.66
CA LYS EF 76 14.79 63.78 -105.06
C LYS EF 76 14.32 64.90 -105.99
N SER EF 77 13.09 65.35 -105.78
CA SER EF 77 12.49 66.40 -106.62
C SER EF 77 11.42 67.10 -105.82
N PRO EF 78 11.70 68.30 -105.29
CA PRO EF 78 10.69 69.01 -104.50
C PRO EF 78 9.49 69.39 -105.33
N LYS EF 79 8.33 69.44 -104.69
CA LYS EF 79 7.10 69.88 -105.32
C LYS EF 79 6.21 70.51 -104.27
N THR EF 80 5.63 71.65 -104.62
CA THR EF 80 4.69 72.34 -103.74
C THR EF 80 3.27 72.03 -104.18
N LEU EF 81 2.38 71.88 -103.20
CA LEU EF 81 1.05 71.34 -103.47
C LEU EF 81 0.01 72.46 -103.58
N ALA EF 82 -1.24 72.06 -103.82
CA ALA EF 82 -2.34 72.99 -103.98
C ALA EF 82 -2.79 73.62 -102.67
N ASN EF 83 -2.29 73.12 -101.53
CA ASN EF 83 -2.55 73.72 -100.24
C ASN EF 83 -1.34 74.46 -99.67
N GLY EF 84 -0.25 74.57 -100.45
CA GLY EF 84 0.94 75.28 -100.03
C GLY EF 84 1.98 74.43 -99.32
N ASN EF 85 1.67 73.17 -99.02
CA ASN EF 85 2.63 72.31 -98.35
C ASN EF 85 3.69 71.83 -99.33
N ARG EF 86 4.82 71.36 -98.78
CA ARG EF 86 5.96 70.92 -99.57
C ARG EF 86 6.12 69.42 -99.39
N THR EF 87 6.28 68.70 -100.50
CA THR EF 87 6.60 67.28 -100.51
C THR EF 87 7.74 67.02 -101.49
N VAL EF 88 8.20 65.77 -101.53
CA VAL EF 88 9.32 65.37 -102.37
C VAL EF 88 8.91 64.15 -103.19
N ASN EF 89 9.21 64.19 -104.49
CA ASN EF 89 9.10 63.02 -105.36
C ASN EF 89 10.49 62.43 -105.53
N THR EF 90 10.58 61.10 -105.55
CA THR EF 90 11.86 60.42 -105.59
C THR EF 90 11.89 59.37 -106.69
N VAL EF 91 13.09 59.15 -107.21
CA VAL EF 91 13.39 58.01 -108.06
C VAL EF 91 14.56 57.26 -107.44
N SER EF 92 14.33 56.02 -107.02
CA SER EF 92 15.38 55.24 -106.37
C SER EF 92 15.84 54.13 -107.30
N ILE EF 93 17.14 54.08 -107.58
CA ILE EF 93 17.73 53.07 -108.43
C ILE EF 93 18.77 52.33 -107.60
N GLN EF 94 18.59 51.02 -107.45
CA GLN EF 94 19.55 50.16 -106.76
C GLN EF 94 20.08 49.11 -107.71
N LEU EF 95 21.40 49.05 -107.83
CA LEU EF 95 22.08 48.03 -108.63
C LEU EF 95 22.76 47.09 -107.63
N SER EF 96 22.45 45.80 -107.73
CA SER EF 96 22.99 44.80 -106.82
C SER EF 96 23.51 43.63 -107.64
N VAL EF 97 24.82 43.61 -107.87
CA VAL EF 97 25.46 42.56 -108.62
C VAL EF 97 26.42 41.80 -107.71
N ASP EF 98 26.77 40.58 -108.10
CA ASP EF 98 27.81 39.82 -107.43
C ASP EF 98 29.16 40.38 -107.83
N PRO EF 99 30.16 40.31 -106.94
CA PRO EF 99 31.48 40.87 -107.26
C PRO EF 99 32.13 40.22 -108.48
N GLU EF 100 31.77 38.99 -108.83
CA GLU EF 100 32.31 38.30 -109.98
C GLU EF 100 31.77 38.83 -111.30
N THR EF 101 30.79 39.72 -111.27
CA THR EF 101 30.21 40.27 -112.48
C THR EF 101 31.21 41.17 -113.19
N THR EF 102 31.27 41.04 -114.51
CA THR EF 102 32.16 41.85 -115.33
C THR EF 102 31.52 43.20 -115.65
N ALA EF 103 32.34 44.11 -116.15
CA ALA EF 103 31.86 45.45 -116.47
C ALA EF 103 30.85 45.42 -117.60
N ALA EF 104 31.05 44.52 -118.57
CA ALA EF 104 30.15 44.45 -119.71
C ALA EF 104 28.80 43.86 -119.34
N GLU EF 105 28.76 42.96 -118.36
CA GLU EF 105 27.48 42.43 -117.88
C GLU EF 105 26.72 43.47 -117.06
N VAL EF 106 27.44 44.44 -116.48
CA VAL EF 106 26.79 45.50 -115.74
C VAL EF 106 26.30 46.58 -116.71
N THR EF 107 27.04 46.79 -117.79
CA THR EF 107 26.66 47.74 -118.84
C THR EF 107 25.36 47.32 -119.49
N THR EF 108 25.14 46.01 -119.62
CA THR EF 108 23.91 45.51 -120.22
C THR EF 108 22.72 45.75 -119.30
N MET EF 109 22.90 45.47 -118.01
CA MET EF 109 21.81 45.68 -117.04
C MET EF 109 21.41 47.15 -116.98
N LEU EF 110 22.39 48.05 -116.95
CA LEU EF 110 22.07 49.47 -116.85
C LEU EF 110 21.36 49.97 -118.10
N ASN EF 111 21.76 49.45 -119.26
CA ASN EF 111 21.11 49.87 -120.51
C ASN EF 111 19.70 49.32 -120.58
N ALA EF 112 19.49 48.08 -120.17
CA ALA EF 112 18.15 47.50 -120.15
C ALA EF 112 17.27 48.23 -119.16
N ALA EF 113 17.80 48.53 -117.97
CA ALA EF 113 17.02 49.21 -116.95
C ALA EF 113 16.78 50.67 -117.29
N ALA EF 114 17.75 51.31 -117.95
CA ALA EF 114 17.54 52.69 -118.38
C ALA EF 114 16.43 52.78 -119.41
N GLN EF 115 16.32 51.77 -120.27
CA GLN EF 115 15.28 51.79 -121.30
C GLN EF 115 13.89 51.70 -120.67
N LEU EF 116 13.76 50.97 -119.56
CA LEU EF 116 12.48 50.92 -118.85
C LEU EF 116 12.37 52.13 -117.94
N LEU EF 117 12.77 53.29 -118.48
CA LEU EF 117 12.59 54.55 -117.78
C LEU EF 117 12.12 55.62 -118.76
N PHE EF 118 12.51 55.48 -120.02
CA PHE EF 118 12.23 56.48 -121.03
C PHE EF 118 11.59 55.93 -122.30
N ASP EF 119 11.50 54.60 -122.45
CA ASP EF 119 10.84 54.03 -123.62
C ASP EF 119 9.37 54.38 -123.63
N SER EF 120 8.87 54.74 -124.81
CA SER EF 120 7.49 55.21 -124.94
C SER EF 120 6.48 54.15 -124.54
N ASP EF 121 6.88 52.88 -124.61
CA ASP EF 121 5.99 51.78 -124.27
C ASP EF 121 5.62 51.82 -122.79
N TYR EF 122 6.58 52.12 -121.92
CA TYR EF 122 6.31 52.21 -120.49
C TYR EF 122 6.08 53.67 -120.08
N SER EF 123 5.06 54.31 -120.63
CA SER EF 123 4.72 55.67 -120.21
C SER EF 123 3.51 55.63 -119.31
N ASP EF 124 2.50 54.85 -119.72
CA ASP EF 124 1.29 54.71 -118.90
C ASP EF 124 1.59 54.05 -117.56
N PHE EF 125 2.65 53.24 -117.51
CA PHE EF 125 3.01 52.58 -116.25
C PHE EF 125 3.56 53.54 -115.21
N TRP EF 126 4.34 54.54 -115.63
CA TRP EF 126 4.94 55.47 -114.67
C TRP EF 126 3.98 56.60 -114.32
N LYS EF 127 3.37 57.22 -115.33
CA LYS EF 127 2.52 58.38 -115.08
C LYS EF 127 1.09 57.96 -114.74
N ALA EF 128 0.46 57.19 -115.63
CA ALA EF 128 -0.90 56.73 -115.37
C ALA EF 128 -0.95 55.60 -114.37
N GLN EF 129 0.20 55.03 -114.01
CA GLN EF 129 0.30 53.90 -113.09
C GLN EF 129 -0.55 52.72 -113.58
N ALA EF 130 -0.56 52.50 -114.88
CA ALA EF 130 -1.35 51.46 -115.53
C ALA EF 130 -0.47 50.25 -115.80
N LEU EF 131 -0.75 49.15 -115.11
CA LEU EF 131 0.05 47.94 -115.21
C LEU EF 131 0.01 47.35 -116.62
N ALA EF 132 -1.15 47.36 -117.25
CA ALA EF 132 -1.29 46.84 -118.60
C ALA EF 132 -2.55 47.40 -119.27
N ALA FF 1 -8.44 -0.38 -131.81
CA ALA FF 1 -8.48 -0.21 -130.36
C ALA FF 1 -7.11 0.18 -129.81
N ILE FF 2 -6.95 0.09 -128.49
CA ILE FF 2 -5.71 0.51 -127.86
C ILE FF 2 -4.54 -0.34 -128.32
N ALA FF 3 -4.73 -1.66 -128.36
CA ALA FF 3 -3.67 -2.56 -128.82
C ALA FF 3 -3.41 -2.35 -130.30
N ASN FF 4 -2.12 -2.18 -130.64
CA ASN FF 4 -1.68 -1.98 -132.03
C ASN FF 4 -2.29 -0.72 -132.64
N SER FF 5 -2.58 0.27 -131.80
CA SER FF 5 -3.01 1.58 -132.27
C SER FF 5 -1.79 2.35 -132.77
N SER FF 6 -1.98 3.13 -133.83
CA SER FF 6 -0.90 3.89 -134.41
C SER FF 6 -1.03 5.37 -134.09
N ILE FF 7 0.08 5.98 -133.69
CA ILE FF 7 0.16 7.41 -133.40
C ILE FF 7 1.28 8.00 -134.22
N ALA FF 8 0.99 9.10 -134.91
CA ALA FF 8 1.98 9.75 -135.77
C ALA FF 8 2.76 10.78 -134.97
N ILE FF 9 4.00 10.47 -134.64
CA ILE FF 9 4.84 11.33 -133.81
C ILE FF 9 5.36 12.49 -134.64
N ASP FF 10 5.42 13.68 -134.02
CA ASP FF 10 5.89 14.91 -134.66
C ASP FF 10 5.04 15.23 -135.89
N SER FF 11 3.78 15.51 -135.61
CA SER FF 11 2.80 15.72 -136.67
C SER FF 11 2.05 17.02 -136.45
N THR FF 12 1.67 17.66 -137.55
CA THR FF 12 0.81 18.83 -137.46
C THR FF 12 -0.64 18.40 -137.28
N ALA FF 13 -1.31 19.01 -136.31
CA ALA FF 13 -2.70 18.72 -136.00
C ALA FF 13 -3.55 19.86 -136.56
N SER FF 14 -4.38 19.55 -137.54
CA SER FF 14 -5.32 20.53 -138.06
C SER FF 14 -6.68 20.35 -137.39
N VAL FF 15 -7.63 21.19 -137.78
CA VAL FF 15 -9.01 21.06 -137.32
C VAL FF 15 -9.93 21.79 -138.30
N THR FF 16 -10.98 21.11 -138.77
CA THR FF 16 -11.91 21.68 -139.73
C THR FF 16 -13.31 21.19 -139.40
N GLY FF 17 -14.02 21.92 -138.54
CA GLY FF 17 -15.43 21.64 -138.33
C GLY FF 17 -16.33 22.86 -138.29
N GLY FF 18 -15.73 24.05 -138.18
CA GLY FF 18 -16.49 25.26 -138.06
C GLY FF 18 -16.88 25.57 -136.62
N THR FF 19 -17.87 26.46 -136.45
CA THR FF 19 -18.36 26.87 -135.14
C THR FF 19 -17.23 27.46 -134.29
N ALA FF 20 -16.64 28.54 -134.80
CA ALA FF 20 -15.50 29.18 -134.14
C ALA FF 20 -15.96 30.00 -132.95
N ARG FF 21 -15.94 29.41 -131.77
CA ARG FF 21 -16.32 30.09 -130.55
C ARG FF 21 -15.17 30.95 -130.04
N THR FF 22 -15.38 31.57 -128.88
CA THR FF 22 -14.40 32.48 -128.30
C THR FF 22 -14.27 32.19 -126.81
N VAL FF 23 -13.03 32.04 -126.36
CA VAL FF 23 -12.75 31.86 -124.94
C VAL FF 23 -12.65 33.25 -124.30
N LYS FF 24 -13.54 33.53 -123.36
CA LYS FF 24 -13.55 34.79 -122.63
C LYS FF 24 -13.19 34.53 -121.17
N GLU FF 25 -12.22 35.27 -120.65
CA GLU FF 25 -11.81 35.04 -119.27
C GLU FF 25 -12.84 35.63 -118.31
N LEU FF 26 -12.94 35.01 -117.13
CA LEU FF 26 -13.89 35.45 -116.11
C LEU FF 26 -13.15 36.05 -114.92
N VAL FF 27 -12.29 35.29 -114.26
CA VAL FF 27 -11.55 35.75 -113.09
C VAL FF 27 -10.11 35.27 -113.23
N ARG FF 28 -9.31 35.57 -112.22
CA ARG FF 28 -7.90 35.19 -112.24
C ARG FF 28 -7.43 34.45 -110.99
N ASN FF 29 -8.05 34.71 -109.84
CA ASN FF 29 -7.56 34.34 -108.50
C ASN FF 29 -6.06 34.05 -108.44
N ASN FF 30 -5.66 33.04 -107.67
CA ASN FF 30 -4.27 32.81 -107.34
C ASN FF 30 -3.61 31.97 -108.42
N SER FF 31 -2.82 32.62 -109.29
CA SER FF 31 -2.03 31.95 -110.31
C SER FF 31 -2.89 31.01 -111.15
N GLU FF 32 -4.08 31.48 -111.48
CA GLU FF 32 -5.04 30.71 -112.26
C GLU FF 32 -5.65 31.62 -113.31
N LEU FF 33 -6.50 31.05 -114.16
CA LEU FF 33 -7.23 31.84 -115.12
C LEU FF 33 -8.52 31.12 -115.49
N ASN FF 34 -9.63 31.54 -114.92
CA ASN FF 34 -10.92 30.90 -115.19
C ASN FF 34 -11.59 31.61 -116.35
N ALA FF 35 -11.83 30.90 -117.44
CA ALA FF 35 -12.48 31.43 -118.61
C ALA FF 35 -13.74 30.62 -118.91
N TYR FF 36 -14.38 30.93 -120.03
CA TYR FF 36 -15.56 30.20 -120.46
C TYR FF 36 -15.71 30.35 -121.96
N ILE FF 37 -16.36 29.37 -122.59
CA ILE FF 37 -16.55 29.37 -124.03
C ILE FF 37 -17.89 30.02 -124.34
N ASP FF 38 -17.87 31.04 -125.21
CA ASP FF 38 -19.07 31.82 -125.51
C ASP FF 38 -19.83 31.16 -126.65
N GLU FF 39 -20.84 30.36 -126.27
CA GLU FF 39 -21.70 29.69 -127.23
C GLU FF 39 -23.14 30.13 -127.15
N GLY FF 40 -23.46 31.13 -126.33
CA GLY FF 40 -24.81 31.60 -126.17
C GLY FF 40 -25.69 30.78 -125.24
N LEU FF 41 -25.13 29.85 -124.49
CA LEU FF 41 -25.90 29.05 -123.55
C LEU FF 41 -26.24 29.89 -122.32
N SER FF 42 -26.91 29.25 -121.36
CA SER FF 42 -27.29 29.94 -120.15
C SER FF 42 -26.06 30.24 -119.29
N PHE FF 43 -26.28 30.97 -118.21
CA PHE FF 43 -25.18 31.37 -117.33
C PHE FF 43 -24.58 30.17 -116.62
N GLN FF 44 -25.43 29.28 -116.09
CA GLN FF 44 -24.97 28.10 -115.39
C GLN FF 44 -25.08 26.85 -116.27
N ALA FF 45 -25.04 27.03 -117.60
CA ALA FF 45 -24.94 25.91 -118.52
C ALA FF 45 -23.80 26.07 -119.50
N ARG FF 46 -22.98 27.11 -119.36
CA ARG FF 46 -21.86 27.36 -120.27
C ARG FF 46 -20.68 26.48 -119.88
N LYS FF 47 -19.75 26.28 -120.82
CA LYS FF 47 -18.58 25.47 -120.55
C LYS FF 47 -17.44 26.39 -120.14
N GLU FF 48 -16.96 26.23 -118.90
CA GLU FF 48 -15.86 27.03 -118.36
C GLU FF 48 -14.60 26.17 -118.39
N VAL FF 49 -13.54 26.70 -119.00
CA VAL FF 49 -12.24 26.05 -118.96
C VAL FF 49 -11.30 26.84 -118.07
N ALA FF 50 -10.67 26.18 -117.12
CA ALA FF 50 -9.79 26.81 -116.16
C ALA FF 50 -8.33 26.46 -116.44
N PHE FF 51 -7.47 27.47 -116.34
CA PHE FF 51 -6.04 27.35 -116.57
C PHE FF 51 -5.29 27.60 -115.27
N SER FF 52 -4.10 27.02 -115.15
CA SER FF 52 -3.30 27.20 -113.94
C SER FF 52 -1.85 26.83 -114.23
N VAL FF 53 -0.93 27.51 -113.54
CA VAL FF 53 0.50 27.24 -113.67
C VAL FF 53 1.09 27.04 -112.29
N LYS FF 54 2.19 26.27 -112.23
CA LYS FF 54 2.85 25.90 -110.99
C LYS FF 54 4.36 26.01 -111.17
N VAL FF 55 4.83 27.19 -111.60
CA VAL FF 55 6.22 27.47 -111.98
C VAL FF 55 7.23 26.83 -111.03
N PRO FF 56 8.37 26.38 -111.54
CA PRO FF 56 9.31 25.61 -110.72
C PRO FF 56 9.88 26.41 -109.56
N LYS FF 57 10.21 25.67 -108.49
CA LYS FF 57 10.74 26.26 -107.26
C LYS FF 57 12.06 25.59 -106.95
N VAL FF 58 13.10 26.39 -106.73
CA VAL FF 58 14.46 25.87 -106.57
C VAL FF 58 14.54 24.99 -105.32
N SER FF 59 14.79 23.70 -105.52
CA SER FF 59 14.85 22.74 -104.44
C SER FF 59 16.28 22.20 -104.29
N VAL FF 60 16.49 21.32 -103.30
CA VAL FF 60 17.75 20.62 -103.12
C VAL FF 60 17.67 19.19 -103.66
N SER FF 61 16.49 18.58 -103.56
CA SER FF 61 16.13 17.32 -104.18
C SER FF 61 15.83 17.59 -105.66
N ALA FF 62 15.04 16.71 -106.30
CA ALA FF 62 14.69 16.87 -107.71
C ALA FF 62 15.91 16.72 -108.61
N PRO FF 63 16.30 15.48 -108.91
CA PRO FF 63 17.59 15.22 -109.55
C PRO FF 63 17.66 15.81 -110.95
N GLY FF 64 18.11 17.07 -110.99
CA GLY FF 64 17.98 17.96 -112.11
C GLY FF 64 17.91 19.38 -111.60
N GLY FF 65 17.75 19.52 -110.29
CA GLY FF 65 17.91 20.79 -109.62
C GLY FF 65 16.68 21.28 -108.88
N PHE FF 66 15.50 21.17 -109.50
CA PHE FF 66 14.27 21.69 -108.92
C PHE FF 66 13.06 21.16 -109.68
N THR FF 67 11.89 21.36 -109.06
CA THR FF 67 10.65 20.73 -109.45
C THR FF 67 10.25 21.11 -110.88
N GLN FF 68 9.32 20.33 -111.42
CA GLN FF 68 8.90 20.49 -112.80
C GLN FF 68 7.89 21.61 -112.97
N ALA FF 69 7.58 21.90 -114.22
CA ALA FF 69 6.68 22.98 -114.59
C ALA FF 69 5.35 22.37 -115.05
N ARG FF 70 4.43 22.18 -114.11
CA ARG FF 70 3.11 21.64 -114.44
C ARG FF 70 2.17 22.74 -114.91
N SER FF 71 1.38 22.42 -115.94
CA SER FF 71 0.36 23.32 -116.47
C SER FF 71 -0.94 22.52 -116.58
N THR FF 72 -2.00 23.02 -115.96
CA THR FF 72 -3.26 22.31 -115.92
C THR FF 72 -4.34 23.03 -116.71
N VAL FF 73 -5.20 22.24 -117.35
CA VAL FF 73 -6.38 22.76 -118.04
C VAL FF 73 -7.56 21.86 -117.71
N ILE FF 74 -8.58 22.40 -117.04
CA ILE FF 74 -9.79 21.65 -116.75
C ILE FF 74 -10.95 22.27 -117.53
N LEU FF 75 -11.60 21.45 -118.35
CA LEU FF 75 -12.74 21.88 -119.16
C LEU FF 75 -14.00 21.31 -118.51
N LYS FF 76 -14.86 22.18 -118.02
CA LYS FF 76 -16.08 21.76 -117.34
C LYS FF 76 -17.27 21.96 -118.26
N SER FF 77 -17.94 20.87 -118.61
CA SER FF 77 -19.10 20.91 -119.50
C SER FF 77 -20.34 20.49 -118.74
N PRO FF 78 -21.23 21.42 -118.37
CA PRO FF 78 -22.39 21.04 -117.57
C PRO FF 78 -23.36 20.18 -118.35
N LYS FF 79 -24.13 19.37 -117.63
CA LYS FF 79 -25.10 18.49 -118.24
C LYS FF 79 -26.30 18.30 -117.31
N THR FF 80 -27.50 18.44 -117.86
CA THR FF 80 -28.73 18.21 -117.12
C THR FF 80 -29.17 16.76 -117.35
N LEU FF 81 -29.32 16.01 -116.27
CA LEU FF 81 -29.65 14.60 -116.38
C LEU FF 81 -31.16 14.41 -116.54
N ALA FF 82 -31.54 13.17 -116.89
CA ALA FF 82 -32.96 12.86 -117.07
C ALA FF 82 -33.74 12.99 -115.76
N ASN FF 83 -33.12 12.59 -114.66
CA ASN FF 83 -33.78 12.72 -113.36
C ASN FF 83 -34.08 14.18 -113.02
N GLY FF 84 -33.37 15.11 -113.65
CA GLY FF 84 -33.68 16.51 -113.48
C GLY FF 84 -32.54 17.31 -112.87
N ASN FF 85 -31.70 16.66 -112.08
CA ASN FF 85 -30.59 17.34 -111.43
C ASN FF 85 -29.52 17.70 -112.45
N ARG FF 86 -28.49 18.40 -111.98
CA ARG FF 86 -27.41 18.90 -112.81
C ARG FF 86 -26.09 18.29 -112.35
N THR FF 87 -25.20 18.07 -113.31
CA THR FF 87 -23.88 17.52 -113.05
C THR FF 87 -22.92 18.13 -114.07
N VAL FF 88 -21.63 18.07 -113.77
CA VAL FF 88 -20.60 18.61 -114.65
C VAL FF 88 -19.71 17.48 -115.12
N ASN FF 89 -19.43 17.45 -116.42
CA ASN FF 89 -18.52 16.49 -117.03
C ASN FF 89 -17.22 17.24 -117.31
N THR FF 90 -16.12 16.71 -116.77
CA THR FF 90 -14.85 17.43 -116.79
C THR FF 90 -13.79 16.70 -117.59
N VAL FF 91 -12.86 17.47 -118.16
CA VAL FF 91 -11.70 16.93 -118.84
C VAL FF 91 -10.46 17.68 -118.37
N SER FF 92 -9.71 17.08 -117.45
CA SER FF 92 -8.50 17.73 -116.96
C SER FF 92 -7.27 17.26 -117.73
N ILE FF 93 -6.30 18.16 -117.89
CA ILE FF 93 -5.06 17.87 -118.60
C ILE FF 93 -3.91 18.52 -117.85
N GLN FF 94 -2.85 17.77 -117.58
CA GLN FF 94 -1.69 18.28 -116.87
C GLN FF 94 -0.41 17.99 -117.66
N LEU FF 95 0.57 18.88 -117.50
CA LEU FF 95 1.81 18.85 -118.29
C LEU FF 95 3.03 19.00 -117.38
N SER FF 96 3.13 18.12 -116.38
CA SER FF 96 4.29 18.13 -115.48
C SER FF 96 5.54 17.74 -116.27
N VAL FF 97 6.28 18.76 -116.71
CA VAL FF 97 7.52 18.56 -117.44
C VAL FF 97 8.65 19.28 -116.71
N ASP FF 98 9.82 18.66 -116.74
CA ASP FF 98 10.98 19.22 -116.06
C ASP FF 98 11.41 20.51 -116.74
N PRO FF 99 11.75 21.56 -115.98
CA PRO FF 99 11.96 22.88 -116.57
C PRO FF 99 13.12 22.98 -117.55
N GLU FF 100 14.04 22.02 -117.57
CA GLU FF 100 15.11 22.01 -118.55
C GLU FF 100 14.63 21.60 -119.94
N THR FF 101 13.38 21.19 -120.07
CA THR FF 101 12.86 20.63 -121.31
C THR FF 101 12.79 21.69 -122.40
N THR FF 102 13.22 21.31 -123.61
CA THR FF 102 13.11 22.19 -124.76
C THR FF 102 11.66 22.27 -125.22
N ALA FF 103 11.37 23.33 -125.99
CA ALA FF 103 10.02 23.54 -126.49
C ALA FF 103 9.68 22.66 -127.67
N ALA FF 104 10.68 22.05 -128.32
CA ALA FF 104 10.40 21.16 -129.44
C ALA FF 104 9.80 19.85 -128.97
N GLU FF 105 10.36 19.26 -127.92
CA GLU FF 105 9.85 17.99 -127.42
C GLU FF 105 8.55 18.18 -126.64
N VAL FF 106 8.36 19.37 -126.04
CA VAL FF 106 7.06 19.70 -125.47
C VAL FF 106 6.00 19.71 -126.56
N THR FF 107 6.31 20.30 -127.72
CA THR FF 107 5.40 20.25 -128.86
C THR FF 107 5.18 18.81 -129.30
N THR FF 108 6.24 18.00 -129.29
CA THR FF 108 6.09 16.58 -129.60
C THR FF 108 5.15 15.90 -128.62
N MET FF 109 5.32 16.18 -127.33
CA MET FF 109 4.48 15.56 -126.31
C MET FF 109 3.04 16.04 -126.42
N LEU FF 110 2.85 17.33 -126.66
CA LEU FF 110 1.49 17.87 -126.77
C LEU FF 110 0.77 17.28 -127.99
N ASN FF 111 1.50 17.12 -129.08
CA ASN FF 111 0.91 16.50 -130.27
C ASN FF 111 0.56 15.04 -130.03
N ALA FF 112 1.47 14.29 -129.41
CA ALA FF 112 1.21 12.89 -129.13
C ALA FF 112 0.03 12.72 -128.18
N ALA FF 113 -0.02 13.52 -127.11
CA ALA FF 113 -1.15 13.52 -126.20
C ALA FF 113 -2.45 13.95 -126.85
N ALA FF 114 -2.42 15.02 -127.65
CA ALA FF 114 -3.62 15.45 -128.35
C ALA FF 114 -3.95 14.57 -129.53
N GLN FF 115 -3.01 13.72 -129.97
CA GLN FF 115 -3.33 12.72 -130.99
C GLN FF 115 -4.26 11.65 -130.45
N LEU FF 116 -4.20 11.38 -129.15
CA LEU FF 116 -5.28 10.71 -128.46
C LEU FF 116 -6.46 11.68 -128.35
N LEU FF 117 -7.58 11.20 -127.82
CA LEU FF 117 -8.79 12.01 -127.63
C LEU FF 117 -9.48 12.35 -128.95
N PHE FF 118 -8.87 12.07 -130.09
CA PHE FF 118 -9.62 12.24 -131.33
C PHE FF 118 -9.29 11.13 -132.32
N ASP FF 119 -8.34 10.27 -131.97
CA ASP FF 119 -8.04 9.13 -132.82
C ASP FF 119 -9.16 8.10 -132.71
N SER FF 120 -9.43 7.42 -133.82
CA SER FF 120 -10.52 6.46 -133.87
C SER FF 120 -10.26 5.23 -133.01
N ASP FF 121 -9.00 4.86 -132.79
CA ASP FF 121 -8.70 3.67 -132.01
C ASP FF 121 -9.15 3.80 -130.57
N TYR FF 122 -9.08 5.02 -130.02
CA TYR FF 122 -9.39 5.25 -128.62
C TYR FF 122 -10.83 5.69 -128.39
N SER FF 123 -11.65 5.72 -129.44
CA SER FF 123 -13.05 6.10 -129.32
C SER FF 123 -13.77 5.25 -128.27
N ASP FF 124 -13.60 3.93 -128.33
CA ASP FF 124 -14.29 3.05 -127.39
C ASP FF 124 -13.73 3.20 -125.98
N PHE FF 125 -12.42 3.48 -125.86
CA PHE FF 125 -11.83 3.67 -124.55
C PHE FF 125 -12.40 4.89 -123.85
N TRP FF 126 -12.49 6.01 -124.58
CA TRP FF 126 -13.03 7.23 -123.98
C TRP FF 126 -14.53 7.15 -123.74
N LYS FF 127 -15.26 6.39 -124.56
CA LYS FF 127 -16.72 6.37 -124.49
C LYS FF 127 -17.22 5.20 -123.65
N ALA FF 128 -16.81 3.97 -123.97
CA ALA FF 128 -17.30 2.79 -123.26
C ALA FF 128 -16.32 2.24 -122.25
N GLN FF 129 -15.15 2.86 -122.10
CA GLN FF 129 -14.08 2.40 -121.20
C GLN FF 129 -13.57 1.01 -121.59
N ALA FF 130 -13.58 0.75 -122.89
CA ALA FF 130 -13.10 -0.53 -123.43
C ALA FF 130 -11.58 -0.50 -123.41
N LEU FF 131 -11.01 -0.89 -122.27
CA LEU FF 131 -9.56 -1.00 -122.13
C LEU FF 131 -9.03 -2.04 -123.11
N ALA FF 132 -9.47 -3.28 -122.95
CA ALA FF 132 -9.14 -4.33 -123.90
C ALA FF 132 -10.21 -4.36 -124.99
N ALA GF 1 -36.60 -78.29 -97.39
CA ALA GF 1 -36.33 -78.72 -98.76
C ALA GF 1 -35.38 -77.75 -99.43
N ILE GF 2 -34.72 -76.93 -98.62
CA ILE GF 2 -33.57 -76.17 -99.07
C ILE GF 2 -32.36 -77.09 -98.97
N ALA GF 3 -32.10 -77.86 -100.01
CA ALA GF 3 -31.04 -78.84 -99.98
C ALA GF 3 -30.65 -79.18 -101.41
N ASN GF 4 -31.20 -80.26 -101.94
CA ASN GF 4 -31.08 -80.52 -103.37
C ASN GF 4 -32.34 -80.06 -104.08
N SER GF 5 -32.61 -78.76 -104.03
CA SER GF 5 -33.76 -78.16 -104.71
C SER GF 5 -33.46 -77.98 -106.19
N SER GF 6 -34.26 -77.17 -106.88
CA SER GF 6 -33.97 -76.85 -108.27
C SER GF 6 -34.51 -75.47 -108.58
N ILE GF 7 -33.73 -74.70 -109.34
CA ILE GF 7 -34.13 -73.35 -109.74
C ILE GF 7 -33.63 -73.12 -111.16
N ALA GF 8 -34.51 -72.61 -112.02
CA ALA GF 8 -34.14 -72.30 -113.39
C ALA GF 8 -33.45 -70.94 -113.44
N ILE GF 9 -32.30 -70.88 -114.08
CA ILE GF 9 -31.52 -69.65 -114.15
C ILE GF 9 -31.62 -69.09 -115.56
N ASP GF 10 -31.88 -67.79 -115.66
CA ASP GF 10 -32.13 -67.10 -116.93
C ASP GF 10 -33.34 -67.72 -117.65
N SER GF 11 -34.48 -67.68 -116.98
CA SER GF 11 -35.73 -68.21 -117.49
C SER GF 11 -36.82 -67.15 -117.40
N THR GF 12 -37.85 -67.32 -118.22
CA THR GF 12 -39.00 -66.42 -118.21
C THR GF 12 -40.02 -66.90 -117.18
N ALA GF 13 -40.54 -65.96 -116.41
CA ALA GF 13 -41.56 -66.24 -115.41
C ALA GF 13 -42.91 -65.69 -115.87
N SER GF 14 -43.96 -66.47 -115.63
CA SER GF 14 -45.28 -66.13 -116.10
C SER GF 14 -46.30 -66.35 -114.99
N VAL GF 15 -47.48 -65.77 -115.17
CA VAL GF 15 -48.56 -65.84 -114.19
C VAL GF 15 -49.84 -66.18 -114.93
N THR GF 16 -50.58 -67.15 -114.40
CA THR GF 16 -51.88 -67.55 -114.94
C THR GF 16 -52.93 -67.48 -113.85
N GLY GF 17 -54.16 -67.17 -114.25
CA GLY GF 17 -55.27 -67.15 -113.31
C GLY GF 17 -55.25 -65.93 -112.41
N GLY GF 18 -55.91 -66.07 -111.26
CA GLY GF 18 -56.01 -64.98 -110.33
C GLY GF 18 -56.96 -63.89 -110.82
N THR GF 19 -56.95 -62.77 -110.10
CA THR GF 19 -57.82 -61.64 -110.41
C THR GF 19 -56.93 -60.41 -110.56
N ALA GF 20 -56.81 -59.91 -111.79
CA ALA GF 20 -55.99 -58.75 -112.09
C ALA GF 20 -56.46 -57.52 -111.32
N ARG GF 21 -55.66 -57.04 -110.40
CA ARG GF 21 -55.94 -55.83 -109.64
C ARG GF 21 -55.21 -54.66 -110.30
N THR GF 22 -55.18 -53.51 -109.62
CA THR GF 22 -54.51 -52.33 -110.16
C THR GF 22 -53.80 -51.62 -109.02
N VAL GF 23 -52.58 -51.15 -109.28
CA VAL GF 23 -51.78 -50.48 -108.26
C VAL GF 23 -52.07 -48.98 -108.39
N LYS GF 24 -52.83 -48.45 -107.44
CA LYS GF 24 -53.19 -47.04 -107.45
C LYS GF 24 -52.18 -46.24 -106.66
N GLU GF 25 -51.66 -45.17 -107.26
CA GLU GF 25 -50.61 -44.38 -106.66
C GLU GF 25 -51.21 -43.32 -105.74
N LEU GF 26 -50.62 -43.19 -104.54
CA LEU GF 26 -51.19 -42.34 -103.51
C LEU GF 26 -50.29 -41.12 -103.32
N VAL GF 27 -49.03 -41.31 -102.96
CA VAL GF 27 -48.10 -40.22 -102.70
C VAL GF 27 -46.75 -40.60 -103.29
N ARG GF 28 -46.11 -39.66 -103.96
CA ARG GF 28 -44.82 -39.88 -104.61
C ARG GF 28 -43.91 -38.72 -104.19
N ASN GF 29 -43.12 -38.94 -103.15
CA ASN GF 29 -42.28 -37.90 -102.60
C ASN GF 29 -41.08 -38.53 -101.89
N ASN GF 30 -40.01 -37.75 -101.78
CA ASN GF 30 -38.85 -38.10 -100.95
C ASN GF 30 -38.25 -39.44 -101.36
N SER GF 31 -38.10 -39.66 -102.67
CA SER GF 31 -37.54 -40.90 -103.22
C SER GF 31 -38.39 -42.11 -102.86
N GLU GF 32 -39.66 -41.88 -102.54
CA GLU GF 32 -40.60 -42.92 -102.16
C GLU GF 32 -41.86 -42.78 -103.00
N LEU GF 33 -42.51 -43.91 -103.28
CA LEU GF 33 -43.79 -43.93 -103.99
C LEU GF 33 -44.74 -44.82 -103.19
N ASN GF 34 -45.56 -44.20 -102.36
CA ASN GF 34 -46.62 -44.91 -101.66
C ASN GF 34 -47.77 -45.18 -102.60
N ALA GF 35 -48.25 -46.43 -102.60
CA ALA GF 35 -49.34 -46.84 -103.47
C ALA GF 35 -50.16 -47.90 -102.72
N TYR GF 36 -51.20 -48.40 -103.39
CA TYR GF 36 -52.03 -49.43 -102.79
C TYR GF 36 -52.64 -50.27 -103.91
N ILE GF 37 -52.86 -51.53 -103.62
CA ILE GF 37 -53.53 -52.44 -104.55
C ILE GF 37 -55.03 -52.30 -104.33
N ASP GF 38 -55.78 -52.16 -105.42
CA ASP GF 38 -57.22 -51.91 -105.35
C ASP GF 38 -57.93 -53.25 -105.56
N GLU GF 39 -58.47 -53.80 -104.47
CA GLU GF 39 -59.27 -55.02 -104.53
C GLU GF 39 -60.70 -54.78 -104.08
N GLY GF 40 -61.12 -53.52 -103.98
CA GLY GF 40 -62.45 -53.21 -103.47
C GLY GF 40 -62.58 -53.58 -102.01
N LEU GF 41 -61.58 -53.24 -101.21
CA LEU GF 41 -61.57 -53.51 -99.78
C LEU GF 41 -61.67 -52.20 -99.01
N SER GF 42 -61.77 -52.31 -97.69
CA SER GF 42 -61.85 -51.15 -96.83
C SER GF 42 -60.46 -50.55 -96.64
N PHE GF 43 -60.41 -49.32 -96.14
CA PHE GF 43 -59.14 -48.63 -95.93
C PHE GF 43 -58.26 -49.32 -94.91
N GLN GF 44 -58.84 -49.90 -93.86
CA GLN GF 44 -58.08 -50.59 -92.83
C GLN GF 44 -57.55 -51.94 -93.28
N ALA GF 45 -58.08 -52.50 -94.37
CA ALA GF 45 -57.53 -53.70 -94.95
C ALA GF 45 -57.29 -53.42 -96.43
N ARG GF 46 -56.15 -52.83 -96.74
CA ARG GF 46 -55.74 -52.55 -98.10
C ARG GF 46 -54.51 -53.42 -98.43
N LYS GF 47 -53.84 -53.24 -99.55
CA LYS GF 47 -52.61 -53.96 -99.84
C LYS GF 47 -51.52 -52.95 -100.20
N GLU GF 48 -51.34 -51.93 -99.35
CA GLU GF 48 -50.37 -50.87 -99.61
C GLU GF 48 -49.00 -51.45 -99.92
N VAL GF 49 -48.37 -50.90 -100.96
CA VAL GF 49 -47.02 -51.28 -101.37
C VAL GF 49 -46.21 -50.00 -101.59
N ALA GF 50 -45.02 -49.95 -101.01
CA ALA GF 50 -44.17 -48.77 -101.06
C ALA GF 50 -42.91 -49.04 -101.88
N PHE GF 51 -42.67 -48.17 -102.86
CA PHE GF 51 -41.49 -48.26 -103.74
C PHE GF 51 -40.53 -47.14 -103.36
N SER GF 52 -39.29 -47.49 -103.07
CA SER GF 52 -38.28 -46.51 -102.72
C SER GF 52 -37.02 -46.77 -103.51
N VAL GF 53 -36.27 -45.70 -103.78
CA VAL GF 53 -35.06 -45.77 -104.57
C VAL GF 53 -33.95 -45.02 -103.85
N LYS GF 54 -32.75 -45.63 -103.86
CA LYS GF 54 -31.56 -45.07 -103.22
C LYS GF 54 -30.45 -44.98 -104.27
N VAL GF 55 -30.28 -43.80 -104.85
CA VAL GF 55 -29.35 -43.59 -105.96
C VAL GF 55 -27.91 -43.63 -105.49
N PRO GF 56 -26.98 -44.11 -106.31
CA PRO GF 56 -25.57 -44.19 -105.87
C PRO GF 56 -24.93 -42.81 -105.76
N LYS GF 57 -23.95 -42.73 -104.88
CA LYS GF 57 -23.15 -41.52 -104.69
C LYS GF 57 -21.67 -41.86 -104.74
N VAL GF 58 -20.87 -40.84 -105.06
CA VAL GF 58 -19.42 -41.04 -105.21
C VAL GF 58 -18.82 -41.39 -103.85
N SER GF 59 -17.83 -42.28 -103.86
CA SER GF 59 -17.14 -42.70 -102.66
C SER GF 59 -15.66 -42.85 -102.96
N VAL GF 60 -14.88 -43.15 -101.91
CA VAL GF 60 -13.49 -43.51 -102.08
C VAL GF 60 -13.24 -44.99 -101.84
N SER GF 61 -13.96 -45.60 -100.90
CA SER GF 61 -14.10 -47.03 -100.74
C SER GF 61 -15.12 -47.52 -101.78
N ALA GF 62 -15.70 -48.71 -101.54
CA ALA GF 62 -16.68 -49.25 -102.47
C ALA GF 62 -16.01 -49.53 -103.80
N PRO GF 63 -15.35 -50.68 -103.94
CA PRO GF 63 -14.30 -50.85 -104.95
C PRO GF 63 -14.82 -50.71 -106.37
N GLY GF 64 -14.83 -49.47 -106.84
CA GLY GF 64 -15.50 -49.09 -108.06
C GLY GF 64 -15.98 -47.65 -107.97
N GLY GF 65 -15.87 -47.06 -106.78
CA GLY GF 65 -16.02 -45.64 -106.64
C GLY GF 65 -17.36 -45.17 -106.12
N PHE GF 66 -18.40 -45.96 -106.34
CA PHE GF 66 -19.75 -45.57 -105.96
C PHE GF 66 -20.37 -46.59 -105.02
N THR GF 67 -21.28 -46.11 -104.19
CA THR GF 67 -22.13 -46.99 -103.41
C THR GF 67 -23.12 -47.69 -104.33
N GLN GF 68 -23.79 -48.70 -103.81
CA GLN GF 68 -24.69 -49.48 -104.63
C GLN GF 68 -26.03 -48.77 -104.81
N ALA GF 69 -26.73 -49.11 -105.89
CA ALA GF 69 -28.04 -48.56 -106.18
C ALA GF 69 -29.09 -49.50 -105.60
N ARG GF 70 -29.76 -49.06 -104.54
CA ARG GF 70 -30.74 -49.88 -103.85
C ARG GF 70 -32.16 -49.51 -104.28
N SER GF 71 -32.96 -50.54 -104.56
CA SER GF 71 -34.37 -50.39 -104.90
C SER GF 71 -35.15 -51.30 -103.95
N THR GF 72 -36.05 -50.73 -103.18
CA THR GF 72 -36.77 -51.47 -102.15
C THR GF 72 -38.27 -51.41 -102.38
N VAL GF 73 -38.91 -52.58 -102.29
CA VAL GF 73 -40.36 -52.68 -102.36
C VAL GF 73 -40.88 -53.36 -101.10
N ILE GF 74 -41.74 -52.69 -100.37
CA ILE GF 74 -42.40 -53.29 -99.21
C ILE GF 74 -43.88 -53.41 -99.48
N LEU GF 75 -44.40 -54.63 -99.37
CA LEU GF 75 -45.82 -54.91 -99.55
C LEU GF 75 -46.42 -55.17 -98.17
N LYS GF 76 -47.39 -54.34 -97.78
CA LYS GF 76 -48.03 -54.49 -96.48
C LYS GF 76 -49.37 -55.21 -96.62
N SER GF 77 -49.63 -56.13 -95.71
CA SER GF 77 -50.85 -56.93 -95.72
C SER GF 77 -51.50 -56.90 -94.34
N PRO GF 78 -52.49 -56.04 -94.12
CA PRO GF 78 -53.20 -56.04 -92.83
C PRO GF 78 -53.93 -57.34 -92.56
N LYS GF 79 -53.68 -57.93 -91.39
CA LYS GF 79 -54.37 -59.13 -90.94
C LYS GF 79 -55.14 -58.82 -89.67
N THR GF 80 -56.34 -59.37 -89.56
CA THR GF 80 -57.17 -59.21 -88.37
C THR GF 80 -57.13 -60.50 -87.56
N LEU GF 81 -56.83 -60.36 -86.28
CA LEU GF 81 -56.58 -61.51 -85.41
C LEU GF 81 -57.88 -61.99 -84.78
N ALA GF 82 -57.77 -63.09 -84.03
CA ALA GF 82 -58.94 -63.66 -83.36
C ALA GF 82 -59.50 -62.69 -82.32
N ASN GF 83 -58.60 -62.07 -81.53
CA ASN GF 83 -59.05 -61.09 -80.55
C ASN GF 83 -59.67 -59.88 -81.23
N GLY GF 84 -59.09 -59.43 -82.34
CA GLY GF 84 -59.64 -58.32 -83.07
C GLY GF 84 -58.65 -57.19 -83.29
N ASN GF 85 -57.46 -57.33 -82.73
CA ASN GF 85 -56.40 -56.37 -82.99
C ASN GF 85 -55.92 -56.48 -84.42
N ARG GF 86 -55.39 -55.38 -84.93
CA ARG GF 86 -54.93 -55.32 -86.32
C ARG GF 86 -53.41 -55.38 -86.37
N THR GF 87 -52.90 -56.30 -87.18
CA THR GF 87 -51.47 -56.41 -87.44
C THR GF 87 -51.24 -56.37 -88.95
N VAL GF 88 -50.07 -55.88 -89.34
CA VAL GF 88 -49.68 -55.78 -90.74
C VAL GF 88 -48.57 -56.79 -91.00
N ASN GF 89 -48.76 -57.64 -92.00
CA ASN GF 89 -47.74 -58.59 -92.43
C ASN GF 89 -47.07 -58.03 -93.68
N THR GF 90 -45.75 -57.95 -93.65
CA THR GF 90 -45.00 -57.29 -94.71
C THR GF 90 -44.08 -58.26 -95.45
N VAL GF 91 -43.81 -57.92 -96.71
CA VAL GF 91 -42.76 -58.57 -97.48
C VAL GF 91 -41.85 -57.47 -98.04
N SER GF 92 -40.57 -57.53 -97.69
CA SER GF 92 -39.61 -56.57 -98.21
C SER GF 92 -38.73 -57.21 -99.28
N ILE GF 93 -38.48 -56.46 -100.34
CA ILE GF 93 -37.62 -56.91 -101.44
C ILE GF 93 -36.64 -55.78 -101.71
N GLN GF 94 -35.38 -55.99 -101.37
CA GLN GF 94 -34.34 -54.98 -101.57
C GLN GF 94 -33.31 -55.52 -102.54
N LEU GF 95 -33.06 -54.76 -103.61
CA LEU GF 95 -32.05 -55.11 -104.61
C LEU GF 95 -30.95 -54.07 -104.54
N SER GF 96 -29.71 -54.52 -104.30
CA SER GF 96 -28.54 -53.67 -104.27
C SER GF 96 -27.57 -54.15 -105.34
N VAL GF 97 -27.32 -53.31 -106.34
CA VAL GF 97 -26.39 -53.64 -107.41
C VAL GF 97 -25.35 -52.53 -107.54
N ASP GF 98 -24.13 -52.94 -107.87
CA ASP GF 98 -23.12 -51.97 -108.27
C ASP GF 98 -23.57 -51.30 -109.57
N PRO GF 99 -23.33 -49.99 -109.70
CA PRO GF 99 -23.81 -49.28 -110.91
C PRO GF 99 -23.22 -49.81 -112.21
N GLU GF 100 -22.10 -50.53 -112.17
CA GLU GF 100 -21.56 -51.13 -113.38
C GLU GF 100 -22.36 -52.33 -113.87
N THR GF 101 -23.32 -52.80 -113.08
CA THR GF 101 -24.04 -54.03 -113.40
C THR GF 101 -24.94 -53.84 -114.61
N THR GF 102 -24.85 -54.78 -115.55
CA THR GF 102 -25.63 -54.74 -116.78
C THR GF 102 -27.09 -55.06 -116.48
N ALA GF 103 -27.95 -54.80 -117.47
CA ALA GF 103 -29.37 -55.07 -117.30
C ALA GF 103 -29.67 -56.55 -117.37
N ALA GF 104 -28.85 -57.32 -118.10
CA ALA GF 104 -29.04 -58.77 -118.15
C ALA GF 104 -28.60 -59.43 -116.85
N GLU GF 105 -27.61 -58.84 -116.16
CA GLU GF 105 -27.20 -59.37 -114.87
C GLU GF 105 -28.25 -59.10 -113.81
N VAL GF 106 -28.92 -57.95 -113.86
CA VAL GF 106 -30.00 -57.66 -112.94
C VAL GF 106 -31.21 -58.53 -113.24
N THR GF 107 -31.50 -58.76 -114.52
CA THR GF 107 -32.62 -59.63 -114.89
C THR GF 107 -32.42 -61.04 -114.35
N THR GF 108 -31.18 -61.55 -114.40
CA THR GF 108 -30.91 -62.88 -113.86
C THR GF 108 -31.19 -62.93 -112.36
N MET GF 109 -30.76 -61.90 -111.63
CA MET GF 109 -31.05 -61.84 -110.20
C MET GF 109 -32.54 -61.77 -109.94
N LEU GF 110 -33.26 -60.94 -110.70
CA LEU GF 110 -34.68 -60.75 -110.46
C LEU GF 110 -35.46 -62.04 -110.68
N ASN GF 111 -35.13 -62.77 -111.74
CA ASN GF 111 -35.85 -64.00 -112.04
C ASN GF 111 -35.51 -65.10 -111.04
N ALA GF 112 -34.23 -65.25 -110.69
CA ALA GF 112 -33.84 -66.27 -109.73
C ALA GF 112 -34.41 -66.00 -108.35
N ALA GF 113 -34.53 -64.72 -107.98
CA ALA GF 113 -35.11 -64.38 -106.70
C ALA GF 113 -36.63 -64.56 -106.70
N ALA GF 114 -37.26 -64.47 -107.86
CA ALA GF 114 -38.71 -64.67 -107.95
C ALA GF 114 -39.07 -66.12 -107.64
N GLN GF 115 -38.32 -67.06 -108.19
CA GLN GF 115 -38.53 -68.48 -107.88
C GLN GF 115 -38.16 -68.82 -106.45
N LEU GF 116 -37.35 -67.99 -105.80
CA LEU GF 116 -36.98 -68.26 -104.41
C LEU GF 116 -38.18 -68.14 -103.48
N LEU GF 117 -39.20 -67.37 -103.87
CA LEU GF 117 -40.38 -67.21 -103.03
C LEU GF 117 -41.66 -67.67 -103.73
N PHE GF 118 -41.56 -68.44 -104.81
CA PHE GF 118 -42.74 -69.14 -105.30
C PHE GF 118 -42.51 -70.59 -105.68
N ASP GF 119 -41.27 -71.08 -105.76
CA ASP GF 119 -41.04 -72.49 -106.01
C ASP GF 119 -41.48 -73.33 -104.81
N SER GF 120 -41.98 -74.53 -105.10
CA SER GF 120 -42.60 -75.35 -104.07
C SER GF 120 -41.57 -75.82 -103.04
N ASP GF 121 -40.31 -75.99 -103.44
CA ASP GF 121 -39.28 -76.47 -102.53
C ASP GF 121 -39.04 -75.51 -101.37
N TYR GF 122 -39.46 -74.26 -101.51
CA TYR GF 122 -39.23 -73.28 -100.45
C TYR GF 122 -40.51 -72.97 -99.70
N SER GF 123 -41.56 -73.77 -99.93
CA SER GF 123 -42.84 -73.52 -99.28
C SER GF 123 -42.74 -73.63 -97.77
N ASP GF 124 -42.06 -74.66 -97.27
CA ASP GF 124 -41.95 -74.86 -95.83
C ASP GF 124 -41.01 -73.88 -95.17
N PHE GF 125 -40.04 -73.33 -95.90
CA PHE GF 125 -39.20 -72.29 -95.35
C PHE GF 125 -39.98 -71.01 -95.10
N TRP GF 126 -40.86 -70.62 -96.01
CA TRP GF 126 -41.64 -69.40 -95.85
C TRP GF 126 -42.80 -69.58 -94.89
N LYS GF 127 -43.49 -70.72 -94.95
CA LYS GF 127 -44.66 -70.97 -94.10
C LYS GF 127 -44.29 -71.68 -92.81
N ALA GF 128 -43.69 -72.85 -92.90
CA ALA GF 128 -43.33 -73.61 -91.71
C ALA GF 128 -42.06 -73.11 -91.04
N GLN GF 129 -41.32 -72.21 -91.69
CA GLN GF 129 -40.07 -71.68 -91.15
C GLN GF 129 -39.05 -72.80 -90.95
N ALA GF 130 -39.00 -73.71 -91.92
CA ALA GF 130 -38.23 -74.94 -91.83
C ALA GF 130 -36.99 -74.83 -92.72
N LEU GF 131 -35.82 -74.84 -92.10
CA LEU GF 131 -34.57 -74.70 -92.84
C LEU GF 131 -34.23 -75.95 -93.64
N ALA GF 132 -34.68 -77.11 -93.20
CA ALA GF 132 -34.47 -78.34 -93.96
C ALA GF 132 -35.69 -79.24 -93.91
N ALA HF 1 -45.33 -47.84 -115.50
CA ALA HF 1 -44.57 -48.50 -114.45
C ALA HF 1 -45.37 -48.55 -113.16
N ILE HF 2 -44.77 -48.07 -112.08
CA ILE HF 2 -45.50 -47.98 -110.81
C ILE HF 2 -46.43 -46.78 -110.88
N ALA HF 3 -47.70 -47.02 -111.19
CA ALA HF 3 -48.66 -45.96 -111.42
C ALA HF 3 -50.03 -46.55 -111.72
N ASN HF 4 -50.11 -47.41 -112.74
CA ASN HF 4 -51.36 -48.03 -113.15
C ASN HF 4 -51.15 -49.51 -113.43
N SER HF 5 -50.09 -50.10 -112.87
CA SER HF 5 -49.74 -51.48 -113.16
C SER HF 5 -50.77 -52.43 -112.56
N SER HF 6 -50.89 -53.59 -113.20
CA SER HF 6 -51.84 -54.63 -112.77
C SER HF 6 -51.04 -55.81 -112.21
N ILE HF 7 -51.52 -56.34 -111.08
CA ILE HF 7 -50.93 -57.51 -110.46
C ILE HF 7 -52.04 -58.53 -110.20
N ALA HF 8 -51.80 -59.77 -110.62
CA ALA HF 8 -52.82 -60.82 -110.53
C ALA HF 8 -52.77 -61.45 -109.15
N ILE HF 9 -53.68 -61.03 -108.26
CA ILE HF 9 -53.73 -61.54 -106.91
C ILE HF 9 -54.26 -62.97 -106.91
N ASP HF 10 -53.62 -63.83 -106.10
CA ASP HF 10 -54.01 -65.22 -105.94
C ASP HF 10 -54.00 -65.96 -107.28
N SER HF 11 -52.90 -65.80 -108.00
CA SER HF 11 -52.67 -66.49 -109.26
C SER HF 11 -51.59 -67.56 -109.07
N THR HF 12 -51.26 -68.24 -110.17
CA THR HF 12 -50.23 -69.27 -110.16
C THR HF 12 -49.05 -68.79 -111.01
N ALA HF 13 -47.87 -68.76 -110.41
CA ALA HF 13 -46.66 -68.32 -111.10
C ALA HF 13 -45.82 -69.53 -111.48
N SER HF 14 -45.36 -69.56 -112.73
CA SER HF 14 -44.55 -70.64 -113.25
C SER HF 14 -43.32 -70.06 -113.95
N VAL HF 15 -42.50 -70.95 -114.50
CA VAL HF 15 -41.26 -70.60 -115.14
C VAL HF 15 -41.04 -71.53 -116.33
N THR HF 16 -40.57 -70.96 -117.44
CA THR HF 16 -40.28 -71.74 -118.64
C THR HF 16 -38.89 -71.37 -119.14
N GLY HF 17 -38.24 -72.31 -119.83
CA GLY HF 17 -36.90 -72.07 -120.33
C GLY HF 17 -35.87 -72.13 -119.20
N GLY HF 18 -34.67 -71.66 -119.52
CA GLY HF 18 -33.60 -71.58 -118.54
C GLY HF 18 -32.89 -72.90 -118.33
N THR HF 19 -31.91 -72.84 -117.43
CA THR HF 19 -31.16 -74.02 -116.99
C THR HF 19 -31.49 -74.33 -115.54
N ALA HF 20 -31.75 -75.60 -115.28
CA ALA HF 20 -32.18 -76.06 -113.96
C ALA HF 20 -30.94 -76.36 -113.13
N ARG HF 21 -30.60 -75.46 -112.23
CA ARG HF 21 -29.49 -75.68 -111.30
C ARG HF 21 -30.01 -76.25 -109.99
N THR HF 22 -29.09 -76.86 -109.24
CA THR HF 22 -29.50 -77.72 -108.12
C THR HF 22 -29.60 -76.97 -106.80
N VAL HF 23 -28.68 -76.04 -106.55
CA VAL HF 23 -28.53 -75.39 -105.24
C VAL HF 23 -28.01 -76.43 -104.26
N LYS HF 24 -26.88 -76.15 -103.61
CA LYS HF 24 -26.22 -77.10 -102.74
C LYS HF 24 -25.89 -76.43 -101.42
N GLU HF 25 -26.09 -77.15 -100.31
CA GLU HF 25 -25.83 -76.60 -98.99
C GLU HF 25 -24.33 -76.44 -98.75
N LEU HF 26 -23.94 -75.27 -98.24
CA LEU HF 26 -22.55 -75.06 -97.81
C LEU HF 26 -22.37 -75.29 -96.31
N VAL HF 27 -23.03 -74.46 -95.50
CA VAL HF 27 -22.79 -74.40 -94.07
C VAL HF 27 -24.11 -74.11 -93.38
N ARG HF 28 -24.31 -74.74 -92.23
CA ARG HF 28 -25.55 -74.62 -91.49
C ARG HF 28 -25.24 -74.05 -90.11
N ASN HF 29 -26.28 -73.86 -89.30
CA ASN HF 29 -26.18 -73.45 -87.90
C ASN HF 29 -25.81 -71.98 -87.74
N ASN HF 30 -26.54 -71.28 -86.89
CA ASN HF 30 -27.74 -71.81 -86.24
C ASN HF 30 -28.93 -70.95 -86.60
N SER HF 31 -30.01 -71.59 -87.04
CA SER HF 31 -31.19 -70.90 -87.57
C SER HF 31 -30.81 -70.05 -88.78
N GLU HF 32 -29.85 -70.54 -89.55
CA GLU HF 32 -29.44 -69.89 -90.80
C GLU HF 32 -28.74 -70.89 -91.71
N LEU HF 33 -29.36 -71.20 -92.84
CA LEU HF 33 -28.74 -72.06 -93.84
C LEU HF 33 -27.94 -71.22 -94.83
N ASN HF 34 -26.90 -71.83 -95.39
CA ASN HF 34 -26.10 -71.21 -96.44
C ASN HF 34 -25.92 -72.21 -97.57
N ALA HF 35 -26.30 -71.80 -98.78
CA ALA HF 35 -26.26 -72.69 -99.94
C ALA HF 35 -25.58 -71.94 -101.08
N TYR HF 36 -25.52 -72.59 -102.24
CA TYR HF 36 -25.00 -71.94 -103.44
C TYR HF 36 -25.62 -72.63 -104.65
N ILE HF 37 -25.89 -71.84 -105.68
CA ILE HF 37 -26.46 -72.38 -106.92
C ILE HF 37 -25.31 -72.87 -107.78
N ASP HF 38 -25.31 -74.17 -108.07
CA ASP HF 38 -24.22 -74.80 -108.80
C ASP HF 38 -24.47 -74.71 -110.30
N GLU HF 39 -23.75 -73.81 -110.97
CA GLU HF 39 -23.82 -73.68 -112.42
C GLU HF 39 -22.48 -74.01 -113.06
N GLY HF 40 -21.63 -74.76 -112.36
CA GLY HF 40 -20.30 -75.04 -112.85
C GLY HF 40 -19.42 -73.81 -112.97
N LEU HF 41 -19.48 -72.92 -112.00
CA LEU HF 41 -18.67 -71.72 -111.98
C LEU HF 41 -17.60 -71.84 -110.90
N SER HF 42 -16.68 -70.89 -110.88
CA SER HF 42 -15.57 -70.92 -109.93
C SER HF 42 -16.05 -70.53 -108.53
N PHE HF 43 -15.13 -70.63 -107.57
CA PHE HF 43 -15.47 -70.38 -106.18
C PHE HF 43 -15.80 -68.90 -105.92
N GLN HF 44 -15.15 -67.99 -106.62
CA GLN HF 44 -15.39 -66.57 -106.42
C GLN HF 44 -16.56 -66.05 -107.27
N ALA HF 45 -17.10 -66.87 -108.17
CA ALA HF 45 -18.12 -66.42 -109.10
C ALA HF 45 -19.42 -67.20 -108.96
N ARG HF 46 -19.62 -67.86 -107.83
CA ARG HF 46 -20.82 -68.65 -107.61
C ARG HF 46 -21.90 -67.82 -106.93
N LYS HF 47 -23.15 -68.21 -107.14
CA LYS HF 47 -24.32 -67.46 -106.69
C LYS HF 47 -24.39 -67.30 -105.18
N GLU HF 48 -24.46 -68.42 -104.44
CA GLU HF 48 -24.40 -68.39 -102.98
C GLU HF 48 -25.59 -67.65 -102.35
N VAL HF 49 -26.75 -68.30 -102.37
CA VAL HF 49 -27.96 -67.80 -101.70
C VAL HF 49 -27.92 -68.23 -100.23
N ALA HF 50 -28.32 -67.32 -99.33
CA ALA HF 50 -28.37 -67.61 -97.91
C ALA HF 50 -29.81 -67.56 -97.38
N PHE HF 51 -30.06 -68.36 -96.34
CA PHE HF 51 -31.38 -68.49 -95.74
C PHE HF 51 -31.30 -68.22 -94.25
N SER HF 52 -32.12 -67.30 -93.75
CA SER HF 52 -32.15 -66.96 -92.34
C SER HF 52 -33.56 -67.15 -91.81
N VAL HF 53 -33.67 -67.28 -90.48
CA VAL HF 53 -34.96 -67.54 -89.85
C VAL HF 53 -34.98 -66.94 -88.45
N LYS HF 54 -36.08 -66.29 -88.10
CA LYS HF 54 -36.31 -65.74 -86.76
C LYS HF 54 -37.63 -66.30 -86.27
N VAL HF 55 -37.58 -67.17 -85.26
CA VAL HF 55 -38.78 -67.86 -84.80
C VAL HF 55 -39.67 -66.88 -84.06
N PRO HF 56 -40.98 -67.10 -84.02
CA PRO HF 56 -41.86 -66.19 -83.25
C PRO HF 56 -41.55 -66.25 -81.77
N LYS HF 57 -41.25 -65.09 -81.20
CA LYS HF 57 -40.92 -64.98 -79.78
C LYS HF 57 -42.12 -64.43 -79.02
N VAL HF 58 -42.49 -65.09 -77.93
CA VAL HF 58 -43.68 -64.72 -77.19
C VAL HF 58 -43.41 -63.46 -76.38
N SER HF 59 -43.90 -62.33 -76.88
CA SER HF 59 -43.88 -61.07 -76.14
C SER HF 59 -45.17 -60.91 -75.37
N VAL HF 60 -45.46 -59.72 -74.86
CA VAL HF 60 -46.72 -59.46 -74.19
C VAL HF 60 -47.46 -58.31 -74.87
N SER HF 61 -46.75 -57.24 -75.21
CA SER HF 61 -47.36 -56.04 -75.76
C SER HF 61 -47.29 -56.07 -77.30
N ALA HF 62 -47.92 -57.10 -77.86
CA ALA HF 62 -47.96 -57.25 -79.31
C ALA HF 62 -49.31 -57.80 -79.73
N PRO HF 63 -49.75 -57.50 -80.94
CA PRO HF 63 -50.97 -58.15 -81.45
C PRO HF 63 -50.82 -59.67 -81.45
N GLY HF 64 -51.85 -60.36 -80.97
CA GLY HF 64 -51.81 -61.80 -80.91
C GLY HF 64 -51.06 -62.32 -79.71
N GLY HF 65 -50.02 -61.60 -79.31
CA GLY HF 65 -49.24 -61.95 -78.14
C GLY HF 65 -47.76 -62.14 -78.42
N PHE HF 66 -47.43 -62.77 -79.53
CA PHE HF 66 -46.04 -63.07 -79.84
C PHE HF 66 -45.48 -62.04 -80.81
N THR HF 67 -44.16 -62.04 -80.97
CA THR HF 67 -43.53 -61.29 -82.05
C THR HF 67 -43.70 -62.05 -83.36
N GLN HF 68 -43.30 -61.42 -84.45
CA GLN HF 68 -43.58 -61.94 -85.77
C GLN HF 68 -42.58 -63.01 -86.18
N ALA HF 69 -43.02 -63.89 -87.07
CA ALA HF 69 -42.18 -64.94 -87.64
C ALA HF 69 -41.43 -64.35 -88.83
N ARG HF 70 -40.17 -63.98 -88.60
CA ARG HF 70 -39.34 -63.39 -89.65
C ARG HF 70 -38.63 -64.48 -90.43
N SER HF 71 -38.55 -64.30 -91.74
CA SER HF 71 -37.91 -65.30 -92.61
C SER HF 71 -37.22 -64.54 -93.74
N THR HF 72 -35.88 -64.61 -93.78
CA THR HF 72 -35.09 -63.82 -94.71
C THR HF 72 -34.34 -64.73 -95.68
N VAL HF 73 -34.26 -64.28 -96.93
CA VAL HF 73 -33.45 -64.90 -97.96
C VAL HF 73 -32.62 -63.80 -98.60
N ILE HF 74 -31.32 -64.04 -98.76
CA ILE HF 74 -30.43 -63.15 -99.49
C ILE HF 74 -29.74 -63.95 -100.58
N LEU HF 75 -29.95 -63.53 -101.82
CA LEU HF 75 -29.23 -64.09 -102.97
C LEU HF 75 -28.07 -63.15 -103.26
N LYS HF 76 -26.86 -63.70 -103.26
CA LYS HF 76 -25.69 -62.92 -103.62
C LYS HF 76 -25.33 -63.21 -105.06
N SER HF 77 -24.54 -62.31 -105.66
CA SER HF 77 -24.20 -62.41 -107.07
C SER HF 77 -22.86 -61.73 -107.31
N PRO HF 78 -21.80 -62.50 -107.54
CA PRO HF 78 -20.49 -61.89 -107.77
C PRO HF 78 -20.48 -61.09 -109.07
N LYS HF 79 -19.64 -60.05 -109.09
CA LYS HF 79 -19.40 -59.29 -110.31
C LYS HF 79 -18.03 -58.64 -110.21
N THR HF 80 -17.28 -58.67 -111.30
CA THR HF 80 -15.98 -58.03 -111.36
C THR HF 80 -16.10 -56.73 -112.15
N LEU HF 81 -15.38 -55.70 -111.72
CA LEU HF 81 -15.55 -54.37 -112.26
C LEU HF 81 -14.50 -54.05 -113.33
N ALA HF 82 -14.57 -52.84 -113.86
CA ALA HF 82 -13.66 -52.40 -114.92
C ALA HF 82 -12.27 -52.08 -114.41
N ASN HF 83 -12.09 -52.00 -113.10
CA ASN HF 83 -10.78 -51.83 -112.49
C ASN HF 83 -10.18 -53.14 -112.01
N GLY HF 84 -10.89 -54.26 -112.18
CA GLY HF 84 -10.45 -55.55 -111.70
C GLY HF 84 -10.90 -55.88 -110.30
N ASN HF 85 -11.48 -54.94 -109.57
CA ASN HF 85 -11.94 -55.18 -108.22
C ASN HF 85 -13.21 -56.04 -108.23
N ARG HF 86 -13.43 -56.75 -107.12
CA ARG HF 86 -14.53 -57.69 -106.97
C ARG HF 86 -15.59 -57.07 -106.04
N THR HF 87 -16.85 -57.14 -106.43
CA THR HF 87 -17.97 -56.71 -105.61
C THR HF 87 -19.10 -57.74 -105.67
N VAL HF 88 -20.12 -57.52 -104.86
CA VAL HF 88 -21.26 -58.44 -104.75
C VAL HF 88 -22.55 -57.65 -104.92
N ASN HF 89 -23.47 -58.18 -105.72
CA ASN HF 89 -24.82 -57.66 -105.82
C ASN HF 89 -25.74 -58.59 -105.04
N THR HF 90 -26.72 -58.02 -104.35
CA THR HF 90 -27.58 -58.81 -103.48
C THR HF 90 -29.05 -58.56 -103.80
N VAL HF 91 -29.85 -59.58 -103.55
CA VAL HF 91 -31.31 -59.46 -103.49
C VAL HF 91 -31.74 -59.98 -102.14
N SER HF 92 -32.34 -59.11 -101.32
CA SER HF 92 -32.76 -59.50 -99.98
C SER HF 92 -34.27 -59.54 -99.91
N ILE HF 93 -34.82 -60.67 -99.48
CA ILE HF 93 -36.26 -60.88 -99.35
C ILE HF 93 -36.53 -61.26 -97.90
N GLN HF 94 -37.33 -60.45 -97.22
CA GLN HF 94 -37.74 -60.74 -95.85
C GLN HF 94 -39.26 -60.86 -95.80
N LEU HF 95 -39.73 -61.99 -95.30
CA LEU HF 95 -41.16 -62.23 -95.08
C LEU HF 95 -41.40 -62.15 -93.58
N SER HF 96 -42.36 -61.32 -93.19
CA SER HF 96 -42.66 -61.10 -91.77
C SER HF 96 -44.17 -61.20 -91.58
N VAL HF 97 -44.61 -62.34 -91.07
CA VAL HF 97 -46.01 -62.57 -90.79
C VAL HF 97 -46.21 -62.81 -89.30
N ASP HF 98 -47.41 -62.58 -88.82
CA ASP HF 98 -47.80 -62.98 -87.47
C ASP HF 98 -48.02 -64.48 -87.44
N PRO HF 99 -47.74 -65.14 -86.31
CA PRO HF 99 -47.90 -66.59 -86.24
C PRO HF 99 -49.30 -67.07 -86.54
N GLU HF 100 -50.33 -66.24 -86.31
CA GLU HF 100 -51.71 -66.59 -86.56
C GLU HF 100 -52.04 -66.65 -88.04
N THR HF 101 -51.14 -66.19 -88.91
CA THR HF 101 -51.38 -66.20 -90.34
C THR HF 101 -51.43 -67.63 -90.86
N THR HF 102 -52.40 -67.89 -91.74
CA THR HF 102 -52.54 -69.19 -92.38
C THR HF 102 -51.60 -69.30 -93.57
N ALA HF 103 -51.40 -70.55 -94.01
CA ALA HF 103 -50.51 -70.80 -95.14
C ALA HF 103 -51.05 -70.16 -96.41
N ALA HF 104 -52.38 -70.07 -96.54
CA ALA HF 104 -52.98 -69.52 -97.75
C ALA HF 104 -52.78 -68.01 -97.85
N GLU HF 105 -52.79 -67.30 -96.73
CA GLU HF 105 -52.50 -65.87 -96.78
C GLU HF 105 -51.02 -65.60 -97.07
N VAL HF 106 -50.14 -66.48 -96.61
CA VAL HF 106 -48.72 -66.35 -96.94
C VAL HF 106 -48.49 -66.63 -98.41
N THR HF 107 -49.24 -67.58 -98.97
CA THR HF 107 -49.15 -67.92 -100.38
C THR HF 107 -49.51 -66.74 -101.26
N THR HF 108 -50.53 -65.98 -100.84
CA THR HF 108 -50.92 -64.79 -101.61
C THR HF 108 -49.84 -63.73 -101.58
N MET HF 109 -49.24 -63.51 -100.41
CA MET HF 109 -48.22 -62.49 -100.26
C MET HF 109 -47.00 -62.78 -101.12
N LEU HF 110 -46.56 -64.05 -101.13
CA LEU HF 110 -45.38 -64.42 -101.90
C LEU HF 110 -45.65 -64.25 -103.39
N ASN HF 111 -46.85 -64.62 -103.85
CA ASN HF 111 -47.18 -64.46 -105.26
C ASN HF 111 -47.25 -63.00 -105.65
N ALA HF 112 -47.84 -62.16 -104.79
CA ALA HF 112 -47.88 -60.73 -105.06
C ALA HF 112 -46.48 -60.13 -105.05
N ALA HF 113 -45.65 -60.56 -104.08
CA ALA HF 113 -44.28 -60.05 -104.01
C ALA HF 113 -43.42 -60.57 -105.15
N ALA HF 114 -43.60 -61.83 -105.54
CA ALA HF 114 -42.85 -62.36 -106.66
C ALA HF 114 -43.20 -61.64 -107.96
N GLN HF 115 -44.45 -61.21 -108.10
CA GLN HF 115 -44.87 -60.50 -109.30
C GLN HF 115 -44.11 -59.18 -109.45
N LEU HF 116 -43.90 -58.47 -108.35
CA LEU HF 116 -43.10 -57.24 -108.40
C LEU HF 116 -41.62 -57.61 -108.32
N LEU HF 117 -41.24 -58.61 -109.10
CA LEU HF 117 -39.84 -58.94 -109.28
C LEU HF 117 -39.58 -59.22 -110.76
N PHE HF 118 -40.60 -59.70 -111.46
CA PHE HF 118 -40.45 -60.10 -112.84
C PHE HF 118 -41.51 -59.53 -113.78
N ASP HF 119 -42.54 -58.87 -113.26
CA ASP HF 119 -43.54 -58.25 -114.11
C ASP HF 119 -42.91 -57.14 -114.94
N SER HF 120 -43.25 -57.11 -116.23
CA SER HF 120 -42.59 -56.18 -117.15
C SER HF 120 -42.86 -54.73 -116.78
N ASP HF 121 -43.94 -54.48 -116.05
CA ASP HF 121 -44.28 -53.12 -115.63
C ASP HF 121 -43.21 -52.54 -114.72
N TYR HF 122 -42.69 -53.36 -113.81
CA TYR HF 122 -41.63 -52.91 -112.92
C TYR HF 122 -40.27 -53.33 -113.44
N SER HF 123 -39.87 -52.84 -114.61
CA SER HF 123 -38.55 -53.13 -115.13
C SER HF 123 -37.66 -51.90 -115.01
N ASP HF 124 -38.21 -50.74 -115.39
CA ASP HF 124 -37.48 -49.49 -115.23
C ASP HF 124 -37.19 -49.19 -113.76
N PHE HF 125 -38.01 -49.71 -112.85
CA PHE HF 125 -37.77 -49.48 -111.43
C PHE HF 125 -36.56 -50.24 -110.90
N TRP HF 126 -36.32 -51.47 -111.37
CA TRP HF 126 -35.19 -52.24 -110.88
C TRP HF 126 -33.91 -51.90 -111.63
N LYS HF 127 -33.97 -51.85 -112.96
CA LYS HF 127 -32.77 -51.64 -113.75
C LYS HF 127 -32.46 -50.17 -113.92
N ALA HF 128 -33.40 -49.41 -114.50
CA ALA HF 128 -33.19 -47.98 -114.65
C ALA HF 128 -33.33 -47.22 -113.34
N GLN HF 129 -33.80 -47.89 -112.29
CA GLN HF 129 -34.06 -47.29 -110.99
C GLN HF 129 -35.00 -46.08 -111.12
N ALA HF 130 -36.01 -46.22 -111.98
CA ALA HF 130 -36.93 -45.15 -112.31
C ALA HF 130 -38.22 -45.33 -111.53
N LEU HF 131 -38.42 -44.50 -110.50
CA LEU HF 131 -39.63 -44.53 -109.71
C LEU HF 131 -40.83 -44.07 -110.52
N ALA HF 132 -40.58 -43.47 -111.67
CA ALA HF 132 -41.61 -42.76 -112.41
C ALA HF 132 -41.68 -43.17 -113.87
N ALA IF 1 -82.84 -17.12 -101.40
CA ALA IF 1 -81.75 -16.92 -100.46
C ALA IF 1 -81.49 -18.18 -99.63
N ILE IF 2 -80.75 -18.03 -98.54
CA ILE IF 2 -80.38 -19.18 -97.72
C ILE IF 2 -81.61 -19.86 -97.13
N ALA IF 3 -82.52 -19.08 -96.59
CA ALA IF 3 -83.74 -19.64 -96.00
C ALA IF 3 -84.61 -20.24 -97.09
N ASN IF 4 -85.05 -21.49 -96.87
CA ASN IF 4 -85.90 -22.22 -97.80
C ASN IF 4 -85.22 -22.41 -99.16
N SER IF 5 -83.89 -22.50 -99.15
CA SER IF 5 -83.13 -22.83 -100.35
C SER IF 5 -83.20 -24.33 -100.58
N SER IF 6 -83.29 -24.73 -101.84
CA SER IF 6 -83.42 -26.14 -102.18
C SER IF 6 -82.12 -26.68 -102.75
N ILE IF 7 -81.68 -27.81 -102.21
CA ILE IF 7 -80.50 -28.52 -102.69
C ILE IF 7 -80.92 -29.92 -103.13
N ALA IF 8 -80.52 -30.30 -104.34
CA ALA IF 8 -80.86 -31.62 -104.87
C ALA IF 8 -79.80 -32.62 -104.44
N ILE IF 9 -80.16 -33.50 -103.51
CA ILE IF 9 -79.22 -34.46 -102.95
C ILE IF 9 -79.05 -35.63 -103.90
N ASP IF 10 -77.82 -36.15 -104.00
CA ASP IF 10 -77.47 -37.28 -104.85
C ASP IF 10 -77.79 -36.97 -106.32
N SER IF 11 -77.08 -35.95 -106.82
CA SER IF 11 -77.36 -35.41 -108.13
C SER IF 11 -76.07 -35.36 -108.95
N THR IF 12 -76.23 -35.50 -110.26
CA THR IF 12 -75.09 -35.33 -111.16
C THR IF 12 -74.91 -33.85 -111.46
N ALA IF 13 -73.68 -33.37 -111.31
CA ALA IF 13 -73.34 -31.98 -111.55
C ALA IF 13 -72.60 -31.89 -112.88
N SER IF 14 -73.24 -31.25 -113.86
CA SER IF 14 -72.61 -31.02 -115.15
C SER IF 14 -71.97 -29.64 -115.17
N VAL IF 15 -71.35 -29.29 -116.30
CA VAL IF 15 -70.80 -27.96 -116.51
C VAL IF 15 -70.67 -27.71 -118.00
N THR IF 16 -71.19 -26.59 -118.48
CA THR IF 16 -71.16 -26.24 -119.90
C THR IF 16 -70.95 -24.75 -120.04
N GLY IF 17 -69.68 -24.31 -120.09
CA GLY IF 17 -69.39 -22.94 -120.44
C GLY IF 17 -68.26 -22.76 -121.42
N GLY IF 18 -67.50 -23.83 -121.67
CA GLY IF 18 -66.35 -23.74 -122.54
C GLY IF 18 -65.11 -23.25 -121.80
N THR IF 19 -64.10 -22.81 -122.55
CA THR IF 19 -62.85 -22.32 -121.99
C THR IF 19 -62.17 -23.40 -121.14
N ALA IF 20 -61.85 -24.51 -121.80
CA ALA IF 20 -61.28 -25.66 -121.11
C ALA IF 20 -59.79 -25.46 -120.83
N ARG IF 21 -59.47 -25.00 -119.63
CA ARG IF 21 -58.09 -24.78 -119.24
C ARG IF 21 -57.45 -26.08 -118.80
N THR IF 22 -56.19 -25.99 -118.39
CA THR IF 22 -55.42 -27.16 -117.98
C THR IF 22 -54.67 -26.87 -116.69
N VAL IF 23 -54.84 -27.75 -115.72
CA VAL IF 23 -54.12 -27.65 -114.45
C VAL IF 23 -52.75 -28.27 -114.64
N LYS IF 24 -51.71 -27.46 -114.50
CA LYS IF 24 -50.33 -27.91 -114.61
C LYS IF 24 -49.66 -27.83 -113.24
N GLU IF 25 -49.04 -28.92 -112.81
CA GLU IF 25 -48.43 -28.93 -111.50
C GLU IF 25 -47.12 -28.15 -111.50
N LEU IF 26 -46.79 -27.57 -110.35
CA LEU IF 26 -45.56 -26.79 -110.20
C LEU IF 26 -44.57 -27.52 -109.30
N VAL IF 27 -44.93 -27.81 -108.05
CA VAL IF 27 -44.04 -28.45 -107.09
C VAL IF 27 -44.85 -29.46 -106.29
N ARG IF 28 -44.19 -30.12 -105.35
CA ARG IF 28 -44.84 -31.10 -104.50
C ARG IF 28 -44.67 -30.85 -103.01
N ASN IF 29 -43.51 -30.32 -102.59
CA ASN IF 29 -43.06 -30.29 -101.20
C ASN IF 29 -43.66 -31.39 -100.33
N ASN IF 30 -44.02 -31.05 -99.09
CA ASN IF 30 -44.33 -32.05 -98.07
C ASN IF 30 -45.80 -32.46 -98.18
N SER IF 31 -46.05 -33.59 -98.82
CA SER IF 31 -47.38 -34.19 -98.91
C SER IF 31 -48.40 -33.17 -99.44
N GLU IF 32 -47.96 -32.39 -100.42
CA GLU IF 32 -48.78 -31.33 -101.00
C GLU IF 32 -48.66 -31.44 -102.52
N LEU IF 33 -49.39 -30.58 -103.21
CA LEU IF 33 -49.28 -30.51 -104.67
C LEU IF 33 -49.70 -29.12 -105.14
N ASN IF 34 -48.72 -28.28 -105.44
CA ASN IF 34 -49.02 -26.93 -105.91
C ASN IF 34 -49.07 -26.92 -107.42
N ALA IF 35 -50.21 -26.54 -107.97
CA ALA IF 35 -50.42 -26.45 -109.40
C ALA IF 35 -50.87 -25.04 -109.77
N TYR IF 36 -51.18 -24.85 -111.05
CA TYR IF 36 -51.67 -23.56 -111.52
C TYR IF 36 -52.48 -23.80 -112.78
N ILE IF 37 -53.41 -22.89 -113.05
CA ILE IF 37 -54.29 -23.03 -114.21
C ILE IF 37 -53.67 -22.28 -115.38
N ASP IF 38 -53.46 -22.99 -116.49
CA ASP IF 38 -52.81 -22.42 -117.67
C ASP IF 38 -53.85 -21.65 -118.48
N GLU IF 39 -53.81 -20.33 -118.33
CA GLU IF 39 -54.70 -19.45 -119.07
C GLU IF 39 -53.96 -18.34 -119.82
N GLY IF 40 -52.64 -18.36 -119.82
CA GLY IF 40 -51.86 -17.39 -120.54
C GLY IF 40 -51.64 -16.06 -119.83
N LEU IF 41 -51.94 -15.97 -118.54
CA LEU IF 41 -51.74 -14.74 -117.80
C LEU IF 41 -50.26 -14.59 -117.45
N SER IF 42 -49.96 -13.55 -116.68
CA SER IF 42 -48.59 -13.30 -116.26
C SER IF 42 -48.15 -14.36 -115.25
N PHE IF 43 -46.85 -14.35 -114.95
CA PHE IF 43 -46.29 -15.33 -114.03
C PHE IF 43 -46.84 -15.14 -112.63
N GLN IF 44 -46.92 -13.90 -112.16
CA GLN IF 44 -47.44 -13.59 -110.84
C GLN IF 44 -48.87 -13.05 -110.90
N ALA IF 45 -49.59 -13.41 -111.96
CA ALA IF 45 -51.03 -13.11 -112.04
C ALA IF 45 -51.84 -14.36 -112.38
N ARG IF 46 -51.25 -15.54 -112.36
CA ARG IF 46 -51.95 -16.77 -112.69
C ARG IF 46 -52.68 -17.32 -111.48
N LYS IF 47 -53.64 -18.22 -111.71
CA LYS IF 47 -54.38 -18.83 -110.61
C LYS IF 47 -53.70 -20.11 -110.21
N GLU IF 48 -53.19 -20.17 -108.98
CA GLU IF 48 -52.51 -21.35 -108.44
C GLU IF 48 -53.49 -22.04 -107.49
N VAL IF 49 -53.73 -23.33 -107.75
CA VAL IF 49 -54.55 -24.13 -106.84
C VAL IF 49 -53.66 -25.18 -106.17
N ALA IF 50 -53.69 -25.20 -104.84
CA ALA IF 50 -52.87 -26.11 -104.05
C ALA IF 50 -53.71 -27.27 -103.51
N PHE IF 51 -53.11 -28.45 -103.50
CA PHE IF 51 -53.72 -29.67 -102.98
C PHE IF 51 -52.90 -30.21 -101.82
N SER IF 52 -53.57 -30.88 -100.89
CA SER IF 52 -52.88 -31.45 -99.74
C SER IF 52 -53.69 -32.60 -99.15
N VAL IF 53 -53.00 -33.56 -98.54
CA VAL IF 53 -53.64 -34.67 -97.87
C VAL IF 53 -53.05 -34.83 -96.48
N LYS IF 54 -53.85 -35.38 -95.56
CA LYS IF 54 -53.47 -35.56 -94.16
C LYS IF 54 -53.94 -36.94 -93.69
N VAL IF 55 -53.50 -37.97 -94.42
CA VAL IF 55 -53.93 -39.37 -94.24
C VAL IF 55 -54.05 -39.77 -92.77
N PRO IF 56 -55.01 -40.62 -92.42
CA PRO IF 56 -55.30 -40.89 -91.01
C PRO IF 56 -54.13 -41.55 -90.28
N LYS IF 57 -54.08 -41.30 -88.98
CA LYS IF 57 -53.01 -41.79 -88.12
C LYS IF 57 -53.64 -42.54 -86.96
N VAL IF 58 -53.21 -43.78 -86.74
CA VAL IF 58 -53.81 -44.65 -85.74
C VAL IF 58 -53.63 -44.05 -84.35
N SER IF 59 -54.74 -43.65 -83.74
CA SER IF 59 -54.73 -43.09 -82.39
C SER IF 59 -55.35 -44.09 -81.41
N VAL IF 60 -55.46 -43.69 -80.15
CA VAL IF 60 -56.19 -44.45 -79.14
C VAL IF 60 -57.53 -43.79 -78.82
N SER IF 61 -57.60 -42.47 -78.96
CA SER IF 61 -58.80 -41.66 -78.94
C SER IF 61 -59.48 -41.79 -80.30
N ALA IF 62 -60.31 -40.80 -80.68
CA ALA IF 62 -61.00 -40.81 -81.97
C ALA IF 62 -61.99 -41.94 -82.03
N PRO IF 63 -63.20 -41.74 -81.46
CA PRO IF 63 -64.13 -42.85 -81.25
C PRO IF 63 -64.60 -43.47 -82.55
N GLY IF 64 -63.82 -44.47 -83.00
CA GLY IF 64 -63.84 -45.00 -84.33
C GLY IF 64 -62.45 -45.48 -84.69
N GLY IF 65 -61.49 -45.11 -83.86
CA GLY IF 65 -60.16 -45.72 -83.89
C GLY IF 65 -59.02 -44.78 -84.22
N PHE IF 66 -59.19 -43.91 -85.21
CA PHE IF 66 -58.14 -43.01 -85.65
C PHE IF 66 -58.72 -41.78 -86.34
N THR IF 67 -57.86 -40.78 -86.50
CA THR IF 67 -58.26 -39.47 -86.99
C THR IF 67 -58.81 -39.54 -88.41
N GLN IF 68 -59.50 -38.47 -88.80
CA GLN IF 68 -60.15 -38.40 -90.09
C GLN IF 68 -59.15 -38.17 -91.22
N ALA IF 69 -59.63 -38.30 -92.44
CA ALA IF 69 -58.83 -38.09 -93.64
C ALA IF 69 -59.24 -36.77 -94.29
N ARG IF 70 -58.60 -35.68 -93.89
CA ARG IF 70 -58.89 -34.37 -94.44
C ARG IF 70 -58.15 -34.16 -95.75
N SER IF 71 -58.83 -33.54 -96.72
CA SER IF 71 -58.26 -33.21 -98.02
C SER IF 71 -58.55 -31.73 -98.29
N THR IF 72 -57.51 -30.95 -98.56
CA THR IF 72 -57.66 -29.52 -98.72
C THR IF 72 -57.38 -29.10 -100.16
N VAL IF 73 -58.12 -28.08 -100.61
CA VAL IF 73 -57.90 -27.44 -101.90
C VAL IF 73 -58.02 -25.94 -101.73
N ILE IF 74 -56.93 -25.21 -101.92
CA ILE IF 74 -56.95 -23.75 -101.88
C ILE IF 74 -56.73 -23.23 -103.30
N LEU IF 75 -57.66 -22.42 -103.78
CA LEU IF 75 -57.58 -21.81 -105.10
C LEU IF 75 -57.25 -20.34 -104.89
N LYS IF 76 -56.09 -19.92 -105.37
CA LYS IF 76 -55.63 -18.55 -105.20
C LYS IF 76 -55.77 -17.79 -106.51
N SER IF 77 -56.62 -16.77 -106.51
CA SER IF 77 -56.84 -15.94 -107.69
C SER IF 77 -56.35 -14.53 -107.40
N PRO IF 78 -55.20 -14.13 -107.94
CA PRO IF 78 -54.67 -12.80 -107.62
C PRO IF 78 -55.49 -11.69 -108.25
N LYS IF 79 -55.43 -10.51 -107.64
CA LYS IF 79 -56.18 -9.35 -108.08
C LYS IF 79 -55.33 -8.10 -107.96
N THR IF 80 -55.40 -7.23 -108.96
CA THR IF 80 -54.77 -5.92 -108.93
C THR IF 80 -55.83 -4.89 -108.55
N LEU IF 81 -55.61 -4.20 -107.43
CA LEU IF 81 -56.57 -3.24 -106.94
C LEU IF 81 -56.45 -1.91 -107.68
N ALA IF 82 -57.46 -1.04 -107.50
CA ALA IF 82 -57.42 0.28 -108.11
C ALA IF 82 -56.29 1.11 -107.53
N ASN IF 83 -56.05 1.01 -106.21
CA ASN IF 83 -54.95 1.71 -105.59
C ASN IF 83 -53.61 1.33 -106.20
N GLY IF 84 -53.51 0.14 -106.78
CA GLY IF 84 -52.32 -0.24 -107.51
C GLY IF 84 -51.63 -1.47 -106.97
N ASN IF 85 -51.79 -1.74 -105.68
CA ASN IF 85 -51.16 -2.90 -105.08
C ASN IF 85 -51.88 -4.18 -105.52
N ARG IF 86 -51.39 -5.30 -105.02
CA ARG IF 86 -51.86 -6.63 -105.41
C ARG IF 86 -52.34 -7.38 -104.18
N THR IF 87 -53.34 -8.21 -104.38
CA THR IF 87 -53.92 -9.03 -103.31
C THR IF 87 -54.37 -10.34 -103.95
N VAL IF 88 -54.57 -11.36 -103.13
CA VAL IF 88 -54.99 -12.67 -103.60
C VAL IF 88 -56.35 -12.99 -102.99
N ASN IF 89 -57.27 -13.46 -103.83
CA ASN IF 89 -58.60 -13.89 -103.41
C ASN IF 89 -58.60 -15.42 -103.40
N THR IF 90 -58.85 -15.99 -102.23
CA THR IF 90 -58.68 -17.42 -102.05
C THR IF 90 -60.02 -18.13 -101.84
N VAL IF 91 -60.04 -19.42 -102.20
CA VAL IF 91 -61.17 -20.29 -101.92
C VAL IF 91 -60.64 -21.61 -101.38
N SER IF 92 -60.73 -21.80 -100.07
CA SER IF 92 -60.25 -23.04 -99.46
C SER IF 92 -61.41 -24.00 -99.26
N ILE IF 93 -61.11 -25.30 -99.41
CA ILE IF 93 -62.10 -26.35 -99.26
C ILE IF 93 -61.46 -27.52 -98.50
N GLN IF 94 -62.13 -28.04 -97.48
CA GLN IF 94 -61.62 -29.14 -96.69
C GLN IF 94 -62.66 -30.24 -96.58
N LEU IF 95 -62.19 -31.48 -96.44
CA LEU IF 95 -63.04 -32.67 -96.49
C LEU IF 95 -62.67 -33.62 -95.34
N SER IF 96 -62.70 -33.10 -94.12
CA SER IF 96 -62.42 -33.92 -92.93
C SER IF 96 -63.53 -34.96 -92.79
N VAL IF 97 -63.24 -36.18 -93.26
CA VAL IF 97 -64.17 -37.30 -93.15
C VAL IF 97 -63.48 -38.47 -92.46
N ASP IF 98 -64.26 -39.20 -91.69
CA ASP IF 98 -63.72 -40.34 -90.96
C ASP IF 98 -63.31 -41.43 -91.95
N PRO IF 99 -62.15 -42.07 -91.75
CA PRO IF 99 -61.61 -42.98 -92.77
C PRO IF 99 -62.48 -44.19 -93.06
N GLU IF 100 -63.44 -44.53 -92.20
CA GLU IF 100 -64.37 -45.62 -92.46
C GLU IF 100 -65.45 -45.23 -93.46
N THR IF 101 -65.47 -43.97 -93.89
CA THR IF 101 -66.53 -43.47 -94.75
C THR IF 101 -66.43 -44.06 -96.16
N THR IF 102 -67.56 -44.56 -96.67
CA THR IF 102 -67.62 -45.11 -98.01
C THR IF 102 -67.53 -43.99 -99.05
N ALA IF 103 -67.21 -44.40 -100.28
CA ALA IF 103 -67.09 -43.44 -101.37
C ALA IF 103 -68.43 -42.95 -101.88
N ALA IF 104 -69.53 -43.64 -101.57
CA ALA IF 104 -70.84 -43.21 -102.03
C ALA IF 104 -71.31 -41.96 -101.29
N GLU IF 105 -71.13 -41.93 -99.97
CA GLU IF 105 -71.54 -40.77 -99.20
C GLU IF 105 -70.58 -39.61 -99.43
N VAL IF 106 -69.29 -39.89 -99.64
CA VAL IF 106 -68.34 -38.84 -99.98
C VAL IF 106 -68.77 -38.15 -101.26
N THR IF 107 -69.17 -38.92 -102.27
CA THR IF 107 -69.72 -38.33 -103.49
C THR IF 107 -70.98 -37.53 -103.20
N THR IF 108 -71.83 -38.04 -102.30
CA THR IF 108 -73.01 -37.29 -101.88
C THR IF 108 -72.62 -35.99 -101.21
N MET IF 109 -71.62 -36.04 -100.32
CA MET IF 109 -71.15 -34.84 -99.63
C MET IF 109 -70.54 -33.84 -100.60
N LEU IF 110 -69.73 -34.33 -101.54
CA LEU IF 110 -69.07 -33.45 -102.49
C LEU IF 110 -70.08 -32.77 -103.40
N ASN IF 111 -71.09 -33.51 -103.84
CA ASN IF 111 -72.12 -32.94 -104.71
C ASN IF 111 -72.96 -31.93 -103.96
N ALA IF 112 -73.35 -32.24 -102.72
CA ALA IF 112 -74.12 -31.30 -101.93
C ALA IF 112 -73.33 -30.04 -101.63
N ALA IF 113 -72.06 -30.19 -101.25
CA ALA IF 113 -71.18 -29.05 -101.03
C ALA IF 113 -70.95 -28.24 -102.29
N ALA IF 114 -70.69 -28.91 -103.41
CA ALA IF 114 -70.51 -28.20 -104.67
C ALA IF 114 -71.81 -27.66 -105.22
N GLN IF 115 -72.95 -28.19 -104.77
CA GLN IF 115 -74.24 -27.62 -105.15
C GLN IF 115 -74.43 -26.23 -104.58
N LEU IF 116 -73.85 -25.97 -103.42
CA LEU IF 116 -73.65 -24.61 -102.93
C LEU IF 116 -72.61 -23.93 -103.83
N LEU IF 117 -72.46 -22.62 -103.65
CA LEU IF 117 -71.48 -21.80 -104.39
C LEU IF 117 -71.59 -21.94 -105.92
N PHE IF 118 -72.65 -22.54 -106.44
CA PHE IF 118 -73.03 -22.21 -107.81
C PHE IF 118 -74.54 -22.11 -107.92
N ASP IF 119 -75.26 -22.40 -106.83
CA ASP IF 119 -76.69 -22.24 -106.81
C ASP IF 119 -77.06 -20.77 -106.73
N SER IF 120 -78.21 -20.43 -107.29
CA SER IF 120 -78.66 -19.04 -107.32
C SER IF 120 -79.06 -18.52 -105.95
N ASP IF 121 -79.50 -19.39 -105.04
CA ASP IF 121 -79.96 -18.94 -103.74
C ASP IF 121 -78.82 -18.32 -102.94
N TYR IF 122 -77.63 -18.87 -103.04
CA TYR IF 122 -76.48 -18.43 -102.25
C TYR IF 122 -75.63 -17.39 -102.94
N SER IF 123 -76.07 -16.89 -104.10
CA SER IF 123 -75.35 -15.84 -104.82
C SER IF 123 -75.11 -14.62 -103.95
N ASP IF 124 -76.15 -14.15 -103.26
CA ASP IF 124 -76.03 -12.96 -102.42
C ASP IF 124 -75.16 -13.23 -101.20
N PHE IF 125 -75.22 -14.45 -100.68
CA PHE IF 125 -74.39 -14.81 -99.53
C PHE IF 125 -72.91 -14.77 -99.88
N TRP IF 126 -72.55 -15.39 -101.00
CA TRP IF 126 -71.15 -15.40 -101.41
C TRP IF 126 -70.65 -14.04 -101.87
N LYS IF 127 -71.51 -13.23 -102.48
CA LYS IF 127 -71.09 -11.96 -103.05
C LYS IF 127 -71.27 -10.81 -102.07
N ALA IF 128 -72.47 -10.59 -101.55
CA ALA IF 128 -72.73 -9.48 -100.66
C ALA IF 128 -72.69 -9.84 -99.18
N GLN IF 129 -72.38 -11.10 -98.85
CA GLN IF 129 -72.38 -11.58 -97.46
C GLN IF 129 -73.76 -11.43 -96.82
N ALA IF 130 -74.80 -11.60 -97.64
CA ALA IF 130 -76.18 -11.49 -97.19
C ALA IF 130 -76.58 -12.79 -96.51
N LEU IF 131 -76.26 -12.88 -95.22
CA LEU IF 131 -76.65 -14.02 -94.41
C LEU IF 131 -78.17 -14.11 -94.35
N ALA IF 132 -78.80 -13.09 -93.79
CA ALA IF 132 -80.24 -13.02 -93.76
C ALA IF 132 -80.76 -12.48 -95.09
N ALA JF 1 -91.53 -23.02 -89.69
CA ALA JF 1 -92.82 -22.60 -90.24
C ALA JF 1 -93.54 -21.72 -89.24
N ILE JF 2 -92.79 -21.17 -88.30
CA ILE JF 2 -93.27 -20.09 -87.45
C ILE JF 2 -93.03 -18.78 -88.19
N ALA JF 3 -93.97 -18.40 -89.04
CA ALA JF 3 -93.81 -17.22 -89.87
C ALA JF 3 -95.19 -16.73 -90.27
N ASN JF 4 -95.66 -17.13 -91.45
CA ASN JF 4 -97.06 -16.92 -91.79
C ASN JF 4 -97.84 -18.20 -91.54
N SER JF 5 -97.93 -18.61 -90.27
CA SER JF 5 -98.67 -19.80 -89.88
C SER JF 5 -100.15 -19.49 -89.79
N SER JF 6 -100.92 -20.35 -89.13
CA SER JF 6 -102.34 -20.09 -88.92
C SER JF 6 -102.78 -20.77 -87.64
N ILE JF 7 -103.63 -20.09 -86.89
CA ILE JF 7 -104.15 -20.62 -85.63
C ILE JF 7 -105.57 -20.09 -85.43
N ALA JF 8 -106.49 -20.95 -85.04
CA ALA JF 8 -107.87 -20.56 -84.81
C ALA JF 8 -108.03 -20.04 -83.39
N ILE JF 9 -108.56 -18.83 -83.25
CA ILE JF 9 -108.73 -18.20 -81.95
C ILE JF 9 -110.20 -18.28 -81.55
N ASP JF 10 -110.44 -18.66 -80.30
CA ASP JF 10 -111.79 -18.85 -79.77
C ASP JF 10 -112.51 -19.98 -80.51
N SER JF 11 -111.90 -21.16 -80.51
CA SER JF 11 -112.38 -22.31 -81.24
C SER JF 11 -112.42 -23.53 -80.33
N THR JF 12 -113.20 -24.53 -80.74
CA THR JF 12 -113.34 -25.77 -80.00
C THR JF 12 -112.38 -26.82 -80.54
N ALA JF 13 -111.61 -27.43 -79.63
CA ALA JF 13 -110.66 -28.47 -79.97
C ALA JF 13 -111.22 -29.84 -79.59
N SER JF 14 -110.93 -30.84 -80.43
CA SER JF 14 -111.46 -32.18 -80.22
C SER JF 14 -110.36 -33.19 -80.50
N VAL JF 15 -110.61 -34.43 -80.09
CA VAL JF 15 -109.67 -35.53 -80.23
C VAL JF 15 -110.41 -36.73 -80.80
N THR JF 16 -109.82 -37.36 -81.81
CA THR JF 16 -110.37 -38.57 -82.41
C THR JF 16 -109.34 -39.69 -82.37
N GLY JF 17 -109.83 -40.91 -82.22
CA GLY JF 17 -108.96 -42.07 -82.23
C GLY JF 17 -108.17 -42.21 -80.94
N GLY JF 18 -107.03 -42.89 -81.05
CA GLY JF 18 -106.20 -43.15 -79.88
C GLY JF 18 -106.82 -44.21 -78.98
N THR JF 19 -106.19 -44.37 -77.81
CA THR JF 19 -106.63 -45.35 -76.82
C THR JF 19 -106.86 -44.62 -75.51
N ALA JF 20 -108.12 -44.52 -75.11
CA ALA JF 20 -108.48 -43.83 -73.87
C ALA JF 20 -107.84 -44.50 -72.66
N ARG JF 21 -106.90 -43.81 -72.02
CA ARG JF 21 -106.27 -44.27 -70.80
C ARG JF 21 -106.98 -43.65 -69.61
N THR JF 22 -106.39 -43.79 -68.42
CA THR JF 22 -107.00 -43.25 -67.21
C THR JF 22 -105.90 -42.63 -66.35
N VAL JF 23 -106.18 -41.45 -65.80
CA VAL JF 23 -105.22 -40.75 -64.95
C VAL JF 23 -105.52 -41.20 -63.52
N LYS JF 24 -104.62 -42.03 -62.97
CA LYS JF 24 -104.81 -42.54 -61.62
C LYS JF 24 -104.03 -41.69 -60.62
N GLU JF 25 -104.71 -41.28 -59.56
CA GLU JF 25 -104.12 -40.39 -58.57
C GLU JF 25 -103.27 -41.17 -57.58
N LEU JF 26 -102.13 -40.59 -57.22
CA LEU JF 26 -101.18 -41.25 -56.34
C LEU JF 26 -101.14 -40.51 -55.01
N VAL JF 27 -100.77 -39.23 -55.01
CA VAL JF 27 -100.66 -38.44 -53.79
C VAL JF 27 -101.10 -37.02 -54.10
N ARG JF 28 -101.87 -36.41 -53.20
CA ARG JF 28 -102.17 -34.99 -53.25
C ARG JF 28 -101.63 -34.37 -51.96
N ASN JF 29 -100.67 -33.47 -52.10
CA ASN JF 29 -100.04 -32.84 -50.94
C ASN JF 29 -99.31 -31.58 -51.38
N ASN JF 30 -99.16 -30.66 -50.43
CA ASN JF 30 -98.32 -29.47 -50.63
C ASN JF 30 -98.71 -28.71 -51.90
N SER JF 31 -100.02 -28.61 -52.15
CA SER JF 31 -100.57 -27.98 -53.35
C SER JF 31 -100.14 -28.70 -54.62
N GLU JF 32 -99.75 -29.97 -54.49
CA GLU JF 32 -99.31 -30.80 -55.61
C GLU JF 32 -100.21 -32.02 -55.69
N LEU JF 33 -100.47 -32.49 -56.91
CA LEU JF 33 -101.24 -33.71 -57.14
C LEU JF 33 -100.42 -34.60 -58.07
N ASN JF 34 -99.72 -35.57 -57.48
CA ASN JF 34 -98.99 -36.55 -58.28
C ASN JF 34 -99.94 -37.63 -58.77
N ALA JF 35 -99.82 -37.98 -60.03
CA ALA JF 35 -100.68 -38.98 -60.65
C ALA JF 35 -99.89 -39.70 -61.74
N TYR JF 36 -100.54 -40.65 -62.40
CA TYR JF 36 -99.88 -41.40 -63.46
C TYR JF 36 -100.95 -41.87 -64.45
N ILE JF 37 -100.56 -41.98 -65.70
CA ILE JF 37 -101.44 -42.48 -66.75
C ILE JF 37 -101.31 -44.00 -66.80
N ASP JF 38 -102.44 -44.68 -66.84
CA ASP JF 38 -102.48 -46.14 -66.77
C ASP JF 38 -102.55 -46.67 -68.21
N GLU JF 39 -101.41 -47.16 -68.71
CA GLU JF 39 -101.36 -47.81 -70.02
C GLU JF 39 -100.98 -49.28 -69.91
N GLY JF 40 -101.01 -49.85 -68.71
CA GLY JF 40 -100.57 -51.22 -68.52
C GLY JF 40 -99.08 -51.40 -68.79
N LEU JF 41 -98.29 -50.48 -68.27
CA LEU JF 41 -96.84 -50.52 -68.41
C LEU JF 41 -96.21 -50.82 -67.05
N SER JF 42 -94.88 -50.97 -67.04
CA SER JF 42 -94.15 -51.23 -65.81
C SER JF 42 -93.98 -49.93 -65.04
N PHE JF 43 -93.57 -50.05 -63.77
CA PHE JF 43 -93.36 -48.87 -62.94
C PHE JF 43 -92.23 -47.99 -63.45
N GLN JF 44 -91.17 -48.57 -63.97
CA GLN JF 44 -90.04 -47.80 -64.49
C GLN JF 44 -90.37 -47.05 -65.77
N ALA JF 45 -91.44 -47.44 -66.48
CA ALA JF 45 -91.88 -46.71 -67.66
C ALA JF 45 -93.37 -46.43 -67.49
N ARG JF 46 -93.68 -45.35 -66.79
CA ARG JF 46 -95.06 -44.90 -66.57
C ARG JF 46 -95.26 -43.58 -67.32
N LYS JF 47 -96.36 -42.88 -67.14
CA LYS JF 47 -96.55 -41.56 -67.74
C LYS JF 47 -96.97 -40.59 -66.65
N GLU JF 48 -96.22 -40.54 -65.56
CA GLU JF 48 -96.56 -39.71 -64.42
C GLU JF 48 -96.76 -38.26 -64.84
N VAL JF 49 -97.85 -37.66 -64.36
CA VAL JF 49 -98.16 -36.26 -64.60
C VAL JF 49 -98.46 -35.59 -63.26
N ALA JF 50 -97.84 -34.44 -63.02
CA ALA JF 50 -97.94 -33.73 -61.75
C ALA JF 50 -98.71 -32.43 -61.93
N PHE JF 51 -99.74 -32.24 -61.11
CA PHE JF 51 -100.57 -31.04 -61.13
C PHE JF 51 -100.27 -30.23 -59.88
N SER JF 52 -99.91 -28.97 -60.06
CA SER JF 52 -99.61 -28.09 -58.94
C SER JF 52 -100.34 -26.77 -59.11
N VAL JF 53 -100.68 -26.15 -57.99
CA VAL JF 53 -101.42 -24.90 -57.98
C VAL JF 53 -100.74 -23.93 -57.02
N LYS JF 54 -100.64 -22.66 -57.47
CA LYS JF 54 -100.00 -21.59 -56.71
C LYS JF 54 -101.01 -20.43 -56.60
N VAL JF 55 -101.70 -20.36 -55.47
CA VAL JF 55 -102.78 -19.39 -55.27
C VAL JF 55 -102.23 -17.98 -55.11
N PRO JF 56 -102.97 -16.94 -55.52
CA PRO JF 56 -102.44 -15.58 -55.38
C PRO JF 56 -102.41 -15.11 -53.94
N LYS JF 57 -101.48 -14.20 -53.66
CA LYS JF 57 -101.35 -13.58 -52.35
C LYS JF 57 -101.40 -12.06 -52.51
N VAL JF 58 -101.82 -11.39 -51.44
CA VAL JF 58 -101.92 -9.93 -51.46
C VAL JF 58 -100.54 -9.31 -51.57
N SER JF 59 -100.43 -8.23 -52.34
CA SER JF 59 -99.16 -7.55 -52.56
C SER JF 59 -99.40 -6.05 -52.57
N VAL JF 60 -98.30 -5.29 -52.67
CA VAL JF 60 -98.37 -3.85 -52.86
C VAL JF 60 -97.99 -3.45 -54.28
N SER JF 61 -97.03 -4.13 -54.89
CA SER JF 61 -96.72 -4.07 -56.30
C SER JF 61 -97.74 -4.95 -57.04
N ALA JF 62 -97.41 -5.37 -58.27
CA ALA JF 62 -98.30 -6.25 -59.01
C ALA JF 62 -99.61 -5.55 -59.31
N PRO JF 63 -99.66 -4.75 -60.38
CA PRO JF 63 -100.66 -3.68 -60.49
C PRO JF 63 -102.09 -4.18 -60.53
N GLY JF 64 -102.66 -4.34 -59.35
CA GLY JF 64 -103.93 -5.01 -59.15
C GLY JF 64 -103.97 -5.66 -57.79
N GLY JF 65 -102.84 -5.66 -57.10
CA GLY JF 65 -102.83 -5.96 -55.68
C GLY JF 65 -102.37 -7.35 -55.32
N PHE JF 66 -102.50 -8.30 -56.24
CA PHE JF 66 -102.16 -9.68 -55.97
C PHE JF 66 -101.22 -10.24 -57.04
N THR JF 67 -100.43 -11.22 -56.63
CA THR JF 67 -99.63 -11.98 -57.56
C THR JF 67 -100.52 -12.82 -58.46
N GLN JF 68 -99.95 -13.32 -59.55
CA GLN JF 68 -100.73 -14.09 -60.51
C GLN JF 68 -101.02 -15.49 -59.95
N ALA JF 69 -102.09 -16.09 -60.44
CA ALA JF 69 -102.47 -17.45 -60.06
C ALA JF 69 -101.85 -18.43 -61.06
N ARG JF 70 -100.87 -19.20 -60.60
CA ARG JF 70 -100.16 -20.13 -61.46
C ARG JF 70 -100.71 -21.54 -61.32
N SER JF 71 -100.85 -22.23 -62.45
CA SER JF 71 -101.28 -23.63 -62.50
C SER JF 71 -100.27 -24.34 -63.42
N THR JF 72 -99.61 -25.35 -62.89
CA THR JF 72 -98.54 -26.03 -63.62
C THR JF 72 -98.84 -27.51 -63.77
N VAL JF 73 -98.61 -28.02 -64.98
CA VAL JF 73 -98.74 -29.44 -65.25
C VAL JF 73 -97.45 -29.93 -65.89
N ILE JF 74 -96.81 -30.93 -65.28
CA ILE JF 74 -95.63 -31.56 -65.86
C ILE JF 74 -95.96 -33.02 -66.18
N LEU JF 75 -95.76 -33.41 -67.43
CA LEU JF 75 -95.96 -34.77 -67.88
C LEU JF 75 -94.58 -35.40 -68.07
N LYS JF 76 -94.36 -36.54 -67.42
CA LYS JF 76 -93.07 -37.21 -67.49
C LYS JF 76 -93.17 -38.45 -68.36
N SER JF 77 -92.20 -38.61 -69.27
CA SER JF 77 -92.15 -39.75 -70.17
C SER JF 77 -90.78 -40.41 -70.07
N PRO JF 78 -90.66 -41.52 -69.34
CA PRO JF 78 -89.39 -42.26 -69.31
C PRO JF 78 -89.04 -42.83 -70.67
N LYS JF 79 -87.83 -42.53 -71.14
CA LYS JF 79 -87.30 -43.10 -72.38
C LYS JF 79 -86.09 -43.97 -72.04
N THR JF 80 -85.97 -45.10 -72.73
CA THR JF 80 -84.85 -46.01 -72.56
C THR JF 80 -83.93 -45.88 -73.76
N LEU JF 81 -82.66 -45.61 -73.49
CA LEU JF 81 -81.71 -45.26 -74.53
C LEU JF 81 -81.06 -46.52 -75.12
N ALA JF 82 -80.23 -46.31 -76.14
CA ALA JF 82 -79.55 -47.43 -76.78
C ALA JF 82 -78.60 -48.13 -75.80
N ASN JF 83 -77.84 -47.35 -75.03
CA ASN JF 83 -76.93 -47.94 -74.05
C ASN JF 83 -77.71 -48.66 -72.97
N GLY JF 84 -78.86 -48.12 -72.57
CA GLY JF 84 -79.69 -48.77 -71.58
C GLY JF 84 -79.97 -47.91 -70.37
N ASN JF 85 -79.38 -46.71 -70.34
CA ASN JF 85 -79.69 -45.77 -69.28
C ASN JF 85 -81.09 -45.21 -69.46
N ARG JF 86 -81.69 -44.81 -68.34
CA ARG JF 86 -83.06 -44.30 -68.33
C ARG JF 86 -83.05 -42.78 -68.23
N THR JF 87 -83.80 -42.14 -69.13
CA THR JF 87 -84.01 -40.71 -69.10
C THR JF 87 -85.50 -40.42 -69.15
N VAL JF 88 -85.89 -39.27 -68.62
CA VAL JF 88 -87.30 -38.85 -68.59
C VAL JF 88 -87.45 -37.63 -69.47
N ASN JF 89 -88.37 -37.71 -70.42
CA ASN JF 89 -88.73 -36.58 -71.28
C ASN JF 89 -89.95 -35.91 -70.67
N THR JF 90 -89.87 -34.60 -70.46
CA THR JF 90 -90.93 -33.88 -69.76
C THR JF 90 -91.53 -32.80 -70.65
N VAL JF 91 -92.82 -32.53 -70.43
CA VAL JF 91 -93.49 -31.37 -70.98
C VAL JF 91 -94.09 -30.57 -69.83
N SER JF 92 -93.70 -29.31 -69.70
CA SER JF 92 -94.25 -28.45 -68.68
C SER JF 92 -95.22 -27.46 -69.30
N ILE JF 93 -96.34 -27.25 -68.62
CA ILE JF 93 -97.37 -26.30 -69.05
C ILE JF 93 -97.70 -25.45 -67.82
N GLN JF 94 -97.33 -24.18 -67.86
CA GLN JF 94 -97.57 -23.26 -66.76
C GLN JF 94 -98.44 -22.12 -67.24
N LEU JF 95 -99.57 -21.90 -66.57
CA LEU JF 95 -100.49 -20.82 -66.90
C LEU JF 95 -100.50 -19.84 -65.73
N SER JF 96 -100.15 -18.58 -66.00
CA SER JF 96 -100.18 -17.53 -65.00
C SER JF 96 -101.16 -16.45 -65.46
N VAL JF 97 -102.27 -16.31 -64.74
CA VAL JF 97 -103.25 -15.27 -65.03
C VAL JF 97 -103.43 -14.40 -63.79
N ASP JF 98 -103.74 -13.13 -64.03
CA ASP JF 98 -104.15 -12.27 -62.95
C ASP JF 98 -105.51 -12.73 -62.44
N PRO JF 99 -105.77 -12.60 -61.13
CA PRO JF 99 -107.06 -13.06 -60.60
C PRO JF 99 -108.26 -12.34 -61.18
N GLU JF 100 -108.08 -11.15 -61.77
CA GLU JF 100 -109.19 -10.47 -62.41
C GLU JF 100 -109.62 -11.12 -63.73
N THR JF 101 -108.84 -12.08 -64.22
CA THR JF 101 -109.08 -12.65 -65.54
C THR JF 101 -110.33 -13.51 -65.56
N THR JF 102 -111.19 -13.26 -66.54
CA THR JF 102 -112.44 -13.99 -66.68
C THR JF 102 -112.16 -15.40 -67.20
N ALA JF 103 -113.18 -16.26 -67.08
CA ALA JF 103 -113.02 -17.63 -67.54
C ALA JF 103 -113.03 -17.73 -69.06
N ALA JF 104 -113.62 -16.75 -69.74
CA ALA JF 104 -113.59 -16.73 -71.19
C ALA JF 104 -112.22 -16.32 -71.72
N GLU JF 105 -111.50 -15.46 -70.99
CA GLU JF 105 -110.15 -15.11 -71.38
C GLU JF 105 -109.18 -16.24 -71.13
N VAL JF 106 -109.41 -17.04 -70.08
CA VAL JF 106 -108.56 -18.20 -69.82
C VAL JF 106 -108.83 -19.29 -70.86
N THR JF 107 -110.09 -19.48 -71.24
CA THR JF 107 -110.42 -20.47 -72.26
C THR JF 107 -109.75 -20.14 -73.58
N THR JF 108 -109.77 -18.87 -73.98
CA THR JF 108 -109.08 -18.46 -75.20
C THR JF 108 -107.59 -18.75 -75.10
N MET JF 109 -106.99 -18.45 -73.96
CA MET JF 109 -105.56 -18.71 -73.76
C MET JF 109 -105.27 -20.20 -73.83
N LEU JF 110 -106.13 -21.02 -73.21
CA LEU JF 110 -105.92 -22.45 -73.20
C LEU JF 110 -106.02 -23.05 -74.59
N ASN JF 111 -107.01 -22.59 -75.37
CA ASN JF 111 -107.23 -23.19 -76.68
C ASN JF 111 -106.17 -22.76 -77.69
N ALA JF 112 -105.75 -21.50 -77.64
CA ALA JF 112 -104.70 -21.03 -78.54
C ALA JF 112 -103.38 -21.71 -78.23
N ALA JF 113 -103.11 -21.99 -76.95
CA ALA JF 113 -101.88 -22.67 -76.60
C ALA JF 113 -101.90 -24.14 -76.96
N ALA JF 114 -103.10 -24.74 -77.03
CA ALA JF 114 -103.20 -26.15 -77.40
C ALA JF 114 -102.77 -26.37 -78.84
N GLN JF 115 -103.26 -25.52 -79.75
CA GLN JF 115 -102.84 -25.59 -81.14
C GLN JF 115 -101.38 -25.21 -81.33
N LEU JF 116 -100.78 -24.50 -80.37
CA LEU JF 116 -99.37 -24.16 -80.47
C LEU JF 116 -98.48 -25.40 -80.38
N LEU JF 117 -99.01 -26.50 -79.85
CA LEU JF 117 -98.22 -27.72 -79.72
C LEU JF 117 -98.88 -28.92 -80.39
N PHE JF 118 -99.88 -28.70 -81.23
CA PHE JF 118 -100.33 -29.78 -82.12
C PHE JF 118 -100.60 -29.35 -83.55
N ASP JF 119 -100.60 -28.08 -83.89
CA ASP JF 119 -100.72 -27.67 -85.29
C ASP JF 119 -99.47 -28.05 -86.06
N SER JF 120 -99.65 -28.40 -87.33
CA SER JF 120 -98.56 -28.96 -88.12
C SER JF 120 -97.47 -27.93 -88.38
N ASP JF 121 -97.82 -26.64 -88.39
CA ASP JF 121 -96.84 -25.59 -88.66
C ASP JF 121 -95.76 -25.54 -87.60
N TYR JF 122 -96.03 -26.10 -86.43
CA TYR JF 122 -95.04 -26.04 -85.35
C TYR JF 122 -94.37 -27.40 -85.14
N SER JF 123 -94.60 -28.34 -86.05
CA SER JF 123 -94.01 -29.66 -85.91
C SER JF 123 -92.48 -29.61 -85.92
N ASP JF 124 -91.90 -28.82 -86.82
CA ASP JF 124 -90.44 -28.75 -86.90
C ASP JF 124 -89.82 -27.97 -85.76
N PHE JF 125 -90.55 -27.03 -85.17
CA PHE JF 125 -90.04 -26.36 -83.98
C PHE JF 125 -89.96 -27.29 -82.79
N TRP JF 126 -90.96 -28.15 -82.59
CA TRP JF 126 -90.95 -29.07 -81.46
C TRP JF 126 -90.01 -30.26 -81.69
N LYS JF 127 -90.00 -30.81 -82.90
CA LYS JF 127 -89.19 -31.99 -83.21
C LYS JF 127 -87.81 -31.61 -83.74
N ALA JF 128 -87.75 -30.86 -84.84
CA ALA JF 128 -86.48 -30.50 -85.44
C ALA JF 128 -85.82 -29.32 -84.76
N GLN JF 129 -86.50 -28.66 -83.83
CA GLN JF 129 -85.96 -27.50 -83.12
C GLN JF 129 -85.64 -26.37 -84.09
N ALA JF 130 -86.53 -26.18 -85.06
CA ALA JF 130 -86.32 -25.26 -86.19
C ALA JF 130 -87.16 -24.03 -86.00
N LEU JF 131 -86.51 -22.88 -85.78
CA LEU JF 131 -87.22 -21.62 -85.56
C LEU JF 131 -87.92 -21.13 -86.81
N ALA JF 132 -87.32 -21.32 -87.98
CA ALA JF 132 -87.96 -20.93 -89.22
C ALA JF 132 -87.91 -22.05 -90.25
N ALA KF 1 -112.47 -34.47 -62.23
CA ALA KF 1 -111.33 -33.66 -62.64
C ALA KF 1 -110.06 -34.48 -62.67
N ILE KF 2 -109.01 -33.97 -62.03
CA ILE KF 2 -107.77 -34.73 -61.91
C ILE KF 2 -107.97 -35.79 -60.83
N ALA KF 3 -108.29 -37.01 -61.25
CA ALA KF 3 -108.63 -38.08 -60.33
C ALA KF 3 -108.90 -39.36 -61.09
N ASN KF 4 -109.87 -39.32 -62.01
CA ASN KF 4 -110.24 -40.47 -62.83
C ASN KF 4 -110.41 -40.07 -64.29
N SER KF 5 -109.77 -38.98 -64.69
CA SER KF 5 -109.94 -38.46 -66.04
C SER KF 5 -109.28 -39.37 -67.06
N SER KF 6 -109.81 -39.35 -68.28
CA SER KF 6 -109.33 -40.18 -69.38
C SER KF 6 -108.65 -39.28 -70.41
N ILE KF 7 -107.49 -39.71 -70.89
CA ILE KF 7 -106.77 -39.01 -71.95
C ILE KF 7 -106.46 -40.00 -73.07
N ALA KF 8 -106.78 -39.62 -74.31
CA ALA KF 8 -106.63 -40.52 -75.45
C ALA KF 8 -105.20 -40.45 -75.96
N ILE KF 9 -104.39 -41.44 -75.63
CA ILE KF 9 -102.99 -41.49 -76.02
C ILE KF 9 -102.88 -41.84 -77.50
N ASP KF 10 -101.98 -41.13 -78.20
CA ASP KF 10 -101.74 -41.34 -79.62
C ASP KF 10 -103.01 -41.19 -80.44
N SER KF 11 -103.73 -40.10 -80.20
CA SER KF 11 -104.92 -39.73 -80.94
C SER KF 11 -104.60 -38.56 -81.86
N THR KF 12 -105.62 -38.10 -82.59
CA THR KF 12 -105.49 -36.96 -83.48
C THR KF 12 -106.32 -35.81 -82.93
N ALA KF 13 -105.68 -34.66 -82.71
CA ALA KF 13 -106.34 -33.47 -82.19
C ALA KF 13 -106.58 -32.48 -83.31
N SER KF 14 -107.81 -31.97 -83.41
CA SER KF 14 -108.20 -31.03 -84.44
C SER KF 14 -108.95 -29.87 -83.81
N VAL KF 15 -109.32 -28.90 -84.66
CA VAL KF 15 -109.97 -27.67 -84.24
C VAL KF 15 -111.10 -27.36 -85.20
N THR KF 16 -112.24 -26.93 -84.67
CA THR KF 16 -113.37 -26.48 -85.46
C THR KF 16 -113.83 -25.12 -84.97
N GLY KF 17 -114.41 -24.33 -85.87
CA GLY KF 17 -114.89 -23.01 -85.51
C GLY KF 17 -113.74 -22.03 -85.33
N GLY KF 18 -114.08 -20.88 -84.76
CA GLY KF 18 -113.10 -19.86 -84.46
C GLY KF 18 -112.73 -19.00 -85.67
N THR KF 19 -111.79 -18.08 -85.42
CA THR KF 19 -111.24 -17.21 -86.44
C THR KF 19 -109.79 -17.56 -86.69
N ALA KF 20 -109.41 -17.63 -87.96
CA ALA KF 20 -108.07 -18.04 -88.38
C ALA KF 20 -107.19 -16.79 -88.41
N ARG KF 21 -106.25 -16.73 -87.47
CA ARG KF 21 -105.28 -15.64 -87.45
C ARG KF 21 -103.93 -16.12 -87.97
N THR KF 22 -103.12 -15.17 -88.45
CA THR KF 22 -101.94 -15.53 -89.23
C THR KF 22 -100.71 -15.78 -88.37
N VAL KF 23 -100.53 -14.98 -87.32
CA VAL KF 23 -99.29 -14.96 -86.54
C VAL KF 23 -98.20 -14.35 -87.43
N LYS KF 24 -97.58 -13.26 -86.97
CA LYS KF 24 -96.59 -12.55 -87.75
C LYS KF 24 -95.35 -12.36 -86.88
N GLU KF 25 -94.19 -12.67 -87.44
CA GLU KF 25 -92.96 -12.60 -86.66
C GLU KF 25 -92.51 -11.15 -86.48
N LEU KF 26 -92.11 -10.80 -85.25
CA LEU KF 26 -91.63 -9.46 -84.95
C LEU KF 26 -90.11 -9.35 -85.01
N VAL KF 27 -89.42 -10.09 -84.14
CA VAL KF 27 -87.98 -9.94 -83.95
C VAL KF 27 -87.39 -11.34 -83.84
N ARG KF 28 -86.13 -11.46 -84.23
CA ARG KF 28 -85.42 -12.72 -84.24
C ARG KF 28 -84.09 -12.52 -83.52
N ASN KF 29 -83.31 -13.60 -83.39
CA ASN KF 29 -81.98 -13.62 -82.78
C ASN KF 29 -82.06 -13.51 -81.27
N ASN KF 30 -81.32 -14.38 -80.57
CA ASN KF 30 -80.59 -15.49 -81.17
C ASN KF 30 -81.09 -16.78 -80.57
N SER KF 31 -81.46 -17.73 -81.42
CA SER KF 31 -82.16 -18.94 -80.99
C SER KF 31 -83.42 -18.56 -80.22
N GLU KF 32 -84.09 -17.52 -80.70
CA GLU KF 32 -85.24 -16.93 -80.03
C GLU KF 32 -86.10 -16.20 -81.05
N LEU KF 33 -87.29 -16.74 -81.34
CA LEU KF 33 -88.22 -16.05 -82.22
C LEU KF 33 -89.27 -15.31 -81.41
N ASN KF 34 -89.74 -14.20 -81.96
CA ASN KF 34 -90.83 -13.43 -81.36
C ASN KF 34 -91.84 -13.11 -82.45
N ALA KF 35 -93.11 -13.43 -82.20
CA ALA KF 35 -94.16 -13.22 -83.17
C ALA KF 35 -95.36 -12.61 -82.45
N TYR KF 36 -96.43 -12.40 -83.20
CA TYR KF 36 -97.67 -11.91 -82.59
C TYR KF 36 -98.84 -12.38 -83.44
N ILE KF 37 -99.94 -12.72 -82.78
CA ILE KF 37 -101.14 -13.18 -83.45
C ILE KF 37 -101.93 -11.97 -83.91
N ASP KF 38 -102.05 -11.79 -85.23
CA ASP KF 38 -102.70 -10.62 -85.79
C ASP KF 38 -104.20 -10.83 -85.85
N GLU KF 39 -104.95 -10.11 -85.01
CA GLU KF 39 -106.40 -10.17 -84.99
C GLU KF 39 -107.01 -8.78 -85.04
N GLY KF 40 -106.32 -7.85 -85.71
CA GLY KF 40 -106.83 -6.49 -85.83
C GLY KF 40 -106.94 -5.77 -84.51
N LEU KF 41 -105.97 -5.92 -83.63
CA LEU KF 41 -105.98 -5.27 -82.33
C LEU KF 41 -104.86 -4.24 -82.26
N SER KF 42 -104.88 -3.43 -81.20
CA SER KF 42 -103.90 -2.38 -81.04
C SER KF 42 -102.56 -2.96 -80.60
N PHE KF 43 -101.55 -2.09 -80.51
CA PHE KF 43 -100.21 -2.52 -80.18
C PHE KF 43 -100.11 -3.05 -78.75
N GLN KF 44 -100.86 -2.46 -77.82
CA GLN KF 44 -100.78 -2.88 -76.44
C GLN KF 44 -101.68 -4.07 -76.12
N ALA KF 45 -102.60 -4.43 -77.02
CA ALA KF 45 -103.58 -5.46 -76.75
C ALA KF 45 -103.42 -6.67 -77.66
N ARG KF 46 -102.24 -6.83 -78.27
CA ARG KF 46 -102.00 -7.94 -79.17
C ARG KF 46 -101.41 -9.13 -78.41
N LYS KF 47 -101.58 -10.32 -78.99
CA LYS KF 47 -101.25 -11.58 -78.34
C LYS KF 47 -99.76 -11.76 -78.08
N GLU KF 48 -98.93 -11.74 -79.11
CA GLU KF 48 -97.47 -11.84 -78.96
C GLU KF 48 -96.95 -13.14 -78.36
N VAL KF 49 -97.01 -14.23 -79.11
CA VAL KF 49 -96.41 -15.50 -78.71
C VAL KF 49 -94.92 -15.47 -79.01
N ALA KF 50 -94.10 -15.97 -78.08
CA ALA KF 50 -92.66 -16.06 -78.25
C ALA KF 50 -92.18 -17.50 -78.35
N PHE KF 51 -91.06 -17.70 -79.05
CA PHE KF 51 -90.50 -19.02 -79.31
C PHE KF 51 -89.03 -19.03 -78.94
N SER KF 52 -88.65 -19.95 -78.06
CA SER KF 52 -87.27 -20.09 -77.61
C SER KF 52 -86.78 -21.50 -77.91
N VAL KF 53 -85.46 -21.65 -77.95
CA VAL KF 53 -84.85 -22.93 -78.29
C VAL KF 53 -83.51 -23.07 -77.59
N LYS KF 54 -83.24 -24.25 -77.02
CA LYS KF 54 -81.97 -24.57 -76.40
C LYS KF 54 -81.46 -25.85 -77.05
N VAL KF 55 -80.41 -25.73 -77.85
CA VAL KF 55 -79.94 -26.87 -78.64
C VAL KF 55 -79.29 -27.90 -77.73
N PRO KF 56 -79.27 -29.18 -78.10
CA PRO KF 56 -78.60 -30.18 -77.24
C PRO KF 56 -77.11 -29.91 -77.16
N LYS KF 57 -76.61 -29.86 -75.93
CA LYS KF 57 -75.21 -29.56 -75.66
C LYS KF 57 -74.48 -30.84 -75.29
N VAL KF 58 -73.27 -31.00 -75.81
CA VAL KF 58 -72.50 -32.21 -75.58
C VAL KF 58 -71.95 -32.20 -74.17
N SER KF 59 -72.64 -32.87 -73.26
CA SER KF 59 -72.16 -33.05 -71.89
C SER KF 59 -71.38 -34.35 -71.79
N VAL KF 60 -71.07 -34.79 -70.56
CA VAL KF 60 -70.37 -36.05 -70.36
C VAL KF 60 -71.16 -36.95 -69.44
N SER KF 61 -71.54 -36.44 -68.27
CA SER KF 61 -72.19 -37.25 -67.25
C SER KF 61 -73.72 -37.12 -67.37
N ALA KF 62 -74.23 -37.53 -68.53
CA ALA KF 62 -75.65 -37.50 -68.78
C ALA KF 62 -76.07 -38.74 -69.54
N PRO KF 63 -77.32 -39.17 -69.42
CA PRO KF 63 -77.82 -40.26 -70.26
C PRO KF 63 -77.68 -39.91 -71.73
N GLY KF 64 -77.18 -40.86 -72.51
CA GLY KF 64 -77.01 -40.65 -73.94
C GLY KF 64 -75.72 -39.93 -74.27
N GLY KF 65 -75.33 -38.99 -73.42
CA GLY KF 65 -74.10 -38.25 -73.62
C GLY KF 65 -74.31 -36.75 -73.66
N PHE KF 66 -75.38 -36.31 -74.31
CA PHE KF 66 -75.63 -34.88 -74.46
C PHE KF 66 -76.64 -34.40 -73.43
N THR KF 67 -76.82 -33.09 -73.34
CA THR KF 67 -77.93 -32.53 -72.59
C THR KF 67 -79.19 -32.61 -73.45
N GLN KF 68 -80.29 -32.09 -72.89
CA GLN KF 68 -81.59 -32.26 -73.52
C GLN KF 68 -81.87 -31.13 -74.50
N ALA KF 69 -82.69 -31.44 -75.50
CA ALA KF 69 -83.15 -30.47 -76.50
C ALA KF 69 -84.35 -29.75 -75.94
N ARG KF 70 -84.12 -28.58 -75.35
CA ARG KF 70 -85.18 -27.77 -74.78
C ARG KF 70 -85.84 -26.90 -75.84
N SER KF 71 -87.16 -26.76 -75.76
CA SER KF 71 -87.92 -25.96 -76.72
C SER KF 71 -89.07 -25.31 -75.96
N THR KF 72 -89.04 -23.98 -75.86
CA THR KF 72 -90.00 -23.25 -75.06
C THR KF 72 -90.89 -22.36 -75.93
N VAL KF 73 -92.16 -22.28 -75.54
CA VAL KF 73 -93.12 -21.37 -76.15
C VAL KF 73 -93.81 -20.62 -75.02
N ILE KF 74 -93.90 -19.30 -75.13
CA ILE KF 74 -94.67 -18.48 -74.21
C ILE KF 74 -95.67 -17.66 -75.03
N LEU KF 75 -96.95 -17.82 -74.71
CA LEU KF 75 -98.00 -16.99 -75.28
C LEU KF 75 -98.36 -15.95 -74.24
N LYS KF 76 -98.18 -14.68 -74.58
CA LYS KF 76 -98.59 -13.58 -73.71
C LYS KF 76 -100.00 -13.14 -74.07
N SER KF 77 -100.65 -12.45 -73.16
CA SER KF 77 -102.04 -12.02 -73.33
C SER KF 77 -102.27 -10.80 -72.46
N PRO KF 78 -102.23 -9.60 -73.04
CA PRO KF 78 -102.44 -8.39 -72.23
C PRO KF 78 -103.86 -8.34 -71.69
N LYS KF 79 -104.00 -7.78 -70.49
CA LYS KF 79 -105.29 -7.58 -69.88
C LYS KF 79 -105.25 -6.28 -69.07
N THR KF 80 -106.31 -5.49 -69.19
CA THR KF 80 -106.42 -4.25 -68.43
C THR KF 80 -107.29 -4.48 -67.21
N LEU KF 81 -106.92 -3.87 -66.10
CA LEU KF 81 -107.49 -4.18 -64.80
C LEU KF 81 -108.61 -3.20 -64.44
N ALA KF 82 -109.27 -3.47 -63.31
CA ALA KF 82 -110.36 -2.62 -62.84
C ALA KF 82 -109.88 -1.28 -62.31
N ASN KF 83 -108.58 -1.12 -62.10
CA ASN KF 83 -107.98 0.15 -61.72
C ASN KF 83 -107.30 0.85 -62.88
N GLY KF 84 -107.41 0.30 -64.09
CA GLY KF 84 -106.83 0.90 -65.27
C GLY KF 84 -105.40 0.48 -65.57
N ASN KF 85 -104.77 -0.29 -64.69
CA ASN KF 85 -103.41 -0.74 -64.94
C ASN KF 85 -103.38 -1.88 -65.95
N ARG KF 86 -102.18 -2.14 -66.47
CA ARG KF 86 -101.97 -3.12 -67.53
C ARG KF 86 -101.10 -4.25 -67.01
N THR KF 87 -101.54 -5.49 -67.24
CA THR KF 87 -100.79 -6.68 -66.87
C THR KF 87 -100.83 -7.68 -68.03
N VAL KF 88 -100.06 -8.76 -67.88
CA VAL KF 88 -99.95 -9.78 -68.91
C VAL KF 88 -100.24 -11.14 -68.29
N ASN KF 89 -101.07 -11.93 -68.97
CA ASN KF 89 -101.28 -13.33 -68.62
C ASN KF 89 -100.48 -14.18 -69.61
N THR KF 90 -99.85 -15.24 -69.11
CA THR KF 90 -98.95 -16.04 -69.92
C THR KF 90 -99.32 -17.52 -69.86
N VAL KF 91 -99.02 -18.22 -70.95
CA VAL KF 91 -98.98 -19.67 -70.99
C VAL KF 91 -97.59 -20.08 -71.44
N SER KF 92 -96.88 -20.82 -70.60
CA SER KF 92 -95.53 -21.25 -70.93
C SER KF 92 -95.51 -22.76 -71.15
N ILE KF 93 -95.02 -23.18 -72.31
CA ILE KF 93 -94.92 -24.59 -72.66
C ILE KF 93 -93.46 -24.89 -72.94
N GLN KF 94 -92.88 -25.79 -72.17
CA GLN KF 94 -91.51 -26.24 -72.37
C GLN KF 94 -91.51 -27.73 -72.69
N LEU KF 95 -90.90 -28.10 -73.81
CA LEU KF 95 -90.72 -29.49 -74.20
C LEU KF 95 -89.24 -29.78 -74.04
N SER KF 96 -88.93 -30.82 -73.26
CA SER KF 96 -87.55 -31.18 -72.95
C SER KF 96 -87.38 -32.68 -73.19
N VAL KF 97 -86.83 -33.03 -74.35
CA VAL KF 97 -86.59 -34.41 -74.70
C VAL KF 97 -85.10 -34.63 -74.89
N ASP KF 98 -84.68 -35.89 -74.81
CA ASP KF 98 -83.33 -36.27 -75.15
C ASP KF 98 -83.19 -36.31 -76.66
N PRO KF 99 -81.99 -36.03 -77.20
CA PRO KF 99 -81.82 -36.01 -78.65
C PRO KF 99 -82.07 -37.36 -79.30
N GLU KF 100 -81.98 -38.45 -78.56
CA GLU KF 100 -82.24 -39.79 -79.07
C GLU KF 100 -83.72 -40.04 -79.32
N THR KF 101 -84.59 -39.17 -78.83
CA THR KF 101 -86.03 -39.33 -79.00
C THR KF 101 -86.43 -39.21 -80.47
N THR KF 102 -87.31 -40.09 -80.90
CA THR KF 102 -87.85 -40.05 -82.26
C THR KF 102 -88.98 -39.06 -82.36
N ALA KF 103 -89.33 -38.72 -83.60
CA ALA KF 103 -90.42 -37.77 -83.83
C ALA KF 103 -91.74 -38.30 -83.32
N ALA KF 104 -91.96 -39.62 -83.42
CA ALA KF 104 -93.22 -40.19 -83.01
C ALA KF 104 -93.39 -40.22 -81.49
N GLU KF 105 -92.30 -40.36 -80.74
CA GLU KF 105 -92.40 -40.25 -79.29
C GLU KF 105 -92.63 -38.81 -78.85
N VAL KF 106 -92.25 -37.85 -79.69
CA VAL KF 106 -92.49 -36.45 -79.37
C VAL KF 106 -93.91 -36.06 -79.74
N THR KF 107 -94.44 -36.64 -80.83
CA THR KF 107 -95.79 -36.35 -81.25
C THR KF 107 -96.79 -36.92 -80.26
N THR KF 108 -96.39 -37.95 -79.52
CA THR KF 108 -97.25 -38.50 -78.47
C THR KF 108 -97.26 -37.58 -77.25
N MET KF 109 -96.08 -37.09 -76.85
CA MET KF 109 -95.99 -36.21 -75.69
C MET KF 109 -96.76 -34.92 -75.90
N LEU KF 110 -96.65 -34.34 -77.10
CA LEU KF 110 -97.35 -33.10 -77.39
C LEU KF 110 -98.86 -33.30 -77.39
N ASN KF 111 -99.31 -34.44 -77.95
CA ASN KF 111 -100.74 -34.71 -78.01
C ASN KF 111 -101.30 -34.99 -76.62
N ALA KF 112 -100.53 -35.67 -75.77
CA ALA KF 112 -100.95 -35.90 -74.40
C ALA KF 112 -100.99 -34.59 -73.61
N ALA KF 113 -99.97 -33.74 -73.80
CA ALA KF 113 -99.92 -32.48 -73.09
C ALA KF 113 -100.95 -31.49 -73.61
N ALA KF 114 -101.24 -31.52 -74.90
CA ALA KF 114 -102.25 -30.64 -75.46
C ALA KF 114 -103.63 -30.97 -74.89
N GLN KF 115 -103.89 -32.24 -74.64
CA GLN KF 115 -105.20 -32.63 -74.12
C GLN KF 115 -105.42 -32.08 -72.72
N LEU KF 116 -104.36 -32.02 -71.89
CA LEU KF 116 -104.47 -31.39 -70.58
C LEU KF 116 -104.31 -29.87 -70.73
N LEU KF 117 -104.99 -29.33 -71.75
CA LEU KF 117 -105.10 -27.89 -71.92
C LEU KF 117 -106.55 -27.55 -72.27
N PHE KF 118 -107.21 -28.45 -72.99
CA PHE KF 118 -108.54 -28.19 -73.51
C PHE KF 118 -109.57 -29.27 -73.14
N ASP KF 119 -109.14 -30.36 -72.52
CA ASP KF 119 -110.10 -31.38 -72.10
C ASP KF 119 -110.99 -30.85 -70.99
N SER KF 120 -112.29 -31.13 -71.10
CA SER KF 120 -113.26 -30.58 -70.17
C SER KF 120 -113.03 -31.06 -68.74
N ASP KF 121 -112.36 -32.20 -68.59
CA ASP KF 121 -112.06 -32.74 -67.26
C ASP KF 121 -111.17 -31.79 -66.48
N TYR KF 122 -110.17 -31.22 -67.14
CA TYR KF 122 -109.28 -30.28 -66.47
C TYR KF 122 -109.70 -28.84 -66.77
N SER KF 123 -110.89 -28.45 -66.35
CA SER KF 123 -111.32 -27.06 -66.53
C SER KF 123 -111.26 -26.33 -65.21
N ASP KF 124 -111.77 -26.97 -64.15
CA ASP KF 124 -111.71 -26.38 -62.82
C ASP KF 124 -110.27 -26.23 -62.34
N PHE KF 125 -109.35 -27.01 -62.89
CA PHE KF 125 -107.94 -26.87 -62.53
C PHE KF 125 -107.32 -25.60 -63.08
N TRP KF 126 -107.69 -25.18 -64.30
CA TRP KF 126 -107.09 -24.00 -64.90
C TRP KF 126 -107.82 -22.73 -64.47
N LYS KF 127 -109.15 -22.76 -64.50
CA LYS KF 127 -109.93 -21.56 -64.21
C LYS KF 127 -110.19 -21.42 -62.72
N ALA KF 128 -110.79 -22.44 -62.11
CA ALA KF 128 -111.07 -22.38 -60.68
C ALA KF 128 -109.84 -22.68 -59.83
N GLN KF 129 -108.75 -23.13 -60.46
CA GLN KF 129 -107.53 -23.51 -59.75
C GLN KF 129 -107.82 -24.56 -58.68
N ALA KF 130 -108.68 -25.52 -59.01
CA ALA KF 130 -109.11 -26.56 -58.08
C ALA KF 130 -108.39 -27.86 -58.41
N LEU KF 131 -107.49 -28.27 -57.52
CA LEU KF 131 -106.69 -29.48 -57.74
C LEU KF 131 -107.58 -30.71 -57.85
N ALA KF 132 -108.68 -30.76 -57.09
CA ALA KF 132 -109.57 -31.90 -57.13
C ALA KF 132 -110.93 -31.55 -56.55
N ALA LF 1 -102.15 -75.87 -34.89
CA ALA LF 1 -101.28 -74.76 -34.56
C ALA LF 1 -100.40 -74.37 -35.74
N ILE LF 2 -99.27 -73.72 -35.44
CA ILE LF 2 -98.39 -73.22 -36.50
C ILE LF 2 -97.79 -74.37 -37.29
N ALA LF 3 -97.28 -75.39 -36.60
CA ALA LF 3 -96.70 -76.53 -37.29
C ALA LF 3 -97.76 -77.30 -38.05
N ASN LF 4 -97.47 -77.60 -39.32
CA ASN LF 4 -98.37 -78.35 -40.20
C ASN LF 4 -99.70 -77.63 -40.40
N SER LF 5 -99.67 -76.30 -40.31
CA SER LF 5 -100.83 -75.48 -40.65
C SER LF 5 -100.92 -75.37 -42.17
N SER LF 6 -102.14 -75.36 -42.68
CA SER LF 6 -102.36 -75.30 -44.13
C SER LF 6 -102.81 -73.91 -44.55
N ILE LF 7 -102.23 -73.43 -45.64
CA ILE LF 7 -102.57 -72.13 -46.22
C ILE LF 7 -102.95 -72.35 -47.68
N ALA LF 8 -104.09 -71.81 -48.09
CA ALA LF 8 -104.56 -71.95 -49.46
C ALA LF 8 -104.00 -70.80 -50.28
N ILE LF 9 -103.02 -71.10 -51.12
CA ILE LF 9 -102.30 -70.06 -51.86
C ILE LF 9 -103.04 -69.75 -53.16
N ASP LF 10 -103.05 -68.46 -53.53
CA ASP LF 10 -103.79 -67.94 -54.66
C ASP LF 10 -105.29 -68.25 -54.52
N SER LF 11 -105.85 -67.68 -53.45
CA SER LF 11 -107.21 -67.97 -53.06
C SER LF 11 -107.98 -66.67 -52.87
N THR LF 12 -109.28 -66.72 -53.13
CA THR LF 12 -110.13 -65.56 -52.90
C THR LF 12 -110.59 -65.55 -51.45
N ALA LF 13 -110.47 -64.38 -50.83
CA ALA LF 13 -110.82 -64.20 -49.41
C ALA LF 13 -112.14 -63.44 -49.36
N SER LF 14 -113.19 -64.12 -48.89
CA SER LF 14 -114.48 -63.49 -48.71
C SER LF 14 -114.61 -62.98 -47.28
N VAL LF 15 -115.75 -62.37 -46.97
CA VAL LF 15 -116.05 -61.95 -45.61
C VAL LF 15 -117.57 -61.78 -45.47
N THR LF 16 -118.16 -62.37 -44.44
CA THR LF 16 -119.59 -62.29 -44.19
C THR LF 16 -119.84 -62.21 -42.69
N GLY LF 17 -119.86 -61.01 -42.14
CA GLY LF 17 -120.27 -60.83 -40.76
C GLY LF 17 -121.22 -59.69 -40.51
N GLY LF 18 -121.38 -58.81 -41.49
CA GLY LF 18 -122.20 -57.64 -41.31
C GLY LF 18 -121.47 -56.50 -40.61
N THR LF 19 -122.21 -55.52 -40.11
CA THR LF 19 -121.66 -54.34 -39.44
C THR LF 19 -120.68 -53.60 -40.36
N ALA LF 20 -121.20 -53.19 -41.51
CA ALA LF 20 -120.39 -52.51 -42.51
C ALA LF 20 -120.10 -51.08 -42.09
N ARG LF 21 -118.95 -50.85 -41.50
CA ARG LF 21 -118.54 -49.50 -41.09
C ARG LF 21 -117.99 -48.74 -42.29
N THR LF 22 -117.53 -47.52 -42.03
CA THR LF 22 -117.02 -46.64 -43.07
C THR LF 22 -115.72 -46.00 -42.60
N VAL LF 23 -114.69 -46.12 -43.43
CA VAL LF 23 -113.40 -45.47 -43.16
C VAL LF 23 -113.50 -44.03 -43.62
N LYS LF 24 -113.42 -43.09 -42.68
CA LYS LF 24 -113.43 -41.67 -42.97
C LYS LF 24 -112.06 -41.09 -42.67
N GLU LF 25 -111.50 -40.36 -43.64
CA GLU LF 25 -110.16 -39.82 -43.45
C GLU LF 25 -110.21 -38.59 -42.53
N LEU LF 26 -109.11 -38.38 -41.81
CA LEU LF 26 -109.02 -37.26 -40.88
C LEU LF 26 -108.03 -36.22 -41.36
N VAL LF 27 -106.76 -36.59 -41.55
CA VAL LF 27 -105.72 -35.68 -41.99
C VAL LF 27 -104.89 -36.40 -43.05
N ARG LF 28 -103.85 -35.72 -43.52
CA ARG LF 28 -102.98 -36.31 -44.54
C ARG LF 28 -101.50 -36.22 -44.22
N ASN LF 29 -101.08 -35.19 -43.46
CA ASN LF 29 -99.68 -34.82 -43.27
C ASN LF 29 -98.72 -35.32 -44.35
N ASN LF 30 -97.53 -35.76 -43.95
CA ASN LF 30 -96.44 -35.99 -44.88
C ASN LF 30 -96.54 -37.39 -45.48
N SER LF 31 -97.06 -37.48 -46.71
CA SER LF 31 -97.11 -38.72 -47.48
C SER LF 31 -97.78 -39.83 -46.66
N GLU LF 32 -98.83 -39.45 -45.95
CA GLU LF 32 -99.53 -40.34 -45.04
C GLU LF 32 -101.02 -40.13 -45.24
N LEU LF 33 -101.83 -40.93 -44.56
CA LEU LF 33 -103.27 -40.75 -44.60
C LEU LF 33 -103.89 -41.31 -43.32
N ASN LF 34 -104.19 -40.44 -42.37
CA ASN LF 34 -104.77 -40.87 -41.11
C ASN LF 34 -106.29 -40.83 -41.22
N ALA LF 35 -106.92 -41.99 -41.09
CA ALA LF 35 -108.35 -42.13 -41.13
C ALA LF 35 -108.86 -42.69 -39.81
N TYR LF 36 -110.16 -42.97 -39.74
CA TYR LF 36 -110.74 -43.61 -38.57
C TYR LF 36 -111.98 -44.37 -39.00
N ILE LF 37 -112.33 -45.40 -38.23
CA ILE LF 37 -113.50 -46.21 -38.54
C ILE LF 37 -114.70 -45.63 -37.80
N ASP LF 38 -115.78 -45.36 -38.54
CA ASP LF 38 -116.96 -44.71 -37.98
C ASP LF 38 -117.91 -45.78 -37.45
N GLU LF 39 -117.81 -46.02 -36.15
CA GLU LF 39 -118.69 -46.96 -35.46
C GLU LF 39 -119.58 -46.29 -34.42
N GLY LF 40 -119.51 -44.99 -34.27
CA GLY LF 40 -120.29 -44.27 -33.30
C GLY LF 40 -119.72 -44.22 -31.90
N LEU LF 41 -118.44 -44.54 -31.73
CA LEU LF 41 -117.81 -44.51 -30.42
C LEU LF 41 -117.48 -43.07 -30.03
N SER LF 42 -116.80 -42.92 -28.89
CA SER LF 42 -116.38 -41.61 -28.45
C SER LF 42 -115.25 -41.09 -29.33
N PHE LF 43 -114.84 -39.84 -29.07
CA PHE LF 43 -113.84 -39.21 -29.91
C PHE LF 43 -112.46 -39.80 -29.67
N GLN LF 44 -112.09 -40.00 -28.41
CA GLN LF 44 -110.79 -40.58 -28.07
C GLN LF 44 -110.89 -42.06 -27.74
N ALA LF 45 -111.94 -42.72 -28.25
CA ALA LF 45 -112.05 -44.17 -28.14
C ALA LF 45 -112.32 -44.84 -29.48
N ARG LF 46 -112.26 -44.10 -30.59
CA ARG LF 46 -112.50 -44.65 -31.91
C ARG LF 46 -111.28 -45.37 -32.45
N LYS LF 47 -111.45 -46.20 -33.46
CA LYS LF 47 -110.33 -46.90 -34.07
C LYS LF 47 -109.84 -46.10 -35.26
N GLU LF 48 -108.62 -45.57 -35.18
CA GLU LF 48 -108.00 -44.83 -36.26
C GLU LF 48 -107.00 -45.76 -36.96
N VAL LF 49 -107.16 -45.89 -38.28
CA VAL LF 49 -106.19 -46.66 -39.06
C VAL LF 49 -105.42 -45.70 -39.95
N ALA LF 50 -104.10 -45.80 -39.92
CA ALA LF 50 -103.22 -44.91 -40.66
C ALA LF 50 -102.57 -45.62 -41.84
N PHE LF 51 -102.47 -44.91 -42.96
CA PHE LF 51 -101.89 -45.42 -44.20
C PHE LF 51 -100.66 -44.59 -44.56
N SER LF 52 -99.67 -45.21 -45.17
CA SER LF 52 -98.45 -44.50 -45.54
C SER LF 52 -97.76 -45.20 -46.70
N VAL LF 53 -97.02 -44.43 -47.50
CA VAL LF 53 -96.27 -44.95 -48.63
C VAL LF 53 -94.86 -44.40 -48.59
N LYS LF 54 -93.92 -45.17 -49.16
CA LYS LF 54 -92.50 -44.85 -49.15
C LYS LF 54 -91.91 -45.14 -50.53
N VAL LF 55 -92.52 -44.54 -51.56
CA VAL LF 55 -92.24 -44.78 -52.99
C VAL LF 55 -90.74 -44.93 -53.27
N PRO LF 56 -90.36 -45.80 -54.21
CA PRO LF 56 -88.94 -46.11 -54.43
C PRO LF 56 -88.14 -44.90 -54.88
N LYS LF 57 -86.85 -44.93 -54.52
CA LYS LF 57 -85.92 -43.84 -54.81
C LYS LF 57 -84.71 -44.43 -55.51
N VAL LF 58 -84.34 -43.85 -56.65
CA VAL LF 58 -83.30 -44.42 -57.51
C VAL LF 58 -81.96 -44.42 -56.77
N SER LF 59 -81.45 -45.61 -56.51
CA SER LF 59 -80.19 -45.79 -55.79
C SER LF 59 -79.12 -46.37 -56.72
N VAL LF 60 -77.91 -46.52 -56.20
CA VAL LF 60 -76.84 -47.22 -56.91
C VAL LF 60 -76.66 -48.64 -56.39
N SER LF 61 -76.94 -48.84 -55.11
CA SER LF 61 -77.06 -50.13 -54.45
C SER LF 61 -78.41 -50.73 -54.82
N ALA LF 62 -78.92 -51.66 -53.99
CA ALA LF 62 -80.22 -52.28 -54.25
C ALA LF 62 -80.18 -53.12 -55.52
N PRO LF 63 -79.69 -54.35 -55.44
CA PRO LF 63 -79.39 -55.15 -56.63
C PRO LF 63 -80.64 -55.49 -57.41
N GLY LF 64 -80.98 -54.59 -58.34
CA GLY LF 64 -82.27 -54.53 -58.98
C GLY LF 64 -82.56 -53.08 -59.34
N GLY LF 65 -81.71 -52.18 -58.87
CA GLY LF 65 -81.72 -50.80 -59.30
C GLY LF 65 -81.98 -49.77 -58.23
N PHE LF 66 -82.98 -50.01 -57.38
CA PHE LF 66 -83.38 -49.06 -56.36
C PHE LF 66 -84.35 -49.68 -55.37
N THR LF 67 -84.58 -48.94 -54.28
CA THR LF 67 -85.24 -49.45 -53.08
C THR LF 67 -86.66 -49.90 -53.37
N GLN LF 68 -87.21 -50.66 -52.42
CA GLN LF 68 -88.53 -51.26 -52.57
C GLN LF 68 -89.63 -50.26 -52.24
N ALA LF 69 -90.86 -50.64 -52.58
CA ALA LF 69 -92.03 -49.82 -52.33
C ALA LF 69 -92.80 -50.38 -51.14
N ARG LF 70 -92.51 -49.86 -49.95
CA ARG LF 70 -93.18 -50.29 -48.74
C ARG LF 70 -94.48 -49.52 -48.53
N SER LF 71 -95.52 -50.23 -48.09
CA SER LF 71 -96.81 -49.64 -47.78
C SER LF 71 -97.19 -50.08 -46.37
N THR LF 72 -97.50 -49.13 -45.50
CA THR LF 72 -97.80 -49.45 -44.11
C THR LF 72 -99.26 -49.16 -43.77
N VAL LF 73 -99.81 -49.99 -42.89
CA VAL LF 73 -101.15 -49.80 -42.34
C VAL LF 73 -101.11 -50.11 -40.85
N ILE LF 74 -101.29 -49.09 -40.01
CA ILE LF 74 -101.37 -49.28 -38.57
C ILE LF 74 -102.81 -49.05 -38.14
N LEU LF 75 -103.40 -50.05 -37.50
CA LEU LF 75 -104.77 -49.98 -36.98
C LEU LF 75 -104.66 -49.82 -35.47
N LYS LF 76 -105.08 -48.66 -34.98
CA LYS LF 76 -105.01 -48.37 -33.56
C LYS LF 76 -106.38 -48.58 -32.92
N SER LF 77 -106.47 -49.54 -32.02
CA SER LF 77 -107.70 -49.85 -31.31
C SER LF 77 -107.53 -49.51 -29.84
N PRO LF 78 -108.12 -48.43 -29.34
CA PRO LF 78 -107.88 -48.03 -27.95
C PRO LF 78 -108.65 -48.92 -26.98
N LYS LF 79 -108.15 -49.00 -25.75
CA LYS LF 79 -108.74 -49.85 -24.73
C LYS LF 79 -108.65 -49.16 -23.37
N THR LF 80 -109.74 -49.24 -22.61
CA THR LF 80 -109.76 -48.79 -21.22
C THR LF 80 -109.52 -49.99 -20.32
N LEU LF 81 -108.48 -49.91 -19.50
CA LEU LF 81 -108.11 -51.04 -18.65
C LEU LF 81 -108.93 -51.03 -17.35
N ALA LF 82 -108.82 -52.13 -16.60
CA ALA LF 82 -109.52 -52.24 -15.33
C ALA LF 82 -108.99 -51.22 -14.33
N ASN LF 83 -107.67 -51.02 -14.29
CA ASN LF 83 -107.08 -50.02 -13.41
C ASN LF 83 -107.61 -48.62 -13.70
N GLY LF 84 -108.09 -48.39 -14.91
CA GLY LF 84 -108.75 -47.13 -15.21
C GLY LF 84 -108.10 -46.34 -16.32
N ASN LF 85 -106.79 -46.49 -16.49
CA ASN LF 85 -106.08 -45.74 -17.52
C ASN LF 85 -106.40 -46.29 -18.90
N ARG LF 86 -105.79 -45.69 -19.91
CA ARG LF 86 -106.05 -45.95 -21.31
C ARG LF 86 -104.79 -46.50 -21.97
N THR LF 87 -104.99 -47.34 -22.97
CA THR LF 87 -103.90 -47.89 -23.76
C THR LF 87 -104.45 -48.16 -25.16
N VAL LF 88 -103.56 -48.27 -26.14
CA VAL LF 88 -103.94 -48.53 -27.52
C VAL LF 88 -103.36 -49.88 -27.92
N ASN LF 89 -104.18 -50.71 -28.56
CA ASN LF 89 -103.78 -52.00 -29.09
C ASN LF 89 -103.64 -51.83 -30.60
N THR LF 90 -102.44 -52.06 -31.11
CA THR LF 90 -102.13 -51.73 -32.49
C THR LF 90 -101.87 -52.98 -33.33
N VAL LF 91 -102.17 -52.88 -34.63
CA VAL LF 91 -101.87 -53.93 -35.59
C VAL LF 91 -101.22 -53.29 -36.82
N SER LF 92 -99.90 -53.37 -36.91
CA SER LF 92 -99.21 -52.76 -38.04
C SER LF 92 -98.92 -53.80 -39.12
N ILE LF 93 -98.96 -53.35 -40.37
CA ILE LF 93 -98.72 -54.21 -41.52
C ILE LF 93 -97.86 -53.46 -42.53
N GLN LF 94 -96.80 -54.08 -43.01
CA GLN LF 94 -95.91 -53.47 -43.99
C GLN LF 94 -95.72 -54.39 -45.19
N LEU LF 95 -95.45 -53.78 -46.35
CA LEU LF 95 -95.41 -54.49 -47.64
C LEU LF 95 -94.16 -54.07 -48.42
N SER LF 96 -92.99 -54.21 -47.78
CA SER LF 96 -91.72 -53.88 -48.44
C SER LF 96 -91.48 -54.87 -49.57
N VAL LF 97 -91.85 -54.47 -50.78
CA VAL LF 97 -91.70 -55.31 -51.97
C VAL LF 97 -90.95 -54.54 -53.05
N ASP LF 98 -90.13 -55.27 -53.79
CA ASP LF 98 -89.31 -54.65 -54.83
C ASP LF 98 -90.22 -54.08 -55.93
N PRO LF 99 -89.94 -52.86 -56.40
CA PRO LF 99 -90.87 -52.19 -57.32
C PRO LF 99 -91.08 -52.90 -58.64
N GLU LF 100 -90.17 -53.79 -59.04
CA GLU LF 100 -90.33 -54.56 -60.26
C GLU LF 100 -91.37 -55.66 -60.15
N THR LF 101 -91.88 -55.93 -58.94
CA THR LF 101 -92.79 -57.04 -58.75
C THR LF 101 -94.15 -56.75 -59.40
N THR LF 102 -94.77 -57.81 -59.91
CA THR LF 102 -96.05 -57.68 -60.58
C THR LF 102 -97.19 -57.63 -59.58
N ALA LF 103 -98.36 -57.20 -60.06
CA ALA LF 103 -99.53 -57.10 -59.20
C ALA LF 103 -100.15 -58.45 -58.87
N ALA LF 104 -99.90 -59.47 -59.68
CA ALA LF 104 -100.40 -60.81 -59.34
C ALA LF 104 -99.64 -61.40 -58.16
N GLU LF 105 -98.33 -61.17 -58.12
CA GLU LF 105 -97.54 -61.62 -56.97
C GLU LF 105 -97.97 -60.90 -55.70
N VAL LF 106 -98.21 -59.59 -55.79
CA VAL LF 106 -98.64 -58.82 -54.62
C VAL LF 106 -99.98 -59.35 -54.13
N THR LF 107 -100.90 -59.63 -55.05
CA THR LF 107 -102.17 -60.22 -54.66
C THR LF 107 -101.97 -61.57 -53.99
N THR LF 108 -101.06 -62.39 -54.53
CA THR LF 108 -100.73 -63.66 -53.90
C THR LF 108 -100.17 -63.44 -52.51
N MET LF 109 -99.25 -62.49 -52.37
CA MET LF 109 -98.64 -62.19 -51.09
C MET LF 109 -99.65 -61.64 -50.09
N LEU LF 110 -100.51 -60.73 -50.56
CA LEU LF 110 -101.51 -60.13 -49.68
C LEU LF 110 -102.51 -61.16 -49.21
N ASN LF 111 -102.91 -62.07 -50.10
CA ASN LF 111 -103.86 -63.11 -49.73
C ASN LF 111 -103.23 -64.10 -48.76
N ALA LF 112 -102.00 -64.51 -49.03
CA ALA LF 112 -101.32 -65.44 -48.13
C ALA LF 112 -101.09 -64.82 -46.76
N ALA LF 113 -100.64 -63.56 -46.72
CA ALA LF 113 -100.47 -62.84 -45.47
C ALA LF 113 -101.79 -62.63 -44.74
N ALA LF 114 -102.84 -62.24 -45.45
CA ALA LF 114 -104.14 -62.05 -44.81
C ALA LF 114 -104.84 -63.37 -44.58
N GLN LF 115 -104.35 -64.47 -45.16
CA GLN LF 115 -104.87 -65.79 -44.82
C GLN LF 115 -104.49 -66.20 -43.40
N LEU LF 116 -103.36 -65.70 -42.91
CA LEU LF 116 -103.09 -65.66 -41.49
C LEU LF 116 -104.04 -64.63 -40.85
N LEU LF 117 -103.96 -64.49 -39.53
CA LEU LF 117 -104.75 -63.52 -38.78
C LEU LF 117 -106.24 -63.87 -38.72
N PHE LF 118 -106.69 -64.86 -39.49
CA PHE LF 118 -108.07 -65.32 -39.27
C PHE LF 118 -108.15 -66.84 -39.41
N ASP LF 119 -107.05 -67.48 -39.77
CA ASP LF 119 -107.03 -68.92 -39.81
C ASP LF 119 -107.03 -69.47 -38.39
N SER LF 120 -107.78 -70.55 -38.19
CA SER LF 120 -107.93 -71.12 -36.86
C SER LF 120 -106.64 -71.68 -36.29
N ASP LF 121 -105.68 -72.05 -37.16
CA ASP LF 121 -104.42 -72.61 -36.67
C ASP LF 121 -103.64 -71.59 -35.87
N TYR LF 122 -103.69 -70.33 -36.27
CA TYR LF 122 -102.90 -69.27 -35.65
C TYR LF 122 -103.63 -68.55 -34.54
N SER LF 123 -104.84 -68.99 -34.18
CA SER LF 123 -105.62 -68.37 -33.12
C SER LF 123 -104.84 -68.26 -31.82
N ASP LF 124 -104.20 -69.36 -31.41
CA ASP LF 124 -103.48 -69.36 -30.14
C ASP LF 124 -102.19 -68.55 -30.23
N PHE LF 125 -101.58 -68.52 -31.42
CA PHE LF 125 -100.38 -67.70 -31.61
C PHE LF 125 -100.69 -66.22 -31.45
N TRP LF 126 -101.76 -65.76 -32.09
CA TRP LF 126 -102.13 -64.36 -31.98
C TRP LF 126 -102.67 -64.01 -30.60
N LYS LF 127 -103.35 -64.93 -29.92
CA LYS LF 127 -104.01 -64.63 -28.66
C LYS LF 127 -103.14 -64.99 -27.47
N ALA LF 128 -102.64 -66.21 -27.39
CA ALA LF 128 -101.88 -66.66 -26.24
C ALA LF 128 -100.37 -66.66 -26.46
N GLN LF 129 -99.90 -66.25 -27.64
CA GLN LF 129 -98.48 -66.28 -28.00
C GLN LF 129 -97.91 -67.69 -27.95
N ALA LF 130 -98.74 -68.66 -28.34
CA ALA LF 130 -98.33 -70.06 -28.37
C ALA LF 130 -97.55 -70.32 -29.65
N LEU LF 131 -96.25 -70.05 -29.58
CA LEU LF 131 -95.35 -70.30 -30.70
C LEU LF 131 -95.33 -71.79 -31.03
N ALA LF 132 -94.89 -72.60 -30.09
CA ALA LF 132 -94.95 -74.05 -30.23
C ALA LF 132 -96.32 -74.54 -29.79
N ALA MF 1 -90.44 -84.19 -40.97
CA ALA MF 1 -91.07 -85.48 -40.74
C ALA MF 1 -90.18 -86.35 -39.85
N ILE MF 2 -89.24 -85.71 -39.16
CA ILE MF 2 -88.51 -86.36 -38.08
C ILE MF 2 -89.36 -86.25 -36.84
N ALA MF 3 -90.25 -87.22 -36.65
CA ALA MF 3 -91.21 -87.19 -35.55
C ALA MF 3 -91.69 -88.60 -35.28
N ASN MF 4 -92.83 -88.98 -35.84
CA ASN MF 4 -93.23 -90.37 -35.84
C ASN MF 4 -92.89 -91.01 -37.18
N SER MF 5 -91.60 -91.09 -37.48
CA SER MF 5 -91.12 -91.72 -38.71
C SER MF 5 -91.10 -93.24 -38.55
N SER MF 6 -90.40 -93.94 -39.44
CA SER MF 6 -90.27 -95.38 -39.30
C SER MF 6 -88.95 -95.83 -39.92
N ILE MF 7 -88.27 -96.73 -39.23
CA ILE MF 7 -87.00 -97.27 -39.69
C ILE MF 7 -86.92 -98.74 -39.33
N ALA MF 8 -86.53 -99.57 -40.30
CA ALA MF 8 -86.37 -101.00 -40.06
C ALA MF 8 -85.00 -101.25 -39.44
N ILE MF 9 -84.99 -101.94 -38.31
CA ILE MF 9 -83.75 -102.25 -37.60
C ILE MF 9 -83.41 -103.72 -37.81
N ASP MF 10 -82.13 -103.98 -38.10
CA ASP MF 10 -81.65 -105.33 -38.42
C ASP MF 10 -82.35 -105.86 -39.67
N SER MF 11 -82.17 -105.13 -40.78
CA SER MF 11 -82.80 -105.45 -42.05
C SER MF 11 -81.78 -105.33 -43.18
N THR MF 12 -82.03 -106.03 -44.27
CA THR MF 12 -81.16 -105.99 -45.43
C THR MF 12 -81.61 -104.90 -46.39
N ALA MF 13 -80.65 -104.14 -46.91
CA ALA MF 13 -80.91 -103.06 -47.84
C ALA MF 13 -80.46 -103.48 -49.24
N SER MF 14 -81.21 -103.01 -50.24
CA SER MF 14 -80.97 -103.39 -51.62
C SER MF 14 -81.12 -102.17 -52.51
N VAL MF 15 -80.61 -102.29 -53.74
CA VAL MF 15 -80.62 -101.21 -54.71
C VAL MF 15 -81.07 -101.78 -56.06
N THR MF 16 -82.00 -101.10 -56.71
CA THR MF 16 -82.48 -101.49 -58.02
C THR MF 16 -82.34 -100.33 -58.99
N GLY MF 17 -82.11 -100.66 -60.27
CA GLY MF 17 -82.02 -99.65 -61.29
C GLY MF 17 -80.71 -98.88 -61.24
N GLY MF 18 -80.73 -97.67 -61.78
CA GLY MF 18 -79.53 -96.85 -61.85
C GLY MF 18 -78.55 -97.36 -62.88
N THR MF 19 -77.35 -96.80 -62.82
CA THR MF 19 -76.27 -97.14 -63.76
C THR MF 19 -75.06 -97.56 -62.93
N ALA MF 20 -74.69 -98.84 -63.02
CA ALA MF 20 -73.54 -99.36 -62.28
C ALA MF 20 -72.25 -98.71 -62.74
N ARG MF 21 -71.65 -97.90 -61.90
CA ARG MF 21 -70.37 -97.26 -62.18
C ARG MF 21 -69.25 -98.11 -61.57
N THR MF 22 -68.03 -97.57 -61.54
CA THR MF 22 -66.90 -98.29 -60.97
C THR MF 22 -66.03 -97.29 -60.21
N VAL MF 23 -65.57 -97.70 -59.02
CA VAL MF 23 -64.76 -96.83 -58.18
C VAL MF 23 -63.31 -97.12 -58.53
N LYS MF 24 -62.68 -96.17 -59.23
CA LYS MF 24 -61.29 -96.33 -59.63
C LYS MF 24 -60.38 -95.72 -58.57
N GLU MF 25 -59.38 -96.48 -58.14
CA GLU MF 25 -58.50 -96.06 -57.07
C GLU MF 25 -57.34 -95.23 -57.63
N LEU MF 26 -57.04 -94.13 -56.95
CA LEU MF 26 -56.09 -93.17 -57.48
C LEU MF 26 -54.82 -93.21 -56.63
N VAL MF 27 -54.90 -92.92 -55.34
CA VAL MF 27 -53.74 -92.87 -54.46
C VAL MF 27 -54.11 -93.49 -53.14
N ARG MF 28 -53.19 -94.28 -52.58
CA ARG MF 28 -53.40 -94.99 -51.33
C ARG MF 28 -52.21 -94.65 -50.43
N ASN MF 29 -52.41 -93.72 -49.50
CA ASN MF 29 -51.31 -93.25 -48.67
C ASN MF 29 -51.85 -92.66 -47.37
N ASN MF 30 -50.98 -92.67 -46.36
CA ASN MF 30 -51.23 -91.98 -45.09
C ASN MF 30 -52.57 -92.37 -44.49
N SER MF 31 -52.88 -93.67 -44.50
CA SER MF 31 -54.14 -94.21 -43.98
C SER MF 31 -55.34 -93.67 -44.74
N GLU MF 32 -55.12 -93.22 -45.98
CA GLU MF 32 -56.16 -92.66 -46.82
C GLU MF 32 -56.13 -93.33 -48.18
N LEU MF 33 -57.32 -93.50 -48.77
CA LEU MF 33 -57.45 -94.09 -50.11
C LEU MF 33 -58.28 -93.11 -50.95
N ASN MF 34 -57.59 -92.33 -51.78
CA ASN MF 34 -58.28 -91.45 -52.71
C ASN MF 34 -58.70 -92.22 -53.94
N ALA MF 35 -59.96 -92.04 -54.34
CA ALA MF 35 -60.51 -92.74 -55.49
C ALA MF 35 -61.50 -91.82 -56.19
N TYR MF 36 -62.08 -92.30 -57.28
CA TYR MF 36 -63.05 -91.52 -58.04
C TYR MF 36 -64.03 -92.48 -58.70
N ILE MF 37 -65.25 -92.01 -58.90
CA ILE MF 37 -66.29 -92.80 -59.56
C ILE MF 37 -66.23 -92.51 -61.06
N ASP MF 38 -66.23 -93.56 -61.86
CA ASP MF 38 -66.03 -93.46 -63.30
C ASP MF 38 -67.40 -93.39 -63.97
N GLU MF 39 -67.83 -92.18 -64.32
CA GLU MF 39 -69.06 -91.98 -65.07
C GLU MF 39 -68.81 -91.42 -66.46
N GLY MF 40 -67.56 -91.43 -66.92
CA GLY MF 40 -67.23 -90.86 -68.20
C GLY MF 40 -67.42 -89.36 -68.23
N LEU MF 41 -66.94 -88.68 -67.19
CA LEU MF 41 -67.05 -87.23 -67.07
C LEU MF 41 -65.66 -86.61 -67.19
N SER MF 42 -65.62 -85.29 -67.18
CA SER MF 42 -64.37 -84.56 -67.24
C SER MF 42 -63.70 -84.59 -65.86
N PHE MF 43 -62.41 -84.24 -65.82
CA PHE MF 43 -61.68 -84.23 -64.57
C PHE MF 43 -62.22 -83.20 -63.59
N GLN MF 44 -62.67 -82.05 -64.07
CA GLN MF 44 -63.21 -81.00 -63.21
C GLN MF 44 -64.59 -81.33 -62.64
N ALA MF 45 -65.30 -82.30 -63.20
CA ALA MF 45 -66.53 -82.77 -62.61
C ALA MF 45 -66.45 -84.30 -62.51
N ARG MF 46 -65.79 -84.78 -61.48
CA ARG MF 46 -65.69 -86.20 -61.18
C ARG MF 46 -66.59 -86.52 -59.99
N LYS MF 47 -66.49 -87.70 -59.39
CA LYS MF 47 -67.20 -88.01 -58.16
C LYS MF 47 -66.22 -88.59 -57.14
N GLU MF 48 -65.10 -87.89 -56.94
CA GLU MF 48 -64.05 -88.36 -56.05
C GLU MF 48 -64.60 -88.74 -54.67
N VAL MF 49 -64.16 -89.88 -54.17
CA VAL MF 49 -64.53 -90.36 -52.84
C VAL MF 49 -63.26 -90.78 -52.11
N ALA MF 50 -63.12 -90.32 -50.87
CA ALA MF 50 -61.93 -90.57 -50.07
C ALA MF 50 -62.27 -91.47 -48.88
N PHE MF 51 -61.50 -92.56 -48.74
CA PHE MF 51 -61.65 -93.51 -47.64
C PHE MF 51 -60.46 -93.34 -46.71
N SER MF 52 -60.73 -93.16 -45.42
CA SER MF 52 -59.69 -93.01 -44.44
C SER MF 52 -60.00 -93.86 -43.21
N VAL MF 53 -58.95 -94.30 -42.53
CA VAL MF 53 -59.07 -95.18 -41.37
C VAL MF 53 -58.20 -94.64 -40.25
N LYS MF 54 -58.74 -94.69 -39.03
CA LYS MF 54 -58.07 -94.20 -37.82
C LYS MF 54 -58.06 -95.34 -36.79
N VAL MF 55 -56.95 -96.07 -36.74
CA VAL MF 55 -56.84 -97.28 -35.91
C VAL MF 55 -56.78 -96.91 -34.43
N PRO MF 56 -57.30 -97.75 -33.54
CA PRO MF 56 -57.26 -97.44 -32.11
C PRO MF 56 -55.87 -97.57 -31.52
N LYS MF 57 -55.60 -96.77 -30.49
CA LYS MF 57 -54.37 -96.82 -29.74
C LYS MF 57 -54.66 -96.98 -28.26
N VAL MF 58 -53.69 -97.52 -27.52
CA VAL MF 58 -53.86 -97.76 -26.10
C VAL MF 58 -53.99 -96.44 -25.36
N SER MF 59 -54.85 -96.41 -24.34
CA SER MF 59 -55.06 -95.22 -23.53
C SER MF 59 -55.24 -95.63 -22.08
N VAL MF 60 -55.40 -94.63 -21.21
CA VAL MF 60 -55.72 -94.88 -19.81
C VAL MF 60 -57.15 -94.48 -19.48
N SER MF 61 -57.65 -93.41 -20.08
CA SER MF 61 -59.05 -93.05 -20.11
C SER MF 61 -59.73 -93.92 -21.16
N ALA MF 62 -60.91 -93.48 -21.64
CA ALA MF 62 -61.60 -94.21 -22.70
C ALA MF 62 -62.03 -95.59 -22.21
N PRO MF 63 -63.17 -95.69 -21.53
CA PRO MF 63 -63.39 -96.77 -20.57
C PRO MF 63 -63.45 -98.15 -21.21
N GLY MF 64 -62.27 -98.77 -21.30
CA GLY MF 64 -62.03 -99.96 -22.08
C GLY MF 64 -60.62 -99.98 -22.62
N GLY MF 65 -59.91 -98.88 -22.44
CA GLY MF 65 -58.48 -98.87 -22.64
C GLY MF 65 -57.99 -98.27 -23.95
N PHE MF 66 -58.84 -98.28 -24.97
CA PHE MF 66 -58.45 -97.83 -26.29
C PHE MF 66 -59.41 -96.76 -26.80
N THR MF 67 -58.87 -95.88 -27.63
CA THR MF 67 -59.68 -94.95 -28.39
C THR MF 67 -60.50 -95.71 -29.42
N GLN MF 68 -61.49 -95.02 -29.99
CA GLN MF 68 -62.40 -95.69 -30.91
C GLN MF 68 -61.77 -95.83 -32.30
N ALA MF 69 -62.23 -96.82 -33.04
CA ALA MF 69 -61.77 -97.07 -34.41
C ALA MF 69 -62.66 -96.27 -35.36
N ARG MF 70 -62.12 -95.21 -35.95
CA ARG MF 70 -62.86 -94.36 -36.85
C ARG MF 70 -62.61 -94.74 -38.30
N SER MF 71 -63.69 -94.76 -39.09
CA SER MF 71 -63.64 -95.02 -40.53
C SER MF 71 -64.46 -93.91 -41.20
N THR MF 72 -63.81 -93.13 -42.05
CA THR MF 72 -64.45 -91.97 -42.64
C THR MF 72 -64.49 -92.09 -44.16
N VAL MF 73 -65.65 -91.77 -44.73
CA VAL MF 73 -65.82 -91.70 -46.18
C VAL MF 73 -66.36 -90.34 -46.55
N ILE MF 74 -65.65 -89.62 -47.42
CA ILE MF 74 -66.13 -88.35 -47.95
C ILE MF 74 -66.33 -88.49 -49.46
N LEU MF 75 -67.55 -88.22 -49.91
CA LEU MF 75 -67.89 -88.22 -51.33
C LEU MF 75 -67.99 -86.77 -51.78
N LYS MF 76 -67.19 -86.41 -52.78
CA LYS MF 76 -67.20 -85.05 -53.30
C LYS MF 76 -67.95 -84.99 -54.62
N SER MF 77 -68.85 -84.02 -54.75
CA SER MF 77 -69.68 -83.85 -55.94
C SER MF 77 -69.52 -82.44 -56.47
N PRO MF 78 -68.64 -82.22 -57.45
CA PRO MF 78 -68.49 -80.89 -58.05
C PRO MF 78 -69.76 -80.39 -58.70
N LYS MF 79 -70.17 -79.18 -58.35
CA LYS MF 79 -71.34 -78.53 -58.96
C LYS MF 79 -70.91 -77.23 -59.61
N THR MF 80 -71.48 -76.92 -60.76
CA THR MF 80 -71.20 -75.71 -61.50
C THR MF 80 -72.39 -74.76 -61.35
N LEU MF 81 -72.11 -73.53 -60.94
CA LEU MF 81 -73.14 -72.58 -60.58
C LEU MF 81 -73.58 -71.76 -61.79
N ALA MF 82 -74.58 -70.90 -61.58
CA ALA MF 82 -75.09 -70.08 -62.67
C ALA MF 82 -74.04 -69.12 -63.19
N ASN MF 83 -73.33 -68.45 -62.27
CA ASN MF 83 -72.27 -67.53 -62.68
C ASN MF 83 -71.12 -68.28 -63.36
N GLY MF 84 -70.80 -69.46 -62.85
CA GLY MF 84 -69.78 -70.27 -63.48
C GLY MF 84 -68.65 -70.69 -62.56
N ASN MF 85 -68.67 -70.21 -61.32
CA ASN MF 85 -67.73 -70.68 -60.33
C ASN MF 85 -67.99 -72.14 -59.98
N ARG MF 86 -66.93 -72.85 -59.64
CA ARG MF 86 -67.03 -74.27 -59.30
C ARG MF 86 -67.04 -74.45 -57.79
N THR MF 87 -68.03 -75.18 -57.30
CA THR MF 87 -68.12 -75.56 -55.89
C THR MF 87 -68.23 -77.07 -55.80
N VAL MF 88 -67.68 -77.62 -54.72
CA VAL MF 88 -67.75 -79.04 -54.44
C VAL MF 88 -68.72 -79.25 -53.29
N ASN MF 89 -69.70 -80.13 -53.50
CA ASN MF 89 -70.68 -80.48 -52.47
C ASN MF 89 -70.29 -81.87 -51.95
N THR MF 90 -70.19 -82.01 -50.64
CA THR MF 90 -69.65 -83.21 -50.03
C THR MF 90 -70.67 -83.91 -49.13
N VAL MF 91 -70.45 -85.22 -48.96
CA VAL MF 91 -71.15 -86.00 -47.94
C VAL MF 91 -70.11 -86.74 -47.12
N SER MF 92 -70.09 -86.51 -45.82
CA SER MF 92 -69.16 -87.21 -44.94
C SER MF 92 -69.89 -88.28 -44.14
N ILE MF 93 -69.27 -89.44 -44.03
CA ILE MF 93 -69.80 -90.56 -43.24
C ILE MF 93 -68.65 -91.04 -42.35
N GLN MF 94 -68.79 -90.82 -41.05
CA GLN MF 94 -67.77 -91.21 -40.09
C GLN MF 94 -68.37 -92.15 -39.07
N LEU MF 95 -67.79 -93.35 -38.94
CA LEU MF 95 -68.25 -94.35 -37.99
C LEU MF 95 -67.17 -94.53 -36.93
N SER MF 96 -67.53 -94.31 -35.67
CA SER MF 96 -66.62 -94.49 -34.54
C SER MF 96 -67.19 -95.58 -33.64
N VAL MF 97 -66.51 -96.72 -33.57
CA VAL MF 97 -66.92 -97.81 -32.70
C VAL MF 97 -65.79 -98.15 -31.74
N ASP MF 98 -66.17 -98.58 -30.55
CA ASP MF 98 -65.19 -99.15 -29.63
C ASP MF 98 -64.68 -100.47 -30.20
N PRO MF 99 -63.40 -100.78 -29.99
CA PRO MF 99 -62.87 -102.03 -30.54
C PRO MF 99 -63.55 -103.28 -30.03
N GLU MF 100 -64.24 -103.22 -28.89
CA GLU MF 100 -64.98 -104.39 -28.40
C GLU MF 100 -66.22 -104.68 -29.21
N THR MF 101 -66.64 -103.75 -30.08
CA THR MF 101 -67.90 -103.89 -30.79
C THR MF 101 -67.86 -105.03 -31.79
N THR MF 102 -68.88 -105.88 -31.74
CA THR MF 102 -68.98 -107.03 -32.63
C THR MF 102 -69.40 -106.57 -34.02
N ALA MF 103 -69.24 -107.49 -34.99
CA ALA MF 103 -69.58 -107.15 -36.37
C ALA MF 103 -71.08 -107.07 -36.57
N ALA MF 104 -71.86 -107.76 -35.73
CA ALA MF 104 -73.32 -107.66 -35.82
C ALA MF 104 -73.81 -106.29 -35.35
N GLU MF 105 -73.19 -105.73 -34.32
CA GLU MF 105 -73.56 -104.40 -33.86
C GLU MF 105 -73.18 -103.33 -34.88
N VAL MF 106 -72.06 -103.51 -35.58
CA VAL MF 106 -71.67 -102.56 -36.62
C VAL MF 106 -72.63 -102.67 -37.81
N THR MF 107 -73.03 -103.89 -38.16
CA THR MF 107 -73.97 -104.06 -39.27
C THR MF 107 -75.29 -103.37 -38.97
N THR MF 108 -75.77 -103.47 -37.73
CA THR MF 108 -77.01 -102.81 -37.35
C THR MF 108 -76.89 -101.29 -37.49
N MET MF 109 -75.77 -100.74 -37.03
CA MET MF 109 -75.55 -99.30 -37.14
C MET MF 109 -75.45 -98.87 -38.59
N LEU MF 110 -74.73 -99.66 -39.41
CA LEU MF 110 -74.55 -99.31 -40.81
C LEU MF 110 -75.88 -99.31 -41.55
N ASN MF 111 -76.73 -100.29 -41.26
CA ASN MF 111 -78.01 -100.37 -41.97
C ASN MF 111 -78.99 -99.31 -41.50
N ALA MF 112 -79.03 -99.04 -40.20
CA ALA MF 112 -79.93 -98.02 -39.68
C ALA MF 112 -79.53 -96.63 -40.17
N ALA MF 113 -78.22 -96.39 -40.30
CA ALA MF 113 -77.77 -95.10 -40.80
C ALA MF 113 -78.02 -94.95 -42.30
N ALA MF 114 -78.08 -96.07 -43.03
CA ALA MF 114 -78.35 -96.00 -44.46
C ALA MF 114 -79.77 -95.50 -44.73
N GLN MF 115 -80.75 -96.01 -43.99
CA GLN MF 115 -82.11 -95.52 -44.12
C GLN MF 115 -82.27 -94.09 -43.60
N LEU MF 116 -81.32 -93.61 -42.80
CA LEU MF 116 -81.42 -92.24 -42.31
C LEU MF 116 -81.22 -91.23 -43.43
N LEU MF 117 -80.56 -91.62 -44.51
CA LEU MF 117 -80.35 -90.71 -45.63
C LEU MF 117 -80.93 -91.24 -46.95
N PHE MF 118 -81.83 -92.23 -46.90
CA PHE MF 118 -82.63 -92.51 -48.09
C PHE MF 118 -84.11 -92.75 -47.82
N ASP MF 119 -84.55 -92.88 -46.56
CA ASP MF 119 -85.97 -92.97 -46.29
C ASP MF 119 -86.67 -91.65 -46.61
N SER MF 120 -87.91 -91.75 -47.08
CA SER MF 120 -88.62 -90.58 -47.56
C SER MF 120 -88.93 -89.59 -46.44
N ASP MF 121 -89.09 -90.09 -45.22
CA ASP MF 121 -89.40 -89.24 -44.08
C ASP MF 121 -88.31 -88.21 -43.81
N TYR MF 122 -87.11 -88.46 -44.30
CA TYR MF 122 -85.99 -87.54 -44.05
C TYR MF 122 -85.65 -86.74 -45.28
N SER MF 123 -86.50 -86.78 -46.30
CA SER MF 123 -86.24 -86.04 -47.53
C SER MF 123 -86.18 -84.55 -47.29
N ASP MF 124 -87.10 -84.00 -46.50
CA ASP MF 124 -87.13 -82.57 -46.26
C ASP MF 124 -86.03 -82.10 -45.31
N PHE MF 125 -85.55 -82.98 -44.44
CA PHE MF 125 -84.41 -82.61 -43.60
C PHE MF 125 -83.13 -82.43 -44.41
N TRP MF 126 -82.87 -83.33 -45.37
CA TRP MF 126 -81.67 -83.24 -46.18
C TRP MF 126 -81.78 -82.15 -47.25
N LYS MF 127 -82.93 -82.03 -47.90
CA LYS MF 127 -83.11 -81.07 -48.99
C LYS MF 127 -83.63 -79.73 -48.48
N ALA MF 128 -84.81 -79.73 -47.86
CA ALA MF 128 -85.40 -78.49 -47.37
C ALA MF 128 -84.79 -78.01 -46.08
N GLN MF 129 -83.94 -78.81 -45.43
CA GLN MF 129 -83.30 -78.46 -44.17
C GLN MF 129 -84.35 -78.20 -43.08
N ALA MF 130 -85.39 -79.03 -43.08
CA ALA MF 130 -86.57 -78.86 -42.24
C ALA MF 130 -86.54 -79.87 -41.11
N LEU MF 131 -86.40 -79.39 -39.88
CA LEU MF 131 -86.30 -80.26 -38.71
C LEU MF 131 -87.62 -80.95 -38.41
N ALA MF 132 -88.75 -80.29 -38.68
CA ALA MF 132 -90.03 -80.93 -38.48
C ALA MF 132 -91.00 -80.61 -39.60
N ALA NF 1 -62.85 -104.91 -52.52
CA ALA NF 1 -63.27 -103.86 -51.60
C ALA NF 1 -63.20 -102.50 -52.28
N ILE NF 2 -62.58 -101.53 -51.62
CA ILE NF 2 -62.35 -100.23 -52.23
C ILE NF 2 -61.21 -100.36 -53.22
N ALA NF 3 -61.54 -100.50 -54.50
CA ALA NF 3 -60.54 -100.76 -55.54
C ALA NF 3 -61.23 -100.86 -56.89
N ASN NF 4 -62.19 -101.77 -57.03
CA ASN NF 4 -62.93 -101.97 -58.26
C ASN NF 4 -64.42 -102.12 -57.99
N SER NF 5 -64.88 -101.63 -56.85
CA SER NF 5 -66.28 -101.79 -56.46
C SER NF 5 -67.19 -100.98 -57.37
N SER NF 6 -68.42 -101.47 -57.55
CA SER NF 6 -69.41 -100.85 -58.41
C SER NF 6 -70.49 -100.21 -57.54
N ILE NF 7 -70.89 -99.01 -57.92
CA ILE NF 7 -71.97 -98.28 -57.25
C ILE NF 7 -73.00 -97.86 -58.28
N ALA NF 8 -74.27 -98.15 -58.01
CA ALA NF 8 -75.35 -97.86 -58.94
C ALA NF 8 -75.81 -96.41 -58.76
N ILE NF 9 -75.29 -95.51 -59.58
CA ILE NF 9 -75.62 -94.10 -59.48
C ILE NF 9 -77.05 -93.87 -59.94
N ASP NF 10 -77.77 -93.04 -59.18
CA ASP NF 10 -79.16 -92.68 -59.48
C ASP NF 10 -80.06 -93.91 -59.55
N SER NF 11 -79.91 -94.78 -58.56
CA SER NF 11 -80.75 -95.96 -58.39
C SER NF 11 -81.74 -95.71 -57.26
N THR NF 12 -82.54 -96.73 -56.97
CA THR NF 12 -83.51 -96.69 -55.88
C THR NF 12 -83.11 -97.70 -54.82
N ALA NF 13 -82.97 -97.23 -53.58
CA ALA NF 13 -82.57 -98.07 -52.46
C ALA NF 13 -83.76 -98.37 -51.58
N SER NF 14 -83.96 -99.64 -51.25
CA SER NF 14 -85.07 -100.09 -50.43
C SER NF 14 -84.57 -100.97 -49.30
N VAL NF 15 -85.52 -101.44 -48.48
CA VAL NF 15 -85.24 -102.25 -47.31
C VAL NF 15 -86.27 -103.37 -47.22
N THR NF 16 -85.83 -104.56 -46.87
CA THR NF 16 -86.71 -105.70 -46.63
C THR NF 16 -86.37 -106.34 -45.30
N GLY NF 17 -87.37 -106.97 -44.68
CA GLY NF 17 -87.15 -107.61 -43.40
C GLY NF 17 -87.02 -106.59 -42.28
N GLY NF 18 -86.57 -107.09 -41.13
CA GLY NF 18 -86.32 -106.25 -39.98
C GLY NF 18 -87.58 -105.89 -39.20
N THR NF 19 -87.35 -105.13 -38.14
CA THR NF 19 -88.43 -104.61 -37.29
C THR NF 19 -88.56 -103.11 -37.49
N ALA NF 20 -89.79 -102.65 -37.65
CA ALA NF 20 -90.08 -101.25 -37.93
C ALA NF 20 -90.23 -100.51 -36.59
N ARG NF 21 -89.27 -99.65 -36.29
CA ARG NF 21 -89.34 -98.82 -35.10
C ARG NF 21 -89.78 -97.41 -35.48
N THR NF 22 -90.30 -96.69 -34.47
CA THR NF 22 -91.03 -95.44 -34.76
C THR NF 22 -90.10 -94.22 -34.79
N VAL NF 23 -89.11 -94.19 -33.90
CA VAL NF 23 -88.29 -93.00 -33.66
C VAL NF 23 -89.17 -91.94 -33.00
N LYS NF 24 -88.76 -91.45 -31.83
CA LYS NF 24 -89.55 -90.52 -31.05
C LYS NF 24 -88.68 -89.34 -30.66
N GLU NF 25 -89.18 -88.13 -30.87
CA GLU NF 25 -88.40 -86.94 -30.54
C GLU NF 25 -88.32 -86.76 -29.04
N LEU NF 26 -87.11 -86.44 -28.55
CA LEU NF 26 -86.91 -86.15 -27.13
C LEU NF 26 -86.93 -84.66 -26.84
N VAL NF 27 -86.00 -83.92 -27.41
CA VAL NF 27 -85.77 -82.52 -27.08
C VAL NF 27 -85.50 -81.77 -28.38
N ARG NF 28 -85.89 -80.50 -28.40
CA ARG NF 28 -85.76 -79.67 -29.58
C ARG NF 28 -85.00 -78.41 -29.17
N ASN NF 29 -84.81 -77.50 -30.14
CA ASN NF 29 -84.23 -76.18 -29.92
C ASN NF 29 -82.74 -76.25 -29.65
N ASN NF 30 -81.97 -75.44 -30.37
CA ASN NF 30 -82.49 -74.67 -31.50
C ASN NF 30 -81.70 -75.03 -32.74
N SER NF 31 -82.42 -75.31 -33.83
CA SER NF 31 -81.83 -75.83 -35.06
C SER NF 31 -81.12 -77.16 -34.79
N GLU NF 32 -81.68 -77.93 -33.86
CA GLU NF 32 -81.20 -79.26 -33.55
C GLU NF 32 -82.29 -80.12 -32.92
N LEU NF 33 -82.70 -81.18 -33.60
CA LEU NF 33 -83.64 -82.13 -33.03
C LEU NF 33 -82.90 -83.26 -32.35
N ASN NF 34 -83.51 -83.80 -31.29
CA ASN NF 34 -83.00 -84.99 -30.62
C ASN NF 34 -84.13 -86.00 -30.53
N ALA NF 35 -83.89 -87.20 -31.03
CA ALA NF 35 -84.90 -88.25 -31.06
C ALA NF 35 -84.27 -89.52 -30.51
N TYR NF 36 -85.06 -90.59 -30.49
CA TYR NF 36 -84.54 -91.90 -30.10
C TYR NF 36 -85.38 -92.96 -30.80
N ILE NF 37 -84.74 -94.06 -31.17
CA ILE NF 37 -85.42 -95.18 -31.82
C ILE NF 37 -85.97 -96.08 -30.73
N ASP NF 38 -87.29 -96.21 -30.68
CA ASP NF 38 -87.96 -96.96 -29.62
C ASP NF 38 -88.06 -98.43 -30.01
N GLU NF 39 -87.26 -99.27 -29.35
CA GLU NF 39 -87.28 -100.71 -29.57
C GLU NF 39 -87.61 -101.45 -28.27
N GLY NF 40 -88.28 -100.77 -27.34
CA GLY NF 40 -88.55 -101.36 -26.05
C GLY NF 40 -87.30 -101.65 -25.24
N LEU NF 41 -86.34 -100.75 -25.27
CA LEU NF 41 -85.09 -100.90 -24.54
C LEU NF 41 -85.06 -99.93 -23.37
N SER NF 42 -84.09 -100.12 -22.49
CA SER NF 42 -83.96 -99.28 -21.31
C SER NF 42 -83.44 -97.89 -21.69
N PHE NF 43 -83.41 -97.00 -20.69
CA PHE NF 43 -83.02 -95.62 -20.93
C PHE NF 43 -81.55 -95.51 -21.31
N GLN NF 44 -80.69 -96.39 -20.80
CA GLN NF 44 -79.27 -96.33 -21.12
C GLN NF 44 -78.92 -97.14 -22.36
N ALA NF 45 -79.85 -97.92 -22.90
CA ALA NF 45 -79.56 -98.81 -24.03
C ALA NF 45 -80.33 -98.41 -25.28
N ARG NF 46 -80.90 -97.20 -25.30
CA ARG NF 46 -81.68 -96.76 -26.45
C ARG NF 46 -80.77 -96.06 -27.47
N LYS NF 47 -81.22 -96.05 -28.71
CA LYS NF 47 -80.40 -95.64 -29.84
C LYS NF 47 -80.07 -94.14 -29.86
N GLU NF 48 -81.09 -93.28 -29.81
CA GLU NF 48 -80.90 -91.83 -29.72
C GLU NF 48 -80.16 -91.19 -30.90
N VAL NF 49 -80.80 -91.12 -32.06
CA VAL NF 49 -80.29 -90.40 -33.21
C VAL NF 49 -80.53 -88.89 -33.01
N ALA NF 50 -79.54 -88.08 -33.36
CA ALA NF 50 -79.64 -86.63 -33.27
C ALA NF 50 -79.61 -85.98 -34.66
N PHE NF 51 -80.29 -84.84 -34.78
CA PHE NF 51 -80.41 -84.12 -36.03
C PHE NF 51 -79.97 -82.68 -35.83
N SER NF 52 -79.05 -82.21 -36.66
CA SER NF 52 -78.53 -80.86 -36.58
C SER NF 52 -78.70 -80.17 -37.94
N VAL NF 53 -78.64 -78.85 -37.94
CA VAL NF 53 -78.84 -78.07 -39.16
C VAL NF 53 -78.08 -76.76 -39.07
N LYS NF 54 -77.38 -76.39 -40.14
CA LYS NF 54 -76.73 -75.09 -40.27
C LYS NF 54 -77.26 -74.45 -41.55
N VAL NF 55 -78.06 -73.41 -41.40
CA VAL NF 55 -78.73 -72.80 -42.56
C VAL NF 55 -77.70 -72.07 -43.41
N PRO NF 56 -77.95 -71.84 -44.69
CA PRO NF 56 -76.99 -71.10 -45.52
C PRO NF 56 -76.88 -69.65 -45.05
N LYS NF 57 -75.64 -69.22 -44.84
CA LYS NF 57 -75.37 -67.89 -44.32
C LYS NF 57 -74.86 -67.00 -45.46
N VAL NF 58 -75.31 -65.75 -45.47
CA VAL NF 58 -74.97 -64.84 -46.56
C VAL NF 58 -73.53 -64.36 -46.41
N SER NF 59 -72.61 -65.02 -47.08
CA SER NF 59 -71.22 -64.59 -47.11
C SER NF 59 -70.98 -63.68 -48.30
N VAL NF 60 -69.71 -63.39 -48.60
CA VAL NF 60 -69.38 -62.56 -49.75
C VAL NF 60 -68.41 -63.29 -50.66
N SER NF 61 -67.31 -63.79 -50.10
CA SER NF 61 -66.24 -64.40 -50.90
C SER NF 61 -66.44 -65.92 -50.96
N ALA NF 62 -67.57 -66.31 -51.53
CA ALA NF 62 -67.89 -67.73 -51.69
C ALA NF 62 -68.54 -67.96 -53.03
N PRO NF 63 -68.44 -69.16 -53.60
CA PRO NF 63 -69.20 -69.48 -54.80
C PRO NF 63 -70.70 -69.32 -54.56
N GLY NF 64 -71.39 -68.73 -55.52
CA GLY NF 64 -72.82 -68.53 -55.40
C GLY NF 64 -73.17 -67.30 -54.58
N GLY NF 65 -72.36 -67.03 -53.56
CA GLY NF 65 -72.58 -65.88 -52.70
C GLY NF 65 -72.71 -66.23 -51.23
N PHE NF 66 -73.41 -67.32 -50.93
CA PHE NF 66 -73.65 -67.70 -49.54
C PHE NF 66 -72.70 -68.83 -49.13
N THR NF 67 -72.70 -69.13 -47.83
CA THR NF 67 -72.05 -70.35 -47.35
C THR NF 67 -72.94 -71.55 -47.64
N GLN NF 68 -72.46 -72.72 -47.26
CA GLN NF 68 -73.14 -73.96 -47.62
C GLN NF 68 -74.20 -74.33 -46.60
N ALA NF 69 -75.18 -75.11 -47.05
CA ALA NF 69 -76.27 -75.61 -46.21
C ALA NF 69 -75.82 -76.91 -45.58
N ARG NF 70 -75.33 -76.84 -44.34
CA ARG NF 70 -74.89 -78.03 -43.62
C ARG NF 70 -76.09 -78.72 -42.97
N SER NF 71 -76.05 -80.06 -42.96
CA SER NF 71 -77.13 -80.86 -42.38
C SER NF 71 -76.50 -82.12 -41.81
N THR NF 72 -76.50 -82.25 -40.50
CA THR NF 72 -75.81 -83.33 -39.82
C THR NF 72 -76.80 -84.26 -39.12
N VAL NF 73 -76.48 -85.56 -39.16
CA VAL NF 73 -77.19 -86.58 -38.41
C VAL NF 73 -76.15 -87.40 -37.67
N ILE NF 74 -76.36 -87.63 -36.38
CA ILE NF 74 -75.52 -88.54 -35.59
C ILE NF 74 -76.43 -89.59 -34.97
N LEU NF 75 -76.20 -90.85 -35.31
CA LEU NF 75 -76.86 -91.97 -34.68
C LEU NF 75 -75.93 -92.49 -33.59
N LYS NF 76 -76.41 -92.51 -32.36
CA LYS NF 76 -75.64 -93.06 -31.25
C LYS NF 76 -76.07 -94.50 -31.00
N SER NF 77 -75.23 -95.25 -30.31
CA SER NF 77 -75.45 -96.68 -30.10
C SER NF 77 -74.76 -97.11 -28.82
N PRO NF 78 -75.52 -97.28 -27.74
CA PRO NF 78 -74.91 -97.70 -26.47
C PRO NF 78 -74.30 -99.08 -26.57
N LYS NF 79 -73.22 -99.29 -25.82
CA LYS NF 79 -72.61 -100.60 -25.70
C LYS NF 79 -71.94 -100.69 -24.33
N THR NF 80 -72.10 -101.83 -23.67
CA THR NF 80 -71.44 -102.10 -22.40
C THR NF 80 -70.23 -102.99 -22.64
N LEU NF 81 -69.17 -102.74 -21.90
CA LEU NF 81 -67.88 -103.35 -22.17
C LEU NF 81 -67.66 -104.59 -21.30
N ALA NF 82 -66.52 -105.25 -21.51
CA ALA NF 82 -66.17 -106.46 -20.76
C ALA NF 82 -65.75 -106.16 -19.33
N ASN NF 83 -65.46 -104.91 -19.01
CA ASN NF 83 -65.17 -104.49 -17.65
C ASN NF 83 -66.36 -103.84 -16.96
N GLY NF 84 -67.52 -103.82 -17.61
CA GLY NF 84 -68.71 -103.23 -17.05
C GLY NF 84 -68.90 -101.76 -17.35
N ASN NF 85 -67.90 -101.10 -17.94
CA ASN NF 85 -68.02 -99.69 -18.27
C ASN NF 85 -68.92 -99.49 -19.47
N ARG NF 86 -69.38 -98.24 -19.64
CA ARG NF 86 -70.39 -97.89 -20.62
C ARG NF 86 -69.76 -96.94 -21.64
N THR NF 87 -69.91 -97.24 -22.92
CA THR NF 87 -69.42 -96.39 -24.00
C THR NF 87 -70.50 -96.25 -25.08
N VAL NF 88 -70.22 -95.38 -26.05
CA VAL NF 88 -71.15 -95.08 -27.13
C VAL NF 88 -70.44 -95.22 -28.46
N ASN NF 89 -71.10 -95.89 -29.41
CA ASN NF 89 -70.65 -95.94 -30.80
C ASN NF 89 -71.52 -94.98 -31.60
N THR NF 90 -70.91 -94.29 -32.56
CA THR NF 90 -71.61 -93.27 -33.32
C THR NF 90 -71.45 -93.47 -34.82
N VAL NF 91 -72.46 -93.02 -35.56
CA VAL NF 91 -72.37 -92.84 -37.00
C VAL NF 91 -72.74 -91.40 -37.30
N SER NF 92 -71.80 -90.63 -37.84
CA SER NF 92 -72.05 -89.22 -38.11
C SER NF 92 -72.13 -88.99 -39.62
N ILE NF 93 -73.25 -88.44 -40.08
CA ILE NF 93 -73.48 -88.15 -41.49
C ILE NF 93 -73.68 -86.66 -41.62
N GLN NF 94 -72.84 -86.02 -42.44
CA GLN NF 94 -72.96 -84.60 -42.72
C GLN NF 94 -73.13 -84.38 -44.21
N LEU NF 95 -74.15 -83.64 -44.60
CA LEU NF 95 -74.39 -83.28 -45.99
C LEU NF 95 -74.12 -81.79 -46.13
N SER NF 96 -73.22 -81.46 -47.05
CA SER NF 96 -72.83 -80.06 -47.29
C SER NF 96 -73.05 -79.77 -48.77
N VAL NF 97 -74.10 -79.03 -49.07
CA VAL NF 97 -74.38 -78.62 -50.43
C VAL NF 97 -74.48 -77.10 -50.47
N ASP NF 98 -74.23 -76.54 -51.65
CA ASP NF 98 -74.49 -75.13 -51.92
C ASP NF 98 -75.99 -74.94 -52.08
N PRO NF 99 -76.53 -73.79 -51.67
CA PRO NF 99 -77.99 -73.60 -51.74
C PRO NF 99 -78.54 -73.64 -53.16
N GLU NF 100 -77.71 -73.43 -54.16
CA GLU NF 100 -78.12 -73.49 -55.56
C GLU NF 100 -78.38 -74.93 -56.03
N THR NF 101 -77.98 -75.92 -55.23
CA THR NF 101 -78.19 -77.31 -55.59
C THR NF 101 -79.67 -77.65 -55.63
N THR NF 102 -80.06 -78.43 -56.63
CA THR NF 102 -81.43 -78.89 -56.77
C THR NF 102 -81.65 -80.14 -55.93
N ALA NF 103 -82.93 -80.49 -55.75
CA ALA NF 103 -83.28 -81.66 -54.96
C ALA NF 103 -82.78 -82.94 -55.62
N ALA NF 104 -82.78 -82.98 -56.95
CA ALA NF 104 -82.38 -84.21 -57.65
C ALA NF 104 -80.88 -84.46 -57.53
N GLU NF 105 -80.06 -83.41 -57.47
CA GLU NF 105 -78.63 -83.62 -57.26
C GLU NF 105 -78.34 -84.06 -55.82
N VAL NF 106 -79.19 -83.65 -54.88
CA VAL NF 106 -79.02 -84.10 -53.50
C VAL NF 106 -79.45 -85.54 -53.36
N THR NF 107 -80.48 -85.94 -54.09
CA THR NF 107 -80.98 -87.31 -54.09
C THR NF 107 -79.92 -88.28 -54.60
N THR NF 108 -79.16 -87.85 -55.62
CA THR NF 108 -78.09 -88.68 -56.14
C THR NF 108 -77.01 -88.88 -55.09
N MET NF 109 -76.64 -87.81 -54.39
CA MET NF 109 -75.60 -87.88 -53.37
C MET NF 109 -75.98 -88.83 -52.24
N LEU NF 110 -77.21 -88.72 -51.75
CA LEU NF 110 -77.63 -89.53 -50.62
C LEU NF 110 -77.70 -91.01 -51.01
N ASN NF 111 -78.11 -91.30 -52.24
CA ASN NF 111 -78.12 -92.67 -52.71
C ASN NF 111 -76.71 -93.22 -52.85
N ALA NF 112 -75.79 -92.41 -53.39
CA ALA NF 112 -74.40 -92.83 -53.51
C ALA NF 112 -73.78 -93.02 -52.13
N ALA NF 113 -74.07 -92.10 -51.21
CA ALA NF 113 -73.51 -92.21 -49.86
C ALA NF 113 -74.16 -93.35 -49.09
N ALA NF 114 -75.44 -93.61 -49.32
CA ALA NF 114 -76.09 -94.74 -48.67
C ALA NF 114 -75.47 -96.05 -49.12
N GLN NF 115 -75.11 -96.17 -50.40
CA GLN NF 115 -74.54 -97.40 -50.91
C GLN NF 115 -73.22 -97.73 -50.22
N LEU NF 116 -72.38 -96.73 -49.95
CA LEU NF 116 -71.15 -96.97 -49.20
C LEU NF 116 -71.45 -96.96 -47.70
N LEU NF 117 -72.54 -97.65 -47.34
CA LEU NF 117 -72.85 -97.93 -45.95
C LEU NF 117 -73.28 -99.38 -45.81
N PHE NF 118 -73.92 -99.91 -46.85
CA PHE NF 118 -74.49 -101.25 -46.81
C PHE NF 118 -74.07 -102.13 -47.97
N ASP NF 119 -73.35 -101.62 -48.97
CA ASP NF 119 -72.87 -102.45 -50.05
C ASP NF 119 -71.86 -103.46 -49.53
N SER NF 120 -71.99 -104.70 -49.99
CA SER NF 120 -71.17 -105.79 -49.48
C SER NF 120 -69.70 -105.57 -49.77
N ASP NF 121 -69.39 -104.76 -50.79
CA ASP NF 121 -68.00 -104.49 -51.15
C ASP NF 121 -67.29 -103.73 -50.04
N TYR NF 122 -67.97 -102.76 -49.43
CA TYR NF 122 -67.38 -102.02 -48.32
C TYR NF 122 -67.84 -102.59 -46.97
N SER NF 123 -67.48 -103.84 -46.69
CA SER NF 123 -67.79 -104.40 -45.38
C SER NF 123 -66.51 -104.50 -44.57
N ASP NF 124 -65.44 -105.01 -45.19
CA ASP NF 124 -64.15 -105.08 -44.51
C ASP NF 124 -63.62 -103.70 -44.16
N PHE NF 125 -64.05 -102.66 -44.86
CA PHE NF 125 -63.63 -101.31 -44.53
C PHE NF 125 -64.25 -100.80 -43.23
N TRP NF 126 -65.51 -101.12 -42.97
CA TRP NF 126 -66.18 -100.61 -41.77
C TRP NF 126 -65.89 -101.48 -40.55
N LYS NF 127 -66.00 -102.80 -40.70
CA LYS NF 127 -65.84 -103.68 -39.55
C LYS NF 127 -64.38 -104.07 -39.34
N ALA NF 128 -63.72 -104.55 -40.39
CA ALA NF 128 -62.31 -104.94 -40.25
C ALA NF 128 -61.38 -103.75 -40.35
N GLN NF 129 -61.89 -102.58 -40.70
CA GLN NF 129 -61.09 -101.36 -40.89
C GLN NF 129 -59.98 -101.59 -41.90
N ALA NF 130 -60.29 -102.36 -42.95
CA ALA NF 130 -59.33 -102.74 -43.98
C ALA NF 130 -59.50 -101.82 -45.17
N LEU NF 131 -58.51 -100.95 -45.38
CA LEU NF 131 -58.58 -99.95 -46.46
C LEU NF 131 -58.62 -100.62 -47.83
N ALA NF 132 -57.93 -101.74 -47.98
CA ALA NF 132 -57.93 -102.46 -49.25
C ALA NF 132 -57.50 -103.91 -49.06
N ALA OF 1 -31.77 -91.12 -90.00
CA ALA OF 1 -31.45 -90.32 -88.82
C ALA OF 1 -32.63 -89.43 -88.43
N ILE OF 2 -32.35 -88.41 -87.62
CA ILE OF 2 -33.41 -87.54 -87.10
C ILE OF 2 -34.07 -86.79 -88.25
N ALA OF 3 -33.28 -86.22 -89.15
CA ALA OF 3 -33.83 -85.49 -90.29
C ALA OF 3 -34.56 -86.43 -91.23
N ASN OF 4 -35.78 -86.05 -91.61
CA ASN OF 4 -36.62 -86.83 -92.53
C ASN OF 4 -36.93 -88.22 -91.97
N SER OF 5 -36.97 -88.33 -90.65
CA SER OF 5 -37.43 -89.55 -89.99
C SER OF 5 -38.95 -89.58 -90.01
N SER OF 6 -39.51 -90.77 -90.16
CA SER OF 6 -40.96 -90.92 -90.23
C SER OF 6 -41.50 -91.54 -88.94
N ILE OF 7 -42.59 -90.97 -88.44
CA ILE OF 7 -43.29 -91.47 -87.26
C ILE OF 7 -44.74 -91.73 -87.65
N ALA OF 8 -45.25 -92.90 -87.29
CA ALA OF 8 -46.63 -93.26 -87.60
C ALA OF 8 -47.51 -92.77 -86.47
N ILE OF 9 -48.30 -91.74 -86.74
CA ILE OF 9 -49.16 -91.12 -85.73
C ILE OF 9 -50.42 -91.95 -85.57
N ASP OF 10 -50.89 -92.06 -84.32
CA ASP OF 10 -52.12 -92.79 -83.98
C ASP OF 10 -52.03 -94.25 -84.42
N SER OF 11 -51.06 -94.93 -83.79
CA SER OF 11 -50.70 -96.27 -84.20
C SER OF 11 -50.70 -97.21 -83.01
N THR OF 12 -51.00 -98.47 -83.27
CA THR OF 12 -50.86 -99.49 -82.23
C THR OF 12 -49.41 -99.95 -82.15
N ALA OF 13 -48.88 -99.96 -80.93
CA ALA OF 13 -47.50 -100.38 -80.68
C ALA OF 13 -47.54 -101.77 -80.07
N SER OF 14 -47.07 -102.76 -80.82
CA SER OF 14 -46.97 -104.12 -80.31
C SER OF 14 -45.57 -104.35 -79.75
N VAL OF 15 -45.33 -105.57 -79.27
CA VAL OF 15 -44.02 -105.96 -78.78
C VAL OF 15 -43.92 -107.48 -78.80
N THR OF 16 -42.86 -108.02 -79.38
CA THR OF 16 -42.67 -109.47 -79.48
C THR OF 16 -41.19 -109.78 -79.30
N GLY OF 17 -40.76 -109.96 -78.06
CA GLY OF 17 -39.42 -110.44 -77.80
C GLY OF 17 -39.32 -111.59 -76.82
N GLY OF 18 -40.36 -111.77 -76.01
CA GLY OF 18 -40.31 -112.76 -74.95
C GLY OF 18 -39.73 -112.20 -73.68
N THR OF 19 -39.31 -113.07 -72.77
CA THR OF 19 -38.74 -112.70 -71.48
C THR OF 19 -39.72 -111.83 -70.68
N ALA OF 20 -40.87 -112.42 -70.39
CA ALA OF 20 -41.94 -111.70 -69.70
C ALA OF 20 -41.63 -111.53 -68.22
N ARG OF 21 -40.97 -110.45 -67.86
CA ARG OF 21 -40.65 -110.14 -66.48
C ARG OF 21 -41.89 -109.60 -65.75
N THR OF 22 -41.72 -109.34 -64.47
CA THR OF 22 -42.82 -108.88 -63.62
C THR OF 22 -42.37 -107.69 -62.79
N VAL OF 23 -43.17 -106.64 -62.81
CA VAL OF 23 -42.92 -105.45 -61.99
C VAL OF 23 -43.50 -105.71 -60.60
N LYS OF 24 -42.65 -105.68 -59.58
CA LYS OF 24 -43.07 -105.81 -58.20
C LYS OF 24 -42.76 -104.52 -57.46
N GLU OF 25 -43.75 -104.02 -56.72
CA GLU OF 25 -43.54 -102.76 -56.00
C GLU OF 25 -42.75 -103.00 -54.72
N LEU OF 26 -42.00 -101.98 -54.32
CA LEU OF 26 -41.16 -102.06 -53.13
C LEU OF 26 -41.72 -101.17 -52.02
N VAL OF 27 -41.85 -99.87 -52.26
CA VAL OF 27 -42.32 -98.92 -51.26
C VAL OF 27 -43.30 -97.97 -51.95
N ARG OF 28 -43.80 -97.01 -51.18
CA ARG OF 28 -44.74 -96.04 -51.73
C ARG OF 28 -44.36 -94.59 -51.47
N ASN OF 29 -43.76 -94.29 -50.31
CA ASN OF 29 -43.56 -92.93 -49.79
C ASN OF 29 -44.57 -91.90 -50.30
N ASN OF 30 -44.11 -90.67 -50.53
CA ASN OF 30 -45.01 -89.53 -50.73
C ASN OF 30 -45.45 -89.46 -52.19
N SER OF 31 -46.67 -89.91 -52.45
CA SER OF 31 -47.30 -89.81 -53.78
C SER OF 31 -46.38 -90.36 -54.87
N GLU OF 32 -45.73 -91.47 -54.54
CA GLU OF 32 -44.76 -92.09 -55.43
C GLU OF 32 -45.01 -93.60 -55.41
N LEU OF 33 -44.29 -94.34 -56.23
CA LEU OF 33 -44.39 -95.79 -56.22
C LEU OF 33 -43.10 -96.40 -56.75
N ASN OF 34 -42.25 -96.88 -55.85
CA ASN OF 34 -40.97 -97.46 -56.25
C ASN OF 34 -41.14 -98.96 -56.42
N ALA OF 35 -40.90 -99.45 -57.63
CA ALA OF 35 -41.00 -100.86 -57.95
C ALA OF 35 -39.65 -101.35 -58.45
N TYR OF 36 -39.62 -102.61 -58.89
CA TYR OF 36 -38.42 -103.19 -59.47
C TYR OF 36 -38.83 -104.32 -60.40
N ILE OF 37 -38.00 -104.60 -61.40
CA ILE OF 37 -38.29 -105.64 -62.37
C ILE OF 37 -37.62 -106.93 -61.90
N ASP OF 38 -38.43 -108.00 -61.78
CA ASP OF 38 -37.95 -109.26 -61.20
C ASP OF 38 -37.33 -110.11 -62.31
N GLU OF 39 -36.01 -109.97 -62.46
CA GLU OF 39 -35.25 -110.76 -63.41
C GLU OF 39 -34.26 -111.71 -62.75
N GLY OF 40 -34.30 -111.85 -61.44
CA GLY OF 40 -33.44 -112.76 -60.73
C GLY OF 40 -32.02 -112.30 -60.50
N LEU OF 41 -31.72 -111.02 -60.70
CA LEU OF 41 -30.39 -110.51 -60.46
C LEU OF 41 -30.16 -110.29 -58.98
N SER OF 42 -29.02 -109.68 -58.65
CA SER OF 42 -28.70 -109.40 -57.26
C SER OF 42 -29.59 -108.31 -56.70
N PHE OF 43 -29.44 -108.05 -55.40
CA PHE OF 43 -30.29 -107.08 -54.72
C PHE OF 43 -29.96 -105.66 -55.17
N GLN OF 44 -28.68 -105.31 -55.19
CA GLN OF 44 -28.26 -103.99 -55.64
C GLN OF 44 -27.77 -104.00 -57.08
N ALA OF 45 -28.34 -104.89 -57.90
CA ALA OF 45 -28.07 -104.88 -59.33
C ALA OF 45 -29.35 -105.01 -60.15
N ARG OF 46 -30.52 -104.97 -59.51
CA ARG OF 46 -31.79 -105.12 -60.20
C ARG OF 46 -32.22 -103.79 -60.80
N LYS OF 47 -33.18 -103.83 -61.72
CA LYS OF 47 -33.70 -102.61 -62.35
C LYS OF 47 -34.92 -102.16 -61.56
N GLU OF 48 -34.83 -100.99 -60.93
CA GLU OF 48 -35.94 -100.40 -60.19
C GLU OF 48 -36.53 -99.27 -61.04
N VAL OF 49 -37.84 -99.33 -61.27
CA VAL OF 49 -38.52 -98.24 -61.95
C VAL OF 49 -39.48 -97.55 -60.99
N ALA OF 50 -39.37 -96.23 -60.91
CA ALA OF 50 -40.16 -95.43 -60.00
C ALA OF 50 -41.27 -94.68 -60.75
N PHE OF 51 -42.42 -94.56 -60.09
CA PHE OF 51 -43.59 -93.87 -60.61
C PHE OF 51 -43.98 -92.74 -59.67
N SER OF 52 -44.46 -91.63 -60.23
CA SER OF 52 -44.85 -90.49 -59.40
C SER OF 52 -45.92 -89.67 -60.11
N VAL OF 53 -46.78 -89.04 -59.32
CA VAL OF 53 -47.86 -88.21 -59.84
C VAL OF 53 -47.82 -86.85 -59.17
N LYS OF 54 -48.30 -85.83 -59.89
CA LYS OF 54 -48.29 -84.44 -59.44
C LYS OF 54 -49.62 -83.78 -59.78
N VAL OF 55 -50.72 -84.40 -59.33
CA VAL OF 55 -52.10 -84.03 -59.68
C VAL OF 55 -52.31 -82.52 -59.67
N PRO OF 56 -53.18 -82.00 -60.54
CA PRO OF 56 -53.32 -80.55 -60.69
C PRO OF 56 -53.84 -79.87 -59.44
N LYS OF 57 -53.43 -78.61 -59.28
CA LYS OF 57 -53.78 -77.80 -58.12
C LYS OF 57 -54.42 -76.52 -58.61
N VAL OF 58 -55.60 -76.18 -58.08
CA VAL OF 58 -56.36 -75.03 -58.55
C VAL OF 58 -55.57 -73.76 -58.34
N SER OF 59 -55.24 -73.08 -59.42
CA SER OF 59 -54.44 -71.87 -59.38
C SER OF 59 -55.27 -70.67 -59.85
N VAL OF 60 -54.66 -69.49 -59.84
CA VAL OF 60 -55.23 -68.28 -60.43
C VAL OF 60 -54.60 -67.99 -61.78
N SER OF 61 -53.31 -68.31 -61.92
CA SER OF 61 -52.56 -68.33 -63.16
C SER OF 61 -52.94 -69.58 -63.94
N ALA OF 62 -52.06 -70.03 -64.85
CA ALA OF 62 -52.32 -71.24 -65.64
C ALA OF 62 -53.49 -71.02 -66.59
N PRO OF 63 -53.24 -70.39 -67.74
CA PRO OF 63 -54.33 -69.93 -68.60
C PRO OF 63 -55.14 -71.09 -69.16
N GLY OF 64 -56.14 -71.49 -68.39
CA GLY OF 64 -56.84 -72.75 -68.51
C GLY OF 64 -57.34 -73.17 -67.14
N GLY OF 65 -56.85 -72.47 -66.11
CA GLY OF 65 -57.42 -72.57 -64.78
C GLY OF 65 -56.50 -73.10 -63.70
N PHE OF 66 -55.76 -74.15 -63.98
CA PHE OF 66 -54.88 -74.77 -62.99
C PHE OF 66 -53.77 -75.56 -63.67
N THR OF 67 -52.76 -75.89 -62.86
CA THR OF 67 -51.53 -76.49 -63.35
C THR OF 67 -51.77 -77.83 -64.02
N GLN OF 68 -50.74 -78.30 -64.73
CA GLN OF 68 -50.85 -79.51 -65.53
C GLN OF 68 -50.74 -80.76 -64.66
N ALA OF 69 -51.06 -81.90 -65.27
CA ALA OF 69 -51.02 -83.20 -64.61
C ALA OF 69 -49.80 -83.97 -65.11
N ARG OF 70 -48.70 -83.87 -64.38
CA ARG OF 70 -47.46 -84.53 -64.76
C ARG OF 70 -47.36 -85.93 -64.14
N SER OF 71 -46.86 -86.87 -64.92
CA SER OF 71 -46.62 -88.25 -64.48
C SER OF 71 -45.19 -88.60 -64.87
N THR OF 72 -44.39 -89.01 -63.89
CA THR OF 72 -42.99 -89.30 -64.13
C THR OF 72 -42.70 -90.79 -63.97
N VAL OF 73 -41.79 -91.29 -64.80
CA VAL OF 73 -41.31 -92.66 -64.71
C VAL OF 73 -39.79 -92.66 -64.91
N ILE OF 74 -39.05 -93.04 -63.87
CA ILE OF 74 -37.62 -93.19 -63.97
C ILE OF 74 -37.26 -94.66 -63.88
N LEU OF 75 -36.54 -95.16 -64.87
CA LEU OF 75 -36.10 -96.55 -64.92
C LEU OF 75 -34.59 -96.56 -64.63
N LYS OF 76 -34.22 -97.17 -63.52
CA LYS OF 76 -32.82 -97.20 -63.10
C LYS OF 76 -32.22 -98.56 -63.44
N SER OF 77 -31.26 -98.56 -64.35
CA SER OF 77 -30.57 -99.79 -64.76
C SER OF 77 -29.11 -99.70 -64.33
N PRO OF 78 -28.71 -100.43 -63.29
CA PRO OF 78 -27.34 -100.28 -62.78
C PRO OF 78 -26.32 -100.98 -63.65
N LYS OF 79 -25.10 -100.45 -63.65
CA LYS OF 79 -24.00 -101.00 -64.44
C LYS OF 79 -22.76 -101.11 -63.57
N THR OF 80 -22.01 -102.20 -63.74
CA THR OF 80 -20.70 -102.36 -63.12
C THR OF 80 -19.64 -101.99 -64.16
N LEU OF 81 -18.88 -100.93 -63.86
CA LEU OF 81 -17.86 -100.45 -64.80
C LEU OF 81 -16.60 -101.30 -64.71
N ALA OF 82 -15.82 -101.27 -65.80
CA ALA OF 82 -14.60 -102.07 -65.86
C ALA OF 82 -13.61 -101.65 -64.78
N ASN OF 83 -13.59 -100.37 -64.41
CA ASN OF 83 -12.72 -99.92 -63.34
C ASN OF 83 -13.10 -100.56 -62.00
N GLY OF 84 -14.31 -101.11 -61.91
CA GLY OF 84 -14.70 -101.84 -60.72
C GLY OF 84 -15.88 -101.21 -60.01
N ASN OF 85 -15.98 -99.89 -60.07
CA ASN OF 85 -17.04 -99.18 -59.39
C ASN OF 85 -18.38 -99.42 -60.07
N ARG OF 86 -19.43 -98.83 -59.51
CA ARG OF 86 -20.80 -99.03 -59.94
C ARG OF 86 -21.45 -97.69 -60.24
N THR OF 87 -22.30 -97.69 -61.25
CA THR OF 87 -23.04 -96.50 -61.67
C THR OF 87 -24.42 -96.97 -62.12
N VAL OF 88 -25.36 -96.04 -62.18
CA VAL OF 88 -26.72 -96.34 -62.60
C VAL OF 88 -27.03 -95.58 -63.88
N ASN OF 89 -27.61 -96.28 -64.85
CA ASN OF 89 -28.03 -95.70 -66.12
C ASN OF 89 -29.55 -95.52 -66.05
N THR OF 90 -29.99 -94.27 -66.16
CA THR OF 90 -31.39 -93.94 -65.93
C THR OF 90 -32.10 -93.51 -67.21
N VAL OF 91 -33.41 -93.76 -67.24
CA VAL OF 91 -34.26 -93.31 -68.33
C VAL OF 91 -35.52 -92.68 -67.75
N SER OF 92 -35.55 -91.35 -67.65
CA SER OF 92 -36.70 -90.68 -67.09
C SER OF 92 -37.67 -90.26 -68.18
N ILE OF 93 -38.96 -90.27 -67.85
CA ILE OF 93 -40.03 -89.90 -68.76
C ILE OF 93 -41.07 -89.08 -68.00
N GLN OF 94 -41.48 -87.95 -68.55
CA GLN OF 94 -42.45 -87.09 -67.90
C GLN OF 94 -43.56 -86.71 -68.88
N LEU OF 95 -44.76 -86.50 -68.34
CA LEU OF 95 -45.97 -86.26 -69.13
C LEU OF 95 -46.73 -85.05 -68.56
N SER OF 96 -46.03 -83.92 -68.41
CA SER OF 96 -46.66 -82.70 -67.90
C SER OF 96 -47.66 -82.18 -68.93
N VAL OF 97 -48.92 -82.57 -68.76
CA VAL OF 97 -49.99 -82.21 -69.69
C VAL OF 97 -51.15 -81.56 -68.93
N ASP OF 98 -51.88 -80.71 -69.63
CA ASP OF 98 -52.92 -79.92 -69.00
C ASP OF 98 -54.12 -80.80 -68.66
N PRO OF 99 -54.74 -80.60 -67.50
CA PRO OF 99 -55.79 -81.53 -67.04
C PRO OF 99 -57.03 -81.58 -67.92
N GLU OF 100 -57.28 -80.57 -68.75
CA GLU OF 100 -58.41 -80.61 -69.67
C GLU OF 100 -58.20 -81.57 -70.83
N THR OF 101 -57.00 -82.15 -70.93
CA THR OF 101 -56.66 -83.01 -72.06
C THR OF 101 -57.52 -84.27 -72.07
N THR OF 102 -58.00 -84.63 -73.26
CA THR OF 102 -58.72 -85.88 -73.43
C THR OF 102 -57.76 -87.05 -73.45
N ALA OF 103 -58.29 -88.24 -73.18
CA ALA OF 103 -57.48 -89.44 -73.15
C ALA OF 103 -57.09 -89.93 -74.54
N ALA OF 104 -57.75 -89.43 -75.58
CA ALA OF 104 -57.39 -89.82 -76.95
C ALA OF 104 -56.09 -89.16 -77.37
N GLU OF 105 -55.93 -87.87 -77.06
CA GLU OF 105 -54.70 -87.17 -77.43
C GLU OF 105 -53.53 -87.63 -76.57
N VAL OF 106 -53.78 -87.98 -75.30
CA VAL OF 106 -52.73 -88.54 -74.47
C VAL OF 106 -52.23 -89.85 -75.04
N THR OF 107 -53.15 -90.70 -75.50
CA THR OF 107 -52.76 -91.95 -76.15
C THR OF 107 -51.98 -91.66 -77.43
N THR OF 108 -52.40 -90.65 -78.19
CA THR OF 108 -51.66 -90.23 -79.38
C THR OF 108 -50.26 -89.78 -78.99
N MET OF 109 -50.16 -88.97 -77.94
CA MET OF 109 -48.88 -88.45 -77.49
C MET OF 109 -47.98 -89.57 -76.99
N LEU OF 110 -48.55 -90.51 -76.23
CA LEU OF 110 -47.75 -91.60 -75.69
C LEU OF 110 -47.21 -92.49 -76.80
N ASN OF 111 -48.04 -92.76 -77.82
CA ASN OF 111 -47.58 -93.56 -78.94
C ASN OF 111 -46.51 -92.84 -79.75
N ALA OF 112 -46.71 -91.54 -80.00
CA ALA OF 112 -45.71 -90.78 -80.73
C ALA OF 112 -44.39 -90.71 -79.97
N ALA OF 113 -44.46 -90.45 -78.66
CA ALA OF 113 -43.28 -90.46 -77.81
C ALA OF 113 -42.63 -91.83 -77.72
N ALA OF 114 -43.42 -92.88 -77.58
CA ALA OF 114 -42.86 -94.22 -77.48
C ALA OF 114 -42.47 -94.77 -78.84
N GLN OF 115 -42.92 -94.16 -79.94
CA GLN OF 115 -42.43 -94.54 -81.26
C GLN OF 115 -40.98 -94.10 -81.45
N LEU OF 116 -40.56 -93.05 -80.75
CA LEU OF 116 -39.15 -92.81 -80.52
C LEU OF 116 -38.64 -93.87 -79.53
N LEU OF 117 -37.33 -93.92 -79.33
CA LEU OF 117 -36.68 -94.86 -78.42
C LEU OF 117 -36.65 -96.29 -78.97
N PHE OF 118 -37.37 -96.59 -80.04
CA PHE OF 118 -37.20 -97.92 -80.63
C PHE OF 118 -37.21 -97.86 -82.15
N ASP OF 119 -37.47 -96.67 -82.70
CA ASP OF 119 -37.36 -96.50 -84.14
C ASP OF 119 -35.90 -96.56 -84.55
N SER OF 120 -35.67 -97.12 -85.74
CA SER OF 120 -34.31 -97.26 -86.25
C SER OF 120 -33.65 -95.93 -86.55
N ASP OF 121 -34.44 -94.91 -86.90
CA ASP OF 121 -33.86 -93.61 -87.26
C ASP OF 121 -33.13 -92.98 -86.09
N TYR OF 122 -33.61 -93.18 -84.87
CA TYR OF 122 -33.06 -92.53 -83.69
C TYR OF 122 -32.07 -93.41 -82.95
N SER OF 123 -31.71 -94.57 -83.51
CA SER OF 123 -30.73 -95.47 -82.89
C SER OF 123 -29.41 -94.75 -82.59
N ASP OF 124 -28.89 -94.02 -83.58
CA ASP OF 124 -27.61 -93.34 -83.41
C ASP OF 124 -27.73 -92.17 -82.44
N PHE OF 125 -28.88 -91.51 -82.42
CA PHE OF 125 -29.08 -90.40 -81.49
C PHE OF 125 -29.06 -90.89 -80.05
N TRP OF 126 -29.77 -91.97 -79.76
CA TRP OF 126 -29.80 -92.51 -78.41
C TRP OF 126 -28.47 -93.14 -78.02
N LYS OF 127 -27.75 -93.75 -78.96
CA LYS OF 127 -26.55 -94.51 -78.65
C LYS OF 127 -25.30 -93.65 -78.80
N ALA OF 128 -25.09 -93.02 -79.95
CA ALA OF 128 -23.88 -92.25 -80.21
C ALA OF 128 -24.06 -90.75 -80.02
N GLN OF 129 -25.25 -90.30 -79.64
CA GLN OF 129 -25.57 -88.88 -79.51
C GLN OF 129 -25.38 -88.16 -80.85
N ALA OF 130 -25.71 -88.85 -81.94
CA ALA OF 130 -25.59 -88.29 -83.28
C ALA OF 130 -26.81 -87.43 -83.56
N LEU OF 131 -26.72 -86.16 -83.15
CA LEU OF 131 -27.78 -85.20 -83.40
C LEU OF 131 -27.96 -85.00 -84.89
N ALA OF 132 -26.92 -84.51 -85.56
CA ALA OF 132 -26.94 -84.40 -87.02
C ALA OF 132 -26.47 -85.72 -87.62
N ALA PF 1 -86.61 29.92 -92.51
CA ALA PF 1 -88.02 29.90 -92.90
C ALA PF 1 -88.81 29.00 -91.96
N ILE PF 2 -88.20 28.68 -90.82
CA ILE PF 2 -88.92 28.08 -89.70
C ILE PF 2 -89.55 29.23 -88.92
N ALA PF 3 -90.75 29.63 -89.33
CA ALA PF 3 -91.41 30.78 -88.74
C ALA PF 3 -92.89 30.68 -89.01
N ASN PF 4 -93.36 31.36 -90.04
CA ASN PF 4 -94.73 31.12 -90.51
C ASN PF 4 -94.69 30.19 -91.71
N SER PF 5 -94.24 28.95 -91.48
CA SER PF 5 -94.21 27.92 -92.51
C SER PF 5 -95.59 27.32 -92.70
N SER PF 6 -95.67 26.16 -93.36
CA SER PF 6 -96.93 25.46 -93.48
C SER PF 6 -96.67 23.97 -93.58
N ILE PF 7 -97.49 23.18 -92.90
CA ILE PF 7 -97.38 21.74 -92.92
C ILE PF 7 -98.77 21.14 -92.90
N ALA PF 8 -99.03 20.19 -93.80
CA ALA PF 8 -100.32 19.51 -93.84
C ALA PF 8 -100.35 18.41 -92.79
N ILE PF 9 -101.40 18.39 -91.98
CA ILE PF 9 -101.53 17.41 -90.91
C ILE PF 9 -102.60 16.40 -91.28
N ASP PF 10 -102.28 15.12 -91.11
CA ASP PF 10 -103.13 14.01 -91.53
C ASP PF 10 -103.37 14.06 -93.04
N SER PF 11 -102.28 13.99 -93.79
CA SER PF 11 -102.31 14.02 -95.25
C SER PF 11 -101.51 12.85 -95.80
N THR PF 12 -101.82 12.49 -97.05
CA THR PF 12 -101.11 11.41 -97.73
C THR PF 12 -99.89 11.98 -98.43
N ALA PF 13 -98.77 11.26 -98.30
CA ALA PF 13 -97.52 11.64 -98.94
C ALA PF 13 -97.22 10.68 -100.08
N SER PF 14 -96.73 11.24 -101.19
CA SER PF 14 -96.49 10.46 -102.39
C SER PF 14 -95.12 10.83 -102.97
N VAL PF 15 -94.65 9.98 -103.86
CA VAL PF 15 -93.34 10.13 -104.48
C VAL PF 15 -93.49 9.91 -105.99
N THR PF 16 -92.93 10.81 -106.78
CA THR PF 16 -92.93 10.70 -108.24
C THR PF 16 -91.50 10.78 -108.76
N GLY PF 17 -91.26 10.08 -109.86
CA GLY PF 17 -89.95 10.13 -110.50
C GLY PF 17 -88.90 9.34 -109.75
N GLY PF 18 -87.65 9.72 -109.97
CA GLY PF 18 -86.53 9.01 -109.37
C GLY PF 18 -86.31 7.65 -110.00
N THR PF 19 -85.44 6.88 -109.35
CA THR PF 19 -85.08 5.53 -109.83
C THR PF 19 -85.33 4.56 -108.68
N ALA PF 20 -86.34 3.71 -108.84
CA ALA PF 20 -86.70 2.73 -107.82
C ALA PF 20 -85.55 1.76 -107.55
N ARG PF 21 -84.99 1.83 -106.36
CA ARG PF 21 -83.94 0.91 -105.93
C ARG PF 21 -84.56 -0.22 -105.12
N THR PF 22 -83.74 -1.02 -104.46
CA THR PF 22 -84.23 -2.13 -103.66
C THR PF 22 -83.38 -2.24 -102.41
N VAL PF 23 -84.03 -2.47 -101.27
CA VAL PF 23 -83.34 -2.57 -99.98
C VAL PF 23 -83.00 -4.04 -99.77
N LYS PF 24 -81.71 -4.37 -99.92
CA LYS PF 24 -81.26 -5.74 -99.76
C LYS PF 24 -80.83 -5.98 -98.32
N GLU PF 25 -81.35 -7.04 -97.71
CA GLU PF 25 -81.10 -7.33 -96.31
C GLU PF 25 -79.80 -8.11 -96.15
N LEU PF 26 -78.98 -7.69 -95.18
CA LEU PF 26 -77.65 -8.23 -95.03
C LEU PF 26 -77.60 -9.08 -93.77
N VAL PF 27 -77.86 -8.50 -92.61
CA VAL PF 27 -77.80 -9.20 -91.33
C VAL PF 27 -78.98 -8.75 -90.48
N ARG PF 28 -79.63 -9.70 -89.84
CA ARG PF 28 -80.81 -9.45 -89.01
C ARG PF 28 -80.58 -10.15 -87.68
N ASN PF 29 -80.06 -9.42 -86.71
CA ASN PF 29 -79.70 -10.00 -85.42
C ASN PF 29 -79.75 -8.92 -84.35
N ASN PF 30 -79.95 -9.36 -83.11
CA ASN PF 30 -79.82 -8.51 -81.92
C ASN PF 30 -80.72 -7.27 -82.01
N SER PF 31 -81.98 -7.48 -82.39
CA SER PF 31 -82.97 -6.41 -82.52
C SER PF 31 -82.56 -5.38 -83.56
N GLU PF 32 -81.67 -5.76 -84.46
CA GLU PF 32 -81.16 -4.90 -85.52
C GLU PF 32 -81.32 -5.58 -86.86
N LEU PF 33 -81.56 -4.79 -87.91
CA LEU PF 33 -81.61 -5.30 -89.28
C LEU PF 33 -80.70 -4.43 -90.13
N ASN PF 34 -79.48 -4.90 -90.36
CA ASN PF 34 -78.58 -4.24 -91.28
C ASN PF 34 -78.96 -4.57 -92.71
N ALA PF 35 -79.03 -3.54 -93.55
CA ALA PF 35 -79.40 -3.71 -94.95
C ALA PF 35 -78.64 -2.67 -95.77
N TYR PF 36 -78.87 -2.67 -97.07
CA TYR PF 36 -78.22 -1.70 -97.96
C TYR PF 36 -79.12 -1.47 -99.16
N ILE PF 37 -79.05 -0.25 -99.69
CA ILE PF 37 -79.77 0.10 -100.91
C ILE PF 37 -78.90 -0.28 -102.10
N ASP PF 38 -79.50 -0.95 -103.07
CA ASP PF 38 -78.76 -1.48 -104.22
C ASP PF 38 -78.94 -0.48 -105.37
N GLU PF 39 -77.88 0.28 -105.65
CA GLU PF 39 -77.85 1.19 -106.79
C GLU PF 39 -76.78 0.81 -107.81
N GLY PF 40 -76.22 -0.39 -107.72
CA GLY PF 40 -75.14 -0.80 -108.59
C GLY PF 40 -73.88 0.01 -108.33
N LEU PF 41 -73.55 0.19 -107.05
CA LEU PF 41 -72.37 0.94 -106.64
C LEU PF 41 -71.35 -0.02 -106.02
N SER PF 42 -70.19 0.51 -105.67
CA SER PF 42 -69.15 -0.28 -105.05
C SER PF 42 -69.44 -0.45 -103.57
N PHE PF 43 -68.76 -1.40 -102.93
CA PHE PF 43 -68.98 -1.67 -101.51
C PHE PF 43 -68.62 -0.49 -100.63
N GLN PF 44 -67.58 0.27 -100.97
CA GLN PF 44 -67.16 1.41 -100.19
C GLN PF 44 -68.08 2.61 -100.34
N ALA PF 45 -68.93 2.64 -101.37
CA ALA PF 45 -69.95 3.66 -101.51
C ALA PF 45 -71.28 2.95 -101.72
N ARG PF 46 -71.90 2.55 -100.63
CA ARG PF 46 -73.22 1.92 -100.64
C ARG PF 46 -74.22 2.88 -99.99
N LYS PF 47 -75.46 2.48 -99.71
CA LYS PF 47 -76.40 3.31 -98.99
C LYS PF 47 -76.96 2.51 -97.82
N GLU PF 48 -76.07 1.92 -97.02
CA GLU PF 48 -76.48 1.08 -95.90
C GLU PF 48 -77.48 1.79 -95.00
N VAL PF 49 -78.54 1.08 -94.63
CA VAL PF 49 -79.57 1.58 -93.72
C VAL PF 49 -79.82 0.52 -92.66
N ALA PF 50 -79.82 0.94 -91.40
CA ALA PF 50 -79.98 0.03 -90.26
C ALA PF 50 -81.29 0.28 -89.55
N PHE PF 51 -82.07 -0.79 -89.37
CA PHE PF 51 -83.35 -0.76 -88.68
C PHE PF 51 -83.19 -1.44 -87.33
N SER PF 52 -83.55 -0.74 -86.26
CA SER PF 52 -83.46 -1.28 -84.92
C SER PF 52 -84.77 -1.03 -84.18
N VAL PF 53 -85.08 -1.94 -83.26
CA VAL PF 53 -86.31 -1.89 -82.49
C VAL PF 53 -86.00 -2.08 -81.02
N LYS PF 54 -86.65 -1.26 -80.18
CA LYS PF 54 -86.49 -1.28 -78.73
C LYS PF 54 -87.88 -1.47 -78.10
N VAL PF 55 -88.19 -2.71 -77.72
CA VAL PF 55 -89.52 -3.08 -77.24
C VAL PF 55 -89.74 -2.55 -75.83
N PRO PF 56 -90.97 -2.19 -75.47
CA PRO PF 56 -91.21 -1.66 -74.12
C PRO PF 56 -91.09 -2.72 -73.05
N LYS PF 57 -90.72 -2.29 -71.85
CA LYS PF 57 -90.63 -3.15 -70.68
C LYS PF 57 -91.40 -2.53 -69.52
N VAL PF 58 -91.81 -3.39 -68.57
CA VAL PF 58 -92.59 -2.94 -67.43
C VAL PF 58 -91.75 -2.03 -66.56
N SER PF 59 -92.39 -0.99 -66.00
CA SER PF 59 -91.73 -0.04 -65.13
C SER PF 59 -92.67 0.31 -63.99
N VAL PF 60 -92.16 1.12 -63.06
CA VAL PF 60 -92.99 1.71 -62.01
C VAL PF 60 -93.21 3.20 -62.22
N SER PF 61 -92.21 3.91 -62.74
CA SER PF 61 -92.34 5.24 -63.30
C SER PF 61 -92.90 5.10 -64.71
N ALA PF 62 -92.71 6.15 -65.54
CA ALA PF 62 -93.22 6.10 -66.92
C ALA PF 62 -94.75 6.05 -66.89
N PRO PF 63 -95.40 7.20 -66.74
CA PRO PF 63 -96.78 7.24 -66.24
C PRO PF 63 -97.76 6.51 -67.14
N GLY PF 64 -97.89 5.21 -66.88
CA GLY PF 64 -98.58 4.29 -67.76
C GLY PF 64 -97.97 2.91 -67.66
N GLY PF 65 -96.86 2.81 -66.95
CA GLY PF 65 -96.35 1.52 -66.54
C GLY PF 65 -95.22 0.98 -67.37
N PHE PF 66 -95.14 1.37 -68.63
CA PHE PF 66 -94.14 0.84 -69.54
C PHE PF 66 -93.27 1.96 -70.11
N THR PF 67 -92.04 1.60 -70.44
CA THR PF 67 -91.19 2.48 -71.21
C THR PF 67 -91.72 2.59 -72.64
N GLN PF 68 -91.19 3.55 -73.39
CA GLN PF 68 -91.69 3.79 -74.73
C GLN PF 68 -91.11 2.78 -75.72
N ALA PF 69 -91.83 2.57 -76.81
CA ALA PF 69 -91.38 1.67 -77.88
C ALA PF 69 -90.63 2.50 -78.92
N ARG PF 70 -89.31 2.30 -78.98
CA ARG PF 70 -88.47 3.07 -79.88
C ARG PF 70 -88.16 2.29 -81.14
N SER PF 71 -88.27 2.95 -82.29
CA SER PF 71 -87.93 2.38 -83.59
C SER PF 71 -86.97 3.37 -84.26
N THR PF 72 -85.77 2.90 -84.57
CA THR PF 72 -84.74 3.77 -85.10
C THR PF 72 -84.27 3.31 -86.47
N VAL PF 73 -84.17 4.26 -87.39
CA VAL PF 73 -83.63 4.01 -88.72
C VAL PF 73 -82.46 4.94 -88.97
N ILE PF 74 -81.29 4.39 -89.25
CA ILE PF 74 -80.13 5.19 -89.62
C ILE PF 74 -79.75 4.88 -91.06
N LEU PF 75 -79.71 5.90 -91.89
CA LEU PF 75 -79.30 5.79 -93.29
C LEU PF 75 -77.90 6.36 -93.42
N LYS PF 76 -76.96 5.54 -93.86
CA LYS PF 76 -75.57 5.96 -94.01
C LYS PF 76 -75.27 6.27 -95.48
N SER PF 77 -74.56 7.37 -95.70
CA SER PF 77 -74.22 7.82 -97.05
C SER PF 77 -72.74 8.13 -97.12
N PRO PF 78 -71.92 7.20 -97.62
CA PRO PF 78 -70.48 7.48 -97.80
C PRO PF 78 -70.22 8.60 -98.79
N LYS PF 79 -69.44 9.59 -98.36
CA LYS PF 79 -69.02 10.68 -99.22
C LYS PF 79 -67.50 10.67 -99.34
N THR PF 80 -67.00 10.95 -100.54
CA THR PF 80 -65.57 11.01 -100.81
C THR PF 80 -65.17 12.48 -100.93
N LEU PF 81 -64.15 12.87 -100.17
CA LEU PF 81 -63.76 14.26 -100.04
C LEU PF 81 -62.75 14.64 -101.13
N ALA PF 82 -62.39 15.93 -101.15
CA ALA PF 82 -61.42 16.40 -102.13
C ALA PF 82 -60.06 15.76 -101.93
N ASN PF 83 -59.62 15.65 -100.67
CA ASN PF 83 -58.35 15.00 -100.39
C ASN PF 83 -58.40 13.52 -100.75
N GLY PF 84 -59.53 12.87 -100.47
CA GLY PF 84 -59.68 11.47 -100.82
C GLY PF 84 -60.04 10.59 -99.66
N ASN PF 85 -60.10 11.17 -98.46
CA ASN PF 85 -60.57 10.44 -97.30
C ASN PF 85 -62.07 10.17 -97.41
N ARG PF 86 -62.50 9.10 -96.74
CA ARG PF 86 -63.89 8.67 -96.80
C ARG PF 86 -64.61 9.04 -95.52
N THR PF 87 -65.75 9.72 -95.66
CA THR PF 87 -66.61 10.05 -94.55
C THR PF 87 -68.02 9.55 -94.86
N VAL PF 88 -68.75 9.22 -93.80
CA VAL PF 88 -70.12 8.75 -93.91
C VAL PF 88 -71.05 9.83 -93.38
N ASN PF 89 -72.05 10.21 -94.17
CA ASN PF 89 -73.08 11.17 -93.77
C ASN PF 89 -74.33 10.38 -93.43
N THR PF 90 -74.86 10.60 -92.23
CA THR PF 90 -75.96 9.80 -91.71
C THR PF 90 -77.21 10.63 -91.50
N VAL PF 91 -78.36 9.96 -91.59
CA VAL PF 91 -79.63 10.51 -91.15
C VAL PF 91 -80.27 9.54 -90.17
N SER PF 92 -80.55 9.98 -88.95
CA SER PF 92 -81.19 9.14 -87.97
C SER PF 92 -82.64 9.56 -87.79
N ILE PF 93 -83.52 8.56 -87.69
CA ILE PF 93 -84.95 8.79 -87.47
C ILE PF 93 -85.36 7.88 -86.32
N GLN PF 94 -85.65 8.47 -85.17
CA GLN PF 94 -86.05 7.72 -83.98
C GLN PF 94 -87.47 8.10 -83.60
N LEU PF 95 -88.35 7.11 -83.50
CA LEU PF 95 -89.73 7.30 -83.08
C LEU PF 95 -89.92 6.62 -81.73
N SER PF 96 -90.34 7.39 -80.73
CA SER PF 96 -90.64 6.88 -79.41
C SER PF 96 -92.09 7.17 -79.10
N VAL PF 97 -92.89 6.12 -78.93
CA VAL PF 97 -94.31 6.26 -78.60
C VAL PF 97 -94.61 5.43 -77.36
N ASP PF 98 -95.53 5.95 -76.55
CA ASP PF 98 -96.10 5.16 -75.48
C ASP PF 98 -96.89 4.00 -76.08
N PRO PF 99 -96.82 2.81 -75.48
CA PRO PF 99 -97.50 1.65 -76.08
C PRO PF 99 -99.01 1.81 -76.19
N GLU PF 100 -99.62 2.74 -75.45
CA GLU PF 100 -101.05 2.99 -75.59
C GLU PF 100 -101.39 3.75 -76.87
N THR PF 101 -100.39 4.24 -77.60
CA THR PF 101 -100.63 5.09 -78.76
C THR PF 101 -101.26 4.30 -79.90
N THR PF 102 -102.32 4.86 -80.47
CA THR PF 102 -103.04 4.22 -81.55
C THR PF 102 -102.24 4.28 -82.85
N ALA PF 103 -102.68 3.52 -83.84
CA ALA PF 103 -101.98 3.50 -85.12
C ALA PF 103 -102.24 4.77 -85.92
N ALA PF 104 -103.40 5.40 -85.72
CA ALA PF 104 -103.67 6.67 -86.39
C ALA PF 104 -102.88 7.81 -85.78
N GLU PF 105 -102.58 7.73 -84.48
CA GLU PF 105 -101.74 8.74 -83.85
C GLU PF 105 -100.30 8.64 -84.32
N VAL PF 106 -99.80 7.41 -84.52
CA VAL PF 106 -98.46 7.23 -85.05
C VAL PF 106 -98.39 7.65 -86.51
N THR PF 107 -99.43 7.36 -87.28
CA THR PF 107 -99.47 7.77 -88.68
C THR PF 107 -99.40 9.28 -88.80
N THR PF 108 -100.09 10.01 -87.92
CA THR PF 108 -100.03 11.46 -87.95
C THR PF 108 -98.61 11.96 -87.69
N MET PF 109 -97.93 11.37 -86.71
CA MET PF 109 -96.54 11.75 -86.45
C MET PF 109 -95.65 11.44 -87.64
N LEU PF 110 -95.82 10.26 -88.24
CA LEU PF 110 -94.95 9.85 -89.34
C LEU PF 110 -95.10 10.78 -90.54
N ASN PF 111 -96.34 11.16 -90.86
CA ASN PF 111 -96.55 12.02 -92.02
C ASN PF 111 -96.08 13.44 -91.75
N ALA PF 112 -96.35 13.98 -90.57
CA ALA PF 112 -95.92 15.34 -90.24
C ALA PF 112 -94.40 15.43 -90.16
N ALA PF 113 -93.75 14.37 -89.71
CA ALA PF 113 -92.29 14.37 -89.66
C ALA PF 113 -91.68 14.20 -91.04
N ALA PF 114 -92.40 13.57 -91.96
CA ALA PF 114 -91.89 13.41 -93.32
C ALA PF 114 -91.78 14.75 -94.03
N GLN PF 115 -92.81 15.59 -93.90
CA GLN PF 115 -92.75 16.93 -94.46
C GLN PF 115 -91.75 17.82 -93.75
N LEU PF 116 -91.34 17.47 -92.54
CA LEU PF 116 -90.35 18.28 -91.82
C LEU PF 116 -88.99 18.22 -92.51
N LEU PF 117 -88.72 17.15 -93.27
CA LEU PF 117 -87.44 17.02 -93.95
C LEU PF 117 -87.59 16.92 -95.47
N PHE PF 118 -88.75 17.28 -96.02
CA PHE PF 118 -88.82 17.49 -97.46
C PHE PF 118 -89.57 18.74 -97.89
N ASP PF 119 -90.29 19.43 -97.01
CA ASP PF 119 -90.93 20.69 -97.37
C ASP PF 119 -89.88 21.76 -97.63
N SER PF 120 -90.18 22.65 -98.58
CA SER PF 120 -89.19 23.62 -99.04
C SER PF 120 -88.84 24.63 -97.95
N ASP PF 121 -89.77 24.92 -97.05
CA ASP PF 121 -89.54 25.89 -96.00
C ASP PF 121 -88.41 25.47 -95.06
N TYR PF 122 -88.07 24.19 -95.04
CA TYR PF 122 -87.03 23.72 -94.15
C TYR PF 122 -85.74 23.41 -94.90
N SER PF 123 -85.67 23.81 -96.17
CA SER PF 123 -84.49 23.52 -96.97
C SER PF 123 -83.24 24.17 -96.40
N ASP PF 124 -83.34 25.44 -95.98
CA ASP PF 124 -82.17 26.13 -95.47
C ASP PF 124 -81.78 25.67 -94.07
N PHE PF 125 -82.72 25.15 -93.29
CA PHE PF 125 -82.36 24.57 -92.02
C PHE PF 125 -81.52 23.31 -92.17
N TRP PF 126 -81.86 22.44 -93.12
CA TRP PF 126 -81.11 21.21 -93.33
C TRP PF 126 -79.80 21.44 -94.07
N LYS PF 127 -79.81 22.32 -95.09
CA LYS PF 127 -78.63 22.57 -95.89
C LYS PF 127 -77.80 23.74 -95.37
N ALA PF 128 -78.40 24.92 -95.28
CA ALA PF 128 -77.69 26.10 -94.82
C ALA PF 128 -77.55 26.16 -93.30
N GLN PF 129 -78.23 25.27 -92.57
CA GLN PF 129 -78.19 25.25 -91.10
C GLN PF 129 -78.71 26.56 -90.53
N ALA PF 130 -79.77 27.09 -91.15
CA ALA PF 130 -80.30 28.40 -90.85
C ALA PF 130 -81.60 28.27 -90.05
N LEU PF 131 -81.56 28.75 -88.80
CA LEU PF 131 -82.72 28.64 -87.92
C LEU PF 131 -83.85 29.57 -88.32
N ALA PF 132 -83.53 30.69 -88.95
CA ALA PF 132 -84.56 31.61 -89.42
C ALA PF 132 -84.20 32.21 -90.77
N ALA QF 1 -91.88 -6.02 -95.96
CA ALA QF 1 -91.43 -4.89 -95.16
C ALA QF 1 -89.97 -4.58 -95.43
N ILE QF 2 -89.17 -4.52 -94.36
CA ILE QF 2 -87.74 -4.33 -94.52
C ILE QF 2 -87.12 -5.66 -94.95
N ALA QF 3 -86.90 -5.81 -96.25
CA ALA QF 3 -86.44 -7.09 -96.81
C ALA QF 3 -86.25 -6.96 -98.31
N ASN QF 4 -87.29 -6.54 -99.03
CA ASN QF 4 -87.25 -6.38 -100.47
C ASN QF 4 -87.91 -5.07 -100.89
N SER QF 5 -88.02 -4.12 -99.97
CA SER QF 5 -88.73 -2.89 -100.25
C SER QF 5 -87.98 -2.03 -101.26
N SER QF 6 -88.72 -1.22 -101.99
CA SER QF 6 -88.18 -0.34 -103.02
C SER QF 6 -88.29 1.10 -102.53
N ILE QF 7 -87.22 1.87 -102.74
CA ILE QF 7 -87.19 3.29 -102.42
C ILE QF 7 -86.72 4.06 -103.64
N ALA QF 8 -87.46 5.10 -104.01
CA ALA QF 8 -87.18 5.87 -105.23
C ALA QF 8 -86.12 6.93 -104.93
N ILE QF 9 -84.87 6.64 -105.26
CA ILE QF 9 -83.77 7.56 -105.01
C ILE QF 9 -83.86 8.74 -105.96
N ASP QF 10 -83.63 9.94 -105.42
CA ASP QF 10 -83.62 11.19 -106.19
C ASP QF 10 -84.97 11.41 -106.89
N SER QF 11 -86.04 11.26 -106.13
CA SER QF 11 -87.39 11.51 -106.60
C SER QF 11 -87.93 12.78 -105.95
N THR QF 12 -89.18 13.11 -106.29
CA THR QF 12 -89.86 14.27 -105.72
C THR QF 12 -90.99 13.81 -104.84
N ALA QF 13 -90.98 14.25 -103.58
CA ALA QF 13 -92.00 13.88 -102.62
C ALA QF 13 -92.97 15.04 -102.42
N SER QF 14 -94.27 14.73 -102.47
CA SER QF 14 -95.31 15.73 -102.31
C SER QF 14 -96.33 15.24 -101.29
N VAL QF 15 -97.36 16.05 -101.07
CA VAL QF 15 -98.39 15.77 -100.07
C VAL QF 15 -99.73 16.26 -100.61
N THR QF 16 -100.78 15.47 -100.40
CA THR QF 16 -102.13 15.83 -100.82
C THR QF 16 -103.08 15.63 -99.65
N GLY QF 17 -104.17 16.39 -99.65
CA GLY QF 17 -105.12 16.32 -98.57
C GLY QF 17 -104.60 16.98 -97.30
N GLY QF 18 -105.30 16.71 -96.21
CA GLY QF 18 -104.88 17.21 -94.91
C GLY QF 18 -105.30 18.64 -94.66
N THR QF 19 -104.93 19.13 -93.47
CA THR QF 19 -105.15 20.51 -93.07
C THR QF 19 -103.80 21.22 -92.96
N ALA QF 20 -103.73 22.41 -93.54
CA ALA QF 20 -102.50 23.18 -93.61
C ALA QF 20 -102.39 24.03 -92.34
N ARG QF 21 -101.54 23.58 -91.42
CA ARG QF 21 -101.27 24.35 -90.22
C ARG QF 21 -100.03 25.21 -90.40
N THR QF 22 -99.91 26.23 -89.56
CA THR QF 22 -98.94 27.31 -89.83
C THR QF 22 -97.57 27.04 -89.20
N VAL QF 23 -97.54 26.48 -87.99
CA VAL QF 23 -96.33 26.37 -87.19
C VAL QF 23 -95.92 27.77 -86.75
N LYS QF 24 -95.80 27.99 -85.45
CA LYS QF 24 -95.52 29.32 -84.89
C LYS QF 24 -94.37 29.22 -83.92
N GLU QF 25 -93.47 30.19 -83.96
CA GLU QF 25 -92.30 30.20 -83.10
C GLU QF 25 -92.70 30.47 -81.65
N LEU QF 26 -92.18 29.68 -80.73
CA LEU QF 26 -92.38 29.94 -79.30
C LEU QF 26 -91.21 30.70 -78.69
N VAL QF 27 -90.03 30.08 -78.69
CA VAL QF 27 -88.88 30.56 -77.94
C VAL QF 27 -87.62 30.22 -78.73
N ARG QF 28 -86.64 31.12 -78.65
CA ARG QF 28 -85.40 30.96 -79.37
C ARG QF 28 -84.28 30.82 -78.35
N ASN QF 29 -83.03 30.88 -78.83
CA ASN QF 29 -81.82 30.78 -78.02
C ASN QF 29 -81.50 29.36 -77.60
N ASN QF 30 -80.26 28.94 -77.82
CA ASN QF 30 -79.36 29.64 -78.73
C ASN QF 30 -78.79 28.56 -79.64
N SER QF 31 -78.88 28.79 -80.94
CA SER QF 31 -78.68 27.74 -81.94
C SER QF 31 -79.70 26.61 -81.73
N GLU QF 32 -80.90 27.00 -81.30
CA GLU QF 32 -82.03 26.08 -81.16
C GLU QF 32 -83.35 26.84 -81.16
N LEU QF 33 -84.16 26.59 -82.18
CA LEU QF 33 -85.49 27.19 -82.25
C LEU QF 33 -86.53 26.26 -81.60
N ASN QF 34 -87.61 26.87 -81.12
CA ASN QF 34 -88.74 26.12 -80.58
C ASN QF 34 -90.02 26.69 -81.16
N ALA QF 35 -90.84 25.82 -81.75
CA ALA QF 35 -92.06 26.24 -82.42
C ALA QF 35 -93.19 25.32 -81.98
N TYR QF 36 -94.37 25.52 -82.54
CA TYR QF 36 -95.49 24.63 -82.29
C TYR QF 36 -96.43 24.71 -83.48
N ILE QF 37 -97.05 23.58 -83.80
CA ILE QF 37 -98.01 23.51 -84.91
C ILE QF 37 -99.37 23.93 -84.38
N ASP QF 38 -99.92 25.01 -84.92
CA ASP QF 38 -101.17 25.58 -84.43
C ASP QF 38 -102.35 24.92 -85.15
N GLU QF 39 -103.05 24.03 -84.44
CA GLU QF 39 -104.25 23.39 -84.96
C GLU QF 39 -105.46 23.77 -84.13
N GLY QF 40 -105.37 24.89 -83.40
CA GLY QF 40 -106.45 25.28 -82.50
C GLY QF 40 -106.67 24.32 -81.36
N LEU QF 41 -105.59 23.81 -80.76
CA LEU QF 41 -105.67 22.91 -79.63
C LEU QF 41 -105.21 23.63 -78.36
N SER QF 42 -105.38 22.97 -77.23
CA SER QF 42 -105.04 23.57 -75.95
C SER QF 42 -103.52 23.59 -75.75
N PHE QF 43 -103.11 24.21 -74.65
CA PHE QF 43 -101.68 24.38 -74.37
C PHE QF 43 -100.99 23.06 -74.07
N GLN QF 44 -101.68 22.13 -73.42
CA GLN QF 44 -101.08 20.84 -73.09
C GLN QF 44 -101.20 19.82 -74.21
N ALA QF 45 -101.93 20.14 -75.29
CA ALA QF 45 -102.21 19.18 -76.35
C ALA QF 45 -101.69 19.65 -77.70
N ARG QF 46 -100.76 20.61 -77.71
CA ARG QF 46 -100.23 21.13 -78.96
C ARG QF 46 -98.99 20.37 -79.38
N LYS QF 47 -98.72 20.38 -80.68
CA LYS QF 47 -97.65 19.59 -81.29
C LYS QF 47 -96.26 19.94 -80.77
N GLU QF 48 -95.84 21.20 -80.95
CA GLU QF 48 -94.58 21.69 -80.39
C GLU QF 48 -93.36 20.97 -80.96
N VAL QF 49 -93.01 21.28 -82.21
CA VAL QF 49 -91.79 20.79 -82.85
C VAL QF 49 -90.61 21.69 -82.46
N ALA QF 50 -89.46 21.08 -82.18
CA ALA QF 50 -88.25 21.82 -81.84
C ALA QF 50 -87.17 21.64 -82.89
N PHE QF 51 -86.32 22.66 -83.02
CA PHE QF 51 -85.25 22.70 -84.02
C PHE QF 51 -83.93 22.98 -83.33
N SER QF 52 -82.93 22.13 -83.56
CA SER QF 52 -81.61 22.30 -82.99
C SER QF 52 -80.57 22.34 -84.10
N VAL QF 53 -79.40 22.89 -83.78
CA VAL QF 53 -78.34 23.06 -84.78
C VAL QF 53 -76.98 22.98 -84.11
N LYS QF 54 -76.05 22.27 -84.74
CA LYS QF 54 -74.67 22.16 -84.29
C LYS QF 54 -73.78 22.55 -85.45
N VAL QF 55 -73.13 23.70 -85.35
CA VAL QF 55 -72.35 24.23 -86.47
C VAL QF 55 -71.10 23.39 -86.66
N PRO QF 56 -70.53 23.32 -87.87
CA PRO QF 56 -69.29 22.56 -88.06
C PRO QF 56 -68.14 23.20 -87.30
N LYS QF 57 -67.51 22.40 -86.45
CA LYS QF 57 -66.40 22.86 -85.63
C LYS QF 57 -65.10 22.35 -86.23
N VAL QF 58 -64.13 23.25 -86.42
CA VAL QF 58 -62.88 22.90 -87.08
C VAL QF 58 -62.04 22.06 -86.13
N SER QF 59 -61.99 20.75 -86.39
CA SER QF 59 -61.13 19.84 -85.65
C SER QF 59 -59.81 19.68 -86.38
N VAL QF 60 -59.03 18.67 -85.99
CA VAL QF 60 -57.75 18.40 -86.66
C VAL QF 60 -57.76 16.99 -87.23
N SER QF 61 -58.12 16.01 -86.40
CA SER QF 61 -58.07 14.61 -86.80
C SER QF 61 -59.45 14.14 -87.25
N ALA QF 62 -59.90 14.74 -88.36
CA ALA QF 62 -61.18 14.37 -88.95
C ALA QF 62 -61.09 14.42 -90.46
N PRO QF 63 -61.90 13.65 -91.17
CA PRO QF 63 -61.97 13.80 -92.63
C PRO QF 63 -62.37 15.23 -93.00
N GLY QF 64 -61.66 15.79 -93.97
CA GLY QF 64 -61.95 17.13 -94.42
C GLY QF 64 -61.34 18.20 -93.53
N GLY QF 65 -61.27 17.92 -92.23
CA GLY QF 65 -60.67 18.83 -91.28
C GLY QF 65 -61.60 19.24 -90.15
N PHE QF 66 -62.87 19.49 -90.46
CA PHE QF 66 -63.81 19.96 -89.45
C PHE QF 66 -64.67 18.80 -88.95
N THR QF 67 -65.38 19.04 -87.85
CA THR QF 67 -66.42 18.13 -87.43
C THR QF 67 -67.67 18.34 -88.29
N GLN QF 68 -68.66 17.48 -88.09
CA GLN QF 68 -69.81 17.44 -88.98
C GLN QF 68 -70.84 18.50 -88.62
N ALA QF 69 -71.61 18.89 -89.63
CA ALA QF 69 -72.71 19.85 -89.47
C ALA QF 69 -73.95 19.07 -89.03
N ARG QF 70 -74.22 19.11 -87.72
CA ARG QF 70 -75.36 18.38 -87.17
C ARG QF 70 -76.59 19.28 -87.13
N SER QF 71 -77.74 18.69 -87.47
CA SER QF 71 -79.00 19.44 -87.53
C SER QF 71 -80.11 18.51 -87.06
N THR QF 72 -80.73 18.85 -85.94
CA THR QF 72 -81.71 17.98 -85.30
C THR QF 72 -83.08 18.63 -85.28
N VAL QF 73 -84.11 17.81 -85.50
CA VAL QF 73 -85.51 18.21 -85.36
C VAL QF 73 -86.17 17.17 -84.47
N ILE QF 74 -86.93 17.62 -83.48
CA ILE QF 74 -87.75 16.75 -82.65
C ILE QF 74 -89.18 17.25 -82.70
N LEU QF 75 -90.09 16.42 -83.18
CA LEU QF 75 -91.51 16.69 -83.13
C LEU QF 75 -92.07 15.99 -81.90
N LYS QF 76 -92.71 16.76 -81.02
CA LYS QF 76 -93.36 16.19 -79.85
C LYS QF 76 -94.85 16.03 -80.14
N SER QF 77 -95.51 15.19 -79.35
CA SER QF 77 -96.91 14.87 -79.58
C SER QF 77 -97.55 14.46 -78.26
N PRO QF 78 -98.37 15.32 -77.67
CA PRO QF 78 -99.01 14.97 -76.40
C PRO QF 78 -99.97 13.80 -76.57
N LYS QF 79 -100.12 13.04 -75.49
CA LYS QF 79 -101.12 11.97 -75.44
C LYS QF 79 -101.47 11.72 -73.99
N THR QF 80 -102.76 11.55 -73.72
CA THR QF 80 -103.24 11.22 -72.38
C THR QF 80 -103.59 9.74 -72.32
N LEU QF 81 -103.30 9.10 -71.19
CA LEU QF 81 -103.40 7.66 -71.07
C LEU QF 81 -104.72 7.25 -70.42
N ALA QF 82 -104.88 5.94 -70.24
CA ALA QF 82 -106.09 5.37 -69.67
C ALA QF 82 -106.18 5.58 -68.16
N ASN QF 83 -105.09 6.00 -67.51
CA ASN QF 83 -105.11 6.34 -66.10
C ASN QF 83 -105.22 7.84 -65.86
N GLY QF 84 -105.32 8.64 -66.93
CA GLY QF 84 -105.38 10.07 -66.82
C GLY QF 84 -104.03 10.76 -66.84
N ASN QF 85 -102.94 10.01 -66.77
CA ASN QF 85 -101.61 10.60 -66.80
C ASN QF 85 -101.27 11.10 -68.20
N ARG QF 86 -100.36 12.07 -68.25
CA ARG QF 86 -99.95 12.74 -69.49
C ARG QF 86 -98.56 12.26 -69.86
N THR QF 87 -98.37 11.91 -71.13
CA THR QF 87 -97.07 11.55 -71.67
C THR QF 87 -96.86 12.22 -73.03
N VAL QF 88 -95.65 12.07 -73.58
CA VAL QF 88 -95.28 12.69 -74.84
C VAL QF 88 -94.68 11.62 -75.76
N ASN QF 89 -95.11 11.63 -77.02
CA ASN QF 89 -94.49 10.82 -78.06
C ASN QF 89 -93.62 11.73 -78.91
N THR QF 90 -92.46 11.23 -79.33
CA THR QF 90 -91.51 12.05 -80.05
C THR QF 90 -91.09 11.39 -81.36
N VAL QF 91 -90.76 12.24 -82.33
CA VAL QF 91 -90.05 11.82 -83.53
C VAL QF 91 -88.78 12.66 -83.63
N SER QF 92 -87.63 12.01 -83.56
CA SER QF 92 -86.36 12.74 -83.60
C SER QF 92 -85.65 12.46 -84.92
N ILE QF 93 -85.29 13.52 -85.63
CA ILE QF 93 -84.59 13.43 -86.91
C ILE QF 93 -83.30 14.21 -86.78
N GLN QF 94 -82.17 13.54 -86.96
CA GLN QF 94 -80.86 14.17 -86.95
C GLN QF 94 -80.18 13.97 -88.29
N LEU QF 95 -79.74 15.06 -88.89
CA LEU QF 95 -78.99 15.04 -90.15
C LEU QF 95 -77.56 15.43 -89.82
N SER QF 96 -76.62 14.58 -90.21
CA SER QF 96 -75.21 14.79 -89.90
C SER QF 96 -74.41 14.62 -91.19
N VAL QF 97 -74.06 15.73 -91.81
CA VAL QF 97 -73.27 15.72 -93.03
C VAL QF 97 -71.94 16.43 -92.76
N ASP QF 98 -70.94 16.11 -93.59
CA ASP QF 98 -69.70 16.86 -93.60
C ASP QF 98 -69.91 18.19 -94.30
N PRO QF 99 -69.18 19.23 -93.89
CA PRO QF 99 -69.37 20.55 -94.50
C PRO QF 99 -69.13 20.56 -96.01
N GLU QF 100 -68.30 19.67 -96.53
CA GLU QF 100 -68.00 19.59 -97.95
C GLU QF 100 -69.17 19.06 -98.77
N THR QF 101 -70.22 18.55 -98.12
CA THR QF 101 -71.37 18.02 -98.83
C THR QF 101 -72.12 19.13 -99.55
N THR QF 102 -72.53 18.85 -100.78
CA THR QF 102 -73.31 19.79 -101.57
C THR QF 102 -74.78 19.70 -101.20
N ALA QF 103 -75.53 20.73 -101.60
CA ALA QF 103 -76.97 20.76 -101.31
C ALA QF 103 -77.69 19.61 -102.00
N ALA QF 104 -77.21 19.21 -103.17
CA ALA QF 104 -77.88 18.15 -103.93
C ALA QF 104 -77.72 16.78 -103.27
N GLU QF 105 -76.58 16.51 -102.64
CA GLU QF 105 -76.43 15.26 -101.91
C GLU QF 105 -77.27 15.25 -100.64
N VAL QF 106 -77.44 16.41 -100.01
CA VAL QF 106 -78.31 16.49 -98.84
C VAL QF 106 -79.76 16.29 -99.24
N THR QF 107 -80.13 16.78 -100.41
CA THR QF 107 -81.49 16.64 -100.94
C THR QF 107 -81.82 15.18 -101.16
N THR QF 108 -80.86 14.40 -101.64
CA THR QF 108 -81.08 12.97 -101.85
C THR QF 108 -81.29 12.25 -100.53
N MET QF 109 -80.48 12.59 -99.52
CA MET QF 109 -80.56 11.92 -98.22
C MET QF 109 -81.91 12.18 -97.56
N LEU QF 110 -82.38 13.42 -97.61
CA LEU QF 110 -83.66 13.75 -96.98
C LEU QF 110 -84.81 13.03 -97.67
N ASN QF 111 -84.77 12.94 -99.00
CA ASN QF 111 -85.82 12.25 -99.72
C ASN QF 111 -85.80 10.75 -99.41
N ALA QF 112 -84.62 10.16 -99.35
CA ALA QF 112 -84.52 8.75 -98.98
C ALA QF 112 -84.98 8.53 -97.55
N ALA QF 113 -84.60 9.42 -96.64
CA ALA QF 113 -85.00 9.29 -95.25
C ALA QF 113 -86.49 9.56 -95.07
N ALA QF 114 -87.03 10.54 -95.80
CA ALA QF 114 -88.46 10.81 -95.71
C ALA QF 114 -89.28 9.63 -96.21
N GLN QF 115 -88.76 8.92 -97.21
CA GLN QF 115 -89.47 7.76 -97.75
C GLN QF 115 -89.64 6.68 -96.69
N LEU QF 116 -88.61 6.45 -95.88
CA LEU QF 116 -88.73 5.48 -94.77
C LEU QF 116 -89.37 6.18 -93.58
N LEU QF 117 -90.45 6.91 -93.86
CA LEU QF 117 -91.29 7.46 -92.81
C LEU QF 117 -92.75 7.26 -93.19
N PHE QF 118 -93.03 7.24 -94.49
CA PHE QF 118 -94.39 7.16 -94.97
C PHE QF 118 -94.62 6.08 -96.02
N ASP QF 119 -93.57 5.44 -96.53
CA ASP QF 119 -93.75 4.36 -97.48
C ASP QF 119 -94.49 3.20 -96.84
N SER QF 120 -95.48 2.65 -97.56
CA SER QF 120 -96.35 1.63 -96.99
C SER QF 120 -95.60 0.38 -96.60
N ASP QF 121 -94.43 0.16 -97.20
CA ASP QF 121 -93.62 -1.01 -96.89
C ASP QF 121 -93.16 -0.99 -95.44
N TYR QF 122 -92.76 0.18 -94.96
CA TYR QF 122 -92.35 0.30 -93.57
C TYR QF 122 -93.50 0.82 -92.70
N SER QF 123 -94.58 0.06 -92.59
CA SER QF 123 -95.67 0.44 -91.71
C SER QF 123 -95.67 -0.45 -90.48
N ASP QF 124 -95.50 -1.76 -90.69
CA ASP QF 124 -95.40 -2.69 -89.57
C ASP QF 124 -94.19 -2.39 -88.70
N PHE QF 125 -93.15 -1.78 -89.27
CA PHE QF 125 -91.96 -1.45 -88.51
C PHE QF 125 -92.18 -0.30 -87.52
N TRP QF 126 -92.98 0.71 -87.90
CA TRP QF 126 -93.21 1.83 -87.01
C TRP QF 126 -94.34 1.55 -86.03
N LYS QF 127 -95.47 1.03 -86.53
CA LYS QF 127 -96.64 0.85 -85.68
C LYS QF 127 -96.59 -0.50 -84.97
N ALA QF 128 -96.51 -1.60 -85.72
CA ALA QF 128 -96.43 -2.91 -85.10
C ALA QF 128 -95.04 -3.18 -84.52
N GLN QF 129 -94.07 -2.31 -84.80
CA GLN QF 129 -92.69 -2.48 -84.36
C GLN QF 129 -92.14 -3.83 -84.81
N ALA QF 130 -92.49 -4.22 -86.03
CA ALA QF 130 -92.13 -5.52 -86.60
C ALA QF 130 -90.92 -5.36 -87.52
N LEU QF 131 -89.77 -5.82 -87.04
CA LEU QF 131 -88.54 -5.79 -87.84
C LEU QF 131 -88.63 -6.75 -89.01
N ALA QF 132 -89.62 -7.64 -88.98
CA ALA QF 132 -89.66 -8.76 -89.90
C ALA QF 132 -91.01 -8.90 -90.61
N ALA RF 1 -56.48 -37.57 -113.30
CA ALA RF 1 -56.07 -37.19 -111.95
C ALA RF 1 -55.74 -35.70 -111.88
N ILE RF 2 -55.07 -35.30 -110.81
CA ILE RF 2 -54.79 -33.88 -110.58
C ILE RF 2 -53.89 -33.33 -111.68
N ALA RF 3 -52.84 -34.07 -112.03
CA ALA RF 3 -51.94 -33.62 -113.08
C ALA RF 3 -52.64 -33.63 -114.43
N ASN RF 4 -52.54 -32.52 -115.16
CA ASN RF 4 -53.15 -32.35 -116.49
C ASN RF 4 -54.67 -32.49 -116.43
N SER RF 5 -55.25 -32.13 -115.29
CA SER RF 5 -56.69 -32.06 -115.15
C SER RF 5 -57.20 -30.79 -115.80
N SER RF 6 -58.36 -30.87 -116.46
CA SER RF 6 -58.91 -29.73 -117.17
C SER RF 6 -60.10 -29.15 -116.42
N ILE RF 7 -60.09 -27.83 -116.26
CA ILE RF 7 -61.18 -27.08 -115.62
C ILE RF 7 -61.69 -26.06 -116.62
N ALA RF 8 -63.01 -26.01 -116.81
CA ALA RF 8 -63.62 -25.08 -117.75
C ALA RF 8 -63.91 -23.77 -117.03
N ILE RF 9 -63.11 -22.75 -117.30
CA ILE RF 9 -63.23 -21.46 -116.62
C ILE RF 9 -64.39 -20.67 -117.21
N ASP RF 10 -65.12 -19.96 -116.36
CA ASP RF 10 -66.28 -19.15 -116.74
C ASP RF 10 -67.33 -20.02 -117.43
N SER RF 11 -67.84 -20.97 -116.66
CA SER RF 11 -68.74 -21.98 -117.18
C SER RF 11 -69.98 -22.04 -116.31
N THR RF 12 -71.10 -22.41 -116.93
CA THR RF 12 -72.33 -22.59 -116.18
C THR RF 12 -72.38 -24.01 -115.61
N ALA RF 13 -72.67 -24.11 -114.33
CA ALA RF 13 -72.73 -25.38 -113.62
C ALA RF 13 -74.19 -25.75 -113.41
N SER RF 14 -74.64 -26.80 -114.08
CA SER RF 14 -75.99 -27.30 -113.90
C SER RF 14 -75.98 -28.43 -112.87
N VAL RF 15 -77.16 -28.99 -112.60
CA VAL RF 15 -77.28 -30.15 -111.74
C VAL RF 15 -78.59 -30.87 -112.04
N THR RF 16 -78.53 -32.17 -112.27
CA THR RF 16 -79.71 -32.98 -112.61
C THR RF 16 -79.58 -34.33 -111.93
N GLY RF 17 -80.09 -34.45 -110.71
CA GLY RF 17 -80.19 -35.75 -110.08
C GLY RF 17 -81.51 -36.01 -109.39
N GLY RF 18 -82.30 -34.97 -109.20
CA GLY RF 18 -83.55 -35.09 -108.46
C GLY RF 18 -83.32 -35.02 -106.97
N THR RF 19 -84.32 -35.47 -106.20
CA THR RF 19 -84.27 -35.43 -104.73
C THR RF 19 -84.06 -34.01 -104.22
N ALA RF 20 -85.02 -33.15 -104.56
CA ALA RF 20 -84.93 -31.74 -104.21
C ALA RF 20 -85.28 -31.50 -102.75
N ARG RF 21 -84.27 -31.44 -101.90
CA ARG RF 21 -84.48 -31.20 -100.48
C ARG RF 21 -84.66 -29.71 -100.21
N THR RF 22 -84.82 -29.37 -98.94
CA THR RF 22 -85.07 -27.99 -98.53
C THR RF 22 -84.19 -27.66 -97.33
N VAL RF 23 -83.46 -26.55 -97.44
CA VAL RF 23 -82.65 -26.04 -96.34
C VAL RF 23 -83.56 -25.24 -95.42
N LYS RF 24 -83.70 -25.70 -94.18
CA LYS RF 24 -84.49 -25.01 -93.17
C LYS RF 24 -83.56 -24.47 -92.09
N GLU RF 25 -83.71 -23.20 -91.77
CA GLU RF 25 -82.82 -22.60 -90.79
C GLU RF 25 -83.22 -23.01 -89.38
N LEU RF 26 -82.23 -23.07 -88.50
CA LEU RF 26 -82.46 -23.46 -87.11
C LEU RF 26 -82.27 -22.28 -86.18
N VAL RF 27 -81.09 -21.66 -86.16
CA VAL RF 27 -80.77 -20.56 -85.27
C VAL RF 27 -79.94 -19.54 -86.04
N ARG RF 28 -79.57 -18.46 -85.37
CA ARG RF 28 -78.75 -17.42 -85.98
C ARG RF 28 -77.47 -17.11 -85.23
N ASN RF 29 -77.49 -17.19 -83.90
CA ASN RF 29 -76.46 -16.63 -83.01
C ASN RF 29 -75.68 -15.46 -83.60
N ASN RF 30 -74.38 -15.43 -83.37
CA ASN RF 30 -73.57 -14.24 -83.64
C ASN RF 30 -73.11 -14.23 -85.10
N SER RF 31 -73.82 -13.46 -85.93
CA SER RF 31 -73.46 -13.26 -87.33
C SER RF 31 -73.25 -14.59 -88.05
N GLU RF 32 -74.12 -15.54 -87.74
CA GLU RF 32 -74.04 -16.89 -88.29
C GLU RF 32 -75.44 -17.28 -88.74
N LEU RF 33 -75.55 -18.47 -89.32
CA LEU RF 33 -76.84 -19.01 -89.71
C LEU RF 33 -76.77 -20.52 -89.76
N ASN RF 34 -77.26 -21.19 -88.72
CA ASN RF 34 -77.24 -22.64 -88.69
C ASN RF 34 -78.54 -23.18 -89.25
N ALA RF 35 -78.44 -23.97 -90.31
CA ALA RF 35 -79.58 -24.59 -90.95
C ALA RF 35 -79.40 -26.10 -90.99
N TYR RF 36 -80.33 -26.79 -91.64
CA TYR RF 36 -80.25 -28.23 -91.78
C TYR RF 36 -81.05 -28.63 -93.02
N ILE RF 37 -80.68 -29.75 -93.62
CA ILE RF 37 -81.34 -30.22 -94.82
C ILE RF 37 -82.46 -31.17 -94.43
N ASP RF 38 -83.68 -30.86 -94.87
CA ASP RF 38 -84.87 -31.64 -94.53
C ASP RF 38 -84.95 -32.85 -95.44
N GLU RF 39 -84.56 -33.99 -94.89
CA GLU RF 39 -84.62 -35.25 -95.62
C GLU RF 39 -85.34 -36.36 -94.86
N GLY RF 40 -85.94 -36.05 -93.72
CA GLY RF 40 -86.67 -37.00 -92.94
C GLY RF 40 -85.84 -37.93 -92.07
N LEU RF 41 -84.57 -37.63 -91.86
CA LEU RF 41 -83.74 -38.46 -91.00
C LEU RF 41 -84.04 -38.14 -89.53
N SER RF 42 -83.26 -38.76 -88.65
CA SER RF 42 -83.44 -38.53 -87.22
C SER RF 42 -82.98 -37.12 -86.84
N PHE RF 43 -83.29 -36.74 -85.61
CA PHE RF 43 -82.94 -35.41 -85.14
C PHE RF 43 -81.43 -35.22 -85.07
N GLN RF 44 -80.72 -36.21 -84.55
CA GLN RF 44 -79.26 -36.15 -84.45
C GLN RF 44 -78.58 -36.98 -85.53
N ALA RF 45 -79.28 -37.18 -86.65
CA ALA RF 45 -78.66 -37.80 -87.82
C ALA RF 45 -78.89 -36.96 -89.08
N ARG RF 46 -79.38 -35.74 -88.96
CA ARG RF 46 -79.65 -34.88 -90.10
C ARG RF 46 -78.39 -34.13 -90.51
N LYS RF 47 -78.37 -33.61 -91.74
CA LYS RF 47 -77.23 -32.85 -92.23
C LYS RF 47 -77.46 -31.38 -91.93
N GLU RF 48 -76.62 -30.81 -91.07
CA GLU RF 48 -76.69 -29.39 -90.70
C GLU RF 48 -75.61 -28.64 -91.47
N VAL RF 49 -76.01 -27.61 -92.21
CA VAL RF 49 -75.04 -26.75 -92.87
C VAL RF 49 -75.07 -25.37 -92.23
N ALA RF 50 -73.90 -24.89 -91.82
CA ALA RF 50 -73.78 -23.61 -91.14
C ALA RF 50 -73.19 -22.56 -92.07
N PHE RF 51 -73.71 -21.33 -91.95
CA PHE RF 51 -73.26 -20.19 -92.72
C PHE RF 51 -72.72 -19.11 -91.79
N SER RF 52 -71.77 -18.31 -92.28
CA SER RF 52 -71.19 -17.26 -91.47
C SER RF 52 -70.58 -16.19 -92.37
N VAL RF 53 -70.55 -14.95 -91.88
CA VAL RF 53 -69.94 -13.84 -92.59
C VAL RF 53 -69.02 -13.08 -91.64
N LYS RF 54 -68.00 -12.46 -92.22
CA LYS RF 54 -66.98 -11.73 -91.47
C LYS RF 54 -66.67 -10.40 -92.19
N VAL RF 55 -67.72 -9.62 -92.42
CA VAL RF 55 -67.70 -8.38 -93.21
C VAL RF 55 -66.45 -7.54 -92.94
N PRO RF 56 -65.91 -6.86 -93.95
CA PRO RF 56 -64.61 -6.18 -93.81
C PRO RF 56 -64.64 -5.08 -92.77
N LYS RF 57 -63.46 -4.85 -92.18
CA LYS RF 57 -63.29 -3.87 -91.11
C LYS RF 57 -62.17 -2.93 -91.53
N VAL RF 58 -62.44 -1.62 -91.48
CA VAL RF 58 -61.50 -0.61 -91.97
C VAL RF 58 -60.23 -0.65 -91.13
N SER RF 59 -59.12 -1.03 -91.74
CA SER RF 59 -57.83 -1.09 -91.08
C SER RF 59 -56.91 0.01 -91.63
N VAL RF 60 -55.68 0.06 -91.15
CA VAL RF 60 -54.65 0.93 -91.70
C VAL RF 60 -53.64 0.14 -92.53
N SER RF 61 -53.44 -1.12 -92.19
CA SER RF 61 -52.72 -2.13 -92.95
C SER RF 61 -53.65 -2.63 -94.06
N ALA RF 62 -53.40 -3.85 -94.57
CA ALA RF 62 -54.24 -4.43 -95.62
C ALA RF 62 -54.11 -3.63 -96.91
N PRO RF 63 -53.05 -3.89 -97.69
CA PRO RF 63 -52.70 -3.01 -98.81
C PRO RF 63 -53.77 -2.99 -99.89
N GLY RF 64 -54.71 -2.07 -99.69
CA GLY RF 64 -55.99 -2.05 -100.37
C GLY RF 64 -57.02 -1.43 -99.44
N GLY RF 65 -56.63 -1.25 -98.17
CA GLY RF 65 -57.36 -0.43 -97.25
C GLY RF 65 -57.94 -1.14 -96.03
N PHE RF 66 -58.53 -2.31 -96.24
CA PHE RF 66 -59.18 -3.05 -95.16
C PHE RF 66 -59.25 -4.54 -95.49
N THR RF 67 -59.54 -5.32 -94.44
CA THR RF 67 -59.51 -6.77 -94.51
C THR RF 67 -60.53 -7.31 -95.51
N GLN RF 68 -60.32 -8.57 -95.88
CA GLN RF 68 -61.17 -9.22 -96.88
C GLN RF 68 -62.52 -9.60 -96.31
N ALA RF 69 -63.41 -10.00 -97.20
CA ALA RF 69 -64.76 -10.44 -96.84
C ALA RF 69 -64.84 -11.96 -96.97
N ARG RF 70 -64.53 -12.67 -95.89
CA ARG RF 70 -64.59 -14.12 -95.88
C ARG RF 70 -66.02 -14.59 -95.63
N SER RF 71 -66.42 -15.64 -96.34
CA SER RF 71 -67.73 -16.26 -96.19
C SER RF 71 -67.51 -17.76 -96.03
N THR RF 72 -68.04 -18.33 -94.95
CA THR RF 72 -67.80 -19.74 -94.65
C THR RF 72 -69.08 -20.55 -94.74
N VAL RF 73 -68.93 -21.80 -95.20
CA VAL RF 73 -70.01 -22.78 -95.23
C VAL RF 73 -69.48 -24.13 -94.77
N ILE RF 74 -69.95 -24.60 -93.63
CA ILE RF 74 -69.58 -25.93 -93.14
C ILE RF 74 -70.80 -26.84 -93.25
N LEU RF 75 -70.63 -27.95 -93.96
CA LEU RF 75 -71.69 -28.94 -94.14
C LEU RF 75 -71.33 -30.15 -93.27
N LYS RF 76 -72.16 -30.42 -92.27
CA LYS RF 76 -71.90 -31.52 -91.34
C LYS RF 76 -72.82 -32.68 -91.67
N SER RF 77 -72.22 -33.81 -92.06
CA SER RF 77 -72.97 -35.01 -92.38
C SER RF 77 -72.62 -36.10 -91.36
N PRO RF 78 -73.50 -36.39 -90.41
CA PRO RF 78 -73.16 -37.37 -89.36
C PRO RF 78 -73.10 -38.78 -89.92
N LYS RF 79 -72.33 -39.63 -89.25
CA LYS RF 79 -72.14 -41.01 -89.67
C LYS RF 79 -72.11 -41.93 -88.45
N THR RF 80 -72.77 -43.08 -88.57
CA THR RF 80 -72.72 -44.12 -87.56
C THR RF 80 -71.70 -45.17 -88.00
N LEU RF 81 -70.67 -45.37 -87.18
CA LEU RF 81 -69.61 -46.31 -87.54
C LEU RF 81 -70.02 -47.74 -87.22
N ALA RF 82 -69.23 -48.69 -87.74
CA ALA RF 82 -69.48 -50.10 -87.45
C ALA RF 82 -69.28 -50.41 -85.98
N ASN RF 83 -68.26 -49.81 -85.36
CA ASN RF 83 -68.03 -49.99 -83.93
C ASN RF 83 -69.24 -49.55 -83.11
N GLY RF 84 -70.04 -48.64 -83.63
CA GLY RF 84 -71.28 -48.28 -82.96
C GLY RF 84 -71.38 -46.81 -82.60
N ASN RF 85 -70.24 -46.17 -82.38
CA ASN RF 85 -70.24 -44.76 -82.04
C ASN RF 85 -70.60 -43.91 -83.25
N ARG RF 86 -70.63 -42.59 -83.04
CA ARG RF 86 -71.06 -41.63 -84.03
C ARG RF 86 -69.95 -40.62 -84.29
N THR RF 87 -69.87 -40.16 -85.52
CA THR RF 87 -68.87 -39.18 -85.93
C THR RF 87 -69.52 -38.30 -87.00
N VAL RF 88 -68.94 -37.12 -87.24
CA VAL RF 88 -69.46 -36.19 -88.22
C VAL RF 88 -68.42 -35.99 -89.31
N ASN RF 89 -68.86 -36.05 -90.55
CA ASN RF 89 -68.01 -35.82 -91.72
C ASN RF 89 -68.34 -34.42 -92.24
N THR RF 90 -67.33 -33.56 -92.25
CA THR RF 90 -67.57 -32.14 -92.53
C THR RF 90 -66.97 -31.72 -93.86
N VAL RF 91 -67.56 -30.67 -94.46
CA VAL RF 91 -67.02 -30.03 -95.64
C VAL RF 91 -67.06 -28.52 -95.44
N SER RF 92 -65.92 -27.93 -95.12
CA SER RF 92 -65.88 -26.48 -94.92
C SER RF 92 -65.40 -25.78 -96.19
N ILE RF 93 -65.95 -24.60 -96.44
CA ILE RF 93 -65.63 -23.80 -97.61
C ILE RF 93 -65.53 -22.34 -97.21
N GLN RF 94 -64.46 -21.67 -97.60
CA GLN RF 94 -64.23 -20.27 -97.25
C GLN RF 94 -63.92 -19.46 -98.52
N LEU RF 95 -64.28 -18.18 -98.49
CA LEU RF 95 -64.23 -17.30 -99.65
C LEU RF 95 -63.58 -15.95 -99.27
N SER RF 96 -62.39 -16.01 -98.70
CA SER RF 96 -61.66 -14.80 -98.33
C SER RF 96 -61.28 -14.04 -99.60
N VAL RF 97 -62.10 -13.04 -99.93
CA VAL RF 97 -61.86 -12.18 -101.09
C VAL RF 97 -61.80 -10.73 -100.64
N ASP RF 98 -60.95 -9.97 -101.30
CA ASP RF 98 -60.80 -8.56 -100.98
C ASP RF 98 -62.09 -7.82 -101.34
N PRO RF 99 -62.56 -6.91 -100.47
CA PRO RF 99 -63.89 -6.31 -100.67
C PRO RF 99 -64.05 -5.51 -101.95
N GLU RF 100 -62.96 -5.13 -102.61
CA GLU RF 100 -63.02 -4.43 -103.88
C GLU RF 100 -63.35 -5.34 -105.04
N THR RF 101 -63.43 -6.64 -104.81
CA THR RF 101 -63.60 -7.61 -105.89
C THR RF 101 -64.98 -7.52 -106.50
N THR RF 102 -65.03 -7.50 -107.83
CA THR RF 102 -66.28 -7.48 -108.54
C THR RF 102 -67.00 -8.82 -108.42
N ALA RF 103 -68.30 -8.80 -108.66
CA ALA RF 103 -69.11 -10.02 -108.58
C ALA RF 103 -68.88 -10.97 -109.74
N ALA RF 104 -68.29 -10.48 -110.84
CA ALA RF 104 -67.98 -11.35 -111.97
C ALA RF 104 -66.85 -12.30 -111.63
N GLU RF 105 -65.80 -11.80 -110.99
CA GLU RF 105 -64.69 -12.65 -110.59
C GLU RF 105 -65.10 -13.64 -109.51
N VAL RF 106 -65.92 -13.19 -108.56
CA VAL RF 106 -66.40 -14.09 -107.52
C VAL RF 106 -67.18 -15.25 -108.13
N THR RF 107 -68.02 -14.96 -109.12
CA THR RF 107 -68.71 -16.02 -109.84
C THR RF 107 -67.73 -16.93 -110.55
N THR RF 108 -66.69 -16.34 -111.15
CA THR RF 108 -65.64 -17.14 -111.79
C THR RF 108 -64.94 -18.01 -110.77
N MET RF 109 -64.61 -17.45 -109.61
CA MET RF 109 -63.93 -18.21 -108.56
C MET RF 109 -64.82 -19.32 -108.03
N LEU RF 110 -66.10 -19.03 -107.79
CA LEU RF 110 -67.00 -20.03 -107.23
C LEU RF 110 -67.22 -21.17 -108.20
N ASN RF 111 -67.33 -20.85 -109.50
CA ASN RF 111 -67.51 -21.89 -110.50
C ASN RF 111 -66.27 -22.76 -110.62
N ALA RF 112 -65.09 -22.14 -110.64
CA ALA RF 112 -63.85 -22.89 -110.72
C ALA RF 112 -63.66 -23.77 -109.49
N ALA RF 113 -63.92 -23.21 -108.30
CA ALA RF 113 -63.87 -23.99 -107.07
C ALA RF 113 -64.91 -25.09 -107.02
N ALA RF 114 -66.13 -24.81 -107.43
CA ALA RF 114 -67.16 -25.84 -107.48
C ALA RF 114 -67.00 -26.77 -108.66
N GLN RF 115 -66.15 -26.41 -109.63
CA GLN RF 115 -65.81 -27.35 -110.70
C GLN RF 115 -64.93 -28.48 -110.20
N LEU RF 116 -64.10 -28.21 -109.20
CA LEU RF 116 -63.57 -29.25 -108.35
C LEU RF 116 -64.73 -29.84 -107.54
N LEU RF 117 -64.45 -30.92 -106.80
CA LEU RF 117 -65.42 -31.58 -105.93
C LEU RF 117 -66.46 -32.38 -106.70
N PHE RF 118 -66.53 -32.23 -108.03
CA PHE RF 118 -67.44 -33.10 -108.78
C PHE RF 118 -66.80 -33.54 -110.09
N ASP RF 119 -65.69 -32.92 -110.46
CA ASP RF 119 -64.95 -33.36 -111.64
C ASP RF 119 -64.38 -34.74 -111.41
N SER RF 120 -64.35 -35.54 -112.47
CA SER RF 120 -63.87 -36.92 -112.36
C SER RF 120 -62.38 -37.01 -112.05
N ASP RF 121 -61.60 -36.00 -112.44
CA ASP RF 121 -60.15 -36.07 -112.21
C ASP RF 121 -59.82 -36.12 -110.73
N TYR RF 122 -60.56 -35.38 -109.92
CA TYR RF 122 -60.26 -35.24 -108.50
C TYR RF 122 -61.00 -36.26 -107.64
N SER RF 123 -61.72 -37.20 -108.25
CA SER RF 123 -62.42 -38.24 -107.50
C SER RF 123 -61.49 -39.01 -106.57
N ASP RF 124 -60.33 -39.42 -107.09
CA ASP RF 124 -59.40 -40.20 -106.29
C ASP RF 124 -58.75 -39.34 -105.21
N PHE RF 125 -58.56 -38.06 -105.49
CA PHE RF 125 -57.99 -37.15 -104.49
C PHE RF 125 -58.93 -36.98 -103.31
N TRP RF 126 -60.21 -36.72 -103.59
CA TRP RF 126 -61.17 -36.53 -102.52
C TRP RF 126 -61.47 -37.82 -101.77
N LYS RF 127 -61.45 -38.96 -102.45
CA LYS RF 127 -61.85 -40.23 -101.85
C LYS RF 127 -60.67 -40.98 -101.27
N ALA RF 128 -59.63 -41.26 -102.06
CA ALA RF 128 -58.50 -42.05 -101.60
C ALA RF 128 -57.31 -41.18 -101.17
N GLN RF 129 -57.43 -39.86 -101.22
CA GLN RF 129 -56.33 -38.95 -100.90
C GLN RF 129 -55.14 -39.17 -101.84
N ALA RF 130 -55.45 -39.52 -103.09
CA ALA RF 130 -54.43 -39.78 -104.11
C ALA RF 130 -53.94 -38.45 -104.66
N LEU RF 131 -52.99 -37.86 -103.96
CA LEU RF 131 -52.35 -36.62 -104.42
C LEU RF 131 -51.67 -36.86 -105.75
N ALA RF 132 -50.68 -37.74 -105.75
CA ALA RF 132 -50.01 -38.11 -106.99
C ALA RF 132 -50.84 -39.17 -107.72
N ALA SF 1 -97.65 -85.20 11.56
CA ALA SF 1 -98.01 -86.62 11.53
C ALA SF 1 -97.01 -87.39 10.69
N ILE SF 2 -95.81 -86.82 10.53
CA ILE SF 2 -94.69 -87.55 9.96
C ILE SF 2 -94.04 -88.34 11.09
N ALA SF 3 -94.55 -89.56 11.31
CA ALA SF 3 -94.08 -90.38 12.41
C ALA SF 3 -94.42 -91.82 12.11
N ASN SF 4 -95.54 -92.31 12.63
CA ASN SF 4 -96.05 -93.60 12.20
C ASN SF 4 -97.14 -93.40 11.16
N SER SF 5 -96.77 -92.83 10.01
CA SER SF 5 -97.71 -92.62 8.90
C SER SF 5 -97.90 -93.92 8.13
N SER SF 6 -98.45 -93.82 6.92
CA SER SF 6 -98.60 -95.01 6.08
C SER SF 6 -98.58 -94.59 4.62
N ILE SF 7 -97.83 -95.34 3.81
CA ILE SF 7 -97.72 -95.08 2.38
C ILE SF 7 -97.73 -96.42 1.65
N ALA SF 8 -98.53 -96.51 0.57
CA ALA SF 8 -98.57 -97.70 -0.25
C ALA SF 8 -97.43 -97.65 -1.27
N ILE SF 9 -96.63 -98.69 -1.30
CA ILE SF 9 -95.48 -98.75 -2.20
C ILE SF 9 -95.80 -99.71 -3.34
N ASP SF 10 -95.46 -99.29 -4.56
CA ASP SF 10 -95.79 -100.02 -5.78
C ASP SF 10 -97.29 -100.18 -5.95
N SER SF 11 -97.98 -99.04 -6.02
CA SER SF 11 -99.43 -98.98 -6.11
C SER SF 11 -99.85 -98.02 -7.22
N THR SF 12 -101.07 -98.21 -7.72
CA THR SF 12 -101.62 -97.35 -8.74
C THR SF 12 -102.43 -96.22 -8.11
N ALA SF 13 -102.26 -95.01 -8.63
CA ALA SF 13 -102.93 -93.82 -8.13
C ALA SF 13 -103.97 -93.35 -9.15
N SER SF 14 -105.07 -92.83 -8.64
CA SER SF 14 -106.19 -92.43 -9.48
C SER SF 14 -106.73 -91.09 -8.99
N VAL SF 15 -107.54 -90.47 -9.84
CA VAL SF 15 -108.13 -89.17 -9.57
C VAL SF 15 -109.62 -89.25 -9.88
N THR SF 16 -110.44 -88.75 -8.96
CA THR SF 16 -111.89 -88.69 -9.15
C THR SF 16 -112.37 -87.26 -8.95
N GLY SF 17 -113.40 -86.89 -9.72
CA GLY SF 17 -113.98 -85.57 -9.58
C GLY SF 17 -113.12 -84.49 -10.21
N GLY SF 18 -113.27 -83.28 -9.69
CA GLY SF 18 -112.53 -82.14 -10.22
C GLY SF 18 -113.06 -81.70 -11.58
N THR SF 19 -112.30 -80.84 -12.23
CA THR SF 19 -112.66 -80.29 -13.54
C THR SF 19 -111.47 -80.47 -14.46
N ALA SF 20 -111.61 -81.37 -15.43
CA ALA SF 20 -110.54 -81.65 -16.40
C ALA SF 20 -110.17 -80.40 -17.18
N ARG SF 21 -108.97 -79.89 -16.96
CA ARG SF 21 -108.44 -78.75 -17.70
C ARG SF 21 -107.56 -79.27 -18.85
N THR SF 22 -106.82 -78.38 -19.50
CA THR SF 22 -105.93 -78.77 -20.58
C THR SF 22 -104.65 -77.96 -20.47
N VAL SF 23 -103.52 -78.62 -20.67
CA VAL SF 23 -102.22 -77.97 -20.59
C VAL SF 23 -101.88 -77.48 -21.99
N LYS SF 24 -101.95 -76.16 -22.17
CA LYS SF 24 -101.63 -75.57 -23.46
C LYS SF 24 -100.16 -75.19 -23.52
N GLU SF 25 -99.48 -75.63 -24.58
CA GLU SF 25 -98.05 -75.42 -24.71
C GLU SF 25 -97.77 -74.05 -25.30
N LEU SF 26 -96.79 -73.35 -24.71
CA LEU SF 26 -96.53 -71.96 -25.07
C LEU SF 26 -95.21 -71.87 -25.81
N VAL SF 27 -94.10 -72.28 -25.19
CA VAL SF 27 -92.78 -72.14 -25.79
C VAL SF 27 -91.96 -73.38 -25.45
N ARG SF 28 -91.26 -73.91 -26.44
CA ARG SF 28 -90.46 -75.12 -26.29
C ARG SF 28 -89.05 -74.76 -26.74
N ASN SF 29 -88.17 -74.47 -25.79
CA ASN SF 29 -86.81 -74.06 -26.13
C ASN SF 29 -85.85 -74.37 -25.01
N ASN SF 30 -84.57 -74.50 -25.36
CA ASN SF 30 -83.47 -74.58 -24.41
C ASN SF 30 -83.70 -75.67 -23.37
N SER SF 31 -84.14 -76.84 -23.82
CA SER SF 31 -84.41 -77.99 -22.95
C SER SF 31 -85.54 -77.70 -21.97
N GLU SF 32 -86.37 -76.71 -22.29
CA GLU SF 32 -87.46 -76.28 -21.44
C GLU SF 32 -88.75 -76.23 -22.25
N LEU SF 33 -89.88 -76.51 -21.59
CA LEU SF 33 -91.20 -76.46 -22.22
C LEU SF 33 -92.10 -75.61 -21.32
N ASN SF 34 -92.30 -74.35 -21.71
CA ASN SF 34 -93.22 -73.49 -20.99
C ASN SF 34 -94.65 -73.75 -21.47
N ALA SF 35 -95.55 -73.91 -20.52
CA ALA SF 35 -96.95 -74.19 -20.83
C ALA SF 35 -97.82 -73.52 -19.77
N TYR SF 36 -99.14 -73.65 -19.93
CA TYR SF 36 -100.07 -73.09 -18.97
C TYR SF 36 -101.32 -73.95 -18.94
N ILE SF 37 -101.99 -73.96 -17.79
CA ILE SF 37 -103.23 -74.69 -17.62
C ILE SF 37 -104.38 -73.75 -17.94
N ASP SF 38 -105.32 -74.23 -18.76
CA ASP SF 38 -106.41 -73.39 -19.28
C ASP SF 38 -107.63 -73.61 -18.38
N GLU SF 39 -107.91 -72.62 -17.53
CA GLU SF 39 -109.11 -72.63 -16.71
C GLU SF 39 -110.06 -71.48 -17.04
N GLY SF 40 -109.83 -70.80 -18.16
CA GLY SF 40 -110.62 -69.63 -18.51
C GLY SF 40 -110.39 -68.49 -17.55
N LEU SF 41 -109.14 -68.23 -17.22
CA LEU SF 41 -108.74 -67.17 -16.31
C LEU SF 41 -108.02 -66.08 -17.09
N SER SF 42 -107.66 -65.00 -16.41
CA SER SF 42 -106.93 -63.90 -17.03
C SER SF 42 -105.46 -64.28 -17.14
N PHE SF 43 -104.72 -63.51 -17.94
CA PHE SF 43 -103.30 -63.76 -18.10
C PHE SF 43 -102.52 -63.58 -16.82
N GLN SF 44 -102.90 -62.60 -15.99
CA GLN SF 44 -102.25 -62.36 -14.72
C GLN SF 44 -102.51 -63.45 -13.67
N ALA SF 45 -103.55 -64.26 -13.85
CA ALA SF 45 -103.76 -65.38 -12.97
C ALA SF 45 -103.97 -66.63 -13.85
N ARG SF 46 -102.85 -67.21 -14.29
CA ARG SF 46 -102.86 -68.45 -15.05
C ARG SF 46 -102.35 -69.58 -14.15
N LYS SF 47 -102.06 -70.77 -14.67
CA LYS SF 47 -101.44 -71.82 -13.88
C LYS SF 47 -100.22 -72.33 -14.64
N GLU SF 48 -99.35 -71.42 -15.06
CA GLU SF 48 -98.17 -71.78 -15.84
C GLU SF 48 -97.39 -72.91 -15.18
N VAL SF 49 -97.03 -73.92 -15.99
CA VAL SF 49 -96.21 -75.03 -15.54
C VAL SF 49 -95.06 -75.19 -16.53
N ALA SF 50 -93.84 -75.30 -16.00
CA ALA SF 50 -92.64 -75.39 -16.81
C ALA SF 50 -92.00 -76.76 -16.66
N PHE SF 51 -91.72 -77.39 -17.81
CA PHE SF 51 -91.10 -78.71 -17.86
C PHE SF 51 -89.67 -78.54 -18.36
N SER SF 52 -88.71 -79.08 -17.62
CA SER SF 52 -87.30 -78.95 -17.96
C SER SF 52 -86.62 -80.31 -17.87
N VAL SF 53 -85.64 -80.52 -18.73
CA VAL SF 53 -84.92 -81.78 -18.82
C VAL SF 53 -83.43 -81.49 -18.87
N LYS SF 54 -82.66 -82.27 -18.10
CA LYS SF 54 -81.21 -82.17 -18.04
C LYS SF 54 -80.61 -83.56 -18.30
N VAL SF 55 -80.17 -83.78 -19.54
CA VAL SF 55 -79.69 -85.09 -20.00
C VAL SF 55 -78.35 -85.41 -19.37
N PRO SF 56 -78.04 -86.69 -19.12
CA PRO SF 56 -76.75 -87.03 -18.52
C PRO SF 56 -75.59 -86.81 -19.47
N LYS SF 57 -74.43 -86.51 -18.90
CA LYS SF 57 -73.19 -86.35 -19.63
C LYS SF 57 -72.12 -87.27 -19.06
N VAL SF 58 -71.13 -87.60 -19.88
CA VAL SF 58 -70.07 -88.51 -19.46
C VAL SF 58 -69.23 -87.85 -18.38
N SER SF 59 -68.75 -88.66 -17.44
CA SER SF 59 -67.94 -88.18 -16.32
C SER SF 59 -66.90 -89.23 -15.97
N VAL SF 60 -66.01 -88.87 -15.04
CA VAL SF 60 -65.07 -89.82 -14.48
C VAL SF 60 -65.41 -90.18 -13.03
N SER SF 61 -65.92 -89.23 -12.26
CA SER SF 61 -66.57 -89.44 -10.99
C SER SF 61 -67.99 -89.93 -11.26
N ALA SF 62 -68.88 -89.80 -10.26
CA ALA SF 62 -70.27 -90.21 -10.45
C ALA SF 62 -70.33 -91.71 -10.70
N PRO SF 63 -70.31 -92.53 -9.65
CA PRO SF 63 -69.83 -93.91 -9.76
C PRO SF 63 -70.69 -94.77 -10.65
N GLY SF 64 -70.34 -94.76 -11.94
CA GLY SF 64 -71.16 -95.28 -13.01
C GLY SF 64 -70.92 -94.51 -14.29
N GLY SF 65 -70.19 -93.41 -14.19
CA GLY SF 65 -69.64 -92.75 -15.36
C GLY SF 65 -70.42 -91.55 -15.84
N PHE SF 66 -71.69 -91.44 -15.45
CA PHE SF 66 -72.53 -90.35 -15.91
C PHE SF 66 -73.17 -89.62 -14.74
N THR SF 67 -73.39 -88.33 -14.96
CA THR SF 67 -74.23 -87.54 -14.08
C THR SF 67 -75.67 -88.01 -14.19
N GLN SF 68 -76.48 -87.65 -13.21
CA GLN SF 68 -77.85 -88.14 -13.17
C GLN SF 68 -78.72 -87.38 -14.17
N ALA SF 69 -79.80 -88.03 -14.60
CA ALA SF 69 -80.77 -87.41 -15.51
C ALA SF 69 -81.84 -86.72 -14.68
N ARG SF 70 -81.88 -85.40 -14.74
CA ARG SF 70 -82.82 -84.62 -13.96
C ARG SF 70 -84.00 -84.18 -14.82
N SER SF 71 -85.21 -84.34 -14.27
CA SER SF 71 -86.45 -83.88 -14.89
C SER SF 71 -87.14 -83.00 -13.86
N THR SF 72 -87.38 -81.74 -14.22
CA THR SF 72 -87.94 -80.78 -13.29
C THR SF 72 -89.26 -80.21 -13.80
N VAL SF 73 -90.24 -80.14 -12.90
CA VAL SF 73 -91.52 -79.50 -13.21
C VAL SF 73 -91.80 -78.44 -12.15
N ILE SF 74 -92.03 -77.21 -12.58
CA ILE SF 74 -92.44 -76.14 -11.68
C ILE SF 74 -93.84 -75.69 -12.06
N LEU SF 75 -94.76 -75.74 -11.12
CA LEU SF 75 -96.12 -75.27 -11.28
C LEU SF 75 -96.24 -73.94 -10.56
N LYS SF 76 -96.69 -72.92 -11.26
CA LYS SF 76 -96.82 -71.60 -10.67
C LYS SF 76 -98.29 -71.23 -10.47
N SER SF 77 -98.59 -70.69 -9.30
CA SER SF 77 -99.97 -70.32 -8.94
C SER SF 77 -100.00 -68.87 -8.48
N PRO SF 78 -100.35 -67.94 -9.36
CA PRO SF 78 -100.49 -66.53 -8.95
C PRO SF 78 -101.55 -66.35 -7.89
N LYS SF 79 -101.19 -65.72 -6.78
CA LYS SF 79 -102.11 -65.38 -5.72
C LYS SF 79 -102.16 -63.87 -5.56
N THR SF 80 -103.37 -63.34 -5.34
CA THR SF 80 -103.57 -61.91 -5.14
C THR SF 80 -103.80 -61.67 -3.65
N LEU SF 81 -103.01 -60.77 -3.07
CA LEU SF 81 -103.00 -60.56 -1.64
C LEU SF 81 -104.05 -59.54 -1.23
N ALA SF 82 -104.19 -59.34 0.07
CA ALA SF 82 -105.20 -58.42 0.59
C ALA SF 82 -104.91 -56.98 0.16
N ASN SF 83 -103.65 -56.56 0.26
CA ASN SF 83 -103.28 -55.22 -0.18
C ASN SF 83 -103.47 -55.07 -1.69
N GLY SF 84 -103.15 -56.11 -2.45
CA GLY SF 84 -103.37 -56.06 -3.88
C GLY SF 84 -102.15 -56.40 -4.71
N ASN SF 85 -101.00 -56.58 -4.05
CA ASN SF 85 -99.80 -57.01 -4.75
C ASN SF 85 -99.97 -58.45 -5.21
N ARG SF 86 -99.29 -58.78 -6.31
CA ARG SF 86 -99.36 -60.10 -6.89
C ARG SF 86 -98.15 -60.93 -6.46
N THR SF 87 -98.41 -62.14 -5.98
CA THR SF 87 -97.37 -63.09 -5.63
C THR SF 87 -97.66 -64.41 -6.33
N VAL SF 88 -96.59 -65.16 -6.62
CA VAL SF 88 -96.69 -66.46 -7.27
C VAL SF 88 -96.31 -67.54 -6.27
N ASN SF 89 -97.18 -68.52 -6.10
CA ASN SF 89 -96.90 -69.69 -5.26
C ASN SF 89 -96.48 -70.81 -6.20
N THR SF 90 -95.39 -71.49 -5.87
CA THR SF 90 -94.81 -72.50 -6.76
C THR SF 90 -94.67 -73.85 -6.06
N VAL SF 91 -94.77 -74.90 -6.87
CA VAL SF 91 -94.39 -76.24 -6.46
C VAL SF 91 -93.36 -76.79 -7.44
N SER SF 92 -92.18 -77.15 -6.93
CA SER SF 92 -91.16 -77.75 -7.77
C SER SF 92 -91.08 -79.24 -7.52
N ILE SF 93 -90.93 -80.00 -8.60
CA ILE SF 93 -90.78 -81.45 -8.54
C ILE SF 93 -89.55 -81.79 -9.38
N GLN SF 94 -88.49 -82.24 -8.72
CA GLN SF 94 -87.24 -82.57 -9.39
C GLN SF 94 -86.93 -84.06 -9.16
N LEU SF 95 -86.79 -84.80 -10.24
CA LEU SF 95 -86.46 -86.23 -10.18
C LEU SF 95 -85.07 -86.41 -10.76
N SER SF 96 -84.15 -86.95 -9.97
CA SER SF 96 -82.80 -87.24 -10.41
C SER SF 96 -82.56 -88.74 -10.27
N VAL SF 97 -82.36 -89.42 -11.40
CA VAL SF 97 -82.07 -90.84 -11.40
C VAL SF 97 -80.78 -91.09 -12.15
N ASP SF 98 -80.04 -92.11 -11.71
CA ASP SF 98 -78.93 -92.59 -12.48
C ASP SF 98 -79.44 -93.23 -13.77
N PRO SF 99 -78.72 -93.08 -14.88
CA PRO SF 99 -79.23 -93.62 -16.15
C PRO SF 99 -79.42 -95.14 -16.16
N GLU SF 100 -78.79 -95.87 -15.23
CA GLU SF 100 -79.01 -97.31 -15.18
C GLU SF 100 -80.36 -97.67 -14.59
N THR SF 101 -81.09 -96.71 -14.04
CA THR SF 101 -82.33 -96.99 -13.33
C THR SF 101 -83.41 -97.47 -14.28
N THR SF 102 -84.06 -98.57 -13.90
CA THR SF 102 -85.13 -99.15 -14.70
C THR SF 102 -86.39 -98.29 -14.63
N ALA SF 103 -87.33 -98.58 -15.52
CA ALA SF 103 -88.58 -97.82 -15.53
C ALA SF 103 -89.49 -98.24 -14.39
N ALA SF 104 -89.37 -99.48 -13.91
CA ALA SF 104 -90.14 -99.90 -12.76
C ALA SF 104 -89.63 -99.25 -11.48
N GLU SF 105 -88.33 -98.97 -11.40
CA GLU SF 105 -87.79 -98.27 -10.24
C GLU SF 105 -88.19 -96.80 -10.25
N VAL SF 106 -88.29 -96.19 -11.43
CA VAL SF 106 -88.76 -94.81 -11.51
C VAL SF 106 -90.25 -94.73 -11.19
N THR SF 107 -91.03 -95.71 -11.65
CA THR SF 107 -92.46 -95.74 -11.35
C THR SF 107 -92.70 -95.80 -9.85
N THR SF 108 -91.91 -96.62 -9.14
CA THR SF 108 -92.04 -96.69 -7.69
C THR SF 108 -91.70 -95.35 -7.03
N MET SF 109 -90.63 -94.70 -7.51
CA MET SF 109 -90.29 -93.37 -7.01
C MET SF 109 -91.42 -92.38 -7.27
N LEU SF 110 -91.98 -92.40 -8.48
CA LEU SF 110 -93.01 -91.44 -8.84
C LEU SF 110 -94.27 -91.63 -8.02
N ASN SF 111 -94.65 -92.89 -7.77
CA ASN SF 111 -95.90 -93.13 -7.06
C ASN SF 111 -95.76 -92.86 -5.58
N ALA SF 112 -94.63 -93.22 -4.97
CA ALA SF 112 -94.42 -92.96 -3.56
C ALA SF 112 -94.31 -91.47 -3.27
N ALA SF 113 -93.75 -90.71 -4.22
CA ALA SF 113 -93.66 -89.26 -4.04
C ALA SF 113 -95.01 -88.58 -4.23
N ALA SF 114 -95.91 -89.18 -5.00
CA ALA SF 114 -97.23 -88.60 -5.21
C ALA SF 114 -98.04 -88.61 -3.91
N GLN SF 115 -98.04 -89.74 -3.21
CA GLN SF 115 -98.69 -89.80 -1.91
C GLN SF 115 -97.99 -88.95 -0.87
N LEU SF 116 -96.74 -88.56 -1.11
CA LEU SF 116 -96.04 -87.70 -0.15
C LEU SF 116 -96.65 -86.31 -0.11
N LEU SF 117 -97.36 -85.89 -1.17
CA LEU SF 117 -97.98 -84.58 -1.19
C LEU SF 117 -99.49 -84.65 -1.42
N PHE SF 118 -100.10 -85.83 -1.23
CA PHE SF 118 -101.56 -85.86 -1.15
C PHE SF 118 -102.11 -86.75 -0.04
N ASP SF 119 -101.30 -87.58 0.62
CA ASP SF 119 -101.79 -88.34 1.77
C ASP SF 119 -102.14 -87.40 2.90
N SER SF 120 -103.18 -87.78 3.67
CA SER SF 120 -103.70 -86.90 4.70
C SER SF 120 -102.70 -86.70 5.84
N ASP SF 121 -101.84 -87.70 6.09
CA ASP SF 121 -100.88 -87.62 7.18
C ASP SF 121 -99.88 -86.47 6.98
N TYR SF 122 -99.72 -86.02 5.74
CA TYR SF 122 -98.76 -84.96 5.46
C TYR SF 122 -99.45 -83.62 5.25
N SER SF 123 -100.75 -83.55 5.55
CA SER SF 123 -101.49 -82.32 5.34
C SER SF 123 -100.94 -81.17 6.19
N ASP SF 124 -100.63 -81.43 7.46
CA ASP SF 124 -100.14 -80.38 8.34
C ASP SF 124 -98.70 -80.00 8.06
N PHE SF 125 -97.92 -80.89 7.45
CA PHE SF 125 -96.57 -80.52 7.05
C PHE SF 125 -96.57 -79.53 5.89
N TRP SF 126 -97.49 -79.69 4.93
CA TRP SF 126 -97.54 -78.80 3.78
C TRP SF 126 -98.24 -77.49 4.10
N LYS SF 127 -99.36 -77.55 4.83
CA LYS SF 127 -100.13 -76.36 5.15
C LYS SF 127 -99.67 -75.71 6.45
N ALA SF 128 -99.71 -76.45 7.56
CA ALA SF 128 -99.33 -75.90 8.85
C ALA SF 128 -97.83 -75.85 9.06
N GLN SF 129 -97.04 -76.45 8.16
CA GLN SF 129 -95.59 -76.48 8.28
C GLN SF 129 -95.16 -77.18 9.57
N ALA SF 130 -95.86 -78.26 9.90
CA ALA SF 130 -95.72 -78.97 11.15
C ALA SF 130 -94.96 -80.27 10.94
N LEU SF 131 -93.75 -80.35 11.49
CA LEU SF 131 -92.91 -81.52 11.34
C LEU SF 131 -93.46 -82.73 12.09
N ALA SF 132 -94.11 -82.50 13.23
CA ALA SF 132 -94.72 -83.60 13.96
C ALA SF 132 -96.11 -83.22 14.46
N ALA TF 1 -98.36 -86.24 -24.68
CA ALA TF 1 -97.56 -85.96 -23.50
C ALA TF 1 -97.78 -84.53 -23.03
N ILE TF 2 -96.68 -83.82 -22.76
CA ILE TF 2 -96.79 -82.41 -22.42
C ILE TF 2 -97.05 -81.61 -23.68
N ALA TF 3 -98.32 -81.29 -23.92
CA ALA TF 3 -98.75 -80.65 -25.16
C ALA TF 3 -100.25 -80.41 -25.13
N ASN TF 4 -101.02 -81.47 -24.90
CA ASN TF 4 -102.48 -81.39 -24.85
C ASN TF 4 -103.01 -82.20 -23.67
N SER TF 5 -102.18 -82.45 -22.66
CA SER TF 5 -102.57 -83.29 -21.55
C SER TF 5 -103.63 -82.60 -20.70
N SER TF 6 -104.44 -83.41 -20.03
CA SER TF 6 -105.53 -82.92 -19.19
C SER TF 6 -105.20 -83.23 -17.72
N ILE TF 7 -105.39 -82.23 -16.87
CA ILE TF 7 -105.20 -82.37 -15.42
C ILE TF 7 -106.48 -81.93 -14.72
N ALA TF 8 -106.97 -82.77 -13.82
CA ALA TF 8 -108.24 -82.51 -13.14
C ALA TF 8 -108.02 -81.62 -11.93
N ILE TF 9 -108.27 -80.33 -12.09
CA ILE TF 9 -108.05 -79.37 -11.01
C ILE TF 9 -109.09 -79.57 -9.92
N ASP TF 10 -108.64 -79.50 -8.67
CA ASP TF 10 -109.49 -79.62 -7.49
C ASP TF 10 -110.27 -80.93 -7.48
N SER TF 11 -109.55 -82.01 -7.72
CA SER TF 11 -110.11 -83.36 -7.67
C SER TF 11 -109.61 -84.07 -6.41
N THR TF 12 -110.02 -85.34 -6.26
CA THR TF 12 -109.59 -86.17 -5.15
C THR TF 12 -108.71 -87.30 -5.68
N ALA TF 13 -107.49 -87.40 -5.16
CA ALA TF 13 -106.55 -88.42 -5.57
C ALA TF 13 -106.48 -89.51 -4.51
N SER TF 14 -106.53 -90.76 -4.95
CA SER TF 14 -106.50 -91.92 -4.07
C SER TF 14 -105.51 -92.95 -4.59
N VAL TF 15 -105.35 -94.03 -3.84
CA VAL TF 15 -104.40 -95.09 -4.13
C VAL TF 15 -105.06 -96.44 -3.89
N THR TF 16 -104.83 -97.39 -4.79
CA THR TF 16 -105.30 -98.75 -4.62
C THR TF 16 -104.15 -99.71 -4.85
N GLY TF 17 -104.24 -100.89 -4.24
CA GLY TF 17 -103.18 -101.87 -4.36
C GLY TF 17 -101.96 -101.49 -3.55
N GLY TF 18 -100.86 -102.19 -3.84
CA GLY TF 18 -99.59 -101.89 -3.20
C GLY TF 18 -99.47 -102.49 -1.81
N THR TF 19 -98.31 -102.24 -1.21
CA THR TF 19 -98.03 -102.63 0.16
C THR TF 19 -97.92 -101.39 1.04
N ALA TF 20 -98.57 -101.43 2.19
CA ALA TF 20 -98.64 -100.30 3.11
C ALA TF 20 -97.43 -100.35 4.03
N ARG TF 21 -96.49 -99.44 3.83
CA ARG TF 21 -95.35 -99.33 4.72
C ARG TF 21 -95.57 -98.19 5.70
N THR TF 22 -94.78 -98.21 6.78
CA THR TF 22 -95.11 -97.39 7.96
C THR TF 22 -94.43 -96.02 7.93
N VAL TF 23 -93.17 -95.97 7.47
CA VAL TF 23 -92.33 -94.78 7.57
C VAL TF 23 -91.98 -94.56 9.03
N LYS TF 24 -90.69 -94.54 9.36
CA LYS TF 24 -90.23 -94.44 10.74
C LYS TF 24 -89.24 -93.31 10.85
N GLU TF 25 -89.37 -92.49 11.88
CA GLU TF 25 -88.46 -91.37 12.08
C GLU TF 25 -87.08 -91.86 12.47
N LEU TF 26 -86.06 -91.32 11.81
CA LEU TF 26 -84.68 -91.62 12.19
C LEU TF 26 -84.11 -90.55 13.12
N VAL TF 27 -84.01 -89.33 12.63
CA VAL TF 27 -83.28 -88.25 13.30
C VAL TF 27 -84.02 -86.94 13.07
N ARG TF 28 -83.99 -86.09 14.07
CA ARG TF 28 -84.66 -84.80 14.02
C ARG TF 28 -83.59 -83.71 14.10
N ASN TF 29 -84.04 -82.47 14.29
CA ASN TF 29 -83.19 -81.28 14.41
C ASN TF 29 -82.67 -80.81 13.07
N ASN TF 30 -82.83 -79.52 12.80
CA ASN TF 30 -83.77 -78.66 13.50
C ASN TF 30 -84.55 -77.93 12.43
N SER TF 31 -85.88 -78.00 12.52
CA SER TF 31 -86.74 -77.70 11.38
C SER TF 31 -86.38 -78.62 10.21
N GLU TF 32 -86.06 -79.87 10.57
CA GLU TF 32 -85.61 -80.86 9.60
C GLU TF 32 -85.88 -82.25 10.17
N LEU TF 33 -86.85 -82.96 9.60
CA LEU TF 33 -87.10 -84.34 10.00
C LEU TF 33 -86.43 -85.29 9.03
N ASN TF 34 -86.04 -86.47 9.54
CA ASN TF 34 -85.49 -87.54 8.72
C ASN TF 34 -86.19 -88.84 9.09
N ALA TF 35 -86.70 -89.54 8.09
CA ALA TF 35 -87.43 -90.77 8.31
C ALA TF 35 -86.97 -91.80 7.29
N TYR TF 36 -87.61 -92.96 7.30
CA TYR TF 36 -87.32 -93.99 6.31
C TYR TF 36 -88.54 -94.88 6.17
N ILE TF 37 -88.82 -95.29 4.94
CA ILE TF 37 -89.95 -96.17 4.66
C ILE TF 37 -89.51 -97.60 4.95
N ASP TF 38 -90.10 -98.20 5.97
CA ASP TF 38 -89.70 -99.53 6.42
C ASP TF 38 -90.42 -100.59 5.59
N GLU TF 39 -89.67 -101.28 4.72
CA GLU TF 39 -90.22 -102.36 3.92
C GLU TF 39 -89.41 -103.63 4.10
N GLY TF 40 -88.79 -103.79 5.26
CA GLY TF 40 -87.99 -104.97 5.55
C GLY TF 40 -86.76 -105.11 4.67
N LEU TF 41 -86.07 -104.02 4.41
CA LEU TF 41 -84.86 -104.03 3.62
C LEU TF 41 -83.65 -103.74 4.50
N SER TF 42 -82.46 -103.86 3.92
CA SER TF 42 -81.24 -103.66 4.67
C SER TF 42 -80.98 -102.17 4.89
N PHE TF 43 -79.94 -101.88 5.67
CA PHE TF 43 -79.64 -100.50 6.04
C PHE TF 43 -79.21 -99.67 4.82
N GLN TF 44 -78.52 -100.28 3.87
CA GLN TF 44 -78.06 -99.55 2.70
C GLN TF 44 -79.10 -99.48 1.58
N ALA TF 45 -80.19 -100.23 1.69
CA ALA TF 45 -81.18 -100.32 0.63
C ALA TF 45 -82.53 -99.77 1.05
N ARG TF 46 -82.58 -99.01 2.13
CA ARG TF 46 -83.84 -98.46 2.62
C ARG TF 46 -84.13 -97.11 1.95
N LYS TF 47 -85.42 -96.77 1.91
CA LYS TF 47 -85.92 -95.61 1.20
C LYS TF 47 -85.39 -94.28 1.74
N GLU TF 48 -85.67 -93.97 3.00
CA GLU TF 48 -85.16 -92.76 3.66
C GLU TF 48 -85.66 -91.44 3.07
N VAL TF 49 -86.93 -91.11 3.25
CA VAL TF 49 -87.48 -89.81 2.88
C VAL TF 49 -87.11 -88.78 3.95
N ALA TF 50 -86.73 -87.58 3.52
CA ALA TF 50 -86.38 -86.49 4.42
C ALA TF 50 -87.39 -85.34 4.30
N PHE TF 51 -87.52 -84.58 5.39
CA PHE TF 51 -88.46 -83.48 5.48
C PHE TF 51 -87.76 -82.23 5.98
N SER TF 52 -87.94 -81.12 5.28
CA SER TF 52 -87.34 -79.85 5.64
C SER TF 52 -88.41 -78.78 5.70
N VAL TF 53 -88.09 -77.67 6.38
CA VAL TF 53 -89.05 -76.60 6.59
C VAL TF 53 -88.32 -75.27 6.74
N LYS TF 54 -88.80 -74.25 6.05
CA LYS TF 54 -88.32 -72.87 6.20
C LYS TF 54 -89.53 -72.02 6.56
N VAL TF 55 -89.56 -71.53 7.80
CA VAL TF 55 -90.72 -70.79 8.29
C VAL TF 55 -90.77 -69.43 7.62
N PRO TF 56 -91.93 -68.78 7.52
CA PRO TF 56 -91.99 -67.44 6.92
C PRO TF 56 -91.22 -66.43 7.77
N LYS TF 57 -90.32 -65.71 7.13
CA LYS TF 57 -89.46 -64.74 7.79
C LYS TF 57 -89.99 -63.34 7.53
N VAL TF 58 -89.96 -62.49 8.54
CA VAL TF 58 -90.49 -61.14 8.43
C VAL TF 58 -89.52 -60.27 7.64
N SER TF 59 -89.78 -60.13 6.34
CA SER TF 59 -88.99 -59.23 5.50
C SER TF 59 -89.69 -57.89 5.39
N VAL TF 60 -89.24 -57.03 4.47
CA VAL TF 60 -89.84 -55.72 4.28
C VAL TF 60 -90.29 -55.56 2.84
N SER TF 61 -89.37 -55.79 1.90
CA SER TF 61 -89.63 -55.55 0.48
C SER TF 61 -90.14 -56.83 -0.19
N ALA TF 62 -91.27 -57.31 0.33
CA ALA TF 62 -91.86 -58.51 -0.23
C ALA TF 62 -93.37 -58.35 -0.30
N PRO TF 63 -94.04 -59.04 -1.23
CA PRO TF 63 -95.50 -59.05 -1.22
C PRO TF 63 -96.03 -59.60 0.10
N GLY TF 64 -97.02 -58.93 0.67
CA GLY TF 64 -97.60 -59.36 1.92
C GLY TF 64 -96.81 -58.88 3.12
N GLY TF 65 -95.49 -58.83 2.98
CA GLY TF 65 -94.63 -58.38 4.04
C GLY TF 65 -93.56 -59.38 4.44
N PHE TF 66 -93.92 -60.66 4.50
CA PHE TF 66 -92.98 -61.69 4.93
C PHE TF 66 -92.41 -62.41 3.72
N THR TF 67 -91.40 -63.25 3.97
CA THR TF 67 -90.93 -64.19 2.96
C THR TF 67 -91.88 -65.38 2.90
N GLN TF 68 -91.58 -66.31 2.01
CA GLN TF 68 -92.47 -67.41 1.74
C GLN TF 68 -92.25 -68.58 2.70
N ALA TF 69 -93.30 -69.36 2.91
CA ALA TF 69 -93.25 -70.55 3.74
C ALA TF 69 -92.80 -71.72 2.88
N ARG TF 70 -91.51 -72.05 2.96
CA ARG TF 70 -90.95 -73.14 2.17
C ARG TF 70 -91.08 -74.46 2.92
N SER TF 71 -91.38 -75.52 2.17
CA SER TF 71 -91.56 -76.85 2.75
C SER TF 71 -91.05 -77.86 1.75
N THR TF 72 -89.91 -78.48 2.05
CA THR TF 72 -89.24 -79.38 1.12
C THR TF 72 -89.33 -80.82 1.59
N VAL TF 73 -89.46 -81.73 0.63
CA VAL TF 73 -89.42 -83.17 0.87
C VAL TF 73 -88.47 -83.77 -0.15
N ILE TF 74 -87.56 -84.63 0.31
CA ILE TF 74 -86.69 -85.40 -0.58
C ILE TF 74 -86.84 -86.87 -0.25
N LEU TF 75 -87.23 -87.66 -1.23
CA LEU TF 75 -87.26 -89.11 -1.11
C LEU TF 75 -86.01 -89.65 -1.78
N LYS TF 76 -85.13 -90.28 -1.01
CA LYS TF 76 -83.97 -90.94 -1.56
C LYS TF 76 -84.33 -92.39 -1.91
N SER TF 77 -83.52 -93.01 -2.76
CA SER TF 77 -83.75 -94.37 -3.22
C SER TF 77 -82.43 -94.99 -3.64
N PRO TF 78 -81.83 -95.82 -2.80
CA PRO TF 78 -80.55 -96.43 -3.16
C PRO TF 78 -80.67 -97.34 -4.38
N LYS TF 79 -79.59 -97.41 -5.15
CA LYS TF 79 -79.52 -98.30 -6.28
C LYS TF 79 -78.07 -98.73 -6.48
N THR TF 80 -77.87 -100.02 -6.72
CA THR TF 80 -76.54 -100.55 -7.00
C THR TF 80 -76.37 -100.72 -8.50
N LEU TF 81 -75.17 -100.47 -8.99
CA LEU TF 81 -74.94 -100.36 -10.42
C LEU TF 81 -74.35 -101.66 -10.98
N ALA TF 82 -74.12 -101.65 -12.29
CA ALA TF 82 -73.57 -102.81 -12.99
C ALA TF 82 -72.09 -103.02 -12.71
N ASN TF 83 -71.43 -102.06 -12.07
CA ASN TF 83 -70.05 -102.22 -11.65
C ASN TF 83 -69.92 -102.42 -10.14
N GLY TF 84 -71.03 -102.52 -9.42
CA GLY TF 84 -71.02 -102.77 -8.00
C GLY TF 84 -71.04 -101.54 -7.12
N ASN TF 85 -70.90 -100.35 -7.69
CA ASN TF 85 -70.93 -99.13 -6.90
C ASN TF 85 -72.36 -98.79 -6.48
N ARG TF 86 -72.49 -97.92 -5.48
CA ARG TF 86 -73.76 -97.52 -4.91
C ARG TF 86 -74.02 -96.06 -5.23
N THR TF 87 -75.21 -95.76 -5.72
CA THR TF 87 -75.68 -94.39 -5.94
C THR TF 87 -77.08 -94.23 -5.38
N VAL TF 88 -77.59 -93.01 -5.42
CA VAL TF 88 -78.90 -92.68 -4.87
C VAL TF 88 -79.72 -91.94 -5.92
N ASN TF 89 -80.96 -92.35 -6.10
CA ASN TF 89 -81.94 -91.62 -6.90
C ASN TF 89 -82.82 -90.82 -5.94
N THR TF 90 -83.17 -89.60 -6.34
CA THR TF 90 -83.91 -88.72 -5.46
C THR TF 90 -85.12 -88.13 -6.17
N VAL TF 91 -86.14 -87.84 -5.38
CA VAL TF 91 -87.27 -87.02 -5.81
C VAL TF 91 -87.40 -85.86 -4.83
N SER TF 92 -87.22 -84.63 -5.30
CA SER TF 92 -87.27 -83.47 -4.43
C SER TF 92 -88.53 -82.67 -4.73
N ILE TF 93 -89.34 -82.43 -3.71
CA ILE TF 93 -90.57 -81.66 -3.82
C ILE TF 93 -90.47 -80.46 -2.89
N GLN TF 94 -90.55 -79.26 -3.45
CA GLN TF 94 -90.54 -78.03 -2.67
C GLN TF 94 -91.85 -77.29 -2.89
N LEU TF 95 -92.54 -76.98 -1.80
CA LEU TF 95 -93.75 -76.16 -1.83
C LEU TF 95 -93.39 -74.82 -1.21
N SER TF 96 -93.62 -73.75 -1.96
CA SER TF 96 -93.29 -72.40 -1.52
C SER TF 96 -94.49 -71.50 -1.75
N VAL TF 97 -95.26 -71.27 -0.69
CA VAL TF 97 -96.42 -70.41 -0.76
C VAL TF 97 -96.22 -69.20 0.14
N ASP TF 98 -96.97 -68.15 -0.11
CA ASP TF 98 -97.01 -66.99 0.77
C ASP TF 98 -97.83 -67.34 2.01
N PRO TF 99 -97.50 -66.74 3.15
CA PRO TF 99 -98.23 -67.07 4.39
C PRO TF 99 -99.72 -66.76 4.32
N GLU TF 100 -100.13 -65.83 3.46
CA GLU TF 100 -101.54 -65.48 3.30
C GLU TF 100 -102.34 -66.53 2.56
N THR TF 101 -101.68 -67.55 2.01
CA THR TF 101 -102.36 -68.60 1.27
C THR TF 101 -103.22 -69.45 2.21
N THR TF 102 -104.43 -69.76 1.76
CA THR TF 102 -105.35 -70.58 2.53
C THR TF 102 -105.05 -72.06 2.32
N ALA TF 103 -105.64 -72.89 3.18
CA ALA TF 103 -105.41 -74.33 3.11
C ALA TF 103 -105.98 -74.91 1.83
N ALA TF 104 -107.10 -74.38 1.36
CA ALA TF 104 -107.73 -74.91 0.15
C ALA TF 104 -106.94 -74.54 -1.11
N GLU TF 105 -106.27 -73.39 -1.11
CA GLU TF 105 -105.43 -73.03 -2.23
C GLU TF 105 -104.14 -73.86 -2.26
N VAL TF 106 -103.73 -74.38 -1.10
CA VAL TF 106 -102.57 -75.26 -1.05
C VAL TF 106 -102.97 -76.68 -1.44
N THR TF 107 -104.19 -77.08 -1.09
CA THR TF 107 -104.71 -78.38 -1.47
C THR TF 107 -104.82 -78.52 -2.98
N THR TF 108 -105.12 -77.41 -3.65
CA THR TF 108 -105.23 -77.44 -5.11
C THR TF 108 -103.85 -77.60 -5.75
N MET TF 109 -102.86 -76.86 -5.25
CA MET TF 109 -101.51 -76.97 -5.78
C MET TF 109 -100.95 -78.38 -5.62
N LEU TF 110 -101.15 -78.96 -4.44
CA LEU TF 110 -100.61 -80.29 -4.18
C LEU TF 110 -101.28 -81.33 -5.06
N ASN TF 111 -102.59 -81.19 -5.30
CA ASN TF 111 -103.29 -82.13 -6.15
C ASN TF 111 -102.87 -81.98 -7.61
N ALA TF 112 -102.71 -80.74 -8.07
CA ALA TF 112 -102.23 -80.51 -9.43
C ALA TF 112 -100.81 -81.04 -9.61
N ALA TF 113 -99.95 -80.77 -8.63
CA ALA TF 113 -98.56 -81.21 -8.73
C ALA TF 113 -98.44 -82.72 -8.55
N ALA TF 114 -99.28 -83.32 -7.71
CA ALA TF 114 -99.25 -84.77 -7.56
C ALA TF 114 -99.66 -85.45 -8.86
N GLN TF 115 -100.59 -84.85 -9.60
CA GLN TF 115 -101.04 -85.44 -10.86
C GLN TF 115 -99.91 -85.45 -11.89
N LEU TF 116 -99.04 -84.45 -11.87
CA LEU TF 116 -97.88 -84.44 -12.77
C LEU TF 116 -96.77 -85.26 -12.12
N LEU TF 117 -97.15 -86.41 -11.57
CA LEU TF 117 -96.19 -87.37 -11.05
C LEU TF 117 -96.60 -88.79 -11.44
N PHE TF 118 -97.91 -89.00 -11.58
CA PHE TF 118 -98.44 -90.33 -11.84
C PHE TF 118 -99.40 -90.40 -13.02
N ASP TF 119 -99.77 -89.27 -13.60
CA ASP TF 119 -100.65 -89.28 -14.77
C ASP TF 119 -99.93 -89.94 -15.95
N SER TF 120 -100.67 -90.78 -16.67
CA SER TF 120 -100.07 -91.57 -17.75
C SER TF 120 -99.53 -90.68 -18.86
N ASP TF 121 -100.05 -89.46 -18.97
CA ASP TF 121 -99.61 -88.53 -20.01
C ASP TF 121 -98.14 -88.15 -19.81
N TYR TF 122 -97.74 -87.90 -18.56
CA TYR TF 122 -96.35 -87.57 -18.28
C TYR TF 122 -95.58 -88.79 -17.84
N SER TF 123 -95.46 -89.80 -18.70
CA SER TF 123 -94.65 -90.96 -18.38
C SER TF 123 -93.35 -90.90 -19.15
N ASP TF 124 -93.43 -90.55 -20.44
CA ASP TF 124 -92.23 -90.42 -21.25
C ASP TF 124 -91.34 -89.28 -20.75
N PHE TF 125 -91.92 -88.28 -20.09
CA PHE TF 125 -91.13 -87.17 -19.57
C PHE TF 125 -90.25 -87.57 -18.39
N TRP TF 126 -90.73 -88.45 -17.52
CA TRP TF 126 -89.95 -88.84 -16.34
C TRP TF 126 -88.97 -89.97 -16.67
N LYS TF 127 -89.45 -91.02 -17.34
CA LYS TF 127 -88.61 -92.18 -17.59
C LYS TF 127 -87.79 -91.99 -18.87
N ALA TF 128 -88.46 -91.73 -20.00
CA ALA TF 128 -87.75 -91.54 -21.25
C ALA TF 128 -87.10 -90.16 -21.34
N GLN TF 129 -87.42 -89.27 -20.40
CA GLN TF 129 -86.90 -87.90 -20.39
C GLN TF 129 -87.22 -87.18 -21.70
N ALA TF 130 -88.41 -87.44 -22.23
CA ALA TF 130 -88.87 -86.89 -23.50
C ALA TF 130 -89.74 -85.68 -23.25
N LEU TF 131 -89.26 -84.50 -23.64
CA LEU TF 131 -89.97 -83.25 -23.39
C LEU TF 131 -91.31 -83.20 -24.10
N ALA TF 132 -91.35 -83.67 -25.34
CA ALA TF 132 -92.60 -83.71 -26.10
C ALA TF 132 -92.52 -84.72 -27.23
N ALA UF 1 -111.54 -46.73 -53.10
CA ALA UF 1 -110.22 -46.39 -52.58
C ALA UF 1 -110.26 -46.26 -51.06
N ILE UF 2 -109.19 -45.68 -50.50
CA ILE UF 2 -109.07 -45.58 -49.04
C ILE UF 2 -110.18 -44.69 -48.48
N ALA UF 3 -110.43 -43.55 -49.11
CA ALA UF 3 -111.48 -42.65 -48.65
C ALA UF 3 -112.85 -43.29 -48.86
N ASN UF 4 -113.66 -43.27 -47.81
CA ASN UF 4 -115.02 -43.84 -47.83
C ASN UF 4 -115.01 -45.32 -48.14
N SER UF 5 -113.93 -46.00 -47.76
CA SER UF 5 -113.86 -47.45 -47.86
C SER UF 5 -114.66 -48.05 -46.71
N SER UF 6 -115.32 -49.18 -46.97
CA SER UF 6 -116.14 -49.84 -45.96
C SER UF 6 -115.47 -51.11 -45.45
N ILE UF 7 -115.46 -51.27 -44.14
CA ILE UF 7 -114.92 -52.46 -43.48
C ILE UF 7 -116.00 -53.04 -42.58
N ALA UF 8 -116.23 -54.34 -42.68
CA ALA UF 8 -117.27 -55.01 -41.90
C ALA UF 8 -116.66 -55.50 -40.59
N ILE UF 9 -116.99 -54.83 -39.49
CA ILE UF 9 -116.44 -55.14 -38.18
C ILE UF 9 -117.13 -56.37 -37.61
N ASP UF 10 -116.36 -57.23 -36.94
CA ASP UF 10 -116.85 -58.47 -36.33
C ASP UF 10 -117.48 -59.37 -37.38
N SER UF 11 -116.63 -59.82 -38.30
CA SER UF 11 -117.08 -60.58 -39.46
C SER UF 11 -116.28 -61.86 -39.58
N THR UF 12 -116.93 -62.91 -40.08
CA THR UF 12 -116.23 -64.14 -40.40
C THR UF 12 -115.53 -64.00 -41.74
N ALA UF 13 -114.26 -64.38 -41.79
CA ALA UF 13 -113.45 -64.31 -43.00
C ALA UF 13 -113.31 -65.73 -43.53
N SER UF 14 -113.86 -65.97 -44.73
CA SER UF 14 -113.69 -67.26 -45.38
C SER UF 14 -112.56 -67.17 -46.40
N VAL UF 15 -112.29 -68.28 -47.08
CA VAL UF 15 -111.33 -68.31 -48.17
C VAL UF 15 -111.63 -69.51 -49.06
N THR UF 16 -111.74 -69.29 -50.36
CA THR UF 16 -112.05 -70.34 -51.32
C THR UF 16 -111.26 -70.10 -52.60
N GLY UF 17 -110.03 -70.62 -52.66
CA GLY UF 17 -109.30 -70.61 -53.92
C GLY UF 17 -108.61 -71.91 -54.26
N GLY UF 18 -108.52 -72.82 -53.29
CA GLY UF 18 -107.80 -74.06 -53.51
C GLY UF 18 -106.31 -73.94 -53.25
N THR UF 19 -105.54 -74.91 -53.74
CA THR UF 19 -104.08 -74.94 -53.57
C THR UF 19 -103.71 -74.93 -52.09
N ALA UF 20 -104.17 -75.97 -51.39
CA ALA UF 20 -103.94 -76.07 -49.95
C ALA UF 20 -102.52 -76.52 -49.65
N ARG UF 21 -101.63 -75.55 -49.43
CA ARG UF 21 -100.24 -75.86 -49.10
C ARG UF 21 -100.11 -76.20 -47.62
N THR UF 22 -98.87 -76.41 -47.19
CA THR UF 22 -98.58 -76.83 -45.84
C THR UF 22 -97.40 -76.03 -45.30
N VAL UF 23 -97.57 -75.47 -44.11
CA VAL UF 23 -96.49 -74.76 -43.43
C VAL UF 23 -95.68 -75.78 -42.65
N LYS UF 24 -94.39 -75.91 -43.00
CA LYS UF 24 -93.48 -76.81 -42.31
C LYS UF 24 -92.42 -75.99 -41.60
N GLU UF 25 -92.21 -76.29 -40.32
CA GLU UF 25 -91.24 -75.52 -39.56
C GLU UF 25 -89.82 -75.95 -39.91
N LEU UF 26 -88.90 -74.98 -39.87
CA LEU UF 26 -87.50 -75.24 -40.18
C LEU UF 26 -86.67 -75.24 -38.91
N VAL UF 27 -86.65 -74.13 -38.16
CA VAL UF 27 -85.85 -73.99 -36.95
C VAL UF 27 -86.68 -73.25 -35.92
N ARG UF 28 -86.07 -73.01 -34.77
CA ARG UF 28 -86.78 -72.36 -33.68
C ARG UF 28 -86.05 -71.16 -33.08
N ASN UF 29 -84.72 -71.14 -33.13
CA ASN UF 29 -83.84 -70.24 -32.37
C ASN UF 29 -84.50 -69.62 -31.14
N ASN UF 30 -84.23 -68.34 -30.89
CA ASN UF 30 -84.59 -67.70 -29.62
C ASN UF 30 -86.01 -67.15 -29.70
N SER UF 31 -86.95 -67.88 -29.10
CA SER UF 31 -88.35 -67.44 -28.99
C SER UF 31 -88.91 -67.06 -30.35
N GLU UF 32 -88.57 -67.88 -31.35
CA GLU UF 32 -88.96 -67.64 -32.74
C GLU UF 32 -89.44 -68.95 -33.32
N LEU UF 33 -89.96 -68.91 -34.54
CA LEU UF 33 -90.34 -70.11 -35.25
C LEU UF 33 -90.26 -69.88 -36.75
N ASN UF 34 -89.17 -70.30 -37.37
CA ASN UF 34 -89.00 -70.10 -38.80
C ASN UF 34 -89.54 -71.32 -39.54
N ALA UF 35 -90.55 -71.09 -40.37
CA ALA UF 35 -91.18 -72.13 -41.16
C ALA UF 35 -91.08 -71.77 -42.64
N TYR UF 36 -91.71 -72.58 -43.48
CA TYR UF 36 -91.73 -72.33 -44.92
C TYR UF 36 -92.96 -73.01 -45.51
N ILE UF 37 -93.43 -72.48 -46.63
CA ILE UF 37 -94.61 -73.01 -47.29
C ILE UF 37 -94.16 -74.01 -48.35
N ASP UF 38 -94.69 -75.23 -48.29
CA ASP UF 38 -94.26 -76.32 -49.16
C ASP UF 38 -95.08 -76.27 -50.46
N GLU UF 39 -94.49 -75.64 -51.47
CA GLU UF 39 -95.11 -75.54 -52.78
C GLU UF 39 -94.31 -76.25 -53.87
N GLY UF 40 -93.24 -76.93 -53.53
CA GLY UF 40 -92.41 -77.62 -54.49
C GLY UF 40 -91.39 -76.75 -55.21
N LEU UF 41 -91.20 -75.51 -54.78
CA LEU UF 41 -90.22 -74.64 -55.40
C LEU UF 41 -88.81 -75.05 -54.99
N SER UF 42 -87.83 -74.29 -55.46
CA SER UF 42 -86.44 -74.60 -55.13
C SER UF 42 -86.16 -74.29 -53.66
N PHE UF 43 -84.95 -74.64 -53.24
CA PHE UF 43 -84.58 -74.46 -51.84
C PHE UF 43 -84.48 -72.98 -51.48
N GLN UF 44 -83.85 -72.19 -52.33
CA GLN UF 44 -83.71 -70.75 -52.10
C GLN UF 44 -84.70 -69.94 -52.93
N ALA UF 45 -85.83 -70.56 -53.29
CA ALA UF 45 -86.93 -69.83 -53.91
C ALA UF 45 -88.26 -70.06 -53.19
N ARG UF 46 -88.25 -70.79 -52.07
CA ARG UF 46 -89.47 -71.06 -51.33
C ARG UF 46 -89.85 -69.87 -50.45
N LYS UF 47 -91.11 -69.81 -50.05
CA LYS UF 47 -91.57 -68.71 -49.19
C LYS UF 47 -91.50 -69.16 -47.74
N GLU UF 48 -90.66 -68.49 -46.95
CA GLU UF 48 -90.49 -68.78 -45.53
C GLU UF 48 -91.24 -67.73 -44.73
N VAL UF 49 -92.11 -68.19 -43.83
CA VAL UF 49 -92.78 -67.28 -42.91
C VAL UF 49 -92.25 -67.50 -41.50
N ALA UF 50 -91.86 -66.42 -40.84
CA ALA UF 50 -91.28 -66.48 -39.51
C ALA UF 50 -92.25 -65.94 -38.47
N PHE UF 51 -92.33 -66.64 -37.34
CA PHE UF 51 -93.20 -66.29 -36.23
C PHE UF 51 -92.34 -65.92 -35.02
N SER UF 52 -92.85 -65.04 -34.16
CA SER UF 52 -92.11 -64.64 -32.98
C SER UF 52 -93.05 -64.04 -31.94
N VAL UF 53 -92.71 -64.23 -30.67
CA VAL UF 53 -93.49 -63.70 -29.56
C VAL UF 53 -92.56 -62.92 -28.63
N LYS UF 54 -93.14 -61.96 -27.91
CA LYS UF 54 -92.40 -61.05 -27.03
C LYS UF 54 -93.19 -60.87 -25.73
N VAL UF 55 -93.52 -62.00 -25.08
CA VAL UF 55 -94.39 -62.08 -23.90
C VAL UF 55 -94.13 -60.95 -22.90
N PRO UF 56 -95.18 -60.46 -22.23
CA PRO UF 56 -95.04 -59.26 -21.39
C PRO UF 56 -94.09 -59.47 -20.22
N LYS UF 57 -93.46 -58.36 -19.81
CA LYS UF 57 -92.49 -58.36 -18.73
C LYS UF 57 -92.94 -57.33 -17.70
N VAL UF 58 -93.03 -57.76 -16.43
CA VAL UF 58 -93.58 -56.93 -15.38
C VAL UF 58 -92.72 -55.69 -15.18
N SER UF 59 -93.29 -54.53 -15.47
CA SER UF 59 -92.58 -53.25 -15.37
C SER UF 59 -93.19 -52.39 -14.26
N VAL UF 60 -92.62 -51.22 -14.03
CA VAL UF 60 -93.16 -50.23 -13.11
C VAL UF 60 -93.92 -49.13 -13.86
N SER UF 61 -93.47 -48.80 -15.06
CA SER UF 61 -94.12 -47.94 -16.02
C SER UF 61 -95.23 -48.76 -16.70
N ALA UF 62 -95.64 -48.35 -17.91
CA ALA UF 62 -96.68 -49.06 -18.65
C ALA UF 62 -98.02 -48.96 -17.95
N PRO UF 63 -98.73 -47.85 -18.14
CA PRO UF 63 -99.91 -47.54 -17.33
C PRO UF 63 -101.03 -48.55 -17.54
N GLY UF 64 -100.99 -49.60 -16.72
CA GLY UF 64 -101.71 -50.83 -16.93
C GLY UF 64 -100.91 -51.97 -16.33
N GLY UF 65 -99.67 -51.67 -15.96
CA GLY UF 65 -98.86 -52.57 -15.16
C GLY UF 65 -97.58 -53.05 -15.81
N PHE UF 66 -97.64 -53.42 -17.09
CA PHE UF 66 -96.49 -53.97 -17.79
C PHE UF 66 -96.74 -54.02 -19.30
N THR UF 67 -95.65 -54.25 -20.03
CA THR UF 67 -95.62 -54.09 -21.47
C THR UF 67 -96.60 -55.02 -22.17
N GLN UF 68 -96.82 -54.73 -23.45
CA GLN UF 68 -97.81 -55.45 -24.24
C GLN UF 68 -97.24 -56.76 -24.78
N ALA UF 69 -98.12 -57.57 -25.34
CA ALA UF 69 -97.77 -58.86 -25.93
C ALA UF 69 -97.77 -58.74 -27.44
N ARG UF 70 -96.62 -58.40 -28.01
CA ARG UF 70 -96.47 -58.29 -29.46
C ARG UF 70 -96.25 -59.67 -30.07
N SER UF 71 -96.87 -59.90 -31.22
CA SER UF 71 -96.69 -61.13 -31.99
C SER UF 71 -96.40 -60.73 -33.43
N THR UF 72 -95.29 -61.20 -33.97
CA THR UF 72 -94.86 -60.82 -35.30
C THR UF 72 -94.91 -61.99 -36.27
N VAL UF 73 -95.27 -61.69 -37.52
CA VAL UF 73 -95.25 -62.65 -38.61
C VAL UF 73 -94.66 -61.98 -39.84
N ILE UF 74 -93.51 -62.47 -40.31
CA ILE UF 74 -92.90 -61.97 -41.52
C ILE UF 74 -92.94 -63.06 -42.59
N LEU UF 75 -93.55 -62.73 -43.73
CA LEU UF 75 -93.68 -63.66 -44.85
C LEU UF 75 -92.69 -63.19 -45.93
N LYS UF 76 -91.69 -64.02 -46.21
CA LYS UF 76 -90.67 -63.67 -47.18
C LYS UF 76 -90.91 -64.44 -48.46
N SER UF 77 -91.17 -63.71 -49.55
CA SER UF 77 -91.43 -64.31 -50.86
C SER UF 77 -90.32 -63.95 -51.82
N PRO UF 78 -89.41 -64.86 -52.15
CA PRO UF 78 -88.28 -64.51 -53.02
C PRO UF 78 -88.75 -64.20 -54.43
N LYS UF 79 -87.98 -63.38 -55.13
CA LYS UF 79 -88.29 -63.00 -56.50
C LYS UF 79 -87.00 -62.77 -57.28
N THR UF 80 -86.91 -63.37 -58.46
CA THR UF 80 -85.78 -63.17 -59.36
C THR UF 80 -86.12 -62.03 -60.32
N LEU UF 81 -85.28 -61.01 -60.34
CA LEU UF 81 -85.54 -59.83 -61.16
C LEU UF 81 -85.10 -60.05 -62.60
N ALA UF 82 -85.48 -59.12 -63.48
CA ALA UF 82 -85.11 -59.21 -64.88
C ALA UF 82 -83.60 -59.06 -65.05
N ASN UF 83 -82.98 -58.17 -64.28
CA ASN UF 83 -81.52 -58.00 -64.37
C ASN UF 83 -80.78 -59.27 -64.00
N GLY UF 84 -81.44 -60.19 -63.28
CA GLY UF 84 -80.85 -61.48 -63.01
C GLY UF 84 -80.62 -61.74 -61.54
N ASN UF 85 -80.44 -60.68 -60.76
CA ASN UF 85 -80.20 -60.83 -59.33
C ASN UF 85 -81.48 -61.27 -58.61
N ARG UF 86 -81.36 -61.51 -57.32
CA ARG UF 86 -82.44 -62.03 -56.50
C ARG UF 86 -82.75 -61.03 -55.38
N THR UF 87 -84.01 -60.96 -55.02
CA THR UF 87 -84.48 -60.07 -53.96
C THR UF 87 -85.65 -60.75 -53.27
N VAL UF 88 -85.97 -60.30 -52.06
CA VAL UF 88 -87.06 -60.88 -51.28
C VAL UF 88 -88.12 -59.81 -51.05
N ASN UF 89 -89.37 -60.17 -51.26
CA ASN UF 89 -90.52 -59.30 -51.01
C ASN UF 89 -91.17 -59.79 -49.72
N THR UF 90 -91.29 -58.88 -48.75
CA THR UF 90 -91.70 -59.27 -47.40
C THR UF 90 -93.02 -58.64 -47.01
N VAL UF 91 -93.74 -59.33 -46.12
CA VAL UF 91 -94.95 -58.81 -45.49
C VAL UF 91 -94.89 -59.06 -43.99
N SER UF 92 -94.55 -58.02 -43.23
CA SER UF 92 -94.50 -58.16 -41.78
C SER UF 92 -95.82 -57.72 -41.15
N ILE UF 93 -96.18 -58.40 -40.06
CA ILE UF 93 -97.40 -58.09 -39.33
C ILE UF 93 -97.11 -58.18 -37.83
N GLN UF 94 -97.52 -57.17 -37.07
CA GLN UF 94 -97.28 -57.14 -35.64
C GLN UF 94 -98.59 -56.87 -34.89
N LEU UF 95 -98.67 -57.37 -33.66
CA LEU UF 95 -99.90 -57.36 -32.87
C LEU UF 95 -99.59 -56.90 -31.44
N SER UF 96 -98.95 -55.73 -31.31
CA SER UF 96 -98.65 -55.17 -29.99
C SER UF 96 -99.97 -54.79 -29.30
N VAL UF 97 -100.46 -55.71 -28.47
CA VAL UF 97 -101.68 -55.49 -27.71
C VAL UF 97 -101.40 -55.68 -26.23
N ASP UF 98 -102.07 -54.87 -25.42
CA ASP UF 98 -101.84 -54.90 -23.98
C ASP UF 98 -102.34 -56.22 -23.40
N PRO UF 99 -101.59 -56.82 -22.48
CA PRO UF 99 -101.90 -58.20 -22.05
C PRO UF 99 -103.24 -58.36 -21.35
N GLU UF 100 -103.87 -57.29 -20.87
CA GLU UF 100 -105.19 -57.37 -20.28
C GLU UF 100 -106.29 -57.59 -21.32
N THR UF 101 -105.94 -57.55 -22.60
CA THR UF 101 -106.93 -57.58 -23.67
C THR UF 101 -107.62 -58.93 -23.75
N THR UF 102 -108.93 -58.90 -23.92
CA THR UF 102 -109.70 -60.12 -24.10
C THR UF 102 -109.46 -60.68 -25.51
N ALA UF 103 -109.78 -61.96 -25.67
CA ALA UF 103 -109.58 -62.63 -26.95
C ALA UF 103 -110.67 -62.30 -27.96
N ALA UF 104 -111.80 -61.75 -27.52
CA ALA UF 104 -112.85 -61.38 -28.46
C ALA UF 104 -112.47 -60.16 -29.27
N GLU UF 105 -111.92 -59.14 -28.61
CA GLU UF 105 -111.55 -57.92 -29.33
C GLU UF 105 -110.26 -58.12 -30.13
N VAL UF 106 -109.39 -59.03 -29.68
CA VAL UF 106 -108.26 -59.43 -30.51
C VAL UF 106 -108.75 -60.06 -31.81
N THR UF 107 -109.76 -60.92 -31.72
CA THR UF 107 -110.37 -61.47 -32.92
C THR UF 107 -110.99 -60.36 -33.77
N THR UF 108 -111.62 -59.38 -33.12
CA THR UF 108 -112.14 -58.23 -33.84
C THR UF 108 -111.03 -57.48 -34.56
N MET UF 109 -109.92 -57.24 -33.86
CA MET UF 109 -108.79 -56.53 -34.45
C MET UF 109 -108.16 -57.31 -35.59
N LEU UF 110 -108.00 -58.62 -35.40
CA LEU UF 110 -107.40 -59.44 -36.44
C LEU UF 110 -108.26 -59.49 -37.68
N ASN UF 111 -109.59 -59.56 -37.48
CA ASN UF 111 -110.50 -59.53 -38.63
C ASN UF 111 -110.45 -58.19 -39.35
N ALA UF 112 -110.46 -57.10 -38.59
CA ALA UF 112 -110.43 -55.77 -39.21
C ALA UF 112 -109.13 -55.55 -39.96
N ALA UF 113 -107.99 -55.93 -39.36
CA ALA UF 113 -106.70 -55.86 -40.02
C ALA UF 113 -106.61 -56.77 -41.24
N ALA UF 114 -107.09 -58.01 -41.13
CA ALA UF 114 -107.09 -58.90 -42.27
C ALA UF 114 -108.19 -58.58 -43.26
N GLN UF 115 -109.17 -57.76 -42.88
CA GLN UF 115 -110.14 -57.27 -43.85
C GLN UF 115 -109.50 -56.31 -44.85
N LEU UF 116 -108.47 -55.59 -44.44
CA LEU UF 116 -107.55 -54.98 -45.37
C LEU UF 116 -106.71 -56.08 -46.02
N LEU UF 117 -105.88 -55.71 -46.98
CA LEU UF 117 -104.99 -56.64 -47.69
C LEU UF 117 -105.74 -57.54 -48.67
N PHE UF 118 -107.07 -57.58 -48.62
CA PHE UF 118 -107.77 -58.31 -49.66
C PHE UF 118 -109.03 -57.58 -50.10
N ASP UF 119 -109.35 -56.48 -49.44
CA ASP UF 119 -110.47 -55.66 -49.86
C ASP UF 119 -110.12 -54.93 -51.14
N SER UF 120 -111.13 -54.76 -51.99
CA SER UF 120 -110.92 -54.13 -53.29
C SER UF 120 -110.55 -52.67 -53.19
N ASP UF 121 -111.00 -51.97 -52.15
CA ASP UF 121 -110.71 -50.55 -52.01
C ASP UF 121 -109.21 -50.28 -51.88
N TYR UF 122 -108.51 -51.17 -51.20
CA TYR UF 122 -107.09 -50.97 -50.90
C TYR UF 122 -106.17 -51.61 -51.93
N SER UF 123 -106.72 -52.18 -53.00
CA SER UF 123 -105.92 -52.80 -54.05
C SER UF 123 -104.88 -51.83 -54.60
N ASP UF 124 -105.30 -50.61 -54.93
CA ASP UF 124 -104.38 -49.63 -55.51
C ASP UF 124 -103.36 -49.16 -54.49
N PHE UF 125 -103.76 -49.08 -53.22
CA PHE UF 125 -102.83 -48.67 -52.16
C PHE UF 125 -101.70 -49.68 -52.01
N TRP UF 126 -102.04 -50.97 -51.94
CA TRP UF 126 -101.01 -51.99 -51.78
C TRP UF 126 -100.18 -52.16 -53.02
N LYS UF 127 -100.74 -51.94 -54.21
CA LYS UF 127 -100.05 -52.23 -55.46
C LYS UF 127 -99.37 -50.99 -56.02
N ALA UF 128 -100.08 -49.88 -56.17
CA ALA UF 128 -99.51 -48.68 -56.78
C ALA UF 128 -99.14 -47.61 -55.77
N GLN UF 129 -99.31 -47.86 -54.48
CA GLN UF 129 -99.07 -46.87 -53.42
C GLN UF 129 -99.96 -45.64 -53.61
N ALA UF 130 -101.18 -45.87 -54.09
CA ALA UF 130 -102.15 -44.80 -54.31
C ALA UF 130 -102.82 -44.46 -52.99
N LEU UF 131 -102.15 -43.58 -52.24
CA LEU UF 131 -102.68 -43.09 -50.96
C LEU UF 131 -104.00 -42.37 -51.18
N ALA UF 132 -103.96 -41.28 -51.95
CA ALA UF 132 -105.17 -40.58 -52.34
C ALA UF 132 -105.68 -41.17 -53.64
N ALA VF 1 15.60 -87.52 -95.04
CA ALA VF 1 15.60 -87.76 -96.47
C ALA VF 1 14.83 -86.67 -97.19
N ILE VF 2 14.64 -85.54 -96.50
CA ILE VF 2 14.18 -84.31 -97.14
C ILE VF 2 15.39 -83.64 -97.74
N ALA VF 3 15.72 -84.00 -98.97
CA ALA VF 3 16.91 -83.47 -99.64
C ALA VF 3 16.72 -83.60 -101.14
N ASN VF 4 17.23 -84.67 -101.72
CA ASN VF 4 16.87 -85.00 -103.09
C ASN VF 4 15.79 -86.07 -103.10
N SER VF 5 14.61 -85.73 -102.58
CA SER VF 5 13.47 -86.63 -102.56
C SER VF 5 12.80 -86.66 -103.94
N SER VF 6 11.58 -87.17 -104.00
CA SER VF 6 10.83 -87.14 -105.26
C SER VF 6 9.35 -87.12 -104.95
N ILE VF 7 8.61 -86.29 -105.68
CA ILE VF 7 7.17 -86.16 -105.51
C ILE VF 7 6.53 -85.93 -106.87
N ALA VF 8 5.47 -86.67 -107.16
CA ALA VF 8 4.76 -86.52 -108.42
C ALA VF 8 3.78 -85.35 -108.32
N ILE VF 9 3.84 -84.44 -109.27
CA ILE VF 9 2.99 -83.26 -109.28
C ILE VF 9 1.93 -83.42 -110.36
N ASP VF 10 0.69 -83.08 -110.02
CA ASP VF 10 -0.46 -83.27 -110.90
C ASP VF 10 -0.65 -84.74 -111.24
N SER VF 11 -0.87 -85.54 -110.20
CA SER VF 11 -1.03 -86.98 -110.31
C SER VF 11 -2.21 -87.46 -109.48
N THR VF 12 -2.74 -88.61 -109.87
CA THR VF 12 -3.84 -89.23 -109.13
C THR VF 12 -3.30 -90.17 -108.05
N ALA VF 13 -3.92 -90.11 -106.88
CA ALA VF 13 -3.54 -90.94 -105.75
C ALA VF 13 -4.61 -91.97 -105.47
N SER VF 14 -4.18 -93.17 -105.12
CA SER VF 14 -5.08 -94.29 -104.92
C SER VF 14 -4.74 -95.00 -103.62
N VAL VF 15 -5.64 -95.88 -103.19
CA VAL VF 15 -5.51 -96.62 -101.94
C VAL VF 15 -5.91 -98.07 -102.20
N THR VF 16 -5.10 -99.01 -101.72
CA THR VF 16 -5.38 -100.43 -101.83
C THR VF 16 -5.32 -101.07 -100.47
N GLY VF 17 -6.12 -102.12 -100.29
CA GLY VF 17 -6.11 -102.87 -99.03
C GLY VF 17 -6.78 -102.10 -97.91
N GLY VF 18 -6.37 -102.42 -96.69
CA GLY VF 18 -6.95 -101.81 -95.51
C GLY VF 18 -8.35 -102.32 -95.24
N THR VF 19 -9.06 -101.59 -94.37
CA THR VF 19 -10.42 -101.96 -93.97
C THR VF 19 -11.28 -100.71 -94.10
N ALA VF 20 -12.19 -100.71 -95.07
CA ALA VF 20 -13.07 -99.57 -95.31
C ALA VF 20 -13.95 -99.29 -94.10
N ARG VF 21 -13.73 -98.16 -93.44
CA ARG VF 21 -14.53 -97.74 -92.30
C ARG VF 21 -15.60 -96.76 -92.80
N THR VF 22 -16.29 -96.10 -91.86
CA THR VF 22 -17.32 -95.14 -92.21
C THR VF 22 -17.21 -93.95 -91.28
N VAL VF 23 -17.31 -92.74 -91.83
CA VAL VF 23 -17.24 -91.52 -91.05
C VAL VF 23 -18.66 -91.17 -90.64
N LYS VF 24 -18.96 -91.37 -89.37
CA LYS VF 24 -20.29 -91.07 -88.85
C LYS VF 24 -20.33 -89.65 -88.28
N GLU VF 25 -21.33 -88.90 -88.68
CA GLU VF 25 -21.43 -87.49 -88.31
C GLU VF 25 -22.14 -87.33 -86.98
N LEU VF 26 -21.60 -86.48 -86.11
CA LEU VF 26 -22.09 -86.36 -84.75
C LEU VF 26 -22.81 -85.03 -84.59
N VAL VF 27 -22.12 -83.91 -84.82
CA VAL VF 27 -22.70 -82.58 -84.60
C VAL VF 27 -22.15 -81.64 -85.66
N ARG VF 28 -23.04 -80.88 -86.29
CA ARG VF 28 -22.66 -79.85 -87.25
C ARG VF 28 -23.17 -78.51 -86.72
N ASN VF 29 -22.26 -77.64 -86.29
CA ASN VF 29 -22.66 -76.35 -85.75
C ASN VF 29 -21.46 -75.41 -85.76
N ASN VF 30 -21.74 -74.12 -85.81
CA ASN VF 30 -20.72 -73.08 -85.67
C ASN VF 30 -19.59 -73.26 -86.68
N SER VF 31 -19.96 -73.56 -87.93
CA SER VF 31 -19.01 -73.75 -89.02
C SER VF 31 -18.12 -74.96 -88.80
N GLU VF 32 -18.53 -75.85 -87.91
CA GLU VF 32 -17.77 -77.05 -87.56
C GLU VF 32 -18.63 -78.29 -87.76
N LEU VF 33 -18.00 -79.39 -88.17
CA LEU VF 33 -18.68 -80.67 -88.31
C LEU VF 33 -17.87 -81.70 -87.52
N ASN VF 34 -18.36 -82.05 -86.33
CA ASN VF 34 -17.75 -83.10 -85.54
C ASN VF 34 -18.25 -84.46 -85.99
N ALA VF 35 -17.32 -85.38 -86.22
CA ALA VF 35 -17.64 -86.72 -86.69
C ALA VF 35 -16.70 -87.71 -86.03
N TYR VF 36 -16.87 -88.99 -86.34
CA TYR VF 36 -16.03 -90.03 -85.78
C TYR VF 36 -15.97 -91.19 -86.77
N ILE VF 37 -14.82 -91.85 -86.81
CA ILE VF 37 -14.62 -93.01 -87.67
C ILE VF 37 -15.08 -94.24 -86.91
N ASP VF 38 -15.91 -95.06 -87.56
CA ASP VF 38 -16.55 -96.21 -86.91
C ASP VF 38 -15.66 -97.42 -87.18
N GLU VF 39 -14.93 -97.85 -86.15
CA GLU VF 39 -14.13 -99.07 -86.22
C GLU VF 39 -14.62 -100.15 -85.27
N GLY VF 40 -15.78 -99.95 -84.65
CA GLY VF 40 -16.26 -100.88 -83.64
C GLY VF 40 -15.40 -100.84 -82.39
N LEU VF 41 -15.05 -99.63 -81.95
CA LEU VF 41 -14.24 -99.43 -80.76
C LEU VF 41 -15.09 -98.81 -79.66
N SER VF 42 -14.47 -98.56 -78.52
CA SER VF 42 -15.15 -97.94 -77.39
C SER VF 42 -15.14 -96.42 -77.54
N PHE VF 43 -15.99 -95.75 -76.77
CA PHE VF 43 -16.08 -94.30 -76.85
C PHE VF 43 -14.78 -93.61 -76.46
N GLN VF 44 -14.08 -94.12 -75.45
CA GLN VF 44 -12.81 -93.56 -75.03
C GLN VF 44 -11.70 -93.72 -76.05
N ALA VF 45 -11.82 -94.67 -76.97
CA ALA VF 45 -10.85 -94.84 -78.04
C ALA VF 45 -11.61 -94.86 -79.37
N ARG VF 46 -11.88 -93.67 -79.89
CA ARG VF 46 -12.56 -93.50 -81.18
C ARG VF 46 -11.57 -92.89 -82.17
N LYS VF 47 -11.99 -92.46 -83.35
CA LYS VF 47 -11.11 -91.76 -84.28
C LYS VF 47 -11.79 -90.47 -84.71
N GLU VF 48 -12.23 -89.68 -83.73
CA GLU VF 48 -12.95 -88.44 -84.00
C GLU VF 48 -12.17 -87.55 -84.96
N VAL VF 49 -12.87 -87.00 -85.95
CA VAL VF 49 -12.30 -86.07 -86.91
C VAL VF 49 -13.23 -84.87 -87.02
N ALA VF 50 -12.66 -83.66 -86.94
CA ALA VF 50 -13.42 -82.43 -86.95
C ALA VF 50 -13.14 -81.64 -88.23
N PHE VF 51 -14.21 -81.28 -88.95
CA PHE VF 51 -14.13 -80.50 -90.17
C PHE VF 51 -14.64 -79.10 -89.86
N SER VF 52 -13.85 -78.09 -90.20
CA SER VF 52 -14.23 -76.71 -89.98
C SER VF 52 -13.93 -75.89 -91.22
N VAL VF 53 -14.72 -74.83 -91.42
CA VAL VF 53 -14.62 -73.99 -92.60
C VAL VF 53 -14.61 -72.52 -92.16
N LYS VF 54 -13.73 -71.73 -92.79
CA LYS VF 54 -13.57 -70.31 -92.51
C LYS VF 54 -13.73 -69.54 -93.84
N VAL VF 55 -14.95 -69.06 -94.09
CA VAL VF 55 -15.29 -68.40 -95.36
C VAL VF 55 -14.63 -67.03 -95.43
N PRO VF 56 -14.29 -66.55 -96.62
CA PRO VF 56 -13.61 -65.25 -96.73
C PRO VF 56 -14.56 -64.09 -96.49
N LYS VF 57 -13.98 -63.00 -95.99
CA LYS VF 57 -14.71 -61.74 -95.80
C LYS VF 57 -13.97 -60.62 -96.52
N VAL VF 58 -14.71 -59.56 -96.84
CA VAL VF 58 -14.14 -58.43 -97.57
C VAL VF 58 -13.11 -57.72 -96.70
N SER VF 59 -12.06 -57.23 -97.34
CA SER VF 59 -10.99 -56.50 -96.64
C SER VF 59 -10.52 -55.35 -97.51
N VAL VF 60 -9.57 -54.58 -96.98
CA VAL VF 60 -8.89 -53.56 -97.75
C VAL VF 60 -7.44 -53.93 -98.04
N SER VF 61 -6.78 -54.59 -97.11
CA SER VF 61 -5.51 -55.28 -97.31
C SER VF 61 -5.81 -56.63 -97.99
N ALA VF 62 -4.86 -57.57 -97.90
CA ALA VF 62 -5.08 -58.88 -98.50
C ALA VF 62 -5.19 -58.75 -100.01
N PRO VF 63 -4.06 -58.69 -100.71
CA PRO VF 63 -4.01 -58.05 -102.03
C PRO VF 63 -4.87 -58.76 -103.07
N GLY VF 64 -6.13 -58.35 -103.10
CA GLY VF 64 -7.18 -59.04 -103.82
C GLY VF 64 -8.51 -58.84 -103.13
N GLY VF 65 -8.48 -58.21 -101.96
CA GLY VF 65 -9.68 -57.69 -101.35
C GLY VF 65 -10.31 -58.57 -100.30
N PHE VF 66 -10.03 -59.86 -100.34
CA PHE VF 66 -10.62 -60.81 -99.41
C PHE VF 66 -9.54 -61.58 -98.65
N THR VF 67 -9.90 -61.98 -97.43
CA THR VF 67 -9.09 -62.91 -96.69
C THR VF 67 -9.15 -64.29 -97.33
N GLN VF 68 -8.23 -65.16 -96.95
CA GLN VF 68 -8.16 -66.47 -97.56
C GLN VF 68 -9.26 -67.38 -97.01
N ALA VF 69 -9.66 -68.36 -97.82
CA ALA VF 69 -10.66 -69.34 -97.42
C ALA VF 69 -9.94 -70.52 -96.76
N ARG VF 70 -10.17 -70.70 -95.48
CA ARG VF 70 -9.49 -71.75 -94.71
C ARG VF 70 -10.40 -72.95 -94.51
N SER VF 71 -9.83 -74.15 -94.68
CA SER VF 71 -10.54 -75.41 -94.47
C SER VF 71 -9.62 -76.30 -93.62
N THR VF 72 -10.08 -76.62 -92.41
CA THR VF 72 -9.25 -77.34 -91.45
C THR VF 72 -9.86 -78.69 -91.09
N VAL VF 73 -9.02 -79.72 -91.10
CA VAL VF 73 -9.41 -81.05 -90.67
C VAL VF 73 -8.47 -81.51 -89.56
N ILE VF 74 -9.02 -81.86 -88.40
CA ILE VF 74 -8.23 -82.41 -87.31
C ILE VF 74 -8.70 -83.82 -87.03
N LEU VF 75 -7.78 -84.77 -87.11
CA LEU VF 75 -8.05 -86.18 -86.81
C LEU VF 75 -7.45 -86.49 -85.45
N LYS VF 76 -8.27 -87.01 -84.55
CA LYS VF 76 -7.83 -87.31 -83.20
C LYS VF 76 -7.73 -88.81 -82.97
N SER VF 77 -6.59 -89.24 -82.43
CA SER VF 77 -6.33 -90.66 -82.18
C SER VF 77 -5.97 -90.86 -80.71
N PRO VF 78 -6.91 -91.31 -79.89
CA PRO VF 78 -6.60 -91.59 -78.49
C PRO VF 78 -5.60 -92.74 -78.33
N LYS VF 79 -4.53 -92.49 -77.60
CA LYS VF 79 -3.54 -93.50 -77.27
C LYS VF 79 -3.54 -93.72 -75.76
N THR VF 80 -3.36 -94.98 -75.35
CA THR VF 80 -3.28 -95.36 -73.95
C THR VF 80 -1.85 -95.72 -73.62
N LEU VF 81 -1.31 -95.11 -72.56
CA LEU VF 81 0.09 -95.20 -72.24
C LEU VF 81 0.37 -96.38 -71.32
N ALA VF 82 1.64 -96.58 -71.00
CA ALA VF 82 2.04 -97.69 -70.13
C ALA VF 82 1.47 -97.53 -68.74
N ASN VF 83 1.55 -96.32 -68.17
CA ASN VF 83 0.96 -96.06 -66.87
C ASN VF 83 -0.56 -96.22 -66.90
N GLY VF 84 -1.19 -95.75 -67.97
CA GLY VF 84 -2.62 -95.90 -68.11
C GLY VF 84 -3.35 -94.60 -68.31
N ASN VF 85 -2.61 -93.49 -68.31
CA ASN VF 85 -3.19 -92.20 -68.65
C ASN VF 85 -3.54 -92.17 -70.14
N ARG VF 86 -4.56 -91.37 -70.47
CA ARG VF 86 -5.03 -91.28 -71.83
C ARG VF 86 -4.52 -90.00 -72.49
N THR VF 87 -3.95 -90.14 -73.68
CA THR VF 87 -3.52 -89.01 -74.49
C THR VF 87 -4.11 -89.15 -75.88
N VAL VF 88 -4.24 -88.02 -76.57
CA VAL VF 88 -4.78 -87.98 -77.92
C VAL VF 88 -3.68 -87.53 -78.87
N ASN VF 89 -3.48 -88.29 -79.94
CA ASN VF 89 -2.54 -87.92 -81.01
C ASN VF 89 -3.35 -87.31 -82.15
N THR VF 90 -3.01 -86.11 -82.54
CA THR VF 90 -3.77 -85.36 -83.53
C THR VF 90 -2.97 -85.09 -84.79
N VAL VF 91 -3.68 -85.03 -85.92
CA VAL VF 91 -3.12 -84.55 -87.17
C VAL VF 91 -4.00 -83.42 -87.69
N SER VF 92 -3.42 -82.23 -87.83
CA SER VF 92 -4.15 -81.11 -88.38
C SER VF 92 -3.78 -80.88 -89.84
N ILE VF 93 -4.79 -80.59 -90.66
CA ILE VF 93 -4.59 -80.29 -92.07
C ILE VF 93 -5.37 -79.00 -92.33
N GLN VF 94 -4.66 -77.91 -92.62
CA GLN VF 94 -5.26 -76.62 -92.84
C GLN VF 94 -4.89 -76.13 -94.24
N LEU VF 95 -5.90 -75.85 -95.04
CA LEU VF 95 -5.71 -75.36 -96.41
C LEU VF 95 -6.21 -73.92 -96.47
N SER VF 96 -5.33 -73.01 -96.87
CA SER VF 96 -5.69 -71.60 -97.03
C SER VF 96 -5.42 -71.21 -98.49
N VAL VF 97 -6.49 -70.88 -99.22
CA VAL VF 97 -6.37 -70.43 -100.60
C VAL VF 97 -7.08 -69.10 -100.75
N ASP VF 98 -6.50 -68.25 -101.61
CA ASP VF 98 -7.21 -67.05 -102.02
C ASP VF 98 -8.45 -67.45 -102.82
N PRO VF 99 -9.55 -66.70 -102.68
CA PRO VF 99 -10.78 -67.08 -103.38
C PRO VF 99 -10.66 -67.08 -104.89
N GLU VF 100 -9.65 -66.42 -105.47
CA GLU VF 100 -9.45 -66.47 -106.91
C GLU VF 100 -8.88 -67.80 -107.39
N THR VF 101 -8.46 -68.67 -106.47
CA THR VF 101 -7.78 -69.90 -106.84
C THR VF 101 -8.72 -70.87 -107.53
N THR VF 102 -8.27 -71.42 -108.65
CA THR VF 102 -9.06 -72.36 -109.43
C THR VF 102 -9.12 -73.71 -108.73
N ALA VF 103 -10.00 -74.57 -109.21
CA ALA VF 103 -10.15 -75.89 -108.62
C ALA VF 103 -8.99 -76.81 -109.00
N ALA VF 104 -8.37 -76.58 -110.16
CA ALA VF 104 -7.21 -77.36 -110.56
C ALA VF 104 -5.97 -76.97 -109.75
N GLU VF 105 -5.88 -75.71 -109.34
CA GLU VF 105 -4.77 -75.29 -108.49
C GLU VF 105 -4.89 -75.87 -107.09
N VAL VF 106 -6.12 -75.98 -106.57
CA VAL VF 106 -6.32 -76.62 -105.28
C VAL VF 106 -6.09 -78.12 -105.36
N THR VF 107 -6.53 -78.74 -106.47
CA THR VF 107 -6.29 -80.18 -106.66
C THR VF 107 -4.81 -80.50 -106.67
N THR VF 108 -4.01 -79.67 -107.35
CA THR VF 108 -2.56 -79.87 -107.35
C THR VF 108 -2.00 -79.74 -105.94
N MET VF 109 -2.46 -78.74 -105.19
CA MET VF 109 -2.01 -78.56 -103.82
C MET VF 109 -2.39 -79.75 -102.96
N LEU VF 110 -3.62 -80.24 -103.12
CA LEU VF 110 -4.10 -81.35 -102.28
C LEU VF 110 -3.31 -82.62 -102.54
N ASN VF 111 -3.02 -82.91 -103.82
CA ASN VF 111 -2.31 -84.14 -104.14
C ASN VF 111 -0.85 -84.09 -103.72
N ALA VF 112 -0.18 -82.96 -103.93
CA ALA VF 112 1.21 -82.83 -103.52
C ALA VF 112 1.36 -82.90 -102.01
N ALA VF 113 0.40 -82.34 -101.27
CA ALA VF 113 0.46 -82.41 -99.81
C ALA VF 113 0.15 -83.80 -99.30
N ALA VF 114 -0.59 -84.60 -100.07
CA ALA VF 114 -0.89 -85.98 -99.65
C ALA VF 114 0.36 -86.84 -99.68
N GLN VF 115 1.16 -86.72 -100.74
CA GLN VF 115 2.43 -87.44 -100.79
C GLN VF 115 3.43 -86.92 -99.77
N LEU VF 116 3.24 -85.72 -99.24
CA LEU VF 116 4.16 -85.21 -98.22
C LEU VF 116 4.05 -86.01 -96.92
N LEU VF 117 2.92 -86.67 -96.69
CA LEU VF 117 2.74 -87.44 -95.47
C LEU VF 117 2.45 -88.91 -95.73
N PHE VF 118 2.72 -89.41 -96.94
CA PHE VF 118 2.78 -90.86 -97.12
C PHE VF 118 3.94 -91.35 -97.97
N ASP VF 119 4.71 -90.49 -98.63
CA ASP VF 119 5.89 -90.94 -99.34
C ASP VF 119 6.96 -91.44 -98.37
N SER VF 120 7.73 -92.43 -98.81
CA SER VF 120 8.69 -93.08 -97.92
C SER VF 120 9.82 -92.13 -97.52
N ASP VF 121 10.15 -91.17 -98.39
CA ASP VF 121 11.25 -90.24 -98.10
C ASP VF 121 10.97 -89.38 -96.87
N TYR VF 122 9.71 -89.27 -96.47
CA TYR VF 122 9.37 -88.43 -95.34
C TYR VF 122 9.01 -89.25 -94.11
N SER VF 123 9.27 -90.57 -94.17
CA SER VF 123 8.93 -91.43 -93.05
C SER VF 123 9.70 -91.05 -91.80
N ASP VF 124 11.00 -90.78 -91.93
CA ASP VF 124 11.82 -90.44 -90.77
C ASP VF 124 11.52 -89.05 -90.24
N PHE VF 125 11.06 -88.13 -91.09
CA PHE VF 125 10.64 -86.83 -90.60
C PHE VF 125 9.40 -86.90 -89.72
N TRP VF 126 8.41 -87.71 -90.10
CA TRP VF 126 7.19 -87.84 -89.32
C TRP VF 126 7.39 -88.70 -88.08
N LYS VF 127 8.11 -89.81 -88.20
CA LYS VF 127 8.30 -90.75 -87.09
C LYS VF 127 9.54 -90.42 -86.27
N ALA VF 128 10.71 -90.41 -86.91
CA ALA VF 128 11.96 -90.16 -86.20
C ALA VF 128 12.21 -88.69 -85.94
N GLN VF 129 11.42 -87.79 -86.55
CA GLN VF 129 11.58 -86.35 -86.38
C GLN VF 129 12.95 -85.90 -86.90
N ALA VF 130 13.34 -86.46 -88.05
CA ALA VF 130 14.67 -86.29 -88.62
C ALA VF 130 14.59 -85.39 -89.84
N LEU VF 131 15.18 -84.20 -89.73
CA LEU VF 131 15.15 -83.24 -90.84
C LEU VF 131 15.98 -83.71 -92.01
N ALA VF 132 17.03 -84.49 -91.76
CA ALA VF 132 17.80 -85.09 -92.84
C ALA VF 132 18.15 -86.52 -92.53
N ALA WF 1 -20.54 -86.42 -99.05
CA ALA WF 1 -19.33 -85.76 -98.60
C ALA WF 1 -18.99 -86.19 -97.18
N ILE WF 2 -18.76 -85.20 -96.32
CA ILE WF 2 -18.53 -85.49 -94.90
C ILE WF 2 -19.88 -85.79 -94.25
N ALA WF 3 -20.18 -87.08 -94.09
CA ALA WF 3 -21.48 -87.52 -93.60
C ALA WF 3 -21.51 -89.04 -93.51
N ASN WF 4 -21.28 -89.72 -94.63
CA ASN WF 4 -21.26 -91.17 -94.69
C ASN WF 4 -20.04 -91.66 -95.48
N SER WF 5 -18.99 -90.86 -95.52
CA SER WF 5 -17.82 -91.19 -96.31
C SER WF 5 -17.06 -92.35 -95.71
N SER WF 6 -16.38 -93.11 -96.57
CA SER WF 6 -15.62 -94.29 -96.17
C SER WF 6 -14.12 -93.98 -96.30
N ILE WF 7 -13.36 -94.36 -95.29
CA ILE WF 7 -11.91 -94.20 -95.30
C ILE WF 7 -11.28 -95.56 -94.98
N ALA WF 8 -10.31 -95.97 -95.81
CA ALA WF 8 -9.69 -97.28 -95.66
C ALA WF 8 -8.55 -97.20 -94.65
N ILE WF 9 -8.83 -97.63 -93.42
CA ILE WF 9 -7.86 -97.56 -92.34
C ILE WF 9 -6.78 -98.62 -92.55
N ASP WF 10 -5.53 -98.23 -92.33
CA ASP WF 10 -4.37 -99.12 -92.43
C ASP WF 10 -4.28 -99.75 -93.81
N SER WF 11 -4.39 -98.91 -94.83
CA SER WF 11 -4.24 -99.31 -96.22
C SER WF 11 -2.92 -98.76 -96.76
N THR WF 12 -2.67 -99.02 -98.04
CA THR WF 12 -1.47 -98.55 -98.72
C THR WF 12 -1.86 -97.52 -99.76
N ALA WF 13 -1.30 -96.31 -99.65
CA ALA WF 13 -1.59 -95.23 -100.57
C ALA WF 13 -0.44 -95.06 -101.56
N SER WF 14 -0.77 -94.94 -102.83
CA SER WF 14 0.22 -94.83 -103.89
C SER WF 14 -0.18 -93.71 -104.85
N VAL WF 15 0.68 -93.46 -105.83
CA VAL WF 15 0.50 -92.40 -106.81
C VAL WF 15 0.83 -92.95 -108.19
N THR WF 16 0.00 -92.59 -109.18
CA THR WF 16 0.26 -92.95 -110.57
C THR WF 16 0.16 -91.69 -111.42
N GLY WF 17 0.87 -91.70 -112.55
CA GLY WF 17 0.88 -90.54 -113.42
C GLY WF 17 1.68 -89.40 -112.82
N GLY WF 18 1.48 -88.22 -113.41
CA GLY WF 18 2.13 -87.02 -112.92
C GLY WF 18 3.57 -86.88 -113.39
N THR WF 19 4.21 -85.82 -112.93
CA THR WF 19 5.60 -85.54 -113.20
C THR WF 19 6.40 -85.55 -111.90
N ALA WF 20 7.52 -86.25 -111.92
CA ALA WF 20 8.35 -86.44 -110.74
C ALA WF 20 9.29 -85.24 -110.60
N ARG WF 21 9.10 -84.47 -109.54
CA ARG WF 21 10.02 -83.38 -109.22
C ARG WF 21 10.91 -83.78 -108.05
N THR WF 22 12.04 -83.07 -107.93
CA THR WF 22 13.11 -83.54 -107.05
C THR WF 22 12.97 -83.00 -105.62
N VAL WF 23 12.52 -81.75 -105.48
CA VAL WF 23 12.53 -81.04 -104.20
C VAL WF 23 13.98 -80.75 -103.83
N LYS WF 24 14.30 -79.48 -103.62
CA LYS WF 24 15.68 -79.05 -103.40
C LYS WF 24 15.73 -78.21 -102.14
N GLU WF 25 16.71 -78.50 -101.28
CA GLU WF 25 16.82 -77.79 -100.01
C GLU WF 25 17.35 -76.37 -100.23
N LEU WF 26 16.70 -75.39 -99.61
CA LEU WF 26 17.17 -74.01 -99.68
C LEU WF 26 18.01 -73.62 -98.48
N VAL WF 27 17.42 -73.63 -97.28
CA VAL WF 27 18.02 -73.06 -96.10
C VAL WF 27 17.66 -73.93 -94.90
N ARG WF 28 18.61 -74.05 -93.99
CA ARG WF 28 18.48 -74.92 -92.83
C ARG WF 28 18.61 -74.06 -91.57
N ASN WF 29 18.54 -74.71 -90.41
CA ASN WF 29 18.77 -74.10 -89.10
C ASN WF 29 17.62 -73.20 -88.67
N ASN WF 30 17.11 -73.43 -87.48
CA ASN WF 30 17.46 -74.57 -86.66
C ASN WF 30 16.20 -75.34 -86.28
N SER WF 31 16.23 -76.66 -86.44
CA SER WF 31 15.04 -77.49 -86.31
C SER WF 31 13.97 -77.01 -87.28
N GLU WF 32 14.41 -76.60 -88.46
CA GLU WF 32 13.55 -75.99 -89.46
C GLU WF 32 14.21 -76.11 -90.82
N LEU WF 33 13.62 -76.89 -91.73
CA LEU WF 33 14.18 -77.05 -93.07
C LEU WF 33 13.30 -76.35 -94.09
N ASN WF 34 13.96 -75.69 -95.05
CA ASN WF 34 13.27 -75.01 -96.14
C ASN WF 34 13.73 -75.62 -97.45
N ALA WF 35 12.78 -76.00 -98.29
CA ALA WF 35 13.09 -76.62 -99.56
C ALA WF 35 12.15 -76.02 -100.61
N TYR WF 36 12.27 -76.50 -101.84
CA TYR WF 36 11.38 -76.08 -102.91
C TYR WF 36 11.27 -77.19 -103.93
N ILE WF 37 10.08 -77.34 -104.51
CA ILE WF 37 9.85 -78.36 -105.53
C ILE WF 37 10.28 -77.78 -106.87
N ASP WF 38 11.34 -78.33 -107.44
CA ASP WF 38 11.92 -77.83 -108.68
C ASP WF 38 11.15 -78.38 -109.87
N GLU WF 39 10.40 -77.50 -110.55
CA GLU WF 39 9.65 -77.87 -111.73
C GLU WF 39 9.94 -76.92 -112.89
N GLY WF 40 11.14 -76.34 -112.91
CA GLY WF 40 11.52 -75.42 -113.96
C GLY WF 40 10.70 -74.14 -113.99
N LEU WF 41 10.40 -73.58 -112.83
CA LEU WF 41 9.64 -72.36 -112.72
C LEU WF 41 10.54 -71.23 -112.22
N SER WF 42 10.02 -70.02 -112.23
CA SER WF 42 10.79 -68.86 -111.82
C SER WF 42 10.90 -68.80 -110.30
N PHE WF 43 11.65 -67.80 -109.82
CA PHE WF 43 11.89 -67.66 -108.39
C PHE WF 43 10.64 -67.27 -107.63
N GLN WF 44 9.75 -66.48 -108.24
CA GLN WF 44 8.54 -66.06 -107.57
C GLN WF 44 7.40 -67.06 -107.70
N ALA WF 45 7.52 -68.04 -108.61
CA ALA WF 45 6.43 -68.96 -108.90
C ALA WF 45 6.77 -70.39 -108.47
N ARG WF 46 7.76 -70.56 -107.61
CA ARG WF 46 8.18 -71.89 -107.19
C ARG WF 46 7.41 -72.32 -105.94
N LYS WF 47 7.31 -73.64 -105.75
CA LYS WF 47 6.48 -74.26 -104.73
C LYS WF 47 6.91 -73.91 -103.30
N GLU WF 48 8.14 -74.28 -102.91
CA GLU WF 48 8.69 -73.95 -101.59
C GLU WF 48 7.97 -74.54 -100.38
N VAL WF 49 8.07 -75.84 -100.17
CA VAL WF 49 7.56 -76.51 -98.97
C VAL WF 49 8.57 -76.35 -97.85
N ALA WF 50 8.08 -76.09 -96.63
CA ALA WF 50 8.92 -75.96 -95.44
C ALA WF 50 8.68 -77.10 -94.47
N PHE WF 51 9.71 -77.43 -93.68
CA PHE WF 51 9.67 -78.54 -92.74
C PHE WF 51 10.14 -78.09 -91.36
N SER WF 52 9.20 -77.99 -90.42
CA SER WF 52 9.51 -77.61 -89.05
C SER WF 52 9.46 -78.84 -88.15
N VAL WF 53 10.00 -78.69 -86.94
CA VAL WF 53 10.07 -79.80 -85.98
C VAL WF 53 10.13 -79.25 -84.56
N LYS WF 54 9.40 -79.90 -83.64
CA LYS WF 54 9.44 -79.59 -82.22
C LYS WF 54 9.71 -80.88 -81.46
N VAL WF 55 10.87 -80.97 -80.84
CA VAL WF 55 11.27 -82.22 -80.18
C VAL WF 55 10.48 -82.38 -78.90
N PRO WF 56 10.29 -83.60 -78.39
CA PRO WF 56 9.54 -83.77 -77.13
C PRO WF 56 10.32 -83.18 -75.96
N LYS WF 57 9.66 -82.32 -75.21
CA LYS WF 57 10.25 -81.66 -74.06
C LYS WF 57 9.78 -82.35 -72.79
N VAL WF 58 10.71 -82.67 -71.90
CA VAL WF 58 10.37 -83.41 -70.69
C VAL WF 58 9.67 -82.48 -69.72
N SER WF 59 8.34 -82.57 -69.67
CA SER WF 59 7.52 -81.81 -68.72
C SER WF 59 7.29 -82.65 -67.47
N VAL WF 60 6.34 -82.25 -66.64
CA VAL WF 60 6.01 -83.01 -65.44
C VAL WF 60 4.53 -83.38 -65.45
N SER WF 61 3.67 -82.38 -65.64
CA SER WF 61 2.22 -82.57 -65.55
C SER WF 61 1.65 -82.87 -66.94
N ALA WF 62 2.12 -83.98 -67.52
CA ALA WF 62 1.63 -84.41 -68.81
C ALA WF 62 1.52 -85.92 -68.84
N PRO WF 63 0.65 -86.48 -69.67
CA PRO WF 63 0.63 -87.92 -69.86
C PRO WF 63 1.98 -88.43 -70.35
N GLY WF 64 2.45 -89.52 -69.76
CA GLY WF 64 3.71 -90.11 -70.16
C GLY WF 64 4.90 -89.42 -69.52
N GLY WF 65 4.79 -88.11 -69.32
CA GLY WF 65 5.85 -87.34 -68.70
C GLY WF 65 6.33 -86.18 -69.55
N PHE WF 66 6.47 -86.38 -70.85
CA PHE WF 66 7.03 -85.36 -71.72
C PHE WF 66 5.90 -84.63 -72.46
N THR WF 67 6.26 -83.54 -73.14
CA THR WF 67 5.36 -82.93 -74.09
C THR WF 67 5.41 -83.70 -75.41
N GLN WF 68 4.57 -83.29 -76.34
CA GLN WF 68 4.37 -84.06 -77.56
C GLN WF 68 5.43 -83.73 -78.61
N ALA WF 69 5.67 -84.70 -79.49
CA ALA WF 69 6.61 -84.54 -80.61
C ALA WF 69 5.85 -83.93 -81.78
N ARG WF 70 5.99 -82.61 -81.94
CA ARG WF 70 5.33 -81.90 -83.01
C ARG WF 70 6.18 -81.89 -84.28
N SER WF 71 5.53 -82.06 -85.42
CA SER WF 71 6.22 -82.09 -86.70
C SER WF 71 5.31 -81.40 -87.73
N THR WF 72 5.75 -80.26 -88.24
CA THR WF 72 4.93 -79.44 -89.11
C THR WF 72 5.51 -79.38 -90.52
N VAL WF 73 4.62 -79.41 -91.51
CA VAL WF 73 4.98 -79.20 -92.91
C VAL WF 73 4.03 -78.13 -93.45
N ILE WF 74 4.59 -77.11 -94.11
CA ILE WF 74 3.80 -76.12 -94.83
C ILE WF 74 4.24 -76.13 -96.28
N LEU WF 75 3.30 -76.40 -97.18
CA LEU WF 75 3.54 -76.29 -98.62
C LEU WF 75 2.99 -74.94 -99.07
N LYS WF 76 3.85 -74.12 -99.65
CA LYS WF 76 3.44 -72.84 -100.19
C LYS WF 76 3.18 -72.97 -101.68
N SER WF 77 2.41 -72.03 -102.23
CA SER WF 77 2.03 -72.07 -103.64
C SER WF 77 1.70 -70.66 -104.10
N PRO WF 78 2.61 -69.99 -104.80
CA PRO WF 78 2.34 -68.63 -105.26
C PRO WF 78 1.20 -68.61 -106.28
N LYS WF 79 0.48 -67.50 -106.28
CA LYS WF 79 -0.57 -67.28 -107.27
C LYS WF 79 -0.68 -65.79 -107.53
N THR WF 80 -0.81 -65.41 -108.80
CA THR WF 80 -0.99 -64.02 -109.18
C THR WF 80 -2.46 -63.76 -109.47
N LEU WF 81 -2.94 -62.59 -109.08
CA LEU WF 81 -4.37 -62.30 -109.11
C LEU WF 81 -4.74 -61.52 -110.37
N ALA WF 82 -6.04 -61.23 -110.50
CA ALA WF 82 -6.57 -60.50 -111.64
C ALA WF 82 -6.19 -59.03 -111.62
N ASN WF 83 -5.68 -58.53 -110.50
CA ASN WF 83 -5.18 -57.17 -110.41
C ASN WF 83 -3.67 -57.09 -110.49
N GLY WF 84 -2.99 -58.22 -110.66
CA GLY WF 84 -1.54 -58.26 -110.77
C GLY WF 84 -0.80 -58.48 -109.48
N ASN WF 85 -1.49 -58.44 -108.34
CA ASN WF 85 -0.83 -58.68 -107.06
C ASN WF 85 -0.47 -60.15 -106.89
N ARG WF 86 0.49 -60.42 -106.02
CA ARG WF 86 0.97 -61.76 -105.75
C ARG WF 86 0.53 -62.15 -104.34
N THR WF 87 -0.05 -63.34 -104.21
CA THR WF 87 -0.41 -63.92 -102.92
C THR WF 87 0.12 -65.35 -102.85
N VAL WF 88 -0.05 -65.97 -101.69
CA VAL WF 88 0.43 -67.34 -101.45
C VAL WF 88 -0.72 -68.17 -100.91
N ASN WF 89 -0.90 -69.36 -101.46
CA ASN WF 89 -1.79 -70.37 -100.90
C ASN WF 89 -0.94 -71.37 -100.13
N THR WF 90 -1.45 -71.86 -99.01
CA THR WF 90 -0.68 -72.75 -98.15
C THR WF 90 -1.49 -73.98 -97.80
N VAL WF 91 -0.76 -75.08 -97.59
CA VAL WF 91 -1.29 -76.28 -96.95
C VAL WF 91 -0.43 -76.58 -95.74
N SER WF 92 -1.02 -76.54 -94.55
CA SER WF 92 -0.27 -76.78 -93.32
C SER WF 92 -0.66 -78.13 -92.73
N ILE WF 93 0.33 -78.97 -92.48
CA ILE WF 93 0.13 -80.30 -91.90
C ILE WF 93 0.95 -80.37 -90.62
N GLN WF 94 0.28 -80.57 -89.49
CA GLN WF 94 0.95 -80.75 -88.21
C GLN WF 94 0.63 -82.11 -87.64
N LEU WF 95 1.67 -82.87 -87.29
CA LEU WF 95 1.52 -84.16 -86.64
C LEU WF 95 2.00 -83.98 -85.20
N SER WF 96 1.13 -84.31 -84.26
CA SER WF 96 1.40 -84.13 -82.84
C SER WF 96 1.09 -85.43 -82.12
N VAL WF 97 2.12 -86.25 -81.91
CA VAL WF 97 1.97 -87.51 -81.22
C VAL WF 97 2.76 -87.48 -79.93
N ASP WF 98 2.41 -88.38 -79.01
CA ASP WF 98 3.18 -88.56 -77.79
C ASP WF 98 4.43 -89.38 -78.11
N PRO WF 99 5.52 -89.17 -77.36
CA PRO WF 99 6.76 -89.89 -77.67
C PRO WF 99 6.64 -91.40 -77.56
N GLU WF 100 5.71 -91.90 -76.76
CA GLU WF 100 5.49 -93.33 -76.58
C GLU WF 100 4.81 -93.97 -77.77
N THR WF 101 4.35 -93.18 -78.73
CA THR WF 101 3.69 -93.71 -79.92
C THR WF 101 4.67 -94.50 -80.77
N THR WF 102 4.21 -95.66 -81.24
CA THR WF 102 5.02 -96.50 -82.12
C THR WF 102 4.94 -96.00 -83.56
N ALA WF 103 5.87 -96.48 -84.38
CA ALA WF 103 5.88 -96.10 -85.79
C ALA WF 103 4.63 -96.59 -86.50
N ALA WF 104 4.09 -97.74 -86.08
CA ALA WF 104 2.91 -98.29 -86.72
C ALA WF 104 1.66 -97.48 -86.42
N GLU WF 105 1.56 -96.91 -85.22
CA GLU WF 105 0.44 -96.04 -84.92
C GLU WF 105 0.54 -94.70 -85.65
N VAL WF 106 1.74 -94.33 -86.09
CA VAL WF 106 1.93 -93.05 -86.76
C VAL WF 106 1.63 -93.18 -88.24
N THR WF 107 2.04 -94.30 -88.84
CA THR WF 107 1.80 -94.51 -90.26
C THR WF 107 0.31 -94.77 -90.51
N THR WF 108 -0.41 -95.16 -89.47
CA THR WF 108 -1.86 -95.27 -89.57
C THR WF 108 -2.52 -93.90 -89.58
N MET WF 109 -2.06 -93.01 -88.70
CA MET WF 109 -2.59 -91.65 -88.67
C MET WF 109 -2.30 -90.91 -89.96
N LEU WF 110 -1.10 -91.07 -90.50
CA LEU WF 110 -0.73 -90.37 -91.73
C LEU WF 110 -1.54 -90.87 -92.91
N ASN WF 111 -1.84 -92.17 -92.95
CA ASN WF 111 -2.64 -92.71 -94.05
C ASN WF 111 -4.08 -92.24 -93.95
N ALA WF 112 -4.63 -92.19 -92.74
CA ALA WF 112 -5.99 -91.67 -92.55
C ALA WF 112 -6.05 -90.20 -92.90
N ALA WF 113 -5.03 -89.44 -92.50
CA ALA WF 113 -5.01 -88.01 -92.79
C ALA WF 113 -4.76 -87.74 -94.26
N ALA WF 114 -3.91 -88.54 -94.90
CA ALA WF 114 -3.69 -88.37 -96.34
C ALA WF 114 -4.95 -88.67 -97.14
N GLN WF 115 -5.76 -89.62 -96.66
CA GLN WF 115 -6.99 -89.96 -97.36
C GLN WF 115 -7.94 -88.76 -97.41
N LEU WF 116 -8.03 -87.99 -96.33
CA LEU WF 116 -8.85 -86.79 -96.34
C LEU WF 116 -8.05 -85.64 -96.93
N LEU WF 117 -7.39 -85.92 -98.06
CA LEU WF 117 -6.74 -84.89 -98.84
C LEU WF 117 -7.02 -85.11 -100.32
N PHE WF 118 -7.20 -86.38 -100.70
CA PHE WF 118 -7.37 -86.75 -102.09
C PHE WF 118 -8.58 -87.62 -102.36
N ASP WF 119 -9.25 -88.12 -101.33
CA ASP WF 119 -10.46 -88.91 -101.53
C ASP WF 119 -11.54 -88.05 -102.16
N SER WF 120 -12.21 -88.61 -103.17
CA SER WF 120 -13.19 -87.85 -103.93
C SER WF 120 -14.37 -87.40 -103.06
N ASP WF 121 -14.59 -88.10 -101.95
CA ASP WF 121 -15.69 -87.77 -101.04
C ASP WF 121 -15.50 -86.38 -100.47
N TYR WF 122 -14.27 -86.05 -100.08
CA TYR WF 122 -13.97 -84.71 -99.57
C TYR WF 122 -13.39 -83.83 -100.66
N SER WF 123 -14.16 -83.53 -101.70
CA SER WF 123 -13.70 -82.62 -102.73
C SER WF 123 -14.44 -81.29 -102.60
N ASP WF 124 -15.75 -81.35 -102.41
CA ASP WF 124 -16.53 -80.14 -102.21
C ASP WF 124 -16.11 -79.43 -100.93
N PHE WF 125 -15.55 -80.14 -99.96
CA PHE WF 125 -15.11 -79.51 -98.72
C PHE WF 125 -13.87 -78.64 -98.91
N TRP WF 126 -12.94 -79.04 -99.77
CA TRP WF 126 -11.71 -78.28 -99.95
C TRP WF 126 -11.89 -77.15 -100.97
N LYS WF 127 -12.50 -77.46 -102.11
CA LYS WF 127 -12.63 -76.48 -103.17
C LYS WF 127 -13.88 -75.62 -102.99
N ALA WF 128 -15.04 -76.26 -102.82
CA ALA WF 128 -16.27 -75.50 -102.65
C ALA WF 128 -16.48 -75.04 -101.22
N GLN WF 129 -15.64 -75.48 -100.29
CA GLN WF 129 -15.76 -75.13 -98.87
C GLN WF 129 -17.12 -75.53 -98.31
N ALA WF 130 -17.64 -76.67 -98.78
CA ALA WF 130 -18.97 -77.15 -98.43
C ALA WF 130 -18.86 -78.19 -97.34
N LEU WF 131 -19.31 -77.83 -96.13
CA LEU WF 131 -19.23 -78.74 -94.99
C LEU WF 131 -20.06 -80.00 -95.21
N ALA WF 132 -21.20 -79.88 -95.89
CA ALA WF 132 -22.04 -81.03 -96.16
C ALA WF 132 -23.02 -80.76 -97.29
N ALA XF 1 -52.73 -102.85 -63.69
CA ALA XF 1 -52.13 -101.60 -63.23
C ALA XF 1 -50.63 -101.75 -63.02
N ILE XF 2 -50.05 -100.82 -62.27
CA ILE XF 2 -48.60 -100.81 -62.05
C ILE XF 2 -48.16 -102.06 -61.30
N ALA XF 3 -48.89 -102.40 -60.23
CA ALA XF 3 -48.55 -103.58 -59.44
C ALA XF 3 -48.78 -104.85 -60.26
N ASN XF 4 -47.78 -105.72 -60.27
CA ASN XF 4 -47.83 -107.00 -61.00
C ASN XF 4 -48.01 -106.78 -62.50
N SER XF 5 -47.53 -105.66 -63.01
CA SER XF 5 -47.48 -105.42 -64.44
C SER XF 5 -46.29 -106.16 -65.03
N SER XF 6 -46.47 -106.73 -66.22
CA SER XF 6 -45.42 -107.50 -66.86
C SER XF 6 -44.79 -106.69 -67.99
N ILE XF 7 -43.46 -106.75 -68.06
CA ILE XF 7 -42.70 -106.08 -69.11
C ILE XF 7 -41.80 -107.13 -69.77
N ALA XF 8 -41.81 -107.16 -71.09
CA ALA XF 8 -41.01 -108.13 -71.84
C ALA XF 8 -39.64 -107.53 -72.13
N ILE XF 9 -38.63 -107.98 -71.39
CA ILE XF 9 -37.28 -107.45 -71.51
C ILE XF 9 -36.62 -108.01 -72.76
N ASP XF 10 -35.84 -107.16 -73.44
CA ASP XF 10 -35.10 -107.53 -74.64
C ASP XF 10 -36.06 -108.01 -75.74
N SER XF 11 -36.89 -107.07 -76.18
CA SER XF 11 -37.98 -107.38 -77.10
C SER XF 11 -37.93 -106.46 -78.30
N THR XF 12 -38.48 -106.93 -79.41
CA THR XF 12 -38.66 -106.09 -80.58
C THR XF 12 -40.00 -105.36 -80.49
N ALA XF 13 -39.96 -104.05 -80.68
CA ALA XF 13 -41.14 -103.21 -80.61
C ALA XF 13 -41.56 -102.84 -82.02
N SER XF 14 -42.71 -103.35 -82.45
CA SER XF 14 -43.24 -103.01 -83.75
C SER XF 14 -44.25 -101.88 -83.61
N VAL XF 15 -44.77 -101.41 -84.74
CA VAL XF 15 -45.84 -100.42 -84.74
C VAL XF 15 -46.62 -100.54 -86.04
N THR XF 16 -47.94 -100.69 -85.94
CA THR XF 16 -48.81 -100.82 -87.11
C THR XF 16 -50.08 -100.04 -86.86
N GLY XF 17 -50.07 -98.74 -87.19
CA GLY XF 17 -51.31 -97.98 -87.18
C GLY XF 17 -51.55 -97.18 -88.44
N GLY XF 18 -50.50 -96.91 -89.19
CA GLY XF 18 -50.60 -96.05 -90.36
C GLY XF 18 -50.31 -94.60 -90.04
N THR XF 19 -50.70 -93.69 -90.93
CA THR XF 19 -50.47 -92.26 -90.80
C THR XF 19 -48.98 -91.95 -90.65
N ALA XF 20 -48.23 -92.31 -91.69
CA ALA XF 20 -46.77 -92.16 -91.68
C ALA XF 20 -46.38 -90.70 -91.88
N ARG XF 21 -46.26 -89.96 -90.79
CA ARG XF 21 -45.87 -88.56 -90.85
C ARG XF 21 -44.36 -88.45 -91.07
N THR XF 22 -43.89 -87.22 -91.17
CA THR XF 22 -42.48 -86.95 -91.45
C THR XF 22 -41.95 -85.90 -90.49
N VAL XF 23 -40.85 -86.21 -89.83
CA VAL XF 23 -40.16 -85.26 -88.96
C VAL XF 23 -39.28 -84.38 -89.84
N LYS XF 24 -39.57 -83.08 -89.86
CA LYS XF 24 -38.79 -82.11 -90.60
C LYS XF 24 -38.10 -81.18 -89.62
N GLU XF 25 -36.80 -80.97 -89.80
CA GLU XF 25 -36.06 -80.13 -88.87
C GLU XF 25 -36.33 -78.66 -89.13
N LEU XF 26 -36.26 -77.86 -88.07
CA LEU XF 26 -36.51 -76.43 -88.18
C LEU XF 26 -35.22 -75.64 -87.96
N VAL XF 27 -34.59 -75.77 -86.80
CA VAL XF 27 -33.37 -75.04 -86.47
C VAL XF 27 -32.41 -76.01 -85.79
N ARG XF 28 -31.26 -75.48 -85.39
CA ARG XF 28 -30.25 -76.30 -84.73
C ARG XF 28 -29.76 -75.74 -83.40
N ASN XF 29 -29.70 -74.42 -83.27
CA ASN XF 29 -29.02 -73.71 -82.17
C ASN XF 29 -27.90 -74.50 -81.51
N ASN XF 30 -27.77 -74.37 -80.19
CA ASN XF 30 -26.58 -74.84 -79.48
C ASN XF 30 -26.73 -76.31 -79.11
N SER XF 31 -26.08 -77.18 -79.87
CA SER XF 31 -26.03 -78.61 -79.59
C SER XF 31 -27.44 -79.19 -79.42
N GLU XF 32 -28.35 -78.71 -80.25
CA GLU XF 32 -29.76 -79.06 -80.16
C GLU XF 32 -30.26 -79.35 -81.57
N LEU XF 33 -31.51 -79.77 -81.67
CA LEU XF 33 -32.14 -79.98 -82.96
C LEU XF 33 -33.64 -79.86 -82.82
N ASN XF 34 -34.20 -78.71 -83.20
CA ASN XF 34 -35.64 -78.51 -83.10
C ASN XF 34 -36.28 -78.89 -84.43
N ALA XF 35 -37.19 -79.86 -84.39
CA ALA XF 35 -37.91 -80.33 -85.56
C ALA XF 35 -39.41 -80.17 -85.32
N TYR XF 36 -40.20 -80.66 -86.27
CA TYR XF 36 -41.65 -80.64 -86.13
C TYR XF 36 -42.22 -81.77 -86.99
N ILE XF 37 -43.37 -82.28 -86.57
CA ILE XF 37 -44.02 -83.36 -87.30
C ILE XF 37 -44.97 -82.75 -88.33
N ASP XF 38 -44.80 -83.14 -89.59
CA ASP XF 38 -45.57 -82.56 -90.70
C ASP XF 38 -46.87 -83.33 -90.85
N GLU XF 39 -47.90 -82.86 -90.16
CA GLU XF 39 -49.25 -83.42 -90.27
C GLU XF 39 -50.23 -82.50 -90.95
N GLY XF 40 -49.79 -81.36 -91.47
CA GLY XF 40 -50.64 -80.43 -92.17
C GLY XF 40 -51.43 -79.49 -91.28
N LEU XF 41 -51.10 -79.37 -90.00
CA LEU XF 41 -51.82 -78.47 -89.12
C LEU XF 41 -51.37 -77.03 -89.33
N SER XF 42 -51.84 -76.14 -88.47
CA SER XF 42 -51.45 -74.75 -88.54
C SER XF 42 -50.00 -74.56 -88.10
N PHE XF 43 -49.53 -73.32 -88.20
CA PHE XF 43 -48.14 -73.02 -87.86
C PHE XF 43 -47.90 -73.10 -86.36
N GLN XF 44 -48.80 -72.51 -85.56
CA GLN XF 44 -48.71 -72.58 -84.12
C GLN XF 44 -49.64 -73.64 -83.54
N ALA XF 45 -49.87 -74.72 -84.29
CA ALA XF 45 -50.60 -75.87 -83.77
C ALA XF 45 -49.89 -77.18 -84.09
N ARG XF 46 -48.75 -77.14 -84.77
CA ARG XF 46 -48.02 -78.34 -85.15
C ARG XF 46 -47.29 -78.94 -83.95
N LYS XF 47 -46.94 -80.21 -84.04
CA LYS XF 47 -46.21 -80.87 -82.97
C LYS XF 47 -44.72 -80.76 -83.26
N GLU XF 48 -44.00 -80.00 -82.43
CA GLU XF 48 -42.56 -79.83 -82.56
C GLU XF 48 -41.87 -80.73 -81.54
N VAL XF 49 -40.94 -81.56 -82.02
CA VAL XF 49 -40.15 -82.38 -81.13
C VAL XF 49 -38.69 -81.91 -81.17
N ALA XF 50 -38.13 -81.69 -80.00
CA ALA XF 50 -36.77 -81.18 -79.87
C ALA XF 50 -35.81 -82.27 -79.41
N PHE XF 51 -34.63 -82.31 -80.02
CA PHE XF 51 -33.58 -83.26 -79.70
C PHE XF 51 -32.37 -82.51 -79.15
N SER XF 52 -31.65 -83.12 -78.22
CA SER XF 52 -30.49 -82.47 -77.62
C SER XF 52 -29.51 -83.52 -77.10
N VAL XF 53 -28.22 -83.17 -77.09
CA VAL XF 53 -27.18 -84.04 -76.59
C VAL XF 53 -26.31 -83.27 -75.61
N LYS XF 54 -25.71 -84.00 -74.66
CA LYS XF 54 -24.90 -83.43 -73.59
C LYS XF 54 -23.65 -84.30 -73.40
N VAL XF 55 -22.91 -84.51 -74.49
CA VAL XF 55 -21.78 -85.43 -74.57
C VAL XF 55 -20.87 -85.36 -73.34
N PRO XF 56 -20.25 -86.46 -72.94
CA PRO XF 56 -19.50 -86.51 -71.68
C PRO XF 56 -18.29 -85.58 -71.68
N LYS XF 57 -17.95 -85.12 -70.48
CA LYS XF 57 -16.84 -84.20 -70.27
C LYS XF 57 -15.92 -84.78 -69.21
N VAL XF 58 -14.61 -84.82 -69.51
CA VAL XF 58 -13.65 -85.49 -68.64
C VAL XF 58 -13.58 -84.77 -67.30
N SER XF 59 -13.98 -85.46 -66.24
CA SER XF 59 -13.94 -84.94 -64.89
C SER XF 59 -12.91 -85.74 -64.07
N VAL XF 60 -12.72 -85.37 -62.80
CA VAL XF 60 -11.91 -86.13 -61.87
C VAL XF 60 -12.77 -86.91 -60.89
N SER XF 61 -13.99 -86.44 -60.66
CA SER XF 61 -15.07 -87.12 -59.96
C SER XF 61 -15.69 -88.12 -60.94
N ALA XF 62 -16.95 -88.52 -60.69
CA ALA XF 62 -17.66 -89.43 -61.59
C ALA XF 62 -17.02 -90.81 -61.59
N PRO XF 63 -17.34 -91.65 -60.60
CA PRO XF 63 -16.59 -92.89 -60.38
C PRO XF 63 -16.73 -93.87 -61.53
N GLY XF 64 -15.82 -93.73 -62.48
CA GLY XF 64 -15.90 -94.32 -63.80
C GLY XF 64 -15.18 -93.42 -64.77
N GLY XF 65 -14.79 -92.24 -64.30
CA GLY XF 65 -13.90 -91.36 -65.02
C GLY XF 65 -14.47 -90.00 -65.37
N PHE XF 66 -15.69 -89.96 -65.86
CA PHE XF 66 -16.31 -88.72 -66.30
C PHE XF 66 -17.80 -88.90 -66.56
N THR XF 67 -18.49 -87.76 -66.69
CA THR XF 67 -19.94 -87.68 -66.62
C THR XF 67 -20.60 -88.51 -67.71
N GLN XF 68 -21.91 -88.73 -67.54
CA GLN XF 68 -22.68 -89.58 -68.42
C GLN XF 68 -23.09 -88.82 -69.69
N ALA XF 69 -23.65 -89.58 -70.63
CA ALA XF 69 -24.07 -89.05 -71.92
C ALA XF 69 -25.60 -89.01 -71.97
N ARG XF 70 -26.18 -87.87 -71.61
CA ARG XF 70 -27.63 -87.71 -71.64
C ARG XF 70 -28.11 -87.27 -73.01
N SER XF 71 -29.24 -87.83 -73.43
CA SER XF 71 -29.90 -87.46 -74.68
C SER XF 71 -31.35 -87.16 -74.36
N THR XF 72 -31.80 -85.95 -74.68
CA THR XF 72 -33.15 -85.52 -74.34
C THR XF 72 -34.02 -85.40 -75.57
N VAL XF 73 -35.30 -85.75 -75.41
CA VAL XF 73 -36.31 -85.58 -76.46
C VAL XF 73 -37.57 -85.01 -75.82
N ILE XF 74 -37.94 -83.80 -76.21
CA ILE XF 74 -39.18 -83.19 -75.75
C ILE XF 74 -40.14 -83.08 -76.92
N LEU XF 75 -41.32 -83.67 -76.78
CA LEU XF 75 -42.36 -83.62 -77.80
C LEU XF 75 -43.44 -82.66 -77.30
N LYS XF 76 -43.60 -81.55 -78.03
CA LYS XF 76 -44.58 -80.54 -77.64
C LYS XF 76 -45.81 -80.65 -78.53
N SER XF 77 -46.95 -80.94 -77.91
CA SER XF 77 -48.22 -81.06 -78.63
C SER XF 77 -49.15 -79.95 -78.18
N PRO XF 78 -49.38 -78.93 -79.01
CA PRO XF 78 -50.23 -77.81 -78.58
C PRO XF 78 -51.69 -78.25 -78.49
N LYS XF 79 -52.46 -77.55 -77.66
CA LYS XF 79 -53.86 -77.86 -77.47
C LYS XF 79 -54.63 -76.58 -77.15
N THR XF 80 -55.76 -76.39 -77.81
CA THR XF 80 -56.64 -75.26 -77.57
C THR XF 80 -57.69 -75.66 -76.54
N LEU XF 81 -57.75 -74.93 -75.43
CA LEU XF 81 -58.68 -75.26 -74.37
C LEU XF 81 -60.07 -74.71 -74.65
N ALA XF 82 -61.04 -75.18 -73.87
CA ALA XF 82 -62.42 -74.71 -74.02
C ALA XF 82 -62.53 -73.23 -73.68
N ASN XF 83 -61.82 -72.79 -72.64
CA ASN XF 83 -61.85 -71.37 -72.27
C ASN XF 83 -61.34 -70.49 -73.39
N GLY XF 84 -60.54 -71.03 -74.30
CA GLY XF 84 -60.15 -70.28 -75.47
C GLY XF 84 -58.66 -70.11 -75.64
N ASN XF 85 -57.93 -70.06 -74.52
CA ASN XF 85 -56.49 -69.89 -74.59
C ASN XF 85 -55.82 -71.17 -75.09
N ARG XF 86 -54.51 -71.09 -75.26
CA ARG XF 86 -53.71 -72.18 -75.81
C ARG XF 86 -52.69 -72.63 -74.77
N THR XF 87 -52.39 -73.92 -74.79
CA THR XF 87 -51.42 -74.52 -73.89
C THR XF 87 -50.73 -75.65 -74.65
N VAL XF 88 -49.56 -76.05 -74.16
CA VAL XF 88 -48.78 -77.11 -74.79
C VAL XF 88 -48.68 -78.28 -73.82
N ASN XF 89 -48.88 -79.48 -74.35
CA ASN XF 89 -48.74 -80.73 -73.60
C ASN XF 89 -47.44 -81.39 -74.03
N THR XF 90 -46.56 -81.64 -73.07
CA THR XF 90 -45.21 -82.07 -73.39
C THR XF 90 -44.93 -83.48 -72.90
N VAL XF 91 -44.00 -84.15 -73.58
CA VAL XF 91 -43.50 -85.46 -73.18
C VAL XF 91 -41.98 -85.45 -73.27
N SER XF 92 -41.30 -85.24 -72.14
CA SER XF 92 -39.85 -85.23 -72.15
C SER XF 92 -39.29 -86.61 -71.83
N ILE XF 93 -38.16 -86.93 -72.47
CA ILE XF 93 -37.49 -88.20 -72.28
C ILE XF 93 -35.98 -87.95 -72.21
N GLN XF 94 -35.31 -88.52 -71.21
CA GLN XF 94 -33.88 -88.34 -71.02
C GLN XF 94 -33.20 -89.69 -70.82
N LEU XF 95 -31.95 -89.78 -71.26
CA LEU XF 95 -31.20 -91.03 -71.30
C LEU XF 95 -29.79 -90.84 -70.71
N SER XF 96 -29.73 -90.31 -69.49
CA SER XF 96 -28.45 -90.12 -68.80
C SER XF 96 -27.86 -91.48 -68.47
N VAL XF 97 -26.95 -91.94 -69.34
CA VAL XF 97 -26.28 -93.22 -69.18
C VAL XF 97 -24.78 -93.02 -69.24
N ASP XF 98 -24.06 -93.84 -68.49
CA ASP XF 98 -22.62 -93.70 -68.39
C ASP XF 98 -21.97 -94.01 -69.73
N PRO XF 99 -20.97 -93.22 -70.15
CA PRO XF 99 -20.43 -93.36 -71.51
C PRO XF 99 -19.80 -94.71 -71.81
N GLU XF 100 -19.41 -95.49 -70.79
CA GLU XF 100 -18.89 -96.83 -70.99
C GLU XF 100 -19.97 -97.84 -71.31
N THR XF 101 -21.23 -97.44 -71.31
CA THR XF 101 -22.34 -98.35 -71.58
C THR XF 101 -22.28 -98.86 -73.00
N THR XF 102 -22.45 -100.18 -73.16
CA THR XF 102 -22.55 -100.78 -74.48
C THR XF 102 -23.90 -100.46 -75.11
N ALA XF 103 -23.96 -100.61 -76.43
CA ALA XF 103 -25.18 -100.28 -77.15
C ALA XF 103 -26.24 -101.36 -77.05
N ALA XF 104 -25.88 -102.56 -76.59
CA ALA XF 104 -26.87 -103.62 -76.45
C ALA XF 104 -27.79 -103.35 -75.25
N GLU XF 105 -27.22 -102.93 -74.13
CA GLU XF 105 -28.02 -102.66 -72.95
C GLU XF 105 -28.77 -101.32 -73.08
N VAL XF 106 -28.21 -100.39 -73.85
CA VAL XF 106 -28.96 -99.18 -74.20
C VAL XF 106 -30.22 -99.55 -74.95
N THR XF 107 -30.11 -100.48 -75.91
CA THR XF 107 -31.28 -100.99 -76.61
C THR XF 107 -32.24 -101.66 -75.64
N THR XF 108 -31.69 -102.40 -74.66
CA THR XF 108 -32.53 -103.02 -73.64
C THR XF 108 -33.27 -101.96 -72.84
N MET XF 109 -32.57 -100.90 -72.44
CA MET XF 109 -33.18 -99.83 -71.66
C MET XF 109 -34.21 -99.07 -72.48
N LEU XF 110 -33.92 -98.81 -73.75
CA LEU XF 110 -34.84 -98.07 -74.59
C LEU XF 110 -36.12 -98.86 -74.83
N ASN XF 111 -35.98 -100.17 -75.04
CA ASN XF 111 -37.16 -101.00 -75.24
C ASN XF 111 -37.96 -101.15 -73.96
N ALA XF 112 -37.27 -101.33 -72.83
CA ALA XF 112 -37.98 -101.44 -71.56
C ALA XF 112 -38.71 -100.15 -71.21
N ALA XF 113 -38.05 -99.01 -71.40
CA ALA XF 113 -38.70 -97.72 -71.19
C ALA XF 113 -39.83 -97.47 -72.18
N ALA XF 114 -39.64 -97.78 -73.46
CA ALA XF 114 -40.70 -97.59 -74.44
C ALA XF 114 -41.76 -98.67 -74.34
N GLN XF 115 -41.50 -99.75 -73.61
CA GLN XF 115 -42.54 -100.73 -73.34
C GLN XF 115 -43.57 -100.18 -72.37
N LEU XF 116 -43.18 -99.26 -71.50
CA LEU XF 116 -44.11 -98.37 -70.85
C LEU XF 116 -44.66 -97.40 -71.90
N LEU XF 117 -45.62 -96.57 -71.52
CA LEU XF 117 -46.21 -95.55 -72.38
C LEU XF 117 -47.13 -96.14 -73.45
N PHE XF 118 -47.13 -97.46 -73.63
CA PHE XF 118 -48.11 -98.03 -74.54
C PHE XF 118 -48.67 -99.34 -74.02
N ASP XF 119 -48.14 -99.83 -72.90
CA ASP XF 119 -48.68 -101.02 -72.29
C ASP XF 119 -50.01 -100.70 -71.62
N SER XF 120 -50.91 -101.68 -71.66
CA SER XF 120 -52.24 -101.48 -71.10
C SER XF 120 -52.24 -101.30 -69.60
N ASP XF 121 -51.24 -101.85 -68.90
CA ASP XF 121 -51.21 -101.74 -67.44
C ASP XF 121 -51.05 -100.30 -66.99
N TYR XF 122 -50.25 -99.52 -67.70
CA TYR XF 122 -49.94 -98.16 -67.32
C TYR XF 122 -50.89 -97.13 -67.94
N SER XF 123 -51.94 -97.59 -68.63
CA SER XF 123 -52.91 -96.70 -69.24
C SER XF 123 -53.51 -95.73 -68.22
N ASP XF 124 -53.90 -96.25 -67.05
CA ASP XF 124 -54.53 -95.42 -66.03
C ASP XF 124 -53.52 -94.49 -65.37
N PHE XF 125 -52.26 -94.93 -65.25
CA PHE XF 125 -51.23 -94.09 -64.65
C PHE XF 125 -50.95 -92.87 -65.51
N TRP XF 126 -50.83 -93.06 -66.82
CA TRP XF 126 -50.54 -91.95 -67.71
C TRP XF 126 -51.74 -91.04 -67.91
N LYS XF 127 -52.97 -91.55 -67.75
CA LYS XF 127 -54.16 -90.77 -68.06
C LYS XF 127 -54.82 -90.24 -66.79
N ALA XF 128 -55.16 -91.10 -65.83
CA ALA XF 128 -55.83 -90.67 -64.62
C ALA XF 128 -54.88 -90.45 -63.45
N GLN XF 129 -53.57 -90.63 -63.66
CA GLN XF 129 -52.57 -90.51 -62.60
C GLN XF 129 -52.82 -91.52 -61.48
N ALA XF 130 -53.34 -92.69 -61.86
CA ALA XF 130 -53.67 -93.75 -60.91
C ALA XF 130 -52.39 -94.49 -60.53
N LEU XF 131 -51.70 -93.97 -59.52
CA LEU XF 131 -50.50 -94.60 -58.99
C LEU XF 131 -50.83 -95.98 -58.43
N ALA XF 132 -51.68 -96.00 -57.40
CA ALA XF 132 -52.14 -97.26 -56.85
C ALA XF 132 -53.33 -97.76 -57.65
#